data_9HAU
#
_entry.id   9HAU
#
_cell.length_a   1.00
_cell.length_b   1.00
_cell.length_c   1.00
_cell.angle_alpha   90.00
_cell.angle_beta   90.00
_cell.angle_gamma   90.00
#
_symmetry.space_group_name_H-M   'P 1'
#
_entity_poly.entity_id   1
_entity_poly.type   'polypeptide(L)'
_entity_poly.pdbx_seq_one_letter_code
;LSIGTKNVSIYRNTADEVIYAGPAHDVTNVDTVSLRRSLPVKKGSDNGTMRGNMNFAKSFPNGDKKSLVVVNLTAHVPVG
VDATAVRTWMTSEVFPGATSSVTLDLATKGVIHLSDA
;
_entity_poly.pdbx_strand_id   AA,AC,AD,AE,AG,AH,AI,AK,AL,AM,AO,AP,AQ,AS,AT,AU,AW,AX,AY,BA,BB,BC,BE,BF,BG,BI,BJ,BK,BM,BN,BO,BQ,BR,BS,BU,BV,BW,BY,BZ,CA,CC,CD,CE,CG,CH,CI,CK,CL,CM,CO,CP,CQ,CS,CT,CU,CW,CX,CY,DA,DB,DC,DE,DF,DG,DI,DJ,DK,DM,DN,DO,DQ,DR,DS,DU,DV,DW,DY,DZ,EA,EC,ED,EE,EG,EH,EI,EK,EL,EM,EO,EP,EQ,ES,ET,EU,EW,EX,EY,FA,FB,FC,FE,FF,FG,FI,FJ,FK,FM,FN,FO,FQ,FR,FS,FU,FV,FW,FY,FZ,GA,GC,GD,GE,GG,GH,GI,GK,GL,GM,GO,GP,GQ,GS,GT,GU,GW,GX,GY,HA,HB,HC,HE,HF,HG,HI,HJ,HK,HM,HN,HO,HQ,HR,HS,HU,HV,HW,HY,HZ,IA,IC,ID,IE,IG,IH,II,IK,IL,IM,IO,IP,IQ,IS,IT,IU,IW,IX,IY,JA,JB,JC,JE,JF
#
# COMPACT_ATOMS: atom_id res chain seq x y z
N LEU A 1 74.46 106.80 43.86
CA LEU A 1 73.30 106.00 44.22
C LEU A 1 73.32 105.62 45.69
N SER A 2 72.26 105.96 46.41
CA SER A 2 72.14 105.67 47.82
C SER A 2 70.70 105.35 48.17
N ILE A 3 70.54 104.47 49.16
CA ILE A 3 69.24 104.13 49.73
C ILE A 3 69.36 104.39 51.22
N GLY A 4 68.94 105.57 51.66
CA GLY A 4 69.23 105.99 53.02
C GLY A 4 70.66 106.43 53.16
N THR A 5 71.43 105.74 54.00
CA THR A 5 72.84 106.07 54.21
C THR A 5 73.78 105.03 53.59
N LYS A 6 73.25 104.11 52.79
CA LYS A 6 74.06 103.04 52.20
C LYS A 6 74.23 103.26 50.71
N ASN A 7 75.46 103.13 50.23
CA ASN A 7 75.77 103.26 48.82
C ASN A 7 75.48 101.95 48.10
N VAL A 8 74.79 102.04 46.97
CA VAL A 8 74.40 100.87 46.20
C VAL A 8 74.75 101.10 44.73
N SER A 9 74.69 100.01 43.96
CA SER A 9 74.90 100.04 42.53
C SER A 9 73.82 99.21 41.87
N ILE A 10 73.43 99.58 40.65
CA ILE A 10 72.45 98.79 39.92
C ILE A 10 73.04 97.40 39.67
N TYR A 11 72.35 96.37 40.13
CA TYR A 11 72.79 94.99 39.98
C TYR A 11 71.96 94.21 38.97
N ARG A 12 70.64 94.31 39.05
CA ARG A 12 69.76 93.65 38.11
C ARG A 12 68.63 94.59 37.71
N ASN A 13 68.30 94.60 36.44
CA ASN A 13 67.27 95.51 35.90
C ASN A 13 66.23 94.68 35.15
N THR A 14 64.97 94.83 35.54
CA THR A 14 63.87 94.26 34.78
C THR A 14 62.82 95.33 34.52
N ALA A 15 61.70 94.94 33.89
CA ALA A 15 60.68 95.92 33.55
C ALA A 15 60.07 96.57 34.78
N ASP A 16 59.77 95.77 35.81
CA ASP A 16 59.08 96.27 36.99
C ASP A 16 59.85 96.05 38.28
N GLU A 17 61.13 95.68 38.20
CA GLU A 17 61.93 95.46 39.40
C GLU A 17 63.39 95.79 39.12
N VAL A 18 64.01 96.49 40.06
CA VAL A 18 65.44 96.78 40.02
C VAL A 18 66.06 96.32 41.34
N ILE A 19 67.09 95.49 41.25
CA ILE A 19 67.85 95.04 42.42
C ILE A 19 69.16 95.81 42.45
N TYR A 20 69.44 96.43 43.60
CA TYR A 20 70.68 97.14 43.85
C TYR A 20 71.52 96.34 44.85
N ALA A 21 72.83 96.36 44.67
CA ALA A 21 73.75 95.59 45.49
C ALA A 21 74.49 96.52 46.43
N GLY A 22 74.63 96.10 47.69
CA GLY A 22 75.38 96.84 48.67
C GLY A 22 76.87 96.55 48.58
N PRO A 23 77.66 97.21 49.42
CA PRO A 23 79.12 97.02 49.37
C PRO A 23 79.57 95.62 49.72
N ALA A 24 78.75 94.83 50.42
CA ALA A 24 79.15 93.51 50.90
C ALA A 24 78.61 92.39 50.02
N HIS A 25 78.00 92.69 48.88
CA HIS A 25 77.43 91.67 48.03
C HIS A 25 78.49 91.07 47.11
N ASP A 26 78.60 89.75 47.14
CA ASP A 26 79.48 89.01 46.24
C ASP A 26 78.87 87.64 46.01
N VAL A 27 79.68 86.70 45.50
CA VAL A 27 79.23 85.36 45.19
C VAL A 27 78.80 84.62 46.45
N THR A 28 79.37 85.01 47.60
CA THR A 28 79.13 84.29 48.85
C THR A 28 78.20 85.02 49.80
N ASN A 29 78.20 86.34 49.82
CA ASN A 29 77.42 87.11 50.79
C ASN A 29 76.36 87.92 50.07
N VAL A 30 75.14 87.90 50.60
CA VAL A 30 74.02 88.65 50.04
C VAL A 30 73.87 89.97 50.78
N ASP A 31 73.82 91.06 50.02
CA ASP A 31 73.51 92.39 50.57
C ASP A 31 72.79 93.14 49.45
N THR A 32 71.46 93.08 49.46
CA THR A 32 70.70 93.62 48.35
C THR A 32 69.49 94.42 48.83
N VAL A 33 69.11 95.41 48.03
CA VAL A 33 67.84 96.13 48.19
C VAL A 33 67.14 96.11 46.83
N SER A 34 65.92 95.59 46.81
CA SER A 34 65.14 95.47 45.59
C SER A 34 63.94 96.41 45.63
N LEU A 35 63.68 97.07 44.51
CA LEU A 35 62.52 97.93 44.34
C LEU A 35 61.64 97.33 43.27
N ARG A 36 60.40 96.99 43.64
CA ARG A 36 59.45 96.35 42.73
C ARG A 36 58.17 97.16 42.71
N ARG A 37 57.53 97.22 41.54
CA ARG A 37 56.27 97.92 41.39
C ARG A 37 55.25 97.03 40.69
N SER A 38 54.01 97.16 41.13
CA SER A 38 52.84 96.58 40.47
C SER A 38 51.96 97.76 40.10
N LEU A 39 52.01 98.14 38.82
CA LEU A 39 51.28 99.29 38.36
C LEU A 39 49.78 98.97 38.31
N PRO A 40 48.93 99.96 38.55
CA PRO A 40 47.49 99.71 38.56
C PRO A 40 46.99 99.27 37.19
N VAL A 41 46.03 98.35 37.21
CA VAL A 41 45.30 97.97 36.01
C VAL A 41 43.85 98.40 36.24
N LYS A 42 43.31 99.17 35.31
CA LYS A 42 41.98 99.78 35.49
C LYS A 42 40.96 98.94 34.72
N LYS A 43 40.78 97.72 35.19
CA LYS A 43 39.80 96.80 34.63
C LYS A 43 38.38 97.23 35.02
N GLY A 44 37.45 97.02 34.09
CA GLY A 44 36.07 97.40 34.29
C GLY A 44 35.91 98.86 34.71
N SER A 45 35.41 99.07 35.93
CA SER A 45 35.28 100.41 36.48
C SER A 45 36.29 100.72 37.57
N ASP A 46 36.79 99.71 38.28
CA ASP A 46 37.79 99.94 39.32
C ASP A 46 39.11 100.36 38.70
N ASN A 47 39.74 101.38 39.27
CA ASN A 47 40.98 101.93 38.74
C ASN A 47 42.21 101.16 39.19
N GLY A 48 42.06 100.13 40.02
CA GLY A 48 43.18 99.32 40.43
C GLY A 48 43.97 99.94 41.56
N THR A 49 45.05 99.24 41.93
CA THR A 49 45.89 99.61 43.07
C THR A 49 47.34 99.67 42.63
N MET A 50 48.05 100.68 43.12
CA MET A 50 49.49 100.76 42.93
C MET A 50 50.18 100.07 44.11
N ARG A 51 51.01 99.08 43.81
CA ARG A 51 51.71 98.32 44.84
C ARG A 51 53.21 98.60 44.75
N GLY A 52 53.77 99.12 45.82
CA GLY A 52 55.20 99.38 45.84
C GLY A 52 55.92 98.57 46.90
N ASN A 53 56.84 97.70 46.50
CA ASN A 53 57.52 96.80 47.42
C ASN A 53 59.00 97.11 47.46
N MET A 54 59.54 97.20 48.67
CA MET A 54 60.97 97.36 48.89
C MET A 54 61.48 96.19 49.72
N ASN A 55 62.52 95.54 49.23
CA ASN A 55 63.06 94.30 49.79
C ASN A 55 64.48 94.55 50.29
N PHE A 56 64.76 94.13 51.51
CA PHE A 56 66.11 94.14 52.05
C PHE A 56 66.53 92.71 52.32
N ALA A 57 67.64 92.27 51.75
CA ALA A 57 68.10 90.91 51.89
C ALA A 57 69.54 90.90 52.37
N LYS A 58 69.82 90.14 53.42
CA LYS A 58 71.17 90.05 53.98
C LYS A 58 71.44 88.63 54.44
N SER A 59 72.61 88.11 54.09
CA SER A 59 73.03 86.82 54.61
C SER A 59 73.66 86.96 55.99
N PHE A 60 73.40 85.98 56.84
CA PHE A 60 73.86 85.97 58.22
C PHE A 60 74.42 84.59 58.54
N PRO A 61 75.38 84.52 59.46
CA PRO A 61 75.86 83.21 59.91
C PRO A 61 74.78 82.48 60.68
N ASN A 62 74.63 81.18 60.40
CA ASN A 62 73.63 80.33 61.06
C ASN A 62 74.30 78.98 61.26
N GLY A 63 74.87 78.79 62.44
CA GLY A 63 75.67 77.60 62.66
C GLY A 63 76.82 77.55 61.68
N ASP A 64 76.93 76.45 60.95
CA ASP A 64 77.94 76.31 59.92
C ASP A 64 77.51 76.88 58.58
N LYS A 65 76.22 77.14 58.39
CA LYS A 65 75.71 77.59 57.11
C LYS A 65 75.39 79.08 57.14
N LYS A 66 74.76 79.57 56.08
CA LYS A 66 74.33 80.96 55.98
C LYS A 66 72.82 81.00 55.75
N SER A 67 72.18 81.97 56.39
CA SER A 67 70.73 82.11 56.32
C SER A 67 70.38 83.52 55.84
N LEU A 68 69.33 83.61 55.02
CA LEU A 68 68.92 84.89 54.45
C LEU A 68 67.85 85.51 55.33
N VAL A 69 68.12 86.73 55.80
CA VAL A 69 67.14 87.55 56.50
C VAL A 69 66.59 88.57 55.51
N VAL A 70 65.27 88.61 55.39
CA VAL A 70 64.57 89.44 54.41
C VAL A 70 63.58 90.33 55.16
N VAL A 71 63.60 91.61 54.83
CA VAL A 71 62.64 92.59 55.35
C VAL A 71 61.88 93.17 54.17
N ASN A 72 60.55 93.12 54.24
CA ASN A 72 59.69 93.63 53.19
C ASN A 72 58.91 94.84 53.66
N LEU A 73 58.82 95.86 52.81
CA LEU A 73 58.00 97.03 53.07
C LEU A 73 57.15 97.29 51.84
N THR A 74 55.84 97.04 51.94
CA THR A 74 54.94 97.11 50.81
C THR A 74 53.83 98.11 51.08
N ALA A 75 53.61 99.02 50.14
CA ALA A 75 52.53 100.00 50.20
C ALA A 75 51.49 99.67 49.13
N HIS A 76 50.22 99.67 49.53
CA HIS A 76 49.09 99.44 48.62
C HIS A 76 48.26 100.72 48.60
N VAL A 77 48.33 101.46 47.50
CA VAL A 77 47.63 102.73 47.39
C VAL A 77 46.57 102.60 46.30
N PRO A 78 45.28 102.65 46.63
CA PRO A 78 44.26 102.64 45.59
C PRO A 78 44.31 103.90 44.75
N VAL A 79 43.97 103.77 43.47
CA VAL A 79 44.04 104.89 42.54
C VAL A 79 42.90 105.86 42.82
N GLY A 80 43.23 107.15 42.88
CA GLY A 80 42.29 108.22 43.19
C GLY A 80 42.55 108.86 44.54
N VAL A 81 43.22 108.14 45.44
CA VAL A 81 43.60 108.71 46.72
C VAL A 81 44.68 109.76 46.51
N ASP A 82 44.56 110.88 47.22
CA ASP A 82 45.54 111.95 47.10
C ASP A 82 46.92 111.46 47.51
N ALA A 83 47.91 111.71 46.65
CA ALA A 83 49.27 111.27 46.94
C ALA A 83 49.87 112.03 48.12
N THR A 84 49.60 113.33 48.22
CA THR A 84 50.17 114.13 49.29
C THR A 84 49.66 113.69 50.65
N ALA A 85 48.37 113.41 50.76
CA ALA A 85 47.82 112.94 52.03
C ALA A 85 48.43 111.61 52.43
N VAL A 86 48.59 110.70 51.46
CA VAL A 86 49.20 109.40 51.75
C VAL A 86 50.64 109.58 52.20
N ARG A 87 51.39 110.45 51.54
CA ARG A 87 52.78 110.68 51.92
C ARG A 87 52.87 111.28 53.32
N THR A 88 51.98 112.21 53.65
CA THR A 88 51.98 112.78 54.99
C THR A 88 51.64 111.72 56.04
N TRP A 89 50.69 110.84 55.74
CA TRP A 89 50.35 109.76 56.67
C TRP A 89 51.52 108.81 56.87
N MET A 90 52.21 108.45 55.78
CA MET A 90 53.35 107.55 55.88
C MET A 90 54.49 108.19 56.66
N THR A 91 54.74 109.48 56.45
CA THR A 91 55.84 110.15 57.13
C THR A 91 55.55 110.35 58.61
N SER A 92 54.33 110.75 58.96
CA SER A 92 54.01 111.08 60.34
C SER A 92 53.55 109.91 61.18
N GLU A 93 52.99 108.87 60.56
CA GLU A 93 52.46 107.73 61.31
C GLU A 93 53.20 106.43 61.05
N VAL A 94 53.33 106.02 59.79
CA VAL A 94 53.89 104.71 59.49
C VAL A 94 55.38 104.68 59.76
N PHE A 95 56.11 105.71 59.32
CA PHE A 95 57.56 105.68 59.45
C PHE A 95 58.05 105.65 60.89
N PRO A 96 57.58 106.50 61.81
CA PRO A 96 58.05 106.39 63.20
C PRO A 96 57.71 105.06 63.85
N GLY A 97 56.55 104.48 63.53
CA GLY A 97 56.17 103.22 64.15
C GLY A 97 56.86 102.01 63.56
N ALA A 98 57.28 102.10 62.29
CA ALA A 98 57.95 100.99 61.62
C ALA A 98 59.45 100.98 61.86
N THR A 99 59.98 101.98 62.55
CA THR A 99 61.40 102.04 62.90
C THR A 99 61.62 102.07 64.40
N SER A 100 60.60 101.73 65.18
CA SER A 100 60.68 101.73 66.63
C SER A 100 61.16 100.36 67.13
N SER A 101 61.31 100.25 68.44
CA SER A 101 61.67 98.97 69.04
C SER A 101 60.57 97.92 68.85
N VAL A 102 59.34 98.36 68.57
CA VAL A 102 58.25 97.41 68.36
C VAL A 102 58.55 96.52 67.16
N THR A 103 59.02 97.12 66.06
CA THR A 103 59.37 96.34 64.88
C THR A 103 60.51 95.37 65.18
N LEU A 104 61.52 95.84 65.92
CA LEU A 104 62.65 94.98 66.24
C LEU A 104 62.23 93.78 67.07
N ASP A 105 61.40 94.00 68.09
CA ASP A 105 60.94 92.89 68.92
C ASP A 105 60.03 91.95 68.13
N LEU A 106 59.17 92.49 67.27
CA LEU A 106 58.33 91.62 66.45
C LEU A 106 59.18 90.75 65.53
N ALA A 107 60.22 91.33 64.92
CA ALA A 107 61.02 90.59 63.97
C ALA A 107 61.90 89.54 64.64
N THR A 108 62.56 89.91 65.74
CA THR A 108 63.57 89.04 66.32
C THR A 108 63.07 88.19 67.50
N LYS A 109 61.90 88.51 68.05
CA LYS A 109 61.37 87.76 69.19
C LYS A 109 59.91 87.37 69.02
N GLY A 110 59.25 87.81 67.96
CA GLY A 110 57.84 87.53 67.78
C GLY A 110 56.93 88.17 68.80
N VAL A 111 57.25 89.38 69.25
CA VAL A 111 56.46 90.05 70.27
C VAL A 111 55.34 90.84 69.59
N ILE A 112 54.10 90.51 69.94
CA ILE A 112 52.92 91.19 69.39
C ILE A 112 52.16 91.96 70.44
N HIS A 113 52.63 91.97 71.69
CA HIS A 113 52.00 92.72 72.79
C HIS A 113 52.97 93.82 73.22
N LEU A 114 52.61 95.08 72.94
CA LEU A 114 53.46 96.21 73.32
C LEU A 114 52.95 96.81 74.63
N SER A 115 53.21 96.09 75.71
CA SER A 115 52.89 96.60 77.04
C SER A 115 54.07 97.40 77.60
N ASP A 116 53.75 98.37 78.45
CA ASP A 116 52.43 98.85 78.84
C ASP A 116 52.40 100.38 78.88
N ALA A 117 53.59 100.97 78.85
CA ALA A 117 53.73 102.42 78.95
C ALA A 117 53.04 103.15 77.79
N LEU B 1 50.07 103.04 76.12
CA LEU B 1 50.21 102.14 74.97
C LEU B 1 50.42 102.94 73.70
N SER B 2 51.63 102.88 73.16
CA SER B 2 51.97 103.66 71.97
C SER B 2 52.79 102.81 71.01
N ILE B 3 52.59 103.07 69.71
CA ILE B 3 53.40 102.51 68.65
C ILE B 3 53.98 103.69 67.89
N GLY B 4 55.30 103.86 67.95
CA GLY B 4 55.93 105.05 67.41
C GLY B 4 55.47 106.29 68.15
N THR B 5 54.97 107.28 67.42
CA THR B 5 54.41 108.48 68.02
C THR B 5 52.90 108.42 68.19
N LYS B 6 52.27 107.32 67.79
CA LYS B 6 50.82 107.20 67.82
C LYS B 6 50.39 106.38 69.02
N ASN B 7 49.54 106.96 69.87
CA ASN B 7 48.93 106.20 70.95
C ASN B 7 47.83 105.30 70.42
N VAL B 8 47.79 104.06 70.90
CA VAL B 8 46.84 103.07 70.44
C VAL B 8 46.25 102.35 71.64
N SER B 9 45.19 101.59 71.39
CA SER B 9 44.58 100.73 72.38
C SER B 9 44.29 99.37 71.75
N ILE B 10 44.23 98.34 72.60
CA ILE B 10 43.96 97.00 72.11
C ILE B 10 42.55 96.96 71.53
N TYR B 11 42.45 96.53 70.28
CA TYR B 11 41.17 96.42 69.57
C TYR B 11 40.73 94.98 69.41
N ARG B 12 41.62 94.09 68.98
CA ARG B 12 41.31 92.68 68.86
C ARG B 12 42.55 91.89 69.22
N ASN B 13 42.34 90.70 69.79
CA ASN B 13 43.44 89.92 70.35
C ASN B 13 43.20 88.44 70.03
N THR B 14 43.96 87.91 69.09
CA THR B 14 44.01 86.49 68.79
C THR B 14 45.34 85.91 69.26
N ALA B 15 45.53 84.62 68.98
CA ALA B 15 46.73 83.94 69.47
C ALA B 15 48.00 84.51 68.86
N ASP B 16 48.01 84.73 67.54
CA ASP B 16 49.21 85.19 66.84
C ASP B 16 49.04 86.55 66.19
N GLU B 17 47.92 87.23 66.41
CA GLU B 17 47.72 88.57 65.87
C GLU B 17 47.03 89.44 66.91
N VAL B 18 47.54 90.65 67.07
CA VAL B 18 46.90 91.68 67.90
C VAL B 18 46.69 92.91 67.04
N ILE B 19 45.44 93.35 66.93
CA ILE B 19 45.08 94.56 66.21
C ILE B 19 44.86 95.67 67.22
N TYR B 20 45.57 96.77 67.05
CA TYR B 20 45.41 97.97 67.87
C TYR B 20 44.75 99.06 67.03
N ALA B 21 43.96 99.89 67.70
CA ALA B 21 43.20 100.95 67.04
C ALA B 21 43.75 102.31 67.45
N GLY B 22 43.89 103.20 66.49
CA GLY B 22 44.29 104.56 66.77
C GLY B 22 43.13 105.35 67.37
N PRO B 23 43.40 106.60 67.76
CA PRO B 23 42.33 107.42 68.36
C PRO B 23 41.16 107.65 67.42
N ALA B 24 41.42 107.72 66.11
CA ALA B 24 40.37 108.02 65.14
C ALA B 24 39.58 106.80 64.71
N HIS B 25 40.04 105.59 65.03
CA HIS B 25 39.39 104.38 64.54
C HIS B 25 37.96 104.29 65.05
N ASP B 26 37.05 103.91 64.15
CA ASP B 26 35.64 103.76 64.49
C ASP B 26 35.02 102.80 63.49
N VAL B 27 33.68 102.75 63.48
CA VAL B 27 32.95 101.81 62.64
C VAL B 27 33.01 102.16 61.16
N THR B 28 33.35 103.40 60.82
CA THR B 28 33.45 103.82 59.42
C THR B 28 34.82 104.33 59.01
N ASN B 29 35.66 104.74 59.95
CA ASN B 29 37.03 105.15 59.66
C ASN B 29 37.98 104.09 60.20
N VAL B 30 38.81 103.55 59.32
CA VAL B 30 39.78 102.53 59.71
C VAL B 30 41.10 103.22 60.03
N ASP B 31 41.60 102.99 61.25
CA ASP B 31 42.94 103.44 61.66
C ASP B 31 43.49 102.34 62.56
N THR B 32 44.20 101.38 61.97
CA THR B 32 44.61 100.19 62.70
C THR B 32 46.08 99.87 62.47
N VAL B 33 46.71 99.34 63.51
CA VAL B 33 48.06 98.78 63.44
C VAL B 33 47.96 97.35 63.94
N SER B 34 48.19 96.39 63.04
CA SER B 34 48.18 94.98 63.39
C SER B 34 49.60 94.47 63.54
N LEU B 35 49.82 93.66 64.58
CA LEU B 35 51.05 92.89 64.71
C LEU B 35 50.69 91.41 64.63
N ARG B 36 51.20 90.76 63.60
CA ARG B 36 50.94 89.36 63.33
C ARG B 36 52.27 88.60 63.30
N ARG B 37 52.23 87.35 63.75
CA ARG B 37 53.44 86.53 63.73
C ARG B 37 53.10 85.15 63.21
N SER B 38 54.08 84.55 62.53
CA SER B 38 54.05 83.15 62.15
C SER B 38 55.26 82.50 62.80
N LEU B 39 55.00 81.62 63.76
CA LEU B 39 56.06 81.00 64.54
C LEU B 39 56.80 79.95 63.73
N PRO B 40 58.09 79.75 64.01
CA PRO B 40 58.88 78.78 63.23
C PRO B 40 58.33 77.37 63.36
N VAL B 41 58.17 76.71 62.22
CA VAL B 41 57.72 75.33 62.17
C VAL B 41 58.93 74.46 61.84
N LYS B 42 59.34 73.62 62.80
CA LYS B 42 60.50 72.75 62.62
C LYS B 42 60.02 71.61 61.71
N LYS B 43 60.44 71.66 60.46
CA LYS B 43 60.18 70.60 59.49
C LYS B 43 61.51 70.12 58.89
N GLY B 44 61.68 68.81 58.81
CA GLY B 44 62.92 68.26 58.30
C GLY B 44 64.09 68.68 59.17
N SER B 45 65.23 68.95 58.53
CA SER B 45 66.39 69.48 59.25
C SER B 45 66.35 70.99 59.39
N ASP B 46 65.44 71.67 58.70
CA ASP B 46 65.31 73.12 58.81
C ASP B 46 64.58 73.47 60.09
N ASN B 47 65.16 74.38 60.87
CA ASN B 47 64.57 74.78 62.14
C ASN B 47 63.36 75.69 61.97
N GLY B 48 63.10 76.18 60.77
CA GLY B 48 61.97 77.05 60.52
C GLY B 48 62.37 78.51 60.42
N THR B 49 61.35 79.35 60.24
CA THR B 49 61.55 80.78 60.08
C THR B 49 60.45 81.52 60.83
N MET B 50 60.84 82.53 61.60
CA MET B 50 59.88 83.41 62.24
C MET B 50 59.49 84.52 61.28
N ARG B 51 58.19 84.68 61.05
CA ARG B 51 57.67 85.76 60.23
C ARG B 51 57.01 86.79 61.12
N GLY B 52 57.38 88.05 60.95
CA GLY B 52 56.75 89.12 61.69
C GLY B 52 56.18 90.17 60.76
N ASN B 53 54.86 90.40 60.84
CA ASN B 53 54.17 91.32 59.96
C ASN B 53 53.61 92.48 60.78
N MET B 54 53.87 93.70 60.32
CA MET B 54 53.34 94.91 60.92
C MET B 54 52.50 95.62 59.86
N ASN B 55 51.19 95.70 60.10
CA ASN B 55 50.24 96.20 59.12
C ASN B 55 49.68 97.54 59.59
N PHE B 56 49.76 98.55 58.71
CA PHE B 56 49.15 99.85 58.95
C PHE B 56 48.00 99.99 57.96
N ALA B 57 46.79 100.21 58.46
CA ALA B 57 45.62 100.38 57.62
C ALA B 57 44.95 101.71 57.96
N LYS B 58 44.67 102.51 56.92
CA LYS B 58 44.05 103.81 57.12
C LYS B 58 43.03 104.08 56.01
N SER B 59 41.89 104.65 56.39
CA SER B 59 40.88 105.05 55.44
C SER B 59 41.19 106.43 54.87
N PHE B 60 40.97 106.59 53.56
CA PHE B 60 41.28 107.82 52.86
C PHE B 60 40.14 108.18 51.93
N PRO B 61 39.86 109.48 51.75
CA PRO B 61 38.87 109.89 50.75
C PRO B 61 39.37 109.61 49.35
N ASN B 62 38.62 108.79 48.61
CA ASN B 62 38.89 108.46 47.22
C ASN B 62 37.68 108.93 46.42
N GLY B 63 37.77 110.15 45.90
CA GLY B 63 36.65 110.76 45.22
C GLY B 63 35.44 110.88 46.10
N ASP B 64 34.41 110.09 45.82
CA ASP B 64 33.20 110.07 46.64
C ASP B 64 33.22 108.99 47.70
N LYS B 65 34.03 107.95 47.50
CA LYS B 65 34.05 106.80 48.39
C LYS B 65 35.26 106.87 49.34
N LYS B 66 35.44 105.83 50.14
CA LYS B 66 36.62 105.69 50.97
C LYS B 66 37.43 104.48 50.55
N SER B 67 38.74 104.63 50.49
CA SER B 67 39.66 103.57 50.10
C SER B 67 40.59 103.25 51.27
N LEU B 68 41.03 102.00 51.33
CA LEU B 68 41.92 101.55 52.38
C LEU B 68 43.36 101.54 51.88
N VAL B 69 44.21 102.36 52.51
CA VAL B 69 45.63 102.36 52.24
C VAL B 69 46.33 101.49 53.28
N VAL B 70 47.13 100.54 52.81
CA VAL B 70 47.76 99.54 53.67
C VAL B 70 49.26 99.57 53.42
N VAL B 71 50.02 99.57 54.50
CA VAL B 71 51.47 99.47 54.47
C VAL B 71 51.88 98.26 55.30
N ASN B 72 52.59 97.33 54.69
CA ASN B 72 53.05 96.13 55.38
C ASN B 72 54.56 96.15 55.55
N LEU B 73 55.02 95.84 56.76
CA LEU B 73 56.43 95.64 57.05
C LEU B 73 56.60 94.20 57.53
N THR B 74 57.20 93.35 56.71
CA THR B 74 57.34 91.94 57.02
C THR B 74 58.81 91.57 57.11
N ALA B 75 59.16 90.83 58.15
CA ALA B 75 60.52 90.32 58.35
C ALA B 75 60.49 88.81 58.44
N HIS B 76 61.43 88.15 57.77
CA HIS B 76 61.60 86.71 57.80
C HIS B 76 62.97 86.41 58.39
N VAL B 77 62.99 85.87 59.60
CA VAL B 77 64.23 85.59 60.30
C VAL B 77 64.35 84.08 60.52
N PRO B 78 65.32 83.41 59.91
CA PRO B 78 65.48 81.97 60.15
C PRO B 78 65.99 81.69 61.55
N VAL B 79 65.57 80.56 62.11
CA VAL B 79 66.02 80.16 63.43
C VAL B 79 67.49 79.78 63.38
N GLY B 80 68.24 80.24 64.39
CA GLY B 80 69.66 79.99 64.49
C GLY B 80 70.52 81.22 64.27
N VAL B 81 69.95 82.26 63.67
CA VAL B 81 70.68 83.50 63.46
C VAL B 81 70.74 84.29 64.76
N ASP B 82 71.83 85.03 64.95
CA ASP B 82 71.96 85.89 66.12
C ASP B 82 70.98 87.05 66.04
N ALA B 83 70.20 87.25 67.10
CA ALA B 83 69.18 88.29 67.09
C ALA B 83 69.80 89.68 67.20
N THR B 84 70.89 89.83 67.94
CA THR B 84 71.53 91.13 68.07
C THR B 84 72.08 91.62 66.73
N ALA B 85 72.68 90.73 65.95
CA ALA B 85 73.19 91.11 64.64
C ALA B 85 72.06 91.55 63.72
N VAL B 86 70.94 90.82 63.73
CA VAL B 86 69.81 91.19 62.90
C VAL B 86 69.23 92.53 63.31
N ARG B 87 69.13 92.77 64.63
CA ARG B 87 68.63 94.06 65.11
C ARG B 87 69.55 95.19 64.69
N THR B 88 70.87 94.99 64.80
CA THR B 88 71.81 96.01 64.39
C THR B 88 71.71 96.30 62.90
N TRP B 89 71.58 95.25 62.08
CA TRP B 89 71.43 95.44 60.64
C TRP B 89 70.13 96.19 60.31
N MET B 90 69.04 95.83 60.98
CA MET B 90 67.77 96.50 60.73
C MET B 90 67.83 97.97 61.16
N THR B 91 68.49 98.26 62.27
CA THR B 91 68.57 99.64 62.73
C THR B 91 69.47 100.49 61.83
N SER B 92 70.63 99.97 61.44
CA SER B 92 71.60 100.77 60.70
C SER B 92 71.37 100.77 59.20
N GLU B 93 70.76 99.74 58.64
CA GLU B 93 70.66 99.62 57.19
C GLU B 93 69.24 99.57 56.67
N VAL B 94 68.34 98.87 57.34
CA VAL B 94 66.98 98.72 56.83
C VAL B 94 66.14 99.95 57.15
N PHE B 95 66.18 100.40 58.40
CA PHE B 95 65.32 101.52 58.82
C PHE B 95 65.62 102.82 58.07
N PRO B 96 66.88 103.26 57.91
CA PRO B 96 67.11 104.51 57.17
C PRO B 96 66.62 104.47 55.74
N GLY B 97 66.73 103.32 55.07
CA GLY B 97 66.28 103.24 53.70
C GLY B 97 64.79 103.05 53.55
N ALA B 98 64.15 102.40 54.51
CA ALA B 98 62.72 102.15 54.44
C ALA B 98 61.90 103.41 54.68
N THR B 99 62.45 104.40 55.37
CA THR B 99 61.76 105.65 55.65
C THR B 99 62.37 106.82 54.90
N SER B 100 62.86 106.58 53.69
CA SER B 100 63.46 107.61 52.86
C SER B 100 62.44 108.11 51.85
N SER B 101 62.87 109.08 51.03
CA SER B 101 62.04 109.53 49.93
C SER B 101 61.87 108.46 48.87
N VAL B 102 62.73 107.43 48.87
CA VAL B 102 62.59 106.34 47.91
C VAL B 102 61.28 105.60 48.14
N THR B 103 60.92 105.36 49.40
CA THR B 103 59.67 104.67 49.71
C THR B 103 58.47 105.47 49.22
N LEU B 104 58.45 106.76 49.49
CA LEU B 104 57.35 107.61 49.05
C LEU B 104 57.25 107.67 47.53
N ASP B 105 58.41 107.80 46.87
CA ASP B 105 58.41 107.87 45.40
C ASP B 105 57.94 106.56 44.80
N LEU B 106 58.35 105.42 45.37
CA LEU B 106 57.87 104.13 44.88
C LEU B 106 56.37 103.97 45.12
N ALA B 107 55.88 104.45 46.26
CA ALA B 107 54.46 104.30 46.57
C ALA B 107 53.59 105.15 45.64
N THR B 108 53.93 106.42 45.47
CA THR B 108 53.05 107.36 44.78
C THR B 108 53.44 107.62 43.33
N LYS B 109 54.53 107.04 42.84
CA LYS B 109 54.93 107.26 41.45
C LYS B 109 55.41 106.01 40.73
N GLY B 110 55.58 104.88 41.42
CA GLY B 110 56.15 103.71 40.78
C GLY B 110 57.59 103.88 40.35
N VAL B 111 58.39 104.63 41.10
CA VAL B 111 59.77 104.87 40.75
C VAL B 111 60.62 103.74 41.31
N ILE B 112 61.21 102.95 40.41
CA ILE B 112 62.12 101.86 40.79
C ILE B 112 63.55 102.13 40.37
N HIS B 113 63.80 103.12 39.52
CA HIS B 113 65.15 103.48 39.10
C HIS B 113 65.62 104.67 39.92
N LEU B 114 66.72 104.48 40.63
CA LEU B 114 67.25 105.50 41.52
C LEU B 114 68.16 106.45 40.76
N SER B 115 68.28 107.67 41.26
CA SER B 115 69.13 108.70 40.68
C SER B 115 69.48 109.74 41.74
N ASP B 116 70.64 110.37 41.57
CA ASP B 116 71.71 110.04 40.63
C ASP B 116 73.06 110.17 41.31
N ALA B 117 73.07 110.80 42.47
CA ALA B 117 74.30 111.06 43.21
C ALA B 117 74.44 110.14 44.42
N LEU C 1 2.79 107.37 86.15
CA LEU C 1 3.54 106.23 85.63
C LEU C 1 4.96 106.66 85.27
N SER C 2 5.93 106.18 86.02
CA SER C 2 7.33 106.55 85.81
C SER C 2 8.21 105.31 85.78
N ILE C 3 9.14 105.28 84.83
CA ILE C 3 10.21 104.28 84.80
C ILE C 3 11.50 105.08 84.84
N GLY C 4 12.04 105.28 86.04
CA GLY C 4 13.17 106.17 86.22
C GLY C 4 12.71 107.61 86.33
N THR C 5 13.20 108.46 85.43
CA THR C 5 12.75 109.85 85.33
C THR C 5 11.80 110.07 84.17
N LYS C 6 11.39 109.01 83.48
CA LYS C 6 10.57 109.11 82.28
C LYS C 6 9.10 108.88 82.63
N ASN C 7 8.24 109.79 82.16
CA ASN C 7 6.80 109.63 82.30
C ASN C 7 6.28 108.83 81.11
N VAL C 8 5.72 107.65 81.38
CA VAL C 8 5.24 106.76 80.33
C VAL C 8 3.75 106.52 80.53
N SER C 9 3.13 105.94 79.51
CA SER C 9 1.74 105.53 79.57
C SER C 9 1.60 104.14 78.98
N ILE C 10 0.58 103.41 79.43
CA ILE C 10 0.34 102.07 78.91
C ILE C 10 0.00 102.18 77.43
N TYR C 11 0.76 101.47 76.60
CA TYR C 11 0.56 101.46 75.16
C TYR C 11 0.11 100.10 74.64
N ARG C 12 0.63 99.01 75.20
CA ARG C 12 0.18 97.68 74.82
C ARG C 12 0.20 96.80 76.06
N ASN C 13 -0.87 96.02 76.25
CA ASN C 13 -1.01 95.19 77.44
C ASN C 13 -1.24 93.76 76.98
N THR C 14 -0.31 92.88 77.32
CA THR C 14 -0.33 91.47 76.98
C THR C 14 -0.12 90.67 78.26
N ALA C 15 -0.54 89.39 78.24
CA ALA C 15 -0.46 88.55 79.43
C ALA C 15 0.94 88.53 80.03
N ASP C 16 1.98 88.55 79.18
CA ASP C 16 3.35 88.45 79.66
C ASP C 16 4.23 89.59 79.18
N GLU C 17 3.65 90.68 78.68
CA GLU C 17 4.44 91.80 78.20
C GLU C 17 3.58 93.05 78.25
N VAL C 18 4.12 94.13 78.81
CA VAL C 18 3.48 95.43 78.79
C VAL C 18 4.45 96.42 78.18
N ILE C 19 4.02 97.08 77.11
CA ILE C 19 4.82 98.11 76.44
C ILE C 19 4.28 99.47 76.84
N TYR C 20 5.16 100.30 77.41
CA TYR C 20 4.86 101.68 77.76
C TYR C 20 5.53 102.61 76.77
N ALA C 21 4.83 103.68 76.41
CA ALA C 21 5.30 104.65 75.44
C ALA C 21 5.72 105.92 76.14
N GLY C 22 6.85 106.50 75.69
CA GLY C 22 7.33 107.75 76.22
C GLY C 22 6.66 108.93 75.56
N PRO C 23 7.05 110.14 75.96
CA PRO C 23 6.44 111.35 75.37
C PRO C 23 6.68 111.47 73.87
N ALA C 24 7.77 110.93 73.36
CA ALA C 24 8.15 111.10 71.96
C ALA C 24 7.72 109.92 71.09
N HIS C 25 6.88 109.02 71.61
CA HIS C 25 6.42 107.87 70.85
C HIS C 25 5.15 108.22 70.07
N ASP C 26 5.11 107.78 68.82
CA ASP C 26 3.96 108.01 67.95
C ASP C 26 3.99 106.95 66.84
N VAL C 27 3.20 107.17 65.78
CA VAL C 27 3.13 106.21 64.68
C VAL C 27 4.45 106.07 63.94
N THR C 28 5.18 107.17 63.74
CA THR C 28 6.41 107.14 62.94
C THR C 28 7.68 107.12 63.76
N ASN C 29 7.63 107.36 65.07
CA ASN C 29 8.81 107.36 65.92
C ASN C 29 8.62 106.36 67.05
N VAL C 30 9.73 105.77 67.50
CA VAL C 30 9.72 104.76 68.55
C VAL C 30 10.38 105.33 69.79
N ASP C 31 9.64 105.35 70.89
CA ASP C 31 10.18 105.67 72.21
C ASP C 31 9.43 104.79 73.20
N THR C 32 9.97 103.60 73.47
CA THR C 32 9.22 102.60 74.22
C THR C 32 10.09 101.92 75.26
N VAL C 33 9.45 101.54 76.37
CA VAL C 33 10.03 100.66 77.38
C VAL C 33 9.08 99.48 77.55
N SER C 34 9.57 98.28 77.29
CA SER C 34 8.77 97.07 77.36
C SER C 34 9.22 96.22 78.53
N LEU C 35 8.27 95.82 79.38
CA LEU C 35 8.53 94.86 80.43
C LEU C 35 7.99 93.50 80.01
N ARG C 36 8.84 92.50 80.01
CA ARG C 36 8.50 91.15 79.60
C ARG C 36 8.89 90.18 80.71
N ARG C 37 8.14 89.09 80.81
CA ARG C 37 8.41 88.11 81.84
C ARG C 37 8.17 86.71 81.31
N SER C 38 8.91 85.76 81.88
CA SER C 38 8.70 84.34 81.67
C SER C 38 8.64 83.71 83.06
N LEU C 39 7.45 83.27 83.44
CA LEU C 39 7.21 82.76 84.78
C LEU C 39 7.80 81.36 84.93
N PRO C 40 8.14 80.97 86.16
CA PRO C 40 8.74 79.65 86.38
C PRO C 40 7.80 78.53 85.93
N VAL C 41 8.37 77.50 85.34
CA VAL C 41 7.65 76.30 84.95
C VAL C 41 8.21 75.16 85.78
N LYS C 42 7.36 74.56 86.61
CA LYS C 42 7.79 73.48 87.51
C LYS C 42 7.91 72.20 86.67
N LYS C 43 9.03 72.11 85.98
CA LYS C 43 9.30 70.98 85.10
C LYS C 43 10.08 69.92 85.85
N GLY C 44 9.49 68.73 85.98
CA GLY C 44 10.14 67.66 86.73
C GLY C 44 10.35 68.07 88.17
N SER C 45 11.58 67.87 88.67
CA SER C 45 11.94 68.29 90.01
C SER C 45 12.43 69.72 90.08
N ASP C 46 12.90 70.28 88.96
CA ASP C 46 13.34 71.68 88.94
C ASP C 46 12.13 72.59 89.09
N ASN C 47 12.24 73.55 90.01
CA ASN C 47 11.17 74.53 90.20
C ASN C 47 11.11 75.58 89.12
N GLY C 48 12.08 75.60 88.21
CA GLY C 48 12.06 76.54 87.11
C GLY C 48 12.90 77.77 87.37
N THR C 49 12.78 78.72 86.45
CA THR C 49 13.52 79.98 86.51
C THR C 49 12.58 81.12 86.15
N MET C 50 12.67 82.21 86.90
CA MET C 50 11.94 83.43 86.58
C MET C 50 12.82 84.31 85.71
N ARG C 51 12.33 84.66 84.52
CA ARG C 51 13.07 85.50 83.59
C ARG C 51 12.38 86.85 83.47
N GLY C 52 13.13 87.91 83.71
CA GLY C 52 12.63 89.27 83.54
C GLY C 52 13.41 89.99 82.47
N ASN C 53 12.72 90.79 81.66
CA ASN C 53 13.35 91.52 80.58
C ASN C 53 12.82 92.93 80.55
N MET C 54 13.71 93.91 80.47
CA MET C 54 13.36 95.30 80.27
C MET C 54 14.02 95.77 78.98
N ASN C 55 13.22 96.24 78.03
CA ASN C 55 13.67 96.62 76.71
C ASN C 55 13.45 98.11 76.51
N PHE C 56 14.49 98.81 76.05
CA PHE C 56 14.42 100.22 75.72
C PHE C 56 14.62 100.36 74.22
N ALA C 57 13.68 101.02 73.54
CA ALA C 57 13.75 101.20 72.10
C ALA C 57 13.57 102.67 71.77
N LYS C 58 14.48 103.21 70.96
CA LYS C 58 14.38 104.60 70.54
C LYS C 58 14.78 104.73 69.08
N SER C 59 14.14 105.67 68.39
CA SER C 59 14.49 105.99 67.02
C SER C 59 15.52 107.12 66.99
N PHE C 60 16.46 107.00 66.05
CA PHE C 60 17.55 107.95 65.92
C PHE C 60 17.77 108.27 64.45
N PRO C 61 18.18 109.50 64.13
CA PRO C 61 18.55 109.81 62.75
C PRO C 61 19.76 109.00 62.31
N ASN C 62 19.64 108.34 61.15
CA ASN C 62 20.72 107.54 60.56
C ASN C 62 20.83 108.00 59.12
N GLY C 63 21.69 108.99 58.89
CA GLY C 63 21.83 109.57 57.57
C GLY C 63 20.51 110.10 57.05
N ASP C 64 19.93 109.41 56.08
CA ASP C 64 18.63 109.80 55.55
C ASP C 64 17.49 109.17 56.36
N LYS C 65 17.64 107.92 56.79
CA LYS C 65 16.54 107.18 57.39
C LYS C 65 16.58 107.31 58.91
N LYS C 66 15.79 106.49 59.59
CA LYS C 66 15.77 106.44 61.05
C LYS C 66 16.04 105.02 61.49
N SER C 67 17.03 104.84 62.36
CA SER C 67 17.44 103.54 62.86
C SER C 67 16.97 103.36 64.30
N LEU C 68 16.82 102.10 64.70
CA LEU C 68 16.31 101.76 66.02
C LEU C 68 17.46 101.31 66.92
N VAL C 69 17.64 102.00 68.03
CA VAL C 69 18.61 101.63 69.05
C VAL C 69 17.86 100.96 70.19
N VAL C 70 18.31 99.76 70.57
CA VAL C 70 17.65 98.92 71.56
C VAL C 70 18.65 98.57 72.65
N VAL C 71 18.25 98.73 73.90
CA VAL C 71 19.03 98.31 75.06
C VAL C 71 18.20 97.27 75.82
N ASN C 72 18.79 96.10 76.03
CA ASN C 72 18.11 95.02 76.72
C ASN C 72 18.72 94.80 78.09
N LEU C 73 17.87 94.44 79.05
CA LEU C 73 18.31 94.12 80.41
C LEU C 73 17.54 92.89 80.86
N THR C 74 18.21 91.74 80.90
CA THR C 74 17.56 90.47 81.20
C THR C 74 18.17 89.85 82.46
N ALA C 75 17.30 89.40 83.35
CA ALA C 75 17.70 88.73 84.58
C ALA C 75 17.07 87.34 84.64
N HIS C 76 17.88 86.36 85.01
CA HIS C 76 17.44 84.98 85.18
C HIS C 76 17.65 84.60 86.65
N VAL C 77 16.56 84.38 87.37
CA VAL C 77 16.66 84.05 88.79
C VAL C 77 16.05 82.66 89.01
N PRO C 78 16.84 81.67 89.39
CA PRO C 78 16.27 80.34 89.67
C PRO C 78 15.36 80.38 90.89
N VAL C 79 14.32 79.54 90.85
CA VAL C 79 13.37 79.49 91.96
C VAL C 79 14.03 78.81 93.16
N GLY C 80 13.85 79.41 94.34
CA GLY C 80 14.44 78.93 95.57
C GLY C 80 15.58 79.80 96.08
N VAL C 81 16.23 80.54 95.17
CA VAL C 81 17.26 81.48 95.57
C VAL C 81 16.63 82.60 96.37
N ASP C 82 17.29 82.98 97.47
CA ASP C 82 16.76 84.05 98.32
C ASP C 82 16.71 85.35 97.55
N ALA C 83 15.53 85.99 97.57
CA ALA C 83 15.32 87.18 96.74
C ALA C 83 16.10 88.38 97.27
N THR C 84 16.21 88.51 98.59
CA THR C 84 16.89 89.66 99.17
C THR C 84 18.37 89.67 98.80
N ALA C 85 19.00 88.50 98.80
CA ALA C 85 20.41 88.41 98.40
C ALA C 85 20.59 88.83 96.95
N VAL C 86 19.69 88.37 96.06
CA VAL C 86 19.78 88.76 94.65
C VAL C 86 19.59 90.26 94.51
N ARG C 87 18.64 90.84 95.25
CA ARG C 87 18.36 92.26 95.12
C ARG C 87 19.54 93.10 95.61
N THR C 88 20.16 92.71 96.74
CA THR C 88 21.30 93.49 97.20
C THR C 88 22.51 93.28 96.29
N TRP C 89 22.65 92.10 95.68
CA TRP C 89 23.71 91.88 94.71
C TRP C 89 23.53 92.78 93.50
N MET C 90 22.30 92.88 92.99
CA MET C 90 22.04 93.75 91.85
C MET C 90 22.26 95.21 92.22
N THR C 91 21.79 95.62 93.40
CA THR C 91 21.92 97.02 93.80
C THR C 91 23.39 97.42 93.99
N SER C 92 24.19 96.54 94.58
CA SER C 92 25.56 96.89 94.94
C SER C 92 26.58 96.47 93.90
N GLU C 93 26.38 95.36 93.20
CA GLU C 93 27.39 94.81 92.30
C GLU C 93 27.04 94.90 90.83
N VAL C 94 25.76 94.84 90.47
CA VAL C 94 25.39 94.81 89.06
C VAL C 94 25.10 96.21 88.55
N PHE C 95 24.25 96.96 89.26
CA PHE C 95 23.80 98.27 88.82
C PHE C 95 24.93 99.29 88.71
N PRO C 96 25.82 99.44 89.70
CA PRO C 96 26.91 100.43 89.55
C PRO C 96 27.83 100.13 88.38
N GLY C 97 28.09 98.86 88.07
CA GLY C 97 28.94 98.55 86.94
C GLY C 97 28.22 98.58 85.61
N ALA C 98 26.91 98.39 85.62
CA ALA C 98 26.13 98.36 84.39
C ALA C 98 25.79 99.75 83.86
N THR C 99 26.02 100.80 84.66
CA THR C 99 25.69 102.16 84.25
C THR C 99 26.94 103.05 84.19
N SER C 100 28.12 102.45 84.11
CA SER C 100 29.37 103.19 84.10
C SER C 100 29.75 103.52 82.65
N SER C 101 30.94 104.09 82.46
CA SER C 101 31.44 104.38 81.12
C SER C 101 31.79 103.11 80.36
N VAL C 102 31.99 101.99 81.06
CA VAL C 102 32.28 100.73 80.39
C VAL C 102 31.12 100.34 79.48
N THR C 103 29.89 100.49 79.97
CA THR C 103 28.72 100.17 79.14
C THR C 103 28.65 101.07 77.92
N LEU C 104 28.94 102.36 78.10
CA LEU C 104 28.90 103.29 76.96
C LEU C 104 29.94 102.93 75.92
N ASP C 105 31.17 102.64 76.35
CA ASP C 105 32.22 102.25 75.41
C ASP C 105 31.88 100.95 74.71
N LEU C 106 31.35 99.98 75.45
CA LEU C 106 30.97 98.70 74.84
C LEU C 106 29.85 98.86 73.84
N ALA C 107 28.88 99.74 74.12
CA ALA C 107 27.75 99.93 73.23
C ALA C 107 28.13 100.70 71.97
N THR C 108 28.98 101.73 72.11
CA THR C 108 29.29 102.59 70.98
C THR C 108 30.52 102.16 70.21
N LYS C 109 31.51 101.55 70.87
CA LYS C 109 32.75 101.18 70.22
C LYS C 109 33.13 99.71 70.38
N GLY C 110 32.41 98.94 71.19
CA GLY C 110 32.75 97.55 71.38
C GLY C 110 33.99 97.32 72.20
N VAL C 111 34.28 98.18 73.16
CA VAL C 111 35.48 98.07 73.97
C VAL C 111 35.26 97.00 75.04
N ILE C 112 36.07 95.94 75.01
CA ILE C 112 35.97 94.84 75.95
C ILE C 112 37.15 94.76 76.89
N HIS C 113 38.14 95.65 76.75
CA HIS C 113 39.31 95.69 77.62
C HIS C 113 39.27 97.01 78.39
N LEU C 114 38.97 96.94 79.69
CA LEU C 114 38.80 98.14 80.51
C LEU C 114 40.08 98.44 81.27
N SER C 115 41.15 98.70 80.52
CA SER C 115 42.43 99.03 81.12
C SER C 115 42.43 100.47 81.63
N ASP C 116 43.13 100.69 82.74
CA ASP C 116 43.78 99.67 83.57
C ASP C 116 43.49 99.91 85.04
N ALA C 117 43.17 101.16 85.38
CA ALA C 117 42.92 101.53 86.78
C ALA C 117 41.57 101.02 87.25
N LEU D 1 -0.61 137.23 -5.61
CA LEU D 1 0.28 136.11 -5.36
C LEU D 1 1.60 136.28 -6.11
N SER D 2 2.70 136.30 -5.36
CA SER D 2 4.01 136.46 -5.96
C SER D 2 5.01 135.57 -5.24
N ILE D 3 6.02 135.12 -5.98
CA ILE D 3 7.14 134.36 -5.44
C ILE D 3 8.39 135.11 -5.89
N GLY D 4 8.88 135.99 -5.03
CA GLY D 4 9.93 136.91 -5.44
C GLY D 4 9.36 138.01 -6.31
N THR D 5 9.80 138.09 -7.56
CA THR D 5 9.32 139.09 -8.51
C THR D 5 8.39 138.50 -9.56
N LYS D 6 7.98 137.25 -9.40
CA LYS D 6 7.14 136.57 -10.38
C LYS D 6 5.72 136.42 -9.85
N ASN D 7 4.75 136.80 -10.68
CA ASN D 7 3.33 136.63 -10.34
C ASN D 7 2.88 135.22 -10.69
N VAL D 8 2.21 134.57 -9.74
CA VAL D 8 1.75 133.20 -9.91
C VAL D 8 0.28 133.11 -9.50
N SER D 9 -0.33 131.99 -9.89
CA SER D 9 -1.69 131.67 -9.50
C SER D 9 -1.73 130.24 -9.00
N ILE D 10 -2.63 129.95 -8.06
CA ILE D 10 -2.80 128.59 -7.59
C ILE D 10 -3.21 127.72 -8.76
N TYR D 11 -2.43 126.68 -9.04
CA TYR D 11 -2.70 125.74 -10.12
C TYR D 11 -3.16 124.39 -9.63
N ARG D 12 -2.52 123.84 -8.61
CA ARG D 12 -2.88 122.55 -8.04
C ARG D 12 -2.79 122.61 -6.54
N ASN D 13 -3.78 122.04 -5.85
CA ASN D 13 -3.86 122.06 -4.41
C ASN D 13 -3.97 120.65 -3.89
N THR D 14 -3.05 120.25 -3.01
CA THR D 14 -3.14 118.99 -2.30
C THR D 14 -2.96 119.23 -0.81
N ALA D 15 -2.99 118.16 -0.01
CA ALA D 15 -2.90 118.32 1.43
C ALA D 15 -1.56 118.90 1.86
N ASP D 16 -0.47 118.42 1.28
CA ASP D 16 0.87 118.86 1.67
C ASP D 16 1.68 119.45 0.53
N GLU D 17 1.05 119.79 -0.59
CA GLU D 17 1.77 120.36 -1.71
C GLU D 17 0.84 121.28 -2.50
N VAL D 18 1.34 122.47 -2.84
CA VAL D 18 0.63 123.41 -3.69
C VAL D 18 1.53 123.77 -4.86
N ILE D 19 1.01 123.62 -6.08
CA ILE D 19 1.71 124.02 -7.29
C ILE D 19 1.10 125.31 -7.80
N TYR D 20 1.95 126.31 -8.04
CA TYR D 20 1.58 127.58 -8.63
C TYR D 20 2.14 127.66 -10.04
N ALA D 21 1.39 128.28 -10.94
CA ALA D 21 1.75 128.39 -12.35
C ALA D 21 2.18 129.82 -12.65
N GLY D 22 3.25 129.95 -13.42
CA GLY D 22 3.72 131.24 -13.86
C GLY D 22 2.96 131.73 -15.07
N PRO D 23 3.29 132.93 -15.55
CA PRO D 23 2.57 133.50 -16.70
C PRO D 23 2.75 132.73 -17.99
N ALA D 24 3.80 131.91 -18.10
CA ALA D 24 4.11 131.20 -19.34
C ALA D 24 3.66 129.75 -19.31
N HIS D 25 2.91 129.33 -18.30
CA HIS D 25 2.50 127.94 -18.19
C HIS D 25 1.22 127.69 -19.00
N ASP D 26 1.26 126.70 -19.87
CA ASP D 26 0.09 126.26 -20.61
C ASP D 26 0.27 124.78 -20.94
N VAL D 27 -0.52 124.28 -21.89
CA VAL D 27 -0.52 122.87 -22.25
C VAL D 27 0.84 122.47 -22.85
N THR D 28 1.53 123.43 -23.46
CA THR D 28 2.78 123.14 -24.15
C THR D 28 4.02 123.54 -23.37
N ASN D 29 3.97 124.60 -22.56
CA ASN D 29 5.14 125.10 -21.86
C ASN D 29 4.95 124.97 -20.37
N VAL D 30 5.99 124.53 -19.67
CA VAL D 30 5.97 124.38 -18.23
C VAL D 30 6.64 125.58 -17.59
N ASP D 31 5.95 126.21 -16.63
CA ASP D 31 6.51 127.28 -15.82
C ASP D 31 5.81 127.19 -14.46
N THR D 32 6.42 126.45 -13.53
CA THR D 32 5.73 126.16 -12.28
C THR D 32 6.68 126.29 -11.09
N VAL D 33 6.10 126.65 -9.95
CA VAL D 33 6.79 126.63 -8.65
C VAL D 33 5.91 125.85 -7.68
N SER D 34 6.48 124.81 -7.08
CA SER D 34 5.76 123.95 -6.17
C SER D 34 6.31 124.10 -4.74
N LEU D 35 5.40 124.19 -3.78
CA LEU D 35 5.74 124.24 -2.37
C LEU D 35 5.24 122.95 -1.72
N ARG D 36 6.15 122.19 -1.13
CA ARG D 36 5.80 120.92 -0.51
C ARG D 36 6.35 120.88 0.92
N ARG D 37 5.59 120.25 1.80
CA ARG D 37 6.00 120.12 3.19
C ARG D 37 5.88 118.67 3.64
N SER D 38 6.82 118.27 4.49
CA SER D 38 6.79 116.99 5.20
C SER D 38 6.83 117.35 6.68
N LEU D 39 5.66 117.28 7.32
CA LEU D 39 5.55 117.67 8.71
C LEU D 39 6.18 116.62 9.61
N PRO D 40 6.75 117.03 10.73
CA PRO D 40 7.43 116.07 11.61
C PRO D 40 6.48 115.04 12.17
N VAL D 41 6.95 113.80 12.25
CA VAL D 41 6.26 112.72 12.93
C VAL D 41 7.09 112.40 14.18
N LYS D 42 6.52 112.66 15.35
CA LYS D 42 7.25 112.55 16.61
C LYS D 42 7.10 111.12 17.15
N LYS D 43 7.63 110.19 16.37
CA LYS D 43 7.62 108.78 16.75
C LYS D 43 8.61 108.52 17.88
N GLY D 44 8.27 107.55 18.72
CA GLY D 44 9.08 107.19 19.87
C GLY D 44 9.44 108.38 20.74
N SER D 45 10.74 108.67 20.83
CA SER D 45 11.21 109.84 21.56
C SER D 45 11.69 110.96 20.64
N ASP D 46 12.17 110.63 19.45
CA ASP D 46 12.62 111.66 18.51
C ASP D 46 11.42 112.49 18.04
N ASN D 47 11.59 113.81 18.04
CA ASN D 47 10.51 114.71 17.69
C ASN D 47 10.36 114.91 16.18
N GLY D 48 11.17 114.23 15.38
CA GLY D 48 11.04 114.29 13.94
C GLY D 48 11.70 115.50 13.32
N THR D 49 11.51 115.61 12.00
CA THR D 49 12.13 116.66 11.20
C THR D 49 11.09 117.31 10.31
N MET D 50 11.15 118.62 10.19
CA MET D 50 10.32 119.35 9.25
C MET D 50 11.09 119.51 7.94
N ARG D 51 10.49 119.07 6.84
CA ARG D 51 11.14 119.11 5.53
C ARG D 51 10.37 120.04 4.61
N GLY D 52 11.01 121.13 4.20
CA GLY D 52 10.37 122.08 3.31
C GLY D 52 11.02 122.13 1.94
N ASN D 53 10.27 121.83 0.88
CA ASN D 53 10.83 121.75 -0.47
C ASN D 53 10.17 122.79 -1.37
N MET D 54 11.01 123.52 -2.12
CA MET D 54 10.55 124.42 -3.16
C MET D 54 11.10 123.95 -4.50
N ASN D 55 10.21 123.78 -5.47
CA ASN D 55 10.52 123.23 -6.77
C ASN D 55 10.29 124.27 -7.84
N PHE D 56 11.25 124.46 -8.73
CA PHE D 56 11.12 125.34 -9.88
C PHE D 56 11.25 124.52 -11.14
N ALA D 57 10.23 124.53 -11.99
CA ALA D 57 10.22 123.72 -13.20
C ALA D 57 9.98 124.62 -14.40
N LYS D 58 10.83 124.47 -15.42
CA LYS D 58 10.70 125.26 -16.63
C LYS D 58 11.07 124.43 -17.84
N SER D 59 10.25 124.51 -18.89
CA SER D 59 10.57 123.84 -20.14
C SER D 59 11.52 124.70 -20.99
N PHE D 60 12.43 124.03 -21.68
CA PHE D 60 13.43 124.69 -22.51
C PHE D 60 13.52 123.97 -23.84
N PRO D 61 13.87 124.68 -24.91
CA PRO D 61 14.11 124.01 -26.20
C PRO D 61 15.36 123.14 -26.13
N ASN D 62 15.23 121.89 -26.57
CA ASN D 62 16.33 120.92 -26.58
C ASN D 62 16.27 120.25 -27.95
N GLY D 63 17.06 120.77 -28.88
CA GLY D 63 16.97 120.30 -30.25
C GLY D 63 15.58 120.56 -30.78
N ASP D 64 14.94 119.52 -31.29
CA ASP D 64 13.56 119.62 -31.76
C ASP D 64 12.54 119.41 -30.65
N LYS D 65 12.94 118.89 -29.51
CA LYS D 65 12.02 118.57 -28.43
C LYS D 65 12.10 119.63 -27.33
N LYS D 66 11.41 119.37 -26.22
CA LYS D 66 11.45 120.22 -25.05
C LYS D 66 11.95 119.42 -23.86
N SER D 67 12.76 120.05 -23.02
CA SER D 67 13.35 119.41 -21.86
C SER D 67 13.01 120.20 -20.61
N LEU D 68 12.76 119.48 -19.51
CA LEU D 68 12.38 120.10 -18.25
C LEU D 68 13.62 120.33 -17.40
N VAL D 69 13.84 121.59 -17.03
CA VAL D 69 14.89 121.95 -16.08
C VAL D 69 14.23 122.20 -14.74
N VAL D 70 14.73 121.53 -13.70
CA VAL D 70 14.15 121.56 -12.36
C VAL D 70 15.22 121.99 -11.38
N VAL D 71 14.87 122.93 -10.51
CA VAL D 71 15.74 123.38 -9.43
C VAL D 71 15.01 123.13 -8.11
N ASN D 72 15.67 122.41 -7.21
CA ASN D 72 15.08 122.05 -5.93
C ASN D 72 15.82 122.75 -4.80
N LEU D 73 15.05 123.26 -3.83
CA LEU D 73 15.62 123.88 -2.63
C LEU D 73 14.90 123.28 -1.43
N THR D 74 15.61 122.43 -0.68
CA THR D 74 15.01 121.69 0.43
C THR D 74 15.73 122.03 1.72
N ALA D 75 14.94 122.32 2.76
CA ALA D 75 15.44 122.57 4.10
C ALA D 75 14.98 121.45 5.02
N HIS D 76 15.92 120.92 5.82
CA HIS D 76 15.64 119.87 6.78
C HIS D 76 15.93 120.43 8.17
N VAL D 77 14.88 120.77 8.92
CA VAL D 77 15.05 121.39 10.22
C VAL D 77 14.57 120.40 11.29
N PRO D 78 15.46 119.88 12.14
CA PRO D 78 15.02 119.02 13.23
C PRO D 78 14.19 119.80 14.24
N VAL D 79 13.24 119.10 14.87
CA VAL D 79 12.31 119.75 15.80
C VAL D 79 13.03 120.06 17.11
N GLY D 80 12.87 121.29 17.60
CA GLY D 80 13.52 121.76 18.80
C GLY D 80 14.53 122.85 18.55
N VAL D 81 15.11 122.87 17.34
CA VAL D 81 16.04 123.93 16.97
C VAL D 81 15.30 125.26 16.88
N ASP D 82 15.91 126.31 17.42
CA ASP D 82 15.30 127.64 17.38
C ASP D 82 15.07 128.08 15.94
N ALA D 83 13.84 128.50 15.65
CA ALA D 83 13.49 128.92 14.30
C ALA D 83 14.20 130.21 13.91
N THR D 84 14.34 131.15 14.86
CA THR D 84 14.96 132.42 14.55
C THR D 84 16.43 132.25 14.18
N ALA D 85 17.15 131.40 14.91
CA ALA D 85 18.56 131.16 14.59
C ALA D 85 18.70 130.51 13.21
N VAL D 86 17.82 129.56 12.89
CA VAL D 86 17.86 128.92 11.59
C VAL D 86 17.57 129.94 10.48
N ARG D 87 16.59 130.81 10.70
CA ARG D 87 16.27 131.82 9.69
C ARG D 87 17.42 132.79 9.49
N THR D 88 18.08 133.19 10.58
CA THR D 88 19.24 134.07 10.46
C THR D 88 20.37 133.38 9.70
N TRP D 89 20.60 132.10 9.98
CA TRP D 89 21.64 131.36 9.27
C TRP D 89 21.31 131.24 7.78
N MET D 90 20.05 130.95 7.44
CA MET D 90 19.66 130.84 6.05
C MET D 90 19.79 132.18 5.32
N THR D 91 19.38 133.27 5.98
CA THR D 91 19.44 134.57 5.33
C THR D 91 20.88 135.05 5.13
N SER D 92 21.73 134.92 6.16
CA SER D 92 23.06 135.49 6.09
C SER D 92 24.10 134.55 5.50
N GLU D 93 23.88 133.25 5.54
CA GLU D 93 24.91 132.29 5.17
C GLU D 93 24.54 131.42 3.99
N VAL D 94 23.30 130.96 3.90
CA VAL D 94 22.90 130.04 2.84
C VAL D 94 22.43 130.79 1.61
N PHE D 95 21.61 131.83 1.81
CA PHE D 95 21.02 132.55 0.67
C PHE D 95 22.06 133.21 -0.21
N PRO D 96 23.06 133.95 0.31
CA PRO D 96 24.07 134.52 -0.61
C PRO D 96 24.87 133.46 -1.35
N GLY D 97 25.14 132.31 -0.73
CA GLY D 97 25.91 131.28 -1.41
C GLY D 97 25.11 130.51 -2.44
N ALA D 98 23.81 130.36 -2.23
CA ALA D 98 22.95 129.62 -3.15
C ALA D 98 22.51 130.45 -4.34
N THR D 99 22.85 131.75 -4.37
CA THR D 99 22.50 132.62 -5.49
C THR D 99 23.73 133.22 -6.15
N SER D 100 24.91 132.65 -5.89
CA SER D 100 26.14 133.16 -6.44
C SER D 100 26.45 132.48 -7.78
N SER D 101 27.56 132.87 -8.39
CA SER D 101 28.00 132.21 -9.62
C SER D 101 28.39 130.76 -9.39
N VAL D 102 28.67 130.38 -8.14
CA VAL D 102 29.00 128.99 -7.83
C VAL D 102 27.83 128.07 -8.17
N THR D 103 26.62 128.48 -7.80
CA THR D 103 25.44 127.68 -8.11
C THR D 103 25.23 127.58 -9.61
N LEU D 104 25.40 128.68 -10.33
CA LEU D 104 25.23 128.68 -11.78
C LEU D 104 26.23 127.75 -12.45
N ASP D 105 27.50 127.82 -12.03
CA ASP D 105 28.52 126.96 -12.62
C ASP D 105 28.27 125.50 -12.29
N LEU D 106 27.84 125.21 -11.05
CA LEU D 106 27.56 123.83 -10.69
C LEU D 106 26.39 123.28 -11.49
N ALA D 107 25.36 124.09 -11.71
CA ALA D 107 24.17 123.61 -12.42
C ALA D 107 24.44 123.43 -13.91
N THR D 108 25.09 124.40 -14.56
CA THR D 108 25.21 124.40 -16.00
C THR D 108 26.52 123.84 -16.52
N LYS D 109 27.52 123.63 -15.66
CA LYS D 109 28.80 123.11 -16.08
C LYS D 109 29.32 121.99 -15.20
N GLY D 110 28.67 121.71 -14.07
CA GLY D 110 29.15 120.72 -13.14
C GLY D 110 30.45 121.08 -12.46
N VAL D 111 30.66 122.35 -12.14
CA VAL D 111 31.90 122.80 -11.53
C VAL D 111 31.78 122.66 -10.02
N ILE D 112 32.68 121.85 -9.43
CA ILE D 112 32.71 121.62 -7.98
C ILE D 112 33.96 122.20 -7.34
N HIS D 113 34.85 122.81 -8.11
CA HIS D 113 36.05 123.46 -7.59
C HIS D 113 35.90 124.97 -7.79
N LEU D 114 35.73 125.73 -6.70
CA LEU D 114 35.57 127.18 -6.80
C LEU D 114 36.92 127.86 -6.58
N SER D 115 37.88 127.50 -7.42
CA SER D 115 39.18 128.16 -7.39
C SER D 115 39.08 129.56 -8.01
N ASP D 116 39.90 130.48 -7.50
CA ASP D 116 40.81 130.33 -6.38
C ASP D 116 40.76 131.54 -5.47
N ALA D 117 40.14 132.61 -5.97
CA ALA D 117 40.07 133.88 -5.24
C ALA D 117 39.28 133.73 -3.94
N LEU E 1 39.36 131.82 -1.36
CA LEU E 1 38.36 130.76 -1.51
C LEU E 1 37.11 131.10 -0.72
N SER E 2 36.04 131.48 -1.42
CA SER E 2 34.81 131.90 -0.76
C SER E 2 33.61 131.36 -1.52
N ILE E 3 32.55 131.08 -0.78
CA ILE E 3 31.25 130.72 -1.33
C ILE E 3 30.25 131.74 -0.79
N GLY E 4 29.71 132.58 -1.68
CA GLY E 4 28.88 133.68 -1.24
C GLY E 4 29.67 134.66 -0.41
N THR E 5 29.20 134.93 0.80
CA THR E 5 29.91 135.78 1.75
C THR E 5 30.77 134.99 2.72
N LYS E 6 30.75 133.67 2.64
CA LYS E 6 31.50 132.82 3.56
C LYS E 6 32.80 132.38 2.93
N ASN E 7 33.92 132.67 3.61
CA ASN E 7 35.20 132.11 3.22
C ASN E 7 35.29 130.66 3.70
N VAL E 8 35.71 129.78 2.81
CA VAL E 8 35.80 128.35 3.10
C VAL E 8 37.17 127.85 2.68
N SER E 9 37.47 126.62 3.10
CA SER E 9 38.69 125.93 2.71
C SER E 9 38.34 124.50 2.32
N ILE E 10 39.18 123.91 1.47
CA ILE E 10 38.95 122.54 1.04
C ILE E 10 39.10 121.61 2.23
N TYR E 11 38.07 120.81 2.49
CA TYR E 11 38.06 119.86 3.59
C TYR E 11 38.15 118.42 3.12
N ARG E 12 37.37 118.05 2.11
CA ARG E 12 37.46 116.73 1.52
C ARG E 12 37.26 116.85 0.02
N ASN E 13 37.92 115.96 -0.73
CA ASN E 13 37.98 116.07 -2.19
C ASN E 13 37.88 114.66 -2.78
N THR E 14 36.72 114.35 -3.35
CA THR E 14 36.53 113.13 -4.14
C THR E 14 36.33 113.50 -5.61
N ALA E 15 36.06 112.50 -6.43
CA ALA E 15 35.96 112.71 -7.87
C ALA E 15 34.78 113.62 -8.21
N ASP E 16 33.62 113.38 -7.61
CA ASP E 16 32.40 114.11 -7.95
C ASP E 16 31.86 114.94 -6.80
N GLU E 17 32.54 114.97 -5.66
CA GLU E 17 32.09 115.77 -4.52
C GLU E 17 33.29 116.44 -3.87
N VAL E 18 33.14 117.73 -3.58
CA VAL E 18 34.12 118.48 -2.80
C VAL E 18 33.40 119.10 -1.62
N ILE E 19 33.86 118.79 -0.42
CA ILE E 19 33.31 119.34 0.82
C ILE E 19 34.25 120.43 1.30
N TYR E 20 33.72 121.65 1.46
CA TYR E 20 34.44 122.78 2.00
C TYR E 20 33.96 123.06 3.41
N ALA E 21 34.87 123.53 4.25
CA ALA E 21 34.59 123.78 5.67
C ALA E 21 34.64 125.28 5.94
N GLY E 22 33.67 125.77 6.70
CA GLY E 22 33.66 127.14 7.13
C GLY E 22 34.67 127.36 8.24
N PRO E 23 34.87 128.62 8.63
CA PRO E 23 35.87 128.91 9.68
C PRO E 23 35.55 128.23 11.00
N ALA E 24 34.27 128.05 11.33
CA ALA E 24 33.87 127.45 12.60
C ALA E 24 33.92 125.93 12.60
N HIS E 25 34.01 125.31 11.43
CA HIS E 25 33.94 123.85 11.35
C HIS E 25 35.08 123.22 12.15
N ASP E 26 34.74 122.19 12.92
CA ASP E 26 35.70 121.48 13.75
C ASP E 26 35.18 120.06 13.96
N VAL E 27 35.81 119.35 14.90
CA VAL E 27 35.46 117.96 15.16
C VAL E 27 34.10 117.79 15.81
N THR E 28 33.56 118.84 16.43
CA THR E 28 32.24 118.77 17.06
C THR E 28 31.23 119.77 16.50
N ASN E 29 31.68 120.81 15.80
CA ASN E 29 30.78 121.76 15.17
C ASN E 29 30.84 121.55 13.66
N VAL E 30 29.69 121.29 13.06
CA VAL E 30 29.60 121.07 11.62
C VAL E 30 29.24 122.39 10.96
N ASP E 31 30.09 122.84 10.03
CA ASP E 31 29.80 124.00 9.18
C ASP E 31 30.41 123.67 7.81
N THR E 32 29.60 123.07 6.94
CA THR E 32 30.12 122.55 5.68
C THR E 32 29.25 122.96 4.50
N VAL E 33 29.91 123.17 3.37
CA VAL E 33 29.26 123.37 2.08
C VAL E 33 29.81 122.32 1.12
N SER E 34 28.96 121.41 0.68
CA SER E 34 29.34 120.37 -0.26
C SER E 34 28.86 120.72 -1.65
N LEU E 35 29.74 120.54 -2.63
CA LEU E 35 29.38 120.60 -4.04
C LEU E 35 29.49 119.19 -4.61
N ARG E 36 28.37 118.61 -4.99
CA ARG E 36 28.32 117.28 -5.56
C ARG E 36 27.73 117.35 -6.96
N ARG E 37 28.21 116.47 -7.83
CA ARG E 37 27.67 116.42 -9.18
C ARG E 37 27.45 114.97 -9.59
N SER E 38 26.44 114.78 -10.42
CA SER E 38 26.19 113.53 -11.12
C SER E 38 26.25 113.83 -12.60
N LEU E 39 27.27 113.31 -13.27
CA LEU E 39 27.52 113.59 -14.68
C LEU E 39 26.48 112.90 -15.55
N PRO E 40 26.15 113.48 -16.70
CA PRO E 40 25.15 112.87 -17.59
C PRO E 40 25.63 111.52 -18.10
N VAL E 41 24.78 110.52 -17.90
CA VAL E 41 25.03 109.17 -18.43
C VAL E 41 24.18 109.02 -19.68
N LYS E 42 24.84 108.91 -20.83
CA LYS E 42 24.15 108.85 -22.12
C LYS E 42 23.66 107.43 -22.32
N LYS E 43 22.37 107.21 -22.07
CA LYS E 43 21.76 105.90 -22.16
C LYS E 43 20.63 105.93 -23.18
N GLY E 44 20.58 104.92 -24.03
CA GLY E 44 19.57 104.90 -25.09
C GLY E 44 19.74 106.09 -26.01
N SER E 45 18.61 106.63 -26.46
CA SER E 45 18.62 107.86 -27.24
C SER E 45 18.68 109.11 -26.35
N ASP E 46 18.48 108.96 -25.06
CA ASP E 46 18.55 110.09 -24.14
C ASP E 46 20.01 110.38 -23.78
N ASN E 47 20.39 111.65 -23.87
CA ASN E 47 21.76 112.05 -23.60
C ASN E 47 22.06 112.21 -22.13
N GLY E 48 21.07 112.05 -21.26
CA GLY E 48 21.29 112.12 -19.83
C GLY E 48 21.03 113.50 -19.26
N THR E 49 21.32 113.63 -17.98
CA THR E 49 21.04 114.86 -17.24
C THR E 49 22.18 115.15 -16.28
N MET E 50 22.65 116.39 -16.28
CA MET E 50 23.58 116.87 -15.28
C MET E 50 22.82 117.19 -13.99
N ARG E 51 23.24 116.58 -12.88
CA ARG E 51 22.67 116.88 -11.58
C ARG E 51 23.70 117.62 -10.74
N GLY E 52 23.33 118.78 -10.22
CA GLY E 52 24.22 119.54 -9.37
C GLY E 52 23.61 119.80 -8.01
N ASN E 53 24.28 119.38 -6.94
CA ASN E 53 23.76 119.50 -5.59
C ASN E 53 24.68 120.38 -4.76
N MET E 54 24.10 121.35 -4.08
CA MET E 54 24.80 122.24 -3.15
C MET E 54 24.21 122.00 -1.77
N ASN E 55 25.02 121.48 -0.86
CA ASN E 55 24.57 121.08 0.48
C ASN E 55 25.16 122.03 1.51
N PHE E 56 24.30 122.61 2.33
CA PHE E 56 24.72 123.43 3.47
C PHE E 56 24.36 122.67 4.74
N ALA E 57 25.36 122.37 5.56
CA ALA E 57 25.15 121.65 6.82
C ALA E 57 25.68 122.48 7.97
N LYS E 58 24.85 122.65 9.00
CA LYS E 58 25.23 123.45 10.16
C LYS E 58 24.72 122.79 11.44
N SER E 59 25.56 122.76 12.47
CA SER E 59 25.16 122.26 13.78
C SER E 59 24.44 123.35 14.56
N PHE E 60 23.39 122.96 15.27
CA PHE E 60 22.57 123.89 16.03
C PHE E 60 22.26 123.29 17.39
N PRO E 61 22.15 124.12 18.42
CA PRO E 61 21.71 123.61 19.74
C PRO E 61 20.24 123.22 19.70
N ASN E 62 19.97 121.95 20.02
CA ASN E 62 18.62 121.43 20.12
C ASN E 62 18.47 120.93 21.55
N GLY E 63 17.84 121.75 22.39
CA GLY E 63 17.73 121.44 23.81
C GLY E 63 19.09 121.25 24.43
N ASP E 64 19.38 120.00 24.84
CA ASP E 64 20.68 119.68 25.39
C ASP E 64 21.66 119.19 24.35
N LYS E 65 21.18 118.58 23.27
CA LYS E 65 22.05 117.98 22.27
C LYS E 65 22.24 118.93 21.09
N LYS E 66 22.83 118.42 20.01
CA LYS E 66 23.03 119.18 18.80
C LYS E 66 22.35 118.50 17.63
N SER E 67 21.71 119.30 16.79
CA SER E 67 21.01 118.82 15.61
C SER E 67 21.65 119.39 14.35
N LEU E 68 21.55 118.65 13.26
CA LEU E 68 22.12 119.06 11.98
C LEU E 68 21.03 119.65 11.11
N VAL E 69 21.14 120.93 10.78
CA VAL E 69 20.26 121.59 9.83
C VAL E 69 20.91 121.55 8.47
N VAL E 70 20.17 121.06 7.47
CA VAL E 70 20.68 120.85 6.12
C VAL E 70 19.78 121.56 5.13
N VAL E 71 20.40 122.29 4.21
CA VAL E 71 19.71 122.94 3.10
C VAL E 71 20.32 122.43 1.80
N ASN E 72 19.49 121.86 0.94
CA ASN E 72 19.95 121.32 -0.33
C ASN E 72 19.41 122.16 -1.48
N LEU E 73 20.28 122.48 -2.43
CA LEU E 73 19.90 123.14 -3.67
C LEU E 73 20.33 122.24 -4.82
N THR E 74 19.37 121.63 -5.50
CA THR E 74 19.64 120.65 -6.55
C THR E 74 19.08 121.15 -7.88
N ALA E 75 19.88 121.06 -8.92
CA ALA E 75 19.48 121.42 -10.27
C ALA E 75 19.65 120.21 -11.19
N HIS E 76 18.65 120.00 -12.04
CA HIS E 76 18.64 118.92 -13.03
C HIS E 76 18.56 119.54 -14.41
N VAL E 77 19.66 119.55 -15.14
CA VAL E 77 19.74 120.16 -16.46
C VAL E 77 19.93 119.07 -17.49
N PRO E 78 18.97 118.84 -18.38
CA PRO E 78 19.17 117.83 -19.43
C PRO E 78 20.21 118.28 -20.45
N VAL E 79 20.93 117.31 -21.00
CA VAL E 79 21.92 117.61 -22.03
C VAL E 79 21.22 118.06 -23.31
N GLY E 80 21.76 119.10 -23.93
CA GLY E 80 21.22 119.66 -25.15
C GLY E 80 20.54 121.00 -24.96
N VAL E 81 20.30 121.41 -23.73
CA VAL E 81 19.68 122.69 -23.44
C VAL E 81 20.75 123.78 -23.46
N ASP E 82 20.36 124.97 -23.89
CA ASP E 82 21.27 126.10 -23.90
C ASP E 82 21.59 126.54 -22.47
N ALA E 83 22.88 126.56 -22.13
CA ALA E 83 23.29 126.86 -20.77
C ALA E 83 23.05 128.32 -20.41
N THR E 84 23.22 129.22 -21.38
CA THR E 84 22.99 130.64 -21.11
C THR E 84 21.53 130.92 -20.75
N ALA E 85 20.60 130.28 -21.47
CA ALA E 85 19.18 130.45 -21.16
C ALA E 85 18.86 129.94 -19.77
N VAL E 86 19.42 128.79 -19.39
CA VAL E 86 19.18 128.24 -18.05
C VAL E 86 19.76 129.17 -16.99
N ARG E 87 20.96 129.71 -17.23
CA ARG E 87 21.56 130.62 -16.28
C ARG E 87 20.72 131.88 -16.12
N THR E 88 20.21 132.43 -17.22
CA THR E 88 19.37 133.61 -17.16
C THR E 88 18.07 133.33 -16.39
N TRP E 89 17.46 132.18 -16.66
CA TRP E 89 16.24 131.81 -15.94
C TRP E 89 16.51 131.65 -14.45
N MET E 90 17.62 131.00 -14.09
CA MET E 90 17.95 130.80 -12.68
C MET E 90 18.23 132.13 -11.99
N THR E 91 18.91 133.05 -12.67
CA THR E 91 19.23 134.34 -12.06
C THR E 91 17.98 135.20 -11.89
N SER E 92 17.13 135.26 -12.91
CA SER E 92 15.99 136.17 -12.89
C SER E 92 14.77 135.63 -12.18
N GLU E 93 14.60 134.31 -12.12
CA GLU E 93 13.34 133.73 -11.65
C GLU E 93 13.51 132.76 -10.49
N VAL E 94 14.56 131.95 -10.48
CA VAL E 94 14.73 130.98 -9.42
C VAL E 94 15.33 131.62 -8.17
N PHE E 95 16.40 132.39 -8.35
CA PHE E 95 17.10 132.97 -7.21
C PHE E 95 16.25 133.93 -6.39
N PRO E 96 15.53 134.90 -6.98
CA PRO E 96 14.71 135.78 -6.14
C PRO E 96 13.64 135.06 -5.34
N GLY E 97 13.03 134.02 -5.90
CA GLY E 97 12.01 133.29 -5.18
C GLY E 97 12.55 132.31 -4.16
N ALA E 98 13.75 131.78 -4.39
CA ALA E 98 14.34 130.83 -3.46
C ALA E 98 14.87 131.50 -2.20
N THR E 99 15.23 132.78 -2.27
CA THR E 99 15.74 133.52 -1.12
C THR E 99 14.73 134.53 -0.60
N SER E 100 13.45 134.19 -0.66
CA SER E 100 12.39 135.08 -0.21
C SER E 100 11.91 134.65 1.18
N SER E 101 10.94 135.40 1.71
CA SER E 101 10.30 135.00 2.95
C SER E 101 9.50 133.72 2.80
N VAL E 102 9.16 133.34 1.56
CA VAL E 102 8.44 132.10 1.32
C VAL E 102 9.28 130.91 1.76
N THR E 103 10.58 130.93 1.45
CA THR E 103 11.46 129.83 1.86
C THR E 103 11.54 129.71 3.38
N LEU E 104 11.69 130.84 4.07
CA LEU E 104 11.78 130.82 5.53
C LEU E 104 10.48 130.35 6.15
N ASP E 105 9.34 130.82 5.63
CA ASP E 105 8.05 130.40 6.17
C ASP E 105 7.80 128.92 5.93
N LEU E 106 8.19 128.42 4.76
CA LEU E 106 8.05 126.98 4.50
C LEU E 106 8.96 126.18 5.42
N ALA E 107 10.17 126.67 5.67
CA ALA E 107 11.11 125.92 6.51
C ALA E 107 10.64 125.86 7.96
N THR E 108 10.25 127.00 8.53
CA THR E 108 10.01 127.09 9.97
C THR E 108 8.54 127.02 10.36
N LYS E 109 7.61 127.03 9.40
CA LYS E 109 6.19 126.98 9.73
C LYS E 109 5.40 126.00 8.88
N GLY E 110 5.97 125.42 7.84
CA GLY E 110 5.21 124.56 6.95
C GLY E 110 4.15 125.29 6.15
N VAL E 111 4.41 126.53 5.77
CA VAL E 111 3.45 127.31 5.00
C VAL E 111 3.62 126.99 3.52
N ILE E 112 2.58 126.43 2.91
CA ILE E 112 2.58 126.14 1.48
C ILE E 112 1.54 126.94 0.72
N HIS E 113 0.61 127.58 1.41
CA HIS E 113 -0.41 128.41 0.78
C HIS E 113 0.03 129.87 0.86
N LEU E 114 0.25 130.47 -0.31
CA LEU E 114 0.75 131.84 -0.39
C LEU E 114 -0.38 132.83 -0.22
N SER E 115 -0.03 134.02 0.26
CA SER E 115 -0.99 135.10 0.47
C SER E 115 -0.25 136.44 0.47
N ASP E 116 -0.95 137.48 0.04
CA ASP E 116 -2.27 137.48 -0.59
C ASP E 116 -2.31 138.46 -1.75
N ALA E 117 -1.32 139.35 -1.80
CA ALA E 117 -1.28 140.39 -2.81
C ALA E 117 -0.18 140.14 -3.84
N LEU F 1 69.96 114.15 32.20
CA LEU F 1 69.15 113.48 31.19
C LEU F 1 68.13 114.44 30.61
N SER F 2 68.33 114.82 29.35
CA SER F 2 67.45 115.75 28.67
C SER F 2 67.07 115.21 27.29
N ILE F 3 65.81 115.37 26.94
CA ILE F 3 65.32 115.11 25.58
C ILE F 3 64.73 116.42 25.09
N GLY F 4 65.53 117.21 24.39
CA GLY F 4 65.15 118.55 24.01
C GLY F 4 65.38 119.53 25.14
N THR F 5 64.32 120.18 25.62
CA THR F 5 64.38 121.03 26.79
C THR F 5 63.77 120.38 28.03
N LYS F 6 63.38 119.11 27.92
CA LYS F 6 62.69 118.42 29.00
C LYS F 6 63.69 117.58 29.79
N ASN F 7 63.63 117.70 31.11
CA ASN F 7 64.44 116.88 32.01
C ASN F 7 63.66 115.62 32.36
N VAL F 8 64.19 114.47 31.97
CA VAL F 8 63.53 113.19 32.16
C VAL F 8 64.43 112.28 32.98
N SER F 9 63.81 111.21 33.50
CA SER F 9 64.53 110.18 34.23
C SER F 9 64.10 108.82 33.70
N ILE F 10 65.00 107.84 33.84
CA ILE F 10 64.69 106.49 33.39
C ILE F 10 63.53 105.94 34.21
N TYR F 11 62.49 105.50 33.52
CA TYR F 11 61.30 104.93 34.14
C TYR F 11 61.15 103.45 33.87
N ARG F 12 61.40 103.00 32.64
CA ARG F 12 61.36 101.58 32.34
C ARG F 12 62.49 101.27 31.36
N ASN F 13 63.18 100.16 31.60
CA ASN F 13 64.36 99.81 30.82
C ASN F 13 64.24 98.36 30.36
N THR F 14 64.00 98.16 29.07
CA THR F 14 63.92 96.83 28.46
C THR F 14 64.99 96.72 27.38
N ALA F 15 65.00 95.55 26.71
CA ALA F 15 66.05 95.27 25.73
C ALA F 15 66.02 96.25 24.57
N ASP F 16 64.83 96.57 24.06
CA ASP F 16 64.71 97.37 22.85
C ASP F 16 63.84 98.60 23.06
N GLU F 17 63.54 98.96 24.30
CA GLU F 17 62.70 100.12 24.58
C GLU F 17 63.06 100.68 25.95
N VAL F 18 63.26 101.99 26.00
CA VAL F 18 63.48 102.70 27.25
C VAL F 18 62.45 103.82 27.34
N ILE F 19 61.65 103.79 28.40
CA ILE F 19 60.65 104.82 28.66
C ILE F 19 61.21 105.76 29.72
N TYR F 20 61.28 107.05 29.38
CA TYR F 20 61.67 108.10 30.30
C TYR F 20 60.43 108.90 30.70
N ALA F 21 60.39 109.32 31.96
CA ALA F 21 59.26 110.02 32.52
C ALA F 21 59.60 111.49 32.74
N GLY F 22 58.68 112.36 32.38
CA GLY F 22 58.85 113.78 32.59
C GLY F 22 58.51 114.18 34.00
N PRO F 23 58.61 115.48 34.30
CA PRO F 23 58.32 115.94 35.67
C PRO F 23 56.90 115.67 36.12
N ALA F 24 55.94 115.68 35.20
CA ALA F 24 54.53 115.55 35.54
C ALA F 24 54.02 114.11 35.44
N HIS F 25 54.92 113.14 35.30
CA HIS F 25 54.52 111.75 35.23
C HIS F 25 54.38 111.15 36.61
N ASP F 26 53.31 110.39 36.81
CA ASP F 26 53.04 109.73 38.09
C ASP F 26 52.09 108.55 37.82
N VAL F 27 51.49 108.03 38.89
CA VAL F 27 50.60 106.87 38.75
C VAL F 27 49.34 107.21 37.97
N THR F 28 48.77 108.40 38.14
CA THR F 28 47.51 108.76 37.49
C THR F 28 47.67 109.63 36.26
N ASN F 29 48.83 110.23 36.03
CA ASN F 29 49.05 111.08 34.87
C ASN F 29 50.21 110.54 34.03
N VAL F 30 50.12 110.75 32.72
CA VAL F 30 51.11 110.24 31.78
C VAL F 30 51.88 111.43 31.20
N ASP F 31 53.20 111.38 31.36
CA ASP F 31 54.12 112.33 30.72
C ASP F 31 55.38 111.53 30.40
N THR F 32 55.42 110.94 29.20
CA THR F 32 56.48 109.99 28.89
C THR F 32 57.04 110.22 27.49
N VAL F 33 58.33 109.93 27.35
CA VAL F 33 59.00 109.82 26.06
C VAL F 33 59.65 108.46 25.99
N SER F 34 59.27 107.66 25.02
CA SER F 34 59.77 106.29 24.86
C SER F 34 60.64 106.20 23.62
N LEU F 35 61.85 105.67 23.79
CA LEU F 35 62.72 105.37 22.68
C LEU F 35 62.66 103.87 22.41
N ARG F 36 62.36 103.51 21.17
CA ARG F 36 62.21 102.12 20.77
C ARG F 36 63.04 101.87 19.51
N ARG F 37 63.50 100.64 19.36
CA ARG F 37 64.35 100.31 18.22
C ARG F 37 64.05 98.90 17.74
N SER F 38 64.24 98.71 16.44
CA SER F 38 64.23 97.40 15.81
C SER F 38 65.52 97.28 15.01
N LEU F 39 66.43 96.44 15.50
CA LEU F 39 67.75 96.30 14.90
C LEU F 39 67.66 95.49 13.61
N PRO F 40 68.59 95.73 12.69
CA PRO F 40 68.56 95.01 11.41
C PRO F 40 68.70 93.51 11.60
N VAL F 41 67.98 92.76 10.78
CA VAL F 41 68.06 91.30 10.75
C VAL F 41 68.57 90.91 9.38
N LYS F 42 69.70 90.20 9.34
CA LYS F 42 70.34 89.83 8.08
C LYS F 42 69.57 88.65 7.46
N LYS F 43 68.45 88.99 6.85
CA LYS F 43 67.60 88.01 6.18
C LYS F 43 68.08 87.80 4.75
N GLY F 44 68.59 86.61 4.46
CA GLY F 44 69.05 86.32 3.11
C GLY F 44 70.16 87.26 2.69
N SER F 45 70.00 87.85 1.51
CA SER F 45 70.98 88.82 1.00
C SER F 45 70.72 90.23 1.49
N ASP F 46 69.50 90.53 1.93
CA ASP F 46 69.20 91.85 2.47
C ASP F 46 69.86 92.01 3.84
N ASN F 47 70.55 93.13 4.04
CA ASN F 47 71.20 93.40 5.31
C ASN F 47 70.22 93.88 6.38
N GLY F 48 68.97 94.14 6.03
CA GLY F 48 67.99 94.55 7.00
C GLY F 48 67.75 96.04 7.01
N THR F 49 66.91 96.46 7.96
CA THR F 49 66.55 97.85 8.13
C THR F 49 66.61 98.20 9.61
N MET F 50 67.16 99.36 9.92
CA MET F 50 67.16 99.89 11.27
C MET F 50 65.92 100.75 11.45
N ARG F 51 65.08 100.41 12.44
CA ARG F 51 63.87 101.15 12.72
C ARG F 51 64.01 101.86 14.06
N GLY F 52 63.78 103.16 14.07
CA GLY F 52 63.81 103.95 15.29
C GLY F 52 62.45 104.58 15.54
N ASN F 53 62.02 104.58 16.79
CA ASN F 53 60.73 105.13 17.16
C ASN F 53 60.88 106.02 18.39
N MET F 54 60.37 107.24 18.29
CA MET F 54 60.26 108.15 19.42
C MET F 54 58.78 108.41 19.69
N ASN F 55 58.34 108.08 20.89
CA ASN F 55 56.94 108.18 21.28
C ASN F 55 56.79 109.22 22.36
N PHE F 56 55.88 110.16 22.17
CA PHE F 56 55.55 111.18 23.16
C PHE F 56 54.12 110.94 23.61
N ALA F 57 53.92 110.80 24.93
CA ALA F 57 52.59 110.55 25.47
C ALA F 57 52.31 111.52 26.60
N LYS F 58 51.16 112.18 26.54
CA LYS F 58 50.74 113.07 27.60
C LYS F 58 49.26 112.90 27.89
N SER F 59 48.88 113.12 29.14
CA SER F 59 47.48 113.12 29.54
C SER F 59 46.93 114.54 29.50
N PHE F 60 45.68 114.65 29.05
CA PHE F 60 45.01 115.93 28.87
C PHE F 60 43.59 115.85 29.40
N PRO F 61 43.06 116.94 29.94
CA PRO F 61 41.65 116.95 30.35
C PRO F 61 40.74 116.81 29.14
N ASN F 62 39.85 115.81 29.19
CA ASN F 62 38.87 115.55 28.14
C ASN F 62 37.51 115.51 28.83
N GLY F 63 36.85 116.66 28.92
CA GLY F 63 35.58 116.77 29.60
C GLY F 63 35.70 116.35 31.06
N ASP F 64 35.15 115.19 31.38
CA ASP F 64 35.24 114.67 32.74
C ASP F 64 36.50 113.83 32.94
N LYS F 65 36.92 113.10 31.91
CA LYS F 65 38.00 112.13 32.05
C LYS F 65 39.33 112.73 31.59
N LYS F 66 40.35 111.89 31.47
CA LYS F 66 41.65 112.29 30.95
C LYS F 66 41.97 111.43 29.74
N SER F 67 42.30 112.06 28.62
CA SER F 67 42.61 111.38 27.38
C SER F 67 44.09 111.48 27.06
N LEU F 68 44.60 110.48 26.35
CA LEU F 68 46.02 110.38 26.06
C LEU F 68 46.29 110.89 24.64
N VAL F 69 47.17 111.88 24.53
CA VAL F 69 47.65 112.38 23.24
C VAL F 69 49.04 111.81 23.01
N VAL F 70 49.23 111.20 21.83
CA VAL F 70 50.45 110.51 21.49
C VAL F 70 50.97 111.04 20.15
N VAL F 71 52.24 111.40 20.12
CA VAL F 71 52.94 111.81 18.90
C VAL F 71 54.04 110.80 18.63
N ASN F 72 54.01 110.18 17.46
CA ASN F 72 55.02 109.21 17.08
C ASN F 72 55.95 109.78 16.03
N LEU F 73 57.20 109.33 16.06
CA LEU F 73 58.20 109.70 15.07
C LEU F 73 59.00 108.45 14.76
N THR F 74 58.78 107.85 13.59
CA THR F 74 59.42 106.61 13.22
C THR F 74 60.27 106.81 11.97
N ALA F 75 61.51 106.33 12.04
CA ALA F 75 62.45 106.39 10.93
C ALA F 75 62.85 104.98 10.53
N HIS F 76 62.89 104.73 9.22
CA HIS F 76 63.32 103.47 8.65
C HIS F 76 64.55 103.73 7.79
N VAL F 77 65.69 103.17 8.18
CA VAL F 77 66.93 103.38 7.43
C VAL F 77 67.47 102.03 6.98
N PRO F 78 67.47 101.74 5.68
CA PRO F 78 68.06 100.48 5.20
C PRO F 78 69.56 100.43 5.46
N VAL F 79 70.06 99.23 5.74
CA VAL F 79 71.48 99.05 6.02
C VAL F 79 72.26 99.20 4.72
N GLY F 80 73.35 99.98 4.79
CA GLY F 80 74.19 100.27 3.64
C GLY F 80 74.09 101.73 3.19
N VAL F 81 72.94 102.36 3.41
CA VAL F 81 72.80 103.77 3.09
C VAL F 81 73.72 104.59 3.98
N ASP F 82 74.39 105.57 3.39
CA ASP F 82 75.32 106.40 4.14
C ASP F 82 74.57 107.16 5.23
N ALA F 83 75.11 107.10 6.45
CA ALA F 83 74.41 107.69 7.59
C ALA F 83 74.46 109.21 7.54
N THR F 84 75.58 109.78 7.09
CA THR F 84 75.72 111.23 7.07
C THR F 84 74.71 111.87 6.13
N ALA F 85 74.47 111.25 4.97
CA ALA F 85 73.47 111.77 4.04
C ALA F 85 72.08 111.75 4.65
N VAL F 86 71.72 110.67 5.34
CA VAL F 86 70.42 110.60 6.00
C VAL F 86 70.31 111.67 7.07
N ARG F 87 71.39 111.87 7.84
CA ARG F 87 71.34 112.84 8.93
C ARG F 87 71.21 114.27 8.41
N THR F 88 71.93 114.61 7.34
CA THR F 88 71.78 115.96 6.79
C THR F 88 70.43 116.13 6.11
N TRP F 89 69.89 115.07 5.50
CA TRP F 89 68.55 115.13 4.94
C TRP F 89 67.52 115.39 6.03
N MET F 90 67.66 114.72 7.18
CA MET F 90 66.73 114.93 8.29
C MET F 90 66.87 116.33 8.85
N THR F 91 68.11 116.79 9.05
CA THR F 91 68.33 118.09 9.66
C THR F 91 67.84 119.23 8.77
N SER F 92 68.05 119.11 7.46
CA SER F 92 67.73 120.20 6.54
C SER F 92 66.34 120.07 5.91
N GLU F 93 65.88 118.86 5.64
CA GLU F 93 64.66 118.65 4.85
C GLU F 93 63.50 118.10 5.67
N VAL F 94 63.75 117.26 6.66
CA VAL F 94 62.66 116.61 7.38
C VAL F 94 62.26 117.42 8.61
N PHE F 95 63.25 117.79 9.43
CA PHE F 95 62.99 118.47 10.70
C PHE F 95 62.31 119.83 10.52
N PRO F 96 62.77 120.72 9.64
CA PRO F 96 62.07 122.01 9.50
C PRO F 96 60.63 121.87 9.06
N GLY F 97 60.31 120.90 8.21
CA GLY F 97 58.93 120.72 7.79
C GLY F 97 58.09 119.95 8.79
N ALA F 98 58.73 119.17 9.65
CA ALA F 98 58.01 118.37 10.63
C ALA F 98 57.62 119.16 11.88
N THR F 99 58.15 120.37 12.04
CA THR F 99 57.86 121.19 13.21
C THR F 99 57.16 122.50 12.84
N SER F 100 56.62 122.58 11.63
CA SER F 100 55.98 123.79 11.15
C SER F 100 54.52 123.81 11.59
N SER F 101 53.78 124.84 11.16
CA SER F 101 52.35 124.90 11.45
C SER F 101 51.56 123.83 10.71
N VAL F 102 52.14 123.25 9.65
CA VAL F 102 51.47 122.19 8.91
C VAL F 102 51.21 120.99 9.83
N THR F 103 52.21 120.63 10.64
CA THR F 103 52.03 119.52 11.57
C THR F 103 50.93 119.82 12.59
N LEU F 104 50.90 121.06 13.09
CA LEU F 104 49.88 121.42 14.07
C LEU F 104 48.48 121.35 13.47
N ASP F 105 48.31 121.89 12.26
CA ASP F 105 47.00 121.83 11.61
C ASP F 105 46.60 120.40 11.29
N LEU F 106 47.55 119.57 10.85
CA LEU F 106 47.25 118.18 10.56
C LEU F 106 46.86 117.41 11.82
N ALA F 107 47.53 117.69 12.94
CA ALA F 107 47.23 116.98 14.18
C ALA F 107 45.91 117.42 14.79
N THR F 108 45.62 118.72 14.76
CA THR F 108 44.43 119.22 15.44
C THR F 108 43.19 119.29 14.55
N LYS F 109 43.37 119.52 13.24
CA LYS F 109 42.25 119.69 12.34
C LYS F 109 42.27 118.78 11.12
N GLY F 110 43.30 117.97 10.96
CA GLY F 110 43.37 117.08 9.81
C GLY F 110 43.52 117.76 8.47
N VAL F 111 44.26 118.88 8.43
CA VAL F 111 44.43 119.62 7.19
C VAL F 111 45.54 118.96 6.37
N ILE F 112 45.20 118.59 5.13
CA ILE F 112 46.16 117.95 4.23
C ILE F 112 46.44 118.77 2.99
N HIS F 113 45.80 119.94 2.84
CA HIS F 113 46.03 120.83 1.71
C HIS F 113 46.70 122.09 2.24
N LEU F 114 47.99 122.26 1.93
CA LEU F 114 48.76 123.41 2.43
C LEU F 114 48.84 124.49 1.35
N SER F 115 47.73 125.17 1.12
CA SER F 115 47.69 126.27 0.19
C SER F 115 48.08 127.57 0.88
N ASP F 116 48.74 128.46 0.13
CA ASP F 116 49.22 128.24 -1.23
C ASP F 116 50.67 128.72 -1.36
N ALA F 117 51.05 129.64 -0.49
CA ALA F 117 52.40 130.21 -0.52
C ALA F 117 53.42 129.21 0.01
N LEU G 1 -11.58 107.97 84.09
CA LEU G 1 -11.70 107.66 82.67
C LEU G 1 -12.98 108.26 82.09
N SER G 2 -12.82 109.08 81.05
CA SER G 2 -13.95 109.72 80.40
C SER G 2 -13.74 109.72 78.90
N ILE G 3 -14.85 109.66 78.17
CA ILE G 3 -14.87 109.75 76.71
C ILE G 3 -15.88 110.85 76.38
N GLY G 4 -15.39 112.06 76.12
CA GLY G 4 -16.27 113.19 76.01
C GLY G 4 -16.80 113.56 77.39
N THR G 5 -18.12 113.42 77.57
CA THR G 5 -18.76 113.71 78.85
C THR G 5 -19.22 112.45 79.57
N LYS G 6 -18.87 111.28 79.07
CA LYS G 6 -19.31 110.00 79.64
C LYS G 6 -18.17 109.32 80.39
N ASN G 7 -18.45 108.93 81.63
CA ASN G 7 -17.51 108.16 82.43
C ASN G 7 -17.55 106.71 82.01
N VAL G 8 -16.39 106.12 81.78
CA VAL G 8 -16.27 104.73 81.35
C VAL G 8 -15.26 104.02 82.24
N SER G 9 -15.22 102.71 82.10
CA SER G 9 -14.29 101.86 82.84
C SER G 9 -13.70 100.84 81.89
N ILE G 10 -12.46 100.43 82.17
CA ILE G 10 -11.84 99.33 81.43
C ILE G 10 -12.72 98.10 81.55
N TYR G 11 -13.07 97.51 80.39
CA TYR G 11 -13.89 96.31 80.34
C TYR G 11 -13.20 95.14 79.68
N ARG G 12 -12.63 95.34 78.49
CA ARG G 12 -11.91 94.28 77.81
C ARG G 12 -10.64 94.86 77.20
N ASN G 13 -9.53 94.13 77.34
CA ASN G 13 -8.23 94.60 76.86
C ASN G 13 -7.65 93.54 75.95
N THR G 14 -7.27 93.95 74.74
CA THR G 14 -6.50 93.10 73.83
C THR G 14 -5.29 93.85 73.34
N ALA G 15 -4.51 93.24 72.44
CA ALA G 15 -3.27 93.87 71.99
C ALA G 15 -3.55 95.15 71.22
N ASP G 16 -4.55 95.16 70.35
CA ASP G 16 -4.84 96.30 69.50
C ASP G 16 -6.26 96.84 69.67
N GLU G 17 -7.00 96.37 70.67
CA GLU G 17 -8.36 96.85 70.88
C GLU G 17 -8.66 96.90 72.36
N VAL G 18 -9.28 97.99 72.79
CA VAL G 18 -9.74 98.16 74.17
C VAL G 18 -11.22 98.54 74.16
N ILE G 19 -12.02 97.80 74.90
CA ILE G 19 -13.45 98.08 75.05
C ILE G 19 -13.68 98.63 76.44
N TYR G 20 -14.32 99.80 76.50
CA TYR G 20 -14.74 100.44 77.75
C TYR G 20 -16.26 100.35 77.87
N ALA G 21 -16.73 100.18 79.09
CA ALA G 21 -18.16 100.02 79.37
C ALA G 21 -18.71 101.28 79.99
N GLY G 22 -19.89 101.70 79.55
CA GLY G 22 -20.57 102.84 80.10
C GLY G 22 -21.31 102.49 81.38
N PRO G 23 -21.92 103.49 82.01
CA PRO G 23 -22.63 103.24 83.28
C PRO G 23 -23.82 102.31 83.14
N ALA G 24 -24.38 102.15 81.94
CA ALA G 24 -25.57 101.35 81.73
C ALA G 24 -25.27 99.96 81.18
N HIS G 25 -23.99 99.57 81.11
CA HIS G 25 -23.64 98.27 80.55
C HIS G 25 -23.78 97.18 81.61
N ASP G 26 -24.52 96.13 81.27
CA ASP G 26 -24.64 94.95 82.11
C ASP G 26 -24.90 93.76 81.21
N VAL G 27 -25.37 92.66 81.80
CA VAL G 27 -25.62 91.42 81.08
C VAL G 27 -26.77 91.61 80.08
N THR G 28 -27.67 92.55 80.36
CA THR G 28 -28.86 92.74 79.54
C THR G 28 -28.76 93.94 78.59
N ASN G 29 -28.05 94.99 78.97
CA ASN G 29 -28.01 96.22 78.17
C ASN G 29 -26.57 96.49 77.73
N VAL G 30 -26.41 96.87 76.47
CA VAL G 30 -25.09 97.20 75.92
C VAL G 30 -24.90 98.71 75.95
N ASP G 31 -23.76 99.14 76.49
CA ASP G 31 -23.35 100.54 76.44
C ASP G 31 -21.81 100.51 76.43
N THR G 32 -21.23 100.52 75.22
CA THR G 32 -19.80 100.32 75.11
C THR G 32 -19.18 101.28 74.11
N VAL G 33 -17.93 101.64 74.36
CA VAL G 33 -17.10 102.38 73.42
C VAL G 33 -15.79 101.62 73.25
N SER G 34 -15.46 101.29 72.00
CA SER G 34 -14.28 100.50 71.68
C SER G 34 -13.28 101.35 70.89
N LEU G 35 -12.01 101.23 71.25
CA LEU G 35 -10.92 101.87 70.54
C LEU G 35 -10.06 100.78 69.92
N ARG G 36 -9.91 100.81 68.61
CA ARG G 36 -9.15 99.80 67.88
C ARG G 36 -8.12 100.49 67.01
N ARG G 37 -6.95 99.86 66.87
CA ARG G 37 -5.89 100.39 66.03
C ARG G 37 -5.38 99.31 65.10
N SER G 38 -5.03 99.72 63.90
CA SER G 38 -4.33 98.91 62.91
C SER G 38 -3.05 99.68 62.60
N LEU G 39 -1.94 99.24 63.17
CA LEU G 39 -0.68 99.92 63.00
C LEU G 39 -0.15 99.70 61.57
N PRO G 40 0.57 100.67 61.03
CA PRO G 40 1.09 100.53 59.67
C PRO G 40 2.08 99.37 59.56
N VAL G 41 2.03 98.69 58.43
CA VAL G 41 3.01 97.68 58.06
C VAL G 41 3.75 98.22 56.84
N LYS G 42 5.06 98.41 56.98
CA LYS G 42 5.86 99.07 55.95
C LYS G 42 6.44 98.00 55.02
N LYS G 43 5.55 97.32 54.32
CA LYS G 43 5.92 96.31 53.35
C LYS G 43 6.50 96.97 52.10
N GLY G 44 7.47 96.29 51.49
CA GLY G 44 8.15 96.79 50.31
C GLY G 44 8.69 98.20 50.49
N SER G 45 8.17 99.13 49.68
CA SER G 45 8.54 100.54 49.80
C SER G 45 7.45 101.40 50.45
N ASP G 46 6.20 100.98 50.38
CA ASP G 46 5.11 101.74 51.00
C ASP G 46 5.19 101.63 52.52
N ASN G 47 5.05 102.76 53.19
CA ASN G 47 5.12 102.80 54.65
C ASN G 47 3.81 102.42 55.32
N GLY G 48 2.76 102.14 54.55
CA GLY G 48 1.51 101.68 55.10
C GLY G 48 0.63 102.80 55.62
N THR G 49 -0.49 102.38 56.20
CA THR G 49 -1.51 103.29 56.70
C THR G 49 -1.84 102.95 58.14
N MET G 50 -2.02 103.98 58.97
CA MET G 50 -2.49 103.79 60.33
C MET G 50 -4.01 103.94 60.34
N ARG G 51 -4.70 102.96 60.91
CA ARG G 51 -6.16 102.94 60.91
C ARG G 51 -6.66 103.02 62.35
N GLY G 52 -7.36 104.09 62.68
CA GLY G 52 -7.92 104.24 64.00
C GLY G 52 -9.43 104.16 64.00
N ASN G 53 -10.01 103.21 64.73
CA ASN G 53 -11.45 102.98 64.72
C ASN G 53 -12.03 103.24 66.10
N MET G 54 -13.12 103.99 66.14
CA MET G 54 -13.88 104.27 67.36
C MET G 54 -15.28 103.71 67.18
N ASN G 55 -15.70 102.86 68.11
CA ASN G 55 -16.96 102.14 68.02
C ASN G 55 -17.85 102.55 69.19
N PHE G 56 -19.10 102.91 68.89
CA PHE G 56 -20.10 103.20 69.91
C PHE G 56 -21.23 102.20 69.74
N ALA G 57 -21.55 101.47 70.80
CA ALA G 57 -22.58 100.43 70.74
C ALA G 57 -23.58 100.64 71.86
N LYS G 58 -24.86 100.62 71.51
CA LYS G 58 -25.91 100.82 72.49
C LYS G 58 -27.12 99.95 72.14
N SER G 59 -27.70 99.29 73.14
CA SER G 59 -28.91 98.53 72.93
C SER G 59 -30.13 99.43 73.05
N PHE G 60 -31.13 99.16 72.22
CA PHE G 60 -32.36 99.94 72.16
C PHE G 60 -33.55 99.00 72.11
N PRO G 61 -34.69 99.43 72.65
CA PRO G 61 -35.91 98.62 72.50
C PRO G 61 -36.35 98.55 71.05
N ASN G 62 -36.70 97.35 70.60
CA ASN G 62 -37.16 97.12 69.23
C ASN G 62 -38.33 96.13 69.34
N GLY G 63 -39.54 96.67 69.43
CA GLY G 63 -40.69 95.84 69.68
C GLY G 63 -40.53 95.13 71.01
N ASP G 64 -40.59 93.80 70.98
CA ASP G 64 -40.38 93.01 72.18
C ASP G 64 -38.91 92.69 72.44
N LYS G 65 -38.04 92.85 71.45
CA LYS G 65 -36.65 92.47 71.57
C LYS G 65 -35.78 93.70 71.77
N LYS G 66 -34.47 93.50 71.74
CA LYS G 66 -33.49 94.57 71.81
C LYS G 66 -32.63 94.55 70.55
N SER G 67 -32.29 95.72 70.05
CA SER G 67 -31.49 95.87 68.84
C SER G 67 -30.27 96.70 69.14
N LEU G 68 -29.13 96.32 68.54
CA LEU G 68 -27.87 97.02 68.75
C LEU G 68 -27.71 98.11 67.70
N VAL G 69 -27.52 99.34 68.15
CA VAL G 69 -27.17 100.46 67.28
C VAL G 69 -25.68 100.73 67.45
N VAL G 70 -24.96 100.76 66.32
CA VAL G 70 -23.51 100.89 66.31
C VAL G 70 -23.14 102.09 65.43
N VAL G 71 -22.26 102.93 65.95
CA VAL G 71 -21.72 104.07 65.22
C VAL G 71 -20.20 103.90 65.14
N ASN G 72 -19.67 103.95 63.92
CA ASN G 72 -18.25 103.75 63.67
C ASN G 72 -17.63 105.05 63.17
N LEU G 73 -16.44 105.37 63.69
CA LEU G 73 -15.67 106.52 63.23
C LEU G 73 -14.24 106.05 62.98
N THR G 74 -13.85 105.96 61.71
CA THR G 74 -12.57 105.41 61.32
C THR G 74 -11.74 106.44 60.58
N ALA G 75 -10.49 106.59 60.98
CA ALA G 75 -9.53 107.46 60.33
C ALA G 75 -8.44 106.62 59.68
N HIS G 76 -8.16 106.89 58.41
CA HIS G 76 -7.12 106.22 57.65
C HIS G 76 -6.05 107.25 57.31
N VAL G 77 -4.92 107.21 57.99
CA VAL G 77 -3.88 108.20 57.82
C VAL G 77 -2.65 107.51 57.22
N PRO G 78 -2.27 107.83 55.97
CA PRO G 78 -1.04 107.26 55.42
C PRO G 78 0.19 107.78 56.14
N VAL G 79 1.22 106.94 56.21
CA VAL G 79 2.44 107.29 56.93
C VAL G 79 3.24 108.31 56.14
N GLY G 80 3.70 109.36 56.82
CA GLY G 80 4.44 110.46 56.23
C GLY G 80 3.65 111.75 56.20
N VAL G 81 2.33 111.66 56.25
CA VAL G 81 1.50 112.85 56.32
C VAL G 81 1.68 113.52 57.67
N ASP G 82 1.80 114.85 57.66
CA ASP G 82 1.97 115.61 58.89
C ASP G 82 0.79 115.38 59.83
N ALA G 83 1.10 115.00 61.07
CA ALA G 83 0.05 114.75 62.06
C ALA G 83 -0.69 116.03 62.42
N THR G 84 0.04 117.14 62.55
CA THR G 84 -0.58 118.41 62.93
C THR G 84 -1.58 118.88 61.88
N ALA G 85 -1.21 118.77 60.60
CA ALA G 85 -2.12 119.17 59.53
C ALA G 85 -3.37 118.30 59.53
N VAL G 86 -3.21 117.00 59.73
CA VAL G 86 -4.35 116.09 59.78
C VAL G 86 -5.26 116.43 60.95
N ARG G 87 -4.67 116.72 62.12
CA ARG G 87 -5.48 117.07 63.28
C ARG G 87 -6.23 118.38 63.07
N THR G 88 -5.57 119.36 62.45
CA THR G 88 -6.25 120.62 62.15
C THR G 88 -7.40 120.41 61.17
N TRP G 89 -7.19 119.58 60.15
CA TRP G 89 -8.27 119.29 59.20
C TRP G 89 -9.43 118.58 59.88
N MET G 90 -9.13 117.61 60.74
CA MET G 90 -10.19 116.88 61.44
C MET G 90 -10.96 117.78 62.38
N THR G 91 -10.26 118.67 63.10
CA THR G 91 -10.93 119.56 64.05
C THR G 91 -11.77 120.62 63.34
N SER G 92 -11.26 121.19 62.25
CA SER G 92 -11.93 122.32 61.62
C SER G 92 -12.94 121.91 60.55
N GLU G 93 -12.76 120.76 59.92
CA GLU G 93 -13.62 120.36 58.80
C GLU G 93 -14.41 119.10 59.06
N VAL G 94 -13.79 118.06 59.62
CA VAL G 94 -14.48 116.78 59.79
C VAL G 94 -15.39 116.82 61.01
N PHE G 95 -14.88 117.31 62.14
CA PHE G 95 -15.64 117.27 63.38
C PHE G 95 -16.94 118.07 63.32
N PRO G 96 -16.95 119.33 62.86
CA PRO G 96 -18.23 120.05 62.77
C PRO G 96 -19.23 119.39 61.82
N GLY G 97 -18.77 118.78 60.72
CA GLY G 97 -19.68 118.16 59.80
C GLY G 97 -20.20 116.81 60.24
N ALA G 98 -19.43 116.09 61.05
CA ALA G 98 -19.81 114.78 61.54
C ALA G 98 -20.69 114.84 62.78
N THR G 99 -20.99 116.05 63.28
CA THR G 99 -21.87 116.22 64.43
C THR G 99 -23.06 117.11 64.11
N SER G 100 -23.30 117.37 62.83
CA SER G 100 -24.38 118.23 62.40
C SER G 100 -25.67 117.43 62.26
N SER G 101 -26.75 118.11 61.89
CA SER G 101 -28.01 117.43 61.59
C SER G 101 -27.89 116.53 60.37
N VAL G 102 -26.88 116.73 59.53
CA VAL G 102 -26.68 115.89 58.36
C VAL G 102 -26.40 114.45 58.79
N THR G 103 -25.53 114.27 59.78
CA THR G 103 -25.22 112.93 60.26
C THR G 103 -26.43 112.26 60.87
N LEU G 104 -27.20 113.01 61.68
CA LEU G 104 -28.39 112.45 62.30
C LEU G 104 -29.40 112.04 61.25
N ASP G 105 -29.61 112.88 60.23
CA ASP G 105 -30.56 112.56 59.18
C ASP G 105 -30.11 111.35 58.38
N LEU G 106 -28.81 111.26 58.07
CA LEU G 106 -28.31 110.10 57.33
C LEU G 106 -28.47 108.83 58.14
N ALA G 107 -28.21 108.89 59.45
CA ALA G 107 -28.27 107.69 60.27
C ALA G 107 -29.70 107.22 60.49
N THR G 108 -30.62 108.13 60.79
CA THR G 108 -31.96 107.74 61.21
C THR G 108 -33.00 107.80 60.09
N LYS G 109 -32.67 108.39 58.95
CA LYS G 109 -33.62 108.51 57.85
C LYS G 109 -33.03 108.14 56.51
N GLY G 110 -31.73 107.93 56.41
CA GLY G 110 -31.10 107.67 55.13
C GLY G 110 -31.12 108.83 54.17
N VAL G 111 -30.97 110.05 54.66
CA VAL G 111 -31.01 111.24 53.82
C VAL G 111 -29.61 111.53 53.30
N ILE G 112 -29.44 111.47 51.98
CA ILE G 112 -28.17 111.75 51.32
C ILE G 112 -28.20 113.04 50.52
N HIS G 113 -29.31 113.76 50.50
CA HIS G 113 -29.44 115.05 49.82
C HIS G 113 -29.64 116.13 50.87
N LEU G 114 -28.63 116.98 51.06
CA LEU G 114 -28.72 118.06 52.04
C LEU G 114 -29.11 119.37 51.34
N SER G 115 -30.36 119.41 50.90
CA SER G 115 -30.92 120.63 50.35
C SER G 115 -31.43 121.54 51.47
N ASP G 116 -31.42 122.84 51.23
CA ASP G 116 -30.90 123.54 50.05
C ASP G 116 -30.10 124.77 50.48
N ALA G 117 -30.26 125.16 51.74
CA ALA G 117 -29.61 126.35 52.27
C ALA G 117 -28.09 126.21 52.28
N LEU H 1 -25.76 125.34 50.20
CA LEU H 1 -25.41 123.93 50.40
C LEU H 1 -24.15 123.82 51.25
N SER H 2 -24.31 123.43 52.50
CA SER H 2 -23.20 123.35 53.43
C SER H 2 -23.31 122.08 54.27
N ILE H 3 -22.15 121.55 54.64
CA ILE H 3 -22.04 120.44 55.57
C ILE H 3 -21.16 120.92 56.72
N GLY H 4 -21.74 121.02 57.90
CA GLY H 4 -21.03 121.62 59.02
C GLY H 4 -20.73 123.08 58.75
N THR H 5 -19.46 123.45 58.82
CA THR H 5 -19.03 124.80 58.51
C THR H 5 -18.47 124.95 57.10
N LYS H 6 -18.48 123.87 56.31
CA LYS H 6 -17.88 123.86 54.99
C LYS H 6 -18.96 123.94 53.92
N ASN H 7 -18.84 124.92 53.02
CA ASN H 7 -19.73 125.00 51.88
C ASN H 7 -19.31 123.98 50.82
N VAL H 8 -20.28 123.24 50.30
CA VAL H 8 -20.03 122.20 49.32
C VAL H 8 -21.01 122.38 48.16
N SER H 9 -20.72 121.67 47.08
CA SER H 9 -21.59 121.63 45.91
C SER H 9 -21.73 120.18 45.45
N ILE H 10 -22.83 119.89 44.78
CA ILE H 10 -23.07 118.53 44.29
C ILE H 10 -22.05 118.21 43.20
N TYR H 11 -21.29 117.14 43.41
CA TYR H 11 -20.27 116.69 42.48
C TYR H 11 -20.70 115.47 41.69
N ARG H 12 -21.20 114.45 42.38
CA ARG H 12 -21.73 113.26 41.70
C ARG H 12 -22.95 112.77 42.45
N ASN H 13 -23.88 112.17 41.72
CA ASN H 13 -25.19 111.81 42.26
C ASN H 13 -25.59 110.45 41.69
N THR H 14 -25.56 109.43 42.54
CA THR H 14 -26.11 108.11 42.21
C THR H 14 -27.33 107.85 43.09
N ALA H 15 -27.89 106.64 42.95
CA ALA H 15 -29.12 106.31 43.65
C ALA H 15 -28.92 106.30 45.17
N ASP H 16 -27.82 105.72 45.65
CA ASP H 16 -27.58 105.59 47.08
C ASP H 16 -26.35 106.34 47.56
N GLU H 17 -25.69 107.11 46.69
CA GLU H 17 -24.53 107.88 47.09
C GLU H 17 -24.56 109.24 46.41
N VAL H 18 -24.28 110.28 47.20
CA VAL H 18 -24.08 111.63 46.66
C VAL H 18 -22.73 112.12 47.16
N ILE H 19 -21.85 112.45 46.24
CA ILE H 19 -20.53 113.00 46.55
C ILE H 19 -20.59 114.51 46.33
N TYR H 20 -20.23 115.26 47.37
CA TYR H 20 -20.14 116.70 47.32
C TYR H 20 -18.68 117.12 47.35
N ALA H 21 -18.37 118.21 46.65
CA ALA H 21 -17.01 118.71 46.53
C ALA H 21 -16.87 120.01 47.30
N GLY H 22 -15.78 120.14 48.04
CA GLY H 22 -15.47 121.37 48.73
C GLY H 22 -14.97 122.42 47.76
N PRO H 23 -14.77 123.64 48.26
CA PRO H 23 -14.31 124.72 47.35
C PRO H 23 -12.96 124.42 46.72
N ALA H 24 -12.08 123.71 47.41
CA ALA H 24 -10.75 123.42 46.91
C ALA H 24 -10.69 122.21 45.99
N HIS H 25 -11.74 121.40 45.93
CA HIS H 25 -11.71 120.18 45.14
C HIS H 25 -11.47 120.49 43.67
N ASP H 26 -10.58 119.73 43.06
CA ASP H 26 -10.23 119.92 41.65
C ASP H 26 -9.74 118.59 41.08
N VAL H 27 -9.16 118.64 39.89
CA VAL H 27 -8.71 117.43 39.21
C VAL H 27 -7.49 116.79 39.85
N THR H 28 -6.72 117.55 40.64
CA THR H 28 -5.55 117.01 41.31
C THR H 28 -5.62 117.04 42.83
N ASN H 29 -6.49 117.86 43.41
CA ASN H 29 -6.67 117.91 44.87
C ASN H 29 -8.04 117.36 45.20
N VAL H 30 -8.08 116.37 46.09
CA VAL H 30 -9.33 115.74 46.51
C VAL H 30 -9.80 116.43 47.78
N ASP H 31 -11.03 116.95 47.74
CA ASP H 31 -11.70 117.50 48.92
C ASP H 31 -13.18 117.15 48.77
N THR H 32 -13.57 116.00 49.32
CA THR H 32 -14.91 115.47 49.08
C THR H 32 -15.57 114.99 50.35
N VAL H 33 -16.89 115.15 50.39
CA VAL H 33 -17.74 114.58 51.43
C VAL H 33 -18.79 113.73 50.73
N SER H 34 -18.73 112.43 50.96
CA SER H 34 -19.69 111.49 50.39
C SER H 34 -20.73 111.10 51.42
N LEU H 35 -21.99 111.07 50.99
CA LEU H 35 -23.07 110.51 51.79
C LEU H 35 -23.57 109.27 51.07
N ARG H 36 -23.41 108.10 51.69
CA ARG H 36 -23.81 106.84 51.13
C ARG H 36 -24.79 106.16 52.07
N ARG H 37 -25.75 105.45 51.51
CA ARG H 37 -26.72 104.72 52.30
C ARG H 37 -26.88 103.31 51.76
N SER H 38 -27.12 102.38 52.66
CA SER H 38 -27.52 101.02 52.33
C SER H 38 -28.88 100.79 52.97
N LEU H 39 -29.91 100.70 52.15
CA LEU H 39 -31.27 100.61 52.63
C LEU H 39 -31.55 99.24 53.23
N PRO H 40 -32.44 99.16 54.21
CA PRO H 40 -32.72 97.87 54.87
C PRO H 40 -33.30 96.86 53.89
N VAL H 41 -32.75 95.65 53.92
CA VAL H 41 -33.27 94.54 53.14
C VAL H 41 -34.08 93.66 54.07
N LYS H 42 -35.39 93.60 53.86
CA LYS H 42 -36.28 92.85 54.73
C LYS H 42 -36.17 91.37 54.36
N LYS H 43 -35.27 90.67 55.04
CA LYS H 43 -34.98 89.27 54.74
C LYS H 43 -35.41 88.40 55.93
N GLY H 44 -36.16 87.35 55.64
CA GLY H 44 -36.66 86.48 56.70
C GLY H 44 -37.55 87.25 57.65
N SER H 45 -37.46 86.89 58.93
CA SER H 45 -38.16 87.64 59.97
C SER H 45 -37.44 88.91 60.38
N ASP H 46 -36.18 89.06 59.97
CA ASP H 46 -35.42 90.27 60.27
C ASP H 46 -35.82 91.37 59.30
N ASN H 47 -36.10 92.56 59.85
CA ASN H 47 -36.48 93.70 59.03
C ASN H 47 -35.30 94.45 58.46
N GLY H 48 -34.09 93.96 58.63
CA GLY H 48 -32.92 94.58 58.04
C GLY H 48 -32.38 95.72 58.88
N THR H 49 -31.39 96.40 58.30
CA THR H 49 -30.68 97.47 58.97
C THR H 49 -30.33 98.56 57.97
N MET H 50 -30.59 99.81 58.34
CA MET H 50 -30.18 100.95 57.54
C MET H 50 -28.73 101.30 57.88
N ARG H 51 -27.88 101.36 56.87
CA ARG H 51 -26.49 101.77 57.03
C ARG H 51 -26.30 103.15 56.44
N GLY H 52 -25.71 104.05 57.23
CA GLY H 52 -25.40 105.38 56.74
C GLY H 52 -23.93 105.71 56.89
N ASN H 53 -23.26 106.02 55.78
CA ASN H 53 -21.82 106.27 55.79
C ASN H 53 -21.54 107.70 55.33
N MET H 54 -20.72 108.40 56.09
CA MET H 54 -20.26 109.74 55.79
C MET H 54 -18.75 109.69 55.59
N ASN H 55 -18.29 110.00 54.39
CA ASN H 55 -16.89 109.85 54.02
C ASN H 55 -16.28 111.23 53.79
N PHE H 56 -15.18 111.51 54.49
CA PHE H 56 -14.41 112.73 54.28
C PHE H 56 -13.09 112.33 53.65
N ALA H 57 -12.81 112.85 52.46
CA ALA H 57 -11.57 112.55 51.75
C ALA H 57 -10.83 113.84 51.47
N LYS H 58 -9.55 113.88 51.82
CA LYS H 58 -8.73 115.06 51.61
C LYS H 58 -7.33 114.67 51.16
N SER H 59 -6.79 115.41 50.20
CA SER H 59 -5.43 115.21 49.74
C SER H 59 -4.45 115.97 50.63
N PHE H 60 -3.33 115.32 50.94
CA PHE H 60 -2.33 115.88 51.83
C PHE H 60 -0.95 115.66 51.25
N PRO H 61 -0.03 116.61 51.44
CA PRO H 61 1.36 116.37 51.02
C PRO H 61 2.01 115.29 51.87
N ASN H 62 2.45 114.23 51.21
CA ASN H 62 3.19 113.14 51.84
C ASN H 62 4.56 113.11 51.16
N GLY H 63 5.53 113.74 51.81
CA GLY H 63 6.85 113.88 51.22
C GLY H 63 6.80 114.60 49.89
N ASP H 64 7.08 113.85 48.81
CA ASP H 64 7.03 114.41 47.47
C ASP H 64 5.68 114.18 46.79
N LYS H 65 4.92 113.18 47.23
CA LYS H 65 3.68 112.80 46.58
C LYS H 65 2.48 113.33 47.37
N LYS H 66 1.28 112.94 46.97
CA LYS H 66 0.06 113.29 47.67
C LYS H 66 -0.64 112.02 48.15
N SER H 67 -1.02 112.02 49.42
CA SER H 67 -1.71 110.89 50.03
C SER H 67 -3.16 111.29 50.35
N LEU H 68 -4.04 110.30 50.37
CA LEU H 68 -5.45 110.52 50.66
C LEU H 68 -5.74 110.17 52.11
N VAL H 69 -6.16 111.16 52.89
CA VAL H 69 -6.63 110.94 54.25
C VAL H 69 -8.14 110.82 54.22
N VAL H 70 -8.65 109.74 54.81
CA VAL H 70 -10.07 109.40 54.77
C VAL H 70 -10.58 109.21 56.19
N VAL H 71 -11.71 109.84 56.48
CA VAL H 71 -12.42 109.65 57.75
C VAL H 71 -13.82 109.13 57.43
N ASN H 72 -14.18 107.99 58.01
CA ASN H 72 -15.48 107.39 57.80
C ASN H 72 -16.30 107.43 59.08
N LEU H 73 -17.55 107.85 58.97
CA LEU H 73 -18.51 107.82 60.06
C LEU H 73 -19.69 106.97 59.60
N THR H 74 -19.82 105.77 60.17
CA THR H 74 -20.83 104.81 59.75
C THR H 74 -21.77 104.50 60.91
N ALA H 75 -23.06 104.50 60.63
CA ALA H 75 -24.08 104.15 61.61
C ALA H 75 -24.93 103.00 61.08
N HIS H 76 -25.22 102.04 61.95
CA HIS H 76 -26.03 100.87 61.62
C HIS H 76 -27.26 100.90 62.53
N VAL H 77 -28.41 101.26 61.98
CA VAL H 77 -29.63 101.39 62.75
C VAL H 77 -30.60 100.29 62.31
N PRO H 78 -30.93 99.33 63.17
CA PRO H 78 -31.91 98.30 62.78
C PRO H 78 -33.30 98.88 62.66
N VAL H 79 -34.09 98.30 61.74
CA VAL H 79 -35.47 98.72 61.58
C VAL H 79 -36.28 98.32 62.80
N GLY H 80 -37.12 99.25 63.26
CA GLY H 80 -37.97 99.04 64.41
C GLY H 80 -37.57 99.83 65.63
N VAL H 81 -36.38 100.40 65.65
CA VAL H 81 -35.92 101.23 66.75
C VAL H 81 -36.50 102.63 66.60
N ASP H 82 -36.77 103.27 67.74
CA ASP H 82 -37.25 104.64 67.72
C ASP H 82 -36.14 105.57 67.26
N ALA H 83 -36.43 106.38 66.23
CA ALA H 83 -35.41 107.24 65.65
C ALA H 83 -35.07 108.41 66.57
N THR H 84 -36.05 108.92 67.32
CA THR H 84 -35.79 110.02 68.24
C THR H 84 -34.82 109.61 69.34
N ALA H 85 -34.99 108.39 69.88
CA ALA H 85 -34.07 107.90 70.90
C ALA H 85 -32.66 107.77 70.34
N VAL H 86 -32.52 107.25 69.12
CA VAL H 86 -31.20 107.11 68.51
C VAL H 86 -30.57 108.48 68.29
N ARG H 87 -31.35 109.45 67.83
CA ARG H 87 -30.82 110.79 67.63
C ARG H 87 -30.37 111.42 68.94
N THR H 88 -31.16 111.24 70.00
CA THR H 88 -30.77 111.78 71.31
C THR H 88 -29.49 111.12 71.81
N TRP H 89 -29.37 109.80 71.66
CA TRP H 89 -28.16 109.11 72.07
C TRP H 89 -26.95 109.57 71.27
N MET H 90 -27.11 109.73 69.95
CA MET H 90 -26.00 110.19 69.12
C MET H 90 -25.57 111.60 69.49
N THR H 91 -26.53 112.49 69.77
CA THR H 91 -26.20 113.86 70.12
C THR H 91 -25.51 113.96 71.47
N SER H 92 -26.07 113.29 72.50
CA SER H 92 -25.56 113.44 73.85
C SER H 92 -24.37 112.54 74.17
N GLU H 93 -24.22 111.42 73.47
CA GLU H 93 -23.25 110.41 73.88
C GLU H 93 -22.22 110.08 72.81
N VAL H 94 -22.61 110.04 71.53
CA VAL H 94 -21.68 109.66 70.48
C VAL H 94 -20.87 110.87 70.01
N PHE H 95 -21.55 111.98 69.73
CA PHE H 95 -20.88 113.15 69.16
C PHE H 95 -19.81 113.73 70.07
N PRO H 96 -20.05 113.96 71.37
CA PRO H 96 -18.97 114.51 72.20
C PRO H 96 -17.72 113.64 72.26
N GLY H 97 -17.89 112.31 72.28
CA GLY H 97 -16.73 111.44 72.31
C GLY H 97 -16.04 111.29 70.97
N ALA H 98 -16.80 111.34 69.88
CA ALA H 98 -16.22 111.17 68.56
C ALA H 98 -15.38 112.36 68.13
N THR H 99 -15.66 113.56 68.67
CA THR H 99 -14.92 114.77 68.33
C THR H 99 -14.08 115.25 69.49
N SER H 100 -13.49 114.33 70.25
CA SER H 100 -12.66 114.66 71.39
C SER H 100 -11.19 114.47 71.03
N SER H 101 -10.31 114.72 72.00
CA SER H 101 -8.89 114.45 71.81
C SER H 101 -8.61 112.96 71.68
N VAL H 102 -9.53 112.11 72.15
CA VAL H 102 -9.35 110.66 72.01
C VAL H 102 -9.25 110.27 70.55
N THR H 103 -10.11 110.83 69.71
CA THR H 103 -10.09 110.51 68.29
C THR H 103 -8.78 110.95 67.65
N LEU H 104 -8.31 112.15 67.98
CA LEU H 104 -7.06 112.65 67.40
C LEU H 104 -5.87 111.81 67.84
N ASP H 105 -5.81 111.46 69.13
CA ASP H 105 -4.70 110.64 69.61
C ASP H 105 -4.75 109.24 69.01
N LEU H 106 -5.94 108.68 68.84
CA LEU H 106 -6.04 107.37 68.19
C LEU H 106 -5.60 107.46 66.73
N ALA H 107 -5.95 108.54 66.04
CA ALA H 107 -5.60 108.66 64.62
C ALA H 107 -4.10 108.85 64.42
N THR H 108 -3.48 109.75 65.20
CA THR H 108 -2.11 110.15 64.94
C THR H 108 -1.08 109.47 65.82
N LYS H 109 -1.51 108.70 66.83
CA LYS H 109 -0.55 108.03 67.71
C LYS H 109 -0.90 106.58 68.00
N GLY H 110 -2.07 106.09 67.59
CA GLY H 110 -2.46 104.73 67.94
C GLY H 110 -2.73 104.52 69.42
N VAL H 111 -3.28 105.52 70.10
CA VAL H 111 -3.55 105.41 71.52
C VAL H 111 -4.92 104.77 71.73
N ILE H 112 -4.93 103.58 72.31
CA ILE H 112 -6.17 102.88 72.64
C ILE H 112 -6.40 102.78 74.14
N HIS H 113 -5.40 103.10 74.96
CA HIS H 113 -5.53 103.07 76.41
C HIS H 113 -5.75 104.48 76.91
N LEU H 114 -6.88 104.70 77.59
CA LEU H 114 -7.26 106.02 78.03
C LEU H 114 -6.66 106.32 79.40
N SER H 115 -6.39 107.59 79.65
CA SER H 115 -5.84 108.05 80.91
C SER H 115 -6.25 109.49 81.17
N ASP H 116 -6.38 109.85 82.45
CA ASP H 116 -6.33 108.98 83.61
C ASP H 116 -7.42 109.37 84.61
N ALA H 117 -7.99 110.55 84.41
CA ALA H 117 -9.01 111.08 85.30
C ALA H 117 -10.37 111.15 84.62
N LEU I 1 -9.16 137.27 6.09
CA LEU I 1 -9.63 135.98 6.58
C LEU I 1 -9.79 136.03 8.09
N SER I 2 -11.04 136.01 8.57
CA SER I 2 -11.34 136.12 9.99
C SER I 2 -12.34 135.05 10.41
N ILE I 3 -12.11 134.48 11.58
CA ILE I 3 -13.08 133.61 12.26
C ILE I 3 -13.28 134.22 13.64
N GLY I 4 -14.30 135.07 13.76
CA GLY I 4 -14.48 135.85 14.98
C GLY I 4 -13.62 137.10 14.97
N THR I 5 -12.78 137.26 15.98
CA THR I 5 -11.82 138.35 16.04
C THR I 5 -10.42 137.90 15.61
N LYS I 6 -10.27 136.67 15.16
CA LYS I 6 -8.96 136.08 14.88
C LYS I 6 -8.66 136.16 13.40
N ASN I 7 -7.45 136.61 13.06
CA ASN I 7 -6.97 136.62 11.69
C ASN I 7 -6.26 135.30 11.40
N VAL I 8 -6.82 134.51 10.49
CA VAL I 8 -6.29 133.20 10.16
C VAL I 8 -5.89 133.19 8.70
N SER I 9 -5.16 132.15 8.31
CA SER I 9 -4.80 131.91 6.92
C SER I 9 -5.00 130.44 6.59
N ILE I 10 -5.23 130.16 5.31
CA ILE I 10 -5.40 128.77 4.89
C ILE I 10 -4.12 128.00 5.13
N TYR I 11 -4.23 126.91 5.87
CA TYR I 11 -3.10 126.03 6.18
C TYR I 11 -3.21 124.68 5.51
N ARG I 12 -4.41 124.13 5.40
CA ARG I 12 -4.61 122.86 4.71
C ARG I 12 -5.97 122.89 4.03
N ASN I 13 -6.00 122.47 2.77
CA ASN I 13 -7.23 122.52 1.97
C ASN I 13 -7.51 121.12 1.45
N THR I 14 -8.59 120.52 1.93
CA THR I 14 -9.03 119.18 1.55
C THR I 14 -10.48 119.30 1.07
N ALA I 15 -10.95 118.27 0.38
CA ALA I 15 -12.28 118.31 -0.23
C ALA I 15 -13.37 118.62 0.80
N ASP I 16 -13.27 118.04 2.00
CA ASP I 16 -14.33 118.17 2.99
C ASP I 16 -13.85 118.81 4.29
N GLU I 17 -12.63 119.36 4.31
CA GLU I 17 -12.12 119.98 5.53
C GLU I 17 -11.05 120.99 5.16
N VAL I 18 -11.14 122.17 5.76
CA VAL I 18 -10.13 123.22 5.60
C VAL I 18 -9.62 123.61 6.98
N ILE I 19 -8.31 123.53 7.18
CA ILE I 19 -7.67 123.92 8.42
C ILE I 19 -7.04 125.30 8.22
N TYR I 20 -7.42 126.25 9.07
CA TYR I 20 -6.83 127.58 9.11
C TYR I 20 -5.95 127.71 10.34
N ALA I 21 -4.84 128.43 10.18
CA ALA I 21 -3.86 128.59 11.23
C ALA I 21 -3.87 130.02 11.76
N GLY I 22 -3.80 130.16 13.07
CA GLY I 22 -3.73 131.46 13.69
C GLY I 22 -2.31 131.99 13.71
N PRO I 23 -2.14 133.20 14.25
CA PRO I 23 -0.79 133.80 14.26
C PRO I 23 0.23 133.01 15.08
N ALA I 24 -0.22 132.23 16.06
CA ALA I 24 0.66 131.49 16.94
C ALA I 24 0.93 130.07 16.47
N HIS I 25 0.44 129.70 15.29
CA HIS I 25 0.64 128.36 14.77
C HIS I 25 1.99 128.25 14.06
N ASP I 26 2.69 127.15 14.31
CA ASP I 26 3.98 126.87 13.68
C ASP I 26 4.22 125.37 13.76
N VAL I 27 5.46 124.95 13.50
CA VAL I 27 5.79 123.53 13.52
C VAL I 27 5.68 122.91 14.91
N THR I 28 6.04 123.65 15.96
CA THR I 28 6.05 123.11 17.31
C THR I 28 4.84 123.51 18.15
N ASN I 29 4.04 124.47 17.72
CA ASN I 29 2.87 124.91 18.48
C ASN I 29 1.62 124.81 17.60
N VAL I 30 0.49 124.51 18.24
CA VAL I 30 -0.77 124.31 17.55
C VAL I 30 -1.69 125.47 17.88
N ASP I 31 -2.15 126.16 16.83
CA ASP I 31 -3.18 127.20 16.95
C ASP I 31 -4.00 127.08 15.67
N THR I 32 -5.06 126.28 15.69
CA THR I 32 -5.78 125.97 14.47
C THR I 32 -7.28 126.02 14.68
N VAL I 33 -7.99 126.40 13.62
CA VAL I 33 -9.44 126.28 13.52
C VAL I 33 -9.74 125.49 12.25
N SER I 34 -10.38 124.34 12.39
CA SER I 34 -10.68 123.46 11.28
C SER I 34 -12.18 123.44 11.03
N LEU I 35 -12.58 123.70 9.78
CA LEU I 35 -13.95 123.55 9.34
C LEU I 35 -14.08 122.24 8.59
N ARG I 36 -15.00 121.39 9.04
CA ARG I 36 -15.23 120.08 8.46
C ARG I 36 -16.71 119.92 8.14
N ARG I 37 -16.99 119.12 7.13
CA ARG I 37 -18.38 118.93 6.71
C ARG I 37 -18.60 117.51 6.25
N SER I 38 -19.84 117.06 6.41
CA SER I 38 -20.32 115.81 5.83
C SER I 38 -21.61 116.15 5.11
N LEU I 39 -21.56 116.08 3.78
CA LEU I 39 -22.67 116.48 2.94
C LEU I 39 -23.77 115.42 2.97
N PRO I 40 -25.01 115.83 2.72
CA PRO I 40 -26.12 114.87 2.75
C PRO I 40 -25.93 113.74 1.75
N VAL I 41 -26.35 112.54 2.14
CA VAL I 41 -26.34 111.37 1.28
C VAL I 41 -27.78 110.93 1.10
N LYS I 42 -28.24 110.91 -0.15
CA LYS I 42 -29.63 110.60 -0.48
C LYS I 42 -29.85 109.08 -0.41
N LYS I 43 -29.62 108.54 0.78
CA LYS I 43 -29.75 107.11 0.99
C LYS I 43 -31.23 106.75 1.05
N GLY I 44 -31.68 105.93 0.11
CA GLY I 44 -33.07 105.50 0.08
C GLY I 44 -34.00 106.69 -0.07
N SER I 45 -35.07 106.71 0.74
CA SER I 45 -36.00 107.83 0.76
C SER I 45 -35.55 108.96 1.69
N ASP I 46 -34.66 108.67 2.64
CA ASP I 46 -34.15 109.70 3.52
C ASP I 46 -33.28 110.67 2.72
N ASN I 47 -33.54 111.97 2.88
CA ASN I 47 -32.76 112.98 2.17
C ASN I 47 -31.38 113.20 2.78
N GLY I 48 -31.09 112.60 3.92
CA GLY I 48 -29.78 112.73 4.52
C GLY I 48 -29.71 113.82 5.56
N THR I 49 -28.51 114.00 6.10
CA THR I 49 -28.24 114.99 7.13
C THR I 49 -26.96 115.75 6.78
N MET I 50 -27.01 117.06 6.90
CA MET I 50 -25.81 117.89 6.77
C MET I 50 -25.13 117.98 8.12
N ARG I 51 -23.85 117.60 8.18
CA ARG I 51 -23.08 117.67 9.40
C ARG I 51 -22.00 118.74 9.25
N GLY I 52 -21.95 119.66 10.19
CA GLY I 52 -20.92 120.69 10.23
C GLY I 52 -20.11 120.58 11.50
N ASN I 53 -18.81 120.83 11.40
CA ASN I 53 -17.91 120.72 12.54
C ASN I 53 -16.93 121.88 12.54
N MET I 54 -16.86 122.58 13.67
CA MET I 54 -15.81 123.57 13.92
C MET I 54 -14.92 123.04 15.03
N ASN I 55 -13.62 122.95 14.76
CA ASN I 55 -12.64 122.42 15.70
C ASN I 55 -11.65 123.52 16.05
N PHE I 56 -11.46 123.76 17.35
CA PHE I 56 -10.49 124.73 17.84
C PHE I 56 -9.42 123.96 18.59
N ALA I 57 -8.16 124.11 18.18
CA ALA I 57 -7.06 123.39 18.80
C ALA I 57 -5.99 124.39 19.20
N LYS I 58 -5.54 124.30 20.46
CA LYS I 58 -4.49 125.18 20.96
C LYS I 58 -3.53 124.38 21.82
N SER I 59 -2.27 124.78 21.79
CA SER I 59 -1.25 124.20 22.67
C SER I 59 -1.13 125.02 23.95
N PHE I 60 -0.92 124.32 25.06
CA PHE I 60 -0.83 124.94 26.37
C PHE I 60 0.30 124.31 27.17
N PRO I 61 0.97 125.08 28.01
CA PRO I 61 1.99 124.49 28.89
C PRO I 61 1.35 123.54 29.90
N ASN I 62 1.84 122.30 29.93
CA ASN I 62 1.37 121.27 30.85
C ASN I 62 2.59 120.75 31.60
N GLY I 63 2.87 121.35 32.75
CA GLY I 63 4.05 120.99 33.51
C GLY I 63 5.31 121.19 32.71
N ASP I 64 5.93 120.08 32.30
CA ASP I 64 7.11 120.15 31.46
C ASP I 64 6.75 120.20 29.98
N LYS I 65 5.73 119.44 29.57
CA LYS I 65 5.42 119.26 28.16
C LYS I 65 4.37 120.29 27.72
N LYS I 66 3.81 120.09 26.52
CA LYS I 66 2.75 120.93 25.99
C LYS I 66 1.58 120.03 25.62
N SER I 67 0.39 120.36 26.15
CA SER I 67 -0.81 119.58 25.92
C SER I 67 -1.75 120.33 24.99
N LEU I 68 -2.61 119.58 24.31
CA LEU I 68 -3.51 120.12 23.30
C LEU I 68 -4.92 120.22 23.88
N VAL I 69 -5.47 121.43 23.88
CA VAL I 69 -6.86 121.68 24.27
C VAL I 69 -7.68 121.85 23.00
N VAL I 70 -8.78 121.10 22.91
CA VAL I 70 -9.61 121.04 21.72
C VAL I 70 -11.05 121.33 22.11
N VAL I 71 -11.69 122.24 21.39
CA VAL I 71 -13.10 122.55 21.55
C VAL I 71 -13.80 122.23 20.25
N ASN I 72 -14.82 121.39 20.31
CA ASN I 72 -15.57 120.99 19.13
C ASN I 72 -16.98 121.57 19.17
N LEU I 73 -17.47 121.96 18.00
CA LEU I 73 -18.85 122.43 17.84
C LEU I 73 -19.41 121.73 16.61
N THR I 74 -20.30 120.76 16.82
CA THR I 74 -20.86 119.98 15.73
C THR I 74 -22.37 120.21 15.65
N ALA I 75 -22.86 120.42 14.43
CA ALA I 75 -24.27 120.59 14.16
C ALA I 75 -24.74 119.54 13.16
N HIS I 76 -25.92 118.99 13.41
CA HIS I 76 -26.56 118.01 12.55
C HIS I 76 -27.91 118.57 12.12
N VAL I 77 -28.04 118.90 10.83
CA VAL I 77 -29.29 119.45 10.32
C VAL I 77 -29.87 118.49 9.30
N PRO I 78 -31.01 117.87 9.56
CA PRO I 78 -31.63 117.00 8.56
C PRO I 78 -32.08 117.79 7.34
N VAL I 79 -32.00 117.16 6.18
CA VAL I 79 -32.40 117.83 4.93
C VAL I 79 -33.91 117.94 4.89
N GLY I 80 -34.40 119.13 4.53
CA GLY I 80 -35.82 119.42 4.49
C GLY I 80 -36.26 120.38 5.58
N VAL I 81 -35.56 120.38 6.72
CA VAL I 81 -35.85 121.35 7.77
C VAL I 81 -35.53 122.74 7.26
N ASP I 82 -36.42 123.69 7.56
CA ASP I 82 -36.23 125.07 7.14
C ASP I 82 -34.95 125.64 7.76
N ALA I 83 -34.12 126.25 6.92
CA ALA I 83 -32.81 126.72 7.39
C ALA I 83 -32.95 127.95 8.28
N THR I 84 -33.88 128.84 7.95
CA THR I 84 -34.03 130.08 8.73
C THR I 84 -34.45 129.78 10.17
N ALA I 85 -35.34 128.81 10.36
CA ALA I 85 -35.74 128.42 11.70
C ALA I 85 -34.56 127.89 12.51
N VAL I 86 -33.73 127.05 11.87
CA VAL I 86 -32.55 126.53 12.55
C VAL I 86 -31.59 127.66 12.90
N ARG I 87 -31.42 128.62 11.99
CA ARG I 87 -30.47 129.70 12.24
C ARG I 87 -30.95 130.61 13.36
N THR I 88 -32.25 130.92 13.42
CA THR I 88 -32.73 131.76 14.51
C THR I 88 -32.73 131.00 15.83
N TRP I 89 -32.98 129.68 15.80
CA TRP I 89 -32.85 128.87 17.01
C TRP I 89 -31.41 128.88 17.52
N MET I 90 -30.45 128.78 16.61
CA MET I 90 -29.04 128.79 17.00
C MET I 90 -28.65 130.15 17.56
N THR I 91 -29.08 131.22 16.91
CA THR I 91 -28.69 132.56 17.34
C THR I 91 -29.33 132.93 18.68
N SER I 92 -30.58 132.53 18.89
CA SER I 92 -31.32 132.93 20.08
C SER I 92 -31.23 131.94 21.23
N GLU I 93 -31.18 130.65 20.94
CA GLU I 93 -31.28 129.62 21.98
C GLU I 93 -29.98 128.85 22.20
N VAL I 94 -29.18 128.65 21.17
CA VAL I 94 -27.99 127.80 21.31
C VAL I 94 -26.77 128.63 21.64
N PHE I 95 -26.53 129.70 20.89
CA PHE I 95 -25.34 130.52 21.05
C PHE I 95 -25.25 131.19 22.43
N PRO I 96 -26.32 131.84 22.93
CA PRO I 96 -26.20 132.46 24.26
C PRO I 96 -25.89 131.47 25.37
N GLY I 97 -26.44 130.26 25.30
CA GLY I 97 -26.15 129.27 26.33
C GLY I 97 -24.85 128.54 26.13
N ALA I 98 -24.33 128.55 24.90
CA ALA I 98 -23.09 127.85 24.59
C ALA I 98 -21.85 128.66 24.91
N THR I 99 -21.99 129.95 25.22
CA THR I 99 -20.87 130.82 25.50
C THR I 99 -20.94 131.41 26.92
N SER I 100 -21.79 130.85 27.77
CA SER I 100 -21.96 131.35 29.12
C SER I 100 -20.91 130.73 30.04
N SER I 101 -21.00 131.04 31.33
CA SER I 101 -20.08 130.45 32.32
C SER I 101 -20.33 128.97 32.50
N VAL I 102 -21.51 128.47 32.12
CA VAL I 102 -21.79 127.05 32.23
C VAL I 102 -20.81 126.24 31.40
N THR I 103 -20.53 126.70 30.17
CA THR I 103 -19.55 126.02 29.33
C THR I 103 -18.18 126.02 29.97
N LEU I 104 -17.78 127.15 30.58
CA LEU I 104 -16.46 127.22 31.21
C LEU I 104 -16.35 126.25 32.38
N ASP I 105 -17.38 126.20 33.24
CA ASP I 105 -17.34 125.27 34.37
C ASP I 105 -17.38 123.82 33.90
N LEU I 106 -18.17 123.52 32.87
CA LEU I 106 -18.22 122.16 32.35
C LEU I 106 -16.89 121.74 31.75
N ALA I 107 -16.21 122.65 31.05
CA ALA I 107 -14.94 122.32 30.41
C ALA I 107 -13.81 122.20 31.42
N THR I 108 -13.77 123.07 32.43
CA THR I 108 -12.65 123.08 33.36
C THR I 108 -12.89 122.23 34.59
N LYS I 109 -14.13 122.10 35.04
CA LYS I 109 -14.42 121.37 36.28
C LYS I 109 -15.44 120.25 36.11
N GLY I 110 -16.06 120.10 34.95
CA GLY I 110 -17.05 119.06 34.77
C GLY I 110 -18.36 119.29 35.49
N VAL I 111 -18.75 120.55 35.67
CA VAL I 111 -19.98 120.87 36.40
C VAL I 111 -21.18 120.64 35.49
N ILE I 112 -22.11 119.81 35.94
CA ILE I 112 -23.31 119.49 35.17
C ILE I 112 -24.59 119.93 35.88
N HIS I 113 -24.48 120.53 37.06
CA HIS I 113 -25.62 121.04 37.80
C HIS I 113 -25.50 122.56 37.89
N LEU I 114 -26.36 123.28 37.16
CA LEU I 114 -26.27 124.74 37.09
C LEU I 114 -27.25 125.35 38.07
N SER I 115 -27.08 125.03 39.35
CA SER I 115 -27.93 125.56 40.39
C SER I 115 -27.57 127.02 40.69
N ASP I 116 -28.60 127.83 40.94
CA ASP I 116 -30.01 127.45 40.88
C ASP I 116 -30.82 128.50 40.13
N ALA I 117 -30.28 129.72 40.09
CA ALA I 117 -30.96 130.83 39.43
C ALA I 117 -30.81 130.74 37.91
N LEU J 1 -105.45 87.22 -12.21
CA LEU J 1 -104.11 86.97 -12.73
C LEU J 1 -104.09 87.08 -14.25
N SER J 2 -103.21 87.93 -14.77
CA SER J 2 -103.10 88.15 -16.20
C SER J 2 -101.63 88.39 -16.56
N ILE J 3 -101.27 87.97 -17.77
CA ILE J 3 -99.95 88.22 -18.34
C ILE J 3 -100.22 88.88 -19.69
N GLY J 4 -100.19 90.21 -19.72
CA GLY J 4 -100.66 90.92 -20.89
C GLY J 4 -102.16 90.93 -20.96
N THR J 5 -102.73 90.32 -22.00
CA THR J 5 -104.18 90.25 -22.17
C THR J 5 -104.73 88.85 -21.96
N LYS J 6 -103.92 87.92 -21.46
CA LYS J 6 -104.33 86.54 -21.27
C LYS J 6 -104.48 86.22 -19.79
N ASN J 7 -105.60 85.58 -19.45
CA ASN J 7 -105.86 85.17 -18.07
C ASN J 7 -105.15 83.85 -17.78
N VAL J 8 -104.46 83.80 -16.65
CA VAL J 8 -103.70 82.61 -16.26
C VAL J 8 -104.03 82.26 -14.81
N SER J 9 -103.61 81.07 -14.42
CA SER J 9 -103.74 80.59 -13.05
C SER J 9 -102.42 79.95 -12.64
N ILE J 10 -102.11 80.04 -11.35
CA ILE J 10 -100.90 79.39 -10.84
C ILE J 10 -101.03 77.89 -11.07
N TYR J 11 -100.08 77.32 -11.80
CA TYR J 11 -100.08 75.89 -12.10
C TYR J 11 -99.01 75.13 -11.34
N ARG J 12 -97.78 75.63 -11.34
CA ARG J 12 -96.69 75.00 -10.60
C ARG J 12 -95.90 76.08 -9.88
N ASN J 13 -95.51 75.80 -8.64
CA ASN J 13 -94.79 76.75 -7.81
C ASN J 13 -93.51 76.10 -7.30
N THR J 14 -92.37 76.73 -7.54
CA THR J 14 -91.11 76.32 -6.95
C THR J 14 -90.42 77.52 -6.32
N ALA J 15 -89.21 77.32 -5.79
CA ALA J 15 -88.52 78.41 -5.10
C ALA J 15 -88.20 79.56 -6.05
N ASP J 16 -87.72 79.24 -7.25
CA ASP J 16 -87.27 80.27 -8.18
C ASP J 16 -88.01 80.24 -9.52
N GLU J 17 -89.11 79.49 -9.62
CA GLU J 17 -89.85 79.42 -10.86
C GLU J 17 -91.33 79.19 -10.58
N VAL J 18 -92.18 79.93 -11.27
CA VAL J 18 -93.62 79.73 -11.22
C VAL J 18 -94.15 79.55 -12.64
N ILE J 19 -94.86 78.46 -12.87
CA ILE J 19 -95.51 78.18 -14.15
C ILE J 19 -96.99 78.49 -14.02
N TYR J 20 -97.50 79.32 -14.92
CA TYR J 20 -98.91 79.67 -15.01
C TYR J 20 -99.51 79.00 -16.25
N ALA J 21 -100.75 78.56 -16.13
CA ALA J 21 -101.45 77.84 -17.19
C ALA J 21 -102.48 78.75 -17.83
N GLY J 22 -102.53 78.72 -19.16
CA GLY J 22 -103.53 79.46 -19.90
C GLY J 22 -104.84 78.72 -19.98
N PRO J 23 -105.85 79.34 -20.62
CA PRO J 23 -107.17 78.70 -20.69
C PRO J 23 -107.19 77.41 -21.49
N ALA J 24 -106.22 77.17 -22.36
CA ALA J 24 -106.21 76.01 -23.23
C ALA J 24 -105.32 74.89 -22.73
N HIS J 25 -104.78 74.99 -21.52
CA HIS J 25 -103.88 73.98 -21.00
C HIS J 25 -104.65 72.83 -20.37
N ASP J 26 -104.37 71.62 -20.81
CA ASP J 26 -104.94 70.41 -20.23
C ASP J 26 -103.92 69.29 -20.41
N VAL J 27 -104.39 68.05 -20.26
CA VAL J 27 -103.54 66.86 -20.35
C VAL J 27 -102.97 66.72 -21.76
N THR J 28 -103.69 67.25 -22.75
CA THR J 28 -103.30 67.07 -24.15
C THR J 28 -102.68 68.31 -24.78
N ASN J 29 -103.09 69.52 -24.40
CA ASN J 29 -102.62 70.73 -25.04
C ASN J 29 -101.82 71.56 -24.04
N VAL J 30 -100.69 72.08 -24.50
CA VAL J 30 -99.82 72.91 -23.67
C VAL J 30 -100.11 74.38 -23.96
N ASP J 31 -100.35 75.15 -22.90
CA ASP J 31 -100.50 76.60 -22.99
C ASP J 31 -99.99 77.16 -21.66
N THR J 32 -98.70 77.52 -21.62
CA THR J 32 -98.08 77.88 -20.36
C THR J 32 -97.19 79.11 -20.52
N VAL J 33 -97.09 79.88 -19.43
CA VAL J 33 -96.11 80.95 -19.29
C VAL J 33 -95.37 80.74 -17.98
N SER J 34 -94.05 80.63 -18.06
CA SER J 34 -93.22 80.37 -16.90
C SER J 34 -92.36 81.60 -16.59
N LEU J 35 -92.27 81.92 -15.30
CA LEU J 35 -91.42 83.01 -14.82
C LEU J 35 -90.34 82.40 -13.95
N ARG J 36 -89.07 82.58 -14.33
CA ARG J 36 -87.94 82.02 -13.62
C ARG J 36 -86.96 83.12 -13.30
N ARG J 37 -86.31 83.01 -12.15
CA ARG J 37 -85.32 83.98 -11.71
C ARG J 37 -84.05 83.27 -11.27
N SER J 38 -82.93 83.90 -11.59
CA SER J 38 -81.61 83.52 -11.09
C SER J 38 -81.11 84.74 -10.32
N LEU J 39 -81.20 84.67 -9.00
CA LEU J 39 -80.82 85.79 -8.16
C LEU J 39 -79.30 85.93 -8.14
N PRO J 40 -78.81 87.16 -8.03
CA PRO J 40 -77.36 87.38 -8.03
C PRO J 40 -76.69 86.71 -6.85
N VAL J 41 -75.50 86.18 -7.10
CA VAL J 41 -74.61 85.68 -6.04
C VAL J 41 -73.38 86.58 -6.07
N LYS J 42 -73.06 87.15 -4.91
CA LYS J 42 -71.99 88.16 -4.82
C LYS J 42 -70.72 87.48 -4.31
N LYS J 43 -70.20 86.58 -5.12
CA LYS J 43 -68.97 85.87 -4.82
C LYS J 43 -67.78 86.81 -4.99
N GLY J 44 -66.78 86.61 -4.13
CA GLY J 44 -65.59 87.44 -4.13
C GLY J 44 -65.90 88.93 -4.07
N SER J 45 -65.55 89.65 -5.13
CA SER J 45 -65.85 91.06 -5.24
C SER J 45 -66.97 91.38 -6.23
N ASP J 46 -67.17 90.53 -7.24
CA ASP J 46 -68.24 90.77 -8.21
C ASP J 46 -69.59 90.55 -7.54
N ASN J 47 -70.53 91.46 -7.82
CA ASN J 47 -71.85 91.41 -7.19
C ASN J 47 -72.81 90.48 -7.92
N GLY J 48 -72.39 89.86 -9.01
CA GLY J 48 -73.25 88.91 -9.72
C GLY J 48 -74.24 89.58 -10.65
N THR J 49 -75.06 88.74 -11.27
CA THR J 49 -76.03 89.17 -12.26
C THR J 49 -77.41 88.65 -11.91
N MET J 50 -78.42 89.49 -12.09
CA MET J 50 -79.81 89.07 -11.96
C MET J 50 -80.30 88.61 -13.32
N ARG J 51 -80.79 87.36 -13.39
CA ARG J 51 -81.27 86.79 -14.64
C ARG J 51 -82.77 86.56 -14.53
N GLY J 52 -83.53 87.20 -15.42
CA GLY J 52 -84.97 87.00 -15.43
C GLY J 52 -85.45 86.39 -16.73
N ASN J 53 -86.05 85.20 -16.66
CA ASN J 53 -86.46 84.47 -17.85
C ASN J 53 -87.98 84.31 -17.87
N MET J 54 -88.59 84.61 -19.01
CA MET J 54 -90.01 84.38 -19.24
C MET J 54 -90.17 83.44 -20.43
N ASN J 55 -90.92 82.37 -20.21
CA ASN J 55 -91.07 81.27 -21.14
C ASN J 55 -92.52 81.20 -21.60
N PHE J 56 -92.73 81.11 -22.91
CA PHE J 56 -94.04 80.88 -23.49
C PHE J 56 -94.01 79.55 -24.22
N ALA J 57 -94.93 78.65 -23.85
CA ALA J 57 -94.96 77.32 -24.45
C ALA J 57 -96.36 77.03 -24.97
N LYS J 58 -96.43 76.59 -26.22
CA LYS J 58 -97.72 76.27 -26.84
C LYS J 58 -97.58 75.05 -27.73
N SER J 59 -98.51 74.13 -27.62
CA SER J 59 -98.55 72.99 -28.53
C SER J 59 -99.26 73.36 -29.83
N PHE J 60 -98.76 72.81 -30.92
CA PHE J 60 -99.26 73.09 -32.26
C PHE J 60 -99.40 71.78 -33.03
N PRO J 61 -100.33 71.70 -33.97
CA PRO J 61 -100.41 70.51 -34.83
C PRO J 61 -99.20 70.43 -35.73
N ASN J 62 -98.64 69.21 -35.86
CA ASN J 62 -97.47 68.96 -36.70
C ASN J 62 -97.70 67.61 -37.35
N GLY J 63 -98.26 67.62 -38.55
CA GLY J 63 -98.65 66.37 -39.18
C GLY J 63 -99.69 65.68 -38.32
N ASP J 64 -99.41 64.43 -37.97
CA ASP J 64 -100.29 63.67 -37.09
C ASP J 64 -99.99 63.90 -35.60
N LYS J 65 -98.84 64.47 -35.29
CA LYS J 65 -98.42 64.63 -33.90
C LYS J 65 -98.58 66.08 -33.46
N LYS J 66 -98.07 66.39 -32.26
CA LYS J 66 -98.08 67.74 -31.72
C LYS J 66 -96.65 68.16 -31.41
N SER J 67 -96.35 69.43 -31.69
CA SER J 67 -95.02 69.97 -31.50
C SER J 67 -95.09 71.20 -30.59
N LEU J 68 -94.08 71.34 -29.74
CA LEU J 68 -94.04 72.44 -28.78
C LEU J 68 -93.26 73.61 -29.36
N VAL J 69 -93.91 74.77 -29.45
CA VAL J 69 -93.26 76.02 -29.81
C VAL J 69 -93.00 76.80 -28.54
N VAL J 70 -91.74 77.19 -28.35
CA VAL J 70 -91.28 77.86 -27.13
C VAL J 70 -90.66 79.19 -27.51
N VAL J 71 -91.05 80.24 -26.81
CA VAL J 71 -90.45 81.57 -26.94
C VAL J 71 -89.85 81.96 -25.61
N ASN J 72 -88.57 82.33 -25.62
CA ASN J 72 -87.85 82.71 -24.41
C ASN J 72 -87.49 84.19 -24.45
N LEU J 73 -87.68 84.87 -23.33
CA LEU J 73 -87.26 86.25 -23.17
C LEU J 73 -86.47 86.37 -21.88
N THR J 74 -85.16 86.58 -21.98
CA THR J 74 -84.26 86.57 -20.83
C THR J 74 -83.52 87.89 -20.74
N ALA J 75 -83.54 88.48 -19.55
CA ALA J 75 -82.81 89.71 -19.25
C ALA J 75 -81.68 89.41 -18.29
N HIS J 76 -80.49 89.91 -18.60
CA HIS J 76 -79.30 89.76 -17.75
C HIS J 76 -78.90 91.16 -17.29
N VAL J 77 -79.14 91.47 -16.02
CA VAL J 77 -78.86 92.79 -15.49
C VAL J 77 -77.75 92.66 -14.44
N PRO J 78 -76.56 93.20 -14.68
CA PRO J 78 -75.52 93.18 -13.64
C PRO J 78 -75.92 94.04 -12.45
N VAL J 79 -75.48 93.62 -11.27
CA VAL J 79 -75.84 94.32 -10.04
C VAL J 79 -75.07 95.63 -9.94
N GLY J 80 -75.78 96.72 -9.61
CA GLY J 80 -75.21 98.05 -9.54
C GLY J 80 -75.72 98.97 -10.63
N VAL J 81 -76.20 98.40 -11.73
CA VAL J 81 -76.80 99.20 -12.80
C VAL J 81 -78.14 99.75 -12.33
N ASP J 82 -78.40 101.02 -12.64
CA ASP J 82 -79.65 101.65 -12.25
C ASP J 82 -80.84 100.91 -12.86
N ALA J 83 -81.81 100.57 -12.02
CA ALA J 83 -82.98 99.85 -12.50
C ALA J 83 -83.84 100.72 -13.41
N THR J 84 -83.99 102.00 -13.08
CA THR J 84 -84.83 102.89 -13.88
C THR J 84 -84.28 103.07 -15.28
N ALA J 85 -82.96 103.24 -15.42
CA ALA J 85 -82.36 103.37 -16.74
C ALA J 85 -82.55 102.11 -17.56
N VAL J 86 -82.38 100.95 -16.94
CA VAL J 86 -82.58 99.68 -17.64
C VAL J 86 -84.04 99.54 -18.08
N ARG J 87 -84.99 99.89 -17.21
CA ARG J 87 -86.40 99.80 -17.58
C ARG J 87 -86.73 100.74 -18.73
N THR J 88 -86.18 101.96 -18.71
CA THR J 88 -86.41 102.89 -19.81
C THR J 88 -85.83 102.35 -21.11
N TRP J 89 -84.63 101.77 -21.05
CA TRP J 89 -84.03 101.18 -22.25
C TRP J 89 -84.87 100.03 -22.79
N MET J 90 -85.36 99.16 -21.90
CA MET J 90 -86.17 98.04 -22.33
C MET J 90 -87.50 98.51 -22.94
N THR J 91 -88.10 99.52 -22.35
CA THR J 91 -89.40 100.00 -22.84
C THR J 91 -89.26 100.74 -24.17
N SER J 92 -88.22 101.57 -24.32
CA SER J 92 -88.10 102.40 -25.51
C SER J 92 -87.34 101.74 -26.64
N GLU J 93 -86.47 100.78 -26.36
CA GLU J 93 -85.66 100.15 -27.39
C GLU J 93 -85.94 98.67 -27.59
N VAL J 94 -85.88 97.87 -26.52
CA VAL J 94 -86.01 96.43 -26.67
C VAL J 94 -87.43 96.03 -27.01
N PHE J 95 -88.41 96.60 -26.32
CA PHE J 95 -89.80 96.18 -26.51
C PHE J 95 -90.32 96.45 -27.92
N PRO J 96 -90.17 97.64 -28.51
CA PRO J 96 -90.66 97.83 -29.88
C PRO J 96 -89.95 96.94 -30.89
N GLY J 97 -88.66 96.66 -30.70
CA GLY J 97 -87.95 95.84 -31.66
C GLY J 97 -88.22 94.36 -31.52
N ALA J 98 -88.57 93.91 -30.31
CA ALA J 98 -88.84 92.51 -30.04
C ALA J 98 -90.28 92.11 -30.36
N THR J 99 -91.13 93.07 -30.72
CA THR J 99 -92.51 92.80 -31.10
C THR J 99 -92.80 93.23 -32.53
N SER J 100 -91.76 93.47 -33.33
CA SER J 100 -91.91 93.90 -34.70
C SER J 100 -91.97 92.67 -35.63
N SER J 101 -92.15 92.94 -36.92
CA SER J 101 -92.13 91.86 -37.90
C SER J 101 -90.77 91.19 -38.00
N VAL J 102 -89.70 91.87 -37.54
CA VAL J 102 -88.37 91.28 -37.56
C VAL J 102 -88.33 90.02 -36.73
N THR J 103 -88.90 90.07 -35.52
CA THR J 103 -88.95 88.89 -34.66
C THR J 103 -89.76 87.77 -35.30
N LEU J 104 -90.89 88.11 -35.90
CA LEU J 104 -91.73 87.09 -36.53
C LEU J 104 -91.00 86.40 -37.67
N ASP J 105 -90.33 87.17 -38.53
CA ASP J 105 -89.60 86.57 -39.64
C ASP J 105 -88.41 85.75 -39.14
N LEU J 106 -87.71 86.23 -38.11
CA LEU J 106 -86.61 85.44 -37.56
C LEU J 106 -87.10 84.12 -36.99
N ALA J 107 -88.23 84.14 -36.30
CA ALA J 107 -88.73 82.93 -35.65
C ALA J 107 -89.28 81.94 -36.67
N THR J 108 -90.07 82.40 -37.62
CA THR J 108 -90.80 81.49 -38.51
C THR J 108 -90.12 81.24 -39.84
N LYS J 109 -89.14 82.06 -40.22
CA LYS J 109 -88.46 81.89 -41.50
C LYS J 109 -86.95 81.93 -41.39
N GLY J 110 -86.39 82.22 -40.21
CA GLY J 110 -84.95 82.32 -40.06
C GLY J 110 -84.34 83.49 -40.80
N VAL J 111 -85.04 84.62 -40.86
CA VAL J 111 -84.53 85.79 -41.58
C VAL J 111 -83.68 86.62 -40.64
N ILE J 112 -82.41 86.81 -41.00
CA ILE J 112 -81.47 87.61 -40.21
C ILE J 112 -81.03 88.87 -40.94
N HIS J 113 -81.55 89.12 -42.14
CA HIS J 113 -81.24 90.33 -42.92
C HIS J 113 -82.50 91.16 -43.04
N LEU J 114 -82.54 92.31 -42.36
CA LEU J 114 -83.71 93.19 -42.41
C LEU J 114 -83.47 94.29 -43.45
N SER J 115 -83.55 93.91 -44.71
CA SER J 115 -83.46 94.87 -45.80
C SER J 115 -84.85 95.40 -46.14
N ASP J 116 -84.89 96.65 -46.64
CA ASP J 116 -83.80 97.59 -46.78
C ASP J 116 -84.24 98.99 -46.35
N ALA J 117 -85.55 99.16 -46.19
CA ALA J 117 -86.13 100.45 -45.85
C ALA J 117 -85.63 100.96 -44.49
N LEU K 1 -82.69 101.24 -42.78
CA LEU K 1 -82.49 100.04 -41.99
C LEU K 1 -82.87 100.29 -40.53
N SER K 2 -83.98 99.70 -40.10
CA SER K 2 -84.48 99.94 -38.75
C SER K 2 -84.95 98.62 -38.13
N ILE K 3 -84.77 98.52 -36.83
CA ILE K 3 -85.33 97.44 -36.03
C ILE K 3 -86.20 98.09 -34.96
N GLY K 4 -87.50 97.87 -35.04
CA GLY K 4 -88.43 98.58 -34.19
C GLY K 4 -88.41 100.06 -34.49
N THR K 5 -88.20 100.88 -33.45
CA THR K 5 -88.06 102.32 -33.62
C THR K 5 -86.62 102.77 -33.74
N LYS K 6 -85.66 101.85 -33.67
CA LYS K 6 -84.24 102.18 -33.65
C LYS K 6 -83.64 101.95 -35.03
N ASN K 7 -83.07 103.00 -35.61
CA ASN K 7 -82.32 102.84 -36.85
C ASN K 7 -80.97 102.19 -36.57
N VAL K 8 -80.58 101.24 -37.41
CA VAL K 8 -79.35 100.49 -37.23
C VAL K 8 -78.63 100.39 -38.56
N SER K 9 -77.38 99.94 -38.50
CA SER K 9 -76.57 99.67 -39.68
C SER K 9 -75.87 98.34 -39.49
N ILE K 10 -75.53 97.70 -40.61
CA ILE K 10 -74.85 96.42 -40.55
C ILE K 10 -73.46 96.62 -39.95
N TYR K 11 -73.17 95.88 -38.88
CA TYR K 11 -71.89 95.95 -38.19
C TYR K 11 -71.02 94.74 -38.47
N ARG K 12 -71.58 93.53 -38.36
CA ARG K 12 -70.85 92.32 -38.69
C ARG K 12 -71.80 91.34 -39.32
N ASN K 13 -71.28 90.51 -40.21
CA ASN K 13 -72.11 89.64 -41.05
C ASN K 13 -71.42 88.29 -41.19
N THR K 14 -71.94 87.28 -40.50
CA THR K 14 -71.53 85.90 -40.67
C THR K 14 -72.65 85.11 -41.35
N ALA K 15 -72.43 83.81 -41.50
CA ALA K 15 -73.39 82.98 -42.24
C ALA K 15 -74.74 82.92 -41.54
N ASP K 16 -74.75 82.71 -40.22
CA ASP K 16 -75.99 82.55 -39.47
C ASP K 16 -76.21 83.62 -38.42
N GLU K 17 -75.36 84.64 -38.36
CA GLU K 17 -75.55 85.74 -37.43
C GLU K 17 -75.21 87.06 -38.11
N VAL K 18 -76.08 88.05 -37.91
CA VAL K 18 -75.81 89.42 -38.35
C VAL K 18 -75.95 90.33 -37.15
N ILE K 19 -74.88 91.07 -36.84
CA ILE K 19 -74.88 92.04 -35.76
C ILE K 19 -75.06 93.42 -36.37
N TYR K 20 -76.06 94.15 -35.90
CA TYR K 20 -76.31 95.53 -36.30
C TYR K 20 -75.97 96.45 -35.13
N ALA K 21 -75.51 97.65 -35.47
CA ALA K 21 -75.08 98.63 -34.47
C ALA K 21 -76.02 99.81 -34.48
N GLY K 22 -76.38 100.28 -33.29
CA GLY K 22 -77.18 101.47 -33.16
C GLY K 22 -76.36 102.71 -33.42
N PRO K 23 -77.02 103.88 -33.41
CA PRO K 23 -76.28 105.13 -33.67
C PRO K 23 -75.18 105.40 -32.66
N ALA K 24 -75.37 104.98 -31.41
CA ALA K 24 -74.43 105.27 -30.34
C ALA K 24 -73.27 104.27 -30.27
N HIS K 25 -73.37 103.14 -30.97
CA HIS K 25 -72.36 102.10 -30.85
C HIS K 25 -71.00 102.61 -31.29
N ASP K 26 -69.98 102.26 -30.51
CA ASP K 26 -68.61 102.66 -30.81
C ASP K 26 -67.67 101.68 -30.13
N VAL K 27 -66.38 102.04 -30.07
CA VAL K 27 -65.36 101.15 -29.52
C VAL K 27 -65.45 100.99 -28.01
N THR K 28 -66.13 101.89 -27.31
CA THR K 28 -66.27 101.81 -25.87
C THR K 28 -67.72 101.73 -25.39
N ASN K 29 -68.70 102.13 -26.20
CA ASN K 29 -70.11 102.00 -25.87
C ASN K 29 -70.71 100.92 -26.75
N VAL K 30 -71.30 99.91 -26.13
CA VAL K 30 -71.93 98.81 -26.86
C VAL K 30 -73.41 99.13 -27.02
N ASP K 31 -73.88 99.15 -28.27
CA ASP K 31 -75.30 99.28 -28.58
C ASP K 31 -75.55 98.41 -29.81
N THR K 32 -75.91 97.14 -29.58
CA THR K 32 -75.97 96.17 -30.66
C THR K 32 -77.25 95.36 -30.61
N VAL K 33 -77.74 95.02 -31.79
CA VAL K 33 -78.84 94.08 -31.98
C VAL K 33 -78.35 92.97 -32.88
N SER K 34 -78.24 91.77 -32.34
CA SER K 34 -77.81 90.61 -33.11
C SER K 34 -79.02 89.77 -33.49
N LEU K 35 -79.04 89.29 -34.73
CA LEU K 35 -79.98 88.27 -35.16
C LEU K 35 -79.18 87.01 -35.51
N ARG K 36 -79.42 85.95 -34.76
CA ARG K 36 -78.74 84.68 -34.94
C ARG K 36 -79.76 83.59 -35.21
N ARG K 37 -79.38 82.61 -36.02
CA ARG K 37 -80.27 81.50 -36.30
C ARG K 37 -79.51 80.20 -36.23
N SER K 38 -80.21 79.15 -35.81
CA SER K 38 -79.75 77.78 -35.89
C SER K 38 -80.73 77.03 -36.78
N LEU K 39 -80.25 76.61 -37.94
CA LEU K 39 -81.12 75.99 -38.93
C LEU K 39 -81.47 74.55 -38.52
N PRO K 40 -82.64 74.07 -38.91
CA PRO K 40 -83.06 72.72 -38.51
C PRO K 40 -82.11 71.65 -39.05
N VAL K 41 -81.72 70.75 -38.15
CA VAL K 41 -80.87 69.62 -38.52
C VAL K 41 -81.74 68.38 -38.54
N LYS K 42 -81.92 67.79 -39.72
CA LYS K 42 -82.74 66.60 -39.88
C LYS K 42 -81.91 65.44 -39.36
N LYS K 43 -82.26 64.96 -38.16
CA LYS K 43 -81.64 63.79 -37.57
C LYS K 43 -82.73 62.77 -37.22
N GLY K 44 -82.49 61.51 -37.55
CA GLY K 44 -83.48 60.48 -37.30
C GLY K 44 -84.77 60.78 -38.05
N SER K 45 -85.90 60.48 -37.41
CA SER K 45 -87.20 60.82 -37.97
C SER K 45 -87.63 62.25 -37.65
N ASP K 46 -86.94 62.92 -36.73
CA ASP K 46 -87.26 64.29 -36.39
C ASP K 46 -86.73 65.22 -37.46
N ASN K 47 -87.59 66.11 -37.95
CA ASN K 47 -87.23 67.04 -38.99
C ASN K 47 -86.33 68.18 -38.49
N GLY K 48 -86.17 68.33 -37.18
CA GLY K 48 -85.35 69.38 -36.62
C GLY K 48 -86.17 70.55 -36.10
N THR K 49 -85.45 71.55 -35.61
CA THR K 49 -86.05 72.73 -35.03
C THR K 49 -85.27 73.96 -35.46
N MET K 50 -85.99 74.98 -35.90
CA MET K 50 -85.38 76.28 -36.20
C MET K 50 -85.30 77.10 -34.91
N ARG K 51 -84.10 77.56 -34.58
CA ARG K 51 -83.89 78.44 -33.44
C ARG K 51 -83.61 79.84 -33.94
N GLY K 52 -84.35 80.82 -33.41
CA GLY K 52 -84.11 82.20 -33.74
C GLY K 52 -83.83 83.03 -32.50
N ASN K 53 -82.65 83.66 -32.43
CA ASN K 53 -82.24 84.43 -31.28
C ASN K 53 -82.09 85.89 -31.67
N MET K 54 -82.68 86.78 -30.87
CA MET K 54 -82.58 88.21 -31.03
C MET K 54 -81.94 88.78 -29.77
N ASN K 55 -80.73 89.32 -29.91
CA ASN K 55 -79.93 89.76 -28.78
C ASN K 55 -79.84 91.28 -28.78
N PHE K 56 -80.17 91.89 -27.65
CA PHE K 56 -79.99 93.32 -27.43
C PHE K 56 -78.90 93.49 -26.39
N ALA K 57 -77.83 94.21 -26.75
CA ALA K 57 -76.74 94.46 -25.83
C ALA K 57 -76.52 95.96 -25.70
N LYS K 58 -76.44 96.45 -24.47
CA LYS K 58 -76.25 97.87 -24.20
C LYS K 58 -75.31 98.08 -23.03
N SER K 59 -74.43 99.06 -23.15
CA SER K 59 -73.52 99.43 -22.07
C SER K 59 -74.22 100.40 -21.12
N PHE K 60 -73.99 100.21 -19.83
CA PHE K 60 -74.62 101.00 -18.80
C PHE K 60 -73.61 101.39 -17.73
N PRO K 61 -73.72 102.58 -17.16
CA PRO K 61 -72.86 102.95 -16.02
C PRO K 61 -73.17 102.10 -14.81
N ASN K 62 -72.17 101.37 -14.33
CA ASN K 62 -72.28 100.56 -13.12
C ASN K 62 -71.22 101.10 -12.16
N GLY K 63 -71.65 102.01 -11.29
CA GLY K 63 -70.74 102.69 -10.39
C GLY K 63 -69.66 103.44 -11.14
N ASP K 64 -68.43 102.95 -11.06
CA ASP K 64 -67.31 103.55 -11.78
C ASP K 64 -67.06 102.90 -13.12
N LYS K 65 -67.50 101.66 -13.31
CA LYS K 65 -67.21 100.89 -14.51
C LYS K 65 -68.43 100.88 -15.44
N LYS K 66 -68.33 100.13 -16.53
CA LYS K 66 -69.45 99.92 -17.43
C LYS K 66 -69.82 98.44 -17.44
N SER K 67 -71.12 98.17 -17.40
CA SER K 67 -71.66 96.81 -17.42
C SER K 67 -72.50 96.60 -18.65
N LEU K 68 -72.55 95.36 -19.12
CA LEU K 68 -73.31 95.01 -20.31
C LEU K 68 -74.64 94.41 -19.91
N VAL K 69 -75.73 95.08 -20.30
CA VAL K 69 -77.07 94.57 -20.10
C VAL K 69 -77.52 93.90 -21.40
N VAL K 70 -77.96 92.65 -21.29
CA VAL K 70 -78.31 91.83 -22.43
C VAL K 70 -79.73 91.32 -22.28
N VAL K 71 -80.52 91.43 -23.34
CA VAL K 71 -81.87 90.89 -23.41
C VAL K 71 -81.93 89.93 -24.60
N ASN K 72 -82.30 88.68 -24.34
CA ASN K 72 -82.39 87.68 -25.38
C ASN K 72 -83.85 87.29 -25.61
N LEU K 73 -84.25 87.24 -26.88
CA LEU K 73 -85.55 86.73 -27.29
C LEU K 73 -85.30 85.53 -28.21
N THR K 74 -85.58 84.33 -27.72
CA THR K 74 -85.29 83.10 -28.45
C THR K 74 -86.59 82.35 -28.73
N ALA K 75 -86.74 81.91 -29.96
CA ALA K 75 -87.88 81.10 -30.38
C ALA K 75 -87.41 79.77 -30.94
N HIS K 76 -88.08 78.69 -30.54
CA HIS K 76 -87.79 77.35 -31.03
C HIS K 76 -89.04 76.85 -31.75
N VAL K 77 -88.95 76.73 -33.08
CA VAL K 77 -90.09 76.32 -33.89
C VAL K 77 -89.74 74.99 -34.56
N PRO K 78 -90.44 73.90 -34.24
CA PRO K 78 -90.17 72.63 -34.92
C PRO K 78 -90.64 72.66 -36.37
N VAL K 79 -89.91 71.94 -37.22
CA VAL K 79 -90.29 71.85 -38.62
C VAL K 79 -91.58 71.05 -38.77
N GLY K 80 -92.48 71.55 -39.62
CA GLY K 80 -93.76 70.92 -39.87
C GLY K 80 -94.93 71.70 -39.31
N VAL K 81 -94.69 72.63 -38.41
CA VAL K 81 -95.74 73.46 -37.84
C VAL K 81 -96.10 74.56 -38.84
N ASP K 82 -97.37 74.95 -38.84
CA ASP K 82 -97.81 76.05 -39.70
C ASP K 82 -97.23 77.36 -39.21
N ALA K 83 -96.61 78.11 -40.13
CA ALA K 83 -95.95 79.35 -39.74
C ALA K 83 -96.96 80.45 -39.43
N THR K 84 -98.08 80.49 -40.15
CA THR K 84 -99.10 81.50 -39.90
C THR K 84 -99.70 81.36 -38.50
N ALA K 85 -99.97 80.13 -38.07
CA ALA K 85 -100.50 79.91 -36.74
C ALA K 85 -99.51 80.37 -35.67
N VAL K 86 -98.23 80.06 -35.86
CA VAL K 86 -97.21 80.47 -34.88
C VAL K 86 -97.09 81.98 -34.85
N ARG K 87 -97.14 82.64 -36.01
CA ARG K 87 -97.07 84.10 -36.04
C ARG K 87 -98.28 84.72 -35.34
N THR K 88 -99.47 84.16 -35.57
CA THR K 88 -100.66 84.67 -34.90
C THR K 88 -100.58 84.50 -33.39
N TRP K 89 -100.10 83.33 -32.94
CA TRP K 89 -99.94 83.11 -31.50
C TRP K 89 -98.92 84.07 -30.90
N MET K 90 -97.80 84.29 -31.59
CA MET K 90 -96.79 85.20 -31.09
C MET K 90 -97.29 86.64 -31.04
N THR K 91 -98.08 87.05 -32.03
CA THR K 91 -98.60 88.42 -32.05
C THR K 91 -99.66 88.62 -30.97
N SER K 92 -100.59 87.68 -30.83
CA SER K 92 -101.72 87.88 -29.93
C SER K 92 -101.44 87.48 -28.48
N GLU K 93 -100.51 86.57 -28.24
CA GLU K 93 -100.31 86.04 -26.90
C GLU K 93 -98.91 86.26 -26.35
N VAL K 94 -97.87 86.11 -27.16
CA VAL K 94 -96.51 86.24 -26.66
C VAL K 94 -96.11 87.70 -26.53
N PHE K 95 -96.33 88.48 -27.59
CA PHE K 95 -95.89 89.87 -27.59
C PHE K 95 -96.53 90.72 -26.50
N PRO K 96 -97.85 90.69 -26.28
CA PRO K 96 -98.41 91.52 -25.20
C PRO K 96 -97.86 91.19 -23.82
N GLY K 97 -97.59 89.91 -23.54
CA GLY K 97 -97.07 89.54 -22.24
C GLY K 97 -95.59 89.78 -22.08
N ALA K 98 -94.82 89.69 -23.18
CA ALA K 98 -93.38 89.88 -23.10
C ALA K 98 -93.00 91.34 -22.90
N THR K 99 -93.86 92.27 -23.28
CA THR K 99 -93.59 93.70 -23.13
C THR K 99 -94.48 94.34 -22.08
N SER K 100 -94.82 93.59 -21.03
CA SER K 100 -95.67 94.08 -19.95
C SER K 100 -94.79 94.53 -18.78
N SER K 101 -95.45 95.02 -17.73
CA SER K 101 -94.75 95.33 -16.50
C SER K 101 -94.21 94.09 -15.81
N VAL K 102 -94.71 92.91 -16.18
CA VAL K 102 -94.21 91.67 -15.62
C VAL K 102 -92.75 91.46 -16.00
N THR K 103 -92.40 91.75 -17.25
CA THR K 103 -91.01 91.60 -17.69
C THR K 103 -90.09 92.53 -16.91
N LEU K 104 -90.48 93.79 -16.77
CA LEU K 104 -89.66 94.76 -16.04
C LEU K 104 -89.52 94.37 -14.57
N ASP K 105 -90.62 93.93 -13.95
CA ASP K 105 -90.57 93.53 -12.55
C ASP K 105 -89.69 92.31 -12.35
N LEU K 106 -89.77 91.34 -13.27
CA LEU K 106 -88.90 90.17 -13.19
C LEU K 106 -87.44 90.56 -13.38
N ALA K 107 -87.17 91.49 -14.29
CA ALA K 107 -85.79 91.88 -14.56
C ALA K 107 -85.17 92.62 -13.38
N THR K 108 -85.87 93.61 -12.83
CA THR K 108 -85.28 94.51 -11.84
C THR K 108 -85.67 94.18 -10.41
N LYS K 109 -86.50 93.17 -10.17
CA LYS K 109 -86.88 92.81 -8.81
C LYS K 109 -86.92 91.33 -8.54
N GLY K 110 -86.78 90.47 -9.54
CA GLY K 110 -86.93 89.05 -9.33
C GLY K 110 -88.32 88.62 -8.94
N VAL K 111 -89.34 89.30 -9.46
CA VAL K 111 -90.73 88.98 -9.12
C VAL K 111 -91.22 87.87 -10.04
N ILE K 112 -91.50 86.70 -9.46
CA ILE K 112 -92.05 85.57 -10.21
C ILE K 112 -93.47 85.24 -9.79
N HIS K 113 -93.97 85.79 -8.69
CA HIS K 113 -95.33 85.58 -8.24
C HIS K 113 -96.18 86.76 -8.69
N LEU K 114 -97.22 86.48 -9.47
CA LEU K 114 -98.07 87.51 -10.04
C LEU K 114 -99.19 87.86 -9.06
N SER K 115 -99.69 89.08 -9.17
CA SER K 115 -100.78 89.56 -8.34
C SER K 115 -101.49 90.72 -9.02
N ASP K 116 -102.78 90.89 -8.73
CA ASP K 116 -103.64 89.97 -7.99
C ASP K 116 -105.01 89.89 -8.67
N ALA K 117 -105.26 90.82 -9.58
CA ALA K 117 -106.55 90.90 -10.26
C ALA K 117 -106.45 90.42 -11.70
N LEU L 1 -39.51 122.61 -48.63
CA LEU L 1 -39.86 121.19 -48.52
C LEU L 1 -41.31 121.04 -48.11
N SER L 2 -42.14 120.54 -49.03
CA SER L 2 -43.56 120.39 -48.79
C SER L 2 -44.02 118.99 -49.19
N ILE L 3 -44.85 118.39 -48.35
CA ILE L 3 -45.56 117.16 -48.67
C ILE L 3 -47.05 117.49 -48.53
N GLY L 4 -47.67 117.88 -49.63
CA GLY L 4 -49.03 118.39 -49.58
C GLY L 4 -49.04 119.86 -49.21
N THR L 5 -49.72 120.21 -48.12
CA THR L 5 -49.70 121.56 -47.58
C THR L 5 -48.81 121.69 -46.36
N LYS L 6 -48.06 120.64 -46.01
CA LYS L 6 -47.25 120.61 -44.79
C LYS L 6 -45.80 120.97 -45.13
N ASN L 7 -45.23 121.89 -44.36
CA ASN L 7 -43.82 122.23 -44.47
C ASN L 7 -43.03 121.30 -43.55
N VAL L 8 -42.14 120.49 -44.15
CA VAL L 8 -41.37 119.51 -43.41
C VAL L 8 -39.89 119.81 -43.60
N SER L 9 -39.07 119.15 -42.78
CA SER L 9 -37.62 119.22 -42.89
C SER L 9 -37.05 117.83 -42.76
N ILE L 10 -35.87 117.62 -43.37
CA ILE L 10 -35.21 116.33 -43.27
C ILE L 10 -34.84 116.06 -41.82
N TYR L 11 -35.31 114.94 -41.30
CA TYR L 11 -35.05 114.54 -39.92
C TYR L 11 -34.18 113.30 -39.83
N ARG L 12 -34.37 112.33 -40.73
CA ARG L 12 -33.53 111.15 -40.75
C ARG L 12 -33.33 110.73 -42.19
N ASN L 13 -32.10 110.42 -42.57
CA ASN L 13 -31.77 110.07 -43.94
C ASN L 13 -31.09 108.72 -43.96
N THR L 14 -31.72 107.75 -44.59
CA THR L 14 -31.26 106.37 -44.70
C THR L 14 -31.28 105.98 -46.18
N ALA L 15 -30.50 104.96 -46.53
CA ALA L 15 -30.37 104.55 -47.92
C ALA L 15 -31.73 104.28 -48.57
N ASP L 16 -32.68 103.74 -47.81
CA ASP L 16 -33.98 103.37 -48.37
C ASP L 16 -35.15 103.99 -47.59
N GLU L 17 -34.89 104.99 -46.76
CA GLU L 17 -35.95 105.62 -45.99
C GLU L 17 -35.52 107.02 -45.60
N VAL L 18 -36.40 107.99 -45.83
CA VAL L 18 -36.17 109.36 -45.37
C VAL L 18 -37.37 109.77 -44.54
N ILE L 19 -37.11 110.16 -43.30
CA ILE L 19 -38.15 110.63 -42.38
C ILE L 19 -38.07 112.15 -42.32
N TYR L 20 -39.19 112.81 -42.63
CA TYR L 20 -39.33 114.25 -42.53
C TYR L 20 -40.20 114.58 -41.33
N ALA L 21 -39.84 115.64 -40.63
CA ALA L 21 -40.55 116.06 -39.42
C ALA L 21 -41.37 117.31 -39.71
N GLY L 22 -42.58 117.34 -39.18
CA GLY L 22 -43.44 118.49 -39.31
C GLY L 22 -43.14 119.55 -38.28
N PRO L 23 -43.90 120.64 -38.30
CA PRO L 23 -43.65 121.73 -37.33
C PRO L 23 -43.84 121.31 -35.88
N ALA L 24 -44.70 120.33 -35.62
CA ALA L 24 -45.04 119.94 -34.26
C ALA L 24 -44.22 118.73 -33.78
N HIS L 25 -43.18 118.34 -34.50
CA HIS L 25 -42.36 117.21 -34.11
C HIS L 25 -41.21 117.67 -33.21
N ASP L 26 -40.98 116.90 -32.16
CA ASP L 26 -39.91 117.17 -31.20
C ASP L 26 -39.56 115.87 -30.48
N VAL L 27 -38.84 115.96 -29.37
CA VAL L 27 -38.42 114.78 -28.63
C VAL L 27 -39.61 114.03 -28.02
N THR L 28 -40.61 114.74 -27.52
CA THR L 28 -41.74 114.11 -26.84
C THR L 28 -42.99 113.96 -27.68
N ASN L 29 -43.06 114.59 -28.86
CA ASN L 29 -44.24 114.49 -29.72
C ASN L 29 -43.81 114.01 -31.10
N VAL L 30 -44.71 113.27 -31.75
CA VAL L 30 -44.44 112.69 -33.06
C VAL L 30 -45.30 113.38 -34.10
N ASP L 31 -44.66 113.97 -35.10
CA ASP L 31 -45.33 114.50 -36.28
C ASP L 31 -44.39 114.25 -37.46
N THR L 32 -44.56 113.10 -38.11
CA THR L 32 -43.58 112.66 -39.10
C THR L 32 -44.26 112.11 -40.34
N VAL L 33 -43.60 112.30 -41.48
CA VAL L 33 -43.94 111.64 -42.74
C VAL L 33 -42.68 110.92 -43.23
N SER L 34 -42.76 109.61 -43.37
CA SER L 34 -41.63 108.79 -43.76
C SER L 34 -41.86 108.24 -45.17
N LEU L 35 -40.89 108.44 -46.05
CA LEU L 35 -40.89 107.82 -47.37
C LEU L 35 -39.94 106.63 -47.35
N ARG L 36 -40.46 105.47 -47.71
CA ARG L 36 -39.69 104.22 -47.72
C ARG L 36 -39.83 103.58 -49.09
N ARG L 37 -38.79 102.85 -49.48
CA ARG L 37 -38.80 102.21 -50.79
C ARG L 37 -38.12 100.86 -50.71
N SER L 38 -38.57 99.95 -51.58
CA SER L 38 -37.93 98.67 -51.81
C SER L 38 -37.75 98.56 -53.32
N LEU L 39 -36.50 98.64 -53.77
CA LEU L 39 -36.18 98.67 -55.17
C LEU L 39 -36.33 97.28 -55.79
N PRO L 40 -36.60 97.20 -57.09
CA PRO L 40 -36.77 95.89 -57.73
C PRO L 40 -35.52 95.05 -57.61
N VAL L 41 -35.72 93.75 -57.39
CA VAL L 41 -34.65 92.76 -57.36
C VAL L 41 -34.87 91.82 -58.53
N LYS L 42 -33.92 91.80 -59.46
CA LYS L 42 -34.04 90.98 -60.67
C LYS L 42 -33.73 89.53 -60.29
N LYS L 43 -34.74 88.89 -59.71
CA LYS L 43 -34.61 87.52 -59.23
C LYS L 43 -35.06 86.56 -60.33
N GLY L 44 -34.15 85.71 -60.79
CA GLY L 44 -34.48 84.78 -61.85
C GLY L 44 -34.88 85.53 -63.11
N SER L 45 -36.00 85.13 -63.70
CA SER L 45 -36.54 85.82 -64.87
C SER L 45 -37.45 86.98 -64.51
N ASP L 46 -38.02 86.99 -63.31
CA ASP L 46 -38.85 88.11 -62.88
C ASP L 46 -37.99 89.34 -62.67
N ASN L 47 -38.42 90.47 -63.24
CA ASN L 47 -37.71 91.73 -63.08
C ASN L 47 -37.92 92.36 -61.71
N GLY L 48 -38.80 91.81 -60.90
CA GLY L 48 -39.03 92.31 -59.56
C GLY L 48 -40.21 93.25 -59.47
N THR L 49 -40.33 93.86 -58.29
CA THR L 49 -41.42 94.78 -57.99
C THR L 49 -40.86 95.98 -57.25
N MET L 50 -41.32 97.17 -57.63
CA MET L 50 -40.98 98.39 -56.91
C MET L 50 -42.04 98.64 -55.85
N ARG L 51 -41.62 98.74 -54.60
CA ARG L 51 -42.52 98.99 -53.49
C ARG L 51 -42.28 100.37 -52.93
N GLY L 52 -43.32 101.18 -52.85
CA GLY L 52 -43.24 102.51 -52.25
C GLY L 52 -44.16 102.58 -51.04
N ASN L 53 -43.70 103.26 -50.00
CA ASN L 53 -44.48 103.39 -48.78
C ASN L 53 -44.40 104.82 -48.28
N MET L 54 -45.54 105.40 -47.95
CA MET L 54 -45.61 106.70 -47.31
C MET L 54 -46.33 106.52 -45.98
N ASN L 55 -45.65 106.89 -44.90
CA ASN L 55 -46.13 106.69 -43.54
C ASN L 55 -46.37 108.04 -42.88
N PHE L 56 -47.54 108.21 -42.28
CA PHE L 56 -47.89 109.40 -41.51
C PHE L 56 -48.04 109.00 -40.06
N ALA L 57 -47.32 109.67 -39.17
CA ALA L 57 -47.37 109.36 -37.75
C ALA L 57 -47.62 110.64 -36.97
N LYS L 58 -48.61 110.60 -36.08
CA LYS L 58 -48.93 111.75 -35.24
C LYS L 58 -49.27 111.29 -33.83
N SER L 59 -48.92 112.12 -32.85
CA SER L 59 -49.28 111.88 -31.47
C SER L 59 -50.60 112.57 -31.14
N PHE L 60 -51.42 111.89 -30.33
CA PHE L 60 -52.73 112.38 -29.97
C PHE L 60 -52.97 112.14 -28.49
N PRO L 61 -53.71 113.02 -27.83
CA PRO L 61 -54.08 112.76 -26.43
C PRO L 61 -54.98 111.53 -26.33
N ASN L 62 -54.60 110.61 -25.43
CA ASN L 62 -55.34 109.38 -25.17
C ASN L 62 -55.54 109.31 -23.66
N GLY L 63 -56.64 109.87 -23.18
CA GLY L 63 -56.87 109.94 -21.75
C GLY L 63 -55.76 110.66 -21.03
N ASP L 64 -54.95 109.91 -20.30
CA ASP L 64 -53.80 110.49 -19.62
C ASP L 64 -52.58 110.53 -20.51
N LYS L 65 -52.36 109.48 -21.31
CA LYS L 65 -51.12 109.34 -22.06
C LYS L 65 -51.27 109.92 -23.46
N LYS L 66 -50.30 109.63 -24.34
CA LYS L 66 -50.33 110.05 -25.73
C LYS L 66 -50.18 108.82 -26.61
N SER L 67 -51.13 108.62 -27.53
CA SER L 67 -51.13 107.49 -28.43
C SER L 67 -50.70 107.91 -29.83
N LEU L 68 -50.20 106.94 -30.59
CA LEU L 68 -49.68 107.20 -31.92
C LEU L 68 -50.68 106.73 -32.97
N VAL L 69 -51.12 107.64 -33.82
CA VAL L 69 -51.97 107.33 -34.96
C VAL L 69 -51.11 107.30 -36.21
N VAL L 70 -51.20 106.20 -36.96
CA VAL L 70 -50.37 105.96 -38.13
C VAL L 70 -51.26 105.67 -39.32
N VAL L 71 -50.99 106.33 -40.44
CA VAL L 71 -51.66 106.07 -41.70
C VAL L 71 -50.61 105.62 -42.71
N ASN L 72 -50.81 104.46 -43.31
CA ASN L 72 -49.87 103.90 -44.25
C ASN L 72 -50.45 103.95 -45.67
N LEU L 73 -49.59 104.18 -46.64
CA LEU L 73 -49.98 104.17 -48.05
C LEU L 73 -48.89 103.44 -48.83
N THR L 74 -49.18 102.21 -49.26
CA THR L 74 -48.19 101.37 -49.90
C THR L 74 -48.64 101.01 -51.31
N ALA L 75 -47.72 101.14 -52.26
CA ALA L 75 -47.96 100.80 -53.66
C ALA L 75 -46.95 99.76 -54.12
N HIS L 76 -47.44 98.74 -54.81
CA HIS L 76 -46.61 97.68 -55.39
C HIS L 76 -46.76 97.73 -56.89
N VAL L 77 -45.70 98.10 -57.60
CA VAL L 77 -45.75 98.20 -59.05
C VAL L 77 -44.76 97.21 -59.66
N PRO L 78 -45.24 96.19 -60.38
CA PRO L 78 -44.30 95.26 -61.02
C PRO L 78 -43.52 95.94 -62.12
N VAL L 79 -42.27 95.49 -62.30
CA VAL L 79 -41.41 96.07 -63.32
C VAL L 79 -41.88 95.64 -64.70
N GLY L 80 -41.96 96.60 -65.62
CA GLY L 80 -42.43 96.37 -66.98
C GLY L 80 -43.80 96.97 -67.23
N VAL L 81 -44.60 97.15 -66.17
CA VAL L 81 -45.89 97.81 -66.32
C VAL L 81 -45.67 99.26 -66.71
N ASP L 82 -46.45 99.74 -67.66
CA ASP L 82 -46.34 101.13 -68.11
C ASP L 82 -46.64 102.08 -66.96
N ALA L 83 -45.72 103.02 -66.72
CA ALA L 83 -45.83 103.90 -65.56
C ALA L 83 -46.96 104.91 -65.73
N THR L 84 -47.16 105.40 -66.95
CA THR L 84 -48.20 106.41 -67.17
C THR L 84 -49.59 105.86 -66.89
N ALA L 85 -49.84 104.61 -67.29
CA ALA L 85 -51.12 103.98 -67.00
C ALA L 85 -51.35 103.85 -65.50
N VAL L 86 -50.32 103.43 -64.76
CA VAL L 86 -50.46 103.32 -63.31
C VAL L 86 -50.72 104.68 -62.70
N ARG L 87 -50.03 105.72 -63.18
CA ARG L 87 -50.19 107.05 -62.60
C ARG L 87 -51.58 107.60 -62.87
N THR L 88 -52.11 107.41 -64.08
CA THR L 88 -53.47 107.91 -64.34
C THR L 88 -54.51 107.07 -63.60
N TRP L 89 -54.25 105.77 -63.41
CA TRP L 89 -55.15 104.95 -62.60
C TRP L 89 -55.19 105.44 -61.16
N MET L 90 -54.02 105.75 -60.58
CA MET L 90 -53.97 106.26 -59.22
C MET L 90 -54.65 107.63 -59.12
N THR L 91 -54.39 108.50 -60.09
CA THR L 91 -54.96 109.85 -60.04
C THR L 91 -56.47 109.82 -60.18
N SER L 92 -57.01 108.97 -61.05
CA SER L 92 -58.43 108.98 -61.36
C SER L 92 -59.23 107.97 -60.54
N GLU L 93 -58.66 106.81 -60.20
CA GLU L 93 -59.41 105.73 -59.59
C GLU L 93 -59.04 105.46 -58.14
N VAL L 94 -57.78 105.68 -57.75
CA VAL L 94 -57.35 105.33 -56.40
C VAL L 94 -57.47 106.53 -55.47
N PHE L 95 -56.92 107.68 -55.87
CA PHE L 95 -56.87 108.86 -55.03
C PHE L 95 -58.26 109.40 -54.66
N PRO L 96 -59.20 109.58 -55.60
CA PRO L 96 -60.51 110.09 -55.20
C PRO L 96 -61.25 109.18 -54.22
N GLY L 97 -61.10 107.86 -54.34
CA GLY L 97 -61.75 106.96 -53.41
C GLY L 97 -61.02 106.80 -52.10
N ALA L 98 -59.70 107.03 -52.10
CA ALA L 98 -58.89 106.86 -50.90
C ALA L 98 -58.97 108.04 -49.96
N THR L 99 -59.54 109.17 -50.39
CA THR L 99 -59.64 110.37 -49.58
C THR L 99 -61.08 110.77 -49.31
N SER L 100 -62.02 109.85 -49.47
CA SER L 100 -63.43 110.14 -49.28
C SER L 100 -63.82 109.87 -47.84
N SER L 101 -65.12 109.96 -47.54
CA SER L 101 -65.61 109.66 -46.21
C SER L 101 -65.54 108.17 -45.89
N VAL L 102 -65.40 107.32 -46.91
CA VAL L 102 -65.27 105.89 -46.68
C VAL L 102 -64.01 105.60 -45.88
N THR L 103 -62.90 106.27 -46.24
CA THR L 103 -61.66 106.08 -45.50
C THR L 103 -61.80 106.53 -44.05
N LEU L 104 -62.48 107.65 -43.83
CA LEU L 104 -62.66 108.15 -42.46
C LEU L 104 -63.50 107.18 -41.63
N ASP L 105 -64.59 106.68 -42.20
CA ASP L 105 -65.43 105.73 -41.47
C ASP L 105 -64.68 104.44 -41.20
N LEU L 106 -63.91 103.95 -42.17
CA LEU L 106 -63.14 102.73 -41.98
C LEU L 106 -62.06 102.91 -40.91
N ALA L 107 -61.43 104.08 -40.87
CA ALA L 107 -60.36 104.32 -39.90
C ALA L 107 -60.90 104.51 -38.49
N THR L 108 -62.02 105.22 -38.35
CA THR L 108 -62.52 105.55 -37.01
C THR L 108 -63.52 104.55 -36.48
N LYS L 109 -64.31 103.91 -37.35
CA LYS L 109 -65.35 102.99 -36.90
C LYS L 109 -65.28 101.61 -37.54
N GLY L 110 -64.39 101.38 -38.50
CA GLY L 110 -64.30 100.08 -39.13
C GLY L 110 -65.46 99.75 -40.05
N VAL L 111 -66.04 100.74 -40.71
CA VAL L 111 -67.19 100.52 -41.58
C VAL L 111 -66.71 99.97 -42.90
N ILE L 112 -67.16 98.75 -43.24
CA ILE L 112 -66.76 98.08 -44.47
C ILE L 112 -67.93 97.94 -45.45
N HIS L 113 -69.12 98.40 -45.08
CA HIS L 113 -70.30 98.35 -45.95
C HIS L 113 -70.69 99.79 -46.28
N LEU L 114 -70.45 100.22 -47.52
CA LEU L 114 -70.69 101.61 -47.91
C LEU L 114 -72.04 101.73 -48.61
N SER L 115 -73.10 101.41 -47.88
CA SER L 115 -74.46 101.50 -48.40
C SER L 115 -74.91 102.96 -48.44
N ASP L 116 -75.70 103.28 -49.47
CA ASP L 116 -76.05 102.43 -50.59
C ASP L 116 -75.92 103.18 -51.91
N ALA L 117 -76.01 104.51 -51.83
CA ALA L 117 -75.96 105.36 -53.02
C ALA L 117 -74.54 105.45 -53.57
N LEU M 1 33.30 12.30 132.69
CA LEU M 1 32.21 12.63 131.78
C LEU M 1 30.87 12.26 132.38
N SER M 2 29.97 13.25 132.46
CA SER M 2 28.65 13.03 133.03
C SER M 2 27.62 13.83 132.24
N ILE M 3 26.41 13.29 132.16
CA ILE M 3 25.27 13.95 131.54
C ILE M 3 24.16 13.93 132.58
N GLY M 4 23.97 15.05 133.27
CA GLY M 4 23.10 15.05 134.43
C GLY M 4 23.74 14.29 135.57
N THR M 5 23.13 13.18 135.99
CA THR M 5 23.68 12.34 137.05
C THR M 5 24.21 11.01 136.53
N LYS M 6 24.29 10.82 135.22
CA LYS M 6 24.72 9.57 134.62
C LYS M 6 26.13 9.71 134.06
N ASN M 7 26.98 8.71 134.36
CA ASN M 7 28.34 8.68 133.83
C ASN M 7 28.33 8.06 132.44
N VAL M 8 29.02 8.72 131.51
CA VAL M 8 29.07 8.27 130.12
C VAL M 8 30.52 8.27 129.65
N SER M 9 30.73 7.66 128.49
CA SER M 9 32.03 7.63 127.83
C SER M 9 31.82 7.91 126.35
N ILE M 10 32.82 8.53 125.72
CA ILE M 10 32.74 8.78 124.29
C ILE M 10 32.67 7.45 123.57
N TYR M 11 31.65 7.27 122.75
CA TYR M 11 31.45 6.05 121.98
C TYR M 11 31.65 6.24 120.49
N ARG M 12 31.08 7.28 119.90
CA ARG M 12 31.26 7.55 118.48
C ARG M 12 31.47 9.04 118.28
N ASN M 13 32.44 9.39 117.44
CA ASN M 13 32.79 10.79 117.20
C ASN M 13 32.69 11.06 115.71
N THR M 14 31.88 12.06 115.34
CA THR M 14 31.84 12.56 113.98
C THR M 14 32.02 14.07 114.00
N ALA M 15 31.94 14.70 112.82
CA ALA M 15 32.19 16.14 112.74
C ALA M 15 31.15 16.94 113.52
N ASP M 16 29.87 16.55 113.41
CA ASP M 16 28.79 17.31 114.02
C ASP M 16 27.94 16.47 114.98
N GLU M 17 28.40 15.28 115.35
CA GLU M 17 27.63 14.46 116.28
C GLU M 17 28.59 13.61 117.12
N VAL M 18 28.33 13.57 118.41
CA VAL M 18 29.06 12.70 119.34
C VAL M 18 28.05 11.85 120.09
N ILE M 19 28.24 10.53 120.04
CA ILE M 19 27.42 9.59 120.78
C ILE M 19 28.21 9.11 121.99
N TYR M 20 27.60 9.21 123.18
CA TYR M 20 28.15 8.73 124.43
C TYR M 20 27.36 7.50 124.88
N ALA M 21 28.05 6.55 125.48
CA ALA M 21 27.46 5.29 125.91
C ALA M 21 27.32 5.28 127.42
N GLY M 22 26.17 4.83 127.90
CA GLY M 22 25.92 4.70 129.32
C GLY M 22 26.48 3.41 129.88
N PRO M 23 26.37 3.23 131.19
CA PRO M 23 26.94 2.02 131.82
C PRO M 23 26.31 0.73 131.37
N ALA M 24 25.09 0.75 130.84
CA ALA M 24 24.37 -0.45 130.44
C ALA M 24 24.47 -0.73 128.95
N HIS M 25 25.26 0.04 128.21
CA HIS M 25 25.36 -0.13 126.77
C HIS M 25 26.33 -1.25 126.43
N ASP M 26 25.87 -2.22 125.65
CA ASP M 26 26.71 -3.29 125.14
C ASP M 26 26.14 -3.75 123.80
N VAL M 27 26.56 -4.93 123.35
CA VAL M 27 26.15 -5.47 122.05
C VAL M 27 24.64 -5.74 122.05
N THR M 28 24.07 -6.05 123.21
CA THR M 28 22.67 -6.44 123.30
C THR M 28 21.76 -5.32 123.78
N ASN M 29 22.23 -4.44 124.65
CA ASN M 29 21.40 -3.41 125.26
C ASN M 29 21.87 -2.03 124.81
N VAL M 30 20.93 -1.16 124.48
CA VAL M 30 21.23 0.19 124.06
C VAL M 30 21.02 1.14 125.23
N ASP M 31 22.03 1.95 125.52
CA ASP M 31 21.94 3.02 126.52
C ASP M 31 22.86 4.13 126.02
N THR M 32 22.30 5.08 125.27
CA THR M 32 23.12 6.08 124.61
C THR M 32 22.51 7.46 124.73
N VAL M 33 23.39 8.46 124.73
CA VAL M 33 23.00 9.87 124.63
C VAL M 33 23.83 10.49 123.51
N SER M 34 23.16 11.09 122.54
CA SER M 34 23.81 11.68 121.39
C SER M 34 23.63 13.20 121.40
N LEU M 35 24.71 13.91 121.07
CA LEU M 35 24.69 15.36 120.93
C LEU M 35 25.00 15.70 119.48
N ARG M 36 24.09 16.40 118.82
CA ARG M 36 24.23 16.74 117.42
C ARG M 36 24.02 18.24 117.24
N ARG M 37 24.79 18.84 116.33
CA ARG M 37 24.68 20.25 116.03
C ARG M 37 24.51 20.46 114.53
N SER M 38 23.68 21.44 114.20
CA SER M 38 23.52 21.95 112.84
C SER M 38 23.88 23.42 112.92
N LEU M 39 25.08 23.75 112.46
CA LEU M 39 25.57 25.12 112.55
C LEU M 39 24.87 26.00 111.53
N PRO M 40 24.70 27.29 111.84
CA PRO M 40 23.99 28.18 110.92
C PRO M 40 24.72 28.30 109.59
N VAL M 41 23.93 28.37 108.52
CA VAL M 41 24.44 28.64 107.17
C VAL M 41 23.89 30.01 106.79
N LYS M 42 24.76 31.03 106.84
CA LYS M 42 24.36 32.41 106.62
C LYS M 42 24.31 32.67 105.12
N LYS M 43 23.37 31.99 104.46
CA LYS M 43 23.14 32.15 103.03
C LYS M 43 22.40 33.46 102.75
N GLY M 44 22.69 34.04 101.58
CA GLY M 44 22.10 35.30 101.18
C GLY M 44 22.24 36.38 102.23
N SER M 45 21.11 36.82 102.78
CA SER M 45 21.11 37.79 103.86
C SER M 45 20.74 37.19 105.22
N ASP M 46 19.94 36.13 105.24
CA ASP M 46 19.57 35.50 106.50
C ASP M 46 20.78 34.85 107.14
N ASN M 47 20.93 35.01 108.45
CA ASN M 47 22.09 34.51 109.17
C ASN M 47 21.93 33.07 109.60
N GLY M 48 20.82 32.41 109.27
CA GLY M 48 20.65 31.00 109.56
C GLY M 48 20.21 30.73 110.99
N THR M 49 20.13 29.44 111.29
CA THR M 49 19.65 28.96 112.58
C THR M 49 20.63 27.94 113.15
N MET M 50 20.89 28.05 114.45
CA MET M 50 21.65 27.05 115.17
C MET M 50 20.69 26.00 115.71
N ARG M 51 20.92 24.74 115.35
CA ARG M 51 20.05 23.64 115.75
C ARG M 51 20.82 22.70 116.66
N GLY M 52 20.35 22.54 117.89
CA GLY M 52 20.98 21.64 118.83
C GLY M 52 20.08 20.49 119.22
N ASN M 53 20.49 19.26 118.92
CA ASN M 53 19.67 18.07 119.17
C ASN M 53 20.33 17.18 120.22
N MET M 54 19.55 16.78 121.20
CA MET M 54 19.99 15.87 122.26
C MET M 54 19.10 14.64 122.22
N ASN M 55 19.73 13.47 122.07
CA ASN M 55 19.03 12.21 121.82
C ASN M 55 19.29 11.26 122.99
N PHE M 56 18.24 10.64 123.49
CA PHE M 56 18.33 9.62 124.52
C PHE M 56 17.74 8.33 123.97
N ALA M 57 18.52 7.25 123.98
CA ALA M 57 18.09 5.98 123.42
C ALA M 57 18.27 4.89 124.46
N LYS M 58 17.22 4.09 124.67
CA LYS M 58 17.27 3.01 125.64
C LYS M 58 16.47 1.82 125.13
N SER M 59 17.03 0.62 125.23
CA SER M 59 16.31 -0.58 124.88
C SER M 59 15.47 -1.07 126.04
N PHE M 60 14.27 -1.56 125.72
CA PHE M 60 13.31 -2.02 126.70
C PHE M 60 12.76 -3.37 126.26
N PRO M 61 12.39 -4.24 127.21
CA PRO M 61 11.73 -5.50 126.83
C PRO M 61 10.36 -5.23 126.22
N ASN M 62 10.05 -5.96 125.16
CA ASN M 62 8.76 -5.83 124.46
C ASN M 62 8.39 -7.24 124.02
N GLY M 63 7.59 -7.92 124.84
CA GLY M 63 7.29 -9.32 124.58
C GLY M 63 8.59 -10.11 124.61
N ASP M 64 8.82 -10.87 123.55
CA ASP M 64 10.05 -11.63 123.41
C ASP M 64 11.20 -10.81 122.82
N LYS M 65 10.91 -9.65 122.23
CA LYS M 65 11.91 -8.86 121.54
C LYS M 65 12.32 -7.65 122.39
N LYS M 66 13.14 -6.79 121.82
CA LYS M 66 13.55 -5.54 122.45
C LYS M 66 13.15 -4.38 121.56
N SER M 67 12.72 -3.29 122.19
CA SER M 67 12.25 -2.11 121.48
C SER M 67 13.03 -0.88 121.94
N LEU M 68 13.33 0.01 121.01
CA LEU M 68 14.09 1.22 121.31
C LEU M 68 13.14 2.35 121.66
N VAL M 69 13.32 2.94 122.84
CA VAL M 69 12.63 4.16 123.22
C VAL M 69 13.60 5.31 123.06
N VAL M 70 13.18 6.33 122.33
CA VAL M 70 14.01 7.47 121.98
C VAL M 70 13.31 8.74 122.44
N VAL M 71 14.04 9.61 123.14
CA VAL M 71 13.57 10.92 123.54
C VAL M 71 14.46 11.97 122.90
N ASN M 72 13.85 12.90 122.18
CA ASN M 72 14.57 13.95 121.46
C ASN M 72 14.29 15.29 122.10
N LEU M 73 15.33 16.12 122.22
CA LEU M 73 15.19 17.50 122.69
C LEU M 73 15.97 18.39 121.74
N THR M 74 15.26 19.19 120.96
CA THR M 74 15.87 20.00 119.91
C THR M 74 15.57 21.47 120.12
N ALA M 75 16.61 22.29 120.07
CA ALA M 75 16.50 23.74 120.17
C ALA M 75 16.84 24.37 118.83
N HIS M 76 16.01 25.32 118.39
CA HIS M 76 16.20 26.05 117.15
C HIS M 76 16.36 27.52 117.51
N VAL M 77 17.60 28.04 117.47
CA VAL M 77 17.86 29.41 117.88
C VAL M 77 18.31 30.18 116.64
N PRO M 78 17.51 31.16 116.17
CA PRO M 78 17.97 31.99 115.05
C PRO M 78 19.16 32.85 115.45
N VAL M 79 20.03 33.13 114.47
CA VAL M 79 21.24 33.89 114.74
C VAL M 79 20.88 35.35 114.93
N GLY M 80 21.45 35.96 115.97
CA GLY M 80 21.17 37.34 116.34
C GLY M 80 20.39 37.46 117.63
N VAL M 81 19.67 36.40 118.01
CA VAL M 81 18.95 36.40 119.27
C VAL M 81 19.94 36.31 120.42
N ASP M 82 19.70 37.10 121.47
CA ASP M 82 20.59 37.10 122.63
C ASP M 82 20.63 35.73 123.27
N ALA M 83 21.84 35.19 123.43
CA ALA M 83 22.00 33.86 124.01
C ALA M 83 21.56 33.84 125.47
N THR M 84 21.87 34.89 126.22
CA THR M 84 21.51 34.93 127.64
C THR M 84 20.00 34.90 127.83
N ALA M 85 19.27 35.66 127.00
CA ALA M 85 17.81 35.66 127.10
C ALA M 85 17.24 34.29 126.77
N VAL M 86 17.79 33.62 125.74
CA VAL M 86 17.32 32.28 125.39
C VAL M 86 17.60 31.30 126.51
N ARG M 87 18.78 31.39 127.13
CA ARG M 87 19.10 30.49 128.24
C ARG M 87 18.19 30.72 129.43
N THR M 88 17.89 31.99 129.73
CA THR M 88 16.98 32.29 130.83
C THR M 88 15.58 31.76 130.54
N TRP M 89 15.11 31.90 129.30
CA TRP M 89 13.81 31.38 128.92
C TRP M 89 13.78 29.86 129.04
N MET M 90 14.84 29.19 128.57
CA MET M 90 14.88 27.73 128.64
C MET M 90 14.92 27.24 130.08
N THR M 91 15.68 27.93 130.95
CA THR M 91 15.80 27.51 132.33
C THR M 91 14.53 27.76 133.13
N SER M 92 13.90 28.91 132.94
CA SER M 92 12.75 29.28 133.76
C SER M 92 11.42 28.80 133.19
N GLU M 93 11.33 28.56 131.89
CA GLU M 93 10.06 28.21 131.27
C GLU M 93 10.04 26.84 130.63
N VAL M 94 11.05 26.49 129.83
CA VAL M 94 11.03 25.25 129.08
C VAL M 94 11.41 24.06 129.97
N PHE M 95 12.47 24.22 130.75
CA PHE M 95 12.95 23.10 131.56
C PHE M 95 11.95 22.61 132.59
N PRO M 96 11.30 23.48 133.40
CA PRO M 96 10.30 22.96 134.33
C PRO M 96 9.12 22.29 133.65
N GLY M 97 8.70 22.79 132.48
CA GLY M 97 7.55 22.21 131.80
C GLY M 97 7.87 20.92 131.08
N ALA M 98 9.12 20.75 130.64
CA ALA M 98 9.53 19.56 129.90
C ALA M 98 9.92 18.41 130.80
N THR M 99 9.91 18.62 132.13
CA THR M 99 10.23 17.57 133.09
C THR M 99 9.08 17.32 134.05
N SER M 100 7.88 17.81 133.73
CA SER M 100 6.71 17.64 134.58
C SER M 100 6.00 16.33 134.23
N SER M 101 4.91 16.06 134.95
CA SER M 101 4.09 14.90 134.63
C SER M 101 3.40 15.03 133.28
N VAL M 102 3.31 16.26 132.74
CA VAL M 102 2.72 16.47 131.42
C VAL M 102 3.53 15.74 130.36
N THR M 103 4.85 15.86 130.42
CA THR M 103 5.72 15.18 129.46
C THR M 103 5.58 13.66 129.58
N LEU M 104 5.57 13.15 130.81
CA LEU M 104 5.44 11.71 131.00
C LEU M 104 4.10 11.19 130.47
N ASP M 105 3.03 11.92 130.74
CA ASP M 105 1.71 11.51 130.26
C ASP M 105 1.64 11.56 128.74
N LEU M 106 2.21 12.60 128.13
CA LEU M 106 2.20 12.67 126.67
C LEU M 106 3.02 11.55 126.06
N ALA M 107 4.16 11.21 126.66
CA ALA M 107 5.04 10.19 126.09
C ALA M 107 4.44 8.80 126.23
N THR M 108 3.91 8.46 127.41
CA THR M 108 3.51 7.09 127.69
C THR M 108 2.02 6.84 127.51
N LYS M 109 1.19 7.88 127.36
CA LYS M 109 -0.23 7.70 127.20
C LYS M 109 -0.82 8.53 126.06
N GLY M 110 -0.05 9.42 125.46
CA GLY M 110 -0.58 10.29 124.43
C GLY M 110 -1.59 11.30 124.93
N VAL M 111 -1.38 11.85 126.13
CA VAL M 111 -2.32 12.80 126.71
C VAL M 111 -1.93 14.21 126.27
N ILE M 112 -2.83 14.87 125.55
CA ILE M 112 -2.62 16.23 125.06
C ILE M 112 -3.53 17.24 125.75
N HIS M 113 -4.38 16.80 126.67
CA HIS M 113 -5.25 17.68 127.45
C HIS M 113 -4.79 17.64 128.89
N LEU M 114 -4.17 18.73 129.36
CA LEU M 114 -3.68 18.79 130.74
C LEU M 114 -4.71 19.52 131.61
N SER M 115 -5.83 18.86 131.84
CA SER M 115 -6.86 19.36 132.73
C SER M 115 -6.56 18.94 134.17
N ASP M 116 -7.03 19.74 135.12
CA ASP M 116 -7.75 21.00 134.98
C ASP M 116 -7.23 22.01 136.00
N ALA M 117 -6.45 21.53 136.96
CA ALA M 117 -5.94 22.36 138.05
C ALA M 117 -5.09 23.51 137.52
N LEU N 1 -5.00 25.77 134.99
CA LEU N 1 -4.34 25.16 133.84
C LEU N 1 -2.90 25.64 133.75
N SER N 2 -1.96 24.75 134.07
CA SER N 2 -0.55 25.10 134.11
C SER N 2 0.29 23.98 133.50
N ILE N 3 1.38 24.37 132.85
CA ILE N 3 2.40 23.45 132.38
C ILE N 3 3.69 23.86 133.05
N GLY N 4 4.24 22.98 133.88
CA GLY N 4 5.37 23.32 134.70
C GLY N 4 5.03 24.42 135.68
N THR N 5 5.75 25.54 135.61
CA THR N 5 5.45 26.70 136.44
C THR N 5 4.69 27.78 135.68
N LYS N 6 4.38 27.56 134.41
CA LYS N 6 3.73 28.56 133.57
C LYS N 6 2.24 28.26 133.46
N ASN N 7 1.41 29.21 133.87
CA ASN N 7 -0.02 29.10 133.65
C ASN N 7 -0.34 29.35 132.18
N VAL N 8 -1.22 28.51 131.62
CA VAL N 8 -1.59 28.60 130.21
C VAL N 8 -3.10 28.46 130.10
N SER N 9 -3.60 28.78 128.91
CA SER N 9 -5.01 28.61 128.57
C SER N 9 -5.10 27.93 127.20
N ILE N 10 -6.22 27.25 126.97
CA ILE N 10 -6.42 26.58 125.69
C ILE N 10 -6.54 27.64 124.59
N TYR N 11 -5.67 27.54 123.59
CA TYR N 11 -5.67 28.45 122.46
C TYR N 11 -6.27 27.84 121.21
N ARG N 12 -5.85 26.62 120.86
CA ARG N 12 -6.42 25.93 119.71
C ARG N 12 -6.48 24.44 120.03
N ASN N 13 -7.48 23.77 119.47
CA ASN N 13 -7.77 22.38 119.82
C ASN N 13 -8.15 21.61 118.55
N THR N 14 -7.26 20.74 118.11
CA THR N 14 -7.54 19.80 117.03
C THR N 14 -7.59 18.38 117.60
N ALA N 15 -7.75 17.40 116.71
CA ALA N 15 -7.93 16.02 117.15
C ALA N 15 -6.70 15.50 117.87
N ASP N 16 -5.50 15.75 117.33
CA ASP N 16 -4.28 15.20 117.87
C ASP N 16 -3.28 16.27 118.32
N GLU N 17 -3.67 17.54 118.33
CA GLU N 17 -2.80 18.60 118.80
C GLU N 17 -3.61 19.64 119.55
N VAL N 18 -3.11 20.06 120.71
CA VAL N 18 -3.68 21.15 121.47
C VAL N 18 -2.59 22.20 121.69
N ILE N 19 -2.85 23.42 121.26
CA ILE N 19 -1.92 24.54 121.45
C ILE N 19 -2.45 25.38 122.60
N TYR N 20 -1.61 25.59 123.62
CA TYR N 20 -1.90 26.44 124.75
C TYR N 20 -1.07 27.72 124.66
N ALA N 21 -1.65 28.81 125.14
CA ALA N 21 -1.01 30.12 125.06
C ALA N 21 -0.64 30.59 126.47
N GLY N 22 0.56 31.13 126.61
CA GLY N 22 0.99 31.70 127.86
C GLY N 22 0.33 33.04 128.09
N PRO N 23 0.56 33.63 129.28
CA PRO N 23 -0.08 34.92 129.59
C PRO N 23 0.32 36.02 128.62
N ALA N 24 1.55 35.99 128.10
CA ALA N 24 2.03 37.03 127.21
C ALA N 24 1.62 36.84 125.76
N HIS N 25 1.10 35.67 125.39
CA HIS N 25 0.80 35.40 123.99
C HIS N 25 -0.25 36.37 123.46
N ASP N 26 0.00 36.89 122.26
CA ASP N 26 -0.90 37.83 121.62
C ASP N 26 -0.72 37.72 120.11
N VAL N 27 -1.29 38.69 119.38
CA VAL N 27 -1.25 38.66 117.92
C VAL N 27 0.13 38.94 117.35
N THR N 28 1.02 39.57 118.12
CA THR N 28 2.37 39.88 117.65
C THR N 28 3.46 39.19 118.44
N ASN N 29 3.21 38.75 119.66
CA ASN N 29 4.17 38.01 120.47
C ASN N 29 3.72 36.57 120.57
N VAL N 30 4.59 35.64 120.20
CA VAL N 30 4.29 34.21 120.27
C VAL N 30 4.81 33.67 121.59
N ASP N 31 3.92 33.07 122.38
CA ASP N 31 4.29 32.37 123.61
C ASP N 31 3.35 31.17 123.70
N THR N 32 3.79 30.03 123.15
CA THR N 32 2.90 28.89 123.00
C THR N 32 3.59 27.59 123.41
N VAL N 33 2.77 26.69 123.96
CA VAL N 33 3.17 25.31 124.25
C VAL N 33 2.19 24.41 123.51
N SER N 34 2.69 23.66 122.54
CA SER N 34 1.90 22.71 121.79
C SER N 34 2.12 21.30 122.29
N LEU N 35 1.02 20.56 122.45
CA LEU N 35 1.07 19.13 122.74
C LEU N 35 0.49 18.40 121.55
N ARG N 36 1.34 17.65 120.84
CA ARG N 36 0.94 16.93 119.65
C ARG N 36 1.23 15.45 119.83
N ARG N 37 0.39 14.61 119.23
CA ARG N 37 0.59 13.17 119.31
C ARG N 37 0.37 12.54 117.95
N SER N 38 1.14 11.48 117.69
CA SER N 38 0.92 10.60 116.56
C SER N 38 0.61 9.22 117.13
N LEU N 39 -0.62 8.78 116.95
CA LEU N 39 -1.09 7.53 117.54
C LEU N 39 -0.48 6.34 116.82
N PRO N 40 -0.25 5.24 117.53
CA PRO N 40 0.36 4.05 116.89
C PRO N 40 -0.51 3.51 115.77
N VAL N 41 0.14 3.22 114.65
CA VAL N 41 -0.54 2.65 113.48
C VAL N 41 -0.08 1.20 113.36
N LYS N 42 -1.01 0.26 113.51
CA LYS N 42 -0.69 -1.16 113.44
C LYS N 42 -0.50 -1.49 111.96
N LYS N 43 0.73 -1.77 111.58
CA LYS N 43 1.08 -2.16 110.23
C LYS N 43 1.87 -3.46 110.26
N GLY N 44 1.35 -4.49 109.59
CA GLY N 44 2.03 -5.77 109.58
C GLY N 44 2.10 -6.37 110.97
N SER N 45 3.23 -6.99 111.28
CA SER N 45 3.44 -7.56 112.61
C SER N 45 3.83 -6.52 113.65
N ASP N 46 4.19 -5.30 113.21
CA ASP N 46 4.54 -4.24 114.14
C ASP N 46 3.29 -3.54 114.64
N ASN N 47 3.18 -3.41 115.96
CA ASN N 47 2.01 -2.78 116.57
C ASN N 47 2.04 -1.27 116.49
N GLY N 48 3.13 -0.68 116.02
CA GLY N 48 3.22 0.76 115.87
C GLY N 48 4.01 1.42 116.98
N THR N 49 4.02 2.74 116.93
CA THR N 49 4.78 3.56 117.88
C THR N 49 4.00 4.82 118.17
N MET N 50 3.86 5.15 119.45
CA MET N 50 3.26 6.41 119.86
C MET N 50 4.32 7.50 119.86
N ARG N 51 4.06 8.60 119.17
CA ARG N 51 4.95 9.74 119.14
C ARG N 51 4.32 10.89 119.93
N GLY N 52 5.08 11.44 120.86
CA GLY N 52 4.62 12.59 121.62
C GLY N 52 5.54 13.77 121.47
N ASN N 53 5.02 14.89 120.96
CA ASN N 53 5.80 16.09 120.72
C ASN N 53 5.32 17.21 121.63
N MET N 54 6.25 17.87 122.29
CA MET N 54 5.99 19.01 123.16
C MET N 54 6.80 20.18 122.62
N ASN N 55 6.09 21.19 122.10
CA ASN N 55 6.70 22.30 121.40
C ASN N 55 6.61 23.57 122.24
N PHE N 56 7.73 24.25 122.41
CA PHE N 56 7.78 25.55 123.07
C PHE N 56 8.18 26.58 122.03
N ALA N 57 7.33 27.57 121.81
CA ALA N 57 7.61 28.63 120.84
C ALA N 57 7.57 29.97 121.55
N LYS N 58 8.62 30.78 121.35
CA LYS N 58 8.70 32.10 121.97
C LYS N 58 9.28 33.10 120.98
N SER N 59 8.72 34.30 120.98
CA SER N 59 9.24 35.40 120.17
C SER N 59 10.36 36.12 120.91
N PHE N 60 11.42 36.48 120.18
CA PHE N 60 12.58 37.13 120.76
C PHE N 60 13.01 38.28 119.87
N PRO N 61 13.51 39.37 120.45
CA PRO N 61 14.08 40.45 119.64
C PRO N 61 15.36 40.00 118.95
N ASN N 62 15.36 40.05 117.62
CA ASN N 62 16.53 39.73 116.81
C ASN N 62 16.85 41.00 116.02
N GLY N 63 17.82 41.76 116.51
CA GLY N 63 18.15 43.03 115.93
C GLY N 63 16.97 43.97 115.92
N ASP N 64 16.43 44.22 114.73
CA ASP N 64 15.24 45.04 114.60
C ASP N 64 13.96 44.22 114.52
N LYS N 65 14.04 42.99 114.06
CA LYS N 65 12.86 42.16 113.84
C LYS N 65 12.64 41.23 115.03
N LYS N 66 11.71 40.30 114.88
CA LYS N 66 11.46 39.27 115.89
C LYS N 66 11.69 37.90 115.29
N SER N 67 12.37 37.05 116.04
CA SER N 67 12.67 35.69 115.62
C SER N 67 11.96 34.70 116.55
N LEU N 68 11.62 33.54 116.01
CA LEU N 68 10.93 32.51 116.78
C LEU N 68 11.93 31.47 117.25
N VAL N 69 12.07 31.35 118.57
CA VAL N 69 12.88 30.30 119.19
C VAL N 69 11.96 29.15 119.55
N VAL N 70 12.32 27.95 119.09
CA VAL N 70 11.50 26.76 119.24
C VAL N 70 12.32 25.67 119.92
N VAL N 71 11.73 25.06 120.94
CA VAL N 71 12.32 23.90 121.62
C VAL N 71 11.34 22.74 121.50
N ASN N 72 11.79 21.63 120.93
CA ASN N 72 10.97 20.44 120.76
C ASN N 72 11.45 19.33 121.67
N LEU N 73 10.49 18.68 122.34
CA LEU N 73 10.76 17.47 123.12
C LEU N 73 9.90 16.36 122.54
N THR N 74 10.53 15.39 121.88
CA THR N 74 9.81 14.33 121.19
C THR N 74 10.19 12.98 121.80
N ALA N 75 9.18 12.16 122.05
CA ALA N 75 9.36 10.80 122.54
C ALA N 75 8.72 9.82 121.57
N HIS N 76 9.41 8.70 121.34
CA HIS N 76 8.92 7.63 120.48
C HIS N 76 8.87 6.35 121.32
N VAL N 77 7.67 5.92 121.67
CA VAL N 77 7.48 4.75 122.53
C VAL N 77 6.79 3.66 121.71
N PRO N 78 7.47 2.54 121.45
CA PRO N 78 6.80 1.44 120.72
C PRO N 78 5.72 0.78 121.57
N VAL N 79 4.69 0.30 120.90
CA VAL N 79 3.62 -0.41 121.59
C VAL N 79 4.14 -1.75 122.10
N GLY N 80 3.80 -2.08 123.34
CA GLY N 80 4.21 -3.31 123.98
C GLY N 80 5.19 -3.13 125.10
N VAL N 81 5.75 -1.95 125.25
CA VAL N 81 6.70 -1.66 126.31
C VAL N 81 5.94 -1.28 127.58
N ASP N 82 6.50 -1.63 128.74
CA ASP N 82 5.90 -1.25 130.01
C ASP N 82 6.01 0.26 130.21
N ALA N 83 4.86 0.90 130.42
CA ALA N 83 4.85 2.36 130.56
C ALA N 83 5.53 2.83 131.84
N THR N 84 5.39 2.07 132.93
CA THR N 84 6.03 2.44 134.19
C THR N 84 7.55 2.45 134.06
N ALA N 85 8.12 1.45 133.37
CA ALA N 85 9.56 1.42 133.17
C ALA N 85 10.03 2.62 132.36
N VAL N 86 9.30 2.97 131.30
CA VAL N 86 9.68 4.12 130.49
C VAL N 86 9.58 5.41 131.29
N ARG N 87 8.54 5.54 132.11
CA ARG N 87 8.40 6.74 132.95
C ARG N 87 9.54 6.84 133.96
N THR N 88 9.92 5.72 134.57
CA THR N 88 11.02 5.73 135.52
C THR N 88 12.34 6.09 134.83
N TRP N 89 12.58 5.54 133.64
CA TRP N 89 13.79 5.88 132.89
C TRP N 89 13.81 7.35 132.51
N MET N 90 12.68 7.89 132.05
CA MET N 90 12.60 9.30 131.68
C MET N 90 12.83 10.21 132.88
N THR N 91 12.26 9.86 134.03
CA THR N 91 12.44 10.66 135.23
C THR N 91 13.87 10.62 135.74
N SER N 92 14.47 9.44 135.81
CA SER N 92 15.78 9.29 136.45
C SER N 92 16.96 9.58 135.53
N GLU N 93 16.81 9.38 134.22
CA GLU N 93 17.96 9.46 133.32
C GLU N 93 17.80 10.51 132.23
N VAL N 94 16.60 10.71 131.70
CA VAL N 94 16.41 11.65 130.61
C VAL N 94 16.25 13.07 131.14
N PHE N 95 15.39 13.25 132.13
CA PHE N 95 15.09 14.60 132.63
C PHE N 95 16.29 15.31 133.22
N PRO N 96 17.09 14.72 134.11
CA PRO N 96 18.25 15.45 134.65
C PRO N 96 19.24 15.87 133.58
N GLY N 97 19.47 15.04 132.56
CA GLY N 97 20.41 15.41 131.51
C GLY N 97 19.85 16.40 130.51
N ALA N 98 18.55 16.37 130.26
CA ALA N 98 17.95 17.26 129.28
C ALA N 98 17.86 18.70 129.80
N THR N 99 17.81 18.90 131.10
CA THR N 99 17.71 20.24 131.69
C THR N 99 18.99 20.64 132.41
N SER N 100 20.14 20.20 131.90
CA SER N 100 21.42 20.53 132.47
C SER N 100 22.11 21.61 131.64
N SER N 101 23.33 21.96 132.04
CA SER N 101 24.11 22.94 131.30
C SER N 101 24.50 22.44 129.92
N VAL N 102 24.48 21.12 129.71
CA VAL N 102 24.84 20.57 128.40
C VAL N 102 23.86 21.05 127.34
N THR N 103 22.56 21.05 127.66
CA THR N 103 21.56 21.50 126.70
C THR N 103 21.76 22.96 126.34
N LEU N 104 22.00 23.81 127.34
CA LEU N 104 22.20 25.23 127.08
C LEU N 104 23.46 25.48 126.26
N ASP N 105 24.54 24.77 126.58
CA ASP N 105 25.78 24.93 125.83
C ASP N 105 25.63 24.46 124.39
N LEU N 106 24.90 23.35 124.18
CA LEU N 106 24.64 22.89 122.81
C LEU N 106 23.78 23.89 122.06
N ALA N 107 22.79 24.48 122.72
CA ALA N 107 21.89 25.41 122.05
C ALA N 107 22.60 26.70 121.65
N THR N 108 23.35 27.29 122.57
CA THR N 108 23.90 28.63 122.35
C THR N 108 25.37 28.62 121.92
N LYS N 109 26.02 27.47 121.87
CA LYS N 109 27.43 27.41 121.47
C LYS N 109 27.76 26.29 120.51
N GLY N 110 26.85 25.34 120.27
CA GLY N 110 27.17 24.19 119.46
C GLY N 110 28.20 23.26 120.06
N VAL N 111 28.17 23.10 121.38
CA VAL N 111 29.13 22.23 122.05
C VAL N 111 28.60 20.80 122.05
N ILE N 112 29.31 19.89 121.38
CA ILE N 112 28.95 18.48 121.37
C ILE N 112 29.98 17.61 122.06
N HIS N 113 31.18 18.12 122.32
CA HIS N 113 32.21 17.39 123.03
C HIS N 113 32.16 17.78 124.50
N LEU N 114 31.90 16.80 125.37
CA LEU N 114 31.73 17.06 126.79
C LEU N 114 33.08 17.06 127.50
N SER N 115 33.14 17.73 128.64
CA SER N 115 34.34 17.81 129.45
C SER N 115 33.98 18.17 130.88
N ASP N 116 34.81 17.72 131.82
CA ASP N 116 35.92 16.79 131.67
C ASP N 116 35.96 15.81 132.83
N ALA N 117 35.23 16.15 133.89
CA ALA N 117 35.22 15.35 135.12
C ALA N 117 33.96 14.52 135.26
N LEU O 1 -30.93 63.27 118.45
CA LEU O 1 -30.74 62.00 117.77
C LEU O 1 -29.72 61.16 118.52
N SER O 2 -30.16 60.06 119.13
CA SER O 2 -29.31 59.26 119.99
C SER O 2 -29.38 57.79 119.58
N ILE O 3 -28.21 57.14 119.62
CA ILE O 3 -28.10 55.69 119.50
C ILE O 3 -27.32 55.24 120.72
N GLY O 4 -28.03 54.86 121.78
CA GLY O 4 -27.39 54.60 123.06
C GLY O 4 -27.15 55.89 123.82
N THR O 5 -25.90 56.14 124.18
CA THR O 5 -25.50 57.41 124.79
C THR O 5 -24.82 58.35 123.80
N LYS O 6 -24.78 57.98 122.52
CA LYS O 6 -24.08 58.74 121.49
C LYS O 6 -25.04 59.65 120.77
N ASN O 7 -24.67 60.92 120.62
CA ASN O 7 -25.43 61.88 119.84
C ASN O 7 -24.94 61.83 118.40
N VAL O 8 -25.82 61.46 117.48
CA VAL O 8 -25.47 61.30 116.07
C VAL O 8 -26.33 62.24 115.24
N SER O 9 -25.93 62.40 113.98
CA SER O 9 -26.69 63.15 113.00
C SER O 9 -26.75 62.36 111.71
N ILE O 10 -27.80 62.61 110.93
CA ILE O 10 -27.94 61.92 109.65
C ILE O 10 -26.81 62.33 108.73
N TYR O 11 -26.09 61.34 108.21
CA TYR O 11 -24.98 61.58 107.29
C TYR O 11 -25.25 61.08 105.89
N ARG O 12 -25.90 59.92 105.76
CA ARG O 12 -26.28 59.41 104.45
C ARG O 12 -27.63 58.72 104.56
N ASN O 13 -28.50 58.96 103.59
CA ASN O 13 -29.87 58.44 103.63
C ASN O 13 -30.17 57.79 102.30
N THR O 14 -30.28 56.46 102.29
CA THR O 14 -30.66 55.69 101.12
C THR O 14 -31.93 54.92 101.42
N ALA O 15 -32.37 54.12 100.43
CA ALA O 15 -33.64 53.41 100.56
C ALA O 15 -33.61 52.42 101.72
N ASP O 16 -32.51 51.68 101.88
CA ASP O 16 -32.46 50.59 102.85
C ASP O 16 -31.28 50.74 103.81
N GLU O 17 -30.67 51.91 103.88
CA GLU O 17 -29.52 52.11 104.76
C GLU O 17 -29.42 53.57 105.13
N VAL O 18 -29.29 53.85 106.42
CA VAL O 18 -29.05 55.20 106.92
C VAL O 18 -27.77 55.19 107.73
N ILE O 19 -26.82 56.02 107.34
CA ILE O 19 -25.56 56.18 108.07
C ILE O 19 -25.64 57.44 108.91
N TYR O 20 -25.46 57.29 110.22
CA TYR O 20 -25.38 58.40 111.15
C TYR O 20 -23.92 58.59 111.57
N ALA O 21 -23.53 59.84 111.78
CA ALA O 21 -22.15 60.18 112.10
C ALA O 21 -22.06 60.69 113.53
N GLY O 22 -21.03 60.24 114.24
CA GLY O 22 -20.79 60.70 115.59
C GLY O 22 -20.06 62.02 115.61
N PRO O 23 -19.83 62.56 116.81
CA PRO O 23 -19.16 63.87 116.91
C PRO O 23 -17.74 63.87 116.37
N ALA O 24 -17.09 62.71 116.30
CA ALA O 24 -15.71 62.62 115.85
C ALA O 24 -15.58 62.23 114.39
N HIS O 25 -16.68 62.26 113.64
CA HIS O 25 -16.66 61.89 112.23
C HIS O 25 -16.37 63.13 111.37
N ASP O 26 -15.51 62.94 110.38
CA ASP O 26 -15.16 64.01 109.44
C ASP O 26 -14.62 63.35 108.17
N VAL O 27 -13.98 64.14 107.32
CA VAL O 27 -13.47 63.63 106.05
C VAL O 27 -12.36 62.61 106.24
N THR O 28 -11.48 62.79 107.24
CA THR O 28 -10.33 61.92 107.43
C THR O 28 -10.50 60.87 108.52
N ASN O 29 -11.49 61.00 109.39
CA ASN O 29 -11.73 60.05 110.47
C ASN O 29 -13.13 59.46 110.35
N VAL O 30 -13.25 58.21 110.75
CA VAL O 30 -14.52 57.48 110.65
C VAL O 30 -15.06 57.27 112.05
N ASP O 31 -16.28 57.76 112.29
CA ASP O 31 -17.04 57.46 113.51
C ASP O 31 -18.50 57.39 113.07
N THR O 32 -18.96 56.19 112.73
CA THR O 32 -20.27 56.05 112.11
C THR O 32 -21.04 54.87 112.70
N VAL O 33 -22.36 55.01 112.70
CA VAL O 33 -23.28 53.92 113.00
C VAL O 33 -24.25 53.82 111.83
N SER O 34 -24.27 52.68 111.16
CA SER O 34 -25.11 52.46 109.99
C SER O 34 -26.22 51.48 110.32
N LEU O 35 -27.45 51.87 110.05
CA LEU O 35 -28.60 50.98 110.15
C LEU O 35 -28.96 50.51 108.75
N ARG O 36 -29.01 49.19 108.57
CA ARG O 36 -29.30 48.57 107.29
C ARG O 36 -30.43 47.56 107.47
N ARG O 37 -31.21 47.38 106.41
CA ARG O 37 -32.33 46.46 106.48
C ARG O 37 -32.50 45.74 105.15
N SER O 38 -33.03 44.54 105.23
CA SER O 38 -33.47 43.76 104.08
C SER O 38 -34.89 43.30 104.38
N LEU O 39 -35.85 43.87 103.67
CA LEU O 39 -37.26 43.60 103.92
C LEU O 39 -37.65 42.23 103.40
N PRO O 40 -38.66 41.61 104.01
CA PRO O 40 -39.07 40.27 103.58
C PRO O 40 -39.53 40.26 102.12
N VAL O 41 -39.18 39.19 101.41
CA VAL O 41 -39.59 38.98 100.04
C VAL O 41 -40.51 37.77 100.03
N LYS O 42 -41.76 37.97 99.62
CA LYS O 42 -42.76 36.90 99.59
C LYS O 42 -42.45 36.00 98.38
N LYS O 43 -41.45 35.15 98.56
CA LYS O 43 -40.99 34.26 97.51
C LYS O 43 -41.70 32.91 97.65
N GLY O 44 -42.53 32.58 96.67
CA GLY O 44 -43.29 31.34 96.72
C GLY O 44 -44.22 31.32 97.93
N SER O 45 -44.20 30.21 98.66
CA SER O 45 -44.99 30.08 99.88
C SER O 45 -44.30 30.65 101.11
N ASP O 46 -42.98 30.77 101.08
CA ASP O 46 -42.25 31.37 102.19
C ASP O 46 -42.59 32.86 102.29
N ASN O 47 -42.90 33.31 103.50
CA ASN O 47 -43.24 34.72 103.71
C ASN O 47 -42.03 35.62 103.78
N GLY O 48 -40.82 35.07 103.76
CA GLY O 48 -39.62 35.87 103.77
C GLY O 48 -39.01 35.99 105.16
N THR O 49 -37.96 36.82 105.22
CA THR O 49 -37.22 37.05 106.45
C THR O 49 -36.84 38.51 106.53
N MET O 50 -37.03 39.11 107.70
CA MET O 50 -36.57 40.47 107.96
C MET O 50 -35.12 40.41 108.45
N ARG O 51 -34.23 41.11 107.76
CA ARG O 51 -32.83 41.19 108.15
C ARG O 51 -32.53 42.59 108.64
N GLY O 52 -31.98 42.70 109.84
CA GLY O 52 -31.55 43.98 110.39
C GLY O 52 -30.06 43.96 110.65
N ASN O 53 -29.41 45.11 110.42
CA ASN O 53 -27.97 45.21 110.56
C ASN O 53 -27.62 46.53 111.23
N MET O 54 -26.85 46.46 112.31
CA MET O 54 -26.29 47.63 112.96
C MET O 54 -24.77 47.55 112.85
N ASN O 55 -24.18 48.55 112.21
CA ASN O 55 -22.75 48.59 111.95
C ASN O 55 -22.13 49.74 112.71
N PHE O 56 -21.05 49.46 113.45
CA PHE O 56 -20.29 50.48 114.16
C PHE O 56 -18.90 50.52 113.54
N ALA O 57 -18.49 51.71 113.09
CA ALA O 57 -17.19 51.87 112.47
C ALA O 57 -16.44 53.00 113.15
N LYS O 58 -15.21 52.74 113.57
CA LYS O 58 -14.37 53.76 114.18
C LYS O 58 -12.96 53.65 113.63
N SER O 59 -12.26 54.79 113.65
CA SER O 59 -10.86 54.83 113.25
C SER O 59 -9.97 54.83 114.48
N PHE O 60 -8.84 54.12 114.39
CA PHE O 60 -7.93 53.94 115.51
C PHE O 60 -6.50 54.08 115.01
N PRO O 61 -5.60 54.61 115.84
CA PRO O 61 -4.18 54.65 115.46
C PRO O 61 -3.61 53.24 115.36
N ASN O 62 -3.03 52.93 114.20
CA ASN O 62 -2.40 51.64 113.93
C ASN O 62 -0.97 51.95 113.51
N GLY O 63 -0.07 52.00 114.49
CA GLY O 63 1.31 52.36 114.21
C GLY O 63 1.42 53.73 113.58
N ASP O 64 1.74 53.75 112.29
CA ASP O 64 1.80 55.01 111.55
C ASP O 64 0.46 55.38 110.96
N LYS O 65 -0.30 54.39 110.49
CA LYS O 65 -1.52 54.65 109.75
C LYS O 65 -2.73 54.64 110.68
N LYS O 66 -3.93 54.64 110.11
CA LYS O 66 -5.16 54.61 110.88
C LYS O 66 -6.03 53.47 110.36
N SER O 67 -6.37 52.53 111.23
CA SER O 67 -7.12 51.34 110.87
C SER O 67 -8.58 51.46 111.30
N LEU O 68 -9.44 50.75 110.59
CA LEU O 68 -10.88 50.80 110.83
C LEU O 68 -11.31 49.57 111.63
N VAL O 69 -11.88 49.82 112.80
CA VAL O 69 -12.47 48.77 113.63
C VAL O 69 -13.97 48.80 113.42
N VAL O 70 -14.55 47.64 113.09
CA VAL O 70 -15.95 47.51 112.74
C VAL O 70 -16.58 46.44 113.61
N VAL O 71 -17.71 46.76 114.23
CA VAL O 71 -18.52 45.81 114.98
C VAL O 71 -19.87 45.70 114.29
N ASN O 72 -20.22 44.48 113.87
CA ASN O 72 -21.48 44.23 113.20
C ASN O 72 -22.43 43.49 114.13
N LEU O 73 -23.72 43.78 113.99
CA LEU O 73 -24.76 43.11 114.75
C LEU O 73 -25.95 42.89 113.83
N THR O 74 -26.15 41.64 113.42
CA THR O 74 -27.17 41.29 112.43
C THR O 74 -28.20 40.36 113.05
N ALA O 75 -29.47 40.63 112.78
CA ALA O 75 -30.58 39.80 113.24
C ALA O 75 -31.39 39.33 112.05
N HIS O 76 -31.76 38.05 112.07
CA HIS O 76 -32.60 37.44 111.04
C HIS O 76 -33.88 36.94 111.71
N VAL O 77 -35.01 37.55 111.39
CA VAL O 77 -36.29 37.17 111.98
C VAL O 77 -37.23 36.70 110.87
N PRO O 78 -37.58 35.41 110.83
CA PRO O 78 -38.52 34.94 109.81
C PRO O 78 -39.91 35.53 110.03
N VAL O 79 -40.62 35.74 108.93
CA VAL O 79 -41.97 36.32 109.00
C VAL O 79 -42.94 35.30 109.58
N GLY O 80 -43.78 35.75 110.50
CA GLY O 80 -44.75 34.91 111.19
C GLY O 80 -44.37 34.61 112.61
N VAL O 81 -43.07 34.67 112.93
CA VAL O 81 -42.64 34.48 114.31
C VAL O 81 -43.13 35.65 115.15
N ASP O 82 -43.67 35.34 116.33
CA ASP O 82 -44.18 36.37 117.22
C ASP O 82 -43.06 37.35 117.59
N ALA O 83 -43.33 38.64 117.40
CA ALA O 83 -42.29 39.65 117.60
C ALA O 83 -41.97 39.84 119.08
N THR O 84 -42.98 39.77 119.95
CA THR O 84 -42.75 40.00 121.37
C THR O 84 -41.84 38.93 121.96
N ALA O 85 -42.03 37.67 121.56
CA ALA O 85 -41.16 36.61 122.03
C ALA O 85 -39.72 36.84 121.60
N VAL O 86 -39.52 37.25 120.35
CA VAL O 86 -38.16 37.53 119.87
C VAL O 86 -37.56 38.69 120.66
N ARG O 87 -38.34 39.73 120.93
CA ARG O 87 -37.81 40.89 121.62
C ARG O 87 -37.44 40.55 123.06
N THR O 88 -38.26 39.76 123.76
CA THR O 88 -37.90 39.39 125.12
C THR O 88 -36.74 38.41 125.14
N TRP O 89 -36.61 37.57 124.10
CA TRP O 89 -35.45 36.70 123.99
C TRP O 89 -34.17 37.50 123.82
N MET O 90 -34.19 38.51 122.95
CA MET O 90 -33.02 39.37 122.79
C MET O 90 -32.72 40.15 124.07
N THR O 91 -33.75 40.68 124.72
CA THR O 91 -33.54 41.48 125.92
C THR O 91 -32.98 40.64 127.07
N SER O 92 -33.45 39.42 127.21
CA SER O 92 -33.07 38.58 128.35
C SER O 92 -31.91 37.64 128.08
N GLU O 93 -31.79 37.11 126.86
CA GLU O 93 -30.82 36.07 126.56
C GLU O 93 -29.69 36.52 125.65
N VAL O 94 -29.96 37.41 124.70
CA VAL O 94 -28.94 37.75 123.71
C VAL O 94 -28.12 38.95 124.17
N PHE O 95 -28.78 40.01 124.59
CA PHE O 95 -28.12 41.26 124.96
C PHE O 95 -27.17 41.10 126.16
N PRO O 96 -27.57 40.48 127.27
CA PRO O 96 -26.63 40.33 128.39
C PRO O 96 -25.38 39.53 128.03
N GLY O 97 -25.50 38.53 127.17
CA GLY O 97 -24.33 37.76 126.78
C GLY O 97 -23.50 38.41 125.69
N ALA O 98 -24.12 39.27 124.89
CA ALA O 98 -23.41 39.93 123.80
C ALA O 98 -22.62 41.15 124.26
N THR O 99 -22.79 41.59 125.50
CA THR O 99 -22.10 42.77 126.02
C THR O 99 -21.21 42.43 127.22
N SER O 100 -20.89 41.15 127.41
CA SER O 100 -20.09 40.73 128.53
C SER O 100 -18.61 40.77 128.17
N SER O 101 -17.75 40.30 129.09
CA SER O 101 -16.33 40.22 128.80
C SER O 101 -16.01 39.17 127.75
N VAL O 102 -16.92 38.23 127.50
CA VAL O 102 -16.71 37.23 126.46
C VAL O 102 -16.58 37.89 125.10
N THR O 103 -17.42 38.89 124.82
CA THR O 103 -17.33 39.62 123.56
C THR O 103 -15.98 40.32 123.44
N LEU O 104 -15.52 40.94 124.52
CA LEU O 104 -14.25 41.65 124.48
C LEU O 104 -13.09 40.70 124.24
N ASP O 105 -13.08 39.55 124.92
CA ASP O 105 -12.01 38.58 124.72
C ASP O 105 -12.04 38.00 123.30
N LEU O 106 -13.24 37.72 122.79
CA LEU O 106 -13.35 37.21 121.43
C LEU O 106 -12.90 38.23 120.39
N ALA O 107 -13.22 39.51 120.61
CA ALA O 107 -12.87 40.54 119.65
C ALA O 107 -11.38 40.86 119.66
N THR O 108 -10.78 40.92 120.85
CA THR O 108 -9.39 41.34 120.96
C THR O 108 -8.40 40.19 120.92
N LYS O 109 -8.76 39.02 121.46
CA LYS O 109 -7.84 37.91 121.54
C LYS O 109 -8.34 36.63 120.88
N GLY O 110 -9.56 36.61 120.36
CA GLY O 110 -10.10 35.42 119.73
C GLY O 110 -10.36 34.26 120.67
N VAL O 111 -10.76 34.55 121.91
CA VAL O 111 -11.01 33.51 122.89
C VAL O 111 -12.38 32.89 122.64
N ILE O 112 -12.42 31.57 122.42
CA ILE O 112 -13.65 30.86 122.16
C ILE O 112 -13.98 29.85 123.25
N HIS O 113 -13.16 29.74 124.29
CA HIS O 113 -13.38 28.84 125.41
C HIS O 113 -13.59 29.68 126.66
N LEU O 114 -14.84 29.76 127.14
CA LEU O 114 -15.17 30.62 128.28
C LEU O 114 -15.18 29.79 129.57
N SER O 115 -14.03 29.22 129.89
CA SER O 115 -13.88 28.44 131.11
C SER O 115 -13.77 29.35 132.32
N ASP O 116 -14.36 28.92 133.43
CA ASP O 116 -15.15 27.71 133.57
C ASP O 116 -16.43 27.99 134.35
N ALA O 117 -16.41 29.05 135.15
CA ALA O 117 -17.54 29.41 135.99
C ALA O 117 -18.64 30.06 135.16
N LEU P 1 101.90 68.08 -62.30
CA LEU P 1 101.50 67.43 -61.06
C LEU P 1 102.62 66.59 -60.49
N SER P 2 103.07 66.94 -59.28
CA SER P 2 104.16 66.23 -58.62
C SER P 2 103.88 66.14 -57.13
N ILE P 3 104.40 65.07 -56.53
CA ILE P 3 104.35 64.88 -55.07
C ILE P 3 105.79 64.62 -54.65
N GLY P 4 106.47 65.67 -54.19
CA GLY P 4 107.90 65.58 -53.98
C GLY P 4 108.64 65.58 -55.30
N THR P 5 109.36 64.51 -55.60
CA THR P 5 110.09 64.38 -56.86
C THR P 5 109.44 63.38 -57.81
N LYS P 6 108.21 62.94 -57.52
CA LYS P 6 107.52 61.95 -58.33
C LYS P 6 106.40 62.62 -59.12
N ASN P 7 106.36 62.35 -60.42
CA ASN P 7 105.29 62.84 -61.28
C ASN P 7 104.08 61.92 -61.17
N VAL P 8 102.91 62.51 -60.94
CA VAL P 8 101.67 61.76 -60.77
C VAL P 8 100.60 62.36 -61.66
N SER P 9 99.51 61.62 -61.81
CA SER P 9 98.36 62.06 -62.58
C SER P 9 97.09 61.76 -61.80
N ILE P 10 96.07 62.60 -61.98
CA ILE P 10 94.77 62.35 -61.39
C ILE P 10 94.28 60.99 -61.86
N TYR P 11 93.95 60.12 -60.91
CA TYR P 11 93.46 58.78 -61.21
C TYR P 11 92.04 58.54 -60.71
N ARG P 12 91.75 58.92 -59.47
CA ARG P 12 90.41 58.78 -58.92
C ARG P 12 90.06 60.01 -58.11
N ASN P 13 88.83 60.48 -58.26
CA ASN P 13 88.36 61.69 -57.58
C ASN P 13 87.08 61.37 -56.83
N THR P 14 87.06 61.66 -55.53
CA THR P 14 85.83 61.61 -54.75
C THR P 14 85.67 62.91 -53.97
N ALA P 15 84.64 63.00 -53.15
CA ALA P 15 84.37 64.24 -52.43
C ALA P 15 85.50 64.59 -51.46
N ASP P 16 86.01 63.61 -50.74
CA ASP P 16 87.02 63.84 -49.71
C ASP P 16 88.31 63.07 -49.94
N GLU P 17 88.46 62.39 -51.07
CA GLU P 17 89.66 61.62 -51.33
C GLU P 17 90.03 61.70 -52.80
N VAL P 18 91.30 61.94 -53.07
CA VAL P 18 91.84 61.96 -54.43
C VAL P 18 93.02 61.00 -54.50
N ILE P 19 92.96 60.05 -55.43
CA ILE P 19 94.04 59.10 -55.66
C ILE P 19 94.78 59.51 -56.93
N TYR P 20 96.10 59.65 -56.82
CA TYR P 20 96.98 59.92 -57.94
C TYR P 20 97.81 58.67 -58.24
N ALA P 21 98.07 58.43 -59.51
CA ALA P 21 98.80 57.25 -59.96
C ALA P 21 100.20 57.64 -60.40
N GLY P 22 101.18 56.84 -60.01
CA GLY P 22 102.55 57.06 -60.42
C GLY P 22 102.84 56.49 -61.79
N PRO P 23 104.08 56.67 -62.26
CA PRO P 23 104.42 56.18 -63.61
C PRO P 23 104.36 54.68 -63.76
N ALA P 24 104.43 53.92 -62.68
CA ALA P 24 104.47 52.47 -62.74
C ALA P 24 103.12 51.81 -62.44
N HIS P 25 102.06 52.61 -62.30
CA HIS P 25 100.76 52.06 -61.98
C HIS P 25 100.05 51.56 -63.24
N ASP P 26 99.64 50.29 -63.21
CA ASP P 26 98.86 49.70 -64.28
C ASP P 26 97.96 48.62 -63.69
N VAL P 27 97.45 47.74 -64.54
CA VAL P 27 96.53 46.69 -64.13
C VAL P 27 97.23 45.69 -63.22
N THR P 28 98.56 45.57 -63.34
CA THR P 28 99.30 44.57 -62.60
C THR P 28 100.11 45.15 -61.44
N ASN P 29 100.58 46.39 -61.53
CA ASN P 29 101.45 46.97 -60.52
C ASN P 29 100.77 48.17 -59.90
N VAL P 30 100.84 48.26 -58.56
CA VAL P 30 100.27 49.38 -57.83
C VAL P 30 101.37 50.39 -57.53
N ASP P 31 101.10 51.65 -57.88
CA ASP P 31 101.98 52.77 -57.51
C ASP P 31 101.08 53.99 -57.36
N THR P 32 100.63 54.23 -56.14
CA THR P 32 99.61 55.26 -55.92
C THR P 32 99.92 56.10 -54.69
N VAL P 33 99.48 57.35 -54.74
CA VAL P 33 99.49 58.25 -53.58
C VAL P 33 98.09 58.82 -53.43
N SER P 34 97.50 58.66 -52.25
CA SER P 34 96.15 59.11 -51.98
C SER P 34 96.16 60.24 -50.96
N LEU P 35 95.33 61.26 -51.20
CA LEU P 35 95.15 62.37 -50.28
C LEU P 35 93.70 62.35 -49.81
N ARG P 36 93.49 62.20 -48.51
CA ARG P 36 92.18 62.11 -47.93
C ARG P 36 92.03 63.14 -46.82
N ARG P 37 90.85 63.74 -46.72
CA ARG P 37 90.58 64.72 -45.69
C ARG P 37 89.32 64.34 -44.93
N SER P 38 89.35 64.60 -43.63
CA SER P 38 88.19 64.52 -42.75
C SER P 38 88.02 65.92 -42.18
N LEU P 39 87.07 66.66 -42.72
CA LEU P 39 86.84 68.03 -42.30
C LEU P 39 86.20 68.05 -40.92
N PRO P 40 86.49 69.08 -40.12
CA PRO P 40 85.93 69.14 -38.77
C PRO P 40 84.43 69.27 -38.80
N VAL P 41 83.77 68.58 -37.87
CA VAL P 41 82.35 68.77 -37.60
C VAL P 41 82.27 69.42 -36.22
N LYS P 42 81.59 70.57 -36.15
CA LYS P 42 81.58 71.38 -34.94
C LYS P 42 80.29 71.09 -34.17
N LYS P 43 80.17 69.84 -33.74
CA LYS P 43 79.05 69.39 -32.95
C LYS P 43 79.12 69.98 -31.54
N GLY P 44 77.95 70.28 -30.98
CA GLY P 44 77.86 70.88 -29.67
C GLY P 44 78.70 72.12 -29.51
N SER P 45 79.67 72.07 -28.60
CA SER P 45 80.61 73.17 -28.39
C SER P 45 81.99 72.89 -28.98
N ASP P 46 82.40 71.62 -29.06
CA ASP P 46 83.70 71.30 -29.63
C ASP P 46 83.70 71.60 -31.13
N ASN P 47 84.77 72.23 -31.59
CA ASN P 47 84.89 72.61 -32.99
C ASN P 47 85.40 71.48 -33.87
N GLY P 48 85.69 70.32 -33.31
CA GLY P 48 86.10 69.18 -34.10
C GLY P 48 87.58 69.21 -34.47
N THR P 49 87.96 68.22 -35.26
CA THR P 49 89.35 68.01 -35.64
C THR P 49 89.46 67.89 -37.15
N MET P 50 90.48 68.51 -37.72
CA MET P 50 90.82 68.34 -39.13
C MET P 50 91.80 67.19 -39.25
N ARG P 51 91.46 66.19 -40.05
CA ARG P 51 92.29 64.99 -40.22
C ARG P 51 92.78 64.93 -41.65
N GLY P 52 94.10 64.94 -41.83
CA GLY P 52 94.68 64.83 -43.15
C GLY P 52 95.51 63.58 -43.31
N ASN P 53 95.14 62.70 -44.24
CA ASN P 53 95.82 61.42 -44.43
C ASN P 53 96.45 61.38 -45.81
N MET P 54 97.73 61.00 -45.85
CA MET P 54 98.43 60.77 -47.11
C MET P 54 98.88 59.31 -47.15
N ASN P 55 98.53 58.62 -48.23
CA ASN P 55 98.71 57.19 -48.38
C ASN P 55 99.67 56.92 -49.53
N PHE P 56 100.66 56.06 -49.30
CA PHE P 56 101.56 55.59 -50.33
C PHE P 56 101.40 54.09 -50.47
N ALA P 57 101.06 53.63 -51.68
CA ALA P 57 100.83 52.21 -51.92
C ALA P 57 101.72 51.74 -53.06
N LYS P 58 102.43 50.64 -52.84
CA LYS P 58 103.31 50.09 -53.86
C LYS P 58 103.30 48.57 -53.81
N SER P 59 103.19 47.94 -54.97
CA SER P 59 103.29 46.49 -55.06
C SER P 59 104.75 46.05 -55.10
N PHE P 60 105.04 44.95 -54.44
CA PHE P 60 106.38 44.40 -54.33
C PHE P 60 106.33 42.90 -54.58
N PRO P 61 107.40 42.33 -55.14
CA PRO P 61 107.47 40.87 -55.29
C PRO P 61 107.52 40.19 -53.92
N ASN P 62 106.71 39.15 -53.75
CA ASN P 62 106.66 38.38 -52.51
C ASN P 62 106.55 36.91 -52.94
N GLY P 63 107.70 36.25 -53.04
CA GLY P 63 107.72 34.90 -53.56
C GLY P 63 107.20 34.91 -54.99
N ASP P 64 106.18 34.08 -55.25
CA ASP P 64 105.55 34.05 -56.55
C ASP P 64 104.45 35.10 -56.71
N LYS P 65 103.97 35.68 -55.62
CA LYS P 65 102.86 36.61 -55.68
C LYS P 65 103.35 38.04 -55.52
N LYS P 66 102.41 38.97 -55.39
CA LYS P 66 102.70 40.37 -55.16
C LYS P 66 102.04 40.83 -53.86
N SER P 67 102.75 41.64 -53.10
CA SER P 67 102.28 42.13 -51.81
C SER P 67 102.24 43.64 -51.82
N LEU P 68 101.23 44.21 -51.17
CA LEU P 68 101.07 45.66 -51.12
C LEU P 68 101.73 46.22 -49.87
N VAL P 69 102.67 47.14 -50.06
CA VAL P 69 103.27 47.89 -48.97
C VAL P 69 102.62 49.26 -48.94
N VAL P 70 102.11 49.64 -47.77
CA VAL P 70 101.36 50.87 -47.57
C VAL P 70 102.03 51.68 -46.46
N VAL P 71 102.25 52.96 -46.72
CA VAL P 71 102.77 53.89 -45.74
C VAL P 71 101.74 55.01 -45.56
N ASN P 72 101.31 55.23 -44.32
CA ASN P 72 100.32 56.23 -43.99
C ASN P 72 100.95 57.35 -43.19
N LEU P 73 100.57 58.60 -43.51
CA LEU P 73 100.98 59.77 -42.75
C LEU P 73 99.74 60.60 -42.47
N THR P 74 99.33 60.63 -41.20
CA THR P 74 98.08 61.26 -40.80
C THR P 74 98.35 62.36 -39.79
N ALA P 75 97.74 63.52 -40.00
CA ALA P 75 97.83 64.66 -39.09
C ALA P 75 96.44 64.94 -38.51
N HIS P 76 96.38 65.07 -37.19
CA HIS P 76 95.15 65.38 -36.46
C HIS P 76 95.34 66.75 -35.83
N VAL P 77 94.69 67.78 -36.38
CA VAL P 77 94.85 69.14 -35.91
C VAL P 77 93.51 69.60 -35.33
N PRO P 78 93.40 69.83 -34.03
CA PRO P 78 92.17 70.40 -33.48
C PRO P 78 91.93 71.81 -33.96
N VAL P 79 90.66 72.18 -34.11
CA VAL P 79 90.30 73.49 -34.63
C VAL P 79 90.57 74.55 -33.56
N GLY P 80 91.23 75.63 -33.95
CA GLY P 80 91.61 76.70 -33.06
C GLY P 80 93.11 76.83 -32.88
N VAL P 81 93.85 75.73 -33.11
CA VAL P 81 95.30 75.77 -33.04
C VAL P 81 95.85 76.58 -34.21
N ASP P 82 96.84 77.42 -33.92
CA ASP P 82 97.46 78.24 -34.95
C ASP P 82 98.09 77.36 -36.02
N ALA P 83 97.70 77.60 -37.28
CA ALA P 83 98.21 76.81 -38.39
C ALA P 83 99.71 77.02 -38.58
N THR P 84 100.19 78.25 -38.42
CA THR P 84 101.61 78.53 -38.62
C THR P 84 102.48 77.80 -37.61
N ALA P 85 102.05 77.78 -36.34
CA ALA P 85 102.81 77.06 -35.31
C ALA P 85 102.84 75.57 -35.61
N VAL P 86 101.71 75.01 -36.04
CA VAL P 86 101.67 73.59 -36.39
C VAL P 86 102.58 73.28 -37.56
N ARG P 87 102.57 74.14 -38.58
CA ARG P 87 103.44 73.92 -39.73
C ARG P 87 104.91 74.00 -39.34
N THR P 88 105.27 74.96 -38.49
CA THR P 88 106.64 75.05 -38.02
C THR P 88 107.05 73.82 -37.23
N TRP P 89 106.16 73.33 -36.36
CA TRP P 89 106.45 72.12 -35.60
C TRP P 89 106.63 70.91 -36.51
N MET P 90 105.76 70.79 -37.52
CA MET P 90 105.87 69.66 -38.45
C MET P 90 107.16 69.73 -39.26
N THR P 91 107.54 70.94 -39.71
CA THR P 91 108.72 71.07 -40.55
C THR P 91 110.01 70.87 -39.76
N SER P 92 110.09 71.43 -38.55
CA SER P 92 111.33 71.40 -37.80
C SER P 92 111.49 70.18 -36.91
N GLU P 93 110.39 69.55 -36.50
CA GLU P 93 110.44 68.45 -35.55
C GLU P 93 109.94 67.14 -36.10
N VAL P 94 108.78 67.15 -36.77
CA VAL P 94 108.18 65.89 -37.22
C VAL P 94 108.85 65.40 -38.51
N PHE P 95 109.04 66.30 -39.48
CA PHE P 95 109.56 65.88 -40.78
C PHE P 95 110.97 65.31 -40.70
N PRO P 96 111.95 65.93 -40.02
CA PRO P 96 113.27 65.29 -39.93
C PRO P 96 113.25 63.93 -39.24
N GLY P 97 112.40 63.75 -38.22
CA GLY P 97 112.36 62.49 -37.52
C GLY P 97 111.62 61.40 -38.25
N ALA P 98 110.65 61.77 -39.09
CA ALA P 98 109.85 60.82 -39.84
C ALA P 98 110.52 60.36 -41.12
N THR P 99 111.68 60.93 -41.47
CA THR P 99 112.44 60.52 -42.64
C THR P 99 113.83 60.02 -42.27
N SER P 100 114.05 59.75 -40.99
CA SER P 100 115.35 59.28 -40.52
C SER P 100 115.43 57.76 -40.66
N SER P 101 116.60 57.21 -40.30
CA SER P 101 116.76 55.76 -40.30
C SER P 101 115.89 55.09 -39.25
N VAL P 102 115.40 55.85 -38.27
CA VAL P 102 114.50 55.29 -37.25
C VAL P 102 113.22 54.79 -37.91
N THR P 103 112.64 55.58 -38.80
CA THR P 103 111.43 55.17 -39.50
C THR P 103 111.67 53.93 -40.36
N LEU P 104 112.79 53.91 -41.08
CA LEU P 104 113.11 52.76 -41.92
C LEU P 104 113.27 51.50 -41.08
N ASP P 105 113.99 51.61 -39.95
CA ASP P 105 114.20 50.46 -39.08
C ASP P 105 112.88 49.97 -38.48
N LEU P 106 112.02 50.90 -38.05
CA LEU P 106 110.73 50.50 -37.51
C LEU P 106 109.87 49.81 -38.55
N ALA P 107 109.88 50.33 -39.78
CA ALA P 107 109.03 49.76 -40.83
C ALA P 107 109.50 48.40 -41.28
N THR P 108 110.81 48.23 -41.48
CA THR P 108 111.33 47.01 -42.10
C THR P 108 111.86 45.99 -41.12
N LYS P 109 112.05 46.35 -39.85
CA LYS P 109 112.58 45.43 -38.86
C LYS P 109 111.80 45.45 -37.56
N GLY P 110 110.86 46.37 -37.38
CA GLY P 110 110.14 46.49 -36.13
C GLY P 110 110.99 46.94 -34.96
N VAL P 111 111.95 47.84 -35.21
CA VAL P 111 112.83 48.31 -34.15
C VAL P 111 112.20 49.50 -33.45
N ILE P 112 111.97 49.36 -32.14
CA ILE P 112 111.38 50.41 -31.33
C ILE P 112 112.35 50.96 -30.30
N HIS P 113 113.57 50.44 -30.25
CA HIS P 113 114.61 50.92 -29.33
C HIS P 113 115.70 51.58 -30.16
N LEU P 114 115.83 52.91 -30.06
CA LEU P 114 116.87 53.64 -30.81
C LEU P 114 118.06 53.89 -29.89
N SER P 115 118.80 52.83 -29.61
CA SER P 115 120.06 52.93 -28.89
C SER P 115 121.20 53.19 -29.87
N ASP P 116 122.22 53.90 -29.40
CA ASP P 116 122.34 54.55 -28.09
C ASP P 116 122.93 55.95 -28.24
N ALA P 117 123.39 56.25 -29.45
CA ALA P 117 124.02 57.54 -29.73
C ALA P 117 123.05 58.70 -29.51
N LEU Q 1 120.60 59.61 -27.35
CA LEU Q 1 119.29 59.20 -27.85
C LEU Q 1 118.62 60.36 -28.57
N SER Q 2 118.53 60.26 -29.90
CA SER Q 2 117.95 61.31 -30.72
C SER Q 2 117.07 60.70 -31.79
N ILE Q 3 115.96 61.37 -32.08
CA ILE Q 3 115.08 61.02 -33.19
C ILE Q 3 115.06 62.23 -34.12
N GLY Q 4 115.60 62.05 -35.32
CA GLY Q 4 115.78 63.17 -36.22
C GLY Q 4 116.75 64.19 -35.66
N THR Q 5 116.30 65.43 -35.49
CA THR Q 5 117.11 66.47 -34.88
C THR Q 5 116.77 66.71 -33.42
N LYS Q 6 115.83 65.95 -32.86
CA LYS Q 6 115.36 66.16 -31.49
C LYS Q 6 116.00 65.13 -30.57
N ASN Q 7 116.65 65.62 -29.52
CA ASN Q 7 117.13 64.74 -28.45
C ASN Q 7 115.96 64.30 -27.59
N VAL Q 8 115.87 63.00 -27.32
CA VAL Q 8 114.79 62.43 -26.54
C VAL Q 8 115.38 61.52 -25.48
N SER Q 9 114.54 61.15 -24.51
CA SER Q 9 114.89 60.19 -23.49
C SER Q 9 113.75 59.19 -23.33
N ILE Q 10 114.10 57.99 -22.87
CA ILE Q 10 113.09 56.96 -22.66
C ILE Q 10 112.15 57.40 -21.56
N TYR Q 11 110.85 57.42 -21.88
CA TYR Q 11 109.81 57.83 -20.94
C TYR Q 11 108.97 56.67 -20.45
N ARG Q 12 108.52 55.81 -21.36
CA ARG Q 12 107.79 54.60 -20.98
C ARG Q 12 108.18 53.49 -21.92
N ASN Q 13 108.18 52.26 -21.41
CA ASN Q 13 108.71 51.11 -22.15
C ASN Q 13 107.81 49.90 -21.88
N THR Q 14 107.04 49.52 -22.89
CA THR Q 14 106.28 48.28 -22.88
C THR Q 14 106.88 47.29 -23.88
N ALA Q 15 106.22 46.14 -24.04
CA ALA Q 15 106.76 45.09 -24.88
C ALA Q 15 106.84 45.51 -26.34
N ASP Q 16 105.78 46.13 -26.87
CA ASP Q 16 105.73 46.49 -28.28
C ASP Q 16 105.58 47.99 -28.50
N GLU Q 17 105.75 48.80 -27.46
CA GLU Q 17 105.69 50.25 -27.60
C GLU Q 17 106.69 50.90 -26.67
N VAL Q 18 107.44 51.86 -27.20
CA VAL Q 18 108.33 52.68 -26.39
C VAL Q 18 107.99 54.15 -26.65
N ILE Q 19 107.64 54.86 -25.59
CA ILE Q 19 107.36 56.28 -25.66
C ILE Q 19 108.59 57.05 -25.18
N TYR Q 20 109.09 57.95 -26.01
CA TYR Q 20 110.19 58.83 -25.68
C TYR Q 20 109.66 60.25 -25.50
N ALA Q 21 110.30 61.00 -24.62
CA ALA Q 21 109.89 62.35 -24.27
C ALA Q 21 110.93 63.34 -24.75
N GLY Q 22 110.48 64.45 -25.31
CA GLY Q 22 111.36 65.52 -25.72
C GLY Q 22 111.82 66.31 -24.52
N PRO Q 23 112.72 67.27 -24.74
CA PRO Q 23 113.24 68.06 -23.62
C PRO Q 23 112.17 68.84 -22.88
N ALA Q 24 111.11 69.27 -23.58
CA ALA Q 24 110.08 70.09 -22.98
C ALA Q 24 108.97 69.28 -22.33
N HIS Q 25 108.93 67.97 -22.53
CA HIS Q 25 107.84 67.16 -21.99
C HIS Q 25 107.81 67.24 -20.47
N ASP Q 26 106.60 67.38 -19.93
CA ASP Q 26 106.40 67.52 -18.50
C ASP Q 26 104.99 67.05 -18.15
N VAL Q 27 104.56 67.35 -16.93
CA VAL Q 27 103.26 66.90 -16.45
C VAL Q 27 102.10 67.66 -17.06
N THR Q 28 102.35 68.83 -17.65
CA THR Q 28 101.30 69.61 -18.29
C THR Q 28 101.51 69.83 -19.78
N ASN Q 29 102.73 69.72 -20.29
CA ASN Q 29 103.01 69.86 -21.70
C ASN Q 29 103.38 68.49 -22.27
N VAL Q 30 102.72 68.10 -23.36
CA VAL Q 30 103.00 66.84 -24.01
C VAL Q 30 103.96 67.09 -25.17
N ASP Q 31 105.10 66.40 -25.15
CA ASP Q 31 106.05 66.39 -26.27
C ASP Q 31 106.61 64.97 -26.33
N THR Q 32 105.96 64.12 -27.12
CA THR Q 32 106.29 62.70 -27.11
C THR Q 32 106.42 62.14 -28.52
N VAL Q 33 107.31 61.16 -28.65
CA VAL Q 33 107.45 60.35 -29.85
C VAL Q 33 107.30 58.89 -29.45
N SER Q 34 106.26 58.24 -29.91
CA SER Q 34 106.01 56.84 -29.63
C SER Q 34 106.41 55.98 -30.82
N LEU Q 35 107.13 54.90 -30.54
CA LEU Q 35 107.40 53.86 -31.53
C LEU Q 35 106.63 52.63 -31.10
N ARG Q 36 105.64 52.24 -31.91
CA ARG Q 36 104.81 51.08 -31.63
C ARG Q 36 104.94 50.10 -32.79
N ARG Q 37 104.85 48.81 -32.47
CA ARG Q 37 104.90 47.79 -33.50
C ARG Q 37 103.82 46.76 -33.25
N SER Q 38 103.33 46.20 -34.35
CA SER Q 38 102.45 45.03 -34.33
C SER Q 38 103.15 43.95 -35.13
N LEU Q 39 103.57 42.88 -34.44
CA LEU Q 39 104.35 41.83 -35.05
C LEU Q 39 103.48 40.95 -35.94
N PRO Q 40 104.05 40.41 -37.01
CA PRO Q 40 103.26 39.57 -37.93
C PRO Q 40 102.67 38.36 -37.22
N VAL Q 41 101.42 38.07 -37.53
CA VAL Q 41 100.72 36.90 -37.00
C VAL Q 41 100.56 35.91 -38.14
N LYS Q 42 101.23 34.77 -38.04
CA LYS Q 42 101.18 33.74 -39.07
C LYS Q 42 99.82 33.05 -38.97
N LYS Q 43 98.86 33.51 -39.77
CA LYS Q 43 97.52 32.94 -39.79
C LYS Q 43 97.23 32.37 -41.17
N GLY Q 44 96.72 31.14 -41.20
CA GLY Q 44 96.43 30.49 -42.46
C GLY Q 44 97.69 30.34 -43.31
N SER Q 45 97.53 30.51 -44.62
CA SER Q 45 98.67 30.54 -45.52
C SER Q 45 99.34 31.89 -45.58
N ASP Q 46 98.75 32.91 -44.97
CA ASP Q 46 99.33 34.24 -44.95
C ASP Q 46 100.31 34.36 -43.80
N ASN Q 47 101.53 34.77 -44.12
CA ASN Q 47 102.56 34.93 -43.11
C ASN Q 47 102.37 36.17 -42.24
N GLY Q 48 101.41 37.02 -42.56
CA GLY Q 48 101.12 38.18 -41.74
C GLY Q 48 101.79 39.44 -42.25
N THR Q 49 101.65 40.49 -41.46
CA THR Q 49 102.14 41.82 -41.81
C THR Q 49 102.72 42.49 -40.57
N MET Q 50 103.89 43.10 -40.72
CA MET Q 50 104.48 43.92 -39.68
C MET Q 50 103.92 45.33 -39.79
N ARG Q 51 103.39 45.85 -38.70
CA ARG Q 51 102.90 47.22 -38.63
C ARG Q 51 103.86 48.04 -37.79
N GLY Q 52 104.32 49.16 -38.34
CA GLY Q 52 105.16 50.07 -37.59
C GLY Q 52 104.54 51.45 -37.50
N ASN Q 53 104.30 51.94 -36.28
CA ASN Q 53 103.65 53.23 -36.06
C ASN Q 53 104.60 54.17 -35.35
N MET Q 54 104.71 55.38 -35.89
CA MET Q 54 105.49 56.46 -35.31
C MET Q 54 104.53 57.60 -34.97
N ASN Q 55 104.36 57.88 -33.69
CA ASN Q 55 103.40 58.85 -33.22
C ASN Q 55 104.12 60.07 -32.68
N PHE Q 56 103.78 61.25 -33.18
CA PHE Q 56 104.29 62.52 -32.67
C PHE Q 56 103.13 63.23 -32.00
N ALA Q 57 103.29 63.56 -30.72
CA ALA Q 57 102.26 64.26 -29.96
C ALA Q 57 102.85 65.52 -29.37
N LYS Q 58 102.15 66.65 -29.58
CA LYS Q 58 102.61 67.93 -29.08
C LYS Q 58 101.42 68.75 -28.58
N SER Q 59 101.61 69.40 -27.43
CA SER Q 59 100.59 70.29 -26.89
C SER Q 59 100.72 71.67 -27.51
N PHE Q 60 99.57 72.27 -27.84
CA PHE Q 60 99.53 73.57 -28.49
C PHE Q 60 98.49 74.44 -27.81
N PRO Q 61 98.72 75.75 -27.73
CA PRO Q 61 97.68 76.65 -27.20
C PRO Q 61 96.51 76.73 -28.16
N ASN Q 62 95.33 76.36 -27.68
CA ASN Q 62 94.09 76.43 -28.43
C ASN Q 62 93.19 77.40 -27.66
N GLY Q 63 93.20 78.67 -28.08
CA GLY Q 63 92.48 79.70 -27.39
C GLY Q 63 92.94 79.83 -25.96
N ASP Q 64 92.08 79.42 -25.02
CA ASP Q 64 92.44 79.43 -23.61
C ASP Q 64 92.98 78.08 -23.14
N LYS Q 65 92.59 76.99 -23.78
CA LYS Q 65 92.97 75.65 -23.34
C LYS Q 65 94.18 75.16 -24.13
N LYS Q 66 94.51 73.89 -23.98
CA LYS Q 66 95.56 73.25 -24.74
C LYS Q 66 94.99 72.08 -25.54
N SER Q 67 95.42 71.95 -26.78
CA SER Q 67 94.99 70.89 -27.67
C SER Q 67 96.18 70.02 -28.05
N LEU Q 68 95.92 68.74 -28.28
CA LEU Q 68 96.96 67.79 -28.65
C LEU Q 68 96.97 67.63 -30.16
N VAL Q 69 98.09 68.01 -30.79
CA VAL Q 69 98.31 67.79 -32.21
C VAL Q 69 99.11 66.50 -32.36
N VAL Q 70 98.58 65.58 -33.17
CA VAL Q 70 99.15 64.25 -33.35
C VAL Q 70 99.42 64.01 -34.82
N VAL Q 71 100.62 63.52 -35.12
CA VAL Q 71 101.00 63.10 -36.46
C VAL Q 71 101.39 61.64 -36.40
N ASN Q 72 100.74 60.82 -37.21
CA ASN Q 72 101.02 59.38 -37.24
C ASN Q 72 101.66 59.00 -38.58
N LEU Q 73 102.70 58.18 -38.49
CA LEU Q 73 103.34 57.59 -39.66
C LEU Q 73 103.30 56.08 -39.51
N THR Q 74 102.49 55.41 -40.30
CA THR Q 74 102.27 53.99 -40.18
C THR Q 74 102.71 53.28 -41.46
N ALA Q 75 103.43 52.18 -41.30
CA ALA Q 75 103.85 51.34 -42.42
C ALA Q 75 103.36 49.93 -42.22
N HIS Q 76 102.87 49.32 -43.29
CA HIS Q 76 102.38 47.93 -43.28
C HIS Q 76 103.22 47.14 -44.28
N VAL Q 77 104.10 46.29 -43.79
CA VAL Q 77 105.00 45.53 -44.63
C VAL Q 77 104.66 44.05 -44.51
N PRO Q 78 104.16 43.40 -45.57
CA PRO Q 78 103.88 41.97 -45.48
C PRO Q 78 105.15 41.14 -45.41
N VAL Q 79 105.07 40.03 -44.68
CA VAL Q 79 106.21 39.12 -44.58
C VAL Q 79 106.48 38.48 -45.93
N GLY Q 80 107.75 38.42 -46.30
CA GLY Q 80 108.19 37.85 -47.56
C GLY Q 80 108.71 38.86 -48.55
N VAL Q 81 108.53 40.15 -48.28
CA VAL Q 81 108.99 41.20 -49.16
C VAL Q 81 110.45 41.52 -48.85
N ASP Q 82 111.20 41.90 -49.88
CA ASP Q 82 112.58 42.31 -49.69
C ASP Q 82 112.64 43.62 -48.91
N ALA Q 83 113.37 43.60 -47.78
CA ALA Q 83 113.44 44.77 -46.92
C ALA Q 83 114.24 45.90 -47.55
N THR Q 84 115.31 45.56 -48.28
CA THR Q 84 116.12 46.59 -48.94
C THR Q 84 115.31 47.33 -50.00
N ALA Q 85 114.50 46.60 -50.77
CA ALA Q 85 113.66 47.24 -51.77
C ALA Q 85 112.65 48.20 -51.13
N VAL Q 86 112.05 47.78 -50.01
CA VAL Q 86 111.10 48.63 -49.32
C VAL Q 86 111.78 49.87 -48.77
N ARG Q 87 112.98 49.70 -48.20
CA ARG Q 87 113.72 50.85 -47.69
C ARG Q 87 114.08 51.82 -48.81
N THR Q 88 114.51 51.31 -49.96
CA THR Q 88 114.83 52.17 -51.09
C THR Q 88 113.60 52.92 -51.58
N TRP Q 89 112.46 52.23 -51.68
CA TRP Q 89 111.24 52.89 -52.09
C TRP Q 89 110.81 53.96 -51.10
N MET Q 90 110.90 53.67 -49.80
CA MET Q 90 110.53 54.65 -48.78
C MET Q 90 111.44 55.86 -48.82
N THR Q 91 112.74 55.65 -49.01
CA THR Q 91 113.68 56.76 -49.05
C THR Q 91 113.51 57.62 -50.29
N SER Q 92 113.37 57.00 -51.46
CA SER Q 92 113.35 57.75 -52.71
C SER Q 92 111.97 58.28 -53.08
N GLU Q 93 110.89 57.64 -52.64
CA GLU Q 93 109.56 58.00 -53.13
C GLU Q 93 108.60 58.44 -52.03
N VAL Q 94 108.66 57.81 -50.85
CA VAL Q 94 107.71 58.15 -49.80
C VAL Q 94 108.17 59.38 -49.03
N PHE Q 95 109.44 59.40 -48.63
CA PHE Q 95 109.95 60.48 -47.79
C PHE Q 95 109.88 61.85 -48.45
N PRO Q 96 110.32 62.06 -49.70
CA PRO Q 96 110.22 63.40 -50.29
C PRO Q 96 108.80 63.91 -50.40
N GLY Q 97 107.84 63.03 -50.69
CA GLY Q 97 106.46 63.46 -50.80
C GLY Q 97 105.78 63.67 -49.46
N ALA Q 98 106.18 62.91 -48.44
CA ALA Q 98 105.56 63.04 -47.14
C ALA Q 98 105.98 64.31 -46.41
N THR Q 99 107.16 64.86 -46.70
CA THR Q 99 107.66 66.06 -46.07
C THR Q 99 107.67 67.25 -47.02
N SER Q 100 106.70 67.31 -47.93
CA SER Q 100 106.58 68.39 -48.88
C SER Q 100 105.50 69.37 -48.42
N SER Q 101 105.29 70.41 -49.22
CA SER Q 101 104.23 71.38 -48.92
C SER Q 101 102.85 70.75 -49.04
N VAL Q 102 102.72 69.62 -49.73
CA VAL Q 102 101.44 68.94 -49.86
C VAL Q 102 100.93 68.49 -48.50
N THR Q 103 101.82 67.95 -47.67
CA THR Q 103 101.43 67.50 -46.34
C THR Q 103 100.93 68.67 -45.49
N LEU Q 104 101.65 69.78 -45.51
CA LEU Q 104 101.25 70.94 -44.72
C LEU Q 104 99.92 71.52 -45.21
N ASP Q 105 99.75 71.61 -46.54
CA ASP Q 105 98.51 72.13 -47.09
C ASP Q 105 97.33 71.22 -46.76
N LEU Q 106 97.53 69.91 -46.83
CA LEU Q 106 96.47 68.99 -46.45
C LEU Q 106 96.14 69.09 -44.97
N ALA Q 107 97.16 69.27 -44.12
CA ALA Q 107 96.93 69.32 -42.69
C ALA Q 107 96.18 70.59 -42.29
N THR Q 108 96.63 71.74 -42.77
CA THR Q 108 96.09 73.02 -42.30
C THR Q 108 95.05 73.63 -43.22
N LYS Q 109 94.75 73.00 -44.36
CA LYS Q 109 93.76 73.56 -45.26
C LYS Q 109 92.82 72.52 -45.87
N GLY Q 110 93.05 71.23 -45.66
CA GLY Q 110 92.24 70.21 -46.30
C GLY Q 110 92.35 70.19 -47.81
N VAL Q 111 93.53 70.47 -48.34
CA VAL Q 111 93.74 70.47 -49.79
C VAL Q 111 94.06 69.05 -50.24
N ILE Q 112 93.19 68.50 -51.09
CA ILE Q 112 93.39 67.17 -51.66
C ILE Q 112 93.59 67.21 -53.16
N HIS Q 113 93.27 68.31 -53.82
CA HIS Q 113 93.47 68.47 -55.25
C HIS Q 113 94.79 69.20 -55.49
N LEU Q 114 95.70 68.54 -56.18
CA LEU Q 114 97.04 69.08 -56.41
C LEU Q 114 97.04 69.98 -57.63
N SER Q 115 97.96 70.93 -57.65
CA SER Q 115 98.12 71.86 -58.76
C SER Q 115 99.55 72.37 -58.80
N ASP Q 116 100.02 72.74 -59.99
CA ASP Q 116 99.40 72.51 -61.30
C ASP Q 116 100.46 72.08 -62.29
N ALA Q 117 101.73 72.28 -61.93
CA ALA Q 117 102.84 71.97 -62.80
C ALA Q 117 103.66 70.80 -62.28
N LEU R 1 116.18 71.17 19.69
CA LEU R 1 115.51 70.17 18.87
C LEU R 1 115.80 70.41 17.39
N SER R 2 116.58 69.52 16.79
CA SER R 2 116.97 69.65 15.39
C SER R 2 116.75 68.34 14.66
N ILE R 3 116.24 68.44 13.44
CA ILE R 3 116.15 67.32 12.51
C ILE R 3 116.89 67.75 11.26
N GLY R 4 118.18 67.43 11.19
CA GLY R 4 119.05 67.95 10.15
C GLY R 4 119.51 69.36 10.48
N THR R 5 119.22 70.31 9.60
CA THR R 5 119.50 71.71 9.85
C THR R 5 118.26 72.49 10.29
N LYS R 6 117.15 71.80 10.54
CA LYS R 6 115.89 72.43 10.85
C LYS R 6 115.66 72.47 12.36
N ASN R 7 115.25 73.62 12.87
CA ASN R 7 114.85 73.75 14.26
C ASN R 7 113.36 73.49 14.37
N VAL R 8 112.99 72.43 15.09
CA VAL R 8 111.60 72.03 15.23
C VAL R 8 111.21 72.08 16.70
N SER R 9 109.90 72.07 16.94
CA SER R 9 109.34 71.99 18.28
C SER R 9 108.27 70.91 18.29
N ILE R 10 108.05 70.33 19.47
CA ILE R 10 107.01 69.32 19.60
C ILE R 10 105.66 69.94 19.34
N TYR R 11 104.91 69.36 18.41
CA TYR R 11 103.59 69.85 18.04
C TYR R 11 102.49 68.87 18.42
N ARG R 12 102.71 67.57 18.23
CA ARG R 12 101.74 66.57 18.65
C ARG R 12 102.50 65.36 19.18
N ASN R 13 102.08 64.87 20.35
CA ASN R 13 102.77 63.76 21.00
C ASN R 13 101.75 62.64 21.22
N THR R 14 101.95 61.54 20.51
CA THR R 14 101.10 60.37 20.59
C THR R 14 101.99 59.17 20.96
N ALA R 15 101.36 58.04 21.31
CA ALA R 15 102.10 56.88 21.77
C ALA R 15 103.12 56.41 20.74
N ASP R 16 102.75 56.38 19.46
CA ASP R 16 103.60 55.82 18.43
C ASP R 16 103.95 56.82 17.33
N GLU R 17 103.65 58.10 17.53
CA GLU R 17 103.97 59.10 16.51
C GLU R 17 104.11 60.46 17.19
N VAL R 18 105.18 61.17 16.84
CA VAL R 18 105.41 62.53 17.31
C VAL R 18 105.54 63.42 16.08
N ILE R 19 104.72 64.46 16.01
CA ILE R 19 104.78 65.45 14.93
C ILE R 19 105.48 66.68 15.45
N TYR R 20 106.56 67.08 14.77
CA TYR R 20 107.30 68.30 15.06
C TYR R 20 107.01 69.32 13.97
N ALA R 21 106.94 70.59 14.35
CA ALA R 21 106.61 71.67 13.45
C ALA R 21 107.81 72.57 13.23
N GLY R 22 108.03 72.95 11.97
CA GLY R 22 109.11 73.85 11.63
C GLY R 22 108.73 75.29 11.88
N PRO R 23 109.65 76.21 11.57
CA PRO R 23 109.37 77.63 11.82
C PRO R 23 108.21 78.18 11.01
N ALA R 24 107.88 77.56 9.87
CA ALA R 24 106.86 78.07 8.96
C ALA R 24 105.52 77.36 9.12
N HIS R 25 105.35 76.59 10.19
CA HIS R 25 104.11 75.87 10.42
C HIS R 25 103.14 76.72 11.23
N ASP R 26 101.88 76.72 10.82
CA ASP R 26 100.82 77.45 11.53
C ASP R 26 99.49 76.82 11.16
N VAL R 27 98.40 77.52 11.45
CA VAL R 27 97.06 76.99 11.20
C VAL R 27 96.78 76.82 9.72
N THR R 28 97.26 77.72 8.86
CA THR R 28 96.96 77.68 7.44
C THR R 28 98.07 77.10 6.57
N ASN R 29 99.29 76.97 7.07
CA ASN R 29 100.38 76.41 6.32
C ASN R 29 100.92 75.17 7.03
N VAL R 30 101.40 74.21 6.23
CA VAL R 30 101.92 72.95 6.75
C VAL R 30 103.41 72.92 6.52
N ASP R 31 104.17 72.73 7.61
CA ASP R 31 105.61 72.49 7.55
C ASP R 31 105.91 71.58 8.73
N THR R 32 105.90 70.27 8.50
CA THR R 32 105.97 69.32 9.60
C THR R 32 106.89 68.16 9.26
N VAL R 33 107.51 67.59 10.31
CA VAL R 33 108.24 66.33 10.24
C VAL R 33 107.65 65.41 11.30
N SER R 34 107.14 64.26 10.87
CA SER R 34 106.49 63.30 11.76
C SER R 34 107.32 62.05 11.86
N LEU R 35 107.64 61.64 13.09
CA LEU R 35 108.29 60.37 13.35
C LEU R 35 107.25 59.37 13.81
N ARG R 36 107.15 58.24 13.12
CA ARG R 36 106.16 57.22 13.40
C ARG R 36 106.87 55.87 13.53
N ARG R 37 106.31 55.00 14.36
CA ARG R 37 106.94 53.71 14.60
C ARG R 37 105.88 52.64 14.76
N SER R 38 106.26 51.42 14.40
CA SER R 38 105.46 50.22 14.66
C SER R 38 106.41 49.22 15.31
N LEU R 39 106.20 48.96 16.59
CA LEU R 39 107.08 48.11 17.37
C LEU R 39 106.88 46.65 17.02
N PRO R 40 107.92 45.83 17.20
CA PRO R 40 107.81 44.40 16.88
C PRO R 40 106.71 43.71 17.68
N VAL R 41 106.02 42.79 17.04
CA VAL R 41 104.99 41.97 17.67
C VAL R 41 105.48 40.53 17.67
N LYS R 42 105.62 39.94 18.86
CA LYS R 42 106.10 38.57 19.00
C LYS R 42 104.99 37.60 18.61
N LYS R 43 104.74 37.55 17.30
CA LYS R 43 103.66 36.73 16.77
C LYS R 43 104.20 35.34 16.44
N GLY R 44 103.71 34.33 17.17
CA GLY R 44 104.18 32.97 16.97
C GLY R 44 105.66 32.86 17.23
N SER R 45 106.37 32.20 16.32
CA SER R 45 107.82 32.07 16.40
C SER R 45 108.56 33.26 15.81
N ASP R 46 107.91 34.02 14.92
CA ASP R 46 108.54 35.21 14.35
C ASP R 46 108.67 36.28 15.42
N ASN R 47 109.88 36.83 15.54
CA ASN R 47 110.10 37.91 16.50
C ASN R 47 109.50 39.23 16.06
N GLY R 48 109.04 39.33 14.81
CA GLY R 48 108.41 40.55 14.35
C GLY R 48 109.34 41.42 13.53
N THR R 49 108.83 42.60 13.20
CA THR R 49 109.57 43.58 12.42
C THR R 49 109.39 44.95 13.06
N MET R 50 110.48 45.72 13.13
CA MET R 50 110.42 47.09 13.59
C MET R 50 110.25 48.00 12.37
N ARG R 51 109.23 48.85 12.40
CA ARG R 51 108.92 49.71 11.28
C ARG R 51 109.12 51.16 11.70
N GLY R 52 109.91 51.89 10.94
CA GLY R 52 110.15 53.30 11.19
C GLY R 52 109.71 54.14 10.01
N ASN R 53 109.14 55.31 10.29
CA ASN R 53 108.65 56.20 9.25
C ASN R 53 109.02 57.64 9.59
N MET R 54 109.66 58.32 8.65
CA MET R 54 109.91 59.75 8.72
C MET R 54 109.11 60.42 7.61
N ASN R 55 108.21 61.32 7.99
CA ASN R 55 107.31 61.99 7.07
C ASN R 55 107.64 63.48 7.04
N PHE R 56 107.83 64.01 5.83
CA PHE R 56 108.05 65.43 5.63
C PHE R 56 106.86 65.99 4.86
N ALA R 57 106.21 67.01 5.40
CA ALA R 57 105.06 67.61 4.76
C ALA R 57 105.27 69.11 4.65
N LYS R 58 105.04 69.66 3.45
CA LYS R 58 105.19 71.09 3.24
C LYS R 58 104.10 71.59 2.31
N SER R 59 103.62 72.80 2.58
CA SER R 59 102.65 73.45 1.72
C SER R 59 103.36 74.30 0.66
N PHE R 60 102.81 74.27 -0.56
CA PHE R 60 103.40 74.95 -1.70
C PHE R 60 102.31 75.66 -2.49
N PRO R 61 102.63 76.79 -3.12
CA PRO R 61 101.64 77.44 -3.99
C PRO R 61 101.35 76.57 -5.21
N ASN R 62 100.07 76.32 -5.45
CA ASN R 62 99.60 75.51 -6.59
C ASN R 62 98.53 76.33 -7.29
N GLY R 63 98.95 77.10 -8.30
CA GLY R 63 98.03 77.98 -9.00
C GLY R 63 97.38 78.97 -8.06
N ASP R 64 96.10 78.76 -7.79
CA ASP R 64 95.39 79.61 -6.85
C ASP R 64 95.49 79.07 -5.43
N LYS R 65 95.43 77.75 -5.26
CA LYS R 65 95.34 77.14 -3.95
C LYS R 65 96.74 76.78 -3.44
N LYS R 66 96.79 75.99 -2.37
CA LYS R 66 98.05 75.52 -1.80
C LYS R 66 97.99 74.01 -1.68
N SER R 67 98.98 73.33 -2.26
CA SER R 67 99.02 71.87 -2.28
C SER R 67 100.09 71.35 -1.33
N LEU R 68 99.91 70.10 -0.89
CA LEU R 68 100.79 69.49 0.09
C LEU R 68 101.74 68.52 -0.60
N VAL R 69 103.04 68.79 -0.46
CA VAL R 69 104.09 67.89 -0.93
C VAL R 69 104.58 67.08 0.26
N VAL R 70 104.61 65.76 0.10
CA VAL R 70 104.95 64.84 1.17
C VAL R 70 106.07 63.91 0.70
N VAL R 71 107.11 63.79 1.52
CA VAL R 71 108.21 62.86 1.29
C VAL R 71 108.23 61.86 2.44
N ASN R 72 108.16 60.58 2.12
CA ASN R 72 108.18 59.53 3.11
C ASN R 72 109.50 58.78 3.07
N LEU R 73 109.92 58.30 4.24
CA LEU R 73 111.10 57.44 4.35
C LEU R 73 110.77 56.35 5.36
N THR R 74 110.57 55.14 4.88
CA THR R 74 110.15 54.03 5.73
C THR R 74 111.21 52.94 5.71
N ALA R 75 111.58 52.47 6.89
CA ALA R 75 112.56 51.41 7.07
C ALA R 75 111.91 50.22 7.78
N HIS R 76 112.16 49.02 7.27
CA HIS R 76 111.64 47.78 7.82
C HIS R 76 112.82 46.93 8.26
N VAL R 77 112.97 46.72 9.57
CA VAL R 77 114.09 45.93 10.06
C VAL R 77 113.56 44.73 10.82
N PRO R 78 113.77 43.51 10.32
CA PRO R 78 113.34 42.32 11.07
C PRO R 78 114.11 42.17 12.36
N VAL R 79 113.45 41.65 13.38
CA VAL R 79 114.08 41.46 14.69
C VAL R 79 115.08 40.31 14.61
N GLY R 80 116.27 40.53 15.16
CA GLY R 80 117.35 39.56 15.14
C GLY R 80 118.48 39.95 14.19
N VAL R 81 118.16 40.74 13.17
CA VAL R 81 119.21 41.26 12.29
C VAL R 81 120.10 42.21 13.06
N ASP R 82 121.41 42.06 12.88
CA ASP R 82 122.36 42.91 13.58
C ASP R 82 122.15 44.37 13.20
N ALA R 83 122.06 45.23 14.22
CA ALA R 83 121.72 46.63 13.98
C ALA R 83 122.88 47.39 13.34
N THR R 84 124.12 47.08 13.74
CA THR R 84 125.27 47.81 13.22
C THR R 84 125.42 47.59 11.71
N ALA R 85 125.19 46.36 11.24
CA ALA R 85 125.25 46.10 9.81
C ALA R 85 124.20 46.90 9.05
N VAL R 86 122.98 46.96 9.59
CA VAL R 86 121.92 47.74 8.94
C VAL R 86 122.31 49.22 8.91
N ARG R 87 122.88 49.72 10.01
CA ARG R 87 123.22 51.14 10.07
C ARG R 87 124.34 51.49 9.10
N THR R 88 125.36 50.62 8.98
CA THR R 88 126.43 50.92 8.03
C THR R 88 125.97 50.75 6.59
N TRP R 89 125.05 49.81 6.33
CA TRP R 89 124.45 49.70 5.01
C TRP R 89 123.66 50.96 4.66
N MET R 90 122.89 51.47 5.62
CA MET R 90 122.11 52.67 5.39
C MET R 90 123.00 53.88 5.15
N THR R 91 124.06 54.00 5.95
CA THR R 91 124.95 55.16 5.82
C THR R 91 125.75 55.12 4.52
N SER R 92 126.20 53.93 4.11
CA SER R 92 127.08 53.80 2.96
C SER R 92 126.35 53.56 1.65
N GLU R 93 125.25 52.82 1.66
CA GLU R 93 124.58 52.40 0.43
C GLU R 93 123.23 53.05 0.21
N VAL R 94 122.47 53.32 1.27
CA VAL R 94 121.11 53.82 1.10
C VAL R 94 121.09 55.33 1.05
N PHE R 95 121.73 55.98 2.01
CA PHE R 95 121.70 57.44 2.13
C PHE R 95 122.33 58.15 0.93
N PRO R 96 123.53 57.77 0.46
CA PRO R 96 124.09 58.48 -0.70
C PRO R 96 123.24 58.38 -1.95
N GLY R 97 122.58 57.24 -2.17
CA GLY R 97 121.72 57.11 -3.34
C GLY R 97 120.36 57.74 -3.16
N ALA R 98 119.87 57.85 -1.93
CA ALA R 98 118.56 58.41 -1.67
C ALA R 98 118.54 59.92 -1.69
N THR R 99 119.70 60.57 -1.70
CA THR R 99 119.78 62.04 -1.72
C THR R 99 120.44 62.55 -3.00
N SER R 100 120.56 61.72 -4.02
CA SER R 100 121.20 62.11 -5.26
C SER R 100 120.19 62.81 -6.17
N SER R 101 120.62 63.16 -7.38
CA SER R 101 119.72 63.75 -8.36
C SER R 101 118.69 62.75 -8.86
N VAL R 102 118.95 61.46 -8.67
CA VAL R 102 117.99 60.44 -9.09
C VAL R 102 116.67 60.61 -8.35
N THR R 103 116.74 60.86 -7.03
CA THR R 103 115.53 61.07 -6.25
C THR R 103 114.78 62.31 -6.74
N LEU R 104 115.51 63.39 -7.04
CA LEU R 104 114.87 64.62 -7.51
C LEU R 104 114.15 64.38 -8.85
N ASP R 105 114.82 63.71 -9.78
CA ASP R 105 114.20 63.43 -11.08
C ASP R 105 113.00 62.51 -10.93
N LEU R 106 113.10 61.50 -10.06
CA LEU R 106 111.98 60.59 -9.84
C LEU R 106 110.79 61.29 -9.22
N ALA R 107 111.04 62.21 -8.28
CA ALA R 107 109.95 62.90 -7.61
C ALA R 107 109.30 63.95 -8.49
N THR R 108 110.09 64.68 -9.28
CA THR R 108 109.55 65.78 -10.06
C THR R 108 109.13 65.36 -11.47
N LYS R 109 109.78 64.36 -12.05
CA LYS R 109 109.50 63.96 -13.43
C LYS R 109 109.18 62.48 -13.60
N GLY R 110 109.27 61.67 -12.55
CA GLY R 110 108.99 60.25 -12.68
C GLY R 110 110.03 59.48 -13.46
N VAL R 111 111.28 59.91 -13.44
CA VAL R 111 112.33 59.25 -14.22
C VAL R 111 112.78 58.00 -13.49
N ILE R 112 112.70 56.85 -14.17
CA ILE R 112 113.06 55.56 -13.60
C ILE R 112 114.24 54.92 -14.32
N HIS R 113 114.78 55.56 -15.36
CA HIS R 113 115.92 55.06 -16.11
C HIS R 113 117.09 56.02 -15.89
N LEU R 114 118.11 55.57 -15.16
CA LEU R 114 119.25 56.42 -14.83
C LEU R 114 120.42 56.11 -15.78
N SER R 115 120.27 56.55 -17.02
CA SER R 115 121.31 56.40 -18.02
C SER R 115 122.29 57.56 -17.94
N ASP R 116 123.57 57.26 -18.19
CA ASP R 116 124.11 55.92 -18.42
C ASP R 116 125.39 55.72 -17.62
N ALA R 117 126.04 56.83 -17.27
CA ALA R 117 127.29 56.79 -16.53
C ALA R 117 127.04 56.51 -15.05
N LEU S 1 -15.07 13.92 135.79
CA LEU S 1 -15.66 13.17 134.70
C LEU S 1 -15.80 11.69 135.05
N SER S 2 -17.02 11.18 134.97
CA SER S 2 -17.30 9.78 135.29
C SER S 2 -18.29 9.22 134.29
N ILE S 3 -18.16 7.92 134.02
CA ILE S 3 -19.08 7.17 133.18
C ILE S 3 -19.52 5.97 134.00
N GLY S 4 -20.69 6.07 134.63
CA GLY S 4 -21.08 5.08 135.60
C GLY S 4 -20.25 5.23 136.86
N THR S 5 -19.43 4.22 137.17
CA THR S 5 -18.56 4.26 138.34
C THR S 5 -17.09 4.43 137.97
N LYS S 6 -16.79 4.68 136.70
CA LYS S 6 -15.42 4.79 136.22
C LYS S 6 -15.06 6.24 135.94
N ASN S 7 -13.94 6.68 136.50
CA ASN S 7 -13.40 8.00 136.23
C ASN S 7 -12.67 8.00 134.89
N VAL S 8 -12.98 8.98 134.04
CA VAL S 8 -12.39 9.10 132.72
C VAL S 8 -11.86 10.51 132.54
N SER S 9 -11.11 10.70 131.46
CA SER S 9 -10.56 11.99 131.10
C SER S 9 -10.72 12.20 129.60
N ILE S 10 -10.87 13.46 129.21
CA ILE S 10 -10.89 13.80 127.79
C ILE S 10 -9.60 13.31 127.14
N TYR S 11 -9.75 12.54 126.06
CA TYR S 11 -8.60 12.02 125.33
C TYR S 11 -8.56 12.46 123.88
N ARG S 12 -9.67 12.33 123.14
CA ARG S 12 -9.73 12.79 121.77
C ARG S 12 -11.06 13.48 121.52
N ASN S 13 -11.02 14.61 120.83
CA ASN S 13 -12.21 15.41 120.58
C ASN S 13 -12.35 15.64 119.08
N THR S 14 -13.51 15.29 118.53
CA THR S 14 -13.84 15.63 117.15
C THR S 14 -15.21 16.30 117.12
N ALA S 15 -15.70 16.62 115.92
CA ALA S 15 -16.96 17.35 115.82
C ALA S 15 -18.13 16.52 116.36
N ASP S 16 -18.17 15.24 116.03
CA ASP S 16 -19.30 14.38 116.40
C ASP S 16 -18.88 13.16 117.22
N GLU S 17 -17.63 13.10 117.68
CA GLU S 17 -17.19 11.97 118.47
C GLU S 17 -16.19 12.44 119.52
N VAL S 18 -16.35 11.94 120.74
CA VAL S 18 -15.43 12.20 121.83
C VAL S 18 -14.99 10.87 122.44
N ILE S 19 -13.68 10.67 122.54
CA ILE S 19 -13.11 9.49 123.16
C ILE S 19 -12.53 9.88 124.52
N TYR S 20 -12.96 9.18 125.57
CA TYR S 20 -12.44 9.33 126.92
C TYR S 20 -11.60 8.10 127.26
N ALA S 21 -10.53 8.33 128.03
CA ALA S 21 -9.59 7.28 128.40
C ALA S 21 -9.80 6.91 129.86
N GLY S 22 -9.78 5.62 130.14
CA GLY S 22 -9.87 5.12 131.50
C GLY S 22 -8.53 5.18 132.21
N PRO S 23 -8.53 4.81 133.49
CA PRO S 23 -7.27 4.87 134.27
C PRO S 23 -6.19 3.93 133.77
N ALA S 24 -6.54 2.90 133.01
CA ALA S 24 -5.58 1.90 132.55
C ALA S 24 -5.14 2.12 131.10
N HIS S 25 -5.52 3.23 130.49
CA HIS S 25 -5.18 3.47 129.10
C HIS S 25 -3.77 4.06 128.99
N ASP S 26 -2.95 3.43 128.16
CA ASP S 26 -1.62 3.95 127.86
C ASP S 26 -1.25 3.47 126.45
N VAL S 27 0.05 3.54 126.13
CA VAL S 27 0.54 3.17 124.81
C VAL S 27 0.36 1.67 124.57
N THR S 28 0.33 0.89 125.65
CA THR S 28 0.28 -0.56 125.54
C THR S 28 -1.10 -1.15 125.79
N ASN S 29 -1.91 -0.54 126.66
CA ASN S 29 -3.19 -1.09 127.04
C ASN S 29 -4.30 -0.13 126.65
N VAL S 30 -5.39 -0.68 126.10
CA VAL S 30 -6.54 0.12 125.69
C VAL S 30 -7.60 0.05 126.79
N ASP S 31 -8.09 1.22 127.20
CA ASP S 31 -9.24 1.32 128.10
C ASP S 31 -9.95 2.63 127.72
N THR S 32 -10.94 2.52 126.84
CA THR S 32 -11.56 3.72 126.29
C THR S 32 -13.07 3.59 126.23
N VAL S 33 -13.73 4.74 126.37
CA VAL S 33 -15.17 4.85 126.14
C VAL S 33 -15.39 6.01 125.16
N SER S 34 -16.08 5.74 124.07
CA SER S 34 -16.31 6.71 123.02
C SER S 34 -17.80 7.04 122.90
N LEU S 35 -18.11 8.32 122.77
CA LEU S 35 -19.46 8.79 122.55
C LEU S 35 -19.51 9.40 121.15
N ARG S 36 -20.39 8.86 120.31
CA ARG S 36 -20.51 9.33 118.93
C ARG S 36 -21.97 9.66 118.64
N ARG S 37 -22.18 10.70 117.84
CA ARG S 37 -23.52 11.10 117.46
C ARG S 37 -23.61 11.25 115.95
N SER S 38 -24.77 10.89 115.42
CA SER S 38 -25.16 11.13 114.03
C SER S 38 -26.44 11.94 114.11
N LEU S 39 -26.33 13.25 113.90
CA LEU S 39 -27.47 14.12 114.00
C LEU S 39 -28.42 13.90 112.84
N PRO S 40 -29.72 14.10 113.04
CA PRO S 40 -30.68 13.89 111.96
C PRO S 40 -30.45 14.87 110.81
N VAL S 41 -30.65 14.37 109.60
CA VAL S 41 -30.68 15.20 108.40
C VAL S 41 -32.10 15.13 107.86
N LYS S 42 -32.76 16.29 107.78
CA LYS S 42 -34.18 16.36 107.43
C LYS S 42 -34.30 16.57 105.93
N LYS S 43 -33.85 15.58 105.18
CA LYS S 43 -33.96 15.58 103.74
C LYS S 43 -35.40 15.35 103.30
N GLY S 44 -35.77 15.99 102.19
CA GLY S 44 -37.12 15.90 101.67
C GLY S 44 -38.19 16.22 102.69
N SER S 45 -39.03 15.22 103.00
CA SER S 45 -40.05 15.36 104.02
C SER S 45 -39.72 14.62 105.31
N ASP S 46 -38.89 13.58 105.25
CA ASP S 46 -38.52 12.84 106.44
C ASP S 46 -37.58 13.67 107.30
N ASN S 47 -37.84 13.69 108.61
CA ASN S 47 -37.04 14.47 109.53
C ASN S 47 -35.78 13.75 109.98
N GLY S 48 -35.56 12.52 109.51
CA GLY S 48 -34.33 11.80 109.81
C GLY S 48 -34.35 11.12 111.17
N THR S 49 -33.20 10.52 111.48
CA THR S 49 -33.03 9.75 112.69
C THR S 49 -31.79 10.23 113.43
N MET S 50 -31.88 10.32 114.76
CA MET S 50 -30.73 10.62 115.59
C MET S 50 -30.11 9.31 116.04
N ARG S 51 -28.81 9.16 115.83
CA ARG S 51 -28.10 7.92 116.15
C ARG S 51 -27.06 8.19 117.23
N GLY S 52 -27.24 7.58 118.40
CA GLY S 52 -26.28 7.73 119.47
C GLY S 52 -25.53 6.45 119.76
N ASN S 53 -24.21 6.47 119.64
CA ASN S 53 -23.39 5.28 119.79
C ASN S 53 -22.46 5.42 120.99
N MET S 54 -22.42 4.39 121.82
CA MET S 54 -21.52 4.30 122.97
C MET S 54 -20.60 3.10 122.75
N ASN S 55 -19.29 3.34 122.82
CA ASN S 55 -18.28 2.35 122.50
C ASN S 55 -17.43 2.09 123.74
N PHE S 56 -17.27 0.82 124.11
CA PHE S 56 -16.38 0.43 125.18
C PHE S 56 -15.29 -0.46 124.60
N ALA S 57 -14.04 -0.09 124.80
CA ALA S 57 -12.91 -0.82 124.22
C ALA S 57 -11.92 -1.16 125.31
N LYS S 58 -11.51 -2.43 125.37
CA LYS S 58 -10.55 -2.87 126.38
C LYS S 58 -9.64 -3.93 125.78
N SER S 59 -8.35 -3.82 126.06
CA SER S 59 -7.40 -4.84 125.64
C SER S 59 -7.34 -5.97 126.66
N PHE S 60 -7.19 -7.19 126.15
CA PHE S 60 -7.16 -8.39 126.97
C PHE S 60 -6.02 -9.28 126.51
N PRO S 61 -5.43 -10.06 127.42
CA PRO S 61 -4.41 -11.04 127.01
C PRO S 61 -5.03 -12.12 126.14
N ASN S 62 -4.35 -12.44 125.04
CA ASN S 62 -4.80 -13.48 124.10
C ASN S 62 -3.54 -14.26 123.71
N GLY S 63 -3.28 -15.33 124.44
CA GLY S 63 -2.03 -16.05 124.23
C GLY S 63 -0.87 -15.14 124.52
N ASP S 64 0.01 -14.99 123.53
CA ASP S 64 1.15 -14.09 123.66
C ASP S 64 0.82 -12.66 123.26
N LYS S 65 -0.28 -12.43 122.55
CA LYS S 65 -0.60 -11.12 122.04
C LYS S 65 -1.71 -10.48 122.88
N LYS S 66 -2.20 -9.34 122.40
CA LYS S 66 -3.33 -8.65 123.03
C LYS S 66 -4.46 -8.53 122.02
N SER S 67 -5.68 -8.68 122.50
CA SER S 67 -6.87 -8.62 121.66
C SER S 67 -7.82 -7.56 122.18
N LEU S 68 -8.45 -6.84 121.27
CA LEU S 68 -9.38 -5.77 121.64
C LEU S 68 -10.79 -6.32 121.73
N VAL S 69 -11.42 -6.14 122.89
CA VAL S 69 -12.83 -6.46 123.08
C VAL S 69 -13.61 -5.15 123.06
N VAL S 70 -14.63 -5.10 122.21
CA VAL S 70 -15.42 -3.89 121.97
C VAL S 70 -16.89 -4.21 122.22
N VAL S 71 -17.55 -3.34 122.97
CA VAL S 71 -18.98 -3.42 123.22
C VAL S 71 -19.62 -2.15 122.69
N ASN S 72 -20.63 -2.29 121.84
CA ASN S 72 -21.31 -1.17 121.23
C ASN S 72 -22.75 -1.10 121.73
N LEU S 73 -23.21 0.11 122.03
CA LEU S 73 -24.60 0.36 122.41
C LEU S 73 -25.11 1.53 121.58
N THR S 74 -25.99 1.24 120.63
CA THR S 74 -26.46 2.24 119.68
C THR S 74 -27.97 2.41 119.80
N ALA S 75 -28.41 3.66 119.87
CA ALA S 75 -29.82 4.01 119.89
C ALA S 75 -30.17 4.75 118.61
N HIS S 76 -31.24 4.31 117.94
CA HIS S 76 -31.73 4.95 116.72
C HIS S 76 -33.11 5.52 117.04
N VAL S 77 -33.21 6.83 117.18
CA VAL S 77 -34.46 7.47 117.57
C VAL S 77 -34.94 8.33 116.40
N PRO S 78 -36.07 7.99 115.76
CA PRO S 78 -36.60 8.86 114.71
C PRO S 78 -37.08 10.18 115.28
N VAL S 79 -36.98 11.24 114.46
CA VAL S 79 -37.35 12.57 114.91
C VAL S 79 -38.87 12.70 114.99
N GLY S 80 -39.36 13.26 116.10
CA GLY S 80 -40.78 13.41 116.35
C GLY S 80 -41.28 12.51 117.46
N VAL S 81 -40.56 11.42 117.75
CA VAL S 81 -40.90 10.55 118.86
C VAL S 81 -40.62 11.26 120.17
N ASP S 82 -41.56 11.14 121.11
CA ASP S 82 -41.39 11.78 122.41
C ASP S 82 -40.14 11.27 123.11
N ALA S 83 -39.30 12.21 123.53
CA ALA S 83 -38.06 11.84 124.22
C ALA S 83 -38.33 11.18 125.56
N THR S 84 -39.33 11.68 126.30
CA THR S 84 -39.62 11.13 127.62
C THR S 84 -40.10 9.68 127.53
N ALA S 85 -40.96 9.38 126.55
CA ALA S 85 -41.42 8.01 126.38
C ALA S 85 -40.27 7.08 126.01
N VAL S 86 -39.37 7.54 125.14
CA VAL S 86 -38.22 6.73 124.76
C VAL S 86 -37.32 6.49 125.95
N ARG S 87 -37.08 7.52 126.77
CA ARG S 87 -36.24 7.35 127.96
C ARG S 87 -36.87 6.39 128.95
N THR S 88 -38.20 6.47 129.14
CA THR S 88 -38.87 5.54 130.04
C THR S 88 -38.77 4.11 129.52
N TRP S 89 -38.94 3.92 128.21
CA TRP S 89 -38.81 2.58 127.63
C TRP S 89 -37.39 2.04 127.81
N MET S 90 -36.38 2.89 127.57
CA MET S 90 -35.00 2.45 127.70
C MET S 90 -34.67 2.10 129.15
N THR S 91 -35.14 2.91 130.09
CA THR S 91 -34.85 2.66 131.50
C THR S 91 -35.57 1.42 132.03
N SER S 92 -36.83 1.23 131.65
CA SER S 92 -37.62 0.15 132.23
C SER S 92 -37.52 -1.16 131.47
N GLU S 93 -37.23 -1.14 130.18
CA GLU S 93 -37.23 -2.36 129.39
C GLU S 93 -35.87 -2.70 128.79
N VAL S 94 -35.16 -1.73 128.23
CA VAL S 94 -33.91 -2.02 127.55
C VAL S 94 -32.77 -2.20 128.55
N PHE S 95 -32.66 -1.28 129.52
CA PHE S 95 -31.54 -1.31 130.45
C PHE S 95 -31.50 -2.58 131.30
N PRO S 96 -32.59 -3.03 131.94
CA PRO S 96 -32.50 -4.28 132.69
C PRO S 96 -32.16 -5.50 131.84
N GLY S 97 -32.63 -5.54 130.59
CA GLY S 97 -32.35 -6.68 129.74
C GLY S 97 -30.96 -6.68 129.14
N ALA S 98 -30.37 -5.50 128.96
CA ALA S 98 -29.05 -5.37 128.38
C ALA S 98 -27.94 -5.51 129.42
N THR S 99 -28.28 -5.72 130.68
CA THR S 99 -27.30 -5.93 131.74
C THR S 99 -27.52 -7.26 132.46
N SER S 100 -28.34 -8.14 131.89
CA SER S 100 -28.64 -9.41 132.52
C SER S 100 -27.59 -10.45 132.11
N SER S 101 -27.76 -11.67 132.62
CA SER S 101 -26.90 -12.78 132.22
C SER S 101 -27.09 -13.13 130.74
N VAL S 102 -28.20 -12.72 130.14
CA VAL S 102 -28.43 -12.99 128.72
C VAL S 102 -27.38 -12.30 127.87
N THR S 103 -27.08 -11.04 128.17
CA THR S 103 -26.06 -10.31 127.41
C THR S 103 -24.68 -10.94 127.58
N LEU S 104 -24.34 -11.32 128.82
CA LEU S 104 -23.05 -11.94 129.07
C LEU S 104 -22.92 -13.25 128.32
N ASP S 105 -23.98 -14.07 128.34
CA ASP S 105 -23.95 -15.35 127.65
C ASP S 105 -23.85 -15.16 126.14
N LEU S 106 -24.59 -14.19 125.60
CA LEU S 106 -24.51 -13.94 124.17
C LEU S 106 -23.11 -13.46 123.77
N ALA S 107 -22.50 -12.61 124.59
CA ALA S 107 -21.20 -12.06 124.24
C ALA S 107 -20.08 -13.09 124.35
N THR S 108 -20.07 -13.88 125.43
CA THR S 108 -18.94 -14.74 125.70
C THR S 108 -19.15 -16.19 125.27
N LYS S 109 -20.38 -16.59 124.91
CA LYS S 109 -20.65 -17.95 124.52
C LYS S 109 -21.49 -18.07 123.25
N GLY S 110 -22.03 -16.95 122.75
CA GLY S 110 -22.91 -17.00 121.59
C GLY S 110 -24.22 -17.70 121.85
N VAL S 111 -24.81 -17.51 123.02
CA VAL S 111 -26.06 -18.17 123.37
C VAL S 111 -27.22 -17.28 122.94
N ILE S 112 -28.05 -17.78 122.04
CA ILE S 112 -29.22 -17.06 121.54
C ILE S 112 -30.52 -17.69 121.99
N HIS S 113 -30.47 -18.77 122.76
CA HIS S 113 -31.66 -19.43 123.30
C HIS S 113 -31.65 -19.26 124.82
N LEU S 114 -32.57 -18.44 125.35
CA LEU S 114 -32.64 -18.22 126.79
C LEU S 114 -33.73 -19.10 127.39
N SER S 115 -33.44 -20.40 127.43
CA SER S 115 -34.30 -21.35 128.11
C SER S 115 -33.98 -21.38 129.60
N ASP S 116 -34.99 -21.71 130.41
CA ASP S 116 -36.39 -21.95 130.06
C ASP S 116 -37.31 -21.27 131.06
N ALA S 117 -36.74 -20.85 132.19
CA ALA S 117 -37.51 -20.22 133.25
C ALA S 117 -38.12 -18.89 132.81
N LEU T 1 -39.89 -17.80 130.32
CA LEU T 1 -39.01 -17.17 129.35
C LEU T 1 -39.04 -15.65 129.51
N SER T 2 -37.94 -15.11 130.06
CA SER T 2 -37.87 -13.68 130.34
C SER T 2 -36.50 -13.15 129.95
N ILE T 3 -36.47 -11.89 129.53
CA ILE T 3 -35.24 -11.16 129.28
C ILE T 3 -35.29 -9.92 130.15
N GLY T 4 -34.38 -9.85 131.12
CA GLY T 4 -34.43 -8.79 132.12
C GLY T 4 -35.69 -8.90 132.95
N THR T 5 -36.50 -7.84 132.99
CA THR T 5 -37.77 -7.85 133.69
C THR T 5 -38.95 -8.10 132.77
N LYS T 6 -38.71 -8.32 131.48
CA LYS T 6 -39.78 -8.45 130.50
C LYS T 6 -39.96 -9.92 130.13
N ASN T 7 -41.19 -10.42 130.25
CA ASN T 7 -41.50 -11.76 129.78
C ASN T 7 -41.67 -11.76 128.27
N VAL T 8 -41.03 -12.73 127.62
CA VAL T 8 -41.05 -12.82 126.16
C VAL T 8 -41.40 -14.26 125.77
N SER T 9 -41.71 -14.43 124.50
CA SER T 9 -41.96 -15.74 123.92
C SER T 9 -41.23 -15.85 122.59
N ILE T 10 -40.91 -17.08 122.20
CA ILE T 10 -40.22 -17.30 120.94
C ILE T 10 -41.13 -16.91 119.79
N TYR T 11 -40.66 -15.98 118.96
CA TYR T 11 -41.41 -15.51 117.80
C TYR T 11 -40.88 -16.06 116.50
N ARG T 12 -39.57 -15.98 116.28
CA ARG T 12 -38.95 -16.57 115.10
C ARG T 12 -37.61 -17.16 115.49
N ASN T 13 -37.22 -18.22 114.79
CA ASN T 13 -36.04 -19.00 115.15
C ASN T 13 -35.30 -19.41 113.89
N THR T 14 -34.14 -18.80 113.65
CA THR T 14 -33.23 -19.21 112.60
C THR T 14 -31.96 -19.77 113.24
N ALA T 15 -30.99 -20.11 112.37
CA ALA T 15 -29.77 -20.77 112.86
C ALA T 15 -28.96 -19.85 113.77
N ASP T 16 -28.82 -18.57 113.40
CA ASP T 16 -27.98 -17.64 114.15
C ASP T 16 -28.77 -16.48 114.74
N GLU T 17 -30.09 -16.47 114.61
CA GLU T 17 -30.92 -15.41 115.17
C GLU T 17 -32.18 -15.99 115.75
N VAL T 18 -32.54 -15.54 116.96
CA VAL T 18 -33.81 -15.85 117.57
C VAL T 18 -34.48 -14.54 117.95
N ILE T 19 -35.67 -14.30 117.41
CA ILE T 19 -36.46 -13.11 117.71
C ILE T 19 -37.54 -13.51 118.71
N TYR T 20 -37.59 -12.82 119.84
CA TYR T 20 -38.60 -13.00 120.86
C TYR T 20 -39.54 -11.81 120.85
N ALA T 21 -40.80 -12.07 121.15
CA ALA T 21 -41.84 -11.05 121.13
C ALA T 21 -42.31 -10.76 122.55
N GLY T 22 -42.46 -9.48 122.87
CA GLY T 22 -43.00 -9.08 124.15
C GLY T 22 -44.49 -9.31 124.20
N PRO T 23 -45.10 -9.09 125.37
CA PRO T 23 -46.54 -9.32 125.49
C PRO T 23 -47.37 -8.44 124.57
N ALA T 24 -46.90 -7.22 124.28
CA ALA T 24 -47.64 -6.29 123.44
C ALA T 24 -47.43 -6.50 121.95
N HIS T 25 -46.43 -7.29 121.55
CA HIS T 25 -46.13 -7.45 120.14
C HIS T 25 -47.32 -8.03 119.39
N ASP T 26 -47.60 -7.45 118.23
CA ASP T 26 -48.73 -7.87 117.41
C ASP T 26 -48.42 -7.51 115.96
N VAL T 27 -49.45 -7.62 115.09
CA VAL T 27 -49.27 -7.38 113.67
C VAL T 27 -49.03 -5.91 113.34
N THR T 28 -49.42 -4.99 114.23
CA THR T 28 -49.23 -3.57 113.99
C THR T 28 -48.31 -2.89 114.99
N ASN T 29 -48.08 -3.47 116.16
CA ASN T 29 -47.18 -2.92 117.16
C ASN T 29 -45.97 -3.83 117.27
N VAL T 30 -44.78 -3.26 117.10
CA VAL T 30 -43.54 -4.01 117.20
C VAL T 30 -43.00 -3.90 118.62
N ASP T 31 -42.79 -5.06 119.26
CA ASP T 31 -42.13 -5.14 120.57
C ASP T 31 -41.30 -6.41 120.53
N THR T 32 -40.03 -6.29 120.12
CA THR T 32 -39.21 -7.46 119.87
C THR T 32 -37.83 -7.32 120.48
N VAL T 33 -37.29 -8.45 120.93
CA VAL T 33 -35.90 -8.57 121.35
C VAL T 33 -35.27 -9.67 120.51
N SER T 34 -34.30 -9.29 119.68
CA SER T 34 -33.59 -10.24 118.84
C SER T 34 -32.23 -10.55 119.45
N LEU T 35 -31.86 -11.84 119.43
CA LEU T 35 -30.51 -12.27 119.77
C LEU T 35 -29.90 -12.85 118.50
N ARG T 36 -28.85 -12.20 118.01
CA ARG T 36 -28.17 -12.62 116.80
C ARG T 36 -26.70 -12.88 117.12
N ARG T 37 -26.13 -13.87 116.45
CA ARG T 37 -24.72 -14.17 116.64
C ARG T 37 -24.06 -14.35 115.28
N SER T 38 -22.79 -13.96 115.21
CA SER T 38 -21.91 -14.24 114.09
C SER T 38 -20.74 -15.04 114.64
N LEU T 39 -20.69 -16.32 114.28
CA LEU T 39 -19.71 -17.24 114.83
C LEU T 39 -18.32 -16.94 114.25
N PRO T 40 -17.27 -17.21 115.02
CA PRO T 40 -15.91 -16.90 114.54
C PRO T 40 -15.55 -17.72 113.31
N VAL T 41 -15.01 -17.04 112.32
CA VAL T 41 -14.51 -17.69 111.11
C VAL T 41 -12.99 -17.76 111.23
N LYS T 42 -12.46 -18.98 111.34
CA LYS T 42 -11.03 -19.18 111.55
C LYS T 42 -10.35 -19.04 110.20
N LYS T 43 -9.91 -17.81 109.90
CA LYS T 43 -9.30 -17.49 108.62
C LYS T 43 -7.84 -17.12 108.82
N GLY T 44 -6.96 -17.74 108.03
CA GLY T 44 -5.54 -17.49 108.17
C GLY T 44 -5.05 -17.90 109.54
N SER T 45 -4.10 -17.14 110.08
CA SER T 45 -3.63 -17.35 111.44
C SER T 45 -4.57 -16.73 112.48
N ASP T 46 -5.50 -15.89 112.05
CA ASP T 46 -6.46 -15.29 112.96
C ASP T 46 -7.58 -16.29 113.25
N ASN T 47 -7.90 -16.45 114.53
CA ASN T 47 -8.94 -17.37 114.96
C ASN T 47 -10.34 -16.77 114.88
N GLY T 48 -10.48 -15.57 114.35
CA GLY T 48 -11.77 -14.97 114.17
C GLY T 48 -12.29 -14.28 115.43
N THR T 49 -13.53 -13.83 115.34
CA THR T 49 -14.17 -13.07 116.39
C THR T 49 -15.63 -13.45 116.49
N MET T 50 -16.11 -13.69 117.70
CA MET T 50 -17.53 -13.93 117.95
C MET T 50 -18.23 -12.58 118.10
N ARG T 51 -19.27 -12.36 117.30
CA ARG T 51 -20.09 -11.16 117.40
C ARG T 51 -21.44 -11.52 118.01
N GLY T 52 -21.84 -10.77 119.03
CA GLY T 52 -23.14 -10.97 119.63
C GLY T 52 -23.95 -9.69 119.64
N ASN T 53 -25.14 -9.71 119.02
CA ASN T 53 -25.97 -8.53 118.89
C ASN T 53 -27.30 -8.75 119.59
N MET T 54 -27.69 -7.78 120.41
CA MET T 54 -28.97 -7.77 121.11
C MET T 54 -29.76 -6.56 120.61
N ASN T 55 -30.89 -6.82 119.96
CA ASN T 55 -31.67 -5.79 119.31
C ASN T 55 -33.00 -5.60 120.03
N PHE T 56 -33.28 -4.37 120.46
CA PHE T 56 -34.56 -4.02 121.04
C PHE T 56 -35.29 -3.13 120.05
N ALA T 57 -36.48 -3.56 119.61
CA ALA T 57 -37.28 -2.81 118.66
C ALA T 57 -38.64 -2.53 119.27
N LYS T 58 -39.06 -1.27 119.23
CA LYS T 58 -40.34 -0.87 119.79
C LYS T 58 -41.01 0.17 118.90
N SER T 59 -42.32 0.03 118.73
CA SER T 59 -43.11 1.00 117.98
C SER T 59 -43.53 2.15 118.87
N PHE T 60 -43.45 3.36 118.35
CA PHE T 60 -43.75 4.57 119.11
C PHE T 60 -44.61 5.49 118.26
N PRO T 61 -45.53 6.22 118.87
CA PRO T 61 -46.29 7.23 118.12
C PRO T 61 -45.39 8.39 117.71
N ASN T 62 -45.29 8.61 116.40
CA ASN T 62 -44.55 9.73 115.84
C ASN T 62 -45.57 10.57 115.08
N GLY T 63 -46.07 11.62 115.73
CA GLY T 63 -47.13 12.43 115.16
C GLY T 63 -48.36 11.61 114.86
N ASP T 64 -48.65 11.44 113.57
CA ASP T 64 -49.78 10.64 113.13
C ASP T 64 -49.40 9.19 112.84
N LYS T 65 -48.13 8.93 112.56
CA LYS T 65 -47.69 7.61 112.15
C LYS T 65 -47.00 6.89 113.31
N LYS T 66 -46.42 5.73 113.02
CA LYS T 66 -45.65 4.97 114.01
C LYS T 66 -44.22 4.83 113.53
N SER T 67 -43.27 5.13 114.42
CA SER T 67 -41.85 5.02 114.14
C SER T 67 -41.25 3.88 114.95
N LEU T 68 -40.17 3.31 114.43
CA LEU T 68 -39.49 2.21 115.10
C LEU T 68 -38.25 2.74 115.83
N VAL T 69 -38.24 2.60 117.14
CA VAL T 69 -37.07 2.91 117.94
C VAL T 69 -36.30 1.62 118.18
N VAL T 70 -35.01 1.65 117.87
CA VAL T 70 -34.15 0.48 117.92
C VAL T 70 -32.94 0.77 118.79
N VAL T 71 -32.63 -0.14 119.70
CA VAL T 71 -31.42 -0.09 120.51
C VAL T 71 -30.62 -1.36 120.24
N ASN T 72 -29.36 -1.20 119.86
CA ASN T 72 -28.48 -2.31 119.57
C ASN T 72 -27.36 -2.38 120.60
N LEU T 73 -27.12 -3.58 121.12
CA LEU T 73 -25.99 -3.86 121.99
C LEU T 73 -25.15 -4.94 121.34
N THR T 74 -23.99 -4.57 120.83
CA THR T 74 -23.13 -5.49 120.09
C THR T 74 -21.80 -5.67 120.82
N ALA T 75 -21.35 -6.90 120.93
CA ALA T 75 -20.07 -7.24 121.53
C ALA T 75 -19.23 -8.03 120.53
N HIS T 76 -17.95 -7.69 120.44
CA HIS T 76 -17.00 -8.35 119.55
C HIS T 76 -15.90 -8.95 120.42
N VAL T 77 -15.92 -10.27 120.60
CA VAL T 77 -14.97 -10.96 121.46
C VAL T 77 -14.06 -11.82 120.57
N PRO T 78 -12.77 -11.51 120.49
CA PRO T 78 -11.87 -12.37 119.70
C PRO T 78 -11.66 -13.72 120.36
N VAL T 79 -11.46 -14.75 119.54
CA VAL T 79 -11.18 -16.08 120.04
C VAL T 79 -9.82 -16.10 120.71
N GLY T 80 -9.75 -16.74 121.89
CA GLY T 80 -8.53 -16.86 122.65
C GLY T 80 -8.51 -16.05 123.93
N VAL T 81 -9.44 -15.12 124.07
CA VAL T 81 -9.54 -14.31 125.29
C VAL T 81 -10.26 -15.12 126.37
N ASP T 82 -9.88 -14.89 127.62
CA ASP T 82 -10.56 -15.53 128.73
C ASP T 82 -11.97 -14.97 128.87
N ALA T 83 -12.97 -15.86 128.88
CA ALA T 83 -14.36 -15.41 128.93
C ALA T 83 -14.73 -14.86 130.29
N THR T 84 -14.16 -15.41 131.37
CA THR T 84 -14.46 -14.92 132.71
C THR T 84 -13.98 -13.47 132.87
N ALA T 85 -12.80 -13.16 132.37
CA ALA T 85 -12.30 -11.79 132.43
C ALA T 85 -13.19 -10.83 131.67
N VAL T 86 -13.66 -11.24 130.48
CA VAL T 86 -14.54 -10.39 129.70
C VAL T 86 -15.87 -10.18 130.42
N ARG T 87 -16.41 -11.24 131.03
CA ARG T 87 -17.66 -11.10 131.77
C ARG T 87 -17.50 -10.17 132.96
N THR T 88 -16.38 -10.30 133.69
CA THR T 88 -16.14 -9.40 134.82
C THR T 88 -16.01 -7.96 134.37
N TRP T 89 -15.30 -7.72 133.27
CA TRP T 89 -15.16 -6.36 132.75
C TRP T 89 -16.52 -5.80 132.31
N MET T 90 -17.32 -6.61 131.62
CA MET T 90 -18.64 -6.16 131.19
C MET T 90 -19.54 -5.84 132.38
N THR T 91 -19.51 -6.67 133.42
CA THR T 91 -20.36 -6.44 134.58
C THR T 91 -19.93 -5.20 135.36
N SER T 92 -18.63 -5.05 135.64
CA SER T 92 -18.16 -3.97 136.49
C SER T 92 -17.94 -2.65 135.76
N GLU T 93 -17.70 -2.68 134.46
CA GLU T 93 -17.25 -1.49 133.75
C GLU T 93 -18.16 -1.09 132.60
N VAL T 94 -18.70 -2.05 131.85
CA VAL T 94 -19.53 -1.71 130.69
C VAL T 94 -20.96 -1.44 131.10
N PHE T 95 -21.54 -2.35 131.89
CA PHE T 95 -22.96 -2.25 132.25
C PHE T 95 -23.30 -0.98 133.02
N PRO T 96 -22.56 -0.58 134.06
CA PRO T 96 -22.94 0.66 134.76
C PRO T 96 -22.91 1.90 133.87
N GLY T 97 -21.97 1.98 132.94
CA GLY T 97 -21.92 3.13 132.05
C GLY T 97 -22.94 3.09 130.94
N ALA T 98 -23.26 1.89 130.45
CA ALA T 98 -24.22 1.76 129.35
C ALA T 98 -25.64 2.06 129.78
N THR T 99 -25.97 1.90 131.06
CA THR T 99 -27.30 2.16 131.57
C THR T 99 -27.33 3.37 132.49
N SER T 100 -26.56 4.41 132.14
CA SER T 100 -26.48 5.62 132.92
C SER T 100 -27.26 6.73 132.22
N SER T 101 -27.26 7.91 132.84
CA SER T 101 -27.86 9.08 132.20
C SER T 101 -27.10 9.50 130.95
N VAL T 102 -25.84 9.09 130.82
CA VAL T 102 -25.06 9.41 129.63
C VAL T 102 -25.71 8.84 128.38
N THR T 103 -26.17 7.59 128.46
CA THR T 103 -26.82 6.97 127.31
C THR T 103 -28.11 7.69 126.94
N LEU T 104 -28.91 8.06 127.93
CA LEU T 104 -30.16 8.76 127.66
C LEU T 104 -29.92 10.13 127.04
N ASP T 105 -28.96 10.88 127.59
CA ASP T 105 -28.65 12.20 127.05
C ASP T 105 -28.08 12.09 125.64
N LEU T 106 -27.25 11.08 125.37
CA LEU T 106 -26.74 10.88 124.03
C LEU T 106 -27.87 10.53 123.07
N ALA T 107 -28.82 9.71 123.51
CA ALA T 107 -29.90 9.29 122.62
C ALA T 107 -30.85 10.43 122.29
N THR T 108 -31.27 11.20 123.31
CA THR T 108 -32.33 12.17 123.14
C THR T 108 -31.83 13.61 122.96
N LYS T 109 -30.54 13.87 123.13
CA LYS T 109 -30.03 15.23 122.97
C LYS T 109 -28.74 15.32 122.16
N GLY T 110 -28.11 14.19 121.80
CA GLY T 110 -26.84 14.25 121.11
C GLY T 110 -25.71 14.79 121.95
N VAL T 111 -25.69 14.49 123.24
CA VAL T 111 -24.64 14.98 124.13
C VAL T 111 -23.46 14.02 124.10
N ILE T 112 -22.33 14.50 123.59
CA ILE T 112 -21.09 13.71 123.56
C ILE T 112 -20.03 14.28 124.49
N HIS T 113 -20.21 15.48 125.01
CA HIS T 113 -19.28 16.10 125.95
C HIS T 113 -19.80 15.92 127.36
N LEU T 114 -19.02 15.26 128.20
CA LEU T 114 -19.43 14.93 129.55
C LEU T 114 -19.10 16.08 130.50
N SER T 115 -19.90 16.22 131.55
CA SER T 115 -19.71 17.25 132.56
C SER T 115 -20.30 16.77 133.88
N ASP T 116 -19.72 17.24 134.98
CA ASP T 116 -18.48 18.00 135.07
C ASP T 116 -17.64 17.49 136.23
N ALA T 117 -18.26 16.72 137.10
CA ALA T 117 -17.58 16.20 138.29
C ALA T 117 -17.39 14.69 138.22
N LEU U 1 -81.69 -27.39 107.43
CA LEU U 1 -80.33 -27.34 106.89
C LEU U 1 -79.38 -26.74 107.93
N SER U 2 -78.50 -27.57 108.49
CA SER U 2 -77.59 -27.13 109.54
C SER U 2 -76.17 -27.61 109.24
N ILE U 3 -75.21 -26.74 109.52
CA ILE U 3 -73.80 -27.09 109.52
C ILE U 3 -73.27 -26.68 110.89
N GLY U 4 -73.26 -27.63 111.83
CA GLY U 4 -72.97 -27.30 113.21
C GLY U 4 -74.20 -26.79 113.93
N THR U 5 -74.10 -25.59 114.51
CA THR U 5 -75.23 -24.92 115.13
C THR U 5 -75.84 -23.87 114.23
N LYS U 6 -75.37 -23.75 112.99
CA LYS U 6 -75.77 -22.68 112.08
C LYS U 6 -76.86 -23.18 111.14
N ASN U 7 -77.90 -22.37 110.98
CA ASN U 7 -78.96 -22.65 110.01
C ASN U 7 -78.60 -21.97 108.70
N VAL U 8 -78.36 -22.77 107.66
CA VAL U 8 -77.96 -22.26 106.35
C VAL U 8 -79.01 -22.64 105.33
N SER U 9 -78.89 -22.05 104.15
CA SER U 9 -79.75 -22.38 103.01
C SER U 9 -78.87 -22.47 101.76
N ILE U 10 -79.35 -23.25 100.78
CA ILE U 10 -78.62 -23.39 99.54
C ILE U 10 -78.56 -22.04 98.83
N TYR U 11 -77.37 -21.59 98.52
CA TYR U 11 -77.15 -20.33 97.82
C TYR U 11 -76.61 -20.53 96.41
N ARG U 12 -75.74 -21.52 96.21
CA ARG U 12 -75.23 -21.82 94.88
C ARG U 12 -75.03 -23.32 94.78
N ASN U 13 -75.48 -23.90 93.67
CA ASN U 13 -75.40 -25.35 93.48
C ASN U 13 -74.67 -25.62 92.18
N THR U 14 -73.48 -26.21 92.28
CA THR U 14 -72.63 -26.55 91.16
C THR U 14 -72.31 -28.05 91.26
N ALA U 15 -71.82 -28.62 90.16
CA ALA U 15 -71.59 -30.06 90.11
C ALA U 15 -70.67 -30.53 91.23
N ASP U 16 -69.63 -29.76 91.54
CA ASP U 16 -68.62 -30.19 92.50
C ASP U 16 -68.50 -29.25 93.69
N GLU U 17 -69.41 -28.29 93.84
CA GLU U 17 -69.33 -27.35 94.95
C GLU U 17 -70.71 -26.79 95.24
N VAL U 18 -71.10 -26.76 96.51
CA VAL U 18 -72.34 -26.15 96.95
C VAL U 18 -72.02 -25.10 97.99
N ILE U 19 -72.46 -23.87 97.77
CA ILE U 19 -72.28 -22.78 98.71
C ILE U 19 -73.59 -22.56 99.45
N TYR U 20 -73.53 -22.62 100.78
CA TYR U 20 -74.66 -22.32 101.66
C TYR U 20 -74.43 -20.98 102.33
N ALA U 21 -75.51 -20.23 102.52
CA ALA U 21 -75.45 -18.90 103.08
C ALA U 21 -76.07 -18.90 104.47
N GLY U 22 -75.41 -18.19 105.39
CA GLY U 22 -75.92 -18.04 106.73
C GLY U 22 -76.93 -16.91 106.82
N PRO U 23 -77.48 -16.69 108.01
CA PRO U 23 -78.50 -15.64 108.16
C PRO U 23 -77.97 -14.24 107.88
N ALA U 24 -76.67 -14.01 108.02
CA ALA U 24 -76.07 -12.69 107.84
C ALA U 24 -75.55 -12.47 106.43
N HIS U 25 -75.78 -13.41 105.51
CA HIS U 25 -75.31 -13.27 104.14
C HIS U 25 -76.30 -12.45 103.31
N ASP U 26 -75.76 -11.55 102.50
CA ASP U 26 -76.56 -10.72 101.61
C ASP U 26 -75.64 -10.23 100.48
N VAL U 27 -76.11 -9.22 99.73
CA VAL U 27 -75.33 -8.70 98.62
C VAL U 27 -74.05 -8.01 99.08
N THR U 28 -74.08 -7.31 100.21
CA THR U 28 -72.93 -6.54 100.66
C THR U 28 -72.11 -7.21 101.76
N ASN U 29 -72.62 -8.27 102.38
CA ASN U 29 -71.92 -8.97 103.45
C ASN U 29 -71.78 -10.45 103.09
N VAL U 30 -70.67 -11.05 103.52
CA VAL U 30 -70.35 -12.43 103.22
C VAL U 30 -70.49 -13.25 104.51
N ASP U 31 -71.35 -14.27 104.46
CA ASP U 31 -71.46 -15.26 105.53
C ASP U 31 -71.77 -16.58 104.81
N THR U 32 -70.72 -17.33 104.48
CA THR U 32 -70.92 -18.51 103.63
C THR U 32 -70.11 -19.69 104.14
N VAL U 33 -70.67 -20.88 103.91
CA VAL U 33 -69.97 -22.15 104.08
C VAL U 33 -70.07 -22.91 102.76
N SER U 34 -68.92 -23.19 102.15
CA SER U 34 -68.87 -23.85 100.85
C SER U 34 -68.30 -25.26 101.01
N LEU U 35 -69.03 -26.25 100.51
CA LEU U 35 -68.54 -27.62 100.43
C LEU U 35 -68.07 -27.89 99.01
N ARG U 36 -66.82 -28.31 98.88
CA ARG U 36 -66.20 -28.58 97.58
C ARG U 36 -65.59 -29.97 97.59
N ARG U 37 -65.54 -30.58 96.42
CA ARG U 37 -65.01 -31.94 96.34
C ARG U 37 -64.25 -32.12 95.04
N SER U 38 -63.27 -33.02 95.09
CA SER U 38 -62.58 -33.51 93.91
C SER U 38 -62.63 -35.03 93.98
N LEU U 39 -63.41 -35.63 93.09
CA LEU U 39 -63.64 -37.07 93.09
C LEU U 39 -62.41 -37.81 92.58
N PRO U 40 -62.24 -39.06 93.00
CA PRO U 40 -61.06 -39.84 92.56
C PRO U 40 -61.02 -39.99 91.05
N VAL U 41 -59.80 -39.95 90.51
CA VAL U 41 -59.55 -40.17 89.09
C VAL U 41 -58.70 -41.42 88.98
N LYS U 42 -59.22 -42.42 88.26
CA LYS U 42 -58.56 -43.72 88.15
C LYS U 42 -57.43 -43.63 87.12
N LYS U 43 -56.47 -42.76 87.42
CA LYS U 43 -55.35 -42.53 86.51
C LYS U 43 -54.38 -43.70 86.63
N GLY U 44 -54.19 -44.41 85.52
CA GLY U 44 -53.29 -45.55 85.51
C GLY U 44 -53.71 -46.61 86.50
N SER U 45 -52.74 -47.13 87.26
CA SER U 45 -53.02 -48.09 88.32
C SER U 45 -53.41 -47.43 89.63
N ASP U 46 -53.07 -46.16 89.83
CA ASP U 46 -53.47 -45.46 91.04
C ASP U 46 -54.98 -45.27 91.05
N ASN U 47 -55.62 -45.62 92.16
CA ASN U 47 -57.06 -45.47 92.29
C ASN U 47 -57.50 -44.03 92.52
N GLY U 48 -56.56 -43.12 92.74
CA GLY U 48 -56.90 -41.73 92.93
C GLY U 48 -57.03 -41.34 94.39
N THR U 49 -57.40 -40.08 94.58
CA THR U 49 -57.56 -39.50 95.91
C THR U 49 -58.85 -38.71 95.95
N MET U 50 -59.62 -38.90 97.02
CA MET U 50 -60.80 -38.08 97.27
C MET U 50 -60.39 -36.85 98.05
N ARG U 51 -60.71 -35.67 97.52
CA ARG U 51 -60.39 -34.41 98.17
C ARG U 51 -61.67 -33.74 98.62
N GLY U 52 -61.74 -33.38 99.90
CA GLY U 52 -62.88 -32.65 100.44
C GLY U 52 -62.42 -31.32 100.98
N ASN U 53 -63.26 -30.29 100.81
CA ASN U 53 -62.93 -28.95 101.27
C ASN U 53 -64.15 -28.31 101.90
N MET U 54 -63.98 -27.80 103.11
CA MET U 54 -64.96 -26.94 103.76
C MET U 54 -64.38 -25.55 103.88
N ASN U 55 -65.09 -24.56 103.34
CA ASN U 55 -64.64 -23.17 103.34
C ASN U 55 -65.61 -22.33 104.15
N PHE U 56 -65.10 -21.57 105.10
CA PHE U 56 -65.89 -20.65 105.90
C PHE U 56 -65.44 -19.25 105.58
N ALA U 57 -66.38 -18.40 105.15
CA ALA U 57 -66.06 -17.04 104.77
C ALA U 57 -66.97 -16.08 105.51
N LYS U 58 -66.38 -15.07 106.13
CA LYS U 58 -67.15 -14.07 106.86
C LYS U 58 -66.56 -12.69 106.61
N SER U 59 -67.43 -11.69 106.61
CA SER U 59 -67.02 -10.30 106.50
C SER U 59 -66.86 -9.70 107.90
N PHE U 60 -65.83 -8.85 108.04
CA PHE U 60 -65.50 -8.23 109.31
C PHE U 60 -65.15 -6.77 109.09
N PRO U 61 -65.45 -5.90 110.05
CA PRO U 61 -65.02 -4.50 109.93
C PRO U 61 -63.52 -4.39 110.03
N ASN U 62 -62.91 -3.76 109.01
CA ASN U 62 -61.47 -3.54 108.94
C ASN U 62 -61.27 -2.04 108.75
N GLY U 63 -61.11 -1.32 109.87
CA GLY U 63 -60.97 0.11 109.83
C GLY U 63 -62.17 0.76 109.17
N ASP U 64 -61.98 1.27 107.95
CA ASP U 64 -63.08 1.85 107.21
C ASP U 64 -63.82 0.80 106.38
N LYS U 65 -63.09 -0.14 105.79
CA LYS U 65 -63.67 -1.08 104.84
C LYS U 65 -64.11 -2.36 105.55
N LYS U 66 -64.42 -3.39 104.76
CA LYS U 66 -64.78 -4.70 105.29
C LYS U 66 -63.86 -5.74 104.67
N SER U 67 -63.21 -6.54 105.50
CA SER U 67 -62.27 -7.56 105.06
C SER U 67 -62.87 -8.94 105.23
N LEU U 68 -62.38 -9.88 104.43
CA LEU U 68 -62.91 -11.24 104.41
C LEU U 68 -61.97 -12.17 105.16
N VAL U 69 -62.51 -12.84 106.17
CA VAL U 69 -61.79 -13.88 106.92
C VAL U 69 -62.26 -15.24 106.43
N VAL U 70 -61.31 -16.09 106.06
CA VAL U 70 -61.60 -17.38 105.45
C VAL U 70 -60.87 -18.46 106.25
N VAL U 71 -61.59 -19.52 106.60
CA VAL U 71 -61.03 -20.69 107.25
C VAL U 71 -61.27 -21.88 106.33
N ASN U 72 -60.20 -22.59 105.98
CA ASN U 72 -60.29 -23.74 105.11
C ASN U 72 -59.99 -25.02 105.89
N LEU U 73 -60.71 -26.08 105.53
CA LEU U 73 -60.46 -27.41 106.08
C LEU U 73 -60.47 -28.39 104.92
N THR U 74 -59.29 -28.89 104.54
CA THR U 74 -59.16 -29.78 103.40
C THR U 74 -58.66 -31.13 103.85
N ALA U 75 -59.29 -32.19 103.33
CA ALA U 75 -58.91 -33.56 103.62
C ALA U 75 -58.58 -34.28 102.32
N HIS U 76 -57.52 -35.07 102.34
CA HIS U 76 -57.10 -35.89 101.20
C HIS U 76 -57.09 -37.34 101.65
N VAL U 77 -58.00 -38.14 101.11
CA VAL U 77 -58.07 -39.56 101.48
C VAL U 77 -57.79 -40.40 100.24
N PRO U 78 -56.69 -41.14 100.20
CA PRO U 78 -56.43 -42.02 99.06
C PRO U 78 -57.45 -43.13 98.98
N VAL U 79 -57.78 -43.54 97.76
CA VAL U 79 -58.75 -44.60 97.54
C VAL U 79 -58.15 -45.94 97.95
N GLY U 80 -58.90 -46.72 98.70
CA GLY U 80 -58.46 -48.01 99.22
C GLY U 80 -58.22 -48.00 100.71
N VAL U 81 -57.88 -46.84 101.27
CA VAL U 81 -57.75 -46.72 102.72
C VAL U 81 -59.11 -46.93 103.37
N ASP U 82 -59.13 -47.70 104.46
CA ASP U 82 -60.37 -47.97 105.16
C ASP U 82 -60.97 -46.68 105.69
N ALA U 83 -62.26 -46.47 105.43
CA ALA U 83 -62.90 -45.20 105.78
C ALA U 83 -63.13 -45.08 107.28
N THR U 84 -63.45 -46.19 107.95
CA THR U 84 -63.73 -46.13 109.38
C THR U 84 -62.49 -45.73 110.17
N ALA U 85 -61.32 -46.24 109.77
CA ALA U 85 -60.08 -45.85 110.44
C ALA U 85 -59.82 -44.36 110.28
N VAL U 86 -60.02 -43.82 109.07
CA VAL U 86 -59.84 -42.39 108.84
C VAL U 86 -60.82 -41.59 109.70
N ARG U 87 -62.06 -42.05 109.79
CA ARG U 87 -63.07 -41.30 110.54
C ARG U 87 -62.77 -41.30 112.03
N THR U 88 -62.33 -42.44 112.58
CA THR U 88 -62.00 -42.44 114.00
C THR U 88 -60.72 -41.67 114.27
N TRP U 89 -59.77 -41.68 113.34
CA TRP U 89 -58.58 -40.84 113.48
C TRP U 89 -58.96 -39.36 113.49
N MET U 90 -59.88 -38.97 112.61
CA MET U 90 -60.32 -37.58 112.55
C MET U 90 -61.06 -37.18 113.82
N THR U 91 -61.94 -38.05 114.31
CA THR U 91 -62.74 -37.71 115.49
C THR U 91 -61.89 -37.67 116.75
N SER U 92 -60.91 -38.57 116.86
CA SER U 92 -60.13 -38.67 118.08
C SER U 92 -58.83 -37.87 118.05
N GLU U 93 -58.18 -37.76 116.90
CA GLU U 93 -56.85 -37.17 116.82
C GLU U 93 -56.81 -35.82 116.10
N VAL U 94 -57.69 -35.60 115.13
CA VAL U 94 -57.61 -34.39 114.32
C VAL U 94 -58.54 -33.30 114.87
N PHE U 95 -59.79 -33.66 115.13
CA PHE U 95 -60.79 -32.69 115.58
C PHE U 95 -60.45 -32.05 116.92
N PRO U 96 -60.08 -32.81 117.96
CA PRO U 96 -59.75 -32.16 119.24
C PRO U 96 -58.58 -31.19 119.14
N GLY U 97 -57.57 -31.49 118.32
CA GLY U 97 -56.45 -30.59 118.18
C GLY U 97 -56.71 -29.44 117.22
N ALA U 98 -57.68 -29.61 116.32
CA ALA U 98 -57.99 -28.58 115.33
C ALA U 98 -58.92 -27.50 115.87
N THR U 99 -59.52 -27.69 117.05
CA THR U 99 -60.43 -26.73 117.62
C THR U 99 -59.95 -26.19 118.97
N SER U 100 -58.67 -26.40 119.27
CA SER U 100 -58.11 -25.97 120.55
C SER U 100 -57.65 -24.51 120.44
N SER U 101 -57.05 -23.99 121.51
CA SER U 101 -56.52 -22.63 121.49
C SER U 101 -55.32 -22.50 120.56
N VAL U 102 -54.68 -23.62 120.22
CA VAL U 102 -53.54 -23.57 119.30
C VAL U 102 -53.97 -23.01 117.96
N THR U 103 -55.13 -23.46 117.46
CA THR U 103 -55.65 -22.92 116.20
C THR U 103 -55.90 -21.43 116.29
N LEU U 104 -56.47 -20.98 117.42
CA LEU U 104 -56.76 -19.55 117.58
C LEU U 104 -55.48 -18.72 117.59
N ASP U 105 -54.46 -19.16 118.32
CA ASP U 105 -53.20 -18.42 118.34
C ASP U 105 -52.51 -18.45 116.98
N LEU U 106 -52.55 -19.58 116.29
CA LEU U 106 -51.96 -19.66 114.96
C LEU U 106 -52.67 -18.74 113.97
N ALA U 107 -54.00 -18.67 114.05
CA ALA U 107 -54.75 -17.84 113.11
C ALA U 107 -54.61 -16.36 113.41
N THR U 108 -54.61 -15.97 114.68
CA THR U 108 -54.58 -14.56 115.03
C THR U 108 -53.17 -14.01 115.23
N LYS U 109 -52.23 -14.83 115.70
CA LYS U 109 -50.90 -14.35 116.01
C LYS U 109 -49.78 -15.11 115.31
N GLY U 110 -50.08 -16.19 114.60
CA GLY U 110 -49.04 -16.95 113.93
C GLY U 110 -48.15 -17.75 114.86
N VAL U 111 -48.67 -18.21 115.99
CA VAL U 111 -47.89 -18.95 116.97
C VAL U 111 -47.72 -20.38 116.50
N ILE U 112 -46.47 -20.82 116.37
CA ILE U 112 -46.16 -22.17 115.92
C ILE U 112 -45.42 -22.98 116.97
N HIS U 113 -45.15 -22.41 118.15
CA HIS U 113 -44.50 -23.10 119.26
C HIS U 113 -45.51 -23.20 120.40
N LEU U 114 -46.01 -24.41 120.66
CA LEU U 114 -47.04 -24.61 121.68
C LEU U 114 -46.40 -25.08 122.98
N SER U 115 -45.51 -24.23 123.52
CA SER U 115 -44.83 -24.53 124.77
C SER U 115 -45.79 -24.32 125.95
N ASP U 116 -45.67 -25.20 126.93
CA ASP U 116 -44.80 -26.38 126.94
C ASP U 116 -45.56 -27.61 127.42
N ALA U 117 -46.63 -27.37 128.17
CA ALA U 117 -47.43 -28.46 128.72
C ALA U 117 -48.34 -29.07 127.66
N LEU V 1 126.75 45.46 -27.27
CA LEU V 1 126.03 44.23 -26.95
C LEU V 1 126.45 43.08 -27.85
N SER V 2 126.88 41.98 -27.23
CA SER V 2 127.32 40.81 -27.96
C SER V 2 126.93 39.56 -27.20
N ILE V 3 126.66 38.50 -27.96
CA ILE V 3 126.40 37.17 -27.42
C ILE V 3 127.39 36.24 -28.10
N GLY V 4 128.52 35.99 -27.45
CA GLY V 4 129.61 35.30 -28.12
C GLY V 4 130.34 36.24 -29.05
N THR V 5 130.33 35.93 -30.35
CA THR V 5 130.99 36.76 -31.36
C THR V 5 130.00 37.51 -32.23
N LYS V 6 128.72 37.50 -31.89
CA LYS V 6 127.68 38.13 -32.71
C LYS V 6 127.15 39.38 -32.02
N ASN V 7 127.06 40.46 -32.77
CA ASN V 7 126.52 41.72 -32.26
C ASN V 7 125.00 41.69 -32.30
N VAL V 8 124.36 42.09 -31.21
CA VAL V 8 122.91 42.07 -31.08
C VAL V 8 122.44 43.42 -30.54
N SER V 9 121.13 43.63 -30.64
CA SER V 9 120.49 44.80 -30.08
C SER V 9 119.23 44.36 -29.35
N ILE V 10 118.85 45.09 -28.30
CA ILE V 10 117.62 44.78 -27.59
C ILE V 10 116.46 44.95 -28.55
N TYR V 11 115.68 43.89 -28.73
CA TYR V 11 114.53 43.90 -29.62
C TYR V 11 113.21 43.88 -28.88
N ARG V 12 113.05 42.99 -27.90
CA ARG V 12 111.84 42.94 -27.10
C ARG V 12 112.22 42.77 -25.64
N ASN V 13 111.52 43.49 -24.75
CA ASN V 13 111.81 43.47 -23.33
C ASN V 13 110.54 43.13 -22.57
N THR V 14 110.61 42.09 -21.74
CA THR V 14 109.53 41.78 -20.81
C THR V 14 110.08 41.60 -19.41
N ALA V 15 109.22 41.23 -18.45
CA ALA V 15 109.67 41.11 -17.07
C ALA V 15 110.71 40.01 -16.91
N ASP V 16 110.49 38.86 -17.55
CA ASP V 16 111.37 37.70 -17.37
C ASP V 16 111.98 37.20 -18.66
N GLU V 17 111.89 37.97 -19.75
CA GLU V 17 112.46 37.55 -21.02
C GLU V 17 112.89 38.77 -21.83
N VAL V 18 114.08 38.68 -22.41
CA VAL V 18 114.58 39.69 -23.34
C VAL V 18 114.99 39.02 -24.63
N ILE V 19 114.44 39.50 -25.74
CA ILE V 19 114.80 39.02 -27.08
C ILE V 19 115.73 40.03 -27.72
N TYR V 20 116.89 39.56 -28.19
CA TYR V 20 117.86 40.37 -28.91
C TYR V 20 117.86 39.94 -30.38
N ALA V 21 118.03 40.92 -31.26
CA ALA V 21 117.98 40.70 -32.70
C ALA V 21 119.39 40.75 -33.27
N GLY V 22 119.69 39.82 -34.17
CA GLY V 22 120.96 39.79 -34.86
C GLY V 22 120.96 40.71 -36.06
N PRO V 23 122.10 40.80 -36.75
CA PRO V 23 122.20 41.71 -37.90
C PRO V 23 121.29 41.35 -39.06
N ALA V 24 120.81 40.11 -39.15
CA ALA V 24 120.02 39.64 -40.28
C ALA V 24 118.53 39.62 -39.98
N HIS V 25 118.09 40.15 -38.84
CA HIS V 25 116.69 40.11 -38.47
C HIS V 25 115.93 41.27 -39.11
N ASP V 26 114.86 40.95 -39.81
CA ASP V 26 113.96 41.95 -40.38
C ASP V 26 112.57 41.35 -40.45
N VAL V 27 111.70 41.97 -41.24
CA VAL V 27 110.31 41.53 -41.37
C VAL V 27 110.24 40.15 -42.00
N THR V 28 111.25 39.79 -42.80
CA THR V 28 111.23 38.55 -43.54
C THR V 28 112.14 37.46 -42.97
N ASN V 29 113.26 37.82 -42.37
CA ASN V 29 114.23 36.84 -41.89
C ASN V 29 114.34 36.91 -40.38
N VAL V 30 114.35 35.75 -39.73
CA VAL V 30 114.47 35.65 -38.29
C VAL V 30 115.93 35.39 -37.92
N ASP V 31 116.45 36.21 -37.01
CA ASP V 31 117.78 35.99 -36.43
C ASP V 31 117.71 36.55 -35.01
N THR V 32 117.41 35.69 -34.05
CA THR V 32 117.15 36.15 -32.70
C THR V 32 117.82 35.26 -31.66
N VAL V 33 118.18 35.87 -30.53
CA VAL V 33 118.61 35.15 -29.34
C VAL V 33 117.79 35.67 -28.16
N SER V 34 117.09 34.78 -27.48
CA SER V 34 116.22 35.13 -26.38
C SER V 34 116.80 34.61 -25.07
N LEU V 35 116.73 35.43 -24.03
CA LEU V 35 117.14 35.05 -22.68
C LEU V 35 115.92 35.10 -21.79
N ARG V 36 115.58 33.95 -21.20
CA ARG V 36 114.39 33.83 -20.35
C ARG V 36 114.80 33.25 -19.01
N ARG V 37 114.14 33.71 -17.95
CA ARG V 37 114.41 33.21 -16.61
C ARG V 37 113.11 32.82 -15.93
N SER V 38 113.19 31.75 -15.15
CA SER V 38 112.13 31.33 -14.23
C SER V 38 112.77 31.36 -12.85
N LEU V 39 112.46 32.42 -12.10
CA LEU V 39 113.04 32.61 -10.80
C LEU V 39 112.46 31.61 -9.80
N PRO V 40 113.24 31.17 -8.83
CA PRO V 40 112.74 30.18 -7.87
C PRO V 40 111.59 30.73 -7.05
N VAL V 41 110.63 29.86 -6.76
CA VAL V 41 109.56 30.14 -5.82
C VAL V 41 109.75 29.17 -4.65
N LYS V 42 109.83 29.72 -3.44
CA LYS V 42 110.17 28.92 -2.25
C LYS V 42 108.87 28.59 -1.51
N LYS V 43 108.04 27.80 -2.17
CA LYS V 43 106.80 27.32 -1.59
C LYS V 43 107.07 26.27 -0.52
N GLY V 44 106.24 26.28 0.52
CA GLY V 44 106.38 25.38 1.64
C GLY V 44 107.79 25.37 2.23
N SER V 45 108.48 24.24 2.11
CA SER V 45 109.86 24.13 2.56
C SER V 45 110.87 24.07 1.43
N ASP V 46 110.47 23.60 0.25
CA ASP V 46 111.39 23.55 -0.88
C ASP V 46 111.69 24.95 -1.38
N ASN V 47 112.96 25.22 -1.65
CA ASN V 47 113.41 26.54 -2.07
C ASN V 47 113.23 26.78 -3.56
N GLY V 48 112.75 25.80 -4.32
CA GLY V 48 112.50 25.99 -5.73
C GLY V 48 113.74 25.85 -6.58
N THR V 49 113.55 26.06 -7.88
CA THR V 49 114.60 25.89 -8.88
C THR V 49 114.72 27.14 -9.72
N MET V 50 115.95 27.52 -10.02
CA MET V 50 116.22 28.59 -10.97
C MET V 50 116.37 27.99 -12.36
N ARG V 51 115.55 28.46 -13.31
CA ARG V 51 115.57 27.94 -14.67
C ARG V 51 116.05 29.04 -15.62
N GLY V 52 117.15 28.77 -16.31
CA GLY V 52 117.66 29.74 -17.27
C GLY V 52 117.64 29.20 -18.68
N ASN V 53 116.90 29.83 -19.58
CA ASN V 53 116.73 29.34 -20.94
C ASN V 53 117.31 30.34 -21.93
N MET V 54 118.11 29.84 -22.87
CA MET V 54 118.63 30.64 -23.97
C MET V 54 118.17 30.03 -25.28
N ASN V 55 117.58 30.86 -26.13
CA ASN V 55 116.93 30.46 -27.37
C ASN V 55 117.66 31.06 -28.55
N PHE V 56 117.98 30.25 -29.54
CA PHE V 56 118.53 30.72 -30.80
C PHE V 56 117.54 30.38 -31.91
N ALA V 57 117.11 31.39 -32.66
CA ALA V 57 116.13 31.19 -33.72
C ALA V 57 116.65 31.76 -35.01
N LYS V 58 116.59 30.96 -36.08
CA LYS V 58 117.06 31.40 -37.39
C LYS V 58 116.16 30.83 -38.47
N SER V 59 115.77 31.69 -39.42
CA SER V 59 115.03 31.22 -40.58
C SER V 59 115.97 30.66 -41.64
N PHE V 60 115.52 29.61 -42.31
CA PHE V 60 116.29 28.91 -43.31
C PHE V 60 115.41 28.65 -44.53
N PRO V 61 115.99 28.57 -45.72
CA PRO V 61 115.20 28.19 -46.90
C PRO V 61 114.77 26.74 -46.79
N ASN V 62 113.50 26.48 -47.15
CA ASN V 62 112.92 25.14 -47.10
C ASN V 62 112.02 25.04 -48.32
N GLY V 63 112.56 24.51 -49.41
CA GLY V 63 111.82 24.51 -50.66
C GLY V 63 111.53 25.94 -51.07
N ASP V 64 110.26 26.22 -51.31
CA ASP V 64 109.83 27.57 -51.64
C ASP V 64 109.54 28.42 -50.42
N LYS V 65 109.41 27.82 -49.24
CA LYS V 65 109.04 28.54 -48.04
C LYS V 65 110.25 28.73 -47.13
N LYS V 66 110.01 29.23 -45.92
CA LYS V 66 111.04 29.42 -44.91
C LYS V 66 110.66 28.64 -43.66
N SER V 67 111.67 28.04 -43.03
CA SER V 67 111.46 27.21 -41.85
C SER V 67 112.34 27.73 -40.71
N LEU V 68 111.80 27.68 -39.50
CA LEU V 68 112.50 28.18 -38.32
C LEU V 68 113.27 27.05 -37.65
N VAL V 69 114.58 27.23 -37.52
CA VAL V 69 115.42 26.32 -36.75
C VAL V 69 115.67 26.97 -35.40
N VAL V 70 115.38 26.23 -34.33
CA VAL V 70 115.45 26.72 -32.95
C VAL V 70 116.38 25.81 -32.16
N VAL V 71 117.30 26.41 -31.43
CA VAL V 71 118.19 25.71 -30.51
C VAL V 71 117.93 26.24 -29.10
N ASN V 72 117.67 25.33 -28.17
CA ASN V 72 117.39 25.68 -26.79
C ASN V 72 118.50 25.18 -25.87
N LEU V 73 118.90 26.03 -24.93
CA LEU V 73 119.86 25.64 -23.90
C LEU V 73 119.29 26.06 -22.56
N THR V 74 118.88 25.09 -21.74
CA THR V 74 118.19 25.35 -20.49
C THR V 74 118.94 24.73 -19.33
N ALA V 75 119.19 25.52 -18.30
CA ALA V 75 119.83 25.07 -17.07
C ALA V 75 118.81 25.09 -15.94
N HIS V 76 118.75 23.99 -15.18
CA HIS V 76 117.88 23.88 -14.00
C HIS V 76 118.78 23.72 -12.78
N VAL V 77 118.87 24.76 -11.97
CA VAL V 77 119.75 24.75 -10.80
C VAL V 77 118.88 24.83 -9.56
N PRO V 78 118.83 23.78 -8.72
CA PRO V 78 118.09 23.88 -7.47
C PRO V 78 118.74 24.87 -6.51
N VAL V 79 117.92 25.54 -5.71
CA VAL V 79 118.41 26.57 -4.81
C VAL V 79 119.14 25.92 -3.64
N GLY V 80 120.33 26.44 -3.32
CA GLY V 80 121.19 25.92 -2.27
C GLY V 80 122.46 25.29 -2.81
N VAL V 81 122.44 24.87 -4.08
CA VAL V 81 123.64 24.35 -4.71
C VAL V 81 124.63 25.48 -4.94
N ASP V 82 125.90 25.20 -4.67
CA ASP V 82 126.95 26.21 -4.84
C ASP V 82 127.01 26.65 -6.30
N ALA V 83 126.99 27.96 -6.52
CA ALA V 83 127.04 28.50 -7.87
C ALA V 83 128.38 28.24 -8.53
N THR V 84 129.48 28.36 -7.77
CA THR V 84 130.80 28.17 -8.35
C THR V 84 131.01 26.75 -8.82
N ALA V 85 130.57 25.77 -8.04
CA ALA V 85 130.70 24.37 -8.45
C ALA V 85 129.90 24.10 -9.72
N VAL V 86 128.69 24.65 -9.79
CA VAL V 86 127.86 24.46 -10.99
C VAL V 86 128.52 25.11 -12.19
N ARG V 87 129.07 26.31 -12.03
CA ARG V 87 129.74 26.97 -13.15
C ARG V 87 130.96 26.19 -13.61
N THR V 88 131.73 25.64 -12.67
CA THR V 88 132.89 24.83 -13.05
C THR V 88 132.45 23.57 -13.79
N TRP V 89 131.37 22.94 -13.34
CA TRP V 89 130.86 21.75 -14.03
C TRP V 89 130.39 22.09 -15.44
N MET V 90 129.68 23.21 -15.59
CA MET V 90 129.20 23.60 -16.91
C MET V 90 130.36 23.94 -17.84
N THR V 91 131.38 24.62 -17.33
CA THR V 91 132.51 25.01 -18.17
C THR V 91 133.37 23.82 -18.57
N SER V 92 133.63 22.90 -17.64
CA SER V 92 134.54 21.80 -17.91
C SER V 92 133.88 20.57 -18.51
N GLU V 93 132.58 20.38 -18.28
CA GLU V 93 131.90 19.18 -18.76
C GLU V 93 130.82 19.47 -19.79
N VAL V 94 129.87 20.34 -19.48
CA VAL V 94 128.73 20.55 -20.35
C VAL V 94 129.13 21.29 -21.61
N PHE V 95 129.93 22.36 -21.47
CA PHE V 95 130.26 23.19 -22.63
C PHE V 95 131.05 22.44 -23.70
N PRO V 96 132.13 21.72 -23.39
CA PRO V 96 132.83 20.99 -24.46
C PRO V 96 131.97 19.93 -25.13
N GLY V 97 131.08 19.27 -24.38
CA GLY V 97 130.26 18.23 -24.97
C GLY V 97 129.08 18.75 -25.77
N ALA V 98 128.61 19.96 -25.43
CA ALA V 98 127.47 20.55 -26.13
C ALA V 98 127.88 21.33 -27.37
N THR V 99 129.18 21.45 -27.63
CA THR V 99 129.69 22.12 -28.83
C THR V 99 130.51 21.18 -29.70
N SER V 100 130.40 19.87 -29.47
CA SER V 100 131.15 18.88 -30.22
C SER V 100 130.34 18.44 -31.45
N SER V 101 130.94 17.56 -32.24
CA SER V 101 130.23 17.00 -33.38
C SER V 101 129.04 16.15 -32.96
N VAL V 102 129.02 15.69 -31.70
CA VAL V 102 127.89 14.89 -31.23
C VAL V 102 126.61 15.70 -31.28
N THR V 103 126.65 16.96 -30.84
CA THR V 103 125.47 17.81 -30.89
C THR V 103 125.04 18.05 -32.33
N LEU V 104 126.00 18.29 -33.23
CA LEU V 104 125.66 18.53 -34.62
C LEU V 104 124.99 17.33 -35.26
N ASP V 105 125.52 16.12 -35.02
CA ASP V 105 124.91 14.93 -35.59
C ASP V 105 123.54 14.66 -34.97
N LEU V 106 123.39 14.89 -33.66
CA LEU V 106 122.08 14.70 -33.05
C LEU V 106 121.06 15.66 -33.64
N ALA V 107 121.45 16.92 -33.87
CA ALA V 107 120.50 17.91 -34.35
C ALA V 107 120.13 17.69 -35.81
N THR V 108 121.13 17.41 -36.66
CA THR V 108 120.89 17.39 -38.09
C THR V 108 120.67 16.00 -38.67
N LYS V 109 120.98 14.94 -37.91
CA LYS V 109 120.81 13.57 -38.41
C LYS V 109 120.10 12.67 -37.42
N GLY V 110 119.82 13.13 -36.21
CA GLY V 110 119.20 12.28 -35.21
C GLY V 110 120.08 11.15 -34.72
N VAL V 111 121.38 11.37 -34.62
CA VAL V 111 122.30 10.32 -34.20
C VAL V 111 122.41 10.32 -32.68
N ILE V 112 122.05 9.19 -32.07
CA ILE V 112 122.11 9.02 -30.62
C ILE V 112 123.14 8.00 -30.19
N HIS V 113 123.87 7.40 -31.13
CA HIS V 113 124.93 6.42 -30.85
C HIS V 113 126.26 7.03 -31.26
N LEU V 114 127.11 7.36 -30.28
CA LEU V 114 128.42 7.94 -30.58
C LEU V 114 129.48 6.84 -30.55
N SER V 115 129.47 6.02 -31.59
CA SER V 115 130.50 5.00 -31.75
C SER V 115 131.69 5.57 -32.53
N ASP V 116 132.88 5.03 -32.25
CA ASP V 116 133.21 4.04 -31.23
C ASP V 116 134.51 4.42 -30.52
N ALA V 117 135.23 5.37 -31.13
CA ALA V 117 136.53 5.79 -30.60
C ALA V 117 136.42 6.39 -29.20
N LEU W 1 134.90 5.68 -26.23
CA LEU W 1 133.59 6.34 -26.20
C LEU W 1 133.67 7.62 -25.38
N SER W 2 133.59 8.76 -26.05
CA SER W 2 133.72 10.05 -25.39
C SER W 2 132.68 11.02 -25.92
N ILE W 3 132.22 11.90 -25.03
CA ILE W 3 131.37 13.02 -25.39
C ILE W 3 132.10 14.27 -24.91
N GLY W 4 132.54 15.11 -25.85
CA GLY W 4 133.39 16.23 -25.51
C GLY W 4 134.72 15.75 -24.95
N THR W 5 135.08 16.24 -23.77
CA THR W 5 136.28 15.79 -23.08
C THR W 5 136.01 14.69 -22.07
N LYS W 6 134.77 14.27 -21.91
CA LYS W 6 134.39 13.30 -20.89
C LYS W 6 134.22 11.93 -21.53
N ASN W 7 134.96 10.94 -21.03
CA ASN W 7 134.74 9.57 -21.45
C ASN W 7 133.50 8.99 -20.79
N VAL W 8 132.69 8.28 -21.56
CA VAL W 8 131.44 7.73 -21.09
C VAL W 8 131.31 6.29 -21.55
N SER W 9 130.33 5.59 -20.99
CA SER W 9 129.98 4.24 -21.40
C SER W 9 128.47 4.14 -21.52
N ILE W 10 128.02 3.20 -22.36
CA ILE W 10 126.59 3.00 -22.53
C ILE W 10 125.98 2.52 -21.23
N TYR W 11 124.97 3.23 -20.75
CA TYR W 11 124.27 2.90 -19.51
C TYR W 11 122.89 2.33 -19.77
N ARG W 12 122.10 2.97 -20.63
CA ARG W 12 120.79 2.45 -21.00
C ARG W 12 120.55 2.77 -22.46
N ASN W 13 119.80 1.89 -23.13
CA ASN W 13 119.64 1.96 -24.58
C ASN W 13 118.19 1.63 -24.93
N THR W 14 117.42 2.65 -25.29
CA THR W 14 116.08 2.49 -25.84
C THR W 14 116.09 2.84 -27.33
N ALA W 15 114.91 2.80 -27.94
CA ALA W 15 114.82 3.02 -29.38
C ALA W 15 115.24 4.43 -29.77
N ASP W 16 114.77 5.44 -29.04
CA ASP W 16 115.05 6.84 -29.39
C ASP W 16 115.83 7.58 -28.32
N GLU W 17 116.30 6.90 -27.28
CA GLU W 17 117.11 7.54 -26.26
C GLU W 17 118.23 6.59 -25.84
N VAL W 18 119.43 7.13 -25.73
CA VAL W 18 120.58 6.42 -25.18
C VAL W 18 121.15 7.24 -24.04
N ILE W 19 121.21 6.66 -22.85
CA ILE W 19 121.79 7.29 -21.68
C ILE W 19 123.19 6.73 -21.48
N TYR W 20 124.18 7.61 -21.43
CA TYR W 20 125.56 7.25 -21.14
C TYR W 20 125.93 7.74 -19.75
N ALA W 21 126.81 6.99 -19.09
CA ALA W 21 127.22 7.28 -17.72
C ALA W 21 128.68 7.71 -17.70
N GLY W 22 128.98 8.74 -16.93
CA GLY W 22 130.34 9.17 -16.74
C GLY W 22 131.07 8.23 -15.80
N PRO W 23 132.38 8.47 -15.61
CA PRO W 23 133.15 7.59 -14.71
C PRO W 23 132.65 7.58 -13.29
N ALA W 24 132.10 8.71 -12.82
CA ALA W 24 131.65 8.82 -11.43
C ALA W 24 130.25 8.29 -11.20
N HIS W 25 129.48 8.02 -12.26
CA HIS W 25 128.09 7.62 -12.09
C HIS W 25 127.98 6.32 -11.31
N ASP W 26 127.03 6.28 -10.38
CA ASP W 26 126.80 5.11 -9.56
C ASP W 26 125.36 5.16 -9.06
N VAL W 27 125.05 4.31 -8.07
CA VAL W 27 123.69 4.19 -7.56
C VAL W 27 123.26 5.39 -6.74
N THR W 28 124.20 6.20 -6.26
CA THR W 28 123.87 7.39 -5.47
C THR W 28 124.36 8.69 -6.06
N ASN W 29 125.35 8.66 -6.95
CA ASN W 29 125.83 9.86 -7.63
C ASN W 29 125.39 9.77 -9.10
N VAL W 30 124.66 10.78 -9.55
CA VAL W 30 124.19 10.83 -10.94
C VAL W 30 125.19 11.63 -11.75
N ASP W 31 125.71 11.01 -12.82
CA ASP W 31 126.56 11.69 -13.80
C ASP W 31 126.20 11.08 -15.15
N THR W 32 125.24 11.69 -15.84
CA THR W 32 124.68 11.09 -17.05
C THR W 32 124.59 12.10 -18.18
N VAL W 33 124.79 11.60 -19.40
CA VAL W 33 124.55 12.35 -20.63
C VAL W 33 123.58 11.53 -21.46
N SER W 34 122.37 12.05 -21.64
CA SER W 34 121.35 11.41 -22.45
C SER W 34 121.29 12.05 -23.82
N LEU W 35 121.17 11.22 -24.85
CA LEU W 35 120.83 11.69 -26.19
C LEU W 35 119.47 11.11 -26.56
N ARG W 36 118.50 11.99 -26.76
CA ARG W 36 117.14 11.62 -27.08
C ARG W 36 116.75 12.28 -28.41
N ARG W 37 115.92 11.58 -29.17
CA ARG W 37 115.46 12.14 -30.44
C ARG W 37 113.96 11.91 -30.58
N SER W 38 113.32 12.85 -31.26
CA SER W 38 111.94 12.72 -31.71
C SER W 38 111.96 12.82 -33.22
N LEU W 39 111.64 11.73 -33.89
CA LEU W 39 111.73 11.67 -35.34
C LEU W 39 110.58 12.43 -35.99
N PRO W 40 110.82 12.98 -37.18
CA PRO W 40 109.77 13.78 -37.85
C PRO W 40 108.53 12.95 -38.15
N VAL W 41 107.38 13.48 -37.79
CA VAL W 41 106.09 12.85 -38.07
C VAL W 41 105.45 13.61 -39.21
N LYS W 42 105.30 12.95 -40.36
CA LYS W 42 104.70 13.57 -41.54
C LYS W 42 103.20 13.60 -41.29
N LYS W 43 102.69 14.78 -40.98
CA LYS W 43 101.26 15.02 -40.81
C LYS W 43 100.83 16.16 -41.73
N GLY W 44 99.72 15.96 -42.43
CA GLY W 44 99.25 16.96 -43.37
C GLY W 44 100.26 17.19 -44.47
N SER W 45 100.40 18.45 -44.88
CA SER W 45 101.44 18.82 -45.84
C SER W 45 102.77 19.12 -45.19
N ASP W 46 102.81 19.22 -43.86
CA ASP W 46 104.06 19.47 -43.15
C ASP W 46 104.86 18.18 -43.06
N ASN W 47 106.13 18.25 -43.45
CA ASN W 47 106.99 17.07 -43.42
C ASN W 47 107.43 16.67 -42.02
N GLY W 48 107.18 17.52 -41.02
CA GLY W 48 107.57 17.21 -39.66
C GLY W 48 108.82 17.95 -39.23
N THR W 49 109.24 17.66 -38.00
CA THR W 49 110.40 18.30 -37.41
C THR W 49 111.18 17.27 -36.61
N MET W 50 112.49 17.25 -36.81
CA MET W 50 113.37 16.42 -35.98
C MET W 50 113.74 17.18 -34.72
N ARG W 51 113.49 16.56 -33.57
CA ARG W 51 113.89 17.13 -32.28
C ARG W 51 115.07 16.35 -31.73
N GLY W 52 116.13 17.06 -31.36
CA GLY W 52 117.27 16.43 -30.73
C GLY W 52 117.58 17.02 -29.38
N ASN W 53 117.54 16.20 -28.33
CA ASN W 53 117.77 16.66 -26.96
C ASN W 53 119.04 16.02 -26.41
N MET W 54 119.88 16.86 -25.82
CA MET W 54 121.11 16.45 -25.15
C MET W 54 120.99 16.87 -23.70
N ASN W 55 120.91 15.90 -22.80
CA ASN W 55 120.65 16.14 -21.39
C ASN W 55 121.89 15.82 -20.57
N PHE W 56 122.32 16.77 -19.75
CA PHE W 56 123.40 16.58 -18.80
C PHE W 56 122.81 16.60 -17.40
N ALA W 57 123.00 15.53 -16.64
CA ALA W 57 122.50 15.45 -15.28
C ALA W 57 123.65 15.15 -14.33
N LYS W 58 123.75 15.94 -13.26
CA LYS W 58 124.82 15.77 -12.28
C LYS W 58 124.29 16.00 -10.87
N SER W 59 124.74 15.16 -9.94
CA SER W 59 124.39 15.31 -8.54
C SER W 59 125.33 16.31 -7.86
N PHE W 60 124.76 17.15 -7.00
CA PHE W 60 125.51 18.20 -6.33
C PHE W 60 125.11 18.25 -4.86
N PRO W 61 126.06 18.56 -3.97
CA PRO W 61 125.71 18.77 -2.56
C PRO W 61 124.87 20.02 -2.39
N ASN W 62 123.66 19.84 -1.86
CA ASN W 62 122.75 20.93 -1.55
C ASN W 62 122.50 20.87 -0.05
N GLY W 63 123.28 21.64 0.70
CA GLY W 63 123.23 21.59 2.14
C GLY W 63 123.53 20.22 2.68
N ASP W 64 122.52 19.55 3.22
CA ASP W 64 122.67 18.19 3.72
C ASP W 64 122.29 17.14 2.70
N LYS W 65 121.48 17.50 1.70
CA LYS W 65 120.97 16.55 0.74
C LYS W 65 121.74 16.65 -0.59
N LYS W 66 121.30 15.90 -1.59
CA LYS W 66 121.84 16.01 -2.93
C LYS W 66 120.76 16.49 -3.89
N SER W 67 121.13 17.41 -4.77
CA SER W 67 120.22 17.97 -5.76
C SER W 67 120.72 17.63 -7.16
N LEU W 68 119.79 17.52 -8.10
CA LEU W 68 120.11 17.20 -9.47
C LEU W 68 120.15 18.47 -10.31
N VAL W 69 121.31 18.78 -10.87
CA VAL W 69 121.47 19.88 -11.81
C VAL W 69 121.40 19.33 -13.22
N VAL W 70 120.51 19.91 -14.04
CA VAL W 70 120.23 19.42 -15.37
C VAL W 70 120.43 20.56 -16.37
N VAL W 71 121.14 20.26 -17.45
CA VAL W 71 121.31 21.19 -18.56
C VAL W 71 120.80 20.50 -19.82
N ASN W 72 119.86 21.13 -20.50
CA ASN W 72 119.27 20.59 -21.71
C ASN W 72 119.66 21.43 -22.92
N LEU W 73 120.10 20.76 -23.98
CA LEU W 73 120.36 21.39 -25.26
C LEU W 73 119.43 20.75 -26.29
N THR W 74 118.43 21.49 -26.74
CA THR W 74 117.41 20.96 -27.64
C THR W 74 117.45 21.72 -28.96
N ALA W 75 117.42 20.99 -30.06
CA ALA W 75 117.36 21.56 -31.40
C ALA W 75 116.13 21.05 -32.13
N HIS W 76 115.43 21.96 -32.80
CA HIS W 76 114.26 21.64 -33.62
C HIS W 76 114.58 21.99 -35.06
N VAL W 77 114.73 20.99 -35.91
CA VAL W 77 115.10 21.19 -37.30
C VAL W 77 113.96 20.69 -38.19
N PRO W 78 113.28 21.56 -38.93
CA PRO W 78 112.22 21.08 -39.83
C PRO W 78 112.79 20.32 -41.01
N VAL W 79 112.03 19.33 -41.48
CA VAL W 79 112.45 18.55 -42.64
C VAL W 79 112.40 19.41 -43.89
N GLY W 80 113.44 19.29 -44.71
CA GLY W 80 113.56 20.05 -45.94
C GLY W 80 114.66 21.10 -45.91
N VAL W 81 115.13 21.46 -44.72
CA VAL W 81 116.21 22.42 -44.59
C VAL W 81 117.54 21.74 -44.89
N ASP W 82 118.47 22.51 -45.45
CA ASP W 82 119.81 21.98 -45.72
C ASP W 82 120.54 21.74 -44.41
N ALA W 83 121.10 20.54 -44.24
CA ALA W 83 121.76 20.19 -43.00
C ALA W 83 123.11 20.90 -42.86
N THR W 84 123.82 21.10 -43.96
CA THR W 84 125.11 21.78 -43.91
C THR W 84 124.96 23.22 -43.45
N ALA W 85 123.94 23.91 -43.94
CA ALA W 85 123.70 25.29 -43.52
C ALA W 85 123.39 25.36 -42.03
N VAL W 86 122.56 24.44 -41.53
CA VAL W 86 122.22 24.42 -40.12
C VAL W 86 123.44 24.13 -39.27
N ARG W 87 124.28 23.18 -39.71
CA ARG W 87 125.51 22.88 -38.97
C ARG W 87 126.44 24.08 -38.94
N THR W 88 126.58 24.79 -40.06
CA THR W 88 127.43 25.97 -40.10
C THR W 88 126.91 27.05 -39.17
N TRP W 89 125.58 27.27 -39.18
CA TRP W 89 124.99 28.26 -38.29
C TRP W 89 125.20 27.88 -36.82
N MET W 90 125.02 26.61 -36.49
CA MET W 90 125.20 26.17 -35.11
C MET W 90 126.66 26.31 -34.67
N THR W 91 127.60 26.01 -35.57
CA THR W 91 129.01 26.12 -35.21
C THR W 91 129.45 27.57 -35.06
N SER W 92 129.05 28.45 -35.98
CA SER W 92 129.54 29.82 -35.98
C SER W 92 128.75 30.75 -35.09
N GLU W 93 127.47 30.48 -34.84
CA GLU W 93 126.63 31.43 -34.13
C GLU W 93 126.04 30.89 -32.84
N VAL W 94 125.61 29.64 -32.82
CA VAL W 94 124.96 29.10 -31.63
C VAL W 94 125.99 28.69 -30.58
N PHE W 95 127.00 27.93 -31.00
CA PHE W 95 127.98 27.40 -30.05
C PHE W 95 128.76 28.49 -29.32
N PRO W 96 129.30 29.53 -29.97
CA PRO W 96 130.03 30.55 -29.21
C PRO W 96 129.18 31.27 -28.18
N GLY W 97 127.90 31.50 -28.47
CA GLY W 97 127.05 32.18 -27.52
C GLY W 97 126.52 31.29 -26.42
N ALA W 98 126.33 30.01 -26.70
CA ALA W 98 125.80 29.08 -25.71
C ALA W 98 126.81 28.74 -24.63
N THR W 99 128.11 28.87 -24.92
CA THR W 99 129.16 28.57 -23.96
C THR W 99 129.89 29.83 -23.52
N SER W 100 129.18 30.95 -23.42
CA SER W 100 129.75 32.21 -22.99
C SER W 100 129.46 32.45 -21.51
N SER W 101 129.95 33.57 -20.99
CA SER W 101 129.61 33.97 -19.64
C SER W 101 128.14 34.32 -19.50
N VAL W 102 127.45 34.58 -20.62
CA VAL W 102 126.03 34.87 -20.56
C VAL W 102 125.26 33.67 -20.04
N THR W 103 125.61 32.47 -20.48
CA THR W 103 124.94 31.26 -20.01
C THR W 103 125.12 31.07 -18.51
N LEU W 104 126.35 31.23 -18.03
CA LEU W 104 126.62 31.08 -16.60
C LEU W 104 125.89 32.13 -15.78
N ASP W 105 125.89 33.38 -16.26
CA ASP W 105 125.22 34.46 -15.53
C ASP W 105 123.72 34.23 -15.50
N LEU W 106 123.13 33.75 -16.60
CA LEU W 106 121.71 33.45 -16.61
C LEU W 106 121.39 32.28 -15.67
N ALA W 107 122.27 31.27 -15.63
CA ALA W 107 122.02 30.11 -14.79
C ALA W 107 122.09 30.47 -13.31
N THR W 108 123.15 31.16 -12.89
CA THR W 108 123.41 31.36 -11.47
C THR W 108 122.99 32.73 -10.94
N LYS W 109 122.46 33.61 -11.79
CA LYS W 109 122.03 34.92 -11.32
C LYS W 109 120.72 35.40 -11.91
N GLY W 110 120.14 34.70 -12.89
CA GLY W 110 118.96 35.20 -13.56
C GLY W 110 119.17 36.47 -14.35
N VAL W 111 120.34 36.64 -14.95
CA VAL W 111 120.64 37.84 -15.71
C VAL W 111 120.13 37.66 -17.13
N ILE W 112 119.13 38.46 -17.51
CA ILE W 112 118.59 38.46 -18.87
C ILE W 112 118.89 39.74 -19.62
N HIS W 113 119.34 40.79 -18.93
CA HIS W 113 119.70 42.05 -19.58
C HIS W 113 121.21 42.09 -19.77
N LEU W 114 121.63 42.23 -21.02
CA LEU W 114 123.04 42.20 -21.38
C LEU W 114 123.65 43.59 -21.25
N SER W 115 124.95 43.65 -21.01
CA SER W 115 125.68 44.89 -20.89
C SER W 115 127.16 44.64 -21.18
N ASP W 116 127.83 45.67 -21.68
CA ASP W 116 127.30 46.94 -22.18
C ASP W 116 128.02 47.35 -23.46
N ALA W 117 129.13 46.69 -23.72
CA ALA W 117 129.97 47.01 -24.88
C ALA W 117 129.84 45.97 -25.98
N LEU X 1 134.16 -30.34 6.28
CA LEU X 1 133.09 -29.81 5.44
C LEU X 1 133.55 -28.52 4.76
N SER X 2 133.72 -28.58 3.45
CA SER X 2 134.20 -27.44 2.68
C SER X 2 133.32 -27.21 1.46
N ILE X 3 133.00 -25.95 1.20
CA ILE X 3 132.36 -25.52 -0.04
C ILE X 3 133.31 -24.51 -0.66
N GLY X 4 134.18 -24.97 -1.54
CA GLY X 4 135.25 -24.14 -2.06
C GLY X 4 136.42 -24.10 -1.11
N THR X 5 136.78 -22.91 -0.65
CA THR X 5 137.82 -22.74 0.37
C THR X 5 137.23 -22.44 1.75
N LYS X 6 135.91 -22.50 1.90
CA LYS X 6 135.23 -22.13 3.13
C LYS X 6 134.92 -23.37 3.95
N ASN X 7 135.28 -23.33 5.23
CA ASN X 7 134.92 -24.39 6.17
C ASN X 7 133.56 -24.08 6.76
N VAL X 8 132.58 -24.96 6.51
CA VAL X 8 131.22 -24.76 6.96
C VAL X 8 130.82 -25.92 7.86
N SER X 9 129.68 -25.74 8.55
CA SER X 9 129.10 -26.78 9.37
C SER X 9 127.60 -26.83 9.11
N ILE X 10 127.01 -28.00 9.32
CA ILE X 10 125.57 -28.15 9.13
C ILE X 10 124.85 -27.27 10.14
N TYR X 11 124.00 -26.39 9.64
CA TYR X 11 123.22 -25.48 10.47
C TYR X 11 121.73 -25.78 10.43
N ARG X 12 121.19 -26.16 9.27
CA ARG X 12 119.79 -26.54 9.17
C ARG X 12 119.68 -27.66 8.16
N ASN X 13 118.91 -28.69 8.51
CA ASN X 13 118.78 -29.87 7.66
C ASN X 13 117.30 -30.09 7.39
N THR X 14 116.91 -29.99 6.13
CA THR X 14 115.54 -30.15 5.66
C THR X 14 115.56 -31.16 4.51
N ALA X 15 114.39 -31.77 4.25
CA ALA X 15 114.30 -32.82 3.23
C ALA X 15 114.85 -32.36 1.89
N ASP X 16 114.66 -31.09 1.53
CA ASP X 16 115.08 -30.59 0.23
C ASP X 16 115.98 -29.37 0.33
N GLU X 17 116.52 -29.07 1.51
CA GLU X 17 117.39 -27.91 1.66
C GLU X 17 118.30 -28.15 2.86
N VAL X 18 119.59 -27.90 2.68
CA VAL X 18 120.55 -27.94 3.77
C VAL X 18 121.27 -26.59 3.80
N ILE X 19 121.21 -25.92 4.94
CA ILE X 19 121.90 -24.64 5.13
C ILE X 19 123.13 -24.89 5.97
N TYR X 20 124.30 -24.51 5.43
CA TYR X 20 125.57 -24.57 6.12
C TYR X 20 125.99 -23.17 6.53
N ALA X 21 126.57 -23.05 7.71
CA ALA X 21 126.99 -21.78 8.27
C ALA X 21 128.50 -21.67 8.22
N GLY X 22 128.98 -20.47 7.85
CA GLY X 22 130.40 -20.20 7.82
C GLY X 22 130.93 -19.82 9.18
N PRO X 23 132.22 -19.52 9.25
CA PRO X 23 132.82 -19.14 10.55
C PRO X 23 132.23 -17.88 11.15
N ALA X 24 131.73 -16.96 10.32
CA ALA X 24 131.24 -15.67 10.79
C ALA X 24 129.73 -15.65 10.98
N HIS X 25 129.07 -16.80 10.95
CA HIS X 25 127.63 -16.87 11.13
C HIS X 25 127.28 -17.01 12.60
N ASP X 26 126.27 -16.27 13.03
CA ASP X 26 125.80 -16.30 14.41
C ASP X 26 124.36 -15.77 14.43
N VAL X 27 123.86 -15.45 15.63
CA VAL X 27 122.48 -14.98 15.76
C VAL X 27 122.25 -13.64 15.07
N THR X 28 123.23 -12.72 15.13
CA THR X 28 123.04 -11.38 14.58
C THR X 28 123.69 -11.17 13.22
N ASN X 29 124.54 -12.08 12.75
CA ASN X 29 125.20 -11.94 11.46
C ASN X 29 124.89 -13.15 10.60
N VAL X 30 124.83 -12.94 9.29
CA VAL X 30 124.51 -13.98 8.32
C VAL X 30 125.74 -14.30 7.49
N ASP X 31 126.16 -15.56 7.53
CA ASP X 31 127.20 -16.08 6.64
C ASP X 31 126.81 -17.52 6.33
N THR X 32 126.05 -17.70 5.25
CA THR X 32 125.44 -18.99 4.98
C THR X 32 125.57 -19.38 3.52
N VAL X 33 125.67 -20.69 3.30
CA VAL X 33 125.55 -21.29 1.97
C VAL X 33 124.46 -22.35 2.05
N SER X 34 123.41 -22.19 1.25
CA SER X 34 122.27 -23.09 1.27
C SER X 34 122.22 -23.88 -0.03
N LEU X 35 122.13 -25.21 0.09
CA LEU X 35 121.90 -26.07 -1.05
C LEU X 35 120.43 -26.49 -1.07
N ARG X 36 119.76 -26.23 -2.17
CA ARG X 36 118.35 -26.53 -2.34
C ARG X 36 118.16 -27.35 -3.61
N ARG X 37 117.15 -28.20 -3.61
CA ARG X 37 116.90 -29.05 -4.75
C ARG X 37 115.41 -29.21 -4.96
N SER X 38 115.04 -29.40 -6.23
CA SER X 38 113.70 -29.79 -6.63
C SER X 38 113.85 -31.01 -7.54
N LEU X 39 113.44 -32.16 -7.03
CA LEU X 39 113.63 -33.42 -7.74
C LEU X 39 112.65 -33.54 -8.89
N PRO X 40 113.01 -34.32 -9.92
CA PRO X 40 112.11 -34.47 -11.07
C PRO X 40 110.77 -35.06 -10.67
N VAL X 41 109.72 -34.55 -11.29
CA VAL X 41 108.37 -35.06 -11.12
C VAL X 41 107.93 -35.63 -12.47
N LYS X 42 107.67 -36.94 -12.51
CA LYS X 42 107.31 -37.61 -13.75
C LYS X 42 105.83 -37.29 -14.03
N LYS X 43 105.63 -36.10 -14.59
CA LYS X 43 104.29 -35.61 -14.88
C LYS X 43 103.93 -35.96 -16.32
N GLY X 44 102.88 -36.76 -16.49
CA GLY X 44 102.48 -37.19 -17.83
C GLY X 44 103.59 -37.98 -18.48
N SER X 45 103.91 -37.61 -19.73
CA SER X 45 105.02 -38.23 -20.45
C SER X 45 106.35 -37.57 -20.18
N ASP X 46 106.35 -36.30 -19.75
CA ASP X 46 107.61 -35.63 -19.42
C ASP X 46 108.21 -36.25 -18.17
N ASN X 47 109.50 -36.57 -18.24
CA ASN X 47 110.21 -37.12 -17.08
C ASN X 47 110.54 -36.08 -16.04
N GLY X 48 110.30 -34.80 -16.31
CA GLY X 48 110.53 -33.76 -15.34
C GLY X 48 111.86 -33.07 -15.53
N THR X 49 112.18 -32.22 -14.56
CA THR X 49 113.41 -31.44 -14.55
C THR X 49 114.01 -31.46 -13.16
N MET X 50 115.32 -31.63 -13.08
CA MET X 50 116.04 -31.53 -11.82
C MET X 50 116.52 -30.09 -11.65
N ARG X 51 116.12 -29.46 -10.55
CA ARG X 51 116.51 -28.07 -10.27
C ARG X 51 117.45 -28.06 -9.08
N GLY X 52 118.61 -27.45 -9.26
CA GLY X 52 119.57 -27.27 -8.17
C GLY X 52 119.79 -25.80 -7.92
N ASN X 53 119.92 -25.43 -6.65
CA ASN X 53 120.12 -24.05 -6.26
C ASN X 53 121.19 -23.97 -5.19
N MET X 54 122.15 -23.07 -5.37
CA MET X 54 123.15 -22.76 -4.38
C MET X 54 123.03 -21.28 -4.04
N ASN X 55 122.79 -20.98 -2.76
CA ASN X 55 122.54 -19.63 -2.29
C ASN X 55 123.65 -19.21 -1.35
N PHE X 56 124.21 -18.03 -1.58
CA PHE X 56 125.23 -17.44 -0.72
C PHE X 56 124.62 -16.19 -0.08
N ALA X 57 124.66 -16.12 1.25
CA ALA X 57 124.10 -14.98 1.97
C ALA X 57 125.14 -14.45 2.94
N LYS X 58 125.37 -13.14 2.90
CA LYS X 58 126.30 -12.51 3.81
C LYS X 58 125.76 -11.16 4.27
N SER X 59 126.08 -10.81 5.52
CA SER X 59 125.73 -9.51 6.06
C SER X 59 126.87 -8.52 5.82
N PHE X 60 126.49 -7.28 5.52
CA PHE X 60 127.44 -6.23 5.20
C PHE X 60 127.01 -4.94 5.89
N PRO X 61 127.97 -4.11 6.30
CA PRO X 61 127.61 -2.79 6.84
C PRO X 61 126.95 -1.93 5.77
N ASN X 62 125.79 -1.36 6.10
CA ASN X 62 125.04 -0.48 5.21
C ASN X 62 124.72 0.76 6.03
N GLY X 63 125.61 1.75 5.96
CA GLY X 63 125.47 2.95 6.75
C GLY X 63 125.39 2.64 8.23
N ASP X 64 124.20 2.78 8.81
CA ASP X 64 124.01 2.44 10.21
C ASP X 64 123.66 0.96 10.39
N LYS X 65 122.85 0.40 9.49
CA LYS X 65 122.31 -0.94 9.69
C LYS X 65 123.19 -1.97 8.99
N LYS X 66 122.68 -3.19 8.87
CA LYS X 66 123.37 -4.27 8.17
C LYS X 66 122.45 -4.82 7.10
N SER X 67 122.93 -4.86 5.86
CA SER X 67 122.17 -5.33 4.72
C SER X 67 122.64 -6.71 4.29
N LEU X 68 121.75 -7.45 3.63
CA LEU X 68 122.03 -8.82 3.22
C LEU X 68 122.33 -8.86 1.73
N VAL X 69 123.51 -9.36 1.38
CA VAL X 69 123.90 -9.58 0.00
C VAL X 69 123.75 -11.07 -0.30
N VAL X 70 123.02 -11.39 -1.37
CA VAL X 70 122.69 -12.76 -1.74
C VAL X 70 123.13 -13.01 -3.17
N VAL X 71 123.82 -14.11 -3.40
CA VAL X 71 124.20 -14.57 -4.73
C VAL X 71 123.54 -15.93 -4.95
N ASN X 72 122.78 -16.04 -6.03
CA ASN X 72 122.08 -17.27 -6.35
C ASN X 72 122.70 -17.94 -7.57
N LEU X 73 122.72 -19.27 -7.55
CA LEU X 73 123.21 -20.05 -8.68
C LEU X 73 122.25 -21.22 -8.89
N THR X 74 121.43 -21.14 -9.94
CA THR X 74 120.39 -22.12 -10.18
C THR X 74 120.62 -22.81 -11.53
N ALA X 75 120.51 -24.13 -11.52
CA ALA X 75 120.64 -24.95 -12.72
C ALA X 75 119.38 -25.78 -12.91
N HIS X 76 118.90 -25.81 -14.15
CA HIS X 76 117.74 -26.60 -14.54
C HIS X 76 118.19 -27.63 -15.58
N VAL X 77 118.16 -28.90 -15.20
CA VAL X 77 118.61 -29.96 -16.11
C VAL X 77 117.43 -30.89 -16.40
N PRO X 78 116.94 -30.94 -17.63
CA PRO X 78 115.85 -31.87 -17.95
C PRO X 78 116.32 -33.32 -17.84
N VAL X 79 115.39 -34.18 -17.44
CA VAL X 79 115.70 -35.60 -17.28
C VAL X 79 115.87 -36.24 -18.66
N GLY X 80 116.93 -37.04 -18.81
CA GLY X 80 117.26 -37.68 -20.06
C GLY X 80 118.48 -37.08 -20.75
N VAL X 81 118.77 -35.81 -20.46
CA VAL X 81 119.97 -35.18 -20.99
C VAL X 81 121.19 -35.84 -20.39
N ASP X 82 122.18 -36.11 -21.23
CA ASP X 82 123.41 -36.76 -20.75
C ASP X 82 124.11 -35.87 -19.74
N ALA X 83 124.42 -36.45 -18.57
CA ALA X 83 124.97 -35.66 -17.47
C ALA X 83 126.40 -35.21 -17.75
N THR X 84 127.19 -36.06 -18.40
CA THR X 84 128.59 -35.72 -18.65
C THR X 84 128.71 -34.52 -19.58
N ALA X 85 127.84 -34.44 -20.59
CA ALA X 85 127.85 -33.28 -21.49
C ALA X 85 127.51 -32.01 -20.74
N VAL X 86 126.50 -32.06 -19.86
CA VAL X 86 126.14 -30.89 -19.07
C VAL X 86 127.29 -30.48 -18.17
N ARG X 87 127.96 -31.46 -17.54
CA ARG X 87 129.04 -31.14 -16.62
C ARG X 87 130.22 -30.52 -17.34
N THR X 88 130.59 -31.04 -18.52
CA THR X 88 131.70 -30.43 -19.24
C THR X 88 131.30 -29.07 -19.81
N TRP X 89 130.04 -28.87 -20.17
CA TRP X 89 129.58 -27.56 -20.60
C TRP X 89 129.69 -26.55 -19.47
N MET X 90 129.28 -26.94 -18.26
CA MET X 90 129.38 -26.04 -17.11
C MET X 90 130.84 -25.76 -16.78
N THR X 91 131.69 -26.79 -16.81
CA THR X 91 133.10 -26.60 -16.45
C THR X 91 133.82 -25.70 -17.45
N SER X 92 133.53 -25.86 -18.73
CA SER X 92 134.27 -25.15 -19.77
C SER X 92 133.61 -23.87 -20.23
N GLU X 93 132.28 -23.80 -20.25
CA GLU X 93 131.57 -22.67 -20.84
C GLU X 93 130.84 -21.81 -19.83
N VAL X 94 130.35 -22.38 -18.74
CA VAL X 94 129.55 -21.61 -17.79
C VAL X 94 130.41 -21.03 -16.68
N PHE X 95 131.22 -21.87 -16.04
CA PHE X 95 132.02 -21.48 -14.89
C PHE X 95 133.05 -20.39 -15.21
N PRO X 96 133.85 -20.50 -16.28
CA PRO X 96 134.83 -19.43 -16.56
C PRO X 96 134.17 -18.08 -16.83
N GLY X 97 133.00 -18.05 -17.46
CA GLY X 97 132.34 -16.78 -17.71
C GLY X 97 131.55 -16.27 -16.51
N ALA X 98 131.13 -17.16 -15.62
CA ALA X 98 130.34 -16.78 -14.47
C ALA X 98 131.17 -16.23 -13.32
N THR X 99 132.51 -16.36 -13.39
CA THR X 99 133.38 -15.90 -12.33
C THR X 99 134.34 -14.81 -12.81
N SER X 100 134.04 -14.17 -13.94
CA SER X 100 134.90 -13.16 -14.52
C SER X 100 134.53 -11.78 -13.96
N SER X 101 135.15 -10.73 -14.50
CA SER X 101 134.82 -9.38 -14.09
C SER X 101 133.45 -8.95 -14.59
N VAL X 102 132.89 -9.65 -15.58
CA VAL X 102 131.56 -9.33 -16.06
C VAL X 102 130.53 -9.52 -14.94
N THR X 103 130.67 -10.61 -14.18
CA THR X 103 129.75 -10.85 -13.06
C THR X 103 129.88 -9.76 -12.01
N LEU X 104 131.11 -9.34 -11.72
CA LEU X 104 131.31 -8.29 -10.71
C LEU X 104 130.69 -6.98 -11.15
N ASP X 105 130.92 -6.59 -12.42
CA ASP X 105 130.32 -5.35 -12.92
C ASP X 105 128.81 -5.43 -12.94
N LEU X 106 128.25 -6.57 -13.34
CA LEU X 106 126.80 -6.72 -13.37
C LEU X 106 126.21 -6.68 -11.97
N ALA X 107 126.89 -7.24 -10.98
CA ALA X 107 126.38 -7.27 -9.62
C ALA X 107 126.48 -5.91 -8.94
N THR X 108 127.59 -5.18 -9.17
CA THR X 108 127.80 -3.93 -8.46
C THR X 108 127.29 -2.71 -9.21
N LYS X 109 127.31 -2.73 -10.55
CA LYS X 109 126.92 -1.58 -11.34
C LYS X 109 125.84 -1.86 -12.37
N GLY X 110 125.46 -3.12 -12.57
CA GLY X 110 124.45 -3.43 -13.56
C GLY X 110 124.91 -3.29 -14.99
N VAL X 111 126.18 -3.56 -15.26
CA VAL X 111 126.73 -3.42 -16.61
C VAL X 111 126.33 -4.63 -17.44
N ILE X 112 125.57 -4.39 -18.52
CA ILE X 112 125.10 -5.44 -19.41
C ILE X 112 125.74 -5.39 -20.78
N HIS X 113 126.61 -4.41 -21.04
CA HIS X 113 127.32 -4.28 -22.31
C HIS X 113 128.81 -4.50 -22.04
N LEU X 114 129.35 -5.64 -22.47
CA LEU X 114 130.73 -6.00 -22.17
C LEU X 114 131.62 -5.66 -23.36
N SER X 115 131.68 -4.37 -23.67
CA SER X 115 132.51 -3.89 -24.77
C SER X 115 133.98 -3.86 -24.35
N ASP X 116 134.86 -4.16 -25.30
CA ASP X 116 134.54 -4.62 -26.65
C ASP X 116 135.43 -5.80 -27.04
N ALA X 117 136.58 -5.90 -26.38
CA ALA X 117 137.55 -6.96 -26.69
C ALA X 117 137.09 -8.30 -26.15
N LEU Y 1 -84.67 92.75 -55.65
CA LEU Y 1 -83.99 91.50 -56.00
C LEU Y 1 -84.94 90.55 -56.70
N SER Y 2 -84.55 90.11 -57.90
CA SER Y 2 -85.37 89.19 -58.68
C SER Y 2 -84.48 88.19 -59.39
N ILE Y 3 -85.01 86.98 -59.57
CA ILE Y 3 -84.35 85.92 -60.32
C ILE Y 3 -85.37 85.45 -61.36
N GLY Y 4 -85.21 85.93 -62.59
CA GLY Y 4 -86.25 85.73 -63.57
C GLY Y 4 -87.46 86.59 -63.26
N THR Y 5 -88.59 85.96 -62.96
CA THR Y 5 -89.80 86.67 -62.60
C THR Y 5 -90.16 86.50 -61.12
N LYS Y 6 -89.29 85.92 -60.32
CA LYS Y 6 -89.54 85.66 -58.92
C LYS Y 6 -88.76 86.63 -58.03
N ASN Y 7 -89.44 87.20 -57.04
CA ASN Y 7 -88.80 88.08 -56.08
C ASN Y 7 -88.15 87.26 -54.97
N VAL Y 8 -86.90 87.60 -54.65
CA VAL Y 8 -86.14 86.87 -53.64
C VAL Y 8 -85.50 87.87 -52.69
N SER Y 9 -84.98 87.35 -51.59
CA SER Y 9 -84.25 88.13 -50.61
C SER Y 9 -83.00 87.35 -50.20
N ILE Y 10 -81.94 88.07 -49.85
CA ILE Y 10 -80.73 87.42 -49.38
C ILE Y 10 -81.05 86.65 -48.11
N TYR Y 11 -80.75 85.36 -48.10
CA TYR Y 11 -81.00 84.50 -46.96
C TYR Y 11 -79.73 84.04 -46.27
N ARG Y 12 -78.74 83.57 -47.03
CA ARG Y 12 -77.47 83.14 -46.45
C ARG Y 12 -76.33 83.64 -47.33
N ASN Y 13 -75.29 84.17 -46.69
CA ASN Y 13 -74.15 84.74 -47.41
C ASN Y 13 -72.88 84.05 -46.95
N THR Y 14 -72.14 83.47 -47.89
CA THR Y 14 -70.81 82.95 -47.62
C THR Y 14 -69.83 83.53 -48.63
N ALA Y 15 -68.56 83.09 -48.56
CA ALA Y 15 -67.55 83.68 -49.43
C ALA Y 15 -67.83 83.38 -50.90
N ASP Y 16 -68.24 82.14 -51.21
CA ASP Y 16 -68.44 81.73 -52.59
C ASP Y 16 -69.86 81.22 -52.87
N GLU Y 17 -70.80 81.45 -51.97
CA GLU Y 17 -72.17 81.00 -52.20
C GLU Y 17 -73.14 81.95 -51.51
N VAL Y 18 -74.18 82.32 -52.23
CA VAL Y 18 -75.28 83.12 -51.68
C VAL Y 18 -76.58 82.38 -51.93
N ILE Y 19 -77.34 82.15 -50.87
CA ILE Y 19 -78.66 81.54 -50.95
C ILE Y 19 -79.71 82.63 -50.79
N TYR Y 20 -80.65 82.70 -51.73
CA TYR Y 20 -81.78 83.60 -51.71
C TYR Y 20 -83.05 82.80 -51.45
N ALA Y 21 -83.97 83.39 -50.69
CA ALA Y 21 -85.21 82.74 -50.28
C ALA Y 21 -86.38 83.32 -51.07
N GLY Y 22 -87.24 82.45 -51.55
CA GLY Y 22 -88.43 82.85 -52.27
C GLY Y 22 -89.56 83.23 -51.32
N PRO Y 23 -90.68 83.68 -51.87
CA PRO Y 23 -91.80 84.12 -51.02
C PRO Y 23 -92.41 83.02 -50.19
N ALA Y 24 -92.24 81.75 -50.56
CA ALA Y 24 -92.85 80.63 -49.87
C ALA Y 24 -91.90 79.95 -48.90
N HIS Y 25 -90.70 80.49 -48.70
CA HIS Y 25 -89.71 79.86 -47.85
C HIS Y 25 -89.97 80.20 -46.38
N ASP Y 26 -90.09 79.19 -45.55
CA ASP Y 26 -90.22 79.36 -44.11
C ASP Y 26 -89.63 78.13 -43.42
N VAL Y 27 -89.96 77.94 -42.14
CA VAL Y 27 -89.42 76.85 -41.34
C VAL Y 27 -89.89 75.50 -41.90
N THR Y 28 -91.07 75.48 -42.52
CA THR Y 28 -91.66 74.23 -42.99
C THR Y 28 -91.48 74.00 -44.48
N ASN Y 29 -91.48 75.04 -45.29
CA ASN Y 29 -91.45 74.91 -46.74
C ASN Y 29 -90.15 75.48 -47.29
N VAL Y 30 -89.53 74.78 -48.23
CA VAL Y 30 -88.30 75.22 -48.85
C VAL Y 30 -88.62 75.85 -50.20
N ASP Y 31 -88.12 77.06 -50.42
CA ASP Y 31 -88.20 77.74 -51.72
C ASP Y 31 -86.94 78.60 -51.81
N THR Y 32 -85.89 78.04 -52.42
CA THR Y 32 -84.60 78.71 -52.41
C THR Y 32 -83.93 78.64 -53.77
N VAL Y 33 -83.13 79.65 -54.05
CA VAL Y 33 -82.23 79.68 -55.21
C VAL Y 33 -80.84 80.03 -54.71
N SER Y 34 -79.87 79.18 -55.00
CA SER Y 34 -78.50 79.37 -54.56
C SER Y 34 -77.59 79.66 -55.74
N LEU Y 35 -76.67 80.59 -55.56
CA LEU Y 35 -75.65 80.93 -56.55
C LEU Y 35 -74.29 80.61 -55.94
N ARG Y 36 -73.54 79.73 -56.59
CA ARG Y 36 -72.24 79.30 -56.10
C ARG Y 36 -71.20 79.46 -57.20
N ARG Y 37 -70.00 79.85 -56.81
CA ARG Y 37 -68.89 80.02 -57.74
C ARG Y 37 -67.68 79.24 -57.26
N SER Y 38 -66.97 78.66 -58.22
CA SER Y 38 -65.66 78.04 -58.02
C SER Y 38 -64.71 78.80 -58.93
N LEU Y 39 -63.93 79.69 -58.35
CA LEU Y 39 -63.03 80.52 -59.13
C LEU Y 39 -61.85 79.71 -59.63
N PRO Y 40 -61.29 80.07 -60.79
CA PRO Y 40 -60.18 79.29 -61.35
C PRO Y 40 -58.96 79.32 -60.44
N VAL Y 41 -58.28 78.19 -60.37
CA VAL Y 41 -57.00 78.06 -59.67
C VAL Y 41 -55.95 77.82 -60.74
N LYS Y 42 -55.17 78.85 -61.06
CA LYS Y 42 -54.21 78.79 -62.16
C LYS Y 42 -52.93 78.14 -61.65
N LYS Y 43 -53.06 76.85 -61.32
CA LYS Y 43 -51.94 76.04 -60.86
C LYS Y 43 -51.05 75.66 -62.05
N GLY Y 44 -49.75 75.52 -61.76
CA GLY Y 44 -48.77 75.19 -62.77
C GLY Y 44 -48.83 76.09 -63.98
N SER Y 45 -49.20 75.52 -65.13
CA SER Y 45 -49.39 76.29 -66.35
C SER Y 45 -50.85 76.44 -66.75
N ASP Y 46 -51.70 75.47 -66.39
CA ASP Y 46 -53.12 75.57 -66.72
C ASP Y 46 -53.76 76.71 -65.95
N ASN Y 47 -54.61 77.48 -66.63
CA ASN Y 47 -55.24 78.65 -66.03
C ASN Y 47 -56.51 78.32 -65.28
N GLY Y 48 -56.89 77.05 -65.20
CA GLY Y 48 -58.04 76.64 -64.41
C GLY Y 48 -59.37 76.85 -65.12
N THR Y 49 -60.43 76.56 -64.37
CA THR Y 49 -61.80 76.62 -64.88
C THR Y 49 -62.67 77.42 -63.94
N MET Y 50 -63.51 78.27 -64.50
CA MET Y 50 -64.54 78.97 -63.74
C MET Y 50 -65.80 78.11 -63.73
N ARG Y 51 -66.28 77.79 -62.53
CA ARG Y 51 -67.46 76.94 -62.37
C ARG Y 51 -68.58 77.74 -61.74
N GLY Y 52 -69.69 77.87 -62.46
CA GLY Y 52 -70.84 78.58 -61.93
C GLY Y 52 -72.04 77.68 -61.74
N ASN Y 53 -72.53 77.55 -60.51
CA ASN Y 53 -73.61 76.64 -60.19
C ASN Y 53 -74.83 77.42 -59.71
N MET Y 54 -75.98 77.11 -60.29
CA MET Y 54 -77.25 77.71 -59.91
C MET Y 54 -78.19 76.62 -59.45
N ASN Y 55 -78.70 76.75 -58.23
CA ASN Y 55 -79.45 75.71 -57.54
C ASN Y 55 -80.87 76.20 -57.29
N PHE Y 56 -81.85 75.36 -57.61
CA PHE Y 56 -83.25 75.63 -57.31
C PHE Y 56 -83.78 74.52 -56.43
N ALA Y 57 -84.31 74.88 -55.26
CA ALA Y 57 -84.79 73.90 -54.30
C ALA Y 57 -86.22 74.22 -53.90
N LYS Y 58 -87.08 73.21 -53.96
CA LYS Y 58 -88.49 73.39 -53.63
C LYS Y 58 -89.02 72.15 -52.93
N SER Y 59 -89.73 72.35 -51.83
CA SER Y 59 -90.37 71.23 -51.15
C SER Y 59 -91.73 70.93 -51.78
N PHE Y 60 -92.04 69.64 -51.88
CA PHE Y 60 -93.26 69.15 -52.49
C PHE Y 60 -93.89 68.11 -51.58
N PRO Y 61 -95.23 68.00 -51.59
CA PRO Y 61 -95.88 66.92 -50.84
C PRO Y 61 -95.52 65.55 -51.43
N ASN Y 62 -95.25 64.59 -50.55
CA ASN Y 62 -94.91 63.23 -50.96
C ASN Y 62 -95.55 62.32 -49.91
N GLY Y 63 -96.74 61.83 -50.22
CA GLY Y 63 -97.50 61.07 -49.24
C GLY Y 63 -97.77 61.95 -48.03
N ASP Y 64 -97.41 61.45 -46.85
CA ASP Y 64 -97.55 62.21 -45.63
C ASP Y 64 -96.35 63.13 -45.36
N LYS Y 65 -95.23 62.94 -46.06
CA LYS Y 65 -94.03 63.68 -45.80
C LYS Y 65 -93.81 64.75 -46.87
N LYS Y 66 -92.67 65.43 -46.80
CA LYS Y 66 -92.27 66.41 -47.80
C LYS Y 66 -90.95 65.98 -48.42
N SER Y 67 -90.81 66.22 -49.71
CA SER Y 67 -89.62 65.82 -50.46
C SER Y 67 -89.04 67.04 -51.18
N LEU Y 68 -87.72 67.11 -51.22
CA LEU Y 68 -87.02 68.22 -51.86
C LEU Y 68 -86.75 67.90 -53.32
N VAL Y 69 -87.22 68.76 -54.21
CA VAL Y 69 -86.88 68.70 -55.63
C VAL Y 69 -85.83 69.76 -55.90
N VAL Y 70 -84.72 69.34 -56.49
CA VAL Y 70 -83.57 70.19 -56.73
C VAL Y 70 -83.24 70.18 -58.21
N VAL Y 71 -83.06 71.37 -58.79
CA VAL Y 71 -82.63 71.53 -60.16
C VAL Y 71 -81.30 72.28 -60.16
N ASN Y 72 -80.29 71.69 -60.80
CA ASN Y 72 -78.96 72.26 -60.87
C ASN Y 72 -78.63 72.69 -62.29
N LEU Y 73 -78.00 73.85 -62.42
CA LEU Y 73 -77.51 74.34 -63.71
C LEU Y 73 -76.07 74.80 -63.51
N THR Y 74 -75.12 74.07 -64.07
CA THR Y 74 -73.71 74.32 -63.83
C THR Y 74 -72.99 74.58 -65.14
N ALA Y 75 -72.22 75.66 -65.19
CA ALA Y 75 -71.40 76.01 -66.33
C ALA Y 75 -69.92 75.85 -65.98
N HIS Y 76 -69.16 75.22 -66.86
CA HIS Y 76 -67.73 75.02 -66.70
C HIS Y 76 -67.04 75.73 -67.86
N VAL Y 77 -66.44 76.89 -67.59
CA VAL Y 77 -65.81 77.69 -68.63
C VAL Y 77 -64.31 77.71 -68.39
N PRO Y 78 -63.50 77.09 -69.26
CA PRO Y 78 -62.05 77.20 -69.09
C PRO Y 78 -61.56 78.62 -69.31
N VAL Y 79 -60.49 78.98 -68.61
CA VAL Y 79 -59.95 80.33 -68.68
C VAL Y 79 -59.24 80.53 -70.00
N GLY Y 80 -59.52 81.66 -70.65
CA GLY Y 80 -58.98 81.98 -71.97
C GLY Y 80 -60.02 81.95 -73.06
N VAL Y 81 -61.12 81.23 -72.84
CA VAL Y 81 -62.21 81.20 -73.80
C VAL Y 81 -62.92 82.54 -73.79
N ASP Y 82 -63.25 83.04 -74.97
CA ASP Y 82 -63.94 84.32 -75.09
C ASP Y 82 -65.29 84.27 -74.39
N ALA Y 83 -65.51 85.21 -73.47
CA ALA Y 83 -66.75 85.25 -72.70
C ALA Y 83 -67.94 85.55 -73.61
N THR Y 84 -67.77 86.45 -74.57
CA THR Y 84 -68.88 86.81 -75.46
C THR Y 84 -69.34 85.62 -76.29
N ALA Y 85 -68.38 84.83 -76.80
CA ALA Y 85 -68.75 83.65 -77.58
C ALA Y 85 -69.49 82.63 -76.72
N VAL Y 86 -69.04 82.43 -75.48
CA VAL Y 86 -69.71 81.50 -74.57
C VAL Y 86 -71.12 81.98 -74.26
N ARG Y 87 -71.29 83.29 -74.03
CA ARG Y 87 -72.62 83.82 -73.75
C ARG Y 87 -73.55 83.66 -74.95
N THR Y 88 -73.03 83.91 -76.16
CA THR Y 88 -73.84 83.73 -77.36
C THR Y 88 -74.24 82.27 -77.53
N TRP Y 89 -73.31 81.34 -77.28
CA TRP Y 89 -73.63 79.93 -77.38
C TRP Y 89 -74.68 79.53 -76.35
N MET Y 90 -74.55 80.02 -75.12
CA MET Y 90 -75.52 79.68 -74.07
C MET Y 90 -76.89 80.24 -74.39
N THR Y 91 -76.95 81.47 -74.92
CA THR Y 91 -78.23 82.09 -75.22
C THR Y 91 -78.92 81.46 -76.42
N SER Y 92 -78.17 81.17 -77.48
CA SER Y 92 -78.78 80.68 -78.71
C SER Y 92 -78.92 79.17 -78.76
N GLU Y 93 -78.12 78.42 -78.01
CA GLU Y 93 -78.14 76.97 -78.10
C GLU Y 93 -78.53 76.27 -76.81
N VAL Y 94 -77.96 76.66 -75.67
CA VAL Y 94 -78.19 75.95 -74.42
C VAL Y 94 -79.52 76.34 -73.81
N PHE Y 95 -79.80 77.65 -73.76
CA PHE Y 95 -81.02 78.11 -73.10
C PHE Y 95 -82.30 77.61 -73.75
N PRO Y 96 -82.48 77.68 -75.08
CA PRO Y 96 -83.71 77.12 -75.66
C PRO Y 96 -83.86 75.62 -75.44
N GLY Y 97 -82.75 74.87 -75.46
CA GLY Y 97 -82.84 73.43 -75.28
C GLY Y 97 -83.06 73.01 -73.85
N ALA Y 98 -82.59 73.80 -72.89
CA ALA Y 98 -82.70 73.48 -71.48
C ALA Y 98 -84.04 73.90 -70.88
N THR Y 99 -84.89 74.56 -71.67
CA THR Y 99 -86.21 74.98 -71.22
C THR Y 99 -87.32 74.39 -72.07
N SER Y 100 -87.00 73.37 -72.87
CA SER Y 100 -87.97 72.73 -73.73
C SER Y 100 -88.70 71.61 -72.99
N SER Y 101 -89.62 70.94 -73.68
CA SER Y 101 -90.27 69.77 -73.11
C SER Y 101 -89.31 68.61 -72.90
N VAL Y 102 -88.16 68.63 -73.57
CA VAL Y 102 -87.16 67.59 -73.39
C VAL Y 102 -86.67 67.57 -71.95
N THR Y 103 -86.37 68.74 -71.40
CA THR Y 103 -85.92 68.84 -70.02
C THR Y 103 -87.00 68.35 -69.05
N LEU Y 104 -88.24 68.77 -69.27
CA LEU Y 104 -89.33 68.35 -68.40
C LEU Y 104 -89.52 66.84 -68.44
N ASP Y 105 -89.48 66.26 -69.63
CA ASP Y 105 -89.64 64.82 -69.77
C ASP Y 105 -88.49 64.06 -69.10
N LEU Y 106 -87.26 64.55 -69.28
CA LEU Y 106 -86.13 63.89 -68.64
C LEU Y 106 -86.22 63.98 -67.13
N ALA Y 107 -86.65 65.13 -66.60
CA ALA Y 107 -86.70 65.31 -65.15
C ALA Y 107 -87.81 64.49 -64.52
N THR Y 108 -89.01 64.51 -65.10
CA THR Y 108 -90.16 63.91 -64.45
C THR Y 108 -90.49 62.50 -64.93
N LYS Y 109 -89.89 62.03 -66.01
CA LYS Y 109 -90.16 60.70 -66.53
C LYS Y 109 -88.90 59.91 -66.88
N GLY Y 110 -87.73 60.53 -66.84
CA GLY Y 110 -86.52 59.86 -67.25
C GLY Y 110 -86.46 59.51 -68.71
N VAL Y 111 -86.95 60.40 -69.58
CA VAL Y 111 -86.96 60.14 -71.02
C VAL Y 111 -85.66 60.65 -71.62
N ILE Y 112 -84.89 59.75 -72.22
CA ILE Y 112 -83.62 60.08 -72.85
C ILE Y 112 -83.68 59.91 -74.36
N HIS Y 113 -84.81 59.49 -74.91
CA HIS Y 113 -85.01 59.36 -76.35
C HIS Y 113 -86.02 60.41 -76.79
N LEU Y 114 -85.57 61.45 -77.50
CA LEU Y 114 -86.46 62.52 -77.95
C LEU Y 114 -86.85 62.26 -79.41
N SER Y 115 -87.65 61.23 -79.60
CA SER Y 115 -88.22 60.92 -80.91
C SER Y 115 -89.49 61.73 -81.14
N ASP Y 116 -89.80 61.99 -82.41
CA ASP Y 116 -89.04 61.67 -83.61
C ASP Y 116 -89.05 62.86 -84.57
N ALA Y 117 -89.92 63.83 -84.29
CA ALA Y 117 -90.09 65.00 -85.15
C ALA Y 117 -88.80 65.80 -85.30
N LEU Z 1 -85.46 65.33 -85.68
CA LEU Z 1 -84.86 65.18 -84.36
C LEU Z 1 -84.20 66.49 -83.93
N SER Z 2 -84.81 67.18 -82.97
CA SER Z 2 -84.34 68.48 -82.54
C SER Z 2 -84.43 68.59 -81.02
N ILE Z 3 -83.48 69.32 -80.45
CA ILE Z 3 -83.51 69.70 -79.04
C ILE Z 3 -83.49 71.21 -79.00
N GLY Z 4 -84.57 71.81 -78.50
CA GLY Z 4 -84.73 73.24 -78.57
C GLY Z 4 -84.84 73.72 -80.00
N THR Z 5 -83.93 74.60 -80.41
CA THR Z 5 -83.87 75.06 -81.80
C THR Z 5 -82.77 74.37 -82.60
N LYS Z 6 -82.02 73.45 -81.98
CA LYS Z 6 -80.89 72.79 -82.62
C LYS Z 6 -81.30 71.41 -83.10
N ASN Z 7 -81.17 71.16 -84.40
CA ASN Z 7 -81.36 69.82 -84.93
C ASN Z 7 -80.17 68.95 -84.57
N VAL Z 8 -80.45 67.72 -84.14
CA VAL Z 8 -79.42 66.79 -83.71
C VAL Z 8 -79.73 65.42 -84.31
N SER Z 9 -78.73 64.54 -84.24
CA SER Z 9 -78.87 63.15 -84.65
C SER Z 9 -78.30 62.25 -83.55
N ILE Z 10 -78.78 61.02 -83.51
CA ILE Z 10 -78.28 60.06 -82.52
C ILE Z 10 -76.82 59.75 -82.81
N TYR Z 11 -75.96 59.99 -81.82
CA TYR Z 11 -74.53 59.73 -81.95
C TYR Z 11 -74.11 58.48 -81.21
N ARG Z 12 -74.54 58.33 -79.95
CA ARG Z 12 -74.24 57.12 -79.19
C ARG Z 12 -75.43 56.81 -78.30
N ASN Z 13 -75.63 55.51 -78.04
CA ASN Z 13 -76.84 55.04 -77.36
C ASN Z 13 -76.45 53.92 -76.39
N THR Z 14 -76.49 54.23 -75.10
CA THR Z 14 -76.34 53.23 -74.05
C THR Z 14 -77.68 53.05 -73.33
N ALA Z 15 -77.67 52.23 -72.27
CA ALA Z 15 -78.91 51.90 -71.58
C ALA Z 15 -79.52 53.12 -70.92
N ASP Z 16 -78.73 53.95 -70.25
CA ASP Z 16 -79.23 55.09 -69.51
C ASP Z 16 -78.70 56.43 -69.99
N GLU Z 17 -77.96 56.45 -71.10
CA GLU Z 17 -77.46 57.71 -71.66
C GLU Z 17 -77.55 57.65 -73.18
N VAL Z 18 -78.04 58.73 -73.77
CA VAL Z 18 -78.03 58.90 -75.22
C VAL Z 18 -77.32 60.22 -75.52
N ILE Z 19 -76.27 60.14 -76.33
CA ILE Z 19 -75.53 61.32 -76.77
C ILE Z 19 -75.95 61.65 -78.18
N TYR Z 20 -76.41 62.88 -78.40
CA TYR Z 20 -76.77 63.40 -79.70
C TYR Z 20 -75.73 64.41 -80.16
N ALA Z 21 -75.51 64.45 -81.47
CA ALA Z 21 -74.49 65.31 -82.06
C ALA Z 21 -75.17 66.41 -82.88
N GLY Z 22 -74.70 67.64 -82.73
CA GLY Z 22 -75.18 68.74 -83.53
C GLY Z 22 -74.64 68.66 -84.94
N PRO Z 23 -75.10 69.56 -85.81
CA PRO Z 23 -74.64 69.53 -87.21
C PRO Z 23 -73.14 69.73 -87.35
N ALA Z 24 -72.53 70.51 -86.45
CA ALA Z 24 -71.11 70.80 -86.54
C ALA Z 24 -70.23 69.73 -85.91
N HIS Z 25 -70.80 68.80 -85.15
CA HIS Z 25 -69.98 67.82 -84.44
C HIS Z 25 -69.18 66.97 -85.42
N ASP Z 26 -67.90 66.76 -85.09
CA ASP Z 26 -67.01 65.97 -85.91
C ASP Z 26 -65.92 65.39 -85.02
N VAL Z 27 -64.87 64.85 -85.65
CA VAL Z 27 -63.79 64.20 -84.91
C VAL Z 27 -62.91 65.18 -84.15
N THR Z 28 -62.91 66.46 -84.53
CA THR Z 28 -62.09 67.46 -83.85
C THR Z 28 -62.90 68.56 -83.18
N ASN Z 29 -64.15 68.78 -83.57
CA ASN Z 29 -65.03 69.76 -82.95
C ASN Z 29 -66.11 69.02 -82.18
N VAL Z 30 -66.24 69.32 -80.90
CA VAL Z 30 -67.26 68.71 -80.06
C VAL Z 30 -68.49 69.60 -80.03
N ASP Z 31 -69.64 69.05 -80.43
CA ASP Z 31 -70.93 69.73 -80.32
C ASP Z 31 -71.94 68.65 -79.97
N THR Z 32 -72.17 68.46 -78.67
CA THR Z 32 -72.95 67.31 -78.22
C THR Z 32 -73.95 67.71 -77.14
N VAL Z 33 -75.10 67.03 -77.15
CA VAL Z 33 -76.10 67.11 -76.10
C VAL Z 33 -76.32 65.70 -75.59
N SER Z 34 -75.96 65.47 -74.33
CA SER Z 34 -76.16 64.17 -73.69
C SER Z 34 -77.40 64.21 -72.80
N LEU Z 35 -78.21 63.15 -72.89
CA LEU Z 35 -79.32 62.93 -71.98
C LEU Z 35 -79.00 61.69 -71.17
N ARG Z 36 -78.79 61.86 -69.87
CA ARG Z 36 -78.43 60.78 -68.98
C ARG Z 36 -79.45 60.69 -67.85
N ARG Z 37 -79.70 59.47 -67.38
CA ARG Z 37 -80.63 59.28 -66.28
C ARG Z 37 -80.06 58.28 -65.29
N SER Z 38 -80.38 58.52 -64.02
CA SER Z 38 -80.15 57.56 -62.95
C SER Z 38 -81.51 57.18 -62.39
N LEU Z 39 -81.90 55.94 -62.60
CA LEU Z 39 -83.23 55.48 -62.21
C LEU Z 39 -83.32 55.31 -60.71
N PRO Z 40 -84.51 55.53 -60.14
CA PRO Z 40 -84.67 55.42 -58.68
C PRO Z 40 -84.33 54.02 -58.18
N VAL Z 41 -83.55 53.96 -57.11
CA VAL Z 41 -83.18 52.70 -56.48
C VAL Z 41 -83.91 52.62 -55.15
N LYS Z 42 -84.81 51.64 -55.01
CA LYS Z 42 -85.60 51.48 -53.79
C LYS Z 42 -84.66 50.87 -52.75
N LYS Z 43 -84.32 51.65 -51.75
CA LYS Z 43 -83.48 51.21 -50.64
C LYS Z 43 -84.17 51.53 -49.33
N GLY Z 44 -84.42 50.49 -48.53
CA GLY Z 44 -85.09 50.70 -47.25
C GLY Z 44 -86.50 51.24 -47.46
N SER Z 45 -86.90 52.16 -46.59
CA SER Z 45 -88.21 52.79 -46.71
C SER Z 45 -88.25 53.89 -47.76
N ASP Z 46 -87.08 54.33 -48.25
CA ASP Z 46 -87.03 55.35 -49.28
C ASP Z 46 -87.21 54.72 -50.65
N ASN Z 47 -88.13 55.28 -51.43
CA ASN Z 47 -88.43 54.75 -52.77
C ASN Z 47 -87.40 55.16 -53.80
N GLY Z 48 -86.45 56.03 -53.46
CA GLY Z 48 -85.41 56.44 -54.37
C GLY Z 48 -85.67 57.80 -54.99
N THR Z 49 -84.79 58.15 -55.91
CA THR Z 49 -84.83 59.45 -56.57
C THR Z 49 -84.40 59.29 -58.02
N MET Z 50 -85.17 59.86 -58.94
CA MET Z 50 -84.80 59.89 -60.34
C MET Z 50 -83.90 61.09 -60.59
N ARG Z 51 -82.73 60.85 -61.18
CA ARG Z 51 -81.81 61.91 -61.54
C ARG Z 51 -81.79 62.06 -63.06
N GLY Z 52 -81.99 63.29 -63.53
CA GLY Z 52 -81.92 63.56 -64.95
C GLY Z 52 -80.88 64.61 -65.27
N ASN Z 53 -79.89 64.25 -66.10
CA ASN Z 53 -78.80 65.14 -66.45
C ASN Z 53 -78.86 65.45 -67.93
N MET Z 54 -78.76 66.74 -68.26
CA MET Z 54 -78.73 67.22 -69.63
C MET Z 54 -77.43 67.98 -69.81
N ASN Z 55 -76.54 67.44 -70.64
CA ASN Z 55 -75.18 67.95 -70.78
C ASN Z 55 -75.01 68.60 -72.15
N PHE Z 56 -74.49 69.81 -72.17
CA PHE Z 56 -74.15 70.52 -73.39
C PHE Z 56 -72.64 70.66 -73.44
N ALA Z 57 -72.01 70.12 -74.48
CA ALA Z 57 -70.57 70.21 -74.64
C ALA Z 57 -70.25 70.87 -75.97
N LYS Z 58 -69.38 71.88 -75.93
CA LYS Z 58 -68.99 72.62 -77.13
C LYS Z 58 -67.51 72.93 -77.09
N SER Z 59 -66.85 72.79 -78.24
CA SER Z 59 -65.45 73.16 -78.38
C SER Z 59 -65.32 74.65 -78.68
N PHE Z 60 -64.34 75.30 -78.06
CA PHE Z 60 -64.13 76.72 -78.24
C PHE Z 60 -62.64 77.00 -78.42
N PRO Z 61 -62.29 77.99 -79.24
CA PRO Z 61 -60.88 78.40 -79.34
C PRO Z 61 -60.40 79.03 -78.05
N ASN Z 62 -59.37 78.43 -77.45
CA ASN Z 62 -58.74 78.95 -76.23
C ASN Z 62 -57.28 79.21 -76.61
N GLY Z 63 -56.98 80.47 -76.91
CA GLY Z 63 -55.66 80.84 -77.38
C GLY Z 63 -55.29 80.10 -78.65
N ASP Z 64 -54.36 79.16 -78.52
CA ASP Z 64 -53.97 78.33 -79.65
C ASP Z 64 -54.69 76.99 -79.67
N LYS Z 65 -55.11 76.50 -78.52
CA LYS Z 65 -55.71 75.17 -78.41
C LYS Z 65 -57.23 75.28 -78.42
N LYS Z 66 -57.90 74.17 -78.14
CA LYS Z 66 -59.35 74.14 -78.01
C LYS Z 66 -59.73 73.67 -76.62
N SER Z 67 -60.70 74.35 -76.02
CA SER Z 67 -61.19 74.03 -74.69
C SER Z 67 -62.64 73.59 -74.78
N LEU Z 68 -63.05 72.72 -73.85
CA LEU Z 68 -64.40 72.21 -73.82
C LEU Z 68 -65.22 72.99 -72.80
N VAL Z 69 -66.26 73.68 -73.28
CA VAL Z 69 -67.22 74.35 -72.41
C VAL Z 69 -68.40 73.42 -72.22
N VAL Z 70 -68.75 73.18 -70.95
CA VAL Z 70 -69.79 72.22 -70.58
C VAL Z 70 -70.82 72.93 -69.71
N VAL Z 71 -72.09 72.73 -70.04
CA VAL Z 71 -73.21 73.21 -69.24
C VAL Z 71 -74.05 72.01 -68.84
N ASN Z 72 -74.24 71.82 -67.54
CA ASN Z 72 -75.03 70.70 -67.02
C ASN Z 72 -76.31 71.21 -66.41
N LEU Z 73 -77.42 70.54 -66.74
CA LEU Z 73 -78.71 70.80 -66.11
C LEU Z 73 -79.17 69.49 -65.46
N THR Z 74 -79.17 69.45 -64.13
CA THR Z 74 -79.47 68.23 -63.39
C THR Z 74 -80.70 68.45 -62.52
N ALA Z 75 -81.61 67.49 -62.56
CA ALA Z 75 -82.80 67.49 -61.72
C ALA Z 75 -82.84 66.23 -60.87
N HIS Z 76 -83.23 66.39 -59.61
CA HIS Z 76 -83.36 65.28 -58.67
C HIS Z 76 -84.81 65.27 -58.18
N VAL Z 77 -85.59 64.29 -58.64
CA VAL Z 77 -87.00 64.21 -58.30
C VAL Z 77 -87.23 62.95 -57.47
N PRO Z 78 -87.61 63.08 -56.19
CA PRO Z 78 -87.89 61.89 -55.39
C PRO Z 78 -89.16 61.19 -55.86
N VAL Z 79 -89.18 59.86 -55.71
CA VAL Z 79 -90.35 59.08 -56.07
C VAL Z 79 -91.48 59.38 -55.08
N GLY Z 80 -92.69 59.57 -55.62
CA GLY Z 80 -93.85 59.87 -54.83
C GLY Z 80 -94.38 61.27 -55.00
N VAL Z 81 -93.63 62.14 -55.64
CA VAL Z 81 -94.06 63.51 -55.88
C VAL Z 81 -94.91 63.56 -57.14
N ASP Z 82 -95.87 64.48 -57.17
CA ASP Z 82 -96.70 64.65 -58.34
C ASP Z 82 -95.89 65.27 -59.48
N ALA Z 83 -95.86 64.58 -60.62
CA ALA Z 83 -95.05 65.03 -61.73
C ALA Z 83 -95.57 66.33 -62.34
N THR Z 84 -96.90 66.51 -62.38
CA THR Z 84 -97.46 67.73 -62.94
C THR Z 84 -97.06 68.95 -62.12
N ALA Z 85 -97.07 68.83 -60.79
CA ALA Z 85 -96.65 69.94 -59.95
C ALA Z 85 -95.19 70.31 -60.19
N VAL Z 86 -94.32 69.30 -60.31
CA VAL Z 86 -92.91 69.56 -60.55
C VAL Z 86 -92.72 70.21 -61.92
N ARG Z 87 -93.45 69.75 -62.93
CA ARG Z 87 -93.34 70.35 -64.25
C ARG Z 87 -93.80 71.81 -64.24
N THR Z 88 -94.90 72.09 -63.54
CA THR Z 88 -95.38 73.47 -63.44
C THR Z 88 -94.37 74.36 -62.72
N TRP Z 89 -93.78 73.85 -61.62
CA TRP Z 89 -92.77 74.63 -60.91
C TRP Z 89 -91.55 74.87 -61.78
N MET Z 90 -91.09 73.85 -62.51
CA MET Z 90 -89.94 74.02 -63.39
C MET Z 90 -90.21 75.02 -64.50
N THR Z 91 -91.40 74.97 -65.08
CA THR Z 91 -91.75 75.90 -66.15
C THR Z 91 -91.88 77.33 -65.65
N SER Z 92 -92.56 77.54 -64.52
CA SER Z 92 -92.87 78.89 -64.07
C SER Z 92 -91.76 79.54 -63.25
N GLU Z 93 -90.95 78.76 -62.55
CA GLU Z 93 -89.99 79.33 -61.61
C GLU Z 93 -88.54 78.99 -61.92
N VAL Z 94 -88.26 77.79 -62.40
CA VAL Z 94 -86.88 77.38 -62.66
C VAL Z 94 -86.41 77.89 -64.01
N PHE Z 95 -87.21 77.68 -65.05
CA PHE Z 95 -86.79 78.03 -66.41
C PHE Z 95 -86.53 79.52 -66.61
N PRO Z 96 -87.42 80.44 -66.20
CA PRO Z 96 -87.11 81.86 -66.40
C PRO Z 96 -85.85 82.32 -65.70
N GLY Z 97 -85.57 81.81 -64.50
CA GLY Z 97 -84.36 82.22 -63.79
C GLY Z 97 -83.11 81.57 -64.31
N ALA Z 98 -83.21 80.33 -64.82
CA ALA Z 98 -82.03 79.62 -65.30
C ALA Z 98 -81.51 80.19 -66.63
N THR Z 99 -82.37 80.83 -67.41
CA THR Z 99 -81.98 81.38 -68.71
C THR Z 99 -82.01 82.90 -68.71
N SER Z 100 -81.68 83.51 -67.57
CA SER Z 100 -81.65 84.96 -67.43
C SER Z 100 -80.20 85.45 -67.48
N SER Z 101 -80.04 86.76 -67.30
CA SER Z 101 -78.70 87.34 -67.27
C SER Z 101 -77.91 86.90 -66.05
N VAL Z 102 -78.59 86.41 -65.00
CA VAL Z 102 -77.89 85.95 -63.80
C VAL Z 102 -77.00 84.77 -64.13
N THR Z 103 -77.49 83.83 -64.94
CA THR Z 103 -76.69 82.66 -65.31
C THR Z 103 -75.45 83.08 -66.09
N LEU Z 104 -75.61 83.98 -67.06
CA LEU Z 104 -74.48 84.43 -67.86
C LEU Z 104 -73.46 85.17 -67.01
N ASP Z 105 -73.93 86.03 -66.11
CA ASP Z 105 -73.02 86.78 -65.25
C ASP Z 105 -72.28 85.85 -64.29
N LEU Z 106 -72.97 84.83 -63.76
CA LEU Z 106 -72.29 83.85 -62.91
C LEU Z 106 -71.26 83.06 -63.70
N ALA Z 107 -71.58 82.70 -64.93
CA ALA Z 107 -70.67 81.89 -65.74
C ALA Z 107 -69.41 82.66 -66.11
N THR Z 108 -69.57 83.89 -66.61
CA THR Z 108 -68.45 84.62 -67.19
C THR Z 108 -67.84 85.65 -66.24
N LYS Z 109 -68.40 85.86 -65.06
CA LYS Z 109 -67.86 86.84 -64.12
C LYS Z 109 -67.80 86.36 -62.69
N GLY Z 110 -68.40 85.23 -62.35
CA GLY Z 110 -68.45 84.80 -60.97
C GLY Z 110 -69.28 85.68 -60.07
N VAL Z 111 -70.38 86.22 -60.59
CA VAL Z 111 -71.24 87.10 -59.81
C VAL Z 111 -72.26 86.25 -59.05
N ILE Z 112 -72.19 86.29 -57.72
CA ILE Z 112 -73.15 85.58 -56.88
C ILE Z 112 -74.02 86.52 -56.06
N HIS Z 113 -73.65 87.80 -55.95
CA HIS Z 113 -74.44 88.80 -55.25
C HIS Z 113 -75.30 89.54 -56.25
N LEU Z 114 -76.61 89.45 -56.10
CA LEU Z 114 -77.55 90.03 -57.05
C LEU Z 114 -77.81 91.49 -56.71
N SER Z 115 -78.23 92.26 -57.71
CA SER Z 115 -78.54 93.67 -57.55
C SER Z 115 -79.45 94.12 -58.67
N ASP Z 116 -80.27 95.14 -58.39
CA ASP Z 116 -80.53 95.73 -57.08
C ASP Z 116 -82.01 96.04 -56.92
N ALA Z 117 -82.73 96.00 -58.04
CA ALA Z 117 -84.15 96.34 -58.05
C ALA Z 117 -85.03 95.11 -58.15
N LEU AA 1 -54.48 46.33 -117.79
CA LEU AA 1 -54.75 45.82 -116.45
C LEU AA 1 -55.63 46.80 -115.70
N SER AA 2 -56.87 46.40 -115.42
CA SER AA 2 -57.86 47.28 -114.82
C SER AA 2 -58.50 46.63 -113.61
N ILE AA 3 -58.70 47.45 -112.57
CA ILE AA 3 -59.51 47.08 -111.41
C ILE AA 3 -60.56 48.18 -111.28
N GLY AA 4 -61.73 47.96 -111.87
CA GLY AA 4 -62.72 49.02 -111.97
C GLY AA 4 -62.42 49.93 -113.14
N THR AA 5 -62.28 51.22 -112.87
CA THR AA 5 -61.86 52.19 -113.88
C THR AA 5 -60.39 52.57 -113.74
N LYS AA 6 -59.66 51.91 -112.84
CA LYS AA 6 -58.27 52.24 -112.54
C LYS AA 6 -57.34 51.35 -113.35
N ASN AA 7 -56.35 51.95 -114.00
CA ASN AA 7 -55.31 51.22 -114.69
C ASN AA 7 -54.17 50.95 -113.73
N VAL AA 8 -53.89 49.68 -113.46
CA VAL AA 8 -52.87 49.28 -112.50
C VAL AA 8 -51.82 48.43 -113.20
N SER AA 9 -50.70 48.23 -112.51
CA SER AA 9 -49.64 47.35 -112.97
C SER AA 9 -49.19 46.48 -111.81
N ILE AA 10 -48.66 45.31 -112.14
CA ILE AA 10 -48.17 44.41 -111.11
C ILE AA 10 -47.00 45.04 -110.40
N TYR AA 11 -47.09 45.14 -109.07
CA TYR AA 11 -46.04 45.72 -108.25
C TYR AA 11 -45.37 44.70 -107.35
N ARG AA 12 -46.13 43.77 -106.78
CA ARG AA 12 -45.55 42.71 -105.98
C ARG AA 12 -46.34 41.43 -106.21
N ASN AA 13 -45.63 40.31 -106.36
CA ASN AA 13 -46.27 39.04 -106.69
C ASN AA 13 -45.75 37.98 -105.73
N THR AA 14 -46.61 37.52 -104.82
CA THR AA 14 -46.30 36.44 -103.90
C THR AA 14 -47.26 35.29 -104.13
N ALA AA 15 -47.12 34.24 -103.30
CA ALA AA 15 -47.92 33.04 -103.48
C ALA AA 15 -49.41 33.32 -103.31
N ASP AA 16 -49.78 34.11 -102.30
CA ASP AA 16 -51.18 34.30 -101.96
C ASP AA 16 -51.57 35.77 -101.93
N GLU AA 17 -50.76 36.65 -102.50
CA GLU AA 17 -51.07 38.08 -102.49
C GLU AA 17 -50.39 38.74 -103.67
N VAL AA 18 -51.14 39.53 -104.42
CA VAL AA 18 -50.62 40.34 -105.52
C VAL AA 18 -50.97 41.78 -105.26
N ILE AA 19 -49.97 42.64 -105.19
CA ILE AA 19 -50.16 44.08 -105.02
C ILE AA 19 -50.00 44.75 -106.38
N TYR AA 20 -51.04 45.46 -106.80
CA TYR AA 20 -51.02 46.28 -108.01
C TYR AA 20 -50.92 47.75 -107.61
N ALA AA 21 -50.20 48.53 -108.41
CA ALA AA 21 -49.96 49.92 -108.12
C ALA AA 21 -50.68 50.80 -109.13
N GLY AA 22 -51.29 51.88 -108.63
CA GLY AA 22 -51.97 52.83 -109.48
C GLY AA 22 -51.00 53.82 -110.09
N PRO AA 23 -51.50 54.72 -110.93
CA PRO AA 23 -50.61 55.70 -111.59
C PRO AA 23 -49.93 56.64 -110.61
N ALA AA 24 -50.48 56.83 -109.42
CA ALA AA 24 -49.94 57.77 -108.45
C ALA AA 24 -49.06 57.09 -107.40
N HIS AA 25 -48.70 55.83 -107.61
CA HIS AA 25 -47.87 55.10 -106.67
C HIS AA 25 -46.39 55.27 -107.01
N ASP AA 26 -45.59 55.51 -105.97
CA ASP AA 26 -44.15 55.66 -106.11
C ASP AA 26 -43.51 55.35 -104.76
N VAL AA 27 -42.23 55.72 -104.61
CA VAL AA 27 -41.51 55.42 -103.38
C VAL AA 27 -42.09 56.15 -102.17
N THR AA 28 -42.54 57.39 -102.33
CA THR AA 28 -43.00 58.19 -101.21
C THR AA 28 -44.52 58.28 -101.06
N ASN AA 29 -45.28 57.88 -102.07
CA ASN AA 29 -46.74 57.91 -102.02
C ASN AA 29 -47.30 56.52 -102.24
N VAL AA 30 -48.42 56.24 -101.59
CA VAL AA 30 -49.07 54.93 -101.66
C VAL AA 30 -50.35 55.06 -102.45
N ASP AA 31 -50.46 54.28 -103.53
CA ASP AA 31 -51.71 54.12 -104.27
C ASP AA 31 -51.72 52.67 -104.75
N THR AA 32 -52.32 51.79 -103.95
CA THR AA 32 -52.21 50.36 -104.20
C THR AA 32 -53.55 49.66 -104.03
N VAL AA 33 -53.72 48.58 -104.79
CA VAL AA 33 -54.82 47.64 -104.61
C VAL AA 33 -54.21 46.26 -104.47
N SER AA 34 -54.44 45.62 -103.33
CA SER AA 34 -53.86 44.30 -103.03
C SER AA 34 -54.96 43.25 -103.04
N LEU AA 35 -54.75 42.20 -103.81
CA LEU AA 35 -55.61 41.03 -103.79
C LEU AA 35 -54.94 39.95 -102.96
N ARG AA 36 -55.66 39.45 -101.95
CA ARG AA 36 -55.15 38.44 -101.04
C ARG AA 36 -56.15 37.29 -100.96
N ARG AA 37 -55.63 36.10 -100.72
CA ARG AA 37 -56.49 34.93 -100.65
C ARG AA 37 -55.98 33.98 -99.58
N SER AA 38 -56.92 33.23 -99.02
CA SER AA 38 -56.64 32.11 -98.13
C SER AA 38 -57.44 30.93 -98.65
N LEU AA 39 -56.74 29.95 -99.20
CA LEU AA 39 -57.37 28.80 -99.84
C LEU AA 39 -57.93 27.84 -98.80
N PRO AA 40 -58.98 27.11 -99.15
CA PRO AA 40 -59.59 26.19 -98.18
C PRO AA 40 -58.60 25.13 -97.71
N VAL AA 41 -58.68 24.79 -96.42
CA VAL AA 41 -57.87 23.76 -95.82
C VAL AA 41 -58.81 22.64 -95.40
N LYS AA 42 -58.63 21.45 -95.98
CA LYS AA 42 -59.48 20.30 -95.69
C LYS AA 42 -59.09 19.75 -94.32
N LYS AA 43 -59.57 20.45 -93.28
CA LYS AA 43 -59.26 20.09 -91.91
C LYS AA 43 -60.35 19.18 -91.36
N GLY AA 44 -60.00 17.93 -91.07
CA GLY AA 44 -60.98 16.97 -90.58
C GLY AA 44 -62.07 16.75 -91.61
N SER AA 45 -63.32 16.79 -91.15
CA SER AA 45 -64.47 16.65 -92.04
C SER AA 45 -64.89 17.96 -92.69
N ASP AA 46 -64.53 19.09 -92.10
CA ASP AA 46 -64.84 20.38 -92.70
C ASP AA 46 -64.03 20.56 -93.99
N ASN AA 47 -64.71 20.98 -95.05
CA ASN AA 47 -64.04 21.18 -96.34
C ASN AA 47 -63.28 22.50 -96.41
N GLY AA 48 -63.37 23.34 -95.40
CA GLY AA 48 -62.64 24.59 -95.38
C GLY AA 48 -63.47 25.78 -95.82
N THR AA 49 -62.79 26.92 -95.92
CA THR AA 49 -63.41 28.17 -96.30
C THR AA 49 -62.47 28.94 -97.21
N MET AA 50 -62.99 29.49 -98.29
CA MET AA 50 -62.24 30.38 -99.17
C MET AA 50 -62.35 31.80 -98.63
N ARG AA 51 -61.21 32.43 -98.36
CA ARG AA 51 -61.18 33.81 -97.90
C ARG AA 51 -60.59 34.68 -98.99
N GLY AA 52 -61.31 35.73 -99.37
CA GLY AA 52 -60.82 36.70 -100.34
C GLY AA 52 -60.73 38.07 -99.70
N ASN AA 53 -59.71 38.83 -100.10
CA ASN AA 53 -59.46 40.14 -99.52
C ASN AA 53 -59.06 41.11 -100.62
N MET AA 54 -59.75 42.23 -100.69
CA MET AA 54 -59.38 43.34 -101.57
C MET AA 54 -59.05 44.54 -100.70
N ASN AA 55 -57.82 45.02 -100.81
CA ASN AA 55 -57.32 46.12 -100.00
C ASN AA 55 -57.03 47.31 -100.88
N PHE AA 56 -57.55 48.48 -100.49
CA PHE AA 56 -57.27 49.73 -101.18
C PHE AA 56 -56.51 50.63 -100.22
N ALA AA 57 -55.34 51.11 -100.65
CA ALA AA 57 -54.51 51.95 -99.82
C ALA AA 57 -54.15 53.21 -100.59
N LYS AA 58 -54.39 54.37 -99.98
CA LYS AA 58 -54.03 55.64 -100.59
C LYS AA 58 -53.40 56.55 -99.54
N SER AA 59 -52.57 57.46 -100.01
CA SER AA 59 -51.96 58.47 -99.15
C SER AA 59 -52.69 59.79 -99.29
N PHE AA 60 -52.86 60.49 -98.17
CA PHE AA 60 -53.62 61.73 -98.13
C PHE AA 60 -52.88 62.74 -97.27
N PRO AA 61 -52.98 64.03 -97.60
CA PRO AA 61 -52.39 65.06 -96.73
C PRO AA 61 -53.10 65.11 -95.38
N ASN AA 62 -52.31 64.97 -94.31
CA ASN AA 62 -52.80 65.01 -92.93
C ASN AA 62 -52.01 66.11 -92.24
N GLY AA 63 -52.53 67.33 -92.30
CA GLY AA 63 -51.82 68.47 -91.73
C GLY AA 63 -50.45 68.65 -92.36
N ASP AA 64 -49.41 68.33 -91.59
CA ASP AA 64 -48.05 68.40 -92.12
C ASP AA 64 -47.64 67.09 -92.78
N LYS AA 65 -48.07 65.96 -92.22
CA LYS AA 65 -47.60 64.66 -92.66
C LYS AA 65 -48.54 64.08 -93.71
N LYS AA 66 -48.35 62.80 -94.04
CA LYS AA 66 -49.20 62.11 -95.00
C LYS AA 66 -49.70 60.82 -94.37
N SER AA 67 -51.01 60.68 -94.28
CA SER AA 67 -51.65 59.54 -93.63
C SER AA 67 -52.18 58.55 -94.65
N LEU AA 68 -52.28 57.30 -94.23
CA LEU AA 68 -52.71 56.21 -95.10
C LEU AA 68 -54.17 55.87 -94.82
N VAL AA 69 -55.01 56.00 -95.84
CA VAL AA 69 -56.41 55.60 -95.77
C VAL AA 69 -56.53 54.24 -96.45
N VAL AA 70 -57.13 53.28 -95.74
CA VAL AA 70 -57.23 51.90 -96.19
C VAL AA 70 -58.69 51.48 -96.15
N VAL AA 71 -59.17 50.90 -97.24
CA VAL AA 71 -60.50 50.30 -97.33
C VAL AA 71 -60.32 48.82 -97.59
N ASN AA 72 -60.85 47.99 -96.69
CA ASN AA 72 -60.76 46.55 -96.81
C ASN AA 72 -62.11 45.97 -97.21
N LEU AA 73 -62.08 44.90 -97.99
CA LEU AA 73 -63.28 44.19 -98.40
C LEU AA 73 -62.97 42.70 -98.39
N THR AA 74 -63.50 41.99 -97.40
CA THR AA 74 -63.19 40.58 -97.18
C THR AA 74 -64.44 39.73 -97.32
N ALA AA 75 -64.32 38.62 -98.03
CA ALA AA 75 -65.41 37.67 -98.21
C ALA AA 75 -64.99 36.30 -97.70
N HIS AA 76 -65.89 35.64 -96.98
CA HIS AA 76 -65.67 34.29 -96.47
C HIS AA 76 -66.74 33.39 -97.07
N VAL AA 77 -66.34 32.45 -97.92
CA VAL AA 77 -67.28 31.55 -98.57
C VAL AA 77 -66.94 30.11 -98.17
N PRO AA 78 -67.80 29.44 -97.40
CA PRO AA 78 -67.52 28.04 -97.05
C PRO AA 78 -67.58 27.14 -98.28
N VAL AA 79 -66.77 26.09 -98.26
CA VAL AA 79 -66.72 25.15 -99.38
C VAL AA 79 -68.00 24.32 -99.41
N GLY AA 80 -68.57 24.15 -100.60
CA GLY AA 80 -69.80 23.42 -100.81
C GLY AA 80 -70.99 24.32 -101.08
N VAL AA 81 -70.93 25.58 -100.63
CA VAL AA 81 -71.99 26.52 -100.93
C VAL AA 81 -71.97 26.82 -102.43
N ASP AA 82 -73.16 26.83 -103.04
CA ASP AA 82 -73.27 27.10 -104.46
C ASP AA 82 -72.71 28.48 -104.78
N ALA AA 83 -71.80 28.53 -105.75
CA ALA AA 83 -71.10 29.78 -106.06
C ALA AA 83 -72.02 30.79 -106.74
N THR AA 84 -72.91 30.32 -107.62
CA THR AA 84 -73.79 31.23 -108.35
C THR AA 84 -74.72 31.97 -107.40
N ALA AA 85 -75.26 31.27 -106.40
CA ALA AA 85 -76.12 31.93 -105.42
C ALA AA 85 -75.36 33.00 -104.65
N VAL AA 86 -74.12 32.71 -104.25
CA VAL AA 86 -73.31 33.71 -103.55
C VAL AA 86 -73.05 34.91 -104.46
N ARG AA 87 -72.75 34.66 -105.73
CA ARG AA 87 -72.42 35.75 -106.63
C ARG AA 87 -73.64 36.64 -106.89
N THR AA 88 -74.82 36.05 -107.07
CA THR AA 88 -76.00 36.88 -107.27
C THR AA 88 -76.41 37.59 -105.99
N TRP AA 89 -76.14 36.98 -104.82
CA TRP AA 89 -76.38 37.67 -103.56
C TRP AA 89 -75.49 38.89 -103.41
N MET AA 90 -74.20 38.75 -103.74
CA MET AA 90 -73.30 39.90 -103.69
C MET AA 90 -73.71 40.96 -104.71
N THR AA 91 -74.07 40.54 -105.92
CA THR AA 91 -74.41 41.50 -106.97
C THR AA 91 -75.68 42.27 -106.63
N SER AA 92 -76.67 41.60 -106.05
CA SER AA 92 -77.97 42.21 -105.81
C SER AA 92 -78.13 42.80 -104.42
N GLU AA 93 -77.54 42.18 -103.40
CA GLU AA 93 -77.78 42.58 -102.02
C GLU AA 93 -76.59 43.23 -101.33
N VAL AA 94 -75.36 42.81 -101.65
CA VAL AA 94 -74.20 43.31 -100.92
C VAL AA 94 -73.63 44.54 -101.59
N PHE AA 95 -73.40 44.48 -102.89
CA PHE AA 95 -72.76 45.56 -103.63
C PHE AA 95 -73.55 46.87 -103.62
N PRO AA 96 -74.87 46.87 -103.90
CA PRO AA 96 -75.60 48.14 -103.86
C PRO AA 96 -75.59 48.80 -102.48
N GLY AA 97 -75.62 48.02 -101.41
CA GLY AA 97 -75.57 48.60 -100.08
C GLY AA 97 -74.18 48.98 -99.61
N ALA AA 98 -73.16 48.33 -100.16
CA ALA AA 98 -71.79 48.61 -99.76
C ALA AA 98 -71.20 49.84 -100.46
N THR AA 99 -71.88 50.39 -101.46
CA THR AA 99 -71.39 51.54 -102.21
C THR AA 99 -72.32 52.74 -102.09
N SER AA 100 -73.21 52.75 -101.10
CA SER AA 100 -74.16 53.82 -100.93
C SER AA 100 -73.57 54.91 -100.05
N SER AA 101 -74.38 55.93 -99.72
CA SER AA 101 -73.93 56.97 -98.80
C SER AA 101 -73.75 56.46 -97.39
N VAL AA 102 -74.33 55.31 -97.05
CA VAL AA 102 -74.16 54.73 -95.72
C VAL AA 102 -72.69 54.39 -95.48
N THR AA 103 -72.02 53.84 -96.49
CA THR AA 103 -70.60 53.54 -96.37
C THR AA 103 -69.80 54.81 -96.14
N LEU AA 104 -70.11 55.87 -96.87
CA LEU AA 104 -69.38 57.13 -96.73
C LEU AA 104 -69.57 57.72 -95.34
N ASP AA 105 -70.81 57.73 -94.84
CA ASP AA 105 -71.06 58.26 -93.50
C ASP AA 105 -70.38 57.42 -92.43
N LEU AA 106 -70.41 56.09 -92.58
CA LEU AA 106 -69.74 55.23 -91.62
C LEU AA 106 -68.23 55.41 -91.63
N ALA AA 107 -67.64 55.60 -92.82
CA ALA AA 107 -66.20 55.74 -92.92
C ALA AA 107 -65.72 57.09 -92.41
N THR AA 108 -66.44 58.16 -92.73
CA THR AA 108 -65.98 59.51 -92.38
C THR AA 108 -66.49 59.99 -91.03
N LYS AA 109 -67.70 59.61 -90.64
CA LYS AA 109 -68.28 60.12 -89.41
C LYS AA 109 -68.70 59.03 -88.42
N GLY AA 110 -68.56 57.76 -88.77
CA GLY AA 110 -68.96 56.68 -87.88
C GLY AA 110 -70.45 56.58 -87.63
N VAL AA 111 -71.28 56.89 -88.63
CA VAL AA 111 -72.72 56.84 -88.48
C VAL AA 111 -73.20 55.40 -88.60
N ILE AA 112 -73.87 54.89 -87.56
CA ILE AA 112 -74.38 53.54 -87.54
C ILE AA 112 -75.90 53.48 -87.49
N HIS AA 113 -76.58 54.63 -87.50
CA HIS AA 113 -78.03 54.70 -87.51
C HIS AA 113 -78.47 55.34 -88.81
N LEU AA 114 -79.03 54.54 -89.73
CA LEU AA 114 -79.40 55.02 -91.06
C LEU AA 114 -80.89 55.37 -91.08
N SER AA 115 -81.27 56.34 -90.24
CA SER AA 115 -82.64 56.80 -90.19
C SER AA 115 -82.94 57.71 -91.38
N ASP AA 116 -84.16 57.61 -91.89
CA ASP AA 116 -85.19 56.67 -91.48
C ASP AA 116 -85.85 56.03 -92.70
N ALA AA 117 -85.78 56.71 -93.83
CA ALA AA 117 -86.40 56.25 -95.07
C ALA AA 117 -85.59 55.12 -95.69
N LEU BA 1 3.38 59.23 -123.86
CA LEU BA 1 4.23 58.39 -123.02
C LEU BA 1 4.79 57.21 -123.81
N SER BA 2 6.12 57.10 -123.83
CA SER BA 2 6.78 56.02 -124.55
C SER BA 2 7.95 55.51 -123.72
N ILE BA 3 8.23 54.22 -123.88
CA ILE BA 3 9.38 53.56 -123.27
C ILE BA 3 10.12 52.87 -124.40
N GLY BA 4 11.18 53.50 -124.90
CA GLY BA 4 11.80 53.03 -126.13
C GLY BA 4 10.91 53.31 -127.32
N THR BA 5 10.43 52.25 -127.96
CA THR BA 5 9.52 52.38 -129.10
C THR BA 5 8.09 51.98 -128.77
N LYS BA 6 7.79 51.71 -127.50
CA LYS BA 6 6.48 51.25 -127.08
C LYS BA 6 5.70 52.35 -126.37
N ASN BA 7 4.47 52.59 -126.83
CA ASN BA 7 3.58 53.53 -126.18
C ASN BA 7 2.96 52.89 -124.95
N VAL BA 8 2.98 53.61 -123.84
CA VAL BA 8 2.45 53.12 -122.57
C VAL BA 8 1.54 54.18 -121.98
N SER BA 9 0.82 53.78 -120.94
CA SER BA 9 -0.08 54.67 -120.23
C SER BA 9 0.09 54.45 -118.73
N ILE BA 10 -0.13 55.50 -117.95
CA ILE BA 10 -0.15 55.37 -116.50
C ILE BA 10 -1.19 54.34 -116.10
N TYR BA 11 -0.78 53.36 -115.30
CA TYR BA 11 -1.67 52.31 -114.83
C TYR BA 11 -1.77 52.25 -113.31
N ARG BA 12 -0.65 52.24 -112.61
CA ARG BA 12 -0.66 52.24 -111.16
C ARG BA 12 0.41 53.19 -110.65
N ASN BA 13 0.06 53.98 -109.63
CA ASN BA 13 0.96 54.99 -109.09
C ASN BA 13 1.10 54.77 -107.59
N THR BA 14 2.34 54.63 -107.12
CA THR BA 14 2.63 54.62 -105.69
C THR BA 14 3.72 55.63 -105.39
N ALA BA 15 4.16 55.70 -104.13
CA ALA BA 15 5.14 56.70 -103.75
C ALA BA 15 6.48 56.48 -104.44
N ASP BA 16 6.92 55.23 -104.53
CA ASP BA 16 8.23 54.91 -105.10
C ASP BA 16 8.16 53.95 -106.27
N GLU BA 17 6.97 53.66 -106.79
CA GLU BA 17 6.85 52.74 -107.91
C GLU BA 17 5.71 53.19 -108.81
N VAL BA 18 5.96 53.17 -110.12
CA VAL BA 18 4.94 53.46 -111.12
C VAL BA 18 4.90 52.32 -112.13
N ILE BA 19 3.71 51.78 -112.35
CA ILE BA 19 3.49 50.72 -113.35
C ILE BA 19 2.76 51.32 -114.53
N TYR BA 20 3.33 51.15 -115.72
CA TYR BA 20 2.72 51.54 -116.98
C TYR BA 20 2.27 50.29 -117.74
N ALA BA 21 1.15 50.41 -118.44
CA ALA BA 21 0.56 49.30 -119.17
C ALA BA 21 0.79 49.48 -120.66
N GLY BA 22 1.15 48.39 -121.34
CA GLY BA 22 1.32 48.40 -122.76
C GLY BA 22 0.00 48.26 -123.50
N PRO BA 23 0.04 48.32 -124.82
CA PRO BA 23 -1.20 48.24 -125.60
C PRO BA 23 -1.93 46.91 -125.47
N ALA BA 24 -1.24 45.85 -125.06
CA ALA BA 24 -1.83 44.52 -124.98
C ALA BA 24 -2.25 44.13 -123.56
N HIS BA 25 -2.18 45.06 -122.61
CA HIS BA 25 -2.52 44.74 -121.22
C HIS BA 25 -4.03 44.81 -121.02
N ASP BA 26 -4.59 43.74 -120.47
CA ASP BA 26 -5.99 43.70 -120.08
C ASP BA 26 -6.13 42.72 -118.92
N VAL BA 27 -7.36 42.30 -118.65
CA VAL BA 27 -7.66 41.40 -117.53
C VAL BA 27 -7.02 40.03 -117.77
N THR BA 28 -6.81 39.67 -119.03
CA THR BA 28 -6.31 38.35 -119.37
C THR BA 28 -4.83 38.31 -119.74
N ASN BA 29 -4.30 39.38 -120.32
CA ASN BA 29 -2.92 39.39 -120.79
C ASN BA 29 -2.13 40.47 -120.07
N VAL BA 30 -0.91 40.14 -119.66
CA VAL BA 30 -0.03 41.08 -118.97
C VAL BA 30 0.94 41.67 -119.97
N ASP BA 31 1.04 43.00 -119.97
CA ASP BA 31 2.05 43.72 -120.75
C ASP BA 31 2.34 45.00 -119.95
N THR BA 32 3.36 44.93 -119.09
CA THR BA 32 3.61 46.03 -118.17
C THR BA 32 5.09 46.36 -118.08
N VAL BA 33 5.38 47.63 -117.83
CA VAL BA 33 6.71 48.10 -117.49
C VAL BA 33 6.62 48.91 -116.21
N SER BA 34 7.41 48.53 -115.21
CA SER BA 34 7.38 49.15 -113.90
C SER BA 34 8.71 49.86 -113.63
N LEU BA 35 8.62 51.07 -113.08
CA LEU BA 35 9.78 51.83 -112.65
C LEU BA 35 9.72 51.96 -111.14
N ARG BA 36 10.75 51.49 -110.46
CA ARG BA 36 10.80 51.52 -109.00
C ARG BA 36 12.09 52.17 -108.56
N ARG BA 37 12.03 52.92 -107.46
CA ARG BA 37 13.20 53.57 -106.90
C ARG BA 37 13.31 53.27 -105.43
N SER BA 38 14.55 53.12 -104.97
CA SER BA 38 14.91 53.03 -103.56
C SER BA 38 15.88 54.18 -103.32
N LEU BA 39 15.39 55.25 -102.73
CA LEU BA 39 16.21 56.42 -102.50
C LEU BA 39 17.24 56.15 -101.40
N PRO BA 40 18.40 56.78 -101.48
CA PRO BA 40 19.43 56.55 -100.46
C PRO BA 40 18.98 57.00 -99.08
N VAL BA 41 19.38 56.25 -98.07
CA VAL BA 41 19.21 56.63 -96.68
C VAL BA 41 20.62 56.83 -96.11
N LYS BA 42 20.89 58.05 -95.66
CA LYS BA 42 22.23 58.43 -95.24
C LYS BA 42 22.37 58.20 -93.73
N LYS BA 43 22.29 56.94 -93.35
CA LYS BA 43 22.44 56.52 -91.97
C LYS BA 43 23.90 56.61 -91.56
N GLY BA 44 24.12 56.95 -90.29
CA GLY BA 44 25.46 57.12 -89.75
C GLY BA 44 26.33 58.05 -90.58
N SER BA 45 27.42 57.50 -91.13
CA SER BA 45 28.29 58.26 -92.01
C SER BA 45 28.14 57.89 -93.48
N ASP BA 46 27.67 56.69 -93.78
CA ASP BA 46 27.48 56.27 -95.17
C ASP BA 46 26.29 57.01 -95.78
N ASN BA 47 26.48 57.51 -96.98
CA ASN BA 47 25.43 58.26 -97.68
C ASN BA 47 24.42 57.36 -98.38
N GLY BA 48 24.62 56.04 -98.34
CA GLY BA 48 23.66 55.11 -98.89
C GLY BA 48 23.80 54.92 -100.39
N THR BA 49 22.88 54.13 -100.93
CA THR BA 49 22.88 53.76 -102.33
C THR BA 49 21.53 54.05 -102.94
N MET BA 50 21.53 54.57 -104.17
CA MET BA 50 20.30 54.75 -104.92
C MET BA 50 20.08 53.52 -105.80
N ARG BA 51 18.90 52.92 -105.71
CA ARG BA 51 18.60 51.69 -106.43
C ARG BA 51 17.47 51.96 -107.42
N GLY BA 52 17.77 51.82 -108.71
CA GLY BA 52 16.75 52.00 -109.73
C GLY BA 52 16.41 50.70 -110.43
N ASN BA 53 15.15 50.29 -110.38
CA ASN BA 53 14.72 49.01 -110.94
C ASN BA 53 13.73 49.23 -112.08
N MET BA 54 13.97 48.54 -113.18
CA MET BA 54 13.08 48.54 -114.34
C MET BA 54 12.58 47.12 -114.55
N ASN BA 55 11.26 46.96 -114.60
CA ASN BA 55 10.62 45.66 -114.67
C ASN BA 55 9.83 45.56 -115.97
N PHE BA 56 10.04 44.47 -116.71
CA PHE BA 56 9.26 44.18 -117.91
C PHE BA 56 8.53 42.87 -117.68
N ALA BA 57 7.20 42.89 -117.82
CA ALA BA 57 6.39 41.71 -117.56
C ALA BA 57 5.49 41.44 -118.75
N LYS BA 58 5.48 40.19 -119.21
CA LYS BA 58 4.66 39.82 -120.35
C LYS BA 58 4.13 38.40 -120.16
N SER BA 59 2.85 38.19 -120.45
CA SER BA 59 2.29 36.85 -120.41
C SER BA 59 2.53 36.13 -121.73
N PHE BA 60 2.77 34.83 -121.64
CA PHE BA 60 3.07 33.99 -122.79
C PHE BA 60 2.27 32.70 -122.68
N PRO BA 61 1.91 32.11 -123.82
CA PRO BA 61 1.26 30.79 -123.78
C PRO BA 61 2.22 29.73 -123.26
N ASN BA 62 1.72 28.89 -122.35
CA ASN BA 62 2.51 27.80 -121.76
C ASN BA 62 1.57 26.60 -121.69
N GLY BA 63 1.61 25.78 -122.73
CA GLY BA 63 0.66 24.69 -122.82
C GLY BA 63 -0.75 25.24 -122.87
N ASP BA 64 -1.59 24.80 -121.93
CA ASP BA 64 -2.94 25.31 -121.83
C ASP BA 64 -3.04 26.58 -120.99
N LYS BA 65 -2.03 26.90 -120.19
CA LYS BA 65 -2.09 28.02 -119.28
C LYS BA 65 -1.28 29.19 -119.82
N LYS BA 66 -1.13 30.22 -119.00
CA LYS BA 66 -0.30 31.38 -119.32
C LYS BA 66 0.79 31.52 -118.27
N SER BA 67 1.98 31.90 -118.70
CA SER BA 67 3.14 32.05 -117.83
C SER BA 67 3.69 33.46 -117.96
N LEU BA 68 4.11 34.03 -116.83
CA LEU BA 68 4.65 35.38 -116.80
C LEU BA 68 6.16 35.34 -117.00
N VAL BA 69 6.64 36.05 -118.01
CA VAL BA 69 8.07 36.25 -118.22
C VAL BA 69 8.42 37.65 -117.76
N VAL BA 70 9.42 37.75 -116.88
CA VAL BA 70 9.80 39.00 -116.24
C VAL BA 70 11.29 39.24 -116.50
N VAL BA 71 11.62 40.46 -116.91
CA VAL BA 71 12.99 40.89 -117.10
C VAL BA 71 13.25 42.09 -116.19
N ASN BA 72 14.29 41.99 -115.37
CA ASN BA 72 14.64 43.01 -114.40
C ASN BA 72 15.96 43.68 -114.78
N LEU BA 73 16.01 45.00 -114.67
CA LEU BA 73 17.24 45.76 -114.89
C LEU BA 73 17.42 46.71 -113.71
N THR BA 74 18.38 46.43 -112.85
CA THR BA 74 18.58 47.17 -111.62
C THR BA 74 19.94 47.81 -111.60
N ALA BA 75 19.99 49.10 -111.26
CA ALA BA 75 21.23 49.85 -111.10
C ALA BA 75 21.39 50.23 -109.63
N HIS BA 76 22.57 49.96 -109.08
CA HIS BA 76 22.92 50.29 -107.71
C HIS BA 76 24.04 51.32 -107.76
N VAL BA 77 23.73 52.58 -107.48
CA VAL BA 77 24.70 53.65 -107.60
C VAL BA 77 24.95 54.21 -106.20
N PRO BA 78 26.15 54.05 -105.64
CA PRO BA 78 26.46 54.67 -104.35
C PRO BA 78 26.49 56.19 -104.45
N VAL BA 79 26.12 56.85 -103.36
CA VAL BA 79 26.04 58.30 -103.35
C VAL BA 79 27.43 58.90 -103.30
N GLY BA 80 27.68 59.90 -104.15
CA GLY BA 80 28.97 60.55 -104.29
C GLY BA 80 29.66 60.23 -105.60
N VAL BA 81 29.30 59.12 -106.23
CA VAL BA 81 29.84 58.78 -107.54
C VAL BA 81 29.29 59.75 -108.58
N ASP BA 82 30.16 60.22 -109.46
CA ASP BA 82 29.76 61.14 -110.51
C ASP BA 82 28.67 60.52 -111.39
N ALA BA 83 27.57 61.24 -111.56
CA ALA BA 83 26.47 60.75 -112.38
C ALA BA 83 26.86 60.65 -113.84
N THR BA 84 27.62 61.63 -114.34
CA THR BA 84 28.01 61.64 -115.75
C THR BA 84 28.90 60.45 -116.08
N ALA BA 85 29.85 60.13 -115.21
CA ALA BA 85 30.73 58.99 -115.45
C ALA BA 85 29.93 57.69 -115.44
N VAL BA 86 28.98 57.56 -114.52
CA VAL BA 86 28.14 56.36 -114.46
C VAL BA 86 27.30 56.24 -115.72
N ARG BA 87 26.73 57.35 -116.19
CA ARG BA 87 25.92 57.31 -117.40
C ARG BA 87 26.76 56.94 -118.62
N THR BA 88 27.98 57.48 -118.71
CA THR BA 88 28.86 57.12 -119.81
C THR BA 88 29.23 55.65 -119.77
N TRP BA 89 29.51 55.12 -118.58
CA TRP BA 89 29.83 53.69 -118.45
C TRP BA 89 28.63 52.83 -118.85
N MET BA 90 27.43 53.21 -118.41
CA MET BA 90 26.24 52.44 -118.75
C MET BA 90 25.95 52.47 -120.24
N THR BA 91 26.12 53.64 -120.87
CA THR BA 91 25.84 53.76 -122.30
C THR BA 91 26.87 53.03 -123.14
N SER BA 92 28.16 53.12 -122.78
CA SER BA 92 29.21 52.57 -123.63
C SER BA 92 29.54 51.12 -123.33
N GLU BA 93 29.32 50.65 -122.11
CA GLU BA 93 29.74 49.31 -121.72
C GLU BA 93 28.58 48.40 -121.33
N VAL BA 94 27.63 48.89 -120.54
CA VAL BA 94 26.55 48.03 -120.04
C VAL BA 94 25.48 47.84 -121.11
N PHE BA 95 25.05 48.93 -121.75
CA PHE BA 95 23.95 48.85 -122.70
C PHE BA 95 24.25 47.95 -123.89
N PRO BA 96 25.39 48.09 -124.59
CA PRO BA 96 25.65 47.16 -125.70
C PRO BA 96 25.74 45.70 -125.27
N GLY BA 97 26.27 45.41 -124.08
CA GLY BA 97 26.38 44.04 -123.65
C GLY BA 97 25.10 43.43 -123.15
N ALA BA 98 24.19 44.26 -122.63
CA ALA BA 98 22.91 43.80 -122.11
C ALA BA 98 21.85 43.65 -123.19
N THR BA 99 22.18 43.96 -124.45
CA THR BA 99 21.26 43.80 -125.56
C THR BA 99 21.83 42.90 -126.65
N SER BA 100 22.90 42.18 -126.34
CA SER BA 100 23.55 41.31 -127.30
C SER BA 100 22.89 39.93 -127.30
N SER BA 101 23.39 39.04 -128.16
CA SER BA 101 22.93 37.66 -128.15
C SER BA 101 23.28 36.94 -126.86
N VAL BA 102 24.25 37.46 -126.10
CA VAL BA 102 24.62 36.85 -124.84
C VAL BA 102 23.45 36.89 -123.86
N THR BA 103 22.77 38.02 -123.77
CA THR BA 103 21.62 38.14 -122.87
C THR BA 103 20.49 37.20 -123.29
N LEU BA 104 20.21 37.15 -124.60
CA LEU BA 104 19.16 36.27 -125.10
C LEU BA 104 19.48 34.82 -124.81
N ASP BA 105 20.73 34.41 -125.03
CA ASP BA 105 21.13 33.03 -124.77
C ASP BA 105 21.05 32.71 -123.29
N LEU BA 106 21.48 33.63 -122.43
CA LEU BA 106 21.40 33.39 -120.99
C LEU BA 106 19.95 33.27 -120.54
N ALA BA 107 19.06 34.11 -121.08
CA ALA BA 107 17.68 34.11 -120.64
C ALA BA 107 16.93 32.88 -121.12
N THR BA 108 17.09 32.49 -122.39
CA THR BA 108 16.27 31.45 -122.97
C THR BA 108 16.94 30.07 -123.00
N LYS BA 109 18.23 29.98 -122.72
CA LYS BA 109 18.94 28.71 -122.76
C LYS BA 109 19.82 28.48 -121.55
N GLY BA 110 20.02 29.48 -120.70
CA GLY BA 110 20.94 29.35 -119.58
C GLY BA 110 22.39 29.21 -119.96
N VAL BA 111 22.83 29.90 -121.01
CA VAL BA 111 24.21 29.81 -121.48
C VAL BA 111 25.05 30.83 -120.74
N ILE BA 112 26.04 30.34 -119.98
CA ILE BA 112 26.96 31.19 -119.23
C ILE BA 112 28.37 31.16 -119.79
N HIS BA 113 28.62 30.41 -120.85
CA HIS BA 113 29.92 30.35 -121.52
C HIS BA 113 29.78 30.97 -122.90
N LEU BA 114 30.38 32.15 -123.11
CA LEU BA 114 30.32 32.82 -124.40
C LEU BA 114 31.59 32.54 -125.20
N SER BA 115 31.70 31.29 -125.65
CA SER BA 115 32.77 30.90 -126.55
C SER BA 115 32.40 31.25 -127.99
N ASP BA 116 33.42 31.51 -128.81
CA ASP BA 116 34.84 31.60 -128.48
C ASP BA 116 35.46 32.81 -129.18
N ALA BA 117 34.74 33.36 -130.14
CA ALA BA 117 35.23 34.50 -130.93
C ALA BA 117 35.43 35.74 -130.07
N LEU CA 1 36.91 36.49 -127.27
CA LEU CA 1 35.93 36.49 -126.19
C LEU CA 1 35.48 37.92 -125.89
N SER CA 2 34.25 38.25 -126.28
CA SER CA 2 33.73 39.59 -126.11
C SER CA 2 32.28 39.53 -125.66
N ILE CA 3 31.90 40.53 -124.87
CA ILE CA 3 30.52 40.74 -124.45
C ILE CA 3 30.14 42.15 -124.90
N GLY CA 4 29.20 42.23 -125.84
CA GLY CA 4 28.89 43.51 -126.44
C GLY CA 4 30.08 44.05 -127.22
N THR CA 5 30.52 45.26 -126.88
CA THR CA 5 31.69 45.85 -127.49
C THR CA 5 32.95 45.71 -126.64
N LYS CA 6 32.86 45.03 -125.49
CA LYS CA 6 33.95 44.93 -124.55
C LYS CA 6 34.59 43.55 -124.64
N ASN CA 7 35.90 43.51 -124.86
CA ASN CA 7 36.63 42.25 -124.81
C ASN CA 7 36.86 41.84 -123.36
N VAL CA 8 36.58 40.57 -123.07
CA VAL CA 8 36.70 40.04 -121.72
C VAL CA 8 37.49 38.73 -121.78
N SER CA 9 37.91 38.27 -120.61
CA SER CA 9 38.58 36.99 -120.46
C SER CA 9 37.98 36.26 -119.27
N ILE CA 10 38.07 34.94 -119.29
CA ILE CA 10 37.53 34.13 -118.20
C ILE CA 10 38.34 34.40 -116.93
N TYR CA 11 37.66 34.84 -115.88
CA TYR CA 11 38.27 35.14 -114.60
C TYR CA 11 38.00 34.07 -113.56
N ARG CA 12 36.74 33.68 -113.40
CA ARG CA 12 36.39 32.59 -112.49
C ARG CA 12 35.27 31.78 -113.10
N ASN CA 13 35.25 30.48 -112.78
CA ASN CA 13 34.35 29.53 -113.44
C ASN CA 13 33.84 28.55 -112.39
N THR CA 14 32.56 28.68 -112.05
CA THR CA 14 31.86 27.70 -111.21
C THR CA 14 30.80 27.00 -112.05
N ALA CA 15 30.03 26.14 -111.40
CA ALA CA 15 29.05 25.33 -112.11
C ALA CA 15 27.95 26.20 -112.74
N ASP CA 16 27.44 27.18 -111.99
CA ASP CA 16 26.34 28.00 -112.46
C ASP CA 16 26.69 29.47 -112.62
N GLU CA 17 27.96 29.84 -112.43
CA GLU CA 17 28.39 31.22 -112.59
C GLU CA 17 29.74 31.26 -113.27
N VAL CA 18 29.88 32.15 -114.24
CA VAL CA 18 31.17 32.45 -114.86
C VAL CA 18 31.38 33.95 -114.78
N ILE CA 19 32.46 34.36 -114.13
CA ILE CA 19 32.84 35.76 -114.02
C ILE CA 19 33.94 36.03 -115.03
N TYR CA 20 33.72 37.03 -115.88
CA TYR CA 20 34.68 37.49 -116.86
C TYR CA 20 35.22 38.85 -116.44
N ALA CA 21 36.50 39.09 -116.74
CA ALA CA 21 37.17 40.31 -116.35
C ALA CA 21 37.46 41.16 -117.59
N GLY CA 22 37.20 42.45 -117.49
CA GLY CA 22 37.53 43.38 -118.55
C GLY CA 22 39.02 43.64 -118.60
N PRO CA 23 39.46 44.38 -119.61
CA PRO CA 23 40.91 44.65 -119.72
C PRO CA 23 41.46 45.41 -118.53
N ALA CA 24 40.67 46.28 -117.91
CA ALA CA 24 41.13 47.08 -116.79
C ALA CA 24 41.06 46.37 -115.44
N HIS CA 25 40.38 45.23 -115.37
CA HIS CA 25 40.20 44.55 -114.09
C HIS CA 25 41.55 44.16 -113.49
N ASP CA 26 41.70 44.41 -112.20
CA ASP CA 26 42.94 44.11 -111.49
C ASP CA 26 42.62 43.89 -110.02
N VAL CA 27 43.66 43.84 -109.19
CA VAL CA 27 43.49 43.56 -107.77
C VAL CA 27 42.84 44.71 -107.01
N THR CA 28 42.89 45.93 -107.54
CA THR CA 28 42.28 47.08 -106.88
C THR CA 28 41.15 47.73 -107.67
N ASN CA 29 41.06 47.50 -108.97
CA ASN CA 29 39.97 48.03 -109.80
C ASN CA 29 39.09 46.88 -110.24
N VAL CA 30 37.80 46.98 -109.98
CA VAL CA 30 36.84 45.95 -110.35
C VAL CA 30 36.24 46.32 -111.70
N ASP CA 31 36.35 45.42 -112.67
CA ASP CA 31 35.68 45.55 -113.97
C ASP CA 31 35.27 44.14 -114.38
N THR CA 32 34.06 43.74 -114.01
CA THR CA 32 33.64 42.36 -114.18
C THR CA 32 32.25 42.26 -114.78
N VAL CA 33 32.06 41.21 -115.58
CA VAL CA 33 30.75 40.82 -116.09
C VAL CA 33 30.53 39.37 -115.67
N SER CA 34 29.54 39.16 -114.81
CA SER CA 34 29.18 37.83 -114.34
C SER CA 34 27.95 37.32 -115.08
N LEU CA 35 28.00 36.05 -115.48
CA LEU CA 35 26.84 35.36 -116.00
C LEU CA 35 26.49 34.26 -115.01
N ARG CA 36 25.31 34.37 -114.39
CA ARG CA 36 24.85 33.41 -113.41
C ARG CA 36 23.52 32.83 -113.86
N ARG CA 37 23.30 31.55 -113.57
CA ARG CA 37 22.04 30.90 -113.91
C ARG CA 37 21.54 30.13 -112.71
N SER CA 38 20.22 30.08 -112.59
CA SER CA 38 19.53 29.21 -111.65
C SER CA 38 18.63 28.30 -112.47
N LEU CA 39 18.98 27.02 -112.54
CA LEU CA 39 18.29 26.07 -113.39
C LEU CA 39 16.93 25.73 -112.82
N PRO CA 40 15.96 25.41 -113.68
CA PRO CA 40 14.60 25.13 -113.20
C PRO CA 40 14.57 23.90 -112.30
N VAL CA 41 13.89 24.04 -111.17
CA VAL CA 41 13.67 22.93 -110.25
C VAL CA 41 12.25 22.44 -110.47
N LYS CA 42 12.11 21.22 -110.98
CA LYS CA 42 10.81 20.66 -111.31
C LYS CA 42 10.17 20.17 -110.02
N LYS CA 43 9.39 21.05 -109.37
CA LYS CA 43 8.79 20.76 -108.08
C LYS CA 43 7.26 20.70 -108.23
N GLY CA 44 6.66 19.64 -107.72
CA GLY CA 44 5.22 19.47 -107.85
C GLY CA 44 4.82 19.38 -109.30
N SER CA 45 3.65 19.94 -109.61
CA SER CA 45 3.21 20.04 -111.00
C SER CA 45 3.85 21.20 -111.75
N ASP CA 46 4.50 22.11 -111.03
CA ASP CA 46 5.20 23.22 -111.67
C ASP CA 46 6.54 22.74 -112.20
N ASN CA 47 6.84 23.10 -113.45
CA ASN CA 47 8.09 22.71 -114.08
C ASN CA 47 9.23 23.65 -113.75
N GLY CA 48 9.03 24.62 -112.88
CA GLY CA 48 10.10 25.50 -112.46
C GLY CA 48 10.31 26.66 -113.41
N THR CA 49 11.37 27.42 -113.11
CA THR CA 49 11.68 28.63 -113.85
C THR CA 49 13.19 28.76 -113.99
N MET CA 50 13.66 29.06 -115.20
CA MET CA 50 15.06 29.35 -115.43
C MET CA 50 15.32 30.83 -115.12
N ARG CA 51 16.28 31.10 -114.25
CA ARG CA 51 16.69 32.45 -113.92
C ARG CA 51 18.05 32.73 -114.55
N GLY CA 52 18.15 33.84 -115.27
CA GLY CA 52 19.43 34.25 -115.83
C GLY CA 52 19.81 35.64 -115.41
N ASN CA 53 20.97 35.80 -114.76
CA ASN CA 53 21.41 37.07 -114.24
C ASN CA 53 22.71 37.49 -114.90
N MET CA 54 22.76 38.74 -115.36
CA MET CA 54 23.93 39.36 -115.95
C MET CA 54 24.33 40.53 -115.06
N ASN CA 55 25.53 40.44 -114.48
CA ASN CA 55 25.99 41.41 -113.49
C ASN CA 55 27.16 42.20 -114.05
N PHE CA 56 27.03 43.52 -114.07
CA PHE CA 56 28.11 44.41 -114.45
C PHE CA 56 28.59 45.13 -113.19
N ALA CA 57 29.87 44.96 -112.86
CA ALA CA 57 30.45 45.58 -111.69
C ALA CA 57 31.63 46.44 -112.11
N LYS CA 58 31.65 47.69 -111.66
CA LYS CA 58 32.71 48.62 -112.00
C LYS CA 58 33.08 49.47 -110.80
N SER CA 59 34.38 49.69 -110.61
CA SER CA 59 34.87 50.57 -109.56
C SER CA 59 34.88 52.02 -110.04
N PHE CA 60 34.45 52.92 -109.16
CA PHE CA 60 34.34 54.33 -109.49
C PHE CA 60 34.92 55.16 -108.36
N PRO CA 61 35.55 56.29 -108.68
CA PRO CA 61 36.00 57.20 -107.61
C PRO CA 61 34.81 57.84 -106.91
N ASN CA 62 34.72 57.61 -105.61
CA ASN CA 62 33.70 58.22 -104.75
C ASN CA 62 34.46 59.05 -103.71
N GLY CA 63 34.58 60.35 -103.99
CA GLY CA 63 35.37 61.22 -103.15
C GLY CA 63 36.80 60.75 -103.06
N ASP CA 64 37.19 60.29 -101.87
CA ASP CA 64 38.54 59.79 -101.65
C ASP CA 64 38.63 58.27 -101.84
N LYS CA 65 37.51 57.56 -101.71
CA LYS CA 65 37.51 56.11 -101.74
C LYS CA 65 37.02 55.62 -103.11
N LYS CA 66 36.83 54.31 -103.23
CA LYS CA 66 36.29 53.70 -104.43
C LYS CA 66 34.98 52.98 -104.10
N SER CA 67 33.95 53.24 -104.89
CA SER CA 67 32.65 52.63 -104.73
C SER CA 67 32.38 51.67 -105.89
N LEU CA 68 31.55 50.66 -105.63
CA LEU CA 68 31.20 49.67 -106.63
C LEU CA 68 29.84 50.00 -107.22
N VAL CA 69 29.80 50.28 -108.52
CA VAL CA 69 28.55 50.46 -109.24
C VAL CA 69 28.19 49.13 -109.90
N VAL CA 70 26.97 48.67 -109.66
CA VAL CA 70 26.50 47.37 -110.11
C VAL CA 70 25.23 47.54 -110.90
N VAL CA 71 25.17 46.90 -112.06
CA VAL CA 71 23.96 46.83 -112.88
C VAL CA 71 23.59 45.36 -113.07
N ASN CA 72 22.37 45.01 -112.70
CA ASN CA 72 21.88 43.65 -112.82
C ASN CA 72 20.79 43.56 -113.87
N LEU CA 73 20.90 42.57 -114.76
CA LEU CA 73 19.86 42.25 -115.74
C LEU CA 73 19.43 40.82 -115.49
N THR CA 74 18.22 40.64 -114.95
CA THR CA 74 17.73 39.32 -114.58
C THR CA 74 16.49 38.99 -115.39
N ALA CA 75 16.42 37.77 -115.89
CA ALA CA 75 15.27 37.26 -116.63
C ALA CA 75 14.76 35.99 -115.96
N HIS CA 76 13.45 35.88 -115.83
CA HIS CA 76 12.79 34.71 -115.25
C HIS CA 76 11.88 34.11 -116.32
N VAL CA 77 12.29 32.98 -116.89
CA VAL CA 77 11.56 32.34 -117.96
C VAL CA 77 11.00 31.02 -117.44
N PRO CA 78 9.68 30.87 -117.33
CA PRO CA 78 9.12 29.58 -116.89
C PRO CA 78 9.30 28.51 -117.95
N VAL CA 79 9.46 27.26 -117.49
CA VAL CA 79 9.57 26.14 -118.41
C VAL CA 79 8.25 25.91 -119.11
N GLY CA 80 8.32 25.69 -120.42
CA GLY CA 80 7.16 25.44 -121.24
C GLY CA 80 6.83 26.56 -122.21
N VAL CA 81 7.42 27.73 -122.02
CA VAL CA 81 7.21 28.86 -122.92
C VAL CA 81 8.10 28.69 -124.15
N ASP CA 82 7.60 29.16 -125.29
CA ASP CA 82 8.40 29.14 -126.51
C ASP CA 82 9.55 30.12 -126.40
N ALA CA 83 10.77 29.62 -126.64
CA ALA CA 83 11.95 30.46 -126.47
C ALA CA 83 12.07 31.49 -127.58
N THR CA 84 11.64 31.16 -128.80
CA THR CA 84 11.71 32.11 -129.90
C THR CA 84 10.81 33.32 -129.64
N ALA CA 85 9.61 33.08 -129.11
CA ALA CA 85 8.72 34.19 -128.79
C ALA CA 85 9.33 35.09 -127.71
N VAL CA 86 9.94 34.49 -126.69
CA VAL CA 86 10.57 35.28 -125.63
C VAL CA 86 11.73 36.09 -126.20
N ARG CA 87 12.54 35.49 -127.07
CA ARG CA 87 13.64 36.23 -127.67
C ARG CA 87 13.15 37.39 -128.52
N THR CA 88 12.10 37.16 -129.30
CA THR CA 88 11.53 38.24 -130.12
C THR CA 88 11.00 39.37 -129.24
N TRP CA 89 10.29 39.03 -128.16
CA TRP CA 89 9.79 40.05 -127.25
C TRP CA 89 10.92 40.82 -126.60
N MET CA 90 11.98 40.13 -126.16
CA MET CA 90 13.11 40.80 -125.53
C MET CA 90 13.82 41.73 -126.51
N THR CA 91 13.98 41.29 -127.77
CA THR CA 91 14.65 42.12 -128.76
C THR CA 91 13.84 43.35 -129.13
N SER CA 92 12.55 43.17 -129.41
CA SER CA 92 11.72 44.27 -129.92
C SER CA 92 11.15 45.16 -128.83
N GLU CA 93 10.99 44.66 -127.61
CA GLU CA 93 10.24 45.38 -126.59
C GLU CA 93 11.04 45.66 -125.32
N VAL CA 94 11.89 44.73 -124.88
CA VAL CA 94 12.62 44.92 -123.64
C VAL CA 94 13.90 45.71 -123.88
N PHE CA 95 14.68 45.33 -124.88
CA PHE CA 95 15.97 45.96 -125.11
C PHE CA 95 15.88 47.44 -125.43
N PRO CA 96 15.01 47.90 -126.35
CA PRO CA 96 14.95 49.35 -126.60
C PRO CA 96 14.60 50.18 -125.37
N GLY CA 97 13.71 49.68 -124.51
CA GLY CA 97 13.36 50.43 -123.31
C GLY CA 97 14.41 50.36 -122.22
N ALA CA 98 15.10 49.22 -122.11
CA ALA CA 98 16.10 49.05 -121.06
C ALA CA 98 17.34 49.89 -121.30
N THR CA 99 17.64 50.24 -122.56
CA THR CA 99 18.81 51.05 -122.89
C THR CA 99 18.42 52.43 -123.38
N SER CA 100 17.39 53.02 -122.78
CA SER CA 100 16.91 54.33 -123.15
C SER CA 100 17.35 55.35 -122.10
N SER CA 101 16.96 56.60 -122.31
CA SER CA 101 17.21 57.64 -121.31
C SER CA 101 16.42 57.40 -120.03
N VAL CA 102 15.36 56.60 -120.10
CA VAL CA 102 14.57 56.29 -118.91
C VAL CA 102 15.43 55.58 -117.88
N THR CA 103 16.24 54.62 -118.30
CA THR CA 103 17.10 53.90 -117.38
C THR CA 103 18.12 54.83 -116.73
N LEU CA 104 18.73 55.72 -117.53
CA LEU CA 104 19.73 56.64 -116.99
C LEU CA 104 19.10 57.61 -115.99
N ASP CA 105 17.93 58.16 -116.33
CA ASP CA 105 17.27 59.09 -115.41
C ASP CA 105 16.82 58.38 -114.14
N LEU CA 106 16.36 57.14 -114.25
CA LEU CA 106 16.00 56.39 -113.05
C LEU CA 106 17.23 56.11 -112.19
N ALA CA 107 18.36 55.80 -112.81
CA ALA CA 107 19.56 55.48 -112.05
C ALA CA 107 20.13 56.69 -111.34
N THR CA 108 20.24 57.82 -112.05
CA THR CA 108 20.96 58.97 -111.53
C THR CA 108 20.08 60.06 -110.94
N LYS CA 109 18.75 59.95 -111.08
CA LYS CA 109 17.86 60.97 -110.54
C LYS CA 109 16.65 60.41 -109.80
N GLY CA 110 16.42 59.10 -109.84
CA GLY CA 110 15.21 58.55 -109.23
C GLY CA 110 13.93 58.95 -109.92
N VAL CA 111 13.94 59.08 -111.24
CA VAL CA 111 12.76 59.48 -111.98
C VAL CA 111 11.92 58.24 -112.30
N ILE CA 112 10.72 58.17 -111.73
CA ILE CA 112 9.79 57.08 -112.01
C ILE CA 112 8.57 57.55 -112.76
N HIS CA 113 8.35 58.86 -112.89
CA HIS CA 113 7.22 59.42 -113.62
C HIS CA 113 7.71 59.85 -115.00
N LEU CA 114 7.11 59.28 -116.04
CA LEU CA 114 7.53 59.53 -117.40
C LEU CA 114 6.83 60.76 -117.96
N SER CA 115 7.50 61.46 -118.86
CA SER CA 115 6.95 62.63 -119.52
C SER CA 115 7.60 62.80 -120.89
N ASP CA 116 6.84 63.38 -121.82
CA ASP CA 116 5.43 63.72 -121.73
C ASP CA 116 4.72 63.36 -123.03
N ALA CA 117 5.51 63.13 -124.08
CA ALA CA 117 4.97 62.83 -125.40
C ALA CA 117 5.25 61.39 -125.80
N LEU DA 1 80.72 33.43 -106.44
CA LEU DA 1 79.44 32.90 -105.99
C LEU DA 1 78.31 33.48 -106.82
N SER DA 2 77.69 32.64 -107.67
CA SER DA 2 76.64 33.08 -108.57
C SER DA 2 75.45 32.13 -108.51
N ILE DA 3 74.26 32.71 -108.55
CA ILE DA 3 73.01 31.96 -108.73
C ILE DA 3 72.32 32.60 -109.92
N GLY DA 4 72.57 32.03 -111.11
CA GLY DA 4 72.12 32.66 -112.34
C GLY DA 4 73.09 33.73 -112.81
N THR DA 5 72.60 34.95 -112.99
CA THR DA 5 73.45 36.09 -113.31
C THR DA 5 73.76 36.95 -112.09
N LYS DA 6 73.34 36.52 -110.91
CA LYS DA 6 73.44 37.33 -109.70
C LYS DA 6 74.66 36.92 -108.90
N ASN DA 7 75.43 37.91 -108.45
CA ASN DA 7 76.56 37.68 -107.56
C ASN DA 7 76.08 37.78 -106.12
N VAL DA 8 76.15 36.67 -105.39
CA VAL DA 8 75.67 36.59 -104.02
C VAL DA 8 76.83 36.25 -103.11
N SER DA 9 76.61 36.38 -101.81
CA SER DA 9 77.57 35.99 -100.79
C SER DA 9 76.84 35.26 -99.68
N ILE DA 10 77.57 34.40 -98.97
CA ILE DA 10 76.97 33.66 -97.86
C ILE DA 10 76.56 34.65 -96.78
N TYR DA 11 75.29 34.59 -96.40
CA TYR DA 11 74.73 35.44 -95.35
C TYR DA 11 74.35 34.66 -94.11
N ARG DA 12 73.84 33.45 -94.26
CA ARG DA 12 73.52 32.60 -93.12
C ARG DA 12 73.77 31.16 -93.50
N ASN DA 13 74.43 30.43 -92.60
CA ASN DA 13 74.82 29.04 -92.88
C ASN DA 13 74.27 28.17 -91.75
N THR DA 14 73.31 27.32 -92.10
CA THR DA 14 72.66 26.39 -91.18
C THR DA 14 72.80 24.98 -91.75
N ALA DA 15 72.57 23.98 -90.92
CA ALA DA 15 72.79 22.59 -91.32
C ALA DA 15 71.99 22.24 -92.58
N ASP DA 16 70.75 22.72 -92.68
CA ASP DA 16 69.88 22.32 -93.79
C ASP DA 16 69.42 23.50 -94.63
N GLU DA 17 69.99 24.68 -94.43
CA GLU DA 17 69.58 25.85 -95.20
C GLU DA 17 70.71 26.87 -95.22
N VAL DA 18 70.99 27.40 -96.40
CA VAL DA 18 71.97 28.47 -96.57
C VAL DA 18 71.29 29.64 -97.26
N ILE DA 19 71.36 30.81 -96.64
CA ILE DA 19 70.81 32.04 -97.20
C ILE DA 19 71.95 32.86 -97.78
N TYR DA 20 71.84 33.20 -99.05
CA TYR DA 20 72.78 34.08 -99.74
C TYR DA 20 72.12 35.43 -99.98
N ALA DA 21 72.92 36.49 -99.86
CA ALA DA 21 72.42 37.85 -99.99
C ALA DA 21 72.94 38.48 -101.28
N GLY DA 22 72.06 39.19 -101.97
CA GLY DA 22 72.43 39.90 -103.17
C GLY DA 22 73.04 41.24 -102.85
N PRO DA 23 73.44 41.98 -103.89
CA PRO DA 23 74.08 43.29 -103.66
C PRO DA 23 73.17 44.30 -102.97
N ALA DA 24 71.85 44.15 -103.10
CA ALA DA 24 70.91 45.10 -102.55
C ALA DA 24 70.40 44.71 -101.16
N HIS DA 25 70.96 43.65 -100.57
CA HIS DA 25 70.54 43.20 -99.26
C HIS DA 25 71.27 43.98 -98.16
N ASP DA 26 70.52 44.38 -97.14
CA ASP DA 26 71.07 45.09 -95.99
C ASP DA 26 70.11 44.91 -94.83
N VAL DA 27 70.28 45.72 -93.79
CA VAL DA 27 69.43 45.61 -92.60
C VAL DA 27 67.98 45.99 -92.88
N THR DA 28 67.74 46.98 -93.73
CA THR DA 28 66.39 47.46 -93.99
C THR DA 28 65.77 46.95 -95.28
N ASN DA 29 66.54 46.35 -96.16
CA ASN DA 29 66.02 45.83 -97.43
C ASN DA 29 66.36 44.35 -97.57
N VAL DA 30 65.47 43.61 -98.22
CA VAL DA 30 65.61 42.17 -98.37
C VAL DA 30 65.91 41.87 -99.84
N ASP DA 31 67.04 41.20 -100.06
CA ASP DA 31 67.41 40.67 -101.38
C ASP DA 31 68.13 39.35 -101.10
N THR DA 32 67.39 38.26 -101.06
CA THR DA 32 67.96 36.99 -100.62
C THR DA 32 67.54 35.84 -101.51
N VAL DA 33 68.43 34.86 -101.63
CA VAL DA 33 68.14 33.56 -102.22
C VAL DA 33 68.53 32.50 -101.19
N SER DA 34 67.57 31.71 -100.75
CA SER DA 34 67.78 30.69 -99.74
C SER DA 34 67.66 29.31 -100.36
N LEU DA 35 68.67 28.47 -100.14
CA LEU DA 35 68.63 27.07 -100.52
C LEU DA 35 68.33 26.25 -99.27
N ARG DA 36 67.28 25.44 -99.34
CA ARG DA 36 66.83 24.62 -98.24
C ARG DA 36 66.68 23.18 -98.71
N ARG DA 37 66.87 22.25 -97.79
CA ARG DA 37 66.79 20.84 -98.15
C ARG DA 37 66.18 20.04 -97.01
N SER DA 38 65.53 18.95 -97.38
CA SER DA 38 65.07 17.93 -96.45
C SER DA 38 65.57 16.60 -96.99
N LEU DA 39 66.53 16.01 -96.29
CA LEU DA 39 67.19 14.80 -96.73
C LEU DA 39 66.27 13.59 -96.53
N PRO DA 40 66.47 12.54 -97.33
CA PRO DA 40 65.62 11.35 -97.21
C PRO DA 40 65.69 10.74 -95.82
N VAL DA 41 64.55 10.23 -95.35
CA VAL DA 41 64.45 9.52 -94.09
C VAL DA 41 64.02 8.10 -94.41
N LYS DA 42 64.85 7.13 -94.03
CA LYS DA 42 64.63 5.72 -94.34
C LYS DA 42 63.57 5.14 -93.40
N LYS DA 43 62.38 5.73 -93.46
CA LYS DA 43 61.29 5.32 -92.59
C LYS DA 43 60.72 4.00 -93.10
N GLY DA 44 60.81 2.96 -92.29
CA GLY DA 44 60.29 1.66 -92.67
C GLY DA 44 60.97 1.14 -93.92
N SER DA 45 60.17 0.62 -94.85
CA SER DA 45 60.67 0.16 -96.14
C SER DA 45 60.78 1.28 -97.17
N ASP DA 46 60.07 2.38 -96.97
CA ASP DA 46 60.17 3.51 -97.88
C ASP DA 46 61.56 4.15 -97.76
N ASN DA 47 62.21 4.36 -98.90
CA ASN DA 47 63.53 4.97 -98.90
C ASN DA 47 63.49 6.48 -98.66
N GLY DA 48 62.32 7.09 -98.62
CA GLY DA 48 62.21 8.50 -98.35
C GLY DA 48 62.14 9.34 -99.60
N THR DA 49 62.09 10.65 -99.38
CA THR DA 49 62.01 11.63 -100.46
C THR DA 49 63.00 12.75 -100.19
N MET DA 50 63.74 13.14 -101.22
CA MET DA 50 64.60 14.31 -101.15
C MET DA 50 63.78 15.54 -101.53
N ARG DA 51 63.76 16.54 -100.64
CA ARG DA 51 63.04 17.78 -100.88
C ARG DA 51 64.04 18.92 -101.04
N GLY DA 52 63.94 19.65 -102.13
CA GLY DA 52 64.77 20.82 -102.37
C GLY DA 52 63.90 22.05 -102.50
N ASN DA 53 64.39 23.18 -101.98
CA ASN DA 53 63.65 24.43 -102.00
C ASN DA 53 64.59 25.57 -102.34
N MET DA 54 64.21 26.35 -103.35
CA MET DA 54 64.86 27.63 -103.65
C MET DA 54 63.86 28.74 -103.36
N ASN DA 55 64.27 29.68 -102.51
CA ASN DA 55 63.43 30.79 -102.09
C ASN DA 55 64.06 32.10 -102.55
N PHE DA 56 63.28 32.92 -103.25
CA PHE DA 56 63.72 34.24 -103.69
C PHE DA 56 62.89 35.27 -102.96
N ALA DA 57 63.54 36.18 -102.24
CA ALA DA 57 62.84 37.20 -101.47
C ALA DA 57 63.38 38.56 -101.85
N LYS DA 58 62.48 39.50 -102.15
CA LYS DA 58 62.87 40.86 -102.50
C LYS DA 58 61.91 41.84 -101.86
N SER DA 59 62.44 43.00 -101.50
CA SER DA 59 61.62 44.10 -100.99
C SER DA 59 61.21 45.02 -102.13
N PHE DA 60 59.97 45.52 -102.05
CA PHE DA 60 59.40 46.37 -103.09
C PHE DA 60 58.64 47.52 -102.45
N PRO DA 61 58.63 48.68 -103.07
CA PRO DA 61 57.80 49.78 -102.55
C PRO DA 61 56.32 49.45 -102.67
N ASN DA 62 55.61 49.52 -101.55
CA ASN DA 62 54.17 49.26 -101.48
C ASN DA 62 53.53 50.49 -100.85
N GLY DA 63 53.10 51.43 -101.69
CA GLY DA 63 52.55 52.67 -101.21
C GLY DA 63 53.52 53.42 -100.34
N ASP DA 64 53.24 53.44 -99.03
CA ASP DA 64 54.15 54.07 -98.08
C ASP DA 64 55.22 53.09 -97.59
N LYS DA 65 54.84 51.83 -97.36
CA LYS DA 65 55.71 50.87 -96.72
C LYS DA 65 56.49 50.07 -97.77
N LYS DA 66 57.14 48.99 -97.33
CA LYS DA 66 57.86 48.08 -98.21
C LYS DA 66 57.33 46.68 -97.98
N SER DA 67 56.91 46.02 -99.07
CA SER DA 67 56.35 44.68 -99.00
C SER DA 67 57.33 43.67 -99.56
N LEU DA 68 57.19 42.42 -99.12
CA LEU DA 68 58.10 41.35 -99.49
C LEU DA 68 57.46 40.46 -100.54
N VAL DA 69 58.12 40.33 -101.69
CA VAL DA 69 57.71 39.42 -102.76
C VAL DA 69 58.60 38.18 -102.68
N VAL DA 70 57.97 37.01 -102.64
CA VAL DA 70 58.66 35.74 -102.45
C VAL DA 70 58.26 34.80 -103.57
N VAL DA 71 59.25 34.18 -104.21
CA VAL DA 71 59.05 33.15 -105.21
C VAL DA 71 59.68 31.86 -104.70
N ASN DA 72 58.89 30.79 -104.64
CA ASN DA 72 59.37 29.51 -104.17
C ASN DA 72 59.43 28.51 -105.32
N LEU DA 73 60.46 27.66 -105.28
CA LEU DA 73 60.60 26.56 -106.23
C LEU DA 73 60.96 25.32 -105.42
N THR DA 74 60.02 24.40 -105.27
CA THR DA 74 60.22 23.20 -104.46
C THR DA 74 60.12 21.97 -105.35
N ALA DA 75 61.07 21.05 -105.16
CA ALA DA 75 61.10 19.79 -105.86
C ALA DA 75 61.09 18.64 -104.86
N HIS DA 76 60.31 17.60 -105.19
CA HIS DA 76 60.21 16.39 -104.38
C HIS DA 76 60.62 15.21 -105.26
N VAL DA 77 61.76 14.60 -104.95
CA VAL DA 77 62.24 13.46 -105.73
C VAL DA 77 62.28 12.24 -104.83
N PRO DA 78 61.46 11.22 -105.08
CA PRO DA 78 61.54 10.00 -104.28
C PRO DA 78 62.86 9.28 -104.50
N VAL DA 79 63.35 8.63 -103.45
CA VAL DA 79 64.62 7.90 -103.53
C VAL DA 79 64.42 6.64 -104.36
N GLY DA 80 65.35 6.40 -105.28
CA GLY DA 80 65.28 5.26 -106.19
C GLY DA 80 64.98 5.67 -107.63
N VAL DA 81 64.28 6.78 -107.82
CA VAL DA 81 64.04 7.29 -109.16
C VAL DA 81 65.37 7.72 -109.76
N ASP DA 82 65.57 7.37 -111.03
CA ASP DA 82 66.80 7.72 -111.73
C ASP DA 82 66.95 9.25 -111.79
N ALA DA 83 68.13 9.73 -111.42
CA ALA DA 83 68.34 11.18 -111.33
C ALA DA 83 68.43 11.82 -112.71
N THR DA 84 69.05 11.13 -113.66
CA THR DA 84 69.22 11.71 -115.00
C THR DA 84 67.88 11.94 -115.69
N ALA DA 85 66.95 11.00 -115.52
CA ALA DA 85 65.62 11.18 -116.09
C ALA DA 85 64.91 12.40 -115.49
N VAL DA 86 65.02 12.57 -114.17
CA VAL DA 86 64.42 13.73 -113.53
C VAL DA 86 65.06 15.01 -114.03
N ARG DA 87 66.39 15.00 -114.20
CA ARG DA 87 67.08 16.22 -114.62
C ARG DA 87 66.72 16.59 -116.05
N THR DA 88 66.61 15.60 -116.95
CA THR DA 88 66.24 15.94 -118.33
C THR DA 88 64.77 16.34 -118.41
N TRP DA 89 63.91 15.74 -117.57
CA TRP DA 89 62.51 16.19 -117.50
C TRP DA 89 62.43 17.64 -117.03
N MET DA 90 63.23 17.99 -116.04
CA MET DA 90 63.23 19.36 -115.53
C MET DA 90 63.75 20.34 -116.58
N THR DA 91 64.83 19.97 -117.26
CA THR DA 91 65.44 20.87 -118.23
C THR DA 91 64.54 21.06 -119.46
N SER DA 92 63.88 19.99 -119.90
CA SER DA 92 63.10 20.03 -121.13
C SER DA 92 61.64 20.36 -120.91
N GLU DA 93 61.04 19.91 -119.82
CA GLU DA 93 59.60 20.02 -119.63
C GLU DA 93 59.19 20.99 -118.53
N VAL DA 94 60.00 21.14 -117.49
CA VAL DA 94 59.59 21.96 -116.35
C VAL DA 94 60.11 23.38 -116.49
N PHE DA 95 61.40 23.53 -116.78
CA PHE DA 95 62.04 24.84 -116.86
C PHE DA 95 61.45 25.73 -117.95
N PRO DA 96 61.28 25.25 -119.20
CA PRO DA 96 60.71 26.14 -120.22
C PRO DA 96 59.31 26.63 -119.88
N GLY DA 97 58.48 25.80 -119.25
CA GLY DA 97 57.14 26.24 -118.89
C GLY DA 97 57.09 27.04 -117.61
N ALA DA 98 58.12 26.91 -116.76
CA ALA DA 98 58.15 27.62 -115.49
C ALA DA 98 58.67 29.04 -115.61
N THR DA 99 59.23 29.42 -116.76
CA THR DA 99 59.80 30.74 -116.96
C THR DA 99 59.10 31.49 -118.10
N SER DA 100 57.94 31.02 -118.53
CA SER DA 100 57.21 31.64 -119.62
C SER DA 100 56.34 32.77 -119.09
N SER DA 101 55.56 33.39 -119.97
CA SER DA 101 54.63 34.45 -119.56
C SER DA 101 53.50 33.91 -118.70
N VAL DA 102 53.24 32.60 -118.75
CA VAL DA 102 52.19 32.01 -117.92
C VAL DA 102 52.50 32.23 -116.45
N THR DA 103 53.76 32.03 -116.06
CA THR DA 103 54.16 32.28 -114.67
C THR DA 103 53.95 33.73 -114.29
N LEU DA 104 54.29 34.66 -115.19
CA LEU DA 104 54.13 36.08 -114.89
C LEU DA 104 52.66 36.44 -114.69
N ASP DA 105 51.78 35.97 -115.58
CA ASP DA 105 50.35 36.26 -115.44
C ASP DA 105 49.78 35.60 -114.18
N LEU DA 106 50.19 34.38 -113.87
CA LEU DA 106 49.71 33.71 -112.67
C LEU DA 106 50.16 34.44 -111.41
N ALA DA 107 51.40 34.94 -111.39
CA ALA DA 107 51.92 35.63 -110.21
C ALA DA 107 51.31 37.01 -110.03
N THR DA 108 51.12 37.75 -111.13
CA THR DA 108 50.66 39.12 -111.02
C THR DA 108 49.15 39.26 -111.11
N LYS DA 109 48.48 38.38 -111.86
CA LYS DA 109 47.04 38.50 -112.07
C LYS DA 109 46.24 37.26 -111.69
N GLY DA 110 46.89 36.16 -111.35
CA GLY DA 110 46.17 34.95 -111.00
C GLY DA 110 45.52 34.25 -112.17
N VAL DA 111 46.10 34.35 -113.36
CA VAL DA 111 45.52 33.74 -114.56
C VAL DA 111 45.82 32.25 -114.56
N ILE DA 112 44.76 31.44 -114.64
CA ILE DA 112 44.90 29.99 -114.64
C ILE DA 112 44.40 29.36 -115.94
N HIS DA 113 43.91 30.16 -116.88
CA HIS DA 113 43.46 29.69 -118.18
C HIS DA 113 44.38 30.25 -119.25
N LEU DA 114 45.21 29.40 -119.85
CA LEU DA 114 46.20 29.85 -120.83
C LEU DA 114 45.67 29.64 -122.24
N SER DA 115 44.54 30.29 -122.53
CA SER DA 115 43.93 30.20 -123.84
C SER DA 115 44.71 31.05 -124.85
N ASP DA 116 44.82 30.53 -126.07
CA ASP DA 116 44.35 29.20 -126.48
C ASP DA 116 45.41 28.47 -127.28
N ALA DA 117 46.33 29.24 -127.87
CA ALA DA 117 47.39 28.68 -128.69
C ALA DA 117 48.50 28.08 -127.83
N LEU EA 1 -114.54 11.08 75.22
CA LEU EA 1 -114.03 11.01 73.86
C LEU EA 1 -114.87 10.08 72.99
N SER EA 2 -115.46 10.64 71.93
CA SER EA 2 -116.31 9.87 71.04
C SER EA 2 -116.09 10.33 69.61
N ILE EA 3 -116.29 9.41 68.68
CA ILE EA 3 -116.26 9.70 67.25
C ILE EA 3 -117.57 9.16 66.68
N GLY EA 4 -118.56 10.04 66.55
CA GLY EA 4 -119.91 9.58 66.25
C GLY EA 4 -120.54 8.96 67.47
N THR EA 5 -120.89 7.67 67.38
CA THR EA 5 -121.48 6.95 68.49
C THR EA 5 -120.50 5.95 69.12
N LYS EA 6 -119.23 6.02 68.77
CA LYS EA 6 -118.22 5.08 69.26
C LYS EA 6 -117.32 5.78 70.27
N ASN EA 7 -117.14 5.15 71.43
CA ASN EA 7 -116.23 5.65 72.45
C ASN EA 7 -114.80 5.23 72.13
N VAL EA 8 -113.87 6.18 72.15
CA VAL EA 8 -112.48 5.93 71.81
C VAL EA 8 -111.60 6.52 72.91
N SER EA 9 -110.33 6.14 72.86
CA SER EA 9 -109.33 6.65 73.80
C SER EA 9 -108.07 7.01 73.02
N ILE EA 10 -107.36 8.02 73.50
CA ILE EA 10 -106.06 8.37 72.92
C ILE EA 10 -105.15 7.15 72.98
N TYR EA 11 -104.63 6.76 71.82
CA TYR EA 11 -103.74 5.60 71.71
C TYR EA 11 -102.35 5.97 71.24
N ARG EA 12 -102.24 6.79 70.19
CA ARG EA 12 -100.95 7.24 69.70
C ARG EA 12 -101.03 8.70 69.32
N ASN EA 13 -99.99 9.46 69.67
CA ASN EA 13 -99.95 10.90 69.43
C ASN EA 13 -98.68 11.23 68.68
N THR EA 14 -98.81 11.90 67.54
CA THR EA 14 -97.67 12.48 66.84
C THR EA 14 -97.95 13.93 66.51
N ALA EA 15 -97.03 14.59 65.80
CA ALA EA 15 -97.19 16.01 65.52
C ALA EA 15 -98.42 16.28 64.66
N ASP EA 16 -98.65 15.46 63.63
CA ASP EA 16 -99.73 15.69 62.69
C ASP EA 16 -100.70 14.53 62.60
N GLU EA 17 -100.59 13.51 63.46
CA GLU EA 17 -101.48 12.38 63.40
C GLU EA 17 -101.78 11.88 64.80
N VAL EA 18 -103.06 11.63 65.08
CA VAL EA 18 -103.50 11.06 66.34
C VAL EA 18 -104.32 9.82 66.05
N ILE EA 19 -103.93 8.70 66.64
CA ILE EA 19 -104.66 7.44 66.53
C ILE EA 19 -105.43 7.19 67.82
N TYR EA 20 -106.73 6.95 67.69
CA TYR EA 20 -107.60 6.57 68.79
C TYR EA 20 -107.99 5.11 68.63
N ALA EA 21 -108.11 4.41 69.76
CA ALA EA 21 -108.42 3.00 69.79
C ALA EA 21 -109.85 2.78 70.26
N GLY EA 22 -110.56 1.88 69.60
CA GLY EA 22 -111.91 1.54 69.97
C GLY EA 22 -111.94 0.52 71.09
N PRO EA 23 -113.15 0.15 71.54
CA PRO EA 23 -113.26 -0.81 72.65
C PRO EA 23 -112.73 -2.19 72.33
N ALA EA 24 -112.63 -2.56 71.05
CA ALA EA 24 -112.22 -3.90 70.66
C ALA EA 24 -110.76 -3.99 70.25
N HIS EA 25 -110.00 -2.91 70.42
CA HIS EA 25 -108.60 -2.90 70.00
C HIS EA 25 -107.72 -3.53 71.07
N ASP EA 26 -106.93 -4.53 70.67
CA ASP EA 26 -105.96 -5.17 71.56
C ASP EA 26 -104.82 -5.69 70.70
N VAL EA 27 -104.01 -6.58 71.27
CA VAL EA 27 -102.84 -7.13 70.59
C VAL EA 27 -103.26 -7.96 69.37
N THR EA 28 -104.47 -8.51 69.39
CA THR EA 28 -104.92 -9.40 68.33
C THR EA 28 -105.92 -8.77 67.36
N ASN EA 29 -106.74 -7.82 67.82
CA ASN EA 29 -107.79 -7.25 67.00
C ASN EA 29 -107.55 -5.76 66.81
N VAL EA 30 -107.70 -5.29 65.58
CA VAL EA 30 -107.54 -3.89 65.25
C VAL EA 30 -108.90 -3.21 65.23
N ASP EA 31 -109.02 -2.11 65.96
CA ASP EA 31 -110.21 -1.26 65.92
C ASP EA 31 -109.72 0.17 66.20
N THR EA 32 -109.42 0.91 65.13
CA THR EA 32 -108.79 2.20 65.30
C THR EA 32 -109.40 3.25 64.38
N VAL EA 33 -109.35 4.50 64.82
CA VAL EA 33 -109.68 5.66 64.01
C VAL EA 33 -108.54 6.65 64.11
N SER EA 34 -107.99 7.05 62.98
CA SER EA 34 -106.85 7.95 62.92
C SER EA 34 -107.26 9.28 62.31
N LEU EA 35 -106.78 10.37 62.89
CA LEU EA 35 -106.98 11.72 62.37
C LEU EA 35 -105.61 12.29 61.99
N ARG EA 36 -105.45 12.61 60.71
CA ARG EA 36 -104.18 13.11 60.20
C ARG EA 36 -104.42 14.43 59.47
N ARG EA 37 -103.49 15.36 59.63
CA ARG EA 37 -103.57 16.64 58.97
C ARG EA 37 -102.29 16.92 58.19
N SER EA 38 -102.46 17.55 57.04
CA SER EA 38 -101.38 18.10 56.24
C SER EA 38 -101.67 19.59 56.12
N LEU EA 39 -100.96 20.38 56.93
CA LEU EA 39 -101.19 21.81 56.97
C LEU EA 39 -100.66 22.45 55.69
N PRO EA 40 -101.29 23.54 55.23
CA PRO EA 40 -100.83 24.18 54.00
C PRO EA 40 -99.43 24.75 54.14
N VAL EA 41 -98.66 24.62 53.07
CA VAL EA 41 -97.38 25.30 52.94
C VAL EA 41 -97.55 26.34 51.84
N LYS EA 42 -97.27 27.60 52.17
CA LYS EA 42 -97.56 28.71 51.26
C LYS EA 42 -96.29 29.07 50.51
N LYS EA 43 -95.81 28.12 49.73
CA LYS EA 43 -94.64 28.30 48.88
C LYS EA 43 -94.96 29.25 47.73
N GLY EA 44 -93.96 30.05 47.36
CA GLY EA 44 -94.12 31.02 46.30
C GLY EA 44 -95.31 31.94 46.49
N SER EA 45 -96.27 31.88 45.55
CA SER EA 45 -97.51 32.65 45.66
C SER EA 45 -98.70 31.80 46.05
N ASP EA 46 -98.70 30.50 45.73
CA ASP EA 46 -99.81 29.64 46.10
C ASP EA 46 -99.84 29.44 47.61
N ASN EA 47 -101.03 29.55 48.20
CA ASN EA 47 -101.19 29.42 49.64
C ASN EA 47 -101.27 27.97 50.11
N GLY EA 48 -101.23 27.01 49.19
CA GLY EA 48 -101.24 25.62 49.56
C GLY EA 48 -102.64 25.08 49.85
N THR EA 49 -102.66 23.83 50.27
CA THR EA 49 -103.90 23.10 50.51
C THR EA 49 -103.88 22.48 51.91
N MET EA 50 -105.03 22.56 52.58
CA MET EA 50 -105.22 21.86 53.84
C MET EA 50 -105.80 20.49 53.55
N ARG EA 51 -105.13 19.45 54.02
CA ARG EA 51 -105.56 18.07 53.77
C ARG EA 51 -105.93 17.41 55.08
N GLY EA 52 -107.18 16.97 55.19
CA GLY EA 52 -107.63 16.28 56.39
C GLY EA 52 -108.04 14.86 56.11
N ASN EA 53 -107.37 13.89 56.74
CA ASN EA 53 -107.62 12.47 56.48
C ASN EA 53 -108.14 11.82 57.75
N MET EA 54 -109.23 11.07 57.62
CA MET EA 54 -109.77 10.26 58.69
C MET EA 54 -109.76 8.80 58.26
N ASN EA 55 -109.16 7.95 59.09
CA ASN EA 55 -108.89 6.55 58.78
C ASN EA 55 -109.67 5.67 59.73
N PHE EA 56 -110.35 4.66 59.20
CA PHE EA 56 -111.02 3.64 60.01
C PHE EA 56 -110.41 2.30 59.68
N ALA EA 57 -109.88 1.61 60.69
CA ALA EA 57 -109.22 0.33 60.49
C ALA EA 57 -109.86 -0.72 61.39
N LYS EA 58 -110.21 -1.86 60.80
CA LYS EA 58 -110.84 -2.94 61.55
C LYS EA 58 -110.36 -4.29 61.03
N SER EA 59 -110.02 -5.18 61.95
CA SER EA 59 -109.66 -6.54 61.57
C SER EA 59 -110.92 -7.39 61.40
N PHE EA 60 -110.89 -8.27 60.42
CA PHE EA 60 -112.01 -9.14 60.08
C PHE EA 60 -111.50 -10.56 59.86
N PRO EA 61 -112.32 -11.56 60.16
CA PRO EA 61 -111.93 -12.95 59.83
C PRO EA 61 -111.84 -13.15 58.34
N ASN EA 62 -110.76 -13.79 57.89
CA ASN EA 62 -110.54 -14.09 56.48
C ASN EA 62 -109.97 -15.51 56.43
N GLY EA 63 -110.86 -16.48 56.27
CA GLY EA 63 -110.43 -17.86 56.35
C GLY EA 63 -109.87 -18.14 57.72
N ASP EA 64 -108.64 -18.66 57.76
CA ASP EA 64 -107.96 -18.90 59.03
C ASP EA 64 -107.24 -17.67 59.56
N LYS EA 65 -107.00 -16.67 58.73
CA LYS EA 65 -106.22 -15.51 59.13
C LYS EA 65 -107.14 -14.32 59.39
N LYS EA 66 -106.53 -13.16 59.61
CA LYS EA 66 -107.25 -11.91 59.80
C LYS EA 66 -106.82 -10.90 58.75
N SER EA 67 -107.78 -10.14 58.24
CA SER EA 67 -107.54 -9.16 57.19
C SER EA 67 -107.97 -7.79 57.67
N LEU EA 68 -107.21 -6.77 57.28
CA LEU EA 68 -107.49 -5.40 57.69
C LEU EA 68 -108.36 -4.71 56.64
N VAL EA 69 -109.52 -4.22 57.06
CA VAL EA 69 -110.38 -3.39 56.23
C VAL EA 69 -110.17 -1.94 56.65
N VAL EA 70 -109.86 -1.09 55.69
CA VAL EA 70 -109.53 0.31 55.92
C VAL EA 70 -110.46 1.18 55.09
N VAL EA 71 -111.05 2.18 55.73
CA VAL EA 71 -111.87 3.18 55.06
C VAL EA 71 -111.25 4.55 55.27
N ASN EA 72 -110.97 5.25 54.19
CA ASN EA 72 -110.34 6.57 54.24
C ASN EA 72 -111.33 7.63 53.80
N LEU EA 73 -111.32 8.77 54.51
CA LEU EA 73 -112.12 9.93 54.13
C LEU EA 73 -111.20 11.15 54.17
N THR EA 74 -110.88 11.69 53.00
CA THR EA 74 -109.90 12.77 52.88
C THR EA 74 -110.55 13.99 52.25
N ALA EA 75 -110.31 15.15 52.84
CA ALA EA 75 -110.77 16.43 52.33
C ALA EA 75 -109.58 17.28 51.92
N HIS EA 76 -109.62 17.83 50.72
CA HIS EA 76 -108.58 18.71 50.19
C HIS EA 76 -109.20 20.09 50.00
N VAL EA 77 -108.87 21.03 50.88
CA VAL EA 77 -109.46 22.36 50.83
C VAL EA 77 -108.35 23.36 50.51
N PRO EA 78 -108.39 24.01 49.34
CA PRO EA 78 -107.40 25.07 49.05
C PRO EA 78 -107.59 26.26 49.97
N VAL EA 79 -106.48 26.93 50.29
CA VAL EA 79 -106.52 28.06 51.20
C VAL EA 79 -107.14 29.26 50.50
N GLY EA 80 -108.08 29.91 51.18
CA GLY EA 80 -108.82 31.04 50.64
C GLY EA 80 -110.30 30.76 50.44
N VAL EA 81 -110.64 29.48 50.29
CA VAL EA 81 -112.03 29.09 50.15
C VAL EA 81 -112.75 29.29 51.48
N ASP EA 82 -113.97 29.84 51.41
CA ASP EA 82 -114.75 30.07 52.62
C ASP EA 82 -115.03 28.75 53.34
N ALA EA 83 -114.68 28.70 54.63
CA ALA EA 83 -114.87 27.48 55.41
C ALA EA 83 -116.35 27.16 55.58
N THR EA 84 -117.19 28.17 55.79
CA THR EA 84 -118.61 27.93 56.00
C THR EA 84 -119.26 27.32 54.75
N ALA EA 85 -118.92 27.82 53.57
CA ALA EA 85 -119.46 27.27 52.34
C ALA EA 85 -119.02 25.82 52.15
N VAL EA 86 -117.76 25.52 52.45
CA VAL EA 86 -117.27 24.16 52.33
C VAL EA 86 -117.99 23.23 53.30
N ARG EA 87 -118.20 23.70 54.54
CA ARG EA 87 -118.89 22.87 55.53
C ARG EA 87 -120.34 22.63 55.11
N THR EA 88 -121.01 23.64 54.58
CA THR EA 88 -122.38 23.45 54.10
C THR EA 88 -122.42 22.46 52.94
N TRP EA 89 -121.47 22.56 52.00
CA TRP EA 89 -121.42 21.62 50.90
C TRP EA 89 -121.17 20.20 51.37
N MET EA 90 -120.26 20.04 52.34
CA MET EA 90 -119.97 18.70 52.87
C MET EA 90 -121.19 18.12 53.59
N THR EA 91 -121.88 18.95 54.37
CA THR EA 91 -123.02 18.45 55.16
C THR EA 91 -124.22 18.12 54.29
N SER EA 92 -124.53 18.98 53.31
CA SER EA 92 -125.74 18.81 52.52
C SER EA 92 -125.55 17.94 51.29
N GLU EA 93 -124.34 17.84 50.75
CA GLU EA 93 -124.11 17.12 49.51
C GLU EA 93 -123.20 15.92 49.66
N VAL EA 94 -122.08 16.07 50.35
CA VAL EA 94 -121.10 14.98 50.42
C VAL EA 94 -121.52 13.94 51.45
N PHE EA 95 -121.92 14.39 52.64
CA PHE EA 95 -122.23 13.45 53.71
C PHE EA 95 -123.40 12.53 53.39
N PRO EA 96 -124.55 13.00 52.90
CA PRO EA 96 -125.62 12.06 52.55
C PRO EA 96 -125.23 11.05 51.47
N GLY EA 97 -124.41 11.47 50.50
CA GLY EA 97 -124.03 10.55 49.44
C GLY EA 97 -122.94 9.57 49.83
N ALA EA 98 -122.11 9.94 50.79
CA ALA EA 98 -121.02 9.10 51.25
C ALA EA 98 -121.45 8.08 52.30
N THR EA 99 -122.71 8.13 52.73
CA THR EA 99 -123.25 7.17 53.68
C THR EA 99 -124.44 6.41 53.10
N SER EA 100 -124.64 6.50 51.80
CA SER EA 100 -125.74 5.82 51.14
C SER EA 100 -125.36 4.38 50.81
N SER EA 101 -126.31 3.65 50.23
CA SER EA 101 -126.03 2.30 49.78
C SER EA 101 -125.05 2.29 48.61
N VAL EA 102 -124.86 3.42 47.93
CA VAL EA 102 -123.89 3.50 46.85
C VAL EA 102 -122.49 3.24 47.38
N THR EA 103 -122.13 3.85 48.51
CA THR EA 103 -120.81 3.63 49.09
C THR EA 103 -120.63 2.18 49.51
N LEU EA 104 -121.65 1.60 50.14
CA LEU EA 104 -121.56 0.20 50.56
C LEU EA 104 -121.38 -0.73 49.36
N ASP EA 105 -122.14 -0.49 48.30
CA ASP EA 105 -122.03 -1.32 47.10
C ASP EA 105 -120.67 -1.17 46.44
N LEU EA 106 -120.15 0.05 46.37
CA LEU EA 106 -118.84 0.25 45.79
C LEU EA 106 -117.75 -0.43 46.62
N ALA EA 107 -117.86 -0.35 47.94
CA ALA EA 107 -116.83 -0.92 48.80
C ALA EA 107 -116.85 -2.44 48.78
N THR EA 108 -118.03 -3.05 48.86
CA THR EA 108 -118.11 -4.50 49.05
C THR EA 108 -118.37 -5.28 47.76
N LYS EA 109 -118.72 -4.61 46.66
CA LYS EA 109 -118.98 -5.30 45.40
C LYS EA 109 -118.31 -4.64 44.21
N GLY EA 110 -117.70 -3.47 44.38
CA GLY EA 110 -117.12 -2.75 43.27
C GLY EA 110 -118.13 -2.25 42.26
N VAL EA 111 -119.30 -1.80 42.71
CA VAL EA 111 -120.34 -1.32 41.82
C VAL EA 111 -120.12 0.16 41.55
N ILE EA 112 -119.92 0.52 40.28
CA ILE EA 112 -119.72 1.90 39.86
C ILE EA 112 -120.87 2.41 39.00
N HIS EA 113 -121.89 1.59 38.74
CA HIS EA 113 -123.06 1.99 37.97
C HIS EA 113 -124.26 2.00 38.90
N LEU EA 114 -124.79 3.19 39.21
CA LEU EA 114 -125.96 3.30 40.09
C LEU EA 114 -127.22 3.45 39.25
N SER EA 115 -127.60 2.35 38.61
CA SER EA 115 -128.88 2.28 37.90
C SER EA 115 -130.00 1.87 38.85
N ASP EA 116 -131.20 2.35 38.57
CA ASP EA 116 -131.58 3.30 37.53
C ASP EA 116 -132.54 4.34 38.08
N ALA EA 117 -133.03 4.09 39.29
CA ALA EA 117 -134.00 4.97 39.93
C ALA EA 117 -133.45 6.38 40.13
N LEU FA 1 -131.48 8.62 38.48
CA LEU FA 1 -130.10 8.49 38.90
C LEU FA 1 -129.77 9.52 39.98
N SER FA 2 -129.60 9.03 41.21
CA SER FA 2 -129.32 9.91 42.33
C SER FA 2 -128.25 9.29 43.22
N ILE FA 3 -127.38 10.15 43.74
CA ILE FA 3 -126.39 9.75 44.74
C ILE FA 3 -126.69 10.56 45.99
N GLY FA 4 -127.09 9.86 47.05
CA GLY FA 4 -127.55 10.53 48.26
C GLY FA 4 -128.82 11.33 47.98
N THR FA 5 -128.77 12.64 48.23
CA THR FA 5 -129.89 13.51 47.93
C THR FA 5 -129.70 14.29 46.63
N LYS FA 6 -128.60 14.07 45.91
CA LYS FA 6 -128.29 14.82 44.71
C LYS FA 6 -128.64 13.99 43.48
N ASN FA 7 -129.46 14.55 42.60
CA ASN FA 7 -129.69 13.95 41.30
C ASN FA 7 -128.49 14.18 40.39
N VAL FA 8 -128.03 13.11 39.75
CA VAL FA 8 -126.86 13.17 38.88
C VAL FA 8 -127.19 12.50 37.56
N SER FA 9 -126.33 12.72 36.57
CA SER FA 9 -126.43 12.07 35.27
C SER FA 9 -125.05 11.56 34.88
N ILE FA 10 -125.04 10.52 34.04
CA ILE FA 10 -123.77 9.96 33.58
C ILE FA 10 -123.06 10.98 32.71
N TYR FA 11 -121.82 11.30 33.08
CA TYR FA 11 -121.01 12.28 32.38
C TYR FA 11 -119.88 11.63 31.59
N ARG FA 12 -119.14 10.72 32.21
CA ARG FA 12 -118.10 9.97 31.52
C ARG FA 12 -118.10 8.55 32.04
N ASN FA 13 -117.74 7.60 31.17
CA ASN FA 13 -117.86 6.18 31.49
C ASN FA 13 -116.65 5.45 30.92
N THR FA 14 -115.75 5.02 31.79
CA THR FA 14 -114.64 4.15 31.44
C THR FA 14 -114.88 2.76 32.04
N ALA FA 15 -113.88 1.88 31.88
CA ALA FA 15 -114.04 0.50 32.32
C ALA FA 15 -114.17 0.40 33.83
N ASP FA 16 -113.32 1.12 34.58
CA ASP FA 16 -113.32 1.02 36.03
C ASP FA 16 -113.62 2.35 36.72
N GLU FA 17 -114.07 3.35 35.97
CA GLU FA 17 -114.45 4.63 36.55
C GLU FA 17 -115.65 5.20 35.82
N VAL FA 18 -116.63 5.68 36.58
CA VAL FA 18 -117.77 6.39 36.03
C VAL FA 18 -117.87 7.74 36.74
N ILE FA 19 -117.81 8.82 35.97
CA ILE FA 19 -117.96 10.16 36.51
C ILE FA 19 -119.39 10.63 36.22
N TYR FA 20 -120.10 11.03 37.27
CA TYR FA 20 -121.44 11.59 37.17
C TYR FA 20 -121.37 13.08 37.46
N ALA FA 21 -122.26 13.84 36.83
CA ALA FA 21 -122.28 15.29 36.94
C ALA FA 21 -123.56 15.72 37.64
N GLY FA 22 -123.43 16.68 38.56
CA GLY FA 22 -124.57 17.25 39.22
C GLY FA 22 -125.32 18.19 38.31
N PRO FA 23 -126.45 18.71 38.78
CA PRO FA 23 -127.24 19.62 37.92
C PRO FA 23 -126.49 20.87 37.52
N ALA FA 24 -125.59 21.37 38.37
CA ALA FA 24 -124.88 22.60 38.10
C ALA FA 24 -123.60 22.42 37.29
N HIS FA 25 -123.16 21.18 37.08
CA HIS FA 25 -121.91 20.95 36.37
C HIS FA 25 -121.98 21.51 34.96
N ASP FA 26 -120.90 22.17 34.55
CA ASP FA 26 -120.83 22.79 33.24
C ASP FA 26 -119.35 22.91 32.84
N VAL FA 27 -119.10 23.69 31.78
CA VAL FA 27 -117.74 23.83 31.25
C VAL FA 27 -116.85 24.68 32.13
N THR FA 28 -117.41 25.48 33.04
CA THR FA 28 -116.62 26.30 33.93
C THR FA 28 -116.80 25.97 35.41
N ASN FA 29 -117.90 25.34 35.80
CA ASN FA 29 -118.15 24.94 37.18
C ASN FA 29 -118.06 23.42 37.27
N VAL FA 30 -117.26 22.93 38.21
CA VAL FA 30 -117.11 21.50 38.43
C VAL FA 30 -118.04 21.08 39.55
N ASP FA 31 -118.91 20.11 39.28
CA ASP FA 31 -119.75 19.48 40.28
C ASP FA 31 -119.85 18.01 39.88
N THR FA 32 -118.95 17.19 40.39
CA THR FA 32 -118.83 15.82 39.93
C THR FA 32 -118.71 14.84 41.08
N VAL FA 33 -119.25 13.64 40.86
CA VAL FA 33 -119.08 12.49 41.75
C VAL FA 33 -118.52 11.36 40.90
N SER FA 34 -117.30 10.94 41.21
CA SER FA 34 -116.66 9.84 40.51
C SER FA 34 -116.72 8.58 41.35
N LEU FA 35 -117.08 7.47 40.71
CA LEU FA 35 -116.98 6.15 41.32
C LEU FA 35 -115.88 5.40 40.57
N ARG FA 36 -114.80 5.10 41.27
CA ARG FA 36 -113.67 4.39 40.69
C ARG FA 36 -113.44 3.11 41.48
N ARG FA 37 -112.98 2.08 40.78
CA ARG FA 37 -112.67 0.82 41.43
C ARG FA 37 -111.33 0.30 40.93
N SER FA 38 -110.63 -0.40 41.82
CA SER FA 38 -109.45 -1.18 41.49
C SER FA 38 -109.74 -2.61 41.88
N LEU FA 39 -109.85 -3.48 40.87
CA LEU FA 39 -110.25 -4.86 41.08
C LEU FA 39 -109.11 -5.66 41.71
N PRO FA 40 -109.43 -6.66 42.53
CA PRO FA 40 -108.38 -7.46 43.17
C PRO FA 40 -107.50 -8.14 42.15
N VAL FA 41 -106.19 -8.12 42.42
CA VAL FA 41 -105.22 -8.81 41.59
C VAL FA 41 -104.70 -10.00 42.38
N LYS FA 42 -104.98 -11.20 41.89
CA LYS FA 42 -104.57 -12.43 42.56
C LYS FA 42 -103.08 -12.62 42.31
N LYS FA 43 -102.27 -12.15 43.26
CA LYS FA 43 -100.82 -12.27 43.16
C LYS FA 43 -100.30 -13.12 44.32
N GLY FA 44 -99.45 -14.08 43.98
CA GLY FA 44 -98.90 -14.97 45.00
C GLY FA 44 -100.01 -15.75 45.68
N SER FA 45 -99.86 -15.95 46.99
CA SER FA 45 -100.91 -16.56 47.80
C SER FA 45 -101.94 -15.56 48.26
N ASP FA 46 -101.72 -14.27 48.01
CA ASP FA 46 -102.67 -13.24 48.38
C ASP FA 46 -103.71 -13.07 47.27
N ASN FA 47 -104.99 -13.17 47.64
CA ASN FA 47 -106.07 -13.03 46.68
C ASN FA 47 -106.30 -11.58 46.24
N GLY FA 48 -105.63 -10.63 46.87
CA GLY FA 48 -105.74 -9.25 46.47
C GLY FA 48 -106.74 -8.46 47.31
N THR FA 49 -106.96 -7.23 46.88
CA THR FA 49 -107.81 -6.29 47.60
C THR FA 49 -108.63 -5.48 46.61
N MET FA 50 -109.92 -5.33 46.88
CA MET FA 50 -110.78 -4.45 46.11
C MET FA 50 -110.68 -3.04 46.69
N ARG FA 51 -110.37 -2.08 45.84
CA ARG FA 51 -110.33 -0.68 46.23
C ARG FA 51 -111.53 0.04 45.63
N GLY FA 52 -112.29 0.73 46.48
CA GLY FA 52 -113.40 1.54 46.00
C GLY FA 52 -113.23 2.99 46.39
N ASN FA 53 -113.21 3.88 45.40
CA ASN FA 53 -112.99 5.31 45.62
C ASN FA 53 -114.21 6.09 45.19
N MET FA 54 -114.66 6.98 46.07
CA MET FA 54 -115.77 7.90 45.81
C MET FA 54 -115.22 9.32 45.89
N ASN FA 55 -115.19 10.02 44.77
CA ASN FA 55 -114.60 11.34 44.66
C ASN FA 55 -115.70 12.38 44.50
N PHE FA 56 -115.70 13.39 45.36
CA PHE FA 56 -116.58 14.54 45.24
C PHE FA 56 -115.74 15.74 44.88
N ALA FA 57 -116.05 16.38 43.75
CA ALA FA 57 -115.32 17.56 43.31
C ALA FA 57 -116.30 18.70 43.12
N LYS FA 58 -115.97 19.86 43.70
CA LYS FA 58 -116.82 21.04 43.59
C LYS FA 58 -115.96 22.29 43.43
N SER FA 59 -116.39 23.17 42.54
CA SER FA 59 -115.71 24.45 42.34
C SER FA 59 -116.23 25.47 43.36
N PHE FA 60 -115.31 26.25 43.92
CA PHE FA 60 -115.63 27.23 44.93
C PHE FA 60 -114.93 28.55 44.62
N PRO FA 61 -115.56 29.68 44.93
CA PRO FA 61 -114.87 30.97 44.77
C PRO FA 61 -113.73 31.10 45.76
N ASN FA 62 -112.52 31.27 45.24
CA ASN FA 62 -111.32 31.49 46.04
C ASN FA 62 -110.79 32.86 45.66
N GLY FA 63 -111.17 33.87 46.45
CA GLY FA 63 -110.83 35.24 46.14
C GLY FA 63 -111.38 35.66 44.79
N ASP FA 64 -110.49 35.84 43.83
CA ASP FA 64 -110.89 36.18 42.47
C ASP FA 64 -111.04 34.95 41.58
N LYS FA 65 -110.30 33.88 41.87
CA LYS FA 65 -110.27 32.70 41.03
C LYS FA 65 -111.24 31.64 41.56
N LYS FA 66 -111.16 30.45 41.00
CA LYS FA 66 -111.93 29.31 41.48
C LYS FA 66 -111.00 28.18 41.89
N SER FA 67 -111.31 27.55 43.02
CA SER FA 67 -110.52 26.45 43.55
C SER FA 67 -111.38 25.19 43.59
N LEU FA 68 -110.74 24.05 43.42
CA LEU FA 68 -111.41 22.76 43.42
C LEU FA 68 -111.31 22.14 44.81
N VAL FA 69 -112.45 21.95 45.46
CA VAL FA 69 -112.52 21.24 46.73
C VAL FA 69 -112.88 19.80 46.44
N VAL FA 70 -112.07 18.87 46.95
CA VAL FA 70 -112.19 17.45 46.67
C VAL FA 70 -112.31 16.69 47.99
N VAL FA 71 -113.29 15.79 48.06
CA VAL FA 71 -113.46 14.89 49.19
C VAL FA 71 -113.39 13.47 48.65
N ASN FA 72 -112.48 12.67 49.20
CA ASN FA 72 -112.30 11.28 48.78
C ASN FA 72 -112.73 10.33 49.88
N LEU FA 73 -113.48 9.30 49.50
CA LEU FA 73 -113.85 8.21 50.41
C LEU FA 73 -113.36 6.92 49.79
N THR FA 74 -112.34 6.31 50.38
CA THR FA 74 -111.70 5.13 49.83
C THR FA 74 -111.84 3.97 50.80
N ALA FA 75 -112.20 2.80 50.28
CA ALA FA 75 -112.31 1.57 51.06
C ALA FA 75 -111.41 0.51 50.44
N HIS FA 76 -110.70 -0.22 51.30
CA HIS FA 76 -109.83 -1.32 50.88
C HIS FA 76 -110.32 -2.59 51.55
N VAL FA 77 -110.94 -3.48 50.77
CA VAL FA 77 -111.53 -4.70 51.29
C VAL FA 77 -110.74 -5.89 50.73
N PRO FA 78 -110.03 -6.65 51.56
CA PRO FA 78 -109.32 -7.83 51.06
C PRO FA 78 -110.29 -8.93 50.67
N VAL FA 79 -109.92 -9.69 49.63
CA VAL FA 79 -110.73 -10.82 49.20
C VAL FA 79 -110.73 -11.90 50.27
N GLY FA 80 -111.90 -12.45 50.54
CA GLY FA 80 -112.08 -13.50 51.53
C GLY FA 80 -112.83 -13.05 52.77
N VAL FA 81 -113.07 -11.74 52.91
CA VAL FA 81 -113.79 -11.21 54.06
C VAL FA 81 -115.29 -11.27 53.78
N ASP FA 82 -116.07 -11.47 54.85
CA ASP FA 82 -117.51 -11.47 54.72
C ASP FA 82 -118.00 -10.06 54.38
N ALA FA 83 -118.74 -9.95 53.27
CA ALA FA 83 -119.20 -8.64 52.82
C ALA FA 83 -120.28 -8.07 53.72
N THR FA 84 -121.16 -8.93 54.26
CA THR FA 84 -122.20 -8.45 55.17
C THR FA 84 -121.61 -7.87 56.44
N ALA FA 85 -120.58 -8.52 56.99
CA ALA FA 85 -119.93 -7.99 58.18
C ALA FA 85 -119.30 -6.63 57.91
N VAL FA 86 -118.64 -6.48 56.75
CA VAL FA 86 -118.03 -5.21 56.41
C VAL FA 86 -119.09 -4.13 56.23
N ARG FA 87 -120.21 -4.47 55.58
CA ARG FA 87 -121.29 -3.49 55.41
C ARG FA 87 -121.86 -3.08 56.77
N THR FA 88 -122.06 -4.03 57.67
CA THR FA 88 -122.58 -3.70 59.00
C THR FA 88 -121.61 -2.81 59.76
N TRP FA 89 -120.31 -3.11 59.69
CA TRP FA 89 -119.31 -2.27 60.36
C TRP FA 89 -119.29 -0.86 59.77
N MET FA 90 -119.36 -0.76 58.44
CA MET FA 90 -119.34 0.55 57.80
C MET FA 90 -120.58 1.36 58.15
N THR FA 91 -121.75 0.71 58.21
CA THR FA 91 -122.97 1.42 58.53
C THR FA 91 -123.00 1.86 60.00
N SER FA 92 -122.63 0.98 60.93
CA SER FA 92 -122.77 1.27 62.34
C SER FA 92 -121.61 2.06 62.93
N GLU FA 93 -120.41 1.95 62.37
CA GLU FA 93 -119.23 2.52 62.99
C GLU FA 93 -118.51 3.54 62.14
N VAL FA 94 -118.42 3.33 60.83
CA VAL FA 94 -117.67 4.25 59.97
C VAL FA 94 -118.53 5.45 59.61
N PHE FA 95 -119.76 5.21 59.17
CA PHE FA 95 -120.61 6.30 58.69
C PHE FA 95 -120.93 7.35 59.74
N PRO FA 96 -121.35 7.01 60.96
CA PRO FA 96 -121.63 8.06 61.95
C PRO FA 96 -120.42 8.92 62.28
N GLY FA 97 -119.23 8.33 62.34
CA GLY FA 97 -118.05 9.11 62.64
C GLY FA 97 -117.52 9.91 61.47
N ALA FA 98 -117.73 9.42 60.24
CA ALA FA 98 -117.24 10.14 59.07
C ALA FA 98 -118.07 11.38 58.75
N THR FA 99 -119.34 11.42 59.15
CA THR FA 99 -120.21 12.55 58.89
C THR FA 99 -120.53 13.33 60.16
N SER FA 100 -119.58 13.39 61.09
CA SER FA 100 -119.76 14.10 62.34
C SER FA 100 -119.05 15.46 62.26
N SER FA 101 -119.12 16.21 63.36
CA SER FA 101 -118.41 17.50 63.42
C SER FA 101 -116.91 17.32 63.41
N VAL FA 102 -116.42 16.11 63.72
CA VAL FA 102 -114.97 15.86 63.70
C VAL FA 102 -114.43 16.03 62.29
N THR FA 103 -115.16 15.52 61.29
CA THR FA 103 -114.70 15.66 59.90
C THR FA 103 -114.62 17.12 59.49
N LEU FA 104 -115.66 17.90 59.81
CA LEU FA 104 -115.66 19.31 59.44
C LEU FA 104 -114.55 20.08 60.16
N ASP FA 105 -114.35 19.80 61.45
CA ASP FA 105 -113.30 20.48 62.20
C ASP FA 105 -111.92 20.12 61.67
N LEU FA 106 -111.71 18.86 61.32
CA LEU FA 106 -110.43 18.46 60.72
C LEU FA 106 -110.23 19.12 59.36
N ALA FA 107 -111.29 19.23 58.57
CA ALA FA 107 -111.16 19.79 57.23
C ALA FA 107 -110.86 21.28 57.28
N THR FA 108 -111.61 22.04 58.07
CA THR FA 108 -111.50 23.50 58.04
C THR FA 108 -110.65 24.08 59.16
N LYS FA 109 -110.12 23.25 60.06
CA LYS FA 109 -109.30 23.77 61.15
C LYS FA 109 -108.06 22.94 61.44
N GLY FA 110 -107.90 21.77 60.84
CA GLY FA 110 -106.78 20.90 61.17
C GLY FA 110 -106.82 20.38 62.59
N VAL FA 111 -108.00 20.10 63.12
CA VAL FA 111 -108.11 19.59 64.48
C VAL FA 111 -107.96 18.08 64.46
N ILE FA 112 -106.93 17.58 65.13
CA ILE FA 112 -106.70 16.15 65.24
C ILE FA 112 -106.82 15.66 66.68
N HIS FA 113 -106.81 16.55 67.66
CA HIS FA 113 -106.98 16.18 69.07
C HIS FA 113 -108.44 16.36 69.45
N LEU FA 114 -109.09 15.28 69.86
CA LEU FA 114 -110.50 15.29 70.17
C LEU FA 114 -110.72 15.71 71.62
N SER FA 115 -111.89 16.29 71.88
CA SER FA 115 -112.26 16.74 73.22
C SER FA 115 -113.77 16.75 73.34
N ASP FA 116 -114.27 16.57 74.56
CA ASP FA 116 -113.56 16.15 75.75
C ASP FA 116 -114.38 15.13 76.53
N ALA FA 117 -115.66 15.03 76.17
CA ALA FA 117 -116.60 14.15 76.86
C ALA FA 117 -117.03 13.01 75.95
N LEU GA 1 -133.13 34.96 -2.38
CA LEU GA 1 -132.15 34.01 -1.87
C LEU GA 1 -132.42 33.68 -0.41
N SER GA 2 -132.86 32.45 -0.15
CA SER GA 2 -133.21 32.01 1.19
C SER GA 2 -132.56 30.67 1.50
N ILE GA 3 -132.04 30.55 2.71
CA ILE GA 3 -131.57 29.27 3.25
C ILE GA 3 -132.36 29.05 4.54
N GLY GA 4 -133.48 28.34 4.44
CA GLY GA 4 -134.40 28.23 5.54
C GLY GA 4 -135.28 29.46 5.64
N THR GA 5 -135.25 30.14 6.79
CA THR GA 5 -135.96 31.40 6.97
C THR GA 5 -135.04 32.60 6.87
N LYS GA 6 -133.78 32.40 6.46
CA LYS GA 6 -132.78 33.45 6.42
C LYS GA 6 -132.65 34.01 5.02
N ASN GA 7 -132.66 35.33 4.91
CA ASN GA 7 -132.38 36.00 3.64
C ASN GA 7 -130.88 36.26 3.54
N VAL GA 8 -130.25 35.64 2.54
CA VAL GA 8 -128.82 35.74 2.35
C VAL GA 8 -128.52 36.37 0.99
N SER GA 9 -127.29 36.82 0.83
CA SER GA 9 -126.80 37.34 -0.44
C SER GA 9 -125.45 36.70 -0.74
N ILE GA 10 -125.13 36.60 -2.03
CA ILE GA 10 -123.84 36.05 -2.41
C ILE GA 10 -122.73 36.94 -1.90
N TYR GA 11 -121.79 36.36 -1.17
CA TYR GA 11 -120.66 37.08 -0.60
C TYR GA 11 -119.34 36.65 -1.21
N ARG GA 12 -119.13 35.36 -1.43
CA ARG GA 12 -117.94 34.88 -2.10
C ARG GA 12 -118.32 33.73 -3.02
N ASN GA 13 -117.83 33.77 -4.25
CA ASN GA 13 -118.18 32.77 -5.26
C ASN GA 13 -116.89 32.13 -5.75
N THR GA 14 -116.70 30.86 -5.45
CA THR GA 14 -115.55 30.08 -5.84
C THR GA 14 -116.04 28.85 -6.59
N ALA GA 15 -115.11 28.14 -7.25
CA ALA GA 15 -115.49 27.00 -8.09
C ALA GA 15 -116.27 25.95 -7.30
N ASP GA 16 -115.84 25.65 -6.08
CA ASP GA 16 -116.44 24.56 -5.32
C ASP GA 16 -117.01 25.01 -3.98
N GLU GA 17 -117.13 26.32 -3.76
CA GLU GA 17 -117.69 26.81 -2.50
C GLU GA 17 -118.27 28.20 -2.72
N VAL GA 18 -119.49 28.41 -2.24
CA VAL GA 18 -120.13 29.71 -2.25
C VAL GA 18 -120.48 30.09 -0.82
N ILE GA 19 -120.01 31.25 -0.39
CA ILE GA 19 -120.30 31.79 0.93
C ILE GA 19 -121.38 32.85 0.78
N TYR GA 20 -122.48 32.67 1.50
CA TYR GA 20 -123.56 33.64 1.57
C TYR GA 20 -123.55 34.31 2.94
N ALA GA 21 -123.89 35.59 2.96
CA ALA GA 21 -123.85 36.39 4.18
C ALA GA 21 -125.27 36.76 4.61
N GLY GA 22 -125.53 36.65 5.90
CA GLY GA 22 -126.80 37.02 6.46
C GLY GA 22 -126.91 38.51 6.69
N PRO GA 23 -128.04 38.96 7.22
CA PRO GA 23 -128.22 40.41 7.44
C PRO GA 23 -127.24 41.00 8.44
N ALA GA 24 -126.69 40.19 9.34
CA ALA GA 24 -125.83 40.67 10.41
C ALA GA 24 -124.34 40.49 10.11
N HIS GA 25 -124.00 40.17 8.86
CA HIS GA 25 -122.60 39.99 8.48
C HIS GA 25 -121.99 41.30 8.02
N ASP GA 26 -120.77 41.55 8.47
CA ASP GA 26 -120.04 42.76 8.09
C ASP GA 26 -118.55 42.48 8.30
N VAL GA 27 -117.74 43.54 8.30
CA VAL GA 27 -116.29 43.38 8.43
C VAL GA 27 -115.89 42.85 9.80
N THR GA 28 -116.58 43.25 10.88
CA THR GA 28 -116.20 42.86 12.23
C THR GA 28 -117.03 41.74 12.82
N ASN GA 29 -118.19 41.40 12.24
CA ASN GA 29 -119.03 40.32 12.73
C ASN GA 29 -119.18 39.27 11.64
N VAL GA 30 -119.32 38.02 12.07
CA VAL GA 30 -119.46 36.88 11.17
C VAL GA 30 -120.86 36.33 11.31
N ASP GA 31 -121.58 36.27 10.18
CA ASP GA 31 -122.87 35.59 10.08
C ASP GA 31 -122.94 35.05 8.66
N THR GA 32 -122.52 33.81 8.47
CA THR GA 32 -122.35 33.26 7.13
C THR GA 32 -122.86 31.83 7.05
N VAL GA 33 -123.32 31.46 5.85
CA VAL GA 33 -123.62 30.09 5.49
C VAL GA 33 -122.84 29.76 4.23
N SER GA 34 -121.99 28.75 4.30
CA SER GA 34 -121.12 28.36 3.19
C SER GA 34 -121.55 27.00 2.67
N LEU GA 35 -121.78 26.92 1.36
CA LEU GA 35 -122.03 25.66 0.69
C LEU GA 35 -120.74 25.22 -0.01
N ARG GA 36 -120.28 24.02 0.31
CA ARG GA 36 -119.05 23.47 -0.24
C ARG GA 36 -119.31 22.10 -0.81
N ARG GA 37 -118.57 21.74 -1.84
CA ARG GA 37 -118.79 20.46 -2.50
C ARG GA 37 -117.45 19.87 -2.92
N SER GA 38 -117.43 18.54 -2.99
CA SER GA 38 -116.33 17.78 -3.57
C SER GA 38 -116.95 16.80 -4.54
N LEU GA 39 -116.72 17.02 -5.83
CA LEU GA 39 -117.36 16.23 -6.87
C LEU GA 39 -116.71 14.86 -6.98
N PRO GA 40 -117.45 13.87 -7.47
CA PRO GA 40 -116.89 12.51 -7.59
C PRO GA 40 -115.69 12.48 -8.51
N VAL GA 41 -114.72 11.65 -8.15
CA VAL GA 41 -113.52 11.43 -8.97
C VAL GA 41 -113.55 9.98 -9.43
N LYS GA 42 -113.55 9.78 -10.75
CA LYS GA 42 -113.61 8.44 -11.33
C LYS GA 42 -112.24 7.77 -11.20
N LYS GA 43 -111.91 7.41 -9.97
CA LYS GA 43 -110.62 6.83 -9.66
C LYS GA 43 -110.68 5.31 -9.81
N GLY GA 44 -109.96 4.78 -10.79
CA GLY GA 44 -109.98 3.35 -11.04
C GLY GA 44 -111.37 2.88 -11.40
N SER GA 45 -111.79 1.78 -10.77
CA SER GA 45 -113.13 1.25 -10.96
C SER GA 45 -114.17 1.91 -10.06
N ASP GA 46 -113.75 2.52 -8.96
CA ASP GA 46 -114.68 3.22 -8.09
C ASP GA 46 -115.18 4.49 -8.77
N ASN GA 47 -116.50 4.65 -8.77
CA ASN GA 47 -117.09 5.86 -9.36
C ASN GA 47 -116.90 7.09 -8.50
N GLY GA 48 -116.43 6.94 -7.27
CA GLY GA 48 -116.17 8.08 -6.41
C GLY GA 48 -117.29 8.32 -5.42
N THR GA 49 -117.13 9.44 -4.71
CA THR GA 49 -118.10 9.86 -3.71
C THR GA 49 -118.38 11.34 -3.87
N MET GA 50 -119.64 11.73 -3.76
CA MET GA 50 -120.03 13.12 -3.76
C MET GA 50 -120.10 13.61 -2.32
N ARG GA 51 -119.38 14.70 -2.03
CA ARG GA 51 -119.28 15.22 -0.68
C ARG GA 51 -119.94 16.60 -0.65
N GLY GA 52 -120.88 16.78 0.28
CA GLY GA 52 -121.54 18.06 0.44
C GLY GA 52 -121.33 18.58 1.86
N ASN GA 53 -121.14 19.90 1.98
CA ASN GA 53 -120.91 20.52 3.27
C ASN GA 53 -121.71 21.81 3.37
N MET GA 54 -122.48 21.93 4.45
CA MET GA 54 -123.14 23.17 4.81
C MET GA 54 -122.53 23.68 6.11
N ASN GA 55 -121.98 24.88 6.07
CA ASN GA 55 -121.28 25.47 7.21
C ASN GA 55 -122.03 26.70 7.68
N PHE GA 56 -122.32 26.75 8.98
CA PHE GA 56 -122.96 27.90 9.60
C PHE GA 56 -121.95 28.52 10.56
N ALA GA 57 -121.67 29.81 10.40
CA ALA GA 57 -120.72 30.50 11.26
C ALA GA 57 -121.37 31.75 11.81
N LYS GA 58 -121.27 31.94 13.12
CA LYS GA 58 -121.82 33.13 13.76
C LYS GA 58 -120.89 33.62 14.86
N SER GA 59 -120.83 34.93 15.00
CA SER GA 59 -120.05 35.55 16.07
C SER GA 59 -120.93 35.77 17.29
N PHE GA 60 -120.34 35.54 18.47
CA PHE GA 60 -121.06 35.61 19.74
C PHE GA 60 -120.20 36.34 20.77
N PRO GA 61 -120.80 37.06 21.69
CA PRO GA 61 -120.03 37.68 22.78
C PRO GA 61 -119.43 36.60 23.68
N ASN GA 62 -118.11 36.69 23.90
CA ASN GA 62 -117.37 35.75 24.73
C ASN GA 62 -116.57 36.60 25.72
N GLY GA 63 -117.14 36.85 26.89
CA GLY GA 63 -116.51 37.70 27.87
C GLY GA 63 -116.24 39.09 27.32
N ASP GA 64 -114.96 39.37 27.08
CA ASP GA 64 -114.58 40.65 26.47
C ASP GA 64 -114.59 40.57 24.95
N LYS GA 65 -114.14 39.45 24.39
CA LYS GA 65 -113.94 39.34 22.96
C LYS GA 65 -115.18 38.74 22.29
N LYS GA 66 -115.05 38.35 21.03
CA LYS GA 66 -116.13 37.72 20.29
C LYS GA 66 -115.62 36.41 19.70
N SER GA 67 -116.32 35.32 19.98
CA SER GA 67 -115.93 33.98 19.56
C SER GA 67 -116.82 33.49 18.43
N LEU GA 68 -116.30 32.55 17.64
CA LEU GA 68 -117.00 32.04 16.47
C LEU GA 68 -117.59 30.66 16.78
N VAL GA 69 -118.90 30.55 16.68
CA VAL GA 69 -119.60 29.28 16.79
C VAL GA 69 -119.89 28.77 15.38
N VAL GA 70 -119.50 27.52 15.12
CA VAL GA 70 -119.60 26.92 13.80
C VAL GA 70 -120.36 25.60 13.90
N VAL GA 71 -121.35 25.43 13.04
CA VAL GA 71 -122.10 24.18 12.92
C VAL GA 71 -121.88 23.64 11.51
N ASN GA 72 -121.42 22.40 11.43
CA ASN GA 72 -121.16 21.76 10.15
C ASN GA 72 -122.19 20.67 9.88
N LEU GA 73 -122.50 20.47 8.61
CA LEU GA 73 -123.37 19.38 8.18
C LEU GA 73 -122.76 18.81 6.91
N THR GA 74 -122.18 17.63 7.00
CA THR GA 74 -121.50 17.02 5.86
C THR GA 74 -122.18 15.71 5.49
N ALA GA 75 -122.44 15.54 4.20
CA ALA GA 75 -123.05 14.34 3.66
C ALA GA 75 -122.11 13.69 2.65
N HIS GA 76 -121.97 12.37 2.75
CA HIS GA 76 -121.12 11.59 1.86
C HIS GA 76 -122.00 10.60 1.12
N VAL GA 77 -122.14 10.77 -0.18
CA VAL GA 77 -123.00 9.87 -0.96
C VAL GA 77 -122.17 9.18 -2.02
N PRO GA 78 -121.97 7.87 -1.94
CA PRO GA 78 -121.23 7.16 -2.99
C PRO GA 78 -122.00 7.19 -4.31
N VAL GA 79 -121.24 7.24 -5.41
CA VAL GA 79 -121.86 7.28 -6.73
C VAL GA 79 -122.45 5.92 -7.07
N GLY GA 80 -123.69 5.93 -7.59
CA GLY GA 80 -124.43 4.72 -7.91
C GLY GA 80 -125.56 4.43 -6.95
N VAL GA 81 -125.46 4.92 -5.72
CA VAL GA 81 -126.56 4.80 -4.77
C VAL GA 81 -127.74 5.62 -5.27
N ASP GA 82 -128.93 5.04 -5.19
CA ASP GA 82 -130.13 5.73 -5.65
C ASP GA 82 -130.36 6.99 -4.82
N ALA GA 83 -130.57 8.11 -5.51
CA ALA GA 83 -130.66 9.40 -4.84
C ALA GA 83 -131.96 9.54 -4.05
N THR GA 84 -133.07 9.00 -4.58
CA THR GA 84 -134.36 9.14 -3.92
C THR GA 84 -134.37 8.44 -2.58
N ALA GA 85 -133.75 7.26 -2.49
CA ALA GA 85 -133.66 6.56 -1.21
C ALA GA 85 -132.87 7.36 -0.19
N VAL GA 86 -131.74 7.95 -0.62
CA VAL GA 86 -130.95 8.78 0.28
C VAL GA 86 -131.76 9.98 0.74
N ARG GA 87 -132.50 10.60 -0.16
CA ARG GA 87 -133.26 11.80 0.20
C ARG GA 87 -134.40 11.47 1.18
N THR GA 88 -135.09 10.34 0.97
CA THR GA 88 -136.16 9.99 1.90
C THR GA 88 -135.58 9.54 3.24
N TRP GA 89 -134.42 8.88 3.24
CA TRP GA 89 -133.75 8.56 4.50
C TRP GA 89 -133.36 9.82 5.25
N MET GA 90 -132.84 10.81 4.54
CA MET GA 90 -132.43 12.06 5.17
C MET GA 90 -133.65 12.80 5.72
N THR GA 91 -134.74 12.84 4.96
CA THR GA 91 -135.92 13.57 5.40
C THR GA 91 -136.60 12.89 6.58
N SER GA 92 -136.65 11.56 6.57
CA SER GA 92 -137.40 10.81 7.59
C SER GA 92 -136.57 10.41 8.79
N GLU GA 93 -135.30 10.08 8.60
CA GLU GA 93 -134.47 9.53 9.67
C GLU GA 93 -133.36 10.46 10.15
N VAL GA 94 -132.77 11.26 9.26
CA VAL GA 94 -131.63 12.06 9.65
C VAL GA 94 -132.06 13.42 10.18
N PHE GA 95 -132.92 14.11 9.43
CA PHE GA 95 -133.34 15.47 9.77
C PHE GA 95 -134.09 15.55 11.09
N PRO GA 96 -135.10 14.70 11.36
CA PRO GA 96 -135.80 14.81 12.65
C PRO GA 96 -134.89 14.58 13.85
N GLY GA 97 -133.90 13.69 13.75
CA GLY GA 97 -132.99 13.47 14.85
C GLY GA 97 -131.89 14.50 14.96
N ALA GA 98 -131.53 15.13 13.84
CA ALA GA 98 -130.45 16.12 13.82
C ALA GA 98 -130.89 17.48 14.32
N THR GA 99 -132.19 17.71 14.48
CA THR GA 99 -132.71 19.00 14.94
C THR GA 99 -133.44 18.87 16.27
N SER GA 100 -133.25 17.77 16.99
CA SER GA 100 -133.92 17.54 18.26
C SER GA 100 -133.12 18.19 19.39
N SER GA 101 -133.58 18.00 20.62
CA SER GA 101 -132.85 18.51 21.78
C SER GA 101 -131.55 17.76 21.99
N VAL GA 102 -131.40 16.57 21.40
CA VAL GA 102 -130.16 15.82 21.53
C VAL GA 102 -129.00 16.60 20.95
N THR GA 103 -129.21 17.21 19.77
CA THR GA 103 -128.16 18.01 19.16
C THR GA 103 -127.80 19.21 20.04
N LEU GA 104 -128.80 19.87 20.63
CA LEU GA 104 -128.53 21.02 21.48
C LEU GA 104 -127.73 20.61 22.71
N ASP GA 105 -128.11 19.51 23.36
CA ASP GA 105 -127.37 19.05 24.53
C ASP GA 105 -125.95 18.63 24.16
N LEU GA 106 -125.79 17.95 23.03
CA LEU GA 106 -124.46 17.54 22.59
C LEU GA 106 -123.57 18.73 22.28
N ALA GA 107 -124.13 19.78 21.65
CA ALA GA 107 -123.33 20.94 21.28
C ALA GA 107 -122.99 21.80 22.49
N THR GA 108 -123.93 21.97 23.42
CA THR GA 108 -123.70 22.89 24.54
C THR GA 108 -123.11 22.20 25.76
N LYS GA 109 -123.39 20.92 25.96
CA LYS GA 109 -122.94 20.23 27.16
C LYS GA 109 -122.18 18.94 26.89
N GLY GA 110 -122.08 18.50 25.63
CA GLY GA 110 -121.38 17.27 25.33
C GLY GA 110 -122.08 16.01 25.79
N VAL GA 111 -123.41 16.03 25.84
CA VAL GA 111 -124.17 14.88 26.31
C VAL GA 111 -124.24 13.84 25.21
N ILE GA 112 -123.79 12.62 25.51
CA ILE GA 112 -123.78 11.51 24.55
C ILE GA 112 -124.67 10.36 24.98
N HIS GA 113 -125.32 10.45 26.14
CA HIS GA 113 -126.23 9.42 26.63
C HIS GA 113 -127.64 10.00 26.66
N LEU GA 114 -128.51 9.51 25.78
CA LEU GA 114 -129.87 10.03 25.68
C LEU GA 114 -130.84 9.11 26.42
N SER GA 115 -130.76 9.16 27.74
CA SER GA 115 -131.66 8.40 28.60
C SER GA 115 -132.96 9.18 28.83
N ASP GA 116 -134.06 8.43 28.91
CA ASP GA 116 -134.16 7.00 28.69
C ASP GA 116 -135.36 6.67 27.80
N ALA GA 117 -136.33 7.59 27.79
CA ALA GA 117 -137.54 7.40 27.00
C ALA GA 117 -137.29 7.68 25.52
N LEU HA 1 118.68 -26.32 63.91
CA LEU HA 1 117.25 -26.54 64.06
C LEU HA 1 116.94 -27.98 64.44
N SER HA 2 116.28 -28.16 65.58
CA SER HA 2 115.93 -29.48 66.07
C SER HA 2 114.54 -29.46 66.68
N ILE HA 3 113.84 -30.59 66.58
CA ILE HA 3 112.55 -30.79 67.21
C ILE HA 3 112.70 -32.05 68.05
N GLY HA 4 113.03 -31.89 69.32
CA GLY HA 4 113.42 -33.03 70.13
C GLY HA 4 114.82 -33.49 69.78
N THR HA 5 114.96 -34.72 69.29
CA THR HA 5 116.25 -35.26 68.91
C THR HA 5 116.42 -35.34 67.39
N LYS HA 6 115.52 -34.75 66.61
CA LYS HA 6 115.55 -34.81 65.17
C LYS HA 6 115.97 -33.47 64.58
N ASN HA 7 116.94 -33.50 63.66
CA ASN HA 7 117.38 -32.31 62.97
C ASN HA 7 116.46 -32.03 61.78
N VAL HA 8 116.02 -30.79 61.65
CA VAL HA 8 115.10 -30.39 60.60
C VAL HA 8 115.62 -29.12 59.95
N SER HA 9 115.04 -28.81 58.78
CA SER HA 9 115.32 -27.58 58.07
C SER HA 9 114.00 -26.96 57.65
N ILE HA 10 113.97 -25.63 57.56
CA ILE HA 10 112.77 -24.94 57.09
C ILE HA 10 112.49 -25.40 55.67
N TYR HA 11 111.30 -25.95 55.45
CA TYR HA 11 110.87 -26.40 54.13
C TYR HA 11 109.82 -25.51 53.50
N ARG HA 12 108.82 -25.09 54.27
CA ARG HA 12 107.77 -24.23 53.76
C ARG HA 12 107.43 -23.19 54.81
N ASN HA 13 107.27 -21.94 54.36
CA ASN HA 13 106.99 -20.83 55.26
C ASN HA 13 105.71 -20.14 54.81
N THR HA 14 104.75 -20.02 55.73
CA THR HA 14 103.55 -19.22 55.49
C THR HA 14 103.33 -18.29 56.67
N ALA HA 15 102.26 -17.50 56.62
CA ALA HA 15 102.03 -16.51 57.68
C ALA HA 15 101.80 -17.17 59.03
N ASP HA 16 101.01 -18.24 59.08
CA ASP HA 16 100.66 -18.88 60.34
C ASP HA 16 101.05 -20.36 60.38
N GLU HA 17 101.89 -20.83 59.46
CA GLU HA 17 102.30 -22.22 59.47
C GLU HA 17 103.69 -22.35 58.87
N VAL HA 18 104.54 -23.13 59.54
CA VAL HA 18 105.87 -23.45 59.04
C VAL HA 18 106.02 -24.96 59.01
N ILE HA 19 106.41 -25.49 57.86
CA ILE HA 19 106.69 -26.91 57.69
C ILE HA 19 108.20 -27.11 57.65
N TYR HA 20 108.70 -28.00 58.51
CA TYR HA 20 110.09 -28.40 58.53
C TYR HA 20 110.22 -29.83 58.00
N ALA HA 21 111.31 -30.09 57.29
CA ALA HA 21 111.54 -31.39 56.68
C ALA HA 21 112.62 -32.13 57.45
N GLY HA 22 112.41 -33.43 57.66
CA GLY HA 22 113.40 -34.27 58.29
C GLY HA 22 114.44 -34.76 57.32
N PRO HA 23 115.41 -35.52 57.81
CA PRO HA 23 116.50 -35.98 56.93
C PRO HA 23 116.04 -36.94 55.84
N ALA HA 24 114.88 -37.57 55.98
CA ALA HA 24 114.41 -38.57 55.03
C ALA HA 24 113.37 -38.03 54.06
N HIS HA 25 113.14 -36.72 54.05
CA HIS HA 25 112.12 -36.13 53.19
C HIS HA 25 112.69 -35.85 51.80
N ASP HA 26 112.02 -36.37 50.78
CA ASP HA 26 112.36 -36.08 49.39
C ASP HA 26 111.09 -36.19 48.56
N VAL HA 27 111.24 -36.30 47.24
CA VAL HA 27 110.12 -36.33 46.32
C VAL HA 27 109.28 -37.59 46.55
N THR HA 28 109.91 -38.65 47.03
CA THR HA 28 109.23 -39.93 47.21
C THR HA 28 108.81 -40.24 48.64
N ASN HA 29 109.56 -39.77 49.64
CA ASN HA 29 109.29 -40.11 51.02
C ASN HA 29 108.93 -38.85 51.79
N VAL HA 30 107.90 -38.95 52.64
CA VAL HA 30 107.46 -37.84 53.46
C VAL HA 30 108.02 -38.00 54.87
N ASP HA 31 108.67 -36.95 55.36
CA ASP HA 31 109.14 -36.88 56.75
C ASP HA 31 109.09 -35.41 57.15
N THR HA 32 107.96 -35.00 57.74
CA THR HA 32 107.75 -33.58 57.99
C THR HA 32 107.15 -33.34 59.37
N VAL HA 33 107.47 -32.17 59.92
CA VAL HA 33 106.84 -31.67 61.13
C VAL HA 33 106.36 -30.25 60.85
N SER HA 34 105.08 -30.00 61.07
CA SER HA 34 104.47 -28.71 60.79
C SER HA 34 104.03 -28.04 62.08
N LEU HA 35 104.30 -26.75 62.19
CA LEU HA 35 103.87 -25.95 63.32
C LEU HA 35 102.88 -24.92 62.80
N ARG HA 36 101.66 -24.95 63.34
CA ARG HA 36 100.59 -24.06 62.90
C ARG HA 36 99.99 -23.35 64.10
N ARG HA 37 99.60 -22.10 63.91
CA ARG HA 37 98.99 -21.31 64.97
C ARG HA 37 97.71 -20.67 64.47
N SER HA 38 96.74 -20.59 65.36
CA SER HA 38 95.50 -19.84 65.17
C SER HA 38 95.46 -18.83 66.30
N LEU HA 39 95.80 -17.59 65.98
CA LEU HA 39 95.87 -16.54 66.99
C LEU HA 39 94.47 -16.12 67.42
N PRO HA 40 94.30 -15.72 68.68
CA PRO HA 40 92.96 -15.37 69.17
C PRO HA 40 92.41 -14.16 68.43
N VAL HA 41 91.11 -14.21 68.16
CA VAL HA 41 90.36 -13.06 67.66
C VAL HA 41 89.41 -12.64 68.77
N LYS HA 42 89.64 -11.44 69.30
CA LYS HA 42 88.92 -10.97 70.49
C LYS HA 42 87.66 -10.24 70.03
N LYS HA 43 86.78 -11.00 69.40
CA LYS HA 43 85.50 -10.49 68.93
C LYS HA 43 84.55 -10.25 70.11
N GLY HA 44 83.70 -9.24 69.95
CA GLY HA 44 82.75 -8.87 71.00
C GLY HA 44 83.40 -8.65 72.34
N SER HA 45 83.02 -9.48 73.33
CA SER HA 45 83.64 -9.45 74.64
C SER HA 45 84.57 -10.62 74.90
N ASP HA 46 84.34 -11.77 74.27
CA ASP HA 46 85.21 -12.92 74.44
C ASP HA 46 86.59 -12.63 73.85
N ASN HA 47 87.63 -12.95 74.60
CA ASN HA 47 88.99 -12.65 74.17
C ASN HA 47 89.57 -13.70 73.24
N GLY HA 48 88.79 -14.72 72.87
CA GLY HA 48 89.23 -15.70 71.90
C GLY HA 48 90.09 -16.79 72.49
N THR HA 49 90.57 -17.66 71.61
CA THR HA 49 91.35 -18.82 71.99
C THR HA 49 92.59 -18.91 71.12
N MET HA 50 93.71 -19.26 71.73
CA MET HA 50 94.94 -19.53 70.99
C MET HA 50 95.01 -21.03 70.71
N ARG HA 51 95.16 -21.38 69.44
CA ARG HA 51 95.17 -22.77 69.01
C ARG HA 51 96.55 -23.11 68.43
N GLY HA 52 97.27 -24.00 69.09
CA GLY HA 52 98.58 -24.40 68.60
C GLY HA 52 98.62 -25.85 68.16
N ASN HA 53 98.95 -26.09 66.89
CA ASN HA 53 98.93 -27.44 66.32
C ASN HA 53 100.33 -27.85 65.88
N MET HA 54 100.72 -29.06 66.25
CA MET HA 54 101.95 -29.68 65.77
C MET HA 54 101.61 -30.95 65.03
N ASN HA 55 102.11 -31.06 63.81
CA ASN HA 55 101.77 -32.15 62.88
C ASN HA 55 103.02 -32.96 62.58
N PHE HA 56 102.92 -34.28 62.68
CA PHE HA 56 104.00 -35.18 62.30
C PHE HA 56 103.49 -36.06 61.16
N ALA HA 57 104.18 -36.04 60.03
CA ALA HA 57 103.77 -36.78 58.86
C ALA HA 57 104.92 -37.67 58.39
N LYS HA 58 104.61 -38.95 58.17
CA LYS HA 58 105.63 -39.90 57.73
C LYS HA 58 105.02 -40.90 56.76
N SER HA 59 105.71 -41.15 55.66
CA SER HA 59 105.27 -42.18 54.72
C SER HA 59 105.75 -43.55 55.17
N PHE HA 60 104.90 -44.56 54.94
CA PHE HA 60 105.18 -45.92 55.33
C PHE HA 60 104.82 -46.86 54.19
N PRO HA 61 105.50 -47.99 54.07
CA PRO HA 61 105.10 -48.99 53.07
C PRO HA 61 103.76 -49.61 53.42
N ASN HA 62 102.85 -49.64 52.44
CA ASN HA 62 101.52 -50.22 52.62
C ASN HA 62 101.28 -51.08 51.38
N GLY HA 63 101.56 -52.37 51.52
CA GLY HA 63 101.51 -53.25 50.36
C GLY HA 63 102.51 -52.77 49.32
N ASP HA 64 102.03 -52.55 48.10
CA ASP HA 64 102.87 -52.03 47.05
C ASP HA 64 102.93 -50.50 47.03
N LYS HA 65 102.03 -49.83 47.74
CA LYS HA 65 101.95 -48.38 47.71
C LYS HA 65 102.57 -47.79 48.98
N LYS HA 66 102.43 -46.48 49.15
CA LYS HA 66 102.87 -45.78 50.35
C LYS HA 66 101.68 -45.09 50.99
N SER HA 67 101.65 -45.11 52.32
CA SER HA 67 100.56 -44.53 53.09
C SER HA 67 101.11 -43.50 54.08
N LEU HA 68 100.37 -42.42 54.26
CA LEU HA 68 100.80 -41.34 55.14
C LEU HA 68 100.23 -41.55 56.53
N VAL HA 69 101.11 -41.63 57.53
CA VAL HA 69 100.71 -41.67 58.93
C VAL HA 69 100.93 -40.29 59.52
N VAL HA 70 99.89 -39.74 60.14
CA VAL HA 70 99.89 -38.38 60.65
C VAL HA 70 99.53 -38.41 62.13
N VAL HA 71 100.31 -37.70 62.94
CA VAL HA 71 100.04 -37.54 64.37
C VAL HA 71 99.87 -36.06 64.64
N ASN HA 72 98.75 -35.69 65.24
CA ASN HA 72 98.42 -34.30 65.53
C ASN HA 72 98.43 -34.07 67.03
N LEU HA 73 99.01 -32.94 67.45
CA LEU HA 73 98.99 -32.52 68.84
C LEU HA 73 98.54 -31.07 68.89
N THR HA 74 97.33 -30.83 69.36
CA THR HA 74 96.72 -29.50 69.34
C THR HA 74 96.39 -29.06 70.76
N ALA HA 75 96.77 -27.84 71.10
CA ALA HA 75 96.43 -27.21 72.37
C ALA HA 75 95.49 -26.05 72.13
N HIS HA 76 94.42 -25.99 72.93
CA HIS HA 76 93.43 -24.91 72.85
C HIS HA 76 93.47 -24.17 74.18
N VAL HA 77 94.08 -22.99 74.21
CA VAL HA 77 94.24 -22.23 75.43
C VAL HA 77 93.38 -20.98 75.34
N PRO HA 78 92.33 -20.84 76.15
CA PRO HA 78 91.55 -19.60 76.16
C PRO HA 78 92.38 -18.44 76.69
N VAL HA 79 92.09 -17.25 76.18
CA VAL HA 79 92.87 -16.06 76.54
C VAL HA 79 92.50 -15.61 77.95
N GLY HA 80 93.52 -15.35 78.77
CA GLY HA 80 93.34 -14.96 80.16
C GLY HA 80 93.86 -15.99 81.14
N VAL HA 81 93.88 -17.25 80.73
CA VAL HA 81 94.43 -18.31 81.56
C VAL HA 81 95.93 -18.11 81.71
N ASP HA 82 96.42 -18.29 82.94
CA ASP HA 82 97.84 -18.14 83.22
C ASP HA 82 98.65 -19.12 82.39
N ALA HA 83 99.66 -18.60 81.67
CA ALA HA 83 100.48 -19.44 80.81
C ALA HA 83 101.34 -20.40 81.63
N THR HA 84 101.86 -19.95 82.77
CA THR HA 84 102.73 -20.80 83.58
C THR HA 84 101.97 -22.00 84.14
N ALA HA 85 100.74 -21.79 84.61
CA ALA HA 85 99.95 -22.91 85.12
C ALA HA 85 99.63 -23.91 84.02
N VAL HA 86 99.31 -23.42 82.82
CA VAL HA 86 99.04 -24.31 81.69
C VAL HA 86 100.29 -25.09 81.32
N ARG HA 87 101.45 -24.44 81.31
CA ARG HA 87 102.69 -25.14 80.98
C ARG HA 87 103.02 -26.21 82.02
N THR HA 88 102.81 -25.90 83.30
CA THR HA 88 103.04 -26.89 84.35
C THR HA 88 102.10 -28.07 84.19
N TRP HA 89 100.83 -27.81 83.88
CA TRP HA 89 99.87 -28.89 83.67
C TRP HA 89 100.26 -29.75 82.47
N MET HA 90 100.67 -29.12 81.38
CA MET HA 90 101.08 -29.89 80.19
C MET HA 90 102.32 -30.72 80.48
N THR HA 91 103.29 -30.16 81.20
CA THR HA 91 104.53 -30.89 81.46
C THR HA 91 104.31 -32.05 82.42
N SER HA 92 103.56 -31.83 83.51
CA SER HA 92 103.44 -32.84 84.55
C SER HA 92 102.28 -33.81 84.33
N GLU HA 93 101.27 -33.42 83.57
CA GLU HA 93 100.05 -34.20 83.48
C GLU HA 93 99.75 -34.70 82.07
N VAL HA 94 99.95 -33.86 81.06
CA VAL HA 94 99.59 -34.24 79.70
C VAL HA 94 100.73 -34.97 79.01
N PHE HA 95 101.96 -34.45 79.16
CA PHE HA 95 103.10 -35.03 78.45
C PHE HA 95 103.38 -36.48 78.83
N PRO HA 96 103.43 -36.87 80.11
CA PRO HA 96 103.64 -38.29 80.42
C PRO HA 96 102.53 -39.19 79.90
N GLY HA 97 101.28 -38.72 79.88
CA GLY HA 97 100.19 -39.55 79.40
C GLY HA 97 100.14 -39.67 77.89
N ALA HA 98 100.58 -38.64 77.18
CA ALA HA 98 100.56 -38.64 75.72
C ALA HA 98 101.75 -39.37 75.10
N THR HA 99 102.70 -39.83 75.93
CA THR HA 99 103.86 -40.56 75.45
C THR HA 99 103.94 -41.96 76.06
N SER HA 100 102.84 -42.44 76.64
CA SER HA 100 102.82 -43.74 77.28
C SER HA 100 102.40 -44.81 76.27
N SER HA 101 102.35 -46.06 76.73
CA SER HA 101 101.86 -47.15 75.89
C SER HA 101 100.38 -46.99 75.56
N VAL HA 102 99.64 -46.18 76.33
CA VAL HA 102 98.24 -45.94 76.03
C VAL HA 102 98.07 -45.29 74.67
N THR HA 103 98.90 -44.28 74.38
CA THR HA 103 98.85 -43.61 73.09
C THR HA 103 99.19 -44.56 71.96
N LEU HA 104 100.23 -45.38 72.15
CA LEU HA 104 100.63 -46.34 71.12
C LEU HA 104 99.51 -47.34 70.83
N ASP HA 105 98.89 -47.88 71.88
CA ASP HA 105 97.81 -48.84 71.69
C ASP HA 105 96.60 -48.18 71.04
N LEU HA 106 96.27 -46.95 71.43
CA LEU HA 106 95.14 -46.26 70.80
C LEU HA 106 95.41 -46.01 69.33
N ALA HA 107 96.64 -45.63 68.98
CA ALA HA 107 96.94 -45.31 67.59
C ALA HA 107 97.00 -46.55 66.71
N THR HA 108 97.66 -47.61 67.17
CA THR HA 108 97.94 -48.76 66.31
C THR HA 108 96.96 -49.91 66.49
N LYS HA 109 96.12 -49.88 67.53
CA LYS HA 109 95.16 -50.96 67.77
C LYS HA 109 93.76 -50.45 68.09
N GLY HA 110 93.58 -49.15 68.27
CA GLY HA 110 92.29 -48.61 68.65
C GLY HA 110 91.84 -49.02 70.04
N VAL HA 111 92.76 -49.12 70.99
CA VAL HA 111 92.42 -49.54 72.34
C VAL HA 111 92.01 -48.33 73.17
N ILE HA 112 90.77 -48.35 73.66
CA ILE HA 112 90.23 -47.27 74.49
C ILE HA 112 89.99 -47.70 75.93
N HIS HA 113 90.27 -48.95 76.28
CA HIS HA 113 90.14 -49.45 77.64
C HIS HA 113 91.55 -49.76 78.17
N LEU HA 114 92.03 -48.96 79.14
CA LEU HA 114 93.37 -49.18 79.69
C LEU HA 114 93.26 -50.00 80.97
N SER HA 115 92.70 -51.19 80.83
CA SER HA 115 92.64 -52.13 81.94
C SER HA 115 94.02 -52.74 82.18
N ASP HA 116 94.30 -53.06 83.45
CA ASP HA 116 93.49 -52.80 84.63
C ASP HA 116 94.35 -52.29 85.78
N ALA HA 117 95.67 -52.43 85.62
CA ALA HA 117 96.62 -52.05 86.67
C ALA HA 117 96.58 -50.55 86.94
N LEU IA 1 94.32 -48.38 87.69
CA LEU IA 1 93.93 -47.68 86.47
C LEU IA 1 94.62 -46.33 86.40
N SER IA 2 95.60 -46.20 85.52
CA SER IA 2 96.39 -44.98 85.41
C SER IA 2 96.66 -44.68 83.95
N ILE IA 3 96.77 -43.38 83.65
CA ILE IA 3 97.19 -42.90 82.35
C ILE IA 3 98.41 -42.01 82.59
N GLY IA 4 99.57 -42.45 82.13
CA GLY IA 4 100.81 -41.76 82.45
C GLY IA 4 101.08 -41.82 83.94
N THR IA 5 101.27 -40.66 84.56
CA THR IA 5 101.45 -40.57 85.99
C THR IA 5 100.16 -40.28 86.74
N LYS IA 6 99.04 -40.11 86.03
CA LYS IA 6 97.76 -39.77 86.63
C LYS IA 6 96.92 -41.03 86.79
N ASN IA 7 96.49 -41.30 88.02
CA ASN IA 7 95.50 -42.33 88.26
C ASN IA 7 94.11 -41.80 87.91
N VAL IA 8 93.35 -42.59 87.16
CA VAL IA 8 92.03 -42.19 86.69
C VAL IA 8 91.05 -43.31 86.99
N SER IA 9 89.76 -43.00 86.82
CA SER IA 9 88.69 -43.96 86.96
C SER IA 9 87.73 -43.79 85.79
N ILE IA 10 87.02 -44.88 85.47
CA ILE IA 10 86.05 -44.82 84.38
C ILE IA 10 84.92 -43.88 84.77
N TYR IA 11 84.66 -42.89 83.92
CA TYR IA 11 83.61 -41.90 84.14
C TYR IA 11 82.45 -42.07 83.18
N ARG IA 12 82.73 -42.25 81.90
CA ARG IA 12 81.68 -42.54 80.93
C ARG IA 12 82.22 -43.54 79.91
N ASN IA 13 81.32 -44.36 79.39
CA ASN IA 13 81.72 -45.50 78.55
C ASN IA 13 80.70 -45.64 77.42
N THR IA 14 81.10 -45.27 76.22
CA THR IA 14 80.33 -45.52 75.00
C THR IA 14 81.07 -46.54 74.14
N ALA IA 15 80.52 -46.81 72.96
CA ALA IA 15 81.08 -47.84 72.10
C ALA IA 15 82.49 -47.47 71.62
N ASP IA 16 82.69 -46.23 71.19
CA ASP IA 16 83.96 -45.81 70.62
C ASP IA 16 84.67 -44.74 71.44
N GLU IA 17 84.11 -44.34 72.58
CA GLU IA 17 84.74 -43.35 73.43
C GLU IA 17 84.61 -43.76 74.88
N VAL IA 18 85.72 -43.65 75.61
CA VAL IA 18 85.72 -43.83 77.06
C VAL IA 18 86.33 -42.59 77.69
N ILE IA 19 85.57 -41.95 78.58
CA ILE IA 19 86.02 -40.78 79.30
C ILE IA 19 86.41 -41.21 80.71
N TYR IA 20 87.66 -40.94 81.10
CA TYR IA 20 88.16 -41.20 82.43
C TYR IA 20 88.31 -39.88 83.17
N ALA IA 21 88.09 -39.94 84.48
CA ALA IA 21 88.12 -38.76 85.33
C ALA IA 21 89.32 -38.84 86.28
N GLY IA 22 90.02 -37.71 86.42
CA GLY IA 22 91.10 -37.62 87.38
C GLY IA 22 90.56 -37.49 88.79
N PRO IA 23 91.45 -37.54 89.78
CA PRO IA 23 91.00 -37.46 91.17
C PRO IA 23 90.27 -36.17 91.49
N ALA IA 24 90.64 -35.06 90.86
CA ALA IA 24 90.03 -33.77 91.13
C ALA IA 24 88.72 -33.55 90.40
N HIS IA 25 88.40 -34.36 89.41
CA HIS IA 25 87.21 -34.14 88.60
C HIS IA 25 85.96 -34.18 89.46
N ASP IA 26 85.06 -33.22 89.23
CA ASP IA 26 83.82 -33.13 89.98
C ASP IA 26 82.80 -32.40 89.11
N VAL IA 27 81.68 -31.99 89.74
CA VAL IA 27 80.60 -31.34 89.01
C VAL IA 27 80.96 -29.95 88.52
N THR IA 28 81.97 -29.30 89.12
CA THR IA 28 82.39 -27.98 88.70
C THR IA 28 83.84 -27.90 88.24
N ASN IA 29 84.67 -28.86 88.57
CA ASN IA 29 86.05 -28.92 88.11
C ASN IA 29 86.18 -30.03 87.08
N VAL IA 30 86.63 -29.68 85.88
CA VAL IA 30 86.81 -30.66 84.81
C VAL IA 30 88.26 -31.13 84.83
N ASP IA 31 88.45 -32.43 84.96
CA ASP IA 31 89.77 -33.07 84.83
C ASP IA 31 89.51 -34.42 84.16
N THR IA 32 89.57 -34.45 82.83
CA THR IA 32 89.17 -35.62 82.08
C THR IA 32 90.19 -35.99 81.02
N VAL IA 33 90.32 -37.30 80.79
CA VAL IA 33 91.08 -37.86 79.68
C VAL IA 33 90.14 -38.75 78.90
N SER IA 34 89.87 -38.37 77.66
CA SER IA 34 89.00 -39.14 76.78
C SER IA 34 89.85 -39.92 75.78
N LEU IA 35 89.49 -41.19 75.59
CA LEU IA 35 90.04 -42.00 74.51
C LEU IA 35 88.91 -42.28 73.53
N ARG IA 36 89.04 -41.73 72.32
CA ARG IA 36 88.05 -41.88 71.27
C ARG IA 36 88.69 -42.56 70.07
N ARG IA 37 87.92 -43.37 69.36
CA ARG IA 37 88.43 -44.01 68.17
C ARG IA 37 87.39 -43.91 67.06
N SER IA 38 87.89 -43.85 65.83
CA SER IA 38 87.10 -44.00 64.62
C SER IA 38 87.67 -45.19 63.87
N LEU IA 39 86.89 -46.25 63.79
CA LEU IA 39 87.32 -47.50 63.19
C LEU IA 39 87.42 -47.36 61.68
N PRO IA 40 88.34 -48.09 61.04
CA PRO IA 40 88.48 -48.00 59.59
C PRO IA 40 87.22 -48.46 58.88
N VAL IA 41 86.71 -47.60 58.00
CA VAL IA 41 85.58 -47.93 57.16
C VAL IA 41 86.12 -48.28 55.77
N LYS IA 42 85.97 -49.54 55.38
CA LYS IA 42 86.53 -50.03 54.12
C LYS IA 42 85.60 -49.63 53.00
N LYS IA 43 85.96 -48.57 52.29
CA LYS IA 43 85.15 -48.01 51.22
C LYS IA 43 85.94 -48.04 49.92
N GLY IA 44 85.28 -48.46 48.85
CA GLY IA 44 85.98 -48.58 47.57
C GLY IA 44 87.12 -49.57 47.67
N SER IA 45 88.22 -49.26 46.97
CA SER IA 45 89.45 -50.03 47.10
C SER IA 45 90.27 -49.64 48.32
N ASP IA 46 89.96 -48.51 48.95
CA ASP IA 46 90.68 -48.08 50.13
C ASP IA 46 90.17 -48.81 51.36
N ASN IA 47 91.09 -49.33 52.15
CA ASN IA 47 90.73 -50.10 53.34
C ASN IA 47 90.38 -49.22 54.54
N GLY IA 48 90.52 -47.91 54.43
CA GLY IA 48 90.15 -47.01 55.50
C GLY IA 48 91.33 -46.65 56.38
N THR IA 49 91.01 -45.91 57.44
CA THR IA 49 92.02 -45.38 58.35
C THR IA 49 91.52 -45.46 59.78
N MET IA 50 92.37 -45.96 60.66
CA MET IA 50 92.11 -45.91 62.10
C MET IA 50 92.45 -44.53 62.61
N ARG IA 51 91.48 -43.87 63.26
CA ARG IA 51 91.72 -42.59 63.90
C ARG IA 51 91.67 -42.77 65.41
N GLY IA 52 92.73 -42.33 66.09
CA GLY IA 52 92.76 -42.40 67.54
C GLY IA 52 92.97 -41.04 68.16
N ASN IA 53 92.05 -40.62 69.03
CA ASN IA 53 92.10 -39.30 69.64
C ASN IA 53 92.22 -39.43 71.16
N MET IA 54 93.17 -38.72 71.72
CA MET IA 54 93.39 -38.63 73.16
C MET IA 54 93.15 -37.18 73.57
N ASN IA 55 92.12 -36.95 74.38
CA ASN IA 55 91.70 -35.61 74.76
C ASN IA 55 91.99 -35.38 76.23
N PHE IA 56 92.70 -34.30 76.53
CA PHE IA 56 92.95 -33.87 77.90
C PHE IA 56 92.18 -32.57 78.12
N ALA IA 57 91.28 -32.57 79.10
CA ALA IA 57 90.48 -31.39 79.41
C ALA IA 57 90.68 -31.03 80.86
N LYS IA 58 90.98 -29.75 81.11
CA LYS IA 58 91.21 -29.26 82.47
C LYS IA 58 90.62 -27.88 82.64
N SER IA 59 89.97 -27.66 83.79
CA SER IA 59 89.43 -26.35 84.13
C SER IA 59 90.53 -25.49 84.73
N PHE IA 60 90.53 -24.21 84.37
CA PHE IA 60 91.54 -23.26 84.82
C PHE IA 60 90.86 -21.95 85.21
N PRO IA 61 91.39 -21.25 86.21
CA PRO IA 61 90.86 -19.92 86.53
C PRO IA 61 91.23 -18.93 85.44
N ASN IA 62 90.21 -18.30 84.85
CA ASN IA 62 90.38 -17.25 83.85
C ASN IA 62 89.69 -16.01 84.43
N GLY IA 63 90.49 -15.12 85.00
CA GLY IA 63 89.96 -13.96 85.68
C GLY IA 63 89.02 -14.34 86.79
N ASP IA 64 87.73 -14.03 86.60
CA ASP IA 64 86.72 -14.41 87.57
C ASP IA 64 86.07 -15.75 87.24
N LYS IA 65 86.02 -16.13 85.98
CA LYS IA 65 85.33 -17.33 85.55
C LYS IA 65 86.31 -18.49 85.39
N LYS IA 66 85.85 -19.59 84.80
CA LYS IA 66 86.67 -20.75 84.53
C LYS IA 66 86.67 -21.05 83.05
N SER IA 67 87.85 -21.39 82.52
CA SER IA 67 88.04 -21.71 81.12
C SER IA 67 88.50 -23.16 80.99
N LEU IA 68 88.16 -23.79 79.87
CA LEU IA 68 88.53 -25.16 79.61
C LEU IA 68 89.75 -25.20 78.68
N VAL IA 69 90.85 -25.73 79.19
CA VAL IA 69 92.05 -25.96 78.38
C VAL IA 69 92.02 -27.39 77.88
N VAL IA 70 92.17 -27.56 76.57
CA VAL IA 70 92.05 -28.85 75.91
C VAL IA 70 93.31 -29.12 75.11
N VAL IA 71 93.85 -30.33 75.25
CA VAL IA 71 94.97 -30.80 74.45
C VAL IA 71 94.54 -32.08 73.74
N ASN IA 72 94.64 -32.08 72.42
CA ASN IA 72 94.25 -33.23 71.62
C ASN IA 72 95.48 -33.86 70.98
N LEU IA 73 95.56 -35.18 71.06
CA LEU IA 73 96.58 -35.96 70.36
C LEU IA 73 95.87 -36.95 69.45
N THR IA 74 95.95 -36.71 68.14
CA THR IA 74 95.23 -37.51 67.16
C THR IA 74 96.22 -38.21 66.24
N ALA IA 75 95.99 -39.50 66.00
CA ALA IA 75 96.79 -40.29 65.09
C ALA IA 75 95.90 -40.88 64.00
N HIS IA 76 96.38 -40.82 62.76
CA HIS IA 76 95.67 -41.37 61.60
C HIS IA 76 96.55 -42.43 60.98
N VAL IA 77 96.20 -43.70 61.18
CA VAL IA 77 96.98 -44.82 60.70
C VAL IA 77 96.20 -45.54 59.61
N PRO IA 78 96.65 -45.52 58.36
CA PRO IA 78 95.94 -46.27 57.30
C PRO IA 78 96.06 -47.77 57.51
N VAL IA 79 95.02 -48.50 57.10
CA VAL IA 79 95.04 -49.96 57.18
C VAL IA 79 96.04 -50.50 56.18
N GLY IA 80 96.81 -51.50 56.62
CA GLY IA 80 97.82 -52.14 55.81
C GLY IA 80 99.24 -51.78 56.19
N VAL IA 81 99.42 -50.77 57.03
CA VAL IA 81 100.74 -50.36 57.48
C VAL IA 81 101.18 -51.26 58.62
N ASP IA 82 102.49 -51.51 58.72
CA ASP IA 82 103.02 -52.31 59.81
C ASP IA 82 102.92 -51.52 61.12
N ALA IA 83 102.25 -52.12 62.11
CA ALA IA 83 102.01 -51.43 63.38
C ALA IA 83 103.28 -51.26 64.19
N THR IA 84 104.19 -52.23 64.12
CA THR IA 84 105.45 -52.11 64.86
C THR IA 84 106.29 -50.95 64.35
N ALA IA 85 106.35 -50.76 63.02
CA ALA IA 85 107.09 -49.64 62.46
C ALA IA 85 106.49 -48.30 62.90
N VAL IA 86 105.16 -48.20 62.90
CA VAL IA 86 104.51 -46.97 63.33
C VAL IA 86 104.78 -46.71 64.82
N ARG IA 87 104.74 -47.77 65.64
CA ARG IA 87 105.02 -47.59 67.06
C ARG IA 87 106.46 -47.13 67.28
N THR IA 88 107.41 -47.71 66.55
CA THR IA 88 108.80 -47.31 66.68
C THR IA 88 109.00 -45.86 66.25
N TRP IA 89 108.37 -45.45 65.14
CA TRP IA 89 108.46 -44.07 64.70
C TRP IA 89 107.86 -43.12 65.72
N MET IA 90 106.71 -43.47 66.28
CA MET IA 90 106.06 -42.62 67.28
C MET IA 90 106.91 -42.51 68.54
N THR IA 91 107.53 -43.60 68.98
CA THR IA 91 108.34 -43.57 70.18
C THR IA 91 109.63 -42.78 69.97
N SER IA 92 110.30 -42.98 68.85
CA SER IA 92 111.61 -42.38 68.65
C SER IA 92 111.57 -40.96 68.09
N GLU IA 93 110.50 -40.59 67.38
CA GLU IA 93 110.49 -39.33 66.65
C GLU IA 93 109.33 -38.42 67.00
N VAL IA 94 108.14 -38.97 67.24
CA VAL IA 94 106.98 -38.13 67.53
C VAL IA 94 106.97 -37.71 68.99
N PHE IA 95 107.17 -38.66 69.89
CA PHE IA 95 107.08 -38.38 71.32
C PHE IA 95 108.12 -37.37 71.81
N PRO IA 96 109.41 -37.49 71.49
CA PRO IA 96 110.36 -36.48 71.97
C PRO IA 96 110.07 -35.08 71.49
N GLY IA 97 109.59 -34.92 70.25
CA GLY IA 97 109.29 -33.59 69.74
C GLY IA 97 107.97 -33.03 70.23
N ALA IA 98 107.01 -33.91 70.53
CA ALA IA 98 105.71 -33.45 71.00
C ALA IA 98 105.75 -32.97 72.44
N THR IA 99 106.69 -33.46 73.25
CA THR IA 99 106.82 -33.08 74.64
C THR IA 99 108.04 -32.20 74.88
N SER IA 100 108.36 -31.35 73.92
CA SER IA 100 109.52 -30.47 74.01
C SER IA 100 109.06 -29.07 74.39
N SER IA 101 110.04 -28.16 74.52
CA SER IA 101 109.72 -26.75 74.74
C SER IA 101 109.04 -26.14 73.52
N VAL IA 102 109.16 -26.77 72.35
CA VAL IA 102 108.48 -26.27 71.16
C VAL IA 102 106.98 -26.29 71.34
N THR IA 103 106.45 -27.37 71.93
CA THR IA 103 105.01 -27.46 72.17
C THR IA 103 104.54 -26.37 73.11
N LEU IA 104 105.28 -26.16 74.20
CA LEU IA 104 104.88 -25.13 75.18
C LEU IA 104 104.95 -23.74 74.56
N ASP IA 105 106.00 -23.46 73.79
CA ASP IA 105 106.13 -22.15 73.16
C ASP IA 105 105.04 -21.92 72.14
N LEU IA 106 104.69 -22.95 71.37
CA LEU IA 106 103.59 -22.83 70.41
C LEU IA 106 102.27 -22.60 71.14
N ALA IA 107 102.06 -23.28 72.26
CA ALA IA 107 100.79 -23.15 72.98
C ALA IA 107 100.64 -21.77 73.60
N THR IA 108 101.66 -21.28 74.29
CA THR IA 108 101.53 -20.07 75.09
C THR IA 108 102.07 -18.81 74.43
N LYS IA 109 102.74 -18.92 73.29
CA LYS IA 109 103.29 -17.74 72.62
C LYS IA 109 103.01 -17.68 71.13
N GLY IA 110 102.48 -18.74 70.52
CA GLY IA 110 102.31 -18.76 69.08
C GLY IA 110 103.60 -18.78 68.31
N VAL IA 111 104.63 -19.44 68.83
CA VAL IA 111 105.92 -19.50 68.16
C VAL IA 111 105.89 -20.66 67.17
N ILE IA 112 106.04 -20.33 65.88
CA ILE IA 112 106.12 -21.34 64.83
C ILE IA 112 107.46 -21.36 64.13
N HIS IA 113 108.29 -20.34 64.32
CA HIS IA 113 109.62 -20.28 63.73
C HIS IA 113 110.64 -20.76 64.75
N LEU IA 114 111.31 -21.85 64.45
CA LEU IA 114 112.25 -22.48 65.37
C LEU IA 114 113.60 -21.76 65.30
N SER IA 115 114.35 -21.84 66.40
CA SER IA 115 115.67 -21.24 66.50
C SER IA 115 116.47 -21.94 67.59
N ASP IA 116 117.78 -21.96 67.43
CA ASP IA 116 118.54 -21.56 66.24
C ASP IA 116 119.66 -22.56 65.97
N ALA IA 117 119.96 -23.40 66.96
CA ALA IA 117 121.06 -24.35 66.86
C ALA IA 117 120.56 -25.78 66.73
N LEU JA 1 57.31 -40.64 118.43
CA LEU JA 1 57.34 -40.74 116.98
C LEU JA 1 58.78 -40.67 116.46
N SER JA 2 59.29 -41.80 115.98
CA SER JA 2 60.66 -41.88 115.48
C SER JA 2 60.68 -42.56 114.12
N ILE JA 3 61.49 -42.02 113.22
CA ILE JA 3 61.80 -42.66 111.94
C ILE JA 3 63.31 -42.85 111.93
N GLY JA 4 63.76 -44.03 112.36
CA GLY JA 4 65.18 -44.27 112.55
C GLY JA 4 65.64 -43.75 113.89
N THR JA 5 66.59 -42.81 113.88
CA THR JA 5 67.03 -42.13 115.08
C THR JA 5 66.47 -40.72 115.19
N LYS JA 6 65.60 -40.32 114.25
CA LYS JA 6 65.09 -38.96 114.19
C LYS JA 6 63.73 -38.89 114.88
N ASN JA 7 63.56 -37.89 115.73
CA ASN JA 7 62.28 -37.62 116.38
C ASN JA 7 61.49 -36.65 115.52
N VAL JA 8 60.34 -37.10 115.01
CA VAL JA 8 59.53 -36.31 114.10
C VAL JA 8 58.14 -36.13 114.71
N SER JA 9 57.40 -35.19 114.15
CA SER JA 9 56.02 -34.94 114.53
C SER JA 9 55.17 -34.82 113.27
N ILE JA 10 53.89 -35.15 113.41
CA ILE JA 10 52.98 -35.06 112.27
C ILE JA 10 52.88 -33.61 111.83
N TYR JA 11 53.14 -33.37 110.55
CA TYR JA 11 53.07 -32.03 109.96
C TYR JA 11 51.94 -31.89 108.97
N ARG JA 12 51.71 -32.89 108.12
CA ARG JA 12 50.59 -32.86 107.19
C ARG JA 12 50.02 -34.26 107.08
N ASN JA 13 48.69 -34.36 107.11
CA ASN JA 13 48.02 -35.65 107.13
C ASN JA 13 46.95 -35.66 106.05
N THR JA 14 47.17 -36.43 105.00
CA THR JA 14 46.20 -36.62 103.91
C THR JA 14 45.85 -38.09 103.79
N ALA JA 15 45.00 -38.40 102.81
CA ALA JA 15 44.49 -39.75 102.67
C ALA JA 15 45.59 -40.76 102.40
N ASP JA 16 46.54 -40.42 101.52
CA ASP JA 16 47.56 -41.36 101.08
C ASP JA 16 48.97 -40.85 101.31
N GLU JA 17 49.13 -39.78 102.10
CA GLU JA 17 50.46 -39.22 102.35
C GLU JA 17 50.47 -38.55 103.70
N VAL JA 18 51.47 -38.86 104.51
CA VAL JA 18 51.69 -38.19 105.79
C VAL JA 18 53.11 -37.62 105.78
N ILE JA 19 53.23 -36.32 105.96
CA ILE JA 19 54.52 -35.64 106.04
C ILE JA 19 54.82 -35.39 107.51
N TYR JA 20 55.97 -35.88 107.97
CA TYR JA 20 56.48 -35.64 109.30
C TYR JA 20 57.64 -34.66 109.22
N ALA JA 21 57.74 -33.78 110.21
CA ALA JA 21 58.74 -32.73 110.24
C ALA JA 21 59.78 -33.05 111.30
N GLY JA 22 61.04 -32.84 110.96
CA GLY JA 22 62.13 -33.04 111.89
C GLY JA 22 62.31 -31.83 112.79
N PRO JA 23 63.31 -31.90 113.68
CA PRO JA 23 63.53 -30.77 114.61
C PRO JA 23 63.87 -29.47 113.91
N ALA JA 24 64.53 -29.52 112.75
CA ALA JA 24 65.01 -28.33 112.06
C ALA JA 24 64.04 -27.83 110.99
N HIS JA 25 62.82 -28.36 110.96
CA HIS JA 25 61.84 -27.93 109.98
C HIS JA 25 61.08 -26.71 110.49
N ASP JA 26 60.89 -25.74 109.60
CA ASP JA 26 60.17 -24.52 109.92
C ASP JA 26 59.67 -23.90 108.62
N VAL JA 27 59.26 -22.63 108.68
CA VAL JA 27 58.72 -21.96 107.49
C VAL JA 27 59.78 -21.78 106.40
N THR JA 28 61.03 -21.47 106.77
CA THR JA 28 62.07 -21.19 105.79
C THR JA 28 63.02 -22.34 105.52
N ASN JA 29 63.04 -23.37 106.37
CA ASN JA 29 63.92 -24.51 106.18
C ASN JA 29 63.11 -25.79 106.07
N VAL JA 30 63.62 -26.74 105.29
CA VAL JA 30 62.93 -27.99 105.02
C VAL JA 30 63.71 -29.12 105.70
N ASP JA 31 63.01 -29.85 106.57
CA ASP JA 31 63.54 -31.09 107.17
C ASP JA 31 62.34 -32.02 107.32
N THR JA 32 62.08 -32.84 106.30
CA THR JA 32 60.85 -33.60 106.26
C THR JA 32 61.09 -35.03 105.82
N VAL JA 33 60.26 -35.94 106.36
CA VAL JA 33 60.15 -37.32 105.88
C VAL JA 33 58.69 -37.57 105.56
N SER JA 34 58.41 -37.90 104.30
CA SER JA 34 57.05 -38.11 103.83
C SER JA 34 56.84 -39.59 103.52
N LEU JA 35 55.78 -40.17 104.08
CA LEU JA 35 55.36 -41.52 103.75
C LEU JA 35 54.17 -41.43 102.80
N ARG JA 36 54.28 -42.09 101.65
CA ARG JA 36 53.26 -42.06 100.63
C ARG JA 36 52.94 -43.48 100.20
N ARG JA 37 51.71 -43.70 99.76
CA ARG JA 37 51.28 -45.03 99.39
C ARG JA 37 50.32 -44.97 98.20
N SER JA 38 50.37 -46.02 97.39
CA SER JA 38 49.39 -46.26 96.34
C SER JA 38 48.86 -47.67 96.55
N LEU JA 39 47.62 -47.77 96.98
CA LEU JA 39 47.00 -49.04 97.32
C LEU JA 39 46.64 -49.82 96.05
N PRO JA 40 46.62 -51.15 96.13
CA PRO JA 40 46.31 -51.95 94.95
C PRO JA 40 44.92 -51.65 94.40
N VAL JA 41 44.81 -51.67 93.09
CA VAL JA 41 43.52 -51.50 92.40
C VAL JA 41 43.27 -52.78 91.63
N LYS JA 42 42.13 -53.42 91.92
CA LYS JA 42 41.80 -54.72 91.33
C LYS JA 42 41.29 -54.48 89.90
N LYS JA 43 42.25 -54.26 89.01
CA LYS JA 43 41.96 -54.04 87.60
C LYS JA 43 41.88 -55.38 86.87
N GLY JA 44 40.69 -55.73 86.40
CA GLY JA 44 40.53 -56.98 85.67
C GLY JA 44 40.90 -58.17 86.53
N SER JA 45 41.74 -59.04 85.98
CA SER JA 45 42.23 -60.20 86.71
C SER JA 45 43.45 -59.90 87.57
N ASP JA 46 44.18 -58.83 87.27
CA ASP JA 46 45.32 -58.46 88.10
C ASP JA 46 44.84 -57.90 89.43
N ASN JA 47 45.42 -58.39 90.52
CA ASN JA 47 45.06 -57.91 91.85
C ASN JA 47 45.69 -56.57 92.18
N GLY JA 48 46.58 -56.05 91.34
CA GLY JA 48 47.18 -54.76 91.57
C GLY JA 48 48.56 -54.84 92.18
N THR JA 49 49.10 -53.67 92.48
CA THR JA 49 50.41 -53.53 93.07
C THR JA 49 50.36 -52.53 94.22
N MET JA 50 51.02 -52.86 95.32
CA MET JA 50 51.16 -51.93 96.44
C MET JA 50 52.43 -51.13 96.24
N ARG JA 51 52.32 -49.81 96.20
CA ARG JA 51 53.46 -48.93 96.02
C ARG JA 51 53.70 -48.15 97.31
N GLY JA 52 54.91 -48.20 97.82
CA GLY JA 52 55.29 -47.44 99.01
C GLY JA 52 56.42 -46.49 98.67
N ASN JA 53 56.33 -45.28 99.21
CA ASN JA 53 57.33 -44.24 98.94
C ASN JA 53 57.75 -43.58 100.24
N MET JA 54 59.05 -43.51 100.48
CA MET JA 54 59.63 -42.77 101.59
C MET JA 54 60.48 -41.65 101.01
N ASN JA 55 60.13 -40.42 101.35
CA ASN JA 55 60.80 -39.24 100.81
C ASN JA 55 61.51 -38.50 101.93
N PHE JA 56 62.79 -38.21 101.72
CA PHE JA 56 63.59 -37.42 102.66
C PHE JA 56 63.95 -36.11 101.98
N ALA JA 57 63.63 -35.00 102.62
CA ALA JA 57 63.91 -33.69 102.06
C ALA JA 57 64.62 -32.83 103.09
N LYS JA 58 65.74 -32.22 102.69
CA LYS JA 58 66.46 -31.31 103.56
C LYS JA 58 66.95 -30.11 102.77
N SER JA 59 67.03 -28.98 103.45
CA SER JA 59 67.60 -27.77 102.87
C SER JA 59 69.07 -27.66 103.21
N PHE JA 60 69.87 -27.20 102.25
CA PHE JA 60 71.30 -27.12 102.38
C PHE JA 60 71.79 -25.78 101.83
N PRO JA 61 72.84 -25.21 102.40
CA PRO JA 61 73.42 -23.99 101.82
C PRO JA 61 74.01 -24.26 100.44
N ASN JA 62 73.57 -23.48 99.46
CA ASN JA 62 74.03 -23.57 98.08
C ASN JA 62 74.48 -22.16 97.69
N GLY JA 63 75.76 -21.87 97.91
CA GLY JA 63 76.28 -20.55 97.65
C GLY JA 63 75.55 -19.49 98.44
N ASP JA 64 74.74 -18.69 97.74
CA ASP JA 64 73.95 -17.67 98.41
C ASP JA 64 72.59 -18.20 98.86
N LYS JA 65 72.00 -19.12 98.10
CA LYS JA 65 70.64 -19.56 98.34
C LYS JA 65 70.64 -20.87 99.13
N LYS JA 66 69.46 -21.48 99.26
CA LYS JA 66 69.30 -22.77 99.90
C LYS JA 66 68.69 -23.73 98.89
N SER JA 67 69.33 -24.88 98.69
CA SER JA 67 68.89 -25.89 97.74
C SER JA 67 68.35 -27.11 98.48
N LEU JA 68 67.41 -27.81 97.84
CA LEU JA 68 66.73 -28.94 98.44
C LEU JA 68 67.35 -30.25 97.96
N VAL JA 69 67.81 -31.07 98.89
CA VAL JA 69 68.30 -32.41 98.61
C VAL JA 69 67.22 -33.39 99.00
N VAL JA 70 66.87 -34.28 98.07
CA VAL JA 70 65.78 -35.23 98.24
C VAL JA 70 66.29 -36.63 97.96
N VAL JA 71 66.00 -37.56 98.88
CA VAL JA 71 66.30 -38.97 98.71
C VAL JA 71 64.98 -39.72 98.71
N ASN JA 72 64.74 -40.48 97.64
CA ASN JA 72 63.52 -41.26 97.50
C ASN JA 72 63.80 -42.74 97.69
N LEU JA 73 62.82 -43.46 98.23
CA LEU JA 73 62.90 -44.90 98.37
C LEU JA 73 61.52 -45.45 98.03
N THR JA 74 61.38 -46.06 96.86
CA THR JA 74 60.10 -46.56 96.40
C THR JA 74 60.15 -48.07 96.21
N ALA JA 75 59.14 -48.75 96.75
CA ALA JA 75 59.00 -50.19 96.64
C ALA JA 75 57.70 -50.51 95.92
N HIS JA 76 57.76 -51.47 94.99
CA HIS JA 76 56.61 -51.96 94.26
C HIS JA 76 56.45 -53.44 94.58
N VAL JA 77 55.35 -53.81 95.22
CA VAL JA 77 55.12 -55.20 95.58
C VAL JA 77 53.81 -55.68 94.95
N PRO JA 78 53.86 -56.59 93.98
CA PRO JA 78 52.60 -57.10 93.41
C PRO JA 78 51.80 -57.89 94.43
N VAL JA 79 50.48 -57.80 94.32
CA VAL JA 79 49.61 -58.51 95.25
C VAL JA 79 49.65 -60.01 94.98
N GLY JA 80 49.79 -60.79 96.05
CA GLY JA 80 49.90 -62.24 95.96
C GLY JA 80 51.29 -62.75 96.34
N VAL JA 81 52.32 -61.94 96.10
CA VAL JA 81 53.67 -62.30 96.52
C VAL JA 81 53.72 -62.39 98.03
N ASP JA 82 54.39 -63.43 98.53
CA ASP JA 82 54.50 -63.62 99.97
C ASP JA 82 55.25 -62.45 100.60
N ALA JA 83 54.67 -61.87 101.66
CA ALA JA 83 55.24 -60.68 102.26
C ALA JA 83 56.52 -61.00 103.02
N THR JA 84 56.59 -62.15 103.67
CA THR JA 84 57.77 -62.50 104.46
C THR JA 84 59.00 -62.64 103.58
N ALA JA 85 58.84 -63.24 102.40
CA ALA JA 85 59.96 -63.37 101.47
C ALA JA 85 60.47 -62.00 101.02
N VAL JA 86 59.56 -61.08 100.71
CA VAL JA 86 59.96 -59.73 100.32
C VAL JA 86 60.68 -59.04 101.47
N ARG JA 87 60.17 -59.21 102.70
CA ARG JA 87 60.79 -58.53 103.83
C ARG JA 87 62.18 -59.07 104.13
N THR JA 88 62.38 -60.39 104.05
CA THR JA 88 63.72 -60.92 104.29
C THR JA 88 64.65 -60.57 103.14
N TRP JA 89 64.13 -60.48 101.91
CA TRP JA 89 64.94 -60.04 100.78
C TRP JA 89 65.40 -58.59 101.00
N MET JA 90 64.50 -57.74 101.47
CA MET JA 90 64.87 -56.35 101.73
C MET JA 90 65.87 -56.25 102.86
N THR JA 91 65.64 -56.99 103.95
CA THR JA 91 66.51 -56.89 105.11
C THR JA 91 67.91 -57.41 104.81
N SER JA 92 68.01 -58.50 104.05
CA SER JA 92 69.30 -59.15 103.80
C SER JA 92 69.97 -58.69 102.53
N GLU JA 93 69.22 -58.39 101.48
CA GLU JA 93 69.79 -58.15 100.16
C GLU JA 93 69.70 -56.69 99.70
N VAL JA 94 68.62 -55.98 100.07
CA VAL JA 94 68.43 -54.64 99.56
C VAL JA 94 69.02 -53.60 100.50
N PHE JA 95 68.70 -53.69 101.79
CA PHE JA 95 69.12 -52.70 102.78
C PHE JA 95 70.63 -52.60 102.93
N PRO JA 96 71.37 -53.72 103.09
CA PRO JA 96 72.83 -53.58 103.23
C PRO JA 96 73.49 -52.94 102.02
N GLY JA 97 73.01 -53.20 100.81
CA GLY JA 97 73.60 -52.57 99.63
C GLY JA 97 73.11 -51.16 99.39
N ALA JA 98 71.94 -50.81 99.93
CA ALA JA 98 71.38 -49.49 99.73
C ALA JA 98 71.95 -48.44 100.68
N THR JA 99 72.70 -48.86 101.70
CA THR JA 99 73.28 -47.94 102.68
C THR JA 99 74.80 -47.98 102.67
N SER JA 100 75.40 -48.54 101.62
CA SER JA 100 76.84 -48.66 101.54
C SER JA 100 77.45 -47.38 100.95
N SER JA 101 78.77 -47.39 100.74
CA SER JA 101 79.43 -46.25 100.11
C SER JA 101 79.05 -46.11 98.65
N VAL JA 102 78.53 -47.17 98.03
CA VAL JA 102 78.10 -47.11 96.64
C VAL JA 102 77.00 -46.08 96.47
N THR JA 103 76.04 -46.06 97.40
CA THR JA 103 74.96 -45.08 97.33
C THR JA 103 75.50 -43.66 97.48
N LEU JA 104 76.46 -43.46 98.40
CA LEU JA 104 77.03 -42.13 98.60
C LEU JA 104 77.76 -41.65 97.34
N ASP JA 105 78.57 -42.52 96.74
CA ASP JA 105 79.29 -42.13 95.53
C ASP JA 105 78.32 -41.87 94.37
N LEU JA 106 77.27 -42.68 94.25
CA LEU JA 106 76.29 -42.47 93.19
C LEU JA 106 75.53 -41.17 93.38
N ALA JA 107 75.21 -40.82 94.63
CA ALA JA 107 74.46 -39.59 94.89
C ALA JA 107 75.32 -38.35 94.71
N THR JA 108 76.58 -38.39 95.15
CA THR JA 108 77.41 -37.20 95.13
C THR JA 108 78.25 -37.07 93.87
N LYS JA 109 78.65 -38.19 93.26
CA LYS JA 109 79.53 -38.15 92.11
C LYS JA 109 79.01 -38.91 90.90
N GLY JA 110 77.88 -39.57 90.99
CA GLY JA 110 77.34 -40.32 89.87
C GLY JA 110 78.15 -41.52 89.46
N VAL JA 111 78.78 -42.21 90.41
CA VAL JA 111 79.60 -43.37 90.10
C VAL JA 111 78.71 -44.59 89.90
N ILE JA 112 78.83 -45.23 88.74
CA ILE JA 112 78.03 -46.40 88.42
C ILE JA 112 78.88 -47.65 88.21
N HIS JA 113 80.21 -47.53 88.30
CA HIS JA 113 81.12 -48.66 88.17
C HIS JA 113 81.76 -48.92 89.53
N LEU JA 114 81.37 -50.02 90.18
CA LEU JA 114 81.88 -50.33 91.51
C LEU JA 114 83.00 -51.37 91.42
N SER JA 115 84.15 -50.92 90.95
CA SER JA 115 85.33 -51.77 90.87
C SER JA 115 86.10 -51.72 92.18
N ASP JA 116 86.71 -52.85 92.55
CA ASP JA 116 86.61 -54.14 91.86
C ASP JA 116 86.37 -55.25 92.87
N ALA JA 117 86.77 -55.01 94.11
CA ALA JA 117 86.63 -56.01 95.17
C ALA JA 117 85.18 -56.13 95.63
N LEU KA 1 -53.82 -115.04 52.31
CA LEU KA 1 -53.52 -114.43 51.02
C LEU KA 1 -52.88 -115.42 50.08
N SER KA 2 -53.49 -115.62 48.92
CA SER KA 2 -52.97 -116.55 47.93
C SER KA 2 -53.15 -115.98 46.53
N ILE KA 3 -52.23 -116.32 45.65
CA ILE KA 3 -52.28 -115.96 44.24
C ILE KA 3 -52.12 -117.26 43.46
N GLY KA 4 -53.23 -117.81 43.00
CA GLY KA 4 -53.20 -119.16 42.45
C GLY KA 4 -53.00 -120.17 43.57
N THR KA 5 -51.88 -120.89 43.55
CA THR KA 5 -51.56 -121.86 44.58
C THR KA 5 -50.41 -121.41 45.47
N LYS KA 6 -49.96 -120.17 45.34
CA LYS KA 6 -48.84 -119.65 46.11
C LYS KA 6 -49.31 -118.70 47.19
N ASN KA 7 -48.78 -118.88 48.40
CA ASN KA 7 -49.09 -118.01 49.52
C ASN KA 7 -48.20 -116.77 49.47
N VAL KA 8 -48.80 -115.61 49.65
CA VAL KA 8 -48.10 -114.33 49.58
C VAL KA 8 -48.49 -113.48 50.78
N SER KA 9 -47.73 -112.41 50.98
CA SER KA 9 -47.99 -111.43 52.01
C SER KA 9 -47.84 -110.05 51.41
N ILE KA 10 -48.60 -109.07 51.93
CA ILE KA 10 -48.46 -107.70 51.47
C ILE KA 10 -47.06 -107.22 51.78
N TYR KA 11 -46.35 -106.75 50.76
CA TYR KA 11 -44.99 -106.25 50.90
C TYR KA 11 -44.87 -104.75 50.71
N ARG KA 12 -45.48 -104.21 49.67
CA ARG KA 12 -45.47 -102.77 49.43
C ARG KA 12 -46.85 -102.31 48.99
N ASN KA 13 -47.31 -101.20 49.55
CA ASN KA 13 -48.63 -100.67 49.27
C ASN KA 13 -48.50 -99.25 48.75
N THR KA 14 -49.03 -98.98 47.57
CA THR KA 14 -49.15 -97.63 47.05
C THR KA 14 -50.59 -97.39 46.62
N ALA KA 15 -50.88 -96.20 46.06
CA ALA KA 15 -52.24 -95.86 45.70
C ALA KA 15 -52.78 -96.77 44.61
N ASP KA 16 -51.97 -97.08 43.60
CA ASP KA 16 -52.44 -97.86 42.45
C ASP KA 16 -51.61 -99.13 42.23
N GLU KA 17 -50.76 -99.52 43.18
CA GLU KA 17 -49.97 -100.73 43.02
C GLU KA 17 -49.72 -101.37 44.37
N VAL KA 18 -49.91 -102.68 44.43
CA VAL KA 18 -49.59 -103.48 45.60
C VAL KA 18 -48.65 -104.60 45.20
N ILE KA 19 -47.51 -104.68 45.87
CA ILE KA 19 -46.53 -105.74 45.66
C ILE KA 19 -46.66 -106.74 46.81
N TYR KA 20 -46.82 -108.02 46.46
CA TYR KA 20 -46.86 -109.12 47.41
C TYR KA 20 -45.58 -109.94 47.27
N ALA KA 21 -45.09 -110.45 48.40
CA ALA KA 21 -43.85 -111.20 48.44
C ALA KA 21 -44.14 -112.69 48.64
N GLY KA 22 -43.45 -113.52 47.87
CA GLY KA 22 -43.58 -114.95 48.00
C GLY KA 22 -42.73 -115.51 49.13
N PRO KA 23 -42.84 -116.81 49.37
CA PRO KA 23 -42.09 -117.42 50.48
C PRO KA 23 -40.57 -117.35 50.33
N ALA KA 24 -40.06 -117.18 49.11
CA ALA KA 24 -38.62 -117.17 48.87
C ALA KA 24 -38.05 -115.77 48.77
N HIS KA 25 -38.86 -114.74 49.02
CA HIS KA 25 -38.39 -113.36 48.87
C HIS KA 25 -37.63 -112.92 50.12
N ASP KA 26 -36.41 -112.44 49.92
CA ASP KA 26 -35.60 -111.87 51.00
C ASP KA 26 -34.69 -110.83 50.39
N VAL KA 27 -33.65 -110.44 51.13
CA VAL KA 27 -32.71 -109.40 50.71
C VAL KA 27 -31.94 -109.86 49.47
N THR KA 28 -31.73 -111.17 49.33
CA THR KA 28 -30.93 -111.70 48.23
C THR KA 28 -31.74 -112.24 47.07
N ASN KA 29 -32.91 -112.82 47.33
CA ASN KA 29 -33.69 -113.49 46.30
C ASN KA 29 -35.00 -112.74 46.09
N VAL KA 30 -35.39 -112.56 44.83
CA VAL KA 30 -36.63 -111.90 44.48
C VAL KA 30 -37.69 -112.94 44.16
N ASP KA 31 -38.85 -112.82 44.81
CA ASP KA 31 -40.02 -113.64 44.51
C ASP KA 31 -41.23 -112.76 44.81
N THR KA 32 -41.71 -112.07 43.77
CA THR KA 32 -42.76 -111.07 43.99
C THR KA 32 -43.84 -111.16 42.92
N VAL KA 33 -45.05 -110.78 43.31
CA VAL KA 33 -46.16 -110.59 42.38
C VAL KA 33 -46.77 -109.22 42.65
N SER KA 34 -46.84 -108.39 41.62
CA SER KA 34 -47.33 -107.03 41.72
C SER KA 34 -48.65 -106.88 40.98
N LEU KA 35 -49.59 -106.17 41.59
CA LEU KA 35 -50.87 -105.84 40.98
C LEU KA 35 -50.94 -104.33 40.82
N ARG KA 36 -51.11 -103.86 39.59
CA ARG KA 36 -51.15 -102.44 39.29
C ARG KA 36 -52.39 -102.12 38.48
N ARG KA 37 -52.98 -100.95 38.74
CA ARG KA 37 -54.16 -100.51 38.02
C ARG KA 37 -53.94 -99.11 37.49
N SER KA 38 -54.47 -98.88 36.29
CA SER KA 38 -54.55 -97.57 35.67
C SER KA 38 -56.04 -97.33 35.43
N LEU KA 39 -56.65 -96.52 36.28
CA LEU KA 39 -58.08 -96.28 36.20
C LEU KA 39 -58.40 -95.38 35.01
N PRO KA 40 -59.58 -95.54 34.43
CA PRO KA 40 -59.93 -94.74 33.24
C PRO KA 40 -59.98 -93.26 33.56
N VAL KA 41 -59.52 -92.45 32.62
CA VAL KA 41 -59.63 -91.00 32.69
C VAL KA 41 -60.60 -90.59 31.58
N LYS KA 42 -61.83 -90.26 31.97
CA LYS KA 42 -62.90 -89.96 31.02
C LYS KA 42 -62.76 -88.51 30.56
N LYS KA 43 -61.67 -88.24 29.86
CA LYS KA 43 -61.40 -86.93 29.30
C LYS KA 43 -62.26 -86.69 28.07
N GLY KA 44 -62.61 -85.42 27.86
CA GLY KA 44 -63.45 -85.03 26.75
C GLY KA 44 -64.73 -85.83 26.66
N SER KA 45 -64.88 -86.61 25.59
CA SER KA 45 -66.02 -87.51 25.42
C SER KA 45 -65.66 -88.98 25.61
N ASP KA 46 -64.42 -89.37 25.32
CA ASP KA 46 -64.02 -90.76 25.49
C ASP KA 46 -64.00 -91.11 26.97
N ASN KA 47 -64.50 -92.30 27.29
CA ASN KA 47 -64.61 -92.73 28.68
C ASN KA 47 -63.34 -93.39 29.21
N GLY KA 48 -62.29 -93.47 28.39
CA GLY KA 48 -61.02 -93.99 28.85
C GLY KA 48 -60.95 -95.51 28.86
N THR KA 49 -59.83 -96.00 29.36
CA THR KA 49 -59.53 -97.43 29.38
C THR KA 49 -59.08 -97.84 30.78
N MET KA 50 -59.57 -98.98 31.24
CA MET KA 50 -59.10 -99.59 32.47
C MET KA 50 -57.93 -100.52 32.13
N ARG KA 51 -56.78 -100.29 32.75
CA ARG KA 51 -55.58 -101.07 32.49
C ARG KA 51 -55.21 -101.85 33.74
N GLY KA 52 -55.18 -103.17 33.62
CA GLY KA 52 -54.80 -104.01 34.74
C GLY KA 52 -53.54 -104.79 34.47
N ASN KA 53 -52.49 -104.57 35.27
CA ASN KA 53 -51.19 -105.19 35.05
C ASN KA 53 -50.84 -106.11 36.19
N MET KA 54 -50.44 -107.34 35.86
CA MET KA 54 -50.03 -108.34 36.83
C MET KA 54 -48.58 -108.73 36.52
N ASN KA 55 -47.71 -108.59 37.51
CA ASN KA 55 -46.27 -108.71 37.35
C ASN KA 55 -45.77 -109.89 38.18
N PHE KA 56 -44.95 -110.75 37.59
CA PHE KA 56 -44.30 -111.83 38.29
C PHE KA 56 -42.79 -111.66 38.15
N ALA KA 57 -42.09 -111.60 39.27
CA ALA KA 57 -40.65 -111.37 39.26
C ALA KA 57 -39.96 -112.45 40.07
N LYS KA 58 -38.93 -113.05 39.48
CA LYS KA 58 -38.19 -114.12 40.15
C LYS KA 58 -36.71 -114.02 39.80
N SER KA 59 -35.85 -114.12 40.80
CA SER KA 59 -34.41 -114.14 40.56
C SER KA 59 -33.95 -115.56 40.23
N PHE KA 60 -33.02 -115.66 39.29
CA PHE KA 60 -32.49 -116.93 38.81
C PHE KA 60 -30.98 -116.85 38.76
N PRO KA 61 -30.29 -117.97 38.96
CA PRO KA 61 -28.83 -117.98 38.78
C PRO KA 61 -28.46 -117.74 37.33
N ASN KA 62 -27.44 -116.92 37.12
CA ASN KA 62 -26.95 -116.60 35.77
C ASN KA 62 -25.43 -116.48 35.90
N GLY KA 63 -24.74 -117.58 35.62
CA GLY KA 63 -23.31 -117.61 35.85
C GLY KA 63 -23.02 -117.39 37.33
N ASP KA 64 -22.17 -116.42 37.61
CA ASP KA 64 -21.88 -116.05 39.00
C ASP KA 64 -22.88 -115.05 39.57
N LYS KA 65 -23.69 -114.41 38.74
CA LYS KA 65 -24.60 -113.37 39.19
C LYS KA 65 -26.04 -113.89 39.25
N LYS KA 66 -26.96 -113.00 39.52
CA LYS KA 66 -28.39 -113.31 39.53
C LYS KA 66 -29.10 -112.42 38.53
N SER KA 67 -30.09 -112.98 37.84
CA SER KA 67 -30.84 -112.27 36.82
C SER KA 67 -32.32 -112.33 37.13
N LEU KA 68 -33.02 -111.23 36.85
CA LEU KA 68 -34.44 -111.14 37.13
C LEU KA 68 -35.23 -111.57 35.90
N VAL KA 69 -36.10 -112.56 36.07
CA VAL KA 69 -37.06 -112.96 35.05
C VAL KA 69 -38.41 -112.38 35.43
N VAL KA 70 -39.01 -111.65 34.48
CA VAL KA 70 -40.25 -110.92 34.71
C VAL KA 70 -41.28 -111.38 33.69
N VAL KA 71 -42.47 -111.70 34.16
CA VAL KA 71 -43.61 -112.04 33.30
C VAL KA 71 -44.72 -111.03 33.56
N ASN KA 72 -45.19 -110.38 32.50
CA ASN KA 72 -46.23 -109.37 32.58
C ASN KA 72 -47.50 -109.87 31.92
N LEU KA 73 -48.64 -109.58 32.55
CA LEU KA 73 -49.95 -109.88 31.98
C LEU KA 73 -50.82 -108.64 32.13
N THR KA 74 -51.11 -107.98 31.03
CA THR KA 74 -51.81 -106.70 31.04
C THR KA 74 -53.09 -106.77 30.23
N ALA KA 75 -54.18 -106.32 30.84
CA ALA KA 75 -55.48 -106.24 30.18
C ALA KA 75 -55.85 -104.78 29.96
N HIS KA 76 -56.33 -104.47 28.76
CA HIS KA 76 -56.77 -103.12 28.39
C HIS KA 76 -58.25 -103.23 28.02
N VAL KA 77 -59.13 -102.77 28.91
CA VAL KA 77 -60.57 -102.89 28.71
C VAL KA 77 -61.13 -101.48 28.54
N PRO KA 78 -61.63 -101.12 27.35
CA PRO KA 78 -62.28 -99.82 27.20
C PRO KA 78 -63.57 -99.74 28.00
N VAL KA 79 -63.88 -98.54 28.47
CA VAL KA 79 -65.06 -98.34 29.31
C VAL KA 79 -66.32 -98.42 28.46
N GLY KA 80 -67.32 -99.16 28.95
CA GLY KA 80 -68.55 -99.41 28.23
C GLY KA 80 -68.70 -100.83 27.74
N VAL KA 81 -67.58 -101.54 27.60
CA VAL KA 81 -67.61 -102.94 27.21
C VAL KA 81 -68.15 -103.77 28.38
N ASP KA 82 -69.03 -104.72 28.06
CA ASP KA 82 -69.61 -105.57 29.09
C ASP KA 82 -68.52 -106.37 29.81
N ALA KA 83 -68.49 -106.25 31.13
CA ALA KA 83 -67.48 -106.94 31.92
C ALA KA 83 -67.64 -108.46 31.84
N THR KA 84 -68.89 -108.94 31.86
CA THR KA 84 -69.13 -110.38 31.81
C THR KA 84 -68.63 -110.98 30.50
N ALA KA 85 -68.87 -110.29 29.38
CA ALA KA 85 -68.38 -110.79 28.09
C ALA KA 85 -66.86 -110.83 28.06
N VAL KA 86 -66.21 -109.80 28.59
CA VAL KA 86 -64.75 -109.78 28.63
C VAL KA 86 -64.21 -110.90 29.50
N ARG KA 87 -64.84 -111.15 30.65
CA ARG KA 87 -64.41 -112.24 31.52
C ARG KA 87 -64.59 -113.59 30.85
N THR KA 88 -65.71 -113.79 30.15
CA THR KA 88 -65.92 -115.04 29.44
C THR KA 88 -64.88 -115.23 28.35
N TRP KA 89 -64.57 -114.17 27.60
CA TRP KA 89 -63.54 -114.24 26.57
C TRP KA 89 -62.17 -114.57 27.16
N MET KA 90 -61.83 -113.93 28.29
CA MET KA 90 -60.54 -114.19 28.91
C MET KA 90 -60.44 -115.61 29.44
N THR KA 91 -61.53 -116.13 30.01
CA THR KA 91 -61.51 -117.47 30.58
C THR KA 91 -61.49 -118.54 29.50
N SER KA 92 -62.28 -118.38 28.44
CA SER KA 92 -62.41 -119.43 27.44
C SER KA 92 -61.38 -119.33 26.31
N GLU KA 93 -60.82 -118.15 26.07
CA GLU KA 93 -59.93 -117.96 24.93
C GLU KA 93 -58.52 -117.55 25.34
N VAL KA 94 -58.37 -116.56 26.21
CA VAL KA 94 -57.06 -116.02 26.52
C VAL KA 94 -56.32 -116.92 27.51
N PHE KA 95 -57.02 -117.35 28.57
CA PHE KA 95 -56.35 -118.15 29.61
C PHE KA 95 -55.80 -119.47 29.10
N PRO KA 96 -56.55 -120.30 28.36
CA PRO KA 96 -55.95 -121.54 27.85
C PRO KA 96 -54.78 -121.31 26.92
N GLY KA 97 -54.82 -120.25 26.10
CA GLY KA 97 -53.73 -120.01 25.17
C GLY KA 97 -52.49 -119.41 25.81
N ALA KA 98 -52.67 -118.66 26.89
CA ALA KA 98 -51.56 -118.02 27.58
C ALA KA 98 -50.86 -118.93 28.57
N THR KA 99 -51.35 -120.15 28.76
CA THR KA 99 -50.74 -121.13 29.65
C THR KA 99 -50.35 -122.40 28.91
N SER KA 100 -50.29 -122.35 27.58
CA SER KA 100 -49.94 -123.50 26.79
C SER KA 100 -48.43 -123.56 26.59
N SER KA 101 -47.97 -124.59 25.86
CA SER KA 101 -46.56 -124.68 25.52
C SER KA 101 -46.13 -123.56 24.57
N VAL KA 102 -47.08 -122.92 23.90
CA VAL KA 102 -46.75 -121.80 23.02
C VAL KA 102 -46.12 -120.67 23.81
N THR KA 103 -46.70 -120.33 24.97
CA THR KA 103 -46.15 -119.27 25.80
C THR KA 103 -44.76 -119.63 26.31
N LEU KA 104 -44.57 -120.88 26.75
CA LEU KA 104 -43.27 -121.30 27.24
C LEU KA 104 -42.22 -121.24 26.14
N ASP KA 105 -42.57 -121.70 24.93
CA ASP KA 105 -41.64 -121.66 23.82
C ASP KA 105 -41.30 -120.23 23.43
N LEU KA 106 -42.28 -119.35 23.40
CA LEU KA 106 -42.02 -117.96 23.07
C LEU KA 106 -41.12 -117.30 24.12
N ALA KA 107 -41.36 -117.60 25.40
CA ALA KA 107 -40.60 -116.95 26.45
C ALA KA 107 -39.16 -117.45 26.51
N THR KA 108 -38.96 -118.77 26.41
CA THR KA 108 -37.64 -119.33 26.64
C THR KA 108 -36.84 -119.61 25.37
N LYS KA 109 -37.47 -119.56 24.20
CA LYS KA 109 -36.78 -119.83 22.94
C LYS KA 109 -37.06 -118.80 21.87
N GLY KA 110 -38.00 -117.89 22.08
CA GLY KA 110 -38.37 -116.94 21.05
C GLY KA 110 -39.04 -117.56 19.85
N VAL KA 111 -39.90 -118.56 20.06
CA VAL KA 111 -40.58 -119.24 18.97
C VAL KA 111 -41.89 -118.51 18.67
N ILE KA 112 -42.01 -117.99 17.45
CA ILE KA 112 -43.20 -117.27 17.01
C ILE KA 112 -43.97 -118.04 15.94
N HIS KA 113 -43.49 -119.21 15.54
CA HIS KA 113 -44.17 -120.08 14.58
C HIS KA 113 -44.63 -121.33 15.31
N LEU KA 114 -45.95 -121.45 15.52
CA LEU KA 114 -46.50 -122.62 16.22
C LEU KA 114 -47.02 -123.63 15.20
N SER KA 115 -46.07 -124.24 14.49
CA SER KA 115 -46.38 -125.31 13.56
C SER KA 115 -46.44 -126.65 14.30
N ASP KA 116 -47.22 -127.58 13.75
CA ASP KA 116 -48.10 -127.47 12.59
C ASP KA 116 -49.43 -128.16 12.85
N ALA KA 117 -49.49 -128.92 13.95
CA ALA KA 117 -50.68 -129.69 14.30
C ALA KA 117 -51.90 -128.79 14.51
N LEU LA 1 -53.39 -126.05 13.17
CA LEU LA 1 -52.79 -124.86 13.76
C LEU LA 1 -53.70 -124.31 14.85
N SER LA 2 -53.28 -124.46 16.11
CA SER LA 2 -54.10 -124.06 17.23
C SER LA 2 -53.23 -123.40 18.30
N ILE LA 3 -53.82 -122.43 19.00
CA ILE LA 3 -53.22 -121.82 20.17
C ILE LA 3 -54.20 -122.04 21.31
N GLY LA 4 -53.77 -122.80 22.32
CA GLY LA 4 -54.68 -123.21 23.37
C GLY LA 4 -55.79 -124.09 22.83
N THR LA 5 -57.04 -123.66 23.02
CA THR LA 5 -58.18 -124.37 22.46
C THR LA 5 -58.72 -123.72 21.20
N LYS LA 6 -58.11 -122.62 20.74
CA LYS LA 6 -58.60 -121.87 19.60
C LYS LA 6 -57.78 -122.22 18.36
N ASN LA 7 -58.46 -122.72 17.33
CA ASN LA 7 -57.81 -122.91 16.04
C ASN LA 7 -57.58 -121.58 15.35
N VAL LA 8 -56.38 -121.41 14.79
CA VAL LA 8 -56.00 -120.16 14.14
C VAL LA 8 -55.34 -120.49 12.82
N SER LA 9 -55.17 -119.46 11.99
CA SER LA 9 -54.45 -119.55 10.74
C SER LA 9 -53.49 -118.38 10.63
N ILE LA 10 -52.43 -118.56 9.85
CA ILE LA 10 -51.45 -117.50 9.67
C ILE LA 10 -52.10 -116.34 8.93
N TYR LA 11 -52.09 -115.16 9.53
CA TYR LA 11 -52.65 -113.96 8.94
C TYR LA 11 -51.59 -113.02 8.39
N ARG LA 12 -50.54 -112.75 9.17
CA ARG LA 12 -49.45 -111.91 8.69
C ARG LA 12 -48.15 -112.43 9.29
N ASN LA 13 -47.07 -112.27 8.54
CA ASN LA 13 -45.78 -112.88 8.90
C ASN LA 13 -44.66 -111.89 8.60
N THR LA 14 -44.06 -111.34 9.65
CA THR LA 14 -42.87 -110.53 9.55
C THR LA 14 -41.70 -111.28 10.18
N ALA LA 15 -40.54 -110.61 10.23
CA ALA LA 15 -39.33 -111.28 10.71
C ALA LA 15 -39.44 -111.68 12.18
N ASP LA 16 -39.96 -110.80 13.02
CA ASP LA 16 -40.02 -111.06 14.46
C ASP LA 16 -41.44 -111.07 15.02
N GLU LA 17 -42.46 -110.98 14.17
CA GLU LA 17 -43.84 -111.04 14.62
C GLU LA 17 -44.67 -111.85 13.64
N VAL LA 18 -45.50 -112.75 14.17
CA VAL LA 18 -46.47 -113.48 13.39
C VAL LA 18 -47.84 -113.24 13.99
N ILE LA 19 -48.77 -112.72 13.19
CA ILE LA 19 -50.15 -112.50 13.62
C ILE LA 19 -51.00 -113.62 13.06
N TYR LA 20 -51.72 -114.32 13.94
CA TYR LA 20 -52.66 -115.36 13.57
C TYR LA 20 -54.08 -114.87 13.80
N ALA LA 21 -54.99 -115.33 12.95
CA ALA LA 21 -56.38 -114.90 12.99
C ALA LA 21 -57.26 -116.06 13.42
N GLY LA 22 -58.20 -115.78 14.32
CA GLY LA 22 -59.17 -116.77 14.73
C GLY LA 22 -60.21 -116.99 13.66
N PRO LA 23 -61.10 -117.97 13.89
CA PRO LA 23 -62.12 -118.27 12.87
C PRO LA 23 -63.04 -117.09 12.59
N ALA LA 24 -63.31 -116.24 13.59
CA ALA LA 24 -64.22 -115.12 13.44
C ALA LA 24 -63.57 -113.89 12.85
N HIS LA 25 -62.23 -113.84 12.76
CA HIS LA 25 -61.56 -112.64 12.31
C HIS LA 25 -61.94 -112.29 10.88
N ASP LA 26 -62.22 -111.01 10.65
CA ASP LA 26 -62.62 -110.52 9.34
C ASP LA 26 -62.23 -109.05 9.24
N VAL LA 27 -62.74 -108.38 8.21
CA VAL LA 27 -62.37 -106.99 7.95
C VAL LA 27 -62.98 -106.02 8.95
N THR LA 28 -64.04 -106.42 9.65
CA THR LA 28 -64.67 -105.55 10.65
C THR LA 28 -64.61 -106.09 12.07
N ASN LA 29 -64.40 -107.38 12.27
CA ASN LA 29 -64.26 -107.98 13.59
C ASN LA 29 -62.81 -108.41 13.76
N VAL LA 30 -62.18 -107.94 14.83
CA VAL LA 30 -60.80 -108.29 15.14
C VAL LA 30 -60.81 -109.48 16.09
N ASP LA 31 -60.14 -110.56 15.70
CA ASP LA 31 -59.92 -111.72 16.56
C ASP LA 31 -58.51 -112.23 16.21
N THR LA 32 -57.50 -111.75 16.93
CA THR LA 32 -56.12 -112.01 16.55
C THR LA 32 -55.27 -112.39 17.76
N VAL LA 33 -54.30 -113.27 17.50
CA VAL LA 33 -53.26 -113.61 18.46
C VAL LA 33 -51.92 -113.32 17.79
N SER LA 34 -51.19 -112.36 18.33
CA SER LA 34 -49.88 -111.99 17.82
C SER LA 34 -48.79 -112.61 18.70
N LEU LA 35 -47.79 -113.18 18.04
CA LEU LA 35 -46.57 -113.64 18.71
C LEU LA 35 -45.42 -112.76 18.23
N ARG LA 36 -44.87 -111.97 19.13
CA ARG LA 36 -43.80 -111.04 18.81
C ARG LA 36 -42.60 -111.35 19.69
N ARG LA 37 -41.40 -111.13 19.14
CA ARG LA 37 -40.19 -111.35 19.91
C ARG LA 37 -39.21 -110.20 19.67
N SER LA 38 -38.46 -109.89 20.72
CA SER LA 38 -37.31 -109.00 20.65
C SER LA 38 -36.09 -109.82 21.03
N LEU LA 39 -35.22 -110.06 20.06
CA LEU LA 39 -34.07 -110.92 20.26
C LEU LA 39 -33.02 -110.23 21.13
N PRO LA 40 -32.27 -110.99 21.91
CA PRO LA 40 -31.25 -110.38 22.79
C PRO LA 40 -30.20 -109.63 22.00
N VAL LA 41 -29.89 -108.43 22.45
CA VAL LA 41 -28.87 -107.59 21.84
C VAL LA 41 -27.68 -107.54 22.80
N LYS LA 42 -26.54 -108.08 22.36
CA LYS LA 42 -25.34 -108.13 23.19
C LYS LA 42 -24.76 -106.71 23.18
N LYS LA 43 -24.83 -106.05 24.33
CA LYS LA 43 -24.29 -104.72 24.51
C LYS LA 43 -23.39 -104.70 25.74
N GLY LA 44 -22.12 -104.35 25.54
CA GLY LA 44 -21.18 -104.33 26.64
C GLY LA 44 -20.99 -105.72 27.23
N SER LA 45 -20.89 -105.79 28.56
CA SER LA 45 -20.76 -107.07 29.24
C SER LA 45 -22.09 -107.80 29.40
N ASP LA 46 -23.20 -107.12 29.15
CA ASP LA 46 -24.51 -107.75 29.24
C ASP LA 46 -24.82 -108.48 27.94
N ASN LA 47 -25.23 -109.74 28.06
CA ASN LA 47 -25.53 -110.57 26.90
C ASN LA 47 -26.90 -110.27 26.30
N GLY LA 48 -27.71 -109.44 26.95
CA GLY LA 48 -29.01 -109.07 26.44
C GLY LA 48 -30.14 -109.81 27.13
N THR LA 49 -31.34 -109.58 26.60
CA THR LA 49 -32.56 -110.15 27.16
C THR LA 49 -33.51 -110.48 26.01
N MET LA 50 -34.05 -111.68 26.02
CA MET LA 50 -35.09 -112.06 25.07
C MET LA 50 -36.45 -111.62 25.60
N ARG LA 51 -37.19 -110.87 24.79
CA ARG LA 51 -38.54 -110.44 25.13
C ARG LA 51 -39.54 -111.21 24.29
N GLY LA 52 -40.53 -111.80 24.94
CA GLY LA 52 -41.58 -112.49 24.22
C GLY LA 52 -42.95 -111.93 24.55
N ASN LA 53 -43.67 -111.45 23.54
CA ASN LA 53 -44.97 -110.84 23.73
C ASN LA 53 -46.03 -111.67 23.03
N MET LA 54 -47.11 -111.96 23.76
CA MET LA 54 -48.26 -112.69 23.24
C MET LA 54 -49.48 -111.79 23.40
N ASN LA 55 -50.03 -111.35 22.28
CA ASN LA 55 -51.07 -110.33 22.27
C ASN LA 55 -52.39 -110.96 21.81
N PHE LA 56 -53.44 -110.74 22.60
CA PHE LA 56 -54.79 -111.18 22.25
C PHE LA 56 -55.62 -109.94 21.99
N ALA LA 57 -56.18 -109.82 20.79
CA ALA LA 57 -57.01 -108.68 20.42
C ALA LA 57 -58.39 -109.18 20.00
N LYS LA 58 -59.43 -108.58 20.58
CA LYS LA 58 -60.80 -108.96 20.28
C LYS LA 58 -61.69 -107.73 20.19
N SER LA 59 -62.59 -107.71 19.23
CA SER LA 59 -63.57 -106.65 19.10
C SER LA 59 -64.78 -106.95 19.97
N PHE LA 60 -65.30 -105.90 20.61
CA PHE LA 60 -66.43 -106.04 21.53
C PHE LA 60 -67.42 -104.90 21.28
N PRO LA 61 -68.71 -105.17 21.42
CA PRO LA 61 -69.70 -104.08 21.32
C PRO LA 61 -69.57 -103.14 22.52
N ASN LA 62 -69.32 -101.87 22.21
CA ASN LA 62 -69.23 -100.81 23.22
C ASN LA 62 -70.31 -99.80 22.85
N GLY LA 63 -71.45 -99.89 23.52
CA GLY LA 63 -72.59 -99.07 23.20
C GLY LA 63 -73.03 -99.25 21.77
N ASP LA 64 -72.79 -98.24 20.94
CA ASP LA 64 -73.10 -98.33 19.52
C ASP LA 64 -71.89 -98.73 18.68
N LYS LA 65 -70.68 -98.44 19.14
CA LYS LA 65 -69.48 -98.69 18.37
C LYS LA 65 -68.84 -100.00 18.79
N LYS LA 66 -67.64 -100.25 18.29
CA LYS LA 66 -66.85 -101.42 18.67
C LYS LA 66 -65.53 -100.97 19.29
N SER LA 67 -65.17 -101.62 20.40
CA SER LA 67 -63.94 -101.33 21.12
C SER LA 67 -63.03 -102.55 21.06
N LEU LA 68 -61.73 -102.29 21.10
CA LEU LA 68 -60.73 -103.34 21.05
C LEU LA 68 -60.24 -103.67 22.45
N VAL LA 69 -60.50 -104.90 22.88
CA VAL LA 69 -59.97 -105.40 24.15
C VAL LA 69 -58.68 -106.16 23.85
N VAL LA 70 -57.61 -105.80 24.55
CA VAL LA 70 -56.28 -106.34 24.33
C VAL LA 70 -55.74 -106.91 25.62
N VAL LA 71 -55.21 -108.12 25.56
CA VAL LA 71 -54.53 -108.76 26.68
C VAL LA 71 -53.11 -109.09 26.23
N ASN LA 72 -52.12 -108.58 26.95
CA ASN LA 72 -50.72 -108.80 26.63
C ASN LA 72 -50.07 -109.68 27.69
N LEU LA 73 -49.31 -110.68 27.24
CA LEU LA 73 -48.49 -111.51 28.11
C LEU LA 73 -47.05 -111.36 27.66
N THR LA 74 -46.24 -110.69 28.48
CA THR LA 74 -44.86 -110.39 28.12
C THR LA 74 -43.90 -111.04 29.09
N ALA LA 75 -42.86 -111.68 28.57
CA ALA LA 75 -41.82 -112.29 29.37
C ALA LA 75 -40.47 -111.69 28.98
N HIS LA 76 -39.64 -111.43 29.98
CA HIS LA 76 -38.29 -110.89 29.79
C HIS LA 76 -37.32 -111.89 30.42
N VAL LA 77 -36.59 -112.62 29.58
CA VAL LA 77 -35.67 -113.64 30.05
C VAL LA 77 -34.25 -113.22 29.71
N PRO LA 78 -33.39 -112.93 30.69
CA PRO LA 78 -32.00 -112.58 30.38
C PRO LA 78 -31.23 -113.79 29.85
N VAL LA 79 -30.27 -113.50 28.97
CA VAL LA 79 -29.41 -114.56 28.44
C VAL LA 79 -28.50 -115.08 29.53
N GLY LA 80 -28.38 -116.40 29.61
CA GLY LA 80 -27.54 -117.06 30.59
C GLY LA 80 -28.31 -117.83 31.65
N VAL LA 81 -29.63 -117.65 31.71
CA VAL LA 81 -30.46 -118.36 32.66
C VAL LA 81 -30.83 -119.72 32.09
N ASP LA 82 -30.99 -120.71 32.97
CA ASP LA 82 -31.42 -122.03 32.54
C ASP LA 82 -32.87 -121.99 32.09
N ALA LA 83 -33.12 -122.43 30.85
CA ALA LA 83 -34.47 -122.35 30.30
C ALA LA 83 -35.42 -123.31 30.98
N THR LA 84 -34.94 -124.49 31.40
CA THR LA 84 -35.80 -125.45 32.07
C THR LA 84 -36.31 -124.90 33.40
N ALA LA 85 -35.44 -124.23 34.16
CA ALA LA 85 -35.86 -123.64 35.43
C ALA LA 85 -36.91 -122.57 35.21
N VAL LA 86 -36.74 -121.72 34.20
CA VAL LA 86 -37.72 -120.68 33.91
C VAL LA 86 -39.04 -121.30 33.49
N ARG LA 87 -39.00 -122.35 32.66
CA ARG LA 87 -40.23 -123.01 32.25
C ARG LA 87 -40.96 -123.63 33.43
N THR LA 88 -40.21 -124.27 34.35
CA THR LA 88 -40.83 -124.86 35.53
C THR LA 88 -41.46 -123.79 36.42
N TRP LA 89 -40.76 -122.67 36.61
CA TRP LA 89 -41.31 -121.57 37.40
C TRP LA 89 -42.56 -121.00 36.76
N MET LA 90 -42.55 -120.80 35.44
CA MET LA 90 -43.70 -120.28 34.74
C MET LA 90 -44.89 -121.22 34.84
N THR LA 91 -44.65 -122.53 34.71
CA THR LA 91 -45.73 -123.50 34.79
C THR LA 91 -46.31 -123.60 36.19
N SER LA 92 -45.46 -123.66 37.22
CA SER LA 92 -45.92 -123.92 38.57
C SER LA 92 -46.38 -122.67 39.32
N GLU LA 93 -45.84 -121.51 39.01
CA GLU LA 93 -46.10 -120.32 39.81
C GLU LA 93 -46.74 -119.18 39.04
N VAL LA 94 -46.38 -118.98 37.77
CA VAL LA 94 -46.92 -117.87 37.01
C VAL LA 94 -48.28 -118.22 36.42
N PHE LA 95 -48.38 -119.38 35.78
CA PHE LA 95 -49.60 -119.75 35.08
C PHE LA 95 -50.81 -119.87 36.00
N PRO LA 96 -50.75 -120.57 37.14
CA PRO LA 96 -51.95 -120.65 37.99
C PRO LA 96 -52.43 -119.30 38.50
N GLY LA 97 -51.51 -118.38 38.81
CA GLY LA 97 -51.92 -117.07 39.29
C GLY LA 97 -52.40 -116.15 38.20
N ALA LA 98 -51.86 -116.28 36.99
CA ALA LA 98 -52.23 -115.40 35.90
C ALA LA 98 -53.62 -115.70 35.35
N THR LA 99 -54.11 -116.93 35.51
CA THR LA 99 -55.42 -117.33 35.03
C THR LA 99 -56.40 -117.60 36.16
N SER LA 100 -56.28 -116.86 37.25
CA SER LA 100 -57.15 -117.00 38.39
C SER LA 100 -58.18 -115.87 38.41
N SER LA 101 -59.01 -115.86 39.45
CA SER LA 101 -60.00 -114.80 39.61
C SER LA 101 -59.36 -113.45 39.88
N VAL LA 102 -58.10 -113.44 40.33
CA VAL LA 102 -57.41 -112.17 40.60
C VAL LA 102 -57.25 -111.37 39.31
N THR LA 103 -56.89 -112.04 38.22
CA THR LA 103 -56.73 -111.35 36.94
C THR LA 103 -58.04 -110.74 36.46
N LEU LA 104 -59.12 -111.51 36.56
CA LEU LA 104 -60.43 -111.01 36.13
C LEU LA 104 -60.88 -109.84 36.99
N ASP LA 105 -60.69 -109.94 38.31
CA ASP LA 105 -61.09 -108.86 39.20
C ASP LA 105 -60.27 -107.60 38.94
N LEU LA 106 -58.97 -107.76 38.69
CA LEU LA 106 -58.15 -106.60 38.36
C LEU LA 106 -58.57 -105.98 37.03
N ALA LA 107 -58.92 -106.81 36.05
CA ALA LA 107 -59.30 -106.30 34.74
C ALA LA 107 -60.62 -105.53 34.80
N THR LA 108 -61.64 -106.11 35.42
CA THR LA 108 -62.98 -105.57 35.35
C THR LA 108 -63.39 -104.74 36.56
N LYS LA 109 -62.56 -104.68 37.60
CA LYS LA 109 -62.90 -103.91 38.80
C LYS LA 109 -61.76 -103.07 39.34
N GLY LA 110 -60.54 -103.22 38.85
CA GLY LA 110 -59.41 -102.52 39.41
C GLY LA 110 -59.06 -102.93 40.83
N VAL LA 111 -59.21 -104.22 41.15
CA VAL LA 111 -58.90 -104.71 42.49
C VAL LA 111 -57.43 -105.06 42.57
N ILE LA 112 -56.69 -104.35 43.42
CA ILE LA 112 -55.28 -104.63 43.65
C ILE LA 112 -55.00 -105.13 45.07
N HIS LA 113 -55.95 -104.97 45.99
CA HIS LA 113 -55.81 -105.46 47.35
C HIS LA 113 -56.49 -106.81 47.46
N LEU LA 114 -55.72 -107.84 47.78
CA LEU LA 114 -56.22 -109.21 47.82
C LEU LA 114 -56.85 -109.50 49.18
N SER LA 115 -57.75 -110.48 49.20
CA SER LA 115 -58.43 -110.90 50.41
C SER LA 115 -58.97 -112.31 50.25
N ASP LA 116 -59.08 -113.03 51.36
CA ASP LA 116 -58.56 -112.71 52.69
C ASP LA 116 -57.97 -113.94 53.34
N ALA LA 117 -58.27 -115.10 52.77
CA ALA LA 117 -57.84 -116.38 53.34
C ALA LA 117 -56.67 -116.98 52.55
N LEU MA 1 -74.63 -112.36 -28.23
CA LEU MA 1 -73.38 -111.83 -27.69
C LEU MA 1 -73.14 -112.38 -26.29
N SER MA 2 -72.14 -113.23 -26.14
CA SER MA 2 -71.90 -113.93 -24.88
C SER MA 2 -70.45 -113.76 -24.44
N ILE MA 3 -70.26 -113.56 -23.14
CA ILE MA 3 -68.96 -113.62 -22.49
C ILE MA 3 -69.11 -114.63 -21.36
N GLY MA 4 -68.77 -115.88 -21.63
CA GLY MA 4 -69.05 -116.95 -20.70
C GLY MA 4 -70.48 -117.43 -20.83
N THR MA 5 -71.24 -117.39 -19.73
CA THR MA 5 -72.67 -117.68 -19.75
C THR MA 5 -73.52 -116.42 -19.72
N LYS MA 6 -72.90 -115.25 -19.79
CA LYS MA 6 -73.60 -113.98 -19.66
C LYS MA 6 -73.91 -113.43 -21.04
N ASN MA 7 -75.17 -113.01 -21.24
CA ASN MA 7 -75.58 -112.33 -22.45
C ASN MA 7 -75.38 -110.84 -22.30
N VAL MA 8 -74.52 -110.26 -23.12
CA VAL MA 8 -74.17 -108.85 -23.04
C VAL MA 8 -74.52 -108.16 -24.35
N SER MA 9 -74.51 -106.83 -24.32
CA SER MA 9 -74.71 -106.01 -25.50
C SER MA 9 -73.66 -104.91 -25.51
N ILE MA 10 -73.34 -104.43 -26.71
CA ILE MA 10 -72.36 -103.35 -26.82
C ILE MA 10 -72.91 -102.10 -26.16
N TYR MA 11 -72.14 -101.54 -25.24
CA TYR MA 11 -72.52 -100.33 -24.53
C TYR MA 11 -71.64 -99.15 -24.86
N ARG MA 12 -70.34 -99.36 -25.02
CA ARG MA 12 -69.43 -98.29 -25.42
C ARG MA 12 -68.37 -98.88 -26.33
N ASN MA 13 -68.06 -98.16 -27.41
CA ASN MA 13 -67.13 -98.66 -28.42
C ASN MA 13 -66.11 -97.56 -28.71
N THR MA 14 -64.88 -97.77 -28.28
CA THR MA 14 -63.77 -96.88 -28.56
C THR MA 14 -62.69 -97.62 -29.35
N ALA MA 15 -61.59 -96.92 -29.62
CA ALA MA 15 -60.53 -97.50 -30.45
C ALA MA 15 -59.92 -98.73 -29.80
N ASP MA 16 -59.65 -98.67 -28.49
CA ASP MA 16 -58.91 -99.73 -27.81
C ASP MA 16 -59.68 -100.29 -26.62
N GLU MA 17 -60.97 -100.02 -26.51
CA GLU MA 17 -61.75 -100.52 -25.39
C GLU MA 17 -63.21 -100.62 -25.80
N VAL MA 18 -63.82 -101.78 -25.52
CA VAL MA 18 -65.24 -102.00 -25.75
C VAL MA 18 -65.86 -102.42 -24.42
N ILE MA 19 -66.86 -101.67 -23.97
CA ILE MA 19 -67.60 -101.98 -22.75
C ILE MA 19 -68.92 -102.63 -23.17
N TYR MA 20 -69.15 -103.85 -22.67
CA TYR MA 20 -70.41 -104.55 -22.83
C TYR MA 20 -71.18 -104.51 -21.51
N ALA MA 21 -72.50 -104.43 -21.61
CA ALA MA 21 -73.36 -104.30 -20.45
C ALA MA 21 -74.19 -105.56 -20.27
N GLY MA 22 -74.31 -106.01 -19.03
CA GLY MA 22 -75.11 -107.17 -18.71
C GLY MA 22 -76.58 -106.81 -18.58
N PRO MA 23 -77.42 -107.80 -18.33
CA PRO MA 23 -78.87 -107.53 -18.23
C PRO MA 23 -79.23 -106.61 -17.08
N ALA MA 24 -78.39 -106.53 -16.05
CA ALA MA 24 -78.68 -105.74 -14.86
C ALA MA 24 -78.03 -104.37 -14.90
N HIS MA 25 -77.50 -103.95 -16.04
CA HIS MA 25 -76.85 -102.66 -16.18
C HIS MA 25 -77.85 -101.59 -16.58
N ASP MA 26 -77.76 -100.43 -15.94
CA ASP MA 26 -78.62 -99.30 -16.24
C ASP MA 26 -77.92 -98.03 -15.76
N VAL MA 27 -78.67 -96.93 -15.67
CA VAL MA 27 -78.09 -95.66 -15.27
C VAL MA 27 -77.58 -95.67 -13.84
N THR MA 28 -78.27 -96.34 -12.91
CA THR MA 28 -77.91 -96.32 -11.51
C THR MA 28 -77.17 -97.55 -11.02
N ASN MA 29 -77.15 -98.63 -11.78
CA ASN MA 29 -76.46 -99.86 -11.39
C ASN MA 29 -75.42 -100.22 -12.44
N VAL MA 30 -74.31 -100.80 -11.98
CA VAL MA 30 -73.19 -101.17 -12.84
C VAL MA 30 -73.14 -102.68 -12.96
N ASP MA 31 -73.23 -103.18 -14.19
CA ASP MA 31 -72.98 -104.59 -14.51
C ASP MA 31 -72.32 -104.60 -15.88
N THR MA 32 -70.98 -104.56 -15.90
CA THR MA 32 -70.25 -104.36 -17.14
C THR MA 32 -69.05 -105.30 -17.24
N VAL MA 33 -68.73 -105.65 -18.48
CA VAL MA 33 -67.49 -106.34 -18.82
C VAL MA 33 -66.79 -105.52 -19.89
N SER MA 34 -65.59 -105.04 -19.59
CA SER MA 34 -64.83 -104.20 -20.49
C SER MA 34 -63.63 -104.96 -21.04
N LEU MA 35 -63.50 -104.99 -22.36
CA LEU MA 35 -62.31 -105.53 -23.01
C LEU MA 35 -61.42 -104.36 -23.43
N ARG MA 36 -60.17 -104.40 -23.00
CA ARG MA 36 -59.21 -103.35 -23.29
C ARG MA 36 -57.94 -103.97 -23.86
N ARG MA 37 -57.26 -103.21 -24.71
CA ARG MA 37 -56.06 -103.72 -25.34
C ARG MA 37 -55.04 -102.60 -25.48
N SER MA 38 -53.77 -103.00 -25.44
CA SER MA 38 -52.65 -102.13 -25.78
C SER MA 38 -51.81 -102.88 -26.81
N LEU MA 39 -51.82 -102.40 -28.04
CA LEU MA 39 -51.16 -103.07 -29.14
C LEU MA 39 -49.65 -102.87 -29.06
N PRO MA 40 -48.88 -103.82 -29.59
CA PRO MA 40 -47.42 -103.71 -29.54
C PRO MA 40 -46.92 -102.46 -30.23
N VAL MA 41 -45.90 -101.84 -29.65
CA VAL MA 41 -45.23 -100.67 -30.21
C VAL MA 41 -43.83 -101.09 -30.56
N LYS MA 42 -43.47 -101.02 -31.85
CA LYS MA 42 -42.16 -101.42 -32.32
C LYS MA 42 -41.16 -100.31 -31.94
N LYS MA 43 -40.78 -100.33 -30.68
CA LYS MA 43 -39.86 -99.31 -30.13
C LYS MA 43 -38.44 -99.83 -30.22
N GLY MA 44 -37.62 -99.18 -31.03
CA GLY MA 44 -36.25 -99.62 -31.21
C GLY MA 44 -36.19 -101.02 -31.77
N SER MA 45 -35.37 -101.87 -31.17
CA SER MA 45 -35.25 -103.27 -31.58
C SER MA 45 -36.29 -104.16 -30.93
N ASP MA 46 -36.86 -103.75 -29.80
CA ASP MA 46 -37.92 -104.53 -29.16
C ASP MA 46 -39.17 -104.50 -30.03
N ASN MA 47 -39.77 -105.67 -30.24
CA ASN MA 47 -40.97 -105.77 -31.05
C ASN MA 47 -42.23 -105.38 -30.30
N GLY MA 48 -42.14 -105.09 -29.01
CA GLY MA 48 -43.29 -104.66 -28.25
C GLY MA 48 -43.93 -105.78 -27.47
N THR MA 49 -45.05 -105.44 -26.84
CA THR MA 49 -45.81 -106.36 -26.02
C THR MA 49 -47.29 -106.13 -26.23
N MET MA 50 -48.05 -107.21 -26.39
CA MET MA 50 -49.50 -107.15 -26.46
C MET MA 50 -50.06 -107.21 -25.04
N ARG MA 51 -50.85 -106.21 -24.66
CA ARG MA 51 -51.49 -106.18 -23.36
C ARG MA 51 -52.99 -106.35 -23.53
N GLY MA 52 -53.56 -107.33 -22.84
CA GLY MA 52 -54.99 -107.55 -22.85
C GLY MA 52 -55.56 -107.38 -21.45
N ASN MA 53 -56.76 -106.84 -21.36
CA ASN MA 53 -57.39 -106.54 -20.08
C ASN MA 53 -58.87 -106.90 -20.15
N MET MA 54 -59.32 -107.72 -19.22
CA MET MA 54 -60.73 -108.03 -19.04
C MET MA 54 -61.16 -107.51 -17.68
N ASN MA 55 -62.12 -106.60 -17.67
CA ASN MA 55 -62.58 -105.93 -16.45
C ASN MA 55 -64.03 -106.32 -16.19
N PHE MA 56 -64.31 -106.78 -14.97
CA PHE MA 56 -65.66 -107.10 -14.53
C PHE MA 56 -66.04 -106.12 -13.45
N ALA MA 57 -67.16 -105.40 -13.63
CA ALA MA 57 -67.61 -104.42 -12.65
C ALA MA 57 -69.05 -104.70 -12.30
N LYS MA 58 -69.33 -104.79 -10.99
CA LYS MA 58 -70.70 -105.00 -10.53
C LYS MA 58 -70.96 -104.10 -9.33
N SER MA 59 -72.23 -103.77 -9.14
CA SER MA 59 -72.66 -102.98 -8.00
C SER MA 59 -73.27 -103.90 -6.94
N PHE MA 60 -72.99 -103.60 -5.68
CA PHE MA 60 -73.40 -104.42 -4.56
C PHE MA 60 -73.90 -103.55 -3.43
N PRO MA 61 -74.89 -104.01 -2.66
CA PRO MA 61 -75.33 -103.24 -1.49
C PRO MA 61 -74.22 -103.18 -0.44
N ASN MA 62 -73.87 -101.96 -0.03
CA ASN MA 62 -72.85 -101.72 0.98
C ASN MA 62 -73.51 -100.87 2.07
N GLY MA 63 -74.10 -101.54 3.05
CA GLY MA 63 -74.84 -100.85 4.09
C GLY MA 63 -75.97 -100.03 3.51
N ASP MA 64 -75.81 -98.70 3.53
CA ASP MA 64 -76.80 -97.82 2.94
C ASP MA 64 -76.54 -97.57 1.46
N LYS MA 65 -75.26 -97.47 1.08
CA LYS MA 65 -74.89 -97.07 -0.27
C LYS MA 65 -74.69 -98.30 -1.15
N LYS MA 66 -74.15 -98.09 -2.36
CA LYS MA 66 -73.87 -99.17 -3.29
C LYS MA 66 -72.42 -99.08 -3.72
N SER MA 67 -71.66 -100.13 -3.48
CA SER MA 67 -70.23 -100.17 -3.76
C SER MA 67 -69.94 -100.96 -5.02
N LEU MA 68 -68.83 -100.63 -5.66
CA LEU MA 68 -68.43 -101.25 -6.92
C LEU MA 68 -67.35 -102.30 -6.66
N VAL MA 69 -67.65 -103.54 -7.02
CA VAL MA 69 -66.69 -104.64 -6.97
C VAL MA 69 -66.14 -104.85 -8.36
N VAL MA 70 -64.82 -104.86 -8.49
CA VAL MA 70 -64.14 -104.94 -9.78
C VAL MA 70 -63.16 -106.10 -9.74
N VAL MA 71 -63.20 -106.95 -10.75
CA VAL MA 71 -62.24 -108.03 -10.95
C VAL MA 71 -61.51 -107.76 -12.25
N ASN MA 72 -60.18 -107.64 -12.17
CA ASN MA 72 -59.36 -107.38 -13.34
C ASN MA 72 -58.59 -108.64 -13.73
N LEU MA 73 -58.37 -108.81 -15.02
CA LEU MA 73 -57.57 -109.92 -15.53
C LEU MA 73 -56.74 -109.40 -16.70
N THR MA 74 -55.44 -109.24 -16.47
CA THR MA 74 -54.54 -108.64 -17.45
C THR MA 74 -53.48 -109.64 -17.87
N ALA MA 75 -53.23 -109.71 -19.17
CA ALA MA 75 -52.21 -110.57 -19.74
C ALA MA 75 -51.21 -109.74 -20.53
N HIS MA 76 -49.93 -110.04 -20.37
CA HIS MA 76 -48.84 -109.38 -21.09
C HIS MA 76 -48.12 -110.45 -21.89
N VAL MA 77 -48.19 -110.36 -23.22
CA VAL MA 77 -47.54 -111.34 -24.09
C VAL MA 77 -46.52 -110.62 -24.96
N PRO MA 78 -45.23 -110.86 -24.78
CA PRO MA 78 -44.24 -110.23 -25.66
C PRO MA 78 -44.34 -110.73 -27.08
N VAL MA 79 -44.03 -109.86 -28.03
CA VAL MA 79 -44.11 -110.22 -29.45
C VAL MA 79 -42.99 -111.18 -29.80
N GLY MA 80 -43.32 -112.23 -30.55
CA GLY MA 80 -42.38 -113.26 -30.94
C GLY MA 80 -42.57 -114.56 -30.18
N VAL MA 81 -43.13 -114.49 -28.98
CA VAL MA 81 -43.45 -115.70 -28.23
C VAL MA 81 -44.54 -116.47 -28.96
N ASP MA 82 -44.35 -117.79 -29.07
CA ASP MA 82 -45.32 -118.63 -29.76
C ASP MA 82 -46.67 -118.54 -29.07
N ALA MA 83 -47.72 -118.28 -29.86
CA ALA MA 83 -49.05 -118.04 -29.29
C ALA MA 83 -49.67 -119.32 -28.77
N THR MA 84 -49.46 -120.44 -29.46
CA THR MA 84 -50.09 -121.69 -29.06
C THR MA 84 -49.57 -122.15 -27.70
N ALA MA 85 -48.27 -121.99 -27.46
CA ALA MA 85 -47.70 -122.34 -26.15
C ALA MA 85 -48.32 -121.50 -25.04
N VAL MA 86 -48.47 -120.19 -25.27
CA VAL MA 86 -49.09 -119.32 -24.29
C VAL MA 86 -50.53 -119.74 -24.03
N ARG MA 87 -51.26 -120.06 -25.09
CA ARG MA 87 -52.67 -120.43 -24.94
C ARG MA 87 -52.82 -121.73 -24.17
N THR MA 88 -51.98 -122.73 -24.45
CA THR MA 88 -52.08 -123.98 -23.69
C THR MA 88 -51.59 -123.80 -22.26
N TRP MA 89 -50.64 -122.89 -22.02
CA TRP MA 89 -50.22 -122.59 -20.67
C TRP MA 89 -51.35 -121.95 -19.87
N MET MA 90 -52.07 -121.00 -20.47
CA MET MA 90 -53.21 -120.40 -19.80
C MET MA 90 -54.32 -121.42 -19.56
N THR MA 91 -54.60 -122.26 -20.57
CA THR MA 91 -55.68 -123.22 -20.44
C THR MA 91 -55.39 -124.27 -19.38
N SER MA 92 -54.13 -124.71 -19.28
CA SER MA 92 -53.78 -125.81 -18.38
C SER MA 92 -53.26 -125.35 -17.02
N GLU MA 93 -52.54 -124.24 -16.97
CA GLU MA 93 -51.85 -123.82 -15.74
C GLU MA 93 -52.44 -122.57 -15.10
N VAL MA 94 -52.93 -121.61 -15.89
CA VAL MA 94 -53.36 -120.35 -15.32
C VAL MA 94 -54.84 -120.39 -14.96
N PHE MA 95 -55.68 -120.83 -15.88
CA PHE MA 95 -57.13 -120.83 -15.70
C PHE MA 95 -57.60 -121.71 -14.54
N PRO MA 96 -57.15 -122.97 -14.43
CA PRO MA 96 -57.61 -123.77 -13.28
C PRO MA 96 -57.22 -123.19 -11.93
N GLY MA 97 -56.06 -122.55 -11.82
CA GLY MA 97 -55.66 -121.94 -10.56
C GLY MA 97 -56.31 -120.60 -10.29
N ALA MA 98 -56.69 -119.89 -11.35
CA ALA MA 98 -57.28 -118.56 -11.19
C ALA MA 98 -58.77 -118.62 -10.87
N THR MA 99 -59.40 -119.79 -10.95
CA THR MA 99 -60.82 -119.94 -10.68
C THR MA 99 -61.11 -120.87 -9.52
N SER MA 100 -60.11 -121.13 -8.68
CA SER MA 100 -60.26 -122.05 -7.56
C SER MA 100 -60.72 -121.28 -6.32
N SER MA 101 -60.80 -121.97 -5.18
CA SER MA 101 -61.15 -121.32 -3.92
C SER MA 101 -60.06 -120.38 -3.44
N VAL MA 102 -58.84 -120.53 -3.95
CA VAL MA 102 -57.75 -119.62 -3.59
C VAL MA 102 -58.08 -118.20 -4.01
N THR MA 103 -58.63 -118.03 -5.21
CA THR MA 103 -59.04 -116.71 -5.67
C THR MA 103 -60.10 -116.12 -4.77
N LEU MA 104 -61.09 -116.93 -4.37
CA LEU MA 104 -62.17 -116.44 -3.52
C LEU MA 104 -61.63 -116.00 -2.15
N ASP MA 105 -60.76 -116.82 -1.56
CA ASP MA 105 -60.19 -116.46 -0.25
C ASP MA 105 -59.33 -115.21 -0.36
N LEU MA 106 -58.54 -115.09 -1.43
CA LEU MA 106 -57.71 -113.91 -1.60
C LEU MA 106 -58.55 -112.65 -1.81
N ALA MA 107 -59.65 -112.77 -2.56
CA ALA MA 107 -60.48 -111.61 -2.84
C ALA MA 107 -61.29 -111.17 -1.63
N THR MA 108 -61.84 -112.12 -0.87
CA THR MA 108 -62.72 -111.76 0.23
C THR MA 108 -62.00 -111.61 1.57
N LYS MA 109 -60.96 -112.41 1.81
CA LYS MA 109 -60.28 -112.38 3.10
C LYS MA 109 -58.79 -112.07 3.01
N GLY MA 110 -58.23 -111.92 1.81
CA GLY MA 110 -56.82 -111.64 1.68
C GLY MA 110 -55.89 -112.77 2.09
N VAL MA 111 -56.31 -114.01 1.86
CA VAL MA 111 -55.49 -115.17 2.25
C VAL MA 111 -54.41 -115.39 1.22
N ILE MA 112 -53.15 -115.36 1.65
CA ILE MA 112 -52.01 -115.57 0.77
C ILE MA 112 -51.23 -116.83 1.11
N HIS MA 113 -51.66 -117.61 2.10
CA HIS MA 113 -51.03 -118.86 2.49
C HIS MA 113 -52.02 -119.99 2.22
N LEU MA 114 -51.77 -120.79 1.18
CA LEU MA 114 -52.70 -121.84 0.78
C LEU MA 114 -52.26 -123.18 1.35
N SER MA 115 -52.19 -123.24 2.68
CA SER MA 115 -51.83 -124.47 3.36
C SER MA 115 -52.98 -125.46 3.35
N ASP MA 116 -52.66 -126.74 3.23
CA ASP MA 116 -51.31 -127.26 3.02
C ASP MA 116 -51.30 -128.32 1.93
N ALA MA 117 -52.46 -128.93 1.70
CA ALA MA 117 -52.59 -129.99 0.71
C ALA MA 117 -52.62 -129.43 -0.70
N LEU NA 1 76.83 -103.55 -47.29
CA LEU NA 1 75.52 -103.34 -46.67
C LEU NA 1 74.43 -104.09 -47.42
N SER NA 2 73.72 -104.96 -46.71
CA SER NA 2 72.64 -105.75 -47.30
C SER NA 2 71.47 -105.82 -46.33
N ILE NA 3 70.27 -105.91 -46.91
CA ILE NA 3 69.03 -106.09 -46.16
C ILE NA 3 68.34 -107.30 -46.78
N GLY NA 4 68.49 -108.47 -46.16
CA GLY NA 4 68.08 -109.69 -46.80
C GLY NA 4 69.01 -110.03 -47.94
N THR NA 5 68.48 -110.02 -49.17
CA THR NA 5 69.27 -110.29 -50.36
C THR NA 5 69.53 -109.05 -51.21
N LYS NA 6 69.15 -107.87 -50.71
CA LYS NA 6 69.28 -106.63 -51.46
C LYS NA 6 70.43 -105.79 -50.92
N ASN NA 7 71.31 -105.36 -51.82
CA ASN NA 7 72.39 -104.45 -51.48
C ASN NA 7 71.86 -103.03 -51.38
N VAL NA 8 72.21 -102.34 -50.30
CA VAL NA 8 71.76 -100.98 -50.05
C VAL NA 8 72.96 -100.12 -49.70
N SER NA 9 72.73 -98.81 -49.67
CA SER NA 9 73.74 -97.84 -49.30
C SER NA 9 73.14 -96.81 -48.37
N ILE NA 10 73.97 -96.27 -47.49
CA ILE NA 10 73.54 -95.16 -46.64
C ILE NA 10 73.06 -94.01 -47.51
N TYR NA 11 71.84 -93.54 -47.24
CA TYR NA 11 71.26 -92.43 -48.00
C TYR NA 11 70.92 -91.23 -47.13
N ARG NA 12 70.22 -91.45 -46.01
CA ARG NA 12 69.90 -90.36 -45.10
C ARG NA 12 70.09 -90.84 -43.66
N ASN NA 13 70.70 -90.00 -42.84
CA ASN NA 13 71.02 -90.35 -41.46
C ASN NA 13 70.43 -89.29 -40.53
N THR NA 14 69.62 -89.73 -39.57
CA THR NA 14 69.16 -88.85 -38.49
C THR NA 14 69.43 -89.52 -37.16
N ALA NA 15 69.00 -88.87 -36.06
CA ALA NA 15 69.32 -89.40 -34.74
C ALA NA 15 68.66 -90.75 -34.51
N ASP NA 16 67.40 -90.90 -34.91
CA ASP NA 16 66.64 -92.13 -34.64
C ASP NA 16 66.11 -92.80 -35.91
N GLU NA 17 66.54 -92.35 -37.09
CA GLU NA 17 66.07 -92.95 -38.33
C GLU NA 17 67.19 -92.94 -39.36
N VAL NA 18 67.35 -94.06 -40.05
CA VAL NA 18 68.31 -94.20 -41.14
C VAL NA 18 67.58 -94.72 -42.37
N ILE NA 19 67.72 -94.02 -43.49
CA ILE NA 19 67.15 -94.44 -44.76
C ILE NA 19 68.27 -94.94 -45.66
N TYR NA 20 68.12 -96.16 -46.17
CA TYR NA 20 69.03 -96.77 -47.13
C TYR NA 20 68.34 -96.82 -48.49
N ALA NA 21 69.13 -96.63 -49.55
CA ALA NA 21 68.62 -96.59 -50.91
C ALA NA 21 69.00 -97.88 -51.63
N GLY NA 22 68.05 -98.44 -52.38
CA GLY NA 22 68.30 -99.61 -53.19
C GLY NA 22 68.97 -99.27 -54.50
N PRO NA 23 69.30 -100.28 -55.28
CA PRO NA 23 70.00 -100.03 -56.57
C PRO NA 23 69.17 -99.24 -57.57
N ALA NA 24 67.85 -99.20 -57.42
CA ALA NA 24 66.97 -98.54 -58.38
C ALA NA 24 66.51 -97.16 -57.92
N HIS NA 25 67.07 -96.66 -56.82
CA HIS NA 25 66.64 -95.36 -56.30
C HIS NA 25 67.35 -94.23 -57.03
N ASP NA 26 66.58 -93.28 -57.54
CA ASP NA 26 67.13 -92.08 -58.15
C ASP NA 26 66.09 -90.96 -57.97
N VAL NA 27 66.25 -89.89 -58.75
CA VAL NA 27 65.37 -88.73 -58.66
C VAL NA 27 63.96 -89.09 -59.10
N THR NA 28 63.83 -90.11 -59.96
CA THR NA 28 62.55 -90.46 -60.53
C THR NA 28 61.90 -91.69 -59.90
N ASN NA 29 62.69 -92.65 -59.43
CA ASN NA 29 62.16 -93.90 -58.90
C ASN NA 29 62.55 -94.06 -57.44
N VAL NA 30 61.60 -94.50 -56.62
CA VAL NA 30 61.84 -94.71 -55.20
C VAL NA 30 62.12 -96.19 -54.97
N ASP NA 31 63.21 -96.47 -54.25
CA ASP NA 31 63.51 -97.82 -53.78
C ASP NA 31 64.29 -97.64 -52.47
N THR NA 32 63.56 -97.66 -51.36
CA THR NA 32 64.17 -97.32 -50.08
C THR NA 32 63.73 -98.27 -48.98
N VAL NA 33 64.63 -98.47 -48.02
CA VAL NA 33 64.33 -99.18 -46.78
C VAL NA 33 64.77 -98.30 -45.62
N SER NA 34 63.85 -98.02 -44.71
CA SER NA 34 64.10 -97.14 -43.58
C SER NA 34 64.02 -97.91 -42.27
N LEU NA 35 64.97 -97.65 -41.38
CA LEU NA 35 64.98 -98.22 -40.04
C LEU NA 35 64.79 -97.08 -39.06
N ARG NA 36 63.75 -97.17 -38.24
CA ARG NA 36 63.42 -96.13 -37.28
C ARG NA 36 63.26 -96.75 -35.90
N ARG NA 37 63.69 -96.02 -34.88
CA ARG NA 37 63.57 -96.49 -33.51
C ARG NA 37 62.92 -95.41 -32.65
N SER NA 38 62.12 -95.86 -31.70
CA SER NA 38 61.55 -95.04 -30.63
C SER NA 38 62.02 -95.69 -29.34
N LEU NA 39 63.03 -95.10 -28.72
CA LEU NA 39 63.59 -95.65 -27.51
C LEU NA 39 62.64 -95.48 -26.34
N PRO NA 40 62.64 -96.39 -25.38
CA PRO NA 40 61.73 -96.28 -24.24
C PRO NA 40 62.03 -95.03 -23.42
N VAL NA 41 60.96 -94.43 -22.91
CA VAL NA 41 61.05 -93.35 -21.94
C VAL NA 41 60.44 -93.88 -20.64
N LYS NA 42 61.25 -93.92 -19.58
CA LYS NA 42 60.85 -94.55 -18.33
C LYS NA 42 60.25 -93.49 -17.42
N LYS NA 43 59.12 -92.94 -17.85
CA LYS NA 43 58.38 -91.96 -17.08
C LYS NA 43 57.68 -92.63 -15.90
N GLY NA 44 57.58 -91.89 -14.80
CA GLY NA 44 56.98 -92.39 -13.59
C GLY NA 44 57.55 -93.71 -13.13
N SER NA 45 56.70 -94.75 -13.11
CA SER NA 45 57.13 -96.10 -12.77
C SER NA 45 57.21 -97.02 -13.97
N ASP NA 46 56.48 -96.73 -15.04
CA ASP NA 46 56.52 -97.57 -16.23
C ASP NA 46 57.84 -97.36 -16.96
N ASN NA 47 58.46 -98.47 -17.38
CA ASN NA 47 59.74 -98.41 -18.06
C ASN NA 47 59.61 -98.13 -19.55
N GLY NA 48 58.38 -98.00 -20.06
CA GLY NA 48 58.17 -97.63 -21.45
C GLY NA 48 58.27 -98.82 -22.40
N THR NA 49 58.16 -98.48 -23.69
CA THR NA 49 58.15 -99.46 -24.76
C THR NA 49 59.18 -99.07 -25.81
N MET NA 50 59.89 -100.06 -26.33
CA MET NA 50 60.80 -99.84 -27.45
C MET NA 50 60.04 -100.15 -28.74
N ARG NA 51 60.07 -99.21 -29.68
CA ARG NA 51 59.32 -99.34 -30.93
C ARG NA 51 60.30 -99.38 -32.10
N GLY NA 52 60.33 -100.50 -32.81
CA GLY NA 52 61.19 -100.63 -33.97
C GLY NA 52 60.41 -100.72 -35.26
N ASN NA 53 60.63 -99.78 -36.18
CA ASN NA 53 59.86 -99.70 -37.42
C ASN NA 53 60.77 -99.94 -38.61
N MET NA 54 60.33 -100.80 -39.52
CA MET NA 54 61.00 -101.08 -40.78
C MET NA 54 60.08 -100.68 -41.92
N ASN NA 55 60.57 -99.83 -42.81
CA ASN NA 55 59.77 -99.23 -43.88
C ASN NA 55 60.35 -99.66 -45.22
N PHE NA 56 59.49 -100.18 -46.10
CA PHE NA 56 59.88 -100.50 -47.47
C PHE NA 56 59.06 -99.64 -48.41
N ALA NA 57 59.72 -98.88 -49.27
CA ALA NA 57 59.04 -97.96 -50.17
C ALA NA 57 59.50 -98.21 -51.59
N LYS NA 58 58.54 -98.34 -52.51
CA LYS NA 58 58.86 -98.58 -53.92
C LYS NA 58 57.86 -97.87 -54.80
N SER NA 59 58.35 -97.22 -55.85
CA SER NA 59 57.46 -96.60 -56.82
C SER NA 59 57.04 -97.61 -57.88
N PHE NA 60 55.79 -97.49 -58.31
CA PHE NA 60 55.19 -98.40 -59.28
C PHE NA 60 54.43 -97.59 -60.33
N PRO NA 61 54.36 -98.09 -61.55
CA PRO NA 61 53.53 -97.43 -62.58
C PRO NA 61 52.06 -97.49 -62.20
N ASN NA 62 51.37 -96.36 -62.32
CA ASN NA 62 49.94 -96.26 -62.02
C ASN NA 62 49.34 -95.39 -63.13
N GLY NA 63 48.85 -96.05 -64.17
CA GLY NA 63 48.39 -95.31 -65.34
C GLY NA 63 49.53 -94.52 -65.93
N ASP NA 64 49.34 -93.21 -66.04
CA ASP NA 64 50.39 -92.33 -66.53
C ASP NA 64 51.33 -91.85 -65.44
N LYS NA 65 50.94 -91.98 -64.17
CA LYS NA 65 51.73 -91.45 -63.08
C LYS NA 65 52.47 -92.58 -62.36
N LYS NA 66 53.09 -92.24 -61.24
CA LYS NA 66 53.76 -93.20 -60.37
C LYS NA 66 53.13 -93.15 -58.99
N SER NA 67 53.01 -94.32 -58.37
CA SER NA 67 52.39 -94.45 -57.06
C SER NA 67 53.35 -95.14 -56.11
N LEU NA 68 53.39 -94.68 -54.87
CA LEU NA 68 54.28 -95.23 -53.85
C LEU NA 68 53.58 -96.35 -53.11
N VAL NA 69 54.19 -97.53 -53.11
CA VAL NA 69 53.74 -98.65 -52.29
C VAL NA 69 54.67 -98.77 -51.10
N VAL NA 70 54.09 -98.79 -49.90
CA VAL NA 70 54.83 -98.78 -48.64
C VAL NA 70 54.39 -99.98 -47.81
N VAL NA 71 55.37 -100.70 -47.28
CA VAL NA 71 55.14 -101.81 -46.36
C VAL NA 71 55.82 -101.48 -45.04
N ASN NA 72 55.07 -101.54 -43.95
CA ASN NA 72 55.57 -101.23 -42.63
C ASN NA 72 55.59 -102.48 -41.77
N LEU NA 73 56.67 -102.65 -41.01
CA LEU NA 73 56.79 -103.73 -40.03
C LEU NA 73 57.26 -103.14 -38.72
N THR NA 74 56.36 -103.09 -37.74
CA THR NA 74 56.64 -102.42 -36.47
C THR NA 74 56.54 -103.42 -35.32
N ALA NA 75 57.54 -103.40 -34.45
CA ALA NA 75 57.56 -104.21 -33.24
C ALA NA 75 57.48 -103.30 -32.02
N HIS NA 76 56.56 -103.62 -31.11
CA HIS NA 76 56.38 -102.87 -29.87
C HIS NA 76 56.75 -103.82 -28.73
N VAL NA 77 57.91 -103.62 -28.11
CA VAL NA 77 58.39 -104.52 -27.07
C VAL NA 77 58.43 -103.74 -25.75
N PRO NA 78 57.60 -104.09 -24.77
CA PRO NA 78 57.70 -103.42 -23.46
C PRO NA 78 59.00 -103.77 -22.76
N VAL NA 79 59.50 -102.82 -21.96
CA VAL NA 79 60.78 -103.01 -21.29
C VAL NA 79 60.62 -103.99 -20.13
N GLY NA 80 61.55 -104.95 -20.03
CA GLY NA 80 61.52 -105.99 -19.03
C GLY NA 80 61.22 -107.36 -19.60
N VAL NA 81 60.59 -107.41 -20.78
CA VAL NA 81 60.34 -108.67 -21.45
C VAL NA 81 61.66 -109.24 -21.96
N ASP NA 82 61.84 -110.54 -21.76
CA ASP NA 82 63.06 -111.20 -22.22
C ASP NA 82 63.23 -111.05 -23.72
N ALA NA 83 64.41 -110.56 -24.12
CA ALA NA 83 64.69 -110.37 -25.54
C ALA NA 83 64.75 -111.69 -26.29
N THR NA 84 65.34 -112.72 -25.67
CA THR NA 84 65.48 -114.01 -26.34
C THR NA 84 64.12 -114.65 -26.60
N ALA NA 85 63.21 -114.58 -25.63
CA ALA NA 85 61.87 -115.13 -25.84
C ALA NA 85 61.14 -114.40 -26.95
N VAL NA 86 61.27 -113.07 -26.99
CA VAL NA 86 60.62 -112.29 -28.04
C VAL NA 86 61.20 -112.64 -29.40
N ARG NA 87 62.53 -112.80 -29.49
CA ARG NA 87 63.14 -113.17 -30.77
C ARG NA 87 62.70 -114.55 -31.21
N THR NA 88 62.61 -115.51 -30.28
CA THR NA 88 62.14 -116.84 -30.63
C THR NA 88 60.70 -116.80 -31.12
N TRP NA 89 59.85 -116.02 -30.46
CA TRP NA 89 58.46 -115.89 -30.90
C TRP NA 89 58.37 -115.27 -32.28
N MET NA 90 59.16 -114.22 -32.53
CA MET NA 90 59.13 -113.56 -33.83
C MET NA 90 59.64 -114.49 -34.93
N THR NA 91 60.69 -115.25 -34.66
CA THR NA 91 61.25 -116.15 -35.66
C THR NA 91 60.33 -117.33 -35.95
N SER NA 92 59.72 -117.91 -34.92
CA SER NA 92 58.95 -119.13 -35.10
C SER NA 92 57.48 -118.89 -35.42
N GLU NA 93 56.91 -117.77 -35.01
CA GLU NA 93 55.49 -117.53 -35.19
C GLU NA 93 55.18 -116.34 -36.08
N VAL NA 94 55.86 -115.22 -35.90
CA VAL NA 94 55.52 -114.01 -36.64
C VAL NA 94 56.10 -114.06 -38.05
N PHE NA 95 57.37 -114.43 -38.17
CA PHE NA 95 58.04 -114.40 -39.47
C PHE NA 95 57.40 -115.34 -40.50
N PRO NA 96 57.13 -116.62 -40.19
CA PRO NA 96 56.47 -117.45 -41.20
C PRO NA 96 55.09 -116.96 -41.60
N GLY NA 97 54.33 -116.37 -40.67
CA GLY NA 97 53.00 -115.91 -41.00
C GLY NA 97 52.98 -114.59 -41.76
N ALA NA 98 54.00 -113.76 -41.56
CA ALA NA 98 54.08 -112.46 -42.21
C ALA NA 98 54.70 -112.54 -43.61
N THR NA 99 55.09 -113.73 -44.05
CA THR NA 99 55.64 -113.93 -45.39
C THR NA 99 54.84 -114.96 -46.18
N SER NA 100 53.65 -115.31 -45.70
CA SER NA 100 52.83 -116.31 -46.37
C SER NA 100 51.96 -115.64 -47.43
N SER NA 101 51.16 -116.46 -48.11
CA SER NA 101 50.20 -115.93 -49.08
C SER NA 101 49.12 -115.08 -48.39
N VAL NA 102 48.94 -115.24 -47.08
CA VAL NA 102 47.96 -114.44 -46.36
C VAL NA 102 48.32 -112.97 -46.42
N THR NA 103 49.59 -112.64 -46.20
CA THR NA 103 50.03 -111.25 -46.26
C THR NA 103 49.86 -110.67 -47.67
N LEU NA 104 50.23 -111.45 -48.68
CA LEU NA 104 50.09 -110.98 -50.06
C LEU NA 104 48.64 -110.73 -50.40
N ASP NA 105 47.75 -111.65 -50.00
CA ASP NA 105 46.33 -111.49 -50.28
C ASP NA 105 45.75 -110.28 -49.55
N LEU NA 106 46.15 -110.09 -48.29
CA LEU NA 106 45.66 -108.93 -47.54
C LEU NA 106 46.14 -107.62 -48.18
N ALA NA 107 47.39 -107.60 -48.63
CA ALA NA 107 47.94 -106.36 -49.18
C ALA NA 107 47.35 -106.02 -50.55
N THR NA 108 47.23 -107.01 -51.43
CA THR NA 108 46.86 -106.73 -52.81
C THR NA 108 45.38 -106.96 -53.12
N LYS NA 109 44.62 -107.59 -52.21
CA LYS NA 109 43.22 -107.87 -52.45
C LYS NA 109 42.33 -107.51 -51.26
N GLY NA 110 42.90 -107.18 -50.11
CA GLY NA 110 42.10 -106.92 -48.93
C GLY NA 110 41.39 -108.13 -48.39
N VAL NA 111 42.02 -109.30 -48.43
CA VAL NA 111 41.39 -110.53 -47.96
C VAL NA 111 41.69 -110.70 -46.48
N ILE NA 112 40.65 -110.72 -45.65
CA ILE NA 112 40.77 -110.90 -44.21
C ILE NA 112 40.21 -112.23 -43.74
N HIS NA 113 39.69 -113.06 -44.65
CA HIS NA 113 39.17 -114.38 -44.32
C HIS NA 113 40.09 -115.42 -44.98
N LEU NA 114 40.85 -116.16 -44.17
CA LEU NA 114 41.75 -117.18 -44.70
C LEU NA 114 41.09 -118.55 -44.59
N SER NA 115 40.08 -118.76 -45.42
CA SER NA 115 39.44 -120.06 -45.54
C SER NA 115 40.23 -120.93 -46.51
N ASP NA 116 40.16 -122.25 -46.29
CA ASP NA 116 39.50 -122.96 -45.20
C ASP NA 116 40.39 -124.07 -44.67
N ALA NA 117 41.42 -124.41 -45.44
CA ALA NA 117 42.33 -125.49 -45.08
C ALA NA 117 43.11 -125.18 -43.80
N LEU OA 1 42.43 -124.20 -40.79
CA LEU OA 1 42.65 -122.77 -40.68
C LEU OA 1 44.00 -122.48 -40.05
N SER OA 2 44.96 -122.03 -40.87
CA SER OA 2 46.31 -121.79 -40.40
C SER OA 2 46.83 -120.49 -41.00
N ILE OA 3 47.69 -119.82 -40.23
CA ILE OA 3 48.42 -118.66 -40.70
C ILE OA 3 49.90 -118.96 -40.50
N GLY OA 4 50.63 -119.07 -41.61
CA GLY OA 4 52.00 -119.52 -41.56
C GLY OA 4 52.08 -120.96 -41.07
N THR OA 5 52.83 -121.20 -40.00
CA THR OA 5 52.92 -122.51 -39.39
C THR OA 5 52.02 -122.67 -38.18
N LYS OA 6 51.23 -121.65 -37.84
CA LYS OA 6 50.41 -121.66 -36.64
C LYS OA 6 48.96 -121.91 -37.01
N ASN OA 7 48.35 -122.92 -36.38
CA ASN OA 7 46.92 -123.15 -36.54
C ASN OA 7 46.13 -122.17 -35.68
N VAL OA 8 45.12 -121.56 -36.30
CA VAL OA 8 44.30 -120.55 -35.63
C VAL OA 8 42.83 -120.90 -35.84
N SER OA 9 41.98 -120.22 -35.09
CA SER OA 9 40.54 -120.33 -35.23
C SER OA 9 39.93 -118.94 -35.19
N ILE OA 10 38.76 -118.80 -35.80
CA ILE OA 10 38.09 -117.51 -35.82
C ILE OA 10 37.65 -117.15 -34.41
N TYR OA 11 38.11 -116.00 -33.93
CA TYR OA 11 37.78 -115.51 -32.60
C TYR OA 11 36.77 -114.38 -32.64
N ARG OA 12 36.99 -113.37 -33.47
CA ARG OA 12 36.02 -112.30 -33.63
C ARG OA 12 35.99 -111.89 -35.10
N ASN OA 13 34.82 -111.43 -35.54
CA ASN OA 13 34.58 -111.17 -36.96
C ASN OA 13 33.75 -109.90 -37.10
N THR OA 14 34.38 -108.82 -37.56
CA THR OA 14 33.69 -107.60 -37.93
C THR OA 14 33.78 -107.41 -39.45
N ALA OA 15 33.25 -106.27 -39.92
CA ALA OA 15 33.19 -106.03 -41.36
C ALA OA 15 34.58 -105.92 -41.97
N ASP OA 16 35.49 -105.20 -41.32
CA ASP OA 16 36.82 -104.96 -41.87
C ASP OA 16 37.94 -105.56 -41.03
N GLU OA 17 37.62 -106.29 -39.97
CA GLU OA 17 38.63 -106.92 -39.13
C GLU OA 17 38.18 -108.31 -38.74
N VAL OA 18 39.09 -109.28 -38.84
CA VAL OA 18 38.88 -110.62 -38.32
C VAL OA 18 40.05 -110.95 -37.40
N ILE OA 19 39.74 -111.25 -36.14
CA ILE OA 19 40.74 -111.63 -35.15
C ILE OA 19 40.69 -113.15 -35.00
N TYR OA 20 41.83 -113.80 -35.19
CA TYR OA 20 41.98 -115.23 -35.00
C TYR OA 20 42.80 -115.49 -33.75
N ALA OA 21 42.47 -116.57 -33.07
CA ALA OA 21 43.11 -116.93 -31.81
C ALA OA 21 43.98 -118.18 -32.01
N GLY OA 22 45.18 -118.15 -31.46
CA GLY OA 22 46.06 -119.30 -31.48
C GLY OA 22 45.59 -120.34 -30.49
N PRO OA 23 46.24 -121.51 -30.50
CA PRO OA 23 45.82 -122.58 -29.59
C PRO OA 23 45.93 -122.19 -28.12
N ALA OA 24 46.91 -121.34 -27.77
CA ALA OA 24 47.12 -120.95 -26.39
C ALA OA 24 46.25 -119.80 -25.93
N HIS OA 25 45.58 -119.11 -26.85
CA HIS OA 25 44.79 -117.93 -26.48
C HIS OA 25 43.69 -118.31 -25.49
N ASP OA 26 43.55 -117.50 -24.46
CA ASP OA 26 42.55 -117.74 -23.42
C ASP OA 26 42.19 -116.40 -22.79
N VAL OA 27 41.47 -116.46 -21.66
CA VAL OA 27 40.99 -115.24 -21.00
C VAL OA 27 42.10 -114.45 -20.33
N THR OA 28 43.24 -115.08 -20.04
CA THR OA 28 44.36 -114.39 -19.42
C THR OA 28 45.62 -114.33 -20.27
N ASN OA 29 45.77 -115.19 -21.27
CA ASN OA 29 46.91 -115.19 -22.17
C ASN OA 29 46.43 -114.76 -23.55
N VAL OA 30 47.07 -113.72 -24.10
CA VAL OA 30 46.73 -113.21 -25.41
C VAL OA 30 47.64 -113.86 -26.44
N ASP OA 31 47.03 -114.52 -27.44
CA ASP OA 31 47.75 -115.06 -28.60
C ASP OA 31 46.82 -114.86 -29.79
N THR OA 32 46.98 -113.73 -30.48
CA THR OA 32 46.03 -113.36 -31.52
C THR OA 32 46.73 -112.88 -32.78
N VAL OA 33 46.10 -113.18 -33.92
CA VAL OA 33 46.50 -112.64 -35.21
C VAL OA 33 45.27 -111.94 -35.79
N SER OA 34 45.37 -110.62 -35.94
CA SER OA 34 44.29 -109.82 -36.51
C SER OA 34 44.60 -109.49 -37.96
N LEU OA 35 43.59 -109.60 -38.82
CA LEU OA 35 43.66 -109.11 -40.19
C LEU OA 35 42.66 -107.97 -40.31
N ARG OA 36 43.17 -106.77 -40.56
CA ARG OA 36 42.34 -105.58 -40.68
C ARG OA 36 42.58 -104.95 -42.05
N ARG OA 37 41.52 -104.39 -42.61
CA ARG OA 37 41.64 -103.71 -43.90
C ARG OA 37 40.94 -102.35 -43.82
N SER OA 38 41.49 -101.40 -44.55
CA SER OA 38 40.87 -100.11 -44.80
C SER OA 38 40.70 -99.99 -46.31
N LEU OA 39 39.45 -100.05 -46.76
CA LEU OA 39 39.15 -100.08 -48.18
C LEU OA 39 39.39 -98.70 -48.81
N PRO OA 40 39.76 -98.66 -50.09
CA PRO OA 40 40.05 -97.37 -50.73
C PRO OA 40 38.81 -96.48 -50.78
N VAL OA 41 39.00 -95.23 -50.41
CA VAL OA 41 37.94 -94.23 -50.50
C VAL OA 41 38.25 -93.37 -51.73
N LYS OA 42 37.38 -93.46 -52.73
CA LYS OA 42 37.60 -92.76 -53.99
C LYS OA 42 37.18 -91.31 -53.79
N LYS OA 43 38.15 -90.48 -53.41
CA LYS OA 43 37.91 -89.08 -53.10
C LYS OA 43 38.60 -88.19 -54.12
N GLY OA 44 37.87 -87.24 -54.68
CA GLY OA 44 38.43 -86.37 -55.70
C GLY OA 44 38.86 -87.16 -56.91
N SER OA 45 39.96 -86.72 -57.53
CA SER OA 45 40.56 -87.47 -58.62
C SER OA 45 41.41 -88.64 -58.13
N ASP OA 46 41.73 -88.69 -56.84
CA ASP OA 46 42.50 -89.78 -56.29
C ASP OA 46 41.57 -90.99 -56.05
N ASN OA 47 42.02 -92.15 -56.50
CA ASN OA 47 41.25 -93.38 -56.35
C ASN OA 47 41.44 -94.04 -54.99
N GLY OA 48 42.15 -93.41 -54.08
CA GLY OA 48 42.31 -93.94 -52.75
C GLY OA 48 43.42 -94.98 -52.65
N THR OA 49 43.51 -95.58 -51.47
CA THR OA 49 44.55 -96.53 -51.15
C THR OA 49 43.99 -97.64 -50.27
N MET OA 50 44.30 -98.87 -50.61
CA MET OA 50 43.94 -100.02 -49.78
C MET OA 50 45.01 -100.20 -48.71
N ARG OA 51 44.59 -100.23 -47.44
CA ARG OA 51 45.48 -100.48 -46.33
C ARG OA 51 45.22 -101.88 -45.77
N GLY OA 52 46.28 -102.66 -45.62
CA GLY OA 52 46.16 -103.97 -45.03
C GLY OA 52 47.07 -104.13 -43.83
N ASN OA 53 46.51 -104.44 -42.66
CA ASN OA 53 47.28 -104.55 -41.43
C ASN OA 53 47.17 -105.96 -40.87
N MET OA 54 48.32 -106.52 -40.52
CA MET OA 54 48.43 -107.84 -39.90
C MET OA 54 49.03 -107.64 -38.51
N ASN OA 55 48.27 -107.96 -37.48
CA ASN OA 55 48.66 -107.70 -36.11
C ASN OA 55 48.91 -109.01 -35.38
N PHE OA 56 50.10 -109.15 -34.80
CA PHE OA 56 50.44 -110.29 -33.96
C PHE OA 56 50.54 -109.79 -32.53
N ALA OA 57 49.72 -110.35 -31.64
CA ALA OA 57 49.72 -109.96 -30.23
C ALA OA 57 49.99 -111.19 -29.38
N LYS OA 58 50.95 -111.07 -28.46
CA LYS OA 58 51.32 -112.18 -27.59
C LYS OA 58 51.60 -111.66 -26.19
N SER OA 59 51.14 -112.41 -25.19
CA SER OA 59 51.42 -112.10 -23.79
C SER OA 59 52.76 -112.70 -23.38
N PHE OA 60 53.54 -111.93 -22.63
CA PHE OA 60 54.87 -112.32 -22.21
C PHE OA 60 55.05 -112.00 -20.73
N PRO OA 61 55.78 -112.83 -20.00
CA PRO OA 61 56.11 -112.49 -18.61
C PRO OA 61 57.06 -111.30 -18.55
N ASN OA 62 56.61 -110.23 -17.90
CA ASN OA 62 57.41 -109.04 -17.66
C ASN OA 62 57.54 -108.91 -16.15
N GLY OA 63 58.65 -109.39 -15.60
CA GLY OA 63 58.83 -109.43 -14.17
C GLY OA 63 57.75 -110.22 -13.48
N ASP OA 64 56.90 -109.53 -12.73
CA ASP OA 64 55.78 -110.16 -12.04
C ASP OA 64 54.49 -110.11 -12.85
N LYS OA 65 54.38 -109.17 -13.79
CA LYS OA 65 53.15 -108.96 -14.53
C LYS OA 65 53.27 -109.56 -15.93
N LYS OA 66 52.26 -109.31 -16.77
CA LYS OA 66 52.27 -109.75 -18.16
C LYS OA 66 52.20 -108.54 -19.07
N SER OA 67 53.09 -108.49 -20.06
CA SER OA 67 53.14 -107.42 -21.04
C SER OA 67 52.70 -107.94 -22.40
N LEU OA 68 52.17 -107.04 -23.22
CA LEU OA 68 51.72 -107.40 -24.56
C LEU OA 68 52.78 -106.99 -25.59
N VAL OA 69 53.32 -107.97 -26.29
CA VAL OA 69 54.22 -107.71 -27.41
C VAL OA 69 53.41 -107.76 -28.69
N VAL OA 70 53.53 -106.70 -29.49
CA VAL OA 70 52.74 -106.52 -30.70
C VAL OA 70 53.67 -106.30 -31.88
N VAL OA 71 53.41 -107.02 -32.97
CA VAL OA 71 54.10 -106.82 -34.24
C VAL OA 71 53.06 -106.47 -35.29
N ASN OA 72 53.26 -105.35 -35.98
CA ASN OA 72 52.35 -104.90 -37.01
C ASN OA 72 53.03 -104.95 -38.37
N LEU OA 73 52.33 -105.50 -39.35
CA LEU OA 73 52.76 -105.49 -40.74
C LEU OA 73 51.69 -104.79 -41.56
N THR OA 74 51.98 -103.59 -42.01
CA THR OA 74 51.00 -102.76 -42.73
C THR OA 74 51.48 -102.50 -44.15
N ALA OA 75 50.59 -102.64 -45.10
CA ALA OA 75 50.86 -102.34 -46.50
C ALA OA 75 49.86 -101.31 -47.01
N HIS OA 76 50.36 -100.34 -47.77
CA HIS OA 76 49.54 -99.28 -48.37
C HIS OA 76 49.69 -99.38 -49.88
N VAL OA 77 48.67 -99.89 -50.55
CA VAL OA 77 48.71 -100.10 -51.99
C VAL OA 77 47.73 -99.12 -52.65
N PRO OA 78 48.20 -98.16 -53.44
CA PRO OA 78 47.26 -97.26 -54.12
C PRO OA 78 46.50 -97.98 -55.22
N VAL OA 79 45.25 -97.54 -55.45
CA VAL OA 79 44.44 -98.10 -56.51
C VAL OA 79 45.03 -97.73 -57.86
N GLY OA 80 45.11 -98.71 -58.76
CA GLY OA 80 45.62 -98.52 -60.10
C GLY OA 80 46.95 -99.20 -60.35
N VAL OA 81 47.62 -99.63 -59.30
CA VAL OA 81 48.89 -100.35 -59.44
C VAL OA 81 48.61 -101.81 -59.78
N ASP OA 82 49.50 -102.41 -60.57
CA ASP OA 82 49.38 -103.82 -60.88
C ASP OA 82 49.65 -104.66 -59.64
N ALA OA 83 48.70 -105.54 -59.30
CA ALA OA 83 48.83 -106.34 -58.08
C ALA OA 83 49.90 -107.41 -58.20
N THR OA 84 50.09 -107.97 -59.40
CA THR OA 84 51.12 -108.99 -59.59
C THR OA 84 52.52 -108.40 -59.36
N ALA OA 85 52.77 -107.19 -59.86
CA ALA OA 85 54.05 -106.54 -59.63
C ALA OA 85 54.29 -106.30 -58.15
N VAL OA 86 53.27 -105.85 -57.43
CA VAL OA 86 53.41 -105.61 -56.00
C VAL OA 86 53.68 -106.91 -55.25
N ARG OA 87 52.99 -107.99 -55.63
CA ARG OA 87 53.23 -109.28 -54.99
C ARG OA 87 54.64 -109.77 -55.25
N THR OA 88 55.12 -109.62 -56.49
CA THR OA 88 56.49 -110.03 -56.80
C THR OA 88 57.51 -109.23 -56.02
N TRP OA 89 57.30 -107.92 -55.91
CA TRP OA 89 58.21 -107.07 -55.13
C TRP OA 89 58.18 -107.46 -53.65
N MET OA 90 57.00 -107.70 -53.10
CA MET OA 90 56.91 -108.10 -51.70
C MET OA 90 57.59 -109.44 -51.44
N THR OA 91 57.42 -110.41 -52.35
CA THR OA 91 58.02 -111.71 -52.17
C THR OA 91 59.55 -111.65 -52.29
N SER OA 92 60.06 -110.99 -53.32
CA SER OA 92 61.50 -111.01 -53.58
C SER OA 92 62.28 -109.97 -52.79
N GLU OA 93 61.65 -108.89 -52.36
CA GLU OA 93 62.39 -107.76 -51.80
C GLU OA 93 61.97 -107.39 -50.38
N VAL OA 94 60.68 -107.47 -50.07
CA VAL OA 94 60.22 -107.06 -48.74
C VAL OA 94 60.36 -108.19 -47.74
N PHE OA 95 59.88 -109.38 -48.11
CA PHE OA 95 59.86 -110.51 -47.17
C PHE OA 95 61.24 -110.93 -46.70
N PRO OA 96 62.25 -111.10 -47.56
CA PRO OA 96 63.57 -111.50 -47.05
C PRO OA 96 64.17 -110.49 -46.07
N GLY OA 97 63.97 -109.20 -46.29
CA GLY OA 97 64.50 -108.21 -45.37
C GLY OA 97 63.70 -108.07 -44.10
N ALA OA 98 62.38 -108.25 -44.18
CA ALA OA 98 61.53 -108.11 -43.00
C ALA OA 98 61.72 -109.23 -42.00
N THR OA 99 62.15 -110.40 -42.44
CA THR OA 99 62.37 -111.55 -41.57
C THR OA 99 63.85 -111.89 -41.43
N SER OA 100 64.69 -110.86 -41.36
CA SER OA 100 66.13 -111.03 -41.23
C SER OA 100 66.55 -110.72 -39.80
N SER OA 101 67.86 -110.83 -39.55
CA SER OA 101 68.40 -110.43 -38.26
C SER OA 101 68.27 -108.93 -38.03
N VAL OA 102 68.11 -108.14 -39.10
CA VAL OA 102 67.95 -106.70 -38.96
C VAL OA 102 66.71 -106.38 -38.15
N THR OA 103 65.61 -107.07 -38.42
CA THR OA 103 64.37 -106.83 -37.67
C THR OA 103 64.54 -107.18 -36.19
N LEU OA 104 65.19 -108.30 -35.90
CA LEU OA 104 65.39 -108.70 -34.51
C LEU OA 104 66.28 -107.72 -33.77
N ASP OA 105 67.38 -107.29 -34.40
CA ASP OA 105 68.28 -106.34 -33.76
C ASP OA 105 67.60 -104.99 -33.57
N LEU OA 106 66.78 -104.56 -34.52
CA LEU OA 106 66.04 -103.32 -34.35
C LEU OA 106 65.04 -103.44 -33.21
N ALA OA 107 64.38 -104.59 -33.09
CA ALA OA 107 63.37 -104.76 -32.05
C ALA OA 107 63.97 -104.80 -30.66
N THR OA 108 65.04 -105.59 -30.48
CA THR OA 108 65.57 -105.85 -29.15
C THR OA 108 66.78 -105.02 -28.78
N LYS OA 109 67.34 -104.25 -29.70
CA LYS OA 109 68.51 -103.43 -29.38
C LYS OA 109 68.44 -102.01 -29.92
N GLY OA 110 67.44 -101.66 -30.73
CA GLY OA 110 67.39 -100.34 -31.32
C GLY OA 110 68.49 -100.08 -32.32
N VAL OA 111 68.89 -101.08 -33.09
CA VAL OA 111 69.96 -100.91 -34.07
C VAL OA 111 69.37 -100.41 -35.38
N ILE OA 112 69.74 -99.19 -35.76
CA ILE OA 112 69.32 -98.61 -37.04
C ILE OA 112 70.46 -98.44 -38.01
N HIS OA 113 71.71 -98.61 -37.57
CA HIS OA 113 72.88 -98.51 -38.43
C HIS OA 113 73.33 -99.91 -38.80
N LEU OA 114 73.36 -100.21 -40.09
CA LEU OA 114 73.68 -101.53 -40.59
C LEU OA 114 75.19 -101.68 -40.76
N SER OA 115 75.67 -102.91 -40.59
CA SER OA 115 77.08 -103.23 -40.74
C SER OA 115 77.22 -104.69 -41.15
N ASP OA 116 78.28 -104.98 -41.90
CA ASP OA 116 79.22 -104.05 -42.52
C ASP OA 116 79.54 -104.49 -43.93
N ALA OA 117 79.20 -105.74 -44.24
CA ALA OA 117 79.49 -106.31 -45.56
C ALA OA 117 78.23 -106.55 -46.36
N LEU PA 1 14.54 -136.90 -3.04
CA LEU PA 1 14.58 -135.64 -3.78
C LEU PA 1 15.80 -135.62 -4.71
N SER PA 2 15.56 -135.70 -6.01
CA SER PA 2 16.63 -135.76 -7.00
C SER PA 2 16.37 -134.77 -8.13
N ILE PA 3 17.43 -134.13 -8.59
CA ILE PA 3 17.42 -133.32 -9.80
C ILE PA 3 18.55 -133.86 -10.66
N GLY PA 4 18.23 -134.81 -11.55
CA GLY PA 4 19.26 -135.53 -12.28
C GLY PA 4 19.82 -136.67 -11.47
N THR PA 5 21.14 -136.69 -11.27
CA THR PA 5 21.78 -137.67 -10.41
C THR PA 5 22.10 -137.10 -9.03
N LYS PA 6 21.66 -135.89 -8.75
CA LYS PA 6 22.02 -135.18 -7.52
C LYS PA 6 20.91 -135.34 -6.49
N ASN PA 7 21.31 -135.66 -5.25
CA ASN PA 7 20.38 -135.71 -4.13
C ASN PA 7 20.36 -134.34 -3.45
N VAL PA 8 19.21 -133.68 -3.50
CA VAL PA 8 19.06 -132.33 -2.95
C VAL PA 8 18.01 -132.37 -1.84
N SER PA 9 17.95 -131.29 -1.09
CA SER PA 9 16.93 -131.09 -0.07
C SER PA 9 16.40 -129.68 -0.16
N ILE PA 10 15.17 -129.49 0.30
CA ILE PA 10 14.57 -128.15 0.28
C ILE PA 10 15.36 -127.24 1.21
N TYR PA 11 15.82 -126.12 0.67
CA TYR PA 11 16.56 -125.13 1.42
C TYR PA 11 15.81 -123.82 1.60
N ARG PA 12 15.05 -123.41 0.59
CA ARG PA 12 14.23 -122.21 0.71
C ARG PA 12 12.95 -122.42 -0.09
N ASN PA 13 11.81 -122.08 0.51
CA ASN PA 13 10.52 -122.29 -0.13
C ASN PA 13 9.79 -120.96 -0.17
N THR PA 14 9.58 -120.45 -1.38
CA THR PA 14 8.90 -119.20 -1.64
C THR PA 14 7.75 -119.49 -2.62
N ALA PA 15 6.81 -118.54 -2.72
CA ALA PA 15 5.62 -118.76 -3.53
C ALA PA 15 5.97 -119.12 -4.97
N ASP PA 16 6.99 -118.46 -5.54
CA ASP PA 16 7.30 -118.63 -6.96
C ASP PA 16 8.72 -119.16 -7.18
N GLU PA 17 9.42 -119.58 -6.13
CA GLU PA 17 10.78 -120.06 -6.29
C GLU PA 17 11.12 -120.98 -5.13
N VAL PA 18 11.71 -122.14 -5.44
CA VAL PA 18 12.19 -123.07 -4.43
C VAL PA 18 13.67 -123.33 -4.70
N ILE PA 19 14.50 -123.11 -3.68
CA ILE PA 19 15.93 -123.37 -3.76
C ILE PA 19 16.22 -124.67 -3.04
N TYR PA 20 16.86 -125.60 -3.75
CA TYR PA 20 17.32 -126.87 -3.19
C TYR PA 20 18.83 -126.83 -3.07
N ALA PA 21 19.34 -127.45 -2.00
CA ALA PA 21 20.76 -127.45 -1.70
C ALA PA 21 21.34 -128.84 -1.91
N GLY PA 22 22.52 -128.89 -2.51
CA GLY PA 22 23.22 -130.13 -2.70
C GLY PA 22 24.01 -130.52 -1.47
N PRO PA 23 24.69 -131.67 -1.53
CA PRO PA 23 25.44 -132.13 -0.35
C PRO PA 23 26.59 -131.20 0.04
N ALA PA 24 27.11 -130.41 -0.89
CA ALA PA 24 28.24 -129.53 -0.65
C ALA PA 24 27.83 -128.12 -0.26
N HIS PA 25 26.53 -127.88 -0.08
CA HIS PA 25 26.05 -126.55 0.29
C HIS PA 25 26.13 -126.35 1.80
N ASP PA 26 26.59 -125.17 2.20
CA ASP PA 26 26.68 -124.80 3.61
C ASP PA 26 26.72 -123.27 3.69
N VAL PA 27 27.09 -122.75 4.86
CA VAL PA 27 27.13 -121.30 5.05
C VAL PA 27 28.20 -120.63 4.20
N THR PA 28 29.36 -121.26 4.01
CA THR PA 28 30.45 -120.65 3.28
C THR PA 28 30.61 -121.11 1.84
N ASN PA 29 29.92 -122.17 1.43
CA ASN PA 29 30.01 -122.69 0.07
C ASN PA 29 28.61 -122.76 -0.55
N VAL PA 30 28.55 -122.54 -1.85
CA VAL PA 30 27.28 -122.51 -2.59
C VAL PA 30 27.22 -123.73 -3.48
N ASP PA 31 26.16 -124.54 -3.29
CA ASP PA 31 25.84 -125.66 -4.17
C ASP PA 31 24.31 -125.71 -4.21
N THR PA 32 23.72 -125.01 -5.18
CA THR PA 32 22.26 -124.84 -5.17
C THR PA 32 21.68 -125.04 -6.56
N VAL PA 33 20.45 -125.56 -6.59
CA VAL PA 33 19.61 -125.59 -7.78
C VAL PA 33 18.29 -124.92 -7.42
N SER PA 34 17.97 -123.83 -8.12
CA SER PA 34 16.77 -123.05 -7.84
C SER PA 34 15.78 -123.19 -8.99
N LEU PA 35 14.55 -123.57 -8.66
CA LEU PA 35 13.46 -123.59 -9.61
C LEU PA 35 12.61 -122.34 -9.42
N ARG PA 36 12.43 -121.57 -10.48
CA ARG PA 36 11.70 -120.32 -10.45
C ARG PA 36 10.65 -120.32 -11.55
N ARG PA 37 9.55 -119.61 -11.32
CA ARG PA 37 8.48 -119.60 -12.29
C ARG PA 37 7.83 -118.23 -12.32
N SER PA 38 7.28 -117.90 -13.48
CA SER PA 38 6.41 -116.75 -13.68
C SER PA 38 5.16 -117.25 -14.38
N LEU PA 39 4.05 -117.27 -13.65
CA LEU PA 39 2.81 -117.82 -14.14
C LEU PA 39 2.17 -116.88 -15.16
N PRO PA 40 1.35 -117.42 -16.06
CA PRO PA 40 0.72 -116.58 -17.08
C PRO PA 40 -0.16 -115.50 -16.46
N VAL PA 41 -0.15 -114.33 -17.10
CA VAL PA 41 -1.00 -113.21 -16.71
C VAL PA 41 -1.94 -112.94 -17.87
N LYS PA 42 -3.24 -113.03 -17.60
CA LYS PA 42 -4.27 -112.89 -18.64
C LYS PA 42 -4.48 -111.41 -18.94
N LYS PA 43 -3.41 -110.77 -19.40
CA LYS PA 43 -3.44 -109.35 -19.70
C LYS PA 43 -4.18 -109.15 -21.02
N GLY PA 44 -5.29 -108.42 -20.96
CA GLY PA 44 -6.08 -108.16 -22.15
C GLY PA 44 -6.55 -109.44 -22.81
N SER PA 45 -6.41 -109.52 -24.13
CA SER PA 45 -6.75 -110.72 -24.87
C SER PA 45 -5.62 -111.74 -24.90
N ASP PA 46 -4.38 -111.31 -24.66
CA ASP PA 46 -3.26 -112.24 -24.62
C ASP PA 46 -3.40 -113.14 -23.41
N ASN PA 47 -3.27 -114.45 -23.63
CA ASN PA 47 -3.36 -115.41 -22.55
C ASN PA 47 -2.12 -115.46 -21.67
N GLY PA 48 -1.06 -114.77 -22.04
CA GLY PA 48 0.14 -114.73 -21.24
C GLY PA 48 1.18 -115.76 -21.66
N THR PA 49 2.26 -115.78 -20.90
CA THR PA 49 3.38 -116.68 -21.14
C THR PA 49 3.82 -117.30 -19.84
N MET PA 50 4.03 -118.62 -19.86
CA MET PA 50 4.61 -119.32 -18.72
C MET PA 50 6.12 -119.27 -18.84
N ARG PA 51 6.79 -118.76 -17.80
CA ARG PA 51 8.24 -118.68 -17.76
C ARG PA 51 8.77 -119.63 -16.71
N GLY PA 52 9.70 -120.49 -17.10
CA GLY PA 52 10.36 -121.40 -16.18
C GLY PA 52 11.85 -121.14 -16.16
N ASN PA 53 12.45 -121.25 -14.98
CA ASN PA 53 13.87 -121.00 -14.82
C ASN PA 53 14.49 -122.04 -13.91
N MET PA 54 15.57 -122.66 -14.38
CA MET PA 54 16.41 -123.53 -13.57
C MET PA 54 17.77 -122.85 -13.42
N ASN PA 55 18.19 -122.64 -12.18
CA ASN PA 55 19.44 -121.97 -11.87
C ASN PA 55 20.36 -122.92 -11.14
N PHE PA 56 21.58 -123.08 -11.64
CA PHE PA 56 22.60 -123.90 -11.00
C PHE PA 56 23.71 -122.98 -10.53
N ALA PA 57 24.02 -123.03 -9.23
CA ALA PA 57 25.04 -122.17 -8.66
C ALA PA 57 26.03 -123.02 -7.89
N LYS PA 58 27.32 -122.81 -8.16
CA LYS PA 58 28.36 -123.56 -7.47
C LYS PA 58 29.54 -122.64 -7.18
N SER PA 59 30.19 -122.87 -6.04
CA SER PA 59 31.39 -122.15 -5.67
C SER PA 59 32.62 -122.88 -6.18
N PHE PA 60 33.61 -122.11 -6.62
CA PHE PA 60 34.83 -122.64 -7.19
C PHE PA 60 36.02 -121.85 -6.66
N PRO PA 61 37.18 -122.49 -6.49
CA PRO PA 61 38.39 -121.75 -6.11
C PRO PA 61 38.83 -120.83 -7.24
N ASN PA 62 38.97 -119.54 -6.91
CA ASN PA 62 39.41 -118.51 -7.85
C ASN PA 62 40.62 -117.83 -7.22
N GLY PA 63 41.81 -118.33 -7.55
CA GLY PA 63 43.03 -117.82 -6.97
C GLY PA 63 43.01 -117.93 -5.45
N ASP PA 64 42.86 -116.78 -4.78
CA ASP PA 64 42.76 -116.77 -3.33
C ASP PA 64 41.31 -116.94 -2.86
N LYS PA 65 40.37 -116.32 -3.57
CA LYS PA 65 38.99 -116.26 -3.11
C LYS PA 65 38.18 -117.41 -3.72
N LYS PA 66 36.86 -117.33 -3.58
CA LYS PA 66 35.94 -118.30 -4.16
C LYS PA 66 34.94 -117.56 -5.03
N SER PA 67 34.82 -117.97 -6.28
CA SER PA 67 33.93 -117.34 -7.24
C SER PA 67 32.72 -118.24 -7.53
N LEU PA 68 31.62 -117.61 -7.93
CA LEU PA 68 30.36 -118.30 -8.16
C LEU PA 68 30.15 -118.52 -9.65
N VAL PA 69 29.99 -119.77 -10.05
CA VAL PA 69 29.63 -120.14 -11.42
C VAL PA 69 28.15 -120.47 -11.46
N VAL PA 70 27.43 -119.83 -12.38
CA VAL PA 70 25.98 -119.94 -12.48
C VAL PA 70 25.62 -120.35 -13.90
N VAL PA 71 24.76 -121.36 -14.02
CA VAL PA 71 24.21 -121.81 -15.28
C VAL PA 71 22.70 -121.63 -15.22
N ASN PA 72 22.16 -120.87 -16.16
CA ASN PA 72 20.72 -120.63 -16.21
C ASN PA 72 20.10 -121.38 -17.38
N LEU PA 73 18.86 -121.85 -17.18
CA LEU PA 73 18.08 -122.47 -18.24
C LEU PA 73 16.67 -121.91 -18.14
N THR PA 74 16.30 -121.04 -19.06
CA THR PA 74 15.00 -120.38 -19.03
C THR PA 74 14.19 -120.76 -20.26
N ALA PA 75 12.92 -121.08 -20.03
CA ALA PA 75 11.98 -121.43 -21.08
C ALA PA 75 10.79 -120.49 -21.03
N HIS PA 76 10.34 -120.05 -22.21
CA HIS PA 76 9.18 -119.19 -22.35
C HIS PA 76 8.18 -119.91 -23.24
N VAL PA 77 7.05 -120.32 -22.68
CA VAL PA 77 6.03 -121.03 -23.44
C VAL PA 77 4.75 -120.19 -23.46
N PRO PA 78 4.34 -119.67 -24.60
CA PRO PA 78 3.07 -118.93 -24.66
C PRO PA 78 1.89 -119.85 -24.38
N VAL PA 79 0.87 -119.27 -23.73
CA VAL PA 79 -0.33 -120.04 -23.40
C VAL PA 79 -1.13 -120.32 -24.66
N GLY PA 80 -1.58 -121.57 -24.81
CA GLY PA 80 -2.32 -122.02 -25.97
C GLY PA 80 -1.51 -122.94 -26.87
N VAL PA 81 -0.18 -122.80 -26.86
CA VAL PA 81 0.68 -123.71 -27.58
C VAL PA 81 0.55 -125.10 -26.98
N ASP PA 82 0.45 -126.12 -27.84
CA ASP PA 82 0.34 -127.48 -27.37
C ASP PA 82 1.57 -127.88 -26.59
N ALA PA 83 1.35 -128.46 -25.41
CA ALA PA 83 2.47 -128.77 -24.51
C ALA PA 83 3.28 -129.96 -25.01
N THR PA 84 2.62 -130.96 -25.60
CA THR PA 84 3.32 -132.16 -26.05
C THR PA 84 4.31 -131.83 -27.16
N ALA PA 85 3.91 -130.93 -28.08
CA ALA PA 85 4.83 -130.52 -29.14
C ALA PA 85 6.05 -129.82 -28.58
N VAL PA 86 5.85 -128.93 -27.60
CA VAL PA 86 6.99 -128.26 -26.96
C VAL PA 86 7.89 -129.27 -26.28
N ARG PA 87 7.30 -130.25 -25.60
CA ARG PA 87 8.11 -131.22 -24.86
C ARG PA 87 8.91 -132.10 -25.80
N THR PA 88 8.32 -132.54 -26.91
CA THR PA 88 9.09 -133.36 -27.85
C THR PA 88 10.14 -132.53 -28.58
N TRP PA 89 9.85 -131.25 -28.85
CA TRP PA 89 10.87 -130.36 -29.41
C TRP PA 89 12.04 -130.20 -28.44
N MET PA 90 11.75 -130.04 -27.15
CA MET PA 90 12.80 -129.89 -26.15
C MET PA 90 13.62 -131.16 -26.03
N THR PA 91 12.96 -132.32 -26.01
CA THR PA 91 13.66 -133.58 -25.82
C THR PA 91 14.51 -133.93 -27.04
N SER PA 92 14.01 -133.65 -28.24
CA SER PA 92 14.69 -134.06 -29.46
C SER PA 92 15.61 -133.00 -30.04
N GLU PA 93 15.26 -131.72 -29.92
CA GLU PA 93 15.99 -130.65 -30.60
C GLU PA 93 16.76 -129.74 -29.66
N VAL PA 94 16.27 -129.51 -28.44
CA VAL PA 94 16.91 -128.54 -27.56
C VAL PA 94 17.91 -129.23 -26.63
N PHE PA 95 17.50 -130.30 -25.98
CA PHE PA 95 18.34 -131.00 -25.00
C PHE PA 95 19.61 -131.58 -25.60
N PRO PA 96 19.56 -132.30 -26.73
CA PRO PA 96 20.82 -132.83 -27.29
C PRO PA 96 21.82 -131.75 -27.67
N GLY PA 97 21.36 -130.60 -28.16
CA GLY PA 97 22.28 -129.53 -28.51
C GLY PA 97 22.70 -128.69 -27.33
N ALA PA 98 21.93 -128.70 -26.25
CA ALA PA 98 22.23 -127.90 -25.07
C ALA PA 98 23.23 -128.56 -24.13
N THR PA 99 23.53 -129.84 -24.34
CA THR PA 99 24.44 -130.58 -23.48
C THR PA 99 25.67 -131.09 -24.24
N SER PA 100 25.91 -130.57 -25.44
CA SER PA 100 27.02 -131.00 -26.26
C SER PA 100 28.28 -130.23 -25.88
N SER PA 101 29.37 -130.48 -26.61
CA SER PA 101 30.62 -129.74 -26.37
C SER PA 101 30.50 -128.28 -26.76
N VAL PA 102 29.52 -127.93 -27.59
CA VAL PA 102 29.32 -126.54 -27.98
C VAL PA 102 29.03 -125.69 -26.75
N THR PA 103 28.18 -126.19 -25.84
CA THR PA 103 27.89 -125.47 -24.61
C THR PA 103 29.15 -125.28 -23.78
N LEU PA 104 29.99 -126.31 -23.69
CA LEU PA 104 31.21 -126.22 -22.90
C LEU PA 104 32.17 -125.18 -23.47
N ASP PA 105 32.36 -125.19 -24.79
CA ASP PA 105 33.25 -124.19 -25.40
C ASP PA 105 32.68 -122.78 -25.27
N LEU PA 106 31.37 -122.63 -25.44
CA LEU PA 106 30.76 -121.31 -25.29
C LEU PA 106 30.89 -120.80 -23.86
N ALA PA 107 30.73 -121.67 -22.86
CA ALA PA 107 30.80 -121.24 -21.47
C ALA PA 107 32.23 -120.94 -21.04
N THR PA 108 33.20 -121.76 -21.47
CA THR PA 108 34.57 -121.59 -20.99
C THR PA 108 35.41 -120.69 -21.89
N LYS PA 109 35.13 -120.66 -23.19
CA LYS PA 109 35.95 -119.90 -24.13
C LYS PA 109 35.18 -118.90 -24.98
N GLY PA 110 33.86 -118.89 -24.91
CA GLY PA 110 33.09 -117.97 -25.73
C GLY PA 110 33.07 -118.29 -27.20
N VAL PA 111 33.15 -119.57 -27.56
CA VAL PA 111 33.18 -119.98 -28.96
C VAL PA 111 31.77 -119.92 -29.52
N ILE PA 112 31.59 -119.17 -30.60
CA ILE PA 112 30.29 -119.01 -31.25
C ILE PA 112 30.29 -119.53 -32.68
N HIS PA 113 31.40 -120.06 -33.17
CA HIS PA 113 31.50 -120.64 -34.49
C HIS PA 113 31.79 -122.13 -34.35
N LEU PA 114 30.81 -122.97 -34.65
CA LEU PA 114 30.94 -124.41 -34.46
C LEU PA 114 31.33 -125.07 -35.79
N SER PA 115 32.51 -124.72 -36.27
CA SER PA 115 33.02 -125.27 -37.52
C SER PA 115 33.60 -126.65 -37.31
N ASP PA 116 33.36 -127.54 -38.27
CA ASP PA 116 32.55 -127.30 -39.45
C ASP PA 116 31.59 -128.47 -39.69
N ALA PA 117 31.94 -129.63 -39.16
CA ALA PA 117 31.15 -130.84 -39.33
C ALA PA 117 29.92 -130.81 -38.42
N LEU QA 1 -71.97 -58.59 -101.42
CA LEU QA 1 -70.90 -58.81 -100.46
C LEU QA 1 -71.00 -60.18 -99.80
N SER QA 2 -69.98 -61.01 -100.00
CA SER QA 2 -69.97 -62.35 -99.44
C SER QA 2 -68.56 -62.70 -98.98
N ILE QA 3 -68.49 -63.55 -97.96
CA ILE QA 3 -67.23 -64.11 -97.47
C ILE QA 3 -67.42 -65.63 -97.48
N GLY QA 4 -66.96 -66.27 -98.54
CA GLY QA 4 -67.29 -67.68 -98.75
C GLY QA 4 -68.72 -67.82 -99.20
N THR QA 5 -69.54 -68.51 -98.40
CA THR QA 5 -70.94 -68.70 -98.70
C THR QA 5 -71.85 -67.86 -97.80
N LYS QA 6 -71.30 -66.93 -97.04
CA LYS QA 6 -72.06 -66.12 -96.10
C LYS QA 6 -72.19 -64.70 -96.63
N ASN QA 7 -73.41 -64.19 -96.64
CA ASN QA 7 -73.68 -62.81 -97.03
C ASN QA 7 -73.43 -61.88 -95.86
N VAL QA 8 -72.65 -60.82 -96.09
CA VAL QA 8 -72.28 -59.87 -95.05
C VAL QA 8 -72.55 -58.46 -95.56
N SER QA 9 -72.51 -57.52 -94.62
CA SER QA 9 -72.68 -56.10 -94.94
C SER QA 9 -71.62 -55.31 -94.19
N ILE QA 10 -71.20 -54.20 -94.79
CA ILE QA 10 -70.28 -53.28 -94.12
C ILE QA 10 -70.91 -52.82 -92.81
N TYR QA 11 -70.20 -53.03 -91.71
CA TYR QA 11 -70.67 -52.66 -90.38
C TYR QA 11 -69.80 -51.60 -89.73
N ARG QA 12 -68.49 -51.76 -89.76
CA ARG QA 12 -67.57 -50.78 -89.20
C ARG QA 12 -66.38 -50.61 -90.11
N ASN QA 13 -65.95 -49.36 -90.30
CA ASN QA 13 -64.85 -49.04 -91.21
C ASN QA 13 -63.83 -48.22 -90.45
N THR QA 14 -62.57 -48.67 -90.46
CA THR QA 14 -61.46 -47.87 -89.96
C THR QA 14 -60.34 -47.86 -91.00
N ALA QA 15 -59.22 -47.22 -90.67
CA ALA QA 15 -58.14 -47.10 -91.64
C ALA QA 15 -57.57 -48.45 -92.04
N ASP QA 16 -57.37 -49.34 -91.06
CA ASP QA 16 -56.73 -50.63 -91.32
C ASP QA 16 -57.60 -51.81 -90.93
N GLU QA 17 -58.86 -51.60 -90.55
CA GLU QA 17 -59.71 -52.70 -90.15
C GLU QA 17 -61.14 -52.44 -90.62
N VAL QA 18 -61.76 -53.46 -91.21
CA VAL QA 18 -63.15 -53.41 -91.63
C VAL QA 18 -63.89 -54.58 -91.01
N ILE QA 19 -64.96 -54.29 -90.28
CA ILE QA 19 -65.82 -55.31 -89.69
C ILE QA 19 -67.09 -55.43 -90.51
N TYR QA 20 -67.40 -56.65 -90.93
CA TYR QA 20 -68.65 -56.98 -91.62
C TYR QA 20 -69.53 -57.79 -90.69
N ALA QA 21 -70.84 -57.56 -90.78
CA ALA QA 21 -71.82 -58.21 -89.93
C ALA QA 21 -72.59 -59.26 -90.72
N GLY QA 22 -72.81 -60.41 -90.11
CA GLY QA 22 -73.58 -61.47 -90.72
C GLY QA 22 -75.07 -61.26 -90.53
N PRO QA 23 -75.88 -62.17 -91.09
CA PRO QA 23 -77.34 -62.02 -90.98
C PRO QA 23 -77.86 -62.11 -89.57
N ALA QA 24 -77.13 -62.72 -88.64
CA ALA QA 24 -77.60 -62.94 -87.28
C ALA QA 24 -77.06 -61.91 -86.29
N HIS QA 25 -76.35 -60.89 -86.77
CA HIS QA 25 -75.75 -59.92 -85.87
C HIS QA 25 -76.78 -58.85 -85.48
N ASP QA 26 -76.96 -58.65 -84.18
CA ASP QA 26 -77.83 -57.61 -83.66
C ASP QA 26 -77.29 -57.19 -82.30
N VAL QA 27 -78.13 -56.49 -81.52
CA VAL QA 27 -77.73 -55.97 -80.22
C VAL QA 27 -77.43 -57.11 -79.25
N THR QA 28 -78.03 -58.28 -79.47
CA THR QA 28 -77.90 -59.39 -78.54
C THR QA 28 -76.98 -60.51 -79.04
N ASN QA 29 -76.88 -60.72 -80.35
CA ASN QA 29 -76.12 -61.82 -80.89
C ASN QA 29 -74.98 -61.30 -81.75
N VAL QA 30 -73.79 -61.86 -81.58
CA VAL QA 30 -72.62 -61.49 -82.36
C VAL QA 30 -72.46 -62.45 -83.52
N ASP QA 31 -72.32 -61.91 -84.72
CA ASP QA 31 -71.99 -62.69 -85.91
C ASP QA 31 -71.20 -61.75 -86.83
N THR QA 32 -69.87 -61.79 -86.70
CA THR QA 32 -69.05 -60.81 -87.39
C THR QA 32 -67.81 -61.46 -88.01
N VAL QA 33 -67.34 -60.87 -89.10
CA VAL QA 33 -66.06 -61.20 -89.72
C VAL QA 33 -65.29 -59.92 -89.91
N SER QA 34 -64.08 -59.86 -89.38
CA SER QA 34 -63.24 -58.67 -89.42
C SER QA 34 -62.02 -58.93 -90.30
N LEU QA 35 -61.66 -57.95 -91.12
CA LEU QA 35 -60.46 -57.98 -91.94
C LEU QA 35 -59.54 -56.85 -91.49
N ARG QA 36 -58.35 -57.21 -91.03
CA ARG QA 36 -57.40 -56.24 -90.51
C ARG QA 36 -56.06 -56.41 -91.22
N ARG QA 37 -55.41 -55.30 -91.50
CA ARG QA 37 -54.12 -55.31 -92.16
C ARG QA 37 -53.10 -54.52 -91.34
N SER QA 38 -51.88 -55.02 -91.33
CA SER QA 38 -50.71 -54.32 -90.81
C SER QA 38 -49.74 -54.20 -91.97
N LEU QA 39 -49.71 -53.01 -92.57
CA LEU QA 39 -48.87 -52.79 -93.73
C LEU QA 39 -47.40 -52.75 -93.32
N PRO QA 40 -46.50 -53.19 -94.19
CA PRO QA 40 -45.08 -53.21 -93.84
C PRO QA 40 -44.54 -51.79 -93.61
N VAL QA 41 -43.67 -51.67 -92.62
CA VAL QA 41 -42.89 -50.46 -92.41
C VAL QA 41 -41.44 -50.83 -92.71
N LYS QA 42 -40.83 -50.09 -93.64
CA LYS QA 42 -39.51 -50.44 -94.15
C LYS QA 42 -38.46 -49.61 -93.42
N LYS QA 43 -38.39 -49.84 -92.11
CA LYS QA 43 -37.41 -49.19 -91.25
C LYS QA 43 -36.01 -49.73 -91.55
N GLY QA 44 -35.02 -48.84 -91.45
CA GLY QA 44 -33.65 -49.19 -91.72
C GLY QA 44 -33.44 -49.85 -93.07
N SER QA 45 -32.98 -51.10 -93.05
CA SER QA 45 -32.82 -51.88 -94.28
C SER QA 45 -33.89 -52.95 -94.46
N ASP QA 46 -34.47 -53.46 -93.37
CA ASP QA 46 -35.51 -54.47 -93.48
C ASP QA 46 -36.77 -53.84 -94.07
N ASN QA 47 -37.38 -54.54 -95.03
CA ASN QA 47 -38.57 -54.05 -95.71
C ASN QA 47 -39.85 -54.31 -94.93
N GLY QA 48 -39.77 -54.96 -93.78
CA GLY QA 48 -40.93 -55.19 -92.96
C GLY QA 48 -41.77 -56.38 -93.41
N THR QA 49 -42.88 -56.56 -92.72
CA THR QA 49 -43.77 -57.69 -92.93
C THR QA 49 -45.20 -57.21 -93.14
N MET QA 50 -45.88 -57.84 -94.10
CA MET QA 50 -47.30 -57.61 -94.29
C MET QA 50 -48.07 -58.62 -93.46
N ARG QA 51 -48.95 -58.12 -92.59
CA ARG QA 51 -49.73 -58.99 -91.69
C ARG QA 51 -51.20 -58.88 -92.04
N GLY QA 52 -51.80 -60.00 -92.39
CA GLY QA 52 -53.23 -60.02 -92.70
C GLY QA 52 -54.01 -60.89 -91.74
N ASN QA 53 -54.95 -60.31 -91.01
CA ASN QA 53 -55.71 -61.03 -89.99
C ASN QA 53 -57.18 -61.07 -90.38
N MET QA 54 -57.77 -62.26 -90.33
CA MET QA 54 -59.19 -62.44 -90.54
C MET QA 54 -59.80 -63.04 -89.27
N ASN QA 55 -60.84 -62.39 -88.75
CA ASN QA 55 -61.44 -62.70 -87.46
C ASN QA 55 -62.87 -63.16 -87.67
N PHE QA 56 -63.24 -64.25 -87.03
CA PHE QA 56 -64.62 -64.73 -87.02
C PHE QA 56 -65.11 -64.75 -85.58
N ALA QA 57 -66.20 -64.03 -85.31
CA ALA QA 57 -66.72 -63.93 -83.96
C ALA QA 57 -68.19 -64.34 -83.96
N LYS QA 58 -68.54 -65.22 -83.03
CA LYS QA 58 -69.91 -65.71 -82.92
C LYS QA 58 -70.29 -65.92 -81.46
N SER QA 59 -71.47 -65.46 -81.09
CA SER QA 59 -71.98 -65.71 -79.75
C SER QA 59 -72.65 -67.09 -79.69
N PHE QA 60 -72.46 -67.76 -78.56
CA PHE QA 60 -72.99 -69.11 -78.33
C PHE QA 60 -73.62 -69.17 -76.96
N PRO QA 61 -74.64 -70.00 -76.78
CA PRO QA 61 -75.20 -70.21 -75.43
C PRO QA 61 -74.20 -70.88 -74.53
N ASN QA 62 -74.05 -70.36 -73.31
CA ASN QA 62 -73.14 -70.91 -72.31
C ASN QA 62 -73.90 -70.85 -70.98
N GLY QA 63 -74.57 -71.95 -70.64
CA GLY QA 63 -75.42 -71.94 -69.47
C GLY QA 63 -76.51 -70.90 -69.65
N ASP QA 64 -76.62 -70.00 -68.68
CA ASP QA 64 -77.59 -68.91 -68.77
C ASP QA 64 -77.06 -67.71 -69.55
N LYS QA 65 -75.75 -67.61 -69.75
CA LYS QA 65 -75.16 -66.45 -70.39
C LYS QA 65 -74.78 -66.77 -71.84
N LYS QA 66 -74.09 -65.83 -72.47
CA LYS QA 66 -73.59 -66.00 -73.82
C LYS QA 66 -72.08 -65.84 -73.83
N SER QA 67 -71.40 -66.67 -74.62
CA SER QA 67 -69.95 -66.68 -74.70
C SER QA 67 -69.52 -66.44 -76.13
N LEU QA 68 -68.44 -65.70 -76.30
CA LEU QA 68 -67.92 -65.36 -77.62
C LEU QA 68 -66.88 -66.38 -78.06
N VAL QA 69 -67.11 -67.03 -79.19
CA VAL QA 69 -66.14 -67.90 -79.82
C VAL QA 69 -65.49 -67.13 -80.97
N VAL QA 70 -64.17 -67.07 -80.96
CA VAL QA 70 -63.39 -66.30 -81.92
C VAL QA 70 -62.41 -67.22 -82.61
N VAL QA 71 -62.36 -67.14 -83.93
CA VAL QA 71 -61.39 -67.87 -84.74
C VAL QA 71 -60.56 -66.86 -85.53
N ASN QA 72 -59.25 -66.93 -85.38
CA ASN QA 72 -58.32 -66.01 -86.03
C ASN QA 72 -57.52 -66.75 -87.08
N LEU QA 73 -57.32 -66.10 -88.23
CA LEU QA 73 -56.46 -66.62 -89.29
C LEU QA 73 -55.53 -65.49 -89.73
N THR QA 74 -54.25 -65.60 -89.39
CA THR QA 74 -53.29 -64.54 -89.63
C THR QA 74 -52.17 -65.03 -90.53
N ALA QA 75 -51.83 -64.23 -91.53
CA ALA QA 75 -50.72 -64.50 -92.44
C ALA QA 75 -49.64 -63.45 -92.26
N HIS QA 76 -48.40 -63.89 -92.10
CA HIS QA 76 -47.24 -63.01 -91.96
C HIS QA 76 -46.35 -63.23 -93.17
N VAL QA 77 -46.34 -62.29 -94.11
CA VAL QA 77 -45.58 -62.43 -95.34
C VAL QA 77 -44.49 -61.37 -95.35
N PRO QA 78 -43.21 -61.76 -95.28
CA PRO QA 78 -42.13 -60.77 -95.40
C PRO QA 78 -42.10 -60.17 -96.80
N VAL QA 79 -41.69 -58.90 -96.88
CA VAL QA 79 -41.66 -58.19 -98.14
C VAL QA 79 -40.50 -58.70 -98.99
N GLY QA 80 -40.78 -59.00 -100.26
CA GLY QA 80 -39.80 -59.56 -101.18
C GLY QA 80 -40.13 -60.97 -101.62
N VAL QA 81 -40.90 -61.69 -100.80
CA VAL QA 81 -41.32 -63.03 -101.15
C VAL QA 81 -42.33 -62.97 -102.30
N ASP QA 82 -42.18 -63.87 -103.27
CA ASP QA 82 -43.09 -63.90 -104.40
C ASP QA 82 -44.52 -64.18 -103.94
N ALA QA 83 -45.44 -63.31 -104.34
CA ALA QA 83 -46.83 -63.44 -103.93
C ALA QA 83 -47.46 -64.70 -104.52
N THR QA 84 -47.14 -65.03 -105.77
CA THR QA 84 -47.73 -66.20 -106.41
C THR QA 84 -47.32 -67.49 -105.70
N ALA QA 85 -46.05 -67.60 -105.33
CA ALA QA 85 -45.59 -68.78 -104.62
C ALA QA 85 -46.28 -68.91 -103.26
N VAL QA 86 -46.44 -67.79 -102.56
CA VAL QA 86 -47.12 -67.81 -101.26
C VAL QA 86 -48.58 -68.23 -101.43
N ARG QA 87 -49.25 -67.70 -102.46
CA ARG QA 87 -50.65 -68.06 -102.69
C ARG QA 87 -50.78 -69.54 -103.03
N THR QA 88 -49.87 -70.06 -103.85
CA THR QA 88 -49.91 -71.49 -104.17
C THR QA 88 -49.68 -72.34 -102.92
N TRP QA 89 -48.72 -71.95 -102.07
CA TRP QA 89 -48.48 -72.67 -100.84
C TRP QA 89 -49.70 -72.65 -99.92
N MET QA 90 -50.34 -71.48 -99.80
CA MET QA 90 -51.52 -71.36 -98.95
C MET QA 90 -52.67 -72.22 -99.49
N THR QA 91 -52.87 -72.21 -100.81
CA THR QA 91 -54.00 -72.94 -101.39
C THR QA 91 -53.80 -74.44 -101.34
N SER QA 92 -52.58 -74.92 -101.64
CA SER QA 92 -52.34 -76.35 -101.75
C SER QA 92 -51.94 -77.00 -100.44
N GLU QA 93 -51.36 -76.26 -99.50
CA GLU QA 93 -50.84 -76.84 -98.28
C GLU QA 93 -51.53 -76.33 -97.03
N VAL QA 94 -51.73 -75.03 -96.90
CA VAL QA 94 -52.28 -74.48 -95.66
C VAL QA 94 -53.79 -74.65 -95.61
N PHE QA 95 -54.48 -74.31 -96.70
CA PHE QA 95 -55.93 -74.34 -96.70
C PHE QA 95 -56.51 -75.73 -96.47
N PRO QA 96 -56.07 -76.79 -97.15
CA PRO QA 96 -56.63 -78.12 -96.84
C PRO QA 96 -56.38 -78.57 -95.41
N GLY QA 97 -55.23 -78.22 -94.83
CA GLY QA 97 -54.94 -78.64 -93.47
C GLY QA 97 -55.64 -77.82 -92.41
N ALA QA 98 -55.95 -76.57 -92.71
CA ALA QA 98 -56.61 -75.67 -91.77
C ALA QA 98 -58.13 -75.84 -91.76
N THR QA 99 -58.67 -76.68 -92.64
CA THR QA 99 -60.10 -76.97 -92.67
C THR QA 99 -60.38 -78.44 -92.44
N SER QA 100 -59.40 -79.19 -91.98
CA SER QA 100 -59.55 -80.61 -91.74
C SER QA 100 -60.14 -80.85 -90.34
N SER QA 101 -60.37 -82.12 -90.01
CA SER QA 101 -60.83 -82.47 -88.69
C SER QA 101 -59.76 -82.19 -87.62
N VAL QA 102 -58.50 -82.02 -88.03
CA VAL QA 102 -57.45 -81.68 -87.07
C VAL QA 102 -57.73 -80.33 -86.43
N THR QA 103 -58.12 -79.34 -87.24
CA THR QA 103 -58.43 -78.02 -86.70
C THR QA 103 -59.62 -78.08 -85.76
N LEU QA 104 -60.67 -78.81 -86.15
CA LEU QA 104 -61.85 -78.93 -85.30
C LEU QA 104 -61.51 -79.60 -83.97
N ASP QA 105 -60.72 -80.66 -84.02
CA ASP QA 105 -60.33 -81.35 -82.79
C ASP QA 105 -59.47 -80.47 -81.90
N LEU QA 106 -58.54 -79.72 -82.49
CA LEU QA 106 -57.71 -78.83 -81.69
C LEU QA 106 -58.55 -77.72 -81.06
N ALA QA 107 -59.51 -77.18 -81.80
CA ALA QA 107 -60.31 -76.08 -81.28
C ALA QA 107 -61.26 -76.52 -80.19
N THR QA 108 -61.94 -77.66 -80.37
CA THR QA 108 -63.02 -78.04 -79.46
C THR QA 108 -62.60 -79.07 -78.42
N LYS QA 109 -61.43 -79.69 -78.55
CA LYS QA 109 -60.98 -80.68 -77.58
C LYS QA 109 -59.53 -80.49 -77.15
N GLY QA 110 -58.80 -79.56 -77.77
CA GLY QA 110 -57.40 -79.39 -77.46
C GLY QA 110 -56.52 -80.56 -77.85
N VAL QA 111 -56.81 -81.21 -78.97
CA VAL QA 111 -56.04 -82.37 -79.42
C VAL QA 111 -54.86 -81.89 -80.25
N ILE QA 112 -53.65 -82.21 -79.79
CA ILE QA 112 -52.42 -81.85 -80.49
C ILE QA 112 -51.68 -83.07 -81.02
N HIS QA 113 -52.21 -84.28 -80.82
CA HIS QA 113 -51.62 -85.50 -81.33
C HIS QA 113 -52.55 -86.09 -82.38
N LEU QA 114 -52.12 -86.06 -83.64
CA LEU QA 114 -52.94 -86.61 -84.73
C LEU QA 114 -52.47 -88.02 -85.07
N SER QA 115 -52.77 -88.94 -84.17
CA SER QA 115 -52.53 -90.36 -84.42
C SER QA 115 -53.73 -90.98 -85.14
N ASP QA 116 -53.46 -91.99 -85.95
CA ASP QA 116 -52.15 -92.52 -86.33
C ASP QA 116 -52.09 -92.79 -87.82
N ALA QA 117 -53.25 -92.70 -88.47
CA ALA QA 117 -53.37 -92.98 -89.90
C ALA QA 117 -52.51 -92.03 -90.73
N LEU RA 1 -49.47 -90.52 -90.57
CA LEU RA 1 -49.59 -89.19 -89.99
C LEU RA 1 -49.68 -88.13 -91.08
N SER RA 2 -50.87 -87.55 -91.23
CA SER RA 2 -51.09 -86.55 -92.26
C SER RA 2 -51.94 -85.41 -91.70
N ILE RA 3 -51.61 -84.20 -92.13
CA ILE RA 3 -52.41 -83.02 -91.82
C ILE RA 3 -52.89 -82.47 -93.15
N GLY RA 4 -54.21 -82.51 -93.36
CA GLY RA 4 -54.77 -82.15 -94.65
C GLY RA 4 -54.31 -83.12 -95.73
N THR RA 5 -53.66 -82.60 -96.77
CA THR RA 5 -53.10 -83.44 -97.82
C THR RA 5 -51.60 -83.67 -97.66
N LYS RA 6 -50.99 -83.14 -96.61
CA LYS RA 6 -49.55 -83.22 -96.42
C LYS RA 6 -49.23 -84.31 -95.41
N ASN RA 7 -48.38 -85.25 -95.81
CA ASN RA 7 -47.83 -86.21 -94.86
C ASN RA 7 -46.77 -85.56 -93.99
N VAL RA 8 -46.87 -85.77 -92.68
CA VAL RA 8 -45.96 -85.16 -91.72
C VAL RA 8 -45.47 -86.24 -90.77
N SER RA 9 -44.41 -85.91 -90.03
CA SER RA 9 -43.88 -86.77 -88.99
C SER RA 9 -43.63 -85.94 -87.74
N ILE RA 10 -43.66 -86.61 -86.59
CA ILE RA 10 -43.42 -85.92 -85.33
C ILE RA 10 -41.99 -85.42 -85.29
N TYR RA 11 -41.82 -84.12 -85.07
CA TYR RA 11 -40.51 -83.49 -85.03
C TYR RA 11 -40.11 -83.09 -83.62
N ARG RA 12 -41.01 -82.43 -82.89
CA ARG RA 12 -40.74 -82.09 -81.50
C ARG RA 12 -42.04 -82.24 -80.72
N ASN RA 13 -41.91 -82.60 -79.44
CA ASN RA 13 -43.08 -82.95 -78.63
C ASN RA 13 -42.88 -82.41 -77.23
N THR RA 14 -43.62 -81.36 -76.88
CA THR RA 14 -43.69 -80.84 -75.52
C THR RA 14 -45.07 -81.14 -74.94
N ALA RA 15 -45.31 -80.63 -73.72
CA ALA RA 15 -46.54 -80.94 -73.02
C ALA RA 15 -47.77 -80.37 -73.73
N ASP RA 16 -47.69 -79.12 -74.18
CA ASP RA 16 -48.84 -78.47 -74.81
C ASP RA 16 -48.57 -78.04 -76.25
N GLU RA 17 -47.47 -78.49 -76.84
CA GLU RA 17 -47.16 -78.18 -78.23
C GLU RA 17 -46.49 -79.37 -78.89
N VAL RA 18 -46.95 -79.71 -80.09
CA VAL RA 18 -46.32 -80.73 -80.92
C VAL RA 18 -46.02 -80.11 -82.28
N ILE RA 19 -44.75 -80.11 -82.66
CA ILE RA 19 -44.32 -79.61 -83.96
C ILE RA 19 -44.09 -80.81 -84.87
N TYR RA 20 -44.77 -80.81 -86.02
CA TYR RA 20 -44.60 -81.83 -87.05
C TYR RA 20 -43.86 -81.22 -88.23
N ALA RA 21 -43.09 -82.05 -88.91
CA ALA RA 21 -42.25 -81.62 -90.02
C ALA RA 21 -42.75 -82.25 -91.31
N GLY RA 22 -42.81 -81.44 -92.38
CA GLY RA 22 -43.16 -81.95 -93.68
C GLY RA 22 -42.03 -82.73 -94.29
N PRO RA 23 -42.28 -83.32 -95.47
CA PRO RA 23 -41.22 -84.13 -96.10
C PRO RA 23 -39.98 -83.34 -96.44
N ALA RA 24 -40.12 -82.04 -96.75
CA ALA RA 24 -39.00 -81.22 -97.16
C ALA RA 24 -38.25 -80.58 -95.99
N HIS RA 25 -38.79 -80.65 -94.78
CA HIS RA 25 -38.16 -79.98 -93.65
C HIS RA 25 -36.77 -80.54 -93.41
N ASP RA 26 -35.82 -79.64 -93.15
CA ASP RA 26 -34.43 -80.01 -92.93
C ASP RA 26 -33.77 -78.92 -92.09
N VAL RA 27 -32.44 -78.98 -92.01
CA VAL RA 27 -31.68 -78.04 -91.18
C VAL RA 27 -31.62 -76.64 -91.76
N THR RA 28 -31.90 -76.47 -93.06
CA THR RA 28 -31.89 -75.16 -93.68
C THR RA 28 -33.24 -74.73 -94.24
N ASN RA 29 -34.15 -75.65 -94.52
CA ASN RA 29 -35.48 -75.33 -95.02
C ASN RA 29 -36.50 -75.64 -93.92
N VAL RA 30 -37.35 -74.67 -93.62
CA VAL RA 30 -38.39 -74.84 -92.62
C VAL RA 30 -39.68 -75.22 -93.32
N ASP RA 31 -40.26 -76.35 -92.93
CA ASP RA 31 -41.58 -76.78 -93.37
C ASP RA 31 -42.24 -77.46 -92.17
N THR RA 32 -42.96 -76.69 -91.37
CA THR RA 32 -43.46 -77.18 -90.10
C THR RA 32 -44.92 -76.82 -89.89
N VAL RA 33 -45.62 -77.72 -89.19
CA VAL RA 33 -46.97 -77.48 -88.70
C VAL RA 33 -46.95 -77.72 -87.20
N SER RA 34 -47.21 -76.66 -86.43
CA SER RA 34 -47.26 -76.75 -84.99
C SER RA 34 -48.70 -76.77 -84.51
N LEU RA 35 -48.99 -77.68 -83.59
CA LEU RA 35 -50.26 -77.68 -82.87
C LEU RA 35 -49.96 -77.32 -81.43
N ARG RA 36 -50.45 -76.16 -81.00
CA ARG RA 36 -50.25 -75.67 -79.64
C ARG RA 36 -51.60 -75.47 -78.98
N ARG RA 37 -51.65 -75.70 -77.67
CA ARG RA 37 -52.87 -75.49 -76.92
C ARG RA 37 -52.56 -74.74 -75.64
N SER RA 38 -53.52 -73.93 -75.21
CA SER RA 38 -53.54 -73.31 -73.90
C SER RA 38 -54.80 -73.78 -73.20
N LEU RA 39 -54.61 -74.58 -72.14
CA LEU RA 39 -55.73 -75.20 -71.45
C LEU RA 39 -56.48 -74.17 -70.60
N PRO RA 40 -57.79 -74.35 -70.43
CA PRO RA 40 -58.57 -73.39 -69.64
C PRO RA 40 -58.06 -73.31 -68.21
N VAL RA 41 -57.99 -72.08 -67.70
CA VAL RA 41 -57.61 -71.83 -66.32
C VAL RA 41 -58.85 -71.36 -65.58
N LYS RA 42 -59.30 -72.16 -64.62
CA LYS RA 42 -60.51 -71.86 -63.85
C LYS RA 42 -60.14 -70.76 -62.85
N LYS RA 43 -60.39 -69.51 -63.24
CA LYS RA 43 -60.10 -68.37 -62.37
C LYS RA 43 -61.41 -67.64 -62.05
N GLY RA 44 -61.60 -67.34 -60.77
CA GLY RA 44 -62.81 -66.66 -60.35
C GLY RA 44 -64.04 -67.49 -60.66
N SER RA 45 -65.11 -66.82 -61.07
CA SER RA 45 -66.31 -67.50 -61.55
C SER RA 45 -66.22 -67.88 -63.01
N ASP RA 46 -65.18 -67.45 -63.70
CA ASP RA 46 -64.99 -67.79 -65.10
C ASP RA 46 -64.26 -69.13 -65.21
N ASN RA 47 -64.86 -70.06 -65.96
CA ASN RA 47 -64.27 -71.38 -66.14
C ASN RA 47 -63.06 -71.37 -67.09
N GLY RA 48 -62.79 -70.25 -67.75
CA GLY RA 48 -61.64 -70.14 -68.60
C GLY RA 48 -61.97 -70.38 -70.07
N THR RA 49 -60.91 -70.42 -70.86
CA THR RA 49 -61.02 -70.54 -72.31
C THR RA 49 -59.93 -71.46 -72.83
N MET RA 50 -60.30 -72.38 -73.72
CA MET RA 50 -59.34 -73.21 -74.41
C MET RA 50 -58.86 -72.47 -75.66
N ARG RA 51 -57.55 -72.33 -75.80
CA ARG RA 51 -56.94 -71.72 -76.97
C ARG RA 51 -56.28 -72.81 -77.80
N GLY RA 52 -56.62 -72.86 -79.09
CA GLY RA 52 -55.98 -73.79 -79.99
C GLY RA 52 -55.31 -73.07 -81.14
N ASN RA 53 -54.00 -73.26 -81.30
CA ASN RA 53 -53.22 -72.57 -82.32
C ASN RA 53 -52.64 -73.58 -83.30
N MET RA 54 -52.82 -73.31 -84.58
CA MET RA 54 -52.27 -74.10 -85.68
C MET RA 54 -51.32 -73.20 -86.46
N ASN RA 55 -50.03 -73.51 -86.41
CA ASN RA 55 -48.99 -72.69 -87.02
C ASN RA 55 -48.43 -73.39 -88.24
N PHE RA 56 -48.43 -72.72 -89.38
CA PHE RA 56 -47.79 -73.20 -90.60
C PHE RA 56 -46.60 -72.32 -90.87
N ALA RA 57 -45.41 -72.92 -90.95
CA ALA RA 57 -44.18 -72.18 -91.22
C ALA RA 57 -43.50 -72.77 -92.44
N LYS RA 58 -43.14 -71.91 -93.39
CA LYS RA 58 -42.48 -72.34 -94.61
C LYS RA 58 -41.40 -71.34 -95.00
N SER RA 59 -40.26 -71.87 -95.43
CA SER RA 59 -39.16 -71.03 -95.92
C SER RA 59 -39.38 -70.71 -97.39
N PHE RA 60 -39.12 -69.46 -97.77
CA PHE RA 60 -39.32 -68.99 -99.12
C PHE RA 60 -38.11 -68.18 -99.57
N PRO RA 61 -37.75 -68.25 -100.85
CA PRO RA 61 -36.67 -67.38 -101.36
C PRO RA 61 -37.11 -65.93 -101.35
N ASN RA 62 -36.37 -65.10 -100.62
CA ASN RA 62 -36.59 -63.66 -100.56
C ASN RA 62 -35.33 -63.01 -101.10
N GLY RA 63 -35.35 -62.68 -102.40
CA GLY RA 63 -34.18 -62.16 -103.06
C GLY RA 63 -33.02 -63.12 -103.00
N ASP RA 64 -32.01 -62.77 -102.22
CA ASP RA 64 -30.86 -63.64 -102.01
C ASP RA 64 -31.00 -64.52 -100.77
N LYS RA 65 -31.75 -64.06 -99.77
CA LYS RA 65 -31.87 -64.76 -98.50
C LYS RA 65 -33.13 -65.62 -98.49
N LYS RA 66 -33.45 -66.15 -97.32
CA LYS RA 66 -34.69 -66.89 -97.12
C LYS RA 66 -35.52 -66.23 -96.03
N SER RA 67 -36.83 -66.15 -96.27
CA SER RA 67 -37.76 -65.55 -95.33
C SER RA 67 -38.77 -66.61 -94.88
N LEU RA 68 -39.24 -66.46 -93.65
CA LEU RA 68 -40.19 -67.38 -93.06
C LEU RA 68 -41.60 -66.83 -93.23
N VAL RA 69 -42.43 -67.54 -93.98
CA VAL RA 69 -43.84 -67.21 -94.10
C VAL RA 69 -44.61 -68.05 -93.10
N VAL RA 70 -45.42 -67.40 -92.27
CA VAL RA 70 -46.14 -68.03 -91.18
C VAL RA 70 -47.63 -67.73 -91.32
N VAL RA 71 -48.44 -68.77 -91.20
CA VAL RA 71 -49.90 -68.65 -91.17
C VAL RA 71 -50.38 -69.23 -89.85
N ASN RA 72 -51.12 -68.43 -89.09
CA ASN RA 72 -51.64 -68.86 -87.80
C ASN RA 72 -53.16 -68.98 -87.86
N LEU RA 73 -53.68 -70.08 -87.31
CA LEU RA 73 -55.12 -70.27 -87.14
C LEU RA 73 -55.38 -70.52 -85.66
N THR RA 74 -56.00 -69.54 -85.00
CA THR RA 74 -56.21 -69.60 -83.57
C THR RA 74 -57.71 -69.59 -83.26
N ALA RA 75 -58.13 -70.46 -82.35
CA ALA RA 75 -59.51 -70.53 -81.89
C ALA RA 75 -59.54 -70.36 -80.38
N HIS RA 76 -60.51 -69.56 -79.91
CA HIS RA 76 -60.72 -69.33 -78.48
C HIS RA 76 -62.13 -69.79 -78.13
N VAL RA 77 -62.23 -70.92 -77.43
CA VAL RA 77 -63.51 -71.52 -77.09
C VAL RA 77 -63.69 -71.45 -75.57
N PRO RA 78 -64.65 -70.68 -75.07
CA PRO RA 78 -64.88 -70.64 -73.62
C PRO RA 78 -65.49 -71.95 -73.12
N VAL RA 79 -65.12 -72.33 -71.90
CA VAL RA 79 -65.67 -73.52 -71.28
C VAL RA 79 -67.16 -73.33 -71.01
N GLY RA 80 -67.94 -74.35 -71.33
CA GLY RA 80 -69.38 -74.33 -71.15
C GLY RA 80 -70.17 -74.26 -72.44
N VAL RA 81 -69.49 -74.04 -73.56
CA VAL RA 81 -70.16 -73.96 -74.85
C VAL RA 81 -70.29 -75.36 -75.44
N ASP RA 82 -71.37 -75.59 -76.19
CA ASP RA 82 -71.55 -76.86 -76.87
C ASP RA 82 -70.50 -77.04 -77.95
N ALA RA 83 -69.76 -78.14 -77.88
CA ALA RA 83 -68.68 -78.37 -78.82
C ALA RA 83 -69.21 -78.71 -80.21
N THR RA 84 -70.33 -79.43 -80.30
CA THR RA 84 -70.91 -79.76 -81.59
C THR RA 84 -71.37 -78.52 -82.33
N ALA RA 85 -71.99 -77.57 -81.60
CA ALA RA 85 -72.42 -76.33 -82.23
C ALA RA 85 -71.23 -75.54 -82.76
N VAL RA 86 -70.13 -75.49 -81.99
CA VAL RA 86 -68.95 -74.77 -82.43
C VAL RA 86 -68.34 -75.44 -83.66
N ARG RA 87 -68.30 -76.78 -83.67
CA ARG RA 87 -67.77 -77.49 -84.83
C ARG RA 87 -68.62 -77.24 -86.06
N THR RA 88 -69.94 -77.25 -85.91
CA THR RA 88 -70.83 -76.98 -87.04
C THR RA 88 -70.64 -75.57 -87.56
N TRP RA 89 -70.52 -74.59 -86.66
CA TRP RA 89 -70.29 -73.21 -87.08
C TRP RA 89 -68.95 -73.07 -87.80
N MET RA 90 -67.90 -73.71 -87.28
CA MET RA 90 -66.59 -73.62 -87.91
C MET RA 90 -66.59 -74.28 -89.28
N THR RA 91 -67.28 -75.41 -89.43
CA THR RA 91 -67.32 -76.10 -90.71
C THR RA 91 -68.13 -75.32 -91.74
N SER RA 92 -69.31 -74.82 -91.36
CA SER RA 92 -70.21 -74.21 -92.32
C SER RA 92 -69.92 -72.74 -92.59
N GLU RA 93 -69.34 -72.03 -91.63
CA GLU RA 93 -69.20 -70.58 -91.76
C GLU RA 93 -67.77 -70.08 -91.73
N VAL RA 94 -66.91 -70.67 -90.90
CA VAL RA 94 -65.54 -70.18 -90.78
C VAL RA 94 -64.67 -70.74 -91.90
N PHE RA 95 -64.75 -72.04 -92.14
CA PHE RA 95 -63.87 -72.68 -93.11
C PHE RA 95 -64.05 -72.17 -94.53
N PRO RA 96 -65.26 -72.05 -95.08
CA PRO RA 96 -65.38 -71.54 -96.46
C PRO RA 96 -64.84 -70.12 -96.62
N GLY RA 97 -65.03 -69.26 -95.63
CA GLY RA 97 -64.52 -67.91 -95.74
C GLY RA 97 -63.04 -67.78 -95.50
N ALA RA 98 -62.47 -68.66 -94.67
CA ALA RA 98 -61.04 -68.59 -94.37
C ALA RA 98 -60.18 -69.09 -95.53
N THR RA 99 -60.71 -69.96 -96.39
CA THR RA 99 -59.97 -70.50 -97.52
C THR RA 99 -60.49 -69.97 -98.85
N SER RA 100 -60.95 -68.72 -98.86
CA SER RA 100 -61.47 -68.09 -100.06
C SER RA 100 -60.41 -67.15 -100.64
N SER RA 101 -60.76 -66.49 -101.75
CA SER RA 101 -59.86 -65.51 -102.35
C SER RA 101 -59.66 -64.29 -101.46
N VAL RA 102 -60.56 -64.08 -100.49
CA VAL RA 102 -60.42 -62.95 -99.57
C VAL RA 102 -59.15 -63.09 -98.75
N THR RA 103 -58.87 -64.31 -98.27
CA THR RA 103 -57.66 -64.53 -97.48
C THR RA 103 -56.40 -64.24 -98.29
N LEU RA 104 -56.36 -64.75 -99.53
CA LEU RA 104 -55.19 -64.52 -100.37
C LEU RA 104 -55.01 -63.05 -100.71
N ASP RA 105 -56.11 -62.36 -101.03
CA ASP RA 105 -56.04 -60.94 -101.35
C ASP RA 105 -55.59 -60.12 -100.14
N LEU RA 106 -56.09 -60.46 -98.96
CA LEU RA 106 -55.64 -59.77 -97.75
C LEU RA 106 -54.17 -60.05 -97.47
N ALA RA 107 -53.71 -61.28 -97.70
CA ALA RA 107 -52.33 -61.63 -97.40
C ALA RA 107 -51.36 -60.93 -98.35
N THR RA 108 -51.62 -60.99 -99.65
CA THR RA 108 -50.65 -60.51 -100.63
C THR RA 108 -50.96 -59.11 -101.16
N LYS RA 109 -52.04 -58.48 -100.73
CA LYS RA 109 -52.36 -57.14 -101.21
C LYS RA 109 -52.86 -56.19 -100.13
N GLY RA 110 -53.12 -56.66 -98.92
CA GLY RA 110 -53.70 -55.81 -97.89
C GLY RA 110 -55.10 -55.33 -98.21
N VAL RA 111 -55.91 -56.16 -98.86
CA VAL RA 111 -57.27 -55.77 -99.20
C VAL RA 111 -58.18 -56.07 -98.03
N ILE RA 112 -58.79 -55.03 -97.47
CA ILE RA 112 -59.74 -55.19 -96.37
C ILE RA 112 -61.15 -54.76 -96.76
N HIS RA 113 -61.32 -54.05 -97.87
CA HIS RA 113 -62.63 -53.65 -98.37
C HIS RA 113 -63.09 -54.65 -99.41
N LEU RA 114 -64.21 -55.31 -99.15
CA LEU RA 114 -64.72 -56.35 -100.02
C LEU RA 114 -65.58 -55.75 -101.13
N SER RA 115 -65.64 -56.45 -102.25
CA SER RA 115 -66.43 -56.02 -103.40
C SER RA 115 -66.81 -57.24 -104.23
N ASP RA 116 -67.94 -57.14 -104.93
CA ASP RA 116 -68.96 -56.11 -104.84
C ASP RA 116 -70.35 -56.73 -104.89
N ALA RA 117 -70.39 -58.00 -105.29
CA ALA RA 117 -71.66 -58.72 -105.45
C ALA RA 117 -71.79 -59.82 -104.41
N LEU SA 1 -2.57 -103.41 -90.83
CA LEU SA 1 -3.36 -102.62 -89.90
C LEU SA 1 -4.71 -102.26 -90.50
N SER SA 2 -5.77 -102.86 -89.96
CA SER SA 2 -7.11 -102.66 -90.45
C SER SA 2 -8.07 -102.34 -89.31
N ILE SA 3 -8.95 -101.37 -89.54
CA ILE SA 3 -10.07 -101.09 -88.64
C ILE SA 3 -11.33 -101.22 -89.49
N GLY SA 4 -11.92 -102.41 -89.50
CA GLY SA 4 -13.00 -102.70 -90.41
C GLY SA 4 -12.48 -103.06 -91.79
N THR SA 5 -12.89 -102.31 -92.81
CA THR SA 5 -12.37 -102.47 -94.16
C THR SA 5 -11.34 -101.41 -94.51
N LYS SA 6 -10.93 -100.60 -93.54
CA LYS SA 6 -10.03 -99.47 -93.77
C LYS SA 6 -8.60 -99.87 -93.45
N ASN SA 7 -7.68 -99.55 -94.35
CA ASN SA 7 -6.25 -99.71 -94.09
C ASN SA 7 -5.71 -98.42 -93.47
N VAL SA 8 -5.23 -98.53 -92.23
CA VAL SA 8 -4.74 -97.38 -91.49
C VAL SA 8 -3.27 -97.59 -91.14
N SER SA 9 -2.62 -96.50 -90.78
CA SER SA 9 -1.25 -96.52 -90.30
C SER SA 9 -1.16 -95.70 -89.02
N ILE SA 10 -0.19 -96.05 -88.16
CA ILE SA 10 0.00 -95.30 -86.94
C ILE SA 10 0.40 -93.88 -87.27
N TYR SA 11 -0.33 -92.92 -86.73
CA TYR SA 11 -0.07 -91.50 -86.96
C TYR SA 11 0.38 -90.79 -85.69
N ARG SA 12 -0.23 -91.08 -84.55
CA ARG SA 12 0.20 -90.52 -83.28
C ARG SA 12 0.08 -91.59 -82.21
N ASN SA 13 1.13 -91.74 -81.40
CA ASN SA 13 1.17 -92.77 -80.38
C ASN SA 13 1.40 -92.09 -79.03
N THR SA 14 0.40 -92.17 -78.16
CA THR SA 14 0.44 -91.59 -76.83
C THR SA 14 0.11 -92.70 -75.83
N ALA SA 15 0.33 -92.41 -74.54
CA ALA SA 15 0.16 -93.43 -73.50
C ALA SA 15 -1.25 -94.02 -73.52
N ASP SA 16 -2.28 -93.17 -73.68
CA ASP SA 16 -3.65 -93.64 -73.56
C ASP SA 16 -4.47 -93.37 -74.82
N GLU SA 17 -3.83 -92.98 -75.92
CA GLU SA 17 -4.57 -92.75 -77.15
C GLU SA 17 -3.64 -92.95 -78.34
N VAL SA 18 -4.11 -93.68 -79.33
CA VAL SA 18 -3.40 -93.88 -80.59
C VAL SA 18 -4.29 -93.40 -81.72
N ILE SA 19 -3.79 -92.47 -82.52
CA ILE SA 19 -4.50 -91.96 -83.69
C ILE SA 19 -3.92 -92.65 -84.93
N TYR SA 20 -4.79 -93.30 -85.70
CA TYR SA 20 -4.45 -93.91 -86.97
C TYR SA 20 -5.05 -93.08 -88.09
N ALA SA 21 -4.32 -93.00 -89.20
CA ALA SA 21 -4.71 -92.18 -90.34
C ALA SA 21 -5.08 -93.07 -91.52
N GLY SA 22 -6.17 -92.71 -92.21
CA GLY SA 22 -6.59 -93.43 -93.38
C GLY SA 22 -5.83 -92.99 -94.62
N PRO SA 23 -6.18 -93.58 -95.77
CA PRO SA 23 -5.46 -93.22 -97.00
C PRO SA 23 -5.65 -91.77 -97.42
N ALA SA 24 -6.73 -91.12 -96.98
CA ALA SA 24 -7.04 -89.76 -97.41
C ALA SA 24 -6.63 -88.71 -96.38
N HIS SA 25 -5.83 -89.08 -95.40
CA HIS SA 25 -5.39 -88.13 -94.37
C HIS SA 25 -4.10 -87.46 -94.79
N ASP SA 26 -4.02 -86.15 -94.58
CA ASP SA 26 -2.83 -85.38 -94.90
C ASP SA 26 -2.87 -84.11 -94.05
N VAL SA 27 -2.03 -83.13 -94.41
CA VAL SA 27 -1.94 -81.89 -93.63
C VAL SA 27 -3.22 -81.07 -93.70
N THR SA 28 -3.91 -81.04 -94.85
CA THR SA 28 -5.09 -80.21 -95.02
C THR SA 28 -6.41 -80.95 -94.91
N ASN SA 29 -6.42 -82.29 -94.98
CA ASN SA 29 -7.64 -83.07 -94.85
C ASN SA 29 -7.53 -83.99 -93.65
N VAL SA 30 -8.67 -84.26 -93.02
CA VAL SA 30 -8.75 -85.11 -91.84
C VAL SA 30 -9.47 -86.39 -92.21
N ASP SA 31 -8.82 -87.53 -91.98
CA ASP SA 31 -9.43 -88.85 -92.10
C ASP SA 31 -8.72 -89.71 -91.07
N THR SA 32 -9.29 -89.79 -89.87
CA THR SA 32 -8.60 -90.42 -88.75
C THR SA 32 -9.55 -91.29 -87.93
N VAL SA 33 -8.98 -92.33 -87.33
CA VAL SA 33 -9.64 -93.14 -86.31
C VAL SA 33 -8.75 -93.16 -85.08
N SER SA 34 -9.28 -92.69 -83.96
CA SER SA 34 -8.53 -92.57 -82.71
C SER SA 34 -9.08 -93.56 -81.69
N LEU SA 35 -8.20 -94.38 -81.13
CA LEU SA 35 -8.55 -95.25 -80.02
C LEU SA 35 -8.05 -94.61 -78.73
N ARG SA 36 -8.97 -94.41 -77.78
CA ARG SA 36 -8.64 -93.78 -76.51
C ARG SA 36 -9.15 -94.66 -75.38
N ARG SA 37 -8.45 -94.60 -74.25
CA ARG SA 37 -8.81 -95.45 -73.12
C ARG SA 37 -8.60 -94.69 -71.83
N SER SA 38 -9.40 -95.05 -70.83
CA SER SA 38 -9.23 -94.61 -69.45
C SER SA 38 -9.26 -95.86 -68.59
N LEU SA 39 -8.11 -96.21 -68.03
CA LEU SA 39 -7.96 -97.44 -67.27
C LEU SA 39 -8.61 -97.33 -65.91
N PRO SA 40 -9.02 -98.45 -65.33
CA PRO SA 40 -9.68 -98.41 -64.01
C PRO SA 40 -8.78 -97.84 -62.94
N VAL SA 41 -9.37 -97.09 -62.03
CA VAL SA 41 -8.67 -96.52 -60.88
C VAL SA 41 -9.25 -97.16 -59.63
N LYS SA 42 -8.39 -97.83 -58.85
CA LYS SA 42 -8.82 -98.53 -57.64
C LYS SA 42 -9.06 -97.49 -56.54
N LYS SA 43 -10.15 -96.75 -56.70
CA LYS SA 43 -10.49 -95.68 -55.78
C LYS SA 43 -11.35 -96.23 -54.65
N GLY SA 44 -10.82 -96.22 -53.43
CA GLY SA 44 -11.54 -96.75 -52.29
C GLY SA 44 -11.85 -98.22 -52.48
N SER SA 45 -13.10 -98.59 -52.20
CA SER SA 45 -13.56 -99.95 -52.40
C SER SA 45 -14.02 -100.23 -53.83
N ASP SA 46 -14.38 -99.20 -54.58
CA ASP SA 46 -14.76 -99.38 -55.97
C ASP SA 46 -13.55 -99.77 -56.81
N ASN SA 47 -13.71 -100.83 -57.59
CA ASN SA 47 -12.62 -101.27 -58.47
C ASN SA 47 -12.45 -100.36 -59.68
N GLY SA 48 -13.37 -99.44 -59.91
CA GLY SA 48 -13.23 -98.51 -61.02
C GLY SA 48 -14.03 -98.92 -62.24
N THR SA 49 -13.83 -98.16 -63.30
CA THR SA 49 -14.50 -98.39 -64.57
C THR SA 49 -13.50 -98.29 -65.69
N MET SA 50 -13.60 -99.19 -66.67
CA MET SA 50 -12.78 -99.13 -67.86
C MET SA 50 -13.56 -98.37 -68.94
N ARG SA 51 -12.95 -97.33 -69.50
CA ARG SA 51 -13.60 -96.48 -70.47
C ARG SA 51 -12.88 -96.64 -71.81
N GLY SA 52 -13.64 -96.95 -72.85
CA GLY SA 52 -13.08 -97.07 -74.20
C GLY SA 52 -13.77 -96.09 -75.13
N ASN SA 53 -12.99 -95.51 -76.04
CA ASN SA 53 -13.51 -94.54 -76.99
C ASN SA 53 -12.93 -94.81 -78.38
N MET SA 54 -13.81 -94.93 -79.37
CA MET SA 54 -13.43 -94.98 -80.77
C MET SA 54 -13.95 -93.72 -81.44
N ASN SA 55 -13.05 -92.94 -82.01
CA ASN SA 55 -13.37 -91.66 -82.63
C ASN SA 55 -13.11 -91.73 -84.13
N PHE SA 56 -14.10 -91.36 -84.92
CA PHE SA 56 -13.96 -91.29 -86.37
C PHE SA 56 -14.09 -89.83 -86.78
N ALA SA 57 -13.09 -89.30 -87.49
CA ALA SA 57 -13.10 -87.91 -87.91
C ALA SA 57 -12.86 -87.85 -89.41
N LYS SA 58 -13.69 -87.11 -90.12
CA LYS SA 58 -13.53 -86.95 -91.56
C LYS SA 58 -13.85 -85.52 -91.97
N SER SA 59 -13.11 -85.04 -92.95
CA SER SA 59 -13.36 -83.73 -93.52
C SER SA 59 -14.31 -83.84 -94.71
N PHE SA 60 -15.22 -82.86 -94.82
CA PHE SA 60 -16.26 -82.86 -95.83
C PHE SA 60 -16.39 -81.46 -96.41
N PRO SA 61 -16.75 -81.34 -97.69
CA PRO SA 61 -17.03 -80.01 -98.25
C PRO SA 61 -18.25 -79.39 -97.59
N ASN SA 62 -18.11 -78.14 -97.14
CA ASN SA 62 -19.18 -77.39 -96.49
C ASN SA 62 -19.22 -76.02 -97.16
N GLY SA 63 -20.05 -75.90 -98.19
CA GLY SA 63 -20.12 -74.67 -98.95
C GLY SA 63 -18.77 -74.30 -99.55
N ASP SA 64 -18.14 -73.28 -98.99
CA ASP SA 64 -16.81 -72.89 -99.43
C ASP SA 64 -15.72 -73.61 -98.65
N LYS SA 65 -15.93 -73.81 -97.35
CA LYS SA 65 -14.89 -74.34 -96.48
C LYS SA 65 -15.01 -75.85 -96.36
N LYS SA 66 -14.29 -76.44 -95.41
CA LYS SA 66 -14.35 -77.86 -95.14
C LYS SA 66 -14.64 -78.07 -93.66
N SER SA 67 -15.68 -78.84 -93.37
CA SER SA 67 -16.14 -79.07 -92.00
C SER SA 67 -15.80 -80.50 -91.56
N LEU SA 68 -15.69 -80.67 -90.24
CA LEU SA 68 -15.28 -81.94 -89.67
C LEU SA 68 -16.50 -82.68 -89.11
N VAL SA 69 -16.76 -83.87 -89.63
CA VAL SA 69 -17.79 -84.76 -89.13
C VAL SA 69 -17.12 -85.78 -88.23
N VAL SA 70 -17.64 -85.93 -87.01
CA VAL SA 70 -17.05 -86.79 -85.99
C VAL SA 70 -18.11 -87.76 -85.48
N VAL SA 71 -17.78 -89.04 -85.43
CA VAL SA 71 -18.62 -90.07 -84.86
C VAL SA 71 -17.87 -90.69 -83.68
N ASN SA 72 -18.50 -90.67 -82.51
CA ASN SA 72 -17.91 -91.23 -81.30
C ASN SA 72 -18.60 -92.53 -80.92
N LEU SA 73 -17.84 -93.43 -80.31
CA LEU SA 73 -18.39 -94.67 -79.76
C LEU SA 73 -17.68 -94.92 -78.44
N THR SA 74 -18.37 -94.70 -77.34
CA THR SA 74 -17.79 -94.82 -76.02
C THR SA 74 -18.47 -95.93 -75.24
N ALA SA 75 -17.67 -96.79 -74.63
CA ALA SA 75 -18.16 -97.89 -73.81
C ALA SA 75 -17.62 -97.75 -72.39
N HIS SA 76 -18.50 -97.96 -71.42
CA HIS SA 76 -18.17 -97.87 -70.00
C HIS SA 76 -18.42 -99.23 -69.38
N VAL SA 77 -17.37 -99.91 -68.93
CA VAL SA 77 -17.53 -101.23 -68.34
C VAL SA 77 -17.01 -101.22 -66.92
N PRO SA 78 -17.86 -101.38 -65.92
CA PRO SA 78 -17.37 -101.45 -64.53
C PRO SA 78 -16.53 -102.69 -64.30
N VAL SA 79 -15.52 -102.56 -63.44
CA VAL SA 79 -14.64 -103.67 -63.15
C VAL SA 79 -15.36 -104.71 -62.31
N GLY SA 80 -15.22 -105.98 -62.68
CA GLY SA 80 -15.88 -107.08 -62.02
C GLY SA 80 -17.01 -107.67 -62.84
N VAL SA 81 -17.61 -106.88 -63.74
CA VAL SA 81 -18.61 -107.40 -64.65
C VAL SA 81 -17.96 -108.39 -65.60
N ASP SA 82 -18.62 -109.53 -65.80
CA ASP SA 82 -18.08 -110.55 -66.69
C ASP SA 82 -17.94 -110.01 -68.11
N ALA SA 83 -16.76 -110.21 -68.69
CA ALA SA 83 -16.47 -109.61 -69.99
C ALA SA 83 -17.22 -110.31 -71.12
N THR SA 84 -17.38 -111.63 -71.02
CA THR SA 84 -18.04 -112.37 -72.09
C THR SA 84 -19.50 -111.95 -72.25
N ALA SA 85 -20.20 -111.72 -71.13
CA ALA SA 85 -21.57 -111.26 -71.19
C ALA SA 85 -21.66 -109.89 -71.85
N VAL SA 86 -20.74 -108.98 -71.52
CA VAL SA 86 -20.73 -107.66 -72.15
C VAL SA 86 -20.48 -107.80 -73.65
N ARG SA 87 -19.54 -108.67 -74.03
CA ARG SA 87 -19.22 -108.82 -75.44
C ARG SA 87 -20.39 -109.41 -76.24
N THR SA 88 -21.08 -110.40 -75.68
CA THR SA 88 -22.22 -110.96 -76.40
C THR SA 88 -23.39 -109.99 -76.44
N TRP SA 89 -23.57 -109.19 -75.38
CA TRP SA 89 -24.58 -108.13 -75.42
C TRP SA 89 -24.27 -107.11 -76.49
N MET SA 90 -22.99 -106.72 -76.60
CA MET SA 90 -22.58 -105.75 -77.60
C MET SA 90 -22.78 -106.30 -79.01
N THR SA 91 -22.40 -107.55 -79.22
CA THR SA 91 -22.50 -108.15 -80.55
C THR SA 91 -23.95 -108.37 -80.95
N SER SA 92 -24.80 -108.78 -80.02
CA SER SA 92 -26.18 -109.14 -80.35
C SER SA 92 -27.16 -108.00 -80.20
N GLU SA 93 -26.97 -107.11 -79.23
CA GLU SA 93 -27.97 -106.08 -78.95
C GLU SA 93 -27.51 -104.67 -79.29
N VAL SA 94 -26.23 -104.35 -79.14
CA VAL SA 94 -25.77 -102.99 -79.33
C VAL SA 94 -25.39 -102.73 -80.78
N PHE SA 95 -24.57 -103.60 -81.36
CA PHE SA 95 -24.05 -103.42 -82.71
C PHE SA 95 -25.13 -103.42 -83.78
N PRO SA 96 -26.07 -104.38 -83.79
CA PRO SA 96 -27.12 -104.34 -84.84
C PRO SA 96 -27.97 -103.08 -84.79
N GLY SA 97 -28.24 -102.55 -83.61
CA GLY SA 97 -29.03 -101.33 -83.52
C GLY SA 97 -28.23 -100.07 -83.76
N ALA SA 98 -26.93 -100.11 -83.50
CA ALA SA 98 -26.08 -98.94 -83.66
C ALA SA 98 -25.67 -98.71 -85.11
N THR SA 99 -25.92 -99.65 -86.01
CA THR SA 99 -25.56 -99.52 -87.41
C THR SA 99 -26.77 -99.56 -88.33
N SER SA 100 -27.96 -99.37 -87.78
CA SER SA 100 -29.19 -99.41 -88.55
C SER SA 100 -29.46 -98.03 -89.16
N SER SA 101 -30.59 -97.91 -89.85
CA SER SA 101 -31.00 -96.61 -90.39
C SER SA 101 -31.37 -95.62 -89.30
N VAL SA 102 -31.65 -96.11 -88.09
CA VAL SA 102 -31.98 -95.21 -86.98
C VAL SA 102 -30.81 -94.28 -86.68
N THR SA 103 -29.59 -94.83 -86.67
CA THR SA 103 -28.42 -94.01 -86.43
C THR SA 103 -28.24 -92.97 -87.53
N LEU SA 104 -28.46 -93.35 -88.79
CA LEU SA 104 -28.32 -92.41 -89.89
C LEU SA 104 -29.33 -91.28 -89.78
N ASP SA 105 -30.60 -91.61 -89.49
CA ASP SA 105 -31.61 -90.57 -89.35
C ASP SA 105 -31.32 -89.67 -88.16
N LEU SA 106 -30.88 -90.25 -87.04
CA LEU SA 106 -30.55 -89.45 -85.87
C LEU SA 106 -29.38 -88.50 -86.13
N ALA SA 107 -28.36 -88.97 -86.86
CA ALA SA 107 -27.19 -88.14 -87.12
C ALA SA 107 -27.48 -87.05 -88.15
N THR SA 108 -28.23 -87.37 -89.20
CA THR SA 108 -28.44 -86.41 -90.28
C THR SA 108 -29.68 -85.55 -90.08
N LYS SA 109 -30.70 -86.04 -89.39
CA LYS SA 109 -31.95 -85.31 -89.23
C LYS SA 109 -32.40 -85.16 -87.79
N GLY SA 110 -31.73 -85.77 -86.82
CA GLY SA 110 -32.15 -85.68 -85.44
C GLY SA 110 -33.43 -86.40 -85.10
N VAL SA 111 -33.73 -87.50 -85.81
CA VAL SA 111 -34.96 -88.23 -85.59
C VAL SA 111 -34.81 -89.10 -84.34
N ILE SA 112 -35.71 -88.91 -83.39
CA ILE SA 112 -35.69 -89.65 -82.13
C ILE SA 112 -36.92 -90.52 -81.94
N HIS SA 113 -37.86 -90.51 -82.89
CA HIS SA 113 -39.06 -91.33 -82.84
C HIS SA 113 -38.99 -92.35 -83.98
N LEU SA 114 -38.82 -93.63 -83.63
CA LEU SA 114 -38.69 -94.67 -84.65
C LEU SA 114 -40.01 -95.40 -84.82
N SER SA 115 -40.95 -94.72 -85.47
CA SER SA 115 -42.26 -95.30 -85.78
C SER SA 115 -42.20 -96.06 -87.09
N ASP SA 116 -42.95 -97.16 -87.16
CA ASP SA 116 -43.71 -97.75 -86.06
C ASP SA 116 -43.49 -99.25 -86.01
N ALA SA 117 -43.10 -99.82 -87.14
CA ALA SA 117 -42.88 -101.26 -87.24
C ALA SA 117 -41.54 -101.65 -86.61
N LEU TA 1 83.54 -71.08 -82.68
CA LEU TA 1 83.14 -71.02 -81.28
C LEU TA 1 82.87 -72.41 -80.73
N SER TA 2 83.56 -72.76 -79.65
CA SER TA 2 83.40 -74.07 -79.03
C SER TA 2 83.47 -73.92 -77.52
N ILE TA 3 82.74 -74.79 -76.83
CA ILE TA 3 82.75 -74.88 -75.37
C ILE TA 3 83.04 -76.34 -75.05
N GLY TA 4 84.29 -76.65 -74.72
CA GLY TA 4 84.69 -78.03 -74.63
C GLY TA 4 84.76 -78.66 -76.00
N THR TA 5 83.91 -79.66 -76.26
CA THR TA 5 83.85 -80.31 -77.56
C THR TA 5 82.57 -79.98 -78.33
N LYS TA 6 81.77 -79.03 -77.85
CA LYS TA 6 80.51 -78.67 -78.46
C LYS TA 6 80.62 -77.34 -79.18
N ASN TA 7 80.10 -77.29 -80.41
CA ASN TA 7 80.08 -76.06 -81.19
C ASN TA 7 78.86 -75.23 -80.80
N VAL TA 8 79.08 -73.94 -80.58
CA VAL TA 8 78.02 -73.03 -80.15
C VAL TA 8 78.07 -71.77 -81.00
N SER TA 9 77.01 -70.98 -80.89
CA SER TA 9 76.92 -69.69 -81.57
C SER TA 9 76.38 -68.68 -80.57
N ILE TA 10 76.78 -67.41 -80.72
CA ILE TA 10 76.26 -66.36 -79.87
C ILE TA 10 74.75 -66.26 -80.08
N TYR TA 11 73.99 -66.36 -79.01
CA TYR TA 11 72.54 -66.28 -79.06
C TYR TA 11 71.99 -65.02 -78.42
N ARG TA 12 72.45 -64.67 -77.22
CA ARG TA 12 72.01 -63.46 -76.55
C ARG TA 12 73.20 -62.76 -75.92
N ASN TA 13 73.27 -61.44 -76.08
CA ASN TA 13 74.40 -60.66 -75.58
C ASN TA 13 73.87 -59.57 -74.67
N THR TA 14 74.35 -59.54 -73.43
CA THR TA 14 74.08 -58.44 -72.52
C THR TA 14 75.40 -57.92 -71.96
N ALA TA 15 75.32 -56.94 -71.04
CA ALA TA 15 76.55 -56.33 -70.53
C ALA TA 15 77.40 -57.32 -69.76
N ASP TA 16 76.77 -58.17 -68.93
CA ASP TA 16 77.50 -59.08 -68.07
C ASP TA 16 77.10 -60.55 -68.28
N GLU TA 17 76.38 -60.86 -69.35
CA GLU TA 17 76.00 -62.24 -69.60
C GLU TA 17 75.89 -62.47 -71.10
N VAL TA 18 76.47 -63.58 -71.56
CA VAL TA 18 76.34 -64.03 -72.94
C VAL TA 18 75.80 -65.45 -72.94
N ILE TA 19 74.70 -65.66 -73.66
CA ILE TA 19 74.11 -66.98 -73.85
C ILE TA 19 74.48 -67.48 -75.23
N TYR TA 20 75.04 -68.70 -75.30
CA TYR TA 20 75.36 -69.39 -76.53
C TYR TA 20 74.41 -70.55 -76.72
N ALA TA 21 74.04 -70.81 -77.96
CA ALA TA 21 73.07 -71.85 -78.31
C ALA TA 21 73.79 -73.04 -78.94
N GLY TA 22 73.43 -74.23 -78.51
CA GLY TA 22 73.98 -75.45 -79.06
C GLY TA 22 73.29 -75.85 -80.35
N PRO TA 23 73.77 -76.93 -80.97
CA PRO TA 23 73.19 -77.35 -82.26
C PRO TA 23 71.74 -77.79 -82.17
N ALA TA 24 71.25 -78.18 -80.99
CA ALA TA 24 69.90 -78.68 -80.82
C ALA TA 24 68.93 -77.62 -80.31
N HIS TA 25 69.37 -76.37 -80.19
CA HIS TA 25 68.52 -75.32 -79.66
C HIS TA 25 67.60 -74.77 -80.74
N ASP TA 26 66.31 -74.77 -80.46
CA ASP TA 26 65.31 -74.16 -81.35
C ASP TA 26 64.14 -73.69 -80.49
N VAL TA 27 63.00 -73.43 -81.13
CA VAL TA 27 61.82 -72.91 -80.46
C VAL TA 27 61.29 -73.94 -79.45
N THR TA 28 61.50 -75.22 -79.73
CA THR TA 28 60.94 -76.29 -78.90
C THR TA 28 61.94 -76.89 -77.93
N ASN TA 29 63.21 -76.98 -78.30
CA ASN TA 29 64.22 -77.66 -77.49
C ASN TA 29 65.24 -76.65 -76.99
N VAL TA 30 65.62 -76.77 -75.73
CA VAL TA 30 66.62 -75.89 -75.13
C VAL TA 30 67.96 -76.61 -75.10
N ASP TA 31 68.99 -75.95 -75.62
CA ASP TA 31 70.37 -76.43 -75.53
C ASP TA 31 71.24 -75.17 -75.46
N THR TA 32 71.55 -74.73 -74.25
CA THR TA 32 72.22 -73.45 -74.08
C THR TA 32 73.32 -73.53 -73.05
N VAL TA 33 74.34 -72.70 -73.24
CA VAL TA 33 75.40 -72.48 -72.25
C VAL TA 33 75.53 -70.97 -72.05
N SER TA 34 75.40 -70.53 -70.81
CA SER TA 34 75.46 -69.12 -70.47
C SER TA 34 76.71 -68.82 -69.65
N LEU TA 35 77.35 -67.70 -69.96
CA LEU TA 35 78.51 -67.21 -69.21
C LEU TA 35 78.13 -65.87 -68.60
N ARG TA 36 78.20 -65.78 -67.27
CA ARG TA 36 77.82 -64.58 -66.55
C ARG TA 36 78.95 -64.16 -65.61
N ARG TA 37 79.14 -62.86 -65.48
CA ARG TA 37 80.16 -62.32 -64.60
C ARG TA 37 79.55 -61.29 -63.66
N SER TA 38 80.04 -61.30 -62.42
CA SER TA 38 79.76 -60.28 -61.42
C SER TA 38 81.11 -59.69 -61.05
N LEU TA 39 81.40 -58.51 -61.58
CA LEU TA 39 82.69 -57.88 -61.36
C LEU TA 39 82.78 -57.35 -59.93
N PRO TA 40 83.99 -57.31 -59.36
CA PRO TA 40 84.13 -56.86 -57.98
C PRO TA 40 83.72 -55.40 -57.83
N VAL TA 41 83.09 -55.11 -56.70
CA VAL TA 41 82.74 -53.74 -56.30
C VAL TA 41 83.59 -53.43 -55.09
N LYS TA 42 84.64 -52.63 -55.29
CA LYS TA 42 85.61 -52.34 -54.24
C LYS TA 42 85.07 -51.21 -53.36
N LYS TA 43 83.98 -51.52 -52.66
CA LYS TA 43 83.35 -50.60 -51.73
C LYS TA 43 84.17 -50.50 -50.45
N GLY TA 44 84.12 -49.32 -49.84
CA GLY TA 44 84.87 -49.05 -48.62
C GLY TA 44 86.33 -49.41 -48.72
N SER TA 45 86.76 -50.40 -47.95
CA SER TA 45 88.11 -50.92 -48.01
C SER TA 45 88.22 -52.29 -48.66
N ASP TA 46 87.17 -53.11 -48.56
CA ASP TA 46 87.19 -54.43 -49.18
C ASP TA 46 87.21 -54.29 -50.70
N ASN TA 47 88.04 -55.11 -51.35
CA ASN TA 47 88.20 -55.03 -52.79
C ASN TA 47 87.18 -55.85 -53.56
N GLY TA 48 86.24 -56.49 -52.87
CA GLY TA 48 85.17 -57.20 -53.53
C GLY TA 48 85.56 -58.59 -54.01
N THR TA 49 84.61 -59.23 -54.69
CA THR TA 49 84.76 -60.59 -55.17
C THR TA 49 84.39 -60.67 -56.64
N MET TA 50 85.18 -61.40 -57.41
CA MET TA 50 84.85 -61.72 -58.79
C MET TA 50 84.04 -63.01 -58.81
N ARG TA 51 82.85 -62.96 -59.39
CA ARG TA 51 81.95 -64.11 -59.44
C ARG TA 51 81.77 -64.54 -60.89
N GLY TA 52 82.17 -65.77 -61.19
CA GLY TA 52 81.99 -66.29 -62.54
C GLY TA 52 81.04 -67.46 -62.58
N ASN TA 53 79.94 -67.34 -63.32
CA ASN TA 53 78.90 -68.36 -63.36
C ASN TA 53 78.80 -68.95 -64.76
N MET TA 54 78.81 -70.27 -64.84
CA MET TA 54 78.66 -71.00 -66.09
C MET TA 54 77.43 -71.88 -65.99
N ASN TA 55 76.50 -71.71 -66.93
CA ASN TA 55 75.17 -72.31 -66.89
C ASN TA 55 75.02 -73.26 -68.07
N PHE TA 56 74.53 -74.47 -67.80
CA PHE TA 56 74.20 -75.43 -68.85
C PHE TA 56 72.73 -75.78 -68.73
N ALA TA 57 71.98 -75.59 -69.81
CA ALA TA 57 70.55 -75.82 -69.81
C ALA TA 57 70.17 -76.75 -70.95
N LYS TA 58 69.40 -77.78 -70.62
CA LYS TA 58 68.99 -78.77 -71.62
C LYS TA 58 67.57 -79.23 -71.32
N SER TA 59 66.73 -79.27 -72.35
CA SER TA 59 65.39 -79.81 -72.19
C SER TA 59 65.40 -81.33 -72.36
N PHE TA 60 64.59 -81.99 -71.53
CA PHE TA 60 64.50 -83.44 -71.50
C PHE TA 60 63.03 -83.85 -71.51
N PRO TA 61 62.70 -85.01 -72.08
CA PRO TA 61 61.32 -85.51 -71.99
C PRO TA 61 60.97 -85.86 -70.55
N ASN TA 62 59.76 -85.50 -70.14
CA ASN TA 62 59.26 -85.78 -68.79
C ASN TA 62 57.78 -86.09 -68.96
N GLY TA 63 57.46 -87.37 -69.06
CA GLY TA 63 56.10 -87.77 -69.36
C GLY TA 63 55.70 -87.19 -70.71
N ASP TA 64 54.57 -86.49 -70.73
CA ASP TA 64 54.11 -85.81 -71.93
C ASP TA 64 54.73 -84.44 -72.12
N LYS TA 65 55.36 -83.87 -71.09
CA LYS TA 65 55.87 -82.52 -71.15
C LYS TA 65 57.40 -82.54 -71.30
N LYS TA 66 58.00 -81.36 -71.24
CA LYS TA 66 59.45 -81.21 -71.26
C LYS TA 66 59.90 -80.50 -70.01
N SER TA 67 61.05 -80.91 -69.49
CA SER TA 67 61.59 -80.37 -68.25
C SER TA 67 63.02 -79.87 -68.49
N LEU TA 68 63.36 -78.76 -67.86
CA LEU TA 68 64.67 -78.16 -68.00
C LEU TA 68 65.61 -78.69 -66.94
N VAL TA 69 66.73 -79.27 -67.36
CA VAL TA 69 67.81 -79.65 -66.48
C VAL TA 69 68.90 -78.60 -66.58
N VAL TA 70 69.31 -78.05 -65.44
CA VAL TA 70 70.25 -76.95 -65.36
C VAL TA 70 71.42 -77.37 -64.48
N VAL TA 71 72.63 -77.14 -64.97
CA VAL TA 71 73.85 -77.37 -64.21
C VAL TA 71 74.59 -76.04 -64.08
N ASN TA 72 74.89 -75.65 -62.85
CA ASN TA 72 75.57 -74.40 -62.56
C ASN TA 72 76.97 -74.67 -62.03
N LEU TA 73 77.93 -73.87 -62.48
CA LEU TA 73 79.30 -73.91 -61.98
C LEU TA 73 79.74 -72.48 -61.69
N THR TA 74 79.88 -72.15 -60.41
CA THR TA 74 80.14 -70.78 -59.99
C THR TA 74 81.43 -70.70 -59.19
N ALA TA 75 82.30 -69.77 -59.56
CA ALA TA 75 83.54 -69.52 -58.86
C ALA TA 75 83.46 -68.15 -58.17
N HIS TA 76 83.88 -68.10 -56.92
CA HIS TA 76 83.91 -66.87 -56.12
C HIS TA 76 85.37 -66.63 -55.73
N VAL TA 77 86.02 -65.68 -56.40
CA VAL TA 77 87.44 -65.42 -56.16
C VAL TA 77 87.56 -64.02 -55.54
N PRO TA 78 87.98 -63.91 -54.28
CA PRO TA 78 88.21 -62.59 -53.70
C PRO TA 78 89.38 -61.88 -54.38
N VAL TA 79 89.29 -60.55 -54.43
CA VAL TA 79 90.31 -59.75 -55.11
C VAL TA 79 91.57 -59.71 -54.26
N GLY TA 80 92.71 -59.93 -54.90
CA GLY TA 80 94.01 -59.99 -54.23
C GLY TA 80 94.60 -61.38 -54.21
N VAL TA 81 93.75 -62.41 -54.35
CA VAL TA 81 94.24 -63.78 -54.41
C VAL TA 81 94.94 -64.00 -55.75
N ASP TA 82 96.08 -64.69 -55.70
CA ASP TA 82 96.84 -64.96 -56.92
C ASP TA 82 96.02 -65.79 -57.89
N ALA TA 83 95.88 -65.28 -59.12
CA ALA TA 83 95.09 -65.97 -60.14
C ALA TA 83 95.71 -67.30 -60.51
N THR TA 84 97.04 -67.35 -60.62
CA THR TA 84 97.71 -68.60 -61.01
C THR TA 84 97.48 -69.69 -59.98
N ALA TA 85 97.56 -69.35 -58.69
CA ALA TA 85 97.31 -70.35 -57.65
C ALA TA 85 95.88 -70.86 -57.69
N VAL TA 86 94.91 -69.96 -57.93
CA VAL TA 86 93.51 -70.37 -58.03
C VAL TA 86 93.31 -71.27 -59.22
N ARG TA 87 93.93 -70.95 -60.36
CA ARG TA 87 93.79 -71.79 -61.55
C ARG TA 87 94.40 -73.17 -61.32
N THR TA 88 95.56 -73.22 -60.66
CA THR TA 88 96.18 -74.50 -60.37
C THR TA 88 95.31 -75.33 -59.43
N TRP TA 89 94.72 -74.69 -58.41
CA TRP TA 89 93.83 -75.40 -57.51
C TRP TA 89 92.60 -75.92 -58.25
N MET TA 90 92.02 -75.11 -59.12
CA MET TA 90 90.83 -75.53 -59.87
C MET TA 90 91.15 -76.68 -60.81
N THR TA 91 92.31 -76.64 -61.47
CA THR TA 91 92.68 -77.67 -62.41
C THR TA 91 93.03 -78.98 -61.73
N SER TA 92 93.79 -78.93 -60.64
CA SER TA 92 94.28 -80.14 -60.00
C SER TA 92 93.33 -80.71 -58.96
N GLU TA 93 92.45 -79.90 -58.38
CA GLU TA 93 91.59 -80.35 -57.29
C GLU TA 93 90.11 -80.28 -57.61
N VAL TA 94 89.62 -79.17 -58.15
CA VAL TA 94 88.19 -78.98 -58.34
C VAL TA 94 87.72 -79.72 -59.59
N PHE TA 95 88.45 -79.56 -60.69
CA PHE TA 95 88.01 -80.16 -61.96
C PHE TA 95 87.92 -81.67 -61.92
N PRO TA 96 88.93 -82.42 -61.43
CA PRO TA 96 88.76 -83.88 -61.36
C PRO TA 96 87.61 -84.32 -60.47
N GLY TA 97 87.37 -83.61 -59.36
CA GLY TA 97 86.31 -84.01 -58.45
C GLY TA 97 84.92 -83.64 -58.94
N ALA TA 98 84.80 -82.58 -59.73
CA ALA TA 98 83.53 -82.12 -60.24
C ALA TA 98 83.08 -82.85 -61.49
N THR TA 99 83.92 -83.74 -62.03
CA THR TA 99 83.58 -84.53 -63.20
C THR TA 99 83.63 -86.02 -62.92
N SER TA 100 83.63 -86.40 -61.65
CA SER TA 100 83.68 -87.80 -61.26
C SER TA 100 82.27 -88.37 -61.17
N SER TA 101 82.18 -89.66 -60.82
CA SER TA 101 80.88 -90.28 -60.59
C SER TA 101 80.18 -89.70 -59.37
N VAL TA 102 80.92 -89.04 -58.48
CA VAL TA 102 80.33 -88.40 -57.32
C VAL TA 102 79.33 -87.33 -57.74
N THR TA 103 79.73 -86.49 -58.71
CA THR TA 103 78.85 -85.44 -59.21
C THR TA 103 77.60 -86.04 -59.86
N LEU TA 104 77.78 -87.08 -60.67
CA LEU TA 104 76.65 -87.70 -61.34
C LEU TA 104 75.68 -88.31 -60.32
N ASP TA 105 76.21 -88.98 -59.31
CA ASP TA 105 75.36 -89.59 -58.28
C ASP TA 105 74.62 -88.52 -57.49
N LEU TA 106 75.31 -87.43 -57.14
CA LEU TA 106 74.64 -86.37 -56.41
C LEU TA 106 73.55 -85.72 -57.24
N ALA TA 107 73.79 -85.52 -58.53
CA ALA TA 107 72.82 -84.84 -59.38
C ALA TA 107 71.60 -85.71 -59.65
N THR TA 108 71.81 -86.98 -59.99
CA THR TA 108 70.71 -87.82 -60.45
C THR TA 108 70.12 -88.71 -59.36
N LYS TA 109 70.75 -88.83 -58.19
CA LYS TA 109 70.24 -89.68 -57.13
C LYS TA 109 70.25 -89.00 -55.77
N GLY TA 110 70.85 -87.82 -55.65
CA GLY TA 110 70.96 -87.18 -54.35
C GLY TA 110 71.86 -87.90 -53.37
N VAL TA 111 72.96 -88.48 -53.85
CA VAL TA 111 73.87 -89.22 -52.98
C VAL TA 111 74.91 -88.27 -52.42
N ILE TA 112 74.92 -88.13 -51.09
CA ILE TA 112 75.87 -87.27 -50.38
C ILE TA 112 76.88 -88.06 -49.57
N HIS TA 113 76.80 -89.38 -49.58
CA HIS TA 113 77.76 -90.25 -48.89
C HIS TA 113 78.54 -91.01 -49.95
N LEU TA 114 79.82 -90.66 -50.13
CA LEU TA 114 80.66 -91.32 -51.13
C LEU TA 114 81.51 -92.40 -50.45
N SER TA 115 80.84 -93.46 -50.01
CA SER TA 115 81.51 -94.61 -49.45
C SER TA 115 81.93 -95.57 -50.55
N ASP TA 116 82.98 -96.34 -50.29
CA ASP TA 116 83.83 -96.34 -49.10
C ASP TA 116 85.30 -96.47 -49.51
N ALA TA 117 85.53 -96.80 -50.77
CA ALA TA 117 86.88 -97.02 -51.29
C ALA TA 117 87.75 -95.78 -51.14
N LEU UA 1 88.42 -93.27 -48.95
CA LEU UA 1 87.45 -92.20 -49.18
C LEU UA 1 88.09 -91.09 -50.00
N SER UA 2 87.69 -90.96 -51.26
CA SER UA 2 88.28 -90.00 -52.16
C SER UA 2 87.21 -89.34 -53.02
N ILE UA 3 87.43 -88.08 -53.34
CA ILE UA 3 86.62 -87.34 -54.30
C ILE UA 3 87.55 -86.89 -55.40
N GLY UA 4 87.34 -87.39 -56.61
CA GLY UA 4 88.26 -87.16 -57.69
C GLY UA 4 89.61 -87.78 -57.40
N THR UA 5 90.66 -86.96 -57.38
CA THR UA 5 91.99 -87.42 -57.01
C THR UA 5 92.37 -87.06 -55.59
N LYS UA 6 91.49 -86.40 -54.85
CA LYS UA 6 91.78 -85.93 -53.50
C LYS UA 6 91.17 -86.88 -52.48
N ASN UA 7 92.02 -87.44 -51.61
CA ASN UA 7 91.52 -88.22 -50.49
C ASN UA 7 90.94 -87.29 -49.43
N VAL UA 8 89.76 -87.67 -48.91
CA VAL UA 8 89.06 -86.87 -47.92
C VAL UA 8 88.59 -87.78 -46.79
N SER UA 9 88.17 -87.15 -45.70
CA SER UA 9 87.57 -87.85 -44.58
C SER UA 9 86.30 -87.12 -44.17
N ILE UA 10 85.39 -87.85 -43.53
CA ILE UA 10 84.15 -87.24 -43.08
C ILE UA 10 84.46 -86.23 -41.98
N TYR UA 11 84.04 -84.99 -42.19
CA TYR UA 11 84.25 -83.91 -41.23
C TYR UA 11 82.98 -83.56 -40.47
N ARG UA 12 81.87 -83.40 -41.17
CA ARG UA 12 80.60 -83.11 -40.52
C ARG UA 12 79.49 -83.80 -41.31
N ASN UA 13 78.44 -84.21 -40.60
CA ASN UA 13 77.39 -85.04 -41.19
C ASN UA 13 76.03 -84.58 -40.65
N THR UA 14 75.25 -83.94 -41.51
CA THR UA 14 73.86 -83.60 -41.22
C THR UA 14 72.94 -84.45 -42.11
N ALA UA 15 71.64 -84.18 -42.02
CA ALA UA 15 70.67 -84.99 -42.74
C ALA UA 15 70.83 -84.87 -44.24
N ASP UA 16 71.01 -83.66 -44.76
CA ASP UA 16 71.07 -83.42 -46.19
C ASP UA 16 72.39 -82.82 -46.65
N GLU UA 17 73.38 -82.70 -45.77
CA GLU UA 17 74.69 -82.19 -46.16
C GLU UA 17 75.78 -82.97 -45.43
N VAL UA 18 76.81 -83.37 -46.17
CA VAL UA 18 78.00 -83.98 -45.60
C VAL UA 18 79.20 -83.15 -46.04
N ILE UA 19 79.97 -82.67 -45.07
CA ILE UA 19 81.19 -81.91 -45.35
C ILE UA 19 82.37 -82.83 -45.11
N TYR UA 20 83.22 -82.97 -46.13
CA TYR UA 20 84.45 -83.74 -46.06
C TYR UA 20 85.64 -82.79 -46.05
N ALA UA 21 86.69 -83.19 -45.34
CA ALA UA 21 87.88 -82.37 -45.17
C ALA UA 21 89.05 -83.02 -45.91
N GLY UA 22 89.82 -82.20 -46.63
CA GLY UA 22 91.01 -82.68 -47.28
C GLY UA 22 92.13 -82.89 -46.28
N PRO UA 23 93.26 -83.43 -46.74
CA PRO UA 23 94.37 -83.70 -45.82
C PRO UA 23 94.90 -82.45 -45.14
N ALA UA 24 94.85 -81.29 -45.83
CA ALA UA 24 95.38 -80.06 -45.29
C ALA UA 24 94.41 -79.33 -44.37
N HIS UA 25 93.14 -79.72 -44.35
CA HIS UA 25 92.15 -78.98 -43.58
C HIS UA 25 92.50 -78.99 -42.09
N ASP UA 26 92.37 -77.82 -41.46
CA ASP UA 26 92.67 -77.66 -40.05
C ASP UA 26 91.85 -76.50 -39.51
N VAL UA 27 92.19 -76.06 -38.29
CA VAL UA 27 91.44 -74.99 -37.64
C VAL UA 27 91.67 -73.62 -38.27
N THR UA 28 92.76 -73.44 -39.01
CA THR UA 28 93.05 -72.16 -39.65
C THR UA 28 93.09 -72.22 -41.16
N ASN UA 29 93.27 -73.39 -41.76
CA ASN UA 29 93.25 -73.57 -43.20
C ASN UA 29 92.00 -74.33 -43.58
N VAL UA 30 91.19 -73.77 -44.49
CA VAL UA 30 89.98 -74.41 -44.95
C VAL UA 30 90.29 -75.19 -46.22
N ASP UA 31 90.00 -76.49 -46.21
CA ASP UA 31 90.10 -77.34 -47.40
C ASP UA 31 88.95 -78.33 -47.30
N THR UA 32 87.81 -77.97 -47.89
CA THR UA 32 86.58 -78.74 -47.68
C THR UA 32 85.83 -78.97 -48.98
N VAL UA 33 85.19 -80.14 -49.06
CA VAL UA 33 84.26 -80.47 -50.12
C VAL UA 33 82.93 -80.81 -49.46
N SER UA 34 81.91 -80.01 -49.73
CA SER UA 34 80.58 -80.24 -49.19
C SER UA 34 79.69 -80.85 -50.25
N LEU UA 35 78.93 -81.87 -49.86
CA LEU UA 35 77.88 -82.45 -50.70
C LEU UA 35 76.55 -82.15 -50.03
N ARG UA 36 75.73 -81.32 -50.67
CA ARG UA 36 74.45 -80.92 -50.14
C ARG UA 36 73.35 -81.28 -51.12
N ARG UA 37 72.18 -81.61 -50.60
CA ARG UA 37 71.05 -81.94 -51.45
C ARG UA 37 69.79 -81.29 -50.92
N SER UA 38 68.93 -80.90 -51.86
CA SER UA 38 67.57 -80.47 -51.57
C SER UA 38 66.64 -81.46 -52.25
N LEU UA 39 65.93 -82.24 -51.44
CA LEU UA 39 65.08 -83.30 -51.96
C LEU UA 39 63.83 -82.73 -52.61
N PRO UA 40 63.31 -83.41 -53.63
CA PRO UA 40 62.11 -82.89 -54.33
C PRO UA 40 60.92 -82.78 -53.39
N VAL UA 41 60.24 -81.65 -53.47
CA VAL UA 41 59.04 -81.39 -52.67
C VAL UA 41 57.85 -81.42 -53.62
N LYS UA 42 56.95 -82.38 -53.44
CA LYS UA 42 55.78 -82.53 -54.30
C LYS UA 42 54.80 -81.43 -53.88
N LYS UA 43 54.62 -80.46 -54.75
CA LYS UA 43 53.68 -79.37 -54.55
C LYS UA 43 52.76 -79.25 -55.75
N GLY UA 44 51.46 -79.38 -55.51
CA GLY UA 44 50.50 -79.30 -56.61
C GLY UA 44 50.72 -80.43 -57.61
N SER UA 45 50.58 -80.11 -58.89
CA SER UA 45 50.80 -81.09 -59.94
C SER UA 45 52.28 -81.30 -60.25
N ASP UA 46 53.15 -80.42 -59.75
CA ASP UA 46 54.58 -80.57 -59.96
C ASP UA 46 55.17 -81.53 -58.95
N ASN UA 47 55.92 -82.51 -59.43
CA ASN UA 47 56.53 -83.52 -58.56
C ASN UA 47 57.76 -83.02 -57.84
N GLY UA 48 58.25 -81.82 -58.17
CA GLY UA 48 59.40 -81.26 -57.50
C GLY UA 48 60.67 -81.37 -58.31
N THR UA 49 61.76 -80.96 -57.69
CA THR UA 49 63.07 -80.94 -58.33
C THR UA 49 64.13 -81.29 -57.30
N MET UA 50 65.02 -82.21 -57.66
CA MET UA 50 66.17 -82.53 -56.82
C MET UA 50 67.30 -81.56 -57.12
N ARG UA 51 67.82 -80.91 -56.08
CA ARG UA 51 68.94 -80.01 -56.20
C ARG UA 51 70.18 -80.66 -55.58
N GLY UA 52 71.27 -80.69 -56.35
CA GLY UA 52 72.52 -81.21 -55.83
C GLY UA 52 73.63 -80.19 -55.90
N ASN UA 53 74.21 -79.84 -54.75
CA ASN UA 53 75.26 -78.84 -54.67
C ASN UA 53 76.55 -79.48 -54.22
N MET UA 54 77.63 -79.18 -54.94
CA MET UA 54 78.96 -79.66 -54.62
C MET UA 54 79.85 -78.43 -54.43
N ASN UA 55 80.29 -78.22 -53.19
CA ASN UA 55 81.00 -77.02 -52.79
C ASN UA 55 82.46 -77.33 -52.54
N PHE UA 56 83.35 -76.55 -53.15
CA PHE UA 56 84.79 -76.63 -52.90
C PHE UA 56 85.21 -75.34 -52.23
N ALA UA 57 85.77 -75.44 -51.02
CA ALA UA 57 86.23 -74.27 -50.28
C ALA UA 57 87.71 -74.44 -49.96
N LYS UA 58 88.49 -73.40 -50.28
CA LYS UA 58 89.93 -73.42 -50.04
C LYS UA 58 90.40 -72.07 -49.54
N SER UA 59 91.29 -72.08 -48.56
CA SER UA 59 91.92 -70.87 -48.05
C SER UA 59 93.11 -70.48 -48.92
N PHE UA 60 93.26 -69.19 -49.19
CA PHE UA 60 94.33 -68.69 -50.03
C PHE UA 60 94.94 -67.45 -49.40
N PRO UA 61 96.25 -67.25 -49.54
CA PRO UA 61 96.87 -66.00 -49.08
C PRO UA 61 96.40 -64.82 -49.91
N ASN UA 62 95.77 -63.85 -49.25
CA ASN UA 62 95.32 -62.61 -49.89
C ASN UA 62 96.06 -61.48 -49.17
N GLY UA 63 97.14 -61.01 -49.78
CA GLY UA 63 97.99 -60.02 -49.16
C GLY UA 63 98.54 -60.50 -47.83
N ASP UA 64 98.04 -59.92 -46.75
CA ASP UA 64 98.43 -60.35 -45.41
C ASP UA 64 97.45 -61.33 -44.80
N LYS UA 65 96.19 -61.29 -45.21
CA LYS UA 65 95.15 -62.12 -44.61
C LYS UA 65 94.93 -63.38 -45.44
N LYS UA 66 93.88 -64.12 -45.10
CA LYS UA 66 93.47 -65.29 -45.88
C LYS UA 66 92.06 -65.09 -46.39
N SER UA 67 91.85 -65.44 -47.65
CA SER UA 67 90.56 -65.33 -48.31
C SER UA 67 90.05 -66.72 -48.68
N LEU UA 68 88.73 -66.88 -48.70
CA LEU UA 68 88.12 -68.16 -49.02
C LEU UA 68 87.68 -68.15 -50.48
N VAL UA 69 88.27 -69.05 -51.27
CA VAL UA 69 87.86 -69.27 -52.65
C VAL UA 69 86.89 -70.43 -52.67
N VAL UA 70 85.72 -70.21 -53.28
CA VAL UA 70 84.63 -71.18 -53.29
C VAL UA 70 84.22 -71.45 -54.72
N VAL UA 71 84.09 -72.73 -55.06
CA VAL UA 71 83.57 -73.16 -56.35
C VAL UA 71 82.34 -74.03 -56.10
N ASN UA 72 81.21 -73.64 -56.68
CA ASN UA 72 79.96 -74.37 -56.53
C ASN UA 72 79.58 -75.04 -57.84
N LEU UA 73 79.18 -76.30 -57.75
CA LEU UA 73 78.61 -77.03 -58.87
C LEU UA 73 77.20 -77.48 -58.47
N THR UA 74 76.19 -76.87 -59.07
CA THR UA 74 74.80 -77.12 -58.70
C THR UA 74 74.04 -77.70 -59.89
N ALA UA 75 73.28 -78.75 -59.64
CA ALA UA 75 72.41 -79.36 -60.64
C ALA UA 75 70.98 -79.34 -60.16
N HIS UA 76 70.06 -79.05 -61.07
CA HIS UA 76 68.62 -79.04 -60.79
C HIS UA 76 67.96 -80.04 -61.74
N VAL UA 77 67.53 -81.18 -61.21
CA VAL UA 77 66.94 -82.24 -62.02
C VAL UA 77 65.48 -82.39 -61.62
N PRO UA 78 64.54 -82.09 -62.52
CA PRO UA 78 63.12 -82.29 -62.18
C PRO UA 78 62.77 -83.78 -62.08
N VAL UA 79 61.82 -84.08 -61.21
CA VAL UA 79 61.36 -85.46 -61.07
C VAL UA 79 60.59 -85.87 -62.32
N GLY UA 80 60.87 -87.07 -62.82
CA GLY UA 80 60.23 -87.61 -63.99
C GLY UA 80 61.14 -87.75 -65.18
N VAL UA 81 62.33 -87.17 -65.13
CA VAL UA 81 63.29 -87.25 -66.22
C VAL UA 81 64.09 -88.55 -66.07
N ASP UA 82 64.49 -89.12 -67.21
CA ASP UA 82 65.32 -90.31 -67.18
C ASP UA 82 66.73 -89.97 -66.68
N ALA UA 83 67.14 -90.67 -65.62
CA ALA UA 83 68.43 -90.37 -65.00
C ALA UA 83 69.60 -90.73 -65.91
N THR UA 84 69.48 -91.81 -66.68
CA THR UA 84 70.56 -92.21 -67.58
C THR UA 84 70.80 -91.15 -68.65
N ALA UA 85 69.73 -90.57 -69.21
CA ALA UA 85 69.89 -89.52 -70.20
C ALA UA 85 70.59 -88.30 -69.62
N VAL UA 86 70.21 -87.91 -68.40
CA VAL UA 86 70.85 -86.76 -67.76
C VAL UA 86 72.31 -87.04 -67.48
N ARG UA 87 72.63 -88.26 -67.03
CA ARG UA 87 74.03 -88.61 -66.78
C ARG UA 87 74.84 -88.58 -68.06
N THR UA 88 74.28 -89.10 -69.15
CA THR UA 88 74.99 -89.08 -70.43
C THR UA 88 75.22 -87.65 -70.92
N TRP UA 89 74.20 -86.79 -70.78
CA TRP UA 89 74.35 -85.39 -71.17
C TRP UA 89 75.40 -84.69 -70.32
N MET UA 90 75.39 -84.93 -69.01
CA MET UA 90 76.38 -84.32 -68.13
C MET UA 90 77.79 -84.78 -68.45
N THR UA 91 77.96 -86.07 -68.74
CA THR UA 91 79.28 -86.59 -69.07
C THR UA 91 79.79 -86.07 -70.40
N SER UA 92 78.94 -86.07 -71.43
CA SER UA 92 79.40 -85.74 -72.78
C SER UA 92 79.42 -84.25 -73.09
N GLU UA 93 78.57 -83.46 -72.45
CA GLU UA 93 78.41 -82.06 -72.83
C GLU UA 93 78.71 -81.07 -71.71
N VAL UA 94 78.37 -81.40 -70.47
CA VAL UA 94 78.58 -80.47 -69.37
C VAL UA 94 80.01 -80.55 -68.85
N PHE UA 95 80.49 -81.77 -68.60
CA PHE UA 95 81.82 -81.95 -67.99
C PHE UA 95 82.96 -81.41 -68.84
N PRO UA 96 83.06 -81.70 -70.14
CA PRO UA 96 84.17 -81.14 -70.92
C PRO UA 96 84.19 -79.63 -70.95
N GLY UA 97 83.03 -78.98 -71.02
CA GLY UA 97 83.00 -77.52 -71.04
C GLY UA 97 83.22 -76.89 -69.70
N ALA UA 98 82.80 -77.55 -68.61
CA ALA UA 98 82.95 -76.98 -67.28
C ALA UA 98 84.40 -77.00 -66.80
N THR UA 99 85.22 -77.90 -67.31
CA THR UA 99 86.61 -78.02 -66.89
C THR UA 99 87.57 -77.62 -68.01
N SER UA 100 87.17 -76.65 -68.82
CA SER UA 100 88.00 -76.15 -69.92
C SER UA 100 88.63 -74.82 -69.53
N SER UA 101 89.36 -74.23 -70.47
CA SER UA 101 89.97 -72.93 -70.23
C SER UA 101 88.94 -71.83 -70.10
N VAL UA 102 87.72 -72.05 -70.59
CA VAL UA 102 86.66 -71.04 -70.49
C VAL UA 102 86.34 -70.77 -69.03
N THR UA 103 86.25 -71.82 -68.21
CA THR UA 103 85.94 -71.64 -66.79
C THR UA 103 87.04 -70.84 -66.10
N LEU UA 104 88.30 -71.17 -66.37
CA LEU UA 104 89.41 -70.46 -65.74
C LEU UA 104 89.44 -69.00 -66.17
N ASP UA 105 89.22 -68.75 -67.46
CA ASP UA 105 89.24 -67.37 -67.95
C ASP UA 105 88.08 -66.56 -67.36
N LEU UA 106 86.90 -67.18 -67.23
CA LEU UA 106 85.78 -66.49 -66.60
C LEU UA 106 86.07 -66.21 -65.13
N ALA UA 107 86.70 -67.16 -64.44
CA ALA UA 107 86.97 -66.99 -63.01
C ALA UA 107 87.99 -65.88 -62.76
N THR UA 108 89.10 -65.90 -63.49
CA THR UA 108 90.23 -65.03 -63.18
C THR UA 108 90.30 -63.78 -64.06
N LYS UA 109 89.44 -63.66 -65.06
CA LYS UA 109 89.47 -62.49 -65.95
C LYS UA 109 88.11 -61.91 -66.25
N GLY UA 110 87.01 -62.57 -65.90
CA GLY UA 110 85.70 -62.11 -66.28
C GLY UA 110 85.42 -62.14 -67.76
N VAL UA 111 85.94 -63.16 -68.45
CA VAL UA 111 85.73 -63.28 -69.89
C VAL UA 111 84.42 -64.02 -70.15
N ILE UA 112 83.47 -63.34 -70.78
CA ILE UA 112 82.20 -63.95 -71.16
C ILE UA 112 82.02 -64.04 -72.66
N HIS UA 113 82.82 -63.32 -73.45
CA HIS UA 113 82.77 -63.38 -74.90
C HIS UA 113 83.82 -64.37 -75.39
N LEU UA 114 83.38 -65.42 -76.05
CA LEU UA 114 84.27 -66.49 -76.49
C LEU UA 114 84.90 -66.14 -77.83
N SER UA 115 86.05 -66.75 -78.11
CA SER UA 115 86.76 -66.54 -79.36
C SER UA 115 87.71 -67.70 -79.62
N ASP UA 116 87.97 -67.97 -80.89
CA ASP UA 116 87.33 -67.42 -82.08
C ASP UA 116 87.10 -68.51 -83.11
N ALA UA 117 87.77 -69.65 -82.92
CA ALA UA 117 87.71 -70.75 -83.87
C ALA UA 117 86.83 -71.89 -83.37
N LEU VA 1 106.51 -87.33 -4.35
CA LEU VA 1 105.13 -87.07 -4.76
C LEU VA 1 105.01 -87.19 -6.27
N SER VA 2 104.30 -88.22 -6.74
CA SER VA 2 104.23 -88.53 -8.16
C SER VA 2 102.78 -88.69 -8.60
N ILE VA 3 102.48 -88.15 -9.77
CA ILE VA 3 101.22 -88.41 -10.47
C ILE VA 3 101.61 -88.92 -11.85
N GLY VA 4 101.69 -90.24 -11.99
CA GLY VA 4 102.24 -90.82 -13.20
C GLY VA 4 103.74 -90.86 -13.16
N THR VA 5 104.40 -90.25 -14.14
CA THR VA 5 105.84 -90.09 -14.15
C THR VA 5 106.27 -88.69 -13.75
N LYS VA 6 105.32 -87.85 -13.35
CA LYS VA 6 105.59 -86.45 -13.04
C LYS VA 6 105.81 -86.28 -11.53
N ASN VA 7 106.87 -85.59 -11.16
CA ASN VA 7 107.13 -85.23 -9.77
C ASN VA 7 106.47 -83.89 -9.48
N VAL VA 8 105.52 -83.89 -8.55
CA VAL VA 8 104.75 -82.70 -8.22
C VAL VA 8 104.95 -82.38 -6.74
N SER VA 9 104.53 -81.17 -6.36
CA SER VA 9 104.53 -80.74 -4.98
C SER VA 9 103.20 -80.07 -4.67
N ILE VA 10 102.80 -80.11 -3.40
CA ILE VA 10 101.55 -79.47 -3.01
C ILE VA 10 101.67 -77.97 -3.21
N TYR VA 11 100.72 -77.41 -3.96
CA TYR VA 11 100.68 -75.98 -4.25
C TYR VA 11 99.50 -75.29 -3.61
N ARG VA 12 98.33 -75.93 -3.59
CA ARG VA 12 97.17 -75.36 -2.92
C ARG VA 12 96.37 -76.49 -2.28
N ASN VA 13 95.92 -76.28 -1.05
CA ASN VA 13 95.23 -77.32 -0.29
C ASN VA 13 93.95 -76.74 0.27
N THR VA 14 92.80 -77.17 -0.26
CA THR VA 14 91.49 -76.78 0.23
C THR VA 14 90.74 -78.02 0.69
N ALA VA 15 89.49 -77.81 1.11
CA ALA VA 15 88.70 -78.91 1.67
C ALA VA 15 88.45 -80.00 0.64
N ASP VA 16 88.13 -79.62 -0.60
CA ASP VA 16 87.71 -80.59 -1.60
C ASP VA 16 88.55 -80.50 -2.87
N GLU VA 17 89.69 -79.83 -2.83
CA GLU VA 17 90.53 -79.69 -4.02
C GLU VA 17 91.96 -79.47 -3.58
N VAL VA 18 92.88 -80.24 -4.18
CA VAL VA 18 94.31 -80.08 -3.96
C VAL VA 18 94.97 -79.86 -5.32
N ILE VA 19 95.66 -78.74 -5.46
CA ILE VA 19 96.41 -78.42 -6.68
C ILE VA 19 97.87 -78.73 -6.43
N TYR VA 20 98.45 -79.60 -7.26
CA TYR VA 20 99.86 -79.90 -7.26
C TYR VA 20 100.51 -79.23 -8.46
N ALA VA 21 101.75 -78.78 -8.28
CA ALA VA 21 102.47 -78.04 -9.30
C ALA VA 21 103.64 -78.87 -9.82
N GLY VA 22 103.82 -78.86 -11.13
CA GLY VA 22 104.92 -79.55 -11.76
C GLY VA 22 106.20 -78.73 -11.69
N PRO VA 23 107.30 -79.31 -12.19
CA PRO VA 23 108.59 -78.59 -12.13
C PRO VA 23 108.60 -77.30 -12.94
N ALA VA 24 107.72 -77.15 -13.92
CA ALA VA 24 107.69 -75.98 -14.79
C ALA VA 24 106.66 -74.95 -14.36
N HIS VA 25 106.09 -75.11 -13.17
CA HIS VA 25 105.08 -74.18 -12.67
C HIS VA 25 105.74 -73.03 -11.90
N ASP VA 26 105.26 -71.82 -12.17
CA ASP VA 26 105.75 -70.62 -11.48
C ASP VA 26 104.67 -69.55 -11.58
N VAL VA 27 105.04 -68.31 -11.29
CA VAL VA 27 104.07 -67.21 -11.30
C VAL VA 27 103.53 -66.93 -12.70
N THR VA 28 104.36 -67.04 -13.74
CA THR VA 28 103.95 -66.69 -15.09
C THR VA 28 103.58 -67.88 -15.97
N ASN VA 29 103.93 -69.10 -15.59
CA ASN VA 29 103.62 -70.29 -16.37
C ASN VA 29 102.79 -71.26 -15.54
N VAL VA 30 101.91 -71.97 -16.21
CA VAL VA 30 100.99 -72.91 -15.56
C VAL VA 30 101.41 -74.33 -15.92
N ASP VA 31 101.70 -75.13 -14.90
CA ASP VA 31 101.91 -76.57 -15.05
C ASP VA 31 101.34 -77.21 -13.78
N THR VA 32 100.07 -77.59 -13.83
CA THR VA 32 99.37 -78.01 -12.62
C THR VA 32 98.53 -79.25 -12.87
N VAL VA 33 98.38 -80.05 -11.82
CA VAL VA 33 97.43 -81.16 -11.78
C VAL VA 33 96.57 -80.96 -10.53
N SER VA 34 95.26 -80.80 -10.73
CA SER VA 34 94.33 -80.55 -9.65
C SER VA 34 93.45 -81.78 -9.43
N LEU VA 35 93.39 -82.25 -8.19
CA LEU VA 35 92.47 -83.30 -7.79
C LEU VA 35 91.29 -82.65 -7.07
N ARG VA 36 90.08 -82.92 -7.57
CA ARG VA 36 88.86 -82.36 -7.02
C ARG VA 36 87.88 -83.49 -6.72
N ARG VA 37 87.04 -83.27 -5.71
CA ARG VA 37 86.08 -84.29 -5.33
C ARG VA 37 84.78 -83.63 -4.91
N SER VA 38 83.69 -84.36 -5.12
CA SER VA 38 82.37 -84.03 -4.59
C SER VA 38 81.86 -85.28 -3.90
N LEU VA 39 81.79 -85.22 -2.57
CA LEU VA 39 81.41 -86.36 -1.77
C LEU VA 39 79.91 -86.62 -1.85
N PRO VA 40 79.49 -87.87 -1.68
CA PRO VA 40 78.07 -88.20 -1.78
C PRO VA 40 77.24 -87.44 -0.75
N VAL VA 41 76.06 -87.01 -1.17
CA VAL VA 41 75.10 -86.34 -0.30
C VAL VA 41 73.89 -87.25 -0.16
N LYS VA 42 73.61 -87.69 1.06
CA LYS VA 42 72.49 -88.60 1.32
C LYS VA 42 71.20 -87.79 1.26
N LYS VA 43 70.77 -87.52 0.02
CA LYS VA 43 69.58 -86.72 -0.22
C LYS VA 43 68.37 -87.65 -0.38
N GLY VA 44 67.44 -87.56 0.56
CA GLY VA 44 66.27 -88.43 0.53
C GLY VA 44 66.68 -89.89 0.63
N SER VA 45 66.11 -90.72 -0.25
CA SER VA 45 66.46 -92.13 -0.30
C SER VA 45 67.69 -92.42 -1.14
N ASP VA 46 68.04 -91.53 -2.07
CA ASP VA 46 69.25 -91.71 -2.85
C ASP VA 46 70.48 -91.57 -1.96
N ASN VA 47 71.41 -92.51 -2.10
CA ASN VA 47 72.63 -92.49 -1.29
C ASN VA 47 73.67 -91.52 -1.82
N GLY VA 48 73.43 -90.89 -2.96
CA GLY VA 48 74.35 -89.92 -3.50
C GLY VA 48 75.27 -90.49 -4.56
N THR VA 49 76.21 -89.64 -5.00
CA THR VA 49 77.17 -89.99 -6.03
C THR VA 49 78.52 -89.40 -5.68
N MET VA 50 79.57 -90.19 -5.81
CA MET VA 50 80.93 -89.71 -5.66
C MET VA 50 81.42 -89.16 -7.00
N ARG VA 51 81.84 -87.90 -7.01
CA ARG VA 51 82.38 -87.28 -8.21
C ARG VA 51 83.87 -87.03 -8.03
N GLY VA 52 84.67 -87.52 -8.96
CA GLY VA 52 86.11 -87.29 -8.95
C GLY VA 52 86.51 -86.53 -10.19
N ASN VA 53 87.50 -85.65 -10.04
CA ASN VA 53 87.94 -84.80 -11.13
C ASN VA 53 89.46 -84.69 -11.11
N MET VA 54 90.09 -85.00 -12.23
CA MET VA 54 91.52 -84.80 -12.42
C MET VA 54 91.70 -83.77 -13.54
N ASN VA 55 92.34 -82.66 -13.22
CA ASN VA 55 92.52 -81.54 -14.14
C ASN VA 55 94.00 -81.37 -14.44
N PHE VA 56 94.35 -81.32 -15.72
CA PHE VA 56 95.71 -81.06 -16.16
C PHE VA 56 95.73 -79.72 -16.88
N ALA VA 57 96.57 -78.80 -16.42
CA ALA VA 57 96.66 -77.48 -17.02
C ALA VA 57 98.10 -77.18 -17.38
N LYS VA 58 98.33 -76.78 -18.63
CA LYS VA 58 99.66 -76.40 -19.07
C LYS VA 58 99.58 -75.14 -19.91
N SER VA 59 100.68 -74.39 -19.93
CA SER VA 59 100.80 -73.20 -20.76
C SER VA 59 101.60 -73.52 -22.01
N PHE VA 60 101.17 -72.94 -23.13
CA PHE VA 60 101.76 -73.21 -24.42
C PHE VA 60 101.92 -71.92 -25.20
N PRO VA 61 102.96 -71.79 -26.02
CA PRO VA 61 103.09 -70.61 -26.88
C PRO VA 61 101.96 -70.57 -27.92
N ASN VA 62 101.23 -69.45 -27.93
CA ASN VA 62 100.14 -69.23 -28.87
C ASN VA 62 100.47 -67.93 -29.60
N GLY VA 63 101.18 -68.04 -30.72
CA GLY VA 63 101.63 -66.88 -31.45
C GLY VA 63 102.47 -65.97 -30.60
N ASP VA 64 101.92 -64.82 -30.21
CA ASP VA 64 102.63 -63.90 -29.33
C ASP VA 64 102.36 -64.22 -27.86
N LYS VA 65 101.15 -64.64 -27.53
CA LYS VA 65 100.74 -64.81 -26.14
C LYS VA 65 100.97 -66.25 -25.69
N LYS VA 66 100.45 -66.59 -24.52
CA LYS VA 66 100.57 -67.95 -23.98
C LYS VA 66 99.17 -68.44 -23.60
N SER VA 67 98.76 -69.54 -24.21
CA SER VA 67 97.42 -70.09 -24.03
C SER VA 67 97.45 -71.29 -23.09
N LEU VA 68 96.31 -71.52 -22.43
CA LEU VA 68 96.19 -72.60 -21.45
C LEU VA 68 95.47 -73.79 -22.07
N VAL VA 69 96.15 -74.93 -22.11
CA VAL VA 69 95.56 -76.19 -22.54
C VAL VA 69 95.18 -76.98 -21.30
N VAL VA 70 93.93 -77.43 -21.24
CA VAL VA 70 93.38 -78.11 -20.08
C VAL VA 70 92.78 -79.44 -20.53
N VAL VA 71 93.14 -80.51 -19.83
CA VAL VA 71 92.56 -81.83 -20.02
C VAL VA 71 91.84 -82.22 -18.74
N ASN VA 72 90.55 -82.49 -18.85
CA ASN VA 72 89.73 -82.87 -17.70
C ASN VA 72 89.41 -84.35 -17.77
N LEU VA 73 89.31 -84.97 -16.59
CA LEU VA 73 88.92 -86.37 -16.49
C LEU VA 73 88.02 -86.52 -15.27
N THR VA 74 86.72 -86.70 -15.50
CA THR VA 74 85.74 -86.73 -14.43
C THR VA 74 85.05 -88.09 -14.39
N ALA VA 75 84.90 -88.63 -13.20
CA ALA VA 75 84.21 -89.89 -12.97
C ALA VA 75 83.06 -89.69 -12.01
N HIS VA 76 81.92 -90.30 -12.33
CA HIS VA 76 80.73 -90.27 -11.49
C HIS VA 76 80.39 -91.69 -11.09
N VAL VA 77 80.51 -92.00 -9.80
CA VAL VA 77 80.23 -93.35 -9.32
C VAL VA 77 79.09 -93.28 -8.30
N PRO VA 78 77.91 -93.84 -8.62
CA PRO VA 78 76.82 -93.84 -7.64
C PRO VA 78 77.15 -94.70 -6.43
N VAL VA 79 76.63 -94.31 -5.28
CA VAL VA 79 76.88 -95.04 -4.04
C VAL VA 79 76.13 -96.36 -4.07
N GLY VA 80 76.80 -97.44 -3.67
CA GLY VA 80 76.24 -98.77 -3.66
C GLY VA 80 76.77 -99.65 -4.76
N VAL VA 81 77.24 -99.04 -5.86
CA VAL VA 81 77.86 -99.80 -6.93
C VAL VA 81 79.16 -100.39 -6.42
N ASP VA 82 79.39 -101.67 -6.73
CA ASP VA 82 80.61 -102.35 -6.30
C ASP VA 82 81.84 -101.64 -6.86
N ALA VA 83 82.79 -101.34 -5.97
CA ALA VA 83 83.94 -100.54 -6.38
C ALA VA 83 84.91 -101.34 -7.24
N THR VA 84 85.09 -102.63 -6.93
CA THR VA 84 86.04 -103.44 -7.68
C THR VA 84 85.62 -103.59 -9.14
N ALA VA 85 84.32 -103.77 -9.38
CA ALA VA 85 83.82 -103.85 -10.75
C ALA VA 85 84.09 -102.56 -11.52
N VAL VA 86 83.86 -101.41 -10.88
CA VAL VA 86 84.13 -100.13 -11.53
C VAL VA 86 85.62 -99.99 -11.82
N ARG VA 87 86.47 -100.39 -10.87
CA ARG VA 87 87.91 -100.25 -11.08
C ARG VA 87 88.41 -101.13 -12.20
N THR VA 88 87.93 -102.38 -12.28
CA THR VA 88 88.37 -103.24 -13.38
C THR VA 88 87.77 -102.78 -14.71
N TRP VA 89 86.58 -102.18 -14.69
CA TRP VA 89 86.02 -101.61 -15.91
C TRP VA 89 86.87 -100.45 -16.42
N MET VA 90 87.28 -99.55 -15.52
CA MET VA 90 88.16 -98.45 -15.92
C MET VA 90 89.52 -98.97 -16.39
N THR VA 91 90.07 -99.95 -15.69
CA THR VA 91 91.39 -100.45 -16.05
C THR VA 91 91.38 -101.15 -17.41
N SER VA 92 90.33 -101.90 -17.70
CA SER VA 92 90.27 -102.72 -18.91
C SER VA 92 89.57 -102.04 -20.07
N GLU VA 93 88.54 -101.25 -19.82
CA GLU VA 93 87.71 -100.70 -20.89
C GLU VA 93 87.84 -99.19 -21.08
N VAL VA 94 88.06 -98.43 -20.01
CA VAL VA 94 88.07 -96.98 -20.14
C VAL VA 94 89.47 -96.45 -20.43
N PHE VA 95 90.45 -96.89 -19.64
CA PHE VA 95 91.82 -96.39 -19.74
C PHE VA 95 92.46 -96.68 -21.09
N PRO VA 96 92.42 -97.91 -21.62
CA PRO VA 96 93.04 -98.14 -22.93
C PRO VA 96 92.43 -97.32 -24.04
N GLY VA 97 91.12 -97.06 -24.01
CA GLY VA 97 90.51 -96.24 -25.04
C GLY VA 97 90.70 -94.76 -24.84
N ALA VA 98 90.89 -94.32 -23.60
CA ALA VA 98 91.05 -92.90 -23.32
C ALA VA 98 92.46 -92.40 -23.56
N THR VA 99 93.42 -93.29 -23.82
CA THR VA 99 94.81 -92.91 -24.04
C THR VA 99 95.30 -93.30 -25.42
N SER VA 100 94.39 -93.57 -26.35
CA SER VA 100 94.76 -94.01 -27.70
C SER VA 100 94.90 -92.79 -28.61
N SER VA 101 95.14 -93.04 -29.90
CA SER VA 101 95.21 -91.96 -30.87
C SER VA 101 93.86 -91.29 -31.09
N VAL VA 102 92.76 -91.95 -30.71
CA VAL VA 102 91.44 -91.35 -30.84
C VAL VA 102 91.35 -90.10 -29.98
N THR VA 103 91.87 -90.16 -28.75
CA THR VA 103 91.89 -88.98 -27.89
C THR VA 103 92.68 -87.85 -28.51
N LEU VA 104 93.83 -88.16 -29.09
CA LEU VA 104 94.67 -87.13 -29.70
C LEU VA 104 93.97 -86.47 -30.88
N ASP VA 105 93.35 -87.29 -31.75
CA ASP VA 105 92.64 -86.73 -32.89
C ASP VA 105 91.44 -85.90 -32.46
N LEU VA 106 90.71 -86.36 -31.45
CA LEU VA 106 89.57 -85.60 -30.95
C LEU VA 106 90.00 -84.28 -30.32
N ALA VA 107 91.11 -84.29 -29.59
CA ALA VA 107 91.58 -83.08 -28.92
C ALA VA 107 92.14 -82.06 -29.89
N THR VA 108 92.91 -82.52 -30.88
CA THR VA 108 93.59 -81.58 -31.78
C THR VA 108 92.80 -81.25 -33.03
N LYS VA 109 92.04 -82.21 -33.57
CA LYS VA 109 91.32 -81.99 -34.81
C LYS VA 109 89.81 -82.19 -34.70
N GLY VA 110 89.29 -82.60 -33.55
CA GLY VA 110 87.86 -82.82 -33.40
C GLY VA 110 87.32 -83.99 -34.19
N VAL VA 111 88.09 -85.05 -34.34
CA VAL VA 111 87.66 -86.21 -35.11
C VAL VA 111 86.73 -87.07 -34.25
N ILE VA 112 85.50 -87.29 -34.72
CA ILE VA 112 84.53 -88.09 -34.01
C ILE VA 112 84.16 -89.36 -34.75
N HIS VA 113 84.75 -89.62 -35.92
CA HIS VA 113 84.51 -90.83 -36.69
C HIS VA 113 85.80 -91.63 -36.75
N LEU VA 114 85.87 -92.74 -36.01
CA LEU VA 114 87.09 -93.53 -35.91
C LEU VA 114 87.04 -94.70 -36.90
N SER VA 115 86.94 -94.36 -38.17
CA SER VA 115 86.93 -95.36 -39.23
C SER VA 115 88.34 -95.91 -39.46
N ASP VA 116 88.41 -97.20 -39.76
CA ASP VA 116 87.30 -98.14 -39.79
C ASP VA 116 87.67 -99.44 -39.08
N ALA VA 117 88.97 -99.71 -39.00
CA ALA VA 117 89.48 -100.93 -38.39
C ALA VA 117 89.38 -100.85 -36.87
N LEU WA 1 -108.11 -39.92 -74.72
CA LEU WA 1 -106.68 -39.64 -74.85
C LEU WA 1 -105.97 -40.72 -75.64
N SER WA 2 -105.34 -40.32 -76.75
CA SER WA 2 -104.64 -41.26 -77.61
C SER WA 2 -103.35 -40.62 -78.11
N ILE WA 3 -102.34 -41.46 -78.33
CA ILE WA 3 -101.08 -41.06 -78.94
C ILE WA 3 -100.87 -41.98 -80.12
N GLY WA 4 -101.31 -41.54 -81.30
CA GLY WA 4 -101.37 -42.43 -82.44
C GLY WA 4 -102.55 -43.38 -82.33
N THR WA 5 -102.28 -44.68 -82.24
CA THR WA 5 -103.32 -45.68 -82.11
C THR WA 5 -103.39 -46.28 -80.71
N LYS WA 6 -102.67 -45.71 -79.75
CA LYS WA 6 -102.61 -46.23 -78.39
C LYS WA 6 -103.39 -45.32 -77.44
N ASN WA 7 -104.24 -45.93 -76.63
CA ASN WA 7 -105.00 -45.20 -75.61
C ASN WA 7 -104.16 -45.05 -74.35
N VAL WA 8 -104.10 -43.83 -73.83
CA VAL WA 8 -103.30 -43.52 -72.66
C VAL WA 8 -104.14 -42.74 -71.66
N SER WA 9 -103.63 -42.64 -70.44
CA SER WA 9 -104.23 -41.84 -69.39
C SER WA 9 -103.15 -41.01 -68.74
N ILE WA 10 -103.52 -39.83 -68.25
CA ILE WA 10 -102.56 -38.99 -67.52
C ILE WA 10 -102.08 -39.76 -66.30
N TYR WA 11 -100.77 -39.96 -66.21
CA TYR WA 11 -100.17 -40.65 -65.08
C TYR WA 11 -99.41 -39.73 -64.15
N ARG WA 12 -98.62 -38.81 -64.69
CA ARG WA 12 -97.86 -37.87 -63.90
C ARG WA 12 -97.91 -36.50 -64.54
N ASN WA 13 -98.09 -35.46 -63.73
CA ASN WA 13 -98.22 -34.10 -64.22
C ASN WA 13 -97.19 -33.23 -63.52
N THR WA 14 -96.36 -32.55 -64.30
CA THR WA 14 -95.45 -31.54 -63.77
C THR WA 14 -95.58 -30.27 -64.59
N ALA WA 15 -94.79 -29.24 -64.25
CA ALA WA 15 -94.93 -27.95 -64.92
C ALA WA 15 -94.58 -28.07 -66.41
N ASP WA 16 -93.51 -28.77 -66.75
CA ASP WA 16 -93.05 -28.85 -68.13
C ASP WA 16 -92.96 -30.28 -68.64
N GLU WA 17 -93.57 -31.25 -67.96
CA GLU WA 17 -93.54 -32.63 -68.42
C GLU WA 17 -94.79 -33.36 -67.96
N VAL WA 18 -95.40 -34.10 -68.87
CA VAL WA 18 -96.55 -34.95 -68.57
C VAL WA 18 -96.23 -36.37 -69.02
N ILE WA 19 -96.39 -37.32 -68.10
CA ILE WA 19 -96.21 -38.74 -68.41
C ILE WA 19 -97.58 -39.38 -68.51
N TYR WA 20 -97.83 -40.07 -69.61
CA TYR WA 20 -99.04 -40.85 -69.83
C TYR WA 20 -98.69 -42.34 -69.78
N ALA WA 21 -99.61 -43.12 -69.24
CA ALA WA 21 -99.41 -44.56 -69.07
C ALA WA 21 -100.25 -45.32 -70.08
N GLY WA 22 -99.67 -46.36 -70.67
CA GLY WA 22 -100.38 -47.21 -71.59
C GLY WA 22 -101.19 -48.27 -70.86
N PRO WA 23 -101.90 -49.11 -71.61
CA PRO WA 23 -102.74 -50.12 -70.97
C PRO WA 23 -101.97 -51.18 -70.21
N ALA WA 24 -100.68 -51.36 -70.49
CA ALA WA 24 -99.88 -52.41 -69.87
C ALA WA 24 -99.01 -51.90 -68.74
N HIS WA 25 -99.19 -50.66 -68.31
CA HIS WA 25 -98.35 -50.09 -67.25
C HIS WA 25 -98.91 -50.43 -65.89
N ASP WA 26 -98.06 -51.02 -65.03
CA ASP WA 26 -98.41 -51.29 -63.65
C ASP WA 26 -97.13 -51.26 -62.83
N VAL WA 27 -97.18 -51.82 -61.62
CA VAL WA 27 -96.05 -51.79 -60.69
C VAL WA 27 -94.88 -52.60 -61.26
N THR WA 28 -95.18 -53.60 -62.09
CA THR WA 28 -94.15 -54.49 -62.60
C THR WA 28 -93.73 -54.19 -64.04
N ASN WA 29 -94.63 -53.69 -64.89
CA ASN WA 29 -94.34 -53.48 -66.30
C ASN WA 29 -94.42 -52.00 -66.62
N VAL WA 30 -93.46 -51.52 -67.40
CA VAL WA 30 -93.41 -50.12 -67.82
C VAL WA 30 -93.97 -50.00 -69.23
N ASP WA 31 -94.93 -49.10 -69.41
CA ASP WA 31 -95.46 -48.76 -70.72
C ASP WA 31 -95.88 -47.29 -70.64
N THR WA 32 -94.97 -46.39 -71.02
CA THR WA 32 -95.21 -44.98 -70.80
C THR WA 32 -94.78 -44.15 -72.01
N VAL WA 33 -95.47 -43.02 -72.19
CA VAL WA 33 -95.08 -42.00 -73.15
C VAL WA 33 -95.05 -40.67 -72.42
N SER WA 34 -93.91 -39.98 -72.48
CA SER WA 34 -93.71 -38.72 -71.79
C SER WA 34 -93.54 -37.59 -72.79
N LEU WA 35 -94.21 -36.47 -72.51
CA LEU WA 35 -94.09 -35.26 -73.31
C LEU WA 35 -93.43 -34.20 -72.45
N ARG WA 36 -92.29 -33.69 -72.90
CA ARG WA 36 -91.53 -32.70 -72.16
C ARG WA 36 -91.23 -31.50 -73.05
N ARG WA 37 -91.23 -30.32 -72.46
CA ARG WA 37 -90.94 -29.10 -73.20
C ARG WA 37 -89.89 -28.29 -72.45
N SER WA 38 -89.03 -27.64 -73.23
CA SER WA 38 -88.08 -26.65 -72.76
C SER WA 38 -88.40 -25.37 -73.52
N LEU WA 39 -89.09 -24.46 -72.84
CA LEU WA 39 -89.52 -23.22 -73.48
C LEU WA 39 -88.33 -22.29 -73.68
N PRO WA 40 -88.36 -21.49 -74.75
CA PRO WA 40 -87.22 -20.61 -75.04
C PRO WA 40 -87.02 -19.58 -73.94
N VAL WA 41 -85.76 -19.31 -73.63
CA VAL WA 41 -85.37 -18.21 -72.76
C VAL WA 41 -84.65 -17.20 -73.63
N LYS WA 42 -85.26 -16.02 -73.79
CA LYS WA 42 -84.76 -15.01 -74.73
C LYS WA 42 -83.77 -14.11 -74.01
N LYS WA 43 -82.67 -14.72 -73.59
CA LYS WA 43 -81.58 -14.02 -72.92
C LYS WA 43 -80.82 -13.15 -73.93
N GLY WA 44 -80.30 -12.03 -73.43
CA GLY WA 44 -79.56 -11.09 -74.25
C GLY WA 44 -80.32 -10.67 -75.50
N SER WA 45 -79.76 -11.00 -76.67
CA SER WA 45 -80.41 -10.75 -77.93
C SER WA 45 -80.96 -12.00 -78.59
N ASP WA 46 -80.36 -13.17 -78.33
CA ASP WA 46 -80.85 -14.42 -78.90
C ASP WA 46 -82.21 -14.75 -78.31
N ASN WA 47 -83.16 -15.13 -79.18
CA ASN WA 47 -84.51 -15.41 -78.75
C ASN WA 47 -84.69 -16.82 -78.21
N GLY WA 48 -83.62 -17.61 -78.14
CA GLY WA 48 -83.69 -18.93 -77.55
C GLY WA 48 -84.22 -19.99 -78.50
N THR WA 49 -84.36 -21.18 -77.95
CA THR WA 49 -84.77 -22.36 -78.71
C THR WA 49 -85.89 -23.08 -77.97
N MET WA 50 -86.88 -23.55 -78.71
CA MET WA 50 -87.93 -24.40 -78.17
C MET WA 50 -87.53 -25.85 -78.36
N ARG WA 51 -87.50 -26.61 -77.26
CA ARG WA 51 -87.07 -28.00 -77.29
C ARG WA 51 -88.24 -28.90 -76.92
N GLY WA 52 -88.69 -29.72 -77.86
CA GLY WA 52 -89.79 -30.63 -77.58
C GLY WA 52 -89.37 -32.08 -77.62
N ASN WA 53 -89.55 -32.80 -76.50
CA ASN WA 53 -89.09 -34.18 -76.38
C ASN WA 53 -90.27 -35.11 -76.16
N MET WA 54 -90.30 -36.20 -76.90
CA MET WA 54 -91.27 -37.28 -76.70
C MET WA 54 -90.51 -38.56 -76.37
N ASN WA 55 -90.89 -39.19 -75.26
CA ASN WA 55 -90.20 -40.35 -74.71
C ASN WA 55 -91.13 -41.55 -74.74
N PHE WA 56 -90.63 -42.68 -75.24
CA PHE WA 56 -91.35 -43.94 -75.21
C PHE WA 56 -90.56 -44.93 -74.39
N ALA WA 57 -91.17 -45.47 -73.33
CA ALA WA 57 -90.49 -46.38 -72.43
C ALA WA 57 -91.28 -47.67 -72.32
N LYS WA 58 -90.61 -48.80 -72.49
CA LYS WA 58 -91.26 -50.11 -72.41
C LYS WA 58 -90.32 -51.12 -71.78
N SER WA 59 -90.84 -51.90 -70.84
CA SER WA 59 -90.07 -52.98 -70.24
C SER WA 59 -90.14 -54.22 -71.12
N PHE WA 60 -89.02 -54.95 -71.18
CA PHE WA 60 -88.87 -56.13 -71.99
C PHE WA 60 -88.19 -57.23 -71.17
N PRO WA 61 -88.50 -58.49 -71.44
CA PRO WA 61 -87.77 -59.58 -70.78
C PRO WA 61 -86.32 -59.62 -71.24
N ASN WA 62 -85.40 -59.67 -70.28
CA ASN WA 62 -83.96 -59.74 -70.56
C ASN WA 62 -83.42 -60.82 -69.64
N GLY WA 63 -83.30 -62.03 -70.18
CA GLY WA 63 -82.93 -63.16 -69.35
C GLY WA 63 -83.97 -63.36 -68.28
N ASP WA 64 -83.51 -63.39 -67.02
CA ASP WA 64 -84.42 -63.50 -65.89
C ASP WA 64 -84.94 -62.15 -65.41
N LYS WA 65 -84.33 -61.06 -65.83
CA LYS WA 65 -84.69 -59.74 -65.36
C LYS WA 65 -85.51 -59.00 -66.41
N LYS WA 66 -85.79 -57.72 -66.16
CA LYS WA 66 -86.48 -56.86 -67.09
C LYS WA 66 -85.58 -55.67 -67.44
N SER WA 67 -85.62 -55.27 -68.70
CA SER WA 67 -84.80 -54.17 -69.20
C SER WA 67 -85.68 -53.11 -69.83
N LEU WA 68 -85.32 -51.85 -69.65
CA LEU WA 68 -86.09 -50.74 -70.16
C LEU WA 68 -85.56 -50.32 -71.53
N VAL WA 69 -86.41 -50.36 -72.53
CA VAL WA 69 -86.10 -49.84 -73.87
C VAL WA 69 -86.76 -48.47 -74.00
N VAL WA 70 -85.97 -47.48 -74.37
CA VAL WA 70 -86.40 -46.09 -74.43
C VAL WA 70 -86.13 -45.55 -75.83
N VAL WA 71 -87.11 -44.90 -76.42
CA VAL WA 71 -86.98 -44.23 -77.71
C VAL WA 71 -87.29 -42.75 -77.50
N ASN WA 72 -86.36 -41.90 -77.90
CA ASN WA 72 -86.48 -40.46 -77.72
C ASN WA 72 -86.64 -39.78 -79.07
N LEU WA 73 -87.55 -38.81 -79.15
CA LEU WA 73 -87.73 -37.99 -80.35
C LEU WA 73 -87.75 -36.54 -79.92
N THR WA 74 -86.68 -35.80 -80.24
CA THR WA 74 -86.51 -34.43 -79.78
C THR WA 74 -86.40 -33.49 -80.97
N ALA WA 75 -87.15 -32.40 -80.93
CA ALA WA 75 -87.08 -31.34 -81.93
C ALA WA 75 -86.52 -30.09 -81.28
N HIS WA 76 -85.58 -29.45 -81.97
CA HIS WA 76 -84.95 -28.21 -81.52
C HIS WA 76 -85.28 -27.13 -82.56
N VAL WA 77 -86.22 -26.25 -82.24
CA VAL WA 77 -86.66 -25.23 -83.18
C VAL WA 77 -86.21 -23.87 -82.65
N PRO WA 78 -85.30 -23.19 -83.34
CA PRO WA 78 -84.94 -21.82 -82.91
C PRO WA 78 -86.11 -20.87 -83.10
N VAL WA 79 -86.17 -19.86 -82.23
CA VAL WA 79 -87.29 -18.92 -82.24
C VAL WA 79 -87.13 -17.97 -83.43
N GLY WA 80 -88.23 -17.78 -84.18
CA GLY WA 80 -88.25 -16.95 -85.36
C GLY WA 80 -88.47 -17.73 -86.63
N VAL WA 81 -88.09 -19.00 -86.64
CA VAL WA 81 -88.33 -19.87 -87.79
C VAL WA 81 -89.83 -20.09 -87.95
N ASP WA 82 -90.30 -20.02 -89.20
CA ASP WA 82 -91.71 -20.23 -89.47
C ASP WA 82 -92.15 -21.62 -89.04
N ALA WA 83 -93.23 -21.67 -88.25
CA ALA WA 83 -93.71 -22.95 -87.73
C ALA WA 83 -94.27 -23.82 -88.85
N THR WA 84 -94.96 -23.22 -89.82
CA THR WA 84 -95.57 -23.99 -90.89
C THR WA 84 -94.52 -24.68 -91.75
N ALA WA 85 -93.43 -23.97 -92.08
CA ALA WA 85 -92.36 -24.57 -92.86
C ALA WA 85 -91.72 -25.72 -92.11
N VAL WA 86 -91.50 -25.56 -90.81
CA VAL WA 86 -90.91 -26.62 -90.01
C VAL WA 86 -91.84 -27.83 -89.95
N ARG WA 87 -93.14 -27.60 -89.80
CA ARG WA 87 -94.09 -28.70 -89.77
C ARG WA 87 -94.13 -29.44 -91.10
N THR WA 88 -94.09 -28.70 -92.21
CA THR WA 88 -94.06 -29.34 -93.52
C THR WA 88 -92.79 -30.17 -93.70
N TRP WA 89 -91.65 -29.64 -93.25
CA TRP WA 89 -90.40 -30.39 -93.34
C TRP WA 89 -90.45 -31.65 -92.50
N MET WA 90 -90.99 -31.56 -91.27
CA MET WA 90 -91.08 -32.74 -90.42
C MET WA 90 -92.01 -33.78 -91.00
N THR WA 91 -93.15 -33.35 -91.55
CA THR WA 91 -94.12 -34.29 -92.10
C THR WA 91 -93.60 -34.97 -93.36
N SER WA 92 -93.01 -34.21 -94.28
CA SER WA 92 -92.64 -34.76 -95.57
C SER WA 92 -91.23 -35.35 -95.60
N GLU WA 93 -90.35 -34.93 -94.72
CA GLU WA 93 -88.94 -35.29 -94.82
C GLU WA 93 -88.44 -36.08 -93.63
N VAL WA 94 -88.85 -35.71 -92.41
CA VAL WA 94 -88.32 -36.36 -91.21
C VAL WA 94 -89.15 -37.58 -90.85
N PHE WA 95 -90.48 -37.44 -90.88
CA PHE WA 95 -91.35 -38.52 -90.44
C PHE WA 95 -91.20 -39.80 -91.27
N PRO WA 96 -91.20 -39.76 -92.61
CA PRO WA 96 -90.98 -41.01 -93.36
C PRO WA 96 -89.62 -41.65 -93.09
N GLY WA 97 -88.58 -40.85 -92.87
CA GLY WA 97 -87.27 -41.41 -92.61
C GLY WA 97 -87.11 -41.98 -91.21
N ALA WA 98 -87.80 -41.40 -90.24
CA ALA WA 98 -87.71 -41.85 -88.85
C ALA WA 98 -88.59 -43.06 -88.56
N THR WA 99 -89.38 -43.51 -89.53
CA THR WA 99 -90.25 -44.67 -89.36
C THR WA 99 -89.93 -45.76 -90.37
N SER WA 100 -88.77 -45.68 -91.02
CA SER WA 100 -88.38 -46.65 -92.02
C SER WA 100 -87.60 -47.79 -91.38
N SER WA 101 -87.20 -48.76 -92.20
CA SER WA 101 -86.36 -49.86 -91.72
C SER WA 101 -84.99 -49.37 -91.28
N VAL WA 102 -84.58 -48.18 -91.72
CA VAL WA 102 -83.29 -47.63 -91.30
C VAL WA 102 -83.28 -47.41 -89.79
N THR WA 103 -84.36 -46.84 -89.25
CA THR WA 103 -84.44 -46.62 -87.81
C THR WA 103 -84.42 -47.94 -87.05
N LEU WA 104 -85.17 -48.93 -87.54
CA LEU WA 104 -85.20 -50.24 -86.87
C LEU WA 104 -83.83 -50.89 -86.87
N ASP WA 105 -83.12 -50.85 -88.00
CA ASP WA 105 -81.79 -51.45 -88.06
C ASP WA 105 -80.80 -50.70 -87.17
N LEU WA 106 -80.89 -49.36 -87.14
CA LEU WA 106 -80.00 -48.60 -86.28
C LEU WA 106 -80.25 -48.91 -84.81
N ALA WA 107 -81.52 -49.05 -84.43
CA ALA WA 107 -81.84 -49.28 -83.02
C ALA WA 107 -81.48 -50.69 -82.58
N THR WA 108 -81.81 -51.70 -83.38
CA THR WA 108 -81.68 -53.08 -82.94
C THR WA 108 -80.40 -53.77 -83.41
N LYS WA 109 -79.66 -53.17 -84.34
CA LYS WA 109 -78.44 -53.77 -84.85
C LYS WA 109 -77.28 -52.80 -84.93
N GLY WA 110 -77.51 -51.51 -84.70
CA GLY WA 110 -76.46 -50.52 -84.83
C GLY WA 110 -75.97 -50.31 -86.24
N VAL WA 111 -76.87 -50.39 -87.23
CA VAL WA 111 -76.48 -50.25 -88.63
C VAL WA 111 -76.50 -48.78 -89.00
N ILE WA 112 -75.35 -48.26 -89.44
CA ILE WA 112 -75.21 -46.87 -89.85
C ILE WA 112 -74.91 -46.74 -91.33
N HIS WA 113 -74.82 -47.84 -92.07
CA HIS WA 113 -74.62 -47.83 -93.51
C HIS WA 113 -75.88 -48.38 -94.18
N LEU WA 114 -76.62 -47.50 -94.87
CA LEU WA 114 -77.86 -47.93 -95.54
C LEU WA 114 -77.57 -48.24 -96.99
N SER WA 115 -76.67 -49.19 -97.21
CA SER WA 115 -76.39 -49.67 -98.55
C SER WA 115 -77.52 -50.56 -99.04
N ASP WA 116 -77.76 -50.54 -100.35
CA ASP WA 116 -77.12 -49.70 -101.35
C ASP WA 116 -78.16 -49.14 -102.33
N ALA WA 117 -79.36 -49.72 -102.29
CA ALA WA 117 -80.43 -49.34 -103.21
C ALA WA 117 -80.86 -47.89 -103.01
N LEU XA 1 -79.40 -45.02 -102.92
CA LEU XA 1 -79.18 -44.65 -101.54
C LEU XA 1 -80.25 -43.66 -101.09
N SER XA 2 -81.18 -44.12 -100.25
CA SER XA 2 -82.29 -43.29 -99.81
C SER XA 2 -82.58 -43.56 -98.34
N ILE XA 3 -83.05 -42.51 -97.66
CA ILE XA 3 -83.54 -42.61 -96.30
C ILE XA 3 -84.98 -42.10 -96.32
N GLY XA 4 -85.93 -43.00 -96.06
CA GLY XA 4 -87.32 -42.65 -96.22
C GLY XA 4 -87.65 -42.32 -97.66
N THR XA 5 -88.21 -41.14 -97.91
CA THR XA 5 -88.48 -40.68 -99.26
C THR XA 5 -87.37 -39.78 -99.80
N LYS XA 6 -86.33 -39.52 -99.02
CA LYS XA 6 -85.24 -38.63 -99.43
C LYS XA 6 -84.06 -39.46 -99.92
N ASN XA 7 -83.63 -39.19 -101.16
CA ASN XA 7 -82.38 -39.74 -101.65
C ASN XA 7 -81.22 -38.96 -101.09
N VAL XA 8 -80.21 -39.67 -100.58
CA VAL XA 8 -79.06 -39.06 -99.94
C VAL XA 8 -77.79 -39.68 -100.53
N SER XA 9 -76.66 -39.05 -100.22
CA SER XA 9 -75.35 -39.55 -100.58
C SER XA 9 -74.44 -39.47 -99.38
N ILE XA 10 -73.41 -40.33 -99.37
CA ILE XA 10 -72.45 -40.32 -98.27
C ILE XA 10 -71.69 -39.01 -98.29
N TYR XA 11 -71.72 -38.29 -97.17
CA TYR XA 11 -71.03 -37.02 -97.04
C TYR XA 11 -69.81 -37.12 -96.12
N ARG XA 12 -69.96 -37.77 -94.97
CA ARG XA 12 -68.83 -38.01 -94.09
C ARG XA 12 -68.97 -39.39 -93.46
N ASN XA 13 -67.85 -40.03 -93.18
CA ASN XA 13 -67.84 -41.43 -92.74
C ASN XA 13 -66.77 -41.60 -91.66
N THR XA 14 -67.20 -41.76 -90.42
CA THR XA 14 -66.34 -42.13 -89.31
C THR XA 14 -66.69 -43.54 -88.85
N ALA XA 15 -66.02 -43.98 -87.78
CA ALA XA 15 -66.20 -45.35 -87.30
C ALA XA 15 -67.62 -45.59 -86.81
N ASP XA 16 -68.18 -44.66 -86.02
CA ASP XA 16 -69.49 -44.86 -85.41
C ASP XA 16 -70.53 -43.85 -85.89
N GLU XA 17 -70.17 -42.96 -86.83
CA GLU XA 17 -71.12 -42.00 -87.35
C GLU XA 17 -70.94 -41.88 -88.86
N VAL XA 18 -72.05 -41.89 -89.57
CA VAL XA 18 -72.07 -41.61 -91.01
C VAL XA 18 -73.06 -40.47 -91.25
N ILE XA 19 -72.57 -39.40 -91.85
CA ILE XA 19 -73.40 -38.25 -92.20
C ILE XA 19 -73.71 -38.32 -93.69
N TYR XA 20 -74.99 -38.34 -94.03
CA TYR XA 20 -75.47 -38.32 -95.40
C TYR XA 20 -76.05 -36.94 -95.71
N ALA XA 21 -75.89 -36.52 -96.96
CA ALA XA 21 -76.32 -35.20 -97.40
C ALA XA 21 -77.47 -35.34 -98.38
N GLY XA 22 -78.50 -34.50 -98.20
CA GLY XA 22 -79.59 -34.44 -99.13
C GLY XA 22 -79.19 -33.72 -100.41
N PRO XA 23 -80.08 -33.73 -101.41
CA PRO XA 23 -79.73 -33.09 -102.69
C PRO XA 23 -79.45 -31.61 -102.55
N ALA XA 24 -80.11 -30.92 -101.62
CA ALA XA 24 -79.94 -29.49 -101.45
C ALA XA 24 -78.71 -29.12 -100.63
N HIS XA 25 -78.11 -30.06 -99.91
CA HIS XA 25 -77.01 -29.74 -99.02
C HIS XA 25 -75.84 -29.13 -99.79
N ASP XA 26 -75.28 -28.07 -99.24
CA ASP XA 26 -74.16 -27.38 -99.86
C ASP XA 26 -73.36 -26.68 -98.75
N VAL XA 27 -72.46 -25.79 -99.16
CA VAL XA 27 -71.58 -25.09 -98.21
C VAL XA 27 -72.33 -24.10 -97.34
N THR XA 28 -73.51 -23.64 -97.75
CA THR XA 28 -74.29 -22.70 -96.96
C THR XA 28 -75.67 -23.21 -96.57
N ASN XA 29 -76.20 -24.23 -97.23
CA ASN XA 29 -77.47 -24.84 -96.88
C ASN XA 29 -77.19 -26.20 -96.25
N VAL XA 30 -77.67 -26.40 -95.03
CA VAL XA 30 -77.50 -27.67 -94.32
C VAL XA 30 -78.74 -28.52 -94.56
N ASP XA 31 -78.52 -29.71 -95.10
CA ASP XA 31 -79.58 -30.73 -95.23
C ASP XA 31 -78.89 -32.07 -95.01
N THR XA 32 -78.88 -32.53 -93.76
CA THR XA 32 -78.10 -33.70 -93.40
C THR XA 32 -78.91 -34.67 -92.56
N VAL XA 33 -78.62 -35.96 -92.74
CA VAL XA 33 -79.13 -37.04 -91.91
C VAL XA 33 -77.92 -37.80 -91.39
N SER XA 34 -77.72 -37.76 -90.08
CA SER XA 34 -76.62 -38.47 -89.44
C SER XA 34 -77.12 -39.73 -88.77
N LEU XA 35 -76.40 -40.83 -88.97
CA LEU XA 35 -76.62 -42.06 -88.23
C LEU XA 35 -75.42 -42.27 -87.32
N ARG XA 36 -75.64 -42.18 -86.02
CA ARG XA 36 -74.59 -42.35 -85.02
C ARG XA 36 -74.95 -43.53 -84.12
N ARG XA 37 -73.93 -44.24 -83.66
CA ARG XA 37 -74.15 -45.35 -82.74
C ARG XA 37 -73.15 -45.29 -81.62
N SER XA 38 -73.58 -45.77 -80.46
CA SER XA 38 -72.73 -46.03 -79.32
C SER XA 38 -72.87 -47.51 -79.00
N LEU XA 39 -71.79 -48.26 -79.22
CA LEU XA 39 -71.79 -49.70 -79.05
C LEU XA 39 -71.86 -50.07 -77.57
N PRO XA 40 -72.48 -51.20 -77.25
CA PRO XA 40 -72.57 -51.62 -75.84
C PRO XA 40 -71.20 -51.87 -75.25
N VAL XA 41 -70.94 -51.22 -74.12
CA VAL XA 41 -69.71 -51.43 -73.36
C VAL XA 41 -70.05 -52.34 -72.19
N LYS XA 42 -69.52 -53.55 -72.20
CA LYS XA 42 -69.83 -54.56 -71.19
C LYS XA 42 -69.00 -54.26 -69.95
N LYS XA 43 -69.64 -53.63 -68.96
CA LYS XA 43 -68.98 -53.21 -67.74
C LYS XA 43 -69.67 -53.88 -66.55
N GLY XA 44 -68.87 -54.40 -65.63
CA GLY XA 44 -69.42 -55.11 -64.49
C GLY XA 44 -70.22 -56.31 -64.95
N SER XA 45 -71.32 -56.58 -64.25
CA SER XA 45 -72.26 -57.62 -64.67
C SER XA 45 -73.23 -57.14 -65.74
N ASP XA 46 -73.29 -55.83 -65.97
CA ASP XA 46 -74.17 -55.29 -67.00
C ASP XA 46 -73.52 -55.41 -68.37
N ASN XA 47 -74.28 -55.92 -69.33
CA ASN XA 47 -73.77 -56.13 -70.68
C ASN XA 47 -73.77 -54.86 -71.52
N GLY XA 48 -74.28 -53.76 -71.01
CA GLY XA 48 -74.26 -52.51 -71.74
C GLY XA 48 -75.53 -52.26 -72.52
N THR XA 49 -75.51 -51.17 -73.27
CA THR XA 49 -76.68 -50.72 -74.02
C THR XA 49 -76.24 -50.20 -75.38
N MET XA 50 -76.94 -50.63 -76.43
CA MET XA 50 -76.78 -50.06 -77.75
C MET XA 50 -77.55 -48.76 -77.84
N ARG XA 51 -76.87 -47.67 -78.20
CA ARG XA 51 -77.51 -46.39 -78.42
C ARG XA 51 -77.49 -46.06 -79.90
N GLY XA 52 -78.65 -45.78 -80.47
CA GLY XA 52 -78.73 -45.40 -81.86
C GLY XA 52 -79.38 -44.05 -82.06
N ASN XA 53 -78.68 -43.13 -82.70
CA ASN XA 53 -79.15 -41.76 -82.87
C ASN XA 53 -79.31 -41.46 -84.35
N MET XA 54 -80.46 -40.92 -84.72
CA MET XA 54 -80.76 -40.46 -86.06
C MET XA 54 -81.00 -38.95 -85.99
N ASN XA 55 -80.13 -38.18 -86.63
CA ASN XA 55 -80.14 -36.73 -86.56
C ASN XA 55 -80.56 -36.16 -87.90
N PHE XA 56 -81.59 -35.31 -87.89
CA PHE XA 56 -82.02 -34.57 -89.07
C PHE XA 56 -81.70 -33.10 -88.83
N ALA XA 57 -80.88 -32.52 -89.71
CA ALA XA 57 -80.49 -31.12 -89.60
C ALA XA 57 -80.88 -30.40 -90.89
N LYS XA 58 -81.57 -29.26 -90.74
CA LYS XA 58 -82.00 -28.47 -91.89
C LYS XA 58 -81.85 -26.99 -91.59
N SER XA 59 -81.36 -26.24 -92.57
CA SER XA 59 -81.27 -24.80 -92.47
C SER XA 59 -82.60 -24.16 -92.84
N PHE XA 60 -82.97 -23.12 -92.09
CA PHE XA 60 -84.23 -22.43 -92.27
C PHE XA 60 -84.02 -20.93 -92.21
N PRO XA 61 -84.78 -20.15 -92.97
CA PRO XA 61 -84.70 -18.69 -92.83
C PRO XA 61 -85.30 -18.24 -91.50
N ASN XA 62 -84.48 -17.55 -90.71
CA ASN XA 62 -84.91 -16.97 -89.44
C ASN XA 62 -84.66 -15.46 -89.56
N GLY XA 63 -85.73 -14.73 -89.87
CA GLY XA 63 -85.61 -13.31 -90.12
C GLY XA 63 -84.65 -13.02 -91.25
N ASP XA 64 -83.51 -12.41 -90.92
CA ASP XA 64 -82.47 -12.15 -91.90
C ASP XA 64 -81.45 -13.26 -91.97
N LYS XA 65 -81.21 -13.98 -90.88
CA LYS XA 65 -80.16 -14.98 -90.82
C LYS XA 65 -80.74 -16.37 -91.07
N LYS XA 66 -79.94 -17.40 -90.83
CA LYS XA 66 -80.37 -18.78 -90.98
C LYS XA 66 -80.20 -19.51 -89.66
N SER XA 67 -81.18 -20.34 -89.33
CA SER XA 67 -81.19 -21.13 -88.11
C SER XA 67 -81.20 -22.61 -88.46
N LEU XA 68 -80.62 -23.42 -87.57
CA LEU XA 68 -80.55 -24.85 -87.77
C LEU XA 68 -81.65 -25.54 -86.97
N VAL XA 69 -82.57 -26.20 -87.66
CA VAL XA 69 -83.58 -27.02 -87.02
C VAL XA 69 -83.10 -28.45 -86.99
N VAL XA 70 -83.12 -29.06 -85.81
CA VAL XA 70 -82.58 -30.39 -85.58
C VAL XA 70 -83.67 -31.27 -84.96
N VAL XA 71 -83.82 -32.48 -85.50
CA VAL XA 71 -84.71 -33.49 -84.94
C VAL XA 71 -83.88 -34.73 -84.64
N ASN XA 72 -83.90 -35.17 -83.39
CA ASN XA 72 -83.15 -36.34 -82.97
C ASN XA 72 -84.10 -37.47 -82.61
N LEU XA 73 -83.77 -38.66 -83.11
CA LEU XA 73 -84.47 -39.89 -82.75
C LEU XA 73 -83.44 -40.85 -82.15
N THR XA 74 -83.53 -41.07 -80.84
CA THR XA 74 -82.55 -41.87 -80.12
C THR XA 74 -83.23 -43.08 -79.50
N ALA XA 75 -82.61 -44.25 -79.66
CA ALA XA 75 -83.09 -45.49 -79.08
C ALA XA 75 -82.01 -46.09 -78.19
N HIS XA 76 -82.42 -46.57 -77.02
CA HIS XA 76 -81.53 -47.20 -76.05
C HIS XA 76 -82.02 -48.63 -75.83
N VAL XA 77 -81.30 -49.60 -76.40
CA VAL XA 77 -81.69 -51.00 -76.33
C VAL XA 77 -80.66 -51.74 -75.47
N PRO XA 78 -81.04 -52.25 -74.30
CA PRO XA 78 -80.08 -53.04 -73.51
C PRO XA 78 -79.76 -54.36 -74.17
N VAL XA 79 -78.52 -54.83 -73.96
CA VAL XA 79 -78.11 -56.12 -74.48
C VAL XA 79 -78.83 -57.24 -73.76
N GLY XA 80 -79.29 -58.22 -74.53
CA GLY XA 80 -80.02 -59.36 -74.00
C GLY XA 80 -81.49 -59.35 -74.31
N VAL XA 81 -82.01 -58.23 -74.81
CA VAL XA 81 -83.42 -58.13 -75.18
C VAL XA 81 -83.62 -58.71 -76.57
N ASP XA 82 -84.78 -59.30 -76.80
CA ASP XA 82 -85.11 -59.85 -78.12
C ASP XA 82 -85.31 -58.70 -79.11
N ALA XA 83 -84.55 -58.73 -80.20
CA ALA XA 83 -84.58 -57.64 -81.17
C ALA XA 83 -85.89 -57.62 -81.95
N THR XA 84 -86.47 -58.80 -82.23
CA THR XA 84 -87.74 -58.84 -82.96
C THR XA 84 -88.87 -58.21 -82.15
N ALA XA 85 -88.91 -58.47 -80.84
CA ALA XA 85 -89.92 -57.86 -80.00
C ALA XA 85 -89.79 -56.33 -79.97
N VAL XA 86 -88.55 -55.84 -79.88
CA VAL XA 86 -88.33 -54.40 -79.88
C VAL XA 86 -88.73 -53.79 -81.21
N ARG XA 87 -88.40 -54.47 -82.32
CA ARG XA 87 -88.81 -53.96 -83.63
C ARG XA 87 -90.33 -53.91 -83.77
N THR XA 88 -91.01 -54.95 -83.29
CA THR XA 88 -92.47 -54.97 -83.36
C THR XA 88 -93.07 -53.86 -82.51
N TRP XA 89 -92.54 -53.64 -81.31
CA TRP XA 89 -93.02 -52.56 -80.46
C TRP XA 89 -92.79 -51.20 -81.11
N MET XA 90 -91.61 -51.00 -81.70
CA MET XA 90 -91.32 -49.72 -82.35
C MET XA 90 -92.22 -49.49 -83.56
N THR XA 91 -92.50 -50.52 -84.33
CA THR XA 91 -93.34 -50.37 -85.51
C THR XA 91 -94.79 -50.11 -85.13
N SER XA 92 -95.33 -50.85 -84.16
CA SER XA 92 -96.74 -50.77 -83.84
C SER XA 92 -97.09 -49.65 -82.87
N GLU XA 93 -96.16 -49.22 -82.03
CA GLU XA 93 -96.51 -48.30 -80.95
C GLU XA 93 -95.69 -47.02 -80.95
N VAL XA 94 -94.39 -47.08 -81.27
CA VAL XA 94 -93.57 -45.88 -81.23
C VAL XA 94 -93.76 -45.05 -82.49
N PHE XA 95 -93.70 -45.69 -83.66
CA PHE XA 95 -93.77 -44.96 -84.92
C PHE XA 95 -95.09 -44.21 -85.12
N PRO XA 96 -96.27 -44.81 -84.91
CA PRO XA 96 -97.51 -44.05 -85.11
C PRO XA 96 -97.62 -42.84 -84.19
N GLY XA 97 -97.16 -42.94 -82.95
CA GLY XA 97 -97.25 -41.81 -82.05
C GLY XA 97 -96.19 -40.75 -82.27
N ALA XA 98 -95.02 -41.16 -82.78
CA ALA XA 98 -93.95 -40.20 -83.01
C ALA XA 98 -94.20 -39.33 -84.24
N THR XA 99 -94.98 -39.81 -85.20
CA THR XA 99 -95.29 -39.07 -86.41
C THR XA 99 -96.73 -38.58 -86.42
N SER XA 100 -97.26 -38.21 -85.26
CA SER XA 100 -98.62 -37.74 -85.13
C SER XA 100 -98.64 -36.22 -85.04
N SER XA 101 -99.84 -35.66 -84.93
CA SER XA 101 -99.98 -34.22 -84.68
C SER XA 101 -99.46 -33.84 -83.30
N VAL XA 102 -99.32 -34.81 -82.40
CA VAL XA 102 -98.77 -34.53 -81.07
C VAL XA 102 -97.34 -34.02 -81.19
N THR XA 103 -96.55 -34.66 -82.04
CA THR XA 103 -95.16 -34.23 -82.23
C THR XA 103 -95.08 -32.82 -82.77
N LEU XA 104 -95.90 -32.51 -83.78
CA LEU XA 104 -95.89 -31.16 -84.36
C LEU XA 104 -96.35 -30.12 -83.35
N ASP XA 105 -97.40 -30.42 -82.58
CA ASP XA 105 -97.89 -29.48 -81.59
C ASP XA 105 -96.86 -29.26 -80.48
N LEU XA 106 -96.18 -30.32 -80.06
CA LEU XA 106 -95.13 -30.17 -79.06
C LEU XA 106 -93.97 -29.34 -79.61
N ALA XA 107 -93.62 -29.54 -80.88
CA ALA XA 107 -92.50 -28.82 -81.46
C ALA XA 107 -92.80 -27.33 -81.60
N THR XA 108 -93.96 -26.99 -82.16
CA THR XA 108 -94.23 -25.61 -82.55
C THR XA 108 -95.10 -24.85 -81.56
N LYS XA 109 -95.64 -25.50 -80.53
CA LYS XA 109 -96.48 -24.81 -79.57
C LYS XA 109 -96.18 -25.14 -78.11
N GLY XA 110 -95.31 -26.11 -77.84
CA GLY XA 110 -95.08 -26.53 -76.47
C GLY XA 110 -96.26 -27.18 -75.80
N VAL XA 111 -97.07 -27.92 -76.56
CA VAL XA 111 -98.24 -28.58 -76.00
C VAL XA 111 -97.82 -29.92 -75.42
N ILE XA 112 -97.99 -30.07 -74.10
CA ILE XA 112 -97.70 -31.33 -73.42
C ILE XA 112 -98.95 -31.97 -72.82
N HIS XA 113 -100.06 -31.25 -72.75
CA HIS XA 113 -101.31 -31.78 -72.23
C HIS XA 113 -102.19 -32.20 -73.40
N LEU XA 114 -102.48 -33.49 -73.48
CA LEU XA 114 -103.23 -34.05 -74.59
C LEU XA 114 -104.72 -33.83 -74.37
N SER XA 115 -105.46 -33.79 -75.48
CA SER XA 115 -106.91 -33.63 -75.44
C SER XA 115 -107.51 -34.16 -76.74
N ASP XA 116 -108.75 -34.63 -76.66
CA ASP XA 116 -109.52 -34.86 -75.45
C ASP XA 116 -110.28 -36.19 -75.55
N ALA XA 117 -110.36 -36.72 -76.76
CA ALA XA 117 -111.12 -37.95 -77.02
C ALA XA 117 -110.19 -39.13 -77.31
N LEU YA 1 -48.07 -17.28 -127.88
CA LEU YA 1 -48.00 -17.83 -126.53
C LEU YA 1 -49.35 -18.36 -126.09
N SER YA 2 -49.48 -19.68 -126.02
CA SER YA 2 -50.72 -20.33 -125.64
C SER YA 2 -50.47 -21.36 -124.56
N ILE YA 3 -51.36 -21.41 -123.58
CA ILE YA 3 -51.40 -22.47 -122.58
C ILE YA 3 -52.78 -23.11 -122.70
N GLY YA 4 -52.86 -24.17 -123.49
CA GLY YA 4 -54.15 -24.76 -123.82
C GLY YA 4 -54.82 -24.01 -124.95
N THR YA 5 -56.00 -23.46 -124.69
CA THR YA 5 -56.69 -22.61 -125.65
C THR YA 5 -56.59 -21.13 -125.27
N LYS YA 6 -55.85 -20.80 -124.23
CA LYS YA 6 -55.76 -19.44 -123.71
C LYS YA 6 -54.53 -18.75 -124.28
N ASN YA 7 -54.71 -17.53 -124.77
CA ASN YA 7 -53.61 -16.70 -125.25
C ASN YA 7 -53.11 -15.86 -124.09
N VAL YA 8 -51.86 -16.07 -123.69
CA VAL YA 8 -51.27 -15.40 -122.55
C VAL YA 8 -50.04 -14.62 -122.99
N SER YA 9 -49.59 -13.72 -122.13
CA SER YA 9 -48.37 -12.96 -122.34
C SER YA 9 -47.54 -12.99 -121.08
N ILE YA 10 -46.22 -12.85 -121.24
CA ILE YA 10 -45.34 -12.84 -120.08
C ILE YA 10 -45.65 -11.65 -119.21
N TYR YA 11 -45.91 -11.91 -117.93
CA TYR YA 11 -46.22 -10.87 -116.95
C TYR YA 11 -45.14 -10.70 -115.91
N ARG YA 12 -44.58 -11.79 -115.40
CA ARG YA 12 -43.48 -11.71 -114.46
C ARG YA 12 -42.49 -12.83 -114.77
N ASN YA 13 -41.21 -12.52 -114.76
CA ASN YA 13 -40.16 -13.47 -115.15
C ASN YA 13 -39.10 -13.48 -114.06
N THR YA 14 -39.02 -14.58 -113.31
CA THR YA 14 -38.00 -14.78 -112.31
C THR YA 14 -37.20 -16.04 -112.63
N ALA YA 15 -36.26 -16.37 -111.74
CA ALA YA 15 -35.34 -17.47 -112.00
C ALA YA 15 -36.08 -18.81 -112.12
N ASP YA 16 -37.04 -19.05 -111.22
CA ASP YA 16 -37.71 -20.35 -111.15
C ASP YA 16 -39.22 -20.24 -111.27
N GLU YA 17 -39.74 -19.09 -111.70
CA GLU YA 17 -41.18 -18.91 -111.82
C GLU YA 17 -41.45 -17.88 -112.91
N VAL YA 18 -42.36 -18.22 -113.82
CA VAL YA 18 -42.83 -17.29 -114.83
C VAL YA 18 -44.36 -17.21 -114.72
N ILE YA 19 -44.87 -16.02 -114.49
CA ILE YA 19 -46.30 -15.76 -114.42
C ILE YA 19 -46.75 -15.17 -115.75
N TYR YA 20 -47.70 -15.83 -116.41
CA TYR YA 20 -48.33 -15.35 -117.62
C TYR YA 20 -49.73 -14.85 -117.29
N ALA YA 21 -50.14 -13.78 -117.96
CA ALA YA 21 -51.42 -13.13 -117.72
C ALA YA 21 -52.37 -13.40 -118.88
N GLY YA 22 -53.62 -13.71 -118.55
CA GLY YA 22 -54.64 -13.92 -119.55
C GLY YA 22 -55.22 -12.61 -120.04
N PRO YA 23 -56.18 -12.70 -120.95
CA PRO YA 23 -56.79 -11.46 -121.50
C PRO YA 23 -57.47 -10.61 -120.44
N ALA YA 24 -58.03 -11.21 -119.40
CA ALA YA 24 -58.82 -10.50 -118.40
C ALA YA 24 -57.99 -10.10 -117.18
N HIS YA 25 -56.66 -10.19 -117.26
CA HIS YA 25 -55.81 -9.81 -116.15
C HIS YA 25 -55.47 -8.33 -116.21
N ASP YA 26 -55.55 -7.67 -115.05
CA ASP YA 26 -55.25 -6.26 -114.94
C ASP YA 26 -54.90 -5.96 -113.48
N VAL YA 27 -54.89 -4.67 -113.12
CA VAL YA 27 -54.53 -4.28 -111.76
C VAL YA 27 -55.54 -4.76 -110.72
N THR YA 28 -56.83 -4.76 -111.04
CA THR YA 28 -57.86 -5.12 -110.07
C THR YA 28 -58.41 -6.52 -110.24
N ASN YA 29 -58.15 -7.20 -111.35
CA ASN YA 29 -58.64 -8.56 -111.58
C ASN YA 29 -57.46 -9.49 -111.83
N VAL YA 30 -57.63 -10.74 -111.41
CA VAL YA 30 -56.59 -11.76 -111.52
C VAL YA 30 -57.01 -12.79 -112.54
N ASP YA 31 -56.18 -12.98 -113.56
CA ASP YA 31 -56.33 -14.05 -114.54
C ASP YA 31 -54.91 -14.48 -114.91
N THR YA 32 -54.37 -15.46 -114.19
CA THR YA 32 -52.95 -15.79 -114.32
C THR YA 32 -52.73 -17.28 -114.35
N VAL YA 33 -51.69 -17.68 -115.10
CA VAL YA 33 -51.16 -19.03 -115.07
C VAL YA 33 -49.66 -18.92 -114.78
N SER YA 34 -49.23 -19.52 -113.68
CA SER YA 34 -47.85 -19.46 -113.23
C SER YA 34 -47.18 -20.81 -113.38
N LEU YA 35 -46.04 -20.84 -114.04
CA LEU YA 35 -45.20 -22.03 -114.12
C LEU YA 35 -44.05 -21.88 -113.14
N ARG YA 36 -43.91 -22.86 -112.25
CA ARG YA 36 -42.89 -22.84 -111.21
C ARG YA 36 -42.13 -24.16 -111.23
N ARG YA 37 -40.87 -24.11 -110.82
CA ARG YA 37 -40.04 -25.30 -110.87
C ARG YA 37 -39.10 -25.33 -109.68
N SER YA 38 -38.78 -26.54 -109.24
CA SER YA 38 -37.73 -26.79 -108.26
C SER YA 38 -36.81 -27.83 -108.87
N LEU YA 39 -35.60 -27.41 -109.25
CA LEU YA 39 -34.66 -28.27 -109.93
C LEU YA 39 -34.02 -29.25 -108.95
N PRO YA 40 -33.60 -30.42 -109.44
CA PRO YA 40 -33.00 -31.41 -108.54
C PRO YA 40 -31.74 -30.89 -107.88
N VAL YA 41 -31.56 -31.28 -106.61
CA VAL YA 41 -30.36 -30.95 -105.85
C VAL YA 41 -29.68 -32.27 -105.51
N LYS YA 42 -28.42 -32.41 -105.93
CA LYS YA 42 -27.67 -33.66 -105.75
C LYS YA 42 -27.21 -33.73 -104.29
N LYS YA 43 -28.14 -34.11 -103.42
CA LYS YA 43 -27.85 -34.25 -102.00
C LYS YA 43 -27.35 -35.66 -101.72
N GLY YA 44 -26.08 -35.76 -101.32
CA GLY YA 44 -25.50 -37.06 -101.02
C GLY YA 44 -25.55 -37.98 -102.22
N SER YA 45 -26.06 -39.20 -102.01
CA SER YA 45 -26.21 -40.16 -103.09
C SER YA 45 -27.50 -39.99 -103.88
N ASP YA 46 -28.50 -39.34 -103.30
CA ASP YA 46 -29.74 -39.10 -104.02
C ASP YA 46 -29.52 -38.03 -105.09
N ASN YA 47 -29.98 -38.32 -106.30
CA ASN YA 47 -29.85 -37.36 -107.40
C ASN YA 47 -30.87 -36.24 -107.33
N GLY YA 48 -31.83 -36.31 -106.41
CA GLY YA 48 -32.80 -35.25 -106.26
C GLY YA 48 -34.12 -35.55 -106.94
N THR YA 49 -35.00 -34.56 -106.89
CA THR YA 49 -36.33 -34.66 -107.47
C THR YA 49 -36.63 -33.38 -108.25
N MET YA 50 -37.22 -33.54 -109.43
CA MET YA 50 -37.70 -32.40 -110.21
C MET YA 50 -39.15 -32.13 -109.83
N ARG YA 51 -39.43 -30.92 -109.37
CA ARG YA 51 -40.78 -30.52 -108.99
C ARG YA 51 -41.30 -29.49 -109.97
N GLY YA 52 -42.46 -29.75 -110.54
CA GLY YA 52 -43.12 -28.82 -111.45
C GLY YA 52 -44.47 -28.40 -110.89
N ASN YA 53 -44.78 -27.11 -111.02
CA ASN YA 53 -46.03 -26.58 -110.50
C ASN YA 53 -46.68 -25.70 -111.55
N MET YA 54 -47.96 -25.96 -111.82
CA MET YA 54 -48.78 -25.11 -112.67
C MET YA 54 -49.90 -24.54 -111.82
N ASN YA 55 -49.97 -23.22 -111.74
CA ASN YA 55 -50.93 -22.53 -110.88
C ASN YA 55 -51.89 -21.74 -111.75
N PHE YA 56 -53.19 -21.92 -111.54
CA PHE YA 56 -54.22 -21.17 -112.22
C PHE YA 56 -54.93 -20.31 -111.19
N ALA YA 57 -55.00 -19.00 -111.44
CA ALA YA 57 -55.65 -18.09 -110.51
C ALA YA 57 -56.63 -17.21 -111.25
N LYS YA 58 -57.86 -17.14 -110.75
CA LYS YA 58 -58.87 -16.27 -111.33
C LYS YA 58 -59.66 -15.58 -110.22
N SER YA 59 -60.10 -14.36 -110.52
CA SER YA 59 -60.98 -13.62 -109.62
C SER YA 59 -62.44 -13.87 -110.00
N PHE YA 60 -63.28 -13.98 -108.97
CA PHE YA 60 -64.69 -14.31 -109.14
C PHE YA 60 -65.52 -13.42 -108.23
N PRO YA 61 -66.73 -13.07 -108.64
CA PRO YA 61 -67.62 -12.32 -107.75
C PRO YA 61 -68.03 -13.16 -106.55
N ASN YA 62 -67.79 -12.63 -105.35
CA ASN YA 62 -68.15 -13.30 -104.10
C ASN YA 62 -68.98 -12.28 -103.31
N GLY YA 63 -70.30 -12.34 -103.49
CA GLY YA 63 -71.18 -11.39 -102.85
C GLY YA 63 -70.84 -9.96 -103.24
N ASP YA 64 -70.28 -9.21 -102.29
CA ASP YA 64 -69.88 -7.84 -102.57
C ASP YA 64 -68.46 -7.77 -103.10
N LYS YA 65 -67.57 -8.65 -102.63
CA LYS YA 65 -66.15 -8.55 -102.93
C LYS YA 65 -65.79 -9.48 -104.09
N LYS YA 66 -64.48 -9.64 -104.34
CA LYS YA 66 -63.98 -10.57 -105.34
C LYS YA 66 -63.05 -11.56 -104.65
N SER YA 67 -63.31 -12.85 -104.86
CA SER YA 67 -62.53 -13.91 -104.25
C SER YA 67 -61.69 -14.62 -105.29
N LEU YA 68 -60.56 -15.17 -104.85
CA LEU YA 68 -59.58 -15.79 -105.74
C LEU YA 68 -59.76 -17.30 -105.71
N VAL YA 69 -60.00 -17.89 -106.88
CA VAL YA 69 -60.04 -19.33 -107.05
C VAL YA 69 -58.72 -19.78 -107.68
N VAL YA 70 -58.07 -20.76 -107.05
CA VAL YA 70 -56.76 -21.23 -107.45
C VAL YA 70 -56.80 -22.74 -107.65
N VAL YA 71 -56.31 -23.19 -108.79
CA VAL YA 71 -56.15 -24.62 -109.10
C VAL YA 71 -54.67 -24.89 -109.25
N ASN YA 72 -54.15 -25.83 -108.46
CA ASN YA 72 -52.74 -26.19 -108.51
C ASN YA 72 -52.58 -27.55 -109.16
N LEU YA 73 -51.45 -27.73 -109.85
CA LEU YA 73 -51.08 -29.01 -110.44
C LEU YA 73 -49.60 -29.20 -110.22
N THR YA 74 -49.22 -30.07 -109.29
CA THR YA 74 -47.83 -30.28 -108.93
C THR YA 74 -47.42 -31.71 -109.24
N ALA YA 75 -46.27 -31.85 -109.89
CA ALA YA 75 -45.69 -33.14 -110.23
C ALA YA 75 -44.32 -33.27 -109.59
N HIS YA 76 -44.05 -34.43 -109.01
CA HIS YA 76 -42.75 -34.77 -108.41
C HIS YA 76 -42.18 -35.96 -109.16
N VAL YA 77 -41.05 -35.75 -109.83
CA VAL YA 77 -40.42 -36.82 -110.60
C VAL YA 77 -39.01 -37.04 -110.08
N PRO YA 78 -38.73 -38.18 -109.45
CA PRO YA 78 -37.35 -38.44 -109.00
C PRO YA 78 -36.40 -38.59 -110.18
N VAL YA 79 -35.16 -38.16 -109.98
CA VAL YA 79 -34.16 -38.23 -111.04
C VAL YA 79 -33.74 -39.67 -111.25
N GLY YA 80 -33.69 -40.08 -112.52
CA GLY YA 80 -33.35 -41.44 -112.91
C GLY YA 80 -34.53 -42.21 -113.48
N VAL YA 81 -35.74 -41.87 -113.04
CA VAL YA 81 -36.93 -42.48 -113.61
C VAL YA 81 -37.04 -42.11 -115.08
N ASP YA 82 -37.38 -43.09 -115.91
CA ASP YA 82 -37.50 -42.85 -117.34
C ASP YA 82 -38.60 -41.83 -117.61
N ALA YA 83 -38.28 -40.82 -118.41
CA ALA YA 83 -39.21 -39.72 -118.64
C ALA YA 83 -40.38 -40.16 -119.52
N THR YA 84 -40.12 -41.03 -120.51
CA THR YA 84 -41.17 -41.45 -121.42
C THR YA 84 -42.25 -42.23 -120.69
N ALA YA 85 -41.87 -43.08 -119.74
CA ALA YA 85 -42.85 -43.82 -118.96
C ALA YA 85 -43.72 -42.88 -118.14
N VAL YA 86 -43.12 -41.87 -117.52
CA VAL YA 86 -43.89 -40.89 -116.75
C VAL YA 86 -44.84 -40.13 -117.66
N ARG YA 87 -44.38 -39.76 -118.86
CA ARG YA 87 -45.22 -38.99 -119.76
C ARG YA 87 -46.39 -39.80 -120.27
N THR YA 88 -46.17 -41.07 -120.61
CA THR YA 88 -47.30 -41.89 -121.06
C THR YA 88 -48.24 -42.22 -119.91
N TRP YA 89 -47.71 -42.36 -118.68
CA TRP YA 89 -48.57 -42.55 -117.52
C TRP YA 89 -49.45 -41.32 -117.30
N MET YA 90 -48.88 -40.13 -117.43
CA MET YA 90 -49.67 -38.91 -117.26
C MET YA 90 -50.71 -38.77 -118.36
N THR YA 91 -50.32 -39.03 -119.61
CA THR YA 91 -51.24 -38.85 -120.73
C THR YA 91 -52.39 -39.84 -120.68
N SER YA 92 -52.11 -41.08 -120.30
CA SER YA 92 -53.12 -42.13 -120.32
C SER YA 92 -53.85 -42.32 -119.01
N GLU YA 93 -53.17 -42.14 -117.87
CA GLU YA 93 -53.73 -42.50 -116.57
C GLU YA 93 -54.04 -41.30 -115.68
N VAL YA 94 -53.27 -40.22 -115.77
CA VAL YA 94 -53.46 -39.11 -114.85
C VAL YA 94 -54.38 -38.06 -115.45
N PHE YA 95 -54.11 -37.65 -116.70
CA PHE YA 95 -54.85 -36.57 -117.35
C PHE YA 95 -56.34 -36.90 -117.54
N PRO YA 96 -56.72 -38.08 -118.06
CA PRO YA 96 -58.15 -38.35 -118.22
C PRO YA 96 -58.91 -38.35 -116.91
N GLY YA 97 -58.31 -38.80 -115.80
CA GLY YA 97 -59.00 -38.78 -114.53
C GLY YA 97 -58.96 -37.44 -113.84
N ALA YA 98 -57.98 -36.60 -114.17
CA ALA YA 98 -57.84 -35.30 -113.56
C ALA YA 98 -58.75 -34.25 -114.17
N THR YA 99 -59.39 -34.53 -115.30
CA THR YA 99 -60.25 -33.58 -115.98
C THR YA 99 -61.69 -34.09 -116.06
N SER YA 100 -62.05 -35.09 -115.27
CA SER YA 100 -63.38 -35.67 -115.31
C SER YA 100 -64.31 -34.88 -114.38
N SER YA 101 -65.55 -35.35 -114.24
CA SER YA 101 -66.49 -34.73 -113.33
C SER YA 101 -66.10 -34.94 -111.87
N VAL YA 102 -65.25 -35.93 -111.60
CA VAL YA 102 -64.81 -36.17 -110.23
C VAL YA 102 -64.06 -34.95 -109.70
N THR YA 103 -63.19 -34.37 -110.51
CA THR YA 103 -62.47 -33.18 -110.10
C THR YA 103 -63.43 -32.02 -109.83
N LEU YA 104 -64.43 -31.85 -110.68
CA LEU YA 104 -65.39 -30.76 -110.49
C LEU YA 104 -66.18 -30.93 -109.18
N ASP YA 105 -66.65 -32.16 -108.92
CA ASP YA 105 -67.39 -32.41 -107.69
C ASP YA 105 -66.50 -32.23 -106.46
N LEU YA 106 -65.24 -32.69 -106.55
CA LEU YA 106 -64.32 -32.53 -105.44
C LEU YA 106 -64.00 -31.06 -105.17
N ALA YA 107 -63.87 -30.25 -106.22
CA ALA YA 107 -63.55 -28.84 -106.04
C ALA YA 107 -64.74 -28.04 -105.54
N THR YA 108 -65.94 -28.32 -106.04
CA THR YA 108 -67.10 -27.51 -105.68
C THR YA 108 -67.87 -28.05 -104.49
N LYS YA 109 -67.91 -29.37 -104.30
CA LYS YA 109 -68.70 -29.97 -103.24
C LYS YA 109 -67.91 -30.88 -102.30
N GLY YA 110 -66.63 -31.08 -102.53
CA GLY YA 110 -65.83 -31.93 -101.66
C GLY YA 110 -66.20 -33.40 -101.69
N VAL YA 111 -66.64 -33.91 -102.83
CA VAL YA 111 -67.05 -35.30 -102.94
C VAL YA 111 -65.82 -36.18 -103.08
N ILE YA 112 -65.68 -37.14 -102.18
CA ILE YA 112 -64.54 -38.07 -102.20
C ILE YA 112 -64.97 -39.50 -102.43
N HIS YA 113 -66.26 -39.77 -102.54
CA HIS YA 113 -66.78 -41.11 -102.81
C HIS YA 113 -67.38 -41.12 -104.21
N LEU YA 114 -66.71 -41.79 -105.16
CA LEU YA 114 -67.17 -41.82 -106.55
C LEU YA 114 -67.91 -43.12 -106.83
N SER YA 115 -69.12 -43.21 -106.31
CA SER YA 115 -69.98 -44.36 -106.56
C SER YA 115 -70.79 -44.15 -107.83
N ASP YA 116 -71.05 -45.23 -108.56
CA ASP YA 116 -70.52 -46.57 -108.29
C ASP YA 116 -70.00 -47.19 -109.58
N ALA YA 117 -70.53 -46.72 -110.71
CA ALA YA 117 -70.14 -47.24 -112.02
C ALA YA 117 -68.75 -46.77 -112.41
N LEU ZA 1 -14.63 -110.39 80.47
CA LEU ZA 1 -15.41 -109.46 79.64
C LEU ZA 1 -16.39 -110.22 78.76
N SER ZA 2 -17.67 -109.86 78.87
CA SER ZA 2 -18.71 -110.51 78.09
C SER ZA 2 -19.77 -109.48 77.72
N ILE ZA 3 -20.39 -109.69 76.55
CA ILE ZA 3 -21.51 -108.89 76.08
C ILE ZA 3 -22.62 -109.90 75.78
N GLY ZA 4 -23.51 -110.11 76.73
CA GLY ZA 4 -24.46 -111.21 76.63
C GLY ZA 4 -23.79 -112.52 76.93
N THR ZA 5 -23.75 -113.42 75.94
CA THR ZA 5 -23.13 -114.74 76.11
C THR ZA 5 -21.82 -114.86 75.33
N LYS ZA 6 -21.31 -113.78 74.78
CA LYS ZA 6 -20.10 -113.80 73.96
C LYS ZA 6 -18.94 -113.15 74.71
N ASN ZA 7 -17.79 -113.83 74.70
CA ASN ZA 7 -16.59 -113.31 75.33
C ASN ZA 7 -15.89 -112.34 74.38
N VAL ZA 8 -15.50 -111.19 74.89
CA VAL ZA 8 -14.86 -110.14 74.10
C VAL ZA 8 -13.61 -109.65 74.83
N SER ZA 9 -12.79 -108.90 74.11
CA SER ZA 9 -11.61 -108.26 74.65
C SER ZA 9 -11.56 -106.82 74.14
N ILE ZA 10 -11.00 -105.93 74.96
CA ILE ZA 10 -10.85 -104.55 74.52
C ILE ZA 10 -9.93 -104.53 73.30
N TYR ZA 11 -10.44 -103.98 72.20
CA TYR ZA 11 -9.69 -103.88 70.96
C TYR ZA 11 -9.26 -102.47 70.63
N ARG ZA 12 -10.16 -101.50 70.73
CA ARG ZA 12 -9.81 -100.11 70.49
C ARG ZA 12 -10.47 -99.24 71.55
N ASN ZA 13 -9.72 -98.26 72.05
CA ASN ZA 13 -10.20 -97.39 73.12
C ASN ZA 13 -10.06 -95.94 72.68
N THR ZA 14 -11.17 -95.20 72.73
CA THR ZA 14 -11.13 -93.76 72.52
C THR ZA 14 -11.87 -93.06 73.66
N ALA ZA 15 -11.98 -91.73 73.56
CA ALA ZA 15 -12.61 -90.98 74.65
C ALA ZA 15 -14.08 -91.36 74.82
N ASP ZA 16 -14.81 -91.50 73.72
CA ASP ZA 16 -16.24 -91.74 73.80
C ASP ZA 16 -16.66 -93.02 73.08
N GLU ZA 17 -15.73 -93.89 72.72
CA GLU ZA 17 -16.07 -95.13 72.05
C GLU ZA 17 -15.05 -96.21 72.39
N VAL ZA 18 -15.55 -97.41 72.69
CA VAL ZA 18 -14.71 -98.58 72.90
C VAL ZA 18 -15.19 -99.70 71.97
N ILE ZA 19 -14.27 -100.24 71.18
CA ILE ZA 19 -14.56 -101.37 70.31
C ILE ZA 19 -13.98 -102.63 70.97
N TYR ZA 20 -14.82 -103.65 71.12
CA TYR ZA 20 -14.43 -104.95 71.63
C TYR ZA 20 -14.47 -105.96 70.50
N ALA ZA 21 -13.51 -106.89 70.52
CA ALA ZA 21 -13.35 -107.90 69.47
C ALA ZA 21 -13.84 -109.24 69.96
N GLY ZA 22 -14.58 -109.94 69.12
CA GLY ZA 22 -15.04 -111.28 69.42
C GLY ZA 22 -13.98 -112.32 69.12
N PRO ZA 23 -14.29 -113.59 69.39
CA PRO ZA 23 -13.31 -114.65 69.18
C PRO ZA 23 -12.92 -114.86 67.72
N ALA ZA 24 -13.74 -114.41 66.77
CA ALA ZA 24 -13.51 -114.65 65.36
C ALA ZA 24 -12.89 -113.46 64.64
N HIS ZA 25 -12.50 -112.41 65.37
CA HIS ZA 25 -11.95 -111.22 64.75
C HIS ZA 25 -10.46 -111.38 64.48
N ASP ZA 26 -10.07 -111.15 63.22
CA ASP ZA 26 -8.67 -111.15 62.83
C ASP ZA 26 -8.51 -110.19 61.66
N VAL ZA 27 -7.39 -110.31 60.94
CA VAL ZA 27 -7.08 -109.43 59.82
C VAL ZA 27 -8.09 -109.63 58.70
N THR ZA 28 -8.69 -110.82 58.61
CA THR ZA 28 -9.58 -111.15 57.52
C THR ZA 28 -11.06 -111.13 57.88
N ASN ZA 29 -11.42 -111.49 59.11
CA ASN ZA 29 -12.82 -111.61 59.50
C ASN ZA 29 -13.15 -110.57 60.56
N VAL ZA 30 -14.29 -109.91 60.41
CA VAL ZA 30 -14.76 -108.90 61.35
C VAL ZA 30 -15.74 -109.53 62.31
N ASP ZA 31 -15.50 -109.34 63.61
CA ASP ZA 31 -16.44 -109.75 64.66
C ASP ZA 31 -16.25 -108.75 65.80
N THR ZA 32 -17.06 -107.68 65.80
CA THR ZA 32 -16.85 -106.59 66.74
C THR ZA 32 -18.15 -106.11 67.35
N VAL ZA 33 -18.05 -105.62 68.58
CA VAL ZA 33 -19.14 -104.89 69.23
C VAL ZA 33 -18.56 -103.58 69.75
N SER ZA 34 -19.16 -102.47 69.32
CA SER ZA 34 -18.69 -101.14 69.68
C SER ZA 34 -19.71 -100.47 70.59
N LEU ZA 35 -19.21 -99.79 71.62
CA LEU ZA 35 -20.03 -99.01 72.53
C LEU ZA 35 -19.62 -97.55 72.40
N ARG ZA 36 -20.56 -96.70 72.00
CA ARG ZA 36 -20.31 -95.29 71.78
C ARG ZA 36 -21.30 -94.46 72.58
N ARG ZA 37 -20.84 -93.32 73.09
CA ARG ZA 37 -21.68 -92.43 73.86
C ARG ZA 37 -21.56 -91.01 73.33
N SER ZA 38 -22.68 -90.30 73.34
CA SER ZA 38 -22.75 -88.88 73.08
C SER ZA 38 -23.33 -88.27 74.35
N LEU ZA 39 -22.45 -87.69 75.16
CA LEU ZA 39 -22.86 -87.14 76.44
C LEU ZA 39 -23.67 -85.85 76.22
N PRO ZA 40 -24.63 -85.57 77.10
CA PRO ZA 40 -25.46 -84.38 76.92
C PRO ZA 40 -24.63 -83.11 77.02
N VAL ZA 41 -24.99 -82.13 76.20
CA VAL ZA 41 -24.46 -80.77 76.31
C VAL ZA 41 -25.63 -79.88 76.69
N LYS ZA 42 -25.48 -79.12 77.77
CA LYS ZA 42 -26.58 -78.33 78.32
C LYS ZA 42 -26.42 -76.89 77.87
N LYS ZA 43 -26.56 -76.70 76.56
CA LYS ZA 43 -26.51 -75.38 75.95
C LYS ZA 43 -27.78 -74.60 76.27
N GLY ZA 44 -27.61 -73.29 76.44
CA GLY ZA 44 -28.71 -72.41 76.79
C GLY ZA 44 -29.50 -72.89 77.99
N SER ZA 45 -30.77 -73.24 77.77
CA SER ZA 45 -31.61 -73.78 78.83
C SER ZA 45 -31.87 -75.28 78.68
N ASP ZA 46 -31.83 -75.81 77.47
CA ASP ZA 46 -32.05 -77.24 77.26
C ASP ZA 46 -30.89 -78.03 77.83
N ASN ZA 47 -31.19 -79.11 78.53
CA ASN ZA 47 -30.18 -79.92 79.19
C ASN ZA 47 -29.56 -80.95 78.26
N GLY ZA 48 -29.99 -81.03 77.00
CA GLY ZA 48 -29.39 -81.95 76.06
C GLY ZA 48 -29.91 -83.37 76.18
N THR ZA 49 -29.34 -84.24 75.36
CA THR ZA 49 -29.77 -85.62 75.26
C THR ZA 49 -28.56 -86.54 75.41
N MET ZA 50 -28.75 -87.64 76.15
CA MET ZA 50 -27.75 -88.69 76.23
C MET ZA 50 -28.01 -89.70 75.13
N ARG ZA 51 -27.02 -89.95 74.28
CA ARG ZA 51 -27.16 -90.88 73.17
C ARG ZA 51 -26.24 -92.07 73.41
N GLY ZA 52 -26.82 -93.26 73.48
CA GLY ZA 52 -26.03 -94.47 73.66
C GLY ZA 52 -26.17 -95.42 72.49
N ASN ZA 53 -25.08 -95.71 71.79
CA ASN ZA 53 -25.12 -96.54 70.59
C ASN ZA 53 -24.32 -97.81 70.81
N MET ZA 54 -24.90 -98.95 70.46
CA MET ZA 54 -24.21 -100.23 70.48
C MET ZA 54 -24.23 -100.81 69.06
N ASN ZA 55 -23.06 -101.17 68.57
CA ASN ZA 55 -22.83 -101.56 67.19
C ASN ZA 55 -22.36 -103.01 67.15
N PHE ZA 56 -22.98 -103.82 66.29
CA PHE ZA 56 -22.55 -105.19 66.06
C PHE ZA 56 -22.12 -105.30 64.61
N ALA ZA 57 -20.90 -105.76 64.37
CA ALA ZA 57 -20.37 -105.85 63.02
C ALA ZA 57 -19.84 -107.26 62.80
N LYS ZA 58 -20.25 -107.87 61.69
CA LYS ZA 58 -19.81 -109.21 61.36
C LYS ZA 58 -19.62 -109.35 59.85
N SER ZA 59 -18.50 -109.93 59.44
CA SER ZA 59 -18.28 -110.22 58.03
C SER ZA 59 -18.96 -111.53 57.64
N PHE ZA 60 -19.50 -111.56 56.43
CA PHE ZA 60 -20.23 -112.70 55.90
C PHE ZA 60 -19.77 -112.98 54.48
N PRO ZA 61 -19.84 -114.23 54.04
CA PRO ZA 61 -19.53 -114.53 52.63
C PRO ZA 61 -20.58 -113.92 51.71
N ASN ZA 62 -20.13 -113.31 50.62
CA ASN ZA 62 -21.02 -112.69 49.64
C ASN ZA 62 -20.40 -112.98 48.27
N GLY ZA 63 -20.87 -114.05 47.64
CA GLY ZA 63 -20.24 -114.50 46.41
C GLY ZA 63 -18.79 -114.83 46.68
N ASP ZA 64 -17.89 -114.22 45.91
CA ASP ZA 64 -16.46 -114.41 46.12
C ASP ZA 64 -15.88 -113.46 47.15
N LYS ZA 65 -16.60 -112.40 47.53
CA LYS ZA 65 -16.08 -111.40 48.41
C LYS ZA 65 -16.69 -111.55 49.81
N LYS ZA 66 -16.42 -110.58 50.67
CA LYS ZA 66 -16.97 -110.54 52.02
C LYS ZA 66 -17.74 -109.24 52.21
N SER ZA 67 -18.87 -109.33 52.91
CA SER ZA 67 -19.75 -108.19 53.13
C SER ZA 67 -19.97 -108.00 54.62
N LEU ZA 68 -20.03 -106.74 55.05
CA LEU ZA 68 -20.19 -106.41 56.46
C LEU ZA 68 -21.67 -106.23 56.78
N VAL ZA 69 -22.17 -107.02 57.72
CA VAL ZA 69 -23.51 -106.85 58.27
C VAL ZA 69 -23.38 -106.12 59.59
N VAL ZA 70 -24.12 -105.02 59.73
CA VAL ZA 70 -24.05 -104.14 60.89
C VAL ZA 70 -25.45 -104.01 61.49
N VAL ZA 71 -25.52 -104.17 62.81
CA VAL ZA 71 -26.75 -103.95 63.57
C VAL ZA 71 -26.49 -102.84 64.57
N ASN ZA 72 -27.33 -101.82 64.55
CA ASN ZA 72 -27.19 -100.66 65.43
C ASN ZA 72 -28.35 -100.60 66.41
N LEU ZA 73 -28.04 -100.32 67.67
CA LEU ZA 73 -29.06 -100.12 68.70
C LEU ZA 73 -28.74 -98.82 69.44
N THR ZA 74 -29.55 -97.80 69.23
CA THR ZA 74 -29.28 -96.47 69.75
C THR ZA 74 -30.44 -96.00 70.63
N ALA ZA 75 -30.11 -95.53 71.82
CA ALA ZA 75 -31.08 -94.96 72.75
C ALA ZA 75 -30.84 -93.47 72.89
N HIS ZA 76 -31.91 -92.69 72.79
CA HIS ZA 76 -31.87 -91.24 72.95
C HIS ZA 76 -32.70 -90.89 74.18
N VAL ZA 77 -32.04 -90.52 75.28
CA VAL ZA 77 -32.72 -90.23 76.53
C VAL ZA 77 -32.53 -88.74 76.85
N PRO ZA 78 -33.58 -87.93 76.82
CA PRO ZA 78 -33.44 -86.53 77.24
C PRO ZA 78 -33.11 -86.42 78.72
N VAL ZA 79 -32.33 -85.40 79.06
CA VAL ZA 79 -31.89 -85.22 80.45
C VAL ZA 79 -33.06 -84.73 81.30
N GLY ZA 80 -33.24 -85.35 82.47
CA GLY ZA 80 -34.32 -85.05 83.37
C GLY ZA 80 -35.33 -86.18 83.48
N VAL ZA 81 -35.40 -87.03 82.46
CA VAL ZA 81 -36.26 -88.20 82.50
C VAL ZA 81 -35.71 -89.20 83.51
N ASP ZA 82 -36.61 -89.78 84.31
CA ASP ZA 82 -36.20 -90.76 85.30
C ASP ZA 82 -35.53 -91.96 84.65
N ALA ZA 83 -34.35 -92.32 85.14
CA ALA ZA 83 -33.60 -93.44 84.57
C ALA ZA 83 -34.31 -94.76 84.83
N THR ZA 84 -34.89 -94.93 86.01
CA THR ZA 84 -35.55 -96.19 86.35
C THR ZA 84 -36.76 -96.45 85.47
N ALA ZA 85 -37.56 -95.42 85.22
CA ALA ZA 85 -38.72 -95.58 84.35
C ALA ZA 85 -38.29 -95.94 82.93
N VAL ZA 86 -37.24 -95.30 82.43
CA VAL ZA 86 -36.74 -95.61 81.10
C VAL ZA 86 -36.22 -97.04 81.03
N ARG ZA 87 -35.50 -97.49 82.06
CA ARG ZA 87 -34.99 -98.85 82.08
C ARG ZA 87 -36.13 -99.86 82.12
N THR ZA 88 -37.17 -99.58 82.91
CA THR ZA 88 -38.32 -100.47 82.96
C THR ZA 88 -39.02 -100.54 81.60
N TRP ZA 89 -39.16 -99.39 80.94
CA TRP ZA 89 -39.79 -99.37 79.61
C TRP ZA 89 -38.96 -100.16 78.60
N MET ZA 90 -37.63 -100.00 78.64
CA MET ZA 90 -36.77 -100.72 77.71
C MET ZA 90 -36.81 -102.23 77.96
N THR ZA 91 -36.84 -102.62 79.24
CA THR ZA 91 -36.84 -104.05 79.57
C THR ZA 91 -38.17 -104.71 79.24
N SER ZA 92 -39.28 -104.03 79.52
CA SER ZA 92 -40.60 -104.65 79.36
C SER ZA 92 -41.20 -104.46 77.97
N GLU ZA 93 -40.81 -103.42 77.25
CA GLU ZA 93 -41.40 -103.13 75.95
C GLU ZA 93 -40.41 -103.23 74.80
N VAL ZA 94 -39.29 -102.52 74.87
CA VAL ZA 94 -38.37 -102.46 73.72
C VAL ZA 94 -37.65 -103.78 73.53
N PHE ZA 95 -37.15 -104.36 74.63
CA PHE ZA 95 -36.34 -105.58 74.50
C PHE ZA 95 -37.10 -106.76 73.92
N PRO ZA 96 -38.29 -107.13 74.41
CA PRO ZA 96 -39.01 -108.25 73.79
C PRO ZA 96 -39.36 -108.00 72.32
N GLY ZA 97 -39.67 -106.77 71.94
CA GLY ZA 97 -40.03 -106.50 70.57
C GLY ZA 97 -38.86 -106.40 69.62
N ALA ZA 98 -37.68 -106.04 70.14
CA ALA ZA 98 -36.49 -105.91 69.33
C ALA ZA 98 -35.73 -107.23 69.17
N THR ZA 99 -36.19 -108.29 69.83
CA THR ZA 99 -35.59 -109.61 69.70
C THR ZA 99 -36.58 -110.63 69.17
N SER ZA 100 -37.69 -110.18 68.61
CA SER ZA 100 -38.71 -111.06 68.08
C SER ZA 100 -38.44 -111.36 66.61
N SER ZA 101 -39.29 -112.19 66.02
CA SER ZA 101 -39.18 -112.49 64.60
C SER ZA 101 -39.44 -111.26 63.75
N VAL ZA 102 -40.11 -110.24 64.29
CA VAL ZA 102 -40.38 -109.02 63.54
C VAL ZA 102 -39.06 -108.35 63.13
N THR ZA 103 -38.11 -108.26 64.07
CA THR ZA 103 -36.82 -107.68 63.76
C THR ZA 103 -36.08 -108.49 62.70
N LEU ZA 104 -36.13 -109.82 62.82
CA LEU ZA 104 -35.44 -110.68 61.86
C LEU ZA 104 -36.02 -110.51 60.45
N ASP ZA 105 -37.34 -110.49 60.33
CA ASP ZA 105 -37.95 -110.31 59.01
C ASP ZA 105 -37.68 -108.92 58.46
N LEU ZA 106 -37.70 -107.89 59.31
CA LEU ZA 106 -37.39 -106.55 58.83
C LEU ZA 106 -35.96 -106.47 58.33
N ALA ZA 107 -35.02 -107.10 59.04
CA ALA ZA 107 -33.62 -107.00 58.66
C ALA ZA 107 -33.31 -107.81 57.41
N THR ZA 108 -33.82 -109.04 57.32
CA THR ZA 108 -33.39 -109.95 56.25
C THR ZA 108 -34.36 -109.99 55.07
N LYS ZA 109 -35.57 -109.47 55.20
CA LYS ZA 109 -36.55 -109.50 54.12
C LYS ZA 109 -37.21 -108.16 53.87
N GLY ZA 110 -36.96 -107.15 54.71
CA GLY ZA 110 -37.61 -105.86 54.57
C GLY ZA 110 -39.10 -105.89 54.82
N VAL ZA 111 -39.55 -106.71 55.77
CA VAL ZA 111 -40.97 -106.83 56.06
C VAL ZA 111 -41.37 -105.77 57.09
N ILE ZA 112 -42.30 -104.89 56.71
CA ILE ZA 112 -42.80 -103.84 57.59
C ILE ZA 112 -44.26 -104.03 57.94
N HIS ZA 113 -44.90 -105.10 57.49
CA HIS ZA 113 -46.28 -105.41 57.81
C HIS ZA 113 -46.30 -106.70 58.63
N LEU ZA 114 -46.64 -106.60 59.92
CA LEU ZA 114 -46.68 -107.76 60.80
C LEU ZA 114 -48.12 -108.27 60.91
N SER ZA 115 -48.58 -108.89 59.84
CA SER ZA 115 -49.90 -109.51 59.84
C SER ZA 115 -49.80 -110.95 60.34
N ASP ZA 116 -50.88 -111.43 60.96
CA ASP ZA 116 -52.10 -110.71 61.32
C ASP ZA 116 -52.55 -111.10 62.73
N ALA ZA 117 -51.97 -112.18 63.26
CA ALA ZA 117 -52.35 -112.70 64.56
C ALA ZA 117 -52.10 -111.69 65.68
N LEU AB 1 -52.69 -108.39 66.42
CA LEU AB 1 -51.53 -107.64 65.94
C LEU AB 1 -50.63 -107.27 67.11
N SER AB 2 -49.47 -107.92 67.19
CA SER AB 2 -48.57 -107.71 68.31
C SER AB 2 -47.14 -107.59 67.83
N ILE AB 3 -46.37 -106.78 68.55
CA ILE AB 3 -44.92 -106.68 68.38
C ILE AB 3 -44.30 -107.00 69.73
N GLY AB 4 -43.59 -108.11 69.81
CA GLY AB 4 -43.10 -108.60 71.08
C GLY AB 4 -44.26 -108.98 71.99
N THR AB 5 -44.27 -108.42 73.19
CA THR AB 5 -45.37 -108.63 74.13
C THR AB 5 -46.42 -107.52 74.08
N LYS AB 6 -46.22 -106.52 73.22
CA LYS AB 6 -47.10 -105.36 73.16
C LYS AB 6 -48.05 -105.50 71.98
N ASN AB 7 -49.35 -105.44 72.25
CA ASN AB 7 -50.34 -105.39 71.18
C ASN AB 7 -50.38 -103.99 70.59
N VAL AB 8 -50.44 -103.93 69.25
CA VAL AB 8 -50.43 -102.66 68.54
C VAL AB 8 -51.50 -102.69 67.46
N SER AB 9 -51.75 -101.52 66.89
CA SER AB 9 -52.65 -101.37 65.75
C SER AB 9 -52.00 -100.46 64.73
N ILE AB 10 -52.40 -100.62 63.47
CA ILE AB 10 -51.85 -99.79 62.41
C ILE AB 10 -52.28 -98.35 62.63
N TYR AB 11 -51.30 -97.45 62.69
CA TYR AB 11 -51.55 -96.03 62.89
C TYR AB 11 -51.32 -95.23 61.61
N ARG AB 12 -50.20 -95.43 60.94
CA ARG AB 12 -49.94 -94.77 59.67
C ARG AB 12 -49.23 -95.75 58.74
N ASN AB 13 -49.48 -95.61 57.44
CA ASN AB 13 -49.02 -96.59 56.47
C ASN AB 13 -48.54 -95.85 55.22
N THR AB 14 -47.22 -95.79 55.03
CA THR AB 14 -46.62 -95.29 53.81
C THR AB 14 -45.99 -96.46 53.04
N ALA AB 15 -45.32 -96.13 51.94
CA ALA AB 15 -44.77 -97.17 51.08
C ALA AB 15 -43.68 -97.97 51.78
N ASP AB 16 -42.75 -97.29 52.46
CA ASP AB 16 -41.62 -97.95 53.09
C ASP AB 16 -41.59 -97.80 54.60
N GLU AB 17 -42.62 -97.21 55.20
CA GLU AB 17 -42.70 -97.09 56.64
C GLU AB 17 -44.13 -97.36 57.11
N VAL AB 18 -44.25 -98.15 58.17
CA VAL AB 18 -45.53 -98.38 58.84
C VAL AB 18 -45.34 -98.04 60.31
N ILE AB 19 -46.15 -97.11 60.81
CA ILE AB 19 -46.14 -96.74 62.22
C ILE AB 19 -47.32 -97.42 62.90
N TYR AB 20 -47.05 -98.16 63.95
CA TYR AB 20 -48.07 -98.80 64.78
C TYR AB 20 -48.14 -98.08 66.12
N ALA AB 21 -49.33 -98.04 66.69
CA ALA AB 21 -49.58 -97.34 67.94
C ALA AB 21 -49.92 -98.35 69.03
N GLY AB 22 -49.34 -98.16 70.22
CA GLY AB 22 -49.66 -98.97 71.35
C GLY AB 22 -51.01 -98.60 71.93
N PRO AB 23 -51.47 -99.35 72.93
CA PRO AB 23 -52.79 -99.05 73.52
C PRO AB 23 -52.87 -97.66 74.13
N ALA AB 24 -51.76 -97.14 74.66
CA ALA AB 24 -51.77 -95.85 75.33
C ALA AB 24 -51.61 -94.67 74.38
N HIS AB 25 -51.25 -94.91 73.12
CA HIS AB 25 -50.97 -93.81 72.20
C HIS AB 25 -52.20 -92.95 71.98
N ASP AB 26 -52.00 -91.64 72.00
CA ASP AB 26 -53.08 -90.68 71.80
C ASP AB 26 -52.47 -89.38 71.30
N VAL AB 27 -53.28 -88.31 71.31
CA VAL AB 27 -52.85 -87.03 70.77
C VAL AB 27 -51.81 -86.34 71.63
N THR AB 28 -51.67 -86.71 72.89
CA THR AB 28 -50.68 -86.11 73.78
C THR AB 28 -49.67 -87.09 74.35
N ASN AB 29 -49.95 -88.39 74.35
CA ASN AB 29 -49.00 -89.41 74.79
C ASN AB 29 -48.54 -90.18 73.56
N VAL AB 30 -47.23 -90.21 73.34
CA VAL AB 30 -46.66 -90.93 72.21
C VAL AB 30 -46.27 -92.33 72.68
N ASP AB 31 -46.80 -93.34 72.01
CA ASP AB 31 -46.40 -94.74 72.22
C ASP AB 31 -46.44 -95.41 70.85
N THR AB 32 -45.32 -95.39 70.14
CA THR AB 32 -45.30 -95.82 68.75
C THR AB 32 -44.14 -96.76 68.48
N VAL AB 33 -44.39 -97.71 67.59
CA VAL AB 33 -43.36 -98.59 67.03
C VAL AB 33 -43.41 -98.43 65.51
N SER AB 34 -42.35 -97.87 64.95
CA SER AB 34 -42.25 -97.69 63.51
C SER AB 34 -41.36 -98.77 62.92
N LEU AB 35 -41.77 -99.31 61.78
CA LEU AB 35 -40.91 -100.16 60.96
C LEU AB 35 -40.67 -99.44 59.64
N ARG AB 36 -39.43 -99.12 59.36
CA ARG AB 36 -39.03 -98.42 58.16
C ARG AB 36 -38.01 -99.25 57.41
N ARG AB 37 -38.02 -99.16 56.08
CA ARG AB 37 -37.05 -99.88 55.28
C ARG AB 37 -36.51 -98.97 54.19
N SER AB 38 -35.25 -99.19 53.86
CA SER AB 38 -34.61 -98.60 52.68
C SER AB 38 -34.19 -99.75 51.79
N LEU AB 39 -34.83 -99.86 50.63
CA LEU AB 39 -34.60 -100.98 49.73
C LEU AB 39 -33.27 -100.84 49.02
N PRO AB 40 -32.63 -101.96 48.68
CA PRO AB 40 -31.31 -101.90 48.03
C PRO AB 40 -31.38 -101.18 46.69
N VAL AB 41 -30.46 -100.25 46.49
CA VAL AB 41 -30.33 -99.52 45.24
C VAL AB 41 -29.11 -100.07 44.49
N LYS AB 42 -29.36 -100.71 43.36
CA LYS AB 42 -28.28 -101.29 42.55
C LYS AB 42 -27.60 -100.13 41.84
N LYS AB 43 -26.42 -99.77 42.32
CA LYS AB 43 -25.59 -98.75 41.70
C LYS AB 43 -24.21 -99.34 41.42
N GLY AB 44 -23.70 -99.08 40.22
CA GLY AB 44 -22.41 -99.65 39.84
C GLY AB 44 -22.45 -101.16 39.86
N SER AB 45 -21.34 -101.77 40.30
CA SER AB 45 -21.29 -103.21 40.48
C SER AB 45 -21.82 -103.64 41.85
N ASP AB 46 -22.05 -102.71 42.76
CA ASP AB 46 -22.58 -103.03 44.07
C ASP AB 46 -24.08 -103.27 43.97
N ASN AB 47 -24.54 -104.40 44.51
CA ASN AB 47 -25.94 -104.76 44.46
C ASN AB 47 -26.81 -103.95 45.42
N GLY AB 48 -26.20 -103.18 46.31
CA GLY AB 48 -26.94 -102.37 47.26
C GLY AB 48 -27.00 -103.00 48.64
N THR AB 49 -27.71 -102.31 49.52
CA THR AB 49 -27.84 -102.74 50.90
C THR AB 49 -29.28 -102.48 51.38
N MET AB 50 -29.87 -103.48 52.01
CA MET AB 50 -31.17 -103.32 52.64
C MET AB 50 -30.98 -102.75 54.04
N ARG AB 51 -31.65 -101.64 54.32
CA ARG AB 51 -31.65 -101.04 55.66
C ARG AB 51 -32.99 -101.28 56.32
N GLY AB 52 -32.96 -101.81 57.54
CA GLY AB 52 -34.17 -101.99 58.31
C GLY AB 52 -34.12 -101.28 59.64
N ASN AB 53 -35.04 -100.36 59.88
CA ASN AB 53 -35.05 -99.55 61.09
C ASN AB 53 -36.30 -99.85 61.89
N MET AB 54 -36.13 -100.12 63.18
CA MET AB 54 -37.21 -100.35 64.12
C MET AB 54 -37.13 -99.26 65.19
N ASN AB 55 -38.13 -98.39 65.24
CA ASN AB 55 -38.13 -97.22 66.09
C ASN AB 55 -39.16 -97.39 67.20
N PHE AB 56 -38.73 -97.21 68.44
CA PHE AB 56 -39.62 -97.19 69.59
C PHE AB 56 -39.62 -95.77 70.14
N ALA AB 57 -40.81 -95.16 70.21
CA ALA AB 57 -40.95 -93.80 70.73
C ALA AB 57 -41.96 -93.81 71.87
N LYS AB 58 -41.57 -93.21 73.00
CA LYS AB 58 -42.44 -93.15 74.16
C LYS AB 58 -42.31 -91.81 74.85
N SER AB 59 -43.44 -91.27 75.30
CA SER AB 59 -43.47 -90.02 76.06
C SER AB 59 -43.21 -90.31 77.53
N PHE AB 60 -42.42 -89.44 78.17
CA PHE AB 60 -42.03 -89.61 79.56
C PHE AB 60 -42.13 -88.27 80.28
N PRO AB 61 -42.51 -88.29 81.56
CA PRO AB 61 -42.48 -87.05 82.34
C PRO AB 61 -41.05 -86.58 82.56
N ASN AB 62 -40.76 -85.36 82.11
CA ASN AB 62 -39.47 -84.72 82.28
C ASN AB 62 -39.75 -83.44 83.07
N GLY AB 63 -39.62 -83.52 84.39
CA GLY AB 63 -39.96 -82.41 85.25
C GLY AB 63 -41.40 -81.99 85.10
N ASP AB 64 -41.62 -80.81 84.50
CA ASP AB 64 -42.96 -80.31 84.24
C ASP AB 64 -43.45 -80.66 82.85
N LYS AB 65 -42.54 -80.92 81.92
CA LYS AB 65 -42.89 -81.14 80.52
C LYS AB 65 -42.87 -82.63 80.20
N LYS AB 66 -43.08 -82.97 78.93
CA LYS AB 66 -42.93 -84.34 78.45
C LYS AB 66 -41.80 -84.41 77.43
N SER AB 67 -40.99 -85.46 77.55
CA SER AB 67 -39.87 -85.70 76.66
C SER AB 67 -40.08 -87.00 75.91
N LEU AB 68 -39.52 -87.07 74.70
CA LEU AB 68 -39.64 -88.24 73.85
C LEU AB 68 -38.38 -89.09 73.98
N VAL AB 69 -38.54 -90.32 74.47
CA VAL AB 69 -37.45 -91.28 74.51
C VAL AB 69 -37.58 -92.19 73.30
N VAL AB 70 -36.49 -92.32 72.55
CA VAL AB 70 -36.47 -93.04 71.28
C VAL AB 70 -35.37 -94.10 71.33
N VAL AB 71 -35.71 -95.31 70.92
CA VAL AB 71 -34.75 -96.41 70.77
C VAL AB 71 -34.81 -96.89 69.33
N ASN AB 72 -33.67 -96.87 68.65
CA ASN AB 72 -33.58 -97.31 67.26
C ASN AB 72 -32.78 -98.59 67.16
N LEU AB 73 -33.32 -99.55 66.41
CA LEU AB 73 -32.61 -100.77 66.06
C LEU AB 73 -32.50 -100.82 64.53
N THR AB 74 -31.29 -100.62 64.02
CA THR AB 74 -31.06 -100.53 62.59
C THR AB 74 -30.13 -101.66 62.15
N ALA AB 75 -30.50 -102.33 61.06
CA ALA AB 75 -29.68 -103.37 60.46
C ALA AB 75 -29.37 -103.03 59.02
N HIS AB 76 -28.13 -103.22 58.62
CA HIS AB 76 -27.67 -103.00 57.25
C HIS AB 76 -27.18 -104.34 56.70
N VAL AB 77 -27.93 -104.90 55.76
CA VAL AB 77 -27.61 -106.20 55.19
C VAL AB 77 -27.31 -106.03 53.71
N PRO AB 78 -26.08 -106.28 53.27
CA PRO AB 78 -25.79 -106.18 51.83
C PRO AB 78 -26.44 -107.30 51.04
N VAL AB 79 -26.82 -106.98 49.81
CA VAL AB 79 -27.42 -107.98 48.92
C VAL AB 79 -26.38 -109.02 48.54
N GLY AB 80 -26.78 -110.29 48.57
CA GLY AB 80 -25.93 -111.41 48.24
C GLY AB 80 -25.55 -112.26 49.43
N VAL AB 81 -25.72 -111.75 50.63
CA VAL AB 81 -25.45 -112.51 51.84
C VAL AB 81 -26.58 -113.49 52.10
N ASP AB 82 -26.25 -114.64 52.68
CA ASP AB 82 -27.26 -115.62 53.04
C ASP AB 82 -28.11 -115.10 54.20
N ALA AB 83 -29.42 -115.14 54.03
CA ALA AB 83 -30.32 -114.60 55.05
C ALA AB 83 -30.38 -115.49 56.29
N THR AB 84 -30.30 -116.81 56.11
CA THR AB 84 -30.34 -117.72 57.25
C THR AB 84 -29.14 -117.52 58.16
N ALA AB 85 -27.95 -117.33 57.58
CA ALA AB 85 -26.76 -117.09 58.39
C ALA AB 85 -26.89 -115.80 59.18
N VAL AB 86 -27.40 -114.74 58.55
CA VAL AB 86 -27.57 -113.46 59.23
C VAL AB 86 -28.59 -113.59 60.36
N ARG AB 87 -29.68 -114.31 60.10
CA ARG AB 87 -30.69 -114.51 61.15
C ARG AB 87 -30.11 -115.29 62.32
N THR AB 88 -29.32 -116.33 62.04
CA THR AB 88 -28.70 -117.10 63.10
C THR AB 88 -27.73 -116.26 63.92
N TRP AB 89 -26.93 -115.44 63.24
CA TRP AB 89 -26.00 -114.55 63.95
C TRP AB 89 -26.75 -113.54 64.81
N MET AB 90 -27.83 -112.96 64.28
CA MET AB 90 -28.61 -112.00 65.05
C MET AB 90 -29.27 -112.64 66.26
N THR AB 91 -29.76 -113.88 66.11
CA THR AB 91 -30.41 -114.55 67.22
C THR AB 91 -29.42 -114.96 68.30
N SER AB 92 -28.28 -115.52 67.91
CA SER AB 92 -27.34 -116.08 68.88
C SER AB 92 -26.36 -115.06 69.44
N GLU AB 93 -26.06 -114.00 68.70
CA GLU AB 93 -25.00 -113.07 69.11
C GLU AB 93 -25.48 -111.64 69.32
N VAL AB 94 -26.36 -111.13 68.46
CA VAL AB 94 -26.78 -109.74 68.57
C VAL AB 94 -27.85 -109.57 69.64
N PHE AB 95 -28.87 -110.42 69.60
CA PHE AB 95 -30.00 -110.28 70.52
C PHE AB 95 -29.60 -110.42 71.99
N PRO AB 96 -28.82 -111.43 72.41
CA PRO AB 96 -28.46 -111.51 73.83
C PRO AB 96 -27.68 -110.31 74.33
N GLY AB 97 -26.82 -109.73 73.50
CA GLY AB 97 -26.05 -108.58 73.94
C GLY AB 97 -26.80 -107.28 73.87
N ALA AB 98 -27.75 -107.15 72.95
CA ALA AB 98 -28.51 -105.92 72.80
C ALA AB 98 -29.53 -105.73 73.93
N THR AB 99 -29.96 -106.81 74.58
CA THR AB 99 -30.92 -106.74 75.67
C THR AB 99 -30.30 -107.08 77.01
N SER AB 100 -29.03 -106.73 77.20
CA SER AB 100 -28.31 -107.00 78.43
C SER AB 100 -28.31 -105.75 79.30
N SER AB 101 -27.70 -105.87 80.49
CA SER AB 101 -27.51 -104.72 81.34
C SER AB 101 -26.54 -103.71 80.73
N VAL AB 102 -25.75 -104.13 79.74
CA VAL AB 102 -24.83 -103.21 79.06
C VAL AB 102 -25.62 -102.12 78.35
N THR AB 103 -26.72 -102.49 77.69
CA THR AB 103 -27.54 -101.50 76.99
C THR AB 103 -28.12 -100.48 77.95
N LEU AB 104 -28.67 -100.95 79.07
CA LEU AB 104 -29.24 -100.05 80.06
C LEU AB 104 -28.18 -99.14 80.67
N ASP AB 105 -27.02 -99.70 80.99
CA ASP AB 105 -25.95 -98.90 81.57
C ASP AB 105 -25.44 -97.85 80.59
N LEU AB 106 -25.32 -98.21 79.31
CA LEU AB 106 -24.91 -97.24 78.31
C LEU AB 106 -25.97 -96.15 78.14
N ALA AB 107 -27.25 -96.52 78.19
CA ALA AB 107 -28.31 -95.54 78.00
C ALA AB 107 -28.38 -94.55 79.15
N THR AB 108 -28.38 -95.04 80.40
CA THR AB 108 -28.65 -94.20 81.55
C THR AB 108 -27.40 -93.76 82.30
N LYS AB 109 -26.21 -94.19 81.90
CA LYS AB 109 -24.99 -93.78 82.59
C LYS AB 109 -23.83 -93.43 81.66
N GLY AB 110 -23.94 -93.67 80.36
CA GLY AB 110 -22.81 -93.46 79.47
C GLY AB 110 -21.65 -94.39 79.73
N VAL AB 111 -21.93 -95.63 80.13
CA VAL AB 111 -20.87 -96.59 80.42
C VAL AB 111 -20.46 -97.28 79.12
N ILE AB 112 -19.22 -97.04 78.69
CA ILE AB 112 -18.67 -97.70 77.51
C ILE AB 112 -17.54 -98.65 77.84
N HIS AB 113 -17.01 -98.62 79.06
CA HIS AB 113 -15.96 -99.53 79.49
C HIS AB 113 -16.59 -100.67 80.28
N LEU AB 114 -16.39 -101.89 79.80
CA LEU AB 114 -17.00 -103.07 80.41
C LEU AB 114 -16.12 -103.60 81.53
N SER AB 115 -16.74 -104.28 82.49
CA SER AB 115 -16.04 -104.88 83.61
C SER AB 115 -16.89 -106.01 84.18
N ASP AB 116 -16.22 -107.00 84.78
CA ASP AB 116 -14.77 -107.22 84.78
C ASP AB 116 -14.47 -108.70 84.58
N ALA AB 117 -15.50 -109.52 84.76
CA ALA AB 117 -15.36 -110.97 84.67
C ALA AB 117 -15.94 -111.52 83.38
N LEU BB 1 -90.36 -77.94 68.70
CA LEU BB 1 -89.21 -77.95 67.80
C LEU BB 1 -88.18 -78.96 68.27
N SER BB 2 -88.01 -80.04 67.51
CA SER BB 2 -87.10 -81.11 67.87
C SER BB 2 -86.21 -81.47 66.69
N ILE BB 3 -84.93 -81.66 66.96
CA ILE BB 3 -83.98 -82.23 66.01
C ILE BB 3 -83.42 -83.48 66.67
N GLY BB 4 -84.03 -84.63 66.40
CA GLY BB 4 -83.71 -85.84 67.12
C GLY BB 4 -84.44 -85.90 68.44
N THR BB 5 -83.68 -85.99 69.54
CA THR BB 5 -84.26 -85.94 70.89
C THR BB 5 -84.04 -84.59 71.56
N LYS BB 6 -83.50 -83.61 70.83
CA LYS BB 6 -83.15 -82.32 71.39
C LYS BB 6 -84.25 -81.31 71.12
N ASN BB 7 -84.66 -80.59 72.16
CA ASN BB 7 -85.61 -79.50 72.02
C ASN BB 7 -84.84 -78.21 71.74
N VAL BB 8 -85.08 -77.63 70.57
CA VAL BB 8 -84.36 -76.44 70.13
C VAL BB 8 -85.37 -75.31 69.90
N SER BB 9 -84.84 -74.10 69.75
CA SER BB 9 -85.63 -72.93 69.41
C SER BB 9 -84.91 -72.15 68.32
N ILE BB 10 -85.68 -71.41 67.53
CA ILE BB 10 -85.10 -70.59 66.49
C ILE BB 10 -84.24 -69.52 67.12
N TYR BB 11 -82.97 -69.47 66.73
CA TYR BB 11 -82.01 -68.49 67.25
C TYR BB 11 -81.56 -67.50 66.20
N ARG BB 12 -81.37 -67.95 64.97
CA ARG BB 12 -81.01 -67.06 63.88
C ARG BB 12 -81.69 -67.53 62.61
N ASN BB 13 -82.28 -66.61 61.86
CA ASN BB 13 -83.03 -66.96 60.66
C ASN BB 13 -82.47 -66.15 59.49
N THR BB 14 -81.92 -66.85 58.52
CA THR BB 14 -81.31 -66.28 57.33
C THR BB 14 -81.91 -66.97 56.10
N ALA BB 15 -81.82 -66.30 54.95
CA ALA BB 15 -82.44 -66.82 53.73
C ALA BB 15 -82.02 -68.25 53.43
N ASP BB 16 -80.76 -68.60 53.73
CA ASP BB 16 -80.24 -69.92 53.39
C ASP BB 16 -79.64 -70.64 54.60
N GLU BB 17 -79.92 -70.17 55.81
CA GLU BB 17 -79.37 -70.80 57.00
C GLU BB 17 -80.26 -70.47 58.18
N VAL BB 18 -80.62 -71.49 58.96
CA VAL BB 18 -81.35 -71.30 60.22
C VAL BB 18 -80.55 -71.98 61.32
N ILE BB 19 -80.20 -71.21 62.34
CA ILE BB 19 -79.47 -71.72 63.50
C ILE BB 19 -80.45 -71.87 64.65
N TYR BB 20 -80.55 -73.08 65.18
CA TYR BB 20 -81.37 -73.39 66.35
C TYR BB 20 -80.46 -73.60 67.55
N ALA BB 21 -80.90 -73.12 68.70
CA ALA BB 21 -80.13 -73.20 69.93
C ALA BB 21 -80.73 -74.24 70.86
N GLY BB 22 -79.86 -75.02 71.50
CA GLY BB 22 -80.29 -76.01 72.45
C GLY BB 22 -80.51 -75.42 73.82
N PRO BB 23 -80.88 -76.26 74.79
CA PRO BB 23 -81.13 -75.74 76.14
C PRO BB 23 -79.91 -75.12 76.80
N ALA BB 24 -78.71 -75.56 76.43
CA ALA BB 24 -77.48 -75.11 77.08
C ALA BB 24 -76.79 -73.98 76.31
N HIS BB 25 -77.46 -73.38 75.33
CA HIS BB 25 -76.88 -72.30 74.56
C HIS BB 25 -77.17 -70.96 75.21
N ASP BB 26 -76.15 -70.10 75.25
CA ASP BB 26 -76.27 -68.77 75.82
C ASP BB 26 -75.15 -67.90 75.23
N VAL BB 27 -74.90 -66.75 75.85
CA VAL BB 27 -73.88 -65.83 75.36
C VAL BB 27 -72.47 -66.42 75.46
N THR BB 28 -72.16 -67.15 76.53
CA THR BB 28 -70.82 -67.67 76.73
C THR BB 28 -70.63 -69.13 76.37
N ASN BB 29 -71.70 -69.87 76.11
CA ASN BB 29 -71.61 -71.29 75.75
C ASN BB 29 -72.30 -71.53 74.42
N VAL BB 30 -71.80 -72.50 73.67
CA VAL BB 30 -72.32 -72.81 72.34
C VAL BB 30 -72.99 -74.18 72.40
N ASP BB 31 -74.26 -74.22 72.04
CA ASP BB 31 -75.00 -75.47 71.85
C ASP BB 31 -75.97 -75.21 70.70
N THR BB 32 -75.52 -75.48 69.47
CA THR BB 32 -76.30 -75.07 68.30
C THR BB 32 -76.34 -76.16 67.26
N VAL BB 33 -77.46 -76.18 66.52
CA VAL BB 33 -77.62 -76.99 65.32
C VAL BB 33 -78.03 -76.05 64.20
N SER BB 34 -77.23 -75.98 63.15
CA SER BB 34 -77.45 -75.07 62.03
C SER BB 34 -77.82 -75.87 60.79
N LEU BB 35 -78.93 -75.50 60.16
CA LEU BB 35 -79.31 -76.05 58.87
C LEU BB 35 -78.97 -75.04 57.79
N ARG BB 36 -78.18 -75.47 56.81
CA ARG BB 36 -77.74 -74.62 55.72
C ARG BB 36 -78.07 -75.30 54.40
N ARG BB 37 -78.31 -74.49 53.38
CA ARG BB 37 -78.67 -75.05 52.08
C ARG BB 37 -78.06 -74.20 50.97
N SER BB 38 -77.77 -74.87 49.87
CA SER BB 38 -77.37 -74.22 48.62
C SER BB 38 -78.28 -74.80 47.54
N LEU BB 39 -79.18 -73.96 47.04
CA LEU BB 39 -80.19 -74.39 46.09
C LEU BB 39 -79.58 -74.59 44.71
N PRO BB 40 -80.18 -75.46 43.89
CA PRO BB 40 -79.62 -75.70 42.55
C PRO BB 40 -79.58 -74.43 41.71
N VAL BB 41 -78.51 -74.29 40.94
CA VAL BB 41 -78.35 -73.20 40.00
C VAL BB 41 -78.33 -73.81 38.61
N LYS BB 42 -79.32 -73.45 37.79
CA LYS BB 42 -79.44 -74.02 36.44
C LYS BB 42 -78.41 -73.32 35.55
N LYS BB 43 -77.18 -73.80 35.66
CA LYS BB 43 -76.06 -73.22 34.91
C LYS BB 43 -75.86 -73.99 33.61
N GLY BB 44 -76.01 -73.30 32.49
CA GLY BB 44 -75.89 -73.95 31.20
C GLY BB 44 -76.94 -75.04 31.05
N SER BB 45 -76.50 -76.23 30.64
CA SER BB 45 -77.38 -77.37 30.52
C SER BB 45 -77.51 -78.17 31.82
N ASP BB 46 -76.53 -78.06 32.72
CA ASP BB 46 -76.61 -78.74 34.00
C ASP BB 46 -77.71 -78.11 34.85
N ASN BB 47 -78.58 -78.95 35.41
CA ASN BB 47 -79.63 -78.47 36.29
C ASN BB 47 -79.13 -78.07 37.66
N GLY BB 48 -77.87 -78.33 37.98
CA GLY BB 48 -77.31 -77.94 39.25
C GLY BB 48 -77.30 -79.06 40.27
N THR BB 49 -76.95 -78.68 41.49
CA THR BB 49 -76.86 -79.61 42.61
C THR BB 49 -77.47 -78.97 43.84
N MET BB 50 -78.26 -79.75 44.59
CA MET BB 50 -78.79 -79.30 45.86
C MET BB 50 -77.83 -79.73 46.96
N ARG BB 51 -77.34 -78.76 47.74
CA ARG BB 51 -76.41 -79.03 48.83
C ARG BB 51 -77.10 -78.77 50.15
N GLY BB 52 -77.09 -79.75 51.04
CA GLY BB 52 -77.63 -79.60 52.37
C GLY BB 52 -76.54 -79.80 53.40
N ASN BB 53 -76.57 -79.01 54.47
CA ASN BB 53 -75.57 -79.09 55.51
C ASN BB 53 -76.24 -79.00 56.87
N MET BB 54 -75.88 -79.92 57.76
CA MET BB 54 -76.33 -79.87 59.15
C MET BB 54 -75.08 -79.79 60.03
N ASN BB 55 -75.01 -78.75 60.84
CA ASN BB 55 -73.84 -78.45 61.66
C ASN BB 55 -74.21 -78.55 63.12
N PHE BB 56 -73.41 -79.28 63.89
CA PHE BB 56 -73.58 -79.40 65.33
C PHE BB 56 -72.37 -78.75 65.99
N ALA BB 57 -72.62 -77.80 66.89
CA ALA BB 57 -71.55 -77.09 67.58
C ALA BB 57 -71.81 -77.13 69.08
N LYS BB 58 -70.79 -77.52 69.83
CA LYS BB 58 -70.89 -77.57 71.28
C LYS BB 58 -69.60 -77.09 71.91
N SER BB 59 -69.73 -76.44 73.07
CA SER BB 59 -68.57 -76.02 73.85
C SER BB 59 -68.21 -77.10 74.87
N PHE BB 60 -66.90 -77.28 75.06
CA PHE BB 60 -66.39 -78.31 75.94
C PHE BB 60 -65.24 -77.74 76.76
N PRO BB 61 -65.07 -78.19 78.00
CA PRO BB 61 -63.89 -77.78 78.77
C PRO BB 61 -62.61 -78.29 78.12
N ASN BB 62 -61.65 -77.38 77.95
CA ASN BB 62 -60.35 -77.69 77.37
C ASN BB 62 -59.31 -77.08 78.31
N GLY BB 63 -58.85 -77.88 79.28
CA GLY BB 63 -57.93 -77.39 80.28
C GLY BB 63 -58.51 -76.21 81.03
N ASP BB 64 -57.97 -75.02 80.75
CA ASP BB 64 -58.49 -73.80 81.36
C ASP BB 64 -59.63 -73.20 80.55
N LYS BB 65 -59.53 -73.24 79.22
CA LYS BB 65 -60.46 -72.53 78.36
C LYS BB 65 -61.60 -73.45 77.93
N LYS BB 66 -62.38 -72.99 76.95
CA LYS BB 66 -63.47 -73.78 76.38
C LYS BB 66 -63.26 -73.88 74.88
N SER BB 67 -63.24 -75.11 74.37
CA SER BB 67 -63.03 -75.38 72.95
C SER BB 67 -64.33 -75.77 72.28
N LEU BB 68 -64.39 -75.57 70.97
CA LEU BB 68 -65.60 -75.82 70.19
C LEU BB 68 -65.44 -77.11 69.40
N VAL BB 69 -66.34 -78.06 69.64
CA VAL BB 69 -66.41 -79.31 68.88
C VAL BB 69 -67.54 -79.18 67.87
N VAL BB 70 -67.23 -79.44 66.60
CA VAL BB 70 -68.16 -79.27 65.49
C VAL BB 70 -68.24 -80.58 64.72
N VAL BB 71 -69.47 -81.02 64.44
CA VAL BB 71 -69.74 -82.17 63.60
C VAL BB 71 -70.54 -81.69 62.40
N ASN BB 72 -70.04 -81.97 61.20
CA ASN BB 72 -70.69 -81.54 59.97
C ASN BB 72 -71.29 -82.74 59.26
N LEU BB 73 -72.42 -82.51 58.59
CA LEU BB 73 -73.07 -83.54 57.78
C LEU BB 73 -73.56 -82.88 56.50
N THR BB 74 -72.87 -83.12 55.39
CA THR BB 74 -73.17 -82.47 54.13
C THR BB 74 -73.56 -83.49 53.08
N ALA BB 75 -74.65 -83.21 52.37
CA ALA BB 75 -75.14 -84.04 51.28
C ALA BB 75 -75.21 -83.24 50.00
N HIS BB 76 -74.72 -83.83 48.90
CA HIS BB 76 -74.76 -83.24 47.58
C HIS BB 76 -75.63 -84.12 46.70
N VAL BB 77 -76.78 -83.61 46.28
CA VAL BB 77 -77.69 -84.40 45.45
C VAL BB 77 -77.86 -83.70 44.10
N PRO BB 78 -77.40 -84.28 43.00
CA PRO BB 78 -77.61 -83.65 41.69
C PRO BB 78 -79.09 -83.64 41.31
N VAL BB 79 -79.49 -82.59 40.59
CA VAL BB 79 -80.88 -82.45 40.18
C VAL BB 79 -81.20 -83.47 39.10
N GLY BB 80 -82.34 -84.14 39.24
CA GLY BB 80 -82.77 -85.18 38.33
C GLY BB 80 -82.66 -86.58 38.91
N VAL BB 81 -81.78 -86.76 39.89
CA VAL BB 81 -81.67 -88.05 40.57
C VAL BB 81 -82.95 -88.29 41.36
N ASP BB 82 -83.47 -89.52 41.28
CA ASP BB 82 -84.69 -89.86 41.98
C ASP BB 82 -84.51 -89.70 43.49
N ALA BB 83 -85.41 -88.96 44.12
CA ALA BB 83 -85.24 -88.63 45.53
C ALA BB 83 -85.46 -89.84 46.42
N THR BB 84 -86.42 -90.71 46.07
CA THR BB 84 -86.73 -91.86 46.91
C THR BB 84 -85.54 -92.82 46.99
N ALA BB 85 -84.84 -93.02 45.86
CA ALA BB 85 -83.66 -93.88 45.87
C ALA BB 85 -82.58 -93.31 46.78
N VAL BB 86 -82.35 -91.99 46.71
CA VAL BB 86 -81.36 -91.37 47.59
C VAL BB 86 -81.76 -91.52 49.05
N ARG BB 87 -83.04 -91.33 49.35
CA ARG BB 87 -83.48 -91.41 50.73
C ARG BB 87 -83.34 -92.82 51.28
N THR BB 88 -83.70 -93.84 50.49
CA THR BB 88 -83.53 -95.20 50.99
C THR BB 88 -82.06 -95.59 51.08
N TRP BB 89 -81.22 -95.05 50.19
CA TRP BB 89 -79.78 -95.28 50.30
C TRP BB 89 -79.23 -94.69 51.58
N MET BB 90 -79.64 -93.46 51.91
CA MET BB 90 -79.18 -92.83 53.15
C MET BB 90 -79.70 -93.58 54.37
N THR BB 91 -80.97 -93.99 54.35
CA THR BB 91 -81.56 -94.67 55.50
C THR BB 91 -80.90 -96.03 55.74
N SER BB 92 -80.61 -96.76 54.66
CA SER BB 92 -80.11 -98.13 54.80
C SER BB 92 -78.60 -98.25 54.74
N GLU BB 93 -77.92 -97.40 53.98
CA GLU BB 93 -76.49 -97.55 53.74
C GLU BB 93 -75.63 -96.47 54.38
N VAL BB 94 -76.15 -95.26 54.52
CA VAL BB 94 -75.32 -94.16 55.01
C VAL BB 94 -75.49 -93.99 56.51
N PHE BB 95 -76.73 -93.91 56.98
CA PHE BB 95 -77.02 -93.64 58.39
C PHE BB 95 -76.51 -94.72 59.33
N PRO BB 96 -76.73 -96.02 59.07
CA PRO BB 96 -76.20 -97.04 60.00
C PRO BB 96 -74.68 -97.01 60.10
N GLY BB 97 -73.96 -96.71 59.01
CA GLY BB 97 -72.52 -96.65 59.08
C GLY BB 97 -71.98 -95.36 59.64
N ALA BB 98 -72.73 -94.26 59.52
CA ALA BB 98 -72.28 -92.97 59.99
C ALA BB 98 -72.48 -92.77 61.48
N THR BB 99 -73.21 -93.67 62.15
CA THR BB 99 -73.48 -93.57 63.57
C THR BB 99 -72.91 -94.74 64.37
N SER BB 100 -71.95 -95.45 63.79
CA SER BB 100 -71.37 -96.62 64.43
C SER BB 100 -70.14 -96.19 65.25
N SER BB 101 -69.42 -97.18 65.79
CA SER BB 101 -68.19 -96.89 66.52
C SER BB 101 -67.07 -96.42 65.61
N VAL BB 102 -67.18 -96.68 64.30
CA VAL BB 102 -66.18 -96.21 63.36
C VAL BB 102 -66.11 -94.69 63.38
N THR BB 103 -67.27 -94.03 63.40
CA THR BB 103 -67.30 -92.58 63.47
C THR BB 103 -66.66 -92.07 64.75
N LEU BB 104 -66.94 -92.72 65.88
CA LEU BB 104 -66.37 -92.29 67.14
C LEU BB 104 -64.84 -92.43 67.15
N ASP BB 105 -64.34 -93.57 66.66
CA ASP BB 105 -62.89 -93.76 66.60
C ASP BB 105 -62.24 -92.76 65.65
N LEU BB 106 -62.87 -92.51 64.50
CA LEU BB 106 -62.32 -91.56 63.54
C LEU BB 106 -62.30 -90.14 64.11
N ALA BB 107 -63.34 -89.76 64.86
CA ALA BB 107 -63.42 -88.41 65.40
C ALA BB 107 -62.47 -88.21 66.57
N THR BB 108 -62.32 -89.21 67.43
CA THR BB 108 -61.51 -89.03 68.64
C THR BB 108 -60.06 -89.46 68.45
N LYS BB 109 -59.79 -90.45 67.60
CA LYS BB 109 -58.44 -90.97 67.43
C LYS BB 109 -57.94 -90.98 66.00
N GLY BB 110 -58.79 -90.66 65.02
CA GLY BB 110 -58.36 -90.69 63.64
C GLY BB 110 -58.14 -92.07 63.07
N VAL BB 111 -58.90 -93.06 63.52
CA VAL BB 111 -58.74 -94.44 63.07
C VAL BB 111 -59.39 -94.59 61.70
N ILE BB 112 -58.59 -94.94 60.70
CA ILE BB 112 -59.07 -95.11 59.33
C ILE BB 112 -59.01 -96.55 58.86
N HIS BB 113 -58.52 -97.47 59.70
CA HIS BB 113 -58.46 -98.90 59.38
C HIS BB 113 -59.40 -99.63 60.33
N LEU BB 114 -60.54 -100.11 59.81
CA LEU BB 114 -61.57 -100.74 60.64
C LEU BB 114 -61.42 -102.25 60.59
N SER BB 115 -60.29 -102.74 61.07
CA SER BB 115 -60.02 -104.17 61.11
C SER BB 115 -60.80 -104.83 62.25
N ASP BB 116 -61.25 -106.06 62.02
CA ASP BB 116 -61.18 -106.78 60.75
C ASP BB 116 -62.52 -107.44 60.45
N ALA BB 117 -63.30 -107.70 61.50
CA ALA BB 117 -64.58 -108.38 61.35
C ALA BB 117 -65.64 -107.46 60.76
N LEU CB 1 11.81 -101.93 -91.49
CA LEU CB 1 12.02 -100.50 -91.28
C LEU CB 1 13.35 -100.04 -91.85
N SER CB 2 13.30 -99.12 -92.82
CA SER CB 2 14.50 -98.62 -93.47
C SER CB 2 14.34 -97.13 -93.75
N ILE CB 3 15.47 -96.43 -93.76
CA ILE CB 3 15.54 -95.02 -94.14
C ILE CB 3 16.60 -94.93 -95.21
N GLY CB 4 16.19 -94.96 -96.47
CA GLY CB 4 17.12 -95.11 -97.56
C GLY CB 4 17.63 -96.54 -97.64
N THR CB 5 18.93 -96.73 -97.46
CA THR CB 5 19.53 -98.05 -97.47
C THR CB 5 19.95 -98.51 -96.08
N LYS CB 6 19.54 -97.82 -95.03
CA LYS CB 6 19.92 -98.13 -93.66
C LYS CB 6 18.74 -98.74 -92.92
N ASN CB 7 18.99 -99.87 -92.26
CA ASN CB 7 17.98 -100.52 -91.44
C ASN CB 7 17.95 -99.88 -90.06
N VAL CB 8 16.76 -99.50 -89.61
CA VAL CB 8 16.58 -98.83 -88.32
C VAL CB 8 15.49 -99.54 -87.55
N SER CB 9 15.39 -99.20 -86.26
CA SER CB 9 14.37 -99.73 -85.38
C SER CB 9 13.79 -98.60 -84.55
N ILE CB 10 12.51 -98.72 -84.21
CA ILE CB 10 11.89 -97.75 -83.30
C ILE CB 10 12.67 -97.72 -82.00
N TYR CB 11 13.12 -96.53 -81.61
CA TYR CB 11 13.88 -96.34 -80.39
C TYR CB 11 13.18 -95.45 -79.38
N ARG CB 12 12.64 -94.31 -79.82
CA ARG CB 12 11.91 -93.41 -78.95
C ARG CB 12 10.68 -92.87 -79.67
N ASN CB 13 9.56 -92.81 -78.97
CA ASN CB 13 8.30 -92.37 -79.55
C ASN CB 13 7.72 -91.26 -78.69
N THR CB 14 7.43 -90.12 -79.31
CA THR CB 14 6.68 -89.05 -78.66
C THR CB 14 5.53 -88.62 -79.56
N ALA CB 15 4.78 -87.60 -79.13
CA ALA CB 15 3.61 -87.19 -79.90
C ALA CB 15 4.00 -86.66 -81.28
N ASP CB 16 5.06 -85.87 -81.36
CA ASP CB 16 5.45 -85.24 -82.62
C ASP CB 16 6.87 -85.59 -83.06
N GLU CB 17 7.54 -86.51 -82.38
CA GLU CB 17 8.90 -86.86 -82.75
C GLU CB 17 9.11 -88.35 -82.52
N VAL CB 18 9.72 -89.01 -83.51
CA VAL CB 18 10.09 -90.41 -83.42
C VAL CB 18 11.58 -90.54 -83.74
N ILE CB 19 12.33 -91.14 -82.82
CA ILE CB 19 13.75 -91.41 -83.00
C ILE CB 19 13.94 -92.89 -83.33
N TYR CB 20 14.63 -93.16 -84.43
CA TYR CB 20 15.02 -94.51 -84.83
C TYR CB 20 16.52 -94.67 -84.63
N ALA CB 21 16.92 -95.87 -84.23
CA ALA CB 21 18.32 -96.18 -83.94
C ALA CB 21 18.89 -97.06 -85.05
N GLY CB 22 20.12 -96.75 -85.47
CA GLY CB 22 20.80 -97.54 -86.46
C GLY CB 22 21.48 -98.75 -85.85
N PRO CB 23 22.12 -99.56 -86.71
CA PRO CB 23 22.77 -100.78 -86.21
C PRO CB 23 23.93 -100.52 -85.25
N ALA CB 24 24.53 -99.33 -85.27
CA ALA CB 24 25.69 -99.03 -84.46
C ALA CB 24 25.36 -98.24 -83.21
N HIS CB 25 24.08 -98.04 -82.91
CA HIS CB 25 23.69 -97.25 -81.75
C HIS CB 25 23.71 -98.11 -80.48
N ASP CB 26 24.44 -97.65 -79.48
CA ASP CB 26 24.47 -98.31 -78.18
C ASP CB 26 24.75 -97.25 -77.12
N VAL CB 27 25.15 -97.69 -75.93
CA VAL CB 27 25.41 -96.80 -74.80
C VAL CB 27 26.58 -95.87 -75.10
N THR CB 28 27.50 -96.30 -75.97
CA THR CB 28 28.71 -95.54 -76.23
C THR CB 28 28.71 -94.82 -77.58
N ASN CB 29 28.03 -95.35 -78.58
CA ASN CB 29 28.06 -94.79 -79.93
C ASN CB 29 26.67 -94.33 -80.33
N VAL CB 30 26.60 -93.14 -80.91
CA VAL CB 30 25.33 -92.58 -81.39
C VAL CB 30 25.20 -92.85 -82.88
N ASP CB 31 24.05 -93.43 -83.26
CA ASP CB 31 23.71 -93.60 -84.67
C ASP CB 31 22.18 -93.53 -84.75
N THR CB 32 21.65 -92.33 -84.99
CA THR CB 32 20.21 -92.13 -84.89
C THR CB 32 19.70 -91.28 -86.04
N VAL CB 33 18.44 -91.51 -86.40
CA VAL CB 33 17.69 -90.67 -87.33
C VAL CB 33 16.37 -90.31 -86.67
N SER CB 34 16.09 -89.03 -86.57
CA SER CB 34 14.89 -88.53 -85.91
C SER CB 34 13.97 -87.87 -86.93
N LEU CB 35 12.67 -88.14 -86.79
CA LEU CB 35 11.64 -87.52 -87.62
C LEU CB 35 10.75 -86.69 -86.70
N ARG CB 36 10.69 -85.39 -86.93
CA ARG CB 36 9.91 -84.48 -86.11
C ARG CB 36 8.97 -83.67 -86.98
N ARG CB 37 7.77 -83.43 -86.48
CA ARG CB 37 6.78 -82.65 -87.20
C ARG CB 37 6.28 -81.51 -86.33
N SER CB 38 6.03 -80.37 -86.97
CA SER CB 38 5.34 -79.24 -86.37
C SER CB 38 4.12 -79.00 -87.24
N LEU CB 39 2.97 -79.46 -86.76
CA LEU CB 39 1.74 -79.36 -87.51
C LEU CB 39 1.26 -77.91 -87.55
N PRO CB 40 0.61 -77.50 -88.63
CA PRO CB 40 0.16 -76.11 -88.74
C PRO CB 40 -0.87 -75.77 -87.68
N VAL CB 41 -0.78 -74.56 -87.15
CA VAL CB 41 -1.81 -73.98 -86.30
C VAL CB 41 -2.43 -72.84 -87.10
N LYS CB 42 -3.76 -72.90 -87.27
CA LYS CB 42 -4.45 -71.97 -88.15
C LYS CB 42 -5.04 -70.85 -87.30
N LYS CB 43 -4.15 -70.10 -86.66
CA LYS CB 43 -4.53 -68.95 -85.87
C LYS CB 43 -5.01 -67.81 -86.77
N GLY CB 44 -5.98 -67.06 -86.27
CA GLY CB 44 -6.57 -65.97 -87.01
C GLY CB 44 -7.04 -66.35 -88.39
N SER CB 45 -6.44 -65.74 -89.41
CA SER CB 45 -6.72 -66.08 -90.80
C SER CB 45 -5.64 -66.91 -91.46
N ASP CB 46 -4.39 -66.78 -91.03
CA ASP CB 46 -3.31 -67.56 -91.60
C ASP CB 46 -3.47 -69.03 -91.23
N ASN CB 47 -3.30 -69.91 -92.22
CA ASN CB 47 -3.46 -71.34 -92.02
C ASN CB 47 -2.23 -72.01 -91.44
N GLY CB 48 -1.15 -71.26 -91.20
CA GLY CB 48 0.04 -71.81 -90.58
C GLY CB 48 0.93 -72.55 -91.56
N THR CB 49 1.98 -73.13 -91.00
CA THR CB 49 3.02 -73.80 -91.78
C THR CB 49 3.24 -75.21 -91.24
N MET CB 50 3.40 -76.16 -92.15
CA MET CB 50 3.81 -77.51 -91.79
C MET CB 50 5.33 -77.59 -91.83
N ARG CB 51 5.94 -77.99 -90.72
CA ARG CB 51 7.39 -78.07 -90.61
C ARG CB 51 7.81 -79.51 -90.41
N GLY CB 52 8.61 -80.02 -91.34
CA GLY CB 52 9.11 -81.38 -91.23
C GLY CB 52 10.61 -81.43 -91.09
N ASN CB 53 11.12 -81.97 -89.98
CA ASN CB 53 12.55 -82.00 -89.70
C ASN CB 53 13.03 -83.44 -89.64
N MET CB 54 14.12 -83.72 -90.36
CA MET CB 54 14.79 -85.01 -90.30
C MET CB 54 16.21 -84.80 -89.81
N ASN CB 55 16.58 -85.54 -88.76
CA ASN CB 55 17.83 -85.36 -88.04
C ASN CB 55 18.68 -86.61 -88.19
N PHE CB 56 19.95 -86.43 -88.52
CA PHE CB 56 20.92 -87.52 -88.55
C PHE CB 56 22.02 -87.23 -87.53
N ALA CB 57 22.22 -88.14 -86.58
CA ALA CB 57 23.20 -87.94 -85.53
C ALA CB 57 24.16 -89.12 -85.51
N LYS CB 58 25.46 -88.82 -85.50
CA LYS CB 58 26.48 -89.86 -85.48
C LYS CB 58 27.66 -89.42 -84.63
N SER CB 59 28.14 -90.32 -83.78
CA SER CB 59 29.34 -90.05 -83.01
C SER CB 59 30.58 -90.36 -83.83
N PHE CB 60 31.61 -89.54 -83.65
CA PHE CB 60 32.86 -89.65 -84.39
C PHE CB 60 34.02 -89.50 -83.42
N PRO CB 61 35.15 -90.15 -83.69
CA PRO CB 61 36.35 -89.93 -82.86
C PRO CB 61 36.86 -88.51 -83.02
N ASN CB 62 37.17 -87.87 -81.89
CA ASN CB 62 37.70 -86.51 -81.86
C ASN CB 62 38.80 -86.51 -80.81
N GLY CB 63 40.03 -86.73 -81.25
CA GLY CB 63 41.13 -86.88 -80.31
C GLY CB 63 40.86 -88.07 -79.42
N ASP CB 64 40.89 -87.83 -78.10
CA ASP CB 64 40.58 -88.88 -77.15
C ASP CB 64 39.10 -89.01 -76.86
N LYS CB 65 38.29 -88.01 -77.22
CA LYS CB 65 36.88 -88.02 -76.90
C LYS CB 65 36.04 -88.36 -78.13
N LYS CB 66 34.73 -88.23 -78.00
CA LYS CB 66 33.80 -88.45 -79.09
C LYS CB 66 32.99 -87.18 -79.32
N SER CB 67 32.75 -86.86 -80.59
CA SER CB 67 32.03 -85.66 -80.97
C SER CB 67 30.80 -86.04 -81.80
N LEU CB 68 29.71 -85.33 -81.60
CA LEU CB 68 28.47 -85.59 -82.31
C LEU CB 68 28.39 -84.75 -83.56
N VAL CB 69 28.25 -85.40 -84.71
CA VAL CB 69 27.98 -84.74 -85.98
C VAL CB 69 26.50 -84.88 -86.28
N VAL CB 70 25.84 -83.76 -86.53
CA VAL CB 70 24.40 -83.69 -86.74
C VAL CB 70 24.13 -83.05 -88.09
N VAL CB 71 23.26 -83.67 -88.89
CA VAL CB 71 22.81 -83.13 -90.16
C VAL CB 71 21.29 -82.97 -90.08
N ASN CB 72 20.81 -81.76 -90.33
CA ASN CB 72 19.39 -81.44 -90.28
C ASN CB 72 18.86 -81.16 -91.68
N LEU CB 73 17.67 -81.67 -91.97
CA LEU CB 73 16.97 -81.37 -93.21
C LEU CB 73 15.54 -80.98 -92.86
N THR CB 74 15.20 -79.71 -93.03
CA THR CB 74 13.91 -79.17 -92.61
C THR CB 74 13.18 -78.58 -93.79
N ALA CB 75 11.90 -78.92 -93.91
CA ALA CB 75 11.02 -78.38 -94.95
C ALA CB 75 9.93 -77.54 -94.28
N HIS CB 76 9.73 -76.33 -94.79
CA HIS CB 76 8.69 -75.42 -94.31
C HIS CB 76 7.70 -75.22 -95.46
N VAL CB 77 6.52 -75.83 -95.35
CA VAL CB 77 5.52 -75.77 -96.41
C VAL CB 77 4.31 -75.00 -95.88
N PRO CB 78 4.01 -73.82 -96.40
CA PRO CB 78 2.79 -73.12 -96.00
C PRO CB 78 1.54 -73.88 -96.45
N VAL CB 79 0.49 -73.78 -95.65
CA VAL CB 79 -0.75 -74.50 -95.93
C VAL CB 79 -1.46 -73.84 -97.12
N GLY CB 80 -1.89 -74.66 -98.08
CA GLY CB 80 -2.54 -74.19 -99.29
C GLY CB 80 -1.72 -74.45 -100.53
N VAL CB 81 -0.40 -74.59 -100.38
CA VAL CB 81 0.46 -74.90 -101.51
C VAL CB 81 0.21 -76.33 -101.96
N ASP CB 82 0.16 -76.54 -103.26
CA ASP CB 82 -0.06 -77.87 -103.81
C ASP CB 82 1.06 -78.82 -103.40
N ALA CB 83 0.68 -79.95 -102.79
CA ALA CB 83 1.66 -80.92 -102.32
C ALA CB 83 2.44 -81.54 -103.48
N THR CB 84 1.75 -81.82 -104.59
CA THR CB 84 2.41 -82.46 -105.73
C THR CB 84 3.48 -81.54 -106.33
N ALA CB 85 3.18 -80.25 -106.46
CA ALA CB 85 4.17 -79.31 -106.99
C ALA CB 85 5.38 -79.21 -106.07
N VAL CB 86 5.14 -79.18 -104.76
CA VAL CB 86 6.24 -79.12 -103.80
C VAL CB 86 7.10 -80.38 -103.88
N ARG CB 87 6.46 -81.55 -103.99
CA ARG CB 87 7.22 -82.80 -104.10
C ARG CB 87 8.04 -82.84 -105.37
N THR CB 88 7.47 -82.38 -106.49
CA THR CB 88 8.23 -82.33 -107.73
C THR CB 88 9.42 -81.38 -107.62
N TRP CB 89 9.21 -80.21 -107.00
CA TRP CB 89 10.31 -79.27 -106.82
C TRP CB 89 11.40 -79.86 -105.94
N MET CB 90 11.02 -80.54 -104.86
CA MET CB 90 12.00 -81.15 -103.97
C MET CB 90 12.78 -82.25 -104.68
N THR CB 91 12.09 -83.08 -105.47
CA THR CB 91 12.74 -84.21 -106.12
C THR CB 91 13.67 -83.76 -107.25
N SER CB 92 13.23 -82.80 -108.06
CA SER CB 92 13.97 -82.42 -109.25
C SER CB 92 15.00 -81.31 -108.99
N GLU CB 93 14.79 -80.48 -107.97
CA GLU CB 93 15.65 -79.34 -107.74
C GLU CB 93 16.41 -79.39 -106.42
N VAL CB 94 15.72 -79.71 -105.33
CA VAL CB 94 16.35 -79.66 -104.01
C VAL CB 94 17.20 -80.90 -103.76
N PHE CB 95 16.65 -82.08 -104.06
CA PHE CB 95 17.35 -83.32 -103.75
C PHE CB 95 18.68 -83.47 -104.50
N PRO CB 96 18.76 -83.25 -105.82
CA PRO CB 96 20.07 -83.35 -106.47
C PRO CB 96 21.09 -82.35 -105.95
N GLY CB 97 20.67 -81.14 -105.59
CA GLY CB 97 21.61 -80.16 -105.10
C GLY CB 97 22.04 -80.37 -103.67
N ALA CB 98 21.19 -80.99 -102.85
CA ALA CB 98 21.48 -81.24 -101.45
C ALA CB 98 22.30 -82.50 -101.23
N THR CB 99 22.58 -83.25 -102.28
CA THR CB 99 23.43 -84.45 -102.19
C THR CB 99 24.65 -84.33 -103.08
N SER CB 100 24.96 -83.14 -103.56
CA SER CB 100 26.10 -82.91 -104.43
C SER CB 100 27.36 -82.69 -103.58
N SER CB 101 28.49 -82.51 -104.27
CA SER CB 101 29.74 -82.19 -103.58
C SER CB 101 29.68 -80.81 -102.92
N VAL CB 102 28.73 -79.96 -103.35
CA VAL CB 102 28.59 -78.64 -102.73
C VAL CB 102 28.22 -78.79 -101.26
N THR CB 103 27.27 -79.68 -100.96
CA THR CB 103 26.87 -79.89 -99.57
C THR CB 103 28.03 -80.44 -98.74
N LEU CB 104 28.78 -81.41 -99.30
CA LEU CB 104 29.92 -81.97 -98.58
C LEU CB 104 30.97 -80.91 -98.30
N ASP CB 105 31.28 -80.09 -99.30
CA ASP CB 105 32.27 -79.03 -99.13
C ASP CB 105 31.82 -78.01 -98.09
N LEU CB 106 30.54 -77.62 -98.13
CA LEU CB 106 30.04 -76.68 -97.14
C LEU CB 106 30.10 -77.26 -95.74
N ALA CB 107 29.76 -78.53 -95.59
CA ALA CB 107 29.71 -79.14 -94.26
C ALA CB 107 31.10 -79.34 -93.68
N THR CB 108 32.05 -79.83 -94.48
CA THR CB 108 33.34 -80.23 -93.96
C THR CB 108 34.44 -79.19 -94.14
N LYS CB 109 34.22 -78.15 -94.94
CA LYS CB 109 35.22 -77.12 -95.17
C LYS CB 109 34.68 -75.71 -95.07
N GLY CB 110 33.36 -75.54 -94.96
CA GLY CB 110 32.78 -74.22 -94.94
C GLY CB 110 32.90 -73.47 -96.26
N VAL CB 111 32.79 -74.17 -97.38
CA VAL CB 111 32.93 -73.54 -98.69
C VAL CB 111 31.57 -73.02 -99.13
N ILE CB 112 31.48 -71.71 -99.36
CA ILE CB 112 30.25 -71.06 -99.81
C ILE CB 112 30.37 -70.49 -101.21
N HIS CB 113 31.53 -70.64 -101.85
CA HIS CB 113 31.76 -70.18 -103.22
C HIS CB 113 31.94 -71.41 -104.11
N LEU CB 114 30.97 -71.68 -104.98
CA LEU CB 114 31.07 -72.83 -105.90
C LEU CB 114 31.57 -72.36 -107.25
N SER CB 115 32.85 -72.01 -107.31
CA SER CB 115 33.51 -71.71 -108.56
C SER CB 115 34.05 -72.98 -109.21
N ASP CB 116 34.09 -72.98 -110.53
CA ASP CB 116 33.60 -71.97 -111.46
C ASP CB 116 32.87 -72.61 -112.63
N ALA CB 117 32.97 -73.94 -112.71
CA ALA CB 117 32.36 -74.70 -113.80
C ALA CB 117 30.84 -74.54 -113.81
N LEU DB 1 28.53 -72.10 -113.27
CA LEU DB 1 28.06 -72.13 -111.89
C LEU DB 1 26.77 -72.92 -111.78
N SER DB 2 26.85 -74.11 -111.19
CA SER DB 2 25.69 -74.98 -111.06
C SER DB 2 25.68 -75.61 -109.66
N ILE DB 3 24.48 -75.74 -109.11
CA ILE DB 3 24.25 -76.47 -107.86
C ILE DB 3 23.34 -77.63 -108.18
N GLY DB 4 23.86 -78.85 -108.06
CA GLY DB 4 23.13 -80.02 -108.49
C GLY DB 4 22.90 -80.01 -109.99
N THR DB 5 21.64 -80.05 -110.41
CA THR DB 5 21.30 -79.95 -111.82
C THR DB 5 20.83 -78.56 -112.23
N LYS DB 6 20.82 -77.60 -111.31
CA LYS DB 6 20.32 -76.26 -111.57
C LYS DB 6 21.48 -75.31 -111.81
N ASN DB 7 21.46 -74.63 -112.95
CA ASN DB 7 22.40 -73.54 -113.18
C ASN DB 7 21.98 -72.31 -112.38
N VAL DB 8 22.95 -71.71 -111.68
CA VAL DB 8 22.69 -70.56 -110.84
C VAL DB 8 23.74 -69.49 -111.15
N SER DB 9 23.47 -68.28 -110.66
CA SER DB 9 24.39 -67.17 -110.76
C SER DB 9 24.47 -66.48 -109.41
N ILE DB 10 25.60 -65.82 -109.16
CA ILE DB 10 25.79 -65.10 -107.91
C ILE DB 10 24.82 -63.95 -107.85
N TYR DB 11 24.02 -63.91 -106.78
CA TYR DB 11 23.02 -62.87 -106.58
C TYR DB 11 23.40 -61.90 -105.48
N ARG DB 12 23.83 -62.41 -104.33
CA ARG DB 12 24.30 -61.56 -103.25
C ARG DB 12 25.47 -62.25 -102.57
N ASN DB 13 26.42 -61.46 -102.05
CA ASN DB 13 27.67 -62.00 -101.54
C ASN DB 13 28.06 -61.22 -100.29
N THR DB 14 27.93 -61.86 -99.13
CA THR DB 14 28.43 -61.33 -97.87
C THR DB 14 29.62 -62.16 -97.41
N ALA DB 15 30.12 -61.85 -96.21
CA ALA DB 15 31.33 -62.51 -95.71
C ALA DB 15 31.10 -64.00 -95.48
N ASP DB 16 29.99 -64.36 -94.85
CA ASP DB 16 29.72 -65.76 -94.51
C ASP DB 16 28.46 -66.30 -95.16
N GLU DB 17 27.88 -65.59 -96.13
CA GLU DB 17 26.71 -66.07 -96.84
C GLU DB 17 26.78 -65.62 -98.29
N VAL DB 18 26.51 -66.56 -99.20
CA VAL DB 18 26.38 -66.25 -100.62
C VAL DB 18 25.03 -66.77 -101.09
N ILE DB 19 24.20 -65.88 -101.62
CA ILE DB 19 22.91 -66.23 -102.18
C ILE DB 19 23.05 -66.29 -103.68
N TYR DB 20 22.69 -67.43 -104.27
CA TYR DB 20 22.65 -67.64 -105.71
C TYR DB 20 21.20 -67.69 -106.18
N ALA DB 21 20.98 -67.23 -107.40
CA ALA DB 21 19.65 -67.13 -107.97
C ALA DB 21 19.52 -68.10 -109.14
N GLY DB 22 18.39 -68.80 -109.22
CA GLY DB 22 18.11 -69.67 -110.32
C GLY DB 22 17.73 -68.88 -111.55
N PRO DB 23 17.54 -69.57 -112.68
CA PRO DB 23 17.19 -68.85 -113.91
C PRO DB 23 15.88 -68.09 -113.82
N ALA DB 24 14.93 -68.58 -113.03
CA ALA DB 24 13.61 -67.95 -112.94
C ALA DB 24 13.54 -66.84 -111.90
N HIS DB 25 14.56 -66.69 -111.05
CA HIS DB 25 14.51 -65.71 -109.98
C HIS DB 25 14.35 -64.30 -110.56
N ASP DB 26 13.47 -63.52 -109.93
CA ASP DB 26 13.19 -62.17 -110.38
C ASP DB 26 12.67 -61.36 -109.20
N VAL DB 27 12.12 -60.18 -109.49
CA VAL DB 27 11.66 -59.27 -108.44
C VAL DB 27 10.37 -59.74 -107.78
N THR DB 28 9.63 -60.65 -108.41
CA THR DB 28 8.39 -61.17 -107.84
C THR DB 28 8.41 -62.66 -107.58
N ASN DB 29 9.27 -63.43 -108.24
CA ASN DB 29 9.39 -64.86 -108.02
C ASN DB 29 10.72 -65.14 -107.32
N VAL DB 30 10.66 -65.88 -106.21
CA VAL DB 30 11.86 -66.24 -105.47
C VAL DB 30 12.30 -67.63 -105.91
N ASP DB 31 13.55 -67.74 -106.38
CA ASP DB 31 14.18 -69.02 -106.67
C ASP DB 31 15.65 -68.87 -106.26
N THR DB 32 15.96 -69.22 -105.02
CA THR DB 32 17.28 -68.93 -104.47
C THR DB 32 17.85 -70.14 -103.75
N VAL DB 33 19.18 -70.25 -103.81
CA VAL DB 33 19.94 -71.20 -103.01
C VAL DB 33 20.98 -70.40 -102.24
N SER DB 34 20.87 -70.40 -100.92
CA SER DB 34 21.81 -69.72 -100.05
C SER DB 34 22.78 -70.71 -99.44
N LEU DB 35 24.07 -70.36 -99.46
CA LEU DB 35 25.10 -71.08 -98.72
C LEU DB 35 25.58 -70.17 -97.60
N ARG DB 36 25.30 -70.58 -96.36
CA ARG DB 36 25.70 -69.81 -95.19
C ARG DB 36 26.60 -70.67 -94.32
N ARG DB 37 27.54 -70.02 -93.64
CA ARG DB 37 28.42 -70.73 -92.73
C ARG DB 37 28.55 -69.96 -91.44
N SER DB 38 28.72 -70.70 -90.35
CA SER DB 38 29.11 -70.16 -89.06
C SER DB 38 30.42 -70.82 -88.68
N LEU DB 39 31.48 -70.01 -88.64
CA LEU DB 39 32.83 -70.52 -88.41
C LEU DB 39 33.01 -70.90 -86.95
N PRO DB 40 33.84 -71.91 -86.68
CA PRO DB 40 34.06 -72.34 -85.29
C PRO DB 40 34.62 -71.22 -84.42
N VAL DB 41 34.08 -71.10 -83.22
CA VAL DB 41 34.55 -70.13 -82.24
C VAL DB 41 35.28 -70.91 -81.15
N LYS DB 42 36.59 -70.69 -81.03
CA LYS DB 42 37.41 -71.39 -80.04
C LYS DB 42 37.11 -70.76 -78.69
N LYS DB 43 36.19 -71.37 -77.94
CA LYS DB 43 35.81 -70.89 -76.61
C LYS DB 43 36.14 -71.96 -75.58
N GLY DB 44 36.80 -71.54 -74.50
CA GLY DB 44 37.19 -72.48 -73.46
C GLY DB 44 38.11 -73.54 -74.00
N SER DB 45 37.93 -74.77 -73.51
CA SER DB 45 38.66 -75.91 -74.04
C SER DB 45 38.00 -76.50 -75.29
N ASP DB 46 36.81 -76.03 -75.64
CA ASP DB 46 36.12 -76.50 -76.83
C ASP DB 46 36.58 -75.72 -78.05
N ASN DB 47 37.02 -76.44 -79.07
CA ASN DB 47 37.49 -75.81 -80.29
C ASN DB 47 36.36 -75.25 -81.15
N GLY DB 48 35.11 -75.53 -80.81
CA GLY DB 48 33.99 -74.98 -81.53
C GLY DB 48 33.43 -75.95 -82.56
N THR DB 49 32.48 -75.43 -83.33
CA THR DB 49 31.76 -76.23 -84.31
C THR DB 49 31.54 -75.40 -85.57
N MET DB 50 31.79 -76.00 -86.73
CA MET DB 50 31.45 -75.39 -88.00
C MET DB 50 30.01 -75.72 -88.35
N ARG DB 51 29.22 -74.69 -88.63
CA ARG DB 51 27.84 -74.85 -89.07
C ARG DB 51 27.75 -74.52 -90.55
N GLY DB 52 27.18 -75.44 -91.32
CA GLY DB 52 26.94 -75.19 -92.73
C GLY DB 52 25.48 -75.30 -93.08
N ASN DB 53 24.89 -74.23 -93.62
CA ASN DB 53 23.48 -74.18 -93.93
C ASN DB 53 23.29 -74.00 -95.44
N MET DB 54 22.42 -74.84 -96.00
CA MET DB 54 22.04 -74.77 -97.40
C MET DB 54 20.53 -74.50 -97.44
N ASN DB 55 20.16 -73.33 -97.94
CA ASN DB 55 18.77 -72.89 -97.94
C ASN DB 55 18.25 -72.89 -99.37
N PHE DB 56 17.12 -73.56 -99.59
CA PHE DB 56 16.42 -73.54 -100.86
C PHE DB 56 15.11 -72.79 -100.66
N ALA DB 57 14.90 -71.72 -101.41
CA ALA DB 57 13.69 -70.92 -101.32
C ALA DB 57 13.02 -70.86 -102.68
N LYS DB 58 11.73 -71.16 -102.72
CA LYS DB 58 10.97 -71.13 -103.97
C LYS DB 58 9.57 -70.56 -103.72
N SER DB 59 9.13 -69.71 -104.64
CA SER DB 59 7.78 -69.16 -104.59
C SER DB 59 6.79 -70.12 -105.23
N PHE DB 60 5.63 -70.29 -104.60
CA PHE DB 60 4.62 -71.21 -105.06
C PHE DB 60 3.26 -70.53 -105.02
N PRO DB 61 2.37 -70.84 -105.96
CA PRO DB 61 1.00 -70.32 -105.89
C PRO DB 61 0.25 -70.92 -104.71
N ASN DB 62 -0.20 -70.07 -103.80
CA ASN DB 62 -0.99 -70.46 -102.65
C ASN DB 62 -2.34 -69.76 -102.80
N GLY DB 63 -3.31 -70.48 -103.36
CA GLY DB 63 -4.60 -69.90 -103.67
C GLY DB 63 -4.48 -68.71 -104.60
N ASP DB 64 -4.72 -67.53 -104.07
CA ASP DB 64 -4.56 -66.30 -104.84
C ASP DB 64 -3.20 -65.67 -104.67
N LYS DB 65 -2.55 -65.88 -103.53
CA LYS DB 65 -1.28 -65.24 -103.23
C LYS DB 65 -0.12 -66.17 -103.56
N LYS DB 66 1.09 -65.78 -103.14
CA LYS DB 66 2.27 -66.61 -103.28
C LYS DB 66 2.86 -66.89 -101.91
N SER DB 67 3.28 -68.14 -101.71
CA SER DB 67 3.89 -68.57 -100.47
C SER DB 67 5.32 -69.03 -100.74
N LEU DB 68 6.18 -68.85 -99.73
CA LEU DB 68 7.58 -69.22 -99.84
C LEU DB 68 7.79 -70.60 -99.21
N VAL DB 69 8.19 -71.56 -100.04
CA VAL DB 69 8.57 -72.88 -99.55
C VAL DB 69 10.08 -72.91 -99.36
N VAL DB 70 10.51 -73.30 -98.17
CA VAL DB 70 11.91 -73.26 -97.78
C VAL DB 70 12.33 -74.66 -97.31
N VAL DB 71 13.47 -75.12 -97.82
CA VAL DB 71 14.09 -76.36 -97.39
C VAL DB 71 15.47 -76.03 -96.87
N ASN DB 72 15.77 -76.41 -95.63
CA ASN DB 72 17.06 -76.15 -95.02
C ASN DB 72 17.81 -77.45 -94.80
N LEU DB 73 19.09 -77.45 -95.14
CA LEU DB 73 20.00 -78.56 -94.86
C LEU DB 73 21.15 -78.02 -94.04
N THR DB 74 21.21 -78.38 -92.77
CA THR DB 74 22.20 -77.84 -91.84
C THR DB 74 23.07 -78.97 -91.31
N ALA DB 75 24.39 -78.73 -91.28
CA ALA DB 75 25.34 -79.67 -90.73
C ALA DB 75 26.15 -78.98 -89.63
N HIS DB 76 26.38 -79.70 -88.54
CA HIS DB 76 27.15 -79.22 -87.41
C HIS DB 76 28.33 -80.17 -87.22
N VAL DB 77 29.54 -79.72 -87.57
CA VAL DB 77 30.73 -80.55 -87.51
C VAL DB 77 31.67 -79.96 -86.47
N PRO DB 78 31.91 -80.66 -85.35
CA PRO DB 78 32.86 -80.15 -84.36
C PRO DB 78 34.29 -80.21 -84.87
N VAL DB 79 35.09 -79.22 -84.45
CA VAL DB 79 36.50 -79.19 -84.82
C VAL DB 79 37.23 -80.36 -84.17
N GLY DB 80 38.09 -81.02 -84.96
CA GLY DB 80 38.85 -82.16 -84.50
C GLY DB 80 38.41 -83.48 -85.09
N VAL DB 81 37.28 -83.50 -85.78
CA VAL DB 81 36.77 -84.72 -86.40
C VAL DB 81 37.40 -84.89 -87.78
N ASP DB 82 37.61 -86.14 -88.18
CA ASP DB 82 38.13 -86.43 -89.51
C ASP DB 82 37.10 -86.04 -90.57
N ALA DB 83 37.52 -85.18 -91.50
CA ALA DB 83 36.60 -84.69 -92.53
C ALA DB 83 36.24 -85.77 -93.53
N THR DB 84 37.19 -86.65 -93.87
CA THR DB 84 36.91 -87.73 -94.81
C THR DB 84 35.88 -88.70 -94.24
N ALA DB 85 35.98 -89.03 -92.96
CA ALA DB 85 35.00 -89.90 -92.33
C ALA DB 85 33.61 -89.28 -92.35
N VAL DB 86 33.52 -87.98 -92.07
CA VAL DB 86 32.23 -87.30 -92.09
C VAL DB 86 31.65 -87.27 -93.50
N ARG DB 87 32.50 -87.02 -94.50
CA ARG DB 87 32.03 -87.03 -95.88
C ARG DB 87 31.53 -88.40 -96.29
N THR DB 88 32.26 -89.46 -95.90
CA THR DB 88 31.83 -90.82 -96.22
C THR DB 88 30.49 -91.15 -95.55
N TRP DB 89 30.34 -90.76 -94.27
CA TRP DB 89 29.08 -91.00 -93.59
C TRP DB 89 27.93 -90.24 -94.23
N MET DB 90 28.16 -88.98 -94.61
CA MET DB 90 27.12 -88.18 -95.25
C MET DB 90 26.73 -88.75 -96.60
N THR DB 91 27.70 -89.23 -97.37
CA THR DB 91 27.41 -89.78 -98.69
C THR DB 91 26.68 -91.11 -98.59
N SER DB 92 27.14 -92.01 -97.71
CA SER DB 92 26.59 -93.36 -97.66
C SER DB 92 25.33 -93.48 -96.81
N GLU DB 93 25.15 -92.63 -95.81
CA GLU DB 93 24.07 -92.82 -94.84
C GLU DB 93 23.09 -91.66 -94.78
N VAL DB 94 23.57 -90.42 -94.89
CA VAL DB 94 22.67 -89.27 -94.75
C VAL DB 94 21.96 -88.99 -96.07
N PHE DB 95 22.70 -88.96 -97.17
CA PHE DB 95 22.13 -88.59 -98.46
C PHE DB 95 21.04 -89.52 -98.94
N PRO DB 96 21.20 -90.85 -98.93
CA PRO DB 96 20.11 -91.72 -99.40
C PRO DB 96 18.84 -91.57 -98.59
N GLY DB 97 18.95 -91.38 -97.27
CA GLY DB 97 17.76 -91.23 -96.45
C GLY DB 97 17.13 -89.86 -96.55
N ALA DB 98 17.92 -88.82 -96.79
CA ALA DB 98 17.39 -87.47 -96.87
C ALA DB 98 16.62 -87.23 -98.16
N THR DB 99 16.93 -87.96 -99.23
CA THR DB 99 16.27 -87.79 -100.52
C THR DB 99 15.36 -88.98 -100.85
N SER DB 100 14.77 -89.59 -99.83
CA SER DB 100 13.88 -90.73 -100.01
C SER DB 100 12.43 -90.27 -99.92
N SER DB 101 11.51 -91.22 -100.07
CA SER DB 101 10.09 -90.91 -99.92
C SER DB 101 9.73 -90.50 -98.50
N VAL DB 102 10.59 -90.83 -97.52
CA VAL DB 102 10.32 -90.44 -96.14
C VAL DB 102 10.30 -88.93 -96.01
N THR DB 103 11.25 -88.25 -96.66
CA THR DB 103 11.30 -86.78 -96.60
C THR DB 103 10.05 -86.16 -97.18
N LEU DB 104 9.61 -86.65 -98.35
CA LEU DB 104 8.41 -86.11 -98.99
C LEU DB 104 7.17 -86.37 -98.14
N ASP DB 105 7.05 -87.58 -97.59
CA ASP DB 105 5.89 -87.91 -96.77
C ASP DB 105 5.86 -87.06 -95.50
N LEU DB 106 7.03 -86.84 -94.87
CA LEU DB 106 7.08 -85.98 -93.71
C LEU DB 106 6.74 -84.54 -94.06
N ALA DB 107 7.20 -84.06 -95.22
CA ALA DB 107 6.95 -82.68 -95.60
C ALA DB 107 5.47 -82.43 -95.90
N THR DB 108 4.86 -83.29 -96.71
CA THR DB 108 3.51 -83.03 -97.20
C THR DB 108 2.42 -83.78 -96.44
N LYS DB 109 2.77 -84.60 -95.45
CA LYS DB 109 1.77 -85.32 -94.69
C LYS DB 109 2.03 -85.37 -93.19
N GLY DB 110 3.18 -84.92 -92.71
CA GLY DB 110 3.51 -85.04 -91.31
C GLY DB 110 3.67 -86.47 -90.83
N VAL DB 111 4.19 -87.35 -91.68
CA VAL DB 111 4.37 -88.74 -91.30
C VAL DB 111 5.70 -88.89 -90.58
N ILE DB 112 5.65 -89.31 -89.31
CA ILE DB 112 6.84 -89.55 -88.52
C ILE DB 112 6.99 -91.02 -88.13
N HIS DB 113 5.95 -91.82 -88.29
CA HIS DB 113 6.01 -93.26 -88.01
C HIS DB 113 6.26 -94.00 -89.30
N LEU DB 114 7.38 -94.72 -89.36
CA LEU DB 114 7.78 -95.42 -90.57
C LEU DB 114 7.12 -96.79 -90.64
N SER DB 115 6.94 -97.29 -91.85
CA SER DB 115 6.36 -98.60 -92.09
C SER DB 115 6.83 -99.13 -93.44
N ASP DB 116 6.88 -100.46 -93.56
CA ASP DB 116 6.74 -101.45 -92.50
C ASP DB 116 7.77 -102.56 -92.69
N ALA DB 117 8.38 -102.59 -93.87
CA ALA DB 117 9.35 -103.63 -94.20
C ALA DB 117 10.75 -103.05 -94.34
N LEU EB 1 14.74 -30.08 -133.53
CA LEU EB 1 15.15 -30.42 -132.17
C LEU EB 1 15.20 -31.93 -131.98
N SER EB 2 16.41 -32.47 -131.84
CA SER EB 2 16.61 -33.90 -131.70
C SER EB 2 17.53 -34.20 -130.54
N ILE EB 3 17.19 -35.22 -129.76
CA ILE EB 3 18.06 -35.78 -128.73
C ILE EB 3 18.22 -37.26 -129.09
N GLY EB 4 19.28 -37.57 -129.83
CA GLY EB 4 19.43 -38.89 -130.39
C GLY EB 4 18.60 -39.06 -131.65
N THR EB 5 17.71 -40.05 -131.64
CA THR EB 5 16.77 -40.25 -132.74
C THR EB 5 15.37 -39.71 -132.41
N LYS EB 6 15.22 -39.02 -131.29
CA LYS EB 6 13.93 -38.55 -130.81
C LYS EB 6 13.71 -37.11 -131.21
N ASN EB 7 12.53 -36.82 -131.75
CA ASN EB 7 12.12 -35.44 -132.02
C ASN EB 7 11.40 -34.88 -130.80
N VAL EB 8 11.97 -33.85 -130.20
CA VAL EB 8 11.44 -33.25 -128.98
C VAL EB 8 11.08 -31.79 -129.26
N SER EB 9 10.28 -31.24 -128.37
CA SER EB 9 9.94 -29.82 -128.40
C SER EB 9 10.13 -29.25 -127.00
N ILE EB 10 10.40 -27.94 -126.93
CA ILE EB 10 10.56 -27.30 -125.63
C ILE EB 10 9.23 -27.35 -124.89
N TYR EB 11 9.27 -27.87 -123.66
CA TYR EB 11 8.10 -27.99 -122.82
C TYR EB 11 8.16 -27.10 -121.59
N ARG EB 12 9.33 -27.01 -120.95
CA ARG EB 12 9.51 -26.11 -119.83
C ARG EB 12 10.90 -25.50 -119.90
N ASN EB 13 10.98 -24.18 -119.74
CA ASN EB 13 12.25 -23.47 -119.86
C ASN EB 13 12.50 -22.73 -118.56
N THR EB 14 13.54 -23.13 -117.84
CA THR EB 14 13.94 -22.54 -116.57
C THR EB 14 15.41 -22.14 -116.68
N ALA EB 15 15.88 -21.36 -115.71
CA ALA EB 15 17.24 -20.83 -115.76
C ALA EB 15 18.28 -21.94 -115.89
N ASP EB 16 18.12 -23.03 -115.14
CA ASP EB 16 19.13 -24.07 -115.09
C ASP EB 16 18.60 -25.44 -115.52
N GLU EB 17 17.40 -25.50 -116.07
CA GLU EB 17 16.84 -26.78 -116.51
C GLU EB 17 15.84 -26.54 -117.61
N VAL EB 18 15.95 -27.31 -118.69
CA VAL EB 18 15.00 -27.30 -119.79
C VAL EB 18 14.43 -28.69 -119.95
N ILE EB 19 13.11 -28.81 -119.90
CA ILE EB 19 12.42 -30.08 -120.09
C ILE EB 19 11.86 -30.09 -121.51
N TYR EB 20 12.24 -31.10 -122.29
CA TYR EB 20 11.72 -31.34 -123.63
C TYR EB 20 10.79 -32.54 -123.60
N ALA EB 21 9.73 -32.48 -124.39
CA ALA EB 21 8.71 -33.51 -124.43
C ALA EB 21 8.76 -34.27 -125.74
N GLY EB 22 8.64 -35.59 -125.68
CA GLY EB 22 8.61 -36.42 -126.86
C GLY EB 22 7.23 -36.45 -127.48
N PRO EB 23 7.09 -37.22 -128.57
CA PRO EB 23 5.79 -37.28 -129.25
C PRO EB 23 4.68 -37.88 -128.40
N ALA EB 24 5.01 -38.70 -127.40
CA ALA EB 24 4.02 -39.40 -126.60
C ALA EB 24 3.75 -38.71 -125.26
N HIS EB 25 4.21 -37.48 -125.08
CA HIS EB 25 3.99 -36.75 -123.84
C HIS EB 25 2.70 -35.96 -123.91
N ASP EB 26 1.94 -36.01 -122.82
CA ASP EB 26 0.68 -35.28 -122.70
C ASP EB 26 0.37 -35.10 -121.22
N VAL EB 27 -0.87 -34.73 -120.91
CA VAL EB 27 -1.26 -34.47 -119.53
C VAL EB 27 -1.24 -35.73 -118.67
N THR EB 28 -1.61 -36.89 -119.24
CA THR EB 28 -1.71 -38.12 -118.47
C THR EB 28 -0.54 -39.07 -118.65
N ASN EB 29 0.30 -38.90 -119.67
CA ASN EB 29 1.46 -39.74 -119.89
C ASN EB 29 2.73 -38.90 -119.84
N VAL EB 30 3.81 -39.52 -119.38
CA VAL EB 30 5.10 -38.87 -119.24
C VAL EB 30 6.06 -39.45 -120.26
N ASP EB 31 6.62 -38.60 -121.10
CA ASP EB 31 7.70 -38.96 -122.02
C ASP EB 31 8.55 -37.70 -122.17
N THR EB 32 9.59 -37.58 -121.33
CA THR EB 32 10.34 -36.34 -121.24
C THR EB 32 11.83 -36.60 -121.15
N VAL EB 33 12.60 -35.64 -121.67
CA VAL EB 33 14.05 -35.57 -121.47
C VAL EB 33 14.37 -34.20 -120.90
N SER EB 34 14.97 -34.17 -119.72
CA SER EB 34 15.29 -32.93 -119.03
C SER EB 34 16.80 -32.74 -118.97
N LEU EB 35 17.26 -31.58 -119.42
CA LEU EB 35 18.65 -31.19 -119.28
C LEU EB 35 18.77 -30.22 -118.11
N ARG EB 36 19.63 -30.57 -117.16
CA ARG EB 36 19.82 -29.77 -115.96
C ARG EB 36 21.30 -29.50 -115.76
N ARG EB 37 21.61 -28.35 -115.17
CA ARG EB 37 23.00 -27.96 -115.00
C ARG EB 37 23.19 -27.27 -113.66
N SER EB 38 24.38 -27.40 -113.12
CA SER EB 38 24.83 -26.65 -111.96
C SER EB 38 26.18 -26.03 -112.32
N LEU EB 39 26.20 -24.72 -112.47
CA LEU EB 39 27.37 -24.02 -112.95
C LEU EB 39 28.42 -23.92 -111.85
N PRO EB 40 29.69 -23.80 -112.22
CA PRO EB 40 30.76 -23.72 -111.22
C PRO EB 40 30.59 -22.51 -110.31
N VAL EB 41 30.93 -22.69 -109.04
CA VAL EB 41 30.90 -21.62 -108.05
C VAL EB 41 32.34 -21.39 -107.60
N LYS EB 42 32.83 -20.16 -107.81
CA LYS EB 42 34.21 -19.81 -107.45
C LYS EB 42 34.30 -19.64 -105.93
N LYS EB 43 34.24 -20.77 -105.24
CA LYS EB 43 34.25 -20.78 -103.78
C LYS EB 43 35.69 -20.87 -103.28
N GLY EB 44 36.14 -19.82 -102.62
CA GLY EB 44 37.51 -19.78 -102.13
C GLY EB 44 38.50 -19.90 -103.26
N SER EB 45 39.50 -20.77 -103.07
CA SER EB 45 40.49 -21.03 -104.12
C SER EB 45 40.03 -22.08 -105.12
N ASP EB 46 39.07 -22.93 -104.75
CA ASP EB 46 38.56 -23.92 -105.67
C ASP EB 46 37.75 -23.24 -106.76
N ASN EB 47 38.04 -23.58 -108.02
CA ASN EB 47 37.30 -23.01 -109.14
C ASN EB 47 35.90 -23.61 -109.28
N GLY EB 48 35.59 -24.66 -108.55
CA GLY EB 48 34.27 -25.25 -108.58
C GLY EB 48 34.19 -26.47 -109.47
N THR EB 49 32.96 -26.95 -109.64
CA THR EB 49 32.67 -28.11 -110.46
C THR EB 49 31.46 -27.82 -111.33
N MET EB 50 31.52 -28.24 -112.59
CA MET EB 50 30.39 -28.14 -113.49
C MET EB 50 29.62 -29.47 -113.43
N ARG EB 51 28.33 -29.39 -113.15
CA ARG EB 51 27.50 -30.57 -113.00
C ARG EB 51 26.48 -30.59 -114.12
N GLY EB 52 26.41 -31.71 -114.85
CA GLY EB 52 25.43 -31.87 -115.91
C GLY EB 52 24.55 -33.09 -115.63
N ASN EB 53 23.27 -32.96 -115.96
CA ASN EB 53 22.31 -34.04 -115.73
C ASN EB 53 21.40 -34.18 -116.93
N MET EB 54 21.29 -35.40 -117.45
CA MET EB 54 20.32 -35.76 -118.47
C MET EB 54 19.34 -36.75 -117.85
N ASN EB 55 18.07 -36.39 -117.83
CA ASN EB 55 17.03 -37.18 -117.19
C ASN EB 55 16.07 -37.68 -118.26
N PHE EB 56 15.81 -38.98 -118.28
CA PHE EB 56 14.83 -39.59 -119.16
C PHE EB 56 13.69 -40.15 -118.31
N ALA EB 57 12.47 -39.72 -118.59
CA ALA EB 57 11.32 -40.17 -117.84
C ALA EB 57 10.26 -40.71 -118.81
N LYS EB 58 9.75 -41.90 -118.51
CA LYS EB 58 8.73 -42.50 -119.35
C LYS EB 58 7.70 -43.21 -118.48
N SER EB 59 6.44 -43.15 -118.91
CA SER EB 59 5.36 -43.86 -118.24
C SER EB 59 5.18 -45.24 -118.87
N PHE EB 60 4.90 -46.23 -118.02
CA PHE EB 60 4.79 -47.61 -118.41
C PHE EB 60 3.59 -48.25 -117.72
N PRO EB 61 2.93 -49.20 -118.36
CA PRO EB 61 1.85 -49.94 -117.67
C PRO EB 61 2.41 -50.76 -116.52
N ASN EB 62 1.80 -50.62 -115.35
CA ASN EB 62 2.20 -51.34 -114.14
C ASN EB 62 0.92 -51.93 -113.54
N GLY EB 63 0.62 -53.17 -113.92
CA GLY EB 63 -0.60 -53.81 -113.47
C GLY EB 63 -1.83 -53.01 -113.88
N ASP EB 64 -2.46 -52.37 -112.91
CA ASP EB 64 -3.60 -51.50 -113.22
C ASP EB 64 -3.18 -50.07 -113.49
N LYS EB 65 -2.18 -49.58 -112.77
CA LYS EB 65 -1.80 -48.17 -112.83
C LYS EB 65 -0.68 -47.97 -113.86
N LYS EB 66 -0.07 -46.79 -113.84
CA LYS EB 66 1.05 -46.47 -114.72
C LYS EB 66 2.20 -45.95 -113.87
N SER EB 67 3.36 -46.57 -114.02
CA SER EB 67 4.53 -46.24 -113.23
C SER EB 67 5.57 -45.50 -114.06
N LEU EB 68 6.41 -44.73 -113.38
CA LEU EB 68 7.40 -43.89 -114.04
C LEU EB 68 8.78 -44.53 -113.96
N VAL EB 69 9.36 -44.81 -115.13
CA VAL EB 69 10.74 -45.30 -115.23
C VAL EB 69 11.62 -44.11 -115.57
N VAL EB 70 12.69 -43.93 -114.79
CA VAL EB 70 13.57 -42.78 -114.91
C VAL EB 70 15.01 -43.28 -115.05
N VAL EB 71 15.71 -42.76 -116.05
CA VAL EB 71 17.13 -43.02 -116.26
C VAL EB 71 17.87 -41.70 -116.13
N ASN EB 72 18.86 -41.66 -115.23
CA ASN EB 72 19.66 -40.47 -115.01
C ASN EB 72 21.06 -40.66 -115.58
N LEU EB 73 21.65 -39.56 -116.03
CA LEU EB 73 23.04 -39.55 -116.48
C LEU EB 73 23.65 -38.25 -115.98
N THR EB 74 24.49 -38.33 -114.96
CA THR EB 74 25.09 -37.16 -114.34
C THR EB 74 26.60 -37.18 -114.51
N ALA EB 75 27.15 -36.05 -114.94
CA ALA EB 75 28.58 -35.88 -115.13
C ALA EB 75 29.07 -34.74 -114.25
N HIS EB 76 30.21 -34.98 -113.58
CA HIS EB 76 30.83 -34.01 -112.70
C HIS EB 76 32.22 -33.70 -113.26
N VAL EB 77 32.42 -32.46 -113.71
CA VAL EB 77 33.71 -32.09 -114.28
C VAL EB 77 34.31 -30.95 -113.48
N PRO EB 78 35.42 -31.15 -112.78
CA PRO EB 78 36.05 -30.04 -112.06
C PRO EB 78 36.59 -29.00 -113.02
N VAL EB 79 36.55 -27.74 -112.59
CA VAL EB 79 37.03 -26.65 -113.44
C VAL EB 79 38.55 -26.69 -113.50
N GLY EB 80 39.08 -26.55 -114.72
CA GLY EB 80 40.52 -26.59 -114.97
C GLY EB 80 40.95 -27.87 -115.67
N VAL EB 81 40.17 -28.95 -115.52
CA VAL EB 81 40.45 -30.17 -116.25
C VAL EB 81 40.22 -29.92 -117.74
N ASP EB 82 41.15 -30.41 -118.56
CA ASP EB 82 41.04 -30.21 -120.00
C ASP EB 82 39.78 -30.88 -120.53
N ALA EB 83 39.00 -30.13 -121.32
CA ALA EB 83 37.70 -30.62 -121.77
C ALA EB 83 37.84 -31.71 -122.83
N THR EB 84 38.84 -31.58 -123.71
CA THR EB 84 38.99 -32.55 -124.79
C THR EB 84 39.32 -33.94 -124.24
N ALA EB 85 40.16 -34.01 -123.21
CA ALA EB 85 40.46 -35.30 -122.59
C ALA EB 85 39.21 -35.93 -121.98
N VAL EB 86 38.40 -35.12 -121.30
CA VAL EB 86 37.16 -35.65 -120.73
C VAL EB 86 36.23 -36.15 -121.83
N ARG EB 87 36.14 -35.40 -122.94
CA ARG EB 87 35.24 -35.80 -124.02
C ARG EB 87 35.71 -37.09 -124.69
N THR EB 88 37.01 -37.23 -124.92
CA THR EB 88 37.47 -38.47 -125.54
C THR EB 88 37.38 -39.65 -124.57
N TRP EB 89 37.56 -39.42 -123.27
CA TRP EB 89 37.34 -40.47 -122.29
C TRP EB 89 35.88 -40.90 -122.27
N MET EB 90 34.96 -39.93 -122.34
CA MET EB 90 33.53 -40.24 -122.35
C MET EB 90 33.15 -41.01 -123.61
N THR EB 91 33.67 -40.58 -124.76
CA THR EB 91 33.31 -41.22 -126.02
C THR EB 91 33.89 -42.63 -126.11
N SER EB 92 35.12 -42.82 -125.63
CA SER EB 92 35.82 -44.10 -125.80
C SER EB 92 35.61 -45.06 -124.64
N GLU EB 93 35.51 -44.57 -123.41
CA GLU EB 93 35.48 -45.44 -122.24
C GLU EB 93 34.15 -45.46 -121.51
N VAL EB 94 33.43 -44.34 -121.48
CA VAL EB 94 32.20 -44.27 -120.69
C VAL EB 94 31.00 -44.70 -121.51
N PHE EB 95 30.84 -44.14 -122.71
CA PHE EB 95 29.67 -44.39 -123.54
C PHE EB 95 29.55 -45.85 -123.98
N PRO EB 96 30.61 -46.50 -124.49
CA PRO EB 96 30.45 -47.92 -124.88
C PRO EB 96 30.05 -48.82 -123.74
N GLY EB 97 30.54 -48.57 -122.52
CA GLY EB 97 30.17 -49.39 -121.39
C GLY EB 97 28.82 -49.04 -120.80
N ALA EB 98 28.40 -47.79 -120.95
CA ALA EB 98 27.13 -47.33 -120.39
C ALA EB 98 25.92 -47.74 -121.22
N THR EB 99 26.13 -48.25 -122.44
CA THR EB 99 25.04 -48.65 -123.31
C THR EB 99 25.08 -50.14 -123.64
N SER EB 100 25.86 -50.91 -122.88
CA SER EB 100 26.00 -52.33 -123.13
C SER EB 100 24.87 -53.09 -122.44
N SER EB 101 24.90 -54.42 -122.52
CA SER EB 101 23.92 -55.25 -121.82
C SER EB 101 24.10 -55.18 -120.32
N VAL EB 102 25.27 -54.75 -119.84
CA VAL EB 102 25.50 -54.63 -118.41
C VAL EB 102 24.52 -53.63 -117.80
N THR EB 103 24.32 -52.50 -118.46
CA THR EB 103 23.36 -51.51 -117.96
C THR EB 103 21.95 -52.08 -117.93
N LEU EB 104 21.57 -52.83 -118.96
CA LEU EB 104 20.23 -53.40 -119.00
C LEU EB 104 20.02 -54.40 -117.87
N ASP EB 105 21.00 -55.28 -117.65
CA ASP EB 105 20.89 -56.25 -116.55
C ASP EB 105 20.87 -55.56 -115.20
N LEU EB 106 21.70 -54.53 -115.02
CA LEU EB 106 21.72 -53.80 -113.76
C LEU EB 106 20.41 -53.09 -113.49
N ALA EB 107 19.79 -52.51 -114.53
CA ALA EB 107 18.55 -51.77 -114.34
C ALA EB 107 17.36 -52.71 -114.13
N THR EB 108 17.31 -53.82 -114.86
CA THR EB 108 16.14 -54.68 -114.78
C THR EB 108 16.27 -55.79 -113.74
N LYS EB 109 17.49 -56.24 -113.44
CA LYS EB 109 17.68 -57.34 -112.51
C LYS EB 109 18.66 -57.04 -111.38
N GLY EB 110 19.31 -55.89 -111.37
CA GLY EB 110 20.27 -55.58 -110.33
C GLY EB 110 21.54 -56.39 -110.37
N VAL EB 111 21.97 -56.81 -111.56
CA VAL EB 111 23.18 -57.63 -111.69
C VAL EB 111 24.40 -56.75 -111.57
N ILE EB 112 25.28 -57.07 -110.62
CA ILE EB 112 26.49 -56.31 -110.38
C ILE EB 112 27.75 -57.13 -110.63
N HIS EB 113 27.62 -58.40 -111.02
CA HIS EB 113 28.75 -59.27 -111.31
C HIS EB 113 28.72 -59.60 -112.80
N LEU EB 114 29.67 -59.07 -113.57
CA LEU EB 114 29.69 -59.29 -115.02
C LEU EB 114 30.69 -60.39 -115.36
N SER EB 115 30.29 -61.62 -115.07
CA SER EB 115 31.10 -62.79 -115.38
C SER EB 115 30.80 -63.26 -116.80
N ASP EB 116 31.82 -63.76 -117.48
CA ASP EB 116 33.21 -63.77 -117.05
C ASP EB 116 34.13 -63.31 -118.18
N ALA EB 117 33.64 -63.44 -119.41
CA ALA EB 117 34.42 -63.06 -120.59
C ALA EB 117 34.42 -61.55 -120.77
N LEU FB 1 -81.33 -103.97 -37.96
CA LEU FB 1 -81.41 -102.69 -37.29
C LEU FB 1 -82.59 -101.88 -37.77
N SER FB 2 -83.46 -101.48 -36.85
CA SER FB 2 -84.64 -100.70 -37.20
C SER FB 2 -84.89 -99.65 -36.13
N ILE FB 3 -85.44 -98.52 -36.55
CA ILE FB 3 -85.85 -97.44 -35.67
C ILE FB 3 -87.30 -97.14 -36.03
N GLY FB 4 -88.22 -97.66 -35.23
CA GLY FB 4 -89.62 -97.63 -35.61
C GLY FB 4 -89.87 -98.59 -36.76
N THR FB 5 -90.27 -98.06 -37.91
CA THR FB 5 -90.50 -98.87 -39.10
C THR FB 5 -89.45 -98.66 -40.17
N LYS FB 6 -88.38 -97.93 -39.87
CA LYS FB 6 -87.33 -97.63 -40.85
C LYS FB 6 -86.09 -98.45 -40.57
N ASN FB 7 -85.53 -99.03 -41.63
CA ASN FB 7 -84.29 -99.79 -41.53
C ASN FB 7 -83.10 -98.85 -41.60
N VAL FB 8 -82.15 -99.03 -40.69
CA VAL FB 8 -80.97 -98.18 -40.60
C VAL FB 8 -79.73 -99.06 -40.49
N SER FB 9 -78.57 -98.41 -40.66
CA SER FB 9 -77.29 -99.05 -40.50
C SER FB 9 -76.39 -98.14 -39.69
N ILE FB 10 -75.46 -98.72 -38.92
CA ILE FB 10 -74.51 -97.91 -38.18
C ILE FB 10 -73.67 -97.12 -39.15
N TYR FB 11 -73.65 -95.80 -38.97
CA TYR FB 11 -72.88 -94.90 -39.82
C TYR FB 11 -71.69 -94.27 -39.13
N ARG FB 12 -71.88 -93.75 -37.92
CA ARG FB 12 -70.79 -93.18 -37.16
C ARG FB 12 -70.90 -93.61 -35.70
N ASN FB 13 -69.77 -93.99 -35.11
CA ASN FB 13 -69.73 -94.48 -33.74
C ASN FB 13 -68.76 -93.62 -32.94
N THR FB 14 -69.24 -93.04 -31.85
CA THR FB 14 -68.38 -92.36 -30.89
C THR FB 14 -68.69 -92.89 -29.49
N ALA FB 15 -68.02 -92.34 -28.47
CA ALA FB 15 -68.19 -92.85 -27.12
C ALA FB 15 -69.61 -92.67 -26.62
N ASP FB 16 -70.22 -91.51 -26.88
CA ASP FB 16 -71.54 -91.19 -26.35
C ASP FB 16 -72.56 -90.86 -27.44
N GLU FB 17 -72.24 -91.12 -28.71
CA GLU FB 17 -73.18 -90.84 -29.78
C GLU FB 17 -73.00 -91.83 -30.91
N VAL FB 18 -74.11 -92.36 -31.40
CA VAL FB 18 -74.12 -93.23 -32.58
C VAL FB 18 -75.08 -92.65 -33.60
N ILE FB 19 -74.58 -92.43 -34.81
CA ILE FB 19 -75.39 -91.96 -35.93
C ILE FB 19 -75.68 -93.15 -36.85
N TYR FB 20 -76.96 -93.35 -37.15
CA TYR FB 20 -77.42 -94.37 -38.09
C TYR FB 20 -77.93 -93.69 -39.35
N ALA FB 21 -77.69 -94.33 -40.49
CA ALA FB 21 -78.06 -93.79 -41.79
C ALA FB 21 -79.27 -94.53 -42.34
N GLY FB 22 -80.21 -93.77 -42.88
CA GLY FB 22 -81.39 -94.35 -43.50
C GLY FB 22 -81.11 -94.78 -44.93
N PRO FB 23 -82.12 -95.38 -45.57
CA PRO FB 23 -81.92 -95.88 -46.95
C PRO FB 23 -81.63 -94.79 -47.97
N ALA FB 24 -82.00 -93.54 -47.70
CA ALA FB 24 -81.82 -92.45 -48.65
C ALA FB 24 -80.58 -91.62 -48.38
N HIS FB 25 -79.75 -92.02 -47.42
CA HIS FB 25 -78.58 -91.23 -47.07
C HIS FB 25 -77.43 -91.53 -48.02
N ASP FB 26 -76.88 -90.47 -48.62
CA ASP FB 26 -75.70 -90.59 -49.48
C ASP FB 26 -74.94 -89.27 -49.39
N VAL FB 27 -74.04 -89.04 -50.34
CA VAL FB 27 -73.19 -87.85 -50.36
C VAL FB 27 -74.04 -86.60 -50.55
N THR FB 28 -75.17 -86.73 -51.24
CA THR FB 28 -76.01 -85.58 -51.56
C THR FB 28 -77.21 -85.41 -50.65
N ASN FB 29 -77.80 -86.50 -50.17
CA ASN FB 29 -79.04 -86.44 -49.40
C ASN FB 29 -78.77 -86.91 -47.98
N VAL FB 30 -79.33 -86.20 -47.00
CA VAL FB 30 -79.19 -86.55 -45.60
C VAL FB 30 -80.44 -87.28 -45.14
N ASP FB 31 -80.24 -88.45 -44.53
CA ASP FB 31 -81.32 -89.21 -43.89
C ASP FB 31 -80.67 -89.94 -42.72
N THR FB 32 -80.71 -89.31 -41.54
CA THR FB 32 -79.96 -89.85 -40.41
C THR FB 32 -80.79 -89.79 -39.13
N VAL FB 33 -80.52 -90.73 -38.24
CA VAL FB 33 -81.05 -90.72 -36.88
C VAL FB 33 -79.87 -90.91 -35.92
N SER FB 34 -79.71 -89.98 -34.99
CA SER FB 34 -78.61 -89.99 -34.04
C SER FB 34 -79.12 -90.25 -32.64
N LEU FB 35 -78.40 -91.09 -31.89
CA LEU FB 35 -78.69 -91.36 -30.50
C LEU FB 35 -77.51 -90.88 -29.67
N ARG FB 36 -77.77 -89.96 -28.73
CA ARG FB 36 -76.73 -89.38 -27.91
C ARG FB 36 -77.11 -89.49 -26.45
N ARG FB 37 -76.12 -89.73 -25.59
CA ARG FB 37 -76.34 -89.84 -24.16
C ARG FB 37 -75.38 -88.92 -23.42
N SER FB 38 -75.90 -88.33 -22.35
CA SER FB 38 -75.11 -87.57 -21.38
C SER FB 38 -75.34 -88.27 -20.05
N LEU FB 39 -74.35 -89.05 -19.63
CA LEU FB 39 -74.47 -89.83 -18.41
C LEU FB 39 -74.38 -88.92 -17.19
N PRO FB 40 -75.03 -89.29 -16.10
CA PRO FB 40 -75.03 -88.44 -14.90
C PRO FB 40 -73.63 -88.29 -14.33
N VAL FB 41 -73.34 -87.09 -13.85
CA VAL FB 41 -72.09 -86.80 -13.13
C VAL FB 41 -72.50 -86.51 -11.69
N LYS FB 42 -72.27 -87.48 -10.80
CA LYS FB 42 -72.71 -87.38 -9.41
C LYS FB 42 -71.69 -86.56 -8.63
N LYS FB 43 -71.60 -85.29 -8.98
CA LYS FB 43 -70.72 -84.34 -8.31
C LYS FB 43 -71.31 -83.94 -6.97
N GLY FB 44 -70.42 -83.65 -6.02
CA GLY FB 44 -70.81 -83.28 -4.67
C GLY FB 44 -71.79 -84.26 -4.05
N SER FB 45 -73.01 -83.80 -3.79
CA SER FB 45 -74.07 -84.64 -3.27
C SER FB 45 -75.15 -84.97 -4.31
N ASP FB 46 -75.38 -84.08 -5.27
CA ASP FB 46 -76.38 -84.33 -6.30
C ASP FB 46 -75.93 -85.48 -7.18
N ASN FB 47 -76.87 -86.37 -7.51
CA ASN FB 47 -76.55 -87.56 -8.29
C ASN FB 47 -76.60 -87.32 -9.79
N GLY FB 48 -76.86 -86.09 -10.23
CA GLY FB 48 -76.81 -85.76 -11.64
C GLY FB 48 -78.07 -86.14 -12.40
N THR FB 49 -78.02 -85.93 -13.70
CA THR FB 49 -79.14 -86.15 -14.60
C THR FB 49 -78.70 -86.98 -15.79
N MET FB 50 -79.53 -87.95 -16.17
CA MET FB 50 -79.33 -88.71 -17.40
C MET FB 50 -80.05 -87.98 -18.53
N ARG FB 51 -79.31 -87.63 -19.58
CA ARG FB 51 -79.86 -86.90 -20.71
C ARG FB 51 -79.82 -87.79 -21.95
N GLY FB 52 -80.98 -88.05 -22.52
CA GLY FB 52 -81.05 -88.85 -23.73
C GLY FB 52 -81.60 -88.07 -24.90
N ASN FB 53 -80.81 -87.92 -25.97
CA ASN FB 53 -81.18 -87.11 -27.12
C ASN FB 53 -81.32 -87.99 -28.36
N MET FB 54 -82.43 -87.82 -29.06
CA MET FB 54 -82.71 -88.54 -30.30
C MET FB 54 -82.90 -87.51 -31.40
N ASN FB 55 -82.11 -87.63 -32.46
CA ASN FB 55 -82.01 -86.64 -33.52
C ASN FB 55 -82.48 -87.25 -34.83
N PHE FB 56 -83.34 -86.54 -35.56
CA PHE FB 56 -83.77 -86.94 -36.88
C PHE FB 56 -83.40 -85.82 -37.86
N ALA FB 57 -82.64 -86.17 -38.90
CA ALA FB 57 -82.16 -85.19 -39.86
C ALA FB 57 -82.53 -85.63 -41.26
N LYS FB 58 -83.13 -84.73 -42.02
CA LYS FB 58 -83.54 -85.04 -43.39
C LYS FB 58 -83.34 -83.81 -44.28
N SER FB 59 -82.75 -84.02 -45.45
CA SER FB 59 -82.61 -82.94 -46.42
C SER FB 59 -83.88 -82.81 -47.26
N PHE FB 60 -84.25 -81.57 -47.55
CA PHE FB 60 -85.45 -81.24 -48.30
C PHE FB 60 -85.10 -80.22 -49.37
N PRO FB 61 -85.81 -80.24 -50.50
CA PRO FB 61 -85.61 -79.19 -51.51
C PRO FB 61 -86.07 -77.84 -50.98
N ASN FB 62 -85.28 -76.81 -51.27
CA ASN FB 62 -85.59 -75.44 -50.84
C ASN FB 62 -85.13 -74.53 -51.98
N GLY FB 63 -86.05 -74.20 -52.87
CA GLY FB 63 -85.68 -73.47 -54.07
C GLY FB 63 -84.69 -74.29 -54.88
N ASP FB 64 -83.56 -73.69 -55.20
CA ASP FB 64 -82.50 -74.40 -55.91
C ASP FB 64 -81.57 -75.17 -54.98
N LYS FB 65 -81.61 -74.90 -53.68
CA LYS FB 65 -80.70 -75.51 -52.74
C LYS FB 65 -81.38 -76.61 -51.94
N LYS FB 66 -80.68 -77.15 -50.96
CA LYS FB 66 -81.22 -78.14 -50.04
C LYS FB 66 -81.12 -77.62 -48.62
N SER FB 67 -82.13 -77.92 -47.81
CA SER FB 67 -82.20 -77.45 -46.44
C SER FB 67 -82.38 -78.63 -45.50
N LEU FB 68 -81.74 -78.57 -44.34
CA LEU FB 68 -81.80 -79.65 -43.36
C LEU FB 68 -82.95 -79.38 -42.39
N VAL FB 69 -83.86 -80.33 -42.28
CA VAL FB 69 -84.91 -80.32 -41.26
C VAL FB 69 -84.49 -81.28 -40.17
N VAL FB 70 -84.47 -80.79 -38.92
CA VAL FB 70 -83.99 -81.53 -37.77
C VAL FB 70 -85.10 -81.57 -36.72
N VAL FB 71 -85.37 -82.76 -36.20
CA VAL FB 71 -86.31 -82.95 -35.10
C VAL FB 71 -85.55 -83.57 -33.93
N ASN FB 72 -85.63 -82.92 -32.78
CA ASN FB 72 -84.95 -83.35 -31.58
C ASN FB 72 -85.95 -83.83 -30.54
N LEU FB 73 -85.62 -84.92 -29.85
CA LEU FB 73 -86.42 -85.42 -28.74
C LEU FB 73 -85.47 -85.74 -27.59
N THR FB 74 -85.53 -84.94 -26.54
CA THR FB 74 -84.58 -85.04 -25.44
C THR FB 74 -85.30 -85.29 -24.12
N ALA FB 75 -84.84 -86.29 -23.38
CA ALA FB 75 -85.36 -86.62 -22.07
C ALA FB 75 -84.31 -86.29 -21.02
N HIS FB 76 -84.74 -85.64 -19.94
CA HIS FB 76 -83.89 -85.28 -18.81
C HIS FB 76 -84.45 -85.98 -17.57
N VAL FB 77 -83.80 -87.05 -17.14
CA VAL FB 77 -84.29 -87.85 -16.01
C VAL FB 77 -83.30 -87.69 -14.86
N PRO FB 78 -83.69 -87.05 -13.76
CA PRO FB 78 -82.80 -86.99 -12.59
C PRO FB 78 -82.59 -88.37 -11.98
N VAL FB 79 -81.40 -88.57 -11.42
CA VAL FB 79 -81.05 -89.87 -10.85
C VAL FB 79 -81.80 -90.08 -9.54
N GLY FB 80 -82.38 -91.26 -9.37
CA GLY FB 80 -83.19 -91.60 -8.22
C GLY FB 80 -84.66 -91.73 -8.53
N VAL FB 81 -85.10 -91.12 -9.63
CA VAL FB 81 -86.48 -91.25 -10.06
C VAL FB 81 -86.70 -92.67 -10.61
N ASP FB 82 -87.84 -93.26 -10.23
CA ASP FB 82 -88.16 -94.61 -10.69
C ASP FB 82 -88.25 -94.66 -12.21
N ALA FB 83 -87.48 -95.56 -12.81
CA ALA FB 83 -87.47 -95.68 -14.27
C ALA FB 83 -88.81 -96.15 -14.81
N THR FB 84 -89.46 -97.09 -14.10
CA THR FB 84 -90.75 -97.61 -14.57
C THR FB 84 -91.81 -96.51 -14.59
N ALA FB 85 -91.84 -95.67 -13.56
CA ALA FB 85 -92.81 -94.57 -13.54
C ALA FB 85 -92.56 -93.59 -14.67
N VAL FB 86 -91.29 -93.28 -14.94
CA VAL FB 86 -90.96 -92.38 -16.04
C VAL FB 86 -91.36 -92.97 -17.38
N ARG FB 87 -91.12 -94.27 -17.57
CA ARG FB 87 -91.51 -94.93 -18.81
C ARG FB 87 -93.02 -94.93 -18.99
N THR FB 88 -93.77 -95.20 -17.90
CA THR FB 88 -95.22 -95.17 -17.98
C THR FB 88 -95.72 -93.77 -18.32
N TRP FB 89 -95.13 -92.74 -17.71
CA TRP FB 89 -95.51 -91.37 -18.02
C TRP FB 89 -95.22 -91.02 -19.48
N MET FB 90 -94.05 -91.43 -19.98
CA MET FB 90 -93.70 -91.13 -21.35
C MET FB 90 -94.61 -91.85 -22.34
N THR FB 91 -94.97 -93.10 -22.03
CA THR FB 91 -95.81 -93.87 -22.94
C THR FB 91 -97.25 -93.37 -22.94
N SER FB 92 -97.81 -93.07 -21.76
CA SER FB 92 -99.22 -92.73 -21.67
C SER FB 92 -99.49 -91.23 -21.85
N GLU FB 93 -98.51 -90.38 -21.61
CA GLU FB 93 -98.75 -88.93 -21.65
C GLU FB 93 -97.91 -88.21 -22.71
N VAL FB 94 -96.61 -88.48 -22.78
CA VAL FB 94 -95.74 -87.71 -23.66
C VAL FB 94 -95.86 -88.21 -25.10
N PHE FB 95 -95.83 -89.53 -25.28
CA PHE FB 95 -95.84 -90.08 -26.64
C PHE FB 95 -97.11 -89.74 -27.42
N PRO FB 96 -98.32 -89.91 -26.89
CA PRO FB 96 -99.50 -89.51 -27.67
C PRO FB 96 -99.55 -88.02 -27.99
N GLY FB 97 -99.07 -87.17 -27.08
CA GLY FB 97 -99.11 -85.74 -27.34
C GLY FB 97 -98.04 -85.25 -28.29
N ALA FB 98 -96.91 -85.94 -28.33
CA ALA FB 98 -95.79 -85.55 -29.19
C ALA FB 98 -95.92 -86.07 -30.61
N THR FB 99 -96.96 -86.86 -30.89
CA THR FB 99 -97.21 -87.39 -32.23
C THR FB 99 -98.57 -86.96 -32.76
N SER FB 100 -99.19 -85.96 -32.14
CA SER FB 100 -100.49 -85.48 -32.56
C SER FB 100 -100.34 -84.39 -33.61
N SER FB 101 -101.48 -83.86 -34.08
CA SER FB 101 -101.44 -82.75 -35.02
C SER FB 101 -100.89 -81.48 -34.37
N VAL FB 102 -100.87 -81.42 -33.04
CA VAL FB 102 -100.31 -80.27 -32.34
C VAL FB 102 -98.83 -80.12 -32.68
N THR FB 103 -98.09 -81.23 -32.64
CA THR FB 103 -96.67 -81.18 -32.96
C THR FB 103 -96.44 -80.77 -34.40
N LEU FB 104 -97.23 -81.32 -35.33
CA LEU FB 104 -97.08 -80.96 -36.74
C LEU FB 104 -97.37 -79.48 -36.97
N ASP FB 105 -98.43 -78.97 -36.34
CA ASP FB 105 -98.77 -77.56 -36.49
C ASP FB 105 -97.70 -76.66 -35.89
N LEU FB 106 -97.16 -77.02 -34.74
CA LEU FB 106 -96.11 -76.23 -34.13
C LEU FB 106 -94.85 -76.23 -35.00
N ALA FB 107 -94.51 -77.39 -35.57
CA ALA FB 107 -93.28 -77.48 -36.35
C ALA FB 107 -93.39 -76.75 -37.68
N THR FB 108 -94.50 -76.92 -38.39
CA THR FB 108 -94.60 -76.40 -39.75
C THR FB 108 -95.31 -75.06 -39.86
N LYS FB 109 -95.99 -74.60 -38.81
CA LYS FB 109 -96.71 -73.34 -38.85
C LYS FB 109 -96.43 -72.45 -37.65
N GLY FB 110 -95.74 -72.94 -36.62
CA GLY FB 110 -95.53 -72.17 -35.42
C GLY FB 110 -96.79 -71.90 -34.63
N VAL FB 111 -97.70 -72.88 -34.55
CA VAL FB 111 -98.95 -72.72 -33.83
C VAL FB 111 -98.76 -73.13 -32.38
N ILE FB 112 -98.95 -72.18 -31.46
CA ILE FB 112 -98.80 -72.42 -30.03
C ILE FB 112 -100.14 -72.35 -29.30
N HIS FB 113 -101.23 -72.09 -30.01
CA HIS FB 113 -102.58 -72.06 -29.44
C HIS FB 113 -103.36 -73.23 -30.02
N LEU FB 114 -103.62 -74.25 -29.19
CA LEU FB 114 -104.36 -75.43 -29.66
C LEU FB 114 -105.82 -75.31 -29.25
N SER FB 115 -106.51 -74.37 -29.91
CA SER FB 115 -107.94 -74.20 -29.72
C SER FB 115 -108.71 -75.14 -30.65
N ASP FB 116 -109.92 -75.50 -30.23
CA ASP FB 116 -110.58 -75.18 -28.97
C ASP FB 116 -111.29 -76.41 -28.41
N ALA FB 117 -111.40 -77.45 -29.24
CA ALA FB 117 -112.11 -78.67 -28.89
C ALA FB 117 -111.49 -79.35 -27.66
N LEU GB 1 -110.15 -78.56 -24.64
CA LEU GB 1 -108.73 -78.28 -24.82
C LEU GB 1 -107.90 -79.49 -24.41
N SER GB 2 -107.32 -80.17 -25.39
CA SER GB 2 -106.58 -81.39 -25.13
C SER GB 2 -105.32 -81.42 -25.99
N ILE GB 3 -104.27 -82.02 -25.44
CA ILE GB 3 -103.05 -82.32 -26.16
C ILE GB 3 -102.85 -83.83 -26.08
N GLY GB 4 -102.90 -84.49 -27.23
CA GLY GB 4 -102.90 -85.94 -27.25
C GLY GB 4 -104.13 -86.51 -26.57
N THR GB 5 -103.93 -87.31 -25.53
CA THR GB 5 -105.03 -87.83 -24.73
C THR GB 5 -105.22 -87.08 -23.42
N LYS GB 6 -104.41 -86.06 -23.15
CA LYS GB 6 -104.44 -85.33 -21.89
C LYS GB 6 -105.20 -84.02 -22.07
N ASN GB 7 -106.27 -83.84 -21.30
CA ASN GB 7 -106.95 -82.56 -21.26
C ASN GB 7 -106.12 -81.55 -20.49
N VAL GB 8 -106.01 -80.34 -21.04
CA VAL GB 8 -105.22 -79.28 -20.44
C VAL GB 8 -106.03 -77.99 -20.45
N SER GB 9 -105.54 -77.01 -19.70
CA SER GB 9 -106.11 -75.67 -19.68
C SER GB 9 -104.98 -74.66 -19.81
N ILE GB 10 -105.32 -73.48 -20.31
CA ILE GB 10 -104.32 -72.42 -20.46
C ILE GB 10 -103.85 -71.98 -19.09
N TYR GB 11 -102.55 -72.08 -18.84
CA TYR GB 11 -101.94 -71.68 -17.58
C TYR GB 11 -101.22 -70.34 -17.68
N ARG GB 12 -100.40 -70.16 -18.72
CA ARG GB 12 -99.71 -68.89 -18.91
C ARG GB 12 -99.59 -68.64 -20.40
N ASN GB 13 -99.61 -67.37 -20.79
CA ASN GB 13 -99.69 -66.98 -22.20
C ASN GB 13 -98.78 -65.78 -22.43
N THR GB 14 -97.67 -66.00 -23.13
CA THR GB 14 -96.80 -64.95 -23.60
C THR GB 14 -96.89 -64.87 -25.12
N ALA GB 15 -96.07 -63.98 -25.70
CA ALA GB 15 -96.15 -63.74 -27.14
C ALA GB 15 -95.78 -64.99 -27.95
N ASP GB 16 -94.71 -65.68 -27.55
CA ASP GB 16 -94.22 -66.82 -28.32
C ASP GB 16 -94.22 -68.13 -27.53
N GLU GB 17 -94.80 -68.14 -26.34
CA GLU GB 17 -94.88 -69.37 -25.55
C GLU GB 17 -96.21 -69.41 -24.82
N VAL GB 18 -96.87 -70.57 -24.87
CA VAL GB 18 -98.08 -70.81 -24.10
C VAL GB 18 -97.84 -72.06 -23.26
N ILE GB 19 -98.01 -71.93 -21.95
CA ILE GB 19 -97.87 -73.04 -21.03
C ILE GB 19 -99.26 -73.51 -20.63
N TYR GB 20 -99.55 -74.78 -20.84
CA TYR GB 20 -100.81 -75.40 -20.44
C TYR GB 20 -100.55 -76.34 -19.26
N ALA GB 21 -101.55 -76.43 -18.38
CA ALA GB 21 -101.45 -77.22 -17.16
C ALA GB 21 -102.38 -78.41 -17.26
N GLY GB 22 -101.89 -79.58 -16.85
CA GLY GB 22 -102.71 -80.77 -16.79
C GLY GB 22 -103.64 -80.73 -15.60
N PRO GB 23 -104.53 -81.72 -15.49
CA PRO GB 23 -105.49 -81.72 -14.37
C PRO GB 23 -104.82 -81.77 -13.01
N ALA GB 24 -103.66 -82.42 -12.91
CA ALA GB 24 -102.97 -82.58 -11.64
C ALA GB 24 -102.10 -81.39 -11.27
N HIS GB 25 -101.84 -80.47 -12.20
CA HIS GB 25 -100.91 -79.38 -11.94
C HIS GB 25 -101.42 -78.50 -10.80
N ASP GB 26 -100.51 -78.15 -9.89
CA ASP GB 26 -100.83 -77.33 -8.74
C ASP GB 26 -99.57 -76.59 -8.31
N VAL GB 27 -99.63 -75.98 -7.13
CA VAL GB 27 -98.51 -75.18 -6.63
C VAL GB 27 -97.31 -76.02 -6.21
N THR GB 28 -97.51 -77.31 -5.93
CA THR GB 28 -96.40 -78.18 -5.54
C THR GB 28 -96.13 -79.32 -6.52
N ASN GB 29 -97.08 -79.69 -7.36
CA ASN GB 29 -96.90 -80.72 -8.38
C ASN GB 29 -96.88 -80.04 -9.74
N VAL GB 30 -95.82 -80.28 -10.51
CA VAL GB 30 -95.69 -79.72 -11.85
C VAL GB 30 -96.21 -80.75 -12.85
N ASP GB 31 -97.19 -80.34 -13.65
CA ASP GB 31 -97.69 -81.15 -14.77
C ASP GB 31 -98.01 -80.15 -15.89
N THR GB 32 -97.04 -79.90 -16.76
CA THR GB 32 -97.18 -78.83 -17.74
C THR GB 32 -96.73 -79.26 -19.11
N VAL GB 33 -97.40 -78.71 -20.13
CA VAL GB 33 -97.00 -78.83 -21.53
C VAL GB 33 -96.82 -77.42 -22.07
N SER GB 34 -95.60 -77.08 -22.43
CA SER GB 34 -95.29 -75.78 -23.00
C SER GB 34 -95.15 -75.88 -24.51
N LEU GB 35 -95.75 -74.93 -25.21
CA LEU GB 35 -95.57 -74.76 -26.66
C LEU GB 35 -94.84 -73.44 -26.87
N ARG GB 36 -93.61 -73.53 -27.35
CA ARG GB 36 -92.78 -72.35 -27.57
C ARG GB 36 -92.35 -72.31 -29.03
N ARG GB 37 -92.20 -71.11 -29.56
CA ARG GB 37 -91.76 -70.94 -30.93
C ARG GB 37 -90.73 -69.84 -31.03
N SER GB 38 -89.78 -70.02 -31.94
CA SER GB 38 -88.84 -69.00 -32.35
C SER GB 38 -89.10 -68.72 -33.82
N LEU GB 39 -89.61 -67.54 -34.12
CA LEU GB 39 -90.01 -67.19 -35.48
C LEU GB 39 -88.78 -66.96 -36.36
N PRO GB 40 -88.88 -67.26 -37.64
CA PRO GB 40 -87.72 -67.08 -38.54
C PRO GB 40 -87.28 -65.63 -38.60
N VAL GB 41 -85.98 -65.42 -38.49
CA VAL GB 41 -85.37 -64.10 -38.58
C VAL GB 41 -84.62 -64.02 -39.90
N LYS GB 42 -85.06 -63.14 -40.79
CA LYS GB 42 -84.45 -62.98 -42.11
C LYS GB 42 -83.14 -62.21 -41.88
N LYS GB 43 -82.02 -62.91 -42.07
CA LYS GB 43 -80.71 -62.32 -41.95
C LYS GB 43 -79.90 -62.63 -43.20
N GLY GB 44 -79.45 -61.58 -43.89
CA GLY GB 44 -78.69 -61.78 -45.11
C GLY GB 44 -79.53 -62.46 -46.17
N SER GB 45 -78.90 -63.37 -46.92
CA SER GB 45 -79.61 -64.15 -47.93
C SER GB 45 -80.41 -65.30 -47.35
N ASP GB 46 -80.18 -65.64 -46.09
CA ASP GB 46 -80.93 -66.71 -45.45
C ASP GB 46 -82.26 -66.18 -44.93
N ASN GB 47 -83.34 -66.87 -45.27
CA ASN GB 47 -84.68 -66.46 -44.87
C ASN GB 47 -85.00 -66.81 -43.42
N GLY GB 48 -84.13 -67.56 -42.74
CA GLY GB 48 -84.34 -67.92 -41.36
C GLY GB 48 -84.85 -69.34 -41.19
N THR GB 49 -85.15 -69.65 -39.93
CA THR GB 49 -85.60 -70.99 -39.55
C THR GB 49 -86.64 -70.86 -38.44
N MET GB 50 -87.76 -71.55 -38.59
CA MET GB 50 -88.76 -71.62 -37.54
C MET GB 50 -88.39 -72.75 -36.58
N ARG GB 51 -88.32 -72.42 -35.29
CA ARG GB 51 -88.05 -73.40 -34.25
C ARG GB 51 -89.32 -73.64 -33.45
N GLY GB 52 -89.69 -74.91 -33.29
CA GLY GB 52 -90.83 -75.26 -32.49
C GLY GB 52 -90.48 -76.20 -31.36
N ASN GB 53 -90.71 -75.79 -30.12
CA ASN GB 53 -90.36 -76.57 -28.95
C ASN GB 53 -91.62 -76.99 -28.21
N MET GB 54 -91.71 -78.27 -27.89
CA MET GB 54 -92.82 -78.83 -27.12
C MET GB 54 -92.23 -79.46 -25.86
N ASN GB 55 -92.54 -78.87 -24.71
CA ASN GB 55 -91.93 -79.24 -23.44
C ASN GB 55 -92.94 -79.97 -22.56
N PHE GB 56 -92.56 -81.12 -22.04
CA PHE GB 56 -93.35 -81.86 -21.07
C PHE GB 56 -92.60 -81.85 -19.75
N ALA GB 57 -93.22 -81.31 -18.70
CA ALA GB 57 -92.61 -81.24 -17.38
C ALA GB 57 -93.52 -81.95 -16.39
N LYS GB 58 -92.93 -82.86 -15.61
CA LYS GB 58 -93.68 -83.63 -14.62
C LYS GB 58 -92.86 -83.78 -13.34
N SER GB 59 -93.51 -83.65 -12.20
CA SER GB 59 -92.87 -83.88 -10.92
C SER GB 59 -92.92 -85.36 -10.55
N PHE GB 60 -91.82 -85.86 -10.00
CA PHE GB 60 -91.71 -87.27 -9.66
C PHE GB 60 -91.08 -87.41 -8.27
N PRO GB 61 -91.49 -88.40 -7.50
CA PRO GB 61 -90.82 -88.65 -6.22
C PRO GB 61 -89.40 -89.17 -6.44
N ASN GB 62 -88.43 -88.44 -5.91
CA ASN GB 62 -87.02 -88.81 -5.96
C ASN GB 62 -86.56 -88.95 -4.51
N GLY GB 63 -86.53 -90.18 -4.02
CA GLY GB 63 -86.23 -90.44 -2.64
C GLY GB 63 -87.19 -89.74 -1.71
N ASP GB 64 -86.70 -88.71 -1.03
CA ASP GB 64 -87.56 -87.90 -0.16
C ASP GB 64 -88.08 -86.64 -0.84
N LYS GB 65 -87.35 -86.13 -1.83
CA LYS GB 65 -87.71 -84.88 -2.47
C LYS GB 65 -88.49 -85.14 -3.76
N LYS GB 66 -88.71 -84.09 -4.53
CA LYS GB 66 -89.34 -84.19 -5.84
C LYS GB 66 -88.39 -83.68 -6.92
N SER GB 67 -88.30 -84.43 -8.02
CA SER GB 67 -87.45 -84.09 -9.15
C SER GB 67 -88.33 -83.81 -10.36
N LEU GB 68 -87.83 -82.94 -11.24
CA LEU GB 68 -88.55 -82.56 -12.45
C LEU GB 68 -88.02 -83.36 -13.63
N VAL GB 69 -88.89 -84.17 -14.21
CA VAL GB 69 -88.57 -84.88 -15.44
C VAL GB 69 -89.10 -84.07 -16.62
N VAL GB 70 -88.24 -83.79 -17.58
CA VAL GB 70 -88.54 -82.93 -18.72
C VAL GB 70 -88.26 -83.69 -20.00
N VAL GB 71 -89.21 -83.64 -20.93
CA VAL GB 71 -89.05 -84.18 -22.27
C VAL GB 71 -89.26 -83.05 -23.26
N ASN GB 72 -88.27 -82.81 -24.12
CA ASN GB 72 -88.34 -81.76 -25.12
C ASN GB 72 -88.45 -82.37 -26.51
N LEU GB 73 -89.35 -81.84 -27.32
CA LEU GB 73 -89.45 -82.18 -28.74
C LEU GB 73 -89.26 -80.89 -29.53
N THR GB 74 -88.13 -80.77 -30.22
CA THR GB 74 -87.78 -79.55 -30.93
C THR GB 74 -87.64 -79.84 -32.42
N ALA GB 75 -88.24 -78.98 -33.24
CA ALA GB 75 -88.13 -79.06 -34.68
C ALA GB 75 -87.55 -77.76 -35.22
N HIS GB 76 -86.66 -77.88 -36.21
CA HIS GB 76 -86.05 -76.74 -36.87
C HIS GB 76 -86.37 -76.84 -38.36
N VAL GB 77 -87.26 -75.98 -38.84
CA VAL GB 77 -87.71 -76.02 -40.22
C VAL GB 77 -87.24 -74.76 -40.92
N PRO GB 78 -86.34 -74.84 -41.90
CA PRO GB 78 -85.92 -73.64 -42.63
C PRO GB 78 -87.04 -73.10 -43.51
N VAL GB 79 -87.05 -71.78 -43.67
CA VAL GB 79 -88.04 -71.15 -44.54
C VAL GB 79 -87.75 -71.50 -45.99
N GLY GB 80 -88.79 -71.85 -46.73
CA GLY GB 80 -88.69 -72.21 -48.13
C GLY GB 80 -88.96 -73.68 -48.41
N VAL GB 81 -89.04 -74.51 -47.38
CA VAL GB 81 -89.33 -75.92 -47.54
C VAL GB 81 -90.83 -76.12 -47.62
N ASP GB 82 -91.26 -77.14 -48.37
CA ASP GB 82 -92.67 -77.46 -48.46
C ASP GB 82 -93.16 -78.05 -47.14
N ALA GB 83 -94.19 -77.44 -46.57
CA ALA GB 83 -94.67 -77.87 -45.26
C ALA GB 83 -95.33 -79.24 -45.31
N THR GB 84 -96.02 -79.56 -46.42
CA THR GB 84 -96.66 -80.86 -46.55
C THR GB 84 -95.63 -81.99 -46.54
N ALA GB 85 -94.51 -81.79 -47.25
CA ALA GB 85 -93.47 -82.81 -47.27
C ALA GB 85 -92.89 -83.02 -45.88
N VAL GB 86 -92.64 -81.95 -45.14
CA VAL GB 86 -92.11 -82.07 -43.79
C VAL GB 86 -93.10 -82.78 -42.88
N ARG GB 87 -94.39 -82.45 -43.00
CA ARG GB 87 -95.40 -83.12 -42.19
C ARG GB 87 -95.47 -84.60 -42.50
N THR GB 88 -95.41 -84.97 -43.79
CA THR GB 88 -95.44 -86.38 -44.16
C THR GB 88 -94.21 -87.12 -43.63
N TRP GB 89 -93.03 -86.50 -43.73
CA TRP GB 89 -91.82 -87.11 -43.19
C TRP GB 89 -91.91 -87.29 -41.68
N MET GB 90 -92.40 -86.27 -40.97
CA MET GB 90 -92.54 -86.36 -39.53
C MET GB 90 -93.52 -87.44 -39.12
N THR GB 91 -94.64 -87.56 -39.85
CA THR GB 91 -95.64 -88.57 -39.53
C THR GB 91 -95.13 -89.98 -39.81
N SER GB 92 -94.50 -90.20 -40.97
CA SER GB 92 -94.13 -91.54 -41.39
C SER GB 92 -92.79 -92.02 -40.83
N GLU GB 93 -91.87 -91.13 -40.54
CA GLU GB 93 -90.51 -91.55 -40.18
C GLU GB 93 -90.07 -91.07 -38.81
N VAL GB 94 -90.46 -89.87 -38.39
CA VAL GB 94 -90.02 -89.35 -37.10
C VAL GB 94 -90.87 -89.89 -35.97
N PHE GB 95 -92.19 -89.82 -36.12
CA PHE GB 95 -93.10 -90.19 -35.04
C PHE GB 95 -92.99 -91.66 -34.64
N PRO GB 96 -92.99 -92.64 -35.55
CA PRO GB 96 -92.87 -94.03 -35.09
C PRO GB 96 -91.57 -94.33 -34.36
N GLY GB 97 -90.46 -93.71 -34.77
CA GLY GB 97 -89.19 -93.95 -34.09
C GLY GB 97 -89.06 -93.21 -32.78
N ALA GB 98 -89.68 -92.03 -32.67
CA ALA GB 98 -89.55 -91.24 -31.46
C ALA GB 98 -90.36 -91.81 -30.31
N THR GB 99 -91.41 -92.58 -30.58
CA THR GB 99 -92.25 -93.17 -29.56
C THR GB 99 -92.11 -94.68 -29.49
N SER GB 100 -90.91 -95.19 -29.76
CA SER GB 100 -90.63 -96.61 -29.72
C SER GB 100 -89.88 -96.95 -28.44
N SER GB 101 -89.51 -98.23 -28.31
CA SER GB 101 -88.74 -98.67 -27.16
C SER GB 101 -87.34 -98.08 -27.14
N VAL GB 102 -86.84 -97.61 -28.30
CA VAL GB 102 -85.51 -97.01 -28.35
C VAL GB 102 -85.45 -95.75 -27.48
N THR GB 103 -86.48 -94.92 -27.54
CA THR GB 103 -86.52 -93.71 -26.73
C THR GB 103 -86.51 -94.03 -25.24
N LEU GB 104 -87.32 -95.01 -24.83
CA LEU GB 104 -87.38 -95.38 -23.42
C LEU GB 104 -86.05 -95.96 -22.95
N ASP GB 105 -85.43 -96.82 -23.78
CA ASP GB 105 -84.15 -97.41 -23.40
C ASP GB 105 -83.06 -96.35 -23.31
N LEU GB 106 -83.06 -95.39 -24.24
CA LEU GB 106 -82.09 -94.30 -24.15
C LEU GB 106 -82.32 -93.44 -22.92
N ALA GB 107 -83.58 -93.19 -22.57
CA ALA GB 107 -83.88 -92.35 -21.42
C ALA GB 107 -83.47 -93.01 -20.11
N THR GB 108 -83.85 -94.27 -19.92
CA THR GB 108 -83.69 -94.92 -18.63
C THR GB 108 -82.47 -95.82 -18.52
N LYS GB 109 -81.73 -96.02 -19.61
CA LYS GB 109 -80.55 -96.89 -19.57
C LYS GB 109 -79.34 -96.32 -20.30
N GLY GB 110 -79.48 -95.23 -21.05
CA GLY GB 110 -78.37 -94.73 -21.83
C GLY GB 110 -77.95 -95.64 -22.96
N VAL GB 111 -78.89 -96.32 -23.60
CA VAL GB 111 -78.57 -97.23 -24.69
C VAL GB 111 -78.54 -96.45 -25.99
N ILE GB 112 -77.37 -96.41 -26.63
CA ILE GB 112 -77.21 -95.75 -27.93
C ILE GB 112 -76.86 -96.73 -29.03
N HIS GB 113 -76.45 -97.96 -28.70
CA HIS GB 113 -76.15 -98.99 -29.68
C HIS GB 113 -77.38 -99.87 -29.85
N LEU GB 114 -77.93 -99.90 -31.05
CA LEU GB 114 -79.16 -100.64 -31.33
C LEU GB 114 -78.85 -102.09 -31.64
N SER GB 115 -79.84 -102.95 -31.44
CA SER GB 115 -79.72 -104.38 -31.70
C SER GB 115 -81.10 -104.99 -31.87
N ASP GB 116 -81.17 -106.06 -32.65
CA ASP GB 116 -80.12 -106.61 -33.53
C ASP GB 116 -80.72 -107.04 -34.85
N ALA GB 117 -82.05 -107.14 -34.89
CA ALA GB 117 -82.75 -107.63 -36.07
C ALA GB 117 -83.41 -106.50 -36.85
N LEU HB 1 -123.62 -58.38 17.35
CA LEU HB 1 -122.66 -57.83 16.40
C LEU HB 1 -122.36 -58.84 15.31
N SER HB 2 -122.81 -58.55 14.09
CA SER HB 2 -122.71 -59.50 12.99
C SER HB 2 -122.07 -58.85 11.77
N ILE HB 3 -121.20 -59.61 11.10
CA ILE HB 3 -120.67 -59.27 9.79
C ILE HB 3 -120.99 -60.46 8.90
N GLY HB 4 -122.11 -60.40 8.19
CA GLY HB 4 -122.60 -61.55 7.46
C GLY HB 4 -123.35 -62.49 8.38
N THR HB 5 -122.91 -63.76 8.43
CA THR HB 5 -123.46 -64.73 9.37
C THR HB 5 -122.55 -64.94 10.58
N LYS HB 6 -121.48 -64.17 10.69
CA LYS HB 6 -120.48 -64.35 11.74
C LYS HB 6 -120.77 -63.40 12.89
N ASN HB 7 -120.77 -63.94 14.11
CA ASN HB 7 -120.89 -63.14 15.32
C ASN HB 7 -119.52 -62.71 15.78
N VAL HB 8 -119.27 -61.40 15.80
CA VAL HB 8 -117.97 -60.85 16.14
C VAL HB 8 -118.12 -59.93 17.36
N SER HB 9 -116.98 -59.58 17.95
CA SER HB 9 -116.93 -58.62 19.04
C SER HB 9 -115.79 -57.65 18.77
N ILE HB 10 -115.92 -56.44 19.33
CA ILE HB 10 -114.88 -55.44 19.15
C ILE HB 10 -113.60 -55.91 19.82
N TYR HB 11 -112.52 -55.93 19.06
CA TYR HB 11 -111.21 -56.35 19.57
C TYR HB 11 -110.21 -55.22 19.61
N ARG HB 12 -110.21 -54.34 18.61
CA ARG HB 12 -109.33 -53.18 18.63
C ARG HB 12 -110.07 -52.01 18.00
N ASN HB 13 -109.95 -50.83 18.62
CA ASN HB 13 -110.68 -49.66 18.17
C ASN HB 13 -109.71 -48.50 18.05
N THR HB 14 -109.42 -48.08 16.83
CA THR HB 14 -108.59 -46.92 16.55
C THR HB 14 -109.39 -45.88 15.78
N ALA HB 15 -108.72 -44.79 15.41
CA ALA HB 15 -109.41 -43.69 14.75
C ALA HB 15 -110.00 -44.11 13.42
N ASP HB 16 -109.24 -44.86 12.61
CA ASP HB 16 -109.65 -45.18 11.25
C ASP HB 16 -109.67 -46.68 10.99
N GLU HB 17 -109.65 -47.51 12.03
CA GLU HB 17 -109.66 -48.95 11.85
C GLU HB 17 -110.24 -49.61 13.08
N VAL HB 18 -111.20 -50.52 12.87
CA VAL HB 18 -111.78 -51.32 13.94
C VAL HB 18 -111.59 -52.79 13.57
N ILE HB 19 -110.93 -53.53 14.45
CA ILE HB 19 -110.74 -54.97 14.27
C ILE HB 19 -111.75 -55.69 15.16
N TYR HB 20 -112.57 -56.54 14.53
CA TYR HB 20 -113.50 -57.41 15.23
C TYR HB 20 -112.96 -58.84 15.19
N ALA HB 21 -113.20 -59.58 16.26
CA ALA HB 21 -112.68 -60.93 16.40
C ALA HB 21 -113.82 -61.94 16.36
N GLY HB 22 -113.60 -63.03 15.64
CA GLY HB 22 -114.57 -64.10 15.56
C GLY HB 22 -114.49 -65.02 16.76
N PRO HB 23 -115.38 -66.01 16.81
CA PRO HB 23 -115.38 -66.93 17.97
C PRO HB 23 -114.11 -67.73 18.11
N ALA HB 24 -113.36 -67.92 17.03
CA ALA HB 24 -112.15 -68.73 17.04
C ALA HB 24 -110.88 -67.91 17.20
N HIS HB 25 -111.00 -66.63 17.55
CA HIS HB 25 -109.85 -65.76 17.73
C HIS HB 25 -109.35 -65.81 19.16
N ASP HB 26 -108.04 -65.90 19.32
CA ASP HB 26 -107.41 -65.91 20.63
C ASP HB 26 -105.96 -65.45 20.46
N VAL HB 27 -105.13 -65.68 21.49
CA VAL HB 27 -103.75 -65.25 21.46
C VAL HB 27 -102.94 -65.96 20.38
N THR HB 28 -103.18 -67.25 20.15
CA THR HB 28 -102.38 -68.03 19.21
C THR HB 28 -103.03 -68.25 17.86
N ASN HB 29 -104.31 -68.00 17.70
CA ASN HB 29 -105.01 -68.18 16.44
C ASN HB 29 -105.63 -66.87 15.99
N VAL HB 30 -105.68 -66.66 14.68
CA VAL HB 30 -106.20 -65.43 14.09
C VAL HB 30 -107.52 -65.74 13.40
N ASP HB 31 -108.57 -65.04 13.83
CA ASP HB 31 -109.87 -65.05 13.15
C ASP HB 31 -110.43 -63.64 13.30
N THR HB 32 -110.14 -62.77 12.32
CA THR HB 32 -110.45 -61.36 12.48
C THR HB 32 -111.05 -60.79 11.19
N VAL HB 33 -111.91 -59.79 11.38
CA VAL HB 33 -112.41 -58.95 10.30
C VAL HB 33 -112.12 -57.51 10.67
N SER HB 34 -111.33 -56.82 9.85
CA SER HB 34 -110.92 -55.46 10.11
C SER HB 34 -111.60 -54.52 9.12
N LEU HB 35 -112.26 -53.49 9.63
CA LEU HB 35 -112.80 -52.42 8.81
C LEU HB 35 -111.85 -51.22 8.89
N ARG HB 36 -111.42 -50.75 7.73
CA ARG HB 36 -110.48 -49.64 7.63
C ARG HB 36 -111.05 -48.60 6.68
N ARG HB 37 -110.70 -47.34 6.93
CA ARG HB 37 -111.20 -46.26 6.09
C ARG HB 37 -110.12 -45.21 5.92
N SER HB 38 -110.19 -44.54 4.77
CA SER HB 38 -109.40 -43.34 4.49
C SER HB 38 -110.38 -42.28 4.00
N LEU HB 39 -110.59 -41.26 4.83
CA LEU HB 39 -111.58 -40.24 4.56
C LEU HB 39 -111.07 -39.28 3.48
N PRO HB 40 -111.98 -38.68 2.72
CA PRO HB 40 -111.57 -37.76 1.66
C PRO HB 40 -110.77 -36.59 2.19
N VAL HB 41 -109.75 -36.19 1.44
CA VAL HB 41 -108.92 -35.03 1.75
C VAL HB 41 -109.16 -34.00 0.67
N LYS HB 42 -109.68 -32.84 1.06
CA LYS HB 42 -109.99 -31.77 0.11
C LYS HB 42 -108.67 -31.10 -0.30
N LYS HB 43 -107.97 -31.78 -1.20
CA LYS HB 43 -106.67 -31.31 -1.67
C LYS HB 43 -106.86 -30.48 -2.94
N GLY HB 44 -106.56 -29.20 -2.86
CA GLY HB 44 -106.74 -28.32 -4.00
C GLY HB 44 -108.20 -28.27 -4.42
N SER HB 45 -108.45 -28.42 -5.72
CA SER HB 45 -109.80 -28.44 -6.25
C SER HB 45 -110.44 -29.82 -6.20
N ASP HB 46 -109.64 -30.88 -6.12
CA ASP HB 46 -110.18 -32.23 -6.00
C ASP HB 46 -110.84 -32.39 -4.64
N ASN HB 47 -112.05 -32.94 -4.63
CA ASN HB 47 -112.78 -33.15 -3.39
C ASN HB 47 -112.33 -34.38 -2.62
N GLY HB 48 -111.42 -35.17 -3.18
CA GLY HB 48 -110.91 -36.33 -2.49
C GLY HB 48 -111.59 -37.61 -2.90
N THR HB 49 -111.20 -38.68 -2.21
CA THR HB 49 -111.72 -40.02 -2.46
C THR HB 49 -111.93 -40.74 -1.14
N MET HB 50 -113.07 -41.40 -1.00
CA MET HB 50 -113.34 -42.26 0.15
C MET HB 50 -112.79 -43.65 -0.15
N ARG HB 51 -111.91 -44.15 0.72
CA ARG HB 51 -111.37 -45.48 0.59
C ARG HB 51 -111.90 -46.36 1.72
N GLY HB 52 -112.48 -47.49 1.36
CA GLY HB 52 -112.97 -48.45 2.34
C GLY HB 52 -112.23 -49.77 2.16
N ASN HB 53 -111.97 -50.45 3.27
CA ASN HB 53 -111.20 -51.69 3.27
C ASN HB 53 -111.84 -52.68 4.24
N MET HB 54 -112.14 -53.87 3.75
CA MET HB 54 -112.60 -54.98 4.58
C MET HB 54 -111.56 -56.08 4.49
N ASN HB 55 -110.98 -56.45 5.62
CA ASN HB 55 -109.90 -57.42 5.69
C ASN HB 55 -110.39 -58.65 6.47
N PHE HB 56 -110.22 -59.83 5.88
CA PHE HB 56 -110.53 -61.09 6.53
C PHE HB 56 -109.24 -61.84 6.75
N ALA HB 57 -108.95 -62.22 8.00
CA ALA HB 57 -107.73 -62.93 8.32
C ALA HB 57 -108.07 -64.18 9.10
N LYS HB 58 -107.55 -65.33 8.65
CA LYS HB 58 -107.76 -66.58 9.35
C LYS HB 58 -106.45 -67.37 9.39
N SER HB 59 -106.33 -68.22 10.40
CA SER HB 59 -105.19 -69.09 10.53
C SER HB 59 -105.55 -70.50 10.06
N PHE HB 60 -104.61 -71.14 9.38
CA PHE HB 60 -104.82 -72.44 8.78
C PHE HB 60 -103.61 -73.33 9.02
N PRO HB 61 -103.81 -74.64 9.17
CA PRO HB 61 -102.67 -75.55 9.29
C PRO HB 61 -101.88 -75.59 7.99
N ASN HB 62 -100.57 -75.31 8.09
CA ASN HB 62 -99.65 -75.33 6.96
C ASN HB 62 -98.53 -76.30 7.33
N GLY HB 63 -98.72 -77.57 6.99
CA GLY HB 63 -97.76 -78.59 7.36
C GLY HB 63 -97.58 -78.67 8.87
N ASP HB 64 -96.43 -78.20 9.35
CA ASP HB 64 -96.18 -78.16 10.78
C ASP HB 64 -96.65 -76.86 11.40
N LYS HB 65 -96.51 -75.74 10.67
CA LYS HB 65 -96.78 -74.43 11.23
C LYS HB 65 -98.22 -74.01 10.94
N LYS HB 66 -98.54 -72.74 11.21
CA LYS HB 66 -99.86 -72.19 10.95
C LYS HB 66 -99.71 -70.93 10.11
N SER HB 67 -100.32 -70.92 8.94
CA SER HB 67 -100.21 -69.82 7.99
C SER HB 67 -101.45 -68.95 8.01
N LEU HB 68 -101.27 -67.69 7.64
CA LEU HB 68 -102.35 -66.71 7.66
C LEU HB 68 -102.89 -66.50 6.25
N VAL HB 69 -104.17 -66.78 6.06
CA VAL HB 69 -104.88 -66.51 4.82
C VAL HB 69 -105.64 -65.21 4.98
N VAL HB 70 -105.45 -64.28 4.04
CA VAL HB 70 -106.03 -62.95 4.12
C VAL HB 70 -106.79 -62.68 2.83
N VAL HB 71 -108.03 -62.22 2.96
CA VAL HB 71 -108.84 -61.76 1.83
C VAL HB 71 -109.12 -60.28 2.04
N ASN HB 72 -108.72 -59.47 1.06
CA ASN HB 72 -108.92 -58.03 1.12
C ASN HB 72 -110.02 -57.62 0.16
N LEU HB 73 -110.77 -56.59 0.53
CA LEU HB 73 -111.80 -56.03 -0.33
C LEU HB 73 -111.78 -54.52 -0.16
N THR HB 74 -111.28 -53.81 -1.16
CA THR HB 74 -111.08 -52.36 -1.09
C THR HB 74 -111.92 -51.67 -2.15
N ALA HB 75 -112.58 -50.59 -1.74
CA ALA HB 75 -113.39 -49.77 -2.63
C ALA HB 75 -112.89 -48.33 -2.61
N HIS HB 76 -112.80 -47.73 -3.79
CA HIS HB 76 -112.39 -46.33 -3.95
C HIS HB 76 -113.55 -45.59 -4.60
N VAL HB 77 -114.15 -44.66 -3.86
CA VAL HB 77 -115.29 -43.89 -4.39
C VAL HB 77 -114.92 -42.42 -4.39
N PRO HB 78 -114.77 -41.79 -5.56
CA PRO HB 78 -114.48 -40.36 -5.59
C PRO HB 78 -115.64 -39.54 -5.06
N VAL HB 79 -115.32 -38.41 -4.44
CA VAL HB 79 -116.35 -37.54 -3.86
C VAL HB 79 -117.11 -36.84 -4.98
N GLY HB 80 -118.44 -36.81 -4.86
CA GLY HB 80 -119.31 -36.21 -5.84
C GLY HB 80 -120.06 -37.24 -6.67
N VAL HB 81 -119.51 -38.45 -6.79
CA VAL HB 81 -120.22 -39.53 -7.47
C VAL HB 81 -121.45 -39.91 -6.67
N ASP HB 82 -122.58 -40.08 -7.36
CA ASP HB 82 -123.83 -40.44 -6.70
C ASP HB 82 -123.67 -41.76 -5.97
N ALA HB 83 -124.06 -41.78 -4.70
CA ALA HB 83 -123.83 -42.97 -3.87
C ALA HB 83 -124.78 -44.10 -4.24
N THR HB 84 -126.02 -43.78 -4.58
CA THR HB 84 -127.00 -44.82 -4.89
C THR HB 84 -126.60 -45.60 -6.13
N ALA HB 85 -126.09 -44.90 -7.15
CA ALA HB 85 -125.61 -45.58 -8.36
C ALA HB 85 -124.47 -46.54 -8.04
N VAL HB 86 -123.52 -46.10 -7.21
CA VAL HB 86 -122.42 -46.96 -6.82
C VAL HB 86 -122.92 -48.17 -6.06
N ARG HB 87 -123.87 -47.97 -5.16
CA ARG HB 87 -124.39 -49.07 -4.35
C ARG HB 87 -125.13 -50.09 -5.21
N THR HB 88 -125.95 -49.63 -6.16
CA THR HB 88 -126.64 -50.59 -7.02
C THR HB 88 -125.67 -51.26 -7.99
N TRP HB 89 -124.60 -50.57 -8.40
CA TRP HB 89 -123.57 -51.20 -9.22
C TRP HB 89 -122.87 -52.32 -8.46
N MET HB 90 -122.50 -52.07 -7.20
CA MET HB 90 -121.89 -53.11 -6.39
C MET HB 90 -122.86 -54.27 -6.14
N THR HB 91 -124.12 -53.96 -5.84
CA THR HB 91 -125.08 -55.00 -5.54
C THR HB 91 -125.37 -55.88 -6.75
N SER HB 92 -125.45 -55.27 -7.94
CA SER HB 92 -125.85 -56.00 -9.13
C SER HB 92 -124.68 -56.52 -9.97
N GLU HB 93 -123.57 -55.79 -10.02
CA GLU HB 93 -122.47 -56.13 -10.93
C GLU HB 93 -121.21 -56.62 -10.21
N VAL HB 94 -120.90 -56.09 -9.03
CA VAL HB 94 -119.63 -56.42 -8.40
C VAL HB 94 -119.78 -57.63 -7.48
N PHE HB 95 -120.79 -57.63 -6.62
CA PHE HB 95 -120.98 -58.67 -5.62
C PHE HB 95 -121.23 -60.05 -6.23
N PRO HB 96 -122.15 -60.20 -7.20
CA PRO HB 96 -122.34 -61.54 -7.78
C PRO HB 96 -121.10 -62.11 -8.45
N GLY HB 97 -120.27 -61.27 -9.07
CA GLY HB 97 -119.05 -61.75 -9.69
C GLY HB 97 -117.91 -61.98 -8.72
N ALA HB 98 -117.92 -61.27 -7.60
CA ALA HB 98 -116.84 -61.39 -6.62
C ALA HB 98 -117.02 -62.57 -5.68
N THR HB 99 -118.17 -63.24 -5.72
CA THR HB 99 -118.45 -64.38 -4.85
C THR HB 99 -118.71 -65.66 -5.63
N SER HB 100 -118.30 -65.71 -6.89
CA SER HB 100 -118.55 -66.86 -7.74
C SER HB 100 -117.37 -67.84 -7.64
N SER HB 101 -117.40 -68.90 -8.44
CA SER HB 101 -116.29 -69.85 -8.48
C SER HB 101 -115.04 -69.24 -9.09
N VAL HB 102 -115.17 -68.14 -9.82
CA VAL HB 102 -114.01 -67.46 -10.40
C VAL HB 102 -113.09 -66.97 -9.29
N THR HB 103 -113.67 -66.40 -8.23
CA THR HB 103 -112.86 -65.96 -7.09
C THR HB 103 -112.13 -67.12 -6.46
N LEU HB 104 -112.80 -68.26 -6.28
CA LEU HB 104 -112.18 -69.43 -5.66
C LEU HB 104 -111.02 -69.94 -6.51
N ASP HB 105 -111.24 -70.05 -7.82
CA ASP HB 105 -110.17 -70.52 -8.71
C ASP HB 105 -108.99 -69.56 -8.72
N LEU HB 106 -109.27 -68.25 -8.75
CA LEU HB 106 -108.19 -67.27 -8.74
C LEU HB 106 -107.42 -67.30 -7.43
N ALA HB 107 -108.11 -67.49 -6.30
CA ALA HB 107 -107.44 -67.49 -5.01
C ALA HB 107 -106.62 -68.75 -4.79
N THR HB 108 -107.15 -69.91 -5.18
CA THR HB 108 -106.47 -71.17 -4.88
C THR HB 108 -105.53 -71.63 -5.99
N LYS HB 109 -105.87 -71.37 -7.25
CA LYS HB 109 -105.06 -71.86 -8.36
C LYS HB 109 -104.56 -70.77 -9.29
N GLY HB 110 -104.92 -69.51 -9.06
CA GLY HB 110 -104.47 -68.43 -9.93
C GLY HB 110 -105.03 -68.46 -11.33
N VAL HB 111 -106.27 -68.90 -11.49
CA VAL HB 111 -106.88 -68.99 -12.82
C VAL HB 111 -107.37 -67.62 -13.23
N ILE HB 112 -106.88 -67.13 -14.37
CA ILE HB 112 -107.27 -65.82 -14.90
C ILE HB 112 -108.01 -65.93 -16.23
N HIS HB 113 -108.25 -67.14 -16.73
CA HIS HB 113 -108.99 -67.36 -17.97
C HIS HB 113 -110.27 -68.11 -17.63
N LEU HB 114 -111.41 -67.42 -17.68
CA LEU HB 114 -112.68 -68.02 -17.28
C LEU HB 114 -113.44 -68.53 -18.51
N SER HB 115 -112.81 -69.46 -19.22
CA SER HB 115 -113.43 -70.06 -20.38
C SER HB 115 -114.50 -71.06 -19.97
N ASP HB 116 -115.57 -71.13 -20.75
CA ASP HB 116 -115.85 -70.27 -21.89
C ASP HB 116 -117.29 -69.77 -21.87
N ALA HB 117 -118.15 -70.51 -21.17
CA ALA HB 117 -119.56 -70.18 -21.09
C ALA HB 117 -119.80 -69.02 -20.14
N LEU IB 1 8.94 -136.67 10.30
CA LEU IB 1 9.50 -135.45 10.88
C LEU IB 1 9.55 -135.52 12.39
N SER IB 2 10.75 -135.38 12.96
CA SER IB 2 10.94 -135.46 14.39
C SER IB 2 11.97 -134.43 14.82
N ILE IB 3 11.80 -133.91 16.04
CA ILE IB 3 12.76 -133.01 16.67
C ILE IB 3 13.10 -133.65 18.00
N GLY IB 4 14.18 -134.43 18.03
CA GLY IB 4 14.45 -135.26 19.19
C GLY IB 4 13.54 -136.47 19.23
N THR IB 5 12.69 -136.56 20.26
CA THR IB 5 11.75 -137.66 20.39
C THR IB 5 10.31 -137.24 20.12
N LYS IB 6 10.11 -136.03 19.61
CA LYS IB 6 8.77 -135.49 19.36
C LYS IB 6 8.48 -135.46 17.87
N ASN IB 7 7.32 -135.97 17.49
CA ASN IB 7 6.87 -135.94 16.10
C ASN IB 7 6.20 -134.61 15.80
N VAL IB 8 6.59 -133.98 14.71
CA VAL IB 8 6.07 -132.67 14.32
C VAL IB 8 5.66 -132.70 12.86
N SER IB 9 4.91 -131.68 12.46
CA SER IB 9 4.51 -131.48 11.08
C SER IB 9 4.76 -130.04 10.72
N ILE IB 10 5.08 -129.79 9.44
CA ILE IB 10 5.26 -128.41 8.98
C ILE IB 10 3.95 -127.66 9.19
N TYR IB 11 4.02 -126.57 9.94
CA TYR IB 11 2.86 -125.73 10.20
C TYR IB 11 2.90 -124.41 9.47
N ARG IB 12 4.05 -123.74 9.46
CA ARG IB 12 4.20 -122.47 8.79
C ARG IB 12 5.55 -122.43 8.09
N ASN IB 13 5.55 -121.93 6.86
CA ASN IB 13 6.76 -121.87 6.04
C ASN IB 13 7.00 -120.43 5.59
N THR IB 14 8.18 -119.90 5.90
CA THR IB 14 8.60 -118.61 5.37
C THR IB 14 9.99 -118.74 4.78
N ALA IB 15 10.55 -117.64 4.28
CA ALA IB 15 11.84 -117.70 3.60
C ALA IB 15 12.95 -118.14 4.57
N ASP IB 16 12.96 -117.58 5.78
CA ASP IB 16 14.03 -117.85 6.73
C ASP IB 16 13.53 -118.42 8.05
N GLU IB 17 12.29 -118.89 8.11
CA GLU IB 17 11.76 -119.45 9.34
C GLU IB 17 10.70 -120.50 9.01
N VAL IB 18 10.79 -121.64 9.69
CA VAL IB 18 9.80 -122.71 9.58
C VAL IB 18 9.30 -123.04 10.97
N ILE IB 19 7.98 -123.02 11.14
CA ILE IB 19 7.35 -123.41 12.40
C ILE IB 19 6.73 -124.79 12.22
N TYR IB 20 7.07 -125.70 13.12
CA TYR IB 20 6.50 -127.03 13.19
C TYR IB 20 5.59 -127.13 14.41
N ALA IB 21 4.50 -127.88 14.25
CA ALA IB 21 3.50 -128.03 15.30
C ALA IB 21 3.61 -129.42 15.91
N GLY IB 22 3.51 -129.49 17.24
CA GLY IB 22 3.51 -130.76 17.94
C GLY IB 22 2.13 -131.39 17.95
N PRO IB 23 2.03 -132.57 18.55
CA PRO IB 23 0.74 -133.27 18.56
C PRO IB 23 -0.35 -132.56 19.34
N ALA IB 24 0.00 -131.65 20.25
CA ALA IB 24 -0.97 -130.99 21.12
C ALA IB 24 -1.32 -129.59 20.64
N HIS IB 25 -0.88 -129.19 19.45
CA HIS IB 25 -1.15 -127.84 18.96
C HIS IB 25 -2.50 -127.78 18.27
N ASP IB 26 -3.34 -126.84 18.71
CA ASP IB 26 -4.62 -126.57 18.07
C ASP IB 26 -4.95 -125.10 18.30
N VAL IB 27 -6.22 -124.74 18.09
CA VAL IB 27 -6.67 -123.35 18.19
C VAL IB 27 -6.52 -122.85 19.63
N THR IB 28 -6.59 -123.77 20.60
CA THR IB 28 -6.57 -123.39 22.01
C THR IB 28 -5.23 -123.62 22.69
N ASN IB 29 -4.46 -124.63 22.28
CA ASN IB 29 -3.21 -124.98 22.95
C ASN IB 29 -2.05 -124.78 22.00
N VAL IB 30 -0.97 -124.20 22.51
CA VAL IB 30 0.24 -123.96 21.73
C VAL IB 30 1.25 -125.05 22.03
N ASP IB 31 1.77 -125.69 20.99
CA ASP IB 31 2.86 -126.64 21.10
C ASP IB 31 3.66 -126.54 19.80
N THR IB 32 4.68 -125.70 19.79
CA THR IB 32 5.38 -125.40 18.54
C THR IB 32 6.88 -125.38 18.74
N VAL IB 33 7.60 -125.72 17.67
CA VAL IB 33 9.04 -125.55 17.59
C VAL IB 33 9.35 -124.82 16.29
N SER IB 34 10.06 -123.70 16.40
CA SER IB 34 10.38 -122.84 15.26
C SER IB 34 11.87 -122.86 15.00
N LEU IB 35 12.25 -122.98 13.73
CA LEU IB 35 13.64 -122.92 13.30
C LEU IB 35 13.80 -121.67 12.46
N ARG IB 36 14.69 -120.77 12.87
CA ARG IB 36 14.91 -119.52 12.19
C ARG IB 36 16.39 -119.34 11.90
N ARG IB 37 16.70 -118.73 10.77
CA ARG IB 37 18.09 -118.49 10.38
C ARG IB 37 18.25 -117.03 9.97
N SER IB 38 19.42 -116.49 10.31
CA SER IB 38 19.88 -115.19 9.84
C SER IB 38 21.20 -115.46 9.13
N LEU IB 39 21.13 -115.47 7.80
CA LEU IB 39 22.31 -115.79 7.00
C LEU IB 39 23.29 -114.62 7.02
N PRO IB 40 24.59 -114.91 6.93
CA PRO IB 40 25.59 -113.84 7.01
C PRO IB 40 25.46 -112.87 5.85
N VAL IB 41 25.65 -111.59 6.14
CA VAL IB 41 25.77 -110.56 5.12
C VAL IB 41 27.22 -110.07 5.17
N LYS IB 42 27.96 -110.33 4.09
CA LYS IB 42 29.40 -110.06 4.06
C LYS IB 42 29.63 -108.64 3.57
N LYS IB 43 29.15 -107.69 4.36
CA LYS IB 43 29.31 -106.27 4.08
C LYS IB 43 30.76 -105.85 4.32
N GLY IB 44 31.21 -104.88 3.53
CA GLY IB 44 32.56 -104.37 3.62
C GLY IB 44 33.62 -105.47 3.54
N SER IB 45 34.39 -105.62 4.61
CA SER IB 45 35.36 -106.69 4.71
C SER IB 45 34.95 -107.80 5.65
N ASP IB 46 34.14 -107.51 6.67
CA ASP IB 46 33.67 -108.53 7.60
C ASP IB 46 32.74 -109.49 6.87
N ASN IB 47 32.96 -110.80 7.08
CA ASN IB 47 32.20 -111.82 6.40
C ASN IB 47 30.87 -112.11 7.07
N GLY IB 48 30.52 -111.40 8.14
CA GLY IB 48 29.23 -111.55 8.77
C GLY IB 48 29.17 -112.74 9.73
N THR IB 49 27.97 -112.93 10.26
CA THR IB 49 27.71 -113.96 11.26
C THR IB 49 26.48 -114.76 10.86
N MET IB 50 26.54 -116.07 11.06
CA MET IB 50 25.38 -116.93 10.89
C MET IB 50 24.68 -117.09 12.23
N ARG IB 51 23.39 -116.77 12.26
CA ARG IB 51 22.61 -116.82 13.50
C ARG IB 51 21.53 -117.87 13.38
N GLY IB 52 21.63 -118.93 14.19
CA GLY IB 52 20.62 -119.97 14.16
C GLY IB 52 19.80 -120.04 15.44
N ASN IB 53 18.49 -119.88 15.33
CA ASN IB 53 17.61 -119.83 16.49
C ASN IB 53 16.62 -120.98 16.47
N MET IB 54 16.47 -121.66 17.60
CA MET IB 54 15.45 -122.67 17.80
C MET IB 54 14.55 -122.25 18.94
N ASN IB 55 13.24 -122.23 18.69
CA ASN IB 55 12.24 -121.70 19.60
C ASN IB 55 11.30 -122.83 20.01
N PHE IB 56 11.05 -122.95 21.31
CA PHE IB 56 10.09 -123.91 21.84
C PHE IB 56 9.00 -123.14 22.56
N ALA IB 57 7.75 -123.32 22.13
CA ALA IB 57 6.64 -122.58 22.70
C ALA IB 57 5.58 -123.56 23.18
N LYS IB 58 5.12 -123.38 24.41
CA LYS IB 58 4.11 -124.26 24.99
C LYS IB 58 3.18 -123.46 25.89
N SER IB 59 1.88 -123.69 25.74
CA SER IB 59 0.90 -123.06 26.62
C SER IB 59 0.75 -123.87 27.90
N PHE IB 60 0.56 -123.16 29.01
CA PHE IB 60 0.44 -123.74 30.33
C PHE IB 60 -0.73 -123.09 31.06
N PRO IB 61 -1.39 -123.84 31.95
CA PRO IB 61 -2.43 -123.22 32.79
C PRO IB 61 -1.82 -122.22 33.77
N ASN IB 62 -2.38 -121.02 33.81
CA ASN IB 62 -1.94 -119.95 34.70
C ASN IB 62 -3.20 -119.37 35.33
N GLY IB 63 -3.54 -119.86 36.51
CA GLY IB 63 -4.80 -119.48 37.12
C GLY IB 63 -5.94 -119.92 36.22
N ASP IB 64 -6.80 -118.96 35.87
CA ASP IB 64 -7.90 -119.23 34.96
C ASP IB 64 -7.50 -119.07 33.49
N LYS IB 65 -6.37 -118.45 33.21
CA LYS IB 65 -5.96 -118.16 31.86
C LYS IB 65 -4.87 -119.13 31.41
N LYS IB 66 -4.30 -118.89 30.23
CA LYS IB 66 -3.19 -119.67 29.71
C LYS IB 66 -2.01 -118.74 29.47
N SER IB 67 -0.81 -119.24 29.75
CA SER IB 67 0.41 -118.47 29.63
C SER IB 67 1.39 -119.21 28.72
N LEU IB 68 2.12 -118.47 27.91
CA LEU IB 68 3.06 -119.05 26.96
C LEU IB 68 4.45 -119.11 27.59
N VAL IB 69 5.00 -120.31 27.66
CA VAL IB 69 6.39 -120.52 28.09
C VAL IB 69 7.22 -120.75 26.84
N VAL IB 70 8.29 -119.97 26.69
CA VAL IB 70 9.14 -119.97 25.51
C VAL IB 70 10.58 -120.24 25.93
N VAL IB 71 11.23 -121.17 25.24
CA VAL IB 71 12.64 -121.47 25.43
C VAL IB 71 13.36 -121.22 24.11
N ASN IB 72 14.38 -120.37 24.15
CA ASN IB 72 15.14 -120.00 22.97
C ASN IB 72 16.56 -120.56 23.05
N LEU IB 73 17.05 -121.09 21.94
CA LEU IB 73 18.43 -121.56 21.83
C LEU IB 73 19.02 -120.98 20.56
N THR IB 74 19.94 -120.02 20.72
CA THR IB 74 20.50 -119.29 19.60
C THR IB 74 22.01 -119.47 19.55
N ALA IB 75 22.52 -119.79 18.36
CA ALA IB 75 23.95 -119.90 18.11
C ALA IB 75 24.38 -118.78 17.18
N HIS IB 76 25.49 -118.13 17.53
CA HIS IB 76 26.06 -117.04 16.73
C HIS IB 76 27.45 -117.50 16.29
N VAL IB 77 27.58 -117.89 15.03
CA VAL IB 77 28.85 -118.42 14.52
C VAL IB 77 29.41 -117.42 13.52
N PRO IB 78 30.53 -116.77 13.80
CA PRO IB 78 31.15 -115.89 12.80
C PRO IB 78 31.67 -116.70 11.62
N VAL IB 79 31.64 -116.07 10.45
CA VAL IB 79 32.03 -116.75 9.21
C VAL IB 79 33.55 -116.90 9.17
N GLY IB 80 34.01 -118.12 8.84
CA GLY IB 80 35.41 -118.45 8.80
C GLY IB 80 35.83 -119.44 9.86
N VAL IB 81 35.10 -119.48 10.97
CA VAL IB 81 35.36 -120.45 12.02
C VAL IB 81 35.05 -121.85 11.51
N ASP IB 82 35.92 -122.80 11.82
CA ASP IB 82 35.71 -124.18 11.40
C ASP IB 82 34.42 -124.73 11.96
N ALA IB 83 33.58 -125.29 11.09
CA ALA IB 83 32.29 -125.81 11.52
C ALA IB 83 32.46 -127.05 12.40
N THR IB 84 33.43 -127.91 12.09
CA THR IB 84 33.62 -129.13 12.85
C THR IB 84 34.03 -128.84 14.28
N ALA IB 85 34.94 -127.87 14.47
CA ALA IB 85 35.36 -127.50 15.82
C ALA IB 85 34.20 -126.93 16.61
N VAL IB 86 33.37 -126.10 15.98
CA VAL IB 86 32.22 -125.54 16.66
C VAL IB 86 31.23 -126.63 17.04
N ARG IB 87 31.00 -127.59 16.15
CA ARG IB 87 30.09 -128.68 16.45
C ARG IB 87 30.60 -129.54 17.60
N THR IB 88 31.91 -129.81 17.62
CA THR IB 88 32.49 -130.57 18.72
C THR IB 88 32.35 -129.81 20.04
N TRP IB 89 32.57 -128.50 20.01
CA TRP IB 89 32.42 -127.69 21.23
C TRP IB 89 30.98 -127.70 21.71
N MET IB 90 30.02 -127.56 20.79
CA MET IB 90 28.61 -127.58 21.18
C MET IB 90 28.20 -128.92 21.74
N THR IB 91 28.66 -130.01 21.12
CA THR IB 91 28.27 -131.35 21.58
C THR IB 91 28.89 -131.68 22.93
N SER IB 92 30.18 -131.40 23.12
CA SER IB 92 30.86 -131.83 24.32
C SER IB 92 30.79 -130.83 25.47
N GLU IB 93 30.58 -129.56 25.18
CA GLU IB 93 30.70 -128.52 26.19
C GLU IB 93 29.41 -127.76 26.45
N VAL IB 94 28.66 -127.44 25.40
CA VAL IB 94 27.46 -126.63 25.56
C VAL IB 94 26.24 -127.51 25.84
N PHE IB 95 26.09 -128.60 25.09
CA PHE IB 95 24.90 -129.43 25.22
C PHE IB 95 24.75 -130.04 26.62
N PRO IB 96 25.77 -130.65 27.24
CA PRO IB 96 25.58 -131.16 28.60
C PRO IB 96 25.24 -130.07 29.61
N GLY IB 97 25.79 -128.86 29.46
CA GLY IB 97 25.50 -127.80 30.39
C GLY IB 97 24.14 -127.18 30.21
N ALA IB 98 23.63 -127.15 28.98
CA ALA IB 98 22.33 -126.56 28.69
C ALA IB 98 21.17 -127.50 28.98
N THR IB 99 21.45 -128.74 29.37
CA THR IB 99 20.42 -129.72 29.69
C THR IB 99 20.54 -130.22 31.12
N SER IB 100 21.31 -129.53 31.95
CA SER IB 100 21.52 -129.93 33.33
C SER IB 100 20.47 -129.29 34.23
N SER IB 101 20.55 -129.60 35.53
CA SER IB 101 19.66 -128.98 36.51
C SER IB 101 19.91 -127.49 36.63
N VAL IB 102 21.08 -127.01 36.20
CA VAL IB 102 21.37 -125.58 36.24
C VAL IB 102 20.39 -124.81 35.37
N THR IB 103 20.13 -125.31 34.16
CA THR IB 103 19.18 -124.66 33.27
C THR IB 103 17.78 -124.66 33.86
N LEU IB 104 17.37 -125.79 34.44
CA LEU IB 104 16.03 -125.88 35.04
C LEU IB 104 15.89 -124.90 36.20
N ASP IB 105 16.90 -124.82 37.07
CA ASP IB 105 16.83 -123.89 38.20
C ASP IB 105 16.84 -122.44 37.72
N LEU IB 106 17.65 -122.13 36.70
CA LEU IB 106 17.66 -120.77 36.19
C LEU IB 106 16.32 -120.39 35.58
N ALA IB 107 15.69 -121.32 34.87
CA ALA IB 107 14.43 -121.00 34.20
C ALA IB 107 13.28 -120.88 35.18
N THR IB 108 13.17 -121.81 36.13
CA THR IB 108 11.99 -121.88 36.98
C THR IB 108 12.16 -121.22 38.34
N LYS IB 109 13.38 -120.86 38.73
CA LYS IB 109 13.63 -120.24 40.02
C LYS IB 109 14.54 -119.03 39.93
N GLY IB 110 15.13 -118.75 38.78
CA GLY IB 110 16.07 -117.65 38.65
C GLY IB 110 17.35 -117.84 39.42
N VAL IB 111 17.86 -119.06 39.50
CA VAL IB 111 19.07 -119.35 40.27
C VAL IB 111 20.28 -119.12 39.38
N ILE IB 112 21.16 -118.21 39.79
CA ILE IB 112 22.38 -117.90 39.06
C ILE IB 112 23.64 -118.29 39.82
N HIS IB 113 23.50 -118.87 41.01
CA HIS IB 113 24.63 -119.36 41.80
C HIS IB 113 24.53 -120.89 41.87
N LEU IB 114 25.45 -121.58 41.20
CA LEU IB 114 25.43 -123.05 41.21
C LEU IB 114 26.38 -123.57 42.27
N SER IB 115 26.12 -123.18 43.51
CA SER IB 115 26.87 -123.69 44.65
C SER IB 115 26.45 -125.12 44.95
N ASP IB 116 27.38 -125.92 45.44
CA ASP IB 116 28.79 -125.61 45.64
C ASP IB 116 29.67 -126.78 45.18
N ALA IB 117 29.04 -127.93 44.98
CA ALA IB 117 29.75 -129.16 44.61
C ALA IB 117 30.44 -129.02 43.26
N LEU JB 1 32.48 -126.95 41.87
CA LEU JB 1 31.73 -126.02 41.05
C LEU JB 1 31.80 -126.44 39.59
N SER JB 2 30.70 -126.96 39.05
CA SER JB 2 30.68 -127.46 37.69
C SER JB 2 29.36 -127.10 37.03
N ILE JB 3 29.42 -126.89 35.72
CA ILE JB 3 28.24 -126.70 34.89
C ILE JB 3 28.29 -127.78 33.82
N GLY JB 4 27.35 -128.71 33.86
CA GLY JB 4 27.41 -129.86 32.99
C GLY JB 4 28.63 -130.71 33.28
N THR JB 5 29.45 -130.96 32.26
CA THR JB 5 30.69 -131.69 32.44
C THR JB 5 31.89 -130.75 32.61
N LYS JB 6 31.68 -129.45 32.57
CA LYS JB 6 32.76 -128.47 32.67
C LYS JB 6 32.84 -127.93 34.09
N ASN JB 7 34.02 -128.07 34.71
CA ASN JB 7 34.29 -127.40 35.97
C ASN JB 7 34.60 -125.94 35.72
N VAL JB 8 33.96 -125.06 36.49
CA VAL JB 8 34.11 -123.62 36.32
C VAL JB 8 34.41 -122.99 37.68
N SER JB 9 34.79 -121.73 37.65
CA SER JB 9 35.01 -120.93 38.84
C SER JB 9 34.35 -119.57 38.67
N ILE JB 10 34.00 -118.95 39.80
CA ILE JB 10 33.37 -117.64 39.75
C ILE JB 10 34.37 -116.63 39.20
N TYR JB 11 33.98 -115.93 38.14
CA TYR JB 11 34.82 -114.93 37.50
C TYR JB 11 34.32 -113.52 37.74
N ARG JB 12 33.01 -113.29 37.58
CA ARG JB 12 32.42 -111.99 37.90
C ARG JB 12 31.06 -112.22 38.51
N ASN JB 13 30.67 -111.32 39.40
CA ASN JB 13 29.46 -111.50 40.21
C ASN JB 13 28.76 -110.16 40.35
N THR JB 14 27.64 -109.99 39.65
CA THR JB 14 26.75 -108.85 39.83
C THR JB 14 25.44 -109.33 40.45
N ALA JB 15 24.49 -108.39 40.58
CA ALA JB 15 23.24 -108.71 41.25
C ALA JB 15 22.43 -109.75 40.48
N ASP JB 16 22.32 -109.60 39.17
CA ASP JB 16 21.48 -110.47 38.35
C ASP JB 16 22.28 -111.28 37.33
N GLU JB 17 23.61 -111.17 37.33
CA GLU JB 17 24.42 -111.94 36.40
C GLU JB 17 25.66 -112.45 37.12
N VAL JB 18 25.96 -113.72 36.91
CA VAL JB 18 27.21 -114.32 37.39
C VAL JB 18 27.91 -114.95 36.19
N ILE JB 19 29.14 -114.51 35.95
CA ILE JB 19 29.97 -115.06 34.87
C ILE JB 19 30.97 -116.02 35.48
N TYR JB 20 30.96 -117.26 35.01
CA TYR JB 20 31.90 -118.29 35.41
C TYR JB 20 32.89 -118.54 34.28
N ALA JB 21 34.12 -118.86 34.65
CA ALA JB 21 35.20 -119.06 33.70
C ALA JB 21 35.62 -120.52 33.69
N GLY JB 22 35.82 -121.06 32.50
CA GLY JB 22 36.33 -122.40 32.35
C GLY JB 22 37.81 -122.46 32.63
N PRO JB 23 38.38 -123.67 32.67
CA PRO JB 23 39.82 -123.79 33.00
C PRO JB 23 40.71 -123.07 32.00
N ALA JB 24 40.31 -123.01 30.73
CA ALA JB 24 41.13 -122.38 29.70
C ALA JB 24 40.99 -120.87 29.66
N HIS JB 25 39.98 -120.29 30.30
CA HIS JB 25 39.74 -118.87 30.20
C HIS JB 25 40.93 -118.07 30.71
N ASP JB 26 41.31 -117.04 29.96
CA ASP JB 26 42.43 -116.18 30.32
C ASP JB 26 42.20 -114.81 29.69
N VAL JB 27 43.26 -113.99 29.69
CA VAL JB 27 43.16 -112.63 29.17
C VAL JB 27 42.99 -112.57 27.67
N THR JB 28 43.36 -113.63 26.94
CA THR JB 28 43.21 -113.66 25.50
C THR JB 28 42.32 -114.79 24.99
N ASN JB 29 42.06 -115.82 25.78
CA ASN JB 29 41.16 -116.90 25.41
C ASN JB 29 39.88 -116.75 26.23
N VAL JB 30 38.75 -116.65 25.54
CA VAL JB 30 37.45 -116.53 26.20
C VAL JB 30 36.84 -117.92 26.31
N ASP JB 31 36.53 -118.32 27.54
CA ASP JB 31 35.77 -119.55 27.81
C ASP JB 31 34.89 -119.25 29.01
N THR JB 32 33.66 -118.79 28.75
CA THR JB 32 32.81 -118.29 29.81
C THR JB 32 31.40 -118.86 29.70
N VAL JB 33 30.78 -119.05 30.86
CA VAL JB 33 29.38 -119.40 30.99
C VAL JB 33 28.74 -118.36 31.89
N SER JB 34 27.83 -117.57 31.35
CA SER JB 34 27.13 -116.55 32.09
C SER JB 34 25.72 -117.02 32.43
N LEU JB 35 25.31 -116.81 33.69
CA LEU JB 35 23.94 -116.99 34.10
C LEU JB 35 23.37 -115.62 34.42
N ARG JB 36 22.40 -115.18 33.63
CA ARG JB 36 21.77 -113.89 33.80
C ARG JB 36 20.28 -114.10 34.04
N ARG JB 37 19.68 -113.23 34.84
CA ARG JB 37 18.25 -113.30 35.09
C ARG JB 37 17.65 -111.92 35.01
N SER JB 38 16.39 -111.89 34.58
CA SER JB 38 15.54 -110.70 34.66
C SER JB 38 14.34 -111.09 35.50
N LEU JB 39 14.24 -110.50 36.68
CA LEU JB 39 13.20 -110.82 37.64
C LEU JB 39 11.85 -110.31 37.17
N PRO JB 40 10.77 -111.00 37.51
CA PRO JB 40 9.43 -110.54 37.10
C PRO JB 40 9.10 -109.18 37.68
N VAL JB 41 8.73 -108.25 36.80
CA VAL JB 41 8.27 -106.93 37.21
C VAL JB 41 6.75 -106.93 37.13
N LYS JB 42 6.10 -106.82 38.28
CA LYS JB 42 4.64 -106.90 38.36
C LYS JB 42 4.07 -105.54 37.97
N LYS JB 43 3.61 -105.46 36.72
CA LYS JB 43 3.09 -104.22 36.17
C LYS JB 43 1.64 -104.43 35.74
N GLY JB 44 0.78 -103.47 36.07
CA GLY JB 44 -0.64 -103.62 35.76
C GLY JB 44 -1.21 -104.84 36.45
N SER JB 45 -2.12 -105.52 35.75
CA SER JB 45 -2.65 -106.79 36.23
C SER JB 45 -1.75 -107.96 35.91
N ASP JB 46 -0.76 -107.76 35.04
CA ASP JB 46 0.18 -108.82 34.70
C ASP JB 46 1.26 -108.94 35.78
N ASN JB 47 1.50 -110.17 36.22
CA ASN JB 47 2.48 -110.41 37.28
C ASN JB 47 3.91 -110.45 36.77
N GLY JB 48 4.13 -110.34 35.47
CA GLY JB 48 5.47 -110.31 34.92
C GLY JB 48 5.95 -111.67 34.49
N THR JB 49 7.21 -111.70 34.07
CA THR JB 49 7.83 -112.90 33.51
C THR JB 49 9.26 -113.01 34.01
N MET JB 50 9.63 -114.21 34.47
CA MET JB 50 11.01 -114.52 34.78
C MET JB 50 11.74 -114.84 33.49
N ARG JB 51 12.84 -114.14 33.23
CA ARG JB 51 13.69 -114.42 32.08
C ARG JB 51 15.01 -115.00 32.57
N GLY JB 52 15.38 -116.16 32.06
CA GLY JB 52 16.64 -116.78 32.42
C GLY JB 52 17.52 -117.02 31.20
N ASN JB 53 18.73 -116.47 31.19
CA ASN JB 53 19.63 -116.57 30.05
C ASN JB 53 20.89 -117.30 30.47
N MET JB 54 21.28 -118.29 29.67
CA MET JB 54 22.52 -119.03 29.83
C MET JB 54 23.37 -118.78 28.59
N ASN JB 55 24.51 -118.13 28.78
CA ASN JB 55 25.37 -117.70 27.69
C ASN JB 55 26.66 -118.51 27.72
N PHE JB 56 26.98 -119.14 26.58
CA PHE JB 56 28.25 -119.84 26.40
C PHE JB 56 29.08 -119.05 25.39
N ALA JB 57 30.25 -118.61 25.80
CA ALA JB 57 31.14 -117.85 24.93
C ALA JB 57 32.48 -118.55 24.84
N LYS JB 58 32.95 -118.74 23.60
CA LYS JB 58 34.22 -119.42 23.36
C LYS JB 58 34.98 -118.74 22.23
N SER JB 59 36.28 -118.58 22.40
CA SER JB 59 37.14 -118.05 21.36
C SER JB 59 37.55 -119.16 20.41
N PHE JB 60 37.58 -118.83 19.11
CA PHE JB 60 37.90 -119.79 18.07
C PHE JB 60 38.85 -119.16 17.07
N PRO JB 61 39.76 -119.93 16.48
CA PRO JB 61 40.59 -119.40 15.41
C PRO JB 61 39.77 -119.16 14.15
N ASN JB 62 39.77 -117.91 13.68
CA ASN JB 62 39.12 -117.53 12.44
C ASN JB 62 40.21 -116.95 11.54
N GLY JB 63 40.69 -117.79 10.62
CA GLY JB 63 41.81 -117.41 9.77
C GLY JB 63 43.02 -117.04 10.59
N ASP JB 64 43.39 -115.76 10.56
CA ASP JB 64 44.49 -115.26 11.36
C ASP JB 64 44.05 -114.75 12.72
N LYS JB 65 42.83 -114.24 12.83
CA LYS JB 65 42.35 -113.61 14.05
C LYS JB 65 41.54 -114.61 14.88
N LYS JB 66 40.87 -114.10 15.91
CA LYS JB 66 40.02 -114.92 16.76
C LYS JB 66 38.60 -114.37 16.74
N SER JB 67 37.64 -115.28 16.69
CA SER JB 67 36.23 -114.95 16.66
C SER JB 67 35.55 -115.52 17.90
N LEU JB 68 34.48 -114.85 18.35
CA LEU JB 68 33.73 -115.28 19.51
C LEU JB 68 32.48 -116.03 19.07
N VAL JB 69 32.40 -117.31 19.42
CA VAL JB 69 31.20 -118.10 19.18
C VAL JB 69 30.37 -118.08 20.46
N VAL JB 70 29.09 -117.72 20.32
CA VAL JB 70 28.18 -117.53 21.43
C VAL JB 70 26.95 -118.40 21.21
N VAL JB 71 26.55 -119.12 22.27
CA VAL JB 71 25.32 -119.89 22.28
C VAL JB 71 24.47 -119.39 23.45
N ASN JB 72 23.25 -118.96 23.17
CA ASN JB 72 22.34 -118.46 24.19
C ASN JB 72 21.18 -119.42 24.36
N LEU JB 73 20.84 -119.71 25.63
CA LEU JB 73 19.65 -120.47 25.98
C LEU JB 73 18.80 -119.59 26.89
N THR JB 74 17.67 -119.11 26.38
CA THR JB 74 16.82 -118.19 27.12
C THR JB 74 15.45 -118.82 27.35
N ALA JB 75 14.96 -118.70 28.58
CA ALA JB 75 13.64 -119.17 28.96
C ALA JB 75 12.82 -118.02 29.50
N HIS JB 76 11.55 -117.96 29.08
CA HIS JB 76 10.61 -116.94 29.52
C HIS JB 76 9.44 -117.65 30.20
N VAL JB 77 9.39 -117.57 31.53
CA VAL JB 77 8.38 -118.26 32.31
C VAL JB 77 7.47 -117.21 32.95
N PRO JB 78 6.19 -117.13 32.58
CA PRO JB 78 5.30 -116.18 33.23
C PRO JB 78 5.01 -116.58 34.67
N VAL JB 79 4.80 -115.56 35.52
CA VAL JB 79 4.46 -115.82 36.92
C VAL JB 79 3.07 -116.41 37.01
N GLY JB 80 2.93 -117.43 37.85
CA GLY JB 80 1.66 -118.12 38.05
C GLY JB 80 1.61 -119.50 37.46
N VAL JB 81 2.58 -119.85 36.63
CA VAL JB 81 2.65 -121.18 36.03
C VAL JB 81 3.28 -122.15 37.02
N ASP JB 82 2.84 -123.40 36.97
CA ASP JB 82 3.42 -124.44 37.82
C ASP JB 82 4.84 -124.74 37.37
N ALA JB 83 5.79 -124.62 38.30
CA ALA JB 83 7.19 -124.79 37.96
C ALA JB 83 7.53 -126.25 37.66
N THR JB 84 6.88 -127.19 38.36
CA THR JB 84 7.14 -128.61 38.10
C THR JB 84 6.72 -129.01 36.69
N ALA JB 85 5.57 -128.51 36.23
CA ALA JB 85 5.12 -128.80 34.88
C ALA JB 85 6.10 -128.25 33.83
N VAL JB 86 6.59 -127.03 34.06
CA VAL JB 86 7.54 -126.44 33.13
C VAL JB 86 8.85 -127.22 33.12
N ARG JB 87 9.31 -127.65 34.31
CA ARG JB 87 10.53 -128.45 34.36
C ARG JB 87 10.36 -129.78 33.63
N THR JB 88 9.21 -130.43 33.81
CA THR JB 88 8.96 -131.70 33.12
C THR JB 88 8.91 -131.50 31.62
N TRP JB 89 8.26 -130.43 31.16
CA TRP JB 89 8.21 -130.15 29.73
C TRP JB 89 9.61 -129.87 29.17
N MET JB 90 10.41 -129.10 29.90
CA MET JB 90 11.76 -128.79 29.44
C MET JB 90 12.63 -130.04 29.40
N THR JB 91 12.50 -130.92 30.37
CA THR JB 91 13.31 -132.13 30.41
C THR JB 91 12.90 -133.11 29.31
N SER JB 92 11.60 -133.32 29.11
CA SER JB 92 11.13 -134.34 28.19
C SER JB 92 11.05 -133.87 26.74
N GLU JB 93 10.88 -132.58 26.49
CA GLU JB 93 10.59 -132.12 25.15
C GLU JB 93 11.56 -131.07 24.63
N VAL JB 94 12.02 -130.15 25.48
CA VAL JB 94 12.92 -129.10 25.00
C VAL JB 94 14.35 -129.61 24.91
N PHE JB 95 14.83 -130.28 25.96
CA PHE JB 95 16.21 -130.71 26.01
C PHE JB 95 16.58 -131.71 24.91
N PRO JB 96 15.80 -132.77 24.65
CA PRO JB 96 16.19 -133.69 23.57
C PRO JB 96 16.25 -133.03 22.20
N GLY JB 97 15.35 -132.09 21.91
CA GLY JB 97 15.38 -131.43 20.62
C GLY JB 97 16.42 -130.35 20.49
N ALA JB 98 16.78 -129.71 21.62
CA ALA JB 98 17.78 -128.65 21.58
C ALA JB 98 19.19 -129.19 21.41
N THR JB 99 19.45 -130.43 21.82
CA THR JB 99 20.76 -131.04 21.71
C THR JB 99 20.79 -132.12 20.64
N SER JB 100 20.06 -131.93 19.55
CA SER JB 100 19.99 -132.88 18.47
C SER JB 100 20.88 -132.43 17.32
N SER JB 101 20.91 -133.23 16.26
CA SER JB 101 21.61 -132.83 15.04
C SER JB 101 20.93 -131.65 14.37
N VAL JB 102 19.66 -131.38 14.70
CA VAL JB 102 18.96 -130.24 14.14
C VAL JB 102 19.65 -128.94 14.55
N THR JB 103 20.05 -128.85 15.82
CA THR JB 103 20.73 -127.65 16.29
C THR JB 103 22.05 -127.43 15.57
N LEU JB 104 22.84 -128.50 15.41
CA LEU JB 104 24.13 -128.39 14.73
C LEU JB 104 23.95 -128.01 13.27
N ASP JB 105 22.97 -128.63 12.59
CA ASP JB 105 22.73 -128.32 11.19
C ASP JB 105 22.24 -126.88 11.02
N LEU JB 106 21.39 -126.41 11.92
CA LEU JB 106 20.95 -125.02 11.86
C LEU JB 106 22.11 -124.07 12.11
N ALA JB 107 23.01 -124.41 13.04
CA ALA JB 107 24.13 -123.54 13.35
C ALA JB 107 25.11 -123.44 12.20
N THR JB 108 25.52 -124.58 11.64
CA THR JB 108 26.63 -124.60 10.70
C THR JB 108 26.20 -124.67 9.24
N LYS JB 109 24.91 -124.83 8.94
CA LYS JB 109 24.46 -124.90 7.56
C LYS JB 109 23.23 -124.06 7.26
N GLY JB 110 22.58 -123.48 8.26
CA GLY JB 110 21.34 -122.77 8.03
C GLY JB 110 20.19 -123.64 7.58
N VAL JB 111 20.12 -124.88 8.07
CA VAL JB 111 19.05 -125.78 7.69
C VAL JB 111 17.85 -125.54 8.59
N ILE JB 112 16.74 -125.11 7.98
CA ILE JB 112 15.49 -124.91 8.71
C ILE JB 112 14.39 -125.86 8.26
N HIS JB 113 14.57 -126.55 7.14
CA HIS JB 113 13.59 -127.52 6.65
C HIS JB 113 14.03 -128.92 7.08
N LEU JB 114 13.21 -129.56 7.90
CA LEU JB 114 13.54 -130.86 8.46
C LEU JB 114 13.21 -131.96 7.45
N SER JB 115 13.92 -133.08 7.58
CA SER JB 115 13.71 -134.23 6.72
C SER JB 115 14.23 -135.49 7.42
N ASP JB 116 13.62 -136.63 7.09
CA ASP JB 116 12.41 -136.78 6.30
C ASP JB 116 11.49 -137.84 6.92
N ALA JB 117 12.05 -138.61 7.85
CA ALA JB 117 11.31 -139.71 8.48
C ALA JB 117 10.96 -139.40 9.93
N LEU KB 1 74.97 -104.35 49.53
CA LEU KB 1 73.62 -103.82 49.33
C LEU KB 1 72.69 -104.90 48.81
N SER KB 2 71.76 -105.34 49.67
CA SER KB 2 70.83 -106.39 49.33
C SER KB 2 69.41 -105.98 49.68
N ILE KB 3 68.48 -106.29 48.80
CA ILE KB 3 67.04 -106.15 49.06
C ILE KB 3 66.46 -107.54 48.90
N GLY KB 4 66.35 -108.28 49.99
CA GLY KB 4 65.97 -109.67 49.93
C GLY KB 4 67.15 -110.56 49.60
N THR KB 5 67.08 -111.28 48.49
CA THR KB 5 68.20 -112.07 47.98
C THR KB 5 68.87 -111.40 46.79
N LYS KB 6 68.45 -110.19 46.43
CA LYS KB 6 68.95 -109.50 45.24
C LYS KB 6 70.06 -108.54 45.63
N ASN KB 7 71.16 -108.58 44.90
CA ASN KB 7 72.26 -107.63 45.08
C ASN KB 7 72.03 -106.44 44.17
N VAL KB 8 71.85 -105.27 44.76
CA VAL KB 8 71.54 -104.06 44.02
C VAL KB 8 72.61 -103.01 44.30
N SER KB 9 72.63 -101.98 43.45
CA SER KB 9 73.51 -100.83 43.62
C SER KB 9 72.71 -99.56 43.45
N ILE KB 10 73.18 -98.49 44.09
CA ILE KB 10 72.50 -97.21 43.98
C ILE KB 10 72.54 -96.73 42.54
N TYR KB 11 71.38 -96.44 41.99
CA TYR KB 11 71.24 -95.96 40.61
C TYR KB 11 70.79 -94.52 40.53
N ARG KB 12 69.82 -94.12 41.37
CA ARG KB 12 69.39 -92.73 41.41
C ARG KB 12 69.10 -92.36 42.85
N ASN KB 13 69.55 -91.18 43.26
CA ASN KB 13 69.45 -90.75 44.66
C ASN KB 13 68.85 -89.35 44.69
N THR KB 14 67.61 -89.25 45.16
CA THR KB 14 66.92 -87.98 45.33
C THR KB 14 66.53 -87.81 46.79
N ALA KB 15 65.84 -86.71 47.08
CA ALA KB 15 65.52 -86.37 48.46
C ALA KB 15 64.61 -87.41 49.10
N ASP KB 16 63.59 -87.87 48.37
CA ASP KB 16 62.59 -88.76 48.94
C ASP KB 16 62.45 -90.06 48.16
N GLU KB 17 63.39 -90.37 47.27
CA GLU KB 17 63.31 -91.59 46.49
C GLU KB 17 64.72 -92.03 46.12
N VAL KB 18 65.00 -93.31 46.34
CA VAL KB 18 66.26 -93.93 45.92
C VAL KB 18 65.92 -95.13 45.05
N ILE KB 19 66.41 -95.12 43.82
CA ILE KB 19 66.23 -96.23 42.89
C ILE KB 19 67.51 -97.05 42.88
N TYR KB 20 67.39 -98.34 43.18
CA TYR KB 20 68.48 -99.30 43.10
C TYR KB 20 68.27 -100.18 41.88
N ALA KB 21 69.37 -100.53 41.23
CA ALA KB 21 69.34 -101.32 40.00
C ALA KB 21 69.85 -102.73 40.27
N GLY KB 22 69.16 -103.71 39.71
CA GLY KB 22 69.57 -105.09 39.84
C GLY KB 22 70.65 -105.44 38.83
N PRO KB 23 71.08 -106.70 38.85
CA PRO KB 23 72.15 -107.12 37.92
C PRO KB 23 71.78 -106.97 36.45
N ALA KB 24 70.50 -107.13 36.11
CA ALA KB 24 70.05 -107.12 34.72
C ALA KB 24 69.57 -105.75 34.26
N HIS KB 25 69.80 -104.71 35.04
CA HIS KB 25 69.40 -103.36 34.66
C HIS KB 25 70.45 -102.70 33.78
N ASP KB 26 69.99 -102.05 32.72
CA ASP KB 26 70.87 -101.35 31.79
C ASP KB 26 70.04 -100.29 31.06
N VAL KB 27 70.58 -99.76 29.96
CA VAL KB 27 69.90 -98.72 29.20
C VAL KB 27 68.61 -99.22 28.56
N THR KB 28 68.59 -100.46 28.05
CA THR KB 28 67.43 -100.98 27.34
C THR KB 28 66.55 -101.91 28.15
N ASN KB 29 67.00 -102.39 29.30
CA ASN KB 29 66.22 -103.29 30.15
C ASN KB 29 66.05 -102.67 31.52
N VAL KB 30 64.90 -102.97 32.14
CA VAL KB 30 64.55 -102.42 33.44
C VAL KB 30 64.58 -103.54 34.47
N ASP KB 31 65.39 -103.36 35.51
CA ASP KB 31 65.41 -104.24 36.68
C ASP KB 31 65.69 -103.34 37.88
N THR KB 32 64.64 -102.82 38.51
CA THR KB 32 64.81 -101.78 39.52
C THR KB 32 63.93 -102.04 40.73
N VAL KB 33 64.44 -101.62 41.89
CA VAL KB 33 63.67 -101.53 43.13
C VAL KB 33 63.81 -100.10 43.64
N SER KB 34 62.70 -99.40 43.77
CA SER KB 34 62.69 -98.01 44.20
C SER KB 34 62.06 -97.91 45.58
N LEU KB 35 62.77 -97.24 46.49
CA LEU KB 35 62.24 -96.91 47.81
C LEU KB 35 61.83 -95.45 47.81
N ARG KB 36 60.58 -95.19 48.17
CA ARG KB 36 60.02 -93.85 48.17
C ARG KB 36 59.35 -93.58 49.51
N ARG KB 37 59.32 -92.32 49.92
CA ARG KB 37 58.76 -91.98 51.20
C ARG KB 37 58.05 -90.64 51.12
N SER KB 38 57.02 -90.50 51.95
CA SER KB 38 56.34 -89.24 52.18
C SER KB 38 56.32 -89.04 53.69
N LEU KB 39 57.10 -88.08 54.18
CA LEU KB 39 57.26 -87.84 55.59
C LEU KB 39 56.03 -87.13 56.15
N PRO KB 40 55.74 -87.32 57.44
CA PRO KB 40 54.56 -86.68 58.03
C PRO KB 40 54.65 -85.16 57.96
N VAL KB 41 53.49 -84.54 57.73
CA VAL KB 41 53.37 -83.09 57.73
C VAL KB 41 52.41 -82.72 58.86
N LYS KB 42 52.89 -81.89 59.79
CA LYS KB 42 52.10 -81.54 60.98
C LYS KB 42 51.06 -80.49 60.57
N LYS KB 43 49.99 -80.98 59.96
CA LYS KB 43 48.89 -80.12 59.52
C LYS KB 43 47.90 -79.96 60.66
N GLY KB 44 47.79 -78.74 61.18
CA GLY KB 44 46.85 -78.47 62.26
C GLY KB 44 47.15 -79.33 63.47
N SER KB 45 46.12 -79.99 63.99
CA SER KB 45 46.29 -80.88 65.13
C SER KB 45 46.72 -82.28 64.74
N ASP KB 46 46.51 -82.68 63.49
CA ASP KB 46 46.95 -84.00 63.03
C ASP KB 46 48.46 -84.00 62.89
N ASN KB 47 49.10 -85.03 63.45
CA ASN KB 47 50.55 -85.16 63.34
C ASN KB 47 51.01 -85.68 61.99
N GLY KB 48 50.09 -86.08 61.13
CA GLY KB 48 50.46 -86.53 59.80
C GLY KB 48 50.50 -88.04 59.68
N THR KB 49 50.92 -88.48 58.50
CA THR KB 49 51.02 -89.90 58.18
C THR KB 49 52.36 -90.15 57.48
N MET KB 50 53.02 -91.23 57.86
CA MET KB 50 54.23 -91.67 57.18
C MET KB 50 53.83 -92.64 56.08
N ARG KB 51 54.21 -92.33 54.84
CA ARG KB 51 53.91 -93.19 53.70
C ARG KB 51 55.19 -93.79 53.17
N GLY KB 52 55.22 -95.11 53.04
CA GLY KB 52 56.36 -95.82 52.47
C GLY KB 52 55.93 -96.58 51.23
N ASN KB 53 56.78 -96.54 50.21
CA ASN KB 53 56.50 -97.20 48.94
C ASN KB 53 57.71 -97.99 48.49
N MET KB 54 57.49 -99.26 48.17
CA MET KB 54 58.49 -100.11 47.56
C MET KB 54 57.99 -100.50 46.17
N ASN KB 55 58.75 -100.16 45.14
CA ASN KB 55 58.37 -100.37 43.76
C ASN KB 55 59.33 -101.37 43.11
N PHE KB 56 58.79 -102.41 42.50
CA PHE KB 56 59.58 -103.39 41.76
C PHE KB 56 59.21 -103.27 40.29
N ALA KB 57 60.21 -103.08 39.44
CA ALA KB 57 59.96 -102.93 38.01
C ALA KB 57 60.88 -103.86 37.24
N LYS KB 58 60.31 -104.62 36.32
CA LYS KB 58 61.09 -105.51 35.47
C LYS KB 58 60.56 -105.48 34.05
N SER KB 59 61.45 -105.66 33.09
CA SER KB 59 61.08 -105.78 31.69
C SER KB 59 60.91 -107.24 31.31
N PHE KB 60 59.90 -107.51 30.49
CA PHE KB 60 59.53 -108.86 30.10
C PHE KB 60 59.25 -108.89 28.60
N PRO KB 61 59.55 -110.00 27.93
CA PRO KB 61 59.18 -110.13 26.52
C PRO KB 61 57.67 -110.16 26.35
N ASN KB 62 57.15 -109.25 25.51
CA ASN KB 62 55.73 -109.15 25.20
C ASN KB 62 55.62 -109.21 23.68
N GLY KB 63 55.47 -110.42 23.15
CA GLY KB 63 55.42 -110.61 21.71
C GLY KB 63 56.67 -110.10 21.04
N ASP KB 64 56.55 -108.99 20.33
CA ASP KB 64 57.70 -108.38 19.68
C ASP KB 64 58.43 -107.41 20.60
N LYS KB 65 57.69 -106.70 21.45
CA LYS KB 65 58.27 -105.62 22.25
C LYS KB 65 58.61 -106.10 23.65
N LYS KB 66 58.95 -105.16 24.53
CA LYS KB 66 59.21 -105.46 25.93
C LYS KB 66 58.25 -104.64 26.78
N SER KB 67 57.54 -105.31 27.68
CA SER KB 67 56.56 -104.67 28.55
C SER KB 67 57.07 -104.63 29.98
N LEU KB 68 56.61 -103.64 30.73
CA LEU KB 68 57.08 -103.40 32.10
C LEU KB 68 56.06 -103.96 33.09
N VAL KB 69 56.52 -104.86 33.96
CA VAL KB 69 55.72 -105.39 35.05
C VAL KB 69 56.17 -104.68 36.33
N VAL KB 70 55.20 -104.13 37.06
CA VAL KB 70 55.47 -103.33 38.25
C VAL KB 70 54.65 -103.89 39.41
N VAL KB 71 55.31 -104.12 40.54
CA VAL KB 71 54.67 -104.53 41.78
C VAL KB 71 54.91 -103.43 42.80
N ASN KB 72 53.82 -102.89 43.36
CA ASN KB 72 53.91 -101.83 44.36
C ASN KB 72 53.55 -102.38 45.73
N LEU KB 73 54.18 -101.80 46.76
CA LEU KB 73 53.88 -102.11 48.15
C LEU KB 73 53.89 -100.81 48.92
N THR KB 74 52.73 -100.31 49.29
CA THR KB 74 52.61 -99.02 49.97
C THR KB 74 52.00 -99.21 51.35
N ALA KB 75 52.64 -98.61 52.34
CA ALA KB 75 52.19 -98.63 53.72
C ALA KB 75 51.91 -97.21 54.19
N HIS KB 76 50.79 -97.04 54.89
CA HIS KB 76 50.39 -95.76 55.48
C HIS KB 76 50.31 -95.96 56.98
N VAL KB 77 51.17 -95.26 57.73
CA VAL KB 77 51.19 -95.39 59.18
C VAL KB 77 50.94 -94.02 59.81
N PRO KB 78 49.80 -93.81 60.47
CA PRO KB 78 49.57 -92.52 61.13
C PRO KB 78 50.55 -92.30 62.28
N VAL KB 79 50.93 -91.04 62.49
CA VAL KB 79 51.87 -90.71 63.55
C VAL KB 79 51.19 -90.86 64.90
N GLY KB 80 51.87 -91.50 65.84
CA GLY KB 80 51.36 -91.78 67.17
C GLY KB 80 51.08 -93.25 67.40
N VAL KB 81 50.73 -93.98 66.34
CA VAL KB 81 50.54 -95.42 66.46
C VAL KB 81 51.85 -96.08 66.84
N ASP KB 82 51.79 -97.03 67.78
CA ASP KB 82 52.98 -97.73 68.23
C ASP KB 82 53.61 -98.49 67.07
N ALA KB 83 54.92 -98.30 66.88
CA ALA KB 83 55.60 -98.89 65.73
C ALA KB 83 55.74 -100.40 65.89
N THR KB 84 55.98 -100.88 67.10
CA THR KB 84 56.18 -102.31 67.32
C THR KB 84 54.93 -103.10 66.99
N ALA KB 85 53.76 -102.57 67.34
CA ALA KB 85 52.50 -103.24 67.01
C ALA KB 85 52.31 -103.34 65.51
N VAL KB 86 52.60 -102.25 64.78
CA VAL KB 86 52.49 -102.28 63.33
C VAL KB 86 53.47 -103.29 62.73
N ARG KB 87 54.69 -103.34 63.27
CA ARG KB 87 55.69 -104.24 62.72
C ARG KB 87 55.33 -105.70 62.96
N THR KB 88 54.82 -106.03 64.15
CA THR KB 88 54.41 -107.42 64.39
C THR KB 88 53.16 -107.78 63.60
N TRP KB 89 52.26 -106.80 63.38
CA TRP KB 89 51.10 -107.04 62.54
C TRP KB 89 51.53 -107.34 61.10
N MET KB 90 52.50 -106.58 60.60
CA MET KB 90 53.00 -106.82 59.24
C MET KB 90 53.69 -108.17 59.15
N THR KB 91 54.54 -108.49 60.13
CA THR KB 91 55.31 -109.73 60.07
C THR KB 91 54.42 -110.95 60.18
N SER KB 92 53.40 -110.89 61.04
CA SER KB 92 52.56 -112.05 61.30
C SER KB 92 51.30 -112.11 60.43
N GLU KB 93 50.70 -110.96 60.11
CA GLU KB 93 49.39 -110.94 59.47
C GLU KB 93 49.43 -110.46 58.03
N VAL KB 94 50.33 -109.54 57.67
CA VAL KB 94 50.31 -108.96 56.34
C VAL KB 94 51.24 -109.73 55.41
N PHE KB 95 52.48 -109.96 55.84
CA PHE KB 95 53.50 -110.59 55.01
C PHE KB 95 53.15 -112.02 54.58
N PRO KB 96 52.71 -112.91 55.50
CA PRO KB 96 52.37 -114.26 55.05
C PRO KB 96 51.24 -114.31 54.04
N GLY KB 97 50.25 -113.42 54.15
CA GLY KB 97 49.18 -113.40 53.18
C GLY KB 97 49.52 -112.68 51.90
N ALA KB 98 50.49 -111.77 51.96
CA ALA KB 98 50.88 -110.99 50.79
C ALA KB 98 51.83 -111.75 49.85
N THR KB 99 52.37 -112.89 50.28
CA THR KB 99 53.30 -113.67 49.48
C THR KB 99 52.75 -115.05 49.16
N SER KB 100 51.45 -115.27 49.33
CA SER KB 100 50.85 -116.57 49.09
C SER KB 100 50.48 -116.70 47.62
N SER KB 101 49.83 -117.82 47.27
CA SER KB 101 49.35 -118.01 45.90
C SER KB 101 48.20 -117.07 45.56
N VAL KB 102 47.54 -116.51 46.56
CA VAL KB 102 46.46 -115.56 46.31
C VAL KB 102 46.98 -114.35 45.56
N THR KB 103 48.15 -113.83 45.96
CA THR KB 103 48.74 -112.70 45.27
C THR KB 103 49.08 -113.06 43.82
N LEU KB 104 49.62 -114.26 43.59
CA LEU KB 104 49.97 -114.67 42.24
C LEU KB 104 48.73 -114.77 41.36
N ASP KB 105 47.66 -115.39 41.87
CA ASP KB 105 46.44 -115.50 41.08
C ASP KB 105 45.82 -114.14 40.82
N LEU KB 106 45.84 -113.26 41.81
CA LEU KB 106 45.30 -111.91 41.63
C LEU KB 106 46.09 -111.12 40.60
N ALA KB 107 47.42 -111.26 40.61
CA ALA KB 107 48.26 -110.52 39.66
C ALA KB 107 48.14 -111.06 38.25
N THR KB 108 48.10 -112.38 38.09
CA THR KB 108 48.12 -112.96 36.75
C THR KB 108 46.73 -113.21 36.17
N LYS KB 109 45.73 -113.50 37.01
CA LYS KB 109 44.41 -113.83 36.53
C LYS KB 109 43.29 -112.99 37.12
N GLY KB 110 43.59 -112.08 38.05
CA GLY KB 110 42.55 -111.26 38.65
C GLY KB 110 41.57 -112.00 39.51
N VAL KB 111 42.02 -113.03 40.22
CA VAL KB 111 41.13 -113.84 41.06
C VAL KB 111 40.92 -113.11 42.39
N ILE KB 112 39.66 -112.85 42.73
CA ILE KB 112 39.32 -112.16 43.97
C ILE KB 112 38.49 -113.03 44.91
N HIS KB 113 38.15 -114.25 44.51
CA HIS KB 113 37.39 -115.18 45.33
C HIS KB 113 38.32 -116.34 45.71
N LEU KB 114 38.73 -116.40 46.99
CA LEU KB 114 39.67 -117.43 47.44
C LEU KB 114 38.90 -118.55 48.14
N SER KB 115 38.21 -119.36 47.34
CA SER KB 115 37.50 -120.51 47.86
C SER KB 115 38.42 -121.72 47.90
N ASP KB 116 38.21 -122.58 48.90
CA ASP KB 116 37.28 -122.38 50.01
C ASP KB 116 37.95 -122.72 51.34
N ALA KB 117 38.99 -123.55 51.27
CA ALA KB 117 39.72 -123.97 52.47
C ALA KB 117 40.58 -122.85 53.01
N LEU LB 1 24.24 -123.79 54.67
CA LEU LB 1 23.59 -122.50 54.90
C LEU LB 1 22.21 -122.67 55.52
N SER LB 2 22.03 -122.13 56.72
CA SER LB 2 20.77 -122.24 57.43
C SER LB 2 20.48 -120.94 58.17
N ILE LB 3 19.20 -120.65 58.33
CA ILE LB 3 18.73 -119.52 59.13
C ILE LB 3 17.73 -120.10 60.13
N GLY LB 4 18.21 -120.38 61.34
CA GLY LB 4 17.41 -121.15 62.28
C GLY LB 4 17.36 -122.61 61.88
N THR LB 5 16.17 -123.12 61.59
CA THR LB 5 16.00 -124.49 61.16
C THR LB 5 15.67 -124.61 59.67
N LYS LB 6 15.81 -123.53 58.92
CA LYS LB 6 15.47 -123.51 57.50
C LYS LB 6 16.74 -123.47 56.67
N ASN LB 7 16.82 -124.36 55.68
CA ASN LB 7 17.94 -124.38 54.75
C ASN LB 7 17.70 -123.36 53.64
N VAL LB 8 18.70 -122.52 53.38
CA VAL LB 8 18.60 -121.47 52.39
C VAL LB 8 19.82 -121.53 51.47
N SER LB 9 19.73 -120.80 50.37
CA SER LB 9 20.83 -120.70 49.41
C SER LB 9 20.99 -119.24 49.01
N ILE LB 10 22.22 -118.85 48.71
CA ILE LB 10 22.49 -117.51 48.18
C ILE LB 10 21.67 -117.31 46.91
N TYR LB 11 20.86 -116.26 46.90
CA TYR LB 11 20.01 -115.94 45.75
C TYR LB 11 20.37 -114.61 45.11
N ARG LB 12 20.55 -113.56 45.91
CA ARG LB 12 20.94 -112.26 45.39
C ARG LB 12 21.96 -111.63 46.30
N ASN LB 13 22.98 -111.01 45.71
CA ASN LB 13 24.08 -110.41 46.46
C ASN LB 13 24.25 -108.97 46.01
N THR LB 14 24.21 -108.05 46.98
CA THR LB 14 24.57 -106.65 46.72
C THR LB 14 25.57 -106.19 47.76
N ALA LB 15 25.96 -104.91 47.72
CA ALA LB 15 26.98 -104.42 48.62
C ALA LB 15 26.53 -104.50 50.08
N ASP LB 16 25.27 -104.13 50.37
CA ASP LB 16 24.78 -104.07 51.73
C ASP LB 16 23.56 -104.95 51.97
N GLU LB 17 23.16 -105.78 51.00
CA GLU LB 17 22.00 -106.62 51.17
C GLU LB 17 22.23 -107.97 50.49
N VAL LB 18 21.89 -109.04 51.20
CA VAL LB 18 21.96 -110.39 50.66
C VAL LB 18 20.61 -111.06 50.84
N ILE LB 19 20.04 -111.54 49.75
CA ILE LB 19 18.78 -112.27 49.77
C ILE LB 19 19.06 -113.76 49.61
N TYR LB 20 18.54 -114.56 50.53
CA TYR LB 20 18.60 -116.02 50.48
C TYR LB 20 17.21 -116.56 50.17
N ALA LB 21 17.17 -117.64 49.40
CA ALA LB 21 15.92 -118.25 48.96
C ALA LB 21 15.69 -119.55 49.71
N GLY LB 22 14.47 -119.78 50.14
CA GLY LB 22 14.09 -121.00 50.81
C GLY LB 22 13.79 -122.11 49.82
N PRO LB 23 13.46 -123.31 50.34
CA PRO LB 23 13.19 -124.45 49.45
C PRO LB 23 11.97 -124.26 48.57
N ALA LB 24 11.04 -123.38 48.94
CA ALA LB 24 9.80 -123.21 48.21
C ALA LB 24 9.81 -122.01 47.26
N HIS LB 25 10.95 -121.35 47.11
CA HIS LB 25 11.03 -120.16 46.27
C HIS LB 25 11.21 -120.55 44.81
N ASP LB 26 10.32 -120.05 43.95
CA ASP LB 26 10.43 -120.25 42.51
C ASP LB 26 9.79 -119.05 41.83
N VAL LB 27 9.48 -119.19 40.54
CA VAL LB 27 8.92 -118.12 39.73
C VAL LB 27 7.52 -117.74 40.25
N THR LB 28 6.83 -118.67 40.89
CA THR LB 28 5.45 -118.44 41.32
C THR LB 28 5.30 -118.20 42.83
N ASN LB 29 6.16 -118.78 43.65
CA ASN LB 29 6.03 -118.70 45.09
C ASN LB 29 7.23 -117.99 45.69
N VAL LB 30 6.98 -117.08 46.61
CA VAL LB 30 8.02 -116.34 47.30
C VAL LB 30 8.32 -117.01 48.64
N ASP LB 31 9.59 -117.30 48.89
CA ASP LB 31 10.05 -117.79 50.19
C ASP LB 31 11.49 -117.28 50.35
N THR LB 32 11.63 -116.11 50.98
CA THR LB 32 12.93 -115.47 51.02
C THR LB 32 13.23 -114.90 52.40
N VAL LB 33 14.51 -114.84 52.73
CA VAL LB 33 15.02 -114.14 53.91
C VAL LB 33 16.13 -113.21 53.46
N SER LB 34 16.00 -111.94 53.77
CA SER LB 34 16.96 -110.92 53.36
C SER LB 34 17.70 -110.37 54.58
N LEU LB 35 19.00 -110.18 54.44
CA LEU LB 35 19.83 -109.55 55.46
C LEU LB 35 20.39 -108.25 54.89
N ARG LB 36 20.06 -107.14 55.52
CA ARG LB 36 20.48 -105.83 55.06
C ARG LB 36 21.17 -105.08 56.19
N ARG LB 37 22.22 -104.34 55.85
CA ARG LB 37 22.95 -103.56 56.82
C ARG LB 37 23.05 -102.11 56.37
N SER LB 38 22.96 -101.22 57.34
CA SER LB 38 23.25 -99.80 57.17
C SER LB 38 24.39 -99.49 58.13
N LEU LB 39 25.59 -99.40 57.57
CA LEU LB 39 26.77 -99.17 58.39
C LEU LB 39 26.78 -97.73 58.90
N PRO LB 40 27.34 -97.50 60.09
CA PRO LB 40 27.35 -96.14 60.63
C PRO LB 40 28.18 -95.19 59.78
N VAL LB 41 27.68 -93.97 59.66
CA VAL LB 41 28.45 -92.87 59.08
C VAL LB 41 28.74 -91.90 60.21
N LYS LB 42 30.02 -91.61 60.43
CA LYS LB 42 30.44 -90.83 61.59
C LYS LB 42 30.63 -89.38 61.17
N LYS LB 43 29.52 -88.78 60.75
CA LYS LB 43 29.49 -87.37 60.36
C LYS LB 43 29.64 -86.48 61.59
N GLY LB 44 30.33 -85.36 61.39
CA GLY LB 44 30.58 -84.42 62.47
C GLY LB 44 31.21 -85.06 63.69
N SER LB 45 30.50 -85.01 64.82
CA SER LB 45 30.96 -85.66 66.05
C SER LB 45 30.20 -86.94 66.36
N ASP LB 46 28.95 -87.06 65.92
CA ASP LB 46 28.19 -88.27 66.18
C ASP LB 46 28.77 -89.44 65.38
N ASN LB 47 28.92 -90.59 66.03
CA ASN LB 47 29.50 -91.76 65.41
C ASN LB 47 28.50 -92.56 64.58
N GLY LB 48 27.24 -92.14 64.54
CA GLY LB 48 26.25 -92.80 63.73
C GLY LB 48 25.67 -94.05 64.38
N THR LB 49 24.82 -94.71 63.62
CA THR LB 49 24.08 -95.87 64.09
C THR LB 49 24.26 -97.04 63.13
N MET LB 50 24.44 -98.23 63.70
CA MET LB 50 24.45 -99.46 62.92
C MET LB 50 23.03 -100.00 62.86
N ARG LB 51 22.52 -100.20 61.64
CA ARG LB 51 21.15 -100.68 61.45
C ARG LB 51 21.18 -102.04 60.80
N GLY LB 52 20.61 -103.04 61.48
CA GLY LB 52 20.55 -104.38 60.92
C GLY LB 52 19.13 -104.84 60.70
N ASN LB 53 18.76 -105.14 59.46
CA ASN LB 53 17.39 -105.50 59.11
C ASN LB 53 17.37 -106.93 58.58
N MET LB 54 16.45 -107.74 59.12
CA MET LB 54 16.21 -109.08 58.64
C MET LB 54 14.76 -109.17 58.16
N ASN LB 55 14.58 -109.63 56.92
CA ASN LB 55 13.30 -109.62 56.22
C ASN LB 55 12.88 -111.05 55.94
N PHE LB 56 11.63 -111.38 56.24
CA PHE LB 56 11.04 -112.67 55.88
C PHE LB 56 9.87 -112.42 54.96
N ALA LB 57 9.90 -113.01 53.77
CA ALA LB 57 8.85 -112.80 52.79
C ALA LB 57 8.30 -114.15 52.34
N LYS LB 58 6.97 -114.26 52.36
CA LYS LB 58 6.31 -115.50 51.98
C LYS LB 58 5.01 -115.20 51.24
N SER LB 59 4.79 -115.90 50.13
CA SER LB 59 3.53 -115.78 49.42
C SER LB 59 2.47 -116.69 50.05
N PHE LB 60 1.24 -116.21 50.09
CA PHE LB 60 0.12 -116.92 50.68
C PHE LB 60 -1.08 -116.83 49.75
N PRO LB 61 -1.94 -117.84 49.76
CA PRO LB 61 -3.19 -117.75 48.98
C PRO LB 61 -4.09 -116.68 49.54
N ASN LB 62 -4.64 -115.85 48.65
CA ASN LB 62 -5.56 -114.77 49.03
C ASN LB 62 -6.66 -114.78 47.97
N GLY LB 63 -7.74 -115.49 48.26
CA GLY LB 63 -8.78 -115.67 47.26
C GLY LB 63 -8.21 -116.37 46.06
N ASP LB 64 -8.39 -115.77 44.89
CA ASP LB 64 -7.82 -116.32 43.66
C ASP LB 64 -6.37 -115.90 43.43
N LYS LB 65 -5.90 -114.87 44.12
CA LYS LB 65 -4.57 -114.34 43.88
C LYS LB 65 -3.61 -114.78 44.99
N LYS LB 66 -2.40 -114.22 44.96
CA LYS LB 66 -1.40 -114.48 45.99
C LYS LB 66 -0.99 -113.16 46.63
N SER LB 67 -0.80 -113.19 47.94
CA SER LB 67 -0.45 -112.01 48.72
C SER LB 67 0.85 -112.24 49.45
N LEU LB 68 1.67 -111.20 49.53
CA LEU LB 68 2.97 -111.28 50.18
C LEU LB 68 2.86 -110.88 51.65
N VAL LB 69 3.24 -111.79 52.55
CA VAL LB 69 3.35 -111.50 53.96
C VAL LB 69 4.83 -111.27 54.28
N VAL LB 70 5.12 -110.14 54.90
CA VAL LB 70 6.48 -109.71 55.19
C VAL LB 70 6.62 -109.46 56.68
N VAL LB 71 7.66 -110.01 57.28
CA VAL LB 71 8.00 -109.77 58.68
C VAL LB 71 9.39 -109.15 58.74
N ASN LB 72 9.49 -108.00 59.38
CA ASN LB 72 10.75 -107.26 59.49
C ASN LB 72 11.23 -107.28 60.93
N LEU LB 73 12.54 -107.47 61.11
CA LEU LB 73 13.17 -107.37 62.42
C LEU LB 73 14.40 -106.48 62.28
N THR LB 74 14.33 -105.28 62.85
CA THR LB 74 15.37 -104.27 62.68
C THR LB 74 15.96 -103.89 64.03
N ALA LB 75 17.28 -103.84 64.10
CA ALA LB 75 18.01 -103.41 65.28
C ALA LB 75 18.76 -102.12 64.98
N HIS LB 76 18.61 -101.12 65.84
CA HIS LB 76 19.29 -99.84 65.72
C HIS LB 76 20.23 -99.71 66.91
N VAL LB 77 21.53 -99.87 66.68
CA VAL LB 77 22.52 -99.84 67.75
C VAL LB 77 23.41 -98.62 67.54
N PRO LB 78 23.36 -97.63 68.43
CA PRO LB 78 24.30 -96.50 68.32
C PRO LB 78 25.73 -96.94 68.57
N VAL LB 79 26.68 -96.28 67.90
CA VAL LB 79 28.08 -96.64 68.01
C VAL LB 79 28.62 -96.20 69.36
N GLY LB 80 29.32 -97.11 70.05
CA GLY LB 80 29.85 -96.87 71.38
C GLY LB 80 29.21 -97.74 72.45
N VAL LB 81 27.99 -98.21 72.18
CA VAL LB 81 27.32 -99.10 73.11
C VAL LB 81 28.02 -100.46 73.10
N ASP LB 82 28.20 -101.03 74.30
CA ASP LB 82 28.84 -102.33 74.41
C ASP LB 82 28.04 -103.40 73.66
N ALA LB 83 28.71 -104.12 72.76
CA ALA LB 83 28.04 -105.14 71.97
C ALA LB 83 27.56 -106.29 72.84
N THR LB 84 28.35 -106.69 73.84
CA THR LB 84 27.96 -107.81 74.69
C THR LB 84 26.70 -107.50 75.49
N ALA LB 85 26.60 -106.29 76.03
CA ALA LB 85 25.41 -105.90 76.77
C ALA LB 85 24.18 -105.89 75.87
N VAL LB 86 24.33 -105.39 74.64
CA VAL LB 86 23.22 -105.37 73.69
C VAL LB 86 22.79 -106.79 73.35
N ARG LB 87 23.76 -107.68 73.12
CA ARG LB 87 23.42 -109.07 72.78
C ARG LB 87 22.71 -109.75 73.95
N THR LB 88 23.17 -109.51 75.18
CA THR LB 88 22.49 -110.08 76.34
C THR LB 88 21.07 -109.55 76.47
N TRP LB 89 20.88 -108.25 76.26
CA TRP LB 89 19.54 -107.68 76.31
C TRP LB 89 18.63 -108.27 75.24
N MET LB 90 19.16 -108.42 74.02
CA MET LB 90 18.36 -109.00 72.94
C MET LB 90 17.99 -110.45 73.24
N THR LB 91 18.94 -111.23 73.76
CA THR LB 91 18.68 -112.65 74.00
C THR LB 91 17.73 -112.88 75.16
N SER LB 92 17.90 -112.13 76.26
CA SER LB 92 17.13 -112.38 77.47
C SER LB 92 15.81 -111.61 77.51
N GLU LB 93 15.70 -110.49 76.82
CA GLU LB 93 14.52 -109.65 76.91
C GLU LB 93 13.77 -109.51 75.60
N VAL LB 94 14.46 -109.25 74.50
CA VAL LB 94 13.77 -108.99 73.24
C VAL LB 94 13.33 -110.29 72.57
N PHE LB 95 14.22 -111.27 72.51
CA PHE LB 95 13.91 -112.51 71.80
C PHE LB 95 12.74 -113.28 72.40
N PRO LB 96 12.66 -113.51 73.71
CA PRO LB 96 11.48 -114.21 74.24
C PRO LB 96 10.17 -113.47 74.01
N GLY LB 97 10.19 -112.13 74.05
CA GLY LB 97 8.97 -111.38 73.85
C GLY LB 97 8.56 -111.25 72.40
N ALA LB 98 9.51 -111.30 71.48
CA ALA LB 98 9.25 -111.17 70.06
C ALA LB 98 8.83 -112.49 69.41
N THR LB 99 8.84 -113.59 70.17
CA THR LB 99 8.41 -114.89 69.67
C THR LB 99 7.24 -115.43 70.49
N SER LB 100 6.62 -114.60 71.30
CA SER LB 100 5.50 -115.01 72.13
C SER LB 100 4.19 -114.93 71.34
N SER LB 101 3.10 -115.32 71.98
CA SER LB 101 1.79 -115.19 71.37
C SER LB 101 1.39 -113.73 71.19
N VAL LB 102 2.05 -112.81 71.90
CA VAL LB 102 1.76 -111.39 71.72
C VAL LB 102 2.08 -110.95 70.30
N THR LB 103 3.23 -111.37 69.78
CA THR LB 103 3.61 -111.02 68.42
C THR LB 103 2.63 -111.60 67.41
N LEU LB 104 2.26 -112.87 67.60
CA LEU LB 104 1.31 -113.50 66.69
C LEU LB 104 -0.04 -112.79 66.70
N ASP LB 105 -0.53 -112.44 67.89
CA ASP LB 105 -1.81 -111.74 67.99
C ASP LB 105 -1.74 -110.36 67.36
N LEU LB 106 -0.64 -109.64 67.57
CA LEU LB 106 -0.50 -108.33 66.96
C LEU LB 106 -0.44 -108.43 65.44
N ALA LB 107 0.27 -109.43 64.92
CA ALA LB 107 0.42 -109.55 63.48
C ALA LB 107 -0.87 -109.97 62.80
N THR LB 108 -1.58 -110.95 63.36
CA THR LB 108 -2.72 -111.54 62.66
C THR LB 108 -4.07 -111.00 63.11
N LYS LB 109 -4.13 -110.24 64.21
CA LYS LB 109 -5.39 -109.69 64.69
C LYS LB 109 -5.31 -108.22 65.07
N GLY LB 110 -4.11 -107.63 65.06
CA GLY LB 110 -3.95 -106.26 65.49
C GLY LB 110 -4.23 -106.03 66.96
N VAL LB 111 -3.86 -106.98 67.83
CA VAL LB 111 -4.12 -106.86 69.26
C VAL LB 111 -2.95 -106.11 69.91
N ILE LB 112 -3.26 -104.97 70.53
CA ILE LB 112 -2.26 -104.15 71.22
C ILE LB 112 -2.49 -104.12 72.72
N HIS LB 113 -3.51 -104.81 73.23
CA HIS LB 113 -3.80 -104.89 74.65
C HIS LB 113 -3.56 -106.32 75.11
N LEU LB 114 -2.52 -106.54 75.91
CA LEU LB 114 -2.21 -107.89 76.41
C LEU LB 114 -2.76 -108.04 77.83
N SER LB 115 -4.08 -108.13 77.91
CA SER LB 115 -4.75 -108.44 79.17
C SER LB 115 -4.84 -109.96 79.36
N ASP LB 116 -4.82 -110.38 80.62
CA ASP LB 116 -4.62 -109.61 81.83
C ASP LB 116 -3.66 -110.32 82.77
N ALA LB 117 -3.35 -111.58 82.44
CA ALA LB 117 -2.48 -112.41 83.27
C ALA LB 117 -1.09 -111.81 83.41
N LEU MB 1 0.36 -108.75 83.77
CA LEU MB 1 0.74 -108.21 82.47
C LEU MB 1 2.21 -108.49 82.18
N SER MB 2 2.45 -109.41 81.25
CA SER MB 2 3.81 -109.79 80.90
C SER MB 2 3.95 -109.92 79.39
N ILE MB 3 5.10 -109.51 78.89
CA ILE MB 3 5.47 -109.71 77.49
C ILE MB 3 6.71 -110.57 77.48
N GLY MB 4 6.58 -111.79 76.95
CA GLY MB 4 7.66 -112.76 77.03
C GLY MB 4 7.94 -113.15 78.48
N THR MB 5 9.17 -112.93 78.93
CA THR MB 5 9.54 -113.18 80.31
C THR MB 5 9.57 -111.91 81.15
N LYS MB 6 9.25 -110.76 80.58
CA LYS MB 6 9.34 -109.48 81.26
C LYS MB 6 7.95 -109.05 81.73
N ASN MB 7 7.83 -108.78 83.02
CA ASN MB 7 6.62 -108.15 83.54
C ASN MB 7 6.59 -106.67 83.18
N VAL MB 8 5.47 -106.21 82.66
CA VAL MB 8 5.31 -104.83 82.22
C VAL MB 8 4.02 -104.28 82.79
N SER MB 9 3.89 -102.96 82.72
CA SER MB 9 2.66 -102.26 83.12
C SER MB 9 2.31 -101.25 82.05
N ILE MB 10 1.02 -100.93 81.96
CA ILE MB 10 0.57 -99.95 80.97
C ILE MB 10 1.14 -98.58 81.32
N TYR MB 11 1.83 -97.98 80.37
CA TYR MB 11 2.47 -96.69 80.55
C TYR MB 11 1.75 -95.58 79.79
N ARG MB 12 1.44 -95.81 78.52
CA ARG MB 12 0.67 -94.86 77.73
C ARG MB 12 -0.26 -95.63 76.82
N ASN MB 13 -1.42 -95.04 76.53
CA ASN MB 13 -2.49 -95.75 75.80
C ASN MB 13 -3.15 -94.77 74.85
N THR MB 14 -2.89 -94.95 73.55
CA THR MB 14 -3.58 -94.23 72.49
C THR MB 14 -4.49 -95.21 71.74
N ALA MB 15 -5.12 -94.71 70.67
CA ALA MB 15 -6.09 -95.51 69.94
C ALA MB 15 -5.44 -96.71 69.27
N ASP MB 16 -4.30 -96.50 68.60
CA ASP MB 16 -3.64 -97.58 67.86
C ASP MB 16 -2.24 -97.89 68.37
N GLU MB 17 -1.86 -97.36 69.53
CA GLU MB 17 -0.57 -97.66 70.13
C GLU MB 17 -0.70 -97.74 71.64
N VAL MB 18 -0.11 -98.78 72.22
CA VAL MB 18 -0.01 -98.90 73.67
C VAL MB 18 1.46 -99.11 74.03
N ILE MB 19 1.99 -98.21 74.85
CA ILE MB 19 3.36 -98.32 75.33
C ILE MB 19 3.33 -98.88 76.74
N TYR MB 20 4.05 -99.98 76.96
CA TYR MB 20 4.21 -100.60 78.26
C TYR MB 20 5.62 -100.35 78.76
N ALA MB 21 5.76 -100.25 80.08
CA ALA MB 21 7.04 -99.93 80.71
C ALA MB 21 7.50 -101.13 81.53
N GLY MB 22 8.79 -101.44 81.43
CA GLY MB 22 9.37 -102.48 82.24
C GLY MB 22 9.56 -102.04 83.67
N PRO MB 23 10.01 -102.95 84.52
CA PRO MB 23 10.18 -102.58 85.95
C PRO MB 23 11.19 -101.47 86.16
N ALA MB 24 12.21 -101.37 85.31
CA ALA MB 24 13.26 -100.38 85.47
C ALA MB 24 12.95 -99.03 84.82
N HIS MB 25 11.89 -98.95 84.02
CA HIS MB 25 11.59 -97.71 83.32
C HIS MB 25 11.34 -96.58 84.30
N ASP MB 26 11.90 -95.41 84.00
CA ASP MB 26 11.79 -94.25 84.86
C ASP MB 26 11.98 -92.99 84.01
N VAL MB 27 12.15 -91.85 84.68
CA VAL MB 27 12.27 -90.57 83.98
C VAL MB 27 13.61 -90.40 83.29
N THR MB 28 14.62 -91.19 83.65
CA THR MB 28 15.92 -91.10 83.00
C THR MB 28 16.35 -92.37 82.28
N ASN MB 29 15.79 -93.53 82.62
CA ASN MB 29 16.10 -94.79 81.96
C ASN MB 29 14.89 -95.22 81.16
N VAL MB 30 15.11 -95.53 79.88
CA VAL MB 30 14.04 -95.99 79.01
C VAL MB 30 14.07 -97.51 78.97
N ASP MB 31 12.94 -98.13 79.30
CA ASP MB 31 12.74 -99.57 79.16
C ASP MB 31 11.28 -99.75 78.75
N THR MB 32 11.03 -99.78 77.45
CA THR MB 32 9.67 -99.75 76.94
C THR MB 32 9.44 -100.78 75.85
N VAL MB 33 8.21 -101.30 75.81
CA VAL MB 33 7.73 -102.15 74.73
C VAL MB 33 6.46 -101.50 74.19
N SER MB 34 6.51 -101.06 72.94
CA SER MB 34 5.36 -100.47 72.29
C SER MB 34 4.70 -101.46 71.35
N LEU MB 35 3.38 -101.54 71.41
CA LEU MB 35 2.59 -102.28 70.44
C LEU MB 35 1.81 -101.26 69.63
N ARG MB 36 2.13 -101.15 68.35
CA ARG MB 36 1.46 -100.22 67.45
C ARG MB 36 0.82 -101.00 66.32
N ARG MB 37 -0.31 -100.49 65.82
CA ARG MB 37 -0.97 -101.11 64.69
C ARG MB 37 -1.39 -100.05 63.70
N SER MB 38 -1.40 -100.44 62.43
CA SER MB 38 -1.99 -99.67 61.35
C SER MB 38 -3.06 -100.54 60.72
N LEU MB 39 -4.32 -100.12 60.88
CA LEU MB 39 -5.45 -100.91 60.44
C LEU MB 39 -5.59 -100.86 58.92
N PRO MB 40 -6.08 -101.94 58.31
CA PRO MB 40 -6.22 -101.97 56.85
C PRO MB 40 -7.13 -100.86 56.36
N VAL MB 41 -6.72 -100.21 55.26
CA VAL MB 41 -7.52 -99.19 54.61
C VAL MB 41 -8.02 -99.76 53.30
N LYS MB 42 -9.34 -99.92 53.19
CA LYS MB 42 -9.96 -100.49 52.00
C LYS MB 42 -9.94 -99.42 50.91
N LYS MB 43 -8.90 -99.46 50.07
CA LYS MB 43 -8.77 -98.50 48.98
C LYS MB 43 -8.80 -99.24 47.64
N GLY MB 44 -9.61 -98.73 46.72
CA GLY MB 44 -9.74 -99.36 45.42
C GLY MB 44 -10.27 -100.77 45.56
N SER MB 45 -9.76 -101.67 44.73
CA SER MB 45 -10.07 -103.10 44.84
C SER MB 45 -9.20 -103.80 45.86
N ASP MB 46 -8.20 -103.13 46.40
CA ASP MB 46 -7.34 -103.71 47.42
C ASP MB 46 -7.96 -103.52 48.80
N ASN MB 47 -8.11 -104.63 49.53
CA ASN MB 47 -8.69 -104.58 50.86
C ASN MB 47 -7.74 -104.00 51.91
N GLY MB 48 -6.49 -103.76 51.56
CA GLY MB 48 -5.55 -103.16 52.47
C GLY MB 48 -4.67 -104.18 53.17
N THR MB 49 -3.89 -103.66 54.11
CA THR MB 49 -2.90 -104.47 54.84
C THR MB 49 -2.88 -104.04 56.30
N MET MB 50 -2.88 -105.02 57.20
CA MET MB 50 -2.69 -104.76 58.61
C MET MB 50 -1.20 -104.73 58.91
N ARG MB 51 -0.75 -103.65 59.54
CA ARG MB 51 0.64 -103.51 59.96
C ARG MB 51 0.70 -103.64 61.48
N GLY MB 52 1.56 -104.54 61.96
CA GLY MB 52 1.77 -104.67 63.39
C GLY MB 52 3.22 -104.44 63.75
N ASN MB 53 3.48 -103.46 64.62
CA ASN MB 53 4.84 -103.08 65.01
C ASN MB 53 5.04 -103.34 66.49
N MET MB 54 6.13 -104.00 66.82
CA MET MB 54 6.56 -104.26 68.19
C MET MB 54 7.90 -103.58 68.39
N ASN MB 55 7.93 -102.55 69.24
CA ASN MB 55 9.11 -101.73 69.46
C ASN MB 55 9.69 -102.02 70.83
N PHE MB 56 10.97 -102.36 70.89
CA PHE MB 56 11.70 -102.52 72.14
C PHE MB 56 12.70 -101.39 72.23
N ALA MB 57 12.61 -100.59 73.31
CA ALA MB 57 13.53 -99.47 73.51
C ALA MB 57 14.20 -99.64 74.87
N LYS MB 58 15.53 -99.53 74.88
CA LYS MB 58 16.30 -99.66 76.10
C LYS MB 58 17.44 -98.65 76.12
N SER MB 59 17.66 -98.03 77.27
CA SER MB 59 18.77 -97.11 77.45
C SER MB 59 20.03 -97.88 77.82
N PHE MB 60 21.15 -97.48 77.23
CA PHE MB 60 22.43 -98.14 77.43
C PHE MB 60 23.51 -97.10 77.67
N PRO MB 61 24.49 -97.41 78.51
CA PRO MB 61 25.64 -96.49 78.67
C PRO MB 61 26.47 -96.45 77.40
N ASN MB 62 26.60 -95.26 76.83
CA ASN MB 62 27.42 -95.02 75.65
C ASN MB 62 28.49 -94.02 76.07
N GLY MB 63 29.67 -94.55 76.44
CA GLY MB 63 30.73 -93.73 76.97
C GLY MB 63 30.30 -92.99 78.22
N ASP MB 64 30.14 -91.68 78.10
CA ASP MB 64 29.66 -90.86 79.21
C ASP MB 64 28.15 -90.66 79.17
N LYS MB 65 27.54 -90.69 77.99
CA LYS MB 65 26.13 -90.40 77.83
C LYS MB 65 25.32 -91.70 77.81
N LYS MB 66 24.05 -91.58 77.46
CA LYS MB 66 23.18 -92.73 77.28
C LYS MB 66 22.62 -92.74 75.87
N SER MB 67 22.59 -93.93 75.27
CA SER MB 67 22.09 -94.12 73.92
C SER MB 67 20.88 -95.05 73.96
N LEU MB 68 19.96 -94.84 73.03
CA LEU MB 68 18.74 -95.62 72.94
C LEU MB 68 18.93 -96.74 71.92
N VAL MB 69 18.88 -97.98 72.37
CA VAL MB 69 18.90 -99.14 71.48
C VAL MB 69 17.47 -99.56 71.22
N VAL MB 70 17.10 -99.67 69.95
CA VAL MB 70 15.74 -99.95 69.52
C VAL MB 70 15.74 -101.18 68.62
N VAL MB 71 14.83 -102.11 68.91
CA VAL MB 71 14.59 -103.28 68.08
C VAL MB 71 13.15 -103.24 67.62
N ASN MB 72 12.93 -103.29 66.31
CA ASN MB 72 11.59 -103.25 65.74
C ASN MB 72 11.26 -104.59 65.10
N LEU MB 73 10.05 -105.08 65.36
CA LEU MB 73 9.51 -106.27 64.70
C LEU MB 73 8.21 -105.88 64.04
N THR MB 74 8.20 -105.82 62.71
CA THR MB 74 7.06 -105.35 61.95
C THR MB 74 6.54 -106.47 61.05
N ALA MB 75 5.22 -106.64 61.04
CA ALA MB 75 4.56 -107.61 60.17
C ALA MB 75 3.53 -106.90 59.31
N HIS MB 76 3.49 -107.27 58.03
CA HIS MB 76 2.53 -106.72 57.07
C HIS MB 76 1.69 -107.88 56.53
N VAL MB 77 0.44 -107.95 56.96
CA VAL MB 77 -0.45 -109.04 56.58
C VAL MB 77 -1.58 -108.47 55.71
N PRO MB 78 -1.66 -108.83 54.44
CA PRO MB 78 -2.76 -108.35 53.60
C PRO MB 78 -4.08 -108.99 54.00
N VAL MB 79 -5.17 -108.22 53.87
CA VAL MB 79 -6.49 -108.73 54.16
C VAL MB 79 -6.87 -109.81 53.15
N GLY MB 80 -7.43 -110.90 53.64
CA GLY MB 80 -7.85 -112.02 52.82
C GLY MB 80 -7.00 -113.26 52.99
N VAL MB 81 -5.88 -113.15 53.71
CA VAL MB 81 -5.00 -114.29 53.94
C VAL MB 81 -5.48 -115.05 55.16
N ASP MB 82 -5.27 -116.37 55.14
CA ASP MB 82 -5.62 -117.20 56.29
C ASP MB 82 -4.71 -116.87 57.46
N ALA MB 83 -5.32 -116.51 58.60
CA ALA MB 83 -4.54 -116.11 59.76
C ALA MB 83 -3.82 -117.29 60.40
N THR MB 84 -4.44 -118.47 60.40
CA THR MB 84 -3.79 -119.65 60.97
C THR MB 84 -2.55 -120.03 60.19
N ALA MB 85 -2.61 -119.96 58.85
CA ALA MB 85 -1.45 -120.25 58.04
C ALA MB 85 -0.31 -119.28 58.32
N VAL MB 86 -0.63 -117.99 58.47
CA VAL MB 86 0.39 -116.99 58.75
C VAL MB 86 1.00 -117.23 60.13
N ARG MB 87 0.17 -117.58 61.12
CA ARG MB 87 0.69 -117.87 62.45
C ARG MB 87 1.60 -119.09 62.43
N THR MB 88 1.21 -120.13 61.71
CA THR MB 88 2.05 -121.33 61.61
C THR MB 88 3.38 -121.01 60.93
N TRP MB 89 3.35 -120.22 59.85
CA TRP MB 89 4.59 -119.84 59.18
C TRP MB 89 5.47 -119.00 60.10
N MET MB 90 4.89 -118.06 60.83
CA MET MB 90 5.68 -117.22 61.73
C MET MB 90 6.29 -118.03 62.86
N THR MB 91 5.54 -119.00 63.40
CA THR MB 91 6.05 -119.81 64.49
C THR MB 91 7.15 -120.76 64.02
N SER MB 92 6.95 -121.44 62.88
CA SER MB 92 7.88 -122.47 62.45
C SER MB 92 9.07 -121.94 61.66
N GLU MB 93 8.92 -120.80 60.98
CA GLU MB 93 9.96 -120.34 60.07
C GLU MB 93 10.54 -118.98 60.41
N VAL MB 94 9.72 -118.04 60.87
CA VAL MB 94 10.21 -116.70 61.15
C VAL MB 94 10.87 -116.64 62.52
N PHE MB 95 10.21 -117.18 63.54
CA PHE MB 95 10.71 -117.06 64.90
C PHE MB 95 12.05 -117.73 65.12
N PRO MB 96 12.30 -118.97 64.70
CA PRO MB 96 13.62 -119.57 64.92
C PRO MB 96 14.75 -118.80 64.25
N GLY MB 97 14.52 -118.25 63.06
CA GLY MB 97 15.56 -117.50 62.40
C GLY MB 97 15.76 -116.10 62.94
N ALA MB 98 14.69 -115.48 63.45
CA ALA MB 98 14.80 -114.13 63.98
C ALA MB 98 15.52 -114.08 65.32
N THR MB 99 15.50 -115.16 66.10
CA THR MB 99 16.15 -115.21 67.40
C THR MB 99 17.38 -116.11 67.39
N SER MB 100 18.09 -116.16 66.26
CA SER MB 100 19.28 -116.97 66.12
C SER MB 100 20.52 -116.09 66.26
N SER MB 101 21.69 -116.71 66.13
CA SER MB 101 22.95 -115.95 66.17
C SER MB 101 23.09 -115.04 64.97
N VAL MB 102 22.33 -115.29 63.90
CA VAL MB 102 22.39 -114.43 62.71
C VAL MB 102 21.94 -113.02 63.06
N THR MB 103 20.86 -112.90 63.85
CA THR MB 103 20.37 -111.58 64.23
C THR MB 103 21.42 -110.81 65.04
N LEU MB 104 22.02 -111.49 66.02
CA LEU MB 104 23.03 -110.83 66.86
C LEU MB 104 24.26 -110.43 66.04
N ASP MB 105 24.71 -111.31 65.14
CA ASP MB 105 25.86 -111.00 64.31
C ASP MB 105 25.57 -109.84 63.37
N LEU MB 106 24.37 -109.80 62.80
CA LEU MB 106 23.99 -108.68 61.95
C LEU MB 106 23.90 -107.38 62.75
N ALA MB 107 23.39 -107.45 63.98
CA ALA MB 107 23.21 -106.25 64.78
C ALA MB 107 24.56 -105.67 65.22
N THR MB 108 25.44 -106.51 65.75
CA THR MB 108 26.68 -106.01 66.36
C THR MB 108 27.90 -106.12 65.45
N LYS MB 109 27.76 -106.66 64.24
CA LYS MB 109 28.91 -106.78 63.35
C LYS MB 109 28.60 -106.44 61.90
N GLY MB 110 27.35 -106.23 61.52
CA GLY MB 110 27.00 -106.00 60.13
C GLY MB 110 27.26 -107.19 59.24
N VAL MB 111 27.06 -108.40 59.74
CA VAL MB 111 27.30 -109.60 58.94
C VAL MB 111 26.04 -109.91 58.14
N ILE MB 112 26.17 -109.87 56.81
CA ILE MB 112 25.06 -110.21 55.92
C ILE MB 112 25.34 -111.46 55.10
N HIS MB 113 26.59 -111.91 55.04
CA HIS MB 113 26.95 -113.14 54.33
C HIS MB 113 27.00 -114.28 55.31
N LEU MB 114 26.16 -115.30 55.10
CA LEU MB 114 26.05 -116.42 56.01
C LEU MB 114 27.09 -117.48 55.68
N SER MB 115 27.47 -118.25 56.69
CA SER MB 115 28.45 -119.32 56.54
C SER MB 115 28.22 -120.36 57.62
N ASP MB 116 28.57 -121.61 57.32
CA ASP MB 116 28.96 -122.14 56.02
C ASP MB 116 28.33 -123.50 55.80
N ALA MB 117 27.82 -124.08 56.88
CA ALA MB 117 27.23 -125.42 56.84
C ALA MB 117 25.72 -125.36 57.07
N LEU NB 1 1.71 -72.99 116.71
CA LEU NB 1 1.36 -73.00 115.29
C LEU NB 1 1.77 -74.32 114.65
N SER NB 2 0.77 -75.12 114.29
CA SER NB 2 1.01 -76.44 113.70
C SER NB 2 0.16 -76.61 112.45
N ILE NB 3 0.77 -77.19 111.42
CA ILE NB 3 0.06 -77.64 110.23
C ILE NB 3 0.36 -79.13 110.09
N GLY NB 4 -0.51 -79.97 110.66
CA GLY NB 4 -0.23 -81.38 110.76
C GLY NB 4 0.68 -81.67 111.94
N THR NB 5 1.83 -82.29 111.68
CA THR NB 5 2.83 -82.52 112.71
C THR NB 5 3.98 -81.52 112.63
N LYS NB 6 3.86 -80.49 111.79
CA LYS NB 6 4.92 -79.53 111.54
C LYS NB 6 4.72 -78.29 112.38
N ASN NB 7 5.78 -77.84 113.04
CA ASN NB 7 5.76 -76.56 113.75
C ASN NB 7 6.22 -75.46 112.81
N VAL NB 8 5.33 -74.51 112.52
CA VAL NB 8 5.60 -73.44 111.58
C VAL NB 8 5.50 -72.10 112.31
N SER NB 9 6.05 -71.08 111.68
CA SER NB 9 5.95 -69.70 112.15
C SER NB 9 5.53 -68.81 110.99
N ILE NB 10 4.87 -67.71 111.32
CA ILE NB 10 4.46 -66.76 110.29
C ILE NB 10 5.70 -66.18 109.63
N TYR NB 11 5.76 -66.28 108.31
CA TYR NB 11 6.87 -65.76 107.53
C TYR NB 11 6.47 -64.61 106.63
N ARG NB 12 5.31 -64.69 105.99
CA ARG NB 12 4.81 -63.57 105.20
C ARG NB 12 3.30 -63.47 105.39
N ASN NB 13 2.82 -62.27 105.63
CA ASN NB 13 1.40 -62.04 105.91
C ASN NB 13 0.88 -61.04 104.89
N THR NB 14 0.00 -61.50 104.02
CA THR NB 14 -0.62 -60.70 102.98
C THR NB 14 -2.14 -60.82 103.14
N ALA NB 15 -2.88 -59.95 102.43
CA ALA NB 15 -4.34 -59.90 102.60
C ALA NB 15 -4.98 -61.26 102.31
N ASP NB 16 -4.54 -61.95 101.27
CA ASP NB 16 -5.19 -63.19 100.85
C ASP NB 16 -4.25 -64.38 100.84
N GLU NB 17 -3.06 -64.25 101.43
CA GLU NB 17 -2.13 -65.37 101.47
C GLU NB 17 -1.19 -65.20 102.65
N VAL NB 18 -1.01 -66.26 103.43
CA VAL NB 18 -0.05 -66.30 104.52
C VAL NB 18 0.91 -67.45 104.27
N ILE NB 19 2.21 -67.13 104.25
CA ILE NB 19 3.26 -68.12 104.08
C ILE NB 19 3.87 -68.40 105.45
N TYR NB 20 3.86 -69.67 105.85
CA TYR NB 20 4.49 -70.13 107.07
C TYR NB 20 5.74 -70.92 106.71
N ALA NB 21 6.77 -70.80 107.55
CA ALA NB 21 8.05 -71.43 107.30
C ALA NB 21 8.30 -72.53 108.33
N GLY NB 22 8.80 -73.66 107.85
CA GLY NB 22 9.14 -74.78 108.71
C GLY NB 22 10.49 -74.58 109.37
N PRO NB 23 10.91 -75.56 110.17
CA PRO NB 23 12.20 -75.43 110.86
C PRO NB 23 13.41 -75.36 109.92
N ALA NB 24 13.28 -75.89 108.71
CA ALA NB 24 14.40 -75.98 107.78
C ALA NB 24 14.39 -74.87 106.73
N HIS NB 25 13.57 -73.84 106.93
CA HIS NB 25 13.49 -72.73 105.97
C HIS NB 25 14.48 -71.64 106.34
N ASP NB 26 15.17 -71.12 105.33
CA ASP NB 26 16.13 -70.04 105.51
C ASP NB 26 16.30 -69.32 104.17
N VAL NB 27 17.35 -68.51 104.05
CA VAL NB 27 17.58 -67.74 102.84
C VAL NB 27 17.90 -68.63 101.64
N THR NB 28 18.63 -69.73 101.83
CA THR NB 28 19.06 -70.57 100.73
C THR NB 28 18.25 -71.85 100.55
N ASN NB 29 17.44 -72.25 101.53
CA ASN NB 29 16.62 -73.43 101.43
C ASN NB 29 15.15 -73.04 101.57
N VAL NB 30 14.29 -73.79 100.89
CA VAL NB 30 12.85 -73.53 100.89
C VAL NB 30 12.17 -74.68 101.63
N ASP NB 31 11.41 -74.34 102.67
CA ASP NB 31 10.54 -75.29 103.37
C ASP NB 31 9.36 -74.45 103.86
N THR NB 32 8.30 -74.40 103.06
CA THR NB 32 7.20 -73.48 103.32
C THR NB 32 5.85 -74.14 103.09
N VAL NB 33 4.85 -73.67 103.82
CA VAL NB 33 3.45 -73.99 103.60
C VAL NB 33 2.70 -72.67 103.47
N SER NB 34 2.05 -72.47 102.32
CA SER NB 34 1.34 -71.23 102.03
C SER NB 34 -0.15 -71.50 101.97
N LEU NB 35 -0.92 -70.73 102.73
CA LEU NB 35 -2.37 -70.75 102.66
C LEU NB 35 -2.83 -69.55 101.83
N ARG NB 36 -3.59 -69.83 100.77
CA ARG NB 36 -4.07 -68.80 99.87
C ARG NB 36 -5.57 -68.95 99.70
N ARG NB 37 -6.25 -67.83 99.47
CA ARG NB 37 -7.70 -67.85 99.36
C ARG NB 37 -8.14 -66.86 98.29
N SER NB 38 -9.29 -67.17 97.69
CA SER NB 38 -10.00 -66.27 96.80
C SER NB 38 -11.44 -66.24 97.28
N LEU NB 39 -11.85 -65.10 97.83
CA LEU NB 39 -13.17 -64.98 98.43
C LEU NB 39 -14.24 -64.86 97.37
N PRO NB 40 -15.47 -65.26 97.70
CA PRO NB 40 -16.56 -65.20 96.71
C PRO NB 40 -16.82 -63.78 96.23
N VAL NB 41 -17.14 -63.65 94.96
CA VAL NB 41 -17.49 -62.37 94.35
C VAL NB 41 -18.95 -62.46 93.93
N LYS NB 42 -19.79 -61.56 94.46
CA LYS NB 42 -21.22 -61.56 94.17
C LYS NB 42 -21.44 -60.97 92.78
N LYS NB 43 -21.06 -61.75 91.77
CA LYS NB 43 -21.14 -61.31 90.39
C LYS NB 43 -22.50 -61.67 89.81
N GLY NB 44 -23.30 -60.65 89.49
CA GLY NB 44 -24.63 -60.88 88.96
C GLY NB 44 -25.49 -61.64 89.96
N SER NB 45 -26.17 -62.67 89.47
CA SER NB 45 -26.98 -63.53 90.31
C SER NB 45 -26.18 -64.65 90.96
N ASP NB 46 -25.04 -65.01 90.40
CA ASP NB 46 -24.19 -66.03 91.01
C ASP NB 46 -23.57 -65.50 92.29
N ASN NB 47 -23.69 -66.29 93.36
CA ASN NB 47 -23.10 -65.90 94.64
C ASN NB 47 -21.59 -66.06 94.65
N GLY NB 48 -21.01 -66.69 93.63
CA GLY NB 48 -19.56 -66.83 93.56
C GLY NB 48 -19.08 -68.18 94.03
N THR NB 49 -17.75 -68.28 94.09
CA THR NB 49 -17.09 -69.50 94.53
C THR NB 49 -15.98 -69.14 95.50
N MET NB 50 -15.85 -69.92 96.57
CA MET NB 50 -14.76 -69.78 97.50
C MET NB 50 -13.63 -70.72 97.09
N ARG NB 51 -12.43 -70.17 96.91
CA ARG NB 51 -11.29 -70.94 96.44
C ARG NB 51 -10.25 -70.99 97.55
N GLY NB 52 -9.82 -72.20 97.89
CA GLY NB 52 -8.79 -72.39 98.90
C GLY NB 52 -7.60 -73.13 98.30
N ASN NB 53 -6.39 -72.72 98.71
CA ASN NB 53 -5.17 -73.34 98.21
C ASN NB 53 -4.20 -73.55 99.36
N MET NB 54 -3.70 -74.79 99.47
CA MET NB 54 -2.61 -75.13 100.37
C MET NB 54 -1.42 -75.53 99.52
N ASN NB 55 -0.31 -74.81 99.68
CA ASN NB 55 0.89 -75.02 98.89
C ASN NB 55 2.02 -75.51 99.79
N PHE NB 56 2.65 -76.60 99.41
CA PHE NB 56 3.81 -77.14 100.12
C PHE NB 56 5.01 -77.02 99.20
N ALA NB 57 6.07 -76.36 99.66
CA ALA NB 57 7.27 -76.19 98.86
C ALA NB 57 8.47 -76.65 99.66
N LYS NB 58 9.31 -77.48 99.04
CA LYS NB 58 10.52 -77.97 99.70
C LYS NB 58 11.67 -78.02 98.70
N SER NB 59 12.86 -77.72 99.19
CA SER NB 59 14.07 -77.82 98.38
C SER NB 59 14.69 -79.20 98.56
N PHE NB 60 15.20 -79.74 97.45
CA PHE NB 60 15.75 -81.09 97.41
C PHE NB 60 17.06 -81.08 96.61
N PRO NB 61 18.01 -81.92 96.96
CA PRO NB 61 19.23 -82.05 96.14
C PRO NB 61 18.89 -82.62 94.77
N ASN NB 62 19.34 -81.91 93.72
CA ASN NB 62 19.12 -82.31 92.33
C ASN NB 62 20.49 -82.27 91.65
N GLY NB 63 21.17 -83.41 91.64
CA GLY NB 63 22.51 -83.48 91.09
C GLY NB 63 23.45 -82.52 91.79
N ASP NB 64 23.82 -81.45 91.08
CA ASP NB 64 24.67 -80.42 91.68
C ASP NB 64 23.84 -79.35 92.37
N LYS NB 65 22.71 -78.98 91.79
CA LYS NB 65 21.93 -77.85 92.28
C LYS NB 65 20.85 -78.32 93.25
N LYS NB 66 19.91 -77.44 93.57
CA LYS NB 66 18.79 -77.77 94.44
C LYS NB 66 17.50 -77.39 93.74
N SER NB 67 16.58 -78.34 93.63
CA SER NB 67 15.32 -78.16 92.92
C SER NB 67 14.16 -78.05 93.90
N LEU NB 68 13.08 -77.41 93.45
CA LEU NB 68 11.92 -77.15 94.30
C LEU NB 68 10.80 -78.13 93.95
N VAL NB 69 10.40 -78.92 94.93
CA VAL NB 69 9.24 -79.81 94.82
C VAL NB 69 8.05 -79.12 95.47
N VAL NB 70 6.94 -79.03 94.72
CA VAL NB 70 5.76 -78.30 95.15
C VAL NB 70 4.55 -79.23 95.06
N VAL NB 71 3.77 -79.29 96.14
CA VAL NB 71 2.51 -80.03 96.18
C VAL NB 71 1.39 -79.01 96.43
N ASN NB 72 0.40 -79.01 95.56
CA ASN NB 72 -0.73 -78.10 95.67
C ASN NB 72 -1.98 -78.87 96.07
N LEU NB 73 -2.85 -78.21 96.83
CA LEU NB 73 -4.16 -78.76 97.17
C LEU NB 73 -5.16 -77.61 97.07
N THR NB 74 -5.99 -77.64 96.04
CA THR NB 74 -6.94 -76.56 95.80
C THR NB 74 -8.36 -77.09 95.88
N ALA NB 75 -9.21 -76.37 96.61
CA ALA NB 75 -10.61 -76.70 96.78
C ALA NB 75 -11.47 -75.56 96.25
N HIS NB 76 -12.51 -75.91 95.49
CA HIS NB 76 -13.44 -74.95 94.92
C HIS NB 76 -14.82 -75.25 95.48
N VAL NB 77 -15.36 -74.35 96.29
CA VAL NB 77 -16.68 -74.59 96.88
C VAL NB 77 -17.63 -73.49 96.45
N PRO NB 78 -18.65 -73.79 95.65
CA PRO NB 78 -19.63 -72.76 95.28
C PRO NB 78 -20.41 -72.29 96.50
N VAL NB 79 -20.78 -71.00 96.48
CA VAL NB 79 -21.52 -70.43 97.59
C VAL NB 79 -22.96 -70.94 97.57
N GLY NB 80 -23.46 -71.35 98.75
CA GLY NB 80 -24.79 -71.92 98.89
C GLY NB 80 -24.77 -73.41 99.14
N VAL NB 81 -23.72 -74.10 98.71
CA VAL NB 81 -23.57 -75.52 99.02
C VAL NB 81 -23.36 -75.67 100.52
N ASP NB 82 -24.05 -76.65 101.11
CA ASP NB 82 -23.93 -76.89 102.54
C ASP NB 82 -22.51 -77.28 102.89
N ALA NB 83 -21.95 -76.61 103.90
CA ALA NB 83 -20.54 -76.79 104.24
C ALA NB 83 -20.29 -78.14 104.90
N THR NB 84 -21.24 -78.61 105.73
CA THR NB 84 -21.05 -79.86 106.44
C THR NB 84 -20.96 -81.04 105.48
N ALA NB 85 -21.79 -81.04 104.43
CA ALA NB 85 -21.72 -82.09 103.44
C ALA NB 85 -20.37 -82.10 102.72
N VAL NB 86 -19.87 -80.92 102.36
CA VAL NB 86 -18.56 -80.83 101.72
C VAL NB 86 -17.48 -81.34 102.65
N ARG NB 87 -17.56 -80.99 103.94
CA ARG NB 87 -16.52 -81.40 104.88
C ARG NB 87 -16.53 -82.91 105.11
N THR NB 88 -17.72 -83.52 105.21
CA THR NB 88 -17.76 -84.96 105.39
C THR NB 88 -17.36 -85.69 104.11
N TRP NB 89 -17.68 -85.14 102.94
CA TRP NB 89 -17.19 -85.71 101.69
C TRP NB 89 -15.67 -85.65 101.62
N MET NB 90 -15.09 -84.53 102.03
CA MET NB 90 -13.64 -84.38 102.01
C MET NB 90 -12.98 -85.34 102.99
N THR NB 91 -13.55 -85.48 104.18
CA THR NB 91 -12.95 -86.34 105.20
C THR NB 91 -13.06 -87.81 104.82
N SER NB 92 -14.20 -88.21 104.25
CA SER NB 92 -14.47 -89.62 103.98
C SER NB 92 -14.03 -90.07 102.59
N GLU NB 93 -14.16 -89.22 101.59
CA GLU NB 93 -13.92 -89.63 100.20
C GLU NB 93 -12.68 -89.01 99.58
N VAL NB 94 -12.33 -87.77 99.93
CA VAL NB 94 -11.23 -87.10 99.26
C VAL NB 94 -9.91 -87.38 99.96
N PHE NB 95 -9.87 -87.18 101.28
CA PHE NB 95 -8.65 -87.32 102.05
C PHE NB 95 -8.06 -88.73 102.02
N PRO NB 96 -8.84 -89.79 102.25
CA PRO NB 96 -8.24 -91.14 102.20
C PRO NB 96 -7.65 -91.49 100.85
N GLY NB 97 -8.26 -91.04 99.75
CA GLY NB 97 -7.71 -91.32 98.44
C GLY NB 97 -6.57 -90.41 98.04
N ALA NB 98 -6.53 -89.20 98.60
CA ALA NB 98 -5.49 -88.23 98.25
C ALA NB 98 -4.18 -88.49 98.98
N THR NB 99 -4.16 -89.36 99.98
CA THR NB 99 -2.95 -89.66 100.74
C THR NB 99 -2.54 -91.12 100.59
N SER NB 100 -3.07 -91.83 99.60
CA SER NB 100 -2.76 -93.23 99.38
C SER NB 100 -1.49 -93.35 98.54
N SER NB 101 -1.11 -94.59 98.21
CA SER NB 101 0.04 -94.82 97.34
C SER NB 101 -0.23 -94.35 95.92
N VAL NB 102 -1.49 -94.16 95.55
CA VAL NB 102 -1.82 -93.68 94.22
C VAL NB 102 -1.22 -92.31 93.99
N THR NB 103 -1.34 -91.42 94.99
CA THR NB 103 -0.76 -90.09 94.87
C THR NB 103 0.76 -90.16 94.72
N LEU NB 104 1.41 -91.04 95.50
CA LEU NB 104 2.86 -91.16 95.42
C LEU NB 104 3.29 -91.65 94.04
N ASP NB 105 2.62 -92.67 93.51
CA ASP NB 105 2.96 -93.17 92.18
C ASP NB 105 2.70 -92.12 91.11
N LEU NB 106 1.60 -91.39 91.22
CA LEU NB 106 1.30 -90.35 90.24
C LEU NB 106 2.32 -89.23 90.28
N ALA NB 107 2.78 -88.84 91.48
CA ALA NB 107 3.73 -87.74 91.60
C ALA NB 107 5.13 -88.15 91.16
N THR NB 108 5.55 -89.37 91.50
CA THR NB 108 6.93 -89.77 91.22
C THR NB 108 7.08 -90.47 89.88
N LYS NB 109 6.05 -91.16 89.40
CA LYS NB 109 6.15 -91.92 88.16
C LYS NB 109 5.08 -91.61 87.13
N GLY NB 110 4.11 -90.76 87.45
CA GLY NB 110 3.06 -90.44 86.50
C GLY NB 110 2.09 -91.57 86.23
N VAL NB 111 1.87 -92.44 87.21
CA VAL NB 111 0.98 -93.59 87.02
C VAL NB 111 -0.46 -93.13 87.11
N ILE NB 112 -1.25 -93.40 86.07
CA ILE NB 112 -2.66 -93.01 86.01
C ILE NB 112 -3.59 -94.20 85.94
N HIS NB 113 -3.06 -95.43 85.91
CA HIS NB 113 -3.86 -96.65 85.88
C HIS NB 113 -3.64 -97.40 87.19
N LEU NB 114 -4.67 -97.46 88.04
CA LEU NB 114 -4.55 -98.10 89.34
C LEU NB 114 -5.15 -99.51 89.28
N SER NB 115 -4.43 -100.39 88.61
CA SER NB 115 -4.81 -101.80 88.53
C SER NB 115 -4.31 -102.57 89.74
N ASP NB 116 -5.11 -103.54 90.18
CA ASP NB 116 -6.45 -103.84 89.70
C ASP NB 116 -7.41 -104.05 90.87
N ALA NB 117 -6.84 -104.40 92.03
CA ALA NB 117 -7.64 -104.65 93.22
C ALA NB 117 -8.09 -103.35 93.87
N LEU OB 1 43.45 -70.05 -109.91
CA LEU OB 1 43.94 -69.24 -108.81
C LEU OB 1 45.15 -69.89 -108.14
N SER OB 2 46.25 -69.16 -108.07
CA SER OB 2 47.48 -69.66 -107.48
C SER OB 2 48.20 -68.53 -106.75
N ILE OB 3 48.90 -68.89 -105.69
CA ILE OB 3 49.76 -67.98 -104.94
C ILE OB 3 51.12 -68.65 -104.91
N GLY OB 4 52.00 -68.26 -105.84
CA GLY OB 4 53.23 -69.00 -106.02
C GLY OB 4 52.99 -70.30 -106.75
N THR OB 5 53.27 -71.42 -106.11
CA THR OB 5 53.06 -72.74 -106.69
C THR OB 5 51.91 -73.49 -106.06
N LYS OB 6 51.10 -72.85 -105.22
CA LYS OB 6 50.01 -73.48 -104.52
C LYS OB 6 48.67 -73.02 -105.08
N ASN OB 7 47.79 -73.98 -105.35
CA ASN OB 7 46.44 -73.69 -105.83
C ASN OB 7 45.54 -73.32 -104.67
N VAL OB 8 44.79 -72.24 -104.83
CA VAL OB 8 43.90 -71.74 -103.78
C VAL OB 8 42.54 -71.45 -104.38
N SER OB 9 41.56 -71.25 -103.49
CA SER OB 9 40.21 -70.86 -103.88
C SER OB 9 39.77 -69.73 -102.95
N ILE OB 10 38.91 -68.85 -103.47
CA ILE OB 10 38.36 -67.78 -102.64
C ILE OB 10 37.56 -68.42 -101.52
N TYR OB 11 37.92 -68.12 -100.28
CA TYR OB 11 37.24 -68.64 -99.11
C TYR OB 11 36.41 -67.60 -98.38
N ARG OB 12 36.97 -66.42 -98.12
CA ARG OB 12 36.23 -65.34 -97.48
C ARG OB 12 36.54 -64.04 -98.19
N ASN OB 13 35.51 -63.23 -98.40
CA ASN OB 13 35.64 -61.97 -99.12
C ASN OB 13 35.09 -60.84 -98.26
N THR OB 14 35.91 -59.82 -98.03
CA THR OB 14 35.46 -58.60 -97.39
C THR OB 14 35.88 -57.39 -98.20
N ALA OB 15 35.60 -56.19 -97.71
CA ALA OB 15 35.92 -54.99 -98.47
C ALA OB 15 37.42 -54.82 -98.68
N ASP OB 16 38.22 -55.07 -97.64
CA ASP OB 16 39.65 -54.83 -97.71
C ASP OB 16 40.48 -56.08 -97.42
N GLU OB 17 39.86 -57.26 -97.38
CA GLU OB 17 40.60 -58.48 -97.11
C GLU OB 17 39.94 -59.66 -97.82
N VAL OB 18 40.76 -60.49 -98.45
CA VAL OB 18 40.31 -61.74 -99.05
C VAL OB 18 41.15 -62.88 -98.51
N ILE OB 19 40.49 -63.90 -97.97
CA ILE OB 19 41.14 -65.10 -97.48
C ILE OB 19 40.94 -66.21 -98.51
N TYR OB 20 42.04 -66.83 -98.94
CA TYR OB 20 42.05 -67.96 -99.85
C TYR OB 20 42.43 -69.21 -99.08
N ALA OB 21 41.81 -70.33 -99.44
CA ALA OB 21 42.01 -71.60 -98.76
C ALA OB 21 42.86 -72.52 -99.62
N GLY OB 22 43.83 -73.19 -98.99
CA GLY OB 22 44.65 -74.16 -99.68
C GLY OB 22 43.98 -75.51 -99.76
N PRO OB 23 44.65 -76.48 -100.41
CA PRO OB 23 44.03 -77.80 -100.58
C PRO OB 23 43.81 -78.55 -99.27
N ALA OB 24 44.50 -78.20 -98.19
CA ALA OB 24 44.41 -78.92 -96.94
C ALA OB 24 43.51 -78.25 -95.92
N HIS OB 25 42.77 -77.21 -96.31
CA HIS OB 25 41.93 -76.49 -95.37
C HIS OB 25 40.57 -77.17 -95.24
N ASP OB 26 40.19 -77.48 -94.01
CA ASP OB 26 38.87 -78.02 -93.70
C ASP OB 26 38.49 -77.56 -92.29
N VAL OB 27 37.51 -78.24 -91.71
CA VAL OB 27 36.99 -77.89 -90.39
C VAL OB 27 38.06 -78.11 -89.33
N THR OB 28 39.00 -79.02 -89.59
CA THR OB 28 40.01 -79.39 -88.60
C THR OB 28 41.39 -78.81 -88.88
N ASN OB 29 41.78 -78.64 -90.12
CA ASN OB 29 43.13 -78.21 -90.47
C ASN OB 29 43.07 -76.84 -91.14
N VAL OB 30 43.97 -75.95 -90.73
CA VAL OB 30 44.05 -74.60 -91.29
C VAL OB 30 45.14 -74.57 -92.36
N ASP OB 31 44.79 -74.07 -93.53
CA ASP OB 31 45.75 -73.83 -94.61
C ASP OB 31 45.21 -72.63 -95.39
N THR OB 32 45.67 -71.43 -95.03
CA THR OB 32 45.07 -70.22 -95.59
C THR OB 32 46.15 -69.21 -95.96
N VAL OB 33 45.85 -68.41 -96.97
CA VAL OB 33 46.62 -67.23 -97.33
C VAL OB 33 45.66 -66.05 -97.43
N SER OB 34 45.91 -65.01 -96.65
CA SER OB 34 45.04 -63.83 -96.60
C SER OB 34 45.75 -62.64 -97.21
N LEU OB 35 45.02 -61.86 -98.00
CA LEU OB 35 45.52 -60.62 -98.59
C LEU OB 35 44.70 -59.47 -98.02
N ARG OB 36 45.35 -58.55 -97.34
CA ARG OB 36 44.69 -57.42 -96.70
C ARG OB 36 45.34 -56.13 -97.16
N ARG OB 37 44.54 -55.08 -97.30
CA ARG OB 37 45.03 -53.79 -97.72
C ARG OB 37 44.50 -52.71 -96.77
N SER OB 38 45.36 -51.74 -96.52
CA SER OB 38 45.01 -50.50 -95.82
C SER OB 38 45.31 -49.39 -96.82
N LEU OB 39 44.27 -48.88 -97.45
CA LEU OB 39 44.42 -47.85 -98.46
C LEU OB 39 44.80 -46.52 -97.82
N PRO OB 40 45.59 -45.71 -98.51
CA PRO OB 40 46.02 -44.43 -97.93
C PRO OB 40 44.85 -43.51 -97.68
N VAL OB 41 44.93 -42.77 -96.58
CA VAL OB 41 44.01 -41.68 -96.29
C VAL OB 41 44.84 -40.40 -96.31
N LYS OB 42 44.40 -39.43 -97.11
CA LYS OB 42 45.19 -38.21 -97.34
C LYS OB 42 44.63 -37.10 -96.46
N LYS OB 43 44.77 -37.29 -95.16
CA LYS OB 43 44.34 -36.31 -94.18
C LYS OB 43 45.30 -35.12 -94.17
N GLY OB 44 44.73 -33.94 -93.94
CA GLY OB 44 45.50 -32.71 -93.94
C GLY OB 44 46.33 -32.52 -95.20
N SER OB 45 47.65 -32.52 -95.04
CA SER OB 45 48.57 -32.43 -96.16
C SER OB 45 49.28 -33.74 -96.47
N ASP OB 46 49.46 -34.61 -95.48
CA ASP OB 46 50.12 -35.89 -95.72
C ASP OB 46 49.21 -36.78 -96.56
N ASN OB 47 49.81 -37.45 -97.55
CA ASN OB 47 49.05 -38.28 -98.48
C ASN OB 47 48.81 -39.69 -97.95
N GLY OB 48 49.32 -40.02 -96.76
CA GLY OB 48 49.07 -41.32 -96.17
C GLY OB 48 50.00 -42.40 -96.70
N THR OB 49 49.76 -43.61 -96.22
CA THR OB 49 50.59 -44.76 -96.53
C THR OB 49 49.71 -45.91 -97.02
N MET OB 50 50.18 -46.61 -98.05
CA MET OB 50 49.54 -47.84 -98.50
C MET OB 50 50.17 -49.01 -97.77
N ARG OB 51 49.33 -49.80 -97.08
CA ARG OB 51 49.80 -50.94 -96.31
C ARG OB 51 49.28 -52.22 -96.94
N GLY OB 52 50.20 -53.09 -97.36
CA GLY OB 52 49.80 -54.36 -97.93
C GLY OB 52 50.27 -55.53 -97.10
N ASN OB 53 49.35 -56.34 -96.59
CA ASN OB 53 49.69 -57.44 -95.69
C ASN OB 53 49.30 -58.77 -96.33
N MET OB 54 50.23 -59.72 -96.30
CA MET OB 54 49.96 -61.08 -96.74
C MET OB 54 50.22 -62.04 -95.58
N ASN OB 55 49.23 -62.88 -95.30
CA ASN OB 55 49.19 -63.76 -94.14
C ASN OB 55 49.22 -65.21 -94.61
N PHE OB 56 50.10 -66.01 -94.02
CA PHE OB 56 50.13 -67.45 -94.24
C PHE OB 56 49.83 -68.12 -92.91
N ALA OB 57 48.80 -68.98 -92.88
CA ALA OB 57 48.39 -69.64 -91.67
C ALA OB 57 48.33 -71.14 -91.90
N LYS OB 58 48.95 -71.91 -91.02
CA LYS OB 58 48.97 -73.36 -91.14
C LYS OB 58 48.90 -74.00 -89.76
N SER OB 59 48.03 -74.99 -89.61
CA SER OB 59 47.97 -75.77 -88.37
C SER OB 59 49.04 -76.86 -88.38
N PHE OB 60 49.62 -77.09 -87.21
CA PHE OB 60 50.69 -78.05 -87.03
C PHE OB 60 50.40 -78.89 -85.78
N PRO OB 61 50.87 -80.13 -85.75
CA PRO OB 61 50.74 -80.93 -84.51
C PRO OB 61 51.61 -80.34 -83.41
N ASN OB 62 51.04 -80.27 -82.20
CA ASN OB 62 51.75 -79.75 -81.03
C ASN OB 62 51.32 -80.62 -79.86
N GLY OB 63 52.11 -81.64 -79.57
CA GLY OB 63 51.71 -82.62 -78.57
C GLY OB 63 50.43 -83.28 -79.00
N ASP OB 64 49.43 -83.24 -78.13
CA ASP OB 64 48.11 -83.77 -78.45
C ASP OB 64 47.21 -82.78 -79.17
N LYS OB 65 47.56 -81.49 -79.15
CA LYS OB 65 46.71 -80.47 -79.73
C LYS OB 65 47.27 -79.98 -81.06
N LYS OB 66 46.68 -78.92 -81.60
CA LYS OB 66 47.12 -78.30 -82.83
C LYS OB 66 47.45 -76.84 -82.57
N SER OB 67 48.52 -76.36 -83.20
CA SER OB 67 48.99 -75.00 -83.02
C SER OB 67 49.07 -74.30 -84.36
N LEU OB 68 48.73 -73.02 -84.38
CA LEU OB 68 48.73 -72.23 -85.61
C LEU OB 68 50.05 -71.52 -85.78
N VAL OB 69 50.72 -71.78 -86.90
CA VAL OB 69 51.91 -71.06 -87.30
C VAL OB 69 51.50 -70.02 -88.34
N VAL OB 70 51.86 -68.76 -88.10
CA VAL OB 70 51.47 -67.63 -88.92
C VAL OB 70 52.72 -66.91 -89.38
N VAL OB 71 52.78 -66.61 -90.68
CA VAL OB 71 53.84 -65.80 -91.27
C VAL OB 71 53.21 -64.57 -91.89
N ASN OB 72 53.72 -63.40 -91.51
CA ASN OB 72 53.21 -62.12 -92.00
C ASN OB 72 54.25 -61.44 -92.88
N LEU OB 73 53.81 -60.88 -94.00
CA LEU OB 73 54.65 -60.07 -94.86
C LEU OB 73 53.91 -58.78 -95.17
N THR OB 74 54.39 -57.67 -94.60
CA THR OB 74 53.70 -56.39 -94.70
C THR OB 74 54.61 -55.34 -95.32
N ALA OB 75 54.10 -54.65 -96.33
CA ALA OB 75 54.80 -53.56 -96.99
C ALA OB 75 54.11 -52.24 -96.65
N HIS OB 76 54.90 -51.24 -96.27
CA HIS OB 76 54.41 -49.89 -95.98
C HIS OB 76 55.03 -48.95 -97.01
N VAL OB 77 54.23 -48.48 -97.96
CA VAL OB 77 54.73 -47.63 -99.02
C VAL OB 77 54.08 -46.25 -98.87
N PRO OB 78 54.84 -45.20 -98.55
CA PRO OB 78 54.26 -43.86 -98.51
C PRO OB 78 53.83 -43.40 -99.90
N VAL OB 79 52.78 -42.61 -99.95
CA VAL OB 79 52.23 -42.15 -101.22
C VAL OB 79 53.14 -41.09 -101.82
N GLY OB 80 53.44 -41.23 -103.12
CA GLY OB 80 54.35 -40.35 -103.83
C GLY OB 80 55.65 -41.03 -104.23
N VAL OB 81 56.02 -42.09 -103.52
CA VAL OB 81 57.20 -42.87 -103.89
C VAL OB 81 56.92 -43.62 -105.19
N ASP OB 82 57.91 -43.63 -106.07
CA ASP OB 82 57.77 -44.32 -107.35
C ASP OB 82 57.52 -45.82 -107.12
N ALA OB 83 56.48 -46.34 -107.77
CA ALA OB 83 56.15 -47.75 -107.61
C ALA OB 83 57.22 -48.65 -108.22
N THR OB 84 57.75 -48.25 -109.38
CA THR OB 84 58.74 -49.09 -110.06
C THR OB 84 60.01 -49.23 -109.24
N ALA OB 85 60.49 -48.13 -108.64
CA ALA OB 85 61.68 -48.20 -107.80
C ALA OB 85 61.46 -49.09 -106.60
N VAL OB 86 60.28 -48.99 -105.97
CA VAL OB 86 59.96 -49.83 -104.82
C VAL OB 86 59.91 -51.30 -105.24
N ARG OB 87 59.30 -51.60 -106.39
CA ARG OB 87 59.23 -52.98 -106.85
C ARG OB 87 60.62 -53.53 -107.15
N THR OB 88 61.49 -52.72 -107.76
CA THR OB 88 62.86 -53.16 -108.02
C THR OB 88 63.60 -53.42 -106.72
N TRP OB 89 63.43 -52.55 -105.72
CA TRP OB 89 64.07 -52.76 -104.43
C TRP OB 89 63.57 -54.04 -103.76
N MET OB 90 62.26 -54.28 -103.80
CA MET OB 90 61.71 -55.48 -103.19
C MET OB 90 62.20 -56.74 -103.91
N THR OB 91 62.28 -56.70 -105.23
CA THR OB 91 62.70 -57.88 -105.98
C THR OB 91 64.18 -58.18 -105.81
N SER OB 92 65.03 -57.14 -105.82
CA SER OB 92 66.46 -57.35 -105.79
C SER OB 92 67.04 -57.42 -104.39
N GLU OB 93 66.40 -56.82 -103.39
CA GLU OB 93 66.93 -56.79 -102.04
C GLU OB 93 66.09 -57.54 -101.02
N VAL OB 94 64.79 -57.22 -100.93
CA VAL OB 94 63.96 -57.80 -99.88
C VAL OB 94 63.68 -59.26 -100.14
N PHE OB 95 63.33 -59.60 -101.38
CA PHE OB 95 62.93 -60.98 -101.68
C PHE OB 95 64.05 -62.00 -101.46
N PRO OB 96 65.26 -61.81 -101.97
CA PRO OB 96 66.32 -62.80 -101.69
C PRO OB 96 66.65 -62.92 -100.21
N GLY OB 97 66.59 -61.84 -99.45
CA GLY OB 97 66.93 -61.91 -98.04
C GLY OB 97 65.82 -62.47 -97.17
N ALA OB 98 64.58 -62.35 -97.61
CA ALA OB 98 63.43 -62.84 -96.86
C ALA OB 98 63.13 -64.30 -97.15
N THR OB 99 63.85 -64.92 -98.08
CA THR OB 99 63.67 -66.33 -98.40
C THR OB 99 64.95 -67.12 -98.17
N SER OB 100 65.91 -66.54 -97.45
CA SER OB 100 67.18 -67.19 -97.17
C SER OB 100 67.08 -68.01 -95.88
N SER OB 101 68.18 -68.67 -95.53
CA SER OB 101 68.24 -69.41 -94.28
C SER OB 101 68.15 -68.50 -93.07
N VAL OB 102 68.45 -67.20 -93.25
CA VAL OB 102 68.36 -66.26 -92.14
C VAL OB 102 66.94 -66.19 -91.61
N THR OB 103 65.96 -66.10 -92.51
CA THR OB 103 64.56 -66.07 -92.10
C THR OB 103 64.17 -67.35 -91.39
N LEU OB 104 64.60 -68.49 -91.92
CA LEU OB 104 64.26 -69.77 -91.30
C LEU OB 104 64.82 -69.87 -89.89
N ASP OB 105 66.09 -69.50 -89.70
CA ASP OB 105 66.67 -69.56 -88.37
C ASP OB 105 66.03 -68.56 -87.42
N LEU OB 106 65.69 -67.36 -87.91
CA LEU OB 106 65.01 -66.40 -87.05
C LEU OB 106 63.64 -66.91 -86.62
N ALA OB 107 62.91 -67.55 -87.53
CA ALA OB 107 61.56 -68.00 -87.21
C ALA OB 107 61.58 -69.21 -86.29
N THR OB 108 62.43 -70.19 -86.56
CA THR OB 108 62.37 -71.47 -85.85
C THR OB 108 63.35 -71.58 -84.69
N LYS OB 109 64.34 -70.70 -84.61
CA LYS OB 109 65.33 -70.77 -83.53
C LYS OB 109 65.57 -69.44 -82.86
N GLY OB 110 64.98 -68.34 -83.35
CA GLY OB 110 65.22 -67.03 -82.77
C GLY OB 110 66.64 -66.53 -82.96
N VAL OB 111 67.26 -66.83 -84.09
CA VAL OB 111 68.64 -66.41 -84.33
C VAL OB 111 68.64 -65.02 -84.95
N ILE OB 112 69.28 -64.07 -84.28
CA ILE OB 112 69.39 -62.69 -84.76
C ILE OB 112 70.81 -62.30 -85.10
N HIS OB 113 71.77 -63.23 -84.97
CA HIS OB 113 73.18 -62.99 -85.31
C HIS OB 113 73.54 -63.88 -86.49
N LEU OB 114 73.76 -63.27 -87.66
CA LEU OB 114 74.12 -64.03 -88.86
C LEU OB 114 75.65 -64.01 -89.03
N SER OB 115 76.33 -64.76 -88.20
CA SER OB 115 77.77 -64.92 -88.32
C SER OB 115 78.09 -66.10 -89.24
N ASP OB 116 79.24 -66.02 -89.92
CA ASP OB 116 80.16 -64.90 -89.98
C ASP OB 116 80.64 -64.68 -91.42
N ALA OB 117 80.36 -65.66 -92.27
CA ALA OB 117 80.81 -65.63 -93.66
C ALA OB 117 80.22 -64.44 -94.42
N LEU PB 1 79.71 -61.10 -93.97
CA LEU PB 1 78.39 -60.90 -93.38
C LEU PB 1 77.39 -60.48 -94.45
N SER PB 2 76.47 -61.38 -94.80
CA SER PB 2 75.51 -61.11 -95.86
C SER PB 2 74.13 -61.58 -95.44
N ILE PB 3 73.12 -60.86 -95.91
CA ILE PB 3 71.73 -61.27 -95.79
C ILE PB 3 71.17 -61.32 -97.20
N GLY PB 4 70.83 -62.52 -97.66
CA GLY PB 4 70.46 -62.71 -99.05
C GLY PB 4 71.63 -62.42 -99.96
N THR PB 5 71.42 -61.53 -100.94
CA THR PB 5 72.49 -61.09 -101.83
C THR PB 5 73.14 -59.80 -101.37
N LYS PB 6 72.70 -59.22 -100.27
CA LYS PB 6 73.17 -57.93 -99.80
C LYS PB 6 74.18 -58.13 -98.67
N ASN PB 7 75.39 -57.62 -98.86
CA ASN PB 7 76.37 -57.61 -97.77
C ASN PB 7 76.02 -56.51 -96.77
N VAL PB 8 76.12 -56.84 -95.49
CA VAL PB 8 75.75 -55.93 -94.41
C VAL PB 8 76.83 -55.97 -93.34
N SER PB 9 76.75 -55.01 -92.42
CA SER PB 9 77.62 -54.95 -91.25
C SER PB 9 76.77 -54.65 -90.03
N ILE PB 10 77.27 -55.06 -88.87
CA ILE PB 10 76.54 -54.81 -87.63
C ILE PB 10 76.50 -53.31 -87.37
N TYR PB 11 75.29 -52.78 -87.20
CA TYR PB 11 75.07 -51.36 -86.94
C TYR PB 11 74.69 -51.10 -85.50
N ARG PB 12 73.73 -51.86 -84.96
CA ARG PB 12 73.35 -51.73 -83.56
C ARG PB 12 73.01 -53.10 -83.03
N ASN PB 13 73.26 -53.30 -81.74
CA ASN PB 13 73.17 -54.64 -81.13
C ASN PB 13 72.55 -54.49 -79.74
N THR PB 14 71.29 -54.90 -79.61
CA THR PB 14 70.62 -55.01 -78.33
C THR PB 14 70.41 -56.49 -78.00
N ALA PB 15 69.73 -56.74 -76.87
CA ALA PB 15 69.57 -58.11 -76.41
C ALA PB 15 68.74 -58.95 -77.38
N ASP PB 16 67.62 -58.40 -77.86
CA ASP PB 16 66.72 -59.15 -78.72
C ASP PB 16 66.56 -58.55 -80.11
N GLU PB 17 67.34 -57.52 -80.45
CA GLU PB 17 67.30 -56.94 -81.78
C GLU PB 17 68.71 -56.60 -82.23
N VAL PB 18 69.02 -56.97 -83.47
CA VAL PB 18 70.28 -56.56 -84.12
C VAL PB 18 69.92 -55.87 -85.42
N ILE PB 19 70.37 -54.63 -85.56
CA ILE PB 19 70.18 -53.85 -86.78
C ILE PB 19 71.48 -53.89 -87.58
N TYR PB 20 71.39 -54.32 -88.83
CA TYR PB 20 72.51 -54.33 -89.76
C TYR PB 20 72.30 -53.25 -90.81
N ALA PB 21 73.40 -52.68 -91.28
CA ALA PB 21 73.36 -51.58 -92.25
C ALA PB 21 73.93 -52.05 -93.57
N GLY PB 22 73.27 -51.68 -94.66
CA GLY PB 22 73.77 -51.95 -95.98
C GLY PB 22 74.91 -51.04 -96.34
N PRO PB 23 75.52 -51.26 -97.51
CA PRO PB 23 76.65 -50.41 -97.91
C PRO PB 23 76.28 -48.94 -98.05
N ALA PB 24 75.05 -48.64 -98.44
CA ALA PB 24 74.62 -47.27 -98.68
C ALA PB 24 74.17 -46.55 -97.42
N HIS PB 25 73.95 -47.27 -96.32
CA HIS PB 25 73.41 -46.65 -95.12
C HIS PB 25 74.32 -45.57 -94.59
N ASP PB 26 73.73 -44.44 -94.20
CA ASP PB 26 74.48 -43.32 -93.66
C ASP PB 26 73.53 -42.49 -92.81
N VAL PB 27 73.97 -41.28 -92.45
CA VAL PB 27 73.20 -40.42 -91.56
C VAL PB 27 71.95 -39.83 -92.21
N THR PB 28 71.87 -39.83 -93.54
CA THR PB 28 70.71 -39.31 -94.24
C THR PB 28 70.01 -40.33 -95.14
N ASN PB 29 70.67 -41.41 -95.53
CA ASN PB 29 70.06 -42.48 -96.30
C ASN PB 29 69.92 -43.70 -95.40
N VAL PB 30 68.70 -44.19 -95.27
CA VAL PB 30 68.42 -45.37 -94.44
C VAL PB 30 68.45 -46.60 -95.35
N ASP PB 31 69.30 -47.57 -94.99
CA ASP PB 31 69.33 -48.87 -95.65
C ASP PB 31 69.65 -49.89 -94.55
N THR PB 32 68.60 -50.44 -93.93
CA THR PB 32 68.78 -51.26 -92.75
C THR PB 32 67.97 -52.54 -92.83
N VAL PB 33 68.54 -53.60 -92.26
CA VAL PB 33 67.86 -54.87 -92.05
C VAL PB 33 67.93 -55.18 -90.57
N SER PB 34 66.79 -55.18 -89.91
CA SER PB 34 66.71 -55.49 -88.49
C SER PB 34 66.22 -56.92 -88.31
N LEU PB 35 66.84 -57.64 -87.38
CA LEU PB 35 66.33 -58.92 -86.91
C LEU PB 35 65.95 -58.76 -85.44
N ARG PB 36 64.67 -58.92 -85.15
CA ARG PB 36 64.13 -58.77 -83.81
C ARG PB 36 63.44 -60.07 -83.40
N ARG PB 37 63.50 -60.39 -82.12
CA ARG PB 37 62.83 -61.58 -81.63
C ARG PB 37 62.09 -61.27 -80.34
N SER PB 38 60.98 -61.96 -80.15
CA SER PB 38 60.27 -62.00 -78.89
C SER PB 38 60.26 -63.44 -78.42
N LEU PB 39 60.95 -63.69 -77.32
CA LEU PB 39 61.12 -65.05 -76.82
C LEU PB 39 59.83 -65.56 -76.17
N PRO PB 40 59.59 -66.86 -76.22
CA PRO PB 40 58.35 -67.41 -75.64
C PRO PB 40 58.26 -67.15 -74.15
N VAL PB 41 57.10 -66.66 -73.72
CA VAL PB 41 56.83 -66.43 -72.31
C VAL PB 41 55.88 -67.52 -71.84
N LYS PB 42 56.35 -68.38 -70.95
CA LYS PB 42 55.56 -69.47 -70.42
C LYS PB 42 54.59 -68.86 -69.42
N LYS PB 43 53.33 -68.74 -69.82
CA LYS PB 43 52.26 -68.27 -68.94
C LYS PB 43 51.14 -69.30 -68.93
N GLY PB 44 50.64 -69.61 -67.74
CA GLY PB 44 49.60 -70.62 -67.61
C GLY PB 44 50.09 -71.96 -68.12
N SER PB 45 49.20 -72.71 -68.78
CA SER PB 45 49.57 -73.96 -69.40
C SER PB 45 50.15 -73.77 -70.80
N ASP PB 46 50.03 -72.58 -71.37
CA ASP PB 46 50.58 -72.31 -72.69
C ASP PB 46 52.08 -72.10 -72.58
N ASN PB 47 52.83 -72.80 -73.42
CA ASN PB 47 54.28 -72.72 -73.41
C ASN PB 47 54.80 -71.42 -74.03
N GLY PB 48 53.96 -70.63 -74.68
CA GLY PB 48 54.36 -69.39 -75.29
C GLY PB 48 54.55 -69.52 -76.79
N THR PB 49 54.96 -68.40 -77.38
CA THR PB 49 55.16 -68.31 -78.82
C THR PB 49 56.41 -67.51 -79.11
N MET PB 50 57.25 -68.03 -80.00
CA MET PB 50 58.42 -67.29 -80.48
C MET PB 50 57.99 -66.40 -81.65
N ARG PB 51 58.28 -65.11 -81.54
CA ARG PB 51 58.02 -64.16 -82.61
C ARG PB 51 59.34 -63.76 -83.24
N GLY PB 52 59.42 -63.87 -84.57
CA GLY PB 52 60.59 -63.43 -85.29
C GLY PB 52 60.25 -62.39 -86.34
N ASN PB 53 60.83 -61.20 -86.23
CA ASN PB 53 60.54 -60.10 -87.13
C ASN PB 53 61.79 -59.74 -87.92
N MET PB 54 61.64 -59.63 -89.24
CA MET PB 54 62.69 -59.22 -90.15
C MET PB 54 62.23 -57.94 -90.84
N ASN PB 55 62.92 -56.84 -90.56
CA ASN PB 55 62.52 -55.52 -91.01
C ASN PB 55 63.50 -55.01 -92.06
N PHE PB 56 62.98 -54.60 -93.21
CA PHE PB 56 63.76 -53.95 -94.25
C PHE PB 56 63.30 -52.50 -94.33
N ALA PB 57 64.23 -51.57 -94.15
CA ALA PB 57 63.93 -50.15 -94.21
C ALA PB 57 64.84 -49.49 -95.24
N LYS PB 58 64.24 -48.72 -96.15
CA LYS PB 58 64.98 -48.04 -97.20
C LYS PB 58 64.42 -46.65 -97.44
N SER PB 59 65.31 -45.69 -97.65
CA SER PB 59 64.91 -44.32 -97.98
C SER PB 59 64.68 -44.20 -99.49
N PHE PB 60 63.64 -43.46 -99.85
CA PHE PB 60 63.25 -43.30 -101.23
C PHE PB 60 62.90 -41.84 -101.50
N PRO PB 61 63.21 -41.34 -102.70
CA PRO PB 61 62.77 -39.99 -103.07
C PRO PB 61 61.26 -39.93 -103.21
N ASN PB 62 60.63 -39.06 -102.40
CA ASN PB 62 59.20 -38.82 -102.45
C ASN PB 62 59.04 -37.34 -102.77
N GLY PB 63 58.88 -37.04 -104.06
CA GLY PB 63 58.81 -35.68 -104.52
C GLY PB 63 60.07 -34.91 -104.16
N ASP PB 64 59.94 -33.97 -103.23
CA ASP PB 64 61.08 -33.19 -102.76
C ASP PB 64 61.72 -33.78 -101.52
N LYS PB 65 60.99 -34.59 -100.76
CA LYS PB 65 61.46 -35.11 -99.49
C LYS PB 65 61.90 -36.56 -99.64
N LYS PB 66 62.26 -37.20 -98.53
CA LYS PB 66 62.57 -38.62 -98.51
C LYS PB 66 61.57 -39.34 -97.63
N SER PB 67 61.11 -40.50 -98.10
CA SER PB 67 60.15 -41.32 -97.38
C SER PB 67 60.78 -42.67 -97.06
N LEU PB 68 60.33 -43.28 -95.97
CA LEU PB 68 60.84 -44.56 -95.53
C LEU PB 68 59.90 -45.67 -95.96
N VAL PB 69 60.40 -46.57 -96.80
CA VAL PB 69 59.66 -47.76 -97.20
C VAL PB 69 60.11 -48.92 -96.32
N VAL PB 70 59.15 -49.60 -95.70
CA VAL PB 70 59.41 -50.64 -94.73
C VAL PB 70 58.69 -51.91 -95.15
N VAL PB 71 59.40 -53.04 -95.11
CA VAL PB 71 58.83 -54.36 -95.37
C VAL PB 71 59.10 -55.22 -94.14
N ASN PB 72 58.05 -55.76 -93.55
CA ASN PB 72 58.17 -56.60 -92.38
C ASN PB 72 57.80 -58.04 -92.71
N LEU PB 73 58.64 -58.97 -92.28
CA LEU PB 73 58.36 -60.41 -92.36
C LEU PB 73 58.34 -60.95 -90.93
N THR PB 74 57.15 -61.30 -90.44
CA THR PB 74 56.98 -61.73 -89.07
C THR PB 74 56.45 -63.16 -89.04
N ALA PB 75 57.06 -63.99 -88.20
CA ALA PB 75 56.64 -65.37 -88.00
C ALA PB 75 56.31 -65.60 -86.53
N HIS PB 76 55.19 -66.28 -86.28
CA HIS PB 76 54.75 -66.64 -84.93
C HIS PB 76 54.73 -68.16 -84.85
N VAL PB 77 55.66 -68.73 -84.09
CA VAL PB 77 55.79 -70.18 -83.97
C VAL PB 77 55.51 -70.57 -82.52
N PRO PB 78 54.44 -71.31 -82.24
CA PRO PB 78 54.20 -71.76 -80.86
C PRO PB 78 55.20 -72.81 -80.42
N VAL PB 79 55.52 -72.80 -79.14
CA VAL PB 79 56.44 -73.78 -78.59
C VAL PB 79 55.79 -75.16 -78.59
N GLY PB 80 56.56 -76.17 -79.00
CA GLY PB 80 56.09 -77.54 -79.07
C GLY PB 80 55.94 -78.05 -80.48
N VAL PB 81 55.90 -77.17 -81.46
CA VAL PB 81 55.79 -77.56 -82.86
C VAL PB 81 57.16 -78.02 -83.35
N ASP PB 82 57.16 -78.98 -84.27
CA ASP PB 82 58.41 -79.44 -84.87
C ASP PB 82 58.99 -78.36 -85.76
N ALA PB 83 60.28 -78.05 -85.55
CA ALA PB 83 60.91 -76.97 -86.30
C ALA PB 83 61.17 -77.37 -87.75
N THR PB 84 61.51 -78.64 -87.99
CA THR PB 84 61.77 -79.10 -89.35
C THR PB 84 60.51 -78.99 -90.22
N ALA PB 85 59.36 -79.37 -89.68
CA ALA PB 85 58.12 -79.26 -90.42
C ALA PB 85 57.80 -77.81 -90.77
N VAL PB 86 58.00 -76.89 -89.81
CA VAL PB 86 57.74 -75.48 -90.07
C VAL PB 86 58.70 -74.94 -91.11
N ARG PB 87 59.97 -75.33 -91.05
CA ARG PB 87 60.93 -74.88 -92.06
C ARG PB 87 60.56 -75.40 -93.44
N THR PB 88 60.14 -76.66 -93.53
CA THR PB 88 59.73 -77.22 -94.82
C THR PB 88 58.51 -76.49 -95.36
N TRP PB 89 57.52 -76.21 -94.51
CA TRP PB 89 56.34 -75.48 -94.95
C TRP PB 89 56.71 -74.07 -95.42
N MET PB 90 57.58 -73.39 -94.69
CA MET PB 90 57.99 -72.05 -95.08
C MET PB 90 58.77 -72.05 -96.40
N THR PB 91 59.61 -73.06 -96.61
CA THR PB 91 60.38 -73.12 -97.85
C THR PB 91 59.50 -73.46 -99.04
N SER PB 92 58.61 -74.43 -98.90
CA SER PB 92 57.84 -74.91 -100.04
C SER PB 92 56.57 -74.12 -100.30
N GLU PB 93 55.99 -73.49 -99.29
CA GLU PB 93 54.69 -72.84 -99.45
C GLU PB 93 54.70 -71.35 -99.18
N VAL PB 94 55.42 -70.89 -98.15
CA VAL PB 94 55.39 -69.47 -97.80
C VAL PB 94 56.30 -68.67 -98.72
N PHE PB 95 57.55 -69.13 -98.89
CA PHE PB 95 58.52 -68.37 -99.67
C PHE PB 95 58.12 -68.17 -101.12
N PRO PB 96 57.67 -69.19 -101.87
CA PRO PB 96 57.28 -68.93 -103.27
C PRO PB 96 56.15 -67.92 -103.41
N GLY PB 97 55.18 -67.92 -102.48
CA GLY PB 97 54.08 -66.99 -102.58
C GLY PB 97 54.41 -65.60 -102.09
N ALA PB 98 55.33 -65.49 -101.12
CA ALA PB 98 55.67 -64.19 -100.56
C ALA PB 98 56.52 -63.36 -101.52
N THR PB 99 57.23 -64.00 -102.45
CA THR PB 99 58.08 -63.31 -103.40
C THR PB 99 57.51 -63.39 -104.82
N SER PB 100 56.20 -63.40 -104.95
CA SER PB 100 55.53 -63.48 -106.24
C SER PB 100 55.11 -62.08 -106.69
N SER PB 101 54.51 -62.01 -107.88
CA SER PB 101 53.93 -60.77 -108.34
C SER PB 101 52.73 -60.34 -107.50
N VAL PB 102 52.16 -61.26 -106.73
CA VAL PB 102 51.05 -60.93 -105.85
C VAL PB 102 51.49 -59.93 -104.80
N THR PB 103 52.69 -60.13 -104.22
CA THR PB 103 53.19 -59.21 -103.21
C THR PB 103 53.39 -57.81 -103.79
N LEU PB 104 54.00 -57.73 -104.96
CA LEU PB 104 54.24 -56.43 -105.59
C LEU PB 104 52.91 -55.74 -105.94
N ASP PB 105 51.95 -56.50 -106.47
CA ASP PB 105 50.67 -55.92 -106.83
C ASP PB 105 49.92 -55.43 -105.60
N LEU PB 106 49.97 -56.20 -104.51
CA LEU PB 106 49.35 -55.75 -103.27
C LEU PB 106 50.02 -54.50 -102.72
N ALA PB 107 51.35 -54.44 -102.82
CA ALA PB 107 52.08 -53.29 -102.29
C ALA PB 107 51.79 -52.02 -103.07
N THR PB 108 51.86 -52.08 -104.40
CA THR PB 108 51.81 -50.87 -105.22
C THR PB 108 50.46 -50.63 -105.87
N LYS PB 109 49.47 -51.50 -105.67
CA LYS PB 109 48.15 -51.29 -106.25
C LYS PB 109 47.00 -51.61 -105.33
N GLY PB 110 47.23 -52.20 -104.16
CA GLY PB 110 46.14 -52.63 -103.32
C GLY PB 110 45.30 -53.74 -103.90
N VAL PB 111 45.92 -54.65 -104.64
CA VAL PB 111 45.19 -55.75 -105.27
C VAL PB 111 45.07 -56.89 -104.28
N ILE PB 112 43.84 -57.19 -103.86
CA ILE PB 112 43.57 -58.31 -102.96
C ILE PB 112 42.77 -59.41 -103.63
N HIS PB 113 42.20 -59.16 -104.81
CA HIS PB 113 41.46 -60.17 -105.55
C HIS PB 113 42.38 -60.76 -106.62
N LEU PB 114 42.57 -62.07 -106.56
CA LEU PB 114 43.48 -62.76 -107.46
C LEU PB 114 42.75 -63.15 -108.74
N SER PB 115 43.50 -63.29 -109.82
CA SER PB 115 42.97 -63.69 -111.11
C SER PB 115 44.08 -64.27 -111.97
N ASP PB 116 43.71 -65.18 -112.88
CA ASP PB 116 42.40 -65.82 -113.01
C ASP PB 116 42.59 -67.31 -113.30
N ALA PB 117 43.80 -67.68 -113.66
CA ALA PB 117 44.10 -69.06 -114.05
C ALA PB 117 44.89 -69.77 -112.96
N LEU QB 1 106.24 -21.48 -84.92
CA LEU QB 1 105.19 -22.12 -84.12
C LEU QB 1 104.49 -23.20 -84.94
N SER QB 2 104.70 -24.46 -84.55
CA SER QB 2 104.14 -25.59 -85.27
C SER QB 2 103.46 -26.55 -84.31
N ILE QB 3 102.28 -27.03 -84.69
CA ILE QB 3 101.60 -28.12 -84.00
C ILE QB 3 101.41 -29.21 -85.06
N GLY QB 4 102.36 -30.13 -85.12
CA GLY QB 4 102.38 -31.11 -86.20
C GLY QB 4 103.03 -30.54 -87.44
N THR QB 5 102.30 -30.51 -88.55
CA THR QB 5 102.76 -29.86 -89.77
C THR QB 5 102.10 -28.52 -90.00
N LYS QB 6 101.33 -28.02 -89.04
CA LYS QB 6 100.57 -26.78 -89.20
C LYS QB 6 101.33 -25.62 -88.57
N ASN QB 7 101.45 -24.53 -89.32
CA ASN QB 7 102.03 -23.30 -88.80
C ASN QB 7 100.91 -22.46 -88.17
N VAL QB 8 101.02 -22.22 -86.86
CA VAL QB 8 100.00 -21.50 -86.12
C VAL QB 8 100.63 -20.25 -85.50
N SER QB 9 99.76 -19.38 -85.00
CA SER QB 9 100.18 -18.19 -84.28
C SER QB 9 99.31 -18.03 -83.05
N ILE QB 10 99.87 -17.38 -82.02
CA ILE QB 10 99.11 -17.14 -80.80
C ILE QB 10 97.93 -16.23 -81.11
N TYR QB 11 96.73 -16.70 -80.80
CA TYR QB 11 95.50 -15.96 -81.03
C TYR QB 11 94.82 -15.54 -79.74
N ARG QB 12 94.84 -16.38 -78.72
CA ARG QB 12 94.27 -16.01 -77.43
C ARG QB 12 95.12 -16.64 -76.34
N ASN QB 13 95.45 -15.85 -75.32
CA ASN QB 13 96.32 -16.31 -74.25
C ASN QB 13 95.61 -16.11 -72.92
N THR QB 14 95.34 -17.21 -72.23
CA THR QB 14 94.65 -17.25 -70.95
C THR QB 14 95.50 -18.07 -69.98
N ALA QB 15 95.27 -17.85 -68.68
CA ALA QB 15 96.07 -18.51 -67.65
C ALA QB 15 96.11 -20.02 -67.83
N ASP QB 16 95.01 -20.63 -68.28
CA ASP QB 16 94.94 -22.08 -68.40
C ASP QB 16 94.52 -22.53 -69.80
N GLU QB 17 94.58 -21.65 -70.80
CA GLU QB 17 94.19 -22.01 -72.15
C GLU QB 17 94.88 -21.08 -73.13
N VAL QB 18 95.49 -21.65 -74.16
CA VAL QB 18 96.06 -20.87 -75.25
C VAL QB 18 95.46 -21.38 -76.55
N ILE QB 19 94.83 -20.48 -77.30
CA ILE QB 19 94.24 -20.80 -78.59
C ILE QB 19 95.17 -20.28 -79.68
N TYR QB 20 95.60 -21.17 -80.56
CA TYR QB 20 96.41 -20.85 -81.72
C TYR QB 20 95.55 -20.93 -82.97
N ALA QB 21 95.77 -20.01 -83.89
CA ALA QB 21 95.00 -19.93 -85.12
C ALA QB 21 95.84 -20.41 -86.30
N GLY QB 22 95.22 -21.17 -87.19
CA GLY QB 22 95.88 -21.64 -88.38
C GLY QB 22 95.84 -20.61 -89.49
N PRO QB 23 96.40 -20.96 -90.65
CA PRO QB 23 96.42 -20.00 -91.77
C PRO QB 23 95.03 -19.60 -92.26
N ALA QB 24 94.04 -20.47 -92.11
CA ALA QB 24 92.70 -20.24 -92.64
C ALA QB 24 91.74 -19.67 -91.60
N HIS QB 25 92.25 -19.24 -90.44
CA HIS QB 25 91.40 -18.68 -89.40
C HIS QB 25 91.25 -17.18 -89.59
N ASP QB 26 90.02 -16.70 -89.42
CA ASP QB 26 89.69 -15.29 -89.54
C ASP QB 26 88.40 -15.03 -88.77
N VAL QB 27 87.77 -13.88 -89.00
CA VAL QB 27 86.55 -13.51 -88.30
C VAL QB 27 85.38 -14.44 -88.65
N THR QB 28 85.26 -14.86 -89.90
CA THR QB 28 84.13 -15.67 -90.34
C THR QB 28 84.41 -17.15 -90.45
N ASN QB 29 85.67 -17.58 -90.38
CA ASN QB 29 86.02 -18.99 -90.49
C ASN QB 29 86.83 -19.41 -89.26
N VAL QB 30 86.67 -20.67 -88.87
CA VAL QB 30 87.33 -21.21 -87.69
C VAL QB 30 88.37 -22.22 -88.13
N ASP QB 31 89.63 -21.98 -87.75
CA ASP QB 31 90.71 -22.94 -87.91
C ASP QB 31 91.62 -22.77 -86.69
N THR QB 32 91.34 -23.53 -85.63
CA THR QB 32 92.00 -23.29 -84.35
C THR QB 32 92.44 -24.58 -83.70
N VAL QB 33 93.54 -24.50 -82.95
CA VAL QB 33 93.99 -25.55 -82.05
C VAL QB 33 94.16 -24.92 -80.67
N SER QB 34 93.41 -25.42 -79.70
CA SER QB 34 93.41 -24.88 -78.35
C SER QB 34 94.07 -25.87 -77.40
N LEU QB 35 95.04 -25.40 -76.63
CA LEU QB 35 95.64 -26.19 -75.56
C LEU QB 35 95.05 -25.71 -74.23
N ARG QB 36 94.49 -26.64 -73.48
CA ARG QB 36 93.86 -26.35 -72.19
C ARG QB 36 94.44 -27.28 -71.14
N ARG QB 37 94.48 -26.78 -69.91
CA ARG QB 37 95.05 -27.58 -68.82
C ARG QB 37 94.27 -27.35 -67.55
N SER QB 38 94.25 -28.38 -66.71
CA SER QB 38 93.74 -28.30 -65.35
C SER QB 38 94.83 -28.88 -64.45
N LEU QB 39 95.47 -28.01 -63.68
CA LEU QB 39 96.60 -28.39 -62.86
C LEU QB 39 96.15 -29.18 -61.64
N PRO QB 40 97.01 -30.03 -61.10
CA PRO QB 40 96.63 -30.84 -59.93
C PRO QB 40 96.25 -29.96 -58.75
N VAL QB 41 95.23 -30.40 -58.02
CA VAL QB 41 94.79 -29.76 -56.80
C VAL QB 41 95.02 -30.75 -55.67
N LYS QB 42 95.89 -30.38 -54.72
CA LYS QB 42 96.25 -31.27 -53.62
C LYS QB 42 95.11 -31.23 -52.60
N LYS QB 43 94.07 -32.00 -52.92
CA LYS QB 43 92.87 -32.05 -52.10
C LYS QB 43 92.99 -33.21 -51.11
N GLY QB 44 92.97 -32.89 -49.82
CA GLY QB 44 93.11 -33.91 -48.80
C GLY QB 44 94.45 -34.62 -48.94
N SER QB 45 94.41 -35.95 -48.94
CA SER QB 45 95.62 -36.75 -49.14
C SER QB 45 95.90 -37.03 -50.61
N ASP QB 46 94.90 -36.95 -51.48
CA ASP QB 46 95.12 -37.14 -52.91
C ASP QB 46 95.92 -35.98 -53.46
N ASN QB 47 96.97 -36.29 -54.21
CA ASN QB 47 97.80 -35.27 -54.85
C ASN QB 47 97.13 -34.63 -56.06
N GLY QB 48 96.00 -35.16 -56.50
CA GLY QB 48 95.28 -34.58 -57.61
C GLY QB 48 95.57 -35.28 -58.92
N THR QB 49 95.04 -34.66 -59.98
CA THR QB 49 95.19 -35.18 -61.34
C THR QB 49 95.51 -34.04 -62.28
N MET QB 50 96.45 -34.26 -63.19
CA MET QB 50 96.76 -33.31 -64.24
C MET QB 50 95.92 -33.64 -65.46
N ARG QB 51 95.13 -32.68 -65.92
CA ARG QB 51 94.28 -32.86 -67.08
C ARG QB 51 94.79 -32.01 -68.23
N GLY QB 52 95.03 -32.62 -69.36
CA GLY QB 52 95.45 -31.91 -70.57
C GLY QB 52 94.40 -32.10 -71.66
N ASN QB 53 94.15 -31.04 -72.42
CA ASN QB 53 93.16 -31.10 -73.49
C ASN QB 53 93.71 -30.40 -74.71
N MET QB 54 93.61 -31.05 -75.86
CA MET QB 54 93.94 -30.45 -77.15
C MET QB 54 92.69 -30.49 -78.01
N ASN QB 55 92.25 -29.31 -78.46
CA ASN QB 55 91.02 -29.15 -79.20
C ASN QB 55 91.33 -28.67 -80.61
N PHE QB 56 90.75 -29.33 -81.61
CA PHE QB 56 90.87 -28.94 -83.01
C PHE QB 56 89.50 -28.50 -83.48
N ALA QB 57 89.41 -27.30 -84.04
CA ALA QB 57 88.14 -26.78 -84.52
C ALA QB 57 88.32 -26.27 -85.94
N LYS QB 58 87.43 -26.70 -86.84
CA LYS QB 58 87.48 -26.25 -88.22
C LYS QB 58 86.06 -26.01 -88.73
N SER QB 59 85.93 -25.04 -89.64
CA SER QB 59 84.66 -24.78 -90.30
C SER QB 59 84.59 -25.54 -91.61
N PHE QB 60 83.40 -26.05 -91.92
CA PHE QB 60 83.18 -26.86 -93.10
C PHE QB 60 81.87 -26.44 -93.76
N PRO QB 61 81.78 -26.50 -95.08
CA PRO QB 61 80.50 -26.25 -95.75
C PRO QB 61 79.47 -27.30 -95.35
N ASN QB 62 78.28 -26.82 -94.95
CA ASN QB 62 77.17 -27.68 -94.56
C ASN QB 62 75.95 -27.16 -95.31
N GLY QB 63 75.71 -27.71 -96.50
CA GLY QB 63 74.64 -27.24 -97.35
C GLY QB 63 74.79 -25.76 -97.66
N ASP QB 64 73.94 -24.94 -97.06
CA ASP QB 64 74.03 -23.50 -97.24
C ASP QB 64 74.98 -22.87 -96.21
N LYS QB 65 74.94 -23.34 -94.97
CA LYS QB 65 75.67 -22.69 -93.89
C LYS QB 65 77.05 -23.31 -93.71
N LYS QB 66 77.71 -22.97 -92.60
CA LYS QB 66 79.01 -23.53 -92.25
C LYS QB 66 78.92 -24.15 -90.87
N SER QB 67 79.29 -25.42 -90.76
CA SER QB 67 79.24 -26.15 -89.51
C SER QB 67 80.64 -26.33 -88.93
N LEU QB 68 80.70 -26.53 -87.62
CA LEU QB 68 81.97 -26.63 -86.90
C LEU QB 68 82.24 -28.08 -86.57
N VAL QB 69 83.37 -28.59 -87.04
CA VAL QB 69 83.85 -29.93 -86.70
C VAL QB 69 84.93 -29.78 -85.65
N VAL QB 70 84.79 -30.52 -84.55
CA VAL QB 70 85.67 -30.42 -83.40
C VAL QB 70 86.20 -31.81 -83.06
N VAL QB 71 87.51 -31.91 -82.86
CA VAL QB 71 88.15 -33.13 -82.41
C VAL QB 71 88.83 -32.83 -81.07
N ASN QB 72 88.50 -33.60 -80.05
CA ASN QB 72 89.04 -33.41 -78.72
C ASN QB 72 90.00 -34.54 -78.38
N LEU QB 73 91.05 -34.19 -77.64
CA LEU QB 73 92.02 -35.17 -77.16
C LEU QB 73 92.35 -34.82 -75.71
N THR QB 74 91.84 -35.61 -74.76
CA THR QB 74 91.98 -35.31 -73.35
C THR QB 74 92.72 -36.44 -72.65
N ALA QB 75 93.69 -36.07 -71.83
CA ALA QB 75 94.46 -37.01 -71.03
C ALA QB 75 94.36 -36.66 -69.56
N HIS QB 76 94.12 -37.68 -68.74
CA HIS QB 76 94.05 -37.54 -67.28
C HIS QB 76 95.18 -38.35 -66.67
N VAL QB 77 96.15 -37.68 -66.07
CA VAL QB 77 97.30 -38.36 -65.47
C VAL QB 77 97.32 -38.09 -63.97
N PRO QB 78 97.11 -39.10 -63.13
CA PRO QB 78 97.18 -38.88 -61.68
C PRO QB 78 98.60 -38.54 -61.25
N VAL QB 79 98.69 -37.69 -60.22
CA VAL QB 79 99.99 -37.27 -59.72
C VAL QB 79 100.65 -38.42 -58.98
N GLY QB 80 101.94 -38.65 -59.27
CA GLY QB 80 102.71 -39.74 -58.70
C GLY QB 80 103.00 -40.85 -59.69
N VAL QB 81 102.17 -40.97 -60.73
CA VAL QB 81 102.44 -41.95 -61.78
C VAL QB 81 103.70 -41.53 -62.53
N ASP QB 82 104.55 -42.50 -62.81
CA ASP QB 82 105.79 -42.22 -63.54
C ASP QB 82 105.48 -41.68 -64.93
N ALA QB 83 106.08 -40.53 -65.25
CA ALA QB 83 105.75 -39.85 -66.50
C ALA QB 83 106.29 -40.59 -67.71
N THR QB 84 107.48 -41.19 -67.59
CA THR QB 84 108.08 -41.89 -68.73
C THR QB 84 107.24 -43.08 -69.16
N ALA QB 85 106.69 -43.82 -68.20
CA ALA QB 85 105.82 -44.95 -68.52
C ALA QB 85 104.58 -44.48 -69.26
N VAL QB 86 103.96 -43.39 -68.80
CA VAL QB 86 102.78 -42.86 -69.48
C VAL QB 86 103.13 -42.42 -70.89
N ARG QB 87 104.29 -41.77 -71.06
CA ARG QB 87 104.67 -41.27 -72.38
C ARG QB 87 104.94 -42.41 -73.34
N THR QB 88 105.62 -43.46 -72.89
CA THR QB 88 105.86 -44.59 -73.81
C THR QB 88 104.57 -45.36 -74.07
N TRP QB 89 103.65 -45.42 -73.10
CA TRP QB 89 102.35 -46.02 -73.35
C TRP QB 89 101.58 -45.26 -74.41
N MET QB 90 101.57 -43.93 -74.33
CA MET QB 90 100.90 -43.11 -75.32
C MET QB 90 101.55 -43.26 -76.69
N THR QB 91 102.88 -43.24 -76.73
CA THR QB 91 103.59 -43.32 -78.01
C THR QB 91 103.37 -44.66 -78.69
N SER QB 92 103.37 -45.75 -77.92
CA SER QB 92 103.32 -47.09 -78.49
C SER QB 92 101.91 -47.68 -78.56
N GLU QB 93 101.04 -47.36 -77.60
CA GLU QB 93 99.75 -48.01 -77.49
C GLU QB 93 98.56 -47.10 -77.81
N VAL QB 94 98.67 -45.80 -77.52
CA VAL QB 94 97.53 -44.92 -77.70
C VAL QB 94 97.56 -44.25 -79.06
N PHE QB 95 98.70 -43.66 -79.42
CA PHE QB 95 98.83 -42.89 -80.66
C PHE QB 95 98.62 -43.74 -81.92
N PRO QB 96 99.25 -44.91 -82.06
CA PRO QB 96 99.02 -45.70 -83.29
C PRO QB 96 97.56 -46.11 -83.46
N GLY QB 97 96.84 -46.42 -82.38
CA GLY QB 97 95.45 -46.78 -82.51
C GLY QB 97 94.51 -45.61 -82.65
N ALA QB 98 94.92 -44.43 -82.15
CA ALA QB 98 94.08 -43.25 -82.20
C ALA QB 98 94.11 -42.55 -83.55
N THR QB 99 95.04 -42.91 -84.44
CA THR QB 99 95.17 -42.28 -85.74
C THR QB 99 94.93 -43.26 -86.88
N SER QB 100 94.28 -44.38 -86.61
CA SER QB 100 94.04 -45.40 -87.61
C SER QB 100 92.72 -45.14 -88.31
N SER QB 101 92.30 -46.07 -89.17
CA SER QB 101 91.01 -45.96 -89.83
C SER QB 101 89.84 -46.16 -88.88
N VAL QB 102 90.10 -46.76 -87.71
CA VAL QB 102 89.04 -46.93 -86.72
C VAL QB 102 88.51 -45.58 -86.26
N THR QB 103 89.42 -44.63 -86.01
CA THR QB 103 89.00 -43.30 -85.61
C THR QB 103 88.18 -42.62 -86.70
N LEU QB 104 88.59 -42.77 -87.96
CA LEU QB 104 87.84 -42.16 -89.06
C LEU QB 104 86.45 -42.75 -89.18
N ASP QB 105 86.33 -44.08 -89.10
CA ASP QB 105 85.01 -44.71 -89.18
C ASP QB 105 84.14 -44.32 -88.01
N LEU QB 106 84.71 -44.25 -86.80
CA LEU QB 106 83.95 -43.85 -85.63
C LEU QB 106 83.48 -42.40 -85.72
N ALA QB 107 84.32 -41.52 -86.27
CA ALA QB 107 83.96 -40.11 -86.37
C ALA QB 107 82.92 -39.86 -87.46
N THR QB 108 83.04 -40.54 -88.60
CA THR QB 108 82.15 -40.25 -89.72
C THR QB 108 80.92 -41.13 -89.75
N LYS QB 109 81.01 -42.37 -89.27
CA LYS QB 109 79.88 -43.30 -89.35
C LYS QB 109 79.49 -43.92 -88.01
N GLY QB 110 80.24 -43.67 -86.95
CA GLY QB 110 79.92 -44.26 -85.66
C GLY QB 110 80.16 -45.75 -85.56
N VAL QB 111 81.16 -46.27 -86.25
CA VAL QB 111 81.44 -47.70 -86.26
C VAL QB 111 82.17 -48.06 -84.98
N ILE QB 112 81.56 -48.93 -84.17
CA ILE QB 112 82.14 -49.36 -82.90
C ILE QB 112 82.55 -50.83 -82.91
N HIS QB 113 82.32 -51.53 -84.02
CA HIS QB 113 82.71 -52.94 -84.16
C HIS QB 113 83.79 -53.02 -85.24
N LEU QB 114 85.04 -53.26 -84.83
CA LEU QB 114 86.16 -53.26 -85.77
C LEU QB 114 86.49 -54.69 -86.19
N SER QB 115 85.53 -55.33 -86.84
CA SER QB 115 85.71 -56.69 -87.34
C SER QB 115 86.58 -56.68 -88.60
N ASP QB 116 87.39 -57.73 -88.74
CA ASP QB 116 87.62 -58.79 -87.76
C ASP QB 116 89.10 -59.08 -87.61
N ALA QB 117 89.87 -58.74 -88.65
CA ALA QB 117 91.31 -59.01 -88.67
C ALA QB 117 92.06 -58.05 -87.76
N LEU RB 1 -113.85 -68.09 -35.55
CA LEU RB 1 -113.20 -66.81 -35.84
C LEU RB 1 -113.16 -66.53 -37.33
N SER RB 2 -113.72 -65.38 -37.73
CA SER RB 2 -113.77 -65.00 -39.12
C SER RB 2 -113.49 -63.51 -39.25
N ILE RB 3 -112.87 -63.13 -40.37
CA ILE RB 3 -112.62 -61.74 -40.72
C ILE RB 3 -113.18 -61.55 -42.12
N GLY RB 4 -114.39 -61.00 -42.21
CA GLY RB 4 -115.09 -60.99 -43.47
C GLY RB 4 -115.56 -62.40 -43.82
N THR RB 5 -115.03 -62.96 -44.90
CA THR RB 5 -115.37 -64.32 -45.32
C THR RB 5 -114.23 -65.30 -45.09
N LYS RB 6 -113.16 -64.89 -44.41
CA LYS RB 6 -111.99 -65.73 -44.20
C LYS RB 6 -111.94 -66.22 -42.76
N ASN RB 7 -111.79 -67.53 -42.60
CA ASN RB 7 -111.60 -68.14 -41.28
C ASN RB 7 -110.15 -67.95 -40.84
N VAL RB 8 -109.97 -67.48 -39.60
CA VAL RB 8 -108.65 -67.24 -39.05
C VAL RB 8 -108.56 -67.90 -37.68
N SER RB 9 -107.34 -67.94 -37.15
CA SER RB 9 -107.08 -68.50 -35.83
C SER RB 9 -106.13 -67.58 -35.09
N ILE RB 10 -106.25 -67.56 -33.77
CA ILE RB 10 -105.30 -66.83 -32.93
C ILE RB 10 -103.89 -67.35 -33.21
N TYR RB 11 -102.98 -66.45 -33.53
CA TYR RB 11 -101.59 -66.79 -33.80
C TYR RB 11 -100.60 -66.13 -32.87
N ARG RB 12 -100.70 -64.82 -32.68
CA ARG RB 12 -99.84 -64.11 -31.75
C ARG RB 12 -100.66 -63.10 -30.97
N ASN RB 13 -100.41 -63.03 -29.66
CA ASN RB 13 -101.17 -62.14 -28.77
C ASN RB 13 -100.19 -61.26 -28.02
N THR RB 14 -100.41 -59.95 -28.10
CA THR RB 14 -99.68 -58.99 -27.26
C THR RB 14 -100.68 -58.08 -26.57
N ALA RB 15 -100.18 -57.09 -25.81
CA ALA RB 15 -101.07 -56.23 -25.05
C ALA RB 15 -101.97 -55.40 -25.96
N ASP RB 16 -101.41 -54.85 -27.05
CA ASP RB 16 -102.16 -53.97 -27.93
C ASP RB 16 -102.19 -54.44 -29.37
N GLU RB 17 -101.76 -55.67 -29.65
CA GLU RB 17 -101.77 -56.18 -31.01
C GLU RB 17 -102.05 -57.66 -31.00
N VAL RB 18 -102.93 -58.10 -31.90
CA VAL RB 18 -103.25 -59.51 -32.09
C VAL RB 18 -103.08 -59.86 -33.55
N ILE RB 19 -102.29 -60.89 -33.84
CA ILE RB 19 -102.10 -61.40 -35.19
C ILE RB 19 -102.85 -62.70 -35.34
N TYR RB 20 -103.72 -62.78 -36.35
CA TYR RB 20 -104.43 -63.99 -36.73
C TYR RB 20 -103.85 -64.54 -38.02
N ALA RB 21 -103.82 -65.86 -38.14
CA ALA RB 21 -103.25 -66.55 -39.28
C ALA RB 21 -104.36 -67.11 -40.15
N GLY RB 22 -104.22 -66.96 -41.46
CA GLY RB 22 -105.16 -67.52 -42.40
C GLY RB 22 -104.87 -68.99 -42.67
N PRO RB 23 -105.73 -69.62 -43.48
CA PRO RB 23 -105.55 -71.06 -43.75
C PRO RB 23 -104.27 -71.39 -44.49
N ALA RB 24 -103.64 -70.43 -45.17
CA ALA RB 24 -102.45 -70.67 -45.97
C ALA RB 24 -101.17 -70.26 -45.26
N HIS RB 25 -101.24 -69.89 -43.99
CA HIS RB 25 -100.05 -69.45 -43.27
C HIS RB 25 -99.26 -70.64 -42.74
N ASP RB 26 -97.97 -70.67 -43.06
CA ASP RB 26 -97.06 -71.66 -42.53
C ASP RB 26 -95.66 -71.05 -42.48
N VAL RB 27 -94.64 -71.89 -42.35
CA VAL RB 27 -93.26 -71.45 -42.25
C VAL RB 27 -92.81 -70.80 -43.54
N THR RB 28 -93.42 -71.18 -44.67
CA THR RB 28 -92.99 -70.71 -45.97
C THR RB 28 -93.87 -69.62 -46.56
N ASN RB 29 -95.18 -69.62 -46.27
CA ASN RB 29 -96.11 -68.68 -46.86
C ASN RB 29 -96.75 -67.83 -45.78
N VAL RB 30 -96.87 -66.54 -46.04
CA VAL RB 30 -97.48 -65.60 -45.11
C VAL RB 30 -98.94 -65.36 -45.52
N ASP RB 31 -99.85 -65.50 -44.56
CA ASP RB 31 -101.25 -65.14 -44.74
C ASP RB 31 -101.75 -64.71 -43.36
N THR RB 32 -101.68 -63.40 -43.09
CA THR RB 32 -101.96 -62.91 -41.75
C THR RB 32 -102.82 -61.66 -41.79
N VAL RB 33 -103.63 -61.49 -40.74
CA VAL RB 33 -104.37 -60.27 -40.49
C VAL RB 33 -104.08 -59.84 -39.06
N SER RB 34 -103.62 -58.62 -38.88
CA SER RB 34 -103.23 -58.09 -37.58
C SER RB 34 -104.14 -56.94 -37.19
N LEU RB 35 -104.58 -56.94 -35.93
CA LEU RB 35 -105.37 -55.87 -35.35
C LEU RB 35 -104.53 -55.20 -34.27
N ARG RB 36 -104.29 -53.90 -34.43
CA ARG RB 36 -103.47 -53.15 -33.49
C ARG RB 36 -104.24 -51.93 -33.02
N ARG RB 37 -104.04 -51.56 -31.76
CA ARG RB 37 -104.69 -50.39 -31.19
C ARG RB 37 -103.66 -49.52 -30.49
N SER RB 38 -103.88 -48.22 -30.60
CA SER RB 38 -103.16 -47.20 -29.84
C SER RB 38 -104.22 -46.43 -29.08
N LEU RB 39 -104.33 -46.73 -27.79
CA LEU RB 39 -105.35 -46.12 -26.95
C LEU RB 39 -105.01 -44.65 -26.69
N PRO RB 40 -106.00 -43.80 -26.53
CA PRO RB 40 -105.74 -42.38 -26.30
C PRO RB 40 -105.00 -42.16 -24.99
N VAL RB 41 -104.09 -41.19 -25.00
CA VAL RB 41 -103.44 -40.71 -23.79
C VAL RB 41 -103.90 -39.27 -23.59
N LYS RB 42 -104.54 -39.01 -22.46
CA LYS RB 42 -105.17 -37.72 -22.21
C LYS RB 42 -104.20 -36.82 -21.46
N LYS RB 43 -103.10 -36.49 -22.15
CA LYS RB 43 -102.09 -35.61 -21.62
C LYS RB 43 -102.59 -34.17 -21.60
N GLY RB 44 -102.17 -33.42 -20.60
CA GLY RB 44 -102.58 -32.03 -20.43
C GLY RB 44 -104.08 -31.86 -20.47
N SER RB 45 -104.57 -31.11 -21.46
CA SER RB 45 -106.00 -30.92 -21.67
C SER RB 45 -106.55 -31.72 -22.84
N ASP RB 46 -105.72 -32.07 -23.81
CA ASP RB 46 -106.19 -32.85 -24.95
C ASP RB 46 -106.47 -34.28 -24.53
N ASN RB 47 -107.61 -34.81 -24.96
CA ASN RB 47 -108.01 -36.17 -24.61
C ASN RB 47 -107.37 -37.22 -25.51
N GLY RB 48 -106.57 -36.82 -26.49
CA GLY RB 48 -105.85 -37.76 -27.31
C GLY RB 48 -106.68 -38.35 -28.43
N THR RB 49 -106.06 -39.27 -29.15
CA THR RB 49 -106.65 -39.90 -30.33
C THR RB 49 -106.57 -41.41 -30.19
N MET RB 50 -107.63 -42.10 -30.58
CA MET RB 50 -107.62 -43.55 -30.66
C MET RB 50 -107.23 -43.97 -32.07
N ARG RB 51 -106.23 -44.83 -32.19
CA ARG RB 51 -105.71 -45.25 -33.48
C ARG RB 51 -105.94 -46.74 -33.67
N GLY RB 52 -106.76 -47.10 -34.65
CA GLY RB 52 -107.01 -48.50 -34.94
C GLY RB 52 -106.43 -48.93 -36.27
N ASN RB 53 -105.53 -49.91 -36.25
CA ASN RB 53 -104.82 -50.34 -37.46
C ASN RB 53 -105.18 -51.78 -37.79
N MET RB 54 -105.50 -52.02 -39.07
CA MET RB 54 -105.78 -53.35 -39.60
C MET RB 54 -104.74 -53.64 -40.67
N ASN RB 55 -104.04 -54.77 -40.52
CA ASN RB 55 -102.93 -55.13 -41.38
C ASN RB 55 -103.26 -56.43 -42.11
N PHE RB 56 -103.10 -56.45 -43.42
CA PHE RB 56 -103.24 -57.65 -44.23
C PHE RB 56 -101.91 -57.95 -44.88
N ALA RB 57 -101.38 -59.15 -44.66
CA ALA RB 57 -100.07 -59.53 -45.18
C ALA RB 57 -100.18 -60.84 -45.93
N LYS RB 58 -99.64 -60.87 -47.15
CA LYS RB 58 -99.68 -62.07 -47.97
C LYS RB 58 -98.40 -62.19 -48.78
N SER RB 59 -97.84 -63.39 -48.84
CA SER RB 59 -96.68 -63.64 -49.66
C SER RB 59 -97.10 -63.96 -51.10
N PHE RB 60 -96.31 -63.50 -52.05
CA PHE RB 60 -96.59 -63.67 -53.47
C PHE RB 60 -95.31 -64.09 -54.18
N PRO RB 61 -95.42 -64.86 -55.26
CA PRO RB 61 -94.24 -65.18 -56.06
C PRO RB 61 -93.69 -63.93 -56.72
N ASN RB 62 -92.37 -63.77 -56.66
CA ASN RB 62 -91.68 -62.62 -57.27
C ASN RB 62 -90.41 -63.19 -57.90
N GLY RB 63 -90.50 -63.54 -59.18
CA GLY RB 63 -89.39 -64.21 -59.82
C GLY RB 63 -89.13 -65.53 -59.13
N ASP RB 64 -87.89 -65.71 -58.67
CA ASP RB 64 -87.52 -66.90 -57.92
C ASP RB 64 -87.81 -66.78 -56.43
N LYS RB 65 -88.02 -65.57 -55.92
CA LYS RB 65 -88.18 -65.36 -54.49
C LYS RB 65 -89.65 -65.13 -54.15
N LYS RB 66 -89.91 -64.77 -52.91
CA LYS RB 66 -91.23 -64.41 -52.44
C LYS RB 66 -91.21 -62.97 -51.91
N SER RB 67 -92.29 -62.24 -52.17
CA SER RB 67 -92.40 -60.85 -51.77
C SER RB 67 -93.66 -60.67 -50.93
N LEU RB 68 -93.56 -59.84 -49.90
CA LEU RB 68 -94.68 -59.59 -49.00
C LEU RB 68 -95.47 -58.39 -49.50
N VAL RB 69 -96.77 -58.60 -49.71
CA VAL RB 69 -97.71 -57.52 -50.02
C VAL RB 69 -98.51 -57.22 -48.76
N VAL RB 70 -98.52 -55.95 -48.37
CA VAL RB 70 -99.13 -55.51 -47.12
C VAL RB 70 -100.15 -54.41 -47.44
N VAL RB 71 -101.34 -54.54 -46.87
CA VAL RB 71 -102.38 -53.53 -46.98
C VAL RB 71 -102.72 -53.05 -45.58
N ASN RB 72 -102.68 -51.75 -45.37
CA ASN RB 72 -102.93 -51.14 -44.07
C ASN RB 72 -104.21 -50.31 -44.13
N LEU RB 73 -105.03 -50.42 -43.09
CA LEU RB 73 -106.24 -49.61 -42.94
C LEU RB 73 -106.24 -49.03 -41.54
N THR RB 74 -106.00 -47.73 -41.41
CA THR RB 74 -105.84 -47.09 -40.12
C THR RB 74 -106.89 -46.01 -39.95
N ALA RB 75 -107.55 -46.02 -38.79
CA ALA RB 75 -108.52 -45.01 -38.40
C ALA RB 75 -107.98 -44.21 -37.24
N HIS RB 76 -108.03 -42.88 -37.35
CA HIS RB 76 -107.59 -41.96 -36.30
C HIS RB 76 -108.83 -41.20 -35.83
N VAL RB 77 -109.34 -41.53 -34.65
CA VAL RB 77 -110.56 -40.94 -34.15
C VAL RB 77 -110.21 -40.12 -32.91
N PRO RB 78 -110.34 -38.79 -32.95
CA PRO RB 78 -110.11 -38.00 -31.73
C PRO RB 78 -111.18 -38.27 -30.68
N VAL RB 79 -110.79 -38.16 -29.42
CA VAL RB 79 -111.70 -38.46 -28.31
C VAL RB 79 -112.72 -37.34 -28.17
N GLY RB 80 -114.00 -37.72 -28.02
CA GLY RB 80 -115.09 -36.79 -27.92
C GLY RB 80 -116.00 -36.80 -29.13
N VAL RB 81 -115.48 -37.24 -30.27
CA VAL RB 81 -116.29 -37.37 -31.47
C VAL RB 81 -117.28 -38.51 -31.30
N ASP RB 82 -118.52 -38.28 -31.72
CA ASP RB 82 -119.56 -39.29 -31.59
C ASP RB 82 -119.17 -40.55 -32.37
N ALA RB 83 -119.21 -41.69 -31.69
CA ALA RB 83 -118.85 -42.96 -32.34
C ALA RB 83 -119.85 -43.33 -33.42
N THR RB 84 -121.15 -43.09 -33.19
CA THR RB 84 -122.16 -43.45 -34.17
C THR RB 84 -122.01 -42.66 -35.46
N ALA RB 85 -121.74 -41.37 -35.35
CA ALA RB 85 -121.54 -40.55 -36.54
C ALA RB 85 -120.31 -41.01 -37.33
N VAL RB 86 -119.23 -41.34 -36.62
CA VAL RB 86 -118.03 -41.83 -37.29
C VAL RB 86 -118.29 -43.16 -37.98
N ARG RB 87 -119.03 -44.06 -37.33
CA ARG RB 87 -119.35 -45.34 -37.94
C ARG RB 87 -120.22 -45.17 -39.17
N THR RB 88 -121.21 -44.26 -39.11
CA THR RB 88 -122.04 -43.99 -40.27
C THR RB 88 -121.22 -43.41 -41.42
N TRP RB 89 -120.30 -42.49 -41.12
CA TRP RB 89 -119.45 -41.93 -42.16
C TRP RB 89 -118.56 -43.00 -42.78
N MET RB 90 -117.98 -43.87 -41.96
CA MET RB 90 -117.11 -44.93 -42.47
C MET RB 90 -117.89 -45.92 -43.34
N THR RB 91 -119.10 -46.28 -42.91
CA THR RB 91 -119.90 -47.25 -43.65
C THR RB 91 -120.42 -46.67 -44.96
N SER RB 92 -120.85 -45.40 -44.96
CA SER RB 92 -121.49 -44.83 -46.13
C SER RB 92 -120.53 -44.16 -47.09
N GLU RB 93 -119.39 -43.67 -46.62
CA GLU RB 93 -118.49 -42.90 -47.46
C GLU RB 93 -117.12 -43.55 -47.62
N VAL RB 94 -116.52 -44.05 -46.54
CA VAL RB 94 -115.16 -44.58 -46.63
C VAL RB 94 -115.16 -46.00 -47.19
N PHE RB 95 -116.04 -46.85 -46.70
CA PHE RB 95 -116.04 -48.25 -47.12
C PHE RB 95 -116.31 -48.44 -48.60
N PRO RB 96 -117.35 -47.83 -49.21
CA PRO RB 96 -117.52 -48.00 -50.66
C PRO RB 96 -116.37 -47.48 -51.48
N GLY RB 97 -115.72 -46.39 -51.05
CA GLY RB 97 -114.61 -45.85 -51.83
C GLY RB 97 -113.31 -46.60 -51.66
N ALA RB 98 -113.13 -47.26 -50.52
CA ALA RB 98 -111.91 -48.02 -50.24
C ALA RB 98 -111.96 -49.43 -50.80
N THR RB 99 -113.05 -49.82 -51.45
CA THR RB 99 -113.18 -51.13 -52.06
C THR RB 99 -113.51 -51.04 -53.54
N SER RB 100 -113.36 -49.85 -54.12
CA SER RB 100 -113.67 -49.63 -55.53
C SER RB 100 -112.46 -49.96 -56.38
N SER RB 101 -112.62 -49.81 -57.71
CA SER RB 101 -111.50 -49.98 -58.62
C SER RB 101 -110.43 -48.92 -58.41
N VAL RB 102 -110.78 -47.81 -57.76
CA VAL RB 102 -109.80 -46.76 -57.49
C VAL RB 102 -108.69 -47.29 -56.59
N THR RB 103 -109.06 -48.01 -55.53
CA THR RB 103 -108.06 -48.56 -54.62
C THR RB 103 -107.18 -49.58 -55.33
N LEU RB 104 -107.79 -50.46 -56.14
CA LEU RB 104 -107.01 -51.46 -56.86
C LEU RB 104 -106.03 -50.79 -57.83
N ASP RB 105 -106.49 -49.77 -58.55
CA ASP RB 105 -105.62 -49.08 -59.50
C ASP RB 105 -104.49 -48.36 -58.78
N LEU RB 106 -104.79 -47.72 -57.65
CA LEU RB 106 -103.74 -47.04 -56.89
C LEU RB 106 -102.71 -48.03 -56.36
N ALA RB 107 -103.17 -49.19 -55.90
CA ALA RB 107 -102.25 -50.16 -55.30
C ALA RB 107 -101.38 -50.84 -56.34
N THR RB 108 -101.97 -51.26 -57.47
CA THR RB 108 -101.25 -52.08 -58.43
C THR RB 108 -100.68 -51.30 -59.61
N LYS RB 109 -101.06 -50.04 -59.80
CA LYS RB 109 -100.58 -49.24 -60.92
C LYS RB 109 -100.13 -47.85 -60.53
N GLY RB 110 -100.37 -47.42 -59.29
CA GLY RB 110 -100.04 -46.07 -58.89
C GLY RB 110 -100.87 -45.00 -59.56
N VAL RB 111 -102.14 -45.26 -59.80
CA VAL RB 111 -103.01 -44.30 -60.48
C VAL RB 111 -103.63 -43.37 -59.44
N ILE RB 112 -103.34 -42.07 -59.55
CA ILE RB 112 -103.88 -41.06 -58.65
C ILE RB 112 -104.85 -40.13 -59.34
N HIS RB 113 -105.11 -40.32 -60.64
CA HIS RB 113 -106.07 -39.53 -61.39
C HIS RB 113 -107.24 -40.43 -61.78
N LEU RB 114 -108.41 -40.22 -61.17
CA LEU RB 114 -109.59 -41.02 -61.48
C LEU RB 114 -110.46 -40.28 -62.48
N SER RB 115 -109.98 -40.21 -63.72
CA SER RB 115 -110.77 -39.67 -64.81
C SER RB 115 -111.67 -40.76 -65.39
N ASP RB 116 -112.81 -40.33 -65.95
CA ASP RB 116 -113.34 -38.98 -66.00
C ASP RB 116 -114.83 -38.99 -65.68
N ALA RB 117 -115.43 -40.18 -65.71
CA ALA RB 117 -116.86 -40.33 -65.49
C ALA RB 117 -117.25 -39.93 -64.07
N LEU SB 1 -116.78 -37.42 -62.06
CA LEU SB 1 -115.68 -37.72 -61.16
C LEU SB 1 -116.21 -38.19 -59.82
N SER SB 2 -116.09 -39.48 -59.55
CA SER SB 2 -116.63 -40.07 -58.32
C SER SB 2 -115.63 -41.07 -57.75
N ILE SB 3 -115.64 -41.17 -56.42
CA ILE SB 3 -114.89 -42.17 -55.70
C ILE SB 3 -115.88 -42.95 -54.87
N GLY SB 4 -116.06 -44.23 -55.18
CA GLY SB 4 -117.11 -45.00 -54.56
C GLY SB 4 -118.48 -44.46 -54.91
N THR SB 5 -119.28 -44.12 -53.90
CA THR SB 5 -120.58 -43.52 -54.11
C THR SB 5 -120.56 -42.00 -53.97
N LYS SB 6 -119.39 -41.40 -53.72
CA LYS SB 6 -119.29 -39.98 -53.44
C LYS SB 6 -118.74 -39.26 -54.66
N ASN SB 7 -119.46 -38.24 -55.12
CA ASN SB 7 -118.95 -37.39 -56.18
C ASN SB 7 -117.93 -36.41 -55.62
N VAL SB 8 -116.80 -36.29 -56.31
CA VAL SB 8 -115.70 -35.43 -55.88
C VAL SB 8 -115.26 -34.57 -57.06
N SER SB 9 -114.45 -33.56 -56.75
CA SER SB 9 -113.84 -32.71 -57.75
C SER SB 9 -112.38 -32.51 -57.40
N ILE SB 10 -111.56 -32.22 -58.42
CA ILE SB 10 -110.14 -32.01 -58.20
C ILE SB 10 -109.95 -30.74 -57.38
N TYR SB 11 -109.29 -30.87 -56.23
CA TYR SB 11 -109.02 -29.77 -55.34
C TYR SB 11 -107.57 -29.31 -55.41
N ARG SB 12 -106.62 -30.24 -55.31
CA ARG SB 12 -105.22 -29.91 -55.45
C ARG SB 12 -104.52 -31.03 -56.21
N ASN SB 13 -103.48 -30.68 -56.95
CA ASN SB 13 -102.82 -31.62 -57.86
C ASN SB 13 -101.32 -31.37 -57.82
N THR SB 14 -100.59 -32.31 -57.21
CA THR SB 14 -99.14 -32.34 -57.24
C THR SB 14 -98.68 -33.55 -58.06
N ALA SB 15 -97.35 -33.74 -58.11
CA ALA SB 15 -96.79 -34.80 -58.93
C ALA SB 15 -97.22 -36.19 -58.45
N ASP SB 16 -97.18 -36.42 -57.13
CA ASP SB 16 -97.48 -37.72 -56.57
C ASP SB 16 -98.70 -37.74 -55.67
N GLU SB 17 -99.41 -36.62 -55.56
CA GLU SB 17 -100.62 -36.57 -54.73
C GLU SB 17 -101.68 -35.75 -55.44
N VAL SB 18 -102.91 -36.26 -55.44
CA VAL SB 18 -104.07 -35.51 -55.89
C VAL SB 18 -105.11 -35.54 -54.78
N ILE SB 19 -105.50 -34.37 -54.31
CA ILE SB 19 -106.52 -34.22 -53.29
C ILE SB 19 -107.82 -33.82 -53.97
N TYR SB 20 -108.87 -34.60 -53.73
CA TYR SB 20 -110.21 -34.33 -54.24
C TYR SB 20 -111.10 -33.89 -53.07
N ALA SB 21 -112.03 -32.99 -53.37
CA ALA SB 21 -112.92 -32.42 -52.37
C ALA SB 21 -114.34 -32.93 -52.60
N GLY SB 22 -115.00 -33.32 -51.52
CA GLY SB 22 -116.39 -33.71 -51.59
C GLY SB 22 -117.28 -32.50 -51.76
N PRO SB 23 -118.58 -32.75 -51.95
CA PRO SB 23 -119.51 -31.61 -52.14
C PRO SB 23 -119.56 -30.68 -50.96
N ALA SB 24 -119.37 -31.18 -49.74
CA ALA SB 24 -119.45 -30.38 -48.53
C ALA SB 24 -118.16 -29.65 -48.20
N HIS SB 25 -117.04 -30.01 -48.84
CA HIS SB 25 -115.76 -29.42 -48.48
C HIS SB 25 -115.79 -27.91 -48.70
N ASP SB 26 -115.25 -27.18 -47.74
CA ASP SB 26 -115.22 -25.72 -47.78
C ASP SB 26 -114.05 -25.23 -46.93
N VAL SB 27 -114.01 -23.92 -46.68
CA VAL SB 27 -112.90 -23.32 -45.94
C VAL SB 27 -112.90 -23.69 -44.48
N THR SB 28 -114.03 -24.11 -43.92
CA THR SB 28 -114.11 -24.50 -42.51
C THR SB 28 -114.47 -25.96 -42.28
N ASN SB 29 -115.05 -26.64 -43.25
CA ASN SB 29 -115.38 -28.06 -43.15
C ASN SB 29 -114.47 -28.84 -44.09
N VAL SB 30 -113.77 -29.83 -43.54
CA VAL SB 30 -112.87 -30.67 -44.33
C VAL SB 30 -113.63 -31.91 -44.77
N ASP SB 31 -113.68 -32.14 -46.08
CA ASP SB 31 -114.23 -33.38 -46.65
C ASP SB 31 -113.35 -33.70 -47.86
N THR SB 32 -112.30 -34.49 -47.65
CA THR SB 32 -111.29 -34.70 -48.69
C THR SB 32 -110.94 -36.17 -48.83
N VAL SB 33 -110.64 -36.56 -50.07
CA VAL SB 33 -110.07 -37.86 -50.40
C VAL SB 33 -108.77 -37.60 -51.14
N SER SB 34 -107.65 -37.98 -50.53
CA SER SB 34 -106.35 -37.84 -51.14
C SER SB 34 -105.88 -39.17 -51.70
N LEU SB 35 -105.31 -39.12 -52.91
CA LEU SB 35 -104.61 -40.26 -53.50
C LEU SB 35 -103.14 -39.88 -53.60
N ARG SB 36 -102.30 -40.59 -52.87
CA ARG SB 36 -100.86 -40.35 -52.85
C ARG SB 36 -100.13 -41.61 -53.26
N ARG SB 37 -99.03 -41.44 -53.97
CA ARG SB 37 -98.22 -42.58 -54.38
C ARG SB 37 -96.75 -42.29 -54.07
N SER SB 38 -96.03 -43.35 -53.74
CA SER SB 38 -94.58 -43.33 -53.63
C SER SB 38 -94.06 -44.36 -54.62
N LEU SB 39 -93.42 -43.88 -55.69
CA LEU SB 39 -92.99 -44.73 -56.78
C LEU SB 39 -91.78 -45.56 -56.36
N PRO SB 40 -91.63 -46.75 -56.92
CA PRO SB 40 -90.52 -47.63 -56.53
C PRO SB 40 -89.17 -47.01 -56.85
N VAL SB 41 -88.28 -47.05 -55.88
CA VAL SB 41 -86.90 -46.61 -56.08
C VAL SB 41 -86.04 -47.85 -56.25
N LYS SB 42 -85.48 -48.02 -57.44
CA LYS SB 42 -84.70 -49.20 -57.78
C LYS SB 42 -83.31 -49.03 -57.17
N LYS SB 43 -83.14 -49.52 -55.95
CA LYS SB 43 -81.90 -49.35 -55.21
C LYS SB 43 -81.24 -50.71 -54.99
N GLY SB 44 -79.96 -50.79 -55.33
CA GLY SB 44 -79.25 -52.06 -55.20
C GLY SB 44 -79.86 -53.11 -56.10
N SER SB 45 -79.87 -54.35 -55.62
CA SER SB 45 -80.54 -55.43 -56.33
C SER SB 45 -82.04 -55.44 -56.10
N ASP SB 46 -82.52 -54.68 -55.12
CA ASP SB 46 -83.94 -54.58 -54.85
C ASP SB 46 -84.59 -53.62 -55.84
N ASN SB 47 -85.70 -54.05 -56.44
CA ASN SB 47 -86.41 -53.23 -57.41
C ASN SB 47 -87.37 -52.24 -56.76
N GLY SB 48 -87.38 -52.14 -55.44
CA GLY SB 48 -88.21 -51.16 -54.76
C GLY SB 48 -89.63 -51.65 -54.57
N THR SB 49 -90.45 -50.73 -54.06
CA THR SB 49 -91.83 -51.02 -53.70
C THR SB 49 -92.70 -49.82 -54.03
N MET SB 50 -93.83 -50.07 -54.67
CA MET SB 50 -94.83 -49.04 -54.92
C MET SB 50 -95.72 -48.91 -53.70
N ARG SB 51 -95.83 -47.70 -53.16
CA ARG SB 51 -96.72 -47.41 -52.04
C ARG SB 51 -97.91 -46.61 -52.54
N GLY SB 52 -99.11 -47.06 -52.20
CA GLY SB 52 -100.31 -46.31 -52.55
C GLY SB 52 -101.14 -46.01 -51.33
N ASN SB 53 -101.41 -44.73 -51.07
CA ASN SB 53 -102.14 -44.30 -49.88
C ASN SB 53 -103.42 -43.59 -50.29
N MET SB 54 -104.52 -43.97 -49.67
CA MET SB 54 -105.83 -43.36 -49.86
C MET SB 54 -106.26 -42.78 -48.52
N ASN SB 55 -106.41 -41.46 -48.47
CA ASN SB 55 -106.68 -40.74 -47.24
C ASN SB 55 -108.08 -40.14 -47.27
N PHE SB 56 -108.88 -40.48 -46.28
CA PHE SB 56 -110.21 -39.90 -46.10
C PHE SB 56 -110.15 -38.98 -44.89
N ALA SB 57 -110.43 -37.70 -45.09
CA ALA SB 57 -110.42 -36.72 -44.01
C ALA SB 57 -111.78 -36.06 -43.91
N LYS SB 58 -112.35 -36.03 -42.69
CA LYS SB 58 -113.66 -35.45 -42.47
C LYS SB 58 -113.67 -34.68 -41.16
N SER SB 59 -114.32 -33.51 -41.17
CA SER SB 59 -114.50 -32.72 -39.97
C SER SB 59 -115.72 -33.18 -39.20
N PHE SB 60 -115.60 -33.27 -37.89
CA PHE SB 60 -116.66 -33.75 -37.02
C PHE SB 60 -116.80 -32.84 -35.82
N PRO SB 61 -118.02 -32.63 -35.32
CA PRO SB 61 -118.20 -31.88 -34.07
C PRO SB 61 -117.64 -32.65 -32.89
N ASN SB 62 -116.66 -32.05 -32.21
CA ASN SB 62 -116.08 -32.60 -30.99
C ASN SB 62 -116.37 -31.57 -29.90
N GLY SB 63 -117.43 -31.83 -29.13
CA GLY SB 63 -117.87 -30.88 -28.13
C GLY SB 63 -118.18 -29.53 -28.73
N ASP SB 64 -117.36 -28.54 -28.41
CA ASP SB 64 -117.53 -27.19 -28.96
C ASP SB 64 -116.70 -26.96 -30.21
N LYS SB 65 -115.63 -27.73 -30.41
CA LYS SB 65 -114.71 -27.51 -31.51
C LYS SB 65 -114.96 -28.52 -32.63
N LYS SB 66 -114.09 -28.53 -33.63
CA LYS SB 66 -114.16 -29.49 -34.72
C LYS SB 66 -112.88 -30.32 -34.75
N SER SB 67 -113.03 -31.63 -34.82
CA SER SB 67 -111.92 -32.56 -34.88
C SER SB 67 -111.86 -33.21 -36.26
N LEU SB 68 -110.66 -33.62 -36.65
CA LEU SB 68 -110.45 -34.26 -37.95
C LEU SB 68 -110.37 -35.76 -37.76
N VAL SB 69 -111.30 -36.48 -38.37
CA VAL SB 69 -111.26 -37.94 -38.42
C VAL SB 69 -110.62 -38.35 -39.74
N VAL SB 70 -109.60 -39.20 -39.66
CA VAL SB 70 -108.80 -39.60 -40.80
C VAL SB 70 -108.79 -41.11 -40.89
N VAL SB 71 -109.03 -41.63 -42.09
CA VAL SB 71 -108.90 -43.06 -42.38
C VAL SB 71 -107.88 -43.22 -43.49
N ASN SB 72 -106.86 -44.03 -43.26
CA ASN SB 72 -105.81 -44.28 -44.24
C ASN SB 72 -105.87 -45.72 -44.71
N LEU SB 73 -105.79 -45.90 -46.04
CA LEU SB 73 -105.67 -47.22 -46.65
C LEU SB 73 -104.39 -47.23 -47.47
N THR SB 74 -103.39 -47.95 -46.99
CA THR SB 74 -102.07 -47.98 -47.61
C THR SB 74 -101.75 -49.38 -48.08
N ALA SB 75 -101.23 -49.49 -49.31
CA ALA SB 75 -100.79 -50.75 -49.89
C ALA SB 75 -99.33 -50.65 -50.29
N HIS SB 76 -98.57 -51.69 -49.99
CA HIS SB 76 -97.15 -51.77 -50.33
C HIS SB 76 -96.96 -52.97 -51.25
N VAL SB 77 -96.76 -52.72 -52.54
CA VAL SB 77 -96.63 -53.77 -53.54
C VAL SB 77 -95.20 -53.77 -54.05
N PRO SB 78 -94.41 -54.82 -53.80
CA PRO SB 78 -93.05 -54.87 -54.34
C PRO SB 78 -93.06 -55.07 -55.85
N VAL SB 79 -92.06 -54.49 -56.51
CA VAL SB 79 -91.91 -54.66 -57.95
C VAL SB 79 -91.56 -56.10 -58.28
N GLY SB 80 -92.23 -56.65 -59.28
CA GLY SB 80 -92.02 -58.01 -59.73
C GLY SB 80 -93.16 -58.95 -59.44
N VAL SB 81 -94.09 -58.55 -58.58
CA VAL SB 81 -95.26 -59.36 -58.28
C VAL SB 81 -96.30 -59.18 -59.38
N ASP SB 82 -97.06 -60.24 -59.64
CA ASP SB 82 -98.13 -60.16 -60.62
C ASP SB 82 -99.25 -59.29 -60.08
N ALA SB 83 -99.64 -58.28 -60.86
CA ALA SB 83 -100.64 -57.33 -60.42
C ALA SB 83 -102.04 -57.95 -60.38
N THR SB 84 -102.34 -58.86 -61.31
CA THR SB 84 -103.65 -59.51 -61.31
C THR SB 84 -103.85 -60.34 -60.05
N ALA SB 85 -102.83 -61.07 -59.62
CA ALA SB 85 -102.93 -61.85 -58.39
C ALA SB 85 -103.17 -60.94 -57.18
N VAL SB 86 -102.46 -59.82 -57.12
CA VAL SB 86 -102.65 -58.89 -56.01
C VAL SB 86 -104.06 -58.31 -56.02
N ARG SB 87 -104.57 -57.95 -57.20
CA ARG SB 87 -105.92 -57.43 -57.29
C ARG SB 87 -106.95 -58.46 -56.85
N THR SB 88 -106.77 -59.71 -57.28
CA THR SB 88 -107.69 -60.77 -56.87
C THR SB 88 -107.66 -60.98 -55.37
N TRP SB 89 -106.47 -60.99 -54.77
CA TRP SB 89 -106.35 -61.14 -53.33
C TRP SB 89 -107.00 -59.98 -52.60
N MET SB 90 -106.78 -58.75 -53.06
CA MET SB 90 -107.39 -57.58 -52.43
C MET SB 90 -108.90 -57.61 -52.53
N THR SB 91 -109.44 -58.02 -53.68
CA THR SB 91 -110.88 -58.07 -53.86
C THR SB 91 -111.53 -59.16 -53.00
N SER SB 92 -110.97 -60.37 -53.02
CA SER SB 92 -111.60 -61.50 -52.34
C SER SB 92 -111.26 -61.60 -50.86
N GLU SB 93 -110.13 -61.05 -50.42
CA GLU SB 93 -109.65 -61.30 -49.07
C GLU SB 93 -109.45 -60.04 -48.24
N VAL SB 94 -108.98 -58.95 -48.84
CA VAL SB 94 -108.72 -57.74 -48.07
C VAL SB 94 -109.98 -56.90 -47.92
N PHE SB 95 -110.68 -56.66 -49.03
CA PHE SB 95 -111.85 -55.78 -49.00
C PHE SB 95 -112.96 -56.26 -48.08
N PRO SB 96 -113.39 -57.53 -48.11
CA PRO SB 96 -114.47 -57.95 -47.19
C PRO SB 96 -114.11 -57.77 -45.73
N GLY SB 97 -112.86 -58.02 -45.34
CA GLY SB 97 -112.47 -57.85 -43.95
C GLY SB 97 -112.27 -56.41 -43.55
N ALA SB 98 -111.78 -55.57 -44.47
CA ALA SB 98 -111.52 -54.18 -44.16
C ALA SB 98 -112.80 -53.38 -43.97
N THR SB 99 -113.90 -53.79 -44.58
CA THR SB 99 -115.17 -53.09 -44.46
C THR SB 99 -116.19 -53.90 -43.66
N SER SB 100 -115.72 -54.58 -42.61
CA SER SB 100 -116.58 -55.39 -41.76
C SER SB 100 -116.82 -54.65 -40.45
N SER SB 101 -117.59 -55.30 -39.56
CA SER SB 101 -117.79 -54.76 -38.23
C SER SB 101 -116.51 -54.77 -37.41
N VAL SB 102 -115.52 -55.57 -37.80
CA VAL SB 102 -114.25 -55.61 -37.09
C VAL SB 102 -113.57 -54.25 -37.15
N THR SB 103 -113.58 -53.61 -38.33
CA THR SB 103 -112.97 -52.30 -38.47
C THR SB 103 -113.67 -51.26 -37.59
N LEU SB 104 -115.00 -51.28 -37.59
CA LEU SB 104 -115.75 -50.31 -36.78
C LEU SB 104 -115.50 -50.52 -35.29
N ASP SB 105 -115.50 -51.77 -34.84
CA ASP SB 105 -115.26 -52.03 -33.43
C ASP SB 105 -113.83 -51.67 -33.04
N LEU SB 106 -112.86 -51.92 -33.92
CA LEU SB 106 -111.50 -51.51 -33.63
C LEU SB 106 -111.39 -49.99 -33.56
N ALA SB 107 -112.09 -49.28 -34.44
CA ALA SB 107 -111.98 -47.83 -34.48
C ALA SB 107 -112.63 -47.19 -33.25
N THR SB 108 -113.84 -47.63 -32.89
CA THR SB 108 -114.61 -46.94 -31.86
C THR SB 108 -114.56 -47.59 -30.49
N LYS SB 109 -113.95 -48.77 -30.36
CA LYS SB 109 -113.87 -49.43 -29.06
C LYS SB 109 -112.50 -50.01 -28.75
N GLY SB 110 -111.55 -50.01 -29.68
CA GLY SB 110 -110.27 -50.65 -29.44
C GLY SB 110 -110.34 -52.15 -29.28
N VAL SB 111 -111.21 -52.81 -30.04
CA VAL SB 111 -111.35 -54.26 -29.93
C VAL SB 111 -110.35 -54.93 -30.87
N ILE SB 112 -109.40 -55.65 -30.29
CA ILE SB 112 -108.41 -56.40 -31.05
C ILE SB 112 -108.59 -57.91 -30.91
N HIS SB 113 -109.42 -58.36 -29.97
CA HIS SB 113 -109.68 -59.78 -29.78
C HIS SB 113 -111.02 -60.12 -30.43
N LEU SB 114 -110.98 -61.05 -31.38
CA LEU SB 114 -112.16 -61.41 -32.16
C LEU SB 114 -112.96 -62.48 -31.46
N SER SB 115 -114.27 -62.47 -31.66
CA SER SB 115 -115.17 -63.46 -31.09
C SER SB 115 -116.39 -63.61 -31.98
N ASP SB 116 -116.98 -64.81 -31.96
CA ASP SB 116 -116.48 -66.02 -31.34
C ASP SB 116 -116.69 -67.22 -32.27
N ALA SB 117 -117.52 -67.02 -33.29
CA ALA SB 117 -117.85 -68.08 -34.22
C ALA SB 117 -117.28 -67.80 -35.61
N LEU TB 1 -123.00 10.78 -60.98
CA LEU TB 1 -121.78 10.00 -60.79
C LEU TB 1 -122.13 8.53 -60.64
N SER TB 2 -121.79 7.72 -61.65
CA SER TB 2 -122.11 6.31 -61.67
C SER TB 2 -120.90 5.48 -62.05
N ILE TB 3 -120.74 4.35 -61.38
CA ILE TB 3 -119.78 3.31 -61.77
C ILE TB 3 -120.58 2.03 -61.91
N GLY TB 4 -121.03 1.74 -63.13
CA GLY TB 4 -121.96 0.65 -63.35
C GLY TB 4 -123.39 1.07 -63.07
N THR TB 5 -124.06 0.36 -62.17
CA THR TB 5 -125.39 0.74 -61.73
C THR TB 5 -125.38 1.46 -60.39
N LYS TB 6 -124.20 1.76 -59.85
CA LYS TB 6 -124.05 2.31 -58.51
C LYS TB 6 -123.89 3.82 -58.59
N ASN TB 7 -124.62 4.54 -57.74
CA ASN TB 7 -124.48 5.97 -57.60
C ASN TB 7 -123.47 6.26 -56.51
N VAL TB 8 -122.34 6.85 -56.88
CA VAL TB 8 -121.25 7.14 -55.96
C VAL TB 8 -121.04 8.65 -55.91
N SER TB 9 -120.24 9.07 -54.92
CA SER TB 9 -119.84 10.46 -54.79
C SER TB 9 -118.35 10.51 -54.46
N ILE TB 10 -117.71 11.63 -54.81
CA ILE TB 10 -116.30 11.78 -54.51
C ILE TB 10 -116.09 11.80 -53.01
N TYR TB 11 -115.23 10.92 -52.52
CA TYR TB 11 -114.91 10.82 -51.11
C TYR TB 11 -113.47 11.24 -50.81
N ARG TB 12 -112.54 10.93 -51.69
CA ARG TB 12 -111.16 11.35 -51.51
C ARG TB 12 -110.56 11.62 -52.88
N ASN TB 13 -109.86 12.75 -53.00
CA ASN TB 13 -109.30 13.17 -54.28
C ASN TB 13 -107.81 13.40 -54.10
N THR TB 14 -107.01 12.55 -54.72
CA THR TB 14 -105.55 12.60 -54.67
C THR TB 14 -105.04 12.67 -56.12
N ALA TB 15 -103.77 13.05 -56.28
CA ALA TB 15 -103.22 13.27 -57.62
C ALA TB 15 -103.36 12.02 -58.50
N ASP TB 16 -103.15 10.84 -57.92
CA ASP TB 16 -103.13 9.62 -58.72
C ASP TB 16 -104.19 8.61 -58.29
N GLU TB 17 -105.11 9.00 -57.41
CA GLU TB 17 -106.13 8.08 -56.94
C GLU TB 17 -107.35 8.86 -56.45
N VAL TB 18 -108.53 8.43 -56.87
CA VAL TB 18 -109.78 9.02 -56.41
C VAL TB 18 -110.63 7.90 -55.83
N ILE TB 19 -111.06 8.06 -54.59
CA ILE TB 19 -111.94 7.12 -53.91
C ILE TB 19 -113.35 7.67 -53.93
N TYR TB 20 -114.29 6.89 -54.45
CA TYR TB 20 -115.71 7.21 -54.46
C TYR TB 20 -116.42 6.31 -53.46
N ALA TB 21 -117.42 6.87 -52.79
CA ALA TB 21 -118.16 6.16 -51.74
C ALA TB 21 -119.57 5.86 -52.22
N GLY TB 22 -120.03 4.65 -51.93
CA GLY TB 22 -121.38 4.26 -52.26
C GLY TB 22 -122.36 4.71 -51.19
N PRO TB 23 -123.65 4.43 -51.39
CA PRO TB 23 -124.66 4.87 -50.42
C PRO TB 23 -124.49 4.26 -49.04
N ALA TB 24 -123.84 3.10 -48.93
CA ALA TB 24 -123.68 2.40 -47.67
C ALA TB 24 -122.38 2.72 -46.97
N HIS TB 25 -121.61 3.67 -47.49
CA HIS TB 25 -120.32 4.04 -46.89
C HIS TB 25 -120.52 5.08 -45.78
N ASP TB 26 -119.82 4.88 -44.68
CA ASP TB 26 -119.87 5.79 -43.55
C ASP TB 26 -118.59 5.57 -42.72
N VAL TB 27 -118.58 6.10 -41.50
CA VAL TB 27 -117.40 5.98 -40.64
C VAL TB 27 -117.14 4.54 -40.22
N THR TB 28 -118.20 3.75 -39.96
CA THR TB 28 -118.04 2.40 -39.46
C THR TB 28 -118.17 1.31 -40.51
N ASN TB 29 -118.66 1.62 -41.71
CA ASN TB 29 -118.83 0.65 -42.77
C ASN TB 29 -118.10 1.12 -44.03
N VAL TB 30 -117.60 0.15 -44.80
CA VAL TB 30 -116.81 0.42 -45.99
C VAL TB 30 -117.63 0.03 -47.21
N ASP TB 31 -117.86 0.98 -48.11
CA ASP TB 31 -118.46 0.73 -49.41
C ASP TB 31 -117.78 1.70 -50.37
N THR TB 32 -116.69 1.27 -50.99
CA THR TB 32 -115.87 2.18 -51.77
C THR TB 32 -115.44 1.57 -53.10
N VAL TB 33 -115.30 2.44 -54.10
CA VAL TB 33 -114.67 2.11 -55.37
C VAL TB 33 -113.55 3.12 -55.60
N SER TB 34 -112.32 2.65 -55.68
CA SER TB 34 -111.14 3.50 -55.83
C SER TB 34 -110.55 3.31 -57.22
N LEU TB 35 -110.36 4.42 -57.93
CA LEU TB 35 -109.65 4.44 -59.19
C LEU TB 35 -108.23 4.93 -58.96
N ARG TB 36 -107.25 4.13 -59.36
CA ARG TB 36 -105.84 4.43 -59.16
C ARG TB 36 -105.11 4.30 -60.48
N ARG TB 37 -104.04 5.07 -60.63
CA ARG TB 37 -103.31 5.06 -61.89
C ARG TB 37 -101.82 5.23 -61.61
N SER TB 38 -101.02 4.67 -62.51
CA SER TB 38 -99.59 4.91 -62.58
C SER TB 38 -99.27 5.29 -64.02
N LEU TB 39 -98.93 6.56 -64.22
CA LEU TB 39 -98.71 7.10 -65.54
C LEU TB 39 -97.38 6.61 -66.11
N PRO TB 40 -97.25 6.56 -67.43
CA PRO TB 40 -96.00 6.09 -68.04
C PRO TB 40 -94.82 6.93 -67.63
N VAL TB 41 -93.68 6.27 -67.45
CA VAL TB 41 -92.40 6.93 -67.15
C VAL TB 41 -91.47 6.64 -68.33
N LYS TB 42 -90.99 7.70 -68.98
CA LYS TB 42 -90.16 7.59 -70.17
C LYS TB 42 -88.72 7.25 -69.76
N LYS TB 43 -88.58 6.10 -69.10
CA LYS TB 43 -87.28 5.67 -68.60
C LYS TB 43 -86.47 5.15 -69.78
N GLY TB 44 -85.34 5.80 -70.04
CA GLY TB 44 -84.48 5.38 -71.13
C GLY TB 44 -85.20 5.43 -72.46
N SER TB 45 -85.04 4.36 -73.26
CA SER TB 45 -85.74 4.23 -74.53
C SER TB 45 -87.13 3.64 -74.38
N ASP TB 46 -87.40 2.94 -73.28
CA ASP TB 46 -88.73 2.40 -73.05
C ASP TB 46 -89.71 3.53 -72.80
N ASN TB 47 -90.84 3.49 -73.51
CA ASN TB 47 -91.86 4.52 -73.35
C ASN TB 47 -92.68 4.36 -72.09
N GLY TB 48 -92.51 3.27 -71.35
CA GLY TB 48 -93.22 3.09 -70.10
C GLY TB 48 -94.49 2.26 -70.27
N THR TB 49 -95.19 2.11 -69.15
CA THR TB 49 -96.42 1.35 -69.09
C THR TB 49 -97.46 2.15 -68.31
N MET TB 50 -98.68 2.20 -68.84
CA MET TB 50 -99.80 2.78 -68.13
C MET TB 50 -100.45 1.70 -67.28
N ARG TB 51 -100.55 1.95 -65.97
CA ARG TB 51 -101.17 1.01 -65.05
C ARG TB 51 -102.47 1.60 -64.53
N GLY TB 52 -103.56 0.85 -64.66
CA GLY TB 52 -104.85 1.25 -64.13
C GLY TB 52 -105.33 0.24 -63.10
N ASN TB 53 -105.97 0.74 -62.05
CA ASN TB 53 -106.46 -0.11 -60.98
C ASN TB 53 -107.86 0.33 -60.56
N MET TB 54 -108.78 -0.62 -60.52
CA MET TB 54 -110.10 -0.43 -59.92
C MET TB 54 -110.19 -1.31 -58.69
N ASN TB 55 -110.48 -0.70 -57.55
CA ASN TB 55 -110.57 -1.40 -56.28
C ASN TB 55 -111.99 -1.30 -55.75
N PHE TB 56 -112.58 -2.45 -55.40
CA PHE TB 56 -113.90 -2.51 -54.81
C PHE TB 56 -113.76 -3.02 -53.39
N ALA TB 57 -114.23 -2.26 -52.42
CA ALA TB 57 -114.11 -2.65 -51.01
C ALA TB 57 -115.47 -2.59 -50.36
N LYS TB 58 -115.83 -3.66 -49.67
CA LYS TB 58 -117.11 -3.73 -48.97
C LYS TB 58 -116.92 -4.39 -47.61
N SER TB 59 -117.73 -3.96 -46.64
CA SER TB 59 -117.75 -4.59 -45.33
C SER TB 59 -118.84 -5.65 -45.28
N PHE TB 60 -118.54 -6.75 -44.59
CA PHE TB 60 -119.43 -7.88 -44.49
C PHE TB 60 -119.44 -8.41 -43.06
N PRO TB 61 -120.57 -8.92 -42.58
CA PRO TB 61 -120.58 -9.55 -41.25
C PRO TB 61 -119.75 -10.82 -41.25
N ASN TB 62 -118.79 -10.88 -40.32
CA ASN TB 62 -117.91 -12.03 -40.15
C ASN TB 62 -118.04 -12.47 -38.69
N GLY TB 63 -118.95 -13.41 -38.44
CA GLY TB 63 -119.22 -13.85 -37.09
C GLY TB 63 -119.63 -12.70 -36.20
N ASP TB 64 -118.75 -12.30 -35.29
CA ASP TB 64 -119.02 -11.16 -34.43
C ASP TB 64 -118.58 -9.85 -35.08
N LYS TB 65 -117.45 -9.85 -35.78
CA LYS TB 65 -116.86 -8.63 -36.29
C LYS TB 65 -117.31 -8.35 -37.72
N LYS TB 66 -116.66 -7.40 -38.37
CA LYS TB 66 -116.93 -7.08 -39.77
C LYS TB 66 -115.63 -7.18 -40.55
N SER TB 67 -115.64 -7.97 -41.62
CA SER TB 67 -114.47 -8.19 -42.45
C SER TB 67 -114.60 -7.46 -43.79
N LEU TB 68 -113.46 -7.16 -44.39
CA LEU TB 68 -113.41 -6.39 -45.62
C LEU TB 68 -113.15 -7.31 -46.80
N VAL TB 69 -114.06 -7.30 -47.77
CA VAL TB 69 -113.91 -8.03 -49.03
C VAL TB 69 -113.48 -7.02 -50.10
N VAL TB 70 -112.39 -7.35 -50.80
CA VAL TB 70 -111.78 -6.46 -51.77
C VAL TB 70 -111.64 -7.19 -53.10
N VAL TB 71 -112.07 -6.57 -54.17
CA VAL TB 71 -111.90 -7.06 -55.54
C VAL TB 71 -111.06 -6.07 -56.30
N ASN TB 72 -109.95 -6.53 -56.86
CA ASN TB 72 -109.06 -5.67 -57.63
C ASN TB 72 -109.12 -6.03 -59.11
N LEU TB 73 -109.02 -4.99 -59.94
CA LEU TB 73 -108.93 -5.16 -61.39
C LEU TB 73 -107.82 -4.25 -61.87
N THR TB 74 -106.68 -4.83 -62.25
CA THR TB 74 -105.52 -4.06 -62.67
C THR TB 74 -105.19 -4.38 -64.12
N ALA TB 75 -104.92 -3.33 -64.89
CA ALA TB 75 -104.53 -3.44 -66.29
C ALA TB 75 -103.18 -2.77 -66.49
N HIS TB 76 -102.34 -3.41 -67.29
CA HIS TB 76 -101.01 -2.91 -67.65
C HIS TB 76 -100.96 -2.80 -69.17
N VAL TB 77 -100.92 -1.57 -69.68
CA VAL TB 77 -100.86 -1.35 -71.13
C VAL TB 77 -99.55 -0.67 -71.48
N PRO TB 78 -98.65 -1.34 -72.20
CA PRO TB 78 -97.41 -0.67 -72.62
C PRO TB 78 -97.69 0.47 -73.59
N VAL TB 79 -96.88 1.51 -73.50
CA VAL TB 79 -97.04 2.67 -74.37
C VAL TB 79 -96.62 2.30 -75.79
N GLY TB 80 -97.44 2.68 -76.77
CA GLY TB 80 -97.21 2.36 -78.17
C GLY TB 80 -98.18 1.33 -78.72
N VAL TB 81 -98.69 0.45 -77.85
CA VAL TB 81 -99.71 -0.50 -78.26
C VAL TB 81 -100.98 0.27 -78.65
N ASP TB 82 -101.60 -0.13 -79.75
CA ASP TB 82 -102.82 0.51 -80.20
C ASP TB 82 -103.92 0.36 -79.16
N ALA TB 83 -104.57 1.47 -78.82
CA ALA TB 83 -105.56 1.46 -77.74
C ALA TB 83 -106.85 0.75 -78.17
N THR TB 84 -107.25 0.92 -79.42
CA THR TB 84 -108.50 0.31 -79.88
C THR TB 84 -108.43 -1.21 -79.84
N ALA TB 85 -107.28 -1.78 -80.21
CA ALA TB 85 -107.12 -3.22 -80.15
C ALA TB 85 -107.22 -3.73 -78.71
N VAL TB 86 -106.60 -3.01 -77.77
CA VAL TB 86 -106.69 -3.40 -76.36
C VAL TB 86 -108.13 -3.31 -75.88
N ARG TB 87 -108.85 -2.26 -76.29
CA ARG TB 87 -110.22 -2.08 -75.83
C ARG TB 87 -111.14 -3.15 -76.38
N THR TB 88 -110.99 -3.53 -77.65
CA THR TB 88 -111.83 -4.58 -78.19
C THR TB 88 -111.45 -5.94 -77.61
N TRP TB 89 -110.17 -6.17 -77.33
CA TRP TB 89 -109.76 -7.39 -76.64
C TRP TB 89 -110.39 -7.47 -75.27
N MET TB 90 -110.40 -6.35 -74.54
CA MET TB 90 -110.99 -6.32 -73.21
C MET TB 90 -112.50 -6.56 -73.26
N THR TB 91 -113.18 -5.91 -74.21
CA THR TB 91 -114.63 -6.03 -74.30
C THR TB 91 -115.06 -7.43 -74.74
N SER TB 92 -114.31 -8.03 -75.66
CA SER TB 92 -114.70 -9.31 -76.24
C SER TB 92 -114.10 -10.51 -75.54
N GLU TB 93 -112.87 -10.41 -75.04
CA GLU TB 93 -112.15 -11.56 -74.50
C GLU TB 93 -111.94 -11.52 -73.00
N VAL TB 94 -111.79 -10.35 -72.40
CA VAL TB 94 -111.47 -10.27 -70.99
C VAL TB 94 -112.73 -10.13 -70.14
N PHE TB 95 -113.61 -9.19 -70.51
CA PHE TB 95 -114.80 -8.90 -69.73
C PHE TB 95 -115.77 -10.09 -69.63
N PRO TB 96 -116.11 -10.77 -70.74
CA PRO TB 96 -117.03 -11.92 -70.61
C PRO TB 96 -116.49 -13.02 -69.71
N GLY TB 97 -115.18 -13.28 -69.74
CA GLY TB 97 -114.62 -14.32 -68.89
C GLY TB 97 -114.36 -13.86 -67.47
N ALA TB 98 -114.25 -12.54 -67.25
CA ALA TB 98 -113.97 -12.01 -65.93
C ALA TB 98 -115.23 -11.85 -65.08
N THR TB 99 -116.42 -12.00 -65.66
CA THR TB 99 -117.67 -11.84 -64.93
C THR TB 99 -118.50 -13.12 -64.95
N SER TB 100 -117.90 -14.25 -65.29
CA SER TB 100 -118.62 -15.51 -65.37
C SER TB 100 -118.63 -16.17 -63.99
N SER TB 101 -119.19 -17.38 -63.93
CA SER TB 101 -119.20 -18.14 -62.68
C SER TB 101 -117.80 -18.59 -62.27
N VAL TB 102 -116.86 -18.62 -63.22
CA VAL TB 102 -115.49 -19.01 -62.89
C VAL TB 102 -114.90 -18.06 -61.87
N THR TB 103 -115.13 -16.76 -62.04
CA THR TB 103 -114.65 -15.77 -61.08
C THR TB 103 -115.28 -16.00 -59.70
N LEU TB 104 -116.58 -16.31 -59.66
CA LEU TB 104 -117.24 -16.53 -58.39
C LEU TB 104 -116.69 -17.75 -57.66
N ASP TB 105 -116.48 -18.86 -58.39
CA ASP TB 105 -115.92 -20.05 -57.75
C ASP TB 105 -114.48 -19.81 -57.31
N LEU TB 106 -113.69 -19.10 -58.13
CA LEU TB 106 -112.32 -18.81 -57.74
C LEU TB 106 -112.26 -17.93 -56.50
N ALA TB 107 -113.15 -16.94 -56.40
CA ALA TB 107 -113.13 -16.02 -55.26
C ALA TB 107 -113.65 -16.68 -53.99
N THR TB 108 -114.70 -17.51 -54.10
CA THR TB 108 -115.31 -18.08 -52.90
C THR TB 108 -114.74 -19.44 -52.52
N LYS TB 109 -114.29 -20.23 -53.49
CA LYS TB 109 -113.82 -21.59 -53.22
C LYS TB 109 -112.42 -21.88 -53.72
N GLY TB 110 -111.79 -20.97 -54.45
CA GLY TB 110 -110.46 -21.21 -54.97
C GLY TB 110 -110.40 -22.23 -56.08
N VAL TB 111 -111.44 -22.34 -56.90
CA VAL TB 111 -111.49 -23.33 -57.97
C VAL TB 111 -110.66 -22.83 -59.14
N ILE TB 112 -109.67 -23.63 -59.56
CA ILE TB 112 -108.79 -23.28 -60.67
C ILE TB 112 -108.91 -24.25 -61.83
N HIS TB 113 -109.78 -25.26 -61.73
CA HIS TB 113 -110.02 -26.22 -62.80
C HIS TB 113 -111.46 -26.05 -63.28
N LEU TB 114 -111.64 -25.49 -64.48
CA LEU TB 114 -112.98 -25.20 -64.99
C LEU TB 114 -113.44 -26.33 -65.92
N SER TB 115 -113.51 -27.53 -65.37
CA SER TB 115 -113.95 -28.69 -66.12
C SER TB 115 -115.46 -28.66 -66.32
N ASP TB 116 -115.89 -29.08 -67.50
CA ASP TB 116 -115.06 -29.48 -68.63
C ASP TB 116 -115.56 -28.84 -69.92
N ALA TB 117 -116.83 -28.48 -69.93
CA ALA TB 117 -117.44 -27.88 -71.11
C ALA TB 117 -117.06 -26.41 -71.25
N LEU UB 1 91.13 35.21 -96.53
CA LEU UB 1 90.41 35.77 -95.40
C LEU UB 1 91.34 36.58 -94.50
N SER UB 2 91.02 37.86 -94.32
CA SER UB 2 91.83 38.74 -93.49
C SER UB 2 90.92 39.66 -92.69
N ILE UB 3 91.39 40.04 -91.51
CA ILE UB 3 90.73 41.02 -90.65
C ILE UB 3 91.79 42.08 -90.36
N GLY UB 4 91.81 43.13 -91.15
CA GLY UB 4 92.91 44.08 -91.10
C GLY UB 4 94.14 43.51 -91.76
N THR UB 5 95.21 43.32 -90.99
CA THR UB 5 96.46 42.76 -91.50
C THR UB 5 96.69 41.33 -91.04
N LYS UB 6 95.69 40.70 -90.42
CA LYS UB 6 95.82 39.35 -89.88
C LYS UB 6 95.05 38.36 -90.74
N ASN UB 7 95.71 37.27 -91.11
CA ASN UB 7 95.07 36.19 -91.86
C ASN UB 7 94.35 35.25 -90.90
N VAL UB 8 93.09 34.94 -91.22
CA VAL UB 8 92.25 34.09 -90.39
C VAL UB 8 91.61 33.02 -91.25
N SER UB 9 91.06 32.01 -90.57
CA SER UB 9 90.29 30.96 -91.20
C SER UB 9 89.01 30.76 -90.43
N ILE UB 10 87.94 30.36 -91.12
CA ILE UB 10 86.70 30.05 -90.45
C ILE UB 10 86.93 28.92 -89.47
N TYR UB 11 86.64 29.16 -88.19
CA TYR UB 11 86.80 28.17 -87.14
C TYR UB 11 85.48 27.63 -86.63
N ARG UB 12 84.50 28.49 -86.40
CA ARG UB 12 83.19 28.08 -85.93
C ARG UB 12 82.11 28.87 -86.64
N ASN UB 13 81.05 28.19 -87.06
CA ASN UB 13 79.96 28.81 -87.80
C ASN UB 13 78.66 28.55 -87.09
N THR UB 14 77.94 29.62 -86.76
CA THR UB 14 76.58 29.52 -86.24
C THR UB 14 75.66 30.43 -87.03
N ALA UB 15 74.38 30.48 -86.66
CA ALA UB 15 73.42 31.26 -87.42
C ALA UB 15 73.74 32.75 -87.37
N ASP UB 16 74.09 33.27 -86.20
CA ASP UB 16 74.33 34.70 -86.03
C ASP UB 16 75.73 35.02 -85.50
N GLU UB 17 76.65 34.06 -85.53
CA GLU UB 17 77.99 34.31 -85.05
C GLU UB 17 78.98 33.42 -85.79
N VAL UB 18 80.09 34.02 -86.24
CA VAL UB 18 81.18 33.29 -86.87
C VAL UB 18 82.46 33.61 -86.12
N ILE UB 19 83.17 32.56 -85.69
CA ILE UB 19 84.47 32.70 -85.04
C ILE UB 19 85.55 32.32 -86.04
N TYR UB 20 86.53 33.21 -86.21
CA TYR UB 20 87.70 32.97 -87.03
C TYR UB 20 88.92 32.82 -86.13
N ALA UB 21 89.83 31.94 -86.53
CA ALA UB 21 91.02 31.62 -85.75
C ALA UB 21 92.25 32.24 -86.42
N GLY UB 22 93.12 32.83 -85.61
CA GLY UB 22 94.36 33.38 -86.10
C GLY UB 22 95.42 32.31 -86.25
N PRO UB 23 96.60 32.71 -86.72
CA PRO UB 23 97.68 31.73 -86.94
C PRO UB 23 98.20 31.07 -85.67
N ALA UB 24 97.97 31.68 -84.50
CA ALA UB 24 98.50 31.17 -83.25
C ALA UB 24 97.47 30.40 -82.43
N HIS UB 25 96.30 30.12 -82.99
CA HIS UB 25 95.25 29.43 -82.26
C HIS UB 25 95.44 27.91 -82.33
N ASP UB 26 95.48 27.27 -81.18
CA ASP UB 26 95.52 25.81 -81.09
C ASP UB 26 94.86 25.40 -79.78
N VAL UB 27 95.09 24.16 -79.36
CA VAL UB 27 94.47 23.60 -78.17
C VAL UB 27 94.93 24.35 -76.92
N THR UB 28 96.14 24.92 -76.96
CA THR UB 28 96.72 25.57 -75.81
C THR UB 28 96.63 27.10 -75.84
N ASN UB 29 96.69 27.72 -77.02
CA ASN UB 29 96.73 29.17 -77.13
C ASN UB 29 95.49 29.66 -77.85
N VAL UB 30 94.90 30.73 -77.34
CA VAL UB 30 93.72 31.34 -77.93
C VAL UB 30 94.13 32.54 -78.77
N ASP UB 31 93.68 32.57 -80.02
CA ASP UB 31 93.87 33.72 -80.90
C ASP UB 31 92.66 33.74 -81.84
N THR UB 32 91.61 34.47 -81.45
CA THR UB 32 90.35 34.39 -82.18
C THR UB 32 89.74 35.77 -82.37
N VAL UB 33 89.00 35.91 -83.46
CA VAL UB 33 88.16 37.08 -83.72
C VAL UB 33 86.76 36.57 -84.06
N SER UB 34 85.77 37.04 -83.32
CA SER UB 34 84.39 36.62 -83.49
C SER UB 34 83.53 37.77 -84.01
N LEU UB 35 82.69 37.48 -84.99
CA LEU UB 35 81.73 38.43 -85.53
C LEU UB 35 80.33 37.95 -85.17
N ARG UB 36 79.59 38.77 -84.44
CA ARG UB 36 78.25 38.41 -84.00
C ARG UB 36 77.28 39.52 -84.38
N ARG UB 37 76.06 39.12 -84.73
CA ARG UB 37 75.02 40.07 -85.09
C ARG UB 37 73.74 39.77 -84.33
N SER UB 38 73.05 40.84 -83.97
CA SER UB 38 71.69 40.79 -83.41
C SER UB 38 70.83 41.61 -84.35
N LEU UB 39 70.07 40.89 -85.19
CA LEU UB 39 69.26 41.55 -86.19
C LEU UB 39 68.05 42.21 -85.55
N PRO UB 40 67.58 43.32 -86.10
CA PRO UB 40 66.45 44.04 -85.49
C PRO UB 40 65.18 43.20 -85.49
N VAL UB 41 64.43 43.29 -84.39
CA VAL UB 41 63.11 42.72 -84.29
C VAL UB 41 62.13 43.90 -84.24
N LYS UB 42 61.31 44.04 -85.27
CA LYS UB 42 60.45 45.20 -85.43
C LYS UB 42 59.11 44.93 -84.74
N LYS UB 43 59.20 44.76 -83.42
CA LYS UB 43 58.02 44.53 -82.60
C LYS UB 43 57.21 45.81 -82.45
N GLY UB 44 55.90 45.64 -82.32
CA GLY UB 44 54.98 46.76 -82.21
C GLY UB 44 55.15 47.79 -83.30
N SER UB 45 55.53 49.01 -82.91
CA SER UB 45 55.82 50.06 -83.86
C SER UB 45 57.31 50.36 -83.99
N ASP UB 46 58.09 50.12 -82.94
CA ASP UB 46 59.53 50.35 -83.01
C ASP UB 46 60.17 49.36 -83.98
N ASN UB 47 61.04 49.87 -84.85
CA ASN UB 47 61.66 49.05 -85.87
C ASN UB 47 62.88 48.29 -85.37
N GLY UB 48 63.21 48.41 -84.08
CA GLY UB 48 64.29 47.65 -83.51
C GLY UB 48 65.66 48.25 -83.75
N THR UB 49 66.68 47.52 -83.30
CA THR UB 49 68.07 47.97 -83.36
C THR UB 49 68.93 46.85 -83.92
N MET UB 50 69.87 47.22 -84.78
CA MET UB 50 70.87 46.29 -85.27
C MET UB 50 72.10 46.38 -84.37
N ARG UB 51 72.53 45.24 -83.83
CA ARG UB 51 73.66 45.20 -82.91
C ARG UB 51 74.78 44.38 -83.52
N GLY UB 52 75.91 45.03 -83.80
CA GLY UB 52 77.05 44.35 -84.37
C GLY UB 52 78.23 44.28 -83.43
N ASN UB 53 78.68 43.07 -83.08
CA ASN UB 53 79.75 42.90 -82.10
C ASN UB 53 80.95 42.22 -82.74
N MET UB 54 82.14 42.78 -82.49
CA MET UB 54 83.40 42.17 -82.88
C MET UB 54 84.22 41.88 -81.62
N ASN UB 55 84.65 40.64 -81.48
CA ASN UB 55 85.34 40.14 -80.29
C ASN UB 55 86.75 39.74 -80.66
N PHE UB 56 87.73 40.19 -79.89
CA PHE UB 56 89.11 39.80 -80.04
C PHE UB 56 89.56 39.10 -78.77
N ALA UB 57 90.00 37.85 -78.89
CA ALA UB 57 90.39 37.05 -77.73
C ALA UB 57 91.81 36.55 -77.92
N LYS UB 58 92.64 36.76 -76.90
CA LYS UB 58 94.03 36.31 -76.96
C LYS UB 58 94.48 35.83 -75.59
N SER UB 59 95.15 34.68 -75.56
CA SER UB 59 95.72 34.18 -74.32
C SER UB 59 97.08 34.83 -74.06
N PHE UB 60 97.36 35.08 -72.79
CA PHE UB 60 98.60 35.73 -72.36
C PHE UB 60 99.15 34.99 -71.16
N PRO UB 61 100.47 34.99 -70.99
CA PRO UB 61 101.06 34.41 -69.77
C PRO UB 61 100.70 35.25 -68.55
N ASN UB 62 100.21 34.59 -67.50
CA ASN UB 62 99.83 35.24 -66.24
C ASN UB 62 100.41 34.37 -65.14
N GLY UB 63 101.59 34.75 -64.67
CA GLY UB 63 102.30 33.91 -63.72
C GLY UB 63 102.59 32.57 -64.35
N ASP UB 64 102.17 31.50 -63.68
CA ASP UB 64 102.32 30.16 -64.22
C ASP UB 64 101.15 29.75 -65.11
N LYS UB 65 100.04 30.47 -65.08
CA LYS UB 65 98.85 30.10 -65.82
C LYS UB 65 98.72 30.97 -67.08
N LYS UB 66 97.59 30.83 -67.77
CA LYS UB 66 97.26 31.65 -68.92
C LYS UB 66 95.96 32.39 -68.66
N SER UB 67 95.90 33.63 -69.11
CA SER UB 67 94.74 34.49 -68.91
C SER UB 67 94.24 35.00 -70.25
N LEU UB 68 92.92 35.10 -70.37
CA LEU UB 68 92.29 35.53 -71.62
C LEU UB 68 92.05 37.03 -71.58
N VAL UB 69 92.62 37.74 -72.55
CA VAL UB 69 92.35 39.17 -72.73
C VAL UB 69 91.37 39.30 -73.89
N VAL UB 70 90.27 40.01 -73.65
CA VAL UB 70 89.17 40.14 -74.60
C VAL UB 70 88.93 41.62 -74.85
N VAL UB 71 88.81 41.99 -76.11
CA VAL UB 71 88.46 43.35 -76.52
C VAL UB 71 87.17 43.28 -77.34
N ASN UB 72 86.17 44.04 -76.92
CA ASN UB 72 84.87 44.04 -77.57
C ASN UB 72 84.62 45.38 -78.24
N LEU UB 73 84.07 45.32 -79.46
CA LEU UB 73 83.67 46.53 -80.19
C LEU UB 73 82.25 46.31 -80.70
N THR UB 74 81.29 47.01 -80.09
CA THR UB 74 79.88 46.81 -80.39
C THR UB 74 79.27 48.11 -80.89
N ALA UB 75 78.53 48.01 -81.99
CA ALA UB 75 77.78 49.12 -82.55
C ALA UB 75 76.29 48.85 -82.42
N HIS UB 76 75.54 49.86 -81.96
CA HIS UB 76 74.10 49.77 -81.80
C HIS UB 76 73.48 50.81 -82.72
N VAL UB 77 72.93 50.37 -83.84
CA VAL UB 77 72.38 51.29 -84.84
C VAL UB 77 70.86 51.10 -84.87
N PRO UB 78 70.07 52.10 -84.46
CA PRO UB 78 68.62 51.99 -84.58
C PRO UB 78 68.19 51.97 -86.04
N VAL UB 79 67.10 51.27 -86.32
CA VAL UB 79 66.63 51.10 -87.69
C VAL UB 79 65.99 52.40 -88.18
N GLY UB 80 66.37 52.83 -89.38
CA GLY UB 80 65.90 54.06 -89.97
C GLY UB 80 66.99 55.11 -90.13
N VAL UB 81 68.02 55.04 -89.28
CA VAL UB 81 69.15 55.95 -89.40
C VAL UB 81 69.91 55.65 -90.69
N ASP UB 82 70.30 56.71 -91.39
CA ASP UB 82 71.05 56.55 -92.64
C ASP UB 82 72.36 55.82 -92.38
N ALA UB 83 72.59 54.76 -93.16
CA ALA UB 83 73.80 53.96 -92.99
C ALA UB 83 75.05 54.74 -93.38
N THR UB 84 74.96 55.55 -94.44
CA THR UB 84 76.13 56.30 -94.90
C THR UB 84 76.59 57.31 -93.86
N ALA UB 85 75.65 58.02 -93.24
CA ALA UB 85 76.01 58.99 -92.21
C ALA UB 85 76.66 58.29 -91.01
N VAL UB 86 76.12 57.14 -90.61
CA VAL UB 86 76.70 56.39 -89.50
C VAL UB 86 78.11 55.91 -89.85
N ARG UB 87 78.31 55.44 -91.08
CA ARG UB 87 79.64 54.99 -91.48
C ARG UB 87 80.63 56.14 -91.51
N THR UB 88 80.20 57.30 -91.99
CA THR UB 88 81.09 58.47 -91.99
C THR UB 88 81.44 58.88 -90.56
N TRP UB 89 80.46 58.84 -89.66
CA TRP UB 89 80.73 59.18 -88.26
C TRP UB 89 81.70 58.19 -87.62
N MET UB 90 81.52 56.89 -87.89
CA MET UB 90 82.41 55.88 -87.34
C MET UB 90 83.83 56.03 -87.89
N THR UB 91 83.95 56.30 -89.19
CA THR UB 91 85.27 56.41 -89.79
C THR UB 91 86.01 57.66 -89.32
N SER UB 92 85.33 58.81 -89.29
CA SER UB 92 86.00 60.06 -89.00
C SER UB 92 86.06 60.40 -87.52
N GLU UB 93 85.16 59.87 -86.71
CA GLU UB 93 85.04 60.30 -85.33
C GLU UB 93 85.29 59.20 -84.32
N VAL UB 94 84.82 57.99 -84.57
CA VAL UB 94 84.95 56.91 -83.60
C VAL UB 94 86.25 56.15 -83.79
N PHE UB 95 86.60 55.84 -85.04
CA PHE UB 95 87.78 55.02 -85.31
C PHE UB 95 89.07 55.68 -84.84
N PRO UB 96 89.35 56.96 -85.13
CA PRO UB 96 90.59 57.55 -84.59
C PRO UB 96 90.63 57.59 -83.07
N GLY UB 97 89.49 57.78 -82.40
CA GLY UB 97 89.50 57.82 -80.95
C GLY UB 97 89.63 56.46 -80.30
N ALA UB 98 89.12 55.42 -80.95
CA ALA UB 98 89.16 54.07 -80.41
C ALA UB 98 90.49 53.37 -80.66
N THR UB 99 91.41 54.01 -81.40
CA THR UB 99 92.72 53.45 -81.67
C THR UB 99 93.84 54.34 -81.18
N SER UB 100 93.52 55.30 -80.29
CA SER UB 100 94.51 56.22 -79.78
C SER UB 100 95.13 55.67 -78.49
N SER UB 101 96.05 56.43 -77.93
CA SER UB 101 96.65 56.05 -76.65
C SER UB 101 95.63 56.08 -75.52
N VAL UB 102 94.51 56.79 -75.69
CA VAL UB 102 93.46 56.82 -74.68
C VAL UB 102 92.90 55.42 -74.44
N THR UB 103 92.64 54.68 -75.52
CA THR UB 103 92.13 53.33 -75.39
C THR UB 103 93.15 52.43 -74.70
N LEU UB 104 94.42 52.55 -75.07
CA LEU UB 104 95.46 51.73 -74.46
C LEU UB 104 95.57 52.01 -72.96
N ASP UB 105 95.56 53.29 -72.58
CA ASP UB 105 95.65 53.63 -71.17
C ASP UB 105 94.43 53.17 -70.40
N LEU UB 106 93.24 53.30 -70.99
CA LEU UB 106 92.04 52.85 -70.31
C LEU UB 106 92.05 51.33 -70.12
N ALA UB 107 92.53 50.59 -71.12
CA ALA UB 107 92.52 49.13 -71.02
C ALA UB 107 93.57 48.62 -70.05
N THR UB 108 94.79 49.14 -70.12
CA THR UB 108 95.90 48.57 -69.36
C THR UB 108 96.19 49.28 -68.05
N LYS UB 109 95.62 50.46 -67.81
CA LYS UB 109 95.86 51.20 -66.59
C LYS UB 109 94.59 51.73 -65.95
N GLY UB 110 93.44 51.63 -66.61
CA GLY UB 110 92.21 52.19 -66.09
C GLY UB 110 92.19 53.69 -66.03
N VAL UB 111 92.80 54.37 -67.00
CA VAL UB 111 92.87 55.82 -66.99
C VAL UB 111 91.63 56.38 -67.67
N ILE UB 112 90.86 57.18 -66.93
CA ILE UB 112 89.64 57.81 -67.43
C ILE UB 112 89.78 59.32 -67.53
N HIS UB 113 90.92 59.89 -67.16
CA HIS UB 113 91.18 61.32 -67.28
C HIS UB 113 92.26 61.52 -68.34
N LEU UB 114 91.89 62.10 -69.49
CA LEU UB 114 92.85 62.32 -70.57
C LEU UB 114 93.39 63.75 -70.49
N SER UB 115 93.98 64.07 -69.35
CA SER UB 115 94.64 65.36 -69.18
C SER UB 115 95.96 65.38 -69.94
N ASP UB 116 96.33 66.56 -70.44
CA ASP UB 116 95.58 67.81 -70.41
C ASP UB 116 95.66 68.52 -71.75
N ALA UB 117 96.59 68.07 -72.59
CA ALA UB 117 96.84 68.70 -73.89
C ALA UB 117 95.61 68.59 -74.81
N LEU VB 1 92.49 69.31 -74.62
CA LEU VB 1 91.74 68.11 -74.28
C LEU VB 1 91.10 67.52 -75.53
N SER VB 2 91.66 66.40 -76.01
CA SER VB 2 91.18 65.79 -77.24
C SER VB 2 91.17 64.28 -77.09
N ILE VB 3 90.23 63.64 -77.78
CA ILE VB 3 90.16 62.20 -77.91
C ILE VB 3 90.20 61.89 -79.40
N GLY VB 4 91.28 61.26 -79.85
CA GLY VB 4 91.49 61.07 -81.27
C GLY VB 4 91.65 62.39 -81.98
N THR VB 5 90.82 62.63 -82.99
CA THR VB 5 90.80 63.90 -83.70
C THR VB 5 89.75 64.85 -83.16
N LYS VB 6 88.96 64.44 -82.18
CA LYS VB 6 87.88 65.25 -81.64
C LYS VB 6 88.33 65.94 -80.36
N ASN VB 7 88.23 67.27 -80.34
CA ASN VB 7 88.43 68.01 -79.10
C ASN VB 7 87.17 67.91 -78.24
N VAL VB 8 87.35 67.61 -76.97
CA VAL VB 8 86.25 67.41 -76.03
C VAL VB 8 86.52 68.23 -74.78
N SER VB 9 85.48 68.33 -73.95
CA SER VB 9 85.58 68.99 -72.66
C SER VB 9 84.90 68.11 -71.61
N ILE VB 10 85.32 68.27 -70.36
CA ILE VB 10 84.73 67.49 -69.28
C ILE VB 10 83.28 67.91 -69.11
N TYR VB 11 82.37 66.93 -69.17
CA TYR VB 11 80.94 67.17 -69.02
C TYR VB 11 80.40 66.63 -67.71
N ARG VB 12 80.77 65.40 -67.35
CA ARG VB 12 80.38 64.84 -66.07
C ARG VB 12 81.54 64.01 -65.54
N ASN VB 13 81.67 63.97 -64.21
CA ASN VB 13 82.84 63.37 -63.56
C ASN VB 13 82.37 62.62 -62.32
N THR VB 14 82.37 61.29 -62.39
CA THR VB 14 82.15 60.43 -61.23
C THR VB 14 83.44 59.70 -60.90
N ALA VB 15 83.36 58.80 -59.92
CA ALA VB 15 84.56 58.11 -59.44
C ALA VB 15 85.15 57.22 -60.52
N ASP VB 16 84.32 56.45 -61.21
CA ASP VB 16 84.79 55.47 -62.19
C ASP VB 16 84.36 55.78 -63.61
N GLU VB 17 83.65 56.89 -63.83
CA GLU VB 17 83.22 57.26 -65.17
C GLU VB 17 83.40 58.75 -65.37
N VAL VB 18 83.97 59.12 -66.52
CA VAL VB 18 84.06 60.52 -66.94
C VAL VB 18 83.43 60.63 -68.32
N ILE VB 19 82.42 61.49 -68.43
CA ILE VB 19 81.74 61.75 -69.70
C ILE VB 19 82.26 63.06 -70.25
N TYR VB 20 82.81 63.03 -71.46
CA TYR VB 20 83.27 64.20 -72.18
C TYR VB 20 82.29 64.53 -73.30
N ALA VB 21 82.15 65.81 -73.58
CA ALA VB 21 81.19 66.29 -74.58
C ALA VB 21 81.95 66.89 -75.76
N GLY VB 22 81.50 66.56 -76.97
CA GLY VB 22 82.05 67.14 -78.17
C GLY VB 22 81.56 68.56 -78.35
N PRO VB 23 82.11 69.26 -79.34
CA PRO VB 23 81.70 70.66 -79.55
C PRO VB 23 80.22 70.82 -79.86
N ALA VB 24 79.61 69.84 -80.53
CA ALA VB 24 78.20 69.93 -80.90
C ALA VB 24 77.25 69.54 -79.78
N HIS VB 25 77.74 68.90 -78.73
CA HIS VB 25 76.86 68.41 -77.67
C HIS VB 25 76.09 69.55 -77.03
N ASP VB 26 74.79 69.33 -76.83
CA ASP VB 26 73.92 70.32 -76.23
C ASP VB 26 72.75 69.59 -75.57
N VAL VB 27 71.73 70.36 -75.19
CA VAL VB 27 70.58 69.79 -74.49
C VAL VB 27 69.72 68.90 -75.36
N THR VB 28 69.81 69.03 -76.69
CA THR VB 28 69.04 68.19 -77.60
C THR VB 28 69.89 67.36 -78.55
N ASN VB 29 71.15 67.70 -78.75
CA ASN VB 29 72.06 66.92 -79.58
C ASN VB 29 73.05 66.22 -78.67
N VAL VB 30 73.11 64.90 -78.77
CA VAL VB 30 74.03 64.09 -77.97
C VAL VB 30 75.29 63.85 -78.79
N ASP VB 31 76.44 64.27 -78.24
CA ASP VB 31 77.75 63.95 -78.82
C ASP VB 31 78.69 63.74 -77.62
N THR VB 32 78.80 62.49 -77.18
CA THR VB 32 79.51 62.21 -75.94
C THR VB 32 80.48 61.04 -76.11
N VAL VB 33 81.58 61.13 -75.39
CA VAL VB 33 82.54 60.04 -75.24
C VAL VB 33 82.71 59.77 -73.75
N SER VB 34 82.29 58.60 -73.31
CA SER VB 34 82.40 58.20 -71.92
C SER VB 34 83.58 57.25 -71.74
N LEU VB 35 84.37 57.48 -70.70
CA LEU VB 35 85.38 56.54 -70.25
C LEU VB 35 84.94 55.99 -68.91
N ARG VB 36 84.64 54.70 -68.87
CA ARG VB 36 84.20 54.03 -67.67
C ARG VB 36 85.17 52.91 -67.34
N ARG VB 37 85.36 52.65 -66.05
CA ARG VB 37 86.23 51.57 -65.63
C ARG VB 37 85.57 50.79 -64.51
N SER VB 38 85.87 49.50 -64.48
CA SER VB 38 85.56 48.62 -63.37
C SER VB 38 86.87 48.06 -62.85
N LEU VB 39 87.24 48.47 -61.64
CA LEU VB 39 88.51 48.11 -61.04
C LEU VB 39 88.52 46.64 -60.65
N PRO VB 40 89.68 46.00 -60.70
CA PRO VB 40 89.77 44.58 -60.32
C PRO VB 40 89.37 44.36 -58.87
N VAL VB 41 88.43 43.45 -58.66
CA VAL VB 41 88.02 43.05 -57.32
C VAL VB 41 88.68 41.71 -57.03
N LYS VB 42 89.60 41.70 -56.07
CA LYS VB 42 90.39 40.51 -55.75
C LYS VB 42 89.54 39.61 -54.88
N LYS VB 43 88.96 38.58 -55.49
CA LYS VB 43 88.07 37.66 -54.81
C LYS VB 43 88.63 36.25 -54.91
N GLY VB 44 88.61 35.52 -53.80
CA GLY VB 44 89.19 34.19 -53.78
C GLY VB 44 90.66 34.23 -54.12
N SER VB 45 91.12 33.22 -54.86
CA SER VB 45 92.49 33.22 -55.37
C SER VB 45 92.63 34.02 -56.66
N ASP VB 46 91.53 34.41 -57.28
CA ASP VB 46 91.57 35.21 -58.49
C ASP VB 46 91.78 36.69 -58.15
N ASN VB 47 92.73 37.32 -58.82
CA ASN VB 47 93.06 38.71 -58.55
C ASN VB 47 92.11 39.68 -59.22
N GLY VB 48 91.17 39.21 -60.02
CA GLY VB 48 90.19 40.08 -60.64
C GLY VB 48 90.59 40.51 -62.04
N THR VB 49 89.77 41.38 -62.60
CA THR VB 49 89.94 41.83 -63.98
C THR VB 49 89.64 43.31 -64.08
N MET VB 50 90.52 44.05 -64.74
CA MET VB 50 90.26 45.43 -65.10
C MET VB 50 89.34 45.48 -66.32
N ARG VB 51 88.22 46.17 -66.20
CA ARG VB 51 87.32 46.38 -67.33
C ARG VB 51 87.37 47.84 -67.75
N GLY VB 52 87.64 48.09 -69.02
CA GLY VB 52 87.66 49.44 -69.53
C GLY VB 52 86.70 49.63 -70.67
N ASN VB 53 85.76 50.57 -70.54
CA ASN VB 53 84.73 50.79 -71.54
C ASN VB 53 84.85 52.20 -72.10
N MET VB 54 84.84 52.30 -73.43
CA MET VB 54 84.84 53.56 -74.16
C MET VB 54 83.55 53.63 -74.94
N ASN VB 55 82.70 54.59 -74.60
CA ASN VB 55 81.36 54.72 -75.18
C ASN VB 55 81.30 55.96 -76.06
N PHE VB 56 80.89 55.77 -77.30
CA PHE VB 56 80.64 56.88 -78.22
C PHE VB 56 79.14 56.96 -78.47
N ALA VB 57 78.54 58.09 -78.14
CA ALA VB 57 77.10 58.29 -78.33
C ALA VB 57 76.87 59.51 -79.21
N LYS VB 58 76.05 59.33 -80.24
CA LYS VB 58 75.76 60.41 -81.18
C LYS VB 58 74.28 60.38 -81.58
N SER VB 59 73.67 61.56 -81.63
CA SER VB 59 72.29 61.69 -82.09
C SER VB 59 72.26 61.75 -83.61
N PHE VB 60 71.27 61.08 -84.21
CA PHE VB 60 71.13 60.99 -85.64
C PHE VB 60 69.67 61.20 -86.02
N PRO VB 61 69.40 61.82 -87.16
CA PRO VB 61 68.01 61.91 -87.65
C PRO VB 61 67.50 60.55 -88.08
N ASN VB 62 66.40 60.12 -87.46
CA ASN VB 62 65.72 58.87 -87.81
C ASN VB 62 64.31 59.27 -88.21
N GLY VB 63 64.07 59.36 -89.52
CA GLY VB 63 62.80 59.84 -90.02
C GLY VB 63 62.48 61.22 -89.50
N ASP VB 64 61.45 61.30 -88.66
CA ASP VB 64 61.09 62.56 -88.04
C ASP VB 64 61.75 62.77 -86.69
N LYS VB 65 62.07 61.69 -85.98
CA LYS VB 65 62.61 61.79 -84.63
C LYS VB 65 64.13 61.68 -84.66
N LYS VB 66 64.73 61.53 -83.48
CA LYS VB 66 66.16 61.35 -83.35
C LYS VB 66 66.47 60.05 -82.63
N SER VB 67 67.48 59.34 -83.13
CA SER VB 67 67.91 58.07 -82.57
C SER VB 67 69.34 58.20 -82.06
N LEU VB 68 69.67 57.40 -81.05
CA LEU VB 68 71.00 57.41 -80.45
C LEU VB 68 71.80 56.24 -81.00
N VAL VB 69 72.88 56.55 -81.71
CA VAL VB 69 73.83 55.55 -82.18
C VAL VB 69 74.96 55.46 -81.17
N VAL VB 70 75.24 54.24 -80.71
CA VAL VB 70 76.22 53.99 -79.66
C VAL VB 70 77.23 52.97 -80.15
N VAL VB 71 78.51 53.27 -79.92
CA VAL VB 71 79.61 52.35 -80.21
C VAL VB 71 80.37 52.13 -78.91
N ASN VB 72 80.50 50.87 -78.50
CA ASN VB 72 81.20 50.52 -77.28
C ASN VB 72 82.48 49.77 -77.60
N LEU VB 73 83.56 50.16 -76.95
CA LEU VB 73 84.83 49.45 -77.01
C LEU VB 73 85.20 49.03 -75.60
N THR VB 74 85.13 47.73 -75.32
CA THR VB 74 85.35 47.21 -73.98
C THR VB 74 86.55 46.26 -73.98
N ALA VB 75 87.43 46.43 -73.01
CA ALA VB 75 88.59 45.57 -72.83
C ALA VB 75 88.54 44.94 -71.44
N HIS VB 76 88.84 43.65 -71.37
CA HIS VB 76 88.89 42.89 -70.12
C HIS VB 76 90.30 42.35 -69.95
N VAL VB 77 91.07 42.95 -69.06
CA VAL VB 77 92.46 42.58 -68.83
C VAL VB 77 92.58 41.95 -67.45
N PRO VB 78 92.90 40.66 -67.34
CA PRO VB 78 93.09 40.07 -66.01
C PRO VB 78 94.35 40.60 -65.33
N VAL VB 79 94.28 40.68 -64.00
CA VAL VB 79 95.44 41.11 -63.23
C VAL VB 79 96.54 40.07 -63.30
N GLY VB 80 97.77 40.53 -63.48
CA GLY VB 80 98.93 39.67 -63.57
C GLY VB 80 99.50 39.55 -64.97
N VAL VB 81 98.79 40.04 -65.97
CA VAL VB 81 99.27 40.01 -67.34
C VAL VB 81 100.19 41.20 -67.58
N ASP VB 82 101.19 41.01 -68.44
CA ASP VB 82 102.09 42.09 -68.78
C ASP VB 82 101.37 43.14 -69.62
N ALA VB 83 101.38 44.38 -69.15
CA ALA VB 83 100.63 45.44 -69.82
C ALA VB 83 101.25 45.82 -71.16
N THR VB 84 102.58 45.76 -71.27
CA THR VB 84 103.23 46.09 -72.53
C THR VB 84 102.85 45.10 -73.63
N ALA VB 85 102.80 43.81 -73.29
CA ALA VB 85 102.39 42.81 -74.28
C ALA VB 85 100.96 43.03 -74.74
N VAL VB 86 100.06 43.36 -73.81
CA VAL VB 86 98.67 43.62 -74.17
C VAL VB 86 98.58 44.86 -75.06
N ARG VB 87 99.33 45.91 -74.73
CA ARG VB 87 99.32 47.11 -75.54
C ARG VB 87 99.84 46.83 -76.96
N THR VB 88 100.91 46.04 -77.07
CA THR VB 88 101.44 45.69 -78.38
C THR VB 88 100.44 44.88 -79.19
N TRP VB 89 99.78 43.92 -78.54
CA TRP VB 89 98.76 43.12 -79.23
C TRP VB 89 97.60 43.99 -79.69
N MET VB 90 97.14 44.91 -78.84
CA MET VB 90 96.03 45.79 -79.20
C MET VB 90 96.41 46.71 -80.35
N THR VB 91 97.64 47.23 -80.35
CA THR VB 91 98.07 48.13 -81.41
C THR VB 91 98.24 47.40 -82.74
N SER VB 92 98.87 46.23 -82.72
CA SER VB 92 99.21 45.54 -83.96
C SER VB 92 98.08 44.68 -84.52
N GLU VB 93 97.17 44.20 -83.68
CA GLU VB 93 96.20 43.20 -84.12
C GLU VB 93 94.76 43.61 -83.89
N VAL VB 94 94.44 44.27 -82.79
CA VAL VB 94 93.07 44.63 -82.51
C VAL VB 94 92.66 45.89 -83.26
N PHE VB 95 93.50 46.92 -83.20
CA PHE VB 95 93.16 48.20 -83.81
C PHE VB 95 92.98 48.13 -85.33
N PRO VB 96 93.90 47.52 -86.10
CA PRO VB 96 93.66 47.47 -87.55
C PRO VB 96 92.39 46.73 -87.95
N GLY VB 97 92.03 45.67 -87.24
CA GLY VB 97 90.82 44.94 -87.56
C GLY VB 97 89.55 45.59 -87.08
N ALA VB 98 89.63 46.35 -85.98
CA ALA VB 98 88.45 47.01 -85.45
C ALA VB 98 88.04 48.23 -86.27
N THR VB 99 88.98 48.85 -86.98
CA THR VB 99 88.68 50.02 -87.80
C THR VB 99 88.74 49.69 -89.29
N SER VB 100 88.31 48.49 -89.66
CA SER VB 100 88.32 48.06 -91.05
C SER VB 100 86.92 48.18 -91.64
N SER VB 101 86.81 47.81 -92.92
CA SER VB 101 85.50 47.74 -93.55
C SER VB 101 84.64 46.63 -92.95
N VAL VB 102 85.26 45.67 -92.26
CA VAL VB 102 84.50 44.60 -91.61
C VAL VB 102 83.59 45.19 -90.54
N THR VB 103 84.09 46.14 -89.76
CA THR VB 103 83.27 46.77 -88.72
C THR VB 103 82.07 47.49 -89.32
N LEU VB 104 82.30 48.26 -90.39
CA LEU VB 104 81.22 49.00 -91.03
C LEU VB 104 80.19 48.06 -91.64
N ASP VB 105 80.66 46.99 -92.29
CA ASP VB 105 79.73 46.04 -92.90
C ASP VB 105 78.92 45.31 -91.85
N LEU VB 106 79.55 44.95 -90.73
CA LEU VB 106 78.81 44.32 -89.64
C LEU VB 106 77.79 45.28 -89.04
N ALA VB 107 78.16 46.56 -88.91
CA ALA VB 107 77.24 47.52 -88.30
C ALA VB 107 76.03 47.78 -89.19
N THR VB 108 76.25 48.04 -90.48
CA THR VB 108 75.18 48.52 -91.35
C THR VB 108 74.55 47.44 -92.22
N LYS VB 109 75.09 46.22 -92.24
CA LYS VB 109 74.53 45.17 -93.07
C LYS VB 109 74.38 43.83 -92.35
N GLY VB 110 74.90 43.67 -91.15
CA GLY VB 110 74.88 42.38 -90.49
C GLY VB 110 75.72 41.32 -91.16
N VAL VB 111 76.85 41.71 -91.74
CA VAL VB 111 77.73 40.76 -92.43
C VAL VB 111 78.66 40.14 -91.39
N ILE VB 112 78.56 38.82 -91.22
CA ILE VB 112 79.44 38.08 -90.33
C ILE VB 112 80.30 37.07 -91.06
N HIS VB 113 80.01 36.79 -92.32
CA HIS VB 113 80.80 35.87 -93.13
C HIS VB 113 81.76 36.69 -93.99
N LEU VB 114 83.06 36.50 -93.76
CA LEU VB 114 84.09 37.27 -94.45
C LEU VB 114 84.36 36.67 -95.83
N SER VB 115 84.83 37.52 -96.74
CA SER VB 115 85.17 37.11 -98.09
C SER VB 115 86.16 38.11 -98.69
N ASP VB 116 87.00 37.61 -99.59
CA ASP VB 116 87.21 36.21 -99.94
C ASP VB 116 88.69 35.91 -100.12
N ALA VB 117 89.49 36.97 -100.23
CA ALA VB 117 90.92 36.83 -100.48
C ALA VB 117 91.74 37.20 -99.26
N LEU WB 1 62.32 105.65 -62.59
CA LEU WB 1 62.48 104.31 -62.03
C LEU WB 1 63.32 103.44 -62.96
N SER WB 2 64.54 103.14 -62.53
CA SER WB 2 65.47 102.35 -63.31
C SER WB 2 66.08 101.24 -62.45
N ILE WB 3 66.19 100.06 -63.04
CA ILE WB 3 66.94 98.94 -62.44
C ILE WB 3 68.02 98.59 -63.45
N GLY WB 4 69.21 99.17 -63.28
CA GLY WB 4 70.26 99.04 -64.26
C GLY WB 4 70.08 100.03 -65.39
N THR WB 5 69.92 99.54 -66.61
CA THR WB 5 69.61 100.37 -67.77
C THR WB 5 68.15 100.25 -68.19
N LYS WB 6 67.34 99.51 -67.42
CA LYS WB 6 65.96 99.24 -67.78
C LYS WB 6 65.04 100.21 -67.06
N ASN WB 7 64.11 100.80 -67.80
CA ASN WB 7 63.09 101.68 -67.24
C ASN WB 7 61.87 100.83 -66.89
N VAL WB 8 61.54 100.77 -65.60
CA VAL WB 8 60.45 99.94 -65.11
C VAL WB 8 59.44 100.82 -64.39
N SER WB 9 58.25 100.25 -64.18
CA SER WB 9 57.20 100.90 -63.43
C SER WB 9 56.64 99.92 -62.40
N ILE WB 10 56.10 100.46 -61.32
CA ILE WB 10 55.51 99.62 -60.28
C ILE WB 10 54.33 98.87 -60.86
N TYR WB 11 54.35 97.55 -60.73
CA TYR WB 11 53.29 96.68 -61.22
C TYR WB 11 52.51 96.01 -60.10
N ARG WB 12 53.20 95.53 -59.06
CA ARG WB 12 52.52 94.96 -57.91
C ARG WB 12 53.28 95.37 -56.65
N ASN WB 13 52.53 95.76 -55.62
CA ASN WB 13 53.13 96.29 -54.40
C ASN WB 13 52.53 95.57 -53.21
N THR WB 14 53.32 94.71 -52.56
CA THR WB 14 52.91 94.00 -51.35
C THR WB 14 53.86 94.37 -50.21
N ALA WB 15 53.62 93.74 -49.05
CA ALA WB 15 54.38 94.10 -47.85
C ALA WB 15 55.87 93.81 -48.02
N ASP WB 16 56.21 92.65 -48.60
CA ASP WB 16 57.60 92.22 -48.66
C ASP WB 16 58.05 91.93 -50.08
N GLU WB 17 57.29 92.35 -51.08
CA GLU WB 17 57.66 92.09 -52.48
C GLU WB 17 57.07 93.19 -53.35
N VAL WB 18 57.90 93.75 -54.22
CA VAL WB 18 57.45 94.71 -55.22
C VAL WB 18 57.89 94.19 -56.58
N ILE WB 19 56.92 94.00 -57.48
CA ILE WB 19 57.17 93.57 -58.85
C ILE WB 19 57.10 94.79 -59.75
N TYR WB 20 58.19 95.05 -60.48
CA TYR WB 20 58.24 96.10 -61.48
C TYR WB 20 58.20 95.46 -62.86
N ALA WB 21 57.52 96.13 -63.79
CA ALA WB 21 57.32 95.63 -65.13
C ALA WB 21 58.17 96.43 -66.12
N GLY WB 22 58.80 95.73 -67.06
CA GLY WB 22 59.58 96.36 -68.08
C GLY WB 22 58.71 96.85 -69.22
N PRO WB 23 59.33 97.43 -70.25
CA PRO WB 23 58.54 97.95 -71.38
C PRO WB 23 57.75 96.88 -72.12
N ALA WB 24 58.25 95.65 -72.17
CA ALA WB 24 57.64 94.58 -72.94
C ALA WB 24 56.70 93.71 -72.11
N HIS WB 25 56.35 94.14 -70.91
CA HIS WB 25 55.45 93.38 -70.05
C HIS WB 25 54.00 93.74 -70.36
N ASP WB 26 53.16 92.71 -70.44
CA ASP WB 26 51.74 92.88 -70.70
C ASP WB 26 51.01 91.64 -70.21
N VAL WB 27 49.75 91.47 -70.62
CA VAL WB 27 48.95 90.34 -70.18
C VAL WB 27 49.50 89.00 -70.68
N THR WB 28 50.00 88.94 -71.91
CA THR WB 28 50.47 87.69 -72.50
C THR WB 28 51.97 87.49 -72.46
N ASN WB 29 52.76 88.53 -72.20
CA ASN WB 29 54.21 88.42 -72.15
C ASN WB 29 54.72 88.85 -70.78
N VAL WB 30 55.82 88.23 -70.35
CA VAL WB 30 56.39 88.49 -69.03
C VAL WB 30 57.73 89.20 -69.22
N ASP WB 31 57.85 90.38 -68.62
CA ASP WB 31 59.11 91.12 -68.52
C ASP WB 31 59.09 91.80 -67.16
N THR WB 32 59.62 91.13 -66.14
CA THR WB 32 59.46 91.61 -64.77
C THR WB 32 60.76 91.49 -63.99
N VAL WB 33 60.94 92.43 -63.06
CA VAL WB 33 61.97 92.37 -62.03
C VAL WB 33 61.28 92.51 -60.69
N SER WB 34 61.42 91.51 -59.84
CA SER WB 34 60.78 91.49 -58.53
C SER WB 34 61.82 91.62 -57.44
N LEU WB 35 61.60 92.56 -56.53
CA LEU WB 35 62.41 92.70 -55.33
C LEU WB 35 61.65 92.11 -54.16
N ARG WB 36 62.28 91.18 -53.45
CA ARG WB 36 61.68 90.48 -52.34
C ARG WB 36 62.62 90.53 -51.14
N ARG WB 37 62.04 90.50 -49.95
CA ARG WB 37 62.85 90.60 -48.75
C ARG WB 37 62.26 89.73 -47.65
N SER WB 38 63.14 89.24 -46.79
CA SER WB 38 62.79 88.57 -45.55
C SER WB 38 63.56 89.26 -44.44
N LEU WB 39 62.85 90.02 -43.61
CA LEU WB 39 63.47 90.81 -42.56
C LEU WB 39 63.90 89.92 -41.40
N PRO WB 40 64.93 90.34 -40.66
CA PRO WB 40 65.42 89.52 -39.55
C PRO WB 40 64.36 89.31 -38.49
N VAL WB 41 64.35 88.11 -37.92
CA VAL WB 41 63.46 87.76 -36.81
C VAL WB 41 64.34 87.44 -35.62
N LYS WB 42 64.14 88.18 -34.52
CA LYS WB 42 64.97 88.03 -33.33
C LYS WB 42 64.53 86.77 -32.57
N LYS WB 43 64.98 85.63 -33.08
CA LYS WB 43 64.69 84.34 -32.48
C LYS WB 43 65.72 84.02 -31.41
N GLY WB 44 65.28 83.99 -30.16
CA GLY WB 44 66.20 83.68 -29.07
C GLY WB 44 67.33 84.68 -28.99
N SER WB 45 68.56 84.16 -28.93
CA SER WB 45 69.75 85.01 -28.89
C SER WB 45 70.22 85.42 -30.28
N ASP WB 46 69.85 84.69 -31.31
CA ASP WB 46 70.22 85.05 -32.67
C ASP WB 46 69.43 86.28 -33.11
N ASN WB 47 70.12 87.27 -33.67
CA ASN WB 47 69.47 88.48 -34.15
C ASN WB 47 68.79 88.28 -35.50
N GLY WB 48 68.96 87.14 -36.14
CA GLY WB 48 68.31 86.87 -37.40
C GLY WB 48 69.20 87.09 -38.59
N THR WB 49 68.59 86.94 -39.77
CA THR WB 49 69.27 87.10 -41.04
C THR WB 49 68.40 87.94 -41.97
N MET WB 50 69.01 88.87 -42.67
CA MET WB 50 68.33 89.64 -43.70
C MET WB 50 68.50 88.92 -45.03
N ARG WB 51 67.38 88.58 -45.68
CA ARG WB 51 67.40 87.90 -46.96
C ARG WB 51 66.88 88.83 -48.04
N GLY WB 52 67.65 89.00 -49.09
CA GLY WB 52 67.24 89.81 -50.23
C GLY WB 52 67.19 88.96 -51.49
N ASN WB 53 66.16 89.17 -52.30
CA ASN WB 53 65.98 88.41 -53.52
C ASN WB 53 65.66 89.35 -54.68
N MET WB 54 66.40 89.21 -55.77
CA MET WB 54 66.12 89.91 -57.02
C MET WB 54 65.78 88.86 -58.07
N ASN WB 55 64.59 88.94 -58.64
CA ASN WB 55 64.09 87.97 -59.59
C ASN WB 55 63.91 88.63 -60.94
N PHE WB 56 64.47 88.04 -61.98
CA PHE WB 56 64.31 88.51 -63.35
C PHE WB 56 63.53 87.45 -64.11
N ALA WB 57 62.42 87.85 -64.74
CA ALA WB 57 61.60 86.90 -65.49
C ALA WB 57 61.31 87.46 -66.87
N LYS WB 58 61.54 86.65 -67.89
CA LYS WB 58 61.24 87.04 -69.25
C LYS WB 58 60.62 85.88 -70.01
N SER WB 59 59.75 86.20 -70.96
CA SER WB 59 59.17 85.21 -71.85
C SER WB 59 59.99 85.11 -73.13
N PHE WB 60 60.15 83.89 -73.63
CA PHE WB 60 60.96 83.60 -74.79
C PHE WB 60 60.23 82.63 -75.71
N PRO WB 61 60.41 82.74 -77.02
CA PRO WB 61 59.83 81.74 -77.92
C PRO WB 61 60.46 80.38 -77.71
N ASN WB 62 59.62 79.37 -77.46
CA ASN WB 62 60.04 77.99 -77.25
C ASN WB 62 59.22 77.15 -78.24
N GLY WB 63 59.76 76.96 -79.44
CA GLY WB 63 59.06 76.24 -80.48
C GLY WB 63 57.74 76.89 -80.82
N ASP WB 64 56.64 76.25 -80.41
CA ASP WB 64 55.32 76.81 -80.64
C ASP WB 64 54.89 77.73 -79.49
N LYS WB 65 55.28 77.40 -78.27
CA LYS WB 65 54.77 78.11 -77.09
C LYS WB 65 55.77 79.18 -76.64
N LYS WB 66 55.53 79.75 -75.46
CA LYS WB 66 56.43 80.71 -74.85
C LYS WB 66 56.85 80.18 -73.49
N SER WB 67 58.15 80.12 -73.25
CA SER WB 67 58.71 79.61 -72.01
C SER WB 67 59.30 80.75 -71.19
N LEU WB 68 59.30 80.56 -69.87
CA LEU WB 68 59.74 81.60 -68.94
C LEU WB 68 61.17 81.32 -68.49
N VAL WB 69 62.06 82.28 -68.71
CA VAL WB 69 63.43 82.23 -68.22
C VAL WB 69 63.52 83.13 -67.00
N VAL WB 70 64.06 82.57 -65.90
CA VAL WB 70 64.12 83.26 -64.62
C VAL WB 70 65.55 83.23 -64.11
N VAL WB 71 66.06 84.38 -63.71
CA VAL WB 71 67.37 84.52 -63.08
C VAL WB 71 67.15 85.04 -61.67
N ASN WB 72 67.63 84.30 -60.68
CA ASN WB 72 67.49 84.70 -59.29
C ASN WB 72 68.83 85.16 -58.73
N LEU WB 73 68.77 86.11 -57.79
CA LEU WB 73 69.95 86.59 -57.09
C LEU WB 73 69.54 86.77 -55.63
N THR WB 74 69.99 85.88 -54.76
CA THR WB 74 69.60 85.90 -53.36
C THR WB 74 70.83 86.09 -52.48
N ALA WB 75 70.72 87.03 -51.55
CA ALA WB 75 71.77 87.33 -50.59
C ALA WB 75 71.26 87.09 -49.17
N HIS WB 76 72.09 86.45 -48.35
CA HIS WB 76 71.80 86.20 -46.95
C HIS WB 76 72.86 86.91 -46.12
N VAL WB 77 72.44 87.89 -45.33
CA VAL WB 77 73.38 88.64 -44.50
C VAL WB 77 72.97 88.51 -43.04
N PRO WB 78 73.75 87.84 -42.21
CA PRO WB 78 73.42 87.75 -40.77
C PRO WB 78 73.49 89.13 -40.11
N VAL WB 79 72.63 89.34 -39.13
CA VAL WB 79 72.59 90.61 -38.42
C VAL WB 79 73.81 90.72 -37.52
N GLY WB 80 74.47 91.88 -37.57
CA GLY WB 80 75.68 92.15 -36.80
C GLY WB 80 76.92 92.26 -37.69
N VAL WB 81 76.93 91.57 -38.82
CA VAL WB 81 78.03 91.69 -39.76
C VAL WB 81 78.07 93.11 -40.31
N ASP WB 82 79.27 93.67 -40.40
CA ASP WB 82 79.42 95.03 -40.89
C ASP WB 82 78.94 95.12 -42.34
N ALA WB 83 78.10 96.11 -42.61
CA ALA WB 83 77.48 96.22 -43.93
C ALA WB 83 78.49 96.67 -44.98
N THR WB 84 79.42 97.55 -44.61
CA THR WB 84 80.38 98.07 -45.58
C THR WB 84 81.28 96.97 -46.09
N ALA WB 85 81.71 96.06 -45.21
CA ALA WB 85 82.53 94.93 -45.64
C ALA WB 85 81.79 94.04 -46.62
N VAL WB 86 80.52 93.75 -46.35
CA VAL WB 86 79.72 92.94 -47.27
C VAL WB 86 79.58 93.65 -48.60
N ARG WB 87 79.35 94.96 -48.58
CA ARG WB 87 79.14 95.69 -49.83
C ARG WB 87 80.40 95.75 -50.67
N THR WB 88 81.57 95.95 -50.04
CA THR WB 88 82.80 95.95 -50.83
C THR WB 88 83.15 94.54 -51.30
N TRP WB 89 82.82 93.51 -50.51
CA TRP WB 89 83.01 92.14 -50.97
C TRP WB 89 82.16 91.85 -52.19
N MET WB 90 80.90 92.31 -52.18
CA MET WB 90 80.02 92.10 -53.33
C MET WB 90 80.52 92.87 -54.54
N THR WB 91 80.91 94.13 -54.35
CA THR WB 91 81.32 94.96 -55.47
C THR WB 91 82.61 94.45 -56.10
N SER WB 92 83.56 94.00 -55.29
CA SER WB 92 84.86 93.60 -55.79
C SER WB 92 84.98 92.11 -56.09
N GLU WB 93 84.32 91.25 -55.32
CA GLU WB 93 84.53 89.81 -55.41
C GLU WB 93 83.35 89.05 -55.99
N VAL WB 94 82.12 89.49 -55.72
CA VAL WB 94 80.96 88.72 -56.15
C VAL WB 94 80.47 89.18 -57.52
N PHE WB 95 80.29 90.49 -57.69
CA PHE WB 95 79.73 91.06 -58.92
C PHE WB 95 80.58 90.78 -60.15
N PRO WB 96 81.90 91.01 -60.13
CA PRO WB 96 82.69 90.71 -61.35
C PRO WB 96 82.64 89.26 -61.76
N GLY WB 97 82.59 88.33 -60.82
CA GLY WB 97 82.51 86.93 -61.18
C GLY WB 97 81.12 86.46 -61.52
N ALA WB 98 80.10 87.18 -61.05
CA ALA WB 98 78.72 86.80 -61.31
C ALA WB 98 78.21 87.27 -62.67
N THR WB 99 78.96 88.13 -63.35
CA THR WB 99 78.56 88.66 -64.65
C THR WB 99 79.52 88.26 -65.76
N SER WB 100 80.37 87.27 -65.51
CA SER WB 100 81.37 86.85 -66.48
C SER WB 100 80.75 85.83 -67.44
N SER WB 101 81.58 85.29 -68.34
CA SER WB 101 81.12 84.23 -69.24
C SER WB 101 80.83 82.93 -68.51
N VAL WB 102 81.38 82.77 -67.30
CA VAL WB 102 81.12 81.56 -66.52
C VAL WB 102 79.63 81.44 -66.22
N THR WB 103 78.99 82.55 -65.85
CA THR WB 103 77.55 82.52 -65.58
C THR WB 103 76.77 82.15 -66.84
N LEU WB 104 77.17 82.70 -67.99
CA LEU WB 104 76.47 82.40 -69.23
C LEU WB 104 76.59 80.92 -69.59
N ASP WB 105 77.80 80.37 -69.49
CA ASP WB 105 77.99 78.95 -69.80
C ASP WB 105 77.24 78.07 -68.81
N LEU WB 106 77.24 78.43 -67.53
CA LEU WB 106 76.51 77.66 -66.53
C LEU WB 106 75.00 77.69 -66.77
N ALA WB 107 74.47 78.86 -67.18
CA ALA WB 107 73.04 78.98 -67.41
C ALA WB 107 72.60 78.27 -68.68
N THR WB 108 73.39 78.37 -69.75
CA THR WB 108 72.96 77.83 -71.03
C THR WB 108 73.43 76.39 -71.28
N LYS WB 109 74.58 76.01 -70.73
CA LYS WB 109 75.14 74.69 -70.99
C LYS WB 109 75.47 73.89 -69.73
N GLY WB 110 75.29 74.46 -68.55
CA GLY WB 110 75.59 73.73 -67.33
C GLY WB 110 77.06 73.44 -67.10
N VAL WB 111 77.94 74.35 -67.52
CA VAL WB 111 79.37 74.13 -67.38
C VAL WB 111 79.79 74.50 -65.95
N ILE WB 112 80.42 73.54 -65.26
CA ILE WB 112 80.87 73.75 -63.89
C ILE WB 112 82.37 73.65 -63.74
N HIS WB 113 83.10 73.37 -64.83
CA HIS WB 113 84.56 73.28 -64.82
C HIS WB 113 85.09 74.45 -65.65
N LEU WB 114 85.70 75.44 -64.98
CA LEU WB 114 86.19 76.63 -65.66
C LEU WB 114 87.70 76.51 -65.87
N SER WB 115 88.08 75.66 -66.81
CA SER WB 115 89.47 75.50 -67.18
C SER WB 115 89.86 76.50 -68.25
N ASP WB 116 91.11 76.96 -68.20
CA ASP WB 116 92.09 76.68 -67.16
C ASP WB 116 92.78 77.97 -66.71
N ALA WB 117 92.79 78.96 -67.59
CA ALA WB 117 93.44 80.23 -67.31
C ALA WB 117 92.62 81.06 -66.34
N LEU XB 1 -129.34 44.98 -12.11
CA LEU XB 1 -128.00 45.35 -11.71
C LEU XB 1 -127.63 46.74 -12.22
N SER XB 2 -127.35 47.66 -11.30
CA SER XB 2 -127.02 49.03 -11.65
C SER XB 2 -125.94 49.54 -10.71
N ILE XB 3 -125.12 50.46 -11.22
CA ILE XB 3 -124.12 51.17 -10.44
C ILE XB 3 -124.37 52.65 -10.68
N GLY XB 4 -125.10 53.29 -9.78
CA GLY XB 4 -125.60 54.62 -10.03
C GLY XB 4 -126.73 54.60 -11.03
N THR XB 5 -126.54 55.24 -12.18
CA THR XB 5 -127.54 55.27 -13.23
C THR XB 5 -127.15 54.40 -14.42
N LYS XB 6 -126.12 53.57 -14.30
CA LYS XB 6 -125.62 52.74 -15.38
C LYS XB 6 -126.00 51.29 -15.13
N ASN XB 7 -126.57 50.65 -16.16
CA ASN XB 7 -126.90 49.24 -16.10
C ASN XB 7 -125.68 48.41 -16.44
N VAL XB 8 -125.37 47.43 -15.59
CA VAL XB 8 -124.20 46.58 -15.76
C VAL XB 8 -124.63 45.13 -15.65
N SER XB 9 -123.71 44.24 -16.03
CA SER XB 9 -123.92 42.81 -15.94
C SER XB 9 -122.67 42.16 -15.38
N ILE XB 10 -122.85 41.06 -14.64
CA ILE XB 10 -121.71 40.29 -14.16
C ILE XB 10 -120.87 39.85 -15.36
N TYR XB 11 -119.58 40.19 -15.33
CA TYR XB 11 -118.66 39.84 -16.39
C TYR XB 11 -117.54 38.92 -15.94
N ARG XB 12 -116.92 39.22 -14.80
CA ARG XB 12 -115.86 38.37 -14.26
C ARG XB 12 -116.02 38.27 -12.75
N ASN XB 13 -115.84 37.07 -12.21
CA ASN XB 13 -116.01 36.81 -10.79
C ASN XB 13 -114.76 36.13 -10.26
N THR XB 14 -114.17 36.71 -9.22
CA THR XB 14 -113.09 36.07 -8.48
C THR XB 14 -113.41 36.10 -6.99
N ALA XB 15 -112.48 35.60 -6.16
CA ALA XB 15 -112.75 35.53 -4.72
C ALA XB 15 -112.93 36.92 -4.12
N ASP XB 16 -112.09 37.88 -4.50
CA ASP XB 16 -112.11 39.20 -3.90
C ASP XB 16 -112.34 40.32 -4.91
N GLU XB 17 -112.65 40.00 -6.17
CA GLU XB 17 -112.85 41.03 -7.17
C GLU XB 17 -113.96 40.59 -8.12
N VAL XB 18 -114.88 41.50 -8.41
CA VAL XB 18 -115.94 41.29 -9.37
C VAL XB 18 -115.92 42.42 -10.39
N ILE XB 19 -115.81 42.06 -11.67
CA ILE XB 19 -115.85 43.03 -12.77
C ILE XB 19 -117.22 42.97 -13.43
N TYR XB 20 -117.86 44.12 -13.55
CA TYR XB 20 -119.12 44.28 -14.27
C TYR XB 20 -118.86 45.04 -15.56
N ALA XB 21 -119.59 44.67 -16.61
CA ALA XB 21 -119.42 45.27 -17.93
C ALA XB 21 -120.60 46.18 -18.23
N GLY XB 22 -120.31 47.35 -18.81
CA GLY XB 22 -121.33 48.28 -19.21
C GLY XB 22 -121.91 47.93 -20.57
N PRO XB 23 -122.90 48.73 -21.01
CA PRO XB 23 -123.55 48.44 -22.30
C PRO XB 23 -122.61 48.55 -23.50
N ALA XB 24 -121.50 49.28 -23.39
CA ALA XB 24 -120.61 49.52 -24.51
C ALA XB 24 -119.39 48.63 -24.50
N HIS XB 25 -119.33 47.65 -23.59
CA HIS XB 25 -118.15 46.80 -23.50
C HIS XB 25 -118.24 45.66 -24.51
N ASP XB 26 -117.21 45.52 -25.32
CA ASP XB 26 -117.10 44.42 -26.27
C ASP XB 26 -115.61 44.13 -26.50
N VAL XB 27 -115.30 43.41 -27.57
CA VAL XB 27 -113.94 43.01 -27.89
C VAL XB 27 -113.08 44.23 -28.20
N THR XB 28 -113.70 45.31 -28.66
CA THR XB 28 -112.96 46.49 -29.10
C THR XB 28 -113.02 47.65 -28.12
N ASN XB 29 -114.10 47.80 -27.37
CA ASN XB 29 -114.28 48.95 -26.49
C ASN XB 29 -114.39 48.48 -25.04
N VAL XB 30 -113.69 49.19 -24.16
CA VAL XB 30 -113.71 48.88 -22.73
C VAL XB 30 -114.72 49.79 -22.04
N ASP XB 31 -115.62 49.20 -21.27
CA ASP XB 31 -116.55 49.93 -20.41
C ASP XB 31 -116.83 49.04 -19.21
N THR XB 32 -116.04 49.21 -18.14
CA THR XB 32 -116.11 48.28 -17.03
C THR XB 32 -116.07 49.03 -15.70
N VAL XB 33 -116.70 48.41 -14.69
CA VAL XB 33 -116.61 48.85 -13.30
C VAL XB 33 -116.24 47.63 -12.46
N SER XB 34 -115.17 47.74 -11.71
CA SER XB 34 -114.65 46.64 -10.90
C SER XB 34 -114.79 46.98 -9.42
N LEU XB 35 -115.21 45.98 -8.64
CA LEU XB 35 -115.30 46.10 -7.19
C LEU XB 35 -114.33 45.10 -6.58
N ARG XB 36 -113.36 45.59 -5.82
CA ARG XB 36 -112.34 44.76 -5.21
C ARG XB 36 -112.28 45.02 -3.71
N ARG XB 37 -112.06 43.97 -2.95
CA ARG XB 37 -111.97 44.07 -1.50
C ARG XB 37 -110.67 43.44 -1.02
N SER XB 38 -110.08 44.06 -0.01
CA SER XB 38 -108.97 43.52 0.75
C SER XB 38 -109.45 43.43 2.19
N LEU XB 39 -109.82 42.23 2.60
CA LEU XB 39 -110.36 42.02 3.93
C LEU XB 39 -109.25 42.15 4.97
N PRO XB 40 -109.58 42.63 6.16
CA PRO XB 40 -108.55 42.81 7.19
C PRO XB 40 -107.94 41.49 7.61
N VAL XB 41 -106.64 41.50 7.85
CA VAL XB 41 -105.93 40.39 8.48
C VAL XB 41 -105.49 40.89 9.85
N LYS XB 42 -105.89 40.16 10.90
CA LYS XB 42 -105.69 40.61 12.27
C LYS XB 42 -104.43 39.94 12.82
N LYS XB 43 -103.31 40.26 12.19
CA LYS XB 43 -102.02 39.77 12.63
C LYS XB 43 -101.60 40.43 13.94
N GLY XB 44 -100.92 39.65 14.78
CA GLY XB 44 -100.49 40.13 16.08
C GLY XB 44 -101.60 40.71 16.91
N SER XB 45 -101.47 42.00 17.23
CA SER XB 45 -102.51 42.73 17.95
C SER XB 45 -103.33 43.66 17.08
N ASP XB 46 -102.75 44.18 15.99
CA ASP XB 46 -103.48 45.06 15.10
C ASP XB 46 -104.56 44.28 14.36
N ASN XB 47 -105.76 44.85 14.30
CA ASN XB 47 -106.90 44.20 13.67
C ASN XB 47 -106.93 44.38 12.16
N GLY XB 48 -105.96 45.10 11.58
CA GLY XB 48 -105.88 45.26 10.15
C GLY XB 48 -106.82 46.32 9.61
N THR XB 49 -106.81 46.43 8.29
CA THR XB 49 -107.56 47.46 7.58
C THR XB 49 -108.44 46.82 6.51
N MET XB 50 -109.66 47.31 6.38
CA MET XB 50 -110.53 46.93 5.28
C MET XB 50 -110.32 47.90 4.13
N ARG XB 51 -109.98 47.38 2.96
CA ARG XB 51 -109.70 48.20 1.79
C ARG XB 51 -110.73 47.92 0.71
N GLY XB 52 -111.46 48.95 0.32
CA GLY XB 52 -112.46 48.81 -0.74
C GLY XB 52 -112.13 49.65 -1.95
N ASN XB 53 -111.93 49.02 -3.10
CA ASN XB 53 -111.52 49.71 -4.32
C ASN XB 53 -112.60 49.58 -5.38
N MET XB 54 -112.99 50.71 -5.97
CA MET XB 54 -113.91 50.73 -7.10
C MET XB 54 -113.20 51.33 -8.30
N ASN XB 55 -113.23 50.61 -9.41
CA ASN XB 55 -112.47 50.93 -10.61
C ASN XB 55 -113.42 51.23 -11.75
N PHE XB 56 -113.19 52.32 -12.46
CA PHE XB 56 -113.93 52.66 -13.67
C PHE XB 56 -112.95 52.70 -14.84
N ALA XB 57 -113.20 51.89 -15.87
CA ALA XB 57 -112.31 51.81 -17.01
C ALA XB 57 -113.11 52.08 -18.28
N LYS XB 58 -112.58 52.97 -19.12
CA LYS XB 58 -113.25 53.32 -20.37
C LYS XB 58 -112.21 53.58 -21.46
N SER XB 59 -112.45 53.01 -22.64
CA SER XB 59 -111.60 53.30 -23.78
C SER XB 59 -112.03 54.59 -24.46
N PHE XB 60 -111.04 55.35 -24.93
CA PHE XB 60 -111.25 56.64 -25.57
C PHE XB 60 -110.41 56.72 -26.82
N PRO XB 61 -110.87 57.45 -27.84
CA PRO XB 61 -110.03 57.67 -29.03
C PRO XB 61 -108.81 58.51 -28.67
N ASN XB 62 -107.64 58.07 -29.16
CA ASN XB 62 -106.38 58.77 -28.94
C ASN XB 62 -105.62 58.70 -30.27
N GLY XB 63 -105.79 59.74 -31.07
CA GLY XB 63 -105.23 59.72 -32.41
C GLY XB 63 -105.83 58.57 -33.18
N ASP XB 64 -104.97 57.71 -33.73
CA ASP XB 64 -105.43 56.53 -34.44
C ASP XB 64 -105.70 55.35 -33.53
N LYS XB 65 -105.20 55.38 -32.29
CA LYS XB 65 -105.32 54.25 -31.39
C LYS XB 65 -106.39 54.51 -30.34
N LYS XB 66 -106.48 53.62 -29.36
CA LYS XB 66 -107.40 53.75 -28.24
C LYS XB 66 -106.61 53.76 -26.95
N SER XB 67 -107.02 54.61 -26.01
CA SER XB 67 -106.35 54.76 -24.73
C SER XB 67 -107.33 54.47 -23.60
N LEU XB 68 -106.84 53.83 -22.55
CA LEU XB 68 -107.67 53.48 -21.41
C LEU XB 68 -107.60 54.57 -20.35
N VAL XB 69 -108.76 55.13 -20.00
CA VAL XB 69 -108.89 56.06 -18.89
C VAL XB 69 -109.45 55.29 -17.71
N VAL XB 70 -108.76 55.37 -16.57
CA VAL XB 70 -109.10 54.63 -15.37
C VAL XB 70 -109.29 55.61 -14.22
N VAL XB 71 -110.39 55.46 -13.48
CA VAL XB 71 -110.66 56.24 -12.28
C VAL XB 71 -110.79 55.27 -11.11
N ASN XB 72 -110.00 55.48 -10.07
CA ASN XB 72 -109.98 54.63 -8.90
C ASN XB 72 -110.55 55.37 -7.70
N LEU XB 73 -111.36 54.69 -6.91
CA LEU XB 73 -111.88 55.23 -5.65
C LEU XB 73 -111.66 54.17 -4.57
N THR XB 74 -110.73 54.44 -3.65
CA THR XB 74 -110.33 53.47 -2.64
C THR XB 74 -110.57 54.02 -1.25
N ALA XB 75 -111.17 53.20 -0.40
CA ALA XB 75 -111.41 53.54 1.01
C ALA XB 75 -110.59 52.60 1.89
N HIS XB 76 -109.87 53.18 2.84
CA HIS XB 76 -109.07 52.43 3.81
C HIS XB 76 -109.67 52.68 5.19
N VAL XB 77 -110.36 51.68 5.73
CA VAL XB 77 -111.04 51.84 7.02
C VAL XB 77 -110.38 50.90 8.02
N PRO XB 78 -109.70 51.41 9.04
CA PRO XB 78 -109.15 50.54 10.08
C PRO XB 78 -110.27 49.86 10.88
N VAL XB 79 -109.99 48.64 11.33
CA VAL XB 79 -110.98 47.86 12.06
C VAL XB 79 -111.17 48.45 13.46
N GLY XB 80 -112.42 48.64 13.86
CA GLY XB 80 -112.77 49.23 15.14
C GLY XB 80 -113.45 50.58 15.00
N VAL XB 81 -113.22 51.27 13.89
CA VAL XB 81 -113.88 52.54 13.63
C VAL XB 81 -115.36 52.31 13.37
N ASP XB 82 -116.20 53.16 13.94
CA ASP XB 82 -117.64 53.04 13.76
C ASP XB 82 -118.00 53.19 12.29
N ALA XB 83 -118.73 52.19 11.76
CA ALA XB 83 -119.11 52.21 10.35
C ALA XB 83 -120.06 53.36 10.04
N THR XB 84 -121.00 53.65 10.95
CA THR XB 84 -121.97 54.71 10.71
C THR XB 84 -121.28 56.08 10.62
N ALA XB 85 -120.33 56.34 11.50
CA ALA XB 85 -119.61 57.61 11.46
C ALA XB 85 -118.81 57.74 10.16
N VAL XB 86 -118.18 56.66 9.72
CA VAL XB 86 -117.43 56.68 8.47
C VAL XB 86 -118.36 56.93 7.29
N ARG XB 87 -119.52 56.28 7.27
CA ARG XB 87 -120.48 56.49 6.18
C ARG XB 87 -120.98 57.92 6.16
N THR XB 88 -121.27 58.49 7.33
CA THR XB 88 -121.71 59.88 7.39
C THR XB 88 -120.62 60.82 6.89
N TRP XB 89 -119.36 60.57 7.28
CA TRP XB 89 -118.26 61.40 6.80
C TRP XB 89 -118.09 61.29 5.29
N MET XB 90 -118.20 60.08 4.75
CA MET XB 90 -118.07 59.89 3.31
C MET XB 90 -119.20 60.58 2.56
N THR XB 91 -120.43 60.49 3.07
CA THR XB 91 -121.58 61.06 2.37
C THR XB 91 -121.59 62.58 2.43
N SER XB 92 -121.27 63.15 3.59
CA SER XB 92 -121.39 64.59 3.78
C SER XB 92 -120.13 65.37 3.40
N GLU XB 93 -118.96 64.73 3.45
CA GLU XB 93 -117.71 65.43 3.22
C GLU XB 93 -116.94 64.94 2.00
N VAL XB 94 -116.80 63.63 1.85
CA VAL XB 94 -115.97 63.10 0.77
C VAL XB 94 -116.72 63.11 -0.55
N PHE XB 95 -117.97 62.64 -0.55
CA PHE XB 95 -118.72 62.52 -1.79
C PHE XB 95 -118.96 63.86 -2.50
N PRO XB 96 -119.42 64.93 -1.82
CA PRO XB 96 -119.57 66.20 -2.54
C PRO XB 96 -118.28 66.75 -3.09
N GLY XB 97 -117.15 66.56 -2.39
CA GLY XB 97 -115.89 67.08 -2.87
C GLY XB 97 -115.26 66.26 -3.97
N ALA XB 98 -115.55 64.96 -4.01
CA ALA XB 98 -115.00 64.06 -5.02
C ALA XB 98 -115.78 64.08 -6.32
N THR XB 99 -116.89 64.80 -6.37
CA THR XB 99 -117.68 64.94 -7.60
C THR XB 99 -117.78 66.39 -8.04
N SER XB 100 -116.96 67.26 -7.48
CA SER XB 100 -116.98 68.67 -7.82
C SER XB 100 -116.12 68.92 -9.06
N SER XB 101 -116.08 70.19 -9.49
CA SER XB 101 -115.22 70.57 -10.60
C SER XB 101 -113.74 70.45 -10.23
N VAL XB 102 -113.42 70.39 -8.93
CA VAL XB 102 -112.03 70.22 -8.52
C VAL XB 102 -111.49 68.88 -9.01
N THR XB 103 -112.28 67.82 -8.86
CA THR XB 103 -111.85 66.51 -9.32
C THR XB 103 -111.66 66.49 -10.83
N LEU XB 104 -112.61 67.09 -11.57
CA LEU XB 104 -112.49 67.14 -13.03
C LEU XB 104 -111.25 67.90 -13.46
N ASP XB 105 -111.00 69.05 -12.83
CA ASP XB 105 -109.82 69.85 -13.17
C ASP XB 105 -108.53 69.10 -12.86
N LEU XB 106 -108.48 68.43 -11.70
CA LEU XB 106 -107.29 67.66 -11.36
C LEU XB 106 -107.06 66.53 -12.35
N ALA XB 107 -108.13 65.85 -12.75
CA ALA XB 107 -107.98 64.69 -13.63
C ALA XB 107 -107.58 65.10 -15.04
N THR XB 108 -108.21 66.14 -15.59
CA THR XB 108 -108.02 66.47 -17.00
C THR XB 108 -107.02 67.59 -17.25
N LYS XB 109 -106.60 68.32 -16.22
CA LYS XB 109 -105.65 69.41 -16.38
C LYS XB 109 -104.51 69.38 -15.37
N GLY XB 110 -104.57 68.51 -14.36
CA GLY XB 110 -103.57 68.50 -13.33
C GLY XB 110 -103.58 69.73 -12.44
N VAL XB 111 -104.75 70.28 -12.15
CA VAL XB 111 -104.85 71.48 -11.33
C VAL XB 111 -104.91 71.09 -9.86
N ILE XB 112 -103.93 71.56 -9.08
CA ILE XB 112 -103.85 71.29 -7.65
C ILE XB 112 -104.06 72.53 -6.81
N HIS XB 113 -104.27 73.69 -7.44
CA HIS XB 113 -104.54 74.95 -6.73
C HIS XB 113 -105.97 75.36 -7.02
N LEU XB 114 -106.83 75.30 -6.00
CA LEU XB 114 -108.24 75.70 -6.16
C LEU XB 114 -108.42 77.13 -5.68
N SER XB 115 -107.90 78.08 -6.45
CA SER XB 115 -108.14 79.48 -6.19
C SER XB 115 -109.43 79.93 -6.88
N ASP XB 116 -110.09 80.92 -6.28
CA ASP XB 116 -109.79 81.56 -5.00
C ASP XB 116 -111.07 81.76 -4.19
N ALA XB 117 -112.20 81.51 -4.84
CA ALA XB 117 -113.51 81.70 -4.21
C ALA XB 117 -113.69 80.78 -3.00
N LEU YB 1 -111.83 79.61 -0.40
CA LEU YB 1 -111.26 78.31 -0.73
C LEU YB 1 -112.12 77.19 -0.18
N SER YB 2 -112.81 76.48 -1.07
CA SER YB 2 -113.70 75.41 -0.67
C SER YB 2 -113.54 74.22 -1.63
N ILE YB 3 -113.61 73.02 -1.06
CA ILE YB 3 -113.64 71.78 -1.82
C ILE YB 3 -114.96 71.11 -1.52
N GLY YB 4 -115.82 71.00 -2.53
CA GLY YB 4 -117.18 70.52 -2.31
C GLY YB 4 -117.96 71.46 -1.42
N THR YB 5 -118.45 70.96 -0.30
CA THR YB 5 -119.15 71.78 0.68
C THR YB 5 -118.27 72.17 1.86
N LYS YB 6 -117.01 71.77 1.87
CA LYS YB 6 -116.12 72.01 2.99
C LYS YB 6 -115.20 73.18 2.68
N ASN YB 7 -115.20 74.18 3.56
CA ASN YB 7 -114.21 75.25 3.47
C ASN YB 7 -112.86 74.75 3.97
N VAL YB 8 -111.82 75.03 3.18
CA VAL YB 8 -110.47 74.58 3.50
C VAL YB 8 -109.52 75.77 3.36
N SER YB 9 -108.31 75.58 3.90
CA SER YB 9 -107.24 76.55 3.77
C SER YB 9 -105.96 75.82 3.37
N ILE YB 10 -105.06 76.54 2.71
CA ILE YB 10 -103.79 75.96 2.31
C ILE YB 10 -102.98 75.62 3.54
N TYR YB 11 -102.57 74.36 3.65
CA TYR YB 11 -101.80 73.86 4.77
C TYR YB 11 -100.35 73.58 4.41
N ARG YB 12 -100.11 72.89 3.30
CA ARG YB 12 -98.77 72.65 2.82
C ARG YB 12 -98.78 72.71 1.31
N ASN YB 13 -97.67 73.15 0.73
CA ASN YB 13 -97.61 73.43 -0.71
C ASN YB 13 -96.25 72.99 -1.23
N THR YB 14 -96.23 71.90 -2.00
CA THR YB 14 -95.05 71.46 -2.72
C THR YB 14 -95.29 71.64 -4.22
N ALA YB 15 -94.33 71.19 -5.02
CA ALA YB 15 -94.39 71.40 -6.46
C ALA YB 15 -95.57 70.68 -7.10
N ASP YB 16 -95.78 69.42 -6.74
CA ASP YB 16 -96.84 68.61 -7.34
C ASP YB 16 -97.88 68.13 -6.34
N GLU YB 17 -97.87 68.66 -5.12
CA GLU YB 17 -98.87 68.30 -4.12
C GLU YB 17 -99.21 69.51 -3.28
N VAL YB 18 -100.50 69.73 -3.07
CA VAL YB 18 -100.99 70.76 -2.15
C VAL YB 18 -101.92 70.10 -1.16
N ILE YB 19 -101.60 70.20 0.13
CA ILE YB 19 -102.44 69.69 1.19
C ILE YB 19 -103.22 70.85 1.78
N TYR YB 20 -104.55 70.72 1.81
CA TYR YB 20 -105.45 71.67 2.43
C TYR YB 20 -106.01 71.08 3.71
N ALA YB 21 -106.29 71.94 4.68
CA ALA YB 21 -106.76 71.54 5.99
C ALA YB 21 -108.18 72.03 6.19
N GLY YB 22 -109.04 71.18 6.75
CA GLY YB 22 -110.38 71.55 7.09
C GLY YB 22 -110.41 72.41 8.32
N PRO YB 23 -111.59 72.91 8.69
CA PRO YB 23 -111.67 73.79 9.87
C PRO YB 23 -111.25 73.10 11.15
N ALA YB 24 -111.45 71.79 11.26
CA ALA YB 24 -111.14 71.06 12.49
C ALA YB 24 -109.70 70.57 12.56
N HIS YB 25 -108.95 70.66 11.46
CA HIS YB 25 -107.59 70.13 11.44
C HIS YB 25 -106.73 70.83 12.49
N ASP YB 26 -105.93 70.05 13.20
CA ASP YB 26 -105.08 70.56 14.26
C ASP YB 26 -103.90 69.61 14.45
N VAL YB 27 -103.16 69.80 15.54
CA VAL YB 27 -101.96 69.00 15.80
C VAL YB 27 -102.29 67.58 16.24
N THR YB 28 -103.52 67.31 16.68
CA THR YB 28 -103.91 65.97 17.09
C THR YB 28 -105.04 65.37 16.26
N ASN YB 29 -105.84 66.18 15.58
CA ASN YB 29 -106.91 65.70 14.72
C ASN YB 29 -106.53 65.96 13.27
N VAL YB 30 -106.61 64.92 12.44
CA VAL YB 30 -106.30 65.05 11.02
C VAL YB 30 -107.60 65.25 10.26
N ASP YB 31 -107.68 66.35 9.50
CA ASP YB 31 -108.78 66.61 8.58
C ASP YB 31 -108.16 67.29 7.35
N THR YB 32 -107.76 66.49 6.36
CA THR YB 32 -106.99 67.01 5.25
C THR YB 32 -107.53 66.51 3.92
N VAL YB 33 -107.38 67.37 2.91
CA VAL YB 33 -107.63 67.02 1.52
C VAL YB 33 -106.36 67.34 0.74
N SER YB 34 -105.73 66.32 0.19
CA SER YB 34 -104.53 66.48 -0.61
C SER YB 34 -104.86 66.38 -2.09
N LEU YB 35 -104.32 67.32 -2.88
CA LEU YB 35 -104.36 67.23 -4.33
C LEU YB 35 -102.94 66.98 -4.81
N ARG YB 36 -102.71 65.80 -5.38
CA ARG YB 36 -101.40 65.42 -5.88
C ARG YB 36 -101.51 65.12 -7.36
N ARG YB 37 -100.44 65.41 -8.09
CA ARG YB 37 -100.40 65.12 -9.51
C ARG YB 37 -99.07 64.48 -9.88
N SER YB 38 -99.12 63.61 -10.87
CA SER YB 38 -97.94 63.07 -11.53
C SER YB 38 -98.03 63.45 -13.00
N LEU YB 39 -97.12 64.32 -13.43
CA LEU YB 39 -97.17 64.86 -14.78
C LEU YB 39 -96.72 63.82 -15.80
N PRO YB 40 -97.27 63.86 -17.01
CA PRO YB 40 -96.89 62.88 -18.04
C PRO YB 40 -95.41 62.92 -18.35
N VAL YB 41 -94.81 61.75 -18.47
CA VAL YB 41 -93.41 61.61 -18.85
C VAL YB 41 -93.37 61.07 -20.26
N LYS YB 42 -92.86 61.88 -21.20
CA LYS YB 42 -92.79 61.49 -22.61
C LYS YB 42 -91.65 60.50 -22.74
N LYS YB 43 -91.97 59.21 -22.69
CA LYS YB 43 -90.97 58.15 -22.82
C LYS YB 43 -91.29 57.31 -24.06
N GLY YB 44 -90.26 57.07 -24.87
CA GLY YB 44 -90.45 56.30 -26.09
C GLY YB 44 -91.44 56.98 -27.01
N SER YB 45 -92.26 56.17 -27.69
CA SER YB 45 -93.35 56.69 -28.50
C SER YB 45 -94.59 57.01 -27.68
N ASP YB 46 -94.61 56.64 -26.41
CA ASP YB 46 -95.74 56.93 -25.54
C ASP YB 46 -95.61 58.32 -24.94
N ASN YB 47 -96.63 59.13 -25.11
CA ASN YB 47 -96.62 60.49 -24.59
C ASN YB 47 -96.81 60.55 -23.08
N GLY YB 48 -97.12 59.43 -22.43
CA GLY YB 48 -97.25 59.39 -21.00
C GLY YB 48 -98.69 59.51 -20.54
N THR YB 49 -98.83 59.61 -19.22
CA THR YB 49 -100.13 59.63 -18.58
C THR YB 49 -100.11 60.63 -17.43
N MET YB 50 -101.15 61.45 -17.34
CA MET YB 50 -101.34 62.33 -16.20
C MET YB 50 -102.07 61.58 -15.11
N ARG YB 51 -101.51 61.57 -13.90
CA ARG YB 51 -102.14 60.96 -12.74
C ARG YB 51 -102.62 62.06 -11.81
N GLY YB 52 -103.90 62.00 -11.44
CA GLY YB 52 -104.44 62.93 -10.47
C GLY YB 52 -105.00 62.23 -9.26
N ASN YB 53 -104.49 62.55 -8.07
CA ASN YB 53 -104.88 61.88 -6.84
C ASN YB 53 -105.53 62.89 -5.90
N MET YB 54 -106.69 62.52 -5.37
CA MET YB 54 -107.41 63.29 -4.38
C MET YB 54 -107.51 62.45 -3.11
N ASN YB 55 -106.83 62.90 -2.06
CA ASN YB 55 -106.74 62.15 -0.80
C ASN YB 55 -107.57 62.84 0.27
N PHE YB 56 -108.47 62.10 0.90
CA PHE YB 56 -109.23 62.58 2.04
C PHE YB 56 -108.76 61.80 3.26
N ALA YB 57 -108.27 62.52 4.27
CA ALA YB 57 -107.80 61.91 5.50
C ALA YB 57 -108.56 62.48 6.69
N LYS YB 58 -109.09 61.60 7.53
CA LYS YB 58 -109.84 62.03 8.71
C LYS YB 58 -109.52 61.13 9.89
N SER YB 59 -109.36 61.74 11.06
CA SER YB 59 -109.13 61.00 12.30
C SER YB 59 -110.46 60.57 12.89
N PHE YB 60 -110.52 59.33 13.38
CA PHE YB 60 -111.72 58.76 13.93
C PHE YB 60 -111.40 58.07 15.24
N PRO YB 61 -112.32 58.09 16.22
CA PRO YB 61 -112.11 57.32 17.45
C PRO YB 61 -112.18 55.83 17.16
N ASN YB 62 -111.09 55.12 17.45
CA ASN YB 62 -111.00 53.68 17.31
C ASN YB 62 -110.76 53.13 18.72
N GLY YB 63 -111.84 52.73 19.38
CA GLY YB 63 -111.76 52.28 20.76
C GLY YB 63 -111.20 53.36 21.66
N ASP YB 64 -109.99 53.16 22.14
CA ASP YB 64 -109.31 54.16 22.96
C ASP YB 64 -108.42 55.08 22.15
N LYS YB 65 -107.90 54.61 21.02
CA LYS YB 65 -106.95 55.37 20.22
C LYS YB 65 -107.67 56.09 19.09
N LYS YB 66 -106.89 56.66 18.16
CA LYS YB 66 -107.43 57.28 16.96
C LYS YB 66 -106.86 56.59 15.73
N SER YB 67 -107.73 56.37 14.75
CA SER YB 67 -107.35 55.74 13.50
C SER YB 67 -107.58 56.71 12.35
N LEU YB 68 -106.75 56.58 11.31
CA LEU YB 68 -106.84 57.44 10.15
C LEU YB 68 -107.64 56.74 9.05
N VAL YB 69 -108.78 57.32 8.70
CA VAL YB 69 -109.58 56.84 7.58
C VAL YB 69 -109.21 57.65 6.35
N VAL YB 70 -108.85 56.95 5.27
CA VAL YB 70 -108.34 57.57 4.06
C VAL YB 70 -109.20 57.11 2.88
N VAL YB 71 -109.62 58.07 2.06
CA VAL YB 71 -110.33 57.80 0.81
C VAL YB 71 -109.51 58.41 -0.32
N ASN YB 72 -109.15 57.59 -1.31
CA ASN YB 72 -108.37 58.04 -2.44
C ASN YB 72 -109.20 57.99 -3.71
N LEU YB 73 -109.12 59.06 -4.50
CA LEU YB 73 -109.73 59.13 -5.82
C LEU YB 73 -108.63 59.41 -6.83
N THR YB 74 -108.29 58.43 -7.65
CA THR YB 74 -107.17 58.55 -8.58
C THR YB 74 -107.68 58.40 -10.01
N ALA YB 75 -107.21 59.28 -10.89
CA ALA YB 75 -107.53 59.22 -12.31
C ALA YB 75 -106.24 59.14 -13.12
N HIS YB 76 -106.25 58.29 -14.14
CA HIS YB 76 -105.12 58.10 -15.04
C HIS YB 76 -105.59 58.45 -16.45
N VAL YB 77 -105.15 59.59 -16.97
CA VAL YB 77 -105.58 60.08 -18.28
C VAL YB 77 -104.38 60.08 -19.20
N PRO YB 78 -104.36 59.24 -20.24
CA PRO YB 78 -103.24 59.27 -21.19
C PRO YB 78 -103.26 60.53 -22.04
N VAL YB 79 -102.06 61.01 -22.38
CA VAL YB 79 -101.94 62.18 -23.25
C VAL YB 79 -102.45 61.85 -24.64
N GLY YB 80 -103.23 62.77 -25.21
CA GLY YB 80 -103.81 62.61 -26.53
C GLY YB 80 -105.31 62.39 -26.52
N VAL YB 81 -105.89 62.17 -25.36
CA VAL YB 81 -107.33 61.95 -25.24
C VAL YB 81 -108.04 63.29 -25.13
N ASP YB 82 -109.26 63.36 -25.67
CA ASP YB 82 -110.06 64.57 -25.56
C ASP YB 82 -110.46 64.79 -24.11
N ALA YB 83 -110.13 65.97 -23.57
CA ALA YB 83 -110.41 66.26 -22.17
C ALA YB 83 -111.90 66.45 -21.92
N THR YB 84 -112.62 67.06 -22.88
CA THR YB 84 -114.06 67.25 -22.72
C THR YB 84 -114.79 65.92 -22.67
N ALA YB 85 -114.40 64.97 -23.51
CA ALA YB 85 -115.02 63.64 -23.48
C ALA YB 85 -114.78 62.96 -22.14
N VAL YB 86 -113.56 63.06 -21.61
CA VAL YB 86 -113.26 62.45 -20.32
C VAL YB 86 -114.06 63.10 -19.20
N ARG YB 87 -114.18 64.43 -19.24
CA ARG YB 87 -114.98 65.12 -18.23
C ARG YB 87 -116.44 64.72 -18.30
N THR YB 88 -116.99 64.60 -19.52
CA THR YB 88 -118.38 64.18 -19.67
C THR YB 88 -118.59 62.76 -19.15
N TRP YB 89 -117.65 61.85 -19.46
CA TRP YB 89 -117.76 60.49 -18.96
C TRP YB 89 -117.67 60.44 -17.44
N MET YB 90 -116.75 61.21 -16.86
CA MET YB 90 -116.60 61.23 -15.40
C MET YB 90 -117.84 61.80 -14.73
N THR YB 91 -118.44 62.84 -15.30
CA THR YB 91 -119.62 63.45 -14.71
C THR YB 91 -120.84 62.54 -14.82
N SER YB 92 -121.06 61.95 -16.01
CA SER YB 92 -122.28 61.19 -16.24
C SER YB 92 -122.21 59.74 -15.76
N GLU YB 93 -121.02 59.14 -15.72
CA GLU YB 93 -120.91 57.71 -15.46
C GLU YB 93 -120.10 57.37 -14.23
N VAL YB 94 -119.02 58.10 -13.95
CA VAL YB 94 -118.16 57.75 -12.82
C VAL YB 94 -118.73 58.32 -11.53
N PHE YB 95 -119.11 59.60 -11.55
CA PHE YB 95 -119.55 60.27 -10.33
C PHE YB 95 -120.80 59.66 -9.71
N PRO YB 96 -121.88 59.39 -10.46
CA PRO YB 96 -123.06 58.79 -9.82
C PRO YB 96 -122.79 57.44 -9.19
N GLY YB 97 -121.94 56.62 -9.81
CA GLY YB 97 -121.64 55.31 -9.25
C GLY YB 97 -120.67 55.36 -8.09
N ALA YB 98 -119.75 56.33 -8.10
CA ALA YB 98 -118.76 56.42 -7.03
C ALA YB 98 -119.36 56.94 -5.72
N THR YB 99 -120.45 57.71 -5.78
CA THR YB 99 -121.08 58.25 -4.60
C THR YB 99 -122.43 57.59 -4.31
N SER YB 100 -122.55 56.31 -4.64
CA SER YB 100 -123.78 55.56 -4.41
C SER YB 100 -123.63 54.70 -3.16
N SER YB 101 -124.69 53.95 -2.84
CA SER YB 101 -124.64 53.04 -1.71
C SER YB 101 -123.65 51.90 -1.93
N VAL YB 102 -123.27 51.64 -3.19
CA VAL YB 102 -122.30 50.59 -3.47
C VAL YB 102 -120.96 50.90 -2.82
N THR YB 103 -120.53 52.17 -2.90
CA THR YB 103 -119.26 52.56 -2.29
C THR YB 103 -119.28 52.36 -0.79
N LEU YB 104 -120.37 52.79 -0.14
CA LEU YB 104 -120.46 52.64 1.32
C LEU YB 104 -120.51 51.17 1.72
N ASP YB 105 -121.27 50.36 0.99
CA ASP YB 105 -121.37 48.94 1.31
C ASP YB 105 -120.02 48.24 1.11
N LEU YB 106 -119.30 48.59 0.04
CA LEU YB 106 -117.97 48.02 -0.16
C LEU YB 106 -117.01 48.46 0.93
N ALA YB 107 -117.09 49.72 1.36
CA ALA YB 107 -116.17 50.23 2.37
C ALA YB 107 -116.41 49.58 3.73
N THR YB 108 -117.66 49.53 4.18
CA THR YB 108 -117.95 49.10 5.55
C THR YB 108 -118.41 47.65 5.65
N LYS YB 109 -118.54 46.93 4.53
CA LYS YB 109 -118.97 45.54 4.58
C LYS YB 109 -118.21 44.61 3.65
N GLY YB 110 -117.36 45.13 2.77
CA GLY YB 110 -116.70 44.29 1.80
C GLY YB 110 -117.62 43.65 0.79
N VAL YB 111 -118.68 44.34 0.40
CA VAL YB 111 -119.63 43.80 -0.56
C VAL YB 111 -119.13 44.08 -1.97
N ILE YB 112 -118.85 43.02 -2.72
CA ILE YB 112 -118.43 43.13 -4.11
C ILE YB 112 -119.43 42.54 -5.09
N HIS YB 113 -120.40 41.77 -4.61
CA HIS YB 113 -121.45 41.20 -5.44
C HIS YB 113 -122.68 42.09 -5.35
N LEU YB 114 -123.10 42.64 -6.49
CA LEU YB 114 -124.21 43.58 -6.54
C LEU YB 114 -125.53 42.82 -6.65
N SER YB 115 -126.59 43.44 -6.16
CA SER YB 115 -127.93 42.88 -6.22
C SER YB 115 -128.96 44.00 -6.17
N ASP YB 116 -130.12 43.75 -6.77
CA ASP YB 116 -130.46 42.61 -7.62
C ASP YB 116 -131.28 43.09 -8.82
N ALA YB 117 -131.78 44.32 -8.72
CA ALA YB 117 -132.63 44.89 -9.77
C ALA YB 117 -131.93 46.04 -10.47
N LEU ZB 1 -89.36 97.19 38.99
CA LEU ZB 1 -88.88 96.37 37.88
C LEU ZB 1 -90.05 95.85 37.05
N SER ZB 2 -90.19 96.37 35.83
CA SER ZB 2 -91.29 96.00 34.95
C SER ZB 2 -90.77 95.66 33.58
N ILE ZB 3 -91.31 94.60 32.99
CA ILE ZB 3 -91.09 94.25 31.59
C ILE ZB 3 -92.48 94.19 30.95
N GLY ZB 4 -92.91 95.31 30.38
CA GLY ZB 4 -94.27 95.45 29.92
C GLY ZB 4 -95.21 95.78 31.05
N THR ZB 5 -96.21 94.94 31.27
CA THR ZB 5 -97.12 95.07 32.41
C THR ZB 5 -96.79 94.10 33.53
N LYS ZB 6 -95.66 93.39 33.43
CA LYS ZB 6 -95.29 92.36 34.38
C LYS ZB 6 -94.32 92.91 35.40
N ASN ZB 7 -94.58 92.62 36.68
CA ASN ZB 7 -93.64 92.95 37.75
C ASN ZB 7 -92.70 91.77 37.96
N VAL ZB 8 -91.41 91.98 37.73
CA VAL ZB 8 -90.42 90.94 37.82
C VAL ZB 8 -89.39 91.32 38.89
N SER ZB 9 -88.63 90.32 39.32
CA SER ZB 9 -87.52 90.52 40.24
C SER ZB 9 -86.30 89.79 39.70
N ILE ZB 10 -85.12 90.28 40.06
CA ILE ZB 10 -83.89 89.63 39.62
C ILE ZB 10 -83.83 88.23 40.23
N TYR ZB 11 -83.64 87.23 39.38
CA TYR ZB 11 -83.55 85.85 39.79
C TYR ZB 11 -82.17 85.25 39.57
N ARG ZB 12 -81.55 85.56 38.43
CA ARG ZB 12 -80.18 85.11 38.18
C ARG ZB 12 -79.44 86.22 37.46
N ASN ZB 13 -78.24 86.52 37.92
CA ASN ZB 13 -77.44 87.61 37.37
C ASN ZB 13 -76.11 87.03 36.90
N THR ZB 14 -75.89 87.04 35.59
CA THR ZB 14 -74.68 86.54 34.96
C THR ZB 14 -74.11 87.68 34.11
N ALA ZB 15 -72.86 87.50 33.65
CA ALA ZB 15 -72.17 88.55 32.91
C ALA ZB 15 -72.96 88.99 31.68
N ASP ZB 16 -73.52 88.04 30.93
CA ASP ZB 16 -74.18 88.36 29.67
C ASP ZB 16 -75.64 87.95 29.64
N GLU ZB 17 -76.22 87.57 30.78
CA GLU ZB 17 -77.62 87.18 30.80
C GLU ZB 17 -78.18 87.41 32.20
N VAL ZB 18 -79.35 88.04 32.27
CA VAL ZB 18 -80.08 88.24 33.52
C VAL ZB 18 -81.45 87.60 33.36
N ILE ZB 19 -81.79 86.69 34.27
CA ILE ZB 19 -83.09 86.05 34.31
C ILE ZB 19 -83.92 86.70 35.39
N TYR ZB 20 -85.09 87.22 35.01
CA TYR ZB 20 -86.06 87.79 35.93
C TYR ZB 20 -87.23 86.84 36.05
N ALA ZB 21 -87.80 86.76 37.25
CA ALA ZB 21 -88.89 85.85 37.56
C ALA ZB 21 -90.17 86.62 37.80
N GLY ZB 22 -91.27 86.13 37.25
CA GLY ZB 22 -92.58 86.73 37.45
C GLY ZB 22 -93.20 86.29 38.76
N PRO ZB 23 -94.41 86.77 39.03
CA PRO ZB 23 -95.06 86.43 40.31
C PRO ZB 23 -95.35 84.94 40.45
N ALA ZB 24 -95.47 84.20 39.35
CA ALA ZB 24 -95.86 82.80 39.38
C ALA ZB 24 -94.67 81.85 39.26
N HIS ZB 25 -93.45 82.36 39.40
CA HIS ZB 25 -92.26 81.53 39.30
C HIS ZB 25 -91.88 80.97 40.67
N ASP ZB 26 -91.53 79.69 40.69
CA ASP ZB 26 -91.10 79.01 41.91
C ASP ZB 26 -90.26 77.80 41.51
N VAL ZB 27 -90.04 76.90 42.46
CA VAL ZB 27 -89.21 75.72 42.20
C VAL ZB 27 -89.85 74.77 41.19
N THR ZB 28 -91.18 74.61 41.22
CA THR ZB 28 -91.85 73.66 40.36
C THR ZB 28 -92.52 74.26 39.13
N ASN ZB 29 -92.71 75.58 39.07
CA ASN ZB 29 -93.30 76.23 37.92
C ASN ZB 29 -92.31 77.25 37.34
N VAL ZB 30 -92.39 77.42 36.02
CA VAL ZB 30 -91.50 78.32 35.30
C VAL ZB 30 -92.32 79.50 34.80
N ASP ZB 31 -91.91 80.71 35.18
CA ASP ZB 31 -92.47 81.95 34.64
C ASP ZB 31 -91.31 82.94 34.66
N THR ZB 32 -90.58 83.04 33.54
CA THR ZB 32 -89.34 83.79 33.51
C THR ZB 32 -89.21 84.61 32.23
N VAL ZB 33 -88.52 85.73 32.34
CA VAL ZB 33 -88.08 86.53 31.21
C VAL ZB 33 -86.57 86.71 31.32
N SER ZB 34 -85.83 86.25 30.32
CA SER ZB 34 -84.38 86.29 30.33
C SER ZB 34 -83.89 87.26 29.26
N LEU ZB 35 -83.05 88.20 29.68
CA LEU ZB 35 -82.37 89.10 28.74
C LEU ZB 35 -80.94 88.60 28.55
N ARG ZB 36 -80.58 88.36 27.28
CA ARG ZB 36 -79.27 87.83 26.93
C ARG ZB 36 -78.65 88.72 25.86
N ARG ZB 37 -77.33 88.79 25.87
CA ARG ZB 37 -76.64 89.66 24.93
C ARG ZB 37 -75.35 89.01 24.47
N SER ZB 38 -74.94 89.35 23.26
CA SER ZB 38 -73.64 89.00 22.72
C SER ZB 38 -73.04 90.30 22.17
N LEU ZB 39 -72.00 90.79 22.84
CA LEU ZB 39 -71.42 92.07 22.51
C LEU ZB 39 -70.57 91.97 21.25
N PRO ZB 40 -70.40 93.08 20.53
CA PRO ZB 40 -69.62 93.06 19.29
C PRO ZB 40 -68.18 92.63 19.54
N VAL ZB 41 -67.63 91.88 18.60
CA VAL ZB 41 -66.24 91.45 18.64
C VAL ZB 41 -65.53 92.10 17.45
N LYS ZB 42 -64.50 92.90 17.75
CA LYS ZB 42 -63.75 93.61 16.72
C LYS ZB 42 -62.83 92.63 15.99
N LYS ZB 43 -63.45 91.78 15.20
CA LYS ZB 43 -62.72 90.73 14.48
C LYS ZB 43 -62.26 91.26 13.13
N GLY ZB 44 -60.95 91.36 12.96
CA GLY ZB 44 -60.41 91.89 11.72
C GLY ZB 44 -60.88 93.30 11.47
N SER ZB 45 -61.31 93.56 10.23
CA SER ZB 45 -61.86 94.86 9.87
C SER ZB 45 -63.34 95.00 10.21
N ASP ZB 46 -64.06 93.89 10.35
CA ASP ZB 46 -65.46 93.95 10.72
C ASP ZB 46 -65.59 94.41 12.17
N ASN ZB 47 -66.45 95.41 12.39
CA ASN ZB 47 -66.68 95.90 13.74
C ASN ZB 47 -67.54 94.95 14.57
N GLY ZB 48 -68.11 93.92 13.96
CA GLY ZB 48 -68.89 92.96 14.70
C GLY ZB 48 -70.38 93.20 14.62
N THR ZB 49 -71.10 92.41 15.39
CA THR ZB 49 -72.56 92.49 15.47
C THR ZB 49 -72.99 92.43 16.92
N MET ZB 50 -73.95 93.27 17.28
CA MET ZB 50 -74.56 93.22 18.61
C MET ZB 50 -75.80 92.32 18.55
N ARG ZB 51 -75.85 91.32 19.41
CA ARG ZB 51 -76.94 90.36 19.41
C ARG ZB 51 -77.72 90.51 20.70
N GLY ZB 52 -79.04 90.68 20.59
CA GLY ZB 52 -79.90 90.78 21.75
C GLY ZB 52 -80.96 89.68 21.71
N ASN ZB 53 -81.27 89.14 22.89
CA ASN ZB 53 -82.26 88.07 22.99
C ASN ZB 53 -83.16 88.31 24.18
N MET ZB 54 -84.47 88.27 23.95
CA MET ZB 54 -85.48 88.29 25.00
C MET ZB 54 -86.19 86.95 24.97
N ASN ZB 55 -86.13 86.22 26.08
CA ASN ZB 55 -86.70 84.89 26.18
C ASN ZB 55 -87.84 84.91 27.19
N PHE ZB 56 -88.99 84.39 26.79
CA PHE ZB 56 -90.15 84.24 27.66
C PHE ZB 56 -90.41 82.75 27.84
N ALA ZB 57 -90.45 82.30 29.08
CA ALA ZB 57 -90.68 80.90 29.38
C ALA ZB 57 -91.82 80.78 30.38
N LYS ZB 58 -92.78 79.91 30.07
CA LYS ZB 58 -93.92 79.69 30.96
C LYS ZB 58 -94.28 78.22 30.98
N SER ZB 59 -94.69 77.74 32.16
CA SER ZB 59 -95.17 76.38 32.31
C SER ZB 59 -96.67 76.33 32.11
N PHE ZB 60 -97.13 75.25 31.45
CA PHE ZB 60 -98.53 75.09 31.09
C PHE ZB 60 -98.95 73.65 31.35
N PRO ZB 61 -100.20 73.42 31.73
CA PRO ZB 61 -100.69 72.04 31.86
C PRO ZB 61 -100.71 71.34 30.52
N ASN ZB 62 -100.09 70.16 30.46
CA ASN ZB 62 -100.01 69.34 29.26
C ASN ZB 62 -100.47 67.93 29.66
N GLY ZB 63 -101.76 67.67 29.49
CA GLY ZB 63 -102.32 66.40 29.90
C GLY ZB 63 -102.10 66.14 31.37
N ASP ZB 64 -101.21 65.21 31.68
CA ASP ZB 64 -100.86 64.93 33.08
C ASP ZB 64 -99.72 65.81 33.55
N LYS ZB 65 -98.73 66.06 32.68
CA LYS ZB 65 -97.51 66.73 33.09
C LYS ZB 65 -97.63 68.24 32.84
N LYS ZB 66 -96.50 68.94 32.92
CA LYS ZB 66 -96.45 70.38 32.64
C LYS ZB 66 -95.37 70.63 31.62
N SER ZB 67 -95.72 71.30 30.53
CA SER ZB 67 -94.81 71.56 29.42
C SER ZB 67 -94.39 73.04 29.40
N LEU ZB 68 -93.24 73.30 28.80
CA LEU ZB 68 -92.67 74.64 28.78
C LEU ZB 68 -92.90 75.27 27.41
N VAL ZB 69 -93.60 76.41 27.39
CA VAL ZB 69 -93.79 77.22 26.20
C VAL ZB 69 -92.78 78.36 26.24
N VAL ZB 70 -92.02 78.52 25.15
CA VAL ZB 70 -90.94 79.50 25.08
C VAL ZB 70 -91.15 80.36 23.85
N VAL ZB 71 -91.07 81.68 24.04
CA VAL ZB 71 -91.12 82.65 22.96
C VAL ZB 71 -89.79 83.40 22.95
N ASN ZB 72 -89.12 83.40 21.80
CA ASN ZB 72 -87.84 84.08 21.66
C ASN ZB 72 -87.99 85.31 20.78
N LEU ZB 73 -87.19 86.33 21.08
CA LEU ZB 73 -87.13 87.53 20.25
C LEU ZB 73 -85.66 87.92 20.16
N THR ZB 74 -85.05 87.72 18.99
CA THR ZB 74 -83.63 87.96 18.81
C THR ZB 74 -83.43 89.04 17.75
N ALA ZB 75 -82.59 90.01 18.08
CA ALA ZB 75 -82.25 91.11 17.18
C ALA ZB 75 -80.76 91.10 16.90
N HIS ZB 76 -80.40 91.26 15.64
CA HIS ZB 76 -79.01 91.29 15.19
C HIS ZB 76 -78.75 92.66 14.58
N VAL ZB 77 -77.90 93.47 15.21
CA VAL ZB 77 -77.62 94.80 14.69
C VAL ZB 77 -76.14 94.92 14.39
N PRO ZB 78 -75.73 95.06 13.13
CA PRO ZB 78 -74.31 95.25 12.83
C PRO ZB 78 -73.81 96.58 13.36
N VAL ZB 79 -72.54 96.60 13.77
CA VAL ZB 79 -71.96 97.81 14.32
C VAL ZB 79 -71.71 98.81 13.20
N GLY ZB 80 -72.08 100.07 13.44
CA GLY ZB 80 -71.98 101.14 12.45
C GLY ZB 80 -73.32 101.57 11.90
N VAL ZB 81 -74.31 100.66 11.90
CA VAL ZB 81 -75.65 101.04 11.49
C VAL ZB 81 -76.22 102.03 12.48
N ASP ZB 82 -76.86 103.08 11.96
CA ASP ZB 82 -77.45 104.09 12.82
C ASP ZB 82 -78.53 103.49 13.71
N ALA ZB 83 -78.44 103.77 15.01
CA ALA ZB 83 -79.33 103.14 15.97
C ALA ZB 83 -80.75 103.68 15.87
N THR ZB 84 -80.90 104.99 15.60
CA THR ZB 84 -82.22 105.59 15.56
C THR ZB 84 -83.05 105.01 14.42
N ALA ZB 85 -82.42 104.79 13.26
CA ALA ZB 85 -83.13 104.17 12.14
C ALA ZB 85 -83.61 102.76 12.49
N VAL ZB 86 -82.76 101.98 13.14
CA VAL ZB 86 -83.15 100.63 13.55
C VAL ZB 86 -84.31 100.71 14.54
N ARG ZB 87 -84.26 101.65 15.48
CA ARG ZB 87 -85.30 101.74 16.49
C ARG ZB 87 -86.64 102.16 15.87
N THR ZB 88 -86.63 103.11 14.94
CA THR ZB 88 -87.88 103.51 14.32
C THR ZB 88 -88.41 102.43 13.39
N TRP ZB 89 -87.52 101.67 12.72
CA TRP ZB 89 -87.95 100.53 11.93
C TRP ZB 89 -88.60 99.47 12.82
N MET ZB 90 -88.00 99.20 13.98
CA MET ZB 90 -88.56 98.22 14.91
C MET ZB 90 -89.91 98.67 15.44
N THR ZB 91 -90.03 99.95 15.80
CA THR ZB 91 -91.27 100.45 16.38
C THR ZB 91 -92.39 100.50 15.33
N SER ZB 92 -92.06 100.87 14.10
CA SER ZB 92 -93.09 101.08 13.08
C SER ZB 92 -93.36 99.85 12.22
N GLU ZB 93 -92.35 99.04 11.93
CA GLU ZB 93 -92.50 97.93 11.00
C GLU ZB 93 -92.41 96.56 11.65
N VAL ZB 94 -91.59 96.39 12.69
CA VAL ZB 94 -91.39 95.06 13.24
C VAL ZB 94 -92.41 94.77 14.34
N PHE ZB 95 -92.56 95.69 15.30
CA PHE ZB 95 -93.43 95.47 16.45
C PHE ZB 95 -94.90 95.31 16.08
N PRO ZB 96 -95.49 96.16 15.24
CA PRO ZB 96 -96.90 95.95 14.89
C PRO ZB 96 -97.18 94.62 14.22
N GLY ZB 97 -96.26 94.14 13.38
CA GLY ZB 97 -96.47 92.84 12.74
C GLY ZB 97 -96.14 91.67 13.62
N ALA ZB 98 -95.25 91.84 14.59
CA ALA ZB 98 -94.83 90.76 15.47
C ALA ZB 98 -95.83 90.48 16.58
N THR ZB 99 -96.81 91.36 16.79
CA THR ZB 99 -97.80 91.18 17.83
C THR ZB 99 -99.21 91.03 17.27
N SER ZB 100 -99.34 90.76 15.98
CA SER ZB 100 -100.63 90.63 15.33
C SER ZB 100 -101.15 89.21 15.50
N SER ZB 101 -102.31 88.91 14.90
CA SER ZB 101 -102.85 87.56 14.92
C SER ZB 101 -102.00 86.60 14.09
N VAL ZB 102 -101.16 87.13 13.18
CA VAL ZB 102 -100.30 86.27 12.38
C VAL ZB 102 -99.36 85.48 13.28
N THR ZB 103 -98.77 86.15 14.27
CA THR ZB 103 -97.88 85.47 15.21
C THR ZB 103 -98.62 84.39 15.99
N LEU ZB 104 -99.84 84.69 16.42
CA LEU ZB 104 -100.62 83.70 17.18
C LEU ZB 104 -100.93 82.47 16.32
N ASP ZB 105 -101.36 82.69 15.07
CA ASP ZB 105 -101.65 81.56 14.19
C ASP ZB 105 -100.40 80.77 13.88
N LEU ZB 106 -99.28 81.45 13.64
CA LEU ZB 106 -98.02 80.75 13.36
C LEU ZB 106 -97.56 79.92 14.55
N ALA ZB 107 -97.71 80.45 15.77
CA ALA ZB 107 -97.24 79.73 16.95
C ALA ZB 107 -98.16 78.57 17.31
N THR ZB 108 -99.48 78.74 17.17
CA THR ZB 108 -100.40 77.71 17.61
C THR ZB 108 -100.77 76.72 16.51
N LYS ZB 109 -100.76 77.15 15.25
CA LYS ZB 109 -101.18 76.30 14.15
C LYS ZB 109 -100.18 76.18 13.02
N GLY ZB 110 -99.07 76.92 13.07
CA GLY ZB 110 -98.09 76.85 12.00
C GLY ZB 110 -98.54 77.47 10.68
N VAL ZB 111 -99.39 78.49 10.74
CA VAL ZB 111 -99.92 79.10 9.53
C VAL ZB 111 -98.86 80.05 8.96
N ILE ZB 112 -98.49 79.83 7.69
CA ILE ZB 112 -97.49 80.64 7.02
C ILE ZB 112 -98.05 81.39 5.83
N HIS ZB 113 -99.34 81.23 5.53
CA HIS ZB 113 -100.00 81.92 4.42
C HIS ZB 113 -101.03 82.87 5.00
N LEU ZB 114 -100.79 84.18 4.90
CA LEU ZB 114 -101.69 85.17 5.48
C LEU ZB 114 -102.60 85.75 4.40
N SER ZB 115 -103.55 84.94 3.97
CA SER ZB 115 -104.54 85.36 2.98
C SER ZB 115 -105.71 86.05 3.67
N ASP ZB 116 -106.26 87.06 3.00
CA ASP ZB 116 -105.78 87.63 1.75
C ASP ZB 116 -105.77 89.15 1.82
N ALA ZB 117 -106.60 89.69 2.71
CA ALA ZB 117 -106.70 91.14 2.87
C ALA ZB 117 -105.53 91.70 3.65
N LEU AC 1 46.30 -33.74 124.87
CA LEU AC 1 46.09 -32.59 124.01
C LEU AC 1 45.42 -31.45 124.77
N SER AC 2 46.05 -30.29 124.75
CA SER AC 2 45.53 -29.12 125.45
C SER AC 2 45.86 -27.86 124.65
N ILE AC 3 44.97 -26.88 124.76
CA ILE AC 3 45.16 -25.55 124.16
C ILE AC 3 44.98 -24.58 125.32
N GLY AC 4 46.09 -24.16 125.92
CA GLY AC 4 46.01 -23.41 127.16
C GLY AC 4 45.68 -24.32 128.32
N THR AC 5 44.54 -24.10 128.97
CA THR AC 5 44.10 -24.91 130.10
C THR AC 5 42.93 -25.81 129.76
N LYS AC 6 42.55 -25.92 128.48
CA LYS AC 6 41.40 -26.69 128.06
C LYS AC 6 41.85 -27.94 127.32
N ASN AC 7 41.26 -29.08 127.70
CA ASN AC 7 41.55 -30.35 127.04
C ASN AC 7 40.72 -30.47 125.77
N VAL AC 8 41.38 -30.88 124.69
CA VAL AC 8 40.73 -31.00 123.38
C VAL AC 8 41.10 -32.34 122.78
N SER AC 9 40.37 -32.70 121.72
CA SER AC 9 40.63 -33.90 120.94
C SER AC 9 40.57 -33.54 119.47
N ILE AC 10 41.34 -34.25 118.65
CA ILE AC 10 41.29 -34.03 117.21
C ILE AC 10 39.88 -34.37 116.73
N TYR AC 11 39.23 -33.41 116.10
CA TYR AC 11 37.88 -33.59 115.57
C TYR AC 11 37.83 -33.66 114.06
N ARG AC 12 38.50 -32.74 113.37
CA ARG AC 12 38.56 -32.76 111.92
C ARG AC 12 39.98 -32.47 111.47
N ASN AC 13 40.45 -33.20 110.47
CA ASN AC 13 41.81 -33.07 109.97
C ASN AC 13 41.78 -32.83 108.47
N THR AC 14 42.41 -31.74 108.03
CA THR AC 14 42.62 -31.49 106.62
C THR AC 14 44.08 -31.17 106.36
N ALA AC 15 44.41 -30.83 105.11
CA ALA AC 15 45.82 -30.59 104.75
C ALA AC 15 46.37 -29.38 105.50
N ASP AC 16 45.60 -28.30 105.57
CA ASP AC 16 46.08 -27.05 106.16
C ASP AC 16 45.24 -26.57 107.34
N GLU AC 17 44.34 -27.40 107.86
CA GLU AC 17 43.51 -27.00 108.98
C GLU AC 17 43.17 -28.21 109.84
N VAL AC 18 43.27 -28.04 111.15
CA VAL AC 18 42.84 -29.04 112.11
C VAL AC 18 41.87 -28.41 113.10
N ILE AC 19 40.69 -29.00 113.24
CA ILE AC 19 39.70 -28.56 114.20
C ILE AC 19 39.72 -29.51 115.39
N TYR AC 20 39.87 -28.96 116.59
CA TYR AC 20 39.83 -29.69 117.85
C TYR AC 20 38.54 -29.36 118.57
N ALA AC 21 37.97 -30.36 119.24
CA ALA AC 21 36.70 -30.24 119.94
C ALA AC 21 36.93 -30.18 121.44
N GLY AC 22 36.23 -29.26 122.10
CA GLY AC 22 36.29 -29.15 123.54
C GLY AC 22 35.36 -30.13 124.22
N PRO AC 23 35.36 -30.13 125.56
CA PRO AC 23 34.53 -31.10 126.28
C PRO AC 23 33.03 -30.90 126.09
N ALA AC 24 32.59 -29.72 125.66
CA ALA AC 24 31.17 -29.42 125.54
C ALA AC 24 30.66 -29.52 124.12
N HIS AC 25 31.46 -30.03 123.18
CA HIS AC 25 31.05 -30.11 121.80
C HIS AC 25 30.25 -31.37 121.54
N ASP AC 26 29.06 -31.21 120.98
CA ASP AC 26 28.22 -32.34 120.56
C ASP AC 26 27.39 -31.88 119.37
N VAL AC 27 26.32 -32.62 119.08
CA VAL AC 27 25.46 -32.35 117.94
C VAL AC 27 24.74 -31.02 118.13
N THR AC 28 24.55 -30.61 119.39
CA THR AC 28 23.77 -29.41 119.68
C THR AC 28 24.62 -28.20 120.09
N ASN AC 29 25.74 -28.41 120.76
CA ASN AC 29 26.54 -27.31 121.29
C ASN AC 29 27.90 -27.29 120.59
N VAL AC 30 28.33 -26.10 120.21
CA VAL AC 30 29.62 -25.91 119.55
C VAL AC 30 30.66 -25.48 120.58
N ASP AC 31 31.78 -26.17 120.60
CA ASP AC 31 32.93 -25.80 121.43
C ASP AC 31 34.18 -26.28 120.67
N THR AC 32 34.74 -25.38 119.85
CA THR AC 32 35.82 -25.81 118.96
C THR AC 32 36.94 -24.78 118.93
N VAL AC 33 38.16 -25.29 118.70
CA VAL AC 33 39.32 -24.47 118.40
C VAL AC 33 39.95 -25.00 117.12
N SER AC 34 40.09 -24.15 116.12
CA SER AC 34 40.61 -24.52 114.82
C SER AC 34 41.97 -23.87 114.60
N LEU AC 35 42.92 -24.63 114.06
CA LEU AC 35 44.23 -24.14 113.70
C LEU AC 35 44.38 -24.25 112.19
N ARG AC 36 44.59 -23.12 111.52
CA ARG AC 36 44.69 -23.07 110.07
C ARG AC 36 45.99 -22.36 109.69
N ARG AC 37 46.60 -22.82 108.60
CA ARG AC 37 47.82 -22.24 108.11
C ARG AC 37 47.70 -21.95 106.62
N SER AC 38 48.30 -20.83 106.21
CA SER AC 38 48.50 -20.46 104.83
C SER AC 38 50.00 -20.35 104.65
N LEU AC 39 50.59 -21.38 104.06
CA LEU AC 39 52.02 -21.44 103.89
C LEU AC 39 52.46 -20.45 102.81
N PRO AC 40 53.65 -19.87 102.95
CA PRO AC 40 54.12 -18.89 101.97
C PRO AC 40 54.28 -19.50 100.59
N VAL AC 41 53.95 -18.72 99.57
CA VAL AC 41 54.24 -19.05 98.19
C VAL AC 41 55.23 -18.01 97.70
N LYS AC 42 56.35 -18.48 97.16
CA LYS AC 42 57.46 -17.58 96.78
C LYS AC 42 57.39 -17.34 95.28
N LYS AC 43 56.33 -16.67 94.86
CA LYS AC 43 56.13 -16.30 93.47
C LYS AC 43 57.08 -15.16 93.09
N GLY AC 44 57.54 -15.20 91.85
CA GLY AC 44 58.47 -14.21 91.34
C GLY AC 44 59.70 -14.04 92.23
N SER AC 45 59.84 -12.85 92.82
CA SER AC 45 60.92 -12.58 93.74
C SER AC 45 60.46 -12.49 95.20
N ASP AC 46 59.20 -12.12 95.44
CA ASP AC 46 58.70 -12.03 96.81
C ASP AC 46 58.58 -13.43 97.40
N ASN AC 47 59.02 -13.58 98.65
CA ASN AC 47 59.03 -14.87 99.32
C ASN AC 47 57.70 -15.22 99.95
N GLY AC 48 56.70 -14.34 99.88
CA GLY AC 48 55.39 -14.64 100.41
C GLY AC 48 55.28 -14.41 101.91
N THR AC 49 54.10 -14.72 102.43
CA THR AC 49 53.77 -14.49 103.83
C THR AC 49 53.23 -15.77 104.45
N MET AC 50 53.65 -16.05 105.68
CA MET AC 50 53.09 -17.14 106.46
C MET AC 50 51.92 -16.60 107.27
N ARG AC 51 50.74 -17.21 107.09
CA ARG AC 51 49.54 -16.77 107.78
C ARG AC 51 49.09 -17.86 108.74
N GLY AC 52 49.03 -17.53 110.03
CA GLY AC 52 48.57 -18.49 111.02
C GLY AC 52 47.32 -18.04 111.72
N ASN AC 53 46.23 -18.80 111.59
CA ASN AC 53 44.94 -18.41 112.15
C ASN AC 53 44.50 -19.40 113.21
N MET AC 54 44.07 -18.88 114.35
CA MET AC 54 43.49 -19.68 115.41
C MET AC 54 42.07 -19.19 115.68
N ASN AC 55 41.12 -20.13 115.64
CA ASN AC 55 39.70 -19.84 115.68
C ASN AC 55 39.09 -20.45 116.93
N PHE AC 56 38.32 -19.67 117.67
CA PHE AC 56 37.58 -20.15 118.83
C PHE AC 56 36.09 -19.98 118.54
N ALA AC 57 35.33 -21.07 118.63
CA ALA AC 57 33.91 -21.03 118.32
C ALA AC 57 33.13 -21.62 119.48
N LYS AC 58 32.10 -20.89 119.93
CA LYS AC 58 31.28 -21.35 121.04
C LYS AC 58 29.83 -20.95 120.81
N SER AC 59 28.91 -21.89 121.02
CA SER AC 59 27.50 -21.58 120.95
C SER AC 59 27.02 -20.99 122.27
N PHE AC 60 26.11 -20.03 122.18
CA PHE AC 60 25.57 -19.31 123.33
C PHE AC 60 24.06 -19.21 123.19
N PRO AC 61 23.34 -19.15 124.30
CA PRO AC 61 21.88 -18.91 124.22
C PRO AC 61 21.60 -17.51 123.71
N ASN AC 62 20.63 -17.41 122.79
CA ASN AC 62 20.23 -16.13 122.20
C ASN AC 62 18.72 -16.19 122.06
N GLY AC 63 18.02 -15.67 123.06
CA GLY AC 63 16.57 -15.82 123.08
C GLY AC 63 16.21 -17.29 123.12
N ASP AC 64 15.39 -17.71 122.17
CA ASP AC 64 15.02 -19.12 122.05
C ASP AC 64 16.02 -19.93 121.22
N LYS AC 65 16.89 -19.27 120.47
CA LYS AC 65 17.80 -19.96 119.57
C LYS AC 65 19.21 -19.97 120.15
N LYS AC 66 20.17 -20.43 119.34
CA LYS AC 66 21.57 -20.45 119.71
C LYS AC 66 22.37 -19.64 118.69
N SER AC 67 23.36 -18.90 119.19
CA SER AC 67 24.18 -18.04 118.35
C SER AC 67 25.64 -18.39 118.53
N LEU AC 68 26.40 -18.33 117.44
CA LEU AC 68 27.82 -18.68 117.46
C LEU AC 68 28.66 -17.45 117.70
N VAL AC 69 29.46 -17.47 118.76
CA VAL AC 69 30.46 -16.45 119.03
C VAL AC 69 31.81 -16.99 118.58
N VAL AC 70 32.49 -16.22 117.73
CA VAL AC 70 33.75 -16.60 117.12
C VAL AC 70 34.80 -15.57 117.44
N VAL AC 71 35.97 -16.03 117.88
CA VAL AC 71 37.13 -15.18 118.12
C VAL AC 71 38.26 -15.66 117.21
N ASN AC 72 38.82 -14.74 116.44
CA ASN AC 72 39.88 -15.05 115.48
C ASN AC 72 41.17 -14.38 115.90
N LEU AC 73 42.28 -15.12 115.82
CA LEU AC 73 43.60 -14.57 116.08
C LEU AC 73 44.51 -14.97 114.92
N THR AC 74 44.89 -14.00 114.10
CA THR AC 74 45.64 -14.27 112.88
C THR AC 74 46.95 -13.50 112.89
N ALA AC 75 48.04 -14.20 112.61
CA ALA AC 75 49.37 -13.61 112.49
C ALA AC 75 49.82 -13.67 111.04
N HIS AC 76 50.33 -12.55 110.54
CA HIS AC 76 50.86 -12.46 109.17
C HIS AC 76 52.36 -12.14 109.30
N VAL AC 77 53.20 -13.12 109.02
CA VAL AC 77 54.64 -12.95 109.16
C VAL AC 77 55.27 -13.05 107.76
N PRO AC 78 55.85 -11.97 107.24
CA PRO AC 78 56.56 -12.06 105.96
C PRO AC 78 57.80 -12.93 106.08
N VAL AC 79 58.13 -13.63 105.00
CA VAL AC 79 59.26 -14.54 105.01
C VAL AC 79 60.56 -13.76 104.99
N GLY AC 80 61.50 -14.14 105.87
CA GLY AC 80 62.78 -13.46 106.02
C GLY AC 80 62.90 -12.75 107.35
N VAL AC 81 61.77 -12.40 107.97
CA VAL AC 81 61.79 -11.79 109.30
C VAL AC 81 62.22 -12.84 110.32
N ASP AC 82 63.08 -12.42 111.24
CA ASP AC 82 63.56 -13.32 112.29
C ASP AC 82 62.40 -13.84 113.13
N ALA AC 83 62.34 -15.16 113.29
CA ALA AC 83 61.26 -15.76 114.07
C ALA AC 83 61.36 -15.40 115.55
N THR AC 84 62.58 -15.37 116.08
CA THR AC 84 62.75 -15.08 117.51
C THR AC 84 62.31 -13.67 117.85
N ALA AC 85 62.65 -12.69 117.01
CA ALA AC 85 62.22 -11.32 117.26
C ALA AC 85 60.71 -11.20 117.21
N VAL AC 86 60.08 -11.87 116.25
CA VAL AC 86 58.62 -11.85 116.15
C VAL AC 86 57.99 -12.49 117.38
N ARG AC 87 58.53 -13.62 117.84
CA ARG AC 87 57.99 -14.28 119.02
C ARG AC 87 58.14 -13.40 120.26
N THR AC 88 59.28 -12.72 120.40
CA THR AC 88 59.47 -11.81 121.53
C THR AC 88 58.48 -10.66 121.47
N TRP AC 89 58.25 -10.10 120.27
CA TRP AC 89 57.28 -9.02 120.13
C TRP AC 89 55.88 -9.49 120.48
N MET AC 90 55.49 -10.68 120.02
CA MET AC 90 54.16 -11.20 120.32
C MET AC 90 53.99 -11.47 121.81
N THR AC 91 55.02 -12.00 122.46
CA THR AC 91 54.92 -12.33 123.88
C THR AC 91 54.90 -11.08 124.75
N SER AC 92 55.73 -10.08 124.43
CA SER AC 92 55.86 -8.92 125.29
C SER AC 92 54.89 -7.80 124.96
N GLU AC 93 54.39 -7.72 123.73
CA GLU AC 93 53.51 -6.64 123.33
C GLU AC 93 52.11 -7.09 122.95
N VAL AC 94 51.98 -8.04 122.03
CA VAL AC 94 50.67 -8.42 121.53
C VAL AC 94 49.88 -9.18 122.57
N PHE AC 95 50.52 -10.14 123.23
CA PHE AC 95 49.78 -11.01 124.17
C PHE AC 95 49.20 -10.25 125.35
N PRO AC 96 49.94 -9.41 126.08
CA PRO AC 96 49.32 -8.66 127.18
C PRO AC 96 48.20 -7.74 126.73
N GLY AC 97 48.31 -7.13 125.56
CA GLY AC 97 47.27 -6.22 125.10
C GLY AC 97 46.05 -6.91 124.54
N ALA AC 98 46.21 -8.12 124.03
CA ALA AC 98 45.11 -8.88 123.45
C ALA AC 98 44.33 -9.68 124.49
N THR AC 99 44.79 -9.67 125.75
CA THR AC 99 44.10 -10.36 126.83
C THR AC 99 43.68 -9.40 127.93
N SER AC 100 43.69 -8.10 127.64
CA SER AC 100 43.33 -7.08 128.62
C SER AC 100 41.82 -6.80 128.54
N SER AC 101 41.36 -5.89 129.41
CA SER AC 101 39.97 -5.47 129.37
C SER AC 101 39.63 -4.73 128.08
N VAL AC 102 40.64 -4.20 127.39
CA VAL AC 102 40.39 -3.50 126.13
C VAL AC 102 39.76 -4.43 125.12
N THR AC 103 40.30 -5.65 124.99
CA THR AC 103 39.73 -6.63 124.07
C THR AC 103 38.31 -6.99 124.45
N LEU AC 104 38.06 -7.19 125.75
CA LEU AC 104 36.72 -7.55 126.21
C LEU AC 104 35.72 -6.46 125.89
N ASP AC 105 36.06 -5.20 126.16
CA ASP AC 105 35.15 -4.10 125.86
C ASP AC 105 34.95 -3.93 124.36
N LEU AC 106 36.00 -4.10 123.56
CA LEU AC 106 35.84 -4.02 122.12
C LEU AC 106 34.92 -5.11 121.60
N ALA AC 107 35.05 -6.32 122.12
CA ALA AC 107 34.26 -7.44 121.62
C ALA AC 107 32.80 -7.34 122.06
N THR AC 108 32.55 -7.02 123.33
CA THR AC 108 31.20 -7.10 123.87
C THR AC 108 30.46 -5.77 123.89
N LYS AC 109 31.15 -4.65 123.71
CA LYS AC 109 30.50 -3.34 123.74
C LYS AC 109 30.89 -2.45 122.58
N GLY AC 110 31.84 -2.87 121.73
CA GLY AC 110 32.28 -2.04 120.63
C GLY AC 110 33.02 -0.79 121.07
N VAL AC 111 33.80 -0.87 122.14
CA VAL AC 111 34.52 0.30 122.64
C VAL AC 111 35.87 0.40 121.94
N ILE AC 112 36.10 1.51 121.25
CA ILE AC 112 37.36 1.76 120.54
C ILE AC 112 38.14 2.92 121.14
N HIS AC 113 37.64 3.52 122.23
CA HIS AC 113 38.33 4.62 122.92
C HIS AC 113 38.72 4.14 124.31
N LEU AC 114 40.02 3.95 124.55
CA LEU AC 114 40.50 3.48 125.85
C LEU AC 114 40.96 4.69 126.68
N SER AC 115 39.99 5.44 127.16
CA SER AC 115 40.27 6.55 128.06
C SER AC 115 40.27 6.07 129.51
N ASP AC 116 41.06 6.74 130.35
CA ASP AC 116 42.00 7.81 130.04
C ASP AC 116 43.31 7.60 130.81
N ALA AC 117 43.26 6.71 131.78
CA ALA AC 117 44.41 6.45 132.65
C ALA AC 117 45.62 5.93 131.86
N LEU BC 1 47.30 6.64 128.98
CA LEU BC 1 46.72 5.86 127.90
C LEU BC 1 47.59 4.65 127.60
N SER BC 2 47.09 3.46 127.95
CA SER BC 2 47.87 2.24 127.79
C SER BC 2 46.98 1.13 127.24
N ILE BC 3 47.58 0.27 126.43
CA ILE BC 3 46.96 -0.96 125.97
C ILE BC 3 47.87 -2.10 126.40
N GLY BC 4 47.38 -2.93 127.31
CA GLY BC 4 48.23 -3.93 127.93
C GLY BC 4 49.33 -3.29 128.74
N THR BC 5 50.58 -3.68 128.47
CA THR BC 5 51.73 -3.06 129.11
C THR BC 5 52.34 -1.94 128.29
N LYS BC 6 51.79 -1.64 127.12
CA LYS BC 6 52.36 -0.66 126.21
C LYS BC 6 51.59 0.65 126.31
N ASN BC 7 52.30 1.73 126.64
CA ASN BC 7 51.69 3.05 126.61
C ASN BC 7 51.56 3.52 125.16
N VAL BC 8 50.42 4.11 124.83
CA VAL BC 8 50.12 4.55 123.48
C VAL BC 8 49.51 5.94 123.54
N SER BC 9 49.41 6.57 122.37
CA SER BC 9 48.75 7.86 122.20
C SER BC 9 47.86 7.79 120.97
N ILE BC 10 46.83 8.64 120.96
CA ILE BC 10 45.92 8.66 119.83
C ILE BC 10 46.67 9.17 118.60
N TYR BC 11 46.64 8.37 117.53
CA TYR BC 11 47.30 8.70 116.27
C TYR BC 11 46.31 9.12 115.20
N ARG BC 12 45.24 8.36 115.01
CA ARG BC 12 44.20 8.72 114.06
C ARG BC 12 42.87 8.29 114.62
N ASN BC 13 41.83 9.04 114.27
CA ASN BC 13 40.51 8.87 114.90
C ASN BC 13 39.44 9.03 113.82
N THR BC 14 38.83 7.92 113.42
CA THR BC 14 37.67 7.92 112.55
C THR BC 14 36.44 7.48 113.35
N ALA BC 15 35.31 7.36 112.66
CA ALA BC 15 34.06 7.06 113.34
C ALA BC 15 34.08 5.67 113.99
N ASP BC 16 34.57 4.66 113.27
CA ASP BC 16 34.56 3.30 113.76
C ASP BC 16 35.94 2.69 113.92
N GLU BC 17 37.00 3.48 113.73
CA GLU BC 17 38.36 2.99 113.93
C GLU BC 17 39.19 4.06 114.61
N VAL BC 18 39.95 3.65 115.62
CA VAL BC 18 40.94 4.51 116.26
C VAL BC 18 42.28 3.81 116.21
N ILE BC 19 43.27 4.48 115.61
CA ILE BC 19 44.63 3.97 115.54
C ILE BC 19 45.45 4.68 116.60
N TYR BC 20 46.10 3.91 117.46
CA TYR BC 20 47.01 4.42 118.48
C TYR BC 20 48.44 4.06 118.09
N ALA BC 21 49.37 4.93 118.46
CA ALA BC 21 50.78 4.76 118.11
C ALA BC 21 51.59 4.49 119.37
N GLY BC 22 52.51 3.54 119.29
CA GLY BC 22 53.42 3.27 120.37
C GLY BC 22 54.50 4.32 120.45
N PRO BC 23 55.35 4.23 121.48
CA PRO BC 23 56.42 5.24 121.63
C PRO BC 23 57.38 5.27 120.45
N ALA BC 24 57.61 4.13 119.80
CA ALA BC 24 58.58 4.04 118.72
C ALA BC 24 58.00 4.45 117.36
N HIS BC 25 56.68 4.58 117.25
CA HIS BC 25 56.07 4.84 115.96
C HIS BC 25 56.54 6.16 115.38
N ASP BC 26 56.85 6.15 114.09
CA ASP BC 26 57.31 7.35 113.39
C ASP BC 26 57.00 7.18 111.91
N VAL BC 27 57.59 8.06 111.09
CA VAL BC 27 57.32 8.05 109.65
C VAL BC 27 57.93 6.86 108.92
N THR BC 28 58.91 6.18 109.52
CA THR BC 28 59.53 5.03 108.89
C THR BC 28 59.41 3.74 109.71
N ASN BC 29 59.16 3.82 111.01
CA ASN BC 29 58.93 2.65 111.84
C ASN BC 29 57.46 2.60 112.21
N VAL BC 30 56.80 1.50 111.89
CA VAL BC 30 55.38 1.32 112.20
C VAL BC 30 55.28 0.58 113.54
N ASP BC 31 54.57 1.19 114.50
CA ASP BC 31 54.24 0.55 115.77
C ASP BC 31 52.84 1.04 116.14
N THR BC 32 51.82 0.29 115.71
CA THR BC 32 50.45 0.76 115.82
C THR BC 32 49.54 -0.32 116.38
N VAL BC 33 48.56 0.12 117.16
CA VAL BC 33 47.46 -0.70 117.63
C VAL BC 33 46.17 -0.05 117.19
N SER BC 34 45.44 -0.70 116.29
CA SER BC 34 44.17 -0.21 115.79
C SER BC 34 43.03 -0.93 116.50
N LEU BC 35 42.00 -0.18 116.88
CA LEU BC 35 40.74 -0.75 117.32
C LEU BC 35 39.67 -0.35 116.31
N ARG BC 36 39.10 -1.33 115.64
CA ARG BC 36 38.08 -1.12 114.63
C ARG BC 36 36.82 -1.88 115.02
N ARG BC 37 35.67 -1.33 114.67
CA ARG BC 37 34.41 -2.00 114.96
C ARG BC 37 33.50 -1.94 113.75
N SER BC 38 32.69 -2.98 113.60
CA SER BC 38 31.59 -3.01 112.66
C SER BC 38 30.32 -3.20 113.47
N LEU BC 39 29.48 -2.18 113.47
CA LEU BC 39 28.28 -2.19 114.30
C LEU BC 39 27.21 -3.11 113.70
N PRO BC 40 26.38 -3.70 114.55
CA PRO BC 40 25.35 -4.63 114.04
C PRO BC 40 24.38 -3.95 113.10
N VAL BC 41 24.15 -4.59 111.96
CA VAL BC 41 23.18 -4.10 110.98
C VAL BC 41 21.95 -4.99 111.07
N LYS BC 42 20.83 -4.41 111.50
CA LYS BC 42 19.58 -5.15 111.63
C LYS BC 42 19.03 -5.33 110.23
N LYS BC 43 19.16 -6.54 109.70
CA LYS BC 43 18.59 -6.91 108.41
C LYS BC 43 17.70 -8.13 108.58
N GLY BC 44 16.52 -8.09 107.98
CA GLY BC 44 15.58 -9.19 108.13
C GLY BC 44 15.19 -9.38 109.59
N SER BC 45 15.03 -10.64 109.99
CA SER BC 45 14.78 -10.97 111.38
C SER BC 45 16.05 -11.08 112.20
N ASP BC 46 17.22 -11.11 111.55
CA ASP BC 46 18.49 -11.18 112.27
C ASP BC 46 18.84 -9.81 112.82
N ASN BC 47 19.18 -9.77 114.11
CA ASN BC 47 19.51 -8.51 114.76
C ASN BC 47 20.89 -8.00 114.39
N GLY BC 48 21.71 -8.79 113.71
CA GLY BC 48 23.03 -8.38 113.31
C GLY BC 48 24.11 -8.95 114.21
N THR BC 49 25.35 -8.57 113.90
CA THR BC 49 26.52 -9.04 114.61
C THR BC 49 27.49 -7.89 114.81
N MET BC 50 28.00 -7.74 116.03
CA MET BC 50 29.05 -6.78 116.31
C MET BC 50 30.40 -7.43 116.01
N ARG BC 51 31.20 -6.78 115.18
CA ARG BC 51 32.55 -7.22 114.87
C ARG BC 51 33.54 -6.29 115.55
N GLY BC 52 34.48 -6.87 116.31
CA GLY BC 52 35.53 -6.09 116.92
C GLY BC 52 36.90 -6.57 116.50
N ASN BC 53 37.69 -5.70 115.88
CA ASN BC 53 39.00 -6.05 115.38
C ASN BC 53 40.07 -5.27 116.12
N MET BC 54 41.10 -5.97 116.59
CA MET BC 54 42.25 -5.39 117.26
C MET BC 54 43.48 -5.74 116.44
N ASN BC 55 44.11 -4.72 115.86
CA ASN BC 55 45.20 -4.90 114.92
C ASN BC 55 46.50 -4.42 115.55
N PHE BC 56 47.52 -5.27 115.54
CA PHE BC 56 48.87 -4.91 115.96
C PHE BC 56 49.75 -4.93 114.72
N ALA BC 57 50.39 -3.80 114.43
CA ALA BC 57 51.28 -3.69 113.29
C ALA BC 57 52.65 -3.22 113.76
N LYS BC 58 53.70 -3.93 113.34
CA LYS BC 58 55.07 -3.60 113.73
C LYS BC 58 56.01 -3.79 112.56
N SER BC 59 56.95 -2.87 112.41
CA SER BC 59 57.99 -2.98 111.39
C SER BC 59 59.15 -3.83 111.90
N PHE BC 60 59.68 -4.67 111.02
CA PHE BC 60 60.74 -5.59 111.37
C PHE BC 60 61.79 -5.60 110.28
N PRO BC 61 63.07 -5.76 110.64
CA PRO BC 61 64.12 -5.93 109.62
C PRO BC 61 63.95 -7.24 108.89
N ASN BC 62 63.77 -7.15 107.56
CA ASN BC 62 63.68 -8.32 106.69
C ASN BC 62 64.83 -8.19 105.70
N GLY BC 63 65.95 -8.83 106.02
CA GLY BC 63 67.14 -8.72 105.22
C GLY BC 63 67.62 -7.28 105.13
N ASP BC 64 67.49 -6.70 103.94
CA ASP BC 64 67.86 -5.30 103.73
C ASP BC 64 66.68 -4.35 103.88
N LYS BC 65 65.46 -4.84 103.73
CA LYS BC 65 64.27 -4.01 103.73
C LYS BC 65 63.55 -4.12 105.08
N LYS BC 66 62.39 -3.48 105.19
CA LYS BC 66 61.53 -3.60 106.35
C LYS BC 66 60.22 -4.24 105.95
N SER BC 67 59.74 -5.17 106.78
CA SER BC 67 58.49 -5.87 106.56
C SER BC 67 57.53 -5.57 107.68
N LEU BC 68 56.23 -5.62 107.37
CA LEU BC 68 55.19 -5.34 108.34
C LEU BC 68 54.63 -6.64 108.87
N VAL BC 69 54.78 -6.86 110.18
CA VAL BC 69 54.18 -8.00 110.86
C VAL BC 69 52.87 -7.53 111.50
N VAL BC 70 51.79 -8.24 111.20
CA VAL BC 70 50.45 -7.87 111.63
C VAL BC 70 49.82 -9.03 112.38
N VAL BC 71 49.22 -8.73 113.53
CA VAL BC 71 48.46 -9.69 114.32
C VAL BC 71 47.05 -9.14 114.49
N ASN BC 72 46.05 -9.91 114.07
CA ASN BC 72 44.66 -9.50 114.18
C ASN BC 72 43.93 -10.36 115.19
N LEU BC 73 43.18 -9.72 116.07
CA LEU BC 73 42.27 -10.39 116.99
C LEU BC 73 40.86 -9.90 116.70
N THR BC 74 40.04 -10.77 116.12
CA THR BC 74 38.70 -10.40 115.69
C THR BC 74 37.67 -11.23 116.45
N ALA BC 75 36.63 -10.57 116.94
CA ALA BC 75 35.53 -11.21 117.63
C ALA BC 75 34.23 -10.88 116.93
N HIS BC 76 33.38 -11.89 116.73
CA HIS BC 76 32.06 -11.74 116.13
C HIS BC 76 31.03 -12.15 117.18
N VAL BC 77 30.28 -11.17 117.69
CA VAL BC 77 29.30 -11.41 118.74
C VAL BC 77 27.91 -11.08 118.19
N PRO BC 78 27.02 -12.07 118.06
CA PRO BC 78 25.66 -11.76 117.60
C PRO BC 78 24.87 -11.00 118.65
N VAL BC 79 23.98 -10.13 118.18
CA VAL BC 79 23.13 -9.38 119.09
C VAL BC 79 22.12 -10.32 119.76
N GLY BC 80 21.94 -10.14 121.07
CA GLY BC 80 21.03 -10.94 121.85
C GLY BC 80 21.73 -11.87 122.82
N VAL BC 81 23.02 -12.11 122.63
CA VAL BC 81 23.79 -12.95 123.53
C VAL BC 81 24.14 -12.16 124.79
N ASP BC 82 24.22 -12.85 125.92
CA ASP BC 82 24.62 -12.20 127.16
C ASP BC 82 26.09 -11.82 127.10
N ALA BC 83 26.39 -10.56 127.42
CA ALA BC 83 27.76 -10.08 127.32
C ALA BC 83 28.64 -10.63 128.44
N THR BC 84 28.08 -10.81 129.64
CA THR BC 84 28.86 -11.35 130.74
C THR BC 84 29.32 -12.78 130.46
N ALA BC 85 28.45 -13.60 129.89
CA ALA BC 85 28.82 -14.97 129.54
C ALA BC 85 29.94 -14.99 128.50
N VAL BC 86 29.85 -14.12 127.49
CA VAL BC 86 30.88 -14.06 126.46
C VAL BC 86 32.20 -13.59 127.05
N ARG BC 87 32.15 -12.59 127.94
CA ARG BC 87 33.38 -12.13 128.58
C ARG BC 87 34.01 -13.23 129.43
N THR BC 88 33.20 -13.97 130.18
CA THR BC 88 33.72 -15.06 130.98
C THR BC 88 34.35 -16.15 130.12
N TRP BC 89 33.69 -16.50 129.01
CA TRP BC 89 34.25 -17.49 128.10
C TRP BC 89 35.57 -17.01 127.49
N MET BC 90 35.63 -15.74 127.08
CA MET BC 90 36.85 -15.21 126.51
C MET BC 90 37.99 -15.16 127.53
N THR BC 91 37.68 -14.83 128.78
CA THR BC 91 38.71 -14.76 129.81
C THR BC 91 39.22 -16.16 130.18
N SER BC 92 38.31 -17.11 130.37
CA SER BC 92 38.71 -18.43 130.87
C SER BC 92 39.15 -19.40 129.79
N GLU BC 93 38.69 -19.24 128.56
CA GLU BC 93 38.96 -20.23 127.52
C GLU BC 93 39.70 -19.68 126.32
N VAL BC 94 39.37 -18.47 125.86
CA VAL BC 94 40.00 -17.93 124.66
C VAL BC 94 41.38 -17.36 124.97
N PHE BC 95 41.46 -16.52 126.00
CA PHE BC 95 42.72 -15.85 126.32
C PHE BC 95 43.85 -16.81 126.67
N PRO BC 96 43.68 -17.82 127.53
CA PRO BC 96 44.80 -18.72 127.82
C PRO BC 96 45.32 -19.45 126.60
N GLY BC 97 44.44 -19.84 125.67
CA GLY BC 97 44.89 -20.55 124.49
C GLY BC 97 45.47 -19.66 123.42
N ALA BC 98 44.99 -18.41 123.33
CA ALA BC 98 45.47 -17.50 122.31
C ALA BC 98 46.88 -16.99 122.59
N THR BC 99 47.31 -17.00 123.85
CA THR BC 99 48.63 -16.54 124.24
C THR BC 99 49.52 -17.69 124.69
N SER BC 100 49.35 -18.86 124.10
CA SER BC 100 50.14 -20.04 124.44
C SER BC 100 51.28 -20.21 123.44
N SER BC 101 52.09 -21.25 123.65
CA SER BC 101 53.10 -21.60 122.69
C SER BC 101 52.51 -22.10 121.37
N VAL BC 102 51.23 -22.49 121.38
CA VAL BC 102 50.57 -22.92 120.16
C VAL BC 102 50.50 -21.77 119.17
N THR BC 103 50.18 -20.56 119.63
CA THR BC 103 50.11 -19.41 118.74
C THR BC 103 51.47 -19.13 118.11
N LEU BC 104 52.53 -19.13 118.92
CA LEU BC 104 53.87 -18.86 118.40
C LEU BC 104 54.30 -19.94 117.41
N ASP BC 105 54.02 -21.21 117.73
CA ASP BC 105 54.40 -22.30 116.84
C ASP BC 105 53.65 -22.22 115.52
N LEU BC 106 52.35 -21.88 115.57
CA LEU BC 106 51.58 -21.71 114.35
C LEU BC 106 52.11 -20.54 113.52
N ALA BC 107 52.48 -19.45 114.19
CA ALA BC 107 52.96 -18.28 113.47
C ALA BC 107 54.29 -18.52 112.79
N THR BC 108 55.26 -19.09 113.50
CA THR BC 108 56.63 -19.18 113.00
C THR BC 108 57.00 -20.55 112.45
N LYS BC 109 56.10 -21.53 112.50
CA LYS BC 109 56.41 -22.85 111.96
C LYS BC 109 55.28 -23.49 111.18
N GLY BC 110 54.09 -22.92 111.15
CA GLY BC 110 52.96 -23.57 110.52
C GLY BC 110 52.53 -24.85 111.17
N VAL BC 111 52.63 -24.93 112.49
CA VAL BC 111 52.25 -26.14 113.22
C VAL BC 111 50.76 -26.10 113.51
N ILE BC 112 50.02 -27.02 112.91
CA ILE BC 112 48.58 -27.15 113.15
C ILE BC 112 48.23 -28.44 113.86
N HIS BC 113 49.15 -29.40 113.96
CA HIS BC 113 48.91 -30.64 114.66
C HIS BC 113 49.52 -30.53 116.06
N LEU BC 114 48.68 -30.71 117.08
CA LEU BC 114 49.10 -30.55 118.46
C LEU BC 114 49.66 -31.87 118.99
N SER BC 115 50.53 -31.77 119.98
CA SER BC 115 51.14 -32.92 120.62
C SER BC 115 51.63 -32.55 122.01
N ASP BC 116 51.66 -33.53 122.91
CA ASP BC 116 51.09 -34.87 122.78
C ASP BC 116 50.40 -35.27 124.09
N ALA BC 117 50.68 -34.51 125.14
CA ALA BC 117 50.15 -34.82 126.47
C ALA BC 117 49.04 -33.86 126.86
N LEU CC 1 70.96 44.22 109.40
CA LEU CC 1 69.75 43.53 108.95
C LEU CC 1 69.54 42.26 109.77
N SER CC 2 68.49 42.27 110.60
CA SER CC 2 68.20 41.15 111.48
C SER CC 2 66.73 40.75 111.37
N ILE CC 3 66.48 39.45 111.30
CA ILE CC 3 65.14 38.89 111.42
C ILE CC 3 65.20 37.94 112.61
N GLY CC 4 64.84 38.45 113.80
CA GLY CC 4 65.03 37.69 115.02
C GLY CC 4 66.45 37.83 115.52
N THR CC 5 67.16 36.71 115.67
CA THR CC 5 68.57 36.71 116.02
C THR CC 5 69.47 36.43 114.83
N LYS CC 6 68.91 36.37 113.62
CA LYS CC 6 69.66 35.99 112.42
C LYS CC 6 70.08 37.25 111.67
N ASN CC 7 71.36 37.31 111.30
CA ASN CC 7 71.86 38.38 110.45
C ASN CC 7 71.70 37.97 108.99
N VAL CC 8 70.90 38.73 108.24
CA VAL CC 8 70.60 38.41 106.86
C VAL CC 8 71.05 39.57 105.98
N SER CC 9 71.07 39.32 104.67
CA SER CC 9 71.36 40.34 103.68
C SER CC 9 70.37 40.22 102.55
N ILE CC 10 70.12 41.35 101.87
CA ILE CC 10 69.21 41.34 100.72
C ILE CC 10 69.79 40.45 99.63
N TYR CC 11 69.02 39.46 99.21
CA TYR CC 11 69.42 38.53 98.17
C TYR CC 11 68.59 38.66 96.90
N ARG CC 12 67.30 38.92 97.03
CA ARG CC 12 66.45 39.13 95.87
C ARG CC 12 65.41 40.18 96.22
N ASN CC 13 65.21 41.15 95.34
CA ASN CC 13 64.30 42.25 95.59
C ASN CC 13 63.29 42.32 94.46
N THR CC 14 62.02 42.10 94.79
CA THR CC 14 60.90 42.10 93.86
C THR CC 14 59.83 43.03 94.40
N ALA CC 15 58.94 43.50 93.51
CA ALA CC 15 57.93 44.47 93.90
C ALA CC 15 57.11 44.00 95.10
N ASP CC 16 56.84 42.70 95.19
CA ASP CC 16 55.99 42.17 96.26
C ASP CC 16 56.67 41.04 97.04
N GLU CC 17 57.98 40.88 96.92
CA GLU CC 17 58.68 39.83 97.63
C GLU CC 17 60.15 40.22 97.77
N VAL CC 18 60.68 40.11 98.98
CA VAL CC 18 62.10 40.29 99.23
C VAL CC 18 62.62 39.04 99.92
N ILE CC 19 63.63 38.42 99.31
CA ILE CC 19 64.28 37.24 99.86
C ILE CC 19 65.60 37.66 100.48
N TYR CC 20 65.78 37.37 101.76
CA TYR CC 20 67.01 37.60 102.48
C TYR CC 20 67.72 36.28 102.71
N ALA CC 21 69.04 36.30 102.60
CA ALA CC 21 69.85 35.10 102.74
C ALA CC 21 70.60 35.14 104.07
N GLY CC 22 70.66 33.99 104.74
CA GLY CC 22 71.38 33.86 105.98
C GLY CC 22 72.85 33.60 105.75
N PRO CC 23 73.61 33.44 106.83
CA PRO CC 23 75.06 33.21 106.68
C PRO CC 23 75.40 31.93 105.94
N ALA CC 24 74.54 30.92 106.00
CA ALA CC 24 74.82 29.61 105.41
C ALA CC 24 74.21 29.44 104.02
N HIS CC 25 73.72 30.52 103.41
CA HIS CC 25 73.13 30.45 102.09
C HIS CC 25 74.19 30.65 101.01
N ASP CC 26 74.12 29.82 99.97
CA ASP CC 26 75.04 29.89 98.85
C ASP CC 26 74.37 29.23 97.64
N VAL CC 27 75.16 28.92 96.61
CA VAL CC 27 74.62 28.31 95.40
C VAL CC 27 74.05 26.91 95.65
N THR CC 28 74.70 26.11 96.49
CA THR CC 28 74.29 24.73 96.71
C THR CC 28 73.49 24.50 97.98
N ASN CC 29 73.42 25.48 98.89
CA ASN CC 29 72.67 25.33 100.13
C ASN CC 29 71.65 26.46 100.25
N VAL CC 30 70.53 26.15 100.89
CA VAL CC 30 69.43 27.10 101.05
C VAL CC 30 69.33 27.49 102.51
N ASP CC 31 69.44 28.79 102.78
CA ASP CC 31 69.17 29.36 104.10
C ASP CC 31 68.55 30.74 103.85
N THR CC 32 67.22 30.78 103.75
CA THR CC 32 66.55 31.99 103.29
C THR CC 32 65.33 32.30 104.13
N VAL CC 33 65.05 33.60 104.26
CA VAL CC 33 63.80 34.10 104.81
C VAL CC 33 63.20 35.06 103.78
N SER CC 34 62.00 34.74 103.31
CA SER CC 34 61.34 35.52 102.28
C SER CC 34 60.13 36.23 102.87
N LEU CC 35 60.05 37.53 102.65
CA LEU CC 35 58.87 38.31 102.99
C LEU CC 35 58.06 38.57 101.73
N ARG CC 36 56.79 38.18 101.75
CA ARG CC 36 55.89 38.33 100.62
C ARG CC 36 54.64 39.04 101.07
N ARG CC 37 54.03 39.79 100.15
CA ARG CC 37 52.84 40.54 100.49
C ARG CC 37 51.88 40.53 99.32
N SER CC 38 50.59 40.61 99.66
CA SER CC 38 49.52 40.83 98.69
C SER CC 38 48.71 42.00 99.22
N LEU CC 39 48.80 43.14 98.54
CA LEU CC 39 48.18 44.36 99.00
C LEU CC 39 46.68 44.33 98.75
N PRO CC 40 45.90 45.07 99.54
CA PRO CC 40 44.45 45.06 99.37
C PRO CC 40 44.04 45.53 97.98
N VAL CC 41 43.02 44.88 97.44
CA VAL CC 41 42.42 45.26 96.17
C VAL CC 41 41.00 45.70 96.46
N LYS CC 42 40.70 46.97 96.18
CA LYS CC 42 39.38 47.54 96.47
C LYS CC 42 38.42 47.06 95.38
N LYS CC 43 37.96 45.82 95.57
CA LYS CC 43 37.07 45.17 94.61
C LYS CC 43 35.62 45.41 95.03
N GLY CC 44 34.86 46.08 94.17
CA GLY CC 44 33.48 46.38 94.50
C GLY CC 44 33.41 47.24 95.75
N SER CC 45 32.55 46.84 96.68
CA SER CC 45 32.44 47.54 97.96
C SER CC 45 33.41 47.02 99.01
N ASP CC 46 33.91 45.80 98.86
CA ASP CC 46 34.90 45.27 99.79
C ASP CC 46 36.21 46.01 99.62
N ASN CC 47 36.78 46.47 100.74
CA ASN CC 47 38.07 47.16 100.72
C ASN CC 47 39.25 46.21 100.50
N GLY CC 48 39.02 44.90 100.51
CA GLY CC 48 40.08 43.95 100.27
C GLY CC 48 40.67 43.38 101.55
N THR CC 49 41.75 42.63 101.36
CA THR CC 49 42.46 41.99 102.45
C THR CC 49 43.95 42.15 102.23
N MET CC 50 44.68 42.45 103.31
CA MET CC 50 46.12 42.50 103.27
C MET CC 50 46.66 41.13 103.68
N ARG CC 51 47.46 40.52 102.81
CA ARG CC 51 48.04 39.20 103.08
C ARG CC 51 49.54 39.34 103.26
N GLY CC 52 50.05 38.85 104.38
CA GLY CC 52 51.48 38.83 104.64
C GLY CC 52 51.96 37.40 104.78
N ASN CC 53 53.15 37.12 104.24
CA ASN CC 53 53.71 35.79 104.29
C ASN CC 53 55.18 35.87 104.65
N MET CC 54 55.60 35.09 105.63
CA MET CC 54 57.00 34.95 105.97
C MET CC 54 57.39 33.48 105.79
N ASN CC 55 58.38 33.25 104.94
CA ASN CC 55 58.79 31.91 104.55
C ASN CC 55 60.21 31.66 105.04
N PHE CC 56 60.42 30.53 105.70
CA PHE CC 56 61.74 30.09 106.15
C PHE CC 56 62.10 28.84 105.38
N ALA CC 57 63.26 28.84 104.73
CA ALA CC 57 63.69 27.69 103.95
C ALA CC 57 65.11 27.33 104.35
N LYS CC 58 65.33 26.05 104.65
CA LYS CC 58 66.65 25.57 105.01
C LYS CC 58 66.91 24.21 104.38
N SER CC 59 68.17 23.96 104.03
CA SER CC 59 68.59 22.67 103.52
C SER CC 59 69.07 21.78 104.67
N PHE CC 60 68.73 20.50 104.59
CA PHE CC 60 69.06 19.53 105.62
C PHE CC 60 69.57 18.25 104.97
N PRO CC 61 70.49 17.54 105.62
CA PRO CC 61 70.90 16.22 105.11
C PRO CC 61 69.73 15.25 105.16
N ASN CC 62 69.49 14.56 104.03
CA ASN CC 62 68.44 13.56 103.90
C ASN CC 62 69.08 12.34 103.27
N GLY CC 63 69.57 11.43 104.12
CA GLY CC 63 70.29 10.27 103.65
C GLY CC 63 71.49 10.67 102.81
N ASP CC 64 71.40 10.46 101.50
CA ASP CC 64 72.46 10.86 100.60
C ASP CC 64 72.29 12.30 100.13
N LYS CC 65 71.05 12.71 99.86
CA LYS CC 65 70.80 14.01 99.23
C LYS CC 65 70.55 15.08 100.28
N LYS CC 66 70.07 16.24 99.84
CA LYS CC 66 69.71 17.34 100.73
C LYS CC 66 68.27 17.73 100.47
N SER CC 67 67.45 17.75 101.52
CA SER CC 67 66.05 18.07 101.43
C SER CC 67 65.78 19.47 101.98
N LEU CC 68 64.69 20.06 101.52
CA LEU CC 68 64.34 21.44 101.88
C LEU CC 68 63.21 21.43 102.91
N VAL CC 69 63.48 22.01 104.08
CA VAL CC 69 62.47 22.19 105.11
C VAL CC 69 61.99 23.63 105.05
N VAL CC 70 60.67 23.81 104.97
CA VAL CC 70 60.04 25.12 104.80
C VAL CC 70 59.02 25.33 105.90
N VAL CC 71 59.07 26.49 106.53
CA VAL CC 71 58.08 26.91 107.52
C VAL CC 71 57.42 28.18 107.00
N ASN CC 72 56.09 28.16 106.90
CA ASN CC 72 55.33 29.30 106.41
C ASN CC 72 54.56 29.95 107.55
N LEU CC 73 54.43 31.27 107.48
CA LEU CC 73 53.64 32.03 108.44
C LEU CC 73 52.85 33.07 107.66
N THR CC 74 51.55 32.85 107.51
CA THR CC 74 50.70 33.70 106.69
C THR CC 74 49.61 34.33 107.53
N ALA CC 75 49.42 35.63 107.36
CA ALA CC 75 48.39 36.39 108.04
C ALA CC 75 47.49 37.08 107.03
N HIS CC 76 46.18 36.97 107.26
CA HIS CC 76 45.17 37.63 106.42
C HIS CC 76 44.42 38.63 107.28
N VAL CC 77 44.59 39.91 106.99
CA VAL CC 77 43.94 40.96 107.78
C VAL CC 77 42.99 41.75 106.87
N PRO CC 78 41.69 41.68 107.10
CA PRO CC 78 40.76 42.47 106.28
C PRO CC 78 40.94 43.96 106.54
N VAL CC 79 40.72 44.75 105.48
CA VAL CC 79 40.87 46.19 105.59
C VAL CC 79 39.72 46.77 106.40
N GLY CC 80 40.05 47.65 107.35
CA GLY CC 80 39.09 48.27 108.25
C GLY CC 80 39.19 47.74 109.66
N VAL CC 81 39.71 46.53 109.83
CA VAL CC 81 39.93 45.99 111.18
C VAL CC 81 41.01 46.82 111.87
N ASP CC 82 40.78 47.14 113.13
CA ASP CC 82 41.74 47.93 113.90
C ASP CC 82 43.06 47.18 114.01
N ALA CC 83 44.15 47.86 113.65
CA ALA CC 83 45.45 47.19 113.58
C ALA CC 83 45.99 46.88 114.97
N THR CC 84 45.76 47.77 115.94
CA THR CC 84 46.29 47.55 117.28
C THR CC 84 45.69 46.31 117.93
N ALA CC 85 44.39 46.09 117.73
CA ALA CC 85 43.74 44.89 118.26
C ALA CC 85 44.34 43.63 117.65
N VAL CC 86 44.57 43.64 116.34
CA VAL CC 86 45.17 42.47 115.69
C VAL CC 86 46.58 42.24 116.23
N ARG CC 87 47.35 43.32 116.42
CA ARG CC 87 48.72 43.17 116.87
C ARG CC 87 48.77 42.63 118.30
N THR CC 88 47.91 43.12 119.18
CA THR CC 88 47.92 42.58 120.55
C THR CC 88 47.38 41.16 120.58
N TRP CC 89 46.44 40.82 119.70
CA TRP CC 89 45.97 39.44 119.61
C TRP CC 89 47.10 38.51 119.17
N MET CC 90 47.88 38.92 118.17
CA MET CC 90 49.00 38.12 117.72
C MET CC 90 50.06 38.00 118.81
N THR CC 91 50.37 39.10 119.49
CA THR CC 91 51.41 39.08 120.51
C THR CC 91 51.02 38.21 121.69
N SER CC 92 49.76 38.26 122.11
CA SER CC 92 49.33 37.58 123.32
C SER CC 92 48.73 36.21 123.07
N GLU CC 93 48.04 36.00 121.94
CA GLU CC 93 47.29 34.78 121.71
C GLU CC 93 47.86 33.89 120.62
N VAL CC 94 48.49 34.48 119.59
CA VAL CC 94 48.96 33.68 118.47
C VAL CC 94 50.41 33.27 118.66
N PHE CC 95 51.28 34.23 118.98
CA PHE CC 95 52.71 33.98 119.08
C PHE CC 95 53.08 32.98 120.18
N PRO CC 96 52.57 33.12 121.42
CA PRO CC 96 52.94 32.14 122.45
C PRO CC 96 52.51 30.71 122.11
N GLY CC 97 51.37 30.52 121.45
CA GLY CC 97 50.96 29.19 121.07
C GLY CC 97 51.62 28.66 119.82
N ALA CC 98 52.08 29.57 118.94
CA ALA CC 98 52.70 29.16 117.69
C ALA CC 98 54.15 28.76 117.85
N THR CC 99 54.77 29.03 119.00
CA THR CC 99 56.17 28.72 119.23
C THR CC 99 56.36 27.72 120.37
N SER CC 100 55.31 26.98 120.72
CA SER CC 100 55.36 26.03 121.82
C SER CC 100 55.78 24.67 121.30
N SER CC 101 55.75 23.66 122.17
CA SER CC 101 56.07 22.30 121.75
C SER CC 101 54.99 21.70 120.85
N VAL CC 102 53.79 22.29 120.86
CA VAL CC 102 52.73 21.81 119.98
C VAL CC 102 53.14 21.95 118.52
N THR CC 103 53.74 23.10 118.17
CA THR CC 103 54.20 23.30 116.81
C THR CC 103 55.27 22.29 116.43
N LEU CC 104 56.20 22.01 117.35
CA LEU CC 104 57.27 21.05 117.06
C LEU CC 104 56.70 19.65 116.84
N ASP CC 105 55.78 19.22 117.70
CA ASP CC 105 55.18 17.90 117.54
C ASP CC 105 54.38 17.82 116.25
N LEU CC 106 53.63 18.87 115.91
CA LEU CC 106 52.85 18.89 114.69
C LEU CC 106 53.75 18.85 113.45
N ALA CC 107 54.88 19.55 113.50
CA ALA CC 107 55.78 19.59 112.34
C ALA CC 107 56.55 18.29 112.17
N THR CC 108 56.99 17.68 113.26
CA THR CC 108 57.84 16.49 113.15
C THR CC 108 57.06 15.19 113.18
N LYS CC 109 55.93 15.14 113.89
CA LYS CC 109 55.17 13.90 114.03
C LYS CC 109 53.71 14.01 113.64
N GLY CC 110 53.21 15.21 113.33
CA GLY CC 110 51.82 15.36 112.97
C GLY CC 110 50.85 15.19 114.12
N VAL CC 111 51.23 15.57 115.33
CA VAL CC 111 50.39 15.41 116.50
C VAL CC 111 49.35 16.51 116.51
N ILE CC 112 48.06 16.13 116.45
CA ILE CC 112 46.96 17.09 116.44
C ILE CC 112 46.12 17.01 117.71
N HIS CC 113 46.45 16.11 118.64
CA HIS CC 113 45.75 15.99 119.91
C HIS CC 113 46.71 16.37 121.02
N LEU CC 114 46.51 17.54 121.64
CA LEU CC 114 47.43 18.06 122.64
C LEU CC 114 46.91 17.74 124.04
N SER CC 115 46.80 16.45 124.33
CA SER CC 115 46.34 15.99 125.64
C SER CC 115 47.45 16.14 126.67
N ASP CC 116 47.06 16.47 127.90
CA ASP CC 116 45.70 16.82 128.31
C ASP CC 116 45.71 18.06 129.19
N ALA CC 117 46.84 18.32 129.83
CA ALA CC 117 46.97 19.44 130.76
C ALA CC 117 47.06 20.77 130.00
N LEU DC 1 -92.62 -25.88 98.06
CA LEU DC 1 -92.17 -24.80 97.19
C LEU DC 1 -93.33 -24.08 96.53
N SER DC 2 -93.43 -22.77 96.77
CA SER DC 2 -94.51 -21.97 96.23
C SER DC 2 -93.97 -20.62 95.80
N ILE DC 3 -94.59 -20.05 94.77
CA ILE DC 3 -94.30 -18.70 94.30
C ILE DC 3 -95.63 -17.98 94.29
N GLY DC 4 -95.93 -17.28 95.38
CA GLY DC 4 -97.27 -16.74 95.55
C GLY DC 4 -98.24 -17.83 95.95
N THR DC 5 -99.24 -18.09 95.10
CA THR DC 5 -100.22 -19.13 95.36
C THR DC 5 -100.04 -20.35 94.46
N LYS DC 6 -98.93 -20.42 93.73
CA LYS DC 6 -98.68 -21.51 92.79
C LYS DC 6 -97.60 -22.43 93.34
N ASN DC 7 -97.87 -23.73 93.31
CA ASN DC 7 -96.90 -24.75 93.73
C ASN DC 7 -95.97 -25.07 92.56
N VAL DC 8 -94.67 -25.07 92.83
CA VAL DC 8 -93.66 -25.32 91.82
C VAL DC 8 -92.67 -26.36 92.33
N SER DC 9 -91.87 -26.89 91.41
CA SER DC 9 -90.79 -27.80 91.73
C SER DC 9 -89.56 -27.35 90.99
N ILE DC 10 -88.39 -27.61 91.57
CA ILE DC 10 -87.13 -27.30 90.89
C ILE DC 10 -87.07 -28.08 89.60
N TYR DC 11 -86.92 -27.39 88.49
CA TYR DC 11 -86.82 -28.00 87.17
C TYR DC 11 -85.43 -27.92 86.59
N ARG DC 12 -84.77 -26.78 86.69
CA ARG DC 12 -83.43 -26.60 86.17
C ARG DC 12 -82.61 -25.79 87.15
N ASN DC 13 -81.37 -26.21 87.38
CA ASN DC 13 -80.49 -25.55 88.33
C ASN DC 13 -79.19 -25.16 87.64
N THR DC 14 -78.85 -23.88 87.70
CA THR DC 14 -77.55 -23.40 87.24
C THR DC 14 -76.92 -22.54 88.31
N ALA DC 15 -75.73 -22.00 88.03
CA ALA DC 15 -75.01 -21.24 89.05
C ALA DC 15 -75.78 -19.98 89.46
N ASP DC 16 -76.33 -19.25 88.49
CA ASP DC 16 -77.00 -17.99 88.76
C ASP DC 16 -78.44 -17.96 88.29
N GLU DC 17 -79.04 -19.11 87.97
CA GLU DC 17 -80.42 -19.14 87.53
C GLU DC 17 -81.05 -20.48 87.91
N VAL DC 18 -82.26 -20.41 88.45
CA VAL DC 18 -83.05 -21.59 88.78
C VAL DC 18 -84.41 -21.46 88.10
N ILE DC 19 -84.78 -22.49 87.34
CA ILE DC 19 -86.09 -22.55 86.69
C ILE DC 19 -86.95 -23.53 87.46
N TYR DC 20 -88.14 -23.09 87.87
CA TYR DC 20 -89.15 -23.91 88.51
C TYR DC 20 -90.30 -24.14 87.54
N ALA DC 21 -90.88 -25.33 87.61
CA ALA DC 21 -91.96 -25.74 86.72
C ALA DC 21 -93.27 -25.75 87.48
N GLY DC 22 -94.33 -25.24 86.85
CA GLY DC 22 -95.66 -25.27 87.42
C GLY DC 22 -96.34 -26.60 87.18
N PRO DC 23 -97.56 -26.75 87.69
CA PRO DC 23 -98.27 -28.03 87.55
C PRO DC 23 -98.62 -28.38 86.11
N ALA DC 24 -98.65 -27.41 85.20
CA ALA DC 24 -99.07 -27.64 83.82
C ALA DC 24 -97.89 -27.77 82.86
N HIS DC 25 -96.67 -27.84 83.37
CA HIS DC 25 -95.50 -27.91 82.50
C HIS DC 25 -95.21 -29.36 82.10
N ASP DC 26 -95.11 -29.59 80.79
CA ASP DC 26 -94.71 -30.89 80.27
C ASP DC 26 -94.02 -30.65 78.92
N VAL DC 27 -93.89 -31.71 78.13
CA VAL DC 27 -93.18 -31.66 76.85
C VAL DC 27 -93.91 -30.73 75.88
N THR DC 28 -95.23 -30.60 76.04
CA THR DC 28 -96.03 -29.83 75.11
C THR DC 28 -96.42 -28.44 75.62
N ASN DC 29 -96.60 -28.26 76.93
CA ASN DC 29 -97.08 -27.01 77.48
C ASN DC 29 -96.00 -26.41 78.38
N VAL DC 30 -95.80 -25.10 78.26
CA VAL DC 30 -94.82 -24.38 79.07
C VAL DC 30 -95.54 -23.69 80.22
N ASP DC 31 -95.06 -23.91 81.44
CA ASP DC 31 -95.54 -23.21 82.62
C ASP DC 31 -94.34 -23.11 83.57
N THR DC 32 -93.60 -22.01 83.48
CA THR DC 32 -92.33 -21.93 84.21
C THR DC 32 -92.17 -20.56 84.85
N VAL DC 33 -91.44 -20.55 85.97
CA VAL DC 33 -90.99 -19.32 86.61
C VAL DC 33 -89.50 -19.46 86.86
N SER DC 34 -88.73 -18.50 86.35
CA SER DC 34 -87.27 -18.52 86.45
C SER DC 34 -86.79 -17.38 87.33
N LEU DC 35 -85.84 -17.69 88.22
CA LEU DC 35 -85.19 -16.71 89.07
C LEU DC 35 -83.75 -16.61 88.65
N ARG DC 36 -83.31 -15.42 88.25
CA ARG DC 36 -81.96 -15.19 87.78
C ARG DC 36 -81.35 -14.02 88.54
N ARG DC 37 -80.04 -14.12 88.80
CA ARG DC 37 -79.33 -13.07 89.50
C ARG DC 37 -78.06 -12.71 88.73
N SER DC 38 -77.73 -11.42 88.77
CA SER DC 38 -76.47 -10.88 88.29
C SER DC 38 -75.85 -10.18 89.48
N LEU DC 39 -74.87 -10.85 90.09
CA LEU DC 39 -74.24 -10.32 91.30
C LEU DC 39 -73.32 -9.16 90.93
N PRO DC 40 -73.18 -8.19 91.84
CA PRO DC 40 -72.37 -7.01 91.53
C PRO DC 40 -70.90 -7.38 91.33
N VAL DC 41 -70.28 -6.73 90.36
CA VAL DC 41 -68.84 -6.81 90.16
C VAL DC 41 -68.27 -5.43 90.51
N LYS DC 42 -67.48 -5.38 91.59
CA LYS DC 42 -67.00 -4.12 92.13
C LYS DC 42 -65.69 -3.75 91.46
N LYS DC 43 -65.77 -3.52 90.15
CA LYS DC 43 -64.64 -3.11 89.35
C LYS DC 43 -64.25 -1.67 89.66
N GLY DC 44 -62.96 -1.38 89.54
CA GLY DC 44 -62.43 -0.06 89.82
C GLY DC 44 -62.86 0.48 91.17
N SER DC 45 -63.60 1.59 91.17
CA SER DC 45 -64.16 2.15 92.38
C SER DC 45 -65.66 1.93 92.52
N ASP DC 46 -66.39 1.80 91.41
CA ASP DC 46 -67.82 1.55 91.48
C ASP DC 46 -68.08 0.16 92.05
N ASN DC 47 -69.02 0.08 93.00
CA ASN DC 47 -69.31 -1.16 93.69
C ASN DC 47 -70.26 -2.06 92.91
N GLY DC 48 -70.68 -1.65 91.71
CA GLY DC 48 -71.51 -2.49 90.87
C GLY DC 48 -72.98 -2.43 91.23
N THR DC 49 -73.74 -3.26 90.51
CA THR DC 49 -75.19 -3.30 90.65
C THR DC 49 -75.65 -4.74 90.79
N MET DC 50 -76.61 -4.97 91.68
CA MET DC 50 -77.26 -6.26 91.80
C MET DC 50 -78.50 -6.27 90.92
N ARG DC 51 -78.60 -7.26 90.03
CA ARG DC 51 -79.70 -7.35 89.08
C ARG DC 51 -80.50 -8.62 89.36
N GLY DC 52 -81.75 -8.46 89.77
CA GLY DC 52 -82.59 -9.60 90.03
C GLY DC 52 -83.74 -9.73 89.07
N ASN DC 53 -83.83 -10.85 88.34
CA ASN DC 53 -84.84 -11.02 87.31
C ASN DC 53 -85.75 -12.20 87.64
N MET DC 54 -87.05 -11.97 87.51
CA MET DC 54 -88.05 -13.02 87.63
C MET DC 54 -88.80 -13.14 86.30
N ASN DC 55 -88.85 -14.36 85.77
CA ASN DC 55 -89.40 -14.64 84.45
C ASN DC 55 -90.61 -15.55 84.61
N PHE DC 56 -91.72 -15.20 83.96
CA PHE DC 56 -92.92 -16.02 83.92
C PHE DC 56 -93.19 -16.39 82.48
N ALA DC 57 -93.22 -17.69 82.18
CA ALA DC 57 -93.40 -18.16 80.82
C ALA DC 57 -94.59 -19.10 80.76
N LYS DC 58 -95.49 -18.86 79.82
CA LYS DC 58 -96.69 -19.70 79.67
C LYS DC 58 -97.03 -19.84 78.19
N SER DC 59 -97.32 -21.07 77.78
CA SER DC 59 -97.78 -21.31 76.41
C SER DC 59 -99.28 -21.06 76.31
N PHE DC 60 -99.69 -20.52 75.17
CA PHE DC 60 -101.07 -20.17 74.90
C PHE DC 60 -101.44 -20.64 73.49
N PRO DC 61 -102.71 -20.99 73.27
CA PRO DC 61 -103.15 -21.31 71.90
C PRO DC 61 -103.13 -20.07 71.02
N ASN DC 62 -102.50 -20.19 69.85
CA ASN DC 62 -102.41 -19.10 68.88
C ASN DC 62 -102.76 -19.71 67.53
N GLY DC 63 -104.02 -19.59 67.14
CA GLY DC 63 -104.48 -20.26 65.95
C GLY DC 63 -104.32 -21.75 66.12
N ASP DC 64 -103.62 -22.38 65.17
CA ASP DC 64 -103.33 -23.80 65.25
C ASP DC 64 -102.05 -24.10 66.04
N LYS DC 65 -101.22 -23.10 66.28
CA LYS DC 65 -99.94 -23.30 66.93
C LYS DC 65 -100.02 -22.86 68.39
N LYS DC 66 -98.87 -22.86 69.07
CA LYS DC 66 -98.75 -22.39 70.43
C LYS DC 66 -97.75 -21.24 70.47
N SER DC 67 -98.05 -20.24 71.30
CA SER DC 67 -97.21 -19.05 71.42
C SER DC 67 -96.81 -18.86 72.88
N LEU DC 68 -95.59 -18.41 73.10
CA LEU DC 68 -95.06 -18.22 74.44
C LEU DC 68 -95.29 -16.78 74.88
N VAL DC 69 -95.99 -16.61 75.99
CA VAL DC 69 -96.16 -15.30 76.63
C VAL DC 69 -95.21 -15.24 77.82
N VAL DC 70 -94.39 -14.20 77.85
CA VAL DC 70 -93.34 -14.04 78.85
C VAL DC 70 -93.53 -12.71 79.56
N VAL DC 71 -93.49 -12.73 80.89
CA VAL DC 71 -93.54 -11.53 81.72
C VAL DC 71 -92.26 -11.46 82.53
N ASN DC 72 -91.55 -10.33 82.43
CA ASN DC 72 -90.27 -10.14 83.10
C ASN DC 72 -90.42 -9.07 84.17
N LEU DC 73 -89.82 -9.33 85.33
CA LEU DC 73 -89.76 -8.35 86.42
C LEU DC 73 -88.32 -8.27 86.90
N THR DC 74 -87.65 -7.16 86.60
CA THR DC 74 -86.24 -7.00 86.88
C THR DC 74 -86.02 -5.80 87.79
N ALA DC 75 -85.24 -6.01 88.84
CA ALA DC 75 -84.84 -4.96 89.76
C ALA DC 75 -83.34 -4.71 89.62
N HIS DC 76 -82.96 -3.43 89.53
CA HIS DC 76 -81.56 -3.02 89.43
C HIS DC 76 -81.24 -2.18 90.66
N VAL DC 77 -80.52 -2.76 91.62
CA VAL DC 77 -80.23 -2.08 92.87
C VAL DC 77 -78.73 -1.79 92.91
N PRO DC 78 -78.31 -0.53 92.87
CA PRO DC 78 -76.88 -0.22 93.03
C PRO DC 78 -76.41 -0.56 94.43
N VAL DC 79 -75.14 -0.95 94.53
CA VAL DC 79 -74.57 -1.38 95.80
C VAL DC 79 -74.33 -0.17 96.70
N GLY DC 80 -74.77 -0.27 97.96
CA GLY DC 80 -74.66 0.80 98.93
C GLY DC 80 -76.00 1.36 99.34
N VAL DC 81 -77.00 1.25 98.47
CA VAL DC 81 -78.35 1.69 98.80
C VAL DC 81 -78.92 0.79 99.90
N ASP DC 82 -79.58 1.41 100.87
CA ASP DC 82 -80.18 0.65 101.96
C ASP DC 82 -81.22 -0.33 101.44
N ALA DC 83 -81.08 -1.59 101.84
CA ALA DC 83 -81.99 -2.63 101.36
C ALA DC 83 -83.40 -2.43 101.92
N THR DC 84 -83.52 -1.99 103.18
CA THR DC 84 -84.83 -1.82 103.79
C THR DC 84 -85.63 -0.73 103.10
N ALA DC 85 -84.98 0.39 102.76
CA ALA DC 85 -85.67 1.47 102.06
C ALA DC 85 -86.13 1.02 100.69
N VAL DC 86 -85.29 0.26 99.98
CA VAL DC 86 -85.67 -0.24 98.67
C VAL DC 86 -86.84 -1.20 98.78
N ARG DC 87 -86.83 -2.07 99.79
CA ARG DC 87 -87.93 -3.01 99.97
C ARG DC 87 -89.23 -2.28 100.29
N THR DC 88 -89.16 -1.25 101.14
CA THR DC 88 -90.35 -0.46 101.44
C THR DC 88 -90.88 0.24 100.20
N TRP DC 89 -89.98 0.78 99.38
CA TRP DC 89 -90.41 1.44 98.14
C TRP DC 89 -91.06 0.44 97.20
N MET DC 90 -90.48 -0.75 97.05
CA MET DC 90 -91.06 -1.76 96.17
C MET DC 90 -92.41 -2.22 96.67
N THR DC 91 -92.55 -2.42 97.97
CA THR DC 91 -93.82 -2.91 98.53
C THR DC 91 -94.92 -1.86 98.43
N SER DC 92 -94.62 -0.62 98.78
CA SER DC 92 -95.66 0.40 98.86
C SER DC 92 -95.89 1.15 97.56
N GLU DC 93 -94.91 1.20 96.67
CA GLU DC 93 -94.99 2.05 95.50
C GLU DC 93 -94.95 1.30 94.18
N VAL DC 94 -94.11 0.27 94.07
CA VAL DC 94 -93.96 -0.44 92.81
C VAL DC 94 -94.97 -1.58 92.70
N PHE DC 95 -95.13 -2.35 93.77
CA PHE DC 95 -95.99 -3.53 93.71
C PHE DC 95 -97.46 -3.19 93.41
N PRO DC 96 -98.10 -2.21 94.06
CA PRO DC 96 -99.48 -1.89 93.68
C PRO DC 96 -99.61 -1.40 92.24
N GLY DC 97 -98.62 -0.67 91.72
CA GLY DC 97 -98.70 -0.18 90.36
C GLY DC 97 -98.44 -1.24 89.32
N ALA DC 98 -97.61 -2.23 89.63
CA ALA DC 98 -97.27 -3.30 88.69
C ALA DC 98 -98.32 -4.40 88.65
N THR DC 99 -99.34 -4.33 89.50
CA THR DC 99 -100.40 -5.33 89.53
C THR DC 99 -101.77 -4.70 89.27
N SER DC 100 -101.79 -3.47 88.76
CA SER DC 100 -103.04 -2.78 88.50
C SER DC 100 -103.52 -3.06 87.08
N SER DC 101 -104.67 -2.48 86.72
CA SER DC 101 -105.18 -2.61 85.36
C SER DC 101 -104.28 -1.92 84.35
N VAL DC 102 -103.42 -1.00 84.80
CA VAL DC 102 -102.48 -0.34 83.89
C VAL DC 102 -101.54 -1.36 83.26
N THR DC 103 -101.01 -2.28 84.07
CA THR DC 103 -100.12 -3.30 83.55
C THR DC 103 -100.84 -4.21 82.56
N LEU DC 104 -102.07 -4.60 82.90
CA LEU DC 104 -102.84 -5.47 82.00
C LEU DC 104 -103.11 -4.79 80.67
N ASP DC 105 -103.52 -3.51 80.70
CA ASP DC 105 -103.78 -2.79 79.47
C ASP DC 105 -102.50 -2.59 78.65
N LEU DC 106 -101.38 -2.30 79.31
CA LEU DC 106 -100.13 -2.14 78.59
C LEU DC 106 -99.71 -3.45 77.93
N ALA DC 107 -99.88 -4.56 78.63
CA ALA DC 107 -99.43 -5.85 78.09
C ALA DC 107 -100.33 -6.33 76.95
N THR DC 108 -101.64 -6.25 77.12
CA THR DC 108 -102.56 -6.87 76.17
C THR DC 108 -103.12 -5.90 75.12
N LYS DC 109 -102.94 -4.60 75.29
CA LYS DC 109 -103.46 -3.62 74.35
C LYS DC 109 -102.44 -2.56 73.97
N GLY DC 110 -101.29 -2.51 74.63
CA GLY DC 110 -100.31 -1.47 74.36
C GLY DC 110 -100.75 -0.09 74.77
N VAL DC 111 -101.48 0.03 75.87
CA VAL DC 111 -102.00 1.32 76.32
C VAL DC 111 -100.94 2.00 77.19
N ILE DC 112 -100.50 3.18 76.78
CA ILE DC 112 -99.51 3.96 77.51
C ILE DC 112 -100.08 5.25 78.06
N HIS DC 113 -101.36 5.53 77.84
CA HIS DC 113 -102.04 6.70 78.38
C HIS DC 113 -103.08 6.23 79.40
N LEU DC 114 -102.84 6.50 80.68
CA LEU DC 114 -103.78 6.07 81.73
C LEU DC 114 -104.71 7.22 82.07
N SER DC 115 -105.44 7.68 81.06
CA SER DC 115 -106.47 8.70 81.27
C SER DC 115 -107.69 8.08 81.94
N ASP DC 116 -108.37 8.88 82.75
CA ASP DC 116 -108.04 10.24 83.14
C ASP DC 116 -108.27 10.44 84.64
N ALA DC 117 -108.98 9.49 85.25
CA ALA DC 117 -109.33 9.58 86.67
C ALA DC 117 -108.10 9.57 87.56
N LEU EC 1 -105.34 11.23 87.76
CA LEU EC 1 -104.29 10.48 87.11
C LEU EC 1 -103.45 9.75 88.14
N SER EC 2 -103.60 8.43 88.22
CA SER EC 2 -102.90 7.64 89.22
C SER EC 2 -102.45 6.32 88.61
N ILE EC 3 -101.32 5.83 89.12
CA ILE EC 3 -100.81 4.50 88.79
C ILE EC 3 -100.69 3.75 90.11
N GLY EC 4 -101.50 2.72 90.28
CA GLY EC 4 -101.56 2.04 91.56
C GLY EC 4 -102.08 2.97 92.64
N THR EC 5 -101.32 3.12 93.73
CA THR EC 5 -101.66 4.05 94.79
C THR EC 5 -100.96 5.39 94.63
N LYS EC 6 -100.15 5.56 93.60
CA LYS EC 6 -99.39 6.79 93.39
C LYS EC 6 -100.09 7.67 92.37
N ASN EC 7 -100.39 8.90 92.76
CA ASN EC 7 -100.87 9.89 91.81
C ASN EC 7 -99.68 10.45 91.03
N VAL EC 8 -99.83 10.52 89.71
CA VAL EC 8 -98.76 10.98 88.83
C VAL EC 8 -99.33 12.02 87.87
N SER EC 9 -98.42 12.69 87.17
CA SER EC 9 -98.76 13.64 86.14
C SER EC 9 -97.90 13.39 84.91
N ILE EC 10 -98.42 13.78 83.74
CA ILE EC 10 -97.68 13.60 82.51
C ILE EC 10 -96.42 14.47 82.55
N TYR EC 11 -95.27 13.85 82.35
CA TYR EC 11 -93.99 14.54 82.36
C TYR EC 11 -93.37 14.62 80.97
N ARG EC 12 -93.36 13.51 80.23
CA ARG EC 12 -92.89 13.52 78.85
C ARG EC 12 -93.77 12.59 78.03
N ASN EC 13 -93.94 12.93 76.76
CA ASN EC 13 -94.90 12.24 75.90
C ASN EC 13 -94.30 12.09 74.51
N THR EC 14 -93.89 10.87 74.16
CA THR EC 14 -93.48 10.52 72.82
C THR EC 14 -94.50 9.57 72.21
N ALA EC 15 -94.20 9.09 70.99
CA ALA EC 15 -95.15 8.26 70.27
C ALA EC 15 -95.40 6.93 70.99
N ASP EC 16 -94.34 6.28 71.45
CA ASP EC 16 -94.45 4.95 72.05
C ASP EC 16 -94.04 4.92 73.52
N GLU EC 17 -93.71 6.07 74.11
CA GLU EC 17 -93.34 6.11 75.51
C GLU EC 17 -93.96 7.34 76.16
N VAL EC 18 -94.55 7.15 77.33
CA VAL EC 18 -95.03 8.25 78.16
C VAL EC 18 -94.40 8.12 79.53
N ILE EC 19 -93.69 9.15 79.95
CA ILE EC 19 -93.07 9.20 81.27
C ILE EC 19 -93.94 10.05 82.18
N TYR EC 20 -94.38 9.49 83.29
CA TYR EC 20 -95.14 10.18 84.31
C TYR EC 20 -94.26 10.42 85.53
N ALA EC 21 -94.49 11.54 86.21
CA ALA EC 21 -93.69 11.95 87.34
C ALA EC 21 -94.53 11.89 88.61
N GLY EC 22 -93.94 11.36 89.67
CA GLY EC 22 -94.58 11.34 90.97
C GLY EC 22 -94.53 12.71 91.61
N PRO EC 23 -95.21 12.87 92.75
CA PRO EC 23 -95.25 14.19 93.40
C PRO EC 23 -93.88 14.68 93.81
N ALA EC 24 -92.96 13.78 94.18
CA ALA EC 24 -91.63 14.17 94.63
C ALA EC 24 -90.67 14.46 93.49
N HIS EC 25 -90.98 14.06 92.26
CA HIS EC 25 -90.05 14.21 91.16
C HIS EC 25 -89.69 15.68 90.93
N ASP EC 26 -88.40 15.93 90.74
CA ASP EC 26 -87.90 17.28 90.51
C ASP EC 26 -86.61 17.18 89.72
N VAL EC 27 -85.88 18.30 89.65
CA VAL EC 27 -84.64 18.36 88.87
C VAL EC 27 -83.52 17.54 89.46
N THR EC 28 -83.57 17.21 90.75
CA THR EC 28 -82.55 16.41 91.40
C THR EC 28 -83.06 15.11 92.00
N ASN EC 29 -84.35 14.97 92.24
CA ASN EC 29 -84.94 13.74 92.74
C ASN EC 29 -85.72 13.08 91.60
N VAL EC 30 -85.36 11.85 91.29
CA VAL EC 30 -86.04 11.09 90.24
C VAL EC 30 -87.13 10.24 90.88
N ASP EC 31 -88.36 10.43 90.43
CA ASP EC 31 -89.49 9.57 90.81
C ASP EC 31 -90.37 9.47 89.57
N THR EC 32 -90.13 8.44 88.75
CA THR EC 32 -90.77 8.36 87.45
C THR EC 32 -91.33 6.96 87.21
N VAL EC 33 -92.45 6.93 86.48
CA VAL EC 33 -93.05 5.70 85.97
C VAL EC 33 -93.19 5.87 84.46
N SER EC 34 -92.46 5.08 83.70
CA SER EC 34 -92.51 5.11 82.25
C SER EC 34 -93.34 3.96 81.73
N LEU EC 35 -94.22 4.25 80.77
CA LEU EC 35 -94.93 3.23 80.02
C LEU EC 35 -94.41 3.28 78.58
N ARG EC 36 -93.73 2.23 78.16
CA ARG EC 36 -93.16 2.13 76.83
C ARG EC 36 -93.77 0.93 76.12
N ARG EC 37 -93.94 1.04 74.81
CA ARG EC 37 -94.45 -0.07 74.03
C ARG EC 37 -93.64 -0.23 72.77
N SER EC 38 -93.55 -1.47 72.32
CA SER EC 38 -93.02 -1.82 71.00
C SER EC 38 -94.14 -2.56 70.28
N LEU EC 39 -94.66 -1.93 69.24
CA LEU EC 39 -95.79 -2.45 68.49
C LEU EC 39 -95.38 -3.66 67.66
N PRO EC 40 -96.29 -4.61 67.45
CA PRO EC 40 -95.96 -5.80 66.65
C PRO EC 40 -95.59 -5.42 65.23
N VAL EC 41 -94.43 -5.89 64.79
CA VAL EC 41 -93.98 -5.71 63.41
C VAL EC 41 -94.23 -7.03 62.69
N LYS EC 42 -95.15 -7.02 61.73
CA LYS EC 42 -95.55 -8.23 61.02
C LYS EC 42 -94.51 -8.51 59.95
N LYS EC 43 -93.61 -9.45 60.25
CA LYS EC 43 -92.52 -9.80 59.36
C LYS EC 43 -92.62 -11.28 58.99
N GLY EC 44 -92.43 -11.58 57.71
CA GLY EC 44 -92.58 -12.95 57.25
C GLY EC 44 -93.98 -13.47 57.51
N SER EC 45 -94.07 -14.74 57.88
CA SER EC 45 -95.34 -15.32 58.30
C SER EC 45 -95.66 -15.04 59.76
N ASP EC 46 -94.69 -14.54 60.52
CA ASP EC 46 -94.93 -14.21 61.92
C ASP EC 46 -95.59 -12.84 62.03
N ASN EC 47 -96.65 -12.77 62.83
CA ASN EC 47 -97.40 -11.53 62.99
C ASN EC 47 -96.76 -10.58 63.98
N GLY EC 48 -95.67 -10.96 64.63
CA GLY EC 48 -94.98 -10.08 65.54
C GLY EC 48 -95.42 -10.25 66.97
N THR EC 49 -94.88 -9.39 67.82
CA THR EC 49 -95.10 -9.46 69.26
C THR EC 49 -95.26 -8.06 69.83
N MET EC 50 -96.29 -7.87 70.65
CA MET EC 50 -96.44 -6.65 71.42
C MET EC 50 -95.53 -6.72 72.64
N ARG EC 51 -94.67 -5.71 72.81
CA ARG EC 51 -93.83 -5.61 73.99
C ARG EC 51 -94.30 -4.44 74.83
N GLY EC 52 -94.57 -4.69 76.10
CA GLY EC 52 -94.97 -3.63 77.01
C GLY EC 52 -94.06 -3.52 78.20
N ASN EC 53 -93.46 -2.35 78.41
CA ASN EC 53 -92.49 -2.15 79.48
C ASN EC 53 -93.01 -1.09 80.44
N MET EC 54 -92.97 -1.41 81.73
CA MET EC 54 -93.32 -0.50 82.81
C MET EC 54 -92.06 -0.29 83.65
N ASN EC 55 -91.56 0.94 83.66
CA ASN EC 55 -90.30 1.28 84.31
C ASN EC 55 -90.58 2.15 85.53
N PHE EC 56 -90.06 1.72 86.68
CA PHE EC 56 -90.12 2.51 87.91
C PHE EC 56 -88.70 2.96 88.24
N ALA EC 57 -88.49 4.26 88.32
CA ALA EC 57 -87.18 4.82 88.63
C ALA EC 57 -87.29 5.71 89.85
N LYS EC 58 -86.39 5.48 90.82
CA LYS EC 58 -86.39 6.25 92.06
C LYS EC 58 -84.97 6.55 92.49
N SER EC 59 -84.73 7.78 92.94
CA SER EC 59 -83.45 8.17 93.49
C SER EC 59 -83.36 7.76 94.96
N PHE EC 60 -82.18 7.28 95.35
CA PHE EC 60 -81.95 6.80 96.70
C PHE EC 60 -80.61 7.31 97.20
N PRO EC 61 -80.48 7.59 98.50
CA PRO EC 61 -79.17 7.95 99.05
C PRO EC 61 -78.25 6.74 99.06
N ASN EC 62 -77.11 6.88 98.39
CA ASN EC 62 -76.06 5.86 98.38
C ASN EC 62 -74.80 6.52 98.94
N GLY EC 63 -74.56 6.27 100.23
CA GLY EC 63 -73.46 6.92 100.92
C GLY EC 63 -73.60 8.43 100.87
N ASP EC 64 -72.69 9.08 100.14
CA ASP EC 64 -72.75 10.52 99.96
C ASP EC 64 -73.52 10.92 98.71
N LYS EC 65 -73.53 10.08 97.68
CA LYS EC 65 -74.13 10.41 96.41
C LYS EC 65 -75.55 9.84 96.32
N LYS EC 66 -76.14 9.89 95.12
CA LYS EC 66 -77.46 9.34 94.88
C LYS EC 66 -77.38 8.29 93.79
N SER EC 67 -78.10 7.20 93.98
CA SER EC 67 -78.16 6.09 93.04
C SER EC 67 -79.58 5.93 92.53
N LEU EC 68 -79.70 5.43 91.30
CA LEU EC 68 -80.99 5.22 90.68
C LEU EC 68 -81.39 3.75 90.80
N VAL EC 69 -82.47 3.48 91.51
CA VAL EC 69 -83.04 2.15 91.59
C VAL EC 69 -84.14 2.04 90.55
N VAL EC 70 -84.06 1.00 89.71
CA VAL EC 70 -84.96 0.80 88.59
C VAL EC 70 -85.59 -0.58 88.70
N VAL EC 71 -86.91 -0.63 88.52
CA VAL EC 71 -87.66 -1.87 88.45
C VAL EC 71 -88.39 -1.90 87.10
N ASN EC 72 -88.15 -2.95 86.32
CA ASN EC 72 -88.77 -3.10 85.02
C ASN EC 72 -89.75 -4.27 85.03
N LEU EC 73 -90.93 -4.05 84.47
CA LEU EC 73 -91.92 -5.09 84.25
C LEU EC 73 -92.22 -5.14 82.76
N THR EC 74 -91.76 -6.20 82.09
CA THR EC 74 -91.89 -6.32 80.65
C THR EC 74 -92.73 -7.54 80.30
N ALA EC 75 -93.67 -7.35 79.38
CA ALA EC 75 -94.52 -8.42 78.88
C ALA EC 75 -94.35 -8.54 77.38
N HIS EC 76 -94.25 -9.78 76.90
CA HIS EC 76 -94.12 -10.09 75.48
C HIS EC 76 -95.31 -10.96 75.08
N VAL EC 77 -96.27 -10.37 74.37
CA VAL EC 77 -97.49 -11.05 73.98
C VAL EC 77 -97.48 -11.22 72.46
N PRO EC 78 -97.41 -12.45 71.94
CA PRO EC 78 -97.47 -12.64 70.49
C PRO EC 78 -98.86 -12.33 69.95
N VAL EC 79 -98.89 -11.82 68.71
CA VAL EC 79 -100.17 -11.54 68.06
C VAL EC 79 -100.89 -12.83 67.73
N GLY EC 80 -102.19 -12.85 68.00
CA GLY EC 80 -103.03 -14.01 67.76
C GLY EC 80 -103.47 -14.72 69.01
N VAL EC 81 -102.88 -14.38 70.15
CA VAL EC 81 -103.26 -14.97 71.43
C VAL EC 81 -104.49 -14.25 71.98
N ASP EC 82 -105.34 -15.00 72.68
CA ASP EC 82 -106.51 -14.40 73.31
C ASP EC 82 -106.09 -13.50 74.45
N ALA EC 83 -106.51 -12.23 74.40
CA ALA EC 83 -106.09 -11.26 75.39
C ALA EC 83 -106.73 -11.52 76.75
N THR EC 84 -107.97 -12.01 76.77
CA THR EC 84 -108.62 -12.30 78.05
C THR EC 84 -107.91 -13.42 78.80
N ALA EC 85 -107.49 -14.47 78.08
CA ALA EC 85 -106.75 -15.55 78.72
C ALA EC 85 -105.42 -15.06 79.31
N VAL EC 86 -104.72 -14.20 78.57
CA VAL EC 86 -103.46 -13.66 79.06
C VAL EC 86 -103.69 -12.78 80.29
N ARG EC 87 -104.75 -11.97 80.26
CA ARG EC 87 -105.06 -11.14 81.42
C ARG EC 87 -105.40 -11.99 82.65
N THR EC 88 -106.17 -13.05 82.45
CA THR EC 88 -106.51 -13.93 83.57
C THR EC 88 -105.27 -14.62 84.12
N TRP EC 89 -104.38 -15.08 83.25
CA TRP EC 89 -103.14 -15.70 83.70
C TRP EC 89 -102.27 -14.71 84.47
N MET EC 90 -102.16 -13.48 83.96
CA MET EC 90 -101.36 -12.47 84.64
C MET EC 90 -101.94 -12.10 86.00
N THR EC 91 -103.26 -12.01 86.10
CA THR EC 91 -103.89 -11.65 87.36
C THR EC 91 -103.77 -12.78 88.39
N SER EC 92 -104.01 -14.02 87.98
CA SER EC 92 -104.07 -15.13 88.92
C SER EC 92 -102.71 -15.73 89.24
N GLU EC 93 -101.73 -15.63 88.33
CA GLU EC 93 -100.49 -16.37 88.50
C GLU EC 93 -99.25 -15.49 88.48
N VAL EC 94 -99.20 -14.46 87.64
CA VAL EC 94 -98.01 -13.63 87.56
C VAL EC 94 -97.98 -12.61 88.70
N PHE EC 95 -99.09 -11.91 88.91
CA PHE EC 95 -99.12 -10.84 89.90
C PHE EC 95 -98.86 -11.32 91.33
N PRO EC 96 -99.50 -12.39 91.83
CA PRO EC 96 -99.20 -12.82 93.20
C PRO EC 96 -97.74 -13.22 93.41
N GLY EC 97 -97.11 -13.85 92.42
CA GLY EC 97 -95.72 -14.24 92.58
C GLY EC 97 -94.74 -13.11 92.39
N ALA EC 98 -95.10 -12.11 91.56
CA ALA EC 98 -94.20 -11.00 91.32
C ALA EC 98 -94.13 -10.03 92.50
N THR EC 99 -95.18 -9.97 93.33
CA THR EC 99 -95.22 -9.09 94.47
C THR EC 99 -95.09 -9.86 95.79
N SER EC 100 -94.31 -10.92 95.79
CA SER EC 100 -94.12 -11.75 96.96
C SER EC 100 -92.79 -11.40 97.64
N SER EC 101 -92.50 -12.09 98.74
CA SER EC 101 -91.20 -11.96 99.38
C SER EC 101 -90.09 -12.51 98.51
N VAL EC 102 -90.42 -13.35 97.53
CA VAL EC 102 -89.41 -13.88 96.61
C VAL EC 102 -88.76 -12.74 95.83
N THR EC 103 -89.57 -11.79 95.36
CA THR EC 103 -89.03 -10.66 94.62
C THR EC 103 -88.08 -9.83 95.47
N LEU EC 104 -88.49 -9.54 96.71
CA LEU EC 104 -87.65 -8.74 97.59
C LEU EC 104 -86.36 -9.46 97.93
N ASP EC 105 -86.44 -10.77 98.21
CA ASP EC 105 -85.24 -11.53 98.53
C ASP EC 105 -84.30 -11.62 97.34
N LEU EC 106 -84.84 -11.79 96.13
CA LEU EC 106 -84.01 -11.80 94.94
C LEU EC 106 -83.36 -10.44 94.73
N ALA EC 107 -84.09 -9.35 94.97
CA ALA EC 107 -83.55 -8.02 94.75
C ALA EC 107 -82.43 -7.69 95.73
N THR EC 108 -82.65 -7.93 97.03
CA THR EC 108 -81.74 -7.44 98.05
C THR EC 108 -80.77 -8.49 98.58
N LYS EC 109 -80.91 -9.76 98.18
CA LYS EC 109 -80.01 -10.79 98.67
C LYS EC 109 -79.50 -11.74 97.60
N GLY EC 110 -80.01 -11.66 96.37
CA GLY EC 110 -79.64 -12.61 95.34
C GLY EC 110 -80.08 -14.03 95.61
N VAL EC 111 -81.25 -14.20 96.23
CA VAL EC 111 -81.75 -15.53 96.53
C VAL EC 111 -82.51 -16.06 95.32
N ILE EC 112 -82.01 -17.16 94.75
CA ILE EC 112 -82.66 -17.82 93.63
C ILE EC 112 -83.16 -19.22 93.98
N HIS EC 113 -82.73 -19.77 95.10
CA HIS EC 113 -83.17 -21.10 95.55
C HIS EC 113 -84.28 -20.92 96.57
N LEU EC 114 -85.46 -21.41 96.23
CA LEU EC 114 -86.65 -21.24 97.06
C LEU EC 114 -86.65 -22.29 98.18
N SER EC 115 -87.31 -21.94 99.28
CA SER EC 115 -87.44 -22.84 100.42
C SER EC 115 -88.67 -22.43 101.24
N ASP EC 116 -89.27 -23.42 101.91
CA ASP EC 116 -89.01 -24.84 101.80
C ASP EC 116 -90.33 -25.62 101.80
N ALA EC 117 -91.40 -24.94 102.19
CA ALA EC 117 -92.72 -25.58 102.32
C ALA EC 117 -93.67 -25.11 101.22
N LEU FC 1 -88.26 56.85 89.11
CA LEU FC 1 -88.04 55.77 88.15
C LEU FC 1 -88.53 54.44 88.71
N SER FC 2 -89.63 53.94 88.16
CA SER FC 2 -90.23 52.70 88.61
C SER FC 2 -90.51 51.78 87.43
N ILE FC 3 -90.24 50.50 87.61
CA ILE FC 3 -90.63 49.46 86.66
C ILE FC 3 -91.51 48.50 87.45
N GLY FC 4 -92.82 48.71 87.40
CA GLY FC 4 -93.73 47.97 88.25
C GLY FC 4 -93.81 48.57 89.64
N THR FC 5 -93.45 47.79 90.65
CA THR FC 5 -93.35 48.28 92.02
C THR FC 5 -91.90 48.48 92.45
N LYS FC 6 -90.95 48.30 91.54
CA LYS FC 6 -89.52 48.36 91.86
C LYS FC 6 -88.98 49.74 91.53
N ASN FC 7 -88.24 50.33 92.47
CA ASN FC 7 -87.56 51.60 92.25
C ASN FC 7 -86.17 51.31 91.71
N VAL FC 8 -85.90 51.76 90.49
CA VAL FC 8 -84.64 51.50 89.82
C VAL FC 8 -83.97 52.82 89.47
N SER FC 9 -82.69 52.73 89.14
CA SER FC 9 -81.90 53.87 88.68
C SER FC 9 -81.13 53.47 87.44
N ILE FC 10 -80.84 54.47 86.60
CA ILE FC 10 -80.07 54.20 85.39
C ILE FC 10 -78.69 53.71 85.75
N TYR FC 11 -78.32 52.55 85.22
CA TYR FC 11 -77.02 51.94 85.46
C TYR FC 11 -76.14 51.92 84.24
N ARG FC 12 -76.69 51.60 83.07
CA ARG FC 12 -75.93 51.65 81.83
C ARG FC 12 -76.84 52.17 80.73
N ASN FC 13 -76.30 53.07 79.91
CA ASN FC 13 -77.09 53.75 78.87
C ASN FC 13 -76.35 53.64 77.55
N THR FC 14 -76.88 52.85 76.63
CA THR FC 14 -76.34 52.71 75.29
C THR FC 14 -77.40 53.10 74.27
N ALA FC 15 -77.05 52.96 72.99
CA ALA FC 15 -77.93 53.43 71.92
C ALA FC 15 -79.25 52.66 71.91
N ASP FC 16 -79.21 51.34 72.08
CA ASP FC 16 -80.40 50.51 71.95
C ASP FC 16 -80.67 49.66 73.19
N GLU FC 17 -80.01 49.97 74.31
CA GLU FC 17 -80.21 49.19 75.53
C GLU FC 17 -79.94 50.09 76.72
N VAL FC 18 -80.86 50.07 77.69
CA VAL FC 18 -80.69 50.76 78.96
C VAL FC 18 -80.87 49.74 80.08
N ILE FC 19 -79.85 49.58 80.91
CA ILE FC 19 -79.89 48.69 82.05
C ILE FC 19 -80.14 49.54 83.29
N TYR FC 20 -81.21 49.22 84.01
CA TYR FC 20 -81.55 49.83 85.29
C TYR FC 20 -81.24 48.84 86.41
N ALA FC 21 -80.75 49.36 87.52
CA ALA FC 21 -80.34 48.56 88.67
C ALA FC 21 -81.34 48.71 89.81
N GLY FC 22 -81.69 47.60 90.43
CA GLY FC 22 -82.57 47.61 91.58
C GLY FC 22 -81.82 47.96 92.85
N PRO FC 23 -82.55 47.98 93.97
CA PRO FC 23 -81.90 48.34 95.25
C PRO FC 23 -80.79 47.38 95.66
N ALA FC 24 -80.89 46.10 95.29
CA ALA FC 24 -79.94 45.09 95.73
C ALA FC 24 -78.83 44.85 94.71
N HIS FC 25 -78.68 45.72 93.72
CA HIS FC 25 -77.63 45.57 92.73
C HIS FC 25 -76.35 46.24 93.19
N ASP FC 26 -75.23 45.54 93.00
CA ASP FC 26 -73.92 46.04 93.37
C ASP FC 26 -72.87 45.30 92.55
N VAL FC 27 -71.60 45.40 92.96
CA VAL FC 27 -70.52 44.76 92.23
C VAL FC 27 -70.61 43.24 92.26
N THR FC 28 -71.02 42.65 93.38
CA THR FC 28 -71.05 41.20 93.52
C THR FC 28 -72.42 40.57 93.36
N ASN FC 29 -73.50 41.35 93.38
CA ASN FC 29 -74.85 40.83 93.24
C ASN FC 29 -75.52 41.49 92.04
N VAL FC 30 -76.40 40.73 91.39
CA VAL FC 30 -77.10 41.18 90.19
C VAL FC 30 -78.57 41.38 90.52
N ASP FC 31 -79.08 42.58 90.30
CA ASP FC 31 -80.50 42.90 90.38
C ASP FC 31 -80.77 43.94 89.31
N THR FC 32 -81.12 43.49 88.10
CA THR FC 32 -81.18 44.39 86.96
C THR FC 32 -82.42 44.14 86.12
N VAL FC 33 -82.92 45.22 85.52
CA VAL FC 33 -83.93 45.17 84.48
C VAL FC 33 -83.39 45.92 83.27
N SER FC 34 -83.26 45.25 82.15
CA SER FC 34 -82.70 45.82 80.94
C SER FC 34 -83.79 45.96 79.89
N LEU FC 35 -83.92 47.16 79.33
CA LEU FC 35 -84.79 47.41 78.19
C LEU FC 35 -83.94 47.48 76.93
N ARG FC 36 -84.30 46.67 75.95
CA ARG FC 36 -83.56 46.57 74.69
C ARG FC 36 -84.53 46.70 73.53
N ARG FC 37 -84.03 47.21 72.41
CA ARG FC 37 -84.88 47.43 71.27
C ARG FC 37 -84.12 47.16 69.98
N SER FC 38 -84.85 46.72 68.97
CA SER FC 38 -84.37 46.61 67.61
C SER FC 38 -85.37 47.34 66.73
N LEU FC 39 -84.97 48.50 66.20
CA LEU FC 39 -85.84 49.34 65.43
C LEU FC 39 -86.05 48.77 64.03
N PRO FC 40 -87.19 49.07 63.41
CA PRO FC 40 -87.46 48.53 62.08
C PRO FC 40 -86.43 48.99 61.05
N VAL FC 41 -86.09 48.09 60.14
CA VAL FC 41 -85.19 48.39 59.04
C VAL FC 41 -86.00 48.21 57.75
N LYS FC 42 -86.07 49.27 56.94
CA LYS FC 42 -86.89 49.25 55.72
C LYS FC 42 -86.13 48.49 54.64
N LYS FC 43 -86.19 47.16 54.75
CA LYS FC 43 -85.54 46.28 53.79
C LYS FC 43 -86.49 46.01 52.63
N GLY FC 44 -86.12 46.49 51.45
CA GLY FC 44 -86.95 46.28 50.27
C GLY FC 44 -88.34 46.86 50.46
N SER FC 45 -89.35 46.04 50.17
CA SER FC 45 -90.74 46.46 50.35
C SER FC 45 -91.24 46.25 51.76
N ASP FC 46 -90.61 45.38 52.54
CA ASP FC 46 -91.01 45.18 53.93
C ASP FC 46 -90.61 46.39 54.76
N ASN FC 47 -91.55 46.90 55.56
CA ASN FC 47 -91.27 48.03 56.43
C ASN FC 47 -90.50 47.64 57.68
N GLY FC 48 -90.28 46.36 57.92
CA GLY FC 48 -89.51 45.93 59.06
C GLY FC 48 -90.37 45.49 60.23
N THR FC 49 -89.68 45.18 61.32
CA THR FC 49 -90.32 44.72 62.55
C THR FC 49 -89.69 45.45 63.73
N MET FC 50 -90.53 45.88 64.66
CA MET FC 50 -90.06 46.46 65.92
C MET FC 50 -89.93 45.35 66.94
N ARG FC 51 -88.74 45.18 67.50
CA ARG FC 51 -88.49 44.16 68.51
C ARG FC 51 -88.22 44.83 69.84
N GLY FC 52 -88.95 44.42 70.87
CA GLY FC 52 -88.75 44.92 72.22
C GLY FC 52 -88.39 43.78 73.15
N ASN FC 53 -87.44 44.03 74.04
CA ASN FC 53 -86.97 43.02 74.98
C ASN FC 53 -86.88 43.61 76.37
N MET FC 54 -87.50 42.92 77.33
CA MET FC 54 -87.38 43.25 78.74
C MET FC 54 -86.69 42.07 79.43
N ASN FC 55 -85.55 42.34 80.06
CA ASN FC 55 -84.73 41.32 80.68
C ASN FC 55 -84.69 41.55 82.19
N PHE FC 56 -85.00 40.53 82.96
CA PHE FC 56 -84.92 40.57 84.42
C PHE FC 56 -83.82 39.62 84.85
N ALA FC 57 -82.86 40.12 85.62
CA ALA FC 57 -81.75 39.29 86.07
C ALA FC 57 -81.58 39.45 87.57
N LYS FC 58 -81.49 38.33 88.28
CA LYS FC 58 -81.26 38.35 89.72
C LYS FC 58 -80.28 37.25 90.10
N SER FC 59 -79.51 37.51 91.14
CA SER FC 59 -78.61 36.52 91.71
C SER FC 59 -79.29 35.79 92.86
N PHE FC 60 -79.05 34.48 92.94
CA PHE FC 60 -79.68 33.62 93.92
C PHE FC 60 -78.64 32.68 94.51
N PRO FC 61 -78.79 32.32 95.79
CA PRO FC 61 -77.89 31.32 96.37
C PRO FC 61 -78.08 29.96 95.72
N ASN FC 62 -76.98 29.39 95.20
CA ASN FC 62 -76.97 28.08 94.57
C ASN FC 62 -75.89 27.26 95.28
N GLY FC 63 -76.30 26.55 96.33
CA GLY FC 63 -75.35 25.79 97.13
C GLY FC 63 -74.28 26.69 97.71
N ASP FC 64 -73.07 26.56 97.19
CA ASP FC 64 -71.96 27.40 97.64
C ASP FC 64 -71.89 28.71 96.86
N LYS FC 65 -72.22 28.68 95.58
CA LYS FC 65 -72.02 29.83 94.71
C LYS FC 65 -73.31 30.64 94.55
N LYS FC 66 -73.30 31.59 93.63
CA LYS FC 66 -74.48 32.37 93.31
C LYS FC 66 -74.78 32.19 91.82
N SER FC 67 -76.02 31.81 91.52
CA SER FC 67 -76.47 31.58 90.15
C SER FC 67 -77.41 32.67 89.69
N LEU FC 68 -77.42 32.91 88.39
CA LEU FC 68 -78.20 34.00 87.80
C LEU FC 68 -79.50 33.45 87.21
N VAL FC 69 -80.63 33.98 87.68
CA VAL FC 69 -81.94 33.67 87.13
C VAL FC 69 -82.36 34.83 86.24
N VAL FC 70 -82.75 34.51 85.01
CA VAL FC 70 -83.08 35.51 83.99
C VAL FC 70 -84.46 35.20 83.43
N VAL FC 71 -85.32 36.21 83.39
CA VAL FC 71 -86.63 36.13 82.77
C VAL FC 71 -86.65 37.11 81.60
N ASN FC 72 -86.94 36.61 80.41
CA ASN FC 72 -87.00 37.44 79.21
C ASN FC 72 -88.44 37.63 78.77
N LEU FC 73 -88.71 38.78 78.17
CA LEU FC 73 -90.01 39.08 77.58
C LEU FC 73 -89.75 39.81 76.29
N THR FC 74 -89.95 39.14 75.16
CA THR FC 74 -89.66 39.71 73.85
C THR FC 74 -90.94 39.79 73.02
N ALA FC 75 -91.16 40.95 72.43
CA ALA FC 75 -92.30 41.20 71.56
C ALA FC 75 -91.81 41.58 70.17
N HIS FC 76 -92.45 41.01 69.15
CA HIS FC 76 -92.15 41.30 67.75
C HIS FC 76 -93.42 41.88 67.13
N VAL FC 77 -93.36 43.14 66.70
CA VAL FC 77 -94.52 43.79 66.11
C VAL FC 77 -94.17 44.25 64.69
N PRO FC 78 -94.75 43.66 63.66
CA PRO FC 78 -94.48 44.13 62.30
C PRO FC 78 -95.00 45.55 62.08
N VAL FC 79 -94.28 46.31 61.26
CA VAL FC 79 -94.68 47.68 60.99
C VAL FC 79 -95.92 47.69 60.10
N GLY FC 80 -96.89 48.52 60.47
CA GLY FC 80 -98.16 48.63 59.77
C GLY FC 80 -99.33 48.09 60.58
N VAL FC 81 -99.07 47.10 61.44
CA VAL FC 81 -100.11 46.59 62.32
C VAL FC 81 -100.55 47.69 63.28
N ASP FC 82 -101.86 47.80 63.47
CA ASP FC 82 -102.40 48.82 64.37
C ASP FC 82 -101.90 48.60 65.79
N ALA FC 83 -101.37 49.67 66.39
CA ALA FC 83 -100.76 49.55 67.71
C ALA FC 83 -101.80 49.31 68.80
N THR FC 84 -102.97 49.95 68.68
CA THR FC 84 -104.00 49.82 69.71
C THR FC 84 -104.50 48.39 69.81
N ALA FC 85 -104.66 47.72 68.67
CA ALA FC 85 -105.09 46.32 68.68
C ALA FC 85 -104.06 45.43 69.38
N VAL FC 86 -102.78 45.65 69.08
CA VAL FC 86 -101.73 44.87 69.75
C VAL FC 86 -101.73 45.14 71.25
N ARG FC 87 -101.92 46.40 71.64
CA ARG FC 87 -101.88 46.74 73.06
C ARG FC 87 -103.06 46.14 73.81
N THR FC 88 -104.26 46.17 73.22
CA THR FC 88 -105.40 45.55 73.91
C THR FC 88 -105.28 44.03 73.91
N TRP FC 89 -104.68 43.44 72.86
CA TRP FC 89 -104.44 42.01 72.85
C TRP FC 89 -103.47 41.63 73.98
N MET FC 90 -102.42 42.42 74.16
CA MET FC 90 -101.46 42.14 75.23
C MET FC 90 -102.11 42.31 76.60
N THR FC 91 -102.87 43.39 76.78
CA THR FC 91 -103.46 43.67 78.09
C THR FC 91 -104.50 42.62 78.47
N SER FC 92 -105.30 42.18 77.50
CA SER FC 92 -106.40 41.27 77.79
C SER FC 92 -106.04 39.79 77.62
N GLU FC 93 -105.19 39.46 76.65
CA GLU FC 93 -104.95 38.07 76.28
C GLU FC 93 -103.57 37.57 76.64
N VAL FC 94 -102.54 38.42 76.60
CA VAL FC 94 -101.18 37.94 76.81
C VAL FC 94 -100.79 38.08 78.28
N PHE FC 95 -101.00 39.27 78.87
CA PHE FC 95 -100.58 39.56 80.22
C PHE FC 95 -101.25 38.67 81.28
N PRO FC 96 -102.57 38.48 81.27
CA PRO FC 96 -103.17 37.60 82.28
C PRO FC 96 -102.67 36.17 82.23
N GLY FC 97 -102.38 35.64 81.04
CA GLY FC 97 -101.87 34.29 80.95
C GLY FC 97 -100.37 34.19 81.21
N ALA FC 98 -99.65 35.29 81.03
CA ALA FC 98 -98.20 35.30 81.22
C ALA FC 98 -97.80 35.45 82.68
N THR FC 99 -98.74 35.78 83.57
CA THR FC 99 -98.45 35.98 84.98
C THR FC 99 -99.20 34.99 85.86
N SER FC 100 -99.72 33.91 85.29
CA SER FC 100 -100.49 32.93 86.03
C SER FC 100 -99.55 31.90 86.65
N SER FC 101 -100.13 30.88 87.29
CA SER FC 101 -99.32 29.79 87.85
C SER FC 101 -98.70 28.93 86.76
N VAL FC 102 -99.22 28.99 85.54
CA VAL FC 102 -98.65 28.23 84.44
C VAL FC 102 -97.22 28.66 84.19
N THR FC 103 -96.96 29.97 84.20
CA THR FC 103 -95.60 30.47 84.02
C THR FC 103 -94.68 29.98 85.14
N LEU FC 104 -95.16 30.00 86.38
CA LEU FC 104 -94.34 29.56 87.50
C LEU FC 104 -94.00 28.07 87.38
N ASP FC 105 -94.98 27.24 87.04
CA ASP FC 105 -94.71 25.81 86.89
C ASP FC 105 -93.78 25.55 85.72
N LEU FC 106 -93.95 26.27 84.62
CA LEU FC 106 -93.07 26.11 83.47
C LEU FC 106 -91.64 26.52 83.78
N ALA FC 107 -91.47 27.60 84.54
CA ALA FC 107 -90.13 28.08 84.88
C ALA FC 107 -89.44 27.18 85.89
N THR FC 108 -90.16 26.70 86.90
CA THR FC 108 -89.53 25.94 87.97
C THR FC 108 -89.53 24.43 87.73
N LYS FC 109 -90.54 23.90 87.03
CA LYS FC 109 -90.66 22.47 86.84
C LYS FC 109 -90.79 22.04 85.39
N GLY FC 110 -90.84 22.97 84.44
CA GLY FC 110 -90.97 22.61 83.04
C GLY FC 110 -92.29 21.96 82.67
N VAL FC 111 -93.38 22.38 83.30
CA VAL FC 111 -94.70 21.80 83.03
C VAL FC 111 -95.27 22.44 81.77
N ILE FC 112 -95.61 21.61 80.78
CA ILE FC 112 -96.16 22.08 79.52
C ILE FC 112 -97.58 21.58 79.28
N HIS FC 113 -98.13 20.77 80.18
CA HIS FC 113 -99.48 20.25 80.08
C HIS FC 113 -100.32 20.88 81.20
N LEU FC 114 -101.22 21.80 80.84
CA LEU FC 114 -102.03 22.51 81.83
C LEU FC 114 -103.41 21.88 81.92
N SER FC 115 -103.47 20.70 82.54
CA SER FC 115 -104.73 20.02 82.77
C SER FC 115 -105.35 20.48 84.08
N ASP FC 116 -106.68 20.53 84.12
CA ASP FC 116 -107.57 20.30 82.98
C ASP FC 116 -108.64 21.39 82.92
N ALA FC 117 -108.90 22.00 84.07
CA ALA FC 117 -109.93 23.05 84.17
C ALA FC 117 -109.45 24.34 83.53
N LEU GC 1 130.76 -37.81 18.27
CA LEU GC 1 129.76 -36.94 18.90
C LEU GC 1 129.72 -37.17 20.41
N SER GC 2 129.93 -36.09 21.16
CA SER GC 2 129.91 -36.16 22.62
C SER GC 2 129.21 -34.94 23.18
N ILE GC 3 128.57 -35.14 24.34
CA ILE GC 3 127.91 -34.07 25.08
C ILE GC 3 128.46 -34.17 26.51
N GLY GC 4 129.45 -33.33 26.82
CA GLY GC 4 130.18 -33.50 28.05
C GLY GC 4 131.07 -34.73 27.97
N THR GC 5 130.78 -35.73 28.80
CA THR GC 5 131.54 -36.98 28.79
C THR GC 5 130.75 -38.14 28.21
N LYS GC 6 129.58 -37.89 27.64
CA LYS GC 6 128.71 -38.93 27.11
C LYS GC 6 128.73 -38.94 25.60
N ASN GC 7 128.98 -40.12 25.03
CA ASN GC 7 128.91 -40.32 23.59
C ASN GC 7 127.47 -40.45 23.15
N VAL GC 8 127.09 -39.71 22.11
CA VAL GC 8 125.73 -39.71 21.59
C VAL GC 8 125.78 -39.91 20.09
N SER GC 9 124.61 -40.14 19.52
CA SER GC 9 124.45 -40.32 18.08
C SER GC 9 123.24 -39.55 17.62
N ILE GC 10 123.28 -39.08 16.37
CA ILE GC 10 122.11 -38.46 15.76
C ILE GC 10 120.95 -39.45 15.78
N TYR GC 11 119.81 -39.01 16.32
CA TYR GC 11 118.61 -39.83 16.41
C TYR GC 11 117.42 -39.24 15.67
N ARG GC 12 117.11 -37.96 15.90
CA ARG GC 12 116.03 -37.30 15.21
C ARG GC 12 116.46 -35.90 14.81
N ASN GC 13 116.14 -35.50 13.58
CA ASN GC 13 116.55 -34.20 13.06
C ASN GC 13 115.32 -33.47 12.57
N THR GC 14 115.13 -32.24 13.05
CA THR GC 14 114.11 -31.35 12.52
C THR GC 14 114.74 -30.00 12.20
N ALA GC 15 113.93 -29.04 11.77
CA ALA GC 15 114.48 -27.75 11.35
C ALA GC 15 115.12 -27.01 12.52
N ASP GC 16 114.49 -27.02 13.68
CA ASP GC 16 114.97 -26.27 14.84
C ASP GC 16 115.22 -27.14 16.06
N GLU GC 17 115.19 -28.47 15.92
CA GLU GC 17 115.42 -29.34 17.06
C GLU GC 17 116.15 -30.59 16.59
N VAL GC 18 117.16 -30.99 17.36
CA VAL GC 18 117.90 -32.23 17.11
C VAL GC 18 117.91 -33.05 18.40
N ILE GC 19 117.50 -34.30 18.30
CA ILE GC 19 117.53 -35.24 19.43
C ILE GC 19 118.65 -36.23 19.20
N TYR GC 20 119.54 -36.35 20.18
CA TYR GC 20 120.61 -37.34 20.19
C TYR GC 20 120.29 -38.42 21.23
N ALA GC 21 120.67 -39.65 20.92
CA ALA GC 21 120.39 -40.80 21.77
C ALA GC 21 121.66 -41.24 22.47
N GLY GC 22 121.55 -41.55 23.76
CA GLY GC 22 122.65 -42.06 24.52
C GLY GC 22 122.85 -43.56 24.31
N PRO GC 23 123.89 -44.12 24.92
CA PRO GC 23 124.17 -45.55 24.73
C PRO GC 23 123.09 -46.46 25.26
N ALA GC 24 122.24 -46.00 26.17
CA ALA GC 24 121.22 -46.83 26.79
C ALA GC 24 119.83 -46.63 26.19
N HIS GC 25 119.72 -45.88 25.09
CA HIS GC 25 118.42 -45.62 24.49
C HIS GC 25 118.01 -46.77 23.59
N ASP GC 26 116.80 -47.28 23.82
CA ASP GC 26 116.22 -48.29 22.96
C ASP GC 26 114.69 -48.15 23.03
N VAL GC 27 113.98 -49.18 22.60
CA VAL GC 27 112.52 -49.17 22.56
C VAL GC 27 111.96 -49.12 23.98
N THR GC 28 112.71 -49.63 24.95
CA THR GC 28 112.22 -49.74 26.32
C THR GC 28 112.77 -48.66 27.26
N ASN GC 29 113.99 -48.19 27.04
CA ASN GC 29 114.63 -47.24 27.95
C ASN GC 29 114.92 -45.94 27.21
N VAL GC 30 114.65 -44.82 27.87
CA VAL GC 30 114.91 -43.50 27.31
C VAL GC 30 116.23 -42.97 27.84
N ASP GC 31 117.09 -42.52 26.93
CA ASP GC 31 118.33 -41.83 27.29
C ASP GC 31 118.60 -40.86 26.13
N THR GC 32 118.12 -39.62 26.29
CA THR GC 32 118.18 -38.68 25.18
C THR GC 32 118.61 -37.30 25.64
N VAL GC 33 119.29 -36.58 24.75
CA VAL GC 33 119.60 -35.18 24.92
C VAL GC 33 119.14 -34.43 23.67
N SER GC 34 118.31 -33.42 23.87
CA SER GC 34 117.72 -32.66 22.78
C SER GC 34 118.23 -31.22 22.80
N LEU GC 35 118.57 -30.70 21.63
CA LEU GC 35 118.97 -29.32 21.45
C LEU GC 35 117.91 -28.63 20.60
N ARG GC 36 117.30 -27.59 21.14
CA ARG GC 36 116.24 -26.86 20.44
C ARG GC 36 116.58 -25.39 20.41
N ARG GC 37 116.23 -24.72 19.31
CA ARG GC 37 116.46 -23.29 19.16
C ARG GC 37 115.18 -22.61 18.73
N SER GC 38 115.00 -21.40 19.24
CA SER GC 38 113.96 -20.47 18.81
C SER GC 38 114.70 -19.22 18.36
N LEU GC 39 114.84 -19.05 17.05
CA LEU GC 39 115.58 -17.94 16.51
C LEU GC 39 114.79 -16.63 16.69
N PRO GC 40 115.48 -15.52 16.86
CA PRO GC 40 114.78 -14.24 17.06
C PRO GC 40 113.94 -13.86 15.84
N VAL GC 41 112.79 -13.27 16.11
CA VAL GC 41 111.96 -12.66 15.08
C VAL GC 41 111.95 -11.16 15.37
N LYS GC 42 112.43 -10.38 14.41
CA LYS GC 42 112.63 -8.95 14.60
C LYS GC 42 111.38 -8.20 14.12
N LYS GC 43 110.28 -8.45 14.81
CA LYS GC 43 109.02 -7.80 14.53
C LYS GC 43 109.06 -6.35 14.99
N GLY GC 44 108.37 -5.49 14.25
CA GLY GC 44 108.34 -4.06 14.54
C GLY GC 44 109.73 -3.46 14.71
N SER GC 45 110.00 -2.94 15.91
CA SER GC 45 111.32 -2.40 16.23
C SER GC 45 112.15 -3.32 17.12
N ASP GC 46 111.52 -4.18 17.90
CA ASP GC 46 112.25 -5.10 18.77
C ASP GC 46 112.94 -6.18 17.93
N ASN GC 47 114.19 -6.44 18.24
CA ASN GC 47 114.97 -7.43 17.50
C ASN GC 47 114.73 -8.85 17.98
N GLY GC 48 113.90 -9.04 19.01
CA GLY GC 48 113.54 -10.36 19.46
C GLY GC 48 114.56 -10.99 20.39
N THR GC 49 114.28 -12.23 20.75
CA THR GC 49 115.09 -12.98 21.70
C THR GC 49 115.46 -14.32 21.10
N MET GC 50 116.71 -14.74 21.31
CA MET GC 50 117.14 -16.08 20.92
C MET GC 50 116.97 -17.01 22.13
N ARG GC 51 116.29 -18.13 21.92
CA ARG GC 51 115.99 -19.06 23.00
C ARG GC 51 116.67 -20.39 22.71
N GLY GC 52 117.60 -20.78 23.58
CA GLY GC 52 118.28 -22.05 23.43
C GLY GC 52 117.91 -23.03 24.53
N ASN GC 53 117.36 -24.18 24.17
CA ASN GC 53 116.88 -25.16 25.14
C ASN GC 53 117.67 -26.45 25.03
N MET GC 54 118.11 -26.95 26.17
CA MET GC 54 118.80 -28.24 26.29
C MET GC 54 117.96 -29.15 27.16
N ASN GC 55 117.63 -30.33 26.64
CA ASN GC 55 116.73 -31.27 27.29
C ASN GC 55 117.47 -32.56 27.58
N PHE GC 56 117.38 -33.03 28.83
CA PHE GC 56 117.94 -34.32 29.22
C PHE GC 56 116.79 -35.20 29.69
N ALA GC 57 116.64 -36.37 29.08
CA ALA GC 57 115.53 -37.27 29.39
C ALA GC 57 116.07 -38.65 29.70
N LYS GC 58 115.62 -39.22 30.82
CA LYS GC 58 116.08 -40.54 31.23
C LYS GC 58 114.92 -41.29 31.89
N SER GC 59 114.76 -42.56 31.54
CA SER GC 59 113.76 -43.39 32.20
C SER GC 59 114.34 -44.00 33.47
N PHE GC 60 113.50 -44.12 34.49
CA PHE GC 60 113.88 -44.63 35.79
C PHE GC 60 112.82 -45.61 36.28
N PRO GC 61 113.23 -46.61 37.07
CA PRO GC 61 112.23 -47.50 37.67
C PRO GC 61 111.36 -46.75 38.67
N ASN GC 62 110.05 -46.99 38.58
CA ASN GC 62 109.08 -46.35 39.48
C ASN GC 62 108.07 -47.45 39.85
N GLY GC 63 108.33 -48.13 40.95
CA GLY GC 63 107.52 -49.27 41.31
C GLY GC 63 107.63 -50.33 40.22
N ASP GC 64 106.48 -50.72 39.67
CA ASP GC 64 106.46 -51.67 38.57
C ASP GC 64 106.61 -51.01 37.21
N LYS GC 65 106.42 -49.70 37.11
CA LYS GC 65 106.44 -49.02 35.83
C LYS GC 65 107.75 -48.26 35.65
N LYS GC 66 107.83 -47.47 34.59
CA LYS GC 66 108.96 -46.60 34.33
C LYS GC 66 108.48 -45.15 34.27
N SER GC 67 109.29 -44.24 34.80
CA SER GC 67 108.96 -42.83 34.85
C SER GC 67 110.06 -42.03 34.18
N LEU GC 68 109.66 -40.99 33.44
CA LEU GC 68 110.61 -40.15 32.72
C LEU GC 68 111.03 -38.98 33.61
N VAL GC 69 112.33 -38.84 33.82
CA VAL GC 69 112.90 -37.68 34.49
C VAL GC 69 113.51 -36.78 33.43
N VAL GC 70 113.12 -35.50 33.44
CA VAL GC 70 113.51 -34.53 32.43
C VAL GC 70 114.15 -33.34 33.12
N VAL GC 71 115.30 -32.91 32.61
CA VAL GC 71 115.99 -31.72 33.07
C VAL GC 71 116.10 -30.75 31.90
N ASN GC 72 115.65 -29.53 32.11
CA ASN GC 72 115.64 -28.50 31.08
C ASN GC 72 116.61 -27.38 31.45
N LEU GC 73 117.38 -26.91 30.46
CA LEU GC 73 118.27 -25.77 30.64
C LEU GC 73 118.03 -24.81 29.48
N THR GC 74 117.40 -23.67 29.76
CA THR GC 74 116.99 -22.74 28.73
C THR GC 74 117.66 -21.40 28.94
N ALA GC 75 118.23 -20.84 27.88
CA ALA GC 75 118.83 -19.52 27.88
C ALA GC 75 118.01 -18.60 26.98
N HIS GC 76 117.66 -17.43 27.51
CA HIS GC 76 116.91 -16.40 26.78
C HIS GC 76 117.83 -15.20 26.63
N VAL GC 77 118.36 -14.98 25.44
CA VAL GC 77 119.32 -13.91 25.20
C VAL GC 77 118.68 -12.90 24.25
N PRO GC 78 118.40 -11.67 24.71
CA PRO GC 78 117.89 -10.65 23.80
C PRO GC 78 118.93 -10.25 22.77
N VAL GC 79 118.46 -9.87 21.58
CA VAL GC 79 119.37 -9.53 20.49
C VAL GC 79 119.99 -8.17 20.74
N GLY GC 80 121.30 -8.07 20.55
CA GLY GC 80 122.07 -6.87 20.79
C GLY GC 80 122.99 -6.98 21.99
N VAL GC 81 122.68 -7.89 22.91
CA VAL GC 81 123.55 -8.13 24.05
C VAL GC 81 124.83 -8.80 23.58
N ASP GC 82 125.97 -8.35 24.10
CA ASP GC 82 127.26 -8.91 23.74
C ASP GC 82 127.30 -10.40 24.06
N ALA GC 83 127.66 -11.21 23.07
CA ALA GC 83 127.74 -12.65 23.26
C ALA GC 83 128.85 -13.02 24.23
N THR GC 84 130.00 -12.34 24.14
CA THR GC 84 131.13 -12.66 25.01
C THR GC 84 130.80 -12.40 26.47
N ALA GC 85 130.14 -11.28 26.76
CA ALA GC 85 129.76 -10.97 28.13
C ALA GC 85 128.78 -12.01 28.67
N VAL GC 86 127.82 -12.41 27.85
CA VAL GC 86 126.85 -13.43 28.26
C VAL GC 86 127.55 -14.75 28.53
N ARG GC 87 128.49 -15.14 27.67
CA ARG GC 87 129.20 -16.39 27.87
C ARG GC 87 130.05 -16.35 29.14
N THR GC 88 130.70 -15.21 29.41
CA THR GC 88 131.47 -15.08 30.63
C THR GC 88 130.57 -15.16 31.86
N TRP GC 89 129.41 -14.52 31.81
CA TRP GC 89 128.47 -14.60 32.94
C TRP GC 89 127.98 -16.02 33.16
N MET GC 90 127.65 -16.73 32.07
CA MET GC 90 127.18 -18.11 32.19
C MET GC 90 128.26 -19.03 32.73
N THR GC 91 129.51 -18.85 32.28
CA THR GC 91 130.60 -19.71 32.73
C THR GC 91 130.97 -19.44 34.18
N SER GC 92 131.01 -18.16 34.59
CA SER GC 92 131.50 -17.82 35.92
C SER GC 92 130.43 -17.81 36.99
N GLU GC 93 129.17 -17.56 36.63
CA GLU GC 93 128.11 -17.41 37.62
C GLU GC 93 127.02 -18.46 37.50
N VAL GC 94 126.54 -18.76 36.30
CA VAL GC 94 125.42 -19.67 36.14
C VAL GC 94 125.88 -21.12 36.25
N PHE GC 95 126.96 -21.47 35.55
CA PHE GC 95 127.40 -22.86 35.51
C PHE GC 95 127.78 -23.41 36.88
N PRO GC 96 128.61 -22.74 37.69
CA PRO GC 96 128.91 -23.28 39.02
C PRO GC 96 127.68 -23.42 39.92
N GLY GC 97 126.71 -22.50 39.81
CA GLY GC 97 125.54 -22.59 40.66
C GLY GC 97 124.53 -23.61 40.21
N ALA GC 98 124.49 -23.91 38.91
CA ALA GC 98 123.55 -24.87 38.36
C ALA GC 98 124.05 -26.31 38.44
N THR GC 99 125.25 -26.52 38.99
CA THR GC 99 125.80 -27.86 39.18
C THR GC 99 126.15 -28.13 40.63
N SER GC 100 125.68 -27.29 41.54
CA SER GC 100 125.98 -27.43 42.95
C SER GC 100 124.97 -28.37 43.61
N SER GC 101 125.15 -28.59 44.91
CA SER GC 101 124.17 -29.36 45.68
C SER GC 101 122.82 -28.67 45.76
N VAL GC 102 122.78 -27.36 45.50
CA VAL GC 102 121.52 -26.63 45.52
C VAL GC 102 120.58 -27.16 44.44
N THR GC 103 121.10 -27.37 43.24
CA THR GC 103 120.27 -27.89 42.15
C THR GC 103 119.77 -29.30 42.46
N LEU GC 104 120.66 -30.15 42.99
CA LEU GC 104 120.26 -31.51 43.33
C LEU GC 104 119.18 -31.51 44.40
N ASP GC 105 119.34 -30.68 45.43
CA ASP GC 105 118.35 -30.61 46.49
C ASP GC 105 117.02 -30.08 45.98
N LEU GC 106 117.05 -29.07 45.11
CA LEU GC 106 115.81 -28.54 44.56
C LEU GC 106 115.11 -29.58 43.70
N ALA GC 107 115.87 -30.34 42.91
CA ALA GC 107 115.26 -31.31 42.01
C ALA GC 107 114.69 -32.50 42.75
N THR GC 108 115.43 -33.06 43.72
CA THR GC 108 115.04 -34.31 44.33
C THR GC 108 114.32 -34.15 45.67
N LYS GC 109 114.31 -32.95 46.26
CA LYS GC 109 113.67 -32.73 47.54
C LYS GC 109 112.80 -31.49 47.57
N GLY GC 110 112.84 -30.65 46.55
CA GLY GC 110 112.10 -29.40 46.57
C GLY GC 110 112.59 -28.40 47.58
N VAL GC 111 113.89 -28.31 47.80
CA VAL GC 111 114.46 -27.40 48.78
C VAL GC 111 114.72 -26.06 48.12
N ILE GC 112 114.05 -25.02 48.61
CA ILE GC 112 114.21 -23.66 48.09
C ILE GC 112 114.88 -22.74 49.09
N HIS GC 113 115.26 -23.23 50.26
CA HIS GC 113 115.97 -22.46 51.28
C HIS GC 113 117.37 -23.04 51.42
N LEU GC 114 118.39 -22.30 50.97
CA LEU GC 114 119.77 -22.76 51.07
C LEU GC 114 120.44 -22.15 52.30
N SER GC 115 120.01 -22.60 53.46
CA SER GC 115 120.65 -22.22 54.71
C SER GC 115 121.87 -23.10 54.98
N ASP GC 116 122.85 -22.55 55.68
CA ASP GC 116 122.95 -21.18 56.18
C ASP GC 116 124.36 -20.64 55.95
N ALA GC 117 125.28 -21.54 55.65
CA ALA GC 117 126.69 -21.17 55.46
C ALA GC 117 126.87 -20.26 54.25
N LEU HC 1 125.56 -17.51 53.11
CA LEU HC 1 124.55 -17.84 52.10
C LEU HC 1 125.14 -17.68 50.70
N SER HC 2 125.40 -18.80 50.04
CA SER HC 2 126.02 -18.78 48.72
C SER HC 2 125.36 -19.81 47.82
N ILE HC 3 125.33 -19.49 46.53
CA ILE HC 3 124.87 -20.40 45.50
C ILE HC 3 126.03 -20.54 44.51
N GLY HC 4 126.59 -21.74 44.42
CA GLY HC 4 127.80 -21.92 43.63
C GLY HC 4 128.96 -21.13 44.21
N THR HC 5 129.55 -20.27 43.40
CA THR HC 5 130.62 -19.39 43.85
C THR HC 5 130.14 -17.98 44.18
N LYS HC 6 128.84 -17.72 44.07
CA LYS HC 6 128.29 -16.39 44.24
C LYS HC 6 127.61 -16.28 45.60
N ASN HC 7 128.01 -15.29 46.39
CA ASN HC 7 127.32 -15.00 47.64
C ASN HC 7 126.02 -14.25 47.36
N VAL HC 8 124.94 -14.71 48.00
CA VAL HC 8 123.62 -14.13 47.79
C VAL HC 8 122.99 -13.86 49.16
N SER HC 9 121.91 -13.10 49.14
CA SER HC 9 121.12 -12.82 50.32
C SER HC 9 119.64 -12.98 49.98
N ILE HC 10 118.84 -13.29 50.99
CA ILE HC 10 117.41 -13.46 50.78
C ILE HC 10 116.79 -12.12 50.39
N TYR HC 11 116.15 -12.08 49.22
CA TYR HC 11 115.51 -10.89 48.71
C TYR HC 11 114.00 -10.94 48.84
N ARG HC 12 113.38 -12.03 48.41
CA ARG HC 12 111.94 -12.21 48.58
C ARG HC 12 111.66 -13.66 48.91
N ASN HC 13 110.59 -13.90 49.68
CA ASN HC 13 110.31 -15.22 50.23
C ASN HC 13 108.80 -15.44 50.17
N THR HC 14 108.36 -16.32 49.27
CA THR HC 14 106.99 -16.80 49.23
C THR HC 14 106.96 -18.28 49.60
N ALA HC 15 105.76 -18.87 49.52
CA ALA HC 15 105.59 -20.25 49.96
C ALA HC 15 106.39 -21.22 49.08
N ASP HC 16 106.35 -21.03 47.76
CA ASP HC 16 107.00 -21.95 46.84
C ASP HC 16 108.12 -21.31 46.04
N GLU HC 17 108.47 -20.04 46.31
CA GLU HC 17 109.55 -19.38 45.61
C GLU HC 17 110.35 -18.54 46.59
N VAL HC 18 111.67 -18.63 46.48
CA VAL HC 18 112.58 -17.74 47.21
C VAL HC 18 113.52 -17.11 46.19
N ILE HC 19 113.51 -15.79 46.13
CA ILE HC 19 114.39 -15.02 45.25
C ILE HC 19 115.53 -14.48 46.09
N TYR HC 20 116.76 -14.79 45.67
CA TYR HC 20 117.97 -14.30 46.29
C TYR HC 20 118.62 -13.28 45.38
N ALA HC 21 119.26 -12.27 45.99
CA ALA HC 21 119.88 -11.18 45.26
C ALA HC 21 121.39 -11.28 45.39
N GLY HC 22 122.10 -11.09 44.28
CA GLY HC 22 123.54 -11.04 44.29
C GLY HC 22 124.04 -9.73 44.86
N PRO HC 23 125.35 -9.62 45.04
CA PRO HC 23 125.90 -8.38 45.62
C PRO HC 23 125.59 -7.15 44.79
N ALA HC 24 125.52 -7.29 43.46
CA ALA HC 24 125.29 -6.16 42.58
C ALA HC 24 123.82 -5.80 42.41
N HIS HC 25 122.90 -6.65 42.85
CA HIS HC 25 121.48 -6.40 42.64
C HIS HC 25 121.05 -5.11 43.32
N ASP HC 26 120.28 -4.31 42.59
CA ASP HC 26 119.81 -3.02 43.09
C ASP HC 26 118.51 -2.67 42.38
N VAL HC 27 118.06 -1.43 42.54
CA VAL HC 27 116.79 -0.99 41.98
C VAL HC 27 116.82 -0.86 40.46
N THR HC 28 118.00 -0.73 39.86
CA THR HC 28 118.12 -0.62 38.41
C THR HC 28 118.89 -1.75 37.76
N ASN HC 29 119.70 -2.49 38.50
CA ASN HC 29 120.44 -3.64 37.97
C ASN HC 29 119.86 -4.91 38.57
N VAL HC 30 119.47 -5.85 37.72
CA VAL HC 30 118.91 -7.12 38.16
C VAL HC 30 120.03 -8.14 38.23
N ASP HC 31 120.20 -8.75 39.41
CA ASP HC 31 121.13 -9.87 39.60
C ASP HC 31 120.46 -10.80 40.61
N THR HC 32 119.69 -11.76 40.11
CA THR HC 32 118.85 -12.58 40.98
C THR HC 32 118.96 -14.06 40.64
N VAL HC 33 118.85 -14.88 41.68
CA VAL HC 33 118.72 -16.33 41.55
C VAL HC 33 117.44 -16.72 42.28
N SER HC 34 116.48 -17.22 41.53
CA SER HC 34 115.20 -17.67 42.08
C SER HC 34 115.19 -19.19 42.18
N LEU HC 35 114.70 -19.69 43.32
CA LEU HC 35 114.41 -21.11 43.48
C LEU HC 35 112.91 -21.25 43.63
N ARG HC 36 112.28 -21.92 42.66
CA ARG HC 36 110.85 -22.13 42.65
C ARG HC 36 110.55 -23.61 42.62
N ARG HC 37 109.48 -24.02 43.29
CA ARG HC 37 109.07 -25.42 43.29
C ARG HC 37 107.58 -25.51 43.02
N SER HC 38 107.20 -26.57 42.33
CA SER HC 38 105.80 -26.96 42.16
C SER HC 38 105.66 -28.36 42.76
N LEU HC 39 104.97 -28.45 43.89
CA LEU HC 39 104.87 -29.68 44.64
C LEU HC 39 103.96 -30.66 43.92
N PRO HC 40 104.21 -31.96 44.09
CA PRO HC 40 103.40 -32.97 43.38
C PRO HC 40 101.94 -32.92 43.82
N VAL HC 41 101.04 -32.93 42.84
CA VAL HC 41 99.61 -33.01 43.08
C VAL HC 41 99.18 -34.44 42.83
N LYS HC 42 98.76 -35.13 43.88
CA LYS HC 42 98.39 -36.54 43.79
C LYS HC 42 96.99 -36.61 43.21
N LYS HC 43 96.91 -36.73 41.88
CA LYS HC 43 95.64 -36.72 41.16
C LYS HC 43 95.41 -38.09 40.51
N GLY HC 44 94.24 -38.65 40.73
CA GLY HC 44 93.94 -39.97 40.19
C GLY HC 44 94.89 -41.01 40.75
N SER HC 45 95.25 -41.98 39.91
CA SER HC 45 96.25 -42.96 40.28
C SER HC 45 97.67 -42.44 40.13
N ASP HC 46 97.85 -41.31 39.46
CA ASP HC 46 99.17 -40.71 39.30
C ASP HC 46 99.53 -39.95 40.57
N ASN HC 47 100.75 -40.19 41.07
CA ASN HC 47 101.22 -39.53 42.27
C ASN HC 47 101.80 -38.15 42.01
N GLY HC 48 101.72 -37.65 40.80
CA GLY HC 48 102.18 -36.31 40.50
C GLY HC 48 103.67 -36.25 40.22
N THR HC 49 104.14 -35.01 40.06
CA THR HC 49 105.52 -34.75 39.71
C THR HC 49 106.00 -33.50 40.43
N MET HC 50 107.19 -33.58 41.03
CA MET HC 50 107.83 -32.43 41.63
C MET HC 50 108.59 -31.66 40.55
N ARG HC 51 108.30 -30.37 40.42
CA ARG HC 51 109.00 -29.50 39.49
C ARG HC 51 109.91 -28.56 40.27
N GLY HC 52 111.18 -28.50 39.87
CA GLY HC 52 112.10 -27.57 40.48
C GLY HC 52 112.75 -26.67 39.47
N ASN HC 53 112.60 -25.35 39.63
CA ASN HC 53 113.10 -24.38 38.68
C ASN HC 53 114.12 -23.47 39.35
N MET HC 54 115.27 -23.30 38.69
CA MET HC 54 116.33 -22.41 39.12
C MET HC 54 116.49 -21.33 38.05
N ASN HC 55 116.24 -20.08 38.44
CA ASN HC 55 116.21 -18.97 37.50
C ASN HC 55 117.36 -18.02 37.78
N PHE HC 56 118.19 -17.77 36.77
CA PHE HC 56 119.26 -16.79 36.85
C PHE HC 56 118.86 -15.60 35.98
N ALA HC 57 118.77 -14.42 36.58
CA ALA HC 57 118.40 -13.22 35.86
C ALA HC 57 119.49 -12.18 36.04
N LYS HC 58 119.96 -11.60 34.93
CA LYS HC 58 121.01 -10.61 34.96
C LYS HC 58 120.73 -9.51 33.95
N SER HC 59 120.98 -8.26 34.35
CA SER HC 59 120.86 -7.12 33.46
C SER HC 59 122.14 -6.93 32.66
N PHE HC 60 121.97 -6.63 31.37
CA PHE HC 60 123.09 -6.48 30.45
C PHE HC 60 122.88 -5.24 29.60
N PRO HC 61 123.96 -4.54 29.26
CA PRO HC 61 123.83 -3.41 28.31
C PRO HC 61 123.48 -3.91 26.92
N ASN HC 62 122.34 -3.46 26.42
CA ASN HC 62 121.88 -3.75 25.06
C ASN HC 62 121.79 -2.40 24.35
N GLY HC 63 122.84 -2.07 23.61
CA GLY HC 63 122.93 -0.77 22.97
C GLY HC 63 122.85 0.36 23.97
N ASP HC 64 121.74 1.10 23.94
CA ASP HC 64 121.53 2.20 24.88
C ASP HC 64 120.73 1.76 26.10
N LYS HC 65 119.95 0.68 25.99
CA LYS HC 65 119.06 0.27 27.06
C LYS HC 65 119.67 -0.92 27.82
N LYS HC 66 118.89 -1.50 28.73
CA LYS HC 66 119.29 -2.69 29.47
C LYS HC 66 118.33 -3.83 29.17
N SER HC 67 118.89 -4.99 28.85
CA SER HC 67 118.11 -6.18 28.55
C SER HC 67 118.31 -7.21 29.67
N LEU HC 68 117.32 -8.07 29.85
CA LEU HC 68 117.37 -9.11 30.87
C LEU HC 68 117.74 -10.43 30.23
N VAL HC 69 118.88 -10.98 30.63
CA VAL HC 69 119.29 -12.33 30.22
C VAL HC 69 118.86 -13.30 31.31
N VAL HC 70 118.15 -14.35 30.92
CA VAL HC 70 117.57 -15.31 31.84
C VAL HC 70 118.01 -16.70 31.46
N VAL HC 71 118.46 -17.47 32.44
CA VAL HC 71 118.79 -18.89 32.28
C VAL HC 71 117.92 -19.68 33.24
N ASN HC 72 117.18 -20.65 32.71
CA ASN HC 72 116.31 -21.49 33.50
C ASN HC 72 116.82 -22.92 33.52
N LEU HC 73 116.88 -23.52 34.71
CA LEU HC 73 117.20 -24.93 34.89
C LEU HC 73 116.02 -25.58 35.59
N THR HC 74 115.26 -26.39 34.85
CA THR HC 74 114.05 -27.01 35.38
C THR HC 74 114.20 -28.52 35.38
N ALA HC 75 113.79 -29.15 36.47
CA ALA HC 75 113.78 -30.60 36.61
C ALA HC 75 112.38 -31.08 36.96
N HIS HC 76 111.95 -32.16 36.31
CA HIS HC 76 110.64 -32.76 36.54
C HIS HC 76 110.88 -34.19 37.03
N VAL HC 77 110.67 -34.42 38.32
CA VAL HC 77 110.92 -35.71 38.93
C VAL HC 77 109.58 -36.31 39.36
N PRO HC 78 109.14 -37.41 38.74
CA PRO HC 78 107.89 -38.04 39.18
C PRO HC 78 108.04 -38.68 40.55
N VAL HC 79 106.93 -38.68 41.31
CA VAL HC 79 106.92 -39.32 42.62
C VAL HC 79 107.04 -40.83 42.46
N GLY HC 80 107.89 -41.43 43.28
CA GLY HC 80 108.12 -42.86 43.27
C GLY HC 80 109.48 -43.27 42.76
N VAL HC 81 110.20 -42.36 42.12
CA VAL HC 81 111.55 -42.64 41.63
C VAL HC 81 112.53 -42.51 42.79
N ASP HC 82 113.59 -43.31 42.74
CA ASP HC 82 114.64 -43.22 43.74
C ASP HC 82 115.41 -41.93 43.56
N ALA HC 83 115.52 -41.14 44.65
CA ALA HC 83 116.16 -39.84 44.56
C ALA HC 83 117.67 -39.96 44.40
N THR HC 84 118.28 -40.98 45.01
CA THR HC 84 119.72 -41.17 44.89
C THR HC 84 120.12 -41.46 43.44
N ALA HC 85 119.33 -42.30 42.76
CA ALA HC 85 119.61 -42.59 41.35
C ALA HC 85 119.50 -41.33 40.50
N VAL HC 86 118.48 -40.50 40.74
CA VAL HC 86 118.32 -39.27 39.99
C VAL HC 86 119.48 -38.33 40.25
N ARG HC 87 119.92 -38.21 41.51
CA ARG HC 87 121.05 -37.36 41.82
C ARG HC 87 122.33 -37.84 41.15
N THR HC 88 122.55 -39.15 41.15
CA THR HC 88 123.74 -39.70 40.48
C THR HC 88 123.69 -39.44 38.98
N TRP HC 89 122.53 -39.62 38.36
CA TRP HC 89 122.39 -39.34 36.93
C TRP HC 89 122.62 -37.87 36.63
N MET HC 90 122.07 -36.97 37.45
CA MET HC 90 122.25 -35.54 37.23
C MET HC 90 123.71 -35.14 37.39
N THR HC 91 124.41 -35.71 38.39
CA THR HC 91 125.80 -35.36 38.60
C THR HC 91 126.70 -35.88 37.48
N SER HC 92 126.54 -37.15 37.10
CA SER HC 92 127.45 -37.77 36.14
C SER HC 92 127.09 -37.50 34.69
N GLU HC 93 125.82 -37.21 34.38
CA GLU HC 93 125.37 -37.17 33.00
C GLU HC 93 124.76 -35.83 32.59
N VAL HC 94 124.01 -35.17 33.48
CA VAL HC 94 123.35 -33.93 33.12
C VAL HC 94 124.29 -32.74 33.30
N PHE HC 95 124.95 -32.66 34.45
CA PHE HC 95 125.78 -31.50 34.75
C PHE HC 95 126.94 -31.31 33.79
N PRO HC 96 127.74 -32.34 33.46
CA PRO HC 96 128.84 -32.10 32.50
C PRO HC 96 128.38 -31.59 31.14
N GLY HC 97 127.24 -32.08 30.64
CA GLY HC 97 126.75 -31.61 29.36
C GLY HC 97 126.10 -30.25 29.41
N ALA HC 98 125.43 -29.93 30.53
CA ALA HC 98 124.74 -28.66 30.65
C ALA HC 98 125.70 -27.49 30.78
N THR HC 99 126.92 -27.71 31.28
CA THR HC 99 127.92 -26.66 31.45
C THR HC 99 129.08 -26.83 30.49
N SER HC 100 128.80 -27.26 29.26
CA SER HC 100 129.81 -27.47 28.24
C SER HC 100 129.76 -26.32 27.23
N SER HC 101 130.63 -26.40 26.23
CA SER HC 101 130.60 -25.44 25.13
C SER HC 101 129.33 -25.58 24.30
N VAL HC 102 128.67 -26.73 24.37
CA VAL HC 102 127.42 -26.93 23.63
C VAL HC 102 126.38 -25.93 24.08
N THR HC 103 126.25 -25.71 25.38
CA THR HC 103 125.27 -24.76 25.89
C THR HC 103 125.58 -23.34 25.42
N LEU HC 104 126.86 -22.95 25.47
CA LEU HC 104 127.24 -21.60 25.05
C LEU HC 104 126.98 -21.40 23.56
N ASP HC 105 127.35 -22.38 22.73
CA ASP HC 105 127.12 -22.26 21.30
C ASP HC 105 125.63 -22.25 20.98
N LEU HC 106 124.84 -23.03 21.69
CA LEU HC 106 123.39 -23.00 21.48
C LEU HC 106 122.82 -21.63 21.88
N ALA HC 107 123.31 -21.06 22.97
CA ALA HC 107 122.78 -19.78 23.44
C ALA HC 107 123.13 -18.64 22.51
N THR HC 108 124.40 -18.56 22.09
CA THR HC 108 124.88 -17.39 21.38
C THR HC 108 124.95 -17.56 19.86
N LYS HC 109 124.73 -18.77 19.35
CA LYS HC 109 124.80 -18.99 17.91
C LYS HC 109 123.65 -19.82 17.35
N GLY HC 110 122.80 -20.40 18.20
CA GLY HC 110 121.76 -21.29 17.70
C GLY HC 110 122.27 -22.57 17.09
N VAL HC 111 123.34 -23.14 17.64
CA VAL HC 111 123.91 -24.36 17.11
C VAL HC 111 123.20 -25.57 17.74
N ILE HC 112 122.48 -26.32 16.91
CA ILE HC 112 121.82 -27.54 17.36
C ILE HC 112 122.44 -28.80 16.77
N HIS HC 113 123.32 -28.66 15.78
CA HIS HC 113 123.99 -29.80 15.16
C HIS HC 113 125.39 -29.91 15.74
N LEU HC 114 125.69 -31.05 16.36
CA LEU HC 114 126.95 -31.24 17.05
C LEU HC 114 128.00 -31.76 16.08
N SER HC 115 129.26 -31.42 16.34
CA SER HC 115 130.38 -31.85 15.54
C SER HC 115 131.64 -31.90 16.40
N ASP HC 116 132.56 -32.80 16.04
CA ASP HC 116 132.42 -33.85 15.05
C ASP HC 116 133.03 -35.15 15.57
N ALA HC 117 133.81 -35.04 16.63
CA ALA HC 117 134.50 -36.18 17.22
C ALA HC 117 133.95 -36.53 18.59
N LEU IC 1 116.79 28.14 67.32
CA LEU IC 1 115.86 27.12 66.85
C LEU IC 1 116.63 25.94 66.26
N SER IC 2 116.60 24.80 66.96
CA SER IC 2 117.34 23.62 66.55
C SER IC 2 116.45 22.39 66.61
N ILE IC 3 116.61 21.53 65.61
CA ILE IC 3 116.03 20.18 65.61
C ILE IC 3 117.18 19.22 65.38
N GLY IC 4 117.77 18.72 66.47
CA GLY IC 4 118.98 17.95 66.39
C GLY IC 4 120.20 18.85 66.34
N THR IC 5 121.01 18.71 65.28
CA THR IC 5 122.14 19.59 65.05
C THR IC 5 121.84 20.64 63.99
N LYS IC 6 120.61 20.72 63.52
CA LYS IC 6 120.23 21.59 62.41
C LYS IC 6 119.62 22.88 62.94
N ASN IC 7 120.07 24.01 62.40
CA ASN IC 7 119.49 25.31 62.71
C ASN IC 7 118.38 25.61 61.70
N VAL IC 8 117.15 25.67 62.19
CA VAL IC 8 115.98 25.89 61.34
C VAL IC 8 115.32 27.19 61.75
N SER IC 9 114.38 27.64 60.92
CA SER IC 9 113.56 28.81 61.19
C SER IC 9 112.13 28.50 60.82
N ILE IC 10 111.20 29.20 61.47
CA ILE IC 10 109.78 29.01 61.16
C ILE IC 10 109.51 29.43 59.73
N TYR IC 11 108.94 28.53 58.96
CA TYR IC 11 108.58 28.78 57.56
C TYR IC 11 107.09 28.81 57.34
N ARG IC 12 106.33 27.97 58.03
CA ARG IC 12 104.88 27.99 57.93
C ARG IC 12 104.29 27.63 59.28
N ASN IC 13 103.30 28.39 59.71
CA ASN IC 13 102.70 28.20 61.04
C ASN IC 13 101.20 28.02 60.85
N THR IC 14 100.72 26.81 61.15
CA THR IC 14 99.32 26.43 61.05
C THR IC 14 98.88 25.89 62.41
N ALA IC 15 97.57 25.80 62.62
CA ALA IC 15 97.04 25.41 63.92
C ALA IC 15 97.60 24.06 64.38
N ASP IC 16 97.73 23.11 63.46
CA ASP IC 16 98.12 21.75 63.84
C ASP IC 16 99.41 21.30 63.16
N GLU IC 17 100.13 22.21 62.50
CA GLU IC 17 101.36 21.83 61.83
C GLU IC 17 102.25 23.06 61.66
N VAL IC 18 103.52 22.90 61.98
CA VAL IC 18 104.53 23.94 61.79
C VAL IC 18 105.65 23.38 60.93
N ILE IC 19 105.94 24.05 59.82
CA ILE IC 19 107.02 23.67 58.93
C ILE IC 19 108.20 24.59 59.19
N TYR IC 20 109.36 24.01 59.50
CA TYR IC 20 110.61 24.73 59.66
C TYR IC 20 111.51 24.44 58.48
N ALA IC 21 112.26 25.46 58.05
CA ALA IC 21 113.12 25.36 56.89
C ALA IC 21 114.58 25.38 57.31
N GLY IC 22 115.38 24.52 56.69
CA GLY IC 22 116.80 24.48 56.94
C GLY IC 22 117.53 25.51 56.12
N PRO IC 23 118.86 25.57 56.29
CA PRO IC 23 119.64 26.58 55.56
C PRO IC 23 119.59 26.41 54.04
N ALA IC 24 119.32 25.21 53.56
CA ALA IC 24 119.33 24.92 52.13
C ALA IC 24 117.94 25.03 51.50
N HIS IC 25 116.95 25.49 52.25
CA HIS IC 25 115.60 25.62 51.73
C HIS IC 25 115.41 26.96 51.02
N ASP IC 26 114.76 26.91 49.86
CA ASP IC 26 114.45 28.09 49.07
C ASP IC 26 113.27 27.77 48.17
N VAL IC 27 113.04 28.62 47.16
CA VAL IC 27 111.91 28.41 46.26
C VAL IC 27 112.09 27.18 45.39
N THR IC 28 113.31 26.86 44.95
CA THR IC 28 113.54 25.75 44.05
C THR IC 28 114.06 24.49 44.72
N ASN IC 29 114.48 24.54 45.98
CA ASN IC 29 114.99 23.39 46.69
C ASN IC 29 114.22 23.20 47.99
N VAL IC 30 114.07 21.94 48.39
CA VAL IC 30 113.30 21.57 49.58
C VAL IC 30 114.26 21.09 50.65
N ASP IC 31 114.24 21.74 51.81
CA ASP IC 31 114.95 21.29 53.01
C ASP IC 31 114.05 21.66 54.18
N THR IC 32 113.18 20.74 54.59
CA THR IC 32 112.15 21.08 55.57
C THR IC 32 112.00 19.99 56.62
N VAL IC 33 111.65 20.41 57.82
CA VAL IC 33 111.21 19.53 58.90
C VAL IC 33 109.86 20.04 59.37
N SER IC 34 108.83 19.20 59.26
CA SER IC 34 107.46 19.57 59.60
C SER IC 34 107.02 18.79 60.84
N LEU IC 35 106.54 19.52 61.84
CA LEU IC 35 105.92 18.92 63.01
C LEU IC 35 104.40 19.01 62.87
N ARG IC 36 103.74 17.86 62.94
CA ARG IC 36 102.29 17.77 62.78
C ARG IC 36 101.71 17.02 63.97
N ARG IC 37 100.46 17.35 64.29
CA ARG IC 37 99.83 16.72 65.44
C ARG IC 37 98.36 16.51 65.16
N SER IC 38 97.81 15.48 65.81
CA SER IC 38 96.37 15.24 65.86
C SER IC 38 96.03 15.04 67.34
N LEU IC 39 95.33 16.02 67.90
CA LEU IC 39 95.02 16.03 69.32
C LEU IC 39 93.92 15.01 69.63
N PRO IC 40 93.89 14.51 70.88
CA PRO IC 40 92.87 13.52 71.24
C PRO IC 40 91.46 14.05 71.06
N VAL IC 41 90.57 13.16 70.63
CA VAL IC 41 89.15 13.46 70.49
C VAL IC 41 88.41 12.56 71.45
N LYS IC 42 87.67 13.16 72.38
CA LYS IC 42 86.96 12.44 73.43
C LYS IC 42 85.68 11.82 72.87
N LYS IC 43 85.86 10.96 71.88
CA LYS IC 43 84.74 10.32 71.21
C LYS IC 43 84.17 9.24 72.12
N GLY IC 44 82.92 9.41 72.53
CA GLY IC 44 82.27 8.42 73.39
C GLY IC 44 83.01 8.28 74.70
N SER IC 45 83.22 7.02 75.12
CA SER IC 45 83.99 6.72 76.32
C SER IC 45 85.49 6.66 76.06
N ASP IC 46 85.90 6.45 74.81
CA ASP IC 46 87.32 6.44 74.48
C ASP IC 46 87.90 7.83 74.66
N ASN IC 47 89.02 7.92 75.38
CA ASN IC 47 89.67 9.20 75.60
C ASN IC 47 90.44 9.70 74.38
N GLY IC 48 90.56 8.89 73.33
CA GLY IC 48 91.24 9.33 72.14
C GLY IC 48 92.69 8.92 72.09
N THR IC 49 93.35 9.35 71.02
CA THR IC 49 94.76 9.06 70.78
C THR IC 49 95.47 10.33 70.35
N MET IC 50 96.63 10.58 70.93
CA MET IC 50 97.50 11.67 70.49
C MET IC 50 98.39 11.15 69.37
N ARG IC 51 98.36 11.82 68.21
CA ARG IC 51 99.18 11.45 67.08
C ARG IC 51 100.22 12.53 66.84
N GLY IC 52 101.48 12.15 66.77
CA GLY IC 52 102.56 13.06 66.46
C GLY IC 52 103.28 12.62 65.20
N ASN IC 53 103.69 13.59 64.39
CA ASN IC 53 104.36 13.31 63.13
C ASN IC 53 105.53 14.25 62.93
N MET IC 54 106.70 13.68 62.66
CA MET IC 54 107.86 14.45 62.22
C MET IC 54 108.15 14.06 60.77
N ASN IC 55 108.20 15.05 59.89
CA ASN IC 55 108.42 14.85 58.47
C ASN IC 55 109.72 15.53 58.06
N PHE IC 56 110.60 14.78 57.42
CA PHE IC 56 111.86 15.32 56.90
C PHE IC 56 111.80 15.25 55.38
N ALA IC 57 111.97 16.38 54.71
CA ALA IC 57 111.90 16.43 53.26
C ALA IC 57 113.16 17.10 52.73
N LYS IC 58 113.80 16.45 51.75
CA LYS IC 58 115.00 17.00 51.13
C LYS IC 58 114.95 16.77 49.64
N SER IC 59 115.53 17.70 48.89
CA SER IC 59 115.68 17.55 47.45
C SER IC 59 117.04 16.94 47.12
N PHE IC 60 117.05 16.07 46.10
CA PHE IC 60 118.24 15.35 45.70
C PHE IC 60 118.34 15.33 44.19
N PRO IC 61 119.54 15.35 43.64
CA PRO IC 61 119.69 15.20 42.18
C PRO IC 61 119.27 13.80 41.73
N ASN IC 62 118.34 13.75 40.79
CA ASN IC 62 117.83 12.50 40.22
C ASN IC 62 118.02 12.59 38.72
N GLY IC 63 119.16 12.10 38.22
CA GLY IC 63 119.47 12.21 36.82
C GLY IC 63 119.49 13.64 36.35
N ASP IC 64 118.47 14.01 35.57
CA ASP IC 64 118.34 15.39 35.12
C ASP IC 64 117.57 16.24 36.13
N LYS IC 65 116.53 15.68 36.73
CA LYS IC 65 115.61 16.44 37.56
C LYS IC 65 116.04 16.39 39.02
N LYS IC 66 115.16 16.84 39.92
CA LYS IC 66 115.39 16.78 41.36
C LYS IC 66 114.21 16.05 41.99
N SER IC 67 114.52 15.01 42.78
CA SER IC 67 113.51 14.20 43.43
C SER IC 67 113.48 14.48 44.92
N LEU IC 68 112.34 14.22 45.54
CA LEU IC 68 112.11 14.52 46.95
C LEU IC 68 112.21 13.24 47.76
N VAL IC 69 113.12 13.23 48.74
CA VAL IC 69 113.25 12.14 49.70
C VAL IC 69 112.59 12.58 51.00
N VAL IC 70 111.69 11.74 51.52
CA VAL IC 70 110.88 12.05 52.68
C VAL IC 70 111.04 10.94 53.70
N VAL IC 71 111.31 11.30 54.95
CA VAL IC 71 111.37 10.38 56.07
C VAL IC 71 110.30 10.78 57.07
N ASN IC 72 109.42 9.86 57.41
CA ASN IC 72 108.35 10.12 58.35
C ASN IC 72 108.58 9.36 59.65
N LEU IC 73 108.22 10.00 60.76
CA LEU IC 73 108.26 9.37 62.08
C LEU IC 73 106.94 9.71 62.77
N THR IC 74 106.05 8.72 62.89
CA THR IC 74 104.74 8.93 63.47
C THR IC 74 104.60 8.10 64.73
N ALA IC 75 104.06 8.72 65.77
CA ALA IC 75 103.79 8.07 67.04
C ALA IC 75 102.31 8.20 67.38
N HIS IC 76 101.74 7.12 67.90
CA HIS IC 76 100.35 7.06 68.33
C HIS IC 76 100.34 6.67 69.81
N VAL IC 77 99.95 7.61 70.67
CA VAL IC 77 99.90 7.34 72.10
C VAL IC 77 98.47 7.44 72.58
N PRO IC 78 97.85 6.34 73.02
CA PRO IC 78 96.49 6.44 73.56
C PRO IC 78 96.46 7.25 74.84
N VAL IC 79 95.36 7.97 75.05
CA VAL IC 79 95.21 8.79 76.25
C VAL IC 79 94.99 7.89 77.45
N GLY IC 80 95.71 8.18 78.54
CA GLY IC 80 95.65 7.39 79.76
C GLY IC 80 96.92 6.59 80.01
N VAL IC 81 97.63 6.22 78.94
CA VAL IC 81 98.91 5.54 79.10
C VAL IC 81 99.90 6.50 79.74
N ASP IC 82 100.67 5.98 80.70
CA ASP IC 82 101.66 6.80 81.40
C ASP IC 82 102.70 7.32 80.41
N ALA IC 83 102.96 8.62 80.47
CA ALA IC 83 103.85 9.24 79.49
C ALA IC 83 105.31 8.86 79.74
N THR IC 84 105.71 8.75 81.00
CA THR IC 84 107.11 8.44 81.30
C THR IC 84 107.50 7.06 80.80
N ALA IC 85 106.60 6.08 80.92
CA ALA IC 85 106.87 4.75 80.40
C ALA IC 85 107.05 4.78 78.89
N VAL IC 86 106.19 5.52 78.18
CA VAL IC 86 106.33 5.64 76.74
C VAL IC 86 107.65 6.31 76.38
N ARG IC 87 108.03 7.34 77.12
CA ARG IC 87 109.26 8.06 76.80
C ARG IC 87 110.49 7.21 77.04
N THR IC 88 110.52 6.43 78.13
CA THR IC 88 111.68 5.57 78.35
C THR IC 88 111.70 4.40 77.37
N TRP IC 89 110.53 3.90 76.96
CA TRP IC 89 110.48 2.88 75.91
C TRP IC 89 111.03 3.43 74.60
N MET IC 90 110.67 4.67 74.27
CA MET IC 90 111.17 5.29 73.04
C MET IC 90 112.67 5.51 73.10
N THR IC 91 113.16 6.01 74.23
CA THR IC 91 114.58 6.32 74.35
C THR IC 91 115.43 5.05 74.35
N SER IC 92 114.95 3.99 75.00
CA SER IC 92 115.75 2.78 75.17
C SER IC 92 115.50 1.74 74.10
N GLU IC 93 114.28 1.61 73.60
CA GLU IC 93 113.92 0.52 72.71
C GLU IC 93 113.64 0.96 71.27
N VAL IC 94 113.11 2.15 71.07
CA VAL IC 94 112.70 2.57 69.73
C VAL IC 94 113.81 3.34 69.03
N PHE IC 95 114.38 4.33 69.71
CA PHE IC 95 115.39 5.20 69.13
C PHE IC 95 116.66 4.45 68.71
N PRO IC 96 117.25 3.60 69.57
CA PRO IC 96 118.46 2.89 69.13
C PRO IC 96 118.24 2.00 67.92
N GLY IC 97 117.08 1.36 67.80
CA GLY IC 97 116.83 0.53 66.63
C GLY IC 97 116.37 1.30 65.42
N ALA IC 98 115.86 2.52 65.62
CA ALA IC 98 115.37 3.33 64.52
C ALA IC 98 116.46 4.11 63.81
N THR IC 99 117.67 4.16 64.37
CA THR IC 99 118.77 4.91 63.80
C THR IC 99 119.96 4.01 63.45
N SER IC 100 119.75 2.70 63.42
CA SER IC 100 120.81 1.76 63.13
C SER IC 100 120.96 1.59 61.62
N SER IC 101 121.85 0.69 61.21
CA SER IC 101 122.03 0.40 59.78
C SER IC 101 120.82 -0.31 59.19
N VAL IC 102 119.98 -0.91 60.03
CA VAL IC 102 118.78 -1.58 59.53
C VAL IC 102 117.88 -0.58 58.82
N THR IC 103 117.71 0.61 59.41
CA THR IC 103 116.91 1.65 58.77
C THR IC 103 117.51 2.06 57.43
N LEU IC 104 118.84 2.19 57.36
CA LEU IC 104 119.48 2.59 56.11
C LEU IC 104 119.27 1.54 55.02
N ASP IC 105 119.46 0.26 55.35
CA ASP IC 105 119.25 -0.79 54.36
C ASP IC 105 117.78 -0.88 53.94
N LEU IC 106 116.85 -0.73 54.88
CA LEU IC 106 115.44 -0.77 54.54
C LEU IC 106 115.06 0.40 53.63
N ALA IC 107 115.60 1.59 53.89
CA ALA IC 107 115.26 2.76 53.10
C ALA IC 107 115.88 2.72 51.71
N THR IC 108 117.13 2.26 51.61
CA THR IC 108 117.83 2.30 50.33
C THR IC 108 117.68 1.03 49.52
N LYS IC 109 117.55 -0.13 50.17
CA LYS IC 109 117.50 -1.40 49.46
C LYS IC 109 116.27 -2.25 49.78
N GLY IC 110 115.44 -1.85 50.74
CA GLY IC 110 114.27 -2.63 51.08
C GLY IC 110 114.57 -3.92 51.82
N VAL IC 111 115.64 -3.95 52.61
CA VAL IC 111 116.03 -5.16 53.32
C VAL IC 111 115.15 -5.33 54.55
N ILE IC 112 114.48 -6.47 54.64
CA ILE IC 112 113.59 -6.77 55.76
C ILE IC 112 114.06 -7.97 56.58
N HIS IC 113 115.18 -8.59 56.21
CA HIS IC 113 115.76 -9.70 56.95
C HIS IC 113 117.10 -9.26 57.51
N LEU IC 114 117.17 -9.08 58.83
CA LEU IC 114 118.38 -8.57 59.47
C LEU IC 114 119.19 -9.73 60.03
N SER IC 115 119.60 -10.63 59.13
CA SER IC 115 120.40 -11.77 59.52
C SER IC 115 121.85 -11.35 59.79
N ASP IC 116 122.45 -11.96 60.80
CA ASP IC 116 121.82 -12.92 61.71
C ASP IC 116 122.17 -12.60 63.16
N ALA IC 117 123.28 -11.88 63.34
CA ALA IC 117 123.75 -11.52 64.68
C ALA IC 117 122.94 -10.36 65.25
N LEU JC 1 -41.98 42.13 -123.81
CA LEU JC 1 -41.01 42.47 -122.79
C LEU JC 1 -39.64 42.74 -123.41
N SER JC 2 -39.10 43.92 -123.14
CA SER JC 2 -37.81 44.31 -123.67
C SER JC 2 -37.04 45.09 -122.62
N ILE JC 3 -35.71 44.95 -122.67
CA ILE JC 3 -34.80 45.69 -121.81
C ILE JC 3 -33.78 46.34 -122.75
N GLY JC 4 -33.97 47.62 -123.05
CA GLY JC 4 -33.20 48.24 -124.11
C GLY JC 4 -33.65 47.71 -125.45
N THR JC 5 -32.74 47.03 -126.16
CA THR JC 5 -33.06 46.44 -127.46
C THR JC 5 -33.14 44.91 -127.42
N LYS JC 6 -33.09 44.32 -126.22
CA LYS JC 6 -33.10 42.88 -126.07
C LYS JC 6 -34.44 42.39 -125.57
N ASN JC 7 -34.97 41.33 -126.19
CA ASN JC 7 -36.22 40.73 -125.76
C ASN JC 7 -35.96 39.74 -124.64
N VAL JC 8 -36.77 39.83 -123.58
CA VAL JC 8 -36.62 38.99 -122.40
C VAL JC 8 -37.97 38.40 -122.03
N SER JC 9 -37.93 37.42 -121.13
CA SER JC 9 -39.12 36.80 -120.58
C SER JC 9 -38.94 36.66 -119.09
N ILE JC 10 -40.04 36.72 -118.34
CA ILE JC 10 -39.97 36.53 -116.90
C ILE JC 10 -39.47 35.12 -116.62
N TYR JC 11 -38.40 35.02 -115.84
CA TYR JC 11 -37.79 33.74 -115.49
C TYR JC 11 -37.97 33.37 -114.02
N ARG JC 12 -37.71 34.31 -113.11
CA ARG JC 12 -37.91 34.06 -111.69
C ARG JC 12 -38.55 35.28 -111.05
N ASN JC 13 -39.54 35.04 -110.19
CA ASN JC 13 -40.28 36.12 -109.55
C ASN JC 13 -40.19 35.93 -108.04
N THR JC 14 -39.70 36.96 -107.35
CA THR JC 14 -39.75 37.00 -105.88
C THR JC 14 -40.38 38.32 -105.44
N ALA JC 15 -40.44 38.54 -104.13
CA ALA JC 15 -41.11 39.74 -103.63
C ALA JC 15 -40.39 41.01 -104.06
N ASP JC 16 -39.07 41.02 -104.01
CA ASP JC 16 -38.29 42.22 -104.31
C ASP JC 16 -37.28 42.02 -105.44
N GLU JC 17 -37.36 40.93 -106.18
CA GLU JC 17 -36.44 40.70 -107.28
C GLU JC 17 -37.13 39.91 -108.38
N VAL JC 18 -36.94 40.36 -109.62
CA VAL JC 18 -37.41 39.63 -110.80
C VAL JC 18 -36.24 39.41 -111.73
N ILE JC 19 -36.02 38.15 -112.10
CA ILE JC 19 -34.99 37.77 -113.06
C ILE JC 19 -35.66 37.48 -114.39
N TYR JC 20 -35.16 38.13 -115.45
CA TYR JC 20 -35.60 37.91 -116.82
C TYR JC 20 -34.50 37.19 -117.59
N ALA JC 21 -34.89 36.31 -118.49
CA ALA JC 21 -33.97 35.48 -119.25
C ALA JC 21 -33.91 35.98 -120.69
N GLY JC 22 -32.69 36.08 -121.23
CA GLY JC 22 -32.50 36.48 -122.60
C GLY JC 22 -32.67 35.31 -123.56
N PRO JC 23 -32.56 35.59 -124.86
CA PRO JC 23 -32.78 34.53 -125.86
C PRO JC 23 -31.75 33.41 -125.79
N ALA JC 24 -30.57 33.64 -125.22
CA ALA JC 24 -29.52 32.65 -125.18
C ALA JC 24 -29.45 31.90 -123.86
N HIS JC 25 -30.40 32.13 -122.96
CA HIS JC 25 -30.36 31.50 -121.65
C HIS JC 25 -30.94 30.09 -121.72
N ASP JC 26 -30.16 29.12 -121.25
CA ASP JC 26 -30.62 27.74 -121.15
C ASP JC 26 -29.87 27.08 -119.99
N VAL JC 27 -29.88 25.75 -119.96
CA VAL JC 27 -29.26 24.99 -118.87
C VAL JC 27 -27.75 25.20 -118.87
N THR JC 28 -27.17 25.45 -120.05
CA THR JC 28 -25.73 25.56 -120.18
C THR JC 28 -25.22 27.00 -120.24
N ASN JC 29 -25.98 27.91 -120.83
CA ASN JC 29 -25.52 29.28 -121.03
C ASN JC 29 -26.38 30.24 -120.20
N VAL JC 30 -25.72 31.21 -119.58
CA VAL JC 30 -26.40 32.22 -118.77
C VAL JC 30 -26.54 33.49 -119.59
N ASP JC 31 -27.78 34.01 -119.66
CA ASP JC 31 -28.05 35.31 -120.27
C ASP JC 31 -29.25 35.87 -119.50
N THR JC 32 -28.95 36.66 -118.47
CA THR JC 32 -30.02 37.11 -117.57
C THR JC 32 -29.86 38.57 -117.22
N VAL JC 33 -31.00 39.21 -116.95
CA VAL JC 33 -31.05 40.57 -116.39
C VAL JC 33 -31.97 40.53 -115.19
N SER JC 34 -31.47 40.97 -114.05
CA SER JC 34 -32.21 40.94 -112.79
C SER JC 34 -32.51 42.37 -112.33
N LEU JC 35 -33.73 42.58 -111.85
CA LEU JC 35 -34.14 43.85 -111.26
C LEU JC 35 -34.47 43.61 -109.80
N ARG JC 36 -33.78 44.32 -108.92
CA ARG JC 36 -33.95 44.15 -107.48
C ARG JC 36 -34.20 45.50 -106.83
N ARG JC 37 -35.06 45.53 -105.83
CA ARG JC 37 -35.37 46.74 -105.10
C ARG JC 37 -35.20 46.52 -103.61
N SER JC 38 -34.70 47.54 -102.94
CA SER JC 38 -34.64 47.63 -101.48
C SER JC 38 -35.43 48.87 -101.12
N LEU JC 39 -36.65 48.66 -100.65
CA LEU JC 39 -37.53 49.77 -100.34
C LEU JC 39 -37.08 50.47 -99.05
N PRO JC 40 -37.33 51.77 -98.94
CA PRO JC 40 -36.88 52.50 -97.75
C PRO JC 40 -37.53 51.99 -96.48
N VAL JC 41 -36.76 51.96 -95.41
CA VAL JC 41 -37.25 51.63 -94.08
C VAL JC 41 -37.14 52.91 -93.26
N LYS JC 42 -38.27 53.57 -93.04
CA LYS JC 42 -38.30 54.88 -92.37
C LYS JC 42 -38.25 54.66 -90.86
N LYS JC 43 -37.13 54.13 -90.40
CA LYS JC 43 -36.88 53.90 -89.00
C LYS JC 43 -36.57 55.21 -88.28
N GLY JC 44 -36.96 55.28 -87.01
CA GLY JC 44 -36.75 56.48 -86.21
C GLY JC 44 -37.27 57.73 -86.88
N SER JC 45 -36.36 58.64 -87.21
CA SER JC 45 -36.70 59.86 -87.94
C SER JC 45 -36.24 59.85 -89.38
N ASP JC 46 -35.15 59.14 -89.70
CA ASP JC 46 -34.67 59.07 -91.06
C ASP JC 46 -35.66 58.31 -91.94
N ASN JC 47 -35.91 58.83 -93.13
CA ASN JC 47 -36.89 58.24 -94.03
C ASN JC 47 -36.33 57.13 -94.90
N GLY JC 48 -35.06 56.77 -94.72
CA GLY JC 48 -34.48 55.65 -95.42
C GLY JC 48 -34.05 55.97 -96.83
N THR JC 49 -33.60 54.93 -97.53
CA THR JC 49 -33.06 55.04 -98.87
C THR JC 49 -33.71 54.01 -99.78
N MET JC 50 -34.05 54.43 -100.99
CA MET JC 50 -34.52 53.52 -102.03
C MET JC 50 -33.31 53.03 -102.81
N ARG JC 51 -33.12 51.71 -102.87
CA ARG JC 51 -31.98 51.11 -103.55
C ARG JC 51 -32.48 50.32 -104.76
N GLY JC 52 -32.03 50.70 -105.94
CA GLY JC 52 -32.41 49.98 -107.14
C GLY JC 52 -31.23 49.34 -107.83
N ASN JC 53 -31.23 48.01 -107.95
CA ASN JC 53 -30.10 47.27 -108.50
C ASN JC 53 -30.51 46.59 -109.80
N MET JC 54 -29.69 46.78 -110.84
CA MET JC 54 -29.90 46.15 -112.14
C MET JC 54 -28.67 45.30 -112.45
N ASN JC 55 -28.90 44.01 -112.69
CA ASN JC 55 -27.86 43.01 -112.81
C ASN JC 55 -27.86 42.43 -114.22
N PHE JC 56 -26.69 42.35 -114.84
CA PHE JC 56 -26.53 41.72 -116.14
C PHE JC 56 -25.55 40.57 -116.00
N ALA JC 57 -25.97 39.37 -116.38
CA ALA JC 57 -25.14 38.18 -116.22
C ALA JC 57 -25.04 37.46 -117.55
N LYS JC 58 -23.80 37.13 -117.95
CA LYS JC 58 -23.56 36.44 -119.20
C LYS JC 58 -22.42 35.45 -119.04
N SER JC 59 -22.60 34.23 -119.54
CA SER JC 59 -21.53 33.26 -119.54
C SER JC 59 -20.63 33.43 -120.76
N PHE JC 60 -19.34 33.26 -120.55
CA PHE JC 60 -18.32 33.43 -121.57
C PHE JC 60 -17.37 32.25 -121.55
N PRO JC 61 -16.80 31.87 -122.69
CA PRO JC 61 -15.77 30.82 -122.70
C PRO JC 61 -14.53 31.29 -121.97
N ASN JC 62 -13.95 30.40 -121.16
CA ASN JC 62 -12.74 30.69 -120.40
C ASN JC 62 -11.92 29.39 -120.40
N GLY JC 63 -11.00 29.28 -121.35
CA GLY JC 63 -10.29 28.03 -121.53
C GLY JC 63 -11.27 26.93 -121.86
N ASP JC 64 -11.21 25.84 -121.10
CA ASP JC 64 -12.16 24.76 -121.27
C ASP JC 64 -13.46 24.96 -120.51
N LYS JC 65 -13.50 25.91 -119.58
CA LYS JC 65 -14.67 26.10 -118.73
C LYS JC 65 -15.45 27.32 -119.17
N LYS JC 66 -16.48 27.68 -118.41
CA LYS JC 66 -17.28 28.88 -118.64
C LYS JC 66 -17.20 29.77 -117.41
N SER JC 67 -17.16 31.07 -117.65
CA SER JC 67 -17.03 32.07 -116.58
C SER JC 67 -18.16 33.07 -116.69
N LEU JC 68 -18.69 33.49 -115.55
CA LEU JC 68 -19.78 34.43 -115.49
C LEU JC 68 -19.24 35.85 -115.42
N VAL JC 69 -19.64 36.70 -116.36
CA VAL JC 69 -19.37 38.13 -116.32
C VAL JC 69 -20.64 38.83 -115.86
N VAL JC 70 -20.52 39.64 -114.82
CA VAL JC 70 -21.64 40.31 -114.18
C VAL JC 70 -21.38 41.81 -114.19
N VAL JC 71 -22.38 42.59 -114.62
CA VAL JC 71 -22.34 44.04 -114.58
C VAL JC 71 -23.48 44.51 -113.68
N ASN JC 72 -23.14 45.32 -112.68
CA ASN JC 72 -24.11 45.81 -111.71
C ASN JC 72 -24.28 47.31 -111.88
N LEU JC 73 -25.52 47.78 -111.79
CA LEU JC 73 -25.84 49.21 -111.81
C LEU JC 73 -26.81 49.48 -110.67
N THR JC 74 -26.34 50.18 -109.63
CA THR JC 74 -27.11 50.39 -108.42
C THR JC 74 -27.29 51.88 -108.15
N ALA JC 75 -28.53 52.28 -107.90
CA ALA JC 75 -28.86 53.65 -107.54
C ALA JC 75 -29.30 53.70 -106.09
N HIS JC 76 -28.78 54.67 -105.34
CA HIS JC 76 -29.13 54.88 -103.94
C HIS JC 76 -29.75 56.28 -103.83
N VAL JC 77 -31.06 56.35 -103.71
CA VAL JC 77 -31.77 57.63 -103.68
C VAL JC 77 -32.36 57.81 -102.28
N PRO JC 78 -31.88 58.78 -101.49
CA PRO JC 78 -32.51 59.05 -100.19
C PRO JC 78 -33.92 59.59 -100.36
N VAL JC 79 -34.78 59.27 -99.39
CA VAL JC 79 -36.17 59.68 -99.47
C VAL JC 79 -36.30 61.16 -99.18
N GLY JC 80 -37.07 61.86 -100.01
CA GLY JC 80 -37.25 63.30 -99.92
C GLY JC 80 -36.59 64.05 -101.07
N VAL JC 81 -35.62 63.42 -101.72
CA VAL JC 81 -34.98 64.04 -102.89
C VAL JC 81 -35.96 64.01 -104.06
N ASP JC 82 -36.01 65.11 -104.79
CA ASP JC 82 -36.92 65.21 -105.93
C ASP JC 82 -36.58 64.16 -106.98
N ALA JC 83 -37.57 63.35 -107.34
CA ALA JC 83 -37.35 62.29 -108.32
C ALA JC 83 -37.01 62.85 -109.69
N THR JC 84 -37.66 63.94 -110.10
CA THR JC 84 -37.39 64.53 -111.41
C THR JC 84 -35.95 65.02 -111.51
N ALA JC 85 -35.45 65.67 -110.47
CA ALA JC 85 -34.06 66.14 -110.48
C ALA JC 85 -33.09 64.97 -110.57
N VAL JC 86 -33.35 63.89 -109.84
CA VAL JC 86 -32.49 62.71 -109.89
C VAL JC 86 -32.51 62.10 -111.27
N ARG JC 87 -33.69 62.01 -111.88
CA ARG JC 87 -33.79 61.44 -113.23
C ARG JC 87 -33.04 62.30 -114.25
N THR JC 88 -33.16 63.63 -114.13
CA THR JC 88 -32.44 64.51 -115.03
C THR JC 88 -30.93 64.37 -114.86
N TRP JC 89 -30.47 64.26 -113.61
CA TRP JC 89 -29.04 64.07 -113.35
C TRP JC 89 -28.56 62.74 -113.93
N MET JC 90 -29.35 61.67 -113.75
CA MET JC 90 -28.95 60.36 -114.26
C MET JC 90 -28.92 60.36 -115.79
N THR JC 91 -29.88 61.02 -116.43
CA THR JC 91 -29.94 61.03 -117.88
C THR JC 91 -28.84 61.89 -118.50
N SER JC 92 -28.58 63.06 -117.93
CA SER JC 92 -27.65 64.00 -118.54
C SER JC 92 -26.20 63.79 -118.08
N GLU JC 93 -25.98 63.20 -116.93
CA GLU JC 93 -24.63 63.08 -116.37
C GLU JC 93 -24.18 61.64 -116.19
N VAL JC 94 -24.99 60.78 -115.59
CA VAL JC 94 -24.55 59.43 -115.26
C VAL JC 94 -24.60 58.53 -116.49
N PHE JC 95 -25.70 58.59 -117.25
CA PHE JC 95 -25.86 57.68 -118.38
C PHE JC 95 -24.79 57.87 -119.45
N PRO JC 96 -24.49 59.09 -119.93
CA PRO JC 96 -23.42 59.22 -120.93
C PRO JC 96 -22.06 58.76 -120.42
N GLY JC 97 -21.75 58.98 -119.15
CA GLY JC 97 -20.46 58.59 -118.62
C GLY JC 97 -20.33 57.11 -118.35
N ALA JC 98 -21.44 56.44 -118.04
CA ALA JC 98 -21.43 55.02 -117.73
C ALA JC 98 -21.50 54.14 -118.97
N THR JC 99 -21.62 54.75 -120.15
CA THR JC 99 -21.65 54.01 -121.41
C THR JC 99 -20.53 54.43 -122.35
N SER JC 100 -19.52 55.13 -121.82
CA SER JC 100 -18.41 55.59 -122.63
C SER JC 100 -17.31 54.52 -122.67
N SER JC 101 -16.23 54.83 -123.37
CA SER JC 101 -15.08 53.94 -123.40
C SER JC 101 -14.40 53.85 -122.04
N VAL JC 102 -14.66 54.81 -121.14
CA VAL JC 102 -14.09 54.78 -119.80
C VAL JC 102 -14.59 53.54 -119.06
N THR JC 103 -15.90 53.26 -119.14
CA THR JC 103 -16.45 52.09 -118.48
C THR JC 103 -15.88 50.80 -119.06
N LEU JC 104 -15.77 50.72 -120.38
CA LEU JC 104 -15.22 49.53 -121.02
C LEU JC 104 -13.77 49.31 -120.60
N ASP JC 105 -12.97 50.37 -120.58
CA ASP JC 105 -11.57 50.26 -120.19
C ASP JC 105 -11.45 49.84 -118.73
N LEU JC 106 -12.27 50.42 -117.84
CA LEU JC 106 -12.22 50.03 -116.44
C LEU JC 106 -12.62 48.58 -116.24
N ALA JC 107 -13.64 48.12 -116.98
CA ALA JC 107 -14.13 46.76 -116.79
C ALA JC 107 -13.15 45.73 -117.33
N THR JC 108 -12.61 45.95 -118.53
CA THR JC 108 -11.82 44.93 -119.19
C THR JC 108 -10.31 45.10 -119.04
N LYS JC 109 -9.84 46.24 -118.53
CA LYS JC 109 -8.41 46.46 -118.36
C LYS JC 109 -8.06 47.03 -116.99
N GLY JC 110 -9.03 47.41 -116.18
CA GLY JC 110 -8.74 48.04 -114.91
C GLY JC 110 -8.10 49.42 -115.03
N VAL JC 111 -8.52 50.21 -116.00
CA VAL JC 111 -7.96 51.54 -116.21
C VAL JC 111 -8.73 52.55 -115.37
N ILE JC 112 -8.03 53.20 -114.43
CA ILE JC 112 -8.62 54.21 -113.57
C ILE JC 112 -8.11 55.60 -113.86
N HIS JC 113 -7.20 55.75 -114.83
CA HIS JC 113 -6.68 57.05 -115.25
C HIS JC 113 -7.18 57.32 -116.66
N LEU JC 114 -8.11 58.27 -116.80
CA LEU JC 114 -8.67 58.60 -118.11
C LEU JC 114 -7.97 59.83 -118.67
N SER JC 115 -6.70 59.65 -119.02
CA SER JC 115 -5.92 60.70 -119.67
C SER JC 115 -6.16 60.67 -121.18
N ASP JC 116 -5.98 61.83 -121.82
CA ASP JC 116 -5.69 63.14 -121.26
C ASP JC 116 -6.53 64.21 -121.93
N ALA JC 117 -7.18 63.83 -123.03
CA ALA JC 117 -7.97 64.76 -123.83
C ALA JC 117 -9.11 65.38 -123.02
N LEU KC 1 -9.75 66.62 -119.91
CA LEU KC 1 -10.14 65.50 -119.05
C LEU KC 1 -11.65 65.46 -118.89
N SER KC 2 -12.28 64.47 -119.51
CA SER KC 2 -13.73 64.37 -119.50
C SER KC 2 -14.16 62.92 -119.33
N ILE KC 3 -15.29 62.75 -118.65
CA ILE KC 3 -15.95 61.46 -118.52
C ILE KC 3 -17.35 61.64 -119.10
N GLY KC 4 -17.63 60.94 -120.19
CA GLY KC 4 -18.87 61.16 -120.91
C GLY KC 4 -18.92 62.56 -121.48
N THR KC 5 -19.94 63.33 -121.11
CA THR KC 5 -20.05 64.72 -121.51
C THR KC 5 -19.61 65.69 -120.43
N LYS KC 6 -19.18 65.19 -119.27
CA LYS KC 6 -18.82 66.03 -118.14
C LYS KC 6 -17.31 66.17 -118.06
N ASN KC 7 -16.84 67.41 -118.11
CA ASN KC 7 -15.42 67.67 -117.86
C ASN KC 7 -15.12 67.54 -116.37
N VAL KC 8 -14.01 66.87 -116.05
CA VAL KC 8 -13.62 66.62 -114.68
C VAL KC 8 -12.13 66.93 -114.53
N SER KC 9 -11.69 67.01 -113.28
CA SER KC 9 -10.29 67.17 -112.94
C SER KC 9 -9.93 66.16 -111.85
N ILE KC 10 -8.65 65.81 -111.78
CA ILE KC 10 -8.19 64.88 -110.76
C ILE KC 10 -8.34 65.52 -109.39
N TYR KC 11 -9.09 64.86 -108.52
CA TYR KC 11 -9.31 65.33 -107.16
C TYR KC 11 -8.50 64.58 -106.13
N ARG KC 12 -8.49 63.25 -106.20
CA ARG KC 12 -7.69 62.44 -105.30
C ARG KC 12 -7.20 61.21 -106.05
N ASN KC 13 -6.02 60.74 -105.68
CA ASN KC 13 -5.34 59.68 -106.43
C ASN KC 13 -4.68 58.72 -105.45
N THR KC 14 -5.24 57.52 -105.33
CA THR KC 14 -4.63 56.42 -104.60
C THR KC 14 -4.18 55.34 -105.58
N ALA KC 15 -3.68 54.23 -105.02
CA ALA KC 15 -3.11 53.18 -105.86
C ALA KC 15 -4.17 52.55 -106.77
N ASP KC 16 -5.35 52.25 -106.23
CA ASP KC 16 -6.38 51.56 -106.99
C ASP KC 16 -7.68 52.36 -107.13
N GLU KC 17 -7.69 53.62 -106.72
CA GLU KC 17 -8.87 54.45 -106.88
C GLU KC 17 -8.45 55.87 -107.22
N VAL KC 18 -9.11 56.45 -108.22
CA VAL KC 18 -8.93 57.85 -108.57
C VAL KC 18 -10.29 58.53 -108.52
N ILE KC 19 -10.40 59.58 -107.71
CA ILE KC 19 -11.62 60.36 -107.60
C ILE KC 19 -11.44 61.64 -108.41
N TYR KC 20 -12.36 61.88 -109.34
CA TYR KC 20 -12.39 63.09 -110.14
C TYR KC 20 -13.57 63.96 -109.70
N ALA KC 21 -13.38 65.27 -109.78
CA ALA KC 21 -14.37 66.24 -109.35
C ALA KC 21 -14.93 66.98 -110.54
N GLY KC 22 -16.25 67.14 -110.57
CA GLY KC 22 -16.89 67.91 -111.60
C GLY KC 22 -16.69 69.40 -111.39
N PRO KC 23 -17.14 70.22 -112.34
CA PRO KC 23 -16.94 71.68 -112.19
C PRO KC 23 -17.61 72.25 -110.95
N ALA KC 24 -18.73 71.68 -110.53
CA ALA KC 24 -19.48 72.20 -109.39
C ALA KC 24 -18.96 71.70 -108.05
N HIS KC 25 -18.09 70.69 -108.04
CA HIS KC 25 -17.65 70.10 -106.78
C HIS KC 25 -16.91 71.14 -105.92
N ASP KC 26 -17.25 71.15 -104.64
CA ASP KC 26 -16.65 72.08 -103.69
C ASP KC 26 -16.71 71.45 -102.30
N VAL KC 27 -16.44 72.27 -101.27
CA VAL KC 27 -16.38 71.78 -99.90
C VAL KC 27 -17.75 71.44 -99.34
N THR KC 28 -18.83 71.98 -99.91
CA THR KC 28 -20.18 71.70 -99.44
C THR KC 28 -21.06 70.99 -100.46
N ASN KC 29 -20.74 71.05 -101.75
CA ASN KC 29 -21.48 70.34 -102.79
C ASN KC 29 -20.60 69.21 -103.31
N VAL KC 30 -21.13 67.99 -103.28
CA VAL KC 30 -20.41 66.83 -103.79
C VAL KC 30 -20.82 66.59 -105.24
N ASP KC 31 -19.83 66.56 -106.13
CA ASP KC 31 -20.03 66.20 -107.53
C ASP KC 31 -18.78 65.43 -107.94
N THR KC 32 -18.82 64.10 -107.79
CA THR KC 32 -17.63 63.29 -107.96
C THR KC 32 -17.89 62.04 -108.79
N VAL KC 33 -16.88 61.65 -109.55
CA VAL KC 33 -16.85 60.38 -110.26
C VAL KC 33 -15.61 59.63 -109.80
N SER KC 34 -15.82 58.50 -109.14
CA SER KC 34 -14.73 57.66 -108.67
C SER KC 34 -14.53 56.48 -109.60
N LEU KC 35 -13.28 56.19 -109.93
CA LEU KC 35 -12.91 54.98 -110.65
C LEU KC 35 -12.07 54.13 -109.71
N ARG KC 36 -12.61 52.97 -109.33
CA ARG KC 36 -11.95 52.07 -108.39
C ARG KC 36 -11.79 50.71 -109.04
N ARG KC 37 -10.72 50.02 -108.68
CA ARG KC 37 -10.47 48.69 -109.22
C ARG KC 37 -10.00 47.77 -108.12
N SER KC 38 -10.39 46.50 -108.23
CA SER KC 38 -9.87 45.42 -107.42
C SER KC 38 -9.18 44.45 -108.37
N LEU KC 39 -7.86 44.37 -108.28
CA LEU KC 39 -7.08 43.57 -109.20
C LEU KC 39 -7.26 42.09 -108.91
N PRO KC 40 -7.17 41.25 -109.94
CA PRO KC 40 -7.36 39.80 -109.74
C PRO KC 40 -6.32 39.22 -108.79
N VAL KC 41 -6.78 38.42 -107.85
CA VAL KC 41 -5.91 37.75 -106.90
C VAL KC 41 -5.91 36.27 -107.24
N LYS KC 42 -4.74 35.75 -107.63
CA LYS KC 42 -4.60 34.35 -108.02
C LYS KC 42 -4.61 33.54 -106.73
N LYS KC 43 -5.68 32.79 -106.53
CA LYS KC 43 -5.83 31.91 -105.37
C LYS KC 43 -6.19 30.52 -105.85
N GLY KC 44 -5.35 29.54 -105.51
CA GLY KC 44 -5.60 28.17 -105.93
C GLY KC 44 -5.55 28.05 -107.44
N SER KC 45 -6.46 27.24 -107.99
CA SER KC 45 -6.56 27.07 -109.43
C SER KC 45 -7.30 28.21 -110.10
N ASP KC 46 -7.98 29.07 -109.34
CA ASP KC 46 -8.69 30.21 -109.91
C ASP KC 46 -7.72 31.37 -110.10
N ASN KC 47 -7.73 31.93 -111.31
CA ASN KC 47 -6.85 33.04 -111.63
C ASN KC 47 -7.32 34.37 -111.08
N GLY KC 48 -8.51 34.43 -110.52
CA GLY KC 48 -9.03 35.64 -109.92
C GLY KC 48 -10.05 36.34 -110.82
N THR KC 49 -10.45 37.52 -110.36
CA THR KC 49 -11.46 38.32 -111.05
C THR KC 49 -11.12 39.78 -110.89
N MET KC 50 -11.15 40.53 -112.00
CA MET KC 50 -10.98 41.96 -111.96
C MET KC 50 -12.33 42.62 -111.68
N ARG KC 51 -12.38 43.48 -110.67
CA ARG KC 51 -13.57 44.22 -110.33
C ARG KC 51 -13.36 45.69 -110.70
N GLY KC 52 -14.30 46.25 -111.44
CA GLY KC 52 -14.23 47.66 -111.79
C GLY KC 52 -15.46 48.40 -111.33
N ASN KC 53 -15.29 49.41 -110.48
CA ASN KC 53 -16.38 50.18 -109.91
C ASN KC 53 -16.31 51.61 -110.40
N MET KC 54 -17.43 52.13 -110.88
CA MET KC 54 -17.57 53.50 -111.32
C MET KC 54 -18.66 54.15 -110.49
N ASN KC 55 -18.28 55.11 -109.65
CA ASN KC 55 -19.16 55.71 -108.67
C ASN KC 55 -19.50 57.14 -109.08
N PHE KC 56 -20.78 57.47 -109.08
CA PHE KC 56 -21.25 58.83 -109.31
C PHE KC 56 -21.90 59.31 -108.01
N ALA KC 57 -21.38 60.40 -107.46
CA ALA KC 57 -21.91 60.96 -106.22
C ALA KC 57 -22.31 62.41 -106.47
N LYS KC 58 -23.54 62.75 -106.09
CA LYS KC 58 -24.07 64.10 -106.27
C LYS KC 58 -24.87 64.53 -105.05
N SER KC 59 -24.71 65.78 -104.65
CA SER KC 59 -25.49 66.36 -103.57
C SER KC 59 -26.81 66.89 -104.11
N PHE KC 60 -27.88 66.67 -103.35
CA PHE KC 60 -29.22 67.09 -103.76
C PHE KC 60 -29.94 67.71 -102.58
N PRO KC 61 -30.77 68.73 -102.82
CA PRO KC 61 -31.60 69.28 -101.73
C PRO KC 61 -32.65 68.27 -101.28
N ASN KC 62 -32.60 67.90 -100.01
CA ASN KC 62 -33.57 67.00 -99.38
C ASN KC 62 -34.23 67.80 -98.27
N GLY KC 63 -35.40 68.35 -98.56
CA GLY KC 63 -36.08 69.22 -97.62
C GLY KC 63 -35.24 70.42 -97.25
N ASP KC 64 -34.74 70.43 -96.03
CA ASP KC 64 -33.85 71.50 -95.58
C ASP KC 64 -32.37 71.12 -95.69
N LYS KC 65 -32.05 69.85 -95.65
CA LYS KC 65 -30.68 69.39 -95.64
C LYS KC 65 -30.24 68.99 -97.06
N LYS KC 66 -29.06 68.38 -97.16
CA LYS KC 66 -28.56 67.85 -98.41
C LYS KC 66 -28.33 66.35 -98.27
N SER KC 67 -28.77 65.61 -99.29
CA SER KC 67 -28.62 64.16 -99.34
C SER KC 67 -27.69 63.78 -100.48
N LEU KC 68 -26.99 62.67 -100.31
CA LEU KC 68 -26.05 62.19 -101.32
C LEU KC 68 -26.72 61.10 -102.16
N VAL KC 69 -26.87 61.36 -103.45
CA VAL KC 69 -27.35 60.36 -104.39
C VAL KC 69 -26.14 59.71 -105.05
N VAL KC 70 -26.10 58.38 -105.01
CA VAL KC 70 -24.96 57.61 -105.48
C VAL KC 70 -25.45 56.59 -106.51
N VAL KC 71 -24.76 56.52 -107.63
CA VAL KC 71 -24.99 55.51 -108.66
C VAL KC 71 -23.71 54.73 -108.85
N ASN KC 72 -23.78 53.42 -108.69
CA ASN KC 72 -22.62 52.54 -108.85
C ASN KC 72 -22.78 51.68 -110.09
N LEU KC 73 -21.72 51.59 -110.87
CA LEU KC 73 -21.64 50.66 -112.01
C LEU KC 73 -20.45 49.74 -111.76
N THR KC 74 -20.72 48.47 -111.47
CA THR KC 74 -19.69 47.52 -111.10
C THR KC 74 -19.66 46.37 -112.11
N ALA KC 75 -18.46 46.02 -112.55
CA ALA KC 75 -18.26 44.89 -113.46
C ALA KC 75 -17.30 43.90 -112.81
N HIS KC 76 -17.60 42.62 -112.96
CA HIS KC 76 -16.76 41.53 -112.46
C HIS KC 76 -16.37 40.66 -113.64
N VAL KC 77 -15.11 40.74 -114.05
CA VAL KC 77 -14.62 40.01 -115.22
C VAL KC 77 -13.61 38.98 -114.75
N PRO KC 78 -13.89 37.69 -114.88
CA PRO KC 78 -12.89 36.68 -114.51
C PRO KC 78 -11.71 36.67 -115.46
N VAL KC 79 -10.53 36.34 -114.92
CA VAL KC 79 -9.33 36.25 -115.75
C VAL KC 79 -9.45 35.03 -116.66
N GLY KC 80 -9.09 35.23 -117.93
CA GLY KC 80 -9.13 34.19 -118.93
C GLY KC 80 -10.19 34.40 -120.00
N VAL KC 81 -11.09 35.34 -119.80
CA VAL KC 81 -12.13 35.64 -120.77
C VAL KC 81 -11.58 36.61 -121.82
N ASP KC 82 -12.07 36.49 -123.05
CA ASP KC 82 -11.67 37.40 -124.10
C ASP KC 82 -12.24 38.80 -123.84
N ALA KC 83 -11.36 39.79 -123.79
CA ALA KC 83 -11.80 41.14 -123.47
C ALA KC 83 -12.64 41.76 -124.57
N THR KC 84 -12.35 41.45 -125.83
CA THR KC 84 -13.13 41.99 -126.94
C THR KC 84 -14.57 41.49 -126.88
N ALA KC 85 -14.77 40.21 -126.56
CA ALA KC 85 -16.13 39.68 -126.46
C ALA KC 85 -16.90 40.37 -125.34
N VAL KC 86 -16.26 40.58 -124.19
CA VAL KC 86 -16.92 41.25 -123.08
C VAL KC 86 -17.26 42.69 -123.44
N ARG KC 87 -16.34 43.38 -124.13
CA ARG KC 87 -16.62 44.76 -124.55
C ARG KC 87 -17.78 44.81 -125.52
N THR KC 88 -17.84 43.88 -126.47
CA THR KC 88 -18.95 43.85 -127.43
C THR KC 88 -20.27 43.56 -126.73
N TRP KC 89 -20.28 42.62 -125.78
CA TRP KC 89 -21.48 42.33 -125.03
C TRP KC 89 -21.94 43.53 -124.20
N MET KC 90 -20.99 44.21 -123.55
CA MET KC 90 -21.33 45.39 -122.75
C MET KC 90 -21.88 46.51 -123.62
N THR KC 91 -21.30 46.73 -124.80
CA THR KC 91 -21.77 47.77 -125.69
C THR KC 91 -23.15 47.46 -126.26
N SER KC 92 -23.37 46.23 -126.73
CA SER KC 92 -24.59 45.90 -127.44
C SER KC 92 -25.75 45.52 -126.54
N GLU KC 93 -25.49 44.98 -125.35
CA GLU KC 93 -26.57 44.43 -124.53
C GLU KC 93 -26.68 45.08 -123.16
N VAL KC 94 -25.56 45.46 -122.54
CA VAL KC 94 -25.62 46.02 -121.19
C VAL KC 94 -25.93 47.51 -121.25
N PHE KC 95 -25.22 48.25 -122.10
CA PHE KC 95 -25.35 49.71 -122.13
C PHE KC 95 -26.74 50.16 -122.53
N PRO KC 96 -27.37 49.67 -123.61
CA PRO KC 96 -28.72 50.14 -123.94
C PRO KC 96 -29.75 49.89 -122.85
N GLY KC 97 -29.65 48.75 -122.14
CA GLY KC 97 -30.61 48.48 -121.09
C GLY KC 97 -30.33 49.23 -119.81
N ALA KC 98 -29.06 49.52 -119.51
CA ALA KC 98 -28.72 50.20 -118.28
C ALA KC 98 -29.09 51.68 -118.30
N THR KC 99 -29.18 52.28 -119.49
CA THR KC 99 -29.52 53.70 -119.63
C THR KC 99 -30.90 53.90 -120.24
N SER KC 100 -31.82 52.99 -119.95
CA SER KC 100 -33.18 53.08 -120.46
C SER KC 100 -34.12 53.59 -119.37
N SER KC 101 -35.41 53.65 -119.70
CA SER KC 101 -36.40 54.07 -118.73
C SER KC 101 -36.57 53.07 -117.60
N VAL KC 102 -36.14 51.82 -117.80
CA VAL KC 102 -36.23 50.81 -116.76
C VAL KC 102 -35.39 51.21 -115.54
N THR KC 103 -34.18 51.71 -115.79
CA THR KC 103 -33.31 52.12 -114.69
C THR KC 103 -33.93 53.27 -113.90
N LEU KC 104 -34.46 54.28 -114.60
CA LEU KC 104 -35.08 55.41 -113.93
C LEU KC 104 -36.31 54.99 -113.13
N ASP KC 105 -37.14 54.12 -113.71
CA ASP KC 105 -38.34 53.66 -113.00
C ASP KC 105 -37.96 52.83 -111.78
N LEU KC 106 -36.93 51.99 -111.88
CA LEU KC 106 -36.48 51.24 -110.73
C LEU KC 106 -35.92 52.17 -109.64
N ALA KC 107 -35.18 53.20 -110.05
CA ALA KC 107 -34.59 54.10 -109.08
C ALA KC 107 -35.64 54.92 -108.34
N THR KC 108 -36.58 55.52 -109.07
CA THR KC 108 -37.50 56.48 -108.47
C THR KC 108 -38.86 55.90 -108.12
N LYS KC 109 -39.14 54.65 -108.47
CA LYS KC 109 -40.44 54.05 -108.18
C LYS KC 109 -40.36 52.64 -107.64
N GLY KC 110 -39.20 51.99 -107.66
CA GLY KC 110 -39.11 50.60 -107.25
C GLY KC 110 -39.84 49.64 -108.17
N VAL KC 111 -39.83 49.90 -109.47
CA VAL KC 111 -40.52 49.04 -110.42
C VAL KC 111 -39.57 47.91 -110.84
N ILE KC 112 -39.94 46.67 -110.53
CA ILE KC 112 -39.16 45.51 -110.92
C ILE KC 112 -39.92 44.62 -111.91
N HIS KC 113 -41.23 44.80 -112.05
CA HIS KC 113 -42.02 44.05 -113.02
C HIS KC 113 -42.17 44.87 -114.29
N LEU KC 114 -41.66 44.34 -115.39
CA LEU KC 114 -41.65 45.06 -116.66
C LEU KC 114 -42.97 44.87 -117.39
N SER KC 115 -43.28 45.81 -118.28
CA SER KC 115 -44.50 45.77 -119.07
C SER KC 115 -44.33 46.65 -120.31
N ASP KC 116 -45.04 46.29 -121.38
CA ASP KC 116 -45.80 45.06 -121.58
C ASP KC 116 -45.59 44.53 -122.99
N ALA KC 117 -45.05 45.38 -123.85
CA ALA KC 117 -44.87 45.05 -125.26
C ALA KC 117 -43.42 44.73 -125.58
N LEU LC 1 4.36 103.13 -91.30
CA LEU LC 1 4.60 101.71 -91.05
C LEU LC 1 3.84 100.88 -92.08
N SER LC 2 4.57 100.21 -92.97
CA SER LC 2 3.97 99.50 -94.09
C SER LC 2 4.48 98.07 -94.15
N ILE LC 3 3.58 97.14 -94.43
CA ILE LC 3 3.92 95.76 -94.78
C ILE LC 3 3.25 95.50 -96.12
N GLY LC 4 3.99 95.70 -97.21
CA GLY LC 4 3.40 95.67 -98.53
C GLY LC 4 2.74 96.99 -98.86
N THR LC 5 1.45 96.95 -99.20
CA THR LC 5 0.66 98.17 -99.41
C THR LC 5 -0.22 98.50 -98.22
N LYS LC 6 -0.09 97.75 -97.12
CA LYS LC 6 -0.94 97.91 -95.94
C LYS LC 6 -0.26 98.81 -94.93
N ASN LC 7 -1.00 99.78 -94.40
CA ASN LC 7 -0.53 100.64 -93.32
C ASN LC 7 -0.91 100.00 -92.00
N VAL LC 8 0.09 99.65 -91.19
CA VAL LC 8 -0.12 98.96 -89.93
C VAL LC 8 0.45 99.81 -88.80
N SER LC 9 0.09 99.44 -87.58
CA SER LC 9 0.63 100.04 -86.37
C SER LC 9 1.00 98.95 -85.38
N ILE LC 10 1.96 99.25 -84.51
CA ILE LC 10 2.37 98.28 -83.51
C ILE LC 10 1.21 98.02 -82.56
N TYR LC 11 0.85 96.75 -82.41
CA TYR LC 11 -0.23 96.34 -81.53
C TYR LC 11 0.25 95.52 -80.34
N ARG LC 12 1.22 94.64 -80.54
CA ARG LC 12 1.80 93.90 -79.43
C ARG LC 12 3.28 93.72 -79.69
N ASN LC 13 4.10 93.90 -78.65
CA ASN LC 13 5.54 93.86 -78.78
C ASN LC 13 6.10 92.95 -77.70
N THR LC 14 6.60 91.78 -78.10
CA THR LC 14 7.25 90.84 -77.21
C THR LC 14 8.70 90.63 -77.66
N ALA LC 15 9.40 89.74 -76.97
CA ALA LC 15 10.81 89.51 -77.24
C ALA LC 15 11.03 88.98 -78.65
N ASP LC 16 10.21 88.03 -79.08
CA ASP LC 16 10.43 87.33 -80.35
C ASP LC 16 9.23 87.41 -81.28
N GLU LC 17 8.27 88.30 -81.00
CA GLU LC 17 7.09 88.40 -81.83
C GLU LC 17 6.53 89.80 -81.73
N VAL LC 18 6.25 90.41 -82.88
CA VAL LC 18 5.60 91.71 -82.94
C VAL LC 18 4.34 91.57 -83.79
N ILE LC 19 3.19 91.91 -83.21
CA ILE LC 19 1.91 91.89 -83.92
C ILE LC 19 1.58 93.31 -84.31
N TYR LC 20 1.38 93.53 -85.61
CA TYR LC 20 0.91 94.79 -86.16
C TYR LC 20 -0.55 94.65 -86.56
N ALA LC 21 -1.32 95.72 -86.40
CA ALA LC 21 -2.74 95.71 -86.66
C ALA LC 21 -3.06 96.58 -87.86
N GLY LC 22 -3.93 96.09 -88.74
CA GLY LC 22 -4.37 96.84 -89.88
C GLY LC 22 -5.46 97.82 -89.54
N PRO LC 23 -5.91 98.61 -90.52
CA PRO LC 23 -6.95 99.62 -90.24
C PRO LC 23 -8.26 99.02 -89.79
N ALA LC 24 -8.53 97.76 -90.12
CA ALA LC 24 -9.80 97.11 -89.80
C ALA LC 24 -9.72 96.27 -88.52
N HIS LC 25 -8.65 96.40 -87.75
CA HIS LC 25 -8.49 95.63 -86.53
C HIS LC 25 -9.09 96.39 -85.34
N ASP LC 26 -9.82 95.65 -84.50
CA ASP LC 26 -10.41 96.21 -83.30
C ASP LC 26 -10.67 95.06 -82.33
N VAL LC 27 -11.48 95.31 -81.30
CA VAL LC 27 -11.75 94.31 -80.29
C VAL LC 27 -12.51 93.11 -80.85
N THR LC 28 -13.45 93.31 -81.77
CA THR LC 28 -14.28 92.24 -82.27
C THR LC 28 -13.87 91.68 -83.63
N ASN LC 29 -13.00 92.37 -84.37
CA ASN LC 29 -12.55 91.92 -85.67
C ASN LC 29 -11.03 91.78 -85.67
N VAL LC 30 -10.53 90.82 -86.43
CA VAL LC 30 -9.12 90.51 -86.50
C VAL LC 30 -8.60 90.92 -87.87
N ASP LC 31 -7.61 91.81 -87.89
CA ASP LC 31 -6.85 92.15 -89.09
C ASP LC 31 -5.42 92.39 -88.64
N THR LC 32 -4.59 91.35 -88.65
CA THR LC 32 -3.27 91.42 -88.05
C THR LC 32 -2.22 90.78 -88.93
N VAL LC 33 -1.00 91.30 -88.83
CA VAL LC 33 0.20 90.70 -89.40
C VAL LC 33 1.21 90.54 -88.27
N SER LC 34 1.60 89.30 -87.99
CA SER LC 34 2.52 89.00 -86.91
C SER LC 34 3.86 88.55 -87.47
N LEU LC 35 4.94 89.20 -87.04
CA LEU LC 35 6.29 88.77 -87.34
C LEU LC 35 6.85 88.02 -86.15
N ARG LC 36 7.29 86.79 -86.38
CA ARG LC 36 7.83 85.93 -85.35
C ARG LC 36 9.20 85.42 -85.77
N ARG LC 37 10.05 85.17 -84.78
CA ARG LC 37 11.40 84.70 -85.08
C ARG LC 37 11.84 83.70 -84.03
N SER LC 38 12.70 82.78 -84.47
CA SER LC 38 13.41 81.86 -83.58
C SER LC 38 14.88 81.97 -83.94
N LEU LC 39 15.67 82.55 -83.04
CA LEU LC 39 17.07 82.82 -83.29
C LEU LC 39 17.89 81.54 -83.21
N PRO LC 40 19.00 81.48 -83.93
CA PRO LC 40 19.83 80.27 -83.90
C PRO LC 40 20.33 79.94 -82.51
N VAL LC 41 20.36 78.66 -82.19
CA VAL LC 41 20.89 78.16 -80.92
C VAL LC 41 22.13 77.35 -81.25
N LYS LC 42 23.28 77.78 -80.73
CA LYS LC 42 24.55 77.11 -80.98
C LYS LC 42 24.59 75.84 -80.13
N LYS LC 43 23.89 74.82 -80.62
CA LYS LC 43 23.79 73.55 -79.92
C LYS LC 43 24.86 72.59 -80.43
N GLY LC 44 25.80 72.24 -79.57
CA GLY LC 44 26.89 71.37 -79.96
C GLY LC 44 27.71 72.01 -81.06
N SER LC 45 27.99 71.23 -82.11
CA SER LC 45 28.73 71.73 -83.26
C SER LC 45 27.83 72.42 -84.29
N ASP LC 46 26.54 72.12 -84.29
CA ASP LC 46 25.62 72.79 -85.20
C ASP LC 46 25.49 74.26 -84.81
N ASN LC 47 25.59 75.14 -85.81
CA ASN LC 47 25.47 76.57 -85.56
C ASN LC 47 24.04 77.04 -85.41
N GLY LC 48 23.06 76.17 -85.61
CA GLY LC 48 21.67 76.53 -85.43
C GLY LC 48 20.99 76.88 -86.73
N THR LC 49 19.74 77.32 -86.59
CA THR LC 49 18.90 77.69 -87.73
C THR LC 49 18.09 78.92 -87.36
N MET LC 50 18.03 79.88 -88.29
CA MET LC 50 17.16 81.04 -88.13
C MET LC 50 15.78 80.71 -88.69
N ARG LC 51 14.75 80.85 -87.86
CA ARG LC 51 13.39 80.62 -88.29
C ARG LC 51 12.64 81.94 -88.32
N GLY LC 52 12.02 82.24 -89.45
CA GLY LC 52 11.21 83.44 -89.60
C GLY LC 52 9.77 83.05 -89.92
N ASN LC 53 8.82 83.81 -89.39
CA ASN LC 53 7.41 83.51 -89.56
C ASN LC 53 6.64 84.80 -89.80
N MET LC 54 5.88 84.84 -90.89
CA MET LC 54 4.96 85.93 -91.18
C MET LC 54 3.55 85.36 -91.16
N ASN LC 55 2.71 85.89 -90.28
CA ASN LC 55 1.36 85.40 -90.08
C ASN LC 55 0.37 86.49 -90.48
N PHE LC 56 -0.59 86.13 -91.33
CA PHE LC 56 -1.67 87.04 -91.73
C PHE LC 56 -2.97 86.47 -91.19
N ALA LC 57 -3.70 87.27 -90.42
CA ALA LC 57 -4.96 86.83 -89.83
C ALA LC 57 -6.04 87.83 -90.17
N LYS LC 58 -7.16 87.36 -90.72
CA LYS LC 58 -8.29 88.21 -91.01
C LYS LC 58 -9.59 87.51 -90.59
N SER LC 59 -10.60 88.33 -90.30
CA SER LC 59 -11.92 87.82 -89.97
C SER LC 59 -12.83 87.93 -91.19
N PHE LC 60 -13.68 86.92 -91.37
CA PHE LC 60 -14.54 86.83 -92.53
C PHE LC 60 -15.93 86.37 -92.10
N PRO LC 61 -16.98 86.83 -92.77
CA PRO LC 61 -18.32 86.32 -92.45
C PRO LC 61 -18.44 84.84 -92.83
N ASN LC 62 -18.84 84.02 -91.85
CA ASN LC 62 -19.03 82.59 -92.03
C ASN LC 62 -20.46 82.30 -91.61
N GLY LC 63 -21.39 82.38 -92.56
CA GLY LC 63 -22.80 82.20 -92.27
C GLY LC 63 -23.27 83.21 -91.24
N ASP LC 64 -23.54 82.72 -90.02
CA ASP LC 64 -23.94 83.62 -88.94
C ASP LC 64 -22.74 84.17 -88.18
N LYS LC 65 -21.70 83.36 -88.01
CA LYS LC 65 -20.57 83.73 -87.16
C LYS LC 65 -19.47 84.38 -88.00
N LYS LC 66 -18.30 84.57 -87.40
CA LYS LC 66 -17.15 85.15 -88.07
C LYS LC 66 -15.96 84.23 -87.90
N SER LC 67 -15.39 83.76 -89.00
CA SER LC 67 -14.30 82.80 -88.98
C SER LC 67 -12.97 83.49 -89.29
N LEU LC 68 -11.89 82.89 -88.79
CA LEU LC 68 -10.55 83.44 -88.92
C LEU LC 68 -9.81 82.72 -90.04
N VAL LC 69 -9.40 83.47 -91.06
CA VAL LC 69 -8.57 82.96 -92.13
C VAL LC 69 -7.13 83.38 -91.85
N VAL LC 70 -6.22 82.41 -91.86
CA VAL LC 70 -4.82 82.62 -91.51
C VAL LC 70 -3.94 82.11 -92.64
N VAL LC 71 -3.00 82.94 -93.06
CA VAL LC 71 -1.98 82.56 -94.03
C VAL LC 71 -0.62 82.65 -93.34
N ASN LC 72 0.10 81.53 -93.32
CA ASN LC 72 1.40 81.47 -92.69
C ASN LC 72 2.49 81.39 -93.76
N LEU LC 73 3.64 82.00 -93.46
CA LEU LC 73 4.79 81.95 -94.35
C LEU LC 73 6.03 81.82 -93.48
N THR LC 74 6.63 80.63 -93.46
CA THR LC 74 7.76 80.32 -92.58
C THR LC 74 8.98 79.98 -93.41
N ALA LC 75 10.12 80.53 -93.01
CA ALA LC 75 11.41 80.26 -93.65
C ALA LC 75 12.38 79.71 -92.62
N HIS LC 76 13.13 78.68 -93.02
CA HIS LC 76 14.17 78.07 -92.20
C HIS LC 76 15.49 78.21 -92.93
N VAL LC 77 16.40 79.01 -92.36
CA VAL LC 77 17.70 79.23 -92.98
C VAL LC 77 18.79 78.74 -92.04
N PRO LC 78 19.52 77.68 -92.38
CA PRO LC 78 20.61 77.23 -91.52
C PRO LC 78 21.75 78.26 -91.47
N VAL LC 79 22.42 78.32 -90.32
CA VAL LC 79 23.50 79.26 -90.14
C VAL LC 79 24.71 78.82 -90.96
N GLY LC 80 25.33 79.77 -91.65
CA GLY LC 80 26.48 79.52 -92.51
C GLY LC 80 26.14 79.57 -93.99
N VAL LC 81 24.87 79.34 -94.33
CA VAL LC 81 24.44 79.46 -95.72
C VAL LC 81 24.51 80.93 -96.13
N ASP LC 82 25.06 81.18 -97.32
CA ASP LC 82 25.19 82.53 -97.82
C ASP LC 82 23.82 83.19 -97.93
N ALA LC 83 23.69 84.38 -97.34
CA ALA LC 83 22.39 85.04 -97.26
C ALA LC 83 21.95 85.57 -98.62
N THR LC 84 22.89 86.08 -99.41
CA THR LC 84 22.52 86.66 -100.70
C THR LC 84 21.96 85.60 -101.65
N ALA LC 85 22.53 84.40 -101.64
CA ALA LC 85 22.01 83.32 -102.46
C ALA LC 85 20.59 82.96 -102.06
N VAL LC 86 20.33 82.88 -100.75
CA VAL LC 86 18.98 82.58 -100.28
C VAL LC 86 18.01 83.68 -100.69
N ARG LC 87 18.44 84.94 -100.58
CA ARG LC 87 17.54 86.04 -100.91
C ARG LC 87 17.22 86.07 -102.40
N THR LC 88 18.21 85.82 -103.26
CA THR LC 88 17.91 85.80 -104.69
C THR LC 88 17.10 84.56 -105.07
N TRP LC 89 17.28 83.45 -104.35
CA TRP LC 89 16.45 82.28 -104.58
C TRP LC 89 14.99 82.56 -104.24
N MET LC 90 14.75 83.21 -103.10
CA MET LC 90 13.39 83.58 -102.74
C MET LC 90 12.80 84.58 -103.72
N THR LC 91 13.60 85.58 -104.13
CA THR LC 91 13.09 86.60 -105.02
C THR LC 91 12.74 86.03 -106.40
N SER LC 92 13.56 85.12 -106.90
CA SER LC 92 13.39 84.61 -108.25
C SER LC 92 12.60 83.32 -108.34
N GLU LC 93 12.72 82.43 -107.36
CA GLU LC 93 12.11 81.10 -107.45
C GLU LC 93 10.95 80.88 -106.50
N VAL LC 94 10.98 81.47 -105.29
CA VAL LC 94 9.96 81.17 -104.31
C VAL LC 94 8.79 82.14 -104.41
N PHE LC 95 9.08 83.43 -104.46
CA PHE LC 95 8.04 84.47 -104.46
C PHE LC 95 7.12 84.40 -105.68
N PRO LC 96 7.65 84.31 -106.91
CA PRO LC 96 6.73 84.24 -108.06
C PRO LC 96 5.81 83.03 -108.03
N GLY LC 97 6.27 81.89 -107.52
CA GLY LC 97 5.41 80.73 -107.44
C GLY LC 97 4.48 80.72 -106.26
N ALA LC 98 4.84 81.44 -105.19
CA ALA LC 98 4.02 81.48 -103.99
C ALA LC 98 2.88 82.48 -104.08
N THR LC 99 2.85 83.31 -105.13
CA THR LC 99 1.80 84.32 -105.28
C THR LC 99 1.01 84.12 -106.56
N SER LC 100 1.08 82.93 -107.16
CA SER LC 100 0.39 82.66 -108.41
C SER LC 100 -1.02 82.13 -108.12
N SER LC 101 -1.73 81.73 -109.17
CA SER LC 101 -3.05 81.14 -109.00
C SER LC 101 -2.99 79.77 -108.34
N VAL LC 102 -1.81 79.13 -108.35
CA VAL LC 102 -1.66 77.83 -107.68
C VAL LC 102 -1.92 77.97 -106.19
N THR LC 103 -1.40 79.04 -105.58
CA THR LC 103 -1.66 79.28 -104.17
C THR LC 103 -3.15 79.46 -103.90
N LEU LC 104 -3.83 80.22 -104.76
CA LEU LC 104 -5.25 80.46 -104.57
C LEU LC 104 -6.06 79.16 -104.68
N ASP LC 105 -5.76 78.35 -105.69
CA ASP LC 105 -6.45 77.08 -105.85
C ASP LC 105 -6.19 76.14 -104.68
N LEU LC 106 -4.94 76.09 -104.22
CA LEU LC 106 -4.60 75.24 -103.08
C LEU LC 106 -5.29 75.70 -101.80
N ALA LC 107 -5.39 77.01 -101.59
CA ALA LC 107 -5.98 77.54 -100.37
C ALA LC 107 -7.50 77.38 -100.37
N THR LC 108 -8.15 77.62 -101.52
CA THR LC 108 -9.61 77.61 -101.54
C THR LC 108 -10.20 76.26 -101.92
N LYS LC 109 -9.53 75.49 -102.77
CA LYS LC 109 -10.06 74.23 -103.24
C LYS LC 109 -9.17 73.03 -102.99
N GLY LC 110 -7.97 73.22 -102.44
CA GLY LC 110 -7.07 72.11 -102.19
C GLY LC 110 -6.53 71.44 -103.43
N VAL LC 111 -6.28 72.20 -104.49
CA VAL LC 111 -5.78 71.65 -105.74
C VAL LC 111 -4.27 71.43 -105.61
N ILE LC 112 -3.83 70.18 -105.81
CA ILE LC 112 -2.42 69.83 -105.73
C ILE LC 112 -1.86 69.36 -107.07
N HIS LC 113 -2.67 69.33 -108.12
CA HIS LC 113 -2.23 68.94 -109.46
C HIS LC 113 -2.35 70.15 -110.38
N LEU LC 114 -1.21 70.75 -110.75
CA LEU LC 114 -1.22 71.98 -111.54
C LEU LC 114 -1.01 71.64 -113.02
N SER LC 115 -1.95 70.87 -113.55
CA SER LC 115 -1.91 70.50 -114.97
C SER LC 115 -2.35 71.67 -115.84
N ASP LC 116 -1.73 71.80 -117.00
CA ASP LC 116 -0.60 70.99 -117.47
C ASP LC 116 0.48 71.87 -118.05
N ALA LC 117 0.10 73.06 -118.49
CA ALA LC 117 1.03 74.00 -119.11
C ALA LC 117 1.92 74.66 -118.07
N LEU MC 1 -55.49 -98.10 -78.56
CA LEU MC 1 -55.28 -97.75 -77.15
C LEU MC 1 -56.55 -97.95 -76.35
N SER MC 2 -56.45 -98.73 -75.28
CA SER MC 2 -57.60 -99.01 -74.42
C SER MC 2 -57.13 -99.13 -72.98
N ILE MC 3 -58.01 -98.73 -72.07
CA ILE MC 3 -57.80 -98.90 -70.63
C ILE MC 3 -59.02 -99.66 -70.12
N GLY MC 4 -58.90 -100.97 -70.01
CA GLY MC 4 -60.06 -101.80 -69.76
C GLY MC 4 -60.89 -101.96 -71.01
N THR MC 5 -62.13 -101.48 -70.98
CA THR MC 5 -63.03 -101.57 -72.13
C THR MC 5 -63.26 -100.21 -72.79
N LYS MC 6 -62.53 -99.18 -72.41
CA LYS MC 6 -62.71 -97.84 -72.93
C LYS MC 6 -61.56 -97.46 -73.86
N ASN MC 7 -61.91 -96.92 -75.03
CA ASN MC 7 -60.92 -96.46 -75.98
C ASN MC 7 -60.44 -95.06 -75.60
N VAL MC 8 -59.13 -94.86 -75.62
CA VAL MC 8 -58.52 -93.59 -75.23
C VAL MC 8 -57.49 -93.20 -76.28
N SER MC 9 -57.06 -91.94 -76.20
CA SER MC 9 -56.01 -91.40 -77.04
C SER MC 9 -55.05 -90.61 -76.17
N ILE MC 10 -53.78 -90.59 -76.57
CA ILE MC 10 -52.80 -89.79 -75.83
C ILE MC 10 -53.22 -88.32 -75.93
N TYR MC 11 -53.40 -87.70 -74.78
CA TYR MC 11 -53.80 -86.30 -74.69
C TYR MC 11 -52.68 -85.39 -74.21
N ARG MC 12 -52.00 -85.77 -73.13
CA ARG MC 12 -50.87 -84.98 -72.63
C ARG MC 12 -49.74 -85.93 -72.26
N ASN MC 13 -48.52 -85.53 -72.59
CA ASN MC 13 -47.35 -86.37 -72.35
C ASN MC 13 -46.33 -85.55 -71.57
N THR MC 14 -45.89 -86.09 -70.43
CA THR MC 14 -44.78 -85.51 -69.69
C THR MC 14 -43.76 -86.60 -69.36
N ALA MC 15 -42.72 -86.24 -68.61
CA ALA MC 15 -41.67 -87.21 -68.32
C ALA MC 15 -42.19 -88.37 -67.48
N ASP MC 16 -43.01 -88.08 -66.47
CA ASP MC 16 -43.46 -89.12 -65.55
C ASP MC 16 -44.98 -89.22 -65.49
N GLU MC 17 -45.70 -88.61 -66.42
CA GLU MC 17 -47.15 -88.69 -66.40
C GLU MC 17 -47.69 -88.59 -67.83
N VAL MC 18 -48.65 -89.46 -68.15
CA VAL MC 18 -49.36 -89.41 -69.42
C VAL MC 18 -50.86 -89.35 -69.13
N ILE MC 19 -51.53 -88.35 -69.69
CA ILE MC 19 -52.98 -88.22 -69.59
C ILE MC 19 -53.59 -88.68 -70.91
N TYR MC 20 -54.55 -89.60 -70.83
CA TYR MC 20 -55.30 -90.09 -71.97
C TYR MC 20 -56.73 -89.58 -71.87
N ALA MC 21 -57.31 -89.25 -73.02
CA ALA MC 21 -58.65 -88.67 -73.10
C ALA MC 21 -59.64 -89.71 -73.59
N GLY MC 22 -60.80 -89.77 -72.96
CA GLY MC 22 -61.86 -90.65 -73.37
C GLY MC 22 -62.68 -90.06 -74.50
N PRO MC 23 -63.68 -90.80 -74.99
CA PRO MC 23 -64.48 -90.32 -76.11
C PRO MC 23 -65.30 -89.08 -75.80
N ALA MC 24 -65.57 -88.79 -74.53
CA ALA MC 24 -66.43 -87.69 -74.13
C ALA MC 24 -65.66 -86.45 -73.70
N HIS MC 25 -64.34 -86.44 -73.86
CA HIS MC 25 -63.54 -85.30 -73.42
C HIS MC 25 -63.51 -84.21 -74.47
N ASP MC 26 -63.87 -83.00 -74.06
CA ASP MC 26 -63.79 -81.83 -74.93
C ASP MC 26 -63.53 -80.61 -74.04
N VAL MC 27 -63.78 -79.42 -74.58
CA VAL MC 27 -63.54 -78.16 -73.87
C VAL MC 27 -64.46 -78.06 -72.67
N THR MC 28 -65.63 -78.70 -72.73
CA THR MC 28 -66.64 -78.57 -71.69
C THR MC 28 -66.73 -79.77 -70.75
N ASN MC 29 -66.49 -80.98 -71.24
CA ASN MC 29 -66.67 -82.19 -70.44
C ASN MC 29 -65.33 -82.87 -70.22
N VAL MC 30 -65.08 -83.30 -68.99
CA VAL MC 30 -63.85 -83.99 -68.63
C VAL MC 30 -64.09 -85.49 -68.65
N ASP MC 31 -63.23 -86.21 -69.36
CA ASP MC 31 -63.23 -87.68 -69.34
C ASP MC 31 -61.78 -88.10 -69.56
N THR MC 32 -61.05 -88.32 -68.47
CA THR MC 32 -59.62 -88.56 -68.58
C THR MC 32 -59.17 -89.69 -67.67
N VAL MC 33 -58.11 -90.37 -68.10
CA VAL MC 33 -57.40 -91.34 -67.28
C VAL MC 33 -55.91 -90.98 -67.34
N SER MC 34 -55.32 -90.73 -66.18
CA SER MC 34 -53.92 -90.33 -66.09
C SER MC 34 -53.10 -91.43 -65.45
N LEU MC 35 -51.91 -91.68 -66.01
CA LEU MC 35 -50.96 -92.64 -65.47
C LEU MC 35 -49.72 -91.88 -65.04
N ARG MC 36 -49.39 -91.96 -63.75
CA ARG MC 36 -48.27 -91.23 -63.19
C ARG MC 36 -47.36 -92.21 -62.45
N ARG MC 37 -46.06 -91.96 -62.52
CA ARG MC 37 -45.09 -92.80 -61.83
C ARG MC 37 -44.14 -91.94 -61.02
N SER MC 38 -43.76 -92.47 -59.87
CA SER MC 38 -42.70 -91.93 -59.02
C SER MC 38 -41.67 -93.04 -58.92
N LEU MC 39 -40.60 -92.91 -59.69
CA LEU MC 39 -39.57 -93.94 -59.74
C LEU MC 39 -38.76 -93.93 -58.44
N PRO MC 40 -38.28 -95.09 -58.02
CA PRO MC 40 -37.53 -95.15 -56.76
C PRO MC 40 -36.24 -94.35 -56.84
N VAL MC 41 -35.90 -93.71 -55.72
CA VAL MC 41 -34.60 -93.07 -55.55
C VAL MC 41 -33.90 -93.84 -54.44
N LYS MC 42 -32.68 -94.31 -54.72
CA LYS MC 42 -31.96 -95.19 -53.80
C LYS MC 42 -30.94 -94.36 -53.04
N LYS MC 43 -31.46 -93.45 -52.22
CA LYS MC 43 -30.65 -92.61 -51.35
C LYS MC 43 -30.08 -93.42 -50.20
N GLY MC 44 -28.86 -93.08 -49.80
CA GLY MC 44 -28.17 -93.79 -48.74
C GLY MC 44 -28.12 -95.28 -48.95
N SER MC 45 -28.78 -96.03 -48.06
CA SER MC 45 -28.88 -97.48 -48.18
C SER MC 45 -30.26 -97.95 -48.60
N ASP MC 46 -31.31 -97.20 -48.30
CA ASP MC 46 -32.66 -97.59 -48.70
C ASP MC 46 -32.81 -97.48 -50.21
N ASN MC 47 -33.43 -98.48 -50.82
CA ASN MC 47 -33.58 -98.54 -52.26
C ASN MC 47 -34.79 -97.76 -52.76
N GLY MC 48 -35.57 -97.15 -51.87
CA GLY MC 48 -36.70 -96.35 -52.29
C GLY MC 48 -37.93 -97.16 -52.62
N THR MC 49 -38.97 -96.46 -53.05
CA THR MC 49 -40.27 -97.04 -53.32
C THR MC 49 -40.72 -96.64 -54.72
N MET MC 50 -41.32 -97.59 -55.44
CA MET MC 50 -41.96 -97.31 -56.71
C MET MC 50 -43.42 -96.97 -56.45
N ARG MC 51 -43.85 -95.80 -56.90
CA ARG MC 51 -45.22 -95.34 -56.71
C ARG MC 51 -45.92 -95.27 -58.05
N GLY MC 52 -47.01 -96.02 -58.20
CA GLY MC 52 -47.77 -95.98 -59.43
C GLY MC 52 -49.19 -95.50 -59.21
N ASN MC 53 -49.56 -94.38 -59.82
CA ASN MC 53 -50.86 -93.76 -59.61
C ASN MC 53 -51.67 -93.77 -60.90
N MET MC 54 -52.92 -94.21 -60.81
CA MET MC 54 -53.86 -94.14 -61.92
C MET MC 54 -55.06 -93.30 -61.50
N ASN MC 55 -55.38 -92.29 -62.32
CA ASN MC 55 -56.35 -91.27 -62.00
C ASN MC 55 -57.50 -91.34 -63.00
N PHE MC 56 -58.73 -91.36 -62.50
CA PHE MC 56 -59.92 -91.29 -63.34
C PHE MC 56 -60.66 -90.02 -63.01
N ALA MC 57 -60.91 -89.20 -64.03
CA ALA MC 57 -61.57 -87.91 -63.82
C ALA MC 57 -62.76 -87.80 -64.76
N LYS MC 58 -63.91 -87.43 -64.20
CA LYS MC 58 -65.13 -87.29 -65.01
C LYS MC 58 -65.95 -86.12 -64.48
N SER MC 59 -66.42 -85.28 -65.40
CA SER MC 59 -67.33 -84.20 -65.02
C SER MC 59 -68.76 -84.72 -64.93
N PHE MC 60 -69.50 -84.20 -63.96
CA PHE MC 60 -70.87 -84.60 -63.68
C PHE MC 60 -71.72 -83.36 -63.49
N PRO MC 61 -73.01 -83.43 -63.80
CA PRO MC 61 -73.91 -82.30 -63.49
C PRO MC 61 -74.07 -82.14 -61.98
N ASN MC 62 -74.02 -80.90 -61.51
CA ASN MC 62 -74.16 -80.58 -60.10
C ASN MC 62 -74.97 -79.28 -60.04
N GLY MC 63 -76.28 -79.42 -59.88
CA GLY MC 63 -77.14 -78.26 -59.97
C GLY MC 63 -77.01 -77.63 -61.34
N ASP MC 64 -76.70 -76.34 -61.36
CA ASP MC 64 -76.47 -75.63 -62.61
C ASP MC 64 -75.03 -75.75 -63.10
N LYS MC 65 -74.10 -76.18 -62.25
CA LYS MC 65 -72.71 -76.20 -62.60
C LYS MC 65 -72.26 -77.64 -62.88
N LYS MC 66 -70.94 -77.82 -63.05
CA LYS MC 66 -70.34 -79.12 -63.26
C LYS MC 66 -69.31 -79.39 -62.18
N SER MC 67 -69.26 -80.63 -61.71
CA SER MC 67 -68.37 -81.03 -60.64
C SER MC 67 -67.50 -82.19 -61.10
N LEU MC 68 -66.25 -82.19 -60.68
CA LEU MC 68 -65.29 -83.22 -61.08
C LEU MC 68 -65.27 -84.34 -60.04
N VAL MC 69 -65.56 -85.55 -60.48
CA VAL MC 69 -65.41 -86.75 -59.67
C VAL MC 69 -64.11 -87.43 -60.06
N VAL MC 70 -63.26 -87.68 -59.07
CA VAL MC 70 -61.93 -88.23 -59.27
C VAL MC 70 -61.79 -89.51 -58.46
N VAL MC 71 -61.28 -90.55 -59.10
CA VAL MC 71 -60.95 -91.82 -58.44
C VAL MC 71 -59.47 -92.07 -58.60
N ASN MC 72 -58.79 -92.30 -57.50
CA ASN MC 72 -57.34 -92.52 -57.48
C ASN MC 72 -57.03 -93.95 -57.06
N LEU MC 73 -56.10 -94.58 -57.76
CA LEU MC 73 -55.62 -95.91 -57.40
C LEU MC 73 -54.09 -95.88 -57.40
N THR MC 74 -53.50 -95.95 -56.22
CA THR MC 74 -52.06 -95.79 -56.06
C THR MC 74 -51.46 -97.02 -55.40
N ALA MC 75 -50.40 -97.55 -55.99
CA ALA MC 75 -49.65 -98.67 -55.46
C ALA MC 75 -48.28 -98.20 -55.01
N HIS MC 76 -47.87 -98.60 -53.80
CA HIS MC 76 -46.57 -98.28 -53.24
C HIS MC 76 -45.82 -99.59 -53.04
N VAL MC 77 -44.84 -99.86 -53.89
CA VAL MC 77 -44.10 -101.12 -53.85
C VAL MC 77 -42.66 -100.81 -53.46
N PRO MC 78 -42.19 -101.23 -52.29
CA PRO MC 78 -40.78 -101.05 -51.96
C PRO MC 78 -39.87 -101.88 -52.85
N VAL MC 79 -38.68 -101.34 -53.13
CA VAL MC 79 -37.75 -102.01 -54.03
C VAL MC 79 -37.15 -103.23 -53.34
N GLY MC 80 -37.12 -104.35 -54.05
CA GLY MC 80 -36.62 -105.62 -53.54
C GLY MC 80 -37.72 -106.65 -53.36
N VAL MC 81 -38.96 -106.20 -53.21
CA VAL MC 81 -40.10 -107.10 -53.13
C VAL MC 81 -40.33 -107.76 -54.48
N ASP MC 82 -40.60 -109.06 -54.46
CA ASP MC 82 -40.84 -109.79 -55.70
C ASP MC 82 -42.04 -109.23 -56.44
N ALA MC 83 -41.86 -108.94 -57.72
CA ALA MC 83 -42.94 -108.37 -58.52
C ALA MC 83 -44.07 -109.37 -58.73
N THR MC 84 -43.73 -110.64 -58.94
CA THR MC 84 -44.75 -111.65 -59.19
C THR MC 84 -45.65 -111.86 -57.99
N ALA MC 85 -45.07 -111.90 -56.79
CA ALA MC 85 -45.88 -112.05 -55.58
C ALA MC 85 -46.80 -110.86 -55.39
N VAL MC 86 -46.31 -109.65 -55.64
CA VAL MC 86 -47.14 -108.46 -55.52
C VAL MC 86 -48.28 -108.48 -56.53
N ARG MC 87 -47.99 -108.89 -57.77
CA ARG MC 87 -49.03 -108.96 -58.79
C ARG MC 87 -50.08 -109.99 -58.43
N THR MC 88 -49.66 -111.15 -57.90
CA THR MC 88 -50.61 -112.16 -57.47
C THR MC 88 -51.49 -111.65 -56.33
N TRP MC 89 -50.88 -110.94 -55.37
CA TRP MC 89 -51.66 -110.37 -54.27
C TRP MC 89 -52.66 -109.34 -54.77
N MET MC 90 -52.24 -108.47 -55.70
CA MET MC 90 -53.15 -107.47 -56.24
C MET MC 90 -54.29 -108.09 -57.02
N THR MC 91 -53.99 -109.14 -57.80
CA THR MC 91 -55.03 -109.78 -58.62
C THR MC 91 -56.02 -110.57 -57.77
N SER MC 92 -55.53 -111.29 -56.76
CA SER MC 92 -56.39 -112.18 -55.98
C SER MC 92 -57.04 -111.50 -54.78
N GLU MC 93 -56.45 -110.45 -54.25
CA GLU MC 93 -56.98 -109.81 -53.05
C GLU MC 93 -57.44 -108.38 -53.28
N VAL MC 94 -56.59 -107.52 -53.82
CA VAL MC 94 -56.93 -106.10 -53.94
C VAL MC 94 -57.99 -105.87 -55.00
N PHE MC 95 -57.83 -106.50 -56.16
CA PHE MC 95 -58.76 -106.23 -57.27
C PHE MC 95 -60.20 -106.64 -56.97
N PRO MC 96 -60.50 -107.84 -56.48
CA PRO MC 96 -61.89 -108.16 -56.16
C PRO MC 96 -62.49 -107.26 -55.09
N GLY MC 97 -61.71 -106.83 -54.10
CA GLY MC 97 -62.24 -106.00 -53.05
C GLY MC 97 -62.40 -104.55 -53.43
N ALA MC 98 -61.61 -104.07 -54.39
CA ALA MC 98 -61.66 -102.69 -54.83
C ALA MC 98 -62.70 -102.47 -55.93
N THR MC 99 -63.35 -103.53 -56.40
CA THR MC 99 -64.41 -103.42 -57.39
C THR MC 99 -65.73 -103.95 -56.87
N SER MC 100 -65.85 -104.13 -55.56
CA SER MC 100 -67.07 -104.65 -54.95
C SER MC 100 -68.00 -103.50 -54.59
N SER MC 101 -69.17 -103.85 -54.06
CA SER MC 101 -70.11 -102.83 -53.59
C SER MC 101 -69.55 -102.04 -52.43
N VAL MC 102 -68.55 -102.57 -51.72
CA VAL MC 102 -67.95 -101.86 -50.60
C VAL MC 102 -67.34 -100.54 -51.07
N THR MC 103 -66.60 -100.59 -52.19
CA THR MC 103 -66.01 -99.38 -52.74
C THR MC 103 -67.08 -98.38 -53.15
N LEU MC 104 -68.15 -98.87 -53.79
CA LEU MC 104 -69.22 -97.98 -54.25
C LEU MC 104 -69.89 -97.28 -53.06
N ASP MC 105 -70.20 -98.03 -52.01
CA ASP MC 105 -70.83 -97.42 -50.84
C ASP MC 105 -69.88 -96.45 -50.13
N LEU MC 106 -68.59 -96.80 -50.05
CA LEU MC 106 -67.65 -95.88 -49.43
C LEU MC 106 -67.54 -94.59 -50.23
N ALA MC 107 -67.53 -94.68 -51.55
CA ALA MC 107 -67.36 -93.49 -52.37
C ALA MC 107 -68.61 -92.61 -52.38
N THR MC 108 -69.79 -93.22 -52.53
CA THR MC 108 -71.00 -92.43 -52.75
C THR MC 108 -71.82 -92.21 -51.48
N LYS MC 109 -71.56 -92.92 -50.40
CA LYS MC 109 -72.32 -92.78 -49.17
C LYS MC 109 -71.45 -92.64 -47.93
N GLY MC 110 -70.13 -92.80 -48.06
CA GLY MC 110 -69.25 -92.76 -46.91
C GLY MC 110 -69.44 -93.89 -45.94
N VAL MC 111 -69.74 -95.09 -46.42
CA VAL MC 111 -69.98 -96.23 -45.56
C VAL MC 111 -68.65 -96.93 -45.26
N ILE MC 112 -68.29 -97.00 -43.98
CA ILE MC 112 -67.06 -97.65 -43.55
C ILE MC 112 -67.34 -98.89 -42.71
N HIS MC 113 -68.59 -99.27 -42.51
CA HIS MC 113 -68.97 -100.46 -41.78
C HIS MC 113 -69.65 -101.43 -42.75
N LEU MC 114 -68.98 -102.54 -43.07
CA LEU MC 114 -69.53 -103.53 -44.00
C LEU MC 114 -70.19 -104.66 -43.20
N SER MC 115 -71.34 -104.36 -42.64
CA SER MC 115 -72.12 -105.37 -41.95
C SER MC 115 -73.07 -106.07 -42.92
N ASP MC 116 -73.37 -107.33 -42.63
CA ASP MC 116 -72.83 -108.17 -41.56
C ASP MC 116 -72.54 -109.58 -42.07
N ALA MC 117 -73.07 -109.89 -43.26
CA ALA MC 117 -72.93 -111.22 -43.84
C ALA MC 117 -71.47 -111.58 -44.10
N LEU NC 1 -68.43 -111.57 -42.48
CA LEU NC 1 -67.81 -110.28 -42.78
C LEU NC 1 -66.73 -110.45 -43.84
N SER NC 2 -67.01 -109.95 -45.04
CA SER NC 2 -66.09 -110.13 -46.15
C SER NC 2 -65.94 -108.84 -46.94
N ILE NC 3 -64.75 -108.64 -47.49
CA ILE NC 3 -64.46 -107.57 -48.44
C ILE NC 3 -63.94 -108.24 -49.69
N GLY NC 4 -64.69 -108.16 -50.77
CA GLY NC 4 -64.37 -108.91 -51.97
C GLY NC 4 -64.45 -110.40 -51.72
N THR NC 5 -63.38 -111.12 -52.03
CA THR NC 5 -63.31 -112.55 -51.75
C THR NC 5 -62.61 -112.87 -50.43
N LYS NC 6 -62.16 -111.85 -49.70
CA LYS NC 6 -61.40 -112.04 -48.48
C LYS NC 6 -62.29 -111.82 -47.27
N ASN NC 7 -62.36 -112.83 -46.41
CA ASN NC 7 -63.05 -112.67 -45.14
C ASN NC 7 -62.18 -111.88 -44.17
N VAL NC 8 -62.81 -110.94 -43.46
CA VAL NC 8 -62.10 -110.06 -42.54
C VAL NC 8 -62.88 -109.97 -41.24
N SER NC 9 -62.23 -109.39 -40.24
CA SER NC 9 -62.85 -109.11 -38.95
C SER NC 9 -62.47 -107.70 -38.53
N ILE NC 10 -63.32 -107.09 -37.70
CA ILE NC 10 -63.04 -105.75 -37.22
C ILE NC 10 -61.80 -105.77 -36.34
N TYR NC 11 -60.82 -104.94 -36.69
CA TYR NC 11 -59.57 -104.85 -35.94
C TYR NC 11 -59.49 -103.56 -35.13
N ARG NC 12 -59.78 -102.42 -35.74
CA ARG NC 12 -59.81 -101.16 -35.02
C ARG NC 12 -60.96 -100.31 -35.56
N ASN NC 13 -61.54 -99.49 -34.68
CA ASN NC 13 -62.76 -98.77 -35.02
C ASN NC 13 -62.66 -97.36 -34.44
N THR NC 14 -62.45 -96.38 -35.30
CA THR NC 14 -62.52 -94.97 -34.94
C THR NC 14 -63.76 -94.34 -35.58
N ALA NC 15 -63.91 -93.03 -35.40
CA ALA NC 15 -65.11 -92.36 -35.88
C ALA NC 15 -65.21 -92.39 -37.40
N ASP NC 16 -64.11 -92.10 -38.10
CA ASP NC 16 -64.13 -92.02 -39.55
C ASP NC 16 -63.24 -93.05 -40.23
N GLU NC 17 -62.65 -93.97 -39.47
CA GLU NC 17 -61.84 -95.03 -40.05
C GLU NC 17 -62.11 -96.34 -39.33
N VAL NC 18 -62.28 -97.41 -40.11
CA VAL NC 18 -62.38 -98.76 -39.58
C VAL NC 18 -61.33 -99.61 -40.27
N ILE NC 19 -60.45 -100.23 -39.48
CA ILE NC 19 -59.43 -101.13 -39.98
C ILE NC 19 -59.89 -102.56 -39.74
N TYR NC 20 -59.94 -103.35 -40.80
CA TYR NC 20 -60.26 -104.77 -40.72
C TYR NC 20 -59.00 -105.59 -40.98
N ALA NC 21 -58.92 -106.74 -40.34
CA ALA NC 21 -57.75 -107.61 -40.43
C ALA NC 21 -58.12 -108.89 -41.17
N GLY NC 22 -57.26 -109.32 -42.08
CA GLY NC 22 -57.43 -110.57 -42.76
C GLY NC 22 -57.09 -111.74 -41.86
N PRO NC 23 -57.31 -112.96 -42.34
CA PRO NC 23 -57.03 -114.14 -41.50
C PRO NC 23 -55.57 -114.24 -41.09
N ALA NC 24 -54.65 -113.78 -41.93
CA ALA NC 24 -53.22 -113.90 -41.64
C ALA NC 24 -52.68 -112.79 -40.76
N HIS NC 25 -53.44 -111.72 -40.54
CA HIS NC 25 -52.92 -110.57 -39.81
C HIS NC 25 -52.55 -110.96 -38.38
N ASP NC 26 -51.40 -110.48 -37.93
CA ASP NC 26 -50.91 -110.75 -36.59
C ASP NC 26 -49.94 -109.64 -36.20
N VAL NC 27 -49.20 -109.86 -35.12
CA VAL NC 27 -48.30 -108.84 -34.58
C VAL NC 27 -47.08 -108.61 -35.45
N THR NC 28 -46.74 -109.53 -36.34
CA THR NC 28 -45.58 -109.38 -37.22
C THR NC 28 -45.93 -109.42 -38.70
N ASN NC 29 -47.08 -109.96 -39.09
CA ASN NC 29 -47.52 -109.96 -40.48
C ASN NC 29 -48.70 -109.00 -40.59
N VAL NC 30 -48.57 -108.01 -41.48
CA VAL NC 30 -49.63 -107.04 -41.70
C VAL NC 30 -50.50 -107.52 -42.86
N ASP NC 31 -51.79 -107.66 -42.61
CA ASP NC 31 -52.78 -107.95 -43.66
C ASP NC 31 -54.04 -107.18 -43.28
N THR NC 32 -54.15 -105.95 -43.77
CA THR NC 32 -55.21 -105.05 -43.32
C THR NC 32 -55.91 -104.39 -44.49
N VAL NC 33 -57.21 -104.16 -44.31
CA VAL NC 33 -58.02 -103.35 -45.22
C VAL NC 33 -58.66 -102.25 -44.38
N SER NC 34 -58.26 -101.01 -44.65
CA SER NC 34 -58.81 -99.86 -43.95
C SER NC 34 -59.83 -99.17 -44.83
N LEU NC 35 -60.95 -98.76 -44.22
CA LEU NC 35 -61.90 -97.86 -44.87
C LEU NC 35 -61.91 -96.56 -44.08
N ARG NC 36 -61.53 -95.48 -44.73
CA ARG NC 36 -61.46 -94.16 -44.13
C ARG NC 36 -62.33 -93.21 -44.92
N ARG NC 37 -62.93 -92.23 -44.23
CA ARG NC 37 -63.74 -91.24 -44.91
C ARG NC 37 -63.41 -89.86 -44.37
N SER NC 38 -63.52 -88.88 -45.26
CA SER NC 38 -63.48 -87.47 -44.89
C SER NC 38 -64.82 -86.87 -45.31
N LEU NC 39 -65.62 -86.47 -44.33
CA LEU NC 39 -66.96 -86.00 -44.59
C LEU NC 39 -66.93 -84.60 -45.18
N PRO NC 40 -67.93 -84.26 -46.01
CA PRO NC 40 -67.94 -82.94 -46.65
C PRO NC 40 -68.02 -81.81 -45.63
N VAL NC 41 -67.15 -80.83 -45.80
CA VAL NC 41 -67.14 -79.64 -44.96
C VAL NC 41 -67.73 -78.48 -45.76
N LYS NC 42 -68.89 -78.00 -45.33
CA LYS NC 42 -69.57 -76.90 -46.02
C LYS NC 42 -68.81 -75.63 -45.65
N LYS NC 43 -68.03 -75.13 -46.59
CA LYS NC 43 -67.32 -73.87 -46.45
C LYS NC 43 -67.68 -72.95 -47.62
N GLY NC 44 -67.96 -71.70 -47.30
CA GLY NC 44 -68.37 -70.76 -48.34
C GLY NC 44 -69.65 -71.22 -49.03
N SER NC 45 -69.71 -71.01 -50.34
CA SER NC 45 -70.83 -71.51 -51.14
C SER NC 45 -70.62 -72.95 -51.59
N ASP NC 46 -69.41 -73.49 -51.43
CA ASP NC 46 -69.13 -74.86 -51.81
C ASP NC 46 -69.69 -75.81 -50.75
N ASN NC 47 -70.46 -76.80 -51.18
CA ASN NC 47 -71.07 -77.76 -50.27
C ASN NC 47 -70.07 -78.77 -49.72
N GLY NC 48 -68.86 -78.82 -50.24
CA GLY NC 48 -67.85 -79.74 -49.77
C GLY NC 48 -67.70 -80.95 -50.68
N THR NC 49 -66.82 -81.84 -50.25
CA THR NC 49 -66.51 -83.04 -51.01
C THR NC 49 -66.34 -84.22 -50.05
N MET NC 50 -66.98 -85.34 -50.37
CA MET NC 50 -66.79 -86.57 -49.62
C MET NC 50 -65.57 -87.30 -50.17
N ARG NC 51 -64.63 -87.62 -49.29
CA ARG NC 51 -63.45 -88.41 -49.65
C ARG NC 51 -63.59 -89.80 -49.08
N GLY NC 52 -63.42 -90.81 -49.93
CA GLY NC 52 -63.43 -92.19 -49.48
C GLY NC 52 -62.15 -92.91 -49.83
N ASN NC 53 -61.44 -93.41 -48.83
CA ASN NC 53 -60.16 -94.07 -49.02
C ASN NC 53 -60.25 -95.52 -48.61
N MET NC 54 -59.80 -96.42 -49.48
CA MET NC 54 -59.73 -97.84 -49.24
C MET NC 54 -58.26 -98.26 -49.31
N ASN NC 55 -57.71 -98.69 -48.18
CA ASN NC 55 -56.29 -98.97 -48.05
C ASN NC 55 -56.09 -100.48 -47.89
N PHE NC 56 -55.23 -101.04 -48.72
CA PHE NC 56 -54.81 -102.43 -48.59
C PHE NC 56 -53.34 -102.44 -48.20
N ALA NC 57 -53.03 -103.07 -47.06
CA ALA NC 57 -51.65 -103.15 -46.58
C ALA NC 57 -51.29 -104.61 -46.37
N LYS NC 58 -50.14 -105.02 -46.93
CA LYS NC 58 -49.68 -106.39 -46.81
C LYS NC 58 -48.18 -106.43 -46.62
N SER NC 59 -47.72 -107.32 -45.74
CA SER NC 59 -46.30 -107.54 -45.51
C SER NC 59 -45.75 -108.51 -46.53
N PHE NC 60 -44.54 -108.23 -47.02
CA PHE NC 60 -43.91 -109.03 -48.06
C PHE NC 60 -42.45 -109.24 -47.71
N PRO NC 61 -41.89 -110.41 -48.05
CA PRO NC 61 -40.45 -110.61 -47.87
C PRO NC 61 -39.66 -109.73 -48.83
N ASN NC 62 -38.80 -108.88 -48.26
CA ASN NC 62 -37.92 -108.01 -49.02
C ASN NC 62 -36.50 -108.39 -48.60
N GLY NC 63 -35.88 -109.29 -49.36
CA GLY NC 63 -34.58 -109.81 -49.00
C GLY NC 63 -34.59 -110.50 -47.66
N ASP NC 64 -33.94 -109.88 -46.67
CA ASP NC 64 -33.92 -110.40 -45.31
C ASP NC 64 -35.01 -109.81 -44.44
N LYS NC 65 -35.52 -108.63 -44.80
CA LYS NC 65 -36.47 -107.90 -43.97
C LYS NC 65 -37.89 -108.08 -44.52
N LYS NC 66 -38.85 -107.39 -43.91
CA LYS NC 66 -40.21 -107.34 -44.42
C LYS NC 66 -40.56 -105.90 -44.81
N SER NC 67 -41.22 -105.77 -45.96
CA SER NC 67 -41.64 -104.48 -46.49
C SER NC 67 -43.15 -104.43 -46.57
N LEU NC 68 -43.71 -103.23 -46.44
CA LEU NC 68 -45.15 -103.02 -46.49
C LEU NC 68 -45.54 -102.55 -47.88
N VAL NC 69 -46.37 -103.35 -48.57
CA VAL NC 69 -46.94 -102.95 -49.83
C VAL NC 69 -48.34 -102.42 -49.59
N VAL NC 70 -48.60 -101.22 -50.10
CA VAL NC 70 -49.84 -100.49 -49.84
C VAL NC 70 -50.49 -100.13 -51.17
N VAL NC 71 -51.79 -100.38 -51.28
CA VAL NC 71 -52.59 -99.98 -52.43
C VAL NC 71 -53.73 -99.11 -51.92
N ASN NC 72 -53.83 -97.90 -52.44
CA ASN NC 72 -54.87 -96.96 -52.04
C ASN NC 72 -55.85 -96.73 -53.18
N LEU NC 73 -57.14 -96.80 -52.87
CA LEU NC 73 -58.20 -96.44 -53.79
C LEU NC 73 -58.99 -95.29 -53.17
N THR NC 74 -58.83 -94.09 -53.73
CA THR NC 74 -59.43 -92.89 -53.18
C THR NC 74 -60.42 -92.29 -54.18
N ALA NC 75 -61.60 -91.94 -53.69
CA ALA NC 75 -62.62 -91.28 -54.50
C ALA NC 75 -62.99 -89.94 -53.88
N HIS NC 76 -63.10 -88.92 -54.71
CA HIS NC 76 -63.51 -87.58 -54.30
C HIS NC 76 -64.82 -87.25 -55.01
N VAL NC 77 -65.91 -87.20 -54.27
CA VAL NC 77 -67.23 -86.96 -54.83
C VAL NC 77 -67.76 -85.65 -54.27
N PRO NC 78 -67.96 -84.62 -55.09
CA PRO NC 78 -68.53 -83.37 -54.58
C PRO NC 78 -70.00 -83.53 -54.23
N VAL NC 79 -70.43 -82.79 -53.21
CA VAL NC 79 -71.83 -82.81 -52.80
C VAL NC 79 -72.70 -82.17 -53.87
N GLY NC 80 -73.83 -82.79 -54.17
CA GLY NC 80 -74.76 -82.33 -55.17
C GLY NC 80 -74.81 -83.18 -56.41
N VAL NC 81 -73.81 -84.02 -56.63
CA VAL NC 81 -73.79 -84.93 -57.76
C VAL NC 81 -74.71 -86.11 -57.49
N ASP NC 82 -75.32 -86.64 -58.55
CA ASP NC 82 -76.17 -87.81 -58.42
C ASP NC 82 -75.32 -89.04 -58.10
N ALA NC 83 -75.70 -89.76 -57.05
CA ALA NC 83 -74.91 -90.92 -56.62
C ALA NC 83 -75.05 -92.10 -57.58
N THR NC 84 -76.24 -92.28 -58.17
CA THR NC 84 -76.44 -93.38 -59.10
C THR NC 84 -75.57 -93.23 -60.34
N ALA NC 85 -75.47 -92.00 -60.86
CA ALA NC 85 -74.62 -91.76 -62.03
C ALA NC 85 -73.16 -92.05 -61.71
N VAL NC 86 -72.69 -91.62 -60.54
CA VAL NC 86 -71.30 -91.87 -60.15
C VAL NC 86 -71.05 -93.36 -59.99
N ARG NC 87 -72.00 -94.07 -59.38
CA ARG NC 87 -71.84 -95.52 -59.22
C ARG NC 87 -71.80 -96.22 -60.58
N THR NC 88 -72.66 -95.80 -61.51
CA THR NC 88 -72.66 -96.39 -62.84
C THR NC 88 -71.35 -96.13 -63.56
N TRP NC 89 -70.83 -94.90 -63.46
CA TRP NC 89 -69.55 -94.58 -64.08
C TRP NC 89 -68.41 -95.39 -63.47
N MET NC 90 -68.40 -95.53 -62.14
CA MET NC 90 -67.36 -96.31 -61.49
C MET NC 90 -67.43 -97.78 -61.87
N THR NC 91 -68.64 -98.33 -61.99
CA THR NC 91 -68.78 -99.73 -62.35
C THR NC 91 -68.39 -100.00 -63.80
N SER NC 92 -68.83 -99.15 -64.73
CA SER NC 92 -68.62 -99.41 -66.15
C SER NC 92 -67.29 -98.90 -66.67
N GLU NC 93 -66.70 -97.88 -66.06
CA GLU NC 93 -65.51 -97.25 -66.61
C GLU NC 93 -64.30 -97.30 -65.70
N VAL NC 94 -64.47 -97.10 -64.40
CA VAL NC 94 -63.33 -97.05 -63.49
C VAL NC 94 -62.87 -98.46 -63.12
N PHE NC 95 -63.80 -99.32 -62.73
CA PHE NC 95 -63.44 -100.66 -62.26
C PHE NC 95 -62.75 -101.50 -63.33
N PRO NC 96 -63.24 -101.59 -64.58
CA PRO NC 96 -62.52 -102.41 -65.57
C PRO NC 96 -61.10 -101.94 -65.83
N GLY NC 97 -60.86 -100.63 -65.81
CA GLY NC 97 -59.52 -100.14 -66.07
C GLY NC 97 -58.60 -100.21 -64.87
N ALA NC 98 -59.15 -100.10 -63.66
CA ALA NC 98 -58.33 -100.14 -62.46
C ALA NC 98 -57.81 -101.54 -62.15
N THR NC 99 -58.48 -102.59 -62.63
CA THR NC 99 -58.07 -103.96 -62.40
C THR NC 99 -57.56 -104.63 -63.67
N SER NC 100 -56.91 -103.86 -64.55
CA SER NC 100 -56.38 -104.37 -65.80
C SER NC 100 -54.89 -104.65 -65.63
N SER NC 101 -54.28 -105.15 -66.72
CA SER NC 101 -52.84 -105.32 -66.74
C SER NC 101 -52.10 -103.99 -66.70
N VAL NC 102 -52.80 -102.89 -67.01
CA VAL NC 102 -52.18 -101.56 -66.95
C VAL NC 102 -51.78 -101.24 -65.52
N THR NC 103 -52.64 -101.57 -64.55
CA THR NC 103 -52.32 -101.30 -63.15
C THR NC 103 -51.09 -102.08 -62.70
N LEU NC 104 -51.04 -103.37 -63.05
CA LEU NC 104 -49.90 -104.19 -62.67
C LEU NC 104 -48.62 -103.71 -63.33
N ASP NC 105 -48.70 -103.36 -64.62
CA ASP NC 105 -47.52 -102.88 -65.32
C ASP NC 105 -47.02 -101.55 -64.74
N LEU NC 106 -47.95 -100.66 -64.40
CA LEU NC 106 -47.55 -99.40 -63.77
C LEU NC 106 -46.93 -99.65 -62.39
N ALA NC 107 -47.47 -100.60 -61.64
CA ALA NC 107 -46.96 -100.86 -60.30
C ALA NC 107 -45.55 -101.46 -60.35
N THR NC 108 -45.34 -102.49 -61.17
CA THR NC 108 -44.11 -103.25 -61.12
C THR NC 108 -43.11 -102.89 -62.22
N LYS NC 109 -43.44 -101.95 -63.11
CA LYS NC 109 -42.51 -101.57 -64.16
C LYS NC 109 -42.45 -100.07 -64.43
N GLY NC 110 -43.32 -99.26 -63.83
CA GLY NC 110 -43.37 -97.85 -64.15
C GLY NC 110 -43.79 -97.57 -65.57
N VAL NC 111 -44.68 -98.37 -66.13
CA VAL NC 111 -45.14 -98.17 -67.50
C VAL NC 111 -46.29 -97.17 -67.51
N ILE NC 112 -46.06 -96.01 -68.11
CA ILE NC 112 -47.09 -94.99 -68.26
C ILE NC 112 -47.50 -94.78 -69.70
N HIS NC 113 -46.76 -95.31 -70.67
CA HIS NC 113 -47.10 -95.22 -72.08
C HIS NC 113 -47.79 -96.50 -72.51
N LEU NC 114 -49.02 -96.37 -73.00
CA LEU NC 114 -49.83 -97.52 -73.38
C LEU NC 114 -49.54 -97.92 -74.81
N SER NC 115 -49.76 -99.20 -75.13
CA SER NC 115 -49.56 -99.73 -76.46
C SER NC 115 -50.39 -101.00 -76.62
N ASP NC 116 -50.79 -101.27 -77.87
CA ASP NC 116 -50.69 -100.42 -79.04
C ASP NC 116 -51.98 -100.50 -79.86
N ALA NC 117 -52.78 -101.51 -79.56
CA ALA NC 117 -54.02 -101.76 -80.29
C ALA NC 117 -55.24 -101.35 -79.50
N LEU OC 1 -49.16 -128.61 -1.39
CA LEU OC 1 -49.39 -127.23 -1.81
C LEU OC 1 -49.80 -127.20 -3.27
N SER OC 2 -51.06 -126.85 -3.53
CA SER OC 2 -51.60 -126.83 -4.89
C SER OC 2 -52.32 -125.51 -5.15
N ILE OC 3 -52.08 -124.95 -6.33
CA ILE OC 3 -52.85 -123.82 -6.84
C ILE OC 3 -53.46 -124.28 -8.15
N GLY OC 4 -54.68 -124.81 -8.10
CA GLY OC 4 -55.28 -125.45 -9.24
C GLY OC 4 -54.81 -126.89 -9.35
N THR OC 5 -54.18 -127.23 -10.49
CA THR OC 5 -53.59 -128.55 -10.68
C THR OC 5 -52.07 -128.51 -10.54
N LYS OC 6 -51.50 -127.38 -10.14
CA LYS OC 6 -50.06 -127.19 -10.08
C LYS OC 6 -49.57 -127.42 -8.66
N ASN OC 7 -48.52 -128.23 -8.51
CA ASN OC 7 -47.86 -128.42 -7.23
C ASN OC 7 -46.77 -127.37 -7.08
N VAL OC 8 -46.91 -126.52 -6.07
CA VAL OC 8 -45.98 -125.42 -5.85
C VAL OC 8 -45.35 -125.57 -4.47
N SER OC 9 -44.30 -124.79 -4.24
CA SER OC 9 -43.65 -124.73 -2.94
C SER OC 9 -43.39 -123.26 -2.60
N ILE OC 10 -43.32 -122.97 -1.30
CA ILE OC 10 -43.03 -121.62 -0.86
C ILE OC 10 -41.64 -121.24 -1.31
N TYR OC 11 -41.54 -120.14 -2.04
CA TYR OC 11 -40.27 -119.63 -2.56
C TYR OC 11 -39.87 -118.31 -1.94
N ARG OC 12 -40.83 -117.42 -1.69
CA ARG OC 12 -40.55 -116.16 -1.02
C ARG OC 12 -41.73 -115.81 -0.13
N ASN OC 13 -41.44 -115.39 1.10
CA ASN OC 13 -42.48 -115.10 2.07
C ASN OC 13 -42.27 -113.68 2.57
N THR OC 14 -43.25 -112.82 2.31
CA THR OC 14 -43.24 -111.42 2.69
C THR OC 14 -44.56 -111.11 3.40
N ALA OC 15 -44.56 -110.04 4.20
CA ALA OC 15 -45.73 -109.69 5.01
C ALA OC 15 -47.00 -109.61 4.17
N ASP OC 16 -46.90 -109.12 2.93
CA ASP OC 16 -48.07 -108.92 2.09
C ASP OC 16 -47.95 -109.60 0.74
N GLU OC 17 -47.01 -110.52 0.58
CA GLU OC 17 -46.83 -111.21 -0.70
C GLU OC 17 -46.13 -112.54 -0.44
N VAL OC 18 -46.68 -113.61 -1.02
CA VAL OC 18 -46.03 -114.92 -0.98
C VAL OC 18 -45.89 -115.41 -2.42
N ILE OC 19 -44.66 -115.70 -2.82
CA ILE OC 19 -44.36 -116.21 -4.15
C ILE OC 19 -44.11 -117.71 -4.04
N TYR OC 20 -44.89 -118.49 -4.77
CA TYR OC 20 -44.72 -119.94 -4.87
C TYR OC 20 -44.11 -120.29 -6.22
N ALA OC 21 -43.22 -121.26 -6.21
CA ALA OC 21 -42.51 -121.68 -7.42
C ALA OC 21 -43.05 -123.02 -7.89
N GLY OC 22 -43.21 -123.15 -9.21
CA GLY OC 22 -43.65 -124.39 -9.81
C GLY OC 22 -42.51 -125.35 -10.02
N PRO OC 23 -42.81 -126.51 -10.60
CA PRO OC 23 -41.74 -127.51 -10.82
C PRO OC 23 -40.64 -127.03 -11.76
N ALA OC 24 -40.96 -126.12 -12.69
CA ALA OC 24 -40.01 -125.68 -13.70
C ALA OC 24 -39.32 -124.38 -13.33
N HIS OC 25 -39.44 -123.94 -12.09
CA HIS OC 25 -38.80 -122.71 -11.65
C HIS OC 25 -37.40 -122.99 -11.13
N ASP OC 26 -36.45 -122.14 -11.51
CA ASP OC 26 -35.06 -122.25 -11.08
C ASP OC 26 -34.40 -120.88 -11.24
N VAL OC 27 -33.07 -120.85 -11.18
CA VAL OC 27 -32.34 -119.59 -11.28
C VAL OC 27 -32.51 -118.92 -12.64
N THR OC 28 -32.53 -119.70 -13.72
CA THR OC 28 -32.58 -119.13 -15.07
C THR OC 28 -33.97 -119.16 -15.71
N ASN OC 29 -34.94 -119.86 -15.13
CA ASN OC 29 -36.29 -119.93 -15.69
C ASN OC 29 -37.30 -119.49 -14.64
N VAL OC 30 -38.39 -118.90 -15.10
CA VAL OC 30 -39.43 -118.35 -14.23
C VAL OC 30 -40.68 -119.20 -14.39
N ASP OC 31 -41.15 -119.77 -13.29
CA ASP OC 31 -42.44 -120.45 -13.22
C ASP OC 31 -42.99 -120.16 -11.82
N THR OC 32 -43.75 -119.07 -11.69
CA THR OC 32 -44.14 -118.60 -10.37
C THR OC 32 -45.60 -118.18 -10.34
N VAL OC 33 -46.20 -118.37 -9.16
CA VAL OC 33 -47.52 -117.83 -8.84
C VAL OC 33 -47.37 -117.02 -7.56
N SER OC 34 -47.67 -115.73 -7.63
CA SER OC 34 -47.52 -114.81 -6.51
C SER OC 34 -48.89 -114.38 -6.00
N LEU OC 35 -49.12 -114.52 -4.71
CA LEU OC 35 -50.30 -113.98 -4.06
C LEU OC 35 -49.92 -112.71 -3.33
N ARG OC 36 -50.62 -111.62 -3.65
CA ARG OC 36 -50.36 -110.32 -3.06
C ARG OC 36 -51.66 -109.77 -2.50
N ARG OC 37 -51.54 -108.96 -1.45
CA ARG OC 37 -52.73 -108.41 -0.82
C ARG OC 37 -52.46 -106.98 -0.36
N SER OC 38 -53.51 -106.19 -0.35
CA SER OC 38 -53.52 -104.86 0.24
C SER OC 38 -54.72 -104.82 1.17
N LEU OC 39 -54.45 -104.79 2.47
CA LEU OC 39 -55.49 -104.87 3.48
C LEU OC 39 -56.23 -103.54 3.59
N PRO OC 40 -57.49 -103.57 4.03
CA PRO OC 40 -58.26 -102.33 4.15
C PRO OC 40 -57.60 -101.34 5.10
N VAL OC 41 -57.65 -100.07 4.74
CA VAL OC 41 -57.17 -98.98 5.58
C VAL OC 41 -58.38 -98.14 5.94
N LYS OC 42 -58.69 -98.07 7.24
CA LYS OC 42 -59.87 -97.34 7.71
C LYS OC 42 -59.52 -95.84 7.69
N LYS OC 43 -59.62 -95.28 6.50
CA LYS OC 43 -59.29 -93.86 6.28
C LYS OC 43 -60.55 -93.02 6.40
N GLY OC 44 -60.56 -92.11 7.37
CA GLY OC 44 -61.73 -91.29 7.60
C GLY OC 44 -62.93 -92.15 7.95
N SER OC 45 -64.05 -91.90 7.27
CA SER OC 45 -65.25 -92.70 7.46
C SER OC 45 -65.29 -93.94 6.56
N ASP OC 46 -64.55 -93.93 5.45
CA ASP OC 46 -64.50 -95.10 4.58
C ASP OC 46 -63.76 -96.23 5.29
N ASN OC 47 -64.36 -97.42 5.28
CA ASN OC 47 -63.73 -98.59 5.87
C ASN OC 47 -62.60 -99.15 5.03
N GLY OC 48 -62.41 -98.65 3.81
CA GLY OC 48 -61.33 -99.11 2.97
C GLY OC 48 -61.77 -100.15 1.95
N THR OC 49 -60.76 -100.70 1.28
CA THR OC 49 -60.97 -101.70 0.25
C THR OC 49 -59.93 -102.80 0.42
N MET OC 50 -60.37 -104.05 0.28
CA MET OC 50 -59.46 -105.19 0.27
C MET OC 50 -59.07 -105.49 -1.17
N ARG OC 51 -57.77 -105.47 -1.45
CA ARG OC 51 -57.26 -105.74 -2.80
C ARG OC 51 -56.52 -107.06 -2.79
N GLY OC 52 -56.90 -107.96 -3.67
CA GLY OC 52 -56.22 -109.23 -3.84
C GLY OC 52 -55.65 -109.33 -5.24
N ASN OC 53 -54.45 -109.90 -5.36
CA ASN OC 53 -53.80 -110.04 -6.65
C ASN OC 53 -53.17 -111.42 -6.75
N MET OC 54 -53.43 -112.09 -7.87
CA MET OC 54 -52.79 -113.36 -8.18
C MET OC 54 -52.02 -113.18 -9.50
N ASN OC 55 -50.73 -113.43 -9.46
CA ASN OC 55 -49.83 -113.19 -10.59
C ASN OC 55 -49.26 -114.51 -11.06
N PHE OC 56 -49.32 -114.76 -12.36
CA PHE OC 56 -48.74 -115.94 -12.98
C PHE OC 56 -47.62 -115.47 -13.89
N ALA OC 57 -46.42 -116.01 -13.69
CA ALA OC 57 -45.26 -115.63 -14.50
C ALA OC 57 -44.60 -116.88 -15.04
N LYS OC 58 -44.35 -116.90 -16.35
CA LYS OC 58 -43.68 -118.02 -16.99
C LYS OC 58 -42.70 -117.52 -18.03
N SER OC 59 -41.59 -118.25 -18.19
CA SER OC 59 -40.62 -117.96 -19.23
C SER OC 59 -40.95 -118.77 -20.49
N PHE OC 60 -40.75 -118.13 -21.64
CA PHE OC 60 -41.06 -118.73 -22.92
C PHE OC 60 -39.94 -118.43 -23.90
N PRO OC 61 -39.67 -119.34 -24.83
CA PRO OC 61 -38.70 -119.04 -25.90
C PRO OC 61 -39.20 -117.89 -26.77
N ASN OC 62 -38.33 -116.91 -26.99
CA ASN OC 62 -38.62 -115.75 -27.83
C ASN OC 62 -37.44 -115.59 -28.78
N GLY OC 63 -37.53 -116.23 -29.94
CA GLY OC 63 -36.43 -116.23 -30.88
C GLY OC 63 -35.18 -116.80 -30.27
N ASP OC 64 -34.21 -115.92 -29.99
CA ASP OC 64 -32.98 -116.36 -29.33
C ASP OC 64 -33.11 -116.33 -27.81
N LYS OC 65 -33.78 -115.32 -27.27
CA LYS OC 65 -33.80 -115.09 -25.83
C LYS OC 65 -35.02 -115.76 -25.20
N LYS OC 66 -35.29 -115.42 -23.94
CA LYS OC 66 -36.45 -115.92 -23.22
C LYS OC 66 -37.25 -114.74 -22.70
N SER OC 67 -38.53 -114.70 -23.04
CA SER OC 67 -39.43 -113.62 -22.65
C SER OC 67 -40.36 -114.07 -21.53
N LEU OC 68 -40.85 -113.10 -20.77
CA LEU OC 68 -41.70 -113.39 -19.61
C LEU OC 68 -43.15 -113.07 -19.95
N VAL OC 69 -44.01 -114.08 -19.82
CA VAL OC 69 -45.45 -113.92 -19.99
C VAL OC 69 -46.07 -113.87 -18.60
N VAL OC 70 -46.87 -112.84 -18.35
CA VAL OC 70 -47.46 -112.58 -17.04
C VAL OC 70 -48.97 -112.45 -17.21
N VAL OC 71 -49.73 -113.15 -16.37
CA VAL OC 71 -51.17 -113.03 -16.29
C VAL OC 71 -51.53 -112.54 -14.90
N ASN OC 72 -52.26 -111.43 -14.83
CA ASN OC 72 -52.65 -110.84 -13.56
C ASN OC 72 -54.14 -111.05 -13.32
N LEU OC 73 -54.51 -111.22 -12.06
CA LEU OC 73 -55.91 -111.33 -11.65
C LEU OC 73 -56.09 -110.54 -10.37
N THR OC 74 -56.72 -109.37 -10.47
CA THR OC 74 -56.86 -108.47 -9.34
C THR OC 74 -58.32 -108.24 -9.02
N ALA OC 75 -58.66 -108.34 -7.73
CA ALA OC 75 -60.00 -108.10 -7.23
C ALA OC 75 -59.98 -107.00 -6.20
N HIS OC 76 -60.93 -106.06 -6.31
CA HIS OC 76 -61.11 -104.97 -5.37
C HIS OC 76 -62.47 -105.13 -4.71
N VAL OC 77 -62.48 -105.42 -3.41
CA VAL OC 77 -63.74 -105.61 -2.70
C VAL OC 77 -63.86 -104.56 -1.60
N PRO OC 78 -64.81 -103.63 -1.69
CA PRO OC 78 -64.98 -102.65 -0.62
C PRO OC 78 -65.45 -103.31 0.67
N VAL OC 79 -65.01 -102.76 1.80
CA VAL OC 79 -65.37 -103.30 3.10
C VAL OC 79 -66.83 -103.01 3.39
N GLY OC 80 -67.56 -104.02 3.86
CA GLY OC 80 -68.98 -103.93 4.14
C GLY OC 80 -69.84 -104.67 3.14
N VAL OC 81 -69.33 -104.86 1.92
CA VAL OC 81 -70.05 -105.64 0.92
C VAL OC 81 -70.11 -107.09 1.39
N ASP OC 82 -71.29 -107.71 1.25
CA ASP OC 82 -71.47 -109.09 1.67
C ASP OC 82 -70.54 -110.01 0.88
N ALA OC 83 -69.78 -110.83 1.59
CA ALA OC 83 -68.76 -111.65 0.94
C ALA OC 83 -69.38 -112.77 0.12
N THR OC 84 -70.48 -113.36 0.61
CA THR OC 84 -71.09 -114.48 -0.09
C THR OC 84 -71.62 -114.06 -1.46
N ALA OC 85 -72.21 -112.86 -1.54
CA ALA OC 85 -72.69 -112.36 -2.82
C ALA OC 85 -71.54 -112.17 -3.80
N VAL OC 86 -70.42 -111.60 -3.33
CA VAL OC 86 -69.26 -111.43 -4.20
C VAL OC 86 -68.73 -112.78 -4.67
N ARG OC 87 -68.68 -113.76 -3.77
CA ARG OC 87 -68.14 -115.06 -4.14
C ARG OC 87 -69.03 -115.76 -5.16
N THR OC 88 -70.35 -115.70 -4.98
CA THR OC 88 -71.22 -116.34 -5.98
C THR OC 88 -71.21 -115.57 -7.30
N TRP OC 89 -71.03 -114.25 -7.25
CA TRP OC 89 -70.88 -113.48 -8.49
C TRP OC 89 -69.63 -113.89 -9.23
N MET OC 90 -68.51 -114.04 -8.52
CA MET OC 90 -67.27 -114.47 -9.16
C MET OC 90 -67.39 -115.88 -9.71
N THR OC 91 -68.00 -116.78 -8.94
CA THR OC 91 -68.12 -118.18 -9.36
C THR OC 91 -69.01 -118.32 -10.60
N SER OC 92 -70.11 -117.56 -10.64
CA SER OC 92 -71.09 -117.73 -11.71
C SER OC 92 -70.92 -116.76 -12.86
N GLU OC 93 -70.45 -115.54 -12.62
CA GLU OC 93 -70.41 -114.50 -13.64
C GLU OC 93 -69.01 -114.12 -14.09
N VAL OC 94 -68.02 -114.20 -13.21
CA VAL OC 94 -66.68 -113.73 -13.56
C VAL OC 94 -65.82 -114.87 -14.07
N PHE OC 95 -65.76 -115.98 -13.33
CA PHE OC 95 -64.89 -117.10 -13.65
C PHE OC 95 -65.23 -117.75 -15.00
N PRO OC 96 -66.50 -118.07 -15.30
CA PRO OC 96 -66.79 -118.68 -16.62
C PRO OC 96 -66.41 -117.78 -17.78
N GLY OC 97 -66.55 -116.46 -17.66
CA GLY OC 97 -66.19 -115.58 -18.74
C GLY OC 97 -64.71 -115.28 -18.82
N ALA OC 98 -64.00 -115.36 -17.69
CA ALA OC 98 -62.58 -115.06 -17.66
C ALA OC 98 -61.70 -116.22 -18.13
N THR OC 99 -62.28 -117.41 -18.32
CA THR OC 99 -61.53 -118.57 -18.75
C THR OC 99 -62.00 -119.10 -20.10
N SER OC 100 -62.70 -118.28 -20.86
CA SER OC 100 -63.25 -118.70 -22.15
C SER OC 100 -62.23 -118.39 -23.26
N SER OC 101 -62.65 -118.60 -24.51
CA SER OC 101 -61.79 -118.27 -25.65
C SER OC 101 -61.63 -116.77 -25.83
N VAL OC 102 -62.53 -115.97 -25.24
CA VAL OC 102 -62.40 -114.52 -25.32
C VAL OC 102 -61.10 -114.07 -24.68
N THR OC 103 -60.76 -114.63 -23.52
CA THR OC 103 -59.51 -114.30 -22.86
C THR OC 103 -58.31 -114.67 -23.72
N LEU OC 104 -58.35 -115.85 -24.35
CA LEU OC 104 -57.24 -116.27 -25.18
C LEU OC 104 -57.05 -115.35 -26.39
N ASP OC 105 -58.16 -115.00 -27.05
CA ASP OC 105 -58.06 -114.09 -28.20
C ASP OC 105 -57.56 -112.71 -27.77
N LEU OC 106 -58.06 -112.21 -26.63
CA LEU OC 106 -57.62 -110.90 -26.15
C LEU OC 106 -56.15 -110.91 -25.76
N ALA OC 107 -55.66 -112.00 -25.18
CA ALA OC 107 -54.27 -112.06 -24.75
C ALA OC 107 -53.32 -112.24 -25.93
N THR OC 108 -53.70 -113.05 -26.92
CA THR OC 108 -52.78 -113.35 -28.02
C THR OC 108 -52.95 -112.43 -29.21
N LYS OC 109 -54.16 -111.91 -29.46
CA LYS OC 109 -54.41 -111.09 -30.63
C LYS OC 109 -55.04 -109.74 -30.32
N GLY OC 110 -55.42 -109.48 -29.08
CA GLY OC 110 -56.06 -108.22 -28.75
C GLY OC 110 -57.47 -108.05 -29.28
N VAL OC 111 -58.22 -109.14 -29.38
CA VAL OC 111 -59.57 -109.09 -29.92
C VAL OC 111 -60.52 -108.57 -28.85
N ILE OC 112 -61.15 -107.43 -29.13
CA ILE OC 112 -62.08 -106.80 -28.20
C ILE OC 112 -63.52 -106.83 -28.69
N HIS OC 113 -63.77 -107.38 -29.88
CA HIS OC 113 -65.12 -107.51 -30.42
C HIS OC 113 -65.46 -108.99 -30.51
N LEU OC 114 -66.35 -109.47 -29.64
CA LEU OC 114 -66.66 -110.90 -29.56
C LEU OC 114 -67.94 -111.19 -30.34
N SER OC 115 -67.88 -110.96 -31.64
CA SER OC 115 -69.00 -111.22 -32.52
C SER OC 115 -69.14 -112.72 -32.79
N ASP OC 116 -70.39 -113.18 -32.92
CA ASP OC 116 -71.61 -112.42 -32.68
C ASP OC 116 -72.59 -113.24 -31.85
N ALA OC 117 -72.44 -114.56 -31.89
CA ALA OC 117 -73.34 -115.45 -31.18
C ALA OC 117 -73.07 -115.44 -29.68
N LEU PC 1 -39.33 -131.28 8.99
CA LEU PC 1 -38.18 -130.50 8.53
C LEU PC 1 -36.87 -131.08 9.06
N SER PC 2 -35.96 -131.42 8.14
CA SER PC 2 -34.68 -132.00 8.51
C SER PC 2 -33.59 -131.40 7.64
N ILE PC 3 -32.39 -131.29 8.21
CA ILE PC 3 -31.20 -130.85 7.50
C ILE PC 3 -30.15 -131.93 7.75
N GLY PC 4 -29.97 -132.83 6.80
CA GLY PC 4 -29.16 -134.00 7.04
C GLY PC 4 -29.88 -134.95 7.98
N THR PC 5 -29.33 -135.16 9.16
CA THR PC 5 -29.95 -136.01 10.18
C THR PC 5 -30.51 -135.23 11.35
N LYS PC 6 -30.55 -133.90 11.26
CA LYS PC 6 -31.01 -133.05 12.36
C LYS PC 6 -32.38 -132.48 12.04
N ASN PC 7 -33.30 -132.64 12.99
CA ASN PC 7 -34.63 -132.04 12.88
C ASN PC 7 -34.56 -130.57 13.26
N VAL PC 8 -35.15 -129.71 12.43
CA VAL PC 8 -35.15 -128.28 12.65
C VAL PC 8 -36.57 -127.76 12.52
N SER PC 9 -36.74 -126.50 12.90
CA SER PC 9 -38.03 -125.83 12.81
C SER PC 9 -37.81 -124.42 12.27
N ILE PC 10 -38.81 -123.91 11.56
CA ILE PC 10 -38.78 -122.52 11.11
C ILE PC 10 -38.62 -121.61 12.33
N TYR PC 11 -37.63 -120.73 12.29
CA TYR PC 11 -37.37 -119.79 13.36
C TYR PC 11 -37.45 -118.34 12.93
N ARG PC 12 -36.79 -117.97 11.84
CA ARG PC 12 -36.85 -116.62 11.33
C ARG PC 12 -36.96 -116.66 9.81
N ASN PC 13 -37.84 -115.83 9.26
CA ASN PC 13 -38.09 -115.81 7.82
C ASN PC 13 -37.90 -114.39 7.31
N THR PC 14 -37.06 -114.25 6.29
CA THR PC 14 -36.93 -112.98 5.57
C THR PC 14 -37.06 -113.25 4.07
N ALA PC 15 -36.90 -112.20 3.26
CA ALA PC 15 -37.10 -112.35 1.81
C ALA PC 15 -36.07 -113.30 1.21
N ASP PC 16 -34.81 -113.19 1.61
CA ASP PC 16 -33.74 -113.97 1.02
C ASP PC 16 -32.97 -114.81 2.04
N GLU PC 17 -33.45 -114.90 3.27
CA GLU PC 17 -32.76 -115.69 4.29
C GLU PC 17 -33.77 -116.33 5.21
N VAL PC 18 -33.54 -117.61 5.51
CA VAL PC 18 -34.37 -118.35 6.46
C VAL PC 18 -33.46 -118.99 7.50
N ILE PC 19 -33.74 -118.75 8.77
CA ILE PC 19 -33.02 -119.35 9.88
C ILE PC 19 -33.88 -120.42 10.52
N TYR PC 20 -33.35 -121.63 10.62
CA TYR PC 20 -33.97 -122.75 11.32
C TYR PC 20 -33.24 -123.01 12.62
N ALA PC 21 -33.99 -123.41 13.64
CA ALA PC 21 -33.46 -123.64 14.97
C ALA PC 21 -33.39 -125.14 15.24
N GLY PC 22 -32.28 -125.58 15.83
CA GLY PC 22 -32.12 -126.97 16.21
C GLY PC 22 -32.80 -127.27 17.54
N PRO PC 23 -32.77 -128.53 17.95
CA PRO PC 23 -33.44 -128.91 19.21
C PRO PC 23 -32.85 -128.25 20.44
N ALA PC 24 -31.61 -127.78 20.39
CA ALA PC 24 -30.93 -127.21 21.54
C ALA PC 24 -30.94 -125.69 21.56
N HIS PC 25 -31.67 -125.06 20.64
CA HIS PC 25 -31.68 -123.60 20.57
C HIS PC 25 -32.67 -123.03 21.58
N ASP PC 26 -32.19 -122.10 22.40
CA ASP PC 26 -33.04 -121.37 23.32
C ASP PC 26 -32.41 -119.99 23.55
N VAL PC 27 -32.84 -119.31 24.61
CA VAL PC 27 -32.36 -117.98 24.94
C VAL PC 27 -30.89 -118.01 25.31
N THR PC 28 -30.41 -119.15 25.83
CA THR PC 28 -29.05 -119.26 26.32
C THR PC 28 -28.10 -119.97 25.37
N ASN PC 29 -28.58 -120.93 24.58
CA ASN PC 29 -27.73 -121.73 23.72
C ASN PC 29 -28.12 -121.54 22.27
N VAL PC 30 -27.13 -121.39 21.40
CA VAL PC 30 -27.35 -121.22 19.97
C VAL PC 30 -27.19 -122.56 19.27
N ASP PC 31 -28.17 -122.93 18.45
CA ASP PC 31 -28.09 -124.09 17.58
C ASP PC 31 -28.94 -123.75 16.36
N THR PC 32 -28.30 -123.20 15.32
CA THR PC 32 -29.05 -122.69 14.18
C THR PC 32 -28.40 -123.08 12.87
N VAL PC 33 -29.23 -123.23 11.84
CA VAL PC 33 -28.79 -123.39 10.47
C VAL PC 33 -29.53 -122.37 9.62
N SER PC 34 -28.79 -121.56 8.88
CA SER PC 34 -29.35 -120.49 8.08
C SER PC 34 -29.10 -120.75 6.60
N LEU PC 35 -30.13 -120.54 5.79
CA LEU PC 35 -30.04 -120.63 4.34
C LEU PC 35 -30.25 -119.24 3.76
N ARG PC 36 -29.26 -118.76 3.02
CA ARG PC 36 -29.32 -117.42 2.43
C ARG PC 36 -29.05 -117.50 0.95
N ARG PC 37 -29.72 -116.65 0.18
CA ARG PC 37 -29.54 -116.61 -1.26
C ARG PC 37 -29.30 -115.18 -1.71
N SER PC 38 -28.43 -115.05 -2.71
CA SER PC 38 -28.21 -113.81 -3.44
C SER PC 38 -28.51 -114.13 -4.89
N LEU PC 39 -29.68 -113.71 -5.35
CA LEU PC 39 -30.12 -114.01 -6.70
C LEU PC 39 -29.32 -113.20 -7.71
N PRO PC 40 -29.09 -113.73 -8.90
CA PRO PC 40 -28.31 -113.00 -9.90
C PRO PC 40 -29.00 -111.71 -10.32
N VAL PC 41 -28.20 -110.68 -10.56
CA VAL PC 41 -28.67 -109.44 -11.16
C VAL PC 41 -27.99 -109.33 -12.52
N LYS PC 42 -28.81 -109.28 -13.57
CA LYS PC 42 -28.30 -109.33 -14.94
C LYS PC 42 -28.09 -107.91 -15.45
N LYS PC 43 -27.16 -107.21 -14.81
CA LYS PC 43 -26.79 -105.87 -15.19
C LYS PC 43 -25.99 -105.89 -16.49
N GLY PC 44 -26.17 -104.85 -17.30
CA GLY PC 44 -25.50 -104.74 -18.59
C GLY PC 44 -25.66 -105.97 -19.45
N SER PC 45 -24.54 -106.63 -19.76
CA SER PC 45 -24.55 -107.88 -20.51
C SER PC 45 -24.30 -109.10 -19.65
N ASP PC 46 -23.62 -108.96 -18.52
CA ASP PC 46 -23.36 -110.09 -17.64
C ASP PC 46 -24.64 -110.53 -16.95
N ASN PC 47 -24.88 -111.84 -16.94
CA ASN PC 47 -26.09 -112.39 -16.33
C ASN PC 47 -25.96 -112.57 -14.82
N GLY PC 48 -24.81 -112.23 -14.24
CA GLY PC 48 -24.65 -112.27 -12.81
C GLY PC 48 -24.35 -113.66 -12.26
N THR PC 49 -24.27 -113.72 -10.94
CA THR PC 49 -23.91 -114.93 -10.22
C THR PC 49 -24.96 -115.22 -9.16
N MET PC 50 -25.31 -116.49 -9.01
CA MET PC 50 -26.18 -116.92 -7.92
C MET PC 50 -25.31 -117.36 -6.75
N ARG PC 51 -25.57 -116.82 -5.56
CA ARG PC 51 -24.76 -117.10 -4.39
C ARG PC 51 -25.62 -117.79 -3.34
N GLY PC 52 -25.28 -119.03 -3.02
CA GLY PC 52 -26.00 -119.76 -2.00
C GLY PC 52 -25.16 -120.01 -0.76
N ASN PC 53 -25.62 -119.52 0.40
CA ASN PC 53 -24.85 -119.60 1.64
C ASN PC 53 -25.58 -120.46 2.65
N MET PC 54 -24.85 -121.38 3.27
CA MET PC 54 -25.35 -122.23 4.34
C MET PC 54 -24.53 -121.94 5.59
N ASN PC 55 -25.21 -121.60 6.68
CA ASN PC 55 -24.58 -121.16 7.92
C ASN PC 55 -24.93 -122.13 9.03
N PHE PC 56 -23.92 -122.61 9.76
CA PHE PC 56 -24.12 -123.44 10.94
C PHE PC 56 -23.55 -122.70 12.13
N ALA PC 57 -24.38 -122.49 13.16
CA ALA PC 57 -23.96 -121.73 14.32
C ALA PC 57 -24.26 -122.54 15.58
N LYS PC 58 -23.26 -122.66 16.46
CA LYS PC 58 -23.41 -123.41 17.69
C LYS PC 58 -22.63 -122.74 18.81
N SER PC 59 -23.24 -122.62 19.99
CA SER PC 59 -22.55 -122.10 21.14
C SER PC 59 -21.77 -123.21 21.85
N PHE PC 60 -20.60 -122.85 22.37
CA PHE PC 60 -19.70 -123.79 23.03
C PHE PC 60 -19.18 -123.15 24.32
N PRO PC 61 -18.90 -123.96 25.33
CA PRO PC 61 -18.26 -123.43 26.53
C PRO PC 61 -16.86 -122.92 26.23
N ASN PC 62 -16.54 -121.73 26.75
CA ASN PC 62 -15.23 -121.11 26.56
C ASN PC 62 -14.87 -120.50 27.90
N GLY PC 63 -14.15 -121.26 28.72
CA GLY PC 63 -13.87 -120.81 30.07
C GLY PC 63 -15.17 -120.64 30.83
N ASP PC 64 -15.39 -119.44 31.35
CA ASP PC 64 -16.62 -119.11 32.04
C ASP PC 64 -17.72 -118.63 31.09
N LYS PC 65 -17.37 -118.23 29.88
CA LYS PC 65 -18.34 -117.65 28.95
C LYS PC 65 -18.74 -118.67 27.89
N LYS PC 66 -19.49 -118.21 26.90
CA LYS PC 66 -19.87 -119.01 25.76
C LYS PC 66 -19.36 -118.35 24.48
N SER PC 67 -18.91 -119.17 23.54
CA SER PC 67 -18.35 -118.69 22.28
C SER PC 67 -19.12 -119.31 21.13
N LEU PC 68 -19.34 -118.52 20.08
CA LEU PC 68 -20.07 -118.98 18.91
C LEU PC 68 -19.10 -119.54 17.89
N VAL PC 69 -19.33 -120.79 17.49
CA VAL PC 69 -18.60 -121.42 16.39
C VAL PC 69 -19.51 -121.43 15.17
N VAL PC 70 -19.00 -120.90 14.06
CA VAL PC 70 -19.78 -120.72 12.84
C VAL PC 70 -19.05 -121.41 11.69
N VAL PC 71 -19.79 -122.19 10.91
CA VAL PC 71 -19.27 -122.84 9.71
C VAL PC 71 -20.09 -122.34 8.53
N ASN PC 72 -19.41 -121.84 7.51
CA ASN PC 72 -20.04 -121.29 6.32
C ASN PC 72 -19.72 -122.16 5.11
N LEU PC 73 -20.74 -122.40 4.28
CA LEU PC 73 -20.57 -123.12 3.02
C LEU PC 73 -21.26 -122.32 1.93
N THR PC 74 -20.47 -121.69 1.06
CA THR PC 74 -21.00 -120.78 0.05
C THR PC 74 -20.66 -121.29 -1.34
N ALA PC 75 -21.66 -121.30 -2.21
CA ALA PC 75 -21.50 -121.66 -3.62
C ALA PC 75 -21.75 -120.45 -4.48
N HIS PC 76 -20.83 -120.17 -5.40
CA HIS PC 76 -20.95 -119.06 -6.35
C HIS PC 76 -21.06 -119.67 -7.75
N VAL PC 77 -22.25 -119.65 -8.32
CA VAL PC 77 -22.50 -120.28 -9.61
C VAL PC 77 -22.83 -119.19 -10.61
N PRO PC 78 -21.99 -118.94 -11.62
CA PRO PC 78 -22.35 -117.97 -12.66
C PRO PC 78 -23.52 -118.46 -13.50
N VAL PC 79 -24.31 -117.51 -13.99
CA VAL PC 79 -25.51 -117.85 -14.75
C VAL PC 79 -25.11 -118.33 -16.14
N GLY PC 80 -25.72 -119.44 -16.58
CA GLY PC 80 -25.42 -120.06 -17.85
C GLY PC 80 -24.70 -121.38 -17.72
N VAL PC 81 -24.02 -121.60 -16.60
CA VAL PC 81 -23.37 -122.87 -16.34
C VAL PC 81 -24.42 -123.94 -16.09
N ASP PC 82 -24.21 -125.12 -16.68
CA ASP PC 82 -25.15 -126.21 -16.53
C ASP PC 82 -25.29 -126.60 -15.05
N ALA PC 83 -26.54 -126.64 -14.58
CA ALA PC 83 -26.78 -126.99 -13.18
C ALA PC 83 -26.41 -128.43 -12.89
N THR PC 84 -26.69 -129.35 -13.82
CA THR PC 84 -26.39 -130.76 -13.60
C THR PC 84 -24.89 -131.01 -13.48
N ALA PC 85 -24.10 -130.36 -14.33
CA ALA PC 85 -22.65 -130.51 -14.25
C ALA PC 85 -22.11 -129.98 -12.92
N VAL PC 86 -22.64 -128.83 -12.48
CA VAL PC 86 -22.21 -128.26 -11.20
C VAL PC 86 -22.58 -129.18 -10.05
N ARG PC 87 -23.79 -129.75 -10.08
CA ARG PC 87 -24.21 -130.66 -9.02
C ARG PC 87 -23.36 -131.91 -9.00
N THR PC 88 -23.02 -132.46 -10.18
CA THR PC 88 -22.15 -133.62 -10.24
C THR PC 88 -20.76 -133.31 -9.69
N TRP PC 89 -20.22 -132.14 -10.03
CA TRP PC 89 -18.91 -131.74 -9.51
C TRP PC 89 -18.95 -131.58 -8.00
N MET PC 90 -20.00 -130.95 -7.47
CA MET PC 90 -20.12 -130.75 -6.03
C MET PC 90 -20.26 -132.09 -5.29
N THR PC 91 -21.04 -133.00 -5.85
CA THR PC 91 -21.27 -134.29 -5.20
C THR PC 91 -20.02 -135.17 -5.25
N SER PC 92 -19.31 -135.18 -6.38
CA SER PC 92 -18.20 -136.11 -6.55
C SER PC 92 -16.86 -135.55 -6.09
N GLU PC 93 -16.68 -134.23 -6.10
CA GLU PC 93 -15.38 -133.65 -5.80
C GLU PC 93 -15.40 -132.75 -4.57
N VAL PC 94 -16.41 -131.89 -4.42
CA VAL PC 94 -16.40 -130.93 -3.32
C VAL PC 94 -16.88 -131.59 -2.03
N PHE PC 95 -17.97 -132.35 -2.09
CA PHE PC 95 -18.54 -132.92 -0.88
C PHE PC 95 -17.61 -133.89 -0.17
N PRO PC 96 -16.97 -134.87 -0.83
CA PRO PC 96 -16.04 -135.74 -0.11
C PRO PC 96 -14.86 -135.00 0.49
N GLY PC 97 -14.36 -133.95 -0.18
CA GLY PC 97 -13.22 -133.23 0.36
C GLY PC 97 -13.56 -132.26 1.47
N ALA PC 98 -14.79 -131.77 1.50
CA ALA PC 98 -15.24 -130.83 2.52
C ALA PC 98 -15.73 -131.52 3.78
N THR PC 99 -15.71 -132.85 3.82
CA THR PC 99 -16.11 -133.61 5.00
C THR PC 99 -15.01 -134.54 5.47
N SER PC 100 -13.79 -134.35 4.97
CA SER PC 100 -12.66 -135.20 5.33
C SER PC 100 -11.99 -134.66 6.59
N SER PC 101 -10.94 -135.37 7.03
CA SER PC 101 -10.14 -134.90 8.15
C SER PC 101 -9.42 -133.60 7.82
N VAL PC 102 -9.26 -133.29 6.54
CA VAL PC 102 -8.61 -132.04 6.14
C VAL PC 102 -9.39 -130.84 6.65
N THR PC 103 -10.72 -130.86 6.48
CA THR PC 103 -11.55 -129.76 6.94
C THR PC 103 -11.49 -129.63 8.45
N LEU PC 104 -11.56 -130.76 9.17
CA LEU PC 104 -11.50 -130.72 10.62
C LEU PC 104 -10.16 -130.15 11.10
N ASP PC 105 -9.07 -130.59 10.48
CA ASP PC 105 -7.75 -130.10 10.87
C ASP PC 105 -7.60 -128.61 10.58
N LEU PC 106 -8.10 -128.17 9.42
CA LEU PC 106 -8.02 -126.75 9.10
C LEU PC 106 -8.85 -125.91 10.07
N ALA PC 107 -10.02 -126.41 10.46
CA ALA PC 107 -10.90 -125.63 11.33
C ALA PC 107 -10.37 -125.56 12.75
N THR PC 108 -9.91 -126.70 13.30
CA THR PC 108 -9.58 -126.76 14.71
C THR PC 108 -8.08 -126.61 15.00
N LYS PC 109 -7.22 -126.67 13.99
CA LYS PC 109 -5.78 -126.56 14.20
C LYS PC 109 -5.11 -125.61 13.23
N GLY PC 110 -5.81 -125.13 12.21
CA GLY PC 110 -5.18 -124.28 11.21
C GLY PC 110 -4.16 -124.99 10.34
N VAL PC 111 -4.40 -126.24 10.00
CA VAL PC 111 -3.46 -127.02 9.20
C VAL PC 111 -3.77 -126.81 7.72
N ILE PC 112 -2.81 -126.25 6.99
CA ILE PC 112 -2.95 -126.01 5.56
C ILE PC 112 -2.03 -126.88 4.73
N HIS PC 113 -1.23 -127.75 5.36
CA HIS PC 113 -0.37 -128.69 4.67
C HIS PC 113 -0.88 -130.10 4.91
N LEU PC 114 -1.43 -130.75 3.88
CA LEU PC 114 -1.94 -132.11 4.02
C LEU PC 114 -0.90 -133.10 3.53
N SER PC 115 0.17 -133.24 4.31
CA SER PC 115 1.16 -134.26 4.05
C SER PC 115 0.73 -135.59 4.65
N ASP PC 116 1.19 -136.69 4.05
CA ASP PC 116 1.98 -136.78 2.82
C ASP PC 116 1.44 -137.89 1.93
N ALA PC 117 0.59 -138.75 2.50
CA ALA PC 117 0.05 -139.89 1.79
C ALA PC 117 -0.85 -139.45 0.63
N LEU QC 1 -0.66 -137.43 -1.91
CA LEU QC 1 -1.30 -136.17 -1.57
C LEU QC 1 -2.71 -136.13 -2.14
N SER QC 2 -3.70 -136.26 -1.28
CA SER QC 2 -5.10 -136.31 -1.71
C SER QC 2 -5.96 -135.49 -0.77
N ILE QC 3 -7.02 -134.91 -1.33
CA ILE QC 3 -8.05 -134.22 -0.57
C ILE QC 3 -9.36 -134.89 -0.91
N GLY QC 4 -9.97 -135.55 0.07
CA GLY QC 4 -11.14 -136.35 -0.19
C GLY QC 4 -10.80 -137.52 -1.10
N THR QC 5 -11.50 -137.63 -2.23
CA THR QC 5 -11.22 -138.65 -3.22
C THR QC 5 -10.36 -138.14 -4.37
N LYS QC 6 -9.94 -136.88 -4.34
CA LYS QC 6 -9.22 -136.27 -5.44
C LYS QC 6 -7.74 -136.17 -5.10
N ASN QC 7 -6.90 -136.70 -5.98
CA ASN QC 7 -5.46 -136.53 -5.83
C ASN QC 7 -5.05 -135.14 -6.29
N VAL QC 8 -4.23 -134.47 -5.48
CA VAL QC 8 -3.80 -133.11 -5.75
C VAL QC 8 -2.28 -133.04 -5.58
N SER QC 9 -1.71 -131.93 -6.06
CA SER QC 9 -0.30 -131.64 -5.89
C SER QC 9 -0.15 -130.19 -5.47
N ILE QC 10 0.96 -129.90 -4.78
CA ILE QC 10 1.21 -128.54 -4.32
C ILE QC 10 1.44 -127.65 -5.53
N TYR QC 11 0.63 -126.60 -5.65
CA TYR QC 11 0.72 -125.65 -6.75
C TYR QC 11 1.35 -124.33 -6.32
N ARG QC 12 0.88 -123.75 -5.21
CA ARG QC 12 1.48 -122.54 -4.68
C ARG QC 12 1.46 -122.62 -3.16
N ASN QC 13 2.45 -121.99 -2.54
CA ASN QC 13 2.67 -122.11 -1.10
C ASN QC 13 3.09 -120.76 -0.54
N THR QC 14 2.19 -120.13 0.21
CA THR QC 14 2.48 -118.93 0.98
C THR QC 14 2.42 -119.26 2.47
N ALA QC 15 2.60 -118.22 3.30
CA ALA QC 15 2.65 -118.42 4.73
C ALA QC 15 1.32 -118.94 5.29
N ASP QC 16 0.20 -118.37 4.84
CA ASP QC 16 -1.10 -118.73 5.37
C ASP QC 16 -2.03 -119.34 4.33
N GLU QC 17 -1.55 -119.58 3.12
CA GLU QC 17 -2.37 -120.20 2.08
C GLU QC 17 -1.54 -121.19 1.29
N VAL QC 18 -2.10 -122.37 1.05
CA VAL QC 18 -1.52 -123.34 0.14
C VAL QC 18 -2.58 -123.71 -0.89
N ILE QC 19 -2.26 -123.50 -2.16
CA ILE QC 19 -3.14 -123.84 -3.27
C ILE QC 19 -2.64 -125.15 -3.87
N TYR QC 20 -3.52 -126.13 -3.96
CA TYR QC 20 -3.24 -127.41 -4.58
C TYR QC 20 -4.00 -127.50 -5.90
N ALA QC 21 -3.39 -128.17 -6.87
CA ALA QC 21 -3.96 -128.30 -8.21
C ALA QC 21 -4.39 -129.75 -8.44
N GLY QC 22 -5.57 -129.91 -9.02
CA GLY QC 22 -6.04 -131.22 -9.39
C GLY QC 22 -5.34 -131.71 -10.64
N PRO QC 23 -5.61 -132.97 -11.02
CA PRO QC 23 -4.93 -133.52 -12.20
C PRO QC 23 -5.23 -132.75 -13.47
N ALA QC 24 -6.42 -132.18 -13.58
CA ALA QC 24 -6.82 -131.46 -14.79
C ALA QC 24 -6.36 -130.01 -14.83
N HIS QC 25 -5.88 -129.48 -13.70
CA HIS QC 25 -5.52 -128.06 -13.66
C HIS QC 25 -4.40 -127.76 -14.65
N ASP QC 26 -4.56 -126.66 -15.37
CA ASP QC 26 -3.60 -126.25 -16.39
C ASP QC 26 -3.68 -124.74 -16.56
N VAL QC 27 -3.04 -124.23 -17.61
CA VAL QC 27 -2.98 -122.78 -17.83
C VAL QC 27 -4.31 -122.20 -18.28
N THR QC 28 -5.22 -123.02 -18.80
CA THR QC 28 -6.53 -122.54 -19.24
C THR QC 28 -7.70 -123.14 -18.47
N ASN QC 29 -7.52 -124.27 -17.81
CA ASN QC 29 -8.57 -124.89 -17.00
C ASN QC 29 -8.18 -124.78 -15.53
N VAL QC 30 -9.08 -124.22 -14.72
CA VAL QC 30 -8.84 -124.06 -13.29
C VAL QC 30 -9.45 -125.24 -12.57
N ASP QC 31 -8.63 -125.96 -11.80
CA ASP QC 31 -9.10 -127.03 -10.91
C ASP QC 31 -8.22 -126.94 -9.66
N THR QC 32 -8.67 -126.18 -8.67
CA THR QC 32 -7.83 -125.87 -7.51
C THR QC 32 -8.58 -126.05 -6.21
N VAL QC 33 -7.84 -126.48 -5.18
CA VAL QC 33 -8.31 -126.51 -3.80
C VAL QC 33 -7.33 -125.69 -2.98
N SER QC 34 -7.81 -124.57 -2.44
CA SER QC 34 -7.01 -123.71 -1.59
C SER QC 34 -7.33 -123.95 -0.13
N LEU QC 35 -6.29 -124.01 0.70
CA LEU QC 35 -6.43 -124.01 2.15
C LEU QC 35 -5.82 -122.72 2.66
N ARG QC 36 -6.65 -121.87 3.25
CA ARG QC 36 -6.22 -120.59 3.78
C ARG QC 36 -6.58 -120.51 5.25
N ARG QC 37 -5.71 -119.87 6.03
CA ARG QC 37 -5.97 -119.69 7.45
C ARG QC 37 -5.72 -118.23 7.83
N SER QC 38 -6.50 -117.77 8.79
CA SER QC 38 -6.28 -116.50 9.45
C SER QC 38 -6.09 -116.80 10.93
N LEU QC 39 -4.86 -116.62 11.41
CA LEU QC 39 -4.50 -117.00 12.77
C LEU QC 39 -5.09 -116.02 13.77
N PRO QC 40 -5.41 -116.49 14.98
CA PRO QC 40 -6.04 -115.61 15.98
C PRO QC 40 -5.13 -114.45 16.36
N VAL QC 41 -5.70 -113.27 16.38
CA VAL QC 41 -5.00 -112.07 16.84
C VAL QC 41 -5.49 -111.77 18.25
N LYS QC 42 -4.59 -111.90 19.22
CA LYS QC 42 -4.94 -111.72 20.63
C LYS QC 42 -5.00 -110.23 20.91
N LYS QC 43 -6.19 -109.66 20.76
CA LYS QC 43 -6.39 -108.23 20.91
C LYS QC 43 -7.29 -107.95 22.12
N GLY QC 44 -6.83 -107.05 22.98
CA GLY QC 44 -7.60 -106.75 24.19
C GLY QC 44 -7.71 -107.97 25.07
N SER QC 45 -8.85 -108.10 25.73
CA SER QC 45 -9.15 -109.29 26.51
C SER QC 45 -9.62 -110.46 25.66
N ASP QC 46 -9.97 -110.20 24.40
CA ASP QC 46 -10.39 -111.24 23.49
C ASP QC 46 -9.17 -111.98 22.94
N ASN QC 47 -9.22 -113.30 22.98
CA ASN QC 47 -8.11 -114.12 22.50
C ASN QC 47 -8.16 -114.36 20.99
N GLY QC 48 -9.08 -113.72 20.29
CA GLY QC 48 -9.14 -113.84 18.84
C GLY QC 48 -9.87 -115.08 18.38
N THR QC 49 -9.83 -115.28 17.06
CA THR QC 49 -10.56 -116.36 16.41
C THR QC 49 -9.73 -116.91 15.26
N MET QC 50 -9.63 -118.22 15.19
CA MET QC 50 -8.99 -118.89 14.06
C MET QC 50 -10.00 -119.04 12.94
N ARG QC 51 -9.65 -118.55 11.75
CA ARG QC 51 -10.48 -118.70 10.56
C ARG QC 51 -9.84 -119.71 9.62
N GLY QC 52 -10.61 -120.68 9.19
CA GLY QC 52 -10.12 -121.64 8.21
C GLY QC 52 -11.01 -121.70 6.99
N ASN QC 53 -10.44 -121.45 5.81
CA ASN QC 53 -11.20 -121.40 4.57
C ASN QC 53 -10.70 -122.46 3.61
N MET QC 54 -11.63 -123.21 3.04
CA MET QC 54 -11.36 -124.23 2.03
C MET QC 54 -12.07 -123.81 0.76
N ASN QC 55 -11.30 -123.54 -0.30
CA ASN QC 55 -11.82 -123.00 -1.54
C ASN QC 55 -11.70 -124.03 -2.66
N PHE QC 56 -12.81 -124.34 -3.29
CA PHE QC 56 -12.84 -125.21 -4.46
C PHE QC 56 -13.15 -124.34 -5.67
N ALA QC 57 -12.25 -124.32 -6.64
CA ALA QC 57 -12.43 -123.54 -7.86
C ALA QC 57 -12.36 -124.46 -9.06
N LYS QC 58 -13.36 -124.36 -9.95
CA LYS QC 58 -13.42 -125.20 -11.13
C LYS QC 58 -13.91 -124.39 -12.32
N SER QC 59 -13.29 -124.61 -13.49
CA SER QC 59 -13.72 -123.99 -14.72
C SER QC 59 -14.83 -124.80 -15.37
N PHE QC 60 -15.84 -124.11 -15.88
CA PHE QC 60 -17.00 -124.74 -16.47
C PHE QC 60 -17.35 -124.05 -17.77
N PRO QC 61 -17.84 -124.78 -18.77
CA PRO QC 61 -18.33 -124.15 -20.00
C PRO QC 61 -19.59 -123.35 -19.73
N ASN QC 62 -19.52 -122.04 -20.00
CA ASN QC 62 -20.66 -121.14 -19.89
C ASN QC 62 -20.89 -120.59 -21.30
N GLY QC 63 -21.83 -121.20 -22.02
CA GLY QC 63 -22.07 -120.85 -23.40
C GLY QC 63 -20.82 -121.01 -24.24
N ASP QC 64 -20.27 -119.90 -24.70
CA ASP QC 64 -19.04 -119.91 -25.49
C ASP QC 64 -17.79 -119.72 -24.65
N LYS QC 65 -17.92 -119.14 -23.46
CA LYS QC 65 -16.77 -118.80 -22.63
C LYS QC 65 -16.63 -119.82 -21.49
N LYS QC 66 -15.71 -119.54 -20.57
CA LYS QC 66 -15.53 -120.37 -19.39
C LYS QC 66 -15.77 -119.54 -18.14
N SER QC 67 -16.58 -120.07 -17.23
CA SER QC 67 -16.91 -119.43 -15.97
C SER QC 67 -16.28 -120.19 -14.82
N LEU QC 68 -16.01 -119.48 -13.73
CA LEU QC 68 -15.40 -120.07 -12.54
C LEU QC 68 -16.48 -120.34 -11.51
N VAL QC 69 -16.66 -121.61 -11.17
CA VAL QC 69 -17.54 -122.00 -10.07
C VAL QC 69 -16.69 -122.19 -8.82
N VAL QC 70 -17.09 -121.53 -7.74
CA VAL QC 70 -16.33 -121.50 -6.50
C VAL QC 70 -17.22 -121.95 -5.37
N VAL QC 71 -16.70 -122.85 -4.53
CA VAL QC 71 -17.37 -123.28 -3.30
C VAL QC 71 -16.43 -122.97 -2.14
N ASN QC 72 -16.92 -122.24 -1.16
CA ASN QC 72 -16.13 -121.87 0.01
C ASN QC 72 -16.70 -122.54 1.25
N LEU QC 73 -15.82 -123.14 2.05
CA LEU QC 73 -16.17 -123.69 3.35
C LEU QC 73 -15.31 -122.99 4.40
N THR QC 74 -15.93 -122.13 5.19
CA THR QC 74 -15.23 -121.32 6.17
C THR QC 74 -15.69 -121.66 7.57
N ALA QC 75 -14.74 -121.81 8.49
CA ALA QC 75 -15.02 -122.07 9.90
C ALA QC 75 -14.37 -120.99 10.74
N HIS QC 76 -15.10 -120.50 11.74
CA HIS QC 76 -14.61 -119.49 12.67
C HIS QC 76 -14.65 -120.09 14.07
N VAL QC 77 -13.49 -120.45 14.61
CA VAL QC 77 -13.38 -121.09 15.90
C VAL QC 77 -12.72 -120.12 16.87
N PRO QC 78 -13.41 -119.64 17.90
CA PRO QC 78 -12.77 -118.75 18.88
C PRO QC 78 -11.77 -119.51 19.74
N VAL QC 79 -10.71 -118.81 20.14
CA VAL QC 79 -9.72 -119.40 21.03
C VAL QC 79 -10.31 -119.66 22.40
N GLY QC 80 -10.04 -120.84 22.94
CA GLY QC 80 -10.53 -121.25 24.24
C GLY QC 80 -11.57 -122.34 24.20
N VAL QC 81 -12.14 -122.61 23.04
CA VAL QC 81 -13.11 -123.69 22.89
C VAL QC 81 -12.39 -125.02 22.77
N ASP QC 82 -13.02 -126.07 23.28
CA ASP QC 82 -12.45 -127.41 23.15
C ASP QC 82 -12.53 -127.86 21.70
N ALA QC 83 -11.37 -128.26 21.16
CA ALA QC 83 -11.30 -128.64 19.75
C ALA QC 83 -12.00 -129.97 19.48
N THR QC 84 -11.95 -130.90 20.43
CA THR QC 84 -12.62 -132.19 20.24
C THR QC 84 -14.12 -132.01 20.14
N ALA QC 85 -14.71 -131.16 20.97
CA ALA QC 85 -16.14 -130.89 20.89
C ALA QC 85 -16.52 -130.28 19.54
N VAL QC 86 -15.71 -129.34 19.05
CA VAL QC 86 -15.98 -128.72 17.76
C VAL QC 86 -15.89 -129.75 16.64
N ARG QC 87 -14.89 -130.63 16.69
CA ARG QC 87 -14.75 -131.66 15.68
C ARG QC 87 -15.94 -132.62 15.70
N THR QC 88 -16.38 -133.01 16.89
CA THR QC 88 -17.54 -133.90 17.00
C THR QC 88 -18.79 -133.24 16.45
N TRP QC 89 -19.00 -131.96 16.77
CA TRP QC 89 -20.15 -131.22 16.25
C TRP QC 89 -20.09 -131.12 14.73
N MET QC 90 -18.92 -130.80 14.18
CA MET QC 90 -18.77 -130.70 12.73
C MET QC 90 -19.02 -132.03 12.04
N THR QC 91 -18.52 -133.13 12.62
CA THR QC 91 -18.71 -134.44 12.01
C THR QC 91 -20.17 -134.88 12.06
N SER QC 92 -20.81 -134.76 13.22
CA SER QC 92 -22.16 -135.30 13.40
C SER QC 92 -23.26 -134.35 12.93
N GLU QC 93 -23.02 -133.05 12.89
CA GLU QC 93 -24.09 -132.09 12.67
C GLU QC 93 -23.87 -131.19 11.46
N VAL QC 94 -22.63 -130.77 11.20
CA VAL QC 94 -22.39 -129.85 10.09
C VAL QC 94 -22.22 -130.60 8.78
N PHE QC 95 -21.39 -131.64 8.79
CA PHE QC 95 -21.08 -132.36 7.55
C PHE QC 95 -22.29 -133.02 6.90
N PRO QC 96 -23.16 -133.74 7.62
CA PRO QC 96 -24.32 -134.34 6.94
C PRO QC 96 -25.23 -133.31 6.29
N GLY QC 97 -25.44 -132.16 6.91
CA GLY QC 97 -26.28 -131.14 6.32
C GLY QC 97 -25.63 -130.38 5.19
N ALA QC 98 -24.31 -130.16 5.27
CA ALA QC 98 -23.61 -129.41 4.25
C ALA QC 98 -23.50 -130.17 2.94
N THR QC 99 -23.52 -131.50 2.98
CA THR QC 99 -23.42 -132.32 1.77
C THR QC 99 -24.74 -133.03 1.46
N SER QC 100 -25.86 -132.34 1.69
CA SER QC 100 -27.18 -132.89 1.43
C SER QC 100 -27.74 -132.29 0.15
N SER QC 101 -28.97 -132.71 -0.19
CA SER QC 101 -29.66 -132.11 -1.32
C SER QC 101 -30.02 -130.65 -1.06
N VAL QC 102 -30.04 -130.23 0.21
CA VAL QC 102 -30.34 -128.84 0.53
C VAL QC 102 -29.30 -127.92 -0.08
N THR QC 103 -28.02 -128.29 0.01
CA THR QC 103 -26.96 -127.48 -0.56
C THR QC 103 -27.10 -127.37 -2.08
N LEU QC 104 -27.37 -128.49 -2.74
CA LEU QC 104 -27.51 -128.48 -4.19
C LEU QC 104 -28.70 -127.64 -4.63
N ASP QC 105 -29.84 -127.78 -3.95
CA ASP QC 105 -31.01 -127.00 -4.31
C ASP QC 105 -30.79 -125.52 -4.04
N LEU QC 106 -30.09 -125.18 -2.96
CA LEU QC 106 -29.78 -123.78 -2.70
C LEU QC 106 -28.84 -123.23 -3.78
N ALA QC 107 -27.87 -124.03 -4.22
CA ALA QC 107 -26.90 -123.55 -5.20
C ALA QC 107 -27.55 -123.35 -6.57
N THR QC 108 -28.34 -124.32 -7.03
CA THR QC 108 -28.81 -124.31 -8.41
C THR QC 108 -30.24 -123.81 -8.57
N LYS QC 109 -30.97 -123.57 -7.47
CA LYS QC 109 -32.35 -123.09 -7.57
C LYS QC 109 -32.67 -121.95 -6.63
N GLY QC 110 -31.79 -121.58 -5.70
CA GLY QC 110 -32.11 -120.57 -4.72
C GLY QC 110 -33.20 -120.98 -3.74
N VAL QC 111 -33.23 -122.24 -3.34
CA VAL QC 111 -34.25 -122.72 -2.42
C VAL QC 111 -33.78 -122.50 -0.99
N ILE QC 112 -34.48 -121.63 -0.27
CA ILE QC 112 -34.19 -121.37 1.14
C ILE QC 112 -35.29 -121.87 2.06
N HIS QC 113 -36.43 -122.25 1.53
CA HIS QC 113 -37.53 -122.79 2.32
C HIS QC 113 -37.53 -124.30 2.21
N LEU QC 114 -37.39 -124.98 3.36
CA LEU QC 114 -37.28 -126.43 3.39
C LEU QC 114 -38.65 -127.07 3.43
N SER QC 115 -38.75 -128.27 2.87
CA SER QC 115 -39.99 -129.04 2.85
C SER QC 115 -39.66 -130.52 2.77
N ASP QC 116 -40.55 -131.34 3.34
CA ASP QC 116 -41.69 -130.97 4.17
C ASP QC 116 -41.80 -131.91 5.36
N ALA QC 117 -41.07 -133.02 5.30
CA ALA QC 117 -41.12 -134.03 6.34
C ALA QC 117 -39.79 -134.12 7.09
N LEU RC 1 27.87 -128.69 -40.28
CA LEU RC 1 27.49 -127.80 -39.20
C LEU RC 1 26.37 -128.44 -38.38
N SER RC 2 26.68 -128.84 -37.16
CA SER RC 2 25.73 -129.52 -36.28
C SER RC 2 25.74 -128.91 -34.90
N ILE RC 3 24.56 -128.79 -34.31
CA ILE RC 3 24.38 -128.44 -32.90
C ILE RC 3 23.50 -129.54 -32.31
N GLY RC 4 24.14 -130.57 -31.75
CA GLY RC 4 23.43 -131.76 -31.32
C GLY RC 4 23.20 -132.70 -32.48
N THR RC 5 21.94 -133.06 -32.74
CA THR RC 5 21.58 -133.87 -33.89
C THR RC 5 21.03 -133.03 -35.04
N LYS RC 6 21.07 -131.71 -34.92
CA LYS RC 6 20.46 -130.80 -35.88
C LYS RC 6 21.51 -130.29 -36.86
N ASN RC 7 21.17 -130.32 -38.15
CA ASN RC 7 22.01 -129.73 -39.17
C ASN RC 7 21.58 -128.28 -39.40
N VAL RC 8 22.47 -127.35 -39.09
CA VAL RC 8 22.18 -125.92 -39.19
C VAL RC 8 23.13 -125.30 -40.20
N SER RC 9 22.82 -124.07 -40.58
CA SER RC 9 23.68 -123.27 -41.44
C SER RC 9 23.76 -121.86 -40.88
N ILE RC 10 24.86 -121.17 -41.20
CA ILE RC 10 25.02 -119.79 -40.74
C ILE RC 10 23.95 -118.93 -41.37
N TYR RC 11 23.20 -118.22 -40.53
CA TYR RC 11 22.14 -117.32 -40.98
C TYR RC 11 22.47 -115.86 -40.70
N ARG RC 12 23.12 -115.56 -39.59
CA ARG RC 12 23.52 -114.20 -39.29
C ARG RC 12 24.83 -114.25 -38.53
N ASN RC 13 25.78 -113.41 -38.93
CA ASN RC 13 27.12 -113.41 -38.34
C ASN RC 13 27.42 -112.00 -37.83
N THR RC 14 27.51 -111.86 -36.52
CA THR RC 14 27.80 -110.59 -35.86
C THR RC 14 29.02 -110.81 -34.97
N ALA RC 15 29.64 -109.71 -34.53
CA ALA RC 15 30.88 -109.80 -33.76
C ALA RC 15 30.72 -110.67 -32.52
N ASP RC 16 29.58 -110.57 -31.83
CA ASP RC 16 29.41 -111.26 -30.56
C ASP RC 16 28.24 -112.24 -30.58
N GLU RC 17 27.64 -112.49 -31.74
CA GLU RC 17 26.50 -113.39 -31.81
C GLU RC 17 26.39 -113.96 -33.21
N VAL RC 18 26.20 -115.28 -33.30
CA VAL RC 18 25.98 -115.96 -34.57
C VAL RC 18 24.66 -116.72 -34.46
N ILE RC 19 23.76 -116.45 -35.40
CA ILE RC 19 22.47 -117.15 -35.48
C ILE RC 19 22.56 -118.19 -36.58
N TYR RC 20 22.27 -119.44 -36.23
CA TYR RC 20 22.19 -120.55 -37.17
C TYR RC 20 20.74 -120.93 -37.35
N ALA RC 21 20.39 -121.31 -38.58
CA ALA RC 21 19.01 -121.65 -38.94
C ALA RC 21 18.89 -123.14 -39.21
N GLY RC 22 17.82 -123.73 -38.70
CA GLY RC 22 17.54 -125.12 -38.95
C GLY RC 22 16.84 -125.34 -40.27
N PRO RC 23 16.55 -126.59 -40.61
CA PRO RC 23 15.91 -126.87 -41.90
C PRO RC 23 14.53 -126.26 -42.05
N ALA RC 24 13.84 -126.00 -40.93
CA ALA RC 24 12.48 -125.47 -40.97
C ALA RC 24 12.42 -123.96 -40.87
N HIS RC 25 13.57 -123.28 -40.90
CA HIS RC 25 13.60 -121.83 -40.81
C HIS RC 25 13.41 -121.20 -42.19
N ASP RC 26 12.59 -120.16 -42.22
CA ASP RC 26 12.31 -119.42 -43.46
C ASP RC 26 11.81 -118.02 -43.06
N VAL RC 27 11.23 -117.30 -44.02
CA VAL RC 27 10.75 -115.95 -43.76
C VAL RC 27 9.57 -115.93 -42.79
N THR RC 28 8.68 -116.92 -42.86
CA THR RC 28 7.48 -116.92 -42.04
C THR RC 28 7.55 -117.83 -40.82
N ASN RC 29 8.55 -118.71 -40.73
CA ASN RC 29 8.69 -119.62 -39.60
C ASN RC 29 10.06 -119.45 -38.97
N VAL RC 30 10.12 -119.64 -37.65
CA VAL RC 30 11.35 -119.45 -36.89
C VAL RC 30 11.83 -120.82 -36.42
N ASP RC 31 13.07 -121.16 -36.80
CA ASP RC 31 13.76 -122.34 -36.29
C ASP RC 31 15.23 -121.94 -36.20
N THR RC 32 15.64 -121.43 -35.04
CA THR RC 32 16.96 -120.85 -34.91
C THR RC 32 17.65 -121.27 -33.63
N VAL RC 33 18.97 -121.37 -33.70
CA VAL RC 33 19.84 -121.51 -32.54
C VAL RC 33 20.87 -120.40 -32.60
N SER RC 34 20.89 -119.53 -31.60
CA SER RC 34 21.77 -118.38 -31.55
C SER RC 34 22.82 -118.57 -30.46
N LEU RC 35 24.09 -118.42 -30.83
CA LEU RC 35 25.19 -118.41 -29.86
C LEU RC 35 25.60 -116.97 -29.63
N ARG RC 36 25.58 -116.55 -28.36
CA ARG RC 36 25.91 -115.19 -27.98
C ARG RC 36 26.96 -115.22 -26.89
N ARG RC 37 27.78 -114.17 -26.84
CA ARG RC 37 28.84 -114.13 -25.85
C ARG RC 37 29.06 -112.71 -25.36
N SER RC 38 29.53 -112.61 -24.12
CA SER RC 38 30.01 -111.37 -23.55
C SER RC 38 31.39 -111.66 -22.97
N LEU RC 39 32.42 -111.12 -23.62
CA LEU RC 39 33.79 -111.39 -23.26
C LEU RC 39 34.17 -110.66 -21.97
N PRO RC 40 35.15 -111.18 -21.24
CA PRO RC 40 35.54 -110.54 -19.97
C PRO RC 40 36.03 -109.12 -20.18
N VAL RC 41 35.69 -108.26 -19.23
CA VAL RC 41 36.14 -106.87 -19.21
C VAL RC 41 37.02 -106.71 -17.97
N LYS RC 42 38.27 -106.31 -18.18
CA LYS RC 42 39.26 -106.19 -17.11
C LYS RC 42 39.02 -104.89 -16.34
N LYS RC 43 37.83 -104.78 -15.76
CA LYS RC 43 37.44 -103.58 -15.03
C LYS RC 43 38.15 -103.58 -13.69
N GLY RC 44 38.99 -102.57 -13.47
CA GLY RC 44 39.70 -102.47 -12.21
C GLY RC 44 40.59 -103.68 -11.97
N SER RC 45 40.54 -104.21 -10.74
CA SER RC 45 41.26 -105.42 -10.39
C SER RC 45 40.50 -106.69 -10.73
N ASP RC 46 39.18 -106.60 -10.89
CA ASP RC 46 38.40 -107.76 -11.28
C ASP RC 46 38.74 -108.16 -12.71
N ASN RC 47 39.01 -109.45 -12.90
CA ASN RC 47 39.35 -109.95 -14.23
C ASN RC 47 38.14 -110.10 -15.13
N GLY RC 48 36.93 -109.91 -14.61
CA GLY RC 48 35.74 -109.99 -15.43
C GLY RC 48 35.09 -111.36 -15.40
N THR RC 49 34.02 -111.48 -16.18
CA THR RC 49 33.25 -112.70 -16.28
C THR RC 49 32.96 -112.99 -17.74
N MET RC 50 33.15 -114.25 -18.14
CA MET RC 50 32.76 -114.70 -19.46
C MET RC 50 31.31 -115.15 -19.41
N ARG RC 51 30.48 -114.57 -20.28
CA ARG RC 51 29.07 -114.93 -20.34
C ARG RC 51 28.79 -115.62 -21.67
N GLY RC 52 28.20 -116.80 -21.62
CA GLY RC 52 27.81 -117.53 -22.81
C GLY RC 52 26.30 -117.74 -22.82
N ASN RC 53 25.70 -117.66 -24.00
CA ASN RC 53 24.26 -117.82 -24.14
C ASN RC 53 23.94 -118.67 -25.36
N MET RC 54 23.13 -119.69 -25.16
CA MET RC 54 22.55 -120.48 -26.25
C MET RC 54 21.05 -120.24 -26.25
N ASN RC 55 20.52 -119.79 -27.38
CA ASN RC 55 19.11 -119.47 -27.52
C ASN RC 55 18.50 -120.39 -28.56
N PHE RC 56 17.39 -121.04 -28.19
CA PHE RC 56 16.64 -121.90 -29.10
C PHE RC 56 15.29 -121.27 -29.33
N ALA RC 57 14.95 -121.00 -30.58
CA ALA RC 57 13.68 -120.36 -30.91
C ALA RC 57 12.96 -121.19 -31.95
N LYS RC 58 11.68 -121.48 -31.69
CA LYS RC 58 10.88 -122.25 -32.62
C LYS RC 58 9.48 -121.65 -32.70
N SER RC 59 8.87 -121.76 -33.87
CA SER RC 59 7.49 -121.34 -34.07
C SER RC 59 6.56 -122.54 -33.88
N PHE RC 60 5.40 -122.27 -33.26
CA PHE RC 60 4.42 -123.29 -32.94
C PHE RC 60 3.02 -122.78 -33.26
N PRO RC 61 2.12 -123.66 -33.67
CA PRO RC 61 0.73 -123.23 -33.86
C PRO RC 61 0.08 -122.89 -32.52
N ASN RC 62 -0.46 -121.67 -32.45
CA ASN RC 62 -1.15 -121.17 -31.25
C ASN RC 62 -2.54 -120.73 -31.70
N GLY RC 63 -3.50 -121.64 -31.60
CA GLY RC 63 -4.84 -121.36 -32.07
C GLY RC 63 -4.86 -120.98 -33.52
N ASP RC 64 -5.11 -119.70 -33.81
CA ASP RC 64 -5.08 -119.22 -35.17
C ASP RC 64 -3.68 -118.78 -35.59
N LYS RC 65 -2.93 -118.16 -34.69
CA LYS RC 65 -1.66 -117.55 -35.03
C LYS RC 65 -0.51 -118.52 -34.78
N LYS RC 66 0.72 -118.00 -34.82
CA LYS RC 66 1.91 -118.78 -34.52
C LYS RC 66 2.68 -118.08 -33.42
N SER RC 67 2.99 -118.80 -32.35
CA SER RC 67 3.70 -118.26 -31.20
C SER RC 67 5.12 -118.79 -31.15
N LEU RC 68 5.99 -118.02 -30.51
CA LEU RC 68 7.42 -118.33 -30.45
C LEU RC 68 7.76 -118.92 -29.09
N VAL RC 69 8.31 -120.12 -29.09
CA VAL RC 69 8.83 -120.78 -27.89
C VAL RC 69 10.35 -120.63 -27.88
N VAL RC 70 10.88 -120.12 -26.76
CA VAL RC 70 12.29 -119.82 -26.64
C VAL RC 70 12.84 -120.50 -25.40
N VAL RC 71 13.97 -121.20 -25.57
CA VAL RC 71 14.69 -121.83 -24.46
C VAL RC 71 16.07 -121.19 -24.40
N ASN RC 72 16.42 -120.63 -23.24
CA ASN RC 72 17.70 -120.00 -23.05
C ASN RC 72 18.58 -120.85 -22.14
N LEU RC 73 19.88 -120.83 -22.41
CA LEU RC 73 20.87 -121.48 -21.56
C LEU RC 73 22.04 -120.52 -21.42
N THR RC 74 22.18 -119.91 -20.25
CA THR RC 74 23.20 -118.91 -20.01
C THR RC 74 24.16 -119.38 -18.93
N ALA RC 75 25.45 -119.22 -19.18
CA ALA RC 75 26.49 -119.58 -18.24
C ALA RC 75 27.35 -118.35 -17.94
N HIS RC 76 27.70 -118.18 -16.67
CA HIS RC 76 28.56 -117.09 -16.20
C HIS RC 76 29.77 -117.72 -15.52
N VAL RC 77 30.94 -117.58 -16.14
CA VAL RC 77 32.17 -118.14 -15.58
C VAL RC 77 33.12 -117.01 -15.24
N PRO RC 78 33.42 -116.77 -13.97
CA PRO RC 78 34.40 -115.73 -13.63
C PRO RC 78 35.79 -116.11 -14.13
N VAL RC 79 36.55 -115.08 -14.50
CA VAL RC 79 37.91 -115.31 -15.01
C VAL RC 79 38.81 -115.71 -13.85
N GLY RC 80 39.63 -116.74 -14.08
CA GLY RC 80 40.53 -117.28 -13.08
C GLY RC 80 40.08 -118.63 -12.55
N VAL RC 81 38.78 -118.91 -12.59
CA VAL RC 81 38.27 -120.22 -12.21
C VAL RC 81 38.78 -121.24 -13.22
N ASP RC 82 39.23 -122.39 -12.70
CA ASP RC 82 39.74 -123.44 -13.56
C ASP RC 82 38.64 -123.94 -14.50
N ALA RC 83 38.96 -124.03 -15.79
CA ALA RC 83 37.95 -124.36 -16.79
C ALA RC 83 37.57 -125.84 -16.73
N THR RC 84 38.53 -126.71 -16.45
CA THR RC 84 38.24 -128.15 -16.42
C THR RC 84 37.26 -128.50 -15.31
N ALA RC 85 37.41 -127.86 -14.14
CA ALA RC 85 36.47 -128.09 -13.05
C ALA RC 85 35.06 -127.66 -13.43
N VAL RC 86 34.93 -126.50 -14.08
CA VAL RC 86 33.62 -126.04 -14.52
C VAL RC 86 33.03 -127.00 -15.54
N ARG RC 87 33.86 -127.50 -16.46
CA ARG RC 87 33.36 -128.40 -17.50
C ARG RC 87 32.90 -129.72 -16.91
N THR RC 88 33.65 -130.28 -15.96
CA THR RC 88 33.21 -131.55 -15.37
C THR RC 88 31.99 -131.33 -14.48
N TRP RC 89 31.89 -130.19 -13.81
CA TRP RC 89 30.68 -129.87 -13.05
C TRP RC 89 29.47 -129.78 -13.97
N MET RC 90 29.64 -129.14 -15.13
CA MET RC 90 28.55 -129.02 -16.08
C MET RC 90 28.14 -130.38 -16.64
N THR RC 91 29.12 -131.21 -16.99
CA THR RC 91 28.82 -132.50 -17.59
C THR RC 91 28.18 -133.45 -16.59
N SER RC 92 28.64 -133.42 -15.34
CA SER RC 92 28.17 -134.38 -14.34
C SER RC 92 27.01 -133.88 -13.50
N GLU RC 93 26.94 -132.58 -13.21
CA GLU RC 93 25.96 -132.05 -12.27
C GLU RC 93 24.90 -131.17 -12.91
N VAL RC 94 25.24 -130.44 -13.98
CA VAL RC 94 24.29 -129.48 -14.55
C VAL RC 94 23.50 -130.12 -15.69
N PHE RC 95 24.19 -130.76 -16.62
CA PHE RC 95 23.56 -131.34 -17.80
C PHE RC 95 22.54 -132.44 -17.47
N PRO RC 96 22.86 -133.42 -16.62
CA PRO RC 96 21.85 -134.46 -16.32
C PRO RC 96 20.59 -133.90 -15.68
N GLY RC 97 20.71 -132.88 -14.83
CA GLY RC 97 19.53 -132.30 -14.21
C GLY RC 97 18.81 -131.31 -15.09
N ALA RC 98 19.50 -130.75 -16.08
CA ALA RC 98 18.91 -129.75 -16.97
C ALA RC 98 18.12 -130.36 -18.11
N THR RC 99 18.23 -131.67 -18.33
CA THR RC 99 17.53 -132.34 -19.42
C THR RC 99 16.57 -133.41 -18.91
N SER RC 100 16.24 -133.38 -17.63
CA SER RC 100 15.35 -134.37 -17.03
C SER RC 100 13.90 -133.94 -17.22
N SER RC 101 12.97 -134.72 -16.66
CA SER RC 101 11.56 -134.36 -16.72
C SER RC 101 11.24 -133.12 -15.89
N VAL RC 102 12.11 -132.77 -14.94
CA VAL RC 102 11.90 -131.58 -14.14
C VAL RC 102 11.86 -130.35 -15.02
N THR RC 103 12.77 -130.26 -15.99
CA THR RC 103 12.76 -129.14 -16.93
C THR RC 103 11.47 -129.10 -17.72
N LEU RC 104 10.98 -130.25 -18.17
CA LEU RC 104 9.75 -130.29 -18.96
C LEU RC 104 8.56 -129.82 -18.14
N ASP RC 105 8.43 -130.30 -16.89
CA ASP RC 105 7.31 -129.86 -16.05
C ASP RC 105 7.42 -128.38 -15.70
N LEU RC 106 8.63 -127.89 -15.44
CA LEU RC 106 8.81 -126.47 -15.15
C LEU RC 106 8.46 -125.61 -16.34
N ALA RC 107 8.82 -126.04 -17.55
CA ALA RC 107 8.55 -125.24 -18.74
C ALA RC 107 7.08 -125.27 -19.13
N THR RC 108 6.44 -126.43 -19.02
CA THR RC 108 5.06 -126.55 -19.49
C THR RC 108 4.03 -126.27 -18.41
N LYS RC 109 4.35 -126.56 -17.14
CA LYS RC 109 3.38 -126.42 -16.07
C LYS RC 109 3.85 -125.55 -14.91
N GLY RC 110 5.10 -125.12 -14.90
CA GLY RC 110 5.60 -124.30 -13.80
C GLY RC 110 5.79 -125.05 -12.50
N VAL RC 111 6.12 -126.33 -12.56
CA VAL RC 111 6.28 -127.15 -11.36
C VAL RC 111 7.64 -126.83 -10.74
N ILE RC 112 7.63 -126.44 -9.46
CA ILE RC 112 8.85 -126.10 -8.75
C ILE RC 112 9.09 -127.01 -7.55
N HIS RC 113 8.20 -127.98 -7.31
CA HIS RC 113 8.35 -128.95 -6.22
C HIS RC 113 8.52 -130.34 -6.84
N LEU RC 114 9.74 -130.88 -6.77
CA LEU RC 114 10.03 -132.17 -7.40
C LEU RC 114 9.93 -133.29 -6.37
N SER RC 115 8.72 -133.48 -5.85
CA SER RC 115 8.47 -134.51 -4.86
C SER RC 115 8.32 -135.88 -5.53
N ASP RC 116 8.86 -136.90 -4.88
CA ASP RC 116 9.62 -136.81 -3.63
C ASP RC 116 10.90 -137.64 -3.73
N ALA RC 117 10.89 -138.63 -4.61
CA ALA RC 117 12.03 -139.53 -4.78
C ALA RC 117 13.14 -138.85 -5.57
N LEU SC 1 32.46 -122.64 -52.62
CA LEU SC 1 31.53 -121.54 -52.81
C LEU SC 1 31.43 -121.14 -54.28
N SER SC 2 30.22 -121.22 -54.82
CA SER SC 2 29.99 -120.89 -56.22
C SER SC 2 28.67 -120.15 -56.35
N ILE SC 3 28.62 -119.26 -57.34
CA ILE SC 3 27.41 -118.54 -57.71
C ILE SC 3 27.21 -118.80 -59.20
N GLY SC 4 26.42 -119.83 -59.52
CA GLY SC 4 26.35 -120.29 -60.89
C GLY SC 4 27.59 -121.09 -61.24
N THR SC 5 28.36 -120.60 -62.22
CA THR SC 5 29.59 -121.26 -62.64
C THR SC 5 30.84 -120.53 -62.17
N LYS SC 6 30.71 -119.54 -61.30
CA LYS SC 6 31.82 -118.73 -60.84
C LYS SC 6 32.17 -119.07 -59.39
N ASN SC 7 33.45 -119.30 -59.13
CA ASN SC 7 33.92 -119.57 -57.78
C ASN SC 7 34.18 -118.25 -57.07
N VAL SC 8 33.67 -118.14 -55.84
CA VAL SC 8 33.78 -116.93 -55.04
C VAL SC 8 34.26 -117.29 -53.65
N SER SC 9 34.68 -116.26 -52.92
CA SER SC 9 35.07 -116.38 -51.53
C SER SC 9 34.40 -115.28 -50.74
N ILE SC 10 34.10 -115.54 -49.46
CA ILE SC 10 33.54 -114.50 -48.61
C ILE SC 10 34.54 -113.36 -48.50
N TYR SC 11 34.11 -112.17 -48.88
CA TYR SC 11 34.95 -110.98 -48.83
C TYR SC 11 34.54 -110.02 -47.72
N ARG SC 12 33.24 -109.77 -47.57
CA ARG SC 12 32.74 -108.88 -46.53
C ARG SC 12 31.49 -109.47 -45.92
N ASN SC 13 31.39 -109.41 -44.59
CA ASN SC 13 30.26 -109.97 -43.87
C ASN SC 13 29.62 -108.89 -43.01
N THR SC 14 28.32 -108.68 -43.20
CA THR SC 14 27.55 -107.80 -42.32
C THR SC 14 26.29 -108.53 -41.86
N ALA SC 15 25.46 -107.86 -41.06
CA ALA SC 15 24.28 -108.52 -40.52
C ALA SC 15 23.31 -108.95 -41.62
N ASP SC 16 23.06 -108.08 -42.59
CA ASP SC 16 22.08 -108.35 -43.64
C ASP SC 16 22.68 -108.29 -45.04
N GLU SC 17 24.00 -108.33 -45.18
CA GLU SC 17 24.61 -108.29 -46.50
C GLU SC 17 25.94 -109.02 -46.46
N VAL SC 18 26.18 -109.86 -47.45
CA VAL SC 18 27.45 -110.55 -47.63
C VAL SC 18 27.96 -110.28 -49.03
N ILE SC 19 29.19 -109.80 -49.14
CA ILE SC 19 29.86 -109.55 -50.40
C ILE SC 19 30.87 -110.67 -50.63
N TYR SC 20 30.78 -111.32 -51.80
CA TYR SC 20 31.71 -112.33 -52.24
C TYR SC 20 32.55 -111.77 -53.38
N ALA SC 21 33.83 -112.15 -53.42
CA ALA SC 21 34.77 -111.66 -54.42
C ALA SC 21 35.06 -112.75 -55.43
N GLY SC 22 35.11 -112.39 -56.70
CA GLY SC 22 35.46 -113.31 -57.75
C GLY SC 22 36.96 -113.45 -57.90
N PRO SC 23 37.39 -114.30 -58.83
CA PRO SC 23 38.83 -114.53 -58.99
C PRO SC 23 39.61 -113.32 -59.46
N ALA SC 24 38.96 -112.33 -60.05
CA ALA SC 24 39.64 -111.17 -60.62
C ALA SC 24 39.57 -109.95 -59.72
N HIS SC 25 39.10 -110.09 -58.49
CA HIS SC 25 38.95 -108.95 -57.59
C HIS SC 25 40.27 -108.70 -56.85
N ASP SC 26 40.75 -107.46 -56.93
CA ASP SC 26 41.91 -107.03 -56.18
C ASP SC 26 41.78 -105.53 -55.93
N VAL SC 27 42.88 -104.88 -55.56
CA VAL SC 27 42.88 -103.46 -55.21
C VAL SC 27 42.52 -102.61 -56.42
N THR SC 28 42.83 -103.12 -57.61
CA THR SC 28 42.62 -102.34 -58.84
C THR SC 28 41.37 -102.74 -59.63
N ASN SC 29 40.97 -104.01 -59.59
CA ASN SC 29 39.86 -104.50 -60.39
C ASN SC 29 38.74 -104.97 -59.49
N VAL SC 30 37.50 -104.62 -59.84
CA VAL SC 30 36.32 -105.01 -59.09
C VAL SC 30 35.67 -106.20 -59.77
N ASP SC 31 35.43 -107.26 -58.99
CA ASP SC 31 34.67 -108.42 -59.46
C ASP SC 31 33.95 -108.98 -58.23
N THR SC 32 32.72 -108.53 -58.01
CA THR SC 32 32.03 -108.86 -56.77
C THR SC 32 30.57 -109.23 -57.02
N VAL SC 33 30.06 -110.09 -56.15
CA VAL SC 33 28.63 -110.40 -56.08
C VAL SC 33 28.18 -110.24 -54.64
N SER SC 34 27.17 -109.41 -54.44
CA SER SC 34 26.66 -109.10 -53.11
C SER SC 34 25.25 -109.64 -52.93
N LEU SC 35 24.99 -110.26 -51.79
CA LEU SC 35 23.68 -110.75 -51.42
C LEU SC 35 23.19 -109.94 -50.24
N ARG SC 36 22.04 -109.27 -50.41
CA ARG SC 36 21.48 -108.41 -49.38
C ARG SC 36 20.04 -108.80 -49.13
N ARG SC 37 19.61 -108.70 -47.88
CA ARG SC 37 18.25 -109.02 -47.50
C ARG SC 37 17.66 -107.89 -46.67
N SER SC 38 16.38 -107.65 -46.88
CA SER SC 38 15.55 -106.76 -46.06
C SER SC 38 14.43 -107.62 -45.52
N LEU SC 39 14.55 -108.03 -44.26
CA LEU SC 39 13.58 -108.91 -43.66
C LEU SC 39 12.28 -108.15 -43.37
N PRO SC 40 11.14 -108.84 -43.45
CA PRO SC 40 9.86 -108.15 -43.23
C PRO SC 40 9.74 -107.60 -41.81
N VAL SC 41 9.16 -106.42 -41.71
CA VAL SC 41 8.78 -105.84 -40.44
C VAL SC 41 7.25 -105.82 -40.40
N LYS SC 42 6.69 -106.61 -39.49
CA LYS SC 42 5.24 -106.82 -39.45
C LYS SC 42 4.61 -105.77 -38.55
N LYS SC 43 4.74 -104.51 -38.99
CA LYS SC 43 4.16 -103.38 -38.29
C LYS SC 43 2.64 -103.36 -38.46
N GLY SC 44 1.97 -102.86 -37.43
CA GLY SC 44 0.52 -102.79 -37.41
C GLY SC 44 -0.14 -104.12 -37.73
N SER SC 45 -0.88 -104.16 -38.84
CA SER SC 45 -1.50 -105.40 -39.31
C SER SC 45 -0.81 -105.98 -40.54
N ASP SC 46 -0.18 -105.15 -41.37
CA ASP SC 46 0.53 -105.64 -42.53
C ASP SC 46 1.73 -106.45 -42.10
N ASN SC 47 1.91 -107.63 -42.72
CA ASN SC 47 2.98 -108.53 -42.35
C ASN SC 47 4.31 -108.18 -43.02
N GLY SC 48 4.36 -107.11 -43.79
CA GLY SC 48 5.61 -106.65 -44.37
C GLY SC 48 5.99 -107.40 -45.64
N THR SC 49 7.16 -107.05 -46.15
CA THR SC 49 7.67 -107.58 -47.41
C THR SC 49 9.10 -108.05 -47.23
N MET SC 50 9.43 -109.20 -47.82
CA MET SC 50 10.81 -109.68 -47.85
C MET SC 50 11.46 -109.19 -49.15
N ARG SC 51 12.59 -108.51 -49.03
CA ARG SC 51 13.27 -107.92 -50.17
C ARG SC 51 14.64 -108.59 -50.33
N GLY SC 52 14.83 -109.30 -51.43
CA GLY SC 52 16.10 -109.95 -51.68
C GLY SC 52 16.84 -109.37 -52.87
N ASN SC 53 18.05 -108.87 -52.65
CA ASN SC 53 18.81 -108.18 -53.70
C ASN SC 53 20.10 -108.93 -53.98
N MET SC 54 20.39 -109.13 -55.27
CA MET SC 54 21.66 -109.67 -55.72
C MET SC 54 22.33 -108.63 -56.62
N ASN SC 55 23.57 -108.31 -56.30
CA ASN SC 55 24.34 -107.25 -56.95
C ASN SC 55 25.54 -107.87 -57.65
N PHE SC 56 25.75 -107.51 -58.91
CA PHE SC 56 26.93 -107.93 -59.66
C PHE SC 56 27.69 -106.68 -60.06
N ALA SC 57 28.95 -106.59 -59.64
CA ALA SC 57 29.77 -105.41 -59.90
C ALA SC 57 31.04 -105.82 -60.61
N LYS SC 58 31.37 -105.14 -61.71
CA LYS SC 58 32.57 -105.45 -62.47
C LYS SC 58 33.17 -104.17 -63.02
N SER SC 59 34.48 -104.02 -62.89
CA SER SC 59 35.17 -102.89 -63.48
C SER SC 59 35.50 -103.17 -64.95
N PHE SC 60 35.41 -102.13 -65.77
CA PHE SC 60 35.64 -102.21 -67.20
C PHE SC 60 36.51 -101.04 -67.63
N PRO SC 61 37.32 -101.24 -68.67
CA PRO SC 61 38.09 -100.10 -69.23
C PRO SC 61 37.15 -99.09 -69.88
N ASN SC 62 37.33 -97.82 -69.52
CA ASN SC 62 36.53 -96.72 -70.05
C ASN SC 62 37.53 -95.62 -70.40
N GLY SC 63 37.93 -95.58 -71.66
CA GLY SC 63 38.99 -94.67 -72.06
C GLY SC 63 40.26 -95.00 -71.28
N ASP SC 64 40.81 -93.98 -70.62
CA ASP SC 64 41.97 -94.18 -69.78
C ASP SC 64 41.63 -94.61 -68.36
N LYS SC 65 40.37 -94.48 -67.95
CA LYS SC 65 39.96 -94.77 -66.59
C LYS SC 65 39.25 -96.11 -66.52
N LYS SC 66 38.69 -96.43 -65.36
CA LYS SC 66 37.89 -97.63 -65.16
C LYS SC 66 36.50 -97.23 -64.70
N SER SC 67 35.49 -97.95 -65.20
CA SER SC 67 34.09 -97.67 -64.89
C SER SC 67 33.44 -98.91 -64.32
N LEU SC 68 32.57 -98.72 -63.34
CA LEU SC 68 31.89 -99.82 -62.67
C LEU SC 68 30.56 -100.11 -63.35
N VAL SC 69 30.38 -101.33 -63.82
CA VAL SC 69 29.12 -101.81 -64.35
C VAL SC 69 28.45 -102.66 -63.28
N VAL SC 70 27.21 -102.32 -62.95
CA VAL SC 70 26.46 -102.95 -61.87
C VAL SC 70 25.15 -103.49 -62.43
N VAL SC 71 24.84 -104.74 -62.09
CA VAL SC 71 23.58 -105.38 -62.45
C VAL SC 71 22.88 -105.79 -61.16
N ASN SC 72 21.65 -105.33 -60.99
CA ASN SC 72 20.87 -105.58 -59.79
C ASN SC 72 19.70 -106.49 -60.11
N LEU SC 73 19.44 -107.47 -59.23
CA LEU SC 73 18.29 -108.34 -59.34
C LEU SC 73 17.60 -108.39 -57.99
N THR SC 74 16.44 -107.76 -57.89
CA THR SC 74 15.73 -107.62 -56.62
C THR SC 74 14.36 -108.25 -56.71
N ALA SC 75 14.02 -109.06 -55.71
CA ALA SC 75 12.71 -109.67 -55.58
C ALA SC 75 12.00 -109.08 -54.36
N HIS SC 76 10.74 -108.72 -54.54
CA HIS SC 76 9.90 -108.17 -53.48
C HIS SC 76 8.74 -109.13 -53.27
N VAL SC 77 8.79 -109.93 -52.20
CA VAL SC 77 7.78 -110.94 -51.95
C VAL SC 77 6.99 -110.52 -50.70
N PRO SC 78 5.70 -110.19 -50.83
CA PRO SC 78 4.90 -109.90 -49.65
C PRO SC 78 4.71 -111.14 -48.79
N VAL SC 79 4.60 -110.94 -47.48
CA VAL SC 79 4.50 -112.05 -46.54
C VAL SC 79 3.11 -112.66 -46.61
N GLY SC 80 3.06 -113.99 -46.71
CA GLY SC 80 1.81 -114.74 -46.84
C GLY SC 80 1.67 -115.42 -48.18
N VAL SC 81 2.32 -114.89 -49.21
CA VAL SC 81 2.32 -115.52 -50.52
C VAL SC 81 3.07 -116.85 -50.45
N ASP SC 82 2.51 -117.87 -51.08
CA ASP SC 82 3.14 -119.18 -51.10
C ASP SC 82 4.52 -119.11 -51.76
N ALA SC 83 5.53 -119.63 -51.05
CA ALA SC 83 6.90 -119.57 -51.56
C ALA SC 83 7.07 -120.47 -52.79
N THR SC 84 6.42 -121.63 -52.79
CA THR SC 84 6.57 -122.56 -53.91
C THR SC 84 6.01 -121.97 -55.20
N ALA SC 85 4.84 -121.32 -55.13
CA ALA SC 85 4.27 -120.70 -56.31
C ALA SC 85 5.16 -119.59 -56.84
N VAL SC 86 5.72 -118.78 -55.94
CA VAL SC 86 6.63 -117.71 -56.34
C VAL SC 86 7.88 -118.27 -57.00
N ARG SC 87 8.43 -119.36 -56.43
CA ARG SC 87 9.62 -119.96 -57.02
C ARG SC 87 9.32 -120.53 -58.40
N THR SC 88 8.16 -121.17 -58.57
CA THR SC 88 7.79 -121.69 -59.88
C THR SC 88 7.63 -120.55 -60.88
N TRP SC 89 7.01 -119.45 -60.47
CA TRP SC 89 6.86 -118.30 -61.36
C TRP SC 89 8.22 -117.72 -61.75
N MET SC 90 9.13 -117.59 -60.79
CA MET SC 90 10.45 -117.05 -61.09
C MET SC 90 11.23 -117.97 -62.02
N THR SC 91 11.14 -119.28 -61.79
CA THR SC 91 11.89 -120.22 -62.62
C THR SC 91 11.35 -120.29 -64.04
N SER SC 92 10.03 -120.37 -64.19
CA SER SC 92 9.44 -120.60 -65.51
C SER SC 92 9.14 -119.32 -66.28
N GLU SC 93 8.98 -118.19 -65.60
CA GLU SC 93 8.50 -116.98 -66.26
C GLU SC 93 9.49 -115.83 -66.19
N VAL SC 94 10.16 -115.63 -65.06
CA VAL SC 94 11.04 -114.49 -64.91
C VAL SC 94 12.45 -114.82 -65.38
N PHE SC 95 12.96 -115.99 -65.01
CA PHE SC 95 14.34 -116.35 -65.33
C PHE SC 95 14.60 -116.42 -66.83
N PRO SC 96 13.78 -117.08 -67.65
CA PRO SC 96 14.06 -117.06 -69.11
C PRO SC 96 13.99 -115.67 -69.71
N GLY SC 97 13.12 -114.79 -69.20
CA GLY SC 97 13.02 -113.45 -69.76
C GLY SC 97 14.14 -112.53 -69.33
N ALA SC 98 14.68 -112.74 -68.13
CA ALA SC 98 15.74 -111.91 -67.59
C ALA SC 98 17.12 -112.31 -68.10
N THR SC 99 17.22 -113.39 -68.86
CA THR SC 99 18.49 -113.86 -69.43
C THR SC 99 18.44 -113.90 -70.95
N SER SC 100 17.46 -113.25 -71.56
CA SER SC 100 17.31 -113.25 -73.00
C SER SC 100 18.08 -112.08 -73.62
N SER SC 101 18.03 -111.98 -74.94
CA SER SC 101 18.64 -110.85 -75.63
C SER SC 101 17.93 -109.54 -75.30
N VAL SC 102 16.70 -109.60 -74.80
CA VAL SC 102 15.99 -108.38 -74.41
C VAL SC 102 16.73 -107.67 -73.30
N THR SC 103 17.19 -108.41 -72.30
CA THR SC 103 17.95 -107.82 -71.20
C THR SC 103 19.25 -107.20 -71.70
N LEU SC 104 19.96 -107.92 -72.57
CA LEU SC 104 21.22 -107.40 -73.11
C LEU SC 104 21.01 -106.12 -73.89
N ASP SC 105 19.98 -106.08 -74.74
CA ASP SC 105 19.70 -104.88 -75.52
C ASP SC 105 19.28 -103.72 -74.63
N LEU SC 106 18.46 -104.00 -73.60
CA LEU SC 106 18.06 -102.94 -72.69
C LEU SC 106 19.25 -102.38 -71.93
N ALA SC 107 20.17 -103.25 -71.50
CA ALA SC 107 21.30 -102.79 -70.71
C ALA SC 107 22.31 -102.03 -71.55
N THR SC 108 22.65 -102.54 -72.73
CA THR SC 108 23.76 -101.98 -73.50
C THR SC 108 23.32 -101.01 -74.59
N LYS SC 109 22.03 -100.94 -74.92
CA LYS SC 109 21.54 -100.05 -75.96
C LYS SC 109 20.31 -99.26 -75.55
N GLY SC 110 19.73 -99.55 -74.39
CA GLY SC 110 18.51 -98.88 -73.98
C GLY SC 110 17.30 -99.20 -74.83
N VAL SC 111 17.20 -100.44 -75.32
CA VAL SC 111 16.09 -100.83 -76.19
C VAL SC 111 14.91 -101.27 -75.34
N ILE SC 112 13.78 -100.58 -75.48
CA ILE SC 112 12.55 -100.90 -74.75
C ILE SC 112 11.44 -101.40 -75.67
N HIS SC 113 11.69 -101.50 -76.97
CA HIS SC 113 10.73 -102.05 -77.93
C HIS SC 113 11.28 -103.37 -78.46
N LEU SC 114 10.65 -104.48 -78.09
CA LEU SC 114 11.12 -105.80 -78.54
C LEU SC 114 10.31 -106.22 -79.77
N SER SC 115 10.38 -105.41 -80.80
CA SER SC 115 9.76 -105.75 -82.08
C SER SC 115 10.60 -106.81 -82.80
N ASP SC 116 9.91 -107.66 -83.56
CA ASP SC 116 8.46 -107.75 -83.71
C ASP SC 116 8.01 -109.21 -83.69
N ALA SC 117 8.98 -110.12 -83.83
CA ALA SC 117 8.68 -111.55 -83.89
C ALA SC 117 8.06 -112.06 -82.58
N LEU TC 1 5.55 -111.24 -80.74
CA LEU TC 1 6.03 -110.44 -79.62
C LEU TC 1 6.15 -111.29 -78.37
N SER TC 2 7.39 -111.59 -77.98
CA SER TC 2 7.63 -112.45 -76.84
C SER TC 2 8.81 -111.93 -76.03
N ILE TC 3 8.75 -112.17 -74.73
CA ILE TC 3 9.85 -111.90 -73.81
C ILE TC 3 10.19 -113.22 -73.13
N GLY TC 4 11.37 -113.76 -73.42
CA GLY TC 4 11.71 -115.08 -72.95
C GLY TC 4 10.79 -116.12 -73.56
N THR TC 5 10.14 -116.92 -72.71
CA THR TC 5 9.16 -117.90 -73.15
C THR TC 5 7.74 -117.36 -73.10
N LYS TC 6 7.54 -116.14 -72.64
CA LYS TC 6 6.21 -115.55 -72.48
C LYS TC 6 5.89 -114.65 -73.67
N ASN TC 7 4.78 -114.94 -74.35
CA ASN TC 7 4.27 -114.03 -75.36
C ASN TC 7 3.53 -112.88 -74.68
N VAL TC 8 3.83 -111.66 -75.11
CA VAL TC 8 3.27 -110.46 -74.52
C VAL TC 8 2.73 -109.56 -75.63
N SER TC 9 1.98 -108.55 -75.22
CA SER TC 9 1.47 -107.53 -76.13
C SER TC 9 1.70 -106.17 -75.50
N ILE TC 10 1.79 -105.14 -76.36
CA ILE TC 10 1.99 -103.79 -75.86
C ILE TC 10 0.76 -103.35 -75.08
N TYR TC 11 0.97 -102.95 -73.84
CA TYR TC 11 -0.11 -102.50 -72.96
C TYR TC 11 -0.07 -100.99 -72.74
N ARG TC 12 1.10 -100.44 -72.45
CA ARG TC 12 1.25 -99.01 -72.32
C ARG TC 12 2.60 -98.59 -72.91
N ASN TC 13 2.65 -97.39 -73.45
CA ASN TC 13 3.81 -96.93 -74.22
C ASN TC 13 4.06 -95.46 -73.90
N THR TC 14 5.12 -95.19 -73.13
CA THR TC 14 5.61 -93.85 -72.90
C THR TC 14 6.97 -93.68 -73.57
N ALA TC 15 7.59 -92.51 -73.36
CA ALA TC 15 8.84 -92.20 -74.03
C ALA TC 15 9.96 -93.13 -73.58
N ASP TC 16 10.08 -93.37 -72.28
CA ASP TC 16 11.18 -94.15 -71.73
C ASP TC 16 10.73 -95.44 -71.07
N GLU TC 17 9.44 -95.75 -71.08
CA GLU TC 17 8.93 -96.97 -70.48
C GLU TC 17 7.88 -97.59 -71.39
N VAL TC 18 7.99 -98.89 -71.60
CA VAL TC 18 6.97 -99.66 -72.30
C VAL TC 18 6.54 -100.80 -71.40
N ILE TC 19 5.25 -100.87 -71.09
CA ILE TC 19 4.68 -101.94 -70.28
C ILE TC 19 3.99 -102.93 -71.20
N TYR TC 20 4.40 -104.18 -71.15
CA TYR TC 20 3.79 -105.27 -71.90
C TYR TC 20 2.99 -106.14 -70.94
N ALA TC 21 1.90 -106.70 -71.46
CA ALA TC 21 0.97 -107.50 -70.66
C ALA TC 21 1.02 -108.94 -71.13
N GLY TC 22 1.06 -109.87 -70.17
CA GLY TC 22 0.98 -111.27 -70.47
C GLY TC 22 -0.43 -111.68 -70.84
N PRO TC 23 -0.60 -112.93 -71.28
CA PRO TC 23 -1.94 -113.37 -71.69
C PRO TC 23 -2.97 -113.31 -70.57
N ALA TC 24 -2.55 -113.53 -69.32
CA ALA TC 24 -3.46 -113.53 -68.19
C ALA TC 24 -3.79 -112.14 -67.67
N HIS TC 25 -3.03 -111.11 -68.06
CA HIS TC 25 -3.23 -109.79 -67.51
C HIS TC 25 -4.63 -109.27 -67.81
N ASP TC 26 -5.26 -108.69 -66.79
CA ASP TC 26 -6.60 -108.16 -66.92
C ASP TC 26 -6.78 -107.04 -65.88
N VAL TC 27 -8.03 -106.63 -65.69
CA VAL TC 27 -8.33 -105.52 -64.77
C VAL TC 27 -8.11 -105.89 -63.31
N THR TC 28 -8.10 -107.17 -62.97
CA THR TC 28 -7.88 -107.61 -61.60
C THR TC 28 -6.67 -108.51 -61.42
N ASN TC 29 -6.14 -109.12 -62.48
CA ASN TC 29 -4.94 -109.93 -62.41
C ASN TC 29 -3.81 -109.16 -63.08
N VAL TC 30 -2.73 -108.93 -62.34
CA VAL TC 30 -1.57 -108.23 -62.87
C VAL TC 30 -0.57 -109.26 -63.38
N ASP TC 31 -0.20 -109.15 -64.65
CA ASP TC 31 0.87 -109.94 -65.25
C ASP TC 31 1.57 -109.02 -66.26
N THR TC 32 2.60 -108.33 -65.80
CA THR TC 32 3.22 -107.29 -66.61
C THR TC 32 4.73 -107.40 -66.62
N VAL TC 33 5.31 -107.03 -67.75
CA VAL TC 33 6.76 -106.88 -67.90
C VAL TC 33 7.00 -105.46 -68.42
N SER TC 34 7.65 -104.65 -67.60
CA SER TC 34 7.97 -103.28 -67.97
C SER TC 34 9.44 -103.18 -68.37
N LEU TC 35 9.69 -102.47 -69.46
CA LEU TC 35 11.05 -102.09 -69.85
C LEU TC 35 11.15 -100.58 -69.70
N ARG TC 36 11.98 -100.14 -68.76
CA ARG TC 36 12.19 -98.73 -68.49
C ARG TC 36 13.66 -98.40 -68.70
N ARG TC 37 13.92 -97.18 -69.16
CA ARG TC 37 15.28 -96.74 -69.36
C ARG TC 37 15.45 -95.33 -68.83
N SER TC 38 16.65 -95.05 -68.34
CA SER TC 38 17.10 -93.70 -68.01
C SER TC 38 18.32 -93.43 -68.86
N LEU TC 39 18.18 -92.50 -69.80
CA LEU TC 39 19.22 -92.18 -70.76
C LEU TC 39 20.36 -91.45 -70.08
N PRO TC 40 21.59 -91.63 -70.57
CA PRO TC 40 22.74 -90.94 -69.98
C PRO TC 40 22.61 -89.44 -70.08
N VAL TC 41 22.73 -88.76 -68.94
CA VAL TC 41 22.74 -87.30 -68.90
C VAL TC 41 24.20 -86.87 -68.74
N LYS TC 42 24.72 -86.22 -69.77
CA LYS TC 42 26.14 -85.82 -69.80
C LYS TC 42 26.29 -84.55 -68.98
N LYS TC 43 26.76 -84.71 -67.75
CA LYS TC 43 26.91 -83.61 -66.81
C LYS TC 43 28.37 -83.50 -66.40
N GLY TC 44 28.88 -82.27 -66.38
CA GLY TC 44 30.28 -82.07 -66.06
C GLY TC 44 31.17 -82.78 -67.06
N SER TC 45 32.28 -83.33 -66.56
CA SER TC 45 33.15 -84.16 -67.39
C SER TC 45 32.65 -85.60 -67.49
N ASP TC 46 31.69 -85.98 -66.66
CA ASP TC 46 31.14 -87.33 -66.71
C ASP TC 46 30.10 -87.43 -67.81
N ASN TC 47 30.22 -88.48 -68.63
CA ASN TC 47 29.32 -88.67 -69.75
C ASN TC 47 27.99 -89.29 -69.36
N GLY TC 48 27.81 -89.66 -68.11
CA GLY TC 48 26.55 -90.21 -67.64
C GLY TC 48 26.53 -91.72 -67.67
N THR TC 49 25.35 -92.26 -67.35
CA THR TC 49 25.16 -93.69 -67.23
C THR TC 49 23.81 -94.08 -67.81
N MET TC 50 23.81 -95.12 -68.63
CA MET TC 50 22.56 -95.73 -69.09
C MET TC 50 22.03 -96.64 -67.99
N ARG TC 51 20.79 -96.42 -67.59
CA ARG TC 51 20.12 -97.29 -66.63
C ARG TC 51 19.01 -98.06 -67.34
N GLY TC 52 19.04 -99.38 -67.22
CA GLY TC 52 18.01 -100.20 -67.81
C GLY TC 52 17.31 -101.07 -66.79
N ASN TC 53 15.99 -100.94 -66.66
CA ASN TC 53 15.22 -101.66 -65.66
C ASN TC 53 14.21 -102.57 -66.34
N MET TC 54 14.19 -103.82 -65.91
CA MET TC 54 13.23 -104.82 -66.35
C MET TC 54 12.40 -105.24 -65.15
N ASN TC 55 11.11 -104.94 -65.19
CA ASN TC 55 10.21 -105.15 -64.05
C ASN TC 55 9.23 -106.27 -64.39
N PHE TC 56 9.17 -107.28 -63.53
CA PHE TC 56 8.20 -108.35 -63.63
C PHE TC 56 7.22 -108.20 -62.47
N ALA TC 57 5.94 -108.04 -62.78
CA ALA TC 57 4.90 -107.89 -61.76
C ALA TC 57 3.85 -108.96 -61.95
N LYS TC 58 3.52 -109.66 -60.87
CA LYS TC 58 2.53 -110.72 -60.92
C LYS TC 58 1.66 -110.70 -59.66
N SER TC 59 0.36 -110.90 -59.85
CA SER TC 59 -0.57 -111.00 -58.73
C SER TC 59 -0.57 -112.42 -58.18
N PHE TC 60 -0.63 -112.54 -56.86
CA PHE TC 60 -0.59 -113.82 -56.19
C PHE TC 60 -1.64 -113.85 -55.09
N PRO TC 61 -2.24 -115.00 -54.82
CA PRO TC 61 -3.15 -115.11 -53.67
C PRO TC 61 -2.38 -115.04 -52.36
N ASN TC 62 -2.73 -114.06 -51.53
CA ASN TC 62 -2.16 -113.90 -50.19
C ASN TC 62 -3.33 -113.99 -49.22
N GLY TC 63 -3.49 -115.18 -48.63
CA GLY TC 63 -4.63 -115.44 -47.76
C GLY TC 63 -5.94 -115.22 -48.49
N ASP TC 64 -6.67 -114.19 -48.08
CA ASP TC 64 -7.92 -113.83 -48.74
C ASP TC 64 -7.72 -112.80 -49.84
N LYS TC 65 -6.71 -111.94 -49.73
CA LYS TC 65 -6.51 -110.85 -50.68
C LYS TC 65 -5.48 -111.25 -51.73
N LYS TC 66 -5.05 -110.27 -52.52
CA LYS TC 66 -4.03 -110.48 -53.54
C LYS TC 66 -2.85 -109.57 -53.29
N SER TC 67 -1.65 -110.11 -53.45
CA SER TC 67 -0.41 -109.38 -53.27
C SER TC 67 0.36 -109.31 -54.58
N LEU TC 68 1.14 -108.25 -54.74
CA LEU TC 68 1.93 -108.05 -55.96
C LEU TC 68 3.36 -108.48 -55.70
N VAL TC 69 3.82 -109.50 -56.42
CA VAL TC 69 5.21 -109.92 -56.39
C VAL TC 69 5.94 -109.25 -57.54
N VAL TC 70 7.05 -108.58 -57.23
CA VAL TC 70 7.81 -107.79 -58.20
C VAL TC 70 9.25 -108.27 -58.20
N VAL TC 71 9.79 -108.47 -59.41
CA VAL TC 71 11.20 -108.79 -59.60
C VAL TC 71 11.78 -107.71 -60.51
N ASN TC 72 12.84 -107.05 -60.04
CA ASN TC 72 13.50 -106.01 -60.81
C ASN TC 72 14.90 -106.45 -61.22
N LEU TC 73 15.23 -106.23 -62.49
CA LEU TC 73 16.58 -106.44 -63.00
C LEU TC 73 17.08 -105.11 -63.55
N THR TC 74 18.04 -104.49 -62.87
CA THR TC 74 18.53 -103.18 -63.23
C THR TC 74 20.00 -103.25 -63.59
N ALA TC 75 20.37 -102.61 -64.68
CA ALA TC 75 21.76 -102.53 -65.13
C ALA TC 75 22.17 -101.07 -65.24
N HIS TC 76 23.37 -100.76 -64.76
CA HIS TC 76 23.94 -99.42 -64.83
C HIS TC 76 25.23 -99.49 -65.63
N VAL TC 77 25.19 -99.00 -66.86
CA VAL TC 77 26.33 -99.07 -67.77
C VAL TC 77 26.83 -97.65 -68.00
N PRO TC 78 28.04 -97.30 -67.56
CA PRO TC 78 28.58 -95.97 -67.84
C PRO TC 78 28.90 -95.80 -69.33
N VAL TC 79 28.74 -94.56 -69.80
CA VAL TC 79 29.08 -94.25 -71.19
C VAL TC 79 30.59 -94.33 -71.39
N GLY TC 80 30.99 -94.95 -72.50
CA GLY TC 80 32.38 -95.12 -72.84
C GLY TC 80 32.88 -96.53 -72.70
N VAL TC 81 32.11 -97.40 -72.08
CA VAL TC 81 32.48 -98.80 -71.93
C VAL TC 81 32.13 -99.57 -73.19
N ASP TC 82 32.93 -100.57 -73.51
CA ASP TC 82 32.65 -101.41 -74.67
C ASP TC 82 31.41 -102.26 -74.41
N ALA TC 83 30.42 -102.15 -75.30
CA ALA TC 83 29.15 -102.84 -75.10
C ALA TC 83 29.29 -104.34 -75.28
N THR TC 84 30.16 -104.78 -76.20
CA THR TC 84 30.35 -106.21 -76.42
C THR TC 84 30.94 -106.89 -75.18
N ALA TC 85 31.91 -106.23 -74.53
CA ALA TC 85 32.49 -106.78 -73.31
C ALA TC 85 31.45 -106.90 -72.21
N VAL TC 86 30.60 -105.88 -72.05
CA VAL TC 86 29.56 -105.93 -71.04
C VAL TC 86 28.56 -107.03 -71.35
N ARG TC 87 28.19 -107.19 -72.62
CA ARG TC 87 27.27 -108.26 -72.99
C ARG TC 87 27.87 -109.64 -72.71
N THR TC 88 29.15 -109.81 -73.02
CA THR TC 88 29.81 -111.10 -72.75
C THR TC 88 29.86 -111.37 -71.24
N TRP TC 89 30.20 -110.35 -70.44
CA TRP TC 89 30.22 -110.52 -68.99
C TRP TC 89 28.84 -110.87 -68.46
N MET TC 90 27.80 -110.19 -68.94
CA MET TC 90 26.45 -110.47 -68.48
C MET TC 90 26.00 -111.88 -68.86
N THR TC 91 26.34 -112.32 -70.07
CA THR TC 91 25.94 -113.65 -70.50
C THR TC 91 26.68 -114.75 -69.75
N SER TC 92 27.99 -114.60 -69.57
CA SER TC 92 28.78 -115.67 -68.98
C SER TC 92 28.80 -115.67 -67.45
N GLU TC 93 28.58 -114.53 -66.81
CA GLU TC 93 28.78 -114.44 -65.37
C GLU TC 93 27.57 -113.95 -64.60
N VAL TC 94 26.80 -113.00 -65.15
CA VAL TC 94 25.66 -112.47 -64.43
C VAL TC 94 24.45 -113.40 -64.56
N PHE TC 95 24.16 -113.82 -65.78
CA PHE TC 95 22.96 -114.62 -66.03
C PHE TC 95 22.97 -115.97 -65.31
N PRO TC 96 24.04 -116.77 -65.37
CA PRO TC 96 24.00 -118.05 -64.64
C PRO TC 96 23.81 -117.90 -63.14
N GLY TC 97 24.40 -116.87 -62.53
CA GLY TC 97 24.25 -116.68 -61.10
C GLY TC 97 22.93 -116.07 -60.70
N ALA TC 98 22.34 -115.25 -61.58
CA ALA TC 98 21.07 -114.61 -61.27
C ALA TC 98 19.90 -115.57 -61.35
N THR TC 99 20.01 -116.65 -62.14
CA THR TC 99 18.94 -117.63 -62.28
C THR TC 99 19.29 -118.95 -61.61
N SER TC 100 19.99 -118.88 -60.48
CA SER TC 100 20.40 -120.06 -59.74
C SER TC 100 19.47 -120.27 -58.55
N SER TC 101 19.73 -121.34 -57.80
CA SER TC 101 19.01 -121.56 -56.55
C SER TC 101 19.33 -120.51 -55.51
N VAL TC 102 20.45 -119.79 -55.68
CA VAL TC 102 20.78 -118.70 -54.75
C VAL TC 102 19.72 -117.62 -54.78
N THR TC 103 19.24 -117.27 -55.98
CA THR TC 103 18.20 -116.25 -56.10
C THR TC 103 16.92 -116.68 -55.40
N LEU TC 104 16.50 -117.93 -55.62
CA LEU TC 104 15.28 -118.43 -55.00
C LEU TC 104 15.42 -118.49 -53.48
N ASP TC 105 16.56 -118.96 -52.98
CA ASP TC 105 16.77 -119.04 -51.55
C ASP TC 105 16.80 -117.65 -50.91
N LEU TC 106 17.43 -116.68 -51.58
CA LEU TC 106 17.42 -115.32 -51.08
C LEU TC 106 16.01 -114.74 -51.07
N ALA TC 107 15.23 -115.03 -52.11
CA ALA TC 107 13.88 -114.48 -52.20
C ALA TC 107 12.96 -115.05 -51.11
N THR TC 108 12.96 -116.38 -50.96
CA THR TC 108 11.96 -117.02 -50.11
C THR TC 108 12.45 -117.41 -48.73
N LYS TC 109 13.74 -117.25 -48.44
CA LYS TC 109 14.27 -117.61 -47.12
C LYS TC 109 15.19 -116.57 -46.53
N GLY TC 110 15.59 -115.54 -47.25
CA GLY TC 110 16.57 -114.59 -46.75
C GLY TC 110 17.94 -115.16 -46.54
N VAL TC 111 18.35 -116.11 -47.39
CA VAL TC 111 19.67 -116.72 -47.26
C VAL TC 111 20.69 -115.86 -47.98
N ILE TC 112 21.65 -115.32 -47.22
CA ILE TC 112 22.74 -114.53 -47.78
C ILE TC 112 24.10 -115.20 -47.59
N HIS TC 113 24.20 -116.22 -46.75
CA HIS TC 113 25.44 -116.95 -46.54
C HIS TC 113 25.43 -118.21 -47.39
N LEU TC 114 26.36 -118.29 -48.34
CA LEU TC 114 26.42 -119.38 -49.29
C LEU TC 114 27.11 -120.59 -48.66
N SER TC 115 26.78 -121.77 -49.15
CA SER TC 115 27.36 -123.01 -48.69
C SER TC 115 27.22 -124.08 -49.76
N ASP TC 116 28.16 -125.02 -49.79
CA ASP TC 116 29.41 -125.04 -49.02
C ASP TC 116 30.56 -125.52 -49.90
N ALA TC 117 30.22 -126.10 -51.05
CA ALA TC 117 31.22 -126.68 -51.94
C ALA TC 117 31.39 -125.84 -53.20
N LEU UC 1 -42.11 -101.40 -83.11
CA LEU UC 1 -40.99 -100.58 -82.68
C LEU UC 1 -39.73 -101.43 -82.48
N SER UC 2 -38.78 -101.30 -83.38
CA SER UC 2 -37.55 -102.06 -83.34
C SER UC 2 -36.35 -101.14 -83.48
N ILE UC 3 -35.32 -101.41 -82.68
CA ILE UC 3 -34.00 -100.77 -82.83
C ILE UC 3 -33.02 -101.90 -83.07
N GLY UC 4 -32.75 -102.19 -84.33
CA GLY UC 4 -31.96 -103.36 -84.70
C GLY UC 4 -32.80 -104.61 -84.70
N THR UC 5 -32.45 -105.58 -83.86
CA THR UC 5 -33.25 -106.78 -83.68
C THR UC 5 -34.04 -106.75 -82.38
N LYS UC 6 -33.98 -105.66 -81.64
CA LYS UC 6 -34.61 -105.55 -80.34
C LYS UC 6 -35.98 -104.89 -80.46
N ASN UC 7 -36.99 -105.50 -79.82
CA ASN UC 7 -38.31 -104.92 -79.76
C ASN UC 7 -38.42 -104.06 -78.51
N VAL UC 8 -38.63 -102.76 -78.70
CA VAL UC 8 -38.66 -101.81 -77.60
C VAL UC 8 -40.01 -101.10 -77.60
N SER UC 9 -40.31 -100.44 -76.48
CA SER UC 9 -41.50 -99.63 -76.33
C SER UC 9 -41.11 -98.29 -75.74
N ILE UC 10 -41.92 -97.27 -76.03
CA ILE UC 10 -41.66 -95.94 -75.50
C ILE UC 10 -41.78 -95.97 -73.98
N TYR UC 11 -40.73 -95.53 -73.31
CA TYR UC 11 -40.68 -95.48 -71.85
C TYR UC 11 -40.68 -94.07 -71.30
N ARG UC 12 -39.92 -93.16 -71.92
CA ARG UC 12 -39.94 -91.77 -71.51
C ARG UC 12 -39.84 -90.89 -72.74
N ASN UC 13 -40.65 -89.84 -72.80
CA ASN UC 13 -40.75 -88.99 -73.98
C ASN UC 13 -40.60 -87.54 -73.55
N THR UC 14 -39.48 -86.92 -73.91
CA THR UC 14 -39.22 -85.52 -73.64
C THR UC 14 -38.97 -84.79 -74.96
N ALA UC 15 -38.67 -83.50 -74.85
CA ALA UC 15 -38.53 -82.66 -76.04
C ALA UC 15 -37.38 -83.13 -76.93
N ASP UC 16 -36.24 -83.47 -76.33
CA ASP UC 16 -35.04 -83.78 -77.10
C ASP UC 16 -34.47 -85.16 -76.75
N GLU UC 17 -35.23 -85.99 -76.06
CA GLU UC 17 -34.75 -87.31 -75.68
C GLU UC 17 -35.93 -88.25 -75.53
N VAL UC 18 -35.83 -89.43 -76.16
CA VAL UC 18 -36.82 -90.48 -76.01
C VAL UC 18 -36.09 -91.73 -75.55
N ILE UC 19 -36.49 -92.26 -74.40
CA ILE UC 19 -35.94 -93.50 -73.84
C ILE UC 19 -36.91 -94.63 -74.15
N TYR UC 20 -36.41 -95.65 -74.84
CA TYR UC 20 -37.16 -96.88 -75.11
C TYR UC 20 -36.63 -97.98 -74.22
N ALA UC 21 -37.54 -98.84 -73.76
CA ALA UC 21 -37.21 -99.92 -72.84
C ALA UC 21 -37.28 -101.26 -73.56
N GLY UC 22 -36.29 -102.11 -73.30
CA GLY UC 22 -36.27 -103.44 -73.85
C GLY UC 22 -37.14 -104.40 -73.08
N PRO UC 23 -37.18 -105.66 -73.49
CA PRO UC 23 -38.02 -106.65 -72.79
C PRO UC 23 -37.63 -106.85 -71.33
N ALA UC 24 -36.35 -106.71 -70.99
CA ALA UC 24 -35.86 -107.00 -69.65
C ALA UC 24 -35.79 -105.77 -68.77
N HIS UC 25 -36.38 -104.65 -69.20
CA HIS UC 25 -36.37 -103.44 -68.40
C HIS UC 25 -37.53 -103.43 -67.42
N ASP UC 26 -37.24 -103.04 -66.18
CA ASP UC 26 -38.25 -102.96 -65.13
C ASP UC 26 -37.74 -101.99 -64.06
N VAL UC 27 -38.37 -102.01 -62.88
CA VAL UC 27 -37.99 -101.10 -61.81
C VAL UC 27 -36.58 -101.36 -61.28
N THR UC 28 -36.17 -102.62 -61.19
CA THR UC 28 -34.87 -102.96 -60.61
C THR UC 28 -33.78 -103.28 -61.63
N ASN UC 29 -34.13 -103.50 -62.90
CA ASN UC 29 -33.15 -103.81 -63.93
C ASN UC 29 -33.24 -102.77 -65.05
N VAL UC 30 -32.09 -102.50 -65.67
CA VAL UC 30 -31.99 -101.48 -66.71
C VAL UC 30 -31.72 -102.19 -68.04
N ASP UC 31 -32.60 -101.96 -69.01
CA ASP UC 31 -32.40 -102.39 -70.40
C ASP UC 31 -33.02 -101.30 -71.27
N THR UC 32 -32.21 -100.30 -71.65
CA THR UC 32 -32.73 -99.11 -72.29
C THR UC 32 -31.88 -98.69 -73.48
N VAL UC 33 -32.55 -98.11 -74.48
CA VAL UC 33 -31.91 -97.42 -75.58
C VAL UC 33 -32.50 -96.02 -75.64
N SER UC 34 -31.66 -95.01 -75.48
CA SER UC 34 -32.09 -93.61 -75.47
C SER UC 34 -31.60 -92.90 -76.71
N LEU UC 35 -32.53 -92.24 -77.41
CA LEU UC 35 -32.19 -91.37 -78.53
C LEU UC 35 -32.24 -89.93 -78.06
N ARG UC 36 -31.14 -89.21 -78.25
CA ARG UC 36 -31.01 -87.82 -77.81
C ARG UC 36 -30.52 -86.97 -78.97
N ARG UC 37 -30.90 -85.70 -78.96
CA ARG UC 37 -30.53 -84.82 -80.04
C ARG UC 37 -30.26 -83.43 -79.52
N SER UC 38 -29.36 -82.74 -80.21
CA SER UC 38 -29.11 -81.32 -80.01
C SER UC 38 -29.22 -80.66 -81.39
N LEU UC 39 -30.28 -79.88 -81.57
CA LEU UC 39 -30.57 -79.28 -82.87
C LEU UC 39 -29.65 -78.09 -83.10
N PRO UC 40 -29.38 -77.78 -84.37
CA PRO UC 40 -28.47 -76.66 -84.68
C PRO UC 40 -29.01 -75.34 -84.15
N VAL UC 41 -28.10 -74.49 -83.68
CA VAL UC 41 -28.42 -73.15 -83.23
C VAL UC 41 -27.67 -72.18 -84.12
N LYS UC 42 -28.42 -71.29 -84.79
CA LYS UC 42 -27.85 -70.36 -85.76
C LYS UC 42 -27.16 -69.22 -85.00
N LYS UC 43 -25.97 -69.53 -84.51
CA LYS UC 43 -25.16 -68.56 -83.78
C LYS UC 43 -24.31 -67.76 -84.76
N GLY UC 44 -24.61 -66.47 -84.87
CA GLY UC 44 -23.84 -65.61 -85.76
C GLY UC 44 -23.94 -66.10 -87.20
N SER UC 45 -22.78 -66.23 -87.84
CA SER UC 45 -22.72 -66.72 -89.22
C SER UC 45 -22.69 -68.24 -89.30
N ASP UC 46 -22.30 -68.92 -88.23
CA ASP UC 46 -22.30 -70.37 -88.22
C ASP UC 46 -23.74 -70.89 -88.16
N ASN UC 47 -24.06 -71.84 -89.04
CA ASN UC 47 -25.39 -72.42 -89.06
C ASN UC 47 -25.61 -73.45 -87.96
N GLY UC 48 -24.57 -73.80 -87.21
CA GLY UC 48 -24.71 -74.73 -86.11
C GLY UC 48 -24.29 -76.14 -86.46
N THR UC 49 -24.51 -77.03 -85.51
CA THR UC 49 -24.16 -78.44 -85.65
C THR UC 49 -25.31 -79.29 -85.14
N MET UC 50 -25.64 -80.35 -85.86
CA MET UC 50 -26.60 -81.33 -85.41
C MET UC 50 -25.88 -82.42 -84.65
N ARG UC 51 -26.28 -82.64 -83.39
CA ARG UC 51 -25.67 -83.66 -82.55
C ARG UC 51 -26.68 -84.76 -82.30
N GLY UC 52 -26.30 -86.00 -82.58
CA GLY UC 52 -27.15 -87.16 -82.32
C GLY UC 52 -26.45 -88.10 -81.36
N ASN UC 53 -27.22 -88.64 -80.42
CA ASN UC 53 -26.68 -89.54 -79.41
C ASN UC 53 -27.57 -90.76 -79.28
N MET UC 54 -26.96 -91.94 -79.36
CA MET UC 54 -27.63 -93.20 -79.08
C MET UC 54 -26.96 -93.83 -77.87
N ASN UC 55 -27.75 -94.07 -76.82
CA ASN UC 55 -27.24 -94.58 -75.55
C ASN UC 55 -27.83 -95.96 -75.31
N PHE UC 56 -26.96 -96.93 -75.02
CA PHE UC 56 -27.37 -98.27 -74.66
C PHE UC 56 -26.99 -98.51 -73.21
N ALA UC 57 -27.95 -98.91 -72.39
CA ALA UC 57 -27.69 -99.15 -70.98
C ALA UC 57 -28.25 -100.50 -70.59
N LYS UC 58 -27.42 -101.32 -69.93
CA LYS UC 58 -27.85 -102.61 -69.43
C LYS UC 58 -27.29 -102.85 -68.03
N SER UC 59 -28.05 -103.57 -67.22
CA SER UC 59 -27.59 -104.00 -65.91
C SER UC 59 -26.96 -105.39 -66.01
N PHE UC 60 -25.88 -105.58 -65.25
CA PHE UC 60 -25.11 -106.82 -65.28
C PHE UC 60 -24.75 -107.21 -63.86
N PRO UC 61 -24.67 -108.52 -63.58
CA PRO UC 61 -24.20 -108.96 -62.26
C PRO UC 61 -22.75 -108.58 -62.05
N ASN UC 62 -22.48 -107.86 -60.94
CA ASN UC 62 -21.15 -107.45 -60.55
C ASN UC 62 -20.95 -107.93 -59.11
N GLY UC 63 -20.39 -109.13 -58.97
CA GLY UC 63 -20.23 -109.73 -57.67
C GLY UC 63 -21.54 -109.86 -56.94
N ASP UC 64 -21.73 -109.04 -55.90
CA ASP UC 64 -22.99 -109.06 -55.16
C ASP UC 64 -24.02 -108.12 -55.77
N LYS UC 65 -23.58 -106.99 -56.31
CA LYS UC 65 -24.49 -105.94 -56.76
C LYS UC 65 -24.74 -106.05 -58.27
N LYS UC 66 -25.39 -105.04 -58.82
CA LYS UC 66 -25.62 -104.95 -60.26
C LYS UC 66 -25.00 -103.65 -60.76
N SER UC 67 -24.16 -103.76 -61.79
CA SER UC 67 -23.47 -102.62 -62.36
C SER UC 67 -24.03 -102.30 -63.74
N LEU UC 68 -23.94 -101.02 -64.12
CA LEU UC 68 -24.51 -100.53 -65.36
C LEU UC 68 -23.43 -100.42 -66.44
N VAL UC 69 -23.63 -101.10 -67.55
CA VAL UC 69 -22.77 -100.99 -68.72
C VAL UC 69 -23.47 -100.09 -69.73
N VAL UC 70 -22.76 -99.07 -70.21
CA VAL UC 70 -23.31 -98.07 -71.11
C VAL UC 70 -22.42 -97.96 -72.34
N VAL UC 71 -23.04 -98.03 -73.52
CA VAL UC 71 -22.36 -97.81 -74.79
C VAL UC 71 -22.98 -96.57 -75.43
N ASN UC 72 -22.14 -95.59 -75.73
CA ASN UC 72 -22.58 -94.35 -76.35
C ASN UC 72 -22.16 -94.31 -77.82
N LEU UC 73 -22.98 -93.65 -78.63
CA LEU UC 73 -22.66 -93.42 -80.04
C LEU UC 73 -23.12 -92.01 -80.37
N THR UC 74 -22.17 -91.09 -80.52
CA THR UC 74 -22.48 -89.69 -80.76
C THR UC 74 -21.92 -89.25 -82.09
N ALA UC 75 -22.75 -88.57 -82.87
CA ALA UC 75 -22.38 -88.03 -84.17
C ALA UC 75 -22.57 -86.53 -84.17
N HIS UC 76 -21.59 -85.82 -84.73
CA HIS UC 76 -21.63 -84.36 -84.87
C HIS UC 76 -21.57 -84.05 -86.36
N VAL UC 77 -22.63 -83.45 -86.88
CA VAL UC 77 -22.68 -83.12 -88.31
C VAL UC 77 -22.90 -81.62 -88.46
N PRO UC 78 -21.90 -80.88 -88.97
CA PRO UC 78 -22.12 -79.44 -89.19
C PRO UC 78 -23.17 -79.19 -90.25
N VAL UC 79 -23.91 -78.10 -90.08
CA VAL UC 79 -24.97 -77.76 -91.03
C VAL UC 79 -24.35 -77.27 -92.34
N GLY UC 80 -24.86 -77.79 -93.45
CA GLY UC 80 -24.36 -77.46 -94.78
C GLY UC 80 -23.64 -78.62 -95.44
N VAL UC 81 -23.04 -79.50 -94.65
CA VAL UC 81 -22.41 -80.69 -95.19
C VAL UC 81 -23.48 -81.58 -95.82
N ASP UC 82 -23.18 -82.12 -97.00
CA ASP UC 82 -24.13 -82.97 -97.70
C ASP UC 82 -24.43 -84.21 -96.87
N ALA UC 83 -25.73 -84.49 -96.70
CA ALA UC 83 -26.14 -85.58 -95.84
C ALA UC 83 -25.83 -86.94 -96.45
N THR UC 84 -25.97 -87.07 -97.77
CA THR UC 84 -25.73 -88.35 -98.43
C THR UC 84 -24.28 -88.78 -98.30
N ALA UC 85 -23.35 -87.85 -98.41
CA ALA UC 85 -21.94 -88.17 -98.24
C ALA UC 85 -21.66 -88.66 -96.83
N VAL UC 86 -22.23 -88.01 -95.82
CA VAL UC 86 -22.04 -88.45 -94.44
C VAL UC 86 -22.63 -89.84 -94.25
N ARG UC 87 -23.80 -90.09 -94.84
CA ARG UC 87 -24.45 -91.39 -94.64
C ARG UC 87 -23.67 -92.51 -95.30
N THR UC 88 -23.15 -92.28 -96.51
CA THR UC 88 -22.35 -93.33 -97.14
C THR UC 88 -21.01 -93.51 -96.44
N TRP UC 89 -20.45 -92.43 -95.90
CA TRP UC 89 -19.23 -92.55 -95.10
C TRP UC 89 -19.47 -93.40 -93.86
N MET UC 90 -20.60 -93.17 -93.18
CA MET UC 90 -20.94 -93.96 -92.01
C MET UC 90 -21.19 -95.41 -92.36
N THR UC 91 -21.95 -95.65 -93.44
CA THR UC 91 -22.29 -97.03 -93.80
C THR UC 91 -21.07 -97.81 -94.24
N SER UC 92 -20.17 -97.19 -94.99
CA SER UC 92 -19.03 -97.89 -95.56
C SER UC 92 -17.78 -97.83 -94.68
N GLU UC 93 -17.54 -96.72 -93.99
CA GLU UC 93 -16.27 -96.49 -93.30
C GLU UC 93 -16.38 -96.52 -91.79
N VAL UC 94 -17.49 -96.07 -91.21
CA VAL UC 94 -17.59 -95.97 -89.76
C VAL UC 94 -18.20 -97.23 -89.16
N PHE UC 95 -19.33 -97.68 -89.70
CA PHE UC 95 -20.07 -98.81 -89.17
C PHE UC 95 -19.27 -100.13 -89.19
N PRO UC 96 -18.64 -100.51 -90.30
CA PRO UC 96 -17.87 -101.77 -90.28
C PRO UC 96 -16.74 -101.77 -89.28
N GLY UC 97 -16.08 -100.63 -89.06
CA GLY UC 97 -15.01 -100.59 -88.08
C GLY UC 97 -15.49 -100.44 -86.65
N ALA UC 98 -16.70 -99.90 -86.47
CA ALA UC 98 -17.25 -99.69 -85.14
C ALA UC 98 -17.88 -100.95 -84.55
N THR UC 99 -18.06 -102.01 -85.34
CA THR UC 99 -18.67 -103.24 -84.86
C THR UC 99 -17.71 -104.42 -84.97
N SER UC 100 -16.42 -104.17 -85.13
CA SER UC 100 -15.44 -105.23 -85.28
C SER UC 100 -14.97 -105.70 -83.90
N SER UC 101 -14.00 -106.61 -83.89
CA SER UC 101 -13.42 -107.06 -82.62
C SER UC 101 -12.59 -105.97 -81.95
N VAL UC 102 -12.18 -104.94 -82.70
CA VAL UC 102 -11.43 -103.85 -82.11
C VAL UC 102 -12.25 -103.15 -81.04
N THR UC 103 -13.53 -102.91 -81.32
CA THR UC 103 -14.41 -102.29 -80.34
C THR UC 103 -14.55 -103.16 -79.10
N LEU UC 104 -14.69 -104.47 -79.27
CA LEU UC 104 -14.83 -105.38 -78.13
C LEU UC 104 -13.58 -105.37 -77.27
N ASP UC 105 -12.40 -105.45 -77.89
CA ASP UC 105 -11.16 -105.42 -77.13
C ASP UC 105 -10.96 -104.08 -76.43
N LEU UC 106 -11.31 -102.98 -77.10
CA LEU UC 106 -11.19 -101.67 -76.48
C LEU UC 106 -12.13 -101.51 -75.29
N ALA UC 107 -13.35 -102.04 -75.40
CA ALA UC 107 -14.32 -101.91 -74.32
C ALA UC 107 -13.97 -102.81 -73.13
N THR UC 108 -13.53 -104.04 -73.39
CA THR UC 108 -13.30 -104.98 -72.31
C THR UC 108 -11.88 -104.97 -71.78
N LYS UC 109 -10.89 -104.69 -72.63
CA LYS UC 109 -9.49 -104.74 -72.22
C LYS UC 109 -8.71 -103.45 -72.47
N GLY UC 110 -9.32 -102.44 -73.06
CA GLY UC 110 -8.63 -101.19 -73.30
C GLY UC 110 -7.51 -101.28 -74.33
N VAL UC 111 -7.65 -102.14 -75.33
CA VAL UC 111 -6.61 -102.31 -76.33
C VAL UC 111 -6.70 -101.19 -77.35
N ILE UC 112 -5.60 -100.46 -77.53
CA ILE UC 112 -5.54 -99.34 -78.47
C ILE UC 112 -4.54 -99.59 -79.60
N HIS UC 113 -3.82 -100.70 -79.58
CA HIS UC 113 -2.86 -101.06 -80.62
C HIS UC 113 -3.41 -102.26 -81.38
N LEU UC 114 -3.84 -102.05 -82.62
CA LEU UC 114 -4.45 -103.12 -83.42
C LEU UC 114 -3.42 -103.68 -84.40
N SER UC 115 -2.48 -104.44 -83.86
CA SER UC 115 -1.47 -105.11 -84.67
C SER UC 115 -1.99 -106.47 -85.14
N ASP UC 116 -1.58 -106.86 -86.34
CA ASP UC 116 -0.80 -106.06 -87.28
C ASP UC 116 -1.40 -106.16 -88.68
N ALA UC 117 -2.14 -107.24 -88.93
CA ALA UC 117 -2.75 -107.47 -90.23
C ALA UC 117 -3.96 -106.55 -90.44
N LEU VC 1 86.47 -95.91 46.90
CA LEU VC 1 86.09 -95.21 45.68
C LEU VC 1 87.33 -94.76 44.90
N SER VC 2 87.42 -95.16 43.65
CA SER VC 2 88.54 -94.80 42.80
C SER VC 2 88.07 -94.60 41.37
N ILE VC 3 88.74 -93.70 40.66
CA ILE VC 3 88.52 -93.46 39.25
C ILE VC 3 89.88 -93.62 38.59
N GLY VC 4 90.16 -94.80 38.07
CA GLY VC 4 91.51 -95.12 37.63
C GLY VC 4 92.40 -95.39 38.81
N THR VC 5 93.45 -94.59 38.99
CA THR VC 5 94.39 -94.74 40.10
C THR VC 5 94.23 -93.66 41.16
N LYS VC 6 93.18 -92.84 41.08
CA LYS VC 6 92.99 -91.74 42.00
C LYS VC 6 91.83 -92.02 42.94
N ASN VC 7 92.04 -91.79 44.23
CA ASN VC 7 91.00 -91.98 45.24
C ASN VC 7 90.11 -90.74 45.28
N VAL VC 8 88.80 -90.96 45.29
CA VAL VC 8 87.82 -89.89 45.29
C VAL VC 8 86.77 -90.17 46.36
N SER VC 9 85.99 -89.14 46.65
CA SER VC 9 84.86 -89.24 47.57
C SER VC 9 83.67 -88.54 46.94
N ILE VC 10 82.46 -89.03 47.26
CA ILE VC 10 81.26 -88.39 46.77
C ILE VC 10 81.21 -86.97 47.32
N TYR VC 11 81.14 -85.99 46.43
CA TYR VC 11 81.09 -84.59 46.81
C TYR VC 11 79.73 -83.95 46.58
N ARG VC 12 79.14 -84.17 45.41
CA ARG VC 12 77.81 -83.64 45.12
C ARG VC 12 77.00 -84.72 44.41
N ASN VC 13 75.73 -84.84 44.79
CA ASN VC 13 74.85 -85.88 44.24
C ASN VC 13 73.59 -85.22 43.71
N THR VC 14 73.29 -85.48 42.44
CA THR VC 14 72.01 -85.06 41.86
C THR VC 14 71.36 -86.25 41.16
N ALA VC 15 70.22 -86.01 40.51
CA ALA VC 15 69.50 -87.11 39.88
C ALA VC 15 70.30 -87.74 38.75
N ASP VC 16 70.95 -86.92 37.92
CA ASP VC 16 71.65 -87.42 36.74
C ASP VC 16 73.12 -87.04 36.72
N GLU VC 17 73.67 -86.56 37.83
CA GLU VC 17 75.08 -86.19 37.88
C GLU VC 17 75.62 -86.37 39.28
N VAL VC 18 76.81 -86.97 39.36
CA VAL VC 18 77.55 -87.09 40.62
C VAL VC 18 78.94 -86.51 40.44
N ILE VC 19 79.30 -85.57 41.31
CA ILE VC 19 80.64 -84.98 41.33
C ILE VC 19 81.42 -85.62 42.47
N TYR VC 20 82.61 -86.14 42.16
CA TYR VC 20 83.53 -86.70 43.12
C TYR VC 20 84.74 -85.77 43.26
N ALA VC 21 85.25 -85.65 44.48
CA ALA VC 21 86.34 -84.75 44.80
C ALA VC 21 87.62 -85.55 45.00
N GLY VC 22 88.72 -85.05 44.43
CA GLY VC 22 90.01 -85.65 44.61
C GLY VC 22 90.67 -85.21 45.90
N PRO VC 23 91.86 -85.74 46.18
CA PRO VC 23 92.54 -85.40 47.45
C PRO VC 23 92.94 -83.94 47.56
N ALA VC 24 93.03 -83.21 46.46
CA ALA VC 24 93.50 -81.83 46.48
C ALA VC 24 92.37 -80.81 46.40
N HIS VC 25 91.11 -81.25 46.50
CA HIS VC 25 89.99 -80.34 46.39
C HIS VC 25 89.69 -79.69 47.73
N ASP VC 26 89.63 -78.36 47.74
CA ASP VC 26 89.24 -77.60 48.92
C ASP VC 26 88.60 -76.30 48.43
N VAL VC 27 88.48 -75.32 49.33
CA VAL VC 27 87.84 -74.05 49.04
C VAL VC 27 88.63 -73.29 47.98
N THR VC 28 89.93 -73.54 47.89
CA THR VC 28 90.80 -72.80 46.99
C THR VC 28 91.22 -73.55 45.74
N ASN VC 29 91.37 -74.87 45.81
CA ASN VC 29 91.88 -75.65 44.68
C ASN VC 29 90.80 -76.61 44.20
N VAL VC 30 90.62 -76.69 42.89
CA VAL VC 30 89.65 -77.58 42.27
C VAL VC 30 90.33 -78.86 41.83
N ASP VC 31 89.77 -79.99 42.23
CA ASP VC 31 90.22 -81.31 41.78
C ASP VC 31 88.97 -82.20 41.78
N THR VC 32 88.29 -82.27 40.63
CA THR VC 32 87.00 -82.96 40.60
C THR VC 32 86.88 -83.83 39.35
N VAL VC 33 86.11 -84.90 39.50
CA VAL VC 33 85.67 -85.73 38.39
C VAL VC 33 84.15 -85.88 38.48
N SER VC 34 83.45 -85.48 37.44
CA SER VC 34 82.00 -85.51 37.40
C SER VC 34 81.51 -86.56 36.41
N LEU VC 35 80.50 -87.32 36.81
CA LEU VC 35 79.85 -88.30 35.95
C LEU VC 35 78.42 -87.86 35.72
N ARG VC 36 78.07 -87.63 34.46
CA ARG VC 36 76.75 -87.14 34.09
C ARG VC 36 76.15 -88.07 33.04
N ARG VC 37 74.84 -88.26 33.11
CA ARG VC 37 74.13 -89.10 32.16
C ARG VC 37 72.93 -88.36 31.61
N SER VC 38 72.67 -88.59 30.32
CA SER VC 38 71.46 -88.16 29.63
C SER VC 38 70.81 -89.45 29.14
N LEU VC 39 69.79 -89.89 29.86
CA LEU VC 39 69.13 -91.14 29.54
C LEU VC 39 68.29 -90.98 28.28
N PRO VC 40 68.17 -92.04 27.48
CA PRO VC 40 67.41 -91.94 26.24
C PRO VC 40 65.94 -91.63 26.49
N VAL VC 41 65.36 -90.81 25.62
CA VAL VC 41 63.93 -90.58 25.59
C VAL VC 41 63.43 -91.14 24.25
N LYS VC 42 62.44 -92.02 24.33
CA LYS VC 42 61.97 -92.74 23.14
C LYS VC 42 60.71 -92.07 22.61
N LYS VC 43 60.90 -90.83 22.15
CA LYS VC 43 59.82 -90.06 21.56
C LYS VC 43 59.47 -90.61 20.17
N GLY VC 44 58.17 -90.54 19.84
CA GLY VC 44 57.68 -91.06 18.58
C GLY VC 44 58.10 -92.49 18.31
N SER VC 45 58.91 -92.68 17.27
CA SER VC 45 59.45 -94.00 16.95
C SER VC 45 60.93 -94.13 17.27
N ASP VC 46 61.69 -93.05 17.26
CA ASP VC 46 63.11 -93.11 17.58
C ASP VC 46 63.30 -93.43 19.06
N ASN VC 47 64.22 -94.34 19.35
CA ASN VC 47 64.45 -94.79 20.72
C ASN VC 47 65.39 -93.88 21.50
N GLY VC 48 65.91 -92.82 20.88
CA GLY VC 48 66.75 -91.89 21.58
C GLY VC 48 68.19 -92.34 21.69
N THR VC 49 68.98 -91.53 22.37
CA THR VC 49 70.42 -91.74 22.53
C THR VC 49 70.79 -91.68 23.99
N MET VC 50 71.69 -92.58 24.42
CA MET VC 50 72.27 -92.53 25.74
C MET VC 50 73.55 -91.69 25.67
N ARG VC 51 73.62 -90.65 26.48
CA ARG VC 51 74.78 -89.76 26.50
C ARG VC 51 75.50 -89.89 27.84
N GLY VC 52 76.76 -90.29 27.80
CA GLY VC 52 77.53 -90.41 29.02
C GLY VC 52 78.72 -89.47 29.03
N ASN VC 53 78.77 -88.54 29.98
CA ASN VC 53 79.82 -87.52 30.03
C ASN VC 53 80.65 -87.68 31.29
N MET VC 54 81.96 -87.67 31.14
CA MET VC 54 82.89 -87.67 32.26
C MET VC 54 83.75 -86.42 32.17
N ASN VC 55 83.80 -85.67 33.27
CA ASN VC 55 84.39 -84.35 33.34
C ASN VC 55 85.55 -84.38 34.33
N PHE VC 56 86.71 -83.87 33.91
CA PHE VC 56 87.86 -83.71 34.78
C PHE VC 56 88.16 -82.23 34.91
N ALA VC 57 88.20 -81.73 36.14
CA ALA VC 57 88.43 -80.31 36.38
C ALA VC 57 89.58 -80.14 37.37
N LYS VC 58 90.53 -79.28 37.00
CA LYS VC 58 91.68 -79.03 37.86
C LYS VC 58 92.08 -77.57 37.78
N SER VC 59 92.33 -76.95 38.93
CA SER VC 59 92.85 -75.59 38.95
C SER VC 59 94.36 -75.60 38.78
N PHE VC 60 94.86 -74.60 38.06
CA PHE VC 60 96.27 -74.46 37.73
C PHE VC 60 96.69 -73.02 37.96
N PRO VC 61 97.96 -72.79 38.31
CA PRO VC 61 98.45 -71.41 38.41
C PRO VC 61 98.48 -70.75 37.04
N ASN VC 62 98.03 -69.50 36.97
CA ASN VC 62 98.00 -68.72 35.73
C ASN VC 62 98.37 -67.29 36.12
N GLY VC 63 99.65 -66.97 36.00
CA GLY VC 63 100.13 -65.69 36.48
C GLY VC 63 99.88 -65.59 37.96
N ASP VC 64 99.19 -64.52 38.37
CA ASP VC 64 98.83 -64.35 39.77
C ASP VC 64 97.52 -65.04 40.14
N LYS VC 65 96.72 -65.44 39.14
CA LYS VC 65 95.41 -66.00 39.40
C LYS VC 65 95.43 -67.52 39.20
N LYS VC 66 94.25 -68.13 39.24
CA LYS VC 66 94.09 -69.55 39.01
C LYS VC 66 93.13 -69.77 37.84
N SER VC 67 93.44 -70.76 37.01
CA SER VC 67 92.65 -71.06 35.82
C SER VC 67 92.20 -72.51 35.86
N LEU VC 68 90.98 -72.76 35.40
CA LEU VC 68 90.41 -74.10 35.41
C LEU VC 68 90.68 -74.79 34.08
N VAL VC 69 91.35 -75.94 34.14
CA VAL VC 69 91.54 -76.80 32.98
C VAL VC 69 90.51 -77.94 33.08
N VAL VC 70 89.73 -78.11 32.02
CA VAL VC 70 88.64 -79.07 31.97
C VAL VC 70 88.86 -80.01 30.79
N VAL VC 71 88.72 -81.31 31.05
CA VAL VC 71 88.77 -82.34 30.02
C VAL VC 71 87.44 -83.07 30.03
N ASN VC 72 86.80 -83.15 28.86
CA ASN VC 72 85.50 -83.78 28.72
C ASN VC 72 85.62 -85.03 27.86
N LEU VC 73 84.95 -86.10 28.29
CA LEU VC 73 84.87 -87.33 27.50
C LEU VC 73 83.42 -87.76 27.43
N THR VC 74 82.82 -87.64 26.25
CA THR VC 74 81.39 -87.88 26.08
C THR VC 74 81.16 -88.97 25.04
N ALA VC 75 80.33 -89.95 25.40
CA ALA VC 75 79.94 -91.03 24.50
C ALA VC 75 78.46 -90.88 24.16
N HIS VC 76 78.15 -90.98 22.87
CA HIS VC 76 76.78 -90.92 22.37
C HIS VC 76 76.46 -92.27 21.75
N VAL VC 77 75.64 -93.08 22.42
CA VAL VC 77 75.33 -94.42 21.95
C VAL VC 77 73.83 -94.45 21.61
N PRO VC 78 73.47 -94.61 20.34
CA PRO VC 78 72.05 -94.77 20.00
C PRO VC 78 71.49 -96.07 20.56
N VAL VC 79 70.20 -96.04 20.92
CA VAL VC 79 69.57 -97.20 21.53
C VAL VC 79 69.32 -98.27 20.47
N GLY VC 80 69.67 -99.51 20.79
CA GLY VC 80 69.57 -100.64 19.88
C GLY VC 80 70.91 -101.18 19.44
N VAL VC 81 71.95 -100.35 19.51
CA VAL VC 81 73.30 -100.79 19.20
C VAL VC 81 73.78 -101.74 20.30
N ASP VC 82 74.43 -102.83 19.90
CA ASP VC 82 74.94 -103.80 20.85
C ASP VC 82 75.95 -103.15 21.79
N ALA VC 83 75.76 -103.34 23.09
CA ALA VC 83 76.65 -102.75 24.07
C ALA VC 83 78.04 -103.37 24.01
N THR VC 84 78.11 -104.69 23.81
CA THR VC 84 79.40 -105.37 23.79
C THR VC 84 80.26 -104.91 22.62
N ALA VC 85 79.66 -104.75 21.44
CA ALA VC 85 80.42 -104.27 20.29
C ALA VC 85 80.94 -102.85 20.52
N VAL VC 86 80.10 -101.99 21.11
CA VAL VC 86 80.53 -100.63 21.41
C VAL VC 86 81.66 -100.62 22.42
N ARG VC 87 81.57 -101.46 23.45
CA ARG VC 87 82.63 -101.52 24.45
C ARG VC 87 83.93 -102.02 23.84
N THR VC 88 83.85 -103.02 22.96
CA THR VC 88 85.06 -103.51 22.28
C THR VC 88 85.67 -102.43 21.40
N TRP VC 89 84.84 -101.67 20.68
CA TRP VC 89 85.34 -100.59 19.86
C TRP VC 89 86.01 -99.51 20.70
N MET VC 90 85.40 -99.15 21.83
CA MET VC 90 85.98 -98.13 22.70
C MET VC 90 87.29 -98.59 23.30
N THR VC 91 87.38 -99.86 23.69
CA THR VC 91 88.59 -100.38 24.32
C THR VC 91 89.72 -100.52 23.32
N SER VC 92 89.44 -101.01 22.12
CA SER VC 92 90.48 -101.31 21.15
C SER VC 92 90.84 -100.13 20.26
N GLU VC 93 89.92 -99.20 20.04
CA GLU VC 93 90.17 -98.09 19.13
C GLU VC 93 90.20 -96.73 19.82
N VAL VC 94 89.15 -96.38 20.56
CA VAL VC 94 89.04 -95.03 21.12
C VAL VC 94 90.03 -94.83 22.25
N PHE VC 95 90.14 -95.80 23.15
CA PHE VC 95 90.98 -95.64 24.33
C PHE VC 95 92.46 -95.47 23.99
N PRO VC 96 93.09 -96.31 23.17
CA PRO VC 96 94.51 -96.07 22.84
C PRO VC 96 94.75 -94.75 22.13
N GLY VC 97 93.82 -94.30 21.28
CA GLY VC 97 94.03 -93.06 20.56
C GLY VC 97 93.75 -91.82 21.39
N ALA VC 98 92.90 -91.93 22.40
CA ALA VC 98 92.56 -90.81 23.26
C ALA VC 98 93.53 -90.63 24.41
N THR VC 99 94.50 -91.53 24.56
CA THR VC 99 95.52 -91.43 25.61
C THR VC 99 96.92 -91.34 25.01
N SER VC 100 97.02 -91.05 23.72
CA SER VC 100 98.30 -90.97 23.04
C SER VC 100 98.83 -89.54 23.10
N SER VC 101 100.02 -89.33 22.54
CA SER VC 101 100.59 -87.99 22.46
C SER VC 101 99.75 -87.08 21.56
N VAL VC 102 98.93 -87.64 20.68
CA VAL VC 102 98.09 -86.83 19.82
C VAL VC 102 97.13 -85.98 20.64
N THR VC 103 96.50 -86.59 21.64
CA THR VC 103 95.59 -85.85 22.51
C THR VC 103 96.33 -84.75 23.27
N LEU VC 104 97.52 -85.08 23.79
CA LEU VC 104 98.29 -84.08 24.54
C LEU VC 104 98.66 -82.89 23.67
N ASP VC 105 99.13 -83.14 22.44
CA ASP VC 105 99.48 -82.03 21.56
C ASP VC 105 98.26 -81.24 21.13
N LEU VC 106 97.13 -81.92 20.88
CA LEU VC 106 95.92 -81.18 20.54
C LEU VC 106 95.47 -80.29 21.69
N ALA VC 107 95.56 -80.79 22.92
CA ALA VC 107 95.07 -80.03 24.07
C ALA VC 107 95.99 -78.86 24.40
N THR VC 108 97.30 -79.09 24.42
CA THR VC 108 98.23 -78.08 24.92
C THR VC 108 98.88 -77.24 23.84
N LYS VC 109 98.79 -77.63 22.57
CA LYS VC 109 99.40 -76.88 21.49
C LYS VC 109 98.47 -76.65 20.31
N GLY VC 110 97.28 -77.23 20.32
CA GLY VC 110 96.38 -77.10 19.19
C GLY VC 110 96.85 -77.76 17.92
N VAL VC 111 97.52 -78.90 18.04
CA VAL VC 111 98.05 -79.60 16.87
C VAL VC 111 96.98 -80.53 16.31
N ILE VC 112 96.60 -80.31 15.06
CA ILE VC 112 95.61 -81.13 14.38
C ILE VC 112 96.20 -81.92 13.22
N HIS VC 113 97.50 -81.81 12.97
CA HIS VC 113 98.19 -82.55 11.92
C HIS VC 113 99.16 -83.52 12.58
N LEU VC 114 98.88 -84.82 12.50
CA LEU VC 114 99.75 -85.84 13.10
C LEU VC 114 100.67 -86.41 12.02
N SER VC 115 101.66 -85.60 11.63
CA SER VC 115 102.67 -86.07 10.69
C SER VC 115 103.83 -86.70 11.45
N ASP VC 116 104.49 -87.66 10.80
CA ASP VC 116 104.19 -88.25 9.49
C ASP VC 116 104.37 -89.76 9.54
N ALA VC 117 105.02 -90.24 10.60
CA ALA VC 117 105.32 -91.66 10.75
C ALA VC 117 104.06 -92.51 10.81
N LEU WC 1 101.09 -92.85 9.13
CA LEU WC 1 100.11 -91.99 9.78
C LEU WC 1 99.19 -92.82 10.68
N SER WC 2 99.36 -92.67 11.99
CA SER WC 2 98.61 -93.46 12.94
C SER WC 2 98.11 -92.60 14.09
N ILE WC 3 96.93 -92.96 14.60
CA ILE WC 3 96.38 -92.38 15.81
C ILE WC 3 96.15 -93.54 16.77
N GLY WC 4 96.90 -93.56 17.88
CA GLY WC 4 96.88 -94.71 18.76
C GLY WC 4 97.41 -95.94 18.06
N THR WC 5 96.62 -97.02 18.07
CA THR WC 5 96.97 -98.24 17.36
C THR WC 5 96.34 -98.32 15.98
N LYS WC 6 95.56 -97.32 15.58
CA LYS WC 6 94.82 -97.34 14.32
C LYS WC 6 95.55 -96.50 13.29
N ASN WC 7 95.89 -97.11 12.15
CA ASN WC 7 96.43 -96.37 11.03
C ASN WC 7 95.32 -95.62 10.31
N VAL WC 8 95.59 -94.36 9.96
CA VAL WC 8 94.61 -93.50 9.33
C VAL WC 8 95.25 -92.78 8.16
N SER WC 9 94.41 -92.14 7.35
CA SER WC 9 94.86 -91.30 6.25
C SER WC 9 94.04 -90.02 6.27
N ILE WC 10 94.62 -88.95 5.72
CA ILE WC 10 93.93 -87.68 5.66
C ILE WC 10 92.71 -87.81 4.76
N TYR WC 11 91.54 -87.47 5.29
CA TYR WC 11 90.28 -87.53 4.55
C TYR WC 11 89.78 -86.14 4.17
N ARG WC 12 89.75 -85.21 5.12
CA ARG WC 12 89.35 -83.84 4.83
C ARG WC 12 90.21 -82.91 5.66
N ASN WC 13 90.47 -81.72 5.12
CA ASN WC 13 91.43 -80.79 5.71
C ASN WC 13 90.88 -79.37 5.59
N THR WC 14 90.42 -78.82 6.71
CA THR WC 14 90.05 -77.42 6.80
C THR WC 14 91.07 -76.68 7.68
N ALA WC 15 90.80 -75.40 7.91
CA ALA WC 15 91.77 -74.57 8.63
C ALA WC 15 91.95 -75.04 10.08
N ASP WC 16 90.85 -75.34 10.78
CA ASP WC 16 90.92 -75.70 12.18
C ASP WC 16 90.41 -77.12 12.46
N GLU WC 17 90.10 -77.90 11.43
CA GLU WC 17 89.68 -79.28 11.61
C GLU WC 17 90.30 -80.15 10.54
N VAL WC 18 90.82 -81.30 10.96
CA VAL WC 18 91.30 -82.32 10.04
C VAL WC 18 90.59 -83.63 10.38
N ILE WC 19 89.89 -84.18 9.39
CA ILE WC 19 89.22 -85.47 9.54
C ILE WC 19 90.09 -86.54 8.88
N TYR WC 20 90.42 -87.58 9.65
CA TYR WC 20 91.15 -88.73 9.15
C TYR WC 20 90.22 -89.93 9.09
N ALA WC 21 90.46 -90.80 8.12
CA ALA WC 21 89.62 -91.96 7.87
C ALA WC 21 90.40 -93.23 8.20
N GLY WC 22 89.75 -94.16 8.88
CA GLY WC 22 90.33 -95.45 9.14
C GLY WC 22 90.32 -96.32 7.90
N PRO WC 23 90.91 -97.51 8.00
CA PRO WC 23 90.96 -98.39 6.82
C PRO WC 23 89.59 -98.80 6.32
N ALA WC 24 88.61 -98.93 7.22
CA ALA WC 24 87.27 -99.38 6.85
C ALA WC 24 86.38 -98.26 6.32
N HIS WC 25 86.76 -97.00 6.49
CA HIS WC 25 85.89 -95.90 6.12
C HIS WC 25 85.59 -95.92 4.63
N ASP WC 26 84.31 -95.70 4.29
CA ASP WC 26 83.87 -95.68 2.91
C ASP WC 26 82.60 -94.84 2.83
N VAL WC 27 81.90 -94.93 1.69
CA VAL WC 27 80.71 -94.12 1.47
C VAL WC 27 79.51 -94.55 2.31
N THR WC 28 79.52 -95.77 2.85
CA THR WC 28 78.43 -96.25 3.67
C THR WC 28 78.83 -96.64 5.08
N ASN WC 29 80.10 -96.90 5.34
CA ASN WC 29 80.61 -97.19 6.68
C ASN WC 29 81.44 -96.01 7.15
N VAL WC 30 81.07 -95.43 8.28
CA VAL WC 30 81.79 -94.30 8.85
C VAL WC 30 82.80 -94.83 9.85
N ASP WC 31 84.08 -94.48 9.63
CA ASP WC 31 85.16 -94.76 10.58
C ASP WC 31 86.10 -93.57 10.52
N THR WC 32 85.86 -92.59 11.38
CA THR WC 32 86.56 -91.32 11.28
C THR WC 32 87.09 -90.86 12.64
N VAL WC 33 88.25 -90.21 12.61
CA VAL WC 33 88.82 -89.52 13.75
C VAL WC 33 89.05 -88.07 13.34
N SER WC 34 88.31 -87.16 13.94
CA SER WC 34 88.45 -85.74 13.67
C SER WC 34 89.26 -85.07 14.76
N LEU WC 35 90.17 -84.19 14.37
CA LEU WC 35 90.84 -83.28 15.30
C LEU WC 35 90.42 -81.87 14.97
N ARG WC 36 89.74 -81.22 15.90
CA ARG WC 36 89.24 -79.86 15.73
C ARG WC 36 89.81 -78.99 16.82
N ARG WC 37 90.05 -77.73 16.50
CA ARG WC 37 90.57 -76.79 17.49
C ARG WC 37 89.81 -75.47 17.40
N SER WC 38 89.67 -74.83 18.54
CA SER WC 38 89.19 -73.45 18.64
C SER WC 38 90.30 -72.64 19.28
N LEU WC 39 90.89 -71.74 18.52
CA LEU WC 39 92.04 -70.98 18.97
C LEU WC 39 91.61 -69.91 19.97
N PRO WC 40 92.50 -69.56 20.91
CA PRO WC 40 92.14 -68.57 21.93
C PRO WC 40 91.82 -67.21 21.31
N VAL WC 41 90.70 -66.64 21.74
CA VAL WC 41 90.29 -65.31 21.30
C VAL WC 41 90.54 -64.34 22.45
N LYS WC 42 91.47 -63.42 22.26
CA LYS WC 42 91.83 -62.44 23.28
C LYS WC 42 90.70 -61.41 23.29
N LYS WC 43 89.84 -61.48 24.30
CA LYS WC 43 88.78 -60.52 24.51
C LYS WC 43 88.90 -59.95 25.93
N GLY WC 44 88.78 -58.63 26.04
CA GLY WC 44 88.94 -57.99 27.34
C GLY WC 44 90.31 -58.23 27.91
N SER WC 45 90.38 -58.43 29.23
CA SER WC 45 91.63 -58.80 29.89
C SER WC 45 91.89 -60.29 29.85
N ASP WC 46 90.89 -61.09 29.48
CA ASP WC 46 91.08 -62.54 29.40
C ASP WC 46 91.83 -62.89 28.12
N ASN WC 47 92.88 -63.69 28.26
CA ASN WC 47 93.71 -64.08 27.14
C ASN WC 47 93.04 -65.11 26.24
N GLY WC 48 91.93 -65.69 26.67
CA GLY WC 48 91.22 -66.69 25.88
C GLY WC 48 91.50 -68.10 26.35
N THR WC 49 90.90 -69.04 25.64
CA THR WC 49 91.01 -70.46 25.96
C THR WC 49 91.17 -71.26 24.68
N MET WC 50 92.13 -72.17 24.68
CA MET WC 50 92.28 -73.11 23.57
C MET WC 50 91.38 -74.31 23.81
N ARG WC 51 90.53 -74.61 22.83
CA ARG WC 51 89.67 -75.79 22.87
C ARG WC 51 90.20 -76.83 21.89
N GLY WC 52 90.38 -78.05 22.37
CA GLY WC 52 90.79 -79.15 21.52
C GLY WC 52 89.81 -80.30 21.57
N ASN WC 53 89.23 -80.64 20.43
CA ASN WC 53 88.22 -81.69 20.35
C ASN WC 53 88.75 -82.85 19.51
N MET WC 54 88.61 -84.05 20.03
CA MET WC 54 88.98 -85.29 19.35
C MET WC 54 87.72 -86.13 19.22
N ASN WC 55 87.26 -86.32 17.99
CA ASN WC 55 86.00 -86.98 17.70
C ASN WC 55 86.23 -88.34 17.07
N PHE WC 56 85.64 -89.38 17.64
CA PHE WC 56 85.66 -90.72 17.07
C PHE WC 56 84.24 -91.05 16.62
N ALA WC 57 84.07 -91.36 15.34
CA ALA WC 57 82.77 -91.70 14.79
C ALA WC 57 82.85 -93.06 14.12
N LYS WC 58 81.91 -93.95 14.46
CA LYS WC 58 81.89 -95.29 13.91
C LYS WC 58 80.45 -95.72 13.63
N SER WC 59 80.25 -96.38 12.50
CA SER WC 59 78.96 -96.94 12.15
C SER WC 59 78.77 -98.31 12.79
N PHE WC 60 77.57 -98.57 13.28
CA PHE WC 60 77.25 -99.80 13.98
C PHE WC 60 75.91 -100.33 13.52
N PRO WC 61 75.75 -101.65 13.44
CA PRO WC 61 74.43 -102.22 13.15
C PRO WC 61 73.46 -101.97 14.28
N ASN WC 62 72.37 -101.28 13.97
CA ASN WC 62 71.28 -101.00 14.92
C ASN WC 62 70.03 -101.65 14.32
N GLY WC 63 69.76 -102.88 14.74
CA GLY WC 63 68.66 -103.64 14.18
C GLY WC 63 68.82 -103.83 12.69
N ASP WC 64 67.96 -103.17 11.92
CA ASP WC 64 68.04 -103.22 10.46
C ASP WC 64 68.84 -102.09 9.87
N LYS WC 65 68.99 -100.98 10.59
CA LYS WC 65 69.63 -99.78 10.08
C LYS WC 65 71.06 -99.68 10.63
N LYS WC 66 71.73 -98.58 10.31
CA LYS WC 66 73.04 -98.27 10.87
C LYS WC 66 72.96 -97.00 11.71
N SER WC 67 73.60 -97.03 12.86
CA SER WC 67 73.64 -95.91 13.79
C SER WC 67 75.07 -95.43 13.96
N LEU WC 68 75.22 -94.14 14.24
CA LEU WC 68 76.52 -93.53 14.42
C LEU WC 68 76.84 -93.41 15.90
N VAL WC 69 77.89 -94.10 16.34
CA VAL WC 69 78.39 -93.96 17.71
C VAL WC 69 79.55 -92.98 17.70
N VAL WC 70 79.46 -91.97 18.57
CA VAL WC 70 80.40 -90.87 18.62
C VAL WC 70 80.98 -90.76 20.02
N VAL WC 71 82.30 -90.62 20.11
CA VAL WC 71 82.98 -90.37 21.37
C VAL WC 71 83.78 -89.09 21.21
N ASN WC 72 83.53 -88.12 22.08
CA ASN WC 72 84.23 -86.83 22.05
C ASN WC 72 85.15 -86.70 23.25
N LEU WC 73 86.38 -86.27 22.99
CA LEU WC 73 87.33 -85.90 24.04
C LEU WC 73 87.69 -84.44 23.84
N THR WC 74 87.20 -83.58 24.74
CA THR WC 74 87.39 -82.14 24.62
C THR WC 74 88.18 -81.61 25.80
N ALA WC 75 89.18 -80.78 25.51
CA ALA WC 75 89.99 -80.13 26.53
C ALA WC 75 89.90 -78.62 26.37
N HIS WC 76 89.75 -77.93 27.50
CA HIS WC 76 89.71 -76.47 27.54
C HIS WC 76 90.88 -75.99 28.38
N VAL WC 77 91.87 -75.38 27.73
CA VAL WC 77 93.08 -74.94 28.41
C VAL WC 77 93.17 -73.42 28.32
N PRO WC 78 93.07 -72.70 29.42
CA PRO WC 78 93.22 -71.24 29.36
C PRO WC 78 94.64 -70.82 29.04
N VAL WC 79 94.78 -69.70 28.33
CA VAL WC 79 96.10 -69.18 28.01
C VAL WC 79 96.78 -68.67 29.26
N GLY WC 80 98.07 -68.98 29.40
CA GLY WC 80 98.85 -68.59 30.55
C GLY WC 80 99.23 -69.73 31.47
N VAL WC 81 98.54 -70.85 31.35
CA VAL WC 81 98.86 -72.03 32.16
C VAL WC 81 100.08 -72.73 31.58
N ASP WC 82 100.87 -73.35 32.45
CA ASP WC 82 102.03 -74.11 32.00
C ASP WC 82 101.57 -75.38 31.28
N ALA WC 83 102.10 -75.59 30.07
CA ALA WC 83 101.68 -76.73 29.27
C ALA WC 83 102.22 -78.05 29.82
N THR WC 84 103.43 -78.04 30.37
CA THR WC 84 104.01 -79.26 30.93
C THR WC 84 103.20 -79.77 32.12
N ALA WC 85 102.75 -78.85 32.99
CA ALA WC 85 101.93 -79.26 34.12
C ALA WC 85 100.61 -79.87 33.66
N VAL WC 86 99.97 -79.26 32.65
CA VAL WC 86 98.72 -79.78 32.15
C VAL WC 86 98.92 -81.15 31.51
N ARG WC 87 100.01 -81.31 30.76
CA ARG WC 87 100.29 -82.62 30.16
C ARG WC 87 100.52 -83.68 31.23
N THR WC 88 101.27 -83.33 32.28
CA THR WC 88 101.51 -84.28 33.37
C THR WC 88 100.21 -84.66 34.07
N TRP WC 89 99.34 -83.69 34.33
CA TRP WC 89 98.05 -83.97 34.95
C TRP WC 89 97.19 -84.86 34.06
N MET WC 90 97.17 -84.58 32.76
CA MET WC 90 96.37 -85.40 31.84
C MET WC 90 96.91 -86.81 31.75
N THR WC 91 98.23 -86.98 31.76
CA THR WC 91 98.81 -88.31 31.66
C THR WC 91 98.59 -89.12 32.95
N SER WC 92 98.80 -88.51 34.11
CA SER WC 92 98.74 -89.24 35.36
C SER WC 92 97.35 -89.36 35.96
N GLU WC 93 96.45 -88.43 35.66
CA GLU WC 93 95.15 -88.39 36.33
C GLU WC 93 93.97 -88.52 35.38
N VAL WC 94 94.02 -87.88 34.21
CA VAL WC 94 92.87 -87.91 33.31
C VAL WC 94 92.84 -89.20 32.51
N PHE WC 95 93.97 -89.57 31.91
CA PHE WC 95 94.00 -90.74 31.04
C PHE WC 95 93.65 -92.04 31.75
N PRO WC 96 94.21 -92.36 32.93
CA PRO WC 96 93.82 -93.63 33.58
C PRO WC 96 92.34 -93.71 33.90
N GLY WC 97 91.71 -92.60 34.29
CA GLY WC 97 90.30 -92.64 34.61
C GLY WC 97 89.39 -92.61 33.41
N ALA WC 98 89.82 -91.98 32.32
CA ALA WC 98 88.99 -91.88 31.13
C ALA WC 98 88.91 -93.21 30.37
N THR WC 99 89.88 -94.10 30.55
CA THR WC 99 89.90 -95.39 29.87
C THR WC 99 89.69 -96.54 30.86
N SER WC 100 88.89 -96.31 31.89
CA SER WC 100 88.58 -97.32 32.89
C SER WC 100 87.25 -97.98 32.58
N SER WC 101 86.88 -98.94 33.42
CA SER WC 101 85.55 -99.55 33.31
C SER WC 101 84.45 -98.56 33.66
N VAL WC 102 84.79 -97.46 34.33
CA VAL WC 102 83.80 -96.43 34.64
C VAL WC 102 83.25 -95.81 33.36
N THR WC 103 84.11 -95.55 32.38
CA THR WC 103 83.67 -94.97 31.13
C THR WC 103 82.70 -95.91 30.40
N LEU WC 104 83.06 -97.19 30.32
CA LEU WC 104 82.21 -98.16 29.65
C LEU WC 104 80.87 -98.32 30.37
N ASP WC 105 80.90 -98.38 31.71
CA ASP WC 105 79.67 -98.52 32.46
C ASP WC 105 78.78 -97.30 32.31
N LEU WC 106 79.36 -96.10 32.29
CA LEU WC 106 78.57 -94.90 32.06
C LEU WC 106 77.98 -94.89 30.65
N ALA WC 107 78.76 -95.34 29.67
CA ALA WC 107 78.28 -95.32 28.29
C ALA WC 107 77.13 -96.30 28.07
N THR WC 108 77.29 -97.55 28.54
CA THR WC 108 76.34 -98.60 28.20
C THR WC 108 75.33 -98.90 29.29
N LYS WC 109 75.41 -98.24 30.45
CA LYS WC 109 74.45 -98.51 31.52
C LYS WC 109 73.96 -97.25 32.22
N GLY WC 110 74.51 -96.08 31.96
CA GLY WC 110 74.15 -94.89 32.71
C GLY WC 110 74.53 -94.95 34.17
N VAL WC 111 75.66 -95.57 34.49
CA VAL WC 111 76.09 -95.68 35.88
C VAL WC 111 76.88 -94.43 36.25
N ILE WC 112 76.34 -93.64 37.17
CA ILE WC 112 77.02 -92.45 37.68
C ILE WC 112 77.42 -92.59 39.14
N HIS WC 113 76.92 -93.59 39.85
CA HIS WC 113 77.29 -93.84 41.24
C HIS WC 113 78.36 -94.92 41.27
N LEU WC 114 79.51 -94.58 41.85
CA LEU WC 114 80.65 -95.49 41.88
C LEU WC 114 80.56 -96.39 43.11
N SER WC 115 81.18 -97.56 43.02
CA SER WC 115 81.21 -98.52 44.10
C SER WC 115 82.40 -99.47 43.92
N ASP WC 116 82.92 -99.97 45.03
CA ASP WC 116 82.63 -99.60 46.42
C ASP WC 116 83.92 -99.54 47.22
N ALA WC 117 84.99 -100.10 46.66
CA ALA WC 117 86.26 -100.19 47.35
C ALA WC 117 87.28 -99.19 46.77
N LEU XC 1 85.88 -101.37 -36.15
CA LEU XC 1 85.70 -100.20 -35.30
C LEU XC 1 86.16 -100.50 -33.88
N SER XC 2 87.26 -99.88 -33.47
CA SER XC 2 87.83 -100.12 -32.15
C SER XC 2 88.14 -98.80 -31.46
N ILE XC 3 87.80 -98.72 -30.17
CA ILE XC 3 88.22 -97.63 -29.30
C ILE XC 3 88.99 -98.27 -28.16
N GLY XC 4 90.32 -98.35 -28.32
CA GLY XC 4 91.14 -99.11 -27.40
C GLY XC 4 91.14 -100.58 -27.75
N THR XC 5 90.70 -101.43 -26.82
CA THR XC 5 90.53 -102.86 -27.08
C THR XC 5 89.08 -103.25 -27.27
N LYS XC 6 88.17 -102.27 -27.33
CA LYS XC 6 86.74 -102.52 -27.40
C LYS XC 6 86.27 -102.43 -28.85
N ASN XC 7 85.52 -103.43 -29.28
CA ASN XC 7 84.88 -103.41 -30.60
C ASN XC 7 83.52 -102.75 -30.47
N VAL XC 8 83.34 -101.63 -31.15
CA VAL XC 8 82.11 -100.85 -31.07
C VAL XC 8 81.50 -100.75 -32.46
N SER XC 9 80.24 -100.30 -32.50
CA SER XC 9 79.54 -100.03 -33.73
C SER XC 9 78.83 -98.69 -33.62
N ILE XC 10 78.61 -98.04 -34.77
CA ILE XC 10 77.91 -96.78 -34.78
C ILE XC 10 76.48 -96.99 -34.30
N TYR XC 11 76.10 -96.26 -33.26
CA TYR XC 11 74.77 -96.35 -32.68
C TYR XC 11 73.96 -95.08 -32.88
N ARG XC 12 74.59 -93.92 -32.79
CA ARG XC 12 73.90 -92.67 -33.04
C ARG XC 12 74.87 -91.71 -33.72
N ASN XC 13 74.40 -91.04 -34.77
CA ASN XC 13 75.26 -90.16 -35.56
C ASN XC 13 74.61 -88.79 -35.61
N THR XC 14 75.28 -87.80 -35.04
CA THR XC 14 74.83 -86.42 -34.97
C THR XC 14 75.95 -85.52 -35.49
N ALA XC 15 75.59 -84.31 -35.91
CA ALA XC 15 76.56 -83.39 -36.51
C ALA XC 15 77.78 -83.19 -35.63
N ASP XC 16 77.60 -83.17 -34.31
CA ASP XC 16 78.70 -82.89 -33.39
C ASP XC 16 78.86 -83.96 -32.31
N GLU XC 17 78.24 -85.13 -32.50
CA GLU XC 17 78.36 -86.19 -31.51
C GLU XC 17 78.08 -87.52 -32.19
N VAL XC 18 78.95 -88.51 -31.96
CA VAL XC 18 78.74 -89.87 -32.43
C VAL XC 18 78.81 -90.79 -31.22
N ILE XC 19 77.75 -91.55 -30.99
CA ILE XC 19 77.69 -92.52 -29.90
C ILE XC 19 77.90 -93.91 -30.50
N TYR XC 20 78.92 -94.61 -29.99
CA TYR XC 20 79.20 -95.99 -30.35
C TYR XC 20 78.80 -96.91 -29.22
N ALA XC 21 78.24 -98.06 -29.56
CA ALA XC 21 77.75 -99.02 -28.59
C ALA XC 21 78.70 -100.22 -28.52
N GLY XC 22 78.96 -100.69 -27.31
CA GLY XC 22 79.78 -101.85 -27.10
C GLY XC 22 78.99 -103.14 -27.25
N PRO XC 23 79.65 -104.27 -27.06
CA PRO XC 23 78.96 -105.56 -27.20
C PRO XC 23 77.82 -105.76 -26.22
N ALA XC 24 77.89 -105.13 -25.04
CA ALA XC 24 76.90 -105.34 -23.99
C ALA XC 24 75.82 -104.26 -23.97
N HIS XC 25 75.74 -103.44 -25.01
CA HIS XC 25 74.74 -102.39 -25.07
C HIS XC 25 73.47 -102.90 -25.73
N ASP XC 26 72.33 -102.54 -25.15
CA ASP XC 26 71.02 -102.94 -25.66
C ASP XC 26 69.99 -101.95 -25.12
N VAL XC 27 68.70 -102.31 -25.23
CA VAL XC 27 67.63 -101.42 -24.78
C VAL XC 27 67.65 -101.20 -23.27
N THR XC 28 67.97 -102.22 -22.48
CA THR XC 28 67.92 -102.11 -21.03
C THR XC 28 69.27 -101.92 -20.36
N ASN XC 29 70.38 -102.07 -21.07
CA ASN XC 29 71.71 -101.90 -20.51
C ASN XC 29 72.48 -100.87 -21.32
N VAL XC 30 73.36 -100.15 -20.63
CA VAL XC 30 74.15 -99.08 -21.24
C VAL XC 30 75.61 -99.51 -21.29
N ASP XC 31 76.16 -99.53 -22.49
CA ASP XC 31 77.60 -99.73 -22.70
C ASP XC 31 77.98 -98.87 -23.91
N THR XC 32 78.36 -97.62 -23.66
CA THR XC 32 78.52 -96.67 -24.75
C THR XC 32 79.78 -95.84 -24.58
N VAL XC 33 80.35 -95.45 -25.73
CA VAL XC 33 81.42 -94.47 -25.80
C VAL XC 33 80.97 -93.39 -26.78
N SER XC 34 80.87 -92.16 -26.29
CA SER XC 34 80.39 -91.03 -27.08
C SER XC 34 81.54 -90.07 -27.35
N LEU XC 35 81.72 -89.73 -28.62
CA LEU XC 35 82.67 -88.68 -29.01
C LEU XC 35 81.87 -87.42 -29.32
N ARG XC 36 82.22 -86.33 -28.65
CA ARG XC 36 81.56 -85.05 -28.82
C ARG XC 36 82.60 -83.99 -29.11
N ARG XC 37 82.19 -82.97 -29.87
CA ARG XC 37 83.12 -81.92 -30.23
C ARG XC 37 82.40 -80.58 -30.24
N SER XC 38 83.16 -79.54 -29.95
CA SER XC 38 82.73 -78.15 -30.10
C SER XC 38 83.82 -77.46 -30.91
N LEU XC 39 83.50 -77.11 -32.16
CA LEU XC 39 84.46 -76.56 -33.08
C LEU XC 39 84.75 -75.10 -32.74
N PRO XC 40 85.93 -74.61 -33.10
CA PRO XC 40 86.29 -73.22 -32.79
C PRO XC 40 85.31 -72.24 -33.42
N VAL XC 41 84.99 -71.19 -32.68
CA VAL XC 41 84.16 -70.09 -33.16
C VAL XC 41 85.05 -68.85 -33.18
N LYS XC 42 85.26 -68.29 -34.38
CA LYS XC 42 86.13 -67.13 -34.54
C LYS XC 42 85.36 -65.90 -34.08
N LYS XC 43 85.32 -65.73 -32.76
CA LYS XC 43 84.59 -64.62 -32.14
C LYS XC 43 85.53 -63.44 -31.94
N GLY XC 44 85.22 -62.32 -32.57
CA GLY XC 44 86.08 -61.15 -32.46
C GLY XC 44 87.45 -61.46 -33.01
N SER XC 45 88.48 -61.10 -32.23
CA SER XC 45 89.86 -61.40 -32.60
C SER XC 45 90.31 -62.78 -32.13
N ASP XC 46 89.67 -63.34 -31.12
CA ASP XC 46 90.01 -64.67 -30.66
C ASP XC 46 89.61 -65.71 -31.71
N ASN XC 47 90.55 -66.60 -32.04
CA ASN XC 47 90.27 -67.66 -33.00
C ASN XC 47 89.42 -68.77 -32.42
N GLY XC 48 89.14 -68.75 -31.12
CA GLY XC 48 88.30 -69.75 -30.51
C GLY XC 48 89.07 -70.87 -29.86
N THR XC 49 88.32 -71.88 -29.44
CA THR XC 49 88.87 -73.04 -28.76
C THR XC 49 88.21 -74.30 -29.31
N MET XC 50 89.00 -75.34 -29.55
CA MET XC 50 88.48 -76.64 -29.94
C MET XC 50 88.28 -77.47 -28.68
N ARG XC 51 87.05 -77.94 -28.47
CA ARG XC 51 86.73 -78.75 -27.31
C ARG XC 51 86.41 -80.17 -27.76
N GLY XC 52 87.09 -81.13 -27.18
CA GLY XC 52 86.84 -82.54 -27.45
C GLY XC 52 86.40 -83.24 -26.17
N ASN XC 53 85.44 -84.15 -26.31
CA ASN XC 53 84.92 -84.87 -25.15
C ASN XC 53 84.75 -86.33 -25.52
N MET XC 54 85.25 -87.21 -24.66
CA MET XC 54 85.04 -88.65 -24.77
C MET XC 54 84.34 -89.12 -23.51
N ASN XC 55 83.16 -89.73 -23.69
CA ASN XC 55 82.31 -90.14 -22.59
C ASN XC 55 82.18 -91.65 -22.58
N PHE XC 56 82.39 -92.25 -21.42
CA PHE XC 56 82.21 -93.69 -21.22
C PHE XC 56 81.04 -93.89 -20.26
N ALA XC 57 80.06 -94.67 -20.69
CA ALA XC 57 78.89 -94.93 -19.86
C ALA XC 57 78.67 -96.43 -19.76
N LYS XC 58 78.49 -96.93 -18.54
CA LYS XC 58 78.23 -98.34 -18.32
C LYS XC 58 77.19 -98.51 -17.22
N SER XC 59 76.38 -99.55 -17.35
CA SER XC 59 75.41 -99.91 -16.32
C SER XC 59 76.03 -100.92 -15.36
N PHE XC 60 75.71 -100.76 -14.08
CA PHE XC 60 76.25 -101.61 -13.02
C PHE XC 60 75.13 -101.99 -12.06
N PRO XC 61 75.20 -103.18 -11.47
CA PRO XC 61 74.24 -103.53 -10.41
C PRO XC 61 74.41 -102.62 -9.21
N ASN XC 62 73.30 -102.06 -8.73
CA ASN XC 62 73.26 -101.19 -7.56
C ASN XC 62 72.13 -101.70 -6.69
N GLY XC 63 72.47 -102.61 -5.76
CA GLY XC 63 71.47 -103.23 -4.92
C GLY XC 63 70.42 -103.94 -5.75
N ASP XC 64 69.22 -103.36 -5.80
CA ASP XC 64 68.16 -103.92 -6.61
C ASP XC 64 68.20 -103.38 -8.03
N LYS XC 65 68.49 -102.09 -8.20
CA LYS XC 65 68.37 -101.44 -9.49
C LYS XC 65 69.71 -101.48 -10.24
N LYS XC 66 69.80 -100.70 -11.33
CA LYS XC 66 71.02 -100.57 -12.11
C LYS XC 66 71.40 -99.10 -12.19
N SER XC 67 72.63 -98.79 -11.79
CA SER XC 67 73.13 -97.42 -11.79
C SER XC 67 74.10 -97.20 -12.94
N LEU XC 68 74.23 -95.94 -13.35
CA LEU XC 68 75.06 -95.58 -14.49
C LEU XC 68 76.37 -94.96 -14.00
N VAL XC 69 77.48 -95.57 -14.38
CA VAL XC 69 78.81 -95.04 -14.11
C VAL XC 69 79.33 -94.37 -15.38
N VAL XC 70 79.76 -93.12 -15.26
CA VAL XC 70 80.19 -92.31 -16.38
C VAL XC 70 81.59 -91.78 -16.11
N VAL XC 71 82.47 -91.92 -17.09
CA VAL XC 71 83.81 -91.35 -17.05
C VAL XC 71 83.93 -90.37 -18.21
N ASN XC 72 84.29 -89.13 -17.90
CA ASN XC 72 84.41 -88.08 -18.90
C ASN XC 72 85.89 -87.74 -19.11
N LEU XC 73 86.22 -87.39 -20.36
CA LEU XC 73 87.57 -86.95 -20.70
C LEU XC 73 87.44 -85.77 -21.67
N THR XC 74 87.69 -84.56 -21.17
CA THR XC 74 87.49 -83.36 -21.96
C THR XC 74 88.80 -82.61 -22.12
N ALA XC 75 89.08 -82.20 -23.35
CA ALA XC 75 90.27 -81.42 -23.68
C ALA XC 75 89.86 -80.11 -24.34
N HIS XC 76 90.49 -79.02 -23.88
CA HIS XC 76 90.27 -77.69 -24.44
C HIS XC 76 91.59 -77.22 -25.04
N VAL XC 77 91.62 -77.07 -26.36
CA VAL XC 77 92.84 -76.64 -27.04
C VAL XC 77 92.58 -75.31 -27.75
N PRO XC 78 93.21 -74.22 -27.33
CA PRO XC 78 93.03 -72.95 -28.04
C PRO XC 78 93.60 -73.00 -29.44
N VAL XC 79 92.96 -72.28 -30.36
CA VAL XC 79 93.40 -72.26 -31.74
C VAL XC 79 94.70 -71.47 -31.85
N GLY XC 80 95.66 -72.01 -32.58
CA GLY XC 80 96.97 -71.41 -32.75
C GLY XC 80 98.07 -72.13 -31.98
N VAL XC 81 97.71 -72.83 -30.91
CA VAL XC 81 98.67 -73.63 -30.18
C VAL XC 81 99.15 -74.77 -31.07
N ASP XC 82 100.46 -75.01 -31.06
CA ASP XC 82 101.03 -76.07 -31.88
C ASP XC 82 100.48 -77.43 -31.45
N ALA XC 83 99.95 -78.17 -32.43
CA ALA XC 83 99.27 -79.42 -32.11
C ALA XC 83 100.24 -80.50 -31.66
N THR XC 84 101.44 -80.55 -32.25
CA THR XC 84 102.40 -81.59 -31.89
C THR XC 84 102.84 -81.47 -30.44
N ALA XC 85 103.05 -80.24 -29.96
CA ALA XC 85 103.41 -80.04 -28.57
C ALA XC 85 102.31 -80.52 -27.63
N VAL XC 86 101.05 -80.20 -27.96
CA VAL XC 86 99.93 -80.67 -27.14
C VAL XC 86 99.87 -82.19 -27.15
N ARG XC 87 100.07 -82.81 -28.31
CA ARG XC 87 99.97 -84.26 -28.39
C ARG XC 87 101.07 -84.94 -27.59
N THR XC 88 102.31 -84.43 -27.67
CA THR XC 88 103.37 -85.05 -26.88
C THR XC 88 103.19 -84.77 -25.39
N TRP XC 89 102.64 -83.62 -25.03
CA TRP XC 89 102.32 -83.35 -23.63
C TRP XC 89 101.28 -84.33 -23.10
N MET XC 90 100.23 -84.59 -23.88
CA MET XC 90 99.22 -85.55 -23.47
C MET XC 90 99.78 -86.96 -23.39
N THR XC 91 100.60 -87.35 -24.37
CA THR XC 91 101.14 -88.70 -24.39
C THR XC 91 102.10 -88.94 -23.22
N SER XC 92 102.92 -87.93 -22.89
CA SER XC 92 103.96 -88.12 -21.89
C SER XC 92 103.55 -87.66 -20.49
N GLU XC 93 102.73 -86.62 -20.37
CA GLU XC 93 102.44 -86.02 -19.08
C GLU XC 93 101.01 -86.23 -18.60
N VAL XC 94 100.04 -86.34 -19.51
CA VAL XC 94 98.65 -86.42 -19.10
C VAL XC 94 98.20 -87.87 -19.02
N PHE XC 95 98.44 -88.66 -20.06
CA PHE XC 95 97.98 -90.03 -20.14
C PHE XC 95 98.55 -90.94 -19.05
N PRO XC 96 99.88 -90.94 -18.79
CA PRO XC 96 100.39 -91.81 -17.73
C PRO XC 96 99.82 -91.47 -16.35
N GLY XC 97 99.55 -90.20 -16.07
CA GLY XC 97 98.99 -89.86 -14.77
C GLY XC 97 97.50 -90.06 -14.68
N ALA XC 98 96.79 -90.00 -15.81
CA ALA XC 98 95.35 -90.14 -15.82
C ALA XC 98 94.90 -91.60 -15.78
N THR XC 99 95.81 -92.55 -15.94
CA THR XC 99 95.46 -93.96 -15.93
C THR XC 99 96.14 -94.72 -14.79
N SER XC 100 96.60 -94.00 -13.77
CA SER XC 100 97.30 -94.62 -12.65
C SER XC 100 96.31 -94.98 -11.56
N SER XC 101 96.82 -95.44 -10.41
CA SER XC 101 95.96 -95.75 -9.28
C SER XC 101 95.37 -94.50 -8.64
N VAL XC 102 95.94 -93.33 -8.90
CA VAL XC 102 95.39 -92.09 -8.38
C VAL XC 102 93.98 -91.88 -8.92
N THR XC 103 93.79 -92.13 -10.22
CA THR XC 103 92.45 -92.00 -10.80
C THR XC 103 91.47 -92.97 -10.17
N LEU XC 104 91.90 -94.21 -9.93
CA LEU XC 104 91.00 -95.19 -9.32
C LEU XC 104 90.61 -94.79 -7.90
N ASP XC 105 91.58 -94.34 -7.10
CA ASP XC 105 91.27 -93.90 -5.75
C ASP XC 105 90.37 -92.68 -5.75
N LEU XC 106 90.62 -91.73 -6.64
CA LEU XC 106 89.79 -90.53 -6.73
C LEU XC 106 88.36 -90.87 -7.16
N ALA XC 107 88.21 -91.82 -8.08
CA ALA XC 107 86.88 -92.17 -8.57
C ALA XC 107 86.09 -92.98 -7.54
N THR XC 108 86.75 -93.90 -6.84
CA THR XC 108 86.02 -94.79 -5.94
C THR XC 108 85.95 -94.28 -4.51
N LYS XC 109 86.96 -93.52 -4.06
CA LYS XC 109 87.01 -93.07 -2.67
C LYS XC 109 87.19 -91.56 -2.53
N GLY XC 110 87.42 -90.83 -3.61
CA GLY XC 110 87.61 -89.40 -3.49
C GLY XC 110 88.93 -88.98 -2.88
N VAL XC 111 89.98 -89.77 -3.07
CA VAL XC 111 91.28 -89.48 -2.48
C VAL XC 111 91.97 -88.39 -3.28
N ILE XC 112 92.24 -87.26 -2.64
CA ILE XC 112 92.88 -86.12 -3.28
C ILE XC 112 94.29 -85.86 -2.75
N HIS XC 113 94.76 -86.65 -1.79
CA HIS XC 113 96.10 -86.53 -1.23
C HIS XC 113 96.88 -87.79 -1.60
N LEU XC 114 97.83 -87.68 -2.54
CA LEU XC 114 98.55 -88.85 -3.03
C LEU XC 114 99.90 -88.96 -2.32
N SER XC 115 99.84 -89.18 -1.01
CA SER XC 115 101.04 -89.34 -0.21
C SER XC 115 101.63 -90.73 -0.39
N ASP XC 116 102.95 -90.81 -0.37
CA ASP XC 116 103.88 -89.68 -0.29
C ASP XC 116 105.02 -89.86 -1.29
N ALA XC 117 105.27 -91.11 -1.67
CA ALA XC 117 106.37 -91.43 -2.57
C ALA XC 117 106.04 -91.03 -4.01
N LEU YC 1 6.62 -18.38 -136.08
CA LEU YC 1 5.71 -18.33 -134.94
C LEU YC 1 4.46 -17.55 -135.27
N SER YC 2 3.31 -18.22 -135.19
CA SER YC 2 2.03 -17.61 -135.49
C SER YC 2 0.96 -18.13 -134.53
N ILE YC 3 -0.03 -17.28 -134.27
CA ILE YC 3 -1.20 -17.64 -133.48
C ILE YC 3 -2.40 -17.28 -134.35
N GLY YC 4 -2.94 -18.25 -135.06
CA GLY YC 4 -3.93 -17.97 -136.09
C GLY YC 4 -3.28 -17.34 -137.30
N THR YC 5 -3.67 -16.10 -137.62
CA THR YC 5 -3.09 -15.38 -138.75
C THR YC 5 -2.15 -14.25 -138.30
N LYS YC 6 -1.80 -14.20 -137.02
CA LYS YC 6 -0.95 -13.15 -136.48
C LYS YC 6 0.44 -13.69 -136.20
N ASN YC 7 1.45 -12.97 -136.66
CA ASN YC 7 2.84 -13.32 -136.40
C ASN YC 7 3.25 -12.77 -135.03
N VAL YC 8 3.84 -13.62 -134.20
CA VAL YC 8 4.24 -13.25 -132.86
C VAL YC 8 5.69 -13.68 -132.63
N SER YC 9 6.26 -13.18 -131.55
CA SER YC 9 7.62 -13.53 -131.15
C SER YC 9 7.64 -13.80 -129.66
N ILE YC 10 8.52 -14.71 -129.24
CA ILE YC 10 8.73 -14.95 -127.82
C ILE YC 10 9.12 -13.64 -127.14
N TYR YC 11 8.36 -13.26 -126.12
CA TYR YC 11 8.60 -12.04 -125.37
C TYR YC 11 8.94 -12.29 -123.91
N ARG YC 12 8.19 -13.15 -123.23
CA ARG YC 12 8.48 -13.49 -121.84
C ARG YC 12 8.27 -14.98 -121.64
N ASN YC 13 9.18 -15.60 -120.89
CA ASN YC 13 9.13 -17.05 -120.64
C ASN YC 13 9.18 -17.29 -119.15
N THR YC 14 8.21 -18.04 -118.63
CA THR YC 14 8.26 -18.53 -117.26
C THR YC 14 7.98 -20.03 -117.26
N ALA YC 15 7.92 -20.62 -116.06
CA ALA YC 15 7.74 -22.07 -115.98
C ALA YC 15 6.41 -22.51 -116.56
N ASP YC 16 5.33 -21.77 -116.27
CA ASP YC 16 3.99 -22.17 -116.68
C ASP YC 16 3.29 -21.11 -117.53
N GLU YC 17 3.98 -20.05 -117.94
CA GLU YC 17 3.36 -19.01 -118.74
C GLU YC 17 4.36 -18.48 -119.75
N VAL YC 18 3.91 -18.34 -120.99
CA VAL YC 18 4.70 -17.75 -122.06
C VAL YC 18 3.91 -16.61 -122.69
N ILE YC 19 4.49 -15.42 -122.73
CA ILE YC 19 3.89 -14.25 -123.35
C ILE YC 19 4.58 -14.02 -124.69
N TYR YC 20 3.78 -13.92 -125.75
CA TYR YC 20 4.23 -13.57 -127.09
C TYR YC 20 3.75 -12.16 -127.43
N ALA YC 21 4.58 -11.42 -128.15
CA ALA YC 21 4.30 -10.03 -128.51
C ALA YC 21 3.94 -9.95 -129.99
N GLY YC 22 2.92 -9.16 -130.29
CA GLY YC 22 2.52 -8.94 -131.66
C GLY YC 22 3.35 -7.86 -132.33
N PRO YC 23 3.08 -7.60 -133.61
CA PRO YC 23 3.87 -6.60 -134.34
C PRO YC 23 3.72 -5.18 -133.81
N ALA YC 24 2.65 -4.87 -133.08
CA ALA YC 24 2.38 -3.53 -132.61
C ALA YC 24 2.77 -3.32 -131.14
N HIS YC 25 3.42 -4.31 -130.52
CA HIS YC 25 3.78 -4.19 -129.11
C HIS YC 25 5.08 -3.40 -128.96
N ASP YC 26 5.04 -2.36 -128.14
CA ASP YC 26 6.23 -1.58 -127.80
C ASP YC 26 6.02 -1.00 -126.41
N VAL YC 27 6.83 0.01 -126.07
CA VAL YC 27 6.80 0.64 -124.75
C VAL YC 27 5.47 1.34 -124.52
N THR YC 28 4.80 1.76 -125.60
CA THR YC 28 3.58 2.54 -125.48
C THR YC 28 2.31 1.76 -125.80
N ASN YC 29 2.38 0.77 -126.68
CA ASN YC 29 1.20 0.04 -127.11
C ASN YC 29 1.31 -1.42 -126.73
N VAL YC 30 0.22 -1.97 -126.19
CA VAL YC 30 0.17 -3.38 -125.80
C VAL YC 30 -0.47 -4.18 -126.91
N ASP YC 31 0.20 -5.26 -127.33
CA ASP YC 31 -0.36 -6.22 -128.27
C ASP YC 31 0.28 -7.57 -127.92
N THR YC 32 -0.40 -8.34 -127.07
CA THR YC 32 0.20 -9.55 -126.54
C THR YC 32 -0.80 -10.70 -126.52
N VAL YC 33 -0.26 -11.92 -126.64
CA VAL YC 33 -1.01 -13.15 -126.44
C VAL YC 33 -0.23 -14.01 -125.46
N SER YC 34 -0.88 -14.42 -124.38
CA SER YC 34 -0.24 -15.19 -123.32
C SER YC 34 -0.85 -16.59 -123.27
N LEU YC 35 0.01 -17.59 -123.10
CA LEU YC 35 -0.40 -18.98 -122.92
C LEU YC 35 0.03 -19.42 -121.54
N ARG YC 36 -0.94 -19.80 -120.70
CA ARG YC 36 -0.67 -20.21 -119.34
C ARG YC 36 -1.28 -21.58 -119.09
N ARG YC 37 -0.58 -22.39 -118.31
CA ARG YC 37 -1.05 -23.73 -117.97
C ARG YC 37 -1.03 -23.91 -116.46
N SER YC 38 -2.04 -24.62 -115.97
CA SER YC 38 -2.11 -25.10 -114.60
C SER YC 38 -2.20 -26.61 -114.71
N LEU YC 39 -1.07 -27.28 -114.47
CA LEU YC 39 -1.02 -28.72 -114.60
C LEU YC 39 -1.76 -29.39 -113.45
N PRO YC 40 -2.36 -30.54 -113.68
CA PRO YC 40 -3.13 -31.21 -112.62
C PRO YC 40 -2.22 -31.62 -111.47
N VAL YC 41 -2.75 -31.48 -110.26
CA VAL YC 41 -2.13 -32.03 -109.06
C VAL YC 41 -3.05 -33.15 -108.59
N LYS YC 42 -2.50 -34.35 -108.44
CA LYS YC 42 -3.31 -35.53 -108.15
C LYS YC 42 -3.26 -35.80 -106.65
N LYS YC 43 -3.79 -34.85 -105.89
CA LYS YC 43 -3.88 -34.97 -104.45
C LYS YC 43 -4.93 -36.01 -104.07
N GLY YC 44 -4.66 -36.72 -102.97
CA GLY YC 44 -5.55 -37.77 -102.51
C GLY YC 44 -5.90 -38.79 -103.57
N SER YC 45 -7.19 -38.88 -103.91
CA SER YC 45 -7.66 -39.75 -104.97
C SER YC 45 -8.02 -39.02 -106.25
N ASP YC 46 -8.43 -37.76 -106.15
CA ASP YC 46 -8.77 -36.99 -107.34
C ASP YC 46 -7.51 -36.70 -108.16
N ASN YC 47 -7.61 -36.90 -109.47
CA ASN YC 47 -6.48 -36.71 -110.36
C ASN YC 47 -6.27 -35.25 -110.76
N GLY YC 48 -7.13 -34.34 -110.30
CA GLY YC 48 -6.96 -32.93 -110.59
C GLY YC 48 -7.48 -32.53 -111.95
N THR YC 49 -7.26 -31.26 -112.27
CA THR YC 49 -7.77 -30.65 -113.48
C THR YC 49 -6.64 -29.97 -114.23
N MET YC 50 -6.64 -30.12 -115.56
CA MET YC 50 -5.73 -29.37 -116.42
C MET YC 50 -6.42 -28.08 -116.84
N ARG YC 51 -5.78 -26.95 -116.56
CA ARG YC 51 -6.36 -25.64 -116.88
C ARG YC 51 -5.49 -24.94 -117.93
N GLY YC 52 -6.09 -24.64 -119.07
CA GLY YC 52 -5.36 -23.93 -120.11
C GLY YC 52 -5.96 -22.57 -120.40
N ASN YC 53 -5.18 -21.51 -120.21
CA ASN YC 53 -5.67 -20.14 -120.38
C ASN YC 53 -4.92 -19.46 -121.51
N MET YC 54 -5.67 -18.85 -122.41
CA MET YC 54 -5.11 -18.03 -123.49
C MET YC 54 -5.63 -16.61 -123.33
N ASN YC 55 -4.70 -15.65 -123.30
CA ASN YC 55 -4.97 -14.26 -122.99
C ASN YC 55 -4.64 -13.40 -124.21
N PHE YC 56 -5.54 -12.50 -124.57
CA PHE YC 56 -5.31 -11.52 -125.61
C PHE YC 56 -5.42 -10.13 -124.99
N ALA YC 57 -4.35 -9.33 -125.12
CA ALA YC 57 -4.32 -8.01 -124.52
C ALA YC 57 -3.98 -6.99 -125.59
N LYS YC 58 -4.78 -5.92 -125.65
CA LYS YC 58 -4.58 -4.87 -126.65
C LYS YC 58 -4.91 -3.51 -126.04
N SER YC 59 -4.05 -2.54 -126.27
CA SER YC 59 -4.32 -1.16 -125.86
C SER YC 59 -5.19 -0.47 -126.90
N PHE YC 60 -6.11 0.36 -126.41
CA PHE YC 60 -7.06 1.09 -127.24
C PHE YC 60 -7.13 2.53 -126.76
N PRO YC 61 -7.40 3.46 -127.68
CA PRO YC 61 -7.62 4.86 -127.26
C PRO YC 61 -8.87 4.98 -126.41
N ASN YC 62 -8.77 5.71 -125.30
CA ASN YC 62 -9.89 5.94 -124.39
C ASN YC 62 -9.78 7.41 -123.97
N GLY YC 63 -10.48 8.27 -124.69
CA GLY YC 63 -10.33 9.70 -124.45
C GLY YC 63 -8.89 10.10 -124.71
N ASP YC 64 -8.29 10.75 -123.71
CA ASP YC 64 -6.89 11.13 -123.80
C ASP YC 64 -5.94 10.02 -123.38
N LYS YC 65 -6.42 8.99 -122.69
CA LYS YC 65 -5.57 7.94 -122.17
C LYS YC 65 -5.69 6.68 -123.02
N LYS YC 66 -5.07 5.60 -122.54
CA LYS YC 66 -5.15 4.30 -123.19
C LYS YC 66 -5.72 3.29 -122.22
N SER YC 67 -6.57 2.41 -122.73
CA SER YC 67 -7.24 1.40 -121.92
C SER YC 67 -6.91 0.01 -122.46
N LEU YC 68 -6.75 -0.94 -121.55
CA LEU YC 68 -6.40 -2.30 -121.92
C LEU YC 68 -7.67 -3.14 -122.08
N VAL YC 69 -7.86 -3.71 -123.26
CA VAL YC 69 -8.92 -4.68 -123.51
C VAL YC 69 -8.31 -6.07 -123.48
N VAL YC 70 -8.88 -6.94 -122.66
CA VAL YC 70 -8.38 -8.28 -122.41
C VAL YC 70 -9.47 -9.29 -122.73
N VAL YC 71 -9.13 -10.32 -123.50
CA VAL YC 71 -10.02 -11.43 -123.80
C VAL YC 71 -9.37 -12.70 -123.31
N ASN YC 72 -10.08 -13.45 -122.46
CA ASN YC 72 -9.58 -14.68 -121.87
C ASN YC 72 -10.36 -15.87 -122.42
N LEU YC 73 -9.63 -16.95 -122.72
CA LEU YC 73 -10.25 -18.21 -123.13
C LEU YC 73 -9.61 -19.32 -122.31
N THR YC 74 -10.39 -19.90 -121.39
CA THR YC 74 -9.88 -20.88 -120.44
C THR YC 74 -10.63 -22.19 -120.58
N ALA YC 75 -9.88 -23.29 -120.62
CA ALA YC 75 -10.43 -24.64 -120.68
C ALA YC 75 -10.07 -25.37 -119.40
N HIS YC 76 -11.07 -25.99 -118.78
CA HIS YC 76 -10.90 -26.80 -117.56
C HIS YC 76 -11.23 -28.24 -117.92
N VAL YC 77 -10.22 -29.10 -118.04
CA VAL YC 77 -10.41 -30.48 -118.44
C VAL YC 77 -10.03 -31.38 -117.27
N PRO YC 78 -10.98 -32.09 -116.66
CA PRO YC 78 -10.61 -33.04 -115.61
C PRO YC 78 -9.80 -34.21 -116.17
N VAL YC 79 -8.89 -34.73 -115.35
CA VAL YC 79 -8.02 -35.81 -115.80
C VAL YC 79 -8.81 -37.11 -115.89
N GLY YC 80 -8.65 -37.81 -117.01
CA GLY YC 80 -9.37 -39.04 -117.30
C GLY YC 80 -10.33 -38.91 -118.46
N VAL YC 81 -10.77 -37.69 -118.75
CA VAL YC 81 -11.63 -37.46 -119.90
C VAL YC 81 -10.84 -37.66 -121.19
N ASP YC 82 -11.47 -38.32 -122.16
CA ASP YC 82 -10.81 -38.56 -123.44
C ASP YC 82 -10.48 -37.24 -124.12
N ALA YC 83 -9.21 -37.08 -124.49
CA ALA YC 83 -8.76 -35.85 -125.13
C ALA YC 83 -9.41 -35.66 -126.50
N THR YC 84 -9.56 -36.75 -127.26
CA THR YC 84 -10.14 -36.64 -128.60
C THR YC 84 -11.59 -36.17 -128.55
N ALA YC 85 -12.37 -36.71 -127.61
CA ALA YC 85 -13.75 -36.29 -127.47
C ALA YC 85 -13.84 -34.81 -127.09
N VAL YC 86 -12.97 -34.37 -126.17
CA VAL YC 86 -12.95 -32.97 -125.78
C VAL YC 86 -12.58 -32.07 -126.95
N ARG YC 87 -11.59 -32.47 -127.74
CA ARG YC 87 -11.19 -31.68 -128.89
C ARG YC 87 -12.32 -31.60 -129.92
N THR YC 88 -13.01 -32.71 -130.16
CA THR YC 88 -14.14 -32.69 -131.09
C THR YC 88 -15.25 -31.77 -130.58
N TRP YC 89 -15.55 -31.84 -129.28
CA TRP YC 89 -16.56 -30.96 -128.71
C TRP YC 89 -16.18 -29.49 -128.84
N MET YC 90 -14.90 -29.17 -128.57
CA MET YC 90 -14.44 -27.80 -128.68
C MET YC 90 -14.51 -27.31 -130.12
N THR YC 91 -14.11 -28.14 -131.07
CA THR YC 91 -14.07 -27.73 -132.46
C THR YC 91 -15.47 -27.57 -133.06
N SER YC 92 -16.38 -28.51 -132.77
CA SER YC 92 -17.68 -28.52 -133.40
C SER YC 92 -18.72 -27.70 -132.66
N GLU YC 93 -18.58 -27.51 -131.35
CA GLU YC 93 -19.59 -26.85 -130.55
C GLU YC 93 -19.11 -25.54 -129.92
N VAL YC 94 -17.94 -25.54 -129.31
CA VAL YC 94 -17.49 -24.35 -128.58
C VAL YC 94 -16.93 -23.31 -129.54
N PHE YC 95 -16.07 -23.73 -130.47
CA PHE YC 95 -15.41 -22.77 -131.35
C PHE YC 95 -16.38 -21.98 -132.23
N PRO YC 96 -17.34 -22.60 -132.92
CA PRO YC 96 -18.29 -21.79 -133.70
C PRO YC 96 -19.11 -20.82 -132.87
N GLY YC 97 -19.48 -21.21 -131.64
CA GLY YC 97 -20.28 -20.32 -130.82
C GLY YC 97 -19.49 -19.21 -130.16
N ALA YC 98 -18.20 -19.44 -129.92
CA ALA YC 98 -17.35 -18.45 -129.27
C ALA YC 98 -16.78 -17.43 -130.24
N THR YC 99 -17.04 -17.59 -131.55
CA THR YC 99 -16.61 -16.63 -132.55
C THR YC 99 -17.78 -16.04 -133.32
N SER YC 100 -18.99 -16.21 -132.80
CA SER YC 100 -20.19 -15.70 -133.44
C SER YC 100 -20.43 -14.25 -133.02
N SER YC 101 -21.47 -13.65 -133.58
CA SER YC 101 -21.86 -12.30 -133.18
C SER YC 101 -22.35 -12.25 -131.74
N VAL YC 102 -22.71 -13.41 -131.17
CA VAL YC 102 -23.14 -13.44 -129.76
C VAL YC 102 -22.00 -13.01 -128.85
N THR YC 103 -20.79 -13.52 -129.10
CA THR YC 103 -19.63 -13.14 -128.30
C THR YC 103 -19.33 -11.65 -128.44
N LEU YC 104 -19.38 -11.13 -129.67
CA LEU YC 104 -19.12 -9.71 -129.89
C LEU YC 104 -20.14 -8.85 -129.18
N ASP YC 105 -21.42 -9.22 -129.26
CA ASP YC 105 -22.46 -8.45 -128.60
C ASP YC 105 -22.32 -8.49 -127.08
N LEU YC 106 -21.98 -9.67 -126.53
CA LEU YC 106 -21.79 -9.77 -125.09
C LEU YC 106 -20.59 -8.93 -124.64
N ALA YC 107 -19.51 -8.93 -125.41
CA ALA YC 107 -18.31 -8.22 -125.01
C ALA YC 107 -18.49 -6.71 -125.10
N THR YC 108 -19.10 -6.22 -126.19
CA THR YC 108 -19.12 -4.79 -126.44
C THR YC 108 -20.43 -4.11 -126.04
N LYS YC 109 -21.48 -4.87 -125.73
CA LYS YC 109 -22.75 -4.29 -125.34
C LYS YC 109 -23.37 -4.94 -124.12
N GLY YC 110 -22.78 -6.04 -123.61
CA GLY YC 110 -23.37 -6.74 -122.49
C GLY YC 110 -24.69 -7.42 -122.80
N VAL YC 111 -24.85 -7.94 -124.01
CA VAL YC 111 -26.11 -8.58 -124.40
C VAL YC 111 -26.06 -10.05 -124.00
N ILE YC 112 -27.01 -10.45 -123.15
CA ILE YC 112 -27.13 -11.83 -122.68
C ILE YC 112 -28.39 -12.51 -123.18
N HIS YC 113 -29.23 -11.81 -123.95
CA HIS YC 113 -30.43 -12.38 -124.54
C HIS YC 113 -30.26 -12.45 -126.04
N LEU YC 114 -30.14 -13.67 -126.59
CA LEU YC 114 -29.98 -13.85 -128.04
C LEU YC 114 -31.33 -14.17 -128.66
N SER YC 115 -32.18 -13.15 -128.73
CA SER YC 115 -33.45 -13.27 -129.44
C SER YC 115 -33.25 -12.92 -130.91
N ASP YC 116 -34.06 -13.53 -131.78
CA ASP YC 116 -35.04 -14.58 -131.49
C ASP YC 116 -34.96 -15.67 -132.55
N ALA YC 117 -34.20 -15.41 -133.61
CA ALA YC 117 -34.06 -16.35 -134.71
C ALA YC 117 -33.47 -17.68 -134.27
N LEU ZC 1 -33.64 -19.79 -131.61
CA LEU ZC 1 -32.59 -19.49 -130.65
C LEU ZC 1 -31.39 -20.41 -130.87
N SER ZC 2 -30.31 -19.86 -131.39
CA SER ZC 2 -29.11 -20.63 -131.69
C SER ZC 2 -27.87 -19.85 -131.26
N ILE ZC 3 -26.89 -20.57 -130.75
CA ILE ZC 3 -25.58 -20.04 -130.44
C ILE ZC 3 -24.58 -20.78 -131.30
N GLY ZC 4 -23.95 -20.08 -132.23
CA GLY ZC 4 -23.09 -20.73 -133.21
C GLY ZC 4 -23.89 -21.66 -134.10
N THR ZC 5 -23.52 -22.94 -134.11
CA THR ZC 5 -24.26 -23.95 -134.86
C THR ZC 5 -25.19 -24.77 -133.99
N LYS ZC 6 -25.27 -24.48 -132.70
CA LYS ZC 6 -26.06 -25.26 -131.75
C LYS ZC 6 -27.37 -24.55 -131.46
N ASN ZC 7 -28.48 -25.24 -131.67
CA ASN ZC 7 -29.77 -24.73 -131.23
C ASN ZC 7 -29.90 -24.90 -129.73
N VAL ZC 8 -30.33 -23.82 -129.05
CA VAL ZC 8 -30.46 -23.81 -127.60
C VAL ZC 8 -31.83 -23.25 -127.24
N SER ZC 9 -32.20 -23.44 -125.99
CA SER ZC 9 -33.43 -22.89 -125.43
C SER ZC 9 -33.11 -22.26 -124.09
N ILE ZC 10 -33.92 -21.28 -123.70
CA ILE ZC 10 -33.74 -20.62 -122.42
C ILE ZC 10 -34.00 -21.61 -121.29
N TYR ZC 11 -33.01 -21.77 -120.41
CA TYR ZC 11 -33.09 -22.70 -119.30
C TYR ZC 11 -33.26 -21.99 -117.96
N ARG ZC 12 -32.44 -20.97 -117.70
CA ARG ZC 12 -32.59 -20.17 -116.50
C ARG ZC 12 -32.28 -18.72 -116.85
N ASN ZC 13 -32.94 -17.79 -116.15
CA ASN ZC 13 -32.87 -16.38 -116.50
C ASN ZC 13 -32.82 -15.55 -115.21
N THR ZC 14 -31.66 -14.98 -114.92
CA THR ZC 14 -31.48 -14.03 -113.84
C THR ZC 14 -31.22 -12.65 -114.44
N ALA ZC 15 -30.95 -11.68 -113.55
CA ALA ZC 15 -30.79 -10.29 -114.00
C ALA ZC 15 -29.57 -10.12 -114.90
N ASP ZC 16 -28.43 -10.70 -114.52
CA ASP ZC 16 -27.20 -10.53 -115.28
C ASP ZC 16 -26.64 -11.84 -115.81
N GLU ZC 17 -27.40 -12.93 -115.76
CA GLU ZC 17 -26.97 -14.20 -116.31
C GLU ZC 17 -28.15 -14.93 -116.92
N VAL ZC 18 -27.95 -15.46 -118.13
CA VAL ZC 18 -28.94 -16.32 -118.76
C VAL ZC 18 -28.24 -17.62 -119.15
N ILE ZC 19 -28.75 -18.74 -118.64
CA ILE ZC 19 -28.24 -20.06 -118.96
C ILE ZC 19 -29.16 -20.67 -120.00
N TYR ZC 20 -28.59 -21.08 -121.13
CA TYR ZC 20 -29.30 -21.79 -122.19
C TYR ZC 20 -28.87 -23.25 -122.19
N ALA ZC 21 -29.79 -24.13 -122.57
CA ALA ZC 21 -29.56 -25.56 -122.57
C ALA ZC 21 -29.57 -26.08 -124.00
N GLY ZC 22 -28.62 -26.97 -124.31
CA GLY ZC 22 -28.58 -27.61 -125.60
C GLY ZC 22 -29.65 -28.68 -125.70
N PRO ZC 23 -29.77 -29.29 -126.88
CA PRO ZC 23 -30.82 -30.31 -127.07
C PRO ZC 23 -30.65 -31.51 -126.14
N ALA ZC 24 -29.41 -31.85 -125.79
CA ALA ZC 24 -29.15 -33.03 -124.97
C ALA ZC 24 -29.21 -32.76 -123.47
N HIS ZC 25 -29.28 -31.50 -123.06
CA HIS ZC 25 -29.27 -31.17 -121.63
C HIS ZC 25 -30.46 -31.83 -120.92
N ASP ZC 26 -30.19 -32.39 -119.75
CA ASP ZC 26 -31.20 -33.08 -118.97
C ASP ZC 26 -30.78 -33.07 -117.50
N VAL ZC 27 -31.47 -33.88 -116.69
CA VAL ZC 27 -31.21 -33.90 -115.26
C VAL ZC 27 -29.92 -34.60 -114.89
N THR ZC 28 -29.35 -35.40 -115.80
CA THR ZC 28 -28.09 -36.09 -115.55
C THR ZC 28 -26.96 -35.69 -116.49
N ASN ZC 29 -27.26 -35.16 -117.66
CA ASN ZC 29 -26.25 -34.71 -118.61
C ASN ZC 29 -26.29 -33.19 -118.67
N VAL ZC 30 -25.12 -32.57 -118.51
CA VAL ZC 30 -25.01 -31.11 -118.57
C VAL ZC 30 -24.56 -30.73 -119.98
N ASP ZC 31 -25.35 -29.88 -120.63
CA ASP ZC 31 -24.99 -29.27 -121.91
C ASP ZC 31 -25.53 -27.85 -121.87
N THR ZC 32 -24.72 -26.90 -121.41
CA THR ZC 32 -25.19 -25.55 -121.14
C THR ZC 32 -24.24 -24.51 -121.70
N VAL ZC 33 -24.83 -23.39 -122.12
CA VAL ZC 33 -24.10 -22.18 -122.50
C VAL ZC 33 -24.65 -21.05 -121.65
N SER ZC 34 -23.81 -20.49 -120.79
CA SER ZC 34 -24.19 -19.37 -119.94
C SER ZC 34 -23.63 -18.08 -120.50
N LEU ZC 35 -24.47 -17.05 -120.56
CA LEU ZC 35 -24.04 -15.68 -120.85
C LEU ZC 35 -24.20 -14.87 -119.58
N ARG ZC 36 -23.08 -14.43 -119.02
CA ARG ZC 36 -23.06 -13.64 -117.81
C ARG ZC 36 -22.41 -12.31 -118.09
N ARG ZC 37 -22.87 -11.27 -117.39
CA ARG ZC 37 -22.27 -9.95 -117.54
C ARG ZC 37 -22.08 -9.32 -116.17
N SER ZC 38 -21.03 -8.51 -116.08
CA SER ZC 38 -20.79 -7.64 -114.93
C SER ZC 38 -20.76 -6.21 -115.47
N LEU ZC 39 -21.76 -5.43 -115.10
CA LEU ZC 39 -21.92 -4.09 -115.62
C LEU ZC 39 -20.89 -3.14 -115.02
N PRO ZC 40 -20.46 -2.13 -115.78
CA PRO ZC 40 -19.45 -1.18 -115.27
C PRO ZC 40 -19.94 -0.47 -114.02
N VAL ZC 41 -19.04 -0.35 -113.05
CA VAL ZC 41 -19.32 0.38 -111.82
C VAL ZC 41 -18.50 1.66 -111.85
N LYS ZC 42 -19.19 2.80 -111.92
CA LYS ZC 42 -18.54 4.11 -111.98
C LYS ZC 42 -18.00 4.42 -110.59
N LYS ZC 43 -16.73 4.10 -110.36
CA LYS ZC 43 -16.08 4.36 -109.09
C LYS ZC 43 -14.92 5.32 -109.29
N GLY ZC 44 -14.87 6.35 -108.44
CA GLY ZC 44 -13.81 7.35 -108.56
C GLY ZC 44 -13.87 8.05 -109.91
N SER ZC 45 -12.70 8.34 -110.47
CA SER ZC 45 -12.61 8.88 -111.81
C SER ZC 45 -12.65 7.80 -112.88
N ASP ZC 46 -12.61 6.53 -112.49
CA ASP ZC 46 -12.68 5.44 -113.44
C ASP ZC 46 -14.13 5.10 -113.74
N ASN ZC 47 -14.49 5.09 -115.02
CA ASN ZC 47 -15.85 4.78 -115.43
C ASN ZC 47 -16.19 3.31 -115.32
N GLY ZC 48 -15.22 2.45 -115.02
CA GLY ZC 48 -15.47 1.04 -114.82
C GLY ZC 48 -15.19 0.22 -116.06
N THR ZC 49 -15.54 -1.06 -115.97
CA THR ZC 49 -15.26 -2.02 -117.01
C THR ZC 49 -16.45 -2.97 -117.14
N MET ZC 50 -16.86 -3.24 -118.38
CA MET ZC 50 -17.86 -4.24 -118.67
C MET ZC 50 -17.18 -5.60 -118.80
N ARG ZC 51 -17.64 -6.58 -118.03
CA ARG ZC 51 -17.15 -7.95 -118.12
C ARG ZC 51 -18.20 -8.82 -118.81
N GLY ZC 52 -17.80 -9.53 -119.84
CA GLY ZC 52 -18.68 -10.46 -120.50
C GLY ZC 52 -18.13 -11.88 -120.47
N ASN ZC 53 -18.87 -12.82 -119.88
CA ASN ZC 53 -18.42 -14.19 -119.72
C ASN ZC 53 -19.33 -15.12 -120.50
N MET ZC 54 -18.72 -16.00 -121.29
CA MET ZC 54 -19.41 -17.05 -122.05
C MET ZC 54 -18.92 -18.39 -121.54
N ASN ZC 55 -19.79 -19.14 -120.90
CA ASN ZC 55 -19.44 -20.41 -120.27
C ASN ZC 55 -20.04 -21.57 -121.05
N PHE ZC 56 -19.20 -22.52 -121.43
CA PHE ZC 56 -19.64 -23.75 -122.07
C PHE ZC 56 -19.39 -24.88 -121.09
N ALA ZC 57 -20.44 -25.61 -120.74
CA ALA ZC 57 -20.33 -26.73 -119.81
C ALA ZC 57 -20.88 -27.99 -120.48
N LYS ZC 58 -20.10 -29.06 -120.43
CA LYS ZC 58 -20.50 -30.33 -121.04
C LYS ZC 58 -20.07 -31.48 -120.15
N SER ZC 59 -20.96 -32.47 -120.00
CA SER ZC 59 -20.64 -33.68 -119.25
C SER ZC 59 -19.94 -34.68 -120.16
N PHE ZC 60 -18.92 -35.34 -119.61
CA PHE ZC 60 -18.11 -36.27 -120.36
C PHE ZC 60 -17.89 -37.53 -119.52
N PRO ZC 61 -17.83 -38.71 -120.15
CA PRO ZC 61 -17.48 -39.92 -119.40
C PRO ZC 61 -16.04 -39.88 -118.94
N ASN ZC 62 -15.85 -39.95 -117.63
CA ASN ZC 62 -14.53 -39.99 -117.01
C ASN ZC 62 -14.44 -41.34 -116.28
N GLY ZC 63 -13.86 -42.33 -116.96
CA GLY ZC 63 -13.80 -43.67 -116.44
C GLY ZC 63 -15.19 -44.22 -116.18
N ASP ZC 64 -15.54 -44.37 -114.90
CA ASP ZC 64 -16.87 -44.81 -114.53
C ASP ZC 64 -17.83 -43.67 -114.25
N LYS ZC 65 -17.32 -42.52 -113.83
CA LYS ZC 65 -18.14 -41.39 -113.44
C LYS ZC 65 -18.29 -40.41 -114.61
N LYS ZC 66 -18.85 -39.23 -114.33
CA LYS ZC 66 -18.95 -38.16 -115.30
C LYS ZC 66 -18.23 -36.93 -114.78
N SER ZC 67 -17.50 -36.27 -115.66
CA SER ZC 67 -16.76 -35.06 -115.34
C SER ZC 67 -17.29 -33.90 -116.16
N LEU ZC 68 -17.23 -32.70 -115.58
CA LEU ZC 68 -17.70 -31.50 -116.24
C LEU ZC 68 -16.53 -30.78 -116.91
N VAL ZC 69 -16.57 -30.68 -118.23
CA VAL ZC 69 -15.60 -29.90 -118.99
C VAL ZC 69 -16.18 -28.52 -119.23
N VAL ZC 70 -15.42 -27.50 -118.85
CA VAL ZC 70 -15.87 -26.11 -118.90
C VAL ZC 70 -14.89 -25.30 -119.72
N VAL ZC 71 -15.42 -24.51 -120.64
CA VAL ZC 71 -14.64 -23.56 -121.43
C VAL ZC 71 -15.20 -22.17 -121.17
N ASN ZC 72 -14.35 -21.25 -120.73
CA ASN ZC 72 -14.76 -19.88 -120.43
C ASN ZC 72 -14.13 -18.92 -121.43
N LEU ZC 73 -14.95 -18.00 -121.93
CA LEU ZC 73 -14.48 -16.90 -122.78
C LEU ZC 73 -14.89 -15.60 -122.12
N THR ZC 74 -13.92 -14.86 -121.59
CA THR ZC 74 -14.19 -13.64 -120.83
C THR ZC 74 -13.54 -12.45 -121.52
N ALA ZC 75 -14.30 -11.36 -121.62
CA ALA ZC 75 -13.81 -10.11 -122.18
C ALA ZC 75 -13.99 -8.99 -121.17
N HIS ZC 76 -12.96 -8.14 -121.05
CA HIS ZC 76 -12.98 -7.00 -120.15
C HIS ZC 76 -12.80 -5.74 -120.99
N VAL ZC 77 -13.88 -4.96 -121.16
CA VAL ZC 77 -13.86 -3.78 -122.00
C VAL ZC 77 -14.05 -2.56 -121.12
N PRO ZC 78 -13.06 -1.68 -120.99
CA PRO ZC 78 -13.25 -0.47 -120.18
C PRO ZC 78 -14.19 0.51 -120.87
N VAL ZC 79 -14.96 1.24 -120.06
CA VAL ZC 79 -15.86 2.26 -120.59
C VAL ZC 79 -15.06 3.39 -121.21
N GLY ZC 80 -15.49 3.84 -122.38
CA GLY ZC 80 -14.84 4.90 -123.11
C GLY ZC 80 -14.12 4.45 -124.36
N VAL ZC 81 -13.99 3.15 -124.57
CA VAL ZC 81 -13.32 2.61 -125.74
C VAL ZC 81 -14.33 2.49 -126.88
N ASP ZC 82 -13.84 2.68 -128.11
CA ASP ZC 82 -14.69 2.52 -129.28
C ASP ZC 82 -15.09 1.06 -129.44
N ALA ZC 83 -16.40 0.80 -129.49
CA ALA ZC 83 -16.88 -0.56 -129.57
C ALA ZC 83 -16.61 -1.19 -130.93
N THR ZC 84 -16.69 -0.40 -132.00
CA THR ZC 84 -16.40 -0.93 -133.33
C THR ZC 84 -14.96 -1.37 -133.45
N ALA ZC 85 -14.02 -0.59 -132.90
CA ALA ZC 85 -12.62 -0.98 -132.93
C ALA ZC 85 -12.39 -2.27 -132.17
N VAL ZC 86 -13.03 -2.43 -131.01
CA VAL ZC 86 -12.88 -3.65 -130.23
C VAL ZC 86 -13.46 -4.84 -130.98
N ARG ZC 87 -14.62 -4.66 -131.62
CA ARG ZC 87 -15.21 -5.74 -132.40
C ARG ZC 87 -14.32 -6.14 -133.57
N THR ZC 88 -13.74 -5.15 -134.26
CA THR ZC 88 -12.85 -5.46 -135.37
C THR ZC 88 -11.60 -6.21 -134.89
N TRP ZC 89 -11.03 -5.78 -133.76
CA TRP ZC 89 -9.87 -6.47 -133.21
C TRP ZC 89 -10.22 -7.90 -132.80
N MET ZC 90 -11.37 -8.09 -132.16
CA MET ZC 90 -11.77 -9.43 -131.73
C MET ZC 90 -12.02 -10.34 -132.94
N THR ZC 91 -12.63 -9.81 -133.99
CA THR ZC 91 -12.91 -10.62 -135.18
C THR ZC 91 -11.63 -10.98 -135.93
N SER ZC 92 -10.75 -10.00 -136.14
CA SER ZC 92 -9.58 -10.22 -136.98
C SER ZC 92 -8.40 -10.86 -136.25
N GLU ZC 93 -8.28 -10.65 -134.94
CA GLU ZC 93 -7.08 -11.07 -134.23
C GLU ZC 93 -7.34 -12.06 -133.11
N VAL ZC 94 -8.43 -11.92 -132.37
CA VAL ZC 94 -8.68 -12.80 -131.24
C VAL ZC 94 -9.31 -14.11 -131.70
N PHE ZC 95 -10.34 -14.02 -132.54
CA PHE ZC 95 -11.07 -15.21 -132.95
C PHE ZC 95 -10.23 -16.22 -133.71
N PRO ZC 96 -9.44 -15.86 -134.73
CA PRO ZC 96 -8.64 -16.88 -135.41
C PRO ZC 96 -7.64 -17.59 -134.51
N GLY ZC 97 -7.05 -16.88 -133.55
CA GLY ZC 97 -6.11 -17.51 -132.66
C GLY ZC 97 -6.75 -18.33 -131.56
N ALA ZC 98 -7.95 -17.93 -131.12
CA ALA ZC 98 -8.63 -18.65 -130.06
C ALA ZC 98 -9.19 -19.99 -130.53
N THR ZC 99 -9.51 -20.13 -131.81
CA THR ZC 99 -10.06 -21.36 -132.36
C THR ZC 99 -9.06 -22.10 -133.25
N SER ZC 100 -7.77 -22.00 -132.92
CA SER ZC 100 -6.73 -22.66 -133.67
C SER ZC 100 -6.29 -23.93 -132.94
N SER ZC 101 -5.32 -24.64 -133.53
CA SER ZC 101 -4.76 -25.82 -132.90
C SER ZC 101 -4.02 -25.49 -131.61
N VAL ZC 102 -3.63 -24.23 -131.42
CA VAL ZC 102 -2.94 -23.84 -130.20
C VAL ZC 102 -3.84 -24.03 -128.99
N THR ZC 103 -5.12 -23.66 -129.12
CA THR ZC 103 -6.05 -23.83 -128.01
C THR ZC 103 -6.21 -25.29 -127.64
N LEU ZC 104 -6.38 -26.16 -128.64
CA LEU ZC 104 -6.56 -27.58 -128.38
C LEU ZC 104 -5.31 -28.18 -127.75
N ASP ZC 105 -4.13 -27.82 -128.28
CA ASP ZC 105 -2.89 -28.34 -127.73
C ASP ZC 105 -2.67 -27.88 -126.29
N LEU ZC 106 -2.99 -26.61 -126.00
CA LEU ZC 106 -2.89 -26.13 -124.63
C LEU ZC 106 -3.87 -26.84 -123.71
N ALA ZC 107 -5.09 -27.10 -124.20
CA ALA ZC 107 -6.11 -27.73 -123.36
C ALA ZC 107 -5.75 -29.18 -123.04
N THR ZC 108 -5.38 -29.96 -124.05
CA THR ZC 108 -5.20 -31.40 -123.86
C THR ZC 108 -3.75 -31.82 -123.68
N LYS ZC 109 -2.80 -30.90 -123.74
CA LYS ZC 109 -1.40 -31.26 -123.57
C LYS ZC 109 -0.60 -30.29 -122.73
N GLY ZC 110 -1.15 -29.14 -122.33
CA GLY ZC 110 -0.38 -28.15 -121.61
C GLY ZC 110 0.75 -27.55 -122.40
N VAL ZC 111 0.57 -27.37 -123.70
CA VAL ZC 111 1.63 -26.80 -124.54
C VAL ZC 111 1.53 -25.29 -124.49
N ILE ZC 112 2.58 -24.64 -123.98
CA ILE ZC 112 2.65 -23.19 -123.93
C ILE ZC 112 3.76 -22.62 -124.80
N HIS ZC 113 4.70 -23.45 -125.26
CA HIS ZC 113 5.77 -23.04 -126.15
C HIS ZC 113 5.37 -23.34 -127.58
N LEU ZC 114 5.26 -22.30 -128.41
CA LEU ZC 114 4.82 -22.43 -129.78
C LEU ZC 114 5.98 -22.80 -130.69
N SER ZC 115 5.66 -23.48 -131.79
CA SER ZC 115 6.66 -23.87 -132.77
C SER ZC 115 5.99 -24.05 -134.13
N ASP ZC 116 6.76 -23.84 -135.20
CA ASP ZC 116 8.10 -23.28 -135.23
C ASP ZC 116 8.23 -22.31 -136.39
N ALA ZC 117 7.27 -22.37 -137.31
CA ALA ZC 117 7.28 -21.54 -138.51
C ALA ZC 117 6.17 -20.51 -138.48
N LEU AD 1 -66.63 -48.48 -110.28
CA LEU AD 1 -65.79 -47.40 -109.76
C LEU AD 1 -64.72 -47.02 -110.77
N SER AD 2 -64.85 -45.82 -111.35
CA SER AD 2 -63.93 -45.35 -112.37
C SER AD 2 -63.47 -43.94 -112.05
N ILE AD 3 -62.18 -43.68 -112.25
CA ILE AD 3 -61.62 -42.34 -112.20
C ILE AD 3 -60.94 -42.13 -113.55
N GLY AD 4 -61.68 -41.55 -114.50
CA GLY AD 4 -61.21 -41.47 -115.86
C GLY AD 4 -61.46 -42.78 -116.60
N THR AD 5 -60.40 -43.37 -117.12
CA THR AD 5 -60.47 -44.68 -117.76
C THR AD 5 -59.97 -45.80 -116.84
N LYS AD 6 -59.68 -45.49 -115.58
CA LYS AD 6 -59.09 -46.43 -114.64
C LYS AD 6 -60.18 -47.05 -113.77
N ASN AD 7 -60.14 -48.38 -113.64
CA ASN AD 7 -61.00 -49.09 -112.71
C ASN AD 7 -60.30 -49.19 -111.35
N VAL AD 8 -60.90 -48.58 -110.33
CA VAL AD 8 -60.31 -48.53 -109.01
C VAL AD 8 -61.26 -49.21 -108.02
N SER AD 9 -60.72 -49.55 -106.86
CA SER AD 9 -61.49 -50.08 -105.75
C SER AD 9 -61.12 -49.32 -104.48
N ILE AD 10 -62.06 -49.27 -103.54
CA ILE AD 10 -61.79 -48.60 -102.27
C ILE AD 10 -60.69 -49.36 -101.54
N TYR AD 11 -59.64 -48.63 -101.16
CA TYR AD 11 -58.52 -49.20 -100.44
C TYR AD 11 -58.39 -48.68 -99.03
N ARG AD 12 -58.61 -47.39 -98.82
CA ARG AD 12 -58.63 -46.83 -97.47
C ARG AD 12 -59.72 -45.77 -97.40
N ASN AD 13 -60.52 -45.84 -96.33
CA ASN AD 13 -61.66 -44.93 -96.17
C ASN AD 13 -61.49 -44.21 -94.84
N THR AD 14 -61.28 -42.89 -94.91
CA THR AD 14 -61.10 -42.02 -93.77
C THR AD 14 -62.12 -40.89 -93.87
N ALA AD 15 -62.27 -40.13 -92.78
CA ALA AD 15 -63.29 -39.08 -92.73
C ALA AD 15 -63.13 -38.07 -93.87
N ASP AD 16 -61.89 -37.66 -94.16
CA ASP AD 16 -61.66 -36.61 -95.13
C ASP AD 16 -60.77 -37.04 -96.28
N GLU AD 17 -60.49 -38.33 -96.42
CA GLU AD 17 -59.66 -38.81 -97.52
C GLU AD 17 -60.01 -40.25 -97.82
N VAL AD 18 -60.18 -40.56 -99.10
CA VAL AD 18 -60.40 -41.93 -99.56
C VAL AD 18 -59.32 -42.26 -100.58
N ILE AD 19 -58.59 -43.34 -100.33
CA ILE AD 19 -57.56 -43.82 -101.23
C ILE AD 19 -58.13 -44.99 -102.02
N TYR AD 20 -58.11 -44.88 -103.34
CA TYR AD 20 -58.50 -45.96 -104.24
C TYR AD 20 -57.26 -46.53 -104.91
N ALA AD 21 -57.28 -47.85 -105.14
CA ALA AD 21 -56.14 -48.56 -105.69
C ALA AD 21 -56.47 -49.05 -107.09
N GLY AD 22 -55.50 -48.90 -107.99
CA GLY AD 22 -55.65 -49.37 -109.35
C GLY AD 22 -55.35 -50.85 -109.47
N PRO AD 23 -55.43 -51.38 -110.69
CA PRO AD 23 -55.18 -52.82 -110.88
C PRO AD 23 -53.76 -53.25 -110.53
N ALA AD 24 -52.80 -52.33 -110.58
CA ALA AD 24 -51.40 -52.67 -110.37
C ALA AD 24 -50.92 -52.35 -108.96
N HIS AD 25 -51.83 -52.07 -108.03
CA HIS AD 25 -51.46 -51.77 -106.66
C HIS AD 25 -51.41 -53.03 -105.81
N ASP AD 26 -50.37 -53.13 -104.99
CA ASP AD 26 -50.20 -54.27 -104.10
C ASP AD 26 -49.29 -53.83 -102.95
N VAL AD 27 -48.77 -54.80 -102.20
CA VAL AD 27 -47.92 -54.49 -101.05
C VAL AD 27 -46.61 -53.84 -101.45
N THR AD 28 -46.01 -54.25 -102.57
CA THR AD 28 -44.70 -53.75 -102.97
C THR AD 28 -44.73 -52.68 -104.06
N ASN AD 29 -45.86 -52.50 -104.76
CA ASN AD 29 -45.98 -51.48 -105.78
C ASN AD 29 -47.09 -50.51 -105.42
N VAL AD 30 -46.92 -49.26 -105.83
CA VAL AD 30 -47.88 -48.20 -105.54
C VAL AD 30 -48.54 -47.78 -106.84
N ASP AD 31 -49.88 -47.87 -106.87
CA ASP AD 31 -50.68 -47.33 -107.97
C ASP AD 31 -51.99 -46.89 -107.31
N THR AD 32 -52.06 -45.61 -106.94
CA THR AD 32 -53.18 -45.13 -106.12
C THR AD 32 -53.65 -43.77 -106.60
N VAL AD 33 -54.95 -43.53 -106.39
CA VAL AD 33 -55.55 -42.20 -106.54
C VAL AD 33 -56.27 -41.87 -105.23
N SER AD 34 -55.87 -40.78 -104.60
CA SER AD 34 -56.41 -40.37 -103.31
C SER AD 34 -57.21 -39.09 -103.48
N LEU AD 35 -58.46 -39.11 -103.01
CA LEU AD 35 -59.29 -37.92 -102.94
C LEU AD 35 -59.27 -37.39 -101.51
N ARG AD 36 -58.88 -36.13 -101.35
CA ARG AD 36 -58.77 -35.51 -100.05
C ARG AD 36 -59.54 -34.19 -100.06
N ARG AD 37 -60.07 -33.82 -98.90
CA ARG AD 37 -60.88 -32.62 -98.82
C ARG AD 37 -60.62 -31.91 -97.50
N SER AD 38 -60.78 -30.60 -97.52
CA SER AD 38 -60.80 -29.77 -96.32
C SER AD 38 -62.04 -28.90 -96.41
N LEU AD 39 -63.01 -29.17 -95.54
CA LEU AD 39 -64.30 -28.52 -95.58
C LEU AD 39 -64.21 -27.10 -95.04
N PRO AD 40 -65.10 -26.21 -95.49
CA PRO AD 40 -65.05 -24.83 -95.02
C PRO AD 40 -65.23 -24.72 -93.51
N VAL AD 41 -64.52 -23.77 -92.92
CA VAL AD 41 -64.61 -23.48 -91.50
C VAL AD 41 -65.18 -22.07 -91.36
N LYS AD 42 -66.32 -21.95 -90.70
CA LYS AD 42 -66.99 -20.66 -90.52
C LYS AD 42 -66.24 -19.85 -89.45
N LYS AD 43 -65.05 -19.38 -89.84
CA LYS AD 43 -64.20 -18.65 -88.92
C LYS AD 43 -64.51 -17.16 -89.00
N GLY AD 44 -65.02 -16.62 -87.90
CA GLY AD 44 -65.39 -15.22 -87.86
C GLY AD 44 -66.46 -14.91 -88.90
N SER AD 45 -66.26 -13.82 -89.64
CA SER AD 45 -67.16 -13.45 -90.72
C SER AD 45 -66.85 -14.17 -92.03
N ASP AD 46 -65.64 -14.66 -92.21
CA ASP AD 46 -65.30 -15.39 -93.42
C ASP AD 46 -66.01 -16.74 -93.42
N ASN AD 47 -66.67 -17.05 -94.53
CA ASN AD 47 -67.36 -18.33 -94.65
C ASN AD 47 -66.39 -19.49 -94.87
N GLY AD 48 -65.12 -19.22 -95.11
CA GLY AD 48 -64.14 -20.27 -95.28
C GLY AD 48 -63.83 -20.58 -96.73
N THR AD 49 -63.04 -21.63 -96.91
CA THR AD 49 -62.64 -22.09 -98.23
C THR AD 49 -62.78 -23.60 -98.29
N MET AD 50 -63.28 -24.10 -99.41
CA MET AD 50 -63.34 -25.53 -99.66
C MET AD 50 -62.09 -25.94 -100.42
N ARG AD 51 -61.37 -26.92 -99.90
CA ARG AD 51 -60.11 -27.36 -100.49
C ARG AD 51 -60.28 -28.78 -100.99
N GLY AD 52 -59.95 -29.02 -102.25
CA GLY AD 52 -60.02 -30.35 -102.84
C GLY AD 52 -58.65 -30.76 -103.36
N ASN AD 53 -58.31 -32.04 -103.19
CA ASN AD 53 -57.02 -32.56 -103.62
C ASN AD 53 -57.22 -33.91 -104.29
N MET AD 54 -56.69 -34.06 -105.49
CA MET AD 54 -56.59 -35.34 -106.18
C MET AD 54 -55.12 -35.70 -106.29
N ASN AD 55 -54.74 -36.84 -105.74
CA ASN AD 55 -53.36 -37.28 -105.69
C ASN AD 55 -53.22 -38.55 -106.51
N PHE AD 56 -52.25 -38.57 -107.42
CA PHE AD 56 -51.93 -39.74 -108.23
C PHE AD 56 -50.53 -40.19 -107.83
N ALA AD 57 -50.40 -41.45 -107.43
CA ALA AD 57 -49.11 -41.98 -107.03
C ALA AD 57 -48.84 -43.27 -107.80
N LYS AD 58 -47.65 -43.37 -108.38
CA LYS AD 58 -47.26 -44.56 -109.13
C LYS AD 58 -45.80 -44.89 -108.86
N SER AD 59 -45.51 -46.19 -108.81
CA SER AD 59 -44.15 -46.66 -108.67
C SER AD 59 -43.53 -46.90 -110.04
N PHE AD 60 -42.25 -46.55 -110.16
CA PHE AD 60 -41.53 -46.61 -111.43
C PHE AD 60 -40.14 -47.19 -111.19
N PRO AD 61 -39.59 -47.92 -112.14
CA PRO AD 61 -38.19 -48.37 -112.01
C PRO AD 61 -37.23 -47.19 -112.01
N ASN AD 62 -36.33 -47.16 -111.03
CA ASN AD 62 -35.34 -46.10 -110.88
C ASN AD 62 -34.00 -46.80 -110.66
N GLY AD 63 -33.27 -47.04 -111.74
CA GLY AD 63 -32.02 -47.75 -111.66
C GLY AD 63 -32.20 -49.13 -111.05
N ASP AD 64 -31.75 -49.30 -109.81
CA ASP AD 64 -31.95 -50.57 -109.11
C ASP AD 64 -33.25 -50.58 -108.33
N LYS AD 65 -33.62 -49.45 -107.72
CA LYS AD 65 -34.75 -49.39 -106.81
C LYS AD 65 -36.02 -48.98 -107.56
N LYS AD 66 -37.07 -48.64 -106.81
CA LYS AD 66 -38.32 -48.17 -107.39
C LYS AD 66 -38.69 -46.85 -106.72
N SER AD 67 -38.92 -45.84 -107.53
CA SER AD 67 -39.21 -44.49 -107.05
C SER AD 67 -40.69 -44.15 -107.27
N LEU AD 68 -41.18 -43.22 -106.47
CA LEU AD 68 -42.59 -42.84 -106.48
C LEU AD 68 -42.77 -41.52 -107.21
N VAL AD 69 -43.55 -41.55 -108.29
CA VAL AD 69 -43.94 -40.34 -109.02
C VAL AD 69 -45.33 -39.95 -108.56
N VAL AD 70 -45.48 -38.69 -108.17
CA VAL AD 70 -46.73 -38.18 -107.60
C VAL AD 70 -47.17 -36.94 -108.38
N VAL AD 71 -48.43 -36.92 -108.79
CA VAL AD 71 -49.04 -35.77 -109.44
C VAL AD 71 -50.18 -35.29 -108.55
N ASN AD 72 -50.14 -34.01 -108.17
CA ASN AD 72 -51.16 -33.42 -107.32
C ASN AD 72 -52.03 -32.48 -108.14
N LEU AD 73 -53.30 -32.37 -107.74
CA LEU AD 73 -54.23 -31.41 -108.33
C LEU AD 73 -55.07 -30.86 -107.19
N THR AD 74 -54.80 -29.62 -106.80
CA THR AD 74 -55.48 -29.00 -105.67
C THR AD 74 -56.27 -27.78 -106.14
N ALA AD 75 -57.52 -27.72 -105.70
CA ALA AD 75 -58.42 -26.62 -106.01
C ALA AD 75 -58.87 -25.95 -104.72
N HIS AD 76 -58.85 -24.61 -104.74
CA HIS AD 76 -59.25 -23.81 -103.59
C HIS AD 76 -60.44 -22.95 -104.02
N VAL AD 77 -61.61 -23.20 -103.44
CA VAL AD 77 -62.79 -22.44 -103.83
C VAL AD 77 -63.35 -21.73 -102.60
N PRO AD 78 -63.31 -20.39 -102.56
CA PRO AD 78 -63.91 -19.68 -101.42
C PRO AD 78 -65.42 -19.87 -101.39
N VAL AD 79 -65.97 -19.90 -100.18
CA VAL AD 79 -67.40 -20.09 -100.01
C VAL AD 79 -68.14 -18.82 -100.42
N GLY AD 80 -69.21 -18.98 -101.21
CA GLY AD 80 -69.99 -17.87 -101.73
C GLY AD 80 -69.77 -17.64 -103.21
N VAL AD 81 -68.62 -18.06 -103.74
CA VAL AD 81 -68.39 -17.98 -105.16
C VAL AD 81 -69.32 -18.95 -105.87
N ASP AD 82 -69.93 -18.49 -106.97
CA ASP AD 82 -70.86 -19.32 -107.71
C ASP AD 82 -70.15 -20.55 -108.26
N ALA AD 83 -70.74 -21.72 -108.03
CA ALA AD 83 -70.08 -22.98 -108.38
C ALA AD 83 -70.06 -23.20 -109.89
N THR AD 84 -71.13 -22.81 -110.58
CA THR AD 84 -71.22 -23.05 -112.02
C THR AD 84 -70.14 -22.27 -112.77
N ALA AD 85 -69.87 -21.03 -112.36
CA ALA AD 85 -68.81 -20.26 -112.98
C ALA AD 85 -67.45 -20.92 -112.79
N VAL AD 86 -67.18 -21.41 -111.57
CA VAL AD 86 -65.93 -22.10 -111.32
C VAL AD 86 -65.82 -23.36 -112.18
N ARG AD 87 -66.92 -24.10 -112.31
CA ARG AD 87 -66.88 -25.34 -113.09
C ARG AD 87 -66.66 -25.06 -114.57
N THR AD 88 -67.30 -24.04 -115.12
CA THR AD 88 -67.08 -23.74 -116.54
C THR AD 88 -65.70 -23.16 -116.77
N TRP AD 89 -65.16 -22.39 -115.82
CA TRP AD 89 -63.78 -21.92 -115.91
C TRP AD 89 -62.82 -23.09 -115.90
N MET AD 90 -63.06 -24.07 -115.02
CA MET AD 90 -62.19 -25.24 -114.93
C MET AD 90 -62.26 -26.06 -116.21
N THR AD 91 -63.46 -26.26 -116.74
CA THR AD 91 -63.62 -27.08 -117.94
C THR AD 91 -63.04 -26.40 -119.17
N SER AD 92 -63.20 -25.08 -119.29
CA SER AD 92 -62.79 -24.36 -120.48
C SER AD 92 -61.38 -23.81 -120.42
N GLU AD 93 -60.92 -23.36 -119.26
CA GLU AD 93 -59.65 -22.66 -119.14
C GLU AD 93 -58.58 -23.45 -118.39
N VAL AD 94 -58.95 -24.22 -117.38
CA VAL AD 94 -57.95 -24.90 -116.56
C VAL AD 94 -57.58 -26.25 -117.13
N PHE AD 95 -58.59 -27.07 -117.43
CA PHE AD 95 -58.38 -28.44 -117.89
C PHE AD 95 -57.62 -28.52 -119.22
N PRO AD 96 -57.99 -27.77 -120.26
CA PRO AD 96 -57.24 -27.86 -121.52
C PRO AD 96 -55.77 -27.48 -121.38
N GLY AD 97 -55.45 -26.51 -120.53
CA GLY AD 97 -54.06 -26.13 -120.34
C GLY AD 97 -53.31 -27.05 -119.39
N ALA AD 98 -54.02 -27.69 -118.47
CA ALA AD 98 -53.38 -28.57 -117.49
C ALA AD 98 -53.04 -29.94 -118.04
N THR AD 99 -53.53 -30.29 -119.24
CA THR AD 99 -53.28 -31.58 -119.84
C THR AD 99 -52.53 -31.46 -121.17
N SER AD 100 -51.94 -30.30 -121.44
CA SER AD 100 -51.22 -30.06 -122.68
C SER AD 100 -49.78 -30.56 -122.54
N SER AD 101 -48.98 -30.36 -123.59
CA SER AD 101 -47.57 -30.72 -123.53
C SER AD 101 -46.78 -29.83 -122.57
N VAL AD 102 -47.34 -28.66 -122.21
CA VAL AD 102 -46.67 -27.77 -121.26
C VAL AD 102 -46.50 -28.48 -119.92
N THR AD 103 -47.54 -29.16 -119.45
CA THR AD 103 -47.44 -29.90 -118.19
C THR AD 103 -46.39 -31.00 -118.28
N LEU AD 104 -46.33 -31.71 -119.39
CA LEU AD 104 -45.35 -32.78 -119.55
C LEU AD 104 -43.93 -32.23 -119.52
N ASP AD 105 -43.68 -31.14 -120.25
CA ASP AD 105 -42.35 -30.53 -120.25
C ASP AD 105 -41.99 -29.99 -118.88
N LEU AD 106 -42.94 -29.36 -118.18
CA LEU AD 106 -42.68 -28.84 -116.85
C LEU AD 106 -42.36 -29.95 -115.86
N ALA AD 107 -43.07 -31.08 -115.95
CA ALA AD 107 -42.85 -32.17 -115.01
C ALA AD 107 -41.56 -32.93 -115.30
N THR AD 108 -41.24 -33.15 -116.57
CA THR AD 108 -40.08 -33.97 -116.90
C THR AD 108 -38.81 -33.16 -117.08
N LYS AD 109 -38.91 -31.90 -117.49
CA LYS AD 109 -37.74 -31.09 -117.77
C LYS AD 109 -37.71 -29.75 -117.05
N GLY AD 110 -38.77 -29.38 -116.34
CA GLY AD 110 -38.80 -28.10 -115.66
C GLY AD 110 -38.90 -26.90 -116.57
N VAL AD 111 -39.53 -27.05 -117.74
CA VAL AD 111 -39.63 -25.95 -118.69
C VAL AD 111 -40.72 -24.99 -118.24
N ILE AD 112 -40.35 -23.72 -118.07
CA ILE AD 112 -41.27 -22.68 -117.64
C ILE AD 112 -41.48 -21.60 -118.69
N HIS AD 113 -40.82 -21.69 -119.83
CA HIS AD 113 -40.96 -20.73 -120.92
C HIS AD 113 -41.61 -21.44 -122.11
N LEU AD 114 -42.86 -21.10 -122.42
CA LEU AD 114 -43.59 -21.77 -123.50
C LEU AD 114 -43.54 -20.90 -124.76
N SER AD 115 -42.37 -20.89 -125.39
CA SER AD 115 -42.19 -20.16 -126.64
C SER AD 115 -42.57 -21.04 -127.82
N ASP AD 116 -43.14 -20.42 -128.86
CA ASP AD 116 -43.53 -19.02 -128.90
C ASP AD 116 -44.93 -18.87 -129.47
N ALA AD 117 -45.35 -19.88 -130.25
CA ALA AD 117 -46.66 -19.86 -130.88
C ALA AD 117 -47.76 -20.19 -129.89
N LEU BD 1 -122.78 -53.27 30.89
CA LEU BD 1 -121.37 -53.45 31.22
C LEU BD 1 -121.17 -53.62 32.72
N SER BD 2 -120.54 -54.72 33.10
CA SER BD 2 -120.29 -55.01 34.51
C SER BD 2 -118.92 -55.64 34.67
N ILE BD 3 -118.29 -55.37 35.81
CA ILE BD 3 -117.01 -55.97 36.19
C ILE BD 3 -117.24 -56.56 37.58
N GLY BD 4 -117.46 -57.86 37.64
CA GLY BD 4 -117.91 -58.46 38.88
C GLY BD 4 -119.34 -58.06 39.18
N THR BD 5 -119.55 -57.33 40.28
CA THR BD 5 -120.88 -56.85 40.64
C THR BD 5 -121.03 -55.35 40.46
N LYS BD 6 -120.05 -54.68 39.86
CA LYS BD 6 -120.08 -53.23 39.68
C LYS BD 6 -120.38 -52.87 38.24
N ASN BD 7 -121.29 -51.91 38.07
CA ASN BD 7 -121.64 -51.41 36.74
C ASN BD 7 -120.64 -50.34 36.32
N VAL BD 8 -120.15 -50.44 35.09
CA VAL BD 8 -119.15 -49.53 34.56
C VAL BD 8 -119.59 -49.07 33.18
N SER BD 9 -118.90 -48.03 32.69
CA SER BD 9 -119.10 -47.50 31.35
C SER BD 9 -117.75 -47.26 30.71
N ILE BD 10 -117.67 -47.39 29.39
CA ILE BD 10 -116.42 -47.10 28.70
C ILE BD 10 -116.08 -45.64 28.90
N TYR BD 11 -114.87 -45.39 29.41
CA TYR BD 11 -114.39 -44.04 29.66
C TYR BD 11 -113.27 -43.61 28.73
N ARG BD 12 -112.27 -44.45 28.53
CA ARG BD 12 -111.18 -44.15 27.61
C ARG BD 12 -110.84 -45.39 26.80
N ASN BD 13 -110.63 -45.20 25.50
CA ASN BD 13 -110.36 -46.30 24.60
C ASN BD 13 -109.04 -46.03 23.88
N THR BD 14 -108.10 -46.95 23.99
CA THR BD 14 -106.87 -46.92 23.20
C THR BD 14 -106.68 -48.26 22.51
N ALA BD 15 -105.57 -48.43 21.78
CA ALA BD 15 -105.36 -49.64 21.02
C ALA BD 15 -105.23 -50.86 21.93
N ASP BD 16 -104.51 -50.73 23.04
CA ASP BD 16 -104.24 -51.87 23.92
C ASP BD 16 -104.71 -51.63 25.36
N GLU BD 17 -105.50 -50.59 25.61
CA GLU BD 17 -105.99 -50.33 26.96
C GLU BD 17 -107.36 -49.68 26.90
N VAL BD 18 -108.27 -50.17 27.72
CA VAL BD 18 -109.59 -49.58 27.89
C VAL BD 18 -109.81 -49.29 29.36
N ILE BD 19 -110.14 -48.04 29.67
CA ILE BD 19 -110.47 -47.62 31.02
C ILE BD 19 -111.98 -47.47 31.13
N TYR BD 20 -112.56 -48.11 32.15
CA TYR BD 20 -113.98 -48.02 32.47
C TYR BD 20 -114.14 -47.25 33.76
N ALA BD 21 -115.20 -46.45 33.84
CA ALA BD 21 -115.47 -45.59 34.98
C ALA BD 21 -116.61 -46.17 35.80
N GLY BD 22 -116.43 -46.17 37.12
CA GLY BD 22 -117.46 -46.63 38.03
C GLY BD 22 -118.49 -45.54 38.31
N PRO BD 23 -119.51 -45.88 39.09
CA PRO BD 23 -120.59 -44.91 39.36
C PRO BD 23 -120.12 -43.68 40.15
N ALA BD 24 -119.00 -43.77 40.87
CA ALA BD 24 -118.53 -42.67 41.69
C ALA BD 24 -117.45 -41.84 41.02
N HIS BD 25 -117.14 -42.12 39.75
CA HIS BD 25 -116.07 -41.40 39.07
C HIS BD 25 -116.57 -40.07 38.54
N ASP BD 26 -115.87 -38.99 38.90
CA ASP BD 26 -116.16 -37.66 38.37
C ASP BD 26 -114.86 -36.88 38.37
N VAL BD 27 -114.96 -35.56 38.26
CA VAL BD 27 -113.80 -34.67 38.19
C VAL BD 27 -113.01 -34.73 39.49
N THR BD 28 -113.69 -34.98 40.61
CA THR BD 28 -113.05 -34.96 41.92
C THR BD 28 -112.69 -36.33 42.46
N ASN BD 29 -113.49 -37.35 42.16
CA ASN BD 29 -113.29 -38.68 42.75
C ASN BD 29 -112.93 -39.66 41.65
N VAL BD 30 -111.96 -40.53 41.93
CA VAL BD 30 -111.51 -41.54 40.99
C VAL BD 30 -112.15 -42.87 41.36
N ASP BD 31 -112.79 -43.52 40.38
CA ASP BD 31 -113.32 -44.87 40.54
C ASP BD 31 -113.22 -45.50 39.15
N THR BD 32 -112.10 -46.20 38.91
CA THR BD 32 -111.84 -46.70 37.56
C THR BD 32 -111.32 -48.13 37.61
N VAL BD 33 -111.60 -48.86 36.53
CA VAL BD 33 -111.02 -50.17 36.27
C VAL BD 33 -110.47 -50.17 34.85
N SER BD 34 -109.19 -50.48 34.73
CA SER BD 34 -108.50 -50.47 33.44
C SER BD 34 -108.11 -51.88 33.03
N LEU BD 35 -108.30 -52.19 31.75
CA LEU BD 35 -107.89 -53.46 31.17
C LEU BD 35 -106.83 -53.17 30.12
N ARG BD 36 -105.64 -53.75 30.28
CA ARG BD 36 -104.53 -53.52 29.38
C ARG BD 36 -103.97 -54.85 28.91
N ARG BD 37 -103.54 -54.90 27.65
CA ARG BD 37 -102.96 -56.10 27.09
C ARG BD 37 -101.63 -55.78 26.44
N SER BD 38 -100.69 -56.71 26.59
CA SER BD 38 -99.41 -56.70 25.89
C SER BD 38 -99.38 -58.00 25.09
N LEU BD 39 -99.62 -57.89 23.80
CA LEU BD 39 -99.69 -59.06 22.94
C LEU BD 39 -98.30 -59.63 22.71
N PRO BD 40 -98.20 -60.94 22.51
CA PRO BD 40 -96.88 -61.56 22.32
C PRO BD 40 -96.18 -61.04 21.07
N VAL BD 41 -94.88 -60.87 21.18
CA VAL BD 41 -94.03 -60.51 20.04
C VAL BD 41 -93.14 -61.73 19.79
N LYS BD 42 -93.46 -62.49 18.74
CA LYS BD 42 -92.78 -63.75 18.45
C LYS BD 42 -91.48 -63.44 17.70
N LYS BD 43 -90.57 -62.77 18.39
CA LYS BD 43 -89.27 -62.43 17.84
C LYS BD 43 -88.37 -63.66 17.83
N GLY BD 44 -87.48 -63.69 16.84
CA GLY BD 44 -86.56 -64.81 16.66
C GLY BD 44 -87.27 -66.15 16.64
N SER BD 45 -86.99 -66.99 17.64
CA SER BD 45 -87.66 -68.27 17.80
C SER BD 45 -88.66 -68.29 18.95
N ASP BD 46 -88.44 -67.50 19.99
CA ASP BD 46 -89.37 -67.46 21.11
C ASP BD 46 -90.70 -66.87 20.67
N ASN BD 47 -91.79 -67.47 21.12
CA ASN BD 47 -93.12 -67.04 20.71
C ASN BD 47 -93.68 -65.92 21.57
N GLY BD 48 -92.92 -65.42 22.54
CA GLY BD 48 -93.34 -64.29 23.33
C GLY BD 48 -94.29 -64.65 24.46
N THR BD 49 -94.76 -63.62 25.14
CA THR BD 49 -95.62 -63.75 26.31
C THR BD 49 -96.83 -62.84 26.16
N MET BD 50 -98.00 -63.36 26.51
CA MET BD 50 -99.21 -62.57 26.61
C MET BD 50 -99.31 -62.00 28.02
N ARG BD 51 -99.40 -60.68 28.13
CA ARG BD 51 -99.46 -60.01 29.42
C ARG BD 51 -100.82 -59.34 29.57
N GLY BD 52 -101.56 -59.74 30.59
CA GLY BD 52 -102.86 -59.12 30.86
C GLY BD 52 -102.89 -58.40 32.18
N ASN BD 53 -103.13 -57.10 32.17
CA ASN BD 53 -103.10 -56.28 33.37
C ASN BD 53 -104.48 -55.73 33.66
N MET BD 54 -104.93 -55.88 34.91
CA MET BD 54 -106.20 -55.35 35.38
C MET BD 54 -105.93 -54.40 36.53
N ASN BD 55 -106.39 -53.15 36.38
CA ASN BD 55 -106.07 -52.06 37.28
C ASN BD 55 -107.34 -51.59 37.97
N PHE BD 56 -107.28 -51.41 39.29
CA PHE BD 56 -108.37 -50.84 40.07
C PHE BD 56 -107.86 -49.59 40.77
N ALA BD 57 -108.52 -48.46 40.54
CA ALA BD 57 -108.08 -47.19 41.10
C ALA BD 57 -109.24 -46.54 41.83
N LYS BD 58 -108.97 -46.11 43.06
CA LYS BD 58 -110.00 -45.47 43.88
C LYS BD 58 -109.37 -44.36 44.72
N SER BD 59 -110.02 -43.21 44.75
CA SER BD 59 -109.56 -42.12 45.60
C SER BD 59 -110.13 -42.27 47.02
N PHE BD 60 -109.31 -41.96 48.00
CA PHE BD 60 -109.64 -42.08 49.41
C PHE BD 60 -109.25 -40.81 50.14
N PRO BD 61 -109.98 -40.45 51.20
CA PRO BD 61 -109.56 -39.31 52.02
C PRO BD 61 -108.25 -39.60 52.73
N ASN BD 62 -107.36 -38.60 52.75
CA ASN BD 62 -106.06 -38.73 53.41
C ASN BD 62 -105.78 -37.36 54.02
N GLY BD 63 -106.13 -37.21 55.30
CA GLY BD 63 -106.04 -35.91 55.93
C GLY BD 63 -106.94 -34.93 55.20
N ASP BD 64 -106.37 -33.80 54.78
CA ASP BD 64 -107.11 -32.82 54.00
C ASP BD 64 -107.11 -33.12 52.51
N LYS BD 65 -106.23 -34.01 52.05
CA LYS BD 65 -106.09 -34.27 50.62
C LYS BD 65 -106.75 -35.60 50.26
N LYS BD 66 -106.58 -36.00 49.00
CA LYS BD 66 -107.07 -37.28 48.52
C LYS BD 66 -105.89 -38.09 47.99
N SER BD 67 -105.94 -39.40 48.23
CA SER BD 67 -104.87 -40.31 47.84
C SER BD 67 -105.43 -41.44 46.98
N LEU BD 68 -104.68 -41.83 45.97
CA LEU BD 68 -105.10 -42.89 45.06
C LEU BD 68 -104.61 -44.23 45.56
N VAL BD 69 -105.54 -45.16 45.77
CA VAL BD 69 -105.22 -46.55 46.05
C VAL BD 69 -105.40 -47.35 44.77
N VAL BD 70 -104.37 -48.08 44.38
CA VAL BD 70 -104.33 -48.83 43.13
C VAL BD 70 -104.06 -50.29 43.45
N VAL BD 71 -104.85 -51.18 42.86
CA VAL BD 71 -104.64 -52.62 42.95
C VAL BD 71 -104.41 -53.16 41.54
N ASN BD 72 -103.31 -53.86 41.35
CA ASN BD 72 -102.92 -54.42 40.06
C ASN BD 72 -103.01 -55.94 40.09
N LEU BD 73 -103.52 -56.52 39.01
CA LEU BD 73 -103.56 -57.96 38.84
C LEU BD 73 -103.05 -58.28 37.44
N THR BD 74 -101.87 -58.86 37.35
CA THR BD 74 -101.19 -59.07 36.06
C THR BD 74 -100.90 -60.55 35.86
N ALA BD 75 -101.28 -61.06 34.70
CA ALA BD 75 -101.00 -62.44 34.31
C ALA BD 75 -99.98 -62.44 33.17
N HIS BD 76 -98.98 -63.31 33.28
CA HIS BD 76 -97.94 -63.48 32.28
C HIS BD 76 -98.03 -64.92 31.78
N VAL BD 77 -98.58 -65.13 30.58
CA VAL BD 77 -98.79 -66.47 30.05
C VAL BD 77 -97.88 -66.63 28.83
N PRO BD 78 -96.87 -67.49 28.89
CA PRO BD 78 -96.05 -67.75 27.69
C PRO BD 78 -96.86 -68.44 26.61
N VAL BD 79 -96.51 -68.15 25.36
CA VAL BD 79 -97.25 -68.70 24.22
C VAL BD 79 -96.92 -70.17 24.06
N GLY BD 80 -97.94 -70.99 23.86
CA GLY BD 80 -97.81 -72.43 23.76
C GLY BD 80 -98.37 -73.18 24.94
N VAL BD 81 -98.50 -72.50 26.08
CA VAL BD 81 -99.10 -73.10 27.26
C VAL BD 81 -100.61 -73.24 27.03
N ASP BD 82 -101.14 -74.40 27.43
CA ASP BD 82 -102.57 -74.65 27.26
C ASP BD 82 -103.40 -73.62 28.04
N ALA BD 83 -104.30 -72.96 27.33
CA ALA BD 83 -105.13 -71.93 27.97
C ALA BD 83 -106.07 -72.53 29.01
N THR BD 84 -106.63 -73.71 28.72
CA THR BD 84 -107.56 -74.33 29.67
C THR BD 84 -106.86 -74.69 30.98
N ALA BD 85 -105.64 -75.21 30.89
CA ALA BD 85 -104.90 -75.53 32.12
C ALA BD 85 -104.59 -74.28 32.92
N VAL BD 86 -104.21 -73.20 32.25
CA VAL BD 86 -103.94 -71.95 32.95
C VAL BD 86 -105.19 -71.40 33.61
N ARG BD 87 -106.33 -71.47 32.93
CA ARG BD 87 -107.58 -71.01 33.51
C ARG BD 87 -107.98 -71.85 34.72
N THR BD 88 -107.81 -73.17 34.63
CA THR BD 88 -108.11 -74.03 35.77
C THR BD 88 -107.20 -73.71 36.95
N TRP BD 89 -105.91 -73.49 36.70
CA TRP BD 89 -104.99 -73.13 37.76
C TRP BD 89 -105.37 -71.79 38.40
N MET BD 90 -105.73 -70.80 37.58
CA MET BD 90 -106.09 -69.50 38.11
C MET BD 90 -107.38 -69.57 38.93
N THR BD 91 -108.35 -70.37 38.48
CA THR BD 91 -109.62 -70.47 39.18
C THR BD 91 -109.49 -71.24 40.48
N SER BD 92 -108.76 -72.36 40.48
CA SER BD 92 -108.70 -73.22 41.65
C SER BD 92 -107.59 -72.85 42.63
N GLU BD 93 -106.55 -72.16 42.18
CA GLU BD 93 -105.40 -71.88 43.04
C GLU BD 93 -105.16 -70.39 43.25
N VAL BD 94 -105.16 -69.59 42.19
CA VAL BD 94 -104.78 -68.19 42.32
C VAL BD 94 -105.95 -67.36 42.86
N PHE BD 95 -107.15 -67.58 42.32
CA PHE BD 95 -108.30 -66.76 42.73
C PHE BD 95 -108.65 -66.90 44.20
N PRO BD 96 -108.78 -68.11 44.78
CA PRO BD 96 -109.06 -68.18 46.21
C PRO BD 96 -107.99 -67.57 47.08
N GLY BD 97 -106.71 -67.68 46.69
CA GLY BD 97 -105.64 -67.12 47.51
C GLY BD 97 -105.50 -65.62 47.39
N ALA BD 98 -105.86 -65.06 46.24
CA ALA BD 98 -105.75 -63.63 46.00
C ALA BD 98 -106.93 -62.84 46.54
N THR BD 99 -107.94 -63.51 47.09
CA THR BD 99 -109.10 -62.84 47.67
C THR BD 99 -109.28 -63.21 49.14
N SER BD 100 -108.25 -63.77 49.77
CA SER BD 100 -108.32 -64.16 51.16
C SER BD 100 -107.90 -63.00 52.05
N SER BD 101 -107.91 -63.24 53.37
CA SER BD 101 -107.44 -62.22 54.30
C SER BD 101 -105.94 -62.00 54.17
N VAL BD 102 -105.21 -62.93 53.54
CA VAL BD 102 -103.78 -62.74 53.32
C VAL BD 102 -103.53 -61.52 52.45
N THR BD 103 -104.30 -61.39 51.36
CA THR BD 103 -104.14 -60.24 50.47
C THR BD 103 -104.47 -58.95 51.19
N LEU BD 104 -105.55 -58.93 51.97
CA LEU BD 104 -105.93 -57.72 52.69
C LEU BD 104 -104.86 -57.33 53.71
N ASP BD 105 -104.31 -58.31 54.43
CA ASP BD 105 -103.28 -58.03 55.41
C ASP BD 105 -102.01 -57.52 54.74
N LEU BD 106 -101.63 -58.12 53.62
CA LEU BD 106 -100.44 -57.66 52.91
C LEU BD 106 -100.63 -56.24 52.38
N ALA BD 107 -101.82 -55.93 51.86
CA ALA BD 107 -102.05 -54.62 51.27
C ALA BD 107 -102.12 -53.52 52.33
N THR BD 108 -102.84 -53.77 53.43
CA THR BD 108 -103.11 -52.71 54.38
C THR BD 108 -102.18 -52.70 55.59
N LYS BD 109 -101.39 -53.76 55.80
CA LYS BD 109 -100.49 -53.83 56.94
C LYS BD 109 -99.09 -54.28 56.57
N GLY BD 110 -98.86 -54.72 55.34
CA GLY BD 110 -97.56 -55.24 54.97
C GLY BD 110 -97.19 -56.53 55.64
N VAL BD 111 -98.15 -57.42 55.83
CA VAL BD 111 -97.90 -58.70 56.50
C VAL BD 111 -97.48 -59.73 55.47
N ILE BD 112 -96.26 -60.26 55.62
CA ILE BD 112 -95.72 -61.27 54.72
C ILE BD 112 -95.55 -62.62 55.40
N HIS BD 113 -95.91 -62.73 56.68
CA HIS BD 113 -95.86 -63.98 57.42
C HIS BD 113 -97.29 -64.39 57.74
N LEU BD 114 -97.80 -65.43 57.08
CA LEU BD 114 -99.16 -65.89 57.30
C LEU BD 114 -99.15 -67.08 58.26
N SER BD 115 -98.83 -66.79 59.51
CA SER BD 115 -98.88 -67.78 60.58
C SER BD 115 -100.29 -67.87 61.15
N ASP BD 116 -100.63 -69.03 61.70
CA ASP BD 116 -99.86 -70.28 61.74
C ASP BD 116 -100.76 -71.47 61.43
N ALA BD 117 -102.07 -71.23 61.42
CA ALA BD 117 -103.06 -72.27 61.22
C ALA BD 117 -102.89 -72.96 59.85
N LEU CD 1 -100.44 -74.06 57.77
CA LEU CD 1 -100.02 -72.96 56.93
C LEU CD 1 -100.66 -73.06 55.55
N SER CD 2 -101.61 -72.17 55.28
CA SER CD 2 -102.36 -72.23 54.04
C SER CD 2 -102.58 -70.82 53.48
N ILE CD 3 -102.59 -70.72 52.16
CA ILE CD 3 -102.95 -69.51 51.46
C ILE CD 3 -104.15 -69.85 50.58
N GLY CD 4 -105.29 -69.25 50.87
CA GLY CD 4 -106.52 -69.65 50.20
C GLY CD 4 -106.90 -71.07 50.53
N THR CD 5 -107.00 -71.92 49.52
CA THR CD 5 -107.27 -73.34 49.71
C THR CD 5 -106.02 -74.19 49.58
N LYS CD 6 -104.87 -73.59 49.31
CA LYS CD 6 -103.63 -74.31 49.07
C LYS CD 6 -102.77 -74.30 50.33
N ASN CD 7 -102.44 -75.48 50.84
CA ASN CD 7 -101.48 -75.58 51.92
C ASN CD 7 -100.07 -75.34 51.40
N VAL CD 8 -99.31 -74.53 52.14
CA VAL CD 8 -97.96 -74.16 51.75
C VAL CD 8 -97.04 -74.31 52.96
N SER CD 9 -95.74 -74.27 52.69
CA SER CD 9 -94.72 -74.26 53.72
C SER CD 9 -93.70 -73.18 53.41
N ILE CD 10 -93.03 -72.70 54.44
CA ILE CD 10 -92.02 -71.66 54.25
C ILE CD 10 -90.86 -72.24 53.45
N TYR CD 11 -90.56 -71.61 52.32
CA TYR CD 11 -89.48 -72.02 51.45
C TYR CD 11 -88.25 -71.12 51.57
N ARG CD 12 -88.46 -69.80 51.53
CA ARG CD 12 -87.35 -68.87 51.70
C ARG CD 12 -87.86 -67.65 52.44
N ASN CD 13 -86.99 -67.03 53.23
CA ASN CD 13 -87.39 -65.95 54.15
C ASN CD 13 -86.31 -64.87 54.13
N THR CD 14 -86.63 -63.73 53.53
CA THR CD 14 -85.80 -62.54 53.59
C THR CD 14 -86.51 -61.48 54.43
N ALA CD 15 -85.90 -60.29 54.50
CA ALA CD 15 -86.43 -59.24 55.36
C ALA CD 15 -87.81 -58.77 54.89
N ASP CD 16 -87.99 -58.57 53.59
CA ASP CD 16 -89.23 -58.03 53.06
C ASP CD 16 -89.93 -58.96 52.07
N GLU CD 17 -89.45 -60.19 51.91
CA GLU CD 17 -90.10 -61.16 51.05
C GLU CD 17 -90.05 -62.54 51.69
N VAL CD 18 -91.18 -63.24 51.66
CA VAL CD 18 -91.26 -64.63 52.08
C VAL CD 18 -91.83 -65.44 50.92
N ILE CD 19 -91.09 -66.45 50.48
CA ILE CD 19 -91.54 -67.34 49.42
C ILE CD 19 -92.01 -68.64 50.06
N TYR CD 20 -93.24 -69.03 49.79
CA TYR CD 20 -93.82 -70.28 50.24
C TYR CD 20 -93.96 -71.23 49.06
N ALA CD 21 -93.80 -72.52 49.34
CA ALA CD 21 -93.83 -73.56 48.32
C ALA CD 21 -95.07 -74.41 48.51
N GLY CD 22 -95.75 -74.72 47.41
CA GLY CD 22 -96.88 -75.62 47.44
C GLY CD 22 -96.43 -77.05 47.58
N PRO CD 23 -97.39 -77.97 47.74
CA PRO CD 23 -97.02 -79.39 47.92
C PRO CD 23 -96.25 -79.96 46.75
N ALA CD 24 -96.52 -79.48 45.53
CA ALA CD 24 -95.88 -80.01 44.34
C ALA CD 24 -94.52 -79.38 44.06
N HIS CD 25 -94.16 -78.29 44.74
CA HIS CD 25 -92.92 -77.59 44.42
C HIS CD 25 -91.71 -78.48 44.66
N ASP CD 26 -90.78 -78.46 43.70
CA ASP CD 26 -89.57 -79.27 43.78
C ASP CD 26 -88.49 -78.57 42.97
N VAL CD 27 -87.39 -79.29 42.73
CA VAL CD 27 -86.24 -78.72 42.03
C VAL CD 27 -86.50 -78.49 40.54
N THR CD 28 -87.48 -79.17 39.96
CA THR CD 28 -87.80 -79.00 38.55
C THR CD 28 -89.20 -78.44 38.28
N ASN CD 29 -90.13 -78.54 39.22
CA ASN CD 29 -91.46 -77.97 39.10
C ASN CD 29 -91.57 -76.79 40.05
N VAL CD 30 -91.95 -75.64 39.51
CA VAL CD 30 -92.12 -74.43 40.32
C VAL CD 30 -93.59 -74.33 40.70
N ASP CD 31 -93.85 -74.26 42.02
CA ASP CD 31 -95.19 -73.99 42.55
C ASP CD 31 -94.98 -73.12 43.79
N THR CD 32 -95.00 -71.80 43.60
CA THR CD 32 -94.62 -70.88 44.66
C THR CD 32 -95.58 -69.72 44.78
N VAL CD 33 -95.76 -69.27 46.03
CA VAL CD 33 -96.48 -68.05 46.34
C VAL CD 33 -95.53 -67.14 47.12
N SER CD 34 -95.19 -66.01 46.54
CA SER CD 34 -94.32 -65.04 47.18
C SER CD 34 -95.13 -63.90 47.75
N LEU CD 35 -94.80 -63.50 48.98
CA LEU CD 35 -95.35 -62.31 49.59
C LEU CD 35 -94.20 -61.31 49.77
N ARG CD 36 -94.27 -60.21 49.04
CA ARG CD 36 -93.23 -59.19 49.07
C ARG CD 36 -93.84 -57.86 49.47
N ARG CD 37 -93.06 -57.04 50.16
CA ARG CD 37 -93.52 -55.72 50.56
C ARG CD 37 -92.43 -54.70 50.34
N SER CD 38 -92.86 -53.49 49.99
CA SER CD 38 -92.01 -52.31 49.97
C SER CD 38 -92.58 -51.33 50.99
N LEU CD 39 -91.82 -51.12 52.06
CA LEU CD 39 -92.30 -50.30 53.16
C LEU CD 39 -92.29 -48.82 52.78
N PRO CD 40 -93.21 -48.04 53.33
CA PRO CD 40 -93.28 -46.61 52.98
C PRO CD 40 -92.01 -45.88 53.34
N VAL CD 41 -91.51 -45.08 52.41
CA VAL CD 41 -90.32 -44.26 52.61
C VAL CD 41 -90.77 -42.80 52.72
N LYS CD 42 -90.56 -42.20 53.89
CA LYS CD 42 -90.96 -40.82 54.13
C LYS CD 42 -89.95 -39.94 53.40
N LYS CD 43 -90.40 -39.28 52.34
CA LYS CD 43 -89.58 -38.37 51.57
C LYS CD 43 -90.31 -37.04 51.42
N GLY CD 44 -89.69 -35.97 51.90
CA GLY CD 44 -90.31 -34.66 51.83
C GLY CD 44 -91.59 -34.62 52.64
N SER CD 45 -92.61 -33.94 52.11
CA SER CD 45 -93.91 -33.87 52.77
C SER CD 45 -94.75 -35.12 52.55
N ASP CD 46 -94.35 -35.98 51.62
CA ASP CD 46 -95.08 -37.22 51.38
C ASP CD 46 -94.64 -38.28 52.37
N ASN CD 47 -95.61 -38.93 53.02
CA ASN CD 47 -95.33 -39.95 54.02
C ASN CD 47 -94.96 -41.29 53.40
N GLY CD 48 -95.08 -41.44 52.09
CA GLY CD 48 -94.72 -42.67 51.41
C GLY CD 48 -95.94 -43.51 51.05
N THR CD 49 -95.63 -44.70 50.54
CA THR CD 49 -96.65 -45.63 50.07
C THR CD 49 -96.20 -47.05 50.37
N MET CD 50 -97.08 -47.84 50.97
CA MET CD 50 -96.81 -49.26 51.18
C MET CD 50 -97.20 -50.03 49.92
N ARG CD 51 -96.27 -50.82 49.40
CA ARG CD 51 -96.51 -51.68 48.25
C ARG CD 51 -96.57 -53.12 48.70
N GLY CD 52 -97.63 -53.83 48.32
CA GLY CD 52 -97.74 -55.23 48.63
C GLY CD 52 -97.91 -56.08 47.39
N ASN CD 53 -96.99 -57.00 47.16
CA ASN CD 53 -96.99 -57.84 45.98
C ASN CD 53 -97.22 -59.30 46.37
N MET CD 54 -98.15 -59.94 45.69
CA MET CD 54 -98.46 -61.36 45.89
C MET CD 54 -98.24 -62.06 44.56
N ASN CD 55 -97.23 -62.93 44.51
CA ASN CD 55 -96.78 -63.56 43.28
C ASN CD 55 -97.16 -65.03 43.28
N PHE CD 56 -97.79 -65.49 42.21
CA PHE CD 56 -98.08 -66.90 42.00
C PHE CD 56 -97.26 -67.37 40.81
N ALA CD 57 -96.41 -68.37 41.03
CA ALA CD 57 -95.57 -68.91 39.97
C ALA CD 57 -95.84 -70.40 39.84
N LYS CD 58 -96.10 -70.85 38.60
CA LYS CD 58 -96.40 -72.25 38.34
C LYS CD 58 -95.72 -72.69 37.04
N SER CD 59 -95.17 -73.89 37.05
CA SER CD 59 -94.59 -74.48 35.85
C SER CD 59 -95.67 -75.18 35.03
N PHE CD 60 -95.59 -75.03 33.71
CA PHE CD 60 -96.59 -75.59 32.81
C PHE CD 60 -95.88 -76.23 31.61
N PRO CD 61 -96.41 -77.33 31.09
CA PRO CD 61 -95.85 -77.90 29.86
C PRO CD 61 -96.11 -76.98 28.67
N ASN CD 62 -95.03 -76.54 28.03
CA ASN CD 62 -95.09 -75.71 26.83
C ASN CD 62 -94.39 -76.51 25.73
N GLY CD 63 -95.18 -77.19 24.90
CA GLY CD 63 -94.65 -78.06 23.89
C GLY CD 63 -93.78 -79.14 24.49
N ASP CD 64 -92.47 -79.04 24.28
CA ASP CD 64 -91.53 -79.98 24.87
C ASP CD 64 -90.91 -79.47 26.17
N LYS CD 65 -90.83 -78.15 26.34
CA LYS CD 65 -90.17 -77.57 27.49
C LYS CD 65 -91.19 -77.21 28.56
N LYS CD 66 -90.74 -76.49 29.59
CA LYS CD 66 -91.61 -75.98 30.64
C LYS CD 66 -91.53 -74.46 30.68
N SER CD 67 -92.70 -73.82 30.80
CA SER CD 67 -92.80 -72.37 30.85
C SER CD 67 -93.35 -71.97 32.22
N LEU CD 68 -92.96 -70.78 32.67
CA LEU CD 68 -93.39 -70.27 33.97
C LEU CD 68 -94.55 -69.30 33.76
N VAL CD 69 -95.70 -69.65 34.32
CA VAL CD 69 -96.86 -68.77 34.35
C VAL CD 69 -96.86 -68.03 35.67
N VAL CD 70 -96.94 -66.71 35.61
CA VAL CD 70 -96.84 -65.84 36.78
C VAL CD 70 -98.07 -64.95 36.84
N VAL CD 71 -98.68 -64.87 38.01
CA VAL CD 71 -99.78 -63.95 38.28
C VAL CD 71 -99.37 -63.06 39.45
N ASN CD 72 -99.40 -61.74 39.22
CA ASN CD 72 -99.03 -60.77 40.24
C ASN CD 72 -100.26 -60.00 40.69
N LEU CD 73 -100.40 -59.84 42.01
CA LEU CD 73 -101.42 -58.99 42.60
C LEU CD 73 -100.69 -57.94 43.44
N THR CD 74 -100.71 -56.69 42.98
CA THR CD 74 -99.97 -55.61 43.62
C THR CD 74 -100.94 -54.54 44.10
N ALA CD 75 -100.74 -54.08 45.34
CA ALA CD 75 -101.51 -53.00 45.91
C ALA CD 75 -100.57 -51.88 46.33
N HIS CD 76 -100.99 -50.63 46.08
CA HIS CD 76 -100.24 -49.45 46.47
C HIS CD 76 -101.14 -48.61 47.37
N VAL CD 77 -100.83 -48.59 48.66
CA VAL CD 77 -101.65 -47.88 49.64
C VAL CD 77 -100.84 -46.73 50.21
N PRO CD 78 -101.23 -45.48 49.96
CA PRO CD 78 -100.50 -44.35 50.55
C PRO CD 78 -100.71 -44.28 52.06
N VAL CD 79 -99.67 -43.80 52.76
CA VAL CD 79 -99.78 -43.62 54.21
C VAL CD 79 -100.75 -42.48 54.53
N GLY CD 80 -101.62 -42.72 55.49
CA GLY CD 80 -102.61 -41.75 55.91
C GLY CD 80 -104.03 -42.12 55.58
N VAL CD 81 -104.23 -43.15 54.76
CA VAL CD 81 -105.56 -43.61 54.40
C VAL CD 81 -106.06 -44.56 55.47
N ASP CD 82 -107.39 -44.57 55.68
CA ASP CD 82 -107.98 -45.50 56.63
C ASP CD 82 -107.92 -46.92 56.09
N ALA CD 83 -107.32 -47.82 56.86
CA ALA CD 83 -107.12 -49.19 56.40
C ALA CD 83 -108.43 -49.95 56.28
N THR CD 84 -109.39 -49.68 57.18
CA THR CD 84 -110.68 -50.36 57.12
C THR CD 84 -111.42 -50.02 55.83
N ALA CD 85 -111.39 -48.75 55.42
CA ALA CD 85 -112.05 -48.35 54.18
C ALA CD 85 -111.42 -49.04 52.98
N VAL CD 86 -110.09 -49.12 52.94
CA VAL CD 86 -109.41 -49.80 51.84
C VAL CD 86 -109.75 -51.28 51.82
N ARG CD 87 -109.79 -51.91 52.99
CA ARG CD 87 -110.14 -53.32 53.05
C ARG CD 87 -111.56 -53.56 52.57
N THR CD 88 -112.51 -52.69 52.97
CA THR CD 88 -113.89 -52.84 52.52
C THR CD 88 -114.00 -52.65 51.01
N TRP CD 89 -113.29 -51.66 50.46
CA TRP CD 89 -113.29 -51.45 49.01
C TRP CD 89 -112.70 -52.65 48.27
N MET CD 90 -111.59 -53.18 48.77
CA MET CD 90 -110.96 -54.34 48.15
C MET CD 90 -111.87 -55.56 48.19
N THR CD 91 -112.56 -55.78 49.31
CA THR CD 91 -113.45 -56.92 49.43
C THR CD 91 -114.68 -56.79 48.54
N SER CD 92 -115.31 -55.61 48.52
CA SER CD 92 -116.58 -55.45 47.83
C SER CD 92 -116.44 -55.14 46.34
N GLU CD 93 -115.36 -54.51 45.92
CA GLU CD 93 -115.26 -54.02 44.55
C GLU CD 93 -114.08 -54.60 43.77
N VAL CD 94 -112.94 -54.82 44.43
CA VAL CD 94 -111.77 -55.32 43.72
C VAL CD 94 -111.82 -56.83 43.56
N PHE CD 95 -112.10 -57.54 44.66
CA PHE CD 95 -112.06 -59.00 44.65
C PHE CD 95 -113.06 -59.63 43.69
N PRO CD 96 -114.35 -59.25 43.68
CA PRO CD 96 -115.27 -59.88 42.72
C PRO CD 96 -114.89 -59.67 41.27
N GLY CD 97 -114.36 -58.50 40.92
CA GLY CD 97 -113.98 -58.26 39.54
C GLY CD 97 -112.67 -58.91 39.15
N ALA CD 98 -111.73 -59.05 40.11
CA ALA CD 98 -110.44 -59.62 39.80
C ALA CD 98 -110.50 -61.12 39.58
N THR CD 99 -111.49 -61.81 40.15
CA THR CD 99 -111.64 -63.25 40.01
C THR CD 99 -112.85 -63.63 39.17
N SER CD 100 -113.17 -62.81 38.18
CA SER CD 100 -114.29 -63.06 37.29
C SER CD 100 -113.79 -63.60 35.96
N SER CD 101 -114.73 -63.81 35.03
CA SER CD 101 -114.36 -64.28 33.71
C SER CD 101 -113.59 -63.23 32.92
N VAL CD 102 -113.67 -61.96 33.32
CA VAL CD 102 -112.92 -60.91 32.63
C VAL CD 102 -111.42 -61.14 32.75
N THR CD 103 -110.96 -61.53 33.93
CA THR CD 103 -109.53 -61.79 34.12
C THR CD 103 -109.06 -62.95 33.26
N LEU CD 104 -109.83 -64.03 33.22
CA LEU CD 104 -109.45 -65.19 32.41
C LEU CD 104 -109.44 -64.85 30.93
N ASP CD 105 -110.46 -64.10 30.47
CA ASP CD 105 -110.51 -63.73 29.06
C ASP CD 105 -109.35 -62.80 28.69
N LEU CD 106 -109.01 -61.87 29.58
CA LEU CD 106 -107.86 -61.01 29.32
C LEU CD 106 -106.56 -61.80 29.29
N ALA CD 107 -106.42 -62.78 30.18
CA ALA CD 107 -105.20 -63.56 30.25
C ALA CD 107 -105.02 -64.43 29.01
N THR CD 108 -106.06 -65.17 28.62
CA THR CD 108 -105.93 -66.19 27.58
C THR CD 108 -106.39 -65.73 26.21
N LYS CD 109 -106.96 -64.53 26.08
CA LYS CD 109 -107.43 -64.05 24.78
C LYS CD 109 -107.08 -62.61 24.49
N GLY CD 110 -106.57 -61.85 25.45
CA GLY CD 110 -106.31 -60.44 25.24
C GLY CD 110 -107.56 -59.61 25.03
N VAL CD 111 -108.65 -59.94 25.73
CA VAL CD 111 -109.90 -59.21 25.59
C VAL CD 111 -109.89 -58.03 26.55
N ILE CD 112 -109.93 -56.82 26.00
CA ILE CD 112 -110.00 -55.59 26.81
C ILE CD 112 -111.31 -54.85 26.62
N HIS CD 113 -112.09 -55.18 25.59
CA HIS CD 113 -113.39 -54.57 25.36
C HIS CD 113 -114.47 -55.47 25.95
N LEU CD 114 -115.20 -54.96 26.92
CA LEU CD 114 -116.21 -55.75 27.63
C LEU CD 114 -117.53 -55.73 26.88
N SER CD 115 -118.35 -56.74 27.12
CA SER CD 115 -119.65 -56.88 26.50
C SER CD 115 -120.53 -57.80 27.33
N ASP CD 116 -121.84 -57.58 27.26
CA ASP CD 116 -122.53 -56.44 26.65
C ASP CD 116 -123.67 -55.99 27.53
N ALA CD 117 -124.04 -56.83 28.49
CA ALA CD 117 -125.19 -56.56 29.35
C ALA CD 117 -124.76 -56.10 30.74
N LEU DD 1 -65.07 -107.24 57.06
CA LEU DD 1 -64.89 -105.79 57.05
C LEU DD 1 -66.24 -105.10 56.89
N SER DD 2 -66.69 -104.42 57.94
CA SER DD 2 -68.03 -103.83 57.95
C SER DD 2 -67.96 -102.36 58.36
N ILE DD 3 -68.76 -101.55 57.68
CA ILE DD 3 -69.03 -100.17 58.07
C ILE DD 3 -70.54 -100.06 58.18
N GLY DD 4 -71.07 -100.24 59.38
CA GLY DD 4 -72.50 -100.35 59.57
C GLY DD 4 -72.98 -101.75 59.25
N THR DD 5 -73.93 -101.86 58.32
CA THR DD 5 -74.40 -103.16 57.82
C THR DD 5 -73.78 -103.51 56.47
N LYS DD 6 -72.87 -102.69 55.98
CA LYS DD 6 -72.29 -102.87 54.65
C LYS DD 6 -70.97 -103.62 54.75
N ASN DD 7 -70.81 -104.65 53.91
CA ASN DD 7 -69.56 -105.37 53.80
C ASN DD 7 -68.69 -104.71 52.75
N VAL DD 8 -67.53 -104.20 53.16
CA VAL DD 8 -66.64 -103.48 52.28
C VAL DD 8 -65.29 -104.19 52.23
N SER DD 9 -64.47 -103.79 51.26
CA SER DD 9 -63.10 -104.27 51.14
C SER DD 9 -62.19 -103.09 50.88
N ILE DD 10 -60.92 -103.24 51.27
CA ILE DD 10 -59.96 -102.17 51.03
C ILE DD 10 -59.76 -101.97 49.54
N TYR DD 11 -59.95 -100.75 49.08
CA TYR DD 11 -59.78 -100.40 47.67
C TYR DD 11 -58.61 -99.47 47.42
N ARG DD 12 -58.37 -98.51 48.31
CA ARG DD 12 -57.21 -97.64 48.18
C ARG DD 12 -56.69 -97.33 49.57
N ASN DD 13 -55.36 -97.37 49.73
CA ASN DD 13 -54.74 -97.19 51.04
C ASN DD 13 -53.63 -96.16 50.90
N THR DD 14 -53.84 -94.98 51.47
CA THR DD 14 -52.84 -93.93 51.51
C THR DD 14 -52.51 -93.59 52.96
N ALA DD 15 -51.64 -92.60 53.14
CA ALA DD 15 -51.18 -92.25 54.48
C ALA DD 15 -52.32 -91.77 55.36
N ASP DD 16 -53.20 -90.93 54.83
CA ASP DD 16 -54.24 -90.29 55.64
C ASP DD 16 -55.64 -90.54 55.09
N GLU DD 17 -55.81 -91.51 54.20
CA GLU DD 17 -57.11 -91.78 53.63
C GLU DD 17 -57.17 -93.23 53.16
N VAL DD 18 -58.23 -93.93 53.56
CA VAL DD 18 -58.48 -95.30 53.12
C VAL DD 18 -59.87 -95.32 52.47
N ILE DD 19 -59.92 -95.75 51.21
CA ILE DD 19 -61.18 -95.89 50.49
C ILE DD 19 -61.54 -97.38 50.49
N TYR DD 20 -62.74 -97.68 51.01
CA TYR DD 20 -63.31 -99.02 50.97
C TYR DD 20 -64.42 -99.05 49.92
N ALA DD 21 -64.56 -100.18 49.25
CA ALA DD 21 -65.52 -100.33 48.17
C ALA DD 21 -66.62 -101.30 48.58
N GLY DD 22 -67.85 -100.95 48.24
CA GLY DD 22 -68.99 -101.80 48.52
C GLY DD 22 -69.15 -102.88 47.46
N PRO DD 23 -70.13 -103.75 47.64
CA PRO DD 23 -70.32 -104.84 46.66
C PRO DD 23 -70.67 -104.36 45.27
N ALA DD 24 -71.23 -103.16 45.15
CA ALA DD 24 -71.66 -102.63 43.86
C ALA DD 24 -70.64 -101.71 43.22
N HIS DD 25 -69.41 -101.68 43.73
CA HIS DD 25 -68.36 -100.83 43.19
C HIS DD 25 -67.58 -101.57 42.11
N ASP DD 26 -67.31 -100.87 41.01
CA ASP DD 26 -66.54 -101.42 39.91
C ASP DD 26 -65.95 -100.26 39.12
N VAL DD 27 -65.47 -100.53 37.90
CA VAL DD 27 -64.84 -99.51 37.09
C VAL DD 27 -65.82 -98.42 36.66
N THR DD 28 -67.07 -98.76 36.36
CA THR DD 28 -68.04 -97.80 35.85
C THR DD 28 -69.03 -97.29 36.88
N ASN DD 29 -69.15 -97.93 38.03
CA ASN DD 29 -70.08 -97.51 39.08
C ASN DD 29 -69.32 -97.22 40.36
N VAL DD 30 -69.81 -96.24 41.12
CA VAL DD 30 -69.18 -95.80 42.35
C VAL DD 30 -70.04 -96.23 43.52
N ASP DD 31 -69.46 -97.01 44.43
CA ASP DD 31 -70.06 -97.35 45.72
C ASP DD 31 -68.91 -97.42 46.72
N THR DD 32 -68.61 -96.29 47.37
CA THR DD 32 -67.41 -96.20 48.18
C THR DD 32 -67.69 -95.50 49.51
N VAL DD 33 -66.93 -95.90 50.52
CA VAL DD 33 -66.86 -95.21 51.80
C VAL DD 33 -65.40 -94.89 52.07
N SER DD 34 -65.08 -93.60 52.19
CA SER DD 34 -63.72 -93.14 52.39
C SER DD 34 -63.56 -92.60 53.80
N LEU DD 35 -62.57 -93.10 54.53
CA LEU DD 35 -62.18 -92.55 55.82
C LEU DD 35 -60.95 -91.68 55.63
N ARG DD 36 -61.04 -90.43 56.07
CA ARG DD 36 -59.97 -89.46 55.93
C ARG DD 36 -59.69 -88.84 57.30
N ARG DD 37 -58.44 -88.44 57.50
CA ARG DD 37 -58.04 -87.86 58.77
C ARG DD 37 -57.03 -86.76 58.53
N SER DD 38 -57.06 -85.78 59.44
CA SER DD 38 -56.03 -84.75 59.54
C SER DD 38 -55.58 -84.72 61.00
N LEU DD 39 -54.35 -85.17 61.23
CA LEU DD 39 -53.82 -85.31 62.57
C LEU DD 39 -53.45 -83.94 63.15
N PRO DD 40 -53.51 -83.81 64.47
CA PRO DD 40 -53.19 -82.53 65.09
C PRO DD 40 -51.77 -82.07 64.78
N VAL DD 41 -51.61 -80.77 64.56
CA VAL DD 41 -50.32 -80.15 64.33
C VAL DD 41 -50.04 -79.24 65.50
N LYS DD 42 -48.97 -79.52 66.24
CA LYS DD 42 -48.60 -78.74 67.42
C LYS DD 42 -47.99 -77.41 66.94
N LYS DD 43 -48.87 -76.51 66.54
CA LYS DD 43 -48.45 -75.21 66.01
C LYS DD 43 -48.43 -74.19 67.14
N GLY DD 44 -47.24 -73.70 67.47
CA GLY DD 44 -47.12 -72.75 68.55
C GLY DD 44 -47.58 -73.35 69.87
N SER DD 45 -48.40 -72.62 70.61
CA SER DD 45 -48.96 -73.10 71.86
C SER DD 45 -50.22 -73.92 71.67
N ASP DD 46 -50.91 -73.77 70.55
CA ASP DD 46 -52.09 -74.58 70.27
C ASP DD 46 -51.68 -76.03 70.04
N ASN DD 47 -52.38 -76.95 70.69
CA ASN DD 47 -52.08 -78.37 70.55
C ASN DD 47 -52.64 -78.98 69.27
N GLY DD 48 -53.41 -78.22 68.49
CA GLY DD 48 -53.93 -78.72 67.24
C GLY DD 48 -55.35 -79.21 67.35
N THR DD 49 -55.83 -79.76 66.24
CA THR DD 49 -57.18 -80.29 66.13
C THR DD 49 -57.17 -81.57 65.33
N MET DD 50 -57.88 -82.58 65.80
CA MET DD 50 -58.08 -83.81 65.06
C MET DD 50 -59.29 -83.64 64.15
N ARG DD 51 -59.10 -83.85 62.85
CA ARG DD 51 -60.18 -83.79 61.89
C ARG DD 51 -60.46 -85.18 61.34
N GLY DD 52 -61.71 -85.61 61.42
CA GLY DD 52 -62.13 -86.89 60.87
C GLY DD 52 -63.18 -86.66 59.79
N ASN DD 53 -63.14 -87.48 58.76
CA ASN DD 53 -64.03 -87.35 57.62
C ASN DD 53 -64.50 -88.72 57.17
N MET DD 54 -65.81 -88.90 57.08
CA MET DD 54 -66.42 -90.09 56.51
C MET DD 54 -67.19 -89.67 55.27
N ASN DD 55 -66.81 -90.22 54.13
CA ASN DD 55 -67.39 -89.86 52.84
C ASN DD 55 -68.12 -91.07 52.26
N PHE DD 56 -69.38 -90.87 51.87
CA PHE DD 56 -70.18 -91.90 51.21
C PHE DD 56 -70.44 -91.44 49.79
N ALA DD 57 -70.07 -92.27 48.81
CA ALA DD 57 -70.27 -91.92 47.41
C ALA DD 57 -71.00 -93.05 46.72
N LYS DD 58 -72.09 -92.71 46.02
CA LYS DD 58 -72.84 -93.70 45.26
C LYS DD 58 -73.21 -93.12 43.90
N SER DD 59 -73.40 -94.01 42.93
CA SER DD 59 -73.84 -93.62 41.61
C SER DD 59 -75.34 -93.90 41.46
N PHE DD 60 -76.03 -93.00 40.78
CA PHE DD 60 -77.47 -93.06 40.63
C PHE DD 60 -77.86 -92.71 39.21
N PRO DD 61 -78.92 -93.32 38.67
CA PRO DD 61 -79.40 -92.93 37.34
C PRO DD 61 -79.93 -91.50 37.36
N ASN DD 62 -79.38 -90.67 36.46
CA ASN DD 62 -79.78 -89.28 36.31
C ASN DD 62 -80.19 -89.10 34.85
N GLY DD 63 -81.46 -89.33 34.56
CA GLY DD 63 -81.95 -89.28 33.20
C GLY DD 63 -81.22 -90.27 32.31
N ASP DD 64 -80.36 -89.75 31.43
CA ASP DD 64 -79.56 -90.61 30.58
C ASP DD 64 -78.24 -91.00 31.23
N LYS DD 65 -77.64 -90.08 31.99
CA LYS DD 65 -76.31 -90.28 32.53
C LYS DD 65 -76.39 -90.86 33.94
N LYS DD 66 -75.25 -90.90 34.64
CA LYS DD 66 -75.18 -91.41 36.01
C LYS DD 66 -74.51 -90.35 36.87
N SER DD 67 -75.21 -89.89 37.90
CA SER DD 67 -74.74 -88.83 38.77
C SER DD 67 -74.24 -89.39 40.09
N LEU DD 68 -73.33 -88.66 40.72
CA LEU DD 68 -72.71 -89.08 41.97
C LEU DD 68 -73.35 -88.35 43.14
N VAL DD 69 -73.93 -89.10 44.06
CA VAL DD 69 -74.47 -88.58 45.30
C VAL DD 69 -73.44 -88.82 46.40
N VAL DD 70 -73.10 -87.77 47.13
CA VAL DD 70 -72.06 -87.82 48.15
C VAL DD 70 -72.62 -87.29 49.45
N VAL DD 71 -72.42 -88.04 50.53
CA VAL DD 71 -72.76 -87.62 51.88
C VAL DD 71 -71.47 -87.53 52.68
N ASN DD 72 -71.19 -86.35 53.23
CA ASN DD 72 -69.99 -86.12 54.01
C ASN DD 72 -70.35 -86.01 55.49
N LEU DD 73 -69.44 -86.46 56.34
CA LEU DD 73 -69.61 -86.33 57.78
C LEU DD 73 -68.25 -86.03 58.38
N THR DD 74 -68.05 -84.79 58.81
CA THR DD 74 -66.76 -84.31 59.30
C THR DD 74 -66.88 -83.89 60.75
N ALA DD 75 -65.89 -84.30 61.55
CA ALA DD 75 -65.81 -83.95 62.96
C ALA DD 75 -64.49 -83.24 63.24
N HIS DD 76 -64.56 -82.17 64.02
CA HIS DD 76 -63.38 -81.40 64.43
C HIS DD 76 -63.31 -81.46 65.95
N VAL DD 77 -62.28 -82.11 66.48
CA VAL DD 77 -62.12 -82.24 67.93
C VAL DD 77 -60.81 -81.58 68.34
N PRO DD 78 -60.84 -80.48 69.08
CA PRO DD 78 -59.59 -79.87 69.54
C PRO DD 78 -58.87 -80.76 70.53
N VAL DD 79 -57.54 -80.69 70.51
CA VAL DD 79 -56.72 -81.51 71.41
C VAL DD 79 -56.85 -81.00 72.83
N GLY DD 80 -57.02 -81.92 73.78
CA GLY DD 80 -57.19 -81.60 75.18
C GLY DD 80 -58.62 -81.76 75.66
N VAL DD 81 -59.59 -81.67 74.75
CA VAL DD 81 -60.98 -81.93 75.10
C VAL DD 81 -61.14 -83.39 75.47
N ASP DD 82 -61.85 -83.66 76.56
CA ASP DD 82 -62.07 -85.03 77.01
C ASP DD 82 -62.79 -85.82 75.94
N ALA DD 83 -62.25 -86.99 75.60
CA ALA DD 83 -62.79 -87.78 74.49
C ALA DD 83 -64.11 -88.43 74.85
N THR DD 84 -64.26 -88.88 76.09
CA THR DD 84 -65.49 -89.57 76.49
C THR DD 84 -66.69 -88.63 76.43
N ALA DD 85 -66.51 -87.38 76.85
CA ALA DD 85 -67.59 -86.40 76.76
C ALA DD 85 -68.01 -86.17 75.32
N VAL DD 86 -67.04 -86.04 74.41
CA VAL DD 86 -67.35 -85.86 73.00
C VAL DD 86 -68.09 -87.07 72.46
N ARG DD 87 -67.65 -88.27 72.83
CA ARG DD 87 -68.28 -89.49 72.32
C ARG DD 87 -69.71 -89.62 72.81
N THR DD 88 -69.97 -89.33 74.09
CA THR DD 88 -71.34 -89.41 74.57
C THR DD 88 -72.20 -88.29 74.00
N TRP DD 89 -71.61 -87.12 73.72
CA TRP DD 89 -72.34 -86.05 73.06
C TRP DD 89 -72.77 -86.46 71.65
N MET DD 90 -71.86 -87.08 70.89
CA MET DD 90 -72.20 -87.56 69.56
C MET DD 90 -73.25 -88.67 69.63
N THR DD 91 -73.08 -89.60 70.57
CA THR DD 91 -74.00 -90.73 70.66
C THR DD 91 -75.41 -90.28 71.06
N SER DD 92 -75.51 -89.30 71.96
CA SER DD 92 -76.80 -88.90 72.50
C SER DD 92 -77.42 -87.70 71.78
N GLU DD 93 -76.62 -86.76 71.31
CA GLU DD 93 -77.13 -85.50 70.78
C GLU DD 93 -76.94 -85.35 69.26
N VAL DD 94 -75.84 -85.86 68.71
CA VAL DD 94 -75.55 -85.61 67.31
C VAL DD 94 -76.14 -86.69 66.42
N PHE DD 95 -75.90 -87.95 66.76
CA PHE DD 95 -76.32 -89.09 65.95
C PHE DD 95 -77.83 -89.19 65.79
N PRO DD 96 -78.63 -89.11 66.87
CA PRO DD 96 -80.09 -89.19 66.67
C PRO DD 96 -80.65 -88.08 65.80
N GLY DD 97 -80.09 -86.88 65.87
CA GLY DD 97 -80.57 -85.79 65.03
C GLY DD 97 -80.05 -85.83 63.61
N ALA DD 98 -78.88 -86.45 63.41
CA ALA DD 98 -78.28 -86.50 62.08
C ALA DD 98 -78.85 -87.62 61.22
N THR DD 99 -79.66 -88.51 61.79
CA THR DD 99 -80.24 -89.63 61.05
C THR DD 99 -81.75 -89.59 61.03
N SER DD 100 -82.35 -88.44 61.31
CA SER DD 100 -83.79 -88.30 61.37
C SER DD 100 -84.33 -87.90 59.98
N SER DD 101 -85.63 -87.64 59.90
CA SER DD 101 -86.22 -87.17 58.65
C SER DD 101 -85.77 -85.77 58.29
N VAL DD 102 -85.24 -85.02 59.25
CA VAL DD 102 -84.72 -83.68 58.97
C VAL DD 102 -83.57 -83.75 57.98
N THR DD 103 -82.67 -84.73 58.16
CA THR DD 103 -81.57 -84.91 57.22
C THR DD 103 -82.09 -85.23 55.83
N LEU DD 104 -83.10 -86.10 55.73
CA LEU DD 104 -83.64 -86.48 54.43
C LEU DD 104 -84.27 -85.28 53.73
N ASP DD 105 -85.06 -84.50 54.47
CA ASP DD 105 -85.69 -83.31 53.88
C ASP DD 105 -84.65 -82.29 53.45
N LEU DD 106 -83.62 -82.08 54.28
CA LEU DD 106 -82.57 -81.13 53.92
C LEU DD 106 -81.78 -81.59 52.70
N ALA DD 107 -81.52 -82.90 52.59
CA ALA DD 107 -80.74 -83.40 51.47
C ALA DD 107 -81.53 -83.39 50.17
N THR DD 108 -82.80 -83.77 50.22
CA THR DD 108 -83.57 -83.91 48.99
C THR DD 108 -84.34 -82.64 48.60
N LYS DD 109 -84.81 -81.87 49.58
CA LYS DD 109 -85.62 -80.69 49.28
C LYS DD 109 -85.07 -79.40 49.85
N GLY DD 110 -83.96 -79.44 50.60
CA GLY DD 110 -83.40 -78.24 51.17
C GLY DD 110 -84.24 -77.58 52.25
N VAL DD 111 -84.95 -78.38 53.04
CA VAL DD 111 -85.81 -77.84 54.10
C VAL DD 111 -84.96 -77.47 55.30
N ILE DD 112 -85.02 -76.20 55.70
CA ILE DD 112 -84.26 -75.70 56.85
C ILE DD 112 -85.16 -75.24 57.98
N HIS DD 113 -86.48 -75.37 57.85
CA HIS DD 113 -87.44 -75.00 58.89
C HIS DD 113 -88.15 -76.28 59.33
N LEU DD 114 -87.83 -76.77 60.53
CA LEU DD 114 -88.38 -78.03 61.01
C LEU DD 114 -89.57 -77.77 61.93
N SER DD 115 -90.59 -77.12 61.37
CA SER DD 115 -91.81 -76.84 62.11
C SER DD 115 -92.65 -78.10 62.25
N ASP DD 116 -93.31 -78.23 63.40
CA ASP DD 116 -93.22 -77.34 64.55
C ASP DD 116 -93.08 -78.13 65.84
N ALA DD 117 -93.52 -79.39 65.80
CA ALA DD 117 -93.48 -80.25 66.98
C ALA DD 117 -92.07 -80.76 67.23
N LEU ED 1 33.54 21.88 -131.37
CA LEU ED 1 33.14 20.80 -130.47
C LEU ED 1 32.07 19.93 -131.09
N SER ED 2 32.35 18.65 -131.22
CA SER ED 2 31.41 17.70 -131.81
C SER ED 2 31.46 16.38 -131.05
N ILE ED 3 30.32 15.70 -131.01
CA ILE ED 3 30.21 14.37 -130.43
C ILE ED 3 29.60 13.51 -131.53
N GLY ED 4 30.44 12.85 -132.31
CA GLY ED 4 29.97 12.19 -133.52
C GLY ED 4 29.68 13.20 -134.61
N THR ED 5 28.43 13.30 -135.05
CA THR ED 5 28.04 14.25 -136.08
C THR ED 5 27.24 15.42 -135.52
N LYS ED 6 27.17 15.58 -134.19
CA LYS ED 6 26.40 16.62 -133.55
C LYS ED 6 27.32 17.69 -132.97
N ASN ED 7 27.02 18.95 -133.27
CA ASN ED 7 27.77 20.06 -132.71
C ASN ED 7 27.22 20.42 -131.33
N VAL ED 8 28.11 20.58 -130.36
CA VAL ED 8 27.74 20.86 -128.99
C VAL ED 8 28.59 22.02 -128.48
N SER ED 9 28.15 22.57 -127.34
CA SER ED 9 28.88 23.61 -126.65
C SER ED 9 28.93 23.25 -125.17
N ILE ED 10 30.00 23.67 -124.50
CA ILE ED 10 30.10 23.44 -123.06
C ILE ED 10 28.95 24.16 -122.38
N TYR ED 11 28.14 23.40 -121.63
CA TYR ED 11 27.01 23.96 -120.90
C TYR ED 11 27.23 23.99 -119.40
N ARG ED 12 27.77 22.92 -118.83
CA ARG ED 12 28.03 22.86 -117.40
C ARG ED 12 29.37 22.19 -117.17
N ASN ED 13 30.17 22.75 -116.26
CA ASN ED 13 31.49 22.23 -115.96
C ASN ED 13 31.60 21.94 -114.47
N THR ED 14 31.96 20.70 -114.14
CA THR ED 14 32.28 20.33 -112.76
C THR ED 14 33.61 19.60 -112.73
N ALA ED 15 34.04 19.18 -111.55
CA ALA ED 15 35.36 18.55 -111.42
C ALA ED 15 35.43 17.25 -112.21
N ASP ED 16 34.40 16.41 -112.13
CA ASP ED 16 34.42 15.10 -112.77
C ASP ED 16 33.28 14.91 -113.76
N GLU ED 17 32.59 15.97 -114.17
CA GLU ED 17 31.50 15.84 -115.12
C GLU ED 17 31.37 17.11 -115.94
N VAL ED 18 31.22 16.95 -117.25
CA VAL ED 18 30.97 18.07 -118.14
C VAL ED 18 29.71 17.77 -118.94
N ILE ED 19 28.76 18.69 -118.93
CA ILE ED 19 27.53 18.59 -119.72
C ILE ED 19 27.65 19.53 -120.91
N TYR ED 20 27.43 18.98 -122.11
CA TYR ED 20 27.38 19.74 -123.34
C TYR ED 20 25.94 19.79 -123.85
N ALA ED 21 25.58 20.92 -124.44
CA ALA ED 21 24.22 21.15 -124.91
C ALA ED 21 24.20 21.09 -126.44
N GLY ED 22 23.17 20.43 -126.98
CA GLY ED 22 22.98 20.36 -128.41
C GLY ED 22 22.29 21.59 -128.94
N PRO ED 23 22.08 21.64 -130.26
CA PRO ED 23 21.47 22.83 -130.86
C PRO ED 23 20.03 23.06 -130.44
N ALA ED 24 19.33 22.05 -129.93
CA ALA ED 24 17.92 22.16 -129.59
C ALA ED 24 17.69 22.35 -128.10
N HIS ED 25 18.74 22.57 -127.31
CA HIS ED 25 18.60 22.71 -125.87
C HIS ED 25 18.25 24.15 -125.50
N ASP ED 26 17.17 24.32 -124.76
CA ASP ED 26 16.78 25.61 -124.21
C ASP ED 26 16.02 25.37 -122.92
N VAL ED 27 15.30 26.39 -122.45
CA VAL ED 27 14.59 26.34 -121.18
C VAL ED 27 13.48 25.29 -121.25
N THR ED 28 12.95 25.04 -122.44
CA THR ED 28 11.83 24.13 -122.61
C THR ED 28 12.20 22.74 -123.12
N ASN ED 29 13.24 22.63 -123.94
CA ASN ED 29 13.60 21.36 -124.56
C ASN ED 29 14.97 20.93 -124.08
N VAL ED 30 15.11 19.64 -123.77
CA VAL ED 30 16.37 19.07 -123.31
C VAL ED 30 17.05 18.37 -124.48
N ASP ED 31 18.31 18.73 -124.71
CA ASP ED 31 19.16 18.04 -125.70
C ASP ED 31 20.59 18.13 -125.17
N THR ED 32 21.00 17.11 -124.42
CA THR ED 32 22.29 17.19 -123.72
C THR ED 32 23.05 15.88 -123.83
N VAL ED 33 24.38 16.02 -123.79
CA VAL ED 33 25.29 14.88 -123.67
C VAL ED 33 26.24 15.17 -122.53
N SER ED 34 26.31 14.29 -121.55
CA SER ED 34 27.13 14.46 -120.36
C SER ED 34 28.25 13.43 -120.35
N LEU ED 35 29.46 13.88 -120.01
CA LEU ED 35 30.61 13.01 -119.85
C LEU ED 35 31.02 13.05 -118.40
N ARG ED 36 31.02 11.88 -117.75
CA ARG ED 36 31.33 11.77 -116.34
C ARG ED 36 32.42 10.72 -116.13
N ARG ED 37 33.30 10.96 -115.17
CA ARG ED 37 34.37 10.03 -114.86
C ARG ED 37 34.40 9.75 -113.37
N SER ED 38 34.73 8.52 -113.03
CA SER ED 38 35.01 8.07 -111.67
C SER ED 38 36.42 7.52 -111.71
N LEU ED 39 37.37 8.31 -111.24
CA LEU ED 39 38.78 7.93 -111.29
C LEU ED 39 39.06 6.84 -110.26
N PRO ED 40 40.00 5.94 -110.55
CA PRO ED 40 40.28 4.84 -109.62
C PRO ED 40 40.82 5.35 -108.30
N VAL ED 41 40.38 4.71 -107.22
CA VAL ED 41 40.94 4.92 -105.89
C VAL ED 41 41.67 3.63 -105.52
N LYS ED 42 42.99 3.73 -105.39
CA LYS ED 42 43.84 2.55 -105.20
C LYS ED 42 43.97 2.28 -103.70
N LYS ED 43 42.84 1.97 -103.09
CA LYS ED 43 42.78 1.63 -101.68
C LYS ED 43 43.38 0.25 -101.43
N GLY ED 44 43.98 0.10 -100.25
CA GLY ED 44 44.62 -1.15 -99.87
C GLY ED 44 45.62 -1.64 -100.90
N SER ED 45 45.34 -2.82 -101.47
CA SER ED 45 46.14 -3.37 -102.54
C SER ED 45 45.47 -3.30 -103.91
N ASP ED 46 44.14 -3.31 -103.96
CA ASP ED 46 43.44 -3.20 -105.23
C ASP ED 46 43.66 -1.82 -105.83
N ASN ED 47 43.97 -1.78 -107.12
CA ASN ED 47 44.28 -0.53 -107.80
C ASN ED 47 43.04 0.22 -108.26
N GLY ED 48 41.84 -0.30 -107.97
CA GLY ED 48 40.62 0.41 -108.29
C GLY ED 48 40.17 0.22 -109.72
N THR ED 49 39.10 0.91 -110.06
CA THR ED 49 38.46 0.81 -111.37
C THR ED 49 38.20 2.20 -111.91
N MET ED 50 38.44 2.38 -113.20
CA MET ED 50 38.08 3.61 -113.90
C MET ED 50 36.69 3.45 -114.50
N ARG ED 51 35.79 4.36 -114.17
CA ARG ED 51 34.40 4.28 -114.62
C ARG ED 51 34.10 5.48 -115.53
N GLY ED 52 33.82 5.21 -116.79
CA GLY ED 52 33.51 6.29 -117.72
C GLY ED 52 32.07 6.23 -118.21
N ASN ED 53 31.30 7.29 -117.97
CA ASN ED 53 29.88 7.30 -118.30
C ASN ED 53 29.59 8.39 -119.32
N MET ED 54 28.84 8.03 -120.35
CA MET ED 54 28.33 8.99 -121.34
C MET ED 54 26.81 8.94 -121.31
N ASN ED 55 26.20 10.11 -121.14
CA ASN ED 55 24.76 10.26 -120.94
C ASN ED 55 24.16 11.05 -122.10
N PHE ED 56 23.09 10.54 -122.68
CA PHE ED 56 22.34 11.25 -123.72
C PHE ED 56 20.94 11.51 -123.21
N ALA ED 57 20.53 12.77 -123.18
CA ALA ED 57 19.23 13.14 -122.65
C ALA ED 57 18.48 13.95 -123.70
N LYS ED 58 17.23 13.57 -123.95
CA LYS ED 58 16.41 14.26 -124.94
C LYS ED 58 14.96 14.30 -124.48
N SER ED 59 14.33 15.45 -124.58
CA SER ED 59 12.91 15.57 -124.28
C SER ED 59 12.08 15.17 -125.48
N PHE ED 60 10.94 14.52 -125.21
CA PHE ED 60 10.05 14.02 -126.24
C PHE ED 60 8.61 14.36 -125.85
N PRO ED 61 7.74 14.56 -126.83
CA PRO ED 61 6.32 14.76 -126.52
C PRO ED 61 5.70 13.47 -125.97
N ASN ED 62 5.01 13.60 -124.84
CA ASN ED 62 4.34 12.46 -124.18
C ASN ED 62 2.95 12.97 -123.82
N GLY ED 63 1.98 12.68 -124.68
CA GLY ED 63 0.66 13.24 -124.50
C GLY ED 63 0.73 14.75 -124.53
N ASP ED 64 0.22 15.39 -123.49
CA ASP ED 64 0.30 16.83 -123.36
C ASP ED 64 1.58 17.31 -122.69
N LYS ED 65 2.32 16.41 -122.06
CA LYS ED 65 3.51 16.78 -121.31
C LYS ED 65 4.77 16.43 -122.12
N LYS ED 66 5.93 16.58 -121.48
CA LYS ED 66 7.20 16.19 -122.06
C LYS ED 66 7.87 15.16 -121.17
N SER ED 67 8.52 14.18 -121.78
CA SER ED 67 9.18 13.09 -121.07
C SER ED 67 10.64 13.03 -121.48
N LEU ED 68 11.50 12.73 -120.52
CA LEU ED 68 12.94 12.67 -120.76
C LEU ED 68 13.34 11.24 -121.09
N VAL ED 69 13.95 11.06 -122.27
CA VAL ED 69 14.53 9.79 -122.66
C VAL ED 69 16.04 9.88 -122.47
N VAL ED 70 16.60 8.93 -121.73
CA VAL ED 70 18.01 8.93 -121.34
C VAL ED 70 18.64 7.63 -121.81
N VAL ED 71 19.80 7.74 -122.44
CA VAL ED 71 20.60 6.59 -122.85
C VAL ED 71 21.96 6.71 -122.17
N ASN ED 72 22.35 5.67 -121.45
CA ASN ED 72 23.59 5.64 -120.69
C ASN ED 72 24.54 4.63 -121.30
N LEU ED 73 25.82 5.01 -121.42
CA LEU ED 73 26.87 4.10 -121.88
C LEU ED 73 28.03 4.19 -120.91
N THR ED 74 28.22 3.15 -120.10
CA THR ED 74 29.21 3.14 -119.04
C THR ED 74 30.23 2.04 -119.26
N ALA ED 75 31.51 2.37 -119.14
CA ALA ED 75 32.59 1.42 -119.22
C ALA ED 75 33.27 1.32 -117.86
N HIS ED 76 33.52 0.09 -117.42
CA HIS ED 76 34.18 -0.19 -116.14
C HIS ED 76 35.48 -0.92 -116.46
N VAL ED 77 36.61 -0.22 -116.38
CA VAL ED 77 37.90 -0.78 -116.74
C VAL ED 77 38.73 -0.92 -115.48
N PRO ED 78 39.04 -2.13 -115.02
CA PRO ED 78 39.94 -2.28 -113.86
C PRO ED 78 41.34 -1.81 -114.21
N VAL ED 79 42.04 -1.29 -113.19
CA VAL ED 79 43.37 -0.73 -113.40
C VAL ED 79 44.38 -1.85 -113.59
N GLY ED 80 45.22 -1.72 -114.62
CA GLY ED 80 46.21 -2.73 -114.97
C GLY ED 80 45.93 -3.40 -116.30
N VAL ED 81 44.67 -3.44 -116.70
CA VAL ED 81 44.30 -3.98 -118.01
C VAL ED 81 44.85 -3.09 -119.11
N ASP ED 82 45.41 -3.71 -120.15
CA ASP ED 82 45.96 -2.97 -121.27
C ASP ED 82 44.88 -2.13 -121.93
N ALA ED 83 45.16 -0.83 -122.09
CA ALA ED 83 44.19 0.08 -122.69
C ALA ED 83 43.96 -0.23 -124.17
N THR ED 84 45.01 -0.60 -124.89
CA THR ED 84 44.88 -0.87 -126.32
C THR ED 84 43.99 -2.09 -126.57
N ALA ED 85 44.16 -3.16 -125.79
CA ALA ED 85 43.32 -4.33 -125.95
C ALA ED 85 41.86 -4.02 -125.65
N VAL ED 86 41.61 -3.22 -124.61
CA VAL ED 86 40.24 -2.83 -124.28
C VAL ED 86 39.64 -1.99 -125.40
N ARG ED 87 40.41 -1.06 -125.96
CA ARG ED 87 39.91 -0.24 -127.05
C ARG ED 87 39.60 -1.08 -128.29
N THR ED 88 40.46 -2.05 -128.60
CA THR ED 88 40.20 -2.93 -129.74
C THR ED 88 38.93 -3.75 -129.50
N TRP ED 89 38.75 -4.25 -128.28
CA TRP ED 89 37.54 -5.01 -127.96
C TRP ED 89 36.30 -4.15 -128.08
N MET ED 90 36.35 -2.91 -127.57
CA MET ED 90 35.20 -2.03 -127.67
C MET ED 90 34.88 -1.66 -129.12
N THR ED 91 35.91 -1.41 -129.93
CA THR ED 91 35.68 -1.03 -131.31
C THR ED 91 35.14 -2.18 -132.14
N SER ED 92 35.72 -3.37 -132.00
CA SER ED 92 35.36 -4.48 -132.87
C SER ED 92 34.21 -5.33 -132.35
N GLU ED 93 33.95 -5.32 -131.04
CA GLU ED 93 33.01 -6.25 -130.46
C GLU ED 93 31.83 -5.56 -129.79
N VAL ED 94 32.06 -4.46 -129.07
CA VAL ED 94 30.99 -3.82 -128.33
C VAL ED 94 30.25 -2.80 -129.19
N PHE ED 95 31.01 -1.99 -129.94
CA PHE ED 95 30.40 -0.91 -130.71
C PHE ED 95 29.42 -1.42 -131.77
N PRO ED 96 29.75 -2.42 -132.60
CA PRO ED 96 28.75 -2.90 -133.56
C PRO ED 96 27.51 -3.49 -132.91
N GLY ED 97 27.64 -4.13 -131.74
CA GLY ED 97 26.49 -4.70 -131.08
C GLY ED 97 25.62 -3.69 -130.38
N ALA ED 98 26.22 -2.60 -129.89
CA ALA ED 98 25.48 -1.57 -129.18
C ALA ED 98 24.80 -0.57 -130.11
N THR ED 99 25.01 -0.69 -131.42
CA THR ED 99 24.38 0.19 -132.40
C THR ED 99 23.53 -0.59 -133.40
N SER ED 100 23.20 -1.84 -133.07
CA SER ED 100 22.42 -2.68 -133.97
C SER ED 100 20.93 -2.52 -133.66
N SER ED 101 20.10 -3.23 -134.42
CA SER ED 101 18.66 -3.24 -134.16
C SER ED 101 18.33 -3.90 -132.82
N VAL ED 102 19.25 -4.69 -132.27
CA VAL ED 102 19.02 -5.30 -130.96
C VAL ED 102 18.86 -4.24 -129.89
N THR ED 103 19.74 -3.23 -129.90
CA THR ED 103 19.64 -2.14 -128.94
C THR ED 103 18.34 -1.38 -129.10
N LEU ED 104 17.95 -1.08 -130.33
CA LEU ED 104 16.71 -0.36 -130.59
C LEU ED 104 15.49 -1.14 -130.08
N ASP ED 105 15.44 -2.44 -130.36
CA ASP ED 105 14.33 -3.26 -129.90
C ASP ED 105 14.31 -3.37 -128.39
N LEU ED 106 15.48 -3.52 -127.76
CA LEU ED 106 15.52 -3.58 -126.30
C LEU ED 106 15.04 -2.29 -125.67
N ALA ED 107 15.43 -1.15 -126.25
CA ALA ED 107 15.07 0.14 -125.66
C ALA ED 107 13.60 0.46 -125.86
N THR ED 108 13.07 0.25 -127.07
CA THR ED 108 11.73 0.73 -127.39
C THR ED 108 10.65 -0.35 -127.28
N LYS ED 109 11.02 -1.62 -127.13
CA LYS ED 109 10.05 -2.70 -127.03
C LYS ED 109 10.36 -3.67 -125.90
N GLY ED 110 11.51 -3.55 -125.25
CA GLY ED 110 11.90 -4.50 -124.23
C GLY ED 110 12.16 -5.90 -124.74
N VAL ED 111 12.74 -6.03 -125.93
CA VAL ED 111 12.99 -7.34 -126.52
C VAL ED 111 14.34 -7.86 -126.04
N ILE ED 112 14.33 -9.00 -125.37
CA ILE ED 112 15.54 -9.64 -124.86
C ILE ED 112 15.86 -10.95 -125.57
N HIS ED 113 15.03 -11.37 -126.52
CA HIS ED 113 15.27 -12.58 -127.31
C HIS ED 113 15.55 -12.15 -128.76
N LEU ED 114 16.81 -12.32 -129.21
CA LEU ED 114 17.17 -11.93 -130.57
C LEU ED 114 17.10 -13.15 -131.49
N SER ED 115 15.91 -13.74 -131.55
CA SER ED 115 15.67 -14.84 -132.47
C SER ED 115 15.55 -14.31 -133.90
N ASP ED 116 15.98 -15.13 -134.86
CA ASP ED 116 16.62 -16.43 -134.70
C ASP ED 116 17.80 -16.57 -135.66
N ALA ED 117 17.86 -15.66 -136.63
CA ALA ED 117 18.90 -15.71 -137.67
C ALA ED 117 20.29 -15.51 -137.08
N LEU FD 1 22.04 -16.87 -134.74
CA LEU FD 1 21.94 -16.05 -133.54
C LEU FD 1 23.19 -15.18 -133.40
N SER FD 2 23.04 -13.88 -133.66
CA SER FD 2 24.17 -12.97 -133.63
C SER FD 2 23.75 -11.65 -132.99
N ILE FD 3 24.71 -11.01 -132.32
CA ILE FD 3 24.55 -9.67 -131.80
C ILE FD 3 25.66 -8.82 -132.42
N GLY FD 4 25.29 -7.87 -133.27
CA GLY FD 4 26.28 -7.13 -134.02
C GLY FD 4 27.03 -8.05 -134.98
N THR FD 5 28.36 -8.05 -134.87
CA THR FD 5 29.19 -8.94 -135.65
C THR FD 5 29.55 -10.22 -134.91
N LYS FD 6 29.11 -10.37 -133.66
CA LYS FD 6 29.45 -11.52 -132.83
C LYS FD 6 28.30 -12.53 -132.86
N ASN FD 7 28.61 -13.76 -133.26
CA ASN FD 7 27.66 -14.85 -133.10
C ASN FD 7 27.65 -15.33 -131.65
N VAL FD 8 26.46 -15.49 -131.09
CA VAL FD 8 26.29 -15.88 -129.70
C VAL FD 8 25.31 -17.03 -129.62
N SER FD 9 25.23 -17.64 -128.44
CA SER FD 9 24.28 -18.69 -128.15
C SER FD 9 23.64 -18.40 -126.79
N ILE FD 10 22.43 -18.92 -126.60
CA ILE FD 10 21.74 -18.73 -125.34
C ILE FD 10 22.50 -19.46 -124.24
N TYR FD 11 22.88 -18.73 -123.19
CA TYR FD 11 23.60 -19.29 -122.07
C TYR FD 11 22.75 -19.40 -120.82
N ARG FD 12 22.00 -18.35 -120.49
CA ARG FD 12 21.06 -18.39 -119.38
C ARG FD 12 19.82 -17.60 -119.76
N ASN FD 13 18.68 -18.02 -119.22
CA ASN FD 13 17.38 -17.49 -119.63
C ASN FD 13 16.49 -17.36 -118.40
N THR FD 14 16.28 -16.12 -117.95
CA THR FD 14 15.31 -15.81 -116.91
C THR FD 14 14.16 -15.01 -117.52
N ALA FD 15 13.23 -14.57 -116.66
CA ALA FD 15 12.04 -13.88 -117.15
C ALA FD 15 12.39 -12.55 -117.80
N ASP FD 16 13.27 -11.76 -117.16
CA ASP FD 16 13.58 -10.42 -117.65
C ASP FD 16 15.04 -10.27 -118.07
N GLU FD 17 15.84 -11.33 -118.02
CA GLU FD 17 17.22 -11.26 -118.44
C GLU FD 17 17.58 -12.51 -119.23
N VAL FD 18 18.26 -12.30 -120.36
CA VAL FD 18 18.83 -13.40 -121.14
C VAL FD 18 20.31 -13.13 -121.32
N ILE FD 19 21.14 -14.07 -120.88
CA ILE FD 19 22.59 -13.98 -121.02
C ILE FD 19 23.00 -14.86 -122.18
N TYR FD 20 23.67 -14.27 -123.18
CA TYR FD 20 24.22 -14.98 -124.31
C TYR FD 20 25.73 -15.05 -124.18
N ALA FD 21 26.31 -16.15 -124.67
CA ALA FD 21 27.73 -16.42 -124.54
C ALA FD 21 28.37 -16.36 -125.92
N GLY FD 22 29.53 -15.71 -126.00
CA GLY FD 22 30.30 -15.69 -127.22
C GLY FD 22 31.02 -17.01 -127.43
N PRO FD 23 31.65 -17.17 -128.60
CA PRO FD 23 32.32 -18.44 -128.88
C PRO FD 23 33.43 -18.77 -127.91
N ALA FD 24 34.11 -17.77 -127.36
CA ALA FD 24 35.22 -17.99 -126.44
C ALA FD 24 34.77 -18.24 -125.01
N HIS FD 25 33.53 -17.95 -124.67
CA HIS FD 25 33.08 -18.06 -123.29
C HIS FD 25 33.22 -19.50 -122.79
N ASP FD 26 33.74 -19.62 -121.57
CA ASP FD 26 33.94 -20.92 -120.95
C ASP FD 26 33.91 -20.74 -119.44
N VAL FD 27 34.35 -21.79 -118.72
CA VAL FD 27 34.32 -21.76 -117.26
C VAL FD 27 35.31 -20.80 -116.65
N THR FD 28 36.36 -20.41 -117.39
CA THR FD 28 37.35 -19.47 -116.89
C THR FD 28 37.48 -18.20 -117.70
N ASN FD 29 36.99 -18.18 -118.95
CA ASN FD 29 36.99 -16.99 -119.78
C ASN FD 29 35.56 -16.48 -119.90
N VAL FD 30 35.35 -15.22 -119.50
CA VAL FD 30 34.03 -14.61 -119.58
C VAL FD 30 33.93 -13.84 -120.88
N ASP FD 31 32.93 -14.17 -121.69
CA ASP FD 31 32.59 -13.42 -122.90
C ASP FD 31 31.07 -13.48 -123.01
N THR FD 32 30.39 -12.49 -122.44
CA THR FD 32 28.95 -12.53 -122.32
C THR FD 32 28.31 -11.22 -122.75
N VAL FD 33 27.12 -11.35 -123.34
CA VAL FD 33 26.24 -10.22 -123.64
C VAL FD 33 24.91 -10.50 -122.97
N SER FD 34 24.55 -9.67 -122.00
CA SER FD 34 23.29 -9.80 -121.28
C SER FD 34 22.30 -8.77 -121.80
N LEU FD 35 21.06 -9.20 -122.03
CA LEU FD 35 19.95 -8.30 -122.29
C LEU FD 35 19.00 -8.39 -121.11
N ARG FD 36 18.88 -7.29 -120.37
CA ARG FD 36 18.03 -7.20 -119.20
C ARG FD 36 16.99 -6.11 -119.42
N ARG FD 37 15.80 -6.32 -118.88
CA ARG FD 37 14.75 -5.32 -118.98
C ARG FD 37 14.07 -5.16 -117.64
N SER FD 38 13.61 -3.93 -117.39
CA SER FD 38 12.73 -3.60 -116.29
C SER FD 38 11.46 -3.03 -116.90
N LEU FD 39 10.37 -3.77 -116.77
CA LEU FD 39 9.10 -3.41 -117.39
C LEU FD 39 8.48 -2.22 -116.67
N PRO FD 40 7.73 -1.38 -117.39
CA PRO FD 40 7.10 -0.22 -116.76
C PRO FD 40 6.11 -0.63 -115.69
N VAL FD 41 6.29 -0.07 -114.49
CA VAL FD 41 5.36 -0.29 -113.40
C VAL FD 41 4.48 0.96 -113.30
N LYS FD 42 3.20 0.79 -113.59
CA LYS FD 42 2.26 1.92 -113.63
C LYS FD 42 1.85 2.25 -112.21
N LYS FD 43 2.47 3.28 -111.65
CA LYS FD 43 2.24 3.70 -110.27
C LYS FD 43 1.72 5.13 -110.25
N GLY FD 44 0.69 5.37 -109.45
CA GLY FD 44 0.09 6.69 -109.41
C GLY FD 44 -0.46 7.07 -110.77
N SER FD 45 -0.33 8.36 -111.11
CA SER FD 45 -0.68 8.83 -112.45
C SER FD 45 0.43 8.59 -113.46
N ASP FD 46 1.63 8.25 -113.01
CA ASP FD 46 2.73 7.97 -113.91
C ASP FD 46 2.63 6.56 -114.46
N ASN FD 47 2.77 6.43 -115.77
CA ASN FD 47 2.65 5.13 -116.42
C ASN FD 47 3.92 4.29 -116.33
N GLY FD 48 5.00 4.82 -115.77
CA GLY FD 48 6.22 4.07 -115.60
C GLY FD 48 7.20 4.29 -116.73
N THR FD 49 8.29 3.52 -116.65
CA THR FD 49 9.40 3.66 -117.60
C THR FD 49 9.94 2.29 -117.95
N MET FD 50 10.13 2.04 -119.24
CA MET FD 50 10.84 0.86 -119.70
C MET FD 50 12.34 1.10 -119.56
N ARG FD 51 13.02 0.20 -118.86
CA ARG FD 51 14.47 0.24 -118.74
C ARG FD 51 15.07 -0.93 -119.51
N GLY FD 52 15.99 -0.62 -120.43
CA GLY FD 52 16.66 -1.67 -121.17
C GLY FD 52 18.16 -1.61 -121.00
N ASN FD 53 18.76 -2.70 -120.53
CA ASN FD 53 20.19 -2.74 -120.25
C ASN FD 53 20.85 -3.79 -121.13
N MET FD 54 21.94 -3.39 -121.78
CA MET FD 54 22.78 -4.26 -122.59
C MET FD 54 24.16 -4.31 -121.94
N ASN FD 55 24.55 -5.48 -121.45
CA ASN FD 55 25.78 -5.65 -120.70
C ASN FD 55 26.77 -6.47 -121.52
N PHE FD 56 27.97 -5.93 -121.70
CA PHE FD 56 29.08 -6.63 -122.34
C PHE FD 56 30.12 -6.92 -121.27
N ALA FD 57 30.44 -8.19 -121.06
CA ALA FD 57 31.42 -8.60 -120.07
C ALA FD 57 32.50 -9.41 -120.74
N LYS FD 58 33.77 -9.04 -120.50
CA LYS FD 58 34.90 -9.74 -121.10
C LYS FD 58 36.03 -9.86 -120.09
N SER FD 59 36.66 -11.03 -120.05
CA SER FD 59 37.83 -11.25 -119.22
C SER FD 59 39.08 -10.75 -119.92
N PHE FD 60 39.97 -10.13 -119.16
CA PHE FD 60 41.20 -9.55 -119.69
C PHE FD 60 42.36 -9.90 -118.77
N PRO FD 61 43.55 -10.08 -119.32
CA PRO FD 61 44.73 -10.28 -118.46
C PRO FD 61 45.10 -8.99 -117.75
N ASN FD 62 45.12 -9.04 -116.42
CA ASN FD 62 45.54 -7.91 -115.59
C ASN FD 62 46.74 -8.42 -114.78
N GLY FD 63 47.93 -8.07 -115.24
CA GLY FD 63 49.15 -8.57 -114.63
C GLY FD 63 49.19 -10.08 -114.63
N ASP FD 64 49.10 -10.67 -113.44
CA ASP FD 64 49.06 -12.12 -113.32
C ASP FD 64 47.64 -12.67 -113.30
N LYS FD 65 46.68 -11.90 -112.83
CA LYS FD 65 45.32 -12.37 -112.67
C LYS FD 65 44.46 -11.95 -113.86
N LYS FD 66 43.15 -12.13 -113.74
CA LYS FD 66 42.20 -11.73 -114.76
C LYS FD 66 41.20 -10.74 -114.19
N SER FD 67 40.89 -9.71 -114.97
CA SER FD 67 39.94 -8.68 -114.59
C SER FD 67 38.76 -8.69 -115.54
N LEU FD 68 37.60 -8.28 -115.05
CA LEU FD 68 36.38 -8.24 -115.83
C LEU FD 68 36.13 -6.82 -116.31
N VAL FD 69 36.16 -6.62 -117.63
CA VAL FD 69 35.81 -5.34 -118.24
C VAL FD 69 34.33 -5.40 -118.64
N VAL FD 70 33.56 -4.41 -118.20
CA VAL FD 70 32.13 -4.37 -118.39
C VAL FD 70 31.75 -3.07 -119.07
N VAL FD 71 30.91 -3.16 -120.10
CA VAL FD 71 30.34 -2.01 -120.77
C VAL FD 71 28.82 -2.13 -120.70
N ASN FD 72 28.17 -1.11 -120.15
CA ASN FD 72 26.72 -1.10 -120.01
C ASN FD 72 26.11 -0.03 -120.91
N LEU FD 73 25.05 -0.41 -121.62
CA LEU FD 73 24.25 0.52 -122.41
C LEU FD 73 22.82 0.45 -121.89
N THR FD 74 22.38 1.51 -121.22
CA THR FD 74 21.07 1.54 -120.58
C THR FD 74 20.22 2.63 -121.19
N ALA FD 75 18.97 2.30 -121.50
CA ALA FD 75 18.00 3.25 -122.04
C ALA FD 75 16.79 3.30 -121.12
N HIS FD 76 16.31 4.51 -120.85
CA HIS FD 76 15.13 4.75 -120.03
C HIS FD 76 14.09 5.46 -120.88
N VAL FD 77 13.06 4.74 -121.30
CA VAL FD 77 12.03 5.28 -122.17
C VAL FD 77 10.72 5.35 -121.40
N PRO FD 78 10.19 6.55 -121.13
CA PRO FD 78 8.90 6.65 -120.44
C PRO FD 78 7.76 6.16 -121.32
N VAL FD 79 6.74 5.58 -120.68
CA VAL FD 79 5.56 5.13 -121.41
C VAL FD 79 4.79 6.34 -121.94
N GLY FD 80 4.33 6.23 -123.18
CA GLY FD 80 3.59 7.28 -123.84
C GLY FD 80 4.36 8.01 -124.91
N VAL FD 81 5.67 7.80 -124.99
CA VAL FD 81 6.50 8.42 -126.00
C VAL FD 81 6.41 7.62 -127.29
N ASP FD 82 6.51 8.32 -128.43
CA ASP FD 82 6.49 7.64 -129.71
C ASP FD 82 7.78 6.86 -129.90
N ALA FD 83 7.64 5.55 -130.15
CA ALA FD 83 8.81 4.68 -130.26
C ALA FD 83 9.62 4.95 -131.52
N THR FD 84 8.95 5.31 -132.62
CA THR FD 84 9.67 5.61 -133.85
C THR FD 84 10.56 6.83 -133.70
N ALA FD 85 10.06 7.87 -133.02
CA ALA FD 85 10.87 9.06 -132.79
C ALA FD 85 12.10 8.74 -131.93
N VAL FD 86 11.92 7.92 -130.90
CA VAL FD 86 13.04 7.54 -130.05
C VAL FD 86 14.06 6.72 -130.84
N ARG FD 87 13.58 5.80 -131.69
CA ARG FD 87 14.49 5.01 -132.50
C ARG FD 87 15.28 5.88 -133.47
N THR FD 88 14.61 6.85 -134.09
CA THR FD 88 15.29 7.76 -135.01
C THR FD 88 16.34 8.60 -134.29
N TRP FD 89 16.00 9.11 -133.09
CA TRP FD 89 16.95 9.87 -132.31
C TRP FD 89 18.15 9.02 -131.91
N MET FD 90 17.90 7.79 -131.48
CA MET FD 90 18.99 6.90 -131.09
C MET FD 90 19.89 6.56 -132.27
N THR FD 91 19.32 6.33 -133.45
CA THR FD 91 20.10 5.99 -134.62
C THR FD 91 20.92 7.18 -135.11
N SER FD 92 20.33 8.35 -135.18
CA SER FD 92 20.99 9.50 -135.77
C SER FD 92 21.89 10.27 -134.82
N GLU FD 93 21.63 10.21 -133.52
CA GLU FD 93 22.33 11.08 -132.58
C GLU FD 93 23.04 10.34 -131.45
N VAL FD 94 22.46 9.26 -130.93
CA VAL FD 94 23.08 8.56 -129.81
C VAL FD 94 24.17 7.61 -130.32
N PHE FD 95 23.86 6.83 -131.34
CA PHE FD 95 24.80 5.81 -131.83
C PHE FD 95 26.10 6.41 -132.37
N PRO FD 96 26.09 7.42 -133.24
CA PRO FD 96 27.37 7.96 -133.71
C PRO FD 96 28.25 8.51 -132.61
N GLY FD 97 27.67 9.15 -131.59
CA GLY FD 97 28.47 9.69 -130.50
C GLY FD 97 28.93 8.66 -129.50
N ALA FD 98 28.14 7.59 -129.33
CA ALA FD 98 28.51 6.55 -128.37
C ALA FD 98 29.65 5.68 -128.87
N THR FD 99 29.82 5.55 -130.18
CA THR FD 99 30.87 4.73 -130.77
C THR FD 99 31.97 5.59 -131.39
N SER FD 100 32.27 6.72 -130.78
CA SER FD 100 33.29 7.63 -131.28
C SER FD 100 34.57 7.46 -130.47
N SER FD 101 35.59 8.24 -130.84
CA SER FD 101 36.82 8.28 -130.06
C SER FD 101 36.60 8.89 -128.69
N VAL FD 102 35.50 9.64 -128.50
CA VAL FD 102 35.19 10.21 -127.20
C VAL FD 102 34.97 9.11 -126.17
N THR FD 103 34.24 8.05 -126.55
CA THR FD 103 34.00 6.94 -125.64
C THR FD 103 35.29 6.26 -125.24
N LEU FD 104 36.17 6.01 -126.21
CA LEU FD 104 37.44 5.34 -125.90
C LEU FD 104 38.32 6.22 -125.02
N ASP FD 105 38.38 7.52 -125.31
CA ASP FD 105 39.19 8.41 -124.50
C ASP FD 105 38.65 8.53 -123.09
N LEU FD 106 37.33 8.58 -122.94
CA LEU FD 106 36.74 8.60 -121.60
C LEU FD 106 37.02 7.30 -120.85
N ALA FD 107 36.98 6.16 -121.55
CA ALA FD 107 37.20 4.88 -120.89
C ALA FD 107 38.64 4.73 -120.43
N THR FD 108 39.60 5.01 -121.30
CA THR FD 108 40.99 4.69 -121.03
C THR FD 108 41.83 5.86 -120.54
N LYS FD 109 41.30 7.08 -120.53
CA LYS FD 109 42.07 8.23 -120.08
C LYS FD 109 41.31 9.15 -119.13
N GLY FD 110 40.01 8.96 -118.93
CA GLY FD 110 39.23 9.88 -118.12
C GLY FD 110 39.09 11.25 -118.73
N VAL FD 111 39.00 11.34 -120.06
CA VAL FD 111 38.87 12.63 -120.73
C VAL FD 111 37.39 13.01 -120.76
N ILE FD 112 37.05 14.12 -120.11
CA ILE FD 112 35.69 14.64 -120.13
C ILE FD 112 35.59 16.00 -120.80
N HIS FD 113 36.72 16.67 -121.05
CA HIS FD 113 36.73 17.95 -121.73
C HIS FD 113 37.05 17.73 -123.20
N LEU FD 114 36.11 18.07 -124.06
CA LEU FD 114 36.23 17.83 -125.49
C LEU FD 114 37.07 18.93 -126.14
N SER FD 115 37.70 18.60 -127.26
CA SER FD 115 38.51 19.53 -128.02
C SER FD 115 38.63 19.05 -129.46
N ASP FD 116 38.80 20.00 -130.37
CA ASP FD 116 38.68 21.45 -130.19
C ASP FD 116 37.93 22.07 -131.35
N ALA FD 117 37.79 21.31 -132.44
CA ALA FD 117 37.15 21.82 -133.65
C ALA FD 117 35.78 21.20 -133.88
N LEU GD 1 36.61 -60.34 -118.24
CA LEU GD 1 35.79 -59.31 -117.62
C LEU GD 1 35.89 -58.00 -118.40
N SER GD 2 34.80 -57.66 -119.09
CA SER GD 2 34.75 -56.45 -119.91
C SER GD 2 33.51 -55.65 -119.58
N ILE GD 3 33.66 -54.33 -119.51
CA ILE GD 3 32.54 -53.39 -119.42
C ILE GD 3 32.68 -52.48 -120.63
N GLY GD 4 31.99 -52.83 -121.72
CA GLY GD 4 32.17 -52.14 -122.97
C GLY GD 4 33.37 -52.66 -123.72
N THR GD 5 34.34 -51.78 -123.99
CA THR GD 5 35.61 -52.18 -124.58
C THR GD 5 36.74 -52.22 -123.56
N LYS GD 6 36.43 -51.98 -122.28
CA LYS GD 6 37.44 -51.89 -121.23
C LYS GD 6 37.57 -53.23 -120.52
N ASN GD 7 38.81 -53.67 -120.34
CA ASN GD 7 39.10 -54.87 -119.57
C ASN GD 7 39.33 -54.49 -118.12
N VAL GD 8 38.47 -54.97 -117.24
CA VAL GD 8 38.52 -54.61 -115.83
C VAL GD 8 38.70 -55.88 -114.99
N SER GD 9 39.07 -55.68 -113.74
CA SER GD 9 39.19 -56.77 -112.77
C SER GD 9 38.49 -56.36 -111.48
N ILE GD 10 38.02 -57.37 -110.74
CA ILE GD 10 37.36 -57.09 -109.47
C ILE GD 10 38.33 -56.44 -108.52
N TYR GD 11 37.94 -55.28 -108.00
CA TYR GD 11 38.76 -54.53 -107.05
C TYR GD 11 38.15 -54.49 -105.65
N ARG GD 12 36.85 -54.30 -105.54
CA ARG GD 12 36.18 -54.34 -104.25
C ARG GD 12 34.83 -55.01 -104.41
N ASN GD 13 34.49 -55.90 -103.48
CA ASN GD 13 33.28 -56.71 -103.59
C ASN GD 13 32.52 -56.61 -102.26
N THR GD 14 31.39 -55.93 -102.29
CA THR GD 14 30.50 -55.81 -101.14
C THR GD 14 29.13 -56.36 -101.50
N ALA GD 15 28.20 -56.27 -100.54
CA ALA GD 15 26.89 -56.87 -100.71
C ALA GD 15 26.13 -56.26 -101.88
N ASP GD 16 26.17 -54.93 -102.00
CA ASP GD 16 25.35 -54.23 -102.99
C ASP GD 16 26.18 -53.36 -103.91
N GLU GD 17 27.51 -53.52 -103.92
CA GLU GD 17 28.37 -52.70 -104.77
C GLU GD 17 29.61 -53.48 -105.11
N VAL GD 18 29.96 -53.52 -106.39
CA VAL GD 18 31.21 -54.11 -106.86
C VAL GD 18 31.96 -53.05 -107.65
N ILE GD 19 33.17 -52.74 -107.23
CA ILE GD 19 34.05 -51.79 -107.91
C ILE GD 19 35.06 -52.59 -108.72
N TYR GD 20 35.09 -52.34 -110.03
CA TYR GD 20 36.07 -52.91 -110.94
C TYR GD 20 37.08 -51.83 -111.31
N ALA GD 21 38.33 -52.24 -111.44
CA ALA GD 21 39.44 -51.33 -111.73
C ALA GD 21 39.91 -51.52 -113.17
N GLY GD 22 40.16 -50.41 -113.85
CA GLY GD 22 40.68 -50.45 -115.20
C GLY GD 22 42.19 -50.65 -115.21
N PRO GD 23 42.78 -50.68 -116.41
CA PRO GD 23 44.23 -50.89 -116.49
C PRO GD 23 45.05 -49.81 -115.81
N ALA GD 24 44.56 -48.57 -115.78
CA ALA GD 24 45.31 -47.43 -115.26
C ALA GD 24 44.99 -47.14 -113.79
N HIS GD 25 44.29 -48.04 -113.11
CA HIS GD 25 43.97 -47.84 -111.71
C HIS GD 25 45.10 -48.35 -110.82
N ASP GD 26 45.43 -47.55 -109.81
CA ASP GD 26 46.48 -47.90 -108.85
C ASP GD 26 46.24 -47.10 -107.57
N VAL GD 27 47.26 -47.05 -106.71
CA VAL GD 27 47.12 -46.35 -105.43
C VAL GD 27 46.94 -44.84 -105.62
N THR GD 28 47.63 -44.23 -106.58
CA THR GD 28 47.59 -42.79 -106.76
C THR GD 28 46.68 -42.31 -107.87
N ASN GD 29 46.23 -43.20 -108.77
CA ASN GD 29 45.35 -42.82 -109.87
C ASN GD 29 44.06 -43.61 -109.79
N VAL GD 30 42.98 -42.99 -110.24
CA VAL GD 30 41.64 -43.59 -110.19
C VAL GD 30 41.19 -43.90 -111.60
N ASP GD 31 40.87 -45.17 -111.85
CA ASP GD 31 40.24 -45.61 -113.09
C ASP GD 31 39.29 -46.75 -112.70
N THR GD 32 38.04 -46.41 -112.40
CA THR GD 32 37.12 -47.37 -111.80
C THR GD 32 35.75 -47.30 -112.44
N VAL GD 33 35.09 -48.46 -112.49
CA VAL GD 33 33.68 -48.57 -112.81
C VAL GD 33 33.00 -49.34 -111.68
N SER GD 34 32.04 -48.70 -111.03
CA SER GD 34 31.35 -49.30 -109.89
C SER GD 34 29.91 -49.61 -110.27
N LEU GD 35 29.50 -50.86 -110.01
CA LEU GD 35 28.11 -51.26 -110.16
C LEU GD 35 27.47 -51.31 -108.77
N ARG GD 36 26.37 -50.59 -108.61
CA ARG GD 36 25.68 -50.49 -107.34
C ARG GD 36 24.20 -50.78 -107.56
N ARG GD 37 23.56 -51.31 -106.53
CA ARG GD 37 22.16 -51.67 -106.65
C ARG GD 37 21.42 -51.41 -105.34
N SER GD 38 20.14 -51.10 -105.47
CA SER GD 38 19.22 -51.02 -104.35
C SER GD 38 18.03 -51.90 -104.71
N LEU GD 39 17.91 -53.03 -104.03
CA LEU GD 39 16.89 -54.01 -104.32
C LEU GD 39 15.53 -53.55 -103.80
N PRO GD 40 14.44 -53.99 -104.43
CA PRO GD 40 13.11 -53.55 -104.00
C PRO GD 40 12.82 -53.96 -102.58
N VAL GD 41 12.12 -53.09 -101.87
CA VAL GD 41 11.66 -53.37 -100.50
C VAL GD 41 10.14 -53.33 -100.53
N LYS GD 42 9.52 -54.44 -100.12
CA LYS GD 42 8.06 -54.59 -100.19
C LYS GD 42 7.45 -53.81 -99.02
N LYS GD 43 7.37 -52.50 -99.20
CA LYS GD 43 6.80 -51.61 -98.20
C LYS GD 43 5.29 -51.50 -98.42
N GLY GD 44 4.52 -52.02 -97.46
CA GLY GD 44 3.07 -51.95 -97.57
C GLY GD 44 2.58 -52.66 -98.82
N SER GD 45 1.74 -51.97 -99.58
CA SER GD 45 1.22 -52.52 -100.83
C SER GD 45 2.15 -52.28 -102.01
N ASP GD 46 3.05 -51.31 -101.93
CA ASP GD 46 4.00 -51.07 -103.00
C ASP GD 46 5.04 -52.18 -103.02
N ASN GD 47 5.29 -52.74 -104.20
CA ASN GD 47 6.29 -53.78 -104.35
C ASN GD 47 7.71 -53.26 -104.36
N GLY GD 48 7.90 -51.94 -104.38
CA GLY GD 48 9.23 -51.37 -104.34
C GLY GD 48 9.74 -50.95 -105.70
N THR GD 49 10.99 -50.51 -105.71
CA THR GD 49 11.66 -50.06 -106.91
C THR GD 49 13.07 -50.64 -106.95
N MET GD 50 13.48 -51.11 -108.13
CA MET GD 50 14.85 -51.55 -108.34
C MET GD 50 15.68 -50.37 -108.83
N ARG GD 51 16.74 -50.05 -108.11
CA ARG GD 51 17.63 -48.95 -108.47
C ARG GD 51 18.98 -49.51 -108.90
N GLY GD 52 19.43 -49.12 -110.08
CA GLY GD 52 20.73 -49.53 -110.58
C GLY GD 52 21.60 -48.30 -110.81
N ASN GD 53 22.88 -48.40 -110.46
CA ASN GD 53 23.80 -47.29 -110.59
C ASN GD 53 25.10 -47.79 -111.22
N MET GD 54 25.53 -47.12 -112.28
CA MET GD 54 26.83 -47.34 -112.89
C MET GD 54 27.66 -46.07 -112.73
N ASN GD 55 28.80 -46.18 -112.06
CA ASN GD 55 29.64 -45.04 -111.75
C ASN GD 55 30.97 -45.19 -112.48
N PHE GD 56 31.37 -44.15 -113.20
CA PHE GD 56 32.65 -44.10 -113.89
C PHE GD 56 33.49 -43.02 -113.23
N ALA GD 57 34.70 -43.37 -112.79
CA ALA GD 57 35.57 -42.41 -112.12
C ALA GD 57 36.95 -42.47 -112.75
N LYS GD 58 37.47 -41.30 -113.12
CA LYS GD 58 38.82 -41.21 -113.65
C LYS GD 58 39.54 -40.00 -113.09
N SER GD 59 40.85 -40.13 -112.93
CA SER GD 59 41.70 -39.02 -112.53
C SER GD 59 42.24 -38.30 -113.75
N PHE GD 60 42.32 -36.97 -113.66
CA PHE GD 60 42.74 -36.13 -114.76
C PHE GD 60 43.68 -35.05 -114.24
N PRO GD 61 44.65 -34.63 -115.04
CA PRO GD 61 45.50 -33.50 -114.63
C PRO GD 61 44.70 -32.22 -114.53
N ASN GD 62 44.77 -31.57 -113.37
CA ASN GD 62 44.09 -30.30 -113.12
C ASN GD 62 45.17 -29.34 -112.61
N GLY GD 63 45.78 -28.60 -113.53
CA GLY GD 63 46.87 -27.72 -113.18
C GLY GD 63 48.01 -28.45 -112.52
N ASP GD 64 48.17 -28.24 -111.22
CA ASP GD 64 49.22 -28.94 -110.47
C ASP GD 64 48.73 -30.28 -109.93
N LYS GD 65 47.45 -30.36 -109.54
CA LYS GD 65 46.95 -31.53 -108.85
C LYS GD 65 46.24 -32.47 -109.82
N LYS GD 66 45.54 -33.47 -109.29
CA LYS GD 66 44.74 -34.39 -110.08
C LYS GD 66 43.30 -34.32 -109.58
N SER GD 67 42.37 -34.09 -110.50
CA SER GD 67 40.96 -33.98 -110.17
C SER GD 67 40.19 -35.19 -110.69
N LEU GD 68 39.10 -35.51 -110.01
CA LEU GD 68 38.31 -36.69 -110.31
C LEU GD 68 37.09 -36.31 -111.13
N VAL GD 69 36.97 -36.93 -112.30
CA VAL GD 69 35.79 -36.79 -113.16
C VAL GD 69 34.93 -38.04 -112.98
N VAL GD 70 33.65 -37.84 -112.70
CA VAL GD 70 32.72 -38.92 -112.39
C VAL GD 70 31.50 -38.78 -113.30
N VAL GD 71 31.14 -39.88 -113.95
CA VAL GD 71 29.92 -39.96 -114.76
C VAL GD 71 29.03 -41.01 -114.11
N ASN GD 72 27.80 -40.61 -113.76
CA ASN GD 72 26.84 -41.50 -113.14
C ASN GD 72 25.75 -41.87 -114.13
N LEU GD 73 25.22 -43.08 -113.98
CA LEU GD 73 24.08 -43.54 -114.77
C LEU GD 73 23.17 -44.33 -113.84
N THR GD 74 22.05 -43.74 -113.46
CA THR GD 74 21.13 -44.35 -112.50
C THR GD 74 19.78 -44.60 -113.16
N ALA GD 75 19.27 -45.81 -112.96
CA ALA GD 75 17.97 -46.22 -113.47
C ALA GD 75 17.08 -46.64 -112.31
N HIS GD 76 15.83 -46.19 -112.36
CA HIS GD 76 14.80 -46.54 -111.37
C HIS GD 76 13.69 -47.28 -112.10
N VAL GD 77 13.48 -48.53 -111.75
CA VAL GD 77 12.44 -49.33 -112.39
C VAL GD 77 11.47 -49.85 -111.33
N PRO GD 78 10.23 -49.37 -111.32
CA PRO GD 78 9.26 -49.90 -110.35
C PRO GD 78 8.95 -51.36 -110.62
N VAL GD 79 8.69 -52.09 -109.53
CA VAL GD 79 8.40 -53.53 -109.64
C VAL GD 79 7.02 -53.72 -110.25
N GLY GD 80 6.93 -54.62 -111.22
CA GLY GD 80 5.70 -54.89 -111.94
C GLY GD 80 5.71 -54.42 -113.38
N VAL GD 81 6.49 -53.37 -113.66
CA VAL GD 81 6.65 -52.91 -115.03
C VAL GD 81 7.35 -53.98 -115.84
N ASP GD 82 6.86 -54.22 -117.06
CA ASP GD 82 7.45 -55.24 -117.92
C ASP GD 82 8.89 -54.89 -118.24
N ALA GD 83 9.78 -55.86 -118.05
CA ALA GD 83 11.21 -55.61 -118.22
C ALA GD 83 11.58 -55.42 -119.69
N THR GD 84 10.94 -56.18 -120.58
CA THR GD 84 11.29 -56.09 -122.00
C THR GD 84 10.96 -54.71 -122.57
N ALA GD 85 9.84 -54.13 -122.15
CA ALA GD 85 9.49 -52.79 -122.60
C ALA GD 85 10.52 -51.76 -122.14
N VAL GD 86 10.95 -51.86 -120.88
CA VAL GD 86 11.98 -50.95 -120.36
C VAL GD 86 13.29 -51.13 -121.14
N ARG GD 87 13.65 -52.37 -121.43
CA ARG GD 87 14.91 -52.62 -122.13
C ARG GD 87 14.89 -52.10 -123.56
N THR GD 88 13.77 -52.28 -124.27
CA THR GD 88 13.70 -51.74 -125.62
C THR GD 88 13.61 -50.22 -125.61
N TRP GD 89 12.96 -49.65 -124.59
CA TRP GD 89 12.95 -48.20 -124.46
C TRP GD 89 14.35 -47.65 -124.23
N MET GD 90 15.13 -48.32 -123.39
CA MET GD 90 16.51 -47.89 -123.15
C MET GD 90 17.36 -48.05 -124.40
N THR GD 91 17.24 -49.19 -125.08
CA THR GD 91 18.07 -49.44 -126.25
C THR GD 91 17.75 -48.48 -127.39
N SER GD 92 16.48 -48.18 -127.60
CA SER GD 92 16.07 -47.37 -128.74
C SER GD 92 15.95 -45.88 -128.42
N GLU GD 93 15.54 -45.52 -127.21
CA GLU GD 93 15.19 -44.14 -126.89
C GLU GD 93 16.17 -43.47 -125.93
N VAL GD 94 16.75 -44.21 -124.99
CA VAL GD 94 17.58 -43.60 -123.97
C VAL GD 94 19.05 -43.61 -124.39
N PHE GD 95 19.54 -44.77 -124.80
CA PHE GD 95 20.96 -44.95 -125.13
C PHE GD 95 21.42 -44.06 -126.29
N PRO GD 96 20.71 -44.01 -127.43
CA PRO GD 96 21.18 -43.14 -128.51
C PRO GD 96 21.25 -41.67 -128.14
N GLY GD 97 20.34 -41.19 -127.31
CA GLY GD 97 20.38 -39.80 -126.89
C GLY GD 97 21.35 -39.53 -125.77
N ALA GD 98 21.69 -40.56 -124.99
CA ALA GD 98 22.59 -40.41 -123.86
C ALA GD 98 24.06 -40.44 -124.28
N THR GD 99 24.37 -40.82 -125.51
CA THR GD 99 25.74 -40.90 -126.00
C THR GD 99 26.00 -39.94 -127.15
N SER GD 100 25.13 -38.96 -127.35
CA SER GD 100 25.27 -38.02 -128.45
C SER GD 100 26.17 -36.87 -128.03
N SER GD 101 26.33 -35.88 -128.91
CA SER GD 101 27.10 -34.68 -128.58
C SER GD 101 26.40 -33.82 -127.53
N VAL GD 102 25.10 -34.01 -127.34
CA VAL GD 102 24.37 -33.26 -126.32
C VAL GD 102 24.94 -33.55 -124.94
N THR GD 103 25.22 -34.82 -124.66
CA THR GD 103 25.81 -35.18 -123.37
C THR GD 103 27.18 -34.55 -123.20
N LEU GD 104 27.99 -34.53 -124.25
CA LEU GD 104 29.33 -33.95 -124.16
C LEU GD 104 29.26 -32.45 -123.89
N ASP GD 105 28.37 -31.74 -124.61
CA ASP GD 105 28.23 -30.31 -124.39
C ASP GD 105 27.69 -30.01 -122.99
N LEU GD 106 26.72 -30.82 -122.53
CA LEU GD 106 26.17 -30.63 -121.19
C LEU GD 106 27.22 -30.87 -120.11
N ALA GD 107 28.09 -31.87 -120.30
CA ALA GD 107 29.10 -32.19 -119.29
C ALA GD 107 30.22 -31.16 -119.29
N THR GD 108 30.67 -30.71 -120.46
CA THR GD 108 31.82 -29.83 -120.51
C THR GD 108 31.45 -28.35 -120.49
N LYS GD 109 30.31 -27.97 -121.04
CA LYS GD 109 29.93 -26.57 -121.13
C LYS GD 109 28.57 -26.24 -120.53
N GLY GD 110 27.84 -27.22 -120.01
CA GLY GD 110 26.55 -26.95 -119.40
C GLY GD 110 25.47 -26.49 -120.36
N VAL GD 111 25.51 -26.96 -121.61
CA VAL GD 111 24.54 -26.54 -122.61
C VAL GD 111 23.24 -27.31 -122.40
N ILE GD 112 22.14 -26.58 -122.22
CA ILE GD 112 20.83 -27.17 -122.01
C ILE GD 112 19.85 -26.84 -123.12
N HIS GD 113 20.26 -26.03 -124.10
CA HIS GD 113 19.42 -25.67 -125.24
C HIS GD 113 20.01 -26.32 -126.49
N LEU GD 114 19.33 -27.33 -127.01
CA LEU GD 114 19.84 -28.07 -128.18
C LEU GD 114 19.14 -27.58 -129.46
N SER GD 115 19.52 -26.38 -129.88
CA SER GD 115 18.99 -25.82 -131.11
C SER GD 115 19.84 -26.27 -132.30
N ASP GD 116 19.20 -26.45 -133.45
CA ASP GD 116 17.75 -26.38 -133.64
C ASP GD 116 17.27 -27.57 -134.46
N ALA GD 117 18.17 -28.15 -135.24
CA ALA GD 117 17.84 -29.27 -136.10
C ALA GD 117 17.68 -30.55 -135.30
N LEU HD 1 -133.05 -5.98 33.72
CA LEU HD 1 -132.00 -6.76 33.06
C LEU HD 1 -132.02 -8.20 33.53
N SER HD 2 -132.12 -9.13 32.59
CA SER HD 2 -132.16 -10.55 32.90
C SER HD 2 -131.44 -11.33 31.80
N ILE HD 3 -130.83 -12.44 32.21
CA ILE HD 3 -130.20 -13.38 31.29
C ILE HD 3 -130.83 -14.74 31.61
N GLY HD 4 -131.85 -15.10 30.86
CA GLY HD 4 -132.66 -16.26 31.22
C GLY HD 4 -133.58 -15.92 32.36
N THR HD 5 -133.41 -16.60 33.50
CA THR HD 5 -134.24 -16.37 34.68
C THR HD 5 -133.48 -15.66 35.80
N LYS HD 6 -132.28 -15.18 35.54
CA LYS HD 6 -131.44 -14.54 36.55
C LYS HD 6 -131.36 -13.04 36.31
N ASN HD 7 -131.55 -12.26 37.38
CA ASN HD 7 -131.45 -10.82 37.31
C ASN HD 7 -129.99 -10.40 37.42
N VAL HD 8 -129.56 -9.51 36.53
CA VAL HD 8 -128.18 -9.05 36.48
C VAL HD 8 -128.17 -7.52 36.40
N SER HD 9 -126.99 -6.96 36.62
CA SER HD 9 -126.75 -5.54 36.49
C SER HD 9 -125.45 -5.33 35.72
N ILE HD 10 -125.38 -4.23 34.97
CA ILE HD 10 -124.15 -3.91 34.25
C ILE HD 10 -123.04 -3.71 35.28
N TYR HD 11 -121.97 -4.48 35.16
CA TYR HD 11 -120.83 -4.40 36.06
C TYR HD 11 -119.60 -3.79 35.42
N ARG HD 12 -119.24 -4.23 34.22
CA ARG HD 12 -118.11 -3.67 33.51
C ARG HD 12 -118.49 -3.48 32.04
N ASN HD 13 -118.09 -2.35 31.47
CA ASN HD 13 -118.43 -2.02 30.09
C ASN HD 13 -117.15 -1.70 29.33
N THR HD 14 -116.94 -2.39 28.21
CA THR HD 14 -115.86 -2.06 27.30
C THR HD 14 -116.42 -1.96 25.88
N ALA HD 15 -115.53 -1.73 24.91
CA ALA HD 15 -115.98 -1.55 23.53
C ALA HD 15 -116.65 -2.81 22.98
N ASP HD 16 -116.06 -3.98 23.25
CA ASP HD 16 -116.56 -5.22 22.66
C ASP HD 16 -116.92 -6.26 23.72
N GLU HD 17 -117.02 -5.88 24.99
CA GLU HD 17 -117.37 -6.82 26.03
C GLU HD 17 -118.10 -6.11 27.16
N VAL HD 18 -119.19 -6.73 27.63
CA VAL HD 18 -119.92 -6.25 28.79
C VAL HD 18 -120.03 -7.39 29.80
N ILE HD 19 -119.60 -7.14 31.03
CA ILE HD 19 -119.73 -8.09 32.12
C ILE HD 19 -120.90 -7.65 33.00
N TYR HD 20 -121.83 -8.58 33.25
CA TYR HD 20 -122.96 -8.37 34.14
C TYR HD 20 -122.76 -9.21 35.39
N ALA HD 21 -123.18 -8.65 36.53
CA ALA HD 21 -122.99 -9.29 37.82
C ALA HD 21 -124.32 -9.85 38.32
N GLY HD 22 -124.28 -11.06 38.86
CA GLY HD 22 -125.44 -11.68 39.44
C GLY HD 22 -125.67 -11.23 40.87
N PRO HD 23 -126.74 -11.71 41.50
CA PRO HD 23 -127.06 -11.27 42.86
C PRO HD 23 -126.03 -11.68 43.90
N ALA HD 24 -125.19 -12.68 43.62
CA ALA HD 24 -124.24 -13.21 44.59
C ALA HD 24 -122.83 -12.68 44.38
N HIS HD 25 -122.63 -11.72 43.48
CA HIS HD 25 -121.30 -11.22 43.19
C HIS HD 25 -120.91 -10.13 44.18
N ASP HD 26 -119.74 -10.32 44.81
CA ASP HD 26 -119.18 -9.32 45.70
C ASP HD 26 -117.65 -9.46 45.65
N VAL HD 27 -116.97 -8.88 46.64
CA VAL HD 27 -115.51 -8.90 46.70
C VAL HD 27 -115.00 -10.32 46.87
N THR HD 28 -115.81 -11.19 47.47
CA THR HD 28 -115.38 -12.54 47.79
C THR HD 28 -115.93 -13.61 46.85
N ASN HD 29 -117.15 -13.45 46.35
CA ASN HD 29 -117.81 -14.48 45.54
C ASN HD 29 -118.00 -13.98 44.12
N VAL HD 30 -117.70 -14.83 43.15
CA VAL HD 30 -117.84 -14.50 41.74
C VAL HD 30 -119.17 -15.06 41.24
N ASP HD 31 -119.97 -14.20 40.59
CA ASP HD 31 -121.19 -14.62 39.92
C ASP HD 31 -121.37 -13.66 38.74
N THR HD 32 -120.86 -14.05 37.57
CA THR HD 32 -120.83 -13.13 36.45
C THR HD 32 -121.24 -13.81 35.16
N VAL HD 33 -121.82 -13.02 34.26
CA VAL HD 33 -122.08 -13.43 32.89
C VAL HD 33 -121.51 -12.35 31.97
N SER HD 34 -120.61 -12.73 31.08
CA SER HD 34 -119.94 -11.81 30.18
C SER HD 34 -120.40 -12.05 28.75
N LEU HD 35 -120.63 -10.96 28.01
CA LEU HD 35 -120.99 -11.01 26.61
C LEU HD 35 -119.88 -10.32 25.82
N ARG HD 36 -119.23 -11.07 24.93
CA ARG HD 36 -118.12 -10.55 24.15
C ARG HD 36 -118.39 -10.79 22.67
N ARG HD 37 -117.95 -9.84 21.84
CA ARG HD 37 -118.13 -9.96 20.41
C ARG HD 37 -116.80 -9.70 19.70
N SER HD 38 -116.59 -10.45 18.63
CA SER HD 38 -115.50 -10.22 17.68
C SER HD 38 -116.18 -9.96 16.35
N LEU HD 39 -116.25 -8.68 15.98
CA LEU HD 39 -116.93 -8.28 14.76
C LEU HD 39 -116.11 -8.70 13.54
N PRO HD 40 -116.78 -9.03 12.44
CA PRO HD 40 -116.05 -9.47 11.24
C PRO HD 40 -115.16 -8.37 10.70
N VAL HD 41 -113.99 -8.78 10.21
CA VAL HD 41 -113.11 -7.91 9.44
C VAL HD 41 -113.06 -8.47 8.03
N LYS HD 42 -113.36 -7.63 7.04
CA LYS HD 42 -113.49 -8.08 5.65
C LYS HD 42 -112.20 -7.75 4.91
N LYS HD 43 -111.13 -8.42 5.33
CA LYS HD 43 -109.83 -8.29 4.70
C LYS HD 43 -109.82 -9.00 3.34
N GLY HD 44 -109.09 -8.41 2.40
CA GLY HD 44 -109.01 -8.93 1.05
C GLY HD 44 -110.37 -9.17 0.42
N SER HD 45 -110.68 -10.44 0.14
CA SER HD 45 -111.98 -10.81 -0.39
C SER HD 45 -112.87 -11.52 0.63
N ASP HD 46 -112.30 -12.19 1.61
CA ASP HD 46 -113.09 -12.87 2.63
C ASP HD 46 -113.78 -11.85 3.51
N ASN HD 47 -115.06 -12.08 3.80
CA ASN HD 47 -115.86 -11.16 4.58
C ASN HD 47 -115.70 -11.34 6.08
N GLY HD 48 -114.90 -12.31 6.52
CA GLY HD 48 -114.66 -12.51 7.93
C GLY HD 48 -115.75 -13.28 8.63
N THR HD 49 -115.58 -13.43 9.94
CA THR HD 49 -116.47 -14.21 10.77
C THR HD 49 -116.92 -13.38 11.97
N MET HD 50 -118.20 -13.51 12.31
CA MET HD 50 -118.73 -12.92 13.53
C MET HD 50 -118.60 -13.94 14.66
N ARG HD 51 -117.93 -13.56 15.74
CA ARG HD 51 -117.71 -14.45 16.87
C ARG HD 51 -118.47 -13.91 18.08
N GLY HD 52 -119.39 -14.70 18.61
CA GLY HD 52 -120.13 -14.28 19.79
C GLY HD 52 -119.88 -15.20 20.96
N ASN HD 53 -119.32 -14.68 22.05
CA ASN HD 53 -118.94 -15.49 23.20
C ASN HD 53 -119.76 -15.08 24.42
N MET HD 54 -120.31 -16.06 25.12
CA MET HD 54 -120.99 -15.84 26.38
C MET HD 54 -120.31 -16.66 27.47
N ASN HD 55 -119.95 -15.99 28.55
CA ASN HD 55 -119.15 -16.54 29.64
C ASN HD 55 -119.98 -16.58 30.91
N PHE HD 56 -119.98 -17.72 31.59
CA PHE HD 56 -120.58 -17.86 32.91
C PHE HD 56 -119.48 -18.20 33.89
N ALA HD 57 -119.35 -17.40 34.95
CA ALA HD 57 -118.29 -17.60 35.93
C ALA HD 57 -118.91 -17.65 37.32
N LYS HD 58 -118.53 -18.68 38.08
CA LYS HD 58 -119.06 -18.84 39.44
C LYS HD 58 -117.98 -19.41 40.34
N SER HD 59 -117.83 -18.82 41.52
CA SER HD 59 -116.92 -19.37 42.52
C SER HD 59 -117.59 -20.49 43.30
N PHE HD 60 -116.80 -21.50 43.63
CA PHE HD 60 -117.28 -22.69 44.34
C PHE HD 60 -116.31 -23.03 45.45
N PRO HD 61 -116.78 -23.64 46.53
CA PRO HD 61 -115.86 -24.12 47.57
C PRO HD 61 -115.00 -25.26 47.04
N ASN HD 62 -113.70 -25.22 47.35
CA ASN HD 62 -112.75 -26.24 46.93
C ASN HD 62 -111.79 -26.43 48.10
N GLY HD 63 -112.09 -27.41 48.94
CA GLY HD 63 -111.34 -27.58 50.17
C GLY HD 63 -111.46 -26.33 51.02
N ASP HD 64 -110.32 -25.76 51.39
CA ASP HD 64 -110.31 -24.51 52.14
C ASP HD 64 -110.36 -23.28 51.25
N LYS HD 65 -110.12 -23.42 49.95
CA LYS HD 65 -110.04 -22.28 49.06
C LYS HD 65 -111.30 -22.20 48.19
N LYS HD 66 -111.27 -21.30 47.22
CA LYS HD 66 -112.36 -21.13 46.27
C LYS HD 66 -111.83 -21.33 44.85
N SER HD 67 -112.63 -21.98 44.02
CA SER HD 67 -112.25 -22.30 42.65
C SER HD 67 -113.29 -21.74 41.69
N LEU HD 68 -112.83 -21.25 40.55
CA LEU HD 68 -113.70 -20.64 39.56
C LEU HD 68 -114.12 -21.69 38.53
N VAL HD 69 -115.43 -21.89 38.39
CA VAL HD 69 -116.00 -22.72 37.34
C VAL HD 69 -116.50 -21.79 36.24
N VAL HD 70 -116.04 -22.04 35.01
CA VAL HD 70 -116.34 -21.19 33.86
C VAL HD 70 -116.98 -22.05 32.78
N VAL HD 71 -118.08 -21.56 32.22
CA VAL HD 71 -118.74 -22.18 31.08
C VAL HD 71 -118.74 -21.19 29.93
N ASN HD 72 -118.26 -21.63 28.78
CA ASN HD 72 -118.16 -20.80 27.58
C ASN HD 72 -119.12 -21.31 26.51
N LEU HD 73 -119.80 -20.38 25.85
CA LEU HD 73 -120.65 -20.69 24.70
C LEU HD 73 -120.30 -19.73 23.58
N THR HD 74 -119.66 -20.22 22.54
CA THR HD 74 -119.14 -19.39 21.47
C THR HD 74 -119.73 -19.82 20.13
N ALA HD 75 -120.26 -18.86 19.38
CA ALA HD 75 -120.78 -19.08 18.05
C ALA HD 75 -119.88 -18.40 17.03
N HIS HD 76 -119.53 -19.14 15.96
CA HIS HD 76 -118.72 -18.61 14.87
C HIS HD 76 -119.58 -18.65 13.62
N VAL HD 77 -120.04 -17.49 13.16
CA VAL HD 77 -120.92 -17.40 12.01
C VAL HD 77 -120.18 -16.68 10.88
N PRO HD 78 -119.85 -17.35 9.78
CA PRO HD 78 -119.25 -16.65 8.64
C PRO HD 78 -120.22 -15.65 8.02
N VAL HD 79 -119.67 -14.55 7.51
CA VAL HD 79 -120.50 -13.49 6.94
C VAL HD 79 -121.06 -13.95 5.60
N GLY HD 80 -122.36 -13.73 5.39
CA GLY HD 80 -123.06 -14.14 4.19
C GLY HD 80 -124.07 -15.26 4.45
N VAL HD 81 -123.86 -16.02 5.52
CA VAL HD 81 -124.80 -17.06 5.91
C VAL HD 81 -126.08 -16.41 6.42
N ASP HD 82 -127.22 -16.96 6.01
CA ASP HD 82 -128.50 -16.42 6.45
C ASP HD 82 -128.64 -16.50 7.96
N ALA HD 83 -129.00 -15.37 8.57
CA ALA HD 83 -129.14 -15.32 10.03
C ALA HD 83 -130.31 -16.17 10.50
N THR HD 84 -131.42 -16.16 9.76
CA THR HD 84 -132.60 -16.91 10.19
C THR HD 84 -132.35 -18.41 10.18
N ALA HD 85 -131.67 -18.91 9.16
CA ALA HD 85 -131.35 -20.34 9.11
C ALA HD 85 -130.43 -20.73 10.26
N VAL HD 86 -129.45 -19.89 10.57
CA VAL HD 86 -128.55 -20.18 11.68
C VAL HD 86 -129.30 -20.18 13.01
N ARG HD 87 -130.21 -19.21 13.19
CA ARG HD 87 -130.99 -19.16 14.43
C ARG HD 87 -131.88 -20.38 14.57
N THR HD 88 -132.51 -20.81 13.46
CA THR HD 88 -133.34 -22.01 13.50
C THR HD 88 -132.50 -23.24 13.85
N TRP HD 89 -131.30 -23.35 13.26
CA TRP HD 89 -130.43 -24.48 13.58
C TRP HD 89 -130.01 -24.47 15.04
N MET HD 90 -129.67 -23.29 15.57
CA MET HD 90 -129.27 -23.20 16.97
C MET HD 90 -130.42 -23.53 17.91
N THR HD 91 -131.63 -23.08 17.58
CA THR HD 91 -132.78 -23.32 18.45
C THR HD 91 -133.22 -24.78 18.42
N SER HD 92 -133.22 -25.40 17.23
CA SER HD 92 -133.75 -26.75 17.09
C SER HD 92 -132.71 -27.84 17.32
N GLU HD 93 -131.44 -27.56 17.11
CA GLU HD 93 -130.40 -28.58 17.23
C GLU HD 93 -129.41 -28.30 18.35
N VAL HD 94 -128.78 -27.13 18.36
CA VAL HD 94 -127.71 -26.87 19.32
C VAL HD 94 -128.26 -26.72 20.73
N PHE HD 95 -129.35 -25.95 20.88
CA PHE HD 95 -129.86 -25.67 22.22
C PHE HD 95 -130.34 -26.91 22.97
N PRO HD 96 -131.17 -27.79 22.40
CA PRO HD 96 -131.55 -28.99 23.15
C PRO HD 96 -130.38 -29.89 23.50
N GLY HD 97 -129.38 -29.99 22.63
CA GLY HD 97 -128.25 -30.86 22.91
C GLY HD 97 -127.25 -30.28 23.89
N ALA HD 98 -127.17 -28.95 23.97
CA ALA HD 98 -126.24 -28.28 24.86
C ALA HD 98 -126.81 -28.08 26.27
N THR HD 99 -128.07 -28.45 26.49
CA THR HD 99 -128.69 -28.38 27.80
C THR HD 99 -129.14 -29.74 28.30
N SER HD 100 -128.65 -30.81 27.68
CA SER HD 100 -129.02 -32.17 28.06
C SER HD 100 -128.06 -32.70 29.11
N SER HD 101 -128.32 -33.92 29.57
CA SER HD 101 -127.42 -34.57 30.52
C SER HD 101 -126.06 -34.84 29.91
N VAL HD 102 -125.95 -34.86 28.58
CA VAL HD 102 -124.67 -35.09 27.92
C VAL HD 102 -123.68 -33.99 28.30
N THR HD 103 -124.13 -32.73 28.26
CA THR HD 103 -123.27 -31.62 28.64
C THR HD 103 -122.85 -31.72 30.10
N LEU HD 104 -123.80 -32.07 30.97
CA LEU HD 104 -123.48 -32.19 32.40
C LEU HD 104 -122.44 -33.26 32.66
N ASP HD 105 -122.60 -34.43 32.04
CA ASP HD 105 -121.62 -35.50 32.24
C ASP HD 105 -120.27 -35.14 31.63
N LEU HD 106 -120.26 -34.47 30.48
CA LEU HD 106 -118.99 -34.06 29.89
C LEU HD 106 -118.28 -33.06 30.79
N ALA HD 107 -119.02 -32.13 31.38
CA ALA HD 107 -118.40 -31.09 32.19
C ALA HD 107 -117.91 -31.63 33.53
N THR HD 108 -118.73 -32.45 34.20
CA THR HD 108 -118.42 -32.84 35.58
C THR HD 108 -117.76 -34.21 35.69
N LYS HD 109 -117.77 -35.02 34.64
CA LYS HD 109 -117.17 -36.35 34.69
C LYS HD 109 -116.27 -36.65 33.51
N GLY HD 110 -116.21 -35.77 32.52
CA GLY HD 110 -115.41 -36.02 31.33
C GLY HD 110 -115.92 -37.17 30.48
N VAL HD 111 -117.23 -37.34 30.39
CA VAL HD 111 -117.81 -38.44 29.62
C VAL HD 111 -117.98 -38.00 28.17
N ILE HD 112 -117.33 -38.71 27.25
CA ILE HD 112 -117.41 -38.43 25.82
C ILE HD 112 -118.09 -39.55 25.06
N HIS HD 113 -118.56 -40.60 25.73
CA HIS HD 113 -119.27 -41.70 25.11
C HIS HD 113 -120.71 -41.70 25.63
N LEU HD 114 -121.67 -41.36 24.77
CA LEU HD 114 -123.08 -41.31 25.17
C LEU HD 114 -123.76 -42.61 24.76
N SER HD 115 -123.46 -43.67 25.49
CA SER HD 115 -124.12 -44.95 25.27
C SER HD 115 -125.38 -45.04 26.12
N ASP HD 116 -126.36 -45.80 25.63
CA ASP HD 116 -126.42 -46.46 24.32
C ASP HD 116 -127.81 -46.30 23.70
N ALA HD 117 -128.77 -45.87 24.52
CA ALA HD 117 -130.15 -45.73 24.08
C ALA HD 117 -130.29 -44.72 22.95
N LEU ID 1 -128.87 -43.95 19.92
CA LEU ID 1 -127.81 -42.99 20.19
C LEU ID 1 -128.27 -41.58 19.81
N SER ID 2 -128.50 -40.75 20.82
CA SER ID 2 -129.04 -39.42 20.59
C SER ID 2 -128.31 -38.40 21.45
N ILE ID 3 -128.18 -37.19 20.91
CA ILE ID 3 -127.70 -36.03 21.64
C ILE ID 3 -128.79 -34.97 21.54
N GLY ID 4 -129.41 -34.65 22.66
CA GLY ID 4 -130.58 -33.79 22.65
C GLY ID 4 -131.72 -34.44 21.90
N THR ID 5 -132.27 -33.75 20.91
CA THR ID 5 -133.32 -34.30 20.07
C THR ID 5 -132.79 -34.89 18.77
N LYS ID 6 -131.47 -34.84 18.55
CA LYS ID 6 -130.87 -35.29 17.31
C LYS ID 6 -130.26 -36.67 17.50
N ASN ID 7 -130.69 -37.62 16.68
CA ASN ID 7 -130.06 -38.93 16.66
C ASN ID 7 -128.73 -38.86 15.91
N VAL ID 8 -127.71 -39.50 16.47
CA VAL ID 8 -126.37 -39.47 15.90
C VAL ID 8 -125.79 -40.88 15.91
N SER ID 9 -124.68 -41.03 15.21
CA SER ID 9 -123.91 -42.27 15.19
C SER ID 9 -122.44 -41.94 15.36
N ILE ID 10 -121.68 -42.90 15.87
CA ILE ID 10 -120.26 -42.70 16.06
C ILE ID 10 -119.59 -42.55 14.70
N TYR ID 11 -118.87 -41.44 14.52
CA TYR ID 11 -118.16 -41.17 13.27
C TYR ID 11 -116.66 -41.34 13.42
N ARG ID 12 -116.06 -40.77 14.45
CA ARG ID 12 -114.64 -40.96 14.71
C ARG ID 12 -114.43 -41.05 16.22
N ASN ID 13 -113.41 -41.83 16.61
CA ASN ID 13 -113.22 -42.16 18.01
C ASN ID 13 -111.72 -42.12 18.31
N THR ID 14 -111.28 -41.09 19.02
CA THR ID 14 -109.93 -41.00 19.55
C THR ID 14 -109.98 -41.16 21.08
N ALA ID 15 -108.81 -41.01 21.70
CA ALA ID 15 -108.72 -41.24 23.14
C ALA ID 15 -109.53 -40.22 23.93
N ASP ID 16 -109.42 -38.93 23.58
CA ASP ID 16 -110.09 -37.88 24.32
C ASP ID 16 -111.12 -37.11 23.51
N GLU ID 17 -111.39 -37.54 22.28
CA GLU ID 17 -112.41 -36.90 21.46
C GLU ID 17 -113.21 -37.95 20.72
N VAL ID 18 -114.53 -37.80 20.72
CA VAL ID 18 -115.43 -38.63 19.92
C VAL ID 18 -116.28 -37.70 19.07
N ILE ID 19 -116.22 -37.89 17.75
CA ILE ID 19 -117.03 -37.13 16.81
C ILE ID 19 -118.21 -37.99 16.39
N TYR ID 20 -119.41 -37.48 16.55
CA TYR ID 20 -120.64 -38.14 16.11
C TYR ID 20 -121.20 -37.38 14.91
N ALA ID 21 -121.84 -38.11 14.01
CA ALA ID 21 -122.38 -37.55 12.78
C ALA ID 21 -123.90 -37.61 12.82
N GLY ID 22 -124.55 -36.53 12.41
CA GLY ID 22 -125.98 -36.49 12.29
C GLY ID 22 -126.44 -37.26 11.06
N PRO ID 23 -127.75 -37.39 10.89
CA PRO ID 23 -128.27 -38.14 9.74
C PRO ID 23 -127.86 -37.54 8.41
N ALA ID 24 -127.71 -36.23 8.33
CA ALA ID 24 -127.38 -35.56 7.08
C ALA ID 24 -125.89 -35.54 6.76
N HIS ID 25 -125.04 -35.88 7.72
CA HIS ID 25 -123.60 -35.76 7.51
C HIS ID 25 -123.13 -36.66 6.37
N ASP ID 26 -122.28 -36.12 5.51
CA ASP ID 26 -121.73 -36.85 4.38
C ASP ID 26 -120.41 -36.21 3.99
N VAL ID 27 -119.90 -36.58 2.81
CA VAL ID 27 -118.60 -36.11 2.36
C VAL ID 27 -118.59 -34.65 1.97
N THR ID 28 -119.75 -34.05 1.71
CA THR ID 28 -119.83 -32.64 1.34
C THR ID 28 -120.68 -31.80 2.29
N ASN ID 29 -121.56 -32.40 3.08
CA ASN ID 29 -122.34 -31.68 4.08
C ASN ID 29 -121.83 -32.08 5.45
N VAL ID 30 -121.42 -31.09 6.24
CA VAL ID 30 -120.92 -31.33 7.59
C VAL ID 30 -122.08 -31.17 8.57
N ASP ID 31 -122.32 -32.21 9.35
CA ASP ID 31 -123.29 -32.16 10.45
C ASP ID 31 -122.70 -33.03 11.57
N THR ID 32 -121.93 -32.40 12.46
CA THR ID 32 -121.17 -33.14 13.45
C THR ID 32 -121.33 -32.56 14.84
N VAL ID 33 -121.31 -33.44 15.83
CA VAL ID 33 -121.25 -33.08 17.24
C VAL ID 33 -120.02 -33.78 17.82
N SER ID 34 -119.03 -32.99 18.21
CA SER ID 34 -117.83 -33.52 18.83
C SER ID 34 -117.90 -33.34 20.34
N LEU ID 35 -117.47 -34.37 21.07
CA LEU ID 35 -117.21 -34.25 22.50
C LEU ID 35 -115.73 -34.47 22.73
N ARG ID 36 -115.07 -33.44 23.25
CA ARG ID 36 -113.65 -33.48 23.52
C ARG ID 36 -113.42 -33.20 25.00
N ARG ID 37 -112.37 -33.80 25.56
CA ARG ID 37 -112.03 -33.55 26.96
C ARG ID 37 -110.54 -33.34 27.09
N SER ID 38 -110.18 -32.50 28.05
CA SER ID 38 -108.80 -32.35 28.50
C SER ID 38 -108.78 -32.73 29.97
N LEU ID 39 -108.11 -33.83 30.28
CA LEU ID 39 -108.11 -34.36 31.63
C LEU ID 39 -107.21 -33.53 32.54
N PRO ID 40 -107.55 -33.46 33.83
CA PRO ID 40 -106.76 -32.64 34.76
C PRO ID 40 -105.31 -33.11 34.85
N VAL ID 41 -104.40 -32.17 34.74
CA VAL ID 41 -102.97 -32.43 34.88
C VAL ID 41 -102.52 -31.91 36.24
N LYS ID 42 -102.13 -32.82 37.12
CA LYS ID 42 -101.68 -32.44 38.46
C LYS ID 42 -100.28 -31.88 38.31
N LYS ID 43 -100.17 -30.56 38.41
CA LYS ID 43 -98.90 -29.86 38.39
C LYS ID 43 -98.78 -28.99 39.64
N GLY ID 44 -97.63 -29.05 40.28
CA GLY ID 44 -97.44 -28.29 41.52
C GLY ID 44 -98.43 -28.74 42.58
N SER ID 45 -98.92 -27.77 43.36
CA SER ID 45 -99.96 -28.05 44.34
C SER ID 45 -101.36 -27.99 43.74
N ASP ID 46 -101.49 -27.49 42.51
CA ASP ID 46 -102.78 -27.43 41.85
C ASP ID 46 -103.15 -28.80 41.32
N ASN ID 47 -104.37 -29.26 41.64
CA ASN ID 47 -104.84 -30.57 41.22
C ASN ID 47 -105.21 -30.62 39.74
N GLY ID 48 -105.27 -29.48 39.07
CA GLY ID 48 -105.61 -29.44 37.66
C GLY ID 48 -107.06 -29.03 37.43
N THR ID 49 -107.41 -29.03 36.15
CA THR ID 49 -108.75 -28.62 35.73
C THR ID 49 -109.22 -29.54 34.60
N MET ID 50 -110.45 -30.02 34.72
CA MET ID 50 -111.07 -30.79 33.65
C MET ID 50 -111.72 -29.82 32.66
N ARG ID 51 -111.36 -29.94 31.38
CA ARG ID 51 -111.97 -29.16 30.32
C ARG ID 51 -112.89 -30.04 29.50
N GLY ID 52 -114.12 -29.60 29.31
CA GLY ID 52 -115.05 -30.33 28.47
C GLY ID 52 -115.59 -29.47 27.35
N ASN ID 53 -115.37 -29.87 26.10
CA ASN ID 53 -115.78 -29.10 24.93
C ASN ID 53 -116.83 -29.88 24.14
N MET ID 54 -117.92 -29.20 23.81
CA MET ID 54 -118.99 -29.74 22.99
C MET ID 54 -119.08 -28.87 21.74
N ASN ID 55 -118.75 -29.45 20.59
CA ASN ID 55 -118.64 -28.72 19.34
C ASN ID 55 -119.77 -29.12 18.41
N PHE ID 56 -120.50 -28.14 17.89
CA PHE ID 56 -121.53 -28.36 16.88
C PHE ID 56 -121.03 -27.71 15.60
N ALA ID 57 -120.94 -28.50 14.53
CA ALA ID 57 -120.49 -28.00 13.23
C ALA ID 57 -121.55 -28.33 12.18
N LYS ID 58 -121.94 -27.31 11.41
CA LYS ID 58 -122.94 -27.49 10.37
C LYS ID 58 -122.58 -26.69 9.14
N SER ID 59 -122.80 -27.28 7.97
CA SER ID 59 -122.58 -26.61 6.69
C SER ID 59 -123.81 -25.79 6.32
N PHE ID 60 -123.58 -24.59 5.79
CA PHE ID 60 -124.64 -23.66 5.44
C PHE ID 60 -124.35 -23.05 4.08
N PRO ID 61 -125.40 -22.78 3.29
CA PRO ID 61 -125.19 -22.05 2.03
C PRO ID 61 -124.77 -20.61 2.31
N ASN ID 62 -123.60 -20.23 1.79
CA ASN ID 62 -123.07 -18.88 1.89
C ASN ID 62 -122.90 -18.40 0.45
N GLY ID 63 -123.91 -17.71 -0.06
CA GLY ID 63 -123.92 -17.29 -1.44
C GLY ID 63 -123.82 -18.45 -2.39
N ASP ID 64 -122.67 -18.58 -3.06
CA ASP ID 64 -122.43 -19.69 -3.97
C ASP ID 64 -121.71 -20.85 -3.30
N LYS ID 65 -121.00 -20.58 -2.21
CA LYS ID 65 -120.16 -21.58 -1.55
C LYS ID 65 -120.87 -22.13 -0.32
N LYS ID 66 -120.17 -22.98 0.43
CA LYS ID 66 -120.66 -23.47 1.72
C LYS ID 66 -119.71 -23.00 2.83
N SER ID 67 -120.31 -22.56 3.93
CA SER ID 67 -119.57 -22.09 5.08
C SER ID 67 -119.87 -22.98 6.28
N LEU ID 68 -118.91 -23.08 7.19
CA LEU ID 68 -119.04 -23.91 8.38
C LEU ID 68 -119.42 -23.03 9.56
N VAL ID 69 -120.60 -23.27 10.13
CA VAL ID 69 -121.03 -22.62 11.35
C VAL ID 69 -120.72 -23.53 12.53
N VAL ID 70 -120.02 -22.99 13.53
CA VAL ID 70 -119.53 -23.77 14.66
C VAL ID 70 -120.02 -23.11 15.95
N VAL ID 71 -120.55 -23.93 16.85
CA VAL ID 71 -120.95 -23.49 18.19
C VAL ID 71 -120.20 -24.35 19.20
N ASN ID 72 -119.44 -23.69 20.09
CA ASN ID 72 -118.66 -24.39 21.10
C ASN ID 72 -119.23 -24.12 22.47
N LEU ID 73 -119.38 -25.18 23.26
CA LEU ID 73 -119.77 -25.09 24.67
C LEU ID 73 -118.64 -25.71 25.48
N THR ID 74 -117.89 -24.87 26.20
CA THR ID 74 -116.72 -25.32 26.93
C THR ID 74 -116.91 -25.05 28.42
N ALA ID 75 -116.60 -26.06 29.24
CA ALA ID 75 -116.66 -25.93 30.69
C ALA ID 75 -115.29 -26.24 31.29
N HIS ID 76 -114.88 -25.43 32.24
CA HIS ID 76 -113.62 -25.62 32.96
C HIS ID 76 -113.96 -25.84 34.44
N VAL ID 77 -113.76 -27.05 34.92
CA VAL ID 77 -114.10 -27.42 36.29
C VAL ID 77 -112.82 -27.79 37.02
N PRO ID 78 -112.41 -27.04 38.03
CA PRO ID 78 -111.22 -27.42 38.80
C PRO ID 78 -111.46 -28.65 39.65
N VAL ID 79 -110.42 -29.45 39.83
CA VAL ID 79 -110.51 -30.64 40.67
C VAL ID 79 -110.68 -30.24 42.12
N GLY ID 80 -111.58 -30.92 42.82
CA GLY ID 80 -111.88 -30.66 44.21
C GLY ID 80 -113.22 -30.03 44.45
N VAL ID 81 -113.84 -29.48 43.42
CA VAL ID 81 -115.17 -28.90 43.52
C VAL ID 81 -116.21 -30.01 43.54
N ASP ID 82 -117.31 -29.78 44.26
CA ASP ID 82 -118.40 -30.74 44.29
C ASP ID 82 -119.11 -30.77 42.93
N ALA ID 83 -119.27 -31.97 42.38
CA ALA ID 83 -119.86 -32.11 41.05
C ALA ID 83 -121.36 -31.84 41.07
N THR ID 84 -122.05 -32.21 42.15
CA THR ID 84 -123.49 -31.98 42.24
C THR ID 84 -123.80 -30.49 42.26
N ALA ID 85 -123.01 -29.71 43.00
CA ALA ID 85 -123.23 -28.26 43.03
C ALA ID 85 -123.03 -27.64 41.66
N VAL ID 86 -121.98 -28.07 40.94
CA VAL ID 86 -121.72 -27.54 39.61
C VAL ID 86 -122.84 -27.91 38.65
N ARG ID 87 -123.34 -29.15 38.74
CA ARG ID 87 -124.43 -29.57 37.88
C ARG ID 87 -125.69 -28.76 38.18
N THR ID 88 -125.98 -28.51 39.46
CA THR ID 88 -127.14 -27.72 39.81
C THR ID 88 -127.02 -26.28 39.30
N TRP ID 89 -125.84 -25.70 39.44
CA TRP ID 89 -125.62 -24.35 38.93
C TRP ID 89 -125.77 -24.29 37.41
N MET ID 90 -125.22 -25.29 36.70
CA MET ID 90 -125.34 -25.32 35.25
C MET ID 90 -126.78 -25.49 34.81
N THR ID 91 -127.55 -26.33 35.52
CA THR ID 91 -128.94 -26.55 35.15
C THR ID 91 -129.81 -25.33 35.42
N SER ID 92 -129.65 -24.70 36.59
CA SER ID 92 -130.53 -23.62 36.99
C SER ID 92 -130.11 -22.26 36.48
N GLU ID 93 -128.83 -22.04 36.22
CA GLU ID 93 -128.34 -20.71 35.89
C GLU ID 93 -127.68 -20.62 34.52
N VAL ID 94 -126.89 -21.60 34.12
CA VAL ID 94 -126.17 -21.52 32.86
C VAL ID 94 -127.07 -21.88 31.69
N PHE ID 95 -127.79 -23.00 31.80
CA PHE ID 95 -128.61 -23.48 30.69
C PHE ID 95 -129.72 -22.51 30.29
N PRO ID 96 -130.52 -21.94 31.21
CA PRO ID 96 -131.56 -21.00 30.77
C PRO ID 96 -131.01 -19.78 30.06
N GLY ID 97 -129.85 -19.28 30.47
CA GLY ID 97 -129.30 -18.11 29.82
C GLY ID 97 -128.58 -18.41 28.53
N ALA ID 98 -127.99 -19.60 28.41
CA ALA ID 98 -127.26 -19.96 27.20
C ALA ID 98 -128.18 -20.24 26.02
N THR ID 99 -129.43 -20.61 26.27
CA THR ID 99 -130.39 -20.90 25.22
C THR ID 99 -131.49 -19.85 25.14
N SER ID 100 -131.15 -18.59 25.43
CA SER ID 100 -132.10 -17.49 25.39
C SER ID 100 -131.96 -16.74 24.07
N SER ID 101 -132.80 -15.71 23.91
CA SER ID 101 -132.67 -14.84 22.76
C SER ID 101 -131.38 -14.02 22.80
N VAL ID 102 -130.75 -13.93 23.98
CA VAL ID 102 -129.48 -13.21 24.11
C VAL ID 102 -128.41 -13.90 23.27
N THR ID 103 -128.37 -15.23 23.30
CA THR ID 103 -127.38 -15.97 22.51
C THR ID 103 -127.57 -15.73 21.02
N LEU ID 104 -128.82 -15.81 20.55
CA LEU ID 104 -129.09 -15.58 19.14
C LEU ID 104 -128.76 -14.16 18.72
N ASP ID 105 -129.12 -13.18 19.56
CA ASP ID 105 -128.84 -11.78 19.23
C ASP ID 105 -127.34 -11.52 19.20
N LEU ID 106 -126.59 -12.12 20.14
CA LEU ID 106 -125.14 -11.96 20.12
C LEU ID 106 -124.54 -12.62 18.88
N ALA ID 107 -125.07 -13.79 18.49
CA ALA ID 107 -124.51 -14.50 17.34
C ALA ID 107 -124.76 -13.74 16.04
N THR ID 108 -126.00 -13.30 15.80
CA THR ID 108 -126.37 -12.76 14.50
C THR ID 108 -126.41 -11.24 14.46
N LYS ID 109 -126.15 -10.55 15.56
CA LYS ID 109 -126.16 -9.09 15.54
C LYS ID 109 -125.02 -8.44 16.32
N GLY ID 110 -124.22 -9.20 17.05
CA GLY ID 110 -123.19 -8.60 17.89
C GLY ID 110 -123.75 -7.77 19.02
N VAL ID 111 -124.88 -8.16 19.59
CA VAL ID 111 -125.50 -7.40 20.68
C VAL ID 111 -124.88 -7.85 22.00
N ILE ID 112 -124.16 -6.94 22.66
CA ILE ID 112 -123.59 -7.20 23.97
C ILE ID 112 -124.21 -6.36 25.06
N HIS ID 113 -125.00 -5.35 24.72
CA HIS ID 113 -125.70 -4.52 25.69
C HIS ID 113 -127.13 -5.01 25.83
N LEU ID 114 -127.51 -5.40 27.04
CA LEU ID 114 -128.83 -5.96 27.29
C LEU ID 114 -129.83 -4.85 27.57
N SER ID 115 -131.10 -5.12 27.30
CA SER ID 115 -132.18 -4.18 27.54
C SER ID 115 -133.49 -4.95 27.66
N ASP ID 116 -134.43 -4.38 28.42
CA ASP ID 116 -134.28 -3.23 29.30
C ASP ID 116 -135.02 -3.48 30.62
N ALA ID 117 -135.88 -4.50 30.61
CA ALA ID 117 -136.70 -4.82 31.77
C ALA ID 117 -136.20 -6.05 32.49
N LEU JD 1 -118.76 -66.11 -22.02
CA LEU JD 1 -117.86 -65.56 -21.00
C LEU JD 1 -118.65 -64.76 -19.98
N SER JD 2 -118.74 -65.27 -18.76
CA SER JD 2 -119.50 -64.63 -17.70
C SER JD 2 -118.67 -64.53 -16.43
N ILE JD 3 -118.74 -63.38 -15.78
CA ILE JD 3 -118.20 -63.18 -14.44
C ILE JD 3 -119.37 -62.75 -13.57
N GLY JD 4 -120.03 -63.71 -12.92
CA GLY JD 4 -121.27 -63.45 -12.23
C GLY JD 4 -122.44 -63.47 -13.19
N THR JD 5 -123.17 -62.35 -13.27
CA THR JD 5 -124.25 -62.20 -14.24
C THR JD 5 -123.85 -61.33 -15.42
N LYS JD 6 -122.59 -60.94 -15.51
CA LYS JD 6 -122.11 -60.02 -16.53
C LYS JD 6 -121.49 -60.79 -17.68
N ASN JD 7 -121.89 -60.46 -18.90
CA ASN JD 7 -121.28 -61.01 -20.10
C ASN JD 7 -120.10 -60.13 -20.50
N VAL JD 8 -118.91 -60.72 -20.49
CA VAL JD 8 -117.68 -59.98 -20.78
C VAL JD 8 -116.99 -60.62 -21.98
N SER JD 9 -116.01 -59.90 -22.52
CA SER JD 9 -115.18 -60.40 -23.60
C SER JD 9 -113.72 -60.08 -23.28
N ILE JD 10 -112.81 -60.89 -23.81
CA ILE JD 10 -111.40 -60.65 -23.62
C ILE JD 10 -111.02 -59.33 -24.26
N TYR JD 11 -110.44 -58.44 -23.48
CA TYR JD 11 -110.03 -57.11 -23.95
C TYR JD 11 -108.52 -56.94 -23.93
N ARG JD 12 -107.84 -57.47 -22.92
CA ARG JD 12 -106.39 -57.42 -22.87
C ARG JD 12 -105.88 -58.72 -22.25
N ASN JD 13 -104.85 -59.30 -22.87
CA ASN JD 13 -104.32 -60.58 -22.42
C ASN JD 13 -102.84 -60.42 -22.15
N THR JD 14 -102.44 -60.61 -20.91
CA THR JD 14 -101.07 -60.49 -20.44
C THR JD 14 -100.71 -61.75 -19.66
N ALA JD 15 -99.41 -62.02 -19.54
CA ALA JD 15 -98.94 -63.25 -18.90
C ALA JD 15 -99.55 -63.43 -17.51
N ASP JD 16 -99.74 -62.33 -16.77
CA ASP JD 16 -100.23 -62.42 -15.40
C ASP JD 16 -101.46 -61.56 -15.16
N GLU JD 17 -102.12 -61.10 -16.21
CA GLU JD 17 -103.30 -60.26 -16.05
C GLU JD 17 -104.15 -60.38 -17.30
N VAL JD 18 -105.45 -60.61 -17.11
CA VAL JD 18 -106.42 -60.59 -18.22
C VAL JD 18 -107.51 -59.60 -17.86
N ILE JD 19 -107.71 -58.61 -18.73
CA ILE JD 19 -108.75 -57.60 -18.55
C ILE JD 19 -109.91 -57.95 -19.48
N TYR JD 20 -111.09 -58.12 -18.91
CA TYR JD 20 -112.33 -58.35 -19.66
C TYR JD 20 -113.17 -57.09 -19.63
N ALA JD 21 -113.82 -56.80 -20.75
CA ALA JD 21 -114.63 -55.61 -20.89
C ALA JD 21 -116.11 -55.98 -20.88
N GLY JD 22 -116.91 -55.16 -20.20
CA GLY JD 22 -118.33 -55.36 -20.15
C GLY JD 22 -119.02 -54.75 -21.34
N PRO JD 23 -120.35 -54.85 -21.38
CA PRO JD 23 -121.09 -54.29 -22.53
C PRO JD 23 -120.94 -52.78 -22.68
N ALA JD 24 -120.71 -52.07 -21.58
CA ALA JD 24 -120.65 -50.61 -21.61
C ALA JD 24 -119.23 -50.07 -21.70
N HIS JD 25 -118.26 -50.92 -22.00
CA HIS JD 25 -116.88 -50.48 -22.11
C HIS JD 25 -116.57 -50.05 -23.54
N ASP JD 26 -115.86 -48.94 -23.68
CA ASP JD 26 -115.46 -48.40 -24.97
C ASP JD 26 -114.26 -47.48 -24.76
N VAL JD 27 -113.94 -46.67 -25.76
CA VAL JD 27 -112.78 -45.78 -25.67
C VAL JD 27 -112.94 -44.72 -24.59
N THR JD 28 -114.13 -44.17 -24.41
CA THR JD 28 -114.35 -43.08 -23.47
C THR JD 28 -114.96 -43.51 -22.14
N ASN JD 29 -115.46 -44.73 -22.02
CA ASN JD 29 -116.07 -45.21 -20.78
C ASN JD 29 -115.37 -46.48 -20.32
N VAL JD 30 -115.32 -46.67 -19.01
CA VAL JD 30 -114.63 -47.81 -18.40
C VAL JD 30 -115.68 -48.72 -17.78
N ASP JD 31 -115.69 -49.98 -18.22
CA ASP JD 31 -116.49 -51.04 -17.60
C ASP JD 31 -115.65 -52.31 -17.72
N THR JD 32 -114.82 -52.59 -16.72
CA THR JD 32 -113.84 -53.65 -16.84
C THR JD 32 -113.76 -54.48 -15.57
N VAL JD 33 -113.45 -55.76 -15.77
CA VAL JD 33 -113.10 -56.68 -14.70
C VAL JD 33 -111.74 -57.28 -15.04
N SER JD 34 -110.76 -57.07 -14.19
CA SER JD 34 -109.39 -57.52 -14.42
C SER JD 34 -109.04 -58.63 -13.44
N LEU JD 35 -108.56 -59.75 -13.95
CA LEU JD 35 -108.02 -60.81 -13.13
C LEU JD 35 -106.50 -60.75 -13.17
N ARG JD 36 -105.89 -60.66 -12.00
CA ARG JD 36 -104.45 -60.55 -11.87
C ARG JD 36 -103.96 -61.62 -10.92
N ARG JD 37 -102.73 -62.08 -11.13
CA ARG JD 37 -102.18 -63.14 -10.29
C ARG JD 37 -100.70 -62.89 -10.06
N SER JD 38 -100.24 -63.35 -8.90
CA SER JD 38 -98.82 -63.41 -8.58
C SER JD 38 -98.56 -64.83 -8.10
N LEU JD 39 -97.83 -65.59 -8.91
CA LEU JD 39 -97.60 -67.00 -8.66
C LEU JD 39 -96.57 -67.18 -7.54
N PRO JD 40 -96.62 -68.30 -6.83
CA PRO JD 40 -95.67 -68.52 -5.73
C PRO JD 40 -94.23 -68.52 -6.23
N VAL JD 41 -93.36 -67.94 -5.42
CA VAL JD 41 -91.92 -67.93 -5.68
C VAL JD 41 -91.27 -68.73 -4.56
N LYS JD 42 -90.62 -69.84 -4.92
CA LYS JD 42 -90.01 -70.72 -3.93
C LYS JD 42 -88.69 -70.07 -3.49
N LYS JD 43 -88.83 -69.11 -2.58
CA LYS JD 43 -87.68 -68.36 -2.08
C LYS JD 43 -87.16 -69.00 -0.80
N GLY JD 44 -85.92 -69.45 -0.84
CA GLY JD 44 -85.34 -70.14 0.31
C GLY JD 44 -86.13 -71.39 0.64
N SER JD 45 -86.48 -71.54 1.91
CA SER JD 45 -87.30 -72.66 2.35
C SER JD 45 -88.80 -72.39 2.24
N ASP JD 46 -89.21 -71.12 2.22
CA ASP JD 46 -90.61 -70.78 2.06
C ASP JD 46 -91.07 -71.14 0.65
N ASN JD 47 -92.19 -71.84 0.55
CA ASN JD 47 -92.75 -72.19 -0.75
C ASN JD 47 -93.43 -71.03 -1.44
N GLY JD 48 -93.57 -69.89 -0.77
CA GLY JD 48 -94.17 -68.72 -1.39
C GLY JD 48 -95.64 -68.56 -1.05
N THR JD 49 -96.24 -67.59 -1.74
CA THR JD 49 -97.64 -67.26 -1.56
C THR JD 49 -98.28 -67.03 -2.92
N MET JD 50 -99.49 -67.56 -3.11
CA MET JD 50 -100.26 -67.29 -4.30
C MET JD 50 -101.16 -66.09 -4.04
N ARG JD 51 -101.03 -65.06 -4.86
CA ARG JD 51 -101.83 -63.84 -4.73
C ARG JD 51 -102.79 -63.74 -5.90
N GLY JD 52 -104.07 -63.60 -5.60
CA GLY JD 52 -105.09 -63.40 -6.62
C GLY JD 52 -105.76 -62.06 -6.42
N ASN JD 53 -106.06 -61.37 -7.52
CA ASN JD 53 -106.69 -60.07 -7.46
C ASN JD 53 -107.78 -59.98 -8.51
N MET JD 54 -108.96 -59.53 -8.09
CA MET JD 54 -110.06 -59.25 -9.01
C MET JD 54 -110.42 -57.77 -8.87
N ASN JD 55 -110.34 -57.04 -9.97
CA ASN JD 55 -110.53 -55.59 -9.99
C ASN JD 55 -111.77 -55.26 -10.80
N PHE JD 56 -112.64 -54.43 -10.25
CA PHE JD 56 -113.83 -53.94 -10.94
C PHE JD 56 -113.67 -52.44 -11.11
N ALA JD 57 -113.78 -51.98 -12.36
CA ALA JD 57 -113.64 -50.56 -12.66
C ALA JD 57 -114.83 -50.09 -13.47
N LYS JD 58 -115.45 -49.00 -13.04
CA LYS JD 58 -116.58 -48.43 -13.75
C LYS JD 58 -116.48 -46.91 -13.76
N SER JD 59 -116.96 -46.30 -14.84
CA SER JD 59 -117.05 -44.85 -14.94
C SER JD 59 -118.42 -44.38 -14.46
N PHE JD 60 -118.42 -43.24 -13.77
CA PHE JD 60 -119.63 -42.69 -13.19
C PHE JD 60 -119.65 -41.19 -13.42
N PRO JD 61 -120.83 -40.60 -13.60
CA PRO JD 61 -120.92 -39.13 -13.68
C PRO JD 61 -120.49 -38.50 -12.36
N ASN JD 62 -119.60 -37.51 -12.45
CA ASN JD 62 -119.10 -36.77 -11.29
C ASN JD 62 -119.20 -35.29 -11.65
N GLY JD 63 -120.34 -34.68 -11.32
CA GLY JD 63 -120.60 -33.31 -11.69
C GLY JD 63 -120.52 -33.12 -13.19
N ASP JD 64 -119.45 -32.46 -13.64
CA ASP JD 64 -119.24 -32.28 -15.07
C ASP JD 64 -118.48 -33.45 -15.69
N LYS JD 65 -117.49 -33.98 -14.98
CA LYS JD 65 -116.58 -34.96 -15.54
C LYS JD 65 -117.07 -36.38 -15.24
N LYS JD 66 -116.21 -37.36 -15.50
CA LYS JD 66 -116.50 -38.76 -15.20
C LYS JD 66 -115.40 -39.31 -14.30
N SER JD 67 -115.80 -39.87 -13.17
CA SER JD 67 -114.86 -40.42 -12.19
C SER JD 67 -114.87 -41.94 -12.24
N LEU JD 68 -113.78 -42.54 -11.78
CA LEU JD 68 -113.60 -43.99 -11.84
C LEU JD 68 -113.79 -44.57 -10.45
N VAL JD 69 -114.75 -45.49 -10.33
CA VAL JD 69 -114.99 -46.24 -9.11
C VAL JD 69 -114.37 -47.62 -9.28
N VAL JD 70 -113.54 -48.03 -8.33
CA VAL JD 70 -112.79 -49.27 -8.39
C VAL JD 70 -113.06 -50.07 -7.12
N VAL JD 71 -113.37 -51.35 -7.28
CA VAL JD 71 -113.52 -52.29 -6.19
C VAL JD 71 -112.48 -53.38 -6.36
N ASN JD 72 -111.66 -53.59 -5.33
CA ASN JD 72 -110.61 -54.58 -5.38
C ASN JD 72 -110.95 -55.76 -4.47
N LEU JD 73 -110.54 -56.96 -4.89
CA LEU JD 73 -110.71 -58.17 -4.08
C LEU JD 73 -109.43 -58.98 -4.19
N THR JD 74 -108.62 -58.98 -3.14
CA THR JD 74 -107.33 -59.62 -3.16
C THR JD 74 -107.27 -60.73 -2.11
N ALA JD 75 -106.78 -61.89 -2.52
CA ALA JD 75 -106.59 -63.03 -1.65
C ALA JD 75 -105.14 -63.47 -1.65
N HIS JD 76 -104.59 -63.73 -0.46
CA HIS JD 76 -103.24 -64.21 -0.27
C HIS JD 76 -103.32 -65.60 0.36
N VAL JD 77 -102.91 -66.62 -0.39
CA VAL JD 77 -102.97 -67.99 0.12
C VAL JD 77 -101.55 -68.56 0.17
N PRO JD 78 -101.01 -68.84 1.36
CA PRO JD 78 -99.68 -69.45 1.42
C PRO JD 78 -99.68 -70.86 0.85
N VAL JD 79 -98.56 -71.24 0.24
CA VAL JD 79 -98.44 -72.56 -0.37
C VAL JD 79 -98.34 -73.61 0.72
N GLY JD 80 -99.10 -74.69 0.57
CA GLY JD 80 -99.16 -75.77 1.54
C GLY JD 80 -100.46 -75.80 2.33
N VAL JD 81 -101.13 -74.65 2.43
CA VAL JD 81 -102.43 -74.61 3.09
C VAL JD 81 -103.43 -75.39 2.24
N ASP JD 82 -104.26 -76.20 2.90
CA ASP JD 82 -105.24 -77.01 2.20
C ASP JD 82 -106.23 -76.11 1.46
N ALA JD 83 -106.41 -76.37 0.17
CA ALA JD 83 -107.22 -75.48 -0.66
C ALA JD 83 -108.70 -75.60 -0.32
N THR JD 84 -109.17 -76.81 -0.01
CA THR JD 84 -110.59 -77.00 0.26
C THR JD 84 -111.03 -76.24 1.51
N ALA JD 85 -110.17 -76.22 2.55
CA ALA JD 85 -110.49 -75.46 3.75
C ALA JD 85 -110.59 -73.97 3.45
N VAL JD 86 -109.66 -73.45 2.65
CA VAL JD 86 -109.72 -72.03 2.28
C VAL JD 86 -110.98 -71.73 1.49
N ARG JD 87 -111.34 -72.63 0.56
CA ARG JD 87 -112.52 -72.38 -0.26
C ARG JD 87 -113.80 -72.40 0.56
N THR JD 88 -113.92 -73.35 1.49
CA THR JD 88 -115.13 -73.36 2.32
C THR JD 88 -115.15 -72.19 3.30
N TRP JD 89 -113.98 -71.74 3.76
CA TRP JD 89 -113.92 -70.54 4.59
C TRP JD 89 -114.38 -69.32 3.82
N MET JD 90 -113.93 -69.17 2.58
CA MET JD 90 -114.37 -68.04 1.76
C MET JD 90 -115.86 -68.12 1.46
N THR JD 91 -116.35 -69.31 1.13
CA THR JD 91 -117.76 -69.47 0.77
C THR JD 91 -118.67 -69.18 1.97
N SER JD 92 -118.28 -69.64 3.16
CA SER JD 92 -119.15 -69.54 4.33
C SER JD 92 -118.88 -68.33 5.20
N GLU JD 93 -117.63 -67.87 5.29
CA GLU JD 93 -117.27 -66.81 6.24
C GLU JD 93 -116.89 -65.50 5.58
N VAL JD 94 -116.32 -65.53 4.38
CA VAL JD 94 -115.83 -64.29 3.77
C VAL JD 94 -116.88 -63.70 2.84
N PHE JD 95 -117.43 -64.51 1.93
CA PHE JD 95 -118.36 -64.03 0.92
C PHE JD 95 -119.65 -63.46 1.51
N PRO JD 96 -120.32 -64.13 2.46
CA PRO JD 96 -121.56 -63.54 3.02
C PRO JD 96 -121.31 -62.21 3.71
N GLY JD 97 -120.17 -62.02 4.37
CA GLY JD 97 -119.89 -60.76 5.02
C GLY JD 97 -119.38 -59.68 4.09
N ALA JD 98 -118.75 -60.07 2.99
CA ALA JD 98 -118.19 -59.11 2.05
C ALA JD 98 -119.23 -58.53 1.09
N THR JD 99 -120.44 -59.09 1.06
CA THR JD 99 -121.49 -58.63 0.17
C THR JD 99 -122.70 -58.11 0.92
N SER JD 100 -122.53 -57.77 2.19
CA SER JD 100 -123.64 -57.31 3.02
C SER JD 100 -123.73 -55.78 2.93
N SER JD 101 -124.62 -55.20 3.75
CA SER JD 101 -124.74 -53.74 3.80
C SER JD 101 -123.53 -53.09 4.46
N VAL JD 102 -122.75 -53.86 5.22
CA VAL JD 102 -121.54 -53.32 5.83
C VAL JD 102 -120.58 -52.83 4.76
N THR JD 103 -120.41 -53.61 3.69
CA THR JD 103 -119.55 -53.20 2.60
C THR JD 103 -120.05 -51.92 1.94
N LEU JD 104 -121.37 -51.82 1.73
CA LEU JD 104 -121.92 -50.64 1.10
C LEU JD 104 -121.71 -49.39 1.96
N ASP JD 105 -121.97 -49.51 3.27
CA ASP JD 105 -121.76 -48.37 4.17
C ASP JD 105 -120.29 -47.98 4.23
N LEU JD 106 -119.39 -48.98 4.28
CA LEU JD 106 -117.96 -48.68 4.33
C LEU JD 106 -117.48 -48.02 3.05
N ALA JD 107 -118.01 -48.44 1.89
CA ALA JD 107 -117.57 -47.88 0.62
C ALA JD 107 -118.12 -46.48 0.39
N THR JD 108 -119.38 -46.24 0.77
CA THR JD 108 -120.00 -44.94 0.48
C THR JD 108 -119.85 -43.94 1.60
N LYS JD 109 -119.78 -44.38 2.86
CA LYS JD 109 -119.72 -43.46 3.99
C LYS JD 109 -118.56 -43.71 4.93
N GLY JD 110 -117.80 -44.78 4.75
CA GLY JD 110 -116.70 -45.07 5.65
C GLY JD 110 -117.10 -45.53 7.03
N VAL JD 111 -118.22 -46.24 7.14
CA VAL JD 111 -118.72 -46.69 8.43
C VAL JD 111 -117.93 -47.92 8.87
N ILE JD 112 -117.24 -47.80 10.00
CA ILE JD 112 -116.42 -48.89 10.54
C ILE JD 112 -116.98 -49.45 11.83
N HIS JD 113 -118.09 -48.91 12.34
CA HIS JD 113 -118.74 -49.41 13.55
C HIS JD 113 -120.10 -49.97 13.15
N LEU JD 114 -120.24 -51.30 13.17
CA LEU JD 114 -121.47 -51.96 12.71
C LEU JD 114 -122.36 -52.28 13.91
N SER JD 115 -122.80 -51.24 14.59
CA SER JD 115 -123.69 -51.40 15.73
C SER JD 115 -125.12 -51.71 15.28
N ASP JD 116 -125.82 -52.54 16.05
CA ASP JD 116 -125.31 -53.27 17.21
C ASP JD 116 -125.77 -54.72 17.16
N ALA JD 117 -126.87 -54.97 16.45
CA ALA JD 117 -127.45 -56.30 16.37
C ALA JD 117 -126.63 -57.21 15.46
N LEU KD 1 91.29 -62.40 81.68
CA LEU KD 1 90.29 -62.62 80.64
C LEU KD 1 90.78 -63.62 79.61
N SER KD 2 90.06 -64.74 79.48
CA SER KD 2 90.42 -65.78 78.54
C SER KD 2 89.17 -66.38 77.92
N ILE KD 3 89.31 -66.85 76.69
CA ILE KD 3 88.26 -67.58 75.98
C ILE KD 3 88.90 -68.90 75.53
N GLY KD 4 88.71 -69.94 76.31
CA GLY KD 4 89.45 -71.18 76.09
C GLY KD 4 90.89 -71.01 76.55
N THR KD 5 91.83 -71.14 75.62
CA THR KD 5 93.25 -70.97 75.92
C THR KD 5 93.82 -69.66 75.37
N LYS KD 6 92.96 -68.76 74.90
CA LYS KD 6 93.40 -67.50 74.31
C LYS KD 6 93.12 -66.35 75.25
N ASN KD 7 94.13 -65.52 75.47
CA ASN KD 7 93.99 -64.32 76.29
C ASN KD 7 93.40 -63.19 75.44
N VAL KD 8 92.35 -62.55 75.96
CA VAL KD 8 91.66 -61.48 75.25
C VAL KD 8 91.51 -60.29 76.18
N SER KD 9 91.13 -59.16 75.59
CA SER KD 9 90.88 -57.93 76.33
C SER KD 9 89.60 -57.30 75.82
N ILE KD 10 88.89 -56.62 76.71
CA ILE KD 10 87.72 -55.86 76.31
C ILE KD 10 88.12 -54.85 75.24
N TYR KD 11 87.44 -54.91 74.10
CA TYR KD 11 87.70 -54.02 72.98
C TYR KD 11 86.53 -53.13 72.63
N ARG KD 12 85.32 -53.69 72.55
CA ARG KD 12 84.13 -52.91 72.27
C ARG KD 12 82.99 -53.40 73.15
N ASN KD 13 82.21 -52.46 73.69
CA ASN KD 13 81.11 -52.78 74.60
C ASN KD 13 79.84 -52.11 74.08
N THR KD 14 78.79 -52.90 73.88
CA THR KD 14 77.47 -52.37 73.60
C THR KD 14 76.45 -53.02 74.54
N ALA KD 15 75.17 -52.68 74.36
CA ALA KD 15 74.15 -53.20 75.27
C ALA KD 15 74.04 -54.71 75.20
N ASP KD 16 74.08 -55.27 73.99
CA ASP KD 16 73.87 -56.70 73.81
C ASP KD 16 75.04 -57.40 73.11
N GLU KD 17 76.15 -56.71 72.88
CA GLU KD 17 77.28 -57.31 72.21
C GLU KD 17 78.58 -56.79 72.80
N VAL KD 18 79.50 -57.71 73.07
CA VAL KD 18 80.84 -57.37 73.56
C VAL KD 18 81.86 -58.02 72.64
N ILE KD 19 82.76 -57.20 72.09
CA ILE KD 19 83.86 -57.68 71.24
C ILE KD 19 85.14 -57.66 72.06
N TYR KD 20 85.84 -58.78 72.10
CA TYR KD 20 87.15 -58.92 72.71
C TYR KD 20 88.20 -59.09 71.62
N ALA KD 21 89.37 -58.51 71.85
CA ALA KD 21 90.47 -58.53 70.88
C ALA KD 21 91.56 -59.49 71.35
N GLY KD 22 92.08 -60.27 70.41
CA GLY KD 22 93.17 -61.18 70.71
C GLY KD 22 94.52 -60.49 70.67
N PRO KD 23 95.58 -61.23 70.95
CA PRO KD 23 96.92 -60.62 70.97
C PRO KD 23 97.39 -60.10 69.62
N ALA KD 24 96.83 -60.59 68.52
CA ALA KD 24 97.28 -60.22 67.19
C ALA KD 24 96.39 -59.15 66.54
N HIS KD 25 95.43 -58.60 67.27
CA HIS KD 25 94.53 -57.62 66.70
C HIS KD 25 95.16 -56.23 66.70
N ASP KD 26 95.21 -55.59 65.55
CA ASP KD 26 95.68 -54.22 65.42
C ASP KD 26 94.98 -53.59 64.23
N VAL KD 27 95.52 -52.47 63.75
CA VAL KD 27 94.93 -51.71 62.64
C VAL KD 27 94.94 -52.53 61.36
N THR KD 28 95.87 -53.47 61.24
CA THR KD 28 96.04 -54.23 60.01
C THR KD 28 95.53 -55.66 60.08
N ASN KD 29 95.57 -56.29 61.25
CA ASN KD 29 95.19 -57.69 61.40
C ASN KD 29 94.00 -57.82 62.32
N VAL KD 30 93.04 -58.64 61.92
CA VAL KD 30 91.84 -58.90 62.72
C VAL KD 30 92.04 -60.17 63.50
N ASP KD 31 91.80 -60.10 64.82
CA ASP KD 31 91.78 -61.28 65.68
C ASP KD 31 90.79 -60.95 66.81
N THR KD 32 89.53 -61.35 66.61
CA THR KD 32 88.48 -60.94 67.53
C THR KD 32 87.54 -62.08 67.85
N VAL KD 33 86.97 -62.03 69.06
CA VAL KD 33 85.89 -62.92 69.47
C VAL KD 33 84.76 -62.05 70.02
N SER KD 34 83.57 -62.21 69.46
CA SER KD 34 82.41 -61.41 69.83
C SER KD 34 81.37 -62.28 70.52
N LEU KD 35 80.78 -61.75 71.59
CA LEU KD 35 79.69 -62.41 72.29
C LEU KD 35 78.46 -61.53 72.17
N ARG KD 36 77.40 -62.07 71.56
CA ARG KD 36 76.17 -61.33 71.33
C ARG KD 36 74.99 -62.10 71.89
N ARG KD 37 74.04 -61.38 72.46
CA ARG KD 37 72.84 -61.99 73.02
C ARG KD 37 71.61 -61.34 72.44
N SER KD 38 70.58 -62.15 72.21
CA SER KD 38 69.24 -61.71 71.87
C SER KD 38 68.35 -62.26 72.97
N LEU KD 39 67.98 -61.39 73.91
CA LEU KD 39 67.17 -61.80 75.03
C LEU KD 39 65.73 -62.07 74.58
N PRO KD 40 65.05 -63.01 75.23
CA PRO KD 40 63.69 -63.35 74.81
C PRO KD 40 62.75 -62.18 75.01
N VAL KD 41 61.83 -62.01 74.07
CA VAL KD 41 60.71 -61.11 74.20
C VAL KD 41 59.46 -61.97 74.32
N LYS KD 42 58.69 -61.78 75.39
CA LYS KD 42 57.57 -62.65 75.70
C LYS KD 42 56.28 -62.00 75.21
N LYS KD 43 56.22 -61.82 73.89
CA LYS KD 43 55.05 -61.27 73.24
C LYS KD 43 53.90 -62.27 73.28
N GLY KD 44 52.68 -61.73 73.40
CA GLY KD 44 51.49 -62.55 73.49
C GLY KD 44 51.57 -63.63 74.56
N SER KD 45 51.50 -64.89 74.13
CA SER KD 45 51.64 -66.02 75.04
C SER KD 45 52.99 -66.72 74.94
N ASP KD 46 53.64 -66.66 73.78
CA ASP KD 46 54.95 -67.29 73.62
C ASP KD 46 55.99 -66.52 74.43
N ASN KD 47 56.83 -67.27 75.16
CA ASN KD 47 57.84 -66.67 76.01
C ASN KD 47 59.10 -66.27 75.26
N GLY KD 48 59.16 -66.53 73.96
CA GLY KD 48 60.30 -66.13 73.15
C GLY KD 48 61.47 -67.09 73.26
N THR KD 49 62.56 -66.69 72.60
CA THR KD 49 63.75 -67.51 72.49
C THR KD 49 64.97 -66.71 72.92
N MET KD 50 65.87 -67.36 73.66
CA MET KD 50 67.16 -66.78 74.00
C MET KD 50 68.16 -67.20 72.93
N ARG KD 51 68.81 -66.22 72.30
CA ARG KD 51 69.76 -66.49 71.22
C ARG KD 51 71.15 -66.05 71.65
N GLY KD 52 72.08 -66.99 71.68
CA GLY KD 52 73.45 -66.67 72.03
C GLY KD 52 74.41 -66.92 70.89
N ASN KD 53 75.10 -65.88 70.42
CA ASN KD 53 75.99 -65.99 69.27
C ASN KD 53 77.42 -65.70 69.69
N MET KD 54 78.34 -66.58 69.31
CA MET KD 54 79.76 -66.38 69.51
C MET KD 54 80.45 -66.34 68.15
N ASN KD 55 81.22 -65.28 67.92
CA ASN KD 55 81.82 -64.97 66.63
C ASN KD 55 83.33 -65.01 66.76
N PHE KD 56 83.99 -65.70 65.83
CA PHE KD 56 85.45 -65.70 65.74
C PHE KD 56 85.84 -65.11 64.39
N ALA KD 57 86.64 -64.06 64.41
CA ALA KD 57 87.06 -63.38 63.19
C ALA KD 57 88.57 -63.31 63.13
N LYS KD 58 89.14 -63.70 61.99
CA LYS KD 58 90.58 -63.70 61.81
C LYS KD 58 90.93 -63.32 60.38
N SER KD 59 91.89 -62.43 60.22
CA SER KD 59 92.39 -62.09 58.90
C SER KD 59 93.44 -63.11 58.45
N PHE KD 60 93.41 -63.42 57.15
CA PHE KD 60 94.31 -64.40 56.56
C PHE KD 60 94.85 -63.85 55.26
N PRO KD 61 96.07 -64.23 54.88
CA PRO KD 61 96.61 -63.81 53.57
C PRO KD 61 95.80 -64.46 52.45
N ASN KD 62 95.45 -63.65 51.44
CA ASN KD 62 94.70 -64.11 50.28
C ASN KD 62 95.34 -63.42 49.07
N GLY KD 63 96.28 -64.10 48.45
CA GLY KD 63 97.04 -63.46 47.38
C GLY KD 63 97.77 -62.26 47.92
N ASP KD 64 97.56 -61.11 47.29
CA ASP KD 64 98.14 -59.86 47.76
C ASP KD 64 97.32 -59.18 48.83
N LYS KD 65 96.05 -59.56 49.01
CA LYS KD 65 95.17 -58.89 49.94
C LYS KD 65 94.98 -59.74 51.20
N LYS KD 66 94.06 -59.30 52.05
CA LYS KD 66 93.71 -60.02 53.26
C LYS KD 66 92.22 -60.34 53.24
N SER KD 67 91.88 -61.54 53.69
CA SER KD 67 90.50 -62.01 53.70
C SER KD 67 90.09 -62.37 55.12
N LEU KD 68 88.84 -62.08 55.45
CA LEU KD 68 88.32 -62.34 56.80
C LEU KD 68 87.66 -63.71 56.83
N VAL KD 69 88.14 -64.58 57.71
CA VAL KD 69 87.50 -65.86 58.00
C VAL KD 69 86.71 -65.71 59.30
N VAL KD 70 85.43 -66.06 59.24
CA VAL KD 70 84.50 -65.90 60.35
C VAL KD 70 83.88 -67.24 60.67
N VAL KD 71 83.87 -67.60 61.95
CA VAL KD 71 83.21 -68.81 62.44
C VAL KD 71 82.16 -68.39 63.45
N ASN KD 72 80.92 -68.82 63.23
CA ASN KD 72 79.79 -68.47 64.07
C ASN KD 72 79.28 -69.71 64.81
N LEU KD 73 78.97 -69.54 66.09
CA LEU KD 73 78.35 -70.60 66.90
C LEU KD 73 77.17 -69.98 67.62
N THR KD 74 75.96 -70.37 67.21
CA THR KD 74 74.73 -69.78 67.71
C THR KD 74 73.85 -70.84 68.37
N ALA KD 75 73.34 -70.53 69.55
CA ALA KD 75 72.42 -71.39 70.27
C ALA KD 75 71.06 -70.71 70.37
N HIS KD 76 70.01 -71.43 70.03
CA HIS KD 76 68.63 -70.95 70.11
C HIS KD 76 67.91 -71.80 71.14
N VAL KD 77 67.66 -71.24 72.33
CA VAL KD 77 67.04 -71.98 73.41
C VAL KD 77 65.67 -71.36 73.69
N PRO KD 78 64.58 -72.08 73.45
CA PRO KD 78 63.26 -71.56 73.82
C PRO KD 78 63.12 -71.45 75.33
N VAL KD 79 62.34 -70.46 75.77
CA VAL KD 79 62.17 -70.22 77.20
C VAL KD 79 61.25 -71.30 77.78
N GLY KD 80 61.68 -71.86 78.91
CA GLY KD 80 60.96 -72.95 79.58
C GLY KD 80 61.73 -74.26 79.56
N VAL KD 81 62.63 -74.42 78.61
CA VAL KD 81 63.46 -75.62 78.54
C VAL KD 81 64.45 -75.61 79.70
N ASP KD 82 64.64 -76.76 80.33
CA ASP KD 82 65.57 -76.89 81.44
C ASP KD 82 66.99 -76.54 80.98
N ALA KD 83 67.62 -75.60 81.68
CA ALA KD 83 68.96 -75.18 81.32
C ALA KD 83 69.98 -76.30 81.51
N THR KD 84 69.83 -77.08 82.59
CA THR KD 84 70.78 -78.15 82.86
C THR KD 84 70.75 -79.22 81.77
N ALA KD 85 69.55 -79.60 81.32
CA ALA KD 85 69.44 -80.58 80.25
C ALA KD 85 70.07 -80.06 78.96
N VAL KD 86 69.84 -78.78 78.64
CA VAL KD 86 70.43 -78.20 77.44
C VAL KD 86 71.96 -78.18 77.55
N ARG KD 87 72.49 -77.81 78.71
CA ARG KD 87 73.94 -77.79 78.89
C ARG KD 87 74.53 -79.18 78.76
N THR KD 88 73.86 -80.19 79.33
CA THR KD 88 74.34 -81.56 79.20
C THR KD 88 74.32 -82.01 77.73
N TRP KD 89 73.26 -81.68 77.01
CA TRP KD 89 73.18 -82.03 75.60
C TRP KD 89 74.29 -81.35 74.80
N MET KD 90 74.54 -80.07 75.07
CA MET KD 90 75.59 -79.34 74.37
C MET KD 90 76.97 -79.93 74.67
N THR KD 91 77.22 -80.27 75.93
CA THR KD 91 78.54 -80.77 76.31
C THR KD 91 78.80 -82.17 75.79
N SER KD 92 77.80 -83.06 75.87
CA SER KD 92 78.01 -84.46 75.52
C SER KD 92 77.77 -84.76 74.05
N GLU KD 93 76.95 -83.98 73.37
CA GLU KD 93 76.56 -84.28 71.99
C GLU KD 93 77.01 -83.23 70.99
N VAL KD 94 76.80 -81.95 71.28
CA VAL KD 94 77.09 -80.90 70.30
C VAL KD 94 78.58 -80.58 70.29
N PHE KD 95 79.18 -80.41 71.47
CA PHE KD 95 80.59 -79.99 71.52
C PHE KD 95 81.55 -81.00 70.90
N PRO KD 96 81.48 -82.29 71.19
CA PRO KD 96 82.39 -83.23 70.50
C PRO KD 96 82.21 -83.27 69.00
N GLY KD 97 80.97 -83.12 68.50
CA GLY KD 97 80.75 -83.17 67.07
C GLY KD 97 81.12 -81.88 66.35
N ALA KD 98 81.07 -80.75 67.04
CA ALA KD 98 81.38 -79.46 66.45
C ALA KD 98 82.87 -79.14 66.47
N THR KD 99 83.69 -80.01 67.08
CA THR KD 99 85.13 -79.83 67.09
C THR KD 99 85.85 -81.01 66.43
N SER KD 100 85.11 -81.85 65.70
CA SER KD 100 85.68 -83.00 65.03
C SER KD 100 86.23 -82.60 63.68
N SER KD 101 86.83 -83.58 62.98
CA SER KD 101 87.30 -83.34 61.62
C SER KD 101 86.15 -83.08 60.65
N VAL KD 102 84.93 -83.43 61.03
CA VAL KD 102 83.77 -83.16 60.17
C VAL KD 102 83.60 -81.66 60.00
N THR KD 103 83.70 -80.90 61.08
CA THR KD 103 83.58 -79.45 61.01
C THR KD 103 84.69 -78.84 60.15
N LEU KD 104 85.92 -79.31 60.35
CA LEU KD 104 87.04 -78.80 59.56
C LEU KD 104 86.85 -79.08 58.08
N ASP KD 105 86.42 -80.30 57.74
CA ASP KD 105 86.20 -80.66 56.35
C ASP KD 105 85.07 -79.84 55.74
N LEU KD 106 83.98 -79.64 56.49
CA LEU KD 106 82.88 -78.84 55.97
C LEU KD 106 83.32 -77.39 55.74
N ALA KD 107 84.11 -76.84 56.66
CA ALA KD 107 84.50 -75.44 56.56
C ALA KD 107 85.49 -75.21 55.42
N THR KD 108 86.49 -76.08 55.28
CA THR KD 108 87.58 -75.83 54.36
C THR KD 108 87.46 -76.55 53.03
N LYS KD 109 86.53 -77.51 52.89
CA LYS KD 109 86.36 -78.25 51.65
C LYS KD 109 84.91 -78.37 51.23
N GLY KD 110 83.96 -77.96 52.06
CA GLY KD 110 82.56 -78.13 51.76
C GLY KD 110 82.09 -79.57 51.71
N VAL KD 111 82.61 -80.41 52.60
CA VAL KD 111 82.26 -81.83 52.63
C VAL KD 111 81.03 -82.03 53.50
N ILE KD 112 79.95 -82.54 52.91
CA ILE KD 112 78.70 -82.81 53.62
C ILE KD 112 78.40 -84.29 53.70
N HIS KD 113 79.26 -85.16 53.16
CA HIS KD 113 79.10 -86.61 53.24
C HIS KD 113 80.22 -87.16 54.09
N LEU KD 114 79.88 -87.67 55.29
CA LEU KD 114 80.88 -88.24 56.18
C LEU KD 114 80.88 -89.77 56.04
N SER KD 115 81.38 -90.23 54.90
CA SER KD 115 81.61 -91.65 54.69
C SER KD 115 82.96 -92.06 55.26
N ASP KD 116 83.05 -93.31 55.72
CA ASP KD 116 81.98 -94.30 55.83
C ASP KD 116 82.07 -95.01 57.17
N ALA KD 117 83.19 -94.81 57.86
CA ALA KD 117 83.43 -95.48 59.14
C ALA KD 117 82.39 -95.10 60.18
N LEU LD 1 79.05 -94.63 60.34
CA LEU LD 1 78.72 -93.21 60.21
C LEU LD 1 78.53 -92.57 61.59
N SER LD 2 79.48 -91.72 61.97
CA SER LD 2 79.45 -91.07 63.27
C SER LD 2 79.87 -89.62 63.13
N ILE LD 3 79.23 -88.76 63.90
CA ILE LD 3 79.61 -87.35 64.03
C ILE LD 3 79.98 -87.13 65.48
N GLY LD 4 81.25 -86.84 65.74
CA GLY LD 4 81.74 -86.76 67.09
C GLY LD 4 81.65 -88.09 67.80
N THR LD 5 80.92 -88.15 68.90
CA THR LD 5 80.70 -89.40 69.62
C THR LD 5 79.34 -90.01 69.33
N LYS LD 6 78.53 -89.39 68.46
CA LYS LD 6 77.18 -89.84 68.18
C LYS LD 6 77.16 -90.61 66.87
N ASN LD 7 76.65 -91.84 66.91
CA ASN LD 7 76.38 -92.57 65.68
C ASN LD 7 75.13 -92.03 65.02
N VAL LD 8 75.22 -91.79 63.71
CA VAL LD 8 74.13 -91.21 62.94
C VAL LD 8 73.93 -92.04 61.68
N SER LD 9 72.80 -91.81 61.02
CA SER LD 9 72.49 -92.43 59.74
C SER LD 9 71.95 -91.36 58.80
N ILE LD 10 72.10 -91.60 57.51
CA ILE LD 10 71.60 -90.67 56.51
C ILE LD 10 70.08 -90.64 56.56
N TYR LD 11 69.52 -89.45 56.70
CA TYR LD 11 68.08 -89.26 56.80
C TYR LD 11 67.49 -88.60 55.56
N ARG LD 12 68.07 -87.47 55.13
CA ARG LD 12 67.66 -86.81 53.91
C ARG LD 12 68.91 -86.28 53.22
N ASN LD 13 68.88 -86.31 51.89
CA ASN LD 13 70.08 -86.02 51.09
C ASN LD 13 69.65 -85.16 49.89
N THR LD 14 70.00 -83.88 49.93
CA THR LD 14 69.86 -82.98 48.80
C THR LD 14 71.23 -82.65 48.21
N ALA LD 15 71.24 -81.75 47.22
CA ALA LD 15 72.48 -81.45 46.52
C ALA LD 15 73.50 -80.79 47.43
N ASP LD 16 73.07 -79.82 48.24
CA ASP LD 16 73.99 -79.09 49.11
C ASP LD 16 73.67 -79.24 50.58
N GLU LD 17 72.83 -80.19 50.96
CA GLU LD 17 72.52 -80.45 52.35
C GLU LD 17 72.24 -81.92 52.55
N VAL LD 18 72.88 -82.51 53.57
CA VAL LD 18 72.60 -83.87 54.00
C VAL LD 18 72.20 -83.83 55.46
N ILE LD 19 70.99 -84.26 55.76
CA ILE LD 19 70.48 -84.33 57.12
C ILE LD 19 70.74 -85.73 57.65
N TYR LD 20 71.37 -85.82 58.81
CA TYR LD 20 71.62 -87.09 59.48
C TYR LD 20 70.73 -87.18 60.72
N ALA LD 21 70.38 -88.40 61.09
CA ALA LD 21 69.46 -88.65 62.19
C ALA LD 21 70.18 -89.39 63.31
N GLY LD 22 69.96 -88.94 64.54
CA GLY LD 22 70.48 -89.62 65.69
C GLY LD 22 69.73 -90.91 65.95
N PRO LD 23 70.24 -91.73 66.88
CA PRO LD 23 69.57 -93.00 67.17
C PRO LD 23 68.15 -92.83 67.68
N ALA LD 24 67.87 -91.74 68.39
CA ALA LD 24 66.56 -91.51 68.97
C ALA LD 24 65.60 -90.79 68.03
N HIS LD 25 66.07 -90.30 66.88
CA HIS LD 25 65.22 -89.53 65.98
C HIS LD 25 64.05 -90.37 65.51
N ASP LD 26 62.87 -89.76 65.51
CA ASP LD 26 61.64 -90.44 65.12
C ASP LD 26 60.64 -89.40 64.62
N VAL LD 27 59.38 -89.83 64.48
CA VAL LD 27 58.34 -88.95 63.95
C VAL LD 27 57.89 -87.89 64.93
N THR LD 28 58.20 -88.04 66.22
CA THR LD 28 57.82 -87.06 67.23
C THR LD 28 59.00 -86.44 67.96
N ASN LD 29 60.16 -87.09 68.00
CA ASN LD 29 61.35 -86.55 68.62
C ASN LD 29 62.36 -86.20 67.53
N VAL LD 30 62.88 -84.99 67.59
CA VAL LD 30 63.87 -84.53 66.62
C VAL LD 30 65.26 -84.72 67.23
N ASP LD 31 66.11 -85.48 66.53
CA ASP LD 31 67.52 -85.62 66.89
C ASP LD 31 68.28 -85.70 65.56
N THR LD 32 68.71 -84.54 65.05
CA THR LD 32 69.30 -84.46 63.73
C THR LD 32 70.55 -83.60 63.75
N VAL LD 33 71.49 -83.94 62.86
CA VAL LD 33 72.65 -83.11 62.57
C VAL LD 33 72.63 -82.83 61.08
N SER LD 34 72.51 -81.56 60.71
CA SER LD 34 72.47 -81.17 59.30
C SER LD 34 73.81 -80.60 58.87
N LEU LD 35 74.29 -81.04 57.72
CA LEU LD 35 75.48 -80.47 57.09
C LEU LD 35 75.04 -79.78 55.81
N ARG LD 36 75.08 -78.45 55.83
CA ARG LD 36 74.69 -77.63 54.69
C ARG LD 36 75.90 -76.83 54.21
N ARG LD 37 75.96 -76.61 52.91
CA ARG LD 37 77.04 -75.81 52.33
C ARG LD 37 76.46 -74.85 51.31
N SER LD 38 77.15 -73.73 51.14
CA SER LD 38 76.86 -72.78 50.08
C SER LD 38 78.14 -72.60 49.26
N LEU LD 39 78.13 -73.07 48.02
CA LEU LD 39 79.34 -73.07 47.23
C LEU LD 39 79.69 -71.64 46.78
N PRO LD 40 80.98 -71.35 46.65
CA PRO LD 40 81.41 -69.99 46.26
C PRO LD 40 80.85 -69.60 44.89
N VAL LD 41 80.41 -68.35 44.79
CA VAL LD 41 79.90 -67.81 43.54
C VAL LD 41 80.91 -66.78 43.06
N LYS LD 42 81.54 -67.07 41.91
CA LYS LD 42 82.55 -66.18 41.34
C LYS LD 42 81.83 -65.00 40.71
N LYS LD 43 81.71 -63.91 41.47
CA LYS LD 43 81.04 -62.70 41.00
C LYS LD 43 82.03 -61.55 40.97
N GLY LD 44 82.05 -60.82 39.85
CA GLY LD 44 82.98 -59.72 39.71
C GLY LD 44 84.42 -60.19 39.82
N SER LD 45 85.25 -59.38 40.48
CA SER LD 45 86.62 -59.77 40.78
C SER LD 45 86.73 -60.60 42.05
N ASP LD 46 85.64 -60.74 42.80
CA ASP LD 46 85.63 -61.54 44.01
C ASP LD 46 85.36 -63.01 43.67
N ASN LD 47 86.24 -63.90 44.11
CA ASN LD 47 86.08 -65.31 43.85
C ASN LD 47 84.99 -65.96 44.68
N GLY LD 48 84.42 -65.25 45.64
CA GLY LD 48 83.33 -65.77 46.44
C GLY LD 48 83.80 -66.33 47.77
N THR LD 49 82.84 -66.92 48.48
CA THR LD 49 83.07 -67.44 49.81
C THR LD 49 82.34 -68.77 49.97
N MET LD 50 83.02 -69.73 50.59
CA MET LD 50 82.40 -71.01 50.92
C MET LD 50 81.77 -70.91 52.31
N ARG LD 51 80.47 -71.18 52.39
CA ARG LD 51 79.74 -71.22 53.65
C ARG LD 51 79.48 -72.66 54.05
N GLY LD 52 79.88 -73.02 55.26
CA GLY LD 52 79.58 -74.34 55.78
C GLY LD 52 78.82 -74.27 57.08
N ASN LD 53 77.59 -74.80 57.10
CA ASN LD 53 76.73 -74.71 58.26
C ASN LD 53 76.56 -76.10 58.87
N MET LD 54 76.74 -76.19 60.18
CA MET LD 54 76.50 -77.41 60.94
C MET LD 54 75.36 -77.14 61.91
N ASN LD 55 74.23 -77.82 61.68
CA ASN LD 55 73.01 -77.58 62.44
C ASN LD 55 72.75 -78.77 63.36
N PHE LD 56 72.60 -78.48 64.65
CA PHE LD 56 72.21 -79.48 65.64
C PHE LD 56 70.80 -79.14 66.11
N ALA LD 57 69.89 -80.11 66.00
CA ALA LD 57 68.51 -79.94 66.44
C ALA LD 57 68.16 -81.04 67.43
N LYS LD 58 67.48 -80.67 68.51
CA LYS LD 58 67.06 -81.63 69.52
C LYS LD 58 65.75 -81.17 70.15
N SER LD 59 64.80 -82.09 70.27
CA SER LD 59 63.54 -81.82 70.95
C SER LD 59 63.73 -81.92 72.45
N PHE LD 60 63.14 -80.97 73.17
CA PHE LD 60 63.26 -80.91 74.62
C PHE LD 60 61.90 -80.71 75.24
N PRO LD 61 61.65 -81.30 76.42
CA PRO LD 61 60.41 -81.01 77.14
C PRO LD 61 60.36 -79.56 77.59
N ASN LD 62 59.32 -78.85 77.18
CA ASN LD 62 59.10 -77.46 77.57
C ASN LD 62 57.73 -77.40 78.24
N GLY LD 63 57.70 -77.66 79.53
CA GLY LD 63 56.45 -77.75 80.26
C GLY LD 63 55.61 -78.91 79.78
N ASP LD 64 54.50 -78.61 79.12
CA ASP LD 64 53.62 -79.65 78.57
C ASP LD 64 53.96 -80.01 77.14
N LYS LD 65 54.43 -79.05 76.34
CA LYS LD 65 54.74 -79.27 74.94
C LYS LD 65 56.24 -79.56 74.79
N LYS LD 66 56.69 -79.65 73.54
CA LYS LD 66 58.09 -79.88 73.22
C LYS LD 66 58.64 -78.68 72.46
N SER LD 67 59.86 -78.29 72.79
CA SER LD 67 60.53 -77.18 72.13
C SER LD 67 61.79 -77.68 71.43
N LEU LD 68 62.13 -77.04 70.32
CA LEU LD 68 63.30 -77.41 69.53
C LEU LD 68 64.46 -76.51 69.90
N VAL LD 69 65.53 -77.12 70.43
CA VAL LD 69 66.77 -76.40 70.72
C VAL LD 69 67.72 -76.60 69.54
N VAL LD 70 68.21 -75.50 68.99
CA VAL LD 70 69.03 -75.52 67.79
C VAL LD 70 70.37 -74.87 68.08
N VAL LD 71 71.44 -75.55 67.69
CA VAL LD 71 72.80 -75.01 67.75
C VAL LD 71 73.36 -75.02 66.34
N ASN LD 72 73.82 -73.85 65.88
CA ASN LD 72 74.38 -73.70 64.54
C ASN LD 72 75.86 -73.38 64.63
N LEU LD 73 76.65 -74.02 63.76
CA LEU LD 73 78.06 -73.70 63.59
C LEU LD 73 78.29 -73.38 62.12
N THR LD 74 78.64 -72.12 61.83
CA THR LD 74 78.80 -71.64 60.47
C THR LD 74 80.20 -71.07 60.30
N ALA LD 75 80.83 -71.38 59.17
CA ALA LD 75 82.13 -70.84 58.81
C ALA LD 75 82.05 -70.17 57.45
N HIS LD 76 82.74 -69.04 57.32
CA HIS LD 76 82.79 -68.28 56.07
C HIS LD 76 84.25 -68.18 55.64
N VAL LD 77 84.64 -68.98 54.66
CA VAL LD 77 86.03 -69.05 54.20
C VAL LD 77 86.08 -68.50 52.78
N PRO LD 78 86.67 -67.33 52.56
CA PRO LD 78 86.79 -66.81 51.19
C PRO LD 78 87.74 -67.64 50.34
N VAL LD 79 87.44 -67.71 49.04
CA VAL LD 79 88.31 -68.44 48.12
C VAL LD 79 89.65 -67.71 48.01
N GLY LD 80 90.73 -68.49 48.03
CA GLY LD 80 92.07 -67.97 47.94
C GLY LD 80 92.86 -68.08 49.22
N VAL LD 81 92.22 -68.42 50.32
CA VAL LD 81 92.90 -68.56 51.61
C VAL LD 81 93.48 -69.96 51.72
N ASP LD 82 94.61 -70.07 52.41
CA ASP LD 82 95.23 -71.36 52.66
C ASP LD 82 94.33 -72.20 53.56
N ALA LD 83 93.94 -73.38 53.08
CA ALA LD 83 93.04 -74.24 53.85
C ALA LD 83 93.71 -74.80 55.09
N THR LD 84 95.00 -75.14 55.01
CA THR LD 84 95.71 -75.64 56.17
C THR LD 84 95.82 -74.58 57.26
N ALA LD 85 96.05 -73.32 56.86
CA ALA LD 85 96.12 -72.25 57.85
C ALA LD 85 94.80 -72.07 58.58
N VAL LD 86 93.69 -72.16 57.86
CA VAL LD 86 92.38 -72.01 58.49
C VAL LD 86 92.10 -73.16 59.43
N ARG LD 87 92.44 -74.40 59.02
CA ARG LD 87 92.22 -75.55 59.88
C ARG LD 87 93.04 -75.45 61.16
N THR LD 88 94.29 -75.00 61.05
CA THR LD 88 95.12 -74.83 62.23
C THR LD 88 94.56 -73.77 63.17
N TRP LD 89 94.05 -72.67 62.62
CA TRP LD 89 93.43 -71.63 63.44
C TRP LD 89 92.16 -72.14 64.11
N MET LD 90 91.32 -72.86 63.36
CA MET LD 90 90.08 -73.38 63.91
C MET LD 90 90.32 -74.38 65.03
N THR LD 91 91.32 -75.24 64.87
CA THR LD 91 91.60 -76.26 65.88
C THR LD 91 92.17 -75.66 67.15
N SER LD 92 93.12 -74.73 67.04
CA SER LD 92 93.82 -74.22 68.21
C SER LD 92 93.12 -73.04 68.87
N GLU LD 93 92.35 -72.25 68.13
CA GLU LD 93 91.80 -71.02 68.68
C GLU LD 93 90.28 -70.99 68.71
N VAL LD 94 89.61 -71.55 67.71
CA VAL LD 94 88.15 -71.49 67.67
C VAL LD 94 87.56 -72.60 68.53
N PHE LD 95 88.03 -73.83 68.34
CA PHE LD 95 87.44 -74.98 69.02
C PHE LD 95 87.52 -74.89 70.54
N PRO LD 96 88.68 -74.59 71.15
CA PRO LD 96 88.70 -74.52 72.63
C PRO LD 96 87.77 -73.46 73.20
N GLY LD 97 87.61 -72.32 72.52
CA GLY LD 97 86.72 -71.29 73.03
C GLY LD 97 85.26 -71.56 72.76
N ALA LD 98 84.95 -72.25 71.66
CA ALA LD 98 83.56 -72.53 71.32
C ALA LD 98 82.96 -73.60 72.22
N THR LD 99 83.78 -74.46 72.82
CA THR LD 99 83.29 -75.52 73.69
C THR LD 99 83.68 -75.28 75.15
N SER LD 100 83.67 -74.02 75.58
CA SER LD 100 84.01 -73.64 76.94
C SER LD 100 82.75 -73.34 77.73
N SER LD 101 82.94 -72.98 79.00
CA SER LD 101 81.82 -72.54 79.82
C SER LD 101 81.25 -71.22 79.33
N VAL LD 102 82.01 -70.46 78.52
CA VAL LD 102 81.49 -69.22 77.96
C VAL LD 102 80.30 -69.49 77.05
N THR LD 103 80.39 -70.54 76.23
CA THR LD 103 79.28 -70.90 75.36
C THR LD 103 78.05 -71.29 76.18
N LEU LD 104 78.25 -72.11 77.21
CA LEU LD 104 77.13 -72.54 78.04
C LEU LD 104 76.51 -71.37 78.81
N ASP LD 105 77.36 -70.49 79.36
CA ASP LD 105 76.85 -69.35 80.11
C ASP LD 105 76.12 -68.36 79.20
N LEU LD 106 76.62 -68.19 77.98
CA LEU LD 106 75.93 -67.31 77.03
C LEU LD 106 74.59 -67.90 76.60
N ALA LD 107 74.53 -69.22 76.43
CA ALA LD 107 73.30 -69.85 75.94
C ALA LD 107 72.19 -69.81 76.98
N THR LD 108 72.50 -70.19 78.22
CA THR LD 108 71.47 -70.34 79.25
C THR LD 108 71.39 -69.16 80.21
N LYS LD 109 72.27 -68.16 80.08
CA LYS LD 109 72.21 -67.01 80.96
C LYS LD 109 72.36 -65.67 80.26
N GLY LD 110 72.69 -65.64 78.98
CA GLY LD 110 72.91 -64.39 78.28
C GLY LD 110 74.11 -63.62 78.80
N VAL LD 111 75.17 -64.30 79.20
CA VAL LD 111 76.35 -63.63 79.72
C VAL LD 111 77.27 -63.27 78.56
N ILE LD 112 77.47 -61.96 78.36
CA ILE LD 112 78.38 -61.46 77.34
C ILE LD 112 79.61 -60.79 77.91
N HIS LD 113 79.60 -60.44 79.20
CA HIS LD 113 80.75 -59.83 79.85
C HIS LD 113 81.55 -60.92 80.56
N LEU LD 114 82.80 -61.09 80.15
CA LEU LD 114 83.65 -62.14 80.68
C LEU LD 114 84.33 -61.69 81.97
N SER LD 115 84.66 -62.65 82.82
CA SER LD 115 85.33 -62.38 84.07
C SER LD 115 86.11 -63.62 84.52
N ASP LD 116 87.19 -63.40 85.27
CA ASP LD 116 87.84 -62.13 85.55
C ASP LD 116 89.35 -62.29 85.47
N ALA LD 117 89.80 -63.54 85.47
CA ALA LD 117 91.23 -63.84 85.45
C ALA LD 117 91.64 -64.49 84.14
N LEU MD 1 38.33 -120.56 54.30
CA LEU MD 1 38.79 -119.31 53.70
C LEU MD 1 40.01 -118.76 54.44
N SER MD 2 41.17 -118.81 53.80
CA SER MD 2 42.41 -118.37 54.40
C SER MD 2 43.16 -117.44 53.45
N ILE MD 3 43.72 -116.38 54.02
CA ILE MD 3 44.65 -115.51 53.30
C ILE MD 3 45.93 -115.50 54.14
N GLY MD 4 46.86 -116.39 53.80
CA GLY MD 4 48.01 -116.61 54.64
C GLY MD 4 47.69 -117.51 55.81
N THR MD 5 47.90 -117.02 57.03
CA THR MD 5 47.52 -117.73 58.24
C THR MD 5 46.23 -117.19 58.85
N LYS MD 6 45.54 -116.28 58.15
CA LYS MD 6 44.36 -115.61 58.68
C LYS MD 6 43.10 -116.29 58.16
N ASN MD 7 42.18 -116.59 59.07
CA ASN MD 7 40.86 -117.09 58.70
C ASN MD 7 39.92 -115.92 58.49
N VAL MD 8 39.42 -115.78 57.26
CA VAL MD 8 38.58 -114.65 56.90
C VAL MD 8 37.23 -115.17 56.41
N SER MD 9 36.26 -114.27 56.35
CA SER MD 9 34.94 -114.55 55.80
C SER MD 9 34.55 -113.42 54.86
N ILE MD 10 33.68 -113.76 53.91
CA ILE MD 10 33.20 -112.75 52.96
C ILE MD 10 32.42 -111.69 53.72
N TYR MD 11 32.73 -110.43 53.47
CA TYR MD 11 32.08 -109.30 54.13
C TYR MD 11 31.35 -108.40 53.16
N ARG MD 12 31.93 -108.14 51.99
CA ARG MD 12 31.29 -107.38 50.94
C ARG MD 12 31.70 -107.95 49.60
N ASN MD 13 30.72 -108.24 48.75
CA ASN MD 13 30.98 -108.86 47.45
C ASN MD 13 30.52 -107.90 46.36
N THR MD 14 31.47 -107.41 45.58
CA THR MD 14 31.25 -106.46 44.51
C THR MD 14 31.87 -107.04 43.23
N ALA MD 15 31.41 -106.54 42.08
CA ALA MD 15 31.84 -107.07 40.79
C ALA MD 15 33.36 -107.15 40.68
N ASP MD 16 34.07 -106.14 41.18
CA ASP MD 16 35.52 -106.08 41.01
C ASP MD 16 36.27 -105.98 42.33
N GLU MD 17 35.61 -106.22 43.46
CA GLU MD 17 36.28 -106.15 44.75
C GLU MD 17 35.51 -106.98 45.77
N VAL MD 18 36.22 -107.84 46.49
CA VAL MD 18 35.64 -108.62 47.59
C VAL MD 18 36.43 -108.28 48.85
N ILE MD 19 35.72 -107.84 49.89
CA ILE MD 19 36.33 -107.50 51.17
C ILE MD 19 36.16 -108.69 52.11
N TYR MD 20 37.25 -109.15 52.69
CA TYR MD 20 37.24 -110.22 53.66
C TYR MD 20 37.59 -109.69 55.03
N ALA MD 21 36.84 -110.10 56.04
CA ALA MD 21 37.00 -109.61 57.40
C ALA MD 21 37.66 -110.68 58.28
N GLY MD 22 38.62 -110.25 59.08
CA GLY MD 22 39.29 -111.14 60.01
C GLY MD 22 38.48 -111.34 61.27
N PRO MD 23 39.02 -112.13 62.21
CA PRO MD 23 38.29 -112.40 63.45
C PRO MD 23 38.05 -111.18 64.31
N ALA MD 24 38.85 -110.13 64.14
CA ALA MD 24 38.77 -108.93 64.98
C ALA MD 24 38.01 -107.80 64.32
N HIS MD 25 37.31 -108.07 63.22
CA HIS MD 25 36.55 -107.04 62.53
C HIS MD 25 35.13 -106.96 63.07
N ASP MD 26 34.66 -105.73 63.27
CA ASP MD 26 33.30 -105.48 63.75
C ASP MD 26 32.91 -104.06 63.33
N VAL MD 27 31.84 -103.54 63.94
CA VAL MD 27 31.35 -102.22 63.60
C VAL MD 27 32.33 -101.12 63.97
N THR MD 28 33.06 -101.26 65.08
CA THR MD 28 33.94 -100.21 65.55
C THR MD 28 35.42 -100.45 65.30
N ASN MD 29 35.82 -101.67 64.95
CA ASN MD 29 37.21 -101.98 64.65
C ASN MD 29 37.33 -102.49 63.22
N VAL MD 30 38.48 -102.23 62.61
CA VAL MD 30 38.74 -102.61 61.22
C VAL MD 30 39.80 -103.70 61.21
N ASP MD 31 39.43 -104.86 60.65
CA ASP MD 31 40.37 -105.95 60.36
C ASP MD 31 39.91 -106.58 59.05
N THR MD 32 40.43 -106.07 57.94
CA THR MD 32 39.95 -106.47 56.63
C THR MD 32 41.11 -106.70 55.67
N VAL MD 33 40.89 -107.62 54.73
CA VAL MD 33 41.76 -107.82 53.58
C VAL MD 33 40.88 -107.73 52.34
N SER MD 34 41.16 -106.75 51.48
CA SER MD 34 40.35 -106.48 50.31
C SER MD 34 41.12 -106.86 49.05
N LEU MD 35 40.51 -107.71 48.22
CA LEU MD 35 41.06 -108.04 46.91
C LEU MD 35 40.33 -107.23 45.85
N ARG MD 36 41.10 -106.49 45.06
CA ARG MD 36 40.55 -105.63 44.01
C ARG MD 36 41.22 -105.95 42.69
N ARG MD 37 40.52 -105.69 41.60
CA ARG MD 37 41.05 -106.00 40.29
C ARG MD 37 40.55 -104.98 39.28
N SER MD 38 41.32 -104.80 38.22
CA SER MD 38 40.92 -104.00 37.06
C SER MD 38 41.21 -104.82 35.82
N LEU MD 39 40.14 -105.33 35.20
CA LEU MD 39 40.30 -106.23 34.07
C LEU MD 39 40.85 -105.51 32.86
N PRO MD 40 41.60 -106.22 32.01
CA PRO MD 40 42.19 -105.58 30.83
C PRO MD 40 41.12 -105.01 29.90
N VAL MD 41 41.43 -103.86 29.31
CA VAL MD 41 40.55 -103.21 28.34
C VAL MD 41 41.28 -103.21 27.00
N LYS MD 42 40.69 -103.87 26.01
CA LYS MD 42 41.29 -103.96 24.67
C LYS MD 42 41.09 -102.62 23.96
N LYS MD 43 41.91 -101.65 24.35
CA LYS MD 43 41.82 -100.31 23.80
C LYS MD 43 42.74 -100.19 22.59
N GLY MD 44 42.15 -99.97 21.41
CA GLY MD 44 42.93 -99.88 20.20
C GLY MD 44 43.70 -101.16 19.93
N SER MD 45 44.98 -101.03 19.63
CA SER MD 45 45.85 -102.19 19.43
C SER MD 45 46.42 -102.75 20.72
N ASP MD 46 46.45 -101.95 21.79
CA ASP MD 46 46.94 -102.44 23.07
C ASP MD 46 45.93 -103.40 23.67
N ASN MD 47 46.40 -104.58 24.10
CA ASN MD 47 45.53 -105.56 24.74
C ASN MD 47 45.16 -105.17 26.17
N GLY MD 48 45.78 -104.15 26.72
CA GLY MD 48 45.45 -103.70 28.06
C GLY MD 48 46.42 -104.21 29.11
N THR MD 49 46.07 -103.92 30.35
CA THR MD 49 46.87 -104.31 31.50
C THR MD 49 45.98 -104.94 32.55
N MET MD 50 46.50 -105.96 33.23
CA MET MD 50 45.79 -106.59 34.34
C MET MD 50 46.31 -106.00 35.65
N ARG MD 51 45.42 -105.36 36.39
CA ARG MD 51 45.76 -104.71 37.66
C ARG MD 51 45.10 -105.45 38.80
N GLY MD 52 45.90 -105.87 39.78
CA GLY MD 52 45.40 -106.52 40.97
C GLY MD 52 45.89 -105.79 42.21
N ASN MD 53 44.99 -105.62 43.17
CA ASN MD 53 45.31 -104.91 44.40
C ASN MD 53 44.93 -105.76 45.61
N MET MD 54 45.87 -105.93 46.52
CA MET MD 54 45.60 -106.55 47.82
C MET MD 54 45.74 -105.48 48.89
N ASN MD 55 44.67 -105.24 49.63
CA ASN MD 55 44.60 -104.18 50.62
C ASN MD 55 44.49 -104.78 52.01
N PHE MD 56 45.36 -104.35 52.92
CA PHE MD 56 45.32 -104.74 54.31
C PHE MD 56 45.01 -103.51 55.16
N ALA MD 57 43.98 -103.61 55.99
CA ALA MD 57 43.58 -102.50 56.85
C ALA MD 57 43.40 -103.01 58.27
N LYS MD 58 43.93 -102.26 59.24
CA LYS MD 58 43.79 -102.61 60.64
C LYS MD 58 43.69 -101.34 61.47
N SER MD 59 42.85 -101.39 62.49
CA SER MD 59 42.73 -100.30 63.44
C SER MD 59 43.73 -100.49 64.58
N PHE MD 60 44.33 -99.38 65.01
CA PHE MD 60 45.37 -99.40 66.02
C PHE MD 60 45.12 -98.31 67.05
N PRO MD 61 45.48 -98.54 68.31
CA PRO MD 61 45.39 -97.46 69.31
C PRO MD 61 46.32 -96.32 68.96
N ASN MD 62 45.76 -95.11 68.88
CA ASN MD 62 46.50 -93.89 68.57
C ASN MD 62 46.17 -92.86 69.64
N GLY MD 63 46.89 -92.90 70.75
CA GLY MD 63 46.61 -92.01 71.87
C GLY MD 63 45.21 -92.19 72.40
N ASP MD 64 44.34 -91.20 72.16
CA ASP MD 64 42.96 -91.30 72.60
C ASP MD 64 42.09 -92.04 71.59
N LYS MD 65 42.25 -91.73 70.31
CA LYS MD 65 41.42 -92.30 69.26
C LYS MD 65 42.10 -93.55 68.69
N LYS MD 66 41.53 -94.10 67.61
CA LYS MD 66 42.06 -95.28 66.96
C LYS MD 66 42.33 -94.94 65.50
N SER MD 67 43.54 -95.22 65.03
CA SER MD 67 43.96 -94.89 63.68
C SER MD 67 44.03 -96.14 62.81
N LEU MD 68 43.91 -95.94 61.50
CA LEU MD 68 43.88 -97.02 60.54
C LEU MD 68 45.23 -97.12 59.83
N VAL MD 69 45.87 -98.28 59.96
CA VAL MD 69 47.10 -98.58 59.24
C VAL MD 69 46.75 -99.42 58.02
N VAL MD 70 47.21 -99.00 56.85
CA VAL MD 70 46.86 -99.63 55.59
C VAL MD 70 48.13 -100.04 54.86
N VAL MD 71 48.18 -101.30 54.42
CA VAL MD 71 49.26 -101.81 53.59
C VAL MD 71 48.65 -102.22 52.25
N ASN MD 72 49.19 -101.68 51.16
CA ASN MD 72 48.71 -101.97 49.82
C ASN MD 72 49.73 -102.81 49.05
N LEU MD 73 49.23 -103.64 48.15
CA LEU MD 73 50.06 -104.43 47.25
C LEU MD 73 49.38 -104.43 45.89
N THR MD 74 49.98 -103.73 44.93
CA THR MD 74 49.40 -103.60 43.60
C THR MD 74 50.36 -104.15 42.56
N ALA MD 75 49.83 -104.95 41.64
CA ALA MD 75 50.60 -105.52 40.55
C ALA MD 75 50.01 -105.07 39.22
N HIS MD 76 50.89 -104.73 38.28
CA HIS MD 76 50.49 -104.33 36.93
C HIS MD 76 51.15 -105.29 35.95
N VAL MD 77 50.34 -106.14 35.33
CA VAL MD 77 50.83 -107.13 34.38
C VAL MD 77 50.22 -106.87 33.02
N PRO MD 78 51.00 -106.38 32.05
CA PRO MD 78 50.43 -106.16 30.71
C PRO MD 78 50.02 -107.46 30.04
N VAL MD 79 48.96 -107.38 29.23
CA VAL MD 79 48.46 -108.56 28.55
C VAL MD 79 49.43 -108.98 27.46
N GLY MD 80 49.74 -110.27 27.41
CA GLY MD 80 50.69 -110.84 26.47
C GLY MD 80 51.98 -111.29 27.12
N VAL MD 81 52.37 -110.67 28.23
CA VAL MD 81 53.52 -111.13 28.99
C VAL MD 81 53.24 -112.52 29.54
N ASP MD 82 54.22 -113.41 29.42
CA ASP MD 82 54.05 -114.77 29.90
C ASP MD 82 53.81 -114.78 31.40
N ALA MD 83 52.73 -115.44 31.83
CA ALA MD 83 52.34 -115.42 33.23
C ALA MD 83 53.33 -116.19 34.09
N THR MD 84 53.87 -117.30 33.59
CA THR MD 84 54.78 -118.12 34.40
C THR MD 84 56.06 -117.35 34.73
N ALA MD 85 56.57 -116.57 33.77
CA ALA MD 85 57.76 -115.77 34.03
C ALA MD 85 57.50 -114.73 35.11
N VAL MD 86 56.32 -114.12 35.12
CA VAL MD 86 55.98 -113.14 36.15
C VAL MD 86 55.91 -113.82 37.52
N ARG MD 87 55.35 -115.03 37.58
CA ARG MD 87 55.12 -115.68 38.87
C ARG MD 87 56.44 -116.14 39.50
N THR MD 88 57.40 -116.57 38.68
CA THR MD 88 58.69 -116.94 39.25
C THR MD 88 59.51 -115.71 39.62
N TRP MD 89 59.34 -114.61 38.88
CA TRP MD 89 59.96 -113.36 39.28
C TRP MD 89 59.39 -112.85 40.60
N MET MD 90 58.07 -112.92 40.74
CA MET MD 90 57.42 -112.47 41.97
C MET MD 90 57.83 -113.32 43.16
N THR MD 91 57.88 -114.64 42.98
CA THR MD 91 58.19 -115.54 44.09
C THR MD 91 59.65 -115.41 44.52
N SER MD 92 60.56 -115.24 43.56
CA SER MD 92 61.99 -115.28 43.85
C SER MD 92 62.59 -113.89 44.07
N GLU MD 93 62.11 -112.87 43.39
CA GLU MD 93 62.72 -111.55 43.45
C GLU MD 93 61.89 -110.51 44.18
N VAL MD 94 60.56 -110.57 44.10
CA VAL MD 94 59.73 -109.54 44.71
C VAL MD 94 59.39 -109.90 46.14
N PHE MD 95 58.85 -111.10 46.35
CA PHE MD 95 58.36 -111.53 47.66
C PHE MD 95 59.46 -111.54 48.73
N PRO MD 96 60.64 -112.13 48.49
CA PRO MD 96 61.68 -112.08 49.53
C PRO MD 96 62.10 -110.67 49.90
N GLY MD 97 62.13 -109.74 48.94
CA GLY MD 97 62.48 -108.37 49.26
C GLY MD 97 61.34 -107.56 49.84
N ALA MD 98 60.10 -107.91 49.49
CA ALA MD 98 58.94 -107.18 49.99
C ALA MD 98 58.58 -107.52 51.42
N THR MD 99 59.14 -108.60 51.98
CA THR MD 99 58.83 -109.01 53.34
C THR MD 99 60.06 -108.96 54.25
N SER MD 100 61.11 -108.26 53.82
CA SER MD 100 62.35 -108.19 54.60
C SER MD 100 62.23 -107.08 55.63
N SER MD 101 63.32 -106.83 56.36
CA SER MD 101 63.35 -105.73 57.31
C SER MD 101 63.35 -104.37 56.63
N VAL MD 102 63.65 -104.32 55.32
CA VAL MD 102 63.63 -103.06 54.60
C VAL MD 102 62.22 -102.48 54.58
N THR MD 103 61.22 -103.33 54.34
CA THR MD 103 59.83 -102.86 54.36
C THR MD 103 59.44 -102.35 55.73
N LEU MD 104 59.87 -103.03 56.79
CA LEU MD 104 59.53 -102.61 58.14
C LEU MD 104 60.11 -101.24 58.48
N ASP MD 105 61.38 -101.01 58.10
CA ASP MD 105 62.00 -99.71 58.36
C ASP MD 105 61.38 -98.63 57.49
N LEU MD 106 61.08 -98.95 56.23
CA LEU MD 106 60.49 -97.97 55.32
C LEU MD 106 59.10 -97.54 55.79
N ALA MD 107 58.30 -98.47 56.30
CA ALA MD 107 56.94 -98.15 56.70
C ALA MD 107 56.89 -97.37 58.01
N THR MD 108 57.76 -97.72 58.97
CA THR MD 108 57.69 -97.11 60.29
C THR MD 108 58.62 -95.92 60.44
N LYS MD 109 59.72 -95.87 59.69
CA LYS MD 109 60.70 -94.80 59.83
C LYS MD 109 61.03 -94.08 58.53
N GLY MD 110 60.54 -94.55 57.39
CA GLY MD 110 60.85 -93.89 56.13
C GLY MD 110 62.27 -94.09 55.63
N VAL MD 111 62.91 -95.19 56.01
CA VAL MD 111 64.30 -95.43 55.64
C VAL MD 111 64.35 -95.87 54.18
N ILE MD 112 65.10 -95.12 53.37
CA ILE MD 112 65.24 -95.41 51.95
C ILE MD 112 66.67 -95.77 51.55
N HIS MD 113 67.59 -95.76 52.50
CA HIS MD 113 69.00 -96.11 52.26
C HIS MD 113 69.30 -97.40 53.02
N LEU MD 114 69.50 -98.50 52.29
CA LEU MD 114 69.74 -99.81 52.92
C LEU MD 114 71.23 -100.11 52.92
N SER MD 115 71.95 -99.41 53.80
CA SER MD 115 73.38 -99.63 53.97
C SER MD 115 73.63 -100.74 54.99
N ASP MD 116 74.68 -101.52 54.74
CA ASP MD 116 75.52 -101.48 53.55
C ASP MD 116 75.77 -102.89 53.02
N ALA MD 117 75.63 -103.88 53.91
CA ALA MD 117 75.85 -105.27 53.54
C ALA MD 117 74.68 -105.83 52.76
N LEU ND 1 -32.05 -31.21 129.86
CA LEU ND 1 -31.39 -31.78 128.69
C LEU ND 1 -30.06 -32.43 129.05
N SER ND 2 -29.95 -33.72 128.76
CA SER ND 2 -28.74 -34.47 129.08
C SER ND 2 -28.42 -35.44 127.94
N ILE ND 3 -27.14 -35.70 127.75
CA ILE ND 3 -26.65 -36.69 126.79
C ILE ND 3 -25.74 -37.62 127.61
N GLY ND 4 -26.30 -38.71 128.10
CA GLY ND 4 -25.60 -39.53 129.06
C GLY ND 4 -25.59 -38.88 130.42
N THR ND 5 -24.41 -38.53 130.93
CA THR ND 5 -24.26 -37.88 132.23
C THR ND 5 -23.90 -36.41 132.10
N LYS ND 6 -23.95 -35.85 130.90
CA LYS ND 6 -23.56 -34.47 130.65
C LYS ND 6 -24.78 -33.61 130.37
N ASN ND 7 -24.88 -32.47 131.06
CA ASN ND 7 -25.95 -31.51 130.84
C ASN ND 7 -25.59 -30.60 129.68
N VAL ND 8 -26.55 -30.43 128.76
CA VAL ND 8 -26.33 -29.63 127.55
C VAL ND 8 -27.50 -28.68 127.37
N SER ND 9 -27.32 -27.72 126.48
CA SER ND 9 -28.36 -26.77 126.09
C SER ND 9 -28.37 -26.68 124.58
N ILE ND 10 -29.55 -26.41 124.01
CA ILE ND 10 -29.64 -26.20 122.57
C ILE ND 10 -28.80 -24.99 122.21
N TYR ND 11 -27.86 -25.18 121.29
CA TYR ND 11 -26.98 -24.12 120.82
C TYR ND 11 -27.28 -23.68 119.40
N ARG ND 12 -27.45 -24.62 118.49
CA ARG ND 12 -27.77 -24.32 117.10
C ARG ND 12 -28.84 -25.27 116.61
N ASN ND 13 -29.83 -24.73 115.90
CA ASN ND 13 -30.96 -25.51 115.42
C ASN ND 13 -31.06 -25.34 113.91
N THR ND 14 -31.04 -26.45 113.19
CA THR ND 14 -31.31 -26.46 111.75
C THR ND 14 -32.36 -27.50 111.43
N ALA ND 15 -32.71 -27.64 110.15
CA ALA ND 15 -33.77 -28.57 109.77
C ALA ND 15 -33.41 -30.01 110.11
N ASP ND 16 -32.18 -30.41 109.83
CA ASP ND 16 -31.76 -31.80 110.03
C ASP ND 16 -30.56 -31.94 110.96
N GLU ND 17 -30.22 -30.90 111.72
CA GLU ND 17 -29.10 -30.99 112.64
C GLU ND 17 -29.33 -30.04 113.81
N VAL ND 18 -29.09 -30.54 115.01
CA VAL ND 18 -29.12 -29.74 116.24
C VAL ND 18 -27.78 -29.89 116.93
N ILE ND 19 -27.18 -28.75 117.30
CA ILE ND 19 -25.94 -28.73 118.06
C ILE ND 19 -26.26 -28.37 119.50
N TYR ND 20 -25.74 -29.16 120.43
CA TYR ND 20 -25.88 -28.90 121.86
C TYR ND 20 -24.52 -28.51 122.43
N ALA ND 21 -24.52 -27.59 123.39
CA ALA ND 21 -23.31 -27.07 123.98
C ALA ND 21 -23.18 -27.58 125.41
N GLY ND 22 -21.98 -28.02 125.77
CA GLY ND 22 -21.70 -28.46 127.11
C GLY ND 22 -21.38 -27.30 128.04
N PRO ND 23 -21.13 -27.60 129.31
CA PRO ND 23 -20.87 -26.52 130.27
C PRO ND 23 -19.58 -25.75 130.00
N ALA ND 24 -18.65 -26.30 129.25
CA ALA ND 24 -17.35 -25.67 129.01
C ALA ND 24 -17.26 -24.97 127.67
N HIS ND 25 -18.37 -24.84 126.95
CA HIS ND 25 -18.35 -24.22 125.63
C HIS ND 25 -18.48 -22.71 125.74
N ASP ND 26 -17.53 -22.00 125.14
CA ASP ND 26 -17.60 -20.54 125.04
C ASP ND 26 -16.85 -20.13 123.78
N VAL ND 27 -16.51 -18.85 123.68
CA VAL ND 27 -15.86 -18.28 122.49
C VAL ND 27 -14.49 -18.91 122.28
N THR ND 28 -13.85 -19.35 123.38
CA THR ND 28 -12.49 -19.88 123.30
C THR ND 28 -12.42 -21.40 123.34
N ASN ND 29 -13.33 -22.07 124.03
CA ASN ND 29 -13.27 -23.51 124.20
C ASN ND 29 -14.46 -24.16 123.55
N VAL ND 30 -14.23 -25.27 122.85
CA VAL ND 30 -15.29 -26.02 122.19
C VAL ND 30 -15.68 -27.21 123.07
N ASP ND 31 -16.98 -27.32 123.35
CA ASP ND 31 -17.53 -28.48 124.04
C ASP ND 31 -18.95 -28.66 123.52
N THR ND 32 -19.10 -29.48 122.48
CA THR ND 32 -20.38 -29.59 121.78
C THR ND 32 -20.67 -31.03 121.43
N VAL ND 33 -21.97 -31.36 121.40
CA VAL ND 33 -22.46 -32.62 120.85
C VAL ND 33 -23.50 -32.27 119.80
N SER ND 34 -23.33 -32.82 118.60
CA SER ND 34 -24.20 -32.52 117.47
C SER ND 34 -24.96 -33.78 117.05
N LEU ND 35 -26.26 -33.63 116.83
CA LEU ND 35 -27.11 -34.71 116.35
C LEU ND 35 -27.57 -34.36 114.94
N ARG ND 36 -27.25 -35.23 113.98
CA ARG ND 36 -27.59 -35.00 112.59
C ARG ND 36 -28.29 -36.23 112.03
N ARG ND 37 -29.25 -36.01 111.14
CA ARG ND 37 -29.99 -37.08 110.50
C ARG ND 37 -30.02 -36.87 109.00
N SER ND 38 -30.02 -37.98 108.26
CA SER ND 38 -30.22 -37.99 106.82
C SER ND 38 -31.42 -38.88 106.55
N LEU ND 39 -32.59 -38.25 106.37
CA LEU ND 39 -33.82 -39.01 106.20
C LEU ND 39 -33.79 -39.76 104.88
N PRO ND 40 -34.37 -40.97 104.84
CA PRO ND 40 -34.34 -41.77 103.62
C PRO ND 40 -35.09 -41.10 102.48
N VAL ND 41 -34.54 -41.24 101.29
CA VAL ND 41 -35.21 -40.83 100.06
C VAL ND 41 -35.53 -42.11 99.28
N LYS ND 42 -36.82 -42.38 99.08
CA LYS ND 42 -37.27 -43.63 98.50
C LYS ND 42 -37.38 -43.46 96.98
N LYS ND 43 -36.24 -43.21 96.36
CA LYS ND 43 -36.16 -43.05 94.92
C LYS ND 43 -36.32 -44.40 94.22
N GLY ND 44 -36.91 -44.35 93.03
CA GLY ND 44 -37.17 -45.54 92.25
C GLY ND 44 -37.90 -46.62 93.02
N SER ND 45 -37.26 -47.77 93.22
CA SER ND 45 -37.81 -48.85 94.02
C SER ND 45 -37.12 -49.00 95.37
N ASP ND 46 -35.85 -48.62 95.49
CA ASP ND 46 -35.15 -48.70 96.76
C ASP ND 46 -35.75 -47.71 97.74
N ASN ND 47 -35.99 -48.18 98.96
CA ASN ND 47 -36.63 -47.35 99.99
C ASN ND 47 -35.65 -46.44 100.72
N GLY ND 48 -34.37 -46.45 100.33
CA GLY ND 48 -33.41 -45.55 100.91
C GLY ND 48 -32.86 -46.02 102.24
N THR ND 49 -32.00 -45.19 102.82
CA THR ND 49 -31.31 -45.50 104.06
C THR ND 49 -31.48 -44.35 105.03
N MET ND 50 -31.65 -44.68 106.30
CA MET ND 50 -31.68 -43.68 107.36
C MET ND 50 -30.30 -43.57 107.99
N ARG ND 51 -29.72 -42.38 107.92
CA ARG ND 51 -28.36 -42.14 108.40
C ARG ND 51 -28.41 -41.20 109.61
N GLY ND 52 -28.06 -41.72 110.77
CA GLY ND 52 -28.01 -40.91 111.98
C GLY ND 52 -26.61 -40.73 112.50
N ASN ND 53 -26.17 -39.48 112.62
CA ASN ND 53 -24.81 -39.15 113.03
C ASN ND 53 -24.82 -38.37 114.34
N MET ND 54 -23.99 -38.80 115.28
CA MET ND 54 -23.76 -38.08 116.53
C MET ND 54 -22.31 -37.65 116.59
N ASN ND 55 -22.09 -36.36 116.81
CA ASN ND 55 -20.77 -35.75 116.75
C ASN ND 55 -20.35 -35.26 118.13
N PHE ND 56 -19.13 -35.58 118.53
CA PHE ND 56 -18.54 -35.08 119.77
C PHE ND 56 -17.31 -34.26 119.43
N ALA ND 57 -17.27 -33.02 119.91
CA ALA ND 57 -16.18 -32.10 119.61
C ALA ND 57 -15.67 -31.49 120.90
N LYS ND 58 -14.34 -31.43 121.05
CA LYS ND 58 -13.73 -30.87 122.24
C LYS ND 58 -12.37 -30.30 121.88
N SER ND 59 -12.15 -29.04 122.27
CA SER ND 59 -10.84 -28.42 122.08
C SER ND 59 -9.87 -28.90 123.15
N PHE ND 60 -8.62 -29.09 122.75
CA PHE ND 60 -7.58 -29.59 123.63
C PHE ND 60 -6.32 -28.74 123.49
N PRO ND 61 -5.52 -28.62 124.55
CA PRO ND 61 -4.24 -27.92 124.43
C PRO ND 61 -3.28 -28.70 123.55
N ASN ND 62 -2.76 -28.04 122.51
CA ASN ND 62 -1.80 -28.64 121.58
C ASN ND 62 -0.63 -27.68 121.48
N GLY ND 63 0.32 -27.83 122.39
CA GLY ND 63 1.41 -26.87 122.46
C GLY ND 63 0.87 -25.51 122.86
N ASP ND 64 1.19 -24.49 122.06
CA ASP ND 64 0.69 -23.15 122.31
C ASP ND 64 -0.70 -22.91 121.76
N LYS ND 65 -1.11 -23.66 120.74
CA LYS ND 65 -2.41 -23.50 120.11
C LYS ND 65 -3.42 -24.47 120.73
N LYS ND 66 -4.62 -24.52 120.14
CA LYS ND 66 -5.65 -25.44 120.54
C LYS ND 66 -6.04 -26.32 119.35
N SER ND 67 -6.35 -27.58 119.64
CA SER ND 67 -6.69 -28.54 118.61
C SER ND 67 -8.06 -29.15 118.91
N LEU ND 68 -8.81 -29.45 117.84
CA LEU ND 68 -10.14 -30.00 117.97
C LEU ND 68 -10.09 -31.51 117.80
N VAL ND 69 -10.55 -32.24 118.81
CA VAL ND 69 -10.68 -33.69 118.75
C VAL ND 69 -12.15 -34.01 118.52
N VAL ND 70 -12.44 -34.76 117.45
CA VAL ND 70 -13.80 -35.05 117.03
C VAL ND 70 -14.01 -36.56 117.05
N VAL ND 71 -15.11 -36.99 117.66
CA VAL ND 71 -15.52 -38.39 117.66
C VAL ND 71 -16.88 -38.48 116.99
N ASN ND 72 -16.98 -39.34 115.99
CA ASN ND 72 -18.20 -39.51 115.21
C ASN ND 72 -18.76 -40.91 115.42
N LEU ND 73 -20.09 -41.00 115.56
CA LEU ND 73 -20.79 -42.27 115.66
C LEU ND 73 -21.98 -42.22 114.72
N THR ND 74 -21.91 -42.96 113.61
CA THR ND 74 -22.90 -42.93 112.56
C THR ND 74 -23.51 -44.31 112.38
N ALA ND 75 -24.83 -44.36 112.28
CA ALA ND 75 -25.57 -45.59 112.02
C ALA ND 75 -26.20 -45.52 110.64
N HIS ND 76 -26.09 -46.60 109.88
CA HIS ND 76 -26.68 -46.70 108.54
C HIS ND 76 -27.68 -47.86 108.57
N VAL ND 77 -28.96 -47.53 108.68
CA VAL ND 77 -30.03 -48.52 108.80
C VAL ND 77 -30.87 -48.44 107.53
N PRO ND 78 -30.81 -49.44 106.65
CA PRO ND 78 -31.68 -49.42 105.46
C PRO ND 78 -33.15 -49.55 105.84
N VAL ND 79 -34.01 -48.95 105.02
CA VAL ND 79 -35.44 -48.93 105.31
C VAL ND 79 -36.04 -50.30 105.07
N GLY ND 80 -36.82 -50.78 106.04
CA GLY ND 80 -37.43 -52.10 106.00
C GLY ND 80 -36.90 -53.04 107.07
N VAL ND 81 -35.67 -52.81 107.51
CA VAL ND 81 -35.10 -53.60 108.59
C VAL ND 81 -35.84 -53.31 109.89
N ASP ND 82 -36.13 -54.36 110.65
CA ASP ND 82 -36.82 -54.21 111.92
C ASP ND 82 -36.01 -53.34 112.87
N ALA ND 83 -36.63 -52.26 113.35
CA ALA ND 83 -35.94 -51.35 114.27
C ALA ND 83 -35.60 -52.03 115.58
N THR ND 84 -36.50 -52.88 116.09
CA THR ND 84 -36.26 -53.56 117.35
C THR ND 84 -35.07 -54.52 117.23
N ALA ND 85 -34.95 -55.21 116.10
CA ALA ND 85 -33.80 -56.11 115.89
C ALA ND 85 -32.49 -55.32 115.84
N VAL ND 86 -32.51 -54.15 115.21
CA VAL ND 86 -31.31 -53.32 115.12
C VAL ND 86 -30.93 -52.78 116.49
N ARG ND 87 -31.93 -52.33 117.27
CA ARG ND 87 -31.63 -51.76 118.58
C ARG ND 87 -31.03 -52.80 119.52
N THR ND 88 -31.52 -54.04 119.47
CA THR ND 88 -30.94 -55.10 120.28
C THR ND 88 -29.50 -55.38 119.86
N TRP ND 89 -29.22 -55.37 118.55
CA TRP ND 89 -27.87 -55.59 118.08
C TRP ND 89 -26.93 -54.46 118.51
N MET ND 90 -27.40 -53.21 118.42
CA MET ND 90 -26.56 -52.08 118.83
C MET ND 90 -26.26 -52.12 120.32
N THR ND 91 -27.25 -52.46 121.14
CA THR ND 91 -27.09 -52.42 122.59
C THR ND 91 -26.15 -53.52 123.07
N SER ND 92 -26.29 -54.74 122.55
CA SER ND 92 -25.55 -55.88 123.08
C SER ND 92 -24.27 -56.18 122.33
N GLU ND 93 -24.14 -55.73 121.09
CA GLU ND 93 -23.01 -56.11 120.25
C GLU ND 93 -22.13 -54.93 119.87
N VAL ND 94 -22.71 -53.78 119.57
CA VAL ND 94 -21.92 -52.63 119.13
C VAL ND 94 -21.50 -51.77 120.31
N PHE ND 95 -22.44 -51.48 121.21
CA PHE ND 95 -22.15 -50.58 122.32
C PHE ND 95 -21.03 -51.07 123.22
N PRO ND 96 -21.00 -52.33 123.68
CA PRO ND 96 -19.85 -52.77 124.49
C PRO ND 96 -18.53 -52.71 123.73
N GLY ND 97 -18.54 -52.97 122.43
CA GLY ND 97 -17.30 -52.93 121.67
C GLY ND 97 -16.82 -51.53 121.36
N ALA ND 98 -17.73 -50.58 121.20
CA ALA ND 98 -17.39 -49.20 120.88
C ALA ND 98 -16.99 -48.39 122.11
N THR ND 99 -17.09 -48.97 123.31
CA THR ND 99 -16.70 -48.29 124.54
C THR ND 99 -15.61 -49.05 125.28
N SER ND 100 -14.93 -49.97 124.61
CA SER ND 100 -13.88 -50.76 125.24
C SER ND 100 -12.54 -50.08 125.06
N SER ND 101 -11.49 -50.70 125.60
CA SER ND 101 -10.14 -50.20 125.41
C SER ND 101 -9.69 -50.30 123.95
N VAL ND 102 -10.36 -51.13 123.15
CA VAL ND 102 -10.04 -51.21 121.73
C VAL ND 102 -10.28 -49.88 121.04
N THR ND 103 -11.40 -49.23 121.36
CA THR ND 103 -11.68 -47.90 120.82
C THR ND 103 -10.65 -46.88 121.30
N LEU ND 104 -10.28 -46.96 122.58
CA LEU ND 104 -9.32 -46.00 123.13
C LEU ND 104 -7.96 -46.13 122.47
N ASP ND 105 -7.50 -47.36 122.24
CA ASP ND 105 -6.18 -47.54 121.63
C ASP ND 105 -6.20 -47.16 120.15
N LEU ND 106 -7.30 -47.42 119.46
CA LEU ND 106 -7.38 -47.07 118.04
C LEU ND 106 -7.36 -45.56 117.85
N ALA ND 107 -8.06 -44.81 118.72
CA ALA ND 107 -8.15 -43.38 118.55
C ALA ND 107 -6.84 -42.68 118.89
N THR ND 108 -6.21 -43.06 120.01
CA THR ND 108 -5.05 -42.34 120.52
C THR ND 108 -3.73 -42.99 120.17
N LYS ND 109 -3.72 -44.24 119.68
CA LYS ND 109 -2.48 -44.90 119.32
C LYS ND 109 -2.53 -45.54 117.93
N GLY ND 110 -3.69 -45.56 117.27
CA GLY ND 110 -3.81 -46.20 115.98
C GLY ND 110 -3.60 -47.70 116.01
N VAL ND 111 -4.07 -48.37 117.06
CA VAL ND 111 -3.88 -49.81 117.20
C VAL ND 111 -5.03 -50.54 116.51
N ILE ND 112 -4.70 -51.36 115.52
CA ILE ND 112 -5.69 -52.14 114.78
C ILE ND 112 -5.55 -53.64 115.02
N HIS ND 113 -4.59 -54.06 115.85
CA HIS ND 113 -4.42 -55.46 116.22
C HIS ND 113 -4.75 -55.61 117.70
N LEU ND 114 -5.86 -56.28 118.02
CA LEU ND 114 -6.25 -56.46 119.41
C LEU ND 114 -5.76 -57.82 119.91
N SER ND 115 -4.46 -58.01 119.83
CA SER ND 115 -3.84 -59.21 120.38
C SER ND 115 -3.82 -59.14 121.90
N ASP ND 116 -3.93 -60.31 122.54
CA ASP ND 116 -4.16 -61.62 121.96
C ASP ND 116 -5.19 -62.40 122.78
N ALA ND 117 -5.47 -61.91 123.98
CA ALA ND 117 -6.39 -62.58 124.89
C ALA ND 117 -7.80 -62.64 124.32
N LEU OD 1 -9.18 -63.66 121.61
CA LEU OD 1 -9.40 -62.53 120.72
C LEU OD 1 -10.85 -62.07 120.79
N SER OD 2 -11.10 -60.93 121.44
CA SER OD 2 -12.45 -60.44 121.63
C SER OD 2 -12.48 -58.93 121.47
N ILE OD 3 -13.61 -58.44 120.99
CA ILE OD 3 -13.90 -57.01 120.92
C ILE OD 3 -15.18 -56.79 121.71
N GLY OD 4 -15.07 -56.09 122.83
CA GLY OD 4 -16.19 -55.97 123.74
C GLY OD 4 -16.59 -57.31 124.30
N THR OD 5 -17.85 -57.69 124.14
CA THR OD 5 -18.34 -59.00 124.56
C THR OD 5 -18.34 -60.02 123.44
N LYS OD 6 -17.92 -59.64 122.23
CA LYS OD 6 -17.94 -60.52 121.08
C LYS OD 6 -16.54 -61.09 120.84
N ASN OD 7 -16.44 -62.42 120.82
CA ASN OD 7 -15.21 -63.06 120.38
C ASN OD 7 -15.13 -63.04 118.86
N VAL OD 8 -13.98 -62.64 118.34
CA VAL OD 8 -13.78 -62.51 116.90
C VAL OD 8 -12.49 -63.22 116.51
N SER OD 9 -12.29 -63.36 115.21
CA SER OD 9 -11.08 -63.93 114.65
C SER OD 9 -10.63 -63.06 113.48
N ILE OD 10 -9.32 -63.11 113.20
CA ILE OD 10 -8.78 -62.34 112.09
C ILE OD 10 -9.35 -62.88 110.78
N TYR OD 11 -9.93 -62.00 109.97
CA TYR OD 11 -10.52 -62.37 108.69
C TYR OD 11 -9.73 -61.83 107.52
N ARG OD 12 -9.40 -60.54 107.53
CA ARG OD 12 -8.58 -59.94 106.50
C ARG OD 12 -7.64 -58.93 107.14
N ASN OD 13 -6.42 -58.87 106.63
CA ASN OD 13 -5.34 -58.11 107.27
C ASN OD 13 -4.58 -57.35 106.20
N THR OD 14 -4.76 -56.04 106.17
CA THR OD 14 -3.96 -55.14 105.34
C THR OD 14 -3.10 -54.25 106.23
N ALA OD 15 -2.38 -53.33 105.60
CA ALA OD 15 -1.43 -52.50 106.33
C ALA OD 15 -2.13 -51.59 107.34
N ASP OD 16 -3.23 -50.95 106.93
CA ASP OD 16 -3.93 -50.00 107.79
C ASP OD 16 -5.34 -50.45 108.17
N GLU OD 17 -5.75 -51.64 107.77
CA GLU OD 17 -7.07 -52.15 108.11
C GLU OD 17 -6.98 -53.63 108.43
N VAL OD 18 -7.58 -54.02 109.55
CA VAL OD 18 -7.74 -55.43 109.91
C VAL OD 18 -9.23 -55.69 110.09
N ILE OD 19 -9.75 -56.63 109.32
CA ILE OD 19 -11.16 -57.00 109.42
C ILE OD 19 -11.26 -58.26 110.28
N TYR OD 20 -12.11 -58.20 111.30
CA TYR OD 20 -12.37 -59.34 112.17
C TYR OD 20 -13.78 -59.86 111.91
N ALA OD 21 -13.94 -61.17 112.06
CA ALA OD 21 -15.20 -61.84 111.75
C ALA OD 21 -15.82 -62.37 113.03
N GLY OD 22 -17.12 -62.15 113.16
CA GLY OD 22 -17.88 -62.70 114.27
C GLY OD 22 -18.09 -64.19 114.10
N PRO OD 23 -18.55 -64.85 115.15
CA PRO OD 23 -18.77 -66.32 115.05
C PRO OD 23 -19.77 -66.70 113.97
N ALA OD 24 -20.76 -65.86 113.71
CA ALA OD 24 -21.77 -66.16 112.71
C ALA OD 24 -21.35 -65.79 111.29
N HIS OD 25 -20.28 -65.03 111.13
CA HIS OD 25 -19.88 -64.56 109.80
C HIS OD 25 -19.60 -65.73 108.87
N ASP OD 26 -20.13 -65.63 107.65
CA ASP OD 26 -19.96 -66.67 106.64
C ASP OD 26 -20.06 -66.02 105.27
N VAL OD 27 -20.19 -66.87 104.24
CA VAL OD 27 -20.24 -66.39 102.86
C VAL OD 27 -21.52 -65.64 102.53
N THR OD 28 -22.59 -65.83 103.31
CA THR OD 28 -23.84 -65.13 103.08
C THR OD 28 -24.31 -64.28 104.25
N ASN OD 29 -23.77 -64.48 105.45
CA ASN OD 29 -24.10 -63.67 106.62
C ASN OD 29 -22.88 -62.82 106.96
N VAL OD 30 -23.07 -61.51 107.03
CA VAL OD 30 -22.00 -60.58 107.36
C VAL OD 30 -22.06 -60.28 108.85
N ASP OD 31 -20.97 -60.57 109.56
CA ASP OD 31 -20.81 -60.19 110.97
C ASP OD 31 -19.33 -59.85 111.15
N THR OD 32 -18.99 -58.58 110.96
CA THR OD 32 -17.61 -58.15 110.94
C THR OD 32 -17.42 -56.87 111.75
N VAL OD 33 -16.24 -56.77 112.36
CA VAL OD 33 -15.79 -55.54 113.00
C VAL OD 33 -14.47 -55.16 112.35
N SER OD 34 -14.44 -53.99 111.71
CA SER OD 34 -13.24 -53.51 111.04
C SER OD 34 -12.56 -52.44 111.87
N LEU OD 35 -11.24 -52.54 111.97
CA LEU OD 35 -10.41 -51.49 112.56
C LEU OD 35 -9.56 -50.89 111.45
N ARG OD 36 -9.85 -49.65 111.10
CA ARG OD 36 -9.13 -48.93 110.06
C ARG OD 36 -8.49 -47.68 110.67
N ARG OD 37 -7.29 -47.36 110.19
CA ARG OD 37 -6.61 -46.17 110.66
C ARG OD 37 -6.06 -45.40 109.48
N SER OD 38 -5.94 -44.09 109.66
CA SER OD 38 -5.26 -43.21 108.72
C SER OD 38 -4.15 -42.51 109.47
N LEU OD 39 -2.91 -42.86 109.15
CA LEU OD 39 -1.79 -42.33 109.90
C LEU OD 39 -1.60 -40.84 109.61
N PRO OD 40 -1.12 -40.07 110.58
CA PRO OD 40 -0.94 -38.63 110.38
C PRO OD 40 0.09 -38.35 109.30
N VAL OD 41 -0.29 -37.51 108.34
CA VAL OD 41 0.61 -37.06 107.29
C VAL OD 41 1.05 -35.64 107.64
N LYS OD 42 2.34 -35.48 107.92
CA LYS OD 42 2.89 -34.21 108.36
C LYS OD 42 3.11 -33.34 107.14
N LYS OD 43 2.18 -32.42 106.90
CA LYS OD 43 2.21 -31.55 105.73
C LYS OD 43 2.26 -30.09 106.18
N GLY OD 44 3.13 -29.32 105.55
CA GLY OD 44 3.31 -27.93 105.94
C GLY OD 44 3.78 -27.84 107.39
N SER OD 45 3.28 -26.84 108.10
CA SER OD 45 3.54 -26.72 109.52
C SER OD 45 2.61 -27.58 110.36
N ASP OD 46 1.55 -28.12 109.76
CA ASP OD 46 0.61 -28.98 110.48
C ASP OD 46 1.18 -30.39 110.57
N ASN OD 47 1.15 -30.96 111.76
CA ASN OD 47 1.68 -32.29 111.99
C ASN OD 47 0.72 -33.41 111.58
N GLY OD 48 -0.49 -33.07 111.16
CA GLY OD 48 -1.44 -34.07 110.71
C GLY OD 48 -2.39 -34.51 111.80
N THR OD 49 -3.21 -35.50 111.45
CA THR OD 49 -4.24 -35.99 112.33
C THR OD 49 -4.33 -37.51 112.24
N MET OD 50 -4.43 -38.16 113.38
CA MET OD 50 -4.70 -39.60 113.43
C MET OD 50 -6.19 -39.85 113.29
N ARG OD 51 -6.59 -40.62 112.29
CA ARG OD 51 -7.97 -41.02 112.10
C ARG OD 51 -8.11 -42.51 112.40
N GLY OD 52 -8.97 -42.83 113.34
CA GLY OD 52 -9.26 -44.22 113.66
C GLY OD 52 -10.74 -44.54 113.47
N ASN OD 53 -11.05 -45.50 112.60
CA ASN OD 53 -12.41 -45.85 112.28
C ASN OD 53 -12.72 -47.25 112.77
N MET OD 54 -13.82 -47.40 113.48
CA MET OD 54 -14.32 -48.69 113.95
C MET OD 54 -15.64 -48.98 113.24
N ASN OD 55 -15.64 -49.99 112.38
CA ASN OD 55 -16.77 -50.32 111.53
C ASN OD 55 -17.46 -51.58 112.02
N PHE OD 56 -18.76 -51.50 112.28
CA PHE OD 56 -19.58 -52.65 112.62
C PHE OD 56 -20.53 -52.92 111.47
N ALA OD 57 -20.50 -54.13 110.93
CA ALA OD 57 -21.36 -54.52 109.84
C ALA OD 57 -22.12 -55.78 110.21
N LYS OD 58 -23.42 -55.80 109.91
CA LYS OD 58 -24.26 -56.95 110.21
C LYS OD 58 -25.37 -57.06 109.17
N SER OD 59 -25.59 -58.28 108.69
CA SER OD 59 -26.67 -58.55 107.77
C SER OD 59 -27.98 -58.72 108.51
N PHE OD 60 -29.05 -58.17 107.96
CA PHE OD 60 -30.35 -58.19 108.60
C PHE OD 60 -31.42 -58.58 107.58
N PRO OD 61 -32.45 -59.30 108.01
CA PRO OD 61 -33.59 -59.56 107.12
C PRO OD 61 -34.34 -58.28 106.81
N ASN OD 62 -34.45 -57.96 105.52
CA ASN OD 62 -35.20 -56.81 105.04
C ASN OD 62 -36.26 -57.33 104.08
N GLY OD 63 -37.41 -57.72 104.62
CA GLY OD 63 -38.45 -58.33 103.82
C GLY OD 63 -38.00 -59.67 103.27
N ASP OD 64 -37.81 -59.74 101.96
CA ASP OD 64 -37.37 -60.97 101.32
C ASP OD 64 -35.85 -61.06 101.20
N LYS OD 65 -35.19 -59.94 100.94
CA LYS OD 65 -33.75 -59.91 100.77
C LYS OD 65 -33.07 -59.55 102.09
N LYS OD 66 -31.77 -59.29 102.04
CA LYS OD 66 -30.98 -58.95 103.21
C LYS OD 66 -30.36 -57.57 103.04
N SER OD 67 -30.35 -56.80 104.12
CA SER OD 67 -29.76 -55.47 104.13
C SER OD 67 -28.60 -55.43 105.11
N LEU OD 68 -27.63 -54.57 104.82
CA LEU OD 68 -26.44 -54.43 105.66
C LEU OD 68 -26.60 -53.19 106.55
N VAL OD 69 -26.61 -53.41 107.85
CA VAL OD 69 -26.64 -52.32 108.82
C VAL OD 69 -25.22 -52.03 109.26
N VAL OD 70 -24.81 -50.77 109.15
CA VAL OD 70 -23.43 -50.37 109.42
C VAL OD 70 -23.42 -49.31 110.51
N VAL OD 71 -22.54 -49.49 111.49
CA VAL OD 71 -22.29 -48.50 112.53
C VAL OD 71 -20.81 -48.15 112.48
N ASN OD 72 -20.50 -46.87 112.34
CA ASN OD 72 -19.13 -46.39 112.27
C ASN OD 72 -18.81 -45.54 113.49
N LEU OD 73 -17.65 -45.77 114.08
CA LEU OD 73 -17.11 -44.94 115.15
C LEU OD 73 -15.76 -44.41 114.68
N THR OD 74 -15.67 -43.10 114.47
CA THR OD 74 -14.48 -42.46 113.94
C THR OD 74 -14.00 -41.40 114.90
N ALA OD 75 -12.69 -41.34 115.13
CA ALA OD 75 -12.06 -40.33 115.97
C ALA OD 75 -10.99 -39.61 115.18
N HIS OD 76 -10.91 -38.29 115.36
CA HIS OD 76 -9.90 -37.46 114.71
C HIS OD 76 -9.09 -36.77 115.79
N VAL OD 77 -7.89 -37.28 116.04
CA VAL OD 77 -7.01 -36.78 117.09
C VAL OD 77 -5.82 -36.09 116.42
N PRO OD 78 -5.69 -34.77 116.52
CA PRO OD 78 -4.51 -34.11 115.94
C PRO OD 78 -3.24 -34.46 116.69
N VAL OD 79 -2.13 -34.49 115.95
CA VAL OD 79 -0.83 -34.75 116.55
C VAL OD 79 -0.43 -33.60 117.46
N GLY OD 80 0.08 -33.92 118.64
CA GLY OD 80 0.50 -32.95 119.62
C GLY OD 80 -0.40 -32.85 120.83
N VAL OD 81 -1.57 -33.46 120.77
CA VAL OD 81 -2.50 -33.46 121.90
C VAL OD 81 -2.10 -34.56 122.88
N ASP OD 82 -2.34 -34.31 124.16
CA ASP OD 82 -2.05 -35.31 125.18
C ASP OD 82 -3.01 -36.47 125.04
N ALA OD 83 -2.46 -37.68 124.86
CA ALA OD 83 -3.30 -38.85 124.64
C ALA OD 83 -4.05 -39.27 125.88
N THR OD 84 -3.47 -39.07 127.07
CA THR OD 84 -4.17 -39.40 128.31
C THR OD 84 -5.38 -38.49 128.49
N ALA OD 85 -5.24 -37.21 128.15
CA ALA OD 85 -6.37 -36.29 128.28
C ALA OD 85 -7.52 -36.69 127.36
N VAL OD 86 -7.21 -37.10 126.12
CA VAL OD 86 -8.25 -37.50 125.18
C VAL OD 86 -8.94 -38.77 125.66
N ARG OD 87 -8.16 -39.72 126.19
CA ARG OD 87 -8.75 -40.96 126.68
C ARG OD 87 -9.69 -40.72 127.85
N THR OD 88 -9.32 -39.80 128.75
CA THR OD 88 -10.19 -39.48 129.87
C THR OD 88 -11.48 -38.81 129.40
N TRP OD 89 -11.39 -37.91 128.41
CA TRP OD 89 -12.58 -37.28 127.85
C TRP OD 89 -13.47 -38.30 127.16
N MET OD 90 -12.88 -39.20 126.39
CA MET OD 90 -13.66 -40.20 125.67
C MET OD 90 -14.39 -41.14 126.61
N THR OD 91 -13.74 -41.54 127.71
CA THR OD 91 -14.33 -42.49 128.64
C THR OD 91 -15.49 -41.87 129.41
N SER OD 92 -15.33 -40.64 129.90
CA SER OD 92 -16.31 -40.04 130.78
C SER OD 92 -17.40 -39.25 130.06
N GLU OD 93 -17.14 -38.79 128.84
CA GLU OD 93 -18.08 -37.90 128.17
C GLU OD 93 -18.58 -38.43 126.84
N VAL OD 94 -17.72 -39.07 126.04
CA VAL OD 94 -18.15 -39.57 124.73
C VAL OD 94 -18.88 -40.90 124.88
N PHE OD 95 -18.27 -41.84 125.62
CA PHE OD 95 -18.83 -43.18 125.72
C PHE OD 95 -20.22 -43.21 126.35
N PRO OD 96 -20.48 -42.56 127.50
CA PRO OD 96 -21.84 -42.61 128.06
C PRO OD 96 -22.90 -42.04 127.13
N GLY OD 97 -22.60 -40.98 126.38
CA GLY OD 97 -23.58 -40.41 125.49
C GLY OD 97 -23.74 -41.16 124.19
N ALA OD 98 -22.67 -41.82 123.73
CA ALA OD 98 -22.75 -42.57 122.48
C ALA OD 98 -23.52 -43.88 122.63
N THR OD 99 -23.64 -44.40 123.85
CA THR OD 99 -24.36 -45.65 124.09
C THR OD 99 -25.63 -45.42 124.90
N SER OD 100 -26.32 -44.31 124.62
CA SER OD 100 -27.55 -43.96 125.31
C SER OD 100 -28.75 -44.23 124.41
N SER OD 101 -29.94 -43.94 124.93
CA SER OD 101 -31.14 -44.02 124.12
C SER OD 101 -31.16 -42.96 123.02
N VAL OD 102 -30.35 -41.91 123.16
CA VAL OD 102 -30.25 -40.90 122.11
C VAL OD 102 -29.72 -41.52 120.82
N THR OD 103 -28.71 -42.39 120.94
CA THR OD 103 -28.19 -43.08 119.77
C THR OD 103 -29.25 -43.97 119.13
N LEU OD 104 -30.00 -44.71 119.97
CA LEU OD 104 -31.02 -45.60 119.45
C LEU OD 104 -32.17 -44.81 118.81
N ASP OD 105 -32.61 -43.73 119.46
CA ASP OD 105 -33.71 -42.94 118.92
C ASP OD 105 -33.31 -42.22 117.65
N LEU OD 106 -32.05 -41.79 117.55
CA LEU OD 106 -31.58 -41.15 116.32
C LEU OD 106 -31.51 -42.15 115.18
N ALA OD 107 -31.07 -43.38 115.46
CA ALA OD 107 -30.91 -44.37 114.41
C ALA OD 107 -32.25 -44.81 113.82
N THR OD 108 -33.21 -45.15 114.68
CA THR OD 108 -34.45 -45.77 114.24
C THR OD 108 -35.63 -44.82 114.14
N LYS OD 109 -35.49 -43.59 114.64
CA LYS OD 109 -36.59 -42.63 114.54
C LYS OD 109 -36.19 -41.27 113.98
N GLY OD 110 -34.91 -41.00 113.77
CA GLY OD 110 -34.48 -39.69 113.32
C GLY OD 110 -34.72 -38.59 114.32
N VAL OD 111 -34.61 -38.87 115.60
CA VAL OD 111 -34.84 -37.87 116.64
C VAL OD 111 -33.54 -37.09 116.86
N ILE OD 112 -33.59 -35.78 116.58
CA ILE OD 112 -32.45 -34.90 116.83
C ILE OD 112 -32.74 -33.86 117.89
N HIS OD 113 -34.00 -33.67 118.28
CA HIS OD 113 -34.37 -32.73 119.32
C HIS OD 113 -34.53 -33.49 120.63
N LEU OD 114 -33.69 -33.16 121.61
CA LEU OD 114 -33.67 -33.86 122.88
C LEU OD 114 -34.76 -33.32 123.79
N SER OD 115 -35.21 -34.16 124.71
CA SER OD 115 -36.23 -33.80 125.68
C SER OD 115 -36.13 -34.71 126.90
N ASP OD 116 -36.52 -34.20 128.06
CA ASP OD 116 -36.87 -32.80 128.34
C ASP OD 116 -36.28 -32.36 129.68
N ALA OD 117 -35.86 -33.34 130.47
CA ALA OD 117 -35.36 -33.07 131.82
C ALA OD 117 -33.85 -33.29 131.90
N LEU PD 1 -10.66 -102.14 91.73
CA LEU PD 1 -10.24 -100.77 91.50
C LEU PD 1 -10.67 -99.86 92.65
N SER PD 2 -9.72 -99.44 93.46
CA SER PD 2 -9.99 -98.60 94.61
C SER PD 2 -9.06 -97.39 94.61
N ILE PD 3 -9.62 -96.24 94.94
CA ILE PD 3 -8.84 -95.03 95.21
C ILE PD 3 -9.19 -94.61 96.63
N GLY PD 4 -8.37 -95.05 97.58
CA GLY PD 4 -8.70 -94.88 98.99
C GLY PD 4 -9.65 -95.94 99.47
N THR PD 5 -10.83 -95.53 99.95
CA THR PD 5 -11.89 -96.46 100.33
C THR PD 5 -13.00 -96.51 99.29
N LYS PD 6 -12.83 -95.83 98.16
CA LYS PD 6 -13.86 -95.72 97.14
C LYS PD 6 -13.63 -96.75 96.05
N ASN PD 7 -14.68 -97.46 95.66
CA ASN PD 7 -14.64 -98.39 94.55
C ASN PD 7 -15.04 -97.66 93.27
N VAL PD 8 -14.11 -97.56 92.32
CA VAL PD 8 -14.33 -96.80 91.10
C VAL PD 8 -14.15 -97.74 89.90
N SER PD 9 -14.61 -97.26 88.75
CA SER PD 9 -14.44 -97.96 87.49
C SER PD 9 -13.97 -96.99 86.43
N ILE PD 10 -13.29 -97.51 85.41
CA ILE PD 10 -12.80 -96.67 84.32
C ILE PD 10 -13.98 -96.07 83.58
N TYR PD 11 -13.94 -94.77 83.37
CA TYR PD 11 -14.99 -94.03 82.68
C TYR PD 11 -14.52 -93.40 81.38
N ARG PD 12 -13.34 -92.78 81.38
CA ARG PD 12 -12.76 -92.21 80.17
C ARG PD 12 -11.26 -92.46 80.22
N ASN PD 13 -10.70 -92.92 79.10
CA ASN PD 13 -9.30 -93.31 79.05
C ASN PD 13 -8.65 -92.61 77.88
N THR PD 14 -7.81 -91.62 78.17
CA THR PD 14 -7.05 -90.87 77.18
C THR PD 14 -5.56 -91.08 77.42
N ALA PD 15 -4.75 -90.42 76.59
CA ALA PD 15 -3.30 -90.63 76.64
C ALA PD 15 -2.72 -90.21 77.98
N ASP PD 16 -3.17 -89.07 78.53
CA ASP PD 16 -2.57 -88.51 79.73
C ASP PD 16 -3.59 -88.28 80.84
N GLU PD 17 -4.79 -88.85 80.72
CA GLU PD 17 -5.82 -88.65 81.74
C GLU PD 17 -6.77 -89.83 81.71
N VAL PD 18 -7.02 -90.40 82.89
CA VAL PD 18 -8.01 -91.46 83.07
C VAL PD 18 -8.99 -90.99 84.13
N ILE PD 19 -10.27 -90.91 83.76
CA ILE PD 19 -11.32 -90.51 84.69
C ILE PD 19 -11.96 -91.77 85.26
N TYR PD 20 -12.05 -91.83 86.58
CA TYR PD 20 -12.71 -92.92 87.27
C TYR PD 20 -14.00 -92.42 87.90
N ALA PD 21 -15.06 -93.22 87.78
CA ALA PD 21 -16.39 -92.85 88.25
C ALA PD 21 -16.73 -93.62 89.51
N GLY PD 22 -17.27 -92.93 90.50
CA GLY PD 22 -17.70 -93.55 91.72
C GLY PD 22 -19.06 -94.17 91.59
N PRO PD 23 -19.57 -94.76 92.68
CA PRO PD 23 -20.89 -95.42 92.61
C PRO PD 23 -22.02 -94.47 92.27
N ALA PD 24 -21.92 -93.20 92.65
CA ALA PD 24 -23.00 -92.23 92.47
C ALA PD 24 -22.87 -91.43 91.18
N HIS PD 25 -21.96 -91.81 90.30
CA HIS PD 25 -21.77 -91.10 89.04
C HIS PD 25 -22.75 -91.62 87.99
N ASP PD 26 -23.35 -90.70 87.25
CA ASP PD 26 -24.30 -91.03 86.19
C ASP PD 26 -24.37 -89.84 85.23
N VAL PD 27 -25.40 -89.82 84.38
CA VAL PD 27 -25.55 -88.76 83.39
C VAL PD 27 -25.82 -87.40 84.04
N THR PD 28 -26.61 -87.36 85.11
CA THR PD 28 -26.99 -86.10 85.73
C THR PD 28 -26.22 -85.75 86.99
N ASN PD 29 -25.48 -86.68 87.58
CA ASN PD 29 -24.71 -86.43 88.79
C ASN PD 29 -23.24 -86.74 88.53
N VAL PD 30 -22.37 -85.99 89.21
CA VAL PD 30 -20.93 -86.11 89.03
C VAL PD 30 -20.33 -86.71 90.29
N ASP PD 31 -19.65 -87.85 90.14
CA ASP PD 31 -18.85 -88.46 91.20
C ASP PD 31 -17.64 -89.08 90.52
N THR PD 32 -16.55 -88.31 90.41
CA THR PD 32 -15.41 -88.74 89.62
C THR PD 32 -14.11 -88.43 90.34
N VAL PD 33 -13.11 -89.26 90.08
CA VAL PD 33 -11.72 -89.00 90.46
C VAL PD 33 -10.87 -89.14 89.21
N SER PD 34 -10.24 -88.05 88.78
CA SER PD 34 -9.48 -88.02 87.54
C SER PD 34 -7.99 -87.97 87.86
N LEU PD 35 -7.23 -88.89 87.26
CA LEU PD 35 -5.78 -88.87 87.35
C LEU PD 35 -5.22 -88.28 86.06
N ARG PD 36 -4.37 -87.27 86.20
CA ARG PD 36 -3.77 -86.58 85.06
C ARG PD 36 -2.27 -86.51 85.25
N ARG PD 37 -1.56 -86.34 84.14
CA ARG PD 37 -0.10 -86.30 84.19
C ARG PD 37 0.43 -85.46 83.05
N SER PD 38 1.61 -84.90 83.27
CA SER PD 38 2.36 -84.19 82.24
C SER PD 38 3.79 -84.71 82.28
N LEU PD 39 4.13 -85.56 81.32
CA LEU PD 39 5.43 -86.22 81.33
C LEU PD 39 6.55 -85.21 81.07
N PRO PD 40 7.74 -85.45 81.62
CA PRO PD 40 8.84 -84.50 81.45
C PRO PD 40 9.22 -84.35 79.99
N VAL PD 41 9.59 -83.12 79.62
CA VAL PD 41 10.06 -82.79 78.28
C VAL PD 41 11.49 -82.32 78.40
N LYS PD 42 12.40 -82.99 77.70
CA LYS PD 42 13.84 -82.71 77.79
C LYS PD 42 14.14 -81.46 76.96
N LYS PD 43 13.81 -80.31 77.54
CA LYS PD 43 14.05 -79.02 76.89
C LYS PD 43 15.46 -78.54 77.20
N GLY PD 44 16.30 -78.47 76.18
CA GLY PD 44 17.66 -78.01 76.37
C GLY PD 44 18.41 -78.88 77.35
N SER PD 45 19.06 -78.24 78.33
CA SER PD 45 19.77 -78.96 79.38
C SER PD 45 18.87 -79.40 80.53
N ASP PD 46 17.72 -78.77 80.70
CA ASP PD 46 16.79 -79.17 81.75
C ASP PD 46 16.13 -80.49 81.37
N ASN PD 47 16.13 -81.44 82.31
CA ASN PD 47 15.50 -82.73 82.08
C ASN PD 47 13.99 -82.68 82.18
N GLY PD 48 13.41 -81.56 82.59
CA GLY PD 48 11.98 -81.43 82.68
C GLY PD 48 11.44 -81.63 84.08
N THR PD 49 10.12 -81.61 84.16
CA THR PD 49 9.41 -81.77 85.43
C THR PD 49 8.30 -82.79 85.25
N MET PD 50 8.04 -83.56 86.29
CA MET PD 50 6.93 -84.50 86.31
C MET PD 50 5.77 -83.88 87.06
N ARG PD 51 4.65 -83.68 86.38
CA ARG PD 51 3.46 -83.08 86.98
C ARG PD 51 2.36 -84.13 87.06
N GLY PD 52 1.84 -84.33 88.26
CA GLY PD 52 0.74 -85.25 88.48
C GLY PD 52 -0.42 -84.53 89.16
N ASN PD 53 -1.61 -84.71 88.61
CA ASN PD 53 -2.81 -84.04 89.11
C ASN PD 53 -3.86 -85.09 89.48
N MET PD 54 -4.38 -84.98 90.69
CA MET PD 54 -5.50 -85.79 91.13
C MET PD 54 -6.70 -84.87 91.34
N ASN PD 55 -7.77 -85.12 90.59
CA ASN PD 55 -8.95 -84.26 90.59
C ASN PD 55 -10.13 -84.99 91.22
N PHE PD 56 -10.76 -84.36 92.20
CA PHE PD 56 -11.95 -84.88 92.84
C PHE PD 56 -13.11 -83.95 92.52
N ALA PD 57 -14.19 -84.52 91.99
CA ALA PD 57 -15.37 -83.74 91.62
C ALA PD 57 -16.62 -84.43 92.14
N LYS PD 58 -17.52 -83.65 92.73
CA LYS PD 58 -18.80 -84.16 93.18
C LYS PD 58 -19.86 -83.09 93.02
N SER PD 59 -21.06 -83.54 92.66
CA SER PD 59 -22.22 -82.66 92.58
C SER PD 59 -22.91 -82.56 93.94
N PHE PD 60 -23.34 -81.35 94.27
CA PHE PD 60 -23.94 -81.09 95.57
C PHE PD 60 -25.21 -80.26 95.40
N PRO PD 61 -26.21 -80.47 96.25
CA PRO PD 61 -27.40 -79.62 96.21
C PRO PD 61 -27.06 -78.18 96.55
N ASN PD 62 -27.42 -77.27 95.63
CA ASN PD 62 -27.19 -75.84 95.81
C ASN PD 62 -28.53 -75.14 95.58
N GLY PD 63 -29.33 -75.04 96.64
CA GLY PD 63 -30.66 -74.46 96.51
C GLY PD 63 -31.52 -75.21 95.52
N ASP PD 64 -31.80 -74.58 94.39
CA ASP PD 64 -32.63 -75.21 93.36
C ASP PD 64 -31.79 -76.09 92.44
N LYS PD 65 -30.58 -75.66 92.10
CA LYS PD 65 -29.75 -76.38 91.15
C LYS PD 65 -28.71 -77.21 91.89
N LYS PD 66 -27.81 -77.85 91.14
CA LYS PD 66 -26.74 -78.67 91.70
C LYS PD 66 -25.41 -78.04 91.32
N SER PD 67 -24.56 -77.82 92.31
CA SER PD 67 -23.26 -77.21 92.10
C SER PD 67 -22.15 -78.25 92.25
N LEU PD 68 -21.03 -77.99 91.58
CA LEU PD 68 -19.90 -78.92 91.53
C LEU PD 68 -18.81 -78.45 92.47
N VAL PD 69 -18.41 -79.31 93.41
CA VAL PD 69 -17.29 -79.07 94.30
C VAL PD 69 -16.08 -79.85 93.79
N VAL PD 70 -14.96 -79.16 93.62
CA VAL PD 70 -13.77 -79.74 93.03
C VAL PD 70 -12.60 -79.57 93.99
N VAL PD 71 -11.92 -80.68 94.28
CA VAL PD 71 -10.69 -80.66 95.07
C VAL PD 71 -9.56 -81.16 94.18
N ASN PD 72 -8.53 -80.33 94.03
CA ASN PD 72 -7.38 -80.66 93.21
C ASN PD 72 -6.17 -80.97 94.09
N LEU PD 73 -5.29 -81.82 93.56
CA LEU PD 73 -4.02 -82.12 94.22
C LEU PD 73 -2.98 -82.29 93.12
N THR PD 74 -2.08 -81.32 92.99
CA THR PD 74 -1.07 -81.32 91.95
C THR PD 74 0.32 -81.34 92.57
N ALA PD 75 1.19 -82.19 92.04
CA ALA PD 75 2.57 -82.30 92.49
C ALA PD 75 3.51 -81.98 91.34
N HIS PD 76 4.57 -81.23 91.63
CA HIS PD 76 5.59 -80.89 90.66
C HIS PD 76 6.92 -81.44 91.15
N VAL PD 77 7.44 -82.45 90.46
CA VAL PD 77 8.69 -83.09 90.85
C VAL PD 77 9.70 -82.96 89.72
N PRO PD 78 10.72 -82.14 89.86
CA PRO PD 78 11.73 -82.02 88.79
C PRO PD 78 12.50 -83.31 88.61
N VAL PD 79 12.90 -83.57 87.37
CA VAL PD 79 13.64 -84.79 87.05
C VAL PD 79 15.04 -84.70 87.63
N GLY PD 80 15.47 -85.79 88.29
CA GLY PD 80 16.76 -85.86 88.95
C GLY PD 80 16.67 -85.90 90.45
N VAL PD 81 15.64 -85.26 91.02
CA VAL PD 81 15.41 -85.33 92.45
C VAL PD 81 15.13 -86.77 92.86
N ASP PD 82 15.74 -87.20 93.96
CA ASP PD 82 15.55 -88.57 94.43
C ASP PD 82 14.09 -88.82 94.75
N ALA PD 83 13.53 -89.88 94.18
CA ALA PD 83 12.11 -90.16 94.34
C ALA PD 83 11.77 -90.57 95.76
N THR PD 84 12.67 -91.34 96.41
CA THR PD 84 12.40 -91.80 97.76
C THR PD 84 12.33 -90.64 98.75
N ALA PD 85 13.17 -89.63 98.57
CA ALA PD 85 13.14 -88.47 99.44
C ALA PD 85 11.82 -87.71 99.32
N VAL PD 86 11.29 -87.61 98.11
CA VAL PD 86 10.02 -86.93 97.91
C VAL PD 86 8.88 -87.71 98.57
N ARG PD 87 8.94 -89.04 98.50
CA ARG PD 87 7.83 -89.85 98.98
C ARG PD 87 7.78 -89.87 100.50
N THR PD 88 8.92 -89.83 101.17
CA THR PD 88 8.91 -89.73 102.63
C THR PD 88 8.57 -88.32 103.07
N TRP PD 89 8.90 -87.31 102.26
CA TRP PD 89 8.47 -85.94 102.55
C TRP PD 89 6.95 -85.82 102.46
N MET PD 90 6.35 -86.41 101.43
CA MET PD 90 4.91 -86.33 101.27
C MET PD 90 4.18 -87.10 102.37
N THR PD 91 4.65 -88.31 102.67
CA THR PD 91 3.96 -89.16 103.63
C THR PD 91 3.99 -88.56 105.04
N SER PD 92 5.11 -87.95 105.42
CA SER PD 92 5.29 -87.46 106.77
C SER PD 92 5.02 -85.96 106.93
N GLU PD 93 5.31 -85.16 105.92
CA GLU PD 93 5.22 -83.71 106.04
C GLU PD 93 4.06 -83.09 105.28
N VAL PD 94 3.67 -83.66 104.14
CA VAL PD 94 2.63 -83.05 103.33
C VAL PD 94 1.25 -83.64 103.65
N PHE PD 95 1.16 -84.97 103.64
CA PHE PD 95 -0.12 -85.66 103.82
C PHE PD 95 -0.77 -85.38 105.18
N PRO PD 96 -0.05 -85.46 106.30
CA PRO PD 96 -0.70 -85.14 107.59
C PRO PD 96 -1.23 -83.72 107.66
N GLY PD 97 -0.53 -82.75 107.06
CA GLY PD 97 -1.02 -81.38 107.07
C GLY PD 97 -2.10 -81.11 106.05
N ALA PD 98 -2.12 -81.88 104.96
CA ALA PD 98 -3.10 -81.68 103.90
C ALA PD 98 -4.46 -82.28 104.23
N THR PD 99 -4.56 -83.09 105.28
CA THR PD 99 -5.82 -83.73 105.65
C THR PD 99 -6.29 -83.32 107.04
N SER PD 100 -5.74 -82.24 107.58
CA SER PD 100 -6.09 -81.77 108.92
C SER PD 100 -7.31 -80.87 108.84
N SER PD 101 -7.70 -80.30 109.99
CA SER PD 101 -8.81 -79.36 110.01
C SER PD 101 -8.49 -78.06 109.30
N VAL PD 102 -7.20 -77.78 109.09
CA VAL PD 102 -6.81 -76.54 108.39
C VAL PD 102 -7.36 -76.55 106.97
N THR PD 103 -7.26 -77.69 106.29
CA THR PD 103 -7.80 -77.79 104.94
C THR PD 103 -9.32 -77.60 104.93
N LEU PD 104 -10.00 -78.16 105.93
CA LEU PD 104 -11.46 -78.03 105.98
C LEU PD 104 -11.89 -76.58 106.18
N ASP PD 105 -11.22 -75.87 107.08
CA ASP PD 105 -11.57 -74.46 107.30
C ASP PD 105 -11.19 -73.61 106.09
N LEU PD 106 -10.05 -73.90 105.48
CA LEU PD 106 -9.63 -73.15 104.30
C LEU PD 106 -10.58 -73.34 103.13
N ALA PD 107 -11.10 -74.56 102.96
CA ALA PD 107 -11.99 -74.85 101.84
C ALA PD 107 -13.37 -74.22 102.03
N THR PD 108 -13.91 -74.27 103.25
CA THR PD 108 -15.28 -73.83 103.48
C THR PD 108 -15.38 -72.40 103.98
N LYS PD 109 -14.37 -71.91 104.70
CA LYS PD 109 -14.42 -70.57 105.26
C LYS PD 109 -13.25 -69.68 104.86
N GLY PD 110 -12.29 -70.18 104.09
CA GLY PD 110 -11.17 -69.36 103.67
C GLY PD 110 -10.26 -68.91 104.78
N VAL PD 111 -10.05 -69.75 105.79
CA VAL PD 111 -9.21 -69.39 106.94
C VAL PD 111 -7.75 -69.62 106.58
N ILE PD 112 -6.94 -68.57 106.69
CA ILE PD 112 -5.52 -68.65 106.38
C ILE PD 112 -4.64 -68.39 107.58
N HIS PD 113 -5.22 -68.09 108.74
CA HIS PD 113 -4.47 -67.86 109.98
C HIS PD 113 -4.79 -69.01 110.93
N LEU PD 114 -3.81 -69.89 111.16
CA LEU PD 114 -4.01 -71.07 112.01
C LEU PD 114 -3.43 -70.81 113.40
N SER PD 115 -4.13 -69.98 114.17
CA SER PD 115 -3.75 -69.69 115.53
C SER PD 115 -4.36 -70.71 116.48
N ASP PD 116 -3.63 -71.05 117.55
CA ASP PD 116 -2.26 -70.60 117.81
C ASP PD 116 -1.40 -71.78 118.24
N ALA PD 117 -2.05 -72.82 118.77
CA ALA PD 117 -1.35 -74.00 119.26
C ALA PD 117 -0.85 -74.85 118.09
N LEU QD 1 131.47 -1.15 -39.78
CA LEU QD 1 130.16 -1.63 -40.20
C LEU QD 1 129.95 -1.38 -41.69
N SER QD 2 129.67 -2.45 -42.44
CA SER QD 2 129.45 -2.34 -43.86
C SER QD 2 128.33 -3.28 -44.28
N ILE QD 3 127.58 -2.88 -45.31
CA ILE QD 3 126.54 -3.69 -45.92
C ILE QD 3 126.86 -3.72 -47.41
N GLY QD 4 127.49 -4.80 -47.86
CA GLY QD 4 128.03 -4.81 -49.20
C GLY QD 4 129.25 -3.93 -49.28
N THR QD 5 129.16 -2.87 -50.09
CA THR QD 5 130.26 -1.91 -50.23
C THR QD 5 129.95 -0.57 -49.60
N LYS QD 6 128.87 -0.45 -48.84
CA LYS QD 6 128.44 0.80 -48.24
C LYS QD 6 128.70 0.78 -46.73
N ASN QD 7 129.27 1.86 -46.22
CA ASN QD 7 129.52 2.01 -44.79
C ASN QD 7 128.26 2.54 -44.11
N VAL QD 8 127.89 1.90 -43.00
CA VAL QD 8 126.68 2.26 -42.26
C VAL QD 8 127.01 2.39 -40.79
N SER QD 9 126.05 2.94 -40.05
CA SER QD 9 126.15 3.06 -38.60
C SER QD 9 124.81 2.67 -37.99
N ILE QD 10 124.84 2.13 -36.78
CA ILE QD 10 123.60 1.79 -36.09
C ILE QD 10 122.81 3.08 -35.85
N TYR QD 11 121.55 3.07 -36.23
CA TYR QD 11 120.67 4.23 -36.09
C TYR QD 11 119.53 4.00 -35.13
N ARG QD 12 118.78 2.91 -35.29
CA ARG QD 12 117.70 2.56 -34.38
C ARG QD 12 117.78 1.09 -34.05
N ASN QD 13 117.71 0.76 -32.76
CA ASN QD 13 117.84 -0.60 -32.27
C ASN QD 13 116.56 -0.98 -31.55
N THR QD 14 115.92 -2.06 -32.00
CA THR QD 14 114.79 -2.64 -31.28
C THR QD 14 115.05 -4.13 -31.04
N ALA QD 15 114.07 -4.83 -30.47
CA ALA QD 15 114.27 -6.24 -30.13
C ALA QD 15 114.49 -7.08 -31.37
N ASP QD 16 113.70 -6.85 -32.43
CA ASP QD 16 113.75 -7.67 -33.63
C ASP QD 16 114.06 -6.87 -34.88
N GLU QD 17 114.48 -5.61 -34.76
CA GLU QD 17 114.81 -4.81 -35.93
C GLU QD 17 115.91 -3.82 -35.59
N VAL QD 18 116.90 -3.74 -36.46
CA VAL QD 18 117.97 -2.74 -36.37
C VAL QD 18 117.98 -1.95 -37.68
N ILE QD 19 117.97 -0.63 -37.56
CA ILE QD 19 118.06 0.26 -38.71
C ILE QD 19 119.48 0.83 -38.77
N TYR QD 20 120.09 0.77 -39.94
CA TYR QD 20 121.42 1.33 -40.18
C TYR QD 20 121.28 2.53 -41.11
N ALA QD 21 122.11 3.55 -40.87
CA ALA QD 21 122.05 4.80 -41.62
C ALA QD 21 123.26 4.90 -42.54
N GLY QD 22 123.01 5.25 -43.79
CA GLY QD 22 124.06 5.45 -44.77
C GLY QD 22 124.69 6.82 -44.64
N PRO QD 23 125.73 7.08 -45.44
CA PRO QD 23 126.43 8.36 -45.34
C PRO QD 23 125.58 9.56 -45.72
N ALA QD 24 124.50 9.38 -46.48
CA ALA QD 24 123.67 10.47 -46.95
C ALA QD 24 122.42 10.68 -46.10
N HIS QD 25 122.28 9.95 -45.01
CA HIS QD 25 121.08 10.05 -44.18
C HIS QD 25 121.17 11.24 -43.24
N ASP QD 26 120.17 12.11 -43.29
CA ASP QD 26 120.06 13.23 -42.37
C ASP QD 26 118.58 13.55 -42.18
N VAL QD 27 118.29 14.73 -41.67
CA VAL QD 27 116.92 15.15 -41.37
C VAL QD 27 116.11 15.26 -42.66
N THR QD 28 116.79 15.58 -43.78
CA THR QD 28 116.10 15.81 -45.04
C THR QD 28 116.16 14.64 -46.00
N ASN QD 29 117.25 13.87 -46.00
CA ASN QD 29 117.44 12.79 -46.96
C ASN QD 29 117.46 11.46 -46.24
N VAL QD 30 116.78 10.47 -46.82
CA VAL QD 30 116.72 9.13 -46.26
C VAL QD 30 117.74 8.25 -46.97
N ASP QD 31 118.60 7.59 -46.19
CA ASP QD 31 119.54 6.59 -46.70
C ASP QD 31 119.71 5.56 -45.58
N THR QD 32 118.88 4.52 -45.60
CA THR QD 32 118.85 3.55 -44.52
C THR QD 32 118.76 2.14 -45.07
N VAL QD 33 119.32 1.20 -44.29
CA VAL QD 33 119.13 -0.23 -44.51
C VAL QD 33 118.65 -0.82 -43.20
N SER QD 34 117.54 -1.55 -43.24
CA SER QD 34 116.93 -2.11 -42.04
C SER QD 34 116.97 -3.64 -42.11
N LEU QD 35 117.34 -4.25 -40.99
CA LEU QD 35 117.36 -5.71 -40.85
C LEU QD 35 116.32 -6.09 -39.81
N ARG QD 36 115.37 -6.94 -40.23
CA ARG QD 36 114.27 -7.36 -39.36
C ARG QD 36 114.17 -8.88 -39.38
N ARG QD 37 113.84 -9.45 -38.23
CA ARG QD 37 113.68 -10.89 -38.09
C ARG QD 37 112.34 -11.20 -37.45
N SER QD 38 111.74 -12.30 -37.86
CA SER QD 38 110.54 -12.86 -37.25
C SER QD 38 110.90 -14.28 -36.82
N LEU QD 39 111.24 -14.45 -35.55
CA LEU QD 39 111.68 -15.75 -35.08
C LEU QD 39 110.53 -16.75 -35.11
N PRO QD 40 110.83 -18.03 -35.36
CA PRO QD 40 109.77 -19.03 -35.46
C PRO QD 40 109.02 -19.20 -34.15
N VAL QD 41 107.72 -19.44 -34.26
CA VAL QD 41 106.86 -19.75 -33.13
C VAL QD 41 106.41 -21.19 -33.32
N LYS QD 42 106.99 -22.10 -32.55
CA LYS QD 42 106.73 -23.54 -32.69
C LYS QD 42 105.45 -23.88 -31.94
N LYS QD 43 104.35 -23.34 -32.44
CA LYS QD 43 103.03 -23.60 -31.89
C LYS QD 43 102.55 -25.00 -32.30
N GLY QD 44 101.75 -25.61 -31.42
CA GLY QD 44 101.23 -26.94 -31.65
C GLY QD 44 102.32 -27.95 -31.99
N SER QD 45 102.27 -28.47 -33.22
CA SER QD 45 103.30 -29.38 -33.71
C SER QD 45 104.20 -28.74 -34.76
N ASP QD 46 103.71 -27.75 -35.50
CA ASP QD 46 104.53 -27.10 -36.52
C ASP QD 46 105.64 -26.29 -35.85
N ASN QD 47 106.84 -26.37 -36.41
CA ASN QD 47 108.00 -25.69 -35.84
C ASN QD 47 108.10 -24.23 -36.28
N GLY QD 48 107.17 -23.74 -37.09
CA GLY QD 48 107.16 -22.35 -37.48
C GLY QD 48 108.11 -22.04 -38.61
N THR QD 49 108.19 -20.75 -38.93
CA THR QD 49 108.99 -20.25 -40.04
C THR QD 49 109.90 -19.14 -39.55
N MET QD 50 111.13 -19.14 -40.05
CA MET QD 50 112.07 -18.06 -39.80
C MET QD 50 111.96 -17.05 -40.94
N ARG QD 51 111.57 -15.82 -40.61
CA ARG QD 51 111.36 -14.77 -41.59
C ARG QD 51 112.41 -13.68 -41.41
N GLY QD 52 113.26 -13.50 -42.42
CA GLY QD 52 114.26 -12.44 -42.39
C GLY QD 52 114.01 -11.41 -43.47
N ASN QD 53 113.81 -10.16 -43.07
CA ASN QD 53 113.47 -9.09 -44.00
C ASN QD 53 114.60 -8.06 -44.01
N MET QD 54 115.07 -7.72 -45.21
CA MET QD 54 116.11 -6.73 -45.41
C MET QD 54 115.54 -5.57 -46.21
N ASN QD 55 115.65 -4.36 -45.67
CA ASN QD 55 114.97 -3.18 -46.20
C ASN QD 55 115.99 -2.18 -46.72
N PHE QD 56 115.73 -1.62 -47.89
CA PHE QD 56 116.53 -0.55 -48.46
C PHE QD 56 115.62 0.64 -48.75
N ALA QD 57 115.96 1.80 -48.21
CA ALA QD 57 115.15 3.00 -48.36
C ALA QD 57 116.03 4.16 -48.81
N LYS QD 58 115.54 4.92 -49.79
CA LYS QD 58 116.29 6.05 -50.33
C LYS QD 58 115.32 7.10 -50.85
N SER QD 59 115.48 8.33 -50.38
CA SER QD 59 114.67 9.43 -50.89
C SER QD 59 115.20 9.90 -52.25
N PHE QD 60 114.28 10.22 -53.14
CA PHE QD 60 114.60 10.62 -54.49
C PHE QD 60 113.85 11.90 -54.84
N PRO QD 61 114.41 12.74 -55.70
CA PRO QD 61 113.67 13.93 -56.17
C PRO QD 61 112.49 13.52 -57.03
N ASN QD 62 111.32 14.08 -56.72
CA ASN QD 62 110.09 13.81 -57.46
C ASN QD 62 109.38 15.15 -57.63
N GLY QD 63 109.69 15.83 -58.73
CA GLY QD 63 109.18 17.17 -58.92
C GLY QD 63 109.72 18.10 -57.86
N ASP QD 64 108.83 18.82 -57.19
CA ASP QD 64 109.22 19.71 -56.12
C ASP QD 64 109.38 19.00 -54.78
N LYS QD 65 108.70 17.87 -54.59
CA LYS QD 65 108.73 17.13 -53.34
C LYS QD 65 109.80 16.04 -53.41
N LYS QD 66 109.83 15.17 -52.40
CA LYS QD 66 110.73 14.04 -52.36
C LYS QD 66 109.91 12.76 -52.19
N SER QD 67 110.39 11.67 -52.80
CA SER QD 67 109.69 10.40 -52.76
C SER QD 67 110.62 9.32 -52.26
N LEU QD 68 110.06 8.37 -51.52
CA LEU QD 68 110.81 7.27 -50.95
C LEU QD 68 110.71 6.04 -51.86
N VAL QD 69 111.85 5.53 -52.28
CA VAL QD 69 111.93 4.26 -53.00
C VAL QD 69 112.40 3.19 -52.03
N VAL QD 70 111.63 2.11 -51.91
CA VAL QD 70 111.90 1.05 -50.96
C VAL QD 70 112.08 -0.25 -51.71
N VAL QD 71 113.14 -0.98 -51.38
CA VAL QD 71 113.40 -2.31 -51.92
C VAL QD 71 113.43 -3.30 -50.77
N ASN QD 72 112.62 -4.35 -50.88
CA ASN QD 72 112.48 -5.36 -49.84
C ASN QD 72 113.01 -6.69 -50.33
N LEU QD 73 113.75 -7.38 -49.46
CA LEU QD 73 114.22 -8.74 -49.72
C LEU QD 73 113.93 -9.58 -48.49
N THR QD 74 112.99 -10.51 -48.62
CA THR QD 74 112.50 -11.30 -47.50
C THR QD 74 112.68 -12.78 -47.78
N ALA QD 75 113.17 -13.51 -46.78
CA ALA QD 75 113.35 -14.96 -46.87
C ALA QD 75 112.38 -15.64 -45.92
N HIS QD 76 111.77 -16.73 -46.39
CA HIS QD 76 110.85 -17.53 -45.59
C HIS QD 76 111.39 -18.96 -45.56
N VAL QD 77 112.11 -19.31 -44.49
CA VAL QD 77 112.74 -20.60 -44.35
C VAL QD 77 112.02 -21.37 -43.25
N PRO QD 78 111.26 -22.41 -43.57
CA PRO QD 78 110.62 -23.22 -42.52
C PRO QD 78 111.65 -23.95 -41.68
N VAL QD 79 111.31 -24.15 -40.40
CA VAL QD 79 112.24 -24.79 -39.47
C VAL QD 79 112.34 -26.28 -39.78
N GLY QD 80 113.57 -26.79 -39.82
CA GLY QD 80 113.85 -28.16 -40.18
C GLY QD 80 114.58 -28.29 -41.49
N VAL QD 81 114.42 -27.31 -42.38
CA VAL QD 81 115.14 -27.31 -43.65
C VAL QD 81 116.61 -27.06 -43.39
N ASP QD 82 117.47 -27.80 -44.08
CA ASP QD 82 118.91 -27.65 -43.94
C ASP QD 82 119.33 -26.23 -44.32
N ALA QD 83 120.00 -25.55 -43.39
CA ALA QD 83 120.45 -24.19 -43.64
C ALA QD 83 121.48 -24.14 -44.75
N THR QD 84 122.40 -25.11 -44.77
CA THR QD 84 123.42 -25.14 -45.82
C THR QD 84 122.81 -25.32 -47.20
N ALA QD 85 121.77 -26.16 -47.30
CA ALA QD 85 121.09 -26.34 -48.59
C ALA QD 85 120.41 -25.06 -49.04
N VAL QD 86 119.80 -24.33 -48.10
CA VAL QD 86 119.13 -23.08 -48.45
C VAL QD 86 120.14 -22.02 -48.89
N ARG QD 87 121.27 -21.94 -48.18
CA ARG QD 87 122.28 -20.94 -48.52
C ARG QD 87 122.88 -21.21 -49.91
N THR QD 88 123.08 -22.47 -50.25
CA THR QD 88 123.57 -22.80 -51.59
C THR QD 88 122.55 -22.44 -52.66
N TRP QD 89 121.27 -22.67 -52.38
CA TRP QD 89 120.23 -22.29 -53.33
C TRP QD 89 120.15 -20.79 -53.50
N MET QD 90 120.24 -20.04 -52.40
CA MET QD 90 120.15 -18.59 -52.48
C MET QD 90 121.34 -18.00 -53.23
N THR QD 91 122.54 -18.55 -53.01
CA THR QD 91 123.74 -18.00 -53.63
C THR QD 91 123.80 -18.30 -55.13
N SER QD 92 123.43 -19.51 -55.53
CA SER QD 92 123.60 -19.93 -56.92
C SER QD 92 122.37 -19.69 -57.78
N GLU QD 93 121.19 -19.53 -57.18
CA GLU QD 93 119.96 -19.38 -57.95
C GLU QD 93 119.25 -18.06 -57.72
N VAL QD 94 119.06 -17.66 -56.46
CA VAL QD 94 118.29 -16.45 -56.18
C VAL QD 94 119.14 -15.21 -56.39
N PHE QD 95 120.36 -15.20 -55.85
CA PHE QD 95 121.20 -14.00 -55.92
C PHE QD 95 121.53 -13.57 -57.35
N PRO QD 96 121.96 -14.45 -58.25
CA PRO QD 96 122.19 -14.00 -59.63
C PRO QD 96 120.93 -13.50 -60.32
N GLY QD 97 119.77 -14.09 -60.04
CA GLY QD 97 118.55 -13.67 -60.68
C GLY QD 97 117.95 -12.40 -60.11
N ALA QD 98 118.19 -12.15 -58.82
CA ALA QD 98 117.66 -10.97 -58.15
C ALA QD 98 118.51 -9.73 -58.37
N THR QD 99 119.65 -9.86 -59.05
CA THR QD 99 120.52 -8.73 -59.35
C THR QD 99 120.72 -8.54 -60.85
N SER QD 100 119.87 -9.15 -61.66
CA SER QD 100 119.97 -9.03 -63.11
C SER QD 100 119.17 -7.84 -63.60
N SER QD 101 119.18 -7.61 -64.91
CA SER QD 101 118.35 -6.57 -65.50
C SER QD 101 116.87 -6.89 -65.37
N VAL QD 102 116.52 -8.15 -65.11
CA VAL QD 102 115.12 -8.52 -64.91
C VAL QD 102 114.56 -7.78 -63.69
N THR QD 103 115.32 -7.75 -62.60
CA THR QD 103 114.89 -7.00 -61.42
C THR QD 103 114.80 -5.51 -61.71
N LEU QD 104 115.79 -4.98 -62.43
CA LEU QD 104 115.79 -3.55 -62.75
C LEU QD 104 114.60 -3.18 -63.63
N ASP QD 105 114.27 -4.03 -64.61
CA ASP QD 105 113.16 -3.73 -65.51
C ASP QD 105 111.83 -3.84 -64.79
N LEU QD 106 111.69 -4.82 -63.88
CA LEU QD 106 110.44 -4.98 -63.15
C LEU QD 106 110.20 -3.82 -62.20
N ALA QD 107 111.25 -3.36 -61.53
CA ALA QD 107 111.10 -2.31 -60.53
C ALA QD 107 110.78 -0.96 -61.18
N THR QD 108 111.47 -0.61 -62.25
CA THR QD 108 111.36 0.72 -62.83
C THR QD 108 110.44 0.78 -64.05
N LYS QD 109 110.12 -0.35 -64.66
CA LYS QD 109 109.23 -0.36 -65.83
C LYS QD 109 108.06 -1.30 -65.69
N GLY QD 110 108.01 -2.13 -64.64
CA GLY QD 110 106.93 -3.09 -64.50
C GLY QD 110 106.92 -4.17 -65.56
N VAL QD 111 108.10 -4.65 -65.97
CA VAL QD 111 108.20 -5.66 -67.02
C VAL QD 111 108.15 -7.04 -66.38
N ILE QD 112 107.16 -7.84 -66.74
CA ILE QD 112 106.99 -9.19 -66.23
C ILE QD 112 107.22 -10.24 -67.31
N HIS QD 113 107.55 -9.85 -68.53
CA HIS QD 113 107.84 -10.76 -69.62
C HIS QD 113 109.32 -10.59 -69.99
N LEU QD 114 110.14 -11.59 -69.68
CA LEU QD 114 111.57 -11.51 -69.99
C LEU QD 114 111.86 -12.23 -71.30
N SER QD 115 111.35 -11.67 -72.38
CA SER QD 115 111.63 -12.18 -73.71
C SER QD 115 112.99 -11.67 -74.21
N ASP QD 116 113.64 -12.47 -75.04
CA ASP QD 116 113.27 -13.81 -75.49
C ASP QD 116 114.49 -14.73 -75.49
N ALA QD 117 115.67 -14.12 -75.38
CA ALA QD 117 116.94 -14.85 -75.44
C ALA QD 117 117.03 -15.92 -74.35
N LEU RD 1 115.22 -18.36 -72.82
CA LEU RD 1 114.51 -17.74 -71.71
C LEU RD 1 115.20 -18.04 -70.40
N SER RD 2 115.85 -17.04 -69.81
CA SER RD 2 116.65 -17.24 -68.61
C SER RD 2 116.45 -16.07 -67.66
N ILE RD 3 116.47 -16.38 -66.37
CA ILE RD 3 116.49 -15.39 -65.31
C ILE RD 3 117.78 -15.63 -64.52
N GLY RD 4 118.67 -14.65 -64.56
CA GLY RD 4 120.00 -14.84 -63.99
C GLY RD 4 120.76 -15.90 -64.73
N THR RD 5 121.19 -16.95 -64.02
CA THR RD 5 121.87 -18.08 -64.63
C THR RD 5 120.94 -19.28 -64.83
N LYS RD 6 119.67 -19.16 -64.44
CA LYS RD 6 118.73 -20.28 -64.50
C LYS RD 6 117.84 -20.13 -65.73
N ASN RD 7 117.87 -21.14 -66.60
CA ASN RD 7 116.93 -21.19 -67.71
C ASN RD 7 115.54 -21.55 -67.21
N VAL RD 8 114.53 -20.85 -67.70
CA VAL RD 8 113.14 -21.04 -67.28
C VAL RD 8 112.25 -21.08 -68.51
N SER RD 9 111.01 -21.50 -68.31
CA SER RD 9 109.99 -21.49 -69.33
C SER RD 9 108.71 -20.91 -68.74
N ILE RD 10 107.86 -20.37 -69.60
CA ILE RD 10 106.60 -19.80 -69.15
C ILE RD 10 105.71 -20.91 -68.62
N TYR RD 11 105.24 -20.76 -67.39
CA TYR RD 11 104.39 -21.74 -66.74
C TYR RD 11 102.94 -21.27 -66.64
N ARG RD 12 102.71 -20.07 -66.11
CA ARG RD 12 101.38 -19.50 -66.04
C ARG RD 12 101.49 -18.01 -66.33
N ASN RD 13 100.46 -17.47 -66.98
CA ASN RD 13 100.49 -16.11 -67.49
C ASN RD 13 99.15 -15.44 -67.22
N THR RD 14 99.11 -14.51 -66.27
CA THR RD 14 97.96 -13.67 -66.02
C THR RD 14 98.28 -12.24 -66.45
N ALA RD 15 97.33 -11.33 -66.19
CA ALA RD 15 97.49 -9.95 -66.65
C ALA RD 15 98.67 -9.26 -66.00
N ASP RD 16 98.84 -9.43 -64.69
CA ASP RD 16 99.89 -8.73 -63.96
C ASP RD 16 100.89 -9.67 -63.28
N GLU RD 17 100.80 -10.97 -63.53
CA GLU RD 17 101.77 -11.92 -62.99
C GLU RD 17 102.08 -12.98 -64.03
N VAL RD 18 103.36 -13.27 -64.21
CA VAL RD 18 103.82 -14.38 -65.03
C VAL RD 18 104.67 -15.28 -64.16
N ILE RD 19 104.30 -16.56 -64.09
CA ILE RD 19 105.05 -17.55 -63.32
C ILE RD 19 105.91 -18.34 -64.28
N TYR RD 20 107.21 -18.42 -63.99
CA TYR RD 20 108.14 -19.18 -64.78
C TYR RD 20 108.61 -20.41 -63.99
N ALA RD 21 108.83 -21.50 -64.70
CA ALA RD 21 109.18 -22.77 -64.08
C ALA RD 21 110.63 -23.12 -64.39
N GLY RD 22 111.37 -23.53 -63.37
CA GLY RD 22 112.72 -24.00 -63.55
C GLY RD 22 112.74 -25.36 -64.21
N PRO RD 23 113.93 -25.82 -64.60
CA PRO RD 23 114.02 -27.13 -65.27
C PRO RD 23 113.53 -28.27 -64.41
N ALA RD 24 113.70 -28.17 -63.09
CA ALA RD 24 113.30 -29.24 -62.18
C ALA RD 24 111.83 -29.17 -61.77
N HIS RD 25 111.13 -28.08 -62.09
CA HIS RD 25 109.76 -27.92 -61.64
C HIS RD 25 108.86 -29.03 -62.20
N ASP RD 26 108.03 -29.58 -61.33
CA ASP RD 26 107.12 -30.65 -61.71
C ASP RD 26 105.91 -30.60 -60.77
N VAL RD 27 105.10 -31.67 -60.82
CA VAL RD 27 103.87 -31.72 -60.02
C VAL RD 27 104.12 -31.88 -58.53
N THR RD 28 105.31 -32.38 -58.14
CA THR RD 28 105.63 -32.56 -56.74
C THR RD 28 106.80 -31.72 -56.25
N ASN RD 29 107.65 -31.23 -57.14
CA ASN RD 29 108.77 -30.36 -56.78
C ASN RD 29 108.48 -28.96 -57.32
N VAL RD 30 108.51 -27.96 -56.45
CA VAL RD 30 108.27 -26.58 -56.84
C VAL RD 30 109.62 -25.92 -57.13
N ASP RD 31 109.78 -25.41 -58.35
CA ASP RD 31 110.94 -24.61 -58.73
C ASP RD 31 110.42 -23.53 -59.67
N THR RD 32 110.04 -22.38 -59.11
CA THR RD 32 109.38 -21.34 -59.88
C THR RD 32 109.93 -19.97 -59.53
N VAL RD 33 109.96 -19.10 -60.52
CA VAL RD 33 110.26 -17.68 -60.34
C VAL RD 33 109.04 -16.89 -60.83
N SER RD 34 108.41 -16.17 -59.93
CA SER RD 34 107.24 -15.36 -60.28
C SER RD 34 107.63 -13.90 -60.43
N LEU RD 35 107.08 -13.26 -61.46
CA LEU RD 35 107.19 -11.82 -61.63
C LEU RD 35 105.80 -11.22 -61.56
N ARG RD 36 105.56 -10.43 -60.52
CA ARG RD 36 104.27 -9.82 -60.27
C ARG RD 36 104.43 -8.31 -60.17
N ARG RD 37 103.43 -7.58 -60.65
CA ARG RD 37 103.47 -6.13 -60.62
C ARG RD 37 102.12 -5.61 -60.15
N SER RD 38 102.17 -4.46 -59.48
CA SER RD 38 100.98 -3.69 -59.13
C SER RD 38 101.11 -2.33 -59.79
N LEU RD 39 100.28 -2.07 -60.79
CA LEU RD 39 100.41 -0.84 -61.54
C LEU RD 39 99.98 0.36 -60.72
N PRO RD 40 100.60 1.52 -60.94
CA PRO RD 40 100.27 2.71 -60.15
C PRO RD 40 98.81 3.12 -60.33
N VAL RD 41 98.15 3.41 -59.21
CA VAL RD 41 96.76 3.86 -59.21
C VAL RD 41 96.75 5.33 -58.84
N LYS RD 42 96.31 6.18 -59.76
CA LYS RD 42 96.27 7.63 -59.54
C LYS RD 42 95.07 7.88 -58.64
N LYS RD 43 95.36 8.28 -57.40
CA LYS RD 43 94.34 8.61 -56.42
C LYS RD 43 94.63 9.99 -55.84
N GLY RD 44 93.69 10.91 -56.00
CA GLY RD 44 93.90 12.27 -55.48
C GLY RD 44 95.05 12.94 -56.19
N SER RD 45 95.84 13.70 -55.42
CA SER RD 45 97.02 14.35 -55.96
C SER RD 45 98.21 13.42 -56.09
N ASP RD 46 98.14 12.22 -55.51
CA ASP RD 46 99.22 11.25 -55.61
C ASP RD 46 99.08 10.47 -56.91
N ASN RD 47 100.17 10.39 -57.67
CA ASN RD 47 100.16 9.69 -58.95
C ASN RD 47 100.26 8.17 -58.79
N GLY RD 48 100.48 7.67 -57.59
CA GLY RD 48 100.55 6.25 -57.34
C GLY RD 48 101.97 5.75 -57.21
N THR RD 49 102.07 4.42 -57.10
CA THR RD 49 103.34 3.75 -56.90
C THR RD 49 103.34 2.44 -57.65
N MET RD 50 104.42 2.17 -58.39
CA MET RD 50 104.58 0.88 -59.05
C MET RD 50 105.24 -0.10 -58.09
N ARG RD 51 104.61 -1.24 -57.87
CA ARG RD 51 105.15 -2.31 -57.05
C ARG RD 51 105.59 -3.46 -57.95
N GLY RD 52 106.82 -3.91 -57.78
CA GLY RD 52 107.31 -5.05 -58.52
C GLY RD 52 107.81 -6.15 -57.62
N ASN RD 53 107.14 -7.29 -57.62
CA ASN RD 53 107.48 -8.41 -56.75
C ASN RD 53 108.14 -9.51 -57.56
N MET RD 54 109.29 -9.98 -57.08
CA MET RD 54 110.02 -11.08 -57.70
C MET RD 54 110.09 -12.22 -56.69
N ASN RD 55 109.36 -13.30 -56.96
CA ASN RD 55 109.18 -14.39 -56.02
C ASN RD 55 110.00 -15.60 -56.45
N PHE RD 56 110.79 -16.13 -55.52
CA PHE RD 56 111.53 -17.37 -55.71
C PHE RD 56 110.95 -18.43 -54.79
N ALA RD 57 110.54 -19.55 -55.36
CA ALA RD 57 109.97 -20.66 -54.59
C ALA RD 57 110.75 -21.92 -54.89
N LYS RD 58 111.02 -22.70 -53.85
CA LYS RD 58 111.74 -23.96 -54.00
C LYS RD 58 111.30 -24.93 -52.93
N SER RD 59 111.09 -26.18 -53.32
CA SER RD 59 110.76 -27.25 -52.38
C SER RD 59 112.04 -27.82 -51.79
N PHE RD 60 112.01 -28.08 -50.49
CA PHE RD 60 113.18 -28.57 -49.78
C PHE RD 60 112.78 -29.73 -48.88
N PRO RD 61 113.67 -30.73 -48.72
CA PRO RD 61 113.41 -31.80 -47.75
C PRO RD 61 113.41 -31.25 -46.33
N ASN RD 62 112.30 -31.45 -45.63
CA ASN RD 62 112.15 -31.04 -44.24
C ASN RD 62 111.79 -32.30 -43.45
N GLY RD 63 112.81 -33.03 -43.01
CA GLY RD 63 112.60 -34.30 -42.35
C GLY RD 63 111.99 -35.33 -43.29
N ASP RD 64 110.73 -35.68 -43.05
CA ASP RD 64 110.02 -36.63 -43.89
C ASP RD 64 109.22 -35.96 -44.99
N LYS RD 65 108.71 -34.76 -44.74
CA LYS RD 65 107.88 -34.04 -45.70
C LYS RD 65 108.74 -33.05 -46.49
N LYS RD 66 108.08 -32.21 -47.28
CA LYS RD 66 108.76 -31.17 -48.05
C LYS RD 66 108.23 -29.81 -47.62
N SER RD 67 109.14 -28.85 -47.48
CA SER RD 67 108.81 -27.49 -47.11
C SER RD 67 109.15 -26.55 -48.25
N LEU RD 68 108.37 -25.48 -48.36
CA LEU RD 68 108.57 -24.48 -49.40
C LEU RD 68 109.37 -23.31 -48.85
N VAL RD 69 110.55 -23.08 -49.42
CA VAL RD 69 111.37 -21.92 -49.08
C VAL RD 69 111.10 -20.83 -50.10
N VAL RD 70 110.73 -19.64 -49.61
CA VAL RD 70 110.31 -18.54 -50.47
C VAL RD 70 111.22 -17.34 -50.22
N VAL RD 71 111.71 -16.74 -51.29
CA VAL RD 71 112.46 -15.49 -51.24
C VAL RD 71 111.72 -14.48 -52.09
N ASN RD 72 111.39 -13.33 -51.50
CA ASN RD 72 110.67 -12.27 -52.19
C ASN RD 72 111.57 -11.05 -52.33
N LEU RD 73 111.58 -10.47 -53.54
CA LEU RD 73 112.22 -9.19 -53.80
C LEU RD 73 111.16 -8.23 -54.29
N THR RD 74 110.91 -7.17 -53.52
CA THR RD 74 109.85 -6.22 -53.82
C THR RD 74 110.42 -4.81 -53.86
N ALA RD 75 109.99 -4.03 -54.85
CA ALA RD 75 110.38 -2.64 -54.97
C ALA RD 75 109.14 -1.76 -55.04
N HIS RD 76 109.21 -0.59 -54.42
CA HIS RD 76 108.13 0.39 -54.42
C HIS RD 76 108.68 1.69 -54.97
N VAL RD 77 108.37 1.98 -56.24
CA VAL RD 77 108.88 3.15 -56.93
C VAL RD 77 107.71 4.11 -57.18
N PRO RD 78 107.65 5.26 -56.52
CA PRO RD 78 106.58 6.21 -56.79
C PRO RD 78 106.68 6.82 -58.18
N VAL RD 79 105.52 7.16 -58.75
CA VAL RD 79 105.49 7.79 -60.05
C VAL RD 79 106.05 9.21 -59.95
N GLY RD 80 106.90 9.57 -60.90
CA GLY RD 80 107.53 10.87 -60.95
C GLY RD 80 109.01 10.85 -60.68
N VAL RD 81 109.54 9.76 -60.17
CA VAL RD 81 110.96 9.61 -59.92
C VAL RD 81 111.67 9.25 -61.21
N ASP RD 82 112.91 9.72 -61.36
CA ASP RD 82 113.70 9.36 -62.52
C ASP RD 82 114.10 7.89 -62.46
N ALA RD 83 113.74 7.15 -63.51
CA ALA RD 83 113.99 5.71 -63.51
C ALA RD 83 115.48 5.40 -63.59
N THR RD 84 116.26 6.22 -64.31
CA THR RD 84 117.69 5.99 -64.39
C THR RD 84 118.37 6.15 -63.04
N ALA RD 85 117.93 7.13 -62.25
CA ALA RD 85 118.51 7.32 -60.93
C ALA RD 85 118.24 6.13 -60.02
N VAL RD 86 117.03 5.57 -60.09
CA VAL RD 86 116.69 4.43 -59.24
C VAL RD 86 117.48 3.20 -59.67
N ARG RD 87 117.65 3.00 -60.97
CA ARG RD 87 118.42 1.84 -61.45
C ARG RD 87 119.88 1.93 -61.02
N THR RD 88 120.46 3.13 -61.05
CA THR RD 88 121.84 3.30 -60.60
C THR RD 88 121.97 3.04 -59.11
N TRP RD 89 120.99 3.50 -58.32
CA TRP RD 89 121.01 3.24 -56.88
C TRP RD 89 120.84 1.75 -56.58
N MET RD 90 119.91 1.08 -57.28
CA MET RD 90 119.69 -0.34 -57.05
C MET RD 90 120.92 -1.16 -57.42
N THR RD 91 121.60 -0.80 -58.51
CA THR RD 91 122.77 -1.56 -58.94
C THR RD 91 123.95 -1.41 -57.98
N SER RD 92 124.22 -0.19 -57.54
CA SER RD 92 125.44 0.09 -56.78
C SER RD 92 125.26 -0.06 -55.27
N GLU RD 93 124.06 0.10 -54.75
CA GLU RD 93 123.85 0.11 -53.31
C GLU RD 93 122.94 -1.00 -52.80
N VAL RD 94 121.91 -1.35 -53.55
CA VAL RD 94 120.97 -2.37 -53.10
C VAL RD 94 121.51 -3.76 -53.43
N PHE RD 95 121.90 -3.98 -54.68
CA PHE RD 95 122.31 -5.30 -55.13
C PHE RD 95 123.52 -5.86 -54.36
N PRO RD 96 124.61 -5.12 -54.17
CA PRO RD 96 125.74 -5.70 -53.42
C PRO RD 96 125.39 -6.09 -52.00
N GLY RD 97 124.54 -5.31 -51.32
CA GLY RD 97 124.17 -5.65 -49.96
C GLY RD 97 123.13 -6.73 -49.86
N ALA RD 98 122.24 -6.84 -50.84
CA ALA RD 98 121.19 -7.84 -50.81
C ALA RD 98 121.73 -9.24 -51.06
N THR RD 99 122.85 -9.37 -51.76
CA THR RD 99 123.43 -10.67 -52.08
C THR RD 99 124.75 -10.90 -51.33
N SER RD 100 124.84 -10.39 -50.11
CA SER RD 100 126.04 -10.55 -49.29
C SER RD 100 125.79 -11.60 -48.22
N SER RD 101 126.79 -11.79 -47.36
CA SER RD 101 126.64 -12.72 -46.25
C SER RD 101 125.62 -12.25 -45.22
N VAL RD 102 125.30 -10.96 -45.21
CA VAL RD 102 124.30 -10.44 -44.27
C VAL RD 102 122.94 -11.06 -44.54
N THR RD 103 122.58 -11.20 -45.81
CA THR RD 103 121.30 -11.82 -46.17
C THR RD 103 121.26 -13.28 -45.74
N LEU RD 104 122.35 -14.01 -45.97
CA LEU RD 104 122.40 -15.42 -45.59
C LEU RD 104 122.34 -15.59 -44.07
N ASP RD 105 123.07 -14.76 -43.33
CA ASP RD 105 123.07 -14.87 -41.88
C ASP RD 105 121.72 -14.50 -41.29
N LEU RD 106 121.04 -13.53 -41.88
CA LEU RD 106 119.70 -13.17 -41.42
C LEU RD 106 118.70 -14.28 -41.68
N ALA RD 107 118.83 -14.96 -42.83
CA ALA RD 107 117.86 -15.98 -43.20
C ALA RD 107 117.99 -17.22 -42.32
N THR RD 108 119.22 -17.70 -42.10
CA THR RD 108 119.45 -18.97 -41.43
C THR RD 108 119.84 -18.83 -39.97
N LYS RD 109 120.15 -17.62 -39.51
CA LYS RD 109 120.51 -17.43 -38.10
C LYS RD 109 119.75 -16.31 -37.41
N GLY RD 110 118.97 -15.50 -38.11
CA GLY RD 110 118.30 -14.38 -37.49
C GLY RD 110 119.22 -13.31 -36.96
N VAL RD 111 120.32 -13.05 -37.66
CA VAL RD 111 121.28 -12.04 -37.22
C VAL RD 111 120.87 -10.68 -37.77
N ILE RD 112 120.56 -9.75 -36.87
CA ILE RD 112 120.22 -8.38 -37.24
C ILE RD 112 121.25 -7.37 -36.77
N HIS RD 113 122.14 -7.75 -35.87
CA HIS RD 113 123.20 -6.87 -35.39
C HIS RD 113 124.47 -7.18 -36.17
N LEU RD 114 124.97 -6.19 -36.90
CA LEU RD 114 126.13 -6.38 -37.78
C LEU RD 114 127.41 -6.20 -36.98
N SER RD 115 128.49 -6.79 -37.49
CA SER RD 115 129.80 -6.71 -36.87
C SER RD 115 130.88 -7.01 -37.91
N ASP RD 116 132.07 -6.44 -37.70
CA ASP RD 116 132.40 -5.39 -36.74
C ASP RD 116 133.32 -4.36 -37.37
N ALA RD 117 133.87 -4.71 -38.52
CA ALA RD 117 134.83 -3.85 -39.21
C ALA RD 117 134.22 -3.14 -40.40
N LEU SD 1 91.64 -59.17 -84.21
CA LEU SD 1 91.03 -57.92 -83.76
C LEU SD 1 92.12 -56.93 -83.33
N SER SD 2 92.29 -55.86 -84.08
CA SER SD 2 93.38 -54.92 -83.86
C SER SD 2 92.86 -53.50 -83.78
N ILE SD 3 93.40 -52.74 -82.84
CA ILE SD 3 93.21 -51.28 -82.78
C ILE SD 3 94.62 -50.69 -82.78
N GLY SD 4 95.12 -50.33 -83.95
CA GLY SD 4 96.51 -49.94 -84.09
C GLY SD 4 97.40 -51.15 -84.19
N THR SD 5 98.39 -51.25 -83.29
CA THR SD 5 99.24 -52.43 -83.20
C THR SD 5 98.84 -53.34 -82.04
N LYS SD 6 97.72 -53.06 -81.38
CA LYS SD 6 97.29 -53.80 -80.20
C LYS SD 6 96.26 -54.84 -80.60
N ASN SD 7 96.45 -56.07 -80.12
CA ASN SD 7 95.48 -57.14 -80.31
C ASN SD 7 94.50 -57.13 -79.14
N VAL SD 8 93.22 -56.90 -79.44
CA VAL SD 8 92.20 -56.77 -78.42
C VAL SD 8 91.13 -57.83 -78.65
N SER SD 9 90.27 -57.99 -77.65
CA SER SD 9 89.11 -58.88 -77.74
C SER SD 9 87.90 -58.16 -77.17
N ILE SD 10 86.72 -58.58 -77.61
CA ILE SD 10 85.48 -57.99 -77.10
C ILE SD 10 85.32 -58.34 -75.63
N TYR SD 11 85.06 -57.34 -74.82
CA TYR SD 11 84.89 -57.50 -73.38
C TYR SD 11 83.50 -57.12 -72.89
N ARG SD 12 82.91 -56.07 -73.47
CA ARG SD 12 81.55 -55.67 -73.13
C ARG SD 12 80.91 -55.10 -74.38
N ASN SD 13 79.67 -55.49 -74.65
CA ASN SD 13 78.98 -55.11 -75.88
C ASN SD 13 77.61 -54.56 -75.51
N THR SD 14 77.45 -53.25 -75.64
CA THR SD 14 76.17 -52.58 -75.41
C THR SD 14 75.71 -51.93 -76.71
N ALA SD 15 74.57 -51.23 -76.63
CA ALA SD 15 73.97 -50.64 -77.81
C ALA SD 15 74.89 -49.60 -78.45
N ASP SD 16 75.52 -48.77 -77.64
CA ASP SD 16 76.29 -47.63 -78.15
C ASP SD 16 77.72 -47.62 -77.63
N GLU SD 17 78.21 -48.73 -77.09
CA GLU SD 17 79.56 -48.77 -76.56
C GLU SD 17 80.06 -50.21 -76.57
N VAL SD 18 81.23 -50.43 -77.14
CA VAL SD 18 81.91 -51.72 -77.10
C VAL SD 18 83.27 -51.51 -76.46
N ILE SD 19 83.55 -52.25 -75.40
CA ILE SD 19 84.82 -52.18 -74.69
C ILE SD 19 85.69 -53.33 -75.18
N TYR SD 20 86.91 -53.02 -75.60
CA TYR SD 20 87.88 -54.01 -76.02
C TYR SD 20 89.02 -54.08 -75.01
N ALA SD 21 89.41 -55.30 -74.64
CA ALA SD 21 90.41 -55.52 -73.61
C ALA SD 21 91.73 -55.97 -74.24
N GLY SD 22 92.81 -55.38 -73.77
CA GLY SD 22 94.13 -55.74 -74.23
C GLY SD 22 94.66 -56.98 -73.55
N PRO SD 23 95.85 -57.42 -73.94
CA PRO SD 23 96.41 -58.64 -73.34
C PRO SD 23 96.67 -58.53 -71.85
N ALA SD 24 96.85 -57.32 -71.32
CA ALA SD 24 97.17 -57.11 -69.92
C ALA SD 24 95.94 -56.79 -69.08
N HIS SD 25 94.75 -56.98 -69.62
CA HIS SD 25 93.51 -56.71 -68.90
C HIS SD 25 93.05 -57.94 -68.14
N ASP SD 26 92.64 -57.74 -66.90
CA ASP SD 26 92.13 -58.81 -66.05
C ASP SD 26 91.26 -58.17 -64.97
N VAL SD 27 90.94 -58.94 -63.92
CA VAL SD 27 90.07 -58.46 -62.87
C VAL SD 27 90.69 -57.32 -62.08
N THR SD 28 92.00 -57.34 -61.84
CA THR SD 28 92.65 -56.34 -61.01
C THR SD 28 93.39 -55.25 -61.78
N ASN SD 29 93.64 -55.44 -63.06
CA ASN SD 29 94.35 -54.46 -63.88
C ASN SD 29 93.47 -54.04 -65.05
N VAL SD 30 93.62 -52.77 -65.45
CA VAL SD 30 92.81 -52.19 -66.52
C VAL SD 30 93.69 -51.97 -67.73
N ASP SD 31 93.32 -52.59 -68.85
CA ASP SD 31 93.94 -52.34 -70.15
C ASP SD 31 92.81 -52.46 -71.17
N THR SD 32 92.15 -51.34 -71.48
CA THR SD 32 90.97 -51.37 -72.30
C THR SD 32 90.98 -50.24 -73.32
N VAL SD 33 90.32 -50.47 -74.45
CA VAL SD 33 90.02 -49.45 -75.44
C VAL SD 33 88.52 -49.50 -75.70
N SER SD 34 87.82 -48.43 -75.36
CA SER SD 34 86.36 -48.37 -75.47
C SER SD 34 85.98 -47.47 -76.63
N LEU SD 35 85.15 -47.99 -77.53
CA LEU SD 35 84.57 -47.21 -78.61
C LEU SD 35 83.14 -46.83 -78.23
N ARG SD 36 82.85 -45.54 -78.26
CA ARG SD 36 81.53 -45.03 -77.90
C ARG SD 36 81.00 -44.16 -79.03
N ARG SD 37 79.68 -44.05 -79.09
CA ARG SD 37 79.05 -43.27 -80.15
C ARG SD 37 77.74 -42.70 -79.64
N SER SD 38 77.32 -41.59 -80.26
CA SER SD 38 76.03 -40.98 -80.02
C SER SD 38 75.42 -40.66 -81.38
N LEU SD 39 74.36 -41.38 -81.75
CA LEU SD 39 73.79 -41.25 -83.07
C LEU SD 39 73.13 -39.88 -83.23
N PRO SD 40 73.13 -39.35 -84.45
CA PRO SD 40 72.46 -38.07 -84.69
C PRO SD 40 70.97 -38.15 -84.36
N VAL SD 41 70.45 -37.06 -83.79
CA VAL SD 41 69.04 -36.97 -83.45
C VAL SD 41 68.44 -35.86 -84.30
N LYS SD 42 67.46 -36.22 -85.14
CA LYS SD 42 66.82 -35.26 -86.03
C LYS SD 42 65.86 -34.41 -85.20
N LYS SD 43 66.43 -33.45 -84.48
CA LYS SD 43 65.67 -32.58 -83.60
C LYS SD 43 65.28 -31.32 -84.35
N GLY SD 44 63.99 -31.13 -84.57
CA GLY SD 44 63.52 -29.97 -85.32
C GLY SD 44 64.07 -29.98 -86.73
N SER SD 45 64.60 -28.84 -87.15
CA SER SD 45 65.22 -28.71 -88.47
C SER SD 45 66.68 -29.14 -88.48
N ASP SD 46 67.35 -29.14 -87.34
CA ASP SD 46 68.73 -29.58 -87.26
C ASP SD 46 68.79 -31.09 -87.52
N ASN SD 47 69.71 -31.51 -88.38
CA ASN SD 47 69.86 -32.92 -88.71
C ASN SD 47 70.65 -33.69 -87.65
N GLY SD 48 71.19 -33.02 -86.64
CA GLY SD 48 71.90 -33.69 -85.58
C GLY SD 48 73.40 -33.67 -85.78
N THR SD 49 74.09 -34.34 -84.86
CA THR SD 49 75.54 -34.43 -84.87
C THR SD 49 75.96 -35.85 -84.55
N MET SD 50 77.00 -36.32 -85.24
CA MET SD 50 77.60 -37.61 -84.96
C MET SD 50 78.72 -37.43 -83.96
N ARG SD 51 78.59 -38.04 -82.79
CA ARG SD 51 79.61 -38.00 -81.75
C ARG SD 51 80.27 -39.37 -81.64
N GLY SD 52 81.58 -39.39 -81.76
CA GLY SD 52 82.35 -40.62 -81.59
C GLY SD 52 83.43 -40.42 -80.55
N ASN SD 53 83.60 -41.40 -79.67
CA ASN SD 53 84.56 -41.32 -78.59
C ASN SD 53 85.42 -42.57 -78.57
N MET SD 54 86.74 -42.39 -78.54
CA MET SD 54 87.69 -43.47 -78.35
C MET SD 54 88.37 -43.27 -77.01
N ASN SD 55 88.23 -44.25 -76.12
CA ASN SD 55 88.72 -44.15 -74.75
C ASN SD 55 89.84 -45.15 -74.54
N PHE SD 56 90.95 -44.68 -73.99
CA PHE SD 56 92.08 -45.54 -73.63
C PHE SD 56 92.25 -45.50 -72.13
N ALA SD 57 92.32 -46.67 -71.50
CA ALA SD 57 92.48 -46.77 -70.06
C ALA SD 57 93.58 -47.77 -69.74
N LYS SD 58 94.46 -47.40 -68.83
CA LYS SD 58 95.53 -48.27 -68.38
C LYS SD 58 95.81 -48.02 -66.90
N SER SD 59 96.10 -49.09 -66.18
CA SER SD 59 96.51 -49.01 -64.80
C SER SD 59 98.02 -48.86 -64.70
N PHE SD 60 98.45 -48.00 -63.77
CA PHE SD 60 99.86 -47.69 -63.62
C PHE SD 60 100.25 -47.74 -62.15
N PRO SD 61 101.47 -48.13 -61.84
CA PRO SD 61 101.93 -48.07 -60.44
C PRO SD 61 101.98 -46.62 -59.94
N ASN SD 62 101.29 -46.36 -58.84
CA ASN SD 62 101.24 -45.03 -58.22
C ASN SD 62 101.63 -45.20 -56.76
N GLY SD 63 102.93 -45.17 -56.49
CA GLY SD 63 103.43 -45.41 -55.15
C GLY SD 63 103.01 -46.76 -54.62
N ASP SD 64 102.09 -46.77 -53.65
CA ASP SD 64 101.61 -48.02 -53.10
C ASP SD 64 100.45 -48.59 -53.92
N LYS SD 65 99.53 -47.74 -54.34
CA LYS SD 65 98.34 -48.18 -55.06
C LYS SD 65 98.57 -48.11 -56.57
N LYS SD 66 97.53 -48.38 -57.34
CA LYS SD 66 97.59 -48.36 -58.79
C LYS SD 66 96.59 -47.34 -59.31
N SER SD 67 97.06 -46.40 -60.13
CA SER SD 67 96.23 -45.33 -60.65
C SER SD 67 95.89 -45.58 -62.11
N LEU SD 68 94.76 -45.02 -62.54
CA LEU SD 68 94.24 -45.20 -63.88
C LEU SD 68 94.54 -43.96 -64.73
N VAL SD 69 95.24 -44.16 -65.83
CA VAL SD 69 95.53 -43.11 -66.79
C VAL SD 69 94.57 -43.27 -67.97
N VAL SD 70 93.86 -42.20 -68.31
CA VAL SD 70 92.83 -42.25 -69.33
C VAL SD 70 93.15 -41.22 -70.41
N VAL SD 71 93.13 -41.66 -71.67
CA VAL SD 71 93.27 -40.78 -72.82
C VAL SD 71 91.98 -40.86 -73.62
N ASN SD 72 91.34 -39.71 -73.84
CA ASN SD 72 90.09 -39.63 -74.56
C ASN SD 72 90.30 -38.97 -75.91
N LEU SD 73 89.50 -39.39 -76.89
CA LEU SD 73 89.52 -38.80 -78.22
C LEU SD 73 88.07 -38.73 -78.70
N THR SD 74 87.53 -37.53 -78.77
CA THR SD 74 86.14 -37.32 -79.15
C THR SD 74 86.06 -36.46 -80.40
N ALA SD 75 85.20 -36.85 -81.34
CA ALA SD 75 84.97 -36.11 -82.57
C ALA SD 75 83.51 -35.74 -82.67
N HIS SD 76 83.24 -34.52 -83.12
CA HIS SD 76 81.88 -34.02 -83.33
C HIS SD 76 81.74 -33.63 -84.79
N VAL SD 77 80.98 -34.41 -85.54
CA VAL SD 77 80.78 -34.16 -86.98
C VAL SD 77 79.31 -33.90 -87.24
N PRO SD 78 78.91 -32.66 -87.52
CA PRO SD 78 77.50 -32.37 -87.80
C PRO SD 78 77.03 -33.06 -89.07
N VAL SD 79 75.75 -33.44 -89.08
CA VAL SD 79 75.18 -34.13 -90.23
C VAL SD 79 75.07 -33.16 -91.40
N GLY SD 80 75.48 -33.63 -92.59
CA GLY SD 80 75.47 -32.83 -93.79
C GLY SD 80 76.86 -32.41 -94.25
N VAL SD 81 77.80 -32.29 -93.31
CA VAL SD 81 79.17 -31.99 -93.66
C VAL SD 81 79.74 -33.15 -94.46
N ASP SD 82 80.44 -32.82 -95.55
CA ASP SD 82 81.02 -33.85 -96.40
C ASP SD 82 82.02 -34.70 -95.61
N ALA SD 83 81.79 -36.01 -95.57
CA ALA SD 83 82.60 -36.90 -94.75
C ALA SD 83 84.04 -36.96 -95.27
N THR SD 84 84.22 -36.98 -96.59
CA THR SD 84 85.56 -37.10 -97.15
C THR SD 84 86.42 -35.90 -96.80
N ALA SD 85 85.82 -34.70 -96.79
CA ALA SD 85 86.56 -33.51 -96.41
C ALA SD 85 87.01 -33.60 -94.95
N VAL SD 86 86.15 -34.15 -94.08
CA VAL SD 86 86.51 -34.30 -92.68
C VAL SD 86 87.65 -35.30 -92.52
N ARG SD 87 87.61 -36.40 -93.28
CA ARG SD 87 88.60 -37.46 -93.08
C ARG SD 87 89.98 -37.03 -93.55
N THR SD 88 90.07 -36.23 -94.61
CA THR SD 88 91.37 -35.72 -95.03
C THR SD 88 91.86 -34.62 -94.09
N TRP SD 89 90.94 -33.94 -93.40
CA TRP SD 89 91.35 -32.94 -92.42
C TRP SD 89 91.97 -33.60 -91.20
N MET SD 90 91.33 -34.66 -90.68
CA MET SD 90 91.90 -35.37 -89.54
C MET SD 90 93.22 -36.04 -89.91
N THR SD 91 93.28 -36.65 -91.09
CA THR SD 91 94.49 -37.37 -91.48
C THR SD 91 95.68 -36.43 -91.64
N SER SD 92 95.45 -35.24 -92.19
CA SER SD 92 96.55 -34.32 -92.50
C SER SD 92 96.76 -33.25 -91.45
N GLU SD 93 95.71 -32.77 -90.78
CA GLU SD 93 95.84 -31.64 -89.87
C GLU SD 93 95.67 -32.01 -88.41
N VAL SD 94 94.85 -33.01 -88.08
CA VAL SD 94 94.59 -33.31 -86.68
C VAL SD 94 95.52 -34.40 -86.17
N PHE SD 95 95.62 -35.51 -86.89
CA PHE SD 95 96.41 -36.66 -86.45
C PHE SD 95 97.90 -36.35 -86.27
N PRO SD 96 98.56 -35.69 -87.22
CA PRO SD 96 99.99 -35.37 -87.00
C PRO SD 96 100.20 -34.46 -85.80
N GLY SD 97 99.29 -33.53 -85.53
CA GLY SD 97 99.44 -32.66 -84.37
C GLY SD 97 99.03 -33.31 -83.07
N ALA SD 98 98.11 -34.26 -83.10
CA ALA SD 98 97.63 -34.91 -81.89
C ALA SD 98 98.55 -36.02 -81.40
N THR SD 99 99.57 -36.39 -82.18
CA THR SD 99 100.50 -37.45 -81.80
C THR SD 99 101.93 -36.96 -81.69
N SER SD 100 102.13 -35.64 -81.62
CA SER SD 100 103.46 -35.06 -81.57
C SER SD 100 103.92 -34.98 -80.11
N SER SD 101 105.08 -34.35 -79.89
CA SER SD 101 105.57 -34.15 -78.53
C SER SD 101 104.74 -33.14 -77.77
N VAL SD 102 103.91 -32.35 -78.45
CA VAL SD 102 103.05 -31.39 -77.77
C VAL SD 102 102.06 -32.12 -76.88
N THR SD 103 101.48 -33.22 -77.39
CA THR SD 103 100.57 -34.01 -76.57
C THR SD 103 101.26 -34.57 -75.34
N LEU SD 104 102.50 -35.06 -75.50
CA LEU SD 104 103.22 -35.65 -74.38
C LEU SD 104 103.51 -34.61 -73.29
N ASP SD 105 103.95 -33.42 -73.70
CA ASP SD 105 104.21 -32.36 -72.72
C ASP SD 105 102.93 -31.89 -72.05
N LEU SD 106 101.85 -31.75 -72.83
CA LEU SD 106 100.57 -31.31 -72.27
C LEU SD 106 100.00 -32.34 -71.30
N ALA SD 107 100.14 -33.63 -71.62
CA ALA SD 107 99.56 -34.67 -70.77
C ALA SD 107 100.33 -34.82 -69.46
N THR SD 108 101.66 -34.75 -69.50
CA THR SD 108 102.46 -35.02 -68.33
C THR SD 108 102.84 -33.77 -67.55
N LYS SD 109 103.05 -32.64 -68.23
CA LYS SD 109 103.49 -31.42 -67.56
C LYS SD 109 102.55 -30.24 -67.75
N GLY SD 110 101.47 -30.38 -68.51
CA GLY SD 110 100.55 -29.28 -68.71
C GLY SD 110 101.11 -28.11 -69.50
N VAL SD 111 101.99 -28.37 -70.46
CA VAL SD 111 102.60 -27.30 -71.25
C VAL SD 111 101.61 -26.86 -72.32
N ILE SD 112 101.27 -25.58 -72.31
CA ILE SD 112 100.35 -25.00 -73.28
C ILE SD 112 101.00 -23.97 -74.18
N HIS SD 113 102.30 -23.70 -74.00
CA HIS SD 113 103.04 -22.76 -74.84
C HIS SD 113 104.09 -23.55 -75.62
N LEU SD 114 103.87 -23.73 -76.92
CA LEU SD 114 104.76 -24.55 -77.74
C LEU SD 114 105.76 -23.66 -78.47
N SER SD 115 106.56 -22.95 -77.70
CA SER SD 115 107.60 -22.09 -78.25
C SER SD 115 108.78 -22.93 -78.73
N ASP SD 116 109.39 -22.49 -79.83
CA ASP SD 116 108.97 -21.35 -80.65
C ASP SD 116 109.01 -21.72 -82.13
N ALA SD 117 109.82 -22.73 -82.46
CA ALA SD 117 110.00 -23.15 -83.84
C ALA SD 117 108.79 -23.96 -84.32
N LEU TD 1 -95.73 53.86 -82.72
CA LEU TD 1 -95.43 52.71 -81.88
C LEU TD 1 -96.63 52.34 -81.00
N SER TD 2 -97.15 51.14 -81.19
CA SER TD 2 -98.30 50.67 -80.44
C SER TD 2 -98.11 49.22 -80.06
N ILE TD 3 -98.70 48.83 -78.94
CA ILE TD 3 -98.73 47.45 -78.47
C ILE TD 3 -100.20 47.13 -78.22
N GLY TD 4 -100.83 46.44 -79.16
CA GLY TD 4 -102.27 46.29 -79.11
C GLY TD 4 -102.95 47.62 -79.41
N THR TD 5 -103.64 48.18 -78.42
CA THR TD 5 -104.30 49.46 -78.57
C THR TD 5 -103.63 50.57 -77.77
N LYS TD 6 -102.47 50.30 -77.17
CA LYS TD 6 -101.78 51.27 -76.32
C LYS TD 6 -100.57 51.84 -77.05
N ASN TD 7 -100.48 53.16 -77.08
CA ASN TD 7 -99.32 53.85 -77.65
C ASN TD 7 -98.18 53.85 -76.64
N VAL TD 8 -96.99 53.48 -77.11
CA VAL TD 8 -95.81 53.38 -76.25
C VAL TD 8 -94.67 54.13 -76.92
N SER TD 9 -93.58 54.29 -76.17
CA SER TD 9 -92.39 54.94 -76.66
C SER TD 9 -91.17 54.18 -76.16
N ILE TD 10 -90.08 54.23 -76.94
CA ILE TD 10 -88.82 53.66 -76.53
C ILE TD 10 -88.39 54.31 -75.21
N TYR TD 11 -88.06 53.49 -74.22
CA TYR TD 11 -87.63 53.97 -72.92
C TYR TD 11 -86.26 53.48 -72.51
N ARG TD 12 -86.02 52.16 -72.59
CA ARG TD 12 -84.72 51.59 -72.28
C ARG TD 12 -84.41 50.50 -73.29
N ASN TD 13 -83.21 50.57 -73.87
CA ASN TD 13 -82.79 49.64 -74.91
C ASN TD 13 -81.53 48.93 -74.46
N THR TD 14 -81.56 47.61 -74.49
CA THR TD 14 -80.35 46.81 -74.26
C THR TD 14 -80.18 45.83 -75.42
N ALA TD 15 -79.16 44.97 -75.33
CA ALA TD 15 -78.87 44.06 -76.44
C ALA TD 15 -80.02 43.09 -76.68
N ASP TD 16 -80.60 42.54 -75.62
CA ASP TD 16 -81.64 41.52 -75.75
C ASP TD 16 -82.94 41.91 -75.05
N GLU TD 17 -83.09 43.15 -74.61
CA GLU TD 17 -84.30 43.58 -73.94
C GLU TD 17 -84.58 45.04 -74.28
N VAL TD 18 -85.85 45.32 -74.60
CA VAL TD 18 -86.32 46.67 -74.84
C VAL TD 18 -87.51 46.93 -73.94
N ILE TD 19 -87.47 48.05 -73.23
CA ILE TD 19 -88.58 48.49 -72.37
C ILE TD 19 -89.28 49.65 -73.04
N TYR TD 20 -90.61 49.56 -73.15
CA TYR TD 20 -91.43 50.65 -73.68
C TYR TD 20 -92.26 51.24 -72.55
N ALA TD 21 -92.48 52.55 -72.61
CA ALA TD 21 -93.20 53.27 -71.57
C ALA TD 21 -94.57 53.67 -72.08
N GLY TD 22 -95.59 53.46 -71.25
CA GLY TD 22 -96.93 53.87 -71.57
C GLY TD 22 -97.17 55.33 -71.28
N PRO TD 23 -98.36 55.83 -71.61
CA PRO TD 23 -98.65 57.25 -71.40
C PRO TD 23 -98.65 57.67 -69.94
N ALA TD 24 -98.81 56.74 -69.00
CA ALA TD 24 -98.90 57.04 -67.58
C ALA TD 24 -97.60 56.82 -66.83
N HIS TD 25 -96.51 56.51 -67.53
CA HIS TD 25 -95.24 56.23 -66.87
C HIS TD 25 -94.51 57.52 -66.53
N ASP TD 26 -94.13 57.66 -65.27
CA ASP TD 26 -93.31 58.79 -64.82
C ASP TD 26 -92.49 58.32 -63.63
N VAL TD 27 -91.95 59.27 -62.87
CA VAL TD 27 -91.10 58.98 -61.72
C VAL TD 27 -91.90 58.31 -60.63
N THR TD 28 -93.22 58.55 -60.59
CA THR TD 28 -94.06 58.04 -59.52
C THR TD 28 -94.91 56.84 -59.91
N ASN TD 29 -95.32 56.73 -61.17
CA ASN TD 29 -96.22 55.68 -61.61
C ASN TD 29 -95.54 54.83 -62.67
N VAL TD 30 -95.69 53.52 -62.57
CA VAL TD 30 -95.11 52.59 -63.53
C VAL TD 30 -96.16 52.21 -64.56
N ASP TD 31 -95.81 52.35 -65.84
CA ASP TD 31 -96.63 51.87 -66.95
C ASP TD 31 -95.67 51.47 -68.06
N THR TD 32 -95.27 50.20 -68.07
CA THR TD 32 -94.23 49.74 -68.99
C THR TD 32 -94.60 48.39 -69.58
N VAL TD 33 -94.18 48.19 -70.83
CA VAL TD 33 -94.22 46.89 -71.48
C VAL TD 33 -92.81 46.57 -71.94
N SER TD 34 -92.29 45.41 -71.54
CA SER TD 34 -90.93 45.02 -71.84
C SER TD 34 -90.91 43.80 -72.75
N LEU TD 35 -90.05 43.84 -73.76
CA LEU TD 35 -89.84 42.73 -74.67
C LEU TD 35 -88.43 42.21 -74.48
N ARG TD 36 -88.31 40.93 -74.17
CA ARG TD 36 -87.02 40.29 -73.93
C ARG TD 36 -86.92 39.02 -74.74
N ARG TD 37 -85.71 38.72 -75.22
CA ARG TD 37 -85.45 37.53 -75.99
C ARG TD 37 -84.24 36.80 -75.43
N SER TD 38 -84.28 35.47 -75.53
CA SER TD 38 -83.14 34.61 -75.20
C SER TD 38 -82.86 33.79 -76.46
N LEU TD 39 -81.86 34.22 -77.23
CA LEU TD 39 -81.58 33.57 -78.49
C LEU TD 39 -81.04 32.16 -78.25
N PRO TD 40 -81.36 31.22 -79.14
CA PRO TD 40 -80.89 29.84 -78.94
C PRO TD 40 -79.38 29.74 -79.00
N VAL TD 41 -78.83 28.87 -78.17
CA VAL TD 41 -77.42 28.50 -78.22
C VAL TD 41 -77.37 27.03 -78.63
N LYS TD 42 -76.70 26.77 -79.75
CA LYS TD 42 -76.67 25.42 -80.34
C LYS TD 42 -75.45 24.68 -79.84
N LYS TD 43 -75.43 24.43 -78.53
CA LYS TD 43 -74.37 23.68 -77.90
C LYS TD 43 -74.47 22.20 -78.25
N GLY TD 44 -73.31 21.56 -78.37
CA GLY TD 44 -73.24 20.16 -78.73
C GLY TD 44 -74.02 19.81 -79.98
N SER TD 45 -75.03 18.97 -79.83
CA SER TD 45 -75.93 18.62 -80.93
C SER TD 45 -77.29 19.29 -80.84
N ASP TD 46 -77.73 19.66 -79.65
CA ASP TD 46 -79.03 20.32 -79.50
C ASP TD 46 -78.95 21.75 -80.04
N ASN TD 47 -79.96 22.12 -80.83
CA ASN TD 47 -80.00 23.45 -81.42
C ASN TD 47 -80.54 24.50 -80.47
N GLY TD 48 -80.92 24.13 -79.25
CA GLY TD 48 -81.35 25.09 -78.25
C GLY TD 48 -82.79 25.51 -78.41
N THR TD 49 -83.18 26.45 -77.55
CA THR TD 49 -84.55 26.95 -77.49
C THR TD 49 -84.54 28.46 -77.58
N MET TD 50 -85.51 29.00 -78.31
CA MET TD 50 -85.70 30.45 -78.38
C MET TD 50 -86.75 30.85 -77.36
N ARG TD 51 -86.38 31.75 -76.45
CA ARG TD 51 -87.26 32.17 -75.36
C ARG TD 51 -87.62 33.64 -75.55
N GLY TD 52 -88.91 33.89 -75.79
CA GLY TD 52 -89.40 35.25 -75.91
C GLY TD 52 -90.31 35.64 -74.77
N ASN TD 53 -89.94 36.66 -74.01
CA ASN TD 53 -90.67 37.08 -72.82
C ASN TD 53 -91.29 38.45 -73.05
N MET TD 54 -92.59 38.57 -72.75
CA MET TD 54 -93.31 39.81 -72.81
C MET TD 54 -93.76 40.19 -71.41
N ASN TD 55 -93.40 41.40 -70.97
CA ASN TD 55 -93.60 41.83 -69.59
C ASN TD 55 -94.55 43.02 -69.56
N PHE TD 56 -95.55 42.96 -68.67
CA PHE TD 56 -96.44 44.07 -68.41
C PHE TD 56 -96.33 44.46 -66.94
N ALA TD 57 -96.09 45.73 -66.68
CA ALA TD 57 -95.92 46.23 -65.31
C ALA TD 57 -96.76 47.47 -65.11
N LYS TD 58 -97.45 47.54 -63.98
CA LYS TD 58 -98.31 48.67 -63.67
C LYS TD 58 -98.39 48.86 -62.17
N SER TD 59 -98.14 50.07 -61.70
CA SER TD 59 -98.28 50.38 -60.29
C SER TD 59 -99.75 50.58 -59.94
N PHE TD 60 -100.12 50.11 -58.75
CA PHE TD 60 -101.50 50.18 -58.28
C PHE TD 60 -101.53 50.71 -56.85
N PRO TD 61 -102.61 51.41 -56.48
CA PRO TD 61 -102.76 51.83 -55.08
C PRO TD 61 -102.94 50.63 -54.16
N ASN TD 62 -102.12 50.56 -53.12
CA ASN TD 62 -102.18 49.49 -52.13
C ASN TD 62 -102.13 50.15 -50.76
N GLY TD 63 -103.30 50.52 -50.25
CA GLY TD 63 -103.35 51.26 -49.01
C GLY TD 63 -102.69 52.62 -49.20
N ASP TD 64 -101.72 52.92 -48.33
CA ASP TD 64 -100.97 54.16 -48.43
C ASP TD 64 -99.83 54.10 -49.45
N LYS TD 65 -99.29 52.91 -49.69
CA LYS TD 65 -98.16 52.73 -50.59
C LYS TD 65 -98.67 52.39 -51.99
N LYS TD 66 -97.74 52.04 -52.88
CA LYS TD 66 -98.05 51.59 -54.22
C LYS TD 66 -97.46 50.22 -54.44
N SER TD 67 -98.18 49.38 -55.18
CA SER TD 67 -97.76 48.01 -55.44
C SER TD 67 -97.65 47.77 -56.94
N LEU TD 68 -96.66 46.99 -57.34
CA LEU TD 68 -96.43 46.67 -58.73
C LEU TD 68 -97.12 45.36 -59.09
N VAL TD 69 -97.99 45.40 -60.09
CA VAL TD 69 -98.61 44.20 -60.65
C VAL TD 69 -97.91 43.88 -61.96
N VAL TD 70 -97.41 42.65 -62.09
CA VAL TD 70 -96.62 42.24 -63.23
C VAL TD 70 -97.29 41.03 -63.89
N VAL TD 71 -97.45 41.10 -65.21
CA VAL TD 71 -97.97 40.00 -66.01
C VAL TD 71 -96.90 39.60 -67.01
N ASN TD 72 -96.56 38.31 -67.02
CA ASN TD 72 -95.53 37.76 -67.88
C ASN TD 72 -96.14 36.80 -68.89
N LEU TD 73 -95.66 36.89 -70.14
CA LEU TD 73 -96.06 35.96 -71.19
C LEU TD 73 -94.80 35.50 -71.90
N THR TD 74 -94.43 34.23 -71.71
CA THR TD 74 -93.19 33.69 -72.22
C THR TD 74 -93.48 32.51 -73.15
N ALA TD 75 -92.78 32.47 -74.28
CA ALA TD 75 -92.88 31.38 -75.24
C ALA TD 75 -91.55 30.64 -75.30
N HIS TD 76 -91.62 29.32 -75.24
CA HIS TD 76 -90.44 28.46 -75.34
C HIS TD 76 -90.61 27.60 -76.59
N VAL TD 77 -89.97 28.00 -77.68
CA VAL TD 77 -90.08 27.33 -78.97
C VAL TD 77 -88.74 26.68 -79.28
N PRO TD 78 -88.63 25.35 -79.25
CA PRO TD 78 -87.37 24.71 -79.62
C PRO TD 78 -87.04 24.91 -81.09
N VAL TD 79 -85.74 24.95 -81.39
CA VAL TD 79 -85.29 25.21 -82.76
C VAL TD 79 -85.56 23.98 -83.62
N GLY TD 80 -86.14 24.21 -84.80
CA GLY TD 80 -86.52 23.16 -85.72
C GLY TD 80 -88.02 23.02 -85.89
N VAL TD 81 -88.79 23.44 -84.89
CA VAL TD 81 -90.24 23.42 -84.98
C VAL TD 81 -90.70 24.46 -85.99
N ASP TD 82 -91.66 24.09 -86.83
CA ASP TD 82 -92.19 25.01 -87.83
C ASP TD 82 -92.79 26.24 -87.16
N ALA TD 83 -92.33 27.41 -87.57
CA ALA TD 83 -92.85 28.65 -87.00
C ALA TD 83 -94.32 28.85 -87.33
N THR TD 84 -94.72 28.53 -88.56
CA THR TD 84 -96.12 28.69 -88.95
C THR TD 84 -97.03 27.79 -88.14
N ALA TD 85 -96.60 26.56 -87.89
CA ALA TD 85 -97.40 25.66 -87.05
C ALA TD 85 -97.54 26.20 -85.64
N VAL TD 86 -96.47 26.76 -85.08
CA VAL TD 86 -96.53 27.32 -83.74
C VAL TD 86 -97.44 28.54 -83.70
N ARG TD 87 -97.33 29.41 -84.71
CA ARG TD 87 -98.14 30.62 -84.73
C ARG TD 87 -99.63 30.30 -84.85
N THR TD 88 -99.97 29.26 -85.63
CA THR TD 88 -101.37 28.85 -85.73
C THR TD 88 -101.87 28.30 -84.40
N TRP TD 89 -101.04 27.53 -83.71
CA TRP TD 89 -101.43 27.00 -82.40
C TRP TD 89 -101.61 28.12 -81.38
N MET TD 90 -100.69 29.09 -81.37
CA MET TD 90 -100.78 30.19 -80.42
C MET TD 90 -102.02 31.05 -80.67
N THR TD 91 -102.32 31.31 -81.94
CA THR TD 91 -103.46 32.18 -82.28
C THR TD 91 -104.79 31.51 -81.98
N SER TD 92 -104.91 30.21 -82.25
CA SER TD 92 -106.20 29.53 -82.16
C SER TD 92 -106.44 28.86 -80.81
N GLU TD 93 -105.38 28.48 -80.09
CA GLU TD 93 -105.54 27.75 -78.85
C GLU TD 93 -105.05 28.52 -77.63
N VAL TD 94 -103.88 29.14 -77.70
CA VAL TD 94 -103.33 29.82 -76.53
C VAL TD 94 -103.98 31.18 -76.34
N PHE TD 95 -104.05 31.98 -77.40
CA PHE TD 95 -104.55 33.34 -77.28
C PHE TD 95 -105.98 33.42 -76.77
N PRO TD 96 -106.96 32.66 -77.29
CA PRO TD 96 -108.30 32.71 -76.70
C PRO TD 96 -108.35 32.26 -75.25
N GLY TD 97 -107.52 31.28 -74.86
CA GLY TD 97 -107.55 30.81 -73.49
C GLY TD 97 -106.83 31.71 -72.51
N ALA TD 98 -105.83 32.45 -72.98
CA ALA TD 98 -105.05 33.34 -72.14
C ALA TD 98 -105.70 34.70 -71.96
N THR TD 99 -106.86 34.94 -72.58
CA THR TD 99 -107.58 36.19 -72.45
C THR TD 99 -109.00 35.98 -71.94
N SER TD 100 -109.29 34.79 -71.43
CA SER TD 100 -110.62 34.47 -70.95
C SER TD 100 -110.76 34.85 -69.48
N SER TD 101 -111.95 34.62 -68.91
CA SER TD 101 -112.16 34.84 -67.49
C SER TD 101 -111.33 33.89 -66.65
N VAL TD 102 -110.86 32.78 -67.23
CA VAL TD 102 -110.00 31.85 -66.49
C VAL TD 102 -108.71 32.54 -66.07
N THR TD 103 -108.10 33.29 -66.98
CA THR TD 103 -106.89 34.04 -66.64
C THR TD 103 -107.18 35.11 -65.60
N LEU TD 104 -108.30 35.82 -65.76
CA LEU TD 104 -108.67 36.86 -64.79
C LEU TD 104 -108.92 36.28 -63.41
N ASP TD 105 -109.57 35.11 -63.35
CA ASP TD 105 -109.87 34.50 -62.05
C ASP TD 105 -108.61 33.95 -61.40
N LEU TD 106 -107.69 33.40 -62.19
CA LEU TD 106 -106.46 32.86 -61.61
C LEU TD 106 -105.58 33.97 -61.05
N ALA TD 107 -105.50 35.10 -61.74
CA ALA TD 107 -104.59 36.16 -61.33
C ALA TD 107 -105.11 36.88 -60.08
N THR TD 108 -106.40 37.19 -60.03
CA THR TD 108 -106.95 38.01 -58.97
C THR TD 108 -107.60 37.21 -57.85
N LYS TD 109 -107.92 35.94 -58.08
CA LYS TD 109 -108.57 35.12 -57.07
C LYS TD 109 -107.87 33.79 -56.81
N GLY TD 110 -106.87 33.43 -57.60
CA GLY TD 110 -106.20 32.16 -57.43
C GLY TD 110 -107.07 30.95 -57.72
N VAL TD 111 -107.96 31.05 -58.71
CA VAL TD 111 -108.87 29.96 -59.02
C VAL TD 111 -108.21 29.03 -60.04
N ILE TD 112 -108.01 27.78 -59.65
CA ILE TD 112 -107.41 26.77 -60.52
C ILE TD 112 -108.41 25.70 -60.93
N HIS TD 113 -109.66 25.79 -60.49
CA HIS TD 113 -110.72 24.86 -60.87
C HIS TD 113 -111.74 25.62 -61.71
N LEU TD 114 -111.80 25.31 -63.02
CA LEU TD 114 -112.75 25.98 -63.91
C LEU TD 114 -113.98 25.10 -64.09
N SER TD 115 -114.78 25.00 -63.03
CA SER TD 115 -116.06 24.32 -63.11
C SER TD 115 -117.12 25.28 -63.64
N ASP TD 116 -118.14 24.71 -64.29
CA ASP TD 116 -118.31 23.31 -64.64
C ASP TD 116 -118.81 23.18 -66.08
N ALA TD 117 -119.26 24.29 -66.64
CA ALA TD 117 -119.82 24.31 -68.00
C ALA TD 117 -118.76 23.97 -69.04
N LEU UD 1 -116.56 21.65 -69.53
CA LEU UD 1 -115.25 22.10 -69.08
C LEU UD 1 -114.43 22.59 -70.26
N SER UD 2 -114.26 23.91 -70.37
CA SER UD 2 -113.55 24.49 -71.50
C SER UD 2 -112.66 25.62 -71.01
N ILE UD 3 -111.54 25.80 -71.69
CA ILE UD 3 -110.64 26.93 -71.48
C ILE UD 3 -110.52 27.64 -72.82
N GLY UD 4 -111.01 28.88 -72.89
CA GLY UD 4 -111.10 29.57 -74.15
C GLY UD 4 -112.06 28.86 -75.09
N THR UD 5 -111.56 28.50 -76.28
CA THR UD 5 -112.35 27.75 -77.25
C THR UD 5 -112.06 26.26 -77.22
N LYS UD 6 -111.19 25.80 -76.33
CA LYS UD 6 -110.76 24.41 -76.29
C LYS UD 6 -111.44 23.69 -75.14
N ASN UD 7 -112.10 22.58 -75.46
CA ASN UD 7 -112.65 21.71 -74.42
C ASN UD 7 -111.55 20.89 -73.79
N VAL UD 8 -111.55 20.83 -72.45
CA VAL UD 8 -110.52 20.12 -71.71
C VAL UD 8 -111.21 19.25 -70.65
N SER UD 9 -110.42 18.36 -70.07
CA SER UD 9 -110.86 17.50 -68.99
C SER UD 9 -109.79 17.49 -67.90
N ILE UD 10 -110.21 17.22 -66.67
CA ILE UD 10 -109.28 17.17 -65.56
C ILE UD 10 -108.35 15.97 -65.74
N TYR UD 11 -107.05 16.22 -65.72
CA TYR UD 11 -106.03 15.21 -65.89
C TYR UD 11 -105.30 14.89 -64.60
N ARG UD 12 -104.75 15.90 -63.94
CA ARG UD 12 -104.11 15.72 -62.65
C ARG UD 12 -104.52 16.87 -61.75
N ASN UD 13 -104.64 16.58 -60.46
CA ASN UD 13 -105.21 17.53 -59.49
C ASN UD 13 -104.40 17.46 -58.20
N THR UD 14 -103.60 18.49 -57.95
CA THR UD 14 -102.89 18.67 -56.69
C THR UD 14 -103.47 19.87 -55.95
N ALA UD 15 -102.88 20.19 -54.81
CA ALA UD 15 -103.40 21.26 -53.97
C ALA UD 15 -103.34 22.61 -54.67
N ASP UD 16 -102.22 22.93 -55.30
CA ASP UD 16 -102.03 24.23 -55.94
C ASP UD 16 -101.90 24.15 -57.45
N GLU UD 17 -102.07 22.98 -58.04
CA GLU UD 17 -101.99 22.83 -59.49
C GLU UD 17 -103.04 21.85 -59.97
N VAL UD 18 -103.76 22.24 -61.01
CA VAL UD 18 -104.66 21.34 -61.73
C VAL UD 18 -104.24 21.33 -63.19
N ILE UD 19 -103.93 20.15 -63.70
CA ILE UD 19 -103.53 19.98 -65.10
C ILE UD 19 -104.74 19.48 -65.87
N TYR UD 20 -105.06 20.17 -66.96
CA TYR UD 20 -106.17 19.80 -67.83
C TYR UD 20 -105.62 19.29 -69.15
N ALA UD 21 -106.28 18.28 -69.69
CA ALA UD 21 -105.82 17.61 -70.91
C ALA UD 21 -106.73 17.99 -72.07
N GLY UD 22 -106.12 18.33 -73.20
CA GLY UD 22 -106.86 18.60 -74.40
C GLY UD 22 -107.41 17.32 -75.01
N PRO UD 23 -108.29 17.46 -76.01
CA PRO UD 23 -108.87 16.26 -76.62
C PRO UD 23 -107.82 15.35 -77.25
N ALA UD 24 -106.73 15.90 -77.76
CA ALA UD 24 -105.69 15.12 -78.41
C ALA UD 24 -104.66 14.56 -77.44
N HIS UD 25 -104.67 15.00 -76.19
CA HIS UD 25 -103.64 14.56 -75.24
C HIS UD 25 -103.69 13.04 -75.06
N ASP UD 26 -102.50 12.43 -75.07
CA ASP UD 26 -102.38 10.99 -74.94
C ASP UD 26 -101.01 10.68 -74.35
N VAL UD 27 -100.64 9.40 -74.38
CA VAL UD 27 -99.38 8.96 -73.79
C VAL UD 27 -98.16 9.42 -74.57
N THR UD 28 -98.32 9.76 -75.84
CA THR UD 28 -97.20 10.22 -76.67
C THR UD 28 -97.34 11.64 -77.17
N ASN UD 29 -98.55 12.21 -77.20
CA ASN UD 29 -98.78 13.59 -77.62
C ASN UD 29 -99.21 14.40 -76.40
N VAL UD 30 -98.51 15.49 -76.14
CA VAL UD 30 -98.82 16.37 -75.02
C VAL UD 30 -99.72 17.50 -75.51
N ASP UD 31 -100.89 17.61 -74.90
CA ASP UD 31 -101.81 18.74 -75.13
C ASP UD 31 -102.45 19.04 -73.78
N THR UD 32 -101.83 19.94 -73.02
CA THR UD 32 -102.23 20.20 -71.65
C THR UD 32 -102.27 21.69 -71.36
N VAL UD 33 -103.21 22.09 -70.51
CA VAL UD 33 -103.28 23.44 -69.96
C VAL UD 33 -103.21 23.30 -68.44
N SER UD 34 -102.15 23.84 -67.84
CA SER UD 34 -101.96 23.77 -66.40
C SER UD 34 -102.37 25.09 -65.76
N LEU UD 35 -103.05 25.00 -64.62
CA LEU UD 35 -103.34 26.15 -63.78
C LEU UD 35 -102.63 25.96 -62.45
N ARG UD 36 -101.64 26.79 -62.18
CA ARG UD 36 -100.85 26.72 -60.96
C ARG UD 36 -100.94 28.04 -60.22
N ARG UD 37 -101.01 27.95 -58.89
CA ARG UD 37 -101.05 29.14 -58.06
C ARG UD 37 -100.02 29.03 -56.95
N SER UD 38 -99.52 30.17 -56.52
CA SER UD 38 -98.66 30.26 -55.34
C SER UD 38 -99.31 31.25 -54.38
N LEU UD 39 -99.88 30.73 -53.29
CA LEU UD 39 -100.65 31.56 -52.39
C LEU UD 39 -99.75 32.53 -51.63
N PRO UD 40 -100.27 33.70 -51.30
CA PRO UD 40 -99.45 34.72 -50.61
C PRO UD 40 -98.97 34.24 -49.26
N VAL UD 41 -97.69 34.44 -49.00
CA VAL UD 41 -97.10 34.14 -47.70
C VAL UD 41 -96.94 35.46 -46.96
N LYS UD 42 -97.69 35.61 -45.86
CA LYS UD 42 -97.68 36.85 -45.10
C LYS UD 42 -96.44 36.85 -44.21
N LYS UD 43 -95.36 37.43 -44.72
CA LYS UD 43 -94.07 37.44 -44.04
C LYS UD 43 -93.70 38.86 -43.67
N GLY UD 44 -93.33 39.06 -42.40
CA GLY UD 44 -92.99 40.39 -41.93
C GLY UD 44 -94.18 41.33 -42.05
N SER UD 45 -93.90 42.59 -42.37
CA SER UD 45 -94.96 43.55 -42.64
C SER UD 45 -95.53 43.42 -44.05
N ASP UD 46 -94.86 42.68 -44.92
CA ASP UD 46 -95.35 42.45 -46.27
C ASP UD 46 -96.43 41.37 -46.25
N ASN UD 47 -97.55 41.65 -46.91
CA ASN UD 47 -98.66 40.70 -46.97
C ASN UD 47 -98.50 39.67 -48.06
N GLY UD 48 -97.36 39.63 -48.74
CA GLY UD 48 -97.11 38.63 -49.75
C GLY UD 48 -97.71 38.96 -51.10
N THR UD 49 -97.60 38.00 -52.00
CA THR UD 49 -98.03 38.18 -53.38
C THR UD 49 -98.65 36.88 -53.88
N MET UD 50 -99.79 36.99 -54.56
CA MET UD 50 -100.42 35.85 -55.21
C MET UD 50 -99.84 35.67 -56.60
N ARG UD 51 -99.28 34.51 -56.87
CA ARG UD 51 -98.75 34.17 -58.19
C ARG UD 51 -99.69 33.19 -58.87
N GLY UD 52 -100.12 33.51 -60.08
CA GLY UD 52 -100.93 32.61 -60.87
C GLY UD 52 -100.31 32.33 -62.22
N ASN UD 53 -99.99 31.06 -62.51
CA ASN UD 53 -99.31 30.69 -63.73
C ASN UD 53 -100.24 29.85 -64.60
N MET UD 54 -100.34 30.21 -65.87
CA MET UD 54 -101.10 29.47 -66.86
C MET UD 54 -100.13 28.88 -67.87
N ASN UD 55 -100.06 27.56 -67.91
CA ASN UD 55 -99.07 26.84 -68.73
C ASN UD 55 -99.77 26.14 -69.88
N PHE UD 56 -99.31 26.42 -71.10
CA PHE UD 56 -99.77 25.74 -72.30
C PHE UD 56 -98.63 24.88 -72.83
N ALA UD 57 -98.87 23.59 -72.98
CA ALA UD 57 -97.88 22.66 -73.48
C ALA UD 57 -98.45 21.92 -74.69
N LYS UD 58 -97.64 21.78 -75.73
CA LYS UD 58 -98.05 21.09 -76.94
C LYS UD 58 -96.85 20.44 -77.59
N SER UD 59 -97.02 19.18 -78.00
CA SER UD 59 -95.99 18.45 -78.73
C SER UD 59 -96.02 18.83 -80.19
N PHE UD 60 -94.84 19.02 -80.78
CA PHE UD 60 -94.72 19.45 -82.16
C PHE UD 60 -93.69 18.60 -82.88
N PRO UD 61 -93.90 18.32 -84.16
CA PRO UD 61 -92.87 17.63 -84.94
C PRO UD 61 -91.64 18.51 -85.11
N ASN UD 62 -90.50 18.00 -84.67
CA ASN UD 62 -89.22 18.68 -84.80
C ASN UD 62 -88.29 17.74 -85.57
N GLY UD 63 -88.35 17.81 -86.89
CA GLY UD 63 -87.60 16.89 -87.73
C GLY UD 63 -88.09 15.47 -87.55
N ASP UD 64 -87.26 14.63 -86.94
CA ASP UD 64 -87.62 13.23 -86.71
C ASP UD 64 -88.25 13.02 -85.33
N LYS UD 65 -87.87 13.81 -84.34
CA LYS UD 65 -88.36 13.68 -82.99
C LYS UD 65 -89.50 14.66 -82.75
N LYS UD 66 -89.97 14.71 -81.50
CA LYS UD 66 -91.02 15.64 -81.09
C LYS UD 66 -90.47 16.61 -80.05
N SER UD 67 -90.79 17.88 -80.22
CA SER UD 67 -90.37 18.93 -79.29
C SER UD 67 -91.59 19.51 -78.59
N LEU UD 68 -91.39 19.95 -77.35
CA LEU UD 68 -92.44 20.53 -76.53
C LEU UD 68 -92.38 22.04 -76.62
N VAL UD 69 -93.45 22.65 -77.12
CA VAL UD 69 -93.58 24.11 -77.14
C VAL UD 69 -94.42 24.53 -75.94
N VAL UD 70 -93.88 25.45 -75.14
CA VAL UD 70 -94.50 25.85 -73.89
C VAL UD 70 -94.74 27.36 -73.92
N VAL UD 71 -95.96 27.76 -73.55
CA VAL UD 71 -96.32 29.16 -73.37
C VAL UD 71 -96.77 29.33 -71.93
N ASN UD 72 -96.16 30.28 -71.21
CA ASN UD 72 -96.49 30.55 -69.83
C ASN UD 72 -97.09 31.94 -69.71
N LEU UD 73 -98.18 32.05 -68.95
CA LEU UD 73 -98.78 33.32 -68.58
C LEU UD 73 -98.81 33.40 -67.06
N THR UD 74 -98.00 34.29 -66.50
CA THR UD 74 -97.87 34.44 -65.06
C THR UD 74 -98.24 35.86 -64.65
N ALA UD 75 -98.97 35.98 -63.55
CA ALA UD 75 -99.33 37.27 -62.98
C ALA UD 75 -98.90 37.31 -61.52
N HIS UD 76 -98.37 38.47 -61.11
CA HIS UD 76 -97.94 38.70 -59.74
C HIS UD 76 -98.77 39.84 -59.17
N VAL UD 77 -99.76 39.52 -58.36
CA VAL UD 77 -100.67 40.50 -57.78
C VAL UD 77 -100.39 40.58 -56.28
N PRO UD 78 -99.84 41.69 -55.78
CA PRO UD 78 -99.61 41.80 -54.33
C PRO UD 78 -100.91 41.91 -53.57
N VAL UD 79 -100.90 41.42 -52.33
CA VAL UD 79 -102.08 41.52 -51.47
C VAL UD 79 -102.32 42.96 -51.08
N GLY UD 80 -103.57 43.39 -51.15
CA GLY UD 80 -103.98 44.74 -50.82
C GLY UD 80 -104.42 45.57 -52.00
N VAL UD 81 -104.13 45.13 -53.22
CA VAL UD 81 -104.55 45.83 -54.42
C VAL UD 81 -106.01 45.49 -54.71
N ASP UD 82 -106.73 46.46 -55.26
CA ASP UD 82 -108.11 46.22 -55.67
C ASP UD 82 -108.15 45.25 -56.84
N ALA UD 83 -108.89 44.15 -56.65
CA ALA UD 83 -108.94 43.11 -57.68
C ALA UD 83 -109.70 43.57 -58.92
N THR UD 84 -110.72 44.40 -58.74
CA THR UD 84 -111.46 44.92 -59.89
C THR UD 84 -110.58 45.82 -60.75
N ALA UD 85 -109.73 46.63 -60.13
CA ALA UD 85 -108.83 47.49 -60.88
C ALA UD 85 -107.85 46.67 -61.71
N VAL UD 86 -107.32 45.59 -61.13
CA VAL UD 86 -106.37 44.75 -61.86
C VAL UD 86 -107.04 44.07 -63.06
N ARG UD 87 -108.27 43.58 -62.86
CA ARG UD 87 -108.97 42.91 -63.94
C ARG UD 87 -109.26 43.87 -65.09
N THR UD 88 -109.63 45.11 -64.76
CA THR UD 88 -109.88 46.12 -65.80
C THR UD 88 -108.60 46.44 -66.56
N TRP UD 89 -107.47 46.53 -65.86
CA TRP UD 89 -106.20 46.78 -66.53
C TRP UD 89 -105.80 45.60 -67.41
N MET UD 90 -105.96 44.38 -66.90
CA MET UD 90 -105.59 43.20 -67.68
C MET UD 90 -106.43 43.06 -68.94
N THR UD 91 -107.74 43.34 -68.85
CA THR UD 91 -108.62 43.19 -70.00
C THR UD 91 -108.31 44.20 -71.09
N SER UD 92 -108.14 45.48 -70.74
CA SER UD 92 -108.02 46.53 -71.73
C SER UD 92 -106.59 46.81 -72.16
N GLU UD 93 -105.59 46.41 -71.37
CA GLU UD 93 -104.21 46.79 -71.66
C GLU UD 93 -103.28 45.60 -71.82
N VAL UD 94 -103.46 44.54 -71.04
CA VAL UD 94 -102.56 43.40 -71.12
C VAL UD 94 -103.00 42.45 -72.22
N PHE UD 95 -104.28 42.08 -72.22
CA PHE UD 95 -104.78 41.09 -73.19
C PHE UD 95 -104.63 41.53 -74.64
N PRO UD 96 -104.99 42.74 -75.05
CA PRO UD 96 -104.80 43.12 -76.46
C PRO UD 96 -103.35 43.06 -76.90
N GLY UD 97 -102.40 43.45 -76.04
CA GLY UD 97 -101.01 43.41 -76.42
C GLY UD 97 -100.40 42.03 -76.36
N ALA UD 98 -100.86 41.19 -75.43
CA ALA UD 98 -100.31 39.85 -75.28
C ALA UD 98 -100.71 38.93 -76.43
N THR UD 99 -101.83 39.20 -77.09
CA THR UD 99 -102.31 38.38 -78.20
C THR UD 99 -102.22 39.12 -79.53
N SER UD 100 -101.16 39.89 -79.71
CA SER UD 100 -100.94 40.64 -80.94
C SER UD 100 -99.87 39.96 -81.78
N SER UD 101 -99.56 40.58 -82.92
CA SER UD 101 -98.45 40.09 -83.74
C SER UD 101 -97.10 40.31 -83.06
N VAL UD 102 -97.04 41.20 -82.08
CA VAL UD 102 -95.79 41.41 -81.33
C VAL UD 102 -95.38 40.13 -80.62
N THR UD 103 -96.34 39.43 -80.02
CA THR UD 103 -96.04 38.16 -79.37
C THR UD 103 -95.56 37.12 -80.38
N LEU UD 104 -96.21 37.05 -81.53
CA LEU UD 104 -95.83 36.08 -82.55
C LEU UD 104 -94.44 36.38 -83.12
N ASP UD 105 -94.18 37.65 -83.44
CA ASP UD 105 -92.88 38.00 -84.01
C ASP UD 105 -91.77 37.83 -82.98
N LEU UD 106 -92.08 38.01 -81.69
CA LEU UD 106 -91.09 37.79 -80.66
C LEU UD 106 -90.79 36.30 -80.49
N ALA UD 107 -91.81 35.46 -80.60
CA ALA UD 107 -91.62 34.02 -80.38
C ALA UD 107 -90.81 33.38 -81.49
N THR UD 108 -91.16 33.67 -82.74
CA THR UD 108 -90.58 32.97 -83.89
C THR UD 108 -89.48 33.74 -84.59
N LYS UD 109 -89.26 35.01 -84.24
CA LYS UD 109 -88.19 35.78 -84.87
C LYS UD 109 -87.29 36.52 -83.91
N GLY UD 110 -87.61 36.56 -82.61
CA GLY UD 110 -86.81 37.32 -81.68
C GLY UD 110 -86.85 38.82 -81.89
N VAL UD 111 -88.01 39.36 -82.29
CA VAL UD 111 -88.13 40.78 -82.55
C VAL UD 111 -88.47 41.49 -81.25
N ILE UD 112 -87.56 42.33 -80.77
CA ILE UD 112 -87.78 43.14 -79.58
C ILE UD 112 -87.90 44.61 -79.90
N HIS UD 113 -87.57 45.04 -81.11
CA HIS UD 113 -87.69 46.43 -81.52
C HIS UD 113 -88.96 46.60 -82.34
N LEU UD 114 -89.85 47.47 -81.87
CA LEU UD 114 -91.15 47.65 -82.49
C LEU UD 114 -91.07 48.68 -83.60
N SER UD 115 -91.91 48.52 -84.62
CA SER UD 115 -91.99 49.44 -85.74
C SER UD 115 -93.39 49.41 -86.32
N ASP UD 116 -93.80 50.55 -86.90
CA ASP UD 116 -93.13 51.84 -86.87
C ASP UD 116 -94.16 52.95 -86.64
N ALA UD 117 -95.43 52.61 -86.81
CA ALA UD 117 -96.51 53.58 -86.67
C ALA UD 117 -97.38 53.28 -85.46
N LEU VD 1 -113.80 -26.80 -72.65
CA LEU VD 1 -113.16 -25.89 -71.72
C LEU VD 1 -113.38 -24.44 -72.18
N SER VD 2 -114.17 -23.70 -71.41
CA SER VD 2 -114.50 -22.32 -71.76
C SER VD 2 -114.29 -21.40 -70.57
N ILE VD 3 -113.76 -20.22 -70.85
CA ILE VD 3 -113.69 -19.12 -69.89
C ILE VD 3 -114.35 -17.93 -70.57
N GLY VD 4 -115.65 -17.76 -70.34
CA GLY VD 4 -116.42 -16.78 -71.07
C GLY VD 4 -116.87 -17.32 -72.41
N THR VD 5 -116.50 -16.65 -73.50
CA THR VD 5 -116.77 -17.13 -74.84
C THR VD 5 -115.54 -17.77 -75.48
N LYS VD 6 -114.45 -17.92 -74.74
CA LYS VD 6 -113.18 -18.38 -75.27
C LYS VD 6 -113.01 -19.86 -75.01
N ASN VD 7 -112.59 -20.59 -76.03
CA ASN VD 7 -112.24 -22.00 -75.90
C ASN VD 7 -110.75 -22.12 -75.59
N VAL VD 8 -110.45 -22.64 -74.40
CA VAL VD 8 -109.07 -22.74 -73.93
C VAL VD 8 -108.74 -24.21 -73.68
N SER VD 9 -107.46 -24.48 -73.48
CA SER VD 9 -106.98 -25.80 -73.11
C SER VD 9 -105.94 -25.67 -72.02
N ILE VD 10 -105.76 -26.75 -71.25
CA ILE VD 10 -104.77 -26.74 -70.19
C ILE VD 10 -103.38 -26.64 -70.79
N TYR VD 11 -102.58 -25.71 -70.29
CA TYR VD 11 -101.22 -25.49 -70.76
C TYR VD 11 -100.17 -25.76 -69.69
N ARG VD 12 -100.47 -25.43 -68.44
CA ARG VD 12 -99.57 -25.69 -67.33
C ARG VD 12 -100.41 -25.94 -66.09
N ASN VD 13 -100.08 -27.01 -65.37
CA ASN VD 13 -100.88 -27.42 -64.22
C ASN VD 13 -99.96 -27.50 -63.01
N THR VD 14 -100.11 -26.55 -62.10
CA THR VD 14 -99.34 -26.47 -60.86
C THR VD 14 -100.32 -26.58 -59.70
N ALA VD 15 -99.79 -26.81 -58.50
CA ALA VD 15 -100.63 -27.05 -57.33
C ALA VD 15 -101.59 -25.89 -57.08
N ASP VD 16 -101.13 -24.65 -57.28
CA ASP VD 16 -101.93 -23.48 -56.93
C ASP VD 16 -102.21 -22.58 -58.14
N GLU VD 17 -101.87 -23.03 -59.36
CA GLU VD 17 -102.09 -22.19 -60.53
C GLU VD 17 -102.20 -23.09 -61.75
N VAL VD 18 -103.22 -22.84 -62.58
CA VAL VD 18 -103.40 -23.52 -63.85
C VAL VD 18 -103.47 -22.45 -64.94
N ILE VD 19 -102.61 -22.58 -65.95
CA ILE VD 19 -102.58 -21.66 -67.07
C ILE VD 19 -103.34 -22.28 -68.24
N TYR VD 20 -104.30 -21.56 -68.78
CA TYR VD 20 -105.06 -21.99 -69.94
C TYR VD 20 -104.67 -21.15 -71.15
N ALA VD 21 -104.50 -21.80 -72.30
CA ALA VD 21 -104.05 -21.15 -73.51
C ALA VD 21 -105.19 -21.04 -74.51
N GLY VD 22 -105.31 -19.86 -75.13
CA GLY VD 22 -106.31 -19.65 -76.14
C GLY VD 22 -105.84 -20.15 -77.50
N PRO VD 23 -106.71 -20.02 -78.51
CA PRO VD 23 -106.34 -20.52 -79.84
C PRO VD 23 -105.13 -19.81 -80.45
N ALA VD 24 -104.84 -18.59 -80.02
CA ALA VD 24 -103.75 -17.80 -80.58
C ALA VD 24 -102.44 -17.95 -79.81
N HIS VD 25 -102.40 -18.83 -78.82
CA HIS VD 25 -101.19 -19.03 -78.02
C HIS VD 25 -100.25 -20.01 -78.72
N ASP VD 26 -98.97 -19.68 -78.72
CA ASP VD 26 -97.94 -20.53 -79.29
C ASP VD 26 -96.60 -20.14 -78.65
N VAL VD 27 -95.50 -20.59 -79.25
CA VAL VD 27 -94.18 -20.30 -78.71
C VAL VD 27 -93.82 -18.83 -78.78
N THR VD 28 -94.23 -18.13 -79.84
CA THR VD 28 -93.85 -16.73 -80.04
C THR VD 28 -94.94 -15.73 -79.67
N ASN VD 29 -96.18 -16.17 -79.45
CA ASN VD 29 -97.27 -15.27 -79.10
C ASN VD 29 -97.92 -15.74 -77.80
N VAL VD 30 -98.41 -14.79 -77.02
CA VAL VD 30 -99.00 -15.06 -75.72
C VAL VD 30 -100.50 -14.81 -75.82
N ASP VD 31 -101.28 -15.85 -75.51
CA ASP VD 31 -102.73 -15.74 -75.37
C ASP VD 31 -103.11 -16.72 -74.25
N THR VD 32 -103.13 -16.23 -73.01
CA THR VD 32 -103.33 -17.10 -71.87
C THR VD 32 -104.29 -16.48 -70.87
N VAL VD 33 -105.00 -17.35 -70.15
CA VAL VD 33 -105.79 -16.98 -68.98
C VAL VD 33 -105.34 -17.89 -67.85
N SER VD 34 -104.77 -17.29 -66.80
CA SER VD 34 -104.21 -18.04 -65.69
C SER VD 34 -105.08 -17.88 -64.46
N LEU VD 35 -105.47 -19.00 -63.86
CA LEU VD 35 -106.20 -19.00 -62.59
C LEU VD 35 -105.22 -19.34 -61.48
N ARG VD 36 -105.15 -18.48 -60.47
CA ARG VD 36 -104.24 -18.63 -59.35
C ARG VD 36 -105.03 -18.52 -58.05
N ARG VD 37 -104.49 -19.11 -57.00
CA ARG VD 37 -105.17 -19.09 -55.71
C ARG VD 37 -104.16 -19.12 -54.59
N SER VD 38 -104.58 -18.63 -53.42
CA SER VD 38 -103.83 -18.73 -52.18
C SER VD 38 -104.79 -19.20 -51.10
N LEU VD 39 -104.68 -20.46 -50.71
CA LEU VD 39 -105.63 -21.04 -49.78
C LEU VD 39 -105.48 -20.45 -48.39
N PRO VD 40 -106.56 -20.43 -47.62
CA PRO VD 40 -106.50 -19.81 -46.28
C PRO VD 40 -105.48 -20.52 -45.39
N VAL VD 41 -104.83 -19.73 -44.54
CA VAL VD 41 -103.87 -20.22 -43.57
C VAL VD 41 -104.43 -19.91 -42.19
N LYS VD 42 -104.63 -20.94 -41.38
CA LYS VD 42 -105.24 -20.79 -40.05
C LYS VD 42 -104.19 -20.30 -39.06
N LYS VD 43 -103.68 -19.09 -39.33
CA LYS VD 43 -102.63 -18.51 -38.51
C LYS VD 43 -103.27 -17.99 -37.23
N GLY VD 44 -102.87 -18.54 -36.10
CA GLY VD 44 -103.40 -18.11 -34.81
C GLY VD 44 -104.89 -18.30 -34.75
N SER VD 45 -105.59 -17.28 -34.24
CA SER VD 45 -107.05 -17.28 -34.19
C SER VD 45 -107.69 -16.83 -35.49
N ASP VD 46 -106.96 -16.10 -36.33
CA ASP VD 46 -107.49 -15.68 -37.61
C ASP VD 46 -107.68 -16.89 -38.52
N ASN VD 47 -108.87 -17.00 -39.11
CA ASN VD 47 -109.15 -18.12 -40.01
C ASN VD 47 -108.50 -17.96 -41.37
N GLY VD 48 -107.89 -16.82 -41.66
CA GLY VD 48 -107.22 -16.62 -42.93
C GLY VD 48 -108.10 -15.95 -43.96
N THR VD 49 -107.53 -15.82 -45.16
CA THR VD 49 -108.20 -15.17 -46.27
C THR VD 49 -108.07 -16.05 -47.51
N MET VD 50 -109.12 -16.08 -48.32
CA MET VD 50 -109.09 -16.77 -49.60
C MET VD 50 -108.76 -15.76 -50.69
N ARG VD 51 -107.64 -15.97 -51.38
CA ARG VD 51 -107.21 -15.10 -52.46
C ARG VD 51 -107.32 -15.83 -53.78
N GLY VD 52 -108.05 -15.25 -54.71
CA GLY VD 52 -108.18 -15.80 -56.06
C GLY VD 52 -107.75 -14.77 -57.08
N ASN VD 53 -106.98 -15.20 -58.07
CA ASN VD 53 -106.45 -14.30 -59.09
C ASN VD 53 -106.78 -14.86 -60.47
N MET VD 54 -107.36 -14.01 -61.31
CA MET VD 54 -107.54 -14.30 -62.73
C MET VD 54 -106.63 -13.38 -63.52
N ASN VD 55 -105.75 -13.97 -64.33
CA ASN VD 55 -104.77 -13.23 -65.10
C ASN VD 55 -105.06 -13.39 -66.59
N PHE VD 56 -105.14 -12.26 -67.28
CA PHE VD 56 -105.33 -12.25 -68.74
C PHE VD 56 -104.09 -11.65 -69.37
N ALA VD 57 -103.49 -12.38 -70.31
CA ALA VD 57 -102.27 -11.93 -70.97
C ALA VD 57 -102.43 -12.10 -72.47
N LYS VD 58 -102.04 -11.08 -73.22
CA LYS VD 58 -102.10 -11.13 -74.67
C LYS VD 58 -100.96 -10.31 -75.25
N SER VD 59 -100.38 -10.82 -76.34
CA SER VD 59 -99.35 -10.10 -77.06
C SER VD 59 -99.98 -9.17 -78.09
N PHE VD 60 -99.38 -7.99 -78.26
CA PHE VD 60 -99.89 -6.98 -79.15
C PHE VD 60 -98.75 -6.38 -79.97
N PRO VD 61 -99.03 -5.98 -81.21
CA PRO VD 61 -98.00 -5.28 -81.99
C PRO VD 61 -97.67 -3.92 -81.37
N ASN VD 62 -96.39 -3.73 -81.06
CA ASN VD 62 -95.90 -2.49 -80.47
C ASN VD 62 -94.78 -1.96 -81.36
N GLY VD 63 -95.15 -1.20 -82.38
CA GLY VD 63 -94.17 -0.70 -83.34
C GLY VD 63 -93.42 -1.82 -84.02
N ASP VD 64 -92.14 -1.97 -83.67
CA ASP VD 64 -91.33 -3.04 -84.26
C ASP VD 64 -91.49 -4.35 -83.50
N LYS VD 65 -91.51 -4.28 -82.17
CA LYS VD 65 -91.57 -5.48 -81.35
C LYS VD 65 -93.01 -5.77 -80.94
N LYS VD 66 -93.19 -6.75 -80.05
CA LYS VD 66 -94.51 -7.14 -79.56
C LYS VD 66 -94.53 -6.97 -78.05
N SER VD 67 -95.53 -6.25 -77.55
CA SER VD 67 -95.67 -5.97 -76.13
C SER VD 67 -96.80 -6.80 -75.53
N LEU VD 68 -96.72 -7.03 -74.23
CA LEU VD 68 -97.67 -7.86 -73.51
C LEU VD 68 -98.62 -6.99 -72.69
N VAL VD 69 -99.91 -7.12 -72.94
CA VAL VD 69 -100.95 -6.45 -72.17
C VAL VD 69 -101.54 -7.43 -71.18
N VAL VD 70 -101.56 -7.06 -69.90
CA VAL VD 70 -101.98 -7.94 -68.82
C VAL VD 70 -103.14 -7.30 -68.09
N VAL VD 71 -104.21 -8.07 -67.88
CA VAL VD 71 -105.35 -7.65 -67.07
C VAL VD 71 -105.46 -8.63 -65.90
N ASN VD 72 -105.45 -8.10 -64.68
CA ASN VD 72 -105.54 -8.91 -63.48
C ASN VD 72 -106.88 -8.68 -62.78
N LEU VD 73 -107.40 -9.74 -62.18
CA LEU VD 73 -108.60 -9.66 -61.36
C LEU VD 73 -108.35 -10.49 -60.11
N THR VD 74 -108.20 -9.81 -58.97
CA THR VD 74 -107.90 -10.46 -57.71
C THR VD 74 -109.00 -10.18 -56.70
N ALA VD 75 -109.42 -11.21 -55.98
CA ALA VD 75 -110.42 -11.09 -54.93
C ALA VD 75 -109.84 -11.57 -53.61
N HIS VD 76 -110.20 -10.89 -52.53
CA HIS VD 76 -109.77 -11.25 -51.18
C HIS VD 76 -111.03 -11.46 -50.33
N VAL VD 77 -111.32 -12.72 -50.00
CA VAL VD 77 -112.51 -13.04 -49.22
C VAL VD 77 -112.06 -13.66 -47.89
N PRO VD 78 -112.21 -12.95 -46.78
CA PRO VD 78 -111.83 -13.54 -45.48
C PRO VD 78 -112.70 -14.73 -45.12
N VAL VD 79 -112.10 -15.69 -44.43
CA VAL VD 79 -112.81 -16.89 -44.04
C VAL VD 79 -113.83 -16.55 -42.95
N GLY VD 80 -115.06 -17.05 -43.11
CA GLY VD 80 -116.16 -16.79 -42.20
C GLY VD 80 -117.22 -15.90 -42.80
N VAL VD 81 -116.84 -15.02 -43.73
CA VAL VD 81 -117.81 -14.21 -44.44
C VAL VD 81 -118.72 -15.12 -45.26
N ASP VD 82 -120.02 -14.84 -45.23
CA ASP VD 82 -120.98 -15.65 -45.98
C ASP VD 82 -120.67 -15.56 -47.48
N ALA VD 83 -120.54 -16.73 -48.12
CA ALA VD 83 -120.14 -16.76 -49.52
C ALA VD 83 -121.24 -16.24 -50.43
N THR VD 84 -122.50 -16.54 -50.09
CA THR VD 84 -123.61 -16.10 -50.95
C THR VD 84 -123.72 -14.58 -50.98
N ALA VD 85 -123.47 -13.92 -49.84
CA ALA VD 85 -123.51 -12.47 -49.81
C ALA VD 85 -122.43 -11.86 -50.70
N VAL VD 86 -121.24 -12.47 -50.72
CA VAL VD 86 -120.17 -11.97 -51.57
C VAL VD 86 -120.52 -12.16 -53.05
N ARG VD 87 -121.17 -13.27 -53.38
CA ARG VD 87 -121.41 -13.58 -54.80
C ARG VD 87 -122.50 -12.68 -55.38
N THR VD 88 -123.49 -12.28 -54.57
CA THR VD 88 -124.48 -11.33 -55.07
C THR VD 88 -123.93 -9.92 -55.10
N TRP VD 89 -123.01 -9.59 -54.19
CA TRP VD 89 -122.33 -8.30 -54.25
C TRP VD 89 -121.48 -8.20 -55.51
N MET VD 90 -120.77 -9.27 -55.85
CA MET VD 90 -119.92 -9.27 -57.04
C MET VD 90 -120.77 -9.18 -58.31
N THR VD 91 -121.85 -9.94 -58.37
CA THR VD 91 -122.66 -9.99 -59.58
C THR VD 91 -123.39 -8.67 -59.82
N SER VD 92 -123.84 -8.02 -58.74
CA SER VD 92 -124.68 -6.83 -58.87
C SER VD 92 -123.90 -5.52 -58.75
N GLU VD 93 -122.84 -5.48 -57.95
CA GLU VD 93 -122.14 -4.24 -57.67
C GLU VD 93 -120.74 -4.17 -58.27
N VAL VD 94 -120.04 -5.31 -58.38
CA VAL VD 94 -118.67 -5.26 -58.85
C VAL VD 94 -118.60 -5.49 -60.35
N PHE VD 95 -119.24 -6.55 -60.84
CA PHE VD 95 -119.17 -6.92 -62.25
C PHE VD 95 -119.71 -5.85 -63.19
N PRO VD 96 -120.89 -5.26 -62.94
CA PRO VD 96 -121.35 -4.19 -63.84
C PRO VD 96 -120.43 -3.00 -63.89
N GLY VD 97 -119.79 -2.64 -62.78
CA GLY VD 97 -118.86 -1.53 -62.79
C GLY VD 97 -117.48 -1.89 -63.29
N ALA VD 98 -117.10 -3.16 -63.19
CA ALA VD 98 -115.78 -3.60 -63.61
C ALA VD 98 -115.69 -3.80 -65.12
N THR VD 99 -116.81 -3.83 -65.84
CA THR VD 99 -116.83 -4.05 -67.28
C THR VD 99 -117.42 -2.87 -68.03
N SER VD 100 -117.54 -1.71 -67.39
CA SER VD 100 -118.13 -0.54 -68.01
C SER VD 100 -117.06 0.20 -68.80
N SER VD 101 -117.44 1.36 -69.37
CA SER VD 101 -116.47 2.18 -70.08
C SER VD 101 -115.45 2.81 -69.16
N VAL VD 102 -115.72 2.84 -67.85
CA VAL VD 102 -114.76 3.39 -66.90
C VAL VD 102 -113.47 2.58 -66.91
N THR VD 103 -113.59 1.26 -66.96
CA THR VD 103 -112.40 0.41 -67.03
C THR VD 103 -111.59 0.68 -68.29
N LEU VD 104 -112.27 0.88 -69.42
CA LEU VD 104 -111.57 1.08 -70.69
C LEU VD 104 -110.77 2.39 -70.67
N ASP VD 105 -111.36 3.47 -70.15
CA ASP VD 105 -110.63 4.73 -70.09
C ASP VD 105 -109.51 4.68 -69.07
N LEU VD 106 -109.73 4.01 -67.93
CA LEU VD 106 -108.68 3.89 -66.93
C LEU VD 106 -107.50 3.07 -67.45
N ALA VD 107 -107.77 2.00 -68.20
CA ALA VD 107 -106.70 1.15 -68.71
C ALA VD 107 -105.90 1.81 -69.82
N THR VD 108 -106.57 2.54 -70.71
CA THR VD 108 -105.90 3.10 -71.88
C THR VD 108 -105.46 4.55 -71.68
N LYS VD 109 -106.17 5.33 -70.86
CA LYS VD 109 -105.85 6.73 -70.67
C LYS VD 109 -105.60 7.14 -69.23
N GLY VD 110 -105.82 6.26 -68.27
CA GLY VD 110 -105.62 6.61 -66.88
C GLY VD 110 -106.63 7.57 -66.31
N VAL VD 111 -107.88 7.51 -66.79
CA VAL VD 111 -108.92 8.42 -66.33
C VAL VD 111 -109.43 7.95 -64.98
N ILE VD 112 -109.38 8.82 -63.98
CA ILE VD 112 -109.84 8.51 -62.63
C ILE VD 112 -110.99 9.39 -62.19
N HIS VD 113 -111.45 10.30 -63.03
CA HIS VD 113 -112.59 11.17 -62.73
C HIS VD 113 -113.72 10.82 -63.70
N LEU VD 114 -114.77 10.18 -63.21
CA LEU VD 114 -115.86 9.73 -64.08
C LEU VD 114 -117.00 10.75 -64.03
N SER VD 115 -116.71 11.94 -64.53
CA SER VD 115 -117.70 13.01 -64.55
C SER VD 115 -118.64 12.84 -65.73
N ASP VD 116 -119.92 13.14 -65.50
CA ASP VD 116 -120.47 13.54 -64.22
C ASP VD 116 -121.77 12.77 -63.93
N ALA VD 117 -122.41 12.29 -64.99
CA ALA VD 117 -123.67 11.57 -64.87
C ALA VD 117 -123.44 10.15 -64.37
N LEU WD 1 46.37 128.57 -14.85
CA LEU WD 1 46.36 127.23 -15.45
C LEU WD 1 46.16 127.30 -16.95
N SER WD 2 47.15 126.81 -17.70
CA SER WD 2 47.10 126.83 -19.15
C SER WD 2 47.72 125.55 -19.70
N ILE WD 3 47.24 125.14 -20.87
CA ILE WD 3 47.79 124.02 -21.61
C ILE WD 3 48.07 124.56 -23.02
N GLY WD 4 49.32 124.95 -23.26
CA GLY WD 4 49.63 125.68 -24.47
C GLY WD 4 49.13 127.10 -24.38
N THR WD 5 48.21 127.47 -25.28
CA THR WD 5 47.61 128.80 -25.28
C THR WD 5 46.16 128.80 -24.79
N LYS WD 6 45.70 127.69 -24.23
CA LYS WD 6 44.32 127.56 -23.78
C LYS WD 6 44.26 127.59 -22.25
N ASN WD 7 43.37 128.43 -21.72
CA ASN WD 7 43.14 128.50 -20.28
C ASN WD 7 42.19 127.41 -19.86
N VAL WD 8 42.56 126.66 -18.83
CA VAL WD 8 41.77 125.54 -18.33
C VAL WD 8 41.62 125.67 -16.83
N SER WD 9 40.70 124.86 -16.29
CA SER WD 9 40.45 124.81 -14.86
C SER WD 9 40.34 123.36 -14.43
N ILE WD 10 40.75 123.09 -13.18
CA ILE WD 10 40.56 121.75 -12.62
C ILE WD 10 39.08 121.40 -12.64
N TYR WD 11 38.76 120.25 -13.22
CA TYR WD 11 37.39 119.78 -13.34
C TYR WD 11 37.15 118.45 -12.64
N ARG WD 12 38.01 117.47 -12.86
CA ARG WD 12 37.90 116.17 -12.19
C ARG WD 12 39.29 115.71 -11.78
N ASN WD 13 39.40 115.21 -10.55
CA ASN WD 13 40.67 114.78 -9.98
C ASN WD 13 40.52 113.34 -9.52
N THR WD 14 41.42 112.48 -9.98
CA THR WD 14 41.53 111.11 -9.46
C THR WD 14 42.97 110.82 -9.11
N ALA WD 15 43.26 109.59 -8.68
CA ALA WD 15 44.61 109.26 -8.26
C ALA WD 15 45.61 109.37 -9.40
N ASP WD 16 45.25 108.89 -10.59
CA ASP WD 16 46.17 108.86 -11.72
C ASP WD 16 45.66 109.62 -12.93
N GLU WD 17 44.55 110.35 -12.81
CA GLU WD 17 44.00 111.07 -13.95
C GLU WD 17 43.41 112.39 -13.46
N VAL WD 18 43.75 113.47 -14.16
CA VAL WD 18 43.19 114.78 -13.92
C VAL WD 18 42.56 115.29 -15.22
N ILE WD 19 41.31 115.72 -15.14
CA ILE WD 19 40.60 116.28 -16.28
C ILE WD 19 40.50 117.80 -16.09
N TYR WD 20 40.90 118.55 -17.11
CA TYR WD 20 40.76 120.00 -17.12
C TYR WD 20 39.69 120.40 -18.12
N ALA WD 21 38.97 121.47 -17.82
CA ALA WD 21 37.86 121.94 -18.63
C ALA WD 21 38.23 123.24 -19.31
N GLY WD 22 37.92 123.34 -20.60
CA GLY WD 22 38.16 124.55 -21.34
C GLY WD 22 37.05 125.56 -21.16
N PRO WD 23 37.21 126.74 -21.77
CA PRO WD 23 36.19 127.79 -21.59
C PRO WD 23 34.83 127.43 -22.17
N ALA WD 24 34.76 126.50 -23.11
CA ALA WD 24 33.51 126.15 -23.79
C ALA WD 24 32.85 124.91 -23.21
N HIS WD 25 33.37 124.36 -22.12
CA HIS WD 25 32.81 123.14 -21.55
C HIS WD 25 31.62 123.46 -20.66
N ASP WD 26 30.49 122.82 -20.94
CA ASP WD 26 29.29 122.94 -20.12
C ASP WD 26 28.50 121.64 -20.23
N VAL WD 27 27.23 121.68 -19.84
CA VAL WD 27 26.37 120.50 -19.84
C VAL WD 27 26.13 120.01 -21.27
N THR WD 28 26.23 120.90 -22.26
CA THR WD 28 25.92 120.57 -23.63
C THR WD 28 27.13 120.40 -24.53
N ASN WD 29 28.23 121.11 -24.25
CA ASN WD 29 29.39 121.10 -25.11
C ASN WD 29 30.60 120.56 -24.35
N VAL WD 30 31.37 119.69 -24.99
CA VAL WD 30 32.56 119.11 -24.40
C VAL WD 30 33.77 119.89 -24.86
N ASP WD 31 34.58 120.34 -23.90
CA ASP WD 31 35.87 120.98 -24.19
C ASP WD 31 36.79 120.63 -23.00
N THR WD 32 37.54 119.54 -23.14
CA THR WD 32 38.33 119.02 -22.03
C THR WD 32 39.69 118.56 -22.51
N VAL WD 33 40.67 118.67 -21.61
CA VAL WD 33 41.98 118.07 -21.78
C VAL WD 33 42.26 117.23 -20.55
N SER WD 34 42.60 115.96 -20.75
CA SER WD 34 42.82 115.02 -19.66
C SER WD 34 44.28 114.58 -19.62
N LEU WD 35 44.84 114.54 -18.42
CA LEU WD 35 46.21 114.07 -18.20
C LEU WD 35 46.15 112.80 -17.36
N ARG WD 36 46.66 111.70 -17.91
CA ARG WD 36 46.61 110.41 -17.25
C ARG WD 36 48.02 109.80 -17.24
N ARG WD 37 48.36 109.15 -16.13
CA ARG WD 37 49.65 108.50 -15.97
C ARG WD 37 49.45 107.05 -15.57
N SER WD 38 50.36 106.20 -16.03
CA SER WD 38 50.45 104.81 -15.62
C SER WD 38 51.85 104.61 -15.05
N LEU WD 39 51.98 104.71 -13.74
CA LEU WD 39 53.29 104.64 -13.12
C LEU WD 39 53.87 103.23 -13.28
N PRO WD 40 55.18 103.12 -13.46
CA PRO WD 40 55.78 101.80 -13.68
C PRO WD 40 55.61 100.89 -12.47
N VAL WD 41 55.40 99.61 -12.75
CA VAL WD 41 55.44 98.56 -11.75
C VAL WD 41 56.65 97.71 -12.06
N LYS WD 42 57.53 97.55 -11.06
CA LYS WD 42 58.81 96.88 -11.26
C LYS WD 42 58.70 95.44 -10.80
N LYS WD 43 57.83 94.70 -11.48
CA LYS WD 43 57.64 93.29 -11.23
C LYS WD 43 58.85 92.49 -11.68
N GLY WD 44 59.15 91.43 -10.93
CA GLY WD 44 60.29 90.58 -11.21
C GLY WD 44 61.59 91.34 -11.35
N SER WD 45 62.20 91.28 -12.53
CA SER WD 45 63.41 92.04 -12.81
C SER WD 45 63.17 93.25 -13.70
N ASP WD 46 62.15 93.23 -14.55
CA ASP WD 46 61.85 94.37 -15.40
C ASP WD 46 61.35 95.53 -14.55
N ASN WD 47 61.86 96.72 -14.83
CA ASN WD 47 61.51 97.92 -14.08
C ASN WD 47 60.20 98.55 -14.55
N GLY WD 48 59.56 98.00 -15.57
CA GLY WD 48 58.29 98.50 -16.04
C GLY WD 48 58.43 99.70 -16.96
N THR WD 49 57.28 100.24 -17.34
CA THR WD 49 57.19 101.32 -18.29
C THR WD 49 56.38 102.46 -17.70
N MET WD 50 56.81 103.69 -17.98
CA MET WD 50 56.05 104.87 -17.61
C MET WD 50 55.19 105.30 -18.80
N ARG WD 51 53.87 105.33 -18.60
CA ARG WD 51 52.92 105.63 -19.66
C ARG WD 51 52.20 106.93 -19.33
N GLY WD 52 52.40 107.95 -20.15
CA GLY WD 52 51.72 109.22 -19.97
C GLY WD 52 50.82 109.55 -21.13
N ASN WD 53 49.52 109.69 -20.87
CA ASN WD 53 48.52 109.93 -21.89
C ASN WD 53 47.89 111.30 -21.71
N MET WD 54 47.86 112.09 -22.79
CA MET WD 54 47.18 113.37 -22.80
C MET WD 54 46.02 113.30 -23.78
N ASN WD 55 44.82 113.64 -23.31
CA ASN WD 55 43.59 113.46 -24.06
C ASN WD 55 42.98 114.80 -24.41
N PHE WD 56 42.53 114.95 -25.65
CA PHE WD 56 41.82 116.14 -26.09
C PHE WD 56 40.44 115.72 -26.60
N ALA WD 57 39.40 116.35 -26.07
CA ALA WD 57 38.02 116.01 -26.43
C ALA WD 57 37.27 117.28 -26.77
N LYS WD 58 36.49 117.23 -27.86
CA LYS WD 58 35.72 118.38 -28.29
C LYS WD 58 34.47 117.90 -29.02
N SER WD 59 33.31 118.39 -28.61
CA SER WD 59 32.07 118.11 -29.31
C SER WD 59 31.98 118.95 -30.58
N PHE WD 60 31.47 118.34 -31.64
CA PHE WD 60 31.35 118.98 -32.94
C PHE WD 60 29.96 118.77 -33.50
N PRO WD 61 29.46 119.70 -34.30
CA PRO WD 61 28.17 119.49 -34.96
C PRO WD 61 28.26 118.37 -35.99
N ASN WD 62 27.35 117.41 -35.87
CA ASN WD 62 27.28 116.26 -36.79
C ASN WD 62 25.82 116.09 -37.18
N GLY WD 63 25.40 116.79 -38.22
CA GLY WD 63 24.00 116.79 -38.60
C GLY WD 63 23.18 117.43 -37.51
N ASP WD 64 22.14 116.72 -37.07
CA ASP WD 64 21.28 117.21 -36.00
C ASP WD 64 21.85 116.94 -34.61
N LYS WD 65 22.69 115.92 -34.46
CA LYS WD 65 23.26 115.54 -33.19
C LYS WD 65 24.65 116.15 -33.03
N LYS WD 66 25.37 115.73 -31.99
CA LYS WD 66 26.73 116.18 -31.72
C LYS WD 66 27.64 114.97 -31.65
N SER WD 67 28.87 115.14 -32.12
CA SER WD 67 29.86 114.06 -32.16
C SER WD 67 31.11 114.47 -31.42
N LEU WD 68 31.72 113.51 -30.74
CA LEU WD 68 32.94 113.75 -29.96
C LEU WD 68 34.16 113.40 -30.79
N VAL WD 69 35.04 114.37 -30.99
CA VAL WD 69 36.33 114.15 -31.64
C VAL WD 69 37.40 114.09 -30.55
N VAL WD 70 38.16 113.01 -30.52
CA VAL WD 70 39.14 112.75 -29.48
C VAL WD 70 40.51 112.62 -30.13
N VAL WD 71 41.49 113.32 -29.56
CA VAL WD 71 42.88 113.22 -29.98
C VAL WD 71 43.70 112.76 -28.79
N ASN WD 72 44.45 111.68 -28.97
CA ASN WD 72 45.25 111.07 -27.91
C ASN WD 72 46.73 111.19 -28.24
N LEU WD 73 47.53 111.51 -27.22
CA LEU WD 73 48.99 111.56 -27.34
C LEU WD 73 49.57 110.82 -26.16
N THR WD 74 50.18 109.66 -26.41
CA THR WD 74 50.67 108.77 -25.37
C THR WD 74 52.16 108.53 -25.56
N ALA WD 75 52.91 108.57 -24.46
CA ALA WD 75 54.34 108.30 -24.46
C ALA WD 75 54.61 107.03 -23.65
N HIS WD 76 55.41 106.13 -24.21
CA HIS WD 76 55.81 104.89 -23.55
C HIS WD 76 57.32 104.95 -23.34
N VAL WD 77 57.75 105.25 -22.12
CA VAL WD 77 59.16 105.41 -21.80
C VAL WD 77 59.55 104.31 -20.82
N PRO WD 78 60.33 103.32 -21.23
CA PRO WD 78 60.79 102.29 -20.28
C PRO WD 78 61.70 102.89 -19.22
N VAL WD 79 61.65 102.31 -18.02
CA VAL WD 79 62.45 102.81 -16.90
C VAL WD 79 63.91 102.48 -17.14
N GLY WD 80 64.77 103.48 -16.94
CA GLY WD 80 66.20 103.37 -17.17
C GLY WD 80 66.69 104.22 -18.32
N VAL WD 81 65.81 104.56 -19.26
CA VAL WD 81 66.17 105.43 -20.35
C VAL WD 81 66.38 106.85 -19.84
N ASP WD 82 67.43 107.51 -20.33
CA ASP WD 82 67.71 108.87 -19.91
C ASP WD 82 66.57 109.79 -20.29
N ALA WD 83 66.03 110.49 -19.30
CA ALA WD 83 64.91 111.41 -19.53
C ALA WD 83 65.33 112.55 -20.44
N THR WD 84 66.55 113.08 -20.25
CA THR WD 84 67.02 114.18 -21.08
C THR WD 84 67.15 113.76 -22.54
N ALA WD 85 67.62 112.54 -22.78
CA ALA WD 85 67.73 112.06 -24.16
C ALA WD 85 66.35 111.89 -24.79
N VAL WD 86 65.36 111.47 -24.00
CA VAL WD 86 64.01 111.30 -24.53
C VAL WD 86 63.37 112.65 -24.83
N ARG WD 87 63.55 113.62 -23.94
CA ARG WD 87 62.94 114.93 -24.13
C ARG WD 87 63.49 115.62 -25.37
N THR WD 88 64.80 115.47 -25.63
CA THR WD 88 65.38 116.04 -26.84
C THR WD 88 64.82 115.37 -28.09
N TRP WD 89 64.65 114.05 -28.05
CA TRP WD 89 64.07 113.34 -29.18
C TRP WD 89 62.63 113.76 -29.43
N MET WD 90 61.84 113.91 -28.36
CA MET WD 90 60.46 114.32 -28.50
C MET WD 90 60.35 115.73 -29.07
N THR WD 91 61.19 116.65 -28.60
CA THR WD 91 61.10 118.05 -29.01
C THR WD 91 61.58 118.24 -30.45
N SER WD 92 62.65 117.57 -30.85
CA SER WD 92 63.27 117.81 -32.15
C SER WD 92 62.73 116.92 -33.26
N GLU WD 93 62.19 115.74 -32.93
CA GLU WD 93 61.73 114.81 -33.94
C GLU WD 93 60.24 114.52 -33.88
N VAL WD 94 59.70 114.25 -32.69
CA VAL WD 94 58.29 113.87 -32.60
C VAL WD 94 57.40 115.10 -32.71
N PHE WD 95 57.70 116.16 -31.94
CA PHE WD 95 56.82 117.32 -31.90
C PHE WD 95 56.66 118.01 -33.25
N PRO WD 96 57.72 118.29 -34.02
CA PRO WD 96 57.50 118.87 -35.35
C PRO WD 96 56.72 117.97 -36.28
N GLY WD 97 56.90 116.65 -36.19
CA GLY WD 97 56.18 115.75 -37.08
C GLY WD 97 54.74 115.50 -36.65
N ALA WD 98 54.45 115.61 -35.36
CA ALA WD 98 53.11 115.37 -34.85
C ALA WD 98 52.21 116.60 -34.96
N THR WD 99 52.75 117.73 -35.42
CA THR WD 99 51.97 118.95 -35.62
C THR WD 99 52.00 119.43 -37.06
N SER WD 100 52.46 118.57 -37.97
CA SER WD 100 52.54 118.92 -39.38
C SER WD 100 51.21 118.65 -40.07
N SER WD 101 51.15 118.98 -41.37
CA SER WD 101 49.97 118.66 -42.16
C SER WD 101 49.78 117.16 -42.33
N VAL WD 102 50.83 116.37 -42.09
CA VAL WD 102 50.71 114.91 -42.16
C VAL WD 102 49.72 114.42 -41.11
N THR WD 103 49.81 114.95 -39.88
CA THR WD 103 48.86 114.59 -38.84
C THR WD 103 47.46 115.05 -39.20
N LEU WD 104 47.33 116.26 -39.74
CA LEU WD 104 46.02 116.78 -40.10
C LEU WD 104 45.37 115.94 -41.19
N ASP WD 105 46.15 115.51 -42.18
CA ASP WD 105 45.59 114.73 -43.28
C ASP WD 105 45.22 113.32 -42.83
N LEU WD 106 46.01 112.74 -41.92
CA LEU WD 106 45.70 111.40 -41.42
C LEU WD 106 44.42 111.40 -40.61
N ALA WD 107 44.22 112.42 -39.78
CA ALA WD 107 43.07 112.45 -38.89
C ALA WD 107 41.77 112.68 -39.65
N THR WD 108 41.77 113.62 -40.59
CA THR WD 108 40.54 114.03 -41.25
C THR WD 108 40.33 113.39 -42.62
N LYS WD 109 41.37 112.81 -43.22
CA LYS WD 109 41.23 112.17 -44.53
C LYS WD 109 41.75 110.75 -44.56
N GLY WD 110 42.40 110.27 -43.50
CA GLY WD 110 42.97 108.93 -43.52
C GLY WD 110 44.10 108.75 -44.49
N VAL WD 111 44.94 109.76 -44.67
CA VAL WD 111 46.04 109.69 -45.62
C VAL WD 111 47.26 109.11 -44.94
N ILE WD 112 47.75 107.98 -45.44
CA ILE WD 112 48.94 107.31 -44.91
C ILE WD 112 50.10 107.33 -45.90
N HIS WD 113 49.93 107.94 -47.06
CA HIS WD 113 50.99 108.08 -48.06
C HIS WD 113 51.35 109.55 -48.18
N LEU WD 114 52.54 109.93 -47.71
CA LEU WD 114 52.97 111.33 -47.80
C LEU WD 114 53.88 111.51 -49.01
N SER WD 115 53.27 111.45 -50.19
CA SER WD 115 53.97 111.77 -51.42
C SER WD 115 53.94 113.27 -51.67
N ASP WD 116 54.98 113.78 -52.32
CA ASP WD 116 56.19 113.08 -52.75
C ASP WD 116 57.42 113.95 -52.45
N ALA WD 117 57.17 115.21 -52.11
CA ALA WD 117 58.25 116.16 -51.85
C ALA WD 117 59.12 115.72 -50.67
N LEU XD 1 60.48 112.88 -49.46
CA LEU XD 1 59.64 112.30 -48.42
C LEU XD 1 60.12 112.71 -47.04
N SER XD 2 59.35 113.56 -46.38
CA SER XD 2 59.72 114.07 -45.06
C SER XD 2 58.48 114.14 -44.18
N ILE XD 3 58.68 113.83 -42.90
CA ILE XD 3 57.66 113.97 -41.87
C ILE XD 3 58.20 114.98 -40.87
N GLY XD 4 57.55 116.14 -40.78
CA GLY XD 4 58.07 117.22 -39.97
C GLY XD 4 59.39 117.72 -40.50
N THR XD 5 60.44 117.67 -39.67
CA THR XD 5 61.77 118.04 -40.09
C THR XD 5 62.65 116.84 -40.42
N LYS XD 6 62.12 115.62 -40.33
CA LYS XD 6 62.89 114.40 -40.51
C LYS XD 6 62.62 113.84 -41.90
N ASN XD 7 63.68 113.62 -42.67
CA ASN XD 7 63.55 112.90 -43.93
C ASN XD 7 63.39 111.41 -43.67
N VAL XD 8 62.41 110.81 -44.33
CA VAL XD 8 62.11 109.39 -44.17
C VAL XD 8 61.99 108.74 -45.54
N SER XD 9 61.97 107.41 -45.53
CA SER XD 9 61.76 106.62 -46.73
C SER XD 9 60.76 105.52 -46.42
N ILE XD 10 60.08 105.05 -47.46
CA ILE XD 10 59.11 103.97 -47.30
C ILE XD 10 59.85 102.70 -46.91
N TYR XD 11 59.41 102.08 -45.81
CA TYR XD 11 60.02 100.88 -45.28
C TYR XD 11 59.12 99.66 -45.44
N ARG XD 12 57.87 99.75 -45.01
CA ARG XD 12 56.90 98.68 -45.20
C ARG XD 12 55.56 99.32 -45.53
N ASN XD 13 54.80 98.65 -46.40
CA ASN XD 13 53.56 99.22 -46.95
C ASN XD 13 52.51 98.13 -46.99
N THR XD 14 51.52 98.24 -46.10
CA THR XD 14 50.34 97.40 -46.11
C THR XD 14 49.13 98.23 -46.56
N ALA XD 15 47.96 97.60 -46.52
CA ALA XD 15 46.74 98.26 -47.02
C ALA XD 15 46.39 99.48 -46.18
N ASP XD 16 46.43 99.35 -44.86
CA ASP XD 16 46.02 100.45 -43.97
C ASP XD 16 47.15 100.92 -43.07
N GLU XD 17 48.40 100.55 -43.35
CA GLU XD 17 49.54 101.02 -42.58
C GLU XD 17 50.76 101.12 -43.49
N VAL XD 18 51.43 102.27 -43.41
CA VAL XD 18 52.71 102.46 -44.09
C VAL XD 18 53.73 102.84 -43.04
N ILE XD 19 54.77 102.02 -42.91
CA ILE XD 19 55.86 102.28 -41.97
C ILE XD 19 56.98 102.99 -42.73
N TYR XD 20 57.42 104.11 -42.21
CA TYR XD 20 58.54 104.86 -42.76
C TYR XD 20 59.74 104.73 -41.84
N ALA XD 21 60.93 104.81 -42.43
CA ALA XD 21 62.18 104.61 -41.72
C ALA XD 21 62.98 105.91 -41.72
N GLY XD 22 63.53 106.24 -40.55
CA GLY XD 22 64.41 107.38 -40.43
C GLY XD 22 65.76 107.08 -41.05
N PRO XD 23 66.60 108.11 -41.19
CA PRO XD 23 67.92 107.89 -41.81
C PRO XD 23 68.77 106.90 -41.03
N ALA XD 24 68.62 106.84 -39.71
CA ALA XD 24 69.43 105.96 -38.88
C ALA XD 24 68.85 104.56 -38.73
N HIS XD 25 67.63 104.32 -39.20
CA HIS XD 25 67.00 103.02 -39.01
C HIS XD 25 67.82 101.92 -39.67
N ASP XD 26 67.97 100.81 -38.96
CA ASP XD 26 68.76 99.69 -39.43
C ASP XD 26 68.27 98.42 -38.75
N VAL XD 27 69.05 97.34 -38.87
CA VAL XD 27 68.64 96.05 -38.32
C VAL XD 27 68.74 95.97 -36.81
N THR XD 28 69.47 96.90 -36.17
CA THR XD 28 69.60 96.91 -34.73
C THR XD 28 69.07 98.17 -34.07
N ASN XD 29 68.97 99.29 -34.78
CA ASN XD 29 68.44 100.53 -34.26
C ASN XD 29 67.09 100.79 -34.91
N VAL XD 30 66.08 101.06 -34.10
CA VAL XD 30 64.74 101.36 -34.61
C VAL XD 30 64.58 102.88 -34.67
N ASP XD 31 64.27 103.38 -35.86
CA ASP XD 31 63.89 104.79 -36.06
C ASP XD 31 62.81 104.79 -37.13
N THR XD 32 61.56 104.72 -36.70
CA THR XD 32 60.44 104.55 -37.61
C THR XD 32 59.29 105.49 -37.24
N VAL XD 33 58.55 105.91 -38.26
CA VAL XD 33 57.29 106.62 -38.09
C VAL XD 33 56.23 105.81 -38.84
N SER XD 34 55.24 105.32 -38.10
CA SER XD 34 54.17 104.53 -38.69
C SER XD 34 52.91 105.37 -38.84
N LEU XD 35 52.29 105.27 -40.01
CA LEU XD 35 50.99 105.89 -40.26
C LEU XD 35 49.96 104.77 -40.46
N ARG XD 36 49.09 104.59 -39.48
CA ARG XD 36 48.06 103.56 -39.51
C ARG XD 36 46.69 104.22 -39.48
N ARG XD 37 45.74 103.60 -40.17
CA ARG XD 37 44.38 104.10 -40.20
C ARG XD 37 43.42 102.94 -39.99
N SER XD 38 42.25 103.26 -39.43
CA SER XD 38 41.13 102.34 -39.33
C SER XD 38 39.94 102.99 -40.01
N LEU XD 39 39.52 102.45 -41.13
CA LEU XD 39 38.46 103.09 -41.91
C LEU XD 39 37.12 102.93 -41.21
N PRO XD 40 36.23 103.93 -41.37
CA PRO XD 40 34.92 103.87 -40.71
C PRO XD 40 34.12 102.65 -41.16
N VAL XD 41 33.45 102.02 -40.21
CA VAL XD 41 32.58 100.88 -40.49
C VAL XD 41 31.15 101.34 -40.27
N LYS XD 42 30.36 101.35 -41.34
CA LYS XD 42 28.96 101.79 -41.28
C LYS XD 42 28.17 100.66 -40.63
N LYS XD 43 27.96 100.75 -39.32
CA LYS XD 43 27.21 99.75 -38.58
C LYS XD 43 25.97 100.40 -37.97
N GLY XD 44 24.82 99.74 -38.14
CA GLY XD 44 23.58 100.29 -37.63
C GLY XD 44 23.28 101.64 -38.23
N SER XD 45 22.76 102.55 -37.40
CA SER XD 45 22.54 103.93 -37.82
C SER XD 45 23.79 104.79 -37.64
N ASP XD 46 24.84 104.24 -37.03
CA ASP XD 46 26.08 104.97 -36.86
C ASP XD 46 26.96 104.81 -38.09
N ASN XD 47 27.39 105.93 -38.66
CA ASN XD 47 28.23 105.90 -39.85
C ASN XD 47 29.67 105.48 -39.54
N GLY XD 48 30.04 105.36 -38.27
CA GLY XD 48 31.36 104.90 -37.92
C GLY XD 48 32.29 106.05 -37.59
N THR XD 49 33.56 105.69 -37.37
CA THR XD 49 34.59 106.62 -36.95
C THR XD 49 35.88 106.30 -37.67
N MET XD 50 36.57 107.34 -38.15
CA MET XD 50 37.89 107.19 -38.73
C MET XD 50 38.95 107.32 -37.64
N ARG XD 51 39.79 106.29 -37.50
CA ARG XD 51 40.89 106.31 -36.56
C ARG XD 51 42.18 106.51 -37.31
N GLY XD 52 42.96 107.51 -36.89
CA GLY XD 52 44.26 107.74 -37.48
C GLY XD 52 45.36 107.72 -36.43
N ASN XD 53 46.28 106.76 -36.54
CA ASN XD 53 47.33 106.57 -35.54
C ASN XD 53 48.67 106.97 -36.15
N MET XD 54 49.42 107.78 -35.42
CA MET XD 54 50.78 108.16 -35.78
C MET XD 54 51.72 107.62 -34.72
N ASN XD 55 52.56 106.66 -35.10
CA ASN XD 55 53.44 105.95 -34.18
C ASN XD 55 54.87 106.38 -34.41
N PHE XD 56 55.53 106.84 -33.34
CA PHE XD 56 56.95 107.16 -33.36
C PHE XD 56 57.67 106.14 -32.49
N ALA XD 57 58.67 105.47 -33.07
CA ALA XD 57 59.46 104.47 -32.36
C ALA XD 57 60.94 104.85 -32.48
N LYS XD 58 61.65 104.74 -31.37
CA LYS XD 58 63.07 105.04 -31.33
C LYS XD 58 63.76 104.16 -30.30
N SER XD 59 64.88 103.57 -30.69
CA SER XD 59 65.70 102.77 -29.78
C SER XD 59 66.57 103.70 -28.94
N PHE XD 60 66.66 103.40 -27.65
CA PHE XD 60 67.41 104.21 -26.72
C PHE XD 60 68.30 103.32 -25.86
N PRO XD 61 69.49 103.78 -25.50
CA PRO XD 61 70.32 103.02 -24.55
C PRO XD 61 69.67 102.97 -23.18
N ASN XD 62 69.45 101.76 -22.68
CA ASN XD 62 68.87 101.53 -21.36
C ASN XD 62 69.88 100.69 -20.59
N GLY XD 63 70.83 101.35 -19.94
CA GLY XD 63 71.91 100.65 -19.27
C GLY XD 63 72.78 99.89 -20.25
N ASP XD 64 72.71 98.56 -20.19
CA ASP XD 64 73.47 97.72 -21.10
C ASP XD 64 72.70 97.37 -22.36
N LYS XD 65 71.38 97.21 -22.26
CA LYS XD 65 70.54 96.83 -23.38
C LYS XD 65 69.94 98.07 -24.03
N LYS XD 66 69.04 97.85 -24.99
CA LYS XD 66 68.34 98.93 -25.66
C LYS XD 66 66.85 98.81 -25.39
N SER XD 67 66.21 99.96 -25.16
CA SER XD 67 64.78 100.03 -24.92
C SER XD 67 64.11 100.84 -26.02
N LEU XD 68 62.87 100.47 -26.33
CA LEU XD 68 62.09 101.13 -27.36
C LEU XD 68 61.18 102.17 -26.73
N VAL XD 69 61.39 103.44 -27.08
CA VAL XD 69 60.51 104.52 -26.64
C VAL XD 69 59.50 104.78 -27.75
N VAL XD 70 58.22 104.75 -27.40
CA VAL XD 70 57.13 104.85 -28.36
C VAL XD 70 56.25 106.04 -28.00
N VAL XD 71 55.96 106.88 -28.99
CA VAL XD 71 55.00 107.97 -28.84
C VAL XD 71 53.90 107.75 -29.87
N ASN XD 72 52.65 107.74 -29.41
CA ASN XD 72 51.49 107.53 -30.26
C ASN XD 72 50.64 108.78 -30.31
N LEU XD 73 50.17 109.13 -31.51
CA LEU XD 73 49.20 110.19 -31.70
C LEU XD 73 48.01 109.61 -32.45
N THR XD 74 46.86 109.56 -31.78
CA THR XD 74 45.66 108.94 -32.32
C THR XD 74 44.53 109.95 -32.32
N ALA XD 75 43.76 109.98 -33.41
CA ALA XD 75 42.59 110.83 -33.53
C ALA XD 75 41.38 109.98 -33.88
N HIS XD 76 40.24 110.32 -33.29
CA HIS XD 76 38.97 109.61 -33.54
C HIS XD 76 37.97 110.63 -34.06
N VAL XD 77 37.73 110.62 -35.37
CA VAL XD 77 36.85 111.58 -36.02
C VAL XD 77 35.62 110.83 -36.53
N PRO XD 78 34.44 111.04 -35.94
CA PRO XD 78 33.23 110.38 -36.44
C PRO XD 78 32.83 110.91 -37.82
N VAL XD 79 32.24 110.02 -38.63
CA VAL XD 79 31.76 110.42 -39.93
C VAL XD 79 30.60 111.38 -39.78
N GLY XD 80 30.61 112.45 -40.58
CA GLY XD 80 29.58 113.47 -40.56
C GLY XD 80 30.04 114.80 -40.00
N VAL XD 81 31.22 114.85 -39.41
CA VAL XD 81 31.76 116.08 -38.86
C VAL XD 81 32.47 116.87 -39.95
N ASP XD 82 32.41 118.20 -39.85
CA ASP XD 82 33.12 119.06 -40.79
C ASP XD 82 34.63 118.87 -40.63
N ALA XD 83 35.30 118.50 -41.72
CA ALA XD 83 36.73 118.25 -41.65
C ALA XD 83 37.53 119.53 -41.44
N THR XD 84 37.09 120.64 -42.03
CA THR XD 84 37.78 121.91 -41.83
C THR XD 84 37.67 122.36 -40.37
N ALA XD 85 36.52 122.16 -39.75
CA ALA XD 85 36.36 122.53 -38.34
C ALA XD 85 37.30 121.73 -37.45
N VAL XD 86 37.46 120.44 -37.72
CA VAL XD 86 38.35 119.61 -36.91
C VAL XD 86 39.80 120.03 -37.11
N ARG XD 87 40.19 120.31 -38.35
CA ARG XD 87 41.55 120.74 -38.61
C ARG XD 87 41.87 122.06 -37.92
N THR XD 88 40.92 123.00 -37.93
CA THR XD 88 41.13 124.27 -37.25
C THR XD 88 41.26 124.07 -35.74
N TRP XD 89 40.44 123.19 -35.16
CA TRP XD 89 40.55 122.90 -33.74
C TRP XD 89 41.87 122.22 -33.41
N MET XD 90 42.29 121.26 -34.23
CA MET XD 90 43.54 120.54 -33.97
C MET XD 90 44.74 121.47 -34.06
N THR XD 91 44.74 122.39 -35.02
CA THR XD 91 45.87 123.30 -35.20
C THR XD 91 45.98 124.31 -34.07
N SER XD 92 44.86 124.92 -33.68
CA SER XD 92 44.88 126.01 -32.71
C SER XD 92 44.83 125.55 -31.26
N GLU XD 93 44.25 124.39 -30.98
CA GLU XD 93 44.02 124.00 -29.59
C GLU XD 93 44.73 122.72 -29.20
N VAL XD 94 44.81 121.74 -30.10
CA VAL XD 94 45.45 120.47 -29.75
C VAL XD 94 46.96 120.56 -29.90
N PHE XD 95 47.42 121.06 -31.04
CA PHE XD 95 48.86 121.09 -31.32
C PHE XD 95 49.67 121.90 -30.32
N PRO XD 96 49.30 123.14 -29.96
CA PRO XD 96 50.10 123.87 -28.97
C PRO XD 96 50.20 123.19 -27.62
N GLY XD 97 49.13 122.54 -27.16
CA GLY XD 97 49.17 121.86 -25.89
C GLY XD 97 49.87 120.52 -25.93
N ALA XD 98 49.81 119.83 -27.06
CA ALA XD 98 50.45 118.53 -27.18
C ALA XD 98 51.96 118.62 -27.26
N THR XD 99 52.50 119.76 -27.70
CA THR XD 99 53.94 119.95 -27.82
C THR XD 99 54.46 120.96 -26.80
N SER XD 100 53.90 120.95 -25.60
CA SER XD 100 54.30 121.86 -24.54
C SER XD 100 55.18 121.13 -23.53
N SER XD 101 55.60 121.86 -22.50
CA SER XD 101 56.33 121.23 -21.40
C SER XD 101 55.44 120.28 -20.60
N VAL XD 102 54.12 120.41 -20.73
CA VAL XD 102 53.21 119.49 -20.05
C VAL XD 102 53.41 118.07 -20.56
N THR XD 103 53.56 117.92 -21.88
CA THR XD 103 53.81 116.59 -22.44
C THR XD 103 55.12 116.01 -21.94
N LEU XD 104 56.18 116.82 -21.93
CA LEU XD 104 57.48 116.35 -21.46
C LEU XD 104 57.45 116.01 -19.98
N ASP XD 105 56.81 116.86 -19.17
CA ASP XD 105 56.75 116.61 -17.74
C ASP XD 105 55.91 115.38 -17.42
N LEU XD 106 54.83 115.16 -18.18
CA LEU XD 106 54.03 113.97 -17.97
C LEU XD 106 54.79 112.71 -18.38
N ALA XD 107 55.57 112.78 -19.45
CA ALA XD 107 56.27 111.60 -19.95
C ALA XD 107 57.38 111.16 -19.01
N THR XD 108 58.22 112.10 -18.58
CA THR XD 108 59.41 111.75 -17.80
C THR XD 108 59.25 111.96 -16.31
N LYS XD 109 58.11 112.49 -15.84
CA LYS XD 109 57.92 112.68 -14.42
C LYS XD 109 56.55 112.25 -13.91
N GLY XD 110 55.61 111.88 -14.77
CA GLY XD 110 54.28 111.53 -14.32
C GLY XD 110 53.52 112.68 -13.70
N VAL XD 111 53.71 113.89 -14.20
CA VAL XD 111 53.03 115.06 -13.64
C VAL XD 111 51.66 115.20 -14.31
N ILE XD 112 50.60 115.07 -13.52
CA ILE XD 112 49.24 115.24 -14.02
C ILE XD 112 48.55 116.46 -13.42
N HIS XD 113 49.10 117.04 -12.36
CA HIS XD 113 48.56 118.25 -11.75
C HIS XD 113 49.31 119.45 -12.28
N LEU XD 114 48.59 120.35 -12.94
CA LEU XD 114 49.20 121.52 -13.58
C LEU XD 114 49.34 122.65 -12.58
N SER XD 115 50.31 123.52 -12.82
CA SER XD 115 50.57 124.67 -11.98
C SER XD 115 51.27 125.75 -12.79
N ASP XD 116 51.07 127.01 -12.40
CA ASP XD 116 50.11 127.49 -11.42
C ASP XD 116 49.46 128.77 -11.93
N ALA XD 117 50.06 129.36 -12.96
CA ALA XD 117 49.58 130.61 -13.52
C ALA XD 117 49.02 130.42 -14.92
N LEU YD 1 92.94 79.40 -63.31
CA LEU YD 1 91.55 79.29 -62.87
C LEU YD 1 91.08 80.61 -62.28
N SER YD 2 90.18 81.28 -62.98
CA SER YD 2 89.66 82.57 -62.55
C SER YD 2 88.15 82.59 -62.64
N ILE YD 3 87.51 83.17 -61.63
CA ILE YD 3 86.08 83.47 -61.63
C ILE YD 3 85.98 84.97 -61.40
N GLY YD 4 85.92 85.74 -62.47
CA GLY YD 4 86.02 87.18 -62.37
C GLY YD 4 87.47 87.63 -62.22
N THR YD 5 87.76 88.33 -61.12
CA THR YD 5 89.13 88.72 -60.80
C THR YD 5 89.74 87.83 -59.72
N LYS YD 6 89.06 86.75 -59.32
CA LYS YD 6 89.48 85.90 -58.24
C LYS YD 6 90.21 84.68 -58.78
N ASN YD 7 91.37 84.39 -58.22
CA ASN YD 7 92.11 83.16 -58.53
C ASN YD 7 91.66 82.07 -57.58
N VAL YD 8 91.08 81.01 -58.14
CA VAL YD 8 90.51 79.92 -57.36
C VAL YD 8 91.21 78.62 -57.75
N SER YD 9 91.02 77.61 -56.90
CA SER YD 9 91.51 76.26 -57.16
C SER YD 9 90.40 75.27 -56.84
N ILE YD 10 90.45 74.11 -57.49
CA ILE YD 10 89.46 73.07 -57.23
C ILE YD 10 89.60 72.60 -55.79
N TYR YD 11 88.47 72.54 -55.09
CA TYR YD 11 88.44 72.13 -53.70
C TYR YD 11 87.60 70.87 -53.48
N ARG YD 12 86.47 70.75 -54.17
CA ARG YD 12 85.65 69.55 -54.12
C ARG YD 12 85.05 69.34 -55.49
N ASN YD 13 85.17 68.13 -56.02
CA ASN YD 13 84.70 67.81 -57.36
C ASN YD 13 83.63 66.73 -57.24
N THR YD 14 82.40 67.07 -57.58
CA THR YD 14 81.25 66.19 -57.51
C THR YD 14 80.59 66.18 -58.89
N ALA YD 15 79.78 65.14 -59.15
CA ALA YD 15 79.17 64.96 -60.46
C ALA YD 15 78.44 66.21 -60.93
N ASP YD 16 77.75 66.91 -60.01
CA ASP YD 16 76.91 68.05 -60.41
C ASP YD 16 77.28 69.32 -59.66
N GLU YD 17 78.42 69.36 -58.97
CA GLU YD 17 78.83 70.56 -58.27
C GLU YD 17 80.33 70.54 -58.06
N VAL YD 18 81.00 71.64 -58.39
CA VAL YD 18 82.42 71.82 -58.14
C VAL YD 18 82.58 73.06 -57.27
N ILE YD 19 83.24 72.89 -56.13
CA ILE YD 19 83.50 73.99 -55.20
C ILE YD 19 84.91 74.50 -55.44
N TYR YD 20 85.04 75.80 -55.66
CA TYR YD 20 86.34 76.45 -55.84
C TYR YD 20 86.63 77.34 -54.64
N ALA YD 21 87.86 77.27 -54.15
CA ALA YD 21 88.28 77.99 -52.96
C ALA YD 21 89.17 79.16 -53.34
N GLY YD 22 88.93 80.31 -52.72
CA GLY YD 22 89.74 81.48 -52.94
C GLY YD 22 91.01 81.46 -52.12
N PRO YD 23 91.82 82.51 -52.23
CA PRO YD 23 93.08 82.55 -51.48
C PRO YD 23 92.89 82.56 -49.97
N ALA YD 24 91.74 82.99 -49.48
CA ALA YD 24 91.50 83.14 -48.05
C ALA YD 24 90.72 81.98 -47.45
N HIS YD 25 90.58 80.88 -48.19
CA HIS YD 25 89.84 79.72 -47.70
C HIS YD 25 90.78 78.76 -46.99
N ASP YD 26 90.33 78.26 -45.84
CA ASP YD 26 91.09 77.29 -45.05
C ASP YD 26 90.10 76.52 -44.17
N VAL YD 27 90.63 75.82 -43.16
CA VAL YD 27 89.79 75.01 -42.28
C VAL YD 27 88.82 75.85 -41.46
N THR YD 28 89.24 77.05 -41.02
CA THR YD 28 88.42 77.86 -40.14
C THR YD 28 87.72 79.04 -40.82
N ASN YD 29 88.13 79.42 -42.03
CA ASN YD 29 87.49 80.50 -42.76
C ASN YD 29 86.92 79.97 -44.07
N VAL YD 30 85.84 80.62 -44.53
CA VAL YD 30 85.15 80.21 -45.74
C VAL YD 30 85.37 81.28 -46.81
N ASP YD 31 85.95 80.89 -47.94
CA ASP YD 31 86.05 81.73 -49.13
C ASP YD 31 85.90 80.79 -50.32
N THR YD 32 84.66 80.61 -50.77
CA THR YD 32 84.37 79.61 -51.79
C THR YD 32 83.40 80.16 -52.83
N VAL YD 33 83.56 79.67 -54.06
CA VAL YD 33 82.59 79.88 -55.13
C VAL YD 33 82.21 78.50 -55.65
N SER YD 34 80.93 78.15 -55.54
CA SER YD 34 80.45 76.83 -55.90
C SER YD 34 79.58 76.93 -57.14
N LEU YD 35 79.92 76.14 -58.17
CA LEU YD 35 79.11 76.01 -59.36
C LEU YD 35 78.29 74.74 -59.26
N ARG YD 36 76.97 74.88 -59.40
CA ARG YD 36 76.06 73.75 -59.31
C ARG YD 36 75.16 73.73 -60.53
N ARG YD 37 74.66 72.54 -60.87
CA ARG YD 37 73.83 72.40 -62.05
C ARG YD 37 72.81 71.31 -61.82
N SER YD 38 71.69 71.41 -62.55
CA SER YD 38 70.68 70.37 -62.59
C SER YD 38 70.35 70.13 -64.06
N LEU YD 39 70.80 69.00 -64.59
CA LEU YD 39 70.66 68.72 -66.00
C LEU YD 39 69.19 68.47 -66.37
N PRO YD 40 68.80 68.81 -67.59
CA PRO YD 40 67.41 68.62 -67.99
C PRO YD 40 66.99 67.16 -67.93
N VAL YD 41 65.75 66.94 -67.52
CA VAL YD 41 65.15 65.61 -67.46
C VAL YD 41 64.02 65.57 -68.47
N LYS YD 42 64.13 64.68 -69.46
CA LYS YD 42 63.12 64.55 -70.51
C LYS YD 42 61.93 63.80 -69.93
N LYS YD 43 61.13 64.53 -69.15
CA LYS YD 43 59.96 63.96 -68.48
C LYS YD 43 58.74 64.14 -69.37
N GLY YD 44 58.18 63.01 -69.82
CA GLY YD 44 57.02 63.06 -70.70
C GLY YD 44 57.35 63.80 -71.99
N SER YD 45 56.48 64.73 -72.37
CA SER YD 45 56.70 65.55 -73.55
C SER YD 45 57.56 66.77 -73.27
N ASP YD 46 57.67 67.20 -72.02
CA ASP YD 46 58.53 68.33 -71.68
C ASP YD 46 59.99 67.92 -71.78
N ASN YD 47 60.78 68.72 -72.48
CA ASN YD 47 62.21 68.46 -72.60
C ASN YD 47 62.98 68.78 -71.33
N GLY YD 48 62.35 69.42 -70.35
CA GLY YD 48 63.01 69.73 -69.11
C GLY YD 48 63.50 71.16 -69.03
N THR YD 49 64.23 71.43 -67.95
CA THR YD 49 64.78 72.75 -67.70
C THR YD 49 66.24 72.61 -67.30
N MET YD 50 67.06 73.56 -67.73
CA MET YD 50 68.46 73.60 -67.33
C MET YD 50 68.61 74.59 -66.18
N ARG YD 51 69.06 74.09 -65.03
CA ARG YD 51 69.22 74.91 -63.83
C ARG YD 51 70.70 75.03 -63.50
N GLY YD 52 71.16 76.26 -63.37
CA GLY YD 52 72.54 76.53 -62.99
C GLY YD 52 72.58 77.45 -61.78
N ASN YD 53 73.46 77.13 -60.84
CA ASN YD 53 73.58 77.89 -59.60
C ASN YD 53 75.02 78.30 -59.38
N MET YD 54 75.24 79.58 -59.12
CA MET YD 54 76.53 80.09 -58.71
C MET YD 54 76.40 80.56 -57.27
N ASN YD 55 77.21 79.98 -56.38
CA ASN YD 55 77.12 80.24 -54.95
C ASN YD 55 78.40 80.93 -54.49
N PHE YD 56 78.23 82.05 -53.78
CA PHE YD 56 79.36 82.77 -53.19
C PHE YD 56 79.20 82.72 -51.68
N ALA YD 57 80.24 82.27 -50.99
CA ALA YD 57 80.21 82.17 -49.53
C ALA YD 57 81.47 82.79 -48.96
N LYS YD 58 81.31 83.61 -47.92
CA LYS YD 58 82.43 84.24 -47.25
C LYS YD 58 82.15 84.35 -45.77
N SER YD 59 83.18 84.15 -44.96
CA SER YD 59 83.09 84.34 -43.53
C SER YD 59 83.41 85.78 -43.17
N PHE YD 60 82.67 86.33 -42.21
CA PHE YD 60 82.79 87.72 -41.82
C PHE YD 60 82.81 87.83 -40.30
N PRO YD 61 83.53 88.80 -39.76
CA PRO YD 61 83.47 89.04 -38.30
C PRO YD 61 82.08 89.48 -37.88
N ASN YD 62 81.51 88.76 -36.91
CA ASN YD 62 80.18 89.03 -36.38
C ASN YD 62 80.30 89.11 -34.86
N GLY YD 63 80.65 90.28 -34.36
CA GLY YD 63 80.85 90.45 -32.93
C GLY YD 63 81.96 89.55 -32.41
N ASP YD 64 81.57 88.53 -31.64
CA ASP YD 64 82.55 87.58 -31.11
C ASP YD 64 82.84 86.46 -32.11
N LYS YD 65 81.79 85.91 -32.72
CA LYS YD 65 81.94 84.78 -33.62
C LYS YD 65 82.09 85.28 -35.06
N LYS YD 66 82.09 84.35 -36.02
CA LYS YD 66 82.21 84.68 -37.44
C LYS YD 66 80.99 84.13 -38.17
N SER YD 67 80.34 84.98 -38.94
CA SER YD 67 79.12 84.62 -39.66
C SER YD 67 79.38 84.45 -41.14
N LEU YD 68 78.53 83.67 -41.80
CA LEU YD 68 78.68 83.34 -43.21
C LEU YD 68 77.70 84.16 -44.04
N VAL YD 69 78.22 84.97 -44.95
CA VAL YD 69 77.41 85.71 -45.92
C VAL YD 69 77.41 84.94 -47.22
N VAL YD 70 76.21 84.69 -47.75
CA VAL YD 70 76.04 83.87 -48.95
C VAL YD 70 75.29 84.66 -49.99
N VAL YD 71 75.82 84.69 -51.21
CA VAL YD 71 75.16 85.29 -52.37
C VAL YD 71 74.91 84.17 -53.39
N ASN YD 72 73.66 84.01 -53.80
CA ASN YD 72 73.27 82.99 -54.75
C ASN YD 72 72.89 83.61 -56.08
N LEU YD 73 73.14 82.87 -57.16
CA LEU YD 73 72.72 83.27 -58.50
C LEU YD 73 72.24 82.02 -59.22
N THR YD 74 70.93 81.93 -59.44
CA THR YD 74 70.32 80.76 -60.05
C THR YD 74 69.62 81.17 -61.34
N ALA YD 75 69.84 80.39 -62.39
CA ALA YD 75 69.19 80.60 -63.68
C ALA YD 75 68.38 79.36 -64.06
N HIS YD 76 67.19 79.59 -64.60
CA HIS YD 76 66.31 78.52 -65.07
C HIS YD 76 66.05 78.75 -66.55
N VAL YD 77 66.63 77.89 -67.39
CA VAL YD 77 66.47 78.01 -68.84
C VAL YD 77 65.78 76.77 -69.38
N PRO YD 78 64.52 76.87 -69.81
CA PRO YD 78 63.84 75.70 -70.36
C PRO YD 78 64.49 75.22 -71.65
N VAL YD 79 64.45 73.91 -71.87
CA VAL YD 79 65.06 73.34 -73.07
C VAL YD 79 64.22 73.70 -74.29
N GLY YD 80 64.89 74.16 -75.35
CA GLY YD 80 64.25 74.59 -76.57
C GLY YD 80 64.34 76.09 -76.79
N VAL YD 81 64.41 76.86 -75.69
CA VAL YD 81 64.61 78.30 -75.82
C VAL YD 81 65.98 78.56 -76.43
N ASP YD 82 66.03 79.48 -77.39
CA ASP YD 82 67.28 79.80 -78.06
C ASP YD 82 68.29 80.34 -77.06
N ALA YD 83 69.48 79.74 -77.04
CA ALA YD 83 70.49 80.10 -76.05
C ALA YD 83 71.04 81.49 -76.28
N THR YD 84 71.22 81.88 -77.54
CA THR YD 84 71.79 83.19 -77.84
C THR YD 84 70.89 84.33 -77.36
N ALA YD 85 69.58 84.16 -77.49
CA ALA YD 85 68.64 85.17 -77.02
C ALA YD 85 68.73 85.32 -75.50
N VAL YD 86 68.90 84.21 -74.78
CA VAL YD 86 69.04 84.27 -73.33
C VAL YD 86 70.32 85.00 -72.93
N ARG YD 87 71.40 84.75 -73.66
CA ARG YD 87 72.70 85.30 -73.27
C ARG YD 87 72.76 86.81 -73.51
N THR YD 88 72.11 87.29 -74.56
CA THR YD 88 72.07 88.74 -74.78
C THR YD 88 71.11 89.42 -73.82
N TRP YD 89 70.03 88.73 -73.43
CA TRP YD 89 69.16 89.25 -72.39
C TRP YD 89 69.87 89.33 -71.05
N MET YD 90 70.64 88.29 -70.71
CA MET YD 90 71.36 88.27 -69.45
C MET YD 90 72.44 89.35 -69.42
N THR YD 91 73.16 89.51 -70.53
CA THR YD 91 74.27 90.47 -70.56
C THR YD 91 73.76 91.91 -70.52
N SER YD 92 72.65 92.19 -71.21
CA SER YD 92 72.17 93.56 -71.36
C SER YD 92 71.12 93.96 -70.35
N GLU YD 93 70.27 93.03 -69.91
CA GLU YD 93 69.15 93.36 -69.03
C GLU YD 93 69.30 92.85 -67.61
N VAL YD 94 69.92 91.69 -67.42
CA VAL YD 94 69.99 91.11 -66.07
C VAL YD 94 71.24 91.58 -65.35
N PHE YD 95 72.41 91.43 -65.99
CA PHE YD 95 73.69 91.73 -65.36
C PHE YD 95 73.83 93.20 -64.94
N PRO YD 96 73.50 94.18 -65.79
CA PRO YD 96 73.60 95.57 -65.32
C PRO YD 96 72.71 95.88 -64.14
N GLY YD 97 71.51 95.28 -64.07
CA GLY YD 97 70.64 95.51 -62.93
C GLY YD 97 71.00 94.69 -61.72
N ALA YD 98 71.61 93.52 -61.91
CA ALA YD 98 71.96 92.66 -60.80
C ALA YD 98 73.22 93.12 -60.06
N THR YD 99 73.98 94.05 -60.62
CA THR YD 99 75.21 94.52 -60.01
C THR YD 99 75.13 96.01 -59.66
N SER YD 100 73.94 96.58 -59.66
CA SER YD 100 73.76 98.01 -59.39
C SER YD 100 73.70 98.23 -57.88
N SER YD 101 73.46 99.48 -57.48
CA SER YD 101 73.29 99.80 -56.07
C SER YD 101 72.00 99.24 -55.50
N VAL YD 102 71.06 98.84 -56.35
CA VAL YD 102 69.81 98.26 -55.87
C VAL YD 102 70.08 96.95 -55.14
N THR YD 103 70.97 96.12 -55.70
CA THR YD 103 71.32 94.86 -55.03
C THR YD 103 71.99 95.12 -53.69
N LEU YD 104 72.85 96.13 -53.62
CA LEU YD 104 73.55 96.44 -52.37
C LEU YD 104 72.58 96.87 -51.29
N ASP YD 105 71.62 97.73 -51.63
CA ASP YD 105 70.63 98.17 -50.65
C ASP YD 105 69.69 97.04 -50.27
N LEU YD 106 69.30 96.22 -51.24
CA LEU YD 106 68.40 95.10 -50.95
C LEU YD 106 69.04 94.07 -50.02
N ALA YD 107 70.33 93.80 -50.22
CA ALA YD 107 71.00 92.78 -49.40
C ALA YD 107 71.29 93.26 -47.99
N THR YD 108 71.68 94.53 -47.84
CA THR YD 108 72.09 95.03 -46.53
C THR YD 108 70.97 95.70 -45.76
N LYS YD 109 69.98 96.26 -46.46
CA LYS YD 109 68.90 96.98 -45.80
C LYS YD 109 67.50 96.51 -46.16
N GLY YD 110 67.36 95.60 -47.12
CA GLY YD 110 66.04 95.13 -47.50
C GLY YD 110 65.22 96.13 -48.28
N VAL YD 111 65.85 97.05 -49.00
CA VAL YD 111 65.13 98.09 -49.73
C VAL YD 111 64.53 97.48 -50.99
N ILE YD 112 63.20 97.60 -51.12
CA ILE YD 112 62.48 97.06 -52.27
C ILE YD 112 61.82 98.14 -53.10
N HIS YD 113 61.94 99.41 -52.70
CA HIS YD 113 61.37 100.53 -53.44
C HIS YD 113 62.52 101.39 -53.98
N LEU YD 114 62.70 101.38 -55.30
CA LEU YD 114 63.82 102.11 -55.91
C LEU YD 114 63.32 103.43 -56.47
N SER YD 115 63.04 104.37 -55.56
CA SER YD 115 62.62 105.71 -55.93
C SER YD 115 63.83 106.60 -56.17
N ASP YD 116 63.71 107.51 -57.14
CA ASP YD 116 62.57 107.63 -58.06
C ASP YD 116 63.06 107.81 -59.48
N ALA YD 117 64.29 108.30 -59.62
CA ALA YD 117 64.88 108.53 -60.93
C ALA YD 117 65.33 107.23 -61.58
N LEU ZD 1 -40.79 122.08 47.93
CA LEU ZD 1 -41.31 120.88 47.29
C LEU ZD 1 -42.58 120.40 47.98
N SER ZD 2 -43.67 120.30 47.24
CA SER ZD 2 -44.95 119.88 47.77
C SER ZD 2 -45.66 119.00 46.76
N ILE ZD 3 -46.46 118.06 47.29
CA ILE ZD 3 -47.32 117.20 46.48
C ILE ZD 3 -48.72 117.35 47.07
N GLY ZD 4 -49.50 118.26 46.51
CA GLY ZD 4 -50.74 118.65 47.14
C GLY ZD 4 -50.50 119.55 48.33
N THR ZD 5 -50.87 119.09 49.53
CA THR ZD 5 -50.67 119.85 50.75
C THR ZD 5 -49.56 119.29 51.62
N LYS ZD 6 -48.79 118.33 51.10
CA LYS ZD 6 -47.73 117.66 51.86
C LYS ZD 6 -46.37 118.12 51.38
N ASN ZD 7 -45.50 118.49 52.33
CA ASN ZD 7 -44.13 118.88 52.02
C ASN ZD 7 -43.26 117.63 51.94
N VAL ZD 8 -42.46 117.54 50.88
CA VAL ZD 8 -41.61 116.39 50.63
C VAL ZD 8 -40.21 116.87 50.29
N SER ZD 9 -39.27 115.92 50.32
CA SER ZD 9 -37.89 116.16 49.92
C SER ZD 9 -37.46 115.03 49.00
N ILE ZD 10 -36.55 115.34 48.07
CA ILE ZD 10 -36.00 114.30 47.21
C ILE ZD 10 -35.29 113.28 48.08
N TYR ZD 11 -35.68 112.02 47.95
CA TYR ZD 11 -35.08 110.93 48.71
C TYR ZD 11 -34.25 110.00 47.85
N ARG ZD 12 -34.76 109.59 46.69
CA ARG ZD 12 -34.05 108.72 45.78
C ARG ZD 12 -34.25 109.22 44.36
N ASN ZD 13 -33.16 109.24 43.59
CA ASN ZD 13 -33.18 109.75 42.22
C ASN ZD 13 -32.66 108.67 41.29
N THR ZD 14 -33.45 108.32 40.29
CA THR ZD 14 -33.00 107.43 39.23
C THR ZD 14 -33.33 108.06 37.87
N ALA ZD 15 -33.00 107.35 36.80
CA ALA ZD 15 -33.20 107.93 35.46
C ALA ZD 15 -34.68 108.18 35.18
N ASP ZD 16 -35.54 107.22 35.53
CA ASP ZD 16 -36.96 107.32 35.23
C ASP ZD 16 -37.85 107.26 36.45
N GLU ZD 17 -37.30 107.44 37.65
CA GLU ZD 17 -38.11 107.40 38.86
C GLU ZD 17 -37.46 108.25 39.93
N VAL ZD 18 -38.27 109.07 40.60
CA VAL ZD 18 -37.85 109.86 41.75
C VAL ZD 18 -38.76 109.52 42.92
N ILE ZD 19 -38.15 109.21 44.06
CA ILE ZD 19 -38.89 108.95 45.29
C ILE ZD 19 -38.75 110.17 46.20
N TYR ZD 20 -39.88 110.66 46.71
CA TYR ZD 20 -39.91 111.76 47.65
C TYR ZD 20 -40.34 111.23 49.01
N ALA ZD 21 -39.77 111.79 50.07
CA ALA ZD 21 -40.04 111.36 51.44
C ALA ZD 21 -40.86 112.41 52.17
N GLY ZD 22 -41.88 111.97 52.89
CA GLY ZD 22 -42.69 112.84 53.69
C GLY ZD 22 -42.05 113.13 55.03
N PRO ZD 23 -42.71 113.95 55.84
CA PRO ZD 23 -42.14 114.33 57.15
C PRO ZD 23 -42.01 113.16 58.12
N ALA ZD 24 -42.76 112.07 57.92
CA ALA ZD 24 -42.77 110.96 58.86
C ALA ZD 24 -41.92 109.79 58.40
N HIS ZD 25 -41.12 109.95 57.35
CA HIS ZD 25 -40.31 108.86 56.83
C HIS ZD 25 -38.98 108.78 57.58
N ASP ZD 26 -38.68 107.60 58.10
CA ASP ZD 26 -37.39 107.33 58.73
C ASP ZD 26 -37.10 105.84 58.56
N VAL ZD 27 -36.15 105.33 59.35
CA VAL ZD 27 -35.70 103.95 59.25
C VAL ZD 27 -36.84 103.00 59.63
N THR ZD 28 -37.75 103.46 60.48
CA THR ZD 28 -38.83 102.61 60.98
C THR ZD 28 -40.17 102.83 60.30
N ASN ZD 29 -40.47 104.06 59.87
CA ASN ZD 29 -41.78 104.38 59.30
C ASN ZD 29 -41.61 104.79 57.85
N VAL ZD 30 -42.52 104.30 57.00
CA VAL ZD 30 -42.51 104.62 55.58
C VAL ZD 30 -43.54 105.71 55.31
N ASP ZD 31 -43.09 106.79 54.67
CA ASP ZD 31 -43.98 107.85 54.21
C ASP ZD 31 -43.34 108.43 52.94
N THR ZD 32 -43.72 107.89 51.79
CA THR ZD 32 -43.07 108.23 50.54
C THR ZD 32 -44.09 108.40 49.43
N VAL ZD 33 -43.75 109.27 48.48
CA VAL ZD 33 -44.47 109.40 47.21
C VAL ZD 33 -43.45 109.24 46.09
N SER ZD 34 -43.72 108.33 45.17
CA SER ZD 34 -42.81 108.02 44.07
C SER ZD 34 -43.43 108.40 42.74
N LEU ZD 35 -42.64 109.06 41.90
CA LEU ZD 35 -43.04 109.45 40.55
C LEU ZD 35 -42.22 108.66 39.56
N ARG ZD 36 -42.90 107.88 38.71
CA ARG ZD 36 -42.24 107.03 37.74
C ARG ZD 36 -42.83 107.27 36.36
N ARG ZD 37 -41.99 107.20 35.34
CA ARG ZD 37 -42.41 107.39 33.97
C ARG ZD 37 -41.88 106.26 33.10
N SER ZD 38 -42.66 105.91 32.08
CA SER ZD 38 -42.25 104.97 31.04
C SER ZD 38 -42.38 105.71 29.71
N LEU ZD 39 -41.27 106.22 29.22
CA LEU ZD 39 -41.29 107.02 28.01
C LEU ZD 39 -41.65 106.15 26.80
N PRO ZD 40 -42.40 106.70 25.85
CA PRO ZD 40 -42.82 105.91 24.70
C PRO ZD 40 -41.64 105.45 23.86
N VAL ZD 41 -41.75 104.23 23.35
CA VAL ZD 41 -40.81 103.70 22.37
C VAL ZD 41 -41.58 103.54 21.07
N LYS ZD 42 -41.16 104.28 20.04
CA LYS ZD 42 -41.88 104.34 18.77
C LYS ZD 42 -41.34 103.28 17.84
N LYS ZD 43 -41.52 102.02 18.24
CA LYS ZD 43 -41.10 100.87 17.46
C LYS ZD 43 -42.02 100.70 16.26
N GLY ZD 44 -41.43 100.18 15.17
CA GLY ZD 44 -42.16 99.98 13.94
C GLY ZD 44 -42.91 101.21 13.46
N SER ZD 45 -44.23 101.11 13.39
CA SER ZD 45 -45.08 102.24 13.05
C SER ZD 45 -45.83 102.82 14.23
N ASP ZD 46 -46.13 102.01 15.25
CA ASP ZD 46 -46.81 102.51 16.44
C ASP ZD 46 -45.91 103.47 17.19
N ASN ZD 47 -46.47 104.61 17.59
CA ASN ZD 47 -45.69 105.64 18.27
C ASN ZD 47 -45.53 105.39 19.76
N GLY ZD 48 -46.06 104.28 20.27
CA GLY ZD 48 -45.87 103.93 21.66
C GLY ZD 48 -46.84 104.63 22.59
N THR ZD 49 -46.66 104.35 23.88
CA THR ZD 49 -47.53 104.88 24.92
C THR ZD 49 -46.69 105.51 26.02
N MET ZD 50 -47.17 106.62 26.56
CA MET ZD 50 -46.54 107.27 27.70
C MET ZD 50 -47.24 106.81 28.97
N ARG ZD 51 -46.48 106.17 29.87
CA ARG ZD 51 -47.02 105.61 31.10
C ARG ZD 51 -46.47 106.38 32.29
N GLY ZD 52 -47.35 107.10 32.99
CA GLY ZD 52 -46.95 107.83 34.17
C GLY ZD 52 -47.56 107.26 35.43
N ASN ZD 53 -46.73 106.86 36.39
CA ASN ZD 53 -47.18 106.21 37.62
C ASN ZD 53 -46.80 107.06 38.82
N MET ZD 54 -47.77 107.29 39.71
CA MET ZD 54 -47.54 107.95 40.98
C MET ZD 54 -47.87 106.96 42.10
N ASN ZD 55 -46.93 106.79 43.03
CA ASN ZD 55 -47.00 105.78 44.08
C ASN ZD 55 -47.10 106.46 45.43
N PHE ZD 56 -48.04 106.00 46.26
CA PHE ZD 56 -48.17 106.45 47.64
C PHE ZD 56 -47.98 105.26 48.56
N ALA ZD 57 -47.04 105.38 49.50
CA ALA ZD 57 -46.71 104.29 50.41
C ALA ZD 57 -46.71 104.81 51.83
N LYS ZD 58 -47.31 104.04 52.74
CA LYS ZD 58 -47.39 104.44 54.15
C LYS ZD 58 -47.46 103.19 55.01
N SER ZD 59 -46.58 103.12 56.01
CA SER ZD 59 -46.63 102.03 56.97
C SER ZD 59 -47.73 102.27 57.99
N PHE ZD 60 -48.39 101.18 58.39
CA PHE ZD 60 -49.51 101.24 59.32
C PHE ZD 60 -49.33 100.18 60.38
N PRO ZD 61 -49.85 100.42 61.59
CA PRO ZD 61 -49.83 99.37 62.63
C PRO ZD 61 -50.75 98.22 62.25
N ASN ZD 62 -50.19 97.01 62.23
CA ASN ZD 62 -50.94 95.80 61.91
C ASN ZD 62 -50.65 94.80 63.02
N GLY ZD 63 -51.43 94.88 64.09
CA GLY ZD 63 -51.14 94.07 65.26
C GLY ZD 63 -49.82 94.49 65.87
N ASP ZD 64 -48.91 93.52 66.04
CA ASP ZD 64 -47.60 93.80 66.58
C ASP ZD 64 -46.61 94.27 65.50
N LYS ZD 65 -46.84 93.91 64.25
CA LYS ZD 65 -45.94 94.25 63.16
C LYS ZD 65 -46.44 95.53 62.47
N LYS ZD 66 -45.78 95.89 61.37
CA LYS ZD 66 -46.18 97.02 60.55
C LYS ZD 66 -46.47 96.54 59.13
N SER ZD 67 -47.47 97.15 58.50
CA SER ZD 67 -47.90 96.78 57.17
C SER ZD 67 -47.85 97.98 56.25
N LEU ZD 68 -47.50 97.74 54.99
CA LEU ZD 68 -47.37 98.79 53.99
C LEU ZD 68 -48.65 98.88 53.17
N VAL ZD 69 -49.29 100.04 53.19
CA VAL ZD 69 -50.44 100.33 52.34
C VAL ZD 69 -49.98 101.17 51.17
N VAL ZD 70 -50.25 100.69 49.95
CA VAL ZD 70 -49.75 101.31 48.73
C VAL ZD 70 -50.95 101.72 47.87
N VAL ZD 71 -50.93 102.95 47.39
CA VAL ZD 71 -51.93 103.45 46.45
C VAL ZD 71 -51.23 103.85 45.17
N ASN ZD 72 -51.69 103.33 44.04
CA ASN ZD 72 -51.10 103.57 42.74
C ASN ZD 72 -52.07 104.33 41.86
N LEU ZD 73 -51.55 105.30 41.12
CA LEU ZD 73 -52.33 106.06 40.13
C LEU ZD 73 -51.52 106.13 38.85
N THR ZD 74 -51.93 105.38 37.84
CA THR ZD 74 -51.19 105.25 36.58
C THR ZD 74 -52.05 105.74 35.43
N ALA ZD 75 -51.45 106.55 34.55
CA ALA ZD 75 -52.10 107.02 33.35
C ALA ZD 75 -51.43 106.40 32.13
N HIS ZD 76 -52.23 105.95 31.18
CA HIS ZD 76 -51.74 105.37 29.93
C HIS ZD 76 -52.27 106.22 28.78
N VAL ZD 77 -51.41 107.10 28.26
CA VAL ZD 77 -51.77 108.03 27.21
C VAL ZD 77 -51.02 107.64 25.94
N PRO ZD 78 -51.71 107.11 24.91
CA PRO ZD 78 -51.01 106.80 23.66
C PRO ZD 78 -50.52 108.06 22.96
N VAL ZD 79 -49.42 107.92 22.23
CA VAL ZD 79 -48.80 109.06 21.58
C VAL ZD 79 -49.63 109.50 20.39
N GLY ZD 80 -49.89 110.80 20.29
CA GLY ZD 80 -50.72 111.39 19.27
C GLY ZD 80 -52.01 111.98 19.79
N VAL ZD 81 -52.50 111.48 20.92
CA VAL ZD 81 -53.69 112.03 21.55
C VAL ZD 81 -53.37 113.42 22.07
N ASP ZD 82 -54.31 114.34 21.87
CA ASP ZD 82 -54.13 115.71 22.33
C ASP ZD 82 -53.99 115.74 23.85
N ALA ZD 83 -52.89 116.33 24.32
CA ALA ZD 83 -52.64 116.41 25.76
C ALA ZD 83 -53.68 117.27 26.46
N THR ZD 84 -54.09 118.37 25.82
CA THR ZD 84 -55.08 119.25 26.44
C THR ZD 84 -56.42 118.55 26.60
N ALA ZD 85 -56.82 117.74 25.61
CA ALA ZD 85 -58.07 117.00 25.72
C ALA ZD 85 -58.01 115.98 26.84
N VAL ZD 86 -56.85 115.32 27.02
CA VAL ZD 86 -56.70 114.34 28.08
C VAL ZD 86 -56.72 115.02 29.44
N ARG ZD 87 -56.04 116.16 29.57
CA ARG ZD 87 -55.99 116.86 30.86
C ARG ZD 87 -57.37 117.32 31.30
N THR ZD 88 -58.18 117.81 30.35
CA THR ZD 88 -59.55 118.20 30.70
C THR ZD 88 -60.37 117.00 31.15
N TRP ZD 89 -60.19 115.86 30.48
CA TRP ZD 89 -60.91 114.65 30.88
C TRP ZD 89 -60.49 114.18 32.27
N MET ZD 90 -59.18 114.21 32.56
CA MET ZD 90 -58.70 113.78 33.87
C MET ZD 90 -59.21 114.70 34.98
N THR ZD 91 -59.21 116.01 34.73
CA THR ZD 91 -59.59 116.96 35.77
C THR ZD 91 -61.08 116.89 36.10
N SER ZD 92 -61.93 116.80 35.07
CA SER ZD 92 -63.37 116.89 35.28
C SER ZD 92 -64.06 115.54 35.42
N GLU ZD 93 -63.45 114.47 34.93
CA GLU ZD 93 -64.13 113.17 34.89
C GLU ZD 93 -63.45 112.13 35.76
N VAL ZD 94 -62.12 112.09 35.79
CA VAL ZD 94 -61.42 111.06 36.54
C VAL ZD 94 -61.15 111.52 37.96
N PHE ZD 95 -60.66 112.75 38.13
CA PHE ZD 95 -60.27 113.23 39.44
C PHE ZD 95 -61.43 113.25 40.45
N PRO ZD 96 -62.61 113.77 40.13
CA PRO ZD 96 -63.71 113.69 41.11
C PRO ZD 96 -64.11 112.27 41.44
N GLY ZD 97 -64.04 111.34 40.48
CA GLY ZD 97 -64.41 109.97 40.76
C GLY ZD 97 -63.38 109.19 41.54
N ALA ZD 98 -62.10 109.53 41.36
CA ALA ZD 98 -61.01 108.84 42.04
C ALA ZD 98 -60.79 109.36 43.45
N THR ZD 99 -61.51 110.39 43.88
CA THR ZD 99 -61.38 110.94 45.22
C THR ZD 99 -62.71 110.90 45.97
N SER ZD 100 -63.66 110.11 45.49
CA SER ZD 100 -64.97 110.03 46.12
C SER ZD 100 -64.99 108.89 47.14
N SER ZD 101 -66.13 108.72 47.80
CA SER ZD 101 -66.29 107.61 48.73
C SER ZD 101 -66.26 106.26 48.02
N VAL ZD 102 -66.47 106.24 46.71
CA VAL ZD 102 -66.37 104.99 45.95
C VAL ZD 102 -64.97 104.43 46.04
N THR ZD 103 -63.96 105.29 45.89
CA THR ZD 103 -62.57 104.84 46.04
C THR ZD 103 -62.29 104.37 47.46
N LEU ZD 104 -62.82 105.09 48.46
CA LEU ZD 104 -62.58 104.72 49.84
C LEU ZD 104 -63.18 103.35 50.17
N ASP ZD 105 -64.39 103.08 49.69
CA ASP ZD 105 -65.03 101.81 49.99
C ASP ZD 105 -64.37 100.66 49.24
N LEU ZD 106 -63.91 100.90 48.02
CA LEU ZD 106 -63.26 99.85 47.25
C LEU ZD 106 -61.93 99.45 47.88
N ALA ZD 107 -61.17 100.42 48.38
CA ALA ZD 107 -59.86 100.12 48.93
C ALA ZD 107 -59.96 99.41 50.27
N THR ZD 108 -60.83 99.89 51.17
CA THR ZD 108 -60.87 99.39 52.53
C THR ZD 108 -61.98 98.36 52.78
N LYS ZD 109 -62.93 98.21 51.86
CA LYS ZD 109 -63.99 97.24 52.03
C LYS ZD 109 -64.20 96.35 50.81
N GLY ZD 110 -63.54 96.63 49.70
CA GLY ZD 110 -63.74 95.85 48.49
C GLY ZD 110 -65.11 95.98 47.88
N VAL ZD 111 -65.70 97.17 47.95
CA VAL ZD 111 -67.05 97.39 47.44
C VAL ZD 111 -66.98 97.76 45.96
N ILE ZD 112 -67.61 96.95 45.11
CA ILE ZD 112 -67.65 97.18 43.67
C ILE ZD 112 -69.05 97.51 43.17
N HIS ZD 113 -70.04 97.57 44.05
CA HIS ZD 113 -71.40 97.95 43.70
C HIS ZD 113 -71.71 99.28 44.37
N LEU ZD 114 -71.83 100.35 43.58
CA LEU ZD 114 -72.11 101.67 44.14
C LEU ZD 114 -73.61 101.95 44.07
N SER ZD 115 -74.37 101.06 44.70
CA SER ZD 115 -75.81 101.27 44.82
C SER ZD 115 -76.11 102.37 45.84
N ASP ZD 116 -77.20 103.10 45.61
CA ASP ZD 116 -78.08 103.04 44.45
C ASP ZD 116 -78.44 104.44 43.97
N ALA ZD 117 -78.15 105.44 44.81
CA ALA ZD 117 -78.51 106.83 44.51
C ALA ZD 117 -77.77 107.34 43.28
N LEU AE 1 -77.37 106.39 40.23
CA LEU AE 1 -76.10 105.69 40.10
C LEU AE 1 -75.05 106.62 39.50
N SER AE 2 -74.11 107.07 40.34
CA SER AE 2 -73.10 108.02 39.90
C SER AE 2 -71.76 107.67 40.53
N ILE AE 3 -70.70 107.97 39.78
CA ILE AE 3 -69.32 107.87 40.28
C ILE AE 3 -68.71 109.25 40.13
N GLY AE 4 -68.43 109.90 41.25
CA GLY AE 4 -67.99 111.28 41.22
C GLY AE 4 -69.09 112.19 40.68
N THR AE 5 -68.78 112.95 39.64
CA THR AE 5 -69.76 113.79 38.98
C THR AE 5 -70.38 113.13 37.76
N LYS AE 6 -69.98 111.91 37.43
CA LYS AE 6 -70.47 111.20 36.25
C LYS AE 6 -71.55 110.22 36.65
N ASN AE 7 -72.72 110.34 36.04
CA ASN AE 7 -73.76 109.32 36.17
C ASN AE 7 -73.43 108.15 35.27
N VAL AE 8 -73.52 106.94 35.81
CA VAL AE 8 -73.18 105.73 35.09
C VAL AE 8 -74.31 104.72 35.26
N SER AE 9 -74.22 103.64 34.47
CA SER AE 9 -75.14 102.54 34.56
C SER AE 9 -74.36 101.23 34.52
N ILE AE 10 -74.95 100.17 35.08
CA ILE AE 10 -74.29 98.87 35.07
C ILE AE 10 -74.20 98.36 33.65
N TYR AE 11 -73.00 98.01 33.23
CA TYR AE 11 -72.75 97.51 31.89
C TYR AE 11 -72.38 96.03 31.87
N ARG AE 12 -71.44 95.61 32.72
CA ARG AE 12 -71.08 94.21 32.84
C ARG AE 12 -70.81 93.92 34.30
N ASN AE 13 -71.21 92.72 34.74
CA ASN AE 13 -71.22 92.38 36.16
C ASN AE 13 -70.68 90.95 36.31
N THR AE 14 -69.47 90.83 36.84
CA THR AE 14 -68.89 89.56 37.22
C THR AE 14 -68.75 89.50 38.75
N ALA AE 15 -68.15 88.41 39.23
CA ALA AE 15 -68.05 88.21 40.67
C ALA AE 15 -67.18 89.26 41.33
N ASP AE 16 -66.03 89.58 40.74
CA ASP AE 16 -65.08 90.50 41.34
C ASP AE 16 -64.89 91.77 40.53
N GLU AE 17 -65.62 91.94 39.42
CA GLU AE 17 -65.51 93.14 38.62
C GLU AE 17 -66.88 93.57 38.13
N VAL AE 18 -67.19 94.85 38.29
CA VAL AE 18 -68.40 95.45 37.74
C VAL AE 18 -67.96 96.60 36.85
N ILE AE 19 -68.34 96.53 35.57
CA ILE AE 19 -68.02 97.58 34.61
C ILE AE 19 -69.24 98.49 34.47
N TYR AE 20 -69.02 99.79 34.65
CA TYR AE 20 -70.07 100.78 34.49
C TYR AE 20 -69.79 101.60 33.23
N ALA AE 21 -70.87 102.03 32.58
CA ALA AE 21 -70.78 102.73 31.31
C ALA AE 21 -71.22 104.17 31.48
N GLY AE 22 -70.45 105.09 30.90
CA GLY AE 22 -70.82 106.48 30.88
C GLY AE 22 -71.95 106.74 29.92
N PRO AE 23 -72.53 107.94 29.97
CA PRO AE 23 -73.66 108.23 29.07
C PRO AE 23 -73.28 108.15 27.60
N ALA AE 24 -72.04 108.47 27.25
CA ALA AE 24 -71.59 108.44 25.87
C ALA AE 24 -71.15 107.06 25.40
N HIS AE 25 -70.97 106.11 26.32
CA HIS AE 25 -70.46 104.80 25.94
C HIS AE 25 -71.38 104.12 24.93
N ASP AE 26 -70.78 103.54 23.90
CA ASP AE 26 -71.52 102.86 22.85
C ASP AE 26 -70.61 101.80 22.23
N VAL AE 27 -71.04 101.27 21.09
CA VAL AE 27 -70.29 100.20 20.42
C VAL AE 27 -68.98 100.66 19.83
N THR AE 28 -68.82 101.97 19.59
CA THR AE 28 -67.57 102.50 19.04
C THR AE 28 -66.89 103.53 19.92
N ASN AE 29 -67.58 104.10 20.90
CA ASN AE 29 -67.00 105.05 21.85
C ASN AE 29 -66.93 104.36 23.22
N VAL AE 30 -65.73 104.33 23.79
CA VAL AE 30 -65.52 103.72 25.11
C VAL AE 30 -65.57 104.82 26.16
N ASP AE 31 -66.50 104.68 27.11
CA ASP AE 31 -66.56 105.54 28.29
C ASP AE 31 -67.00 104.66 29.45
N THR AE 32 -66.03 104.08 30.16
CA THR AE 32 -66.31 103.09 31.18
C THR AE 32 -65.50 103.36 32.44
N VAL AE 33 -66.09 103.02 33.57
CA VAL AE 33 -65.40 103.01 34.87
C VAL AE 33 -65.55 101.60 35.42
N SER AE 34 -64.42 100.92 35.60
CA SER AE 34 -64.42 99.56 36.13
C SER AE 34 -64.02 99.56 37.60
N LEU AE 35 -64.75 98.78 38.40
CA LEU AE 35 -64.38 98.50 39.78
C LEU AE 35 -64.02 97.03 39.88
N ARG AE 36 -62.74 96.75 40.10
CA ARG AE 36 -62.23 95.40 40.22
C ARG AE 36 -61.60 95.22 41.59
N ARG AE 37 -61.78 94.04 42.16
CA ARG AE 37 -61.20 93.74 43.47
C ARG AE 37 -60.52 92.38 43.42
N SER AE 38 -59.50 92.22 44.25
CA SER AE 38 -58.86 90.94 44.49
C SER AE 38 -58.96 90.66 45.99
N LEU AE 39 -59.77 89.67 46.34
CA LEU AE 39 -60.01 89.39 47.74
C LEU AE 39 -58.76 88.81 48.41
N PRO AE 40 -58.55 89.10 49.70
CA PRO AE 40 -57.36 88.59 50.38
C PRO AE 40 -57.37 87.07 50.44
N VAL AE 41 -56.25 86.48 50.03
CA VAL AE 41 -56.05 85.04 50.12
C VAL AE 41 -55.13 84.78 51.30
N LYS AE 42 -55.66 84.12 52.33
CA LYS AE 42 -54.93 83.88 53.57
C LYS AE 42 -54.01 82.68 53.35
N LYS AE 43 -52.74 82.95 53.10
CA LYS AE 43 -51.75 81.93 52.80
C LYS AE 43 -50.64 81.99 53.84
N GLY AE 44 -50.23 80.82 54.33
CA GLY AE 44 -49.22 80.78 55.38
C GLY AE 44 -49.69 81.52 56.61
N SER AE 45 -48.76 82.21 57.27
CA SER AE 45 -49.11 83.08 58.38
C SER AE 45 -49.59 84.45 57.94
N ASP AE 46 -49.42 84.79 56.67
CA ASP AE 46 -49.87 86.06 56.14
C ASP AE 46 -51.36 86.00 55.83
N ASN AE 47 -52.10 87.00 56.29
CA ASN AE 47 -53.54 87.02 56.09
C ASN AE 47 -53.95 87.53 54.71
N GLY AE 48 -53.00 87.96 53.89
CA GLY AE 48 -53.31 88.41 52.55
C GLY AE 48 -53.49 89.91 52.46
N THR AE 49 -53.86 90.35 51.26
CA THR AE 49 -53.99 91.76 50.95
C THR AE 49 -55.22 91.99 50.09
N MET AE 50 -55.99 93.02 50.43
CA MET AE 50 -57.10 93.45 49.60
C MET AE 50 -56.58 94.37 48.50
N ARG AE 51 -56.83 94.01 47.25
CA ARG AE 51 -56.48 94.85 46.11
C ARG AE 51 -57.76 95.40 45.49
N GLY AE 52 -57.83 96.73 45.41
CA GLY AE 52 -58.95 97.37 44.74
C GLY AE 52 -58.50 98.24 43.60
N ASN AE 53 -58.98 97.96 42.39
CA ASN AE 53 -58.56 98.68 41.19
C ASN AE 53 -59.73 99.47 40.63
N MET AE 54 -59.49 100.74 40.36
CA MET AE 54 -60.46 101.63 39.72
C MET AE 54 -59.93 102.01 38.35
N ASN AE 55 -60.60 101.55 37.31
CA ASN AE 55 -60.13 101.71 35.93
C ASN AE 55 -61.02 102.72 35.20
N PHE AE 56 -60.40 103.75 34.64
CA PHE AE 56 -61.08 104.73 33.80
C PHE AE 56 -60.59 104.55 32.37
N ALA AE 57 -61.52 104.32 31.45
CA ALA AE 57 -61.20 104.14 30.04
C ALA AE 57 -62.00 105.13 29.22
N LYS AE 58 -61.34 105.74 28.24
CA LYS AE 58 -61.99 106.71 27.36
C LYS AE 58 -61.34 106.67 25.99
N SER AE 59 -62.16 106.67 24.95
CA SER AE 59 -61.68 106.73 23.58
C SER AE 59 -61.38 108.18 23.20
N PHE AE 60 -60.28 108.37 22.49
CA PHE AE 60 -59.83 109.69 22.10
C PHE AE 60 -59.44 109.71 20.63
N PRO AE 61 -59.66 110.81 19.94
CA PRO AE 61 -59.15 110.94 18.56
C PRO AE 61 -57.63 110.99 18.56
N ASN AE 62 -57.02 110.06 17.82
CA ASN AE 62 -55.57 110.01 17.65
C ASN AE 62 -55.31 110.06 16.16
N GLY AE 63 -55.21 111.28 15.62
CA GLY AE 63 -55.08 111.46 14.19
C GLY AE 63 -56.30 110.99 13.45
N ASP AE 64 -56.16 109.91 12.69
CA ASP AE 64 -57.28 109.34 11.95
C ASP AE 64 -58.03 108.28 12.72
N LYS AE 65 -57.33 107.47 13.51
CA LYS AE 65 -57.94 106.40 14.27
C LYS AE 65 -58.25 106.88 15.68
N LYS AE 66 -58.63 105.95 16.55
CA LYS AE 66 -58.97 106.25 17.93
C LYS AE 66 -58.06 105.48 18.87
N SER AE 67 -57.64 106.14 19.95
CA SER AE 67 -56.78 105.55 20.96
C SER AE 67 -57.52 105.51 22.30
N LEU AE 68 -57.19 104.52 23.11
CA LEU AE 68 -57.80 104.34 24.42
C LEU AE 68 -56.87 104.90 25.49
N VAL AE 69 -57.34 105.92 26.21
CA VAL AE 69 -56.61 106.48 27.35
C VAL AE 69 -57.14 105.82 28.62
N VAL AE 70 -56.23 105.27 29.42
CA VAL AE 70 -56.59 104.49 30.61
C VAL AE 70 -55.94 105.13 31.82
N VAL AE 71 -56.73 105.31 32.88
CA VAL AE 71 -56.23 105.74 34.18
C VAL AE 71 -56.63 104.69 35.20
N ASN AE 72 -55.64 104.16 35.92
CA ASN AE 72 -55.88 103.13 36.92
C ASN AE 72 -55.57 103.69 38.31
N LEU AE 73 -56.45 103.40 39.27
CA LEU AE 73 -56.22 103.71 40.67
C LEU AE 73 -56.30 102.39 41.45
N THR AE 74 -55.17 101.96 42.01
CA THR AE 74 -55.07 100.69 42.70
C THR AE 74 -54.60 100.92 44.13
N ALA AE 75 -55.22 100.23 45.08
CA ALA AE 75 -54.84 100.26 46.47
C ALA AE 75 -54.55 98.86 46.97
N HIS AE 76 -53.50 98.72 47.78
CA HIS AE 76 -53.12 97.45 48.38
C HIS AE 76 -53.16 97.60 49.90
N VAL AE 77 -54.22 97.10 50.51
CA VAL AE 77 -54.44 97.21 51.95
C VAL AE 77 -54.26 95.83 52.57
N PRO AE 78 -53.22 95.60 53.37
CA PRO AE 78 -53.07 94.30 54.02
C PRO AE 78 -54.14 94.07 55.08
N VAL AE 79 -54.52 92.80 55.25
CA VAL AE 79 -55.49 92.45 56.28
C VAL AE 79 -54.89 92.67 57.66
N GLY AE 80 -55.68 93.27 58.56
CA GLY AE 80 -55.27 93.55 59.91
C GLY AE 80 -55.03 95.02 60.19
N VAL AE 81 -54.98 95.84 59.15
CA VAL AE 81 -54.80 97.28 59.32
C VAL AE 81 -56.15 97.92 59.64
N ASP AE 82 -56.11 98.98 60.44
CA ASP AE 82 -57.33 99.71 60.76
C ASP AE 82 -57.84 100.44 59.52
N ALA AE 83 -59.10 100.14 59.14
CA ALA AE 83 -59.65 100.71 57.92
C ALA AE 83 -59.93 102.20 58.06
N THR AE 84 -60.30 102.65 59.25
CA THR AE 84 -60.53 104.08 59.46
C THR AE 84 -59.23 104.86 59.31
N ALA AE 85 -58.12 104.32 59.80
CA ALA AE 85 -56.83 104.98 59.67
C ALA AE 85 -56.43 105.12 58.20
N VAL AE 86 -56.65 104.07 57.41
CA VAL AE 86 -56.29 104.12 55.99
C VAL AE 86 -57.16 105.13 55.25
N ARG AE 87 -58.45 105.18 55.58
CA ARG AE 87 -59.34 106.13 54.93
C ARG AE 87 -58.95 107.57 55.22
N THR AE 88 -58.55 107.84 56.47
CA THR AE 88 -58.11 109.19 56.82
C THR AE 88 -56.83 109.57 56.10
N TRP AE 89 -55.89 108.63 55.97
CA TRP AE 89 -54.67 108.88 55.22
C TRP AE 89 -54.96 109.12 53.75
N MET AE 90 -55.84 108.32 53.16
CA MET AE 90 -56.16 108.46 51.75
C MET AE 90 -56.83 109.79 51.44
N THR AE 91 -57.72 110.23 52.33
CA THR AE 91 -58.46 111.48 52.09
C THR AE 91 -57.56 112.70 52.20
N SER AE 92 -56.70 112.74 53.22
CA SER AE 92 -55.92 113.94 53.49
C SER AE 92 -54.58 113.99 52.78
N GLU AE 93 -54.03 112.85 52.39
CA GLU AE 93 -52.69 112.81 51.84
C GLU AE 93 -52.60 112.24 50.44
N VAL AE 94 -53.37 111.20 50.13
CA VAL AE 94 -53.31 110.60 48.80
C VAL AE 94 -54.13 111.40 47.80
N PHE AE 95 -55.38 111.71 48.17
CA PHE AE 95 -56.29 112.37 47.23
C PHE AE 95 -55.81 113.75 46.80
N PRO AE 96 -55.38 114.65 47.69
CA PRO AE 96 -54.91 115.96 47.21
C PRO AE 96 -53.72 115.87 46.27
N GLY AE 97 -52.79 114.95 46.51
CA GLY AE 97 -51.64 114.83 45.64
C GLY AE 97 -51.92 114.10 44.35
N ALA AE 98 -52.87 113.18 44.35
CA ALA AE 98 -53.20 112.42 43.15
C ALA AE 98 -53.98 113.25 42.14
N THR AE 99 -54.65 114.31 42.59
CA THR AE 99 -55.43 115.18 41.70
C THR AE 99 -54.81 116.56 41.56
N SER AE 100 -53.49 116.62 41.53
CA SER AE 100 -52.77 117.87 41.41
C SER AE 100 -52.22 118.04 40.00
N SER AE 101 -51.54 119.16 39.76
CA SER AE 101 -50.85 119.35 38.48
C SER AE 101 -49.69 118.39 38.30
N VAL AE 102 -49.21 117.78 39.40
CA VAL AE 102 -48.16 116.77 39.28
C VAL AE 102 -48.65 115.57 38.48
N THR AE 103 -49.88 115.15 38.72
CA THR AE 103 -50.46 114.05 37.94
C THR AE 103 -50.58 114.42 36.48
N LEU AE 104 -51.05 115.64 36.20
CA LEU AE 104 -51.20 116.08 34.81
C LEU AE 104 -49.86 116.24 34.12
N ASP AE 105 -48.87 116.81 34.81
CA ASP AE 105 -47.56 117.01 34.20
C ASP AE 105 -46.84 115.68 33.98
N LEU AE 106 -47.05 114.72 34.89
CA LEU AE 106 -46.45 113.40 34.70
C LEU AE 106 -47.07 112.67 33.52
N ALA AE 107 -48.40 112.81 33.35
CA ALA AE 107 -49.08 112.07 32.28
C ALA AE 107 -48.70 112.60 30.91
N THR AE 108 -48.72 113.91 30.71
CA THR AE 108 -48.58 114.49 29.39
C THR AE 108 -47.19 115.03 29.10
N LYS AE 109 -46.31 115.12 30.10
CA LYS AE 109 -44.95 115.60 29.86
C LYS AE 109 -43.86 114.70 30.42
N GLY AE 110 -44.18 113.66 31.18
CA GLY AE 110 -43.16 112.84 31.79
C GLY AE 110 -42.33 113.55 32.82
N VAL AE 111 -42.92 114.48 33.57
CA VAL AE 111 -42.19 115.22 34.59
C VAL AE 111 -42.18 114.42 35.88
N ILE AE 112 -40.98 114.03 36.33
CA ILE AE 112 -40.82 113.32 37.59
C ILE AE 112 -40.03 114.12 38.61
N HIS AE 113 -39.37 115.19 38.20
CA HIS AE 113 -38.63 116.06 39.11
C HIS AE 113 -39.49 117.25 39.47
N LEU AE 114 -39.83 117.37 40.75
CA LEU AE 114 -40.72 118.42 41.23
C LEU AE 114 -39.95 119.73 41.41
N SER AE 115 -40.66 120.84 41.33
CA SER AE 115 -40.10 122.16 41.51
C SER AE 115 -41.19 123.14 41.89
N ASP AE 116 -40.83 124.17 42.65
CA ASP AE 116 -39.54 124.36 43.31
C ASP AE 116 -39.73 124.90 44.72
N ALA AE 117 -40.96 125.38 45.00
CA ALA AE 117 -41.26 125.99 46.28
C ALA AE 117 -42.17 125.12 47.12
N LEU BE 1 -102.81 91.59 1.37
CA LEU BE 1 -101.78 90.92 2.16
C LEU BE 1 -101.06 91.91 3.07
N SER BE 2 -101.34 91.81 4.37
CA SER BE 2 -100.75 92.71 5.36
C SER BE 2 -100.15 91.90 6.49
N ILE BE 3 -98.98 92.32 6.95
CA ILE BE 3 -98.37 91.81 8.17
C ILE BE 3 -98.18 93.02 9.08
N GLY BE 4 -99.15 93.27 9.95
CA GLY BE 4 -99.17 94.48 10.74
C GLY BE 4 -99.73 95.64 9.95
N THR BE 5 -98.94 96.70 9.76
CA THR BE 5 -99.32 97.81 8.91
C THR BE 5 -98.60 97.79 7.57
N LYS BE 6 -97.84 96.73 7.29
CA LYS BE 6 -97.04 96.64 6.07
C LYS BE 6 -97.77 95.83 5.01
N ASN BE 7 -97.80 96.36 3.80
CA ASN BE 7 -98.37 95.65 2.66
C ASN BE 7 -97.27 94.86 1.97
N VAL BE 8 -97.41 93.54 1.96
CA VAL BE 8 -96.38 92.64 1.44
C VAL BE 8 -96.99 91.80 0.32
N SER BE 9 -96.11 91.17 -0.45
CA SER BE 9 -96.51 90.24 -1.50
C SER BE 9 -95.66 88.98 -1.41
N ILE BE 10 -96.20 87.87 -1.91
CA ILE BE 10 -95.47 86.62 -1.89
C ILE BE 10 -94.23 86.74 -2.77
N TYR BE 11 -93.09 86.34 -2.24
CA TYR BE 11 -91.81 86.39 -2.94
C TYR BE 11 -91.21 85.03 -3.16
N ARG BE 12 -91.24 84.15 -2.16
CA ARG BE 12 -90.75 82.79 -2.29
C ARG BE 12 -91.68 81.89 -1.50
N ASN BE 13 -92.08 80.77 -2.10
CA ASN BE 13 -93.05 79.88 -1.50
C ASN BE 13 -92.50 78.47 -1.51
N THR BE 14 -92.11 77.98 -0.33
CA THR BE 14 -91.61 76.62 -0.15
C THR BE 14 -92.54 75.87 0.80
N ALA BE 15 -92.18 74.62 1.08
CA ALA BE 15 -93.05 73.75 1.87
C ALA BE 15 -93.27 74.29 3.27
N ASP BE 16 -92.20 74.79 3.91
CA ASP BE 16 -92.27 75.20 5.30
C ASP BE 16 -91.85 76.65 5.51
N GLU BE 17 -91.74 77.43 4.45
CA GLU BE 17 -91.32 78.82 4.58
C GLU BE 17 -91.87 79.63 3.42
N VAL BE 18 -92.50 80.75 3.73
CA VAL BE 18 -92.98 81.70 2.74
C VAL BE 18 -92.36 83.06 3.06
N ILE BE 19 -91.62 83.61 2.11
CA ILE BE 19 -90.98 84.90 2.27
C ILE BE 19 -91.88 85.95 1.63
N TYR BE 20 -92.20 87.00 2.38
CA TYR BE 20 -92.97 88.13 1.88
C TYR BE 20 -92.08 89.36 1.77
N ALA BE 21 -92.24 90.08 0.67
CA ALA BE 21 -91.40 91.23 0.36
C ALA BE 21 -92.18 92.52 0.57
N GLY BE 22 -91.56 93.48 1.23
CA GLY BE 22 -92.17 94.78 1.44
C GLY BE 22 -92.02 95.68 0.23
N PRO BE 23 -92.53 96.90 0.34
CA PRO BE 23 -92.46 97.83 -0.81
C PRO BE 23 -91.04 98.15 -1.24
N ALA BE 24 -90.08 98.16 -0.32
CA ALA BE 24 -88.71 98.58 -0.60
C ALA BE 24 -87.80 97.40 -0.94
N HIS BE 25 -88.35 96.21 -1.14
CA HIS BE 25 -87.55 95.05 -1.48
C HIS BE 25 -87.30 94.98 -2.98
N ASP BE 26 -86.07 94.69 -3.35
CA ASP BE 26 -85.66 94.58 -4.75
C ASP BE 26 -84.40 93.73 -4.82
N VAL BE 27 -83.71 93.76 -5.96
CA VAL BE 27 -82.52 92.95 -6.14
C VAL BE 27 -81.37 93.39 -5.23
N THR BE 28 -81.21 94.69 -4.99
CA THR BE 28 -80.09 95.18 -4.21
C THR BE 28 -80.44 95.54 -2.77
N ASN BE 29 -81.71 95.66 -2.42
CA ASN BE 29 -82.13 96.00 -1.07
C ASN BE 29 -83.03 94.91 -0.52
N VAL BE 30 -82.95 94.71 0.80
CA VAL BE 30 -83.69 93.66 1.49
C VAL BE 30 -84.77 94.31 2.35
N ASP BE 31 -86.02 93.94 2.08
CA ASP BE 31 -87.16 94.31 2.93
C ASP BE 31 -88.11 93.10 2.92
N THR BE 32 -87.94 92.20 3.87
CA THR BE 32 -88.66 90.94 3.84
C THR BE 32 -89.17 90.56 5.22
N VAL BE 33 -90.29 89.85 5.25
CA VAL BE 33 -90.80 89.19 6.44
C VAL BE 33 -91.04 87.73 6.08
N SER BE 34 -90.31 86.83 6.71
CA SER BE 34 -90.37 85.40 6.40
C SER BE 34 -91.09 84.66 7.51
N LEU BE 35 -92.10 83.88 7.13
CA LEU BE 35 -92.79 82.98 8.05
C LEU BE 35 -92.26 81.57 7.87
N ARG BE 36 -91.83 80.95 8.96
CA ARG BE 36 -91.26 79.62 8.92
C ARG BE 36 -91.94 78.75 9.98
N ARG BE 37 -91.89 77.44 9.77
CA ARG BE 37 -92.55 76.53 10.69
C ARG BE 37 -91.83 75.20 10.70
N SER BE 38 -91.95 74.49 11.82
CA SER BE 38 -91.46 73.12 11.96
C SER BE 38 -92.59 72.32 12.57
N LEU BE 39 -93.27 71.51 11.76
CA LEU BE 39 -94.43 70.78 12.21
C LEU BE 39 -94.05 69.70 13.20
N PRO BE 40 -94.93 69.37 14.14
CA PRO BE 40 -94.60 68.37 15.16
C PRO BE 40 -94.32 67.00 14.54
N VAL BE 41 -93.36 66.29 15.13
CA VAL BE 41 -93.00 64.95 14.72
C VAL BE 41 -93.30 64.02 15.89
N LYS BE 42 -94.15 63.01 15.65
CA LYS BE 42 -94.59 62.11 16.69
C LYS BE 42 -93.48 61.08 16.96
N LYS BE 43 -92.48 61.54 17.71
CA LYS BE 43 -91.34 60.69 18.07
C LYS BE 43 -91.67 59.92 19.34
N GLY BE 44 -91.77 58.60 19.23
CA GLY BE 44 -92.06 57.77 20.39
C GLY BE 44 -93.38 58.16 21.03
N SER BE 45 -93.35 58.37 22.34
CA SER BE 45 -94.54 58.78 23.08
C SER BE 45 -94.75 60.29 23.06
N ASP BE 46 -93.71 61.08 22.80
CA ASP BE 46 -93.85 62.51 22.71
C ASP BE 46 -94.59 62.88 21.43
N ASN BE 47 -95.60 63.74 21.55
CA ASN BE 47 -96.36 64.18 20.39
C ASN BE 47 -95.63 65.24 19.58
N GLY BE 48 -94.50 65.74 20.06
CA GLY BE 48 -93.73 66.72 19.32
C GLY BE 48 -93.97 68.14 19.80
N THR BE 49 -93.35 69.07 19.07
CA THR BE 49 -93.44 70.48 19.37
C THR BE 49 -93.74 71.24 18.10
N MET BE 50 -94.51 72.31 18.22
CA MET BE 50 -94.79 73.20 17.10
C MET BE 50 -93.89 74.42 17.20
N ARG BE 51 -93.04 74.61 16.21
CA ARG BE 51 -92.10 75.73 16.17
C ARG BE 51 -92.51 76.69 15.06
N GLY BE 52 -92.70 77.94 15.41
CA GLY BE 52 -93.02 78.98 14.44
C GLY BE 52 -92.01 80.11 14.53
N ASN BE 53 -91.48 80.51 13.38
CA ASN BE 53 -90.46 81.55 13.33
C ASN BE 53 -90.94 82.68 12.42
N MET BE 54 -90.88 83.91 12.93
CA MET BE 54 -91.13 85.11 12.14
C MET BE 54 -89.84 85.89 12.02
N ASN BE 55 -89.38 86.07 10.79
CA ASN BE 55 -88.09 86.69 10.51
C ASN BE 55 -88.30 88.04 9.85
N PHE BE 56 -87.68 89.08 10.40
CA PHE BE 56 -87.72 90.43 9.85
C PHE BE 56 -86.31 90.79 9.41
N ALA BE 57 -86.16 91.20 8.15
CA ALA BE 57 -84.86 91.56 7.61
C ALA BE 57 -84.98 92.88 6.85
N LYS BE 58 -84.02 93.77 7.08
CA LYS BE 58 -83.96 95.03 6.35
C LYS BE 58 -82.51 95.42 6.14
N SER BE 59 -82.25 96.02 4.99
CA SER BE 59 -80.94 96.57 4.67
C SER BE 59 -80.83 98.00 5.18
N PHE BE 60 -79.68 98.34 5.74
CA PHE BE 60 -79.46 99.64 6.33
C PHE BE 60 -78.12 100.21 5.87
N PRO BE 61 -78.02 101.53 5.72
CA PRO BE 61 -76.72 102.14 5.40
C PRO BE 61 -75.73 101.92 6.53
N ASN BE 62 -74.58 101.34 6.19
CA ASN BE 62 -73.50 101.08 7.14
C ASN BE 62 -72.23 101.66 6.55
N GLY BE 63 -72.00 102.95 6.78
CA GLY BE 63 -70.86 103.64 6.21
C GLY BE 63 -70.87 103.60 4.70
N ASP BE 64 -69.94 102.82 4.12
CA ASP BE 64 -69.86 102.71 2.68
C ASP BE 64 -70.80 101.64 2.14
N LYS BE 65 -70.92 100.52 2.86
CA LYS BE 65 -71.71 99.39 2.40
C LYS BE 65 -73.08 99.40 3.07
N LYS BE 66 -73.88 98.36 2.82
CA LYS BE 66 -75.21 98.20 3.40
C LYS BE 66 -75.21 96.95 4.26
N SER BE 67 -75.64 97.09 5.51
CA SER BE 67 -75.69 95.99 6.45
C SER BE 67 -77.13 95.55 6.69
N LEU BE 68 -77.28 94.28 7.06
CA LEU BE 68 -78.60 93.67 7.23
C LEU BE 68 -78.92 93.57 8.72
N VAL BE 69 -80.06 94.14 9.12
CA VAL BE 69 -80.57 94.03 10.47
C VAL BE 69 -81.69 92.99 10.47
N VAL BE 70 -81.59 92.02 11.38
CA VAL BE 70 -82.52 90.90 11.42
C VAL BE 70 -83.14 90.83 12.81
N VAL BE 71 -84.47 90.78 12.86
CA VAL BE 71 -85.21 90.55 14.10
C VAL BE 71 -85.96 89.24 13.95
N ASN BE 72 -85.71 88.32 14.89
CA ASN BE 72 -86.34 87.01 14.88
C ASN BE 72 -87.38 86.92 16.01
N LEU BE 73 -88.40 86.11 15.78
CA LEU BE 73 -89.40 85.80 16.80
C LEU BE 73 -89.78 84.34 16.63
N THR BE 74 -89.35 83.51 17.57
CA THR BE 74 -89.60 82.07 17.51
C THR BE 74 -90.39 81.63 18.73
N ALA BE 75 -91.42 80.81 18.48
CA ALA BE 75 -92.26 80.26 19.53
C ALA BE 75 -92.17 78.74 19.51
N HIS BE 76 -92.10 78.15 20.70
CA HIS BE 76 -92.06 76.69 20.86
C HIS BE 76 -93.26 76.28 21.69
N VAL BE 77 -94.22 75.61 21.05
CA VAL BE 77 -95.45 75.19 21.73
C VAL BE 77 -95.55 73.67 21.67
N PRO BE 78 -95.36 72.97 22.79
CA PRO BE 78 -95.49 71.50 22.77
C PRO BE 78 -96.92 71.08 22.47
N VAL BE 79 -97.05 69.94 21.80
CA VAL BE 79 -98.36 69.42 21.41
C VAL BE 79 -99.08 68.93 22.67
N GLY BE 80 -100.36 69.31 22.80
CA GLY BE 80 -101.17 68.96 23.95
C GLY BE 80 -101.50 70.15 24.84
N VAL BE 81 -100.60 71.13 24.89
CA VAL BE 81 -100.87 72.35 25.64
C VAL BE 81 -102.06 73.07 25.01
N ASP BE 82 -102.96 73.55 25.86
CA ASP BE 82 -104.15 74.25 25.36
C ASP BE 82 -103.74 75.48 24.58
N ALA BE 83 -104.26 75.60 23.36
CA ALA BE 83 -103.87 76.70 22.48
C ALA BE 83 -104.38 78.03 22.98
N THR BE 84 -105.60 78.05 23.54
CA THR BE 84 -106.18 79.31 24.01
C THR BE 84 -105.38 79.89 25.17
N ALA BE 85 -104.86 79.04 26.06
CA ALA BE 85 -104.06 79.52 27.17
C ALA BE 85 -102.77 80.17 26.69
N VAL BE 86 -102.15 79.59 25.65
CA VAL BE 86 -100.93 80.17 25.11
C VAL BE 86 -101.20 81.52 24.45
N ARG BE 87 -102.36 81.65 23.79
CA ARG BE 87 -102.64 82.86 23.04
C ARG BE 87 -102.97 84.03 23.96
N THR BE 88 -103.63 83.77 25.09
CA THR BE 88 -103.86 84.84 26.05
C THR BE 88 -102.59 85.17 26.82
N TRP BE 89 -101.71 84.18 27.00
CA TRP BE 89 -100.40 84.46 27.61
C TRP BE 89 -99.57 85.35 26.72
N MET BE 90 -99.56 85.07 25.41
CA MET BE 90 -98.77 85.89 24.49
C MET BE 90 -99.33 87.30 24.38
N THR BE 91 -100.66 87.42 24.26
CA THR BE 91 -101.27 88.73 24.03
C THR BE 91 -101.09 89.63 25.24
N SER BE 92 -101.18 89.09 26.44
CA SER BE 92 -101.15 89.89 27.66
C SER BE 92 -99.79 89.94 28.33
N GLU BE 93 -99.00 88.87 28.26
CA GLU BE 93 -97.76 88.77 29.01
C GLU BE 93 -96.51 88.88 28.14
N VAL BE 94 -96.56 88.39 26.89
CA VAL BE 94 -95.36 88.36 26.06
C VAL BE 94 -95.30 89.59 25.17
N PHE BE 95 -96.38 89.86 24.44
CA PHE BE 95 -96.42 90.95 23.46
C PHE BE 95 -96.17 92.32 24.07
N PRO BE 96 -96.84 92.70 25.18
CA PRO BE 96 -96.54 94.03 25.75
C PRO BE 96 -95.10 94.19 26.20
N GLY BE 97 -94.46 93.13 26.70
CA GLY BE 97 -93.07 93.23 27.10
C GLY BE 97 -92.10 93.14 25.94
N ALA BE 98 -92.50 92.48 24.85
CA ALA BE 98 -91.63 92.30 23.71
C ALA BE 98 -91.58 93.52 22.81
N THR BE 99 -92.46 94.51 23.00
CA THR BE 99 -92.50 95.70 22.18
C THR BE 99 -92.24 96.96 22.99
N SER BE 100 -91.69 96.83 24.19
CA SER BE 100 -91.43 97.97 25.06
C SER BE 100 -90.07 98.58 24.73
N SER BE 101 -89.66 99.57 25.51
CA SER BE 101 -88.35 100.17 25.34
C SER BE 101 -87.22 99.21 25.72
N VAL BE 102 -87.54 98.16 26.49
CA VAL BE 102 -86.52 97.19 26.89
C VAL BE 102 -85.95 96.50 25.66
N THR BE 103 -86.81 96.11 24.72
CA THR BE 103 -86.34 95.49 23.49
C THR BE 103 -85.46 96.45 22.68
N LEU BE 104 -85.84 97.72 22.63
CA LEU BE 104 -85.06 98.68 21.87
C LEU BE 104 -83.66 98.87 22.44
N ASP BE 105 -83.57 99.00 23.77
CA ASP BE 105 -82.25 99.15 24.39
C ASP BE 105 -81.43 97.87 24.29
N LEU BE 106 -82.08 96.71 24.43
CA LEU BE 106 -81.37 95.44 24.30
C LEU BE 106 -80.82 95.24 22.89
N ALA BE 107 -81.58 95.66 21.87
CA ALA BE 107 -81.16 95.45 20.49
C ALA BE 107 -80.02 96.39 20.10
N THR BE 108 -80.08 97.64 20.53
CA THR BE 108 -79.12 98.64 20.09
C THR BE 108 -77.96 98.84 21.05
N LYS BE 109 -78.17 98.63 22.35
CA LYS BE 109 -77.14 98.86 23.34
C LYS BE 109 -76.84 97.66 24.21
N GLY BE 110 -77.54 96.54 24.04
CA GLY BE 110 -77.27 95.36 24.85
C GLY BE 110 -77.57 95.51 26.32
N VAL BE 111 -78.61 96.26 26.67
CA VAL BE 111 -78.95 96.50 28.07
C VAL BE 111 -79.75 95.33 28.60
N ILE BE 112 -79.27 94.70 29.67
CA ILE BE 112 -79.93 93.56 30.28
C ILE BE 112 -80.40 93.83 31.70
N HIS BE 113 -80.12 95.02 32.24
CA HIS BE 113 -80.56 95.42 33.57
C HIS BE 113 -81.61 96.52 33.43
N LEU BE 114 -82.87 96.18 33.72
CA LEU BE 114 -83.97 97.14 33.56
C LEU BE 114 -84.34 97.75 34.91
N SER BE 115 -83.47 98.63 35.38
CA SER BE 115 -83.71 99.34 36.63
C SER BE 115 -84.50 100.61 36.35
N ASP BE 116 -85.37 100.98 37.30
CA ASP BE 116 -85.70 100.22 38.50
C ASP BE 116 -87.21 100.17 38.71
N ALA BE 117 -87.90 101.14 38.14
CA ALA BE 117 -89.35 101.24 38.28
C ALA BE 117 -90.06 100.20 37.42
N LEU CE 1 55.17 91.99 85.80
CA LEU CE 1 54.92 90.56 85.70
C LEU CE 1 56.15 89.76 86.13
N SER CE 2 55.98 88.89 87.11
CA SER CE 2 57.06 88.07 87.60
C SER CE 2 56.55 86.67 87.92
N ILE CE 3 57.43 85.68 87.74
CA ILE CE 3 57.16 84.30 88.10
C ILE CE 3 58.32 83.86 89.00
N GLY CE 4 58.10 83.88 90.31
CA GLY CE 4 59.19 83.72 91.23
C GLY CE 4 60.06 84.96 91.24
N THR CE 5 61.32 84.81 90.82
CA THR CE 5 62.26 85.93 90.75
C THR CE 5 62.57 86.34 89.32
N LYS CE 6 61.87 85.81 88.33
CA LYS CE 6 62.12 86.08 86.93
C LYS CE 6 61.04 86.99 86.35
N ASN CE 7 61.46 88.01 85.61
CA ASN CE 7 60.53 88.92 84.95
C ASN CE 7 60.10 88.32 83.61
N VAL CE 8 58.80 88.34 83.35
CA VAL CE 8 58.24 87.76 82.13
C VAL CE 8 57.28 88.76 81.50
N SER CE 9 56.88 88.44 80.27
CA SER CE 9 55.90 89.23 79.53
C SER CE 9 54.93 88.27 78.85
N ILE CE 10 53.69 88.71 78.68
CA ILE CE 10 52.71 87.89 77.96
C ILE CE 10 53.20 87.70 76.54
N TYR CE 11 53.23 86.45 76.09
CA TYR CE 11 53.68 86.11 74.75
C TYR CE 11 52.59 85.52 73.87
N ARG CE 12 51.87 84.51 74.37
CA ARG CE 12 50.75 83.93 73.64
C ARG CE 12 49.59 83.73 74.58
N ASN CE 13 48.40 84.18 74.16
CA ASN CE 13 47.20 84.13 74.98
C ASN CE 13 46.16 83.28 74.27
N THR CE 14 45.68 82.23 74.94
CA THR CE 14 44.55 81.46 74.44
C THR CE 14 43.49 81.36 75.53
N ALA CE 15 42.42 80.61 75.27
CA ALA CE 15 41.31 80.55 76.22
C ALA CE 15 41.75 79.91 77.54
N ASP CE 16 42.53 78.83 77.48
CA ASP CE 16 42.91 78.09 78.67
C ASP CE 16 44.42 78.00 78.85
N GLU CE 17 45.21 78.76 78.10
CA GLU CE 17 46.65 78.72 78.25
C GLU CE 17 47.24 80.08 77.92
N VAL CE 18 48.15 80.53 78.77
CA VAL CE 18 48.93 81.75 78.54
C VAL CE 18 50.41 81.38 78.61
N ILE CE 19 51.16 81.79 77.60
CA ILE CE 19 52.60 81.59 77.55
C ILE CE 19 53.28 82.91 77.88
N TYR CE 20 54.24 82.87 78.79
CA TYR CE 20 55.04 84.03 79.16
C TYR CE 20 56.47 83.83 78.68
N ALA CE 21 57.10 84.91 78.24
CA ALA CE 21 58.44 84.87 77.67
C ALA CE 21 59.44 85.49 78.65
N GLY CE 22 60.54 84.79 78.87
CA GLY CE 22 61.61 85.29 79.72
C GLY CE 22 62.51 86.26 78.98
N PRO CE 23 63.48 86.84 79.70
CA PRO CE 23 64.36 87.83 79.08
C PRO CE 23 65.23 87.28 77.97
N ALA CE 24 65.47 85.97 77.93
CA ALA CE 24 66.35 85.36 76.95
C ALA CE 24 65.60 84.75 75.77
N HIS CE 25 64.29 84.94 75.69
CA HIS CE 25 63.50 84.34 74.63
C HIS CE 25 63.57 85.18 73.36
N ASP CE 26 63.95 84.56 72.26
CA ASP CE 26 63.96 85.21 70.95
C ASP CE 26 63.72 84.13 69.89
N VAL CE 27 64.03 84.45 68.65
CA VAL CE 27 63.81 83.56 67.52
C VAL CE 27 64.68 82.31 67.65
N THR CE 28 65.85 82.46 68.29
CA THR CE 28 66.80 81.36 68.39
C THR CE 28 66.79 80.64 69.73
N ASN CE 29 66.51 81.34 70.82
CA ASN CE 29 66.58 80.75 72.15
C ASN CE 29 65.21 80.73 72.78
N VAL CE 30 64.88 79.61 73.43
CA VAL CE 30 63.60 79.44 74.10
C VAL CE 30 63.77 79.73 75.59
N ASP CE 31 62.94 80.63 76.12
CA ASP CE 31 62.87 80.91 77.55
C ASP CE 31 61.42 81.29 77.84
N THR CE 32 60.62 80.28 78.19
CA THR CE 32 59.18 80.48 78.35
C THR CE 32 58.67 79.76 79.59
N VAL CE 33 57.62 80.32 80.18
CA VAL CE 33 56.84 79.67 81.22
C VAL CE 33 55.38 79.71 80.78
N SER CE 34 54.74 78.55 80.76
CA SER CE 34 53.36 78.43 80.29
C SER CE 34 52.45 78.02 81.44
N LEU CE 35 51.29 78.67 81.53
CA LEU CE 35 50.27 78.34 82.52
C LEU CE 35 49.04 77.83 81.78
N ARG CE 36 48.63 76.62 82.11
CA ARG CE 36 47.49 75.98 81.46
C ARG CE 36 46.52 75.45 82.50
N ARG CE 37 45.22 75.55 82.20
CA ARG CE 37 44.19 75.07 83.09
C ARG CE 37 43.23 74.15 82.33
N SER CE 38 42.73 73.15 83.04
CA SER CE 38 41.68 72.27 82.54
C SER CE 38 40.53 72.36 83.54
N LEU CE 39 39.55 73.19 83.23
CA LEU CE 39 38.46 73.42 84.15
C LEU CE 39 37.61 72.16 84.32
N PRO CE 40 37.05 71.94 85.50
CA PRO CE 40 36.28 70.71 85.74
C PRO CE 40 35.04 70.65 84.86
N VAL CE 41 34.72 69.43 84.43
CA VAL CE 41 33.50 69.15 83.69
C VAL CE 41 32.64 68.28 84.58
N LYS CE 42 31.61 68.87 85.17
CA LYS CE 42 30.75 68.17 86.14
C LYS CE 42 29.71 67.35 85.39
N LYS CE 43 30.21 66.35 84.68
CA LYS CE 43 29.37 65.42 83.94
C LYS CE 43 28.70 64.44 84.91
N GLY CE 44 27.49 64.00 84.52
CA GLY CE 44 26.71 63.08 85.34
C GLY CE 44 26.54 63.56 86.77
N SER CE 45 27.12 62.80 87.71
CA SER CE 45 27.12 63.19 89.11
C SER CE 45 28.49 63.65 89.61
N ASP CE 46 29.57 63.17 89.01
CA ASP CE 46 30.90 63.57 89.43
C ASP CE 46 31.14 65.04 89.09
N ASN CE 47 31.75 65.77 90.02
CA ASN CE 47 31.98 67.19 89.84
C ASN CE 47 33.26 67.49 89.04
N GLY CE 48 33.99 66.46 88.61
CA GLY CE 48 35.16 66.66 87.79
C GLY CE 48 36.39 67.02 88.59
N THR CE 49 37.47 67.31 87.85
CA THR CE 49 38.77 67.60 88.42
C THR CE 49 39.29 68.91 87.85
N MET CE 50 39.91 69.72 88.70
CA MET CE 50 40.60 70.93 88.27
C MET CE 50 42.07 70.58 88.03
N ARG CE 51 42.52 70.77 86.80
CA ARG CE 51 43.89 70.42 86.39
C ARG CE 51 44.65 71.70 86.06
N GLY CE 52 45.68 72.00 86.84
CA GLY CE 52 46.52 73.14 86.57
C GLY CE 52 47.94 72.73 86.21
N ASN CE 53 48.39 73.08 85.02
CA ASN CE 53 49.71 72.69 84.52
C ASN CE 53 50.59 73.91 84.36
N MET CE 54 51.80 73.84 84.92
CA MET CE 54 52.79 74.90 84.84
C MET CE 54 54.00 74.36 84.09
N ASN CE 55 54.39 75.03 83.00
CA ASN CE 55 55.39 74.55 82.07
C ASN CE 55 56.61 75.45 82.09
N PHE CE 56 57.79 74.85 82.12
CA PHE CE 56 59.06 75.57 82.02
C PHE CE 56 59.86 75.00 80.85
N ALA CE 57 60.25 75.87 79.91
CA ALA CE 57 60.96 75.45 78.72
C ALA CE 57 62.21 76.30 78.55
N LYS CE 58 63.32 75.65 78.23
CA LYS CE 58 64.58 76.34 78.04
C LYS CE 58 65.45 75.59 77.05
N SER CE 59 65.92 76.28 76.03
CA SER CE 59 66.84 75.67 75.07
C SER CE 59 68.25 75.62 75.64
N PHE CE 60 68.93 74.52 75.38
CA PHE CE 60 70.27 74.28 75.90
C PHE CE 60 71.19 73.84 74.76
N PRO CE 61 72.48 74.15 74.85
CA PRO CE 61 73.43 73.65 73.85
C PRO CE 61 73.59 72.14 73.96
N ASN CE 62 73.47 71.45 72.82
CA ASN CE 62 73.61 70.00 72.75
C ASN CE 62 74.45 69.70 71.52
N GLY CE 63 75.76 69.64 71.71
CA GLY CE 63 76.65 69.50 70.58
C GLY CE 63 76.55 70.71 69.67
N ASP CE 64 76.34 70.46 68.39
CA ASP CE 64 76.17 71.55 67.42
C ASP CE 64 74.74 72.09 67.39
N LYS CE 65 73.76 71.29 67.76
CA LYS CE 65 72.36 71.68 67.72
C LYS CE 65 71.94 72.25 69.08
N LYS CE 66 70.64 72.50 69.23
CA LYS CE 66 70.07 72.95 70.48
C LYS CE 66 68.97 71.99 70.90
N SER CE 67 68.83 71.82 72.22
CA SER CE 67 67.87 70.89 72.77
C SER CE 67 66.97 71.59 73.78
N LEU CE 68 65.70 71.20 73.82
CA LEU CE 68 64.74 71.80 74.72
C LEU CE 68 64.61 70.95 75.98
N VAL CE 69 64.83 71.58 77.13
CA VAL CE 69 64.59 70.95 78.43
C VAL CE 69 63.27 71.49 78.97
N VAL CE 70 62.36 70.59 79.31
CA VAL CE 70 61.02 70.96 79.75
C VAL CE 70 60.79 70.40 81.15
N VAL CE 71 60.30 71.25 82.04
CA VAL CE 71 59.91 70.85 83.40
C VAL CE 71 58.43 71.13 83.56
N ASN CE 72 57.67 70.10 83.95
CA ASN CE 72 56.23 70.19 84.10
C ASN CE 72 55.85 70.03 85.57
N LEU CE 73 54.92 70.86 86.03
CA LEU CE 73 54.35 70.76 87.37
C LEU CE 73 52.84 70.84 87.24
N THR CE 74 52.15 69.73 87.50
CA THR CE 74 50.71 69.62 87.29
C THR CE 74 50.03 69.23 88.59
N ALA CE 75 48.91 69.90 88.88
CA ALA CE 75 48.10 69.61 90.06
C ALA CE 75 46.76 69.03 89.62
N HIS CE 76 46.30 68.01 90.32
CA HIS CE 76 45.01 67.37 90.05
C HIS CE 76 44.19 67.44 91.33
N VAL CE 77 43.32 68.44 91.43
CA VAL CE 77 42.52 68.68 92.62
C VAL CE 77 41.06 68.37 92.28
N PRO CE 78 40.49 67.29 92.81
CA PRO CE 78 39.07 67.01 92.57
C PRO CE 78 38.18 68.06 93.21
N VAL CE 79 37.02 68.30 92.58
CA VAL CE 79 36.11 69.34 93.05
C VAL CE 79 35.42 68.87 94.31
N GLY CE 80 35.37 69.74 95.32
CA GLY CE 80 34.82 69.43 96.63
C GLY CE 80 35.86 69.40 97.73
N VAL CE 81 37.12 69.13 97.35
CA VAL CE 81 38.21 69.15 98.32
C VAL CE 81 38.47 70.58 98.75
N ASP CE 82 38.69 70.77 100.05
CA ASP CE 82 38.96 72.09 100.59
C ASP CE 82 40.23 72.67 99.97
N ALA CE 83 40.10 73.85 99.36
CA ALA CE 83 41.24 74.49 98.73
C ALA CE 83 42.31 74.87 99.74
N THR CE 84 41.89 75.36 100.92
CA THR CE 84 42.86 75.72 101.95
C THR CE 84 43.65 74.52 102.43
N ALA CE 85 42.99 73.37 102.56
CA ALA CE 85 43.70 72.15 102.97
C ALA CE 85 44.72 71.73 101.91
N VAL CE 86 44.36 71.85 100.64
CA VAL CE 86 45.28 71.47 99.57
C VAL CE 86 46.48 72.42 99.53
N ARG CE 87 46.23 73.72 99.69
CA ARG CE 87 47.31 74.69 99.64
C ARG CE 87 48.30 74.48 100.80
N THR CE 88 47.80 74.14 101.97
CA THR CE 88 48.68 73.84 103.10
C THR CE 88 49.51 72.59 102.84
N TRP CE 89 48.90 71.57 102.23
CA TRP CE 89 49.64 70.36 101.89
C TRP CE 89 50.71 70.64 100.85
N MET CE 90 50.38 71.43 99.83
CA MET CE 90 51.34 71.73 98.77
C MET CE 90 52.52 72.55 99.30
N THR CE 91 52.24 73.51 100.20
CA THR CE 91 53.28 74.38 100.70
C THR CE 91 54.23 73.66 101.66
N SER CE 92 53.68 72.82 102.54
CA SER CE 92 54.49 72.20 103.59
C SER CE 92 55.04 70.84 103.21
N GLU CE 93 54.46 70.17 102.22
CA GLU CE 93 54.88 68.82 101.86
C GLU CE 93 55.41 68.70 100.45
N VAL CE 94 54.69 69.23 99.46
CA VAL CE 94 55.08 69.05 98.07
C VAL CE 94 56.20 70.01 97.70
N PHE CE 95 56.05 71.29 98.05
CA PHE CE 95 57.03 72.30 97.64
C PHE CE 95 58.43 72.04 98.17
N PRO CE 96 58.64 71.74 99.46
CA PRO CE 96 60.00 71.42 99.91
C PRO CE 96 60.58 70.18 99.24
N GLY CE 97 59.76 69.17 98.95
CA GLY CE 97 60.27 67.96 98.34
C GLY CE 97 60.52 68.08 96.86
N ALA CE 98 59.77 68.94 96.17
CA ALA CE 98 59.91 69.13 94.74
C ALA CE 98 61.03 70.09 94.39
N THR CE 99 61.69 70.70 95.37
CA THR CE 99 62.80 71.62 95.14
C THR CE 99 64.07 71.15 95.82
N SER CE 100 64.13 69.89 96.22
CA SER CE 100 65.30 69.33 96.88
C SER CE 100 66.27 68.76 95.85
N SER CE 101 67.39 68.23 96.32
CA SER CE 101 68.33 67.55 95.44
C SER CE 101 67.73 66.28 94.86
N VAL CE 102 66.67 65.75 95.47
CA VAL CE 102 66.01 64.56 94.94
C VAL CE 102 65.45 64.86 93.54
N THR CE 103 64.81 66.01 93.38
CA THR CE 103 64.32 66.40 92.06
C THR CE 103 65.47 66.61 91.08
N LEU CE 104 66.53 67.26 91.54
CA LEU CE 104 67.68 67.51 90.66
C LEU CE 104 68.34 66.20 90.22
N ASP CE 105 68.47 65.24 91.13
CA ASP CE 105 69.10 63.97 90.79
C ASP CE 105 68.23 63.15 89.87
N LEU CE 106 66.90 63.18 90.07
CA LEU CE 106 66.01 62.42 89.20
C LEU CE 106 65.98 62.99 87.79
N ALA CE 107 65.99 64.31 87.66
CA ALA CE 107 65.88 64.94 86.35
C ALA CE 107 67.15 64.74 85.53
N THR CE 108 68.31 64.92 86.14
CA THR CE 108 69.57 64.93 85.40
C THR CE 108 70.34 63.62 85.48
N LYS CE 109 70.01 62.74 86.43
CA LYS CE 109 70.69 61.47 86.55
C LYS CE 109 69.76 60.27 86.57
N GLY CE 110 68.45 60.48 86.64
CA GLY CE 110 67.52 59.37 86.73
C GLY CE 110 67.62 58.58 88.01
N VAL CE 111 67.86 59.24 89.13
CA VAL CE 111 68.02 58.55 90.42
C VAL CE 111 66.65 58.43 91.08
N ILE CE 112 66.22 57.20 91.33
CA ILE CE 112 64.95 56.92 91.98
C ILE CE 112 65.13 56.32 93.36
N HIS CE 113 66.36 56.14 93.83
CA HIS CE 113 66.66 55.63 95.16
C HIS CE 113 67.33 56.75 95.95
N LEU CE 114 66.63 57.31 96.94
CA LEU CE 114 67.20 58.40 97.74
C LEU CE 114 67.77 57.83 99.04
N SER CE 115 68.84 57.06 98.89
CA SER CE 115 69.56 56.53 100.04
C SER CE 115 70.53 57.59 100.59
N ASP CE 116 70.77 57.53 101.89
CA ASP CE 116 70.18 56.64 102.88
C ASP CE 116 69.84 57.41 104.16
N ALA CE 117 70.39 58.62 104.26
CA ALA CE 117 70.22 59.46 105.45
C ALA CE 117 68.75 59.75 105.75
N LEU DE 1 65.69 58.25 105.87
CA LEU DE 1 65.11 58.33 104.53
C LEU DE 1 64.08 59.44 104.47
N SER DE 2 64.41 60.53 103.79
CA SER DE 2 63.55 61.70 103.76
C SER DE 2 63.53 62.30 102.37
N ILE DE 3 62.38 62.82 101.98
CA ILE DE 3 62.22 63.61 100.77
C ILE DE 3 61.74 64.99 101.21
N GLY DE 4 62.57 66.00 100.97
CA GLY DE 4 62.28 67.33 101.49
C GLY DE 4 62.31 67.33 103.01
N THR DE 5 61.21 67.73 103.63
CA THR DE 5 61.07 67.70 105.08
C THR DE 5 60.28 66.50 105.57
N LYS DE 6 59.81 65.64 104.67
CA LYS DE 6 58.96 64.51 105.03
C LYS DE 6 59.80 63.23 105.06
N ASN DE 7 59.81 62.57 106.22
CA ASN DE 7 60.42 61.25 106.32
C ASN DE 7 59.54 60.21 105.64
N VAL DE 8 60.15 59.33 104.86
CA VAL DE 8 59.44 58.30 104.11
C VAL DE 8 60.16 56.98 104.28
N SER DE 9 59.49 55.91 103.86
CA SER DE 9 60.06 54.58 103.83
C SER DE 9 59.73 53.94 102.49
N ILE DE 10 60.55 52.97 102.09
CA ILE DE 10 60.32 52.28 100.83
C ILE DE 10 59.04 51.47 100.93
N TYR DE 11 58.13 51.68 99.99
CA TYR DE 11 56.85 50.99 99.95
C TYR DE 11 56.79 49.95 98.85
N ARG DE 12 57.10 50.33 97.61
CA ARG DE 12 57.14 49.40 96.50
C ARG DE 12 58.32 49.78 95.62
N ASN DE 13 58.95 48.76 95.02
CA ASN DE 13 60.21 48.94 94.31
C ASN DE 13 60.17 48.11 93.03
N THR DE 14 60.03 48.78 91.89
CA THR DE 14 60.14 48.17 90.58
C THR DE 14 61.44 48.63 89.91
N ALA DE 15 61.64 48.22 88.66
CA ALA DE 15 62.88 48.51 87.97
C ALA DE 15 63.08 50.00 87.75
N ASP DE 16 62.02 50.70 87.32
CA ASP DE 16 62.12 52.12 86.99
C ASP DE 16 61.23 53.01 87.85
N GLU DE 17 60.57 52.46 88.86
CA GLU DE 17 59.76 53.26 89.77
C GLU DE 17 59.92 52.74 91.19
N VAL DE 18 60.13 53.66 92.13
CA VAL DE 18 60.13 53.36 93.55
C VAL DE 18 59.08 54.22 94.22
N ILE DE 19 58.14 53.59 94.91
CA ILE DE 19 57.09 54.30 95.63
C ILE DE 19 57.48 54.35 97.10
N TYR DE 20 57.47 55.56 97.66
CA TYR DE 20 57.75 55.77 99.06
C TYR DE 20 56.48 56.19 99.80
N ALA DE 21 56.37 55.74 101.04
CA ALA DE 21 55.16 55.96 101.84
C ALA DE 21 55.47 56.94 102.96
N GLY DE 22 54.58 57.92 103.14
CA GLY DE 22 54.70 58.85 104.24
C GLY DE 22 54.32 58.18 105.55
N PRO DE 23 54.57 58.87 106.66
CA PRO DE 23 54.25 58.27 107.97
C PRO DE 23 52.79 57.94 108.14
N ALA DE 24 51.90 58.72 107.52
CA ALA DE 24 50.46 58.51 107.65
C ALA DE 24 49.91 57.47 106.67
N HIS DE 25 50.70 57.04 105.69
CA HIS DE 25 50.19 56.14 104.67
C HIS DE 25 49.73 54.82 105.29
N ASP DE 26 48.56 54.36 104.85
CA ASP DE 26 47.98 53.12 105.34
C ASP DE 26 47.07 52.55 104.26
N VAL DE 27 46.27 51.55 104.64
CA VAL DE 27 45.40 50.87 103.68
C VAL DE 27 44.23 51.72 103.21
N THR DE 28 43.86 52.76 103.98
CA THR DE 28 42.76 53.63 103.60
C THR DE 28 43.16 55.08 103.35
N ASN DE 29 44.31 55.52 103.84
CA ASN DE 29 44.81 56.87 103.60
C ASN DE 29 46.05 56.76 102.71
N VAL DE 30 46.04 57.48 101.59
CA VAL DE 30 47.16 57.48 100.66
C VAL DE 30 48.06 58.67 101.00
N ASP DE 31 49.33 58.38 101.29
CA ASP DE 31 50.35 59.40 101.48
C ASP DE 31 51.64 58.83 100.90
N THR DE 32 51.87 59.09 99.61
CA THR DE 32 52.97 58.47 98.90
C THR DE 32 53.69 59.48 98.01
N VAL DE 33 54.99 59.29 97.87
CA VAL DE 33 55.81 60.02 96.92
C VAL DE 33 56.44 58.99 95.97
N SER DE 34 56.10 59.08 94.70
CA SER DE 34 56.64 58.16 93.70
C SER DE 34 57.76 58.82 92.92
N LEU DE 35 58.82 58.06 92.67
CA LEU DE 35 59.89 58.48 91.77
C LEU DE 35 59.93 57.51 90.61
N ARG DE 36 59.61 58.00 89.42
CA ARG DE 36 59.56 57.20 88.21
C ARG DE 36 60.48 57.81 87.16
N ARG DE 37 61.10 56.95 86.37
CA ARG DE 37 62.00 57.40 85.33
C ARG DE 37 61.72 56.63 84.04
N SER DE 38 61.95 57.30 82.92
CA SER DE 38 61.94 56.67 81.60
C SER DE 38 63.32 56.86 81.00
N LEU DE 39 64.06 55.78 80.88
CA LEU DE 39 65.43 55.87 80.42
C LEU DE 39 65.49 56.23 78.93
N PRO DE 40 66.52 56.97 78.52
CA PRO DE 40 66.62 57.39 77.11
C PRO DE 40 66.72 56.20 76.18
N VAL DE 41 65.94 56.24 75.10
CA VAL DE 41 65.95 55.19 74.08
C VAL DE 41 66.60 55.77 72.84
N LYS DE 42 67.74 55.21 72.44
CA LYS DE 42 68.49 55.68 71.28
C LYS DE 42 67.74 55.16 70.06
N LYS DE 43 67.12 56.09 69.32
CA LYS DE 43 66.39 55.77 68.10
C LYS DE 43 66.90 56.67 66.98
N GLY DE 44 67.41 56.06 65.92
CA GLY DE 44 67.93 56.85 64.80
C GLY DE 44 69.11 57.69 65.24
N SER DE 45 69.17 58.92 64.71
CA SER DE 45 70.23 59.85 65.09
C SER DE 45 69.97 60.52 66.43
N ASP DE 46 68.76 60.40 66.98
CA ASP DE 46 68.44 60.99 68.27
C ASP DE 46 68.88 60.05 69.38
N ASN DE 47 69.62 60.60 70.35
CA ASN DE 47 70.12 59.81 71.47
C ASN DE 47 69.06 59.54 72.52
N GLY DE 48 67.90 60.14 72.42
CA GLY DE 48 66.82 59.91 73.36
C GLY DE 48 66.69 61.03 74.38
N THR DE 49 65.79 60.79 75.33
CA THR DE 49 65.46 61.77 76.35
C THR DE 49 65.19 61.06 77.66
N MET DE 50 65.78 61.55 78.75
CA MET DE 50 65.50 61.02 80.07
C MET DE 50 64.29 61.75 80.66
N ARG DE 51 63.28 61.00 81.06
CA ARG DE 51 62.09 61.53 81.71
C ARG DE 51 62.13 61.16 83.18
N GLY DE 52 61.95 62.15 84.04
CA GLY DE 52 61.88 61.90 85.47
C GLY DE 52 60.61 62.44 86.08
N ASN DE 53 59.75 61.56 86.56
CA ASN DE 53 58.46 61.93 87.13
C ASN DE 53 58.50 61.81 88.64
N MET DE 54 58.08 62.86 89.32
CA MET DE 54 57.98 62.88 90.77
C MET DE 54 56.52 63.09 91.15
N ASN DE 55 55.90 62.05 91.70
CA ASN DE 55 54.46 62.03 91.94
C ASN DE 55 54.18 62.18 93.42
N PHE DE 56 53.30 63.13 93.76
CA PHE DE 56 52.81 63.32 95.12
C PHE DE 56 51.34 62.95 95.15
N ALA DE 57 50.96 62.03 96.02
CA ALA DE 57 49.57 61.60 96.17
C ALA DE 57 49.15 61.76 97.62
N LYS DE 58 47.93 62.25 97.81
CA LYS DE 58 47.40 62.44 99.15
C LYS DE 58 45.88 62.30 99.12
N SER DE 59 45.34 61.59 100.10
CA SER DE 59 43.90 61.45 100.26
C SER DE 59 43.35 62.64 101.03
N PHE DE 60 42.21 63.14 100.58
CA PHE DE 60 41.60 64.31 101.18
C PHE DE 60 40.11 64.07 101.39
N PRO DE 61 39.54 64.61 102.47
CA PRO DE 61 38.08 64.55 102.65
C PRO DE 61 37.37 65.36 101.58
N ASN DE 62 36.50 64.69 100.83
CA ASN DE 62 35.69 65.32 99.79
C ASN DE 62 34.23 65.03 100.14
N GLY DE 63 33.65 65.89 100.97
CA GLY DE 63 32.31 65.66 101.46
C GLY DE 63 32.23 64.42 102.34
N ASP DE 64 31.57 63.37 101.85
CA ASP DE 64 31.46 62.13 102.59
C ASP DE 64 32.55 61.13 102.23
N LYS DE 65 33.02 61.15 100.99
CA LYS DE 65 34.03 60.21 100.51
C LYS DE 65 35.42 60.85 100.60
N LYS DE 66 36.41 60.16 100.05
CA LYS DE 66 37.78 60.66 100.00
C LYS DE 66 38.22 60.80 98.55
N SER DE 67 38.90 61.90 98.26
CA SER DE 67 39.42 62.18 96.93
C SER DE 67 40.94 62.20 96.97
N LEU DE 68 41.55 61.79 95.86
CA LEU DE 68 43.00 61.75 95.73
C LEU DE 68 43.48 63.00 95.03
N VAL DE 69 44.29 63.81 95.73
CA VAL DE 69 44.94 64.97 95.14
C VAL DE 69 46.33 64.58 94.71
N VAL DE 70 46.65 64.82 93.44
CA VAL DE 70 47.91 64.38 92.83
C VAL DE 70 48.66 65.60 92.30
N VAL DE 71 49.94 65.68 92.64
CA VAL DE 71 50.84 66.69 92.09
C VAL DE 71 51.98 65.96 91.40
N ASN DE 72 52.20 66.27 90.12
CA ASN DE 72 53.24 65.65 89.32
C ASN DE 72 54.31 66.67 88.96
N LEU DE 73 55.57 66.29 89.12
CA LEU DE 73 56.71 67.08 88.65
C LEU DE 73 57.47 66.21 87.66
N THR DE 74 57.52 66.65 86.41
CA THR DE 74 58.13 65.89 85.33
C THR DE 74 59.18 66.75 84.62
N ALA DE 75 60.32 66.15 84.31
CA ALA DE 75 61.39 66.81 83.57
C ALA DE 75 61.73 65.97 82.34
N HIS DE 76 62.03 66.64 81.24
CA HIS DE 76 62.43 66.01 79.99
C HIS DE 76 63.78 66.58 79.59
N VAL DE 77 64.85 65.82 79.83
CA VAL DE 77 66.21 66.25 79.58
C VAL DE 77 66.77 65.42 78.43
N PRO DE 78 67.00 66.00 77.25
CA PRO DE 78 67.59 65.23 76.15
C PRO DE 78 69.03 64.84 76.43
N VAL DE 79 69.44 63.71 75.88
CA VAL DE 79 70.81 63.25 76.03
C VAL DE 79 71.75 64.17 75.24
N GLY DE 80 72.86 64.54 75.86
CA GLY DE 80 73.84 65.41 75.26
C GLY DE 80 73.92 66.78 75.89
N VAL DE 81 72.95 67.15 76.70
CA VAL DE 81 72.96 68.43 77.40
C VAL DE 81 73.83 68.33 78.63
N ASP DE 82 74.49 69.43 78.99
CA ASP DE 82 75.29 69.46 80.20
C ASP DE 82 74.39 69.42 81.43
N ALA DE 83 74.63 68.42 82.29
CA ALA DE 83 73.77 68.23 83.45
C ALA DE 83 73.93 69.36 84.46
N THR DE 84 75.14 69.91 84.59
CA THR DE 84 75.34 71.02 85.52
C THR DE 84 74.56 72.25 85.10
N ALA DE 85 74.51 72.53 83.80
CA ALA DE 85 73.76 73.68 83.32
C ALA DE 85 72.27 73.53 83.61
N VAL DE 86 71.73 72.33 83.43
CA VAL DE 86 70.30 72.11 83.68
C VAL DE 86 70.00 72.24 85.17
N ARG DE 87 70.88 71.73 86.03
CA ARG DE 87 70.66 71.83 87.47
C ARG DE 87 70.68 73.28 87.93
N THR DE 88 71.58 74.09 87.37
CA THR DE 88 71.63 75.51 87.73
C THR DE 88 70.37 76.24 87.26
N TRP DE 89 69.88 75.90 86.07
CA TRP DE 89 68.65 76.51 85.58
C TRP DE 89 67.44 76.09 86.42
N MET DE 90 67.36 74.80 86.77
CA MET DE 90 66.24 74.32 87.58
C MET DE 90 66.24 74.96 88.96
N THR DE 91 67.41 75.13 89.57
CA THR DE 91 67.49 75.70 90.91
C THR DE 91 67.11 77.18 90.93
N SER DE 92 67.60 77.96 89.97
CA SER DE 92 67.45 79.41 90.02
C SER DE 92 66.20 79.91 89.32
N GLU DE 93 65.67 79.19 88.35
CA GLU DE 93 64.56 79.68 87.55
C GLU DE 93 63.31 78.84 87.65
N VAL DE 94 63.43 77.52 87.74
CA VAL DE 94 62.26 76.66 87.80
C VAL DE 94 61.73 76.57 89.22
N PHE DE 95 62.61 76.26 90.18
CA PHE DE 95 62.17 76.03 91.55
C PHE DE 95 61.49 77.24 92.19
N PRO DE 96 62.04 78.46 92.12
CA PRO DE 96 61.33 79.59 92.74
C PRO DE 96 59.95 79.84 92.16
N GLY DE 97 59.77 79.67 90.85
CA GLY DE 97 58.47 79.89 90.25
C GLY DE 97 57.49 78.75 90.46
N ALA DE 98 58.00 77.52 90.56
CA ALA DE 98 57.13 76.37 90.74
C ALA DE 98 56.53 76.31 92.15
N THR DE 99 57.18 76.91 93.13
CA THR DE 99 56.72 76.88 94.52
C THR DE 99 56.28 78.28 94.98
N SER DE 100 55.71 79.06 94.08
CA SER DE 100 55.23 80.40 94.40
C SER DE 100 53.71 80.39 94.52
N SER DE 101 53.16 81.58 94.74
CA SER DE 101 51.70 81.70 94.81
C SER DE 101 51.03 81.46 93.47
N VAL DE 102 51.78 81.55 92.37
CA VAL DE 102 51.21 81.29 91.05
C VAL DE 102 50.74 79.84 90.95
N THR DE 103 51.53 78.91 91.48
CA THR DE 103 51.15 77.50 91.45
C THR DE 103 49.89 77.25 92.28
N LEU DE 104 49.82 77.86 93.46
CA LEU DE 104 48.65 77.69 94.32
C LEU DE 104 47.40 78.29 93.68
N ASP DE 105 47.52 79.47 93.10
CA ASP DE 105 46.36 80.11 92.49
C ASP DE 105 45.89 79.36 91.26
N LEU DE 106 46.81 78.78 90.50
CA LEU DE 106 46.42 77.97 89.35
C LEU DE 106 45.72 76.69 89.77
N ALA DE 107 46.17 76.08 90.87
CA ALA DE 107 45.60 74.81 91.30
C ALA DE 107 44.18 74.98 91.84
N THR DE 108 43.97 75.98 92.70
CA THR DE 108 42.71 76.13 93.41
C THR DE 108 41.78 77.18 92.80
N LYS DE 109 42.27 77.98 91.86
CA LYS DE 109 41.41 78.99 91.24
C LYS DE 109 41.45 78.98 89.71
N GLY DE 110 42.34 78.23 89.08
CA GLY DE 110 42.45 78.26 87.64
C GLY DE 110 42.92 79.58 87.07
N VAL DE 111 43.82 80.26 87.77
CA VAL DE 111 44.32 81.55 87.32
C VAL DE 111 45.51 81.33 86.40
N ILE DE 112 45.37 81.75 85.14
CA ILE DE 112 46.44 81.67 84.16
C ILE DE 112 46.94 83.03 83.72
N HIS DE 113 46.20 84.10 84.00
CA HIS DE 113 46.62 85.46 83.68
C HIS DE 113 47.26 86.08 84.91
N LEU DE 114 48.53 86.44 84.80
CA LEU DE 114 49.30 86.95 85.93
C LEU DE 114 49.07 88.46 86.07
N SER DE 115 49.30 88.96 87.28
CA SER DE 115 49.15 90.37 87.58
C SER DE 115 49.94 90.72 88.84
N ASP DE 116 50.39 91.98 88.92
CA ASP DE 116 50.39 92.99 87.87
C ASP DE 116 51.71 93.76 87.89
N ALA DE 117 52.45 93.60 88.97
CA ALA DE 117 53.70 94.33 89.16
C ALA DE 117 54.92 93.46 88.91
N LEU EE 1 43.61 21.74 128.90
CA LEU EE 1 43.95 21.78 127.48
C LEU EE 1 44.46 23.17 127.11
N SER EE 2 45.75 23.27 126.78
CA SER EE 2 46.39 24.55 126.55
C SER EE 2 47.13 24.54 125.22
N ILE EE 3 47.02 25.65 124.50
CA ILE EE 3 47.86 25.92 123.32
C ILE EE 3 48.51 27.27 123.60
N GLY EE 4 49.72 27.25 124.16
CA GLY EE 4 50.34 28.46 124.64
C GLY EE 4 49.83 28.84 126.01
N THR EE 5 49.29 30.05 126.14
CA THR EE 5 48.65 30.48 127.38
C THR EE 5 47.12 30.42 127.28
N LYS EE 6 46.58 29.87 126.20
CA LYS EE 6 45.15 29.84 125.95
C LYS EE 6 44.58 28.50 126.37
N ASN EE 7 43.48 28.54 127.13
CA ASN EE 7 42.75 27.34 127.50
C ASN EE 7 41.69 27.05 126.45
N VAL EE 8 41.80 25.91 125.78
CA VAL EE 8 40.92 25.56 124.68
C VAL EE 8 40.21 24.25 125.03
N SER EE 9 39.18 23.94 124.23
CA SER EE 9 38.46 22.68 124.33
C SER EE 9 38.24 22.12 122.93
N ILE EE 10 38.07 20.80 122.86
CA ILE EE 10 37.82 20.16 121.57
C ILE EE 10 36.47 20.61 121.03
N TYR EE 11 36.44 21.05 119.79
CA TYR EE 11 35.24 21.52 119.13
C TYR EE 11 34.84 20.68 117.93
N ARG EE 12 35.81 20.21 117.16
CA ARG EE 12 35.55 19.33 116.02
C ARG EE 12 36.72 18.38 115.89
N ASN EE 13 36.42 17.10 115.67
CA ASN EE 13 37.44 16.07 115.64
C ASN EE 13 37.24 15.23 114.38
N THR EE 14 38.14 15.40 113.42
CA THR EE 14 38.14 14.62 112.18
C THR EE 14 39.43 13.81 112.10
N ALA EE 15 39.59 13.08 110.99
CA ALA EE 15 40.72 12.19 110.83
C ALA EE 15 42.04 12.97 110.85
N ASP EE 16 42.09 14.11 110.18
CA ASP EE 16 43.35 14.83 109.99
C ASP EE 16 43.25 16.28 110.45
N GLU EE 17 42.24 16.64 111.24
CA GLU EE 17 42.09 18.01 111.69
C GLU EE 17 41.28 18.02 112.98
N VAL EE 18 41.80 18.68 114.00
CA VAL EE 18 41.09 18.91 115.26
C VAL EE 18 41.01 20.41 115.47
N ILE EE 19 39.80 20.92 115.64
CA ILE EE 19 39.57 22.34 115.90
C ILE EE 19 39.38 22.53 117.39
N TYR EE 20 40.14 23.45 117.98
CA TYR EE 20 40.02 23.79 119.38
C TYR EE 20 39.44 25.20 119.52
N ALA EE 21 38.48 25.36 120.42
CA ALA EE 21 37.77 26.61 120.59
C ALA EE 21 38.22 27.31 121.87
N GLY EE 22 38.45 28.60 121.76
CA GLY EE 22 38.83 29.40 122.91
C GLY EE 22 37.64 29.81 123.73
N PRO EE 23 37.89 30.51 124.84
CA PRO EE 23 36.78 30.92 125.71
C PRO EE 23 35.78 31.86 125.05
N ALA EE 24 36.20 32.59 124.02
CA ALA EE 24 35.35 33.57 123.35
C ALA EE 24 34.67 33.01 122.11
N HIS EE 25 34.73 31.70 121.90
CA HIS EE 25 34.11 31.07 120.74
C HIS EE 25 32.67 30.69 121.04
N ASP EE 26 31.79 30.97 120.09
CA ASP EE 26 30.38 30.64 120.20
C ASP EE 26 29.80 30.58 118.78
N VAL EE 27 28.46 30.58 118.68
CA VAL EE 27 27.81 30.47 117.39
C VAL EE 27 28.07 31.68 116.50
N THR EE 28 28.13 32.88 117.06
CA THR EE 28 28.28 34.09 116.27
C THR EE 28 29.69 34.66 116.22
N ASN EE 29 30.58 34.23 117.10
CA ASN EE 29 31.95 34.72 117.14
C ASN EE 29 32.92 33.56 116.95
N VAL EE 30 34.06 33.85 116.31
CA VAL EE 30 35.06 32.84 116.00
C VAL EE 30 36.28 33.09 116.86
N ASP EE 31 36.64 32.09 117.66
CA ASP EE 31 37.90 32.07 118.41
C ASP EE 31 38.36 30.61 118.41
N THR EE 32 39.17 30.24 117.43
CA THR EE 32 39.53 28.85 117.25
C THR EE 32 41.01 28.70 116.92
N VAL EE 33 41.58 27.56 117.31
CA VAL EE 33 42.90 27.14 116.89
C VAL EE 33 42.76 25.74 116.30
N SER EE 34 43.05 25.61 115.01
CA SER EE 34 42.89 24.35 114.29
C SER EE 34 44.25 23.74 114.01
N LEU EE 35 44.43 22.48 114.39
CA LEU EE 35 45.61 21.71 114.06
C LEU EE 35 45.28 20.79 112.88
N ARG EE 36 46.06 20.89 111.82
CA ARG EE 36 45.85 20.09 110.62
C ARG EE 36 47.15 19.36 110.27
N ARG EE 37 47.00 18.26 109.56
CA ARG EE 37 48.15 17.45 109.19
C ARG EE 37 47.88 16.74 107.88
N SER EE 38 48.96 16.42 107.16
CA SER EE 38 48.91 15.61 105.96
C SER EE 38 50.01 14.55 106.08
N LEU EE 39 49.61 13.30 106.24
CA LEU EE 39 50.57 12.24 106.48
C LEU EE 39 51.43 11.99 105.25
N PRO EE 40 52.68 11.58 105.45
CA PRO EE 40 53.53 11.26 104.30
C PRO EE 40 52.94 10.14 103.46
N VAL EE 41 53.10 10.26 102.15
CA VAL EE 41 52.62 9.27 101.20
C VAL EE 41 53.85 8.67 100.51
N LYS EE 42 54.05 7.36 100.68
CA LYS EE 42 55.19 6.68 100.09
C LYS EE 42 54.92 6.49 98.60
N LYS EE 43 55.11 7.57 97.85
CA LYS EE 43 54.86 7.58 96.42
C LYS EE 43 56.14 7.26 95.68
N GLY EE 44 56.16 6.12 95.00
CA GLY EE 44 57.36 5.70 94.29
C GLY EE 44 58.51 5.52 95.24
N SER EE 45 59.66 6.09 94.89
CA SER EE 45 60.85 6.03 95.74
C SER EE 45 60.88 7.14 96.78
N ASP EE 46 60.16 8.23 96.57
CA ASP EE 46 60.10 9.30 97.55
C ASP EE 46 59.34 8.81 98.79
N ASN EE 47 59.90 9.07 99.96
CA ASN EE 47 59.28 8.65 101.21
C ASN EE 47 58.16 9.59 101.65
N GLY EE 48 57.94 10.70 100.96
CA GLY EE 48 56.86 11.60 101.29
C GLY EE 48 57.33 12.78 102.12
N THR EE 49 56.35 13.59 102.52
CA THR EE 49 56.59 14.79 103.31
C THR EE 49 55.54 14.89 104.39
N MET EE 50 55.96 15.32 105.58
CA MET EE 50 55.05 15.59 106.68
C MET EE 50 54.64 17.05 106.64
N ARG EE 51 53.35 17.31 106.45
CA ARG EE 51 52.81 18.66 106.43
C ARG EE 51 51.99 18.88 107.70
N GLY EE 52 52.32 19.93 108.43
CA GLY EE 52 51.57 20.31 109.62
C GLY EE 52 51.14 21.76 109.51
N ASN EE 53 49.89 22.03 109.90
CA ASN EE 53 49.32 23.37 109.80
C ASN EE 53 48.69 23.74 111.13
N MET EE 54 49.05 24.91 111.64
CA MET EE 54 48.41 25.50 112.80
C MET EE 54 47.67 26.75 112.36
N ASN EE 55 46.35 26.77 112.57
CA ASN EE 55 45.49 27.84 112.08
C ASN EE 55 44.92 28.60 113.27
N PHE EE 56 45.03 29.92 113.23
CA PHE EE 56 44.45 30.80 114.24
C PHE EE 56 43.38 31.65 113.58
N ALA EE 57 42.19 31.67 114.16
CA ALA EE 57 41.08 32.44 113.62
C ALA EE 57 40.42 33.23 114.74
N LYS EE 58 40.15 34.51 114.47
CA LYS EE 58 39.47 35.37 115.43
C LYS EE 58 38.59 36.36 114.68
N SER EE 59 37.43 36.63 115.25
CA SER EE 59 36.52 37.64 114.73
C SER EE 59 36.85 39.00 115.34
N PHE EE 60 36.79 40.03 114.49
CA PHE EE 60 37.16 41.37 114.90
C PHE EE 60 36.10 42.36 114.43
N PRO EE 61 35.87 43.43 115.17
CA PRO EE 61 34.95 44.48 114.69
C PRO EE 61 35.51 45.16 113.43
N ASN EE 62 34.72 45.15 112.37
CA ASN EE 62 35.09 45.77 111.09
C ASN EE 62 33.96 46.73 110.71
N GLY EE 63 34.04 47.95 111.22
CA GLY EE 63 32.99 48.93 110.99
C GLY EE 63 31.65 48.44 111.50
N ASP EE 64 30.74 48.11 110.59
CA ASP EE 64 29.43 47.61 110.98
C ASP EE 64 29.46 46.10 111.20
N LYS EE 65 30.13 45.37 110.33
CA LYS EE 65 30.14 43.91 110.40
C LYS EE 65 31.36 43.42 111.19
N LYS EE 66 31.56 42.12 111.22
CA LYS EE 66 32.67 41.50 111.93
C LYS EE 66 33.51 40.71 110.95
N SER EE 67 34.81 40.99 110.90
CA SER EE 67 35.71 40.35 109.96
C SER EE 67 36.58 39.32 110.67
N LEU EE 68 37.02 38.32 109.90
CA LEU EE 68 37.81 37.21 110.41
C LEU EE 68 39.28 37.42 110.07
N VAL EE 69 40.12 37.45 111.10
CA VAL EE 69 41.57 37.54 110.94
C VAL EE 69 42.15 36.15 111.14
N VAL EE 70 42.94 35.68 110.18
CA VAL EE 70 43.47 34.33 110.19
C VAL EE 70 44.99 34.39 110.12
N VAL EE 71 45.65 33.68 111.03
CA VAL EE 71 47.09 33.50 111.02
C VAL EE 71 47.39 32.02 110.81
N ASN EE 72 48.15 31.71 109.77
CA ASN EE 72 48.49 30.34 109.43
C ASN EE 72 49.96 30.08 109.71
N LEU EE 73 50.27 28.84 110.07
CA LEU EE 73 51.64 28.41 110.29
C LEU EE 73 51.75 26.98 109.75
N THR EE 74 52.46 26.83 108.64
CA THR EE 74 52.60 25.54 107.97
C THR EE 74 54.06 25.14 107.92
N ALA EE 75 54.35 23.87 108.22
CA ALA EE 75 55.69 23.32 108.15
C ALA EE 75 55.71 22.13 107.20
N HIS EE 76 56.76 22.05 106.40
CA HIS EE 76 56.96 20.95 105.46
C HIS EE 76 58.27 20.27 105.81
N VAL EE 77 58.19 19.06 106.35
CA VAL EE 77 59.38 18.30 106.75
C VAL EE 77 59.45 17.02 105.95
N PRO EE 78 60.36 16.90 104.99
CA PRO EE 78 60.47 15.66 104.21
C PRO EE 78 60.89 14.49 105.08
N VAL EE 79 60.41 13.30 104.72
CA VAL EE 79 60.71 12.09 105.48
C VAL EE 79 62.18 11.73 105.28
N GLY EE 80 62.85 11.39 106.40
CA GLY EE 80 64.26 11.06 106.39
C GLY EE 80 65.14 12.13 107.01
N VAL EE 81 64.70 13.39 106.94
CA VAL EE 81 65.43 14.46 107.58
C VAL EE 81 65.40 14.25 109.09
N ASP EE 82 66.56 14.43 109.72
CA ASP EE 82 66.66 14.24 111.16
C ASP EE 82 65.73 15.20 111.89
N ALA EE 83 64.83 14.66 112.71
CA ALA EE 83 63.81 15.48 113.36
C ALA EE 83 64.44 16.43 114.38
N THR EE 84 65.45 15.97 115.11
CA THR EE 84 66.07 16.80 116.14
C THR EE 84 66.74 18.02 115.54
N ALA EE 85 67.37 17.86 114.37
CA ALA EE 85 67.99 18.99 113.70
C ALA EE 85 66.93 20.02 113.29
N VAL EE 86 65.76 19.55 112.84
CA VAL EE 86 64.69 20.45 112.46
C VAL EE 86 64.17 21.21 113.68
N ARG EE 87 64.02 20.52 114.81
CA ARG EE 87 63.40 21.14 115.98
C ARG EE 87 64.30 22.21 116.59
N THR EE 88 65.62 22.02 116.56
CA THR EE 88 66.51 23.06 117.04
C THR EE 88 66.61 24.21 116.05
N TRP EE 89 66.35 23.95 114.77
CA TRP EE 89 66.33 25.02 113.78
C TRP EE 89 65.11 25.92 113.98
N MET EE 90 63.93 25.33 114.18
CA MET EE 90 62.74 26.14 114.43
C MET EE 90 62.85 26.90 115.75
N THR EE 91 63.36 26.23 116.79
CA THR EE 91 63.44 26.86 118.10
C THR EE 91 64.39 28.06 118.10
N SER EE 92 65.51 27.94 117.39
CA SER EE 92 66.55 28.98 117.42
C SER EE 92 66.48 29.95 116.25
N GLU EE 93 66.08 29.51 115.07
CA GLU EE 93 66.14 30.34 113.88
C GLU EE 93 64.78 30.77 113.36
N VAL EE 94 63.74 29.96 113.51
CA VAL EE 94 62.45 30.30 112.93
C VAL EE 94 61.57 31.02 113.93
N PHE EE 95 61.41 30.46 115.12
CA PHE EE 95 60.51 31.00 116.15
C PHE EE 95 60.88 32.41 116.58
N PRO EE 96 62.14 32.73 116.89
CA PRO EE 96 62.46 34.12 117.27
C PRO EE 96 62.18 35.11 116.15
N GLY EE 97 62.38 34.73 114.89
CA GLY EE 97 62.10 35.63 113.78
C GLY EE 97 60.64 35.71 113.42
N ALA EE 98 59.87 34.65 113.66
CA ALA EE 98 58.46 34.62 113.32
C ALA EE 98 57.57 35.33 114.34
N THR EE 99 58.13 35.71 115.49
CA THR EE 99 57.35 36.37 116.54
C THR EE 99 57.88 37.77 116.85
N SER EE 100 58.69 38.33 115.97
CA SER EE 100 59.28 39.64 116.19
C SER EE 100 58.34 40.72 115.67
N SER EE 101 58.81 41.97 115.69
CA SER EE 101 58.02 43.08 115.14
C SER EE 101 57.92 43.01 113.63
N VAL EE 102 58.77 42.22 112.97
CA VAL EE 102 58.70 42.07 111.52
C VAL EE 102 57.37 41.44 111.13
N THR EE 103 56.94 40.42 111.87
CA THR EE 103 55.64 39.81 111.59
C THR EE 103 54.51 40.80 111.75
N LEU EE 104 54.56 41.63 112.80
CA LEU EE 104 53.50 42.59 113.05
C LEU EE 104 53.40 43.63 111.93
N ASP EE 105 54.55 44.14 111.48
CA ASP EE 105 54.54 45.11 110.39
C ASP EE 105 54.09 44.46 109.08
N LEU EE 106 54.54 43.25 108.81
CA LEU EE 106 54.15 42.55 107.60
C LEU EE 106 52.66 42.23 107.59
N ALA EE 107 52.10 41.83 108.74
CA ALA EE 107 50.69 41.45 108.79
C ALA EE 107 49.77 42.66 108.65
N THR EE 108 50.12 43.78 109.29
CA THR EE 108 49.23 44.93 109.33
C THR EE 108 49.51 45.95 108.25
N LYS EE 109 50.78 46.13 107.86
CA LYS EE 109 51.14 47.15 106.88
C LYS EE 109 51.84 46.60 105.65
N GLY EE 110 52.11 45.30 105.57
CA GLY EE 110 52.77 44.75 104.42
C GLY EE 110 54.21 45.17 104.23
N VAL EE 111 54.94 45.40 105.31
CA VAL EE 111 56.33 45.85 105.23
C VAL EE 111 57.21 44.64 104.93
N ILE EE 112 57.96 44.72 103.83
CA ILE EE 112 58.86 43.66 103.41
C ILE EE 112 60.32 44.08 103.43
N HIS EE 113 60.61 45.33 103.80
CA HIS EE 113 61.98 45.83 103.89
C HIS EE 113 62.27 46.13 105.36
N LEU EE 114 63.08 45.29 106.00
CA LEU EE 114 63.36 45.43 107.44
C LEU EE 114 64.67 46.19 107.65
N SER EE 115 64.70 47.42 107.17
CA SER EE 115 65.86 48.28 107.33
C SER EE 115 65.93 48.82 108.76
N ASP EE 116 67.15 48.95 109.27
CA ASP EE 116 68.39 48.53 108.64
C ASP EE 116 69.28 47.78 109.63
N ALA EE 117 69.05 48.03 110.92
CA ALA EE 117 69.84 47.42 111.97
C ALA EE 117 69.44 45.96 112.18
N LEU FE 1 -82.40 97.16 51.68
CA LEU FE 1 -81.97 95.77 51.83
C LEU FE 1 -81.72 95.42 53.30
N SER FE 2 -82.48 94.45 53.80
CA SER FE 2 -82.37 94.03 55.18
C SER FE 2 -82.54 92.52 55.28
N ILE FE 3 -81.90 91.93 56.28
CA ILE FE 3 -82.04 90.52 56.62
C ILE FE 3 -82.41 90.49 58.10
N GLY FE 4 -83.69 90.39 58.39
CA GLY FE 4 -84.16 90.58 59.75
C GLY FE 4 -84.11 92.04 60.14
N THR FE 5 -83.31 92.37 61.15
CA THR FE 5 -83.15 93.75 61.59
C THR FE 5 -81.80 94.34 61.20
N LYS FE 6 -81.04 93.65 60.35
CA LYS FE 6 -79.71 94.10 59.94
C LYS FE 6 -79.74 94.61 58.51
N ASN FE 7 -79.18 95.80 58.31
CA ASN FE 7 -79.06 96.39 56.98
C ASN FE 7 -77.84 95.82 56.28
N VAL FE 8 -78.01 95.35 55.04
CA VAL FE 8 -76.94 94.73 54.28
C VAL FE 8 -76.91 95.36 52.90
N SER FE 9 -75.82 95.08 52.17
CA SER FE 9 -75.64 95.56 50.81
C SER FE 9 -75.12 94.42 49.96
N ILE FE 10 -75.49 94.43 48.68
CA ILE FE 10 -74.93 93.47 47.72
C ILE FE 10 -73.42 93.59 47.72
N TYR FE 11 -72.73 92.46 47.93
CA TYR FE 11 -71.28 92.42 47.96
C TYR FE 11 -70.68 91.52 46.89
N ARG FE 12 -71.18 90.31 46.75
CA ARG FE 12 -70.72 89.38 45.73
C ARG FE 12 -71.92 88.67 45.12
N ASN FE 13 -71.93 88.57 43.80
CA ASN FE 13 -73.03 87.97 43.06
C ASN FE 13 -72.49 86.86 42.17
N THR FE 14 -73.05 85.66 42.31
CA THR FE 14 -72.78 84.58 41.39
C THR FE 14 -74.08 83.98 40.90
N ALA FE 15 -74.00 82.91 40.09
CA ALA FE 15 -75.22 82.33 39.51
C ALA FE 15 -76.14 81.78 40.59
N ASP FE 16 -75.59 81.09 41.58
CA ASP FE 16 -76.39 80.43 42.61
C ASP FE 16 -76.07 80.89 44.02
N GLU FE 17 -75.25 81.92 44.18
CA GLU FE 17 -74.90 82.39 45.51
C GLU FE 17 -74.75 83.90 45.50
N VAL FE 18 -75.36 84.55 46.48
CA VAL FE 18 -75.24 85.99 46.68
C VAL FE 18 -74.74 86.23 48.09
N ILE FE 19 -73.68 87.02 48.22
CA ILE FE 19 -73.12 87.39 49.52
C ILE FE 19 -73.50 88.84 49.80
N TYR FE 20 -74.05 89.09 50.98
CA TYR FE 20 -74.36 90.43 51.45
C TYR FE 20 -73.41 90.79 52.58
N ALA FE 21 -73.07 92.08 52.65
CA ALA FE 21 -72.12 92.58 53.63
C ALA FE 21 -72.82 93.44 54.66
N GLY FE 22 -72.51 93.22 55.93
CA GLY FE 22 -73.06 94.01 57.01
C GLY FE 22 -72.32 95.31 57.20
N PRO FE 23 -72.79 96.14 58.13
CA PRO FE 23 -72.15 97.45 58.35
C PRO FE 23 -70.73 97.36 58.85
N ALA FE 24 -70.33 96.25 59.46
CA ALA FE 24 -69.00 96.11 60.04
C ALA FE 24 -68.03 95.36 59.15
N HIS FE 25 -68.40 95.05 57.92
CA HIS FE 25 -67.53 94.29 57.03
C HIS FE 25 -66.53 95.22 56.34
N ASP FE 26 -65.26 94.90 56.47
CA ASP FE 26 -64.20 95.62 55.78
C ASP FE 26 -63.05 94.66 55.53
N VAL FE 27 -61.86 95.20 55.24
CA VAL FE 27 -60.68 94.41 54.91
C VAL FE 27 -60.23 93.59 56.12
N THR FE 28 -60.56 94.06 57.33
CA THR FE 28 -60.08 93.42 58.56
C THR FE 28 -61.15 92.63 59.29
N ASN FE 29 -62.43 93.02 59.19
CA ASN FE 29 -63.49 92.39 59.95
C ASN FE 29 -64.51 91.78 58.99
N VAL FE 30 -64.93 90.56 59.30
CA VAL FE 30 -65.92 89.86 58.49
C VAL FE 30 -67.30 90.05 59.12
N ASP FE 31 -68.25 90.51 58.30
CA ASP FE 31 -69.66 90.60 58.70
C ASP FE 31 -70.48 90.38 57.44
N THR FE 32 -70.86 89.13 57.18
CA THR FE 32 -71.50 88.77 55.94
C THR FE 32 -72.64 87.79 56.18
N VAL FE 33 -73.64 87.87 55.31
CA VAL FE 33 -74.71 86.87 55.22
C VAL FE 33 -74.78 86.41 53.77
N SER FE 34 -74.71 85.10 53.56
CA SER FE 34 -74.68 84.53 52.21
C SER FE 34 -75.93 83.70 51.98
N LEU FE 35 -76.52 83.87 50.80
CA LEU FE 35 -77.69 83.10 50.37
C LEU FE 35 -77.29 82.24 49.19
N ARG FE 36 -77.41 80.92 49.34
CA ARG FE 36 -77.02 79.97 48.31
C ARG FE 36 -78.16 79.00 48.04
N ARG FE 37 -78.34 78.66 46.77
CA ARG FE 37 -79.38 77.73 46.37
C ARG FE 37 -78.78 76.60 45.54
N SER FE 38 -79.37 75.42 45.67
CA SER FE 38 -79.04 74.27 44.83
C SER FE 38 -80.34 73.84 44.18
N LEU FE 39 -80.56 74.30 42.94
CA LEU FE 39 -81.82 74.02 42.27
C LEU FE 39 -81.93 72.53 41.95
N PRO FE 40 -83.14 71.98 42.02
CA PRO FE 40 -83.31 70.54 41.80
C PRO FE 40 -82.93 70.15 40.38
N VAL FE 41 -82.32 68.97 40.27
CA VAL FE 41 -82.07 68.33 38.98
C VAL FE 41 -82.97 67.09 38.95
N LYS FE 42 -83.81 66.99 37.91
CA LYS FE 42 -84.82 65.94 37.82
C LYS FE 42 -84.28 64.82 36.95
N LYS FE 43 -83.20 64.21 37.41
CA LYS FE 43 -82.59 63.07 36.73
C LYS FE 43 -83.49 61.84 36.86
N GLY FE 44 -83.48 61.03 35.81
CA GLY FE 44 -84.31 59.83 35.76
C GLY FE 44 -85.76 60.08 36.05
N SER FE 45 -86.27 59.48 37.12
CA SER FE 45 -87.64 59.70 37.58
C SER FE 45 -87.74 60.59 38.80
N ASP FE 46 -86.71 60.61 39.64
CA ASP FE 46 -86.74 61.47 40.83
C ASP FE 46 -86.65 62.93 40.41
N ASN FE 47 -87.49 63.76 41.02
CA ASN FE 47 -87.55 65.18 40.69
C ASN FE 47 -86.48 66.00 41.40
N GLY FE 48 -85.65 65.38 42.23
CA GLY FE 48 -84.58 66.08 42.89
C GLY FE 48 -85.02 66.83 44.13
N THR FE 49 -84.06 67.55 44.71
CA THR FE 49 -84.27 68.25 45.96
C THR FE 49 -83.87 69.71 45.79
N MET FE 50 -84.63 70.60 46.41
CA MET FE 50 -84.29 72.01 46.47
C MET FE 50 -83.54 72.29 47.77
N ARG FE 51 -82.32 72.77 47.66
CA ARG FE 51 -81.45 73.01 48.81
C ARG FE 51 -81.17 74.50 48.93
N GLY FE 52 -81.64 75.10 50.01
CA GLY FE 52 -81.38 76.50 50.27
C GLY FE 52 -80.55 76.72 51.53
N ASN FE 53 -79.38 77.32 51.37
CA ASN FE 53 -78.45 77.52 52.48
C ASN FE 53 -78.29 79.00 52.76
N MET FE 54 -78.43 79.39 54.02
CA MET FE 54 -78.18 80.75 54.48
C MET FE 54 -77.00 80.73 55.45
N ASN FE 55 -75.99 81.54 55.16
CA ASN FE 55 -74.72 81.52 55.88
C ASN FE 55 -74.54 82.81 56.66
N PHE FE 56 -74.10 82.70 57.90
CA PHE FE 56 -73.75 83.85 58.73
C PHE FE 56 -72.29 83.73 59.14
N ALA FE 57 -71.51 84.78 58.89
CA ALA FE 57 -70.09 84.78 59.19
C ALA FE 57 -69.73 86.05 59.95
N LYS FE 58 -68.93 85.90 60.99
CA LYS FE 58 -68.51 87.04 61.80
C LYS FE 58 -67.15 86.75 62.41
N SER FE 59 -66.22 87.68 62.23
CA SER FE 59 -64.91 87.57 62.87
C SER FE 59 -65.02 87.97 64.34
N PHE FE 60 -64.29 87.25 65.19
CA PHE FE 60 -64.32 87.46 66.61
C PHE FE 60 -62.90 87.52 67.15
N PRO FE 61 -62.67 88.26 68.23
CA PRO FE 61 -61.34 88.26 68.86
C PRO FE 61 -61.03 86.91 69.48
N ASN FE 62 -59.88 86.35 69.11
CA ASN FE 62 -59.43 85.05 69.64
C ASN FE 62 -57.96 85.23 70.02
N GLY FE 63 -57.74 85.65 71.25
CA GLY FE 63 -56.38 85.96 71.69
C GLY FE 63 -55.84 87.13 70.89
N ASP FE 64 -54.65 86.94 70.30
CA ASP FE 64 -54.04 87.97 69.47
C ASP FE 64 -54.58 87.99 68.05
N LYS FE 65 -55.06 86.86 67.56
CA LYS FE 65 -55.56 86.74 66.19
C LYS FE 65 -57.08 86.92 66.17
N LYS FE 66 -57.68 86.64 65.02
CA LYS FE 66 -59.12 86.72 64.83
C LYS FE 66 -59.63 85.37 64.33
N SER FE 67 -60.84 85.01 64.78
CA SER FE 67 -61.43 83.73 64.43
C SER FE 67 -62.79 83.94 63.79
N LEU FE 68 -63.12 83.11 62.82
CA LEU FE 68 -64.38 83.19 62.10
C LEU FE 68 -65.39 82.25 62.71
N VAL FE 69 -66.52 82.79 63.17
CA VAL FE 69 -67.65 82.00 63.64
C VAL FE 69 -68.69 81.96 62.54
N VAL FE 70 -69.09 80.76 62.15
CA VAL FE 70 -70.01 80.55 61.02
C VAL FE 70 -71.24 79.82 61.52
N VAL FE 71 -72.42 80.33 61.16
CA VAL FE 71 -73.69 79.69 61.45
C VAL FE 71 -74.39 79.39 60.13
N ASN FE 72 -74.76 78.13 59.94
CA ASN FE 72 -75.39 77.67 58.71
C ASN FE 72 -76.82 77.23 58.99
N LEU FE 73 -77.72 77.60 58.08
CA LEU FE 73 -79.11 77.16 58.13
C LEU FE 73 -79.51 76.68 56.74
N THR FE 74 -79.71 75.38 56.60
CA THR FE 74 -79.98 74.75 55.31
C THR FE 74 -81.30 74.02 55.34
N ALA FE 75 -82.08 74.17 54.28
CA ALA FE 75 -83.36 73.49 54.12
C ALA FE 75 -83.28 72.51 52.95
N HIS FE 76 -83.74 71.28 53.16
CA HIS FE 76 -83.78 70.26 52.13
C HIS FE 76 -85.24 69.91 51.88
N VAL FE 77 -85.80 70.43 50.79
CA VAL FE 77 -87.21 70.25 50.46
C VAL FE 77 -87.28 69.44 49.16
N PRO FE 78 -87.72 68.19 49.21
CA PRO FE 78 -87.89 67.42 47.97
C PRO FE 78 -88.99 68.01 47.10
N VAL FE 79 -88.82 67.87 45.79
CA VAL FE 79 -89.78 68.42 44.84
C VAL FE 79 -91.07 67.62 44.88
N GLY FE 80 -92.21 68.31 44.97
CA GLY FE 80 -93.52 67.71 45.09
C GLY FE 80 -94.19 67.97 46.41
N VAL FE 81 -93.40 68.25 47.45
CA VAL FE 81 -93.95 68.59 48.75
C VAL FE 81 -94.61 69.96 48.68
N ASP FE 82 -95.79 70.08 49.29
CA ASP FE 82 -96.49 71.35 49.32
C ASP FE 82 -95.67 72.42 50.03
N ALA FE 83 -95.41 73.52 49.31
CA ALA FE 83 -94.61 74.61 49.89
C ALA FE 83 -95.32 75.23 51.09
N THR FE 84 -96.64 75.39 51.00
CA THR FE 84 -97.39 75.99 52.10
C THR FE 84 -97.30 75.13 53.36
N ALA FE 85 -97.37 73.80 53.20
CA ALA FE 85 -97.26 72.91 54.34
C ALA FE 85 -95.86 72.97 54.96
N VAL FE 86 -94.84 73.14 54.12
CA VAL FE 86 -93.47 73.23 54.63
C VAL FE 86 -93.26 74.55 55.38
N ARG FE 87 -93.77 75.65 54.82
CA ARG FE 87 -93.58 76.95 55.44
C ARG FE 87 -94.26 77.02 56.80
N THR FE 88 -95.44 76.41 56.94
CA THR FE 88 -96.11 76.37 58.23
C THR FE 88 -95.31 75.54 59.23
N TRP FE 89 -94.74 74.42 58.79
CA TRP FE 89 -93.92 73.61 59.69
C TRP FE 89 -92.67 74.35 60.12
N MET FE 90 -92.02 75.06 59.18
CA MET FE 90 -90.81 75.80 59.53
C MET FE 90 -91.10 76.93 60.50
N THR FE 91 -92.22 77.65 60.31
CA THR FE 91 -92.53 78.81 61.14
C THR FE 91 -92.97 78.40 62.53
N SER FE 92 -93.77 77.34 62.65
CA SER FE 92 -94.36 76.96 63.92
C SER FE 92 -93.53 75.98 64.73
N GLU FE 93 -92.68 75.19 64.07
CA GLU FE 93 -91.91 74.17 64.77
C GLU FE 93 -90.40 74.38 64.70
N VAL FE 94 -89.86 74.67 63.52
CA VAL FE 94 -88.42 74.79 63.37
C VAL FE 94 -87.93 76.13 63.91
N PHE FE 95 -88.58 77.23 63.49
CA PHE FE 95 -88.10 78.56 63.86
C PHE FE 95 -88.09 78.81 65.37
N PRO FE 96 -89.15 78.50 66.12
CA PRO FE 96 -89.04 78.68 67.59
C PRO FE 96 -87.98 77.81 68.23
N GLY FE 97 -87.76 76.60 67.72
CA GLY FE 97 -86.75 75.73 68.31
C GLY FE 97 -85.33 76.07 67.91
N ALA FE 98 -85.15 76.66 66.74
CA ALA FE 98 -83.83 77.01 66.24
C ALA FE 98 -83.35 78.36 66.77
N THR FE 99 -84.17 79.07 67.54
CA THR FE 99 -83.78 80.34 68.14
C THR FE 99 -83.90 80.31 69.65
N SER FE 100 -84.02 79.12 70.24
CA SER FE 100 -84.14 78.98 71.67
C SER FE 100 -82.75 78.92 72.31
N SER FE 101 -82.73 78.83 73.65
CA SER FE 101 -81.47 78.66 74.35
C SER FE 101 -80.83 77.31 74.06
N VAL FE 102 -81.60 76.35 73.54
CA VAL FE 102 -81.04 75.06 73.15
C VAL FE 102 -80.00 75.24 72.06
N THR FE 103 -80.32 76.07 71.05
CA THR FE 103 -79.35 76.36 70.00
C THR FE 103 -78.13 77.09 70.54
N LEU FE 104 -78.36 78.05 71.44
CA LEU FE 104 -77.25 78.80 72.01
C LEU FE 104 -76.33 77.91 72.82
N ASP FE 105 -76.89 76.97 73.59
CA ASP FE 105 -76.07 76.10 74.41
C ASP FE 105 -75.31 75.09 73.56
N LEU FE 106 -75.93 74.60 72.49
CA LEU FE 106 -75.24 73.64 71.62
C LEU FE 106 -74.06 74.28 70.90
N ALA FE 107 -74.23 75.52 70.44
CA ALA FE 107 -73.19 76.18 69.66
C ALA FE 107 -71.99 76.55 70.51
N THR FE 108 -72.23 77.09 71.71
CA THR FE 108 -71.15 77.63 72.53
C THR FE 108 -70.69 76.69 73.64
N LYS FE 109 -71.46 75.66 73.97
CA LYS FE 109 -71.08 74.73 75.02
C LYS FE 109 -71.13 73.28 74.59
N GLY FE 110 -71.66 72.99 73.41
CA GLY FE 110 -71.78 71.60 72.97
C GLY FE 110 -72.76 70.79 73.78
N VAL FE 111 -73.87 71.39 74.23
CA VAL FE 111 -74.84 70.70 75.06
C VAL FE 111 -75.86 70.02 74.16
N ILE FE 112 -75.96 68.69 74.28
CA ILE FE 112 -76.91 67.90 73.51
C ILE FE 112 -77.98 67.26 74.38
N HIS FE 113 -77.95 67.50 75.69
CA HIS FE 113 -78.95 66.99 76.62
C HIS FE 113 -79.72 68.17 77.18
N LEU FE 114 -81.00 68.30 76.80
CA LEU FE 114 -81.83 69.40 77.28
C LEU FE 114 -82.69 68.91 78.45
N SER FE 115 -82.03 68.67 79.58
CA SER FE 115 -82.73 68.37 80.82
C SER FE 115 -83.14 69.66 81.52
N ASP FE 116 -84.26 69.59 82.25
CA ASP FE 116 -85.18 68.46 82.36
C ASP FE 116 -86.63 68.96 82.29
N ALA FE 117 -86.80 70.28 82.37
CA ALA FE 117 -88.12 70.89 82.36
C ALA FE 117 -88.88 70.60 81.07
N LEU GE 1 -89.36 68.00 78.97
CA LEU GE 1 -88.43 68.06 77.85
C LEU GE 1 -89.09 68.70 76.64
N SER GE 2 -88.64 69.91 76.31
CA SER GE 2 -89.21 70.67 75.21
C SER GE 2 -88.10 71.38 74.44
N ILE GE 3 -88.26 71.44 73.13
CA ILE GE 3 -87.38 72.19 72.25
C ILE GE 3 -88.25 73.25 71.58
N GLY GE 4 -87.99 74.51 71.89
CA GLY GE 4 -88.86 75.58 71.43
C GLY GE 4 -90.24 75.47 72.02
N THR GE 5 -91.25 75.36 71.17
CA THR GE 5 -92.63 75.16 71.62
C THR GE 5 -93.08 73.71 71.50
N LYS GE 6 -92.20 72.81 71.06
CA LYS GE 6 -92.56 71.41 70.84
C LYS GE 6 -92.05 70.56 71.98
N ASN GE 7 -92.97 69.80 72.59
CA ASN GE 7 -92.57 68.80 73.57
C ASN GE 7 -91.98 67.58 72.88
N VAL GE 8 -90.82 67.13 73.37
CA VAL GE 8 -90.12 66.00 72.79
C VAL GE 8 -89.74 65.03 73.89
N SER GE 9 -89.31 63.84 73.48
CA SER GE 9 -88.81 62.82 74.38
C SER GE 9 -87.55 62.22 73.79
N ILE GE 10 -86.70 61.68 74.67
CA ILE GE 10 -85.46 61.06 74.22
C ILE GE 10 -85.79 59.82 73.42
N TYR GE 11 -85.25 59.73 72.21
CA TYR GE 11 -85.49 58.62 71.30
C TYR GE 11 -84.26 57.75 71.12
N ARG GE 12 -83.11 58.34 70.80
CA ARG GE 12 -81.86 57.61 70.71
C ARG GE 12 -80.76 58.49 71.29
N ASN GE 13 -79.79 57.86 71.93
CA ASN GE 13 -78.77 58.57 72.70
C ASN GE 13 -77.41 57.90 72.44
N THR GE 14 -76.56 58.57 71.69
CA THR GE 14 -75.17 58.17 71.50
C THR GE 14 -74.25 59.14 72.23
N ALA GE 15 -72.94 58.95 72.06
CA ALA GE 15 -71.98 59.75 72.80
C ALA GE 15 -72.04 61.22 72.40
N ASP GE 16 -72.12 61.51 71.10
CA ASP GE 16 -72.11 62.89 70.62
C ASP GE 16 -73.37 63.25 69.86
N GLU GE 17 -74.43 62.45 69.94
CA GLU GE 17 -75.69 62.77 69.31
C GLU GE 17 -76.83 62.21 70.13
N VAL GE 18 -77.83 63.06 70.39
CA VAL GE 18 -79.07 62.63 71.03
C VAL GE 18 -80.22 62.99 70.10
N ILE GE 19 -80.96 61.98 69.66
CA ILE GE 19 -82.12 62.17 68.80
C ILE GE 19 -83.35 62.24 69.69
N TYR GE 20 -84.15 63.28 69.51
CA TYR GE 20 -85.41 63.44 70.23
C TYR GE 20 -86.57 63.24 69.25
N ALA GE 21 -87.69 62.77 69.78
CA ALA GE 21 -88.85 62.43 68.98
C ALA GE 21 -90.01 63.36 69.33
N GLY GE 22 -90.69 63.86 68.31
CA GLY GE 22 -91.88 64.65 68.51
C GLY GE 22 -93.04 63.78 68.94
N PRO GE 23 -94.15 64.41 69.34
CA PRO GE 23 -95.31 63.62 69.78
C PRO GE 23 -95.86 62.71 68.70
N ALA GE 24 -95.76 63.11 67.44
CA ALA GE 24 -96.30 62.33 66.34
C ALA GE 24 -95.34 61.29 65.79
N HIS GE 25 -94.08 61.30 66.22
CA HIS GE 25 -93.08 60.38 65.67
C HIS GE 25 -93.50 58.94 65.91
N ASP GE 26 -93.35 58.11 64.88
CA ASP GE 26 -93.74 56.71 64.94
C ASP GE 26 -92.91 55.93 63.93
N VAL GE 27 -93.32 54.68 63.67
CA VAL GE 27 -92.57 53.81 62.78
C VAL GE 27 -92.73 54.18 61.32
N THR GE 28 -93.72 54.99 60.96
CA THR GE 28 -93.92 55.41 59.58
C THR GE 28 -93.84 56.91 59.37
N ASN GE 29 -94.05 57.73 60.41
CA ASN GE 29 -93.94 59.18 60.32
C ASN GE 29 -92.70 59.62 61.09
N VAL GE 30 -91.87 60.42 60.45
CA VAL GE 30 -90.66 60.94 61.08
C VAL GE 30 -90.96 62.33 61.63
N ASP GE 31 -90.75 62.51 62.93
CA ASP GE 31 -90.82 63.83 63.57
C ASP GE 31 -89.74 63.83 64.64
N THR GE 32 -88.53 64.28 64.27
CA THR GE 32 -87.37 64.19 65.14
C THR GE 32 -86.59 65.49 65.13
N VAL GE 33 -85.96 65.77 66.28
CA VAL GE 33 -84.99 66.85 66.40
C VAL GE 33 -83.70 66.22 66.90
N SER GE 34 -82.64 66.30 66.10
CA SER GE 34 -81.35 65.73 66.47
C SER GE 34 -80.40 66.82 66.94
N LEU GE 35 -79.72 66.56 68.05
CA LEU GE 35 -78.65 67.43 68.54
C LEU GE 35 -77.35 66.67 68.44
N ARG GE 36 -76.51 67.09 67.49
CA ARG GE 36 -75.22 66.46 67.26
C ARG GE 36 -74.11 67.48 67.50
N ARG GE 37 -72.98 66.99 68.01
CA ARG GE 37 -71.83 67.85 68.25
C ARG GE 37 -70.57 67.16 67.75
N SER GE 38 -69.60 67.97 67.36
CA SER GE 38 -68.26 67.51 67.05
C SER GE 38 -67.28 68.26 67.94
N LEU GE 39 -66.67 67.55 68.87
CA LEU GE 39 -65.82 68.20 69.86
C LEU GE 39 -64.52 68.69 69.22
N PRO GE 40 -63.97 69.80 69.72
CA PRO GE 40 -62.73 70.35 69.14
C PRO GE 40 -61.58 69.36 69.24
N VAL GE 41 -60.81 69.29 68.16
CA VAL GE 41 -59.62 68.44 68.12
C VAL GE 41 -58.40 69.35 68.11
N LYS GE 42 -57.61 69.27 69.18
CA LYS GE 42 -56.41 70.11 69.32
C LYS GE 42 -55.34 69.54 68.41
N LYS GE 43 -55.24 70.09 67.20
CA LYS GE 43 -54.25 69.65 66.22
C LYS GE 43 -53.30 70.79 65.91
N GLY GE 44 -52.00 70.50 65.92
CA GLY GE 44 -51.02 71.53 65.66
C GLY GE 44 -51.11 72.65 66.67
N SER GE 45 -50.92 73.89 66.19
CA SER GE 45 -51.12 75.06 67.01
C SER GE 45 -52.58 75.51 67.05
N ASP GE 46 -53.44 74.89 66.25
CA ASP GE 46 -54.85 75.23 66.25
C ASP GE 46 -55.58 74.43 67.33
N ASN GE 47 -56.30 75.13 68.20
CA ASN GE 47 -57.03 74.48 69.27
C ASN GE 47 -58.29 73.76 68.79
N GLY GE 48 -58.66 73.93 67.53
CA GLY GE 48 -59.81 73.23 66.97
C GLY GE 48 -61.06 74.09 66.98
N THR GE 49 -62.16 73.44 66.59
CA THR GE 49 -63.44 74.10 66.44
C THR GE 49 -64.54 73.20 66.95
N MET GE 50 -65.48 73.78 67.69
CA MET GE 50 -66.67 73.05 68.15
C MET GE 50 -67.76 73.19 67.10
N ARG GE 51 -68.26 72.06 66.60
CA ARG GE 51 -69.37 72.02 65.66
C ARG GE 51 -70.63 71.58 66.37
N GLY GE 52 -71.69 72.38 66.25
CA GLY GE 52 -72.97 72.01 66.81
C GLY GE 52 -74.05 71.98 65.74
N ASN GE 53 -74.63 70.81 65.52
CA ASN GE 53 -75.62 70.62 64.46
C ASN GE 53 -76.99 70.39 65.08
N MET GE 54 -77.99 71.11 64.61
CA MET GE 54 -79.38 70.93 65.00
C MET GE 54 -80.17 70.49 63.79
N ASN GE 55 -80.65 69.25 63.81
CA ASN GE 55 -81.31 68.64 62.66
C ASN GE 55 -82.80 68.51 62.95
N PHE GE 56 -83.61 69.06 62.05
CA PHE GE 56 -85.06 68.91 62.09
C PHE GE 56 -85.48 68.04 60.92
N ALA GE 57 -86.20 66.95 61.21
CA ALA GE 57 -86.69 66.04 60.19
C ALA GE 57 -88.19 65.90 60.33
N LYS GE 58 -88.90 65.92 59.21
CA LYS GE 58 -90.35 65.77 59.20
C LYS GE 58 -90.78 65.09 57.91
N SER GE 59 -91.66 64.09 58.05
CA SER GE 59 -92.24 63.41 56.89
C SER GE 59 -93.39 64.24 56.34
N PHE GE 60 -93.44 64.35 55.01
CA PHE GE 60 -94.46 65.13 54.35
C PHE GE 60 -95.07 64.33 53.22
N PRO GE 61 -96.37 64.49 52.95
CA PRO GE 61 -96.97 63.86 51.78
C PRO GE 61 -96.40 64.44 50.49
N ASN GE 62 -95.85 63.56 49.66
CA ASN GE 62 -95.30 63.94 48.36
C ASN GE 62 -96.03 63.12 47.31
N GLY GE 63 -97.17 63.62 46.86
CA GLY GE 63 -98.02 62.88 45.95
C GLY GE 63 -98.57 61.62 46.60
N ASP GE 64 -98.11 60.46 46.14
CA ASP GE 64 -98.54 59.19 46.71
C ASP GE 64 -97.62 58.72 47.83
N LYS GE 65 -96.32 59.01 47.74
CA LYS GE 65 -95.36 58.57 48.73
C LYS GE 65 -95.11 59.67 49.76
N LYS GE 66 -94.16 59.44 50.66
CA LYS GE 66 -93.78 60.43 51.67
C LYS GE 66 -92.34 60.86 51.45
N SER GE 67 -92.09 62.15 51.61
CA SER GE 67 -90.76 62.73 51.47
C SER GE 67 -90.33 63.32 52.80
N LEU GE 68 -89.02 63.27 53.04
CA LEU GE 68 -88.43 63.78 54.27
C LEU GE 68 -87.90 65.18 54.04
N VAL GE 69 -88.47 66.16 54.75
CA VAL GE 69 -87.99 67.53 54.72
C VAL GE 69 -87.05 67.73 55.90
N VAL GE 70 -85.83 68.20 55.61
CA VAL GE 70 -84.79 68.33 56.62
C VAL GE 70 -84.32 69.78 56.68
N VAL GE 71 -84.24 70.32 57.90
CA VAL GE 71 -83.68 71.63 58.15
C VAL GE 71 -82.51 71.45 59.12
N ASN GE 72 -81.34 71.96 58.73
CA ASN GE 72 -80.14 71.86 59.53
C ASN GE 72 -79.69 73.23 60.01
N LEU GE 73 -79.30 73.32 61.27
CA LEU GE 73 -78.70 74.51 61.84
C LEU GE 73 -77.35 74.12 62.42
N THR GE 74 -76.27 74.62 61.83
CA THR GE 74 -74.91 74.26 62.21
C THR GE 74 -74.14 75.52 62.58
N ALA GE 75 -73.37 75.44 63.67
CA ALA GE 75 -72.51 76.53 64.10
C ALA GE 75 -71.07 76.01 64.23
N HIS GE 76 -70.12 76.85 63.83
CA HIS GE 76 -68.70 76.52 63.91
C HIS GE 76 -68.02 77.58 64.77
N VAL GE 77 -67.73 77.24 66.02
CA VAL GE 77 -67.15 78.17 66.98
C VAL GE 77 -65.73 77.71 67.29
N PRO GE 78 -64.69 78.44 66.86
CA PRO GE 78 -63.33 78.05 67.19
C PRO GE 78 -63.03 78.23 68.67
N VAL GE 79 -62.16 77.36 69.19
CA VAL GE 79 -61.76 77.46 70.59
C VAL GE 79 -60.95 78.72 70.79
N GLY GE 80 -61.25 79.43 71.88
CA GLY GE 80 -60.58 80.67 72.23
C GLY GE 80 -61.44 81.90 72.10
N VAL GE 81 -62.61 81.77 71.50
CA VAL GE 81 -63.53 82.89 71.32
C VAL GE 81 -64.38 83.05 72.57
N ASP GE 82 -64.75 84.29 72.88
CA ASP GE 82 -65.63 84.56 74.00
C ASP GE 82 -67.02 83.99 73.72
N ALA GE 83 -67.48 83.11 74.61
CA ALA GE 83 -68.78 82.46 74.40
C ALA GE 83 -69.94 83.45 74.55
N THR GE 84 -69.82 84.40 75.48
CA THR GE 84 -70.87 85.39 75.65
C THR GE 84 -70.99 86.28 74.42
N ALA GE 85 -69.86 86.65 73.81
CA ALA GE 85 -69.89 87.46 72.61
C ALA GE 85 -70.59 86.74 71.46
N VAL GE 86 -70.33 85.44 71.32
CA VAL GE 86 -70.96 84.67 70.24
C VAL GE 86 -72.46 84.55 70.49
N ARG GE 87 -72.86 84.30 71.74
CA ARG GE 87 -74.28 84.19 72.05
C ARG GE 87 -75.01 85.50 71.78
N THR GE 88 -74.39 86.63 72.13
CA THR GE 88 -75.00 87.93 71.87
C THR GE 88 -75.14 88.17 70.37
N TRP GE 89 -74.14 87.80 69.59
CA TRP GE 89 -74.21 87.95 68.14
C TRP GE 89 -75.29 87.04 67.54
N MET GE 90 -75.35 85.79 68.00
CA MET GE 90 -76.34 84.85 67.48
C MET GE 90 -77.76 85.29 67.79
N THR GE 91 -77.99 85.83 68.99
CA THR GE 91 -79.33 86.24 69.40
C THR GE 91 -79.79 87.48 68.62
N SER GE 92 -78.93 88.49 68.49
CA SER GE 92 -79.34 89.76 67.91
C SER GE 92 -79.22 89.81 66.40
N GLU GE 93 -78.33 89.03 65.80
CA GLU GE 93 -78.05 89.18 64.37
C GLU GE 93 -78.36 87.92 63.57
N VAL GE 94 -78.11 86.74 64.12
CA VAL GE 94 -78.33 85.51 63.36
C VAL GE 94 -79.80 85.09 63.46
N PHE GE 95 -80.34 85.05 64.67
CA PHE GE 95 -81.70 84.55 64.87
C PHE GE 95 -82.76 85.35 64.13
N PRO GE 96 -82.79 86.68 64.19
CA PRO GE 96 -83.85 87.41 63.44
C PRO GE 96 -83.79 87.18 61.95
N GLY GE 97 -82.60 87.06 61.37
CA GLY GE 97 -82.49 86.83 59.93
C GLY GE 97 -82.75 85.40 59.52
N ALA GE 98 -82.43 84.45 60.40
CA ALA GE 98 -82.63 83.04 60.06
C ALA GE 98 -84.10 82.64 60.10
N THR GE 99 -84.94 83.37 60.84
CA THR GE 99 -86.35 83.06 60.95
C THR GE 99 -87.22 84.14 60.27
N SER GE 100 -86.74 84.67 59.15
CA SER GE 100 -87.44 85.70 58.40
C SER GE 100 -88.10 85.08 57.17
N SER GE 101 -88.78 85.93 56.40
CA SER GE 101 -89.33 85.49 55.13
C SER GE 101 -88.25 85.15 54.12
N VAL GE 102 -87.01 85.63 54.35
CA VAL GE 102 -85.91 85.28 53.46
C VAL GE 102 -85.64 83.78 53.50
N THR GE 103 -85.67 83.19 54.69
CA THR GE 103 -85.47 81.74 54.81
C THR GE 103 -86.57 80.98 54.09
N LEU GE 104 -87.83 81.39 54.28
CA LEU GE 104 -88.94 80.72 53.62
C LEU GE 104 -88.89 80.88 52.11
N ASP GE 105 -88.58 82.09 51.63
CA ASP GE 105 -88.52 82.33 50.20
C ASP GE 105 -87.36 81.57 49.56
N LEU GE 106 -86.24 81.47 50.26
CA LEU GE 106 -85.11 80.70 49.74
C LEU GE 106 -85.43 79.21 49.70
N ALA GE 107 -86.15 78.71 50.70
CA ALA GE 107 -86.43 77.28 50.78
C ALA GE 107 -87.40 76.84 49.68
N THR GE 108 -88.50 77.56 49.51
CA THR GE 108 -89.57 77.13 48.62
C THR GE 108 -89.55 77.83 47.27
N LYS GE 109 -88.66 78.79 47.05
CA LYS GE 109 -88.60 79.47 45.76
C LYS GE 109 -87.20 79.65 45.22
N GLY GE 110 -86.14 79.34 45.97
CA GLY GE 110 -84.79 79.57 45.50
C GLY GE 110 -84.45 81.03 45.30
N VAL GE 111 -84.97 81.90 46.15
CA VAL GE 111 -84.70 83.33 46.01
C VAL GE 111 -83.42 83.66 46.76
N ILE GE 112 -82.41 84.12 46.03
CA ILE GE 112 -81.14 84.53 46.62
C ILE GE 112 -80.89 86.02 46.46
N HIS GE 113 -81.63 86.71 45.60
CA HIS GE 113 -81.51 88.16 45.42
C HIS GE 113 -82.57 88.84 46.27
N LEU GE 114 -82.12 89.66 47.21
CA LEU GE 114 -83.02 90.33 48.14
C LEU GE 114 -83.56 91.62 47.54
N SER GE 115 -84.73 92.03 47.99
CA SER GE 115 -85.36 93.26 47.53
C SER GE 115 -86.32 93.76 48.60
N ASP GE 116 -86.53 95.08 48.63
CA ASP GE 116 -85.82 96.11 47.91
C ASP GE 116 -85.56 97.30 48.81
N ALA GE 117 -86.25 97.33 49.94
CA ALA GE 117 -86.15 98.43 50.89
C ALA GE 117 -85.49 98.00 52.18
N LEU HE 1 -109.41 23.68 80.13
CA LEU HE 1 -108.07 24.14 79.75
C LEU HE 1 -108.04 25.66 79.61
N SER HE 2 -107.35 26.33 80.54
CA SER HE 2 -107.28 27.77 80.56
C SER HE 2 -105.83 28.22 80.72
N ILE HE 3 -105.47 29.25 79.96
CA ILE HE 3 -104.19 29.95 80.15
C ILE HE 3 -104.56 31.41 80.38
N GLY HE 4 -104.69 31.79 81.65
CA GLY HE 4 -105.22 33.09 81.99
C GLY HE 4 -106.73 33.10 81.91
N THR HE 5 -107.29 33.98 81.08
CA THR HE 5 -108.72 34.02 80.82
C THR HE 5 -109.09 33.37 79.49
N LYS HE 6 -108.13 32.73 78.83
CA LYS HE 6 -108.33 32.16 77.50
C LYS HE 6 -108.63 30.67 77.61
N ASN HE 7 -109.68 30.24 76.92
CA ASN HE 7 -109.99 28.81 76.80
C ASN HE 7 -109.28 28.25 75.58
N VAL HE 8 -108.37 27.30 75.82
CA VAL HE 8 -107.55 26.73 74.76
C VAL HE 8 -107.79 25.23 74.69
N SER HE 9 -107.35 24.64 73.58
CA SER HE 9 -107.39 23.20 73.39
C SER HE 9 -106.05 22.75 72.83
N ILE HE 10 -105.72 21.48 73.09
CA ILE HE 10 -104.47 20.93 72.57
C ILE HE 10 -104.53 20.91 71.06
N TYR HE 11 -103.48 21.41 70.43
CA TYR HE 11 -103.38 21.48 68.97
C TYR HE 11 -102.23 20.67 68.42
N ARG HE 12 -101.08 20.69 69.09
CA ARG HE 12 -99.93 19.87 68.71
C ARG HE 12 -99.22 19.45 69.98
N ASN HE 13 -98.96 18.15 70.10
CA ASN HE 13 -98.33 17.59 71.29
C ASN HE 13 -97.00 16.98 70.90
N THR HE 14 -95.92 17.55 71.39
CA THR HE 14 -94.56 17.14 71.11
C THR HE 14 -93.85 16.90 72.45
N ALA HE 15 -92.76 16.13 72.41
CA ALA HE 15 -92.05 15.74 73.62
C ALA HE 15 -91.72 16.95 74.49
N ASP HE 16 -91.31 18.06 73.89
CA ASP HE 16 -90.85 19.22 74.65
C ASP HE 16 -91.63 20.49 74.32
N GLU HE 17 -92.76 20.39 73.62
CA GLU HE 17 -93.54 21.57 73.30
C GLU HE 17 -94.98 21.16 73.02
N VAL HE 18 -95.92 21.85 73.65
CA VAL HE 18 -97.35 21.65 73.39
C VAL HE 18 -97.92 22.99 72.94
N ILE HE 19 -98.56 23.00 71.77
CA ILE HE 19 -99.18 24.20 71.22
C ILE HE 19 -100.67 24.15 71.54
N TYR HE 20 -101.18 25.21 72.15
CA TYR HE 20 -102.59 25.35 72.45
C TYR HE 20 -103.20 26.43 71.58
N ALA HE 21 -104.37 26.15 71.02
CA ALA HE 21 -105.04 27.05 70.09
C ALA HE 21 -106.24 27.71 70.77
N GLY HE 22 -106.38 29.01 70.57
CA GLY HE 22 -107.50 29.75 71.09
C GLY HE 22 -108.73 29.60 70.23
N PRO HE 23 -109.83 30.27 70.63
CA PRO HE 23 -111.08 30.15 69.86
C PRO HE 23 -110.98 30.68 68.45
N ALA HE 24 -110.04 31.58 68.17
CA ALA HE 24 -109.92 32.23 66.87
C ALA HE 24 -108.86 31.60 65.98
N HIS HE 25 -108.35 30.43 66.36
CA HIS HE 25 -107.33 29.76 65.57
C HIS HE 25 -107.96 28.83 64.53
N ASP HE 26 -107.43 28.87 63.32
CA ASP HE 26 -107.90 28.02 62.23
C ASP HE 26 -106.77 27.89 61.20
N VAL HE 27 -107.10 27.42 60.00
CA VAL HE 27 -106.11 27.21 58.97
C VAL HE 27 -105.49 28.52 58.49
N THR HE 28 -106.26 29.61 58.42
CA THR HE 28 -105.77 30.86 57.88
C THR HE 28 -105.44 31.92 58.92
N ASN HE 29 -105.87 31.76 60.17
CA ASN HE 29 -105.57 32.70 61.23
C ASN HE 29 -104.80 32.00 62.34
N VAL HE 30 -103.95 32.76 63.03
CA VAL HE 30 -103.10 32.23 64.10
C VAL HE 30 -103.58 32.81 65.42
N ASP HE 31 -103.97 31.92 66.34
CA ASP HE 31 -104.26 32.28 67.73
C ASP HE 31 -103.77 31.11 68.58
N THR HE 32 -102.51 31.17 69.01
CA THR HE 32 -101.88 30.05 69.68
C THR HE 32 -101.09 30.52 70.89
N VAL HE 33 -101.01 29.64 71.89
CA VAL HE 33 -100.10 29.79 73.02
C VAL HE 33 -99.30 28.51 73.11
N SER HE 34 -97.97 28.62 72.95
CA SER HE 34 -97.09 27.46 72.91
C SER HE 34 -96.24 27.43 74.18
N LEU HE 35 -96.28 26.30 74.88
CA LEU HE 35 -95.40 26.06 76.02
C LEU HE 35 -94.24 25.19 75.57
N ARG HE 36 -93.03 25.67 75.81
CA ARG HE 36 -91.81 24.97 75.41
C ARG HE 36 -90.89 24.84 76.62
N ARG HE 37 -90.05 23.81 76.60
CA ARG HE 37 -89.16 23.57 77.71
C ARG HE 37 -87.86 22.97 77.21
N SER HE 38 -86.80 23.18 77.97
CA SER HE 38 -85.51 22.53 77.74
C SER HE 38 -85.05 21.96 79.08
N LEU HE 39 -85.12 20.65 79.21
CA LEU HE 39 -84.82 20.00 80.48
C LEU HE 39 -83.34 20.10 80.82
N PRO HE 40 -83.01 20.14 82.11
CA PRO HE 40 -81.60 20.27 82.50
C PRO HE 40 -80.77 19.10 82.00
N VAL HE 41 -79.53 19.41 81.61
CA VAL HE 41 -78.57 18.41 81.16
C VAL HE 41 -77.42 18.41 82.17
N LYS HE 42 -77.22 17.27 82.83
CA LYS HE 42 -76.16 17.13 83.83
C LYS HE 42 -74.82 17.00 83.11
N LYS HE 43 -74.33 18.14 82.63
CA LYS HE 43 -73.08 18.18 81.89
C LYS HE 43 -71.93 18.44 82.84
N GLY HE 44 -71.02 17.46 82.95
CA GLY HE 44 -69.90 17.58 83.86
C GLY HE 44 -70.36 17.74 85.29
N SER HE 45 -69.80 18.73 85.98
CA SER HE 45 -70.21 19.03 87.35
C SER HE 45 -71.42 19.96 87.42
N ASP HE 46 -71.70 20.70 86.36
CA ASP HE 46 -72.87 21.56 86.34
C ASP HE 46 -74.13 20.72 86.24
N ASN HE 47 -75.10 20.99 87.11
CA ASN HE 47 -76.37 20.28 87.08
C ASN HE 47 -77.27 20.73 85.93
N GLY HE 48 -76.91 21.79 85.24
CA GLY HE 48 -77.70 22.26 84.11
C GLY HE 48 -78.61 23.42 84.46
N THR HE 49 -79.43 23.78 83.49
CA THR HE 49 -80.37 24.88 83.62
C THR HE 49 -81.73 24.44 83.13
N MET HE 50 -82.78 24.91 83.79
CA MET HE 50 -84.15 24.65 83.36
C MET HE 50 -84.65 25.85 82.57
N ARG HE 51 -84.98 25.62 81.31
CA ARG HE 51 -85.44 26.68 80.41
C ARG HE 51 -86.89 26.44 80.06
N GLY HE 52 -87.73 27.45 80.30
CA GLY HE 52 -89.14 27.39 79.94
C GLY HE 52 -89.50 28.58 79.08
N ASN HE 53 -90.29 28.32 78.05
CA ASN HE 53 -90.69 29.35 77.10
C ASN HE 53 -92.21 29.35 76.94
N MET HE 54 -92.81 30.52 77.09
CA MET HE 54 -94.23 30.72 76.79
C MET HE 54 -94.32 31.63 75.58
N ASN HE 55 -94.94 31.14 74.51
CA ASN HE 55 -95.02 31.84 73.24
C ASN HE 55 -96.45 32.22 72.95
N PHE HE 56 -96.69 33.48 72.64
CA PHE HE 56 -97.99 33.99 72.24
C PHE HE 56 -97.90 34.46 70.79
N ALA HE 57 -98.79 33.96 69.95
CA ALA HE 57 -98.81 34.32 68.53
C ALA HE 57 -100.23 34.68 68.13
N LYS HE 58 -100.37 35.78 67.39
CA LYS HE 58 -101.67 36.22 66.91
C LYS HE 58 -101.50 36.87 65.54
N SER HE 59 -102.46 36.62 64.67
CA SER HE 59 -102.50 37.27 63.37
C SER HE 59 -103.27 38.58 63.46
N PHE HE 60 -102.76 39.59 62.76
CA PHE HE 60 -103.33 40.93 62.81
C PHE HE 60 -103.45 41.50 61.41
N PRO HE 61 -104.47 42.32 61.15
CA PRO HE 61 -104.55 43.00 59.85
C PRO HE 61 -103.38 43.95 59.66
N ASN HE 62 -102.68 43.77 58.54
CA ASN HE 62 -101.52 44.59 58.19
C ASN HE 62 -101.72 45.09 56.77
N GLY HE 63 -102.43 46.21 56.62
CA GLY HE 63 -102.76 46.73 55.31
C GLY HE 63 -103.55 45.75 54.48
N ASP HE 64 -102.92 45.19 53.45
CA ASP HE 64 -103.59 44.20 52.62
C ASP HE 64 -103.47 42.79 53.19
N LYS HE 65 -102.29 42.42 53.66
CA LYS HE 65 -102.03 41.08 54.17
C LYS HE 65 -102.26 41.04 55.68
N LYS HE 66 -101.93 39.91 56.30
CA LYS HE 66 -102.08 39.72 57.73
C LYS HE 66 -100.72 39.37 58.32
N SER HE 67 -100.30 40.10 59.35
CA SER HE 67 -99.01 39.92 59.97
C SER HE 67 -99.14 39.23 61.32
N LEU HE 68 -98.05 38.58 61.74
CA LEU HE 68 -98.03 37.80 62.97
C LEU HE 68 -97.29 38.58 64.06
N VAL HE 69 -98.00 38.86 65.16
CA VAL HE 69 -97.40 39.48 66.34
C VAL HE 69 -97.09 38.39 67.34
N VAL HE 70 -95.86 38.36 67.83
CA VAL HE 70 -95.39 37.30 68.71
C VAL HE 70 -94.86 37.92 70.00
N VAL HE 71 -95.31 37.39 71.14
CA VAL HE 71 -94.80 37.77 72.44
C VAL HE 71 -94.19 36.54 73.08
N ASN HE 72 -92.93 36.64 73.49
CA ASN HE 72 -92.20 35.54 74.09
C ASN HE 72 -91.96 35.81 75.57
N LEU HE 73 -91.91 34.74 76.35
CA LEU HE 73 -91.58 34.81 77.77
C LEU HE 73 -90.70 33.61 78.09
N THR HE 74 -89.41 33.86 78.33
CA THR HE 74 -88.45 32.80 78.58
C THR HE 74 -87.84 32.97 79.96
N ALA HE 75 -87.76 31.88 80.71
CA ALA HE 75 -87.15 31.86 82.03
C ALA HE 75 -85.99 30.88 82.05
N HIS HE 76 -84.90 31.27 82.69
CA HIS HE 76 -83.72 30.43 82.85
C HIS HE 76 -83.46 30.26 84.34
N VAL HE 77 -83.70 29.05 84.84
CA VAL HE 77 -83.52 28.76 86.26
C VAL HE 77 -82.45 27.68 86.41
N PRO HE 78 -81.27 28.03 86.92
CA PRO HE 78 -80.24 27.00 87.12
C PRO HE 78 -80.65 25.97 88.16
N VAL HE 79 -80.20 24.73 87.97
CA VAL HE 79 -80.54 23.66 88.89
C VAL HE 79 -79.80 23.87 90.20
N GLY HE 80 -80.52 23.74 91.31
CA GLY HE 80 -79.99 23.95 92.65
C GLY HE 80 -80.51 25.21 93.31
N VAL HE 81 -80.87 26.22 92.52
CA VAL HE 81 -81.50 27.42 93.07
C VAL HE 81 -82.84 27.04 93.66
N ASP HE 82 -83.12 27.56 94.85
CA ASP HE 82 -84.38 27.26 95.53
C ASP HE 82 -85.55 27.75 94.69
N ALA HE 83 -86.50 26.86 94.43
CA ALA HE 83 -87.62 27.18 93.55
C ALA HE 83 -88.55 28.20 94.18
N THR HE 84 -88.78 28.10 95.49
CA THR HE 84 -89.72 29.02 96.15
C THR HE 84 -89.22 30.46 96.08
N ALA HE 85 -87.91 30.67 96.23
CA ALA HE 85 -87.35 32.01 96.13
C ALA HE 85 -87.56 32.59 94.73
N VAL HE 86 -87.41 31.76 93.70
CA VAL HE 86 -87.63 32.23 92.33
C VAL HE 86 -89.09 32.61 92.13
N ARG HE 87 -90.02 31.83 92.69
CA ARG HE 87 -91.44 32.06 92.42
C ARG HE 87 -91.94 33.32 93.12
N THR HE 88 -91.41 33.63 94.30
CA THR HE 88 -91.81 34.88 94.94
C THR HE 88 -91.15 36.09 94.29
N TRP HE 89 -89.93 35.90 93.77
CA TRP HE 89 -89.31 36.96 92.98
C TRP HE 89 -90.09 37.23 91.70
N MET HE 90 -90.50 36.17 91.02
CA MET HE 90 -91.26 36.32 89.78
C MET HE 90 -92.61 36.98 90.03
N THR HE 91 -93.30 36.56 91.10
CA THR HE 91 -94.64 37.08 91.37
C THR HE 91 -94.59 38.55 91.80
N SER HE 92 -93.59 38.92 92.59
CA SER HE 92 -93.54 40.25 93.20
C SER HE 92 -92.70 41.24 92.40
N GLU HE 93 -91.64 40.80 91.74
CA GLU HE 93 -90.72 41.72 91.07
C GLU HE 93 -90.78 41.65 89.55
N VAL HE 94 -91.02 40.47 88.97
CA VAL HE 94 -90.99 40.34 87.52
C VAL HE 94 -92.36 40.61 86.92
N PHE HE 95 -93.38 39.93 87.41
CA PHE HE 95 -94.73 40.00 86.86
C PHE HE 95 -95.32 41.42 86.90
N PRO HE 96 -95.27 42.13 88.03
CA PRO HE 96 -95.81 43.50 88.02
C PRO HE 96 -95.11 44.42 87.04
N GLY HE 97 -93.80 44.26 86.84
CA GLY HE 97 -93.09 45.09 85.88
C GLY HE 97 -93.24 44.62 84.44
N ALA HE 98 -93.46 43.32 84.24
CA ALA HE 98 -93.59 42.78 82.89
C ALA HE 98 -94.95 43.04 82.27
N THR HE 99 -95.94 43.47 83.06
CA THR HE 99 -97.28 43.72 82.56
C THR HE 99 -97.68 45.19 82.70
N SER HE 100 -96.71 46.07 82.93
CA SER HE 100 -97.00 47.49 83.13
C SER HE 100 -97.08 48.18 81.77
N SER HE 101 -97.25 49.50 81.79
CA SER HE 101 -97.26 50.28 80.55
C SER HE 101 -95.89 50.34 79.90
N VAL HE 102 -94.82 50.00 80.64
CA VAL HE 102 -93.48 50.00 80.07
C VAL HE 102 -93.38 48.97 78.95
N THR HE 103 -93.95 47.78 79.18
CA THR HE 103 -93.94 46.75 78.14
C THR HE 103 -94.71 47.19 76.92
N LEU HE 104 -95.85 47.86 77.12
CA LEU HE 104 -96.66 48.32 75.99
C LEU HE 104 -95.93 49.34 75.14
N ASP HE 105 -95.25 50.30 75.79
CA ASP HE 105 -94.50 51.30 75.04
C ASP HE 105 -93.28 50.68 74.36
N LEU HE 106 -92.61 49.76 75.05
CA LEU HE 106 -91.42 49.11 74.48
C LEU HE 106 -91.78 48.28 73.25
N ALA HE 107 -92.91 47.58 73.28
CA ALA HE 107 -93.27 46.71 72.17
C ALA HE 107 -93.77 47.49 70.96
N THR HE 108 -94.53 48.57 71.19
CA THR HE 108 -95.14 49.30 70.08
C THR HE 108 -94.32 50.48 69.61
N LYS HE 109 -93.51 51.07 70.50
CA LYS HE 109 -92.73 52.26 70.14
C LYS HE 109 -91.24 52.14 70.41
N GLY HE 110 -90.78 51.07 71.05
CA GLY HE 110 -89.37 50.93 71.33
C GLY HE 110 -88.84 51.84 72.42
N VAL HE 111 -89.69 52.25 73.36
CA VAL HE 111 -89.29 53.18 74.41
C VAL HE 111 -88.47 52.42 75.45
N ILE HE 112 -87.24 52.89 75.68
CA ILE HE 112 -86.33 52.27 76.63
C ILE HE 112 -85.98 53.18 77.79
N HIS HE 113 -86.50 54.41 77.80
CA HIS HE 113 -86.26 55.37 78.87
C HIS HE 113 -87.58 55.63 79.59
N LEU HE 114 -87.70 55.15 80.83
CA LEU HE 114 -88.95 55.28 81.59
C LEU HE 114 -88.84 56.45 82.56
N SER HE 115 -88.92 57.66 82.00
CA SER HE 115 -88.89 58.88 82.79
C SER HE 115 -90.31 59.25 83.23
N ASP HE 116 -90.41 59.80 84.44
CA ASP HE 116 -89.33 59.97 85.40
C ASP HE 116 -89.78 59.54 86.79
N ALA HE 117 -91.10 59.56 87.01
CA ALA HE 117 -91.66 59.19 88.30
C ALA HE 117 -91.67 57.68 88.49
N LEU IE 1 78.84 51.93 99.97
CA LEU IE 1 78.87 51.06 98.80
C LEU IE 1 80.06 51.36 97.92
N SER IE 2 80.95 50.38 97.76
CA SER IE 2 82.14 50.54 96.95
C SER IE 2 82.38 49.29 96.14
N ILE IE 3 83.01 49.47 94.97
CA ILE IE 3 83.43 48.38 94.10
C ILE IE 3 84.91 48.61 93.84
N GLY IE 4 85.78 47.89 94.55
CA GLY IE 4 87.18 48.21 94.53
C GLY IE 4 87.44 49.52 95.26
N THR IE 5 87.88 50.54 94.52
CA THR IE 5 88.13 51.85 95.09
C THR IE 5 87.11 52.90 94.64
N LYS IE 6 86.06 52.49 93.94
CA LYS IE 6 85.06 53.41 93.40
C LYS IE 6 83.78 53.33 94.20
N ASN IE 7 83.29 54.49 94.64
CA ASN IE 7 82.01 54.58 95.33
C ASN IE 7 80.87 54.54 94.33
N VAL IE 8 79.88 53.70 94.59
CA VAL IE 8 78.74 53.52 93.70
C VAL IE 8 77.45 53.64 94.51
N SER IE 9 76.34 53.69 93.79
CA SER IE 9 75.02 53.76 94.40
C SER IE 9 74.08 52.86 93.63
N ILE IE 10 73.06 52.34 94.33
CA ILE IE 10 72.02 51.57 93.69
C ILE IE 10 71.34 52.44 92.62
N TYR IE 11 71.24 51.90 91.42
CA TYR IE 11 70.62 52.62 90.30
C TYR IE 11 69.44 51.87 89.69
N ARG IE 12 69.61 50.59 89.36
CA ARG IE 12 68.53 49.78 88.82
C ARG IE 12 68.61 48.39 89.43
N ASN IE 13 67.48 47.91 89.94
CA ASN IE 13 67.41 46.62 90.62
C ASN IE 13 66.41 45.73 89.89
N THR IE 14 66.84 44.54 89.52
CA THR IE 14 65.94 43.53 89.00
C THR IE 14 66.11 42.24 89.79
N ALA IE 15 65.40 41.17 89.39
CA ALA IE 15 65.47 39.92 90.14
C ALA IE 15 66.86 39.33 90.13
N ASP IE 16 67.53 39.34 88.98
CA ASP IE 16 68.83 38.69 88.83
C ASP IE 16 69.92 39.65 88.36
N GLU IE 17 69.65 40.96 88.33
CA GLU IE 17 70.65 41.92 87.89
C GLU IE 17 70.50 43.21 88.68
N VAL IE 18 71.62 43.75 89.13
CA VAL IE 18 71.67 45.04 89.81
C VAL IE 18 72.68 45.91 89.09
N ILE IE 19 72.28 47.13 88.76
CA ILE IE 19 73.15 48.12 88.13
C ILE IE 19 73.50 49.18 89.17
N TYR IE 20 74.79 49.48 89.31
CA TYR IE 20 75.28 50.53 90.18
C TYR IE 20 75.83 51.67 89.34
N ALA IE 21 75.64 52.89 89.82
CA ALA IE 21 76.05 54.08 89.09
C ALA IE 21 77.28 54.70 89.76
N GLY IE 22 78.27 55.07 88.96
CA GLY IE 22 79.44 55.75 89.46
C GLY IE 22 79.20 57.23 89.64
N PRO IE 23 80.19 57.94 90.17
CA PRO IE 23 80.02 59.38 90.43
C PRO IE 23 79.82 60.21 89.17
N ALA IE 24 80.22 59.71 88.00
CA ALA IE 24 80.14 60.45 86.76
C ALA IE 24 78.93 60.09 85.91
N HIS IE 25 78.02 59.26 86.42
CA HIS IE 25 76.88 58.83 85.64
C HIS IE 25 75.77 59.87 85.69
N ASP IE 26 75.29 60.28 84.52
CA ASP IE 26 74.15 61.18 84.40
C ASP IE 26 73.46 60.89 83.08
N VAL IE 27 72.62 61.81 82.63
CA VAL IE 27 71.83 61.65 81.41
C VAL IE 27 72.76 61.62 80.19
N THR IE 28 73.92 62.27 80.30
CA THR IE 28 74.83 62.39 79.17
C THR IE 28 76.02 61.43 79.21
N ASN IE 29 76.51 61.08 80.39
CA ASN IE 29 77.70 60.26 80.52
C ASN IE 29 77.36 58.97 81.24
N VAL IE 30 77.90 57.85 80.74
CA VAL IE 30 77.68 56.54 81.33
C VAL IE 30 78.85 56.20 82.25
N ASP IE 31 78.54 55.83 83.49
CA ASP IE 31 79.52 55.29 84.43
C ASP IE 31 78.77 54.30 85.32
N THR IE 32 78.79 53.04 84.92
CA THR IE 32 77.99 52.02 85.58
C THR IE 32 78.78 50.73 85.75
N VAL IE 33 78.51 50.04 86.85
CA VAL IE 33 78.97 48.67 87.07
C VAL IE 33 77.74 47.82 87.34
N SER IE 34 77.58 46.74 86.58
CA SER IE 34 76.41 45.88 86.66
C SER IE 34 76.82 44.49 87.15
N LEU IE 35 76.03 43.96 88.08
CA LEU IE 35 76.22 42.61 88.60
C LEU IE 35 75.02 41.77 88.18
N ARG IE 36 75.28 40.67 87.49
CA ARG IE 36 74.23 39.78 87.00
C ARG IE 36 74.56 38.35 87.37
N ARG IE 37 73.52 37.57 87.67
CA ARG IE 37 73.68 36.17 88.02
C ARG IE 37 72.73 35.33 87.20
N SER IE 38 73.16 34.11 86.88
CA SER IE 38 72.34 33.09 86.25
C SER IE 38 72.37 31.88 87.16
N LEU IE 39 71.34 31.72 87.99
CA LEU IE 39 71.32 30.66 88.97
C LEU IE 39 71.23 29.30 88.28
N PRO IE 40 71.86 28.28 88.84
CA PRO IE 40 71.83 26.95 88.21
C PRO IE 40 70.41 26.39 88.16
N VAL IE 41 70.12 25.69 87.07
CA VAL IE 41 68.89 24.92 86.93
C VAL IE 41 69.30 23.45 86.87
N LYS IE 42 68.81 22.66 87.82
CA LYS IE 42 69.23 21.26 87.95
C LYS IE 42 68.25 20.38 87.19
N LYS IE 43 68.25 20.55 85.88
CA LYS IE 43 67.43 19.74 84.98
C LYS IE 43 68.00 18.33 84.87
N GLY IE 44 67.09 17.37 84.71
CA GLY IE 44 67.47 15.97 84.62
C GLY IE 44 68.37 15.51 85.74
N SER IE 45 69.60 15.11 85.39
CA SER IE 45 70.60 14.72 86.37
C SER IE 45 71.68 15.76 86.57
N ASP IE 46 71.94 16.60 85.56
CA ASP IE 46 72.96 17.64 85.69
C ASP IE 46 72.50 18.73 86.65
N ASN IE 47 73.37 19.13 87.55
CA ASN IE 47 73.05 20.16 88.53
C ASN IE 47 73.19 21.57 87.98
N GLY IE 48 73.59 21.73 86.72
CA GLY IE 48 73.66 23.03 86.11
C GLY IE 48 74.92 23.80 86.45
N THR IE 49 74.97 25.02 85.96
CA THR IE 49 76.11 25.91 86.11
C THR IE 49 75.65 27.24 86.68
N MET IE 50 76.44 27.79 87.58
CA MET IE 50 76.18 29.13 88.10
C MET IE 50 77.01 30.14 87.30
N ARG IE 51 76.35 31.11 86.71
CA ARG IE 51 77.00 32.09 85.85
C ARG IE 51 76.91 33.47 86.51
N GLY IE 52 78.06 34.02 86.87
CA GLY IE 52 78.13 35.35 87.43
C GLY IE 52 78.81 36.33 86.50
N ASN IE 53 78.11 37.37 86.09
CA ASN IE 53 78.63 38.34 85.13
C ASN IE 53 78.81 39.70 85.79
N MET IE 54 80.00 40.28 85.61
CA MET IE 54 80.32 41.61 86.10
C MET IE 54 80.55 42.52 84.90
N ASN IE 55 79.82 43.63 84.84
CA ASN IE 55 79.82 44.51 83.68
C ASN IE 55 80.35 45.89 84.06
N PHE IE 56 81.28 46.40 83.25
CA PHE IE 56 81.78 47.76 83.39
C PHE IE 56 81.49 48.53 82.12
N ALA IE 57 80.85 49.69 82.25
CA ALA IE 57 80.47 50.50 81.10
C ALA IE 57 80.89 51.95 81.34
N LYS IE 58 81.46 52.56 80.31
CA LYS IE 58 81.92 53.94 80.41
C LYS IE 58 81.87 54.60 79.04
N SER IE 59 81.25 55.76 78.97
CA SER IE 59 81.21 56.53 77.73
C SER IE 59 82.53 57.26 77.53
N PHE IE 60 82.97 57.32 76.27
CA PHE IE 60 84.24 57.94 75.93
C PHE IE 60 84.04 58.87 74.74
N PRO IE 61 84.82 59.94 74.65
CA PRO IE 61 84.77 60.80 73.46
C PRO IE 61 85.26 60.06 72.23
N ASN IE 62 84.45 60.07 71.18
CA ASN IE 62 84.78 59.43 69.90
C ASN IE 62 84.47 60.44 68.81
N GLY IE 63 85.45 61.28 68.49
CA GLY IE 63 85.21 62.35 67.54
C GLY IE 63 84.18 63.32 68.11
N ASP IE 64 83.12 63.56 67.34
CA ASP IE 64 82.04 64.42 67.79
C ASP IE 64 81.03 63.71 68.67
N LYS IE 65 80.88 62.40 68.50
CA LYS IE 65 79.91 61.61 69.25
C LYS IE 65 80.56 61.03 70.50
N LYS IE 66 79.83 60.15 71.19
CA LYS IE 66 80.32 59.43 72.34
C LYS IE 66 80.19 57.94 72.09
N SER IE 67 81.16 57.17 72.57
CA SER IE 67 81.19 55.73 72.37
C SER IE 67 81.24 55.02 73.71
N LEU IE 68 80.55 53.89 73.80
CA LEU IE 68 80.50 53.10 75.02
C LEU IE 68 81.56 52.01 74.98
N VAL IE 69 82.43 52.01 75.99
CA VAL IE 69 83.42 50.94 76.18
C VAL IE 69 82.91 50.04 77.29
N VAL IE 70 82.82 48.74 76.99
CA VAL IE 70 82.24 47.77 77.92
C VAL IE 70 83.29 46.69 78.21
N VAL IE 71 83.48 46.38 79.49
CA VAL IE 71 84.35 45.30 79.92
C VAL IE 71 83.50 44.30 80.69
N ASN IE 72 83.58 43.04 80.29
CA ASN IE 72 82.80 41.96 80.89
C ASN IE 72 83.72 40.97 81.59
N LEU IE 73 83.31 40.52 82.76
CA LEU IE 73 84.01 39.47 83.50
C LEU IE 73 82.99 38.45 83.97
N THR IE 74 83.01 37.26 83.37
CA THR IE 74 82.02 36.23 83.62
C THR IE 74 82.70 34.97 84.16
N ALA IE 75 82.10 34.38 85.19
CA ALA IE 75 82.58 33.13 85.76
C ALA IE 75 81.54 32.04 85.52
N HIS IE 76 82.00 30.89 85.06
CA HIS IE 76 81.15 29.72 84.83
C HIS IE 76 81.63 28.61 85.76
N VAL IE 77 80.95 28.44 86.89
CA VAL IE 77 81.34 27.48 87.91
C VAL IE 77 80.26 26.39 87.94
N PRO IE 78 80.56 25.16 87.50
CA PRO IE 78 79.58 24.09 87.58
C PRO IE 78 79.28 23.71 89.03
N VAL IE 79 78.04 23.26 89.26
CA VAL IE 79 77.61 22.93 90.61
C VAL IE 79 78.27 21.64 91.06
N GLY IE 80 78.82 21.66 92.29
CA GLY IE 80 79.54 20.54 92.86
C GLY IE 80 81.02 20.81 93.04
N VAL IE 81 81.57 21.74 92.26
CA VAL IE 81 82.96 22.13 92.42
C VAL IE 81 83.13 22.90 93.72
N ASP IE 82 84.20 22.59 94.45
CA ASP IE 82 84.48 23.27 95.70
C ASP IE 82 84.65 24.77 95.48
N ALA IE 83 83.88 25.56 96.22
CA ALA IE 83 83.96 27.01 96.08
C ALA IE 83 85.31 27.54 96.53
N THR IE 84 85.85 26.98 97.62
CA THR IE 84 87.15 27.44 98.11
C THR IE 84 88.27 27.15 97.11
N ALA IE 85 88.21 25.99 96.45
CA ALA IE 85 89.21 25.68 95.44
C ALA IE 85 89.11 26.66 94.26
N VAL IE 86 87.89 27.00 93.86
CA VAL IE 86 87.70 27.94 92.75
C VAL IE 86 88.19 29.33 93.15
N ARG IE 87 87.88 29.76 94.37
CA ARG IE 87 88.29 31.09 94.80
C ARG IE 87 89.80 31.22 94.88
N THR IE 88 90.48 30.15 95.33
CA THR IE 88 91.94 30.17 95.36
C THR IE 88 92.52 30.23 93.95
N TRP IE 89 91.93 29.51 93.01
CA TRP IE 89 92.39 29.56 91.63
C TRP IE 89 92.18 30.94 91.02
N MET IE 90 91.01 31.53 91.26
CA MET IE 90 90.73 32.85 90.70
C MET IE 90 91.65 33.92 91.28
N THR IE 91 91.92 33.85 92.58
CA THR IE 91 92.74 34.87 93.22
C THR IE 91 94.21 34.77 92.80
N SER IE 92 94.73 33.55 92.66
CA SER IE 92 96.15 33.35 92.42
C SER IE 92 96.52 33.24 90.94
N GLU IE 93 95.60 32.80 90.10
CA GLU IE 93 95.92 32.58 88.69
C GLU IE 93 95.15 33.50 87.74
N VAL IE 94 93.85 33.68 87.95
CA VAL IE 94 93.06 34.49 87.02
C VAL IE 94 93.25 35.97 87.30
N PHE IE 95 93.14 36.38 88.57
CA PHE IE 95 93.19 37.80 88.89
C PHE IE 95 94.51 38.47 88.50
N PRO IE 96 95.68 37.92 88.81
CA PRO IE 96 96.92 38.55 88.33
C PRO IE 96 97.02 38.61 86.81
N GLY IE 97 96.53 37.60 86.10
CA GLY IE 97 96.63 37.61 84.65
C GLY IE 97 95.62 38.50 83.98
N ALA IE 98 94.46 38.72 84.60
CA ALA IE 98 93.41 39.55 84.03
C ALA IE 98 93.61 41.03 84.32
N THR IE 99 94.66 41.40 85.04
CA THR IE 99 94.97 42.79 85.34
C THR IE 99 96.36 43.18 84.87
N SER IE 100 96.98 42.36 84.02
CA SER IE 100 98.32 42.63 83.53
C SER IE 100 98.25 43.47 82.26
N SER IE 101 99.42 43.80 81.71
CA SER IE 101 99.49 44.50 80.44
C SER IE 101 98.95 43.65 79.29
N VAL IE 102 98.87 42.33 79.48
CA VAL IE 102 98.30 41.46 78.46
C VAL IE 102 96.84 41.82 78.21
N THR IE 103 96.08 42.03 79.27
CA THR IE 103 94.69 42.45 79.12
C THR IE 103 94.59 43.82 78.48
N LEU IE 104 95.44 44.75 78.89
CA LEU IE 104 95.42 46.10 78.34
C LEU IE 104 95.77 46.08 76.85
N ASP IE 105 96.73 45.24 76.46
CA ASP IE 105 97.15 45.19 75.06
C ASP IE 105 96.09 44.51 74.20
N LEU IE 106 95.41 43.50 74.73
CA LEU IE 106 94.38 42.81 73.97
C LEU IE 106 93.18 43.71 73.72
N ALA IE 107 92.79 44.49 74.73
CA ALA IE 107 91.58 45.30 74.61
C ALA IE 107 91.79 46.49 73.68
N THR IE 108 92.93 47.18 73.80
CA THR IE 108 93.14 48.42 73.06
C THR IE 108 93.96 48.25 71.80
N LYS IE 109 94.66 47.12 71.63
CA LYS IE 109 95.47 46.89 70.44
C LYS IE 109 95.19 45.56 69.76
N GLY IE 110 94.39 44.69 70.35
CA GLY IE 110 94.14 43.40 69.76
C GLY IE 110 95.34 42.48 69.70
N VAL IE 111 96.20 42.53 70.71
CA VAL IE 111 97.42 41.73 70.73
C VAL IE 111 97.13 40.38 71.37
N ILE IE 112 97.29 39.30 70.60
CA ILE IE 112 97.08 37.95 71.07
C ILE IE 112 98.38 37.16 71.19
N HIS IE 113 99.52 37.76 70.85
CA HIS IE 113 100.83 37.13 70.98
C HIS IE 113 101.60 37.86 72.08
N LEU IE 114 101.82 37.20 73.21
CA LEU IE 114 102.57 37.81 74.31
C LEU IE 114 104.02 37.33 74.28
N SER IE 115 104.74 37.82 73.28
CA SER IE 115 106.18 37.57 73.20
C SER IE 115 106.94 38.58 74.06
N ASP IE 116 108.10 38.18 74.56
CA ASP IE 116 108.71 36.86 74.47
C ASP IE 116 109.29 36.45 75.81
N ALA IE 117 109.42 37.42 76.71
CA ALA IE 117 110.00 37.18 78.02
C ALA IE 117 109.16 36.24 78.86
N LEU JE 1 107.79 33.32 78.50
CA LEU JE 1 106.38 33.47 78.14
C LEU JE 1 105.50 33.29 79.38
N SER JE 2 104.96 34.39 79.88
CA SER JE 2 104.15 34.35 81.09
C SER JE 2 102.94 35.25 80.93
N ILE JE 3 101.85 34.86 81.59
CA ILE JE 3 100.64 35.68 81.69
C ILE JE 3 100.37 35.86 83.18
N GLY JE 4 100.48 37.11 83.65
CA GLY JE 4 100.42 37.37 85.07
C GLY JE 4 101.58 36.73 85.80
N THR JE 5 101.29 35.88 86.78
CA THR JE 5 102.31 35.15 87.51
C THR JE 5 102.48 33.72 87.01
N LYS JE 6 101.75 33.32 85.97
CA LYS JE 6 101.75 31.95 85.49
C LYS JE 6 102.58 31.86 84.20
N ASN JE 7 103.56 30.96 84.20
CA ASN JE 7 104.29 30.67 82.98
C ASN JE 7 103.46 29.79 82.05
N VAL JE 8 103.41 30.15 80.78
CA VAL JE 8 102.62 29.44 79.79
C VAL JE 8 103.47 29.18 78.56
N SER JE 9 102.96 28.32 77.69
CA SER JE 9 103.59 28.02 76.41
C SER JE 9 102.52 28.02 75.33
N ILE JE 10 102.95 28.29 74.10
CA ILE JE 10 102.02 28.30 72.98
C ILE JE 10 101.51 26.89 72.73
N TYR JE 11 100.18 26.73 72.73
CA TYR JE 11 99.54 25.45 72.53
C TYR JE 11 98.87 25.33 71.17
N ARG JE 12 98.01 26.29 70.82
CA ARG JE 12 97.39 26.33 69.51
C ARG JE 12 97.39 27.78 69.03
N ASN JE 13 97.53 27.96 67.72
CA ASN JE 13 97.74 29.28 67.14
C ASN JE 13 96.92 29.37 65.85
N THR JE 14 95.84 30.13 65.89
CA THR JE 14 95.06 30.47 64.71
C THR JE 14 95.21 31.96 64.41
N ALA JE 15 94.48 32.42 63.39
CA ALA JE 15 94.61 33.80 62.94
C ALA JE 15 94.17 34.79 64.02
N ASP JE 16 93.05 34.52 64.68
CA ASP JE 16 92.50 35.45 65.68
C ASP JE 16 92.48 34.87 67.08
N GLU JE 17 93.02 33.67 67.29
CA GLU JE 17 93.06 33.07 68.61
C GLU JE 17 94.38 32.36 68.82
N VAL JE 18 95.01 32.61 69.97
CA VAL JE 18 96.17 31.85 70.40
C VAL JE 18 95.84 31.26 71.77
N ILE JE 19 95.93 29.94 71.87
CA ILE JE 19 95.67 29.23 73.13
C ILE JE 19 97.01 28.91 73.77
N TYR JE 20 97.17 29.29 75.03
CA TYR JE 20 98.37 29.02 75.79
C TYR JE 20 98.07 27.99 76.86
N ALA JE 21 99.03 27.11 77.11
CA ALA JE 21 98.87 25.99 78.02
C ALA JE 21 99.67 26.24 79.29
N GLY JE 22 99.05 26.03 80.44
CA GLY JE 22 99.73 26.12 81.71
C GLY JE 22 100.66 24.95 81.90
N PRO JE 23 101.50 25.02 82.94
CA PRO JE 23 102.45 23.93 83.18
C PRO JE 23 101.77 22.60 83.44
N ALA JE 24 100.59 22.60 84.05
CA ALA JE 24 99.87 21.38 84.37
C ALA JE 24 99.00 20.87 83.23
N HIS JE 25 98.81 21.65 82.17
CA HIS JE 25 97.93 21.24 81.09
C HIS JE 25 98.42 19.94 80.45
N ASP JE 26 97.48 19.03 80.21
CA ASP JE 26 97.80 17.73 79.63
C ASP JE 26 96.55 17.22 78.91
N VAL JE 27 96.59 15.95 78.51
CA VAL JE 27 95.50 15.35 77.75
C VAL JE 27 94.24 15.15 78.57
N THR JE 28 94.35 15.11 79.91
CA THR JE 28 93.18 14.93 80.76
C THR JE 28 92.91 16.10 81.69
N ASN JE 29 93.89 16.96 81.95
CA ASN JE 29 93.71 18.15 82.79
C ASN JE 29 93.81 19.39 81.92
N VAL JE 30 92.80 20.24 81.98
CA VAL JE 30 92.77 21.47 81.20
C VAL JE 30 93.32 22.61 82.05
N ASP JE 31 94.38 23.26 81.57
CA ASP JE 31 94.90 24.49 82.17
C ASP JE 31 95.36 25.37 81.02
N THR JE 32 94.45 26.23 80.54
CA THR JE 32 94.71 27.01 79.35
C THR JE 32 94.26 28.45 79.54
N VAL JE 33 94.99 29.36 78.90
CA VAL JE 33 94.62 30.77 78.80
C VAL JE 33 94.53 31.09 77.32
N SER JE 34 93.32 31.44 76.86
CA SER JE 34 93.10 31.77 75.47
C SER JE 34 93.05 33.28 75.29
N LEU JE 35 93.67 33.76 74.20
CA LEU JE 35 93.56 35.15 73.78
C LEU JE 35 92.87 35.17 72.42
N ARG JE 36 91.67 35.70 72.37
CA ARG JE 36 90.88 35.78 71.15
C ARG JE 36 90.52 37.22 70.86
N ARG JE 37 90.55 37.58 69.59
CA ARG JE 37 90.19 38.92 69.17
C ARG JE 37 89.18 38.85 68.02
N SER JE 38 88.33 39.86 67.95
CA SER JE 38 87.44 40.05 66.81
C SER JE 38 87.71 41.44 66.24
N LEU JE 39 88.34 41.47 65.08
CA LEU JE 39 88.80 42.73 64.51
C LEU JE 39 87.60 43.57 64.05
N PRO JE 40 87.72 44.89 64.12
CA PRO JE 40 86.60 45.77 63.75
C PRO JE 40 86.22 45.61 62.28
N VAL JE 41 84.93 45.48 62.03
CA VAL JE 41 84.39 45.43 60.68
C VAL JE 41 83.81 46.81 60.38
N LYS JE 42 84.41 47.51 59.42
CA LYS JE 42 83.99 48.86 59.08
C LYS JE 42 82.77 48.76 58.18
N LYS JE 43 81.59 48.79 58.79
CA LYS JE 43 80.34 48.63 58.08
C LYS JE 43 79.52 49.91 58.15
N GLY JE 44 79.05 50.37 56.99
CA GLY JE 44 78.30 51.62 56.94
C GLY JE 44 79.15 52.78 57.41
N SER JE 45 78.52 53.73 58.08
CA SER JE 45 79.25 54.84 58.69
C SER JE 45 79.90 54.46 60.01
N ASP JE 46 79.53 53.31 60.58
CA ASP JE 46 80.14 52.84 61.82
C ASP JE 46 81.48 52.20 61.51
N ASN JE 47 82.51 52.58 62.29
CA ASN JE 47 83.84 52.05 62.10
C ASN JE 47 84.06 50.73 62.81
N GLY JE 48 83.02 50.14 63.39
CA GLY JE 48 83.14 48.84 64.02
C GLY JE 48 83.68 48.91 65.44
N THR JE 49 83.92 47.73 66.00
CA THR JE 49 84.34 47.60 67.38
C THR JE 49 85.34 46.46 67.47
N MET JE 50 86.43 46.69 68.22
CA MET JE 50 87.40 45.65 68.50
C MET JE 50 86.97 44.89 69.75
N ARG JE 51 86.81 43.58 69.62
CA ARG JE 51 86.48 42.71 70.74
C ARG JE 51 87.71 41.90 71.12
N GLY JE 52 88.07 41.94 72.40
CA GLY JE 52 89.15 41.13 72.90
C GLY JE 52 88.71 40.28 74.07
N ASN JE 53 88.82 38.95 73.94
CA ASN JE 53 88.34 38.02 74.95
C ASN JE 53 89.51 37.28 75.56
N MET JE 54 89.56 37.25 76.88
CA MET JE 54 90.57 36.50 77.63
C MET JE 54 89.87 35.36 78.35
N ASN JE 55 90.21 34.13 77.98
CA ASN JE 55 89.53 32.94 78.48
C ASN JE 55 90.45 32.16 79.40
N PHE JE 56 90.00 31.89 80.62
CA PHE JE 56 90.71 31.05 81.57
C PHE JE 56 89.90 29.77 81.75
N ALA JE 57 90.54 28.63 81.50
CA ALA JE 57 89.90 27.33 81.64
C ALA JE 57 90.72 26.47 82.59
N LYS JE 58 90.04 25.77 83.49
CA LYS JE 58 90.71 24.90 84.44
C LYS JE 58 89.79 23.74 84.80
N SER JE 59 90.36 22.54 84.81
CA SER JE 59 89.63 21.34 85.21
C SER JE 59 89.63 21.24 86.74
N PHE JE 60 88.47 20.87 87.28
CA PHE JE 60 88.30 20.79 88.72
C PHE JE 60 87.61 19.49 89.09
N PRO JE 61 87.96 18.90 90.24
CA PRO JE 61 87.22 17.72 90.71
C PRO JE 61 85.80 18.09 91.08
N ASN JE 62 84.84 17.42 90.45
CA ASN JE 62 83.42 17.60 90.73
C ASN JE 62 82.87 16.24 91.11
N GLY JE 63 82.96 15.91 92.40
CA GLY JE 63 82.58 14.60 92.87
C GLY JE 63 83.47 13.52 92.29
N ASP JE 64 82.90 12.70 91.41
CA ASP JE 64 83.65 11.63 90.76
C ASP JE 64 84.25 12.05 89.43
N LYS JE 65 83.59 12.96 88.71
CA LYS JE 65 84.03 13.40 87.41
C LYS JE 65 84.82 14.71 87.53
N LYS JE 66 85.19 15.29 86.40
CA LYS JE 66 85.87 16.57 86.35
C LYS JE 66 85.01 17.59 85.63
N SER JE 67 84.95 18.79 86.20
CA SER JE 67 84.18 19.89 85.63
C SER JE 67 85.12 21.01 85.19
N LEU JE 68 84.73 21.72 84.14
CA LEU JE 68 85.52 22.82 83.60
C LEU JE 68 85.00 24.13 84.16
N VAL JE 69 85.86 24.85 84.87
CA VAL JE 69 85.55 26.20 85.35
C VAL JE 69 86.16 27.20 84.38
N VAL JE 70 85.33 28.11 83.89
CA VAL JE 70 85.73 29.05 82.85
C VAL JE 70 85.52 30.48 83.36
N VAL JE 71 86.53 31.32 83.19
CA VAL JE 71 86.43 32.75 83.47
C VAL JE 71 86.74 33.49 82.18
N ASN JE 72 85.84 34.38 81.77
CA ASN JE 72 85.99 35.15 80.55
C ASN JE 72 86.13 36.63 80.90
N LEU JE 73 87.11 37.29 80.26
CA LEU JE 73 87.28 38.73 80.34
C LEU JE 73 87.20 39.28 78.92
N THR JE 74 86.14 40.02 78.62
CA THR JE 74 85.90 40.55 77.29
C THR JE 74 85.80 42.07 77.37
N ALA JE 75 86.40 42.75 76.39
CA ALA JE 75 86.33 44.19 76.27
C ALA JE 75 85.82 44.56 74.88
N HIS JE 76 84.96 45.57 74.83
CA HIS JE 76 84.41 46.06 73.56
C HIS JE 76 84.81 47.52 73.43
N VAL JE 77 85.82 47.79 72.61
CA VAL JE 77 86.35 49.13 72.40
C VAL JE 77 86.00 49.58 70.99
N PRO JE 78 85.11 50.56 70.82
CA PRO JE 78 84.78 51.04 69.48
C PRO JE 78 85.96 51.78 68.85
N VAL JE 79 86.03 51.71 67.52
CA VAL JE 79 87.08 52.42 66.80
C VAL JE 79 86.85 53.92 66.89
N GLY JE 80 87.92 54.66 67.16
CA GLY JE 80 87.87 56.10 67.27
C GLY JE 80 88.09 56.62 68.68
N VAL JE 81 88.02 55.76 69.67
CA VAL JE 81 88.27 56.15 71.05
C VAL JE 81 89.77 56.19 71.30
N ASP JE 82 90.19 57.11 72.15
CA ASP JE 82 91.60 57.19 72.53
C ASP JE 82 91.99 55.97 73.34
N ALA JE 83 93.02 55.25 72.87
CA ALA JE 83 93.42 54.01 73.53
C ALA JE 83 94.07 54.27 74.88
N THR JE 84 94.79 55.39 75.02
CA THR JE 84 95.40 55.73 76.31
C THR JE 84 94.32 56.00 77.37
N ALA JE 85 93.24 56.67 76.98
CA ALA JE 85 92.15 56.94 77.92
C ALA JE 85 91.51 55.64 78.40
N VAL JE 86 91.31 54.69 77.50
CA VAL JE 86 90.69 53.42 77.88
C VAL JE 86 91.60 52.64 78.83
N ARG JE 87 92.90 52.62 78.56
CA ARG JE 87 93.83 51.90 79.42
C ARG JE 87 93.88 52.51 80.81
N THR JE 88 93.84 53.84 80.91
CA THR JE 88 93.81 54.49 82.22
C THR JE 88 92.54 54.16 82.98
N TRP JE 89 91.40 54.12 82.29
CA TRP JE 89 90.15 53.75 82.93
C TRP JE 89 90.17 52.29 83.38
N MET JE 90 90.67 51.39 82.54
CA MET JE 90 90.72 49.97 82.88
C MET JE 90 91.62 49.71 84.08
N THR JE 91 92.77 50.39 84.14
CA THR JE 91 93.72 50.17 85.23
C THR JE 91 93.17 50.65 86.58
N SER JE 92 92.61 51.86 86.62
CA SER JE 92 92.21 52.46 87.88
C SER JE 92 90.78 52.14 88.31
N GLU JE 93 89.92 51.72 87.39
CA GLU JE 93 88.51 51.56 87.71
C GLU JE 93 87.99 50.15 87.45
N VAL JE 94 88.44 49.50 86.38
CA VAL JE 94 87.93 48.17 86.07
C VAL JE 94 88.71 47.11 86.84
N PHE JE 95 90.03 47.16 86.79
CA PHE JE 95 90.86 46.13 87.41
C PHE JE 95 90.65 46.02 88.92
N PRO JE 96 90.65 47.10 89.70
CA PRO JE 96 90.42 46.94 91.15
C PRO JE 96 89.07 46.31 91.49
N GLY JE 97 88.02 46.65 90.74
CA GLY JE 97 86.72 46.06 91.02
C GLY JE 97 86.55 44.66 90.50
N ALA JE 98 87.20 44.33 89.37
CA ALA JE 98 87.09 43.00 88.80
C ALA JE 98 87.80 41.94 89.63
N THR JE 99 88.82 42.32 90.40
CA THR JE 99 89.58 41.38 91.21
C THR JE 99 89.33 41.60 92.70
N SER JE 100 88.10 41.92 93.07
CA SER JE 100 87.72 42.15 94.44
C SER JE 100 86.95 40.95 94.98
N SER JE 101 86.52 41.06 96.24
CA SER JE 101 85.66 40.03 96.81
C SER JE 101 84.28 40.03 96.16
N VAL JE 102 83.89 41.12 95.50
CA VAL JE 102 82.61 41.16 94.81
C VAL JE 102 82.57 40.10 93.71
N THR JE 103 83.67 39.95 92.97
CA THR JE 103 83.73 38.91 91.94
C THR JE 103 83.64 37.52 92.56
N LEU JE 104 84.34 37.29 93.66
CA LEU JE 104 84.32 35.99 94.31
C LEU JE 104 82.95 35.66 94.88
N ASP JE 105 82.32 36.62 95.57
CA ASP JE 105 81.00 36.37 96.14
C ASP JE 105 79.94 36.20 95.06
N LEU JE 106 80.13 36.86 93.92
CA LEU JE 106 79.19 36.67 92.81
C LEU JE 106 79.36 35.30 92.17
N ALA JE 107 80.60 34.82 92.06
CA ALA JE 107 80.84 33.54 91.40
C ALA JE 107 80.32 32.37 92.22
N THR JE 108 80.62 32.34 93.52
CA THR JE 108 80.35 31.18 94.35
C THR JE 108 79.10 31.32 95.21
N LYS JE 109 78.48 32.51 95.26
CA LYS JE 109 77.26 32.68 96.05
C LYS JE 109 76.13 33.38 95.31
N GLY JE 110 76.36 33.91 94.11
CA GLY JE 110 75.32 34.64 93.42
C GLY JE 110 74.92 35.94 94.09
N VAL JE 111 75.87 36.65 94.69
CA VAL JE 111 75.57 37.89 95.39
C VAL JE 111 75.62 39.03 94.40
N ILE JE 112 74.46 39.66 94.15
CA ILE JE 112 74.38 40.82 93.28
C ILE JE 112 74.05 42.09 94.04
N HIS JE 113 73.67 42.00 95.31
CA HIS JE 113 73.39 43.16 96.15
C HIS JE 113 74.58 43.44 97.03
N LEU JE 114 75.15 44.63 96.90
CA LEU JE 114 76.36 45.01 97.61
C LEU JE 114 76.02 45.56 98.98
N SER JE 115 76.92 45.37 99.93
CA SER JE 115 76.77 45.87 101.29
C SER JE 115 78.14 46.09 101.91
N ASP JE 116 78.21 47.06 102.82
CA ASP JE 116 77.19 48.03 103.16
C ASP JE 116 77.81 49.41 103.34
N ALA JE 117 79.13 49.44 103.45
CA ALA JE 117 79.86 50.69 103.69
C ALA JE 117 80.72 51.05 102.47
N LEU KE 1 120.02 -12.14 66.30
CA LEU KE 1 119.08 -11.22 65.67
C LEU KE 1 118.88 -9.99 66.56
N SER KE 2 119.36 -8.85 66.10
CA SER KE 2 119.28 -7.61 66.88
C SER KE 2 118.74 -6.48 66.03
N ILE KE 3 117.89 -5.66 66.63
CA ILE KE 3 117.45 -4.40 66.05
C ILE KE 3 117.75 -3.33 67.11
N GLY KE 4 118.92 -2.71 67.00
CA GLY KE 4 119.39 -1.82 68.04
C GLY KE 4 120.06 -2.59 69.16
N THR KE 5 119.56 -2.44 70.38
CA THR KE 5 120.02 -3.21 71.53
C THR KE 5 119.07 -4.35 71.88
N LYS KE 6 118.05 -4.58 71.06
CA LYS KE 6 116.99 -5.54 71.37
C LYS KE 6 117.27 -6.86 70.65
N ASN KE 7 117.14 -7.96 71.38
CA ASN KE 7 117.25 -9.29 70.80
C ASN KE 7 115.85 -9.76 70.39
N VAL KE 8 115.65 -9.95 69.08
CA VAL KE 8 114.36 -10.31 68.54
C VAL KE 8 114.47 -11.65 67.84
N SER KE 9 113.32 -12.22 67.48
CA SER KE 9 113.25 -13.45 66.72
C SER KE 9 112.16 -13.31 65.65
N ILE KE 10 112.28 -14.10 64.59
CA ILE KE 10 111.28 -14.06 63.54
C ILE KE 10 109.96 -14.58 64.08
N TYR KE 11 108.89 -13.83 63.84
CA TYR KE 11 107.55 -14.19 64.28
C TYR KE 11 106.59 -14.41 63.14
N ARG KE 12 106.71 -13.64 62.06
CA ARG KE 12 105.87 -13.80 60.89
C ARG KE 12 106.69 -13.39 59.68
N ASN KE 13 106.68 -14.23 58.64
CA ASN KE 13 107.49 -14.00 57.46
C ASN KE 13 106.58 -13.98 56.24
N THR KE 14 106.39 -12.80 55.67
CA THR KE 14 105.57 -12.57 54.50
C THR KE 14 106.48 -12.01 53.40
N ALA KE 15 105.98 -12.01 52.17
CA ALA KE 15 106.80 -11.60 51.02
C ALA KE 15 107.35 -10.19 51.20
N ASP KE 16 106.54 -9.27 51.75
CA ASP KE 16 106.94 -7.87 51.83
C ASP KE 16 106.97 -7.35 53.26
N GLU KE 17 106.87 -8.23 54.25
CA GLU KE 17 106.89 -7.78 55.64
C GLU KE 17 107.31 -8.93 56.54
N VAL KE 18 108.25 -8.65 57.43
CA VAL KE 18 108.69 -9.61 58.45
C VAL KE 18 108.49 -8.96 59.81
N ILE KE 19 107.77 -9.65 60.69
CA ILE KE 19 107.51 -9.17 62.05
C ILE KE 19 108.48 -9.87 62.98
N TYR KE 20 109.19 -9.10 63.78
CA TYR KE 20 110.10 -9.62 64.79
C TYR KE 20 109.54 -9.35 66.17
N ALA KE 21 109.63 -10.34 67.05
CA ALA KE 21 109.06 -10.27 68.38
C ALA KE 21 110.17 -10.14 69.42
N GLY KE 22 109.96 -9.23 70.37
CA GLY KE 22 110.89 -9.05 71.47
C GLY KE 22 110.66 -10.06 72.57
N PRO KE 23 111.50 -9.99 73.61
CA PRO KE 23 111.36 -10.97 74.71
C PRO KE 23 110.04 -10.89 75.45
N ALA KE 24 109.36 -9.75 75.40
CA ALA KE 24 108.12 -9.54 76.13
C ALA KE 24 106.88 -9.84 75.28
N HIS KE 25 107.05 -10.33 74.07
CA HIS KE 25 105.93 -10.63 73.19
C HIS KE 25 105.37 -12.01 73.49
N ASP KE 26 104.05 -12.10 73.53
CA ASP KE 26 103.35 -13.36 73.76
C ASP KE 26 101.93 -13.22 73.21
N VAL KE 27 101.05 -14.14 73.58
CA VAL KE 27 99.68 -14.11 73.08
C VAL KE 27 98.89 -12.92 73.60
N THR KE 28 99.11 -12.50 74.85
CA THR KE 28 98.34 -11.41 75.45
C THR KE 28 99.06 -10.07 75.46
N ASN KE 29 100.35 -10.02 75.18
CA ASN KE 29 101.11 -8.77 75.17
C ASN KE 29 101.80 -8.59 73.83
N VAL KE 30 101.95 -7.34 73.42
CA VAL KE 30 102.53 -7.00 72.13
C VAL KE 30 103.88 -6.35 72.36
N ASP KE 31 104.93 -6.96 71.80
CA ASP KE 31 106.27 -6.37 71.76
C ASP KE 31 106.86 -6.80 70.42
N THR KE 32 106.68 -5.96 69.40
CA THR KE 32 107.06 -6.34 68.04
C THR KE 32 107.75 -5.17 67.34
N VAL KE 33 108.65 -5.52 66.42
CA VAL KE 33 109.24 -4.59 65.47
C VAL KE 33 109.03 -5.18 64.08
N SER KE 34 108.25 -4.49 63.25
CA SER KE 34 107.88 -4.99 61.93
C SER KE 34 108.62 -4.20 60.85
N LEU KE 35 109.29 -4.91 59.95
CA LEU KE 35 109.91 -4.30 58.79
C LEU KE 35 109.03 -4.55 57.57
N ARG KE 36 108.66 -3.48 56.89
CA ARG KE 36 107.79 -3.56 55.73
C ARG KE 36 108.43 -2.81 54.57
N ARG KE 37 108.05 -3.18 53.35
CA ARG KE 37 108.63 -2.55 52.18
C ARG KE 37 107.62 -2.54 51.05
N SER KE 38 107.82 -1.61 50.12
CA SER KE 38 107.06 -1.55 48.88
C SER KE 38 108.07 -1.34 47.75
N LEU KE 39 108.33 -2.39 46.98
CA LEU KE 39 109.36 -2.34 45.97
C LEU KE 39 108.97 -1.41 44.83
N PRO KE 40 109.95 -0.83 44.15
CA PRO KE 40 109.64 0.12 43.06
C PRO KE 40 108.84 -0.54 41.95
N VAL KE 41 107.93 0.23 41.36
CA VAL KE 41 107.13 -0.20 40.23
C VAL KE 41 107.49 0.68 39.05
N LYS KE 42 107.97 0.06 37.96
CA LYS KE 42 108.43 0.79 36.78
C LYS KE 42 107.23 1.23 35.94
N LYS KE 43 106.40 2.07 36.56
CA LYS KE 43 105.18 2.53 35.91
C LYS KE 43 105.58 3.60 34.88
N GLY KE 44 105.30 3.33 33.61
CA GLY KE 44 105.60 4.27 32.56
C GLY KE 44 107.09 4.57 32.50
N SER KE 45 107.41 5.87 32.37
CA SER KE 45 108.79 6.32 32.40
C SER KE 45 109.33 6.51 33.81
N ASP KE 46 108.47 6.70 34.79
CA ASP KE 46 108.91 6.84 36.17
C ASP KE 46 109.49 5.52 36.66
N ASN KE 47 110.69 5.60 37.25
CA ASN KE 47 111.34 4.39 37.77
C ASN KE 47 110.74 3.92 39.08
N GLY KE 48 109.84 4.67 39.68
CA GLY KE 48 109.19 4.26 40.91
C GLY KE 48 109.87 4.81 42.15
N THR KE 49 109.36 4.38 43.29
CA THR KE 49 109.85 4.82 44.59
C THR KE 49 110.05 3.61 45.48
N MET KE 50 111.10 3.64 46.29
CA MET KE 50 111.34 2.61 47.29
C MET KE 50 110.79 3.09 48.62
N ARG KE 51 109.81 2.35 49.16
CA ARG KE 51 109.19 2.67 50.43
C ARG KE 51 109.59 1.63 51.47
N GLY KE 52 110.16 2.09 52.57
CA GLY KE 52 110.50 1.21 53.68
C GLY KE 52 109.84 1.70 54.94
N ASN KE 53 109.29 0.77 55.72
CA ASN KE 53 108.57 1.10 56.94
C ASN KE 53 109.11 0.27 58.10
N MET KE 54 109.44 0.95 59.18
CA MET KE 54 109.77 0.30 60.44
C MET KE 54 108.67 0.61 61.44
N ASN KE 55 108.05 -0.44 61.97
CA ASN KE 55 106.93 -0.31 62.89
C ASN KE 55 107.33 -0.83 64.26
N PHE KE 56 107.11 0.00 65.29
CA PHE KE 56 107.35 -0.38 66.67
C PHE KE 56 106.02 -0.42 67.39
N ALA KE 57 105.71 -1.54 68.03
CA ALA KE 57 104.45 -1.72 68.74
C ALA KE 57 104.73 -2.29 70.11
N LYS KE 58 104.08 -1.73 71.13
CA LYS KE 58 104.23 -2.19 72.49
C LYS KE 58 102.92 -1.98 73.24
N SER KE 59 102.58 -2.95 74.08
CA SER KE 59 101.42 -2.85 74.96
C SER KE 59 101.79 -2.14 76.25
N PHE KE 60 100.86 -1.31 76.74
CA PHE KE 60 101.09 -0.51 77.93
C PHE KE 60 99.87 -0.58 78.84
N PRO KE 61 100.07 -0.52 80.16
CA PRO KE 61 98.92 -0.44 81.07
C PRO KE 61 98.16 0.88 80.87
N ASN KE 62 96.87 0.76 80.58
CA ASN KE 62 95.99 1.90 80.38
C ASN KE 62 94.80 1.76 81.33
N GLY KE 63 94.97 2.25 82.56
CA GLY KE 63 93.95 2.10 83.56
C GLY KE 63 93.60 0.65 83.83
N ASP KE 64 92.42 0.24 83.40
CA ASP KE 64 92.00 -1.15 83.58
C ASP KE 64 92.51 -2.05 82.46
N LYS KE 65 92.45 -1.57 81.21
CA LYS KE 65 92.82 -2.38 80.06
C LYS KE 65 94.26 -2.07 79.66
N LYS KE 66 94.69 -2.63 78.52
CA LYS KE 66 96.03 -2.42 78.00
C LYS KE 66 95.93 -1.79 76.62
N SER KE 67 96.64 -0.69 76.42
CA SER KE 67 96.62 0.05 75.16
C SER KE 67 97.92 -0.17 74.39
N LEU KE 68 97.85 0.02 73.08
CA LEU KE 68 98.97 -0.23 72.18
C LEU KE 68 99.56 1.09 71.73
N VAL KE 69 100.85 1.29 71.98
CA VAL KE 69 101.59 2.46 71.52
C VAL KE 69 102.40 2.05 70.30
N VAL KE 70 102.25 2.79 69.21
CA VAL KE 70 102.86 2.45 67.93
C VAL KE 70 103.73 3.61 67.48
N VAL KE 71 104.97 3.31 67.11
CA VAL KE 71 105.90 4.28 66.52
C VAL KE 71 106.23 3.79 65.12
N ASN KE 72 106.00 4.65 64.12
CA ASN KE 72 106.28 4.32 62.73
C ASN KE 72 107.44 5.15 62.21
N LEU KE 73 108.23 4.53 61.33
CA LEU KE 73 109.32 5.23 60.64
C LEU KE 73 109.26 4.80 59.19
N THR KE 74 108.85 5.71 58.31
CA THR KE 74 108.70 5.43 56.89
C THR KE 74 109.62 6.33 56.08
N ALA KE 75 110.29 5.75 55.09
CA ALA KE 75 111.16 6.49 54.18
C ALA KE 75 110.68 6.29 52.75
N HIS KE 76 110.77 7.34 51.96
CA HIS KE 76 110.41 7.31 50.54
C HIS KE 76 111.62 7.77 49.74
N VAL KE 77 112.26 6.82 49.05
CA VAL KE 77 113.45 7.13 48.26
C VAL KE 77 113.16 6.85 46.79
N PRO KE 78 113.02 7.88 45.95
CA PRO KE 78 112.77 7.64 44.52
C PRO KE 78 113.94 6.94 43.86
N VAL KE 79 113.63 6.11 42.86
CA VAL KE 79 114.66 5.37 42.15
C VAL KE 79 115.47 6.32 41.28
N GLY KE 80 116.79 6.19 41.34
CA GLY KE 80 117.71 7.04 40.61
C GLY KE 80 118.50 7.98 41.51
N VAL KE 81 117.91 8.37 42.65
CA VAL KE 81 118.63 9.18 43.62
C VAL KE 81 119.80 8.37 44.16
N ASP KE 82 120.95 9.03 44.28
CA ASP KE 82 122.14 8.36 44.80
C ASP KE 82 121.90 7.88 46.23
N ALA KE 83 122.15 6.59 46.46
CA ALA KE 83 121.85 6.01 47.76
C ALA KE 83 122.79 6.53 48.85
N THR KE 84 124.06 6.75 48.50
CA THR KE 84 125.03 7.21 49.50
C THR KE 84 124.67 8.61 50.00
N ALA KE 85 124.18 9.47 49.12
CA ALA KE 85 123.77 10.81 49.54
C ALA KE 85 122.60 10.75 50.52
N VAL KE 86 121.67 9.83 50.30
CA VAL KE 86 120.53 9.69 51.21
C VAL KE 86 120.99 9.17 52.56
N ARG KE 87 121.97 8.27 52.57
CA ARG KE 87 122.37 7.63 53.82
C ARG KE 87 123.16 8.58 54.72
N THR KE 88 123.94 9.49 54.12
CA THR KE 88 124.62 10.49 54.93
C THR KE 88 123.66 11.59 55.38
N TRP KE 89 122.65 11.89 54.56
CA TRP KE 89 121.60 12.82 54.99
C TRP KE 89 120.83 12.27 56.18
N MET KE 90 120.49 10.98 56.13
CA MET KE 90 119.75 10.36 57.23
C MET KE 90 120.58 10.30 58.50
N THR KE 91 121.85 9.92 58.37
CA THR KE 91 122.71 9.75 59.54
C THR KE 91 123.01 11.09 60.22
N SER KE 92 123.19 12.15 59.43
CA SER KE 92 123.62 13.43 59.95
C SER KE 92 122.48 14.41 60.20
N GLU KE 93 121.43 14.37 59.40
CA GLU KE 93 120.36 15.37 59.48
C GLU KE 93 119.04 14.82 60.00
N VAL KE 94 118.72 13.55 59.73
CA VAL KE 94 117.42 13.02 60.12
C VAL KE 94 117.51 12.33 61.48
N PHE KE 95 118.46 11.42 61.64
CA PHE KE 95 118.57 10.62 62.86
C PHE KE 95 118.82 11.46 64.11
N PRO KE 96 119.75 12.43 64.10
CA PRO KE 96 119.91 13.26 65.32
C PRO KE 96 118.66 14.03 65.69
N GLY KE 97 117.90 14.51 64.71
CA GLY KE 97 116.67 15.23 65.02
C GLY KE 97 115.49 14.33 65.32
N ALA KE 98 115.51 13.10 64.80
CA ALA KE 98 114.42 12.17 65.02
C ALA KE 98 114.46 11.50 66.38
N THR KE 99 115.57 11.59 67.10
CA THR KE 99 115.72 10.95 68.39
C THR KE 99 115.97 11.95 69.51
N SER KE 100 115.70 13.23 69.27
CA SER KE 100 115.93 14.28 70.25
C SER KE 100 114.73 14.38 71.18
N SER KE 101 114.76 15.35 72.10
CA SER KE 101 113.64 15.58 72.99
C SER KE 101 112.42 16.12 72.25
N VAL KE 102 112.61 16.64 71.03
CA VAL KE 102 111.48 17.14 70.25
C VAL KE 102 110.50 16.02 69.94
N THR KE 103 111.01 14.84 69.59
CA THR KE 103 110.14 13.70 69.33
C THR KE 103 109.36 13.30 70.57
N LEU KE 104 110.00 13.33 71.74
CA LEU KE 104 109.33 12.92 72.97
C LEU KE 104 108.18 13.85 73.31
N ASP KE 105 108.38 15.17 73.20
CA ASP KE 105 107.31 16.11 73.48
C ASP KE 105 106.19 16.03 72.45
N LEU KE 106 106.56 15.85 71.18
CA LEU KE 106 105.55 15.73 70.13
C LEU KE 106 104.70 14.47 70.32
N ALA KE 107 105.32 13.36 70.72
CA ALA KE 107 104.58 12.11 70.86
C ALA KE 107 103.68 12.12 72.10
N THR KE 108 104.13 12.71 73.20
CA THR KE 108 103.39 12.65 74.44
C THR KE 108 102.52 13.87 74.69
N LYS KE 109 102.92 15.05 74.18
CA LYS KE 109 102.18 16.27 74.43
C LYS KE 109 101.75 17.01 73.18
N GLY KE 110 102.17 16.59 71.99
CA GLY KE 110 101.80 17.27 70.77
C GLY KE 110 102.45 18.62 70.57
N VAL KE 111 103.68 18.79 71.07
CA VAL KE 111 104.37 20.08 70.98
C VAL KE 111 104.94 20.22 69.58
N ILE KE 112 104.57 21.30 68.89
CA ILE KE 112 105.03 21.58 67.54
C ILE KE 112 105.84 22.86 67.44
N HIS KE 113 106.04 23.56 68.56
CA HIS KE 113 106.85 24.78 68.60
C HIS KE 113 108.07 24.51 69.47
N LEU KE 114 109.24 24.41 68.85
CA LEU KE 114 110.47 24.06 69.59
C LEU KE 114 111.24 25.34 69.92
N SER KE 115 110.63 26.17 70.74
CA SER KE 115 111.24 27.43 71.14
C SER KE 115 112.25 27.19 72.26
N ASP KE 116 113.37 27.92 72.21
CA ASP KE 116 113.71 28.85 71.14
C ASP KE 116 115.15 28.64 70.69
N ALA KE 117 115.97 28.07 71.58
CA ALA KE 117 117.38 27.85 71.29
C ALA KE 117 117.57 26.65 70.37
N LEU LE 1 49.84 112.77 -60.61
CA LEU LE 1 48.83 111.73 -60.79
C LEU LE 1 47.50 112.33 -61.22
N SER LE 2 46.97 111.84 -62.34
CA SER LE 2 45.70 112.33 -62.87
C SER LE 2 44.95 111.19 -63.51
N ILE LE 3 43.62 111.26 -63.45
CA ILE LE 3 42.72 110.34 -64.13
C ILE LE 3 41.79 111.21 -64.97
N GLY LE 4 42.12 111.38 -66.24
CA GLY LE 4 41.43 112.36 -67.05
C GLY LE 4 41.89 113.77 -66.71
N THR LE 5 40.99 114.60 -66.22
CA THR LE 5 41.31 115.97 -65.84
C THR LE 5 41.31 116.19 -64.33
N LYS LE 6 41.21 115.13 -63.54
CA LYS LE 6 41.13 115.23 -62.09
C LYS LE 6 42.43 114.75 -61.46
N ASN LE 7 42.95 115.53 -60.51
CA ASN LE 7 44.15 115.16 -59.78
C ASN LE 7 43.79 114.22 -58.64
N VAL LE 8 44.56 113.14 -58.50
CA VAL LE 8 44.31 112.12 -57.49
C VAL LE 8 45.61 111.80 -56.78
N SER LE 9 45.48 111.09 -55.66
CA SER LE 9 46.61 110.60 -54.89
C SER LE 9 46.35 109.15 -54.52
N ILE LE 10 47.42 108.37 -54.38
CA ILE LE 10 47.27 106.98 -53.95
C ILE LE 10 46.70 106.98 -52.53
N TYR LE 11 45.58 106.30 -52.35
CA TYR LE 11 44.91 106.22 -51.07
C TYR LE 11 45.01 104.84 -50.42
N ARG LE 12 44.69 103.79 -51.17
CA ARG LE 12 44.80 102.42 -50.68
C ARG LE 12 45.44 101.56 -51.76
N ASN LE 13 46.39 100.73 -51.35
CA ASN LE 13 47.15 99.89 -52.28
C ASN LE 13 47.02 98.44 -51.85
N THR LE 14 46.55 97.59 -52.77
CA THR LE 14 46.55 96.15 -52.54
C THR LE 14 47.22 95.45 -53.72
N ALA LE 15 47.23 94.11 -53.70
CA ALA LE 15 47.90 93.37 -54.75
C ALA LE 15 47.27 93.60 -56.11
N ASP LE 16 45.93 93.59 -56.18
CA ASP LE 16 45.23 93.71 -57.45
C ASP LE 16 44.28 94.90 -57.50
N GLU LE 17 44.37 95.83 -56.55
CA GLU LE 17 43.51 96.99 -56.56
C GLU LE 17 44.22 98.18 -55.94
N VAL LE 18 44.11 99.34 -56.59
CA VAL LE 18 44.59 100.60 -56.06
C VAL LE 18 43.42 101.58 -56.04
N ILE LE 19 43.19 102.21 -54.89
CA ILE LE 19 42.17 103.24 -54.75
C ILE LE 19 42.86 104.60 -54.74
N TYR LE 20 42.37 105.51 -55.57
CA TYR LE 20 42.87 106.87 -55.64
C TYR LE 20 41.82 107.83 -55.08
N ALA LE 21 42.28 108.86 -54.39
CA ALA LE 21 41.41 109.80 -53.71
C ALA LE 21 41.42 111.14 -54.44
N GLY LE 22 40.23 111.70 -54.67
CA GLY LE 22 40.12 112.99 -55.28
C GLY LE 22 40.28 114.12 -54.28
N PRO LE 23 40.24 115.37 -54.76
CA PRO LE 23 40.45 116.51 -53.86
C PRO LE 23 39.38 116.66 -52.78
N ALA LE 24 38.20 116.07 -52.97
CA ALA LE 24 37.08 116.25 -52.05
C ALA LE 24 36.92 115.08 -51.08
N HIS LE 25 37.84 114.14 -51.07
CA HIS LE 25 37.72 112.96 -50.22
C HIS LE 25 38.23 113.27 -48.81
N ASP LE 26 37.39 113.00 -47.82
CA ASP LE 26 37.77 113.12 -46.42
C ASP LE 26 36.95 112.12 -45.62
N VAL LE 27 36.90 112.31 -44.30
CA VAL LE 27 36.19 111.40 -43.40
C VAL LE 27 34.70 111.42 -43.69
N THR LE 28 34.20 112.54 -44.23
CA THR LE 28 32.76 112.71 -44.44
C THR LE 28 32.33 112.57 -45.89
N ASN LE 29 33.16 112.97 -46.86
CA ASN LE 29 32.77 112.96 -48.26
C ASN LE 29 33.62 111.96 -49.02
N VAL LE 30 32.97 111.19 -49.89
CA VAL LE 30 33.65 110.19 -50.71
C VAL LE 30 33.93 110.77 -52.08
N ASP LE 31 35.19 110.71 -52.51
CA ASP LE 31 35.59 111.08 -53.86
C ASP LE 31 36.77 110.19 -54.23
N THR LE 32 36.47 109.06 -54.88
CA THR LE 32 37.49 108.05 -55.13
C THR LE 32 37.34 107.50 -56.54
N VAL LE 33 38.47 107.08 -57.10
CA VAL LE 33 38.52 106.28 -58.32
C VAL LE 33 39.36 105.05 -58.01
N SER LE 34 38.80 103.87 -58.26
CA SER LE 34 39.47 102.62 -57.96
C SER LE 34 39.80 101.86 -59.24
N LEU LE 35 41.01 101.32 -59.31
CA LEU LE 35 41.47 100.52 -60.42
C LEU LE 35 41.70 99.10 -59.93
N ARG LE 36 40.97 98.14 -60.50
CA ARG LE 36 41.05 96.75 -60.10
C ARG LE 36 41.31 95.89 -61.32
N ARG LE 37 42.08 94.82 -61.13
CA ARG LE 37 42.39 93.89 -62.21
C ARG LE 37 42.15 92.46 -61.74
N SER LE 38 41.71 91.63 -62.67
CA SER LE 38 41.59 90.18 -62.47
C SER LE 38 42.46 89.53 -63.52
N LEU LE 39 43.68 89.16 -63.13
CA LEU LE 39 44.63 88.61 -64.09
C LEU LE 39 44.15 87.25 -64.59
N PRO LE 40 44.41 86.93 -65.86
CA PRO LE 40 43.93 85.66 -66.40
C PRO LE 40 44.58 84.47 -65.72
N VAL LE 41 43.80 83.41 -65.56
CA VAL LE 41 44.29 82.12 -65.11
C VAL LE 41 44.09 81.15 -66.27
N LYS LE 42 45.18 80.47 -66.66
CA LYS LE 42 45.16 79.62 -67.84
C LYS LE 42 45.01 78.17 -67.39
N LYS LE 43 43.84 77.88 -66.81
CA LYS LE 43 43.49 76.55 -66.37
C LYS LE 43 43.19 75.65 -67.58
N GLY LE 44 43.56 74.38 -67.45
CA GLY LE 44 43.39 73.41 -68.51
C GLY LE 44 43.96 73.87 -69.84
N SER LE 45 43.09 74.07 -70.83
CA SER LE 45 43.49 74.59 -72.12
C SER LE 45 43.08 76.03 -72.36
N ASP LE 46 42.00 76.50 -71.73
CA ASP LE 46 41.58 77.88 -71.89
C ASP LE 46 42.57 78.82 -71.23
N ASN LE 47 42.89 79.91 -71.92
CA ASN LE 47 43.89 80.86 -71.44
C ASN LE 47 43.31 81.89 -70.48
N GLY LE 48 42.01 81.84 -70.20
CA GLY LE 48 41.41 82.76 -69.25
C GLY LE 48 41.11 84.11 -69.85
N THR LE 49 40.61 85.00 -68.99
CA THR LE 49 40.17 86.33 -69.40
C THR LE 49 40.84 87.38 -68.52
N MET LE 50 41.17 88.51 -69.12
CA MET LE 50 41.69 89.65 -68.38
C MET LE 50 40.54 90.61 -68.07
N ARG LE 51 40.26 90.81 -66.79
CA ARG LE 51 39.16 91.67 -66.35
C ARG LE 51 39.74 92.92 -65.70
N GLY LE 52 39.49 94.06 -66.32
CA GLY LE 52 39.91 95.34 -65.77
C GLY LE 52 38.73 96.21 -65.40
N ASN LE 53 38.62 96.59 -64.13
CA ASN LE 53 37.48 97.34 -63.62
C ASN LE 53 37.95 98.70 -63.13
N MET LE 54 37.26 99.75 -63.57
CA MET LE 54 37.49 101.11 -63.09
C MET LE 54 36.24 101.59 -62.36
N ASN LE 55 36.42 102.03 -61.12
CA ASN LE 55 35.32 102.34 -60.23
C ASN LE 55 35.33 103.83 -59.89
N PHE LE 56 34.18 104.47 -60.00
CA PHE LE 56 34.00 105.87 -59.61
C PHE LE 56 32.97 105.93 -58.50
N ALA LE 57 33.32 106.59 -57.40
CA ALA LE 57 32.44 106.69 -56.24
C ALA LE 57 32.37 108.14 -55.79
N LYS LE 58 31.17 108.60 -55.45
CA LYS LE 58 30.98 109.97 -55.01
C LYS LE 58 29.75 110.05 -54.11
N SER LE 59 29.93 110.60 -52.91
CA SER LE 59 28.81 110.83 -52.02
C SER LE 59 28.01 112.04 -52.48
N PHE LE 60 26.70 111.95 -52.35
CA PHE LE 60 25.79 112.99 -52.78
C PHE LE 60 24.78 113.29 -51.68
N PRO LE 61 24.26 114.52 -51.64
CA PRO LE 61 23.19 114.83 -50.67
C PRO LE 61 21.91 114.08 -51.05
N ASN LE 62 21.33 113.40 -50.06
CA ASN LE 62 20.10 112.63 -50.25
C ASN LE 62 19.23 112.89 -49.04
N GLY LE 63 18.39 113.93 -49.15
CA GLY LE 63 17.61 114.35 -47.99
C GLY LE 63 18.54 114.82 -46.89
N ASP LE 64 18.36 114.28 -45.69
CA ASP LE 64 19.22 114.62 -44.58
C ASP LE 64 20.50 113.80 -44.55
N LYS LE 65 20.50 112.61 -45.14
CA LYS LE 65 21.66 111.72 -45.14
C LYS LE 65 22.48 111.92 -46.41
N LYS LE 66 23.45 111.04 -46.61
CA LYS LE 66 24.30 111.06 -47.80
C LYS LE 66 24.22 109.71 -48.50
N SER LE 67 24.24 109.74 -49.82
CA SER LE 67 24.11 108.55 -50.64
C SER LE 67 25.30 108.43 -51.58
N LEU LE 68 25.73 107.20 -51.84
CA LEU LE 68 26.88 106.94 -52.69
C LEU LE 68 26.41 106.59 -54.09
N VAL LE 69 26.89 107.35 -55.08
CA VAL LE 69 26.66 107.05 -56.49
C VAL LE 69 27.92 106.41 -57.04
N VAL LE 70 27.78 105.23 -57.63
CA VAL LE 70 28.90 104.44 -58.11
C VAL LE 70 28.74 104.22 -59.61
N VAL LE 71 29.81 104.46 -60.35
CA VAL LE 71 29.86 104.18 -61.78
C VAL LE 71 30.97 103.16 -62.03
N ASN LE 72 30.63 102.07 -62.69
CA ASN LE 72 31.57 100.98 -62.96
C ASN LE 72 31.81 100.85 -64.45
N LEU LE 73 33.08 100.65 -64.82
CA LEU LE 73 33.47 100.40 -66.21
C LEU LE 73 34.41 99.21 -66.22
N THR LE 74 33.94 98.08 -66.76
CA THR LE 74 34.68 96.83 -66.74
C THR LE 74 34.87 96.30 -68.15
N ALA LE 75 36.10 95.91 -68.47
CA ALA LE 75 36.43 95.31 -69.76
C ALA LE 75 36.76 93.84 -69.56
N HIS LE 76 36.23 92.99 -70.44
CA HIS LE 76 36.50 91.55 -70.43
C HIS LE 76 37.16 91.20 -71.75
N VAL LE 77 38.47 91.01 -71.74
CA VAL LE 77 39.26 90.75 -72.94
C VAL LE 77 39.83 89.33 -72.82
N PRO LE 78 39.33 88.36 -73.59
CA PRO LE 78 39.91 87.02 -73.54
C PRO LE 78 41.34 87.00 -74.04
N VAL LE 79 42.15 86.11 -73.47
CA VAL LE 79 43.57 86.04 -73.81
C VAL LE 79 43.73 85.46 -75.21
N GLY LE 80 44.55 86.13 -76.03
CA GLY LE 80 44.77 85.75 -77.42
C GLY LE 80 44.26 86.79 -78.41
N VAL LE 81 43.27 87.58 -77.99
CA VAL LE 81 42.76 88.66 -78.83
C VAL LE 81 43.81 89.76 -78.93
N ASP LE 82 43.98 90.29 -80.15
CA ASP LE 82 44.95 91.36 -80.36
C ASP LE 82 44.59 92.57 -79.52
N ALA LE 83 45.57 93.06 -78.75
CA ALA LE 83 45.34 94.23 -77.91
C ALA LE 83 45.07 95.47 -78.74
N THR LE 84 45.80 95.66 -79.84
CA THR LE 84 45.61 96.84 -80.67
C THR LE 84 44.23 96.87 -81.30
N ALA LE 85 43.73 95.71 -81.74
CA ALA LE 85 42.39 95.65 -82.30
C ALA LE 85 41.34 96.01 -81.25
N VAL LE 86 41.52 95.55 -80.02
CA VAL LE 86 40.59 95.87 -78.94
C VAL LE 86 40.63 97.35 -78.60
N ARG LE 87 41.85 97.91 -78.53
CA ARG LE 87 41.98 99.32 -78.17
C ARG LE 87 41.35 100.22 -79.22
N THR LE 88 41.47 99.87 -80.51
CA THR LE 88 40.83 100.63 -81.56
C THR LE 88 39.32 100.55 -81.46
N TRP LE 89 38.78 99.36 -81.14
CA TRP LE 89 37.34 99.22 -80.97
C TRP LE 89 36.83 100.03 -79.78
N MET LE 90 37.57 100.01 -78.67
CA MET LE 90 37.13 100.75 -77.49
C MET LE 90 37.15 102.25 -77.74
N THR LE 91 38.17 102.75 -78.45
CA THR LE 91 38.32 104.18 -78.67
C THR LE 91 37.27 104.71 -79.65
N SER LE 92 36.98 103.95 -80.71
CA SER LE 92 36.12 104.45 -81.77
C SER LE 92 34.65 104.06 -81.59
N GLU LE 93 34.36 103.01 -80.84
CA GLU LE 93 32.98 102.57 -80.66
C GLU LE 93 32.48 102.70 -79.24
N VAL LE 94 33.19 102.13 -78.26
CA VAL LE 94 32.69 102.11 -76.89
C VAL LE 94 32.78 103.50 -76.27
N PHE LE 95 33.91 104.17 -76.41
CA PHE LE 95 34.11 105.45 -75.73
C PHE LE 95 33.13 106.52 -76.17
N PRO LE 96 32.89 106.78 -77.46
CA PRO LE 96 31.87 107.77 -77.82
C PRO LE 96 30.47 107.40 -77.34
N GLY LE 97 30.13 106.11 -77.33
CA GLY LE 97 28.80 105.71 -76.89
C GLY LE 97 28.62 105.70 -75.40
N ALA LE 98 29.69 105.46 -74.65
CA ALA LE 98 29.64 105.41 -73.20
C ALA LE 98 29.73 106.79 -72.55
N THR LE 99 29.94 107.84 -73.35
CA THR LE 99 29.99 109.20 -72.83
C THR LE 99 28.93 110.10 -73.47
N SER LE 100 27.93 109.50 -74.11
CA SER LE 100 26.88 110.25 -74.75
C SER LE 100 25.72 110.50 -73.78
N SER LE 101 24.70 111.22 -74.26
CA SER LE 101 23.51 111.42 -73.45
C SER LE 101 22.77 110.12 -73.18
N VAL LE 102 23.02 109.07 -73.97
CA VAL LE 102 22.38 107.79 -73.75
C VAL LE 102 22.77 107.24 -72.38
N THR LE 103 24.06 107.32 -72.03
CA THR LE 103 24.51 106.87 -70.72
C THR LE 103 23.87 107.71 -69.61
N LEU LE 104 23.80 109.02 -69.82
CA LEU LE 104 23.26 109.91 -68.78
C LEU LE 104 21.79 109.60 -68.49
N ASP LE 105 20.99 109.38 -69.52
CA ASP LE 105 19.57 109.10 -69.31
C ASP LE 105 19.37 107.71 -68.72
N LEU LE 106 20.21 106.74 -69.09
CA LEU LE 106 20.09 105.41 -68.52
C LEU LE 106 20.40 105.42 -67.03
N ALA LE 107 21.42 106.17 -66.62
CA ALA LE 107 21.84 106.16 -65.23
C ALA LE 107 20.87 106.92 -64.34
N THR LE 108 20.40 108.08 -64.79
CA THR LE 108 19.61 108.97 -63.95
C THR LE 108 18.10 108.86 -64.21
N LYS LE 109 17.69 108.31 -65.34
CA LYS LE 109 16.27 108.18 -65.65
C LYS LE 109 15.86 106.77 -66.02
N GLY LE 110 16.80 105.83 -66.12
CA GLY LE 110 16.45 104.47 -66.51
C GLY LE 110 15.91 104.35 -67.91
N VAL LE 111 16.41 105.15 -68.85
CA VAL LE 111 15.90 105.13 -70.22
C VAL LE 111 16.68 104.09 -71.02
N ILE LE 112 15.97 103.10 -71.56
CA ILE LE 112 16.56 102.05 -72.38
C ILE LE 112 16.10 102.11 -73.82
N HIS LE 113 15.28 103.09 -74.19
CA HIS LE 113 14.82 103.29 -75.56
C HIS LE 113 15.39 104.61 -76.07
N LEU LE 114 16.32 104.54 -77.02
CA LEU LE 114 16.94 105.76 -77.57
C LEU LE 114 16.25 106.13 -78.88
N SER LE 115 15.02 106.60 -78.77
CA SER LE 115 14.29 107.09 -79.92
C SER LE 115 14.62 108.56 -80.18
N ASP LE 116 14.53 108.96 -81.44
CA ASP LE 116 14.28 108.15 -82.64
C ASP LE 116 15.21 108.57 -83.78
N ALA LE 117 15.85 109.72 -83.61
CA ALA LE 117 16.71 110.28 -84.65
C ALA LE 117 17.90 109.37 -84.96
N LEU ME 1 18.55 106.09 -85.63
CA LEU ME 1 18.82 105.42 -84.36
C LEU ME 1 20.32 105.22 -84.19
N SER ME 2 20.93 105.98 -83.27
CA SER ME 2 22.37 105.93 -83.09
C SER ME 2 22.70 105.93 -81.60
N ILE ME 3 23.79 105.24 -81.27
CA ILE ME 3 24.39 105.28 -79.94
C ILE ME 3 25.82 105.75 -80.14
N GLY ME 4 26.14 106.94 -79.63
CA GLY ME 4 27.43 107.55 -79.91
C GLY ME 4 27.58 107.84 -81.39
N THR ME 5 28.65 107.37 -82.00
CA THR ME 5 28.86 107.51 -83.43
C THR ME 5 28.40 106.30 -84.24
N LYS ME 6 27.86 105.28 -83.57
CA LYS ME 6 27.48 104.03 -84.22
C LYS ME 6 25.97 104.00 -84.43
N ASN ME 7 25.54 103.84 -85.67
CA ASN ME 7 24.13 103.62 -85.95
C ASN ME 7 23.74 102.19 -85.61
N VAL ME 8 22.59 102.04 -84.95
CA VAL ME 8 22.12 100.74 -84.49
C VAL ME 8 20.65 100.59 -84.84
N SER ME 9 20.16 99.36 -84.70
CA SER ME 9 18.75 99.04 -84.87
C SER ME 9 18.31 98.16 -83.72
N ILE ME 10 17.00 98.19 -83.42
CA ILE ME 10 16.47 97.36 -82.36
C ILE ME 10 16.59 95.90 -82.74
N TYR ME 11 17.20 95.10 -81.87
CA TYR ME 11 17.39 93.69 -82.10
C TYR ME 11 16.49 92.83 -81.22
N ARG ME 12 16.50 93.06 -79.91
CA ARG ME 12 15.62 92.35 -79.00
C ARG ME 12 15.13 93.35 -77.96
N ASN ME 13 13.88 93.16 -77.51
CA ASN ME 13 13.20 94.14 -76.68
C ASN ME 13 12.44 93.40 -75.58
N THR ME 14 12.95 93.47 -74.36
CA THR ME 14 12.26 92.97 -73.18
C THR ME 14 11.81 94.14 -72.31
N ALA ME 15 11.24 93.83 -71.15
CA ALA ME 15 10.67 94.87 -70.30
C ALA ME 15 11.75 95.81 -69.78
N ASP ME 16 12.87 95.28 -69.31
CA ASP ME 16 13.93 96.09 -68.71
C ASP ME 16 15.24 96.02 -69.48
N GLU ME 17 15.27 95.37 -70.64
CA GLU ME 17 16.47 95.34 -71.45
C GLU ME 17 16.09 95.46 -72.92
N VAL ME 18 16.80 96.32 -73.64
CA VAL ME 18 16.68 96.43 -75.09
C VAL ME 18 18.07 96.20 -75.67
N ILE ME 19 18.18 95.21 -76.54
CA ILE ME 19 19.45 94.91 -77.22
C ILE ME 19 19.41 95.56 -78.60
N TYR ME 20 20.45 96.32 -78.91
CA TYR ME 20 20.60 96.95 -80.21
C TYR ME 20 21.75 96.29 -80.97
N ALA ME 21 21.60 96.21 -82.29
CA ALA ME 21 22.56 95.54 -83.14
C ALA ME 21 23.26 96.55 -84.04
N GLY ME 22 24.58 96.43 -84.13
CA GLY ME 22 25.35 97.24 -85.03
C GLY ME 22 25.16 96.81 -86.47
N PRO ME 23 25.69 97.58 -87.41
CA PRO ME 23 25.53 97.21 -88.83
C PRO ME 23 26.14 95.87 -89.17
N ALA ME 24 27.22 95.48 -88.49
CA ALA ME 24 27.91 94.23 -88.79
C ALA ME 24 27.29 93.01 -88.10
N HIS ME 25 26.39 93.23 -87.14
CA HIS ME 25 25.86 92.11 -86.36
C HIS ME 25 25.13 91.11 -87.25
N ASP ME 26 25.40 89.84 -87.01
CA ASP ME 26 24.77 88.76 -87.78
C ASP ME 26 24.79 87.50 -86.92
N VAL ME 27 24.50 86.36 -87.56
CA VAL ME 27 24.40 85.09 -86.84
C VAL ME 27 25.73 84.55 -86.36
N THR ME 28 26.84 85.05 -86.89
CA THR ME 28 28.16 84.60 -86.48
C THR ME 28 29.08 85.71 -85.97
N ASN ME 29 28.79 86.97 -86.28
CA ASN ME 29 29.53 88.11 -85.76
C ASN ME 29 28.65 88.86 -84.79
N VAL ME 30 29.12 89.04 -83.56
CA VAL ME 30 28.36 89.74 -82.53
C VAL ME 30 28.81 91.20 -82.54
N ASP ME 31 27.85 92.11 -82.75
CA ASP ME 31 28.08 93.55 -82.62
C ASP ME 31 26.82 94.13 -82.01
N THR ME 32 26.77 94.19 -80.68
CA THR ME 32 25.56 94.57 -79.96
C THR ME 32 25.86 95.59 -78.88
N VAL ME 33 24.90 96.48 -78.65
CA VAL ME 33 24.90 97.40 -77.52
C VAL ME 33 23.62 97.16 -76.75
N SER ME 34 23.76 96.69 -75.51
CA SER ME 34 22.60 96.42 -74.67
C SER ME 34 22.42 97.54 -73.65
N LEU ME 35 21.17 97.91 -73.41
CA LEU ME 35 20.80 98.81 -72.32
C LEU ME 35 19.89 98.05 -71.38
N ARG ME 36 20.35 97.82 -70.15
CA ARG ME 36 19.61 97.09 -69.14
C ARG ME 36 19.43 97.99 -67.92
N ARG ME 37 18.28 97.86 -67.27
CA ARG ME 37 18.01 98.64 -66.07
C ARG ME 37 17.43 97.72 -65.01
N SER ME 38 17.70 98.07 -63.76
CA SER ME 38 17.07 97.45 -62.60
C SER ME 38 16.36 98.54 -61.82
N LEU ME 39 15.04 98.50 -61.82
CA LEU ME 39 14.28 99.59 -61.21
C LEU ME 39 14.39 99.53 -59.69
N PRO ME 40 14.33 100.68 -59.03
CA PRO ME 40 14.48 100.72 -57.57
C PRO ME 40 13.39 99.93 -56.87
N VAL ME 41 13.79 99.13 -55.88
CA VAL ME 41 12.86 98.34 -55.08
C VAL ME 41 12.80 98.98 -53.70
N LYS ME 42 11.63 99.52 -53.35
CA LYS ME 42 11.45 100.16 -52.05
C LYS ME 42 11.30 99.03 -51.04
N LYS ME 43 12.35 98.82 -50.26
CA LYS ME 43 12.35 97.87 -49.16
C LYS ME 43 12.76 98.57 -47.88
N GLY ME 44 12.02 98.30 -46.80
CA GLY ME 44 12.30 98.97 -45.54
C GLY ME 44 12.15 100.47 -45.67
N SER ME 45 13.02 101.21 -44.99
CA SER ME 45 13.06 102.66 -45.13
C SER ME 45 13.91 103.12 -46.31
N ASP ME 46 14.67 102.21 -46.92
CA ASP ME 46 15.48 102.56 -48.08
C ASP ME 46 14.60 102.64 -49.31
N ASN ME 47 14.72 103.73 -50.05
CA ASN ME 47 13.92 103.94 -51.25
C ASN ME 47 14.38 103.10 -52.43
N GLY ME 48 15.54 102.46 -52.34
CA GLY ME 48 16.05 101.64 -53.42
C GLY ME 48 17.13 102.34 -54.22
N THR ME 49 17.60 101.62 -55.24
CA THR ME 49 18.68 102.11 -56.10
C THR ME 49 18.35 101.78 -57.54
N MET ME 50 18.59 102.73 -58.44
CA MET ME 50 18.44 102.50 -59.86
C MET ME 50 19.77 102.03 -60.44
N ARG ME 51 19.77 100.85 -61.05
CA ARG ME 51 20.95 100.31 -61.72
C ARG ME 51 20.76 100.43 -63.22
N GLY ME 52 21.72 101.04 -63.89
CA GLY ME 52 21.71 101.11 -65.34
C GLY ME 52 22.96 100.52 -65.95
N ASN ME 53 22.81 99.46 -66.74
CA ASN ME 53 23.95 98.76 -67.32
C ASN ME 53 23.98 99.00 -68.83
N MET ME 54 25.14 99.41 -69.32
CA MET ME 54 25.39 99.59 -70.74
C MET ME 54 26.43 98.57 -71.17
N ASN ME 55 26.01 97.61 -71.99
CA ASN ME 55 26.84 96.47 -72.37
C ASN ME 55 27.25 96.59 -73.82
N PHE ME 56 28.56 96.51 -74.07
CA PHE ME 56 29.12 96.46 -75.42
C PHE ME 56 29.71 95.08 -75.63
N ALA ME 57 29.27 94.39 -76.68
CA ALA ME 57 29.78 93.07 -77.04
C ALA ME 57 30.27 93.10 -78.48
N LYS ME 58 31.41 92.48 -78.73
CA LYS ME 58 31.99 92.42 -80.07
C LYS ME 58 32.79 91.14 -80.22
N SER ME 59 32.60 90.46 -81.34
CA SER ME 59 33.36 89.26 -81.67
C SER ME 59 34.71 89.66 -82.24
N PHE ME 60 35.76 88.94 -81.83
CA PHE ME 60 37.11 89.26 -82.25
C PHE ME 60 37.83 87.98 -82.66
N PRO ME 61 38.72 88.06 -83.66
CA PRO ME 61 39.54 86.91 -84.01
C PRO ME 61 40.50 86.57 -82.88
N ASN ME 62 40.40 85.35 -82.37
CA ASN ME 62 41.27 84.84 -81.31
C ASN ME 62 41.94 83.58 -81.85
N GLY ME 63 43.07 83.77 -82.54
CA GLY ME 63 43.73 82.67 -83.20
C GLY ME 63 42.88 82.07 -84.30
N ASP ME 64 42.42 80.84 -84.08
CA ASP ME 64 41.54 80.17 -85.03
C ASP ME 64 40.07 80.39 -84.73
N LYS ME 65 39.70 80.52 -83.46
CA LYS ME 65 38.32 80.71 -83.04
C LYS ME 65 38.02 82.19 -82.87
N LYS ME 66 36.78 82.51 -82.51
CA LYS ME 66 36.37 83.87 -82.22
C LYS ME 66 36.08 84.01 -80.73
N SER ME 67 36.48 85.15 -80.16
CA SER ME 67 36.26 85.46 -78.76
C SER ME 67 35.39 86.70 -78.64
N LEU ME 68 34.61 86.75 -77.55
CA LEU ME 68 33.71 87.86 -77.29
C LEU ME 68 34.37 88.82 -76.31
N VAL ME 69 34.57 90.06 -76.74
CA VAL ME 69 35.08 91.11 -75.87
C VAL ME 69 33.90 91.93 -75.38
N VAL ME 70 33.79 92.09 -74.06
CA VAL ME 70 32.64 92.73 -73.43
C VAL ME 70 33.12 93.91 -72.61
N VAL ME 71 32.47 95.06 -72.78
CA VAL ME 71 32.70 96.24 -71.96
C VAL ME 71 31.37 96.62 -71.32
N ASN ME 72 31.37 96.72 -70.00
CA ASN ME 72 30.18 97.06 -69.24
C ASN ME 72 30.33 98.43 -68.58
N LEU ME 73 29.31 99.26 -68.69
CA LEU ME 73 29.23 100.52 -67.97
C LEU ME 73 27.98 100.48 -67.10
N THR ME 74 28.17 100.43 -65.78
CA THR ME 74 27.09 100.31 -64.83
C THR ME 74 27.12 101.48 -63.86
N ALA ME 75 25.95 102.05 -63.58
CA ALA ME 75 25.81 103.14 -62.63
C ALA ME 75 24.79 102.75 -61.57
N HIS ME 76 25.08 103.08 -60.31
CA HIS ME 76 24.18 102.83 -59.19
C HIS ME 76 23.82 104.18 -58.57
N VAL ME 77 22.58 104.61 -58.77
CA VAL ME 77 22.10 105.89 -58.29
C VAL ME 77 20.99 105.65 -57.28
N PRO ME 78 21.21 105.95 -56.00
CA PRO ME 78 20.12 105.78 -55.02
C PRO ME 78 19.00 106.78 -55.24
N VAL ME 79 17.78 106.35 -54.92
CA VAL ME 79 16.62 107.23 -55.03
C VAL ME 79 16.72 108.35 -53.99
N GLY ME 80 16.41 109.57 -54.43
CA GLY ME 80 16.47 110.74 -53.58
C GLY ME 80 17.57 111.70 -53.92
N VAL ME 81 18.56 111.26 -54.67
CA VAL ME 81 19.66 112.11 -55.11
C VAL ME 81 19.19 112.99 -56.26
N ASP ME 82 19.74 114.20 -56.34
CA ASP ME 82 19.43 115.10 -57.44
C ASP ME 82 20.02 114.55 -58.73
N ALA ME 83 19.18 114.42 -59.76
CA ALA ME 83 19.64 113.86 -61.03
C ALA ME 83 20.55 114.83 -61.78
N THR ME 84 20.29 116.12 -61.68
CA THR ME 84 21.15 117.10 -62.34
C THR ME 84 22.55 117.10 -61.75
N ALA ME 85 22.66 116.96 -60.43
CA ALA ME 85 23.97 116.90 -59.80
C ALA ME 85 24.76 115.68 -60.26
N VAL ME 86 24.09 114.53 -60.37
CA VAL ME 86 24.77 113.31 -60.80
C VAL ME 86 25.22 113.42 -62.24
N ARG ME 87 24.37 113.99 -63.11
CA ARG ME 87 24.73 114.14 -64.51
C ARG ME 87 25.94 115.06 -64.67
N THR ME 88 26.00 116.14 -63.89
CA THR ME 88 27.15 117.04 -63.95
C THR ME 88 28.42 116.34 -63.50
N TRP ME 89 28.33 115.54 -62.43
CA TRP ME 89 29.50 114.80 -61.97
C TRP ME 89 29.95 113.77 -63.01
N MET ME 90 29.01 113.06 -63.62
CA MET ME 90 29.36 112.05 -64.61
C MET ME 90 30.00 112.67 -65.84
N THR ME 91 29.53 113.84 -66.27
CA THR ME 91 30.07 114.48 -67.46
C THR ME 91 31.46 115.04 -67.23
N SER ME 92 31.69 115.70 -66.10
CA SER ME 92 32.95 116.39 -65.87
C SER ME 92 34.01 115.53 -65.20
N GLU ME 93 33.62 114.49 -64.47
CA GLU ME 93 34.59 113.71 -63.70
C GLU ME 93 34.67 112.25 -64.12
N VAL ME 94 33.54 111.62 -64.43
CA VAL ME 94 33.55 110.20 -64.77
C VAL ME 94 33.94 110.00 -66.23
N PHE ME 95 33.28 110.71 -67.13
CA PHE ME 95 33.50 110.51 -68.57
C PHE ME 95 34.94 110.79 -68.99
N PRO ME 96 35.59 111.90 -68.60
CA PRO ME 96 36.98 112.10 -69.03
C PRO ME 96 37.92 111.01 -68.56
N GLY ME 97 37.72 110.47 -67.36
CA GLY ME 97 38.60 109.42 -66.87
C GLY ME 97 38.29 108.05 -67.40
N ALA ME 98 37.01 107.77 -67.69
CA ALA ME 98 36.63 106.46 -68.20
C ALA ME 98 37.10 106.23 -69.63
N THR ME 99 37.33 107.30 -70.40
CA THR ME 99 37.76 107.18 -71.79
C THR ME 99 39.20 107.67 -71.96
N SER ME 100 40.04 107.44 -70.96
CA SER ME 100 41.43 107.85 -71.01
C SER ME 100 42.30 106.66 -71.39
N SER ME 101 43.62 106.90 -71.49
CA SER ME 101 44.56 105.81 -71.70
C SER ME 101 44.64 104.89 -70.49
N VAL ME 102 44.18 105.36 -69.33
CA VAL ME 102 44.16 104.50 -68.14
C VAL ME 102 43.23 103.31 -68.35
N THR ME 103 42.07 103.54 -68.95
CA THR ME 103 41.15 102.44 -69.25
C THR ME 103 41.78 101.45 -70.22
N LEU ME 104 42.42 101.96 -71.28
CA LEU ME 104 43.06 101.08 -72.25
C LEU ME 104 44.22 100.31 -71.62
N ASP ME 105 45.04 100.99 -70.81
CA ASP ME 105 46.17 100.33 -70.19
C ASP ME 105 45.72 99.29 -69.17
N LEU ME 106 44.60 99.53 -68.51
CA LEU ME 106 44.07 98.55 -67.56
C LEU ME 106 43.53 97.33 -68.29
N ALA ME 107 42.88 97.53 -69.42
CA ALA ME 107 42.25 96.42 -70.14
C ALA ME 107 43.29 95.48 -70.74
N THR ME 108 44.29 96.02 -71.43
CA THR ME 108 45.22 95.22 -72.20
C THR ME 108 46.56 95.00 -71.51
N LYS ME 109 46.77 95.59 -70.32
CA LYS ME 109 48.04 95.40 -69.63
C LYS ME 109 47.90 95.13 -68.14
N GLY ME 110 46.70 95.24 -67.56
CA GLY ME 110 46.54 95.09 -66.13
C GLY ME 110 47.25 96.14 -65.31
N VAL ME 111 47.33 97.38 -65.81
CA VAL ME 111 48.01 98.45 -65.11
C VAL ME 111 47.04 99.09 -64.13
N ILE ME 112 47.34 98.95 -62.83
CA ILE ME 112 46.54 99.58 -61.78
C ILE ME 112 47.30 100.67 -61.04
N HIS ME 113 48.62 100.75 -61.23
CA HIS ME 113 49.43 101.80 -60.61
C HIS ME 113 49.66 102.91 -61.62
N LEU ME 114 49.24 104.12 -61.28
CA LEU ME 114 49.32 105.26 -62.18
C LEU ME 114 50.68 105.93 -62.05
N SER ME 115 51.10 106.61 -63.11
CA SER ME 115 52.36 107.33 -63.14
C SER ME 115 52.30 108.41 -64.21
N ASP ME 116 53.05 109.49 -64.01
CA ASP ME 116 53.76 109.86 -62.79
C ASP ME 116 53.60 111.35 -62.52
N ALA ME 117 53.13 112.08 -63.53
CA ALA ME 117 52.99 113.52 -63.46
C ALA ME 117 51.53 113.94 -63.31
N LEU NE 1 4.34 72.12 -117.21
CA LEU NE 1 4.15 72.19 -115.77
C LEU NE 1 4.98 73.34 -115.19
N SER NE 2 4.31 74.37 -114.71
CA SER NE 2 4.97 75.56 -114.18
C SER NE 2 4.38 75.93 -112.84
N ILE NE 3 5.25 76.27 -111.89
CA ILE NE 3 4.87 76.88 -110.62
C ILE NE 3 5.59 78.22 -110.56
N GLY NE 4 4.93 79.27 -111.01
CA GLY NE 4 5.59 80.55 -111.18
C GLY NE 4 6.34 80.62 -112.49
N THR NE 5 7.65 80.83 -112.44
CA THR NE 5 8.51 80.80 -113.61
C THR NE 5 9.34 79.52 -113.68
N LYS NE 6 9.09 78.56 -112.80
CA LYS NE 6 9.88 77.35 -112.72
C LYS NE 6 9.18 76.21 -113.46
N ASN NE 7 9.93 75.51 -114.29
CA ASN NE 7 9.43 74.31 -114.96
C ASN NE 7 9.72 73.10 -114.08
N VAL NE 8 8.66 72.42 -113.65
CA VAL NE 8 8.77 71.30 -112.73
C VAL NE 8 8.18 70.06 -113.39
N SER NE 9 8.44 68.92 -112.77
CA SER NE 9 7.87 67.65 -113.19
C SER NE 9 7.39 66.88 -111.96
N ILE NE 10 6.42 66.00 -112.17
CA ILE NE 10 5.92 65.17 -111.07
C ILE NE 10 7.03 64.24 -110.60
N TYR NE 11 7.24 64.19 -109.30
CA TYR NE 11 8.29 63.38 -108.69
C TYR NE 11 7.75 62.35 -107.72
N ARG NE 12 6.75 62.71 -106.92
CA ARG NE 12 6.09 61.78 -106.02
C ARG NE 12 4.63 62.17 -105.93
N ASN NE 13 3.74 61.19 -106.09
CA ASN NE 13 2.30 61.44 -106.14
C ASN NE 13 1.65 60.64 -105.03
N THR NE 14 1.11 61.35 -104.05
CA THR NE 14 0.44 60.79 -102.89
C THR NE 14 -0.98 61.35 -102.82
N ALA NE 15 -1.86 60.64 -102.12
CA ALA NE 15 -3.26 61.03 -102.05
C ALA NE 15 -3.43 62.49 -101.62
N ASP NE 16 -2.56 62.97 -100.73
CA ASP NE 16 -2.71 64.33 -100.18
C ASP NE 16 -1.45 65.16 -100.36
N GLU NE 17 -0.52 64.74 -101.20
CA GLU NE 17 0.71 65.50 -101.41
C GLU NE 17 1.31 65.12 -102.74
N VAL NE 18 1.67 66.12 -103.54
CA VAL NE 18 2.39 65.90 -104.79
C VAL NE 18 3.66 66.74 -104.72
N ILE NE 19 4.81 66.09 -104.92
CA ILE NE 19 6.11 66.76 -104.90
C ILE NE 19 6.55 66.97 -106.33
N TYR NE 20 6.89 68.21 -106.66
CA TYR NE 20 7.39 68.56 -107.98
C TYR NE 20 8.87 68.91 -107.89
N ALA NE 21 9.65 68.38 -108.83
CA ALA NE 21 11.09 68.57 -108.84
C ALA NE 21 11.48 69.57 -109.91
N GLY NE 22 12.40 70.48 -109.56
CA GLY NE 22 12.88 71.47 -110.48
C GLY NE 22 14.00 70.93 -111.35
N PRO NE 23 14.57 71.78 -112.20
CA PRO NE 23 15.65 71.32 -113.09
C PRO NE 23 16.88 70.85 -112.34
N ALA NE 24 17.15 71.39 -111.15
CA ALA NE 24 18.37 71.09 -110.41
C ALA NE 24 18.18 70.01 -109.36
N HIS NE 25 17.06 69.30 -109.39
CA HIS NE 25 16.81 68.24 -108.43
C HIS NE 25 17.36 66.91 -108.94
N ASP NE 26 18.00 66.17 -108.05
CA ASP NE 26 18.57 64.86 -108.37
C ASP NE 26 18.74 64.08 -107.07
N VAL NE 27 19.51 63.00 -107.11
CA VAL NE 27 19.70 62.16 -105.93
C VAL NE 27 20.43 62.89 -104.81
N THR NE 28 21.42 63.73 -105.14
CA THR NE 28 22.23 64.39 -104.13
C THR NE 28 21.87 65.84 -103.86
N ASN NE 29 21.03 66.45 -104.69
CA ASN NE 29 20.63 67.84 -104.51
C ASN NE 29 19.11 67.93 -104.44
N VAL NE 30 18.62 68.92 -103.69
CA VAL NE 30 17.19 69.10 -103.47
C VAL NE 30 16.75 70.38 -104.16
N ASP NE 31 15.80 70.25 -105.09
CA ASP NE 31 15.13 71.38 -105.71
C ASP NE 31 13.68 70.95 -105.93
N THR NE 32 12.84 71.20 -104.94
CA THR NE 32 11.48 70.66 -104.95
C THR NE 32 10.47 71.72 -104.52
N VAL NE 33 9.27 71.61 -105.07
CA VAL NE 33 8.11 72.37 -104.61
C VAL NE 33 7.00 71.35 -104.32
N SER NE 34 6.60 71.24 -103.07
CA SER NE 34 5.63 70.24 -102.63
C SER NE 34 4.31 70.91 -102.32
N LEU NE 35 3.23 70.42 -102.93
CA LEU NE 35 1.88 70.85 -102.62
C LEU NE 35 1.23 69.84 -101.68
N ARG NE 36 0.68 70.33 -100.58
CA ARG NE 36 0.06 69.47 -99.58
C ARG NE 36 -1.31 70.03 -99.22
N ARG NE 37 -2.19 69.15 -98.77
CA ARG NE 37 -3.55 69.57 -98.44
C ARG NE 37 -4.07 68.71 -97.30
N SER NE 38 -5.00 69.29 -96.55
CA SER NE 38 -5.76 68.57 -95.52
C SER NE 38 -7.22 68.90 -95.74
N LEU NE 39 -7.97 67.96 -96.29
CA LEU NE 39 -9.36 68.21 -96.66
C LEU NE 39 -10.22 68.40 -95.43
N PRO NE 40 -11.30 69.17 -95.54
CA PRO NE 40 -12.16 69.42 -94.38
C PRO NE 40 -12.76 68.14 -93.83
N VAL NE 41 -12.86 68.08 -92.50
CA VAL NE 41 -13.49 66.96 -91.81
C VAL NE 41 -14.73 67.51 -91.11
N LYS NE 42 -15.90 67.02 -91.50
CA LYS NE 42 -17.17 67.50 -90.94
C LYS NE 42 -17.34 66.85 -89.56
N LYS NE 43 -16.67 67.46 -88.59
CA LYS NE 43 -16.68 66.96 -87.22
C LYS NE 43 -17.76 67.67 -86.42
N GLY NE 44 -18.72 66.91 -85.92
CA GLY NE 44 -19.82 67.49 -85.17
C GLY NE 44 -20.60 68.46 -86.05
N SER NE 45 -20.85 69.66 -85.53
CA SER NE 45 -21.51 70.71 -86.29
C SER NE 45 -20.55 71.54 -87.12
N ASP NE 46 -19.27 71.57 -86.76
CA ASP NE 46 -18.29 72.32 -87.54
C ASP NE 46 -18.05 71.63 -88.87
N ASN NE 47 -18.11 72.40 -89.95
CA ASN NE 47 -17.86 71.87 -91.29
C ASN NE 47 -16.38 71.62 -91.55
N GLY NE 48 -15.50 72.03 -90.65
CA GLY NE 48 -14.08 71.78 -90.82
C GLY NE 48 -13.34 72.96 -91.41
N THR NE 49 -12.07 72.71 -91.71
CA THR NE 49 -11.18 73.71 -92.27
C THR NE 49 -10.42 73.11 -93.44
N MET NE 50 -10.20 73.92 -94.48
CA MET NE 50 -9.39 73.51 -95.60
C MET NE 50 -7.97 74.01 -95.39
N ARG NE 51 -7.02 73.08 -95.27
CA ARG NE 51 -5.62 73.41 -95.01
C ARG NE 51 -4.80 73.12 -96.25
N GLY NE 52 -4.15 74.14 -96.77
CA GLY NE 52 -3.30 74.00 -97.94
C GLY NE 52 -1.89 74.46 -97.64
N ASN NE 53 -0.91 73.64 -98.01
CA ASN NE 53 0.49 73.92 -97.73
C ASN NE 53 1.30 73.83 -99.01
N MET NE 54 2.10 74.84 -99.28
CA MET NE 54 3.05 74.84 -100.38
C MET NE 54 4.46 74.95 -99.82
N ASN NE 55 5.29 73.97 -100.12
CA ASN NE 55 6.62 73.85 -99.53
C ASN NE 55 7.68 74.07 -100.60
N PHE NE 56 8.68 74.88 -100.27
CA PHE NE 56 9.84 75.11 -101.13
C PHE NE 56 11.08 74.61 -100.42
N ALA NE 57 11.87 73.79 -101.12
CA ALA NE 57 13.10 73.24 -100.55
C ALA NE 57 14.21 73.37 -101.57
N LYS NE 58 15.39 73.79 -101.10
CA LYS NE 58 16.56 73.90 -101.94
C LYS NE 58 17.81 73.61 -101.12
N SER NE 59 18.76 72.92 -101.72
CA SER NE 59 20.05 72.68 -101.11
C SER NE 59 20.99 73.84 -101.40
N PHE NE 60 21.79 74.19 -100.40
CA PHE NE 60 22.69 75.33 -100.50
C PHE NE 60 24.06 74.95 -99.95
N PRO NE 61 25.13 75.51 -100.51
CA PRO NE 61 26.46 75.29 -99.92
C PRO NE 61 26.54 75.87 -98.51
N ASN NE 62 26.95 75.05 -97.56
CA ASN NE 62 27.11 75.45 -96.16
C ASN NE 62 28.50 75.01 -95.72
N GLY NE 63 29.49 75.86 -95.98
CA GLY NE 63 30.87 75.52 -95.69
C GLY NE 63 31.31 74.26 -96.42
N ASP NE 64 31.49 73.17 -95.68
CA ASP NE 64 31.88 71.91 -96.29
C ASP NE 64 30.67 71.13 -96.80
N LYS NE 65 29.61 71.05 -96.01
CA LYS NE 65 28.44 70.25 -96.35
C LYS NE 65 27.41 71.12 -97.07
N LYS NE 66 26.24 70.55 -97.34
CA LYS NE 66 25.15 71.25 -98.00
C LYS NE 66 23.94 71.29 -97.08
N SER NE 67 23.39 72.48 -96.86
CA SER NE 67 22.26 72.67 -95.97
C SER NE 67 20.99 72.91 -96.78
N LEU NE 68 19.85 72.62 -96.16
CA LEU NE 68 18.55 72.70 -96.80
C LEU NE 68 17.81 73.93 -96.30
N VAL NE 69 17.45 74.83 -97.22
CA VAL NE 69 16.64 76.00 -96.91
C VAL NE 69 15.21 75.71 -97.33
N VAL NE 70 14.27 75.90 -96.39
CA VAL NE 70 12.87 75.56 -96.62
C VAL NE 70 12.03 76.80 -96.39
N VAL NE 71 11.14 77.08 -97.34
CA VAL NE 71 10.15 78.14 -97.22
C VAL NE 71 8.77 77.50 -97.27
N ASN NE 72 7.97 77.77 -96.26
CA ASN NE 72 6.64 77.19 -96.14
C ASN NE 72 5.58 78.27 -96.34
N LEU NE 73 4.44 77.85 -96.91
CA LEU NE 73 3.30 78.74 -97.14
C LEU NE 73 2.04 77.96 -96.86
N THR NE 74 1.41 78.22 -95.72
CA THR NE 74 0.24 77.47 -95.29
C THR NE 74 -0.96 78.41 -95.13
N ALA NE 75 -2.10 77.97 -95.64
CA ALA NE 75 -3.35 78.72 -95.54
C ALA NE 75 -4.40 77.88 -94.82
N HIS NE 76 -5.16 78.52 -93.95
CA HIS NE 76 -6.25 77.87 -93.21
C HIS NE 76 -7.55 78.60 -93.54
N VAL NE 77 -8.41 77.96 -94.32
CA VAL NE 77 -9.67 78.56 -94.74
C VAL NE 77 -10.83 77.74 -94.19
N PRO NE 78 -11.58 78.25 -93.21
CA PRO NE 78 -12.72 77.49 -92.68
C PRO NE 78 -13.81 77.31 -93.73
N VAL NE 79 -14.50 76.18 -93.66
CA VAL NE 79 -15.56 75.89 -94.61
C VAL NE 79 -16.75 76.80 -94.35
N GLY NE 80 -17.29 77.39 -95.42
CA GLY NE 80 -18.39 78.32 -95.35
C GLY NE 80 -17.99 79.75 -95.65
N VAL NE 81 -16.73 80.10 -95.39
CA VAL NE 81 -16.23 81.42 -95.76
C VAL NE 81 -16.25 81.56 -97.27
N ASP NE 82 -16.71 82.72 -97.73
CA ASP NE 82 -16.79 82.97 -99.17
C ASP NE 82 -15.40 82.92 -99.79
N ALA NE 83 -15.24 82.06 -100.79
CA ALA NE 83 -13.93 81.84 -101.40
C ALA NE 83 -13.45 83.09 -102.14
N THR NE 84 -14.35 83.79 -102.82
CA THR NE 84 -13.95 84.96 -103.59
C THR NE 84 -13.40 86.06 -102.68
N ALA NE 85 -13.98 86.23 -101.50
CA ALA NE 85 -13.48 87.23 -100.56
C ALA NE 85 -12.08 86.89 -100.08
N VAL NE 86 -11.80 85.60 -99.87
CA VAL NE 86 -10.47 85.19 -99.43
C VAL NE 86 -9.44 85.43 -100.53
N ARG NE 87 -9.81 85.16 -101.78
CA ARG NE 87 -8.84 85.24 -102.87
C ARG NE 87 -8.46 86.69 -103.16
N THR NE 88 -9.40 87.62 -103.03
CA THR NE 88 -9.05 89.02 -103.21
C THR NE 88 -8.26 89.55 -102.01
N TRP NE 89 -8.50 88.99 -100.83
CA TRP NE 89 -7.70 89.35 -99.66
C TRP NE 89 -6.26 88.91 -99.82
N MET NE 90 -6.05 87.66 -100.26
CA MET NE 90 -4.70 87.16 -100.45
C MET NE 90 -3.98 87.92 -101.56
N THR NE 91 -4.68 88.19 -102.66
CA THR NE 91 -4.04 88.84 -103.80
C THR NE 91 -3.61 90.26 -103.48
N SER NE 92 -4.42 90.99 -102.71
CA SER NE 92 -4.19 92.40 -102.46
C SER NE 92 -3.54 92.70 -101.12
N GLU NE 93 -3.78 91.88 -100.11
CA GLU NE 93 -3.31 92.16 -98.75
C GLU NE 93 -2.22 91.22 -98.27
N VAL NE 94 -2.22 89.96 -98.71
CA VAL NE 94 -1.25 89.00 -98.21
C VAL NE 94 -0.05 88.91 -99.13
N PHE NE 95 -0.29 88.70 -100.43
CA PHE NE 95 0.78 88.49 -101.40
C PHE NE 95 1.74 89.67 -101.53
N PRO NE 96 1.26 90.92 -101.65
CA PRO NE 96 2.21 92.04 -101.71
C PRO NE 96 3.08 92.17 -100.47
N GLY NE 97 2.54 91.87 -99.29
CA GLY NE 97 3.34 91.95 -98.08
C GLY NE 97 4.22 90.74 -97.84
N ALA NE 98 3.82 89.57 -98.35
CA ALA NE 98 4.59 88.36 -98.15
C ALA NE 98 5.79 88.24 -99.08
N THR NE 99 5.88 89.10 -100.10
CA THR NE 99 6.98 89.06 -101.05
C THR NE 99 7.81 90.34 -101.04
N SER NE 100 7.71 91.13 -99.97
CA SER NE 100 8.42 92.39 -99.88
C SER NE 100 9.79 92.16 -99.24
N SER NE 101 10.50 93.24 -98.96
CA SER NE 101 11.80 93.15 -98.29
C SER NE 101 11.66 92.73 -96.84
N VAL NE 102 10.46 92.84 -96.27
CA VAL NE 102 10.25 92.41 -94.88
C VAL NE 102 10.49 90.92 -94.75
N THR NE 103 10.00 90.13 -95.70
CA THR NE 103 10.23 88.69 -95.67
C THR NE 103 11.71 88.36 -95.78
N LEU NE 104 12.43 89.09 -96.64
CA LEU NE 104 13.85 88.82 -96.83
C LEU NE 104 14.65 89.09 -95.56
N ASP NE 105 14.35 90.21 -94.88
CA ASP NE 105 15.05 90.51 -93.63
C ASP NE 105 14.65 89.53 -92.52
N LEU NE 106 13.37 89.17 -92.45
CA LEU NE 106 12.92 88.24 -91.43
C LEU NE 106 13.53 86.85 -91.62
N ALA NE 107 13.68 86.41 -92.87
CA ALA NE 107 14.21 85.08 -93.14
C ALA NE 107 15.71 84.99 -92.87
N THR NE 108 16.46 86.04 -93.22
CA THR NE 108 17.92 85.99 -93.13
C THR NE 108 18.46 86.58 -91.84
N LYS NE 109 17.78 87.57 -91.27
CA LYS NE 109 18.28 88.24 -90.07
C LYS NE 109 17.30 88.24 -88.90
N GLY NE 110 16.07 87.76 -89.09
CA GLY NE 110 15.11 87.76 -88.00
C GLY NE 110 14.60 89.12 -87.62
N VAL NE 111 14.49 90.05 -88.56
CA VAL NE 111 14.05 91.41 -88.27
C VAL NE 111 12.53 91.42 -88.13
N ILE NE 112 12.05 91.79 -86.94
CA ILE NE 112 10.61 91.83 -86.65
C ILE NE 112 10.11 93.24 -86.45
N HIS NE 113 10.97 94.25 -86.52
CA HIS NE 113 10.59 95.66 -86.39
C HIS NE 113 10.83 96.35 -87.73
N LEU NE 114 9.76 96.67 -88.44
CA LEU NE 114 9.88 97.24 -89.79
C LEU NE 114 9.75 98.76 -89.72
N SER NE 115 10.69 99.39 -89.05
CA SER NE 115 10.72 100.84 -88.92
C SER NE 115 11.23 101.48 -90.20
N ASP NE 116 10.67 102.64 -90.54
CA ASP NE 116 9.55 103.28 -89.87
C ASP NE 116 8.54 103.79 -90.89
N ALA NE 117 9.00 104.02 -92.11
CA ALA NE 117 8.16 104.56 -93.17
C ALA NE 117 7.21 103.50 -93.72
N LEU OE 1 -34.99 74.37 110.06
CA LEU OE 1 -34.00 74.34 108.99
C LEU OE 1 -33.81 75.73 108.39
N SER OE 2 -32.56 76.22 108.40
CA SER OE 2 -32.25 77.53 107.87
C SER OE 2 -30.91 77.48 107.15
N ILE OE 3 -30.78 78.30 106.12
CA ILE OE 3 -29.55 78.48 105.37
C ILE OE 3 -29.27 79.98 105.36
N GLY OE 4 -28.40 80.43 106.25
CA GLY OE 4 -28.26 81.85 106.48
C GLY OE 4 -29.47 82.40 107.20
N THR OE 5 -30.22 83.29 106.54
CA THR OE 5 -31.42 83.86 107.12
C THR OE 5 -32.70 83.36 106.44
N LYS OE 6 -32.60 82.36 105.58
CA LYS OE 6 -33.74 81.83 104.84
C LYS OE 6 -34.15 80.48 105.38
N ASN OE 7 -35.46 80.30 105.58
CA ASN OE 7 -36.02 79.03 106.03
C ASN OE 7 -36.23 78.10 104.84
N VAL OE 8 -35.78 76.86 104.98
CA VAL OE 8 -35.86 75.87 103.90
C VAL OE 8 -36.43 74.58 104.46
N SER OE 9 -36.77 73.68 103.54
CA SER OE 9 -37.25 72.35 103.87
C SER OE 9 -36.58 71.35 102.94
N ILE OE 10 -36.39 70.13 103.44
CA ILE OE 10 -35.82 69.07 102.60
C ILE OE 10 -36.78 68.81 101.45
N TYR OE 11 -36.24 68.82 100.22
CA TYR OE 11 -37.02 68.61 99.02
C TYR OE 11 -36.64 67.33 98.28
N ARG OE 12 -35.36 67.12 98.01
CA ARG OE 12 -34.89 65.91 97.36
C ARG OE 12 -33.64 65.41 98.08
N ASN OE 13 -33.64 64.13 98.42
CA ASN OE 13 -32.55 63.51 99.17
C ASN OE 13 -31.94 62.41 98.32
N THR OE 14 -30.62 62.51 98.08
CA THR OE 14 -29.88 61.43 97.45
C THR OE 14 -28.68 61.07 98.31
N ALA OE 15 -27.84 60.15 97.83
CA ALA OE 15 -26.71 59.69 98.63
C ALA OE 15 -25.71 60.82 98.90
N ASP OE 16 -25.42 61.63 97.89
CA ASP OE 16 -24.40 62.67 98.02
C ASP OE 16 -24.94 64.06 97.71
N GLU OE 17 -26.25 64.23 97.63
CA GLU OE 17 -26.82 65.55 97.36
C GLU OE 17 -28.18 65.68 98.03
N VAL OE 18 -28.39 66.79 98.71
CA VAL OE 18 -29.69 67.14 99.28
C VAL OE 18 -30.10 68.50 98.73
N ILE OE 19 -31.32 68.57 98.21
CA ILE OE 19 -31.90 69.81 97.71
C ILE OE 19 -32.88 70.34 98.74
N TYR OE 20 -32.77 71.61 99.07
CA TYR OE 20 -33.69 72.28 99.98
C TYR OE 20 -34.51 73.30 99.21
N ALA OE 21 -35.77 73.45 99.60
CA ALA OE 21 -36.71 74.32 98.90
C ALA OE 21 -37.01 75.55 99.75
N GLY OE 22 -36.93 76.72 99.13
CA GLY OE 22 -37.26 77.96 99.80
C GLY OE 22 -38.75 78.21 99.85
N PRO OE 23 -39.15 79.30 100.51
CA PRO OE 23 -40.60 79.57 100.65
C PRO OE 23 -41.31 79.86 99.34
N ALA OE 24 -40.58 80.26 98.30
CA ALA OE 24 -41.19 80.63 97.02
C ALA OE 24 -41.14 79.50 95.99
N HIS OE 25 -40.68 78.31 96.38
CA HIS OE 25 -40.55 77.21 95.43
C HIS OE 25 -41.88 76.51 95.24
N ASP OE 26 -42.32 76.39 93.99
CA ASP OE 26 -43.51 75.65 93.65
C ASP OE 26 -43.33 75.10 92.23
N VAL OE 27 -44.44 74.69 91.61
CA VAL OE 27 -44.41 74.09 90.27
C VAL OE 27 -43.94 75.11 89.24
N THR OE 28 -44.20 76.40 89.49
CA THR OE 28 -43.88 77.44 88.53
C THR OE 28 -42.60 78.21 88.85
N ASN OE 29 -42.27 78.40 90.12
CA ASN OE 29 -41.13 79.22 90.51
C ASN OE 29 -40.09 78.35 91.20
N VAL OE 30 -38.83 78.58 90.88
CA VAL OE 30 -37.71 77.84 91.46
C VAL OE 30 -37.10 78.68 92.58
N ASP OE 31 -36.99 78.08 93.76
CA ASP OE 31 -36.28 78.69 94.89
C ASP OE 31 -35.67 77.53 95.68
N THR OE 32 -34.43 77.18 95.35
CA THR OE 32 -33.80 76.01 95.91
C THR OE 32 -32.35 76.30 96.28
N VAL OE 33 -31.88 75.60 97.31
CA VAL OE 33 -30.46 75.56 97.66
C VAL OE 33 -30.06 74.09 97.73
N SER OE 34 -29.02 73.71 97.01
CA SER OE 34 -28.56 72.34 96.95
C SER OE 34 -27.18 72.19 97.56
N LEU OE 35 -27.01 71.14 98.37
CA LEU OE 35 -25.74 70.81 98.99
C LEU OE 35 -25.26 69.49 98.42
N ARG OE 36 -24.08 69.49 97.81
CA ARG OE 36 -23.51 68.30 97.18
C ARG OE 36 -22.10 68.08 97.68
N ARG OE 37 -21.73 66.81 97.85
CA ARG OE 37 -20.41 66.44 98.30
C ARG OE 37 -19.82 65.40 97.36
N SER OE 38 -18.50 65.48 97.18
CA SER OE 38 -17.73 64.49 96.44
C SER OE 38 -16.65 63.99 97.39
N LEU OE 39 -16.91 62.86 98.04
CA LEU OE 39 -16.00 62.35 99.04
C LEU OE 39 -14.69 61.91 98.40
N PRO OE 40 -13.57 62.06 99.12
CA PRO OE 40 -12.27 61.71 98.53
C PRO OE 40 -12.16 60.23 98.21
N VAL OE 41 -11.48 59.95 97.11
CA VAL OE 41 -11.16 58.59 96.70
C VAL OE 41 -9.66 58.44 96.82
N LYS OE 42 -9.20 57.75 97.86
CA LYS OE 42 -7.78 57.61 98.15
C LYS OE 42 -7.20 56.49 97.30
N LYS OE 43 -7.19 56.73 95.99
CA LYS OE 43 -6.62 55.80 95.03
C LYS OE 43 -5.10 55.87 95.06
N GLY OE 44 -4.48 54.72 94.77
CA GLY OE 44 -3.03 54.61 94.79
C GLY OE 44 -2.41 55.09 96.08
N SER OE 45 -1.62 56.17 96.00
CA SER OE 45 -1.05 56.81 97.16
C SER OE 45 -1.68 58.14 97.52
N ASP OE 46 -2.25 58.85 96.54
CA ASP OE 46 -2.89 60.13 96.80
C ASP OE 46 -4.16 59.92 97.62
N ASN OE 47 -4.36 60.78 98.61
CA ASN OE 47 -5.52 60.66 99.49
C ASN OE 47 -6.77 61.31 98.92
N GLY OE 48 -6.70 61.88 97.72
CA GLY OE 48 -7.87 62.45 97.08
C GLY OE 48 -8.22 63.83 97.59
N THR OE 49 -9.35 64.33 97.09
CA THR OE 49 -9.82 65.68 97.38
C THR OE 49 -11.25 65.63 97.85
N MET OE 50 -11.56 66.44 98.87
CA MET OE 50 -12.94 66.62 99.32
C MET OE 50 -13.54 67.81 98.59
N ARG OE 51 -14.61 67.56 97.83
CA ARG OE 51 -15.26 68.58 97.03
C ARG OE 51 -16.65 68.85 97.57
N GLY OE 52 -16.86 70.07 98.06
CA GLY OE 52 -18.17 70.47 98.55
C GLY OE 52 -18.77 71.57 97.70
N ASN OE 53 -19.94 71.31 97.10
CA ASN OE 53 -20.58 72.25 96.20
C ASN OE 53 -21.89 72.73 96.80
N MET OE 54 -22.08 74.05 96.83
CA MET OE 54 -23.29 74.67 97.33
C MET OE 54 -23.96 75.43 96.19
N ASN OE 55 -25.22 75.11 95.92
CA ASN OE 55 -25.93 75.59 94.73
C ASN OE 55 -27.08 76.49 95.14
N PHE OE 56 -27.23 77.61 94.45
CA PHE OE 56 -28.36 78.52 94.63
C PHE OE 56 -29.05 78.72 93.30
N ALA OE 57 -30.35 78.45 93.25
CA ALA OE 57 -31.12 78.53 92.03
C ALA OE 57 -32.36 79.38 92.27
N LYS OE 58 -32.66 80.27 91.33
CA LYS OE 58 -33.82 81.14 91.45
C LYS OE 58 -34.32 81.52 90.05
N SER OE 59 -35.60 81.30 89.81
CA SER OE 59 -36.21 81.71 88.55
C SER OE 59 -36.49 83.21 88.57
N PHE OE 60 -36.25 83.84 87.42
CA PHE OE 60 -36.42 85.27 87.28
C PHE OE 60 -37.24 85.57 86.03
N PRO OE 61 -37.99 86.67 86.02
CA PRO OE 61 -38.71 87.07 84.80
C PRO OE 61 -37.73 87.50 83.72
N ASN OE 62 -37.91 86.95 82.52
CA ASN OE 62 -37.06 87.28 81.37
C ASN OE 62 -37.99 87.44 80.17
N GLY OE 63 -38.46 88.66 79.96
CA GLY OE 63 -39.45 88.88 78.93
C GLY OE 63 -40.74 88.15 79.27
N ASP OE 64 -41.24 87.37 78.32
CA ASP OE 64 -42.44 86.57 78.54
C ASP OE 64 -42.15 85.26 79.25
N LYS OE 65 -40.94 84.72 79.12
CA LYS OE 65 -40.57 83.45 79.70
C LYS OE 65 -39.93 83.67 81.07
N LYS OE 66 -39.40 82.59 81.64
CA LYS OE 66 -38.68 82.64 82.91
C LYS OE 66 -37.28 82.08 82.72
N SER OE 67 -36.32 82.64 83.44
CA SER OE 67 -34.93 82.24 83.32
C SER OE 67 -34.37 81.86 84.69
N LEU OE 68 -33.50 80.86 84.71
CA LEU OE 68 -32.90 80.38 85.94
C LEU OE 68 -31.53 81.04 86.14
N VAL OE 69 -31.35 81.68 87.29
CA VAL OE 69 -30.07 82.22 87.70
C VAL OE 69 -29.48 81.28 88.74
N VAL OE 70 -28.26 80.82 88.50
CA VAL OE 70 -27.60 79.83 89.35
C VAL OE 70 -26.31 80.42 89.88
N VAL OE 71 -26.10 80.30 91.19
CA VAL OE 71 -24.85 80.71 91.83
C VAL OE 71 -24.24 79.48 92.48
N ASN OE 72 -22.98 79.19 92.14
CA ASN OE 72 -22.27 78.03 92.62
C ASN OE 72 -21.11 78.45 93.52
N LEU OE 73 -20.94 77.75 94.63
CA LEU OE 73 -19.82 77.94 95.54
C LEU OE 73 -19.24 76.58 95.86
N THR OE 74 -18.03 76.30 95.35
CA THR OE 74 -17.42 74.98 95.46
C THR OE 74 -16.07 75.11 96.15
N ALA OE 75 -15.81 74.19 97.08
CA ALA OE 75 -14.53 74.12 97.79
C ALA OE 75 -13.80 72.85 97.39
N HIS OE 76 -12.49 72.98 97.17
CA HIS OE 76 -11.63 71.85 96.82
C HIS OE 76 -10.53 71.77 97.88
N VAL OE 77 -10.71 70.91 98.88
CA VAL OE 77 -9.78 70.78 99.99
C VAL OE 77 -9.09 69.42 99.86
N PRO OE 78 -7.80 69.37 99.53
CA PRO OE 78 -7.10 68.07 99.50
C PRO OE 78 -7.00 67.46 100.88
N VAL OE 79 -6.98 66.13 100.92
CA VAL OE 79 -6.95 65.41 102.18
C VAL OE 79 -5.55 65.53 102.80
N GLY OE 80 -5.51 65.83 104.10
CA GLY OE 80 -4.27 66.07 104.83
C GLY OE 80 -4.09 67.50 105.25
N VAL OE 81 -4.72 68.43 104.54
CA VAL OE 81 -4.68 69.84 104.92
C VAL OE 81 -5.48 70.04 106.20
N ASP OE 82 -4.93 70.84 107.11
CA ASP OE 82 -5.61 71.12 108.37
C ASP OE 82 -6.95 71.80 108.12
N ALA OE 83 -8.02 71.20 108.63
CA ALA OE 83 -9.36 71.75 108.45
C ALA OE 83 -9.49 73.10 109.14
N THR OE 84 -8.92 73.25 110.33
CA THR OE 84 -9.00 74.52 111.05
C THR OE 84 -8.30 75.63 110.27
N ALA OE 85 -7.16 75.32 109.65
CA ALA OE 85 -6.46 76.33 108.86
C ALA OE 85 -7.27 76.75 107.64
N VAL OE 86 -7.95 75.79 107.01
CA VAL OE 86 -8.78 76.10 105.84
C VAL OE 86 -9.98 76.95 106.25
N ARG OE 87 -10.62 76.61 107.37
CA ARG OE 87 -11.79 77.35 107.81
C ARG OE 87 -11.43 78.80 108.16
N THR OE 88 -10.26 79.01 108.77
CA THR OE 88 -9.82 80.37 109.07
C THR OE 88 -9.55 81.15 107.79
N TRP OE 89 -8.95 80.50 106.79
CA TRP OE 89 -8.71 81.16 105.51
C TRP OE 89 -10.02 81.51 104.81
N MET OE 90 -10.99 80.60 104.82
CA MET OE 90 -12.27 80.85 104.16
C MET OE 90 -13.03 81.98 104.85
N THR OE 91 -13.00 82.02 106.17
CA THR OE 91 -13.76 83.02 106.92
C THR OE 91 -13.17 84.42 106.77
N SER OE 92 -11.84 84.53 106.84
CA SER OE 92 -11.20 85.84 106.86
C SER OE 92 -10.78 86.35 105.49
N GLU OE 93 -10.66 85.47 104.50
CA GLU OE 93 -10.19 85.87 103.18
C GLU OE 93 -11.21 85.65 102.07
N VAL OE 94 -11.79 84.46 101.99
CA VAL OE 94 -12.69 84.13 100.89
C VAL OE 94 -14.07 84.75 101.11
N PHE OE 95 -14.62 84.58 102.32
CA PHE OE 95 -15.98 85.05 102.58
C PHE OE 95 -16.15 86.56 102.41
N PRO OE 96 -15.29 87.41 102.97
CA PRO OE 96 -15.46 88.86 102.70
C PRO OE 96 -15.31 89.22 101.24
N GLY OE 97 -14.44 88.55 100.50
CA GLY OE 97 -14.25 88.88 99.09
C GLY OE 97 -15.34 88.34 98.19
N ALA OE 98 -15.94 87.22 98.56
CA ALA OE 98 -16.99 86.60 97.76
C ALA OE 98 -18.36 87.22 97.99
N THR OE 99 -18.48 88.17 98.92
CA THR OE 99 -19.73 88.85 99.19
C THR OE 99 -19.62 90.35 99.00
N SER OE 100 -18.58 90.81 98.31
CA SER OE 100 -18.38 92.22 98.06
C SER OE 100 -19.08 92.63 96.76
N SER OE 101 -18.97 93.91 96.42
CA SER OE 101 -19.49 94.39 95.14
C SER OE 101 -18.73 93.80 93.96
N VAL OE 102 -17.52 93.29 94.20
CA VAL OE 102 -16.76 92.65 93.13
C VAL OE 102 -17.51 91.44 92.59
N THR OE 103 -18.07 90.62 93.48
CA THR OE 103 -18.87 89.48 93.05
C THR OE 103 -20.13 89.95 92.32
N LEU OE 104 -20.79 90.98 92.85
CA LEU OE 104 -22.00 91.48 92.21
C LEU OE 104 -21.72 92.04 90.83
N ASP OE 105 -20.61 92.75 90.67
CA ASP OE 105 -20.29 93.34 89.37
C ASP OE 105 -19.89 92.27 88.36
N LEU OE 106 -19.17 91.24 88.81
CA LEU OE 106 -18.76 90.18 87.91
C LEU OE 106 -19.96 89.35 87.44
N ALA OE 107 -20.91 89.08 88.34
CA ALA OE 107 -22.04 88.24 87.98
C ALA OE 107 -23.00 88.95 87.03
N THR OE 108 -23.31 90.21 87.29
CA THR OE 108 -24.34 90.91 86.55
C THR OE 108 -23.80 91.83 85.46
N LYS OE 109 -22.50 92.16 85.48
CA LYS OE 109 -21.92 93.01 84.46
C LYS OE 109 -20.69 92.43 83.80
N GLY OE 110 -20.17 91.31 84.29
CA GLY OE 110 -18.96 90.74 83.74
C GLY OE 110 -17.73 91.58 83.95
N VAL OE 111 -17.61 92.24 85.10
CA VAL OE 111 -16.47 93.11 85.37
C VAL OE 111 -15.35 92.30 86.01
N ILE OE 112 -14.19 92.26 85.35
CA ILE OE 112 -13.02 91.54 85.84
C ILE OE 112 -11.90 92.48 86.24
N HIS OE 113 -12.09 93.79 86.12
CA HIS OE 113 -11.10 94.78 86.53
C HIS OE 113 -11.68 95.56 87.71
N LEU OE 114 -11.12 95.37 88.91
CA LEU OE 114 -11.62 96.06 90.10
C LEU OE 114 -10.75 97.29 90.36
N SER OE 115 -10.83 98.25 89.46
CA SER OE 115 -10.15 99.52 89.64
C SER OE 115 -10.97 100.44 90.54
N ASP OE 116 -10.28 101.31 91.26
CA ASP OE 116 -8.82 101.43 91.38
C ASP OE 116 -8.41 101.66 92.83
N ALA OE 117 -9.39 101.97 93.68
CA ALA OE 117 -9.15 102.29 95.08
C ALA OE 117 -8.48 101.13 95.82
N LEU PE 1 -5.99 98.82 95.46
CA LEU PE 1 -6.56 97.66 94.81
C LEU PE 1 -6.84 96.56 95.83
N SER PE 2 -8.11 96.33 96.14
CA SER PE 2 -8.49 95.38 97.16
C SER PE 2 -9.71 94.58 96.73
N ILE PE 3 -9.73 93.32 97.14
CA ILE PE 3 -10.89 92.46 96.98
C ILE PE 3 -11.31 92.04 98.39
N GLY PE 4 -12.49 92.46 98.80
CA GLY PE 4 -12.92 92.26 100.17
C GLY PE 4 -12.04 93.03 101.13
N THR PE 5 -11.40 92.33 102.07
CA THR PE 5 -10.46 92.94 102.99
C THR PE 5 -9.00 92.70 102.60
N LYS PE 6 -8.76 92.00 101.50
CA LYS PE 6 -7.41 91.64 101.07
C LYS PE 6 -6.95 92.58 99.97
N ASN PE 7 -5.84 93.27 100.21
CA ASN PE 7 -5.21 94.05 99.16
C ASN PE 7 -4.52 93.13 98.16
N VAL PE 8 -4.69 93.42 96.87
CA VAL PE 8 -4.14 92.61 95.80
C VAL PE 8 -3.51 93.52 94.76
N SER PE 9 -2.74 92.92 93.87
CA SER PE 9 -2.16 93.61 92.72
C SER PE 9 -2.39 92.77 91.48
N ILE PE 10 -2.38 93.43 90.32
CA ILE PE 10 -2.57 92.73 89.06
C ILE PE 10 -1.36 91.82 88.81
N TYR PE 11 -1.64 90.54 88.59
CA TYR PE 11 -0.61 89.55 88.33
C TYR PE 11 -0.55 89.12 86.88
N ARG PE 12 -1.69 88.72 86.31
CA ARG PE 12 -1.76 88.36 84.91
C ARG PE 12 -3.09 88.85 84.35
N ASN PE 13 -3.07 89.26 83.09
CA ASN PE 13 -4.21 89.95 82.47
C ASN PE 13 -4.40 89.41 81.07
N THR PE 14 -5.46 88.64 80.88
CA THR PE 14 -5.89 88.19 79.56
C THR PE 14 -7.19 88.89 79.19
N ALA PE 15 -7.76 88.51 78.04
CA ALA PE 15 -8.95 89.19 77.54
C ALA PE 15 -10.15 88.99 78.47
N ASP PE 16 -10.36 87.77 78.96
CA ASP PE 16 -11.53 87.46 79.77
C ASP PE 16 -11.18 86.97 81.17
N GLU PE 17 -9.91 87.00 81.56
CA GLU PE 17 -9.51 86.62 82.90
C GLU PE 17 -8.41 87.55 83.38
N VAL PE 18 -8.55 88.04 84.61
CA VAL PE 18 -7.51 88.79 85.29
C VAL PE 18 -7.18 88.08 86.59
N ILE PE 19 -5.91 87.73 86.77
CA ILE PE 19 -5.45 87.07 87.98
C ILE PE 19 -4.80 88.11 88.88
N TYR PE 20 -5.25 88.19 90.12
CA TYR PE 20 -4.68 89.09 91.11
C TYR PE 20 -3.92 88.30 92.16
N ALA PE 21 -2.84 88.89 92.65
CA ALA PE 21 -1.94 88.22 93.59
C ALA PE 21 -2.06 88.87 94.95
N GLY PE 22 -2.18 88.05 95.99
CA GLY PE 22 -2.17 88.54 97.35
C GLY PE 22 -0.80 88.97 97.77
N PRO PE 23 -0.69 89.62 98.94
CA PRO PE 23 0.62 90.10 99.39
C PRO PE 23 1.63 88.98 99.59
N ALA PE 24 1.17 87.79 99.97
CA ALA PE 24 2.06 86.66 100.21
C ALA PE 24 2.41 85.88 98.96
N HIS PE 25 1.74 86.14 97.84
CA HIS PE 25 1.97 85.34 96.63
C HIS PE 25 3.40 85.48 96.16
N ASP PE 26 3.99 84.34 95.80
CA ASP PE 26 5.36 84.30 95.32
C ASP PE 26 5.53 83.07 94.42
N VAL PE 27 6.78 82.74 94.11
CA VAL PE 27 7.06 81.63 93.19
C VAL PE 27 6.78 80.27 93.79
N THR PE 28 6.73 80.16 95.12
CA THR PE 28 6.45 78.89 95.78
C THR PE 28 5.17 78.87 96.59
N ASN PE 29 4.63 80.02 96.98
CA ASN PE 29 3.37 80.11 97.70
C ASN PE 29 2.33 80.74 96.79
N VAL PE 30 1.21 80.06 96.61
CA VAL PE 30 0.12 80.55 95.77
C VAL PE 30 -0.87 81.30 96.66
N ASP PE 31 -1.10 82.57 96.35
CA ASP PE 31 -2.15 83.37 96.99
C ASP PE 31 -2.72 84.27 95.90
N THR PE 32 -3.76 83.80 95.24
CA THR PE 32 -4.30 84.49 94.06
C THR PE 32 -5.83 84.49 94.10
N VAL PE 33 -6.39 85.57 93.56
CA VAL PE 33 -7.83 85.67 93.32
C VAL PE 33 -8.00 85.91 91.83
N SER PE 34 -8.66 84.97 91.15
CA SER PE 34 -8.91 85.08 89.72
C SER PE 34 -10.33 85.56 89.46
N LEU PE 35 -10.48 86.46 88.51
CA LEU PE 35 -11.78 86.87 88.00
C LEU PE 35 -11.86 86.49 86.53
N ARG PE 36 -12.75 85.55 86.22
CA ARG PE 36 -12.92 85.03 84.88
C ARG PE 36 -14.37 85.20 84.45
N ARG PE 37 -14.56 85.48 83.17
CA ARG PE 37 -15.91 85.66 82.63
C ARG PE 37 -16.03 84.91 81.31
N SER PE 38 -17.24 84.44 81.05
CA SER PE 38 -17.61 83.89 79.75
C SER PE 38 -18.75 84.73 79.20
N LEU PE 39 -18.46 85.49 78.14
CA LEU PE 39 -19.44 86.41 77.62
C LEU PE 39 -20.58 85.67 76.93
N PRO PE 40 -21.80 86.22 76.99
CA PRO PE 40 -22.95 85.54 76.38
C PRO PE 40 -22.78 85.36 74.89
N VAL PE 41 -23.08 84.15 74.41
CA VAL PE 41 -23.00 83.83 72.99
C VAL PE 41 -24.43 83.68 72.47
N LYS PE 42 -24.83 84.55 71.56
CA LYS PE 42 -26.18 84.53 71.00
C LYS PE 42 -26.21 83.37 70.00
N LYS PE 43 -26.96 82.34 70.36
CA LYS PE 43 -27.14 81.16 69.51
C LYS PE 43 -28.63 80.89 69.36
N GLY PE 44 -29.12 80.90 68.12
CA GLY PE 44 -30.52 80.66 67.87
C GLY PE 44 -31.38 81.75 68.51
N SER PE 45 -32.51 81.34 69.07
CA SER PE 45 -33.39 82.28 69.77
C SER PE 45 -32.92 82.61 71.17
N ASP PE 46 -31.96 81.86 71.70
CA ASP PE 46 -31.42 82.13 73.02
C ASP PE 46 -30.35 83.21 72.93
N ASN PE 47 -30.47 84.23 73.78
CA ASN PE 47 -29.53 85.34 73.79
C ASN PE 47 -28.23 85.02 74.50
N GLY PE 48 -28.13 83.86 75.14
CA GLY PE 48 -26.92 83.44 75.82
C GLY PE 48 -26.99 83.65 77.31
N THR PE 49 -25.84 83.39 77.94
CA THR PE 49 -25.73 83.46 79.40
C THR PE 49 -24.35 83.99 79.77
N MET PE 50 -24.31 84.95 80.68
CA MET PE 50 -23.03 85.44 81.20
C MET PE 50 -22.59 84.59 82.38
N ARG PE 51 -21.39 84.04 82.29
CA ARG PE 51 -20.80 83.26 83.38
C ARG PE 51 -19.69 84.08 84.03
N GLY PE 52 -19.74 84.20 85.35
CA GLY PE 52 -18.70 84.89 86.07
C GLY PE 52 -18.10 84.01 87.16
N ASN PE 53 -16.83 83.67 87.01
CA ASN PE 53 -16.14 82.78 87.94
C ASN PE 53 -15.18 83.59 88.80
N MET PE 54 -15.26 83.39 90.10
CA MET PE 54 -14.37 84.02 91.07
C MET PE 54 -13.60 82.92 91.77
N ASN PE 55 -12.30 82.84 91.50
CA ASN PE 55 -11.47 81.73 91.95
C ASN PE 55 -10.54 82.19 93.06
N PHE PE 56 -10.56 81.46 94.18
CA PHE PE 56 -9.63 81.68 95.29
C PHE PE 56 -8.69 80.50 95.37
N ALA PE 57 -7.39 80.76 95.33
CA ALA PE 57 -6.37 79.72 95.41
C ALA PE 57 -5.41 80.05 96.55
N LYS PE 58 -5.04 79.03 97.32
CA LYS PE 58 -4.13 79.20 98.43
C LYS PE 58 -3.34 77.91 98.63
N SER PE 59 -2.03 78.06 98.85
CA SER PE 59 -1.18 76.93 99.18
C SER PE 59 -1.23 76.64 100.67
N PHE PE 60 -1.29 75.36 101.02
CA PHE PE 60 -1.42 74.94 102.40
C PHE PE 60 -0.43 73.82 102.69
N PRO PE 61 0.12 73.78 103.90
CA PRO PE 61 0.96 72.63 104.29
C PRO PE 61 0.13 71.37 104.37
N ASN PE 62 0.52 70.36 103.60
CA ASN PE 62 -0.12 69.04 103.59
C ASN PE 62 0.96 68.02 103.92
N GLY PE 63 1.18 67.80 105.22
CA GLY PE 63 2.25 66.93 105.66
C GLY PE 63 3.61 67.50 105.33
N ASP PE 64 4.31 66.87 104.39
CA ASP PE 64 5.62 67.35 103.96
C ASP PE 64 5.54 68.26 102.75
N LYS PE 65 4.57 68.04 101.86
CA LYS PE 65 4.42 68.82 100.64
C LYS PE 65 3.42 69.95 100.87
N LYS PE 66 3.06 70.64 99.78
CA LYS PE 66 2.07 71.70 99.81
C LYS PE 66 0.91 71.34 98.90
N SER PE 67 -0.30 71.59 99.37
CA SER PE 67 -1.51 71.33 98.61
C SER PE 67 -2.23 72.65 98.31
N LEU PE 68 -2.91 72.68 97.17
CA LEU PE 68 -3.63 73.87 96.73
C LEU PE 68 -5.10 73.73 97.10
N VAL PE 69 -5.59 74.63 97.95
CA VAL PE 69 -7.00 74.70 98.31
C VAL PE 69 -7.66 75.74 97.42
N VAL PE 70 -8.73 75.34 96.73
CA VAL PE 70 -9.38 76.19 95.74
C VAL PE 70 -10.84 76.37 96.13
N VAL PE 71 -11.30 77.62 96.12
CA VAL PE 71 -12.71 77.96 96.31
C VAL PE 71 -13.18 78.70 95.08
N ASN PE 72 -14.23 78.20 94.44
CA ASN PE 72 -14.79 78.80 93.24
C ASN PE 72 -16.18 79.36 93.53
N LEU PE 73 -16.42 80.58 93.06
CA LEU PE 73 -17.75 81.19 93.08
C LEU PE 73 -18.15 81.50 91.65
N THR PE 74 -19.20 80.85 91.17
CA THR PE 74 -19.63 80.96 89.78
C THR PE 74 -21.09 81.36 89.73
N ALA PE 75 -21.42 82.29 88.84
CA ALA PE 75 -22.80 82.72 88.62
C ALA PE 75 -23.15 82.54 87.14
N HIS PE 76 -24.39 82.14 86.88
CA HIS PE 76 -24.90 81.98 85.52
C HIS PE 76 -26.14 82.84 85.38
N VAL PE 77 -26.00 83.99 84.74
CA VAL PE 77 -27.08 84.95 84.58
C VAL PE 77 -27.48 85.00 83.11
N PRO PE 78 -28.66 84.51 82.75
CA PRO PE 78 -29.10 84.60 81.35
C PRO PE 78 -29.36 86.03 80.92
N VAL PE 79 -29.13 86.30 79.63
CA VAL PE 79 -29.39 87.62 79.08
C VAL PE 79 -30.90 87.88 79.05
N GLY PE 80 -31.30 89.07 79.48
CA GLY PE 80 -32.69 89.47 79.50
C GLY PE 80 -33.25 89.62 80.91
N VAL PE 81 -32.54 89.14 81.92
CA VAL PE 81 -32.98 89.27 83.30
C VAL PE 81 -32.58 90.65 83.82
N ASP PE 82 -33.40 91.20 84.71
CA ASP PE 82 -33.07 92.48 85.31
C ASP PE 82 -31.89 92.33 86.26
N ALA PE 83 -30.84 93.12 86.03
CA ALA PE 83 -29.62 92.99 86.82
C ALA PE 83 -29.83 93.44 88.25
N THR PE 84 -30.68 94.45 88.47
CA THR PE 84 -30.95 94.90 89.84
C THR PE 84 -31.64 93.83 90.66
N ALA PE 85 -32.57 93.09 90.04
CA ALA PE 85 -33.26 92.02 90.76
C ALA PE 85 -32.29 90.92 91.16
N VAL PE 86 -31.35 90.57 90.29
CA VAL PE 86 -30.39 89.52 90.61
C VAL PE 86 -29.45 89.97 91.72
N ARG PE 87 -29.02 91.22 91.68
CA ARG PE 87 -28.13 91.73 92.72
C ARG PE 87 -28.81 91.74 94.09
N THR PE 88 -30.10 92.10 94.13
CA THR PE 88 -30.82 92.09 95.40
C THR PE 88 -30.98 90.66 95.92
N TRP PE 89 -31.24 89.70 95.02
CA TRP PE 89 -31.35 88.31 95.44
C TRP PE 89 -30.01 87.77 95.92
N MET PE 90 -28.93 88.09 95.22
CA MET PE 90 -27.61 87.61 95.62
C MET PE 90 -27.21 88.18 96.98
N THR PE 91 -27.50 89.46 97.23
CA THR PE 91 -27.12 90.09 98.47
C THR PE 91 -27.89 89.53 99.66
N SER PE 92 -29.21 89.35 99.53
CA SER PE 92 -30.04 89.01 100.67
C SER PE 92 -30.21 87.51 100.87
N GLU PE 93 -30.07 86.70 99.84
CA GLU PE 93 -30.34 85.28 99.95
C GLU PE 93 -29.14 84.39 99.68
N VAL PE 94 -28.28 84.76 98.72
CA VAL PE 94 -27.13 83.93 98.39
C VAL PE 94 -25.97 84.19 99.35
N PHE PE 95 -25.63 85.47 99.53
CA PHE PE 95 -24.45 85.82 100.33
C PHE PE 95 -24.54 85.35 101.78
N PRO PE 96 -25.65 85.59 102.52
CA PRO PE 96 -25.67 85.10 103.91
C PRO PE 96 -25.54 83.59 104.04
N GLY PE 97 -26.11 82.82 103.11
CA GLY PE 97 -26.00 81.38 103.20
C GLY PE 97 -24.67 80.84 102.70
N ALA PE 98 -24.06 81.52 101.74
CA ALA PE 98 -22.78 81.06 101.20
C ALA PE 98 -21.63 81.25 102.18
N THR PE 99 -21.74 82.20 103.09
CA THR PE 99 -20.69 82.48 104.07
C THR PE 99 -21.10 82.11 105.48
N SER PE 100 -21.89 81.05 105.63
CA SER PE 100 -22.35 80.58 106.92
C SER PE 100 -21.56 79.35 107.34
N SER PE 101 -21.94 78.78 108.49
CA SER PE 101 -21.30 77.56 108.95
C SER PE 101 -21.62 76.36 108.07
N VAL PE 102 -22.68 76.44 107.26
CA VAL PE 102 -23.03 75.34 106.36
C VAL PE 102 -21.92 75.14 105.33
N THR PE 103 -21.37 76.22 104.80
CA THR PE 103 -20.28 76.11 103.83
C THR PE 103 -19.04 75.49 104.46
N LEU PE 104 -18.71 75.91 105.67
CA LEU PE 104 -17.53 75.37 106.34
C LEU PE 104 -17.71 73.89 106.67
N ASP PE 105 -18.90 73.51 107.15
CA ASP PE 105 -19.13 72.11 107.50
C ASP PE 105 -19.15 71.22 106.26
N LEU PE 106 -19.64 71.74 105.14
CA LEU PE 106 -19.62 70.97 103.91
C LEU PE 106 -18.20 70.78 103.39
N ALA PE 107 -17.37 71.82 103.54
CA ALA PE 107 -16.01 71.75 103.00
C ALA PE 107 -15.14 70.78 103.78
N THR PE 108 -15.18 70.85 105.11
CA THR PE 108 -14.26 70.10 105.95
C THR PE 108 -14.88 68.85 106.56
N LYS PE 109 -16.19 68.66 106.44
CA LYS PE 109 -16.82 67.46 106.98
C LYS PE 109 -17.73 66.73 106.01
N GLY PE 110 -18.03 67.30 104.85
CA GLY PE 110 -18.96 66.68 103.93
C GLY PE 110 -20.38 66.59 104.44
N VAL PE 111 -20.83 67.59 105.18
CA VAL PE 111 -22.17 67.58 105.74
C VAL PE 111 -23.14 68.18 104.72
N ILE PE 112 -24.10 67.36 104.27
CA ILE PE 112 -25.13 67.81 103.34
C ILE PE 112 -26.51 67.79 103.97
N HIS PE 113 -26.70 67.13 105.10
CA HIS PE 113 -27.97 67.10 105.81
C HIS PE 113 -27.94 68.16 106.90
N LEU PE 114 -28.85 69.12 106.80
CA LEU PE 114 -28.87 70.25 107.74
C LEU PE 114 -29.66 69.88 108.99
N SER PE 115 -29.38 70.59 110.08
CA SER PE 115 -30.06 70.37 111.35
C SER PE 115 -29.91 71.62 112.22
N ASP PE 116 -30.89 71.83 113.09
CA ASP PE 116 -32.17 71.15 113.19
C ASP PE 116 -33.28 72.16 113.46
N ALA PE 117 -32.88 73.36 113.86
CA ALA PE 117 -33.84 74.39 114.25
C ALA PE 117 -33.98 75.46 113.17
N LEU QE 1 41.90 97.37 88.05
CA LEU QE 1 40.87 96.95 87.11
C LEU QE 1 39.51 96.98 87.78
N SER QE 2 38.65 97.90 87.36
CA SER QE 2 37.36 98.12 88.01
C SER QE 2 36.24 98.09 86.99
N ILE QE 3 35.13 97.46 87.38
CA ILE QE 3 33.86 97.55 86.66
C ILE QE 3 32.83 98.02 87.68
N GLY QE 4 32.62 99.33 87.74
CA GLY QE 4 31.81 99.90 88.81
C GLY QE 4 32.63 100.08 90.07
N THR QE 5 32.18 99.49 91.17
CA THR QE 5 32.92 99.48 92.41
C THR QE 5 33.63 98.14 92.65
N LYS QE 6 33.59 97.23 91.68
CA LYS QE 6 34.13 95.89 91.83
C LYS QE 6 35.53 95.83 91.22
N ASN QE 7 36.48 95.26 91.98
CA ASN QE 7 37.82 95.02 91.50
C ASN QE 7 37.88 93.64 90.86
N VAL QE 8 38.17 93.59 89.56
CA VAL QE 8 38.17 92.35 88.80
C VAL QE 8 39.56 92.13 88.22
N SER QE 9 39.77 90.92 87.72
CA SER QE 9 40.99 90.56 87.01
C SER QE 9 40.63 89.77 85.76
N ILE QE 10 41.52 89.81 84.77
CA ILE QE 10 41.29 89.06 83.54
C ILE QE 10 41.32 87.57 83.84
N TYR QE 11 40.31 86.86 83.36
CA TYR QE 11 40.18 85.43 83.58
C TYR QE 11 40.19 84.63 82.28
N ARG QE 12 39.58 85.16 81.22
CA ARG QE 12 39.61 84.51 79.92
C ARG QE 12 39.61 85.61 78.86
N ASN QE 13 40.45 85.46 77.85
CA ASN QE 13 40.63 86.48 76.82
C ASN QE 13 40.52 85.83 75.46
N THR QE 14 39.41 86.09 74.77
CA THR QE 14 39.19 85.61 73.42
C THR QE 14 39.07 86.80 72.47
N ALA QE 15 38.81 86.50 71.20
CA ALA QE 15 38.76 87.54 70.19
C ALA QE 15 37.65 88.55 70.46
N ASP QE 16 36.47 88.07 70.88
CA ASP QE 16 35.30 88.93 71.01
C ASP QE 16 34.67 88.84 72.39
N GLU QE 17 35.39 88.31 73.38
CA GLU QE 17 34.83 88.18 74.72
C GLU QE 17 35.96 88.12 75.72
N VAL QE 18 35.89 88.96 76.75
CA VAL QE 18 36.83 88.94 77.87
C VAL QE 18 36.02 88.73 79.14
N ILE QE 19 36.35 87.70 79.90
CA ILE QE 19 35.68 87.39 81.16
C ILE QE 19 36.54 87.94 82.29
N TYR QE 20 35.93 88.73 83.16
CA TYR QE 20 36.59 89.26 84.34
C TYR QE 20 36.03 88.61 85.59
N ALA QE 21 36.91 88.20 86.49
CA ALA QE 21 36.53 87.47 87.69
C ALA QE 21 36.63 88.37 88.92
N GLY QE 22 35.60 88.31 89.76
CA GLY QE 22 35.58 89.07 90.99
C GLY QE 22 36.36 88.39 92.09
N PRO QE 23 36.45 89.03 93.25
CA PRO QE 23 37.23 88.44 94.36
C PRO QE 23 36.69 87.12 94.85
N ALA QE 24 35.40 86.84 94.64
CA ALA QE 24 34.77 85.63 95.13
C ALA QE 24 34.72 84.52 94.08
N HIS QE 25 35.43 84.68 92.97
CA HIS QE 25 35.42 83.68 91.91
C HIS QE 25 36.53 82.66 92.14
N ASP QE 26 36.19 81.39 91.95
CA ASP QE 26 37.14 80.30 92.07
C ASP QE 26 36.61 79.11 91.26
N VAL QE 27 37.18 77.93 91.49
CA VAL QE 27 36.78 76.75 90.74
C VAL QE 27 35.33 76.34 91.02
N THR QE 28 34.86 76.47 92.26
CA THR QE 28 33.53 76.00 92.62
C THR QE 28 32.48 77.09 92.70
N ASN QE 29 32.86 78.36 92.73
CA ASN QE 29 31.91 79.47 92.81
C ASN QE 29 32.11 80.39 91.62
N VAL QE 30 31.01 81.00 91.17
CA VAL QE 30 31.00 81.86 90.00
C VAL QE 30 30.79 83.29 90.46
N ASP QE 31 31.75 84.16 90.14
CA ASP QE 31 31.60 85.61 90.32
C ASP QE 31 32.35 86.25 89.15
N THR QE 32 31.62 86.50 88.06
CA THR QE 32 32.25 86.96 86.82
C THR QE 32 31.45 88.08 86.19
N VAL QE 33 32.16 88.94 85.46
CA VAL QE 33 31.57 89.94 84.58
C VAL QE 33 32.19 89.76 83.21
N SER QE 34 31.39 89.39 82.22
CA SER QE 34 31.86 89.10 80.88
C SER QE 34 31.45 90.22 79.93
N LEU QE 35 32.42 90.77 79.21
CA LEU QE 35 32.16 91.74 78.16
C LEU QE 35 32.23 91.03 76.81
N ARG QE 36 31.15 91.16 76.04
CA ARG QE 36 31.07 90.52 74.73
C ARG QE 36 30.73 91.57 73.69
N ARG QE 37 31.09 91.28 72.44
CA ARG QE 37 30.85 92.20 71.36
C ARG QE 37 30.67 91.44 70.05
N SER QE 38 29.95 92.06 69.13
CA SER QE 38 29.79 91.56 67.77
C SER QE 38 30.03 92.73 66.83
N LEU QE 39 31.13 92.68 66.09
CA LEU QE 39 31.52 93.79 65.24
C LEU QE 39 30.54 93.96 64.09
N PRO QE 40 30.34 95.19 63.61
CA PRO QE 40 29.46 95.40 62.46
C PRO QE 40 29.98 94.67 61.23
N VAL QE 41 29.04 94.13 60.45
CA VAL QE 41 29.35 93.42 59.22
C VAL QE 41 28.76 94.22 58.08
N LYS QE 42 29.62 94.69 57.17
CA LYS QE 42 29.17 95.49 56.02
C LYS QE 42 28.54 94.55 55.00
N LYS QE 43 27.30 94.17 55.30
CA LYS QE 43 26.57 93.24 54.45
C LYS QE 43 25.72 94.02 53.45
N GLY QE 44 26.05 93.89 52.16
CA GLY QE 44 25.34 94.63 51.14
C GLY QE 44 25.49 96.12 51.35
N SER QE 45 24.37 96.83 51.28
CA SER QE 45 24.35 98.28 51.52
C SER QE 45 24.23 98.64 52.99
N ASP QE 46 23.73 97.73 53.83
CA ASP QE 46 23.66 97.99 55.25
C ASP QE 46 25.05 98.03 55.85
N ASN QE 47 25.32 99.05 56.66
CA ASN QE 47 26.62 99.21 57.29
C ASN QE 47 26.81 98.32 58.51
N GLY QE 48 25.77 97.61 58.93
CA GLY QE 48 25.89 96.70 60.06
C GLY QE 48 25.40 97.31 61.36
N THR QE 49 25.56 96.54 62.42
CA THR QE 49 25.13 96.94 63.75
C THR QE 49 26.21 96.56 64.76
N MET QE 50 26.43 97.44 65.73
CA MET QE 50 27.34 97.16 66.83
C MET QE 50 26.55 96.55 67.98
N ARG QE 51 26.88 95.31 68.34
CA ARG QE 51 26.25 94.62 69.46
C ARG QE 51 27.23 94.51 70.60
N GLY QE 52 26.84 94.98 71.77
CA GLY QE 52 27.64 94.86 72.97
C GLY QE 52 26.83 94.21 74.07
N ASN QE 53 27.47 93.29 74.79
CA ASN QE 53 26.81 92.54 75.85
C ASN QE 53 27.65 92.59 77.12
N MET QE 54 27.02 92.95 78.22
CA MET QE 54 27.63 92.89 79.55
C MET QE 54 26.89 91.83 80.35
N ASN QE 55 27.62 90.81 80.79
CA ASN QE 55 27.05 89.66 81.47
C ASN QE 55 27.53 89.63 82.91
N PHE QE 56 26.59 89.49 83.84
CA PHE QE 56 26.88 89.34 85.26
C PHE QE 56 26.43 87.97 85.71
N ALA QE 57 27.33 87.23 86.37
CA ALA QE 57 27.03 85.89 86.84
C ALA QE 57 27.48 85.75 88.28
N LYS QE 58 26.62 85.18 89.12
CA LYS QE 58 26.94 84.93 90.52
C LYS QE 58 26.28 83.65 90.96
N SER QE 59 26.99 82.90 91.79
CA SER QE 59 26.44 81.69 92.42
C SER QE 59 25.75 82.06 93.72
N PHE QE 60 24.62 81.41 93.98
CA PHE QE 60 23.81 81.71 95.15
C PHE QE 60 23.36 80.41 95.81
N PRO QE 61 23.23 80.40 97.13
CA PRO QE 61 22.68 79.21 97.79
C PRO QE 61 21.24 78.96 97.38
N ASN QE 62 20.99 77.76 96.88
CA ASN QE 62 19.65 77.34 96.45
C ASN QE 62 19.32 76.03 97.16
N GLY QE 63 18.78 76.14 98.37
CA GLY QE 63 18.51 74.97 99.18
C GLY QE 63 19.75 74.16 99.45
N ASP QE 64 19.85 72.99 98.83
CA ASP QE 64 21.03 72.15 99.01
C ASP QE 64 22.14 72.53 98.03
N LYS QE 65 21.78 72.79 96.77
CA LYS QE 65 22.76 73.08 95.73
C LYS QE 65 22.98 74.59 95.61
N LYS QE 66 23.77 74.99 94.61
CA LYS QE 66 24.07 76.39 94.36
C LYS QE 66 23.60 76.75 92.95
N SER QE 67 22.78 77.79 92.85
CA SER QE 67 22.21 78.20 91.57
C SER QE 67 22.90 79.46 91.06
N LEU QE 68 22.88 79.62 89.74
CA LEU QE 68 23.54 80.73 89.07
C LEU QE 68 22.51 81.79 88.68
N VAL QE 69 22.70 83.00 89.16
CA VAL QE 69 21.88 84.15 88.80
C VAL QE 69 22.63 84.97 87.77
N VAL QE 70 22.00 85.25 86.64
CA VAL QE 70 22.64 85.92 85.53
C VAL QE 70 21.84 87.19 85.19
N VAL QE 71 22.54 88.31 85.08
CA VAL QE 71 21.96 89.56 84.62
C VAL QE 71 22.67 89.96 83.33
N ASN QE 72 21.89 90.14 82.27
CA ASN QE 72 22.43 90.49 80.96
C ASN QE 72 22.07 91.93 80.61
N LEU QE 73 22.95 92.57 79.86
CA LEU QE 73 22.73 93.93 79.37
C LEU QE 73 23.27 93.99 77.95
N THR QE 74 22.38 94.07 76.96
CA THR QE 74 22.76 94.07 75.56
C THR QE 74 22.30 95.36 74.90
N ALA QE 75 23.17 95.96 74.10
CA ALA QE 75 22.87 97.16 73.34
C ALA QE 75 23.06 96.90 71.86
N HIS QE 76 22.15 97.42 71.04
CA HIS QE 76 22.22 97.31 69.59
C HIS QE 76 22.25 98.71 69.01
N VAL QE 77 23.40 99.11 68.48
CA VAL QE 77 23.58 100.45 67.92
C VAL QE 77 23.91 100.32 66.43
N PRO QE 78 22.99 100.65 65.54
CA PRO QE 78 23.28 100.56 64.11
C PRO QE 78 24.37 101.54 63.69
N VAL QE 79 25.16 101.14 62.70
CA VAL QE 79 26.25 101.98 62.21
C VAL QE 79 25.68 103.19 61.49
N GLY QE 80 26.24 104.37 61.80
CA GLY QE 80 25.80 105.63 61.22
C GLY QE 80 25.05 106.50 62.21
N VAL QE 81 24.39 105.89 63.20
CA VAL QE 81 23.73 106.65 64.24
C VAL QE 81 24.78 107.40 65.04
N ASP QE 82 24.50 108.68 65.32
CA ASP QE 82 25.43 109.50 66.08
C ASP QE 82 25.66 108.92 67.45
N ALA QE 83 26.93 108.64 67.76
CA ALA QE 83 27.26 107.96 69.02
C ALA QE 83 26.95 108.84 70.23
N THR QE 84 27.22 110.14 70.12
CA THR QE 84 27.00 111.04 71.25
C THR QE 84 25.52 111.12 71.62
N ALA QE 85 24.64 111.11 70.62
CA ALA QE 85 23.20 111.11 70.90
C ALA QE 85 22.79 109.84 71.62
N VAL QE 86 23.38 108.70 71.25
CA VAL QE 86 23.07 107.44 71.94
C VAL QE 86 23.54 107.48 73.38
N ARG QE 87 24.74 108.03 73.62
CA ARG QE 87 25.31 107.97 74.96
C ARG QE 87 24.56 108.86 75.94
N THR QE 88 24.04 110.00 75.48
CA THR QE 88 23.23 110.84 76.36
C THR QE 88 21.85 110.24 76.56
N TRP QE 89 21.38 109.43 75.60
CA TRP QE 89 20.11 108.74 75.77
C TRP QE 89 20.20 107.66 76.85
N MET QE 90 21.25 106.84 76.80
CA MET QE 90 21.45 105.82 77.83
C MET QE 90 21.68 106.45 79.19
N THR QE 91 22.49 107.50 79.25
CA THR QE 91 22.82 108.11 80.53
C THR QE 91 21.59 108.72 81.19
N SER QE 92 20.72 109.35 80.41
CA SER QE 92 19.59 110.08 80.96
C SER QE 92 18.28 109.29 80.96
N GLU QE 93 18.06 108.43 79.97
CA GLU QE 93 16.78 107.76 79.82
C GLU QE 93 16.82 106.27 80.11
N VAL QE 94 17.93 105.59 79.84
CA VAL QE 94 17.97 104.14 80.00
C VAL QE 94 18.51 103.77 81.38
N PHE QE 95 19.66 104.32 81.76
CA PHE QE 95 20.33 103.97 83.00
C PHE QE 95 19.50 104.26 84.25
N PRO QE 96 18.89 105.44 84.40
CA PRO QE 96 18.05 105.67 85.58
C PRO QE 96 16.87 104.71 85.68
N GLY QE 97 16.27 104.33 84.55
CA GLY QE 97 15.17 103.39 84.58
C GLY QE 97 15.59 101.95 84.74
N ALA QE 98 16.78 101.59 84.28
CA ALA QE 98 17.25 100.22 84.35
C ALA QE 98 17.82 99.85 85.71
N THR QE 99 17.99 100.83 86.61
CA THR QE 99 18.55 100.58 87.93
C THR QE 99 17.58 100.95 89.05
N SER QE 100 16.30 101.12 88.73
CA SER QE 100 15.30 101.52 89.71
C SER QE 100 14.73 100.28 90.39
N SER QE 101 13.70 100.48 91.22
CA SER QE 101 13.02 99.36 91.86
C SER QE 101 12.22 98.54 90.87
N VAL QE 102 11.94 99.07 89.68
CA VAL QE 102 11.22 98.32 88.66
C VAL QE 102 12.01 97.09 88.24
N THR QE 103 13.32 97.25 88.07
CA THR QE 103 14.17 96.11 87.72
C THR QE 103 14.15 95.06 88.82
N LEU QE 104 14.20 95.49 90.08
CA LEU QE 104 14.23 94.54 91.19
C LEU QE 104 12.93 93.74 91.27
N ASP QE 105 11.78 94.41 91.11
CA ASP QE 105 10.51 93.70 91.13
C ASP QE 105 10.37 92.78 89.93
N LEU QE 106 10.79 93.23 88.75
CA LEU QE 106 10.70 92.41 87.56
C LEU QE 106 11.62 91.18 87.65
N ALA QE 107 12.81 91.34 88.20
CA ALA QE 107 13.76 90.23 88.29
C ALA QE 107 13.32 89.18 89.29
N THR QE 108 12.81 89.60 90.44
CA THR QE 108 12.50 88.67 91.52
C THR QE 108 11.05 88.21 91.53
N LYS QE 109 10.11 89.07 91.12
CA LYS QE 109 8.70 88.74 91.18
C LYS QE 109 7.99 88.81 89.84
N GLY QE 110 8.66 89.21 88.77
CA GLY QE 110 8.03 89.30 87.46
C GLY QE 110 6.96 90.37 87.34
N VAL QE 111 7.12 91.49 88.04
CA VAL QE 111 6.13 92.56 88.00
C VAL QE 111 6.31 93.36 86.72
N ILE QE 112 5.26 93.44 85.91
CA ILE QE 112 5.29 94.18 84.65
C ILE QE 112 4.33 95.36 84.65
N HIS QE 113 3.60 95.59 85.74
CA HIS QE 113 2.69 96.72 85.87
C HIS QE 113 3.23 97.65 86.96
N LEU QE 114 3.77 98.79 86.56
CA LEU QE 114 4.40 99.71 87.51
C LEU QE 114 3.42 100.81 87.92
N SER QE 115 2.31 100.40 88.51
CA SER QE 115 1.31 101.33 88.99
C SER QE 115 1.77 102.00 90.28
N ASP QE 116 1.42 103.28 90.43
CA ASP QE 116 0.73 104.10 89.44
C ASP QE 116 1.40 105.46 89.32
N ALA QE 117 2.10 105.87 90.37
CA ALA QE 117 2.76 107.17 90.40
C ALA QE 117 4.02 107.17 89.54
N LEU RE 1 110.03 76.03 31.86
CA LEU RE 1 108.60 76.08 31.53
C LEU RE 1 107.87 77.06 32.42
N SER RE 2 107.28 78.09 31.82
CA SER RE 2 106.55 79.10 32.55
C SER RE 2 105.32 79.54 31.77
N ILE RE 3 104.29 79.96 32.50
CA ILE RE 3 103.09 80.53 31.93
C ILE RE 3 102.89 81.87 32.64
N GLY RE 4 103.35 82.95 32.00
CA GLY RE 4 103.42 84.22 32.68
C GLY RE 4 104.56 84.23 33.67
N THR RE 5 104.24 84.40 34.96
CA THR RE 5 105.24 84.40 36.02
C THR RE 5 105.19 83.12 36.87
N LYS RE 6 104.45 82.11 36.43
CA LYS RE 6 104.29 80.88 37.19
C LYS RE 6 105.07 79.75 36.51
N ASN RE 7 105.87 79.04 37.31
CA ASN RE 7 106.61 77.88 36.83
C ASN RE 7 105.71 76.66 36.84
N VAL RE 8 105.67 75.94 35.71
CA VAL RE 8 104.81 74.78 35.55
C VAL RE 8 105.65 73.62 35.00
N SER RE 9 105.05 72.43 35.06
CA SER RE 9 105.68 71.22 34.54
C SER RE 9 104.65 70.44 33.74
N ILE RE 10 105.13 69.73 32.72
CA ILE RE 10 104.26 68.83 31.97
C ILE RE 10 103.65 67.81 32.92
N TYR RE 11 102.32 67.70 32.90
CA TYR RE 11 101.59 66.79 33.77
C TYR RE 11 100.79 65.76 33.00
N ARG RE 12 100.02 66.19 32.01
CA ARG RE 12 99.24 65.27 31.18
C ARG RE 12 99.33 65.73 29.74
N ASN RE 13 99.55 64.77 28.83
CA ASN RE 13 99.72 65.05 27.41
C ASN RE 13 98.72 64.22 26.63
N THR RE 14 97.94 64.88 25.78
CA THR RE 14 97.08 64.19 24.83
C THR RE 14 97.30 64.78 23.44
N ALA RE 15 96.53 64.31 22.45
CA ALA RE 15 96.73 64.77 21.08
C ALA RE 15 96.45 66.26 20.94
N ASP RE 16 95.39 66.75 21.56
CA ASP RE 16 94.97 68.14 21.39
C ASP RE 16 94.90 68.90 22.71
N GLU RE 17 95.35 68.32 23.82
CA GLU RE 17 95.28 68.99 25.10
C GLU RE 17 96.51 68.63 25.92
N VAL RE 18 97.14 69.65 26.51
CA VAL RE 18 98.26 69.49 27.42
C VAL RE 18 97.90 70.17 28.74
N ILE RE 19 98.06 69.44 29.84
CA ILE RE 19 97.82 69.96 31.17
C ILE RE 19 99.17 70.19 31.85
N TYR RE 20 99.37 71.39 32.39
CA TYR RE 20 100.56 71.72 33.17
C TYR RE 20 100.17 71.87 34.63
N ALA RE 21 101.09 71.49 35.51
CA ALA RE 21 100.85 71.49 36.95
C ALA RE 21 101.69 72.59 37.60
N GLY RE 22 101.06 73.35 38.50
CA GLY RE 22 101.75 74.37 39.23
C GLY RE 22 102.48 73.82 40.44
N PRO RE 23 103.20 74.69 41.16
CA PRO RE 23 103.96 74.21 42.32
C PRO RE 23 103.10 73.66 43.45
N ALA RE 24 101.83 74.03 43.52
CA ALA RE 24 100.95 73.63 44.61
C ALA RE 24 100.06 72.45 44.26
N HIS RE 25 100.25 71.84 43.09
CA HIS RE 25 99.39 70.74 42.67
C HIS RE 25 99.87 69.43 43.28
N ASP RE 26 98.97 68.74 43.97
CA ASP RE 26 99.24 67.42 44.52
C ASP RE 26 97.93 66.64 44.57
N VAL RE 27 97.91 65.56 45.35
CA VAL RE 27 96.74 64.69 45.46
C VAL RE 27 95.57 65.43 46.09
N THR RE 28 95.85 66.45 46.89
CA THR RE 28 94.81 67.15 47.63
C THR RE 28 94.47 68.52 47.08
N ASN RE 29 95.42 69.21 46.45
CA ASN RE 29 95.21 70.58 45.98
C ASN RE 29 95.38 70.63 44.48
N VAL RE 30 94.48 71.34 43.81
CA VAL RE 30 94.52 71.51 42.37
C VAL RE 30 95.19 72.83 42.03
N ASP RE 31 96.21 72.77 41.19
CA ASP RE 31 96.86 73.98 40.65
C ASP RE 31 97.35 73.61 39.24
N THR RE 32 96.51 73.88 38.24
CA THR RE 32 96.79 73.43 36.88
C THR RE 32 96.43 74.51 35.88
N VAL RE 33 97.17 74.52 34.77
CA VAL RE 33 96.84 75.31 33.60
C VAL RE 33 96.80 74.36 32.41
N SER RE 34 95.70 74.37 31.66
CA SER RE 34 95.50 73.46 30.54
C SER RE 34 95.44 74.23 29.23
N LEU RE 35 96.13 73.71 28.22
CA LEU RE 35 96.11 74.29 26.87
C LEU RE 35 95.45 73.29 25.94
N ARG RE 36 94.35 73.71 25.31
CA ARG RE 36 93.58 72.84 24.43
C ARG RE 36 93.36 73.55 23.09
N ARG RE 37 93.43 72.79 22.01
CA ARG RE 37 93.22 73.31 20.67
C ARG RE 37 92.16 72.49 19.96
N SER RE 38 91.40 73.16 19.10
CA SER RE 38 90.45 72.54 18.19
C SER RE 38 90.85 72.96 16.79
N LEU RE 39 91.62 72.13 16.11
CA LEU RE 39 92.13 72.48 14.80
C LEU RE 39 90.97 72.58 13.80
N PRO RE 40 91.05 73.50 12.85
CA PRO RE 40 89.96 73.68 11.90
C PRO RE 40 89.76 72.45 11.02
N VAL RE 41 88.50 72.16 10.73
CA VAL RE 41 88.13 71.16 9.74
C VAL RE 41 87.50 71.92 8.57
N LYS RE 42 88.04 71.71 7.38
CA LYS RE 42 87.64 72.48 6.21
C LYS RE 42 86.63 71.67 5.40
N LYS RE 43 85.49 71.42 6.04
CA LYS RE 43 84.39 70.71 5.41
C LYS RE 43 83.73 71.59 4.35
N GLY RE 44 83.27 70.94 3.28
CA GLY RE 44 82.65 71.63 2.16
C GLY RE 44 83.48 72.76 1.62
N SER RE 45 82.96 73.99 1.70
CA SER RE 45 83.69 75.17 1.28
C SER RE 45 84.22 76.00 2.44
N ASP RE 46 83.57 75.95 3.60
CA ASP RE 46 84.05 76.69 4.76
C ASP RE 46 85.35 76.09 5.26
N ASN RE 47 86.32 76.95 5.56
CA ASN RE 47 87.63 76.51 6.02
C ASN RE 47 87.66 76.20 7.51
N GLY RE 48 86.56 76.38 8.22
CA GLY RE 48 86.50 76.05 9.63
C GLY RE 48 87.07 77.14 10.52
N THR RE 49 87.10 76.83 11.81
CA THR RE 49 87.52 77.76 12.83
C THR RE 49 88.61 77.14 13.68
N MET RE 50 89.60 77.95 14.06
CA MET RE 50 90.63 77.54 15.00
C MET RE 50 90.22 77.97 16.40
N ARG RE 51 90.07 77.00 17.31
CA ARG RE 51 89.61 77.25 18.67
C ARG RE 51 90.73 76.91 19.65
N GLY RE 52 91.21 77.91 20.35
CA GLY RE 52 92.24 77.71 21.36
C GLY RE 52 91.75 78.06 22.75
N ASN RE 53 91.74 77.09 23.66
CA ASN RE 53 91.23 77.26 25.01
C ASN RE 53 92.35 77.11 26.02
N MET RE 54 92.47 78.09 26.92
CA MET RE 54 93.41 78.03 28.04
C MET RE 54 92.62 77.98 29.33
N ASN RE 55 92.90 76.97 30.16
CA ASN RE 55 92.13 76.68 31.35
C ASN RE 55 92.97 76.93 32.59
N PHE RE 56 92.38 77.57 33.59
CA PHE RE 56 93.02 77.77 34.89
C PHE RE 56 92.13 77.15 35.96
N ALA RE 57 92.72 76.28 36.78
CA ALA RE 57 91.99 75.57 37.82
C ALA RE 57 92.73 75.69 39.14
N LYS RE 58 91.99 75.97 40.21
CA LYS RE 58 92.59 76.10 41.53
C LYS RE 58 91.57 75.71 42.59
N SER RE 59 91.96 74.81 43.49
CA SER RE 59 91.11 74.45 44.61
C SER RE 59 91.17 75.55 45.68
N PHE RE 60 90.03 75.81 46.29
CA PHE RE 60 89.89 76.86 47.29
C PHE RE 60 89.16 76.32 48.51
N PRO RE 61 89.44 76.84 49.69
CA PRO RE 61 88.67 76.44 50.87
C PRO RE 61 87.23 76.92 50.78
N ASN RE 62 86.30 75.99 50.96
CA ASN RE 62 84.86 76.29 50.92
C ASN RE 62 84.23 75.60 52.12
N GLY RE 63 84.22 76.28 53.25
CA GLY RE 63 83.74 75.67 54.49
C GLY RE 63 84.66 74.53 54.88
N ASP RE 64 84.08 73.36 55.11
CA ASP RE 64 84.86 72.18 55.46
C ASP RE 64 85.44 71.46 54.24
N LYS RE 65 84.82 71.61 53.08
CA LYS RE 65 85.26 70.94 51.86
C LYS RE 65 86.13 71.88 51.04
N LYS RE 66 86.44 71.47 49.81
CA LYS RE 66 87.22 72.26 48.88
C LYS RE 66 86.42 72.46 47.60
N SER RE 67 86.58 73.62 46.98
CA SER RE 67 85.84 73.98 45.77
C SER RE 67 86.81 74.35 44.66
N LEU RE 68 86.47 73.98 43.44
CA LEU RE 68 87.30 74.26 42.27
C LEU RE 68 86.83 75.54 41.59
N VAL RE 69 87.72 76.51 41.48
CA VAL RE 69 87.47 77.73 40.72
C VAL RE 69 88.18 77.61 39.38
N VAL RE 70 87.43 77.77 38.30
CA VAL RE 70 87.93 77.57 36.94
C VAL RE 70 87.78 78.86 36.17
N VAL RE 71 88.84 79.27 35.49
CA VAL RE 71 88.83 80.43 34.60
C VAL RE 71 89.20 79.97 33.21
N ASN RE 72 88.35 80.27 32.24
CA ASN RE 72 88.52 79.84 30.86
C ASN RE 72 88.76 81.05 29.96
N LEU RE 73 89.70 80.91 29.03
CA LEU RE 73 89.97 81.94 28.02
C LEU RE 73 90.05 81.25 26.67
N THR RE 74 89.07 81.49 25.81
CA THR RE 74 88.94 80.81 24.53
C THR RE 74 88.94 81.83 23.39
N ALA RE 75 89.67 81.52 22.33
CA ALA RE 75 89.73 82.35 21.13
C ALA RE 75 89.13 81.58 19.97
N HIS RE 76 88.24 82.24 19.22
CA HIS RE 76 87.61 81.67 18.03
C HIS RE 76 88.06 82.50 16.83
N VAL RE 77 89.01 81.98 16.06
CA VAL RE 77 89.59 82.68 14.93
C VAL RE 77 89.24 81.91 13.66
N PRO RE 78 88.35 82.43 12.81
CA PRO RE 78 88.06 81.75 11.55
C PRO RE 78 89.27 81.73 10.63
N VAL RE 79 89.37 80.67 9.83
CA VAL RE 79 90.51 80.51 8.93
C VAL RE 79 90.42 81.52 7.80
N GLY RE 80 91.53 82.20 7.52
CA GLY RE 80 91.60 83.24 6.51
C GLY RE 80 91.85 84.62 7.09
N VAL RE 81 91.48 84.83 8.35
CA VAL RE 81 91.73 86.10 9.01
C VAL RE 81 93.23 86.25 9.26
N ASP RE 82 93.74 87.45 9.01
CA ASP RE 82 95.16 87.71 9.23
C ASP RE 82 95.52 87.52 10.70
N ALA RE 83 96.49 86.65 10.95
CA ALA RE 83 96.92 86.37 12.32
C ALA RE 83 97.52 87.62 12.96
N THR RE 84 98.30 88.40 12.21
CA THR RE 84 98.90 89.60 12.76
C THR RE 84 97.85 90.62 13.18
N ALA RE 85 96.79 90.75 12.38
CA ALA RE 85 95.72 91.67 12.74
C ALA RE 85 94.98 91.21 13.98
N VAL RE 86 94.82 89.89 14.15
CA VAL RE 86 94.15 89.37 15.33
C VAL RE 86 95.01 89.56 16.57
N ARG RE 87 96.31 89.30 16.46
CA ARG RE 87 97.19 89.42 17.61
C ARG RE 87 97.26 90.86 18.12
N THR RE 88 97.27 91.83 17.19
CA THR RE 88 97.25 93.23 17.60
C THR RE 88 95.95 93.59 18.30
N TRP RE 89 94.82 93.08 17.81
CA TRP RE 89 93.54 93.34 18.45
C TRP RE 89 93.49 92.71 19.84
N MET RE 90 94.00 91.49 19.99
CA MET RE 90 93.99 90.82 21.28
C MET RE 90 94.87 91.56 22.28
N THR RE 91 96.05 92.01 21.85
CA THR RE 91 97.00 92.64 22.76
C THR RE 91 96.54 94.04 23.19
N SER RE 92 95.98 94.82 22.27
CA SER RE 92 95.65 96.21 22.54
C SER RE 92 94.25 96.42 23.05
N GLU RE 93 93.31 95.51 22.76
CA GLU RE 93 91.93 95.69 23.15
C GLU RE 93 91.42 94.62 24.10
N VAL RE 94 91.68 93.34 23.82
CA VAL RE 94 91.13 92.28 24.65
C VAL RE 94 91.93 92.13 25.94
N PHE RE 95 93.26 92.07 25.84
CA PHE RE 95 94.09 91.80 27.01
C PHE RE 95 93.96 92.87 28.09
N PRO RE 96 94.02 94.18 27.80
CA PRO RE 96 93.80 95.16 28.87
C PRO RE 96 92.42 95.08 29.48
N GLY RE 97 91.39 94.76 28.69
CA GLY RE 97 90.04 94.69 29.24
C GLY RE 97 89.76 93.40 29.99
N ALA RE 98 90.44 92.32 29.64
CA ALA RE 98 90.23 91.03 30.29
C ALA RE 98 91.03 90.89 31.58
N THR RE 99 91.85 91.87 31.93
CA THR RE 99 92.63 91.86 33.16
C THR RE 99 92.31 93.06 34.05
N SER RE 100 91.23 93.76 33.75
CA SER RE 100 90.83 94.93 34.53
C SER RE 100 89.99 94.51 35.72
N SER RE 101 89.60 95.49 36.54
CA SER RE 101 88.71 95.23 37.65
C SER RE 101 87.32 94.81 37.18
N VAL RE 102 86.98 95.08 35.91
CA VAL RE 102 85.70 94.65 35.37
C VAL RE 102 85.61 93.13 35.37
N THR RE 103 86.69 92.45 34.97
CA THR RE 103 86.72 90.99 35.01
C THR RE 103 86.65 90.49 36.45
N LEU RE 104 87.38 91.13 37.36
CA LEU RE 104 87.37 90.71 38.75
C LEU RE 104 85.99 90.85 39.37
N ASP RE 105 85.28 91.94 39.06
CA ASP RE 105 83.97 92.16 39.63
C ASP RE 105 82.93 91.20 39.05
N LEU RE 106 83.05 90.89 37.76
CA LEU RE 106 82.11 89.96 37.13
C LEU RE 106 82.27 88.56 37.70
N ALA RE 107 83.50 88.13 37.93
CA ALA RE 107 83.75 86.76 38.37
C ALA RE 107 83.30 86.54 39.81
N THR RE 108 83.61 87.49 40.70
CA THR RE 108 83.39 87.30 42.12
C THR RE 108 82.12 87.98 42.64
N LYS RE 109 81.54 88.90 41.88
CA LYS RE 109 80.32 89.58 42.31
C LYS RE 109 79.20 89.54 41.28
N GLY RE 110 79.46 89.05 40.08
CA GLY RE 110 78.44 89.04 39.04
C GLY RE 110 78.02 90.42 38.57
N VAL RE 111 78.96 91.36 38.50
CA VAL RE 111 78.64 92.72 38.11
C VAL RE 111 78.73 92.84 36.59
N ILE RE 112 77.63 93.20 35.95
CA ILE RE 112 77.57 93.39 34.50
C ILE RE 112 77.32 94.84 34.11
N HIS RE 113 77.22 95.74 35.08
CA HIS RE 113 77.05 97.17 34.83
C HIS RE 113 78.30 97.90 35.30
N LEU RE 114 79.09 98.42 34.36
CA LEU RE 114 80.30 99.15 34.73
C LEU RE 114 80.03 100.65 34.71
N SER RE 115 79.26 101.09 35.71
CA SER RE 115 79.06 102.51 35.92
C SER RE 115 80.20 103.09 36.75
N ASP RE 116 80.50 104.37 36.53
CA ASP RE 116 79.94 105.25 35.49
C ASP RE 116 81.06 106.06 34.84
N ALA RE 117 82.24 106.00 35.44
CA ALA RE 117 83.39 106.77 34.95
C ALA RE 117 83.79 106.35 33.53
N LEU SE 1 82.28 105.54 30.63
CA LEU SE 1 82.14 104.10 30.49
C LEU SE 1 83.27 103.52 29.66
N SER SE 2 84.17 102.80 30.32
CA SER SE 2 85.33 102.22 29.64
C SER SE 2 85.59 100.82 30.18
N ILE SE 3 86.00 99.94 29.28
CA ILE SE 3 86.44 98.59 29.61
C ILE SE 3 87.90 98.49 29.19
N GLY SE 4 88.79 98.34 30.16
CA GLY SE 4 90.20 98.38 29.89
C GLY SE 4 90.62 99.74 29.39
N THR SE 5 91.20 99.80 28.19
CA THR SE 5 91.58 101.05 27.56
C THR SE 5 90.57 101.51 26.51
N LYS SE 6 89.49 100.76 26.30
CA LYS SE 6 88.52 101.05 25.25
C LYS SE 6 87.30 101.72 25.85
N ASN SE 7 86.94 102.88 25.33
CA ASN SE 7 85.68 103.51 25.70
C ASN SE 7 84.52 102.81 25.00
N VAL SE 8 83.48 102.50 25.77
CA VAL SE 8 82.31 101.79 25.27
C VAL SE 8 81.06 102.52 25.71
N SER SE 9 79.94 102.13 25.11
CA SER SE 9 78.63 102.64 25.47
C SER SE 9 77.66 101.48 25.56
N ILE SE 10 76.60 101.66 26.35
CA ILE SE 10 75.58 100.62 26.50
C ILE SE 10 74.86 100.46 25.18
N TYR SE 11 74.80 99.21 24.69
CA TYR SE 11 74.17 98.89 23.43
C TYR SE 11 72.89 98.09 23.61
N ARG SE 12 72.93 97.02 24.38
CA ARG SE 12 71.74 96.24 24.70
C ARG SE 12 71.85 95.81 26.16
N ASN SE 13 70.70 95.76 26.84
CA ASN SE 13 70.66 95.53 28.29
C ASN SE 13 69.51 94.58 28.58
N THR SE 14 69.84 93.35 28.95
CA THR SE 14 68.90 92.37 29.45
C THR SE 14 69.13 92.16 30.95
N ALA SE 15 68.39 91.21 31.52
CA ALA SE 15 68.45 90.98 32.96
C ALA SE 15 69.83 90.50 33.40
N ASP SE 16 70.39 89.54 32.67
CA ASP SE 16 71.68 88.94 33.05
C ASP SE 16 72.76 89.14 32.00
N GLU SE 17 72.55 90.03 31.04
CA GLU SE 17 73.56 90.33 30.03
C GLU SE 17 73.43 91.78 29.60
N VAL SE 18 74.57 92.48 29.59
CA VAL SE 18 74.64 93.83 29.05
C VAL SE 18 75.70 93.83 27.95
N ILE SE 19 75.28 94.17 26.74
CA ILE SE 19 76.18 94.25 25.59
C ILE SE 19 76.62 95.71 25.45
N TYR SE 20 77.92 95.93 25.39
CA TYR SE 20 78.50 97.24 25.17
C TYR SE 20 79.09 97.31 23.77
N ALA SE 21 79.10 98.51 23.20
CA ALA SE 21 79.53 98.73 21.84
C ALA SE 21 80.78 99.60 21.83
N GLY SE 22 81.76 99.20 21.02
CA GLY SE 22 82.95 100.00 20.83
C GLY SE 22 82.66 101.22 19.98
N PRO SE 23 83.62 102.13 19.90
CA PRO SE 23 83.39 103.35 19.10
C PRO SE 23 83.12 103.06 17.64
N ALA SE 24 83.70 101.99 17.09
CA ALA SE 24 83.54 101.66 15.68
C ALA SE 24 82.32 100.79 15.40
N HIS SE 25 81.64 100.29 16.42
CA HIS SE 25 80.51 99.40 16.20
C HIS SE 25 79.42 100.08 15.40
N ASP SE 26 78.88 99.35 14.44
CA ASP SE 26 77.84 99.89 13.55
C ASP SE 26 77.02 98.73 13.01
N VAL SE 27 76.21 99.01 11.98
CA VAL SE 27 75.31 97.99 11.43
C VAL SE 27 76.03 96.95 10.60
N THR SE 28 77.27 97.21 10.17
CA THR SE 28 78.03 96.25 9.39
C THR SE 28 79.32 95.79 10.05
N ASN SE 29 79.88 96.56 10.98
CA ASN SE 29 81.09 96.19 11.70
C ASN SE 29 80.71 95.88 13.15
N VAL SE 30 81.14 94.73 13.64
CA VAL SE 30 80.88 94.33 15.02
C VAL SE 30 82.09 94.69 15.86
N ASP SE 31 81.85 95.49 16.90
CA ASP SE 31 82.86 95.79 17.93
C ASP SE 31 82.11 95.87 19.25
N THR SE 32 82.01 94.75 19.95
CA THR SE 32 81.20 94.65 21.14
C THR SE 32 81.94 93.91 22.25
N VAL SE 33 81.63 94.30 23.49
CA VAL SE 33 82.07 93.58 24.68
C VAL SE 33 80.80 93.22 25.46
N SER SE 34 80.56 91.92 25.62
CA SER SE 34 79.39 91.44 26.33
C SER SE 34 79.77 90.99 27.73
N LEU SE 35 78.98 91.41 28.71
CA LEU SE 35 79.11 90.94 30.09
C LEU SE 35 77.86 90.12 30.43
N ARG SE 36 78.03 88.81 30.53
CA ARG SE 36 76.94 87.90 30.84
C ARG SE 36 77.24 87.19 32.15
N ARG SE 37 76.18 86.90 32.90
CA ARG SE 37 76.32 86.20 34.17
C ARG SE 37 75.26 85.11 34.25
N SER SE 38 75.57 84.06 35.00
CA SER SE 38 74.62 83.02 35.36
C SER SE 38 74.60 82.93 36.88
N LEU SE 39 73.50 83.33 37.48
CA LEU SE 39 73.43 83.40 38.93
C LEU SE 39 73.38 82.00 39.54
N PRO SE 40 73.96 81.83 40.73
CA PRO SE 40 73.98 80.50 41.37
C PRO SE 40 72.57 79.98 41.62
N VAL SE 41 72.39 78.69 41.37
CA VAL SE 41 71.11 78.02 41.63
C VAL SE 41 71.32 77.09 42.80
N LYS SE 42 70.64 77.36 43.91
CA LYS SE 42 70.76 76.56 45.13
C LYS SE 42 69.98 75.27 44.89
N LYS SE 43 70.67 74.22 44.46
CA LYS SE 43 70.05 72.93 44.21
C LYS SE 43 70.65 71.88 45.14
N GLY SE 44 69.78 71.09 45.77
CA GLY SE 44 70.26 70.08 46.71
C GLY SE 44 71.04 70.71 47.84
N SER SE 45 72.11 70.03 48.26
CA SER SE 45 73.02 70.58 49.26
C SER SE 45 74.08 71.49 48.64
N ASP SE 46 74.14 71.56 47.32
CA ASP SE 46 75.08 72.43 46.64
C ASP SE 46 74.51 73.82 46.50
N ASN SE 47 75.24 74.82 46.96
CA ASN SE 47 74.79 76.20 46.89
C ASN SE 47 74.88 76.78 45.47
N GLY SE 48 75.48 76.06 44.53
CA GLY SE 48 75.55 76.52 43.17
C GLY SE 48 76.87 77.20 42.84
N THR SE 49 76.92 77.74 41.63
CA THR SE 49 78.12 78.35 41.09
C THR SE 49 77.75 79.60 40.32
N MET SE 50 78.52 80.67 40.51
CA MET SE 50 78.36 81.89 39.74
C MET SE 50 79.23 81.81 38.49
N ARG SE 51 78.60 81.95 37.32
CA ARG SE 51 79.30 81.98 36.05
C ARG SE 51 79.36 83.40 35.54
N GLY SE 52 80.57 83.87 35.22
CA GLY SE 52 80.73 85.18 34.63
C GLY SE 52 81.45 85.12 33.30
N ASN SE 53 80.78 85.51 32.22
CA ASN SE 53 81.33 85.41 30.87
C ASN SE 53 81.62 86.80 30.35
N MET SE 54 82.82 86.98 29.81
CA MET SE 54 83.22 88.21 29.15
C MET SE 54 83.49 87.90 27.69
N ASN SE 55 82.66 88.43 26.80
CA ASN SE 55 82.70 88.13 25.37
C ASN SE 55 83.23 89.32 24.61
N PHE SE 56 84.28 89.09 23.82
CA PHE SE 56 84.83 90.10 22.91
C PHE SE 56 84.55 89.65 21.49
N ALA SE 57 83.89 90.51 20.72
CA ALA SE 57 83.57 90.23 19.33
C ALA SE 57 84.12 91.35 18.45
N LYS SE 58 84.73 90.97 17.34
CA LYS SE 58 85.28 91.93 16.39
C LYS SE 58 85.19 91.38 14.98
N SER SE 59 84.72 92.20 14.06
CA SER SE 59 84.67 91.84 12.64
C SER SE 59 86.05 92.05 12.01
N PHE SE 60 86.46 91.09 11.19
CA PHE SE 60 87.76 91.13 10.56
C PHE SE 60 87.62 90.82 9.07
N PRO SE 61 88.42 91.45 8.22
CA PRO SE 61 88.43 91.08 6.81
C PRO SE 61 88.94 89.66 6.62
N ASN SE 62 88.13 88.82 5.98
CA ASN SE 62 88.49 87.45 5.67
C ASN SE 62 88.36 87.29 4.16
N GLY SE 63 89.44 87.61 3.44
CA GLY SE 63 89.40 87.62 2.00
C GLY SE 63 88.43 88.67 1.46
N ASP SE 64 87.33 88.21 0.88
CA ASP SE 64 86.33 89.12 0.35
C ASP SE 64 85.24 89.43 1.37
N LYS SE 65 84.89 88.48 2.24
CA LYS SE 65 83.84 88.64 3.22
C LYS SE 65 84.44 89.07 4.55
N LYS SE 66 83.60 89.14 5.58
CA LYS SE 66 84.03 89.48 6.93
C LYS SE 66 83.77 88.30 7.86
N SER SE 67 84.72 88.06 8.75
CA SER SE 67 84.61 86.99 9.74
C SER SE 67 84.61 87.59 11.14
N LEU SE 68 83.91 86.93 12.04
CA LEU SE 68 83.79 87.36 13.43
C LEU SE 68 84.79 86.61 14.28
N VAL SE 69 85.73 87.35 14.87
CA VAL SE 69 86.68 86.78 15.83
C VAL SE 69 86.15 87.01 17.24
N VAL SE 70 86.04 85.93 18.00
CA VAL SE 70 85.43 85.97 19.33
C VAL SE 70 86.43 85.48 20.36
N VAL SE 71 86.59 86.24 21.44
CA VAL SE 71 87.38 85.83 22.59
C VAL SE 71 86.47 85.82 23.80
N ASN SE 72 86.44 84.69 24.50
CA ASN SE 72 85.60 84.51 25.68
C ASN SE 72 86.47 84.35 26.92
N LEU SE 73 86.07 85.02 28.00
CA LEU SE 73 86.67 84.84 29.31
C LEU SE 73 85.57 84.46 30.30
N THR SE 74 85.63 83.23 30.80
CA THR SE 74 84.60 82.68 31.68
C THR SE 74 85.22 82.25 32.99
N ALA SE 75 84.55 82.56 34.10
CA ALA SE 75 84.97 82.14 35.42
C ALA SE 75 83.84 81.39 36.10
N HIS SE 76 84.19 80.33 36.83
CA HIS SE 76 83.22 79.51 37.56
C HIS SE 76 83.62 79.53 39.03
N VAL SE 77 82.91 80.32 39.84
CA VAL SE 77 83.21 80.50 41.25
C VAL SE 77 82.08 79.88 42.06
N PRO SE 78 82.32 78.77 42.75
CA PRO SE 78 81.27 78.18 43.59
C PRO SE 78 80.94 79.06 44.79
N VAL SE 79 79.67 79.02 45.21
CA VAL SE 79 79.26 79.77 46.39
C VAL SE 79 79.91 79.19 47.62
N GLY SE 80 80.41 80.07 48.49
CA GLY SE 80 81.08 79.69 49.72
C GLY SE 80 82.57 79.95 49.72
N VAL SE 81 83.14 80.29 48.58
CA VAL SE 81 84.57 80.57 48.48
C VAL SE 81 84.82 82.03 48.84
N ASP SE 82 85.98 82.29 49.44
CA ASP SE 82 86.37 83.66 49.77
C ASP SE 82 86.60 84.45 48.48
N ALA SE 83 85.87 85.56 48.32
CA ALA SE 83 85.98 86.35 47.11
C ALA SE 83 87.32 87.06 47.01
N THR SE 84 87.88 87.52 48.13
CA THR SE 84 89.18 88.16 48.10
C THR SE 84 90.27 87.17 47.69
N ALA SE 85 90.18 85.93 48.16
CA ALA SE 85 91.17 84.92 47.78
C ALA SE 85 91.13 84.65 46.28
N VAL SE 86 89.94 84.58 45.69
CA VAL SE 86 89.82 84.34 44.26
C VAL SE 86 90.36 85.52 43.46
N ARG SE 87 90.06 86.74 43.90
CA ARG SE 87 90.56 87.91 43.20
C ARG SE 87 92.08 87.98 43.25
N THR SE 88 92.68 87.64 44.39
CA THR SE 88 94.13 87.64 44.50
C THR SE 88 94.74 86.59 43.58
N TRP SE 89 94.13 85.40 43.51
CA TRP SE 89 94.62 84.37 42.61
C TRP SE 89 94.48 84.78 41.15
N MET SE 90 93.34 85.36 40.79
CA MET SE 90 93.12 85.77 39.41
C MET SE 90 94.09 86.85 38.98
N THR SE 91 94.39 87.80 39.87
CA THR SE 91 95.29 88.90 39.53
C THR SE 91 96.73 88.44 39.37
N SER SE 92 97.21 87.62 40.30
CA SER SE 92 98.62 87.24 40.33
C SER SE 92 98.95 86.03 39.46
N GLU SE 93 98.00 85.14 39.23
CA GLU SE 93 98.32 83.89 38.55
C GLU SE 93 97.58 83.70 37.23
N VAL SE 94 96.32 84.12 37.15
CA VAL SE 94 95.55 83.92 35.93
C VAL SE 94 95.86 85.01 34.91
N PHE SE 95 95.80 86.26 35.34
CA PHE SE 95 95.97 87.39 34.42
C PHE SE 95 97.31 87.41 33.71
N PRO SE 96 98.46 87.26 34.38
CA PRO SE 96 99.74 87.26 33.65
C PRO SE 96 99.85 86.16 32.62
N GLY SE 97 99.33 84.97 32.90
CA GLY SE 97 99.40 83.89 31.94
C GLY SE 97 98.39 83.98 30.82
N ALA SE 98 97.23 84.57 31.09
CA ALA SE 98 96.20 84.70 30.07
C ALA SE 98 96.54 85.74 29.02
N THR SE 99 97.39 86.71 29.36
CA THR SE 99 97.78 87.77 28.42
C THR SE 99 99.24 87.65 28.01
N SER SE 100 99.73 86.42 27.85
CA SER SE 100 101.10 86.17 27.47
C SER SE 100 101.17 85.80 25.99
N SER SE 101 102.38 85.52 25.52
CA SER SE 101 102.55 85.01 24.16
C SER SE 101 101.97 83.61 24.00
N VAL SE 102 101.76 82.91 25.11
CA VAL SE 102 101.14 81.58 25.03
C VAL SE 102 99.73 81.68 24.47
N THR SE 103 98.96 82.68 24.92
CA THR SE 103 97.62 82.87 24.40
C THR SE 103 97.64 83.18 22.91
N LEU SE 104 98.54 84.07 22.49
CA LEU SE 104 98.64 84.43 21.07
C LEU SE 104 99.09 83.24 20.23
N ASP SE 105 100.09 82.49 20.72
CA ASP SE 105 100.58 81.35 19.95
C ASP SE 105 99.53 80.25 19.86
N LEU SE 106 98.76 80.05 20.93
CA LEU SE 106 97.69 79.06 20.88
C LEU SE 106 96.58 79.48 19.93
N ALA SE 107 96.26 80.78 19.89
CA ALA SE 107 95.16 81.25 19.06
C ALA SE 107 95.48 81.15 17.58
N THR SE 108 96.65 81.63 17.18
CA THR SE 108 96.99 81.73 15.75
C THR SE 108 97.88 80.61 15.26
N LYS SE 109 98.33 79.70 16.13
CA LYS SE 109 99.17 78.60 15.68
C LYS SE 109 98.79 77.25 16.26
N GLY SE 110 97.86 77.17 17.20
CA GLY SE 110 97.53 75.91 17.82
C GLY SE 110 98.66 75.29 18.62
N VAL SE 111 99.46 76.11 19.28
CA VAL SE 111 100.59 75.60 20.06
C VAL SE 111 100.09 75.26 21.47
N ILE SE 112 100.18 73.99 21.82
CA ILE SE 112 99.80 73.53 23.16
C ILE SE 112 100.99 73.00 23.94
N HIS SE 113 102.12 72.74 23.30
CA HIS SE 113 103.34 72.30 23.97
C HIS SE 113 104.23 73.50 24.22
N LEU SE 114 104.51 73.76 25.49
CA LEU SE 114 105.29 74.93 25.87
C LEU SE 114 106.77 74.62 25.81
N SER SE 115 107.58 75.65 25.60
CA SER SE 115 109.03 75.53 25.53
C SER SE 115 109.66 76.87 25.90
N ASP SE 116 110.88 76.81 26.45
CA ASP SE 116 111.59 75.62 26.92
C ASP SE 116 112.27 75.94 28.24
N ALA SE 117 112.37 77.23 28.56
CA ALA SE 117 113.06 77.67 29.76
C ALA SE 117 112.08 78.28 30.76
N LEU TE 1 53.61 126.77 -2.45
CA LEU TE 1 53.46 125.55 -1.67
C LEU TE 1 54.77 125.18 -1.00
N SER TE 2 54.81 125.30 0.32
CA SER TE 2 56.00 125.03 1.10
C SER TE 2 55.67 124.14 2.28
N ILE TE 3 56.55 123.17 2.54
CA ILE TE 3 56.51 122.35 3.75
C ILE TE 3 57.87 122.52 4.41
N GLY TE 4 57.97 123.48 5.32
CA GLY TE 4 59.25 123.88 5.86
C GLY TE 4 59.99 124.80 4.91
N THR TE 5 61.19 124.40 4.50
CA THR TE 5 61.96 125.15 3.50
C THR TE 5 61.87 124.50 2.12
N LYS TE 6 61.02 123.49 1.94
CA LYS TE 6 60.93 122.73 0.71
C LYS TE 6 59.78 123.25 -0.14
N ASN TE 7 60.05 123.50 -1.41
CA ASN TE 7 59.01 123.85 -2.38
C ASN TE 7 58.47 122.57 -3.00
N VAL TE 8 57.18 122.31 -2.79
CA VAL TE 8 56.55 121.08 -3.25
C VAL TE 8 55.39 121.44 -4.18
N SER TE 9 54.93 120.43 -4.91
CA SER TE 9 53.76 120.55 -5.78
C SER TE 9 52.87 119.34 -5.56
N ILE TE 10 51.58 119.52 -5.82
CA ILE TE 10 50.64 118.42 -5.69
C ILE TE 10 50.99 117.33 -6.69
N TYR TE 11 51.07 116.10 -6.22
CA TYR TE 11 51.41 114.96 -7.05
C TYR TE 11 50.29 113.92 -7.11
N ARG TE 12 49.62 113.67 -5.99
CA ARG TE 12 48.47 112.77 -5.96
C ARG TE 12 47.49 113.32 -4.94
N ASN TE 13 46.23 113.44 -5.35
CA ASN TE 13 45.19 114.02 -4.50
C ASN TE 13 44.13 112.95 -4.26
N THR TE 14 44.00 112.51 -3.02
CA THR TE 14 43.07 111.48 -2.59
C THR TE 14 42.24 112.05 -1.45
N ALA TE 15 41.07 111.44 -1.20
CA ALA TE 15 40.13 111.95 -0.19
C ALA TE 15 40.81 112.17 1.15
N ASP TE 16 41.72 111.27 1.55
CA ASP TE 16 42.31 111.34 2.89
C ASP TE 16 43.83 111.39 2.84
N GLU TE 17 44.43 111.63 1.68
CA GLU TE 17 45.88 111.72 1.60
C GLU TE 17 46.27 112.52 0.36
N VAL TE 18 47.16 113.48 0.53
CA VAL TE 18 47.72 114.25 -0.57
C VAL TE 18 49.23 114.07 -0.53
N ILE TE 19 49.80 113.62 -1.65
CA ILE TE 19 51.24 113.42 -1.78
C ILE TE 19 51.83 114.64 -2.48
N TYR TE 20 52.84 115.24 -1.87
CA TYR TE 20 53.55 116.38 -2.46
C TYR TE 20 54.96 115.94 -2.84
N ALA TE 21 55.39 116.35 -4.02
CA ALA TE 21 56.68 115.96 -4.57
C ALA TE 21 57.66 117.13 -4.52
N GLY TE 22 58.89 116.85 -4.10
CA GLY TE 22 59.92 117.85 -4.06
C GLY TE 22 60.57 118.05 -5.41
N PRO TE 23 61.56 118.94 -5.48
CA PRO TE 23 62.22 119.21 -6.76
C PRO TE 23 62.95 118.01 -7.34
N ALA TE 24 63.33 117.04 -6.51
CA ALA TE 24 64.13 115.91 -6.96
C ALA TE 24 63.29 114.65 -7.19
N HIS TE 25 61.96 114.79 -7.24
CA HIS TE 25 61.09 113.65 -7.46
C HIS TE 25 60.83 113.45 -8.95
N ASP TE 26 60.88 112.19 -9.38
CA ASP TE 26 60.62 111.83 -10.77
C ASP TE 26 60.22 110.36 -10.81
N VAL TE 27 60.23 109.77 -12.00
CA VAL TE 27 59.82 108.38 -12.16
C VAL TE 27 60.77 107.41 -11.46
N THR TE 28 62.07 107.69 -11.44
CA THR TE 28 63.04 106.77 -10.87
C THR TE 28 63.55 107.15 -9.49
N ASN TE 29 63.32 108.37 -9.03
CA ASN TE 29 63.74 108.81 -7.71
C ASN TE 29 62.54 109.24 -6.89
N VAL TE 30 62.63 109.07 -5.58
CA VAL TE 30 61.55 109.40 -4.66
C VAL TE 30 61.96 110.60 -3.82
N ASP TE 31 61.18 111.66 -3.90
CA ASP TE 31 61.31 112.82 -3.02
C ASP TE 31 59.89 113.32 -2.77
N THR TE 32 59.26 112.82 -1.71
CA THR TE 32 57.85 113.08 -1.47
C THR TE 32 57.61 113.39 0.01
N VAL TE 33 56.60 114.22 0.25
CA VAL TE 33 56.04 114.44 1.58
C VAL TE 33 54.55 114.19 1.48
N SER TE 34 54.06 113.20 2.22
CA SER TE 34 52.67 112.78 2.16
C SER TE 34 51.95 113.16 3.44
N LEU TE 35 50.85 113.90 3.31
CA LEU TE 35 49.98 114.21 4.43
C LEU TE 35 48.79 113.25 4.41
N ARG TE 36 48.58 112.56 5.52
CA ARG TE 36 47.50 111.60 5.64
C ARG TE 36 46.68 111.90 6.88
N ARG TE 37 45.42 111.50 6.87
CA ARG TE 37 44.54 111.79 7.99
C ARG TE 37 43.53 110.67 8.13
N SER TE 38 43.03 110.51 9.36
CA SER TE 38 41.92 109.61 9.66
C SER TE 38 40.93 110.39 10.49
N LEU TE 39 39.80 110.74 9.90
CA LEU TE 39 38.82 111.59 10.55
C LEU TE 39 38.15 110.86 11.70
N PRO TE 40 37.73 111.59 12.73
CA PRO TE 40 37.09 110.94 13.89
C PRO TE 40 35.81 110.21 13.49
N VAL TE 41 35.59 109.08 14.13
CA VAL TE 41 34.38 108.28 13.92
C VAL TE 41 33.62 108.27 15.23
N LYS TE 42 32.40 108.81 15.21
CA LYS TE 42 31.55 108.89 16.40
C LYS TE 42 30.98 107.51 16.68
N LYS TE 43 31.82 106.65 17.24
CA LYS TE 43 31.44 105.27 17.52
C LYS TE 43 30.90 105.17 18.94
N GLY TE 44 29.62 104.83 19.06
CA GLY TE 44 28.99 104.74 20.37
C GLY TE 44 29.03 106.09 21.08
N SER TE 45 29.45 106.07 22.34
CA SER TE 45 29.59 107.29 23.12
C SER TE 45 30.93 107.98 22.91
N ASP TE 46 31.94 107.26 22.43
CA ASP TE 46 33.23 107.88 22.14
C ASP TE 46 33.13 108.76 20.91
N ASN TE 47 33.61 110.00 21.03
CA ASN TE 47 33.61 110.91 19.89
C ASN TE 47 34.68 110.58 18.86
N GLY TE 48 35.58 109.65 19.16
CA GLY TE 48 36.59 109.26 18.21
C GLY TE 48 37.93 109.91 18.47
N THR TE 49 38.85 109.67 17.53
CA THR TE 49 40.19 110.21 17.61
C THR TE 49 40.57 110.81 16.26
N MET TE 50 41.32 111.91 16.29
CA MET TE 50 41.83 112.51 15.08
C MET TE 50 43.27 112.06 14.87
N ARG TE 51 43.52 111.38 13.76
CA ARG TE 51 44.84 110.84 13.44
C ARG TE 51 45.40 111.58 12.23
N GLY TE 52 46.59 112.12 12.39
CA GLY TE 52 47.29 112.80 11.31
C GLY TE 52 48.67 112.20 11.12
N ASN TE 53 49.05 111.99 9.87
CA ASN TE 53 50.33 111.39 9.54
C ASN TE 53 51.08 112.26 8.54
N MET TE 54 52.33 112.57 8.85
CA MET TE 54 53.23 113.24 7.92
C MET TE 54 54.33 112.25 7.54
N ASN TE 55 54.44 111.95 6.25
CA ASN TE 55 55.35 110.94 5.75
C ASN TE 55 56.42 111.60 4.90
N PHE TE 56 57.69 111.32 5.20
CA PHE TE 56 58.81 111.80 4.42
C PHE TE 56 59.50 110.59 3.78
N ALA TE 57 59.68 110.63 2.46
CA ALA TE 57 60.31 109.54 1.74
C ALA TE 57 61.38 110.10 0.82
N LYS TE 58 62.54 109.47 0.81
CA LYS TE 58 63.64 109.88 -0.05
C LYS TE 58 64.42 108.66 -0.49
N SER TE 59 64.86 108.68 -1.75
CA SER TE 59 65.72 107.64 -2.27
C SER TE 59 67.19 107.99 -2.03
N PHE TE 60 67.97 106.98 -1.68
CA PHE TE 60 69.36 107.16 -1.31
C PHE TE 60 70.22 106.11 -2.00
N PRO TE 61 71.46 106.45 -2.35
CA PRO TE 61 72.38 105.44 -2.89
C PRO TE 61 72.68 104.37 -1.85
N ASN TE 62 72.45 103.11 -2.23
CA ASN TE 62 72.68 101.96 -1.36
C ASN TE 62 73.53 100.96 -2.14
N GLY TE 63 74.84 101.14 -2.10
CA GLY TE 63 75.74 100.29 -2.86
C GLY TE 63 75.46 100.36 -4.35
N ASP TE 64 74.91 99.28 -4.89
CA ASP TE 64 74.58 99.25 -6.32
C ASP TE 64 73.19 99.84 -6.57
N LYS TE 65 72.21 99.47 -5.75
CA LYS TE 65 70.83 99.90 -5.96
C LYS TE 65 70.57 101.17 -5.14
N LYS TE 66 69.30 101.60 -5.12
CA LYS TE 66 68.89 102.79 -4.38
C LYS TE 66 67.82 102.39 -3.37
N SER TE 67 68.02 102.77 -2.12
CA SER TE 67 67.11 102.41 -1.04
C SER TE 67 66.28 103.60 -0.60
N LEU TE 68 65.12 103.32 -0.01
CA LEU TE 68 64.16 104.34 0.40
C LEU TE 68 64.25 104.54 1.91
N VAL TE 69 64.57 105.75 2.33
CA VAL TE 69 64.55 106.15 3.74
C VAL TE 69 63.25 106.87 4.01
N VAL TE 70 62.53 106.42 5.05
CA VAL TE 70 61.20 106.95 5.36
C VAL TE 70 61.20 107.44 6.79
N VAL TE 71 60.72 108.67 6.99
CA VAL TE 71 60.50 109.25 8.31
C VAL TE 71 59.01 109.51 8.47
N ASN TE 72 58.42 108.97 9.53
CA ASN TE 72 57.00 109.12 9.80
C ASN TE 72 56.79 110.02 11.01
N LEU TE 73 55.67 110.74 11.00
CA LEU TE 73 55.25 111.56 12.13
C LEU TE 73 53.74 111.42 12.26
N THR TE 74 53.30 110.73 13.31
CA THR TE 74 51.89 110.46 13.52
C THR TE 74 51.44 111.05 14.84
N ALA TE 75 50.30 111.72 14.82
CA ALA TE 75 49.70 112.30 16.02
C ALA TE 75 48.31 111.72 16.23
N HIS TE 76 47.99 111.42 17.49
CA HIS TE 76 46.68 110.90 17.88
C HIS TE 76 46.08 111.86 18.88
N VAL TE 77 45.05 112.60 18.46
CA VAL TE 77 44.39 113.57 19.32
C VAL TE 77 42.94 113.18 19.53
N PRO TE 78 42.56 112.72 20.72
CA PRO TE 78 41.16 112.35 20.95
C PRO TE 78 40.24 113.56 20.86
N VAL TE 79 39.02 113.33 20.38
CA VAL TE 79 38.05 114.42 20.25
C VAL TE 79 37.58 114.87 21.62
N GLY TE 80 37.57 116.19 21.84
CA GLY TE 80 37.19 116.78 23.10
C GLY TE 80 38.36 117.42 23.83
N VAL TE 81 39.58 116.89 23.61
CA VAL TE 81 40.77 117.51 24.18
C VAL TE 81 40.94 118.88 23.58
N ASP TE 82 41.25 119.86 24.42
CA ASP TE 82 41.44 121.23 23.95
C ASP TE 82 42.59 121.31 22.97
N ALA TE 83 42.33 121.88 21.80
CA ALA TE 83 43.33 121.90 20.74
C ALA TE 83 44.50 122.80 21.08
N THR TE 84 44.23 123.94 21.73
CA THR TE 84 45.30 124.89 22.05
C THR TE 84 46.31 124.29 23.01
N ALA TE 85 45.84 123.50 23.98
CA ALA TE 85 46.75 122.84 24.92
C ALA TE 85 47.65 121.84 24.20
N VAL TE 86 47.12 121.13 23.21
CA VAL TE 86 47.92 120.18 22.45
C VAL TE 86 48.99 120.92 21.63
N ARG TE 87 48.63 122.06 21.06
CA ARG TE 87 49.55 122.75 20.16
C ARG TE 87 50.71 123.39 20.92
N THR TE 88 50.46 123.87 22.14
CA THR TE 88 51.56 124.41 22.94
C THR TE 88 52.42 123.29 23.51
N TRP TE 89 51.82 122.13 23.80
CA TRP TE 89 52.61 120.97 24.20
C TRP TE 89 53.49 120.49 23.07
N MET TE 90 52.93 120.43 21.85
CA MET TE 90 53.70 119.98 20.70
C MET TE 90 54.83 120.95 20.38
N THR TE 91 54.56 122.25 20.44
CA THR TE 91 55.57 123.24 20.08
C THR TE 91 56.70 123.29 21.11
N SER TE 92 56.37 123.16 22.39
CA SER TE 92 57.35 123.35 23.46
C SER TE 92 57.98 122.06 23.94
N GLU TE 93 57.26 120.95 23.94
CA GLU TE 93 57.76 119.69 24.50
C GLU TE 93 58.07 118.63 23.47
N VAL TE 94 57.30 118.55 22.38
CA VAL TE 94 57.51 117.47 21.42
C VAL TE 94 58.52 117.88 20.36
N PHE TE 95 58.30 119.03 19.72
CA PHE TE 95 59.12 119.48 18.60
C PHE TE 95 60.60 119.67 18.98
N PRO TE 96 60.93 120.35 20.08
CA PRO TE 96 62.36 120.47 20.42
C PRO TE 96 63.04 119.13 20.67
N GLY TE 97 62.33 118.15 21.25
CA GLY TE 97 62.92 116.85 21.47
C GLY TE 97 62.91 115.97 20.24
N ALA TE 98 61.95 116.17 19.33
CA ALA TE 98 61.85 115.35 18.14
C ALA TE 98 62.85 115.74 17.06
N THR TE 99 63.51 116.89 17.19
CA THR TE 99 64.46 117.36 16.20
C THR TE 99 65.87 117.48 16.78
N SER TE 100 66.12 116.88 17.93
CA SER TE 100 67.42 116.97 18.59
C SER TE 100 68.35 115.91 18.02
N SER TE 101 69.56 115.82 18.58
CA SER TE 101 70.50 114.78 18.18
C SER TE 101 70.05 113.40 18.61
N VAL TE 102 69.11 113.30 19.54
CA VAL TE 102 68.60 112.00 19.98
C VAL TE 102 67.93 111.28 18.82
N THR TE 103 67.12 112.01 18.04
CA THR TE 103 66.47 111.41 16.88
C THR TE 103 67.50 110.94 15.85
N LEU TE 104 68.55 111.71 15.64
CA LEU TE 104 69.58 111.34 14.66
C LEU TE 104 70.29 110.06 15.07
N ASP TE 105 70.65 109.94 16.35
CA ASP TE 105 71.32 108.73 16.82
C ASP TE 105 70.37 107.55 16.82
N LEU TE 106 69.11 107.76 17.20
CA LEU TE 106 68.13 106.67 17.21
C LEU TE 106 67.86 106.13 15.82
N ALA TE 107 67.79 107.01 14.82
CA ALA TE 107 67.47 106.56 13.46
C ALA TE 107 68.64 105.87 12.79
N THR TE 108 69.87 106.35 13.01
CA THR TE 108 71.03 105.81 12.31
C THR TE 108 71.75 104.73 13.09
N LYS TE 109 71.68 104.76 14.42
CA LYS TE 109 72.40 103.81 15.24
C LYS TE 109 71.55 103.05 16.24
N GLY TE 110 70.27 103.39 16.39
CA GLY TE 110 69.42 102.70 17.34
C GLY TE 110 69.71 103.02 18.79
N VAL TE 111 70.25 104.19 19.08
CA VAL TE 111 70.61 104.56 20.45
C VAL TE 111 69.35 104.91 21.22
N ILE TE 112 69.12 104.20 22.33
CA ILE TE 112 67.95 104.42 23.17
C ILE TE 112 68.31 104.90 24.56
N HIS TE 113 69.59 105.04 24.87
CA HIS TE 113 70.07 105.53 26.17
C HIS TE 113 70.74 106.88 25.96
N LEU TE 114 70.11 107.95 26.44
CA LEU TE 114 70.63 109.30 26.25
C LEU TE 114 71.37 109.76 27.50
N SER TE 115 72.56 109.19 27.70
CA SER TE 115 73.41 109.56 28.81
C SER TE 115 74.29 110.75 28.44
N ASP TE 116 74.54 111.62 29.41
CA ASP TE 116 73.96 111.60 30.76
C ASP TE 116 73.49 112.99 31.15
N ALA TE 117 74.08 114.00 30.52
CA ALA TE 117 73.74 115.39 30.82
C ALA TE 117 72.41 115.78 30.20
N LEU UE 1 -26.01 127.04 -45.72
CA LEU UE 1 -25.68 126.29 -44.52
C LEU UE 1 -24.59 126.97 -43.72
N SER UE 2 -24.92 127.36 -42.49
CA SER UE 2 -23.97 128.04 -41.62
C SER UE 2 -24.12 127.52 -40.20
N ILE UE 3 -23.00 127.56 -39.47
CA ILE UE 3 -22.97 127.21 -38.06
C ILE UE 3 -22.32 128.39 -37.35
N GLY UE 4 -23.14 129.25 -36.74
CA GLY UE 4 -22.65 130.51 -36.26
C GLY UE 4 -22.31 131.43 -37.42
N THR UE 5 -21.02 131.75 -37.58
CA THR UE 5 -20.56 132.58 -38.67
C THR UE 5 -19.77 131.82 -39.72
N LYS UE 6 -19.71 130.49 -39.62
CA LYS UE 6 -18.92 129.66 -40.52
C LYS UE 6 -19.82 128.93 -41.50
N ASN UE 7 -19.52 129.04 -42.78
CA ASN UE 7 -20.23 128.31 -43.82
C ASN UE 7 -19.73 126.88 -43.88
N VAL UE 8 -20.66 125.92 -43.91
CA VAL UE 8 -20.33 124.51 -43.92
C VAL UE 8 -21.12 123.83 -45.03
N SER UE 9 -20.78 122.57 -45.29
CA SER UE 9 -21.45 121.77 -46.29
C SER UE 9 -21.63 120.37 -45.75
N ILE UE 10 -22.69 119.69 -46.22
CA ILE UE 10 -22.90 118.30 -45.88
C ILE UE 10 -21.69 117.48 -46.33
N TYR UE 11 -21.15 116.69 -45.42
CA TYR UE 11 -19.99 115.84 -45.71
C TYR UE 11 -20.24 114.37 -45.47
N ARG UE 12 -20.77 113.99 -44.32
CA ARG UE 12 -21.09 112.62 -44.00
C ARG UE 12 -22.41 112.57 -43.25
N ASN UE 13 -23.33 111.73 -43.72
CA ASN UE 13 -24.66 111.63 -43.14
C ASN UE 13 -24.89 110.20 -42.67
N THR UE 14 -25.28 110.05 -41.40
CA THR UE 14 -25.72 108.77 -40.89
C THR UE 14 -27.09 108.92 -40.25
N ALA UE 15 -27.61 107.84 -39.64
CA ALA UE 15 -28.95 107.89 -39.07
C ALA UE 15 -29.04 108.89 -37.94
N ASP UE 16 -28.04 108.93 -37.05
CA ASP UE 16 -28.08 109.78 -35.87
C ASP UE 16 -26.91 110.74 -35.79
N GLU UE 17 -26.11 110.87 -36.85
CA GLU UE 17 -24.97 111.77 -36.83
C GLU UE 17 -24.77 112.37 -38.22
N VAL UE 18 -24.54 113.67 -38.26
CA VAL UE 18 -24.22 114.39 -39.49
C VAL UE 18 -22.92 115.15 -39.26
N ILE UE 19 -21.99 115.00 -40.19
CA ILE UE 19 -20.72 115.73 -40.17
C ILE UE 19 -20.75 116.79 -41.25
N TYR UE 20 -20.41 118.02 -40.88
CA TYR UE 20 -20.29 119.13 -41.81
C TYR UE 20 -18.84 119.53 -41.96
N ALA UE 21 -18.45 119.93 -43.16
CA ALA UE 21 -17.07 120.27 -43.46
C ALA UE 21 -16.94 121.79 -43.62
N GLY UE 22 -15.91 122.35 -43.01
CA GLY UE 22 -15.61 123.76 -43.15
C GLY UE 22 -14.86 124.05 -44.42
N PRO UE 23 -14.61 125.34 -44.69
CA PRO UE 23 -13.92 125.71 -45.93
C PRO UE 23 -12.50 125.20 -46.03
N ALA UE 24 -11.86 124.85 -44.91
CA ALA UE 24 -10.48 124.42 -44.89
C ALA UE 24 -10.32 122.91 -44.83
N HIS UE 25 -11.40 122.15 -44.93
CA HIS UE 25 -11.32 120.70 -44.82
C HIS UE 25 -10.92 120.08 -46.16
N ASP UE 26 -9.88 119.25 -46.12
CA ASP UE 26 -9.45 118.49 -47.29
C ASP UE 26 -8.79 117.21 -46.79
N VAL UE 27 -8.03 116.55 -47.67
CA VAL UE 27 -7.37 115.29 -47.36
C VAL UE 27 -6.30 115.50 -46.28
N THR UE 28 -5.74 116.70 -46.21
CA THR UE 28 -4.64 116.98 -45.32
C THR UE 28 -5.03 117.74 -44.05
N ASN UE 29 -6.04 118.60 -44.12
CA ASN UE 29 -6.43 119.43 -42.99
C ASN UE 29 -7.85 119.12 -42.57
N VAL UE 30 -8.08 119.03 -41.26
CA VAL UE 30 -9.39 118.75 -40.71
C VAL UE 30 -10.06 120.06 -40.31
N ASP UE 31 -11.29 120.27 -40.79
CA ASP UE 31 -12.13 121.38 -40.37
C ASP UE 31 -13.58 120.88 -40.45
N THR UE 32 -14.08 120.35 -39.34
CA THR UE 32 -15.37 119.70 -39.33
C THR UE 32 -16.16 120.09 -38.09
N VAL UE 33 -17.48 120.18 -38.25
CA VAL UE 33 -18.41 120.28 -37.13
C VAL UE 33 -19.41 119.13 -37.27
N SER UE 34 -19.55 118.35 -36.20
CA SER UE 34 -20.39 117.16 -36.21
C SER UE 34 -21.56 117.34 -35.24
N LEU UE 35 -22.75 116.96 -35.69
CA LEU UE 35 -23.96 116.98 -34.88
C LEU UE 35 -24.41 115.54 -34.67
N ARG UE 36 -24.53 115.13 -33.41
CA ARG UE 36 -24.94 113.78 -33.07
C ARG UE 36 -26.06 113.82 -32.05
N ARG UE 37 -26.99 112.87 -32.15
CA ARG UE 37 -28.11 112.78 -31.23
C ARG UE 37 -28.22 111.36 -30.71
N SER UE 38 -28.67 111.24 -29.46
CA SER UE 38 -29.01 109.97 -28.84
C SER UE 38 -30.45 110.08 -28.38
N LEU UE 39 -31.37 109.56 -29.18
CA LEU UE 39 -32.78 109.69 -28.89
C LEU UE 39 -33.15 108.92 -27.63
N PRO UE 40 -34.09 109.42 -26.85
CA PRO UE 40 -34.47 108.73 -25.61
C PRO UE 40 -35.07 107.36 -25.89
N VAL UE 41 -34.76 106.41 -25.01
CA VAL UE 41 -35.39 105.10 -25.01
C VAL UE 41 -36.20 105.01 -23.71
N LYS UE 42 -37.50 104.81 -23.84
CA LYS UE 42 -38.41 104.84 -22.68
C LYS UE 42 -38.59 103.41 -22.17
N LYS UE 43 -37.50 102.86 -21.67
CA LYS UE 43 -37.51 101.53 -21.07
C LYS UE 43 -38.20 101.56 -19.72
N GLY UE 44 -38.88 100.45 -19.41
CA GLY UE 44 -39.62 100.34 -18.16
C GLY UE 44 -40.57 101.49 -17.91
N SER UE 45 -40.32 102.25 -16.84
CA SER UE 45 -41.10 103.43 -16.52
C SER UE 45 -40.37 104.73 -16.83
N ASP UE 46 -39.03 104.71 -16.83
CA ASP UE 46 -38.27 105.92 -17.12
C ASP UE 46 -38.38 106.28 -18.60
N ASN UE 47 -38.63 107.55 -18.88
CA ASN UE 47 -38.77 108.01 -20.26
C ASN UE 47 -37.44 108.27 -20.93
N GLY UE 48 -36.32 108.07 -20.24
CA GLY UE 48 -35.02 108.21 -20.85
C GLY UE 48 -34.54 109.64 -20.94
N THR UE 49 -33.38 109.80 -21.56
CA THR UE 49 -32.71 111.08 -21.70
C THR UE 49 -32.38 111.33 -23.16
N MET UE 50 -32.55 112.56 -23.60
CA MET UE 50 -32.14 112.96 -24.95
C MET UE 50 -30.74 113.57 -24.87
N ARG UE 51 -29.81 113.01 -25.62
CA ARG UE 51 -28.41 113.43 -25.59
C ARG UE 51 -28.05 114.05 -26.94
N GLY UE 52 -27.74 115.34 -26.93
CA GLY UE 52 -27.31 116.02 -28.13
C GLY UE 52 -25.85 116.45 -28.04
N ASN UE 53 -25.02 115.96 -28.95
CA ASN UE 53 -23.59 116.22 -28.93
C ASN UE 53 -23.19 117.06 -30.13
N MET UE 54 -22.44 118.13 -29.88
CA MET UE 54 -21.91 119.00 -30.91
C MET UE 54 -20.38 118.90 -30.87
N ASN UE 55 -19.77 118.57 -32.01
CA ASN UE 55 -18.35 118.27 -32.08
C ASN UE 55 -17.65 119.28 -32.99
N PHE UE 56 -16.55 119.83 -32.52
CA PHE UE 56 -15.69 120.70 -33.31
C PHE UE 56 -14.30 120.08 -33.40
N ALA UE 57 -13.79 119.93 -34.62
CA ALA UE 57 -12.49 119.30 -34.84
C ALA UE 57 -11.67 120.17 -35.79
N LYS UE 58 -10.40 120.35 -35.46
CA LYS UE 58 -9.51 121.17 -36.27
C LYS UE 58 -8.08 120.67 -36.11
N SER UE 59 -7.41 120.44 -37.23
CA SER UE 59 -6.01 120.05 -37.20
C SER UE 59 -5.13 121.27 -36.98
N PHE UE 60 -4.07 121.08 -36.19
CA PHE UE 60 -3.16 122.16 -35.84
C PHE UE 60 -1.72 121.71 -36.04
N PRO UE 61 -0.83 122.62 -36.37
CA PRO UE 61 0.60 122.27 -36.46
C PRO UE 61 1.15 121.91 -35.08
N ASN UE 62 1.78 120.74 -35.00
CA ASN UE 62 2.39 120.26 -33.76
C ASN UE 62 3.79 119.77 -34.12
N GLY UE 63 4.75 120.68 -34.09
CA GLY UE 63 6.09 120.34 -34.52
C GLY UE 63 6.08 120.00 -36.00
N ASP UE 64 6.60 118.83 -36.34
CA ASP UE 64 6.59 118.36 -37.72
C ASP UE 64 5.28 117.72 -38.13
N LYS UE 65 4.54 117.15 -37.18
CA LYS UE 65 3.29 116.46 -37.46
C LYS UE 65 2.11 117.42 -37.31
N LYS UE 66 0.90 116.88 -37.38
CA LYS UE 66 -0.32 117.62 -37.16
C LYS UE 66 -1.10 116.98 -36.03
N SER UE 67 -1.76 117.80 -35.23
CA SER UE 67 -2.51 117.34 -34.08
C SER UE 67 -3.96 117.80 -34.18
N LEU UE 68 -4.88 116.94 -33.75
CA LEU UE 68 -6.30 117.24 -33.79
C LEU UE 68 -6.75 117.82 -32.46
N VAL UE 69 -7.33 119.01 -32.50
CA VAL UE 69 -7.95 119.63 -31.33
C VAL UE 69 -9.46 119.47 -31.46
N VAL UE 70 -10.08 118.89 -30.43
CA VAL UE 70 -11.50 118.56 -30.46
C VAL UE 70 -12.19 119.27 -29.29
N VAL UE 71 -13.30 119.94 -29.59
CA VAL UE 71 -14.14 120.57 -28.59
C VAL UE 71 -15.52 119.93 -28.66
N ASN UE 72 -16.00 119.46 -27.52
CA ASN UE 72 -17.29 118.78 -27.42
C ASN UE 72 -18.26 119.60 -26.58
N LEU UE 73 -19.51 119.67 -27.02
CA LEU UE 73 -20.58 120.31 -26.27
C LEU UE 73 -21.78 119.38 -26.27
N THR UE 74 -22.09 118.80 -25.12
CA THR UE 74 -23.12 117.79 -24.99
C THR UE 74 -24.19 118.26 -24.00
N ALA UE 75 -25.45 118.06 -24.36
CA ALA UE 75 -26.58 118.38 -23.50
C ALA UE 75 -27.30 117.09 -23.12
N HIS UE 76 -27.59 116.94 -21.83
CA HIS UE 76 -28.33 115.79 -21.31
C HIS UE 76 -29.63 116.32 -20.71
N VAL UE 77 -30.72 116.22 -21.47
CA VAL UE 77 -32.01 116.74 -21.07
C VAL UE 77 -32.95 115.55 -20.84
N PRO UE 78 -33.33 115.26 -19.60
CA PRO UE 78 -34.27 114.17 -19.35
C PRO UE 78 -35.65 114.48 -19.93
N VAL UE 79 -36.36 113.42 -20.33
CA VAL UE 79 -37.66 113.59 -20.96
C VAL UE 79 -38.68 113.99 -19.91
N GLY UE 80 -39.48 115.03 -20.24
CA GLY UE 80 -40.47 115.58 -19.34
C GLY UE 80 -40.14 116.99 -18.88
N VAL UE 81 -38.86 117.35 -18.90
CA VAL UE 81 -38.45 118.70 -18.56
C VAL UE 81 -38.90 119.66 -19.65
N ASP UE 82 -39.43 120.81 -19.24
CA ASP UE 82 -39.88 121.82 -20.19
C ASP UE 82 -38.73 122.28 -21.08
N ALA UE 83 -38.93 122.19 -22.39
CA ALA UE 83 -37.90 122.60 -23.34
C ALA UE 83 -37.62 124.09 -23.24
N THR UE 84 -38.68 124.89 -23.10
CA THR UE 84 -38.51 126.34 -23.01
C THR UE 84 -37.71 126.74 -21.77
N ALA UE 85 -37.97 126.06 -20.64
CA ALA UE 85 -37.21 126.35 -19.43
C ALA UE 85 -35.74 126.00 -19.62
N VAL UE 86 -35.46 124.88 -20.29
CA VAL UE 86 -34.07 124.47 -20.53
C VAL UE 86 -33.39 125.45 -21.47
N ARG UE 87 -34.09 125.87 -22.53
CA ARG UE 87 -33.48 126.79 -23.49
C ARG UE 87 -33.17 128.14 -22.86
N THR UE 88 -34.04 128.62 -21.96
CA THR UE 88 -33.76 129.86 -21.26
C THR UE 88 -32.55 129.72 -20.34
N TRP UE 89 -32.43 128.58 -19.66
CA TRP UE 89 -31.27 128.35 -18.81
C TRP UE 89 -29.98 128.28 -19.61
N MET UE 90 -30.02 127.57 -20.74
CA MET UE 90 -28.82 127.44 -21.57
C MET UE 90 -28.39 128.78 -22.15
N THR UE 91 -29.35 129.59 -22.59
CA THR UE 91 -29.02 130.87 -23.22
C THR UE 91 -28.48 131.88 -22.21
N SER UE 92 -29.04 131.91 -21.00
CA SER UE 92 -28.70 132.94 -20.03
C SER UE 92 -27.60 132.54 -19.06
N GLU UE 93 -27.43 131.25 -18.80
CA GLU UE 93 -26.46 130.80 -17.81
C GLU UE 93 -25.32 129.99 -18.41
N VAL UE 94 -25.62 129.04 -19.29
CA VAL UE 94 -24.57 128.16 -19.82
C VAL UE 94 -23.80 128.87 -20.93
N PHE UE 95 -24.50 129.47 -21.88
CA PHE UE 95 -23.84 130.07 -23.04
C PHE UE 95 -22.86 131.18 -22.67
N PRO UE 96 -23.21 132.15 -21.83
CA PRO UE 96 -22.20 133.15 -21.44
C PRO UE 96 -21.01 132.56 -20.71
N GLY UE 97 -21.22 131.53 -19.89
CA GLY UE 97 -20.11 130.95 -19.15
C GLY UE 97 -19.24 130.03 -19.97
N ALA UE 98 -19.80 129.40 -21.01
CA ALA UE 98 -19.06 128.49 -21.86
C ALA UE 98 -18.30 129.20 -22.97
N THR UE 99 -18.39 130.53 -23.05
CA THR UE 99 -17.66 131.32 -24.04
C THR UE 99 -16.79 132.38 -23.40
N SER UE 100 -16.55 132.27 -22.09
CA SER UE 100 -15.75 133.25 -21.38
C SER UE 100 -14.28 132.84 -21.41
N SER UE 101 -13.43 133.67 -20.80
CA SER UE 101 -12.02 133.33 -20.66
C SER UE 101 -11.81 132.11 -19.78
N VAL UE 102 -12.80 131.76 -18.95
CA VAL UE 102 -12.71 130.57 -18.12
C VAL UE 102 -12.58 129.33 -18.99
N THR UE 103 -13.40 129.23 -20.04
CA THR UE 103 -13.29 128.11 -20.96
C THR UE 103 -11.96 128.11 -21.69
N LEU UE 104 -11.52 129.28 -22.13
CA LEU UE 104 -10.25 129.38 -22.85
C LEU UE 104 -9.08 128.98 -21.95
N ASP UE 105 -9.13 129.38 -20.67
CA ASP UE 105 -8.03 129.07 -19.76
C ASP UE 105 -8.03 127.59 -19.39
N LEU UE 106 -9.20 126.98 -19.25
CA LEU UE 106 -9.28 125.57 -18.91
C LEU UE 106 -8.76 124.70 -20.05
N ALA UE 107 -9.10 125.05 -21.29
CA ALA UE 107 -8.73 124.21 -22.42
C ALA UE 107 -7.24 124.28 -22.73
N THR UE 108 -6.67 125.49 -22.71
CA THR UE 108 -5.29 125.68 -23.14
C THR UE 108 -4.29 125.73 -22.00
N LYS UE 109 -4.74 125.93 -20.76
CA LYS UE 109 -3.84 126.00 -19.62
C LYS UE 109 -4.22 125.08 -18.47
N GLY UE 110 -5.38 124.43 -18.53
CA GLY UE 110 -5.81 123.59 -17.44
C GLY UE 110 -6.11 124.31 -16.15
N VAL UE 111 -6.66 125.52 -16.24
CA VAL UE 111 -6.94 126.33 -15.06
C VAL UE 111 -8.33 126.00 -14.54
N ILE UE 112 -8.40 125.49 -13.32
CA ILE UE 112 -9.66 125.15 -12.67
C ILE UE 112 -9.99 126.08 -11.51
N HIS UE 113 -9.13 127.05 -11.20
CA HIS UE 113 -9.37 128.04 -10.15
C HIS UE 113 -9.57 129.40 -10.82
N LEU UE 114 -10.79 129.92 -10.77
CA LEU UE 114 -11.07 131.22 -11.37
C LEU UE 114 -11.07 132.30 -10.28
N SER UE 115 -9.87 132.58 -9.79
CA SER UE 115 -9.68 133.68 -8.85
C SER UE 115 -9.52 135.00 -9.62
N ASP UE 116 -9.92 136.10 -8.98
CA ASP UE 116 -10.57 136.20 -7.68
C ASP UE 116 -11.72 137.19 -7.73
N ALA UE 117 -11.75 137.99 -8.79
CA ALA UE 117 -12.76 139.02 -8.96
C ALA UE 117 -14.16 138.43 -9.10
N LEU VE 1 -16.02 136.30 -7.51
CA LEU VE 1 -15.93 134.99 -8.16
C LEU VE 1 -17.14 134.77 -9.06
N SER VE 2 -16.93 134.86 -10.37
CA SER VE 2 -18.02 134.72 -11.32
C SER VE 2 -17.57 133.88 -12.50
N ILE VE 3 -18.53 133.17 -13.08
CA ILE VE 3 -18.33 132.42 -14.33
C ILE VE 3 -19.37 132.93 -15.31
N GLY VE 4 -18.91 133.58 -16.37
CA GLY VE 4 -19.82 134.26 -17.27
C GLY VE 4 -20.54 135.39 -16.58
N THR VE 5 -21.87 135.37 -16.58
CA THR VE 5 -22.67 136.36 -15.89
C THR VE 5 -23.17 135.87 -14.53
N LYS VE 6 -22.80 134.67 -14.12
CA LYS VE 6 -23.30 134.07 -12.90
C LYS VE 6 -22.23 134.14 -11.81
N ASN VE 7 -22.61 134.71 -10.66
CA ASN VE 7 -21.73 134.69 -9.50
C ASN VE 7 -21.77 133.31 -8.84
N VAL VE 8 -20.59 132.79 -8.52
CA VAL VE 8 -20.47 131.46 -7.93
C VAL VE 8 -19.54 131.54 -6.73
N SER VE 9 -19.54 130.46 -5.94
CA SER VE 9 -18.65 130.32 -4.80
C SER VE 9 -18.06 128.92 -4.82
N ILE VE 10 -16.88 128.79 -4.21
CA ILE VE 10 -16.22 127.49 -4.15
C ILE VE 10 -17.04 126.55 -3.27
N TYR VE 11 -17.40 125.39 -3.81
CA TYR VE 11 -18.19 124.40 -3.12
C TYR VE 11 -17.38 123.18 -2.72
N ARG VE 12 -16.69 122.56 -3.68
CA ARG VE 12 -15.80 121.44 -3.39
C ARG VE 12 -14.53 121.63 -4.20
N ASN VE 13 -13.41 121.19 -3.64
CA ASN VE 13 -12.09 121.46 -4.21
C ASN VE 13 -11.24 120.20 -4.07
N THR VE 14 -11.00 119.53 -5.18
CA THR VE 14 -10.06 118.42 -5.25
C THR VE 14 -8.86 118.82 -6.10
N ALA VE 15 -7.95 117.86 -6.31
CA ALA VE 15 -6.71 118.16 -7.03
C ALA VE 15 -6.98 118.56 -8.47
N ASP VE 16 -7.86 117.85 -9.17
CA ASP VE 16 -8.12 118.10 -10.58
C ASP VE 16 -9.55 118.56 -10.85
N GLU VE 17 -10.36 118.79 -9.82
CA GLU VE 17 -11.72 119.27 -9.99
C GLU VE 17 -12.05 120.28 -8.91
N VAL VE 18 -12.65 121.39 -9.33
CA VAL VE 18 -13.22 122.37 -8.41
C VAL VE 18 -14.68 122.56 -8.80
N ILE VE 19 -15.58 122.31 -7.86
CA ILE VE 19 -17.01 122.48 -8.07
C ILE VE 19 -17.42 123.81 -7.48
N TYR VE 20 -18.09 124.64 -8.28
CA TYR VE 20 -18.59 125.92 -7.84
C TYR VE 20 -20.11 125.87 -7.77
N ALA VE 21 -20.66 126.55 -6.76
CA ALA VE 21 -22.09 126.52 -6.48
C ALA VE 21 -22.71 127.85 -6.86
N GLY VE 22 -23.83 127.80 -7.57
CA GLY VE 22 -24.58 128.98 -7.90
C GLY VE 22 -25.29 129.53 -6.68
N PRO VE 23 -25.85 130.75 -6.81
CA PRO VE 23 -26.53 131.34 -5.66
C PRO VE 23 -27.70 130.52 -5.17
N ALA VE 24 -28.39 129.81 -6.06
CA ALA VE 24 -29.55 129.01 -5.69
C ALA VE 24 -29.20 127.61 -5.21
N HIS VE 25 -27.94 127.18 -5.36
CA HIS VE 25 -27.58 125.83 -4.99
C HIS VE 25 -27.82 125.58 -3.51
N ASP VE 26 -28.41 124.43 -3.20
CA ASP VE 26 -28.73 124.06 -1.83
C ASP VE 26 -28.77 122.53 -1.74
N VAL VE 27 -29.28 122.03 -0.62
CA VAL VE 27 -29.31 120.59 -0.37
C VAL VE 27 -30.30 119.86 -1.25
N THR VE 28 -31.29 120.55 -1.81
CA THR VE 28 -32.28 119.92 -2.67
C THR VE 28 -32.28 120.45 -4.09
N ASN VE 29 -31.75 121.63 -4.35
CA ASN VE 29 -31.65 122.19 -5.70
C ASN VE 29 -30.19 122.22 -6.12
N VAL VE 30 -29.89 121.64 -7.27
CA VAL VE 30 -28.53 121.60 -7.80
C VAL VE 30 -28.34 122.77 -8.75
N ASP VE 31 -27.36 123.62 -8.46
CA ASP VE 31 -26.93 124.68 -9.37
C ASP VE 31 -25.41 124.78 -9.23
N THR VE 32 -24.69 124.04 -10.07
CA THR VE 32 -23.26 123.92 -9.93
C THR VE 32 -22.57 124.03 -11.29
N VAL VE 33 -21.37 124.61 -11.27
CA VAL VE 33 -20.48 124.64 -12.42
C VAL VE 33 -19.19 123.97 -12.00
N SER VE 34 -18.87 122.84 -12.63
CA SER VE 34 -17.66 122.10 -12.32
C SER VE 34 -16.57 122.40 -13.34
N LEU VE 35 -15.34 122.55 -12.86
CA LEU VE 35 -14.16 122.65 -13.71
C LEU VE 35 -13.27 121.45 -13.42
N ARG VE 36 -13.14 120.57 -14.38
CA ARG VE 36 -12.34 119.36 -14.25
C ARG VE 36 -11.27 119.33 -15.33
N ARG VE 37 -10.09 118.86 -14.97
CA ARG VE 37 -9.00 118.74 -15.92
C ARG VE 37 -8.38 117.34 -15.81
N SER VE 38 -7.85 116.87 -16.93
CA SER VE 38 -7.07 115.65 -16.98
C SER VE 38 -5.71 116.00 -17.57
N LEU VE 39 -4.69 116.01 -16.72
CA LEU VE 39 -3.37 116.48 -17.13
C LEU VE 39 -2.74 115.50 -18.11
N PRO VE 40 -1.93 116.00 -19.04
CA PRO VE 40 -1.32 115.13 -20.06
C PRO VE 40 -0.40 114.09 -19.43
N VAL VE 41 -0.55 112.84 -19.87
CA VAL VE 41 0.32 111.76 -19.45
C VAL VE 41 1.30 111.51 -20.59
N LYS VE 42 2.58 111.77 -20.34
CA LYS VE 42 3.62 111.64 -21.36
C LYS VE 42 3.97 110.17 -21.47
N LYS VE 43 3.30 109.47 -22.38
CA LYS VE 43 3.48 108.04 -22.54
C LYS VE 43 4.08 107.74 -23.91
N GLY VE 44 5.14 106.94 -23.93
CA GLY VE 44 5.82 106.63 -25.17
C GLY VE 44 6.38 107.88 -25.81
N SER VE 45 6.35 107.93 -27.14
CA SER VE 45 6.74 109.14 -27.86
C SER VE 45 5.65 110.19 -27.89
N ASP VE 46 4.42 109.82 -27.52
CA ASP VE 46 3.32 110.77 -27.46
C ASP VE 46 3.41 111.58 -26.19
N ASN VE 47 3.28 112.91 -26.32
CA ASN VE 47 3.35 113.80 -25.18
C ASN VE 47 2.02 113.94 -24.45
N GLY VE 48 1.01 113.17 -24.83
CA GLY VE 48 -0.26 113.20 -24.14
C GLY VE 48 -1.17 114.33 -24.60
N THR VE 49 -2.29 114.45 -23.89
CA THR VE 49 -3.32 115.41 -24.24
C THR VE 49 -3.92 115.99 -22.96
N MET VE 50 -4.11 117.30 -22.95
CA MET VE 50 -4.78 117.97 -21.85
C MET VE 50 -6.28 117.97 -22.10
N ARG VE 51 -7.05 117.41 -21.18
CA ARG VE 51 -8.50 117.40 -21.26
C ARG VE 51 -9.06 118.39 -20.23
N GLY VE 52 -9.92 119.29 -20.69
CA GLY VE 52 -10.59 120.21 -19.81
C GLY VE 52 -12.09 120.14 -19.98
N ASN VE 53 -12.81 119.80 -18.90
CA ASN VE 53 -14.25 119.61 -18.97
C ASN VE 53 -14.94 120.66 -18.13
N MET VE 54 -15.94 121.31 -18.71
CA MET VE 54 -16.77 122.29 -18.03
C MET VE 54 -18.18 121.72 -17.90
N ASN VE 55 -18.61 121.49 -16.67
CA ASN VE 55 -19.88 120.82 -16.39
C ASN VE 55 -20.87 121.81 -15.80
N PHE VE 56 -22.05 121.91 -16.42
CA PHE VE 56 -23.15 122.71 -15.92
C PHE VE 56 -24.26 121.76 -15.48
N ALA VE 57 -24.67 121.86 -14.22
CA ALA VE 57 -25.72 121.03 -13.67
C ALA VE 57 -26.81 121.91 -13.09
N LYS VE 58 -28.06 121.55 -13.36
CA LYS VE 58 -29.20 122.32 -12.86
C LYS VE 58 -30.38 121.39 -12.65
N SER VE 59 -31.04 121.54 -11.51
CA SER VE 59 -32.24 120.77 -11.20
C SER VE 59 -33.45 121.43 -11.85
N PHE VE 60 -34.31 120.62 -12.44
CA PHE VE 60 -35.47 121.12 -13.16
C PHE VE 60 -36.72 120.35 -12.74
N PRO VE 61 -37.87 121.01 -12.68
CA PRO VE 61 -39.13 120.27 -12.43
C PRO VE 61 -39.44 119.35 -13.59
N ASN VE 62 -39.59 118.07 -13.28
CA ASN VE 62 -39.96 117.04 -14.26
C ASN VE 62 -41.23 116.37 -13.74
N GLY VE 63 -42.38 116.96 -14.07
CA GLY VE 63 -43.64 116.49 -13.55
C GLY VE 63 -43.72 116.66 -12.04
N ASP VE 64 -43.69 115.55 -11.31
CA ASP VE 64 -43.73 115.59 -9.86
C ASP VE 64 -42.36 115.59 -9.22
N LYS VE 65 -41.38 114.96 -9.86
CA LYS VE 65 -40.03 114.85 -9.34
C LYS VE 65 -39.14 115.93 -9.94
N LYS VE 66 -37.85 115.89 -9.64
CA LYS VE 66 -36.87 116.80 -10.19
C LYS VE 66 -35.85 116.03 -11.01
N SER VE 67 -35.53 116.57 -12.18
CA SER VE 67 -34.57 115.97 -13.09
C SER VE 67 -33.34 116.87 -13.21
N LEU VE 68 -32.18 116.26 -13.42
CA LEU VE 68 -30.92 116.97 -13.55
C LEU VE 68 -30.61 117.16 -15.03
N VAL VE 69 -30.51 118.42 -15.45
CA VAL VE 69 -30.08 118.76 -16.81
C VAL VE 69 -28.60 119.10 -16.77
N VAL VE 70 -27.82 118.43 -17.60
CA VAL VE 70 -26.36 118.55 -17.59
C VAL VE 70 -25.88 119.00 -18.96
N VAL VE 71 -25.02 120.01 -18.98
CA VAL VE 71 -24.34 120.45 -20.19
C VAL VE 71 -22.85 120.32 -19.95
N ASN VE 72 -22.16 119.63 -20.85
CA ASN VE 72 -20.72 119.41 -20.75
C ASN VE 72 -20.02 120.10 -21.91
N LEU VE 73 -18.93 120.81 -21.59
CA LEU VE 73 -18.05 121.40 -22.58
C LEU VE 73 -16.65 120.84 -22.34
N THR VE 74 -16.17 120.00 -23.26
CA THR VE 74 -14.88 119.33 -23.13
C THR VE 74 -14.00 119.71 -24.31
N ALA VE 75 -12.71 119.95 -24.03
CA ALA VE 75 -11.72 120.24 -25.05
C ALA VE 75 -10.56 119.28 -24.90
N HIS VE 76 -10.05 118.81 -26.03
CA HIS VE 76 -8.90 117.90 -26.06
C HIS VE 76 -7.79 118.58 -26.85
N VAL VE 77 -6.81 119.12 -26.14
CA VAL VE 77 -5.70 119.85 -26.74
C VAL VE 77 -4.43 119.03 -26.57
N PRO VE 78 -3.86 118.48 -27.64
CA PRO VE 78 -2.62 117.72 -27.51
C PRO VE 78 -1.44 118.62 -27.15
N VAL VE 79 -0.48 118.05 -26.43
CA VAL VE 79 0.72 118.80 -26.07
C VAL VE 79 1.56 119.06 -27.31
N GLY VE 80 2.04 120.30 -27.44
CA GLY VE 80 2.86 120.71 -28.55
C GLY VE 80 2.18 121.69 -29.48
N VAL VE 81 0.88 121.84 -29.38
CA VAL VE 81 0.15 122.80 -30.19
C VAL VE 81 0.29 124.20 -29.59
N ASP VE 82 0.32 125.20 -30.45
CA ASP VE 82 0.36 126.58 -29.99
C ASP VE 82 -0.94 126.95 -29.29
N ALA VE 83 -0.84 127.39 -28.04
CA ALA VE 83 -2.03 127.69 -27.25
C ALA VE 83 -2.75 128.93 -27.77
N THR VE 84 -2.00 129.91 -28.28
CA THR VE 84 -2.63 131.10 -28.84
C THR VE 84 -3.46 130.77 -30.07
N ALA VE 85 -2.96 129.87 -30.91
CA ALA VE 85 -3.71 129.46 -32.10
C ALA VE 85 -5.02 128.78 -31.72
N VAL VE 86 -4.99 127.93 -30.70
CA VAL VE 86 -6.21 127.23 -30.28
C VAL VE 86 -7.23 128.22 -29.72
N ARG VE 87 -6.77 129.19 -28.92
CA ARG VE 87 -7.69 130.17 -28.35
C ARG VE 87 -8.34 131.02 -29.42
N THR VE 88 -7.58 131.40 -30.45
CA THR VE 88 -8.14 132.17 -31.56
C THR VE 88 -9.17 131.36 -32.33
N TRP VE 89 -8.91 130.06 -32.53
CA TRP VE 89 -9.88 129.20 -33.21
C TRP VE 89 -11.13 129.02 -32.36
N MET VE 90 -10.97 128.80 -31.06
CA MET VE 90 -12.12 128.61 -30.17
C MET VE 90 -13.00 129.84 -30.11
N THR VE 91 -12.39 131.03 -30.05
CA THR VE 91 -13.15 132.27 -29.93
C THR VE 91 -13.96 132.56 -31.20
N SER VE 92 -13.34 132.44 -32.37
CA SER VE 92 -13.98 132.86 -33.61
C SER VE 92 -14.78 131.77 -34.30
N GLU VE 93 -14.54 130.51 -33.99
CA GLU VE 93 -15.16 129.42 -34.74
C GLU VE 93 -15.96 128.46 -33.86
N VAL VE 94 -15.49 128.17 -32.65
CA VAL VE 94 -16.20 127.23 -31.79
C VAL VE 94 -17.30 127.94 -31.01
N PHE VE 95 -16.96 129.05 -30.36
CA PHE VE 95 -17.92 129.74 -29.50
C PHE VE 95 -19.15 130.24 -30.25
N PRO VE 96 -19.05 130.89 -31.40
CA PRO VE 96 -20.27 131.32 -32.10
C PRO VE 96 -21.20 130.17 -32.48
N GLY VE 97 -20.64 129.03 -32.89
CA GLY VE 97 -21.48 127.90 -33.26
C GLY VE 97 -22.02 127.13 -32.07
N ALA VE 98 -21.25 127.07 -30.98
CA ALA VE 98 -21.69 126.33 -29.80
C ALA VE 98 -22.83 127.02 -29.08
N THR VE 99 -22.97 128.34 -29.21
CA THR VE 99 -24.01 129.09 -28.54
C THR VE 99 -25.04 129.63 -29.54
N SER VE 100 -25.36 128.85 -30.56
CA SER VE 100 -26.32 129.24 -31.57
C SER VE 100 -27.63 128.50 -31.35
N SER VE 101 -28.59 128.75 -32.25
CA SER VE 101 -29.84 128.00 -32.21
C SER VE 101 -29.63 126.54 -32.59
N VAL VE 102 -28.52 126.21 -33.25
CA VAL VE 102 -28.23 124.83 -33.60
C VAL VE 102 -28.10 123.99 -32.33
N THR VE 103 -27.42 124.53 -31.31
CA THR VE 103 -27.29 123.81 -30.04
C THR VE 103 -28.66 123.63 -29.38
N LEU VE 104 -29.49 124.67 -29.40
CA LEU VE 104 -30.80 124.59 -28.77
C LEU VE 104 -31.70 123.61 -29.50
N ASP VE 105 -31.74 123.66 -30.83
CA ASP VE 105 -32.59 122.75 -31.58
C ASP VE 105 -32.10 121.31 -31.48
N LEU VE 106 -30.79 121.12 -31.31
CA LEU VE 106 -30.27 119.77 -31.12
C LEU VE 106 -30.63 119.23 -29.74
N ALA VE 107 -30.61 120.09 -28.72
CA ALA VE 107 -30.87 119.63 -27.36
C ALA VE 107 -32.33 119.25 -27.17
N THR VE 108 -33.26 120.09 -27.62
CA THR VE 108 -34.67 119.92 -27.32
C THR VE 108 -35.47 119.31 -28.46
N LYS VE 109 -34.88 119.14 -29.65
CA LYS VE 109 -35.61 118.52 -30.76
C LYS VE 109 -34.84 117.43 -31.48
N GLY VE 110 -33.56 117.21 -31.17
CA GLY VE 110 -32.79 116.22 -31.89
C GLY VE 110 -32.54 116.56 -33.34
N VAL VE 111 -32.35 117.83 -33.67
CA VAL VE 111 -32.15 118.26 -35.05
C VAL VE 111 -30.67 118.15 -35.37
N ILE VE 112 -30.32 117.24 -36.29
CA ILE VE 112 -28.95 117.10 -36.75
C ILE VE 112 -28.77 117.52 -38.21
N HIS VE 113 -29.86 117.77 -38.93
CA HIS VE 113 -29.80 118.23 -40.31
C HIS VE 113 -30.05 119.73 -40.33
N LEU VE 114 -29.08 120.48 -40.84
CA LEU VE 114 -29.13 121.93 -40.84
C LEU VE 114 -29.87 122.43 -42.07
N SER VE 115 -30.52 123.58 -41.93
CA SER VE 115 -31.25 124.21 -43.02
C SER VE 115 -31.30 125.72 -42.79
N ASP VE 116 -31.35 126.47 -43.89
CA ASP VE 116 -31.19 126.03 -45.26
C ASP VE 116 -30.33 127.03 -46.04
N ALA VE 117 -30.13 128.20 -45.45
CA ALA VE 117 -29.37 129.27 -46.09
C ALA VE 117 -28.06 129.53 -45.34
N LEU WE 1 -33.31 128.27 37.22
CA LEU WE 1 -32.44 127.45 36.39
C LEU WE 1 -32.36 128.03 34.98
N SER WE 2 -31.20 128.54 34.61
CA SER WE 2 -31.01 129.18 33.31
C SER WE 2 -29.77 128.65 32.63
N ILE WE 3 -29.87 128.44 31.33
CA ILE WE 3 -28.72 128.16 30.47
C ILE WE 3 -28.77 129.18 29.35
N GLY WE 4 -28.07 130.30 29.54
CA GLY WE 4 -28.19 131.42 28.64
C GLY WE 4 -29.37 132.29 28.99
N THR WE 5 -30.29 132.48 28.04
CA THR WE 5 -31.54 133.18 28.28
C THR WE 5 -32.72 132.22 28.46
N LYS WE 6 -32.46 130.92 28.51
CA LYS WE 6 -33.50 129.90 28.52
C LYS WE 6 -33.75 129.44 29.95
N ASN WE 7 -35.02 129.36 30.34
CA ASN WE 7 -35.41 128.81 31.63
C ASN WE 7 -35.67 127.31 31.46
N VAL WE 8 -34.86 126.49 32.12
CA VAL WE 8 -34.95 125.05 31.99
C VAL WE 8 -35.25 124.45 33.36
N SER WE 9 -35.58 123.15 33.36
CA SER WE 9 -35.80 122.40 34.57
C SER WE 9 -35.13 121.03 34.43
N ILE WE 10 -34.81 120.42 35.57
CA ILE WE 10 -34.19 119.10 35.55
C ILE WE 10 -35.20 118.09 35.00
N TYR WE 11 -34.76 117.30 34.04
CA TYR WE 11 -35.58 116.27 33.41
C TYR WE 11 -35.06 114.87 33.64
N ARG WE 12 -33.75 114.69 33.66
CA ARG WE 12 -33.14 113.39 33.91
C ARG WE 12 -31.81 113.63 34.61
N ASN WE 13 -31.57 112.91 35.70
CA ASN WE 13 -30.38 113.12 36.52
C ASN WE 13 -29.63 111.79 36.62
N THR WE 14 -28.50 111.71 35.95
CA THR WE 14 -27.64 110.53 35.93
C THR WE 14 -26.28 110.95 36.51
N ALA WE 15 -25.46 109.96 36.86
CA ALA WE 15 -24.19 110.24 37.52
C ALA WE 15 -23.32 111.18 36.69
N ASP WE 16 -23.31 111.01 35.37
CA ASP WE 16 -22.40 111.77 34.52
C ASP WE 16 -23.12 112.61 33.48
N GLU WE 17 -24.45 112.72 33.57
CA GLU WE 17 -25.19 113.50 32.59
C GLU WE 17 -26.51 113.96 33.21
N VAL WE 18 -26.82 115.24 33.05
CA VAL WE 18 -28.10 115.82 33.47
C VAL WE 18 -28.74 116.45 32.25
N ILE WE 19 -29.98 116.05 31.97
CA ILE WE 19 -30.74 116.60 30.85
C ILE WE 19 -31.69 117.65 31.39
N TYR WE 20 -31.65 118.84 30.81
CA TYR WE 20 -32.55 119.92 31.15
C TYR WE 20 -33.53 120.17 30.02
N ALA WE 21 -34.79 120.37 30.36
CA ALA WE 21 -35.86 120.53 29.38
C ALA WE 21 -36.33 121.97 29.35
N GLY WE 22 -36.52 122.50 28.14
CA GLY WE 22 -37.03 123.83 27.96
C GLY WE 22 -38.54 123.88 28.04
N PRO WE 23 -39.12 125.07 27.91
CA PRO WE 23 -40.58 125.20 28.01
C PRO WE 23 -41.33 124.44 26.93
N ALA WE 24 -40.71 124.16 25.80
CA ALA WE 24 -41.36 123.51 24.67
C ALA WE 24 -41.15 122.00 24.66
N HIS WE 25 -40.56 121.44 25.71
CA HIS WE 25 -40.31 120.01 25.78
C HIS WE 25 -41.53 119.29 26.34
N ASP WE 26 -41.86 118.16 25.73
CA ASP WE 26 -42.97 117.33 26.17
C ASP WE 26 -42.74 115.92 25.62
N VAL WE 27 -43.79 115.09 25.66
CA VAL WE 27 -43.67 113.72 25.19
C VAL WE 27 -43.45 113.64 23.68
N THR WE 28 -44.08 114.52 22.90
CA THR WE 28 -43.99 114.45 21.45
C THR WE 28 -43.01 115.43 20.83
N ASN WE 29 -42.51 116.41 21.58
CA ASN WE 29 -41.57 117.39 21.06
C ASN WE 29 -40.31 117.40 21.93
N VAL WE 30 -39.18 117.68 21.30
CA VAL WE 30 -37.88 117.67 21.96
C VAL WE 30 -37.37 119.10 22.06
N ASP WE 31 -37.13 119.54 23.29
CA ASP WE 31 -36.46 120.83 23.56
C ASP WE 31 -35.62 120.58 24.80
N THR WE 32 -34.36 120.18 24.60
CA THR WE 32 -33.51 119.79 25.71
C THR WE 32 -32.10 120.37 25.55
N VAL WE 33 -31.46 120.60 26.69
CA VAL WE 33 -30.04 120.92 26.77
C VAL WE 33 -29.42 119.93 27.76
N SER WE 34 -28.52 119.09 27.27
CA SER WE 34 -27.93 118.03 28.07
C SER WE 34 -26.47 118.37 28.39
N LEU WE 35 -26.12 118.32 29.66
CA LEU WE 35 -24.74 118.48 30.10
C LEU WE 35 -24.16 117.11 30.42
N ARG WE 36 -23.05 116.78 29.79
CA ARG WE 36 -22.40 115.49 29.96
C ARG WE 36 -20.94 115.70 30.30
N ARG WE 37 -20.33 114.72 30.96
CA ARG WE 37 -18.95 114.84 31.36
C ARG WE 37 -18.29 113.46 31.38
N SER WE 38 -16.97 113.46 31.26
CA SER WE 38 -16.16 112.27 31.43
C SER WE 38 -14.98 112.66 32.32
N LEU WE 39 -15.02 112.23 33.58
CA LEU WE 39 -14.03 112.65 34.54
C LEU WE 39 -12.67 112.04 34.22
N PRO WE 40 -11.59 112.72 34.62
CA PRO WE 40 -10.24 112.22 34.30
C PRO WE 40 -9.99 110.85 34.91
N VAL WE 41 -9.24 110.03 34.18
CA VAL WE 41 -8.83 108.71 34.63
C VAL WE 41 -7.32 108.72 34.74
N LYS WE 42 -6.81 108.44 35.94
CA LYS WE 42 -5.37 108.49 36.22
C LYS WE 42 -4.70 107.22 35.70
N LYS WE 43 -4.79 107.04 34.38
CA LYS WE 43 -4.25 105.84 33.75
C LYS WE 43 -2.74 106.00 33.67
N GLY WE 44 -2.01 105.10 34.33
CA GLY WE 44 -0.57 105.13 34.31
C GLY WE 44 -0.04 106.45 34.86
N SER WE 45 0.95 107.02 34.16
CA SER WE 45 1.49 108.32 34.51
C SER WE 45 0.67 109.48 33.97
N ASP WE 46 -0.12 109.25 32.93
CA ASP WE 46 -0.98 110.30 32.38
C ASP WE 46 -2.06 110.65 33.40
N ASN WE 47 -2.21 111.95 33.66
CA ASN WE 47 -3.24 112.40 34.60
C ASN WE 47 -4.64 112.37 34.02
N GLY WE 48 -4.78 112.10 32.74
CA GLY WE 48 -6.10 112.01 32.12
C GLY WE 48 -6.54 113.31 31.48
N THR WE 49 -7.76 113.28 30.98
CA THR WE 49 -8.36 114.42 30.29
C THR WE 49 -9.75 114.66 30.84
N MET WE 50 -10.12 115.93 30.95
CA MET WE 50 -11.48 116.31 31.33
C MET WE 50 -12.28 116.59 30.08
N ARG WE 51 -13.34 115.81 29.86
CA ARG WE 51 -14.22 115.96 28.71
C ARG WE 51 -15.57 116.49 29.16
N GLY WE 52 -15.99 117.60 28.59
CA GLY WE 52 -17.31 118.16 28.86
C GLY WE 52 -18.07 118.32 27.57
N ASN WE 53 -19.35 117.95 27.60
CA ASN WE 53 -20.19 118.00 26.42
C ASN WE 53 -21.48 118.76 26.73
N MET WE 54 -21.80 119.73 25.89
CA MET WE 54 -23.08 120.41 25.92
C MET WE 54 -23.85 120.03 24.67
N ASN WE 55 -25.04 119.46 24.86
CA ASN WE 55 -25.86 118.98 23.76
C ASN WE 55 -27.13 119.80 23.68
N PHE WE 56 -27.42 120.32 22.48
CA PHE WE 56 -28.65 121.06 22.22
C PHE WE 56 -29.47 120.26 21.23
N ALA WE 57 -30.72 119.98 21.58
CA ALA WE 57 -31.62 119.20 20.74
C ALA WE 57 -32.95 119.91 20.63
N LYS WE 58 -33.48 119.99 19.41
CA LYS WE 58 -34.76 120.61 19.17
C LYS WE 58 -35.45 119.91 18.00
N SER WE 59 -36.76 119.75 18.13
CA SER WE 59 -37.58 119.21 17.06
C SER WE 59 -38.02 120.31 16.11
N PHE WE 60 -38.05 119.99 14.81
CA PHE WE 60 -38.39 120.95 13.79
C PHE WE 60 -39.35 120.33 12.79
N PRO WE 61 -40.26 121.12 12.21
CA PRO WE 61 -41.11 120.59 11.14
C PRO WE 61 -40.29 120.23 9.90
N ASN WE 62 -40.40 118.98 9.48
CA ASN WE 62 -39.70 118.46 8.31
C ASN WE 62 -40.73 117.86 7.36
N GLY WE 63 -41.31 118.71 6.51
CA GLY WE 63 -42.35 118.27 5.62
C GLY WE 63 -43.55 117.70 6.36
N ASP WE 64 -43.72 116.38 6.28
CA ASP WE 64 -44.82 115.72 6.98
C ASP WE 64 -44.45 115.39 8.42
N LYS WE 65 -43.23 114.90 8.64
CA LYS WE 65 -42.81 114.45 9.96
C LYS WE 65 -42.03 115.57 10.65
N LYS WE 66 -41.44 115.25 11.82
CA LYS WE 66 -40.66 116.19 12.59
C LYS WE 66 -39.25 115.64 12.74
N SER WE 67 -38.26 116.46 12.40
CA SER WE 67 -36.85 116.06 12.47
C SER WE 67 -36.16 116.75 13.64
N LEU WE 68 -35.07 116.13 14.10
CA LEU WE 68 -34.34 116.59 15.27
C LEU WE 68 -33.04 117.25 14.82
N VAL WE 69 -32.85 118.51 15.21
CA VAL WE 69 -31.62 119.24 14.96
C VAL WE 69 -30.80 119.25 16.25
N VAL WE 70 -29.55 118.82 16.16
CA VAL WE 70 -28.69 118.65 17.32
C VAL WE 70 -27.43 119.50 17.14
N VAL WE 71 -27.11 120.29 18.15
CA VAL WE 71 -25.86 121.05 18.20
C VAL WE 71 -25.06 120.57 19.39
N ASN WE 72 -23.82 120.15 19.14
CA ASN WE 72 -22.94 119.65 20.17
C ASN WE 72 -21.79 120.62 20.41
N LEU WE 73 -21.37 120.70 21.67
CA LEU WE 73 -20.19 121.50 22.04
C LEU WE 73 -19.39 120.66 23.02
N THR WE 74 -18.23 120.16 22.58
CA THR WE 74 -17.39 119.30 23.39
C THR WE 74 -16.02 119.95 23.58
N ALA WE 75 -15.52 119.89 24.81
CA ALA WE 75 -14.20 120.42 25.15
C ALA WE 75 -13.36 119.30 25.74
N HIS WE 76 -12.07 119.30 25.41
CA HIS WE 76 -11.11 118.33 25.93
C HIS WE 76 -9.98 119.10 26.59
N VAL WE 77 -9.93 119.07 27.92
CA VAL WE 77 -8.91 119.79 28.67
C VAL WE 77 -8.05 118.78 29.43
N PRO WE 78 -6.80 118.57 29.02
CA PRO WE 78 -5.93 117.64 29.74
C PRO WE 78 -5.65 118.12 31.16
N VAL WE 79 -5.49 117.16 32.08
CA VAL WE 79 -5.23 117.50 33.47
C VAL WE 79 -3.82 118.04 33.61
N GLY WE 80 -3.68 119.14 34.34
CA GLY WE 80 -2.41 119.82 34.53
C GLY WE 80 -2.33 121.16 33.82
N VAL WE 81 -3.05 121.29 32.70
CA VAL WE 81 -3.12 122.58 32.01
C VAL WE 81 -3.80 123.59 32.92
N ASP WE 82 -3.24 124.80 32.97
CA ASP WE 82 -3.82 125.84 33.80
C ASP WE 82 -5.24 126.17 33.34
N ALA WE 83 -6.18 126.14 34.29
CA ALA WE 83 -7.58 126.32 33.93
C ALA WE 83 -7.88 127.76 33.51
N THR WE 84 -7.23 128.73 34.16
CA THR WE 84 -7.48 130.13 33.83
C THR WE 84 -7.04 130.45 32.40
N ALA WE 85 -5.93 129.87 31.95
CA ALA WE 85 -5.48 130.09 30.59
C ALA WE 85 -6.48 129.54 29.57
N VAL WE 86 -7.09 128.40 29.87
CA VAL WE 86 -8.08 127.83 28.97
C VAL WE 86 -9.33 128.69 28.92
N ARG WE 87 -9.71 129.27 30.06
CA ARG WE 87 -10.98 130.01 30.13
C ARG WE 87 -10.88 131.35 29.41
N THR WE 88 -9.70 131.99 29.43
CA THR WE 88 -9.54 133.22 28.66
C THR WE 88 -9.37 132.91 27.17
N TRP WE 89 -8.77 131.77 26.84
CA TRP WE 89 -8.71 131.35 25.44
C TRP WE 89 -10.10 131.10 24.88
N MET WE 90 -10.95 130.42 25.66
CA MET WE 90 -12.31 130.14 25.22
C MET WE 90 -13.13 131.40 25.06
N THR WE 91 -13.02 132.31 26.03
CA THR WE 91 -13.83 133.52 26.02
C THR WE 91 -13.43 134.46 24.89
N SER WE 92 -12.13 134.54 24.60
CA SER WE 92 -11.62 135.51 23.64
C SER WE 92 -11.42 134.94 22.24
N GLU WE 93 -11.06 133.67 22.12
CA GLU WE 93 -10.69 133.09 20.83
C GLU WE 93 -11.69 132.06 20.32
N VAL WE 94 -12.36 131.32 21.20
CA VAL WE 94 -13.24 130.25 20.74
C VAL WE 94 -14.68 130.76 20.63
N PHE WE 95 -15.19 131.38 21.69
CA PHE WE 95 -16.58 131.82 21.74
C PHE WE 95 -16.94 132.84 20.65
N PRO WE 96 -16.13 133.89 20.42
CA PRO WE 96 -16.48 134.82 19.33
C PRO WE 96 -16.51 134.15 17.97
N GLY WE 97 -15.63 133.19 17.71
CA GLY WE 97 -15.66 132.50 16.43
C GLY WE 97 -16.68 131.40 16.35
N ALA WE 98 -17.07 130.83 17.49
CA ALA WE 98 -18.04 129.75 17.50
C ALA WE 98 -19.48 130.22 17.36
N THR WE 99 -19.73 131.52 17.51
CA THR WE 99 -21.08 132.07 17.43
C THR WE 99 -21.23 133.07 16.29
N SER WE 100 -20.28 133.09 15.35
CA SER WE 100 -20.31 134.03 14.24
C SER WE 100 -21.18 133.47 13.12
N SER WE 101 -21.24 134.20 12.00
CA SER WE 101 -21.99 133.73 10.84
C SER WE 101 -21.33 132.51 10.20
N VAL WE 102 -20.06 132.25 10.50
CA VAL WE 102 -19.38 131.08 9.95
C VAL WE 102 -20.06 129.80 10.41
N THR WE 103 -20.44 129.74 11.68
CA THR WE 103 -21.14 128.57 12.19
C THR WE 103 -22.47 128.37 11.50
N LEU WE 104 -23.20 129.46 11.23
CA LEU WE 104 -24.52 129.35 10.61
C LEU WE 104 -24.41 128.80 9.19
N ASP WE 105 -23.45 129.28 8.40
CA ASP WE 105 -23.28 128.77 7.05
C ASP WE 105 -22.78 127.34 7.05
N LEU WE 106 -21.87 127.00 7.96
CA LEU WE 106 -21.37 125.63 8.05
C LEU WE 106 -22.47 124.66 8.43
N ALA WE 107 -23.35 125.05 9.36
CA ALA WE 107 -24.40 124.15 9.82
C ALA WE 107 -25.49 123.97 8.77
N THR WE 108 -25.86 125.02 8.05
CA THR WE 108 -26.97 124.95 7.12
C THR WE 108 -26.56 124.68 5.68
N LYS WE 109 -25.35 125.10 5.28
CA LYS WE 109 -24.91 124.94 3.91
C LYS WE 109 -23.59 124.20 3.75
N GLY WE 110 -22.88 123.89 4.84
CA GLY WE 110 -21.62 123.21 4.75
C GLY WE 110 -20.48 124.04 4.20
N VAL WE 111 -20.50 125.35 4.45
CA VAL WE 111 -19.48 126.25 3.91
C VAL WE 111 -18.23 126.13 4.76
N ILE WE 112 -17.10 125.80 4.13
CA ILE WE 112 -15.83 125.64 4.81
C ILE WE 112 -14.78 126.63 4.34
N HIS WE 113 -15.12 127.51 3.40
CA HIS WE 113 -14.22 128.56 2.91
C HIS WE 113 -14.80 129.91 3.30
N LEU WE 114 -14.17 130.58 4.26
CA LEU WE 114 -14.70 131.86 4.77
C LEU WE 114 -13.98 133.01 4.07
N SER WE 115 -14.18 133.12 2.77
CA SER WE 115 -13.57 134.17 1.98
C SER WE 115 -14.36 135.46 2.12
N ASP WE 116 -13.63 136.59 2.19
CA ASP WE 116 -12.17 136.64 2.20
C ASP WE 116 -11.68 137.59 3.29
N ALA WE 117 -12.54 138.52 3.68
CA ALA WE 117 -12.19 139.52 4.69
C ALA WE 117 -12.23 138.92 6.09
N LEU XE 1 5.28 111.76 -79.68
CA LEU XE 1 4.39 111.10 -78.73
C LEU XE 1 3.81 112.11 -77.74
N SER XE 2 2.49 112.17 -77.67
CA SER XE 2 1.82 113.09 -76.77
C SER XE 2 0.58 112.41 -76.17
N ILE XE 3 0.26 112.80 -74.94
CA ILE XE 3 -0.93 112.35 -74.23
C ILE XE 3 -1.64 113.62 -73.78
N GLY XE 4 -2.65 114.04 -74.53
CA GLY XE 4 -3.23 115.35 -74.31
C GLY XE 4 -2.28 116.43 -74.76
N THR XE 5 -1.80 117.25 -73.82
CA THR XE 5 -0.85 118.32 -74.13
C THR XE 5 0.54 118.04 -73.58
N LYS XE 6 0.80 116.84 -73.09
CA LYS XE 6 2.07 116.48 -72.48
C LYS XE 6 2.86 115.56 -73.40
N ASN XE 7 4.14 115.85 -73.57
CA ASN XE 7 5.03 115.02 -74.38
C ASN XE 7 5.57 113.88 -73.52
N VAL XE 8 5.52 112.66 -74.06
CA VAL XE 8 5.94 111.47 -73.34
C VAL XE 8 6.86 110.65 -74.24
N SER XE 9 7.50 109.66 -73.62
CA SER XE 9 8.34 108.71 -74.33
C SER XE 9 8.06 107.31 -73.80
N ILE XE 10 8.22 106.31 -74.65
CA ILE XE 10 8.04 104.93 -74.21
C ILE XE 10 9.08 104.62 -73.15
N TYR XE 11 8.63 104.09 -72.02
CA TYR XE 11 9.50 103.76 -70.90
C TYR XE 11 9.57 102.26 -70.61
N ARG XE 12 8.41 101.60 -70.48
CA ARG XE 12 8.37 100.17 -70.27
C ARG XE 12 7.30 99.56 -71.17
N ASN XE 13 7.67 98.51 -71.89
CA ASN XE 13 6.78 97.85 -72.84
C ASN XE 13 6.57 96.42 -72.41
N THR XE 14 5.32 96.03 -72.22
CA THR XE 14 4.96 94.64 -71.99
C THR XE 14 3.88 94.21 -72.97
N ALA XE 15 3.38 92.98 -72.84
CA ALA XE 15 2.41 92.47 -73.80
C ALA XE 15 1.12 93.27 -73.76
N ASP XE 16 0.63 93.60 -72.56
CA ASP XE 16 -0.66 94.27 -72.40
C ASP XE 16 -0.55 95.59 -71.67
N GLU XE 17 0.65 96.12 -71.46
CA GLU XE 17 0.80 97.39 -70.78
C GLU XE 17 2.02 98.13 -71.30
N VAL XE 18 1.86 99.41 -71.59
CA VAL XE 18 2.95 100.29 -71.97
C VAL XE 18 2.97 101.47 -70.99
N ILE XE 19 4.13 101.75 -70.42
CA ILE XE 19 4.33 102.88 -69.53
C ILE XE 19 5.06 103.98 -70.30
N TYR XE 20 4.54 105.19 -70.22
CA TYR XE 20 5.16 106.37 -70.84
C TYR XE 20 5.68 107.29 -69.74
N ALA XE 21 6.81 107.92 -70.00
CA ALA XE 21 7.48 108.77 -69.02
C ALA XE 21 7.34 110.23 -69.43
N GLY XE 22 6.96 111.07 -68.49
CA GLY XE 22 6.85 112.50 -68.71
C GLY XE 22 8.19 113.19 -68.61
N PRO XE 23 8.22 114.50 -68.89
CA PRO XE 23 9.49 115.23 -68.86
C PRO XE 23 10.14 115.30 -67.50
N ALA XE 24 9.39 115.11 -66.41
CA ALA XE 24 9.91 115.23 -65.06
C ALA XE 24 10.26 113.88 -64.44
N HIS XE 25 10.17 112.79 -65.19
CA HIS XE 25 10.42 111.47 -64.65
C HIS XE 25 11.92 111.18 -64.61
N ASP XE 26 12.42 110.82 -63.45
CA ASP XE 26 13.81 110.40 -63.29
C ASP XE 26 13.87 109.41 -62.12
N VAL XE 27 15.07 109.19 -61.60
CA VAL XE 27 15.30 108.23 -60.53
C VAL XE 27 14.58 108.68 -59.25
N THR XE 28 14.43 110.00 -59.08
CA THR XE 28 13.86 110.54 -57.85
C THR XE 28 12.40 110.94 -57.98
N ASN XE 29 11.96 111.41 -59.15
CA ASN XE 29 10.61 111.93 -59.33
C ASN XE 29 9.85 111.05 -60.30
N VAL XE 30 8.60 110.77 -59.98
CA VAL XE 30 7.73 109.94 -60.82
C VAL XE 30 6.84 110.86 -61.65
N ASP XE 31 6.85 110.65 -62.97
CA ASP XE 31 5.94 111.34 -63.89
C ASP XE 31 5.68 110.35 -65.03
N THR XE 32 4.62 109.55 -64.87
CA THR XE 32 4.33 108.48 -65.81
C THR XE 32 2.86 108.42 -66.14
N VAL XE 33 2.56 107.96 -67.35
CA VAL XE 33 1.21 107.61 -67.77
C VAL XE 33 1.28 106.19 -68.32
N SER XE 34 0.43 105.30 -67.81
CA SER XE 34 0.43 103.91 -68.18
C SER XE 34 -0.87 103.55 -68.89
N LEU XE 35 -0.76 102.80 -69.98
CA LEU XE 35 -1.91 102.31 -70.74
C LEU XE 35 -1.92 100.79 -70.63
N ARG XE 36 -3.03 100.25 -70.12
CA ARG XE 36 -3.16 98.82 -69.92
C ARG XE 36 -4.47 98.34 -70.53
N ARG XE 37 -4.44 97.14 -71.09
CA ARG XE 37 -5.62 96.54 -71.70
C ARG XE 37 -5.82 95.14 -71.16
N SER XE 38 -7.08 94.75 -71.02
CA SER XE 38 -7.48 93.39 -70.68
C SER XE 38 -8.40 92.91 -71.80
N LEU XE 39 -7.85 92.17 -72.74
CA LEU XE 39 -8.61 91.74 -73.90
C LEU XE 39 -9.70 90.76 -73.49
N PRO XE 40 -10.83 90.77 -74.18
CA PRO XE 40 -11.94 89.88 -73.79
C PRO XE 40 -11.57 88.42 -73.95
N VAL XE 41 -12.09 87.61 -73.03
CA VAL XE 41 -11.96 86.16 -73.08
C VAL XE 41 -13.35 85.61 -73.31
N LYS XE 42 -13.62 85.17 -74.54
CA LYS XE 42 -14.95 84.71 -74.94
C LYS XE 42 -15.12 83.25 -74.50
N LYS XE 43 -15.13 83.07 -73.19
CA LYS XE 43 -15.34 81.76 -72.59
C LYS XE 43 -16.81 81.36 -72.68
N GLY XE 44 -17.04 80.05 -72.78
CA GLY XE 44 -18.39 79.52 -72.90
C GLY XE 44 -19.18 80.17 -74.02
N SER XE 45 -20.26 80.88 -73.63
CA SER XE 45 -21.06 81.63 -74.58
C SER XE 45 -20.87 83.14 -74.46
N ASP XE 46 -20.51 83.64 -73.29
CA ASP XE 46 -20.30 85.07 -73.11
C ASP XE 46 -19.07 85.52 -73.88
N ASN XE 47 -19.17 86.67 -74.55
CA ASN XE 47 -18.09 87.18 -75.37
C ASN XE 47 -17.06 87.97 -74.56
N GLY XE 48 -17.24 88.10 -73.25
CA GLY XE 48 -16.27 88.76 -72.41
C GLY XE 48 -16.39 90.27 -72.44
N THR XE 49 -15.44 90.91 -71.75
CA THR XE 49 -15.42 92.35 -71.59
C THR XE 49 -14.06 92.89 -71.99
N MET XE 50 -14.06 94.03 -72.68
CA MET XE 50 -12.84 94.75 -72.99
C MET XE 50 -12.58 95.78 -71.90
N ARG XE 51 -11.46 95.64 -71.20
CA ARG XE 51 -11.10 96.51 -70.09
C ARG XE 51 -9.89 97.35 -70.45
N GLY XE 52 -10.08 98.66 -70.53
CA GLY XE 52 -8.97 99.57 -70.79
C GLY XE 52 -8.70 100.48 -69.62
N ASN XE 53 -7.48 100.41 -69.08
CA ASN XE 53 -7.10 101.17 -67.90
C ASN XE 53 -6.03 102.19 -68.25
N MET XE 54 -6.25 103.44 -67.87
CA MET XE 54 -5.31 104.52 -68.10
C MET XE 54 -4.85 105.07 -66.75
N ASN XE 55 -3.54 105.07 -66.53
CA ASN XE 55 -2.95 105.36 -65.22
C ASN XE 55 -2.16 106.66 -65.28
N PHE XE 56 -2.32 107.49 -64.25
CA PHE XE 56 -1.54 108.71 -64.09
C PHE XE 56 -0.88 108.68 -62.72
N ALA XE 57 0.45 108.80 -62.70
CA ALA XE 57 1.22 108.73 -61.46
C ALA XE 57 2.13 109.95 -61.37
N LYS XE 58 2.19 110.56 -60.20
CA LYS XE 58 3.02 111.73 -59.97
C LYS XE 58 3.45 111.79 -58.51
N SER XE 59 4.75 111.91 -58.29
CA SER XE 59 5.26 112.07 -56.94
C SER XE 59 5.08 113.51 -56.46
N PHE XE 60 4.72 113.65 -55.20
CA PHE XE 60 4.44 114.95 -54.61
C PHE XE 60 5.20 115.08 -53.29
N PRO XE 61 5.58 116.29 -52.91
CA PRO XE 61 6.20 116.49 -51.59
C PRO XE 61 5.19 116.25 -50.48
N ASN XE 62 5.59 115.44 -49.49
CA ASN XE 62 4.74 115.11 -48.35
C ASN XE 62 5.64 115.17 -47.12
N GLY XE 63 5.73 116.35 -46.51
CA GLY XE 63 6.65 116.53 -45.42
C GLY XE 63 8.08 116.37 -45.90
N ASP XE 64 8.84 115.53 -45.22
CA ASP XE 64 10.22 115.24 -45.62
C ASP XE 64 10.30 114.18 -46.72
N LYS XE 65 9.32 113.30 -46.81
CA LYS XE 65 9.32 112.21 -47.78
C LYS XE 65 8.58 112.64 -49.05
N LYS XE 66 8.37 111.69 -49.95
CA LYS XE 66 7.61 111.91 -51.16
C LYS XE 66 6.46 110.91 -51.22
N SER XE 67 5.34 111.35 -51.79
CA SER XE 67 4.14 110.54 -51.87
C SER XE 67 3.66 110.45 -53.31
N LEU XE 68 3.13 109.29 -53.68
CA LEU XE 68 2.65 109.06 -55.04
C LEU XE 68 1.14 109.30 -55.09
N VAL XE 69 0.72 110.19 -55.98
CA VAL XE 69 -0.69 110.40 -56.27
C VAL XE 69 -1.01 109.70 -57.58
N VAL XE 70 -2.03 108.84 -57.55
CA VAL XE 70 -2.38 108.01 -58.70
C VAL XE 70 -3.83 108.32 -59.08
N VAL XE 71 -4.06 108.55 -60.37
CA VAL XE 71 -5.40 108.74 -60.92
C VAL XE 71 -5.64 107.63 -61.95
N ASN XE 72 -6.73 106.90 -61.77
CA ASN XE 72 -7.09 105.78 -62.63
C ASN XE 72 -8.36 106.10 -63.41
N LEU XE 73 -8.35 105.75 -64.69
CA LEU XE 73 -9.53 105.88 -65.54
C LEU XE 73 -9.69 104.56 -66.31
N THR XE 74 -10.72 103.80 -65.96
CA THR XE 74 -10.92 102.46 -66.51
C THR XE 74 -12.27 102.36 -67.20
N ALA XE 75 -12.29 101.75 -68.37
CA ALA XE 75 -13.52 101.52 -69.13
C ALA XE 75 -13.81 100.03 -69.17
N HIS XE 76 -15.08 99.68 -69.01
CA HIS XE 76 -15.54 98.29 -69.07
C HIS XE 76 -16.62 98.21 -70.15
N VAL XE 77 -16.23 97.81 -71.36
CA VAL XE 77 -17.13 97.75 -72.50
C VAL XE 77 -17.36 96.28 -72.84
N PRO XE 78 -18.55 95.73 -72.60
CA PRO XE 78 -18.84 94.34 -72.99
C PRO XE 78 -18.82 94.19 -74.51
N VAL XE 79 -18.43 93.00 -74.96
CA VAL XE 79 -18.31 92.74 -76.39
C VAL XE 79 -19.69 92.60 -77.00
N GLY XE 80 -19.90 93.27 -78.14
CA GLY XE 80 -21.18 93.33 -78.81
C GLY XE 80 -21.81 94.70 -78.79
N VAL XE 81 -21.45 95.51 -77.79
CA VAL XE 81 -21.94 96.89 -77.72
C VAL XE 81 -21.31 97.70 -78.82
N ASP XE 82 -22.11 98.54 -79.48
CA ASP XE 82 -21.62 99.39 -80.55
C ASP XE 82 -20.54 100.33 -80.03
N ALA XE 83 -19.36 100.27 -80.66
CA ALA XE 83 -18.25 101.12 -80.24
C ALA XE 83 -18.56 102.59 -80.46
N THR XE 84 -19.21 102.92 -81.59
CA THR XE 84 -19.56 104.31 -81.86
C THR XE 84 -20.52 104.86 -80.83
N ALA XE 85 -21.48 104.04 -80.39
CA ALA XE 85 -22.42 104.49 -79.36
C ALA XE 85 -21.70 104.74 -78.03
N VAL XE 86 -20.74 103.88 -77.69
CA VAL XE 86 -19.99 104.06 -76.45
C VAL XE 86 -19.12 105.31 -76.51
N ARG XE 87 -18.47 105.54 -77.65
CA ARG XE 87 -17.61 106.71 -77.78
C ARG XE 87 -18.40 108.01 -77.69
N THR XE 88 -19.60 108.04 -78.26
CA THR XE 88 -20.45 109.21 -78.13
C THR XE 88 -20.89 109.44 -76.69
N TRP XE 89 -21.19 108.36 -75.98
CA TRP XE 89 -21.56 108.50 -74.57
C TRP XE 89 -20.40 108.99 -73.74
N MET XE 90 -19.20 108.46 -73.98
CA MET XE 90 -18.03 108.87 -73.21
C MET XE 90 -17.67 110.33 -73.46
N THR XE 91 -17.79 110.77 -74.71
CA THR XE 91 -17.40 112.13 -75.07
C THR XE 91 -18.39 113.17 -74.53
N SER XE 92 -19.69 112.89 -74.63
CA SER XE 92 -20.70 113.88 -74.28
C SER XE 92 -21.17 113.78 -72.83
N GLU XE 93 -20.98 112.65 -72.17
CA GLU XE 93 -21.48 112.46 -70.81
C GLU XE 93 -20.39 112.22 -69.79
N VAL XE 94 -19.46 111.30 -70.06
CA VAL XE 94 -18.46 110.94 -69.06
C VAL XE 94 -17.35 111.99 -69.02
N PHE XE 95 -16.83 112.37 -70.18
CA PHE XE 95 -15.69 113.29 -70.22
C PHE XE 95 -15.98 114.65 -69.59
N PRO XE 96 -17.09 115.33 -69.88
CA PRO XE 96 -17.35 116.60 -69.18
C PRO XE 96 -17.52 116.43 -67.69
N GLY XE 97 -18.11 115.32 -67.23
CA GLY XE 97 -18.32 115.13 -65.81
C GLY XE 97 -17.08 114.69 -65.06
N ALA XE 98 -16.18 113.98 -65.74
CA ALA XE 98 -14.96 113.49 -65.12
C ALA XE 98 -13.86 114.54 -65.07
N THR XE 99 -14.08 115.72 -65.66
CA THR XE 99 -13.10 116.80 -65.64
C THR XE 99 -13.66 118.06 -64.99
N SER XE 100 -14.75 117.94 -64.25
CA SER XE 100 -15.35 119.08 -63.57
C SER XE 100 -14.76 119.25 -62.19
N SER XE 101 -15.22 120.27 -61.46
CA SER XE 101 -14.81 120.46 -60.08
C SER XE 101 -15.30 119.33 -59.19
N VAL XE 102 -16.30 118.58 -59.63
CA VAL XE 102 -16.79 117.44 -58.85
C VAL XE 102 -15.67 116.41 -58.67
N THR XE 103 -14.94 116.12 -59.75
CA THR XE 103 -13.81 115.21 -59.65
C THR XE 103 -12.72 115.78 -58.76
N LEU XE 104 -12.43 117.07 -58.91
CA LEU XE 104 -11.40 117.70 -58.09
C LEU XE 104 -11.76 117.69 -56.61
N ASP XE 105 -13.03 117.94 -56.29
CA ASP XE 105 -13.45 117.96 -54.89
C ASP XE 105 -13.45 116.57 -54.29
N LEU XE 106 -13.85 115.56 -55.08
CA LEU XE 106 -13.86 114.19 -54.56
C LEU XE 106 -12.45 113.68 -54.31
N ALA XE 107 -11.52 113.99 -55.20
CA ALA XE 107 -10.16 113.47 -55.08
C ALA XE 107 -9.42 114.11 -53.91
N THR XE 108 -9.53 115.42 -53.74
CA THR XE 108 -8.72 116.14 -52.77
C THR XE 108 -9.47 116.46 -51.47
N LYS XE 109 -10.79 116.37 -51.46
CA LYS XE 109 -11.56 116.65 -50.26
C LYS XE 109 -12.52 115.54 -49.87
N GLY XE 110 -12.70 114.52 -50.72
CA GLY XE 110 -13.65 113.47 -50.43
C GLY XE 110 -15.09 113.93 -50.41
N VAL XE 111 -15.46 114.83 -51.31
CA VAL XE 111 -16.82 115.37 -51.35
C VAL XE 111 -17.67 114.49 -52.27
N ILE XE 112 -18.72 113.90 -51.72
CA ILE XE 112 -19.64 113.05 -52.46
C ILE XE 112 -21.02 113.67 -52.60
N HIS XE 113 -21.23 114.88 -52.08
CA HIS XE 113 -22.49 115.60 -52.20
C HIS XE 113 -22.24 116.85 -53.04
N LEU XE 114 -22.76 116.87 -54.27
CA LEU XE 114 -22.56 118.02 -55.15
C LEU XE 114 -23.77 118.94 -55.07
N SER XE 115 -23.94 119.56 -53.91
CA SER XE 115 -24.99 120.55 -53.72
C SER XE 115 -24.53 121.91 -54.27
N ASP XE 116 -25.49 122.70 -54.72
CA ASP XE 116 -26.92 122.41 -54.85
C ASP XE 116 -27.45 122.94 -56.19
N ALA XE 117 -26.65 123.78 -56.84
CA ALA XE 117 -27.04 124.42 -58.09
C ALA XE 117 -27.37 123.40 -59.18
N LEU YE 1 -29.02 120.46 -59.69
CA LEU YE 1 -28.09 119.38 -59.40
C LEU YE 1 -27.55 118.79 -60.69
N SER YE 2 -26.28 119.07 -60.99
CA SER YE 2 -25.69 118.65 -62.25
C SER YE 2 -24.27 118.16 -62.02
N ILE YE 3 -23.88 117.16 -62.79
CA ILE YE 3 -22.51 116.68 -62.86
C ILE YE 3 -22.05 116.87 -64.30
N GLY YE 4 -21.07 117.73 -64.50
CA GLY YE 4 -20.67 118.11 -65.85
C GLY YE 4 -21.80 118.83 -66.56
N THR YE 5 -22.23 118.30 -67.70
CA THR YE 5 -23.36 118.85 -68.44
C THR YE 5 -24.65 118.07 -68.21
N LYS YE 6 -24.61 117.02 -67.39
CA LYS YE 6 -25.77 116.16 -67.18
C LYS YE 6 -26.43 116.52 -65.85
N ASN YE 7 -27.72 116.88 -65.93
CA ASN YE 7 -28.51 117.07 -64.71
C ASN YE 7 -28.83 115.73 -64.08
N VAL YE 8 -28.69 115.64 -62.77
CA VAL YE 8 -28.92 114.40 -62.02
C VAL YE 8 -29.74 114.71 -60.79
N SER YE 9 -30.24 113.66 -60.16
CA SER YE 9 -30.95 113.75 -58.90
C SER YE 9 -30.42 112.68 -57.96
N ILE YE 10 -30.57 112.91 -56.66
CA ILE YE 10 -30.12 111.94 -55.67
C ILE YE 10 -30.96 110.69 -55.78
N TYR YE 11 -30.31 109.55 -55.94
CA TYR YE 11 -30.98 108.26 -56.07
C TYR YE 11 -30.82 107.40 -54.82
N ARG YE 12 -29.59 107.21 -54.34
CA ARG YE 12 -29.34 106.47 -53.12
C ARG YE 12 -28.21 107.17 -52.38
N ASN YE 13 -28.28 107.13 -51.05
CA ASN YE 13 -27.39 107.91 -50.20
C ASN YE 13 -26.96 107.04 -49.01
N THR YE 14 -25.71 106.60 -49.01
CA THR YE 14 -25.11 105.91 -47.89
C THR YE 14 -24.05 106.83 -47.25
N ALA YE 15 -23.35 106.30 -46.26
CA ALA YE 15 -22.38 107.11 -45.51
C ALA YE 15 -21.24 107.59 -46.39
N ASP YE 16 -20.69 106.71 -47.22
CA ASP YE 16 -19.52 107.02 -48.03
C ASP YE 16 -19.78 106.92 -49.53
N GLU YE 17 -21.02 106.68 -49.95
CA GLU YE 17 -21.35 106.64 -51.37
C GLU YE 17 -22.71 107.29 -51.59
N VAL YE 18 -22.78 108.15 -52.60
CA VAL YE 18 -24.03 108.72 -53.06
C VAL YE 18 -24.20 108.38 -54.53
N ILE YE 19 -25.30 107.74 -54.88
CA ILE YE 19 -25.60 107.39 -56.26
C ILE YE 19 -26.58 108.41 -56.81
N TYR YE 20 -26.24 109.00 -57.96
CA TYR YE 20 -27.09 109.94 -58.63
C TYR YE 20 -27.64 109.33 -59.92
N ALA YE 21 -28.87 109.68 -60.25
CA ALA YE 21 -29.56 109.10 -61.39
C ALA YE 21 -29.72 110.15 -62.49
N GLY YE 22 -29.41 109.76 -63.72
CA GLY YE 22 -29.62 110.62 -64.86
C GLY YE 22 -31.10 110.72 -65.19
N PRO YE 23 -31.44 111.64 -66.10
CA PRO YE 23 -32.86 111.81 -66.45
C PRO YE 23 -33.49 110.56 -67.03
N ALA YE 24 -32.71 109.74 -67.74
CA ALA YE 24 -33.22 108.53 -68.37
C ALA YE 24 -33.26 107.33 -67.43
N HIS YE 25 -32.64 107.42 -66.25
CA HIS YE 25 -32.55 106.27 -65.37
C HIS YE 25 -33.95 105.80 -64.95
N ASP YE 26 -34.14 104.48 -65.00
CA ASP YE 26 -35.41 103.88 -64.63
C ASP YE 26 -35.15 102.45 -64.15
N VAL YE 27 -36.23 101.67 -64.02
CA VAL YE 27 -36.11 100.30 -63.50
C VAL YE 27 -35.45 99.35 -64.48
N THR YE 28 -35.44 99.67 -65.78
CA THR YE 28 -34.82 98.82 -66.78
C THR YE 28 -33.64 99.44 -67.50
N ASN YE 29 -33.50 100.76 -67.48
CA ASN YE 29 -32.36 101.46 -68.08
C ASN YE 29 -31.52 102.05 -66.96
N VAL YE 30 -30.23 101.72 -66.95
CA VAL YE 30 -29.32 102.24 -65.94
C VAL YE 30 -28.63 103.49 -66.50
N ASP YE 31 -28.78 104.61 -65.80
CA ASP YE 31 -28.07 105.84 -66.12
C ASP YE 31 -27.74 106.50 -64.78
N THR YE 32 -26.57 106.17 -64.23
CA THR YE 32 -26.20 106.60 -62.89
C THR YE 32 -24.77 107.07 -62.84
N VAL YE 33 -24.52 108.05 -61.98
CA VAL YE 33 -23.18 108.51 -61.63
C VAL YE 33 -23.00 108.31 -60.14
N SER YE 34 -22.06 107.46 -59.76
CA SER YE 34 -21.80 107.19 -58.35
C SER YE 34 -20.57 107.96 -57.89
N LEU YE 35 -20.65 108.52 -56.69
CA LEU YE 35 -19.50 109.13 -56.02
C LEU YE 35 -19.24 108.36 -54.74
N ARG YE 36 -18.11 107.68 -54.69
CA ARG YE 36 -17.72 106.85 -53.57
C ARG YE 36 -16.37 107.31 -53.04
N ARG YE 37 -16.20 107.22 -51.73
CA ARG YE 37 -14.96 107.63 -51.10
C ARG YE 37 -14.54 106.58 -50.07
N SER YE 38 -13.23 106.45 -49.90
CA SER YE 38 -12.65 105.66 -48.82
C SER YE 38 -11.80 106.59 -47.98
N LEU YE 39 -12.25 106.86 -46.77
CA LEU YE 39 -11.57 107.83 -45.93
C LEU YE 39 -10.23 107.29 -45.45
N PRO YE 40 -9.24 108.17 -45.27
CA PRO YE 40 -7.91 107.72 -44.85
C PRO YE 40 -7.95 107.04 -43.49
N VAL YE 41 -7.27 105.90 -43.40
CA VAL YE 41 -7.17 105.14 -42.15
C VAL YE 41 -5.74 105.28 -41.64
N LYS YE 42 -5.58 105.90 -40.48
CA LYS YE 42 -4.27 106.12 -39.89
C LYS YE 42 -3.83 104.78 -39.31
N LYS YE 43 -2.82 104.18 -39.93
CA LYS YE 43 -2.25 102.92 -39.48
C LYS YE 43 -0.74 103.08 -39.34
N GLY YE 44 -0.23 102.85 -38.14
CA GLY YE 44 1.21 102.99 -37.91
C GLY YE 44 1.65 104.42 -38.13
N SER YE 45 2.83 104.57 -38.74
CA SER YE 45 3.35 105.90 -39.06
C SER YE 45 2.73 106.49 -40.31
N ASP YE 46 2.00 105.69 -41.09
CA ASP YE 46 1.35 106.18 -42.30
C ASP YE 46 0.01 106.80 -41.93
N ASN YE 47 -0.22 108.02 -42.42
CA ASN YE 47 -1.46 108.74 -42.13
C ASN YE 47 -2.64 108.26 -42.97
N GLY YE 48 -2.40 107.39 -43.94
CA GLY YE 48 -3.47 106.86 -44.76
C GLY YE 48 -3.54 107.53 -46.13
N THR YE 49 -4.58 107.15 -46.86
CA THR YE 49 -4.78 107.62 -48.22
C THR YE 49 -6.27 107.80 -48.47
N MET YE 50 -6.65 108.93 -49.04
CA MET YE 50 -8.03 109.16 -49.45
C MET YE 50 -8.25 108.62 -50.85
N ARG YE 51 -9.23 107.74 -51.00
CA ARG YE 51 -9.61 107.19 -52.30
C ARG YE 51 -10.94 107.78 -52.71
N GLY YE 52 -10.99 108.32 -53.93
CA GLY YE 52 -12.24 108.85 -54.45
C GLY YE 52 -12.59 108.22 -55.79
N ASN YE 53 -13.69 107.47 -55.81
CA ASN YE 53 -14.12 106.76 -57.01
C ASN YE 53 -15.33 107.45 -57.62
N MET YE 54 -15.25 107.71 -58.92
CA MET YE 54 -16.34 108.30 -59.68
C MET YE 54 -16.78 107.30 -60.74
N ASN YE 55 -17.97 106.74 -60.57
CA ASN YE 55 -18.44 105.63 -61.38
C ASN YE 55 -19.53 106.11 -62.35
N PHE YE 56 -19.35 105.80 -63.62
CA PHE YE 56 -20.34 106.07 -64.65
C PHE YE 56 -20.88 104.74 -65.15
N ALA YE 57 -22.20 104.57 -65.09
CA ALA YE 57 -22.86 103.35 -65.54
C ALA YE 57 -23.92 103.70 -66.57
N LYS YE 58 -24.00 102.91 -67.63
CA LYS YE 58 -24.99 103.13 -68.68
C LYS YE 58 -25.36 101.80 -69.31
N SER YE 59 -26.65 101.60 -69.55
CA SER YE 59 -27.15 100.42 -70.24
C SER YE 59 -27.07 100.64 -71.74
N PHE YE 60 -26.64 99.62 -72.47
CA PHE YE 60 -26.47 99.70 -73.90
C PHE YE 60 -27.08 98.49 -74.57
N PRO YE 61 -27.66 98.66 -75.77
CA PRO YE 61 -28.13 97.49 -76.53
C PRO YE 61 -26.95 96.63 -76.97
N ASN YE 62 -26.99 95.36 -76.56
CA ASN YE 62 -25.98 94.37 -76.93
C ASN YE 62 -26.71 93.23 -77.62
N GLY YE 63 -26.90 93.36 -78.92
CA GLY YE 63 -27.68 92.39 -79.66
C GLY YE 63 -29.14 92.38 -79.24
N ASP YE 64 -29.57 91.31 -78.57
CA ASP YE 64 -30.93 91.21 -78.08
C ASP YE 64 -31.08 91.68 -76.65
N LYS YE 65 -30.05 91.51 -75.83
CA LYS YE 65 -30.09 91.88 -74.42
C LYS YE 65 -29.48 93.27 -74.23
N LYS YE 66 -29.30 93.65 -72.97
CA LYS YE 66 -28.67 94.93 -72.63
C LYS YE 66 -27.42 94.67 -71.81
N SER YE 67 -26.36 95.41 -72.12
CA SER YE 67 -25.09 95.30 -71.42
C SER YE 67 -24.80 96.62 -70.69
N LEU YE 68 -24.11 96.50 -69.56
CA LEU YE 68 -23.76 97.66 -68.75
C LEU YE 68 -22.34 98.09 -69.07
N VAL YE 69 -22.19 99.31 -69.58
CA VAL YE 69 -20.88 99.91 -69.81
C VAL YE 69 -20.53 100.78 -68.62
N VAL YE 70 -19.36 100.53 -68.03
CA VAL YE 70 -18.93 101.19 -66.81
C VAL YE 70 -17.63 101.91 -67.04
N VAL YE 71 -17.57 103.17 -66.63
CA VAL YE 71 -16.34 103.95 -66.63
C VAL YE 71 -16.06 104.39 -65.20
N ASN YE 72 -14.88 104.07 -64.70
CA ASN YE 72 -14.47 104.40 -63.35
C ASN YE 72 -13.32 105.42 -63.38
N LEU YE 73 -13.44 106.44 -62.54
CA LEU YE 73 -12.36 107.40 -62.32
C LEU YE 73 -12.01 107.36 -60.83
N THR YE 74 -10.79 106.94 -60.52
CA THR YE 74 -10.34 106.75 -59.16
C THR YE 74 -9.07 107.54 -58.92
N ALA YE 75 -8.98 108.19 -57.76
CA ALA YE 75 -7.81 108.93 -57.34
C ALA YE 75 -7.35 108.42 -55.98
N HIS YE 76 -6.03 108.35 -55.79
CA HIS YE 76 -5.43 107.94 -54.54
C HIS YE 76 -4.49 109.05 -54.08
N VAL YE 77 -4.95 109.84 -53.11
CA VAL YE 77 -4.21 110.99 -52.62
C VAL YE 77 -3.76 110.70 -51.19
N PRO YE 78 -2.47 110.51 -50.93
CA PRO YE 78 -2.02 110.28 -49.56
C PRO YE 78 -2.18 111.52 -48.69
N VAL YE 79 -2.41 111.29 -47.39
CA VAL YE 79 -2.55 112.39 -46.46
C VAL YE 79 -1.19 113.07 -46.27
N GLY YE 80 -1.19 114.39 -46.28
CA GLY YE 80 0.01 115.20 -46.12
C GLY YE 80 0.42 115.93 -47.37
N VAL YE 81 -0.14 115.59 -48.51
CA VAL YE 81 0.15 116.27 -49.76
C VAL YE 81 -0.66 117.55 -49.84
N ASP YE 82 -0.10 118.58 -50.48
CA ASP YE 82 -0.83 119.82 -50.68
C ASP YE 82 -1.95 119.62 -51.68
N ALA YE 83 -3.18 119.94 -51.26
CA ALA YE 83 -4.34 119.69 -52.11
C ALA YE 83 -4.34 120.61 -53.33
N THR YE 84 -3.85 121.84 -53.18
CA THR YE 84 -3.80 122.76 -54.32
C THR YE 84 -2.86 122.25 -55.40
N ALA YE 85 -1.72 121.68 -55.00
CA ALA YE 85 -0.78 121.15 -55.97
C ALA YE 85 -1.39 119.99 -56.76
N VAL YE 86 -2.13 119.11 -56.07
CA VAL YE 86 -2.74 117.98 -56.75
C VAL YE 86 -3.83 118.44 -57.71
N ARG YE 87 -4.62 119.43 -57.31
CA ARG YE 87 -5.68 119.94 -58.18
C ARG YE 87 -5.09 120.58 -59.44
N THR YE 88 -3.99 121.30 -59.31
CA THR YE 88 -3.34 121.91 -60.47
C THR YE 88 -2.78 120.83 -61.40
N TRP YE 89 -2.20 119.77 -60.84
CA TRP YE 89 -1.70 118.68 -61.66
C TRP YE 89 -2.83 117.94 -62.36
N MET YE 90 -3.93 117.67 -61.64
CA MET YE 90 -5.06 116.97 -62.25
C MET YE 90 -5.69 117.78 -63.37
N THR YE 91 -5.79 119.10 -63.20
CA THR YE 91 -6.42 119.94 -64.21
C THR YE 91 -5.57 120.04 -65.48
N SER YE 92 -4.27 120.23 -65.33
CA SER YE 92 -3.41 120.54 -66.48
C SER YE 92 -2.82 119.29 -67.13
N GLU YE 93 -2.66 118.20 -66.41
CA GLU YE 93 -1.97 117.04 -66.94
C GLU YE 93 -2.83 115.78 -67.01
N VAL YE 94 -3.71 115.57 -66.04
CA VAL YE 94 -4.53 114.37 -66.03
C VAL YE 94 -5.76 114.55 -66.92
N PHE YE 95 -6.49 115.65 -66.71
CA PHE YE 95 -7.75 115.85 -67.42
C PHE YE 95 -7.59 115.92 -68.94
N PRO YE 96 -6.66 116.69 -69.51
CA PRO YE 96 -6.54 116.69 -70.98
C PRO YE 96 -6.23 115.33 -71.58
N GLY YE 97 -5.40 114.52 -70.92
CA GLY YE 97 -5.07 113.21 -71.44
C GLY YE 97 -6.14 112.17 -71.21
N ALA YE 98 -6.90 112.30 -70.13
CA ALA YE 98 -7.94 111.32 -69.82
C ALA YE 98 -9.14 111.45 -70.74
N THR YE 99 -9.38 112.64 -71.31
CA THR YE 99 -10.51 112.87 -72.19
C THR YE 99 -10.07 113.10 -73.64
N SER YE 100 -9.01 112.43 -74.06
CA SER YE 100 -8.49 112.55 -75.41
C SER YE 100 -8.89 111.32 -76.23
N SER YE 101 -8.41 111.28 -77.47
CA SER YE 101 -8.67 110.13 -78.32
C SER YE 101 -7.96 108.87 -77.84
N VAL YE 102 -6.94 109.02 -77.01
CA VAL YE 102 -6.23 107.86 -76.47
C VAL YE 102 -7.17 107.02 -75.62
N THR YE 103 -7.99 107.66 -74.80
CA THR YE 103 -8.94 106.93 -73.96
C THR YE 103 -9.96 106.19 -74.81
N LEU YE 104 -10.48 106.84 -75.85
CA LEU YE 104 -11.46 106.21 -76.72
C LEU YE 104 -10.85 105.03 -77.48
N ASP YE 105 -9.64 105.19 -78.00
CA ASP YE 105 -9.01 104.11 -78.74
C ASP YE 105 -8.66 102.93 -77.85
N LEU YE 106 -8.28 103.20 -76.60
CA LEU YE 106 -8.01 102.12 -75.66
C LEU YE 106 -9.28 101.36 -75.30
N ALA YE 107 -10.40 102.09 -75.16
CA ALA YE 107 -11.64 101.45 -74.73
C ALA YE 107 -12.22 100.55 -75.82
N THR YE 108 -12.26 101.04 -77.07
CA THR YE 108 -12.95 100.35 -78.15
C THR YE 108 -12.02 99.59 -79.07
N LYS YE 109 -10.71 99.78 -78.96
CA LYS YE 109 -9.77 99.06 -79.82
C LYS YE 109 -8.63 98.38 -79.06
N GLY YE 110 -8.46 98.63 -77.77
CA GLY YE 110 -7.35 98.06 -77.05
C GLY YE 110 -5.99 98.58 -77.50
N VAL YE 111 -5.90 99.84 -77.87
CA VAL YE 111 -4.64 100.41 -78.33
C VAL YE 111 -3.86 100.93 -77.13
N ILE YE 112 -2.68 100.34 -76.90
CA ILE YE 112 -1.78 100.77 -75.84
C ILE YE 112 -0.49 101.37 -76.36
N HIS YE 113 -0.18 101.18 -77.63
CA HIS YE 113 1.01 101.76 -78.25
C HIS YE 113 0.61 103.04 -78.97
N LEU YE 114 1.18 104.16 -78.54
CA LEU YE 114 0.81 105.47 -79.07
C LEU YE 114 1.62 105.76 -80.33
N SER YE 115 1.08 106.65 -81.15
CA SER YE 115 1.72 107.06 -82.40
C SER YE 115 1.16 108.41 -82.84
N ASP YE 116 1.98 109.17 -83.57
CA ASP YE 116 3.41 108.97 -83.79
C ASP YE 116 4.14 110.30 -83.70
N ALA YE 117 3.38 111.39 -83.73
CA ALA YE 117 3.96 112.73 -83.72
C ALA YE 117 3.83 113.40 -82.36
N LEU ZE 1 -73.79 102.31 -55.47
CA LEU ZE 1 -72.64 101.95 -54.65
C LEU ZE 1 -71.37 102.61 -55.22
N SER ZE 2 -70.81 103.56 -54.49
CA SER ZE 2 -69.70 104.35 -54.98
C SER ZE 2 -68.56 104.36 -53.97
N ILE ZE 3 -67.34 104.25 -54.47
CA ILE ZE 3 -66.13 104.49 -53.69
C ILE ZE 3 -65.34 105.54 -54.46
N GLY ZE 4 -65.53 106.80 -54.11
CA GLY ZE 4 -65.00 107.89 -54.90
C GLY ZE 4 -65.88 108.20 -56.08
N THR ZE 5 -65.32 108.15 -57.29
CA THR ZE 5 -66.10 108.29 -58.52
C THR ZE 5 -66.37 106.95 -59.19
N LYS ZE 6 -66.02 105.84 -58.55
CA LYS ZE 6 -66.13 104.51 -59.13
C LYS ZE 6 -67.42 103.85 -58.65
N ASN ZE 7 -68.17 103.29 -59.59
CA ASN ZE 7 -69.36 102.51 -59.27
C ASN ZE 7 -68.97 101.05 -59.09
N VAL ZE 8 -69.17 100.51 -57.89
CA VAL ZE 8 -68.75 99.17 -57.56
C VAL ZE 8 -69.98 98.36 -57.13
N SER ZE 9 -69.78 97.04 -57.04
CA SER ZE 9 -70.81 96.13 -56.55
C SER ZE 9 -70.16 95.15 -55.58
N ILE ZE 10 -70.97 94.60 -54.68
CA ILE ZE 10 -70.46 93.61 -53.73
C ILE ZE 10 -70.05 92.36 -54.48
N TYR ZE 11 -68.85 91.88 -54.21
CA TYR ZE 11 -68.30 90.70 -54.84
C TYR ZE 11 -68.01 89.57 -53.86
N ARG ZE 12 -67.54 89.90 -52.67
CA ARG ZE 12 -67.30 88.90 -51.62
C ARG ZE 12 -67.57 89.56 -50.28
N ASN ZE 13 -68.28 88.86 -49.40
CA ASN ZE 13 -68.71 89.41 -48.13
C ASN ZE 13 -68.34 88.43 -47.03
N THR ZE 14 -67.34 88.79 -46.24
CA THR ZE 14 -66.91 88.00 -45.08
C THR ZE 14 -67.11 88.82 -43.82
N ALA ZE 15 -66.71 88.24 -42.68
CA ALA ZE 15 -66.92 88.87 -41.39
C ALA ZE 15 -66.18 90.21 -41.30
N ASP ZE 16 -64.95 90.26 -41.78
CA ASP ZE 16 -64.10 91.43 -41.58
C ASP ZE 16 -63.54 91.97 -42.89
N GLU ZE 17 -64.10 91.58 -44.03
CA GLU ZE 17 -63.61 92.04 -45.31
C GLU ZE 17 -64.72 91.96 -46.34
N VAL ZE 18 -64.96 93.05 -47.05
CA VAL ZE 18 -65.90 93.10 -48.17
C VAL ZE 18 -65.12 93.55 -49.39
N ILE ZE 19 -65.16 92.76 -50.45
CA ILE ZE 19 -64.50 93.08 -51.71
C ILE ZE 19 -65.53 93.66 -52.66
N TYR ZE 20 -65.24 94.83 -53.22
CA TYR ZE 20 -66.09 95.47 -54.20
C TYR ZE 20 -65.41 95.44 -55.57
N ALA ZE 21 -66.18 95.08 -56.60
CA ALA ZE 21 -65.65 94.92 -57.94
C ALA ZE 21 -66.08 96.08 -58.83
N GLY ZE 22 -65.13 96.59 -59.59
CA GLY ZE 22 -65.40 97.66 -60.52
C GLY ZE 22 -66.00 97.15 -61.82
N PRO ZE 23 -66.33 98.07 -62.72
CA PRO ZE 23 -66.94 97.66 -63.99
C PRO ZE 23 -66.05 96.77 -64.85
N ALA ZE 24 -64.73 96.85 -64.68
CA ALA ZE 24 -63.78 96.10 -65.49
C ALA ZE 24 -63.34 94.80 -64.83
N HIS ZE 25 -64.01 94.38 -63.76
CA HIS ZE 25 -63.67 93.15 -63.06
C HIS ZE 25 -64.42 91.97 -63.65
N ASP ZE 26 -63.70 90.87 -63.84
CA ASP ZE 26 -64.28 89.64 -64.36
C ASP ZE 26 -63.38 88.48 -63.93
N VAL ZE 27 -63.57 87.31 -64.55
CA VAL ZE 27 -62.80 86.13 -64.18
C VAL ZE 27 -61.32 86.28 -64.50
N THR ZE 28 -60.96 86.92 -65.60
CA THR ZE 28 -59.57 87.02 -66.02
C THR ZE 28 -58.89 88.35 -65.70
N ASN ZE 29 -59.65 89.38 -65.37
CA ASN ZE 29 -59.09 90.69 -65.05
C ASN ZE 29 -59.50 91.09 -63.64
N VAL ZE 30 -58.60 91.84 -62.97
CA VAL ZE 30 -58.81 92.25 -61.59
C VAL ZE 30 -59.05 93.75 -61.57
N ASP ZE 31 -60.21 94.15 -61.05
CA ASP ZE 31 -60.54 95.55 -60.76
C ASP ZE 31 -61.37 95.53 -59.48
N THR ZE 32 -60.71 95.65 -58.34
CA THR ZE 32 -61.39 95.48 -57.06
C THR ZE 32 -60.94 96.54 -56.06
N VAL ZE 33 -61.84 96.87 -55.14
CA VAL ZE 33 -61.53 97.67 -53.97
C VAL ZE 33 -62.00 96.90 -52.75
N SER ZE 34 -61.07 96.51 -51.90
CA SER ZE 34 -61.36 95.68 -50.72
C SER ZE 34 -61.27 96.53 -49.47
N LEU ZE 35 -62.32 96.51 -48.66
CA LEU ZE 35 -62.32 97.13 -47.35
C LEU ZE 35 -62.09 96.05 -46.29
N ARG ZE 36 -61.08 96.25 -45.45
CA ARG ZE 36 -60.73 95.30 -44.42
C ARG ZE 36 -60.68 96.02 -43.07
N ARG ZE 37 -60.88 95.26 -42.01
CA ARG ZE 37 -60.88 95.84 -40.67
C ARG ZE 37 -60.41 94.80 -39.67
N SER ZE 38 -59.86 95.29 -38.55
CA SER ZE 38 -59.49 94.47 -37.42
C SER ZE 38 -60.03 95.15 -36.17
N LEU ZE 39 -61.02 94.54 -35.53
CA LEU ZE 39 -61.69 95.17 -34.41
C LEU ZE 39 -60.75 95.25 -33.21
N PRO ZE 40 -60.92 96.28 -32.38
CA PRO ZE 40 -60.08 96.38 -31.17
C PRO ZE 40 -60.29 95.18 -30.26
N VAL ZE 41 -59.19 94.74 -29.64
CA VAL ZE 41 -59.22 93.62 -28.71
C VAL ZE 41 -58.83 94.17 -27.33
N LYS ZE 42 -59.75 94.05 -26.37
CA LYS ZE 42 -59.52 94.55 -25.02
C LYS ZE 42 -58.58 93.58 -24.31
N LYS ZE 43 -57.30 93.70 -24.64
CA LYS ZE 43 -56.27 92.83 -24.09
C LYS ZE 43 -55.67 93.47 -22.86
N GLY ZE 44 -55.87 92.86 -21.70
CA GLY ZE 44 -55.37 93.43 -20.46
C GLY ZE 44 -55.98 94.79 -20.20
N SER ZE 45 -55.12 95.75 -19.86
CA SER ZE 45 -55.55 97.13 -19.64
C SER ZE 45 -55.62 97.94 -20.92
N ASP ZE 46 -54.91 97.54 -21.96
CA ASP ZE 46 -54.98 98.24 -23.24
C ASP ZE 46 -56.36 98.04 -23.86
N ASN ZE 47 -56.97 99.13 -24.32
CA ASN ZE 47 -58.29 99.07 -24.93
C ASN ZE 47 -58.24 98.59 -26.38
N GLY ZE 48 -57.07 98.39 -26.96
CA GLY ZE 48 -56.96 97.89 -28.31
C GLY ZE 48 -56.74 98.99 -29.32
N THR ZE 49 -56.71 98.58 -30.59
CA THR ZE 49 -56.50 99.48 -31.70
C THR ZE 49 -57.45 99.12 -32.83
N MET ZE 50 -57.99 100.15 -33.49
CA MET ZE 50 -58.82 99.97 -34.67
C MET ZE 50 -57.94 100.01 -35.91
N ARG ZE 51 -57.89 98.91 -36.65
CA ARG ZE 51 -57.13 98.82 -37.89
C ARG ZE 51 -58.10 98.78 -39.07
N GLY ZE 52 -57.92 99.69 -40.00
CA GLY ZE 52 -58.71 99.71 -41.23
C GLY ZE 52 -57.80 99.70 -42.43
N ASN ZE 53 -58.16 98.90 -43.44
CA ASN ZE 53 -57.36 98.76 -44.63
C ASN ZE 53 -58.23 98.94 -45.86
N MET ZE 54 -57.80 99.80 -46.77
CA MET ZE 54 -58.42 99.97 -48.07
C MET ZE 54 -57.45 99.49 -49.13
N ASN ZE 55 -57.85 98.48 -49.91
CA ASN ZE 55 -56.98 97.84 -50.88
C ASN ZE 55 -57.50 98.12 -52.28
N PHE ZE 56 -56.61 98.55 -53.16
CA PHE ZE 56 -56.92 98.77 -54.57
C PHE ZE 56 -56.10 97.81 -55.40
N ALA ZE 57 -56.76 97.08 -56.29
CA ALA ZE 57 -56.09 96.11 -57.15
C ALA ZE 57 -56.55 96.30 -58.58
N LYS ZE 58 -55.60 96.30 -59.51
CA LYS ZE 58 -55.90 96.42 -60.92
C LYS ZE 58 -54.89 95.60 -61.72
N SER ZE 59 -55.38 94.97 -62.78
CA SER ZE 59 -54.53 94.25 -63.71
C SER ZE 59 -54.05 95.18 -64.81
N PHE ZE 60 -52.79 95.02 -65.18
CA PHE ZE 60 -52.16 95.90 -66.16
C PHE ZE 60 -51.39 95.07 -67.17
N PRO ZE 61 -51.31 95.51 -68.42
CA PRO ZE 61 -50.47 94.81 -69.41
C PRO ZE 61 -48.99 94.89 -69.01
N ASN ZE 62 -48.36 93.73 -68.90
CA ASN ZE 62 -46.94 93.62 -68.55
C ASN ZE 62 -46.27 92.77 -69.62
N GLY ZE 63 -45.86 93.41 -70.70
CA GLY ZE 63 -45.28 92.69 -71.83
C GLY ZE 63 -46.24 91.67 -72.40
N ASP ZE 64 -45.94 90.38 -72.17
CA ASP ZE 64 -46.82 89.33 -72.66
C ASP ZE 64 -47.93 89.03 -71.66
N LYS ZE 65 -47.62 88.98 -70.38
CA LYS ZE 65 -48.58 88.62 -69.36
C LYS ZE 65 -49.24 89.88 -68.77
N LYS ZE 66 -50.06 89.69 -67.75
CA LYS ZE 66 -50.76 90.79 -67.08
C LYS ZE 66 -50.36 90.82 -65.62
N SER ZE 67 -49.89 91.96 -65.14
CA SER ZE 67 -49.41 92.11 -63.78
C SER ZE 67 -50.42 92.88 -62.94
N LEU ZE 68 -50.39 92.62 -61.64
CA LEU ZE 68 -51.32 93.21 -60.69
C LEU ZE 68 -50.64 94.35 -59.94
N VAL ZE 69 -51.22 95.54 -60.03
CA VAL ZE 69 -50.76 96.72 -59.30
C VAL ZE 69 -51.68 96.91 -58.09
N VAL ZE 70 -51.09 97.00 -56.90
CA VAL ZE 70 -51.85 97.07 -55.66
C VAL ZE 70 -51.46 98.34 -54.91
N VAL ZE 71 -52.46 99.11 -54.50
CA VAL ZE 71 -52.27 100.27 -53.65
C VAL ZE 71 -53.00 100.01 -52.33
N ASN ZE 72 -52.27 100.08 -51.23
CA ASN ZE 72 -52.81 99.83 -49.91
C ASN ZE 72 -52.89 101.12 -49.11
N LEU ZE 73 -53.89 101.20 -48.24
CA LEU ZE 73 -54.06 102.34 -47.35
C LEU ZE 73 -54.54 101.79 -46.01
N THR ZE 74 -53.66 101.83 -45.01
CA THR ZE 74 -53.95 101.28 -43.69
C THR ZE 74 -53.87 102.37 -42.64
N ALA ZE 75 -54.85 102.40 -41.73
CA ALA ZE 75 -54.88 103.34 -40.62
C ALA ZE 75 -54.91 102.59 -39.31
N HIS ZE 76 -54.16 103.08 -38.34
CA HIS ZE 76 -54.13 102.51 -36.99
C HIS ZE 76 -54.56 103.58 -36.01
N VAL ZE 77 -55.74 103.42 -35.44
CA VAL ZE 77 -56.29 104.40 -34.49
C VAL ZE 77 -56.49 103.73 -33.15
N PRO ZE 78 -55.66 104.03 -32.14
CA PRO ZE 78 -55.85 103.41 -30.82
C PRO ZE 78 -57.16 103.84 -30.18
N VAL ZE 79 -57.74 102.93 -29.39
CA VAL ZE 79 -59.01 103.20 -28.74
C VAL ZE 79 -58.80 104.25 -27.64
N GLY ZE 80 -59.70 105.23 -27.59
CA GLY ZE 80 -59.64 106.32 -26.65
C GLY ZE 80 -59.23 107.65 -27.27
N VAL ZE 81 -58.47 107.60 -28.36
CA VAL ZE 81 -58.14 108.80 -29.09
C VAL ZE 81 -59.40 109.42 -29.67
N ASP ZE 82 -59.53 110.73 -29.52
CA ASP ZE 82 -60.71 111.43 -30.02
C ASP ZE 82 -60.82 111.26 -31.53
N ALA ZE 83 -61.96 110.72 -31.98
CA ALA ZE 83 -62.13 110.40 -33.39
C ALA ZE 83 -62.16 111.66 -34.25
N THR ZE 84 -62.80 112.72 -33.76
CA THR ZE 84 -62.92 113.95 -34.54
C THR ZE 84 -61.56 114.57 -34.80
N ALA ZE 85 -60.67 114.53 -33.81
CA ALA ZE 85 -59.32 115.05 -33.99
C ALA ZE 85 -58.57 114.25 -35.07
N VAL ZE 86 -58.77 112.94 -35.10
CA VAL ZE 86 -58.12 112.11 -36.11
C VAL ZE 86 -58.66 112.44 -37.50
N ARG ZE 87 -59.97 112.65 -37.61
CA ARG ZE 87 -60.57 112.84 -38.93
C ARG ZE 87 -60.17 114.18 -39.54
N THR ZE 88 -60.01 115.22 -38.73
CA THR ZE 88 -59.53 116.49 -39.27
C THR ZE 88 -58.04 116.43 -39.57
N TRP ZE 89 -57.30 115.54 -38.90
CA TRP ZE 89 -55.88 115.37 -39.21
C TRP ZE 89 -55.71 114.70 -40.57
N MET ZE 90 -56.46 113.62 -40.83
CA MET ZE 90 -56.38 112.97 -42.12
C MET ZE 90 -56.86 113.88 -43.25
N THR ZE 91 -57.95 114.60 -43.01
CA THR ZE 91 -58.52 115.45 -44.05
C THR ZE 91 -57.57 116.58 -44.44
N SER ZE 92 -56.89 117.16 -43.45
CA SER ZE 92 -56.05 118.34 -43.69
C SER ZE 92 -54.58 118.02 -43.86
N GLU ZE 93 -54.05 117.01 -43.19
CA GLU ZE 93 -52.62 116.74 -43.18
C GLU ZE 93 -52.23 115.48 -43.93
N VAL ZE 94 -53.07 114.45 -43.94
CA VAL ZE 94 -52.68 113.18 -44.55
C VAL ZE 94 -53.15 113.11 -45.99
N PHE ZE 95 -54.42 113.38 -46.24
CA PHE ZE 95 -55.02 113.24 -47.57
C PHE ZE 95 -54.37 114.14 -48.62
N PRO ZE 96 -54.16 115.44 -48.36
CA PRO ZE 96 -53.49 116.26 -49.38
C PRO ZE 96 -52.08 115.79 -49.70
N GLY ZE 97 -51.35 115.28 -48.71
CA GLY ZE 97 -50.00 114.77 -48.98
C GLY ZE 97 -49.97 113.40 -49.60
N ALA ZE 98 -50.98 112.57 -49.33
CA ALA ZE 98 -51.01 111.22 -49.85
C ALA ZE 98 -51.51 111.14 -51.29
N THR ZE 99 -52.02 112.24 -51.85
CA THR ZE 99 -52.54 112.26 -53.21
C THR ZE 99 -51.78 113.24 -54.11
N SER ZE 100 -50.60 113.67 -53.68
CA SER ZE 100 -49.81 114.64 -54.43
C SER ZE 100 -48.92 113.91 -55.43
N SER ZE 101 -48.05 114.66 -56.11
CA SER ZE 101 -47.11 114.05 -57.04
C SER ZE 101 -46.03 113.25 -56.32
N VAL ZE 102 -45.88 113.44 -55.00
CA VAL ZE 102 -44.90 112.67 -54.24
C VAL ZE 102 -45.27 111.19 -54.27
N THR ZE 103 -46.56 110.89 -54.10
CA THR ZE 103 -47.00 109.50 -54.18
C THR ZE 103 -46.72 108.89 -55.54
N LEU ZE 104 -46.96 109.65 -56.61
CA LEU ZE 104 -46.75 109.14 -57.96
C LEU ZE 104 -45.27 108.83 -58.22
N ASP ZE 105 -44.38 109.74 -57.80
CA ASP ZE 105 -42.96 109.49 -57.98
C ASP ZE 105 -42.48 108.33 -57.12
N LEU ZE 106 -42.96 108.24 -55.88
CA LEU ZE 106 -42.57 107.16 -54.99
C LEU ZE 106 -43.07 105.81 -55.51
N ALA ZE 107 -44.29 105.76 -56.05
CA ALA ZE 107 -44.85 104.50 -56.51
C ALA ZE 107 -44.16 103.99 -57.77
N THR ZE 108 -43.86 104.89 -58.72
CA THR ZE 108 -43.34 104.48 -60.00
C THR ZE 108 -41.83 104.51 -60.08
N LYS ZE 109 -41.17 105.44 -59.39
CA LYS ZE 109 -39.72 105.58 -59.48
C LYS ZE 109 -39.01 105.45 -58.14
N GLY ZE 110 -39.72 105.28 -57.03
CA GLY ZE 110 -39.08 105.14 -55.75
C GLY ZE 110 -38.38 106.39 -55.24
N VAL ZE 111 -38.90 107.57 -55.55
CA VAL ZE 111 -38.28 108.82 -55.14
C VAL ZE 111 -38.64 109.09 -53.69
N ILE ZE 112 -37.62 109.23 -52.84
CA ILE ZE 112 -37.81 109.50 -51.43
C ILE ZE 112 -37.26 110.85 -51.01
N HIS ZE 113 -36.69 111.62 -51.94
CA HIS ZE 113 -36.16 112.96 -51.66
C HIS ZE 113 -37.02 113.96 -52.43
N LEU ZE 114 -37.86 114.71 -51.73
CA LEU ZE 114 -38.79 115.64 -52.38
C LEU ZE 114 -38.20 117.06 -52.36
N SER ZE 115 -37.06 117.20 -53.01
CA SER ZE 115 -36.40 118.49 -53.12
C SER ZE 115 -37.12 119.36 -54.16
N ASP ZE 116 -37.18 120.66 -53.89
CA ASP ZE 116 -36.72 121.30 -52.66
C ASP ZE 116 -37.76 122.29 -52.15
N ALA ZE 117 -38.61 122.77 -53.06
CA ALA ZE 117 -39.63 123.75 -52.73
C ALA ZE 117 -40.79 123.10 -51.97
N LEU AF 1 -78.65 67.67 90.05
CA LEU AF 1 -77.37 66.99 89.95
C LEU AF 1 -76.25 67.80 90.60
N SER AF 2 -75.56 67.17 91.55
CA SER AF 2 -74.47 67.83 92.26
C SER AF 2 -73.37 66.83 92.57
N ILE AF 3 -72.14 67.32 92.59
CA ILE AF 3 -70.97 66.55 92.99
C ILE AF 3 -70.30 67.36 94.10
N GLY AF 4 -70.60 67.01 95.35
CA GLY AF 4 -70.21 67.86 96.46
C GLY AF 4 -71.10 69.09 96.55
N THR AF 5 -70.51 70.26 96.38
CA THR AF 5 -71.26 71.52 96.44
C THR AF 5 -71.39 72.18 95.07
N LYS AF 6 -71.02 71.50 94.00
CA LYS AF 6 -71.05 72.07 92.65
C LYS AF 6 -72.16 71.44 91.83
N ASN AF 7 -72.93 72.28 91.16
CA ASN AF 7 -74.00 71.81 90.28
C ASN AF 7 -73.44 71.42 88.93
N VAL AF 8 -73.85 70.26 88.42
CA VAL AF 8 -73.35 69.73 87.17
C VAL AF 8 -74.53 69.27 86.31
N SER AF 9 -74.24 69.02 85.04
CA SER AF 9 -75.21 68.47 84.11
C SER AF 9 -74.53 67.36 83.31
N ILE AF 10 -75.31 66.37 82.89
CA ILE AF 10 -74.77 65.30 82.06
C ILE AF 10 -74.31 65.91 80.75
N TYR AF 11 -73.04 65.69 80.42
CA TYR AF 11 -72.45 66.22 79.20
C TYR AF 11 -72.14 65.15 78.16
N ARG AF 12 -71.49 64.07 78.56
CA ARG AF 12 -71.21 62.96 77.66
C ARG AF 12 -71.50 61.65 78.39
N ASN AF 13 -72.16 60.74 77.70
CA ASN AF 13 -72.59 59.47 78.28
C ASN AF 13 -72.05 58.33 77.44
N THR AF 14 -71.30 57.42 78.06
CA THR AF 14 -70.87 56.20 77.40
C THR AF 14 -71.24 55.00 78.27
N ALA AF 15 -70.84 53.80 77.84
CA ALA AF 15 -71.22 52.59 78.57
C ALA AF 15 -70.60 52.58 79.96
N ASP AF 16 -69.33 52.95 80.08
CA ASP AF 16 -68.63 52.88 81.36
C ASP AF 16 -68.10 54.22 81.83
N GLU AF 17 -68.51 55.32 81.22
CA GLU AF 17 -68.03 56.63 81.63
C GLU AF 17 -69.10 57.68 81.37
N VAL AF 18 -69.32 58.56 82.36
CA VAL AF 18 -70.19 59.71 82.21
C VAL AF 18 -69.38 60.95 82.56
N ILE AF 19 -69.41 61.95 81.68
CA ILE AF 19 -68.75 63.23 81.91
C ILE AF 19 -69.82 64.25 82.30
N TYR AF 20 -69.58 64.96 83.39
CA TYR AF 20 -70.48 66.02 83.85
C TYR AF 20 -69.80 67.36 83.67
N ALA AF 21 -70.59 68.37 83.31
CA ALA AF 21 -70.07 69.70 83.00
C ALA AF 21 -70.46 70.67 84.11
N GLY AF 22 -69.49 71.46 84.55
CA GLY AF 22 -69.72 72.48 85.54
C GLY AF 22 -70.28 73.75 84.94
N PRO AF 23 -70.59 74.74 85.77
CA PRO AF 23 -71.19 75.98 85.26
C PRO AF 23 -70.27 76.78 84.35
N ALA AF 24 -68.96 76.55 84.40
CA ALA AF 24 -67.99 77.33 83.63
C ALA AF 24 -67.52 76.63 82.37
N HIS AF 25 -68.13 75.50 82.01
CA HIS AF 25 -67.68 74.75 80.84
C HIS AF 25 -68.34 75.30 79.59
N ASP AF 26 -67.51 75.63 78.59
CA ASP AF 26 -67.98 76.05 77.28
C ASP AF 26 -66.94 75.65 76.25
N VAL AF 27 -67.01 76.24 75.06
CA VAL AF 27 -66.10 75.92 73.96
C VAL AF 27 -64.68 76.30 74.32
N THR AF 28 -64.51 77.29 75.20
CA THR AF 28 -63.19 77.82 75.53
C THR AF 28 -62.66 77.38 76.88
N ASN AF 29 -63.52 77.18 77.87
CA ASN AF 29 -63.07 76.86 79.22
C ASN AF 29 -63.54 75.46 79.60
N VAL AF 30 -62.64 74.69 80.21
CA VAL AF 30 -62.96 73.33 80.65
C VAL AF 30 -63.33 73.35 82.12
N ASP AF 31 -64.49 72.77 82.45
CA ASP AF 31 -64.91 72.57 83.83
C ASP AF 31 -65.75 71.29 83.85
N THR AF 32 -65.09 70.17 84.11
CA THR AF 32 -65.74 68.87 84.01
C THR AF 32 -65.37 67.98 85.18
N VAL AF 33 -66.29 67.08 85.52
CA VAL AF 33 -66.03 65.97 86.42
C VAL AF 33 -66.46 64.70 85.72
N SER AF 34 -65.57 63.73 85.61
CA SER AF 34 -65.83 62.50 84.89
C SER AF 34 -65.86 61.32 85.86
N LEU AF 35 -66.84 60.44 85.69
CA LEU AF 35 -66.98 59.23 86.49
C LEU AF 35 -66.79 58.04 85.57
N ARG AF 36 -65.77 57.22 85.85
CA ARG AF 36 -65.45 56.06 85.03
C ARG AF 36 -65.37 54.83 85.92
N ARG AF 37 -65.80 53.69 85.37
CA ARG AF 37 -65.75 52.43 86.07
C ARG AF 37 -65.11 51.36 85.20
N SER AF 38 -64.40 50.45 85.85
CA SER AF 38 -63.86 49.25 85.21
C SER AF 38 -64.44 48.07 85.97
N LEU AF 39 -65.50 47.48 85.43
CA LEU AF 39 -66.19 46.41 86.12
C LEU AF 39 -65.30 45.17 86.20
N PRO AF 40 -65.39 44.41 87.28
CA PRO AF 40 -64.51 43.24 87.44
C PRO AF 40 -64.80 42.19 86.38
N VAL AF 41 -63.74 41.52 85.95
CA VAL AF 41 -63.84 40.35 85.09
C VAL AF 41 -63.31 39.17 85.90
N LYS AF 42 -64.11 38.11 86.00
CA LYS AF 42 -63.78 36.98 86.86
C LYS AF 42 -63.21 35.86 85.99
N LYS AF 43 -62.04 36.14 85.42
CA LYS AF 43 -61.32 35.18 84.61
C LYS AF 43 -60.71 34.08 85.49
N GLY AF 44 -60.69 32.87 84.95
CA GLY AF 44 -60.17 31.72 85.67
C GLY AF 44 -60.79 31.55 87.04
N SER AF 45 -59.97 31.69 88.08
CA SER AF 45 -60.45 31.63 89.46
C SER AF 45 -60.48 32.98 90.15
N ASP AF 46 -59.64 33.92 89.74
CA ASP AF 46 -59.63 35.25 90.35
C ASP AF 46 -60.91 36.00 89.97
N ASN AF 47 -61.51 36.67 90.95
CA ASN AF 47 -62.76 37.37 90.73
C ASN AF 47 -62.57 38.77 90.17
N GLY AF 48 -61.34 39.20 89.95
CA GLY AF 48 -61.09 40.51 89.36
C GLY AF 48 -61.19 41.63 90.37
N THR AF 49 -61.02 42.85 89.86
CA THR AF 49 -61.00 44.05 90.68
C THR AF 49 -61.99 45.07 90.13
N MET AF 50 -62.62 45.81 91.03
CA MET AF 50 -63.50 46.91 90.67
C MET AF 50 -62.70 48.22 90.73
N ARG AF 51 -62.56 48.88 89.58
CA ARG AF 51 -61.81 50.12 89.49
C ARG AF 51 -62.76 51.27 89.23
N GLY AF 52 -62.85 52.19 90.18
CA GLY AF 52 -63.66 53.39 90.03
C GLY AF 52 -62.81 54.64 90.01
N ASN AF 53 -62.88 55.40 88.93
CA ASN AF 53 -62.07 56.59 88.74
C ASN AF 53 -62.94 57.83 88.67
N MET AF 54 -62.58 58.85 89.44
CA MET AF 54 -63.24 60.14 89.40
C MET AF 54 -62.24 61.18 88.92
N ASN AF 55 -62.60 61.91 87.87
CA ASN AF 55 -61.69 62.81 87.16
C ASN AF 55 -62.17 64.24 87.31
N PHE AF 56 -61.26 65.14 87.68
CA PHE AF 56 -61.54 66.57 87.75
C PHE AF 56 -60.63 67.29 86.77
N ALA AF 57 -61.21 68.12 85.90
CA ALA AF 57 -60.46 68.83 84.88
C ALA AF 57 -60.87 70.30 84.91
N LYS AF 58 -59.88 71.18 84.78
CA LYS AF 58 -60.13 72.61 84.80
C LYS AF 58 -59.04 73.33 84.03
N SER AF 59 -59.43 74.14 83.06
CA SER AF 59 -58.48 74.97 82.34
C SER AF 59 -58.06 76.16 83.19
N PHE AF 60 -56.79 76.52 83.09
CA PHE AF 60 -56.22 77.60 83.88
C PHE AF 60 -55.40 78.51 82.98
N PRO AF 61 -55.29 79.80 83.34
CA PRO AF 61 -54.41 80.70 82.58
C PRO AF 61 -52.95 80.29 82.76
N ASN AF 62 -52.24 80.16 81.65
CA ASN AF 62 -50.83 79.78 81.65
C ASN AF 62 -50.12 80.66 80.62
N GLY AF 63 -49.64 81.82 81.08
CA GLY AF 63 -49.09 82.79 80.16
C GLY AF 63 -50.17 83.28 79.22
N ASP AF 64 -49.90 83.21 77.92
CA ASP AF 64 -50.87 83.60 76.91
C ASP AF 64 -51.85 82.49 76.57
N LYS AF 65 -51.46 81.23 76.77
CA LYS AF 65 -52.28 80.08 76.42
C LYS AF 65 -53.06 79.61 77.66
N LYS AF 66 -53.71 78.46 77.54
CA LYS AF 66 -54.46 77.86 78.62
C LYS AF 66 -53.94 76.45 78.88
N SER AF 67 -53.90 76.07 80.15
CA SER AF 67 -53.38 74.77 80.55
C SER AF 67 -54.43 74.01 81.35
N LEU AF 68 -54.44 72.69 81.19
CA LEU AF 68 -55.42 71.84 81.86
C LEU AF 68 -54.81 71.23 83.11
N VAL AF 69 -55.43 71.47 84.25
CA VAL AF 69 -55.06 70.83 85.51
C VAL AF 69 -56.04 69.70 85.77
N VAL AF 70 -55.51 68.50 85.97
CA VAL AF 70 -56.32 67.30 86.12
C VAL AF 70 -56.03 66.68 87.49
N VAL AF 71 -57.09 66.34 88.22
CA VAL AF 71 -56.97 65.63 89.49
C VAL AF 71 -57.71 64.30 89.35
N ASN AF 72 -57.03 63.21 89.66
CA ASN AF 72 -57.56 61.87 89.52
C ASN AF 72 -57.69 61.22 90.89
N LEU AF 73 -58.81 60.54 91.12
CA LEU AF 73 -59.04 59.76 92.33
C LEU AF 73 -59.58 58.39 91.94
N THR AF 74 -58.76 57.36 92.13
CA THR AF 74 -59.09 56.01 91.68
C THR AF 74 -59.04 55.05 92.84
N ALA AF 75 -60.07 54.21 92.96
CA ALA AF 75 -60.14 53.17 93.98
C ALA AF 75 -60.01 51.81 93.32
N HIS AF 76 -59.21 50.93 93.91
CA HIS AF 76 -59.03 49.56 93.44
C HIS AF 76 -59.49 48.64 94.56
N VAL AF 77 -60.69 48.07 94.43
CA VAL AF 77 -61.29 47.22 95.44
C VAL AF 77 -61.41 45.81 94.87
N PRO AF 78 -60.60 44.85 95.32
CA PRO AF 78 -60.75 43.48 94.82
C PRO AF 78 -62.09 42.87 95.23
N VAL AF 79 -62.60 41.99 94.38
CA VAL AF 79 -63.91 41.40 94.61
C VAL AF 79 -63.83 40.39 95.75
N GLY AF 80 -64.76 40.49 96.70
CA GLY AF 80 -64.80 39.66 97.88
C GLY AF 80 -64.57 40.44 99.16
N VAL AF 81 -63.90 41.58 99.07
CA VAL AF 81 -63.70 42.45 100.22
C VAL AF 81 -65.02 43.08 100.61
N ASP AF 82 -65.29 43.14 101.92
CA ASP AF 82 -66.52 43.74 102.41
C ASP AF 82 -66.59 45.20 102.00
N ALA AF 83 -67.70 45.59 101.38
CA ALA AF 83 -67.88 46.97 100.94
C ALA AF 83 -67.96 47.92 102.13
N THR AF 84 -68.66 47.52 103.20
CA THR AF 84 -68.80 48.38 104.36
C THR AF 84 -67.46 48.63 105.03
N ALA AF 85 -66.61 47.60 105.12
CA ALA AF 85 -65.28 47.78 105.70
C ALA AF 85 -64.44 48.75 104.87
N VAL AF 86 -64.55 48.66 103.54
CA VAL AF 86 -63.80 49.57 102.67
C VAL AF 86 -64.33 50.99 102.80
N ARG AF 87 -65.64 51.15 102.85
CA ARG AF 87 -66.22 52.49 102.94
C ARG AF 87 -65.84 53.17 104.26
N THR AF 88 -65.79 52.42 105.34
CA THR AF 88 -65.35 52.97 106.62
C THR AF 88 -63.89 53.39 106.57
N TRP AF 89 -63.05 52.58 105.93
CA TRP AF 89 -61.64 52.94 105.80
C TRP AF 89 -61.46 54.20 104.95
N MET AF 90 -62.21 54.30 103.84
CA MET AF 90 -62.08 55.46 102.98
C MET AF 90 -62.54 56.73 103.68
N THR AF 91 -63.62 56.65 104.45
CA THR AF 91 -64.18 57.83 105.11
C THR AF 91 -63.31 58.31 106.25
N SER AF 92 -62.74 57.40 107.03
CA SER AF 92 -62.01 57.78 108.24
C SER AF 92 -60.52 57.93 108.02
N GLU AF 93 -59.95 57.30 106.99
CA GLU AF 93 -58.52 57.38 106.76
C GLU AF 93 -58.15 58.09 105.47
N VAL AF 94 -58.69 57.66 104.33
CA VAL AF 94 -58.29 58.22 103.05
C VAL AF 94 -58.82 59.64 102.88
N PHE AF 95 -60.11 59.85 103.17
CA PHE AF 95 -60.72 61.16 102.92
C PHE AF 95 -60.08 62.29 103.71
N PRO AF 96 -59.87 62.19 105.03
CA PRO AF 96 -59.18 63.29 105.72
C PRO AF 96 -57.76 63.52 105.22
N GLY AF 97 -57.05 62.47 104.83
CA GLY AF 97 -55.68 62.64 104.37
C GLY AF 97 -55.58 63.15 102.94
N ALA AF 98 -56.57 62.85 102.11
CA ALA AF 98 -56.57 63.27 100.71
C ALA AF 98 -57.11 64.68 100.53
N THR AF 99 -57.58 65.32 101.60
CA THR AF 99 -58.08 66.69 101.53
C THR AF 99 -57.32 67.61 102.47
N SER AF 100 -56.15 67.19 102.93
CA SER AF 100 -55.33 67.98 103.84
C SER AF 100 -54.37 68.86 103.05
N SER AF 101 -53.58 69.67 103.78
CA SER AF 101 -52.55 70.46 103.12
C SER AF 101 -51.47 69.60 102.50
N VAL AF 102 -51.35 68.34 102.92
CA VAL AF 102 -50.37 67.44 102.34
C VAL AF 102 -50.63 67.25 100.85
N THR AF 103 -51.90 67.05 100.49
CA THR AF 103 -52.25 66.91 99.07
C THR AF 103 -51.97 68.20 98.32
N LEU AF 104 -52.27 69.34 98.92
CA LEU AF 104 -52.09 70.63 98.24
C LEU AF 104 -50.62 70.89 97.94
N ASP AF 105 -49.72 70.61 98.90
CA ASP AF 105 -48.30 70.85 98.66
C ASP AF 105 -47.71 69.84 97.69
N LEU AF 106 -48.20 68.60 97.71
CA LEU AF 106 -47.72 67.61 96.76
C LEU AF 106 -48.09 67.99 95.33
N ALA AF 107 -49.31 68.48 95.12
CA ALA AF 107 -49.78 68.78 93.78
C ALA AF 107 -49.12 70.04 93.21
N THR AF 108 -49.02 71.09 94.02
CA THR AF 108 -48.56 72.38 93.55
C THR AF 108 -47.09 72.67 93.83
N LYS AF 109 -46.47 71.94 94.75
CA LYS AF 109 -45.07 72.16 95.07
C LYS AF 109 -44.22 70.89 95.00
N GLY AF 110 -44.82 69.74 94.76
CA GLY AF 110 -44.08 68.50 94.73
C GLY AF 110 -43.45 68.11 96.05
N VAL AF 111 -44.12 68.40 97.16
CA VAL AF 111 -43.57 68.11 98.49
C VAL AF 111 -43.95 66.69 98.89
N ILE AF 112 -42.95 65.85 99.12
CA ILE AF 112 -43.15 64.46 99.55
C ILE AF 112 -42.65 64.21 100.96
N HIS AF 113 -42.16 65.23 101.65
CA HIS AF 113 -41.71 65.13 103.04
C HIS AF 113 -42.62 65.98 103.91
N LEU AF 114 -43.45 65.34 104.74
CA LEU AF 114 -44.37 66.08 105.60
C LEU AF 114 -43.77 66.21 107.00
N SER AF 115 -42.74 67.05 107.10
CA SER AF 115 -42.14 67.36 108.38
C SER AF 115 -42.88 68.50 109.07
N ASP AF 116 -42.87 68.49 110.40
CA ASP AF 116 -42.33 67.47 111.28
C ASP AF 116 -43.28 67.21 112.45
N ALA AF 117 -44.24 68.11 112.62
CA ALA AF 117 -45.18 68.03 113.75
C ALA AF 117 -46.03 66.76 113.69
N LEU BF 1 -45.61 63.39 113.28
CA LEU BF 1 -45.74 63.11 111.86
C LEU BF 1 -47.11 62.52 111.55
N SER BF 2 -47.95 63.30 110.90
CA SER BF 2 -49.32 62.88 110.63
C SER BF 2 -49.71 63.24 109.21
N ILE BF 3 -50.56 62.39 108.63
CA ILE BF 3 -51.21 62.65 107.34
C ILE BF 3 -52.71 62.58 107.60
N GLY BF 4 -53.39 63.71 107.48
CA GLY BF 4 -54.78 63.78 107.88
C GLY BF 4 -54.94 63.55 109.35
N THR BF 5 -55.79 62.60 109.74
CA THR BF 5 -55.97 62.22 111.13
C THR BF 5 -55.12 61.03 111.53
N LYS BF 6 -54.33 60.47 110.62
CA LYS BF 6 -53.55 59.26 110.87
C LYS BF 6 -52.10 59.63 111.12
N ASN BF 7 -51.58 59.23 112.28
CA ASN BF 7 -50.16 59.37 112.54
C ASN BF 7 -49.37 58.30 111.79
N VAL BF 8 -48.25 58.72 111.18
CA VAL BF 8 -47.43 57.84 110.36
C VAL BF 8 -45.97 58.05 110.72
N SER BF 9 -45.14 57.13 110.23
CA SER BF 9 -43.70 57.22 110.37
C SER BF 9 -43.06 56.91 109.02
N ILE BF 10 -41.85 57.42 108.82
CA ILE BF 10 -41.14 57.18 107.57
C ILE BF 10 -40.79 55.70 107.48
N TYR BF 11 -41.18 55.07 106.38
CA TYR BF 11 -40.91 53.66 106.13
C TYR BF 11 -39.84 53.44 105.09
N ARG BF 12 -39.99 54.05 103.91
CA ARG BF 12 -38.98 53.96 102.87
C ARG BF 12 -38.86 55.33 102.21
N ASN BF 13 -37.65 55.67 101.80
CA ASN BF 13 -37.33 57.03 101.34
C ASN BF 13 -36.45 56.93 100.11
N THR BF 14 -37.01 57.21 98.93
CA THR BF 14 -36.27 57.34 97.70
C THR BF 14 -36.24 58.80 97.27
N ALA BF 15 -35.65 59.05 96.10
CA ALA BF 15 -35.47 60.43 95.63
C ALA BF 15 -36.80 61.11 95.38
N ASP BF 16 -37.74 60.43 94.71
CA ASP BF 16 -39.01 61.03 94.34
C ASP BF 16 -40.21 60.33 94.98
N GLU BF 17 -39.98 59.38 95.88
CA GLU BF 17 -41.07 58.73 96.59
C GLU BF 17 -40.68 58.50 98.04
N VAL BF 18 -41.58 58.84 98.96
CA VAL BF 18 -41.43 58.52 100.37
C VAL BF 18 -42.65 57.72 100.79
N ILE BF 19 -42.42 56.52 101.30
CA ILE BF 19 -43.49 55.65 101.78
C ILE BF 19 -43.59 55.82 103.30
N TYR BF 20 -44.79 56.09 103.78
CA TYR BF 20 -45.05 56.21 105.21
C TYR BF 20 -45.90 55.04 105.66
N ALA BF 21 -45.69 54.60 106.90
CA ALA BF 21 -46.34 53.44 107.45
C ALA BF 21 -47.28 53.86 108.57
N GLY BF 22 -48.49 53.32 108.57
CA GLY BF 22 -49.43 53.54 109.63
C GLY BF 22 -49.04 52.76 110.87
N PRO BF 23 -49.74 53.00 111.99
CA PRO BF 23 -49.41 52.28 113.22
C PRO BF 23 -49.56 50.78 113.10
N ALA BF 24 -50.49 50.31 112.29
CA ALA BF 24 -50.75 48.89 112.14
C ALA BF 24 -49.84 48.19 111.13
N HIS BF 25 -49.08 48.95 110.34
CA HIS BF 25 -48.29 48.35 109.28
C HIS BF 25 -47.25 47.40 109.85
N ASP BF 26 -47.12 46.24 109.22
CA ASP BF 26 -46.17 45.23 109.64
C ASP BF 26 -45.84 44.35 108.44
N VAL BF 27 -45.19 43.21 108.69
CA VAL BF 27 -44.74 42.33 107.62
C VAL BF 27 -45.87 41.58 106.93
N THR BF 28 -47.05 41.53 107.54
CA THR BF 28 -48.20 40.85 106.95
C THR BF 28 -49.42 41.73 106.77
N ASN BF 29 -49.52 42.86 107.46
CA ASN BF 29 -50.60 43.81 107.28
C ASN BF 29 -50.03 45.07 106.64
N VAL BF 30 -50.60 45.46 105.51
CA VAL BF 30 -50.15 46.64 104.79
C VAL BF 30 -51.01 47.82 105.22
N ASP BF 31 -50.37 48.86 105.75
CA ASP BF 31 -51.03 50.13 106.06
C ASP BF 31 -50.02 51.23 105.73
N THR BF 32 -50.07 51.71 104.49
CA THR BF 32 -49.06 52.64 103.99
C THR BF 32 -49.72 53.80 103.26
N VAL BF 33 -49.08 54.97 103.36
CA VAL BF 33 -49.43 56.15 102.58
C VAL BF 33 -48.17 56.56 101.83
N SER BF 34 -48.21 56.48 100.50
CA SER BF 34 -47.08 56.85 99.68
C SER BF 34 -47.29 58.23 99.07
N LEU BF 35 -46.22 59.01 99.02
CA LEU BF 35 -46.21 60.27 98.28
C LEU BF 35 -45.14 60.16 97.19
N ARG BF 36 -45.59 60.19 95.94
CA ARG BF 36 -44.70 60.08 94.79
C ARG BF 36 -44.88 61.31 93.91
N ARG BF 37 -43.78 61.75 93.31
CA ARG BF 37 -43.80 62.91 92.42
C ARG BF 37 -43.03 62.59 91.16
N SER BF 38 -43.45 63.20 90.06
CA SER BF 38 -42.72 63.20 88.80
C SER BF 38 -42.42 64.64 88.45
N LEU BF 39 -41.15 65.01 88.49
CA LEU BF 39 -40.78 66.40 88.30
C LEU BF 39 -40.95 66.79 86.82
N PRO BF 40 -41.28 68.05 86.56
CA PRO BF 40 -41.50 68.49 85.17
C PRO BF 40 -40.25 68.32 84.32
N VAL BF 41 -40.44 67.79 83.13
CA VAL BF 41 -39.36 67.61 82.17
C VAL BF 41 -39.56 68.63 81.05
N LYS BF 42 -38.64 69.58 80.94
CA LYS BF 42 -38.71 70.62 79.92
C LYS BF 42 -38.28 69.96 78.62
N LYS BF 43 -39.27 69.70 77.76
CA LYS BF 43 -39.02 69.17 76.42
C LYS BF 43 -39.69 70.09 75.40
N GLY BF 44 -38.97 70.40 74.33
CA GLY BF 44 -39.49 71.31 73.32
C GLY BF 44 -39.80 72.66 73.91
N SER BF 45 -40.88 73.28 73.46
CA SER BF 45 -41.35 74.52 74.04
C SER BF 45 -42.24 74.32 75.26
N ASP BF 46 -42.66 73.08 75.52
CA ASP BF 46 -43.48 72.79 76.68
C ASP BF 46 -42.61 72.74 77.93
N ASN BF 47 -43.02 73.46 78.97
CA ASN BF 47 -42.25 73.53 80.21
C ASN BF 47 -42.38 72.26 81.05
N GLY BF 48 -43.28 71.36 80.70
CA GLY BF 48 -43.47 70.13 81.45
C GLY BF 48 -44.67 70.18 82.37
N THR BF 49 -44.86 69.08 83.10
CA THR BF 49 -45.98 68.93 84.00
C THR BF 49 -45.51 68.28 85.28
N MET BF 50 -45.98 68.79 86.42
CA MET BF 50 -45.70 68.18 87.71
C MET BF 50 -46.79 67.17 88.05
N ARG BF 51 -46.40 65.92 88.25
CA ARG BF 51 -47.33 64.87 88.68
C ARG BF 51 -47.10 64.57 90.15
N GLY BF 52 -48.18 64.62 90.92
CA GLY BF 52 -48.11 64.23 92.32
C GLY BF 52 -49.09 63.13 92.64
N ASN BF 53 -48.59 61.98 93.08
CA ASN BF 53 -49.42 60.82 93.36
C ASN BF 53 -49.46 60.57 94.86
N MET BF 54 -50.67 60.42 95.40
CA MET BF 54 -50.88 60.07 96.79
C MET BF 54 -51.54 58.69 96.84
N ASN BF 55 -50.80 57.70 97.34
CA ASN BF 55 -51.23 56.32 97.31
C ASN BF 55 -51.59 55.85 98.71
N PHE BF 56 -52.80 55.30 98.84
CA PHE BF 56 -53.26 54.68 100.08
C PHE BF 56 -53.39 53.18 99.82
N ALA BF 57 -52.71 52.38 100.63
CA ALA BF 57 -52.78 50.93 100.54
C ALA BF 57 -53.18 50.35 101.89
N LYS BF 58 -54.06 49.37 101.87
CA LYS BF 58 -54.52 48.73 103.09
C LYS BF 58 -54.90 47.28 102.80
N SER BF 59 -54.44 46.38 103.67
CA SER BF 59 -54.80 44.96 103.57
C SER BF 59 -56.18 44.73 104.17
N PHE BF 60 -56.97 43.90 103.50
CA PHE BF 60 -58.33 43.64 103.92
C PHE BF 60 -58.62 42.14 103.89
N PRO BF 61 -59.43 41.64 104.82
CA PRO BF 61 -59.85 40.24 104.75
C PRO BF 61 -60.71 39.99 103.53
N ASN BF 62 -60.26 39.09 102.67
CA ASN BF 62 -61.00 38.69 101.47
C ASN BF 62 -61.22 37.19 101.56
N GLY BF 63 -62.31 36.80 102.21
CA GLY BF 63 -62.59 35.40 102.47
C GLY BF 63 -61.53 34.78 103.36
N ASP BF 64 -60.73 33.88 102.79
CA ASP BF 64 -59.65 33.25 103.54
C ASP BF 64 -58.33 33.98 103.40
N LYS BF 65 -58.09 34.61 102.25
CA LYS BF 65 -56.85 35.32 101.97
C LYS BF 65 -57.03 36.80 102.28
N LYS BF 66 -55.96 37.58 102.09
CA LYS BF 66 -55.99 39.02 102.26
C LYS BF 66 -55.83 39.70 100.92
N SER BF 67 -56.59 40.78 100.72
CA SER BF 67 -56.54 41.56 99.48
C SER BF 67 -56.09 42.98 99.79
N LEU BF 68 -55.43 43.59 98.82
CA LEU BF 68 -54.92 44.95 98.96
C LEU BF 68 -55.88 45.93 98.28
N VAL BF 69 -56.44 46.84 99.07
CA VAL BF 69 -57.27 47.91 98.56
C VAL BF 69 -56.43 49.16 98.40
N VAL BF 70 -56.44 49.74 97.20
CA VAL BF 70 -55.57 50.86 96.86
C VAL BF 70 -56.42 52.03 96.41
N VAL BF 71 -56.14 53.21 96.97
CA VAL BF 71 -56.76 54.46 96.55
C VAL BF 71 -55.65 55.41 96.12
N ASN BF 72 -55.74 55.92 94.90
CA ASN BF 72 -54.75 56.82 94.34
C ASN BF 72 -55.36 58.21 94.14
N LEU BF 73 -54.62 59.23 94.55
CA LEU BF 73 -54.96 60.62 94.26
C LEU BF 73 -53.81 61.23 93.48
N THR BF 74 -54.04 61.53 92.21
CA THR BF 74 -53.02 62.05 91.31
C THR BF 74 -53.45 63.39 90.76
N ALA BF 75 -52.52 64.34 90.73
CA ALA BF 75 -52.75 65.66 90.17
C ALA BF 75 -51.72 65.95 89.09
N HIS BF 76 -52.16 66.55 87.99
CA HIS BF 76 -51.29 66.94 86.89
C HIS BF 76 -51.38 68.46 86.74
N VAL BF 77 -50.32 69.16 87.13
CA VAL BF 77 -50.29 70.61 87.09
C VAL BF 77 -49.20 71.04 86.12
N PRO BF 78 -49.55 71.64 84.98
CA PRO BF 78 -48.53 72.12 84.05
C PRO BF 78 -47.75 73.30 84.63
N VAL BF 79 -46.47 73.39 84.24
CA VAL BF 79 -45.64 74.49 84.68
C VAL BF 79 -46.12 75.79 84.04
N GLY BF 80 -46.18 76.85 84.84
CA GLY BF 80 -46.62 78.16 84.40
C GLY BF 80 -47.96 78.58 84.97
N VAL BF 81 -48.72 77.64 85.50
CA VAL BF 81 -50.01 77.94 86.12
C VAL BF 81 -49.77 78.52 87.50
N ASP BF 82 -50.66 79.42 87.93
CA ASP BF 82 -50.58 79.98 89.27
C ASP BF 82 -50.92 78.91 90.30
N ALA BF 83 -50.02 78.73 91.28
CA ALA BF 83 -50.23 77.69 92.28
C ALA BF 83 -51.35 78.05 93.24
N THR BF 84 -51.50 79.33 93.57
CA THR BF 84 -52.58 79.75 94.47
C THR BF 84 -53.94 79.50 93.83
N ALA BF 85 -54.07 79.75 92.53
CA ALA BF 85 -55.34 79.50 91.84
C ALA BF 85 -55.68 78.02 91.86
N VAL BF 86 -54.69 77.15 91.65
CA VAL BF 86 -54.95 75.71 91.63
C VAL BF 86 -55.34 75.22 93.03
N ARG BF 87 -54.66 75.73 94.06
CA ARG BF 87 -54.99 75.32 95.42
C ARG BF 87 -56.41 75.73 95.80
N THR BF 88 -56.82 76.93 95.40
CA THR BF 88 -58.18 77.37 95.67
C THR BF 88 -59.21 76.49 94.96
N TRP BF 89 -58.93 76.13 93.71
CA TRP BF 89 -59.84 75.25 92.98
C TRP BF 89 -59.91 73.86 93.61
N MET BF 90 -58.77 73.32 94.03
CA MET BF 90 -58.75 72.00 94.63
C MET BF 90 -59.49 71.98 95.96
N THR BF 91 -59.37 73.05 96.75
CA THR BF 91 -60.01 73.09 98.06
C THR BF 91 -61.53 73.24 97.95
N SER BF 92 -62.00 74.11 97.07
CA SER BF 92 -63.42 74.43 97.00
C SER BF 92 -64.21 73.54 96.05
N GLU BF 93 -63.56 72.94 95.05
CA GLU BF 93 -64.28 72.18 94.04
C GLU BF 93 -63.88 70.72 93.98
N VAL BF 94 -62.60 70.40 94.13
CA VAL BF 94 -62.17 69.01 94.01
C VAL BF 94 -62.41 68.25 95.31
N PHE BF 95 -61.95 68.82 96.42
CA PHE BF 95 -62.03 68.13 97.71
C PHE BF 95 -63.45 67.81 98.13
N PRO BF 96 -64.43 68.73 98.08
CA PRO BF 96 -65.80 68.36 98.47
C PRO BF 96 -66.39 67.23 97.64
N GLY BF 97 -66.08 67.18 96.35
CA GLY BF 97 -66.63 66.12 95.50
C GLY BF 97 -65.89 64.82 95.62
N ALA BF 98 -64.58 64.86 95.86
CA ALA BF 98 -63.79 63.64 95.95
C ALA BF 98 -64.09 62.85 97.22
N THR BF 99 -64.60 63.50 98.27
CA THR BF 99 -64.91 62.84 99.52
C THR BF 99 -66.41 62.78 99.78
N SER BF 100 -67.20 62.64 98.72
CA SER BF 100 -68.65 62.56 98.82
C SER BF 100 -69.09 61.11 98.76
N SER BF 101 -70.41 60.90 98.87
CA SER BF 101 -70.97 59.57 98.68
C SER BF 101 -70.83 59.09 97.25
N VAL BF 102 -70.58 60.01 96.31
CA VAL BF 102 -70.36 59.61 94.91
C VAL BF 102 -69.11 58.75 94.80
N THR BF 103 -68.04 59.13 95.50
CA THR BF 103 -66.83 58.32 95.48
C THR BF 103 -67.06 56.94 96.07
N LEU BF 104 -67.77 56.87 97.19
CA LEU BF 104 -68.08 55.59 97.81
C LEU BF 104 -68.97 54.74 96.92
N ASP BF 105 -70.00 55.35 96.32
CA ASP BF 105 -70.91 54.60 95.47
C ASP BF 105 -70.22 54.12 94.20
N LEU BF 106 -69.25 54.89 93.69
CA LEU BF 106 -68.51 54.45 92.52
C LEU BF 106 -67.58 53.29 92.86
N ALA BF 107 -66.96 53.32 94.04
CA ALA BF 107 -65.99 52.29 94.41
C ALA BF 107 -66.67 50.94 94.63
N THR BF 108 -67.75 50.91 95.41
CA THR BF 108 -68.35 49.67 95.84
C THR BF 108 -69.60 49.28 95.05
N LYS BF 109 -70.03 50.11 94.10
CA LYS BF 109 -71.21 49.77 93.31
C LYS BF 109 -71.07 50.03 91.82
N GLY BF 110 -70.00 50.68 91.37
CA GLY BF 110 -69.88 51.03 89.97
C GLY BF 110 -70.92 52.02 89.49
N VAL BF 111 -71.32 52.95 90.34
CA VAL BF 111 -72.34 53.93 89.97
C VAL BF 111 -71.66 55.10 89.28
N ILE BF 112 -71.97 55.30 87.99
CA ILE BF 112 -71.45 56.42 87.24
C ILE BF 112 -72.55 57.40 86.84
N HIS BF 113 -73.82 57.02 86.97
CA HIS BF 113 -74.94 57.91 86.67
C HIS BF 113 -75.44 58.53 87.97
N LEU BF 114 -75.42 59.86 88.03
CA LEU BF 114 -75.80 60.57 89.24
C LEU BF 114 -77.30 60.81 89.25
N SER BF 115 -77.85 60.96 90.45
CA SER BF 115 -79.27 61.23 90.63
C SER BF 115 -79.49 61.88 92.00
N ASP BF 116 -80.54 62.68 92.10
CA ASP BF 116 -81.39 63.18 91.02
C ASP BF 116 -81.70 64.66 91.24
N ALA BF 117 -81.42 65.14 92.45
CA ALA BF 117 -81.74 66.51 92.82
C ALA BF 117 -80.48 67.38 92.89
N LEU CF 1 -20.22 27.30 133.43
CA LEU CF 1 -20.13 27.87 132.09
C LEU CF 1 -21.29 28.83 131.85
N SER CF 2 -20.99 30.12 131.77
CA SER CF 2 -22.01 31.15 131.60
C SER CF 2 -21.62 32.09 130.46
N ILE CF 3 -22.61 32.41 129.63
CA ILE CF 3 -22.48 33.48 128.63
C ILE CF 3 -23.59 34.48 128.94
N GLY CF 4 -23.26 35.49 129.74
CA GLY CF 4 -24.26 36.40 130.26
C GLY CF 4 -24.93 35.82 131.49
N THR CF 5 -26.24 35.63 131.43
CA THR CF 5 -26.99 34.98 132.51
C THR CF 5 -27.39 33.55 132.14
N LYS CF 6 -26.90 33.03 131.01
CA LYS CF 6 -27.29 31.73 130.51
C LYS CF 6 -26.25 30.68 130.89
N ASN CF 7 -26.70 29.56 131.45
CA ASN CF 7 -25.83 28.43 131.73
C ASN CF 7 -25.78 27.53 130.51
N VAL CF 8 -24.59 27.37 129.93
CA VAL CF 8 -24.41 26.61 128.71
C VAL CF 8 -23.43 25.48 128.97
N SER CF 9 -23.36 24.55 128.02
CA SER CF 9 -22.41 23.45 128.05
C SER CF 9 -21.79 23.28 126.67
N ILE CF 10 -20.59 22.72 126.64
CA ILE CF 10 -19.92 22.47 125.37
C ILE CF 10 -20.71 21.43 124.59
N TYR CF 11 -20.97 21.73 123.32
CA TYR CF 11 -21.75 20.87 122.43
C TYR CF 11 -20.96 20.42 121.22
N ARG CF 12 -20.16 21.29 120.63
CA ARG CF 12 -19.30 20.93 119.51
C ARG CF 12 -18.02 21.75 119.62
N ASN CF 13 -16.89 21.09 119.52
CA ASN CF 13 -15.59 21.73 119.71
C ASN CF 13 -14.78 21.56 118.44
N THR CF 14 -14.52 22.67 117.76
CA THR CF 14 -13.78 22.72 116.51
C THR CF 14 -12.61 23.68 116.70
N ALA CF 15 -11.58 23.53 115.84
CA ALA CF 15 -10.37 24.33 115.97
C ALA CF 15 -10.67 25.82 116.03
N ASP CF 16 -11.69 26.27 115.28
CA ASP CF 16 -11.98 27.70 115.20
C ASP CF 16 -13.43 28.02 115.55
N GLU CF 17 -14.15 27.09 116.19
CA GLU CF 17 -15.53 27.35 116.55
C GLU CF 17 -15.92 26.40 117.68
N VAL CF 18 -16.53 26.95 118.73
CA VAL CF 18 -17.09 26.15 119.81
C VAL CF 18 -18.56 26.54 119.94
N ILE CF 19 -19.44 25.55 119.87
CA ILE CF 19 -20.88 25.76 119.99
C ILE CF 19 -21.30 25.37 121.40
N TYR CF 20 -21.98 26.28 122.08
CA TYR CF 20 -22.50 26.03 123.42
C TYR CF 20 -24.02 25.93 123.37
N ALA CF 21 -24.55 24.92 124.05
CA ALA CF 21 -25.98 24.65 124.05
C ALA CF 21 -26.60 25.11 125.35
N GLY CF 22 -27.76 25.76 125.26
CA GLY CF 22 -28.49 26.21 126.42
C GLY CF 22 -29.34 25.12 127.01
N PRO CF 23 -30.09 25.45 128.07
CA PRO CF 23 -30.93 24.43 128.71
C PRO CF 23 -32.01 23.86 127.80
N ALA CF 24 -32.48 24.64 126.83
CA ALA CF 24 -33.59 24.23 125.97
C ALA CF 24 -33.14 23.64 124.64
N HIS CF 25 -31.84 23.33 124.50
CA HIS CF 25 -31.33 22.74 123.27
C HIS CF 25 -31.43 21.22 123.33
N ASP CF 26 -31.86 20.64 122.21
CA ASP CF 26 -32.00 19.19 122.09
C ASP CF 26 -31.97 18.84 120.60
N VAL CF 27 -32.38 17.62 120.27
CA VAL CF 27 -32.36 17.16 118.88
C VAL CF 27 -33.35 17.95 118.00
N THR CF 28 -34.52 18.30 118.53
CA THR CF 28 -35.54 18.97 117.72
C THR CF 28 -35.65 20.46 117.95
N ASN CF 29 -34.99 21.01 118.97
CA ASN CF 29 -35.04 22.45 119.24
C ASN CF 29 -33.63 23.01 119.27
N VAL CF 30 -33.50 24.28 118.90
CA VAL CF 30 -32.20 24.94 118.81
C VAL CF 30 -32.15 26.02 119.89
N ASP CF 31 -31.16 25.90 120.77
CA ASP CF 31 -30.82 26.93 121.75
C ASP CF 31 -29.31 26.91 121.90
N THR CF 32 -28.62 27.70 121.07
CA THR CF 32 -27.17 27.63 120.98
C THR CF 32 -26.56 29.02 120.96
N VAL CF 33 -25.35 29.13 121.50
CA VAL CF 33 -24.49 30.29 121.36
C VAL CF 33 -23.15 29.80 120.83
N SER CF 34 -22.80 30.21 119.62
CA SER CF 34 -21.59 29.74 118.95
C SER CF 34 -20.55 30.85 118.92
N LEU CF 35 -19.35 30.54 119.41
CA LEU CF 35 -18.21 31.43 119.31
C LEU CF 35 -17.34 31.00 118.14
N ARG CF 36 -17.01 31.96 117.27
CA ARG CF 36 -16.22 31.68 116.09
C ARG CF 36 -15.11 32.72 115.99
N ARG CF 37 -14.01 32.33 115.33
CA ARG CF 37 -12.87 33.22 115.21
C ARG CF 37 -12.16 32.96 113.89
N SER CF 38 -11.49 34.00 113.40
CA SER CF 38 -10.61 33.89 112.24
C SER CF 38 -9.30 34.57 112.63
N LEU CF 39 -8.27 33.78 112.88
CA LEU CF 39 -7.02 34.31 113.39
C LEU CF 39 -6.31 35.13 112.31
N PRO CF 40 -5.51 36.12 112.72
CA PRO CF 40 -4.82 36.96 111.74
C PRO CF 40 -3.89 36.16 110.84
N VAL CF 41 -3.85 36.55 109.58
CA VAL CF 41 -2.95 35.95 108.60
C VAL CF 41 -1.97 37.03 108.17
N LYS CF 42 -0.69 36.83 108.45
CA LYS CF 42 0.35 37.81 108.13
C LYS CF 42 0.63 37.71 106.63
N LYS CF 43 -0.23 38.36 105.85
CA LYS CF 43 -0.14 38.33 104.40
C LYS CF 43 0.64 39.55 103.91
N GLY CF 44 1.77 39.32 103.25
CA GLY CF 44 2.60 40.41 102.78
C GLY CF 44 3.09 41.24 103.95
N SER CF 45 2.93 42.55 103.85
CA SER CF 45 3.28 43.47 104.93
C SER CF 45 2.16 43.67 105.93
N ASP CF 46 0.91 43.42 105.52
CA ASP CF 46 -0.22 43.56 106.43
C ASP CF 46 -0.16 42.45 107.48
N ASN CF 47 -0.29 42.83 108.76
CA ASN CF 47 -0.31 41.86 109.84
C ASN CF 47 -1.62 41.10 109.94
N GLY CF 48 -2.63 41.48 109.17
CA GLY CF 48 -3.89 40.78 109.18
C GLY CF 48 -4.93 41.43 110.07
N THR CF 49 -6.04 40.73 110.22
CA THR CF 49 -7.17 41.19 111.01
C THR CF 49 -7.65 40.05 111.90
N MET CF 50 -8.05 40.39 113.12
CA MET CF 50 -8.65 39.42 114.03
C MET CF 50 -10.16 39.51 113.91
N ARG CF 51 -10.79 38.42 113.46
CA ARG CF 51 -12.22 38.38 113.24
C ARG CF 51 -12.86 37.48 114.29
N GLY CF 52 -13.75 38.05 115.09
CA GLY CF 52 -14.47 37.30 116.10
C GLY CF 52 -15.97 37.38 115.88
N ASN CF 53 -16.63 36.23 115.94
CA ASN CF 53 -18.05 36.14 115.69
C ASN CF 53 -18.73 35.42 116.84
N MET CF 54 -19.81 36.00 117.35
CA MET CF 54 -20.65 35.37 118.36
C MET CF 54 -22.05 35.21 117.78
N ASN CF 55 -22.53 33.98 117.72
CA ASN CF 55 -23.79 33.66 117.06
C ASN CF 55 -24.80 33.20 118.10
N PHE CF 56 -26.03 33.72 117.99
CA PHE CF 56 -27.15 33.32 118.82
C PHE CF 56 -28.22 32.71 117.93
N ALA CF 57 -28.69 31.51 118.30
CA ALA CF 57 -29.71 30.82 117.54
C ALA CF 57 -30.77 30.28 118.48
N LYS CF 58 -32.03 30.45 118.11
CA LYS CF 58 -33.15 29.93 118.89
C LYS CF 58 -34.28 29.55 117.95
N SER CF 59 -34.94 28.45 118.27
CA SER CF 59 -36.14 28.03 117.54
C SER CF 59 -37.37 28.70 118.14
N PHE CF 60 -38.29 29.09 117.25
CA PHE CF 60 -39.48 29.81 117.65
C PHE CF 60 -40.69 29.22 116.95
N PRO CF 61 -41.86 29.23 117.60
CA PRO CF 61 -43.09 28.81 116.90
C PRO CF 61 -43.41 29.75 115.75
N ASN CF 62 -43.59 29.17 114.57
CA ASN CF 62 -43.93 29.92 113.36
C ASN CF 62 -45.15 29.24 112.73
N GLY CF 63 -46.34 29.62 113.19
CA GLY CF 63 -47.56 28.99 112.74
C GLY CF 63 -47.56 27.50 113.03
N ASP CF 64 -47.43 26.69 111.98
CA ASP CF 64 -47.40 25.24 112.15
C ASP CF 64 -45.99 24.74 112.44
N LYS CF 65 -44.99 25.26 111.72
CA LYS CF 65 -43.62 24.78 111.85
C LYS CF 65 -42.86 25.65 112.86
N LYS CF 66 -41.56 25.40 112.99
CA LYS CF 66 -40.71 26.16 113.90
C LYS CF 66 -39.61 26.85 113.08
N SER CF 67 -39.47 28.15 113.28
CA SER CF 67 -38.48 28.95 112.56
C SER CF 67 -37.31 29.30 113.46
N LEU CF 68 -36.17 29.57 112.83
CA LEU CF 68 -34.92 29.84 113.54
C LEU CF 68 -34.61 31.34 113.48
N VAL CF 69 -34.49 31.96 114.65
CA VAL CF 69 -34.10 33.36 114.76
C VAL CF 69 -32.63 33.40 115.13
N VAL CF 70 -31.84 34.15 114.35
CA VAL CF 70 -30.40 34.20 114.52
C VAL CF 70 -29.97 35.65 114.74
N VAL CF 71 -29.18 35.87 115.77
CA VAL CF 71 -28.57 37.17 116.04
C VAL CF 71 -27.06 36.99 115.95
N ASN CF 72 -26.42 37.79 115.11
CA ASN CF 72 -24.98 37.71 114.88
C ASN CF 72 -24.29 38.94 115.47
N LEU CF 73 -23.06 38.74 115.93
CA LEU CF 73 -22.24 39.81 116.49
C LEU CF 73 -20.80 39.57 116.05
N THR CF 74 -20.34 40.35 115.07
CA THR CF 74 -19.02 40.17 114.47
C THR CF 74 -18.18 41.42 114.69
N ALA CF 75 -16.93 41.22 115.08
CA ALA CF 75 -15.98 42.30 115.28
C ALA CF 75 -14.76 42.09 114.41
N HIS CF 76 -14.27 43.17 113.80
CA HIS CF 76 -13.07 43.14 112.96
C HIS CF 76 -12.05 44.09 113.56
N VAL CF 77 -10.99 43.54 114.13
CA VAL CF 77 -9.95 44.33 114.79
C VAL CF 77 -8.62 44.12 114.08
N PRO CF 78 -8.12 45.10 113.33
CA PRO CF 78 -6.83 44.92 112.66
C PRO CF 78 -5.69 44.77 113.65
N VAL CF 79 -4.68 43.99 113.26
CA VAL CF 79 -3.54 43.75 114.13
C VAL CF 79 -2.70 45.01 114.23
N GLY CF 80 -2.32 45.37 115.45
CA GLY CF 80 -1.54 46.57 115.73
C GLY CF 80 -2.35 47.65 116.44
N VAL CF 81 -3.67 47.65 116.24
CA VAL CF 81 -4.53 48.58 116.97
C VAL CF 81 -4.47 48.24 118.45
N ASP CF 82 -4.37 49.28 119.27
CA ASP CF 82 -4.30 49.09 120.71
C ASP CF 82 -5.58 48.43 121.23
N ALA CF 83 -5.41 47.29 121.91
CA ALA CF 83 -6.57 46.51 122.35
C ALA CF 83 -7.37 47.26 123.40
N THR CF 84 -6.69 47.96 124.31
CA THR CF 84 -7.38 48.65 125.40
C THR CF 84 -8.28 49.76 124.85
N ALA CF 85 -7.84 50.45 123.80
CA ALA CF 85 -8.67 51.49 123.20
C ALA CF 85 -9.92 50.91 122.56
N VAL CF 86 -9.81 49.73 121.95
CA VAL CF 86 -10.97 49.09 121.33
C VAL CF 86 -11.97 48.65 122.40
N ARG CF 87 -11.48 48.13 123.53
CA ARG CF 87 -12.36 47.58 124.53
C ARG CF 87 -13.15 48.67 125.25
N THR CF 88 -12.55 49.84 125.47
CA THR CF 88 -13.31 50.93 126.05
C THR CF 88 -14.26 51.55 125.04
N TRP CF 89 -13.93 51.48 123.74
CA TRP CF 89 -14.85 51.93 122.71
C TRP CF 89 -16.09 51.04 122.65
N MET CF 90 -15.89 49.72 122.68
CA MET CF 90 -17.01 48.80 122.64
C MET CF 90 -17.87 48.92 123.89
N THR CF 91 -17.24 49.03 125.06
CA THR CF 91 -17.97 49.07 126.31
C THR CF 91 -18.84 50.32 126.41
N SER CF 92 -18.32 51.46 125.96
CA SER CF 92 -18.98 52.74 126.15
C SER CF 92 -19.77 53.22 124.93
N GLU CF 93 -19.34 52.87 123.73
CA GLU CF 93 -19.94 53.41 122.50
C GLU CF 93 -20.71 52.38 121.70
N VAL CF 94 -20.30 51.11 121.72
CA VAL CF 94 -20.96 50.10 120.90
C VAL CF 94 -22.04 49.37 121.70
N PHE CF 95 -21.68 48.86 122.87
CA PHE CF 95 -22.57 48.04 123.68
C PHE CF 95 -23.84 48.77 124.11
N PRO CF 96 -23.76 50.01 124.64
CA PRO CF 96 -25.01 50.70 125.01
C PRO CF 96 -25.93 50.94 123.82
N GLY CF 97 -25.39 51.20 122.64
CA GLY CF 97 -26.22 51.40 121.47
C GLY CF 97 -26.71 50.13 120.83
N ALA CF 98 -25.95 49.04 120.97
CA ALA CF 98 -26.33 47.77 120.36
C ALA CF 98 -27.38 47.01 121.15
N THR CF 99 -27.69 47.44 122.37
CA THR CF 99 -28.67 46.78 123.22
C THR CF 99 -29.85 47.69 123.55
N SER CF 100 -30.04 48.75 122.79
CA SER CF 100 -31.11 49.71 123.05
C SER CF 100 -32.37 49.28 122.33
N SER CF 101 -33.40 50.13 122.35
CA SER CF 101 -34.62 49.85 121.62
C SER CF 101 -34.45 49.97 120.11
N VAL CF 102 -33.36 50.61 119.66
CA VAL CF 102 -33.11 50.72 118.23
C VAL CF 102 -32.89 49.34 117.63
N THR CF 103 -32.13 48.48 118.32
CA THR CF 103 -31.91 47.13 117.84
C THR CF 103 -33.22 46.35 117.76
N LEU CF 104 -34.09 46.52 118.77
CA LEU CF 104 -35.35 45.78 118.78
C LEU CF 104 -36.25 46.18 117.62
N ASP CF 105 -36.34 47.49 117.34
CA ASP CF 105 -37.15 47.94 116.21
C ASP CF 105 -36.54 47.52 114.89
N LEU CF 106 -35.21 47.61 114.76
CA LEU CF 106 -34.55 47.22 113.53
C LEU CF 106 -34.70 45.72 113.25
N ALA CF 107 -34.65 44.89 114.29
CA ALA CF 107 -34.73 43.45 114.10
C ALA CF 107 -36.15 42.99 113.76
N THR CF 108 -37.16 43.60 114.37
CA THR CF 108 -38.53 43.15 114.20
C THR CF 108 -39.30 43.92 113.13
N LYS CF 109 -38.98 45.19 112.92
CA LYS CF 109 -39.71 46.01 111.97
C LYS CF 109 -38.85 46.67 110.92
N GLY CF 110 -37.52 46.56 111.01
CA GLY CF 110 -36.66 47.18 110.03
C GLY CF 110 -36.59 48.69 110.10
N VAL CF 111 -36.73 49.26 111.30
CA VAL CF 111 -36.74 50.71 111.46
C VAL CF 111 -35.30 51.23 111.41
N ILE CF 112 -35.02 52.07 110.42
CA ILE CF 112 -33.69 52.63 110.23
C ILE CF 112 -33.63 54.13 110.49
N HIS CF 113 -34.76 54.75 110.84
CA HIS CF 113 -34.83 56.17 111.15
C HIS CF 113 -35.20 56.31 112.63
N LEU CF 114 -34.24 56.70 113.47
CA LEU CF 114 -34.47 56.76 114.92
C LEU CF 114 -34.80 58.18 115.34
N SER CF 115 -35.93 58.68 114.83
CA SER CF 115 -36.40 60.02 115.17
C SER CF 115 -37.02 60.04 116.56
N ASP CF 116 -36.83 61.15 117.26
CA ASP CF 116 -35.99 62.28 116.88
C ASP CF 116 -35.13 62.72 118.06
N ALA CF 117 -35.58 62.41 119.26
CA ALA CF 117 -34.89 62.83 120.48
C ALA CF 117 -33.63 62.00 120.71
N LEU DF 1 112.59 41.98 66.52
CA LEU DF 1 111.96 42.05 65.21
C LEU DF 1 111.98 43.47 64.67
N SER DF 2 112.58 43.64 63.50
CA SER DF 2 112.70 44.95 62.87
C SER DF 2 112.51 44.81 61.37
N ILE DF 3 111.96 45.86 60.76
CA ILE DF 3 111.81 45.97 59.32
C ILE DF 3 112.47 47.30 58.94
N GLY DF 4 113.74 47.24 58.57
CA GLY DF 4 114.52 48.46 58.41
C GLY DF 4 114.90 49.03 59.77
N THR DF 5 114.42 50.24 60.06
CA THR DF 5 114.70 50.89 61.34
C THR DF 5 113.49 50.90 62.28
N LYS DF 6 112.43 50.17 61.94
CA LYS DF 6 111.19 50.15 62.71
C LYS DF 6 111.05 48.83 63.45
N ASN DF 7 110.76 48.90 64.74
CA ASN DF 7 110.50 47.72 65.55
C ASN DF 7 109.05 47.29 65.41
N VAL DF 8 108.84 46.00 65.17
CA VAL DF 8 107.50 45.45 64.94
C VAL DF 8 107.34 44.21 65.80
N SER DF 9 106.08 43.77 65.90
CA SER DF 9 105.73 42.53 66.58
C SER DF 9 104.77 41.76 65.69
N ILE DF 10 104.81 40.43 65.80
CA ILE DF 10 103.86 39.61 65.07
C ILE DF 10 102.46 39.94 65.54
N TYR DF 11 101.59 40.32 64.60
CA TYR DF 11 100.21 40.67 64.90
C TYR DF 11 99.22 39.64 64.39
N ARG DF 12 99.37 39.20 63.15
CA ARG DF 12 98.49 38.19 62.56
C ARG DF 12 99.34 37.19 61.79
N ASN DF 13 99.02 35.91 61.96
CA ASN DF 13 99.77 34.83 61.33
C ASN DF 13 98.81 33.97 60.52
N THR DF 14 99.11 33.81 59.24
CA THR DF 14 98.38 32.87 58.39
C THR DF 14 99.37 31.99 57.65
N ALA DF 15 98.86 31.08 56.80
CA ALA DF 15 99.74 30.14 56.13
C ALA DF 15 100.72 30.85 55.19
N ASP DF 16 100.23 31.83 54.43
CA ASP DF 16 101.06 32.52 53.44
C ASP DF 16 101.14 34.02 53.66
N GLU DF 17 100.77 34.52 54.83
CA GLU DF 17 100.83 35.94 55.10
C GLU DF 17 101.02 36.17 56.60
N VAL DF 18 101.95 37.05 56.93
CA VAL DF 18 102.16 37.50 58.30
C VAL DF 18 102.04 39.01 58.34
N ILE DF 19 101.25 39.52 59.28
CA ILE DF 19 101.09 40.95 59.50
C ILE DF 19 101.86 41.33 60.76
N TYR DF 20 102.69 42.36 60.64
CA TYR DF 20 103.43 42.91 61.77
C TYR DF 20 102.89 44.29 62.11
N ALA DF 21 102.85 44.60 63.41
CA ALA DF 21 102.29 45.85 63.90
C ALA DF 21 103.41 46.75 64.40
N GLY DF 22 103.35 48.03 64.02
CA GLY DF 22 104.30 49.00 64.49
C GLY DF 22 103.94 49.54 65.86
N PRO DF 23 104.78 50.43 66.39
CA PRO DF 23 104.53 50.95 67.74
C PRO DF 23 103.26 51.79 67.86
N ALA DF 24 102.72 52.30 66.75
CA ALA DF 24 101.58 53.19 66.78
C ALA DF 24 100.27 52.49 66.43
N HIS DF 25 100.28 51.16 66.31
CA HIS DF 25 99.08 50.43 65.92
C HIS DF 25 98.22 50.12 67.15
N ASP DF 26 96.95 50.51 67.08
CA ASP DF 26 95.97 50.17 68.10
C ASP DF 26 94.60 50.11 67.44
N VAL DF 27 93.54 50.15 68.25
CA VAL DF 27 92.18 50.02 67.78
C VAL DF 27 91.81 51.20 66.87
N THR DF 28 92.44 52.35 67.08
CA THR DF 28 92.11 53.56 66.35
C THR DF 28 93.09 53.90 65.23
N ASN DF 29 94.37 53.57 65.38
CA ASN DF 29 95.39 53.96 64.40
C ASN DF 29 95.99 52.71 63.78
N VAL DF 30 96.18 52.75 62.47
CA VAL DF 30 96.78 51.64 61.72
C VAL DF 30 98.25 51.93 61.49
N ASP DF 31 99.10 50.98 61.88
CA ASP DF 31 100.54 51.05 61.58
C ASP DF 31 101.01 49.60 61.45
N THR DF 32 100.99 49.09 60.21
CA THR DF 32 101.25 47.68 59.98
C THR DF 32 102.13 47.49 58.75
N VAL DF 33 102.93 46.43 58.77
CA VAL DF 33 103.66 45.94 57.62
C VAL DF 33 103.29 44.48 57.42
N SER DF 34 102.85 44.11 56.23
CA SER DF 34 102.41 42.77 55.93
C SER DF 34 103.32 42.12 54.90
N LEU DF 35 103.71 40.87 55.16
CA LEU DF 35 104.53 40.09 54.26
C LEU DF 35 103.69 38.94 53.72
N ARG DF 36 103.53 38.88 52.41
CA ARG DF 36 102.71 37.86 51.76
C ARG DF 36 103.51 37.20 50.65
N ARG DF 37 103.28 35.90 50.47
CA ARG DF 37 103.95 35.13 49.43
C ARG DF 37 102.94 34.33 48.64
N SER DF 38 103.23 34.14 47.37
CA SER DF 38 102.47 33.26 46.48
C SER DF 38 103.46 32.25 45.93
N LEU DF 39 103.48 31.06 46.54
CA LEU DF 39 104.45 30.05 46.15
C LEU DF 39 104.15 29.55 44.74
N PRO DF 40 105.19 29.23 43.97
CA PRO DF 40 104.97 28.79 42.58
C PRO DF 40 104.21 27.48 42.52
N VAL DF 41 103.33 27.37 41.54
CA VAL DF 41 102.65 26.13 41.22
C VAL DF 41 103.18 25.69 39.84
N LYS DF 42 103.84 24.53 39.82
CA LYS DF 42 104.52 24.06 38.61
C LYS DF 42 103.56 23.19 37.81
N LYS DF 43 102.49 23.81 37.35
CA LYS DF 43 101.49 23.14 36.53
C LYS DF 43 102.04 22.88 35.13
N GLY DF 44 101.57 21.78 34.53
CA GLY DF 44 102.02 21.37 33.21
C GLY DF 44 103.52 21.31 33.08
N SER DF 45 104.08 22.14 32.20
CA SER DF 45 105.52 22.25 32.04
C SER DF 45 106.10 23.52 32.63
N ASP DF 46 105.32 24.60 32.70
CA ASP DF 46 105.80 25.84 33.28
C ASP DF 46 106.03 25.65 34.78
N ASN DF 47 107.17 26.13 35.27
CA ASN DF 47 107.53 25.96 36.66
C ASN DF 47 106.91 27.00 37.58
N GLY DF 48 106.09 27.90 37.05
CA GLY DF 48 105.39 28.87 37.87
C GLY DF 48 106.24 30.07 38.22
N THR DF 49 105.62 30.95 39.02
CA THR DF 49 106.24 32.20 39.43
C THR DF 49 106.14 32.35 40.93
N MET DF 50 107.20 32.89 41.53
CA MET DF 50 107.20 33.22 42.95
C MET DF 50 106.84 34.69 43.12
N ARG DF 51 105.75 34.96 43.83
CA ARG DF 51 105.24 36.31 44.01
C ARG DF 51 105.37 36.71 45.47
N GLY DF 52 106.24 37.68 45.74
CA GLY DF 52 106.41 38.18 47.10
C GLY DF 52 105.93 39.61 47.25
N ASN DF 53 104.98 39.83 48.15
CA ASN DF 53 104.37 41.14 48.34
C ASN DF 53 104.64 41.65 49.75
N MET DF 54 105.09 42.90 49.84
CA MET DF 54 105.27 43.59 51.13
C MET DF 54 104.34 44.79 51.16
N ASN DF 55 103.53 44.88 52.20
CA ASN DF 55 102.47 45.87 52.31
C ASN DF 55 102.78 46.83 53.46
N PHE DF 56 102.65 48.12 53.20
CA PHE DF 56 102.77 49.15 54.23
C PHE DF 56 101.46 49.90 54.34
N ALA DF 57 100.92 49.97 55.55
CA ALA DF 57 99.63 50.60 55.79
C ALA DF 57 99.75 51.57 56.95
N LYS DF 58 99.18 52.77 56.78
CA LYS DF 58 99.24 53.79 57.82
C LYS DF 58 98.01 54.68 57.72
N SER DF 59 97.32 54.86 58.83
CA SER DF 59 96.19 55.78 58.88
C SER DF 59 96.68 57.21 58.99
N PHE DF 60 95.97 58.11 58.31
CA PHE DF 60 96.33 59.52 58.27
C PHE DF 60 95.10 60.38 58.53
N PRO DF 61 95.28 61.56 59.11
CA PRO DF 61 94.15 62.49 59.26
C PRO DF 61 93.69 63.00 57.89
N ASN DF 62 92.39 62.82 57.62
CA ASN DF 62 91.79 63.28 56.37
C ASN DF 62 90.54 64.07 56.76
N GLY DF 63 90.74 65.35 57.01
CA GLY DF 63 89.64 66.16 57.53
C GLY DF 63 89.24 65.68 58.90
N ASP DF 64 87.96 65.39 59.07
CA ASP DF 64 87.46 64.86 60.33
C ASP DF 64 87.63 63.36 60.47
N LYS DF 65 87.72 62.63 59.37
CA LYS DF 65 87.83 61.18 59.37
C LYS DF 65 89.31 60.79 59.27
N LYS DF 66 89.56 59.49 59.13
CA LYS DF 66 90.90 58.95 58.94
C LYS DF 66 90.94 58.18 57.63
N SER DF 67 92.07 58.26 56.94
CA SER DF 67 92.25 57.62 55.66
C SER DF 67 93.47 56.70 55.69
N LEU DF 68 93.38 55.58 54.98
CA LEU DF 68 94.45 54.60 54.95
C LEU DF 68 95.30 54.81 53.70
N VAL DF 69 96.59 55.04 53.92
CA VAL DF 69 97.56 55.13 52.84
C VAL DF 69 98.33 53.82 52.78
N VAL DF 70 98.32 53.17 51.62
CA VAL DF 70 98.90 51.84 51.44
C VAL DF 70 99.99 51.92 50.39
N VAL DF 71 101.15 51.36 50.70
CA VAL DF 71 102.26 51.24 49.75
C VAL DF 71 102.56 49.76 49.57
N ASN DF 72 102.57 49.32 48.32
CA ASN DF 72 102.80 47.92 47.97
C ASN DF 72 104.11 47.78 47.20
N LEU DF 73 104.87 46.73 47.53
CA LEU DF 73 106.08 46.39 46.80
C LEU DF 73 106.05 44.89 46.51
N THR DF 74 105.84 44.53 45.25
CA THR DF 74 105.66 43.16 44.83
C THR DF 74 106.74 42.78 43.83
N ALA DF 75 107.34 41.61 44.03
CA ALA DF 75 108.33 41.06 43.10
C ALA DF 75 107.76 39.82 42.43
N HIS DF 76 107.96 39.72 41.12
CA HIS DF 76 107.52 38.57 40.33
C HIS DF 76 108.75 37.92 39.72
N VAL DF 77 109.21 36.83 40.33
CA VAL DF 77 110.42 36.14 39.91
C VAL DF 77 110.02 34.78 39.35
N PRO DF 78 110.12 34.56 38.04
CA PRO DF 78 109.82 33.22 37.49
C PRO DF 78 110.81 32.18 37.97
N VAL DF 79 110.33 30.94 38.09
CA VAL DF 79 111.16 29.86 38.61
C VAL DF 79 112.20 29.46 37.57
N GLY DF 80 113.45 29.35 38.01
CA GLY DF 80 114.59 29.03 37.15
C GLY DF 80 115.57 30.16 37.02
N VAL DF 81 115.11 31.39 37.19
CA VAL DF 81 116.01 32.54 37.16
C VAL DF 81 116.93 32.51 38.36
N ASP DF 82 118.20 32.81 38.13
CA ASP DF 82 119.18 32.82 39.21
C ASP DF 82 118.80 33.84 40.26
N ALA DF 83 118.68 33.38 41.52
CA ALA DF 83 118.31 34.26 42.61
C ALA DF 83 119.37 35.31 42.87
N THR DF 84 120.65 34.93 42.76
CA THR DF 84 121.73 35.88 42.99
C THR DF 84 121.72 36.99 41.95
N ALA DF 85 121.44 36.65 40.70
CA ALA DF 85 121.37 37.66 39.65
C ALA DF 85 120.21 38.63 39.89
N VAL DF 86 119.08 38.11 40.38
CA VAL DF 86 117.93 38.96 40.65
C VAL DF 86 118.21 39.87 41.85
N ARG DF 87 118.84 39.33 42.89
CA ARG DF 87 119.11 40.13 44.09
C ARG DF 87 120.06 41.28 43.77
N THR DF 88 121.07 41.05 42.93
CA THR DF 88 121.97 42.12 42.53
C THR DF 88 121.23 43.18 41.74
N TRP DF 89 120.32 42.77 40.86
CA TRP DF 89 119.54 43.73 40.08
C TRP DF 89 118.63 44.56 40.99
N MET DF 90 117.97 43.91 41.96
CA MET DF 90 117.08 44.64 42.86
C MET DF 90 117.85 45.64 43.72
N THR DF 91 119.03 45.25 44.20
CA THR DF 91 119.79 46.11 45.10
C THR DF 91 120.36 47.33 44.39
N SER DF 92 120.91 47.15 43.20
CA SER DF 92 121.62 48.23 42.52
C SER DF 92 120.76 49.00 41.53
N GLU DF 93 119.66 48.42 41.05
CA GLU DF 93 118.89 49.04 39.99
C GLU DF 93 117.48 49.41 40.41
N VAL DF 94 116.82 48.57 41.20
CA VAL DF 94 115.44 48.84 41.60
C VAL DF 94 115.38 49.64 42.89
N PHE DF 95 116.17 49.24 43.88
CA PHE DF 95 116.10 49.88 45.20
C PHE DF 95 116.43 51.37 45.16
N PRO DF 96 117.52 51.82 44.51
CA PRO DF 96 117.74 53.28 44.42
C PRO DF 96 116.64 54.02 43.69
N GLY DF 97 116.03 53.41 42.67
CA GLY DF 97 114.97 54.09 41.94
C GLY DF 97 113.65 54.12 42.68
N ALA DF 98 113.37 53.10 43.49
CA ALA DF 98 112.12 53.01 44.22
C ALA DF 98 112.13 53.82 45.52
N THR DF 99 113.26 54.43 45.87
CA THR DF 99 113.37 55.26 47.06
C THR DF 99 113.79 56.68 46.74
N SER DF 100 113.67 57.08 45.47
CA SER DF 100 114.08 58.42 45.05
C SER DF 100 112.88 59.36 45.13
N SER DF 101 113.12 60.63 44.78
CA SER DF 101 112.04 61.60 44.72
C SER DF 101 111.03 61.28 43.64
N VAL DF 102 111.41 60.44 42.66
CA VAL DF 102 110.47 60.03 41.62
C VAL DF 102 109.31 59.26 42.24
N THR DF 103 109.60 58.37 43.17
CA THR DF 103 108.54 57.64 43.86
C THR DF 103 107.69 58.59 44.69
N LEU DF 104 108.32 59.55 45.37
CA LEU DF 104 107.58 60.48 46.21
C LEU DF 104 106.62 61.34 45.39
N ASP DF 105 107.06 61.82 44.23
CA ASP DF 105 106.22 62.67 43.40
C ASP DF 105 105.10 61.87 42.75
N LEU DF 106 105.36 60.62 42.37
CA LEU DF 106 104.33 59.80 41.75
C LEU DF 106 103.22 59.47 42.74
N ALA DF 107 103.58 59.18 43.99
CA ALA DF 107 102.58 58.79 44.98
C ALA DF 107 101.72 59.96 45.42
N THR DF 108 102.33 61.11 45.69
CA THR DF 108 101.63 62.24 46.29
C THR DF 108 101.21 63.30 45.29
N LYS DF 109 101.73 63.26 44.06
CA LYS DF 109 101.37 64.25 43.05
C LYS DF 109 100.98 63.63 41.72
N GLY DF 110 101.16 62.32 41.55
CA GLY DF 110 100.86 61.69 40.27
C GLY DF 110 101.76 62.12 39.14
N VAL DF 111 103.04 62.35 39.41
CA VAL DF 111 103.97 62.82 38.40
C VAL DF 111 104.59 61.62 37.69
N ILE DF 112 104.38 61.55 36.37
CA ILE DF 112 104.91 60.46 35.56
C ILE DF 112 105.96 60.95 34.57
N HIS DF 113 106.28 62.25 34.57
CA HIS DF 113 107.33 62.81 33.72
C HIS DF 113 108.46 63.28 34.62
N LEU DF 114 109.61 62.60 34.58
CA LEU DF 114 110.75 62.98 35.42
C LEU DF 114 111.70 63.87 34.62
N SER DF 115 111.16 64.97 34.13
CA SER DF 115 111.98 65.97 33.46
C SER DF 115 112.83 66.73 34.47
N ASP DF 116 114.02 67.15 34.04
CA ASP DF 116 114.64 66.88 32.75
C ASP DF 116 116.12 66.54 32.92
N ALA DF 117 116.65 66.81 34.12
CA ALA DF 117 118.06 66.58 34.41
C ALA DF 117 118.43 65.11 34.31
N LEU EF 1 118.12 62.76 32.15
CA LEU EF 1 116.96 61.94 32.48
C LEU EF 1 117.39 60.67 33.17
N SER EF 2 117.15 60.59 34.48
CA SER EF 2 117.58 59.45 35.29
C SER EF 2 116.51 59.09 36.30
N ILE EF 3 116.43 57.81 36.62
CA ILE EF 3 115.59 57.30 37.68
C ILE EF 3 116.52 56.55 38.64
N GLY EF 4 116.69 57.09 39.84
CA GLY EF 4 117.67 56.56 40.76
C GLY EF 4 119.07 56.72 40.23
N THR EF 5 119.81 55.62 40.12
CA THR EF 5 121.14 55.63 39.54
C THR EF 5 121.15 55.25 38.07
N LYS EF 6 119.99 54.94 37.49
CA LYS EF 6 119.88 54.50 36.11
C LYS EF 6 119.46 55.67 35.22
N ASN EF 7 120.25 55.96 34.21
CA ASN EF 7 119.84 56.90 33.18
C ASN EF 7 118.89 56.21 32.21
N VAL EF 8 117.77 56.87 31.91
CA VAL EF 8 116.74 56.31 31.05
C VAL EF 8 116.37 57.34 29.99
N SER EF 9 115.59 56.88 29.01
CA SER EF 9 115.06 57.74 27.97
C SER EF 9 113.59 57.41 27.76
N ILE EF 10 112.83 58.38 27.25
CA ILE EF 10 111.42 58.17 26.99
C ILE EF 10 111.26 57.14 25.88
N TYR EF 11 110.48 56.09 26.16
CA TYR EF 11 110.24 55.02 25.21
C TYR EF 11 108.81 55.02 24.69
N ARG EF 12 107.83 55.10 25.57
CA ARG EF 12 106.43 55.19 25.18
C ARG EF 12 105.72 56.14 26.12
N ASN EF 13 104.80 56.92 25.56
CA ASN EF 13 104.18 58.03 26.30
C ASN EF 13 102.68 58.02 26.00
N THR EF 14 101.89 57.64 27.00
CA THR EF 14 100.44 57.77 26.96
C THR EF 14 99.99 58.80 27.97
N ALA EF 15 98.66 58.95 28.10
CA ALA EF 15 98.12 59.98 28.98
C ALA EF 15 98.45 59.73 30.44
N ASP EF 16 98.33 58.49 30.90
CA ASP EF 16 98.53 58.16 32.30
C ASP EF 16 99.71 57.22 32.53
N GLU EF 17 100.44 56.86 31.48
CA GLU EF 17 101.61 55.99 31.62
C GLU EF 17 102.72 56.47 30.71
N VAL EF 18 103.92 56.57 31.26
CA VAL EF 18 105.13 56.85 30.49
C VAL EF 18 106.11 55.71 30.75
N ILE EF 19 106.51 55.04 29.69
CA ILE EF 19 107.47 53.95 29.78
C ILE EF 19 108.84 54.49 29.43
N TYR EF 20 109.81 54.26 30.31
CA TYR EF 20 111.19 54.65 30.08
C TYR EF 20 112.04 53.41 29.84
N ALA EF 21 113.07 53.56 29.01
CA ALA EF 21 113.90 52.45 28.59
C ALA EF 21 115.30 52.63 29.16
N GLY EF 22 115.86 51.55 29.70
CA GLY EF 22 117.22 51.54 30.16
C GLY EF 22 118.19 51.53 28.99
N PRO EF 23 119.48 51.76 29.27
CA PRO EF 23 120.46 51.77 28.18
C PRO EF 23 120.55 50.45 27.43
N ALA EF 24 120.31 49.33 28.12
CA ALA EF 24 120.38 48.02 27.49
C ALA EF 24 119.10 47.62 26.77
N HIS EF 25 118.00 48.33 26.98
CA HIS EF 25 116.73 47.93 26.40
C HIS EF 25 116.81 47.91 24.88
N ASP EF 26 116.26 46.84 24.30
CA ASP EF 26 116.27 46.65 22.85
C ASP EF 26 115.08 45.79 22.48
N VAL EF 27 115.08 45.30 21.23
CA VAL EF 27 113.97 44.50 20.73
C VAL EF 27 113.87 43.12 21.36
N THR EF 28 114.97 42.62 21.95
CA THR EF 28 114.96 41.33 22.60
C THR EF 28 115.32 41.37 24.08
N ASN EF 29 115.92 42.45 24.57
CA ASN EF 29 116.23 42.61 25.99
C ASN EF 29 115.31 43.68 26.56
N VAL EF 30 114.59 43.34 27.62
CA VAL EF 30 113.68 44.27 28.26
C VAL EF 30 114.40 44.90 29.46
N ASP EF 31 114.50 46.23 29.44
CA ASP EF 31 115.01 47.00 30.57
C ASP EF 31 114.20 48.30 30.61
N THR EF 32 113.09 48.28 31.35
CA THR EF 32 112.15 49.38 31.34
C THR EF 32 111.71 49.74 32.76
N VAL EF 33 111.44 51.02 32.97
CA VAL EF 33 110.83 51.53 34.18
C VAL EF 33 109.56 52.27 33.75
N SER EF 34 108.40 51.78 34.20
CA SER EF 34 107.13 52.39 33.86
C SER EF 34 106.61 53.22 35.03
N LEU EF 35 106.10 54.41 34.72
CA LEU EF 35 105.38 55.23 35.68
C LEU EF 35 103.94 55.31 35.24
N ARG EF 36 103.05 54.69 35.99
CA ARG EF 36 101.62 54.67 35.70
C ARG EF 36 100.87 55.31 36.86
N ARG EF 37 99.82 56.04 36.54
CA ARG EF 37 99.00 56.67 37.55
C ARG EF 37 97.52 56.42 37.26
N SER EF 38 96.73 56.40 38.31
CA SER EF 38 95.28 56.37 38.21
C SER EF 38 94.75 57.58 38.96
N LEU EF 39 94.20 58.53 38.22
CA LEU EF 39 93.77 59.77 38.83
C LEU EF 39 92.53 59.54 39.70
N PRO EF 40 92.40 60.31 40.78
CA PRO EF 40 91.24 60.12 41.68
C PRO EF 40 89.93 60.42 40.97
N VAL EF 41 89.00 59.48 41.07
CA VAL EF 41 87.66 59.65 40.54
C VAL EF 41 86.73 59.97 41.71
N LYS EF 42 86.19 61.19 41.71
CA LYS EF 42 85.36 61.66 42.82
C LYS EF 42 83.96 61.10 42.62
N LYS EF 43 83.65 60.04 43.36
CA LYS EF 43 82.37 59.35 43.25
C LYS EF 43 81.67 59.38 44.60
N GLY EF 44 80.37 59.68 44.58
CA GLY EF 44 79.63 59.79 45.83
C GLY EF 44 80.20 60.89 46.70
N SER EF 45 80.20 60.66 48.01
CA SER EF 45 80.86 61.56 48.94
C SER EF 45 82.35 61.33 49.05
N ASP EF 46 82.85 60.21 48.51
CA ASP EF 46 84.27 59.91 48.54
C ASP EF 46 84.99 60.67 47.42
N ASN EF 47 86.08 61.33 47.76
CA ASN EF 47 86.83 62.11 46.79
C ASN EF 47 87.76 61.27 45.93
N GLY EF 48 87.87 59.98 46.18
CA GLY EF 48 88.70 59.11 45.37
C GLY EF 48 90.08 58.91 45.96
N THR EF 49 90.90 58.20 45.18
CA THR EF 49 92.23 57.83 45.62
C THR EF 49 93.20 57.96 44.45
N MET EF 50 94.37 58.54 44.72
CA MET EF 50 95.44 58.58 43.74
C MET EF 50 96.23 57.28 43.81
N ARG EF 51 96.32 56.57 42.69
CA ARG EF 51 97.13 55.36 42.59
C ARG EF 51 98.34 55.64 41.71
N GLY EF 52 99.53 55.42 42.26
CA GLY EF 52 100.75 55.55 41.50
C GLY EF 52 101.54 54.26 41.47
N ASN EF 53 101.80 53.73 40.28
CA ASN EF 53 102.48 52.45 40.13
C ASN EF 53 103.84 52.67 39.47
N MET EF 54 104.87 52.10 40.06
CA MET EF 54 106.22 52.12 39.51
C MET EF 54 106.60 50.69 39.14
N ASN EF 55 106.76 50.43 37.86
CA ASN EF 55 107.00 49.10 37.34
C ASN EF 55 108.43 48.96 36.85
N PHE EF 56 109.15 47.97 37.38
CA PHE EF 56 110.49 47.63 36.93
C PHE EF 56 110.43 46.29 36.22
N ALA EF 57 110.87 46.25 34.97
CA ALA EF 57 110.89 45.03 34.18
C ALA EF 57 112.30 44.78 33.67
N LYS EF 58 112.73 43.52 33.73
CA LYS EF 58 114.06 43.14 33.28
C LYS EF 58 114.03 41.70 32.77
N SER EF 59 114.65 41.48 31.62
CA SER EF 59 114.79 40.14 31.07
C SER EF 59 115.96 39.42 31.73
N PHE EF 60 115.76 38.14 32.02
CA PHE EF 60 116.77 37.35 32.70
C PHE EF 60 116.93 36.00 32.01
N PRO EF 61 118.13 35.45 31.98
CA PRO EF 61 118.31 34.08 31.48
C PRO EF 61 117.64 33.08 32.40
N ASN EF 62 116.73 32.30 31.83
CA ASN EF 62 116.05 31.23 32.56
C ASN EF 62 116.30 29.94 31.80
N GLY EF 63 117.41 29.28 32.12
CA GLY EF 63 117.83 28.10 31.39
C GLY EF 63 118.17 28.44 29.94
N ASP EF 64 117.35 27.96 29.01
CA ASP EF 64 117.56 28.23 27.60
C ASP EF 64 116.83 29.47 27.12
N LYS EF 65 115.64 29.73 27.63
CA LYS EF 65 114.83 30.87 27.23
C LYS EF 65 115.07 32.04 28.18
N LYS EF 66 114.26 33.08 28.04
CA LYS EF 66 114.37 34.28 28.87
C LYS EF 66 113.07 34.50 29.63
N SER EF 67 113.20 34.91 30.89
CA SER EF 67 112.07 35.21 31.74
C SER EF 67 112.08 36.67 32.14
N LEU EF 68 110.89 37.22 32.36
CA LEU EF 68 110.73 38.62 32.74
C LEU EF 68 110.53 38.72 34.25
N VAL EF 69 111.46 39.39 34.93
CA VAL EF 69 111.33 39.66 36.35
C VAL EF 69 110.74 41.05 36.53
N VAL EF 70 109.66 41.14 37.29
CA VAL EF 70 108.90 42.38 37.44
C VAL EF 70 108.85 42.75 38.92
N VAL EF 71 109.15 44.02 39.21
CA VAL EF 71 108.99 44.58 40.55
C VAL EF 71 108.05 45.76 40.44
N ASN EF 72 106.98 45.75 41.23
CA ASN EF 72 105.98 46.80 41.24
C ASN EF 72 106.00 47.54 42.56
N LEU EF 73 105.96 48.87 42.50
CA LEU EF 73 105.79 49.72 43.67
C LEU EF 73 104.54 50.55 43.46
N THR EF 74 103.51 50.30 44.28
CA THR EF 74 102.22 50.96 44.14
C THR EF 74 101.87 51.66 45.45
N ALA EF 75 101.36 52.88 45.33
CA ALA EF 75 100.89 53.67 46.48
C ALA EF 75 99.45 54.08 46.26
N HIS EF 76 98.67 54.01 47.33
CA HIS EF 76 97.26 54.42 47.31
C HIS EF 76 97.07 55.54 48.32
N VAL EF 77 97.00 56.76 47.84
CA VAL EF 77 96.87 57.95 48.67
C VAL EF 77 95.48 58.53 48.49
N PRO EF 78 94.61 58.47 49.49
CA PRO EF 78 93.28 59.08 49.36
C PRO EF 78 93.34 60.59 49.28
N VAL EF 79 92.40 61.18 48.54
CA VAL EF 79 92.32 62.63 48.44
C VAL EF 79 91.92 63.22 49.78
N GLY EF 80 92.60 64.29 50.18
CA GLY EF 80 92.35 64.98 51.43
C GLY EF 80 93.43 64.79 52.46
N VAL EF 81 94.34 63.87 52.24
CA VAL EF 81 95.45 63.64 53.16
C VAL EF 81 96.55 64.64 52.88
N ASP EF 82 97.27 65.03 53.93
CA ASP EF 82 98.38 65.94 53.78
C ASP EF 82 99.53 65.25 53.04
N ALA EF 83 99.95 65.83 51.92
CA ALA EF 83 100.97 65.20 51.08
C ALA EF 83 102.34 65.24 51.74
N THR EF 84 102.63 66.29 52.50
CA THR EF 84 103.91 66.35 53.22
C THR EF 84 104.00 65.26 54.28
N ALA EF 85 102.90 65.00 54.98
CA ALA EF 85 102.90 63.94 55.99
C ALA EF 85 103.16 62.58 55.36
N VAL EF 86 102.54 62.30 54.21
CA VAL EF 86 102.73 61.01 53.56
C VAL EF 86 104.17 60.87 53.07
N ARG EF 87 104.74 61.95 52.53
CA ARG EF 87 106.12 61.89 52.05
C ARG EF 87 107.09 61.62 53.19
N THR EF 88 106.86 62.23 54.35
CA THR EF 88 107.73 61.99 55.51
C THR EF 88 107.61 60.55 55.99
N TRP EF 89 106.40 60.00 56.00
CA TRP EF 89 106.21 58.60 56.38
C TRP EF 89 106.88 57.66 55.39
N MET EF 90 106.74 57.94 54.09
CA MET EF 90 107.33 57.08 53.08
C MET EF 90 108.84 57.08 53.14
N THR EF 91 109.45 58.23 53.40
CA THR EF 91 110.90 58.34 53.42
C THR EF 91 111.50 57.63 54.64
N SER EF 92 110.92 57.83 55.81
CA SER EF 92 111.51 57.32 57.05
C SER EF 92 111.07 55.91 57.40
N GLU EF 93 109.93 55.45 56.92
CA GLU EF 93 109.39 54.16 57.36
C GLU EF 93 109.18 53.16 56.23
N VAL EF 94 108.72 53.61 55.07
CA VAL EF 94 108.48 52.68 53.97
C VAL EF 94 109.78 52.36 53.24
N PHE EF 95 110.54 53.38 52.88
CA PHE EF 95 111.74 53.18 52.08
C PHE EF 95 112.79 52.32 52.76
N PRO EF 96 113.15 52.55 54.03
CA PRO EF 96 114.16 51.67 54.66
C PRO EF 96 113.74 50.22 54.73
N GLY EF 97 112.46 49.93 54.97
CA GLY EF 97 112.01 48.56 55.05
C GLY EF 97 111.82 47.90 53.70
N ALA EF 98 111.48 48.69 52.68
CA ALA EF 98 111.26 48.14 51.34
C ALA EF 98 112.56 47.76 50.65
N THR EF 99 113.68 48.36 51.05
CA THR EF 99 114.98 48.07 50.46
C THR EF 99 115.90 47.34 51.43
N SER EF 100 115.34 46.43 52.22
CA SER EF 100 116.09 45.67 53.19
C SER EF 100 116.30 44.24 52.69
N SER EF 101 116.98 43.44 53.52
CA SER EF 101 117.11 42.02 53.21
C SER EF 101 115.79 41.29 53.30
N VAL EF 102 114.80 41.87 53.97
CA VAL EF 102 113.47 41.27 54.04
C VAL EF 102 112.85 41.20 52.65
N THR EF 103 113.02 42.26 51.85
CA THR EF 103 112.52 42.24 50.48
C THR EF 103 113.23 41.16 49.65
N LEU EF 104 114.55 41.06 49.81
CA LEU EF 104 115.31 40.07 49.05
C LEU EF 104 114.97 38.65 49.49
N ASP EF 105 114.85 38.42 50.79
CA ASP EF 105 114.53 37.08 51.29
C ASP EF 105 113.11 36.68 50.91
N LEU EF 106 112.18 37.63 50.90
CA LEU EF 106 110.82 37.32 50.48
C LEU EF 106 110.76 36.98 49.00
N ALA EF 107 111.53 37.69 48.17
CA ALA EF 107 111.46 37.48 46.73
C ALA EF 107 112.04 36.11 46.34
N THR EF 108 113.22 35.78 46.85
CA THR EF 108 113.95 34.61 46.38
C THR EF 108 113.81 33.39 47.29
N LYS EF 109 113.25 33.55 48.49
CA LYS EF 109 113.08 32.41 49.38
C LYS EF 109 111.67 32.25 49.94
N GLY EF 110 110.77 33.20 49.71
CA GLY EF 110 109.45 33.13 50.31
C GLY EF 110 109.42 33.23 51.81
N VAL EF 111 110.33 34.00 52.39
CA VAL EF 111 110.39 34.16 53.84
C VAL EF 111 109.41 35.24 54.27
N ILE EF 112 108.42 34.85 55.06
CA ILE EF 112 107.45 35.80 55.62
C ILE EF 112 107.53 35.90 57.13
N HIS EF 113 108.23 34.99 57.80
CA HIS EF 113 108.41 35.03 59.24
C HIS EF 113 109.76 35.67 59.54
N LEU EF 114 109.73 36.82 60.22
CA LEU EF 114 110.94 37.58 60.51
C LEU EF 114 111.65 37.01 61.73
N SER EF 115 112.96 37.22 61.79
CA SER EF 115 113.77 36.77 62.91
C SER EF 115 115.05 37.60 62.97
N ASP EF 116 115.57 37.76 64.18
CA ASP EF 116 114.99 37.37 65.46
C ASP EF 116 115.23 38.46 66.51
N ALA EF 117 116.14 39.38 66.20
CA ALA EF 117 116.52 40.42 67.13
C ALA EF 117 116.01 41.79 66.69
N LEU FF 1 126.19 53.06 -14.94
CA LEU FF 1 124.96 53.07 -14.16
C LEU FF 1 125.26 53.13 -12.67
N SER FF 2 125.01 54.27 -12.05
CA SER FF 2 125.27 54.47 -10.63
C SER FF 2 124.04 55.06 -9.95
N ILE FF 3 123.75 54.55 -8.76
CA ILE FF 3 122.75 55.15 -7.87
C ILE FF 3 123.50 55.49 -6.58
N GLY FF 4 123.97 56.73 -6.49
CA GLY FF 4 124.83 57.12 -5.40
C GLY FF 4 126.27 56.73 -5.67
N THR FF 5 126.84 55.89 -4.79
CA THR FF 5 128.16 55.32 -5.01
C THR FF 5 128.11 53.87 -5.45
N LYS FF 6 126.91 53.34 -5.70
CA LYS FF 6 126.72 51.94 -6.02
C LYS FF 6 126.62 51.77 -7.54
N ASN FF 7 127.35 50.79 -8.07
CA ASN FF 7 127.28 50.44 -9.48
C ASN FF 7 126.24 49.34 -9.65
N VAL FF 8 125.17 49.64 -10.39
CA VAL FF 8 124.05 48.73 -10.57
C VAL FF 8 123.87 48.44 -12.04
N SER FF 9 123.08 47.41 -12.32
CA SER FF 9 122.71 47.04 -13.68
C SER FF 9 121.22 46.76 -13.74
N ILE FF 10 120.64 46.92 -14.94
CA ILE FF 10 119.22 46.66 -15.10
C ILE FF 10 118.94 45.19 -14.87
N TYR FF 11 117.94 44.91 -14.05
CA TYR FF 11 117.55 43.55 -13.70
C TYR FF 11 116.15 43.21 -14.16
N ARG FF 12 115.19 44.11 -13.98
CA ARG FF 12 113.83 43.92 -14.44
C ARG FF 12 113.32 45.26 -14.94
N ASN FF 13 112.69 45.26 -16.11
CA ASN FF 13 112.25 46.50 -16.76
C ASN FF 13 110.78 46.35 -17.12
N THR FF 14 109.92 47.05 -16.39
CA THR FF 14 108.49 47.09 -16.65
C THR FF 14 108.07 48.51 -16.98
N ALA FF 15 106.77 48.69 -17.20
CA ALA FF 15 106.25 49.98 -17.64
C ALA FF 15 106.51 51.07 -16.61
N ASP FF 16 106.29 50.77 -15.33
CA ASP FF 16 106.35 51.79 -14.29
C ASP FF 16 107.34 51.43 -13.18
N GLU FF 17 108.20 50.43 -13.40
CA GLU FF 17 109.16 50.03 -12.39
C GLU FF 17 110.37 49.40 -13.05
N VAL FF 18 111.56 49.86 -12.68
CA VAL FF 18 112.81 49.27 -13.12
C VAL FF 18 113.61 48.89 -11.88
N ILE FF 19 113.94 47.60 -11.77
CA ILE FF 19 114.72 47.09 -10.65
C ILE FF 19 116.19 47.04 -11.07
N TYR FF 20 117.05 47.63 -10.26
CA TYR FF 20 118.49 47.59 -10.48
C TYR FF 20 119.15 46.72 -9.42
N ALA FF 21 120.09 45.88 -9.85
CA ALA FF 21 120.74 44.92 -8.98
C ALA FF 21 122.16 45.37 -8.68
N GLY FF 22 122.55 45.29 -7.41
CA GLY FF 22 123.89 45.63 -6.99
C GLY FF 22 124.86 44.50 -7.24
N PRO FF 23 126.12 44.71 -6.87
CA PRO FF 23 127.14 43.65 -7.09
C PRO FF 23 126.84 42.36 -6.37
N ALA FF 24 126.19 42.42 -5.20
CA ALA FF 24 125.96 41.25 -4.35
C ALA FF 24 124.61 40.60 -4.62
N HIS FF 25 123.90 41.01 -5.66
CA HIS FF 25 122.60 40.42 -5.97
C HIS FF 25 122.77 39.16 -6.81
N ASP FF 26 122.02 38.13 -6.45
CA ASP FF 26 122.05 36.85 -7.15
C ASP FF 26 120.75 36.11 -6.87
N VAL FF 27 120.71 34.81 -7.17
CA VAL FF 27 119.50 34.02 -6.97
C VAL FF 27 119.13 33.89 -5.50
N THR FF 28 120.11 33.74 -4.61
CA THR FF 28 119.82 33.51 -3.20
C THR FF 28 119.98 34.74 -2.32
N ASN FF 29 120.60 35.81 -2.80
CA ASN FF 29 120.78 37.02 -2.03
C ASN FF 29 120.14 38.20 -2.74
N VAL FF 30 119.64 39.16 -1.95
CA VAL FF 30 118.94 40.32 -2.48
C VAL FF 30 119.81 41.55 -2.25
N ASP FF 31 120.14 42.24 -3.35
CA ASP FF 31 120.80 43.55 -3.30
C ASP FF 31 120.22 44.35 -4.48
N THR FF 32 119.15 45.10 -4.21
CA THR FF 32 118.42 45.75 -5.29
C THR FF 32 118.02 47.16 -4.89
N VAL FF 33 117.94 48.03 -5.90
CA VAL FF 33 117.35 49.36 -5.78
C VAL FF 33 116.30 49.49 -6.88
N SER FF 34 115.05 49.63 -6.48
CA SER FF 34 113.92 49.67 -7.41
C SER FF 34 113.38 51.08 -7.50
N LEU FF 35 113.27 51.59 -8.73
CA LEU FF 35 112.63 52.87 -9.00
C LEU FF 35 111.21 52.61 -9.50
N ARG FF 36 110.23 53.24 -8.86
CA ARG FF 36 108.84 53.08 -9.20
C ARG FF 36 108.19 54.44 -9.37
N ARG FF 37 107.09 54.48 -10.12
CA ARG FF 37 106.42 55.73 -10.38
C ARG FF 37 104.93 55.48 -10.59
N SER FF 38 104.13 56.51 -10.30
CA SER FF 38 102.70 56.52 -10.60
C SER FF 38 102.41 57.85 -11.28
N LEU FF 39 102.23 57.81 -12.61
CA LEU FF 39 102.05 59.03 -13.37
C LEU FF 39 100.72 59.69 -13.05
N PRO FF 40 100.64 61.02 -13.14
CA PRO FF 40 99.40 61.72 -12.80
C PRO FF 40 98.25 61.29 -13.69
N VAL FF 41 97.06 61.22 -13.10
CA VAL FF 41 95.83 60.90 -13.81
C VAL FF 41 94.92 62.11 -13.71
N LYS FF 42 94.51 62.66 -14.86
CA LYS FF 42 93.71 63.88 -14.91
C LYS FF 42 92.25 63.51 -14.59
N LYS FF 43 92.00 63.33 -13.29
CA LYS FF 43 90.66 63.01 -12.81
C LYS FF 43 89.88 64.28 -12.57
N GLY FF 44 88.83 64.49 -13.36
CA GLY FF 44 87.99 65.66 -13.21
C GLY FF 44 88.80 66.93 -13.40
N SER FF 45 88.67 67.86 -12.44
CA SER FF 45 89.41 69.10 -12.47
C SER FF 45 90.81 68.98 -11.87
N ASP FF 46 91.04 67.98 -11.02
CA ASP FF 46 92.36 67.77 -10.46
C ASP FF 46 93.31 67.24 -11.52
N ASN FF 47 94.48 67.86 -11.62
CA ASN FF 47 95.48 67.42 -12.58
C ASN FF 47 96.22 66.17 -12.14
N GLY FF 48 96.00 65.70 -10.92
CA GLY FF 48 96.65 64.49 -10.45
C GLY FF 48 97.87 64.77 -9.59
N THR FF 49 98.53 63.67 -9.22
CA THR FF 49 99.71 63.72 -8.38
C THR FF 49 100.79 62.85 -8.99
N MET FF 50 102.04 63.27 -8.85
CA MET FF 50 103.18 62.49 -9.29
C MET FF 50 103.78 61.77 -8.08
N ARG FF 51 103.76 60.44 -8.11
CA ARG FF 51 104.28 59.62 -7.03
C ARG FF 51 105.55 58.90 -7.51
N GLY FF 52 106.62 59.08 -6.77
CA GLY FF 52 107.88 58.40 -7.06
C GLY FF 52 108.35 57.63 -5.85
N ASN FF 53 108.70 56.37 -6.06
CA ASN FF 53 109.13 55.48 -4.98
C ASN FF 53 110.52 54.94 -5.28
N MET FF 54 111.42 55.07 -4.31
CA MET FF 54 112.74 54.47 -4.38
C MET FF 54 112.82 53.40 -3.29
N ASN FF 55 113.04 52.15 -3.71
CA ASN FF 55 113.02 51.01 -2.81
C ASN FF 55 114.44 50.44 -2.70
N PHE FF 56 114.90 50.28 -1.46
CA PHE FF 56 116.19 49.66 -1.17
C PHE FF 56 115.94 48.36 -0.43
N ALA FF 57 116.50 47.27 -0.94
CA ALA FF 57 116.33 45.95 -0.34
C ALA FF 57 117.67 45.26 -0.23
N LYS FF 58 117.94 44.65 0.92
CA LYS FF 58 119.15 43.87 1.12
C LYS FF 58 118.84 42.70 2.04
N SER FF 59 119.49 41.57 1.76
CA SER FF 59 119.41 40.40 2.62
C SER FF 59 120.47 40.47 3.70
N PHE FF 60 120.09 40.07 4.91
CA PHE FF 60 120.96 40.15 6.07
C PHE FF 60 120.93 38.85 6.84
N PRO FF 61 122.04 38.45 7.47
CA PRO FF 61 122.02 37.27 8.33
C PRO FF 61 121.11 37.50 9.53
N ASN FF 62 120.16 36.59 9.70
CA ASN FF 62 119.21 36.63 10.83
C ASN FF 62 119.24 35.27 11.50
N GLY FF 63 120.19 35.08 12.41
CA GLY FF 63 120.36 33.79 13.07
C GLY FF 63 120.67 32.69 12.09
N ASP FF 64 119.71 31.79 11.89
CA ASP FF 64 119.90 30.68 10.96
C ASP FF 64 119.54 31.08 9.53
N LYS FF 65 118.48 31.87 9.36
CA LYS FF 65 118.00 32.24 8.04
C LYS FF 65 118.50 33.63 7.66
N LYS FF 66 118.04 34.12 6.52
CA LYS FF 66 118.40 35.44 6.02
C LYS FF 66 117.14 36.30 5.94
N SER FF 67 117.18 37.48 6.55
CA SER FF 67 116.05 38.38 6.57
C SER FF 67 116.30 39.58 5.65
N LEU FF 68 115.21 40.16 5.16
CA LEU FF 68 115.26 41.25 4.19
C LEU FF 68 115.00 42.57 4.89
N VAL FF 69 115.93 43.51 4.75
CA VAL FF 69 115.77 44.87 5.25
C VAL FF 69 115.40 45.77 4.08
N VAL FF 70 114.32 46.53 4.23
CA VAL FF 70 113.79 47.36 3.16
C VAL FF 70 113.72 48.80 3.63
N VAL FF 71 114.29 49.71 2.85
CA VAL FF 71 114.17 51.15 3.07
C VAL FF 71 113.42 51.75 1.90
N ASN FF 72 112.32 52.42 2.17
CA ASN FF 72 111.50 53.05 1.15
C ASN FF 72 111.65 54.57 1.21
N LEU FF 73 111.49 55.20 0.05
CA LEU FF 73 111.47 56.66 -0.04
C LEU FF 73 110.44 57.03 -1.10
N THR FF 74 109.32 57.58 -0.66
CA THR FF 74 108.22 57.93 -1.55
C THR FF 74 107.94 59.42 -1.48
N ALA FF 75 107.78 60.04 -2.64
CA ALA FF 75 107.47 61.46 -2.74
C ALA FF 75 106.13 61.64 -3.45
N HIS FF 76 105.33 62.56 -2.95
CA HIS FF 76 104.03 62.90 -3.55
C HIS FF 76 104.07 64.37 -3.95
N VAL FF 77 104.08 64.64 -5.24
CA VAL FF 77 104.14 66.00 -5.75
C VAL FF 77 102.90 66.28 -6.60
N PRO FF 78 101.97 67.09 -6.13
CA PRO FF 78 100.79 67.40 -6.94
C PRO FF 78 101.17 68.18 -8.20
N VAL FF 79 100.40 67.96 -9.27
CA VAL FF 79 100.66 68.63 -10.53
C VAL FF 79 100.30 70.10 -10.42
N GLY FF 80 101.19 70.96 -10.90
CA GLY FF 80 101.02 72.40 -10.84
C GLY FF 80 101.99 73.08 -9.87
N VAL FF 81 102.40 72.38 -8.82
CA VAL FF 81 103.40 72.90 -7.91
C VAL FF 81 104.70 73.10 -8.65
N ASP FF 82 105.36 74.23 -8.42
CA ASP FF 82 106.62 74.53 -9.08
C ASP FF 82 107.65 73.48 -8.73
N ALA FF 83 108.27 72.89 -9.76
CA ALA FF 83 109.22 71.81 -9.53
C ALA FF 83 110.49 72.29 -8.87
N THR FF 84 110.95 73.50 -9.22
CA THR FF 84 112.19 74.02 -8.65
C THR FF 84 112.06 74.25 -7.15
N ALA FF 85 110.89 74.72 -6.70
CA ALA FF 85 110.67 74.94 -5.28
C ALA FF 85 110.72 73.63 -4.50
N VAL FF 86 110.18 72.56 -5.08
CA VAL FF 86 110.22 71.25 -4.40
C VAL FF 86 111.64 70.74 -4.32
N ARG FF 87 112.44 70.97 -5.36
CA ARG FF 87 113.78 70.40 -5.40
C ARG FF 87 114.73 71.11 -4.43
N THR FF 88 114.56 72.41 -4.25
CA THR FF 88 115.36 73.11 -3.24
C THR FF 88 114.87 72.80 -1.83
N TRP FF 89 113.57 72.51 -1.68
CA TRP FF 89 113.06 72.07 -0.39
C TRP FF 89 113.64 70.71 -0.02
N MET FF 90 113.69 69.78 -0.98
CA MET FF 90 114.22 68.46 -0.69
C MET FF 90 115.71 68.50 -0.40
N THR FF 91 116.47 69.26 -1.20
CA THR FF 91 117.92 69.28 -1.06
C THR FF 91 118.34 69.90 0.25
N SER FF 92 117.64 70.95 0.69
CA SER FF 92 118.04 71.69 1.88
C SER FF 92 117.30 71.29 3.14
N GLU FF 93 116.02 70.91 3.04
CA GLU FF 93 115.19 70.65 4.20
C GLU FF 93 114.89 69.18 4.44
N VAL FF 94 114.77 68.38 3.39
CA VAL FF 94 114.37 66.99 3.56
C VAL FF 94 115.60 66.07 3.63
N PHE FF 95 116.50 66.20 2.66
CA PHE FF 95 117.67 65.32 2.55
C PHE FF 95 118.59 65.39 3.77
N PRO FF 96 118.97 66.57 4.27
CA PRO FF 96 119.84 66.60 5.46
C PRO FF 96 119.20 65.95 6.67
N GLY FF 97 117.88 66.09 6.85
CA GLY FF 97 117.22 65.45 7.98
C GLY FF 97 116.95 63.98 7.78
N ALA FF 98 116.81 63.55 6.52
CA ALA FF 98 116.52 62.16 6.22
C ALA FF 98 117.73 61.25 6.29
N THR FF 99 118.94 61.82 6.39
CA THR FF 99 120.17 61.03 6.43
C THR FF 99 120.94 61.25 7.72
N SER FF 100 120.29 61.82 8.74
CA SER FF 100 120.95 62.11 10.00
C SER FF 100 120.91 60.87 10.90
N SER FF 101 121.39 61.02 12.13
CA SER FF 101 121.32 59.92 13.10
C SER FF 101 119.88 59.63 13.54
N VAL FF 102 118.96 60.58 13.32
CA VAL FF 102 117.57 60.37 13.70
C VAL FF 102 116.98 59.20 12.92
N THR FF 103 117.28 59.13 11.62
CA THR FF 103 116.80 58.02 10.81
C THR FF 103 117.38 56.69 11.29
N LEU FF 104 118.65 56.69 11.67
CA LEU FF 104 119.29 55.45 12.11
C LEU FF 104 118.66 54.95 13.41
N ASP FF 105 118.43 55.84 14.37
CA ASP FF 105 117.80 55.42 15.62
C ASP FF 105 116.35 55.01 15.41
N LEU FF 106 115.63 55.73 14.53
CA LEU FF 106 114.24 55.38 14.24
C LEU FF 106 114.13 54.02 13.57
N ALA FF 107 115.07 53.69 12.69
CA ALA FF 107 115.00 52.42 11.96
C ALA FF 107 115.36 51.24 12.85
N THR FF 108 116.36 51.39 13.72
CA THR FF 108 116.86 50.27 14.49
C THR FF 108 116.27 50.19 15.90
N LYS FF 109 115.90 51.33 16.48
CA LYS FF 109 115.38 51.34 17.85
C LYS FF 109 114.02 51.99 17.99
N GLY FF 110 113.43 52.51 16.91
CA GLY FF 110 112.12 53.13 16.99
C GLY FF 110 112.06 54.38 17.82
N VAL FF 111 113.11 55.20 17.81
CA VAL FF 111 113.16 56.42 18.62
C VAL FF 111 112.41 57.53 17.88
N ILE FF 112 111.42 58.10 18.54
CA ILE FF 112 110.61 59.17 17.97
C ILE FF 112 110.74 60.48 18.73
N HIS FF 113 111.51 60.50 19.82
CA HIS FF 113 111.75 61.71 20.61
C HIS FF 113 113.22 62.11 20.44
N LEU FF 114 113.45 63.20 19.70
CA LEU FF 114 114.82 63.64 19.42
C LEU FF 114 115.21 64.78 20.37
N SER FF 115 115.45 64.43 21.62
CA SER FF 115 115.90 65.38 22.61
C SER FF 115 117.42 65.50 22.59
N ASP FF 116 117.92 66.70 22.85
CA ASP FF 116 117.15 67.92 23.05
C ASP FF 116 117.78 69.07 22.26
N ALA FF 117 119.06 68.95 21.97
CA ALA FF 117 119.79 69.98 21.24
C ALA FF 117 119.43 69.97 19.77
N LEU GF 1 -97.88 -65.71 70.78
CA LEU GF 1 -96.82 -64.72 70.91
C LEU GF 1 -97.31 -63.49 71.68
N SER GF 2 -96.67 -63.23 72.82
CA SER GF 2 -97.05 -62.10 73.67
C SER GF 2 -95.79 -61.44 74.21
N ILE GF 3 -95.90 -60.13 74.46
CA ILE GF 3 -94.85 -59.35 75.09
C ILE GF 3 -95.52 -58.64 76.27
N GLY GF 4 -95.33 -59.18 77.47
CA GLY GF 4 -96.10 -58.73 78.60
C GLY GF 4 -97.54 -59.16 78.47
N THR GF 5 -98.46 -58.19 78.31
CA THR GF 5 -99.87 -58.48 78.13
C THR GF 5 -100.36 -58.20 76.72
N LYS GF 6 -99.46 -57.88 75.79
CA LYS GF 6 -99.82 -57.51 74.43
C LYS GF 6 -99.49 -58.65 73.47
N ASN GF 7 -100.49 -59.04 72.67
CA ASN GF 7 -100.28 -60.04 71.63
C ASN GF 7 -99.62 -59.41 70.42
N VAL GF 8 -98.58 -60.05 69.91
CA VAL GF 8 -97.82 -59.55 68.77
C VAL GF 8 -97.67 -60.66 67.75
N SER GF 9 -97.16 -60.29 66.58
CA SER GF 9 -96.91 -61.22 65.50
C SER GF 9 -95.58 -60.88 64.84
N ILE GF 10 -94.93 -61.91 64.29
CA ILE GF 10 -93.71 -61.69 63.53
C ILE GF 10 -94.02 -60.75 62.36
N TYR GF 11 -93.21 -59.71 62.22
CA TYR GF 11 -93.38 -58.72 61.16
C TYR GF 11 -92.16 -58.59 60.28
N ARG GF 12 -90.98 -58.39 60.85
CA ARG GF 12 -89.74 -58.29 60.10
C ARG GF 12 -88.64 -59.04 60.85
N ASN GF 13 -87.94 -59.91 60.13
CA ASN GF 13 -86.91 -60.75 60.71
C ASN GF 13 -85.59 -60.47 60.01
N THR GF 14 -84.56 -60.16 60.80
CA THR GF 14 -83.20 -60.06 60.27
C THR GF 14 -82.28 -60.94 61.10
N ALA GF 15 -80.97 -60.91 60.81
CA ALA GF 15 -80.04 -61.77 61.50
C ALA GF 15 -79.97 -61.46 62.99
N ASP GF 16 -79.94 -60.17 63.34
CA ASP GF 16 -79.78 -59.77 64.73
C ASP GF 16 -80.91 -58.88 65.23
N GLU GF 17 -81.99 -58.75 64.48
CA GLU GF 17 -83.11 -57.91 64.89
C GLU GF 17 -84.41 -58.53 64.41
N VAL GF 18 -85.40 -58.56 65.31
CA VAL GF 18 -86.75 -59.01 64.99
C VAL GF 18 -87.72 -57.92 65.40
N ILE GF 19 -88.62 -57.55 64.48
CA ILE GF 19 -89.68 -56.58 64.75
C ILE GF 19 -91.00 -57.32 64.86
N TYR GF 20 -91.74 -57.05 65.93
CA TYR GF 20 -93.07 -57.59 66.13
C TYR GF 20 -94.09 -56.48 66.00
N ALA GF 21 -95.25 -56.82 65.45
CA ALA GF 21 -96.32 -55.85 65.20
C ALA GF 21 -97.45 -56.07 66.18
N GLY GF 22 -97.95 -54.97 66.76
CA GLY GF 22 -99.08 -55.03 67.64
C GLY GF 22 -100.40 -55.05 66.89
N PRO GF 23 -101.51 -55.18 67.62
CA PRO GF 23 -102.82 -55.26 66.95
C PRO GF 23 -103.20 -54.01 66.19
N ALA GF 24 -102.60 -52.87 66.49
CA ALA GF 24 -102.96 -51.59 65.87
C ALA GF 24 -102.01 -51.18 64.76
N HIS GF 25 -101.08 -52.04 64.38
CA HIS GF 25 -100.10 -51.68 63.36
C HIS GF 25 -100.68 -51.89 61.96
N ASP GF 26 -100.61 -50.85 61.14
CA ASP GF 26 -101.01 -50.93 59.73
C ASP GF 26 -100.18 -49.91 58.96
N VAL GF 27 -100.63 -49.60 57.74
CA VAL GF 27 -99.92 -48.67 56.87
C VAL GF 27 -99.93 -47.26 57.45
N THR GF 28 -100.94 -46.95 58.27
CA THR GF 28 -101.10 -45.61 58.80
C THR GF 28 -100.67 -45.45 60.25
N ASN GF 29 -100.78 -46.48 61.07
CA ASN GF 29 -100.48 -46.39 62.49
C ASN GF 29 -99.36 -47.34 62.84
N VAL GF 30 -98.42 -46.87 63.66
CA VAL GF 30 -97.29 -47.68 64.10
C VAL GF 30 -97.59 -48.27 65.47
N ASP GF 31 -97.44 -49.59 65.58
CA ASP GF 31 -97.52 -50.28 66.87
C ASP GF 31 -96.57 -51.48 66.78
N THR GF 32 -95.32 -51.26 67.20
CA THR GF 32 -94.28 -52.27 67.03
C THR GF 32 -93.42 -52.38 68.27
N VAL GF 33 -92.95 -53.60 68.53
CA VAL GF 33 -91.92 -53.87 69.52
C VAL GF 33 -90.78 -54.59 68.82
N SER GF 34 -89.58 -54.06 68.94
CA SER GF 34 -88.41 -54.58 68.26
C SER GF 34 -87.40 -55.13 69.25
N LEU GF 35 -86.87 -56.31 68.96
CA LEU GF 35 -85.82 -56.94 69.76
C LEU GF 35 -84.55 -56.99 68.94
N ARG GF 36 -83.48 -56.40 69.46
CA ARG GF 36 -82.21 -56.35 68.77
C ARG GF 36 -81.10 -56.82 69.70
N ARG GF 37 -80.10 -57.50 69.14
CA ARG GF 37 -78.97 -57.99 69.91
C ARG GF 37 -77.68 -57.59 69.21
N SER GF 38 -76.65 -57.34 70.02
CA SER GF 38 -75.29 -57.11 69.54
C SER GF 38 -74.42 -58.14 70.25
N LEU GF 39 -74.11 -59.23 69.55
CA LEU GF 39 -73.37 -60.32 70.16
C LEU GF 39 -71.94 -59.88 70.46
N PRO GF 40 -71.36 -60.37 71.55
CA PRO GF 40 -70.00 -59.97 71.90
C PRO GF 40 -68.99 -60.40 70.85
N VAL GF 41 -67.98 -59.55 70.65
CA VAL GF 41 -66.83 -59.86 69.82
C VAL GF 41 -65.63 -59.89 70.75
N LYS GF 42 -64.95 -61.04 70.81
CA LYS GF 42 -63.86 -61.24 71.76
C LYS GF 42 -62.54 -60.91 71.09
N LYS GF 43 -62.39 -59.64 70.74
CA LYS GF 43 -61.17 -59.14 70.15
C LYS GF 43 -60.06 -59.06 71.18
N GLY GF 44 -58.83 -59.31 70.72
CA GLY GF 44 -57.67 -59.30 71.59
C GLY GF 44 -57.83 -60.18 72.81
N SER GF 45 -57.79 -59.56 73.99
CA SER GF 45 -58.03 -60.27 75.25
C SER GF 45 -59.39 -60.01 75.85
N ASP GF 46 -60.01 -58.87 75.54
CA ASP GF 46 -61.33 -58.56 76.08
C ASP GF 46 -62.38 -59.44 75.42
N ASN GF 47 -63.26 -60.00 76.24
CA ASN GF 47 -64.31 -60.88 75.74
C ASN GF 47 -65.52 -60.12 75.20
N GLY GF 48 -65.50 -58.79 75.25
CA GLY GF 48 -66.56 -58.01 74.67
C GLY GF 48 -67.78 -57.87 75.57
N THR GF 49 -68.80 -57.22 75.01
CA THR GF 49 -70.03 -56.93 75.73
C THR GF 49 -71.22 -57.40 74.90
N MET GF 50 -72.21 -57.97 75.58
CA MET GF 50 -73.46 -58.35 74.93
C MET GF 50 -74.46 -57.22 75.12
N ARG GF 51 -74.98 -56.70 74.01
CA ARG GF 51 -75.90 -55.57 74.03
C ARG GF 51 -77.26 -56.02 73.55
N GLY GF 52 -78.26 -55.97 74.44
CA GLY GF 52 -79.62 -56.30 74.08
C GLY GF 52 -80.52 -55.09 74.14
N ASN GF 53 -81.14 -54.75 73.01
CA ASN GF 53 -81.96 -53.56 72.89
C ASN GF 53 -83.41 -53.95 72.66
N MET GF 54 -84.31 -53.36 73.45
CA MET GF 54 -85.75 -53.55 73.31
C MET GF 54 -86.38 -52.22 72.92
N ASN GF 55 -87.12 -52.21 71.82
CA ASN GF 55 -87.64 -50.98 71.22
C ASN GF 55 -89.16 -51.00 71.25
N PHE GF 56 -89.77 -49.91 71.70
CA PHE GF 56 -91.21 -49.71 71.64
C PHE GF 56 -91.50 -48.48 70.82
N ALA GF 57 -92.37 -48.62 69.83
CA ALA GF 57 -92.70 -47.52 68.93
C ALA GF 57 -94.21 -47.43 68.78
N LYS GF 58 -94.74 -46.21 68.84
CA LYS GF 58 -96.18 -45.98 68.73
C LYS GF 58 -96.43 -44.60 68.14
N SER GF 59 -97.26 -44.54 67.10
CA SER GF 59 -97.65 -43.27 66.52
C SER GF 59 -98.73 -42.61 67.37
N PHE GF 60 -98.64 -41.29 67.49
CA PHE GF 60 -99.55 -40.51 68.30
C PHE GF 60 -100.04 -39.31 67.52
N PRO GF 61 -101.27 -38.86 67.78
CA PRO GF 61 -101.76 -37.63 67.15
C PRO GF 61 -100.96 -36.42 67.63
N ASN GF 62 -100.45 -35.65 66.68
CA ASN GF 62 -99.68 -34.44 66.97
C ASN GF 62 -100.22 -33.34 66.06
N GLY GF 63 -101.26 -32.65 66.55
CA GLY GF 63 -101.93 -31.67 65.71
C GLY GF 63 -102.58 -32.36 64.53
N ASP GF 64 -102.26 -31.88 63.32
CA ASP GF 64 -102.77 -32.49 62.10
C ASP GF 64 -101.97 -33.71 61.67
N LYS GF 65 -100.70 -33.78 62.02
CA LYS GF 65 -99.83 -34.87 61.61
C LYS GF 65 -99.82 -35.96 62.68
N LYS GF 66 -98.93 -36.94 62.50
CA LYS GF 66 -98.71 -38.00 63.47
C LYS GF 66 -97.25 -38.00 63.89
N SER GF 67 -97.00 -38.30 65.16
CA SER GF 67 -95.66 -38.30 65.72
C SER GF 67 -95.35 -39.66 66.32
N LEU GF 68 -94.10 -40.09 66.16
CA LEU GF 68 -93.65 -41.37 66.67
C LEU GF 68 -93.03 -41.19 68.05
N VAL GF 69 -93.55 -41.91 69.04
CA VAL GF 69 -92.97 -41.96 70.37
C VAL GF 69 -92.23 -43.28 70.51
N VAL GF 70 -90.96 -43.21 70.88
CA VAL GF 70 -90.08 -44.38 70.94
C VAL GF 70 -89.53 -44.51 72.35
N VAL GF 71 -89.63 -45.72 72.90
CA VAL GF 71 -89.05 -46.04 74.20
C VAL GF 71 -88.02 -47.15 74.00
N ASN GF 72 -86.81 -46.92 74.47
CA ASN GF 72 -85.70 -47.86 74.33
C ASN GF 72 -85.28 -48.40 75.68
N LEU GF 73 -85.01 -49.70 75.74
CA LEU GF 73 -84.48 -50.35 76.93
C LEU GF 73 -83.30 -51.22 76.51
N THR GF 74 -82.09 -50.81 76.88
CA THR GF 74 -80.87 -51.47 76.45
C THR GF 74 -80.09 -51.97 77.66
N ALA GF 75 -79.58 -53.19 77.58
CA ALA GF 75 -78.75 -53.78 78.61
C ALA GF 75 -77.35 -53.99 78.06
N HIS GF 76 -76.34 -53.59 78.83
CA HIS GF 76 -74.93 -53.77 78.48
C HIS GF 76 -74.31 -54.67 79.54
N VAL GF 77 -74.19 -55.96 79.23
CA VAL GF 77 -73.68 -56.95 80.15
C VAL GF 77 -72.33 -57.44 79.64
N PRO GF 78 -71.22 -57.10 80.29
CA PRO GF 78 -69.92 -57.60 79.86
C PRO GF 78 -69.82 -59.11 80.02
N VAL GF 79 -69.04 -59.75 79.15
CA VAL GF 79 -68.90 -61.19 79.16
C VAL GF 79 -68.07 -61.63 80.36
N GLY GF 80 -68.55 -62.62 81.10
CA GLY GF 80 -67.91 -63.12 82.30
C GLY GF 80 -68.72 -62.85 83.56
N VAL GF 81 -69.57 -61.82 83.53
CA VAL GF 81 -70.44 -61.53 84.66
C VAL GF 81 -71.51 -62.61 84.77
N ASP GF 82 -71.76 -63.04 86.00
CA ASP GF 82 -72.77 -64.07 86.25
C ASP GF 82 -74.14 -63.60 85.76
N ALA GF 83 -74.77 -64.40 84.89
CA ALA GF 83 -76.09 -64.05 84.38
C ALA GF 83 -77.14 -64.02 85.48
N THR GF 84 -77.08 -64.98 86.40
CA THR GF 84 -78.05 -65.03 87.49
C THR GF 84 -77.94 -63.80 88.38
N ALA GF 85 -76.71 -63.36 88.67
CA ALA GF 85 -76.53 -62.15 89.46
C ALA GF 85 -77.10 -60.93 88.76
N VAL GF 86 -76.90 -60.84 87.45
CA VAL GF 86 -77.43 -59.71 86.69
C VAL GF 86 -78.96 -59.76 86.66
N ARG GF 87 -79.53 -60.94 86.46
CA ARG GF 87 -80.99 -61.05 86.38
C ARG GF 87 -81.64 -60.69 87.71
N THR GF 88 -81.01 -61.07 88.83
CA THR GF 88 -81.54 -60.69 90.13
C THR GF 88 -81.47 -59.19 90.34
N TRP GF 89 -80.38 -58.55 89.90
CA TRP GF 89 -80.26 -57.11 90.02
C TRP GF 89 -81.29 -56.39 89.16
N MET GF 90 -81.49 -56.87 87.92
CA MET GF 90 -82.46 -56.23 87.03
C MET GF 90 -83.88 -56.37 87.56
N THR GF 91 -84.22 -57.54 88.09
CA THR GF 91 -85.58 -57.78 88.57
C THR GF 91 -85.90 -56.98 89.83
N SER GF 92 -84.94 -56.88 90.75
CA SER GF 92 -85.20 -56.28 92.05
C SER GF 92 -84.87 -54.79 92.13
N GLU GF 93 -83.96 -54.31 91.30
CA GLU GF 93 -83.53 -52.91 91.37
C GLU GF 93 -83.88 -52.09 90.13
N VAL GF 94 -83.65 -52.63 88.93
CA VAL GF 94 -83.90 -51.86 87.72
C VAL GF 94 -85.37 -51.86 87.37
N PHE GF 95 -86.00 -53.04 87.36
CA PHE GF 95 -87.39 -53.13 86.92
C PHE GF 95 -88.35 -52.31 87.75
N PRO GF 96 -88.33 -52.35 89.10
CA PRO GF 96 -89.23 -51.45 89.85
C PRO GF 96 -88.96 -49.98 89.61
N GLY GF 97 -87.70 -49.58 89.41
CA GLY GF 97 -87.40 -48.17 89.21
C GLY GF 97 -87.70 -47.69 87.81
N ALA GF 98 -87.65 -48.57 86.82
CA ALA GF 98 -87.90 -48.22 85.44
C ALA GF 98 -89.38 -48.23 85.08
N THR GF 99 -90.25 -48.57 86.04
CA THR GF 99 -91.69 -48.57 85.82
C THR GF 99 -92.42 -47.67 86.82
N SER GF 100 -91.69 -46.81 87.51
CA SER GF 100 -92.27 -45.94 88.51
C SER GF 100 -92.73 -44.63 87.86
N SER GF 101 -93.30 -43.74 88.68
CA SER GF 101 -93.66 -42.41 88.19
C SER GF 101 -92.44 -41.59 87.80
N VAL GF 102 -91.25 -41.97 88.29
CA VAL GF 102 -90.03 -41.28 87.90
C VAL GF 102 -89.79 -41.40 86.40
N THR GF 103 -89.97 -42.60 85.86
CA THR GF 103 -89.82 -42.79 84.42
C THR GF 103 -90.89 -42.01 83.65
N LEU GF 104 -92.13 -42.04 84.15
CA LEU GF 104 -93.21 -41.33 83.48
C LEU GF 104 -92.97 -39.82 83.50
N ASP GF 105 -92.46 -39.30 84.61
CA ASP GF 105 -92.21 -37.86 84.71
C ASP GF 105 -91.04 -37.43 83.85
N LEU GF 106 -90.00 -38.27 83.76
CA LEU GF 106 -88.84 -37.93 82.94
C LEU GF 106 -89.19 -37.90 81.46
N ALA GF 107 -90.01 -38.87 81.02
CA ALA GF 107 -90.30 -38.98 79.59
C ALA GF 107 -91.23 -37.87 79.11
N THR GF 108 -92.27 -37.56 79.88
CA THR GF 108 -93.30 -36.63 79.45
C THR GF 108 -93.12 -35.22 79.98
N LYS GF 109 -92.30 -35.03 81.01
CA LYS GF 109 -92.11 -33.70 81.59
C LYS GF 109 -90.64 -33.32 81.72
N GLY GF 110 -89.70 -34.22 81.47
CA GLY GF 110 -88.30 -33.91 81.63
C GLY GF 110 -87.88 -33.66 83.06
N VAL GF 111 -88.45 -34.37 84.02
CA VAL GF 111 -88.14 -34.15 85.42
C VAL GF 111 -86.97 -35.03 85.82
N ILE GF 112 -85.87 -34.40 86.24
CA ILE GF 112 -84.67 -35.10 86.69
C ILE GF 112 -84.43 -34.96 88.17
N HIS GF 113 -85.30 -34.24 88.89
CA HIS GF 113 -85.21 -34.08 90.34
C HIS GF 113 -86.39 -34.80 90.97
N LEU GF 114 -86.14 -35.91 91.66
CA LEU GF 114 -87.21 -36.66 92.32
C LEU GF 114 -87.27 -36.30 93.79
N SER GF 115 -87.72 -35.08 94.06
CA SER GF 115 -87.98 -34.63 95.42
C SER GF 115 -89.36 -35.09 95.87
N ASP GF 116 -89.51 -35.30 97.18
CA ASP GF 116 -88.49 -35.22 98.22
C ASP GF 116 -88.65 -36.40 99.18
N ALA GF 117 -89.78 -37.08 99.09
CA ALA GF 117 -90.07 -38.20 100.00
C ALA GF 117 -89.11 -39.36 99.78
N LEU HF 1 -85.90 -39.81 99.62
CA LEU HF 1 -85.48 -39.84 98.23
C LEU HF 1 -85.30 -41.29 97.77
N SER HF 2 -86.23 -41.77 96.96
CA SER HF 2 -86.21 -43.14 96.49
C SER HF 2 -86.57 -43.21 95.02
N ILE HF 3 -85.99 -44.19 94.33
CA ILE HF 3 -86.33 -44.51 92.96
C ILE HF 3 -86.77 -45.98 92.95
N GLY HF 4 -88.03 -46.21 92.65
CA GLY HF 4 -88.59 -47.54 92.77
C GLY HF 4 -88.58 -48.00 94.22
N THR HF 5 -87.94 -49.13 94.49
CA THR HF 5 -87.80 -49.64 95.85
C THR HF 5 -86.44 -49.32 96.46
N LYS HF 6 -85.58 -48.59 95.75
CA LYS HF 6 -84.22 -48.33 96.20
C LYS HF 6 -84.12 -46.88 96.70
N ASN HF 7 -83.65 -46.73 97.93
CA ASN HF 7 -83.35 -45.41 98.45
C ASN HF 7 -82.05 -44.89 97.87
N VAL HF 8 -82.05 -43.64 97.42
CA VAL HF 8 -80.91 -43.02 96.78
C VAL HF 8 -80.67 -41.65 97.40
N SER HF 9 -79.51 -41.09 97.10
CA SER HF 9 -79.16 -39.73 97.52
C SER HF 9 -78.54 -39.01 96.34
N ILE HF 10 -78.63 -37.67 96.36
CA ILE HF 10 -78.06 -36.88 95.30
C ILE HF 10 -76.54 -36.98 95.35
N TYR HF 11 -75.95 -37.37 94.22
CA TYR HF 11 -74.50 -37.54 94.10
C TYR HF 11 -73.85 -36.45 93.27
N ARG HF 12 -74.34 -36.23 92.06
CA ARG HF 12 -73.87 -35.15 91.21
C ARG HF 12 -75.07 -34.49 90.54
N ASN HF 13 -74.97 -33.18 90.33
CA ASN HF 13 -76.10 -32.38 89.86
C ASN HF 13 -75.60 -31.38 88.83
N THR HF 14 -75.93 -31.61 87.57
CA THR HF 14 -75.69 -30.66 86.49
C THR HF 14 -77.02 -30.12 85.98
N ALA HF 15 -76.95 -29.29 84.93
CA ALA HF 15 -78.14 -28.64 84.42
C ALA HF 15 -79.15 -29.66 83.87
N ASP HF 16 -78.67 -30.63 83.09
CA ASP HF 16 -79.57 -31.59 82.45
C ASP HF 16 -79.35 -33.03 82.94
N GLU HF 17 -78.50 -33.24 83.94
CA GLU HF 17 -78.28 -34.56 84.48
C GLU HF 17 -78.15 -34.48 86.00
N VAL HF 18 -78.84 -35.38 86.69
CA VAL HF 18 -78.65 -35.58 88.12
C VAL HF 18 -78.33 -37.05 88.34
N ILE HF 19 -77.19 -37.31 88.97
CA ILE HF 19 -76.75 -38.66 89.28
C ILE HF 19 -77.08 -38.94 90.73
N TYR HF 20 -77.78 -40.04 90.97
CA TYR HF 20 -78.13 -40.46 92.32
C TYR HF 20 -77.32 -41.72 92.68
N ALA HF 21 -76.91 -41.79 93.94
CA ALA HF 21 -76.07 -42.88 94.42
C ALA HF 21 -76.87 -43.82 95.30
N GLY HF 22 -76.71 -45.11 95.06
CA GLY HF 22 -77.33 -46.11 95.89
C GLY HF 22 -76.65 -46.20 97.24
N PRO HF 23 -77.24 -46.94 98.17
CA PRO HF 23 -76.63 -47.06 99.51
C PRO HF 23 -75.25 -47.67 99.48
N ALA HF 24 -74.99 -48.59 98.52
CA ALA HF 24 -73.71 -49.26 98.43
C ALA HF 24 -72.67 -48.49 97.63
N HIS HF 25 -73.07 -47.43 96.94
CA HIS HF 25 -72.14 -46.71 96.07
C HIS HF 25 -70.98 -46.14 96.89
N ASP HF 26 -69.78 -46.30 96.36
CA ASP HF 26 -68.56 -45.84 97.03
C ASP HF 26 -67.49 -45.58 95.98
N VAL HF 27 -66.26 -45.36 96.44
CA VAL HF 27 -65.16 -45.03 95.54
C VAL HF 27 -64.74 -46.19 94.65
N THR HF 28 -65.06 -47.44 95.04
CA THR HF 28 -64.70 -48.60 94.24
C THR HF 28 -65.89 -49.40 93.73
N ASN HF 29 -67.07 -49.25 94.32
CA ASN HF 29 -68.27 -49.93 93.87
C ASN HF 29 -69.22 -48.90 93.29
N VAL HF 30 -69.68 -49.12 92.06
CA VAL HF 30 -70.59 -48.22 91.39
C VAL HF 30 -72.02 -48.72 91.61
N ASP HF 31 -72.86 -47.87 92.19
CA ASP HF 31 -74.30 -48.13 92.32
C ASP HF 31 -75.00 -46.79 92.13
N THR HF 32 -75.34 -46.46 90.89
CA THR HF 32 -75.86 -45.15 90.55
C THR HF 32 -77.07 -45.26 89.63
N VAL HF 33 -77.99 -44.32 89.81
CA VAL HF 33 -79.12 -44.13 88.90
C VAL HF 33 -79.03 -42.70 88.37
N SER HF 34 -78.82 -42.56 87.07
CA SER HF 34 -78.73 -41.25 86.44
C SER HF 34 -80.04 -40.88 85.77
N LEU HF 35 -80.43 -39.61 85.92
CA LEU HF 35 -81.55 -39.05 85.18
C LEU HF 35 -81.01 -37.94 84.29
N ARG HF 36 -81.08 -38.16 82.98
CA ARG HF 36 -80.59 -37.21 82.00
C ARG HF 36 -81.71 -36.84 81.05
N ARG HF 37 -81.74 -35.57 80.66
CA ARG HF 37 -82.74 -35.08 79.72
C ARG HF 37 -82.05 -34.28 78.63
N SER HF 38 -82.66 -34.30 77.45
CA SER HF 38 -82.26 -33.46 76.33
C SER HF 38 -83.47 -32.64 75.92
N LEU HF 39 -83.46 -31.36 76.23
CA LEU HF 39 -84.62 -30.51 76.02
C LEU HF 39 -84.87 -30.30 74.53
N PRO HF 40 -86.13 -30.15 74.13
CA PRO HF 40 -86.45 -29.99 72.70
C PRO HF 40 -85.83 -28.72 72.13
N VAL HF 41 -85.21 -28.86 70.96
CA VAL HF 41 -84.67 -27.73 70.23
C VAL HF 41 -85.64 -27.41 69.10
N LYS HF 42 -86.25 -26.24 69.17
CA LYS HF 42 -87.27 -25.84 68.19
C LYS HF 42 -86.54 -25.35 66.95
N LYS HF 43 -86.30 -26.25 66.00
CA LYS HF 43 -85.55 -25.95 64.80
C LYS HF 43 -86.46 -26.07 63.58
N GLY HF 44 -86.43 -25.03 62.74
CA GLY HF 44 -87.30 -25.02 61.56
C GLY HF 44 -88.76 -25.06 61.97
N SER HF 45 -89.57 -25.75 61.17
CA SER HF 45 -90.97 -25.98 61.51
C SER HF 45 -91.16 -27.10 62.52
N ASP HF 46 -90.12 -27.90 62.75
CA ASP HF 46 -90.19 -28.97 63.73
C ASP HF 46 -90.00 -28.40 65.13
N ASN HF 47 -90.88 -28.79 66.05
CA ASN HF 47 -90.82 -28.31 67.43
C ASN HF 47 -89.85 -29.11 68.29
N GLY HF 48 -89.11 -30.04 67.71
CA GLY HF 48 -88.11 -30.78 68.46
C GLY HF 48 -88.69 -31.97 69.19
N THR HF 49 -87.83 -32.59 69.98
CA THR HF 49 -88.18 -33.80 70.70
C THR HF 49 -87.52 -33.78 72.08
N MET HF 50 -88.27 -34.15 73.11
CA MET HF 50 -87.73 -34.29 74.46
C MET HF 50 -87.19 -35.70 74.62
N ARG HF 51 -85.90 -35.81 74.96
CA ARG HF 51 -85.26 -37.08 75.24
C ARG HF 51 -85.04 -37.21 76.74
N GLY HF 52 -85.50 -38.32 77.30
CA GLY HF 52 -85.26 -38.61 78.71
C GLY HF 52 -84.61 -39.96 78.89
N ASN HF 53 -83.41 -39.99 79.47
CA ASN HF 53 -82.64 -41.21 79.61
C ASN HF 53 -82.52 -41.57 81.09
N MET HF 54 -82.81 -42.82 81.42
CA MET HF 54 -82.66 -43.35 82.77
C MET HF 54 -81.55 -44.40 82.74
N ASN HF 55 -80.46 -44.13 83.44
CA ASN HF 55 -79.27 -44.96 83.39
C ASN HF 55 -79.08 -45.68 84.73
N PHE HF 56 -78.98 -46.99 84.68
CA PHE HF 56 -78.67 -47.81 85.84
C PHE HF 56 -77.28 -48.39 85.66
N ALA HF 57 -76.40 -48.13 86.63
CA ALA HF 57 -75.03 -48.62 86.60
C ALA HF 57 -74.76 -49.41 87.87
N LYS HF 58 -74.09 -50.56 87.73
CA LYS HF 58 -73.77 -51.40 88.86
C LYS HF 58 -72.47 -52.16 88.57
N SER HF 59 -71.58 -52.18 89.55
CA SER HF 59 -70.34 -52.93 89.45
C SER HF 59 -70.59 -54.39 89.80
N PHE HF 60 -70.00 -55.28 89.02
CA PHE HF 60 -70.21 -56.71 89.20
C PHE HF 60 -68.86 -57.44 89.17
N PRO HF 61 -68.72 -58.50 89.95
CA PRO HF 61 -67.51 -59.33 89.85
C PRO HF 61 -67.44 -60.02 88.50
N ASN HF 62 -66.35 -59.78 87.78
CA ASN HF 62 -66.10 -60.41 86.49
C ASN HF 62 -64.76 -61.13 86.61
N GLY HF 63 -64.79 -62.38 87.09
CA GLY HF 63 -63.57 -63.11 87.36
C GLY HF 63 -62.76 -62.46 88.46
N ASP HF 64 -61.61 -61.90 88.10
CA ASP HF 64 -60.75 -61.22 89.06
C ASP HF 64 -61.02 -59.73 89.15
N LYS HF 65 -61.46 -59.11 88.06
CA LYS HF 65 -61.70 -57.68 88.02
C LYS HF 65 -63.20 -57.40 88.23
N LYS HF 66 -63.58 -56.14 88.09
CA LYS HF 66 -64.97 -55.72 88.20
C LYS HF 66 -65.43 -55.14 86.87
N SER HF 67 -66.63 -55.53 86.45
CA SER HF 67 -67.23 -55.05 85.22
C SER HF 67 -68.47 -54.22 85.54
N LEU HF 68 -68.73 -53.23 84.70
CA LEU HF 68 -69.87 -52.34 84.86
C LEU HF 68 -71.03 -52.83 83.99
N VAL HF 69 -72.15 -53.17 84.63
CA VAL HF 69 -73.37 -53.52 83.92
C VAL HF 69 -74.27 -52.29 83.86
N VAL HF 70 -74.69 -51.93 82.66
CA VAL HF 70 -75.45 -50.70 82.43
C VAL HF 70 -76.78 -51.06 81.79
N VAL HF 71 -77.86 -50.50 82.33
CA VAL HF 71 -79.19 -50.58 81.74
C VAL HF 71 -79.66 -49.17 81.47
N ASN HF 72 -80.06 -48.90 80.22
CA ASN HF 72 -80.53 -47.60 79.80
C ASN HF 72 -82.00 -47.66 79.41
N LEU HF 73 -82.79 -46.71 79.90
CA LEU HF 73 -84.17 -46.54 79.50
C LEU HF 73 -84.32 -45.13 78.93
N THR HF 74 -84.56 -45.04 77.62
CA THR HF 74 -84.65 -43.77 76.92
C THR HF 74 -86.00 -43.66 76.24
N ALA HF 75 -86.60 -42.47 76.32
CA ALA HF 75 -87.86 -42.17 75.66
C ALA HF 75 -87.70 -40.95 74.78
N HIS HF 76 -88.30 -40.99 73.59
CA HIS HF 76 -88.27 -39.88 72.65
C HIS HF 76 -89.70 -39.43 72.41
N VAL HF 77 -90.09 -38.33 73.03
CA VAL HF 77 -91.45 -37.81 72.94
C VAL HF 77 -91.40 -36.50 72.15
N PRO HF 78 -91.94 -36.45 70.95
CA PRO HF 78 -91.95 -35.20 70.18
C PRO HF 78 -92.89 -34.17 70.81
N VAL HF 79 -92.54 -32.90 70.64
CA VAL HF 79 -93.37 -31.82 71.15
C VAL HF 79 -94.68 -31.76 70.36
N GLY HF 80 -95.78 -31.61 71.09
CA GLY HF 80 -97.10 -31.53 70.51
C GLY HF 80 -97.98 -32.74 70.79
N VAL HF 81 -97.40 -33.82 71.27
CA VAL HF 81 -98.17 -35.00 71.63
C VAL HF 81 -98.79 -34.82 73.00
N ASP HF 82 -99.98 -35.38 73.19
CA ASP HF 82 -100.62 -35.34 74.49
C ASP HF 82 -99.83 -36.17 75.51
N ALA HF 83 -99.42 -35.53 76.60
CA ALA HF 83 -98.59 -36.22 77.59
C ALA HF 83 -99.37 -37.29 78.34
N THR HF 84 -100.67 -37.06 78.58
CA THR HF 84 -101.48 -38.07 79.24
C THR HF 84 -101.60 -39.34 78.41
N ALA HF 85 -101.75 -39.18 77.08
CA ALA HF 85 -101.84 -40.34 76.21
C ALA HF 85 -100.56 -41.15 76.24
N VAL HF 86 -99.40 -40.49 76.24
CA VAL HF 86 -98.13 -41.20 76.27
C VAL HF 86 -97.96 -41.95 77.58
N ARG HF 87 -98.33 -41.33 78.71
CA ARG HF 87 -98.19 -42.00 80.00
C ARG HF 87 -99.09 -43.22 80.08
N THR HF 88 -100.31 -43.14 79.54
CA THR HF 88 -101.20 -44.30 79.55
C THR HF 88 -100.64 -45.42 78.68
N TRP HF 89 -100.05 -45.09 77.54
CA TRP HF 89 -99.42 -46.10 76.69
C TRP HF 89 -98.21 -46.73 77.38
N MET HF 90 -97.37 -45.91 78.00
CA MET HF 90 -96.18 -46.42 78.68
C MET HF 90 -96.54 -47.35 79.83
N THR HF 91 -97.57 -46.99 80.61
CA THR HF 91 -97.95 -47.78 81.77
C THR HF 91 -98.50 -49.15 81.37
N SER HF 92 -99.41 -49.18 80.39
CA SER HF 92 -100.13 -50.41 80.07
C SER HF 92 -99.45 -51.26 79.01
N GLU HF 93 -98.56 -50.68 78.20
CA GLU HF 93 -97.99 -51.40 77.07
C GLU HF 93 -96.48 -51.50 77.10
N VAL HF 94 -95.79 -50.45 77.54
CA VAL HF 94 -94.33 -50.48 77.55
C VAL HF 94 -93.81 -51.14 78.81
N PHE HF 95 -94.30 -50.71 79.97
CA PHE HF 95 -93.80 -51.22 81.25
C PHE HF 95 -93.98 -52.72 81.42
N PRO HF 96 -95.16 -53.32 81.15
CA PRO HF 96 -95.26 -54.78 81.31
C PRO HF 96 -94.31 -55.57 80.42
N GLY HF 97 -94.07 -55.10 79.19
CA GLY HF 97 -93.16 -55.82 78.31
C GLY HF 97 -91.70 -55.57 78.62
N ALA HF 98 -91.37 -54.36 79.09
CA ALA HF 98 -89.98 -54.03 79.38
C ALA HF 98 -89.45 -54.76 80.62
N THR HF 99 -90.33 -55.16 81.53
CA THR HF 99 -89.93 -55.85 82.76
C THR HF 99 -90.40 -57.30 82.76
N SER HF 100 -90.35 -57.95 81.59
CA SER HF 100 -90.76 -59.33 81.45
C SER HF 100 -89.53 -60.23 81.34
N SER HF 101 -89.76 -61.53 81.18
CA SER HF 101 -88.67 -62.45 80.93
C SER HF 101 -88.03 -62.22 79.56
N VAL HF 102 -88.74 -61.55 78.65
CA VAL HF 102 -88.17 -61.24 77.34
C VAL HF 102 -86.94 -60.37 77.50
N THR HF 103 -87.00 -59.37 78.39
CA THR HF 103 -85.84 -58.52 78.64
C THR HF 103 -84.69 -59.33 79.23
N LEU HF 104 -84.99 -60.22 80.17
CA LEU HF 104 -83.94 -61.01 80.81
C LEU HF 104 -83.30 -61.98 79.82
N ASP HF 105 -84.13 -62.68 79.01
CA ASP HF 105 -83.58 -63.63 78.06
C ASP HF 105 -82.81 -62.92 76.95
N LEU HF 106 -83.19 -61.69 76.62
CA LEU HF 106 -82.45 -60.93 75.64
C LEU HF 106 -81.10 -60.46 76.20
N ALA HF 107 -81.06 -60.08 77.47
CA ALA HF 107 -79.84 -59.56 78.05
C ALA HF 107 -78.78 -60.65 78.21
N THR HF 108 -79.17 -61.80 78.76
CA THR HF 108 -78.22 -62.83 79.14
C THR HF 108 -78.12 -63.98 78.14
N LYS HF 109 -78.99 -64.03 77.14
CA LYS HF 109 -78.91 -65.10 76.14
C LYS HF 109 -78.98 -64.62 74.70
N GLY HF 110 -79.27 -63.34 74.45
CA GLY HF 110 -79.41 -62.88 73.08
C GLY HF 110 -80.61 -63.44 72.35
N VAL HF 111 -81.71 -63.65 73.05
CA VAL HF 111 -82.90 -64.22 72.44
C VAL HF 111 -83.73 -63.10 71.82
N ILE HF 112 -83.85 -63.11 70.49
CA ILE HF 112 -84.67 -62.14 69.77
C ILE HF 112 -85.89 -62.78 69.14
N HIS HF 113 -85.98 -64.11 69.10
CA HIS HF 113 -87.12 -64.81 68.56
C HIS HF 113 -88.00 -65.28 69.71
N LEU HF 114 -89.25 -64.83 69.71
CA LEU HF 114 -90.18 -65.11 70.80
C LEU HF 114 -90.88 -66.44 70.56
N SER HF 115 -91.24 -67.11 71.64
CA SER HF 115 -91.95 -68.38 71.59
C SER HF 115 -92.78 -68.55 72.86
N ASP HF 116 -93.90 -69.27 72.73
CA ASP HF 116 -94.51 -69.75 71.50
C ASP HF 116 -96.02 -69.54 71.55
N ALA HF 117 -96.53 -69.28 72.75
CA ALA HF 117 -97.96 -69.12 72.95
C ALA HF 117 -98.32 -67.68 73.33
N LEU IF 1 -45.95 -31.13 125.96
CA LEU IF 1 -46.33 -30.67 124.63
C LEU IF 1 -47.58 -31.39 124.15
N SER IF 2 -48.68 -30.67 124.03
CA SER IF 2 -49.95 -31.26 123.64
C SER IF 2 -50.60 -30.44 122.53
N ILE IF 3 -51.20 -31.14 121.57
CA ILE IF 3 -52.05 -30.54 120.55
C ILE IF 3 -53.37 -31.30 120.62
N GLY IF 4 -54.32 -30.79 121.41
CA GLY IF 4 -55.53 -31.52 121.70
C GLY IF 4 -55.32 -32.51 122.83
N THR IF 5 -55.58 -33.79 122.57
CA THR IF 5 -55.30 -34.85 123.52
C THR IF 5 -54.02 -35.61 123.19
N LYS IF 6 -53.27 -35.15 122.20
CA LYS IF 6 -52.10 -35.87 121.70
C LYS IF 6 -50.83 -35.30 122.32
N ASN IF 7 -49.95 -36.18 122.79
CA ASN IF 7 -48.65 -35.78 123.27
C ASN IF 7 -47.65 -35.84 122.12
N VAL IF 8 -47.10 -34.69 121.75
CA VAL IF 8 -46.19 -34.59 120.62
C VAL IF 8 -44.84 -34.07 121.12
N SER IF 9 -43.85 -34.14 120.24
CA SER IF 9 -42.53 -33.60 120.49
C SER IF 9 -42.04 -32.88 119.25
N ILE IF 10 -41.11 -31.94 119.44
CA ILE IF 10 -40.55 -31.21 118.32
C ILE IF 10 -39.74 -32.17 117.45
N TYR IF 11 -40.01 -32.14 116.15
CA TYR IF 11 -39.33 -32.98 115.19
C TYR IF 11 -38.52 -32.20 114.17
N ARG IF 12 -39.01 -31.04 113.76
CA ARG IF 12 -38.30 -30.18 112.82
C ARG IF 12 -38.66 -28.74 113.15
N ASN IF 13 -37.66 -27.88 113.25
CA ASN IF 13 -37.87 -26.49 113.65
C ASN IF 13 -37.30 -25.59 112.57
N THR IF 14 -38.17 -24.94 111.82
CA THR IF 14 -37.81 -24.02 110.75
C THR IF 14 -38.37 -22.64 111.13
N ALA IF 15 -37.91 -21.60 110.43
CA ALA IF 15 -38.30 -20.24 110.76
C ALA IF 15 -39.82 -20.06 110.73
N ASP IF 16 -40.50 -20.67 109.76
CA ASP IF 16 -41.92 -20.44 109.58
C ASP IF 16 -42.75 -21.71 109.71
N GLU IF 17 -42.15 -22.82 110.16
CA GLU IF 17 -42.88 -24.06 110.28
C GLU IF 17 -42.20 -24.96 111.30
N VAL IF 18 -42.99 -25.51 112.22
CA VAL IF 18 -42.51 -26.49 113.19
C VAL IF 18 -43.35 -27.75 113.04
N ILE IF 19 -42.68 -28.88 112.84
CA ILE IF 19 -43.34 -30.17 112.70
C ILE IF 19 -43.26 -30.89 114.05
N TYR IF 20 -44.40 -31.34 114.55
CA TYR IF 20 -44.48 -32.12 115.77
C TYR IF 20 -44.86 -33.55 115.45
N ALA IF 21 -44.19 -34.49 116.10
CA ALA IF 21 -44.36 -35.91 115.84
C ALA IF 21 -45.11 -36.57 116.99
N GLY IF 22 -46.08 -37.42 116.65
CA GLY IF 22 -46.82 -38.16 117.65
C GLY IF 22 -46.09 -39.41 118.06
N PRO IF 23 -46.68 -40.17 118.99
CA PRO IF 23 -46.01 -41.39 119.47
C PRO IF 23 -45.81 -42.44 118.41
N ALA IF 24 -46.60 -42.42 117.34
CA ALA IF 24 -46.52 -43.43 116.29
C ALA IF 24 -45.64 -43.01 115.12
N HIS IF 25 -44.94 -41.89 115.24
CA HIS IF 25 -44.08 -41.41 114.16
C HIS IF 25 -42.70 -42.05 114.26
N ASP IF 26 -42.17 -42.46 113.12
CA ASP IF 26 -40.83 -43.05 113.03
C ASP IF 26 -40.36 -42.89 111.59
N VAL IF 27 -39.30 -43.63 111.24
CA VAL IF 27 -38.74 -43.53 109.89
C VAL IF 27 -39.68 -44.08 108.83
N THR IF 28 -40.43 -45.15 109.13
CA THR IF 28 -41.29 -45.78 108.14
C THR IF 28 -42.77 -45.41 108.25
N ASN IF 29 -43.19 -44.77 109.34
CA ASN IF 29 -44.57 -44.38 109.52
C ASN IF 29 -44.66 -42.88 109.80
N VAL IF 30 -45.75 -42.28 109.34
CA VAL IF 30 -45.96 -40.84 109.46
C VAL IF 30 -47.07 -40.59 110.48
N ASP IF 31 -46.75 -39.85 111.53
CA ASP IF 31 -47.74 -39.35 112.49
C ASP IF 31 -47.24 -37.98 112.92
N THR IF 32 -47.70 -36.94 112.21
CA THR IF 32 -47.18 -35.60 112.43
C THR IF 32 -48.30 -34.57 112.44
N VAL IF 33 -48.08 -33.50 113.19
CA VAL IF 33 -48.90 -32.30 113.15
C VAL IF 33 -47.97 -31.12 112.92
N SER IF 34 -48.13 -30.46 111.77
CA SER IF 34 -47.24 -29.38 111.37
C SER IF 34 -47.96 -28.04 111.49
N LEU IF 35 -47.34 -27.10 112.19
CA LEU IF 35 -47.83 -25.73 112.28
C LEU IF 35 -47.01 -24.85 111.34
N ARG IF 36 -47.70 -24.16 110.44
CA ARG IF 36 -47.06 -23.31 109.44
C ARG IF 36 -47.69 -21.93 109.49
N ARG IF 37 -46.93 -20.93 109.05
CA ARG IF 37 -47.42 -19.56 109.08
C ARG IF 37 -46.82 -18.77 107.94
N SER IF 38 -47.51 -17.70 107.56
CA SER IF 38 -47.02 -16.73 106.60
C SER IF 38 -47.29 -15.35 107.18
N LEU IF 39 -46.25 -14.69 107.67
CA LEU IF 39 -46.41 -13.43 108.38
C LEU IF 39 -46.86 -12.33 107.42
N PRO IF 40 -47.57 -11.33 107.93
CA PRO IF 40 -48.06 -10.25 107.06
C PRO IF 40 -46.93 -9.51 106.37
N VAL IF 41 -47.18 -9.10 105.13
CA VAL IF 41 -46.24 -8.31 104.35
C VAL IF 41 -46.89 -6.96 104.09
N LYS IF 42 -46.24 -5.88 104.53
CA LYS IF 42 -46.78 -4.53 104.42
C LYS IF 42 -46.57 -4.00 103.00
N LYS IF 43 -47.18 -4.71 102.04
CA LYS IF 43 -47.04 -4.36 100.63
C LYS IF 43 -47.90 -3.13 100.35
N GLY IF 44 -47.26 -2.04 99.96
CA GLY IF 44 -47.98 -0.82 99.64
C GLY IF 44 -48.75 -0.31 100.84
N SER IF 45 -50.00 0.08 100.60
CA SER IF 45 -50.90 0.52 101.67
C SER IF 45 -51.60 -0.65 102.36
N ASP IF 46 -51.69 -1.80 101.70
CA ASP IF 46 -52.29 -2.97 102.33
C ASP IF 46 -51.42 -3.45 103.48
N ASN IF 47 -52.03 -3.67 104.64
CA ASN IF 47 -51.29 -4.15 105.80
C ASN IF 47 -50.95 -5.63 105.72
N GLY IF 48 -51.47 -6.34 104.73
CA GLY IF 48 -51.16 -7.76 104.59
C GLY IF 48 -52.19 -8.66 105.23
N THR IF 49 -51.89 -9.95 105.17
CA THR IF 49 -52.76 -10.98 105.71
C THR IF 49 -51.94 -11.95 106.55
N MET IF 50 -52.53 -12.41 107.64
CA MET IF 50 -51.92 -13.44 108.47
C MET IF 50 -52.46 -14.80 108.05
N ARG IF 51 -51.58 -15.68 107.59
CA ARG IF 51 -51.96 -17.02 107.16
C ARG IF 51 -51.39 -18.04 108.14
N GLY IF 52 -52.25 -18.86 108.70
CA GLY IF 52 -51.85 -19.94 109.58
C GLY IF 52 -52.36 -21.26 109.05
N ASN IF 53 -51.50 -22.28 109.08
CA ASN IF 53 -51.83 -23.59 108.56
C ASN IF 53 -51.55 -24.66 109.61
N MET IF 54 -52.53 -25.51 109.87
CA MET IF 54 -52.36 -26.70 110.68
C MET IF 54 -52.49 -27.91 109.77
N ASN IF 55 -51.45 -28.74 109.74
CA ASN IF 55 -51.39 -29.90 108.88
C ASN IF 55 -51.39 -31.17 109.72
N PHE IF 56 -52.29 -32.09 109.41
CA PHE IF 56 -52.36 -33.39 110.06
C PHE IF 56 -52.04 -34.46 109.03
N ALA IF 57 -51.06 -35.31 109.33
CA ALA IF 57 -50.63 -36.35 108.41
C ALA IF 57 -50.53 -37.67 109.17
N LYS IF 58 -51.06 -38.72 108.58
CA LYS IF 58 -51.01 -40.05 109.17
C LYS IF 58 -50.92 -41.09 108.08
N SER IF 59 -50.12 -42.12 108.32
CA SER IF 59 -50.01 -43.26 107.42
C SER IF 59 -51.10 -44.28 107.74
N PHE IF 60 -51.64 -44.90 106.69
CA PHE IF 60 -52.72 -45.85 106.83
C PHE IF 60 -52.46 -47.07 105.93
N PRO IF 61 -52.89 -48.25 106.36
CA PRO IF 61 -52.78 -49.43 105.48
C PRO IF 61 -53.66 -49.27 104.26
N ASN IF 62 -53.04 -49.37 103.08
CA ASN IF 62 -53.74 -49.27 101.80
C ASN IF 62 -53.42 -50.52 100.99
N GLY IF 63 -54.20 -51.57 101.21
CA GLY IF 63 -53.96 -52.83 100.55
C GLY IF 63 -52.59 -53.39 100.87
N ASP IF 64 -51.69 -53.36 99.87
CA ASP IF 64 -50.33 -53.85 100.09
C ASP IF 64 -49.43 -52.76 100.67
N LYS IF 65 -49.54 -51.53 100.17
CA LYS IF 65 -48.68 -50.44 100.58
C LYS IF 65 -49.36 -49.62 101.67
N LYS IF 66 -48.73 -48.49 102.03
CA LYS IF 66 -49.26 -47.60 103.06
C LYS IF 66 -49.48 -46.23 102.43
N SER IF 67 -50.67 -45.68 102.59
CA SER IF 67 -51.03 -44.39 102.03
C SER IF 67 -51.12 -43.33 103.11
N LEU IF 68 -50.94 -42.07 102.71
CA LEU IF 68 -50.90 -40.94 103.62
C LEU IF 68 -52.20 -40.16 103.53
N VAL IF 69 -52.88 -40.02 104.67
CA VAL IF 69 -54.08 -39.21 104.78
C VAL IF 69 -53.71 -37.88 105.41
N VAL IF 70 -54.07 -36.78 104.75
CA VAL IF 70 -53.68 -35.45 105.18
C VAL IF 70 -54.93 -34.61 105.42
N VAL IF 71 -54.99 -33.96 106.57
CA VAL IF 71 -56.05 -33.00 106.89
C VAL IF 71 -55.40 -31.64 107.09
N ASN IF 72 -55.87 -30.64 106.35
CA ASN IF 72 -55.34 -29.29 106.43
C ASN IF 72 -56.37 -28.36 107.04
N LEU IF 73 -55.88 -27.39 107.81
CA LEU IF 73 -56.71 -26.33 108.37
C LEU IF 73 -55.96 -25.02 108.18
N THR IF 74 -56.46 -24.17 107.29
CA THR IF 74 -55.81 -22.91 106.97
C THR IF 74 -56.76 -21.75 107.26
N ALA IF 75 -56.23 -20.71 107.89
CA ALA IF 75 -56.98 -19.50 108.20
C ALA IF 75 -56.30 -18.30 107.56
N HIS IF 76 -57.10 -17.37 107.05
CA HIS IF 76 -56.61 -16.13 106.45
C HIS IF 76 -57.26 -14.97 107.19
N VAL IF 77 -56.47 -14.27 107.99
CA VAL IF 77 -56.97 -13.14 108.78
C VAL IF 77 -56.27 -11.87 108.31
N PRO IF 78 -56.97 -10.96 107.62
CA PRO IF 78 -56.33 -9.72 107.20
C PRO IF 78 -55.94 -8.85 108.38
N VAL IF 79 -54.84 -8.11 108.23
CA VAL IF 79 -54.35 -7.25 109.29
C VAL IF 79 -55.29 -6.06 109.46
N GLY IF 80 -55.65 -5.77 110.72
CA GLY IF 80 -56.57 -4.70 111.06
C GLY IF 80 -57.90 -5.20 111.56
N VAL IF 81 -58.32 -6.40 111.12
CA VAL IF 81 -59.52 -7.00 111.66
C VAL IF 81 -59.32 -7.30 113.13
N ASP IF 82 -60.34 -7.00 113.93
CA ASP IF 82 -60.26 -7.26 115.37
C ASP IF 82 -60.09 -8.75 115.63
N ALA IF 83 -59.06 -9.08 116.42
CA ALA IF 83 -58.73 -10.48 116.65
C ALA IF 83 -59.78 -11.18 117.50
N THR IF 84 -60.34 -10.46 118.48
CA THR IF 84 -61.33 -11.08 119.37
C THR IF 84 -62.59 -11.46 118.61
N ALA IF 85 -63.01 -10.64 117.64
CA ALA IF 85 -64.18 -10.96 116.84
C ALA IF 85 -63.95 -12.23 116.02
N VAL IF 86 -62.73 -12.41 115.49
CA VAL IF 86 -62.43 -13.61 114.72
C VAL IF 86 -62.44 -14.84 115.62
N ARG IF 87 -61.95 -14.70 116.85
CA ARG IF 87 -61.81 -15.87 117.71
C ARG IF 87 -63.16 -16.36 118.23
N THR IF 88 -64.11 -15.45 118.45
CA THR IF 88 -65.45 -15.89 118.83
C THR IF 88 -66.21 -16.43 117.64
N TRP IF 89 -65.95 -15.90 116.44
CA TRP IF 89 -66.54 -16.47 115.23
C TRP IF 89 -66.04 -17.89 115.00
N MET IF 90 -64.74 -18.12 115.19
CA MET IF 90 -64.18 -19.45 114.99
C MET IF 90 -64.72 -20.44 116.03
N THR IF 91 -64.77 -20.01 117.29
CA THR IF 91 -65.20 -20.91 118.35
C THR IF 91 -66.67 -21.28 118.24
N SER IF 92 -67.50 -20.33 117.82
CA SER IF 92 -68.95 -20.53 117.82
C SER IF 92 -69.50 -20.95 116.47
N GLU IF 93 -68.92 -20.49 115.36
CA GLU IF 93 -69.48 -20.73 114.04
C GLU IF 93 -68.64 -21.66 113.18
N VAL IF 94 -67.32 -21.67 113.34
CA VAL IF 94 -66.47 -22.48 112.47
C VAL IF 94 -66.20 -23.84 113.08
N PHE IF 95 -65.74 -23.86 114.33
CA PHE IF 95 -65.34 -25.09 115.00
C PHE IF 95 -66.48 -26.10 115.14
N PRO IF 96 -67.69 -25.70 115.59
CA PRO IF 96 -68.76 -26.69 115.67
C PRO IF 96 -69.14 -27.28 114.32
N GLY IF 97 -69.08 -26.50 113.24
CA GLY IF 97 -69.38 -27.04 111.93
C GLY IF 97 -68.22 -27.78 111.29
N ALA IF 98 -66.99 -27.45 111.68
CA ALA IF 98 -65.82 -28.10 111.10
C ALA IF 98 -65.54 -29.47 111.69
N THR IF 99 -66.18 -29.83 112.81
CA THR IF 99 -65.95 -31.11 113.46
C THR IF 99 -67.22 -31.96 113.51
N SER IF 100 -68.22 -31.62 112.72
CA SER IF 100 -69.48 -32.35 112.72
C SER IF 100 -69.38 -33.56 111.79
N SER IF 101 -70.49 -34.28 111.63
CA SER IF 101 -70.52 -35.41 110.70
C SER IF 101 -70.42 -34.97 109.26
N VAL IF 102 -70.66 -33.69 108.96
CA VAL IF 102 -70.55 -33.19 107.60
C VAL IF 102 -69.12 -33.33 107.10
N THR IF 103 -68.14 -33.02 107.96
CA THR IF 103 -66.74 -33.17 107.58
C THR IF 103 -66.41 -34.62 107.28
N LEU IF 104 -66.92 -35.55 108.08
CA LEU IF 104 -66.61 -36.96 107.90
C LEU IF 104 -67.15 -37.49 106.57
N ASP IF 105 -68.37 -37.13 106.21
CA ASP IF 105 -68.93 -37.58 104.93
C ASP IF 105 -68.22 -36.91 103.76
N LEU IF 106 -67.89 -35.63 103.89
CA LEU IF 106 -67.18 -34.93 102.82
C LEU IF 106 -65.80 -35.52 102.59
N ALA IF 107 -65.09 -35.88 103.65
CA ALA IF 107 -63.74 -36.41 103.53
C ALA IF 107 -63.73 -37.83 102.96
N THR IF 108 -64.68 -38.66 103.37
CA THR IF 108 -64.66 -40.06 102.98
C THR IF 108 -65.53 -40.37 101.77
N LYS IF 109 -66.61 -39.61 101.57
CA LYS IF 109 -67.53 -39.89 100.47
C LYS IF 109 -67.75 -38.71 99.53
N GLY IF 110 -67.24 -37.52 99.84
CA GLY IF 110 -67.45 -36.38 98.98
C GLY IF 110 -68.86 -35.82 99.00
N VAL IF 111 -69.56 -35.93 100.13
CA VAL IF 111 -70.93 -35.47 100.23
C VAL IF 111 -70.93 -33.95 100.39
N ILE IF 112 -71.63 -33.25 99.49
CA ILE IF 112 -71.71 -31.80 99.53
C ILE IF 112 -73.14 -31.30 99.73
N HIS IF 113 -74.10 -32.21 99.86
CA HIS IF 113 -75.50 -31.85 100.11
C HIS IF 113 -75.89 -32.38 101.49
N LEU IF 114 -76.04 -31.48 102.46
CA LEU IF 114 -76.33 -31.88 103.83
C LEU IF 114 -77.83 -31.80 104.09
N SER IF 115 -78.58 -32.64 103.38
CA SER IF 115 -80.03 -32.68 103.52
C SER IF 115 -80.42 -33.49 104.75
N ASP IF 116 -81.45 -33.02 105.45
CA ASP IF 116 -82.17 -31.78 105.17
C ASP IF 116 -82.37 -30.99 106.46
N ALA IF 117 -82.34 -31.68 107.59
CA ALA IF 117 -82.55 -31.04 108.89
C ALA IF 117 -81.32 -30.28 109.34
N LEU JF 1 110.84 -80.76 7.82
CA LEU JF 1 110.48 -79.36 7.58
C LEU JF 1 111.39 -78.43 8.36
N SER JF 2 112.05 -77.51 7.65
CA SER JF 2 112.94 -76.56 8.27
C SER JF 2 112.81 -75.20 7.59
N ILE JF 3 113.01 -74.15 8.37
CA ILE JF 3 113.03 -72.78 7.89
C ILE JF 3 114.33 -72.18 8.38
N GLY JF 4 115.35 -72.14 7.52
CA GLY JF 4 116.69 -71.81 7.96
C GLY JF 4 117.26 -72.95 8.77
N THR JF 5 117.53 -72.71 10.05
CA THR JF 5 118.06 -73.72 10.94
C THR JF 5 117.05 -74.19 11.99
N LYS JF 6 115.79 -73.78 11.86
CA LYS JF 6 114.75 -74.12 12.83
C LYS JF 6 113.80 -75.15 12.25
N ASN JF 7 113.49 -76.17 13.05
CA ASN JF 7 112.54 -77.20 12.66
C ASN JF 7 111.12 -76.74 12.96
N VAL JF 8 110.23 -76.91 11.99
CA VAL JF 8 108.84 -76.45 12.10
C VAL JF 8 107.92 -77.57 11.67
N SER JF 9 106.64 -77.38 11.95
CA SER JF 9 105.58 -78.29 11.54
C SER JF 9 104.41 -77.48 11.02
N ILE JF 10 103.67 -78.06 10.07
CA ILE JF 10 102.47 -77.39 9.56
C ILE JF 10 101.48 -77.23 10.70
N TYR JF 11 100.99 -76.01 10.89
CA TYR JF 11 100.05 -75.70 11.95
C TYR JF 11 98.68 -75.28 11.43
N ARG JF 12 98.63 -74.33 10.51
CA ARG JF 12 97.37 -73.90 9.91
C ARG JF 12 97.56 -73.77 8.40
N ASN JF 13 96.65 -74.37 7.64
CA ASN JF 13 96.72 -74.39 6.18
C ASN JF 13 95.49 -73.70 5.63
N THR JF 14 95.72 -72.67 4.81
CA THR JF 14 94.64 -72.04 4.06
C THR JF 14 95.01 -72.00 2.58
N ALA JF 15 94.16 -71.37 1.76
CA ALA JF 15 94.40 -71.37 0.32
C ALA JF 15 95.68 -70.61 -0.03
N ASP JF 16 95.91 -69.47 0.60
CA ASP JF 16 97.06 -68.63 0.26
C ASP JF 16 97.97 -68.36 1.46
N GLU JF 17 97.81 -69.08 2.56
CA GLU JF 17 98.67 -68.88 3.72
C GLU JF 17 98.85 -70.19 4.47
N VAL JF 18 100.08 -70.51 4.82
CA VAL JF 18 100.40 -71.64 5.68
C VAL JF 18 101.18 -71.13 6.88
N ILE JF 19 100.74 -71.51 8.07
CA ILE JF 19 101.42 -71.17 9.31
C ILE JF 19 102.19 -72.39 9.79
N TYR JF 20 103.45 -72.20 10.14
CA TYR JF 20 104.30 -73.25 10.71
C TYR JF 20 104.60 -72.93 12.15
N ALA JF 21 104.66 -73.97 12.98
CA ALA JF 21 104.85 -73.82 14.42
C ALA JF 21 106.25 -74.28 14.80
N GLY JF 22 106.94 -73.45 15.58
CA GLY JF 22 108.26 -73.80 16.08
C GLY JF 22 108.20 -74.71 17.28
N PRO JF 23 109.37 -75.15 17.77
CA PRO JF 23 109.38 -76.08 18.91
C PRO JF 23 108.83 -75.51 20.19
N ALA JF 24 108.78 -74.18 20.34
CA ALA JF 24 108.33 -73.54 21.57
C ALA JF 24 106.88 -73.09 21.51
N HIS JF 25 106.17 -73.41 20.43
CA HIS JF 25 104.79 -72.94 20.27
C HIS JF 25 103.83 -73.86 21.04
N ASP JF 26 103.03 -73.25 21.91
CA ASP JF 26 101.98 -73.98 22.62
C ASP JF 26 100.85 -73.00 22.91
N VAL JF 27 99.97 -73.36 23.84
CA VAL JF 27 98.80 -72.55 24.19
C VAL JF 27 99.24 -71.22 24.80
N THR JF 28 100.40 -71.21 25.47
CA THR JF 28 100.85 -70.02 26.17
C THR JF 28 101.91 -69.23 25.42
N ASN JF 29 102.78 -69.88 24.66
CA ASN JF 29 103.89 -69.22 23.99
C ASN JF 29 103.71 -69.29 22.49
N VAL JF 30 103.99 -68.19 21.81
CA VAL JF 30 103.89 -68.12 20.36
C VAL JF 30 105.28 -68.30 19.75
N ASP JF 31 105.38 -69.25 18.82
CA ASP JF 31 106.61 -69.43 18.03
C ASP JF 31 106.15 -69.94 16.67
N THR JF 32 105.94 -69.01 15.73
CA THR JF 32 105.36 -69.35 14.45
C THR JF 32 106.08 -68.61 13.33
N VAL JF 33 106.09 -69.25 12.16
CA VAL JF 33 106.52 -68.62 10.91
C VAL JF 33 105.41 -68.83 9.90
N SER JF 34 104.93 -67.75 9.29
CA SER JF 34 103.82 -67.80 8.36
C SER JF 34 104.29 -67.40 6.96
N LEU JF 35 103.84 -68.17 5.97
CA LEU JF 35 104.13 -67.90 4.56
C LEU JF 35 102.83 -67.55 3.86
N ARG JF 36 102.77 -66.37 3.27
CA ARG JF 36 101.56 -65.89 2.60
C ARG JF 36 101.90 -65.41 1.21
N ARG JF 37 101.00 -65.66 0.27
CA ARG JF 37 101.17 -65.24 -1.11
C ARG JF 37 99.95 -64.48 -1.58
N SER JF 38 100.18 -63.49 -2.44
CA SER JF 38 99.12 -62.75 -3.12
C SER JF 38 99.40 -62.89 -4.62
N LEU JF 39 98.72 -63.84 -5.25
CA LEU JF 39 98.98 -64.12 -6.65
C LEU JF 39 98.55 -62.95 -7.52
N PRO JF 40 99.25 -62.72 -8.63
CA PRO JF 40 98.93 -61.57 -9.48
C PRO JF 40 97.54 -61.67 -10.09
N VAL JF 41 96.89 -60.53 -10.21
CA VAL JF 41 95.60 -60.42 -10.87
C VAL JF 41 95.83 -59.59 -12.12
N LYS JF 42 95.87 -60.25 -13.29
CA LYS JF 42 96.18 -59.59 -14.55
C LYS JF 42 94.92 -58.92 -15.09
N LYS JF 43 94.47 -57.90 -14.36
CA LYS JF 43 93.32 -57.11 -14.76
C LYS JF 43 93.69 -56.15 -15.88
N GLY JF 44 92.71 -55.87 -16.73
CA GLY JF 44 92.91 -54.99 -17.87
C GLY JF 44 94.09 -55.39 -18.73
N SER JF 45 95.12 -54.54 -18.78
CA SER JF 45 96.35 -54.83 -19.48
C SER JF 45 97.52 -55.12 -18.55
N ASP JF 46 97.51 -54.57 -17.34
CA ASP JF 46 98.60 -54.81 -16.39
C ASP JF 46 98.57 -56.25 -15.93
N ASN JF 47 99.76 -56.87 -15.86
CA ASN JF 47 99.86 -58.27 -15.47
C ASN JF 47 99.88 -58.47 -13.96
N GLY JF 48 99.78 -57.40 -13.18
CA GLY JF 48 99.70 -57.53 -11.74
C GLY JF 48 101.04 -57.73 -11.08
N THR JF 49 100.99 -57.94 -9.76
CA THR JF 49 102.18 -58.07 -8.93
C THR JF 49 102.08 -59.34 -8.11
N MET JF 50 103.22 -60.04 -7.99
CA MET JF 50 103.32 -61.18 -7.10
C MET JF 50 103.84 -60.72 -5.74
N ARG JF 51 103.03 -60.91 -4.70
CA ARG JF 51 103.36 -60.45 -3.36
C ARG JF 51 103.58 -61.66 -2.45
N GLY JF 52 104.82 -61.81 -1.97
CA GLY JF 52 105.13 -62.88 -1.03
C GLY JF 52 105.51 -62.34 0.33
N ASN JF 53 104.76 -62.71 1.36
CA ASN JF 53 104.96 -62.21 2.71
C ASN JF 53 105.41 -63.35 3.63
N MET JF 54 106.49 -63.12 4.36
CA MET JF 54 107.02 -64.09 5.31
C MET JF 54 106.98 -63.48 6.70
N ASN JF 55 106.31 -64.17 7.63
CA ASN JF 55 105.99 -63.64 8.94
C ASN JF 55 106.74 -64.40 10.02
N PHE JF 56 107.30 -63.68 10.99
CA PHE JF 56 107.93 -64.27 12.17
C PHE JF 56 107.28 -63.69 13.42
N ALA JF 57 106.76 -64.56 14.27
CA ALA JF 57 106.06 -64.14 15.48
C ALA JF 57 106.65 -64.87 16.68
N LYS JF 58 106.87 -64.13 17.76
CA LYS JF 58 107.44 -64.71 18.98
C LYS JF 58 106.96 -63.92 20.18
N SER JF 59 106.40 -64.62 21.16
CA SER JF 59 105.99 -63.98 22.40
C SER JF 59 107.20 -63.75 23.30
N PHE JF 60 107.21 -62.59 23.97
CA PHE JF 60 108.31 -62.20 24.82
C PHE JF 60 107.77 -61.74 26.17
N PRO JF 61 108.54 -61.90 27.24
CA PRO JF 61 108.12 -61.36 28.54
C PRO JF 61 108.14 -59.85 28.53
N ASN JF 62 107.04 -59.25 28.98
CA ASN JF 62 106.90 -57.79 29.04
C ASN JF 62 106.25 -57.47 30.39
N GLY JF 63 107.08 -57.27 31.40
CA GLY JF 63 106.55 -57.10 32.75
C GLY JF 63 105.85 -58.37 33.20
N ASP JF 64 104.62 -58.22 33.67
CA ASP JF 64 103.82 -59.36 34.09
C ASP JF 64 103.12 -60.05 32.93
N LYS JF 65 102.86 -59.34 31.84
CA LYS JF 65 102.14 -59.88 30.70
C LYS JF 65 103.14 -60.40 29.67
N LYS JF 66 102.63 -60.77 28.50
CA LYS JF 66 103.45 -61.22 27.38
C LYS JF 66 103.16 -60.34 26.17
N SER JF 67 104.18 -60.11 25.36
CA SER JF 67 104.07 -59.24 24.19
C SER JF 67 104.54 -59.99 22.95
N LEU JF 68 103.88 -59.73 21.83
CA LEU JF 68 104.23 -60.36 20.56
C LEU JF 68 105.14 -59.46 19.76
N VAL JF 69 106.31 -59.99 19.38
CA VAL JF 69 107.21 -59.33 18.46
C VAL JF 69 107.07 -59.97 17.09
N VAL JF 70 106.79 -59.15 16.09
CA VAL JF 70 106.52 -59.62 14.73
C VAL JF 70 107.54 -59.01 13.79
N VAL JF 71 108.14 -59.86 12.95
CA VAL JF 71 109.05 -59.42 11.89
C VAL JF 71 108.45 -59.83 10.56
N ASN JF 72 108.30 -58.86 9.65
CA ASN JF 72 107.71 -59.08 8.34
C ASN JF 72 108.76 -58.89 7.26
N LEU JF 73 108.74 -59.78 6.27
CA LEU JF 73 109.59 -59.67 5.09
C LEU JF 73 108.71 -59.91 3.86
N THR JF 74 108.47 -58.86 3.08
CA THR JF 74 107.54 -58.91 1.97
C THR JF 74 108.25 -58.52 0.68
N ALA JF 75 108.01 -59.27 -0.38
CA ALA JF 75 108.55 -59.00 -1.71
C ALA JF 75 107.43 -58.60 -2.65
N HIS JF 76 107.69 -57.58 -3.47
CA HIS JF 76 106.74 -57.10 -4.47
C HIS JF 76 107.42 -57.18 -5.84
N VAL JF 77 107.16 -58.26 -6.57
CA VAL JF 77 107.79 -58.51 -7.86
C VAL JF 77 106.72 -58.37 -8.94
N PRO JF 78 106.76 -57.32 -9.77
CA PRO JF 78 105.80 -57.21 -10.86
C PRO JF 78 106.00 -58.31 -11.89
N VAL JF 79 104.90 -58.70 -12.54
CA VAL JF 79 104.94 -59.80 -13.50
C VAL JF 79 105.62 -59.32 -14.78
N GLY JF 80 106.54 -60.14 -15.29
CA GLY JF 80 107.34 -59.81 -16.46
C GLY JF 80 108.80 -59.60 -16.13
N VAL JF 81 109.10 -59.23 -14.90
CA VAL JF 81 110.49 -59.08 -14.45
C VAL JF 81 111.13 -60.46 -14.37
N ASP JF 82 112.38 -60.54 -14.86
CA ASP JF 82 113.11 -61.81 -14.82
C ASP JF 82 113.29 -62.29 -13.38
N ALA JF 83 112.83 -63.50 -13.11
CA ALA JF 83 112.93 -64.07 -11.77
C ALA JF 83 114.39 -64.27 -11.37
N THR JF 84 115.22 -64.72 -12.30
CA THR JF 84 116.64 -64.93 -12.00
C THR JF 84 117.33 -63.62 -11.64
N ALA JF 85 116.98 -62.54 -12.34
CA ALA JF 85 117.57 -61.24 -12.01
C ALA JF 85 117.15 -60.77 -10.63
N VAL JF 86 115.89 -61.01 -10.26
CA VAL JF 86 115.41 -60.60 -8.94
C VAL JF 86 116.09 -61.42 -7.84
N ARG JF 87 116.23 -62.73 -8.07
CA ARG JF 87 116.85 -63.58 -7.06
C ARG JF 87 118.31 -63.20 -6.83
N THR JF 88 119.03 -62.84 -7.90
CA THR JF 88 120.41 -62.40 -7.74
C THR JF 88 120.48 -61.09 -6.97
N TRP JF 89 119.54 -60.17 -7.24
CA TRP JF 89 119.51 -58.91 -6.49
C TRP JF 89 119.19 -59.14 -5.02
N MET JF 90 118.24 -60.02 -4.73
CA MET JF 90 117.86 -60.28 -3.34
C MET JF 90 119.01 -60.94 -2.58
N THR JF 91 119.71 -61.87 -3.21
CA THR JF 91 120.78 -62.61 -2.54
C THR JF 91 122.00 -61.74 -2.27
N SER JF 92 122.39 -60.91 -3.24
CA SER JF 92 123.63 -60.16 -3.13
C SER JF 92 123.45 -58.76 -2.55
N GLU JF 93 122.24 -58.21 -2.56
CA GLU JF 93 122.01 -56.85 -2.10
C GLU JF 93 121.06 -56.76 -0.92
N VAL JF 94 119.91 -57.41 -0.99
CA VAL JF 94 118.90 -57.28 0.06
C VAL JF 94 119.26 -58.14 1.26
N PHE JF 95 119.61 -59.40 1.02
CA PHE JF 95 119.86 -60.32 2.13
C PHE JF 95 121.01 -59.89 3.03
N PRO JF 96 122.19 -59.50 2.52
CA PRO JF 96 123.23 -59.01 3.44
C PRO JF 96 122.84 -57.77 4.20
N GLY JF 97 122.07 -56.87 3.59
CA GLY JF 97 121.68 -55.64 4.28
C GLY JF 97 120.56 -55.83 5.27
N ALA JF 98 119.68 -56.79 5.03
CA ALA JF 98 118.55 -57.06 5.91
C ALA JF 98 118.92 -57.92 7.11
N THR JF 99 120.16 -58.39 7.19
CA THR JF 99 120.61 -59.20 8.31
C THR JF 99 121.81 -58.57 9.01
N SER JF 100 122.05 -57.28 8.77
CA SER JF 100 123.16 -56.58 9.40
C SER JF 100 122.71 -55.97 10.73
N SER JF 101 123.64 -55.31 11.41
CA SER JF 101 123.30 -54.58 12.62
C SER JF 101 122.36 -53.41 12.35
N VAL JF 102 122.29 -52.96 11.09
CA VAL JF 102 121.37 -51.89 10.74
C VAL JF 102 119.93 -52.30 11.00
N THR JF 103 119.57 -53.54 10.62
CA THR JF 103 118.25 -54.05 10.89
C THR JF 103 118.01 -54.19 12.40
N LEU JF 104 119.02 -54.70 13.11
CA LEU JF 104 118.88 -54.88 14.56
C LEU JF 104 118.71 -53.54 15.27
N ASP JF 105 119.46 -52.52 14.84
CA ASP JF 105 119.36 -51.22 15.49
C ASP JF 105 118.04 -50.54 15.18
N LEU JF 106 117.53 -50.70 13.96
CA LEU JF 106 116.26 -50.09 13.59
C LEU JF 106 115.10 -50.74 14.33
N ALA JF 107 115.13 -52.06 14.49
CA ALA JF 107 114.02 -52.76 15.11
C ALA JF 107 113.95 -52.48 16.61
N THR JF 108 115.08 -52.51 17.30
CA THR JF 108 115.10 -52.43 18.75
C THR JF 108 115.43 -51.05 19.29
N LYS JF 109 115.98 -50.15 18.46
CA LYS JF 109 116.30 -48.81 18.91
C LYS JF 109 115.72 -47.71 18.04
N GLY JF 110 115.13 -48.05 16.90
CA GLY JF 110 114.62 -47.04 16.00
C GLY JF 110 115.67 -46.18 15.37
N VAL JF 111 116.82 -46.75 15.03
CA VAL JF 111 117.92 -45.98 14.45
C VAL JF 111 117.79 -45.96 12.94
N ILE JF 112 117.65 -44.76 12.37
CA ILE JF 112 117.53 -44.57 10.93
C ILE JF 112 118.74 -43.88 10.33
N HIS JF 113 119.75 -43.55 11.13
CA HIS JF 113 120.98 -42.94 10.66
C HIS JF 113 122.12 -43.94 10.89
N LEU JF 114 122.66 -44.50 9.81
CA LEU JF 114 123.74 -45.49 9.93
C LEU JF 114 125.09 -44.78 9.72
N SER JF 115 125.42 -43.91 10.66
CA SER JF 115 126.72 -43.25 10.65
C SER JF 115 127.78 -44.17 11.26
N ASP JF 116 129.02 -44.01 10.79
CA ASP JF 116 129.47 -43.13 9.71
C ASP JF 116 130.47 -43.85 8.81
N ALA JF 117 130.96 -45.00 9.29
CA ALA JF 117 131.98 -45.77 8.58
C ALA JF 117 131.51 -46.20 7.19
N LEU KF 1 129.88 -45.01 4.43
CA LEU KF 1 128.46 -45.23 4.64
C LEU KF 1 127.99 -46.44 3.85
N SER KF 2 127.70 -47.54 4.54
CA SER KF 2 127.34 -48.78 3.90
C SER KF 2 126.21 -49.46 4.65
N ILE KF 3 125.35 -50.12 3.88
CA ILE KF 3 124.31 -50.99 4.43
C ILE KF 3 124.58 -52.39 3.87
N GLY KF 4 124.90 -53.32 4.75
CA GLY KF 4 125.34 -54.63 4.32
C GLY KF 4 126.64 -54.55 3.56
N THR KF 5 126.65 -55.01 2.32
CA THR KF 5 127.81 -54.91 1.45
C THR KF 5 127.71 -53.77 0.44
N LYS KF 6 126.61 -53.02 0.46
CA LYS KF 6 126.36 -51.96 -0.51
C LYS KF 6 126.69 -50.62 0.11
N ASN KF 7 127.62 -49.88 -0.51
CA ASN KF 7 127.88 -48.51 -0.12
C ASN KF 7 126.73 -47.61 -0.59
N VAL KF 8 126.30 -46.71 0.30
CA VAL KF 8 125.19 -45.82 0.02
C VAL KF 8 125.56 -44.41 0.47
N SER KF 9 124.76 -43.45 0.04
CA SER KF 9 124.88 -42.06 0.48
C SER KF 9 123.51 -41.54 0.86
N ILE KF 10 123.49 -40.52 1.71
CA ILE KF 10 122.22 -39.92 2.13
C ILE KF 10 121.58 -39.24 0.93
N TYR KF 11 120.33 -39.61 0.65
CA TYR KF 11 119.57 -39.04 -0.46
C TYR KF 11 118.49 -38.08 0.00
N ARG KF 12 117.65 -38.50 0.93
CA ARG KF 12 116.62 -37.64 1.49
C ARG KF 12 116.49 -37.94 2.98
N ASN KF 13 116.21 -36.90 3.76
CA ASN KF 13 116.25 -36.99 5.22
C ASN KF 13 115.05 -36.25 5.79
N THR KF 14 114.10 -37.00 6.31
CA THR KF 14 112.97 -36.45 7.06
C THR KF 14 113.12 -36.81 8.53
N ALA KF 15 112.11 -36.46 9.33
CA ALA KF 15 112.19 -36.66 10.77
C ALA KF 15 112.25 -38.14 11.13
N ASP KF 16 111.43 -38.97 10.49
CA ASP KF 16 111.34 -40.38 10.83
C ASP KF 16 111.70 -41.31 9.68
N GLU KF 17 112.17 -40.77 8.55
CA GLU KF 17 112.61 -41.60 7.44
C GLU KF 17 113.85 -40.98 6.82
N VAL KF 18 114.85 -41.82 6.56
CA VAL KF 18 116.03 -41.44 5.80
C VAL KF 18 116.15 -42.37 4.61
N ILE KF 19 116.19 -41.79 3.41
CA ILE KF 19 116.34 -42.55 2.18
C ILE KF 19 117.80 -42.50 1.75
N TYR KF 20 118.40 -43.66 1.52
CA TYR KF 20 119.77 -43.76 1.05
C TYR KF 20 119.78 -44.25 -0.39
N ALA KF 21 120.74 -43.76 -1.16
CA ALA KF 21 120.83 -44.05 -2.59
C ALA KF 21 122.03 -44.93 -2.85
N GLY KF 22 121.84 -45.98 -3.64
CA GLY KF 22 122.93 -46.82 -4.07
C GLY KF 22 123.78 -46.13 -5.10
N PRO KF 23 124.93 -46.72 -5.44
CA PRO KF 23 125.82 -46.08 -6.41
C PRO KF 23 125.19 -45.90 -7.78
N ALA KF 24 124.28 -46.80 -8.17
CA ALA KF 24 123.63 -46.72 -9.46
C ALA KF 24 122.41 -45.81 -9.49
N HIS KF 25 121.93 -45.36 -8.33
CA HIS KF 25 120.71 -44.57 -8.29
C HIS KF 25 120.86 -43.28 -9.07
N ASP KF 26 119.84 -42.96 -9.87
CA ASP KF 26 119.84 -41.76 -10.69
C ASP KF 26 118.40 -41.35 -10.94
N VAL KF 27 118.21 -40.42 -11.88
CA VAL KF 27 116.87 -39.89 -12.16
C VAL KF 27 115.97 -40.89 -12.87
N THR KF 28 116.53 -41.90 -13.52
CA THR KF 28 115.73 -42.91 -14.22
C THR KF 28 115.87 -44.31 -13.65
N ASN KF 29 116.93 -44.62 -12.90
CA ASN KF 29 117.12 -45.91 -12.27
C ASN KF 29 116.98 -45.74 -10.76
N VAL KF 30 116.09 -46.51 -10.16
CA VAL KF 30 115.88 -46.45 -8.72
C VAL KF 30 116.75 -47.52 -8.06
N ASP KF 31 117.62 -47.09 -7.15
CA ASP KF 31 118.40 -47.99 -6.30
C ASP KF 31 118.50 -47.32 -4.93
N THR KF 32 117.56 -47.63 -4.06
CA THR KF 32 117.45 -46.93 -2.78
C THR KF 32 117.17 -47.92 -1.65
N VAL KF 33 117.69 -47.60 -0.48
CA VAL KF 33 117.37 -48.30 0.76
C VAL KF 33 116.79 -47.27 1.71
N SER KF 34 115.53 -47.46 2.09
CA SER KF 34 114.86 -46.56 3.02
C SER KF 34 114.84 -47.14 4.42
N LEU KF 35 115.10 -46.30 5.41
CA LEU KF 35 114.92 -46.64 6.81
C LEU KF 35 113.85 -45.74 7.40
N ARG KF 36 112.72 -46.34 7.77
CA ARG KF 36 111.58 -45.62 8.30
C ARG KF 36 111.22 -46.19 9.66
N ARG KF 37 110.77 -45.31 10.56
CA ARG KF 37 110.39 -45.73 11.90
C ARG KF 37 109.07 -45.07 12.28
N SER KF 38 108.30 -45.77 13.09
CA SER KF 38 107.11 -45.23 13.73
C SER KF 38 107.31 -45.32 15.24
N LEU KF 39 107.49 -44.16 15.88
CA LEU KF 39 107.81 -44.14 17.28
C LEU KF 39 106.61 -44.59 18.13
N PRO KF 40 106.86 -45.25 19.26
CA PRO KF 40 105.75 -45.73 20.10
C PRO KF 40 104.88 -44.59 20.60
N VAL KF 41 103.57 -44.77 20.49
CA VAL KF 41 102.60 -43.79 20.96
C VAL KF 41 101.93 -44.37 22.21
N LYS KF 42 102.13 -43.71 23.35
CA LYS KF 42 101.56 -44.18 24.62
C LYS KF 42 100.08 -43.80 24.59
N LYS KF 43 99.23 -44.82 24.49
CA LYS KF 43 97.78 -44.66 24.50
C LYS KF 43 97.18 -45.57 25.55
N GLY KF 44 96.47 -44.98 26.51
CA GLY KF 44 95.87 -45.76 27.57
C GLY KF 44 96.93 -46.46 28.41
N SER KF 45 96.64 -47.69 28.80
CA SER KF 45 97.60 -48.49 29.55
C SER KF 45 98.68 -49.11 28.68
N ASP KF 46 98.51 -49.09 27.37
CA ASP KF 46 99.51 -49.62 26.46
C ASP KF 46 100.58 -48.59 26.20
N ASN KF 47 101.84 -48.99 26.36
CA ASN KF 47 102.97 -48.09 26.16
C ASN KF 47 103.30 -47.87 24.69
N GLY KF 48 102.67 -48.59 23.78
CA GLY KF 48 102.91 -48.42 22.36
C GLY KF 48 103.82 -49.49 21.79
N THR KF 49 104.15 -49.30 20.51
CA THR KF 49 104.96 -50.25 19.76
C THR KF 49 105.86 -49.49 18.81
N MET KF 50 107.13 -49.85 18.77
CA MET KF 50 108.07 -49.28 17.82
C MET KF 50 108.02 -50.09 16.53
N ARG KF 51 107.77 -49.42 15.41
CA ARG KF 51 107.77 -50.03 14.10
C ARG KF 51 109.00 -49.57 13.33
N GLY KF 52 109.76 -50.52 12.80
CA GLY KF 52 110.90 -50.19 11.99
C GLY KF 52 110.83 -50.83 10.62
N ASN KF 53 110.72 -50.02 9.57
CA ASN KF 53 110.58 -50.51 8.22
C ASN KF 53 111.88 -50.29 7.45
N MET KF 54 112.36 -51.34 6.80
CA MET KF 54 113.54 -51.29 5.97
C MET KF 54 113.13 -51.62 4.54
N ASN KF 55 113.18 -50.62 3.66
CA ASN KF 55 112.64 -50.73 2.31
C ASN KF 55 113.77 -50.81 1.30
N PHE KF 56 113.71 -51.83 0.44
CA PHE KF 56 114.64 -51.98 -0.68
C PHE KF 56 113.87 -51.77 -1.97
N ALA KF 57 114.33 -50.84 -2.79
CA ALA KF 57 113.70 -50.55 -4.08
C ALA KF 57 114.73 -50.67 -5.19
N LYS KF 58 114.34 -51.28 -6.31
CA LYS KF 58 115.22 -51.44 -7.44
C LYS KF 58 114.40 -51.45 -8.72
N SER KF 59 114.89 -50.74 -9.73
CA SER KF 59 114.27 -50.75 -11.05
C SER KF 59 114.76 -51.93 -11.86
N PHE KF 60 113.85 -52.59 -12.57
CA PHE KF 60 114.16 -53.78 -13.33
C PHE KF 60 113.57 -53.68 -14.73
N PRO KF 61 114.25 -54.20 -15.73
CA PRO KF 61 113.64 -54.28 -17.08
C PRO KF 61 112.44 -55.22 -17.08
N ASN KF 62 111.30 -54.69 -17.47
CA ASN KF 62 110.06 -55.46 -17.59
C ASN KF 62 109.58 -55.29 -19.03
N GLY KF 63 110.08 -56.16 -19.91
CA GLY KF 63 109.79 -56.03 -21.33
C GLY KF 63 110.37 -54.78 -21.92
N ASP KF 64 109.51 -53.83 -22.28
CA ASP KF 64 109.96 -52.56 -22.84
C ASP KF 64 110.10 -51.48 -21.78
N LYS KF 65 109.28 -51.51 -20.73
CA LYS KF 65 109.30 -50.51 -19.68
C LYS KF 65 110.16 -51.00 -18.51
N LYS KF 66 110.12 -50.25 -17.41
CA LYS KF 66 110.84 -50.60 -16.19
C LYS KF 66 109.84 -50.78 -15.06
N SER KF 67 110.05 -51.82 -14.26
CA SER KF 67 109.20 -52.11 -13.11
C SER KF 67 110.02 -51.99 -11.83
N LEU KF 68 109.35 -51.58 -10.76
CA LEU KF 68 109.98 -51.39 -9.46
C LEU KF 68 109.75 -52.64 -8.60
N VAL KF 69 110.84 -53.30 -8.23
CA VAL KF 69 110.80 -54.43 -7.32
C VAL KF 69 111.10 -53.93 -5.92
N VAL KF 70 110.21 -54.21 -4.97
CA VAL KF 70 110.29 -53.68 -3.62
C VAL KF 70 110.35 -54.84 -2.63
N VAL KF 71 111.30 -54.78 -1.71
CA VAL KF 71 111.40 -55.71 -0.59
C VAL KF 71 111.31 -54.91 0.69
N ASN KF 72 110.37 -55.26 1.55
CA ASN KF 72 110.16 -54.58 2.82
C ASN KF 72 110.50 -55.51 3.98
N LEU KF 73 111.24 -54.99 4.95
CA LEU KF 73 111.50 -55.68 6.21
C LEU KF 73 110.97 -54.81 7.33
N THR KF 74 109.96 -55.31 8.05
CA THR KF 74 109.28 -54.55 9.09
C THR KF 74 109.30 -55.35 10.39
N ALA KF 75 109.56 -54.64 11.49
CA ALA KF 75 109.54 -55.23 12.83
C ALA KF 75 108.59 -54.44 13.71
N HIS KF 76 107.87 -55.15 14.58
CA HIS KF 76 106.94 -54.54 15.53
C HIS KF 76 107.35 -54.99 16.93
N VAL KF 77 108.03 -54.11 17.66
CA VAL KF 77 108.54 -54.42 18.98
C VAL KF 77 107.77 -53.60 20.01
N PRO KF 78 106.94 -54.23 20.84
CA PRO KF 78 106.23 -53.47 21.88
C PRO KF 78 107.17 -52.92 22.94
N VAL KF 79 106.79 -51.78 23.51
CA VAL KF 79 107.57 -51.18 24.58
C VAL KF 79 107.47 -52.04 25.84
N GLY KF 80 108.61 -52.27 26.48
CA GLY KF 80 108.69 -53.06 27.69
C GLY KF 80 109.40 -54.38 27.51
N VAL KF 81 109.64 -54.80 26.27
CA VAL KF 81 110.37 -56.03 26.00
C VAL KF 81 111.86 -55.77 26.09
N ASP KF 82 112.61 -56.77 26.53
CA ASP KF 82 114.05 -56.65 26.59
C ASP KF 82 114.64 -56.62 25.19
N ALA KF 83 115.40 -55.57 24.87
CA ALA KF 83 115.93 -55.40 23.53
C ALA KF 83 116.98 -56.44 23.20
N THR KF 84 117.78 -56.85 24.20
CA THR KF 84 118.79 -57.88 23.95
C THR KF 84 118.16 -59.21 23.58
N ALA KF 85 117.04 -59.57 24.23
CA ALA KF 85 116.36 -60.82 23.91
C ALA KF 85 115.83 -60.80 22.48
N VAL KF 86 115.29 -59.68 22.03
CA VAL KF 86 114.76 -59.59 20.68
C VAL KF 86 115.88 -59.67 19.66
N ARG KF 87 117.00 -59.02 19.94
CA ARG KF 87 118.13 -59.06 19.00
C ARG KF 87 118.68 -60.47 18.86
N THR KF 88 118.75 -61.22 19.97
CA THR KF 88 119.23 -62.60 19.90
C THR KF 88 118.26 -63.47 19.11
N TRP KF 89 116.95 -63.26 19.29
CA TRP KF 89 115.97 -64.01 18.53
C TRP KF 89 116.02 -63.68 17.05
N MET KF 90 116.15 -62.39 16.73
CA MET KF 90 116.21 -61.97 15.32
C MET KF 90 117.45 -62.53 14.64
N THR KF 91 118.60 -62.55 15.33
CA THR KF 91 119.83 -63.02 14.74
C THR KF 91 119.80 -64.52 14.49
N SER KF 92 119.32 -65.31 15.45
CA SER KF 92 119.44 -66.76 15.38
C SER KF 92 118.24 -67.43 14.71
N GLU KF 93 117.08 -66.82 14.72
CA GLU KF 93 115.88 -67.48 14.22
C GLU KF 93 115.23 -66.76 13.04
N VAL KF 94 115.24 -65.43 13.03
CA VAL KF 94 114.60 -64.69 11.94
C VAL KF 94 115.53 -64.57 10.74
N PHE KF 95 116.77 -64.13 10.99
CA PHE KF 95 117.70 -63.86 9.88
C PHE KF 95 118.02 -65.09 9.05
N PRO KF 96 118.36 -66.26 9.63
CA PRO KF 96 118.64 -67.42 8.75
C PRO KF 96 117.46 -67.84 7.90
N GLY KF 97 116.23 -67.75 8.41
CA GLY KF 97 115.08 -68.15 7.63
C GLY KF 97 114.65 -67.11 6.62
N ALA KF 98 114.86 -65.82 6.92
CA ALA KF 98 114.45 -64.77 6.02
C ALA KF 98 115.34 -64.68 4.78
N THR KF 99 116.59 -65.14 4.86
CA THR KF 99 117.52 -65.09 3.74
C THR KF 99 117.83 -66.49 3.21
N SER KF 100 116.85 -67.38 3.23
CA SER KF 100 117.01 -68.74 2.75
C SER KF 100 116.34 -68.89 1.39
N SER KF 101 116.37 -70.11 0.86
CA SER KF 101 115.70 -70.38 -0.41
C SER KF 101 114.18 -70.28 -0.30
N VAL KF 102 113.64 -70.35 0.92
CA VAL KF 102 112.19 -70.23 1.09
C VAL KF 102 111.72 -68.84 0.67
N THR KF 103 112.48 -67.80 1.01
CA THR KF 103 112.11 -66.45 0.62
C THR KF 103 112.15 -66.29 -0.90
N LEU KF 104 113.18 -66.83 -1.53
CA LEU KF 104 113.30 -66.72 -2.98
C LEU KF 104 112.18 -67.48 -3.69
N ASP KF 105 111.86 -68.69 -3.21
CA ASP KF 105 110.81 -69.48 -3.85
C ASP KF 105 109.44 -68.85 -3.65
N LEU KF 106 109.21 -68.21 -2.51
CA LEU KF 106 107.95 -67.53 -2.29
C LEU KF 106 107.82 -66.30 -3.19
N ALA KF 107 108.93 -65.59 -3.41
CA ALA KF 107 108.88 -64.36 -4.19
C ALA KF 107 108.62 -64.64 -5.66
N THR KF 108 109.35 -65.60 -6.24
CA THR KF 108 109.32 -65.84 -7.67
C THR KF 108 108.44 -67.02 -8.08
N LYS KF 109 107.96 -67.81 -7.13
CA LYS KF 109 107.10 -68.94 -7.48
C LYS KF 109 105.82 -69.02 -6.67
N GLY KF 110 105.65 -68.21 -5.62
CA GLY KF 110 104.48 -68.32 -4.77
C GLY KF 110 104.39 -69.61 -4.00
N VAL KF 111 105.50 -70.15 -3.55
CA VAL KF 111 105.51 -71.41 -2.82
C VAL KF 111 105.31 -71.12 -1.33
N ILE KF 112 104.21 -71.63 -0.79
CA ILE KF 112 103.91 -71.49 0.63
C ILE KF 112 103.94 -72.82 1.36
N HIS KF 113 103.90 -73.95 0.66
CA HIS KF 113 103.98 -75.27 1.25
C HIS KF 113 105.43 -75.74 1.19
N LEU KF 114 106.01 -75.98 2.36
CA LEU KF 114 107.42 -76.35 2.46
C LEU KF 114 107.58 -77.86 2.27
N SER KF 115 108.78 -78.27 1.87
CA SER KF 115 109.10 -79.67 1.67
C SER KF 115 110.62 -79.86 1.72
N ASP KF 116 111.04 -81.05 2.13
CA ASP KF 116 110.26 -82.12 2.73
C ASP KF 116 111.03 -82.74 3.89
N ALA KF 117 112.31 -82.44 3.96
CA ALA KF 117 113.19 -83.04 4.96
C ALA KF 117 113.52 -82.05 6.08
N LEU LF 1 134.48 -9.69 -28.46
CA LEU LF 1 133.45 -9.78 -27.43
C LEU LF 1 133.54 -11.12 -26.73
N SER LF 2 133.93 -11.10 -25.46
CA SER LF 2 134.19 -12.33 -24.70
C SER LF 2 133.43 -12.32 -23.39
N ILE LF 3 132.87 -13.47 -23.04
CA ILE LF 3 132.34 -13.73 -21.70
C ILE LF 3 133.04 -14.99 -21.20
N GLY LF 4 134.13 -14.81 -20.48
CA GLY LF 4 134.98 -15.93 -20.12
C GLY LF 4 135.93 -16.27 -21.25
N THR LF 5 135.89 -17.51 -21.71
CA THR LF 5 136.66 -17.94 -22.87
C THR LF 5 135.79 -18.04 -24.13
N LYS LF 6 134.53 -17.61 -24.05
CA LYS LF 6 133.58 -17.75 -25.14
C LYS LF 6 133.51 -16.45 -25.93
N ASN LF 7 133.60 -16.55 -27.26
CA ASN LF 7 133.43 -15.42 -28.15
C ASN LF 7 131.95 -15.31 -28.52
N VAL LF 8 131.32 -14.20 -28.14
CA VAL LF 8 129.89 -13.99 -28.35
C VAL LF 8 129.68 -12.76 -29.21
N SER LF 9 128.46 -12.60 -29.69
CA SER LF 9 128.05 -11.41 -30.42
C SER LF 9 126.69 -10.96 -29.92
N ILE LF 10 126.40 -9.67 -30.10
CA ILE LF 10 125.10 -9.14 -29.68
C ILE LF 10 124.01 -9.75 -30.54
N TYR LF 11 122.97 -10.25 -29.88
CA TYR LF 11 121.85 -10.89 -30.54
C TYR LF 11 120.52 -10.17 -30.31
N ARG LF 12 120.31 -9.64 -29.10
CA ARG LF 12 119.12 -8.87 -28.80
C ARG LF 12 119.51 -7.80 -27.78
N ASN LF 13 119.05 -6.58 -28.00
CA ASN LF 13 119.43 -5.44 -27.16
C ASN LF 13 118.17 -4.71 -26.73
N THR LF 14 117.83 -4.84 -25.45
CA THR LF 14 116.70 -4.14 -24.86
C THR LF 14 117.21 -3.20 -23.77
N ALA LF 15 116.27 -2.54 -23.10
CA ALA LF 15 116.62 -1.55 -22.10
C ALA LF 15 117.39 -2.17 -20.94
N ASP LF 16 116.96 -3.35 -20.48
CA ASP LF 16 117.52 -3.95 -19.27
C ASP LF 16 118.00 -5.37 -19.50
N GLU LF 17 118.20 -5.77 -20.76
CA GLU LF 17 118.65 -7.13 -21.05
C GLU LF 17 119.33 -7.15 -22.40
N VAL LF 18 120.54 -7.70 -22.45
CA VAL LF 18 121.26 -7.92 -23.69
C VAL LF 18 121.57 -9.41 -23.79
N ILE LF 19 121.15 -10.04 -24.88
CA ILE LF 19 121.39 -11.46 -25.12
C ILE LF 19 122.59 -11.57 -26.05
N TYR LF 20 123.56 -12.37 -25.65
CA TYR LF 20 124.74 -12.65 -26.46
C TYR LF 20 124.70 -14.09 -26.94
N ALA LF 21 124.99 -14.29 -28.22
CA ALA LF 21 124.90 -15.60 -28.84
C ALA LF 21 126.29 -16.17 -29.09
N GLY LF 22 126.46 -17.45 -28.76
CA GLY LF 22 127.71 -18.14 -28.98
C GLY LF 22 127.84 -18.62 -30.40
N PRO LF 23 128.99 -19.23 -30.72
CA PRO LF 23 129.20 -19.69 -32.11
C PRO LF 23 128.22 -20.76 -32.55
N ALA LF 24 127.63 -21.50 -31.62
CA ALA LF 24 126.73 -22.60 -31.94
C ALA LF 24 125.26 -22.18 -31.92
N HIS LF 25 124.98 -20.89 -31.84
CA HIS LF 25 123.61 -20.40 -31.79
C HIS LF 25 123.08 -20.15 -33.19
N ASP LF 26 121.85 -20.58 -33.44
CA ASP LF 26 121.18 -20.38 -34.71
C ASP LF 26 119.67 -20.46 -34.47
N VAL LF 27 118.90 -20.59 -35.56
CA VAL LF 27 117.45 -20.64 -35.45
C VAL LF 27 116.95 -21.87 -34.69
N THR LF 28 117.60 -23.03 -34.87
CA THR LF 28 117.12 -24.26 -34.26
C THR LF 28 117.87 -24.68 -33.01
N ASN LF 29 119.02 -24.10 -32.73
CA ASN LF 29 119.81 -24.46 -31.55
C ASN LF 29 120.03 -23.22 -30.69
N VAL LF 30 120.09 -23.42 -29.38
CA VAL LF 30 120.23 -22.34 -28.41
C VAL LF 30 121.62 -22.41 -27.81
N ASP LF 31 122.39 -21.32 -27.97
CA ASP LF 31 123.67 -21.14 -27.28
C ASP LF 31 123.77 -19.64 -26.99
N THR LF 32 123.29 -19.25 -25.80
CA THR LF 32 123.18 -17.83 -25.47
C THR LF 32 123.65 -17.57 -24.05
N VAL LF 33 124.15 -16.35 -23.84
CA VAL LF 33 124.42 -15.82 -22.51
C VAL LF 33 123.71 -14.48 -22.41
N SER LF 34 122.74 -14.38 -21.50
CA SER LF 34 121.92 -13.20 -21.35
C SER LF 34 122.31 -12.46 -20.07
N LEU LF 35 122.61 -11.17 -20.20
CA LEU LF 35 122.84 -10.31 -19.05
C LEU LF 35 121.58 -9.49 -18.79
N ARG LF 36 121.09 -9.58 -17.55
CA ARG LF 36 119.88 -8.87 -17.16
C ARG LF 36 120.17 -8.04 -15.92
N ARG LF 37 119.37 -6.99 -15.73
CA ARG LF 37 119.56 -6.11 -14.60
C ARG LF 37 118.23 -5.50 -14.19
N SER LF 38 118.14 -5.11 -12.93
CA SER LF 38 117.01 -4.38 -12.39
C SER LF 38 117.57 -3.22 -11.58
N LEU LF 39 117.37 -2.00 -12.07
CA LEU LF 39 117.96 -0.83 -11.44
C LEU LF 39 117.33 -0.58 -10.08
N PRO LF 40 118.09 -0.02 -9.14
CA PRO LF 40 117.51 0.32 -7.83
C PRO LF 40 116.38 1.33 -7.96
N VAL LF 41 115.36 1.14 -7.15
CA VAL LF 41 114.20 2.03 -7.11
C VAL LF 41 114.18 2.70 -5.75
N LYS LF 42 114.29 4.03 -5.75
CA LYS LF 42 114.30 4.80 -4.49
C LYS LF 42 112.87 4.87 -3.96
N LYS LF 43 112.45 3.76 -3.36
CA LYS LF 43 111.10 3.65 -2.84
C LYS LF 43 111.08 4.05 -1.37
N GLY LF 44 110.40 5.15 -1.06
CA GLY LF 44 110.37 5.64 0.31
C GLY LF 44 111.75 6.00 0.78
N SER LF 45 112.09 5.54 1.99
CA SER LF 45 113.43 5.77 2.55
C SER LF 45 114.44 4.73 2.10
N ASP LF 46 114.00 3.55 1.66
CA ASP LF 46 114.92 2.55 1.15
C ASP LF 46 115.53 3.02 -0.16
N ASN LF 47 116.85 2.89 -0.28
CA ASN LF 47 117.56 3.31 -1.48
C ASN LF 47 117.46 2.30 -2.61
N GLY LF 48 116.86 1.14 -2.37
CA GLY LF 48 116.69 0.14 -3.41
C GLY LF 48 117.76 -0.93 -3.39
N THR LF 49 117.67 -1.81 -4.37
CA THR LF 49 118.59 -2.94 -4.51
C THR LF 49 118.99 -3.09 -5.97
N MET LF 50 120.27 -3.39 -6.19
CA MET LF 50 120.76 -3.69 -7.52
C MET LF 50 120.67 -5.19 -7.77
N ARG LF 51 119.88 -5.59 -8.76
CA ARG LF 51 119.72 -6.99 -9.14
C ARG LF 51 120.40 -7.21 -10.47
N GLY LF 52 121.31 -8.18 -10.52
CA GLY LF 52 121.97 -8.57 -11.75
C GLY LF 52 121.81 -10.06 -11.98
N ASN LF 53 121.52 -10.42 -13.22
CA ASN LF 53 121.29 -11.82 -13.58
C ASN LF 53 122.14 -12.18 -14.79
N MET LF 54 122.87 -13.28 -14.68
CA MET LF 54 123.60 -13.86 -15.80
C MET LF 54 122.96 -15.21 -16.12
N ASN LF 55 122.47 -15.34 -17.35
CA ASN LF 55 121.73 -16.52 -17.78
C ASN LF 55 122.53 -17.26 -18.84
N PHE LF 56 122.68 -18.57 -18.65
CA PHE LF 56 123.33 -19.45 -19.61
C PHE LF 56 122.31 -20.44 -20.13
N ALA LF 57 122.20 -20.55 -21.45
CA ALA LF 57 121.24 -21.45 -22.07
C ALA LF 57 121.95 -22.25 -23.16
N LYS LF 58 121.71 -23.56 -23.18
CA LYS LF 58 122.27 -24.43 -24.21
C LYS LF 58 121.28 -25.53 -24.52
N SER LF 59 121.21 -25.89 -25.80
CA SER LF 59 120.40 -27.02 -26.24
C SER LF 59 121.22 -28.30 -26.18
N PHE LF 60 120.58 -29.38 -25.75
CA PHE LF 60 121.25 -30.66 -25.57
C PHE LF 60 120.40 -31.77 -26.16
N PRO LF 61 121.03 -32.82 -26.69
CA PRO LF 61 120.25 -33.97 -27.15
C PRO LF 61 119.54 -34.66 -26.00
N ASN LF 62 118.23 -34.79 -26.12
CA ASN LF 62 117.39 -35.45 -25.11
C ASN LF 62 116.59 -36.54 -25.81
N GLY LF 63 117.18 -37.72 -25.93
CA GLY LF 63 116.55 -38.80 -26.65
C GLY LF 63 116.25 -38.44 -28.09
N ASP LF 64 114.97 -38.25 -28.41
CA ASP LF 64 114.59 -37.87 -29.75
C ASP LF 64 114.64 -36.35 -29.94
N LYS LF 65 114.16 -35.60 -28.96
CA LYS LF 65 114.07 -34.15 -29.06
C LYS LF 65 115.33 -33.50 -28.47
N LYS LF 66 115.32 -32.17 -28.39
CA LYS LF 66 116.43 -31.40 -27.85
C LYS LF 66 115.94 -30.59 -26.66
N SER LF 67 116.59 -30.74 -25.52
CA SER LF 67 116.19 -30.07 -24.29
C SER LF 67 117.13 -28.91 -23.97
N LEU LF 68 116.60 -27.93 -23.26
CA LEU LF 68 117.33 -26.71 -22.92
C LEU LF 68 117.82 -26.80 -21.48
N VAL LF 69 119.12 -26.68 -21.29
CA VAL LF 69 119.74 -26.62 -19.97
C VAL LF 69 120.07 -25.18 -19.66
N VAL LF 70 119.61 -24.69 -18.51
CA VAL LF 70 119.74 -23.29 -18.15
C VAL LF 70 120.48 -23.19 -16.81
N VAL LF 71 121.51 -22.36 -16.76
CA VAL LF 71 122.22 -22.05 -15.53
C VAL LF 71 122.05 -20.56 -15.26
N ASN LF 72 121.51 -20.23 -14.08
CA ASN LF 72 121.26 -18.85 -13.70
C ASN LF 72 122.22 -18.42 -12.60
N LEU LF 73 122.56 -17.15 -12.61
CA LEU LF 73 123.41 -16.55 -11.57
C LEU LF 73 122.86 -15.17 -11.27
N THR LF 74 122.26 -15.00 -10.10
CA THR LF 74 121.63 -13.75 -9.71
C THR LF 74 122.29 -13.21 -8.45
N ALA LF 75 122.56 -11.91 -8.44
CA ALA LF 75 123.14 -11.22 -7.30
C ALA LF 75 122.21 -10.10 -6.85
N HIS LF 76 122.06 -9.95 -5.54
CA HIS LF 76 121.25 -8.89 -4.95
C HIS LF 76 122.15 -8.05 -4.05
N VAL LF 77 122.44 -6.83 -4.47
CA VAL LF 77 123.32 -5.94 -3.72
C VAL LF 77 122.54 -4.70 -3.31
N PRO LF 78 122.18 -4.55 -2.05
CA PRO LF 78 121.45 -3.35 -1.62
C PRO LF 78 122.28 -2.08 -1.78
N VAL LF 79 121.60 -0.99 -2.08
CA VAL LF 79 122.28 0.29 -2.27
C VAL LF 79 122.83 0.79 -0.95
N GLY LF 80 124.09 1.25 -0.96
CA GLY LF 80 124.77 1.74 0.22
C GLY LF 80 125.85 0.80 0.72
N VAL LF 81 125.70 -0.51 0.45
CA VAL LF 81 126.73 -1.47 0.79
C VAL LF 81 127.98 -1.16 -0.03
N ASP LF 82 129.14 -1.19 0.64
CA ASP LF 82 130.40 -0.91 -0.04
C ASP LF 82 130.64 -1.92 -1.14
N ALA LF 83 130.81 -1.42 -2.37
CA ALA LF 83 130.94 -2.31 -3.52
C ALA LF 83 132.23 -3.12 -3.47
N THR LF 84 133.32 -2.51 -3.01
CA THR LF 84 134.60 -3.22 -2.97
C THR LF 84 134.55 -4.40 -2.01
N ALA LF 85 133.86 -4.24 -0.88
CA ALA LF 85 133.72 -5.35 0.06
C ALA LF 85 132.93 -6.49 -0.56
N VAL LF 86 131.91 -6.17 -1.36
CA VAL LF 86 131.13 -7.21 -2.03
C VAL LF 86 131.98 -7.94 -3.06
N ARG LF 87 132.80 -7.20 -3.81
CA ARG LF 87 133.54 -7.82 -4.91
C ARG LF 87 134.63 -8.75 -4.40
N THR LF 88 135.25 -8.43 -3.27
CA THR LF 88 136.24 -9.35 -2.70
C THR LF 88 135.56 -10.54 -2.04
N TRP LF 89 134.30 -10.37 -1.60
CA TRP LF 89 133.56 -11.49 -1.05
C TRP LF 89 133.20 -12.51 -2.13
N MET LF 90 132.70 -12.03 -3.28
CA MET LF 90 132.40 -12.94 -4.39
C MET LF 90 133.65 -13.59 -4.92
N THR LF 91 134.73 -12.83 -5.07
CA THR LF 91 135.96 -13.37 -5.65
C THR LF 91 136.55 -14.46 -4.77
N SER LF 92 136.51 -14.28 -3.45
CA SER LF 92 137.18 -15.18 -2.53
C SER LF 92 136.25 -16.23 -1.92
N GLU LF 93 134.99 -15.90 -1.68
CA GLU LF 93 134.09 -16.80 -0.96
C GLU LF 93 132.99 -17.40 -1.81
N VAL LF 94 132.51 -16.68 -2.83
CA VAL LF 94 131.38 -17.18 -3.61
C VAL LF 94 131.86 -17.93 -4.84
N PHE LF 95 132.75 -17.33 -5.63
CA PHE LF 95 133.21 -17.89 -6.89
C PHE LF 95 133.91 -19.24 -6.72
N PRO LF 96 134.86 -19.40 -5.80
CA PRO LF 96 135.48 -20.73 -5.63
C PRO LF 96 134.49 -21.81 -5.24
N GLY LF 97 133.48 -21.48 -4.43
CA GLY LF 97 132.48 -22.47 -4.05
C GLY LF 97 131.44 -22.72 -5.11
N ALA LF 98 131.14 -21.73 -5.94
CA ALA LF 98 130.12 -21.87 -6.96
C ALA LF 98 130.60 -22.59 -8.21
N THR LF 99 131.91 -22.86 -8.31
CA THR LF 99 132.48 -23.52 -9.48
C THR LF 99 133.15 -24.84 -9.11
N SER LF 100 132.88 -25.37 -7.93
CA SER LF 100 133.51 -26.60 -7.47
C SER LF 100 132.69 -27.80 -7.94
N SER LF 101 133.07 -28.99 -7.48
CA SER LF 101 132.31 -30.20 -7.80
C SER LF 101 130.96 -30.22 -7.10
N VAL LF 102 130.76 -29.40 -6.08
CA VAL LF 102 129.48 -29.33 -5.40
C VAL LF 102 128.39 -28.87 -6.36
N THR LF 103 128.70 -27.86 -7.17
CA THR LF 103 127.73 -27.40 -8.17
C THR LF 103 127.39 -28.50 -9.17
N LEU LF 104 128.39 -29.25 -9.61
CA LEU LF 104 128.16 -30.29 -10.60
C LEU LF 104 127.27 -31.40 -10.04
N ASP LF 105 127.52 -31.83 -8.80
CA ASP LF 105 126.68 -32.85 -8.18
C ASP LF 105 125.28 -32.33 -7.93
N LEU LF 106 125.15 -31.09 -7.47
CA LEU LF 106 123.84 -30.51 -7.21
C LEU LF 106 123.04 -30.34 -8.51
N ALA LF 107 123.69 -29.93 -9.59
CA ALA LF 107 122.98 -29.71 -10.85
C ALA LF 107 122.51 -31.00 -11.49
N THR LF 108 123.35 -32.04 -11.46
CA THR LF 108 123.04 -33.27 -12.18
C THR LF 108 122.37 -34.32 -11.31
N LYS LF 109 122.71 -34.39 -10.02
CA LYS LF 109 122.17 -35.42 -9.15
C LYS LF 109 121.42 -34.88 -7.94
N GLY LF 110 121.35 -33.57 -7.74
CA GLY LF 110 120.65 -33.02 -6.61
C GLY LF 110 121.27 -33.30 -5.26
N VAL LF 111 122.60 -33.39 -5.19
CA VAL LF 111 123.28 -33.69 -3.94
C VAL LF 111 123.35 -32.43 -3.10
N ILE LF 112 122.80 -32.49 -1.88
CA ILE LF 112 122.80 -31.36 -0.96
C ILE LF 112 123.60 -31.63 0.30
N HIS LF 113 124.19 -32.82 0.43
CA HIS LF 113 125.03 -33.18 1.57
C HIS LF 113 126.47 -33.36 1.07
N LEU LF 114 127.34 -32.41 1.39
CA LEU LF 114 128.72 -32.44 0.89
C LEU LF 114 129.65 -33.05 1.94
N SER LF 115 129.37 -34.30 2.29
CA SER LF 115 130.20 -35.02 3.24
C SER LF 115 131.50 -35.46 2.59
N ASP LF 116 132.58 -35.44 3.36
CA ASP LF 116 132.64 -34.93 4.73
C ASP LF 116 133.86 -34.04 4.92
N ALA LF 117 134.87 -34.23 4.08
CA ALA LF 117 136.11 -33.48 4.17
C ALA LF 117 135.93 -32.06 3.65
N LEU MF 1 -39.99 -5.72 -131.31
CA LEU MF 1 -40.09 -4.89 -130.13
C LEU MF 1 -39.84 -3.42 -130.46
N SER MF 2 -40.81 -2.57 -130.11
CA SER MF 2 -40.71 -1.15 -130.39
C SER MF 2 -41.35 -0.36 -129.26
N ILE MF 3 -40.81 0.83 -129.01
CA ILE MF 3 -41.37 1.78 -128.05
C ILE MF 3 -41.55 3.08 -128.83
N GLY MF 4 -42.76 3.31 -129.33
CA GLY MF 4 -42.97 4.39 -130.27
C GLY MF 4 -42.44 4.02 -131.65
N THR MF 5 -41.45 4.77 -132.12
CA THR MF 5 -40.84 4.52 -133.43
C THR MF 5 -39.43 3.96 -133.32
N LYS MF 6 -38.98 3.59 -132.13
CA LYS MF 6 -37.63 3.10 -131.91
C LYS MF 6 -37.63 1.61 -131.62
N ASN MF 7 -36.76 0.88 -132.29
CA ASN MF 7 -36.61 -0.56 -132.07
C ASN MF 7 -35.73 -0.81 -130.86
N VAL MF 8 -36.17 -1.72 -129.98
CA VAL MF 8 -35.46 -2.02 -128.75
C VAL MF 8 -35.36 -3.54 -128.61
N SER MF 9 -34.52 -3.96 -127.67
CA SER MF 9 -34.35 -5.35 -127.31
C SER MF 9 -34.33 -5.45 -125.80
N ILE MF 10 -34.82 -6.59 -125.27
CA ILE MF 10 -34.76 -6.81 -123.84
C ILE MF 10 -33.29 -6.86 -123.41
N TYR MF 11 -32.94 -6.01 -122.45
CA TYR MF 11 -31.56 -5.92 -121.96
C TYR MF 11 -31.42 -6.45 -120.54
N ARG MF 12 -32.27 -6.01 -119.62
CA ARG MF 12 -32.25 -6.50 -118.25
C ARG MF 12 -33.68 -6.77 -117.81
N ASN MF 13 -33.88 -7.91 -117.15
CA ASN MF 13 -35.20 -8.35 -116.73
C ASN MF 13 -35.18 -8.60 -115.23
N THR MF 14 -36.07 -7.94 -114.50
CA THR MF 14 -36.27 -8.22 -113.09
C THR MF 14 -37.75 -8.47 -112.82
N ALA MF 15 -38.11 -8.67 -111.55
CA ALA MF 15 -39.50 -8.98 -111.22
C ALA MF 15 -40.43 -7.83 -111.57
N ASP MF 16 -40.03 -6.60 -111.26
CA ASP MF 16 -40.89 -5.44 -111.46
C ASP MF 16 -40.29 -4.40 -112.39
N GLU MF 17 -39.21 -4.71 -113.10
CA GLU MF 17 -38.59 -3.76 -114.01
C GLU MF 17 -37.94 -4.49 -115.17
N VAL MF 18 -38.17 -3.97 -116.38
CA VAL MF 18 -37.50 -4.45 -117.58
C VAL MF 18 -36.81 -3.26 -118.24
N ILE MF 19 -35.53 -3.41 -118.54
CA ILE MF 19 -34.76 -2.39 -119.25
C ILE MF 19 -34.61 -2.83 -120.70
N TYR MF 20 -34.92 -1.93 -121.62
CA TYR MF 20 -34.78 -2.18 -123.05
C TYR MF 20 -33.66 -1.31 -123.60
N ALA MF 21 -32.90 -1.86 -124.54
CA ALA MF 21 -31.73 -1.20 -125.09
C ALA MF 21 -32.01 -0.74 -126.52
N GLY MF 22 -31.65 0.51 -126.82
CA GLY MF 22 -31.80 1.05 -128.14
C GLY MF 22 -30.65 0.65 -129.04
N PRO MF 23 -30.71 1.05 -130.32
CA PRO MF 23 -29.65 0.66 -131.26
C PRO MF 23 -28.28 1.24 -130.94
N ALA MF 24 -28.21 2.30 -130.14
CA ALA MF 24 -26.95 2.97 -129.86
C ALA MF 24 -26.35 2.59 -128.51
N HIS MF 25 -26.92 1.60 -127.83
CA HIS MF 25 -26.44 1.23 -126.50
C HIS MF 25 -25.28 0.25 -126.63
N ASP MF 26 -24.17 0.58 -125.97
CA ASP MF 26 -23.01 -0.31 -125.89
C ASP MF 26 -22.29 -0.01 -124.58
N VAL MF 27 -21.04 -0.46 -124.47
CA VAL MF 27 -20.24 -0.29 -123.26
C VAL MF 27 -19.98 1.18 -123.00
N THR MF 28 -19.98 2.00 -124.05
CA THR MF 28 -19.62 3.41 -123.92
C THR MF 28 -20.81 4.36 -123.98
N ASN MF 29 -21.85 4.04 -124.75
CA ASN MF 29 -22.97 4.95 -124.94
C ASN MF 29 -24.23 4.34 -124.34
N VAL MF 30 -25.00 5.16 -123.63
CA VAL MF 30 -26.25 4.72 -123.02
C VAL MF 30 -27.42 5.09 -123.92
N ASP MF 31 -28.25 4.11 -124.24
CA ASP MF 31 -29.50 4.33 -124.97
C ASP MF 31 -30.49 3.28 -124.48
N THR MF 32 -31.27 3.64 -123.47
CA THR MF 32 -32.14 2.69 -122.80
C THR MF 32 -33.51 3.29 -122.54
N VAL MF 33 -34.52 2.42 -122.51
CA VAL MF 33 -35.85 2.75 -122.01
C VAL MF 33 -36.21 1.70 -120.98
N SER MF 34 -36.57 2.13 -119.79
CA SER MF 34 -36.87 1.24 -118.68
C SER MF 34 -38.35 1.33 -118.31
N LEU MF 35 -38.97 0.18 -118.09
CA LEU MF 35 -40.36 0.10 -117.67
C LEU MF 35 -40.39 -0.51 -116.27
N ARG MF 36 -40.92 0.26 -115.31
CA ARG MF 36 -40.98 -0.17 -113.92
C ARG MF 36 -42.40 -0.04 -113.42
N ARG MF 37 -42.80 -0.98 -112.55
CA ARG MF 37 -44.12 -0.97 -111.95
C ARG MF 37 -44.02 -1.12 -110.44
N SER MF 38 -44.94 -0.48 -109.74
CA SER MF 38 -45.11 -0.65 -108.29
C SER MF 38 -46.55 -1.12 -108.10
N LEU MF 39 -46.73 -2.42 -107.95
CA LEU MF 39 -48.06 -2.99 -107.85
C LEU MF 39 -48.73 -2.55 -106.56
N PRO MF 40 -50.04 -2.34 -106.57
CA PRO MF 40 -50.72 -1.85 -105.36
C PRO MF 40 -50.65 -2.88 -104.24
N VAL MF 41 -50.55 -2.37 -103.02
CA VAL MF 41 -50.67 -3.18 -101.81
C VAL MF 41 -51.92 -2.69 -101.09
N LYS MF 42 -52.82 -3.61 -100.78
CA LYS MF 42 -54.11 -3.26 -100.20
C LYS MF 42 -54.06 -3.49 -98.69
N LYS MF 43 -53.23 -2.69 -98.04
CA LYS MF 43 -53.09 -2.73 -96.59
C LYS MF 43 -54.32 -2.11 -95.92
N GLY MF 44 -54.68 -2.68 -94.78
CA GLY MF 44 -55.85 -2.23 -94.03
C GLY MF 44 -57.10 -2.17 -94.88
N SER MF 45 -57.63 -0.97 -95.06
CA SER MF 45 -58.79 -0.74 -95.92
C SER MF 45 -58.45 -0.07 -97.24
N ASP MF 46 -57.39 0.71 -97.30
CA ASP MF 46 -56.99 1.37 -98.54
C ASP MF 46 -56.49 0.33 -99.54
N ASN MF 47 -56.92 0.45 -100.80
CA ASN MF 47 -56.56 -0.50 -101.83
C ASN MF 47 -55.21 -0.21 -102.47
N GLY MF 48 -54.53 0.85 -102.06
CA GLY MF 48 -53.21 1.15 -102.60
C GLY MF 48 -53.27 1.85 -103.94
N THR MF 49 -52.08 2.09 -104.49
CA THR MF 49 -51.92 2.83 -105.73
C THR MF 49 -51.07 2.03 -106.70
N MET MF 50 -51.40 2.12 -107.98
CA MET MF 50 -50.60 1.51 -109.04
C MET MF 50 -49.66 2.58 -109.61
N ARG MF 51 -48.36 2.35 -109.47
CA ARG MF 51 -47.35 3.29 -109.94
C ARG MF 51 -46.62 2.69 -111.13
N GLY MF 52 -46.76 3.31 -112.29
CA GLY MF 52 -46.05 2.89 -113.48
C GLY MF 52 -45.07 3.95 -113.96
N ASN MF 53 -43.79 3.60 -114.02
CA ASN MF 53 -42.74 4.53 -114.38
C ASN MF 53 -42.07 4.11 -115.67
N MET MF 54 -41.93 5.05 -116.60
CA MET MF 54 -41.22 4.84 -117.85
C MET MF 54 -39.99 5.75 -117.86
N ASN MF 55 -38.82 5.17 -118.06
CA ASN MF 55 -37.54 5.86 -117.91
C ASN MF 55 -36.83 5.92 -119.26
N PHE MF 56 -36.36 7.11 -119.63
CA PHE MF 56 -35.56 7.31 -120.83
C PHE MF 56 -34.19 7.82 -120.42
N ALA MF 57 -33.13 7.16 -120.89
CA ALA MF 57 -31.76 7.52 -120.55
C ALA MF 57 -30.94 7.60 -121.82
N LYS MF 58 -30.09 8.62 -121.90
CA LYS MF 58 -29.25 8.82 -123.07
C LYS MF 58 -27.99 9.58 -122.67
N SER MF 59 -26.83 9.03 -122.99
CA SER MF 59 -25.57 9.73 -122.76
C SER MF 59 -25.38 10.80 -123.82
N PHE MF 60 -24.82 11.93 -123.39
CA PHE MF 60 -24.62 13.08 -124.26
C PHE MF 60 -23.20 13.61 -124.08
N PRO MF 61 -22.63 14.22 -125.12
CA PRO MF 61 -21.32 14.87 -124.96
C PRO MF 61 -21.42 16.07 -124.03
N ASN MF 62 -20.53 16.11 -123.04
CA ASN MF 62 -20.49 17.20 -122.06
C ASN MF 62 -19.02 17.56 -121.86
N GLY MF 63 -18.54 18.50 -122.66
CA GLY MF 63 -17.12 18.82 -122.65
C GLY MF 63 -16.33 17.60 -123.09
N ASP MF 64 -15.34 17.21 -122.29
CA ASP MF 64 -14.53 16.04 -122.57
C ASP MF 64 -15.18 14.75 -122.09
N LYS MF 65 -16.05 14.81 -121.09
CA LYS MF 65 -16.69 13.64 -120.51
C LYS MF 65 -18.06 13.43 -121.15
N LYS MF 66 -18.83 12.50 -120.59
CA LYS MF 66 -20.17 12.20 -121.05
C LYS MF 66 -21.15 12.37 -119.90
N SER MF 67 -22.34 12.88 -120.21
CA SER MF 67 -23.36 13.14 -119.21
C SER MF 67 -24.64 12.41 -119.57
N LEU MF 68 -25.36 11.96 -118.55
CA LEU MF 68 -26.60 11.21 -118.75
C LEU MF 68 -27.79 12.13 -118.60
N VAL MF 69 -28.62 12.20 -119.63
CA VAL MF 69 -29.89 12.91 -119.58
C VAL MF 69 -31.00 11.89 -119.38
N VAL MF 70 -31.81 12.10 -118.35
CA VAL MF 70 -32.85 11.15 -117.96
C VAL MF 70 -34.19 11.86 -118.02
N VAL MF 71 -35.17 11.21 -118.66
CA VAL MF 71 -36.55 11.69 -118.70
C VAL MF 71 -37.43 10.64 -118.05
N ASN MF 72 -38.22 11.06 -117.07
CA ASN MF 72 -39.08 10.16 -116.30
C ASN MF 72 -40.54 10.50 -116.55
N LEU MF 73 -41.36 9.48 -116.73
CA LEU MF 73 -42.81 9.64 -116.86
C LEU MF 73 -43.49 8.61 -115.96
N THR MF 74 -44.12 9.09 -114.89
CA THR MF 74 -44.71 8.23 -113.88
C THR MF 74 -46.18 8.54 -113.71
N ALA MF 75 -47.00 7.49 -113.68
CA ALA MF 75 -48.43 7.62 -113.45
C ALA MF 75 -48.78 7.04 -112.10
N HIS MF 76 -49.62 7.75 -111.34
CA HIS MF 76 -50.11 7.29 -110.04
C HIS MF 76 -51.62 7.17 -110.14
N VAL MF 77 -52.12 5.94 -110.26
CA VAL MF 77 -53.53 5.66 -110.44
C VAL MF 77 -54.02 4.90 -109.21
N PRO MF 78 -54.81 5.53 -108.33
CA PRO MF 78 -55.34 4.79 -107.18
C PRO MF 78 -56.30 3.68 -107.61
N VAL MF 79 -56.32 2.61 -106.83
CA VAL MF 79 -57.13 1.45 -107.16
C VAL MF 79 -58.60 1.76 -106.94
N GLY MF 80 -59.43 1.44 -107.93
CA GLY MF 80 -60.85 1.72 -107.92
C GLY MF 80 -61.27 2.72 -108.98
N VAL MF 81 -60.34 3.57 -109.42
CA VAL MF 81 -60.61 4.51 -110.49
C VAL MF 81 -60.76 3.76 -111.81
N ASP MF 82 -61.76 4.15 -112.60
CA ASP MF 82 -61.99 3.51 -113.89
C ASP MF 82 -60.77 3.67 -114.78
N ALA MF 83 -60.29 2.55 -115.32
CA ALA MF 83 -59.11 2.59 -116.20
C ALA MF 83 -59.42 3.33 -117.49
N THR MF 84 -60.61 3.12 -118.06
CA THR MF 84 -60.96 3.78 -119.32
C THR MF 84 -61.03 5.29 -119.14
N ALA MF 85 -61.58 5.76 -118.02
CA ALA MF 85 -61.63 7.20 -117.76
C ALA MF 85 -60.23 7.79 -117.64
N VAL MF 86 -59.32 7.06 -116.99
CA VAL MF 86 -57.94 7.55 -116.85
C VAL MF 86 -57.24 7.56 -118.20
N ARG MF 87 -57.44 6.52 -119.01
CA ARG MF 87 -56.77 6.45 -120.30
C ARG MF 87 -57.25 7.57 -121.23
N THR MF 88 -58.53 7.90 -121.18
CA THR MF 88 -59.04 9.02 -121.98
C THR MF 88 -58.45 10.34 -121.52
N TRP MF 89 -58.31 10.53 -120.21
CA TRP MF 89 -57.71 11.75 -119.70
C TRP MF 89 -56.24 11.87 -120.10
N MET MF 90 -55.50 10.75 -120.02
CA MET MF 90 -54.09 10.78 -120.39
C MET MF 90 -53.90 11.07 -121.87
N THR MF 91 -54.74 10.50 -122.72
CA THR MF 91 -54.60 10.66 -124.16
C THR MF 91 -54.97 12.06 -124.62
N SER MF 92 -56.02 12.64 -124.05
CA SER MF 92 -56.54 13.91 -124.54
C SER MF 92 -55.98 15.11 -123.79
N GLU MF 93 -55.50 14.94 -122.57
CA GLU MF 93 -54.99 16.06 -121.79
C GLU MF 93 -53.50 15.98 -121.50
N VAL MF 94 -53.03 14.87 -120.92
CA VAL MF 94 -51.63 14.78 -120.51
C VAL MF 94 -50.71 14.65 -121.72
N PHE MF 95 -51.06 13.76 -122.65
CA PHE MF 95 -50.16 13.49 -123.78
C PHE MF 95 -49.90 14.71 -124.65
N PRO MF 96 -50.91 15.47 -125.11
CA PRO MF 96 -50.59 16.67 -125.88
C PRO MF 96 -49.79 17.70 -125.10
N GLY MF 97 -50.03 17.83 -123.80
CA GLY MF 97 -49.30 18.81 -123.01
C GLY MF 97 -47.89 18.38 -122.66
N ALA MF 98 -47.66 17.09 -122.53
CA ALA MF 98 -46.34 16.56 -122.17
C ALA MF 98 -45.42 16.41 -123.36
N THR MF 99 -45.90 16.69 -124.57
CA THR MF 99 -45.09 16.61 -125.78
C THR MF 99 -45.05 17.95 -126.51
N SER MF 100 -45.43 19.03 -125.84
CA SER MF 100 -45.45 20.36 -126.44
C SER MF 100 -44.10 21.05 -126.21
N SER MF 101 -43.98 22.26 -126.74
CA SER MF 101 -42.78 23.06 -126.49
C SER MF 101 -42.65 23.44 -125.02
N VAL MF 102 -43.74 23.38 -124.26
CA VAL MF 102 -43.68 23.69 -122.84
C VAL MF 102 -42.74 22.73 -122.12
N THR MF 103 -42.85 21.44 -122.44
CA THR MF 103 -41.95 20.45 -121.84
C THR MF 103 -40.51 20.70 -122.26
N LEU MF 104 -40.30 21.04 -123.53
CA LEU MF 104 -38.94 21.24 -124.03
C LEU MF 104 -38.25 22.42 -123.34
N ASP MF 105 -38.97 23.53 -123.15
CA ASP MF 105 -38.36 24.68 -122.50
C ASP MF 105 -38.16 24.45 -121.01
N LEU MF 106 -39.05 23.70 -120.37
CA LEU MF 106 -38.87 23.39 -118.97
C LEU MF 106 -37.64 22.52 -118.74
N ALA MF 107 -37.42 21.54 -119.61
CA ALA MF 107 -36.32 20.61 -119.41
C ALA MF 107 -34.97 21.25 -119.72
N THR MF 108 -34.89 22.02 -120.81
CA THR MF 108 -33.61 22.53 -121.28
C THR MF 108 -33.35 23.98 -120.89
N LYS MF 109 -34.38 24.73 -120.50
CA LYS MF 109 -34.19 26.11 -120.10
C LYS MF 109 -34.78 26.45 -118.74
N GLY MF 110 -35.46 25.50 -118.09
CA GLY MF 110 -36.08 25.77 -116.80
C GLY MF 110 -37.18 26.80 -116.85
N VAL MF 111 -37.96 26.84 -117.92
CA VAL MF 111 -39.02 27.82 -118.07
C VAL MF 111 -40.30 27.29 -117.43
N ILE MF 112 -40.81 28.01 -116.43
CA ILE MF 112 -42.05 27.65 -115.74
C ILE MF 112 -43.16 28.65 -115.98
N HIS MF 113 -42.93 29.67 -116.80
CA HIS MF 113 -43.94 30.66 -117.16
C HIS MF 113 -44.24 30.53 -118.65
N LEU MF 114 -45.42 30.04 -119.00
CA LEU MF 114 -45.78 29.86 -120.41
C LEU MF 114 -46.63 31.06 -120.88
N SER MF 115 -45.96 32.20 -121.01
CA SER MF 115 -46.61 33.39 -121.54
C SER MF 115 -46.54 33.40 -123.07
N ASP MF 116 -47.54 34.02 -123.69
CA ASP MF 116 -48.74 34.60 -123.11
C ASP MF 116 -49.96 34.27 -123.95
N ALA MF 117 -49.72 33.79 -125.16
CA ALA MF 117 -50.79 33.49 -126.12
C ALA MF 117 -51.72 32.40 -125.60
N LEU NF 1 -53.48 31.62 -122.77
CA LEU NF 1 -52.62 30.78 -121.94
C LEU NF 1 -53.03 29.31 -122.06
N SER NF 2 -52.21 28.51 -122.74
CA SER NF 2 -52.55 27.12 -122.99
C SER NF 2 -51.34 26.23 -122.76
N ILE NF 3 -51.61 25.02 -122.29
CA ILE NF 3 -50.62 23.96 -122.20
C ILE NF 3 -51.15 22.80 -123.02
N GLY NF 4 -50.48 22.48 -124.12
CA GLY NF 4 -51.01 21.51 -125.05
C GLY NF 4 -52.30 21.99 -125.68
N THR NF 5 -53.36 21.19 -125.60
CA THR NF 5 -54.67 21.59 -126.08
C THR NF 5 -55.56 22.15 -125.00
N LYS NF 6 -55.08 22.23 -123.76
CA LYS NF 6 -55.87 22.66 -122.62
C LYS NF 6 -55.53 24.11 -122.28
N ASN NF 7 -56.56 24.97 -122.28
CA ASN NF 7 -56.38 26.33 -121.80
C ASN NF 7 -56.33 26.34 -120.27
N VAL NF 8 -55.39 27.12 -119.73
CA VAL NF 8 -55.18 27.19 -118.28
C VAL NF 8 -55.02 28.64 -117.87
N SER NF 9 -55.08 28.86 -116.56
CA SER NF 9 -54.83 30.16 -115.97
C SER NF 9 -53.89 29.99 -114.78
N ILE NF 10 -53.17 31.05 -114.45
CA ILE NF 10 -52.26 31.01 -113.32
C ILE NF 10 -53.06 30.85 -112.03
N TYR NF 11 -52.71 29.84 -111.24
CA TYR NF 11 -53.37 29.56 -109.98
C TYR NF 11 -52.52 29.92 -108.78
N ARG NF 12 -51.28 29.42 -108.73
CA ARG NF 12 -50.36 29.76 -107.66
C ARG NF 12 -48.98 29.94 -108.28
N ASN NF 13 -48.21 30.86 -107.72
CA ASN NF 13 -46.94 31.30 -108.32
C ASN NF 13 -45.91 31.44 -107.21
N THR NF 14 -44.96 30.51 -107.14
CA THR NF 14 -43.81 30.60 -106.26
C THR NF 14 -42.56 30.83 -107.10
N ALA NF 15 -41.41 30.86 -106.43
CA ALA NF 15 -40.15 31.18 -107.11
C ALA NF 15 -39.80 30.13 -108.14
N ASP NF 16 -39.91 28.85 -107.80
CA ASP NF 16 -39.51 27.76 -108.69
C ASP NF 16 -40.67 26.87 -109.10
N GLU NF 17 -41.90 27.20 -108.73
CA GLU NF 17 -43.06 26.43 -109.15
C GLU NF 17 -44.21 27.37 -109.47
N VAL NF 18 -44.86 27.13 -110.61
CA VAL NF 18 -46.09 27.82 -110.98
C VAL NF 18 -47.15 26.75 -111.21
N ILE NF 19 -48.25 26.86 -110.48
CA ILE NF 19 -49.37 25.93 -110.63
C ILE NF 19 -50.42 26.60 -111.52
N TYR NF 20 -50.84 25.89 -112.55
CA TYR NF 20 -51.89 26.36 -113.45
C TYR NF 20 -53.14 25.52 -113.25
N ALA NF 21 -54.30 26.15 -113.42
CA ALA NF 21 -55.58 25.53 -113.18
C ALA NF 21 -56.33 25.38 -114.48
N GLY NF 22 -56.92 24.20 -114.70
CA GLY NF 22 -57.76 23.96 -115.84
C GLY NF 22 -59.10 24.65 -115.67
N PRO NF 23 -59.92 24.65 -116.73
CA PRO NF 23 -61.23 25.29 -116.63
C PRO NF 23 -62.13 24.69 -115.57
N ALA NF 24 -62.00 23.40 -115.31
CA ALA NF 24 -62.84 22.71 -114.35
C ALA NF 24 -62.35 22.82 -112.91
N HIS NF 25 -61.12 23.30 -112.70
CA HIS NF 25 -60.56 23.32 -111.36
C HIS NF 25 -61.39 24.19 -110.42
N ASP NF 26 -61.63 23.68 -109.22
CA ASP NF 26 -62.39 24.39 -108.22
C ASP NF 26 -61.98 23.87 -106.84
N VAL NF 27 -62.77 24.22 -105.82
CA VAL NF 27 -62.44 23.86 -104.44
C VAL NF 27 -62.62 22.38 -104.14
N THR NF 28 -63.35 21.65 -104.99
CA THR NF 28 -63.56 20.22 -104.79
C THR NF 28 -63.11 19.35 -105.95
N ASN NF 29 -62.93 19.91 -107.15
CA ASN NF 29 -62.41 19.18 -108.29
C ASN NF 29 -61.02 19.72 -108.60
N VAL NF 30 -60.03 18.82 -108.62
CA VAL NF 30 -58.66 19.20 -108.91
C VAL NF 30 -58.40 19.00 -110.40
N ASP NF 31 -58.01 20.08 -111.08
CA ASP NF 31 -57.58 20.02 -112.48
C ASP NF 31 -56.42 21.02 -112.60
N THR NF 32 -55.21 20.55 -112.38
CA THR NF 32 -54.04 21.42 -112.31
C THR NF 32 -52.89 20.85 -113.12
N VAL NF 33 -52.10 21.77 -113.69
CA VAL NF 33 -50.84 21.44 -114.34
C VAL NF 33 -49.76 22.27 -113.65
N SER NF 34 -48.83 21.60 -112.98
CA SER NF 34 -47.75 22.27 -112.28
C SER NF 34 -46.46 22.20 -113.09
N LEU NF 35 -45.72 23.30 -113.09
CA LEU NF 35 -44.35 23.31 -113.64
C LEU NF 35 -43.41 23.68 -112.50
N ARG NF 36 -42.54 22.75 -112.15
CA ARG NF 36 -41.58 22.92 -111.08
C ARG NF 36 -40.18 22.71 -111.63
N ARG NF 37 -39.24 23.48 -111.11
CA ARG NF 37 -37.84 23.38 -111.53
C ARG NF 37 -36.94 23.35 -110.31
N SER NF 38 -35.82 22.66 -110.44
CA SER NF 38 -34.74 22.69 -109.47
C SER NF 38 -33.50 23.18 -110.19
N LEU NF 39 -33.05 24.38 -109.84
CA LEU NF 39 -31.94 24.99 -110.56
C LEU NF 39 -30.63 24.27 -110.22
N PRO NF 40 -29.70 24.23 -111.17
CA PRO NF 40 -28.43 23.52 -110.93
C PRO NF 40 -27.65 24.13 -109.78
N VAL NF 41 -27.13 23.27 -108.92
CA VAL NF 41 -26.31 23.69 -107.78
C VAL NF 41 -24.87 23.29 -108.09
N LYS NF 42 -24.00 24.28 -108.26
CA LYS NF 42 -22.59 24.04 -108.55
C LYS NF 42 -21.96 23.61 -107.24
N LYS NF 43 -21.68 22.32 -107.13
CA LYS NF 43 -20.96 21.76 -105.99
C LYS NF 43 -19.75 20.98 -106.49
N GLY NF 44 -18.61 21.18 -105.85
CA GLY NF 44 -17.39 20.52 -106.29
C GLY NF 44 -17.03 20.92 -107.70
N SER NF 45 -16.52 19.97 -108.47
CA SER NF 45 -16.26 20.18 -109.88
C SER NF 45 -17.47 19.96 -110.76
N ASP NF 46 -18.53 19.37 -110.21
CA ASP NF 46 -19.76 19.14 -110.96
C ASP NF 46 -20.54 20.44 -111.09
N ASN NF 47 -20.94 20.77 -112.31
CA ASN NF 47 -21.67 22.00 -112.57
C ASN NF 47 -23.13 21.93 -112.12
N GLY NF 48 -23.62 20.76 -111.76
CA GLY NF 48 -24.99 20.60 -111.32
C GLY NF 48 -25.89 20.03 -112.40
N THR NF 49 -27.17 19.90 -112.05
CA THR NF 49 -28.16 19.32 -112.93
C THR NF 49 -29.44 20.14 -112.85
N MET NF 50 -30.06 20.41 -113.99
CA MET NF 50 -31.35 21.08 -114.03
C MET NF 50 -32.47 20.03 -114.01
N ARG NF 51 -33.33 20.10 -113.01
CA ARG NF 51 -34.49 19.22 -112.92
C ARG NF 51 -35.75 20.01 -113.29
N GLY NF 52 -36.51 19.48 -114.24
CA GLY NF 52 -37.77 20.07 -114.60
C GLY NF 52 -38.91 19.09 -114.46
N ASN NF 53 -39.86 19.38 -113.58
CA ASN NF 53 -40.98 18.48 -113.29
C ASN NF 53 -42.26 19.08 -113.85
N MET NF 54 -43.00 18.27 -114.59
CA MET NF 54 -44.31 18.64 -115.12
C MET NF 54 -45.35 17.72 -114.49
N ASN NF 55 -46.20 18.30 -113.64
CA ASN NF 55 -47.15 17.54 -112.84
C ASN NF 55 -48.56 17.75 -113.36
N PHE NF 56 -49.25 16.64 -113.64
CA PHE NF 56 -50.67 16.66 -114.00
C PHE NF 56 -51.45 16.01 -112.86
N ALA NF 57 -52.43 16.73 -112.33
CA ALA NF 57 -53.29 16.22 -111.27
C ALA NF 57 -54.75 16.36 -111.71
N LYS NF 58 -55.54 15.31 -111.44
CA LYS NF 58 -56.95 15.32 -111.78
C LYS NF 58 -57.72 14.46 -110.80
N SER NF 59 -58.86 14.99 -110.33
CA SER NF 59 -59.74 14.26 -109.45
C SER NF 59 -60.62 13.30 -110.26
N PHE NF 60 -60.80 12.09 -109.74
CA PHE NF 60 -61.55 11.07 -110.44
C PHE NF 60 -62.53 10.40 -109.49
N PRO NF 61 -63.70 10.01 -109.97
CA PRO NF 61 -64.63 9.23 -109.14
C PRO NF 61 -64.04 7.86 -108.81
N ASN NF 62 -63.90 7.60 -107.53
CA ASN NF 62 -63.39 6.31 -107.03
C ASN NF 62 -64.46 5.75 -106.10
N GLY NF 63 -65.40 5.02 -106.69
CA GLY NF 63 -66.54 4.52 -105.94
C GLY NF 63 -67.39 5.64 -105.39
N ASP NF 64 -67.37 5.81 -104.07
CA ASP NF 64 -68.12 6.88 -103.42
C ASP NF 64 -67.28 8.14 -103.22
N LYS NF 65 -65.98 7.98 -103.00
CA LYS NF 65 -65.07 9.09 -102.77
C LYS NF 65 -64.40 9.51 -104.07
N LYS NF 66 -63.55 10.53 -104.00
CA LYS NF 66 -62.77 10.99 -105.14
C LYS NF 66 -61.31 10.69 -104.90
N SER NF 67 -60.62 10.26 -105.97
CA SER NF 67 -59.20 9.95 -105.91
C SER NF 67 -58.43 10.87 -106.86
N LEU NF 68 -57.19 11.15 -106.51
CA LEU NF 68 -56.33 12.02 -107.30
C LEU NF 68 -55.40 11.17 -108.16
N VAL NF 69 -55.52 11.32 -109.47
CA VAL NF 69 -54.62 10.68 -110.41
C VAL NF 69 -53.54 11.66 -110.81
N VAL NF 70 -52.28 11.27 -110.66
CA VAL NF 70 -51.14 12.15 -110.87
C VAL NF 70 -50.23 11.55 -111.94
N VAL NF 71 -49.85 12.38 -112.91
CA VAL NF 71 -48.86 12.01 -113.92
C VAL NF 71 -47.72 13.01 -113.84
N ASN NF 72 -46.50 12.51 -113.67
CA ASN NF 72 -45.31 13.35 -113.56
C ASN NF 72 -44.41 13.13 -114.75
N LEU NF 73 -43.92 14.22 -115.33
CA LEU NF 73 -42.89 14.19 -116.36
C LEU NF 73 -41.69 14.97 -115.85
N THR NF 74 -40.60 14.27 -115.58
CA THR NF 74 -39.40 14.86 -115.01
C THR NF 74 -38.22 14.62 -115.93
N ALA NF 75 -37.40 15.65 -116.13
CA ALA NF 75 -36.19 15.55 -116.93
C ALA NF 75 -35.01 16.02 -116.11
N HIS NF 76 -33.89 15.31 -116.23
CA HIS NF 76 -32.65 15.64 -115.55
C HIS NF 76 -31.59 15.92 -116.61
N VAL NF 77 -31.22 17.19 -116.78
CA VAL NF 77 -30.27 17.60 -117.78
C VAL NF 77 -29.04 18.19 -117.09
N PRO NF 78 -27.88 17.53 -117.15
CA PRO NF 78 -26.68 18.10 -116.54
C PRO NF 78 -26.21 19.35 -117.27
N VAL NF 79 -25.61 20.27 -116.51
CA VAL NF 79 -25.07 21.48 -117.10
C VAL NF 79 -23.87 21.15 -117.97
N GLY NF 80 -23.80 21.76 -119.15
CA GLY NF 80 -22.73 21.55 -120.10
C GLY NF 80 -23.16 20.81 -121.35
N VAL NF 81 -24.30 20.15 -121.31
CA VAL NF 81 -24.83 19.43 -122.46
C VAL NF 81 -25.45 20.43 -123.43
N ASP NF 82 -25.38 20.13 -124.72
CA ASP NF 82 -26.00 20.98 -125.73
C ASP NF 82 -27.52 20.87 -125.62
N ALA NF 83 -28.19 22.03 -125.51
CA ALA NF 83 -29.64 22.03 -125.34
C ALA NF 83 -30.35 21.64 -126.62
N THR NF 84 -29.82 22.00 -127.78
CA THR NF 84 -30.43 21.63 -129.05
C THR NF 84 -30.39 20.12 -129.25
N ALA NF 85 -29.28 19.48 -128.88
CA ALA NF 85 -29.18 18.03 -129.00
C ALA NF 85 -30.20 17.33 -128.11
N VAL NF 86 -30.39 17.82 -126.89
CA VAL NF 86 -31.35 17.20 -125.97
C VAL NF 86 -32.78 17.38 -126.48
N ARG NF 87 -33.09 18.56 -127.00
CA ARG NF 87 -34.44 18.80 -127.52
C ARG NF 87 -34.74 17.90 -128.71
N THR NF 88 -33.76 17.70 -129.59
CA THR NF 88 -33.96 16.81 -130.73
C THR NF 88 -34.18 15.36 -130.27
N TRP NF 89 -33.43 14.92 -129.27
CA TRP NF 89 -33.62 13.57 -128.74
C TRP NF 89 -34.99 13.42 -128.08
N MET NF 90 -35.42 14.43 -127.32
CA MET NF 90 -36.70 14.35 -126.64
C MET NF 90 -37.86 14.34 -127.63
N THR NF 91 -37.74 15.10 -128.72
CA THR NF 91 -38.82 15.18 -129.70
C THR NF 91 -38.95 13.88 -130.51
N SER NF 92 -37.83 13.33 -130.96
CA SER NF 92 -37.85 12.19 -131.87
C SER NF 92 -37.87 10.84 -131.17
N GLU NF 93 -37.37 10.76 -129.93
CA GLU NF 93 -37.24 9.47 -129.26
C GLU NF 93 -38.05 9.37 -127.98
N VAL NF 94 -38.11 10.43 -127.18
CA VAL NF 94 -38.81 10.34 -125.90
C VAL NF 94 -40.31 10.54 -126.10
N PHE NF 95 -40.69 11.60 -126.81
CA PHE NF 95 -42.11 11.93 -126.97
C PHE NF 95 -42.92 10.84 -127.66
N PRO NF 96 -42.48 10.25 -128.78
CA PRO NF 96 -43.28 9.17 -129.38
C PRO NF 96 -43.50 7.97 -128.47
N GLY NF 97 -42.50 7.62 -127.67
CA GLY NF 97 -42.65 6.48 -126.77
C GLY NF 97 -43.41 6.79 -125.52
N ALA NF 98 -43.30 8.01 -125.01
CA ALA NF 98 -44.00 8.38 -123.78
C ALA NF 98 -45.50 8.50 -123.96
N THR NF 99 -45.97 8.73 -125.19
CA THR NF 99 -47.39 8.86 -125.47
C THR NF 99 -47.92 7.70 -126.30
N SER NF 100 -47.38 6.50 -126.09
CA SER NF 100 -47.79 5.31 -126.81
C SER NF 100 -48.75 4.51 -125.95
N SER NF 101 -49.23 3.39 -126.52
CA SER NF 101 -50.04 2.46 -125.74
C SER NF 101 -49.25 1.78 -124.64
N VAL NF 102 -47.92 1.82 -124.73
CA VAL NF 102 -47.08 1.24 -123.67
C VAL NF 102 -47.29 2.00 -122.37
N THR NF 103 -47.37 3.33 -122.44
CA THR NF 103 -47.62 4.12 -121.24
C THR NF 103 -48.99 3.81 -120.64
N LEU NF 104 -50.01 3.71 -121.49
CA LEU NF 104 -51.35 3.38 -121.01
C LEU NF 104 -51.39 1.98 -120.42
N ASP NF 105 -50.77 1.01 -121.09
CA ASP NF 105 -50.79 -0.36 -120.60
C ASP NF 105 -50.00 -0.50 -119.30
N LEU NF 106 -48.95 0.30 -119.13
CA LEU NF 106 -48.20 0.26 -117.88
C LEU NF 106 -49.00 0.87 -116.74
N ALA NF 107 -49.74 1.95 -117.02
CA ALA NF 107 -50.48 2.64 -115.96
C ALA NF 107 -51.64 1.80 -115.44
N THR NF 108 -52.45 1.25 -116.33
CA THR NF 108 -53.69 0.59 -115.94
C THR NF 108 -53.59 -0.94 -115.91
N LYS NF 109 -52.44 -1.51 -116.27
CA LYS NF 109 -52.30 -2.96 -116.24
C LYS NF 109 -50.99 -3.45 -115.64
N GLY NF 110 -50.03 -2.59 -115.35
CA GLY NF 110 -48.74 -3.03 -114.88
C GLY NF 110 -47.96 -3.85 -115.88
N VAL NF 111 -48.08 -3.54 -117.16
CA VAL NF 111 -47.39 -4.29 -118.20
C VAL NF 111 -45.99 -3.71 -118.38
N ILE NF 112 -44.97 -4.51 -118.05
CA ILE NF 112 -43.59 -4.11 -118.25
C ILE NF 112 -42.89 -4.94 -119.31
N HIS NF 113 -43.48 -6.05 -119.75
CA HIS NF 113 -42.92 -6.89 -120.79
C HIS NF 113 -43.59 -6.54 -122.11
N LEU NF 114 -42.79 -6.13 -123.09
CA LEU NF 114 -43.32 -5.68 -124.37
C LEU NF 114 -43.47 -6.88 -125.31
N SER NF 115 -44.39 -6.75 -126.26
CA SER NF 115 -44.63 -7.78 -127.25
C SER NF 115 -45.29 -7.15 -128.49
N ASP NF 116 -45.06 -7.77 -129.64
CA ASP NF 116 -44.11 -8.84 -129.92
C ASP NF 116 -43.39 -8.59 -131.23
N ALA NF 117 -43.94 -7.66 -132.03
CA ALA NF 117 -43.41 -7.37 -133.35
C ALA NF 117 -42.66 -6.04 -133.37
N LEU OF 1 -86.36 52.22 -93.66
CA LEU OF 1 -84.98 51.84 -93.39
C LEU OF 1 -84.42 51.02 -94.55
N SER OF 2 -83.49 51.59 -95.28
CA SER OF 2 -82.90 50.94 -96.46
C SER OF 2 -81.38 51.00 -96.39
N ILE OF 3 -80.75 49.88 -96.72
CA ILE OF 3 -79.31 49.82 -96.95
C ILE OF 3 -79.12 49.32 -98.38
N GLY OF 4 -79.01 50.25 -99.32
CA GLY OF 4 -79.02 49.89 -100.73
C GLY OF 4 -80.44 49.74 -101.24
N THR OF 5 -80.78 48.55 -101.73
CA THR OF 5 -82.15 48.24 -102.15
C THR OF 5 -82.86 47.34 -101.14
N LYS OF 6 -82.25 47.08 -99.99
CA LYS OF 6 -82.78 46.16 -99.00
C LYS OF 6 -83.52 46.92 -97.91
N ASN OF 7 -84.73 46.48 -97.60
CA ASN OF 7 -85.49 47.03 -96.48
C ASN OF 7 -85.14 46.25 -95.22
N VAL OF 8 -84.57 46.94 -94.23
CA VAL OF 8 -84.10 46.32 -93.01
C VAL OF 8 -84.82 46.95 -91.82
N SER OF 9 -84.68 46.31 -90.67
CA SER OF 9 -85.22 46.82 -89.41
C SER OF 9 -84.18 46.65 -88.32
N ILE OF 10 -84.27 47.50 -87.30
CA ILE OF 10 -83.35 47.40 -86.17
C ILE OF 10 -83.58 46.09 -85.45
N TYR OF 11 -82.49 45.37 -85.19
CA TYR OF 11 -82.53 44.06 -84.53
C TYR OF 11 -81.76 44.04 -83.23
N ARG OF 12 -80.60 44.68 -83.17
CA ARG OF 12 -79.83 44.79 -81.95
C ARG OF 12 -79.13 46.15 -81.96
N ASN OF 13 -79.24 46.87 -80.86
CA ASN OF 13 -78.72 48.23 -80.77
C ASN OF 13 -77.72 48.29 -79.63
N THR OF 14 -76.45 48.47 -79.97
CA THR OF 14 -75.34 48.54 -79.04
C THR OF 14 -74.65 49.89 -79.22
N ALA OF 15 -73.90 50.32 -78.20
CA ALA OF 15 -73.26 51.62 -78.22
C ALA OF 15 -72.40 51.81 -79.48
N ASP OF 16 -71.77 50.74 -79.96
CA ASP OF 16 -70.85 50.85 -81.09
C ASP OF 16 -71.21 49.89 -82.22
N GLU OF 17 -72.40 49.31 -82.22
CA GLU OF 17 -72.79 48.39 -83.27
C GLU OF 17 -74.31 48.32 -83.32
N VAL OF 18 -74.87 48.44 -84.52
CA VAL OF 18 -76.30 48.24 -84.75
C VAL OF 18 -76.44 47.17 -85.83
N ILE OF 19 -77.19 46.12 -85.52
CA ILE OF 19 -77.43 45.03 -86.45
C ILE OF 19 -78.82 45.22 -87.05
N TYR OF 20 -78.89 45.21 -88.38
CA TYR OF 20 -80.14 45.32 -89.10
C TYR OF 20 -80.47 43.99 -89.76
N ALA OF 21 -81.73 43.58 -89.63
CA ALA OF 21 -82.18 42.30 -90.15
C ALA OF 21 -82.99 42.51 -91.42
N GLY OF 22 -82.74 41.67 -92.42
CA GLY OF 22 -83.46 41.72 -93.67
C GLY OF 22 -84.77 40.97 -93.59
N PRO OF 23 -85.50 40.92 -94.72
CA PRO OF 23 -86.79 40.22 -94.71
C PRO OF 23 -86.69 38.73 -94.41
N ALA OF 24 -85.55 38.10 -94.73
CA ALA OF 24 -85.40 36.66 -94.59
C ALA OF 24 -84.70 36.26 -93.29
N HIS OF 25 -84.53 37.20 -92.35
CA HIS OF 25 -83.88 36.91 -91.09
C HIS OF 25 -84.90 36.42 -90.07
N ASP OF 26 -84.53 35.38 -89.33
CA ASP OF 26 -85.37 34.81 -88.29
C ASP OF 26 -84.47 34.04 -87.31
N VAL OF 27 -85.08 33.20 -86.48
CA VAL OF 27 -84.32 32.45 -85.49
C VAL OF 27 -83.37 31.43 -86.13
N THR OF 28 -83.79 30.78 -87.22
CA THR OF 28 -82.98 29.73 -87.83
C THR OF 28 -82.21 30.16 -89.06
N ASN OF 29 -82.48 31.34 -89.62
CA ASN OF 29 -81.80 31.84 -90.80
C ASN OF 29 -81.18 33.19 -90.52
N VAL OF 30 -80.06 33.48 -91.18
CA VAL OF 30 -79.32 34.72 -90.98
C VAL OF 30 -79.44 35.56 -92.23
N ASP OF 31 -79.98 36.78 -92.08
CA ASP OF 31 -79.99 37.80 -93.12
C ASP OF 31 -79.81 39.14 -92.42
N THR OF 32 -78.55 39.56 -92.25
CA THR OF 32 -78.24 40.71 -91.43
C THR OF 32 -77.22 41.60 -92.11
N VAL OF 33 -77.32 42.90 -91.84
CA VAL OF 33 -76.29 43.89 -92.18
C VAL OF 33 -75.95 44.63 -90.91
N SER OF 34 -74.71 44.48 -90.45
CA SER OF 34 -74.27 45.06 -89.18
C SER OF 34 -73.34 46.24 -89.44
N LEU OF 35 -73.66 47.38 -88.85
CA LEU OF 35 -72.79 48.54 -88.88
C LEU OF 35 -72.01 48.62 -87.57
N ARG OF 36 -70.70 48.76 -87.68
CA ARG OF 36 -69.83 48.80 -86.52
C ARG OF 36 -68.88 49.98 -86.66
N ARG OF 37 -68.41 50.50 -85.52
CA ARG OF 37 -67.53 51.65 -85.53
C ARG OF 37 -66.57 51.57 -84.34
N SER OF 38 -65.41 52.19 -84.52
CA SER OF 38 -64.44 52.37 -83.45
C SER OF 38 -64.03 53.84 -83.47
N LEU OF 39 -64.52 54.60 -82.51
CA LEU OF 39 -64.31 56.04 -82.50
C LEU OF 39 -62.85 56.37 -82.23
N PRO OF 40 -62.37 57.50 -82.73
CA PRO OF 40 -60.96 57.87 -82.52
C PRO OF 40 -60.62 58.01 -81.05
N VAL OF 41 -59.42 57.57 -80.70
CA VAL OF 41 -58.89 57.71 -79.35
C VAL OF 41 -57.68 58.64 -79.44
N LYS OF 42 -57.77 59.79 -78.78
CA LYS OF 42 -56.70 60.78 -78.82
C LYS OF 42 -55.58 60.31 -77.88
N LYS OF 43 -54.76 59.41 -78.41
CA LYS OF 43 -53.68 58.80 -77.65
C LYS OF 43 -52.39 59.57 -77.91
N GLY OF 44 -51.81 60.15 -76.85
CA GLY OF 44 -50.61 60.94 -77.00
C GLY OF 44 -50.86 62.12 -77.91
N SER OF 45 -49.97 62.31 -78.89
CA SER OF 45 -50.13 63.36 -79.89
C SER OF 45 -50.98 62.93 -81.08
N ASP OF 46 -51.08 61.62 -81.33
CA ASP OF 46 -51.90 61.13 -82.43
C ASP OF 46 -53.37 61.36 -82.11
N ASN OF 47 -54.11 61.94 -83.05
CA ASN OF 47 -55.53 62.16 -82.88
C ASN OF 47 -56.36 60.88 -83.04
N GLY OF 48 -55.74 59.79 -83.45
CA GLY OF 48 -56.44 58.54 -83.58
C GLY OF 48 -56.90 58.25 -85.00
N THR OF 49 -57.68 57.18 -85.12
CA THR OF 49 -58.21 56.73 -86.40
C THR OF 49 -59.68 56.42 -86.25
N MET OF 50 -60.46 56.74 -87.27
CA MET OF 50 -61.88 56.39 -87.31
C MET OF 50 -62.03 55.08 -88.08
N ARG OF 51 -62.51 54.05 -87.40
CA ARG OF 51 -62.66 52.72 -87.97
C ARG OF 51 -64.14 52.42 -88.15
N GLY OF 52 -64.55 52.20 -89.38
CA GLY OF 52 -65.93 51.85 -89.70
C GLY OF 52 -66.01 50.51 -90.39
N ASN OF 53 -66.92 49.66 -89.92
CA ASN OF 53 -67.07 48.32 -90.46
C ASN OF 53 -68.52 48.08 -90.83
N MET OF 54 -68.75 47.57 -92.03
CA MET OF 54 -70.07 47.15 -92.48
C MET OF 54 -70.02 45.67 -92.80
N ASN OF 55 -70.85 44.89 -92.12
CA ASN OF 55 -70.81 43.43 -92.20
C ASN OF 55 -72.07 42.93 -92.88
N PHE OF 56 -71.91 41.99 -93.82
CA PHE OF 56 -73.01 41.32 -94.49
C PHE OF 56 -72.95 39.84 -94.16
N ALA OF 57 -74.07 39.28 -93.71
CA ALA OF 57 -74.15 37.88 -93.35
C ALA OF 57 -75.40 37.27 -93.95
N LYS OF 58 -75.27 36.08 -94.52
CA LYS OF 58 -76.41 35.36 -95.08
C LYS OF 58 -76.17 33.86 -94.93
N SER OF 59 -77.24 33.15 -94.62
CA SER OF 59 -77.20 31.69 -94.57
C SER OF 59 -77.47 31.11 -95.95
N PHE OF 60 -76.74 30.04 -96.27
CA PHE OF 60 -76.83 29.42 -97.58
C PHE OF 60 -76.91 27.91 -97.43
N PRO OF 61 -77.62 27.23 -98.33
CA PRO OF 61 -77.62 25.76 -98.31
C PRO OF 61 -76.22 25.22 -98.59
N ASN OF 62 -75.74 24.36 -97.71
CA ASN OF 62 -74.43 23.72 -97.84
C ASN OF 62 -74.64 22.22 -97.66
N GLY OF 63 -74.97 21.54 -98.75
CA GLY OF 63 -75.28 20.12 -98.69
C GLY OF 63 -76.45 19.84 -97.75
N ASP OF 64 -76.14 19.23 -96.61
CA ASP OF 64 -77.18 18.94 -95.63
C ASP OF 64 -77.44 20.12 -94.70
N LYS OF 65 -76.38 20.77 -94.22
CA LYS OF 65 -76.51 21.85 -93.26
C LYS OF 65 -76.56 23.20 -93.98
N LYS OF 66 -76.55 24.29 -93.22
CA LYS OF 66 -76.58 25.64 -93.77
C LYS OF 66 -75.31 26.37 -93.33
N SER OF 67 -74.60 26.95 -94.29
CA SER OF 67 -73.36 27.67 -94.02
C SER OF 67 -73.58 29.17 -94.11
N LEU OF 68 -72.71 29.91 -93.44
CA LEU OF 68 -72.82 31.37 -93.35
C LEU OF 68 -71.77 32.02 -94.24
N VAL OF 69 -72.21 32.83 -95.19
CA VAL OF 69 -71.34 33.61 -96.06
C VAL OF 69 -71.30 35.02 -95.53
N VAL OF 70 -70.08 35.54 -95.30
CA VAL OF 70 -69.89 36.85 -94.69
C VAL OF 70 -69.05 37.71 -95.62
N VAL OF 71 -69.52 38.91 -95.89
CA VAL OF 71 -68.77 39.92 -96.64
C VAL OF 71 -68.51 41.10 -95.71
N ASN OF 72 -67.25 41.47 -95.57
CA ASN OF 72 -66.86 42.56 -94.68
C ASN OF 72 -66.38 43.75 -95.50
N LEU OF 73 -66.60 44.94 -94.96
CA LEU OF 73 -66.17 46.19 -95.58
C LEU OF 73 -65.71 47.13 -94.48
N THR OF 74 -64.39 47.29 -94.34
CA THR OF 74 -63.80 48.07 -93.26
C THR OF 74 -62.99 49.23 -93.85
N ALA OF 75 -63.16 50.41 -93.26
CA ALA OF 75 -62.44 51.60 -93.67
C ALA OF 75 -61.68 52.17 -92.48
N HIS OF 76 -60.44 52.60 -92.72
CA HIS OF 76 -59.60 53.21 -91.70
C HIS OF 76 -59.24 54.62 -92.16
N VAL OF 77 -59.81 55.62 -91.50
CA VAL OF 77 -59.58 57.02 -91.87
C VAL OF 77 -58.93 57.74 -90.71
N PRO OF 78 -57.64 58.10 -90.80
CA PRO OF 78 -57.00 58.82 -89.71
C PRO OF 78 -57.61 60.20 -89.50
N VAL OF 79 -57.61 60.65 -88.25
CA VAL OF 79 -58.18 61.94 -87.92
C VAL OF 79 -57.29 63.05 -88.45
N GLY OF 80 -57.90 64.04 -89.10
CA GLY OF 80 -57.19 65.15 -89.71
C GLY OF 80 -57.20 65.10 -91.24
N VAL OF 81 -57.31 63.90 -91.80
CA VAL OF 81 -57.44 63.77 -93.25
C VAL OF 81 -58.74 64.41 -93.69
N ASP OF 82 -58.68 65.16 -94.78
CA ASP OF 82 -59.87 65.84 -95.30
C ASP OF 82 -60.92 64.82 -95.71
N ALA OF 83 -62.12 64.95 -95.13
CA ALA OF 83 -63.17 63.96 -95.36
C ALA OF 83 -63.65 63.98 -96.80
N THR OF 84 -63.75 65.17 -97.40
CA THR OF 84 -64.25 65.28 -98.77
C THR OF 84 -63.32 64.58 -99.76
N ALA OF 85 -62.01 64.66 -99.53
CA ALA OF 85 -61.06 63.98 -100.41
C ALA OF 85 -61.21 62.46 -100.31
N VAL OF 86 -61.48 61.95 -99.12
CA VAL OF 86 -61.66 60.51 -98.94
C VAL OF 86 -62.93 60.04 -99.64
N ARG OF 87 -64.00 60.83 -99.55
CA ARG OF 87 -65.29 60.39 -100.08
C ARG OF 87 -65.29 60.36 -101.61
N THR OF 88 -64.58 61.30 -102.25
CA THR OF 88 -64.48 61.23 -103.70
C THR OF 88 -63.52 60.13 -104.14
N TRP OF 89 -62.53 59.80 -103.30
CA TRP OF 89 -61.66 58.67 -103.59
C TRP OF 89 -62.42 57.35 -103.55
N MET OF 90 -63.24 57.16 -102.50
CA MET OF 90 -64.02 55.94 -102.38
C MET OF 90 -65.05 55.83 -103.50
N THR OF 91 -65.72 56.93 -103.82
CA THR OF 91 -66.78 56.90 -104.82
C THR OF 91 -66.23 56.57 -106.20
N SER OF 92 -65.07 57.12 -106.55
CA SER OF 92 -64.54 57.00 -107.89
C SER OF 92 -63.48 55.92 -108.05
N GLU OF 93 -62.71 55.62 -107.01
CA GLU OF 93 -61.58 54.70 -107.11
C GLU OF 93 -61.78 53.39 -106.37
N VAL OF 94 -62.52 53.40 -105.26
CA VAL OF 94 -62.69 52.18 -104.48
C VAL OF 94 -63.96 51.43 -104.87
N PHE OF 95 -65.08 52.14 -104.87
CA PHE OF 95 -66.39 51.53 -105.12
C PHE OF 95 -66.50 50.86 -106.49
N PRO OF 96 -66.09 51.52 -107.60
CA PRO OF 96 -66.17 50.83 -108.90
C PRO OF 96 -65.32 49.58 -108.97
N GLY OF 97 -64.16 49.56 -108.32
CA GLY OF 97 -63.33 48.37 -108.32
C GLY OF 97 -63.76 47.31 -107.34
N ALA OF 98 -64.40 47.71 -106.24
CA ALA OF 98 -64.83 46.76 -105.23
C ALA OF 98 -66.11 46.03 -105.59
N THR OF 99 -66.81 46.46 -106.63
CA THR OF 99 -68.06 45.83 -107.05
C THR OF 99 -67.97 45.25 -108.46
N SER OF 100 -66.76 45.04 -108.96
CA SER OF 100 -66.56 44.52 -110.31
C SER OF 100 -66.54 43.00 -110.28
N SER OF 101 -66.23 42.39 -111.42
CA SER OF 101 -66.10 40.94 -111.49
C SER OF 101 -64.86 40.42 -110.77
N VAL OF 102 -63.91 41.31 -110.47
CA VAL OF 102 -62.72 40.90 -109.73
C VAL OF 102 -63.10 40.41 -108.35
N THR OF 103 -64.01 41.13 -107.67
CA THR OF 103 -64.46 40.71 -106.36
C THR OF 103 -65.17 39.36 -106.42
N LEU OF 104 -65.98 39.14 -107.45
CA LEU OF 104 -66.71 37.88 -107.56
C LEU OF 104 -65.76 36.70 -107.75
N ASP OF 105 -64.74 36.86 -108.60
CA ASP OF 105 -63.78 35.78 -108.79
C ASP OF 105 -62.94 35.56 -107.55
N LEU OF 106 -62.52 36.65 -106.89
CA LEU OF 106 -61.72 36.53 -105.68
C LEU OF 106 -62.49 35.86 -104.54
N ALA OF 107 -63.78 36.15 -104.42
CA ALA OF 107 -64.57 35.59 -103.33
C ALA OF 107 -64.88 34.11 -103.55
N THR OF 108 -65.16 33.71 -104.79
CA THR OF 108 -65.59 32.35 -105.07
C THR OF 108 -64.46 31.42 -105.50
N LYS OF 109 -63.43 31.95 -106.16
CA LYS OF 109 -62.35 31.13 -106.66
C LYS OF 109 -60.97 31.55 -106.19
N GLY OF 110 -60.84 32.68 -105.49
CA GLY OF 110 -59.54 33.13 -105.04
C GLY OF 110 -58.63 33.64 -106.13
N VAL OF 111 -59.19 34.23 -107.18
CA VAL OF 111 -58.39 34.71 -108.31
C VAL OF 111 -57.74 36.03 -107.93
N ILE OF 112 -56.41 36.05 -107.93
CA ILE OF 112 -55.64 37.24 -107.57
C ILE OF 112 -54.88 37.83 -108.75
N HIS OF 113 -54.97 37.21 -109.93
CA HIS OF 113 -54.31 37.70 -111.14
C HIS OF 113 -55.41 38.11 -112.13
N LEU OF 114 -55.60 39.41 -112.34
CA LEU OF 114 -56.68 39.90 -113.18
C LEU OF 114 -56.16 40.21 -114.58
N SER OF 115 -55.69 39.17 -115.26
CA SER OF 115 -55.19 39.30 -116.62
C SER OF 115 -56.34 39.43 -117.62
N ASP OF 116 -56.12 40.23 -118.65
CA ASP OF 116 -54.95 41.07 -118.86
C ASP OF 116 -55.37 42.46 -119.32
N ALA OF 117 -56.57 42.55 -119.90
CA ALA OF 117 -57.07 43.81 -120.43
C ALA OF 117 -57.52 44.75 -119.31
N LEU PF 1 109.57 -7.53 -82.73
CA LEU PF 1 108.26 -6.91 -82.60
C LEU PF 1 108.31 -5.44 -82.93
N SER PF 2 107.58 -5.04 -83.96
CA SER PF 2 107.54 -3.65 -84.39
C SER PF 2 106.13 -3.26 -84.77
N ILE PF 3 105.82 -1.97 -84.59
CA ILE PF 3 104.55 -1.39 -85.00
C ILE PF 3 104.90 -0.19 -85.87
N GLY PF 4 104.83 -0.35 -87.19
CA GLY PF 4 105.37 0.64 -88.08
C GLY PF 4 106.89 0.64 -88.02
N THR PF 5 107.47 1.74 -87.52
CA THR PF 5 108.90 1.86 -87.37
C THR PF 5 109.36 1.82 -85.91
N LYS PF 6 108.45 1.55 -84.98
CA LYS PF 6 108.76 1.57 -83.55
C LYS PF 6 108.84 0.15 -83.01
N ASN PF 7 109.93 -0.16 -82.33
CA ASN PF 7 110.10 -1.44 -81.66
C ASN PF 7 109.34 -1.45 -80.35
N VAL PF 8 108.57 -2.51 -80.11
CA VAL PF 8 107.75 -2.63 -78.93
C VAL PF 8 107.99 -4.00 -78.30
N SER PF 9 107.45 -4.18 -77.09
CA SER PF 9 107.55 -5.43 -76.37
C SER PF 9 106.22 -5.73 -75.71
N ILE PF 10 105.93 -7.02 -75.53
CA ILE PF 10 104.75 -7.43 -74.80
C ILE PF 10 104.81 -6.85 -73.38
N TYR PF 11 103.74 -6.20 -72.98
CA TYR PF 11 103.66 -5.59 -71.65
C TYR PF 11 102.49 -6.10 -70.83
N ARG PF 12 101.28 -6.11 -71.37
CA ARG PF 12 100.11 -6.63 -70.70
C ARG PF 12 99.26 -7.40 -71.68
N ASN PF 13 98.89 -8.63 -71.32
CA ASN PF 13 98.13 -9.51 -72.19
C ASN PF 13 96.83 -9.88 -71.50
N THR PF 14 95.70 -9.67 -72.19
CA THR PF 14 94.42 -10.16 -71.73
C THR PF 14 93.76 -10.98 -72.83
N ALA PF 15 92.53 -11.44 -72.60
CA ALA PF 15 91.86 -12.28 -73.59
C ALA PF 15 91.63 -11.56 -74.90
N ASP PF 16 91.20 -10.30 -74.85
CA ASP PF 16 90.84 -9.55 -76.04
C ASP PF 16 91.63 -8.26 -76.19
N GLU PF 17 92.66 -8.04 -75.37
CA GLU PF 17 93.45 -6.82 -75.46
C GLU PF 17 94.90 -7.13 -75.13
N VAL PF 18 95.80 -6.58 -75.93
CA VAL PF 18 97.24 -6.68 -75.70
C VAL PF 18 97.82 -5.27 -75.71
N ILE PF 19 98.60 -4.96 -74.69
CA ILE PF 19 99.29 -3.67 -74.58
C ILE PF 19 100.77 -3.91 -74.85
N TYR PF 20 101.35 -3.10 -75.74
CA TYR PF 20 102.77 -3.13 -76.03
C TYR PF 20 103.42 -1.86 -75.52
N ALA PF 21 104.65 -1.97 -75.04
CA ALA PF 21 105.37 -0.86 -74.45
C ALA PF 21 106.47 -0.39 -75.40
N GLY PF 22 106.58 0.92 -75.59
CA GLY PF 22 107.63 1.49 -76.38
C GLY PF 22 108.92 1.62 -75.61
N PRO PF 23 109.98 2.07 -76.28
CA PRO PF 23 111.29 2.17 -75.61
C PRO PF 23 111.32 3.18 -74.48
N ALA PF 24 110.38 4.14 -74.45
CA ALA PF 24 110.37 5.19 -73.45
C ALA PF 24 109.40 4.94 -72.31
N HIS PF 25 108.78 3.76 -72.25
CA HIS PF 25 107.80 3.48 -71.23
C HIS PF 25 108.48 3.03 -69.94
N ASP PF 26 108.14 3.68 -68.83
CA ASP PF 26 108.61 3.30 -67.51
C ASP PF 26 107.56 3.72 -66.50
N VAL PF 27 107.95 3.77 -65.23
CA VAL PF 27 107.04 4.12 -64.13
C VAL PF 27 106.59 5.57 -64.26
N THR PF 28 107.41 6.41 -64.88
CA THR PF 28 107.14 7.84 -64.95
C THR PF 28 106.59 8.30 -66.30
N ASN PF 29 106.99 7.66 -67.40
CA ASN PF 29 106.60 8.09 -68.73
C ASN PF 29 105.80 7.00 -69.42
N VAL PF 30 104.72 7.39 -70.10
CA VAL PF 30 103.87 6.46 -70.82
C VAL PF 30 104.27 6.44 -72.29
N ASP PF 31 104.52 5.25 -72.82
CA ASP PF 31 104.74 5.04 -74.25
C ASP PF 31 104.20 3.64 -74.58
N THR PF 32 102.94 3.59 -74.98
CA THR PF 32 102.26 2.32 -75.17
C THR PF 32 101.42 2.34 -76.44
N VAL PF 33 101.33 1.18 -77.08
CA VAL PF 33 100.38 0.94 -78.16
C VAL PF 33 99.55 -0.28 -77.77
N SER PF 34 98.23 -0.13 -77.79
CA SER PF 34 97.31 -1.17 -77.35
C SER PF 34 96.47 -1.65 -78.52
N LEU PF 35 96.33 -2.97 -78.63
CA LEU PF 35 95.50 -3.61 -79.64
C LEU PF 35 94.34 -4.30 -78.93
N ARG PF 36 93.11 -3.93 -79.30
CA ARG PF 36 91.91 -4.49 -78.69
C ARG PF 36 90.96 -4.96 -79.78
N ARG PF 37 90.25 -6.05 -79.50
CA ARG PF 37 89.28 -6.59 -80.44
C ARG PF 37 87.96 -6.84 -79.72
N SER PF 38 86.87 -6.68 -80.46
CA SER PF 38 85.53 -7.03 -80.01
C SER PF 38 84.97 -8.00 -81.03
N LEU PF 39 85.05 -9.29 -80.73
CA LEU PF 39 84.64 -10.31 -81.68
C LEU PF 39 83.13 -10.26 -81.91
N PRO PF 40 82.68 -10.54 -83.11
CA PRO PF 40 81.25 -10.48 -83.40
C PRO PF 40 80.46 -11.50 -82.58
N VAL PF 41 79.27 -11.10 -82.17
CA VAL PF 41 78.31 -11.99 -81.54
C VAL PF 41 77.12 -12.10 -82.50
N LYS PF 42 76.83 -13.31 -82.94
CA LYS PF 42 75.80 -13.53 -83.97
C LYS PF 42 74.48 -13.85 -83.28
N LYS PF 43 73.97 -12.85 -82.57
CA LYS PF 43 72.68 -12.95 -81.91
C LYS PF 43 71.55 -12.91 -82.92
N GLY PF 44 70.48 -13.64 -82.62
CA GLY PF 44 69.33 -13.72 -83.50
C GLY PF 44 69.69 -14.09 -84.92
N SER PF 45 69.41 -13.17 -85.86
CA SER PF 45 69.78 -13.34 -87.26
C SER PF 45 70.97 -12.51 -87.68
N ASP PF 46 71.23 -11.39 -87.00
CA ASP PF 46 72.36 -10.55 -87.35
C ASP PF 46 73.67 -11.22 -86.95
N ASN PF 47 74.64 -11.21 -87.85
CA ASN PF 47 75.93 -11.83 -87.61
C ASN PF 47 76.86 -10.95 -86.79
N GLY PF 48 76.45 -9.75 -86.43
CA GLY PF 48 77.25 -8.90 -85.58
C GLY PF 48 78.32 -8.13 -86.33
N THR PF 49 79.11 -7.40 -85.56
CA THR PF 49 80.16 -6.54 -86.08
C THR PF 49 81.48 -6.87 -85.39
N MET PF 50 82.55 -6.87 -86.16
CA MET PF 50 83.89 -7.03 -85.60
C MET PF 50 84.50 -5.65 -85.37
N ARG PF 51 84.89 -5.37 -84.14
CA ARG PF 51 85.42 -4.06 -83.76
C ARG PF 51 86.89 -4.21 -83.38
N GLY PF 52 87.76 -3.58 -84.16
CA GLY PF 52 89.18 -3.58 -83.86
C GLY PF 52 89.67 -2.20 -83.48
N ASN PF 53 90.20 -2.05 -82.27
CA ASN PF 53 90.64 -0.76 -81.76
C ASN PF 53 92.15 -0.75 -81.58
N MET PF 54 92.79 0.30 -82.10
CA MET PF 54 94.22 0.52 -81.97
C MET PF 54 94.43 1.79 -81.15
N ASN PF 55 95.19 1.68 -80.06
CA ASN PF 55 95.34 2.76 -79.10
C ASN PF 55 96.80 3.21 -79.04
N PHE PF 56 97.01 4.52 -79.11
CA PHE PF 56 98.33 5.12 -78.93
C PHE PF 56 98.28 6.07 -77.74
N ALA PF 57 99.19 5.89 -76.79
CA ALA PF 57 99.22 6.71 -75.58
C ALA PF 57 100.64 7.20 -75.34
N LYS PF 58 100.76 8.48 -74.99
CA LYS PF 58 102.07 9.08 -74.75
C LYS PF 58 101.92 10.22 -73.75
N SER PF 59 102.74 10.20 -72.71
CA SER PF 59 102.75 11.29 -71.74
C SER PF 59 103.53 12.47 -72.29
N PHE PF 60 103.04 13.67 -71.99
CA PHE PF 60 103.64 14.91 -72.48
C PHE PF 60 103.79 15.89 -71.34
N PRO PF 61 104.80 16.75 -71.39
CA PRO PF 61 104.92 17.81 -70.38
C PRO PF 61 103.77 18.81 -70.50
N ASN PF 62 103.10 19.05 -69.39
CA ASN PF 62 101.98 20.00 -69.32
C ASN PF 62 102.22 20.88 -68.10
N GLY PF 63 102.97 21.96 -68.28
CA GLY PF 63 103.35 22.79 -67.16
C GLY PF 63 104.24 22.00 -66.22
N ASP PF 64 103.84 21.96 -64.95
CA ASP PF 64 104.58 21.18 -63.96
C ASP PF 64 104.22 19.71 -63.95
N LYS PF 65 103.00 19.37 -64.36
CA LYS PF 65 102.52 18.00 -64.36
C LYS PF 65 102.79 17.34 -65.71
N LYS PF 66 102.25 16.13 -65.90
CA LYS PF 66 102.31 15.41 -67.15
C LYS PF 66 100.91 15.10 -67.63
N SER PF 67 100.70 15.15 -68.94
CA SER PF 67 99.40 14.92 -69.53
C SER PF 67 99.48 13.78 -70.54
N LEU PF 68 98.43 12.96 -70.58
CA LEU PF 68 98.37 11.83 -71.49
C LEU PF 68 97.64 12.23 -72.77
N VAL PF 69 98.32 12.05 -73.90
CA VAL PF 69 97.71 12.24 -75.22
C VAL PF 69 97.41 10.87 -75.80
N VAL PF 70 96.15 10.66 -76.19
CA VAL PF 70 95.68 9.36 -76.64
C VAL PF 70 95.12 9.51 -78.06
N VAL PF 71 95.54 8.63 -78.95
CA VAL PF 71 95.03 8.56 -80.31
C VAL PF 71 94.40 7.19 -80.51
N ASN PF 72 93.15 7.18 -80.96
CA ASN PF 72 92.39 5.95 -81.16
C ASN PF 72 92.09 5.76 -82.65
N LEU PF 73 92.22 4.52 -83.11
CA LEU PF 73 91.85 4.14 -84.47
C LEU PF 73 91.02 2.87 -84.40
N THR PF 74 89.73 2.98 -84.68
CA THR PF 74 88.79 1.88 -84.54
C THR PF 74 88.13 1.58 -85.88
N ALA PF 75 88.03 0.29 -86.20
CA ALA PF 75 87.36 -0.17 -87.41
C ALA PF 75 86.12 -0.96 -87.02
N HIS PF 76 85.00 -0.66 -87.68
CA HIS PF 76 83.74 -1.36 -87.47
C HIS PF 76 83.36 -2.03 -88.79
N VAL PF 77 83.65 -3.32 -88.90
CA VAL PF 77 83.43 -4.08 -90.12
C VAL PF 77 82.31 -5.09 -89.84
N PRO PF 78 81.12 -4.92 -90.41
CA PRO PF 78 80.06 -5.91 -90.21
C PRO PF 78 80.41 -7.24 -90.86
N VAL PF 79 79.90 -8.33 -90.25
CA VAL PF 79 80.22 -9.66 -90.73
C VAL PF 79 79.49 -9.93 -92.03
N GLY PF 80 80.23 -10.46 -93.02
CA GLY PF 80 79.71 -10.72 -94.35
C GLY PF 80 80.33 -9.85 -95.42
N VAL PF 81 80.82 -8.67 -95.03
CA VAL PF 81 81.51 -7.79 -95.96
C VAL PF 81 82.84 -8.41 -96.35
N ASP PF 82 83.16 -8.34 -97.64
CA ASP PF 82 84.42 -8.88 -98.14
C ASP PF 82 85.61 -8.20 -97.47
N ALA PF 83 86.49 -8.99 -96.88
CA ALA PF 83 87.66 -8.44 -96.20
C ALA PF 83 88.59 -7.76 -97.19
N THR PF 84 88.78 -8.35 -98.37
CA THR PF 84 89.67 -7.76 -99.36
C THR PF 84 89.15 -6.41 -99.85
N ALA PF 85 87.83 -6.30 -100.03
CA ALA PF 85 87.26 -5.02 -100.43
C ALA PF 85 87.47 -3.96 -99.35
N VAL PF 86 87.32 -4.35 -98.08
CA VAL PF 86 87.51 -3.41 -96.98
C VAL PF 86 88.98 -2.99 -96.89
N ARG PF 87 89.90 -3.95 -97.04
CA ARG PF 87 91.31 -3.63 -96.94
C ARG PF 87 91.76 -2.70 -98.05
N THR PF 88 91.22 -2.88 -99.27
CA THR PF 88 91.54 -1.98 -100.36
C THR PF 88 91.01 -0.58 -100.09
N TRP PF 89 89.80 -0.47 -99.53
CA TRP PF 89 89.25 0.83 -99.19
C TRP PF 89 90.06 1.52 -98.11
N MET PF 90 90.45 0.77 -97.08
CA MET PF 90 91.22 1.36 -95.99
C MET PF 90 92.59 1.83 -96.46
N THR PF 91 93.24 1.05 -97.32
CA THR PF 91 94.59 1.39 -97.77
C THR PF 91 94.58 2.60 -98.71
N SER PF 92 93.59 2.69 -99.59
CA SER PF 92 93.59 3.71 -100.63
C SER PF 92 92.83 4.97 -100.25
N GLU PF 93 91.85 4.87 -99.36
CA GLU PF 93 91.02 6.03 -99.02
C GLU PF 93 91.17 6.49 -97.58
N VAL PF 94 91.17 5.56 -96.62
CA VAL PF 94 91.22 5.95 -95.21
C VAL PF 94 92.65 6.29 -94.80
N PHE PF 95 93.61 5.42 -95.14
CA PHE PF 95 94.98 5.61 -94.68
C PHE PF 95 95.60 6.92 -95.16
N PRO PF 96 95.53 7.28 -96.44
CA PRO PF 96 96.07 8.59 -96.85
C PRO PF 96 95.38 9.77 -96.17
N GLY PF 97 94.07 9.68 -95.92
CA GLY PF 97 93.37 10.80 -95.31
C GLY PF 97 93.58 10.89 -93.81
N ALA PF 98 93.85 9.77 -93.15
CA ALA PF 98 94.05 9.74 -91.71
C ALA PF 98 95.48 10.07 -91.31
N THR PF 99 96.36 10.33 -92.27
CA THR PF 99 97.75 10.70 -92.00
C THR PF 99 98.12 12.03 -92.63
N SER PF 100 97.13 12.80 -93.07
CA SER PF 100 97.37 14.08 -93.71
C SER PF 100 97.43 15.19 -92.66
N SER PF 101 97.66 16.42 -93.13
CA SER PF 101 97.63 17.57 -92.24
C SER PF 101 96.23 17.82 -91.68
N VAL PF 102 95.20 17.27 -92.32
CA VAL PF 102 93.84 17.40 -91.81
C VAL PF 102 93.73 16.75 -90.43
N THR PF 103 94.29 15.56 -90.28
CA THR PF 103 94.28 14.90 -88.97
C THR PF 103 95.10 15.69 -87.96
N LEU PF 104 96.26 16.18 -88.36
CA LEU PF 104 97.11 16.95 -87.46
C LEU PF 104 96.42 18.24 -87.02
N ASP PF 105 95.71 18.90 -87.94
CA ASP PF 105 95.04 20.15 -87.60
C ASP PF 105 93.83 19.92 -86.71
N LEU PF 106 93.11 18.82 -86.93
CA LEU PF 106 91.94 18.52 -86.11
C LEU PF 106 92.34 18.19 -84.68
N ALA PF 107 93.43 17.43 -84.51
CA ALA PF 107 93.81 16.98 -83.18
C ALA PF 107 94.38 18.11 -82.34
N THR PF 108 95.25 18.94 -82.93
CA THR PF 108 95.97 19.96 -82.16
C THR PF 108 95.35 21.34 -82.25
N LYS PF 109 94.46 21.59 -83.21
CA LYS PF 109 93.83 22.90 -83.35
C LYS PF 109 92.31 22.84 -83.43
N GLY PF 110 91.71 21.66 -83.51
CA GLY PF 110 90.28 21.57 -83.65
C GLY PF 110 89.72 22.11 -84.94
N VAL PF 111 90.44 21.94 -86.04
CA VAL PF 111 90.01 22.49 -87.33
C VAL PF 111 89.14 21.46 -88.04
N ILE PF 112 87.89 21.82 -88.29
CA ILE PF 112 86.94 20.96 -88.99
C ILE PF 112 86.59 21.48 -90.37
N HIS PF 113 87.15 22.61 -90.79
CA HIS PF 113 86.95 23.18 -92.13
C HIS PF 113 88.27 23.08 -92.89
N LEU PF 114 88.32 22.22 -93.90
CA LEU PF 114 89.54 22.07 -94.69
C LEU PF 114 89.41 22.88 -95.99
N SER PF 115 89.46 24.20 -95.83
CA SER PF 115 89.49 25.10 -96.97
C SER PF 115 90.94 25.24 -97.48
N ASP PF 116 91.08 25.51 -98.77
CA ASP PF 116 90.04 25.59 -99.80
C ASP PF 116 90.48 24.87 -101.06
N ALA PF 117 91.77 24.58 -101.14
CA ALA PF 117 92.35 23.94 -102.32
C ALA PF 117 91.81 22.53 -102.52
N LEU QF 1 88.90 21.11 -102.68
CA LEU QF 1 88.56 20.52 -101.38
C LEU QF 1 88.86 19.02 -101.40
N SER QF 2 89.93 18.62 -100.73
CA SER QF 2 90.34 17.23 -100.72
C SER QF 2 90.78 16.82 -99.32
N ILE QF 3 90.56 15.55 -99.01
CA ILE QF 3 91.06 14.93 -97.78
C ILE QF 3 91.91 13.74 -98.20
N GLY QF 4 93.21 13.82 -97.93
CA GLY QF 4 94.13 12.83 -98.44
C GLY QF 4 94.19 12.86 -99.96
N THR QF 5 93.91 11.73 -100.60
CA THR QF 5 93.86 11.66 -102.05
C THR QF 5 92.44 11.72 -102.60
N LYS QF 6 91.44 11.90 -101.75
CA LYS QF 6 90.05 11.86 -102.14
C LYS QF 6 89.49 13.29 -102.18
N ASN QF 7 88.93 13.66 -103.33
CA ASN QF 7 88.22 14.93 -103.43
C ASN QF 7 86.85 14.82 -102.77
N VAL QF 8 86.51 15.81 -101.96
CA VAL QF 8 85.25 15.82 -101.22
C VAL QF 8 84.58 17.17 -101.39
N SER QF 9 83.32 17.24 -100.99
CA SER QF 9 82.55 18.48 -100.98
C SER QF 9 81.79 18.57 -99.67
N ILE QF 10 81.49 19.81 -99.28
CA ILE QF 10 80.75 20.03 -98.04
C ILE QF 10 79.34 19.49 -98.19
N TYR QF 11 78.94 18.61 -97.28
CA TYR QF 11 77.63 17.98 -97.30
C TYR QF 11 76.72 18.51 -96.19
N ARG QF 12 77.18 18.48 -94.94
CA ARG QF 12 76.44 19.04 -93.83
C ARG QF 12 77.41 19.79 -92.94
N ASN QF 13 76.94 20.88 -92.33
CA ASN QF 13 77.79 21.80 -91.60
C ASN QF 13 77.06 22.23 -90.33
N THR QF 14 77.51 21.73 -89.19
CA THR QF 14 77.04 22.18 -87.88
C THR QF 14 78.17 22.91 -87.16
N ALA QF 15 77.90 23.31 -85.92
CA ALA QF 15 78.88 24.10 -85.16
C ALA QF 15 80.16 23.32 -84.90
N ASP QF 16 80.05 22.05 -84.50
CA ASP QF 16 81.21 21.26 -84.13
C ASP QF 16 81.42 20.06 -85.05
N GLU QF 17 80.64 19.92 -86.11
CA GLU QF 17 80.79 18.83 -87.06
C GLU QF 17 80.57 19.33 -88.47
N VAL QF 18 81.46 18.94 -89.37
CA VAL QF 18 81.29 19.16 -90.80
C VAL QF 18 81.41 17.80 -91.48
N ILE QF 19 80.37 17.41 -92.21
CA ILE QF 19 80.34 16.16 -92.95
C ILE QF 19 80.67 16.45 -94.40
N TYR QF 20 81.65 15.75 -94.94
CA TYR QF 20 82.05 15.89 -96.33
C TYR QF 20 81.65 14.63 -97.09
N ALA QF 21 81.23 14.83 -98.34
CA ALA QF 21 80.71 13.74 -99.17
C ALA QF 21 81.72 13.41 -100.26
N GLY QF 22 81.99 12.13 -100.44
CA GLY QF 22 82.84 11.67 -101.51
C GLY QF 22 82.14 11.80 -102.85
N PRO QF 23 82.89 11.61 -103.94
CA PRO QF 23 82.27 11.72 -105.26
C PRO QF 23 81.15 10.74 -105.50
N ALA QF 24 81.23 9.55 -104.90
CA ALA QF 24 80.21 8.52 -105.08
C ALA QF 24 79.03 8.65 -104.13
N HIS QF 25 79.13 9.52 -103.11
CA HIS QF 25 78.06 9.62 -102.13
C HIS QF 25 76.75 10.03 -102.78
N ASP QF 26 75.68 9.35 -102.40
CA ASP QF 26 74.35 9.61 -102.95
C ASP QF 26 73.31 9.19 -101.91
N VAL QF 27 72.05 9.14 -102.34
CA VAL QF 27 70.95 8.83 -101.44
C VAL QF 27 70.94 7.38 -100.99
N THR QF 28 71.60 6.49 -101.71
CA THR QF 28 71.64 5.08 -101.34
C THR QF 28 73.04 4.57 -101.04
N ASN QF 29 74.09 5.23 -101.50
CA ASN QF 29 75.48 4.85 -101.22
C ASN QF 29 76.10 5.89 -100.30
N VAL QF 30 76.65 5.45 -99.19
CA VAL QF 30 77.29 6.33 -98.22
C VAL QF 30 78.78 6.38 -98.51
N ASP QF 31 79.29 7.58 -98.77
CA ASP QF 31 80.74 7.82 -98.89
C ASP QF 31 80.99 9.19 -98.27
N THR QF 32 81.30 9.20 -96.97
CA THR QF 32 81.40 10.44 -96.22
C THR QF 32 82.63 10.41 -95.32
N VAL QF 33 83.22 11.60 -95.14
CA VAL QF 33 84.27 11.83 -94.16
C VAL QF 33 83.79 12.93 -93.23
N SER QF 34 83.61 12.59 -91.96
CA SER QF 34 83.15 13.54 -90.97
C SER QF 34 84.32 14.07 -90.15
N LEU QF 35 84.30 15.37 -89.87
CA LEU QF 35 85.23 16.00 -88.94
C LEU QF 35 84.43 16.55 -87.77
N ARG QF 36 84.62 15.97 -86.60
CA ARG QF 36 83.91 16.37 -85.40
C ARG QF 36 84.91 16.75 -84.32
N ARG QF 37 84.58 17.78 -83.57
CA ARG QF 37 85.43 18.23 -82.48
C ARG QF 37 84.59 18.41 -81.21
N SER QF 38 85.23 18.21 -80.07
CA SER QF 38 84.65 18.50 -78.78
C SER QF 38 85.58 19.48 -78.07
N LEU QF 39 85.15 20.73 -77.97
CA LEU QF 39 86.02 21.78 -77.45
C LEU QF 39 86.26 21.58 -75.95
N PRO QF 40 87.43 21.97 -75.46
CA PRO QF 40 87.76 21.78 -74.05
C PRO QF 40 86.81 22.55 -73.13
N VAL QF 41 86.32 21.87 -72.10
CA VAL QF 41 85.50 22.50 -71.08
C VAL QF 41 86.38 22.73 -69.87
N LYS QF 42 86.62 23.99 -69.53
CA LYS QF 42 87.50 24.36 -68.43
C LYS QF 42 86.72 24.19 -67.13
N LYS QF 43 86.82 23.02 -66.54
CA LYS QF 43 86.07 22.69 -65.33
C LYS QF 43 87.03 22.48 -64.17
N GLY QF 44 86.74 23.14 -63.05
CA GLY QF 44 87.61 23.05 -61.89
C GLY QF 44 89.00 23.58 -62.20
N SER QF 45 90.01 22.96 -61.62
CA SER QF 45 91.39 23.28 -61.95
C SER QF 45 91.86 22.65 -63.24
N ASP QF 46 91.11 21.68 -63.77
CA ASP QF 46 91.45 21.05 -65.03
C ASP QF 46 91.04 21.94 -66.19
N ASN QF 47 91.95 22.14 -67.14
CA ASN QF 47 91.67 22.97 -68.30
C ASN QF 47 90.96 22.23 -69.41
N GLY QF 48 90.55 20.99 -69.19
CA GLY QF 48 89.79 20.25 -70.17
C GLY QF 48 90.67 19.58 -71.22
N THR QF 49 90.00 19.00 -72.21
CA THR QF 49 90.67 18.24 -73.25
C THR QF 49 89.96 18.49 -74.58
N MET QF 50 90.74 18.70 -75.62
CA MET QF 50 90.21 18.83 -76.97
C MET QF 50 90.10 17.45 -77.60
N ARG QF 51 88.90 17.07 -78.02
CA ARG QF 51 88.67 15.81 -78.71
C ARG QF 51 88.41 16.09 -80.19
N GLY QF 52 89.16 15.41 -81.05
CA GLY QF 52 88.95 15.50 -82.47
C GLY QF 52 88.73 14.14 -83.09
N ASN QF 53 87.57 13.94 -83.72
CA ASN QF 53 87.21 12.65 -84.28
C ASN QF 53 87.12 12.75 -85.80
N MET QF 54 87.76 11.81 -86.48
CA MET QF 54 87.71 11.70 -87.93
C MET QF 54 86.99 10.41 -88.28
N ASN QF 55 85.83 10.55 -88.91
CA ASN QF 55 84.95 9.42 -89.20
C ASN QF 55 84.92 9.13 -90.68
N PHE QF 56 85.22 7.90 -91.05
CA PHE QF 56 85.12 7.43 -92.42
C PHE QF 56 83.97 6.43 -92.51
N ALA QF 57 83.02 6.70 -93.40
CA ALA QF 57 81.87 5.83 -93.58
C ALA QF 57 81.78 5.43 -95.04
N LYS QF 58 81.51 4.15 -95.29
CA LYS QF 58 81.39 3.64 -96.65
C LYS QF 58 80.41 2.48 -96.67
N SER QF 59 79.52 2.49 -97.66
CA SER QF 59 78.56 1.41 -97.86
C SER QF 59 79.23 0.28 -98.63
N PHE QF 60 78.98 -0.95 -98.20
CA PHE QF 60 79.60 -2.12 -98.79
C PHE QF 60 78.55 -3.19 -99.06
N PRO QF 61 78.70 -3.95 -100.14
CA PRO QF 61 77.79 -5.09 -100.36
C PRO QF 61 78.02 -6.15 -99.30
N ASN QF 62 76.94 -6.49 -98.60
CA ASN QF 62 76.94 -7.54 -97.58
C ASN QF 62 75.88 -8.56 -97.98
N GLY QF 63 76.27 -9.52 -98.83
CA GLY QF 63 75.33 -10.46 -99.37
C GLY QF 63 74.30 -9.78 -100.25
N ASP QF 64 73.06 -9.74 -99.79
CA ASP QF 64 71.98 -9.09 -100.53
C ASP QF 64 71.78 -7.64 -100.14
N LYS QF 65 72.05 -7.29 -98.89
CA LYS QF 65 71.86 -5.94 -98.39
C LYS QF 65 73.18 -5.17 -98.43
N LYS QF 66 73.18 -3.96 -97.90
CA LYS QF 66 74.37 -3.13 -97.80
C LYS QF 66 74.70 -2.87 -96.34
N SER QF 67 75.98 -2.99 -96.01
CA SER QF 67 76.47 -2.76 -94.66
C SER QF 67 77.37 -1.53 -94.64
N LEU QF 68 77.37 -0.82 -93.51
CA LEU QF 68 78.18 0.37 -93.33
C LEU QF 68 79.46 0.01 -92.61
N VAL QF 69 80.59 0.25 -93.26
CA VAL QF 69 81.90 0.08 -92.64
C VAL QF 69 82.39 1.44 -92.16
N VAL QF 70 82.74 1.52 -90.89
CA VAL QF 70 83.11 2.79 -90.25
C VAL QF 70 84.50 2.68 -89.68
N VAL QF 71 85.34 3.68 -89.97
CA VAL QF 71 86.66 3.82 -89.37
C VAL QF 71 86.70 5.15 -88.64
N ASN QF 72 87.05 5.12 -87.36
CA ASN QF 72 87.12 6.31 -86.53
C ASN QF 72 88.57 6.58 -86.12
N LEU QF 73 88.99 7.83 -86.24
CA LEU QF 73 90.28 8.28 -85.73
C LEU QF 73 90.02 9.41 -84.75
N THR QF 74 90.28 9.16 -83.47
CA THR QF 74 90.02 10.11 -82.41
C THR QF 74 91.31 10.42 -81.67
N ALA QF 75 91.52 11.70 -81.33
CA ALA QF 75 92.66 12.13 -80.56
C ALA QF 75 92.17 12.92 -79.35
N HIS QF 76 92.82 12.70 -78.21
CA HIS QF 76 92.49 13.40 -76.97
C HIS QF 76 93.73 14.16 -76.53
N VAL QF 77 93.75 15.46 -76.77
CA VAL QF 77 94.88 16.32 -76.45
C VAL QF 77 94.48 17.24 -75.30
N PRO QF 78 95.04 17.07 -74.10
CA PRO QF 78 94.72 17.96 -72.99
C PRO QF 78 95.25 19.37 -73.23
N VAL QF 79 94.54 20.36 -72.68
CA VAL QF 79 94.99 21.74 -72.79
C VAL QF 79 96.25 21.95 -71.96
N GLY QF 80 97.22 22.64 -72.55
CA GLY QF 80 98.48 22.93 -71.91
C GLY QF 80 99.66 22.20 -72.51
N VAL QF 81 99.42 21.20 -73.32
CA VAL QF 81 100.49 20.48 -73.99
C VAL QF 81 100.95 21.26 -75.21
N ASP QF 82 102.24 21.17 -75.51
CA ASP QF 82 102.78 21.81 -76.70
C ASP QF 82 102.23 21.13 -77.95
N ALA QF 83 101.60 21.92 -78.82
CA ALA QF 83 100.96 21.36 -80.01
C ALA QF 83 101.99 20.87 -81.02
N THR QF 84 103.14 21.54 -81.11
CA THR QF 84 104.19 21.08 -82.01
C THR QF 84 104.74 19.72 -81.60
N ALA QF 85 104.89 19.50 -80.30
CA ALA QF 85 105.38 18.20 -79.81
C ALA QF 85 104.39 17.09 -80.16
N VAL QF 86 103.10 17.34 -80.02
CA VAL QF 86 102.10 16.32 -80.33
C VAL QF 86 102.10 16.00 -81.82
N ARG QF 87 102.21 17.02 -82.67
CA ARG QF 87 102.22 16.78 -84.11
C ARG QF 87 103.44 15.98 -84.53
N THR QF 88 104.60 16.25 -83.93
CA THR QF 88 105.80 15.48 -84.24
C THR QF 88 105.66 14.03 -83.81
N TRP QF 89 105.04 13.79 -82.64
CA TRP QF 89 104.81 12.43 -82.19
C TRP QF 89 103.81 11.71 -83.09
N MET QF 90 102.73 12.39 -83.48
CA MET QF 90 101.71 11.77 -84.34
C MET QF 90 102.28 11.41 -85.70
N THR QF 91 103.11 12.28 -86.27
CA THR QF 91 103.66 12.04 -87.61
C THR QF 91 104.63 10.86 -87.62
N SER QF 92 105.55 10.81 -86.66
CA SER QF 92 106.61 9.81 -86.69
C SER QF 92 106.27 8.51 -85.97
N GLU QF 93 105.29 8.51 -85.09
CA GLU QF 93 105.03 7.34 -84.26
C GLU QF 93 103.61 6.80 -84.39
N VAL QF 94 102.61 7.67 -84.52
CA VAL QF 94 101.23 7.21 -84.61
C VAL QF 94 100.89 6.84 -86.05
N PHE QF 95 101.17 7.74 -86.99
CA PHE QF 95 100.77 7.52 -88.38
C PHE QF 95 101.40 6.28 -89.00
N PRO QF 96 102.70 6.01 -88.87
CA PRO QF 96 103.25 4.78 -89.46
C PRO QF 96 102.62 3.50 -88.91
N GLY QF 97 102.32 3.47 -87.61
CA GLY QF 97 101.71 2.28 -87.04
C GLY QF 97 100.22 2.16 -87.33
N ALA QF 98 99.52 3.29 -87.42
CA ALA QF 98 98.09 3.26 -87.67
C ALA QF 98 97.75 2.82 -89.08
N THR QF 99 98.66 3.02 -90.04
CA THR QF 99 98.43 2.65 -91.43
C THR QF 99 99.32 1.48 -91.86
N SER QF 100 99.52 0.52 -90.97
CA SER QF 100 100.33 -0.65 -91.24
C SER QF 100 99.44 -1.86 -91.47
N SER QF 101 100.07 -3.01 -91.70
CA SER QF 101 99.32 -4.25 -91.81
C SER QF 101 98.72 -4.66 -90.48
N VAL QF 102 99.23 -4.12 -89.36
CA VAL QF 102 98.66 -4.43 -88.06
C VAL QF 102 97.21 -3.96 -87.99
N THR QF 103 96.93 -2.77 -88.53
CA THR QF 103 95.55 -2.28 -88.55
C THR QF 103 94.67 -3.17 -89.42
N LEU QF 104 95.18 -3.59 -90.58
CA LEU QF 104 94.39 -4.43 -91.48
C LEU QF 104 94.14 -5.80 -90.88
N ASP QF 105 95.16 -6.43 -90.30
CA ASP QF 105 94.97 -7.74 -89.70
C ASP QF 105 94.08 -7.69 -88.47
N LEU QF 106 94.10 -6.56 -87.76
CA LEU QF 106 93.20 -6.41 -86.62
C LEU QF 106 91.75 -6.22 -87.07
N ALA QF 107 91.54 -5.49 -88.17
CA ALA QF 107 90.18 -5.22 -88.62
C ALA QF 107 89.50 -6.47 -89.17
N THR QF 108 90.19 -7.22 -90.02
CA THR QF 108 89.58 -8.32 -90.75
C THR QF 108 89.88 -9.69 -90.16
N LYS QF 109 90.78 -9.79 -89.18
CA LYS QF 109 91.07 -11.08 -88.56
C LYS QF 109 91.07 -11.08 -87.05
N GLY QF 110 90.96 -9.92 -86.40
CA GLY QF 110 91.03 -9.88 -84.95
C GLY QF 110 92.37 -10.25 -84.38
N VAL QF 111 93.46 -9.88 -85.05
CA VAL QF 111 94.80 -10.23 -84.59
C VAL QF 111 95.27 -9.16 -83.62
N ILE QF 112 95.44 -9.54 -82.35
CA ILE QF 112 95.97 -8.64 -81.33
C ILE QF 112 97.37 -9.05 -80.86
N HIS QF 113 97.84 -10.23 -81.23
CA HIS QF 113 99.18 -10.69 -80.87
C HIS QF 113 100.10 -10.49 -82.07
N LEU QF 114 101.15 -9.69 -81.88
CA LEU QF 114 102.06 -9.33 -82.95
C LEU QF 114 103.15 -10.39 -83.09
N SER QF 115 103.64 -10.55 -84.31
CA SER QF 115 104.71 -11.49 -84.61
C SER QF 115 105.48 -11.00 -85.83
N ASP QF 116 106.77 -11.34 -85.88
CA ASP QF 116 107.55 -11.97 -84.83
C ASP QF 116 108.93 -11.32 -84.74
N ALA QF 117 109.28 -10.55 -85.77
CA ALA QF 117 110.59 -9.91 -85.85
C ALA QF 117 110.46 -8.39 -85.74
N LEU RF 1 46.95 24.97 -126.97
CA LEU RF 1 47.22 25.09 -125.54
C LEU RF 1 48.65 24.66 -125.25
N SER RF 2 49.49 25.62 -124.86
CA SER RF 2 50.90 25.35 -124.60
C SER RF 2 51.32 25.94 -123.27
N ILE RF 3 52.14 25.19 -122.54
CA ILE RF 3 52.83 25.68 -121.35
C ILE RF 3 54.31 25.41 -121.59
N GLY RF 4 55.01 26.40 -122.13
CA GLY RF 4 56.38 26.20 -122.56
C GLY RF 4 56.43 25.60 -123.95
N THR RF 5 57.07 24.44 -124.09
CA THR RF 5 57.09 23.70 -125.34
C THR RF 5 56.11 22.52 -125.33
N LYS RF 6 55.30 22.40 -124.29
CA LYS RF 6 54.44 21.24 -124.08
C LYS RF 6 53.03 21.57 -124.55
N ASN RF 7 52.44 20.65 -125.31
CA ASN RF 7 51.04 20.77 -125.73
C ASN RF 7 50.17 20.05 -124.71
N VAL RF 8 49.32 20.80 -124.02
CA VAL RF 8 48.48 20.27 -122.96
C VAL RF 8 47.02 20.48 -123.34
N SER RF 9 46.14 19.84 -122.57
CA SER RF 9 44.70 20.01 -122.72
C SER RF 9 44.07 20.12 -121.33
N ILE RF 10 42.90 20.75 -121.28
CA ILE RF 10 42.20 20.88 -120.00
C ILE RF 10 41.77 19.51 -119.52
N TYR RF 11 42.07 19.21 -118.26
CA TYR RF 11 41.72 17.95 -117.64
C TYR RF 11 40.77 18.10 -116.47
N ARG RF 12 40.90 19.16 -115.69
CA ARG RF 12 40.01 19.43 -114.57
C ARG RF 12 39.92 20.94 -114.42
N ASN RF 13 38.69 21.44 -114.30
CA ASN RF 13 38.45 22.88 -114.24
C ASN RF 13 37.67 23.18 -112.96
N THR RF 14 38.35 23.80 -112.01
CA THR RF 14 37.78 24.19 -110.72
C THR RF 14 37.89 25.72 -110.62
N ALA RF 15 37.17 26.29 -109.66
CA ALA RF 15 37.10 27.74 -109.53
C ALA RF 15 38.49 28.36 -109.38
N ASP RF 16 39.38 27.71 -108.61
CA ASP RF 16 40.68 28.30 -108.30
C ASP RF 16 41.83 27.43 -108.77
N GLU RF 17 41.57 26.40 -109.58
CA GLU RF 17 42.65 25.54 -110.04
C GLU RF 17 42.22 24.84 -111.32
N VAL RF 18 43.09 24.87 -112.32
CA VAL RF 18 42.88 24.15 -113.58
C VAL RF 18 44.07 23.22 -113.78
N ILE RF 19 43.78 21.94 -113.98
CA ILE RF 19 44.82 20.93 -114.22
C ILE RF 19 44.89 20.67 -115.71
N TYR RF 20 46.09 20.77 -116.27
CA TYR RF 20 46.33 20.47 -117.67
C TYR RF 20 47.14 19.20 -117.79
N ALA RF 21 46.77 18.35 -118.73
CA ALA RF 21 47.38 17.04 -118.91
C ALA RF 21 48.23 17.03 -120.18
N GLY RF 22 49.43 16.46 -120.06
CA GLY RF 22 50.32 16.32 -121.20
C GLY RF 22 49.98 15.10 -122.02
N PRO RF 23 50.72 14.89 -123.11
CA PRO RF 23 50.42 13.74 -123.98
C PRO RF 23 50.60 12.39 -123.31
N ALA RF 24 51.40 12.32 -122.25
CA ALA RF 24 51.69 11.06 -121.58
C ALA RF 24 50.77 10.80 -120.38
N HIS RF 25 49.78 11.65 -120.16
CA HIS RF 25 48.87 11.49 -119.05
C HIS RF 25 47.75 10.53 -119.41
N ASP RF 26 47.42 9.64 -118.48
CA ASP RF 26 46.34 8.67 -118.65
C ASP RF 26 45.89 8.21 -117.26
N VAL RF 27 45.14 7.13 -117.21
CA VAL RF 27 44.63 6.62 -115.93
C VAL RF 27 45.74 6.09 -115.04
N THR RF 28 46.76 5.44 -115.61
CA THR RF 28 47.83 4.83 -114.82
C THR RF 28 49.11 5.65 -114.74
N ASN RF 29 49.27 6.69 -115.55
CA ASN RF 29 50.47 7.52 -115.54
C ASN RF 29 50.08 8.97 -115.33
N VAL RF 30 50.95 9.71 -114.66
CA VAL RF 30 50.71 11.11 -114.32
C VAL RF 30 51.64 11.98 -115.14
N ASP RF 31 51.06 12.88 -115.94
CA ASP RF 31 51.80 13.93 -116.65
C ASP RF 31 50.89 15.14 -116.64
N THR RF 32 51.04 16.00 -115.63
CA THR RF 32 50.12 17.11 -115.44
C THR RF 32 50.89 18.39 -115.08
N VAL RF 33 50.31 19.52 -115.47
CA VAL RF 33 50.74 20.84 -115.03
C VAL RF 33 49.50 21.54 -114.48
N SER RF 34 49.51 21.84 -113.19
CA SER RF 34 48.35 22.41 -112.51
C SER RF 34 48.63 23.88 -112.18
N LEU RF 35 47.71 24.75 -112.57
CA LEU RF 35 47.76 26.16 -112.20
C LEU RF 35 46.77 26.41 -111.08
N ARG RF 36 47.25 26.97 -109.98
CA ARG RF 36 46.44 27.23 -108.81
C ARG RF 36 46.61 28.67 -108.39
N ARG RF 37 45.61 29.21 -107.69
CA ARG RF 37 45.66 30.60 -107.28
C ARG RF 37 44.90 30.78 -105.97
N SER RF 38 45.26 31.83 -105.24
CA SER RF 38 44.54 32.26 -104.06
C SER RF 38 44.36 33.77 -104.18
N LEU RF 39 43.14 34.20 -104.49
CA LEU RF 39 42.88 35.60 -104.75
C LEU RF 39 43.00 36.43 -103.48
N PRO RF 40 43.35 37.71 -103.63
CA PRO RF 40 43.54 38.56 -102.43
C PRO RF 40 42.27 38.67 -101.61
N VAL RF 41 42.44 38.73 -100.30
CA VAL RF 41 41.35 38.92 -99.35
C VAL RF 41 41.57 40.24 -98.65
N LYS RF 42 40.60 41.15 -98.77
CA LYS RF 42 40.71 42.51 -98.22
C LYS RF 42 40.42 42.47 -96.72
N LYS RF 43 41.28 41.73 -96.00
CA LYS RF 43 41.10 41.56 -94.57
C LYS RF 43 41.56 42.85 -93.88
N GLY RF 44 40.64 43.51 -93.19
CA GLY RF 44 40.96 44.73 -92.47
C GLY RF 44 41.49 45.80 -93.42
N SER RF 45 42.58 46.46 -93.00
CA SER RF 45 43.25 47.44 -93.84
C SER RF 45 44.22 46.82 -94.82
N ASP RF 46 44.70 45.61 -94.56
CA ASP RF 46 45.60 44.93 -95.49
C ASP RF 46 44.85 44.59 -96.77
N ASN RF 47 45.44 44.94 -97.90
CA ASN RF 47 44.82 44.64 -99.19
C ASN RF 47 44.97 43.18 -99.60
N GLY RF 48 45.72 42.39 -98.86
CA GLY RF 48 45.86 40.98 -99.16
C GLY RF 48 47.08 40.68 -100.00
N THR RF 49 47.19 39.41 -100.37
CA THR RF 49 48.31 38.90 -101.15
C THR RF 49 47.77 38.05 -102.29
N MET RF 50 48.42 38.15 -103.44
CA MET RF 50 48.10 37.29 -104.58
C MET RF 50 49.06 36.11 -104.58
N ARG RF 51 48.51 34.90 -104.45
CA ARG RF 51 49.30 33.67 -104.44
C ARG RF 51 49.02 32.89 -105.72
N GLY RF 52 50.07 32.59 -106.46
CA GLY RF 52 49.96 31.76 -107.65
C GLY RF 52 50.87 30.56 -107.54
N ASN RF 53 50.37 29.39 -107.93
CA ASN RF 53 51.11 28.15 -107.82
C ASN RF 53 51.10 27.43 -109.16
N MET RF 54 52.28 27.04 -109.62
CA MET RF 54 52.44 26.17 -110.77
C MET RF 54 52.98 24.83 -110.28
N ASN RF 55 52.24 23.76 -110.55
CA ASN RF 55 52.59 22.43 -110.09
C ASN RF 55 52.92 21.55 -111.29
N PHE RF 56 54.08 20.90 -111.23
CA PHE RF 56 54.50 19.95 -112.26
C PHE RF 56 54.57 18.57 -111.62
N ALA RF 57 53.88 17.61 -112.21
CA ALA RF 57 53.84 16.24 -111.69
C ALA RF 57 54.10 15.27 -112.82
N LYS RF 58 54.96 14.29 -112.56
CA LYS RF 58 55.28 13.27 -113.54
C LYS RF 58 55.57 11.96 -112.82
N SER RF 59 55.11 10.86 -113.42
CA SER RF 59 55.40 9.53 -112.93
C SER RF 59 56.73 9.03 -113.50
N PHE RF 60 57.48 8.32 -112.65
CA PHE RF 60 58.80 7.83 -113.03
C PHE RF 60 58.95 6.38 -112.58
N PRO RF 61 59.71 5.57 -113.33
CA PRO RF 61 60.00 4.21 -112.87
C PRO RF 61 60.86 4.23 -111.60
N ASN RF 62 60.35 3.59 -110.55
CA ASN RF 62 61.04 3.50 -109.27
C ASN RF 62 61.16 2.02 -108.90
N GLY RF 63 62.22 1.38 -109.40
CA GLY RF 63 62.40 -0.03 -109.17
C GLY RF 63 61.24 -0.86 -109.72
N ASP RF 64 60.44 -1.41 -108.82
CA ASP RF 64 59.28 -2.19 -109.23
C ASP RF 64 58.07 -1.31 -109.49
N LYS RF 65 57.83 -0.32 -108.63
CA LYS RF 65 56.65 0.52 -108.73
C LYS RF 65 56.99 1.81 -109.47
N LYS RF 66 56.04 2.75 -109.51
CA LYS RF 66 56.22 4.03 -110.16
C LYS RF 66 56.03 5.14 -109.13
N SER RF 67 57.00 6.04 -109.06
CA SER RF 67 56.98 7.14 -108.10
C SER RF 67 56.68 8.46 -108.81
N LEU RF 68 56.16 9.41 -108.04
CA LEU RF 68 55.73 10.70 -108.56
C LEU RF 68 56.73 11.77 -108.17
N VAL RF 69 57.28 12.46 -109.17
CA VAL RF 69 58.18 13.59 -108.96
C VAL RF 69 57.39 14.87 -109.17
N VAL RF 70 57.43 15.76 -108.19
CA VAL RF 70 56.63 16.98 -108.20
C VAL RF 70 57.55 18.19 -108.09
N VAL RF 71 57.36 19.15 -108.98
CA VAL RF 71 58.06 20.44 -108.94
C VAL RF 71 57.02 21.52 -108.75
N ASN RF 72 57.19 22.33 -107.70
CA ASN RF 72 56.28 23.42 -107.39
C ASN RF 72 56.94 24.76 -107.63
N LEU RF 73 56.14 25.73 -108.08
CA LEU RF 73 56.60 27.11 -108.24
C LEU RF 73 55.50 28.00 -107.70
N THR RF 74 55.74 28.63 -106.56
CA THR RF 74 54.76 29.48 -105.90
C THR RF 74 55.30 30.90 -105.78
N ALA RF 75 54.44 31.88 -106.07
CA ALA RF 75 54.78 33.28 -105.95
C ALA RF 75 53.80 33.96 -105.00
N HIS RF 76 54.31 34.88 -104.20
CA HIS RF 76 53.50 35.67 -103.27
C HIS RF 76 53.72 37.14 -103.57
N VAL RF 77 52.71 37.78 -104.16
CA VAL RF 77 52.81 39.19 -104.52
C VAL RF 77 51.78 39.98 -103.73
N PRO RF 78 52.20 40.79 -102.75
CA PRO RF 78 51.24 41.59 -101.99
C PRO RF 78 50.54 42.62 -102.87
N VAL RF 79 49.28 42.91 -102.55
CA VAL RF 79 48.51 43.87 -103.33
C VAL RF 79 49.03 45.27 -103.07
N GLY RF 80 49.21 46.03 -104.15
CA GLY RF 80 49.75 47.38 -104.09
C GLY RF 80 51.15 47.49 -104.67
N VAL RF 81 51.93 46.40 -104.60
CA VAL RF 81 53.24 46.39 -105.23
C VAL RF 81 53.07 46.51 -106.74
N ASP RF 82 53.91 47.34 -107.35
CA ASP RF 82 53.84 47.54 -108.79
C ASP RF 82 54.11 46.22 -109.52
N ALA RF 83 53.19 45.85 -110.42
CA ALA RF 83 53.29 44.56 -111.08
C ALA RF 83 54.46 44.52 -112.07
N THR RF 84 54.72 45.64 -112.75
CA THR RF 84 55.80 45.66 -113.73
C THR RF 84 57.16 45.46 -113.06
N ALA RF 85 57.35 46.03 -111.87
CA ALA RF 85 58.60 45.84 -111.15
C ALA RF 85 58.81 44.38 -110.77
N VAL RF 86 57.74 43.68 -110.39
CA VAL RF 86 57.86 42.27 -110.05
C VAL RF 86 58.19 41.44 -111.28
N ARG RF 87 57.63 41.80 -112.42
CA ARG RF 87 57.80 40.98 -113.62
C ARG RF 87 59.21 41.10 -114.20
N THR RF 88 59.83 42.28 -114.08
CA THR RF 88 61.22 42.41 -114.51
C THR RF 88 62.17 41.78 -113.50
N TRP RF 89 61.81 41.81 -112.21
CA TRP RF 89 62.60 41.10 -111.21
C TRP RF 89 62.58 39.59 -111.46
N MET RF 90 61.40 39.06 -111.77
CA MET RF 90 61.28 37.62 -112.03
C MET RF 90 62.04 37.22 -113.29
N THR RF 91 61.90 38.01 -114.35
CA THR RF 91 62.52 37.66 -115.63
C THR RF 91 64.04 37.74 -115.56
N SER RF 92 64.57 38.72 -114.82
CA SER RF 92 66.01 38.97 -114.81
C SER RF 92 66.73 38.34 -113.62
N GLU RF 93 66.09 38.24 -112.47
CA GLU RF 93 66.75 37.78 -111.25
C GLU RF 93 66.28 36.42 -110.77
N VAL RF 94 65.02 36.06 -110.99
CA VAL RF 94 64.51 34.80 -110.45
C VAL RF 94 64.63 33.69 -111.48
N PHE RF 95 64.13 33.92 -112.69
CA PHE RF 95 64.09 32.89 -113.72
C PHE RF 95 65.48 32.38 -114.12
N PRO RF 96 66.48 33.24 -114.36
CA PRO RF 96 67.81 32.70 -114.69
C PRO RF 96 68.40 31.86 -113.57
N GLY RF 97 68.16 32.21 -112.31
CA GLY RF 97 68.68 31.41 -111.21
C GLY RF 97 67.83 30.20 -110.89
N ALA RF 98 66.55 30.24 -111.23
CA ALA RF 98 65.65 29.13 -110.94
C ALA RF 98 65.77 27.98 -111.93
N THR RF 99 66.43 28.20 -113.07
CA THR RF 99 66.58 27.18 -114.10
C THR RF 99 68.03 26.81 -114.35
N SER RF 100 68.93 27.18 -113.44
CA SER RF 100 70.36 26.91 -113.61
C SER RF 100 70.66 25.50 -113.10
N SER RF 101 71.95 25.13 -113.12
CA SER RF 101 72.36 23.84 -112.60
C SER RF 101 72.21 23.75 -111.08
N VAL RF 102 72.07 24.89 -110.41
CA VAL RF 102 71.87 24.88 -108.95
C VAL RF 102 70.58 24.17 -108.59
N THR RF 103 69.52 24.42 -109.35
CA THR RF 103 68.25 23.73 -109.11
C THR RF 103 68.38 22.24 -109.30
N LEU RF 104 69.12 21.80 -110.32
CA LEU RF 104 69.25 20.38 -110.60
C LEU RF 104 69.99 19.66 -109.47
N ASP RF 105 71.08 20.24 -108.96
CA ASP RF 105 71.80 19.61 -107.86
C ASP RF 105 70.99 19.63 -106.57
N LEU RF 106 70.27 20.73 -106.32
CA LEU RF 106 69.44 20.81 -105.12
C LEU RF 106 68.31 19.79 -105.15
N ALA RF 107 67.70 19.58 -106.32
CA ALA RF 107 66.57 18.66 -106.42
C ALA RF 107 67.02 17.20 -106.33
N THR RF 108 68.15 16.86 -106.93
CA THR RF 108 68.58 15.47 -106.99
C THR RF 108 69.57 15.08 -105.90
N LYS RF 109 70.38 16.03 -105.41
CA LYS RF 109 71.39 15.73 -104.41
C LYS RF 109 71.30 16.56 -103.15
N GLY RF 110 70.43 17.57 -103.09
CA GLY RF 110 70.32 18.40 -101.92
C GLY RF 110 71.48 19.34 -101.69
N VAL RF 111 72.13 19.80 -102.76
CA VAL RF 111 73.30 20.66 -102.64
C VAL RF 111 72.83 22.08 -102.33
N ILE RF 112 73.32 22.64 -101.22
CA ILE RF 112 72.97 23.98 -100.80
C ILE RF 112 74.16 24.93 -100.76
N HIS RF 113 75.35 24.45 -101.12
CA HIS RF 113 76.56 25.27 -101.18
C HIS RF 113 77.01 25.34 -102.64
N LEU RF 114 76.84 26.50 -103.26
CA LEU RF 114 77.17 26.65 -104.69
C LEU RF 114 78.56 27.26 -104.83
N SER RF 115 79.56 26.51 -104.39
CA SER RF 115 80.94 26.96 -104.46
C SER RF 115 81.50 26.72 -105.85
N ASP RF 116 82.31 27.68 -106.32
CA ASP RF 116 82.62 28.93 -105.64
C ASP RF 116 82.51 30.10 -106.60
N ALA RF 117 82.64 29.82 -107.90
CA ALA RF 117 82.59 30.86 -108.91
C ALA RF 117 81.15 31.31 -109.17
N LEU SF 1 -123.17 24.28 -55.71
CA LEU SF 1 -122.52 24.13 -54.42
C LEU SF 1 -122.95 25.23 -53.45
N SER SF 2 -123.52 24.84 -52.32
CA SER SF 2 -124.00 25.79 -51.33
C SER SF 2 -123.69 25.26 -49.93
N ILE SF 3 -123.47 26.18 -49.01
CA ILE SF 3 -123.28 25.88 -47.59
C ILE SF 3 -124.30 26.75 -46.85
N GLY SF 4 -125.47 26.20 -46.58
CA GLY SF 4 -126.57 27.02 -46.10
C GLY SF 4 -127.17 27.83 -47.22
N THR SF 5 -127.10 29.16 -47.12
CA THR SF 5 -127.62 30.06 -48.13
C THR SF 5 -126.52 30.72 -48.95
N LYS SF 6 -125.27 30.28 -48.81
CA LYS SF 6 -124.14 30.88 -49.49
C LYS SF 6 -123.63 29.96 -50.59
N ASN SF 7 -123.44 30.52 -51.79
CA ASN SF 7 -122.88 29.78 -52.91
C ASN SF 7 -121.36 29.79 -52.83
N VAL SF 8 -120.76 28.62 -52.99
CA VAL SF 8 -119.31 28.46 -52.88
C VAL SF 8 -118.80 27.66 -54.08
N SER SF 9 -117.49 27.67 -54.24
CA SER SF 9 -116.81 26.88 -55.26
C SER SF 9 -115.62 26.19 -54.61
N ILE SF 10 -115.26 25.02 -55.12
CA ILE SF 10 -114.07 24.34 -54.63
C ILE SF 10 -112.86 25.22 -54.90
N TYR SF 11 -112.11 25.53 -53.87
CA TYR SF 11 -110.91 26.35 -53.97
C TYR SF 11 -109.63 25.56 -53.75
N ARG SF 12 -109.58 24.74 -52.72
CA ARG SF 12 -108.41 23.91 -52.43
C ARG SF 12 -108.87 22.51 -52.04
N ASN SF 13 -108.19 21.51 -52.59
CA ASN SF 13 -108.55 20.11 -52.37
C ASN SF 13 -107.34 19.38 -51.82
N THR SF 14 -107.50 18.75 -50.66
CA THR SF 14 -106.48 17.86 -50.11
C THR SF 14 -107.12 16.54 -49.72
N ALA SF 15 -106.32 15.61 -49.19
CA ALA SF 15 -106.84 14.29 -48.87
C ALA SF 15 -107.93 14.34 -47.81
N ASP SF 16 -107.73 15.14 -46.77
CA ASP SF 16 -108.67 15.20 -45.66
C ASP SF 16 -109.23 16.59 -45.40
N GLU SF 17 -109.07 17.52 -46.34
CA GLU SF 17 -109.58 18.87 -46.16
C GLU SF 17 -109.90 19.48 -47.51
N VAL SF 18 -111.07 20.10 -47.61
CA VAL SF 18 -111.48 20.86 -48.79
C VAL SF 18 -111.83 22.27 -48.34
N ILE SF 19 -111.26 23.26 -49.03
CA ILE SF 19 -111.56 24.66 -48.79
C ILE SF 19 -112.48 25.16 -49.90
N TYR SF 20 -113.57 25.80 -49.52
CA TYR SF 20 -114.50 26.42 -50.46
C TYR SF 20 -114.41 27.94 -50.33
N ALA SF 21 -114.54 28.63 -51.45
CA ALA SF 21 -114.41 30.07 -51.50
C ALA SF 21 -115.78 30.70 -51.75
N GLY SF 22 -116.09 31.76 -51.00
CA GLY SF 22 -117.32 32.48 -51.19
C GLY SF 22 -117.20 33.50 -52.31
N PRO SF 23 -118.30 34.22 -52.58
CA PRO SF 23 -118.28 35.19 -53.69
C PRO SF 23 -117.33 36.36 -53.47
N ALA SF 24 -116.93 36.64 -52.24
CA ALA SF 24 -116.10 37.80 -51.93
C ALA SF 24 -114.62 37.46 -51.75
N HIS SF 25 -114.23 36.23 -52.06
CA HIS SF 25 -112.85 35.81 -51.86
C HIS SF 25 -112.00 36.17 -53.07
N ASP SF 26 -110.90 36.88 -52.82
CA ASP SF 26 -109.92 37.20 -53.86
C ASP SF 26 -108.57 37.35 -53.18
N VAL SF 27 -107.61 37.96 -53.88
CA VAL SF 27 -106.25 38.11 -53.39
C VAL SF 27 -106.21 39.00 -52.15
N THR SF 28 -107.18 39.91 -52.04
CA THR SF 28 -107.18 40.87 -50.94
C THR SF 28 -108.17 40.53 -49.82
N ASN SF 29 -109.29 39.90 -50.12
CA ASN SF 29 -110.32 39.63 -49.13
C ASN SF 29 -110.48 38.13 -48.96
N VAL SF 30 -110.62 37.70 -47.70
CA VAL SF 30 -110.81 36.30 -47.38
C VAL SF 30 -112.30 36.04 -47.14
N ASP SF 31 -112.84 35.04 -47.84
CA ASP SF 31 -114.20 34.57 -47.61
C ASP SF 31 -114.21 33.09 -47.95
N THR SF 32 -113.98 32.25 -46.94
CA THR SF 32 -113.79 30.82 -47.17
C THR SF 32 -114.50 30.01 -46.10
N VAL SF 33 -114.94 28.82 -46.50
CA VAL SF 33 -115.43 27.80 -45.58
C VAL SF 33 -114.63 26.53 -45.84
N SER SF 34 -114.04 25.96 -44.79
CA SER SF 34 -113.19 24.79 -44.91
C SER SF 34 -113.82 23.61 -44.17
N LEU SF 35 -113.82 22.46 -44.83
CA LEU SF 35 -114.32 21.21 -44.25
C LEU SF 35 -113.14 20.27 -44.06
N ARG SF 36 -112.91 19.86 -42.81
CA ARG SF 36 -111.79 18.99 -42.48
C ARG SF 36 -112.29 17.80 -41.68
N ARG SF 37 -111.68 16.65 -41.90
CA ARG SF 37 -112.03 15.43 -41.19
C ARG SF 37 -110.78 14.77 -40.64
N SER SF 38 -110.93 14.11 -39.49
CA SER SF 38 -109.90 13.28 -38.89
C SER SF 38 -110.50 11.89 -38.72
N LEU SF 39 -110.21 11.01 -39.67
CA LEU SF 39 -110.80 9.68 -39.66
C LEU SF 39 -110.29 8.88 -38.47
N PRO SF 40 -111.14 8.04 -37.88
CA PRO SF 40 -110.73 7.28 -36.70
C PRO SF 40 -109.60 6.31 -37.01
N VAL SF 41 -108.69 6.18 -36.06
CA VAL SF 41 -107.65 5.16 -36.10
C VAL SF 41 -107.94 4.18 -34.97
N LYS SF 42 -108.22 2.93 -35.33
CA LYS SF 42 -108.67 1.93 -34.37
C LYS SF 42 -107.45 1.18 -33.83
N LYS SF 43 -106.60 1.92 -33.15
CA LYS SF 43 -105.41 1.37 -32.53
C LYS SF 43 -105.77 0.54 -31.30
N GLY SF 44 -104.97 -0.49 -31.06
CA GLY SF 44 -105.20 -1.41 -29.96
C GLY SF 44 -106.60 -1.97 -29.92
N SER SF 45 -107.35 -1.65 -28.86
CA SER SF 45 -108.75 -2.05 -28.74
C SER SF 45 -109.71 -0.89 -28.94
N ASP SF 46 -109.31 0.33 -28.63
CA ASP SF 46 -110.17 1.49 -28.83
C ASP SF 46 -110.39 1.72 -30.31
N ASN SF 47 -111.65 1.95 -30.68
CA ASN SF 47 -112.02 2.12 -32.09
C ASN SF 47 -111.79 3.53 -32.60
N GLY SF 48 -111.25 4.42 -31.77
CA GLY SF 48 -110.92 5.76 -32.21
C GLY SF 48 -112.10 6.70 -32.23
N THR SF 49 -111.84 7.92 -32.67
CA THR SF 49 -112.82 8.99 -32.70
C THR SF 49 -112.85 9.62 -34.08
N MET SF 50 -114.04 9.97 -34.54
CA MET SF 50 -114.21 10.71 -35.78
C MET SF 50 -114.33 12.20 -35.46
N ARG SF 51 -113.41 12.99 -36.00
CA ARG SF 51 -113.34 14.42 -35.72
C ARG SF 51 -113.66 15.19 -37.00
N GLY SF 52 -114.79 15.88 -37.01
CA GLY SF 52 -115.17 16.71 -38.14
C GLY SF 52 -115.16 18.18 -37.82
N ASN SF 53 -114.37 18.95 -38.56
CA ASN SF 53 -114.20 20.38 -38.30
C ASN SF 53 -114.68 21.19 -39.50
N MET SF 54 -115.49 22.21 -39.23
CA MET SF 54 -115.92 23.17 -40.23
C MET SF 54 -115.41 24.54 -39.84
N ASN SF 55 -114.71 25.20 -40.76
CA ASN SF 55 -114.02 26.45 -40.51
C ASN SF 55 -114.65 27.58 -41.32
N PHE SF 56 -114.91 28.70 -40.67
CA PHE SF 56 -115.40 29.91 -41.33
C PHE SF 56 -114.38 31.01 -41.13
N ALA SF 57 -113.95 31.61 -42.24
CA ALA SF 57 -112.92 32.65 -42.21
C ALA SF 57 -113.40 33.85 -43.01
N LYS SF 58 -113.20 35.05 -42.46
CA LYS SF 58 -113.61 36.27 -43.13
C LYS SF 58 -112.72 37.41 -42.69
N SER SF 59 -112.16 38.13 -43.66
CA SER SF 59 -111.37 39.32 -43.37
C SER SF 59 -112.28 40.49 -43.04
N PHE SF 60 -111.85 41.31 -42.09
CA PHE SF 60 -112.62 42.45 -41.63
C PHE SF 60 -111.72 43.68 -41.54
N PRO SF 61 -112.28 44.87 -41.74
CA PRO SF 61 -111.49 46.10 -41.54
C PRO SF 61 -111.14 46.28 -40.07
N ASN SF 62 -109.84 46.42 -39.79
CA ASN SF 62 -109.33 46.63 -38.44
C ASN SF 62 -108.42 47.84 -38.49
N GLY SF 63 -108.99 49.02 -38.34
CA GLY SF 63 -108.23 50.24 -38.53
C GLY SF 63 -107.77 50.35 -39.96
N ASP SF 64 -106.46 50.53 -40.16
CA ASP SF 64 -105.90 50.60 -41.49
C ASP SF 64 -105.61 49.24 -42.10
N LYS SF 65 -105.41 48.21 -41.28
CA LYS SF 65 -105.09 46.87 -41.74
C LYS SF 65 -106.37 46.04 -41.84
N LYS SF 66 -106.20 44.75 -42.13
CA LYS SF 66 -107.30 43.80 -42.17
C LYS SF 66 -107.04 42.69 -41.17
N SER SF 67 -108.12 42.21 -40.55
CA SER SF 67 -108.02 41.17 -39.53
C SER SF 67 -108.91 39.99 -39.93
N LEU SF 68 -108.44 38.79 -39.58
CA LEU SF 68 -109.16 37.57 -39.91
C LEU SF 68 -109.98 37.11 -38.71
N VAL SF 69 -111.29 36.99 -38.90
CA VAL SF 69 -112.19 36.45 -37.90
C VAL SF 69 -112.51 35.01 -38.29
N VAL SF 70 -112.25 34.06 -37.38
CA VAL SF 70 -112.39 32.64 -37.65
C VAL SF 70 -113.41 32.05 -36.68
N VAL SF 71 -114.35 31.29 -37.22
CA VAL SF 71 -115.32 30.56 -36.41
C VAL SF 71 -115.16 29.07 -36.71
N ASN SF 72 -114.97 28.28 -35.66
CA ASN SF 72 -114.74 26.85 -35.78
C ASN SF 72 -115.89 26.08 -35.15
N LEU SF 73 -116.32 25.01 -35.82
CA LEU SF 73 -117.34 24.11 -35.30
C LEU SF 73 -116.84 22.68 -35.48
N THR SF 74 -116.47 22.03 -34.38
CA THR SF 74 -115.87 20.71 -34.41
C THR SF 74 -116.72 19.73 -33.63
N ALA SF 75 -116.95 18.56 -34.21
CA ALA SF 75 -117.68 17.48 -33.56
C ALA SF 75 -116.73 16.33 -33.27
N HIS SF 76 -116.83 15.77 -32.07
CA HIS SF 76 -116.01 14.62 -31.65
C HIS SF 76 -116.96 13.47 -31.33
N VAL SF 77 -117.09 12.54 -32.27
CA VAL SF 77 -118.02 11.42 -32.15
C VAL SF 77 -117.19 10.14 -32.02
N PRO SF 78 -117.16 9.51 -30.85
CA PRO SF 78 -116.43 8.23 -30.73
C PRO SF 78 -117.08 7.13 -31.55
N VAL SF 79 -116.27 6.20 -32.03
CA VAL SF 79 -116.75 5.14 -32.90
C VAL SF 79 -117.56 4.14 -32.10
N GLY SF 80 -118.75 3.79 -32.60
CA GLY SF 80 -119.67 2.89 -31.94
C GLY SF 80 -120.96 3.57 -31.51
N VAL SF 81 -120.90 4.87 -31.27
CA VAL SF 81 -122.10 5.63 -30.93
C VAL SF 81 -123.03 5.69 -32.13
N ASP SF 82 -124.32 5.50 -31.88
CA ASP SF 82 -125.31 5.55 -32.95
C ASP SF 82 -125.31 6.91 -33.62
N ALA SF 83 -125.11 6.91 -34.94
CA ALA SF 83 -125.08 8.17 -35.69
C ALA SF 83 -126.42 8.87 -35.66
N THR SF 84 -127.52 8.12 -35.74
CA THR SF 84 -128.85 8.71 -35.73
C THR SF 84 -129.13 9.39 -34.39
N ALA SF 85 -128.70 8.78 -33.28
CA ALA SF 85 -128.88 9.40 -31.97
C ALA SF 85 -128.09 10.69 -31.85
N VAL SF 86 -126.87 10.71 -32.41
CA VAL SF 86 -126.04 11.91 -32.35
C VAL SF 86 -126.65 13.02 -33.21
N ARG SF 87 -127.14 12.67 -34.41
CA ARG SF 87 -127.70 13.68 -35.30
C ARG SF 87 -128.94 14.32 -34.70
N THR SF 88 -129.79 13.55 -34.03
CA THR SF 88 -130.95 14.11 -33.35
C THR SF 88 -130.53 15.05 -32.23
N TRP SF 89 -129.49 14.69 -31.47
CA TRP SF 89 -129.01 15.54 -30.41
C TRP SF 89 -128.43 16.85 -30.96
N MET SF 90 -127.66 16.77 -32.05
CA MET SF 90 -127.08 17.97 -32.64
C MET SF 90 -128.15 18.90 -33.18
N THR SF 91 -129.18 18.35 -33.82
CA THR SF 91 -130.21 19.17 -34.46
C THR SF 91 -131.08 19.88 -33.43
N SER SF 92 -131.49 19.18 -32.37
CA SER SF 92 -132.46 19.72 -31.43
C SER SF 92 -131.84 20.37 -30.21
N GLU SF 93 -130.60 20.03 -29.88
CA GLU SF 93 -129.99 20.49 -28.64
C GLU SF 93 -128.78 21.39 -28.86
N VAL SF 94 -127.94 21.08 -29.84
CA VAL SF 94 -126.73 21.86 -30.06
C VAL SF 94 -126.99 23.00 -31.03
N PHE SF 95 -127.66 22.71 -32.15
CA PHE SF 95 -127.86 23.72 -33.19
C PHE SF 95 -128.62 24.94 -32.70
N PRO SF 96 -129.75 24.82 -32.00
CA PRO SF 96 -130.41 26.04 -31.49
C PRO SF 96 -129.54 26.82 -30.51
N GLY SF 97 -128.73 26.14 -29.70
CA GLY SF 97 -127.89 26.85 -28.75
C GLY SF 97 -126.68 27.50 -29.37
N ALA SF 98 -126.14 26.92 -30.43
CA ALA SF 98 -124.96 27.44 -31.10
C ALA SF 98 -125.28 28.57 -32.07
N THR SF 99 -126.57 28.88 -32.27
CA THR SF 99 -126.98 29.97 -33.16
C THR SF 99 -127.79 31.02 -32.42
N SER SF 100 -127.75 31.03 -31.10
CA SER SF 100 -128.50 31.98 -30.30
C SER SF 100 -127.67 33.21 -30.03
N SER SF 101 -128.26 34.17 -29.32
CA SER SF 101 -127.53 35.36 -28.91
C SER SF 101 -126.42 35.04 -27.92
N VAL SF 102 -126.47 33.87 -27.27
CA VAL SF 102 -125.40 33.46 -26.37
C VAL SF 102 -124.09 33.31 -27.12
N THR SF 103 -124.14 32.71 -28.31
CA THR SF 103 -122.95 32.59 -29.14
C THR SF 103 -122.46 33.96 -29.59
N LEU SF 104 -123.39 34.84 -29.96
CA LEU SF 104 -123.00 36.17 -30.44
C LEU SF 104 -122.32 36.97 -29.34
N ASP SF 105 -122.83 36.91 -28.11
CA ASP SF 105 -122.23 37.69 -27.03
C ASP SF 105 -120.89 37.10 -26.61
N LEU SF 106 -120.76 35.78 -26.64
CA LEU SF 106 -119.49 35.16 -26.26
C LEU SF 106 -118.39 35.50 -27.25
N ALA SF 107 -118.70 35.53 -28.55
CA ALA SF 107 -117.68 35.78 -29.55
C ALA SF 107 -117.23 37.23 -29.56
N THR SF 108 -118.18 38.17 -29.50
CA THR SF 108 -117.88 39.58 -29.68
C THR SF 108 -117.77 40.35 -28.38
N LYS SF 109 -118.19 39.78 -27.25
CA LYS SF 109 -118.10 40.47 -25.97
C LYS SF 109 -117.47 39.61 -24.88
N GLY SF 110 -117.22 38.33 -25.12
CA GLY SF 110 -116.69 37.46 -24.10
C GLY SF 110 -117.62 37.22 -22.93
N VAL SF 111 -118.92 37.13 -23.19
CA VAL SF 111 -119.90 36.95 -22.12
C VAL SF 111 -120.08 35.46 -21.85
N ILE SF 112 -119.79 35.05 -20.62
CA ILE SF 112 -119.94 33.65 -20.19
C ILE SF 112 -121.04 33.47 -19.16
N HIS SF 113 -121.73 34.54 -18.77
CA HIS SF 113 -122.86 34.47 -17.85
C HIS SF 113 -124.13 34.83 -18.62
N LEU SF 114 -125.01 33.85 -18.85
CA LEU SF 114 -126.25 34.12 -19.58
C LEU SF 114 -127.39 34.38 -18.59
N SER SF 115 -127.19 35.38 -17.76
CA SER SF 115 -128.24 35.82 -16.85
C SER SF 115 -129.33 36.57 -17.62
N ASP SF 116 -130.57 36.44 -17.14
CA ASP SF 116 -131.01 35.62 -16.03
C ASP SF 116 -132.32 34.91 -16.37
N ALA SF 117 -132.96 35.36 -17.44
CA ALA SF 117 -134.25 34.82 -17.86
C ALA SF 117 -134.15 33.35 -18.25
N LEU TF 1 -133.04 30.66 -16.91
CA LEU TF 1 -131.70 30.38 -17.41
C LEU TF 1 -131.76 29.32 -18.50
N SER TF 2 -131.57 29.72 -19.76
CA SER TF 2 -131.67 28.82 -20.88
C SER TF 2 -130.60 29.13 -21.90
N ILE TF 3 -130.15 28.10 -22.59
CA ILE TF 3 -129.25 28.22 -23.74
C ILE TF 3 -129.95 27.56 -24.92
N GLY TF 4 -130.32 28.37 -25.90
CA GLY TF 4 -131.15 27.88 -26.99
C GLY TF 4 -132.51 27.43 -26.49
N THR TF 5 -132.87 26.19 -26.77
CA THR TF 5 -134.11 25.61 -26.27
C THR TF 5 -133.92 24.81 -25.00
N LYS TF 6 -132.70 24.71 -24.49
CA LYS TF 6 -132.40 23.92 -23.31
C LYS TF 6 -132.30 24.82 -22.09
N ASN TF 7 -133.11 24.52 -21.07
CA ASN TF 7 -132.94 25.18 -19.78
C ASN TF 7 -131.78 24.55 -19.03
N VAL TF 8 -130.91 25.39 -18.49
CA VAL TF 8 -129.71 24.93 -17.79
C VAL TF 8 -129.62 25.64 -16.44
N SER TF 9 -128.69 25.16 -15.62
CA SER TF 9 -128.39 25.77 -14.34
C SER TF 9 -126.87 25.85 -14.18
N ILE TF 10 -126.44 26.80 -13.35
CA ILE TF 10 -125.01 26.96 -13.10
C ILE TF 10 -124.49 25.73 -12.37
N TYR TF 11 -123.45 25.11 -12.91
CA TYR TF 11 -122.84 23.93 -12.33
C TYR TF 11 -121.47 24.20 -11.76
N ARG TF 12 -120.59 24.84 -12.53
CA ARG TF 12 -119.28 25.22 -12.06
C ARG TF 12 -118.92 26.59 -12.62
N ASN TF 13 -118.26 27.40 -11.81
CA ASN TF 13 -118.05 28.81 -12.12
C ASN TF 13 -116.61 29.17 -11.78
N THR TF 14 -115.79 29.38 -12.80
CA THR TF 14 -114.44 29.92 -12.65
C THR TF 14 -114.38 31.30 -13.27
N ALA TF 15 -113.17 31.87 -13.28
CA ALA TF 15 -113.01 33.25 -13.76
C ALA TF 15 -113.33 33.37 -15.25
N ASP TF 16 -112.83 32.43 -16.06
CA ASP TF 16 -113.01 32.51 -17.50
C ASP TF 16 -113.85 31.38 -18.07
N GLU TF 17 -114.40 30.51 -17.23
CA GLU TF 17 -115.23 29.41 -17.69
C GLU TF 17 -116.40 29.22 -16.73
N VAL TF 18 -117.60 29.12 -17.28
CA VAL TF 18 -118.79 28.77 -16.52
C VAL TF 18 -119.39 27.52 -17.17
N ILE TF 19 -119.52 26.46 -16.38
CA ILE TF 19 -120.11 25.22 -16.87
C ILE TF 19 -121.57 25.18 -16.43
N TYR TF 20 -122.47 24.96 -17.38
CA TYR TF 20 -123.89 24.82 -17.11
C TYR TF 20 -124.30 23.37 -17.31
N ALA TF 21 -125.28 22.93 -16.52
CA ALA TF 21 -125.72 21.54 -16.52
C ALA TF 21 -127.13 21.46 -17.06
N GLY TF 22 -127.36 20.49 -17.94
CA GLY TF 22 -128.68 20.21 -18.45
C GLY TF 22 -129.53 19.54 -17.40
N PRO TF 23 -130.84 19.45 -17.66
CA PRO TF 23 -131.74 18.81 -16.66
C PRO TF 23 -131.38 17.37 -16.37
N ALA TF 24 -130.85 16.65 -17.35
CA ALA TF 24 -130.49 15.25 -17.16
C ALA TF 24 -129.11 15.05 -16.54
N HIS TF 25 -128.29 16.09 -16.47
CA HIS TF 25 -126.93 15.94 -15.98
C HIS TF 25 -126.91 15.42 -14.55
N ASP TF 26 -126.05 14.44 -14.30
CA ASP TF 26 -125.92 13.83 -12.98
C ASP TF 26 -124.50 13.29 -12.84
N VAL TF 27 -124.30 12.47 -11.80
CA VAL TF 27 -122.97 11.93 -11.52
C VAL TF 27 -122.51 10.91 -12.54
N THR TF 28 -123.42 10.31 -13.31
CA THR TF 28 -123.06 9.35 -14.33
C THR TF 28 -123.49 9.73 -15.74
N ASN TF 29 -124.40 10.68 -15.90
CA ASN TF 29 -124.82 11.17 -17.21
C ASN TF 29 -124.30 12.59 -17.38
N VAL TF 30 -123.56 12.83 -18.45
CA VAL TF 30 -123.00 14.15 -18.74
C VAL TF 30 -123.94 14.86 -19.70
N ASP TF 31 -124.43 16.03 -19.28
CA ASP TF 31 -125.21 16.92 -20.15
C ASP TF 31 -124.84 18.34 -19.74
N THR TF 32 -123.82 18.89 -20.40
CA THR TF 32 -123.25 20.17 -20.00
C THR TF 32 -123.01 21.06 -21.21
N VAL TF 33 -123.16 22.37 -20.99
CA VAL TF 33 -122.78 23.39 -21.96
C VAL TF 33 -121.79 24.30 -21.26
N SER TF 34 -120.57 24.36 -21.78
CA SER TF 34 -119.52 25.19 -21.21
C SER TF 34 -119.32 26.45 -22.03
N LEU TF 35 -119.20 27.58 -21.35
CA LEU TF 35 -118.81 28.84 -21.97
C LEU TF 35 -117.43 29.21 -21.44
N ARG TF 36 -116.44 29.15 -22.31
CA ARG TF 36 -115.06 29.48 -21.98
C ARG TF 36 -114.59 30.64 -22.84
N ARG TF 37 -113.80 31.52 -22.24
CA ARG TF 37 -113.26 32.65 -22.99
C ARG TF 37 -111.77 32.78 -22.70
N SER TF 38 -111.05 33.33 -23.67
CA SER TF 38 -109.66 33.71 -23.52
C SER TF 38 -109.55 35.20 -23.82
N LEU TF 39 -109.29 35.99 -22.79
CA LEU TF 39 -109.29 37.43 -22.98
C LEU TF 39 -108.09 37.87 -23.81
N PRO TF 40 -108.24 38.94 -24.59
CA PRO TF 40 -107.13 39.40 -25.44
C PRO TF 40 -105.94 39.84 -24.61
N VAL TF 41 -104.77 39.32 -24.96
CA VAL TF 41 -103.52 39.71 -24.32
C VAL TF 41 -102.80 40.64 -25.29
N LYS TF 42 -102.64 41.90 -24.89
CA LYS TF 42 -102.06 42.92 -25.75
C LYS TF 42 -100.55 42.78 -25.68
N LYS TF 43 -99.97 42.15 -26.69
CA LYS TF 43 -98.54 41.88 -26.74
C LYS TF 43 -97.94 42.54 -27.98
N GLY TF 44 -96.80 43.19 -27.80
CA GLY TF 44 -96.18 43.91 -28.90
C GLY TF 44 -97.11 45.00 -29.42
N SER TF 45 -97.11 45.19 -30.73
CA SER TF 45 -98.04 46.10 -31.37
C SER TF 45 -99.40 45.46 -31.62
N ASP TF 46 -99.51 44.14 -31.48
CA ASP TF 46 -100.78 43.45 -31.67
C ASP TF 46 -101.62 43.57 -30.41
N ASN TF 47 -102.88 43.94 -30.59
CA ASN TF 47 -103.79 44.11 -29.47
C ASN TF 47 -104.38 42.81 -28.95
N GLY TF 48 -104.10 41.69 -29.60
CA GLY TF 48 -104.59 40.41 -29.14
C GLY TF 48 -105.87 39.98 -29.82
N THR TF 49 -106.40 38.86 -29.35
CA THR TF 49 -107.58 38.25 -29.94
C THR TF 49 -108.48 37.71 -28.84
N MET TF 50 -109.77 37.97 -28.97
CA MET TF 50 -110.77 37.37 -28.09
C MET TF 50 -111.13 35.98 -28.59
N ARG TF 51 -110.94 34.97 -27.76
CA ARG TF 51 -111.33 33.60 -28.07
C ARG TF 51 -112.53 33.21 -27.21
N GLY TF 52 -113.61 32.83 -27.86
CA GLY TF 52 -114.79 32.34 -27.16
C GLY TF 52 -115.14 30.93 -27.58
N ASN TF 53 -115.17 30.00 -26.62
CA ASN TF 53 -115.42 28.60 -26.90
C ASN TF 53 -116.73 28.17 -26.28
N MET TF 54 -117.58 27.53 -27.07
CA MET TF 54 -118.84 26.97 -26.61
C MET TF 54 -118.76 25.45 -26.73
N ASN TF 55 -118.76 24.77 -25.58
CA ASN TF 55 -118.56 23.34 -25.51
C ASN TF 55 -119.87 22.63 -25.18
N PHE TF 56 -120.27 21.68 -26.01
CA PHE TF 56 -121.42 20.83 -25.76
C PHE TF 56 -120.92 19.42 -25.50
N ALA TF 57 -121.27 18.86 -24.35
CA ALA TF 57 -120.88 17.52 -23.98
C ALA TF 57 -122.11 16.70 -23.63
N LYS TF 58 -122.15 15.46 -24.12
CA LYS TF 58 -123.27 14.57 -23.86
C LYS TF 58 -122.79 13.12 -23.84
N SER TF 59 -123.25 12.38 -22.84
CA SER TF 59 -122.95 10.96 -22.74
C SER TF 59 -123.87 10.16 -23.63
N PHE TF 60 -123.32 9.16 -24.31
CA PHE TF 60 -124.07 8.35 -25.24
C PHE TF 60 -123.77 6.87 -25.01
N PRO TF 61 -124.76 6.00 -25.22
CA PRO TF 61 -124.49 4.56 -25.17
C PRO TF 61 -123.59 4.14 -26.33
N ASN TF 62 -122.45 3.54 -25.99
CA ASN TF 62 -121.50 3.01 -26.97
C ASN TF 62 -121.33 1.53 -26.66
N GLY TF 63 -122.21 0.70 -27.23
CA GLY TF 63 -122.21 -0.71 -26.91
C GLY TF 63 -122.56 -0.96 -25.47
N ASP TF 64 -121.59 -1.43 -24.69
CA ASP TF 64 -121.80 -1.69 -23.27
C ASP TF 64 -121.46 -0.50 -22.39
N LYS TF 65 -120.43 0.26 -22.75
CA LYS TF 65 -119.99 1.40 -21.96
C LYS TF 65 -120.62 2.68 -22.51
N LYS TF 66 -120.16 3.82 -22.02
CA LYS TF 66 -120.66 5.12 -22.43
C LYS TF 66 -119.53 5.95 -23.03
N SER TF 67 -119.84 6.67 -24.10
CA SER TF 67 -118.89 7.55 -24.77
C SER TF 67 -119.37 8.99 -24.68
N LEU TF 68 -118.41 9.91 -24.68
CA LEU TF 68 -118.71 11.33 -24.59
C LEU TF 68 -118.62 11.96 -25.98
N VAL TF 69 -119.74 12.49 -26.46
CA VAL TF 69 -119.77 13.21 -27.72
C VAL TF 69 -119.64 14.70 -27.43
N VAL TF 70 -118.67 15.35 -28.08
CA VAL TF 70 -118.34 16.74 -27.80
C VAL TF 70 -118.48 17.55 -29.08
N VAL TF 71 -119.15 18.69 -28.99
CA VAL TF 71 -119.25 19.66 -30.07
C VAL TF 71 -118.70 20.98 -29.55
N ASN TF 72 -117.72 21.54 -30.26
CA ASN TF 72 -117.09 22.78 -29.88
C ASN TF 72 -117.40 23.86 -30.92
N LEU TF 73 -117.76 25.05 -30.45
CA LEU TF 73 -117.92 26.23 -31.29
C LEU TF 73 -116.96 27.29 -30.77
N THR TF 74 -115.96 27.63 -31.57
CA THR TF 74 -114.92 28.57 -31.17
C THR TF 74 -114.87 29.72 -32.16
N ALA TF 75 -114.74 30.94 -31.66
CA ALA TF 75 -114.60 32.14 -32.47
C ALA TF 75 -113.34 32.88 -32.07
N HIS TF 76 -112.62 33.39 -33.07
CA HIS TF 76 -111.41 34.18 -32.85
C HIS TF 76 -111.62 35.56 -33.46
N VAL TF 77 -111.89 36.53 -32.61
CA VAL TF 77 -112.18 37.90 -33.03
C VAL TF 77 -111.01 38.79 -32.61
N PRO TF 78 -110.22 39.31 -33.54
CA PRO TF 78 -109.13 40.22 -33.15
C PRO TF 78 -109.66 41.54 -32.62
N VAL TF 79 -108.90 42.12 -31.69
CA VAL TF 79 -109.26 43.42 -31.14
C VAL TF 79 -109.13 44.50 -32.21
N GLY TF 80 -110.11 45.38 -32.28
CA GLY TF 80 -110.15 46.46 -33.24
C GLY TF 80 -111.16 46.29 -34.33
N VAL TF 81 -111.74 45.11 -34.47
CA VAL TF 81 -112.76 44.85 -35.46
C VAL TF 81 -114.12 45.33 -34.94
N ASP TF 82 -114.96 45.80 -35.85
CA ASP TF 82 -116.30 46.24 -35.47
C ASP TF 82 -117.13 45.03 -35.05
N ALA TF 83 -117.65 45.08 -33.82
CA ALA TF 83 -118.38 43.94 -33.28
C ALA TF 83 -119.74 43.76 -33.96
N THR TF 84 -120.38 44.85 -34.38
CA THR TF 84 -121.64 44.75 -35.09
C THR TF 84 -121.46 44.06 -36.43
N ALA TF 85 -120.36 44.38 -37.13
CA ALA TF 85 -120.10 43.74 -38.42
C ALA TF 85 -119.90 42.24 -38.27
N VAL TF 86 -119.17 41.82 -37.23
CA VAL TF 86 -118.93 40.39 -37.01
C VAL TF 86 -120.23 39.68 -36.66
N ARG TF 87 -121.07 40.31 -35.85
CA ARG TF 87 -122.34 39.69 -35.48
C ARG TF 87 -123.25 39.51 -36.69
N THR TF 88 -123.26 40.49 -37.59
CA THR TF 88 -124.07 40.37 -38.80
C THR TF 88 -123.55 39.26 -39.71
N TRP TF 89 -122.22 39.13 -39.83
CA TRP TF 89 -121.65 38.05 -40.61
C TRP TF 89 -121.95 36.69 -40.00
N MET TF 90 -121.83 36.58 -38.68
CA MET TF 90 -122.08 35.31 -38.01
C MET TF 90 -123.53 34.87 -38.14
N THR TF 91 -124.46 35.81 -38.06
CA THR TF 91 -125.88 35.47 -38.12
C THR TF 91 -126.29 35.02 -39.51
N SER TF 92 -125.85 35.73 -40.55
CA SER TF 92 -126.33 35.49 -41.90
C SER TF 92 -125.50 34.46 -42.66
N GLU TF 93 -124.25 34.24 -42.29
CA GLU TF 93 -123.37 33.38 -43.07
C GLU TF 93 -122.81 32.20 -42.31
N VAL TF 94 -122.45 32.38 -41.04
CA VAL TF 94 -121.88 31.27 -40.27
C VAL TF 94 -122.98 30.37 -39.74
N PHE TF 95 -124.00 30.94 -39.12
CA PHE TF 95 -125.04 30.15 -38.47
C PHE TF 95 -125.81 29.26 -39.45
N PRO TF 96 -126.30 29.75 -40.60
CA PRO TF 96 -127.02 28.85 -41.52
C PRO TF 96 -126.18 27.69 -42.01
N GLY TF 97 -124.89 27.90 -42.27
CA GLY TF 97 -124.05 26.82 -42.75
C GLY TF 97 -123.59 25.87 -41.66
N ALA TF 98 -123.46 26.37 -40.43
CA ALA TF 98 -123.02 25.52 -39.33
C ALA TF 98 -124.11 24.57 -38.85
N THR TF 99 -125.38 24.90 -39.11
CA THR TF 99 -126.49 24.06 -38.69
C THR TF 99 -127.20 23.42 -39.88
N SER TF 100 -126.43 23.02 -40.89
CA SER TF 100 -126.97 22.40 -42.09
C SER TF 100 -126.70 20.90 -42.07
N SER TF 101 -127.14 20.22 -43.12
CA SER TF 101 -126.83 18.81 -43.28
C SER TF 101 -125.34 18.59 -43.53
N VAL TF 102 -124.62 19.62 -43.95
CA VAL TF 102 -123.17 19.50 -44.12
C VAL TF 102 -122.50 19.19 -42.79
N THR TF 103 -122.94 19.84 -41.71
CA THR TF 103 -122.39 19.55 -40.39
C THR TF 103 -122.70 18.11 -39.99
N LEU TF 104 -123.94 17.67 -40.23
CA LEU TF 104 -124.32 16.31 -39.85
C LEU TF 104 -123.57 15.28 -40.68
N ASP TF 105 -123.46 15.51 -42.00
CA ASP TF 105 -122.78 14.55 -42.86
C ASP TF 105 -121.29 14.50 -42.57
N LEU TF 106 -120.69 15.64 -42.20
CA LEU TF 106 -119.28 15.64 -41.84
C LEU TF 106 -119.04 14.90 -40.54
N ALA TF 107 -119.95 15.05 -39.56
CA ALA TF 107 -119.75 14.42 -38.26
C ALA TF 107 -119.86 12.90 -38.34
N THR TF 108 -120.91 12.40 -38.99
CA THR TF 108 -121.23 10.98 -38.95
C THR TF 108 -120.78 10.20 -40.18
N LYS TF 109 -120.34 10.89 -41.24
CA LYS TF 109 -119.87 10.19 -42.43
C LYS TF 109 -118.52 10.65 -42.94
N GLY TF 110 -117.94 11.71 -42.39
CA GLY TF 110 -116.68 12.23 -42.91
C GLY TF 110 -116.78 12.79 -44.30
N VAL TF 111 -117.89 13.39 -44.65
CA VAL TF 111 -118.08 13.96 -45.99
C VAL TF 111 -117.49 15.37 -46.00
N ILE TF 112 -116.46 15.57 -46.84
CA ILE TF 112 -115.86 16.89 -47.02
C ILE TF 112 -116.05 17.42 -48.43
N HIS TF 113 -116.47 16.60 -49.38
CA HIS TF 113 -116.73 17.03 -50.74
C HIS TF 113 -118.22 17.29 -50.91
N LEU TF 114 -118.57 18.54 -51.18
CA LEU TF 114 -119.96 18.95 -51.28
C LEU TF 114 -120.52 18.60 -52.65
N SER TF 115 -121.83 18.41 -52.72
CA SER TF 115 -122.53 18.10 -53.95
C SER TF 115 -124.00 18.49 -53.82
N ASP TF 116 -124.61 18.84 -54.95
CA ASP TF 116 -124.00 19.07 -56.26
C ASP TF 116 -124.61 20.30 -56.93
N ALA TF 117 -125.74 20.75 -56.38
CA ALA TF 117 -126.47 21.87 -56.97
C ALA TF 117 -126.37 23.12 -56.10
N LEU UF 1 -135.44 4.87 24.38
CA LEU UF 1 -134.31 5.50 23.71
C LEU UF 1 -134.68 5.91 22.30
N SER UF 2 -134.83 7.21 22.08
CA SER UF 2 -135.20 7.75 20.79
C SER UF 2 -134.26 8.87 20.38
N ILE UF 3 -133.88 8.87 19.11
CA ILE UF 3 -133.16 9.99 18.50
C ILE UF 3 -134.02 10.47 17.35
N GLY UF 4 -134.85 11.47 17.62
CA GLY UF 4 -135.86 11.90 16.66
C GLY UF 4 -137.08 11.03 16.72
N THR UF 5 -137.41 10.37 15.60
CA THR UF 5 -138.49 9.39 15.56
C THR UF 5 -137.97 7.96 15.53
N LYS UF 6 -136.66 7.77 15.66
CA LYS UF 6 -136.04 6.46 15.56
C LYS UF 6 -135.83 5.87 16.94
N ASN UF 7 -136.20 4.60 17.11
CA ASN UF 7 -135.95 3.87 18.33
C ASN UF 7 -134.61 3.14 18.22
N VAL UF 8 -133.66 3.51 19.07
CA VAL UF 8 -132.30 2.98 19.00
C VAL UF 8 -131.97 2.31 20.33
N SER UF 9 -130.90 1.53 20.31
CA SER UF 9 -130.37 0.89 21.50
C SER UF 9 -128.86 1.07 21.54
N ILE UF 10 -128.30 1.02 22.75
CA ILE UF 10 -126.86 1.17 22.91
C ILE UF 10 -126.16 0.00 22.24
N TYR UF 11 -125.17 0.30 21.42
CA TYR UF 11 -124.39 -0.70 20.70
C TYR UF 11 -122.93 -0.72 21.10
N ARG UF 12 -122.30 0.44 21.24
CA ARG UF 12 -120.92 0.54 21.70
C ARG UF 12 -120.82 1.75 22.61
N ASN UF 13 -120.16 1.57 23.76
CA ASN UF 13 -120.09 2.62 24.77
C ASN UF 13 -118.64 2.82 25.15
N THR UF 14 -118.07 3.94 24.71
CA THR UF 14 -116.70 4.33 25.03
C THR UF 14 -116.71 5.64 25.81
N ALA UF 15 -115.51 6.12 26.14
CA ALA UF 15 -115.40 7.30 26.99
C ALA UF 15 -116.02 8.53 26.34
N ASP UF 16 -115.79 8.72 25.03
CA ASP UF 16 -116.22 9.94 24.36
C ASP UF 16 -117.10 9.66 23.15
N GLU UF 17 -117.61 8.43 23.01
CA GLU UF 17 -118.45 8.09 21.87
C GLU UF 17 -119.37 6.95 22.25
N VAL UF 18 -120.66 7.13 21.97
CA VAL UF 18 -121.66 6.08 22.15
C VAL UF 18 -122.35 5.88 20.82
N ILE UF 19 -122.28 4.65 20.30
CA ILE UF 19 -122.93 4.30 19.03
C ILE UF 19 -124.28 3.68 19.35
N TYR UF 20 -125.33 4.20 18.72
CA TYR UF 20 -126.66 3.65 18.84
C TYR UF 20 -127.08 3.00 17.53
N ALA UF 21 -127.70 1.83 17.63
CA ALA UF 21 -128.08 1.03 16.48
C ALA UF 21 -129.59 1.11 16.26
N GLY UF 22 -129.99 1.31 15.01
CA GLY UF 22 -131.38 1.34 14.66
C GLY UF 22 -131.95 -0.05 14.49
N PRO UF 23 -133.24 -0.13 14.13
CA PRO UF 23 -133.87 -1.46 13.98
C PRO UF 23 -133.23 -2.31 12.89
N ALA UF 24 -132.70 -1.70 11.85
CA ALA UF 24 -132.16 -2.42 10.70
C ALA UF 24 -130.66 -2.68 10.80
N HIS UF 25 -130.06 -2.42 11.95
CA HIS UF 25 -128.63 -2.65 12.14
C HIS UF 25 -128.37 -4.10 12.52
N ASP UF 26 -127.36 -4.69 11.92
CA ASP UF 26 -126.96 -6.08 12.18
C ASP UF 26 -125.51 -6.24 11.74
N VAL UF 27 -125.07 -7.50 11.62
CA VAL UF 27 -123.68 -7.78 11.26
C VAL UF 27 -123.36 -7.33 9.83
N THR UF 28 -124.29 -7.49 8.90
CA THR UF 28 -124.03 -7.17 7.50
C THR UF 28 -124.59 -5.84 7.03
N ASN UF 29 -125.48 -5.22 7.79
CA ASN UF 29 -126.07 -3.94 7.42
C ASN UF 29 -125.78 -2.90 8.50
N VAL UF 30 -125.64 -1.65 8.08
CA VAL UF 30 -125.30 -0.55 8.97
C VAL UF 30 -126.50 0.37 9.10
N ASP UF 31 -126.97 0.55 10.34
CA ASP UF 31 -127.99 1.55 10.67
C ASP UF 31 -127.63 2.08 12.05
N THR UF 32 -126.85 3.16 12.09
CA THR UF 32 -126.30 3.63 13.35
C THR UF 32 -126.38 5.15 13.43
N VAL UF 33 -126.52 5.64 14.66
CA VAL UF 33 -126.36 7.06 14.98
C VAL UF 33 -125.35 7.15 16.11
N SER UF 34 -124.21 7.79 15.84
CA SER UF 34 -123.12 7.87 16.80
C SER UF 34 -123.02 9.28 17.36
N LEU UF 35 -123.01 9.39 18.69
CA LEU UF 35 -122.77 10.65 19.36
C LEU UF 35 -121.32 10.70 19.83
N ARG UF 36 -120.62 11.76 19.47
CA ARG UF 36 -119.21 11.93 19.81
C ARG UF 36 -119.00 13.30 20.42
N ARG UF 37 -117.93 13.44 21.19
CA ARG UF 37 -117.65 14.69 21.87
C ARG UF 37 -116.16 14.85 22.07
N SER UF 38 -115.73 16.10 22.15
CA SER UF 38 -114.36 16.46 22.51
C SER UF 38 -114.44 17.53 23.59
N LEU UF 39 -114.20 17.14 24.83
CA LEU UF 39 -114.36 18.06 25.95
C LEU UF 39 -113.30 19.16 25.92
N PRO UF 40 -113.63 20.35 26.42
CA PRO UF 40 -112.68 21.46 26.37
C PRO UF 40 -111.41 21.15 27.14
N VAL UF 41 -110.29 21.63 26.62
CA VAL UF 41 -108.99 21.49 27.26
C VAL UF 41 -108.49 22.90 27.58
N LYS UF 42 -108.22 23.15 28.86
CA LYS UF 42 -107.81 24.48 29.33
C LYS UF 42 -106.34 24.69 28.98
N LYS UF 43 -106.11 25.01 27.71
CA LYS UF 43 -104.76 25.28 27.21
C LYS UF 43 -104.41 26.73 27.43
N GLY UF 44 -103.44 27.00 28.28
CA GLY UF 44 -103.01 28.35 28.54
C GLY UF 44 -104.15 29.19 29.07
N SER UF 45 -104.34 30.37 28.47
CA SER UF 45 -105.44 31.25 28.84
C SER UF 45 -106.76 30.91 28.16
N ASP UF 46 -106.71 30.19 27.04
CA ASP UF 46 -107.94 29.78 26.37
C ASP UF 46 -108.63 28.69 27.17
N ASN UF 47 -109.93 28.85 27.40
CA ASN UF 47 -110.70 27.85 28.13
C ASN UF 47 -111.05 26.64 27.28
N GLY UF 48 -110.76 26.66 25.99
CA GLY UF 48 -111.03 25.53 25.14
C GLY UF 48 -112.30 25.67 24.35
N THR UF 49 -112.62 24.60 23.63
CA THR UF 49 -113.80 24.54 22.78
C THR UF 49 -114.54 23.24 23.04
N MET UF 50 -115.86 23.28 22.97
CA MET UF 50 -116.69 22.10 23.08
C MET UF 50 -117.09 21.64 21.69
N ARG UF 51 -116.68 20.44 21.31
CA ARG UF 51 -116.98 19.88 20.00
C ARG UF 51 -117.93 18.70 20.17
N GLY UF 52 -119.06 18.76 19.47
CA GLY UF 52 -120.02 17.68 19.48
C GLY UF 52 -120.30 17.22 18.05
N ASN UF 53 -120.24 15.91 17.85
CA ASN UF 53 -120.43 15.32 16.53
C ASN UF 53 -121.58 14.31 16.58
N MET UF 54 -122.52 14.46 15.66
CA MET UF 54 -123.59 13.50 15.47
C MET UF 54 -123.40 12.84 14.11
N ASN UF 55 -123.20 11.52 14.11
CA ASN UF 55 -122.90 10.78 12.90
C ASN UF 55 -124.07 9.87 12.53
N PHE UF 56 -124.52 9.97 11.29
CA PHE UF 56 -125.57 9.11 10.76
C PHE UF 56 -124.97 8.24 9.67
N ALA UF 57 -125.16 6.93 9.79
CA ALA UF 57 -124.61 5.99 8.81
C ALA UF 57 -125.69 4.99 8.43
N LYS UF 58 -125.81 4.72 7.13
CA LYS UF 58 -126.73 3.71 6.65
C LYS UF 58 -126.15 3.03 5.42
N SER UF 59 -126.40 1.73 5.31
CA SER UF 59 -126.01 0.97 4.14
C SER UF 59 -127.10 1.04 3.07
N PHE UF 60 -126.67 1.17 1.82
CA PHE UF 60 -127.59 1.34 0.70
C PHE UF 60 -127.20 0.42 -0.44
N PRO UF 61 -128.16 -0.08 -1.20
CA PRO UF 61 -127.83 -0.87 -2.39
C PRO UF 61 -127.10 -0.02 -3.42
N ASN UF 62 -125.91 -0.50 -3.82
CA ASN UF 62 -125.09 0.18 -4.82
C ASN UF 62 -124.74 -0.86 -5.88
N GLY UF 63 -125.63 -1.02 -6.86
CA GLY UF 63 -125.43 -2.03 -7.89
C GLY UF 63 -125.34 -3.43 -7.31
N ASP UF 64 -124.14 -4.01 -7.36
CA ASP UF 64 -123.94 -5.35 -6.83
C ASP UF 64 -123.65 -5.33 -5.33
N LYS UF 65 -122.88 -4.34 -4.87
CA LYS UF 65 -122.46 -4.28 -3.48
C LYS UF 65 -123.34 -3.29 -2.72
N LYS UF 66 -123.00 -3.07 -1.45
CA LYS UF 66 -123.72 -2.13 -0.58
C LYS UF 66 -122.78 -1.01 -0.19
N SER UF 67 -123.21 0.23 -0.40
CA SER UF 67 -122.40 1.39 -0.08
C SER UF 67 -122.95 2.11 1.15
N LEU UF 68 -122.07 2.81 1.84
CA LEU UF 68 -122.40 3.48 3.10
C LEU UF 68 -122.58 4.97 2.86
N VAL UF 69 -123.75 5.49 3.24
CA VAL UF 69 -124.04 6.91 3.19
C VAL UF 69 -123.91 7.47 4.61
N VAL UF 70 -123.12 8.53 4.75
CA VAL UF 70 -122.81 9.10 6.06
C VAL UF 70 -123.19 10.57 6.06
N VAL UF 71 -123.98 10.98 7.06
CA VAL UF 71 -124.31 12.38 7.28
C VAL UF 71 -123.73 12.78 8.64
N ASN UF 72 -122.89 13.81 8.63
CA ASN UF 72 -122.26 14.31 9.84
C ASN UF 72 -122.87 15.64 10.25
N LEU UF 73 -122.84 15.91 11.55
CA LEU UF 73 -123.27 17.20 12.10
C LEU UF 73 -122.35 17.51 13.26
N THR UF 74 -121.46 18.49 13.07
CA THR UF 74 -120.48 18.86 14.08
C THR UF 74 -120.68 20.31 14.49
N ALA UF 75 -120.65 20.56 15.79
CA ALA UF 75 -120.78 21.90 16.35
C ALA UF 75 -119.53 22.24 17.14
N HIS UF 76 -119.06 23.48 17.00
CA HIS UF 76 -117.91 23.98 17.73
C HIS UF 76 -118.37 25.18 18.55
N VAL UF 77 -118.39 25.02 19.88
CA VAL UF 77 -118.84 26.07 20.78
C VAL UF 77 -117.71 26.43 21.73
N PRO UF 78 -117.09 27.59 21.58
CA PRO UF 78 -116.01 27.98 22.51
C PRO UF 78 -116.54 28.18 23.92
N VAL UF 79 -115.70 27.88 24.90
CA VAL UF 79 -116.10 28.00 26.30
C VAL UF 79 -116.19 29.48 26.66
N GLY UF 80 -117.29 29.84 27.34
CA GLY UF 80 -117.57 31.21 27.73
C GLY UF 80 -118.73 31.82 26.99
N VAL UF 81 -118.96 31.39 25.75
CA VAL UF 81 -120.11 31.84 24.99
C VAL UF 81 -121.39 31.39 25.70
N ASP UF 82 -122.36 32.29 25.79
CA ASP UF 82 -123.62 31.97 26.46
C ASP UF 82 -124.31 30.81 25.74
N ALA UF 83 -124.67 29.78 26.50
CA ALA UF 83 -125.25 28.58 25.92
C ALA UF 83 -126.64 28.84 25.36
N THR UF 84 -127.43 29.68 26.05
CA THR UF 84 -128.79 29.95 25.61
C THR UF 84 -128.80 30.67 24.27
N ALA UF 85 -127.85 31.58 24.05
CA ALA UF 85 -127.78 32.28 22.78
C ALA UF 85 -127.47 31.33 21.62
N VAL UF 86 -126.61 30.35 21.86
CA VAL UF 86 -126.28 29.37 20.83
C VAL UF 86 -127.49 28.50 20.51
N ARG UF 87 -128.27 28.15 21.53
CA ARG UF 87 -129.37 27.21 21.33
C ARG UF 87 -130.53 27.86 20.59
N THR UF 88 -130.78 29.15 20.81
CA THR UF 88 -131.80 29.84 20.04
C THR UF 88 -131.31 30.15 18.63
N TRP UF 89 -129.99 30.34 18.47
CA TRP UF 89 -129.43 30.49 17.12
C TRP UF 89 -129.59 29.20 16.31
N MET UF 90 -129.31 28.06 16.94
CA MET UF 90 -129.42 26.79 16.23
C MET UF 90 -130.88 26.47 15.89
N THR UF 91 -131.78 26.67 16.86
CA THR UF 91 -133.17 26.30 16.66
C THR UF 91 -133.84 27.14 15.57
N SER UF 92 -133.51 28.43 15.51
CA SER UF 92 -134.17 29.35 14.60
C SER UF 92 -133.40 29.60 13.31
N GLU UF 93 -132.08 29.61 13.36
CA GLU UF 93 -131.26 29.99 12.21
C GLU UF 93 -130.53 28.83 11.55
N VAL UF 94 -130.13 27.82 12.31
CA VAL UF 94 -129.34 26.74 11.74
C VAL UF 94 -130.23 25.57 11.32
N PHE UF 95 -131.08 25.11 12.23
CA PHE UF 95 -131.91 23.92 12.01
C PHE UF 95 -132.88 24.08 10.83
N PRO UF 96 -133.62 25.19 10.71
CA PRO UF 96 -134.51 25.32 9.53
C PRO UF 96 -133.77 25.30 8.21
N GLY UF 97 -132.57 25.89 8.15
CA GLY UF 97 -131.80 25.86 6.91
C GLY UF 97 -131.08 24.56 6.67
N ALA UF 98 -130.76 23.82 7.73
CA ALA UF 98 -130.03 22.56 7.60
C ALA UF 98 -130.93 21.40 7.19
N THR UF 99 -132.25 21.57 7.23
CA THR UF 99 -133.19 20.50 6.88
C THR UF 99 -134.06 20.87 5.68
N SER UF 100 -133.66 21.89 4.92
CA SER UF 100 -134.44 22.34 3.77
C SER UF 100 -134.06 21.53 2.54
N SER UF 101 -134.63 21.89 1.39
CA SER UF 101 -134.27 21.23 0.14
C SER UF 101 -132.85 21.54 -0.30
N VAL UF 102 -132.25 22.60 0.25
CA VAL UF 102 -130.87 22.95 -0.11
C VAL UF 102 -129.93 21.83 0.30
N THR UF 103 -130.11 21.28 1.50
CA THR UF 103 -129.28 20.17 1.94
C THR UF 103 -129.45 18.94 1.05
N LEU UF 104 -130.69 18.67 0.63
CA LEU UF 104 -130.94 17.51 -0.22
C LEU UF 104 -130.26 17.64 -1.57
N ASP UF 105 -130.34 18.82 -2.19
CA ASP UF 105 -129.69 19.02 -3.48
C ASP UF 105 -128.16 19.02 -3.32
N LEU UF 106 -127.66 19.61 -2.25
CA LEU UF 106 -126.22 19.63 -2.01
C LEU UF 106 -125.66 18.24 -1.79
N ALA UF 107 -126.41 17.38 -1.10
CA ALA UF 107 -125.93 16.03 -0.80
C ALA UF 107 -125.95 15.13 -2.03
N THR UF 108 -127.00 15.23 -2.85
CA THR UF 108 -127.17 14.31 -3.96
C THR UF 108 -126.65 14.85 -5.28
N LYS UF 109 -126.68 16.18 -5.48
CA LYS UF 109 -126.26 16.77 -6.73
C LYS UF 109 -125.17 17.81 -6.60
N GLY UF 110 -124.71 18.13 -5.38
CA GLY UF 110 -123.65 19.11 -5.21
C GLY UF 110 -124.02 20.51 -5.61
N VAL UF 111 -125.27 20.92 -5.38
CA VAL UF 111 -125.72 22.25 -5.78
C VAL UF 111 -125.31 23.25 -4.71
N ILE UF 112 -124.57 24.28 -5.11
CA ILE UF 112 -124.10 25.31 -4.18
C ILE UF 112 -124.67 26.68 -4.51
N HIS UF 113 -125.45 26.81 -5.57
CA HIS UF 113 -126.09 28.07 -5.95
C HIS UF 113 -127.59 27.93 -5.74
N LEU UF 114 -128.12 28.61 -4.72
CA LEU UF 114 -129.54 28.51 -4.39
C LEU UF 114 -130.30 29.71 -4.94
N SER UF 115 -130.49 29.71 -6.26
CA SER UF 115 -131.25 30.74 -6.93
C SER UF 115 -132.73 30.38 -6.96
N ASP UF 116 -133.59 31.39 -6.86
CA ASP UF 116 -133.23 32.78 -6.62
C ASP UF 116 -134.13 33.39 -5.54
N ALA UF 117 -135.31 32.79 -5.37
CA ALA UF 117 -136.28 33.28 -4.40
C ALA UF 117 -135.86 32.92 -2.98
N LEU VF 1 6.02 -60.77 123.17
CA LEU VF 1 6.80 -60.10 122.14
C LEU VF 1 7.79 -59.11 122.75
N SER VF 2 9.08 -59.35 122.53
CA SER VF 2 10.12 -58.50 123.07
C SER VF 2 11.24 -58.35 122.06
N ILE VF 3 11.92 -57.21 122.12
CA ILE VF 3 13.10 -56.93 121.32
C ILE VF 3 14.18 -56.51 122.32
N GLY VF 4 15.03 -57.44 122.72
CA GLY VF 4 15.93 -57.20 123.82
C GLY VF 4 15.18 -57.21 125.14
N THR VF 5 15.19 -56.08 125.85
CA THR VF 5 14.48 -55.95 127.10
C THR VF 5 13.22 -55.08 126.98
N LYS VF 6 12.80 -54.75 125.77
CA LYS VF 6 11.66 -53.89 125.54
C LYS VF 6 10.47 -54.71 125.02
N ASN VF 7 9.32 -54.53 125.65
CA ASN VF 7 8.09 -55.17 125.21
C ASN VF 7 7.47 -54.38 124.07
N VAL VF 8 7.13 -55.07 122.99
CA VAL VF 8 6.57 -54.43 121.80
C VAL VF 8 5.32 -55.19 121.38
N SER VF 9 4.57 -54.57 120.47
CA SER VF 9 3.36 -55.17 119.92
C SER VF 9 3.35 -54.95 118.42
N ILE VF 10 2.75 -55.91 117.69
CA ILE VF 10 2.56 -55.74 116.26
C ILE VF 10 1.76 -54.47 116.00
N TYR VF 11 2.30 -53.60 115.14
CA TYR VF 11 1.66 -52.34 114.81
C TYR VF 11 1.34 -52.21 113.33
N ARG VF 12 2.29 -52.50 112.45
CA ARG VF 12 2.06 -52.47 111.02
C ARG VF 12 2.74 -53.67 110.37
N ASN VF 13 2.02 -54.32 109.47
CA ASN VF 13 2.49 -55.52 108.81
C ASN VF 13 2.43 -55.32 107.30
N THR VF 14 3.55 -55.54 106.63
CA THR VF 14 3.58 -55.58 105.17
C THR VF 14 4.30 -56.83 104.70
N ALA VF 15 4.47 -56.99 103.39
CA ALA VF 15 5.08 -58.21 102.87
C ALA VF 15 6.52 -58.38 103.36
N ASP VF 16 7.30 -57.30 103.35
CA ASP VF 16 8.71 -57.38 103.69
C ASP VF 16 9.11 -56.48 104.86
N GLU VF 17 8.14 -55.86 105.54
CA GLU VF 17 8.46 -54.99 106.65
C GLU VF 17 7.40 -55.12 107.73
N VAL VF 18 7.84 -55.26 108.97
CA VAL VF 18 6.96 -55.29 110.13
C VAL VF 18 7.42 -54.21 111.09
N ILE VF 19 6.47 -53.36 111.51
CA ILE VF 19 6.73 -52.31 112.49
C ILE VF 19 6.14 -52.73 113.82
N TYR VF 20 6.95 -52.65 114.88
CA TYR VF 20 6.50 -52.92 116.24
C TYR VF 20 6.48 -51.61 117.02
N ALA VF 21 5.52 -51.49 117.94
CA ALA VF 21 5.33 -50.28 118.71
C ALA VF 21 5.71 -50.51 120.16
N GLY VF 22 6.45 -49.58 120.73
CA GLY VF 22 6.84 -49.65 122.12
C GLY VF 22 5.75 -49.14 123.04
N PRO VF 23 5.99 -49.21 124.36
CA PRO VF 23 4.96 -48.78 125.32
C PRO VF 23 4.65 -47.30 125.25
N ALA VF 24 5.55 -46.47 124.71
CA ALA VF 24 5.37 -45.03 124.69
C ALA VF 24 4.86 -44.51 123.35
N HIS VF 25 4.52 -45.39 122.42
CA HIS VF 25 4.07 -44.96 121.10
C HIS VF 25 2.59 -44.60 121.13
N ASP VF 26 2.27 -43.40 120.68
CA ASP VF 26 0.89 -42.95 120.54
C ASP VF 26 0.83 -41.94 119.41
N VAL VF 27 -0.26 -41.16 119.36
CA VAL VF 27 -0.48 -40.18 118.31
C VAL VF 27 0.56 -39.06 118.37
N THR VF 28 1.12 -38.83 119.56
CA THR VF 28 2.04 -37.71 119.75
C THR VF 28 3.50 -38.13 119.88
N ASN VF 29 3.78 -39.33 120.38
CA ASN VF 29 5.15 -39.75 120.63
C ASN VF 29 5.46 -41.00 119.81
N VAL VF 30 6.64 -41.01 119.19
CA VAL VF 30 7.09 -42.14 118.38
C VAL VF 30 7.97 -43.04 119.24
N ASP VF 31 7.64 -44.33 119.27
CA ASP VF 31 8.48 -45.34 119.91
C ASP VF 31 8.25 -46.64 119.13
N THR VF 32 9.10 -46.88 118.13
CA THR VF 32 8.89 -47.99 117.22
C THR VF 32 10.21 -48.68 116.90
N VAL VF 33 10.12 -49.97 116.63
CA VAL VF 33 11.22 -50.76 116.08
C VAL VF 33 10.68 -51.47 114.84
N SER VF 34 11.37 -51.30 113.72
CA SER VF 34 10.95 -51.84 112.44
C SER VF 34 11.93 -52.89 111.94
N LEU VF 35 11.40 -54.00 111.46
CA LEU VF 35 12.19 -55.08 110.89
C LEU VF 35 11.87 -55.18 109.40
N ARG VF 36 12.88 -54.99 108.56
CA ARG VF 36 12.69 -55.01 107.11
C ARG VF 36 13.71 -55.96 106.49
N ARG VF 37 13.27 -56.68 105.46
CA ARG VF 37 14.11 -57.62 104.75
C ARG VF 37 14.07 -57.33 103.26
N SER VF 38 15.20 -57.58 102.60
CA SER VF 38 15.31 -57.52 101.15
C SER VF 38 15.80 -58.89 100.70
N LEU VF 39 14.88 -59.76 100.32
CA LEU VF 39 15.25 -61.12 99.96
C LEU VF 39 16.09 -61.13 98.69
N PRO VF 40 17.06 -62.04 98.59
CA PRO VF 40 17.93 -62.05 97.42
C PRO VF 40 17.17 -62.36 96.14
N VAL VF 41 17.59 -61.70 95.06
CA VAL VF 41 17.14 -62.03 93.71
C VAL VF 41 18.34 -62.61 92.98
N LYS VF 42 18.17 -63.82 92.44
CA LYS VF 42 19.29 -64.55 91.83
C LYS VF 42 19.25 -64.34 90.32
N LYS VF 43 19.43 -63.08 89.93
CA LYS VF 43 19.48 -62.71 88.52
C LYS VF 43 20.78 -63.21 87.89
N GLY VF 44 20.68 -63.60 86.62
CA GLY VF 44 21.81 -64.13 85.89
C GLY VF 44 22.51 -65.27 86.60
N SER VF 45 23.78 -65.07 86.95
CA SER VF 45 24.54 -66.05 87.70
C SER VF 45 24.74 -65.68 89.16
N ASP VF 46 24.74 -64.39 89.49
CA ASP VF 46 24.89 -63.96 90.86
C ASP VF 46 23.65 -64.34 91.67
N ASN VF 47 23.86 -64.89 92.86
CA ASN VF 47 22.77 -65.34 93.70
C ASN VF 47 22.15 -64.21 94.52
N GLY VF 48 22.67 -62.99 94.40
CA GLY VF 48 22.10 -61.86 95.09
C GLY VF 48 22.55 -61.75 96.54
N THR VF 49 21.99 -60.76 97.22
CA THR VF 49 22.35 -60.43 98.59
C THR VF 49 21.12 -60.42 99.47
N MET VF 50 21.27 -60.91 100.70
CA MET VF 50 20.21 -60.82 101.70
C MET VF 50 20.46 -59.58 102.55
N ARG VF 51 19.50 -58.67 102.57
CA ARG VF 51 19.62 -57.41 103.28
C ARG VF 51 18.59 -57.35 104.39
N GLY VF 52 19.06 -57.31 105.63
CA GLY VF 52 18.17 -57.20 106.78
C GLY VF 52 18.39 -55.91 107.54
N ASN VF 53 17.36 -55.08 107.63
CA ASN VF 53 17.45 -53.78 108.26
C ASN VF 53 16.56 -53.74 109.50
N MET VF 54 17.14 -53.30 110.63
CA MET VF 54 16.40 -53.08 111.85
C MET VF 54 16.43 -51.59 112.19
N ASN VF 55 15.25 -51.00 112.39
CA ASN VF 55 15.10 -49.57 112.54
C ASN VF 55 14.64 -49.24 113.95
N PHE VF 56 15.24 -48.23 114.56
CA PHE VF 56 14.81 -47.71 115.86
C PHE VF 56 14.46 -46.25 115.70
N ALA VF 57 13.25 -45.87 116.14
CA ALA VF 57 12.77 -44.51 116.00
C ALA VF 57 12.22 -44.04 117.34
N LYS VF 58 12.57 -42.81 117.72
CA LYS VF 58 12.10 -42.24 118.99
C LYS VF 58 12.01 -40.74 118.85
N SER VF 59 10.86 -40.18 119.21
CA SER VF 59 10.70 -38.74 119.25
C SER VF 59 11.36 -38.17 120.50
N PHE VF 60 11.99 -37.00 120.33
CA PHE VF 60 12.72 -36.36 121.42
C PHE VF 60 12.33 -34.89 121.47
N PRO VF 61 12.37 -34.29 122.66
CA PRO VF 61 12.12 -32.83 122.76
C PRO VF 61 13.23 -32.04 122.08
N ASN VF 62 12.85 -31.15 121.17
CA ASN VF 62 13.78 -30.30 120.45
C ASN VF 62 13.21 -28.88 120.49
N GLY VF 63 13.55 -28.14 121.54
CA GLY VF 63 12.98 -26.83 121.73
C GLY VF 63 11.48 -26.95 121.97
N ASP VF 64 10.71 -26.20 121.19
CA ASP VF 64 9.25 -26.26 121.29
C ASP VF 64 8.64 -27.42 120.52
N LYS VF 65 9.32 -27.89 119.47
CA LYS VF 65 8.82 -28.98 118.64
C LYS VF 65 9.40 -30.31 119.10
N LYS VF 66 9.18 -31.34 118.29
CA LYS VF 66 9.70 -32.68 118.55
C LYS VF 66 10.53 -33.14 117.36
N SER VF 67 11.59 -33.89 117.64
CA SER VF 67 12.50 -34.36 116.62
C SER VF 67 12.62 -35.88 116.68
N LEU VF 68 12.75 -36.50 115.51
CA LEU VF 68 12.84 -37.94 115.41
C LEU VF 68 14.31 -38.35 115.32
N VAL VF 69 14.75 -39.17 116.26
CA VAL VF 69 16.08 -39.78 116.24
C VAL VF 69 15.94 -41.20 115.75
N VAL VF 70 16.68 -41.54 114.69
CA VAL VF 70 16.57 -42.85 114.03
C VAL VF 70 17.92 -43.53 114.09
N VAL VF 71 17.93 -44.80 114.50
CA VAL VF 71 19.12 -45.63 114.50
C VAL VF 71 18.87 -46.83 113.59
N ASN VF 72 19.74 -47.03 112.62
CA ASN VF 72 19.61 -48.10 111.64
C ASN VF 72 20.73 -49.11 111.82
N LEU VF 73 20.38 -50.40 111.72
CA LEU VF 73 21.36 -51.48 111.74
C LEU VF 73 21.03 -52.43 110.60
N THR VF 74 21.90 -52.46 109.58
CA THR VF 74 21.66 -53.22 108.36
C THR VF 74 22.78 -54.22 108.14
N ALA VF 75 22.41 -55.43 107.75
CA ALA VF 75 23.37 -56.49 107.44
C ALA VF 75 23.26 -56.84 105.95
N HIS VF 76 24.40 -56.93 105.28
CA HIS VF 76 24.48 -57.30 103.87
C HIS VF 76 25.25 -58.61 103.78
N VAL VF 77 24.52 -59.71 103.61
CA VAL VF 77 25.11 -61.05 103.58
C VAL VF 77 24.90 -61.62 102.18
N PRO VF 78 25.96 -61.76 101.37
CA PRO VF 78 25.80 -62.40 100.06
C PRO VF 78 25.42 -63.86 100.19
N VAL VF 79 24.65 -64.34 99.21
CA VAL VF 79 24.17 -65.72 99.24
C VAL VF 79 25.34 -66.67 98.96
N GLY VF 80 25.46 -67.71 99.79
CA GLY VF 80 26.54 -68.67 99.70
C GLY VF 80 27.47 -68.64 100.90
N VAL VF 81 27.54 -67.50 101.58
CA VAL VF 81 28.35 -67.38 102.79
C VAL VF 81 27.72 -68.20 103.91
N ASP VF 82 28.56 -68.92 104.65
CA ASP VF 82 28.07 -69.72 105.76
C ASP VF 82 27.41 -68.84 106.81
N ALA VF 83 26.15 -69.15 107.12
CA ALA VF 83 25.40 -68.37 108.11
C ALA VF 83 26.03 -68.48 109.49
N THR VF 84 26.51 -69.68 109.85
CA THR VF 84 27.13 -69.87 111.16
C THR VF 84 28.40 -69.04 111.29
N ALA VF 85 29.19 -68.96 110.23
CA ALA VF 85 30.40 -68.15 110.28
C ALA VF 85 30.07 -66.66 110.40
N VAL VF 86 28.98 -66.23 109.76
CA VAL VF 86 28.59 -64.83 109.85
C VAL VF 86 28.07 -64.49 111.24
N ARG VF 87 27.26 -65.38 111.82
CA ARG VF 87 26.68 -65.13 113.13
C ARG VF 87 27.77 -65.05 114.20
N THR VF 88 28.80 -65.89 114.10
CA THR VF 88 29.91 -65.81 115.03
C THR VF 88 30.68 -64.50 114.89
N TRP VF 89 30.89 -64.05 113.65
CA TRP VF 89 31.56 -62.77 113.43
C TRP VF 89 30.73 -61.61 113.97
N MET VF 90 29.42 -61.63 113.75
CA MET VF 90 28.56 -60.56 114.25
C MET VF 90 28.55 -60.51 115.78
N THR VF 91 28.48 -61.67 116.42
CA THR VF 91 28.37 -61.72 117.87
C THR VF 91 29.68 -61.34 118.57
N SER VF 92 30.82 -61.79 118.03
CA SER VF 92 32.09 -61.60 118.70
C SER VF 92 32.82 -60.33 118.29
N GLU VF 93 32.55 -59.80 117.10
CA GLU VF 93 33.27 -58.63 116.61
C GLU VF 93 32.37 -57.42 116.39
N VAL VF 94 31.23 -57.58 115.73
CA VAL VF 94 30.39 -56.44 115.41
C VAL VF 94 29.60 -55.99 116.63
N PHE VF 95 28.95 -56.92 117.31
CA PHE VF 95 28.06 -56.55 118.43
C PHE VF 95 28.79 -55.84 119.55
N PRO VF 96 29.95 -56.32 120.05
CA PRO VF 96 30.65 -55.53 121.09
C PRO VF 96 31.10 -54.17 120.61
N GLY VF 97 31.48 -54.03 119.34
CA GLY VF 97 31.93 -52.74 118.86
C GLY VF 97 30.80 -51.78 118.53
N ALA VF 98 29.63 -52.30 118.18
CA ALA VF 98 28.48 -51.48 117.84
C ALA VF 98 27.69 -51.03 119.06
N THR VF 99 28.07 -51.47 120.25
CA THR VF 99 27.41 -51.05 121.49
C THR VF 99 28.39 -50.39 122.45
N SER VF 100 29.57 -50.02 121.97
CA SER VF 100 30.57 -49.38 122.80
C SER VF 100 30.34 -47.87 122.85
N SER VF 101 31.18 -47.19 123.63
CA SER VF 101 31.13 -45.72 123.67
C SER VF 101 31.52 -45.11 122.34
N VAL VF 102 32.20 -45.86 121.48
CA VAL VF 102 32.55 -45.36 120.15
C VAL VF 102 31.29 -45.05 119.35
N THR VF 103 30.31 -45.95 119.39
CA THR VF 103 29.03 -45.69 118.73
C THR VF 103 28.32 -44.50 119.34
N LEU VF 104 28.32 -44.41 120.67
CA LEU VF 104 27.65 -43.31 121.34
C LEU VF 104 28.28 -41.97 120.99
N ASP VF 105 29.61 -41.92 120.91
CA ASP VF 105 30.30 -40.66 120.60
C ASP VF 105 30.09 -40.27 119.14
N LEU VF 106 30.05 -41.25 118.24
CA LEU VF 106 29.85 -40.93 116.83
C LEU VF 106 28.45 -40.39 116.58
N ALA VF 107 27.45 -40.97 117.24
CA ALA VF 107 26.07 -40.57 116.99
C ALA VF 107 25.76 -39.18 117.54
N THR VF 108 26.23 -38.88 118.75
CA THR VF 108 25.85 -37.65 119.43
C THR VF 108 26.91 -36.55 119.34
N LYS VF 109 28.14 -36.88 118.96
CA LYS VF 109 29.19 -35.88 118.86
C LYS VF 109 29.91 -35.90 117.52
N GLY VF 110 29.65 -36.89 116.66
CA GLY VF 110 30.35 -36.98 115.40
C GLY VF 110 31.83 -37.28 115.54
N VAL VF 111 32.21 -38.11 116.51
CA VAL VF 111 33.62 -38.41 116.74
C VAL VF 111 34.01 -39.62 115.90
N ILE VF 112 34.98 -39.42 115.01
CA ILE VF 112 35.50 -40.48 114.14
C ILE VF 112 36.94 -40.85 114.47
N HIS VF 113 37.54 -40.22 115.46
CA HIS VF 113 38.90 -40.53 115.91
C HIS VF 113 38.82 -41.11 117.32
N LEU VF 114 39.11 -42.41 117.45
CA LEU VF 114 39.08 -43.06 118.77
C LEU VF 114 40.49 -43.13 119.33
N SER VF 115 41.01 -41.98 119.73
CA SER VF 115 42.27 -41.91 120.44
C SER VF 115 42.04 -42.13 121.94
N ASP VF 116 43.04 -42.71 122.59
CA ASP VF 116 44.28 -43.26 122.05
C ASP VF 116 44.60 -44.60 122.69
N ALA VF 117 43.86 -44.93 123.76
CA ALA VF 117 44.08 -46.16 124.51
C ALA VF 117 43.85 -47.40 123.64
N LEU WF 1 44.53 -48.42 120.49
CA LEU WF 1 43.39 -48.19 119.61
C LEU WF 1 42.55 -49.46 119.47
N SER WF 2 41.37 -49.44 120.06
CA SER WF 2 40.48 -50.59 120.05
C SER WF 2 39.05 -50.14 119.83
N ILE WF 3 38.30 -50.94 119.07
CA ILE WF 3 36.86 -50.75 118.88
C ILE WF 3 36.19 -51.99 119.43
N GLY WF 4 35.42 -51.83 120.51
CA GLY WF 4 34.86 -52.97 121.20
C GLY WF 4 35.94 -53.84 121.79
N THR WF 5 35.98 -55.11 121.41
CA THR WF 5 37.02 -56.03 121.85
C THR WF 5 38.12 -56.23 120.81
N LYS WF 6 38.03 -55.55 119.67
CA LYS WF 6 38.96 -55.73 118.57
C LYS WF 6 39.98 -54.59 118.55
N ASN WF 7 41.26 -54.95 118.58
CA ASN WF 7 42.31 -53.96 118.39
C ASN WF 7 42.41 -53.60 116.91
N VAL WF 8 42.46 -52.29 116.62
CA VAL WF 8 42.51 -51.80 115.26
C VAL WF 8 43.63 -50.77 115.16
N SER WF 9 43.96 -50.41 113.92
CA SER WF 9 44.92 -49.37 113.63
C SER WF 9 44.37 -48.49 112.52
N ILE WF 10 44.84 -47.24 112.49
CA ILE WF 10 44.40 -46.30 111.47
C ILE WF 10 44.90 -46.77 110.11
N TYR WF 11 43.97 -46.90 109.16
CA TYR WF 11 44.28 -47.37 107.82
C TYR WF 11 44.16 -46.26 106.77
N ARG WF 12 43.05 -45.54 106.77
CA ARG WF 12 42.87 -44.39 105.88
C ARG WF 12 42.13 -43.31 106.64
N ASN WF 13 42.47 -42.06 106.37
CA ASN WF 13 41.98 -40.93 107.15
C ASN WF 13 41.64 -39.79 106.20
N THR WF 14 40.34 -39.55 106.02
CA THR WF 14 39.84 -38.39 105.28
C THR WF 14 39.21 -37.40 106.27
N ALA WF 15 38.62 -36.34 105.72
CA ALA WF 15 38.08 -35.28 106.56
C ALA WF 15 36.92 -35.77 107.41
N ASP WF 16 35.99 -36.53 106.82
CA ASP WF 16 34.80 -36.99 107.52
C ASP WF 16 34.69 -38.50 107.60
N GLU WF 17 35.78 -39.22 107.30
CA GLU WF 17 35.77 -40.67 107.42
C GLU WF 17 37.17 -41.14 107.79
N VAL WF 18 37.24 -42.01 108.79
CA VAL WF 18 38.48 -42.69 109.17
C VAL WF 18 38.23 -44.18 109.09
N ILE WF 19 38.99 -44.86 108.24
CA ILE WF 19 38.89 -46.31 108.10
C ILE WF 19 39.96 -46.93 108.99
N TYR WF 20 39.55 -47.88 109.83
CA TYR WF 20 40.45 -48.62 110.68
C TYR WF 20 40.54 -50.06 110.18
N ALA WF 21 41.69 -50.68 110.42
CA ALA WF 21 41.98 -52.01 109.92
C ALA WF 21 42.14 -52.98 111.08
N GLY WF 22 41.52 -54.15 110.96
CA GLY WF 22 41.68 -55.19 111.93
C GLY WF 22 43.05 -55.83 111.83
N PRO WF 23 43.40 -56.68 112.79
CA PRO WF 23 44.73 -57.32 112.76
C PRO WF 23 44.93 -58.18 111.53
N ALA WF 24 43.87 -58.78 110.99
CA ALA WF 24 43.98 -59.66 109.84
C ALA WF 24 43.88 -58.94 108.51
N HIS WF 25 43.54 -57.65 108.51
CA HIS WF 25 43.36 -56.92 107.26
C HIS WF 25 44.63 -56.92 106.44
N ASP WF 26 44.49 -57.16 105.13
CA ASP WF 26 45.63 -57.23 104.23
C ASP WF 26 45.14 -56.90 102.83
N VAL WF 27 46.00 -57.17 101.83
CA VAL WF 27 45.68 -56.83 100.44
C VAL WF 27 44.64 -57.75 99.82
N THR WF 28 44.37 -58.90 100.42
CA THR WF 28 43.37 -59.83 99.90
C THR WF 28 42.22 -60.11 100.87
N ASN WF 29 42.41 -59.91 102.16
CA ASN WF 29 41.36 -60.10 103.16
C ASN WF 29 40.94 -58.74 103.70
N VAL WF 30 39.65 -58.47 103.69
CA VAL WF 30 39.12 -57.21 104.22
C VAL WF 30 38.68 -57.43 105.65
N ASP WF 31 39.23 -56.64 106.57
CA ASP WF 31 38.79 -56.60 107.96
C ASP WF 31 38.91 -55.14 108.40
N THR WF 32 37.84 -54.37 108.23
CA THR WF 32 37.87 -52.94 108.45
C THR WF 32 36.65 -52.49 109.23
N VAL WF 33 36.84 -51.43 110.03
CA VAL WF 33 35.75 -50.71 110.68
C VAL WF 33 35.86 -49.26 110.25
N SER WF 34 34.84 -48.77 109.55
CA SER WF 34 34.82 -47.39 109.08
C SER WF 34 33.94 -46.53 109.97
N LEU WF 35 34.45 -45.36 110.33
CA LEU WF 35 33.67 -44.35 111.05
C LEU WF 35 33.49 -43.16 110.12
N ARG WF 36 32.26 -42.98 109.64
CA ARG WF 36 31.92 -41.89 108.74
C ARG WF 36 30.88 -40.99 109.40
N ARG WF 37 30.97 -39.70 109.10
CA ARG WF 37 30.02 -38.74 109.63
C ARG WF 37 29.58 -37.80 108.51
N SER WF 38 28.37 -37.28 108.66
CA SER WF 38 27.85 -36.22 107.81
C SER WF 38 27.44 -35.07 108.72
N LEU WF 39 28.16 -33.96 108.64
CA LEU WF 39 27.92 -32.87 109.56
C LEU WF 39 26.61 -32.15 109.23
N PRO WF 40 25.92 -31.62 110.23
CA PRO WF 40 24.64 -30.94 110.00
C PRO WF 40 24.80 -29.75 109.07
N VAL WF 41 23.84 -29.60 108.16
CA VAL WF 41 23.82 -28.47 107.23
C VAL WF 41 22.65 -27.59 107.64
N LYS WF 42 22.95 -26.37 108.08
CA LYS WF 42 21.94 -25.41 108.51
C LYS WF 42 21.26 -24.86 107.27
N LYS WF 43 20.14 -25.46 106.89
CA LYS WF 43 19.38 -25.03 105.73
C LYS WF 43 18.00 -24.56 106.15
N GLY WF 44 17.59 -23.40 105.66
CA GLY WF 44 16.30 -22.85 106.02
C GLY WF 44 16.21 -22.62 107.52
N SER WF 45 15.03 -22.90 108.08
CA SER WF 45 14.85 -22.85 109.52
C SER WF 45 15.27 -24.15 110.21
N ASP WF 46 15.60 -25.18 109.44
CA ASP WF 46 16.04 -26.45 110.01
C ASP WF 46 17.54 -26.40 110.26
N ASN WF 47 17.93 -26.70 111.49
CA ASN WF 47 19.35 -26.69 111.85
C ASN WF 47 20.11 -27.88 111.30
N GLY WF 48 19.43 -28.85 110.70
CA GLY WF 48 20.10 -29.99 110.11
C GLY WF 48 20.13 -31.20 111.01
N THR WF 49 20.85 -32.22 110.54
CA THR WF 49 20.92 -33.50 111.23
C THR WF 49 22.34 -34.04 111.13
N MET WF 50 22.84 -34.56 112.23
CA MET WF 50 24.13 -35.24 112.26
C MET WF 50 23.94 -36.71 111.94
N ARG WF 51 24.62 -37.19 110.90
CA ARG WF 51 24.59 -38.60 110.52
C ARG WF 51 25.90 -39.25 110.93
N GLY WF 52 25.80 -40.35 111.68
CA GLY WF 52 26.98 -41.11 112.05
C GLY WF 52 26.88 -42.55 111.60
N ASN WF 53 27.78 -42.98 110.71
CA ASN WF 53 27.73 -44.30 110.14
C ASN WF 53 28.91 -45.12 110.66
N MET WF 54 28.61 -46.33 111.13
CA MET WF 54 29.62 -47.29 111.55
C MET WF 54 29.56 -48.49 110.62
N ASN WF 55 30.61 -48.69 109.83
CA ASN WF 55 30.64 -49.72 108.81
C ASN WF 55 31.59 -50.83 109.22
N PHE WF 56 31.08 -52.06 109.24
CA PHE WF 56 31.88 -53.25 109.49
C PHE WF 56 31.96 -54.04 108.18
N ALA WF 57 33.17 -54.33 107.74
CA ALA WF 57 33.39 -55.11 106.52
C ALA WF 57 34.29 -56.29 106.84
N LYS WF 58 33.93 -57.46 106.32
CA LYS WF 58 34.71 -58.67 106.51
C LYS WF 58 34.59 -59.57 105.29
N SER WF 59 35.73 -60.08 104.84
CA SER WF 59 35.75 -61.04 103.74
C SER WF 59 35.43 -62.42 104.25
N PHE WF 60 34.60 -63.14 103.51
CA PHE WF 60 34.16 -64.48 103.89
C PHE WF 60 34.31 -65.42 102.71
N PRO WF 61 34.65 -66.69 102.97
CA PRO WF 61 34.65 -67.68 101.88
C PRO WF 61 33.24 -67.93 101.37
N ASN WF 62 33.05 -67.72 100.07
CA ASN WF 62 31.78 -67.96 99.40
C ASN WF 62 32.05 -68.97 98.29
N GLY WF 63 31.97 -70.25 98.64
CA GLY WF 63 32.32 -71.30 97.69
C GLY WF 63 33.79 -71.24 97.31
N ASP WF 64 34.05 -70.88 96.05
CA ASP WF 64 35.42 -70.75 95.56
C ASP WF 64 35.97 -69.34 95.72
N LYS WF 65 35.12 -68.32 95.59
CA LYS WF 65 35.54 -66.94 95.67
C LYS WF 65 35.32 -66.40 97.10
N LYS WF 66 35.54 -65.11 97.28
CA LYS WF 66 35.33 -64.44 98.56
C LYS WF 66 34.23 -63.40 98.42
N SER WF 67 33.37 -63.32 99.42
CA SER WF 67 32.30 -62.35 99.46
C SER WF 67 32.49 -61.41 100.63
N LEU WF 68 32.06 -60.17 100.46
CA LEU WF 68 32.17 -59.14 101.48
C LEU WF 68 30.86 -59.04 102.26
N VAL WF 69 30.92 -59.33 103.55
CA VAL WF 69 29.77 -59.16 104.45
C VAL WF 69 29.90 -57.81 105.14
N VAL WF 70 28.86 -56.99 105.03
CA VAL WF 70 28.88 -55.63 105.52
C VAL WF 70 27.76 -55.44 106.53
N VAL WF 71 28.10 -54.85 107.68
CA VAL WF 71 27.11 -54.47 108.69
C VAL WF 71 27.25 -52.96 108.91
N ASN WF 72 26.15 -52.23 108.76
CA ASN WF 72 26.13 -50.79 108.93
C ASN WF 72 25.31 -50.41 110.15
N LEU WF 73 25.82 -49.46 110.93
CA LEU WF 73 25.09 -48.86 112.04
C LEU WF 73 25.07 -47.35 111.81
N THR WF 74 23.87 -46.82 111.56
CA THR WF 74 23.69 -45.41 111.24
C THR WF 74 22.73 -44.77 112.23
N ALA WF 75 23.06 -43.57 112.69
CA ALA WF 75 22.21 -42.79 113.57
C ALA WF 75 21.95 -41.42 112.96
N HIS WF 76 20.72 -40.94 113.09
CA HIS WF 76 20.31 -39.63 112.59
C HIS WF 76 19.81 -38.81 113.76
N VAL WF 77 20.64 -37.88 114.25
CA VAL WF 77 20.33 -37.06 115.40
C VAL WF 77 20.14 -35.62 114.95
N PRO WF 78 18.93 -35.07 114.98
CA PRO WF 78 18.73 -33.68 114.59
C PRO WF 78 19.36 -32.73 115.60
N VAL WF 79 19.83 -31.58 115.09
CA VAL WF 79 20.41 -30.57 115.95
C VAL WF 79 19.32 -29.97 116.85
N GLY WF 80 19.65 -29.81 118.13
CA GLY WF 80 18.73 -29.28 119.12
C GLY WF 80 18.25 -30.28 120.13
N VAL WF 81 18.53 -31.55 119.92
CA VAL WF 81 18.12 -32.61 120.84
C VAL WF 81 19.17 -32.75 121.94
N ASP WF 82 18.71 -33.11 123.14
CA ASP WF 82 19.62 -33.35 124.25
C ASP WF 82 20.48 -34.58 123.96
N ALA WF 83 21.80 -34.39 123.98
CA ALA WF 83 22.70 -35.50 123.65
C ALA WF 83 22.70 -36.57 124.74
N THR WF 84 22.58 -36.17 126.01
CA THR WF 84 22.52 -37.14 127.09
C THR WF 84 21.25 -38.01 126.99
N ALA WF 85 20.14 -37.40 126.62
CA ALA WF 85 18.89 -38.15 126.46
C ALA WF 85 19.01 -39.20 125.36
N VAL WF 86 19.65 -38.83 124.24
CA VAL WF 86 19.81 -39.77 123.15
C VAL WF 86 20.75 -40.91 123.55
N ARG WF 87 21.84 -40.59 124.25
CA ARG WF 87 22.76 -41.64 124.68
C ARG WF 87 22.09 -42.61 125.65
N THR WF 88 21.27 -42.09 126.56
CA THR WF 88 20.56 -42.96 127.49
C THR WF 88 19.57 -43.86 126.76
N TRP WF 89 18.88 -43.32 125.75
CA TRP WF 89 17.96 -44.13 124.96
C TRP WF 89 18.70 -45.19 124.16
N MET WF 90 19.82 -44.81 123.54
CA MET WF 90 20.58 -45.76 122.73
C MET WF 90 21.15 -46.89 123.58
N THR WF 91 21.62 -46.58 124.79
CA THR WF 91 22.21 -47.59 125.64
C THR WF 91 21.17 -48.57 126.18
N SER WF 92 20.04 -48.07 126.64
CA SER WF 92 19.05 -48.91 127.31
C SER WF 92 18.06 -49.57 126.36
N GLU WF 93 17.79 -48.98 125.21
CA GLU WF 93 16.73 -49.47 124.34
C GLU WF 93 17.21 -49.93 122.97
N VAL WF 94 18.18 -49.24 122.38
CA VAL WF 94 18.65 -49.61 121.05
C VAL WF 94 19.66 -50.74 121.12
N PHE WF 95 20.66 -50.60 121.99
CA PHE WF 95 21.75 -51.57 122.05
C PHE WF 95 21.29 -52.98 122.42
N PRO WF 96 20.47 -53.20 123.46
CA PRO WF 96 20.04 -54.59 123.75
C PRO WF 96 19.28 -55.24 122.61
N GLY WF 97 18.45 -54.48 121.89
CA GLY WF 97 17.70 -55.07 120.80
C GLY WF 97 18.51 -55.26 119.53
N ALA WF 98 19.50 -54.40 119.30
CA ALA WF 98 20.32 -54.50 118.10
C ALA WF 98 21.29 -55.67 118.16
N THR WF 99 21.65 -56.13 119.35
CA THR WF 99 22.57 -57.25 119.52
C THR WF 99 21.87 -58.49 120.07
N SER WF 100 20.63 -58.72 119.64
CA SER WF 100 19.86 -59.86 120.09
C SER WF 100 19.84 -60.93 119.01
N SER WF 101 19.15 -62.03 119.30
CA SER WF 101 18.93 -63.06 118.29
C SER WF 101 18.05 -62.58 117.15
N VAL WF 102 17.30 -61.49 117.37
CA VAL WF 102 16.47 -60.93 116.30
C VAL WF 102 17.34 -60.44 115.16
N THR WF 103 18.46 -59.78 115.48
CA THR WF 103 19.37 -59.31 114.44
C THR WF 103 19.96 -60.48 113.67
N LEU WF 104 20.39 -61.52 114.37
CA LEU WF 104 20.97 -62.69 113.71
C LEU WF 104 19.93 -63.42 112.87
N ASP WF 105 18.72 -63.59 113.39
CA ASP WF 105 17.68 -64.29 112.64
C ASP WF 105 17.25 -63.49 111.42
N LEU WF 106 17.21 -62.16 111.53
CA LEU WF 106 16.87 -61.33 110.37
C LEU WF 106 17.96 -61.38 109.32
N ALA WF 107 19.23 -61.42 109.75
CA ALA WF 107 20.34 -61.38 108.80
C ALA WF 107 20.44 -62.68 108.00
N THR WF 108 20.39 -63.82 108.67
CA THR WF 108 20.63 -65.11 108.03
C THR WF 108 19.37 -65.88 107.69
N LYS WF 109 18.19 -65.38 108.05
CA LYS WF 109 16.96 -66.08 107.74
C LYS WF 109 15.85 -65.18 107.20
N GLY WF 110 16.01 -63.86 107.21
CA GLY WF 110 14.95 -62.97 106.79
C GLY WF 110 13.72 -63.02 107.65
N VAL WF 111 13.88 -63.19 108.96
CA VAL WF 111 12.74 -63.26 109.87
C VAL WF 111 12.37 -61.85 110.30
N ILE WF 112 11.16 -61.42 109.95
CA ILE WF 112 10.65 -60.12 110.34
C ILE WF 112 9.46 -60.23 111.29
N HIS WF 113 8.86 -61.41 111.42
CA HIS WF 113 7.76 -61.62 112.34
C HIS WF 113 8.30 -62.22 113.62
N LEU WF 114 8.11 -61.51 114.73
CA LEU WF 114 8.66 -61.92 116.02
C LEU WF 114 7.70 -62.89 116.71
N SER WF 115 8.26 -63.74 117.56
CA SER WF 115 7.49 -64.71 118.32
C SER WF 115 8.25 -65.08 119.59
N ASP WF 116 7.51 -65.46 120.62
CA ASP WF 116 6.06 -65.38 120.76
C ASP WF 116 5.70 -64.90 122.17
N ALA WF 117 6.69 -64.94 123.06
CA ALA WF 117 6.47 -64.57 124.46
C ALA WF 117 7.22 -63.30 124.80
N LEU XF 1 83.57 -57.67 92.96
CA LEU XF 1 82.42 -56.79 92.76
C LEU XF 1 81.33 -57.08 93.80
N SER XF 2 81.12 -56.15 94.71
CA SER XF 2 80.15 -56.31 95.78
C SER XF 2 79.28 -55.08 95.89
N ILE XF 3 77.99 -55.30 96.09
CA ILE XF 3 77.03 -54.24 96.44
C ILE XF 3 76.39 -54.68 97.74
N GLY XF 4 76.96 -54.23 98.86
CA GLY XF 4 76.57 -54.73 100.16
C GLY XF 4 77.22 -56.05 100.45
N THR XF 5 76.41 -57.09 100.71
CA THR XF 5 76.92 -58.44 100.89
C THR XF 5 76.71 -59.31 99.65
N LYS XF 6 76.28 -58.71 98.54
CA LYS XF 6 75.96 -59.45 97.33
C LYS XF 6 77.14 -59.40 96.36
N ASN XF 7 77.51 -60.57 95.83
CA ASN XF 7 78.51 -60.66 94.78
C ASN XF 7 77.82 -60.56 93.43
N VAL XF 8 78.15 -59.51 92.67
CA VAL XF 8 77.51 -59.24 91.40
C VAL XF 8 78.56 -59.23 90.30
N SER XF 9 78.08 -59.31 89.06
CA SER XF 9 78.93 -59.20 87.88
C SER XF 9 78.27 -58.26 86.89
N ILE XF 10 79.09 -57.64 86.03
CA ILE XF 10 78.55 -56.74 85.02
C ILE XF 10 77.69 -57.53 84.05
N TYR XF 11 76.50 -57.03 83.79
CA TYR XF 11 75.55 -57.68 82.90
C TYR XF 11 75.19 -56.84 81.69
N ARG XF 12 75.05 -55.52 81.87
CA ARG XF 12 74.81 -54.60 80.77
C ARG XF 12 75.52 -53.29 81.10
N ASN XF 13 76.30 -52.80 80.16
CA ASN XF 13 77.09 -51.58 80.37
C ASN XF 13 76.62 -50.54 79.36
N THR XF 14 76.03 -49.47 79.85
CA THR XF 14 75.50 -48.38 79.05
C THR XF 14 76.12 -47.07 79.57
N ALA XF 15 76.09 -46.03 78.72
CA ALA XF 15 76.73 -44.77 79.07
C ALA XF 15 76.30 -44.25 80.43
N ASP XF 16 75.02 -44.39 80.78
CA ASP XF 16 74.50 -43.81 82.01
C ASP XF 16 73.84 -44.84 82.92
N GLU XF 17 74.02 -46.13 82.65
CA GLU XF 17 73.44 -47.15 83.50
C GLU XF 17 74.22 -48.45 83.34
N VAL XF 18 74.57 -49.06 84.47
CA VAL XF 18 75.22 -50.37 84.48
C VAL XF 18 74.34 -51.30 85.31
N ILE XF 19 73.95 -52.43 84.71
CA ILE XF 19 73.13 -53.43 85.39
C ILE XF 19 74.05 -54.53 85.89
N TYR XF 20 73.95 -54.84 87.18
CA TYR XF 20 74.72 -55.92 87.79
C TYR XF 20 73.77 -57.05 88.17
N ALA XF 21 74.18 -58.27 87.88
CA ALA XF 21 73.36 -59.46 88.11
C ALA XF 21 73.90 -60.25 89.29
N GLY XF 22 72.99 -60.69 90.15
CA GLY XF 22 73.34 -61.51 91.28
C GLY XF 22 73.51 -62.96 90.92
N PRO XF 23 73.82 -63.81 91.90
CA PRO XF 23 74.04 -65.23 91.60
C PRO XF 23 72.79 -65.94 91.07
N ALA XF 24 71.60 -65.42 91.36
CA ALA XF 24 70.36 -66.07 90.99
C ALA XF 24 69.74 -65.50 89.71
N HIS XF 25 70.48 -64.68 88.97
CA HIS XF 25 69.97 -64.09 87.74
C HIS XF 25 70.26 -64.99 86.55
N ASP XF 26 69.26 -65.14 85.69
CA ASP XF 26 69.39 -65.94 84.47
C ASP XF 26 68.33 -65.46 83.48
N VAL XF 27 68.09 -66.26 82.43
CA VAL XF 27 67.14 -65.88 81.40
C VAL XF 27 65.71 -65.82 81.93
N THR XF 28 65.33 -66.69 82.85
CA THR XF 28 63.95 -66.76 83.34
C THR XF 28 63.73 -66.12 84.70
N ASN XF 29 64.78 -65.85 85.48
CA ASN XF 29 64.65 -65.22 86.78
C ASN XF 29 65.40 -63.90 86.78
N VAL XF 30 64.92 -62.96 87.59
CA VAL XF 30 65.49 -61.62 87.70
C VAL XF 30 66.14 -61.46 89.07
N ASP XF 31 67.44 -61.20 89.07
CA ASP XF 31 68.16 -60.82 90.29
C ASP XF 31 69.20 -59.79 89.86
N THR XF 32 68.83 -58.51 89.90
CA THR XF 32 69.66 -57.46 89.35
C THR XF 32 69.71 -56.26 90.28
N VAL XF 33 70.83 -55.56 90.25
CA VAL XF 33 70.99 -54.25 90.88
C VAL XF 33 71.50 -53.30 89.80
N SER XF 34 70.72 -52.27 89.49
CA SER XF 34 71.03 -51.34 88.41
C SER XF 34 71.40 -49.99 88.99
N LEU XF 35 72.58 -49.49 88.61
CA LEU XF 35 73.00 -48.14 88.96
C LEU XF 35 72.74 -47.22 87.78
N ARG XF 36 72.00 -46.15 88.00
CA ARG XF 36 71.66 -45.19 86.96
C ARG XF 36 72.02 -43.79 87.42
N ARG XF 37 72.28 -42.92 86.47
CA ARG XF 37 72.69 -41.56 86.78
C ARG XF 37 72.18 -40.60 85.73
N SER XF 38 72.00 -39.35 86.13
CA SER XF 38 71.68 -38.26 85.23
C SER XF 38 72.63 -37.12 85.55
N LEU XF 39 73.59 -36.89 84.67
CA LEU XF 39 74.63 -35.90 84.93
C LEU XF 39 74.06 -34.49 84.89
N PRO XF 40 74.65 -33.58 85.66
CA PRO XF 40 74.13 -32.20 85.69
C PRO XF 40 74.21 -31.54 84.32
N VAL XF 41 73.20 -30.73 84.02
CA VAL XF 41 73.14 -29.97 82.79
C VAL XF 41 73.19 -28.49 83.17
N LYS XF 42 74.23 -27.80 82.68
CA LYS XF 42 74.42 -26.38 82.99
C LYS XF 42 73.45 -25.57 82.13
N LYS XF 43 72.20 -25.58 82.56
CA LYS XF 43 71.13 -24.89 81.84
C LYS XF 43 70.99 -23.47 82.37
N GLY XF 44 71.27 -22.49 81.52
CA GLY XF 44 71.19 -21.10 81.93
C GLY XF 44 72.16 -20.81 83.07
N SER XF 45 71.67 -20.15 84.11
CA SER XF 45 72.47 -19.88 85.29
C SER XF 45 72.48 -21.02 86.28
N ASP XF 46 71.50 -21.92 86.23
CA ASP XF 46 71.48 -23.06 87.13
C ASP XF 46 72.56 -24.05 86.71
N ASN XF 47 73.36 -24.49 87.68
CA ASN XF 47 74.40 -25.47 87.42
C ASN XF 47 73.84 -26.89 87.24
N GLY XF 48 72.56 -27.09 87.50
CA GLY XF 48 71.97 -28.40 87.30
C GLY XF 48 71.84 -29.19 88.59
N THR XF 49 71.40 -30.43 88.42
CA THR XF 49 71.22 -31.35 89.54
C THR XF 49 71.85 -32.68 89.20
N MET XF 50 72.43 -33.33 90.21
CA MET XF 50 72.99 -34.67 90.04
C MET XF 50 71.97 -35.69 90.54
N ARG XF 51 71.52 -36.56 89.65
CA ARG XF 51 70.52 -37.57 89.96
C ARG XF 51 71.15 -38.94 89.90
N GLY XF 52 71.02 -39.70 90.97
CA GLY XF 52 71.51 -41.07 91.04
C GLY XF 52 70.39 -42.00 91.44
N ASN XF 53 70.32 -43.15 90.77
CA ASN XF 53 69.27 -44.12 91.03
C ASN XF 53 69.89 -45.50 91.26
N MET XF 54 69.50 -46.13 92.36
CA MET XF 54 69.85 -47.52 92.63
C MET XF 54 68.58 -48.35 92.56
N ASN XF 55 68.57 -49.33 91.66
CA ASN XF 55 67.39 -50.14 91.39
C ASN XF 55 67.65 -51.57 91.80
N PHE XF 56 66.74 -52.13 92.60
CA PHE XF 56 66.79 -53.52 93.01
C PHE XF 56 65.58 -54.24 92.43
N ALA XF 57 65.83 -55.33 91.72
CA ALA XF 57 64.76 -56.11 91.09
C ALA XF 57 64.94 -57.58 91.41
N LYS XF 58 63.86 -58.24 91.79
CA LYS XF 58 63.89 -59.66 92.10
C LYS XF 58 62.58 -60.30 91.69
N SER XF 59 62.67 -61.52 91.16
CA SER XF 59 61.50 -62.30 90.82
C SER XF 59 61.05 -63.13 92.02
N PHE XF 60 59.75 -63.21 92.21
CA PHE XF 60 59.17 -63.88 93.35
C PHE XF 60 58.02 -64.77 92.91
N PRO XF 61 57.81 -65.90 93.59
CA PRO XF 61 56.63 -66.73 93.28
C PRO XF 61 55.34 -65.98 93.60
N ASN XF 62 54.46 -65.90 92.60
CA ASN XF 62 53.17 -65.22 92.73
C ASN XF 62 52.10 -66.18 92.24
N GLY XF 63 51.62 -67.04 93.14
CA GLY XF 63 50.65 -68.06 92.76
C GLY XF 63 51.18 -68.98 91.70
N ASP XF 64 50.63 -68.86 90.49
CA ASP XF 64 51.09 -69.68 89.36
C ASP XF 64 52.30 -69.07 88.67
N LYS XF 65 52.26 -67.76 88.42
CA LYS XF 65 53.32 -67.07 87.70
C LYS XF 65 54.35 -66.51 88.67
N LYS XF 66 55.30 -65.74 88.16
CA LYS XF 66 56.34 -65.13 88.97
C LYS XF 66 56.29 -63.61 88.76
N SER XF 67 56.23 -62.87 89.87
CA SER XF 67 56.11 -61.43 89.83
C SER XF 67 57.41 -60.76 90.21
N LEU XF 68 57.59 -59.52 89.76
CA LEU XF 68 58.81 -58.76 89.96
C LEU XF 68 58.60 -57.72 91.07
N VAL XF 69 59.39 -57.83 92.12
CA VAL XF 69 59.42 -56.84 93.20
C VAL XF 69 60.59 -55.90 92.96
N VAL XF 70 60.31 -54.60 92.97
CA VAL XF 70 61.31 -53.59 92.64
C VAL XF 70 61.42 -52.60 93.78
N VAL XF 71 62.64 -52.34 94.23
CA VAL XF 71 62.94 -51.32 95.23
C VAL XF 71 63.84 -50.28 94.58
N ASN XF 72 63.41 -49.02 94.63
CA ASN XF 72 64.15 -47.92 94.03
C ASN XF 72 64.74 -47.02 95.12
N LEU XF 73 65.89 -46.42 94.80
CA LEU XF 73 66.52 -45.45 95.68
C LEU XF 73 67.08 -44.34 94.80
N THR XF 74 66.47 -43.16 94.85
CA THR XF 74 66.85 -42.04 94.00
C THR XF 74 67.27 -40.87 94.88
N ALA XF 75 68.39 -40.25 94.52
CA ALA XF 75 68.90 -39.08 95.21
C ALA XF 75 69.00 -37.92 94.23
N HIS XF 76 68.62 -36.73 94.69
CA HIS XF 76 68.70 -35.50 93.90
C HIS XF 76 69.58 -34.52 94.65
N VAL XF 77 70.78 -34.28 94.15
CA VAL XF 77 71.73 -33.38 94.79
C VAL XF 77 72.03 -32.22 93.85
N PRO XF 78 71.55 -31.01 94.15
CA PRO XF 78 71.85 -29.85 93.28
C PRO XF 78 73.33 -29.53 93.29
N VAL XF 79 73.81 -29.04 92.15
CA VAL XF 79 75.23 -28.70 92.01
C VAL XF 79 75.52 -27.45 92.84
N GLY XF 80 76.61 -27.49 93.61
CA GLY XF 80 77.00 -26.42 94.49
C GLY XF 80 76.83 -26.74 95.96
N VAL XF 81 75.86 -27.60 96.27
CA VAL XF 81 75.70 -28.06 97.65
C VAL XF 81 76.93 -28.86 98.05
N ASP XF 82 77.43 -28.60 99.26
CA ASP XF 82 78.61 -29.29 99.75
C ASP XF 82 78.36 -30.78 99.85
N ALA XF 83 79.24 -31.57 99.23
CA ALA XF 83 79.03 -33.01 99.16
C ALA XF 83 79.16 -33.66 100.53
N THR XF 84 80.11 -33.19 101.34
CA THR XF 84 80.35 -33.82 102.64
C THR XF 84 79.14 -33.67 103.55
N ALA XF 85 78.47 -32.50 103.50
CA ALA XF 85 77.28 -32.30 104.31
C ALA XF 85 76.16 -33.27 103.90
N VAL XF 86 76.03 -33.52 102.60
CA VAL XF 86 75.01 -34.45 102.13
C VAL XF 86 75.32 -35.87 102.60
N ARG XF 87 76.60 -36.25 102.59
CA ARG XF 87 76.96 -37.64 102.91
C ARG XF 87 76.79 -37.93 104.39
N THR XF 88 77.03 -36.94 105.27
CA THR XF 88 76.80 -37.17 106.69
C THR XF 88 75.31 -37.12 107.01
N TRP XF 89 74.53 -36.31 106.27
CA TRP XF 89 73.09 -36.34 106.42
C TRP XF 89 72.52 -37.69 105.98
N MET XF 90 73.01 -38.20 104.85
CA MET XF 90 72.53 -39.49 104.35
C MET XF 90 72.88 -40.63 105.30
N THR XF 91 74.10 -40.62 105.82
CA THR XF 91 74.55 -41.71 106.68
C THR XF 91 73.84 -41.70 108.03
N SER XF 92 73.60 -40.51 108.58
CA SER XF 92 73.06 -40.39 109.93
C SER XF 92 71.55 -40.24 109.98
N GLU XF 93 70.94 -39.58 109.00
CA GLU XF 93 69.51 -39.28 109.04
C GLU XF 93 68.69 -40.07 108.04
N VAL XF 94 69.22 -40.37 106.86
CA VAL XF 94 68.42 -41.03 105.83
C VAL XF 94 68.54 -42.54 105.95
N PHE XF 95 69.77 -43.06 105.99
CA PHE XF 95 70.01 -44.50 106.00
C PHE XF 95 69.40 -45.21 107.20
N PRO XF 96 69.57 -44.73 108.44
CA PRO XF 96 68.92 -45.42 109.57
C PRO XF 96 67.41 -45.46 109.46
N GLY XF 97 66.78 -44.41 108.92
CA GLY XF 97 65.34 -44.42 108.76
C GLY XF 97 64.87 -45.18 107.55
N ALA XF 98 65.69 -45.25 106.51
CA ALA XF 98 65.32 -45.94 105.28
C ALA XF 98 65.42 -47.45 105.38
N THR XF 99 66.06 -47.98 106.42
CA THR XF 99 66.23 -49.42 106.60
C THR XF 99 65.55 -49.93 107.86
N SER XF 100 64.66 -49.13 108.44
CA SER XF 100 63.98 -49.51 109.67
C SER XF 100 62.76 -50.37 109.35
N SER XF 101 61.98 -50.72 110.38
CA SER XF 101 60.75 -51.47 110.17
C SER XF 101 59.69 -50.62 109.48
N VAL XF 102 59.83 -49.30 109.47
CA VAL XF 102 58.87 -48.44 108.80
C VAL XF 102 58.83 -48.73 107.31
N THR XF 103 60.00 -48.91 106.70
CA THR XF 103 60.05 -49.24 105.28
C THR XF 103 59.41 -50.58 105.00
N LEU XF 104 59.62 -51.57 105.88
CA LEU XF 104 59.04 -52.89 105.68
C LEU XF 104 57.52 -52.85 105.74
N ASP XF 105 56.96 -52.12 106.71
CA ASP XF 105 55.51 -52.00 106.80
C ASP XF 105 54.94 -51.20 105.65
N LEU XF 106 55.64 -50.13 105.24
CA LEU XF 106 55.16 -49.30 104.14
C LEU XF 106 55.13 -50.07 102.82
N ALA XF 107 56.15 -50.90 102.58
CA ALA XF 107 56.22 -51.62 101.31
C ALA XF 107 55.22 -52.77 101.24
N THR XF 108 55.02 -53.49 102.34
CA THR XF 108 54.17 -54.67 102.31
C THR XF 108 52.73 -54.40 102.71
N LYS XF 109 52.49 -53.37 103.53
CA LYS XF 109 51.15 -53.07 104.01
C LYS XF 109 50.68 -51.65 103.76
N GLY XF 110 51.54 -50.77 103.26
CA GLY XF 110 51.14 -49.40 103.02
C GLY XF 110 50.94 -48.55 104.26
N VAL XF 111 51.63 -48.89 105.36
CA VAL XF 111 51.47 -48.18 106.61
C VAL XF 111 52.18 -46.84 106.53
N ILE XF 112 51.44 -45.75 106.74
CA ILE XF 112 51.99 -44.40 106.69
C ILE XF 112 51.91 -43.68 108.03
N HIS XF 113 51.36 -44.33 109.06
CA HIS XF 113 51.26 -43.75 110.40
C HIS XF 113 52.15 -44.56 111.34
N LEU XF 114 53.25 -43.97 111.80
CA LEU XF 114 54.20 -44.68 112.65
C LEU XF 114 53.95 -44.31 114.12
N SER XF 115 52.87 -44.84 114.66
CA SER XF 115 52.54 -44.63 116.06
C SER XF 115 53.22 -45.69 116.93
N ASP XF 116 53.63 -45.27 118.13
CA ASP XF 116 53.58 -43.90 118.63
C ASP XF 116 54.89 -43.52 119.29
N ALA XF 117 55.63 -44.54 119.73
CA ALA XF 117 56.90 -44.33 120.41
C ALA XF 117 58.01 -43.99 119.41
#